data_9HAS
#
_entry.id   9HAS
#
_cell.length_a   1.00
_cell.length_b   1.00
_cell.length_c   1.00
_cell.angle_alpha   90.00
_cell.angle_beta   90.00
_cell.angle_gamma   90.00
#
_symmetry.space_group_name_H-M   'P 1'
#
_entity_poly.entity_id   1
_entity_poly.type   'polypeptide(L)'
_entity_poly.pdbx_seq_one_letter_code
;SKVFNTQTFDIYSTEKDVVSLRDFANDKDTLAYKRLAPKRTKDSPGMAKSELKITRVDPTTGVLIGIVNVSSSIRADATA
ADKTALMAIITAAQADGAWTELVTDQRLPLATV
;
_entity_poly.pdbx_strand_id   AA,AB,AC,AD,AE,AF,AG,AH,AI,AJ,AK,AL,AM,AN,AO,AP,AQ,AR,AS,AT,AU,AV,AW,AX,AY,AZ,BA,BB,BC,BD,BE,BF,BG,BH,BI,BJ,BK,BL,BM,BN,BO,BP,BQ,BR,BS,BT,BU,BV,BW,BX,BY,BZ,CA,CB,CC,CD,CE,CF,CG,CH,CI,CJ,CK,CL,CM,CN,CO,CP,CQ,CR,CS,CT,CU,CV,CW,CX,CY,CZ,DA,DB,DC,DD,DE,DF,DG,DH,DI,DJ,DK,DL,DM,DN,DO,DP,DQ,DR,DS,DT,DU,DV,DW,DX,DY,DZ,EA,EB,EC,ED,EE,EF,EG,EH,EI,EJ,EK,EL,EM,EN,EO,EP,EQ,ER,ES,ET,EU,EV,EW,EX,EY,EZ,FA,FB,FC,FD,FE,FF,FG,FH,FI,FJ,FK,FL,FM,FN,FO,FP,FQ,FR,FS,FT,FU,FV,FW,FX,FY,FZ,GA,GB,GC,GD,GE,GF,GG,GH,GI,GJ,GK,GL,GM,GN,GO,GP,GQ,GR,GS,GT,GU,GV,GW,GX
#
# COMPACT_ATOMS: atom_id res chain seq x y z
N SER A 1 -75.43 58.61 92.94
CA SER A 1 -75.13 58.34 94.33
C SER A 1 -76.32 57.64 95.02
N LYS A 2 -77.48 58.28 94.99
CA LYS A 2 -78.67 57.76 95.66
C LYS A 2 -79.87 58.09 94.79
N VAL A 3 -81.07 58.06 95.37
CA VAL A 3 -82.33 58.16 94.64
C VAL A 3 -82.34 59.34 93.66
N PHE A 4 -82.50 59.03 92.38
CA PHE A 4 -82.60 60.02 91.31
C PHE A 4 -83.78 59.64 90.43
N ASN A 5 -84.61 60.62 90.10
CA ASN A 5 -85.81 60.39 89.29
C ASN A 5 -86.66 59.30 89.93
N THR A 6 -86.76 59.34 91.25
CA THR A 6 -87.50 58.39 92.08
C THR A 6 -87.01 56.95 91.92
N GLN A 7 -85.75 56.75 91.53
CA GLN A 7 -85.17 55.42 91.46
C GLN A 7 -83.93 55.34 92.35
N THR A 8 -83.80 54.24 93.08
CA THR A 8 -82.72 54.07 94.03
C THR A 8 -81.52 53.44 93.33
N PHE A 9 -80.41 54.15 93.30
CA PHE A 9 -79.18 53.66 92.70
C PHE A 9 -78.22 53.27 93.80
N ASP A 10 -77.91 51.98 93.86
CA ASP A 10 -76.96 51.43 94.82
C ASP A 10 -75.68 51.01 94.11
N ILE A 11 -74.58 51.05 94.84
CA ILE A 11 -73.28 50.75 94.23
C ILE A 11 -73.27 49.30 93.77
N TYR A 12 -72.92 49.09 92.51
CA TYR A 12 -72.71 47.75 92.00
C TYR A 12 -71.23 47.41 91.85
N SER A 13 -70.40 48.39 91.53
CA SER A 13 -69.01 48.08 91.26
C SER A 13 -68.14 49.29 91.56
N THR A 14 -66.91 49.03 91.98
CA THR A 14 -65.96 50.09 92.28
C THR A 14 -64.61 49.73 91.67
N GLU A 15 -64.11 50.60 90.82
CA GLU A 15 -62.79 50.45 90.23
C GLU A 15 -61.84 51.47 90.84
N LYS A 16 -60.64 51.54 90.29
CA LYS A 16 -59.70 52.58 90.69
C LYS A 16 -60.25 53.96 90.36
N ASP A 17 -60.90 54.10 89.20
CA ASP A 17 -61.39 55.39 88.77
C ASP A 17 -62.82 55.36 88.24
N VAL A 18 -63.54 54.25 88.41
CA VAL A 18 -64.94 54.18 88.03
C VAL A 18 -65.74 53.65 89.20
N VAL A 19 -66.87 54.28 89.47
CA VAL A 19 -67.90 53.75 90.35
C VAL A 19 -69.15 53.54 89.51
N SER A 20 -69.71 52.34 89.57
CA SER A 20 -70.93 52.00 88.86
C SER A 20 -72.02 51.67 89.87
N LEU A 21 -73.18 52.29 89.69
CA LEU A 21 -74.36 52.07 90.49
C LEU A 21 -75.47 51.54 89.59
N ARG A 22 -76.33 50.70 90.17
CA ARG A 22 -77.45 50.13 89.44
C ARG A 22 -78.72 50.38 90.22
N ASP A 23 -79.85 50.32 89.52
CA ASP A 23 -81.13 50.49 90.19
C ASP A 23 -81.49 49.27 91.03
N PHE A 24 -81.31 48.07 90.47
CA PHE A 24 -81.59 46.80 91.13
C PHE A 24 -83.09 46.61 91.35
N ALA A 25 -83.88 47.63 91.01
CA ALA A 25 -85.33 47.55 91.06
C ALA A 25 -85.94 47.30 89.68
N ASN A 26 -85.66 48.18 88.72
CA ASN A 26 -86.04 47.91 87.35
C ASN A 26 -84.96 47.20 86.55
N ASP A 27 -83.75 47.09 87.12
CA ASP A 27 -82.67 46.31 86.52
C ASP A 27 -82.37 46.74 85.09
N LYS A 28 -82.51 48.03 84.79
CA LYS A 28 -82.28 48.51 83.45
C LYS A 28 -81.39 49.75 83.39
N ASP A 29 -81.09 50.38 84.51
CA ASP A 29 -80.33 51.63 84.53
C ASP A 29 -79.00 51.43 85.24
N THR A 30 -77.93 51.95 84.65
CA THR A 30 -76.63 51.99 85.30
C THR A 30 -76.07 53.40 85.22
N LEU A 31 -75.65 53.92 86.36
CA LEU A 31 -75.06 55.24 86.48
C LEU A 31 -73.58 55.08 86.82
N ALA A 32 -72.72 55.65 85.99
CA ALA A 32 -71.28 55.52 86.16
C ALA A 32 -70.63 56.89 86.38
N TYR A 33 -69.79 56.98 87.40
CA TYR A 33 -68.94 58.12 87.68
C TYR A 33 -67.52 57.70 87.35
N LYS A 34 -66.81 58.50 86.57
CA LYS A 34 -65.56 58.08 85.96
C LYS A 34 -64.58 59.24 86.01
N ARG A 35 -63.31 58.93 86.27
CA ARG A 35 -62.34 59.89 86.76
C ARG A 35 -60.99 59.72 86.07
N LEU A 36 -60.48 60.80 85.46
CA LEU A 36 -59.13 60.81 84.91
C LEU A 36 -58.40 62.05 85.41
N ALA A 37 -57.45 61.87 86.33
CA ALA A 37 -56.67 62.97 86.84
C ALA A 37 -55.83 63.61 85.73
N PRO A 38 -55.59 64.93 85.80
CA PRO A 38 -54.81 65.59 84.75
C PRO A 38 -53.36 65.11 84.76
N LYS A 39 -52.75 65.09 83.58
CA LYS A 39 -51.37 64.66 83.43
C LYS A 39 -50.55 65.79 82.82
N ARG A 40 -49.48 66.16 83.51
CA ARG A 40 -48.61 67.26 83.07
C ARG A 40 -47.68 66.71 82.00
N THR A 41 -48.16 66.77 80.75
CA THR A 41 -47.38 66.32 79.61
C THR A 41 -46.54 67.43 79.01
N LYS A 42 -46.73 68.66 79.46
CA LYS A 42 -46.02 69.81 78.93
C LYS A 42 -46.07 70.91 79.98
N ASP A 43 -45.78 72.14 79.56
CA ASP A 43 -45.91 73.29 80.43
C ASP A 43 -47.34 73.41 80.95
N SER A 44 -48.31 72.87 80.21
CA SER A 44 -49.67 72.76 80.71
C SER A 44 -49.74 71.66 81.76
N PRO A 45 -50.50 71.86 82.84
CA PRO A 45 -50.63 70.81 83.87
C PRO A 45 -51.59 69.69 83.49
N GLY A 46 -52.17 69.72 82.29
CA GLY A 46 -53.10 68.69 81.87
C GLY A 46 -54.54 69.04 82.20
N MET A 47 -55.44 68.24 81.64
CA MET A 47 -56.88 68.44 81.81
C MET A 47 -57.46 67.29 82.62
N ALA A 48 -58.27 67.62 83.62
CA ALA A 48 -58.92 66.62 84.46
C ALA A 48 -60.24 66.21 83.80
N LYS A 49 -60.36 64.94 83.46
CA LYS A 49 -61.58 64.41 82.88
C LYS A 49 -62.51 63.87 83.96
N SER A 50 -63.78 64.25 83.86
CA SER A 50 -64.85 63.63 84.60
C SER A 50 -65.85 63.08 83.60
N GLU A 51 -66.58 62.05 84.02
CA GLU A 51 -67.57 61.45 83.14
C GLU A 51 -68.70 60.91 83.98
N LEU A 52 -69.93 61.27 83.63
CA LEU A 52 -71.12 60.86 84.37
C LEU A 52 -72.13 60.35 83.37
N LYS A 53 -72.29 59.04 83.28
CA LYS A 53 -73.13 58.46 82.24
C LYS A 53 -74.28 57.68 82.84
N ILE A 54 -75.45 57.81 82.24
CA ILE A 54 -76.60 56.97 82.54
C ILE A 54 -76.90 56.13 81.32
N THR A 55 -76.92 54.82 81.50
CA THR A 55 -77.19 53.87 80.43
C THR A 55 -78.44 53.08 80.76
N ARG A 56 -79.35 52.97 79.81
CA ARG A 56 -80.56 52.17 79.94
C ARG A 56 -80.49 51.00 78.98
N VAL A 57 -80.63 49.80 79.50
CA VAL A 57 -80.67 48.58 78.71
C VAL A 57 -81.90 47.80 79.13
N ASP A 58 -82.74 47.45 78.16
CA ASP A 58 -83.95 46.73 78.57
C ASP A 58 -83.59 45.34 79.06
N PRO A 59 -84.14 44.88 80.17
CA PRO A 59 -83.71 43.61 80.75
C PRO A 59 -84.47 42.40 80.24
N THR A 60 -84.69 42.31 78.92
CA THR A 60 -85.27 41.10 78.36
C THR A 60 -84.33 40.50 77.31
N THR A 61 -83.81 41.34 76.43
CA THR A 61 -82.81 40.93 75.46
C THR A 61 -81.50 41.68 75.61
N GLY A 62 -81.45 42.68 76.49
CA GLY A 62 -80.23 43.43 76.70
C GLY A 62 -79.93 44.48 75.67
N VAL A 63 -80.93 44.92 74.90
CA VAL A 63 -80.74 45.94 73.88
C VAL A 63 -80.57 47.28 74.57
N LEU A 64 -79.61 48.07 74.09
CA LEU A 64 -79.32 49.35 74.72
C LEU A 64 -80.30 50.38 74.18
N ILE A 65 -81.19 50.85 75.06
CA ILE A 65 -82.18 51.84 74.67
C ILE A 65 -81.53 53.19 74.41
N GLY A 66 -80.67 53.66 75.32
CA GLY A 66 -80.03 54.94 75.13
C GLY A 66 -79.07 55.26 76.23
N ILE A 67 -78.15 56.18 75.93
CA ILE A 67 -77.14 56.65 76.85
C ILE A 67 -77.16 58.17 76.86
N VAL A 68 -77.10 58.76 78.05
CA VAL A 68 -76.87 60.19 78.22
C VAL A 68 -75.59 60.36 79.04
N ASN A 69 -74.64 61.12 78.52
CA ASN A 69 -73.33 61.27 79.13
C ASN A 69 -73.04 62.73 79.40
N VAL A 70 -72.49 63.02 80.58
CA VAL A 70 -72.03 64.35 80.94
C VAL A 70 -70.53 64.26 81.17
N SER A 71 -69.76 64.84 80.26
CA SER A 71 -68.30 64.78 80.32
C SER A 71 -67.73 66.17 80.50
N SER A 72 -66.75 66.31 81.37
CA SER A 72 -66.02 67.55 81.55
C SER A 72 -64.54 67.30 81.33
N SER A 73 -63.86 68.29 80.76
CA SER A 73 -62.42 68.27 80.55
C SER A 73 -61.93 69.67 80.87
N ILE A 74 -61.38 69.85 82.07
CA ILE A 74 -61.03 71.16 82.58
C ILE A 74 -59.55 71.18 82.97
N ARG A 75 -58.89 72.31 82.68
CA ARG A 75 -57.49 72.49 83.01
C ARG A 75 -57.24 72.29 84.49
N ALA A 76 -56.10 71.68 84.81
CA ALA A 76 -55.74 71.47 86.21
C ALA A 76 -55.59 72.79 86.94
N ASP A 77 -54.99 73.79 86.29
CA ASP A 77 -54.80 75.11 86.88
C ASP A 77 -56.07 75.95 86.89
N ALA A 78 -57.13 75.48 86.23
CA ALA A 78 -58.31 76.31 86.05
C ALA A 78 -58.94 76.68 87.39
N THR A 79 -59.47 77.89 87.46
CA THR A 79 -60.03 78.40 88.69
C THR A 79 -61.35 77.71 89.02
N ALA A 80 -61.70 77.73 90.31
CA ALA A 80 -63.01 77.23 90.71
C ALA A 80 -64.13 78.07 90.12
N ALA A 81 -63.86 79.36 89.87
CA ALA A 81 -64.86 80.21 89.21
C ALA A 81 -65.15 79.71 87.80
N ASP A 82 -64.12 79.33 87.05
CA ASP A 82 -64.33 78.79 85.72
C ASP A 82 -65.17 77.53 85.77
N LYS A 83 -64.88 76.64 86.72
CA LYS A 83 -65.60 75.37 86.80
C LYS A 83 -67.05 75.59 87.22
N THR A 84 -67.28 76.48 88.18
CA THR A 84 -68.65 76.78 88.58
C THR A 84 -69.42 77.41 87.43
N ALA A 85 -68.78 78.31 86.68
CA ALA A 85 -69.44 78.92 85.53
C ALA A 85 -69.79 77.88 84.49
N LEU A 86 -68.87 76.97 84.19
CA LEU A 86 -69.15 75.93 83.20
C LEU A 86 -70.32 75.07 83.63
N MET A 87 -70.32 74.66 84.90
CA MET A 87 -71.41 73.81 85.38
C MET A 87 -72.75 74.55 85.37
N ALA A 88 -72.75 75.81 85.80
CA ALA A 88 -73.99 76.59 85.79
C ALA A 88 -74.50 76.79 84.37
N ILE A 89 -73.62 77.08 83.42
CA ILE A 89 -74.05 77.33 82.05
C ILE A 89 -74.63 76.05 81.45
N ILE A 90 -73.94 74.92 81.60
CA ILE A 90 -74.44 73.69 81.01
C ILE A 90 -75.73 73.26 81.69
N THR A 91 -75.87 73.49 83.01
CA THR A 91 -77.09 73.12 83.71
C THR A 91 -78.26 73.99 83.25
N ALA A 92 -78.03 75.29 83.09
CA ALA A 92 -79.11 76.17 82.61
C ALA A 92 -79.51 75.81 81.19
N ALA A 93 -78.53 75.46 80.34
CA ALA A 93 -78.85 75.04 78.99
C ALA A 93 -79.65 73.74 78.97
N GLN A 94 -79.31 72.81 79.86
CA GLN A 94 -80.07 71.57 79.98
C GLN A 94 -81.49 71.84 80.44
N ALA A 95 -81.66 72.76 81.40
CA ALA A 95 -82.99 73.10 81.87
C ALA A 95 -83.82 73.76 80.80
N ASP A 96 -83.19 74.40 79.82
CA ASP A 96 -83.91 74.99 78.70
C ASP A 96 -84.55 73.92 77.84
N GLY A 97 -85.67 74.27 77.21
CA GLY A 97 -86.37 73.34 76.35
C GLY A 97 -85.68 73.07 75.03
N ALA A 98 -84.71 73.91 74.66
CA ALA A 98 -83.95 73.67 73.45
C ALA A 98 -83.22 72.34 73.53
N TRP A 99 -82.62 72.04 74.68
CA TRP A 99 -81.99 70.74 74.87
C TRP A 99 -83.02 69.62 74.88
N THR A 100 -84.18 69.86 75.49
CA THR A 100 -85.21 68.84 75.55
C THR A 100 -85.79 68.55 74.18
N GLU A 101 -85.59 69.44 73.22
CA GLU A 101 -85.96 69.18 71.83
C GLU A 101 -84.81 68.55 71.04
N LEU A 102 -83.60 69.05 71.24
CA LEU A 102 -82.41 68.44 70.65
C LEU A 102 -82.37 66.95 70.95
N VAL A 103 -82.63 66.58 72.18
CA VAL A 103 -82.91 65.19 72.51
C VAL A 103 -84.40 64.95 72.28
N THR A 104 -84.74 63.76 71.79
CA THR A 104 -86.09 63.31 71.45
C THR A 104 -86.66 63.90 70.17
N ASP A 105 -86.01 64.91 69.59
CA ASP A 105 -86.53 65.50 68.36
C ASP A 105 -85.47 65.75 67.30
N GLN A 106 -84.18 65.79 67.65
CA GLN A 106 -83.12 66.19 66.74
C GLN A 106 -83.42 67.56 66.15
N ARG A 107 -83.84 68.47 67.02
CA ARG A 107 -84.25 69.82 66.64
C ARG A 107 -83.21 70.81 67.15
N LEU A 108 -82.65 71.60 66.24
CA LEU A 108 -81.73 72.66 66.59
C LEU A 108 -82.49 73.89 67.09
N PRO A 109 -81.85 74.72 67.91
CA PRO A 109 -82.56 75.89 68.47
C PRO A 109 -82.62 77.07 67.52
N LEU A 110 -82.93 76.81 66.26
CA LEU A 110 -82.98 77.84 65.25
C LEU A 110 -84.35 78.04 64.62
N ALA A 111 -85.36 77.32 65.08
CA ALA A 111 -86.71 77.54 64.58
C ALA A 111 -87.16 78.97 64.89
N THR A 112 -88.03 79.50 64.03
CA THR A 112 -88.60 80.82 64.24
C THR A 112 -89.84 80.81 65.12
N VAL A 113 -90.28 79.62 65.54
CA VAL A 113 -91.42 79.45 66.45
C VAL A 113 -92.73 79.93 65.83
N SER B 1 -79.82 78.36 73.87
CA SER B 1 -80.46 79.33 73.01
C SER B 1 -80.21 80.77 73.48
N LYS B 2 -80.70 81.11 74.67
CA LYS B 2 -80.70 82.48 75.15
C LYS B 2 -80.02 82.50 76.52
N VAL B 3 -80.24 83.58 77.27
CA VAL B 3 -79.51 83.87 78.49
C VAL B 3 -79.44 82.69 79.43
N PHE B 4 -78.22 82.24 79.73
CA PHE B 4 -77.96 81.14 80.65
C PHE B 4 -76.90 81.60 81.64
N ASN B 5 -77.16 81.34 82.93
CA ASN B 5 -76.25 81.74 84.01
C ASN B 5 -75.99 83.24 83.94
N THR B 6 -77.07 84.01 83.73
CA THR B 6 -77.08 85.47 83.59
C THR B 6 -76.31 85.97 82.39
N GLN B 7 -75.79 85.11 81.54
CA GLN B 7 -75.01 85.50 80.38
C GLN B 7 -75.82 85.33 79.11
N THR B 8 -75.83 86.36 78.28
CA THR B 8 -76.57 86.34 77.02
C THR B 8 -75.71 85.66 75.96
N PHE B 9 -76.24 84.61 75.37
CA PHE B 9 -75.56 83.86 74.33
C PHE B 9 -76.23 84.17 73.00
N ASP B 10 -75.55 84.95 72.17
CA ASP B 10 -76.04 85.31 70.85
C ASP B 10 -75.39 84.40 69.81
N ILE B 11 -76.10 84.20 68.70
CA ILE B 11 -75.69 83.18 67.74
C ILE B 11 -74.35 83.55 67.13
N TYR B 12 -73.42 82.60 67.15
CA TYR B 12 -72.08 82.80 66.61
C TYR B 12 -71.89 82.15 65.25
N SER B 13 -72.50 81.00 65.00
CA SER B 13 -72.43 80.35 63.71
C SER B 13 -73.53 79.31 63.62
N THR B 14 -73.90 78.96 62.39
CA THR B 14 -74.88 77.92 62.14
C THR B 14 -74.35 77.00 61.05
N GLU B 15 -74.36 75.71 61.33
CA GLU B 15 -73.96 74.69 60.38
C GLU B 15 -75.16 73.80 60.05
N LYS B 16 -74.90 72.76 59.26
CA LYS B 16 -75.93 71.80 58.92
C LYS B 16 -76.48 71.13 60.16
N ASP B 17 -75.62 70.80 61.12
CA ASP B 17 -76.02 70.07 62.31
C ASP B 17 -75.54 70.73 63.60
N VAL B 18 -74.85 71.85 63.53
CA VAL B 18 -74.32 72.51 64.71
C VAL B 18 -74.79 73.97 64.71
N VAL B 19 -75.29 74.41 65.85
CA VAL B 19 -75.59 75.82 66.09
C VAL B 19 -74.76 76.27 67.28
N SER B 20 -73.96 77.30 67.07
CA SER B 20 -73.01 77.79 68.06
C SER B 20 -73.39 79.21 68.44
N LEU B 21 -73.45 79.47 69.74
CA LEU B 21 -73.74 80.77 70.30
C LEU B 21 -72.55 81.23 71.12
N ARG B 22 -72.37 82.55 71.19
CA ARG B 22 -71.29 83.14 71.96
C ARG B 22 -71.86 84.18 72.90
N ASP B 23 -71.17 84.41 74.01
CA ASP B 23 -71.56 85.48 74.92
C ASP B 23 -71.38 86.85 74.27
N PHE B 24 -70.20 87.09 73.70
CA PHE B 24 -69.81 88.35 73.07
C PHE B 24 -69.63 89.46 74.10
N ALA B 25 -69.95 89.19 75.36
CA ALA B 25 -69.67 90.10 76.46
C ALA B 25 -68.34 89.81 77.11
N ASN B 26 -68.19 88.61 77.69
CA ASN B 26 -66.89 88.15 78.13
C ASN B 26 -66.10 87.49 77.00
N ASP B 27 -66.75 87.23 75.87
CA ASP B 27 -66.10 86.76 74.64
C ASP B 27 -65.29 85.50 74.88
N LYS B 28 -65.69 84.68 75.84
CA LYS B 28 -64.93 83.50 76.18
C LYS B 28 -65.74 82.22 76.21
N ASP B 29 -67.06 82.28 76.18
CA ASP B 29 -67.93 81.12 76.32
C ASP B 29 -68.65 80.86 75.02
N THR B 30 -68.63 79.60 74.59
CA THR B 30 -69.31 79.18 73.36
C THR B 30 -70.17 77.96 73.67
N LEU B 31 -71.44 78.04 73.30
CA LEU B 31 -72.42 76.99 73.53
C LEU B 31 -72.84 76.40 72.19
N ALA B 32 -72.64 75.10 72.02
CA ALA B 32 -72.94 74.43 70.76
C ALA B 32 -74.00 73.37 70.96
N TYR B 33 -74.95 73.33 70.01
CA TYR B 33 -75.97 72.29 69.89
C TYR B 33 -75.67 71.51 68.63
N LYS B 34 -75.48 70.21 68.76
CA LYS B 34 -75.01 69.37 67.68
C LYS B 34 -75.92 68.16 67.52
N ARG B 35 -76.16 67.78 66.28
CA ARG B 35 -77.23 66.86 65.89
C ARG B 35 -76.71 65.81 64.92
N LEU B 36 -77.04 64.55 65.17
CA LEU B 36 -76.79 63.48 64.21
C LEU B 36 -78.01 62.55 64.19
N ALA B 37 -78.82 62.67 63.15
CA ALA B 37 -80.02 61.85 63.05
C ALA B 37 -79.64 60.37 62.91
N PRO B 38 -80.50 59.47 63.40
CA PRO B 38 -80.19 58.04 63.29
C PRO B 38 -80.09 57.59 61.85
N LYS B 39 -79.20 56.64 61.60
CA LYS B 39 -79.01 56.06 60.28
C LYS B 39 -79.38 54.59 60.35
N ARG B 40 -80.29 54.18 59.45
CA ARG B 40 -80.84 52.82 59.44
C ARG B 40 -79.90 51.91 58.64
N THR B 41 -78.74 51.63 59.23
CA THR B 41 -77.74 50.80 58.56
C THR B 41 -78.06 49.32 58.61
N LYS B 42 -79.04 48.92 59.42
CA LYS B 42 -79.43 47.53 59.53
C LYS B 42 -80.89 47.51 59.96
N ASP B 43 -81.35 46.35 60.46
CA ASP B 43 -82.68 46.23 61.04
C ASP B 43 -82.85 47.24 62.16
N SER B 44 -81.75 47.64 62.78
CA SER B 44 -81.78 48.72 63.74
C SER B 44 -82.27 50.00 63.06
N PRO B 45 -83.10 50.80 63.73
CA PRO B 45 -83.44 52.12 63.17
C PRO B 45 -82.33 53.15 63.35
N GLY B 46 -81.18 52.74 63.89
CA GLY B 46 -80.09 53.64 64.14
C GLY B 46 -80.20 54.32 65.49
N MET B 47 -79.18 55.11 65.80
CA MET B 47 -79.12 55.86 67.05
C MET B 47 -79.15 57.35 66.75
N ALA B 48 -80.04 58.07 67.42
CA ALA B 48 -80.09 59.52 67.33
C ALA B 48 -79.08 60.11 68.31
N LYS B 49 -78.08 60.80 67.79
CA LYS B 49 -77.06 61.43 68.61
C LYS B 49 -77.37 62.90 68.78
N SER B 50 -77.21 63.40 70.00
CA SER B 50 -77.23 64.83 70.24
C SER B 50 -76.03 65.20 71.09
N GLU B 51 -75.69 66.48 71.09
CA GLU B 51 -74.56 66.97 71.87
C GLU B 51 -74.83 68.41 72.26
N LEU B 52 -74.61 68.73 73.54
CA LEU B 52 -74.75 70.09 74.03
C LEU B 52 -73.47 70.43 74.79
N LYS B 53 -72.62 71.24 74.19
CA LYS B 53 -71.29 71.48 74.75
C LYS B 53 -71.10 72.96 75.07
N ILE B 54 -70.46 73.21 76.20
CA ILE B 54 -70.05 74.55 76.59
C ILE B 54 -68.53 74.56 76.67
N THR B 55 -67.93 75.54 76.03
CA THR B 55 -66.48 75.68 75.97
C THR B 55 -66.08 77.05 76.46
N ARG B 56 -65.14 77.09 77.38
CA ARG B 56 -64.55 78.33 77.85
C ARG B 56 -63.09 78.38 77.42
N VAL B 57 -62.71 79.46 76.76
CA VAL B 57 -61.32 79.72 76.42
C VAL B 57 -60.97 81.10 76.93
N ASP B 58 -59.71 81.31 77.24
CA ASP B 58 -59.31 82.66 77.63
C ASP B 58 -59.13 83.49 76.37
N PRO B 59 -59.92 84.54 76.15
CA PRO B 59 -59.87 85.22 74.85
C PRO B 59 -58.78 86.27 74.75
N THR B 60 -57.59 85.98 75.28
CA THR B 60 -56.42 86.79 75.01
C THR B 60 -55.31 85.93 74.44
N THR B 61 -55.04 84.80 75.09
CA THR B 61 -54.03 83.86 74.65
C THR B 61 -54.62 82.60 74.06
N GLY B 62 -55.94 82.45 74.06
CA GLY B 62 -56.56 81.30 73.45
C GLY B 62 -56.26 79.98 74.13
N VAL B 63 -56.18 79.97 75.46
CA VAL B 63 -55.99 78.73 76.20
C VAL B 63 -57.36 78.18 76.59
N LEU B 64 -57.57 76.90 76.33
CA LEU B 64 -58.83 76.26 76.66
C LEU B 64 -58.90 76.05 78.15
N ILE B 65 -59.79 76.78 78.82
CA ILE B 65 -59.95 76.61 80.26
C ILE B 65 -60.63 75.28 80.57
N GLY B 66 -61.69 74.95 79.86
CA GLY B 66 -62.37 73.69 80.09
C GLY B 66 -63.61 73.54 79.22
N ILE B 67 -64.07 72.29 79.12
CA ILE B 67 -65.24 71.92 78.34
C ILE B 67 -66.14 71.06 79.20
N VAL B 68 -67.45 71.27 79.10
CA VAL B 68 -68.45 70.36 79.65
C VAL B 68 -69.40 70.00 78.53
N ASN B 69 -69.61 68.71 78.34
CA ASN B 69 -70.35 68.18 77.20
C ASN B 69 -71.50 67.33 77.69
N VAL B 70 -72.68 67.48 77.10
CA VAL B 70 -73.83 66.63 77.36
C VAL B 70 -74.20 65.94 76.06
N SER B 71 -73.87 64.67 75.94
CA SER B 71 -74.13 63.89 74.75
C SER B 71 -75.19 62.84 75.03
N SER B 72 -76.08 62.63 74.07
CA SER B 72 -77.08 61.59 74.16
C SER B 72 -76.99 60.68 72.94
N SER B 73 -77.11 59.38 73.17
CA SER B 73 -77.16 58.38 72.12
C SER B 73 -78.37 57.49 72.41
N ILE B 74 -79.52 57.86 71.86
CA ILE B 74 -80.77 57.18 72.12
C ILE B 74 -81.24 56.49 70.84
N ARG B 75 -81.76 55.28 70.99
CA ARG B 75 -82.27 54.54 69.84
C ARG B 75 -83.39 55.32 69.17
N ALA B 76 -83.45 55.24 67.84
CA ALA B 76 -84.49 55.95 67.11
C ALA B 76 -85.87 55.45 67.49
N ASP B 77 -86.01 54.16 67.75
CA ASP B 77 -87.28 53.58 68.15
C ASP B 77 -87.60 53.77 69.63
N ALA B 78 -86.64 54.26 70.42
CA ALA B 78 -86.83 54.35 71.86
C ALA B 78 -87.98 55.30 72.19
N THR B 79 -88.86 54.84 73.06
CA THR B 79 -90.05 55.59 73.41
C THR B 79 -89.67 56.85 74.17
N ALA B 80 -90.58 57.83 74.14
CA ALA B 80 -90.35 59.06 74.88
C ALA B 80 -90.25 58.82 76.38
N ALA B 81 -90.81 57.70 76.85
CA ALA B 81 -90.66 57.36 78.26
C ALA B 81 -89.20 57.11 78.62
N ASP B 82 -88.49 56.34 77.81
CA ASP B 82 -87.09 56.09 78.09
C ASP B 82 -86.27 57.36 77.99
N LYS B 83 -86.54 58.20 76.99
CA LYS B 83 -85.79 59.45 76.84
C LYS B 83 -86.03 60.40 78.00
N THR B 84 -87.29 60.52 78.43
CA THR B 84 -87.60 61.37 79.58
C THR B 84 -86.98 60.82 80.86
N ALA B 85 -86.99 59.50 81.03
CA ALA B 85 -86.35 58.91 82.20
C ALA B 85 -84.85 59.15 82.19
N LEU B 86 -84.23 59.02 81.01
CA LEU B 86 -82.80 59.28 80.88
C LEU B 86 -82.46 60.71 81.25
N MET B 87 -83.22 61.68 80.73
CA MET B 87 -82.94 63.07 81.07
C MET B 87 -83.19 63.34 82.54
N ALA B 88 -84.27 62.77 83.10
CA ALA B 88 -84.57 63.01 84.51
C ALA B 88 -83.47 62.46 85.40
N ILE B 89 -82.98 61.25 85.10
CA ILE B 89 -81.92 60.66 85.89
C ILE B 89 -80.65 61.49 85.78
N ILE B 90 -80.27 61.87 84.56
CA ILE B 90 -78.99 62.57 84.40
C ILE B 90 -79.05 63.96 85.03
N THR B 91 -80.17 64.65 84.93
CA THR B 91 -80.31 65.96 85.55
C THR B 91 -80.35 65.84 87.07
N ALA B 92 -81.02 64.82 87.60
CA ALA B 92 -81.01 64.61 89.04
C ALA B 92 -79.61 64.31 89.54
N ALA B 93 -78.86 63.50 88.79
CA ALA B 93 -77.48 63.20 89.17
C ALA B 93 -76.60 64.45 89.12
N GLN B 94 -76.78 65.29 88.11
CA GLN B 94 -76.01 66.53 88.03
C GLN B 94 -76.35 67.46 89.19
N ALA B 95 -77.63 67.59 89.53
CA ALA B 95 -78.03 68.40 90.67
C ALA B 95 -77.46 67.88 91.97
N ASP B 96 -77.16 66.58 92.05
CA ASP B 96 -76.56 66.00 93.23
C ASP B 96 -75.12 66.51 93.41
N GLY B 97 -74.66 66.49 94.66
CA GLY B 97 -73.33 66.96 94.96
C GLY B 97 -72.20 66.08 94.46
N ALA B 98 -72.50 64.80 94.20
CA ALA B 98 -71.45 63.89 93.73
C ALA B 98 -70.86 64.36 92.41
N TRP B 99 -71.71 64.81 91.48
CA TRP B 99 -71.19 65.37 90.23
C TRP B 99 -70.38 66.63 90.47
N THR B 100 -70.84 67.47 91.40
CA THR B 100 -70.12 68.70 91.72
C THR B 100 -68.72 68.41 92.22
N GLU B 101 -68.54 67.40 93.06
CA GLU B 101 -67.21 67.02 93.52
C GLU B 101 -66.40 66.27 92.47
N LEU B 102 -67.05 65.42 91.67
CA LEU B 102 -66.35 64.73 90.60
C LEU B 102 -65.68 65.72 89.66
N VAL B 103 -66.39 66.77 89.29
CA VAL B 103 -65.73 67.94 88.73
C VAL B 103 -65.11 68.73 89.87
N THR B 104 -64.04 69.46 89.59
CA THR B 104 -63.35 70.30 90.57
C THR B 104 -62.65 69.53 91.69
N ASP B 105 -62.87 68.22 91.80
CA ASP B 105 -62.14 67.45 92.80
C ASP B 105 -61.66 66.11 92.31
N GLN B 106 -62.18 65.61 91.20
CA GLN B 106 -61.94 64.24 90.75
C GLN B 106 -62.26 63.25 91.86
N ARG B 107 -63.35 63.50 92.56
CA ARG B 107 -63.77 62.71 93.71
C ARG B 107 -64.89 61.77 93.29
N LEU B 108 -64.65 60.48 93.43
CA LEU B 108 -65.67 59.48 93.12
C LEU B 108 -66.64 59.34 94.28
N PRO B 109 -67.89 58.97 93.99
CA PRO B 109 -68.86 58.78 95.07
C PRO B 109 -68.62 57.48 95.83
N LEU B 110 -67.55 57.45 96.61
CA LEU B 110 -67.27 56.31 97.48
C LEU B 110 -66.79 56.73 98.86
N ALA B 111 -66.74 58.03 99.17
CA ALA B 111 -66.25 58.47 100.46
C ALA B 111 -67.22 58.09 101.57
N THR B 112 -66.67 57.69 102.72
CA THR B 112 -67.48 57.29 103.86
C THR B 112 -67.91 58.47 104.73
N VAL B 113 -67.48 59.67 104.40
CA VAL B 113 -67.81 60.89 105.14
C VAL B 113 -67.34 60.80 106.59
N SER C 1 -106.35 73.24 31.70
CA SER C 1 -107.57 72.96 30.94
C SER C 1 -107.99 74.17 30.11
N LYS C 2 -108.19 75.31 30.78
CA LYS C 2 -108.70 76.51 30.12
C LYS C 2 -108.01 77.74 30.71
N VAL C 3 -108.63 78.90 30.51
CA VAL C 3 -108.01 80.20 30.73
C VAL C 3 -107.28 80.29 32.06
N PHE C 4 -105.99 80.58 32.00
CA PHE C 4 -105.11 80.74 33.15
C PHE C 4 -104.37 82.05 32.99
N ASN C 5 -104.33 82.86 34.05
CA ASN C 5 -103.63 84.14 34.03
C ASN C 5 -104.14 85.01 32.88
N THR C 6 -105.45 84.97 32.66
CA THR C 6 -106.17 85.67 31.60
C THR C 6 -105.76 85.23 30.21
N GLN C 7 -104.88 84.24 30.08
CA GLN C 7 -104.49 83.71 28.79
C GLN C 7 -105.31 82.46 28.49
N THR C 8 -105.78 82.35 27.26
CA THR C 8 -106.55 81.19 26.83
C THR C 8 -105.58 80.10 26.39
N PHE C 9 -105.69 78.94 27.02
CA PHE C 9 -104.88 77.78 26.64
C PHE C 9 -105.79 76.79 25.94
N ASP C 10 -105.50 76.51 24.69
CA ASP C 10 -106.26 75.57 23.89
C ASP C 10 -105.42 74.32 23.66
N ILE C 11 -106.09 73.17 23.53
CA ILE C 11 -105.38 71.92 23.36
C ILE C 11 -104.56 71.99 22.08
N TYR C 12 -103.26 71.75 22.20
CA TYR C 12 -102.37 71.67 21.05
C TYR C 12 -102.11 70.25 20.60
N SER C 13 -101.97 69.33 21.54
CA SER C 13 -101.70 67.94 21.17
C SER C 13 -102.20 67.03 22.27
N THR C 14 -102.69 65.87 21.86
CA THR C 14 -103.10 64.85 22.81
C THR C 14 -102.26 63.60 22.55
N GLU C 15 -101.75 63.03 23.63
CA GLU C 15 -100.91 61.84 23.57
C GLU C 15 -101.48 60.81 24.53
N LYS C 16 -100.94 59.59 24.47
CA LYS C 16 -101.38 58.51 25.34
C LYS C 16 -101.36 58.94 26.80
N ASP C 17 -100.23 59.49 27.26
CA ASP C 17 -100.09 59.93 28.63
C ASP C 17 -99.70 61.40 28.75
N VAL C 18 -99.82 62.18 27.67
CA VAL C 18 -99.46 63.58 27.68
C VAL C 18 -100.56 64.38 27.00
N VAL C 19 -100.91 65.53 27.57
CA VAL C 19 -101.82 66.48 26.95
C VAL C 19 -101.16 67.84 26.99
N SER C 20 -101.04 68.49 25.84
CA SER C 20 -100.35 69.77 25.72
C SER C 20 -101.31 70.84 25.21
N LEU C 21 -101.37 71.94 25.93
CA LEU C 21 -102.17 73.12 25.59
C LEU C 21 -101.25 74.27 25.24
N ARG C 22 -101.68 75.09 24.28
CA ARG C 22 -100.90 76.24 23.85
C ARG C 22 -101.77 77.49 23.99
N ASP C 23 -101.11 78.62 24.27
CA ASP C 23 -101.83 79.88 24.32
C ASP C 23 -102.42 80.24 22.96
N PHE C 24 -101.62 80.08 21.89
CA PHE C 24 -102.02 80.33 20.51
C PHE C 24 -102.26 81.81 20.25
N ALA C 25 -102.19 82.63 21.29
CA ALA C 25 -102.29 84.08 21.17
C ALA C 25 -100.93 84.75 21.30
N ASN C 26 -100.20 84.45 22.37
CA ASN C 26 -98.81 84.86 22.49
C ASN C 26 -97.85 83.88 21.80
N ASP C 27 -98.30 82.66 21.53
CA ASP C 27 -97.52 81.66 20.80
C ASP C 27 -96.16 81.39 21.45
N LYS C 28 -96.10 81.45 22.77
CA LYS C 28 -94.86 81.13 23.48
C LYS C 28 -95.07 80.28 24.73
N ASP C 29 -96.30 80.14 25.22
CA ASP C 29 -96.56 79.40 26.44
C ASP C 29 -97.17 78.04 26.10
N THR C 30 -96.62 77.00 26.71
CA THR C 30 -97.12 75.63 26.54
C THR C 30 -97.31 75.01 27.92
N LEU C 31 -98.50 74.47 28.16
CA LEU C 31 -98.83 73.80 29.42
C LEU C 31 -99.03 72.32 29.15
N ALA C 32 -98.23 71.48 29.80
CA ALA C 32 -98.24 70.05 29.57
C ALA C 32 -98.66 69.31 30.83
N TYR C 33 -99.62 68.41 30.69
CA TYR C 33 -100.05 67.46 31.71
C TYR C 33 -99.45 66.11 31.31
N LYS C 34 -98.56 65.57 32.14
CA LYS C 34 -97.91 64.31 31.88
C LYS C 34 -98.23 63.31 32.98
N ARG C 35 -98.37 62.05 32.57
CA ARG C 35 -98.88 60.98 33.40
C ARG C 35 -97.89 59.82 33.38
N LEU C 36 -97.83 59.06 34.48
CA LEU C 36 -96.97 57.88 34.54
C LEU C 36 -97.52 56.95 35.61
N ALA C 37 -98.06 55.81 35.20
CA ALA C 37 -98.70 54.90 36.13
C ALA C 37 -97.67 54.26 37.06
N PRO C 38 -98.06 53.95 38.30
CA PRO C 38 -97.14 53.26 39.20
C PRO C 38 -96.89 51.84 38.75
N LYS C 39 -95.64 51.39 38.85
CA LYS C 39 -95.26 50.06 38.44
C LYS C 39 -95.00 49.19 39.67
N ARG C 40 -95.68 48.06 39.74
CA ARG C 40 -95.48 47.09 40.81
C ARG C 40 -94.27 46.24 40.46
N THR C 41 -93.12 46.91 40.38
CA THR C 41 -91.87 46.24 40.05
C THR C 41 -91.38 45.37 41.20
N LYS C 42 -92.03 45.45 42.35
CA LYS C 42 -91.69 44.66 43.52
C LYS C 42 -92.96 44.51 44.35
N ASP C 43 -92.80 44.12 45.62
CA ASP C 43 -93.93 44.05 46.54
C ASP C 43 -94.67 45.38 46.60
N SER C 44 -93.92 46.48 46.55
CA SER C 44 -94.53 47.80 46.57
C SER C 44 -95.38 48.01 45.34
N PRO C 45 -96.51 48.71 45.45
CA PRO C 45 -97.37 48.93 44.28
C PRO C 45 -96.84 49.97 43.31
N GLY C 46 -95.71 50.61 43.61
CA GLY C 46 -95.13 51.59 42.72
C GLY C 46 -95.53 53.01 43.04
N MET C 47 -94.91 53.93 42.32
CA MET C 47 -95.10 55.36 42.53
C MET C 47 -95.81 55.95 41.32
N ALA C 48 -96.95 56.59 41.55
CA ALA C 48 -97.72 57.20 40.47
C ALA C 48 -97.17 58.60 40.21
N LYS C 49 -96.52 58.77 39.06
CA LYS C 49 -95.89 60.03 38.72
C LYS C 49 -96.84 60.93 37.95
N SER C 50 -96.92 62.19 38.37
CA SER C 50 -97.67 63.20 37.65
C SER C 50 -96.72 64.34 37.29
N GLU C 51 -97.14 65.17 36.34
CA GLU C 51 -96.33 66.31 35.99
C GLU C 51 -97.21 67.39 35.37
N LEU C 52 -97.05 68.61 35.83
CA LEU C 52 -97.73 69.77 35.25
C LEU C 52 -96.67 70.84 35.01
N LYS C 53 -96.39 71.14 33.76
CA LYS C 53 -95.30 72.06 33.45
C LYS C 53 -95.76 73.16 32.52
N ILE C 54 -95.21 74.35 32.72
CA ILE C 54 -95.41 75.48 31.81
C ILE C 54 -94.05 75.89 31.25
N THR C 55 -93.98 75.99 29.94
CA THR C 55 -92.74 76.31 29.24
C THR C 55 -92.97 77.55 28.38
N ARG C 56 -92.07 78.51 28.51
CA ARG C 56 -92.10 79.71 27.69
C ARG C 56 -90.90 79.70 26.75
N VAL C 57 -91.17 79.74 25.45
CA VAL C 57 -90.13 79.79 24.44
C VAL C 57 -90.51 80.87 23.44
N ASP C 58 -89.64 81.87 23.29
CA ASP C 58 -90.05 83.09 22.59
C ASP C 58 -90.43 82.82 21.13
N PRO C 59 -91.47 83.45 20.61
CA PRO C 59 -91.87 83.18 19.23
C PRO C 59 -91.19 84.06 18.20
N THR C 60 -89.88 84.26 18.31
CA THR C 60 -89.15 84.95 17.25
C THR C 60 -87.90 84.17 16.84
N THR C 61 -87.20 83.59 17.82
CA THR C 61 -86.02 82.79 17.55
C THR C 61 -86.04 81.45 18.26
N GLY C 62 -86.85 81.30 19.31
CA GLY C 62 -86.97 80.03 19.98
C GLY C 62 -86.05 79.83 21.17
N VAL C 63 -85.84 80.87 21.98
CA VAL C 63 -85.01 80.76 23.17
C VAL C 63 -85.90 80.47 24.36
N LEU C 64 -85.56 79.41 25.09
CA LEU C 64 -86.31 79.02 26.28
C LEU C 64 -86.15 80.08 27.36
N ILE C 65 -87.20 80.84 27.61
CA ILE C 65 -87.17 81.85 28.67
C ILE C 65 -87.16 81.20 30.04
N GLY C 66 -88.02 80.21 30.26
CA GLY C 66 -88.08 79.58 31.57
C GLY C 66 -89.07 78.44 31.57
N ILE C 67 -88.98 77.64 32.64
CA ILE C 67 -89.87 76.51 32.88
C ILE C 67 -90.20 76.48 34.36
N VAL C 68 -91.48 76.34 34.68
CA VAL C 68 -91.92 75.97 36.01
C VAL C 68 -92.66 74.66 35.90
N ASN C 69 -92.21 73.67 36.68
CA ASN C 69 -92.77 72.32 36.62
C ASN C 69 -93.25 71.91 37.99
N VAL C 70 -94.40 71.25 38.05
CA VAL C 70 -94.92 70.66 39.27
C VAL C 70 -95.00 69.16 39.05
N SER C 71 -94.14 68.41 39.73
CA SER C 71 -94.10 66.97 39.60
C SER C 71 -94.51 66.31 40.91
N SER C 72 -95.24 65.21 40.80
CA SER C 72 -95.63 64.42 41.97
C SER C 72 -95.14 63.00 41.80
N SER C 73 -94.70 62.41 42.91
CA SER C 73 -94.29 61.01 42.97
C SER C 73 -94.90 60.48 44.26
N ILE C 74 -96.08 59.89 44.15
CA ILE C 74 -96.84 59.43 45.31
C ILE C 74 -97.01 57.92 45.21
N ARG C 75 -96.89 57.24 46.35
CA ARG C 75 -97.11 55.80 46.40
C ARG C 75 -98.48 55.46 45.84
N ALA C 76 -98.54 54.37 45.08
CA ALA C 76 -99.81 53.91 44.56
C ALA C 76 -100.80 53.60 45.67
N ASP C 77 -100.31 53.14 46.83
CA ASP C 77 -101.16 52.82 47.95
C ASP C 77 -101.44 54.00 48.88
N ALA C 78 -100.83 55.16 48.62
CA ALA C 78 -100.98 56.29 49.51
C ALA C 78 -102.44 56.75 49.56
N THR C 79 -102.89 57.07 50.76
CA THR C 79 -104.29 57.43 50.97
C THR C 79 -104.60 58.78 50.34
N ALA C 80 -105.88 58.99 50.03
CA ALA C 80 -106.32 60.27 49.51
C ALA C 80 -106.04 61.39 50.50
N ALA C 81 -106.02 61.08 51.80
CA ALA C 81 -105.66 62.07 52.80
C ALA C 81 -104.22 62.54 52.62
N ASP C 82 -103.30 61.60 52.39
CA ASP C 82 -101.91 61.97 52.15
C ASP C 82 -101.78 62.84 50.92
N LYS C 83 -102.48 62.50 49.84
CA LYS C 83 -102.35 63.26 48.61
C LYS C 83 -102.96 64.64 48.74
N THR C 84 -104.11 64.74 49.39
CA THR C 84 -104.70 66.05 49.64
C THR C 84 -103.80 66.89 50.53
N ALA C 85 -103.20 66.29 51.56
CA ALA C 85 -102.30 67.03 52.44
C ALA C 85 -101.08 67.54 51.68
N LEU C 86 -100.49 66.69 50.84
CA LEU C 86 -99.33 67.10 50.06
C LEU C 86 -99.68 68.25 49.14
N MET C 87 -100.82 68.14 48.46
CA MET C 87 -101.22 69.19 47.54
C MET C 87 -101.49 70.50 48.28
N ALA C 88 -102.15 70.42 49.45
CA ALA C 88 -102.45 71.62 50.22
C ALA C 88 -101.19 72.27 50.75
N ILE C 89 -100.26 71.47 51.27
CA ILE C 89 -99.01 72.04 51.79
C ILE C 89 -98.24 72.73 50.67
N ILE C 90 -98.11 72.08 49.52
CA ILE C 90 -97.33 72.68 48.45
C ILE C 90 -98.02 73.93 47.91
N THR C 91 -99.36 73.92 47.82
CA THR C 91 -100.07 75.09 47.33
C THR C 91 -99.94 76.26 48.31
N ALA C 92 -100.04 75.99 49.60
CA ALA C 92 -99.86 77.05 50.60
C ALA C 92 -98.43 77.59 50.57
N ALA C 93 -97.44 76.72 50.40
CA ALA C 93 -96.06 77.18 50.33
C ALA C 93 -95.83 78.05 49.10
N GLN C 94 -96.40 77.66 47.96
CA GLN C 94 -96.30 78.50 46.77
C GLN C 94 -97.01 79.84 46.97
N ALA C 95 -98.15 79.82 47.65
CA ALA C 95 -98.86 81.06 47.96
C ALA C 95 -98.07 81.94 48.93
N ASP C 96 -97.21 81.34 49.74
CA ASP C 96 -96.32 82.10 50.61
C ASP C 96 -95.30 82.84 49.76
N GLY C 97 -94.77 83.93 50.32
CA GLY C 97 -93.85 84.78 49.59
C GLY C 97 -92.43 84.24 49.52
N ALA C 98 -92.10 83.26 50.36
CA ALA C 98 -90.78 82.67 50.30
C ALA C 98 -90.53 82.04 48.93
N TRP C 99 -91.56 81.42 48.35
CA TRP C 99 -91.43 80.89 47.00
C TRP C 99 -91.26 82.00 45.98
N THR C 100 -92.03 83.08 46.13
CA THR C 100 -91.94 84.20 45.19
C THR C 100 -90.59 84.89 45.27
N GLU C 101 -89.85 84.70 46.36
CA GLU C 101 -88.48 85.18 46.46
C GLU C 101 -87.46 84.18 45.94
N LEU C 102 -87.64 82.90 46.27
CA LEU C 102 -86.78 81.84 45.74
C LEU C 102 -86.76 81.90 44.22
N VAL C 103 -87.91 81.94 43.60
CA VAL C 103 -88.00 82.35 42.21
C VAL C 103 -87.85 83.86 42.16
N THR C 104 -87.18 84.35 41.11
CA THR C 104 -86.96 85.77 40.84
C THR C 104 -85.91 86.41 41.74
N ASP C 105 -85.44 85.74 42.78
CA ASP C 105 -84.32 86.28 43.53
C ASP C 105 -83.29 85.27 43.97
N GLN C 106 -83.59 83.97 43.95
CA GLN C 106 -82.75 82.94 44.54
C GLN C 106 -82.50 83.24 46.02
N ARG C 107 -83.54 83.73 46.68
CA ARG C 107 -83.47 84.13 48.08
C ARG C 107 -84.05 83.01 48.92
N LEU C 108 -83.25 82.44 49.79
CA LEU C 108 -83.70 81.38 50.66
C LEU C 108 -84.38 81.96 51.89
N PRO C 109 -85.28 81.19 52.51
CA PRO C 109 -85.91 81.67 53.75
C PRO C 109 -84.97 81.58 54.94
N LEU C 110 -83.89 82.35 54.91
CA LEU C 110 -82.99 82.44 56.04
C LEU C 110 -82.51 83.86 56.33
N ALA C 111 -82.91 84.84 55.51
CA ALA C 111 -82.57 86.22 55.79
C ALA C 111 -83.26 86.69 57.07
N THR C 112 -82.57 87.53 57.84
CA THR C 112 -83.09 88.03 59.11
C THR C 112 -83.99 89.25 58.94
N VAL C 113 -84.13 89.77 57.72
CA VAL C 113 -84.96 90.94 57.43
C VAL C 113 -84.48 92.16 58.20
N SER D 1 -48.32 -51.18 112.99
CA SER D 1 -48.68 -50.27 114.06
C SER D 1 -47.92 -50.62 115.34
N LYS D 2 -48.07 -51.85 115.79
CA LYS D 2 -47.40 -52.31 117.01
C LYS D 2 -46.97 -53.76 116.78
N VAL D 3 -46.66 -54.47 117.86
CA VAL D 3 -46.04 -55.80 117.79
C VAL D 3 -46.78 -56.74 116.85
N PHE D 4 -46.08 -57.21 115.83
CA PHE D 4 -46.58 -58.17 114.86
C PHE D 4 -45.53 -59.25 114.68
N ASN D 5 -45.97 -60.51 114.71
CA ASN D 5 -45.06 -61.65 114.58
C ASN D 5 -43.94 -61.53 115.62
N THR D 6 -44.31 -61.15 116.84
CA THR D 6 -43.43 -60.96 117.98
C THR D 6 -42.35 -59.91 117.74
N GLN D 7 -42.58 -58.95 116.85
CA GLN D 7 -41.63 -57.87 116.61
C GLN D 7 -42.32 -56.53 116.78
N THR D 8 -41.66 -55.62 117.48
CA THR D 8 -42.22 -54.32 117.79
C THR D 8 -41.90 -53.35 116.65
N PHE D 9 -42.93 -52.87 115.97
CA PHE D 9 -42.79 -51.93 114.88
C PHE D 9 -43.13 -50.54 115.40
N ASP D 10 -42.15 -49.64 115.36
CA ASP D 10 -42.31 -48.28 115.85
C ASP D 10 -42.25 -47.30 114.69
N ILE D 11 -42.89 -46.15 114.89
CA ILE D 11 -42.96 -45.14 113.84
C ILE D 11 -41.55 -44.70 113.46
N TYR D 12 -41.22 -44.79 112.18
CA TYR D 12 -40.00 -44.19 111.69
C TYR D 12 -40.26 -42.94 110.87
N SER D 13 -41.35 -42.89 110.11
CA SER D 13 -41.56 -41.76 109.23
C SER D 13 -43.04 -41.55 109.01
N THR D 14 -43.42 -40.29 108.85
CA THR D 14 -44.80 -39.94 108.55
C THR D 14 -44.81 -38.94 107.40
N GLU D 15 -45.52 -39.28 106.34
CA GLU D 15 -45.69 -38.40 105.20
C GLU D 15 -47.13 -37.93 105.13
N LYS D 16 -47.46 -37.24 104.05
CA LYS D 16 -48.84 -36.84 103.82
C LYS D 16 -49.75 -38.05 103.73
N ASP D 17 -49.29 -39.09 103.05
CA ASP D 17 -50.13 -40.27 102.82
C ASP D 17 -49.41 -41.59 103.06
N VAL D 18 -48.21 -41.56 103.61
CA VAL D 18 -47.50 -42.78 103.96
C VAL D 18 -47.07 -42.71 105.42
N VAL D 19 -47.25 -43.81 106.13
CA VAL D 19 -46.68 -44.01 107.45
C VAL D 19 -45.73 -45.20 107.35
N SER D 20 -44.50 -45.03 107.80
CA SER D 20 -43.49 -46.08 107.77
C SER D 20 -43.05 -46.41 109.18
N LEU D 21 -43.06 -47.70 109.51
CA LEU D 21 -42.66 -48.22 110.80
C LEU D 21 -41.53 -49.22 110.62
N ARG D 22 -40.61 -49.25 111.57
CA ARG D 22 -39.49 -50.17 111.54
C ARG D 22 -39.45 -50.97 112.83
N ASP D 23 -38.76 -52.12 112.77
CA ASP D 23 -38.59 -52.93 113.97
C ASP D 23 -37.64 -52.26 114.96
N PHE D 24 -36.52 -51.72 114.46
CA PHE D 24 -35.50 -51.07 115.28
C PHE D 24 -34.80 -52.08 116.19
N ALA D 25 -35.24 -53.32 116.17
CA ALA D 25 -34.59 -54.41 116.90
C ALA D 25 -33.74 -55.28 116.00
N ASN D 26 -34.33 -55.86 114.96
CA ASN D 26 -33.56 -56.57 113.95
C ASN D 26 -33.12 -55.68 112.82
N ASP D 27 -33.65 -54.46 112.74
CA ASP D 27 -33.24 -53.45 111.76
C ASP D 27 -33.31 -53.99 110.34
N LYS D 28 -34.29 -54.85 110.05
CA LYS D 28 -34.41 -55.43 108.74
C LYS D 28 -35.81 -55.35 108.14
N ASP D 29 -36.84 -55.06 108.94
CA ASP D 29 -38.21 -55.04 108.47
C ASP D 29 -38.75 -53.62 108.51
N THR D 30 -39.46 -53.23 107.45
CA THR D 30 -40.19 -51.98 107.39
C THR D 30 -41.60 -52.24 106.92
N LEU D 31 -42.57 -51.76 107.69
CA LEU D 31 -43.99 -51.88 107.37
C LEU D 31 -44.53 -50.51 107.00
N ALA D 32 -45.11 -50.41 105.81
CA ALA D 32 -45.60 -49.15 105.27
C ALA D 32 -47.11 -49.23 105.06
N TYR D 33 -47.82 -48.22 105.56
CA TYR D 33 -49.24 -48.00 105.31
C TYR D 33 -49.34 -46.81 104.36
N LYS D 34 -50.08 -46.97 103.27
CA LYS D 34 -50.10 -45.99 102.20
C LYS D 34 -51.53 -45.76 101.74
N ARG D 35 -51.82 -44.49 101.41
CA ARG D 35 -53.18 -43.99 101.31
C ARG D 35 -53.33 -43.11 100.08
N LEU D 36 -54.26 -43.46 99.19
CA LEU D 36 -54.64 -42.60 98.07
C LEU D 36 -56.15 -42.44 98.04
N ALA D 37 -56.63 -41.22 98.30
CA ALA D 37 -58.06 -40.95 98.31
C ALA D 37 -58.64 -41.10 96.90
N PRO D 38 -59.91 -41.50 96.79
CA PRO D 38 -60.54 -41.62 95.48
C PRO D 38 -60.67 -40.27 94.80
N LYS D 39 -60.48 -40.25 93.49
CA LYS D 39 -60.55 -39.01 92.72
C LYS D 39 -61.69 -39.11 91.71
N ARG D 40 -62.60 -38.15 91.76
CA ARG D 40 -63.79 -38.15 90.92
C ARG D 40 -63.40 -37.63 89.53
N THR D 41 -62.88 -38.54 88.72
CA THR D 41 -62.46 -38.20 87.36
C THR D 41 -63.60 -38.26 86.36
N LYS D 42 -64.74 -38.81 86.76
CA LYS D 42 -65.86 -39.01 85.85
C LYS D 42 -67.12 -39.12 86.70
N ASP D 43 -68.19 -39.65 86.10
CA ASP D 43 -69.39 -39.95 86.85
C ASP D 43 -69.08 -40.93 87.99
N SER D 44 -68.01 -41.71 87.83
CA SER D 44 -67.54 -42.54 88.93
C SER D 44 -66.87 -41.66 89.98
N PRO D 45 -67.04 -41.95 91.26
CA PRO D 45 -66.36 -41.17 92.31
C PRO D 45 -64.90 -41.52 92.50
N GLY D 46 -64.35 -42.44 91.72
CA GLY D 46 -62.97 -42.85 91.86
C GLY D 46 -62.80 -44.06 92.76
N MET D 47 -61.57 -44.55 92.80
CA MET D 47 -61.21 -45.72 93.60
C MET D 47 -60.26 -45.30 94.70
N ALA D 48 -60.52 -45.76 95.92
CA ALA D 48 -59.68 -45.48 97.08
C ALA D 48 -58.59 -46.54 97.18
N LYS D 49 -57.34 -46.12 97.00
CA LYS D 49 -56.21 -47.02 97.07
C LYS D 49 -55.68 -47.11 98.49
N SER D 50 -55.47 -48.34 98.94
CA SER D 50 -54.73 -48.59 100.17
C SER D 50 -53.57 -49.50 99.82
N GLU D 51 -52.52 -49.43 100.64
CA GLU D 51 -51.39 -50.33 100.44
C GLU D 51 -50.75 -50.63 101.78
N LEU D 52 -50.48 -51.90 102.04
CA LEU D 52 -49.86 -52.32 103.29
C LEU D 52 -48.72 -53.27 102.93
N LYS D 53 -47.49 -52.80 103.02
CA LYS D 53 -46.37 -53.59 102.53
C LYS D 53 -45.34 -53.81 103.63
N ILE D 54 -44.81 -55.03 103.67
CA ILE D 54 -43.70 -55.37 104.56
C ILE D 54 -42.49 -55.70 103.70
N THR D 55 -41.40 -54.98 103.94
CA THR D 55 -40.16 -55.17 103.22
C THR D 55 -39.08 -55.64 104.18
N ARG D 56 -38.37 -56.69 103.80
CA ARG D 56 -37.26 -57.21 104.59
C ARG D 56 -35.96 -56.98 103.84
N VAL D 57 -35.02 -56.30 104.48
CA VAL D 57 -33.71 -56.06 103.93
C VAL D 57 -32.68 -56.39 104.99
N ASP D 58 -31.79 -57.33 104.68
CA ASP D 58 -30.80 -57.72 105.69
C ASP D 58 -29.79 -56.60 105.91
N PRO D 59 -29.48 -56.24 107.15
CA PRO D 59 -28.69 -55.03 107.40
C PRO D 59 -27.19 -55.24 107.46
N THR D 60 -26.62 -55.98 106.50
CA THR D 60 -25.17 -56.03 106.40
C THR D 60 -24.74 -55.49 105.05
N THR D 61 -25.43 -55.92 103.99
CA THR D 61 -25.22 -55.39 102.65
C THR D 61 -26.43 -54.66 102.10
N GLY D 62 -27.57 -54.75 102.77
CA GLY D 62 -28.75 -54.01 102.37
C GLY D 62 -29.48 -54.53 101.16
N VAL D 63 -29.37 -55.82 100.84
CA VAL D 63 -30.05 -56.40 99.70
C VAL D 63 -31.47 -56.79 100.13
N LEU D 64 -32.42 -56.61 99.22
CA LEU D 64 -33.82 -56.85 99.53
C LEU D 64 -34.11 -58.34 99.51
N ILE D 65 -34.43 -58.91 100.66
CA ILE D 65 -34.79 -60.32 100.73
C ILE D 65 -36.16 -60.57 100.11
N GLY D 66 -37.16 -59.78 100.46
CA GLY D 66 -38.48 -60.00 99.91
C GLY D 66 -39.47 -58.96 100.39
N ILE D 67 -40.54 -58.82 99.61
CA ILE D 67 -41.62 -57.90 99.89
C ILE D 67 -42.94 -58.65 99.80
N VAL D 68 -43.81 -58.44 100.78
CA VAL D 68 -45.20 -58.88 100.71
C VAL D 68 -46.08 -57.64 100.83
N ASN D 69 -46.95 -57.43 99.85
CA ASN D 69 -47.75 -56.22 99.77
C ASN D 69 -49.22 -56.57 99.69
N VAL D 70 -50.04 -55.82 100.43
CA VAL D 70 -51.49 -55.97 100.39
C VAL D 70 -52.05 -54.67 99.87
N SER D 71 -52.58 -54.68 98.67
CA SER D 71 -53.14 -53.50 98.02
C SER D 71 -54.64 -53.66 97.83
N SER D 72 -55.38 -52.64 98.20
CA SER D 72 -56.81 -52.59 97.97
C SER D 72 -57.13 -51.42 97.05
N SER D 73 -58.10 -51.62 96.17
CA SER D 73 -58.58 -50.60 95.24
C SER D 73 -60.09 -50.75 95.17
N ILE D 74 -60.81 -49.89 95.89
CA ILE D 74 -62.24 -50.04 96.09
C ILE D 74 -62.94 -48.74 95.70
N ARG D 75 -64.10 -48.88 95.07
CA ARG D 75 -64.91 -47.74 94.67
C ARG D 75 -65.27 -46.88 95.86
N ALA D 76 -65.27 -45.56 95.65
CA ALA D 76 -65.64 -44.64 96.71
C ALA D 76 -67.08 -44.87 97.17
N ASP D 77 -67.98 -45.17 96.23
CA ASP D 77 -69.38 -45.41 96.55
C ASP D 77 -69.63 -46.79 97.12
N ALA D 78 -68.62 -47.67 97.12
CA ALA D 78 -68.83 -49.05 97.50
C ALA D 78 -69.32 -49.16 98.94
N THR D 79 -70.19 -50.13 99.16
CA THR D 79 -70.78 -50.32 100.48
C THR D 79 -69.74 -50.90 101.45
N ALA D 80 -69.94 -50.63 102.74
CA ALA D 80 -69.07 -51.22 103.75
C ALA D 80 -69.16 -52.74 103.75
N ALA D 81 -70.30 -53.29 103.34
CA ALA D 81 -70.43 -54.73 103.20
C ALA D 81 -69.53 -55.25 102.11
N ASP D 82 -69.40 -54.51 101.01
CA ASP D 82 -68.49 -54.92 99.95
C ASP D 82 -67.06 -55.01 100.44
N LYS D 83 -66.61 -53.99 101.20
CA LYS D 83 -65.25 -54.00 101.73
C LYS D 83 -65.06 -55.09 102.76
N THR D 84 -66.07 -55.33 103.60
CA THR D 84 -65.97 -56.41 104.58
C THR D 84 -65.85 -57.75 103.88
N ALA D 85 -66.65 -57.97 102.83
CA ALA D 85 -66.57 -59.22 102.08
C ALA D 85 -65.22 -59.38 101.42
N LEU D 86 -64.70 -58.31 100.82
CA LEU D 86 -63.39 -58.40 100.17
C LEU D 86 -62.30 -58.76 101.18
N MET D 87 -62.27 -58.07 102.31
CA MET D 87 -61.23 -58.35 103.30
C MET D 87 -61.38 -59.75 103.88
N ALA D 88 -62.61 -60.18 104.14
CA ALA D 88 -62.82 -61.53 104.67
C ALA D 88 -62.39 -62.60 103.68
N ILE D 89 -62.73 -62.42 102.40
CA ILE D 89 -62.36 -63.42 101.40
C ILE D 89 -60.85 -63.49 101.24
N ILE D 90 -60.19 -62.33 101.17
CA ILE D 90 -58.75 -62.35 100.97
C ILE D 90 -58.04 -62.91 102.19
N THR D 91 -58.53 -62.61 103.40
CA THR D 91 -57.91 -63.16 104.60
C THR D 91 -58.13 -64.66 104.71
N ALA D 92 -59.31 -65.15 104.34
CA ALA D 92 -59.55 -66.59 104.36
C ALA D 92 -58.66 -67.30 103.35
N ALA D 93 -58.48 -66.69 102.17
CA ALA D 93 -57.59 -67.28 101.17
C ALA D 93 -56.14 -67.28 101.65
N GLN D 94 -55.73 -66.21 102.34
CA GLN D 94 -54.38 -66.17 102.88
C GLN D 94 -54.18 -67.22 103.97
N ALA D 95 -55.18 -67.43 104.81
CA ALA D 95 -55.09 -68.45 105.84
C ALA D 95 -55.02 -69.85 105.25
N ASP D 96 -55.55 -70.05 104.05
CA ASP D 96 -55.47 -71.35 103.40
C ASP D 96 -54.03 -71.66 103.02
N GLY D 97 -53.70 -72.96 102.99
CA GLY D 97 -52.37 -73.38 102.64
C GLY D 97 -52.04 -73.23 101.16
N ALA D 98 -53.04 -73.01 100.32
CA ALA D 98 -52.78 -72.77 98.91
C ALA D 98 -51.93 -71.51 98.73
N TRP D 99 -52.25 -70.46 99.48
CA TRP D 99 -51.42 -69.26 99.43
C TRP D 99 -50.05 -69.51 100.04
N THR D 100 -49.99 -70.31 101.10
CA THR D 100 -48.72 -70.60 101.75
C THR D 100 -47.82 -71.45 100.85
N GLU D 101 -48.40 -72.10 99.84
CA GLU D 101 -47.63 -72.80 98.84
C GLU D 101 -47.27 -71.91 97.65
N LEU D 102 -48.23 -71.10 97.20
CA LEU D 102 -47.96 -70.12 96.15
C LEU D 102 -46.77 -69.25 96.53
N VAL D 103 -46.75 -68.77 97.75
CA VAL D 103 -45.54 -68.20 98.32
C VAL D 103 -44.68 -69.35 98.83
N THR D 104 -43.37 -69.22 98.69
CA THR D 104 -42.37 -70.23 99.06
C THR D 104 -42.29 -71.43 98.13
N ASP D 105 -43.21 -71.58 97.19
CA ASP D 105 -43.15 -72.75 96.34
C ASP D 105 -43.51 -72.50 94.88
N GLN D 106 -44.16 -71.38 94.56
CA GLN D 106 -44.65 -71.11 93.21
C GLN D 106 -45.56 -72.23 92.74
N ARG D 107 -46.44 -72.67 93.64
CA ARG D 107 -47.33 -73.79 93.40
C ARG D 107 -48.75 -73.27 93.27
N LEU D 108 -49.37 -73.52 92.12
CA LEU D 108 -50.76 -73.15 91.91
C LEU D 108 -51.70 -74.14 92.60
N PRO D 109 -52.89 -73.72 92.99
CA PRO D 109 -53.79 -74.62 93.72
C PRO D 109 -54.52 -75.59 92.82
N LEU D 110 -53.78 -76.33 92.01
CA LEU D 110 -54.36 -77.25 91.05
C LEU D 110 -53.84 -78.67 91.17
N ALA D 111 -52.99 -78.96 92.14
CA ALA D 111 -52.52 -80.32 92.34
C ALA D 111 -53.68 -81.23 92.74
N THR D 112 -53.58 -82.50 92.38
CA THR D 112 -54.55 -83.51 92.81
C THR D 112 -54.15 -84.19 94.11
N VAL D 113 -53.01 -83.81 94.69
CA VAL D 113 -52.50 -84.38 95.94
C VAL D 113 -52.26 -85.89 95.80
N SER E 1 -58.61 -71.72 96.95
CA SER E 1 -58.94 -73.05 96.47
C SER E 1 -60.45 -73.33 96.60
N LYS E 2 -60.91 -73.44 97.84
CA LYS E 2 -62.28 -73.86 98.12
C LYS E 2 -62.92 -72.80 99.02
N VAL E 3 -64.01 -73.18 99.68
CA VAL E 3 -64.89 -72.27 100.41
C VAL E 3 -64.13 -71.28 101.27
N PHE E 4 -64.34 -70.00 100.99
CA PHE E 4 -63.75 -68.90 101.75
C PHE E 4 -64.86 -67.91 102.09
N ASN E 5 -64.89 -67.46 103.35
CA ASN E 5 -65.91 -66.54 103.82
C ASN E 5 -67.32 -67.08 103.56
N THR E 6 -67.49 -68.38 103.81
CA THR E 6 -68.71 -69.15 103.59
C THR E 6 -69.12 -69.22 102.13
N GLN E 7 -68.33 -68.68 101.21
CA GLN E 7 -68.63 -68.71 99.79
C GLN E 7 -67.79 -69.76 99.09
N THR E 8 -68.43 -70.60 98.30
CA THR E 8 -67.76 -71.68 97.60
C THR E 8 -67.19 -71.14 96.30
N PHE E 9 -65.89 -71.28 96.11
CA PHE E 9 -65.20 -70.79 94.92
C PHE E 9 -64.84 -71.98 94.06
N ASP E 10 -65.54 -72.13 92.94
CA ASP E 10 -65.28 -73.20 91.99
C ASP E 10 -64.43 -72.67 90.84
N ILE E 11 -63.66 -73.55 90.23
CA ILE E 11 -62.65 -73.12 89.26
C ILE E 11 -63.32 -72.48 88.06
N TYR E 12 -62.88 -71.27 87.72
CA TYR E 12 -63.41 -70.54 86.57
C TYR E 12 -62.54 -70.64 85.34
N SER E 13 -61.22 -70.57 85.51
CA SER E 13 -60.32 -70.68 84.36
C SER E 13 -58.93 -71.06 84.85
N THR E 14 -58.14 -71.64 83.96
CA THR E 14 -56.78 -72.04 84.26
C THR E 14 -55.86 -71.54 83.16
N GLU E 15 -54.75 -70.92 83.56
CA GLU E 15 -53.72 -70.47 82.66
C GLU E 15 -52.41 -71.15 83.01
N LYS E 16 -51.36 -70.81 82.26
CA LYS E 16 -50.02 -71.30 82.56
C LYS E 16 -49.60 -70.92 83.96
N ASP E 17 -49.91 -69.71 84.38
CA ASP E 17 -49.47 -69.20 85.67
C ASP E 17 -50.61 -68.61 86.50
N VAL E 18 -51.85 -68.69 86.02
CA VAL E 18 -52.98 -68.13 86.73
C VAL E 18 -54.06 -69.20 86.87
N VAL E 19 -54.61 -69.30 88.07
CA VAL E 19 -55.79 -70.11 88.32
C VAL E 19 -56.85 -69.20 88.92
N SER E 20 -58.01 -69.13 88.27
CA SER E 20 -59.07 -68.25 88.67
C SER E 20 -60.29 -69.09 89.08
N LEU E 21 -60.84 -68.78 90.25
CA LEU E 21 -62.01 -69.44 90.79
C LEU E 21 -63.14 -68.42 90.90
N ARG E 22 -64.37 -68.90 90.77
CA ARG E 22 -65.54 -68.05 90.87
C ARG E 22 -66.50 -68.63 91.89
N ASP E 23 -67.27 -67.74 92.52
CA ASP E 23 -68.33 -68.19 93.41
C ASP E 23 -69.41 -68.96 92.63
N PHE E 24 -69.90 -68.36 91.53
CA PHE E 24 -70.96 -68.89 90.69
C PHE E 24 -72.30 -68.87 91.40
N ALA E 25 -72.31 -68.50 92.68
CA ALA E 25 -73.54 -68.30 93.44
C ALA E 25 -74.01 -66.86 93.38
N ASN E 26 -73.18 -65.93 93.85
CA ASN E 26 -73.46 -64.51 93.65
C ASN E 26 -72.87 -64.00 92.35
N ASP E 27 -72.10 -64.83 91.64
CA ASP E 27 -71.59 -64.53 90.30
C ASP E 27 -70.83 -63.22 90.26
N LYS E 28 -70.23 -62.82 91.38
CA LYS E 28 -69.61 -61.52 91.46
C LYS E 28 -68.17 -61.54 91.95
N ASP E 29 -67.70 -62.62 92.55
CA ASP E 29 -66.39 -62.68 93.18
C ASP E 29 -65.49 -63.65 92.42
N THR E 30 -64.28 -63.20 92.11
CA THR E 30 -63.30 -64.01 91.41
C THR E 30 -61.98 -63.97 92.16
N LEU E 31 -61.43 -65.14 92.46
CA LEU E 31 -60.20 -65.29 93.21
C LEU E 31 -59.12 -65.84 92.28
N ALA E 32 -58.04 -65.09 92.13
CA ALA E 32 -56.96 -65.45 91.21
C ALA E 32 -55.69 -65.72 91.98
N TYR E 33 -55.02 -66.82 91.61
CA TYR E 33 -53.69 -67.17 92.07
C TYR E 33 -52.77 -67.05 90.87
N LYS E 34 -51.76 -66.21 90.98
CA LYS E 34 -50.85 -65.92 89.88
C LYS E 34 -49.43 -66.22 90.32
N ARG E 35 -48.65 -66.79 89.40
CA ARG E 35 -47.31 -67.30 89.64
C ARG E 35 -46.35 -66.65 88.67
N LEU E 36 -45.13 -66.35 89.13
CA LEU E 36 -44.12 -65.79 88.26
C LEU E 36 -42.76 -66.26 88.77
N ALA E 37 -42.23 -67.31 88.14
CA ALA E 37 -40.99 -67.91 88.61
C ALA E 37 -39.83 -66.91 88.50
N PRO E 38 -38.86 -67.00 89.42
CA PRO E 38 -37.68 -66.13 89.32
C PRO E 38 -36.88 -66.42 88.06
N LYS E 39 -36.33 -65.36 87.48
CA LYS E 39 -35.47 -65.48 86.32
C LYS E 39 -34.08 -65.04 86.72
N ARG E 40 -33.08 -65.88 86.44
CA ARG E 40 -31.70 -65.64 86.84
C ARG E 40 -31.03 -64.78 85.77
N THR E 41 -31.45 -63.53 85.72
CA THR E 41 -30.94 -62.60 84.71
C THR E 41 -29.54 -62.10 85.02
N LYS E 42 -29.07 -62.32 86.23
CA LYS E 42 -27.73 -61.93 86.63
C LYS E 42 -27.23 -62.95 87.65
N ASP E 43 -26.20 -62.57 88.40
CA ASP E 43 -25.70 -63.39 89.50
C ASP E 43 -26.81 -63.66 90.51
N SER E 44 -27.79 -62.76 90.56
CA SER E 44 -28.96 -62.98 91.41
C SER E 44 -29.74 -64.19 90.91
N PRO E 45 -30.37 -64.96 91.80
CA PRO E 45 -31.27 -66.03 91.34
C PRO E 45 -32.64 -65.53 90.90
N GLY E 46 -32.86 -64.21 90.90
CA GLY E 46 -34.14 -63.64 90.54
C GLY E 46 -35.08 -63.55 91.72
N MET E 47 -36.24 -62.96 91.46
CA MET E 47 -37.29 -62.83 92.46
C MET E 47 -38.48 -63.69 92.05
N ALA E 48 -38.94 -64.52 92.98
CA ALA E 48 -40.15 -65.32 92.78
C ALA E 48 -41.36 -64.46 93.14
N LYS E 49 -42.21 -64.18 92.16
CA LYS E 49 -43.39 -63.38 92.37
C LYS E 49 -44.62 -64.28 92.54
N SER E 50 -45.45 -63.95 93.51
CA SER E 50 -46.77 -64.56 93.64
C SER E 50 -47.81 -63.45 93.74
N GLU E 51 -49.06 -63.81 93.44
CA GLU E 51 -50.14 -62.85 93.50
C GLU E 51 -51.42 -63.57 93.90
N LEU E 52 -52.15 -63.02 94.87
CA LEU E 52 -53.44 -63.59 95.26
C LEU E 52 -54.44 -62.45 95.33
N LYS E 53 -55.33 -62.38 94.34
CA LYS E 53 -56.21 -61.23 94.24
C LYS E 53 -57.67 -61.66 94.25
N ILE E 54 -58.49 -60.85 94.89
CA ILE E 54 -59.94 -61.04 94.93
C ILE E 54 -60.57 -59.85 94.23
N THR E 55 -61.49 -60.12 93.32
CA THR E 55 -62.15 -59.10 92.53
C THR E 55 -63.65 -59.25 92.65
N ARG E 56 -64.32 -58.15 92.98
CA ARG E 56 -65.77 -58.12 93.03
C ARG E 56 -66.26 -57.17 91.94
N VAL E 57 -67.16 -57.68 91.10
CA VAL E 57 -67.87 -56.85 90.14
C VAL E 57 -69.34 -57.20 90.25
N ASP E 58 -70.19 -56.18 90.24
CA ASP E 58 -71.61 -56.50 90.26
C ASP E 58 -72.03 -57.10 88.93
N PRO E 59 -72.60 -58.30 88.90
CA PRO E 59 -72.82 -58.99 87.62
C PRO E 59 -74.11 -58.59 86.92
N THR E 60 -74.40 -57.29 86.91
CA THR E 60 -75.52 -56.79 86.10
C THR E 60 -75.01 -55.72 85.14
N THR E 61 -74.24 -54.77 85.65
CA THR E 61 -73.66 -53.71 84.85
C THR E 61 -72.15 -53.83 84.70
N GLY E 62 -71.53 -54.76 85.41
CA GLY E 62 -70.11 -54.99 85.25
C GLY E 62 -69.21 -53.85 85.64
N VAL E 63 -69.56 -53.11 86.68
CA VAL E 63 -68.67 -52.10 87.24
C VAL E 63 -67.91 -52.73 88.39
N LEU E 64 -66.59 -52.50 88.42
CA LEU E 64 -65.74 -53.11 89.42
C LEU E 64 -66.02 -52.45 90.77
N ILE E 65 -66.46 -53.24 91.75
CA ILE E 65 -66.66 -52.70 93.09
C ILE E 65 -65.32 -52.49 93.80
N GLY E 66 -64.42 -53.46 93.71
CA GLY E 66 -63.14 -53.32 94.36
C GLY E 66 -62.25 -54.54 94.16
N ILE E 67 -60.96 -54.33 94.37
CA ILE E 67 -59.94 -55.36 94.28
C ILE E 67 -59.07 -55.30 95.52
N VAL E 68 -58.77 -56.46 96.10
CA VAL E 68 -57.76 -56.59 97.14
C VAL E 68 -56.73 -57.61 96.65
N ASN E 69 -55.47 -57.20 96.66
CA ASN E 69 -54.39 -57.96 96.05
C ASN E 69 -53.31 -58.23 97.07
N VAL E 70 -52.84 -59.48 97.14
CA VAL E 70 -51.73 -59.86 98.00
C VAL E 70 -50.61 -60.33 97.10
N SER E 71 -49.59 -59.50 96.94
CA SER E 71 -48.46 -59.79 96.06
C SER E 71 -47.22 -60.07 96.89
N SER E 72 -46.38 -60.97 96.40
CA SER E 72 -45.12 -61.28 97.05
C SER E 72 -44.01 -61.22 96.01
N SER E 73 -42.88 -60.67 96.42
CA SER E 73 -41.67 -60.64 95.59
C SER E 73 -40.51 -61.01 96.50
N ILE E 74 -40.16 -62.29 96.51
CA ILE E 74 -39.15 -62.82 97.41
C ILE E 74 -38.01 -63.40 96.56
N ARG E 75 -36.78 -63.16 97.02
CA ARG E 75 -35.62 -63.73 96.36
C ARG E 75 -35.73 -65.25 96.30
N ALA E 76 -35.31 -65.82 95.16
CA ALA E 76 -35.34 -67.26 95.02
C ALA E 76 -34.44 -67.94 96.05
N ASP E 77 -33.33 -67.30 96.41
CA ASP E 77 -32.43 -67.85 97.40
C ASP E 77 -32.89 -67.60 98.84
N ALA E 78 -33.93 -66.78 99.03
CA ALA E 78 -34.32 -66.40 100.38
C ALA E 78 -34.77 -67.62 101.18
N THR E 79 -34.27 -67.70 102.41
CA THR E 79 -34.56 -68.84 103.26
C THR E 79 -36.04 -68.86 103.63
N ALA E 80 -36.52 -70.06 103.98
CA ALA E 80 -37.89 -70.20 104.43
C ALA E 80 -38.14 -69.40 105.70
N ALA E 81 -37.08 -69.07 106.45
CA ALA E 81 -37.24 -68.23 107.63
C ALA E 81 -37.73 -66.84 107.26
N ASP E 82 -37.07 -66.21 106.28
CA ASP E 82 -37.50 -64.88 105.86
C ASP E 82 -38.91 -64.92 105.26
N LYS E 83 -39.20 -65.97 104.49
CA LYS E 83 -40.51 -66.08 103.85
C LYS E 83 -41.62 -66.26 104.88
N THR E 84 -41.40 -67.13 105.86
CA THR E 84 -42.39 -67.31 106.92
C THR E 84 -42.53 -66.06 107.76
N ALA E 85 -41.43 -65.36 108.05
CA ALA E 85 -41.51 -64.13 108.81
C ALA E 85 -42.28 -63.07 108.06
N LEU E 86 -42.06 -62.97 106.75
CA LEU E 86 -42.79 -62.02 105.93
C LEU E 86 -44.29 -62.31 105.97
N MET E 87 -44.66 -63.57 105.80
CA MET E 87 -46.09 -63.90 105.84
C MET E 87 -46.67 -63.64 107.21
N ALA E 88 -45.94 -63.99 108.27
CA ALA E 88 -46.44 -63.79 109.62
C ALA E 88 -46.64 -62.32 109.93
N ILE E 89 -45.68 -61.48 109.53
CA ILE E 89 -45.81 -60.05 109.78
C ILE E 89 -46.99 -59.49 109.00
N ILE E 90 -47.12 -59.86 107.73
CA ILE E 90 -48.19 -59.26 106.93
C ILE E 90 -49.55 -59.72 107.41
N THR E 91 -49.68 -60.99 107.81
CA THR E 91 -50.96 -61.48 108.31
C THR E 91 -51.30 -60.85 109.64
N ALA E 92 -50.30 -60.67 110.52
CA ALA E 92 -50.54 -60.00 111.78
C ALA E 92 -50.97 -58.56 111.56
N ALA E 93 -50.34 -57.87 110.61
CA ALA E 93 -50.73 -56.50 110.30
C ALA E 93 -52.14 -56.44 109.74
N GLN E 94 -52.51 -57.38 108.88
CA GLN E 94 -53.87 -57.40 108.34
C GLN E 94 -54.89 -57.65 109.43
N ALA E 95 -54.61 -58.59 110.34
CA ALA E 95 -55.52 -58.86 111.44
C ALA E 95 -55.68 -57.66 112.35
N ASP E 96 -54.68 -56.79 112.42
CA ASP E 96 -54.75 -55.58 113.23
C ASP E 96 -55.76 -54.60 112.64
N GLY E 97 -56.36 -53.80 113.51
CA GLY E 97 -57.39 -52.86 113.08
C GLY E 97 -56.88 -51.74 112.20
N ALA E 98 -55.58 -51.47 112.21
CA ALA E 98 -55.04 -50.40 111.39
C ALA E 98 -55.30 -50.65 109.90
N TRP E 99 -55.10 -51.89 109.44
CA TRP E 99 -55.41 -52.24 108.07
C TRP E 99 -56.91 -52.13 107.80
N THR E 100 -57.72 -52.57 108.77
CA THR E 100 -59.17 -52.51 108.61
C THR E 100 -59.66 -51.07 108.43
N GLU E 101 -59.02 -50.11 109.09
CA GLU E 101 -59.38 -48.70 108.91
C GLU E 101 -58.73 -48.07 107.69
N LEU E 102 -57.50 -48.46 107.36
CA LEU E 102 -56.87 -47.98 106.13
C LEU E 102 -57.74 -48.31 104.93
N VAL E 103 -58.25 -49.53 104.87
CA VAL E 103 -59.38 -49.80 104.00
C VAL E 103 -60.64 -49.29 104.69
N THR E 104 -61.63 -48.90 103.89
CA THR E 104 -62.93 -48.43 104.39
C THR E 104 -62.86 -47.06 105.08
N ASP E 105 -61.67 -46.53 105.34
CA ASP E 105 -61.57 -45.20 105.91
C ASP E 105 -60.47 -44.35 105.31
N GLN E 106 -59.50 -44.93 104.62
CA GLN E 106 -58.28 -44.26 104.22
C GLN E 106 -57.62 -43.57 105.42
N ARG E 107 -57.60 -44.27 106.54
CA ARG E 107 -57.08 -43.76 107.80
C ARG E 107 -55.67 -44.34 108.03
N LEU E 108 -54.69 -43.46 108.07
CA LEU E 108 -53.32 -43.89 108.37
C LEU E 108 -53.15 -44.14 109.86
N PRO E 109 -52.26 -45.07 110.22
CA PRO E 109 -52.01 -45.32 111.64
C PRO E 109 -51.20 -44.21 112.27
N LEU E 110 -51.83 -43.06 112.51
CA LEU E 110 -51.19 -41.96 113.21
C LEU E 110 -52.13 -41.22 114.16
N ALA E 111 -53.34 -41.71 114.37
CA ALA E 111 -54.28 -41.04 115.25
C ALA E 111 -53.85 -41.18 116.70
N THR E 112 -54.06 -40.12 117.49
CA THR E 112 -53.73 -40.12 118.91
C THR E 112 -54.84 -40.70 119.78
N VAL E 113 -55.98 -41.04 119.18
CA VAL E 113 -57.14 -41.60 119.89
C VAL E 113 -57.65 -40.64 120.97
N SER F 1 -31.39 -106.50 73.07
CA SER F 1 -30.62 -107.72 73.05
C SER F 1 -31.39 -108.88 72.42
N LYS F 2 -32.30 -109.47 73.18
CA LYS F 2 -33.01 -110.66 72.75
C LYS F 2 -34.51 -110.43 72.97
N VAL F 3 -35.28 -111.52 72.93
CA VAL F 3 -36.72 -111.52 72.72
C VAL F 3 -37.42 -110.44 73.53
N PHE F 4 -38.16 -109.57 72.83
CA PHE F 4 -38.95 -108.51 73.41
C PHE F 4 -40.35 -108.60 72.86
N ASN F 5 -41.34 -108.63 73.74
CA ASN F 5 -42.74 -108.70 73.34
C ASN F 5 -42.96 -109.91 72.42
N THR F 6 -42.38 -111.03 72.81
CA THR F 6 -42.43 -112.32 72.11
C THR F 6 -41.86 -112.29 70.71
N GLN F 7 -41.16 -111.21 70.32
CA GLN F 7 -40.49 -111.15 69.04
C GLN F 7 -39.00 -111.31 69.24
N THR F 8 -38.35 -112.05 68.36
CA THR F 8 -36.92 -112.29 68.44
C THR F 8 -36.20 -111.18 67.66
N PHE F 9 -35.33 -110.45 68.34
CA PHE F 9 -34.54 -109.41 67.72
C PHE F 9 -33.10 -109.91 67.63
N ASP F 10 -32.63 -110.06 66.41
CA ASP F 10 -31.26 -110.49 66.15
C ASP F 10 -30.44 -109.29 65.67
N ILE F 11 -29.16 -109.30 65.98
CA ILE F 11 -28.31 -108.18 65.60
C ILE F 11 -28.29 -108.07 64.08
N TYR F 12 -28.64 -106.88 63.59
CA TYR F 12 -28.60 -106.60 62.16
C TYR F 12 -27.32 -105.90 61.74
N SER F 13 -26.81 -105.00 62.57
CA SER F 13 -25.60 -104.27 62.21
C SER F 13 -24.93 -103.80 63.49
N THR F 14 -23.61 -103.80 63.46
CA THR F 14 -22.85 -103.26 64.58
C THR F 14 -21.97 -102.14 64.07
N GLU F 15 -21.98 -101.02 64.77
CA GLU F 15 -21.23 -99.83 64.42
C GLU F 15 -20.37 -99.43 65.61
N LYS F 16 -19.51 -98.43 65.39
CA LYS F 16 -18.67 -97.90 66.46
C LYS F 16 -19.50 -97.53 67.69
N ASP F 17 -20.56 -96.75 67.49
CA ASP F 17 -21.41 -96.30 68.58
C ASP F 17 -22.87 -96.67 68.37
N VAL F 18 -23.18 -97.57 67.44
CA VAL F 18 -24.55 -97.94 67.13
C VAL F 18 -24.63 -99.46 67.03
N VAL F 19 -25.70 -100.03 67.59
CA VAL F 19 -26.00 -101.44 67.42
C VAL F 19 -27.47 -101.56 67.03
N SER F 20 -27.73 -102.24 65.91
CA SER F 20 -29.07 -102.36 65.37
C SER F 20 -29.49 -103.81 65.31
N LEU F 21 -30.65 -104.11 65.87
CA LEU F 21 -31.26 -105.43 65.86
C LEU F 21 -32.52 -105.41 65.02
N ARG F 22 -32.77 -106.51 64.32
CA ARG F 22 -33.94 -106.60 63.47
C ARG F 22 -34.72 -107.84 63.87
N ASP F 23 -36.05 -107.76 63.76
CA ASP F 23 -36.89 -108.92 64.08
C ASP F 23 -36.61 -110.08 63.13
N PHE F 24 -36.51 -109.79 61.83
CA PHE F 24 -36.21 -110.77 60.78
C PHE F 24 -37.35 -111.76 60.60
N ALA F 25 -38.38 -111.67 61.43
CA ALA F 25 -39.59 -112.47 61.28
C ALA F 25 -40.72 -111.67 60.65
N ASN F 26 -41.10 -110.55 61.26
CA ASN F 26 -42.02 -109.64 60.61
C ASN F 26 -41.31 -108.71 59.64
N ASP F 27 -39.98 -108.63 59.71
CA ASP F 27 -39.17 -107.79 58.82
C ASP F 27 -39.66 -106.34 58.82
N LYS F 28 -40.13 -105.86 59.96
CA LYS F 28 -40.68 -104.52 60.05
C LYS F 28 -40.21 -103.74 61.26
N ASP F 29 -39.57 -104.38 62.23
CA ASP F 29 -39.16 -103.73 63.47
C ASP F 29 -37.64 -103.67 63.56
N THR F 30 -37.13 -102.50 63.92
CA THR F 30 -35.70 -102.31 64.13
C THR F 30 -35.47 -101.64 65.47
N LEU F 31 -34.59 -102.21 66.28
CA LEU F 31 -34.24 -101.67 67.59
C LEU F 31 -32.80 -101.18 67.54
N ALA F 32 -32.60 -99.89 67.78
CA ALA F 32 -31.28 -99.26 67.68
C ALA F 32 -30.83 -98.77 69.04
N TYR F 33 -29.60 -99.11 69.40
CA TYR F 33 -28.88 -98.59 70.55
C TYR F 33 -27.85 -97.60 70.02
N LYS F 34 -27.97 -96.33 70.41
CA LYS F 34 -27.11 -95.25 69.98
C LYS F 34 -26.35 -94.70 71.18
N ARG F 35 -25.06 -94.45 70.98
CA ARG F 35 -24.15 -94.02 72.04
C ARG F 35 -23.51 -92.70 71.65
N LEU F 36 -23.22 -91.86 72.63
CA LEU F 36 -22.51 -90.60 72.36
C LEU F 36 -21.82 -90.16 73.64
N ALA F 37 -20.49 -90.20 73.64
CA ALA F 37 -19.73 -89.86 74.83
C ALA F 37 -19.86 -88.38 75.17
N PRO F 38 -19.83 -88.03 76.45
CA PRO F 38 -19.87 -86.61 76.84
C PRO F 38 -18.61 -85.89 76.38
N LYS F 39 -18.79 -84.65 75.94
CA LYS F 39 -17.68 -83.84 75.47
C LYS F 39 -17.37 -82.75 76.49
N ARG F 40 -16.11 -82.69 76.92
CA ARG F 40 -15.65 -81.68 77.87
C ARG F 40 -15.28 -80.42 77.09
N THR F 41 -16.31 -79.83 76.48
CA THR F 41 -16.11 -78.62 75.69
C THR F 41 -15.82 -77.41 76.56
N LYS F 42 -15.93 -77.57 77.87
CA LYS F 42 -15.72 -76.50 78.82
C LYS F 42 -15.31 -77.13 80.15
N ASP F 43 -15.40 -76.36 81.23
CA ASP F 43 -15.17 -76.89 82.57
C ASP F 43 -16.07 -78.09 82.83
N SER F 44 -17.31 -78.01 82.34
CA SER F 44 -18.26 -79.11 82.53
C SER F 44 -17.77 -80.36 81.81
N PRO F 45 -17.91 -81.54 82.41
CA PRO F 45 -17.43 -82.76 81.75
C PRO F 45 -18.27 -83.19 80.56
N GLY F 46 -19.38 -82.50 80.28
CA GLY F 46 -20.22 -82.84 79.16
C GLY F 46 -21.37 -83.75 79.52
N MET F 47 -22.24 -83.96 78.53
CA MET F 47 -23.45 -84.74 78.71
C MET F 47 -23.35 -86.02 77.90
N ALA F 48 -23.53 -87.16 78.55
CA ALA F 48 -23.43 -88.46 77.90
C ALA F 48 -24.79 -88.80 77.29
N LYS F 49 -24.85 -88.86 75.96
CA LYS F 49 -26.08 -89.14 75.24
C LYS F 49 -26.25 -90.63 75.03
N SER F 50 -27.44 -91.12 75.36
CA SER F 50 -27.83 -92.48 75.05
C SER F 50 -29.12 -92.43 74.26
N GLU F 51 -29.38 -93.49 73.50
CA GLU F 51 -30.62 -93.53 72.75
C GLU F 51 -31.02 -94.98 72.52
N LEU F 52 -32.29 -95.29 72.76
CA LEU F 52 -32.87 -96.60 72.50
C LEU F 52 -34.15 -96.38 71.72
N LYS F 53 -34.17 -96.78 70.46
CA LYS F 53 -35.34 -96.51 69.63
C LYS F 53 -35.83 -97.79 68.97
N ILE F 54 -37.14 -97.83 68.75
CA ILE F 54 -37.78 -98.88 67.96
C ILE F 54 -38.49 -98.22 66.79
N THR F 55 -38.20 -98.69 65.59
CA THR F 55 -38.76 -98.14 64.37
C THR F 55 -39.51 -99.23 63.64
N ARG F 56 -40.75 -98.94 63.25
CA ARG F 56 -41.57 -99.88 62.49
C ARG F 56 -41.75 -99.31 61.09
N VAL F 57 -41.39 -100.10 60.10
CA VAL F 57 -41.56 -99.74 58.70
C VAL F 57 -42.37 -100.83 58.02
N ASP F 58 -43.36 -100.42 57.25
CA ASP F 58 -44.22 -101.41 56.61
C ASP F 58 -43.44 -102.15 55.54
N PRO F 59 -43.26 -103.46 55.65
CA PRO F 59 -42.33 -104.15 54.75
C PRO F 59 -42.93 -104.62 53.43
N THR F 60 -43.76 -103.80 52.79
CA THR F 60 -44.11 -104.08 51.40
C THR F 60 -43.89 -102.85 50.53
N THR F 61 -44.18 -101.66 51.07
CA THR F 61 -43.90 -100.41 50.37
C THR F 61 -42.92 -99.52 51.12
N GLY F 62 -42.63 -99.81 52.39
CA GLY F 62 -41.65 -99.06 53.13
C GLY F 62 -42.13 -97.78 53.76
N VAL F 63 -43.37 -97.73 54.24
CA VAL F 63 -43.90 -96.55 54.90
C VAL F 63 -43.68 -96.67 56.40
N LEU F 64 -43.08 -95.63 56.99
CA LEU F 64 -42.81 -95.60 58.41
C LEU F 64 -44.11 -95.58 59.20
N ILE F 65 -44.42 -96.68 59.87
CA ILE F 65 -45.61 -96.72 60.72
C ILE F 65 -45.44 -95.85 61.95
N GLY F 66 -44.33 -95.98 62.64
CA GLY F 66 -44.14 -95.22 63.86
C GLY F 66 -42.76 -95.45 64.44
N ILE F 67 -42.38 -94.53 65.34
CA ILE F 67 -41.14 -94.59 66.08
C ILE F 67 -41.41 -94.26 67.54
N VAL F 68 -40.90 -95.08 68.43
CA VAL F 68 -40.82 -94.73 69.85
C VAL F 68 -39.35 -94.70 70.22
N ASN F 69 -38.88 -93.56 70.71
CA ASN F 69 -37.48 -93.36 71.01
C ASN F 69 -37.31 -92.97 72.47
N VAL F 70 -36.34 -93.58 73.13
CA VAL F 70 -35.97 -93.23 74.49
C VAL F 70 -34.56 -92.67 74.44
N SER F 71 -34.41 -91.40 74.77
CA SER F 71 -33.12 -90.72 74.72
C SER F 71 -32.75 -90.23 76.11
N SER F 72 -31.46 -90.24 76.40
CA SER F 72 -30.94 -89.76 77.67
C SER F 72 -29.85 -88.74 77.44
N SER F 73 -29.85 -87.69 78.24
CA SER F 73 -28.81 -86.66 78.22
C SER F 73 -28.48 -86.38 79.68
N ILE F 74 -27.48 -87.08 80.20
CA ILE F 74 -27.11 -87.01 81.61
C ILE F 74 -25.70 -86.48 81.71
N ARG F 75 -25.47 -85.60 82.70
CA ARG F 75 -24.14 -85.08 82.95
C ARG F 75 -23.15 -86.22 83.15
N ALA F 76 -21.95 -86.04 82.61
CA ALA F 76 -20.90 -87.04 82.78
C ALA F 76 -20.56 -87.23 84.25
N ASP F 77 -20.71 -86.20 85.07
CA ASP F 77 -20.41 -86.28 86.49
C ASP F 77 -21.61 -86.70 87.33
N ALA F 78 -22.78 -86.85 86.73
CA ALA F 78 -23.98 -87.14 87.51
C ALA F 78 -23.85 -88.48 88.23
N THR F 79 -24.30 -88.49 89.47
CA THR F 79 -24.15 -89.67 90.31
C THR F 79 -25.03 -90.81 89.80
N ALA F 80 -24.59 -92.03 90.11
CA ALA F 80 -25.40 -93.20 89.75
C ALA F 80 -26.76 -93.16 90.41
N ALA F 81 -26.87 -92.50 91.57
CA ALA F 81 -28.18 -92.30 92.19
C ALA F 81 -29.08 -91.45 91.30
N ASP F 82 -28.53 -90.37 90.73
CA ASP F 82 -29.32 -89.54 89.83
C ASP F 82 -29.80 -90.33 88.62
N LYS F 83 -28.91 -91.13 88.02
CA LYS F 83 -29.27 -91.88 86.83
C LYS F 83 -30.29 -92.97 87.15
N THR F 84 -30.11 -93.65 88.28
CA THR F 84 -31.09 -94.65 88.68
C THR F 84 -32.44 -94.02 88.95
N ALA F 85 -32.46 -92.85 89.62
CA ALA F 85 -33.71 -92.16 89.88
C ALA F 85 -34.39 -91.73 88.60
N LEU F 86 -33.63 -91.20 87.64
CA LEU F 86 -34.20 -90.79 86.36
C LEU F 86 -34.83 -91.98 85.65
N MET F 87 -34.09 -93.09 85.58
CA MET F 87 -34.58 -94.27 84.90
C MET F 87 -35.83 -94.83 85.60
N ALA F 88 -35.83 -94.86 86.92
CA ALA F 88 -36.97 -95.39 87.66
C ALA F 88 -38.19 -94.50 87.49
N ILE F 89 -38.02 -93.18 87.54
CA ILE F 89 -39.14 -92.27 87.36
C ILE F 89 -39.73 -92.44 85.96
N ILE F 90 -38.87 -92.46 84.93
CA ILE F 90 -39.41 -92.56 83.58
C ILE F 90 -40.06 -93.92 83.35
N THR F 91 -39.50 -94.99 83.93
CA THR F 91 -40.12 -96.30 83.76
C THR F 91 -41.48 -96.37 84.46
N ALA F 92 -41.58 -95.80 85.65
CA ALA F 92 -42.86 -95.77 86.36
C ALA F 92 -43.88 -94.93 85.60
N ALA F 93 -43.45 -93.80 85.04
CA ALA F 93 -44.37 -92.98 84.26
C ALA F 93 -44.85 -93.71 83.02
N GLN F 94 -43.96 -94.44 82.34
CA GLN F 94 -44.38 -95.23 81.19
C GLN F 94 -45.34 -96.33 81.59
N ALA F 95 -45.10 -96.95 82.75
CA ALA F 95 -46.03 -97.96 83.26
C ALA F 95 -47.37 -97.36 83.62
N ASP F 96 -47.42 -96.08 83.95
CA ASP F 96 -48.68 -95.41 84.24
C ASP F 96 -49.49 -95.29 82.96
N GLY F 97 -50.82 -95.20 83.14
CA GLY F 97 -51.72 -95.16 82.00
C GLY F 97 -51.77 -93.83 81.28
N ALA F 98 -51.28 -92.77 81.92
CA ALA F 98 -51.25 -91.46 81.27
C ALA F 98 -50.40 -91.51 80.00
N TRP F 99 -49.30 -92.26 80.04
CA TRP F 99 -48.49 -92.45 78.84
C TRP F 99 -49.24 -93.26 77.79
N THR F 100 -49.94 -94.31 78.22
CA THR F 100 -50.68 -95.14 77.28
C THR F 100 -51.85 -94.38 76.66
N GLU F 101 -52.23 -93.25 77.24
CA GLU F 101 -53.23 -92.37 76.63
C GLU F 101 -52.60 -91.30 75.77
N LEU F 102 -51.50 -90.70 76.23
CA LEU F 102 -50.76 -89.73 75.43
C LEU F 102 -50.37 -90.33 74.09
N VAL F 103 -49.82 -91.53 74.12
CA VAL F 103 -49.73 -92.34 72.92
C VAL F 103 -51.08 -93.01 72.72
N THR F 104 -51.50 -93.14 71.47
CA THR F 104 -52.76 -93.76 71.03
C THR F 104 -53.97 -92.86 71.22
N ASP F 105 -53.85 -91.75 71.94
CA ASP F 105 -54.98 -90.83 71.99
C ASP F 105 -54.61 -89.36 71.97
N GLN F 106 -53.36 -89.00 72.20
CA GLN F 106 -52.95 -87.61 72.40
C GLN F 106 -53.73 -87.00 73.55
N ARG F 107 -53.96 -87.79 74.59
CA ARG F 107 -54.71 -87.37 75.76
C ARG F 107 -53.74 -86.97 76.87
N LEU F 108 -53.81 -85.76 77.27
CA LEU F 108 -52.96 -85.22 78.32
C LEU F 108 -53.55 -85.54 79.69
N PRO F 109 -52.71 -85.63 80.71
CA PRO F 109 -53.23 -85.87 82.06
C PRO F 109 -53.85 -84.62 82.66
N LEU F 110 -54.94 -84.15 82.06
CA LEU F 110 -55.69 -83.03 82.59
C LEU F 110 -57.20 -83.25 82.56
N ALA F 111 -57.68 -84.32 81.94
CA ALA F 111 -59.10 -84.60 81.92
C ALA F 111 -59.61 -84.90 83.33
N THR F 112 -60.83 -84.46 83.62
CA THR F 112 -61.42 -84.63 84.93
C THR F 112 -62.10 -85.98 85.12
N VAL F 113 -62.16 -86.80 84.07
CA VAL F 113 -62.78 -88.13 84.11
C VAL F 113 -64.26 -88.04 84.49
N SER G 1 30.86 30.59 125.97
CA SER G 1 29.85 30.36 126.99
C SER G 1 29.43 31.66 127.66
N LYS G 2 30.38 32.31 128.33
CA LYS G 2 30.13 33.56 129.02
C LYS G 2 31.32 34.48 128.74
N VAL G 3 31.44 35.55 129.54
CA VAL G 3 32.37 36.65 129.26
C VAL G 3 33.77 36.16 128.91
N PHE G 4 34.23 36.55 127.72
CA PHE G 4 35.56 36.23 127.22
C PHE G 4 36.17 37.51 126.67
N ASN G 5 37.41 37.79 127.07
CA ASN G 5 38.12 38.99 126.61
C ASN G 5 37.27 40.24 126.90
N THR G 6 36.72 40.29 128.11
CA THR G 6 35.89 41.37 128.61
C THR G 6 34.62 41.59 127.80
N GLN G 7 34.20 40.62 126.99
CA GLN G 7 32.95 40.71 126.25
C GLN G 7 32.01 39.59 126.68
N THR G 8 30.74 39.91 126.83
CA THR G 8 29.75 38.97 127.31
C THR G 8 29.07 38.30 126.13
N PHE G 9 29.21 36.98 126.03
CA PHE G 9 28.64 36.21 124.94
C PHE G 9 27.41 35.48 125.46
N ASP G 10 26.25 35.84 124.95
CA ASP G 10 24.98 35.21 125.30
C ASP G 10 24.49 34.36 124.14
N ILE G 11 23.76 33.30 124.46
CA ILE G 11 23.30 32.38 123.44
C ILE G 11 22.37 33.10 122.48
N TYR G 12 22.68 33.02 121.19
CA TYR G 12 21.79 33.51 120.16
C TYR G 12 21.00 32.40 119.49
N SER G 13 21.58 31.22 119.34
CA SER G 13 20.90 30.17 118.60
C SER G 13 21.39 28.81 119.09
N THR G 14 20.52 27.83 118.99
CA THR G 14 20.86 26.45 119.36
C THR G 14 20.31 25.51 118.30
N GLU G 15 21.20 24.71 117.73
CA GLU G 15 20.84 23.69 116.77
C GLU G 15 20.99 22.32 117.41
N LYS G 16 20.83 21.28 116.60
CA LYS G 16 21.08 19.93 117.08
C LYS G 16 22.54 19.76 117.46
N ASP G 17 23.46 20.33 116.68
CA ASP G 17 24.88 20.15 116.91
C ASP G 17 25.66 21.45 116.91
N VAL G 18 25.00 22.60 116.85
CA VAL G 18 25.66 23.89 116.91
C VAL G 18 25.00 24.75 117.98
N VAL G 19 25.83 25.41 118.78
CA VAL G 19 25.38 26.48 119.66
C VAL G 19 26.10 27.75 119.24
N SER G 20 25.35 28.82 119.03
CA SER G 20 25.90 30.10 118.62
C SER G 20 25.59 31.15 119.67
N LEU G 21 26.64 31.86 120.09
CA LEU G 21 26.56 32.94 121.06
C LEU G 21 27.00 34.24 120.40
N ARG G 22 26.40 35.34 120.82
CA ARG G 22 26.72 36.66 120.30
C ARG G 22 27.03 37.59 121.44
N ASP G 23 27.76 38.66 121.13
CA ASP G 23 28.07 39.67 122.13
C ASP G 23 26.84 40.51 122.48
N PHE G 24 26.12 40.95 121.45
CA PHE G 24 24.91 41.77 121.60
C PHE G 24 25.26 43.16 122.11
N ALA G 25 26.53 43.39 122.44
CA ALA G 25 27.02 44.68 122.88
C ALA G 25 27.73 45.44 121.76
N ASN G 26 28.75 44.84 121.17
CA ASN G 26 29.34 45.40 119.95
C ASN G 26 28.70 44.85 118.69
N ASP G 27 27.89 43.79 118.80
CA ASP G 27 27.13 43.24 117.68
C ASP G 27 28.03 42.89 116.51
N LYS G 28 29.23 42.40 116.78
CA LYS G 28 30.18 42.08 115.73
C LYS G 28 30.82 40.71 115.87
N ASP G 29 30.75 40.08 117.04
CA ASP G 29 31.41 38.81 117.27
C ASP G 29 30.38 37.71 117.48
N THR G 30 30.63 36.56 116.86
CA THR G 30 29.83 35.36 117.09
C THR G 30 30.76 34.21 117.40
N LEU G 31 30.46 33.51 118.49
CA LEU G 31 31.24 32.35 118.92
C LEU G 31 30.36 31.10 118.74
N ALA G 32 30.88 30.13 118.01
CA ALA G 32 30.13 28.93 117.66
C ALA G 32 30.84 27.68 118.18
N TYR G 33 30.07 26.83 118.87
CA TYR G 33 30.52 25.51 119.32
C TYR G 33 29.78 24.48 118.47
N LYS G 34 30.53 23.58 117.85
CA LYS G 34 29.99 22.70 116.82
C LYS G 34 30.48 21.28 117.08
N ARG G 35 29.58 20.32 116.84
CA ARG G 35 29.71 18.97 117.35
C ARG G 35 29.42 17.94 116.27
N LEU G 36 30.35 17.01 116.04
CA LEU G 36 30.09 15.85 115.18
C LEU G 36 30.50 14.59 115.91
N ALA G 37 29.53 13.75 116.24
CA ALA G 37 29.84 12.48 116.89
C ALA G 37 30.60 11.55 115.94
N PRO G 38 31.48 10.70 116.47
CA PRO G 38 32.20 9.77 115.59
C PRO G 38 31.28 8.74 114.97
N LYS G 39 31.59 8.35 113.75
CA LYS G 39 30.78 7.38 113.01
C LYS G 39 31.63 6.15 112.69
N ARG G 40 31.16 4.99 113.16
CA ARG G 40 31.87 3.73 112.96
C ARG G 40 31.59 3.25 111.53
N THR G 41 32.42 3.72 110.61
CA THR G 41 32.29 3.33 109.21
C THR G 41 33.18 2.15 108.86
N LYS G 42 34.01 1.69 109.78
CA LYS G 42 34.90 0.56 109.56
C LYS G 42 35.26 -0.02 110.91
N ASP G 43 36.33 -0.83 110.94
CA ASP G 43 36.87 -1.33 112.20
C ASP G 43 37.26 -0.16 113.11
N SER G 44 37.56 0.99 112.51
CA SER G 44 37.76 2.20 113.31
C SER G 44 36.43 2.69 113.86
N PRO G 45 36.39 3.17 115.10
CA PRO G 45 35.14 3.71 115.65
C PRO G 45 34.79 5.10 115.16
N GLY G 46 35.58 5.67 114.26
CA GLY G 46 35.34 7.01 113.77
C GLY G 46 36.07 8.07 114.59
N MET G 47 36.03 9.29 114.07
CA MET G 47 36.67 10.44 114.68
C MET G 47 35.61 11.43 115.12
N ALA G 48 35.70 11.89 116.37
CA ALA G 48 34.79 12.89 116.91
C ALA G 48 35.30 14.27 116.55
N LYS G 49 34.48 15.05 115.87
CA LYS G 49 34.84 16.41 115.49
C LYS G 49 34.28 17.42 116.47
N SER G 50 35.13 18.35 116.87
CA SER G 50 34.71 19.55 117.58
C SER G 50 35.11 20.75 116.74
N GLU G 51 34.41 21.85 116.95
CA GLU G 51 34.77 23.08 116.24
C GLU G 51 34.38 24.26 117.11
N LEU G 52 35.32 25.18 117.31
CA LEU G 52 35.08 26.36 118.14
C LEU G 52 35.57 27.58 117.37
N LYS G 53 34.65 28.34 116.81
CA LYS G 53 35.03 29.44 115.93
C LYS G 53 34.55 30.78 116.49
N ILE G 54 35.39 31.79 116.33
CA ILE G 54 35.00 33.18 116.57
C ILE G 54 35.07 33.93 115.25
N THR G 55 33.96 34.55 114.88
CA THR G 55 33.85 35.33 113.66
C THR G 55 33.56 36.79 114.03
N ARG G 56 34.29 37.71 113.42
CA ARG G 56 34.07 39.14 113.58
C ARG G 56 33.60 39.73 112.27
N VAL G 57 32.46 40.39 112.30
CA VAL G 57 31.89 41.09 111.15
C VAL G 57 31.58 42.51 111.58
N ASP G 58 32.03 43.49 110.80
CA ASP G 58 31.70 44.85 111.19
C ASP G 58 30.20 45.11 111.02
N PRO G 59 29.54 45.69 112.00
CA PRO G 59 28.09 45.87 111.90
C PRO G 59 27.67 47.16 111.21
N THR G 60 28.32 47.49 110.10
CA THR G 60 27.88 48.64 109.30
C THR G 60 27.57 48.20 107.88
N THR G 61 28.47 47.43 107.27
CA THR G 61 28.27 46.89 105.93
C THR G 61 28.30 45.37 105.90
N GLY G 62 28.62 44.72 107.02
CA GLY G 62 28.64 43.27 107.06
C GLY G 62 29.84 42.62 106.43
N VAL G 63 30.98 43.30 106.38
CA VAL G 63 32.20 42.73 105.84
C VAL G 63 32.86 41.89 106.91
N LEU G 64 33.34 40.70 106.54
CA LEU G 64 33.95 39.78 107.48
C LEU G 64 35.38 40.21 107.75
N ILE G 65 35.65 40.67 108.98
CA ILE G 65 36.99 41.09 109.33
C ILE G 65 37.93 39.89 109.46
N GLY G 66 37.49 38.83 110.12
CA GLY G 66 38.35 37.66 110.24
C GLY G 66 37.72 36.61 111.13
N ILE G 67 38.19 35.38 110.94
CA ILE G 67 37.74 34.23 111.70
C ILE G 67 38.96 33.53 112.29
N VAL G 68 38.85 33.13 113.56
CA VAL G 68 39.80 32.22 114.19
C VAL G 68 39.01 30.97 114.60
N ASN G 69 39.48 29.80 114.18
CA ASN G 69 38.79 28.55 114.40
C ASN G 69 39.70 27.56 115.12
N VAL G 70 39.14 26.84 116.07
CA VAL G 70 39.82 25.75 116.76
C VAL G 70 39.02 24.49 116.52
N SER G 71 39.54 23.62 115.65
CA SER G 71 38.86 22.38 115.32
C SER G 71 39.69 21.19 115.79
N SER G 72 39.02 20.21 116.37
CA SER G 72 39.66 18.97 116.81
C SER G 72 39.02 17.79 116.10
N SER G 73 39.84 16.82 115.73
CA SER G 73 39.38 15.57 115.13
C SER G 73 40.14 14.45 115.84
N ILE G 74 39.48 13.81 116.79
CA ILE G 74 40.12 12.84 117.67
C ILE G 74 39.41 11.50 117.55
N ARG G 75 40.20 10.42 117.52
CA ARG G 75 39.67 9.08 117.43
C ARG G 75 38.70 8.79 118.57
N ALA G 76 37.62 8.07 118.25
CA ALA G 76 36.62 7.75 119.26
C ALA G 76 37.20 6.92 120.38
N ASP G 77 38.09 5.98 120.06
CA ASP G 77 38.71 5.13 121.06
C ASP G 77 39.86 5.80 121.78
N ALA G 78 40.24 7.01 121.37
CA ALA G 78 41.44 7.65 121.91
C ALA G 78 41.30 7.90 123.40
N THR G 79 42.40 7.74 124.11
CA THR G 79 42.41 7.89 125.56
C THR G 79 42.21 9.34 125.95
N ALA G 80 41.75 9.55 127.19
CA ALA G 80 41.67 10.90 127.74
C ALA G 80 43.05 11.53 127.85
N ALA G 81 44.08 10.71 128.06
CA ALA G 81 45.46 11.23 128.09
C ALA G 81 45.86 11.81 126.75
N ASP G 82 45.49 11.15 125.65
CA ASP G 82 45.79 11.68 124.33
C ASP G 82 45.13 13.03 124.12
N LYS G 83 43.86 13.14 124.50
CA LYS G 83 43.13 14.38 124.31
C LYS G 83 43.67 15.50 125.18
N THR G 84 44.02 15.18 126.43
CA THR G 84 44.63 16.18 127.30
C THR G 84 45.97 16.64 126.76
N ALA G 85 46.78 15.71 126.24
CA ALA G 85 48.06 16.08 125.67
C ALA G 85 47.88 16.96 124.45
N LEU G 86 46.94 16.62 123.58
CA LEU G 86 46.70 17.43 122.39
C LEU G 86 46.29 18.86 122.77
N MET G 87 45.36 18.97 123.71
CA MET G 87 44.89 20.30 124.11
C MET G 87 46.00 21.09 124.80
N ALA G 88 46.77 20.45 125.67
CA ALA G 88 47.87 21.14 126.34
C ALA G 88 48.91 21.61 125.35
N ILE G 89 49.27 20.77 124.37
CA ILE G 89 50.28 21.15 123.39
C ILE G 89 49.79 22.34 122.55
N ILE G 90 48.55 22.25 122.07
CA ILE G 90 48.05 23.33 121.22
C ILE G 90 47.91 24.62 122.01
N THR G 91 47.51 24.54 123.28
CA THR G 91 47.38 25.74 124.09
C THR G 91 48.75 26.35 124.38
N ALA G 92 49.76 25.52 124.66
CA ALA G 92 51.10 26.05 124.88
C ALA G 92 51.65 26.70 123.63
N ALA G 93 51.39 26.10 122.46
CA ALA G 93 51.84 26.69 121.21
C ALA G 93 51.13 28.01 120.94
N GLN G 94 49.85 28.11 121.28
CA GLN G 94 49.13 29.37 121.11
C GLN G 94 49.67 30.44 122.05
N ALA G 95 50.02 30.05 123.28
CA ALA G 95 50.57 31.00 124.23
C ALA G 95 51.94 31.50 123.81
N ASP G 96 52.67 30.72 123.01
CA ASP G 96 53.96 31.16 122.50
C ASP G 96 53.78 32.30 121.49
N GLY G 97 54.82 33.13 121.37
CA GLY G 97 54.77 34.25 120.45
C GLY G 97 54.90 33.86 119.00
N ALA G 98 55.33 32.63 118.72
CA ALA G 98 55.41 32.18 117.34
C ALA G 98 54.04 32.17 116.68
N TRP G 99 53.01 31.72 117.41
CA TRP G 99 51.66 31.78 116.88
C TRP G 99 51.19 33.22 116.75
N THR G 100 51.54 34.06 117.71
CA THR G 100 51.11 35.46 117.67
C THR G 100 51.76 36.21 116.52
N GLU G 101 52.86 35.67 115.97
CA GLU G 101 53.47 36.22 114.78
C GLU G 101 52.93 35.60 113.50
N LEU G 102 52.75 34.28 113.50
CA LEU G 102 52.10 33.60 112.38
C LEU G 102 50.76 34.25 112.06
N VAL G 103 49.95 34.45 113.07
CA VAL G 103 48.80 35.33 112.94
C VAL G 103 49.30 36.77 113.06
N THR G 104 48.69 37.66 112.28
CA THR G 104 49.01 39.09 112.20
C THR G 104 50.29 39.41 111.45
N ASP G 105 51.13 38.42 111.16
CA ASP G 105 52.38 38.71 110.46
C ASP G 105 52.70 37.75 109.33
N GLN G 106 52.08 36.57 109.28
CA GLN G 106 52.43 35.53 108.33
C GLN G 106 53.92 35.20 108.42
N ARG G 107 54.38 35.04 109.66
CA ARG G 107 55.78 34.78 109.96
C ARG G 107 55.92 33.36 110.48
N LEU G 108 56.75 32.56 109.82
CA LEU G 108 57.04 31.22 110.26
C LEU G 108 58.07 31.25 111.39
N PRO G 109 58.09 30.23 112.26
CA PRO G 109 59.01 30.26 113.40
C PRO G 109 60.42 29.83 113.04
N LEU G 110 60.97 30.40 111.98
CA LEU G 110 62.29 30.04 111.51
C LEU G 110 63.28 31.19 111.49
N ALA G 111 62.88 32.39 111.88
CA ALA G 111 63.81 33.49 112.00
C ALA G 111 64.90 33.17 113.02
N THR G 112 66.11 33.64 112.75
CA THR G 112 67.22 33.44 113.66
C THR G 112 67.34 34.53 114.72
N VAL G 113 66.47 35.53 114.68
CA VAL G 113 66.40 36.62 115.67
C VAL G 113 67.67 37.46 115.69
N SER H 1 57.38 26.26 118.23
CA SER H 1 58.80 26.56 118.17
C SER H 1 59.62 25.61 119.05
N LYS H 2 59.53 25.78 120.36
CA LYS H 2 60.35 25.03 121.30
C LYS H 2 59.42 24.37 122.32
N VAL H 3 60.00 23.94 123.44
CA VAL H 3 59.35 23.07 124.42
C VAL H 3 57.93 23.51 124.74
N PHE H 4 56.98 22.63 124.49
CA PHE H 4 55.57 22.85 124.78
C PHE H 4 55.05 21.63 125.53
N ASN H 5 54.28 21.89 126.60
CA ASN H 5 53.72 20.82 127.42
C ASN H 5 54.82 19.88 127.92
N THR H 6 55.94 20.47 128.34
CA THR H 6 57.16 19.80 128.79
C THR H 6 57.83 18.96 127.71
N GLN H 7 57.34 18.99 126.47
CA GLN H 7 57.91 18.21 125.39
C GLN H 7 58.67 19.11 124.43
N THR H 8 59.89 18.71 124.11
CA THR H 8 60.75 19.45 123.19
C THR H 8 60.38 19.09 121.76
N PHE H 9 59.99 20.09 120.99
CA PHE H 9 59.64 19.91 119.58
C PHE H 9 60.79 20.45 118.74
N ASP H 10 61.54 19.55 118.13
CA ASP H 10 62.66 19.90 117.27
C ASP H 10 62.21 19.85 115.82
N ILE H 11 62.85 20.67 114.99
CA ILE H 11 62.35 20.87 113.63
C ILE H 11 62.42 19.56 112.86
N TYR H 12 61.29 19.19 112.25
CA TYR H 12 61.19 17.97 111.47
C TYR H 12 61.29 18.22 109.98
N SER H 13 60.74 19.32 109.49
CA SER H 13 60.82 19.64 108.07
C SER H 13 60.48 21.11 107.87
N THR H 14 60.95 21.65 106.74
CA THR H 14 60.66 23.03 106.39
C THR H 14 60.20 23.08 104.94
N GLU H 15 59.06 23.72 104.73
CA GLU H 15 58.50 23.97 103.41
C GLU H 15 58.38 25.48 103.24
N LYS H 16 58.12 25.91 102.00
CA LYS H 16 57.96 27.32 101.70
C LYS H 16 56.97 28.00 102.64
N ASP H 17 55.89 27.30 102.98
CA ASP H 17 54.86 27.89 103.83
C ASP H 17 54.53 27.03 105.05
N VAL H 18 55.21 25.92 105.24
CA VAL H 18 54.97 25.04 106.39
C VAL H 18 56.29 24.77 107.09
N VAL H 19 56.26 24.84 108.41
CA VAL H 19 57.37 24.41 109.26
C VAL H 19 56.82 23.39 110.23
N SER H 20 57.40 22.20 110.23
CA SER H 20 56.93 21.09 111.03
C SER H 20 58.01 20.70 112.03
N LEU H 21 57.61 20.56 113.29
CA LEU H 21 58.49 20.17 114.39
C LEU H 21 58.02 18.83 114.94
N ARG H 22 58.96 18.05 115.45
CA ARG H 22 58.66 16.76 116.02
C ARG H 22 59.22 16.68 117.43
N ASP H 23 58.57 15.88 118.27
CA ASP H 23 59.11 15.63 119.61
C ASP H 23 60.43 14.85 119.52
N PHE H 24 60.44 13.76 118.76
CA PHE H 24 61.58 12.87 118.59
C PHE H 24 61.91 12.09 119.86
N ALA H 25 61.22 12.40 120.95
CA ALA H 25 61.31 11.61 122.17
C ALA H 25 60.27 10.51 122.22
N ASN H 26 58.98 10.88 122.14
CA ASN H 26 57.93 9.90 122.00
C ASN H 26 57.59 9.61 120.54
N ASP H 27 58.17 10.36 119.60
CA ASP H 27 58.04 10.11 118.17
C ASP H 27 56.59 10.06 117.72
N LYS H 28 55.71 10.77 118.39
CA LYS H 28 54.29 10.66 118.10
C LYS H 28 53.60 11.98 117.83
N ASP H 29 54.20 13.11 118.19
CA ASP H 29 53.58 14.42 118.09
C ASP H 29 54.30 15.27 117.06
N THR H 30 53.54 15.87 116.15
CA THR H 30 54.10 16.76 115.14
C THR H 30 53.32 18.07 115.16
N LEU H 31 54.04 19.18 115.28
CA LEU H 31 53.48 20.52 115.34
C LEU H 31 53.80 21.26 114.06
N ALA H 32 52.76 21.68 113.33
CA ALA H 32 52.93 22.34 112.05
C ALA H 32 52.45 23.78 112.12
N TYR H 33 53.24 24.68 111.55
CA TYR H 33 52.90 26.09 111.35
C TYR H 33 52.79 26.30 109.85
N LYS H 34 51.63 26.75 109.40
CA LYS H 34 51.36 26.88 107.97
C LYS H 34 50.87 28.28 107.67
N ARG H 35 51.29 28.79 106.53
CA ARG H 35 51.15 30.19 106.15
C ARG H 35 50.53 30.29 104.77
N LEU H 36 49.59 31.22 104.59
CA LEU H 36 49.04 31.50 103.27
C LEU H 36 48.81 33.00 103.17
N ALA H 37 49.72 33.70 102.52
CA ALA H 37 49.63 35.15 102.42
C ALA H 37 48.37 35.54 101.64
N PRO H 38 47.77 36.70 101.96
CA PRO H 38 46.58 37.13 101.24
C PRO H 38 46.86 37.40 99.78
N LYS H 39 45.88 37.10 98.93
CA LYS H 39 45.96 37.35 97.50
C LYS H 39 44.90 38.38 97.13
N ARG H 40 45.33 39.43 96.42
CA ARG H 40 44.47 40.56 96.07
C ARG H 40 43.77 40.26 94.76
N THR H 41 42.84 39.30 94.82
CA THR H 41 42.12 38.87 93.62
C THR H 41 41.08 39.89 93.18
N LYS H 42 40.74 40.83 94.05
CA LYS H 42 39.76 41.87 93.73
C LYS H 42 40.17 43.13 94.48
N ASP H 43 39.23 44.07 94.62
CA ASP H 43 39.45 45.27 95.41
C ASP H 43 39.82 44.91 96.83
N SER H 44 39.33 43.76 97.31
CA SER H 44 39.73 43.27 98.61
C SER H 44 41.22 42.98 98.62
N PRO H 45 41.93 43.24 99.72
CA PRO H 45 43.34 42.85 99.80
C PRO H 45 43.55 41.37 100.08
N GLY H 46 42.48 40.57 100.06
CA GLY H 46 42.56 39.16 100.33
C GLY H 46 42.51 38.84 101.81
N MET H 47 42.51 37.55 102.11
CA MET H 47 42.53 37.04 103.47
C MET H 47 43.87 36.38 103.75
N ALA H 48 44.50 36.77 104.84
CA ALA H 48 45.73 36.12 105.31
C ALA H 48 45.33 34.89 106.13
N LYS H 49 45.73 33.71 105.65
CA LYS H 49 45.44 32.47 106.34
C LYS H 49 46.64 32.02 107.16
N SER H 50 46.39 31.61 108.39
CA SER H 50 47.39 30.92 109.17
C SER H 50 46.81 29.60 109.68
N GLU H 51 47.69 28.68 110.03
CA GLU H 51 47.23 27.39 110.54
C GLU H 51 48.28 26.87 111.52
N LEU H 52 47.82 26.41 112.68
CA LEU H 52 48.70 25.83 113.69
C LEU H 52 48.10 24.52 114.14
N LYS H 53 48.69 23.41 113.72
CA LYS H 53 48.09 22.11 114.00
C LYS H 53 49.03 21.24 114.82
N ILE H 54 48.45 20.43 115.69
CA ILE H 54 49.16 19.39 116.41
C ILE H 54 48.56 18.06 115.99
N THR H 55 49.42 17.11 115.64
CA THR H 55 49.00 15.80 115.21
C THR H 55 49.66 14.75 116.07
N ARG H 56 48.85 13.80 116.55
CA ARG H 56 49.36 12.66 117.30
C ARG H 56 49.06 11.39 116.51
N VAL H 57 50.10 10.62 116.25
CA VAL H 57 49.97 9.31 115.63
C VAL H 57 50.73 8.31 116.50
N ASP H 58 50.19 7.12 116.63
CA ASP H 58 50.91 6.12 117.40
C ASP H 58 52.02 5.59 116.50
N PRO H 59 53.29 5.78 116.84
CA PRO H 59 54.35 5.47 115.88
C PRO H 59 54.78 4.02 115.86
N THR H 60 53.83 3.10 115.94
CA THR H 60 54.14 1.71 115.69
C THR H 60 53.23 1.18 114.59
N THR H 61 51.94 1.49 114.66
CA THR H 61 51.00 1.13 113.61
C THR H 61 50.59 2.32 112.76
N GLY H 62 51.03 3.52 113.11
CA GLY H 62 50.68 4.69 112.34
C GLY H 62 49.22 5.04 112.32
N VAL H 63 48.54 4.91 113.45
CA VAL H 63 47.13 5.25 113.55
C VAL H 63 47.01 6.69 114.03
N LEU H 64 46.20 7.48 113.34
CA LEU H 64 45.89 8.83 113.81
C LEU H 64 45.13 8.73 115.11
N ILE H 65 45.66 9.33 116.17
CA ILE H 65 44.93 9.37 117.42
C ILE H 65 44.08 10.63 117.50
N GLY H 66 44.60 11.76 117.03
CA GLY H 66 43.81 12.96 116.98
C GLY H 66 44.60 14.13 116.42
N ILE H 67 43.85 15.13 115.94
CA ILE H 67 44.39 16.38 115.46
C ILE H 67 43.61 17.51 116.11
N VAL H 68 44.33 18.53 116.59
CA VAL H 68 43.74 19.79 117.02
C VAL H 68 44.39 20.88 116.19
N ASN H 69 43.56 21.68 115.53
CA ASN H 69 44.02 22.65 114.55
C ASN H 69 43.52 24.03 114.92
N VAL H 70 44.40 25.03 114.88
CA VAL H 70 44.04 26.41 115.12
C VAL H 70 44.28 27.18 113.81
N SER H 71 43.20 27.53 113.14
CA SER H 71 43.26 28.18 111.84
C SER H 71 42.75 29.61 111.95
N SER H 72 43.37 30.51 111.19
CA SER H 72 42.97 31.91 111.17
C SER H 72 42.78 32.35 109.73
N SER H 73 41.75 33.13 109.51
CA SER H 73 41.48 33.75 108.21
C SER H 73 41.08 35.20 108.49
N ILE H 74 42.06 36.09 108.48
CA ILE H 74 41.85 37.49 108.83
C ILE H 74 42.11 38.34 107.60
N ARG H 75 41.26 39.34 107.39
CA ARG H 75 41.42 40.24 106.25
C ARG H 75 42.79 40.89 106.28
N ALA H 76 43.41 41.03 105.10
CA ALA H 76 44.75 41.58 105.03
C ALA H 76 44.79 42.99 105.59
N ASP H 77 43.76 43.79 105.34
CA ASP H 77 43.69 45.14 105.86
C ASP H 77 43.20 45.20 107.30
N ALA H 78 42.73 44.09 107.85
CA ALA H 78 42.13 44.11 109.18
C ALA H 78 43.14 44.58 110.22
N THR H 79 42.70 45.50 111.06
CA THR H 79 43.58 46.15 112.01
C THR H 79 44.09 45.15 113.05
N ALA H 80 45.22 45.50 113.66
CA ALA H 80 45.74 44.68 114.74
C ALA H 80 44.79 44.64 115.93
N ALA H 81 43.89 45.62 116.02
CA ALA H 81 42.87 45.59 117.06
C ALA H 81 41.95 44.39 116.88
N ASP H 82 41.42 44.21 115.67
CA ASP H 82 40.55 43.07 115.41
C ASP H 82 41.30 41.76 115.56
N LYS H 83 42.56 41.74 115.12
CA LYS H 83 43.37 40.52 115.21
C LYS H 83 43.62 40.13 116.66
N THR H 84 43.98 41.09 117.50
CA THR H 84 44.21 40.81 118.91
C THR H 84 42.91 40.45 119.62
N ALA H 85 41.80 41.09 119.24
CA ALA H 85 40.52 40.73 119.84
C ALA H 85 40.13 39.31 119.50
N LEU H 86 40.34 38.91 118.24
CA LEU H 86 40.05 37.55 117.82
C LEU H 86 40.90 36.56 118.59
N MET H 87 42.20 36.82 118.70
CA MET H 87 43.08 35.92 119.44
C MET H 87 42.68 35.84 120.90
N ALA H 88 42.40 36.99 121.53
CA ALA H 88 42.05 37.01 122.94
C ALA H 88 40.75 36.26 123.19
N ILE H 89 39.75 36.46 122.34
CA ILE H 89 38.48 35.78 122.53
C ILE H 89 38.65 34.28 122.37
N ILE H 90 39.38 33.85 121.34
CA ILE H 90 39.50 32.41 121.11
C ILE H 90 40.31 31.75 122.22
N THR H 91 41.34 32.43 122.72
CA THR H 91 42.13 31.87 123.82
C THR H 91 41.31 31.82 125.10
N ALA H 92 40.51 32.86 125.37
CA ALA H 92 39.66 32.85 126.54
C ALA H 92 38.63 31.73 126.46
N ALA H 93 38.05 31.52 125.28
CA ALA H 93 37.10 30.44 125.09
C ALA H 93 37.75 29.08 125.27
N GLN H 94 38.97 28.91 124.76
CA GLN H 94 39.67 27.65 124.94
C GLN H 94 39.99 27.38 126.41
N ALA H 95 40.44 28.41 127.13
CA ALA H 95 40.71 28.25 128.55
C ALA H 95 39.45 27.89 129.33
N ASP H 96 38.29 28.30 128.85
CA ASP H 96 37.03 27.96 129.50
C ASP H 96 36.71 26.49 129.33
N GLY H 97 35.98 25.92 130.29
CA GLY H 97 35.74 24.50 130.32
C GLY H 97 34.79 23.99 129.25
N ALA H 98 34.01 24.88 128.63
CA ALA H 98 33.10 24.44 127.59
C ALA H 98 33.85 23.81 126.41
N TRP H 99 34.98 24.41 126.03
CA TRP H 99 35.82 23.78 125.00
C TRP H 99 36.39 22.46 125.48
N THR H 100 36.80 22.40 126.75
CA THR H 100 37.36 21.17 127.30
C THR H 100 36.36 20.03 127.27
N GLU H 101 35.07 20.33 127.40
CA GLU H 101 34.04 19.30 127.30
C GLU H 101 33.59 19.03 125.88
N LEU H 102 33.53 20.06 125.04
CA LEU H 102 33.25 19.86 123.62
C LEU H 102 34.24 18.86 123.02
N VAL H 103 35.51 19.02 123.34
CA VAL H 103 36.46 17.93 123.17
C VAL H 103 36.30 16.96 124.33
N THR H 104 36.56 15.69 124.09
CA THR H 104 36.49 14.62 125.11
C THR H 104 35.06 14.28 125.52
N ASP H 105 34.07 15.06 125.11
CA ASP H 105 32.69 14.71 125.44
C ASP H 105 31.70 14.93 124.31
N GLN H 106 32.05 15.72 123.30
CA GLN H 106 31.10 16.21 122.31
C GLN H 106 29.91 16.88 122.98
N ARG H 107 30.20 17.65 124.02
CA ARG H 107 29.20 18.31 124.84
C ARG H 107 29.09 19.78 124.43
N LEU H 108 27.91 20.16 123.95
CA LEU H 108 27.68 21.55 123.60
C LEU H 108 27.42 22.38 124.85
N PRO H 109 27.77 23.67 124.83
CA PRO H 109 27.57 24.52 126.01
C PRO H 109 26.12 24.89 126.16
N LEU H 110 25.29 23.93 126.57
CA LEU H 110 23.86 24.17 126.75
C LEU H 110 23.27 23.42 127.92
N ALA H 111 24.09 22.74 128.73
CA ALA H 111 23.57 22.01 129.89
C ALA H 111 23.11 22.98 130.96
N THR H 112 22.04 22.61 131.66
CA THR H 112 21.49 23.43 132.73
C THR H 112 22.17 23.20 134.07
N VAL H 113 23.11 22.24 134.14
CA VAL H 113 23.83 21.91 135.36
C VAL H 113 22.88 21.45 136.47
N SER I 1 84.02 55.00 87.07
CA SER I 1 84.72 56.22 86.70
C SER I 1 86.23 56.00 86.64
N LYS I 2 86.86 55.88 87.80
CA LYS I 2 88.31 55.78 87.88
C LYS I 2 88.65 54.57 88.75
N VAL I 3 89.92 54.48 89.17
CA VAL I 3 90.55 53.26 89.65
C VAL I 3 89.67 52.49 90.62
N PHE I 4 89.37 51.23 90.25
CA PHE I 4 88.58 50.30 91.05
C PHE I 4 89.39 49.03 91.21
N ASN I 5 89.50 48.54 92.43
CA ASN I 5 90.24 47.31 92.71
C ASN I 5 91.68 47.41 92.20
N THR I 6 92.27 48.60 92.35
CA THR I 6 93.61 48.96 91.90
C THR I 6 93.79 48.87 90.39
N GLN I 7 92.73 48.67 89.62
CA GLN I 7 92.81 48.70 88.18
C GLN I 7 92.30 50.04 87.68
N THR I 8 92.95 50.56 86.64
CA THR I 8 92.55 51.83 86.05
C THR I 8 91.53 51.55 84.96
N PHE I 9 90.36 52.18 85.08
CA PHE I 9 89.31 52.07 84.07
C PHE I 9 89.22 53.40 83.34
N ASP I 10 89.54 53.39 82.06
CA ASP I 10 89.44 54.57 81.22
C ASP I 10 88.24 54.41 80.31
N ILE I 11 87.61 55.54 79.96
CA ILE I 11 86.40 55.48 79.16
C ILE I 11 86.73 54.90 77.80
N TYR I 12 86.02 53.84 77.42
CA TYR I 12 86.17 53.20 76.13
C TYR I 12 85.14 53.67 75.12
N SER I 13 83.92 53.92 75.56
CA SER I 13 82.85 54.25 74.63
C SER I 13 81.88 55.19 75.31
N THR I 14 81.42 56.17 74.55
CA THR I 14 80.41 57.10 75.03
C THR I 14 79.19 56.97 74.14
N GLU I 15 78.03 56.73 74.76
CA GLU I 15 76.78 56.52 74.05
C GLU I 15 75.73 57.44 74.68
N LYS I 16 74.60 57.57 73.99
CA LYS I 16 73.48 58.36 74.48
C LYS I 16 73.10 57.99 75.91
N ASP I 17 72.91 56.70 76.17
CA ASP I 17 72.50 56.22 77.48
C ASP I 17 73.44 55.17 78.04
N VAL I 18 74.63 55.00 77.46
CA VAL I 18 75.61 54.03 77.94
C VAL I 18 76.98 54.69 77.96
N VAL I 19 77.75 54.41 79.01
CA VAL I 19 79.15 54.79 79.08
C VAL I 19 79.93 53.53 79.45
N SER I 20 80.96 53.21 78.67
CA SER I 20 81.74 52.00 78.87
C SER I 20 83.19 52.35 79.12
N LEU I 21 83.75 51.75 80.17
CA LEU I 21 85.14 51.92 80.56
C LEU I 21 85.88 50.60 80.43
N ARG I 22 87.10 50.66 79.92
CA ARG I 22 87.94 49.48 79.77
C ARG I 22 89.14 49.63 80.68
N ASP I 23 89.64 48.50 81.17
CA ASP I 23 90.88 48.52 81.95
C ASP I 23 92.05 48.95 81.08
N PHE I 24 92.15 48.39 79.88
CA PHE I 24 93.19 48.71 78.89
C PHE I 24 94.56 48.23 79.34
N ALA I 25 94.64 47.71 80.56
CA ALA I 25 95.86 47.09 81.07
C ALA I 25 95.78 45.57 81.00
N ASN I 26 94.71 44.98 81.52
CA ASN I 26 94.47 43.56 81.32
C ASN I 26 93.65 43.28 80.07
N ASP I 27 93.01 44.30 79.50
CA ASP I 27 92.19 44.16 78.30
C ASP I 27 91.14 43.07 78.45
N LYS I 28 90.60 42.92 79.65
CA LYS I 28 89.63 41.87 79.90
C LYS I 28 88.42 42.34 80.70
N ASP I 29 88.48 43.51 81.32
CA ASP I 29 87.40 44.00 82.18
C ASP I 29 86.73 45.21 81.54
N THR I 30 85.40 45.18 81.46
CA THR I 30 84.62 46.28 80.95
C THR I 30 83.55 46.67 81.96
N LEU I 31 83.48 47.95 82.29
CA LEU I 31 82.49 48.47 83.23
C LEU I 31 81.53 49.38 82.46
N ALA I 32 80.25 49.01 82.46
CA ALA I 32 79.23 49.71 81.71
C ALA I 32 78.22 50.34 82.65
N TYR I 33 77.97 51.63 82.46
CA TYR I 33 76.89 52.38 83.09
C TYR I 33 75.80 52.55 82.04
N LYS I 34 74.64 51.95 82.27
CA LYS I 34 73.52 52.03 81.35
C LYS I 34 72.34 52.74 82.02
N ARG I 35 71.64 53.54 81.24
CA ARG I 35 70.58 54.43 81.71
C ARG I 35 69.30 54.12 80.95
N LEU I 36 68.16 54.33 81.60
CA LEU I 36 66.88 54.16 80.91
C LEU I 36 65.84 54.99 81.65
N ALA I 37 65.37 56.06 81.01
CA ALA I 37 64.44 56.97 81.66
C ALA I 37 63.08 56.28 81.90
N PRO I 38 62.38 56.66 82.97
CA PRO I 38 61.05 56.10 83.20
C PRO I 38 60.06 56.57 82.14
N LYS I 39 59.16 55.67 81.76
CA LYS I 39 58.16 55.96 80.75
C LYS I 39 56.77 56.02 81.38
N ARG I 40 56.12 57.17 81.22
CA ARG I 40 54.78 57.40 81.76
C ARG I 40 53.77 56.80 80.79
N THR I 41 53.78 55.47 80.71
CA THR I 41 52.86 54.75 79.84
C THR I 41 51.45 54.73 80.39
N LYS I 42 51.25 55.22 81.60
CA LYS I 42 49.96 55.23 82.26
C LYS I 42 49.97 56.35 83.29
N ASP I 43 49.02 56.30 84.22
CA ASP I 43 48.99 57.25 85.33
C ASP I 43 50.31 57.22 86.09
N SER I 44 50.89 56.04 86.24
CA SER I 44 52.17 55.90 86.93
C SER I 44 53.26 56.66 86.18
N PRO I 45 54.15 57.35 86.87
CA PRO I 45 55.19 58.13 86.17
C PRO I 45 56.26 57.27 85.52
N GLY I 46 56.21 55.95 85.67
CA GLY I 46 57.18 55.07 85.06
C GLY I 46 58.29 54.63 86.01
N MET I 47 59.09 53.69 85.52
CA MET I 47 60.12 53.07 86.34
C MET I 47 61.48 53.40 85.73
N ALA I 48 62.34 54.04 86.52
CA ALA I 48 63.64 54.50 86.03
C ALA I 48 64.66 53.38 86.18
N LYS I 49 65.17 52.89 85.05
CA LYS I 49 66.11 51.77 85.05
C LYS I 49 67.55 52.28 85.03
N SER I 50 68.37 51.71 85.90
CA SER I 50 69.80 51.93 85.88
C SER I 50 70.50 50.58 85.79
N GLU I 51 71.73 50.59 85.32
CA GLU I 51 72.50 49.36 85.24
C GLU I 51 73.97 49.68 85.41
N LEU I 52 74.65 48.92 86.26
CA LEU I 52 76.09 49.02 86.44
C LEU I 52 76.63 47.60 86.37
N LYS I 53 77.36 47.28 85.31
CA LYS I 53 77.80 45.91 85.12
C LYS I 53 79.29 45.85 84.82
N ILE I 54 79.93 44.78 85.28
CA ILE I 54 81.32 44.48 84.98
C ILE I 54 81.37 43.15 84.26
N THR I 55 82.02 43.14 83.11
CA THR I 55 82.13 41.95 82.27
C THR I 55 83.60 41.61 82.06
N ARG I 56 83.94 40.36 82.34
CA ARG I 56 85.29 39.87 82.13
C ARG I 56 85.28 38.89 80.98
N VAL I 57 86.11 39.14 79.99
CA VAL I 57 86.25 38.28 78.82
C VAL I 57 87.72 37.93 78.67
N ASP I 58 88.00 36.66 78.48
CA ASP I 58 89.39 36.22 78.41
C ASP I 58 90.04 36.76 77.14
N PRO I 59 91.08 37.58 77.25
CA PRO I 59 91.58 38.29 76.06
C PRO I 59 92.61 37.53 75.24
N THR I 60 92.39 36.24 74.98
CA THR I 60 93.18 35.55 73.97
C THR I 60 92.27 34.81 73.01
N THR I 61 91.16 34.24 73.51
CA THR I 61 90.16 33.59 72.68
C THR I 61 88.79 34.24 72.79
N GLY I 62 88.59 35.14 73.76
CA GLY I 62 87.32 35.84 73.86
C GLY I 62 86.21 35.09 74.54
N VAL I 63 86.51 34.29 75.56
CA VAL I 63 85.49 33.55 76.30
C VAL I 63 85.08 34.36 77.52
N LEU I 64 83.78 34.54 77.68
CA LEU I 64 83.23 35.29 78.80
C LEU I 64 83.47 34.53 80.11
N ILE I 65 84.34 35.07 80.96
CA ILE I 65 84.58 34.46 82.26
C ILE I 65 83.40 34.66 83.18
N GLY I 66 82.90 35.88 83.30
CA GLY I 66 81.80 36.14 84.22
C GLY I 66 81.31 37.56 84.10
N ILE I 67 80.11 37.77 84.65
CA ILE I 67 79.47 39.08 84.69
C ILE I 67 78.85 39.27 86.07
N VAL I 68 79.08 40.43 86.66
CA VAL I 68 78.32 40.89 87.82
C VAL I 68 77.61 42.17 87.42
N ASN I 69 76.29 42.18 87.54
CA ASN I 69 75.48 43.31 87.12
C ASN I 69 74.66 43.81 88.30
N VAL I 70 74.59 45.13 88.45
CA VAL I 70 73.74 45.77 89.43
C VAL I 70 72.71 46.59 88.67
N SER I 71 71.46 46.18 88.74
CA SER I 71 70.37 46.85 88.05
C SER I 71 69.39 47.42 89.07
N SER I 72 68.92 48.63 88.80
CA SER I 72 67.93 49.28 89.64
C SER I 72 66.69 49.58 88.81
N SER I 73 65.53 49.33 89.40
CA SER I 73 64.25 49.65 88.78
C SER I 73 63.45 50.34 89.88
N ILE I 74 63.49 51.67 89.89
CA ILE I 74 62.87 52.47 90.93
C ILE I 74 61.80 53.33 90.31
N ARG I 75 60.67 53.46 90.99
CA ARG I 75 59.58 54.33 90.54
C ARG I 75 60.09 55.74 90.29
N ALA I 76 59.59 56.35 89.21
CA ALA I 76 59.95 57.73 88.91
C ALA I 76 59.54 58.67 90.03
N ASP I 77 58.48 58.32 90.78
CA ASP I 77 58.01 59.15 91.88
C ASP I 77 58.63 58.78 93.22
N ALA I 78 59.44 57.72 93.27
CA ALA I 78 59.96 57.24 94.54
C ALA I 78 60.87 58.28 95.18
N THR I 79 60.76 58.41 96.51
CA THR I 79 61.47 59.45 97.22
C THR I 79 62.96 59.12 97.30
N ALA I 80 63.76 60.17 97.50
CA ALA I 80 65.20 59.99 97.67
C ALA I 80 65.50 59.15 98.90
N ALA I 81 64.63 59.19 99.91
CA ALA I 81 64.80 58.31 101.07
C ALA I 81 64.68 56.85 100.67
N ASP I 82 63.70 56.52 99.82
CA ASP I 82 63.56 55.16 99.35
C ASP I 82 64.79 54.71 98.58
N LYS I 83 65.32 55.58 97.72
CA LYS I 83 66.47 55.19 96.91
C LYS I 83 67.72 55.04 97.76
N THR I 84 67.92 55.93 98.72
CA THR I 84 69.04 55.80 99.63
C THR I 84 68.94 54.53 100.46
N ALA I 85 67.73 54.22 100.93
CA ALA I 85 67.53 53.00 101.70
C ALA I 85 67.80 51.76 100.86
N LEU I 86 67.34 51.75 99.62
CA LEU I 86 67.58 50.60 98.75
C LEU I 86 69.06 50.40 98.50
N MET I 87 69.77 51.50 98.19
CA MET I 87 71.19 51.39 97.95
C MET I 87 71.94 50.95 99.20
N ALA I 88 71.58 51.49 100.36
CA ALA I 88 72.26 51.13 101.60
C ALA I 88 72.01 49.68 101.97
N ILE I 89 70.78 49.20 101.82
CA ILE I 89 70.47 47.81 102.13
C ILE I 89 71.24 46.88 101.21
N ILE I 90 71.21 47.15 99.90
CA ILE I 90 71.90 46.24 98.98
C ILE I 90 73.41 46.30 99.18
N THR I 91 73.97 47.47 99.50
CA THR I 91 75.41 47.57 99.73
C THR I 91 75.80 46.82 101.00
N ALA I 92 75.01 46.94 102.06
CA ALA I 92 75.28 46.19 103.28
C ALA I 92 75.18 44.70 103.05
N ALA I 93 74.18 44.26 102.29
CA ALA I 93 74.04 42.84 101.99
C ALA I 93 75.23 42.31 101.19
N GLN I 94 75.69 43.08 100.19
CA GLN I 94 76.88 42.68 99.46
C GLN I 94 78.10 42.63 100.37
N ALA I 95 78.21 43.58 101.29
CA ALA I 95 79.31 43.56 102.25
C ALA I 95 79.21 42.38 103.21
N ASP I 96 78.00 41.88 103.46
CA ASP I 96 77.84 40.69 104.27
C ASP I 96 78.36 39.47 103.54
N GLY I 97 78.81 38.47 104.30
CA GLY I 97 79.48 37.32 103.71
C GLY I 97 78.55 36.35 103.02
N ALA I 98 77.24 36.45 103.25
CA ALA I 98 76.30 35.58 102.58
C ALA I 98 76.36 35.78 101.06
N TRP I 99 76.58 37.01 100.61
CA TRP I 99 76.76 37.25 99.19
C TRP I 99 78.06 36.64 98.68
N THR I 100 79.13 36.77 99.46
CA THR I 100 80.42 36.21 99.06
C THR I 100 80.39 34.69 99.03
N GLU I 101 79.42 34.08 99.71
CA GLU I 101 79.22 32.65 99.60
C GLU I 101 78.28 32.28 98.45
N LEU I 102 77.21 33.04 98.26
CA LEU I 102 76.31 32.81 97.14
C LEU I 102 77.05 32.88 95.82
N VAL I 103 77.85 33.90 95.64
CA VAL I 103 78.86 33.89 94.59
C VAL I 103 80.03 33.03 95.07
N THR I 104 80.65 32.32 94.14
CA THR I 104 81.81 31.46 94.42
C THR I 104 81.48 30.19 95.19
N ASP I 105 80.27 30.04 95.70
CA ASP I 105 79.89 28.74 96.25
C ASP I 105 78.47 28.30 95.92
N GLN I 106 77.61 29.20 95.47
CA GLN I 106 76.18 28.92 95.33
C GLN I 106 75.61 28.42 96.65
N ARG I 107 76.02 29.07 97.73
CA ARG I 107 75.61 28.71 99.08
C ARG I 107 74.55 29.69 99.55
N LEU I 108 73.41 29.18 99.93
CA LEU I 108 72.31 30.01 100.40
C LEU I 108 72.43 30.27 101.89
N PRO I 109 71.84 31.35 102.37
CA PRO I 109 71.82 31.60 103.82
C PRO I 109 70.82 30.73 104.54
N LEU I 110 71.00 29.42 104.48
CA LEU I 110 70.19 28.49 105.24
C LEU I 110 70.98 27.39 105.93
N ALA I 111 72.27 27.28 105.66
CA ALA I 111 73.10 26.27 106.32
C ALA I 111 73.20 26.58 107.82
N THR I 112 73.23 25.52 108.62
CA THR I 112 73.22 25.67 110.08
C THR I 112 74.63 25.87 110.66
N VAL I 113 75.66 25.82 109.84
CA VAL I 113 77.06 25.99 110.29
C VAL I 113 77.45 24.92 111.31
N SER J 1 43.19 -101.45 74.86
CA SER J 1 42.40 -101.83 76.02
C SER J 1 43.21 -101.64 77.31
N LYS J 2 44.36 -102.30 77.40
CA LYS J 2 45.18 -102.26 78.60
C LYS J 2 46.64 -102.24 78.16
N VAL J 3 47.55 -102.61 79.07
CA VAL J 3 48.98 -102.46 78.86
C VAL J 3 49.44 -103.05 77.52
N PHE J 4 50.01 -102.20 76.67
CA PHE J 4 50.57 -102.58 75.38
C PHE J 4 51.93 -101.94 75.25
N ASN J 5 52.92 -102.73 74.82
CA ASN J 5 54.30 -102.27 74.68
C ASN J 5 54.78 -101.67 76.00
N THR J 6 54.41 -102.33 77.10
CA THR J 6 54.72 -101.94 78.47
C THR J 6 54.19 -100.56 78.83
N GLN J 7 53.14 -100.08 78.17
CA GLN J 7 52.50 -98.82 78.53
C GLN J 7 51.04 -99.06 78.86
N THR J 8 50.56 -98.42 79.92
CA THR J 8 49.19 -98.61 80.40
C THR J 8 48.28 -97.62 79.70
N PHE J 9 47.31 -98.14 78.95
CA PHE J 9 46.33 -97.31 78.26
C PHE J 9 45.01 -97.39 79.01
N ASP J 10 44.58 -96.26 79.55
CA ASP J 10 43.31 -96.15 80.26
C ASP J 10 42.34 -95.33 79.42
N ILE J 11 41.05 -95.60 79.61
CA ILE J 11 40.04 -94.94 78.80
C ILE J 11 40.05 -93.45 79.10
N TYR J 12 40.15 -92.64 78.05
CA TYR J 12 40.00 -91.21 78.18
C TYR J 12 38.66 -90.71 77.70
N SER J 13 38.07 -91.35 76.69
CA SER J 13 36.83 -90.82 76.13
C SER J 13 36.03 -91.96 75.51
N THR J 14 34.72 -91.81 75.55
CA THR J 14 33.82 -92.79 74.96
C THR J 14 32.75 -92.07 74.17
N GLU J 15 32.64 -92.40 72.89
CA GLU J 15 31.60 -91.88 72.02
C GLU J 15 30.61 -92.98 71.71
N LYS J 16 29.68 -92.68 70.82
CA LYS J 16 28.76 -93.71 70.35
C LYS J 16 29.51 -94.82 69.63
N ASP J 17 30.53 -94.46 68.84
CA ASP J 17 31.26 -95.44 68.06
C ASP J 17 32.77 -95.29 68.14
N VAL J 18 33.29 -94.46 69.04
CA VAL J 18 34.72 -94.33 69.25
C VAL J 18 35.01 -94.49 70.73
N VAL J 19 36.03 -95.28 71.05
CA VAL J 19 36.63 -95.30 72.38
C VAL J 19 38.07 -94.83 72.23
N SER J 20 38.46 -93.85 73.03
CA SER J 20 39.82 -93.34 73.03
C SER J 20 40.47 -93.61 74.39
N LEU J 21 41.66 -94.18 74.35
CA LEU J 21 42.47 -94.46 75.53
C LEU J 21 43.76 -93.68 75.43
N ARG J 22 44.28 -93.28 76.58
CA ARG J 22 45.53 -92.55 76.65
C ARG J 22 46.47 -93.23 77.61
N ASP J 23 47.76 -92.95 77.46
CA ASP J 23 48.74 -93.52 78.37
C ASP J 23 48.67 -92.86 79.74
N PHE J 24 48.59 -91.54 79.78
CA PHE J 24 48.51 -90.76 81.01
C PHE J 24 49.81 -90.82 81.80
N ALA J 25 50.76 -91.63 81.32
CA ALA J 25 52.10 -91.71 81.90
C ALA J 25 53.11 -90.91 81.11
N ASN J 26 53.27 -91.21 79.82
CA ASN J 26 54.09 -90.37 78.96
C ASN J 26 53.28 -89.29 78.27
N ASP J 27 51.95 -89.35 78.35
CA ASP J 27 51.08 -88.29 77.85
C ASP J 27 51.34 -87.97 76.38
N LYS J 28 51.71 -88.98 75.60
CA LYS J 28 51.99 -88.77 74.19
C LYS J 28 51.28 -89.74 73.26
N ASP J 29 50.68 -90.81 73.78
CA ASP J 29 50.07 -91.84 72.96
C ASP J 29 48.57 -91.87 73.16
N THR J 30 47.82 -91.96 72.07
CA THR J 30 46.38 -92.18 72.12
C THR J 30 46.02 -93.34 71.21
N LEU J 31 45.27 -94.29 71.75
CA LEU J 31 44.80 -95.45 71.03
C LEU J 31 43.29 -95.35 70.86
N ALA J 32 42.81 -95.39 69.63
CA ALA J 32 41.40 -95.23 69.32
C ALA J 32 40.85 -96.47 68.64
N TYR J 33 39.72 -96.95 69.14
CA TYR J 33 38.92 -98.02 68.53
C TYR J 33 37.67 -97.35 67.97
N LYS J 34 37.35 -97.64 66.72
CA LYS J 34 36.37 -96.88 65.98
C LYS J 34 35.53 -97.84 65.13
N ARG J 35 34.23 -97.57 65.06
CA ARG J 35 33.24 -98.57 64.68
C ARG J 35 32.21 -97.96 63.72
N LEU J 36 32.03 -98.59 62.55
CA LEU J 36 30.95 -98.23 61.62
C LEU J 36 30.21 -99.48 61.19
N ALA J 37 29.00 -99.66 61.70
CA ALA J 37 28.18 -100.81 61.34
C ALA J 37 27.85 -100.78 59.84
N PRO J 38 27.72 -101.95 59.21
CA PRO J 38 27.43 -101.97 57.77
C PRO J 38 26.02 -101.44 57.49
N LYS J 39 25.87 -100.81 56.33
CA LYS J 39 24.60 -100.24 55.92
C LYS J 39 24.14 -100.87 54.61
N ARG J 40 22.94 -101.44 54.63
CA ARG J 40 22.37 -102.12 53.46
C ARG J 40 21.83 -101.05 52.52
N THR J 41 22.72 -100.57 51.65
CA THR J 41 22.35 -99.57 50.64
C THR J 41 21.88 -100.20 49.35
N LYS J 42 22.01 -101.52 49.21
CA LYS J 42 21.63 -102.22 48.00
C LYS J 42 21.41 -103.68 48.36
N ASP J 43 21.40 -104.54 47.34
CA ASP J 43 21.32 -105.98 47.57
C ASP J 43 22.48 -106.44 48.44
N SER J 44 23.59 -105.70 48.42
CA SER J 44 24.67 -105.98 49.36
C SER J 44 24.28 -105.50 50.75
N PRO J 45 24.63 -106.24 51.81
CA PRO J 45 24.30 -105.80 53.17
C PRO J 45 25.21 -104.72 53.71
N GLY J 46 26.19 -104.24 52.94
CA GLY J 46 27.11 -103.23 53.39
C GLY J 46 28.38 -103.82 54.00
N MET J 47 29.34 -102.94 54.23
CA MET J 47 30.63 -103.32 54.78
C MET J 47 30.80 -102.73 56.17
N ALA J 48 31.23 -103.57 57.11
CA ALA J 48 31.45 -103.14 58.49
C ALA J 48 32.86 -102.59 58.62
N LYS J 49 32.97 -101.31 58.95
CA LYS J 49 34.26 -100.66 59.14
C LYS J 49 34.72 -100.78 60.59
N SER J 50 35.97 -101.18 60.77
CA SER J 50 36.66 -101.06 62.03
C SER J 50 37.90 -100.21 61.83
N GLU J 51 38.34 -99.57 62.90
CA GLU J 51 39.52 -98.73 62.81
C GLU J 51 40.23 -98.74 64.15
N LEU J 52 41.54 -99.00 64.13
CA LEU J 52 42.34 -99.08 65.33
C LEU J 52 43.60 -98.26 65.11
N LYS J 53 43.66 -97.07 65.70
CA LYS J 53 44.75 -96.17 65.40
C LYS J 53 45.54 -95.85 66.66
N ILE J 54 46.87 -95.78 66.52
CA ILE J 54 47.76 -95.30 67.56
C ILE J 54 48.39 -94.01 67.05
N THR J 55 48.23 -92.94 67.82
CA THR J 55 48.78 -91.64 67.48
C THR J 55 49.75 -91.21 68.56
N ARG J 56 50.92 -90.73 68.14
CA ARG J 56 51.93 -90.21 69.04
C ARG J 56 52.10 -88.72 68.77
N VAL J 57 51.94 -87.92 69.81
CA VAL J 57 52.14 -86.48 69.74
C VAL J 57 53.08 -86.09 70.88
N ASP J 58 54.18 -85.42 70.55
CA ASP J 58 55.09 -85.09 71.63
C ASP J 58 54.46 -84.04 72.55
N PRO J 59 54.55 -84.22 73.86
CA PRO J 59 53.82 -83.33 74.77
C PRO J 59 54.61 -82.09 75.18
N THR J 60 55.26 -81.42 74.23
CA THR J 60 55.89 -80.14 74.53
C THR J 60 55.33 -79.05 73.63
N THR J 61 55.23 -79.33 72.34
CA THR J 61 54.59 -78.42 71.39
C THR J 61 53.39 -79.04 70.71
N GLY J 62 53.12 -80.32 70.94
CA GLY J 62 51.97 -80.97 70.35
C GLY J 62 52.15 -81.39 68.91
N VAL J 63 53.39 -81.52 68.44
CA VAL J 63 53.67 -81.92 67.07
C VAL J 63 53.38 -83.41 66.94
N LEU J 64 52.72 -83.78 65.84
CA LEU J 64 52.35 -85.18 65.64
C LEU J 64 53.54 -85.94 65.09
N ILE J 65 54.10 -86.84 65.89
CA ILE J 65 55.24 -87.62 65.45
C ILE J 65 54.84 -88.64 64.40
N GLY J 66 53.77 -89.39 64.63
CA GLY J 66 53.36 -90.38 63.65
C GLY J 66 52.10 -91.10 64.08
N ILE J 67 51.43 -91.67 63.08
CA ILE J 67 50.21 -92.44 63.27
C ILE J 67 50.37 -93.78 62.58
N VAL J 68 49.95 -94.85 63.24
CA VAL J 68 49.80 -96.16 62.64
C VAL J 68 48.34 -96.56 62.79
N ASN J 69 47.71 -96.91 61.67
CA ASN J 69 46.27 -97.21 61.64
C ASN J 69 46.05 -98.61 61.09
N VAL J 70 45.14 -99.34 61.72
CA VAL J 70 44.71 -100.65 61.24
C VAL J 70 43.21 -100.55 60.94
N SER J 71 42.86 -100.56 59.67
CA SER J 71 41.48 -100.41 59.24
C SER J 71 41.01 -101.68 58.53
N SER J 72 39.80 -102.10 58.84
CA SER J 72 39.18 -103.23 58.17
C SER J 72 37.85 -102.79 57.58
N SER J 73 37.52 -103.33 56.42
CA SER J 73 36.24 -103.08 55.75
C SER J 73 35.79 -104.42 55.19
N ILE J 74 34.87 -105.07 55.89
CA ILE J 74 34.47 -106.44 55.59
C ILE J 74 32.97 -106.51 55.38
N ARG J 75 32.56 -107.31 54.39
CA ARG J 75 31.14 -107.49 54.08
C ARG J 75 30.38 -107.98 55.30
N ALA J 76 29.15 -107.48 55.44
CA ALA J 76 28.31 -107.93 56.55
C ALA J 76 28.03 -109.41 56.48
N ASP J 77 27.80 -109.94 55.28
CA ASP J 77 27.53 -111.35 55.09
C ASP J 77 28.78 -112.22 55.14
N ALA J 78 29.96 -111.60 55.20
CA ALA J 78 31.20 -112.35 55.08
C ALA J 78 31.35 -113.34 56.22
N THR J 79 31.93 -114.50 55.90
CA THR J 79 32.07 -115.57 56.86
C THR J 79 33.12 -115.23 57.90
N ALA J 80 33.00 -115.88 59.07
CA ALA J 80 34.03 -115.74 60.09
C ALA J 80 35.36 -116.31 59.60
N ALA J 81 35.32 -117.30 58.71
CA ALA J 81 36.54 -117.82 58.13
C ALA J 81 37.27 -116.77 57.31
N ASP J 82 36.53 -115.99 56.52
CA ASP J 82 37.15 -114.92 55.75
C ASP J 82 37.80 -113.89 56.68
N LYS J 83 37.12 -113.53 57.76
CA LYS J 83 37.65 -112.52 58.67
C LYS J 83 38.87 -113.02 59.41
N THR J 84 38.84 -114.28 59.86
CA THR J 84 39.99 -114.86 60.52
C THR J 84 41.18 -114.95 59.56
N ALA J 85 40.92 -115.33 58.31
CA ALA J 85 41.99 -115.41 57.34
C ALA J 85 42.59 -114.04 57.08
N LEU J 86 41.75 -113.01 56.94
CA LEU J 86 42.26 -111.66 56.71
C LEU J 86 43.13 -111.21 57.87
N MET J 87 42.66 -111.43 59.10
CA MET J 87 43.42 -110.99 60.26
C MET J 87 44.74 -111.76 60.37
N ALA J 88 44.71 -113.08 60.14
CA ALA J 88 45.94 -113.87 60.20
C ALA J 88 46.93 -113.43 59.14
N ILE J 89 46.45 -113.17 57.91
CA ILE J 89 47.37 -112.78 56.83
C ILE J 89 48.01 -111.44 57.14
N ILE J 90 47.20 -110.46 57.54
CA ILE J 90 47.76 -109.14 57.81
C ILE J 90 48.70 -109.18 59.02
N THR J 91 48.37 -110.01 60.02
CA THR J 91 49.24 -110.13 61.19
C THR J 91 50.58 -110.77 60.83
N ALA J 92 50.54 -111.84 60.02
CA ALA J 92 51.78 -112.47 59.59
C ALA J 92 52.62 -111.54 58.74
N ALA J 93 51.98 -110.75 57.87
CA ALA J 93 52.71 -109.78 57.07
C ALA J 93 53.33 -108.70 57.94
N GLN J 94 52.63 -108.27 58.98
CA GLN J 94 53.19 -107.29 59.91
C GLN J 94 54.38 -107.87 60.66
N ALA J 95 54.28 -109.13 61.08
CA ALA J 95 55.39 -109.78 61.77
C ALA J 95 56.60 -109.94 60.88
N ASP J 96 56.41 -109.99 59.56
CA ASP J 96 57.52 -110.06 58.63
C ASP J 96 58.33 -108.76 58.64
N GLY J 97 59.62 -108.89 58.35
CA GLY J 97 60.49 -107.73 58.33
C GLY J 97 60.28 -106.83 57.14
N ALA J 98 59.58 -107.31 56.11
CA ALA J 98 59.27 -106.45 54.97
C ALA J 98 58.45 -105.26 55.40
N TRP J 99 57.46 -105.48 56.27
CA TRP J 99 56.68 -104.37 56.80
C TRP J 99 57.54 -103.47 57.69
N THR J 100 58.43 -104.08 58.47
CA THR J 100 59.29 -103.29 59.36
C THR J 100 60.28 -102.44 58.58
N GLU J 101 60.51 -102.76 57.31
CA GLU J 101 61.30 -101.92 56.43
C GLU J 101 60.47 -100.91 55.67
N LEU J 102 59.30 -101.34 55.19
CA LEU J 102 58.34 -100.41 54.58
C LEU J 102 58.07 -99.23 55.50
N VAL J 103 57.85 -99.50 56.77
CA VAL J 103 57.87 -98.46 57.77
C VAL J 103 59.32 -98.27 58.22
N THR J 104 59.69 -97.02 58.49
CA THR J 104 61.05 -96.59 58.89
C THR J 104 62.06 -96.56 57.76
N ASP J 105 61.75 -97.13 56.60
CA ASP J 105 62.72 -97.12 55.50
C ASP J 105 62.12 -96.75 54.16
N GLN J 106 60.81 -96.84 53.99
CA GLN J 106 60.17 -96.67 52.69
C GLN J 106 60.77 -97.64 51.67
N ARG J 107 60.94 -98.88 52.11
CA ARG J 107 61.57 -99.92 51.32
C ARG J 107 60.52 -100.94 50.91
N LEU J 108 60.40 -101.19 49.61
CA LEU J 108 59.50 -102.20 49.09
C LEU J 108 60.14 -103.59 49.20
N PRO J 109 59.33 -104.64 49.24
CA PRO J 109 59.90 -106.00 49.41
C PRO J 109 60.39 -106.59 48.11
N LEU J 110 61.10 -105.81 47.31
CA LEU J 110 61.59 -106.26 46.02
C LEU J 110 63.11 -106.27 45.90
N ALA J 111 63.83 -105.94 46.96
CA ALA J 111 65.28 -106.02 46.93
C ALA J 111 65.71 -107.45 46.68
N THR J 112 66.87 -107.60 46.03
CA THR J 112 67.45 -108.91 45.78
C THR J 112 68.30 -109.42 46.94
N VAL J 113 68.47 -108.61 47.99
CA VAL J 113 69.20 -108.97 49.20
C VAL J 113 70.67 -109.23 48.94
N SER K 1 55.68 -110.42 51.71
CA SER K 1 56.68 -110.94 50.78
C SER K 1 56.41 -112.40 50.41
N LYS K 2 56.48 -113.29 51.39
CA LYS K 2 56.43 -114.72 51.15
C LYS K 2 55.32 -115.31 52.01
N VAL K 3 55.35 -116.63 52.19
CA VAL K 3 54.27 -117.40 52.79
C VAL K 3 53.77 -116.78 54.09
N PHE K 4 52.50 -116.42 54.12
CA PHE K 4 51.84 -115.86 55.28
C PHE K 4 50.55 -116.62 55.52
N ASN K 5 50.31 -117.01 56.77
CA ASN K 5 49.13 -117.78 57.16
C ASN K 5 49.04 -119.06 56.31
N THR K 6 50.18 -119.74 56.15
CA THR K 6 50.37 -120.96 55.39
C THR K 6 50.11 -120.78 53.89
N GLN K 7 49.86 -119.57 53.43
CA GLN K 7 49.57 -119.32 52.02
C GLN K 7 50.76 -118.64 51.35
N THR K 8 51.15 -119.17 50.20
CA THR K 8 52.27 -118.64 49.43
C THR K 8 51.78 -117.47 48.59
N PHE K 9 52.39 -116.30 48.79
CA PHE K 9 52.05 -115.10 48.04
C PHE K 9 53.16 -114.82 47.05
N ASP K 10 52.89 -115.07 45.77
CA ASP K 10 53.83 -114.82 44.70
C ASP K 10 53.52 -113.48 44.05
N ILE K 11 54.55 -112.85 43.49
CA ILE K 11 54.41 -111.46 43.04
C ILE K 11 53.40 -111.39 41.90
N TYR K 12 52.45 -110.46 42.03
CA TYR K 12 51.42 -110.27 41.03
C TYR K 12 51.64 -109.05 40.14
N SER K 13 52.19 -107.97 40.71
CA SER K 13 52.52 -106.79 39.93
C SER K 13 53.49 -105.92 40.73
N THR K 14 54.23 -105.09 40.01
CA THR K 14 55.16 -104.15 40.64
C THR K 14 55.00 -102.79 40.00
N GLU K 15 54.84 -101.76 40.83
CA GLU K 15 54.70 -100.39 40.38
C GLU K 15 55.84 -99.53 40.92
N LYS K 16 55.72 -98.23 40.69
CA LYS K 16 56.65 -97.26 41.27
C LYS K 16 56.67 -97.36 42.78
N ASP K 17 55.49 -97.48 43.40
CA ASP K 17 55.38 -97.43 44.85
C ASP K 17 54.55 -98.57 45.41
N VAL K 18 54.06 -99.46 44.58
CA VAL K 18 53.21 -100.56 45.03
C VAL K 18 53.80 -101.87 44.53
N VAL K 19 53.90 -102.84 45.44
CA VAL K 19 54.24 -104.21 45.09
C VAL K 19 53.08 -105.08 45.55
N SER K 20 52.50 -105.82 44.62
CA SER K 20 51.32 -106.62 44.87
C SER K 20 51.65 -108.09 44.64
N LEU K 21 51.29 -108.92 45.61
CA LEU K 21 51.47 -110.36 45.56
C LEU K 21 50.13 -111.04 45.60
N ARG K 22 50.04 -112.20 44.98
CA ARG K 22 48.82 -112.99 44.96
C ARG K 22 49.12 -114.39 45.45
N ASP K 23 48.10 -115.04 46.00
CA ASP K 23 48.24 -116.44 46.39
C ASP K 23 48.42 -117.33 45.17
N PHE K 24 47.55 -117.19 44.16
CA PHE K 24 47.53 -117.98 42.94
C PHE K 24 47.10 -119.41 43.21
N ALA K 25 46.93 -119.77 44.48
CA ALA K 25 46.38 -121.06 44.87
C ALA K 25 44.86 -120.98 45.05
N ASN K 26 44.40 -120.15 45.97
CA ASN K 26 42.98 -119.84 46.05
C ASN K 26 42.59 -118.68 45.15
N ASP K 27 43.56 -117.98 44.58
CA ASP K 27 43.35 -116.91 43.62
C ASP K 27 42.38 -115.85 44.13
N LYS K 28 42.37 -115.65 45.45
CA LYS K 28 41.42 -114.74 46.06
C LYS K 28 42.06 -113.67 46.94
N ASP K 29 43.32 -113.82 47.32
CA ASP K 29 43.98 -112.94 48.27
C ASP K 29 45.08 -112.16 47.58
N THR K 30 45.11 -110.86 47.81
CA THR K 30 46.13 -109.98 47.24
C THR K 30 46.71 -109.13 48.36
N LEU K 31 48.03 -109.15 48.46
CA LEU K 31 48.77 -108.40 49.49
C LEU K 31 49.58 -107.31 48.81
N ALA K 32 49.34 -106.06 49.20
CA ALA K 32 49.99 -104.92 48.57
C ALA K 32 50.82 -104.16 49.60
N TYR K 33 52.03 -103.77 49.19
CA TYR K 33 52.92 -102.90 49.93
C TYR K 33 53.01 -101.59 49.17
N LYS K 34 52.71 -100.48 49.84
CA LYS K 34 52.56 -99.19 49.20
C LYS K 34 53.42 -98.18 49.94
N ARG K 35 54.04 -97.29 49.17
CA ARG K 35 55.09 -96.40 49.65
C ARG K 35 54.82 -94.98 49.20
N LEU K 36 54.95 -94.02 50.11
CA LEU K 36 54.85 -92.60 49.75
C LEU K 36 55.92 -91.85 50.51
N ALA K 37 57.02 -91.52 49.84
CA ALA K 37 58.12 -90.84 50.51
C ALA K 37 57.68 -89.47 51.01
N PRO K 38 58.26 -88.99 52.11
CA PRO K 38 57.91 -87.65 52.61
C PRO K 38 58.28 -86.57 51.61
N LYS K 39 57.45 -85.54 51.55
CA LYS K 39 57.68 -84.40 50.68
C LYS K 39 57.89 -83.16 51.55
N ARG K 40 58.99 -82.46 51.33
CA ARG K 40 59.39 -81.31 52.14
C ARG K 40 58.72 -80.06 51.58
N THR K 41 57.41 -79.98 51.79
CA THR K 41 56.64 -78.85 51.28
C THR K 41 56.79 -77.59 52.11
N LYS K 42 57.37 -77.70 53.30
CA LYS K 42 57.59 -76.57 54.18
C LYS K 42 58.80 -76.88 55.04
N ASP K 43 58.94 -76.13 56.14
CA ASP K 43 59.98 -76.41 57.13
C ASP K 43 59.83 -77.84 57.64
N SER K 44 58.62 -78.38 57.58
CA SER K 44 58.42 -79.78 57.87
C SER K 44 59.21 -80.63 56.89
N PRO K 45 59.84 -81.72 57.35
CA PRO K 45 60.45 -82.66 56.41
C PRO K 45 59.45 -83.54 55.69
N GLY K 46 58.15 -83.33 55.92
CA GLY K 46 57.12 -84.14 55.33
C GLY K 46 56.82 -85.38 56.16
N MET K 47 55.82 -86.13 55.69
CA MET K 47 55.41 -87.36 56.35
C MET K 47 55.68 -88.54 55.41
N ALA K 48 56.34 -89.57 55.93
CA ALA K 48 56.55 -90.81 55.20
C ALA K 48 55.32 -91.68 55.39
N LYS K 49 54.62 -91.97 54.30
CA LYS K 49 53.44 -92.81 54.33
C LYS K 49 53.81 -94.22 53.90
N SER K 50 53.27 -95.21 54.59
CA SER K 50 53.32 -96.58 54.13
C SER K 50 51.93 -97.19 54.22
N GLU K 51 51.74 -98.29 53.49
CA GLU K 51 50.46 -98.98 53.53
C GLU K 51 50.70 -100.46 53.28
N LEU K 52 50.09 -101.31 54.09
CA LEU K 52 50.16 -102.75 53.91
C LEU K 52 48.74 -103.29 53.93
N LYS K 53 48.23 -103.66 52.76
CA LYS K 53 46.82 -104.02 52.63
C LYS K 53 46.66 -105.45 52.16
N ILE K 54 45.68 -106.13 52.73
CA ILE K 54 45.28 -107.46 52.28
C ILE K 54 43.84 -107.37 51.80
N THR K 55 43.59 -107.88 50.61
CA THR K 55 42.27 -107.85 50.01
C THR K 55 41.86 -109.26 49.63
N ARG K 56 40.65 -109.63 50.04
CA ARG K 56 40.05 -110.90 49.64
C ARG K 56 38.85 -110.62 48.76
N VAL K 57 38.83 -111.23 47.59
CA VAL K 57 37.68 -111.19 46.71
C VAL K 57 37.31 -112.61 46.35
N ASP K 58 36.03 -112.84 46.06
CA ASP K 58 35.65 -114.17 45.62
C ASP K 58 35.98 -114.29 44.14
N PRO K 59 36.89 -115.18 43.74
CA PRO K 59 37.35 -115.17 42.35
C PRO K 59 36.46 -115.95 41.40
N THR K 60 35.15 -115.84 41.57
CA THR K 60 34.22 -116.32 40.55
C THR K 60 33.30 -115.18 40.12
N THR K 61 32.73 -114.48 41.09
CA THR K 61 31.84 -113.36 40.83
C THR K 61 32.48 -112.02 41.13
N GLY K 62 33.70 -112.01 41.64
CA GLY K 62 34.39 -110.75 41.89
C GLY K 62 33.76 -109.89 42.95
N VAL K 63 33.22 -110.48 44.02
CA VAL K 63 32.69 -109.72 45.14
C VAL K 63 33.78 -109.53 46.17
N LEU K 64 33.96 -108.29 46.63
CA LEU K 64 34.95 -107.99 47.63
C LEU K 64 34.48 -108.51 48.97
N ILE K 65 35.15 -109.55 49.49
CA ILE K 65 34.78 -110.07 50.79
C ILE K 65 35.19 -109.11 51.89
N GLY K 66 36.40 -108.57 51.84
CA GLY K 66 36.85 -107.65 52.86
C GLY K 66 38.29 -107.22 52.65
N ILE K 67 38.64 -106.10 53.29
CA ILE K 67 39.96 -105.51 53.24
C ILE K 67 40.42 -105.22 54.66
N VAL K 68 41.70 -105.47 54.94
CA VAL K 68 42.35 -105.01 56.14
C VAL K 68 43.59 -104.23 55.74
N ASN K 69 43.73 -103.01 56.27
CA ASN K 69 44.76 -102.08 55.86
C ASN K 69 45.61 -101.72 57.07
N VAL K 70 46.92 -101.67 56.90
CA VAL K 70 47.84 -101.16 57.91
C VAL K 70 48.59 -99.99 57.29
N SER K 71 48.20 -98.78 57.66
CA SER K 71 48.79 -97.56 57.14
C SER K 71 49.60 -96.87 58.23
N SER K 72 50.73 -96.30 57.85
CA SER K 72 51.54 -95.52 58.76
C SER K 72 51.79 -94.15 58.15
N SER K 73 51.72 -93.13 58.99
CA SER K 73 52.04 -91.75 58.61
C SER K 73 52.99 -91.21 59.68
N ILE K 74 54.28 -91.39 59.47
CA ILE K 74 55.31 -91.02 60.43
C ILE K 74 56.12 -89.86 59.86
N ARG K 75 56.45 -88.90 60.73
CA ARG K 75 57.26 -87.78 60.31
C ARG K 75 58.61 -88.26 59.80
N ALA K 76 59.11 -87.59 58.76
CA ALA K 76 60.40 -87.96 58.19
C ALA K 76 61.52 -87.82 59.22
N ASP K 77 61.44 -86.81 60.08
CA ASP K 77 62.44 -86.59 61.12
C ASP K 77 62.23 -87.48 62.34
N ALA K 78 61.11 -88.18 62.43
CA ALA K 78 60.80 -88.95 63.63
C ALA K 78 61.83 -90.03 63.86
N THR K 79 62.30 -90.11 65.09
CA THR K 79 63.36 -91.05 65.44
C THR K 79 62.86 -92.48 65.35
N ALA K 80 63.80 -93.41 65.19
CA ALA K 80 63.44 -94.82 65.14
C ALA K 80 62.81 -95.28 66.44
N ALA K 81 63.06 -94.57 67.53
CA ALA K 81 62.41 -94.90 68.79
C ALA K 81 60.90 -94.73 68.69
N ASP K 82 60.45 -93.60 68.14
CA ASP K 82 59.02 -93.38 67.99
C ASP K 82 58.40 -94.39 67.03
N LYS K 83 59.08 -94.70 65.93
CA LYS K 83 58.54 -95.65 64.97
C LYS K 83 58.45 -97.06 65.56
N THR K 84 59.48 -97.48 66.29
CA THR K 84 59.44 -98.78 66.94
C THR K 84 58.37 -98.84 68.02
N ALA K 85 58.20 -97.76 68.78
CA ALA K 85 57.14 -97.73 69.78
C ALA K 85 55.77 -97.79 69.13
N LEU K 86 55.59 -97.08 68.02
CA LEU K 86 54.33 -97.11 67.30
C LEU K 86 54.00 -98.52 66.81
N MET K 87 54.99 -99.20 66.21
CA MET K 87 54.73 -100.56 65.75
C MET K 87 54.47 -101.49 66.91
N ALA K 88 55.23 -101.36 67.99
CA ALA K 88 55.05 -102.24 69.14
C ALA K 88 53.66 -102.08 69.73
N ILE K 89 53.21 -100.83 69.88
CA ILE K 89 51.89 -100.58 70.43
C ILE K 89 50.80 -101.14 69.52
N ILE K 90 50.91 -100.88 68.21
CA ILE K 90 49.84 -101.31 67.33
C ILE K 90 49.79 -102.82 67.20
N THR K 91 50.95 -103.49 67.19
CA THR K 91 50.97 -104.95 67.14
C THR K 91 50.46 -105.55 68.44
N ALA K 92 50.81 -104.95 69.58
CA ALA K 92 50.28 -105.43 70.85
C ALA K 92 48.77 -105.28 70.90
N ALA K 93 48.26 -104.15 70.41
CA ALA K 93 46.82 -103.95 70.37
C ALA K 93 46.14 -104.95 69.45
N GLN K 94 46.73 -105.23 68.30
CA GLN K 94 46.15 -106.22 67.40
C GLN K 94 46.14 -107.61 68.02
N ALA K 95 47.23 -107.99 68.69
CA ALA K 95 47.27 -109.27 69.38
C ALA K 95 46.25 -109.36 70.49
N ASP K 96 45.82 -108.23 71.04
CA ASP K 96 44.79 -108.21 72.06
C ASP K 96 43.44 -108.61 71.47
N GLY K 97 42.57 -109.12 72.34
CA GLY K 97 41.26 -109.58 71.90
C GLY K 97 40.31 -108.46 71.51
N ALA K 98 40.56 -107.24 71.99
CA ALA K 98 39.67 -106.13 71.67
C ALA K 98 39.62 -105.88 70.17
N TRP K 99 40.78 -105.92 69.50
CA TRP K 99 40.78 -105.78 68.04
C TRP K 99 40.04 -106.94 67.38
N THR K 100 40.24 -108.15 67.90
CA THR K 100 39.57 -109.32 67.34
C THR K 100 38.05 -109.17 67.39
N GLU K 101 37.50 -108.65 68.49
CA GLU K 101 36.06 -108.41 68.57
C GLU K 101 35.61 -107.19 67.78
N LEU K 102 36.41 -106.13 67.74
CA LEU K 102 36.07 -104.95 66.95
C LEU K 102 35.86 -105.34 65.49
N VAL K 103 36.75 -106.16 64.96
CA VAL K 103 36.44 -106.87 63.73
C VAL K 103 35.53 -108.04 64.07
N THR K 104 34.69 -108.46 63.13
CA THR K 104 33.78 -109.59 63.30
C THR K 104 32.67 -109.37 64.33
N ASP K 105 32.71 -108.28 65.10
CA ASP K 105 31.62 -108.01 66.02
C ASP K 105 31.22 -106.55 66.06
N GLN K 106 32.05 -105.63 65.58
CA GLN K 106 31.87 -104.21 65.76
C GLN K 106 31.68 -103.88 67.23
N ARG K 107 32.48 -104.52 68.07
CA ARG K 107 32.41 -104.40 69.52
C ARG K 107 33.52 -103.47 70.01
N LEU K 108 33.12 -102.37 70.64
CA LEU K 108 34.09 -101.44 71.19
C LEU K 108 34.58 -101.94 72.55
N PRO K 109 35.81 -101.60 72.92
CA PRO K 109 36.33 -102.01 74.23
C PRO K 109 35.73 -101.19 75.35
N LEU K 110 34.45 -101.44 75.65
CA LEU K 110 33.78 -100.82 76.77
C LEU K 110 32.89 -101.78 77.54
N ALA K 111 32.86 -103.06 77.18
CA ALA K 111 31.99 -104.01 77.86
C ALA K 111 32.47 -104.27 79.27
N THR K 112 31.53 -104.40 80.20
CA THR K 112 31.83 -104.64 81.61
C THR K 112 32.04 -106.12 81.92
N VAL K 113 31.86 -107.00 80.93
CA VAL K 113 32.04 -108.45 81.09
C VAL K 113 31.08 -109.00 82.14
N SER L 1 94.69 -88.76 29.01
CA SER L 1 96.03 -88.22 28.86
C SER L 1 96.81 -88.97 27.79
N LYS L 2 96.94 -90.29 27.95
CA LYS L 2 97.74 -91.09 27.05
C LYS L 2 97.01 -92.39 26.74
N VAL L 3 97.75 -93.38 26.22
CA VAL L 3 97.20 -94.56 25.56
C VAL L 3 96.07 -95.20 26.35
N PHE L 4 94.91 -95.30 25.70
CA PHE L 4 93.71 -95.90 26.26
C PHE L 4 93.20 -96.92 25.26
N ASN L 5 92.86 -98.11 25.74
CA ASN L 5 92.31 -99.17 24.90
C ASN L 5 93.26 -99.46 23.72
N THR L 6 94.57 -99.46 24.02
CA THR L 6 95.66 -99.65 23.06
C THR L 6 95.72 -98.56 22.00
N GLN L 7 94.87 -97.55 22.06
CA GLN L 7 94.89 -96.44 21.12
C GLN L 7 95.67 -95.29 21.73
N THR L 8 96.51 -94.65 20.94
CA THR L 8 97.28 -93.50 21.39
C THR L 8 96.44 -92.25 21.20
N PHE L 9 96.22 -91.53 22.29
CA PHE L 9 95.49 -90.27 22.24
C PHE L 9 96.49 -89.14 22.44
N ASP L 10 96.63 -88.28 21.45
CA ASP L 10 97.54 -87.15 21.50
C ASP L 10 96.72 -85.87 21.60
N ILE L 11 97.28 -84.86 22.26
CA ILE L 11 96.57 -83.61 22.45
C ILE L 11 96.26 -83.01 21.10
N TYR L 12 94.98 -82.73 20.85
CA TYR L 12 94.55 -82.06 19.65
C TYR L 12 94.33 -80.58 19.84
N SER L 13 93.80 -80.18 20.98
CA SER L 13 93.55 -78.76 21.23
C SER L 13 93.56 -78.52 22.72
N THR L 14 94.04 -77.34 23.10
CA THR L 14 94.00 -76.92 24.49
C THR L 14 93.21 -75.63 24.56
N GLU L 15 92.29 -75.58 25.52
CA GLU L 15 91.43 -74.43 25.73
C GLU L 15 91.55 -74.01 27.20
N LYS L 16 90.96 -72.85 27.52
CA LYS L 16 90.96 -72.35 28.89
C LYS L 16 90.46 -73.41 29.87
N ASP L 17 89.31 -74.01 29.59
CA ASP L 17 88.74 -75.03 30.46
C ASP L 17 88.46 -76.33 29.74
N VAL L 18 89.02 -76.54 28.54
CA VAL L 18 88.80 -77.75 27.77
C VAL L 18 90.14 -78.23 27.23
N VAL L 19 90.36 -79.53 27.29
CA VAL L 19 91.52 -80.16 26.66
C VAL L 19 91.01 -81.33 25.83
N SER L 20 91.35 -81.36 24.55
CA SER L 20 90.88 -82.36 23.62
C SER L 20 92.04 -83.15 23.04
N LEU L 21 91.94 -84.48 23.13
CA LEU L 21 92.91 -85.41 22.59
C LEU L 21 92.28 -86.20 21.45
N ARG L 22 93.08 -86.50 20.43
CA ARG L 22 92.61 -87.26 19.29
C ARG L 22 93.48 -88.49 19.12
N ASP L 23 92.88 -89.56 18.61
CA ASP L 23 93.64 -90.76 18.31
C ASP L 23 94.70 -90.50 17.24
N PHE L 24 94.31 -89.80 16.17
CA PHE L 24 95.19 -89.42 15.06
C PHE L 24 95.63 -90.62 14.24
N ALA L 25 95.27 -91.82 14.69
CA ALA L 25 95.55 -93.05 13.96
C ALA L 25 94.29 -93.58 13.28
N ASN L 26 93.21 -93.75 14.03
CA ASN L 26 91.90 -94.03 13.46
C ASN L 26 91.16 -92.78 13.01
N ASP L 27 91.55 -91.61 13.52
CA ASP L 27 91.00 -90.32 13.11
C ASP L 27 89.49 -90.27 13.29
N LYS L 28 88.96 -90.93 14.31
CA LYS L 28 87.55 -90.86 14.62
C LYS L 28 87.22 -90.71 16.09
N ASP L 29 88.18 -90.92 16.99
CA ASP L 29 87.95 -90.86 18.42
C ASP L 29 88.50 -89.56 18.99
N THR L 30 87.69 -88.86 19.77
CA THR L 30 88.09 -87.63 20.44
C THR L 30 87.73 -87.74 21.92
N LEU L 31 88.71 -87.48 22.78
CA LEU L 31 88.52 -87.50 24.23
C LEU L 31 88.66 -86.08 24.76
N ALA L 32 87.62 -85.58 25.41
CA ALA L 32 87.58 -84.22 25.89
C ALA L 32 87.46 -84.19 27.41
N TYR L 33 88.33 -83.41 28.04
CA TYR L 33 88.29 -83.07 29.45
C TYR L 33 87.75 -81.64 29.55
N LYS L 34 86.58 -81.48 30.17
CA LYS L 34 85.95 -80.19 30.31
C LYS L 34 85.79 -79.84 31.79
N ARG L 35 85.93 -78.55 32.08
CA ARG L 35 86.04 -78.04 33.43
C ARG L 35 85.02 -76.92 33.62
N LEU L 36 84.51 -76.76 34.84
CA LEU L 36 83.60 -75.66 35.13
C LEU L 36 83.65 -75.39 36.63
N ALA L 37 84.18 -74.23 37.01
CA ALA L 37 84.36 -73.92 38.41
C ALA L 37 83.02 -73.71 39.11
N PRO L 38 82.93 -74.04 40.40
CA PRO L 38 81.68 -73.78 41.14
C PRO L 38 81.48 -72.29 41.33
N LYS L 39 80.24 -71.85 41.15
CA LYS L 39 79.90 -70.44 41.30
C LYS L 39 79.16 -70.22 42.61
N ARG L 40 79.67 -69.29 43.42
CA ARG L 40 79.04 -68.92 44.68
C ARG L 40 77.95 -67.91 44.38
N THR L 41 76.96 -68.34 43.59
CA THR L 41 75.84 -67.50 43.21
C THR L 41 74.91 -67.23 44.38
N LYS L 42 75.15 -67.87 45.52
CA LYS L 42 74.38 -67.70 46.72
C LYS L 42 75.28 -68.06 47.91
N ASP L 43 74.67 -68.28 49.07
CA ASP L 43 75.40 -68.73 50.25
C ASP L 43 76.18 -69.99 49.93
N SER L 44 75.59 -70.88 49.16
CA SER L 44 76.24 -72.12 48.78
C SER L 44 77.49 -71.82 47.94
N PRO L 45 78.57 -72.58 48.10
CA PRO L 45 79.79 -72.32 47.32
C PRO L 45 79.69 -72.73 45.87
N GLY L 46 78.60 -73.35 45.44
CA GLY L 46 78.42 -73.76 44.06
C GLY L 46 78.84 -75.19 43.82
N MET L 47 78.60 -75.63 42.59
CA MET L 47 78.87 -77.01 42.17
C MET L 47 79.99 -77.01 41.15
N ALA L 48 81.05 -77.76 41.43
CA ALA L 48 82.18 -77.88 40.54
C ALA L 48 81.87 -78.94 39.49
N LYS L 49 81.68 -78.51 38.25
CA LYS L 49 81.32 -79.41 37.16
C LYS L 49 82.56 -79.93 36.46
N SER L 50 82.60 -81.23 36.24
CA SER L 50 83.63 -81.86 35.45
C SER L 50 82.97 -82.62 34.31
N GLU L 51 83.76 -82.94 33.29
CA GLU L 51 83.23 -83.72 32.19
C GLU L 51 84.35 -84.46 31.49
N LEU L 52 84.15 -85.75 31.24
CA LEU L 52 85.09 -86.57 30.49
C LEU L 52 84.29 -87.30 29.42
N LYS L 53 84.50 -86.96 28.16
CA LYS L 53 83.67 -87.54 27.11
C LYS L 53 84.54 -88.11 25.99
N ILE L 54 84.04 -89.19 25.39
CA ILE L 54 84.65 -89.79 24.20
C ILE L 54 83.62 -89.77 23.08
N THR L 55 84.00 -89.24 21.94
CA THR L 55 83.13 -89.09 20.79
C THR L 55 83.74 -89.80 19.60
N ARG L 56 82.96 -90.64 18.95
CA ARG L 56 83.37 -91.33 17.74
C ARG L 56 82.58 -90.76 16.56
N VAL L 57 83.28 -90.22 15.58
CA VAL L 57 82.68 -89.70 14.37
C VAL L 57 83.48 -90.23 13.19
N ASP L 58 82.81 -90.96 12.31
CA ASP L 58 83.54 -91.74 11.31
C ASP L 58 84.38 -90.87 10.37
N PRO L 59 85.58 -91.28 10.03
CA PRO L 59 86.42 -90.44 9.17
C PRO L 59 86.22 -90.66 7.67
N THR L 60 84.98 -90.78 7.22
CA THR L 60 84.73 -90.83 5.78
C THR L 60 83.64 -89.84 5.37
N THR L 61 82.59 -89.73 6.19
CA THR L 61 81.51 -88.79 5.93
C THR L 61 81.17 -87.93 7.15
N GLY L 62 81.53 -88.35 8.35
CA GLY L 62 81.29 -87.56 9.53
C GLY L 62 80.00 -87.86 10.26
N VAL L 63 79.62 -89.13 10.36
CA VAL L 63 78.42 -89.52 11.09
C VAL L 63 78.81 -89.89 12.51
N LEU L 64 78.15 -89.27 13.48
CA LEU L 64 78.40 -89.54 14.89
C LEU L 64 77.96 -90.95 15.22
N ILE L 65 78.93 -91.84 15.44
CA ILE L 65 78.61 -93.21 15.83
C ILE L 65 78.08 -93.27 17.24
N GLY L 66 78.71 -92.59 18.18
CA GLY L 66 78.26 -92.64 19.56
C GLY L 66 79.08 -91.72 20.43
N ILE L 67 78.54 -91.49 21.63
CA ILE L 67 79.19 -90.70 22.67
C ILE L 67 78.98 -91.39 24.01
N VAL L 68 80.06 -91.52 24.78
CA VAL L 68 79.96 -91.86 26.18
C VAL L 68 80.57 -90.71 26.96
N ASN L 69 79.81 -90.16 27.90
CA ASN L 69 80.21 -88.99 28.67
C ASN L 69 80.15 -89.31 30.15
N VAL L 70 81.15 -88.85 30.90
CA VAL L 70 81.15 -88.95 32.35
C VAL L 70 81.18 -87.53 32.89
N SER L 71 80.08 -87.12 33.51
CA SER L 71 79.95 -85.78 34.04
C SER L 71 79.82 -85.84 35.57
N SER L 72 80.41 -84.87 36.24
CA SER L 72 80.30 -84.75 37.68
C SER L 72 79.79 -83.37 38.04
N SER L 73 78.93 -83.32 39.06
CA SER L 73 78.44 -82.06 39.62
C SER L 73 78.50 -82.25 41.12
N ILE L 74 79.59 -81.81 41.72
CA ILE L 74 79.86 -82.01 43.14
C ILE L 74 79.91 -80.65 43.82
N ARG L 75 79.35 -80.57 45.02
CA ARG L 75 79.40 -79.35 45.82
C ARG L 75 80.85 -78.91 46.00
N ALA L 76 81.07 -77.60 45.91
CA ALA L 76 82.41 -77.07 46.14
C ALA L 76 82.91 -77.39 47.54
N ASP L 77 82.01 -77.47 48.51
CA ASP L 77 82.38 -77.79 49.88
C ASP L 77 82.42 -79.28 50.17
N ALA L 78 82.05 -80.13 49.21
CA ALA L 78 81.98 -81.55 49.47
C ALA L 78 83.36 -82.11 49.81
N THR L 79 83.39 -83.00 50.79
CA THR L 79 84.65 -83.53 51.28
C THR L 79 85.28 -84.46 50.25
N ALA L 80 86.59 -84.61 50.36
CA ALA L 80 87.29 -85.55 49.48
C ALA L 80 86.80 -86.97 49.67
N ALA L 81 86.30 -87.29 50.87
CA ALA L 81 85.70 -88.61 51.10
C ALA L 81 84.46 -88.80 50.23
N ASP L 82 83.60 -87.79 50.16
CA ASP L 82 82.42 -87.88 49.31
C ASP L 82 82.80 -88.07 47.84
N LYS L 83 83.79 -87.32 47.37
CA LYS L 83 84.17 -87.40 45.98
C LYS L 83 84.82 -88.75 45.65
N THR L 84 85.67 -89.24 46.54
CA THR L 84 86.26 -90.56 46.35
C THR L 84 85.18 -91.64 46.36
N ALA L 85 84.21 -91.53 47.27
CA ALA L 85 83.13 -92.51 47.33
C ALA L 85 82.29 -92.49 46.06
N LEU L 86 81.96 -91.30 45.57
CA LEU L 86 81.19 -91.20 44.33
C LEU L 86 81.94 -91.82 43.17
N MET L 87 83.23 -91.51 43.06
CA MET L 87 84.02 -92.05 41.96
C MET L 87 84.13 -93.56 42.06
N ALA L 88 84.32 -94.09 43.27
CA ALA L 88 84.45 -95.53 43.45
C ALA L 88 83.15 -96.25 43.14
N ILE L 89 82.02 -95.70 43.60
CA ILE L 89 80.73 -96.32 43.33
C ILE L 89 80.46 -96.35 41.84
N ILE L 90 80.68 -95.23 41.16
CA ILE L 90 80.38 -95.21 39.73
C ILE L 90 81.34 -96.11 38.96
N THR L 91 82.61 -96.18 39.35
CA THR L 91 83.55 -97.04 38.66
C THR L 91 83.19 -98.51 38.87
N ALA L 92 82.80 -98.89 40.08
CA ALA L 92 82.38 -100.26 40.35
C ALA L 92 81.12 -100.61 39.57
N ALA L 93 80.17 -99.67 39.48
CA ALA L 93 78.95 -99.92 38.73
C ALA L 93 79.23 -100.09 37.25
N GLN L 94 80.14 -99.28 36.70
CA GLN L 94 80.53 -99.46 35.30
C GLN L 94 81.24 -100.80 35.10
N ALA L 95 82.07 -101.20 36.06
CA ALA L 95 82.72 -102.50 35.98
C ALA L 95 81.74 -103.64 36.09
N ASP L 96 80.59 -103.41 36.73
CA ASP L 96 79.53 -104.40 36.77
C ASP L 96 78.93 -104.58 35.38
N GLY L 97 78.34 -105.75 35.14
CA GLY L 97 77.81 -106.08 33.84
C GLY L 97 76.47 -105.45 33.54
N ALA L 98 75.78 -104.93 34.56
CA ALA L 98 74.50 -104.27 34.31
C ALA L 98 74.69 -103.06 33.41
N TRP L 99 75.80 -102.34 33.59
CA TRP L 99 76.11 -101.23 32.68
C TRP L 99 76.41 -101.74 31.27
N THR L 100 77.16 -102.84 31.19
CA THR L 100 77.50 -103.41 29.88
C THR L 100 76.27 -103.92 29.14
N GLU L 101 75.18 -104.15 29.86
CA GLU L 101 73.91 -104.50 29.24
C GLU L 101 73.05 -103.29 28.92
N LEU L 102 72.99 -102.32 29.85
CA LEU L 102 72.29 -101.08 29.59
C LEU L 102 72.80 -100.41 28.32
N VAL L 103 74.10 -100.28 28.20
CA VAL L 103 74.71 -100.03 26.91
C VAL L 103 74.74 -101.34 26.16
N THR L 104 74.62 -101.28 24.84
CA THR L 104 74.66 -102.40 23.91
C THR L 104 73.38 -103.25 23.93
N ASP L 105 72.50 -103.08 24.91
CA ASP L 105 71.24 -103.81 24.86
C ASP L 105 70.03 -103.01 25.32
N GLN L 106 70.21 -101.89 26.02
CA GLN L 106 69.11 -101.20 26.69
C GLN L 106 68.39 -102.15 27.65
N ARG L 107 69.18 -102.94 28.37
CA ARG L 107 68.65 -103.92 29.31
C ARG L 107 68.79 -103.37 30.72
N LEU L 108 67.68 -103.17 31.38
CA LEU L 108 67.69 -102.68 32.74
C LEU L 108 67.94 -103.81 33.73
N PRO L 109 68.49 -103.50 34.90
CA PRO L 109 68.69 -104.55 35.91
C PRO L 109 67.39 -104.94 36.59
N LEU L 110 66.46 -105.51 35.83
CA LEU L 110 65.24 -106.04 36.40
C LEU L 110 64.83 -107.39 35.81
N ALA L 111 65.57 -107.91 34.84
CA ALA L 111 65.28 -109.23 34.30
C ALA L 111 65.52 -110.30 35.36
N THR L 112 64.68 -111.33 35.36
CA THR L 112 64.76 -112.40 36.34
C THR L 112 65.77 -113.48 35.95
N VAL L 113 66.37 -113.40 34.76
CA VAL L 113 67.34 -114.37 34.27
C VAL L 113 66.74 -115.77 34.19
N SER M 1 49.95 111.88 52.40
CA SER M 1 50.22 111.88 53.83
C SER M 1 49.35 112.91 54.54
N LYS M 2 49.52 114.18 54.18
CA LYS M 2 48.78 115.27 54.80
C LYS M 2 48.37 116.24 53.70
N VAL M 3 48.05 117.48 54.10
CA VAL M 3 47.40 118.47 53.25
C VAL M 3 48.12 118.61 51.91
N PHE M 4 47.40 118.29 50.83
CA PHE M 4 47.88 118.43 49.46
C PHE M 4 46.85 119.20 48.67
N ASN M 5 47.31 120.23 47.95
CA ASN M 5 46.43 121.05 47.10
C ASN M 5 45.22 121.52 47.92
N THR M 6 45.52 122.15 49.05
CA THR M 6 44.54 122.73 49.96
C THR M 6 43.52 121.74 50.49
N GLN M 7 43.79 120.44 50.41
CA GLN M 7 42.88 119.42 50.92
C GLN M 7 43.60 118.54 51.92
N THR M 8 42.92 118.23 53.03
CA THR M 8 43.49 117.44 54.11
C THR M 8 43.17 115.97 53.87
N PHE M 9 44.19 115.18 53.59
CA PHE M 9 44.03 113.75 53.38
C PHE M 9 44.38 113.03 54.67
N ASP M 10 43.41 112.34 55.24
CA ASP M 10 43.57 111.64 56.50
C ASP M 10 43.50 110.14 56.26
N ILE M 11 44.15 109.39 57.14
CA ILE M 11 44.27 107.95 56.98
C ILE M 11 42.88 107.34 57.02
N TYR M 12 42.53 106.60 55.97
CA TYR M 12 41.31 105.83 55.98
C TYR M 12 41.54 104.35 56.23
N SER M 13 42.59 103.78 55.63
CA SER M 13 42.75 102.34 55.70
C SER M 13 44.22 102.00 55.62
N THR M 14 44.61 100.96 56.36
CA THR M 14 45.98 100.50 56.35
C THR M 14 45.99 99.00 56.15
N GLU M 15 46.68 98.56 55.11
CA GLU M 15 46.88 97.15 54.83
C GLU M 15 48.33 96.77 55.11
N LYS M 16 48.67 95.54 54.75
CA LYS M 16 50.06 95.12 54.84
C LYS M 16 50.92 95.96 53.91
N ASP M 17 50.41 96.25 52.71
CA ASP M 17 51.22 96.92 51.70
C ASP M 17 50.51 98.10 51.04
N VAL M 18 49.32 98.48 51.52
CA VAL M 18 48.61 99.64 50.98
C VAL M 18 48.21 100.55 52.13
N VAL M 19 48.33 101.85 51.90
CA VAL M 19 47.77 102.87 52.78
C VAL M 19 46.84 103.72 51.93
N SER M 20 45.61 103.90 52.39
CA SER M 20 44.62 104.73 51.71
C SER M 20 44.20 105.88 52.61
N LEU M 21 44.16 107.07 52.02
CA LEU M 21 43.76 108.30 52.69
C LEU M 21 42.61 108.93 51.93
N ARG M 22 41.72 109.60 52.65
CA ARG M 22 40.61 110.32 52.05
C ARG M 22 40.59 111.75 52.54
N ASP M 23 39.95 112.63 51.76
CA ASP M 23 39.80 114.02 52.17
C ASP M 23 38.86 114.13 53.37
N PHE M 24 37.73 113.42 53.32
CA PHE M 24 36.70 113.44 54.36
C PHE M 24 36.00 114.79 54.40
N ALA M 25 36.46 115.74 53.59
CA ALA M 25 35.82 117.04 53.43
C ALA M 25 34.96 117.11 52.18
N ASN M 26 35.55 116.83 51.01
CA ASN M 26 34.75 116.69 49.80
C ASN M 26 34.30 115.27 49.53
N ASP M 27 34.85 114.30 50.26
CA ASP M 27 34.43 112.90 50.19
C ASP M 27 34.48 112.36 48.76
N LYS M 28 35.45 112.80 47.98
CA LYS M 28 35.56 112.37 46.60
C LYS M 28 36.96 111.93 46.21
N ASP M 29 37.99 112.25 46.99
CA ASP M 29 39.37 111.95 46.65
C ASP M 29 39.93 110.89 47.58
N THR M 30 40.57 109.89 46.98
CA THR M 30 41.29 108.87 47.72
C THR M 30 42.72 108.80 47.19
N LEU M 31 43.68 108.90 48.08
CA LEU M 31 45.10 108.81 47.76
C LEU M 31 45.64 107.50 48.31
N ALA M 32 46.23 106.69 47.45
CA ALA M 32 46.73 105.37 47.82
C ALA M 32 48.23 105.29 47.60
N TYR M 33 48.94 104.83 48.63
CA TYR M 33 50.35 104.50 48.58
C TYR M 33 50.47 102.99 48.63
N LYS M 34 51.13 102.40 47.64
CA LYS M 34 51.15 100.97 47.47
C LYS M 34 52.59 100.50 47.28
N ARG M 35 52.89 99.33 47.84
CA ARG M 35 54.25 98.87 48.08
C ARG M 35 54.39 97.41 47.69
N LEU M 36 55.35 97.10 46.83
CA LEU M 36 55.69 95.71 46.51
C LEU M 36 57.20 95.54 46.61
N ALA M 37 57.67 94.82 47.62
CA ALA M 37 59.11 94.59 47.77
C ALA M 37 59.65 93.77 46.61
N PRO M 38 60.90 93.99 46.22
CA PRO M 38 61.48 93.22 45.10
C PRO M 38 61.62 91.76 45.46
N LYS M 39 61.42 90.90 44.47
CA LYS M 39 61.50 89.45 44.66
C LYS M 39 62.61 88.89 43.80
N ARG M 40 63.53 88.17 44.44
CA ARG M 40 64.70 87.60 43.76
C ARG M 40 64.26 86.33 43.05
N THR M 41 63.77 86.50 41.83
CA THR M 41 63.32 85.38 41.02
C THR M 41 64.46 84.74 40.24
N LYS M 42 65.60 85.40 40.15
CA LYS M 42 66.71 84.94 39.34
C LYS M 42 67.98 85.58 39.88
N ASP M 43 69.03 85.57 39.06
CA ASP M 43 70.26 86.29 39.41
C ASP M 43 69.95 87.77 39.63
N SER M 44 68.90 88.28 38.99
CA SER M 44 68.45 89.63 39.29
C SER M 44 67.80 89.66 40.68
N PRO M 45 68.02 90.73 41.45
CA PRO M 45 67.40 90.81 42.78
C PRO M 45 65.93 91.21 42.75
N GLY M 46 65.33 91.37 41.57
CA GLY M 46 63.96 91.81 41.48
C GLY M 46 63.82 93.32 41.38
N MET M 47 62.59 93.75 41.10
CA MET M 47 62.25 95.16 40.97
C MET M 47 61.28 95.55 42.08
N ALA M 48 61.59 96.64 42.77
CA ALA M 48 60.74 97.16 43.84
C ALA M 48 59.66 98.05 43.22
N LYS M 49 58.40 97.69 43.45
CA LYS M 49 57.27 98.40 42.87
C LYS M 49 56.72 99.40 43.88
N SER M 50 56.43 100.60 43.40
CA SER M 50 55.69 101.58 44.16
C SER M 50 54.50 102.04 43.33
N GLU M 51 53.48 102.54 44.02
CA GLU M 51 52.34 103.12 43.31
C GLU M 51 51.76 104.23 44.15
N LEU M 52 51.57 105.40 43.55
CA LEU M 52 50.97 106.55 44.23
C LEU M 52 49.83 107.03 43.37
N LYS M 53 48.59 106.73 43.76
CA LYS M 53 47.47 107.03 42.89
C LYS M 53 46.45 107.90 43.59
N ILE M 54 45.92 108.86 42.85
CA ILE M 54 44.83 109.72 43.29
C ILE M 54 43.59 109.39 42.46
N THR M 55 42.50 109.08 43.14
CA THR M 55 41.24 108.72 42.51
C THR M 55 40.16 109.69 42.95
N ARG M 56 39.40 110.20 41.98
CA ARG M 56 38.29 111.10 42.24
C ARG M 56 37.00 110.43 41.80
N VAL M 57 36.04 110.36 42.71
CA VAL M 57 34.73 109.81 42.45
C VAL M 57 33.69 110.78 42.99
N ASP M 58 32.78 111.23 42.13
CA ASP M 58 31.80 112.17 42.67
C ASP M 58 30.88 111.44 43.65
N PRO M 59 30.61 112.02 44.80
CA PRO M 59 29.88 111.27 45.83
C PRO M 59 28.37 111.45 45.77
N THR M 60 27.80 111.34 44.57
CA THR M 60 26.34 111.39 44.46
C THR M 60 25.83 110.16 43.73
N THR M 61 26.50 109.80 42.64
CA THR M 61 26.25 108.57 41.93
C THR M 61 27.43 107.61 41.99
N GLY M 62 28.57 108.05 42.51
CA GLY M 62 29.72 107.18 42.62
C GLY M 62 30.46 106.91 41.33
N VAL M 63 30.35 107.79 40.35
CA VAL M 63 31.02 107.61 39.06
C VAL M 63 32.47 108.04 39.20
N LEU M 64 33.37 107.28 38.59
CA LEU M 64 34.78 107.64 38.58
C LEU M 64 35.01 108.79 37.62
N ILE M 65 35.52 109.91 38.13
CA ILE M 65 35.83 111.03 37.28
C ILE M 65 37.20 110.86 36.63
N GLY M 66 38.20 110.49 37.40
CA GLY M 66 39.53 110.33 36.84
C GLY M 66 40.51 109.80 37.86
N ILE M 67 41.56 109.15 37.34
CA ILE M 67 42.64 108.60 38.13
C ILE M 67 43.96 109.08 37.56
N VAL M 68 44.84 109.55 38.42
CA VAL M 68 46.24 109.81 38.07
C VAL M 68 47.11 108.93 38.94
N ASN M 69 47.95 108.12 38.31
CA ASN M 69 48.77 107.14 39.01
C ASN M 69 50.24 107.37 38.72
N VAL M 70 51.05 107.36 39.76
CA VAL M 70 52.50 107.47 39.65
C VAL M 70 53.08 106.16 40.17
N SER M 71 53.54 105.31 39.27
CA SER M 71 54.10 104.02 39.63
C SER M 71 55.56 103.94 39.23
N SER M 72 56.38 103.38 40.11
CA SER M 72 57.79 103.19 39.85
C SER M 72 58.11 101.70 39.88
N SER M 73 59.11 101.30 39.11
CA SER M 73 59.58 99.91 39.03
C SER M 73 61.09 99.98 38.89
N ILE M 74 61.81 99.79 40.00
CA ILE M 74 63.24 100.03 40.05
C ILE M 74 63.94 98.79 40.60
N ARG M 75 65.09 98.47 40.00
CA ARG M 75 65.89 97.32 40.42
C ARG M 75 66.25 97.41 41.89
N ALA M 76 66.21 96.26 42.56
CA ALA M 76 66.58 96.22 43.97
C ALA M 76 68.02 96.67 44.18
N ASP M 77 68.91 96.34 43.24
CA ASP M 77 70.31 96.73 43.33
C ASP M 77 70.59 98.14 42.83
N ALA M 78 69.57 98.82 42.30
CA ALA M 78 69.79 100.11 41.67
C ALA M 78 70.26 101.14 42.68
N THR M 79 71.11 102.05 42.23
CA THR M 79 71.71 103.05 43.10
C THR M 79 70.69 104.10 43.51
N ALA M 80 70.97 104.75 44.64
CA ALA M 80 70.15 105.90 45.03
C ALA M 80 70.27 107.02 44.03
N ALA M 81 71.41 107.13 43.34
CA ALA M 81 71.57 108.13 42.29
C ALA M 81 70.63 107.85 41.12
N ASP M 82 70.49 106.58 40.74
CA ASP M 82 69.56 106.23 39.67
C ASP M 82 68.14 106.62 40.04
N LYS M 83 67.74 106.33 41.28
CA LYS M 83 66.39 106.62 41.73
C LYS M 83 66.15 108.12 41.83
N THR M 84 67.12 108.86 42.34
CA THR M 84 66.99 110.32 42.40
C THR M 84 66.88 110.91 41.01
N ALA M 85 67.69 110.41 40.06
CA ALA M 85 67.62 110.91 38.70
C ALA M 85 66.27 110.61 38.07
N LEU M 86 65.75 109.39 38.28
CA LEU M 86 64.44 109.06 37.73
C LEU M 86 63.36 109.97 38.28
N MET M 87 63.36 110.19 39.59
CA MET M 87 62.34 111.03 40.19
C MET M 87 62.47 112.48 39.72
N ALA M 88 63.69 113.00 39.64
CA ALA M 88 63.88 114.36 39.18
C ALA M 88 63.45 114.54 37.73
N ILE M 89 63.76 113.57 36.87
CA ILE M 89 63.38 113.68 35.46
C ILE M 89 61.87 113.64 35.32
N ILE M 90 61.21 112.70 35.99
CA ILE M 90 59.76 112.61 35.86
C ILE M 90 59.09 113.83 36.46
N THR M 91 59.63 114.38 37.55
CA THR M 91 59.08 115.58 38.14
C THR M 91 59.22 116.79 37.23
N ALA M 92 60.39 116.95 36.60
CA ALA M 92 60.58 118.05 35.66
C ALA M 92 59.66 117.92 34.47
N ALA M 93 59.48 116.69 33.97
CA ALA M 93 58.57 116.48 32.85
C ALA M 93 57.13 116.79 33.23
N GLN M 94 56.72 116.44 34.46
CA GLN M 94 55.38 116.78 34.92
C GLN M 94 55.22 118.29 35.06
N ALA M 95 56.24 118.98 35.54
CA ALA M 95 56.18 120.43 35.69
C ALA M 95 56.10 121.13 34.34
N ASP M 96 56.57 120.49 33.28
CA ASP M 96 56.48 121.07 31.95
C ASP M 96 55.03 121.08 31.48
N GLY M 97 54.73 122.03 30.57
CA GLY M 97 53.38 122.14 30.04
C GLY M 97 53.02 121.06 29.05
N ALA M 98 54.01 120.34 28.53
CA ALA M 98 53.72 119.23 27.62
C ALA M 98 52.87 118.17 28.30
N TRP M 99 53.19 117.86 29.56
CA TRP M 99 52.35 116.93 30.32
C TRP M 99 50.98 117.52 30.60
N THR M 100 50.92 118.82 30.90
CA THR M 100 49.66 119.47 31.18
C THR M 100 48.76 119.50 29.95
N GLU M 101 49.32 119.38 28.76
CA GLU M 101 48.53 119.24 27.54
C GLU M 101 48.19 117.79 27.23
N LEU M 102 49.16 116.89 27.38
CA LEU M 102 48.91 115.47 27.23
C LEU M 102 47.73 115.03 28.08
N VAL M 103 47.67 115.51 29.30
CA VAL M 103 46.46 115.37 30.09
C VAL M 103 45.57 116.57 29.78
N THR M 104 44.25 116.34 29.77
CA THR M 104 43.21 117.31 29.42
C THR M 104 43.11 117.64 27.93
N ASP M 105 44.11 117.29 27.12
CA ASP M 105 44.03 117.61 25.69
C ASP M 105 44.37 116.45 24.78
N GLN M 106 45.01 115.39 25.27
CA GLN M 106 45.51 114.31 24.44
C GLN M 106 46.41 114.86 23.34
N ARG M 107 47.29 115.77 23.73
CA ARG M 107 48.17 116.47 22.83
C ARG M 107 49.60 115.99 23.05
N LEU M 108 50.24 115.53 21.98
CA LEU M 108 51.63 115.11 22.05
C LEU M 108 52.56 116.31 21.92
N PRO M 109 53.79 116.22 22.44
CA PRO M 109 54.70 117.37 22.40
C PRO M 109 55.39 117.52 21.06
N LEU M 110 54.64 117.48 19.97
CA LEU M 110 55.22 117.57 18.65
C LEU M 110 54.70 118.73 17.82
N ALA M 111 53.78 119.53 18.33
CA ALA M 111 53.33 120.70 17.61
C ALA M 111 54.49 121.66 17.37
N THR M 112 54.43 122.37 16.25
CA THR M 112 55.44 123.37 15.92
C THR M 112 55.15 124.73 16.55
N VAL M 113 54.03 124.86 17.26
CA VAL M 113 53.65 126.09 17.96
C VAL M 113 53.40 127.25 16.99
N SER N 1 59.46 117.20 26.82
CA SER N 1 59.79 117.82 25.54
C SER N 1 61.28 118.12 25.42
N LYS N 2 61.77 119.00 26.28
CA LYS N 2 63.15 119.49 26.19
C LYS N 2 63.82 119.28 27.54
N VAL N 3 64.92 120.01 27.77
CA VAL N 3 65.83 119.77 28.88
C VAL N 3 65.10 119.59 30.20
N PHE N 4 65.28 118.43 30.82
CA PHE N 4 64.72 118.09 32.12
C PHE N 4 65.85 117.56 32.99
N ASN N 5 65.90 118.01 34.25
CA ASN N 5 66.94 117.59 35.19
C ASN N 5 68.32 117.86 34.61
N THR N 6 68.48 119.02 33.96
CA THR N 6 69.69 119.47 33.28
C THR N 6 70.09 118.60 32.11
N GLN N 7 69.30 117.59 31.76
CA GLN N 7 69.61 116.70 30.65
C GLN N 7 68.73 117.04 29.46
N THR N 8 69.35 117.14 28.28
CA THR N 8 68.66 117.47 27.05
C THR N 8 68.07 116.21 26.45
N PHE N 9 66.75 116.19 26.26
CA PHE N 9 66.04 115.07 25.68
C PHE N 9 65.63 115.43 24.27
N ASP N 10 66.29 114.84 23.28
CA ASP N 10 65.98 115.06 21.88
C ASP N 10 65.17 113.89 21.35
N ILE N 11 64.35 114.17 20.33
CA ILE N 11 63.36 113.19 19.90
C ILE N 11 64.05 111.94 19.40
N TYR N 12 63.68 110.79 19.96
CA TYR N 12 64.22 109.50 19.56
C TYR N 12 63.34 108.77 18.58
N SER N 13 62.02 108.86 18.72
CA SER N 13 61.11 108.22 17.79
C SER N 13 59.74 108.87 17.91
N THR N 14 58.94 108.72 16.87
CA THR N 14 57.58 109.24 16.88
C THR N 14 56.64 108.14 16.39
N GLU N 15 55.46 108.09 16.97
CA GLU N 15 54.42 107.14 16.64
C GLU N 15 53.09 107.88 16.61
N LYS N 16 52.05 107.21 16.13
CA LYS N 16 50.72 107.80 16.10
C LYS N 16 50.30 108.31 17.47
N ASP N 17 50.69 107.61 18.53
CA ASP N 17 50.28 107.98 19.88
C ASP N 17 51.43 108.03 20.87
N VAL N 18 52.66 107.77 20.45
CA VAL N 18 53.81 107.82 21.35
C VAL N 18 54.87 108.72 20.73
N VAL N 19 55.43 109.60 21.55
CA VAL N 19 56.61 110.37 21.20
C VAL N 19 57.68 110.05 22.24
N SER N 20 58.83 109.60 21.78
CA SER N 20 59.91 109.15 22.64
C SER N 20 61.12 110.04 22.41
N LEU N 21 61.70 110.54 23.50
CA LEU N 21 62.87 111.39 23.49
C LEU N 21 64.01 110.68 24.19
N ARG N 22 65.22 110.97 23.77
CA ARG N 22 66.41 110.38 24.36
C ARG N 22 67.36 111.49 24.79
N ASP N 23 68.16 111.20 25.82
CA ASP N 23 69.23 112.12 26.19
C ASP N 23 70.31 112.20 25.12
N PHE N 24 70.77 111.03 24.65
CA PHE N 24 71.82 110.91 23.63
C PHE N 24 73.18 111.33 24.17
N ALA N 25 73.21 111.86 25.39
CA ALA N 25 74.46 112.19 26.06
C ALA N 25 74.93 111.05 26.95
N ASN N 26 74.13 110.67 27.94
CA ASN N 26 74.39 109.47 28.71
C ASN N 26 73.81 108.23 28.05
N ASP N 27 73.01 108.41 27.00
CA ASP N 27 72.52 107.31 26.17
C ASP N 27 71.73 106.29 26.99
N LYS N 28 71.12 106.73 28.08
CA LYS N 28 70.51 105.80 29.01
C LYS N 28 69.08 106.12 29.39
N ASP N 29 68.60 107.34 29.13
CA ASP N 29 67.29 107.78 29.58
C ASP N 29 66.37 108.00 28.39
N THR N 30 65.18 107.44 28.46
CA THR N 30 64.17 107.61 27.42
C THR N 30 62.88 108.09 28.05
N LEU N 31 62.35 109.18 27.52
CA LEU N 31 61.12 109.81 28.01
C LEU N 31 60.02 109.61 26.98
N ALA N 32 58.96 108.92 27.35
CA ALA N 32 57.86 108.64 26.44
C ALA N 32 56.61 109.39 26.86
N TYR N 33 55.93 109.98 25.88
CA TYR N 33 54.61 110.58 26.01
C TYR N 33 53.66 109.73 25.18
N LYS N 34 52.64 109.19 25.81
CA LYS N 34 51.74 108.25 25.18
C LYS N 34 50.30 108.72 25.35
N ARG N 35 49.49 108.47 24.33
CA ARG N 35 48.16 109.05 24.21
C ARG N 35 47.16 107.94 23.87
N LEU N 36 45.97 108.03 24.44
CA LEU N 36 44.86 107.15 24.04
C LEU N 36 43.57 107.95 24.14
N ALA N 37 43.05 108.38 22.99
CA ALA N 37 41.82 109.14 22.99
C ALA N 37 40.66 108.30 23.54
N PRO N 38 39.69 108.93 24.18
CA PRO N 38 38.54 108.18 24.71
C PRO N 38 37.71 107.58 23.59
N LYS N 39 37.13 106.42 23.87
CA LYS N 39 36.24 105.73 22.94
C LYS N 39 34.88 105.57 23.60
N ARG N 40 33.82 105.91 22.86
CA ARG N 40 32.46 105.91 23.40
C ARG N 40 31.82 104.55 23.18
N THR N 41 32.30 103.56 23.95
CA THR N 41 31.77 102.21 23.82
C THR N 41 30.35 102.09 24.37
N LYS N 42 29.88 103.10 25.11
CA LYS N 42 28.55 103.12 25.64
C LYS N 42 28.09 104.58 25.70
N ASP N 43 27.05 104.83 26.48
CA ASP N 43 26.57 106.19 26.72
C ASP N 43 27.68 107.06 27.29
N SER N 44 28.64 106.43 27.96
CA SER N 44 29.80 107.15 28.47
C SER N 44 30.61 107.71 27.29
N PRO N 45 31.24 108.87 27.46
CA PRO N 45 32.16 109.36 26.43
C PRO N 45 33.51 108.66 26.45
N GLY N 46 33.68 107.67 27.31
CA GLY N 46 34.94 106.95 27.42
C GLY N 46 35.93 107.65 28.33
N MET N 47 37.06 106.99 28.53
CA MET N 47 38.15 107.53 29.32
C MET N 47 39.29 107.95 28.40
N ALA N 48 39.79 109.16 28.60
CA ALA N 48 40.99 109.64 27.91
C ALA N 48 42.20 109.19 28.72
N LYS N 49 43.08 108.42 28.10
CA LYS N 49 44.28 107.94 28.75
C LYS N 49 45.49 108.74 28.32
N SER N 50 46.34 109.08 29.27
CA SER N 50 47.66 109.62 28.97
C SER N 50 48.71 108.81 29.72
N GLU N 51 49.95 108.93 29.27
CA GLU N 51 51.04 108.22 29.94
C GLU N 51 52.30 109.03 29.77
N LEU N 52 53.02 109.26 30.86
CA LEU N 52 54.31 109.95 30.81
C LEU N 52 55.32 109.09 31.57
N LYS N 53 56.21 108.44 30.85
CA LYS N 53 57.10 107.47 31.47
C LYS N 53 58.55 107.82 31.21
N ILE N 54 59.39 107.53 32.19
CA ILE N 54 60.84 107.69 32.07
C ILE N 54 61.47 106.34 32.33
N THR N 55 62.38 105.95 31.45
CA THR N 55 63.04 104.67 31.52
C THR N 55 64.55 104.88 31.54
N ARG N 56 65.22 104.21 32.46
CA ARG N 56 66.68 104.20 32.50
C ARG N 56 67.16 102.78 32.24
N VAL N 57 67.99 102.62 31.23
CA VAL N 57 68.70 101.37 30.98
C VAL N 57 70.18 101.71 30.85
N ASP N 58 71.02 100.89 31.45
CA ASP N 58 72.44 101.13 31.29
C ASP N 58 72.87 100.68 29.90
N PRO N 59 73.45 101.56 29.08
CA PRO N 59 73.63 101.22 27.67
C PRO N 59 74.90 100.47 27.34
N THR N 60 75.29 99.50 28.17
CA THR N 60 76.34 98.58 27.76
C THR N 60 75.83 97.15 27.83
N THR N 61 75.21 96.78 28.95
CA THR N 61 74.58 95.48 29.08
C THR N 61 73.08 95.54 28.89
N GLY N 62 72.49 96.73 28.81
CA GLY N 62 71.09 96.87 28.51
C GLY N 62 70.14 96.25 29.52
N VAL N 63 70.42 96.37 30.81
CA VAL N 63 69.48 95.93 31.83
C VAL N 63 68.70 97.15 32.32
N LEU N 64 67.45 96.93 32.66
CA LEU N 64 66.56 98.00 33.09
C LEU N 64 66.92 98.42 34.50
N ILE N 65 67.41 99.64 34.68
CA ILE N 65 67.62 100.14 36.02
C ILE N 65 66.30 100.46 36.70
N GLY N 66 65.40 101.15 36.01
CA GLY N 66 64.12 101.49 36.61
C GLY N 66 63.24 102.28 35.67
N ILE N 67 61.94 102.27 36.00
CA ILE N 67 60.91 103.01 35.28
C ILE N 67 60.06 103.77 36.28
N VAL N 68 59.75 105.03 35.98
CA VAL N 68 58.74 105.79 36.69
C VAL N 68 57.68 106.20 35.68
N ASN N 69 56.42 105.91 36.00
CA ASN N 69 55.32 106.06 35.07
C ASN N 69 54.24 106.95 35.67
N VAL N 70 53.80 107.94 34.92
CA VAL N 70 52.70 108.81 35.32
C VAL N 70 51.56 108.56 34.34
N SER N 71 50.51 107.90 34.80
CA SER N 71 49.39 107.53 33.95
C SER N 71 48.14 108.30 34.36
N SER N 72 47.33 108.64 33.37
CA SER N 72 46.07 109.32 33.59
C SER N 72 44.94 108.53 32.95
N SER N 73 43.83 108.44 33.66
CA SER N 73 42.60 107.84 33.14
C SER N 73 41.47 108.76 33.60
N ILE N 74 41.16 109.77 32.80
CA ILE N 74 40.17 110.78 33.13
C ILE N 74 38.99 110.64 32.17
N ARG N 75 37.79 110.75 32.72
CA ARG N 75 36.59 110.74 31.89
C ARG N 75 36.66 111.82 30.83
N ALA N 76 36.24 111.47 29.61
CA ALA N 76 36.25 112.45 28.53
C ALA N 76 35.37 113.64 28.85
N ASP N 77 34.25 113.42 29.54
CA ASP N 77 33.35 114.48 29.94
C ASP N 77 33.85 115.27 31.14
N ALA N 78 34.88 114.78 31.82
CA ALA N 78 35.28 115.38 33.09
C ALA N 78 35.76 116.81 32.89
N THR N 79 35.32 117.69 33.78
CA THR N 79 35.62 119.10 33.69
C THR N 79 37.11 119.35 33.90
N ALA N 80 37.57 120.49 33.38
CA ALA N 80 38.96 120.87 33.60
C ALA N 80 39.24 121.09 35.08
N ALA N 81 38.21 121.38 35.88
CA ALA N 81 38.40 121.51 37.31
C ALA N 81 38.85 120.19 37.93
N ASP N 82 38.19 119.09 37.57
CA ASP N 82 38.60 117.79 38.09
C ASP N 82 40.00 117.42 37.64
N LYS N 83 40.32 117.68 36.37
CA LYS N 83 41.64 117.35 35.86
C LYS N 83 42.73 118.17 36.53
N THR N 84 42.48 119.47 36.72
CA THR N 84 43.47 120.31 37.40
C THR N 84 43.61 119.91 38.86
N ALA N 85 42.52 119.57 39.53
CA ALA N 85 42.62 119.12 40.91
C ALA N 85 43.38 117.80 41.01
N LEU N 86 43.15 116.90 40.07
CA LEU N 86 43.88 115.64 40.05
C LEU N 86 45.37 115.87 39.89
N MET N 87 45.75 116.74 38.94
CA MET N 87 47.17 117.03 38.77
C MET N 87 47.75 117.71 39.99
N ALA N 88 47.04 118.67 40.57
CA ALA N 88 47.55 119.38 41.73
C ALA N 88 47.76 118.43 42.90
N ILE N 89 46.80 117.54 43.15
CA ILE N 89 46.94 116.60 44.25
C ILE N 89 48.11 115.67 44.01
N ILE N 90 48.24 115.14 42.78
CA ILE N 90 49.30 114.17 42.55
C ILE N 90 50.68 114.82 42.60
N THR N 91 50.80 116.05 42.09
CA THR N 91 52.07 116.76 42.15
C THR N 91 52.43 117.13 43.58
N ALA N 92 51.45 117.57 44.37
CA ALA N 92 51.70 117.86 45.77
C ALA N 92 52.14 116.60 46.52
N ALA N 93 51.50 115.46 46.22
CA ALA N 93 51.90 114.21 46.85
C ALA N 93 53.31 113.81 46.46
N GLN N 94 53.67 113.97 45.19
CA GLN N 94 55.02 113.65 44.75
C GLN N 94 56.06 114.55 45.41
N ALA N 95 55.77 115.85 45.49
CA ALA N 95 56.71 116.77 46.14
C ALA N 95 56.90 116.46 47.61
N ASP N 96 55.90 115.87 48.25
CA ASP N 96 56.00 115.51 49.66
C ASP N 96 56.91 114.29 49.84
N GLY N 97 57.51 114.19 51.02
CA GLY N 97 58.54 113.20 51.27
C GLY N 97 58.04 111.76 51.30
N ALA N 98 56.74 111.56 51.52
CA ALA N 98 56.22 110.18 51.59
C ALA N 98 56.46 109.44 50.29
N TRP N 99 56.25 110.10 49.14
CA TRP N 99 56.54 109.47 47.87
C TRP N 99 58.03 109.20 47.72
N THR N 100 58.87 110.15 48.18
CA THR N 100 60.31 109.98 48.08
C THR N 100 60.79 108.76 48.86
N GLU N 101 60.21 108.48 50.03
CA GLU N 101 60.56 107.27 50.76
C GLU N 101 59.90 106.02 50.21
N LEU N 102 58.67 106.13 49.71
CA LEU N 102 58.02 104.99 49.08
C LEU N 102 58.87 104.44 47.95
N VAL N 103 59.39 105.32 47.11
CA VAL N 103 60.52 104.94 46.27
C VAL N 103 61.78 104.96 47.12
N THR N 104 62.75 104.11 46.79
CA THR N 104 64.05 104.03 47.48
C THR N 104 63.96 103.41 48.87
N ASP N 105 62.75 103.21 49.40
CA ASP N 105 62.65 102.57 50.71
C ASP N 105 61.55 101.54 50.79
N GLN N 106 60.55 101.56 49.91
CA GLN N 106 59.31 100.82 50.08
C GLN N 106 58.69 101.11 51.44
N ARG N 107 58.71 102.39 51.82
CA ARG N 107 58.21 102.85 53.11
C ARG N 107 56.82 103.45 52.92
N LEU N 108 55.83 102.84 53.53
CA LEU N 108 54.47 103.36 53.48
C LEU N 108 54.30 104.53 54.46
N PRO N 109 53.40 105.46 54.15
CA PRO N 109 53.18 106.58 55.08
C PRO N 109 52.39 106.14 56.30
N LEU N 110 53.03 105.37 57.17
CA LEU N 110 52.44 104.98 58.43
C LEU N 110 53.42 105.01 59.60
N ALA N 111 54.64 105.51 59.39
CA ALA N 111 55.62 105.57 60.47
C ALA N 111 55.22 106.60 61.50
N THR N 112 55.48 106.28 62.77
CA THR N 112 55.15 107.18 63.87
C THR N 112 56.25 108.19 64.17
N VAL N 113 57.38 108.10 63.49
CA VAL N 113 58.53 109.00 63.68
C VAL N 113 59.04 108.93 65.12
N SER O 1 31.93 128.57 -13.40
CA SER O 1 30.99 129.16 -14.35
C SER O 1 31.68 129.67 -15.60
N LYS O 2 32.72 130.48 -15.42
CA LYS O 2 33.40 131.13 -16.53
C LYS O 2 34.90 131.07 -16.30
N VAL O 3 35.63 131.91 -17.02
CA VAL O 3 37.08 131.80 -17.22
C VAL O 3 37.82 131.52 -15.93
N PHE O 4 38.55 130.41 -15.90
CA PHE O 4 39.37 129.99 -14.77
C PHE O 4 40.75 129.68 -15.31
N ASN O 5 41.78 130.20 -14.62
CA ASN O 5 43.17 129.96 -15.03
C ASN O 5 43.38 130.41 -16.47
N THR O 6 42.76 131.52 -16.85
CA THR O 6 42.77 132.11 -18.18
C THR O 6 42.17 131.22 -19.25
N GLN O 7 41.57 130.08 -18.89
CA GLN O 7 40.89 129.22 -19.84
C GLN O 7 39.40 129.46 -19.73
N THR O 8 38.74 129.53 -20.88
CA THR O 8 37.30 129.76 -20.93
C THR O 8 36.58 128.42 -20.82
N PHE O 9 35.66 128.32 -19.88
CA PHE O 9 34.85 127.12 -19.69
C PHE O 9 33.42 127.45 -20.09
N ASP O 10 32.94 126.80 -21.13
CA ASP O 10 31.57 126.94 -21.58
C ASP O 10 30.76 125.74 -21.13
N ILE O 11 29.47 125.95 -20.89
CA ILE O 11 28.62 124.87 -20.43
C ILE O 11 28.57 123.79 -21.50
N TYR O 12 28.92 122.57 -21.13
CA TYR O 12 28.86 121.42 -22.01
C TYR O 12 27.61 120.59 -21.83
N SER O 13 27.12 120.47 -20.60
CA SER O 13 26.00 119.59 -20.32
C SER O 13 25.26 120.12 -19.10
N THR O 14 23.94 120.01 -19.15
CA THR O 14 23.10 120.40 -18.03
C THR O 14 22.23 119.23 -17.64
N GLU O 15 22.32 118.83 -16.38
CA GLU O 15 21.57 117.70 -15.85
C GLU O 15 20.74 118.15 -14.65
N LYS O 16 20.00 117.20 -14.08
CA LYS O 16 19.18 117.47 -12.92
C LYS O 16 20.02 117.96 -11.75
N ASP O 17 21.07 117.22 -11.41
CA ASP O 17 21.93 117.54 -10.29
C ASP O 17 23.38 117.74 -10.70
N VAL O 18 23.67 117.82 -12.00
CA VAL O 18 25.03 117.98 -12.50
C VAL O 18 25.05 119.07 -13.56
N VAL O 19 26.07 119.91 -13.53
CA VAL O 19 26.35 120.87 -14.58
C VAL O 19 27.81 120.69 -14.98
N SER O 20 28.06 120.53 -16.27
CA SER O 20 29.39 120.25 -16.77
C SER O 20 29.81 121.30 -17.78
N LEU O 21 30.98 121.88 -17.57
CA LEU O 21 31.60 122.87 -18.45
C LEU O 21 32.83 122.27 -19.10
N ARG O 22 33.04 122.62 -20.37
CA ARG O 22 34.21 122.16 -21.10
C ARG O 22 34.99 123.38 -21.58
N ASP O 23 36.31 123.26 -21.62
CA ASP O 23 37.14 124.33 -22.13
C ASP O 23 36.85 124.61 -23.61
N PHE O 24 36.73 123.54 -24.41
CA PHE O 24 36.42 123.61 -25.84
C PHE O 24 37.55 124.24 -26.65
N ALA O 25 38.58 124.72 -25.96
CA ALA O 25 39.78 125.23 -26.61
C ALA O 25 40.89 124.19 -26.60
N ASN O 26 41.28 123.71 -25.42
CA ASN O 26 42.21 122.61 -25.34
C ASN O 26 41.52 121.25 -25.43
N ASP O 27 40.20 121.22 -25.29
CA ASP O 27 39.39 120.00 -25.41
C ASP O 27 39.88 118.89 -24.49
N LYS O 28 40.41 119.26 -23.31
CA LYS O 28 40.90 118.27 -22.38
C LYS O 28 40.49 118.52 -20.94
N ASP O 29 39.88 119.66 -20.63
CA ASP O 29 39.49 120.01 -19.27
C ASP O 29 37.98 120.03 -19.14
N THR O 30 37.46 119.35 -18.13
CA THR O 30 36.04 119.34 -17.81
C THR O 30 35.83 119.69 -16.36
N LEU O 31 34.95 120.65 -16.09
CA LEU O 31 34.62 121.09 -14.74
C LEU O 31 33.17 120.70 -14.44
N ALA O 32 32.98 119.90 -13.40
CA ALA O 32 31.65 119.39 -13.05
C ALA O 32 31.25 119.90 -11.67
N TYR O 33 30.04 120.44 -11.60
CA TYR O 33 29.35 120.79 -10.36
C TYR O 33 28.29 119.73 -10.12
N LYS O 34 28.40 118.99 -9.03
CA LYS O 34 27.48 117.91 -8.69
C LYS O 34 26.81 118.18 -7.36
N ARG O 35 25.55 117.79 -7.27
CA ARG O 35 24.66 118.11 -6.15
C ARG O 35 24.06 116.82 -5.61
N LEU O 36 23.79 116.78 -4.31
CA LEU O 36 23.07 115.67 -3.71
C LEU O 36 22.38 116.18 -2.45
N ALA O 37 21.05 116.18 -2.48
CA ALA O 37 20.28 116.75 -1.38
C ALA O 37 20.47 115.92 -0.10
N PRO O 38 20.41 116.56 1.07
CA PRO O 38 20.47 115.80 2.31
C PRO O 38 19.22 114.96 2.50
N LYS O 39 19.42 113.71 2.90
CA LYS O 39 18.36 112.72 2.98
C LYS O 39 18.04 112.43 4.45
N ARG O 40 16.78 112.67 4.82
CA ARG O 40 16.32 112.53 6.20
C ARG O 40 15.92 111.07 6.44
N THR O 41 16.91 110.19 6.39
CA THR O 41 16.67 108.78 6.64
C THR O 41 16.36 108.49 8.10
N LYS O 42 16.52 109.49 8.98
CA LYS O 42 16.33 109.32 10.40
C LYS O 42 15.98 110.68 10.99
N ASP O 43 16.07 110.79 12.31
CA ASP O 43 15.87 112.05 13.01
C ASP O 43 16.72 113.16 12.41
N SER O 44 17.97 112.85 12.10
CA SER O 44 18.88 113.84 11.54
C SER O 44 18.38 114.29 10.17
N PRO O 45 18.53 115.57 9.81
CA PRO O 45 18.04 116.02 8.50
C PRO O 45 18.86 115.54 7.33
N GLY O 46 19.94 114.81 7.56
CA GLY O 46 20.77 114.30 6.49
C GLY O 46 21.96 115.19 6.17
N MET O 47 22.79 114.70 5.26
CA MET O 47 24.02 115.38 4.87
C MET O 47 23.91 115.85 3.42
N ALA O 48 24.11 117.14 3.21
CA ALA O 48 24.01 117.72 1.88
C ALA O 48 25.36 117.60 1.19
N LYS O 49 25.41 116.80 0.12
CA LYS O 49 26.65 116.53 -0.58
C LYS O 49 26.83 117.49 -1.75
N SER O 50 28.02 118.08 -1.84
CA SER O 50 28.39 118.89 -2.98
C SER O 50 29.64 118.30 -3.61
N GLU O 51 29.89 118.68 -4.87
CA GLU O 51 31.07 118.20 -5.56
C GLU O 51 31.48 119.21 -6.61
N LEU O 52 32.77 119.55 -6.63
CA LEU O 52 33.35 120.39 -7.68
C LEU O 52 34.62 119.70 -8.16
N LYS O 53 34.60 119.17 -9.38
CA LYS O 53 35.73 118.40 -9.85
C LYS O 53 36.22 118.90 -11.20
N ILE O 54 37.53 118.85 -11.40
CA ILE O 54 38.17 119.17 -12.67
C ILE O 54 38.89 117.93 -13.17
N THR O 55 38.61 117.55 -14.41
CA THR O 55 39.17 116.35 -15.00
C THR O 55 39.92 116.72 -16.28
N ARG O 56 41.15 116.24 -16.38
CA ARG O 56 41.96 116.43 -17.58
C ARG O 56 42.14 115.07 -18.26
N VAL O 57 41.78 115.01 -19.53
CA VAL O 57 41.93 113.80 -20.32
C VAL O 57 42.66 114.17 -21.60
N ASP O 58 43.73 113.43 -21.90
CA ASP O 58 44.54 113.78 -23.05
C ASP O 58 43.75 113.60 -24.33
N PRO O 59 43.51 114.65 -25.10
CA PRO O 59 42.54 114.56 -26.19
C PRO O 59 43.11 114.08 -27.52
N THR O 60 43.93 113.03 -27.52
CA THR O 60 44.27 112.36 -28.77
C THR O 60 44.07 110.86 -28.63
N THR O 61 44.35 110.32 -27.43
CA THR O 61 44.09 108.91 -27.14
C THR O 61 43.10 108.71 -25.99
N GLY O 62 42.78 109.77 -25.25
CA GLY O 62 41.79 109.67 -24.20
C GLY O 62 42.30 109.10 -22.89
N VAL O 63 43.52 109.41 -22.50
CA VAL O 63 44.07 108.93 -21.24
C VAL O 63 43.87 109.99 -20.17
N LEU O 64 43.32 109.57 -19.04
CA LEU O 64 43.06 110.47 -17.91
C LEU O 64 44.39 110.94 -17.32
N ILE O 65 44.71 112.21 -17.51
CA ILE O 65 45.92 112.78 -16.92
C ILE O 65 45.78 112.92 -15.41
N GLY O 66 44.66 113.45 -14.94
CA GLY O 66 44.50 113.68 -13.53
C GLY O 66 43.13 114.25 -13.20
N ILE O 67 42.79 114.17 -11.93
CA ILE O 67 41.54 114.70 -11.40
C ILE O 67 41.82 115.38 -10.07
N VAL O 68 41.30 116.59 -9.89
CA VAL O 68 41.23 117.24 -8.60
C VAL O 68 39.76 117.48 -8.29
N ASN O 69 39.30 116.99 -7.15
CA ASN O 69 37.90 117.03 -6.77
C ASN O 69 37.77 117.71 -5.42
N VAL O 70 36.79 118.59 -5.27
CA VAL O 70 36.44 119.19 -4.00
C VAL O 70 35.04 118.72 -3.66
N SER O 71 34.93 117.87 -2.64
CA SER O 71 33.66 117.33 -2.21
C SER O 71 33.32 117.85 -0.82
N SER O 72 32.05 118.14 -0.60
CA SER O 72 31.56 118.59 0.69
C SER O 72 30.46 117.67 1.17
N SER O 73 30.47 117.35 2.45
CA SER O 73 29.43 116.55 3.09
C SER O 73 29.11 117.26 4.40
N ILE O 74 28.13 118.16 4.35
CA ILE O 74 27.79 119.01 5.48
C ILE O 74 26.38 118.66 5.94
N ARG O 75 26.20 118.62 7.26
CA ARG O 75 24.88 118.38 7.84
C ARG O 75 23.86 119.38 7.30
N ALA O 76 22.65 118.89 7.03
CA ALA O 76 21.60 119.76 6.53
C ALA O 76 21.30 120.89 7.52
N ASP O 77 21.43 120.63 8.82
CA ASP O 77 21.15 121.62 9.84
C ASP O 77 22.35 122.50 10.19
N ALA O 78 23.52 122.22 9.62
CA ALA O 78 24.72 122.95 9.98
C ALA O 78 24.57 124.43 9.66
N THR O 79 25.06 125.26 10.57
CA THR O 79 24.89 126.70 10.44
C THR O 79 25.74 127.24 9.30
N ALA O 80 25.31 128.38 8.75
CA ALA O 80 26.10 129.05 7.73
C ALA O 80 27.47 129.45 8.25
N ALA O 81 27.58 129.66 9.56
CA ALA O 81 28.90 129.91 10.16
C ALA O 81 29.80 128.70 10.03
N ASP O 82 29.27 127.51 10.31
CA ASP O 82 30.06 126.29 10.17
C ASP O 82 30.50 126.10 8.73
N LYS O 83 29.60 126.35 7.79
CA LYS O 83 29.91 126.12 6.38
C LYS O 83 30.92 127.14 5.86
N THR O 84 30.77 128.39 6.27
CA THR O 84 31.76 129.40 5.91
C THR O 84 33.12 129.07 6.51
N ALA O 85 33.14 128.61 7.77
CA ALA O 85 34.40 128.25 8.42
C ALA O 85 35.07 127.09 7.69
N LEU O 86 34.29 126.08 7.33
CA LEU O 86 34.87 124.93 6.61
C LEU O 86 35.46 125.37 5.28
N MET O 87 34.71 126.18 4.53
CA MET O 87 35.21 126.61 3.23
C MET O 87 36.45 127.49 3.38
N ALA O 88 36.46 128.38 4.37
CA ALA O 88 37.61 129.25 4.59
C ALA O 88 38.84 128.46 5.00
N ILE O 89 38.69 127.50 5.91
CA ILE O 89 39.83 126.70 6.35
C ILE O 89 40.40 125.91 5.17
N ILE O 90 39.52 125.26 4.39
CA ILE O 90 40.04 124.47 3.29
C ILE O 90 40.69 125.35 2.22
N THR O 91 40.13 126.54 1.96
CA THR O 91 40.71 127.43 0.97
C THR O 91 42.07 127.94 1.43
N ALA O 92 42.20 128.28 2.72
CA ALA O 92 43.48 128.72 3.25
C ALA O 92 44.50 127.60 3.21
N ALA O 93 44.09 126.37 3.52
CA ALA O 93 45.01 125.24 3.46
C ALA O 93 45.49 124.99 2.04
N GLN O 94 44.59 125.10 1.07
CA GLN O 94 44.98 124.97 -0.34
C GLN O 94 45.93 126.09 -0.74
N ALA O 95 45.67 127.31 -0.29
CA ALA O 95 46.57 128.43 -0.57
C ALA O 95 47.92 128.25 0.10
N ASP O 96 47.99 127.46 1.17
CA ASP O 96 49.25 127.13 1.80
C ASP O 96 50.06 126.21 0.89
N GLY O 97 51.39 126.24 1.07
CA GLY O 97 52.27 125.47 0.21
C GLY O 97 52.32 123.99 0.53
N ALA O 98 51.86 123.60 1.71
CA ALA O 98 51.84 122.18 2.06
C ALA O 98 50.99 121.38 1.10
N TRP O 99 49.87 121.96 0.64
CA TRP O 99 49.06 121.30 -0.37
C TRP O 99 49.77 121.25 -1.71
N THR O 100 50.45 122.35 -2.08
CA THR O 100 51.18 122.37 -3.33
C THR O 100 52.32 121.37 -3.33
N GLU O 101 52.75 120.92 -2.16
CA GLU O 101 53.76 119.87 -2.05
C GLU O 101 53.14 118.48 -2.00
N LEU O 102 52.05 118.32 -1.25
CA LEU O 102 51.33 117.05 -1.21
C LEU O 102 50.89 116.62 -2.60
N VAL O 103 50.32 117.53 -3.36
CA VAL O 103 50.22 117.35 -4.80
C VAL O 103 51.56 117.70 -5.39
N THR O 104 51.95 116.99 -6.44
CA THR O 104 53.18 117.19 -7.21
C THR O 104 54.43 116.67 -6.50
N ASP O 105 54.35 116.30 -5.22
CA ASP O 105 55.48 115.63 -4.60
C ASP O 105 55.11 114.50 -3.67
N GLN O 106 53.87 114.39 -3.23
CA GLN O 106 53.48 113.45 -2.18
C GLN O 106 54.28 113.70 -0.92
N ARG O 107 54.49 114.97 -0.60
CA ARG O 107 55.28 115.39 0.55
C ARG O 107 54.34 115.81 1.66
N LEU O 108 54.42 115.13 2.75
CA LEU O 108 53.57 115.40 3.91
C LEU O 108 54.15 116.54 4.74
N PRO O 109 53.29 117.26 5.46
CA PRO O 109 53.80 118.32 6.35
C PRO O 109 54.45 117.77 7.60
N LEU O 110 55.55 117.03 7.44
CA LEU O 110 56.33 116.56 8.58
C LEU O 110 57.83 116.72 8.39
N ALA O 111 58.28 117.13 7.21
CA ALA O 111 59.71 117.29 6.98
C ALA O 111 60.27 118.42 7.85
N THR O 112 61.50 118.24 8.32
CA THR O 112 62.14 119.22 9.20
C THR O 112 62.80 120.36 8.44
N VAL O 113 62.82 120.30 7.10
CA VAL O 113 63.44 121.33 6.26
C VAL O 113 64.93 121.47 6.56
N SER P 1 -132.51 5.70 13.28
CA SER P 1 -133.07 6.44 14.40
C SER P 1 -133.78 5.50 15.38
N LYS P 2 -134.86 4.88 14.92
CA LYS P 2 -135.66 3.98 15.75
C LYS P 2 -136.02 2.77 14.90
N VAL P 3 -137.01 2.00 15.37
CA VAL P 3 -137.33 0.68 14.82
C VAL P 3 -137.39 0.68 13.29
N PHE P 4 -136.57 -0.17 12.68
CA PHE P 4 -136.52 -0.37 11.23
C PHE P 4 -136.52 -1.85 10.98
N ASN P 5 -137.35 -2.30 10.04
CA ASN P 5 -137.44 -3.70 9.67
C ASN P 5 -137.71 -4.54 10.93
N THR P 6 -138.65 -4.06 11.75
CA THR P 6 -139.09 -4.67 13.00
C THR P 6 -137.97 -4.82 14.02
N GLN P 7 -136.83 -4.15 13.83
CA GLN P 7 -135.75 -4.17 14.80
C GLN P 7 -135.56 -2.79 15.38
N THR P 8 -135.35 -2.73 16.70
CA THR P 8 -135.25 -1.48 17.42
C THR P 8 -133.79 -1.07 17.52
N PHE P 9 -133.45 0.09 16.98
CA PHE P 9 -132.09 0.58 16.97
C PHE P 9 -131.97 1.72 17.96
N ASP P 10 -131.20 1.50 19.02
CA ASP P 10 -130.94 2.51 20.04
C ASP P 10 -129.52 3.03 19.91
N ILE P 11 -129.32 4.28 20.32
CA ILE P 11 -128.01 4.90 20.20
C ILE P 11 -127.01 4.13 21.03
N TYR P 12 -125.91 3.71 20.41
CA TYR P 12 -124.79 3.14 21.13
C TYR P 12 -123.65 4.11 21.31
N SER P 13 -123.43 5.00 20.34
CA SER P 13 -122.27 5.88 20.42
C SER P 13 -122.58 7.16 19.66
N THR P 14 -121.98 8.25 20.12
CA THR P 14 -122.12 9.55 19.46
C THR P 14 -120.75 10.21 19.39
N GLU P 15 -120.34 10.57 18.18
CA GLU P 15 -119.11 11.29 17.95
C GLU P 15 -119.44 12.71 17.52
N LYS P 16 -118.39 13.46 17.16
CA LYS P 16 -118.61 14.78 16.60
C LYS P 16 -119.42 14.69 15.31
N ASP P 17 -119.13 13.70 14.47
CA ASP P 17 -119.78 13.59 13.18
C ASP P 17 -120.32 12.20 12.88
N VAL P 18 -120.34 11.29 13.86
CA VAL P 18 -120.90 9.97 13.66
C VAL P 18 -121.85 9.67 14.80
N VAL P 19 -123.02 9.13 14.46
CA VAL P 19 -123.93 8.53 15.43
C VAL P 19 -124.08 7.06 15.06
N SER P 20 -123.83 6.19 16.03
CA SER P 20 -123.93 4.75 15.83
C SER P 20 -125.02 4.18 16.73
N LEU P 21 -125.90 3.38 16.12
CA LEU P 21 -127.01 2.73 16.80
C LEU P 21 -126.89 1.23 16.65
N ARG P 22 -127.33 0.50 17.66
CA ARG P 22 -127.29 -0.95 17.66
C ARG P 22 -128.67 -1.50 17.94
N ASP P 23 -128.88 -2.76 17.56
CA ASP P 23 -130.16 -3.41 17.86
C ASP P 23 -130.26 -3.75 19.34
N PHE P 24 -129.20 -4.32 19.91
CA PHE P 24 -129.13 -4.72 21.33
C PHE P 24 -130.07 -5.89 21.60
N ALA P 25 -130.83 -6.31 20.59
CA ALA P 25 -131.69 -7.48 20.69
C ALA P 25 -131.06 -8.70 20.02
N ASN P 26 -130.73 -8.60 18.74
CA ASN P 26 -129.96 -9.65 18.08
C ASN P 26 -128.46 -9.37 18.14
N ASP P 27 -128.06 -8.17 18.55
CA ASP P 27 -126.66 -7.82 18.77
C ASP P 27 -125.80 -8.08 17.54
N LYS P 28 -126.37 -7.89 16.35
CA LYS P 28 -125.65 -8.16 15.12
C LYS P 28 -125.68 -7.02 14.13
N ASP P 29 -126.55 -6.04 14.30
CA ASP P 29 -126.70 -4.94 13.34
C ASP P 29 -126.25 -3.63 13.96
N THR P 30 -125.49 -2.86 13.19
CA THR P 30 -125.11 -1.50 13.58
C THR P 30 -125.46 -0.56 12.44
N LEU P 31 -126.17 0.51 12.76
CA LEU P 31 -126.56 1.54 11.81
C LEU P 31 -125.81 2.82 12.14
N ALA P 32 -125.05 3.33 11.18
CA ALA P 32 -124.21 4.50 11.40
C ALA P 32 -124.63 5.63 10.47
N TYR P 33 -124.77 6.82 11.05
CA TYR P 33 -125.03 8.07 10.35
C TYR P 33 -123.78 8.92 10.47
N LYS P 34 -123.26 9.39 9.33
CA LYS P 34 -121.94 9.99 9.28
C LYS P 34 -122.01 11.25 8.43
N ARG P 35 -121.25 12.27 8.86
CA ARG P 35 -121.45 13.65 8.46
C ARG P 35 -120.13 14.32 8.15
N LEU P 36 -119.99 14.88 6.95
CA LEU P 36 -118.84 15.73 6.59
C LEU P 36 -119.36 17.01 5.95
N ALA P 37 -119.21 18.12 6.65
CA ALA P 37 -119.62 19.41 6.09
C ALA P 37 -118.76 19.76 4.88
N PRO P 38 -119.33 20.49 3.91
CA PRO P 38 -118.54 20.87 2.73
C PRO P 38 -117.42 21.82 3.10
N LYS P 39 -116.31 21.70 2.39
CA LYS P 39 -115.14 22.54 2.65
C LYS P 39 -114.86 23.41 1.43
N ARG P 40 -114.98 24.72 1.60
CA ARG P 40 -114.74 25.68 0.52
C ARG P 40 -113.23 25.76 0.32
N THR P 41 -112.71 24.77 -0.39
CA THR P 41 -111.27 24.70 -0.62
C THR P 41 -110.88 25.36 -1.93
N LYS P 42 -111.85 25.89 -2.66
CA LYS P 42 -111.60 26.59 -3.92
C LYS P 42 -112.77 27.54 -4.15
N ASP P 43 -112.90 28.01 -5.39
CA ASP P 43 -114.07 28.81 -5.77
C ASP P 43 -115.35 28.01 -5.52
N SER P 44 -115.25 26.68 -5.61
CA SER P 44 -116.38 25.84 -5.25
C SER P 44 -116.59 25.87 -3.74
N PRO P 45 -117.83 25.79 -3.26
CA PRO P 45 -118.07 25.77 -1.81
C PRO P 45 -117.82 24.42 -1.16
N GLY P 46 -117.39 23.42 -1.92
CA GLY P 46 -117.21 22.08 -1.40
C GLY P 46 -118.46 21.23 -1.51
N MET P 47 -118.28 19.95 -1.24
CA MET P 47 -119.36 18.97 -1.32
C MET P 47 -119.65 18.42 0.07
N ALA P 48 -120.92 18.41 0.46
CA ALA P 48 -121.35 17.90 1.75
C ALA P 48 -121.52 16.38 1.66
N LYS P 49 -120.71 15.65 2.42
CA LYS P 49 -120.81 14.20 2.47
C LYS P 49 -121.76 13.75 3.55
N SER P 50 -122.65 12.82 3.20
CA SER P 50 -123.41 12.06 4.16
C SER P 50 -123.10 10.58 3.95
N GLU P 51 -123.29 9.80 4.99
CA GLU P 51 -123.10 8.36 4.87
C GLU P 51 -124.05 7.66 5.82
N LEU P 52 -124.75 6.65 5.32
CA LEU P 52 -125.69 5.88 6.12
C LEU P 52 -125.42 4.41 5.86
N LYS P 53 -124.82 3.73 6.82
CA LYS P 53 -124.42 2.34 6.60
C LYS P 53 -125.05 1.41 7.61
N ILE P 54 -125.44 0.23 7.14
CA ILE P 54 -125.89 -0.86 8.00
C ILE P 54 -124.89 -2.00 7.86
N THR P 55 -124.34 -2.43 8.99
CA THR P 55 -123.38 -3.51 9.04
C THR P 55 -123.95 -4.65 9.87
N ARG P 56 -123.88 -5.86 9.34
CA ARG P 56 -124.30 -7.06 10.05
C ARG P 56 -123.08 -7.93 10.33
N VAL P 57 -122.87 -8.24 11.60
CA VAL P 57 -121.79 -9.10 12.04
C VAL P 57 -122.38 -10.17 12.95
N ASP P 58 -122.09 -11.43 12.64
CA ASP P 58 -122.67 -12.48 13.49
C ASP P 58 -122.05 -12.45 14.88
N PRO P 59 -122.84 -12.51 15.94
CA PRO P 59 -122.29 -12.34 17.28
C PRO P 59 -121.82 -13.64 17.91
N THR P 60 -121.09 -14.47 17.17
CA THR P 60 -120.55 -15.69 17.75
C THR P 60 -119.06 -15.78 17.45
N THR P 61 -118.67 -15.37 16.25
CA THR P 61 -117.26 -15.27 15.87
C THR P 61 -116.87 -13.89 15.39
N GLY P 62 -117.84 -13.00 15.20
CA GLY P 62 -117.54 -11.65 14.75
C GLY P 62 -117.25 -11.52 13.26
N VAL P 63 -117.80 -12.40 12.43
CA VAL P 63 -117.56 -12.34 11.00
C VAL P 63 -118.49 -11.31 10.39
N LEU P 64 -117.96 -10.51 9.47
CA LEU P 64 -118.76 -9.50 8.79
C LEU P 64 -119.60 -10.18 7.72
N ILE P 65 -120.90 -10.32 7.98
CA ILE P 65 -121.78 -10.92 6.98
C ILE P 65 -121.95 -10.01 5.78
N GLY P 66 -122.20 -8.73 5.99
CA GLY P 66 -122.38 -7.82 4.88
C GLY P 66 -122.63 -6.41 5.34
N ILE P 67 -122.37 -5.48 4.42
CA ILE P 67 -122.57 -4.04 4.64
C ILE P 67 -123.37 -3.49 3.46
N VAL P 68 -124.35 -2.66 3.77
CA VAL P 68 -125.02 -1.83 2.77
C VAL P 68 -124.85 -0.38 3.19
N ASN P 69 -124.31 0.44 2.28
CA ASN P 69 -123.98 1.82 2.57
C ASN P 69 -124.68 2.74 1.59
N VAL P 70 -125.27 3.81 2.11
CA VAL P 70 -125.88 4.84 1.29
C VAL P 70 -125.07 6.12 1.48
N SER P 71 -124.32 6.51 0.47
CA SER P 71 -123.46 7.68 0.54
C SER P 71 -123.96 8.76 -0.40
N SER P 72 -123.97 9.98 0.09
CA SER P 72 -124.32 11.14 -0.71
C SER P 72 -123.18 12.13 -0.70
N SER P 73 -122.97 12.80 -1.82
CA SER P 73 -121.93 13.83 -1.98
C SER P 73 -122.54 14.91 -2.88
N ILE P 74 -122.97 16.00 -2.28
CA ILE P 74 -123.75 17.02 -2.97
C ILE P 74 -123.10 18.38 -2.75
N ARG P 75 -123.10 19.20 -3.80
CA ARG P 75 -122.56 20.55 -3.73
C ARG P 75 -123.23 21.36 -2.65
N ALA P 76 -122.44 22.17 -1.95
CA ALA P 76 -122.99 23.03 -0.91
C ALA P 76 -124.00 24.01 -1.48
N ASP P 77 -123.75 24.53 -2.68
CA ASP P 77 -124.64 25.48 -3.32
C ASP P 77 -125.85 24.81 -3.96
N ALA P 78 -125.87 23.49 -4.03
CA ALA P 78 -126.92 22.79 -4.75
C ALA P 78 -128.28 23.04 -4.11
N THR P 79 -129.30 23.13 -4.96
CA THR P 79 -130.63 23.47 -4.52
C THR P 79 -131.28 22.29 -3.79
N ALA P 80 -132.30 22.61 -2.99
CA ALA P 80 -133.08 21.56 -2.35
C ALA P 80 -133.81 20.70 -3.38
N ALA P 81 -134.14 21.28 -4.53
CA ALA P 81 -134.78 20.51 -5.60
C ALA P 81 -133.82 19.46 -6.15
N ASP P 82 -132.55 19.81 -6.32
CA ASP P 82 -131.56 18.84 -6.79
C ASP P 82 -131.44 17.68 -5.83
N LYS P 83 -131.38 17.99 -4.53
CA LYS P 83 -131.24 16.95 -3.51
C LYS P 83 -132.49 16.08 -3.43
N THR P 84 -133.67 16.69 -3.53
CA THR P 84 -134.90 15.93 -3.55
C THR P 84 -134.94 15.00 -4.76
N ALA P 85 -134.52 15.49 -5.92
CA ALA P 85 -134.50 14.65 -7.11
C ALA P 85 -133.54 13.49 -6.95
N LEU P 86 -132.35 13.76 -6.41
CA LEU P 86 -131.37 12.68 -6.24
C LEU P 86 -131.91 11.60 -5.31
N MET P 87 -132.46 12.00 -4.15
CA MET P 87 -132.97 11.00 -3.23
C MET P 87 -134.17 10.25 -3.81
N ALA P 88 -135.07 10.95 -4.49
CA ALA P 88 -136.21 10.30 -5.10
C ALA P 88 -135.79 9.29 -6.16
N ILE P 89 -134.81 9.65 -6.99
CA ILE P 89 -134.37 8.74 -8.04
C ILE P 89 -133.71 7.51 -7.44
N ILE P 90 -132.81 7.71 -6.46
CA ILE P 90 -132.13 6.56 -5.89
C ILE P 90 -133.12 5.68 -5.13
N THR P 91 -134.12 6.28 -4.49
CA THR P 91 -135.13 5.49 -3.79
C THR P 91 -135.98 4.69 -4.76
N ALA P 92 -136.40 5.29 -5.87
CA ALA P 92 -137.18 4.56 -6.86
C ALA P 92 -136.37 3.43 -7.46
N ALA P 93 -135.08 3.65 -7.71
CA ALA P 93 -134.24 2.59 -8.24
C ALA P 93 -134.06 1.47 -7.24
N GLN P 94 -133.93 1.80 -5.95
CA GLN P 94 -133.82 0.77 -4.92
C GLN P 94 -135.10 -0.04 -4.83
N ALA P 95 -136.25 0.62 -4.95
CA ALA P 95 -137.52 -0.08 -4.92
C ALA P 95 -137.68 -1.02 -6.11
N ASP P 96 -137.02 -0.72 -7.22
CA ASP P 96 -137.09 -1.59 -8.39
C ASP P 96 -136.37 -2.91 -8.13
N GLY P 97 -136.81 -3.96 -8.81
CA GLY P 97 -136.23 -5.27 -8.63
C GLY P 97 -134.86 -5.45 -9.25
N ALA P 98 -134.48 -4.53 -10.15
CA ALA P 98 -133.14 -4.60 -10.72
C ALA P 98 -132.08 -4.48 -9.63
N TRP P 99 -132.28 -3.56 -8.68
CA TRP P 99 -131.37 -3.45 -7.56
C TRP P 99 -131.44 -4.69 -6.68
N THR P 100 -132.63 -5.24 -6.50
CA THR P 100 -132.80 -6.43 -5.67
C THR P 100 -132.11 -7.64 -6.29
N GLU P 101 -131.86 -7.62 -7.59
CA GLU P 101 -131.06 -8.66 -8.24
C GLU P 101 -129.58 -8.32 -8.24
N LEU P 102 -129.23 -7.07 -8.50
CA LEU P 102 -127.85 -6.63 -8.41
C LEU P 102 -127.25 -7.01 -7.06
N VAL P 103 -127.99 -6.79 -6.01
CA VAL P 103 -127.65 -7.40 -4.72
C VAL P 103 -128.27 -8.78 -4.69
N THR P 104 -127.58 -9.72 -4.05
CA THR P 104 -127.95 -11.14 -3.93
C THR P 104 -127.75 -11.96 -5.19
N ASP P 105 -127.54 -11.34 -6.35
CA ASP P 105 -127.37 -12.12 -7.58
C ASP P 105 -126.19 -11.68 -8.43
N GLN P 106 -125.65 -10.47 -8.25
CA GLN P 106 -124.65 -9.89 -9.15
C GLN P 106 -125.18 -9.90 -10.58
N ARG P 107 -126.42 -9.47 -10.72
CA ARG P 107 -127.13 -9.45 -11.99
C ARG P 107 -127.33 -8.01 -12.44
N LEU P 108 -126.86 -7.69 -13.64
CA LEU P 108 -127.06 -6.38 -14.22
C LEU P 108 -128.46 -6.29 -14.85
N PRO P 109 -129.00 -5.07 -14.99
CA PRO P 109 -130.37 -4.94 -15.51
C PRO P 109 -130.44 -5.00 -17.03
N LEU P 110 -129.73 -5.95 -17.62
CA LEU P 110 -129.69 -6.10 -19.07
C LEU P 110 -130.27 -7.41 -19.57
N ALA P 111 -130.81 -8.24 -18.69
CA ALA P 111 -131.46 -9.47 -19.13
C ALA P 111 -132.62 -9.16 -20.06
N THR P 112 -132.80 -10.01 -21.06
CA THR P 112 -133.93 -9.89 -21.97
C THR P 112 -135.17 -10.63 -21.49
N VAL P 113 -135.08 -11.30 -20.34
CA VAL P 113 -136.19 -12.05 -19.74
C VAL P 113 -136.68 -13.15 -20.68
N SER Q 1 -133.41 0.63 -14.04
CA SER Q 1 -133.75 0.10 -15.36
C SER Q 1 -134.58 1.10 -16.18
N LYS Q 2 -135.77 1.42 -15.68
CA LYS Q 2 -136.73 2.23 -16.43
C LYS Q 2 -137.17 3.39 -15.54
N VAL Q 3 -138.29 4.01 -15.90
CA VAL Q 3 -138.75 5.26 -15.33
C VAL Q 3 -138.67 5.28 -13.81
N PHE Q 4 -137.90 6.24 -13.29
CA PHE Q 4 -137.75 6.46 -11.86
C PHE Q 4 -137.96 7.94 -11.59
N ASN Q 5 -138.76 8.26 -10.58
CA ASN Q 5 -139.09 9.64 -10.25
C ASN Q 5 -139.67 10.37 -11.47
N THR Q 6 -140.56 9.69 -12.18
CA THR Q 6 -141.24 10.15 -13.39
C THR Q 6 -140.28 10.40 -14.55
N GLN Q 7 -138.99 10.13 -14.39
CA GLN Q 7 -138.00 10.35 -15.44
C GLN Q 7 -137.63 9.03 -16.08
N THR Q 8 -137.65 9.00 -17.41
CA THR Q 8 -137.33 7.80 -18.18
C THR Q 8 -135.82 7.72 -18.37
N PHE Q 9 -135.22 6.65 -17.86
CA PHE Q 9 -133.78 6.43 -17.96
C PHE Q 9 -133.52 5.40 -19.03
N ASP Q 10 -133.02 5.85 -20.16
CA ASP Q 10 -132.69 4.97 -21.28
C ASP Q 10 -131.21 4.66 -21.27
N ILE Q 11 -130.85 3.48 -21.80
CA ILE Q 11 -129.50 2.97 -21.64
C ILE Q 11 -128.51 3.91 -22.32
N TYR Q 12 -127.50 4.33 -21.57
CA TYR Q 12 -126.46 5.21 -22.07
C TYR Q 12 -125.17 4.49 -22.41
N SER Q 13 -124.82 3.45 -21.67
CA SER Q 13 -123.57 2.74 -21.89
C SER Q 13 -123.63 1.39 -21.21
N THR Q 14 -122.88 0.44 -21.74
CA THR Q 14 -122.79 -0.89 -21.15
C THR Q 14 -121.32 -1.30 -21.06
N GLU Q 15 -120.92 -1.82 -19.92
CA GLU Q 15 -119.58 -2.33 -19.69
C GLU Q 15 -119.65 -3.78 -19.26
N LYS Q 16 -118.48 -4.36 -18.99
CA LYS Q 16 -118.40 -5.70 -18.42
C LYS Q 16 -119.20 -5.79 -17.13
N ASP Q 17 -119.13 -4.76 -16.30
CA ASP Q 17 -119.74 -4.80 -14.98
C ASP Q 17 -120.52 -3.55 -14.64
N VAL Q 18 -120.66 -2.61 -15.58
CA VAL Q 18 -121.38 -1.38 -15.35
C VAL Q 18 -122.42 -1.20 -16.45
N VAL Q 19 -123.64 -0.87 -16.06
CA VAL Q 19 -124.69 -0.47 -16.98
C VAL Q 19 -125.15 0.92 -16.58
N SER Q 20 -125.04 1.86 -17.50
CA SER Q 20 -125.35 3.26 -17.24
C SER Q 20 -126.54 3.67 -18.10
N LEU Q 21 -127.52 4.28 -17.47
CA LEU Q 21 -128.71 4.79 -18.13
C LEU Q 21 -128.76 6.30 -17.98
N ARG Q 22 -129.35 6.96 -18.97
CA ARG Q 22 -129.46 8.41 -18.97
C ARG Q 22 -130.92 8.80 -19.16
N ASP Q 23 -131.29 9.95 -18.60
CA ASP Q 23 -132.61 10.48 -18.86
C ASP Q 23 -132.77 10.88 -20.32
N PHE Q 24 -131.79 11.61 -20.86
CA PHE Q 24 -131.78 12.11 -22.24
C PHE Q 24 -132.84 13.19 -22.46
N ALA Q 25 -133.68 13.42 -21.46
CA ALA Q 25 -134.64 14.52 -21.51
C ALA Q 25 -134.08 15.78 -20.85
N ASN Q 26 -133.74 15.71 -19.58
CA ASN Q 26 -133.00 16.78 -18.92
C ASN Q 26 -131.50 16.66 -19.15
N ASP Q 27 -131.04 15.53 -19.68
CA ASP Q 27 -129.64 15.32 -20.07
C ASP Q 27 -128.69 15.53 -18.90
N LYS Q 28 -129.16 15.30 -17.67
CA LYS Q 28 -128.35 15.62 -16.51
C LYS Q 28 -128.19 14.48 -15.51
N ASP Q 29 -129.03 13.45 -15.58
CA ASP Q 29 -129.05 12.38 -14.58
C ASP Q 29 -128.57 11.08 -15.21
N THR Q 30 -127.61 10.43 -14.55
CA THR Q 30 -127.10 9.14 -15.02
C THR Q 30 -127.17 8.15 -13.86
N LEU Q 31 -127.75 6.99 -14.15
CA LEU Q 31 -127.93 5.93 -13.17
C LEU Q 31 -127.06 4.74 -13.55
N ALA Q 32 -126.16 4.34 -12.66
CA ALA Q 32 -125.20 3.29 -12.92
C ALA Q 32 -125.44 2.11 -11.99
N TYR Q 33 -125.45 0.90 -12.58
CA TYR Q 33 -125.49 -0.37 -11.87
C TYR Q 33 -124.15 -1.05 -12.07
N LYS Q 34 -123.44 -1.34 -10.99
CA LYS Q 34 -122.05 -1.76 -11.04
C LYS Q 34 -121.86 -3.02 -10.21
N ARG Q 35 -121.02 -3.93 -10.70
CA ARG Q 35 -120.96 -5.30 -10.21
C ARG Q 35 -119.53 -5.76 -9.96
N LEU Q 36 -119.29 -6.44 -8.84
CA LEU Q 36 -118.02 -7.13 -8.59
C LEU Q 36 -118.32 -8.46 -7.94
N ALA Q 37 -118.25 -9.53 -8.73
CA ALA Q 37 -118.44 -10.86 -8.18
C ALA Q 37 -117.37 -11.16 -7.13
N PRO Q 38 -117.71 -11.96 -6.12
CA PRO Q 38 -116.75 -12.26 -5.05
C PRO Q 38 -115.55 -13.05 -5.58
N LYS Q 39 -114.39 -12.81 -4.97
CA LYS Q 39 -113.16 -13.52 -5.30
C LYS Q 39 -112.76 -14.36 -4.11
N ARG Q 40 -112.49 -15.64 -4.35
CA ARG Q 40 -112.14 -16.60 -3.30
C ARG Q 40 -110.62 -16.56 -3.07
N THR Q 41 -110.15 -15.44 -2.55
CA THR Q 41 -108.72 -15.25 -2.33
C THR Q 41 -108.21 -16.06 -1.15
N LYS Q 42 -109.09 -16.57 -0.30
CA LYS Q 42 -108.73 -17.39 0.83
C LYS Q 42 -109.84 -18.38 1.07
N ASP Q 43 -109.86 -18.97 2.27
CA ASP Q 43 -110.92 -19.89 2.67
C ASP Q 43 -112.28 -19.20 2.57
N SER Q 44 -112.30 -17.89 2.78
CA SER Q 44 -113.53 -17.14 2.59
C SER Q 44 -113.93 -17.19 1.13
N PRO Q 45 -115.23 -17.24 0.81
CA PRO Q 45 -115.66 -17.19 -0.59
C PRO Q 45 -115.59 -15.79 -1.19
N GLY Q 46 -115.10 -14.81 -0.43
CA GLY Q 46 -115.01 -13.45 -0.91
C GLY Q 46 -116.28 -12.65 -0.66
N MET Q 47 -116.22 -11.38 -1.00
CA MET Q 47 -117.33 -10.46 -0.84
C MET Q 47 -117.88 -10.10 -2.21
N ALA Q 48 -119.20 -10.22 -2.36
CA ALA Q 48 -119.89 -9.77 -3.57
C ALA Q 48 -120.23 -8.30 -3.43
N LYS Q 49 -119.65 -7.47 -4.29
CA LYS Q 49 -119.87 -6.04 -4.28
C LYS Q 49 -120.92 -5.66 -5.31
N SER Q 50 -121.85 -4.80 -4.93
CA SER Q 50 -122.72 -4.15 -5.88
C SER Q 50 -122.68 -2.65 -5.64
N GLU Q 51 -123.09 -1.90 -6.65
CA GLU Q 51 -123.15 -0.45 -6.53
C GLU Q 51 -124.33 0.05 -7.35
N LEU Q 52 -125.11 0.96 -6.79
CA LEU Q 52 -126.18 1.63 -7.52
C LEU Q 52 -126.04 3.11 -7.26
N LYS Q 53 -125.60 3.86 -8.26
CA LYS Q 53 -125.29 5.27 -8.06
C LYS Q 53 -126.07 6.14 -9.03
N ILE Q 54 -126.48 7.31 -8.54
CA ILE Q 54 -127.13 8.31 -9.35
C ILE Q 54 -126.27 9.56 -9.34
N THR Q 55 -126.01 10.11 -10.52
CA THR Q 55 -125.17 11.28 -10.68
C THR Q 55 -125.94 12.35 -11.40
N ARG Q 56 -125.89 13.57 -10.87
CA ARG Q 56 -126.46 14.73 -11.52
C ARG Q 56 -125.34 15.70 -11.87
N VAL Q 57 -125.22 16.04 -13.14
CA VAL Q 57 -124.36 17.12 -13.59
C VAL Q 57 -125.20 18.01 -14.50
N ASP Q 58 -125.03 19.32 -14.33
CA ASP Q 58 -125.82 20.21 -15.17
C ASP Q 58 -125.19 20.25 -16.56
N PRO Q 59 -125.95 19.98 -17.62
CA PRO Q 59 -125.31 19.72 -18.92
C PRO Q 59 -125.05 20.96 -19.76
N THR Q 60 -124.56 22.04 -19.15
CA THR Q 60 -124.07 23.15 -19.96
C THR Q 60 -122.64 23.48 -19.54
N THR Q 61 -122.41 23.64 -18.24
CA THR Q 61 -121.06 23.84 -17.73
C THR Q 61 -120.47 22.57 -17.15
N GLY Q 62 -121.26 21.52 -16.99
CA GLY Q 62 -120.73 20.25 -16.55
C GLY Q 62 -120.12 20.21 -15.17
N VAL Q 63 -120.70 20.92 -14.21
CA VAL Q 63 -120.26 20.83 -12.83
C VAL Q 63 -121.13 19.81 -12.10
N LEU Q 64 -120.49 18.93 -11.35
CA LEU Q 64 -121.19 17.91 -10.59
C LEU Q 64 -122.06 18.55 -9.52
N ILE Q 65 -123.36 18.29 -9.57
CA ILE Q 65 -124.24 18.82 -8.54
C ILE Q 65 -124.31 17.87 -7.35
N GLY Q 66 -124.37 16.56 -7.59
CA GLY Q 66 -124.38 15.63 -6.48
C GLY Q 66 -124.39 14.19 -6.96
N ILE Q 67 -123.97 13.31 -6.05
CA ILE Q 67 -123.99 11.87 -6.24
C ILE Q 67 -124.62 11.24 -5.01
N VAL Q 68 -125.54 10.30 -5.22
CA VAL Q 68 -126.05 9.44 -4.18
C VAL Q 68 -125.74 8.00 -4.57
N ASN Q 69 -125.10 7.27 -3.68
CA ASN Q 69 -124.53 5.98 -3.97
C ASN Q 69 -125.06 4.93 -3.01
N VAL Q 70 -125.45 3.78 -3.54
CA VAL Q 70 -125.87 2.64 -2.74
C VAL Q 70 -124.92 1.49 -3.05
N SER Q 71 -124.06 1.17 -2.08
CA SER Q 71 -123.07 0.12 -2.25
C SER Q 71 -123.37 -1.03 -1.29
N SER Q 72 -123.15 -2.25 -1.75
CA SER Q 72 -123.31 -3.42 -0.93
C SER Q 72 -122.03 -4.24 -0.97
N SER Q 73 -121.66 -4.78 0.19
CA SER Q 73 -120.51 -5.68 0.32
C SER Q 73 -120.98 -6.83 1.21
N ILE Q 74 -121.47 -7.89 0.57
CA ILE Q 74 -122.07 -9.03 1.27
C ILE Q 74 -121.23 -10.26 0.98
N ARG Q 75 -121.02 -11.08 2.01
CA ARG Q 75 -120.27 -12.32 1.84
C ARG Q 75 -120.93 -13.19 0.78
N ALA Q 76 -120.10 -13.87 -0.01
CA ALA Q 76 -120.64 -14.73 -1.07
C ALA Q 76 -121.52 -15.83 -0.50
N ASP Q 77 -121.13 -16.41 0.64
CA ASP Q 77 -121.92 -17.45 1.28
C ASP Q 77 -123.07 -16.91 2.11
N ALA Q 78 -123.16 -15.59 2.29
CA ALA Q 78 -124.16 -15.03 3.18
C ALA Q 78 -125.56 -15.39 2.71
N THR Q 79 -126.38 -15.82 3.66
CA THR Q 79 -127.71 -16.31 3.34
C THR Q 79 -128.59 -15.20 2.79
N ALA Q 80 -129.58 -15.60 1.99
CA ALA Q 80 -130.53 -14.63 1.47
C ALA Q 80 -131.29 -13.93 2.58
N ALA Q 81 -131.42 -14.58 3.75
CA ALA Q 81 -132.01 -13.91 4.89
C ALA Q 81 -131.18 -12.71 5.33
N ASP Q 82 -129.86 -12.88 5.40
CA ASP Q 82 -129.00 -11.77 5.78
C ASP Q 82 -129.08 -10.63 4.77
N LYS Q 83 -129.05 -10.95 3.48
CA LYS Q 83 -129.12 -9.91 2.46
C LYS Q 83 -130.46 -9.20 2.48
N THR Q 84 -131.55 -9.95 2.64
CA THR Q 84 -132.87 -9.34 2.70
C THR Q 84 -133.01 -8.45 3.94
N ALA Q 85 -132.47 -8.89 5.08
CA ALA Q 85 -132.52 -8.06 6.28
C ALA Q 85 -131.71 -6.79 6.10
N LEU Q 86 -130.55 -6.90 5.47
CA LEU Q 86 -129.74 -5.71 5.18
C LEU Q 86 -130.49 -4.74 4.29
N MET Q 87 -131.13 -5.24 3.24
CA MET Q 87 -131.89 -4.37 2.36
C MET Q 87 -133.05 -3.72 3.08
N ALA Q 88 -133.78 -4.52 3.89
CA ALA Q 88 -134.94 -4.00 4.59
C ALA Q 88 -134.55 -2.92 5.58
N ILE Q 89 -133.47 -3.13 6.33
CA ILE Q 89 -133.03 -2.14 7.29
C ILE Q 89 -132.60 -0.87 6.59
N ILE Q 90 -131.81 -1.00 5.51
CA ILE Q 90 -131.30 0.22 4.88
C ILE Q 90 -132.42 1.00 4.20
N THR Q 91 -133.38 0.30 3.59
CA THR Q 91 -134.50 0.98 2.95
C THR Q 91 -135.40 1.64 3.98
N ALA Q 92 -135.63 0.97 5.11
CA ALA Q 92 -136.42 1.57 6.17
C ALA Q 92 -135.72 2.81 6.72
N ALA Q 93 -134.41 2.74 6.90
CA ALA Q 93 -133.66 3.91 7.36
C ALA Q 93 -133.74 5.06 6.37
N GLN Q 94 -133.62 4.76 5.07
CA GLN Q 94 -133.70 5.81 4.06
C GLN Q 94 -135.08 6.45 4.03
N ALA Q 95 -136.13 5.65 4.12
CA ALA Q 95 -137.48 6.21 4.15
C ALA Q 95 -137.72 7.08 5.36
N ASP Q 96 -137.06 6.79 6.47
CA ASP Q 96 -137.18 7.59 7.68
C ASP Q 96 -136.53 8.96 7.47
N GLY Q 97 -137.04 9.96 8.19
CA GLY Q 97 -136.63 11.34 7.99
C GLY Q 97 -135.23 11.65 8.45
N ALA Q 98 -134.62 10.78 9.25
CA ALA Q 98 -133.25 11.03 9.69
C ALA Q 98 -132.29 11.06 8.51
N TRP Q 99 -132.45 10.15 7.55
CA TRP Q 99 -131.62 10.19 6.35
C TRP Q 99 -131.93 11.44 5.51
N THR Q 100 -133.21 11.80 5.41
CA THR Q 100 -133.61 12.97 4.65
C THR Q 100 -133.00 14.24 5.22
N GLU Q 101 -132.80 14.29 6.53
CA GLU Q 101 -132.16 15.43 7.18
C GLU Q 101 -130.64 15.37 7.11
N LEU Q 102 -130.07 14.17 7.26
CA LEU Q 102 -128.62 14.01 7.12
C LEU Q 102 -128.17 14.49 5.74
N VAL Q 103 -128.89 14.12 4.70
CA VAL Q 103 -128.78 14.84 3.44
C VAL Q 103 -129.55 16.14 3.57
N THR Q 104 -129.11 17.18 2.86
CA THR Q 104 -129.78 18.48 2.83
C THR Q 104 -129.63 19.27 4.14
N ASP Q 105 -129.11 18.66 5.20
CA ASP Q 105 -128.87 19.42 6.42
C ASP Q 105 -127.57 19.08 7.11
N GLN Q 106 -126.94 17.95 6.81
CA GLN Q 106 -125.84 17.42 7.59
C GLN Q 106 -126.22 17.33 9.07
N ARG Q 107 -127.44 16.87 9.32
CA ARG Q 107 -128.00 16.78 10.66
C ARG Q 107 -127.94 15.33 11.13
N LEU Q 108 -127.18 15.09 12.18
CA LEU Q 108 -127.09 13.77 12.76
C LEU Q 108 -128.34 13.46 13.60
N PRO Q 109 -128.74 12.20 13.68
CA PRO Q 109 -129.89 11.85 14.50
C PRO Q 109 -129.57 11.91 15.99
N LEU Q 110 -129.41 13.11 16.51
CA LEU Q 110 -129.21 13.31 17.94
C LEU Q 110 -129.96 14.51 18.50
N ALA Q 111 -130.82 15.14 17.70
CA ALA Q 111 -131.56 16.30 18.18
C ALA Q 111 -132.62 15.88 19.20
N THR Q 112 -132.79 16.70 20.23
CA THR Q 112 -133.78 16.44 21.27
C THR Q 112 -135.17 16.94 20.92
N VAL Q 113 -135.32 17.61 19.78
CA VAL Q 113 -136.60 18.15 19.32
C VAL Q 113 -137.19 19.14 20.33
N SER R 1 -120.68 -42.06 -36.87
CA SER R 1 -120.68 -43.48 -37.19
C SER R 1 -121.05 -43.73 -38.65
N LYS R 2 -122.19 -43.21 -39.07
CA LYS R 2 -122.72 -43.49 -40.40
C LYS R 2 -123.27 -42.18 -40.97
N VAL R 3 -124.08 -42.29 -42.02
CA VAL R 3 -124.50 -41.17 -42.86
C VAL R 3 -124.92 -39.95 -42.06
N PHE R 4 -124.23 -38.83 -42.28
CA PHE R 4 -124.53 -37.55 -41.67
C PHE R 4 -124.63 -36.53 -42.78
N ASN R 5 -125.67 -35.69 -42.73
CA ASN R 5 -125.86 -34.64 -43.73
C ASN R 5 -125.90 -35.24 -45.14
N THR R 6 -126.54 -36.39 -45.26
CA THR R 6 -126.69 -37.17 -46.49
C THR R 6 -125.36 -37.63 -47.06
N GLN R 7 -124.25 -37.47 -46.35
CA GLN R 7 -122.96 -37.97 -46.78
C GLN R 7 -122.62 -39.21 -46.00
N THR R 8 -122.07 -40.21 -46.68
CA THR R 8 -121.71 -41.47 -46.05
C THR R 8 -120.30 -41.35 -45.49
N PHE R 9 -120.16 -41.57 -44.18
CA PHE R 9 -118.87 -41.55 -43.52
C PHE R 9 -118.50 -42.98 -43.18
N ASP R 10 -117.46 -43.50 -43.82
CA ASP R 10 -116.95 -44.82 -43.55
C ASP R 10 -115.67 -44.70 -42.73
N ILE R 11 -115.40 -45.71 -41.91
CA ILE R 11 -114.24 -45.63 -41.03
C ILE R 11 -112.98 -45.57 -41.87
N TYR R 12 -112.19 -44.52 -41.67
CA TYR R 12 -110.91 -44.38 -42.35
C TYR R 12 -109.76 -44.99 -41.56
N SER R 13 -109.78 -44.86 -40.25
CA SER R 13 -108.70 -45.40 -39.43
C SER R 13 -109.20 -45.59 -38.01
N THR R 14 -108.63 -46.57 -37.34
CA THR R 14 -108.97 -46.83 -35.95
C THR R 14 -107.69 -46.79 -35.13
N GLU R 15 -107.72 -46.04 -34.04
CA GLU R 15 -106.59 -45.91 -33.14
C GLU R 15 -107.01 -46.36 -31.75
N LYS R 16 -106.05 -46.34 -30.83
CA LYS R 16 -106.32 -46.69 -29.44
C LYS R 16 -107.42 -45.84 -28.85
N ASP R 17 -107.30 -44.51 -29.00
CA ASP R 17 -108.27 -43.58 -28.45
C ASP R 17 -108.88 -42.67 -29.51
N VAL R 18 -108.65 -42.96 -30.79
CA VAL R 18 -109.19 -42.14 -31.88
C VAL R 18 -109.81 -43.06 -32.92
N VAL R 19 -110.97 -42.66 -33.42
CA VAL R 19 -111.60 -43.30 -34.57
C VAL R 19 -111.89 -42.22 -35.60
N SER R 20 -111.43 -42.42 -36.82
CA SER R 20 -111.59 -41.43 -37.88
C SER R 20 -112.37 -42.01 -39.04
N LEU R 21 -113.41 -41.30 -39.45
CA LEU R 21 -114.26 -41.65 -40.57
C LEU R 21 -114.06 -40.64 -41.70
N ARG R 22 -114.07 -41.14 -42.93
CA ARG R 22 -113.89 -40.31 -44.10
C ARG R 22 -115.11 -40.47 -44.99
N ASP R 23 -115.49 -39.37 -45.64
CA ASP R 23 -116.62 -39.42 -46.58
C ASP R 23 -116.30 -40.35 -47.75
N PHE R 24 -115.10 -40.24 -48.31
CA PHE R 24 -114.61 -41.09 -49.40
C PHE R 24 -115.34 -40.81 -50.71
N ALA R 25 -116.36 -39.97 -50.68
CA ALA R 25 -117.05 -39.53 -51.88
C ALA R 25 -116.58 -38.15 -52.32
N ASN R 26 -116.67 -37.17 -51.44
CA ASN R 26 -116.09 -35.86 -51.70
C ASN R 26 -114.62 -35.79 -51.32
N ASP R 27 -114.13 -36.75 -50.53
CA ASP R 27 -112.72 -36.85 -50.15
C ASP R 27 -112.20 -35.56 -49.51
N LYS R 28 -113.07 -34.87 -48.78
CA LYS R 28 -112.68 -33.64 -48.12
C LYS R 28 -113.17 -33.52 -46.68
N ASP R 29 -114.08 -34.39 -46.24
CA ASP R 29 -114.63 -34.32 -44.89
C ASP R 29 -114.11 -35.49 -44.06
N THR R 30 -113.61 -35.18 -42.88
CA THR R 30 -113.13 -36.20 -41.94
C THR R 30 -113.76 -35.95 -40.57
N LEU R 31 -114.35 -37.00 -40.00
CA LEU R 31 -114.97 -36.95 -38.69
C LEU R 31 -114.15 -37.76 -37.71
N ALA R 32 -113.67 -37.12 -36.66
CA ALA R 32 -112.80 -37.77 -35.68
C ALA R 32 -113.46 -37.81 -34.31
N TYR R 33 -113.51 -39.00 -33.72
CA TYR R 33 -113.91 -39.23 -32.35
C TYR R 33 -112.63 -39.47 -31.56
N LYS R 34 -112.35 -38.60 -30.60
CA LYS R 34 -111.14 -38.71 -29.78
C LYS R 34 -111.52 -38.86 -28.31
N ARG R 35 -110.76 -39.68 -27.62
CA ARG R 35 -111.05 -40.10 -26.26
C ARG R 35 -109.85 -39.73 -25.38
N LEU R 36 -110.11 -39.46 -24.11
CA LEU R 36 -109.04 -39.22 -23.16
C LEU R 36 -109.56 -39.50 -21.75
N ALA R 37 -109.03 -40.54 -21.13
CA ALA R 37 -109.52 -40.95 -19.82
C ALA R 37 -109.13 -39.94 -18.75
N PRO R 38 -109.97 -39.78 -17.73
CA PRO R 38 -109.61 -38.88 -16.62
C PRO R 38 -108.44 -39.43 -15.82
N LYS R 39 -107.57 -38.54 -15.37
CA LYS R 39 -106.40 -38.93 -14.59
C LYS R 39 -106.57 -38.47 -13.15
N ARG R 40 -106.41 -39.42 -12.22
CA ARG R 40 -106.50 -39.12 -10.79
C ARG R 40 -105.13 -38.64 -10.33
N THR R 41 -104.73 -37.48 -10.86
CA THR R 41 -103.44 -36.89 -10.52
C THR R 41 -103.44 -36.35 -9.10
N LYS R 42 -104.59 -36.33 -8.44
CA LYS R 42 -104.75 -35.81 -7.10
C LYS R 42 -105.95 -36.51 -6.48
N ASP R 43 -106.46 -35.94 -5.38
CA ASP R 43 -107.68 -36.44 -4.77
C ASP R 43 -108.80 -36.49 -5.80
N SER R 44 -108.87 -35.48 -6.66
CA SER R 44 -109.89 -35.43 -7.69
C SER R 44 -109.75 -36.59 -8.65
N PRO R 45 -110.85 -37.19 -9.12
CA PRO R 45 -110.75 -38.32 -10.04
C PRO R 45 -110.36 -37.95 -11.45
N GLY R 46 -110.17 -36.66 -11.74
CA GLY R 46 -109.75 -36.22 -13.05
C GLY R 46 -110.90 -35.88 -13.97
N MET R 47 -110.54 -35.33 -15.13
CA MET R 47 -111.50 -34.84 -16.11
C MET R 47 -111.46 -35.74 -17.34
N ALA R 48 -112.61 -36.27 -17.74
CA ALA R 48 -112.70 -37.15 -18.88
C ALA R 48 -112.92 -36.31 -20.14
N LYS R 49 -111.94 -36.32 -21.04
CA LYS R 49 -112.00 -35.53 -22.26
C LYS R 49 -112.60 -36.33 -23.41
N SER R 50 -113.54 -35.72 -24.10
CA SER R 50 -114.08 -36.26 -25.33
C SER R 50 -113.86 -35.22 -26.44
N GLU R 51 -113.87 -35.70 -27.67
CA GLU R 51 -113.74 -34.78 -28.80
C GLU R 51 -114.47 -35.35 -29.99
N LEU R 52 -115.28 -34.52 -30.64
CA LEU R 52 -115.96 -34.87 -31.88
C LEU R 52 -115.72 -33.74 -32.86
N LYS R 53 -114.88 -33.96 -33.86
CA LYS R 53 -114.51 -32.88 -34.76
C LYS R 53 -114.76 -33.27 -36.20
N ILE R 54 -115.17 -32.29 -36.99
CA ILE R 54 -115.30 -32.44 -38.43
C ILE R 54 -114.34 -31.47 -39.10
N THR R 55 -113.52 -31.98 -40.01
CA THR R 55 -112.51 -31.18 -40.68
C THR R 55 -112.73 -31.29 -42.18
N ARG R 56 -112.75 -30.13 -42.84
CA ARG R 56 -112.89 -30.07 -44.28
C ARG R 56 -111.59 -29.54 -44.87
N VAL R 57 -110.99 -30.31 -45.77
CA VAL R 57 -109.77 -29.91 -46.45
C VAL R 57 -110.01 -30.01 -47.95
N ASP R 58 -109.64 -28.97 -48.68
CA ASP R 58 -109.93 -28.96 -50.11
C ASP R 58 -109.10 -30.01 -50.82
N PRO R 59 -109.72 -31.00 -51.47
CA PRO R 59 -108.96 -32.15 -51.98
C PRO R 59 -108.38 -31.97 -53.38
N THR R 60 -107.80 -30.81 -53.68
CA THR R 60 -106.99 -30.71 -54.90
C THR R 60 -105.64 -30.08 -54.59
N THR R 61 -105.60 -29.15 -53.64
CA THR R 61 -104.36 -28.57 -53.16
C THR R 61 -104.15 -28.78 -51.66
N GLY R 62 -105.20 -29.13 -50.91
CA GLY R 62 -105.04 -29.41 -49.50
C GLY R 62 -105.13 -28.22 -48.57
N VAL R 63 -106.02 -27.28 -48.85
CA VAL R 63 -106.20 -26.11 -47.99
C VAL R 63 -107.38 -26.35 -47.05
N LEU R 64 -107.13 -26.17 -45.76
CA LEU R 64 -108.13 -26.41 -44.73
C LEU R 64 -109.23 -25.36 -44.84
N ILE R 65 -110.42 -25.79 -45.26
CA ILE R 65 -111.55 -24.87 -45.34
C ILE R 65 -112.05 -24.49 -43.95
N GLY R 66 -112.25 -25.47 -43.08
CA GLY R 66 -112.79 -25.16 -41.78
C GLY R 66 -112.80 -26.38 -40.88
N ILE R 67 -112.95 -26.11 -39.59
CA ILE R 67 -113.07 -27.13 -38.56
C ILE R 67 -114.17 -26.72 -37.60
N VAL R 68 -115.09 -27.65 -37.32
CA VAL R 68 -116.01 -27.51 -36.21
C VAL R 68 -115.73 -28.65 -35.26
N ASN R 69 -115.38 -28.32 -34.02
CA ASN R 69 -114.98 -29.30 -33.02
C ASN R 69 -115.88 -29.18 -31.81
N VAL R 70 -116.30 -30.32 -31.28
CA VAL R 70 -117.06 -30.38 -30.03
C VAL R 70 -116.21 -31.14 -29.02
N SER R 71 -115.79 -30.45 -27.97
CA SER R 71 -114.96 -31.04 -26.94
C SER R 71 -115.69 -31.01 -25.61
N SER R 72 -115.45 -32.03 -24.80
CA SER R 72 -116.03 -32.13 -23.47
C SER R 72 -114.91 -32.33 -22.45
N SER R 73 -115.08 -31.69 -21.30
CA SER R 73 -114.16 -31.89 -20.17
C SER R 73 -115.06 -31.98 -18.94
N ILE R 74 -115.45 -33.20 -18.59
CA ILE R 74 -116.39 -33.44 -17.51
C ILE R 74 -115.68 -34.20 -16.41
N ARG R 75 -115.97 -33.82 -15.16
CA ARG R 75 -115.42 -34.51 -14.01
C ARG R 75 -115.70 -35.99 -14.09
N ALA R 76 -114.71 -36.81 -13.73
CA ALA R 76 -114.90 -38.25 -13.73
C ALA R 76 -115.99 -38.67 -12.76
N ASP R 77 -116.24 -37.87 -11.72
CA ASP R 77 -117.27 -38.18 -10.74
C ASP R 77 -118.62 -37.55 -11.07
N ALA R 78 -118.70 -36.75 -12.13
CA ALA R 78 -119.93 -36.02 -12.44
C ALA R 78 -121.07 -36.98 -12.73
N THR R 79 -122.25 -36.63 -12.27
CA THR R 79 -123.42 -37.50 -12.42
C THR R 79 -123.86 -37.55 -13.87
N ALA R 80 -124.58 -38.62 -14.20
CA ALA R 80 -125.17 -38.73 -15.54
C ALA R 80 -126.18 -37.61 -15.78
N ALA R 81 -126.81 -37.12 -14.72
CA ALA R 81 -127.71 -35.97 -14.86
C ALA R 81 -126.94 -34.74 -15.31
N ASP R 82 -125.76 -34.49 -14.73
CA ASP R 82 -124.95 -33.37 -15.16
C ASP R 82 -124.54 -33.50 -16.61
N LYS R 83 -124.12 -34.70 -17.03
CA LYS R 83 -123.68 -34.89 -18.40
C LYS R 83 -124.82 -34.74 -19.39
N THR R 84 -125.98 -35.28 -19.05
CA THR R 84 -127.15 -35.12 -19.90
C THR R 84 -127.55 -33.65 -19.99
N ALA R 85 -127.51 -32.93 -18.88
CA ALA R 85 -127.86 -31.51 -18.90
C ALA R 85 -126.88 -30.73 -19.76
N LEU R 86 -125.59 -31.01 -19.63
CA LEU R 86 -124.60 -30.31 -20.44
C LEU R 86 -124.82 -30.56 -21.92
N MET R 87 -125.01 -31.82 -22.30
CA MET R 87 -125.24 -32.14 -23.71
C MET R 87 -126.52 -31.51 -24.21
N ALA R 88 -127.58 -31.53 -23.40
CA ALA R 88 -128.86 -30.97 -23.83
C ALA R 88 -128.78 -29.45 -23.99
N ILE R 89 -128.14 -28.76 -23.06
CA ILE R 89 -128.01 -27.31 -23.16
C ILE R 89 -127.19 -26.95 -24.41
N ILE R 90 -126.06 -27.63 -24.61
CA ILE R 90 -125.23 -27.26 -25.76
C ILE R 90 -125.93 -27.59 -27.07
N THR R 91 -126.68 -28.70 -27.13
CA THR R 91 -127.39 -29.04 -28.35
C THR R 91 -128.50 -28.04 -28.62
N ALA R 92 -129.22 -27.62 -27.59
CA ALA R 92 -130.26 -26.61 -27.76
C ALA R 92 -129.67 -25.28 -28.21
N ALA R 93 -128.53 -24.90 -27.66
CA ALA R 93 -127.88 -23.66 -28.09
C ALA R 93 -127.43 -23.74 -29.54
N GLN R 94 -126.89 -24.89 -29.95
CA GLN R 94 -126.50 -25.05 -31.36
C GLN R 94 -127.73 -24.99 -32.26
N ALA R 95 -128.84 -25.59 -31.84
CA ALA R 95 -130.07 -25.50 -32.61
C ALA R 95 -130.62 -24.09 -32.65
N ASP R 96 -130.26 -23.24 -31.68
CA ASP R 96 -130.65 -21.85 -31.72
C ASP R 96 -129.94 -21.13 -32.84
N GLY R 97 -130.55 -20.03 -33.31
CA GLY R 97 -129.98 -19.28 -34.42
C GLY R 97 -128.80 -18.42 -34.04
N ALA R 98 -128.61 -18.17 -32.75
CA ALA R 98 -127.45 -17.38 -32.32
C ALA R 98 -126.15 -18.07 -32.71
N TRP R 99 -126.11 -19.40 -32.61
CA TRP R 99 -124.94 -20.14 -33.08
C TRP R 99 -124.79 -20.05 -34.59
N THR R 100 -125.89 -20.15 -35.32
CA THR R 100 -125.84 -20.07 -36.77
C THR R 100 -125.40 -18.69 -37.24
N GLU R 101 -125.53 -17.68 -36.37
CA GLU R 101 -125.00 -16.36 -36.68
C GLU R 101 -123.56 -16.19 -36.24
N LEU R 102 -123.21 -16.68 -35.05
CA LEU R 102 -121.82 -16.64 -34.59
C LEU R 102 -120.90 -17.32 -35.59
N VAL R 103 -121.27 -18.50 -36.05
CA VAL R 103 -120.67 -19.07 -37.24
C VAL R 103 -121.31 -18.40 -38.45
N THR R 104 -120.52 -18.16 -39.48
CA THR R 104 -120.93 -17.56 -40.75
C THR R 104 -121.18 -16.06 -40.67
N ASP R 105 -121.21 -15.47 -39.47
CA ASP R 105 -121.30 -14.01 -39.42
C ASP R 105 -120.46 -13.37 -38.34
N GLN R 106 -119.99 -14.12 -37.34
CA GLN R 106 -119.35 -13.55 -36.17
C GLN R 106 -120.25 -12.54 -35.49
N ARG R 107 -121.54 -12.87 -35.43
CA ARG R 107 -122.55 -12.01 -34.83
C ARG R 107 -122.86 -12.51 -33.43
N LEU R 108 -122.59 -11.71 -32.47
CA LEU R 108 -122.85 -12.04 -31.08
C LEU R 108 -124.31 -11.79 -30.73
N PRO R 109 -124.84 -12.51 -29.76
CA PRO R 109 -126.22 -12.27 -29.34
C PRO R 109 -126.37 -11.01 -28.52
N LEU R 110 -126.07 -9.87 -29.13
CA LEU R 110 -126.26 -8.58 -28.47
C LEU R 110 -126.89 -7.52 -29.37
N ALA R 111 -127.10 -7.82 -30.65
CA ALA R 111 -127.77 -6.87 -31.53
C ALA R 111 -129.21 -6.67 -31.09
N THR R 112 -129.70 -5.43 -31.25
CA THR R 112 -131.05 -5.07 -30.85
C THR R 112 -132.09 -5.41 -31.90
N VAL R 113 -131.68 -5.88 -33.07
CA VAL R 113 -132.59 -6.24 -34.17
C VAL R 113 -133.42 -5.04 -34.62
N SER S 1 74.75 75.90 80.07
CA SER S 1 76.06 75.39 80.44
C SER S 1 76.15 75.18 81.95
N LYS S 2 76.01 76.27 82.71
CA LYS S 2 76.08 76.23 84.16
C LYS S 2 74.98 77.13 84.69
N VAL S 3 75.08 77.49 85.98
CA VAL S 3 73.99 78.15 86.70
C VAL S 3 73.41 79.33 85.94
N PHE S 4 72.09 79.25 85.69
CA PHE S 4 71.33 80.29 85.01
C PHE S 4 70.08 80.54 85.82
N ASN S 5 69.78 81.81 86.08
CA ASN S 5 68.59 82.19 86.85
C ASN S 5 68.56 81.45 88.18
N THR S 6 69.72 81.41 88.85
CA THR S 6 69.94 80.77 90.13
C THR S 6 69.66 79.27 90.12
N GLN S 7 69.64 78.64 88.95
CA GLN S 7 69.47 77.20 88.86
C GLN S 7 70.69 76.60 88.18
N THR S 8 71.16 75.46 88.70
CA THR S 8 72.36 74.81 88.20
C THR S 8 71.97 73.77 87.16
N PHE S 9 72.45 73.95 85.94
CA PHE S 9 72.15 73.05 84.84
C PHE S 9 73.39 72.18 84.58
N ASP S 10 73.25 70.89 84.81
CA ASP S 10 74.30 69.92 84.58
C ASP S 10 73.96 69.07 83.36
N ILE S 11 74.99 68.60 82.67
CA ILE S 11 74.78 67.84 81.45
C ILE S 11 74.03 66.56 81.77
N TYR S 12 72.92 66.34 81.08
CA TYR S 12 72.20 65.09 81.16
C TYR S 12 72.49 64.18 79.98
N SER S 13 72.68 64.73 78.79
CA SER S 13 72.84 63.89 77.61
C SER S 13 73.67 64.63 76.58
N THR S 14 74.39 63.85 75.77
CA THR S 14 75.18 64.41 74.69
C THR S 14 74.98 63.57 73.44
N GLU S 15 74.58 64.21 72.36
CA GLU S 15 74.43 63.57 71.07
C GLU S 15 75.52 64.08 70.13
N LYS S 16 75.42 63.67 68.87
CA LYS S 16 76.33 64.19 67.86
C LYS S 16 76.16 65.70 67.71
N ASP S 17 74.91 66.17 67.73
CA ASP S 17 74.63 67.59 67.50
C ASP S 17 73.72 68.21 68.55
N VAL S 18 73.40 67.48 69.63
CA VAL S 18 72.59 68.03 70.72
C VAL S 18 73.31 67.78 72.03
N VAL S 19 73.32 68.80 72.88
CA VAL S 19 73.70 68.68 74.28
C VAL S 19 72.50 69.09 75.12
N SER S 20 72.11 68.23 76.05
CA SER S 20 70.98 68.49 76.93
C SER S 20 71.45 68.55 78.37
N LEU S 21 71.06 69.61 79.06
CA LEU S 21 71.37 69.84 80.46
C LEU S 21 70.07 69.90 81.25
N ARG S 22 70.13 69.43 82.49
CA ARG S 22 68.97 69.43 83.38
C ARG S 22 69.34 70.11 84.68
N ASP S 23 68.30 70.58 85.39
CA ASP S 23 68.52 71.19 86.70
C ASP S 23 68.87 70.14 87.75
N PHE S 24 68.13 69.02 87.77
CA PHE S 24 68.32 67.93 88.71
C PHE S 24 67.96 68.36 90.12
N ALA S 25 67.64 69.63 90.31
CA ALA S 25 67.19 70.16 91.59
C ALA S 25 65.69 70.31 91.66
N ASN S 26 65.09 71.05 90.73
CA ASN S 26 63.65 71.07 90.60
C ASN S 26 63.13 70.02 89.63
N ASP S 27 64.02 69.40 88.85
CA ASP S 27 63.68 68.31 87.95
C ASP S 27 62.54 68.69 87.00
N LYS S 28 62.54 69.94 86.54
CA LYS S 28 61.49 70.40 85.66
C LYS S 28 61.99 71.14 84.44
N ASP S 29 63.24 71.59 84.41
CA ASP S 29 63.77 72.38 83.32
C ASP S 29 64.83 71.60 82.57
N THR S 30 64.78 71.66 81.24
CA THR S 30 65.81 71.10 80.38
C THR S 30 66.25 72.15 79.39
N LEU S 31 67.55 72.37 79.30
CA LEU S 31 68.15 73.32 78.38
C LEU S 31 68.91 72.55 77.30
N ALA S 32 68.59 72.79 76.05
CA ALA S 32 69.16 72.06 74.93
C ALA S 32 69.88 73.01 73.98
N TYR S 33 71.11 72.64 73.63
CA TYR S 33 71.92 73.31 72.61
C TYR S 33 72.00 72.37 71.41
N LYS S 34 71.64 72.88 70.24
CA LYS S 34 71.43 72.04 69.07
C LYS S 34 72.11 72.69 67.87
N ARG S 35 72.69 71.85 67.02
CA ARG S 35 73.69 72.27 66.04
C ARG S 35 73.41 71.63 64.69
N LEU S 36 73.31 72.46 63.64
CA LEU S 36 73.25 71.97 62.27
C LEU S 36 74.27 72.73 61.43
N ALA S 37 75.30 72.03 60.96
CA ALA S 37 76.29 72.65 60.10
C ALA S 37 75.66 73.04 58.75
N PRO S 38 76.15 74.11 58.11
CA PRO S 38 75.60 74.49 56.81
C PRO S 38 75.93 73.46 55.74
N LYS S 39 75.01 73.29 54.80
CA LYS S 39 75.17 72.33 53.73
C LYS S 39 75.16 73.05 52.38
N ARG S 40 76.24 72.88 51.63
CA ARG S 40 76.43 73.57 50.35
C ARG S 40 75.63 72.81 49.30
N THR S 41 74.35 73.16 49.21
CA THR S 41 73.46 72.52 48.24
C THR S 41 73.36 73.28 46.94
N LYS S 42 74.01 74.44 46.84
CA LYS S 42 74.00 75.24 45.63
C LYS S 42 75.21 76.14 45.66
N ASP S 43 75.20 77.19 44.84
CA ASP S 43 76.24 78.21 44.89
C ASP S 43 76.29 78.84 46.27
N SER S 44 75.16 78.80 46.99
CA SER S 44 75.16 79.22 48.38
C SER S 44 75.88 78.18 49.24
N PRO S 45 76.67 78.60 50.23
CA PRO S 45 77.34 77.64 51.11
C PRO S 45 76.44 77.04 52.17
N GLY S 46 75.15 77.35 52.16
CA GLY S 46 74.23 76.85 53.16
C GLY S 46 74.11 77.75 54.38
N MET S 47 73.14 77.44 55.21
CA MET S 47 72.86 78.19 56.43
C MET S 47 73.16 77.32 57.64
N ALA S 48 73.90 77.87 58.58
CA ALA S 48 74.23 77.18 59.83
C ALA S 48 73.10 77.40 60.83
N LYS S 49 72.51 76.32 61.31
CA LYS S 49 71.44 76.39 62.29
C LYS S 49 71.96 76.21 63.70
N SER S 50 71.53 77.08 64.59
CA SER S 50 71.69 76.88 66.02
C SER S 50 70.31 76.83 66.66
N GLU S 51 70.23 76.20 67.82
CA GLU S 51 68.97 76.16 68.54
C GLU S 51 69.25 76.06 70.02
N LEU S 52 68.63 76.94 70.80
CA LEU S 52 68.83 76.97 72.25
C LEU S 52 67.47 77.03 72.91
N LYS S 53 67.02 75.91 73.45
CA LYS S 53 65.67 75.83 73.98
C LYS S 53 65.66 75.51 75.47
N ILE S 54 64.76 76.15 76.19
CA ILE S 54 64.45 75.79 77.57
C ILE S 54 63.02 75.27 77.63
N THR S 55 62.86 74.06 78.15
CA THR S 55 61.56 73.44 78.30
C THR S 55 61.29 73.20 79.79
N ARG S 56 60.09 73.57 80.23
CA ARG S 56 59.66 73.33 81.60
C ARG S 56 58.50 72.34 81.58
N VAL S 57 58.67 71.26 82.32
CA VAL S 57 57.63 70.24 82.50
C VAL S 57 57.43 70.01 83.99
N ASP S 58 56.19 70.05 84.44
CA ASP S 58 55.99 69.81 85.86
C ASP S 58 56.30 68.35 86.20
N PRO S 59 57.07 68.08 87.24
CA PRO S 59 57.46 66.71 87.54
C PRO S 59 56.48 65.96 88.41
N THR S 60 55.18 66.09 88.11
CA THR S 60 54.18 65.30 88.82
C THR S 60 53.36 64.47 87.84
N THR S 61 52.89 65.11 86.77
CA THR S 61 52.15 64.44 85.72
C THR S 61 52.82 64.56 84.35
N GLY S 62 53.89 65.34 84.25
CA GLY S 62 54.59 65.49 82.99
C GLY S 62 53.92 66.39 81.97
N VAL S 63 53.13 67.36 82.41
CA VAL S 63 52.50 68.30 81.49
C VAL S 63 53.51 69.40 81.15
N LEU S 64 53.56 69.76 79.88
CA LEU S 64 54.52 70.76 79.42
C LEU S 64 53.99 72.15 79.74
N ILE S 65 54.65 72.84 80.67
CA ILE S 65 54.24 74.18 81.03
C ILE S 65 54.53 75.17 79.90
N GLY S 66 55.72 75.12 79.33
CA GLY S 66 56.04 76.02 78.25
C GLY S 66 57.47 75.87 77.79
N ILE S 67 57.72 76.32 76.56
CA ILE S 67 59.03 76.29 75.94
C ILE S 67 59.37 77.69 75.44
N VAL S 68 60.60 78.13 75.67
CA VAL S 68 61.16 79.30 75.03
C VAL S 68 62.37 78.85 74.22
N ASN S 69 62.39 79.18 72.94
CA ASN S 69 63.42 78.72 72.01
C ASN S 69 64.10 79.91 71.36
N VAL S 70 65.42 79.82 71.22
CA VAL S 70 66.21 80.81 70.49
C VAL S 70 66.91 80.07 69.36
N SER S 71 66.43 80.25 68.14
CA SER S 71 67.00 79.59 66.98
C SER S 71 67.60 80.62 66.03
N SER S 72 68.78 80.31 65.52
CA SER S 72 69.46 81.16 64.56
C SER S 72 69.68 80.38 63.26
N SER S 73 69.53 81.06 62.14
CA SER S 73 69.80 80.48 60.81
C SER S 73 70.60 81.53 60.05
N ILE S 74 71.91 81.35 59.99
CA ILE S 74 72.81 82.35 59.46
C ILE S 74 73.61 81.74 58.31
N ARG S 75 73.79 82.54 57.26
CA ARG S 75 74.55 82.11 56.09
C ARG S 75 75.96 81.69 56.47
N ALA S 76 76.44 80.63 55.83
CA ALA S 76 77.79 80.14 56.13
C ALA S 76 78.86 81.17 55.83
N ASP S 77 78.69 81.92 54.74
CA ASP S 77 79.65 82.96 54.36
C ASP S 77 79.47 84.25 55.14
N ALA S 78 78.43 84.34 55.97
CA ALA S 78 78.11 85.60 56.62
C ALA S 78 79.25 86.04 57.54
N THR S 79 79.46 87.35 57.58
CA THR S 79 80.55 87.91 58.36
C THR S 79 80.26 87.80 59.85
N ALA S 80 81.34 87.84 60.65
CA ALA S 80 81.18 87.89 62.10
C ALA S 80 80.45 89.16 62.54
N ALA S 81 80.60 90.25 61.77
CA ALA S 81 79.87 91.47 62.07
C ALA S 81 78.37 91.26 61.93
N ASP S 82 77.94 90.54 60.90
CA ASP S 82 76.52 90.27 60.73
C ASP S 82 75.97 89.47 61.90
N LYS S 83 76.72 88.46 62.34
CA LYS S 83 76.27 87.62 63.44
C LYS S 83 76.24 88.40 64.76
N THR S 84 77.25 89.22 64.99
CA THR S 84 77.26 90.05 66.19
C THR S 84 76.09 91.02 66.19
N ALA S 85 75.81 91.63 65.03
CA ALA S 85 74.69 92.56 64.93
C ALA S 85 73.37 91.86 65.18
N LEU S 86 73.18 90.67 64.60
CA LEU S 86 71.95 89.93 64.82
C LEU S 86 71.76 89.60 66.30
N MET S 87 72.81 89.10 66.94
CA MET S 87 72.68 88.73 68.36
C MET S 87 72.45 89.97 69.23
N ALA S 88 73.15 91.07 68.95
CA ALA S 88 72.95 92.29 69.73
C ALA S 88 71.53 92.82 69.56
N ILE S 89 71.00 92.81 68.33
CA ILE S 89 69.66 93.33 68.10
C ILE S 89 68.63 92.46 68.83
N ILE S 90 68.75 91.14 68.69
CA ILE S 90 67.76 90.27 69.32
C ILE S 90 67.85 90.36 70.84
N THR S 91 69.06 90.50 71.39
CA THR S 91 69.20 90.63 72.83
C THR S 91 68.62 91.95 73.33
N ALA S 92 68.85 93.04 72.60
CA ALA S 92 68.28 94.32 72.99
C ALA S 92 66.75 94.29 72.93
N ALA S 93 66.20 93.63 71.91
CA ALA S 93 64.76 93.50 71.80
C ALA S 93 64.19 92.66 72.95
N GLN S 94 64.90 91.60 73.33
CA GLN S 94 64.46 90.79 74.46
C GLN S 94 64.51 91.59 75.76
N ALA S 95 65.54 92.41 75.94
CA ALA S 95 65.65 93.23 77.13
C ALA S 95 64.56 94.28 77.21
N ASP S 96 64.00 94.68 76.07
CA ASP S 96 62.90 95.64 76.06
C ASP S 96 61.64 95.00 76.63
N GLY S 97 60.76 95.85 77.17
CA GLY S 97 59.52 95.36 77.76
C GLY S 97 58.50 94.91 76.74
N ALA S 98 58.68 95.29 75.48
CA ALA S 98 57.75 94.85 74.44
C ALA S 98 57.75 93.34 74.32
N TRP S 99 58.92 92.72 74.38
CA TRP S 99 58.99 91.26 74.36
C TRP S 99 58.41 90.68 75.63
N THR S 100 58.65 91.33 76.77
CA THR S 100 58.13 90.82 78.04
C THR S 100 56.62 90.90 78.09
N GLU S 101 56.01 91.73 77.24
CA GLU S 101 54.56 91.78 77.11
C GLU S 101 54.04 90.82 76.05
N LEU S 102 54.72 90.75 74.90
CA LEU S 102 54.38 89.76 73.88
C LEU S 102 54.34 88.36 74.48
N VAL S 103 55.36 88.00 75.22
CA VAL S 103 55.29 86.83 76.08
C VAL S 103 54.53 87.23 77.34
N THR S 104 53.72 86.31 77.85
CA THR S 104 52.88 86.46 79.04
C THR S 104 51.64 87.31 78.82
N ASP S 105 51.54 88.04 77.70
CA ASP S 105 50.38 88.90 77.49
C ASP S 105 49.80 88.82 76.09
N GLN S 106 50.54 88.32 75.10
CA GLN S 106 50.13 88.33 73.71
C GLN S 106 49.79 89.75 73.27
N ARG S 107 50.67 90.68 73.63
CA ARG S 107 50.50 92.09 73.36
C ARG S 107 51.53 92.53 72.32
N LEU S 108 51.04 93.08 71.21
CA LEU S 108 51.92 93.63 70.19
C LEU S 108 52.42 95.00 70.60
N PRO S 109 53.58 95.43 70.09
CA PRO S 109 54.13 96.72 70.52
C PRO S 109 53.49 97.91 69.81
N LEU S 110 52.17 97.94 69.75
CA LEU S 110 51.46 99.00 69.06
C LEU S 110 50.54 99.81 69.96
N ALA S 111 50.45 99.49 71.24
CA ALA S 111 49.68 100.31 72.16
C ALA S 111 50.24 101.73 72.19
N THR S 112 49.34 102.71 72.30
CA THR S 112 49.73 104.11 72.39
C THR S 112 50.03 104.54 73.82
N VAL S 113 49.85 103.66 74.80
CA VAL S 113 50.16 103.93 76.20
C VAL S 113 49.30 105.04 76.80
N SER T 1 60.46 97.42 69.37
CA SER T 1 59.73 98.68 69.43
C SER T 1 60.56 99.85 68.89
N LYS T 2 61.57 100.27 69.64
CA LYS T 2 62.36 101.44 69.30
C LYS T 2 63.83 101.05 69.30
N VAL T 3 64.70 102.06 69.36
CA VAL T 3 66.13 101.91 69.11
C VAL T 3 66.73 100.71 69.82
N PHE T 4 67.30 99.79 69.04
CA PHE T 4 67.97 98.60 69.55
C PHE T 4 69.34 98.51 68.89
N ASN T 5 70.36 98.21 69.69
CA ASN T 5 71.73 98.10 69.19
C ASN T 5 72.14 99.37 68.45
N THR T 6 71.78 100.52 69.02
CA THR T 6 71.99 101.86 68.48
C THR T 6 71.25 102.11 67.16
N GLN T 7 70.44 101.17 66.69
CA GLN T 7 69.72 101.32 65.44
C GLN T 7 68.25 101.58 65.71
N THR T 8 67.71 102.58 65.04
CA THR T 8 66.30 102.95 65.18
C THR T 8 65.46 102.08 64.26
N PHE T 9 64.53 101.34 64.84
CA PHE T 9 63.62 100.48 64.10
C PHE T 9 62.26 101.16 64.04
N ASP T 10 61.91 101.69 62.88
CA ASP T 10 60.62 102.34 62.67
C ASP T 10 59.67 101.36 62.02
N ILE T 11 58.37 101.55 62.28
CA ILE T 11 57.38 100.55 61.91
C ILE T 11 57.35 100.39 60.39
N TYR T 12 57.47 99.15 59.94
CA TYR T 12 57.44 98.83 58.52
C TYR T 12 56.10 98.31 58.04
N SER T 13 55.41 97.53 58.87
CA SER T 13 54.10 97.03 58.50
C SER T 13 53.38 96.54 59.74
N THR T 14 52.06 96.50 59.67
CA THR T 14 51.24 95.99 60.76
C THR T 14 50.24 94.99 60.20
N GLU T 15 50.21 93.82 60.80
CA GLU T 15 49.25 92.77 60.51
C GLU T 15 48.45 92.47 61.78
N LYS T 16 47.37 91.72 61.63
CA LYS T 16 46.52 91.35 62.76
C LYS T 16 47.35 90.76 63.90
N ASP T 17 48.35 89.95 63.59
CA ASP T 17 49.16 89.30 64.61
C ASP T 17 50.65 89.54 64.46
N VAL T 18 51.07 90.33 63.47
CA VAL T 18 52.47 90.62 63.25
C VAL T 18 52.66 92.13 63.16
N VAL T 19 53.69 92.63 63.82
CA VAL T 19 54.15 94.00 63.68
C VAL T 19 55.61 93.96 63.29
N SER T 20 55.94 94.58 62.17
CA SER T 20 57.28 94.54 61.61
C SER T 20 57.84 95.95 61.59
N LEU T 21 59.07 96.09 62.08
CA LEU T 21 59.79 97.35 62.12
C LEU T 21 61.03 97.24 61.24
N ARG T 22 61.44 98.35 60.67
CA ARG T 22 62.61 98.40 59.81
C ARG T 22 63.56 99.47 60.31
N ASP T 23 64.86 99.27 60.07
CA ASP T 23 65.83 100.31 60.38
C ASP T 23 65.63 101.54 59.50
N PHE T 24 65.55 101.33 58.18
CA PHE T 24 65.37 102.37 57.17
C PHE T 24 66.63 103.22 57.00
N ALA T 25 67.61 103.01 57.86
CA ALA T 25 68.91 103.64 57.73
C ALA T 25 69.87 102.78 56.92
N ASN T 26 70.11 101.55 57.36
CA ASN T 26 70.86 100.59 56.57
C ASN T 26 69.95 99.73 55.69
N ASP T 27 68.63 99.85 55.85
CA ASP T 27 67.65 99.23 54.96
C ASP T 27 67.83 97.71 54.90
N LYS T 28 68.36 97.11 55.96
CA LYS T 28 68.71 95.71 55.91
C LYS T 28 68.16 94.86 57.05
N ASP T 29 67.72 95.47 58.14
CA ASP T 29 67.28 94.76 59.33
C ASP T 29 65.79 94.94 59.54
N THR T 30 65.07 93.84 59.75
CA THR T 30 63.64 93.87 60.02
C THR T 30 63.35 93.08 61.27
N LEU T 31 62.64 93.71 62.21
CA LEU T 31 62.30 93.12 63.49
C LEU T 31 60.81 92.85 63.53
N ALA T 32 60.42 91.58 63.71
CA ALA T 32 59.02 91.19 63.69
C ALA T 32 58.60 90.67 65.06
N TYR T 33 57.42 91.11 65.50
CA TYR T 33 56.74 90.62 66.69
C TYR T 33 55.48 89.91 66.23
N LYS T 34 55.35 88.64 66.56
CA LYS T 34 54.27 87.82 66.05
C LYS T 34 53.56 87.13 67.20
N ARG T 35 52.24 87.01 67.07
CA ARG T 35 51.36 86.65 68.16
C ARG T 35 50.44 85.51 67.71
N LEU T 36 50.22 84.54 68.58
CA LEU T 36 49.23 83.49 68.32
C LEU T 36 48.55 83.16 69.63
N ALA T 37 47.33 83.68 69.82
CA ALA T 37 46.60 83.45 71.05
C ALA T 37 46.29 81.96 71.21
N PRO T 38 46.25 81.46 72.44
CA PRO T 38 45.94 80.04 72.65
C PRO T 38 44.54 79.70 72.20
N LYS T 39 44.38 78.49 71.67
CA LYS T 39 43.09 77.98 71.23
C LYS T 39 42.71 76.80 72.12
N ARG T 40 41.51 76.84 72.66
CA ARG T 40 41.03 75.83 73.62
C ARG T 40 40.39 74.69 72.83
N THR T 41 41.23 73.92 72.13
CA THR T 41 40.75 72.82 71.31
C THR T 41 40.33 71.62 72.14
N LYS T 42 40.71 71.59 73.42
CA LYS T 42 40.34 70.51 74.31
C LYS T 42 40.21 71.09 75.71
N ASP T 43 40.24 70.21 76.72
CA ASP T 43 40.23 70.63 78.11
C ASP T 43 41.39 71.57 78.39
N SER T 44 42.49 71.39 77.65
CA SER T 44 43.61 72.30 77.76
C SER T 44 43.18 73.70 77.32
N PRO T 45 43.67 74.77 77.95
CA PRO T 45 43.38 76.11 77.47
C PRO T 45 44.21 76.51 76.26
N GLY T 46 44.97 75.58 75.69
CA GLY T 46 45.81 75.87 74.54
C GLY T 46 47.16 76.43 74.94
N MET T 47 47.99 76.63 73.92
CA MET T 47 49.31 77.22 74.09
C MET T 47 49.33 78.61 73.46
N ALA T 48 49.78 79.59 74.22
CA ALA T 48 49.99 80.94 73.70
C ALA T 48 51.37 80.99 73.04
N LYS T 49 51.39 81.27 71.73
CA LYS T 49 52.63 81.35 70.99
C LYS T 49 53.03 82.82 70.82
N SER T 50 54.31 83.09 71.04
CA SER T 50 54.88 84.37 70.66
C SER T 50 56.12 84.13 69.80
N GLU T 51 56.49 85.14 69.03
CA GLU T 51 57.66 85.03 68.18
C GLU T 51 58.29 86.40 68.02
N LEU T 52 59.60 86.47 68.21
CA LEU T 52 60.34 87.73 68.05
C LEU T 52 61.54 87.44 67.17
N LYS T 53 61.49 87.89 65.92
CA LYS T 53 62.55 87.55 64.97
C LYS T 53 63.24 88.79 64.46
N ILE T 54 64.54 88.65 64.21
CA ILE T 54 65.33 89.66 63.53
C ILE T 54 65.83 89.05 62.24
N THR T 55 65.67 89.77 61.15
CA THR T 55 66.09 89.31 59.84
C THR T 55 67.02 90.32 59.21
N ARG T 56 68.15 89.85 58.70
CA ARG T 56 69.08 90.69 57.96
C ARG T 56 69.15 90.19 56.52
N VAL T 57 68.90 91.09 55.59
CA VAL T 57 69.08 90.82 54.17
C VAL T 57 69.94 91.92 53.60
N ASP T 58 70.82 91.58 52.67
CA ASP T 58 71.61 92.62 52.06
C ASP T 58 70.72 93.31 51.04
N PRO T 59 70.42 94.59 51.18
CA PRO T 59 69.38 95.20 50.35
C PRO T 59 69.88 95.69 49.01
N THR T 60 70.73 94.91 48.34
CA THR T 60 71.06 95.20 46.96
C THR T 60 70.76 93.97 46.12
N THR T 61 71.17 92.79 46.58
CA THR T 61 70.84 91.55 45.91
C THR T 61 69.77 90.75 46.63
N GLY T 62 69.34 91.20 47.80
CA GLY T 62 68.30 90.50 48.52
C GLY T 62 68.69 89.13 49.01
N VAL T 63 69.92 88.97 49.48
CA VAL T 63 70.38 87.69 50.01
C VAL T 63 70.14 87.67 51.52
N LEU T 64 69.53 86.60 52.01
CA LEU T 64 69.40 86.39 53.44
C LEU T 64 70.78 86.22 54.04
N ILE T 65 71.14 87.09 54.98
CA ILE T 65 72.41 86.90 55.68
C ILE T 65 72.19 86.06 56.94
N GLY T 66 71.10 86.28 57.65
CA GLY T 66 70.80 85.45 58.80
C GLY T 66 69.51 85.87 59.47
N ILE T 67 68.95 84.93 60.22
CA ILE T 67 67.77 85.13 61.05
C ILE T 67 68.07 84.61 62.44
N VAL T 68 67.72 85.39 63.46
CA VAL T 68 67.69 84.92 64.84
C VAL T 68 66.27 85.10 65.35
N ASN T 69 65.69 84.02 65.85
CA ASN T 69 64.28 84.00 66.22
C ASN T 69 64.13 83.58 67.67
N VAL T 70 63.31 84.32 68.42
CA VAL T 70 62.98 83.98 69.79
C VAL T 70 61.50 83.61 69.85
N SER T 71 61.20 82.33 69.99
CA SER T 71 59.84 81.83 69.98
C SER T 71 59.46 81.31 71.35
N SER T 72 58.21 81.51 71.72
CA SER T 72 57.69 81.04 72.99
C SER T 72 56.40 80.26 72.76
N SER T 73 56.25 79.17 73.49
CA SER T 73 55.02 78.37 73.48
C SER T 73 54.74 78.01 74.93
N ILE T 74 53.95 78.84 75.59
CA ILE T 74 53.66 78.70 77.01
C ILE T 74 52.18 78.39 77.17
N ARG T 75 51.86 77.45 78.06
CA ARG T 75 50.48 77.08 78.32
C ARG T 75 49.68 78.31 78.74
N ALA T 76 48.44 78.39 78.24
CA ALA T 76 47.61 79.56 78.53
C ALA T 76 47.38 79.72 80.02
N ASP T 77 47.20 78.61 80.74
CA ASP T 77 47.02 78.67 82.18
C ASP T 77 48.33 78.79 82.94
N ALA T 78 49.47 78.65 82.28
CA ALA T 78 50.75 78.62 82.98
C ALA T 78 50.97 79.92 83.72
N THR T 79 51.38 79.79 84.98
CA THR T 79 51.51 80.92 85.87
C THR T 79 52.60 81.86 85.39
N ALA T 80 52.51 83.12 85.83
CA ALA T 80 53.55 84.08 85.53
C ALA T 80 54.88 83.67 86.15
N ALA T 81 54.84 82.83 87.18
CA ALA T 81 56.08 82.31 87.75
C ALA T 81 56.84 81.48 86.73
N ASP T 82 56.16 80.52 86.09
CA ASP T 82 56.82 79.70 85.07
C ASP T 82 57.26 80.55 83.89
N LYS T 83 56.43 81.53 83.51
CA LYS T 83 56.76 82.40 82.38
C LYS T 83 58.02 83.22 82.65
N THR T 84 58.09 83.82 83.84
CA THR T 84 59.26 84.59 84.20
C THR T 84 60.49 83.72 84.37
N ALA T 85 60.32 82.50 84.89
CA ALA T 85 61.45 81.60 85.02
C ALA T 85 61.98 81.21 83.66
N LEU T 86 61.09 80.93 82.71
CA LEU T 86 61.49 80.59 81.36
C LEU T 86 62.26 81.75 80.72
N MET T 87 61.72 82.97 80.84
CA MET T 87 62.40 84.12 80.26
C MET T 87 63.76 84.35 80.90
N ALA T 88 63.82 84.25 82.24
CA ALA T 88 65.08 84.49 82.94
C ALA T 88 66.13 83.46 82.56
N ILE T 89 65.73 82.18 82.47
CA ILE T 89 66.69 81.14 82.12
C ILE T 89 67.19 81.35 80.70
N ILE T 90 66.27 81.64 79.76
CA ILE T 90 66.73 81.75 78.38
C ILE T 90 67.60 82.99 78.19
N THR T 91 67.29 84.08 78.88
CA THR T 91 68.13 85.27 78.79
C THR T 91 69.50 85.03 79.43
N ALA T 92 69.53 84.33 80.57
CA ALA T 92 70.81 84.02 81.20
C ALA T 92 71.64 83.12 80.30
N ALA T 93 71.01 82.15 79.66
CA ALA T 93 71.73 81.26 78.74
C ALA T 93 72.26 82.03 77.54
N GLN T 94 71.46 82.97 77.00
CA GLN T 94 71.94 83.76 75.88
C GLN T 94 73.11 84.66 76.27
N ALA T 95 73.03 85.27 77.44
CA ALA T 95 74.15 86.10 77.91
C ALA T 95 75.42 85.28 78.10
N ASP T 96 75.29 84.00 78.40
CA ASP T 96 76.44 83.13 78.56
C ASP T 96 77.10 82.86 77.21
N GLY T 97 78.41 82.62 77.24
CA GLY T 97 79.19 82.51 76.03
C GLY T 97 78.93 81.26 75.22
N ALA T 98 78.32 80.24 75.82
CA ALA T 98 78.04 79.01 75.07
C ALA T 98 77.10 79.29 73.89
N TRP T 99 76.09 80.13 74.10
CA TRP T 99 75.24 80.54 72.98
C TRP T 99 76.02 81.34 71.95
N THR T 100 76.90 82.22 72.43
CA THR T 100 77.70 83.05 71.52
C THR T 100 78.59 82.20 70.63
N GLU T 101 79.04 81.04 71.11
CA GLU T 101 79.84 80.14 70.29
C GLU T 101 79.00 79.18 69.46
N LEU T 102 77.86 78.73 70.00
CA LEU T 102 76.94 77.92 69.22
C LEU T 102 76.55 78.66 67.95
N VAL T 103 76.24 79.93 68.07
CA VAL T 103 76.24 80.81 66.90
C VAL T 103 77.69 81.19 66.60
N THR T 104 78.00 81.42 65.33
CA THR T 104 79.32 81.84 64.86
C THR T 104 80.36 80.72 64.92
N ASP T 105 80.05 79.59 65.55
CA ASP T 105 81.00 78.48 65.56
C ASP T 105 80.36 77.13 65.38
N GLN T 106 79.06 76.99 65.57
CA GLN T 106 78.40 75.68 65.67
C GLN T 106 79.08 74.81 66.73
N ARG T 107 79.44 75.45 67.84
CA ARG T 107 80.17 74.80 68.92
C ARG T 107 79.21 74.43 70.04
N LEU T 108 79.09 73.15 70.31
CA LEU T 108 78.26 72.68 71.41
C LEU T 108 78.97 72.88 72.74
N PRO T 109 78.22 73.11 73.82
CA PRO T 109 78.86 73.33 75.12
C PRO T 109 79.36 72.03 75.72
N LEU T 110 80.43 71.50 75.16
CA LEU T 110 81.01 70.25 75.63
C LEU T 110 82.53 70.23 75.57
N ALA T 111 83.18 71.34 75.23
CA ALA T 111 84.64 71.38 75.18
C ALA T 111 85.23 71.31 76.58
N THR T 112 86.36 70.63 76.70
CA THR T 112 87.04 70.49 77.99
C THR T 112 87.97 71.66 78.30
N VAL T 113 88.12 72.61 77.37
CA VAL T 113 88.97 73.78 77.54
C VAL T 113 90.43 73.37 77.76
N SER U 1 12.05 107.46 77.28
CA SER U 1 10.93 107.88 78.10
C SER U 1 10.41 109.25 77.69
N LYS U 2 11.15 110.30 78.03
CA LYS U 2 10.71 111.66 77.79
C LYS U 2 11.82 112.40 77.07
N VAL U 3 11.73 113.73 77.02
CA VAL U 3 12.44 114.59 76.09
C VAL U 3 13.90 114.21 75.95
N PHE U 4 14.30 113.89 74.71
CA PHE U 4 15.67 113.55 74.35
C PHE U 4 16.07 114.45 73.20
N ASN U 5 17.25 115.06 73.31
CA ASN U 5 17.75 115.93 72.25
C ASN U 5 16.76 117.04 71.93
N THR U 6 16.09 117.55 72.97
CA THR U 6 15.06 118.59 72.92
C THR U 6 13.83 118.17 72.13
N GLN U 7 13.71 116.89 71.74
CA GLN U 7 12.51 116.40 71.10
C GLN U 7 11.68 115.64 72.13
N THR U 8 10.37 115.78 72.04
CA THR U 8 9.46 115.09 72.93
C THR U 8 9.10 113.75 72.33
N PHE U 9 9.34 112.68 73.08
CA PHE U 9 9.00 111.34 72.66
C PHE U 9 7.83 110.87 73.53
N ASP U 10 6.69 110.65 72.90
CA ASP U 10 5.51 110.14 73.57
C ASP U 10 5.30 108.69 73.17
N ILE U 11 4.74 107.91 74.09
CA ILE U 11 4.60 106.48 73.82
C ILE U 11 3.66 106.28 72.66
N TYR U 12 4.12 105.56 71.65
CA TYR U 12 3.32 105.24 70.48
C TYR U 12 2.68 103.86 70.56
N SER U 13 3.38 102.90 71.13
CA SER U 13 2.90 101.53 71.14
C SER U 13 3.38 100.84 72.40
N THR U 14 2.49 100.05 72.98
CA THR U 14 2.84 99.24 74.14
C THR U 14 2.64 97.78 73.79
N GLU U 15 3.68 97.00 73.99
CA GLU U 15 3.70 95.59 73.65
C GLU U 15 4.16 94.80 74.87
N LYS U 16 3.99 93.47 74.80
CA LYS U 16 4.43 92.58 75.87
C LYS U 16 5.89 92.82 76.24
N ASP U 17 6.78 92.85 75.25
CA ASP U 17 8.20 93.03 75.49
C ASP U 17 8.78 94.19 74.69
N VAL U 18 7.94 95.06 74.12
CA VAL U 18 8.41 96.21 73.36
C VAL U 18 7.60 97.43 73.78
N VAL U 19 8.27 98.57 73.90
CA VAL U 19 7.62 99.86 74.09
C VAL U 19 8.20 100.81 73.06
N SER U 20 7.33 101.46 72.29
CA SER U 20 7.75 102.34 71.21
C SER U 20 7.25 103.75 71.45
N LEU U 21 8.15 104.72 71.33
CA LEU U 21 7.84 106.14 71.47
C LEU U 21 8.08 106.86 70.16
N ARG U 22 7.17 107.77 69.83
CA ARG U 22 7.28 108.56 68.61
C ARG U 22 7.48 110.00 69.00
N ASP U 23 8.22 110.74 68.16
CA ASP U 23 8.35 112.17 68.37
C ASP U 23 7.00 112.88 68.21
N PHE U 24 6.26 112.53 67.16
CA PHE U 24 4.94 113.07 66.87
C PHE U 24 5.00 114.54 66.48
N ALA U 25 6.18 115.14 66.55
CA ALA U 25 6.42 116.49 66.08
C ALA U 25 7.08 116.50 64.71
N ASN U 26 8.20 115.77 64.57
CA ASN U 26 8.78 115.57 63.26
C ASN U 26 8.22 114.35 62.54
N ASP U 27 7.53 113.46 63.27
CA ASP U 27 6.95 112.25 62.71
C ASP U 27 7.98 111.42 61.95
N LYS U 28 9.21 111.41 62.42
CA LYS U 28 10.28 110.70 61.73
C LYS U 28 11.16 109.88 62.67
N ASP U 29 11.10 110.09 63.97
CA ASP U 29 11.96 109.40 64.93
C ASP U 29 11.14 108.45 65.79
N THR U 30 11.60 107.22 65.90
CA THR U 30 10.97 106.21 66.74
C THR U 30 12.02 105.62 67.67
N LEU U 31 11.71 105.58 68.96
CA LEU U 31 12.58 105.00 69.97
C LEU U 31 11.93 103.76 70.55
N ALA U 32 12.59 102.61 70.38
CA ALA U 32 12.05 101.33 70.79
C ALA U 32 12.90 100.73 71.90
N TYR U 33 12.22 100.33 72.98
CA TYR U 33 12.79 99.54 74.07
C TYR U 33 12.30 98.11 73.87
N LYS U 34 13.21 97.19 73.60
CA LYS U 34 12.89 95.78 73.39
C LYS U 34 13.53 94.93 74.48
N ARG U 35 12.80 93.92 74.91
CA ARG U 35 13.16 93.08 76.05
C ARG U 35 13.18 91.63 75.60
N LEU U 36 14.03 90.82 76.22
CA LEU U 36 14.06 89.39 75.93
C LEU U 36 14.66 88.67 77.13
N ALA U 37 13.83 87.91 77.85
CA ALA U 37 14.28 87.26 79.06
C ALA U 37 15.30 86.16 78.73
N PRO U 38 16.26 85.92 79.64
CA PRO U 38 17.21 84.83 79.42
C PRO U 38 16.52 83.47 79.48
N LYS U 39 16.97 82.56 78.62
CA LYS U 39 16.40 81.22 78.54
C LYS U 39 17.40 80.20 79.06
N ARG U 40 16.98 79.44 80.07
CA ARG U 40 17.82 78.41 80.69
C ARG U 40 17.71 77.15 79.84
N THR U 41 18.26 77.23 78.63
CA THR U 41 18.24 76.09 77.71
C THR U 41 19.22 75.01 78.13
N LYS U 42 20.04 75.28 79.13
CA LYS U 42 21.06 74.35 79.60
C LYS U 42 21.35 74.69 81.06
N ASP U 43 22.47 74.17 81.56
CA ASP U 43 22.94 74.51 82.90
C ASP U 43 23.06 76.02 83.06
N SER U 44 23.50 76.70 82.01
CA SER U 44 23.64 78.15 82.05
C SER U 44 22.27 78.80 82.23
N PRO U 45 22.17 79.86 83.05
CA PRO U 45 20.86 80.48 83.27
C PRO U 45 20.34 81.27 82.08
N GLY U 46 21.09 81.37 80.99
CA GLY U 46 20.65 82.07 79.82
C GLY U 46 21.18 83.49 79.73
N MET U 47 20.92 84.11 78.58
CA MET U 47 21.47 85.42 78.27
C MET U 47 20.32 86.40 78.12
N ALA U 48 20.31 87.46 78.92
CA ALA U 48 19.22 88.42 78.95
C ALA U 48 19.47 89.50 77.90
N LYS U 49 18.60 89.56 76.90
CA LYS U 49 18.76 90.49 75.80
C LYS U 49 17.97 91.76 76.05
N SER U 50 18.61 92.90 75.83
CA SER U 50 17.95 94.19 75.84
C SER U 50 18.23 94.88 74.52
N GLU U 51 17.38 95.84 74.16
CA GLU U 51 17.60 96.59 72.93
C GLU U 51 17.02 97.98 73.10
N LEU U 52 17.81 98.99 72.74
CA LEU U 52 17.35 100.37 72.72
C LEU U 52 17.75 100.95 71.37
N LYS U 53 16.77 101.21 70.51
CA LYS U 53 17.08 101.65 69.16
C LYS U 53 16.30 102.88 68.78
N ILE U 54 16.92 103.73 67.96
CA ILE U 54 16.28 104.90 67.38
C ILE U 54 16.31 104.75 65.87
N THR U 55 15.14 104.91 65.25
CA THR U 55 14.99 104.75 63.82
C THR U 55 14.42 106.03 63.24
N ARG U 56 15.09 106.55 62.22
CA ARG U 56 14.65 107.75 61.53
C ARG U 56 14.18 107.34 60.14
N VAL U 57 12.94 107.71 59.81
CA VAL U 57 12.37 107.43 58.51
C VAL U 57 11.85 108.75 57.95
N ASP U 58 12.18 109.01 56.69
CA ASP U 58 11.79 110.29 56.10
C ASP U 58 10.29 110.35 55.93
N PRO U 59 9.58 111.28 56.56
CA PRO U 59 8.12 111.21 56.59
C PRO U 59 7.42 111.88 55.41
N THR U 60 7.91 111.67 54.19
CA THR U 60 7.12 112.05 53.02
C THR U 60 7.03 110.88 52.05
N THR U 61 8.13 110.12 51.91
CA THR U 61 8.14 108.91 51.09
C THR U 61 8.45 107.66 51.88
N GLY U 62 8.89 107.79 53.13
CA GLY U 62 9.13 106.62 53.97
C GLY U 62 10.45 105.92 53.76
N VAL U 63 11.52 106.66 53.48
CA VAL U 63 12.84 106.08 53.29
C VAL U 63 13.60 106.12 54.60
N LEU U 64 14.14 104.98 55.00
CA LEU U 64 14.90 104.87 56.24
C LEU U 64 16.19 105.66 56.12
N ILE U 65 16.30 106.76 56.88
CA ILE U 65 17.53 107.53 56.90
C ILE U 65 18.62 106.80 57.65
N GLY U 66 18.34 106.31 58.85
CA GLY U 66 19.37 105.66 59.63
C GLY U 66 18.81 105.04 60.89
N ILE U 67 19.60 104.16 61.48
CA ILE U 67 19.27 103.48 62.73
C ILE U 67 20.51 103.45 63.60
N VAL U 68 20.36 103.80 64.87
CA VAL U 68 21.36 103.53 65.89
C VAL U 68 20.72 102.64 66.93
N ASN U 69 21.31 101.47 67.16
CA ASN U 69 20.76 100.47 68.07
C ASN U 69 21.79 100.16 69.15
N VAL U 70 21.32 100.07 70.39
CA VAL U 70 22.13 99.64 71.51
C VAL U 70 21.54 98.34 72.02
N SER U 71 22.27 97.24 71.83
CA SER U 71 21.82 95.93 72.25
C SER U 71 22.74 95.39 73.34
N SER U 72 22.15 94.77 74.35
CA SER U 72 22.89 94.14 75.43
C SER U 72 22.56 92.67 75.48
N SER U 73 23.59 91.86 75.67
CA SER U 73 23.44 90.41 75.84
C SER U 73 24.30 90.07 77.05
N ILE U 74 23.68 90.02 78.21
CA ILE U 74 24.38 89.80 79.47
C ILE U 74 23.88 88.50 80.09
N ARG U 75 24.81 87.74 80.66
CA ARG U 75 24.45 86.51 81.35
C ARG U 75 23.40 86.78 82.42
N ALA U 76 22.45 85.85 82.54
CA ALA U 76 21.43 85.97 83.57
C ALA U 76 22.05 85.96 84.96
N ASP U 77 23.20 85.30 85.13
CA ASP U 77 23.87 85.24 86.41
C ASP U 77 24.89 86.37 86.61
N ALA U 78 25.11 87.21 85.61
CA ALA U 78 26.15 88.22 85.69
C ALA U 78 25.83 89.23 86.78
N THR U 79 26.87 89.64 87.50
CA THR U 79 26.69 90.51 88.65
C THR U 79 26.35 91.92 88.22
N ALA U 80 25.71 92.66 89.13
CA ALA U 80 25.38 94.06 88.86
C ALA U 80 26.63 94.88 88.64
N ALA U 81 27.76 94.49 89.25
CA ALA U 81 29.02 95.17 88.98
C ALA U 81 29.43 95.00 87.51
N ASP U 82 29.28 93.80 86.97
CA ASP U 82 29.59 93.57 85.56
C ASP U 82 28.72 94.43 84.67
N LYS U 83 27.42 94.50 84.98
CA LYS U 83 26.51 95.27 84.13
C LYS U 83 26.78 96.76 84.21
N THR U 84 27.07 97.26 85.42
CA THR U 84 27.43 98.66 85.57
C THR U 84 28.72 98.97 84.83
N ALA U 85 29.71 98.07 84.92
CA ALA U 85 30.97 98.28 84.22
C ALA U 85 30.77 98.29 82.71
N LEU U 86 29.96 97.37 82.20
CA LEU U 86 29.69 97.33 80.76
C LEU U 86 29.03 98.61 80.30
N MET U 87 28.01 99.06 81.02
CA MET U 87 27.30 100.28 80.63
C MET U 87 28.23 101.49 80.72
N ALA U 88 29.05 101.57 81.77
CA ALA U 88 29.95 102.71 81.93
C ALA U 88 31.01 102.73 80.84
N ILE U 89 31.59 101.58 80.51
CA ILE U 89 32.60 101.52 79.46
C ILE U 89 32.00 101.93 78.13
N ILE U 90 30.84 101.37 77.78
CA ILE U 90 30.26 101.70 76.47
C ILE U 90 29.82 103.16 76.43
N THR U 91 29.31 103.71 77.53
CA THR U 91 28.90 105.10 77.53
C THR U 91 30.11 106.03 77.40
N ALA U 92 31.21 105.71 78.09
CA ALA U 92 32.43 106.50 77.95
C ALA U 92 32.98 106.41 76.53
N ALA U 93 32.94 105.23 75.93
CA ALA U 93 33.43 105.09 74.56
C ALA U 93 32.57 105.90 73.58
N GLN U 94 31.26 105.87 73.75
CA GLN U 94 30.39 106.69 72.91
C GLN U 94 30.68 108.17 73.13
N ALA U 95 30.94 108.58 74.37
CA ALA U 95 31.30 109.96 74.64
C ALA U 95 32.64 110.33 74.04
N ASP U 96 33.53 109.36 73.87
CA ASP U 96 34.81 109.62 73.21
C ASP U 96 34.58 109.89 71.73
N GLY U 97 35.48 110.68 71.14
CA GLY U 97 35.30 111.14 69.77
C GLY U 97 35.55 110.08 68.72
N ALA U 98 36.17 108.97 69.08
CA ALA U 98 36.40 107.89 68.13
C ALA U 98 35.08 107.35 67.61
N TRP U 99 34.07 107.29 68.47
CA TRP U 99 32.75 106.87 68.01
C TRP U 99 32.13 107.90 67.08
N THR U 100 32.28 109.18 67.41
CA THR U 100 31.72 110.23 66.57
C THR U 100 32.42 110.30 65.22
N GLU U 101 33.62 109.74 65.11
CA GLU U 101 34.29 109.60 63.82
C GLU U 101 33.89 108.33 63.09
N LEU U 102 33.79 107.21 63.82
CA LEU U 102 33.34 105.95 63.22
C LEU U 102 31.97 106.11 62.59
N VAL U 103 31.04 106.71 63.31
CA VAL U 103 29.83 107.21 62.69
C VAL U 103 30.16 108.53 62.01
N THR U 104 29.52 108.79 60.88
CA THR U 104 29.69 110.01 60.10
C THR U 104 31.03 110.11 59.37
N ASP U 105 31.97 109.21 59.62
CA ASP U 105 33.15 109.17 58.77
C ASP U 105 33.63 107.78 58.41
N GLN U 106 33.19 106.74 59.11
CA GLN U 106 33.75 105.40 58.98
C GLN U 106 35.26 105.43 59.21
N ARG U 107 35.66 106.19 60.22
CA ARG U 107 37.06 106.37 60.57
C ARG U 107 37.38 105.51 61.78
N LEU U 108 38.37 104.66 61.64
CA LEU U 108 38.77 103.78 62.72
C LEU U 108 39.81 104.46 63.61
N PRO U 109 39.91 104.04 64.87
CA PRO U 109 40.95 104.58 65.74
C PRO U 109 42.32 104.01 65.42
N LEU U 110 42.82 104.26 64.21
CA LEU U 110 44.17 103.87 63.85
C LEU U 110 44.92 104.96 63.08
N ALA U 111 44.26 106.04 62.70
CA ALA U 111 44.94 107.13 62.01
C ALA U 111 45.96 107.79 62.94
N THR U 112 47.10 108.19 62.37
CA THR U 112 48.19 108.76 63.16
C THR U 112 48.03 110.24 63.43
N VAL U 113 47.00 110.88 62.88
CA VAL U 113 46.74 112.31 63.04
C VAL U 113 47.91 113.16 62.53
N SER V 1 -118.87 53.25 28.26
CA SER V 1 -119.06 54.66 28.01
C SER V 1 -119.35 55.42 29.31
N LYS V 2 -120.40 55.01 30.01
CA LYS V 2 -120.83 55.68 31.24
C LYS V 2 -121.32 54.61 32.20
N VAL V 3 -122.11 55.01 33.20
CA VAL V 3 -122.50 54.15 34.32
C VAL V 3 -123.05 52.81 33.85
N PHE V 4 -122.37 51.73 34.25
CA PHE V 4 -122.77 50.36 33.96
C PHE V 4 -122.70 49.56 35.25
N ASN V 5 -123.73 48.78 35.52
CA ASN V 5 -123.81 47.98 36.75
C ASN V 5 -123.62 48.89 37.96
N THR V 6 -124.22 50.07 37.91
CA THR V 6 -124.16 51.12 38.93
C THR V 6 -122.74 51.58 39.22
N GLN V 7 -121.82 51.45 38.26
CA GLN V 7 -120.47 51.97 38.41
C GLN V 7 -120.17 52.96 37.30
N THR V 8 -119.53 54.07 37.65
CA THR V 8 -119.25 55.14 36.71
C THR V 8 -117.90 54.89 36.04
N PHE V 9 -117.91 54.71 34.72
CA PHE V 9 -116.70 54.49 33.95
C PHE V 9 -116.36 55.77 33.21
N ASP V 10 -115.23 56.37 33.56
CA ASP V 10 -114.73 57.57 32.91
C ASP V 10 -113.50 57.22 32.07
N ILE V 11 -113.28 58.02 31.03
CA ILE V 11 -112.18 57.73 30.11
C ILE V 11 -110.87 57.87 30.85
N TYR V 12 -110.04 56.85 30.76
CA TYR V 12 -108.68 56.92 31.27
C TYR V 12 -107.65 57.09 30.17
N SER V 13 -107.88 56.52 29.00
CA SER V 13 -106.85 56.56 27.96
C SER V 13 -107.52 56.47 26.61
N THR V 14 -106.89 57.11 25.62
CA THR V 14 -107.37 57.07 24.25
C THR V 14 -106.20 56.82 23.31
N GLU V 15 -106.31 55.77 22.53
CA GLU V 15 -105.32 55.44 21.51
C GLU V 15 -105.91 55.71 20.14
N LYS V 16 -105.16 55.33 19.11
CA LYS V 16 -105.69 55.40 17.75
C LYS V 16 -106.90 54.50 17.59
N ASP V 17 -106.86 53.31 18.19
CA ASP V 17 -107.94 52.35 18.03
C ASP V 17 -108.39 51.72 19.34
N VAL V 18 -107.94 52.21 20.48
CA VAL V 18 -108.41 51.72 21.77
C VAL V 18 -108.84 52.90 22.62
N VAL V 19 -109.99 52.77 23.27
CA VAL V 19 -110.41 53.66 24.34
C VAL V 19 -110.52 52.83 25.60
N SER V 20 -109.86 53.28 26.66
CA SER V 20 -109.91 52.62 27.96
C SER V 20 -110.58 53.54 28.97
N LEU V 21 -111.55 52.99 29.69
CA LEU V 21 -112.27 53.67 30.75
C LEU V 21 -112.03 52.93 32.05
N ARG V 22 -112.02 53.67 33.15
CA ARG V 22 -111.82 53.10 34.46
C ARG V 22 -112.93 53.57 35.39
N ASP V 23 -113.15 52.81 36.46
CA ASP V 23 -114.17 53.20 37.43
C ASP V 23 -113.71 54.40 38.25
N PHE V 24 -112.47 54.38 38.74
CA PHE V 24 -111.87 55.44 39.53
C PHE V 24 -112.54 55.54 40.91
N ALA V 25 -113.58 54.73 41.13
CA ALA V 25 -114.23 54.64 42.42
C ALA V 25 -113.78 53.40 43.20
N ASN V 26 -113.96 52.22 42.62
CA ASN V 26 -113.39 51.02 43.21
C ASN V 26 -112.00 50.70 42.70
N ASP V 27 -111.55 51.40 41.65
CA ASP V 27 -110.19 51.29 41.14
C ASP V 27 -109.81 49.85 40.81
N LYS V 28 -110.77 49.06 40.33
CA LYS V 28 -110.51 47.67 40.02
C LYS V 28 -111.02 47.25 38.64
N ASP V 29 -111.82 48.06 37.97
CA ASP V 29 -112.44 47.69 36.71
C ASP V 29 -111.92 48.57 35.58
N THR V 30 -111.58 47.95 34.45
CA THR V 30 -111.23 48.69 33.25
C THR V 30 -112.04 48.13 32.08
N LEU V 31 -112.70 49.03 31.35
CA LEU V 31 -113.50 48.69 30.19
C LEU V 31 -112.80 49.24 28.95
N ALA V 32 -112.50 48.37 28.00
CA ALA V 32 -111.77 48.75 26.80
C ALA V 32 -112.61 48.49 25.55
N TYR V 33 -112.68 49.49 24.68
CA TYR V 33 -113.28 49.40 23.36
C TYR V 33 -112.13 49.43 22.36
N LYS V 34 -112.11 48.49 21.43
CA LYS V 34 -110.94 48.25 20.61
C LYS V 34 -111.40 47.96 19.18
N ARG V 35 -110.64 48.47 18.21
CA ARG V 35 -111.13 48.66 16.85
C ARG V 35 -110.07 48.26 15.83
N LEU V 36 -110.43 47.34 14.92
CA LEU V 36 -109.57 46.99 13.79
C LEU V 36 -110.38 47.05 12.50
N ALA V 37 -110.15 48.08 11.69
CA ALA V 37 -110.84 48.21 10.42
C ALA V 37 -110.50 47.05 9.49
N PRO V 38 -111.44 46.63 8.63
CA PRO V 38 -111.16 45.51 7.73
C PRO V 38 -110.10 45.87 6.70
N LYS V 39 -109.33 44.88 6.29
CA LYS V 39 -108.27 45.07 5.32
C LYS V 39 -108.51 44.17 4.12
N ARG V 40 -108.56 44.79 2.93
CA ARG V 40 -108.83 44.06 1.69
C ARG V 40 -107.52 43.41 1.24
N THR V 41 -107.31 42.19 1.75
CA THR V 41 -106.13 41.41 1.40
C THR V 41 -106.36 40.53 0.19
N LYS V 42 -107.59 40.44 -0.29
CA LYS V 42 -107.94 39.60 -1.41
C LYS V 42 -109.24 40.12 -2.01
N ASP V 43 -109.89 39.30 -2.82
CA ASP V 43 -111.21 39.63 -3.35
C ASP V 43 -112.19 39.89 -2.21
N SER V 44 -111.94 39.31 -1.04
CA SER V 44 -112.71 39.65 0.15
C SER V 44 -112.30 41.03 0.64
N PRO V 45 -113.25 41.85 1.11
CA PRO V 45 -112.89 43.17 1.63
C PRO V 45 -112.33 43.15 3.05
N GLY V 46 -112.15 41.97 3.65
CA GLY V 46 -111.64 41.88 5.00
C GLY V 46 -112.73 41.87 6.06
N MET V 47 -112.32 41.57 7.27
CA MET V 47 -113.23 41.47 8.41
C MET V 47 -112.93 42.58 9.40
N ALA V 48 -113.97 43.27 9.85
CA ALA V 48 -113.84 44.35 10.82
C ALA V 48 -113.90 43.75 12.22
N LYS V 49 -112.82 43.92 12.98
CA LYS V 49 -112.76 43.45 14.36
C LYS V 49 -113.21 44.53 15.32
N SER V 50 -114.09 44.15 16.25
CA SER V 50 -114.40 44.94 17.41
C SER V 50 -114.06 44.12 18.65
N GLU V 51 -113.78 44.81 19.74
CA GLU V 51 -113.44 44.13 20.97
C GLU V 51 -113.89 44.97 22.14
N LEU V 52 -114.63 44.36 23.06
CA LEU V 52 -115.16 45.05 24.23
C LEU V 52 -114.86 44.22 25.45
N LYS V 53 -113.87 44.62 26.23
CA LYS V 53 -113.42 43.80 27.34
C LYS V 53 -113.59 44.52 28.66
N ILE V 54 -114.02 43.78 29.67
CA ILE V 54 -114.04 44.24 31.05
C ILE V 54 -113.04 43.42 31.84
N THR V 55 -112.09 44.09 32.47
CA THR V 55 -111.06 43.44 33.27
C THR V 55 -111.18 43.90 34.71
N ARG V 56 -111.16 42.96 35.64
CA ARG V 56 -111.16 43.25 37.07
C ARG V 56 -109.84 42.83 37.68
N VAL V 57 -109.17 43.77 38.33
CA VAL V 57 -107.92 43.50 39.03
C VAL V 57 -108.07 44.05 40.44
N ASP V 58 -107.82 43.20 41.43
CA ASP V 58 -108.00 43.70 42.79
C ASP V 58 -106.93 44.73 43.11
N PRO V 59 -107.27 45.86 43.71
CA PRO V 59 -106.30 46.93 43.90
C PRO V 59 -105.52 46.85 45.19
N THR V 60 -105.03 45.66 45.55
CA THR V 60 -104.14 45.54 46.70
C THR V 60 -102.81 44.93 46.27
N THR V 61 -102.86 43.86 45.50
CA THR V 61 -101.67 43.25 44.92
C THR V 61 -101.70 43.25 43.40
N GLY V 62 -102.80 43.68 42.79
CA GLY V 62 -102.88 43.72 41.34
C GLY V 62 -103.16 42.40 40.67
N VAL V 63 -103.68 41.42 41.40
CA VAL V 63 -103.98 40.11 40.83
C VAL V 63 -105.22 40.24 39.96
N LEU V 64 -105.19 39.61 38.79
CA LEU V 64 -106.30 39.72 37.86
C LEU V 64 -107.37 38.72 38.26
N ILE V 65 -108.51 39.23 38.72
CA ILE V 65 -109.60 38.37 39.14
C ILE V 65 -110.25 37.69 37.94
N GLY V 66 -110.55 38.44 36.87
CA GLY V 66 -111.18 37.84 35.72
C GLY V 66 -111.40 38.84 34.62
N ILE V 67 -111.56 38.32 33.40
CA ILE V 67 -111.81 39.10 32.21
C ILE V 67 -113.01 38.52 31.49
N VAL V 68 -113.92 39.38 31.03
CA VAL V 68 -114.98 39.01 30.12
C VAL V 68 -114.82 39.85 28.85
N ASN V 69 -114.75 39.19 27.71
CA ASN V 69 -114.48 39.85 26.44
C ASN V 69 -115.60 39.56 25.45
N VAL V 70 -116.02 40.59 24.72
CA VAL V 70 -116.98 40.46 23.64
C VAL V 70 -116.28 40.88 22.36
N SER V 71 -116.00 39.92 21.49
CA SER V 71 -115.28 40.17 20.25
C SER V 71 -116.16 39.86 19.05
N SER V 72 -116.13 40.72 18.06
CA SER V 72 -116.84 40.49 16.81
C SER V 72 -115.84 40.56 15.66
N SER V 73 -116.07 39.74 14.64
CA SER V 73 -115.27 39.73 13.42
C SER V 73 -116.26 39.53 12.29
N ILE V 74 -116.60 40.62 11.61
CA ILE V 74 -117.66 40.63 10.62
C ILE V 74 -117.12 41.15 9.29
N ARG V 75 -117.57 40.52 8.19
CA ARG V 75 -117.17 40.92 6.85
C ARG V 75 -117.48 42.39 6.60
N ALA V 76 -116.58 43.05 5.88
CA ALA V 76 -116.79 44.45 5.53
C ALA V 76 -118.04 44.63 4.69
N ASP V 77 -118.28 43.71 3.75
CA ASP V 77 -119.45 43.76 2.89
C ASP V 77 -120.72 43.30 3.57
N ALA V 78 -120.61 42.75 4.79
CA ALA V 78 -121.76 42.12 5.42
C ALA V 78 -122.87 43.13 5.67
N THR V 79 -124.11 42.66 5.53
CA THR V 79 -125.26 43.52 5.65
C THR V 79 -125.49 43.93 7.10
N ALA V 80 -126.18 45.06 7.28
CA ALA V 80 -126.58 45.47 8.62
C ALA V 80 -127.54 44.46 9.24
N ALA V 81 -128.32 43.77 8.41
CA ALA V 81 -129.20 42.72 8.92
C ALA V 81 -128.40 41.59 9.54
N ASP V 82 -127.31 41.18 8.91
CA ASP V 82 -126.46 40.14 9.47
C ASP V 82 -125.90 40.58 10.82
N LYS V 83 -125.44 41.82 10.91
CA LYS V 83 -124.83 42.31 12.14
C LYS V 83 -125.86 42.43 13.25
N THR V 84 -127.04 42.94 12.93
CA THR V 84 -128.10 43.02 13.94
C THR V 84 -128.51 41.63 14.41
N ALA V 85 -128.61 40.68 13.48
CA ALA V 85 -128.96 39.32 13.87
C ALA V 85 -127.90 38.72 14.78
N LEU V 86 -126.62 38.91 14.44
CA LEU V 86 -125.56 38.37 15.28
C LEU V 86 -125.61 38.97 16.69
N MET V 87 -125.79 40.29 16.77
CA MET V 87 -125.84 40.92 18.08
C MET V 87 -127.06 40.46 18.88
N ALA V 88 -128.22 40.37 18.23
CA ALA V 88 -129.41 39.91 18.93
C ALA V 88 -129.27 38.48 19.41
N ILE V 89 -128.69 37.60 18.59
CA ILE V 89 -128.55 36.20 18.97
C ILE V 89 -127.60 36.08 20.15
N ILE V 90 -126.44 36.74 20.08
CA ILE V 90 -125.48 36.61 21.18
C ILE V 90 -126.04 37.25 22.44
N THR V 91 -126.80 38.35 22.33
CA THR V 91 -127.37 38.98 23.50
C THR V 91 -128.44 38.09 24.14
N ALA V 92 -129.29 37.47 23.32
CA ALA V 92 -130.30 36.55 23.87
C ALA V 92 -129.65 35.35 24.53
N ALA V 93 -128.57 34.83 23.93
CA ALA V 93 -127.86 33.72 24.54
C ALA V 93 -127.22 34.11 25.87
N GLN V 94 -126.68 35.32 25.94
CA GLN V 94 -126.12 35.82 27.20
C GLN V 94 -127.20 35.97 28.26
N ALA V 95 -128.38 36.47 27.86
CA ALA V 95 -129.48 36.61 28.81
C ALA V 95 -129.97 35.28 29.31
N ASP V 96 -129.77 34.21 28.54
CA ASP V 96 -130.15 32.87 28.99
C ASP V 96 -129.27 32.42 30.14
N GLY V 97 -129.84 31.57 31.00
CA GLY V 97 -129.11 31.07 32.15
C GLY V 97 -128.05 30.05 31.80
N ALA V 98 -128.09 29.50 30.58
CA ALA V 98 -127.05 28.58 30.15
C ALA V 98 -125.69 29.26 30.16
N TRP V 99 -125.62 30.50 29.68
CA TRP V 99 -124.38 31.25 29.74
C TRP V 99 -124.01 31.57 31.18
N THR V 100 -124.99 31.89 32.02
CA THR V 100 -124.72 32.22 33.40
C THR V 100 -124.22 31.01 34.18
N GLU V 101 -124.45 29.81 33.66
CA GLU V 101 -123.87 28.60 34.24
C GLU V 101 -122.52 28.26 33.62
N LEU V 102 -122.40 28.40 32.30
CA LEU V 102 -121.12 28.24 31.63
C LEU V 102 -120.05 29.09 32.29
N VAL V 103 -120.38 30.33 32.58
CA VAL V 103 -119.55 31.13 33.47
C VAL V 103 -119.99 30.84 34.90
N THR V 104 -119.03 30.82 35.82
CA THR V 104 -119.19 30.52 37.24
C THR V 104 -119.42 29.05 37.57
N ASP V 105 -119.67 28.20 36.57
CA ASP V 105 -119.89 26.79 36.85
C ASP V 105 -119.16 25.85 35.91
N GLN V 106 -118.71 26.31 34.74
CA GLN V 106 -118.16 25.45 33.70
C GLN V 106 -119.14 24.34 33.35
N ARG V 107 -120.40 24.73 33.19
CA ARG V 107 -121.50 23.82 32.92
C ARG V 107 -121.98 24.01 31.50
N LEU V 108 -121.97 22.94 30.71
CA LEU V 108 -122.49 22.97 29.36
C LEU V 108 -124.01 22.86 29.37
N PRO V 109 -124.69 23.36 28.33
CA PRO V 109 -126.16 23.34 28.34
C PRO V 109 -126.74 22.00 27.89
N LEU V 110 -126.19 20.92 28.42
CA LEU V 110 -126.62 19.57 28.04
C LEU V 110 -127.18 18.76 29.20
N ALA V 111 -127.29 19.34 30.39
CA ALA V 111 -127.92 18.64 31.49
C ALA V 111 -129.37 18.32 31.16
N THR V 112 -129.87 17.22 31.73
CA THR V 112 -131.26 16.83 31.57
C THR V 112 -132.19 17.50 32.57
N VAL V 113 -131.64 18.29 33.49
CA VAL V 113 -132.41 19.05 34.48
C VAL V 113 -133.19 18.14 35.44
N SER W 1 -128.91 27.64 24.25
CA SER W 1 -129.64 26.40 24.41
C SER W 1 -130.82 26.30 23.45
N LYS W 2 -131.80 27.19 23.60
CA LYS W 2 -133.06 27.11 22.88
C LYS W 2 -133.28 28.43 22.16
N VAL W 3 -134.53 28.67 21.75
CA VAL W 3 -134.89 29.76 20.86
C VAL W 3 -134.30 31.08 21.29
N PHE W 4 -133.49 31.67 20.42
CA PHE W 4 -132.87 32.98 20.64
C PHE W 4 -133.11 33.83 19.40
N ASN W 5 -133.53 35.08 19.63
CA ASN W 5 -133.84 36.02 18.55
C ASN W 5 -134.86 35.40 17.60
N THR W 6 -135.90 34.78 18.18
CA THR W 6 -136.99 34.09 17.50
C THR W 6 -136.54 32.89 16.69
N GLN W 7 -135.27 32.52 16.74
CA GLN W 7 -134.75 31.39 15.98
C GLN W 7 -134.50 30.21 16.89
N THR W 8 -134.99 29.04 16.47
CA THR W 8 -134.83 27.81 17.23
C THR W 8 -133.47 27.20 16.93
N PHE W 9 -132.66 27.01 17.96
CA PHE W 9 -131.33 26.43 17.82
C PHE W 9 -131.38 25.01 18.38
N ASP W 10 -131.33 24.03 17.48
CA ASP W 10 -131.33 22.62 17.86
C ASP W 10 -129.90 22.11 17.84
N ILE W 11 -129.64 21.09 18.65
CA ILE W 11 -128.27 20.64 18.89
C ILE W 11 -127.67 20.11 17.60
N TYR W 12 -126.48 20.61 17.25
CA TYR W 12 -125.79 20.19 16.04
C TYR W 12 -124.65 19.23 16.31
N SER W 13 -123.95 19.38 17.43
CA SER W 13 -122.90 18.45 17.81
C SER W 13 -122.58 18.65 19.28
N THR W 14 -121.99 17.60 19.88
CA THR W 14 -121.55 17.68 21.27
C THR W 14 -120.15 17.10 21.36
N GLU W 15 -119.25 17.85 21.97
CA GLU W 15 -117.89 17.43 22.20
C GLU W 15 -117.64 17.33 23.71
N LYS W 16 -116.39 17.04 24.06
CA LYS W 16 -116.00 16.98 25.46
C LYS W 16 -116.23 18.31 26.15
N ASP W 17 -115.93 19.41 25.47
CA ASP W 17 -116.03 20.74 26.06
C ASP W 17 -116.82 21.72 25.21
N VAL W 18 -117.34 21.30 24.06
CA VAL W 18 -118.07 22.19 23.17
C VAL W 18 -119.43 21.56 22.88
N VAL W 19 -120.47 22.38 22.98
CA VAL W 19 -121.81 22.01 22.55
C VAL W 19 -122.24 23.02 21.49
N SER W 20 -122.57 22.53 20.31
CA SER W 20 -122.89 23.36 19.17
C SER W 20 -124.33 23.11 18.75
N LEU W 21 -125.08 24.19 18.57
CA LEU W 21 -126.46 24.16 18.13
C LEU W 21 -126.57 24.87 16.79
N ARG W 22 -127.52 24.44 15.98
CA ARG W 22 -127.77 25.04 14.69
C ARG W 22 -129.23 25.44 14.59
N ASP W 23 -129.51 26.46 13.77
CA ASP W 23 -130.90 26.83 13.51
C ASP W 23 -131.63 25.73 12.75
N PHE W 24 -131.04 25.24 11.66
CA PHE W 24 -131.59 24.23 10.77
C PHE W 24 -132.79 24.77 9.99
N ALA W 25 -133.21 26.00 10.29
CA ALA W 25 -134.23 26.68 9.51
C ALA W 25 -133.61 27.53 8.42
N ASN W 26 -132.77 28.50 8.78
CA ASN W 26 -131.97 29.21 7.81
C ASN W 26 -130.64 28.52 7.54
N ASP W 27 -130.30 27.50 8.34
CA ASP W 27 -129.10 26.68 8.14
C ASP W 27 -127.84 27.52 8.03
N LYS W 28 -127.82 28.67 8.70
CA LYS W 28 -126.70 29.58 8.58
C LYS W 28 -126.08 29.98 9.90
N ASP W 29 -126.75 29.75 11.03
CA ASP W 29 -126.31 30.22 12.33
C ASP W 29 -125.93 29.04 13.21
N THR W 30 -124.78 29.14 13.86
CA THR W 30 -124.29 28.11 14.77
C THR W 30 -123.87 28.75 16.07
N LEU W 31 -124.39 28.24 17.17
CA LEU W 31 -124.14 28.75 18.52
C LEU W 31 -123.35 27.70 19.29
N ALA W 32 -122.17 28.06 19.78
CA ALA W 32 -121.29 27.14 20.47
C ALA W 32 -121.05 27.60 21.89
N TYR W 33 -121.10 26.64 22.82
CA TYR W 33 -120.73 26.81 24.23
C TYR W 33 -119.48 26.00 24.46
N LYS W 34 -118.42 26.64 24.93
CA LYS W 34 -117.10 26.04 25.03
C LYS W 34 -116.54 26.26 26.42
N ARG W 35 -115.87 25.24 26.93
CA ARG W 35 -115.51 25.11 28.34
C ARG W 35 -114.05 24.70 28.49
N LEU W 36 -113.32 25.37 29.37
CA LEU W 36 -111.99 24.94 29.77
C LEU W 36 -111.84 25.13 31.27
N ALA W 37 -111.92 24.04 32.02
CA ALA W 37 -111.81 24.12 33.47
C ALA W 37 -110.42 24.62 33.87
N PRO W 38 -110.31 25.31 35.01
CA PRO W 38 -109.01 25.80 35.45
C PRO W 38 -108.04 24.67 35.72
N LYS W 39 -106.77 24.92 35.43
CA LYS W 39 -105.70 23.96 35.67
C LYS W 39 -104.76 24.55 36.71
N ARG W 40 -104.51 23.78 37.77
CA ARG W 40 -103.71 24.23 38.91
C ARG W 40 -102.23 23.97 38.62
N THR W 41 -101.69 24.75 37.70
CA THR W 41 -100.29 24.58 37.29
C THR W 41 -99.31 25.16 38.29
N LYS W 42 -99.78 25.94 39.26
CA LYS W 42 -98.93 26.54 40.26
C LYS W 42 -99.79 26.76 41.50
N ASP W 43 -99.30 27.61 42.41
CA ASP W 43 -100.07 28.02 43.58
C ASP W 43 -101.39 28.64 43.12
N SER W 44 -101.41 29.19 41.91
CA SER W 44 -102.66 29.64 41.33
C SER W 44 -103.62 28.47 41.19
N PRO W 45 -104.91 28.66 41.46
CA PRO W 45 -105.89 27.60 41.16
C PRO W 45 -106.23 27.50 39.69
N GLY W 46 -105.57 28.29 38.84
CA GLY W 46 -105.85 28.30 37.42
C GLY W 46 -106.97 29.25 37.06
N MET W 47 -107.21 29.36 35.76
CA MET W 47 -108.27 30.22 35.23
C MET W 47 -109.32 29.36 34.56
N ALA W 48 -110.58 29.59 34.92
CA ALA W 48 -111.71 28.93 34.26
C ALA W 48 -112.07 29.73 33.01
N LYS W 49 -111.92 29.10 31.85
CA LYS W 49 -112.24 29.73 30.59
C LYS W 49 -113.62 29.27 30.12
N SER W 50 -114.41 30.21 29.63
CA SER W 50 -115.64 29.88 28.92
C SER W 50 -115.68 30.65 27.62
N GLU W 51 -116.53 30.19 26.70
CA GLU W 51 -116.67 30.85 25.41
C GLU W 51 -118.08 30.62 24.90
N LEU W 52 -118.73 31.69 24.44
CA LEU W 52 -120.06 31.59 23.85
C LEU W 52 -120.01 32.31 22.51
N LYS W 53 -119.99 31.54 21.42
CA LYS W 53 -119.77 32.13 20.10
C LYS W 53 -120.96 31.87 19.19
N ILE W 54 -121.30 32.88 18.41
CA ILE W 54 -122.30 32.77 17.36
C ILE W 54 -121.60 33.01 16.03
N THR W 55 -121.83 32.11 15.09
CA THR W 55 -121.22 32.19 13.77
C THR W 55 -122.31 32.15 12.72
N ARG W 56 -122.23 33.09 11.78
CA ARG W 56 -123.12 33.11 10.63
C ARG W 56 -122.29 32.86 9.38
N VAL W 57 -122.69 31.89 8.59
CA VAL W 57 -122.10 31.64 7.29
C VAL W 57 -123.22 31.60 6.27
N ASP W 58 -122.91 31.95 5.03
CA ASP W 58 -123.91 31.84 4.00
C ASP W 58 -123.97 30.38 3.55
N PRO W 59 -125.08 29.68 3.73
CA PRO W 59 -125.07 28.23 3.48
C PRO W 59 -125.33 27.87 2.02
N THR W 60 -124.73 28.62 1.09
CA THR W 60 -124.69 28.19 -0.29
C THR W 60 -123.25 28.13 -0.78
N THR W 61 -122.51 29.21 -0.52
CA THR W 61 -121.10 29.28 -0.90
C THR W 61 -120.16 29.16 0.28
N GLY W 62 -120.69 29.06 1.50
CA GLY W 62 -119.84 28.89 2.65
C GLY W 62 -118.94 30.05 2.98
N VAL W 63 -119.42 31.27 2.79
CA VAL W 63 -118.66 32.46 3.16
C VAL W 63 -119.04 32.86 4.58
N LEU W 64 -118.03 33.09 5.41
CA LEU W 64 -118.26 33.49 6.79
C LEU W 64 -118.73 34.93 6.81
N ILE W 65 -119.99 35.15 7.17
CA ILE W 65 -120.49 36.52 7.25
C ILE W 65 -119.90 37.23 8.45
N GLY W 66 -119.87 36.58 9.61
CA GLY W 66 -119.30 37.20 10.79
C GLY W 66 -119.44 36.33 12.01
N ILE W 67 -118.64 36.65 13.02
CA ILE W 67 -118.61 35.95 14.30
C ILE W 67 -118.71 36.97 15.42
N VAL W 68 -119.47 36.64 16.46
CA VAL W 68 -119.46 37.38 17.72
C VAL W 68 -119.19 36.37 18.83
N ASN W 69 -118.20 36.68 19.66
CA ASN W 69 -117.69 35.75 20.66
C ASN W 69 -117.78 36.41 22.04
N VAL W 70 -118.23 35.65 23.03
CA VAL W 70 -118.22 36.09 24.43
C VAL W 70 -117.35 35.13 25.21
N SER W 71 -116.14 35.55 25.55
CA SER W 71 -115.19 34.72 26.27
C SER W 71 -114.99 35.27 27.67
N SER W 72 -114.87 34.37 28.64
CA SER W 72 -114.58 34.73 30.01
C SER W 72 -113.34 33.98 30.48
N SER W 73 -112.47 34.68 31.20
CA SER W 73 -111.30 34.10 31.83
C SER W 73 -111.30 34.57 33.28
N ILE W 74 -111.92 33.78 34.15
CA ILE W 74 -112.10 34.14 35.55
C ILE W 74 -111.28 33.18 36.41
N ARG W 75 -110.63 33.72 37.44
CA ARG W 75 -109.85 32.90 38.35
C ARG W 75 -110.74 31.85 39.01
N ALA W 76 -110.18 30.66 39.22
CA ALA W 76 -110.94 29.59 39.85
C ALA W 76 -111.37 29.97 41.25
N ASP W 77 -110.53 30.70 41.98
CA ASP W 77 -110.85 31.13 43.33
C ASP W 77 -111.73 32.37 43.37
N ALA W 78 -111.97 33.02 42.23
CA ALA W 78 -112.70 34.27 42.21
C ALA W 78 -114.12 34.07 42.71
N THR W 79 -114.53 34.94 43.62
CA THR W 79 -115.83 34.83 44.26
C THR W 79 -116.93 35.08 43.24
N ALA W 80 -118.13 34.57 43.56
CA ALA W 80 -119.27 34.79 42.68
C ALA W 80 -119.62 36.27 42.58
N ALA W 81 -119.21 37.06 43.57
CA ALA W 81 -119.42 38.50 43.48
C ALA W 81 -118.67 39.10 42.29
N ASP W 82 -117.40 38.74 42.13
CA ASP W 82 -116.64 39.26 41.01
C ASP W 82 -117.20 38.77 39.68
N LYS W 83 -117.60 37.50 39.60
CA LYS W 83 -118.15 36.98 38.36
C LYS W 83 -119.47 37.64 38.00
N THR W 84 -120.34 37.84 39.00
CA THR W 84 -121.60 38.52 38.74
C THR W 84 -121.39 39.97 38.34
N ALA W 85 -120.43 40.64 38.98
CA ALA W 85 -120.12 42.02 38.60
C ALA W 85 -119.58 42.09 37.18
N LEU W 86 -118.72 41.14 36.82
CA LEU W 86 -118.17 41.09 35.47
C LEU W 86 -119.28 40.91 34.44
N MET W 87 -120.19 39.97 34.68
CA MET W 87 -121.28 39.78 33.73
C MET W 87 -122.19 40.99 33.67
N ALA W 88 -122.49 41.58 34.83
CA ALA W 88 -123.38 42.74 34.85
C ALA W 88 -122.77 43.90 34.07
N ILE W 89 -121.47 44.16 34.27
CA ILE W 89 -120.81 45.24 33.56
C ILE W 89 -120.80 44.97 32.07
N ILE W 90 -120.44 43.74 31.67
CA ILE W 90 -120.31 43.49 30.23
C ILE W 90 -121.67 43.51 29.54
N THR W 91 -122.71 43.02 30.19
CA THR W 91 -124.04 43.07 29.61
C THR W 91 -124.57 44.49 29.56
N ALA W 92 -124.31 45.30 30.59
CA ALA W 92 -124.71 46.69 30.55
C ALA W 92 -124.00 47.43 29.44
N ALA W 93 -122.71 47.15 29.24
CA ALA W 93 -121.96 47.78 28.16
C ALA W 93 -122.49 47.35 26.80
N GLN W 94 -122.84 46.08 26.64
CA GLN W 94 -123.40 45.62 25.37
C GLN W 94 -124.75 46.27 25.10
N ALA W 95 -125.60 46.39 26.12
CA ALA W 95 -126.87 47.06 25.96
C ALA W 95 -126.71 48.53 25.60
N ASP W 96 -125.58 49.14 25.97
CA ASP W 96 -125.30 50.52 25.62
C ASP W 96 -125.08 50.65 24.11
N GLY W 97 -125.34 51.85 23.60
CA GLY W 97 -125.19 52.11 22.18
C GLY W 97 -123.75 52.12 21.68
N ALA W 98 -122.79 52.35 22.59
CA ALA W 98 -121.40 52.39 22.16
C ALA W 98 -120.95 51.08 21.54
N TRP W 99 -121.35 49.95 22.15
CA TRP W 99 -121.04 48.65 21.55
C TRP W 99 -121.73 48.49 20.21
N THR W 100 -122.98 48.95 20.11
CA THR W 100 -123.72 48.85 18.86
C THR W 100 -123.02 49.58 17.73
N GLU W 101 -122.47 50.77 17.99
CA GLU W 101 -121.72 51.49 16.98
C GLU W 101 -120.32 50.92 16.73
N LEU W 102 -119.66 50.44 17.79
CA LEU W 102 -118.36 49.81 17.62
C LEU W 102 -118.44 48.65 16.64
N VAL W 103 -119.46 47.83 16.78
CA VAL W 103 -119.84 46.94 15.69
C VAL W 103 -120.61 47.75 14.66
N THR W 104 -120.55 47.34 13.40
CA THR W 104 -121.26 47.99 12.30
C THR W 104 -120.76 49.40 11.97
N ASP W 105 -119.89 49.97 12.79
CA ASP W 105 -119.33 51.28 12.43
C ASP W 105 -117.85 51.40 12.71
N GLN W 106 -117.27 50.52 13.51
CA GLN W 106 -115.91 50.67 14.01
C GLN W 106 -115.72 52.03 14.67
N ARG W 107 -116.73 52.44 15.43
CA ARG W 107 -116.77 53.74 16.07
C ARG W 107 -116.40 53.60 17.54
N LEU W 108 -115.33 54.25 17.95
CA LEU W 108 -114.92 54.23 19.34
C LEU W 108 -115.73 55.23 20.16
N PRO W 109 -115.93 54.97 21.45
CA PRO W 109 -116.68 55.91 22.28
C PRO W 109 -115.84 57.14 22.63
N LEU W 110 -115.61 57.99 21.64
CA LEU W 110 -114.93 59.26 21.87
C LEU W 110 -115.57 60.42 21.12
N ALA W 111 -116.68 60.20 20.42
CA ALA W 111 -117.31 61.27 19.65
C ALA W 111 -117.91 62.32 20.58
N THR W 112 -117.79 63.59 20.19
CA THR W 112 -118.31 64.69 20.98
C THR W 112 -119.78 64.97 20.70
N VAL W 113 -120.39 64.25 19.77
CA VAL W 113 -121.80 64.42 19.39
C VAL W 113 -122.07 65.84 18.89
N SER X 1 -121.02 -12.08 53.73
CA SER X 1 -121.10 -12.81 54.99
C SER X 1 -121.92 -14.09 54.84
N LYS X 2 -123.17 -13.94 54.40
CA LYS X 2 -124.10 -15.06 54.32
C LYS X 2 -124.95 -14.92 53.07
N VAL X 3 -126.09 -15.63 53.06
CA VAL X 3 -126.89 -15.86 51.87
C VAL X 3 -127.13 -14.59 51.06
N PHE X 4 -126.71 -14.61 49.80
CA PHE X 4 -126.87 -13.51 48.86
C PHE X 4 -127.47 -14.08 47.59
N ASN X 5 -128.51 -13.42 47.07
CA ASN X 5 -129.16 -13.85 45.83
C ASN X 5 -129.64 -15.30 45.96
N THR X 6 -130.15 -15.64 47.14
CA THR X 6 -130.63 -16.97 47.52
C THR X 6 -129.54 -18.03 47.51
N GLN X 7 -128.29 -17.65 47.24
CA GLN X 7 -127.18 -18.58 47.28
C GLN X 7 -126.48 -18.46 48.63
N THR X 8 -126.13 -19.60 49.21
CA THR X 8 -125.42 -19.64 50.48
C THR X 8 -123.93 -19.50 50.21
N PHE X 9 -123.32 -18.49 50.81
CA PHE X 9 -121.88 -18.29 50.71
C PHE X 9 -121.26 -18.65 52.06
N ASP X 10 -120.41 -19.65 52.05
CA ASP X 10 -119.71 -20.10 53.24
C ASP X 10 -118.24 -19.73 53.15
N ILE X 11 -117.63 -19.49 54.30
CA ILE X 11 -116.23 -19.07 54.30
C ILE X 11 -115.39 -20.18 53.68
N TYR X 12 -114.61 -19.81 52.66
CA TYR X 12 -113.68 -20.73 52.03
C TYR X 12 -112.26 -20.56 52.53
N SER X 13 -111.85 -19.33 52.79
CA SER X 13 -110.49 -19.10 53.26
C SER X 13 -110.45 -17.80 54.04
N THR X 14 -109.61 -17.78 55.05
CA THR X 14 -109.37 -16.56 55.82
C THR X 14 -107.90 -16.22 55.72
N GLU X 15 -107.63 -14.96 55.44
CA GLU X 15 -106.28 -14.44 55.30
C GLU X 15 -106.12 -13.23 56.21
N LYS X 16 -104.88 -12.76 56.34
CA LYS X 16 -104.59 -11.59 57.16
C LYS X 16 -105.49 -10.41 56.80
N ASP X 17 -105.57 -10.08 55.52
CA ASP X 17 -106.40 -8.98 55.05
C ASP X 17 -107.40 -9.40 53.99
N VAL X 18 -107.63 -10.69 53.81
CA VAL X 18 -108.57 -11.19 52.81
C VAL X 18 -109.46 -12.25 53.45
N VAL X 19 -110.74 -12.21 53.14
CA VAL X 19 -111.68 -13.26 53.53
C VAL X 19 -112.44 -13.67 52.28
N SER X 20 -112.44 -14.96 51.98
CA SER X 20 -113.06 -15.49 50.77
C SER X 20 -114.16 -16.48 51.12
N LEU X 21 -115.35 -16.26 50.57
CA LEU X 21 -116.51 -17.12 50.73
C LEU X 21 -116.83 -17.78 49.39
N ARG X 22 -117.29 -19.02 49.46
CA ARG X 22 -117.65 -19.76 48.27
C ARG X 22 -119.09 -20.23 48.40
N ASP X 23 -119.78 -20.33 47.25
CA ASP X 23 -121.14 -20.86 47.25
C ASP X 23 -121.16 -22.32 47.72
N PHE X 24 -120.23 -23.13 47.21
CA PHE X 24 -120.08 -24.55 47.56
C PHE X 24 -121.25 -25.38 47.07
N ALA X 25 -122.26 -24.74 46.51
CA ALA X 25 -123.40 -25.42 45.91
C ALA X 25 -123.32 -25.41 44.38
N ASN X 26 -123.15 -24.22 43.80
CA ASN X 26 -122.85 -24.11 42.38
C ASN X 26 -121.36 -24.24 42.09
N ASP X 27 -120.51 -24.07 43.09
CA ASP X 27 -119.06 -24.26 42.98
C ASP X 27 -118.46 -23.40 41.86
N LYS X 28 -118.99 -22.21 41.65
CA LYS X 28 -118.43 -21.28 40.68
C LYS X 28 -118.35 -19.84 41.15
N ASP X 29 -119.03 -19.48 42.24
CA ASP X 29 -119.06 -18.11 42.72
C ASP X 29 -118.15 -17.96 43.94
N THR X 30 -117.31 -16.94 43.91
CA THR X 30 -116.42 -16.63 45.02
C THR X 30 -116.56 -15.15 45.36
N LEU X 31 -116.81 -14.86 46.64
CA LEU X 31 -116.94 -13.49 47.13
C LEU X 31 -115.77 -13.18 48.05
N ALA X 32 -114.99 -12.17 47.70
CA ALA X 32 -113.78 -11.81 48.43
C ALA X 32 -113.91 -10.42 49.03
N TYR X 33 -113.62 -10.33 50.33
CA TYR X 33 -113.47 -9.08 51.06
C TYR X 33 -111.97 -8.85 51.24
N LYS X 34 -111.45 -7.78 50.65
CA LYS X 34 -110.04 -7.44 50.72
C LYS X 34 -109.85 -6.09 51.40
N ARG X 35 -108.77 -5.99 52.17
CA ARG X 35 -108.50 -4.89 53.05
C ARG X 35 -107.11 -4.33 52.75
N LEU X 36 -106.94 -3.02 52.96
CA LEU X 36 -105.61 -2.42 52.80
C LEU X 36 -105.58 -1.14 53.63
N ALA X 37 -104.78 -1.14 54.70
CA ALA X 37 -104.75 -0.01 55.60
C ALA X 37 -104.11 1.21 54.93
N PRO X 38 -104.54 2.41 55.29
CA PRO X 38 -103.91 3.62 54.75
C PRO X 38 -102.50 3.77 55.27
N LYS X 39 -101.60 4.22 54.40
CA LYS X 39 -100.20 4.40 54.76
C LYS X 39 -99.89 5.89 54.83
N ARG X 40 -99.35 6.32 55.98
CA ARG X 40 -98.93 7.69 56.17
C ARG X 40 -97.53 7.84 55.56
N THR X 41 -97.47 7.64 54.24
CA THR X 41 -96.21 7.76 53.51
C THR X 41 -95.75 9.20 53.40
N LYS X 42 -96.59 10.14 53.83
CA LYS X 42 -96.27 11.56 53.80
C LYS X 42 -97.10 12.23 54.91
N ASP X 43 -97.21 13.55 54.83
CA ASP X 43 -98.06 14.29 55.76
C ASP X 43 -99.48 13.73 55.76
N SER X 44 -99.96 13.35 54.57
CA SER X 44 -101.30 12.80 54.44
C SER X 44 -101.38 11.48 55.20
N PRO X 45 -102.52 11.18 55.84
CA PRO X 45 -102.65 9.92 56.59
C PRO X 45 -102.82 8.69 55.72
N GLY X 46 -102.89 8.86 54.40
CA GLY X 46 -103.02 7.73 53.50
C GLY X 46 -104.46 7.43 53.12
N MET X 47 -104.61 6.49 52.20
CA MET X 47 -105.91 6.11 51.66
C MET X 47 -106.22 4.68 52.10
N ALA X 48 -107.35 4.50 52.76
CA ALA X 48 -107.78 3.19 53.22
C ALA X 48 -108.50 2.48 52.08
N LYS X 49 -107.88 1.44 51.55
CA LYS X 49 -108.42 0.70 50.42
C LYS X 49 -109.28 -0.46 50.89
N SER X 50 -110.46 -0.58 50.31
CA SER X 50 -111.33 -1.71 50.52
C SER X 50 -111.63 -2.37 49.17
N GLU X 51 -112.11 -3.61 49.22
CA GLU X 51 -112.47 -4.28 47.99
C GLU X 51 -113.50 -5.36 48.29
N LEU X 52 -114.57 -5.40 47.51
CA LEU X 52 -115.57 -6.45 47.59
C LEU X 52 -115.81 -6.96 46.18
N LYS X 53 -115.41 -8.19 45.91
CA LYS X 53 -115.50 -8.70 44.55
C LYS X 53 -116.20 -10.04 44.50
N ILE X 54 -116.94 -10.26 43.41
CA ILE X 54 -117.56 -11.54 43.12
C ILE X 54 -117.00 -12.05 41.79
N THR X 55 -116.53 -13.28 41.80
CA THR X 55 -115.91 -13.90 40.64
C THR X 55 -116.65 -15.19 40.31
N ARG X 56 -117.01 -15.34 39.05
CA ARG X 56 -117.65 -16.56 38.57
C ARG X 56 -116.69 -17.27 37.63
N VAL X 57 -116.34 -18.50 37.95
CA VAL X 57 -115.48 -19.33 37.13
C VAL X 57 -116.12 -20.70 37.03
N ASP X 58 -116.41 -21.13 35.80
CA ASP X 58 -117.29 -22.29 35.63
C ASP X 58 -116.69 -23.56 36.22
N PRO X 59 -117.48 -24.40 36.87
CA PRO X 59 -116.92 -25.61 37.48
C PRO X 59 -116.86 -26.81 36.55
N THR X 60 -116.44 -26.63 35.30
CA THR X 60 -116.21 -27.78 34.43
C THR X 60 -114.83 -27.71 33.77
N THR X 61 -114.43 -26.51 33.35
CA THR X 61 -113.13 -26.29 32.74
C THR X 61 -112.37 -25.13 33.35
N GLY X 62 -113.05 -24.21 34.02
CA GLY X 62 -112.38 -23.11 34.68
C GLY X 62 -112.26 -21.84 33.86
N VAL X 63 -113.29 -21.48 33.11
CA VAL X 63 -113.27 -20.25 32.32
C VAL X 63 -113.94 -19.15 33.13
N LEU X 64 -113.24 -18.04 33.28
CA LEU X 64 -113.77 -16.89 34.01
C LEU X 64 -114.94 -16.30 33.25
N ILE X 65 -116.14 -16.49 33.77
CA ILE X 65 -117.33 -15.90 33.15
C ILE X 65 -117.36 -14.40 33.34
N GLY X 66 -117.09 -13.92 34.54
CA GLY X 66 -117.15 -12.48 34.78
C GLY X 66 -116.73 -12.16 36.19
N ILE X 67 -116.46 -10.86 36.41
CA ILE X 67 -116.12 -10.31 37.71
C ILE X 67 -116.84 -8.98 37.86
N VAL X 68 -117.47 -8.79 39.02
CA VAL X 68 -117.92 -7.48 39.46
C VAL X 68 -117.20 -7.16 40.75
N ASN X 69 -116.52 -6.01 40.77
CA ASN X 69 -115.71 -5.61 41.91
C ASN X 69 -116.16 -4.25 42.41
N VAL X 70 -116.22 -4.09 43.72
CA VAL X 70 -116.49 -2.79 44.34
C VAL X 70 -115.27 -2.42 45.16
N SER X 71 -114.54 -1.41 44.72
CA SER X 71 -113.34 -0.97 45.39
C SER X 71 -113.54 0.44 45.94
N SER X 72 -112.98 0.68 47.12
CA SER X 72 -113.00 2.00 47.74
C SER X 72 -111.59 2.45 48.03
N SER X 73 -111.34 3.74 47.82
CA SER X 73 -110.07 4.37 48.17
C SER X 73 -110.46 5.70 48.82
N ILE X 74 -110.52 5.70 50.15
CA ILE X 74 -110.99 6.84 50.91
C ILE X 74 -109.84 7.33 51.80
N ARG X 75 -109.71 8.65 51.91
CA ARG X 75 -108.72 9.23 52.80
C ARG X 75 -108.90 8.70 54.21
N ALA X 76 -107.77 8.41 54.87
CA ALA X 76 -107.82 7.95 56.24
C ALA X 76 -108.50 8.97 57.15
N ASP X 77 -108.36 10.26 56.85
CA ASP X 77 -108.97 11.31 57.65
C ASP X 77 -110.38 11.67 57.22
N ALA X 78 -110.90 11.05 56.15
CA ALA X 78 -112.21 11.41 55.66
C ALA X 78 -113.28 11.11 56.69
N THR X 79 -114.24 12.03 56.81
CA THR X 79 -115.27 11.92 57.82
C THR X 79 -116.22 10.78 57.50
N ALA X 80 -116.88 10.28 58.54
CA ALA X 80 -117.89 9.25 58.35
C ALA X 80 -119.04 9.76 57.48
N ALA X 81 -119.28 11.08 57.49
CA ALA X 81 -120.28 11.64 56.59
C ALA X 81 -119.89 11.45 55.14
N ASP X 82 -118.61 11.71 54.81
CA ASP X 82 -118.16 11.51 53.44
C ASP X 82 -118.27 10.05 53.03
N LYS X 83 -117.91 9.13 53.93
CA LYS X 83 -117.94 7.71 53.60
C LYS X 83 -119.37 7.22 53.42
N THR X 84 -120.28 7.65 54.30
CA THR X 84 -121.68 7.30 54.13
C THR X 84 -122.25 7.88 52.85
N ALA X 85 -121.90 9.13 52.53
CA ALA X 85 -122.39 9.75 51.30
C ALA X 85 -121.90 9.02 50.08
N LEU X 86 -120.62 8.65 50.05
CA LEU X 86 -120.08 7.92 48.92
C LEU X 86 -120.78 6.58 48.74
N MET X 87 -120.98 5.86 49.85
CA MET X 87 -121.63 4.57 49.78
C MET X 87 -123.07 4.72 49.30
N ALA X 88 -123.79 5.73 49.80
CA ALA X 88 -125.18 5.93 49.40
C ALA X 88 -125.30 6.33 47.94
N ILE X 89 -124.42 7.22 47.46
CA ILE X 89 -124.47 7.62 46.06
C ILE X 89 -124.20 6.42 45.16
N ILE X 90 -123.17 5.64 45.47
CA ILE X 90 -122.85 4.52 44.60
C ILE X 90 -123.96 3.46 44.65
N THR X 91 -124.54 3.22 45.82
CA THR X 91 -125.61 2.24 45.92
C THR X 91 -126.85 2.69 45.15
N ALA X 92 -127.20 3.97 45.23
CA ALA X 92 -128.33 4.49 44.47
C ALA X 92 -128.06 4.43 42.97
N ALA X 93 -126.84 4.73 42.55
CA ALA X 93 -126.50 4.65 41.13
C ALA X 93 -126.58 3.22 40.62
N GLN X 94 -126.12 2.25 41.42
CA GLN X 94 -126.25 0.85 41.02
C GLN X 94 -127.72 0.43 40.98
N ALA X 95 -128.53 0.92 41.91
CA ALA X 95 -129.96 0.64 41.88
C ALA X 95 -130.65 1.28 40.69
N ASP X 96 -130.08 2.36 40.16
CA ASP X 96 -130.59 2.96 38.93
C ASP X 96 -130.35 2.02 37.76
N GLY X 97 -131.17 2.17 36.72
CA GLY X 97 -131.10 1.29 35.57
C GLY X 97 -129.97 1.60 34.61
N ALA X 98 -129.37 2.79 34.72
CA ALA X 98 -128.25 3.11 33.87
C ALA X 98 -127.10 2.14 34.08
N TRP X 99 -126.88 1.72 35.34
CA TRP X 99 -125.87 0.71 35.61
C TRP X 99 -126.25 -0.63 35.02
N THR X 100 -127.53 -1.00 35.14
CA THR X 100 -127.99 -2.28 34.61
C THR X 100 -127.91 -2.32 33.09
N GLU X 101 -127.84 -1.16 32.45
CA GLU X 101 -127.59 -1.10 31.01
C GLU X 101 -126.12 -1.06 30.66
N LEU X 102 -125.33 -0.29 31.41
CA LEU X 102 -123.89 -0.25 31.22
C LEU X 102 -123.31 -1.67 31.32
N VAL X 103 -123.66 -2.39 32.36
CA VAL X 103 -123.47 -3.83 32.36
C VAL X 103 -124.56 -4.44 31.51
N THR X 104 -124.20 -5.51 30.79
CA THR X 104 -125.11 -6.28 29.93
C THR X 104 -125.46 -5.58 28.62
N ASP X 105 -125.11 -4.31 28.44
CA ASP X 105 -125.30 -3.71 27.13
C ASP X 105 -124.18 -2.78 26.69
N GLN X 106 -123.31 -2.34 27.59
CA GLN X 106 -122.33 -1.30 27.30
C GLN X 106 -123.02 -0.03 26.80
N ARG X 107 -124.17 0.26 27.40
CA ARG X 107 -125.00 1.40 27.02
C ARG X 107 -124.73 2.53 27.99
N LEU X 108 -124.24 3.63 27.48
CA LEU X 108 -123.98 4.78 28.31
C LEU X 108 -125.24 5.61 28.51
N PRO X 109 -125.32 6.36 29.60
CA PRO X 109 -126.49 7.24 29.80
C PRO X 109 -126.43 8.47 28.92
N LEU X 110 -126.50 8.28 27.61
CA LEU X 110 -126.59 9.38 26.66
C LEU X 110 -127.58 9.15 25.54
N ALA X 111 -128.22 7.98 25.49
CA ALA X 111 -129.26 7.74 24.49
C ALA X 111 -130.46 8.64 24.75
N THR X 112 -131.08 9.10 23.66
CA THR X 112 -132.23 10.00 23.76
C THR X 112 -133.54 9.27 23.96
N VAL X 113 -133.54 7.94 23.95
CA VAL X 113 -134.74 7.12 24.12
C VAL X 113 -135.78 7.41 23.03
N SER Y 1 -8.15 -107.98 77.65
CA SER Y 1 -9.26 -108.90 77.40
C SER Y 1 -10.18 -108.97 78.62
N LYS Y 2 -9.63 -109.42 79.75
CA LYS Y 2 -10.40 -109.56 80.98
C LYS Y 2 -9.52 -109.08 82.13
N VAL Y 3 -9.88 -109.51 83.35
CA VAL Y 3 -9.33 -108.97 84.59
C VAL Y 3 -7.80 -108.93 84.57
N PHE Y 4 -7.25 -107.72 84.66
CA PHE Y 4 -5.82 -107.49 84.72
C PHE Y 4 -5.53 -106.59 85.91
N ASN Y 5 -4.56 -106.99 86.74
CA ASN Y 5 -4.15 -106.22 87.90
C ASN Y 5 -5.38 -105.85 88.74
N THR Y 6 -6.15 -106.88 89.10
CA THR Y 6 -7.35 -106.79 89.93
C THR Y 6 -8.41 -105.86 89.37
N GLN Y 7 -8.37 -105.53 88.08
CA GLN Y 7 -9.37 -104.67 87.47
C GLN Y 7 -10.00 -105.38 86.28
N THR Y 8 -11.32 -105.26 86.16
CA THR Y 8 -12.08 -105.93 85.11
C THR Y 8 -12.21 -104.99 83.92
N PHE Y 9 -11.57 -105.35 82.82
CA PHE Y 9 -11.63 -104.56 81.60
C PHE Y 9 -12.66 -105.19 80.68
N ASP Y 10 -13.71 -104.44 80.38
CA ASP Y 10 -14.81 -104.90 79.56
C ASP Y 10 -14.81 -104.15 78.24
N ILE Y 11 -15.35 -104.80 77.21
CA ILE Y 11 -15.33 -104.26 75.86
C ILE Y 11 -16.11 -102.94 75.84
N TYR Y 12 -15.45 -101.88 75.41
CA TYR Y 12 -16.13 -100.63 75.19
C TYR Y 12 -16.41 -100.36 73.72
N SER Y 13 -15.48 -100.68 72.84
CA SER Y 13 -15.61 -100.27 71.46
C SER Y 13 -14.88 -101.26 70.57
N THR Y 14 -15.46 -101.53 69.41
CA THR Y 14 -14.85 -102.42 68.44
C THR Y 14 -14.84 -101.73 67.08
N GLU Y 15 -13.66 -101.60 66.50
CA GLU Y 15 -13.50 -101.05 65.17
C GLU Y 15 -13.08 -102.17 64.22
N LYS Y 16 -12.76 -101.78 63.00
CA LYS Y 16 -12.20 -102.75 62.05
C LYS Y 16 -10.89 -103.30 62.56
N ASP Y 17 -10.06 -102.44 63.15
CA ASP Y 17 -8.71 -102.84 63.54
C ASP Y 17 -8.33 -102.43 64.95
N VAL Y 18 -9.28 -101.88 65.73
CA VAL Y 18 -9.02 -101.51 67.11
C VAL Y 18 -10.09 -102.11 68.00
N VAL Y 19 -9.69 -102.60 69.16
CA VAL Y 19 -10.59 -102.98 70.24
C VAL Y 19 -10.22 -102.16 71.46
N SER Y 20 -11.18 -101.51 72.07
CA SER Y 20 -10.97 -100.72 73.27
C SER Y 20 -11.81 -101.28 74.41
N LEU Y 21 -11.18 -101.42 75.58
CA LEU Y 21 -11.81 -101.91 76.79
C LEU Y 21 -11.62 -100.88 77.89
N ARG Y 22 -12.60 -100.80 78.78
CA ARG Y 22 -12.52 -99.90 79.94
C ARG Y 22 -12.79 -100.69 81.21
N ASP Y 23 -12.32 -100.15 82.33
CA ASP Y 23 -12.58 -100.76 83.63
C ASP Y 23 -14.06 -100.65 83.99
N PHE Y 24 -14.65 -99.47 83.79
CA PHE Y 24 -16.04 -99.18 84.12
C PHE Y 24 -16.25 -99.18 85.62
N ALA Y 25 -15.21 -99.51 86.38
CA ALA Y 25 -15.23 -99.44 87.84
C ALA Y 25 -14.55 -98.18 88.36
N ASN Y 26 -13.29 -97.96 87.99
CA ASN Y 26 -12.63 -96.70 88.29
C ASN Y 26 -12.79 -95.67 87.19
N ASP Y 27 -13.28 -96.07 86.01
CA ASP Y 27 -13.58 -95.17 84.90
C ASP Y 27 -12.38 -94.30 84.53
N LYS Y 28 -11.18 -94.85 84.63
CA LYS Y 28 -9.98 -94.10 84.31
C LYS Y 28 -9.02 -94.84 83.40
N ASP Y 29 -9.17 -96.15 83.21
CA ASP Y 29 -8.24 -96.94 82.42
C ASP Y 29 -8.90 -97.42 81.15
N THR Y 30 -8.20 -97.24 80.03
CA THR Y 30 -8.61 -97.78 78.75
C THR Y 30 -7.47 -98.60 78.17
N LEU Y 31 -7.77 -99.83 77.80
CA LEU Y 31 -6.82 -100.75 77.19
C LEU Y 31 -7.19 -100.94 75.72
N ALA Y 32 -6.26 -100.66 74.83
CA ALA Y 32 -6.50 -100.72 73.39
C ALA Y 32 -5.59 -101.75 72.75
N TYR Y 33 -6.20 -102.63 71.95
CA TYR Y 33 -5.51 -103.59 71.10
C TYR Y 33 -5.69 -103.12 69.66
N LYS Y 34 -4.58 -102.92 68.96
CA LYS Y 34 -4.59 -102.30 67.65
C LYS Y 34 -3.78 -103.16 66.68
N ARG Y 35 -4.27 -103.21 65.44
CA ARG Y 35 -3.87 -104.22 64.46
C ARG Y 35 -3.64 -103.56 63.11
N LEU Y 36 -2.47 -103.78 62.52
CA LEU Y 36 -2.19 -103.35 61.15
C LEU Y 36 -1.57 -104.52 60.39
N ALA Y 37 -2.31 -105.09 59.45
CA ALA Y 37 -1.78 -106.20 58.66
C ALA Y 37 -0.60 -105.74 57.80
N PRO Y 38 0.36 -106.62 57.54
CA PRO Y 38 1.51 -106.23 56.72
C PRO Y 38 1.10 -105.94 55.28
N LYS Y 39 1.77 -104.97 54.69
CA LYS Y 39 1.46 -104.57 53.31
C LYS Y 39 2.68 -104.80 52.44
N ARG Y 40 2.48 -105.56 51.36
CA ARG Y 40 3.56 -105.92 50.44
C ARG Y 40 3.82 -104.74 49.51
N THR Y 41 4.66 -103.82 49.98
CA THR Y 41 5.02 -102.64 49.21
C THR Y 41 6.17 -102.90 48.25
N LYS Y 42 6.87 -104.01 48.40
CA LYS Y 42 8.05 -104.30 47.61
C LYS Y 42 8.27 -105.81 47.66
N ASP Y 43 9.48 -106.24 47.31
CA ASP Y 43 9.87 -107.64 47.46
C ASP Y 43 9.70 -108.08 48.91
N SER Y 44 9.81 -107.14 49.84
CA SER Y 44 9.49 -107.45 51.23
C SER Y 44 7.99 -107.64 51.38
N PRO Y 45 7.54 -108.60 52.19
CA PRO Y 45 6.09 -108.79 52.40
C PRO Y 45 5.46 -107.78 53.35
N GLY Y 46 6.22 -106.81 53.84
CA GLY Y 46 5.70 -105.85 54.80
C GLY Y 46 5.89 -106.28 56.23
N MET Y 47 5.59 -105.35 57.14
CA MET Y 47 5.71 -105.57 58.57
C MET Y 47 4.32 -105.51 59.21
N ALA Y 48 4.01 -106.50 60.03
CA ALA Y 48 2.73 -106.56 60.73
C ALA Y 48 2.85 -105.76 62.03
N LYS Y 49 2.00 -104.75 62.18
CA LYS Y 49 2.05 -103.86 63.33
C LYS Y 49 1.02 -104.30 64.36
N SER Y 50 1.45 -104.31 65.62
CA SER Y 50 0.54 -104.48 66.73
C SER Y 50 0.75 -103.32 67.71
N GLU Y 51 -0.28 -103.06 68.50
CA GLU Y 51 -0.15 -102.04 69.54
C GLU Y 51 -1.02 -102.43 70.71
N LEU Y 52 -0.46 -102.44 71.91
CA LEU Y 52 -1.20 -102.75 73.13
C LEU Y 52 -0.93 -101.62 74.11
N LYS Y 53 -1.91 -100.73 74.28
CA LYS Y 53 -1.67 -99.54 75.07
C LYS Y 53 -2.66 -99.42 76.22
N ILE Y 54 -2.15 -99.02 77.37
CA ILE Y 54 -2.96 -98.71 78.55
C ILE Y 54 -2.88 -97.22 78.82
N THR Y 55 -4.02 -96.57 78.89
CA THR Y 55 -4.13 -95.14 79.12
C THR Y 55 -4.91 -94.88 80.39
N ARG Y 56 -4.38 -94.01 81.25
CA ARG Y 56 -5.03 -93.62 82.48
C ARG Y 56 -5.36 -92.14 82.42
N VAL Y 57 -6.62 -91.81 82.65
CA VAL Y 57 -7.08 -90.43 82.69
C VAL Y 57 -7.94 -90.26 83.94
N ASP Y 58 -7.57 -89.31 84.78
CA ASP Y 58 -8.40 -89.16 85.98
C ASP Y 58 -9.78 -88.65 85.59
N PRO Y 59 -10.84 -89.22 86.11
CA PRO Y 59 -12.18 -88.85 85.62
C PRO Y 59 -12.83 -87.71 86.39
N THR Y 60 -12.08 -86.64 86.64
CA THR Y 60 -12.68 -85.46 87.26
C THR Y 60 -12.43 -84.23 86.41
N THR Y 61 -11.21 -84.09 85.91
CA THR Y 61 -10.86 -83.06 84.95
C THR Y 61 -10.46 -83.64 83.61
N GLY Y 62 -10.31 -84.96 83.51
CA GLY Y 62 -9.95 -85.58 82.24
C GLY Y 62 -8.51 -85.43 81.83
N VAL Y 63 -7.60 -85.20 82.77
CA VAL Y 63 -6.19 -85.03 82.46
C VAL Y 63 -5.56 -86.40 82.27
N LEU Y 64 -4.69 -86.51 81.28
CA LEU Y 64 -3.96 -87.75 81.05
C LEU Y 64 -2.88 -87.91 82.10
N ILE Y 65 -2.94 -88.99 82.87
CA ILE Y 65 -1.92 -89.25 83.86
C ILE Y 65 -0.71 -89.94 83.22
N GLY Y 66 -0.94 -90.96 82.41
CA GLY Y 66 0.16 -91.66 81.80
C GLY Y 66 -0.31 -92.72 80.83
N ILE Y 67 0.57 -93.04 79.87
CA ILE Y 67 0.33 -94.05 78.87
C ILE Y 67 1.52 -94.99 78.83
N VAL Y 68 1.26 -96.29 78.84
CA VAL Y 68 2.26 -97.31 78.56
C VAL Y 68 1.81 -98.06 77.33
N ASN Y 69 2.67 -98.11 76.32
CA ASN Y 69 2.34 -98.71 75.03
C ASN Y 69 3.34 -99.81 74.69
N VAL Y 70 2.82 -100.95 74.26
CA VAL Y 70 3.63 -102.07 73.80
C VAL Y 70 3.30 -102.27 72.33
N SER Y 71 4.20 -101.87 71.45
CA SER Y 71 4.00 -101.98 70.02
C SER Y 71 5.04 -102.89 69.41
N SER Y 72 4.61 -103.74 68.49
CA SER Y 72 5.49 -104.65 67.78
C SER Y 72 5.44 -104.34 66.29
N SER Y 73 6.54 -104.59 65.60
CA SER Y 73 6.68 -104.38 64.16
C SER Y 73 7.53 -105.52 63.63
N ILE Y 74 6.89 -106.55 63.08
CA ILE Y 74 7.56 -107.79 62.72
C ILE Y 74 7.28 -108.12 61.26
N ARG Y 75 8.31 -108.61 60.57
CA ARG Y 75 8.20 -108.99 59.17
C ARG Y 75 7.11 -110.02 58.97
N ALA Y 76 6.37 -109.87 57.87
CA ALA Y 76 5.32 -110.84 57.56
C ALA Y 76 5.88 -112.23 57.38
N ASP Y 77 7.08 -112.34 56.82
CA ASP Y 77 7.72 -113.63 56.60
C ASP Y 77 8.45 -114.15 57.83
N ALA Y 78 8.51 -113.37 58.90
CA ALA Y 78 9.31 -113.74 60.05
C ALA Y 78 8.78 -115.00 60.71
N THR Y 79 9.70 -115.79 61.25
CA THR Y 79 9.34 -117.07 61.84
C THR Y 79 8.63 -116.87 63.17
N ALA Y 80 7.85 -117.89 63.56
CA ALA Y 80 7.26 -117.89 64.88
C ALA Y 80 8.32 -117.94 65.97
N ALA Y 81 9.48 -118.54 65.67
CA ALA Y 81 10.59 -118.54 66.63
C ALA Y 81 11.11 -117.13 66.85
N ASP Y 82 11.24 -116.34 65.78
CA ASP Y 82 11.67 -114.96 65.93
C ASP Y 82 10.71 -114.17 66.81
N LYS Y 83 9.41 -114.35 66.59
CA LYS Y 83 8.40 -113.63 67.34
C LYS Y 83 8.38 -114.07 68.80
N THR Y 84 8.49 -115.37 69.05
CA THR Y 84 8.55 -115.86 70.42
C THR Y 84 9.77 -115.33 71.14
N ALA Y 85 10.93 -115.30 70.46
CA ALA Y 85 12.14 -114.78 71.07
C ALA Y 85 11.99 -113.30 71.38
N LEU Y 86 11.42 -112.52 70.46
CA LEU Y 86 11.23 -111.10 70.71
C LEU Y 86 10.34 -110.88 71.93
N MET Y 87 9.22 -111.60 72.00
CA MET Y 87 8.32 -111.42 73.12
C MET Y 87 8.96 -111.85 74.44
N ALA Y 88 9.68 -112.97 74.43
CA ALA Y 88 10.34 -113.43 75.65
C ALA Y 88 11.40 -112.45 76.12
N ILE Y 89 12.18 -111.90 75.19
CA ILE Y 89 13.24 -110.96 75.57
C ILE Y 89 12.63 -109.69 76.14
N ILE Y 90 11.62 -109.14 75.48
CA ILE Y 90 11.02 -107.90 75.99
C ILE Y 90 10.32 -108.14 77.31
N THR Y 91 9.71 -109.31 77.50
CA THR Y 91 9.06 -109.63 78.76
C THR Y 91 10.07 -109.77 79.89
N ALA Y 92 11.20 -110.44 79.63
CA ALA Y 92 12.24 -110.55 80.66
C ALA Y 92 12.82 -109.20 81.01
N ALA Y 93 13.01 -108.34 80.01
CA ALA Y 93 13.53 -107.01 80.28
C ALA Y 93 12.54 -106.19 81.09
N GLN Y 94 11.23 -106.33 80.82
CA GLN Y 94 10.23 -105.63 81.61
C GLN Y 94 10.21 -106.16 83.05
N ALA Y 95 10.37 -107.46 83.23
CA ALA Y 95 10.38 -108.05 84.56
C ALA Y 95 11.60 -107.60 85.36
N ASP Y 96 12.67 -107.21 84.69
CA ASP Y 96 13.85 -106.71 85.38
C ASP Y 96 13.56 -105.35 86.01
N GLY Y 97 14.32 -105.04 87.07
CA GLY Y 97 14.14 -103.78 87.76
C GLY Y 97 14.70 -102.58 87.01
N ALA Y 98 15.54 -102.83 86.00
CA ALA Y 98 16.06 -101.73 85.20
C ALA Y 98 14.93 -100.99 84.50
N TRP Y 99 13.95 -101.73 83.96
CA TRP Y 99 12.78 -101.08 83.38
C TRP Y 99 11.95 -100.37 84.43
N THR Y 100 11.82 -100.98 85.61
CA THR Y 100 11.05 -100.38 86.68
C THR Y 100 11.68 -99.08 87.18
N GLU Y 101 12.97 -98.90 86.95
CA GLU Y 101 13.63 -97.63 87.26
C GLU Y 101 13.56 -96.66 86.10
N LEU Y 102 13.80 -97.14 84.87
CA LEU Y 102 13.64 -96.31 83.69
C LEU Y 102 12.28 -95.63 83.68
N VAL Y 103 11.25 -96.37 84.02
CA VAL Y 103 9.96 -95.75 84.30
C VAL Y 103 9.94 -95.37 85.77
N THR Y 104 9.29 -94.25 86.09
CA THR Y 104 9.21 -93.63 87.42
C THR Y 104 10.50 -92.97 87.90
N ASP Y 105 11.64 -93.21 87.26
CA ASP Y 105 12.87 -92.58 87.72
C ASP Y 105 13.69 -91.95 86.61
N GLN Y 106 13.45 -92.28 85.35
CA GLN Y 106 14.28 -91.84 84.23
C GLN Y 106 15.74 -92.23 84.49
N ARG Y 107 15.93 -93.46 84.93
CA ARG Y 107 17.22 -93.98 85.31
C ARG Y 107 17.66 -95.03 84.29
N LEU Y 108 18.84 -94.84 83.71
CA LEU Y 108 19.40 -95.78 82.77
C LEU Y 108 20.11 -96.92 83.51
N PRO Y 109 20.22 -98.09 82.89
CA PRO Y 109 20.83 -99.23 83.59
C PRO Y 109 22.35 -99.19 83.57
N LEU Y 110 22.93 -98.06 83.96
CA LEU Y 110 24.37 -97.89 83.92
C LEU Y 110 24.99 -97.53 85.27
N ALA Y 111 24.19 -97.39 86.31
CA ALA Y 111 24.75 -97.13 87.64
C ALA Y 111 25.64 -98.28 88.07
N THR Y 112 26.67 -97.96 88.86
CA THR Y 112 27.56 -98.97 89.40
C THR Y 112 27.05 -99.59 90.70
N VAL Y 113 25.90 -99.11 91.20
CA VAL Y 113 25.25 -99.63 92.40
C VAL Y 113 26.10 -99.42 93.66
N SER Z 1 19.27 -105.05 81.15
CA SER Z 1 20.62 -104.92 81.70
C SER Z 1 21.47 -106.15 81.40
N LYS Z 2 21.08 -107.29 81.93
CA LYS Z 2 21.87 -108.52 81.84
C LYS Z 2 21.00 -109.62 81.26
N VAL Z 3 21.41 -110.86 81.47
CA VAL Z 3 20.86 -112.03 80.79
C VAL Z 3 19.33 -112.03 80.79
N PHE Z 4 18.75 -112.03 79.60
CA PHE Z 4 17.31 -112.09 79.39
C PHE Z 4 17.04 -113.19 78.37
N ASN Z 5 16.02 -114.02 78.64
CA ASN Z 5 15.65 -115.13 77.77
C ASN Z 5 16.85 -116.03 77.52
N THR Z 6 17.63 -116.29 78.57
CA THR Z 6 18.86 -117.08 78.58
C THR Z 6 19.97 -116.47 77.73
N GLN Z 7 19.77 -115.30 77.15
CA GLN Z 7 20.78 -114.65 76.33
C GLN Z 7 21.43 -113.53 77.10
N THR Z 8 22.75 -113.47 77.05
CA THR Z 8 23.54 -112.46 77.74
C THR Z 8 23.62 -111.21 76.88
N PHE Z 9 23.15 -110.09 77.40
CA PHE Z 9 23.17 -108.82 76.69
C PHE Z 9 24.24 -107.94 77.33
N ASP Z 10 25.35 -107.77 76.62
CA ASP Z 10 26.44 -106.93 77.08
C ASP Z 10 26.38 -105.58 76.38
N ILE Z 11 26.91 -104.55 77.05
CA ILE Z 11 26.68 -103.18 76.59
C ILE Z 11 27.30 -102.99 75.22
N TYR Z 12 26.50 -102.51 74.27
CA TYR Z 12 26.96 -102.25 72.92
C TYR Z 12 27.30 -100.79 72.69
N SER Z 13 26.55 -99.87 73.28
CA SER Z 13 26.84 -98.45 73.15
C SER Z 13 26.14 -97.70 74.27
N THR Z 14 26.64 -96.50 74.55
CA THR Z 14 26.03 -95.64 75.56
C THR Z 14 25.87 -94.25 74.98
N GLU Z 15 24.80 -93.57 75.36
CA GLU Z 15 24.50 -92.22 74.94
C GLU Z 15 24.04 -91.43 76.16
N LYS Z 16 23.78 -90.14 75.94
CA LYS Z 16 23.23 -89.30 76.99
C LYS Z 16 21.92 -89.87 77.52
N ASP Z 17 21.09 -90.43 76.63
CA ASP Z 17 19.78 -90.92 77.02
C ASP Z 17 19.48 -92.33 76.52
N VAL Z 18 20.41 -92.98 75.82
CA VAL Z 18 20.20 -94.33 75.32
C VAL Z 18 21.35 -95.21 75.77
N VAL Z 19 21.01 -96.39 76.28
CA VAL Z 19 21.96 -97.45 76.56
C VAL Z 19 21.55 -98.66 75.75
N SER Z 20 22.45 -99.15 74.92
CA SER Z 20 22.16 -100.24 74.00
C SER Z 20 23.05 -101.43 74.36
N LEU Z 21 22.43 -102.60 74.48
CA LEU Z 21 23.11 -103.84 74.80
C LEU Z 21 22.97 -104.80 73.64
N ARG Z 22 23.96 -105.66 73.46
CA ARG Z 22 23.95 -106.64 72.40
C ARG Z 22 24.16 -108.03 73.00
N ASP Z 23 23.62 -109.04 72.32
CA ASP Z 23 23.92 -110.41 72.71
C ASP Z 23 25.38 -110.76 72.45
N PHE Z 24 25.87 -110.45 71.25
CA PHE Z 24 27.24 -110.72 70.81
C PHE Z 24 27.48 -112.22 70.62
N ALA Z 25 26.50 -113.04 70.97
CA ALA Z 25 26.56 -114.47 70.71
C ALA Z 25 25.88 -114.84 69.41
N ASN Z 26 24.59 -114.54 69.29
CA ASN Z 26 23.90 -114.66 68.01
C ASN Z 26 24.04 -113.39 67.17
N ASP Z 27 24.60 -112.33 67.74
CA ASP Z 27 24.95 -111.12 67.01
C ASP Z 27 23.74 -110.50 66.31
N LYS Z 28 22.55 -110.72 66.86
CA LYS Z 28 21.33 -110.34 66.15
C LYS Z 28 20.36 -109.53 66.98
N ASP Z 29 20.49 -109.50 68.31
CA ASP Z 29 19.52 -108.86 69.19
C ASP Z 29 20.14 -107.65 69.87
N THR Z 30 19.44 -106.53 69.82
CA THR Z 30 19.87 -105.31 70.47
C THR Z 30 18.77 -104.79 71.35
N LEU Z 31 19.10 -104.54 72.61
CA LEU Z 31 18.16 -104.06 73.63
C LEU Z 31 18.51 -102.63 73.97
N ALA Z 32 17.59 -101.71 73.74
CA ALA Z 32 17.82 -100.29 73.99
C ALA Z 32 16.94 -99.81 75.13
N TYR Z 33 17.54 -99.03 76.03
CA TYR Z 33 16.85 -98.29 77.08
C TYR Z 33 17.01 -96.81 76.76
N LYS Z 34 15.90 -96.11 76.61
CA LYS Z 34 15.92 -94.73 76.16
C LYS Z 34 15.12 -93.88 77.15
N ARG Z 35 15.58 -92.65 77.34
CA ARG Z 35 15.13 -91.77 78.40
C ARG Z 35 14.82 -90.39 77.82
N LEU Z 36 13.75 -89.77 78.31
CA LEU Z 36 13.46 -88.38 77.98
C LEU Z 36 12.85 -87.72 79.20
N ALA Z 37 13.64 -86.92 79.91
CA ALA Z 37 13.15 -86.24 81.09
C ALA Z 37 12.02 -85.28 80.73
N PRO Z 38 11.05 -85.09 81.63
CA PRO Z 38 9.97 -84.15 81.35
C PRO Z 38 10.46 -82.72 81.24
N LYS Z 39 9.80 -81.95 80.39
CA LYS Z 39 10.10 -80.53 80.21
C LYS Z 39 8.84 -79.73 80.52
N ARG Z 40 9.01 -78.67 81.31
CA ARG Z 40 7.88 -77.88 81.81
C ARG Z 40 7.60 -76.74 80.83
N THR Z 41 7.07 -77.10 79.67
CA THR Z 41 6.77 -76.11 78.65
C THR Z 41 5.60 -75.22 79.05
N LYS Z 42 4.85 -75.60 80.08
CA LYS Z 42 3.74 -74.82 80.58
C LYS Z 42 3.65 -75.06 82.09
N ASP Z 43 2.49 -74.72 82.66
CA ASP Z 43 2.23 -74.98 84.07
C ASP Z 43 2.37 -76.47 84.37
N SER Z 44 2.16 -77.30 83.36
CA SER Z 44 2.37 -78.74 83.52
C SER Z 44 3.84 -79.02 83.82
N PRO Z 45 4.14 -80.04 84.61
CA PRO Z 45 5.54 -80.45 84.79
C PRO Z 45 6.09 -81.24 83.62
N GLY Z 46 5.31 -81.42 82.57
CA GLY Z 46 5.73 -82.17 81.40
C GLY Z 46 5.50 -83.66 81.57
N MET Z 47 5.80 -84.39 80.50
CA MET Z 47 5.70 -85.84 80.48
C MET Z 47 7.09 -86.45 80.50
N ALA Z 48 7.30 -87.40 81.40
CA ALA Z 48 8.54 -88.19 81.42
C ALA Z 48 8.36 -89.36 80.46
N LYS Z 49 9.23 -89.44 79.47
CA LYS Z 49 9.18 -90.51 78.49
C LYS Z 49 10.24 -91.56 78.79
N SER Z 50 9.86 -92.82 78.68
CA SER Z 50 10.83 -93.91 78.67
C SER Z 50 10.58 -94.79 77.46
N GLU Z 51 11.58 -95.59 77.11
CA GLU Z 51 11.44 -96.49 75.98
C GLU Z 51 12.29 -97.72 76.23
N LEU Z 52 11.72 -98.91 76.05
CA LEU Z 52 12.47 -100.15 76.18
C LEU Z 52 12.19 -100.98 74.94
N LYS Z 53 13.17 -101.06 74.04
CA LYS Z 53 12.94 -101.69 72.75
C LYS Z 53 13.91 -102.84 72.52
N ILE Z 54 13.43 -103.86 71.83
CA ILE Z 54 14.25 -104.99 71.42
C ILE Z 54 14.17 -105.09 69.91
N THR Z 55 15.32 -105.22 69.28
CA THR Z 55 15.43 -105.28 67.83
C THR Z 55 16.16 -106.54 67.43
N ARG Z 56 15.60 -107.27 66.47
CA ARG Z 56 16.27 -108.42 65.88
C ARG Z 56 16.56 -108.12 64.42
N VAL Z 57 17.82 -108.21 64.04
CA VAL Z 57 18.23 -108.17 62.64
C VAL Z 57 19.10 -109.39 62.38
N ASP Z 58 18.88 -110.02 61.24
CA ASP Z 58 19.73 -111.15 60.92
C ASP Z 58 21.09 -110.64 60.47
N PRO Z 59 22.18 -111.03 61.11
CA PRO Z 59 23.46 -110.35 60.87
C PRO Z 59 24.26 -110.90 59.71
N THR Z 60 23.62 -111.22 58.59
CA THR Z 60 24.37 -111.49 57.37
C THR Z 60 23.89 -110.57 56.27
N THR Z 61 22.58 -110.49 56.07
CA THR Z 61 22.00 -109.56 55.11
C THR Z 61 21.45 -108.31 55.78
N GLY Z 62 21.38 -108.28 57.11
CA GLY Z 62 20.98 -107.08 57.82
C GLY Z 62 19.58 -106.59 57.53
N VAL Z 63 18.61 -107.49 57.40
CA VAL Z 63 17.22 -107.08 57.28
C VAL Z 63 16.57 -107.18 58.66
N LEU Z 64 15.64 -106.28 58.92
CA LEU Z 64 14.97 -106.21 60.21
C LEU Z 64 13.96 -107.34 60.32
N ILE Z 65 14.19 -108.28 61.22
CA ILE Z 65 13.18 -109.30 61.47
C ILE Z 65 12.00 -108.72 62.22
N GLY Z 66 12.24 -107.94 63.28
CA GLY Z 66 11.15 -107.37 64.03
C GLY Z 66 11.63 -106.53 65.19
N ILE Z 67 10.72 -105.67 65.67
CA ILE Z 67 10.94 -104.80 66.81
C ILE Z 67 9.75 -104.92 67.75
N VAL Z 68 10.01 -105.01 69.05
CA VAL Z 68 9.00 -104.87 70.07
C VAL Z 68 9.42 -103.70 70.97
N ASN Z 69 8.49 -102.76 71.17
CA ASN Z 69 8.79 -101.50 71.83
C ASN Z 69 7.86 -101.30 73.01
N VAL Z 70 8.42 -100.97 74.16
CA VAL Z 70 7.65 -100.64 75.35
C VAL Z 70 7.91 -99.17 75.67
N SER Z 71 6.93 -98.32 75.43
CA SER Z 71 7.08 -96.89 75.62
C SER Z 71 6.22 -96.41 76.77
N SER Z 72 6.73 -95.42 77.50
CA SER Z 72 6.01 -94.81 78.60
C SER Z 72 5.92 -93.30 78.38
N SER Z 73 4.76 -92.74 78.67
CA SER Z 73 4.56 -91.30 78.66
C SER Z 73 3.72 -90.99 79.90
N ILE Z 74 4.39 -90.75 81.01
CA ILE Z 74 3.75 -90.53 82.30
C ILE Z 74 3.99 -89.09 82.73
N ARG Z 75 2.96 -88.46 83.25
CA ARG Z 75 3.09 -87.11 83.79
C ARG Z 75 4.18 -87.07 84.85
N ALA Z 76 4.99 -86.01 84.82
CA ALA Z 76 6.06 -85.87 85.80
C ALA Z 76 5.49 -85.80 87.21
N ASP Z 77 4.33 -85.17 87.38
CA ASP Z 77 3.67 -85.07 88.68
C ASP Z 77 2.97 -86.35 89.09
N ALA Z 78 2.81 -87.31 88.17
CA ALA Z 78 1.97 -88.46 88.44
C ALA Z 78 2.55 -89.30 89.58
N THR Z 79 1.67 -89.73 90.47
CA THR Z 79 2.06 -90.47 91.65
C THR Z 79 2.62 -91.83 91.27
N ALA Z 80 3.43 -92.38 92.18
CA ALA Z 80 3.95 -93.72 91.96
C ALA Z 80 2.83 -94.75 91.91
N ALA Z 81 1.68 -94.44 92.50
CA ALA Z 81 0.54 -95.35 92.41
C ALA Z 81 0.06 -95.48 90.97
N ASP Z 82 -0.07 -94.36 90.27
CA ASP Z 82 -0.49 -94.44 88.87
C ASP Z 82 0.54 -95.17 88.02
N LYS Z 83 1.83 -94.90 88.25
CA LYS Z 83 2.87 -95.56 87.47
C LYS Z 83 2.90 -97.05 87.73
N THR Z 84 2.77 -97.46 88.99
CA THR Z 84 2.76 -98.89 89.31
C THR Z 84 1.51 -99.56 88.75
N ALA Z 85 0.37 -98.90 88.81
CA ALA Z 85 -0.84 -99.47 88.23
C ALA Z 85 -0.71 -99.61 86.72
N LEU Z 86 -0.12 -98.62 86.06
CA LEU Z 86 0.10 -98.69 84.63
C LEU Z 86 0.99 -99.87 84.27
N MET Z 87 2.09 -100.04 85.00
CA MET Z 87 2.96 -101.18 84.72
C MET Z 87 2.27 -102.49 85.00
N ALA Z 88 1.53 -102.59 86.10
CA ALA Z 88 0.85 -103.83 86.44
C ALA Z 88 -0.18 -104.20 85.38
N ILE Z 89 -0.96 -103.22 84.93
CA ILE Z 89 -1.96 -103.50 83.91
C ILE Z 89 -1.30 -103.94 82.62
N ILE Z 90 -0.23 -103.24 82.20
CA ILE Z 90 0.36 -103.58 80.91
C ILE Z 90 1.06 -104.93 80.96
N THR Z 91 1.71 -105.25 82.09
CA THR Z 91 2.36 -106.56 82.22
C THR Z 91 1.32 -107.68 82.30
N ALA Z 92 0.22 -107.46 83.00
CA ALA Z 92 -0.84 -108.45 83.04
C ALA Z 92 -1.43 -108.68 81.65
N ALA Z 93 -1.61 -107.59 80.88
CA ALA Z 93 -2.12 -107.72 79.52
C ALA Z 93 -1.15 -108.48 78.64
N GLN Z 94 0.15 -108.20 78.77
CA GLN Z 94 1.15 -108.92 77.98
C GLN Z 94 1.18 -110.40 78.33
N ALA Z 95 1.12 -110.73 79.62
CA ALA Z 95 1.12 -112.13 80.03
C ALA Z 95 -0.10 -112.88 79.53
N ASP Z 96 -1.21 -112.18 79.33
CA ASP Z 96 -2.43 -112.80 78.83
C ASP Z 96 -2.29 -113.13 77.34
N GLY Z 97 -3.04 -114.14 76.90
CA GLY Z 97 -2.88 -114.68 75.57
C GLY Z 97 -3.32 -113.74 74.45
N ALA Z 98 -4.16 -112.75 74.75
CA ALA Z 98 -4.63 -111.85 73.69
C ALA Z 98 -3.47 -111.11 73.04
N TRP Z 99 -2.50 -110.65 73.83
CA TRP Z 99 -1.32 -110.01 73.26
C TRP Z 99 -0.51 -111.00 72.44
N THR Z 100 -0.40 -112.25 72.94
CA THR Z 100 0.36 -113.26 72.22
C THR Z 100 -0.23 -113.54 70.84
N GLU Z 101 -1.55 -113.56 70.71
CA GLU Z 101 -2.17 -113.72 69.40
C GLU Z 101 -2.16 -112.45 68.57
N LEU Z 102 -2.30 -111.28 69.20
CA LEU Z 102 -2.21 -110.02 68.47
C LEU Z 102 -0.88 -109.93 67.74
N VAL Z 103 0.21 -110.27 68.41
CA VAL Z 103 1.44 -110.59 67.71
C VAL Z 103 1.31 -112.00 67.14
N THR Z 104 1.96 -112.27 66.01
CA THR Z 104 1.98 -113.59 65.37
C THR Z 104 0.66 -113.95 64.70
N ASP Z 105 -0.42 -113.19 64.94
CA ASP Z 105 -1.68 -113.50 64.28
C ASP Z 105 -2.41 -112.28 63.76
N GLN Z 106 -2.12 -111.08 64.26
CA GLN Z 106 -2.95 -109.91 64.06
C GLN Z 106 -4.39 -110.19 64.44
N ARG Z 107 -4.56 -110.89 65.56
CA ARG Z 107 -5.87 -111.30 66.07
C ARG Z 107 -6.30 -110.36 67.19
N LEU Z 108 -7.38 -109.63 66.96
CA LEU Z 108 -7.92 -108.75 67.97
C LEU Z 108 -8.71 -109.55 69.02
N PRO Z 109 -8.77 -109.06 70.25
CA PRO Z 109 -9.56 -109.76 71.28
C PRO Z 109 -11.05 -109.57 71.08
N LEU Z 110 -11.58 -110.19 70.03
CA LEU Z 110 -13.01 -110.19 69.79
C LEU Z 110 -13.54 -111.54 69.33
N ALA Z 111 -12.71 -112.59 69.36
CA ALA Z 111 -13.15 -113.90 68.92
C ALA Z 111 -14.15 -114.49 69.92
N THR Z 112 -15.15 -115.19 69.39
CA THR Z 112 -16.17 -115.81 70.22
C THR Z 112 -15.79 -117.22 70.68
N VAL Z 113 -14.65 -117.74 70.22
CA VAL Z 113 -14.17 -119.08 70.57
C VAL Z 113 -15.17 -120.15 70.17
N SER AA 1 42.31 -68.31 106.18
CA SER AA 1 42.75 -67.36 107.18
C SER AA 1 44.23 -67.49 107.49
N LYS AA 2 44.67 -68.71 107.80
CA LYS AA 2 46.04 -68.94 108.23
C LYS AA 2 46.56 -70.21 107.56
N VAL AA 3 47.64 -70.76 108.11
CA VAL AA 3 48.49 -71.75 107.44
C VAL AA 3 47.68 -72.86 106.77
N PHE AA 4 47.88 -72.99 105.46
CA PHE AA 4 47.24 -74.03 104.66
C PHE AA 4 48.34 -74.73 103.88
N ASN AA 5 48.31 -76.06 103.88
CA ASN AA 5 49.30 -76.86 103.16
C ASN AA 5 50.71 -76.51 103.62
N THR AA 6 50.86 -76.26 104.92
CA THR AA 6 52.09 -75.86 105.58
C THR AA 6 52.63 -74.52 105.08
N GLN AA 7 51.89 -73.79 104.26
CA GLN AA 7 52.29 -72.46 103.83
C GLN AA 7 51.51 -71.44 104.63
N THR AA 8 52.20 -70.39 105.06
CA THR AA 8 51.58 -69.33 105.85
C THR AA 8 50.99 -68.30 104.90
N PHE AA 9 49.71 -68.01 105.07
CA PHE AA 9 49.01 -67.00 104.28
C PHE AA 9 48.71 -65.82 105.19
N ASP AA 10 49.30 -64.67 104.87
CA ASP AA 10 49.04 -63.44 105.57
C ASP AA 10 48.10 -62.58 104.73
N ILE AA 11 47.26 -61.79 105.39
CA ILE AA 11 46.30 -60.98 104.66
C ILE AA 11 47.05 -59.94 103.85
N TYR AA 12 46.81 -59.91 102.54
CA TYR AA 12 47.44 -58.96 101.63
C TYR AA 12 46.56 -57.76 101.36
N SER AA 13 45.25 -57.94 101.31
CA SER AA 13 44.36 -56.87 100.92
C SER AA 13 43.02 -57.06 101.59
N THR AA 14 42.42 -55.95 102.02
CA THR AA 14 41.09 -55.99 102.60
C THR AA 14 40.21 -55.05 101.81
N GLU AA 15 39.09 -55.57 101.32
CA GLU AA 15 38.15 -54.80 100.52
C GLU AA 15 36.77 -54.90 101.16
N LYS AA 16 35.81 -54.23 100.51
CA LYS AA 16 34.42 -54.26 100.97
C LYS AA 16 33.88 -55.67 100.99
N ASP AA 17 34.00 -56.39 99.88
CA ASP AA 17 33.47 -57.73 99.74
C ASP AA 17 34.56 -58.75 99.39
N VAL AA 18 35.83 -58.37 99.47
CA VAL AA 18 36.94 -59.26 99.13
C VAL AA 18 38.00 -59.17 100.21
N VAL AA 19 38.56 -60.32 100.58
CA VAL AA 19 39.72 -60.40 101.45
C VAL AA 19 40.75 -61.28 100.75
N SER AA 20 41.97 -60.79 100.63
CA SER AA 20 43.03 -61.48 99.89
C SER AA 20 44.22 -61.73 100.79
N LEU AA 21 44.68 -62.98 100.82
CA LEU AA 21 45.85 -63.41 101.56
C LEU AA 21 46.95 -63.82 100.58
N ARG AA 22 48.18 -63.50 100.92
CA ARG AA 22 49.33 -63.89 100.12
C ARG AA 22 50.26 -64.72 100.98
N ASP AA 23 50.92 -65.68 100.34
CA ASP AA 23 51.90 -66.51 101.06
C ASP AA 23 53.06 -65.66 101.56
N PHE AA 24 53.59 -64.77 100.70
CA PHE AA 24 54.68 -63.86 101.03
C PHE AA 24 55.99 -64.59 101.23
N ALA AA 25 55.96 -65.92 101.20
CA ALA AA 25 57.16 -66.74 101.25
C ALA AA 25 57.56 -67.21 99.87
N ASN AA 26 56.67 -67.90 99.16
CA ASN AA 26 56.91 -68.25 97.78
C ASN AA 26 56.49 -67.13 96.82
N ASP AA 27 55.73 -66.15 97.30
CA ASP AA 27 55.30 -64.99 96.51
C ASP AA 27 54.61 -65.39 95.22
N LYS AA 28 53.88 -66.52 95.24
CA LYS AA 28 53.19 -66.98 94.06
C LYS AA 28 51.77 -67.46 94.31
N ASP AA 29 51.34 -67.58 95.57
CA ASP AA 29 50.02 -68.07 95.91
C ASP AA 29 49.19 -66.95 96.52
N THR AA 30 47.97 -66.78 96.00
CA THR AA 30 47.01 -65.81 96.53
C THR AA 30 45.69 -66.49 96.79
N LEU AA 31 45.15 -66.30 97.99
CA LEU AA 31 43.87 -66.87 98.39
C LEU AA 31 42.86 -65.74 98.58
N ALA AA 32 41.77 -65.78 97.83
CA ALA AA 32 40.77 -64.72 97.85
C ALA AA 32 39.44 -65.27 98.35
N TYR AA 33 38.86 -64.56 99.32
CA TYR AA 33 37.50 -64.77 99.79
C TYR AA 33 36.65 -63.63 99.22
N LYS AA 34 35.67 -63.97 98.40
CA LYS AA 34 34.81 -63.00 97.74
C LYS AA 34 33.35 -63.24 98.14
N ARG AA 35 32.62 -62.14 98.26
CA ARG AA 35 31.27 -62.11 98.79
C ARG AA 35 30.35 -61.40 97.80
N LEU AA 36 29.09 -61.81 97.76
CA LEU AA 36 28.08 -61.11 96.97
C LEU AA 36 26.73 -61.37 97.58
N ALA AA 37 26.10 -60.33 98.13
CA ALA AA 37 24.85 -60.49 98.84
C ALA AA 37 23.73 -60.92 97.89
N PRO AA 38 22.77 -61.70 98.39
CA PRO AA 38 21.62 -62.06 97.55
C PRO AA 38 20.76 -60.84 97.25
N LYS AA 39 20.36 -60.72 95.99
CA LYS AA 39 19.66 -59.53 95.51
C LYS AA 39 18.20 -59.89 95.23
N ARG AA 40 17.30 -59.18 95.90
CA ARG AA 40 15.86 -59.43 95.83
C ARG AA 40 15.28 -58.67 94.64
N THR AA 41 15.70 -59.08 93.44
CA THR AA 41 15.20 -58.46 92.23
C THR AA 41 13.74 -58.82 91.95
N LYS AA 42 13.18 -59.76 92.72
CA LYS AA 42 11.83 -60.24 92.50
C LYS AA 42 11.32 -60.78 93.83
N ASP AA 43 10.23 -61.54 93.77
CA ASP AA 43 9.67 -62.21 94.93
C ASP AA 43 10.73 -63.01 95.67
N SER AA 44 11.57 -63.72 94.92
CA SER AA 44 12.61 -64.54 95.52
C SER AA 44 13.62 -63.66 96.26
N PRO AA 45 14.15 -64.09 97.40
CA PRO AA 45 15.10 -63.25 98.13
C PRO AA 45 16.47 -63.13 97.48
N GLY AA 46 16.70 -63.82 96.36
CA GLY AA 46 17.96 -63.75 95.67
C GLY AA 46 18.92 -64.86 96.04
N MET AA 47 20.05 -64.88 95.35
CA MET AA 47 21.06 -65.91 95.52
C MET AA 47 22.32 -65.31 96.13
N ALA AA 48 22.76 -65.86 97.25
CA ALA AA 48 23.93 -65.36 97.96
C ALA AA 48 25.17 -66.03 97.38
N LYS AA 49 26.01 -65.25 96.71
CA LYS AA 49 27.19 -65.76 96.04
C LYS AA 49 28.40 -65.71 96.96
N SER AA 50 29.12 -66.82 97.03
CA SER AA 50 30.40 -66.87 97.74
C SER AA 50 31.48 -67.31 96.77
N GLU AA 51 32.72 -67.05 97.14
CA GLU AA 51 33.84 -67.45 96.29
C GLU AA 51 35.07 -67.65 97.15
N LEU AA 52 35.75 -68.78 96.96
CA LEU AA 52 37.03 -69.05 97.59
C LEU AA 52 37.98 -69.54 96.51
N LYS AA 53 38.98 -68.74 96.16
CA LYS AA 53 39.84 -69.09 95.05
C LYS AA 53 41.31 -69.00 95.44
N ILE AA 54 42.10 -69.91 94.88
CA ILE AA 54 43.55 -69.91 95.05
C ILE AA 54 44.19 -69.75 93.68
N THR AA 55 45.08 -68.79 93.55
CA THR AA 55 45.74 -68.47 92.30
C THR AA 55 47.24 -68.58 92.45
N ARG AA 56 47.87 -69.32 91.54
CA ARG AA 56 49.31 -69.43 91.51
C ARG AA 56 49.83 -68.72 90.27
N VAL AA 57 50.75 -67.79 90.46
CA VAL AA 57 51.37 -67.05 89.37
C VAL AA 57 52.87 -67.15 89.54
N ASP AA 58 53.55 -67.56 88.48
CA ASP AA 58 54.99 -67.76 88.58
C ASP AA 58 55.70 -66.44 88.85
N PRO AA 59 56.38 -66.29 89.97
CA PRO AA 59 56.85 -64.96 90.37
C PRO AA 59 58.22 -64.57 89.83
N THR AA 60 58.49 -64.81 88.55
CA THR AA 60 59.66 -64.21 87.92
C THR AA 60 59.26 -63.54 86.61
N THR AA 61 58.29 -64.13 85.90
CA THR AA 61 57.75 -63.52 84.69
C THR AA 61 56.25 -63.24 84.79
N GLY AA 62 55.58 -63.75 85.82
CA GLY AA 62 54.18 -63.46 86.01
C GLY AA 62 53.21 -64.26 85.18
N VAL AA 63 53.50 -65.54 84.93
CA VAL AA 63 52.62 -66.39 84.15
C VAL AA 63 51.72 -67.17 85.11
N LEU AA 64 50.42 -67.13 84.85
CA LEU AA 64 49.42 -67.82 85.66
C LEU AA 64 49.59 -69.32 85.50
N ILE AA 65 50.07 -69.98 86.56
CA ILE AA 65 50.21 -71.44 86.54
C ILE AA 65 48.85 -72.12 86.59
N GLY AA 66 47.97 -71.68 87.48
CA GLY AA 66 46.69 -72.33 87.62
C GLY AA 66 45.82 -71.63 88.64
N ILE AA 67 44.54 -71.95 88.58
CA ILE AA 67 43.53 -71.44 89.51
C ILE AA 67 42.60 -72.58 89.90
N VAL AA 68 42.34 -72.72 91.19
CA VAL AA 68 41.26 -73.55 91.69
C VAL AA 68 40.32 -72.64 92.47
N ASN AA 69 39.05 -72.64 92.09
CA ASN AA 69 38.05 -71.75 92.65
C ASN AA 69 36.89 -72.57 93.19
N VAL AA 70 36.40 -72.21 94.36
CA VAL AA 70 35.20 -72.79 94.93
C VAL AA 70 34.17 -71.68 95.02
N SER AA 71 33.13 -71.76 94.20
CA SER AA 71 32.08 -70.77 94.17
C SER AA 71 30.77 -71.38 94.65
N SER AA 72 30.00 -70.61 95.39
CA SER AA 72 28.70 -71.03 95.88
C SER AA 72 27.64 -70.04 95.42
N SER AA 73 26.50 -70.55 95.01
CA SER AA 73 25.35 -69.74 94.63
C SER AA 73 24.15 -70.40 95.28
N ILE AA 74 23.82 -69.96 96.49
CA ILE AA 74 22.77 -70.57 97.30
C ILE AA 74 21.66 -69.56 97.49
N ARG AA 75 20.41 -70.04 97.40
CA ARG AA 75 19.25 -69.19 97.65
C ARG AA 75 19.35 -68.53 99.01
N ALA AA 76 18.94 -67.26 99.07
CA ALA AA 76 18.96 -66.54 100.33
C ALA AA 76 18.11 -67.21 101.39
N ASP AA 77 17.01 -67.86 100.97
CA ASP AA 77 16.11 -68.53 101.90
C ASP AA 77 16.49 -69.97 102.18
N ALA AA 78 17.51 -70.50 101.50
CA ALA AA 78 17.86 -71.90 101.66
C ALA AA 78 18.25 -72.20 103.10
N THR AA 79 17.79 -73.34 103.60
CA THR AA 79 17.99 -73.70 104.99
C THR AA 79 19.46 -74.02 105.26
N ALA AA 80 19.85 -73.86 106.52
CA ALA AA 80 21.20 -74.23 106.92
C ALA AA 80 21.46 -75.71 106.69
N ALA AA 81 20.39 -76.53 106.73
CA ALA AA 81 20.54 -77.94 106.39
C ALA AA 81 20.94 -78.12 104.93
N ASP AA 82 20.30 -77.38 104.03
CA ASP AA 82 20.66 -77.46 102.62
C ASP AA 82 22.10 -77.03 102.40
N LYS AA 83 22.52 -75.95 103.07
CA LYS AA 83 23.86 -75.43 102.87
C LYS AA 83 24.91 -76.36 103.45
N THR AA 84 24.65 -76.93 104.62
CA THR AA 84 25.55 -77.91 105.19
C THR AA 84 25.64 -79.15 104.29
N ALA AA 85 24.50 -79.60 103.75
CA ALA AA 85 24.50 -80.75 102.86
C ALA AA 85 25.32 -80.48 101.60
N LEU AA 86 25.14 -79.30 101.01
CA LEU AA 86 25.90 -78.95 99.81
C LEU AA 86 27.40 -78.94 100.10
N MET AA 87 27.79 -78.31 101.21
CA MET AA 87 29.21 -78.23 101.52
C MET AA 87 29.78 -79.61 101.83
N ALA AA 88 29.02 -80.45 102.54
CA ALA AA 88 29.50 -81.80 102.86
C ALA AA 88 29.64 -82.65 101.62
N ILE AA 89 28.66 -82.60 100.71
CA ILE AA 89 28.73 -83.39 99.50
C ILE AA 89 29.93 -82.96 98.66
N ILE AA 90 30.12 -81.64 98.49
CA ILE AA 90 31.23 -81.21 97.66
C ILE AA 90 32.57 -81.53 98.30
N THR AA 91 32.66 -81.42 99.64
CA THR AA 91 33.91 -81.75 100.31
C THR AA 91 34.22 -83.23 100.20
N ALA AA 92 33.21 -84.09 100.35
CA ALA AA 92 33.42 -85.52 100.19
C ALA AA 92 33.82 -85.87 98.76
N ALA AA 93 33.20 -85.23 97.77
CA ALA AA 93 33.56 -85.48 96.38
C ALA AA 93 35.00 -85.05 96.10
N GLN AA 94 35.43 -83.91 96.65
CA GLN AA 94 36.81 -83.50 96.51
C GLN AA 94 37.75 -84.48 97.19
N ALA AA 95 37.38 -84.97 98.37
CA ALA AA 95 38.19 -85.98 99.06
C ALA AA 95 38.24 -87.28 98.29
N ASP AA 96 37.26 -87.54 97.43
CA ASP AA 96 37.30 -88.71 96.56
C ASP AA 96 38.38 -88.54 95.50
N GLY AA 97 38.87 -89.68 95.00
CA GLY AA 97 39.94 -89.66 94.01
C GLY AA 97 39.49 -89.28 92.62
N ALA AA 98 38.19 -89.35 92.35
CA ALA AA 98 37.70 -88.96 91.03
C ALA AA 98 38.02 -87.50 90.73
N TRP AA 99 37.94 -86.64 91.75
CA TRP AA 99 38.35 -85.25 91.56
C TRP AA 99 39.85 -85.14 91.33
N THR AA 100 40.64 -85.90 92.08
CA THR AA 100 42.09 -85.86 91.93
C THR AA 100 42.51 -86.38 90.56
N GLU AA 101 41.63 -87.10 89.88
CA GLU AA 101 41.90 -87.53 88.51
C GLU AA 101 41.37 -86.55 87.48
N LEU AA 102 40.16 -86.01 87.70
CA LEU AA 102 39.62 -84.98 86.83
C LEU AA 102 40.56 -83.80 86.73
N VAL AA 103 41.01 -83.29 87.86
CA VAL AA 103 42.19 -82.45 87.87
C VAL AA 103 43.39 -83.35 87.71
N THR AA 104 44.41 -82.87 87.01
CA THR AA 104 45.67 -83.55 86.74
C THR AA 104 45.58 -84.64 85.68
N ASP AA 105 44.38 -85.02 85.23
CA ASP AA 105 44.32 -85.93 84.09
C ASP AA 105 43.21 -85.64 83.09
N GLN AA 106 42.22 -84.83 83.41
CA GLN AA 106 40.97 -84.78 82.66
C GLN AA 106 40.38 -86.18 82.50
N ARG AA 107 40.40 -86.94 83.58
CA ARG AA 107 39.86 -88.29 83.60
C ARG AA 107 38.49 -88.26 84.27
N LEU AA 108 37.48 -88.57 83.52
CA LEU AA 108 36.11 -88.59 83.99
C LEU AA 108 35.80 -89.89 84.72
N PRO AA 109 34.85 -89.86 85.64
CA PRO AA 109 34.45 -91.10 86.32
C PRO AA 109 33.61 -92.00 85.44
N LEU AA 110 34.19 -92.49 84.34
CA LEU AA 110 33.53 -93.47 83.49
C LEU AA 110 34.44 -94.62 83.07
N ALA AA 111 35.74 -94.55 83.37
CA ALA AA 111 36.64 -95.62 82.98
C ALA AA 111 36.30 -96.91 83.71
N THR AA 112 36.45 -98.04 83.02
CA THR AA 112 36.11 -99.34 83.57
C THR AA 112 37.23 -99.93 84.43
N VAL AA 113 38.39 -99.29 84.49
CA VAL AA 113 39.54 -99.75 85.27
C VAL AA 113 40.01 -101.13 84.80
N SER BA 1 -90.90 -97.35 3.99
CA SER BA 1 -92.31 -96.97 4.07
C SER BA 1 -92.93 -97.48 5.37
N LYS BA 2 -92.97 -98.79 5.53
CA LYS BA 2 -93.54 -99.43 6.71
C LYS BA 2 -92.62 -100.57 7.11
N VAL BA 3 -93.12 -101.47 7.96
CA VAL BA 3 -92.32 -102.49 8.62
C VAL BA 3 -91.39 -103.23 7.66
N PHE BA 4 -90.09 -103.16 7.94
CA PHE BA 4 -89.05 -103.83 7.18
C PHE BA 4 -88.13 -104.54 8.16
N ASN BA 5 -87.84 -105.81 7.89
CA ASN BA 5 -86.96 -106.61 8.75
C ASN BA 5 -87.47 -106.57 10.19
N THR BA 6 -88.78 -106.74 10.35
CA THR BA 6 -89.49 -106.76 11.61
C THR BA 6 -89.36 -105.45 12.39
N GLN BA 7 -88.99 -104.36 11.75
CA GLN BA 7 -88.93 -103.05 12.39
C GLN BA 7 -89.89 -102.10 11.70
N THR BA 8 -90.60 -101.29 12.48
CA THR BA 8 -91.61 -100.38 11.96
C THR BA 8 -90.97 -99.01 11.73
N PHE BA 9 -90.98 -98.58 10.48
CA PHE BA 9 -90.40 -97.29 10.11
C PHE BA 9 -91.53 -96.30 9.87
N ASP BA 10 -91.61 -95.27 10.71
CA ASP BA 10 -92.60 -94.22 10.59
C ASP BA 10 -91.93 -92.94 10.12
N ILE BA 11 -92.69 -92.12 9.42
CA ILE BA 11 -92.12 -90.89 8.84
C ILE BA 11 -91.65 -89.98 9.96
N TYR BA 12 -90.40 -89.57 9.88
CA TYR BA 12 -89.87 -88.56 10.78
C TYR BA 12 -89.81 -87.19 10.15
N SER BA 13 -89.53 -87.11 8.85
CA SER BA 13 -89.34 -85.81 8.22
C SER BA 13 -89.69 -85.90 6.75
N THR BA 14 -90.14 -84.79 6.20
CA THR BA 14 -90.46 -84.70 4.78
C THR BA 14 -89.92 -83.40 4.22
N GLU BA 15 -89.08 -83.50 3.21
CA GLU BA 15 -88.55 -82.35 2.50
C GLU BA 15 -89.20 -82.26 1.13
N LYS BA 16 -88.70 -81.33 0.32
CA LYS BA 16 -89.16 -81.24 -1.06
C LYS BA 16 -88.81 -82.51 -1.83
N ASP BA 17 -87.62 -83.06 -1.60
CA ASP BA 17 -87.16 -84.22 -2.34
C ASP BA 17 -86.62 -85.33 -1.46
N VAL BA 18 -86.75 -85.23 -0.14
CA VAL BA 18 -86.34 -86.28 0.78
C VAL BA 18 -87.48 -86.62 1.71
N VAL BA 19 -87.70 -87.90 1.93
CA VAL BA 19 -88.55 -88.40 2.99
C VAL BA 19 -87.69 -89.26 3.90
N SER BA 20 -87.73 -88.98 5.20
CA SER BA 20 -86.96 -89.70 6.19
C SER BA 20 -87.89 -90.38 7.17
N LEU BA 21 -87.67 -91.68 7.37
CA LEU BA 21 -88.42 -92.51 8.30
C LEU BA 21 -87.49 -93.04 9.37
N ARG BA 22 -88.01 -93.20 10.57
CA ARG BA 22 -87.25 -93.71 11.70
C ARG BA 22 -87.97 -94.88 12.33
N ASP BA 23 -87.23 -95.71 13.04
CA ASP BA 23 -87.83 -96.83 13.75
C ASP BA 23 -88.62 -96.36 14.97
N PHE BA 24 -88.02 -95.46 15.75
CA PHE BA 24 -88.63 -94.91 16.97
C PHE BA 24 -88.75 -95.97 18.05
N ALA BA 25 -88.39 -97.21 17.73
CA ALA BA 25 -88.39 -98.31 18.67
C ALA BA 25 -86.99 -98.62 19.19
N ASN BA 26 -86.05 -98.89 18.29
CA ASN BA 26 -84.65 -98.98 18.69
C ASN BA 26 -83.92 -97.65 18.56
N ASP BA 27 -84.53 -96.66 17.90
CA ASP BA 27 -83.99 -95.31 17.80
C ASP BA 27 -82.58 -95.30 17.24
N LYS BA 28 -82.30 -96.19 16.29
CA LYS BA 28 -80.97 -96.29 15.72
C LYS BA 28 -80.94 -96.33 14.21
N ASP BA 29 -82.07 -96.60 13.54
CA ASP BA 29 -82.10 -96.75 12.10
C ASP BA 29 -82.91 -95.61 11.48
N THR BA 30 -82.39 -95.06 10.39
CA THR BA 30 -83.11 -94.08 9.60
C THR BA 30 -83.07 -94.51 8.14
N LEU BA 31 -84.24 -94.54 7.51
CA LEU BA 31 -84.38 -94.90 6.11
C LEU BA 31 -84.80 -93.65 5.34
N ALA BA 32 -84.03 -93.31 4.31
CA ALA BA 32 -84.24 -92.10 3.54
C ALA BA 32 -84.50 -92.43 2.08
N TYR BA 33 -85.56 -91.85 1.53
CA TYR BA 33 -85.90 -91.89 0.11
C TYR BA 33 -85.66 -90.50 -0.45
N LYS BA 34 -84.84 -90.42 -1.49
CA LYS BA 34 -84.36 -89.13 -1.98
C LYS BA 34 -84.48 -89.10 -3.50
N ARG BA 35 -84.81 -87.92 -4.02
CA ARG BA 35 -85.35 -87.76 -5.36
C ARG BA 35 -84.67 -86.60 -6.08
N LEU BA 36 -84.14 -86.85 -7.28
CA LEU BA 36 -83.63 -85.78 -8.15
C LEU BA 36 -84.22 -85.97 -9.54
N ALA BA 37 -85.07 -85.04 -9.96
CA ALA BA 37 -85.64 -85.10 -11.30
C ALA BA 37 -84.55 -84.88 -12.36
N PRO BA 38 -84.70 -85.48 -13.54
CA PRO BA 38 -83.71 -85.28 -14.60
C PRO BA 38 -83.73 -83.84 -15.11
N LYS BA 39 -82.57 -83.34 -15.48
CA LYS BA 39 -82.44 -81.99 -15.98
C LYS BA 39 -81.90 -82.01 -17.40
N ARG BA 40 -82.66 -81.42 -18.33
CA ARG BA 40 -82.31 -81.40 -19.75
C ARG BA 40 -81.26 -80.29 -19.93
N THR BA 41 -80.00 -80.68 -19.74
CA THR BA 41 -78.90 -79.75 -19.92
C THR BA 41 -78.30 -79.81 -21.33
N LYS BA 42 -78.77 -80.74 -22.16
CA LYS BA 42 -78.28 -80.88 -23.52
C LYS BA 42 -79.35 -81.60 -24.32
N ASP BA 43 -78.95 -82.13 -25.48
CA ASP BA 43 -79.84 -82.98 -26.26
C ASP BA 43 -80.30 -84.17 -25.44
N SER BA 44 -79.52 -84.57 -24.45
CA SER BA 44 -79.96 -85.59 -23.50
C SER BA 44 -81.02 -85.00 -22.58
N PRO BA 45 -82.07 -85.75 -22.24
CA PRO BA 45 -83.09 -85.25 -21.30
C PRO BA 45 -82.66 -85.29 -19.85
N GLY BA 46 -81.42 -85.68 -19.55
CA GLY BA 46 -80.95 -85.79 -18.19
C GLY BA 46 -81.19 -87.16 -17.58
N MET BA 47 -80.59 -87.34 -16.41
CA MET BA 47 -80.69 -88.60 -15.67
C MET BA 47 -81.47 -88.36 -14.38
N ALA BA 48 -82.45 -89.22 -14.11
CA ALA BA 48 -83.24 -89.15 -12.89
C ALA BA 48 -82.52 -89.93 -11.80
N LYS BA 49 -82.23 -89.25 -10.70
CA LYS BA 49 -81.57 -89.86 -9.56
C LYS BA 49 -82.56 -90.30 -8.51
N SER BA 50 -82.39 -91.52 -8.02
CA SER BA 50 -83.06 -92.00 -6.83
C SER BA 50 -82.00 -92.37 -5.81
N GLU BA 51 -82.39 -92.35 -4.54
CA GLU BA 51 -81.46 -92.76 -3.50
C GLU BA 51 -82.26 -93.34 -2.34
N LEU BA 52 -81.87 -94.52 -1.90
CA LEU BA 52 -82.57 -95.21 -0.81
C LEU BA 52 -81.52 -95.68 0.18
N LYS BA 53 -81.38 -94.99 1.30
CA LYS BA 53 -80.31 -95.29 2.24
C LYS BA 53 -80.86 -95.70 3.59
N ILE BA 54 -80.20 -96.68 4.20
CA ILE BA 54 -80.43 -97.02 5.60
C ILE BA 54 -79.16 -96.73 6.38
N THR BA 55 -79.30 -95.91 7.43
CA THR BA 55 -78.20 -95.55 8.30
C THR BA 55 -78.49 -96.06 9.71
N ARG BA 56 -77.50 -96.69 10.32
CA ARG BA 56 -77.58 -97.16 11.69
C ARG BA 56 -76.59 -96.37 12.54
N VAL BA 57 -77.09 -95.75 13.59
CA VAL BA 57 -76.29 -95.02 14.56
C VAL BA 57 -76.64 -95.54 15.95
N ASP BA 58 -75.62 -95.89 16.74
CA ASP BA 58 -75.96 -96.35 18.08
C ASP BA 58 -76.50 -95.19 18.92
N PRO BA 59 -77.61 -95.38 19.63
CA PRO BA 59 -78.19 -94.26 20.37
C PRO BA 59 -77.64 -94.10 21.77
N THR BA 60 -76.33 -94.19 21.93
CA THR BA 60 -75.71 -93.91 23.22
C THR BA 60 -74.68 -92.80 23.08
N THR BA 61 -73.80 -92.91 22.08
CA THR BA 61 -72.81 -91.89 21.79
C THR BA 61 -72.94 -91.31 20.39
N GLY BA 62 -73.84 -91.86 19.57
CA GLY BA 62 -74.04 -91.33 18.23
C GLY BA 62 -72.99 -91.71 17.22
N VAL BA 63 -72.31 -92.84 17.40
CA VAL BA 63 -71.32 -93.31 16.44
C VAL BA 63 -72.04 -94.02 15.31
N LEU BA 64 -71.63 -93.75 14.07
CA LEU BA 64 -72.26 -94.34 12.90
C LEU BA 64 -71.75 -95.75 12.71
N ILE BA 65 -72.64 -96.74 12.91
CA ILE BA 65 -72.25 -98.13 12.72
C ILE BA 65 -72.05 -98.45 11.25
N GLY BA 66 -72.96 -98.02 10.38
CA GLY BA 66 -72.79 -98.30 8.97
C GLY BA 66 -73.99 -97.83 8.18
N ILE BA 67 -73.75 -97.63 6.88
CA ILE BA 67 -74.76 -97.20 5.93
C ILE BA 67 -74.77 -98.17 4.76
N VAL BA 68 -75.97 -98.55 4.32
CA VAL BA 68 -76.17 -99.24 3.05
C VAL BA 68 -77.05 -98.35 2.19
N ASN BA 69 -76.60 -98.06 0.97
CA ASN BA 69 -77.28 -97.14 0.08
C ASN BA 69 -77.58 -97.82 -1.25
N VAL BA 70 -78.76 -97.56 -1.78
CA VAL BA 70 -79.16 -98.01 -3.11
C VAL BA 70 -79.48 -96.78 -3.93
N SER BA 71 -78.59 -96.42 -4.84
CA SER BA 71 -78.77 -95.24 -5.68
C SER BA 71 -78.93 -95.67 -7.14
N SER BA 72 -79.87 -95.04 -7.82
CA SER BA 72 -80.09 -95.27 -9.24
C SER BA 72 -79.92 -93.97 -10.00
N SER BA 73 -79.32 -94.06 -11.18
CA SER BA 73 -79.17 -92.92 -12.09
C SER BA 73 -79.55 -93.43 -13.48
N ILE BA 74 -80.77 -93.12 -13.89
CA ILE BA 74 -81.34 -93.67 -15.11
C ILE BA 74 -81.74 -92.54 -16.04
N ARG BA 75 -81.46 -92.72 -17.34
CA ARG BA 75 -81.80 -91.75 -18.35
C ARG BA 75 -83.29 -91.43 -18.34
N ALA BA 76 -83.62 -90.15 -18.53
CA ALA BA 76 -85.01 -89.74 -18.53
C ALA BA 76 -85.81 -90.42 -19.62
N ASP BA 77 -85.21 -90.60 -20.80
CA ASP BA 77 -85.88 -91.23 -21.92
C ASP BA 77 -85.88 -92.76 -21.83
N ALA BA 78 -85.19 -93.32 -20.83
CA ALA BA 78 -85.01 -94.76 -20.78
C ALA BA 78 -86.34 -95.47 -20.62
N THR BA 79 -86.45 -96.63 -21.28
CA THR BA 79 -87.68 -97.39 -21.28
C THR BA 79 -87.95 -97.99 -19.91
N ALA BA 80 -89.21 -98.32 -19.66
CA ALA BA 80 -89.57 -99.04 -18.44
C ALA BA 80 -88.93 -100.42 -18.42
N ALA BA 81 -88.71 -101.02 -19.60
CA ALA BA 81 -88.02 -102.30 -19.67
C ALA BA 81 -86.59 -102.19 -19.17
N ASP BA 82 -85.89 -101.11 -19.52
CA ASP BA 82 -84.54 -100.91 -19.03
C ASP BA 82 -84.51 -100.81 -17.52
N LYS BA 83 -85.45 -100.05 -16.95
CA LYS BA 83 -85.48 -99.86 -15.51
C LYS BA 83 -85.84 -101.15 -14.79
N THR BA 84 -86.79 -101.90 -15.33
CA THR BA 84 -87.14 -103.19 -14.74
C THR BA 84 -85.97 -104.15 -14.79
N ALA BA 85 -85.24 -104.17 -15.92
CA ALA BA 85 -84.08 -105.05 -16.03
C ALA BA 85 -83.01 -104.65 -15.04
N LEU BA 86 -82.74 -103.35 -14.90
CA LEU BA 86 -81.72 -102.91 -13.95
C LEU BA 86 -82.09 -103.32 -12.52
N MET BA 87 -83.33 -103.09 -12.14
CA MET BA 87 -83.75 -103.44 -10.77
C MET BA 87 -83.72 -104.95 -10.55
N ALA BA 88 -84.18 -105.73 -11.53
CA ALA BA 88 -84.15 -107.18 -11.39
C ALA BA 88 -82.73 -107.70 -11.29
N ILE BA 89 -81.82 -107.18 -12.10
CA ILE BA 89 -80.43 -107.64 -12.06
C ILE BA 89 -79.81 -107.31 -10.71
N ILE BA 90 -79.99 -106.07 -10.25
CA ILE BA 90 -79.36 -105.68 -8.99
C ILE BA 90 -79.96 -106.45 -7.82
N THR BA 91 -81.27 -106.73 -7.86
CA THR BA 91 -81.89 -107.49 -6.79
C THR BA 91 -81.41 -108.94 -6.79
N ALA BA 92 -81.26 -109.55 -7.98
CA ALA BA 92 -80.75 -110.91 -8.05
C ALA BA 92 -79.32 -110.98 -7.55
N ALA BA 93 -78.51 -109.97 -7.88
CA ALA BA 93 -77.13 -109.94 -7.41
C ALA BA 93 -77.08 -109.77 -5.90
N GLN BA 94 -77.97 -108.97 -5.33
CA GLN BA 94 -78.03 -108.82 -3.89
C GLN BA 94 -78.46 -110.11 -3.21
N ALA BA 95 -79.41 -110.83 -3.81
CA ALA BA 95 -79.85 -112.09 -3.26
C ALA BA 95 -78.77 -113.16 -3.30
N ASP BA 96 -77.81 -113.04 -4.22
CA ASP BA 96 -76.69 -113.96 -4.28
C ASP BA 96 -75.77 -113.77 -3.08
N GLY BA 97 -75.07 -114.85 -2.72
CA GLY BA 97 -74.16 -114.80 -1.58
C GLY BA 97 -72.88 -114.04 -1.86
N ALA BA 98 -72.57 -113.77 -3.13
CA ALA BA 98 -71.39 -112.98 -3.44
C ALA BA 98 -71.48 -111.59 -2.84
N TRP BA 99 -72.66 -110.96 -2.92
CA TRP BA 99 -72.85 -109.67 -2.28
C TRP BA 99 -72.79 -109.80 -0.77
N THR BA 100 -73.36 -110.87 -0.23
CA THR BA 100 -73.36 -111.05 1.23
C THR BA 100 -71.96 -111.29 1.76
N GLU BA 101 -71.02 -111.67 0.89
CA GLU BA 101 -69.63 -111.79 1.26
C GLU BA 101 -68.85 -110.50 1.03
N LEU BA 102 -69.09 -109.84 -0.11
CA LEU BA 102 -68.51 -108.53 -0.37
C LEU BA 102 -68.80 -107.58 0.79
N VAL BA 103 -70.04 -107.51 1.19
CA VAL BA 103 -70.39 -106.89 2.46
C VAL BA 103 -70.08 -107.89 3.57
N THR BA 104 -69.58 -107.38 4.70
CA THR BA 104 -69.19 -108.15 5.89
C THR BA 104 -67.88 -108.91 5.75
N ASP BA 105 -67.35 -109.04 4.53
CA ASP BA 105 -66.11 -109.80 4.37
C ASP BA 105 -65.08 -109.13 3.47
N GLN BA 106 -65.48 -108.16 2.64
CA GLN BA 106 -64.61 -107.57 1.64
C GLN BA 106 -64.01 -108.64 0.74
N ARG BA 107 -64.88 -109.55 0.30
CA ARG BA 107 -64.51 -110.69 -0.52
C ARG BA 107 -65.05 -110.50 -1.93
N LEU BA 108 -64.17 -110.52 -2.92
CA LEU BA 108 -64.58 -110.44 -4.30
C LEU BA 108 -65.06 -111.81 -4.78
N PRO BA 109 -65.93 -111.85 -5.80
CA PRO BA 109 -66.48 -113.14 -6.25
C PRO BA 109 -65.54 -113.90 -7.15
N LEU BA 110 -64.28 -114.02 -6.75
CA LEU BA 110 -63.28 -114.69 -7.56
C LEU BA 110 -62.65 -115.92 -6.90
N ALA BA 111 -63.04 -116.24 -5.67
CA ALA BA 111 -62.56 -117.46 -5.04
C ALA BA 111 -62.96 -118.67 -5.86
N THR BA 112 -62.08 -119.67 -5.90
CA THR BA 112 -62.36 -120.91 -6.61
C THR BA 112 -63.10 -121.93 -5.76
N VAL BA 113 -63.37 -121.62 -4.49
CA VAL BA 113 -64.13 -122.48 -3.57
C VAL BA 113 -63.42 -123.81 -3.30
N SER CA 1 -71.93 -112.66 -9.71
CA SER CA 1 -71.15 -113.85 -9.99
C SER CA 1 -71.64 -114.57 -11.26
N LYS CA 2 -72.79 -115.19 -11.19
CA LYS CA 2 -73.31 -116.00 -12.29
C LYS CA 2 -74.72 -115.52 -12.62
N VAL CA 3 -75.47 -116.35 -13.35
CA VAL CA 3 -76.73 -115.99 -13.98
C VAL CA 3 -77.64 -115.21 -13.05
N PHE CA 4 -77.98 -113.99 -13.46
CA PHE CA 4 -78.89 -113.11 -12.73
C PHE CA 4 -79.94 -112.60 -13.70
N ASN CA 5 -81.20 -112.62 -13.27
CA ASN CA 5 -82.32 -112.16 -14.10
C ASN CA 5 -82.33 -112.90 -15.43
N THR CA 6 -82.08 -114.21 -15.38
CA THR CA 6 -81.98 -115.13 -16.51
C THR CA 6 -80.82 -114.80 -17.44
N GLN CA 7 -79.97 -113.84 -17.11
CA GLN CA 7 -78.85 -113.44 -17.95
C GLN CA 7 -77.55 -113.93 -17.33
N THR CA 8 -76.71 -114.56 -18.16
CA THR CA 8 -75.42 -115.08 -17.73
C THR CA 8 -74.40 -113.95 -17.78
N PHE CA 9 -73.79 -113.64 -16.63
CA PHE CA 9 -72.76 -112.62 -16.53
C PHE CA 9 -71.42 -113.33 -16.42
N ASP CA 10 -70.64 -113.27 -17.48
CA ASP CA 10 -69.31 -113.86 -17.51
C ASP CA 10 -68.27 -112.79 -17.25
N ILE CA 11 -67.14 -113.20 -16.68
CA ILE CA 11 -66.18 -112.23 -16.17
C ILE CA 11 -65.63 -111.39 -17.32
N TYR CA 12 -65.69 -110.08 -17.15
CA TYR CA 12 -65.20 -109.14 -18.15
C TYR CA 12 -63.82 -108.58 -17.83
N SER CA 13 -63.54 -108.34 -16.56
CA SER CA 13 -62.23 -107.83 -16.17
C SER CA 13 -62.04 -108.05 -14.67
N THR CA 14 -60.78 -108.08 -14.25
CA THR CA 14 -60.44 -108.22 -12.85
C THR CA 14 -59.40 -107.17 -12.48
N GLU CA 15 -59.69 -106.42 -11.43
CA GLU CA 15 -58.79 -105.44 -10.85
C GLU CA 15 -58.51 -105.85 -9.41
N LYS CA 16 -57.51 -105.20 -8.80
CA LYS CA 16 -57.16 -105.47 -7.42
C LYS CA 16 -58.38 -105.42 -6.49
N ASP CA 17 -59.28 -104.47 -6.74
CA ASP CA 17 -60.44 -104.30 -5.87
C ASP CA 17 -61.76 -104.31 -6.64
N VAL CA 18 -61.74 -104.51 -7.95
CA VAL CA 18 -62.95 -104.53 -8.76
C VAL CA 18 -62.95 -105.81 -9.59
N VAL CA 19 -64.11 -106.46 -9.65
CA VAL CA 19 -64.35 -107.57 -10.56
C VAL CA 19 -65.59 -107.21 -11.36
N SER CA 20 -65.45 -107.21 -12.68
CA SER CA 20 -66.50 -106.80 -13.59
C SER CA 20 -66.90 -107.98 -14.46
N LEU CA 21 -68.20 -108.23 -14.55
CA LEU CA 21 -68.78 -109.29 -15.35
C LEU CA 21 -69.63 -108.68 -16.45
N ARG CA 22 -69.72 -109.36 -17.58
CA ARG CA 22 -70.52 -108.89 -18.70
C ARG CA 22 -71.47 -109.99 -19.12
N ASP CA 23 -72.61 -109.59 -19.68
CA ASP CA 23 -73.54 -110.56 -20.24
C ASP CA 23 -72.94 -111.26 -21.46
N PHE CA 24 -72.43 -110.46 -22.41
CA PHE CA 24 -71.81 -110.93 -23.66
C PHE CA 24 -72.85 -111.49 -24.62
N ALA CA 25 -74.09 -111.62 -24.16
CA ALA CA 25 -75.21 -111.99 -25.02
C ALA CA 25 -75.88 -110.76 -25.62
N ASN CA 26 -76.38 -109.87 -24.77
CA ASN CA 26 -76.88 -108.58 -25.23
C ASN CA 26 -75.81 -107.51 -25.23
N ASP CA 27 -74.62 -107.81 -24.72
CA ASP CA 27 -73.46 -106.93 -24.79
C ASP CA 27 -73.73 -105.55 -24.20
N LYS CA 28 -74.65 -105.46 -23.25
CA LYS CA 28 -75.09 -104.17 -22.76
C LYS CA 28 -75.03 -104.01 -21.25
N ASP CA 29 -74.95 -105.09 -20.48
CA ASP CA 29 -75.02 -105.04 -19.03
C ASP CA 29 -73.68 -105.44 -18.43
N THR CA 30 -73.19 -104.62 -17.51
CA THR CA 30 -71.95 -104.91 -16.81
C THR CA 30 -72.19 -104.81 -15.30
N LEU CA 31 -71.80 -105.86 -14.58
CA LEU CA 31 -71.98 -105.98 -13.15
C LEU CA 31 -70.62 -105.89 -12.48
N ALA CA 32 -70.44 -104.88 -11.62
CA ALA CA 32 -69.16 -104.65 -10.96
C ALA CA 32 -69.29 -104.87 -9.46
N TYR CA 33 -68.30 -105.56 -8.89
CA TYR CA 33 -68.13 -105.74 -7.45
C TYR CA 33 -66.86 -105.01 -7.06
N LYS CA 34 -66.96 -104.05 -6.17
CA LYS CA 34 -65.84 -103.19 -5.81
C LYS CA 34 -65.64 -103.21 -4.31
N ARG CA 35 -64.39 -103.17 -3.90
CA ARG CA 35 -63.97 -103.43 -2.53
C ARG CA 35 -63.05 -102.31 -2.07
N LEU CA 36 -63.24 -101.85 -0.83
CA LEU CA 36 -62.32 -100.88 -0.23
C LEU CA 36 -62.18 -101.23 1.24
N ALA CA 37 -61.08 -101.91 1.59
CA ALA CA 37 -60.87 -102.34 2.95
C ALA CA 37 -60.75 -101.14 3.88
N PRO CA 38 -61.18 -101.27 5.14
CA PRO CA 38 -61.08 -100.15 6.08
C PRO CA 38 -59.64 -99.77 6.35
N LYS CA 39 -59.42 -98.47 6.54
CA LYS CA 39 -58.10 -97.93 6.87
C LYS CA 39 -58.17 -97.33 8.27
N ARG CA 40 -57.22 -97.72 9.12
CA ARG CA 40 -57.20 -97.32 10.53
C ARG CA 40 -56.43 -96.01 10.65
N THR CA 41 -57.04 -94.94 10.14
CA THR CA 41 -56.40 -93.63 10.14
C THR CA 41 -56.40 -92.99 11.52
N LYS CA 42 -57.21 -93.51 12.44
CA LYS CA 42 -57.27 -93.00 13.80
C LYS CA 42 -57.58 -94.17 14.72
N ASP CA 43 -58.04 -93.87 15.94
CA ASP CA 43 -58.48 -94.88 16.88
C ASP CA 43 -59.58 -95.73 16.27
N SER CA 44 -60.36 -95.14 15.37
CA SER CA 44 -61.36 -95.89 14.64
C SER CA 44 -60.68 -96.95 13.78
N PRO CA 45 -61.27 -98.14 13.64
CA PRO CA 45 -60.70 -99.13 12.72
C PRO CA 45 -61.02 -98.86 11.26
N GLY CA 46 -61.62 -97.71 10.95
CA GLY CA 46 -61.98 -97.35 9.60
C GLY CA 46 -63.32 -97.91 9.19
N MET CA 47 -63.74 -97.55 7.98
CA MET CA 47 -64.98 -98.04 7.39
C MET CA 47 -64.65 -98.96 6.23
N ALA CA 48 -65.25 -100.14 6.23
CA ALA CA 48 -65.14 -101.08 5.11
C ALA CA 48 -66.19 -100.68 4.07
N LYS CA 49 -65.72 -100.31 2.88
CA LYS CA 49 -66.61 -99.94 1.79
C LYS CA 49 -66.79 -101.10 0.83
N SER CA 50 -68.04 -101.34 0.44
CA SER CA 50 -68.31 -102.24 -0.67
C SER CA 50 -69.19 -101.52 -1.68
N GLU CA 51 -69.18 -102.03 -2.91
CA GLU CA 51 -70.00 -101.43 -3.95
C GLU CA 51 -70.41 -102.51 -4.94
N LEU CA 52 -71.70 -102.55 -5.29
CA LEU CA 52 -72.21 -103.51 -6.25
C LEU CA 52 -73.05 -102.74 -7.26
N LYS CA 53 -72.53 -102.56 -8.46
CA LYS CA 53 -73.22 -101.72 -9.44
C LYS CA 53 -73.58 -102.53 -10.67
N ILE CA 54 -74.71 -102.17 -11.27
CA ILE CA 54 -75.12 -102.68 -12.57
C ILE CA 54 -75.20 -101.50 -13.51
N THR CA 55 -74.60 -101.63 -14.68
CA THR CA 55 -74.57 -100.57 -15.68
C THR CA 55 -75.14 -101.10 -16.98
N ARG CA 56 -76.05 -100.35 -17.57
CA ARG CA 56 -76.59 -100.66 -18.88
C ARG CA 56 -76.20 -99.56 -19.85
N VAL CA 57 -75.56 -99.94 -20.94
CA VAL CA 57 -75.25 -99.02 -22.04
C VAL CA 57 -75.75 -99.67 -23.32
N ASP CA 58 -76.27 -98.85 -24.21
CA ASP CA 58 -76.71 -99.42 -25.47
C ASP CA 58 -75.48 -99.62 -26.34
N PRO CA 59 -75.11 -100.85 -26.70
CA PRO CA 59 -73.79 -101.08 -27.30
C PRO CA 59 -73.75 -100.83 -28.79
N THR CA 60 -74.37 -99.76 -29.27
CA THR CA 60 -74.16 -99.36 -30.65
C THR CA 60 -73.71 -97.90 -30.66
N THR CA 61 -74.32 -97.06 -29.82
CA THR CA 61 -73.91 -95.68 -29.68
C THR CA 61 -73.25 -95.39 -28.36
N GLY CA 62 -73.19 -96.36 -27.45
CA GLY CA 62 -72.54 -96.14 -26.17
C GLY CA 62 -73.23 -95.13 -25.29
N VAL CA 63 -74.55 -95.11 -25.27
CA VAL CA 63 -75.30 -94.21 -24.41
C VAL CA 63 -75.60 -94.92 -23.10
N LEU CA 64 -75.31 -94.25 -21.99
CA LEU CA 64 -75.70 -94.74 -20.68
C LEU CA 64 -77.22 -94.75 -20.60
N ILE CA 65 -77.80 -95.92 -20.37
CA ILE CA 65 -79.24 -95.98 -20.16
C ILE CA 65 -79.56 -95.84 -18.67
N GLY CA 66 -78.77 -96.46 -17.80
CA GLY CA 66 -78.96 -96.28 -16.38
C GLY CA 66 -77.95 -97.08 -15.58
N ILE CA 67 -77.77 -96.64 -14.33
CA ILE CA 67 -76.95 -97.32 -13.35
C ILE CA 67 -77.75 -97.47 -12.07
N VAL CA 68 -77.71 -98.66 -11.48
CA VAL CA 68 -78.21 -98.89 -10.13
C VAL CA 68 -77.04 -99.41 -9.31
N ASN CA 69 -76.78 -98.76 -8.18
CA ASN CA 69 -75.59 -99.01 -7.39
C ASN CA 69 -75.99 -99.34 -5.96
N VAL CA 70 -75.41 -100.40 -5.40
CA VAL CA 70 -75.62 -100.78 -4.01
C VAL CA 70 -74.29 -100.61 -3.29
N SER CA 71 -74.18 -99.58 -2.48
CA SER CA 71 -72.94 -99.25 -1.78
C SER CA 71 -73.11 -99.45 -0.29
N SER CA 72 -72.06 -99.92 0.36
CA SER CA 72 -72.06 -100.14 1.80
C SER CA 72 -70.85 -99.46 2.41
N SER CA 73 -71.06 -98.85 3.57
CA SER CA 73 -69.98 -98.25 4.35
C SER CA 73 -70.25 -98.63 5.81
N ILE CA 74 -69.67 -99.74 6.23
CA ILE CA 74 -69.90 -100.28 7.56
C ILE CA 74 -68.61 -100.21 8.35
N ARG CA 75 -68.71 -99.84 9.62
CA ARG CA 75 -67.54 -99.76 10.49
C ARG CA 75 -66.83 -101.10 10.54
N ALA CA 76 -65.49 -101.06 10.53
CA ALA CA 76 -64.71 -102.29 10.51
C ALA CA 76 -65.01 -103.14 11.74
N ASP CA 77 -65.20 -102.53 12.90
CA ASP CA 77 -65.53 -103.25 14.11
C ASP CA 77 -67.01 -103.59 14.22
N ALA CA 78 -67.84 -103.06 13.34
CA ALA CA 78 -69.28 -103.25 13.47
C ALA CA 78 -69.64 -104.73 13.41
N THR CA 79 -70.48 -105.15 14.34
CA THR CA 79 -70.80 -106.55 14.50
C THR CA 79 -71.57 -107.06 13.29
N ALA CA 80 -71.52 -108.38 13.11
CA ALA CA 80 -72.31 -109.00 12.04
C ALA CA 80 -73.80 -108.81 12.28
N ALA CA 81 -74.20 -108.54 13.52
CA ALA CA 81 -75.59 -108.24 13.79
C ALA CA 81 -76.02 -106.96 13.08
N ASP CA 82 -75.25 -105.89 13.24
CA ASP CA 82 -75.58 -104.64 12.56
C ASP CA 82 -75.50 -104.79 11.06
N LYS CA 83 -74.52 -105.56 10.58
CA LYS CA 83 -74.35 -105.76 9.14
C LYS CA 83 -75.53 -106.50 8.54
N THR CA 84 -75.98 -107.57 9.20
CA THR CA 84 -77.13 -108.33 8.73
C THR CA 84 -78.41 -107.52 8.85
N ALA CA 85 -78.54 -106.71 9.90
CA ALA CA 85 -79.72 -105.86 10.02
C ALA CA 85 -79.78 -104.84 8.91
N LEU CA 86 -78.63 -104.24 8.58
CA LEU CA 86 -78.57 -103.28 7.49
C LEU CA 86 -78.95 -103.94 6.17
N MET CA 87 -78.39 -105.11 5.90
CA MET CA 87 -78.71 -105.80 4.65
C MET CA 87 -80.18 -106.18 4.59
N ALA CA 88 -80.73 -106.71 5.70
CA ALA CA 88 -82.12 -107.13 5.72
C ALA CA 88 -83.05 -105.94 5.53
N ILE CA 89 -82.76 -104.82 6.19
CA ILE CA 89 -83.62 -103.66 6.05
C ILE CA 89 -83.58 -103.13 4.63
N ILE CA 90 -82.38 -103.03 4.04
CA ILE CA 90 -82.30 -102.46 2.70
C ILE CA 90 -82.95 -103.37 1.67
N THR CA 91 -82.81 -104.69 1.84
CA THR CA 91 -83.45 -105.63 0.92
C THR CA 91 -84.96 -105.59 1.08
N ALA CA 92 -85.46 -105.50 2.32
CA ALA CA 92 -86.89 -105.40 2.53
C ALA CA 92 -87.45 -104.11 1.92
N ALA CA 93 -86.72 -103.01 2.07
CA ALA CA 93 -87.15 -101.75 1.48
C ALA CA 93 -87.15 -101.82 -0.04
N GLN CA 94 -86.15 -102.46 -0.63
CA GLN CA 94 -86.11 -102.61 -2.08
C GLN CA 94 -87.26 -103.47 -2.58
N ALA CA 95 -87.56 -104.57 -1.89
CA ALA CA 95 -88.68 -105.41 -2.28
C ALA CA 95 -90.00 -104.67 -2.19
N ASP CA 96 -90.10 -103.69 -1.30
CA ASP CA 96 -91.31 -102.89 -1.18
C ASP CA 96 -91.49 -101.98 -2.38
N GLY CA 97 -92.74 -101.66 -2.70
CA GLY CA 97 -93.05 -100.93 -3.91
C GLY CA 97 -92.63 -99.47 -3.90
N ALA CA 98 -92.37 -98.90 -2.72
CA ALA CA 98 -91.95 -97.51 -2.67
C ALA CA 98 -90.65 -97.28 -3.43
N TRP CA 99 -89.70 -98.21 -3.29
CA TRP CA 99 -88.48 -98.13 -4.10
C TRP CA 99 -88.77 -98.29 -5.58
N THR CA 100 -89.69 -99.21 -5.91
CA THR CA 100 -90.04 -99.44 -7.31
C THR CA 100 -90.63 -98.20 -7.95
N GLU CA 101 -91.33 -97.37 -7.18
CA GLU CA 101 -91.87 -96.12 -7.71
C GLU CA 101 -90.88 -94.96 -7.65
N LEU CA 102 -90.06 -94.91 -6.60
CA LEU CA 102 -88.98 -93.92 -6.54
C LEU CA 102 -88.10 -94.02 -7.79
N VAL CA 103 -87.75 -95.23 -8.17
CA VAL CA 103 -87.27 -95.47 -9.53
C VAL CA 103 -88.48 -95.53 -10.46
N THR CA 104 -88.30 -95.12 -11.71
CA THR CA 104 -89.34 -95.15 -12.74
C THR CA 104 -90.43 -94.10 -12.54
N ASP CA 105 -90.46 -93.42 -11.39
CA ASP CA 105 -91.45 -92.37 -11.20
C ASP CA 105 -90.91 -91.14 -10.50
N GLN CA 106 -89.77 -91.23 -9.83
CA GLN CA 106 -89.31 -90.18 -8.91
C GLN CA 106 -90.38 -89.84 -7.88
N ARG CA 107 -91.05 -90.88 -7.39
CA ARG CA 107 -92.18 -90.75 -6.47
C ARG CA 107 -91.70 -91.02 -5.05
N LEU CA 108 -91.80 -90.03 -4.19
CA LEU CA 108 -91.45 -90.21 -2.79
C LEU CA 108 -92.56 -90.93 -2.05
N PRO CA 109 -92.21 -91.71 -1.01
CA PRO CA 109 -93.23 -92.44 -0.27
C PRO CA 109 -94.02 -91.53 0.64
N LEU CA 110 -94.89 -90.70 0.04
CA LEU CA 110 -95.70 -89.78 0.80
C LEU CA 110 -97.11 -89.59 0.23
N ALA CA 111 -97.49 -90.36 -0.77
CA ALA CA 111 -98.82 -90.25 -1.35
C ALA CA 111 -99.88 -90.79 -0.37
N THR CA 112 -101.04 -90.14 -0.36
CA THR CA 112 -102.14 -90.55 0.50
C THR CA 112 -103.00 -91.64 -0.10
N VAL CA 113 -102.74 -92.04 -1.35
CA VAL CA 113 -103.49 -93.07 -2.05
C VAL CA 113 -104.97 -92.68 -2.19
N SER DA 1 -28.62 -129.49 8.96
CA SER DA 1 -27.82 -130.33 9.83
C SER DA 1 -27.07 -131.40 9.04
N LYS DA 2 -27.79 -132.40 8.57
CA LYS DA 2 -27.17 -133.54 7.90
C LYS DA 2 -27.90 -133.75 6.58
N VAL DA 3 -27.67 -134.92 5.96
CA VAL DA 3 -27.93 -135.18 4.55
C VAL DA 3 -29.28 -134.66 4.10
N PHE DA 4 -29.26 -133.75 3.11
CA PHE DA 4 -30.44 -133.17 2.50
C PHE DA 4 -30.34 -133.39 1.00
N ASN DA 5 -31.41 -133.88 0.40
CA ASN DA 5 -31.44 -134.12 -1.05
C ASN DA 5 -30.29 -135.03 -1.48
N THR DA 6 -30.00 -136.03 -0.64
CA THR DA 6 -28.92 -137.00 -0.79
C THR DA 6 -27.53 -136.37 -0.81
N GLN DA 7 -27.40 -135.09 -0.50
CA GLN DA 7 -26.10 -134.46 -0.37
C GLN DA 7 -25.75 -134.34 1.10
N THR DA 8 -24.48 -134.54 1.42
CA THR DA 8 -24.01 -134.43 2.79
C THR DA 8 -23.59 -133.00 3.05
N PHE DA 9 -24.17 -132.38 4.07
CA PHE DA 9 -23.82 -131.02 4.47
C PHE DA 9 -23.07 -131.12 5.80
N ASP DA 10 -21.80 -130.74 5.78
CA ASP DA 10 -20.98 -130.71 6.98
C ASP DA 10 -20.79 -129.26 7.39
N ILE DA 11 -20.65 -129.04 8.70
CA ILE DA 11 -20.55 -127.68 9.20
C ILE DA 11 -19.28 -127.05 8.67
N TYR DA 12 -19.42 -125.90 8.01
CA TYR DA 12 -18.31 -125.14 7.50
C TYR DA 12 -17.86 -124.03 8.42
N SER DA 13 -18.80 -123.38 9.09
CA SER DA 13 -18.47 -122.22 9.90
C SER DA 13 -19.42 -122.16 11.08
N THR DA 14 -18.86 -121.81 12.23
CA THR DA 14 -19.66 -121.61 13.43
C THR DA 14 -19.49 -120.18 13.88
N GLU DA 15 -20.60 -119.47 14.05
CA GLU DA 15 -20.62 -118.07 14.42
C GLU DA 15 -21.55 -117.90 15.62
N LYS DA 16 -21.49 -116.72 16.24
CA LYS DA 16 -22.34 -116.39 17.36
C LYS DA 16 -23.81 -116.64 17.05
N ASP DA 17 -24.29 -116.13 15.92
CA ASP DA 17 -25.69 -116.27 15.53
C ASP DA 17 -25.86 -116.88 14.14
N VAL DA 18 -24.80 -117.45 13.56
CA VAL DA 18 -24.86 -118.08 12.25
C VAL DA 18 -24.14 -119.42 12.32
N VAL DA 19 -24.72 -120.42 11.65
CA VAL DA 19 -24.06 -121.70 11.44
C VAL DA 19 -24.15 -122.00 9.95
N SER DA 20 -23.02 -122.29 9.32
CA SER DA 20 -22.96 -122.54 7.89
C SER DA 20 -22.44 -123.93 7.61
N LEU DA 21 -23.15 -124.66 6.74
CA LEU DA 21 -22.80 -126.00 6.31
C LEU DA 21 -22.49 -126.00 4.82
N ARG DA 22 -21.44 -126.73 4.45
CA ARG DA 22 -21.05 -126.86 3.07
C ARG DA 22 -21.25 -128.30 2.63
N ASP DA 23 -21.57 -128.49 1.35
CA ASP DA 23 -21.65 -129.85 0.81
C ASP DA 23 -20.27 -130.51 0.82
N PHE DA 24 -19.25 -129.78 0.39
CA PHE DA 24 -17.85 -130.24 0.36
C PHE DA 24 -17.64 -131.35 -0.66
N ALA DA 25 -18.72 -131.80 -1.29
CA ALA DA 25 -18.66 -132.76 -2.38
C ALA DA 25 -18.81 -132.07 -3.73
N ASN DA 26 -19.85 -131.27 -3.90
CA ASN DA 26 -19.96 -130.43 -5.08
C ASN DA 26 -19.30 -129.06 -4.90
N ASP DA 27 -18.99 -128.68 -3.66
CA ASP DA 27 -18.36 -127.40 -3.35
C ASP DA 27 -19.13 -126.23 -3.94
N LYS DA 28 -20.45 -126.33 -3.98
CA LYS DA 28 -21.26 -125.29 -4.58
C LYS DA 28 -22.48 -124.91 -3.75
N ASP DA 29 -22.85 -125.72 -2.76
CA ASP DA 29 -24.06 -125.48 -1.97
C ASP DA 29 -23.68 -125.12 -0.54
N THR DA 30 -24.26 -124.03 -0.04
CA THR DA 30 -24.05 -123.59 1.33
C THR DA 30 -25.40 -123.40 2.00
N LEU DA 31 -25.57 -124.00 3.18
CA LEU DA 31 -26.80 -123.89 3.96
C LEU DA 31 -26.49 -123.11 5.23
N ALA DA 32 -27.15 -121.97 5.40
CA ALA DA 32 -26.90 -121.07 6.52
C ALA DA 32 -28.14 -120.99 7.40
N TYR DA 33 -27.93 -121.20 8.70
CA TYR DA 33 -28.91 -120.95 9.75
C TYR DA 33 -28.49 -119.65 10.44
N LYS DA 34 -29.33 -118.62 10.33
CA LYS DA 34 -29.06 -117.33 10.93
C LYS DA 34 -30.13 -117.01 11.97
N ARG DA 35 -29.69 -116.39 13.06
CA ARG DA 35 -30.51 -116.14 14.24
C ARG DA 35 -30.50 -114.65 14.54
N LEU DA 36 -31.59 -114.15 15.12
CA LEU DA 36 -31.63 -112.75 15.53
C LEU DA 36 -32.67 -112.61 16.63
N ALA DA 37 -32.21 -112.35 17.85
CA ALA DA 37 -33.12 -112.29 19.00
C ALA DA 37 -34.06 -111.09 18.88
N PRO DA 38 -35.28 -111.20 19.41
CA PRO DA 38 -36.19 -110.05 19.40
C PRO DA 38 -35.69 -108.94 20.31
N LYS DA 39 -35.90 -107.70 19.89
CA LYS DA 39 -35.47 -106.53 20.63
C LYS DA 39 -36.67 -105.80 21.19
N ARG DA 40 -36.71 -105.63 22.50
CA ARG DA 40 -37.80 -104.94 23.20
C ARG DA 40 -37.52 -103.45 23.14
N THR DA 41 -37.60 -102.90 21.92
CA THR DA 41 -37.37 -101.48 21.71
C THR DA 41 -38.54 -100.63 22.19
N LYS DA 42 -39.62 -101.26 22.61
CA LYS DA 42 -40.81 -100.58 23.06
C LYS DA 42 -41.57 -101.52 23.98
N ASP DA 43 -42.84 -101.21 24.23
CA ASP DA 43 -43.71 -102.09 25.00
C ASP DA 43 -43.73 -103.49 24.39
N SER DA 44 -43.72 -103.55 23.06
CA SER DA 44 -43.73 -104.84 22.37
C SER DA 44 -42.46 -105.62 22.71
N PRO DA 45 -42.55 -106.93 22.92
CA PRO DA 45 -41.34 -107.70 23.28
C PRO DA 45 -40.37 -107.89 22.14
N GLY DA 46 -40.68 -107.41 20.93
CA GLY DA 46 -39.78 -107.53 19.80
C GLY DA 46 -40.13 -108.68 18.88
N MET DA 47 -39.43 -108.71 17.75
CA MET DA 47 -39.72 -109.68 16.69
C MET DA 47 -38.50 -110.57 16.52
N ALA DA 48 -38.69 -111.88 16.69
CA ALA DA 48 -37.59 -112.83 16.64
C ALA DA 48 -37.36 -113.27 15.20
N LYS DA 49 -36.19 -112.93 14.66
CA LYS DA 49 -35.87 -113.23 13.27
C LYS DA 49 -35.11 -114.55 13.17
N SER DA 50 -35.53 -115.38 12.24
CA SER DA 50 -34.80 -116.58 11.88
C SER DA 50 -34.54 -116.55 10.38
N GLU DA 51 -33.54 -117.31 9.95
CA GLU DA 51 -33.25 -117.39 8.52
C GLU DA 51 -32.65 -118.75 8.22
N LEU DA 52 -33.16 -119.40 7.18
CA LEU DA 52 -32.61 -120.65 6.68
C LEU DA 52 -32.45 -120.49 5.18
N LYS DA 53 -31.21 -120.42 4.70
CA LYS DA 53 -31.01 -120.14 3.29
C LYS DA 53 -30.03 -121.14 2.67
N ILE DA 54 -30.25 -121.44 1.40
CA ILE DA 54 -29.36 -122.28 0.60
C ILE DA 54 -28.86 -121.44 -0.56
N THR DA 55 -27.55 -121.39 -0.73
CA THR DA 55 -26.92 -120.61 -1.77
C THR DA 55 -26.07 -121.52 -2.65
N ARG DA 56 -26.29 -121.44 -3.95
CA ARG DA 56 -25.52 -122.20 -4.91
C ARG DA 56 -24.64 -121.25 -5.69
N VAL DA 57 -23.35 -121.52 -5.69
CA VAL DA 57 -22.37 -120.73 -6.43
C VAL DA 57 -21.58 -121.67 -7.31
N ASP DA 58 -21.42 -121.30 -8.57
CA ASP DA 58 -20.75 -122.19 -9.51
C ASP DA 58 -19.27 -122.29 -9.16
N PRO DA 59 -18.77 -123.47 -8.83
CA PRO DA 59 -17.41 -123.56 -8.26
C PRO DA 59 -16.29 -123.67 -9.29
N THR DA 60 -16.33 -122.87 -10.36
CA THR DA 60 -15.15 -122.73 -11.21
C THR DA 60 -14.84 -121.26 -11.43
N THR DA 61 -15.88 -120.42 -11.57
CA THR DA 61 -15.72 -118.98 -11.68
C THR DA 61 -16.40 -118.22 -10.56
N GLY DA 62 -17.23 -118.87 -9.75
CA GLY DA 62 -17.84 -118.21 -8.62
C GLY DA 62 -19.06 -117.37 -8.93
N VAL DA 63 -19.89 -117.80 -9.87
CA VAL DA 63 -21.11 -117.07 -10.21
C VAL DA 63 -22.27 -117.65 -9.43
N LEU DA 64 -23.02 -116.79 -8.77
CA LEU DA 64 -24.17 -117.19 -7.97
C LEU DA 64 -25.27 -117.72 -8.88
N ILE DA 65 -25.53 -119.03 -8.81
CA ILE DA 65 -26.61 -119.62 -9.58
C ILE DA 65 -27.96 -119.22 -9.03
N GLY DA 66 -28.16 -119.36 -7.72
CA GLY DA 66 -29.46 -119.04 -7.14
C GLY DA 66 -29.42 -119.15 -5.63
N ILE DA 67 -30.45 -118.56 -5.02
CA ILE DA 67 -30.64 -118.59 -3.57
C ILE DA 67 -32.11 -118.85 -3.28
N VAL DA 68 -32.38 -119.77 -2.37
CA VAL DA 68 -33.69 -119.91 -1.76
C VAL DA 68 -33.54 -119.67 -0.27
N ASN DA 69 -34.27 -118.69 0.25
CA ASN DA 69 -34.17 -118.29 1.64
C ASN DA 69 -35.53 -118.42 2.31
N VAL DA 70 -35.53 -118.95 3.53
CA VAL DA 70 -36.72 -119.01 4.36
C VAL DA 70 -36.45 -118.15 5.58
N SER DA 71 -37.17 -117.05 5.70
CA SER DA 71 -37.01 -116.12 6.80
C SER DA 71 -38.30 -116.07 7.62
N SER DA 72 -38.16 -116.04 8.93
CA SER DA 72 -39.28 -115.92 9.84
C SER DA 72 -39.12 -114.66 10.69
N SER DA 73 -40.22 -113.95 10.86
CA SER DA 73 -40.26 -112.77 11.72
C SER DA 73 -41.52 -112.95 12.56
N ILE DA 74 -41.35 -113.50 13.76
CA ILE DA 74 -42.46 -113.83 14.63
C ILE DA 74 -42.33 -113.02 15.91
N ARG DA 75 -43.45 -112.52 16.40
CA ARG DA 75 -43.47 -111.79 17.67
C ARG DA 75 -42.85 -112.61 18.78
N ALA DA 76 -42.08 -111.93 19.63
CA ALA DA 76 -41.48 -112.60 20.78
C ALA DA 76 -42.54 -113.19 21.70
N ASP DA 77 -43.74 -112.59 21.73
CA ASP DA 77 -44.83 -113.08 22.57
C ASP DA 77 -45.74 -114.07 21.86
N ALA DA 78 -45.52 -114.33 20.57
CA ALA DA 78 -46.43 -115.16 19.81
C ALA DA 78 -46.42 -116.59 20.34
N THR DA 79 -47.61 -117.20 20.38
CA THR DA 79 -47.77 -118.51 20.98
C THR DA 79 -47.15 -119.58 20.09
N ALA DA 80 -46.82 -120.71 20.71
CA ALA DA 80 -46.29 -121.85 19.96
C ALA DA 80 -47.31 -122.36 18.96
N ALA DA 81 -48.60 -122.19 19.25
CA ALA DA 81 -49.64 -122.55 18.26
C ALA DA 81 -49.52 -121.69 17.01
N ASP DA 82 -49.30 -120.39 17.18
CA ASP DA 82 -49.12 -119.51 16.03
C ASP DA 82 -47.91 -119.93 15.21
N LYS DA 83 -46.80 -120.26 15.87
CA LYS DA 83 -45.59 -120.62 15.16
C LYS DA 83 -45.75 -121.95 14.43
N THR DA 84 -46.38 -122.92 15.09
CA THR DA 84 -46.64 -124.19 14.43
C THR DA 84 -47.57 -124.02 13.24
N ALA DA 85 -48.60 -123.18 13.38
CA ALA DA 85 -49.51 -122.92 12.27
C ALA DA 85 -48.79 -122.25 11.11
N LEU DA 86 -47.94 -121.28 11.40
CA LEU DA 86 -47.20 -120.60 10.34
C LEU DA 86 -46.30 -121.56 9.59
N MET DA 87 -45.56 -122.39 10.34
CA MET DA 87 -44.67 -123.34 9.70
C MET DA 87 -45.45 -124.37 8.89
N ALA DA 88 -46.57 -124.86 9.42
CA ALA DA 88 -47.37 -125.85 8.71
C ALA DA 88 -47.98 -125.28 7.44
N ILE DA 89 -48.50 -124.05 7.50
CA ILE DA 89 -49.08 -123.43 6.32
C ILE DA 89 -48.02 -123.22 5.26
N ILE DA 90 -46.86 -122.67 5.64
CA ILE DA 90 -45.84 -122.40 4.62
C ILE DA 90 -45.28 -123.71 4.06
N THR DA 91 -45.15 -124.75 4.88
CA THR DA 91 -44.65 -126.03 4.38
C THR DA 91 -45.64 -126.66 3.43
N ALA DA 92 -46.94 -126.61 3.75
CA ALA DA 92 -47.96 -127.12 2.85
C ALA DA 92 -47.98 -126.35 1.54
N ALA DA 93 -47.84 -125.03 1.61
CA ALA DA 93 -47.83 -124.22 0.39
C ALA DA 93 -46.63 -124.56 -0.49
N GLN DA 94 -45.45 -124.73 0.13
CA GLN DA 94 -44.29 -125.15 -0.64
C GLN DA 94 -44.49 -126.53 -1.25
N ALA DA 95 -45.13 -127.44 -0.51
CA ALA DA 95 -45.44 -128.75 -1.05
C ALA DA 95 -46.46 -128.68 -2.19
N ASP DA 96 -47.31 -127.67 -2.19
CA ASP DA 96 -48.24 -127.48 -3.29
C ASP DA 96 -47.49 -127.05 -4.54
N GLY DA 97 -48.06 -127.39 -5.70
CA GLY DA 97 -47.37 -127.18 -6.97
C GLY DA 97 -47.32 -125.74 -7.42
N ALA DA 98 -48.15 -124.87 -6.83
CA ALA DA 98 -48.12 -123.46 -7.19
C ALA DA 98 -46.75 -122.85 -6.90
N TRP DA 99 -46.10 -123.28 -5.81
CA TRP DA 99 -44.75 -122.82 -5.53
C TRP DA 99 -43.76 -123.36 -6.56
N THR DA 100 -43.90 -124.62 -6.93
CA THR DA 100 -43.00 -125.22 -7.90
C THR DA 100 -43.17 -124.59 -9.28
N GLU DA 101 -44.31 -123.93 -9.53
CA GLU DA 101 -44.48 -123.16 -10.75
C GLU DA 101 -43.97 -121.73 -10.61
N LEU DA 102 -44.23 -121.08 -9.47
CA LEU DA 102 -43.72 -119.74 -9.22
C LEU DA 102 -42.20 -119.72 -9.33
N VAL DA 103 -41.54 -120.66 -8.70
CA VAL DA 103 -40.14 -120.93 -9.01
C VAL DA 103 -40.11 -121.74 -10.29
N THR DA 104 -39.09 -121.50 -11.11
CA THR DA 104 -38.86 -122.20 -12.38
C THR DA 104 -39.85 -121.84 -13.48
N ASP DA 105 -40.90 -121.08 -13.18
CA ASP DA 105 -41.70 -120.54 -14.28
C ASP DA 105 -42.16 -119.12 -14.08
N GLN DA 106 -42.09 -118.57 -12.88
CA GLN DA 106 -42.68 -117.28 -12.55
C GLN DA 106 -44.17 -117.29 -12.89
N ARG DA 107 -44.83 -118.39 -12.58
CA ARG DA 107 -46.23 -118.58 -12.88
C ARG DA 107 -47.04 -118.35 -11.60
N LEU DA 108 -47.96 -117.43 -11.66
CA LEU DA 108 -48.80 -117.11 -10.51
C LEU DA 108 -50.02 -118.03 -10.46
N PRO DA 109 -50.59 -118.24 -9.28
CA PRO DA 109 -51.82 -119.02 -9.19
C PRO DA 109 -53.03 -118.25 -9.67
N LEU DA 110 -53.05 -117.88 -10.94
CA LEU DA 110 -54.20 -117.24 -11.54
C LEU DA 110 -54.56 -117.77 -12.92
N ALA DA 111 -53.71 -118.62 -13.51
CA ALA DA 111 -54.02 -119.20 -14.80
C ALA DA 111 -55.23 -120.13 -14.70
N THR DA 112 -56.05 -120.13 -15.75
CA THR DA 112 -57.30 -120.89 -15.76
C THR DA 112 -57.12 -122.35 -16.17
N VAL DA 113 -55.91 -122.75 -16.56
CA VAL DA 113 -55.61 -124.12 -17.00
C VAL DA 113 -56.43 -124.51 -18.22
N SER EA 1 119.52 -22.98 54.39
CA SER EA 1 119.71 -24.20 55.15
C SER EA 1 119.94 -23.89 56.63
N LYS EA 2 121.06 -23.23 56.92
CA LYS EA 2 121.43 -22.89 58.29
C LYS EA 2 121.95 -21.45 58.30
N VAL EA 3 122.65 -21.08 59.37
CA VAL EA 3 123.02 -19.69 59.65
C VAL EA 3 123.61 -18.99 58.42
N PHE EA 4 122.98 -17.89 58.03
CA PHE EA 4 123.41 -17.04 56.92
C PHE EA 4 123.37 -15.61 57.41
N ASN EA 5 124.44 -14.86 57.13
CA ASN EA 5 124.53 -13.45 57.52
C ASN EA 5 124.28 -13.32 59.03
N THR EA 6 124.90 -14.21 59.80
CA THR EA 6 124.81 -14.29 61.25
C THR EA 6 123.41 -14.52 61.76
N GLN EA 7 122.47 -14.93 60.90
CA GLN EA 7 121.12 -15.26 61.33
C GLN EA 7 120.85 -16.74 61.10
N THR EA 8 120.22 -17.39 62.07
CA THR EA 8 119.98 -18.82 62.05
C THR EA 8 118.62 -19.09 61.42
N PHE EA 9 118.60 -19.83 60.33
CA PHE EA 9 117.37 -20.13 59.61
C PHE EA 9 117.03 -21.59 59.86
N ASP EA 10 115.91 -21.82 60.55
CA ASP EA 10 115.41 -23.16 60.83
C ASP EA 10 114.17 -23.42 59.99
N ILE EA 11 113.95 -24.70 59.67
CA ILE EA 11 112.83 -25.08 58.82
C ILE EA 11 111.53 -24.69 59.51
N TYR EA 12 110.69 -23.94 58.82
CA TYR EA 12 109.35 -23.67 59.28
C TYR EA 12 108.30 -24.52 58.57
N SER EA 13 108.50 -24.82 57.29
CA SER EA 13 107.49 -25.53 56.55
C SER EA 13 108.14 -26.33 55.44
N THR EA 14 107.52 -27.46 55.10
CA THR EA 14 108.00 -28.31 54.01
C THR EA 14 106.81 -28.74 53.17
N GLU EA 15 106.88 -28.46 51.88
CA GLU EA 15 105.88 -28.88 50.93
C GLU EA 15 106.45 -29.96 50.03
N LYS EA 16 105.67 -30.35 49.03
CA LYS EA 16 106.19 -31.28 48.04
C LYS EA 16 107.39 -30.69 47.31
N ASP EA 17 107.32 -29.39 46.98
CA ASP EA 17 108.37 -28.75 46.20
C ASP EA 17 108.86 -27.44 46.80
N VAL EA 18 108.44 -27.10 48.02
CA VAL EA 18 108.92 -25.88 48.67
C VAL EA 18 109.39 -26.23 50.07
N VAL EA 19 110.54 -25.70 50.45
CA VAL EA 19 111.01 -25.70 51.84
C VAL EA 19 111.14 -24.26 52.26
N SER EA 20 110.49 -23.90 53.37
CA SER EA 20 110.53 -22.55 53.90
C SER EA 20 111.18 -22.56 55.29
N LEU EA 21 112.15 -21.66 55.47
CA LEU EA 21 112.89 -21.51 56.71
C LEU EA 21 112.69 -20.10 57.23
N ARG EA 22 112.68 -19.97 58.55
CA ARG EA 22 112.52 -18.68 59.21
C ARG EA 22 113.66 -18.45 60.18
N ASP EA 23 113.88 -17.18 60.53
CA ASP EA 23 114.90 -16.86 61.52
C ASP EA 23 114.46 -17.25 62.92
N PHE EA 24 113.21 -16.93 63.28
CA PHE EA 24 112.63 -17.22 64.58
C PHE EA 24 113.30 -16.41 65.68
N ALA EA 25 114.32 -15.63 65.32
CA ALA EA 25 114.99 -14.71 66.24
C ALA EA 25 114.52 -13.28 66.04
N ASN EA 26 114.68 -12.74 64.84
CA ASN EA 26 114.08 -11.45 64.52
C ASN EA 26 112.70 -11.58 63.91
N ASP EA 27 112.29 -12.80 63.55
CA ASP EA 27 110.93 -13.09 63.08
C ASP EA 27 110.54 -12.20 61.90
N LYS EA 28 111.49 -11.87 61.05
CA LYS EA 28 111.22 -11.00 59.91
C LYS EA 28 111.70 -11.55 58.58
N ASP EA 29 112.54 -12.58 58.57
CA ASP EA 29 113.12 -13.11 57.34
C ASP EA 29 112.60 -14.51 57.08
N THR EA 30 112.23 -14.77 55.83
CA THR EA 30 111.86 -16.10 55.39
C THR EA 30 112.65 -16.44 54.14
N LEU EA 31 113.32 -17.60 54.16
CA LEU EA 31 114.10 -18.09 53.04
C LEU EA 31 113.40 -19.31 52.46
N ALA EA 32 113.06 -19.26 51.17
CA ALA EA 32 112.31 -20.31 50.51
C ALA EA 32 113.12 -20.92 49.38
N TYR EA 33 113.17 -22.25 49.35
CA TYR EA 33 113.77 -23.04 48.28
C TYR EA 33 112.63 -23.73 47.55
N LYS EA 34 112.57 -23.57 46.23
CA LYS EA 34 111.42 -23.96 45.45
C LYS EA 34 111.89 -24.70 44.20
N ARG EA 35 111.13 -25.72 43.82
CA ARG EA 35 111.58 -26.77 42.92
C ARG EA 35 110.51 -27.10 41.89
N LEU EA 36 110.86 -27.03 40.60
CA LEU EA 36 109.98 -27.50 39.53
C LEU EA 36 110.79 -28.38 38.59
N ALA EA 37 110.51 -29.68 38.58
CA ALA EA 37 111.20 -30.58 37.68
C ALA EA 37 110.87 -30.26 36.23
N PRO EA 38 111.81 -30.51 35.30
CA PRO EA 38 111.53 -30.23 33.89
C PRO EA 38 110.43 -31.14 33.36
N LYS EA 39 109.64 -30.62 32.43
CA LYS EA 39 108.55 -31.37 31.84
C LYS EA 39 108.79 -31.54 30.34
N ARG EA 40 108.97 -32.79 29.91
CA ARG EA 40 109.17 -33.10 28.50
C ARG EA 40 107.82 -32.95 27.82
N THR EA 41 107.49 -31.70 27.51
CA THR EA 41 106.23 -31.40 26.85
C THR EA 41 106.38 -31.34 25.34
N LYS EA 42 107.58 -31.56 24.83
CA LYS EA 42 107.85 -31.58 23.40
C LYS EA 42 109.11 -32.40 23.19
N ASP EA 43 109.72 -32.27 22.01
CA ASP EA 43 111.01 -32.90 21.74
C ASP EA 43 112.04 -32.41 22.74
N SER EA 44 111.87 -31.20 23.26
CA SER EA 44 112.72 -30.71 24.33
C SER EA 44 112.39 -31.46 25.62
N PRO EA 45 113.37 -31.73 26.48
CA PRO EA 45 113.08 -32.40 27.75
C PRO EA 45 112.51 -31.49 28.82
N GLY EA 46 112.29 -30.21 28.53
CA GLY EA 46 111.81 -29.26 29.51
C GLY EA 46 112.94 -28.57 30.25
N MET EA 47 112.57 -27.55 31.00
CA MET EA 47 113.50 -26.74 31.77
C MET EA 47 113.24 -26.92 33.26
N ALA EA 48 114.30 -27.20 34.01
CA ALA EA 48 114.20 -27.40 35.45
C ALA EA 48 114.26 -26.04 36.14
N LYS EA 49 113.18 -25.67 36.81
CA LYS EA 49 113.11 -24.41 37.55
C LYS EA 49 113.59 -24.61 38.98
N SER EA 50 114.45 -23.71 39.42
CA SER EA 50 114.75 -23.55 40.83
C SER EA 50 114.42 -22.12 41.23
N GLU EA 51 114.16 -21.93 42.52
CA GLU EA 51 113.90 -20.59 43.01
C GLU EA 51 114.39 -20.49 44.44
N LEU EA 52 115.12 -19.43 44.75
CA LEU EA 52 115.65 -19.21 46.09
C LEU EA 52 115.37 -17.77 46.47
N LYS EA 53 114.41 -17.56 47.36
CA LYS EA 53 113.99 -16.20 47.66
C LYS EA 53 114.15 -15.91 49.15
N ILE EA 54 114.57 -14.68 49.44
CA ILE EA 54 114.59 -14.15 50.80
C ILE EA 54 113.60 -13.00 50.88
N THR EA 55 112.66 -13.10 51.81
CA THR EA 55 111.65 -12.08 52.01
C THR EA 55 111.78 -11.51 53.41
N ARG EA 56 111.79 -10.19 53.52
CA ARG EA 56 111.84 -9.49 54.80
C ARG EA 56 110.53 -8.76 55.01
N VAL EA 57 109.87 -9.06 56.11
CA VAL EA 57 108.62 -8.40 56.50
C VAL EA 57 108.76 -7.93 57.94
N ASP EA 58 108.48 -6.66 58.17
CA ASP EA 58 108.64 -6.16 59.55
C ASP EA 58 107.58 -6.79 60.45
N PRO EA 59 107.94 -7.30 61.61
CA PRO EA 59 106.97 -8.01 62.44
C PRO EA 59 106.20 -7.12 63.39
N THR EA 60 105.71 -5.98 62.92
CA THR EA 60 104.89 -5.13 63.77
C THR EA 60 103.59 -4.77 63.05
N THR EA 61 103.68 -4.54 61.74
CA THR EA 61 102.51 -4.33 60.91
C THR EA 61 102.44 -5.30 59.74
N GLY EA 62 103.48 -6.08 59.50
CA GLY EA 62 103.49 -7.03 58.40
C GLY EA 62 103.72 -6.42 57.04
N VAL EA 63 104.47 -5.33 56.96
CA VAL EA 63 104.75 -4.69 55.67
C VAL EA 63 105.93 -5.39 55.03
N LEU EA 64 105.83 -5.63 53.72
CA LEU EA 64 106.89 -6.27 52.96
C LEU EA 64 107.99 -5.25 52.71
N ILE EA 65 109.11 -5.36 53.43
CA ILE EA 65 110.22 -4.44 53.21
C ILE EA 65 110.86 -4.70 51.86
N GLY EA 66 111.14 -5.96 51.53
CA GLY EA 66 111.77 -6.26 50.26
C GLY EA 66 111.98 -7.74 50.07
N ILE EA 67 112.14 -8.11 48.80
CA ILE EA 67 112.38 -9.49 48.39
C ILE EA 67 113.58 -9.52 47.45
N VAL EA 68 114.48 -10.47 47.66
CA VAL EA 68 115.52 -10.80 46.70
C VAL EA 68 115.33 -12.26 46.30
N ASN EA 69 115.22 -12.50 45.00
CA ASN EA 69 114.93 -13.84 44.49
C ASN EA 69 116.02 -14.25 43.50
N VAL EA 70 116.49 -15.49 43.63
CA VAL EA 70 117.43 -16.08 42.70
C VAL EA 70 116.72 -17.21 41.99
N SER EA 71 116.40 -17.02 40.72
CA SER EA 71 115.67 -18.01 39.94
C SER EA 71 116.56 -18.57 38.84
N SER EA 72 116.52 -19.89 38.67
CA SER EA 72 117.24 -20.57 37.62
C SER EA 72 116.24 -21.35 36.77
N SER EA 73 116.51 -21.39 35.46
CA SER EA 73 115.68 -22.14 34.49
C SER EA 73 116.66 -22.71 33.48
N ILE EA 74 116.94 -24.00 33.61
CA ILE EA 74 118.00 -24.64 32.84
C ILE EA 74 117.46 -25.90 32.17
N ARG EA 75 117.89 -26.13 30.93
CA ARG EA 75 117.47 -27.30 30.17
C ARG EA 75 117.80 -28.58 30.92
N ALA EA 76 116.89 -29.55 30.84
CA ALA EA 76 117.11 -30.83 31.47
C ALA EA 76 118.35 -31.53 30.91
N ASP EA 77 118.57 -31.40 29.60
CA ASP EA 77 119.72 -32.02 28.96
C ASP EA 77 121.00 -31.24 29.16
N ALA EA 78 120.94 -30.05 29.73
CA ALA EA 78 122.10 -29.18 29.83
C ALA EA 78 123.17 -29.83 30.70
N THR EA 79 124.42 -29.62 30.33
CA THR EA 79 125.54 -30.23 30.99
C THR EA 79 125.79 -29.59 32.36
N ALA EA 80 126.49 -30.32 33.22
CA ALA EA 80 126.90 -29.76 34.50
C ALA EA 80 127.86 -28.61 34.31
N ALA EA 81 128.63 -28.61 33.22
CA ALA EA 81 129.52 -27.49 32.93
C ALA EA 81 128.73 -26.22 32.64
N ASP EA 82 127.63 -26.34 31.89
CA ASP EA 82 126.80 -25.18 31.61
C ASP EA 82 126.24 -24.60 32.89
N LYS EA 83 125.75 -25.46 33.79
CA LYS EA 83 125.17 -25.00 35.05
C LYS EA 83 126.24 -24.38 35.95
N THR EA 84 127.42 -24.99 36.00
CA THR EA 84 128.51 -24.40 36.77
C THR EA 84 128.88 -23.03 36.23
N ALA EA 85 128.95 -22.90 34.91
CA ALA EA 85 129.27 -21.60 34.31
C ALA EA 85 128.21 -20.57 34.65
N LEU EA 86 126.93 -20.94 34.55
CA LEU EA 86 125.88 -19.98 34.85
C LEU EA 86 125.96 -19.52 36.30
N MET EA 87 126.10 -20.45 37.24
CA MET EA 87 126.17 -20.05 38.64
C MET EA 87 127.41 -19.23 38.93
N ALA EA 88 128.56 -19.61 38.36
CA ALA EA 88 129.78 -18.84 38.58
C ALA EA 88 129.67 -17.43 38.03
N ILE EA 89 129.07 -17.27 36.84
CA ILE EA 89 128.95 -15.94 36.25
C ILE EA 89 128.01 -15.08 37.08
N ILE EA 90 126.86 -15.63 37.47
CA ILE EA 90 125.92 -14.81 38.24
C ILE EA 90 126.50 -14.48 39.61
N THR EA 91 127.26 -15.39 40.21
CA THR EA 91 127.89 -15.11 41.49
C THR EA 91 128.95 -14.03 41.37
N ALA EA 92 129.78 -14.08 40.33
CA ALA EA 92 130.79 -13.05 40.14
C ALA EA 92 130.14 -11.69 39.89
N ALA EA 93 129.05 -11.67 39.13
CA ALA EA 93 128.35 -10.42 38.88
C ALA EA 93 127.73 -9.87 40.16
N GLN EA 94 127.19 -10.75 41.01
CA GLN EA 94 126.64 -10.30 42.29
C GLN EA 94 127.73 -9.75 43.19
N ALA EA 95 128.91 -10.39 43.19
CA ALA EA 95 130.02 -9.90 43.99
C ALA EA 95 130.51 -8.52 43.52
N ASP EA 96 130.34 -8.20 42.25
CA ASP EA 96 130.75 -6.91 41.73
C ASP EA 96 129.84 -5.81 42.26
N GLY EA 97 130.40 -4.60 42.38
CA GLY EA 97 129.64 -3.48 42.93
C GLY EA 97 128.58 -2.94 42.00
N ALA EA 98 128.62 -3.31 40.72
CA ALA EA 98 127.57 -2.88 39.81
C ALA EA 98 126.22 -3.40 40.27
N TRP EA 99 126.15 -4.65 40.70
CA TRP EA 99 124.91 -5.17 41.25
C TRP EA 99 124.56 -4.48 42.57
N THR EA 100 125.58 -4.18 43.37
CA THR EA 100 125.33 -3.52 44.65
C THR EA 100 124.80 -2.11 44.47
N GLU EA 101 125.00 -1.52 43.28
CA GLU EA 101 124.40 -0.24 42.96
C GLU EA 101 123.05 -0.39 42.27
N LEU EA 102 122.93 -1.37 41.36
CA LEU EA 102 121.65 -1.67 40.74
C LEU EA 102 120.58 -1.89 41.80
N VAL EA 103 120.88 -2.72 42.77
CA VAL EA 103 120.09 -2.75 43.99
C VAL EA 103 120.58 -1.60 44.87
N THR EA 104 119.66 -0.99 45.60
CA THR EA 104 119.88 0.15 46.50
C THR EA 104 120.07 1.50 45.84
N ASP EA 105 120.29 1.55 44.53
CA ASP EA 105 120.46 2.84 43.85
C ASP EA 105 119.67 2.97 42.56
N GLN EA 106 119.20 1.87 41.96
CA GLN EA 106 118.62 1.88 40.63
C GLN EA 106 119.61 2.49 39.63
N ARG EA 107 120.86 2.06 39.74
CA ARG EA 107 121.96 2.57 38.94
C ARG EA 107 122.43 1.48 37.98
N LEU EA 108 122.42 1.80 36.69
CA LEU EA 108 122.94 0.91 35.67
C LEU EA 108 124.46 0.98 35.61
N PRO EA 109 125.13 -0.07 35.12
CA PRO EA 109 126.60 -0.06 35.11
C PRO EA 109 127.18 0.69 33.93
N LEU EA 110 126.65 1.87 33.64
CA LEU EA 110 127.11 2.66 32.51
C LEU EA 110 127.70 4.01 32.91
N ALA EA 111 127.84 4.29 34.20
CA ALA EA 111 128.48 5.51 34.64
C ALA EA 111 129.92 5.57 34.14
N THR EA 112 130.36 6.77 33.78
CA THR EA 112 131.75 6.97 33.37
C THR EA 112 132.67 7.29 34.54
N VAL EA 113 132.12 7.36 35.77
CA VAL EA 113 132.88 7.64 36.98
C VAL EA 113 133.56 9.00 36.91
N SER FA 1 129.42 -5.92 34.79
CA SER FA 1 130.15 -4.89 34.08
C SER FA 1 131.30 -5.46 33.25
N LYS FA 2 132.27 -6.07 33.92
CA LYS FA 2 133.50 -6.52 33.26
C LYS FA 2 133.70 -7.99 33.60
N VAL FA 3 134.93 -8.47 33.41
CA VAL FA 3 135.27 -9.90 33.46
C VAL FA 3 134.66 -10.61 34.65
N PHE FA 4 133.85 -11.61 34.37
CA PHE FA 4 133.23 -12.46 35.38
C PHE FA 4 133.46 -13.91 34.98
N ASN FA 5 133.90 -14.73 35.94
CA ASN FA 5 134.20 -16.14 35.68
C ASN FA 5 135.23 -16.27 34.55
N THR FA 6 136.25 -15.41 34.60
CA THR FA 6 137.35 -15.31 33.64
C THR FA 6 136.88 -14.91 32.24
N GLN FA 7 135.60 -14.63 32.05
CA GLN FA 7 135.06 -14.26 30.75
C GLN FA 7 134.82 -12.75 30.70
N THR FA 8 135.29 -12.12 29.64
CA THR FA 8 135.16 -10.69 29.46
C THR FA 8 133.81 -10.39 28.81
N PHE FA 9 132.98 -9.62 29.52
CA PHE FA 9 131.65 -9.26 29.04
C PHE FA 9 131.68 -7.83 28.56
N ASP FA 10 131.68 -7.64 27.24
CA ASP FA 10 131.68 -6.33 26.63
C ASP FA 10 130.25 -5.93 26.26
N ILE FA 11 130.01 -4.62 26.26
CA ILE FA 11 128.63 -4.13 26.15
C ILE FA 11 128.03 -4.55 24.82
N TYR FA 12 126.87 -5.17 24.88
CA TYR FA 12 126.15 -5.62 23.71
C TYR FA 12 125.01 -4.72 23.31
N SER FA 13 124.32 -4.12 24.27
CA SER FA 13 123.17 -3.28 23.99
C SER FA 13 122.87 -2.41 25.19
N THR FA 14 122.26 -1.25 24.93
CA THR FA 14 121.85 -0.35 26.00
C THR FA 14 120.43 0.10 25.74
N GLU FA 15 119.61 0.08 26.78
CA GLU FA 15 118.23 0.53 26.73
C GLU FA 15 118.01 1.61 27.78
N LYS FA 16 116.77 2.10 27.85
CA LYS FA 16 116.39 3.02 28.91
C LYS FA 16 116.66 2.44 30.29
N ASP FA 17 116.41 1.14 30.47
CA ASP FA 17 116.51 0.52 31.77
C ASP FA 17 117.24 -0.81 31.74
N VAL FA 18 117.78 -1.21 30.59
CA VAL FA 18 118.48 -2.47 30.46
C VAL FA 18 119.85 -2.21 29.84
N VAL FA 19 120.87 -2.79 30.44
CA VAL FA 19 122.22 -2.82 29.87
C VAL FA 19 122.62 -4.27 29.70
N SER FA 20 122.92 -4.67 28.48
CA SER FA 20 123.25 -6.04 28.15
C SER FA 20 124.70 -6.11 27.68
N LEU FA 21 125.45 -7.04 28.25
CA LEU FA 21 126.84 -7.29 27.90
C LEU FA 21 126.96 -8.69 27.33
N ARG FA 22 127.91 -8.87 26.43
CA ARG FA 22 128.14 -10.15 25.79
C ARG FA 22 129.61 -10.53 25.96
N ASP FA 23 129.87 -11.84 26.03
CA ASP FA 23 131.24 -12.32 26.02
C ASP FA 23 131.94 -12.00 24.70
N PHE FA 24 131.27 -12.30 23.58
CA PHE FA 24 131.77 -12.10 22.22
C PHE FA 24 132.94 -13.04 21.90
N ALA FA 25 133.39 -13.79 22.90
CA ALA FA 25 134.40 -14.83 22.69
C ALA FA 25 133.77 -16.19 22.45
N ASN FA 26 132.99 -16.68 23.40
CA ASN FA 26 132.18 -17.86 23.19
C ASN FA 26 130.84 -17.52 22.53
N ASP FA 27 130.50 -16.24 22.46
CA ASP FA 27 129.31 -15.76 21.76
C ASP FA 27 128.03 -16.40 22.28
N LYS FA 28 128.02 -16.81 23.55
CA LYS FA 28 126.89 -17.56 24.08
C LYS FA 28 126.31 -17.00 25.36
N ASP FA 29 127.01 -16.13 26.07
CA ASP FA 29 126.58 -15.65 27.38
C ASP FA 29 126.25 -14.17 27.31
N THR FA 30 125.07 -13.81 27.81
CA THR FA 30 124.63 -12.43 27.86
C THR FA 30 124.21 -12.08 29.27
N LEU FA 31 124.75 -10.98 29.79
CA LEU FA 31 124.48 -10.51 31.15
C LEU FA 31 123.69 -9.22 31.07
N ALA FA 32 122.50 -9.20 31.66
CA ALA FA 32 121.60 -8.05 31.61
C ALA FA 32 121.41 -7.46 32.99
N TYR FA 33 121.50 -6.14 33.07
CA TYR FA 33 121.19 -5.34 34.27
C TYR FA 33 119.95 -4.53 33.94
N LYS FA 34 118.89 -4.72 34.71
CA LYS FA 34 117.57 -4.19 34.38
C LYS FA 34 116.98 -3.46 35.58
N ARG FA 35 116.28 -2.35 35.31
CA ARG FA 35 115.95 -1.36 36.32
C ARG FA 35 114.47 -0.95 36.23
N LEU FA 36 113.81 -0.85 37.38
CA LEU FA 36 112.48 -0.25 37.46
C LEU FA 36 112.41 0.62 38.71
N ALA FA 37 112.51 1.92 38.54
CA ALA FA 37 112.39 2.82 39.67
C ALA FA 37 111.00 2.69 40.29
N PRO FA 38 110.89 2.90 41.61
CA PRO FA 38 109.59 2.76 42.26
C PRO FA 38 108.59 3.80 41.79
N LYS FA 39 107.33 3.41 41.76
CA LYS FA 39 106.23 4.30 41.40
C LYS FA 39 105.36 4.52 42.62
N ARG FA 40 105.07 5.79 42.93
CA ARG FA 40 104.29 6.17 44.10
C ARG FA 40 102.81 6.18 43.75
N THR FA 41 102.29 4.98 43.49
CA THR FA 41 100.90 4.85 43.08
C THR FA 41 99.93 5.05 44.24
N LYS FA 42 100.42 5.03 45.47
CA LYS FA 42 99.60 5.26 46.65
C LYS FA 42 100.47 5.93 47.69
N ASP FA 43 100.02 5.89 48.95
CA ASP FA 43 100.79 6.42 50.06
C ASP FA 43 102.15 5.75 50.14
N SER FA 44 102.22 4.48 49.72
CA SER FA 44 103.50 3.80 49.64
C SER FA 44 104.38 4.48 48.61
N PRO FA 45 105.70 4.57 48.83
CA PRO FA 45 106.59 5.12 47.81
C PRO FA 45 106.85 4.18 46.66
N GLY FA 46 106.23 3.00 46.65
CA GLY FA 46 106.43 2.03 45.60
C GLY FA 46 107.60 1.12 45.87
N MET FA 47 107.76 0.14 44.98
CA MET FA 47 108.83 -0.84 45.07
C MET FA 47 109.86 -0.57 43.98
N ALA FA 48 111.12 -0.52 44.38
CA ALA FA 48 112.23 -0.40 43.43
C ALA FA 48 112.62 -1.81 42.97
N LYS FA 49 112.46 -2.07 41.69
CA LYS FA 49 112.79 -3.37 41.10
C LYS FA 49 114.17 -3.32 40.46
N SER FA 50 114.97 -4.33 40.70
CA SER FA 50 116.17 -4.54 39.91
C SER FA 50 116.19 -5.98 39.40
N GLU FA 51 116.99 -6.21 38.38
CA GLU FA 51 117.13 -7.55 37.83
C GLU FA 51 118.55 -7.72 37.32
N LEU FA 52 119.18 -8.84 37.65
CA LEU FA 52 120.49 -9.18 37.12
C LEU FA 52 120.40 -10.61 36.59
N LYS FA 53 120.41 -10.75 35.28
CA LYS FA 53 120.18 -12.06 34.69
C LYS FA 53 121.32 -12.46 33.76
N ILE FA 54 121.63 -13.74 33.76
CA ILE FA 54 122.62 -14.31 32.85
C ILE FA 54 121.91 -15.35 31.99
N THR FA 55 122.13 -15.25 30.69
CA THR FA 55 121.51 -16.14 29.72
C THR FA 55 122.58 -16.83 28.90
N ARG FA 56 122.45 -18.14 28.75
CA ARG FA 56 123.32 -18.91 27.88
C ARG FA 56 122.47 -19.50 26.76
N VAL FA 57 122.84 -19.20 25.52
CA VAL FA 57 122.29 -19.86 24.36
C VAL FA 57 123.46 -20.31 23.49
N ASP FA 58 123.37 -21.52 22.98
CA ASP FA 58 124.48 -21.99 22.16
C ASP FA 58 124.38 -21.33 20.78
N PRO FA 59 125.43 -20.65 20.31
CA PRO FA 59 125.27 -19.78 19.15
C PRO FA 59 125.43 -20.46 17.79
N THR FA 60 124.86 -21.65 17.62
CA THR FA 60 124.77 -22.20 16.28
C THR FA 60 123.33 -22.57 15.96
N THR FA 61 122.67 -23.29 16.87
CA THR FA 61 121.26 -23.58 16.72
C THR FA 61 120.38 -22.68 17.58
N GLY FA 62 120.97 -21.90 18.47
CA GLY FA 62 120.21 -20.93 19.23
C GLY FA 62 119.17 -21.49 20.16
N VAL FA 63 119.44 -22.60 20.82
CA VAL FA 63 118.53 -23.13 21.83
C VAL FA 63 118.99 -22.65 23.20
N LEU FA 64 118.06 -22.16 24.00
CA LEU FA 64 118.34 -21.67 25.33
C LEU FA 64 118.84 -22.81 26.21
N ILE FA 65 120.05 -22.68 26.74
CA ILE FA 65 120.57 -23.70 27.65
C ILE FA 65 120.13 -23.42 29.08
N GLY FA 66 120.15 -22.17 29.51
CA GLY FA 66 119.69 -21.85 30.85
C GLY FA 66 119.74 -20.37 31.14
N ILE FA 67 118.96 -19.97 32.14
CA ILE FA 67 118.91 -18.61 32.66
C ILE FA 67 119.02 -18.68 34.17
N VAL FA 68 119.87 -17.84 34.75
CA VAL FA 68 119.90 -17.60 36.18
C VAL FA 68 119.62 -16.13 36.42
N ASN FA 69 118.65 -15.84 37.27
CA ASN FA 69 118.10 -14.52 37.43
C ASN FA 69 118.17 -14.08 38.88
N VAL FA 70 118.64 -12.86 39.12
CA VAL FA 70 118.65 -12.27 40.45
C VAL FA 70 117.75 -11.03 40.40
N SER FA 71 116.59 -11.11 41.02
CA SER FA 71 115.62 -10.03 41.03
C SER FA 71 115.46 -9.48 42.44
N SER FA 72 115.30 -8.17 42.54
CA SER FA 72 115.06 -7.52 43.82
C SER FA 72 113.80 -6.68 43.72
N SER FA 73 112.99 -6.72 44.77
CA SER FA 73 111.78 -5.91 44.89
C SER FA 73 111.79 -5.34 46.31
N ILE FA 74 112.34 -4.14 46.47
CA ILE FA 74 112.53 -3.53 47.76
C ILE FA 74 111.74 -2.23 47.82
N ARG FA 75 111.13 -1.95 48.97
CA ARG FA 75 110.41 -0.70 49.15
C ARG FA 75 111.34 0.47 48.91
N ALA FA 76 110.80 1.53 48.29
CA ALA FA 76 111.62 2.71 48.02
C ALA FA 76 112.15 3.33 49.29
N ASP FA 77 111.34 3.38 50.34
CA ASP FA 77 111.77 3.94 51.61
C ASP FA 77 112.60 2.99 52.44
N ALA FA 78 112.74 1.73 52.02
CA ALA FA 78 113.41 0.73 52.85
C ALA FA 78 114.85 1.14 53.12
N THR FA 79 115.25 1.03 54.37
CA THR FA 79 116.55 1.49 54.81
C THR FA 79 117.65 0.66 54.18
N ALA FA 80 118.84 1.26 54.11
CA ALA FA 80 120.01 0.55 53.61
C ALA FA 80 120.34 -0.66 54.48
N ALA FA 81 119.89 -0.64 55.74
CA ALA FA 81 120.09 -1.80 56.61
C ALA FA 81 119.34 -3.01 56.08
N ASP FA 82 118.05 -2.85 55.78
CA ASP FA 82 117.27 -3.97 55.24
C ASP FA 82 117.83 -4.41 53.90
N LYS FA 83 118.24 -3.45 53.08
CA LYS FA 83 118.76 -3.74 51.74
C LYS FA 83 120.06 -4.53 51.82
N THR FA 84 120.98 -4.11 52.67
CA THR FA 84 122.23 -4.84 52.85
C THR FA 84 121.98 -6.20 53.49
N ALA FA 85 121.04 -6.29 54.42
CA ALA FA 85 120.74 -7.58 55.03
C ALA FA 85 120.17 -8.55 54.01
N LEU FA 86 119.30 -8.06 53.13
CA LEU FA 86 118.75 -8.88 52.05
C LEU FA 86 119.86 -9.39 51.14
N MET FA 87 120.76 -8.50 50.72
CA MET FA 87 121.88 -8.95 49.90
C MET FA 87 122.73 -9.97 50.62
N ALA FA 88 123.05 -9.72 51.89
CA ALA FA 88 123.93 -10.60 52.63
C ALA FA 88 123.32 -11.98 52.79
N ILE FA 89 122.03 -12.05 53.14
CA ILE FA 89 121.37 -13.33 53.31
C ILE FA 89 121.34 -14.09 51.99
N ILE FA 90 120.96 -13.41 50.90
CA ILE FA 90 120.82 -14.13 49.65
C ILE FA 90 122.17 -14.60 49.13
N THR FA 91 123.22 -13.80 49.28
CA THR FA 91 124.54 -14.20 48.84
C THR FA 91 125.08 -15.34 49.69
N ALA FA 92 124.84 -15.29 51.00
CA ALA FA 92 125.26 -16.39 51.87
C ALA FA 92 124.54 -17.67 51.50
N ALA FA 93 123.23 -17.58 51.22
CA ALA FA 93 122.47 -18.75 50.79
C ALA FA 93 123.00 -19.31 49.48
N GLN FA 94 123.31 -18.44 48.52
CA GLN FA 94 123.84 -18.90 47.24
C GLN FA 94 125.19 -19.58 47.40
N ALA FA 95 126.08 -19.01 48.21
CA ALA FA 95 127.38 -19.63 48.45
C ALA FA 95 127.25 -20.99 49.11
N ASP FA 96 126.22 -21.19 49.91
CA ASP FA 96 125.98 -22.46 50.57
C ASP FA 96 125.58 -23.52 49.54
N GLY FA 97 125.89 -24.79 49.86
CA GLY FA 97 125.69 -25.86 48.91
C GLY FA 97 124.25 -26.23 48.64
N ALA FA 98 123.32 -25.78 49.49
CA ALA FA 98 121.92 -26.07 49.25
C ALA FA 98 121.44 -25.48 47.93
N TRP FA 99 121.84 -24.25 47.63
CA TRP FA 99 121.50 -23.65 46.34
C TRP FA 99 122.18 -24.39 45.19
N THR FA 100 123.45 -24.76 45.40
CA THR FA 100 124.19 -25.48 44.37
C THR FA 100 123.53 -26.81 44.03
N GLU FA 101 122.89 -27.44 45.00
CA GLU FA 101 122.18 -28.70 44.79
C GLU FA 101 120.77 -28.48 44.23
N LEU FA 102 120.08 -27.44 44.71
CA LEU FA 102 118.77 -27.09 44.16
C LEU FA 102 118.86 -26.85 42.66
N VAL FA 103 119.87 -26.10 42.23
CA VAL FA 103 120.27 -26.14 40.83
C VAL FA 103 121.07 -27.42 40.60
N THR FA 104 120.99 -27.97 39.39
CA THR FA 104 121.74 -29.17 39.00
C THR FA 104 121.21 -30.45 39.64
N ASP FA 105 120.31 -30.35 40.62
CA ASP FA 105 119.72 -31.57 41.17
C ASP FA 105 118.24 -31.48 41.43
N GLN FA 106 117.66 -30.29 41.50
CA GLN FA 106 116.31 -30.08 41.99
C GLN FA 106 116.13 -30.71 43.37
N ARG FA 107 117.16 -30.54 44.21
CA ARG FA 107 117.21 -31.13 45.54
C ARG FA 107 116.86 -30.07 46.57
N LEU FA 108 115.76 -30.28 47.28
CA LEU FA 108 115.35 -29.37 48.34
C LEU FA 108 116.19 -29.60 49.59
N PRO FA 109 116.42 -28.56 50.38
CA PRO FA 109 117.19 -28.73 51.62
C PRO FA 109 116.37 -29.44 52.69
N LEU FA 110 116.15 -30.74 52.50
CA LEU FA 110 115.47 -31.56 53.50
C LEU FA 110 116.10 -32.93 53.67
N ALA FA 111 117.24 -33.20 53.03
CA ALA FA 111 117.86 -34.51 53.14
C ALA FA 111 118.46 -34.71 54.53
N THR FA 112 118.33 -35.93 55.05
CA THR FA 112 118.86 -36.26 56.36
C THR FA 112 120.33 -36.66 56.33
N VAL FA 113 120.93 -36.75 55.14
CA VAL FA 113 122.34 -37.12 54.96
C VAL FA 113 122.62 -38.51 55.53
N SER GA 1 121.71 43.42 31.53
CA SER GA 1 121.70 44.82 31.93
C SER GA 1 122.53 45.68 30.99
N LYS GA 2 123.78 45.32 30.80
CA LYS GA 2 124.72 46.12 30.02
C LYS GA 2 125.55 45.19 29.14
N VAL GA 3 126.66 45.69 28.62
CA VAL GA 3 127.45 45.07 27.57
C VAL GA 3 127.67 43.58 27.80
N PHE GA 4 127.21 42.77 26.85
CA PHE GA 4 127.38 41.33 26.86
C PHE GA 4 127.95 40.93 25.52
N ASN GA 5 128.98 40.09 25.52
CA ASN GA 5 129.59 39.61 24.28
C ASN GA 5 130.07 40.78 23.43
N THR GA 6 130.61 41.80 24.10
CA THR GA 6 131.11 43.04 23.51
C THR GA 6 130.02 43.83 22.80
N GLN GA 7 128.76 43.45 22.92
CA GLN GA 7 127.65 44.20 22.35
C GLN GA 7 126.95 44.96 23.45
N THR GA 8 126.59 46.21 23.17
CA THR GA 8 125.92 47.06 24.14
C THR GA 8 124.42 46.83 24.05
N PHE GA 9 123.82 46.42 25.16
CA PHE GA 9 122.38 46.21 25.25
C PHE GA 9 121.79 47.35 26.06
N ASP GA 10 121.00 48.18 25.41
CA ASP GA 10 120.31 49.27 26.07
C ASP GA 10 118.84 48.91 26.23
N ILE GA 11 118.21 49.44 27.27
CA ILE GA 11 116.83 49.08 27.56
C ILE GA 11 115.95 49.53 26.40
N TYR GA 12 115.23 48.59 25.81
CA TYR GA 12 114.28 48.88 24.75
C TYR GA 12 112.89 49.15 25.27
N SER GA 13 112.46 48.42 26.29
CA SER GA 13 111.12 48.62 26.82
C SER GA 13 111.07 48.08 28.23
N THR GA 14 110.21 48.68 29.04
CA THR GA 14 110.03 48.24 30.40
C THR GA 14 108.56 47.95 30.63
N GLU GA 15 108.27 46.78 31.16
CA GLU GA 15 106.92 46.34 31.44
C GLU GA 15 106.78 46.05 32.93
N LYS GA 16 105.56 45.68 33.32
CA LYS GA 16 105.28 45.33 34.71
C LYS GA 16 106.21 44.21 35.18
N ASP GA 17 106.26 43.11 34.43
CA ASP GA 17 107.06 41.95 34.78
C ASP GA 17 108.07 41.60 33.70
N VAL GA 18 108.29 42.46 32.71
CA VAL GA 18 109.24 42.21 31.63
C VAL GA 18 110.10 43.43 31.43
N VAL GA 19 111.39 43.22 31.23
CA VAL GA 19 112.32 44.27 30.82
C VAL GA 19 113.04 43.76 29.58
N SER GA 20 113.04 44.54 28.51
CA SER GA 20 113.63 44.14 27.25
C SER GA 20 114.71 45.13 26.83
N LEU GA 21 115.89 44.60 26.55
CA LEU GA 21 117.05 45.35 26.09
C LEU GA 21 117.34 45.01 24.63
N ARG GA 22 117.73 46.01 23.87
CA ARG GA 22 118.05 45.83 22.47
C ARG GA 22 119.48 46.28 22.24
N ASP GA 23 120.17 45.57 21.33
CA ASP GA 23 121.53 45.96 20.99
C ASP GA 23 121.57 47.34 20.35
N PHE GA 24 120.65 47.61 19.42
CA PHE GA 24 120.50 48.91 18.76
C PHE GA 24 121.66 49.22 17.82
N ALA GA 25 122.67 48.36 17.81
CA ALA GA 25 123.77 48.47 16.87
C ALA GA 25 123.62 47.50 15.72
N ASN GA 26 123.48 46.21 16.00
CA ASN GA 26 123.15 45.24 14.98
C ASN GA 26 121.65 45.12 14.74
N ASP GA 27 120.83 45.66 15.65
CA ASP GA 27 119.38 45.69 15.52
C ASP GA 27 118.79 44.30 15.27
N LYS GA 28 119.40 43.28 15.84
CA LYS GA 28 118.91 41.92 15.67
C LYS GA 28 118.88 41.11 16.96
N ASP GA 29 119.49 41.58 18.04
CA ASP GA 29 119.55 40.86 19.30
C ASP GA 29 118.67 41.54 20.34
N THR GA 30 117.81 40.77 20.98
CA THR GA 30 116.95 41.27 22.05
C THR GA 30 117.08 40.38 23.27
N LEU GA 31 117.34 40.97 24.43
CA LEU GA 31 117.48 40.26 25.69
C LEU GA 31 116.29 40.61 26.58
N ALA GA 32 115.52 39.59 26.97
CA ALA GA 32 114.31 39.78 27.77
C ALA GA 32 114.46 39.13 29.13
N TYR GA 33 114.19 39.90 30.17
CA TYR GA 33 114.06 39.43 31.54
C TYR GA 33 112.57 39.39 31.85
N LYS GA 34 112.05 38.21 32.14
CA LYS GA 34 110.64 38.03 32.43
C LYS GA 34 110.47 37.45 33.82
N ARG GA 35 109.44 37.92 34.51
CA ARG GA 35 109.19 37.63 35.91
C ARG GA 35 107.81 37.00 36.04
N LEU GA 36 107.63 36.15 37.04
CA LEU GA 36 106.32 35.59 37.33
C LEU GA 36 106.29 35.15 38.78
N ALA GA 37 105.48 35.82 39.59
CA ALA GA 37 105.45 35.54 41.02
C ALA GA 37 104.81 34.18 41.28
N PRO GA 38 105.23 33.49 42.35
CA PRO GA 38 104.59 32.22 42.70
C PRO GA 38 103.18 32.44 43.20
N LYS GA 39 102.29 31.52 42.85
CA LYS GA 39 100.89 31.62 43.26
C LYS GA 39 100.58 30.52 44.27
N ARG GA 40 100.04 30.94 45.42
CA ARG GA 40 99.65 30.01 46.48
C ARG GA 40 98.25 29.49 46.14
N THR GA 41 98.17 28.75 45.04
CA THR GA 41 96.90 28.19 44.60
C THR GA 41 96.45 27.05 45.50
N LYS GA 42 97.30 26.62 46.43
CA LYS GA 42 97.02 25.53 47.33
C LYS GA 42 97.86 25.75 48.59
N ASP GA 43 98.00 24.70 49.39
CA ASP GA 43 98.88 24.76 50.55
C ASP GA 43 100.29 25.16 50.13
N SER GA 44 100.74 24.69 48.98
CA SER GA 44 102.06 25.01 48.47
C SER GA 44 102.15 26.50 48.19
N PRO GA 45 103.30 27.14 48.47
CA PRO GA 45 103.42 28.59 48.20
C PRO GA 45 103.57 28.93 46.73
N GLY GA 46 103.62 27.96 45.84
CA GLY GA 46 103.72 28.21 44.42
C GLY GA 46 105.14 28.23 43.91
N MET GA 47 105.26 28.31 42.59
CA MET GA 47 106.55 28.26 41.90
C MET GA 47 106.85 29.61 41.30
N ALA GA 48 108.01 30.16 41.63
CA ALA GA 48 108.43 31.47 41.13
C ALA GA 48 109.14 31.29 39.79
N LYS GA 49 108.54 31.81 38.73
CA LYS GA 49 109.09 31.67 37.39
C LYS GA 49 109.99 32.86 37.04
N SER GA 50 111.17 32.55 36.55
CA SER GA 50 112.06 33.54 35.97
C SER GA 50 112.33 33.17 34.53
N GLU GA 51 112.73 34.15 33.73
CA GLU GA 51 113.07 33.84 32.35
C GLU GA 51 114.10 34.84 31.85
N LEU GA 52 115.15 34.35 31.22
CA LEU GA 52 116.18 35.18 30.61
C LEU GA 52 116.40 34.66 29.20
N LYS GA 53 115.94 35.40 28.20
CA LYS GA 53 116.01 34.90 26.84
C LYS GA 53 116.74 35.89 25.95
N ILE GA 54 117.49 35.35 24.99
CA ILE GA 54 118.11 36.15 23.92
C ILE GA 54 117.51 35.67 22.61
N THR GA 55 117.02 36.62 21.81
CA THR GA 55 116.39 36.33 20.54
C THR GA 55 117.10 37.09 19.44
N ARG GA 56 117.45 36.38 18.38
CA ARG GA 56 118.09 36.98 17.22
C ARG GA 56 117.13 36.90 16.04
N VAL GA 57 116.81 38.04 15.46
CA VAL GA 57 115.94 38.13 14.29
C VAL GA 57 116.68 38.89 13.20
N ASP GA 58 116.68 38.33 12.01
CA ASP GA 58 117.45 38.96 10.93
C ASP GA 58 116.84 40.29 10.54
N PRO GA 59 117.56 41.41 10.69
CA PRO GA 59 116.93 42.72 10.54
C PRO GA 59 116.90 43.27 9.12
N THR GA 60 116.56 42.43 8.13
CA THR GA 60 116.24 42.97 6.81
C THR GA 60 114.93 42.41 6.31
N THR GA 61 114.64 41.15 6.63
CA THR GA 61 113.36 40.53 6.33
C THR GA 61 112.62 40.03 7.57
N GLY GA 62 113.30 39.90 8.69
CA GLY GA 62 112.65 39.51 9.93
C GLY GA 62 112.51 38.02 10.15
N VAL GA 63 113.53 37.24 9.81
CA VAL GA 63 113.50 35.80 10.04
C VAL GA 63 114.24 35.47 11.32
N LEU GA 64 113.57 34.74 12.21
CA LEU GA 64 114.14 34.38 13.50
C LEU GA 64 115.29 33.42 13.31
N ILE GA 65 116.50 33.87 13.59
CA ILE GA 65 117.67 33.01 13.49
C ILE GA 65 117.69 31.99 14.61
N GLY GA 66 117.48 32.42 15.85
CA GLY GA 66 117.55 31.49 16.96
C GLY GA 66 117.14 32.15 18.26
N ILE GA 67 116.86 31.30 19.24
CA ILE GA 67 116.52 31.73 20.59
C ILE GA 67 117.26 30.82 21.57
N VAL GA 68 117.93 31.42 22.54
CA VAL GA 68 118.41 30.71 23.71
C VAL GA 68 117.69 31.29 24.91
N ASN GA 69 116.97 30.45 25.64
CA ASN GA 69 116.16 30.89 26.76
C ASN GA 69 116.58 30.14 28.02
N VAL GA 70 116.71 30.87 29.12
CA VAL GA 70 116.97 30.28 30.43
C VAL GA 70 115.78 30.55 31.31
N SER GA 71 115.07 29.50 31.69
CA SER GA 71 113.89 29.61 32.51
C SER GA 71 114.10 28.90 33.84
N SER GA 72 113.52 29.45 34.90
CA SER GA 72 113.59 28.87 36.22
C SER GA 72 112.18 28.67 36.76
N SER GA 73 111.98 27.56 37.46
CA SER GA 73 110.71 27.29 38.15
C SER GA 73 111.11 26.72 39.50
N ILE GA 74 111.24 27.60 40.49
CA ILE GA 74 111.73 27.24 41.82
C ILE GA 74 110.60 27.45 42.81
N ARG GA 75 110.47 26.51 43.75
CA ARG GA 75 109.49 26.63 44.82
C ARG GA 75 109.67 27.96 45.54
N ALA GA 76 108.53 28.60 45.87
CA ALA GA 76 108.58 29.85 46.61
C ALA GA 76 109.24 29.68 47.96
N ASP GA 77 109.17 28.48 48.53
CA ASP GA 77 109.76 28.19 49.83
C ASP GA 77 111.19 27.67 49.74
N ALA GA 78 111.71 27.45 48.53
CA ALA GA 78 113.02 26.84 48.38
C ALA GA 78 114.10 27.73 48.98
N THR GA 79 115.08 27.09 49.61
CA THR GA 79 116.13 27.82 50.29
C THR GA 79 117.06 28.50 49.29
N ALA GA 80 117.74 29.54 49.76
CA ALA GA 80 118.75 30.20 48.93
C ALA GA 80 119.87 29.25 48.57
N ALA GA 81 120.14 28.25 49.43
CA ALA GA 81 121.12 27.23 49.09
C ALA GA 81 120.68 26.42 47.88
N ASP GA 82 119.41 26.04 47.84
CA ASP GA 82 118.89 25.31 46.68
C ASP GA 82 119.01 26.14 45.41
N LYS GA 83 118.66 27.43 45.49
CA LYS GA 83 118.70 28.27 44.30
C LYS GA 83 120.12 28.50 43.83
N THR GA 84 121.04 28.73 44.76
CA THR GA 84 122.44 28.86 44.40
C THR GA 84 122.98 27.59 43.79
N ALA GA 85 122.62 26.44 44.35
CA ALA GA 85 123.07 25.16 43.79
C ALA GA 85 122.53 24.95 42.39
N LEU GA 86 121.26 25.27 42.17
CA LEU GA 86 120.67 25.11 40.84
C LEU GA 86 121.38 25.99 39.83
N MET GA 87 121.57 27.26 40.17
CA MET GA 87 122.25 28.17 39.25
C MET GA 87 123.68 27.74 38.99
N ALA GA 88 124.39 27.28 40.03
CA ALA GA 88 125.78 26.87 39.87
C ALA GA 88 125.89 25.62 39.00
N ILE GA 89 125.03 24.63 39.22
CA ILE GA 89 125.07 23.42 38.42
C ILE GA 89 124.78 23.74 36.97
N ILE GA 90 123.74 24.54 36.71
CA ILE GA 90 123.39 24.82 35.32
C ILE GA 90 124.47 25.65 34.64
N THR GA 91 125.09 26.59 35.37
CA THR GA 91 126.15 27.40 34.78
C THR GA 91 127.38 26.55 34.49
N ALA GA 92 127.72 25.62 35.39
CA ALA GA 92 128.84 24.72 35.13
C ALA GA 92 128.57 23.81 33.95
N ALA GA 93 127.34 23.32 33.82
CA ALA GA 93 126.99 22.48 32.67
C ALA GA 93 127.08 23.27 31.38
N GLN GA 94 126.61 24.52 31.38
CA GLN GA 94 126.74 25.35 30.17
C GLN GA 94 128.19 25.60 29.84
N ALA GA 95 129.03 25.84 30.84
CA ALA GA 95 130.45 26.01 30.60
C ALA GA 95 131.10 24.73 30.11
N ASP GA 96 130.51 23.58 30.38
CA ASP GA 96 131.01 22.32 29.85
C ASP GA 96 130.80 22.27 28.34
N GLY GA 97 131.62 21.48 27.67
CA GLY GA 97 131.56 21.38 26.22
C GLY GA 97 130.39 20.56 25.71
N ALA GA 98 129.78 19.74 26.58
CA ALA GA 98 128.63 18.96 26.16
C ALA GA 98 127.49 19.85 25.71
N TRP GA 99 127.31 20.99 26.39
CA TRP GA 99 126.31 21.95 25.95
C TRP GA 99 126.71 22.59 24.62
N THR GA 100 127.98 22.93 24.46
CA THR GA 100 128.44 23.53 23.21
C THR GA 100 128.33 22.56 22.05
N GLU GA 101 128.22 21.27 22.33
CA GLU GA 101 127.96 20.29 21.28
C GLU GA 101 126.47 20.06 21.06
N LEU GA 102 125.69 19.98 22.13
CA LEU GA 102 124.24 19.85 22.02
C LEU GA 102 123.66 20.99 21.19
N VAL GA 103 124.06 22.21 21.50
CA VAL GA 103 123.87 23.32 20.58
C VAL GA 103 124.94 23.22 19.51
N THR GA 104 124.58 23.58 18.28
CA THR GA 104 125.46 23.60 17.12
C THR GA 104 125.81 22.22 16.58
N ASP GA 105 125.47 21.14 17.28
CA ASP GA 105 125.66 19.82 16.68
C ASP GA 105 124.56 18.83 16.96
N GLN GA 106 123.72 19.06 17.97
CA GLN GA 106 122.75 18.07 18.44
C GLN GA 106 123.45 16.78 18.84
N ARG GA 107 124.61 16.93 19.48
CA ARG GA 107 125.41 15.80 19.92
C ARG GA 107 125.16 15.58 21.41
N LEU GA 108 124.64 14.46 21.74
CA LEU GA 108 124.37 14.08 23.11
C LEU GA 108 125.64 13.57 23.77
N PRO GA 109 125.74 13.70 25.10
CA PRO GA 109 126.92 13.18 25.80
C PRO GA 109 126.89 11.67 25.92
N LEU GA 110 126.89 10.97 24.80
CA LEU GA 110 126.95 9.51 24.79
C LEU GA 110 127.95 8.94 23.80
N ALA GA 111 128.58 9.77 22.97
CA ALA GA 111 129.59 9.29 22.04
C ALA GA 111 130.80 8.76 22.81
N THR GA 112 131.43 7.72 22.27
CA THR GA 112 132.58 7.10 22.91
C THR GA 112 133.89 7.79 22.58
N VAL GA 113 133.88 8.79 21.70
CA VAL GA 113 135.08 9.53 21.29
C VAL GA 113 136.12 8.60 20.65
N SER HA 1 -42.77 125.82 -7.78
CA SER HA 1 -41.94 126.87 -7.22
C SER HA 1 -42.71 127.67 -6.17
N LYS HA 2 -43.85 128.22 -6.56
CA LYS HA 2 -44.68 129.02 -5.67
C LYS HA 2 -46.13 128.72 -6.00
N VAL HA 3 -47.04 129.59 -5.55
CA VAL HA 3 -48.48 129.33 -5.60
C VAL HA 3 -48.94 128.91 -7.00
N PHE HA 4 -49.50 127.71 -7.08
CA PHE HA 4 -50.07 127.16 -8.30
C PHE HA 4 -51.43 126.59 -7.97
N ASN HA 5 -52.42 126.91 -8.80
CA ASN HA 5 -53.80 126.46 -8.59
C ASN HA 5 -54.25 126.84 -7.17
N THR HA 6 -53.92 128.07 -6.77
CA THR HA 6 -54.24 128.65 -5.47
C THR HA 6 -53.65 127.86 -4.31
N GLN HA 7 -52.57 127.12 -4.51
CA GLN HA 7 -51.92 126.38 -3.44
C GLN HA 7 -50.45 126.76 -3.37
N THR HA 8 -49.95 127.01 -2.17
CA THR HA 8 -48.58 127.45 -1.96
C THR HA 8 -47.67 126.23 -1.84
N PHE HA 9 -46.76 126.07 -2.79
CA PHE HA 9 -45.81 124.97 -2.78
C PHE HA 9 -44.47 125.49 -2.29
N ASP HA 10 -44.02 124.94 -1.16
CA ASP HA 10 -42.77 125.35 -0.53
C ASP HA 10 -41.75 124.23 -0.62
N ILE HA 11 -40.48 124.61 -0.58
CA ILE HA 11 -39.40 123.65 -0.72
C ILE HA 11 -39.48 122.64 0.41
N TYR HA 12 -39.53 121.36 0.06
CA TYR HA 12 -39.38 120.31 1.05
C TYR HA 12 -38.03 119.62 0.98
N SER HA 13 -37.48 119.45 -0.22
CA SER HA 13 -36.26 118.69 -0.34
C SER HA 13 -35.47 119.17 -1.54
N THR HA 14 -34.14 119.12 -1.43
CA THR HA 14 -33.25 119.47 -2.52
C THR HA 14 -32.19 118.39 -2.65
N GLU HA 15 -32.10 117.80 -3.84
CA GLU HA 15 -31.09 116.81 -4.15
C GLU HA 15 -30.10 117.40 -5.13
N LYS HA 16 -29.19 116.54 -5.62
CA LYS HA 16 -28.28 116.95 -6.66
C LYS HA 16 -29.04 117.39 -7.91
N ASP HA 17 -30.08 116.64 -8.27
CA ASP HA 17 -30.80 116.91 -9.50
C ASP HA 17 -32.31 116.88 -9.34
N VAL HA 18 -32.83 116.80 -8.12
CA VAL HA 18 -34.26 116.87 -7.87
C VAL HA 18 -34.54 117.95 -6.85
N VAL HA 19 -35.56 118.75 -7.11
CA VAL HA 19 -36.14 119.65 -6.13
C VAL HA 19 -37.58 119.21 -5.89
N SER HA 20 -37.95 119.02 -4.63
CA SER HA 20 -39.29 118.60 -4.26
C SER HA 20 -39.94 119.67 -3.40
N LEU HA 21 -41.15 120.05 -3.76
CA LEU HA 21 -41.95 121.05 -3.06
C LEU HA 21 -43.27 120.43 -2.65
N ARG HA 22 -43.77 120.85 -1.49
CA ARG HA 22 -45.04 120.37 -0.96
C ARG HA 22 -45.95 121.55 -0.65
N ASP HA 23 -47.25 121.25 -0.59
CA ASP HA 23 -48.21 122.29 -0.22
C ASP HA 23 -48.08 122.67 1.24
N PHE HA 24 -47.96 121.68 2.13
CA PHE HA 24 -47.85 121.87 3.57
C PHE HA 24 -49.15 122.43 4.15
N ALA HA 25 -50.13 122.71 3.29
CA ALA HA 25 -51.46 123.13 3.70
C ALA HA 25 -52.47 122.00 3.63
N ASN HA 26 -52.64 121.40 2.45
CA ASN HA 26 -53.47 120.20 2.34
C ASN HA 26 -52.66 118.93 2.53
N ASP HA 27 -51.33 119.03 2.54
CA ASP HA 27 -50.44 117.89 2.82
C ASP HA 27 -50.72 116.71 1.91
N LYS HA 28 -51.11 116.98 0.67
CA LYS HA 28 -51.42 115.91 -0.25
C LYS HA 28 -50.75 116.03 -1.62
N ASP HA 29 -50.20 117.19 -1.96
CA ASP HA 29 -49.59 117.40 -3.26
C ASP HA 29 -48.08 117.60 -3.12
N THR HA 30 -47.33 116.96 -4.01
CA THR HA 30 -45.89 117.15 -4.11
C THR HA 30 -45.53 117.42 -5.57
N LEU HA 31 -44.83 118.51 -5.81
CA LEU HA 31 -44.36 118.90 -7.13
C LEU HA 31 -42.85 118.72 -7.18
N ALA HA 32 -42.38 117.94 -8.15
CA ALA HA 32 -40.97 117.60 -8.29
C ALA HA 32 -40.45 118.12 -9.62
N TYR HA 33 -39.32 118.81 -9.56
CA TYR HA 33 -38.53 119.24 -10.72
C TYR HA 33 -37.29 118.37 -10.76
N LYS HA 34 -37.01 117.76 -11.91
CA LYS HA 34 -35.98 116.75 -12.01
C LYS HA 34 -35.16 116.99 -13.27
N ARG HA 35 -33.85 116.76 -13.15
CA ARG HA 35 -32.86 117.27 -14.08
C ARG HA 35 -31.83 116.19 -14.42
N LEU HA 36 -31.69 115.86 -15.71
CA LEU HA 36 -30.63 114.98 -16.17
C LEU HA 36 -29.90 115.63 -17.33
N ALA HA 37 -28.63 116.00 -17.11
CA ALA HA 37 -27.84 116.65 -18.15
C ALA HA 37 -27.57 115.68 -19.31
N PRO HA 38 -27.44 116.21 -20.53
CA PRO HA 38 -27.15 115.35 -21.67
C PRO HA 38 -25.77 114.72 -21.55
N LYS HA 39 -25.65 113.47 -21.99
CA LYS HA 39 -24.40 112.74 -21.91
C LYS HA 39 -23.93 112.38 -23.32
N ARG HA 40 -22.70 112.78 -23.64
CA ARG HA 40 -22.14 112.59 -24.98
C ARG HA 40 -21.65 111.16 -25.09
N THR HA 41 -22.58 110.26 -25.39
CA THR HA 41 -22.26 108.84 -25.53
C THR HA 41 -21.75 108.49 -26.92
N LYS HA 42 -21.86 109.41 -27.87
CA LYS HA 42 -21.51 109.14 -29.25
C LYS HA 42 -21.23 110.47 -29.93
N ASP HA 43 -21.23 110.47 -31.25
CA ASP HA 43 -21.15 111.72 -32.01
C ASP HA 43 -22.30 112.65 -31.63
N SER HA 44 -23.41 112.07 -31.16
CA SER HA 44 -24.49 112.88 -30.60
C SER HA 44 -24.07 113.44 -29.25
N PRO HA 45 -24.44 114.67 -28.91
CA PRO HA 45 -24.10 115.22 -27.59
C PRO HA 45 -25.01 114.74 -26.47
N GLY HA 46 -25.97 113.85 -26.75
CA GLY HA 46 -26.89 113.37 -25.75
C GLY HA 46 -28.17 114.17 -25.68
N MET HA 47 -29.10 113.67 -24.87
CA MET HA 47 -30.40 114.29 -24.68
C MET HA 47 -30.52 114.81 -23.26
N ALA HA 48 -31.01 116.04 -23.10
CA ALA HA 48 -31.21 116.64 -21.79
C ALA HA 48 -32.61 116.29 -21.30
N LYS HA 49 -32.68 115.53 -20.21
CA LYS HA 49 -33.95 115.11 -19.64
C LYS HA 49 -34.42 116.12 -18.61
N SER HA 50 -35.69 116.47 -18.69
CA SER HA 50 -36.36 117.21 -17.63
C SER HA 50 -37.60 116.44 -17.22
N GLU HA 51 -38.02 116.65 -15.98
CA GLU HA 51 -39.26 116.04 -15.51
C GLU HA 51 -39.93 116.99 -14.54
N LEU HA 52 -41.23 117.19 -14.71
CA LEU HA 52 -42.02 118.04 -13.84
C LEU HA 52 -43.27 117.28 -13.46
N LYS HA 53 -43.31 116.75 -12.25
CA LYS HA 53 -44.40 115.85 -11.88
C LYS HA 53 -45.14 116.36 -10.66
N ILE HA 54 -46.45 116.24 -10.69
CA ILE HA 54 -47.30 116.54 -9.55
C ILE HA 54 -47.96 115.24 -9.09
N THR HA 55 -47.74 114.89 -7.83
CA THR HA 55 -48.31 113.68 -7.24
C THR HA 55 -49.26 114.07 -6.13
N ARG HA 56 -50.45 113.48 -6.15
CA ARG HA 56 -51.45 113.69 -5.11
C ARG HA 56 -51.63 112.41 -4.33
N VAL HA 57 -51.45 112.50 -3.01
CA VAL HA 57 -51.66 111.38 -2.11
C VAL HA 57 -52.50 111.87 -0.94
N ASP HA 58 -53.66 111.25 -0.74
CA ASP HA 58 -54.51 111.70 0.36
C ASP HA 58 -53.91 111.35 1.70
N PRO HA 59 -53.85 112.27 2.64
CA PRO HA 59 -53.07 112.05 3.87
C PRO HA 59 -53.84 111.41 5.02
N THR HA 60 -54.61 110.36 4.75
CA THR HA 60 -55.21 109.60 5.85
C THR HA 60 -54.71 108.17 5.79
N THR HA 61 -54.70 107.58 4.59
CA THR HA 61 -54.14 106.26 4.36
C THR HA 61 -52.93 106.29 3.43
N GLY HA 62 -52.67 107.42 2.78
CA GLY HA 62 -51.49 107.56 1.96
C GLY HA 62 -51.53 106.86 0.61
N VAL HA 63 -52.71 106.63 0.06
CA VAL HA 63 -52.84 105.98 -1.24
C VAL HA 63 -52.71 107.04 -2.33
N LEU HA 64 -52.07 106.67 -3.43
CA LEU HA 64 -51.79 107.62 -4.50
C LEU HA 64 -53.04 107.83 -5.34
N ILE HA 65 -53.59 109.05 -5.30
CA ILE HA 65 -54.76 109.36 -6.11
C ILE HA 65 -54.39 109.47 -7.58
N GLY HA 66 -53.32 110.18 -7.92
CA GLY HA 66 -52.95 110.33 -9.31
C GLY HA 66 -51.68 111.14 -9.48
N ILE HA 67 -51.05 110.94 -10.63
CA ILE HA 67 -49.81 111.62 -11.00
C ILE HA 67 -49.99 112.21 -12.39
N VAL HA 68 -49.59 113.46 -12.56
CA VAL HA 68 -49.46 114.08 -13.88
C VAL HA 68 -48.01 114.50 -14.03
N ASN HA 69 -47.36 114.03 -15.09
CA ASN HA 69 -45.93 114.24 -15.29
C ASN HA 69 -45.68 114.88 -16.64
N VAL HA 70 -44.79 115.86 -16.66
CA VAL HA 70 -44.36 116.52 -17.89
C VAL HA 70 -42.88 116.23 -18.06
N SER HA 71 -42.54 115.40 -19.03
CA SER HA 71 -41.16 115.02 -19.29
C SER HA 71 -40.71 115.53 -20.64
N SER HA 72 -39.54 116.14 -20.67
CA SER HA 72 -38.93 116.60 -21.91
C SER HA 72 -37.62 115.85 -22.11
N SER HA 73 -37.32 115.53 -23.37
CA SER HA 73 -36.08 114.86 -23.78
C SER HA 73 -35.64 115.52 -25.07
N ILE HA 74 -34.68 116.44 -24.96
CA ILE HA 74 -34.28 117.28 -26.08
C ILE HA 74 -32.78 117.17 -26.30
N ARG HA 75 -32.38 117.17 -27.57
CA ARG HA 75 -30.97 117.10 -27.93
C ARG HA 75 -30.20 118.26 -27.34
N ALA HA 76 -28.97 117.98 -26.91
CA ALA HA 76 -28.13 119.03 -26.36
C ALA HA 76 -27.83 120.11 -27.40
N ASP HA 77 -27.65 119.70 -28.65
CA ASP HA 77 -27.38 120.62 -29.75
C ASP HA 77 -28.62 121.35 -30.25
N ALA HA 78 -29.80 120.97 -29.78
CA ALA HA 78 -31.04 121.50 -30.32
C ALA HA 78 -31.12 123.00 -30.11
N THR HA 79 -31.72 123.68 -31.09
CA THR HA 79 -31.84 125.13 -31.03
C THR HA 79 -32.88 125.54 -30.00
N ALA HA 80 -32.72 126.76 -29.48
CA ALA HA 80 -33.72 127.29 -28.56
C ALA HA 80 -35.08 127.43 -29.22
N ALA HA 81 -35.10 127.66 -30.54
CA ALA HA 81 -36.35 127.70 -31.28
C ALA HA 81 -37.05 126.35 -31.26
N ASP HA 82 -36.26 125.26 -31.35
CA ASP HA 82 -36.86 123.94 -31.28
C ASP HA 82 -37.54 123.71 -29.93
N LYS HA 83 -36.89 124.10 -28.85
CA LYS HA 83 -37.47 123.94 -27.52
C LYS HA 83 -38.68 124.84 -27.34
N THR HA 84 -38.62 126.07 -27.85
CA THR HA 84 -39.76 126.96 -27.76
C THR HA 84 -40.96 126.38 -28.50
N ALA HA 85 -40.72 125.84 -29.71
CA ALA HA 85 -41.80 125.23 -30.47
C ALA HA 85 -42.38 124.03 -29.75
N LEU HA 86 -41.52 123.18 -29.18
CA LEU HA 86 -42.01 122.01 -28.47
C LEU HA 86 -42.89 122.42 -27.29
N MET HA 87 -42.41 123.36 -26.48
CA MET HA 87 -43.19 123.77 -25.31
C MET HA 87 -44.50 124.45 -25.72
N ALA HA 88 -44.46 125.28 -26.76
CA ALA HA 88 -45.67 125.94 -27.21
C ALA HA 88 -46.69 124.95 -27.74
N ILE HA 89 -46.23 123.96 -28.52
CA ILE HA 89 -47.16 122.98 -29.08
C ILE HA 89 -47.78 122.14 -27.97
N ILE HA 90 -46.96 121.69 -27.02
CA ILE HA 90 -47.51 120.84 -25.97
C ILE HA 90 -48.44 121.64 -25.06
N THR HA 91 -48.13 122.91 -24.79
CA THR HA 91 -49.02 123.72 -23.97
C THR HA 91 -50.33 124.02 -24.68
N ALA HA 92 -50.28 124.28 -25.99
CA ALA HA 92 -51.51 124.51 -26.75
C ALA HA 92 -52.36 123.25 -26.77
N ALA HA 93 -51.74 122.09 -26.92
CA ALA HA 93 -52.48 120.84 -26.89
C ALA HA 93 -53.10 120.59 -25.52
N GLN HA 94 -52.37 120.92 -24.46
CA GLN HA 94 -52.91 120.77 -23.11
C GLN HA 94 -54.08 121.71 -22.87
N ALA HA 95 -54.00 122.94 -23.38
CA ALA HA 95 -55.10 123.88 -23.24
C ALA HA 95 -56.35 123.42 -24.00
N ASP HA 96 -56.17 122.62 -25.06
CA ASP HA 96 -57.30 122.10 -25.80
C ASP HA 96 -58.10 121.12 -24.94
N GLY HA 97 -59.40 121.04 -25.21
CA GLY HA 97 -60.26 120.13 -24.47
C GLY HA 97 -60.06 118.67 -24.81
N ALA HA 98 -59.37 118.38 -25.91
CA ALA HA 98 -59.06 117.00 -26.24
C ALA HA 98 -58.22 116.36 -25.15
N TRP HA 99 -57.22 117.09 -24.65
CA TRP HA 99 -56.42 116.57 -23.53
C TRP HA 99 -57.26 116.49 -22.25
N THR HA 100 -58.15 117.46 -22.04
CA THR HA 100 -58.99 117.46 -20.85
C THR HA 100 -59.98 116.31 -20.87
N GLU HA 101 -60.23 115.73 -22.04
CA GLU HA 101 -61.05 114.54 -22.17
C GLU HA 101 -60.22 113.26 -22.06
N LEU HA 102 -59.05 113.24 -22.72
CA LEU HA 102 -58.12 112.13 -22.59
C LEU HA 102 -57.82 111.85 -21.12
N VAL HA 103 -57.54 112.89 -20.36
CA VAL HA 103 -57.55 112.78 -18.91
C VAL HA 103 -59.00 112.93 -18.46
N THR HA 104 -59.37 112.18 -17.42
CA THR HA 104 -60.71 112.12 -16.84
C THR HA 104 -61.73 111.34 -17.68
N ASP HA 105 -61.39 110.95 -18.90
CA ASP HA 105 -62.38 110.24 -19.70
C ASP HA 105 -61.82 109.11 -20.53
N GLN HA 106 -60.51 109.04 -20.76
CA GLN HA 106 -59.91 108.05 -21.65
C GLN HA 106 -60.53 108.14 -23.04
N ARG HA 107 -60.71 109.37 -23.51
CA ARG HA 107 -61.36 109.65 -24.77
C ARG HA 107 -60.33 110.16 -25.76
N LEU HA 108 -60.18 109.47 -26.89
CA LEU HA 108 -59.30 109.90 -27.95
C LEU HA 108 -59.94 111.01 -28.77
N PRO HA 109 -59.13 111.89 -29.39
CA PRO HA 109 -59.70 113.01 -30.12
C PRO HA 109 -60.21 112.62 -31.51
N LEU HA 110 -61.06 111.61 -31.56
CA LEU HA 110 -61.56 111.11 -32.83
C LEU HA 110 -63.08 111.07 -32.93
N ALA HA 111 -63.79 111.55 -31.91
CA ALA HA 111 -65.25 111.61 -32.00
C ALA HA 111 -65.68 112.56 -33.10
N THR HA 112 -66.85 112.29 -33.68
CA THR HA 112 -67.44 113.19 -34.66
C THR HA 112 -68.38 114.20 -34.03
N VAL HA 113 -68.55 114.16 -32.70
CA VAL HA 113 -69.42 115.07 -31.96
C VAL HA 113 -70.87 114.94 -32.43
N SER IA 1 -55.62 117.89 -31.37
CA SER IA 1 -56.66 117.72 -32.39
C SER IA 1 -56.36 118.54 -33.63
N LYS IA 2 -56.43 119.86 -33.50
CA LYS IA 2 -56.34 120.78 -34.62
C LYS IA 2 -55.24 121.80 -34.32
N VAL IA 3 -55.25 122.92 -35.04
CA VAL IA 3 -54.18 123.90 -35.06
C VAL IA 3 -53.66 124.23 -33.66
N PHE IA 4 -52.38 124.00 -33.45
CA PHE IA 4 -51.69 124.32 -32.20
C PHE IA 4 -50.41 125.07 -32.54
N ASN IA 5 -50.15 126.15 -31.82
CA ASN IA 5 -48.96 126.98 -32.05
C ASN IA 5 -48.91 127.44 -33.51
N THR IA 6 -50.05 127.84 -34.05
CA THR IA 6 -50.27 128.26 -35.43
C THR IA 6 -49.99 127.17 -36.44
N GLN IA 7 -49.68 125.95 -36.01
CA GLN IA 7 -49.40 124.84 -36.91
C GLN IA 7 -50.61 123.91 -36.96
N THR IA 8 -51.02 123.56 -38.17
CA THR IA 8 -52.18 122.71 -38.39
C THR IA 8 -51.74 121.26 -38.31
N PHE IA 9 -52.34 120.51 -37.40
CA PHE IA 9 -52.00 119.10 -37.20
C PHE IA 9 -53.12 118.24 -37.77
N ASP IA 10 -52.86 117.60 -38.90
CA ASP IA 10 -53.81 116.72 -39.54
C ASP IA 10 -53.50 115.27 -39.16
N ILE IA 11 -54.52 114.44 -39.18
CA ILE IA 11 -54.39 113.09 -38.63
C ILE IA 11 -53.40 112.29 -39.46
N TYR IA 12 -52.43 111.69 -38.78
CA TYR IA 12 -51.41 110.88 -39.44
C TYR IA 12 -51.66 109.39 -39.33
N SER IA 13 -52.14 108.92 -38.18
CA SER IA 13 -52.43 107.50 -38.02
C SER IA 13 -53.37 107.32 -36.84
N THR IA 14 -54.08 106.19 -36.85
CA THR IA 14 -55.00 105.87 -35.78
C THR IA 14 -54.76 104.43 -35.33
N GLU IA 15 -54.67 104.23 -34.03
CA GLU IA 15 -54.53 102.92 -33.43
C GLU IA 15 -55.70 102.67 -32.49
N LYS IA 16 -55.69 101.50 -31.86
CA LYS IA 16 -56.70 101.17 -30.86
C LYS IA 16 -56.69 102.19 -29.73
N ASP IA 17 -55.50 102.62 -29.30
CA ASP IA 17 -55.37 103.51 -28.17
C ASP IA 17 -54.51 104.73 -28.47
N VAL IA 18 -54.04 104.89 -29.70
CA VAL IA 18 -53.18 106.00 -30.08
C VAL IA 18 -53.78 106.71 -31.29
N VAL IA 19 -53.81 108.03 -31.24
CA VAL IA 19 -54.13 108.86 -32.39
C VAL IA 19 -52.98 109.81 -32.60
N SER IA 20 -52.40 109.77 -33.79
CA SER IA 20 -51.22 110.56 -34.12
C SER IA 20 -51.58 111.54 -35.23
N LEU IA 21 -51.23 112.80 -35.02
CA LEU IA 21 -51.46 113.87 -35.98
C LEU IA 21 -50.12 114.43 -36.43
N ARG IA 22 -50.08 114.92 -37.65
CA ARG IA 22 -48.86 115.48 -38.21
C ARG IA 22 -49.15 116.88 -38.74
N ASP IA 23 -48.12 117.72 -38.74
CA ASP IA 23 -48.25 119.03 -39.36
C ASP IA 23 -48.43 118.90 -40.87
N PHE IA 24 -47.56 118.11 -41.52
CA PHE IA 24 -47.54 117.90 -42.97
C PHE IA 24 -47.10 119.15 -43.71
N ALA IA 25 -46.92 120.26 -42.99
CA ALA IA 25 -46.37 121.48 -43.55
C ALA IA 25 -44.86 121.55 -43.38
N ASN IA 26 -44.37 121.52 -42.14
CA ASN IA 26 -42.95 121.36 -41.89
C ASN IA 26 -42.54 119.91 -41.82
N ASP IA 27 -43.51 118.98 -41.85
CA ASP IA 27 -43.26 117.54 -41.92
C ASP IA 27 -42.33 117.06 -40.81
N LYS IA 28 -42.35 117.73 -39.67
CA LYS IA 28 -41.40 117.43 -38.62
C LYS IA 28 -42.03 117.19 -37.26
N ASP IA 29 -43.28 117.58 -37.04
CA ASP IA 29 -43.91 117.53 -35.73
C ASP IA 29 -45.05 116.51 -35.73
N THR IA 30 -45.05 115.65 -34.73
CA THR IA 30 -46.09 114.63 -34.58
C THR IA 30 -46.63 114.68 -33.17
N LEU IA 31 -47.95 114.77 -33.06
CA LEU IA 31 -48.67 114.88 -31.80
C LEU IA 31 -49.45 113.60 -31.56
N ALA IA 32 -49.17 112.90 -30.47
CA ALA IA 32 -49.78 111.62 -30.18
C ALA IA 32 -50.63 111.72 -28.91
N TYR IA 33 -51.83 111.18 -28.98
CA TYR IA 33 -52.73 110.98 -27.85
C TYR IA 33 -52.81 109.49 -27.61
N LYS IA 34 -52.43 109.05 -26.42
CA LYS IA 34 -52.38 107.64 -26.07
C LYS IA 34 -53.25 107.39 -24.86
N ARG IA 35 -53.95 106.26 -24.89
CA ARG IA 35 -54.95 105.89 -23.91
C ARG IA 35 -54.60 104.54 -23.32
N LEU IA 36 -54.86 104.36 -22.03
CA LEU IA 36 -54.63 103.08 -21.37
C LEU IA 36 -55.64 102.95 -20.25
N ALA IA 37 -56.73 102.23 -20.51
CA ALA IA 37 -57.81 102.12 -19.54
C ALA IA 37 -57.33 101.41 -18.28
N PRO IA 38 -57.90 101.75 -17.12
CA PRO IA 38 -57.52 101.05 -15.89
C PRO IA 38 -57.93 99.60 -15.94
N LYS IA 39 -57.10 98.75 -15.34
CA LYS IA 39 -57.39 97.32 -15.23
C LYS IA 39 -57.56 97.00 -13.75
N ARG IA 40 -58.68 96.35 -13.42
CA ARG IA 40 -59.04 96.06 -12.03
C ARG IA 40 -58.38 94.74 -11.65
N THR IA 41 -57.05 94.79 -11.50
CA THR IA 41 -56.27 93.60 -11.20
C THR IA 41 -56.39 93.19 -9.74
N LYS IA 42 -56.93 94.05 -8.89
CA LYS IA 42 -57.13 93.75 -7.48
C LYS IA 42 -58.38 94.50 -7.03
N ASP IA 43 -58.51 94.65 -5.70
CA ASP IA 43 -59.60 95.45 -5.14
C ASP IA 43 -59.54 96.88 -5.67
N SER IA 44 -58.36 97.32 -6.08
CA SER IA 44 -58.22 98.61 -6.71
C SER IA 44 -58.98 98.62 -8.04
N PRO IA 45 -59.55 99.76 -8.46
CA PRO IA 45 -60.13 99.84 -9.80
C PRO IA 45 -59.10 100.05 -10.89
N GLY IA 46 -57.81 100.06 -10.55
CA GLY IA 46 -56.75 100.30 -11.51
C GLY IA 46 -56.46 101.77 -11.69
N MET IA 47 -55.44 102.04 -12.50
CA MET IA 47 -55.04 103.40 -12.85
C MET IA 47 -55.32 103.66 -14.32
N ALA IA 48 -56.02 104.75 -14.59
CA ALA IA 48 -56.26 105.20 -15.96
C ALA IA 48 -55.06 106.01 -16.42
N LYS IA 49 -54.36 105.52 -17.44
CA LYS IA 49 -53.20 106.20 -17.98
C LYS IA 49 -53.59 106.99 -19.24
N SER IA 50 -53.09 108.20 -19.34
CA SER IA 50 -53.16 108.97 -20.57
C SER IA 50 -51.77 109.46 -20.93
N GLU IA 51 -51.58 109.80 -22.20
CA GLU IA 51 -50.29 110.29 -22.66
C GLU IA 51 -50.53 111.28 -23.78
N LEU IA 52 -49.87 112.44 -23.72
CA LEU IA 52 -49.95 113.43 -24.78
C LEU IA 52 -48.53 113.87 -25.10
N LYS IA 53 -47.99 113.40 -26.23
CA LYS IA 53 -46.60 113.64 -26.53
C LYS IA 53 -46.44 114.36 -27.86
N ILE IA 54 -45.47 115.26 -27.90
CA ILE IA 54 -45.10 115.96 -29.12
C ILE IA 54 -43.67 115.55 -29.47
N THR IA 55 -43.46 115.20 -30.73
CA THR IA 55 -42.17 114.73 -31.19
C THR IA 55 -41.75 115.55 -32.40
N ARG IA 56 -40.53 116.07 -32.36
CA ARG IA 56 -39.95 116.78 -33.49
C ARG IA 56 -38.78 115.97 -34.02
N VAL IA 57 -38.80 115.66 -35.30
CA VAL IA 57 -37.66 115.09 -35.99
C VAL IA 57 -37.44 115.91 -37.26
N ASP IA 58 -36.20 116.23 -37.54
CA ASP IA 58 -35.95 117.00 -38.75
C ASP IA 58 -36.13 116.07 -39.94
N PRO IA 59 -37.00 116.39 -40.89
CA PRO IA 59 -37.37 115.40 -41.91
C PRO IA 59 -36.43 115.33 -43.10
N THR IA 60 -35.12 115.35 -42.86
CA THR IA 60 -34.17 115.07 -43.91
C THR IA 60 -33.24 113.93 -43.49
N THR IA 61 -32.69 114.00 -42.28
CA THR IA 61 -31.82 112.96 -41.76
C THR IA 61 -32.48 112.15 -40.67
N GLY IA 62 -33.65 112.57 -40.19
CA GLY IA 62 -34.40 111.77 -39.25
C GLY IA 62 -33.75 111.58 -37.90
N VAL IA 63 -33.04 112.58 -37.40
CA VAL IA 63 -32.54 112.55 -36.03
C VAL IA 63 -33.53 113.29 -35.15
N LEU IA 64 -33.86 112.70 -34.01
CA LEU IA 64 -34.88 113.25 -33.13
C LEU IA 64 -34.36 114.52 -32.48
N ILE IA 65 -35.05 115.64 -32.69
CA ILE IA 65 -34.66 116.88 -32.04
C ILE IA 65 -35.06 116.86 -30.58
N GLY IA 66 -36.29 116.44 -30.27
CA GLY IA 66 -36.73 116.40 -28.89
C GLY IA 66 -38.15 115.90 -28.76
N ILE IA 67 -38.47 115.47 -27.54
CA ILE IA 67 -39.80 114.99 -27.17
C ILE IA 67 -40.23 115.68 -25.89
N VAL IA 68 -41.49 116.14 -25.86
CA VAL IA 68 -42.13 116.59 -24.63
C VAL IA 68 -43.38 115.76 -24.43
N ASN IA 69 -43.50 115.15 -23.25
CA ASN IA 69 -44.52 114.17 -22.97
C ASN IA 69 -45.31 114.58 -21.74
N VAL IA 70 -46.64 114.52 -21.84
CA VAL IA 70 -47.53 114.79 -20.71
C VAL IA 70 -48.27 113.49 -20.41
N SER IA 71 -47.88 112.83 -19.33
CA SER IA 71 -48.46 111.56 -18.95
C SER IA 71 -49.29 111.73 -17.69
N SER IA 72 -50.37 110.98 -17.59
CA SER IA 72 -51.22 110.97 -16.41
C SER IA 72 -51.45 109.54 -15.97
N SER IA 73 -51.44 109.34 -14.66
CA SER IA 73 -51.76 108.03 -14.07
C SER IA 73 -52.66 108.33 -12.87
N ILE IA 74 -53.96 108.27 -13.10
CA ILE IA 74 -54.96 108.63 -12.09
C ILE IA 74 -55.80 107.40 -11.78
N ARG IA 75 -56.12 107.21 -10.51
CA ARG IA 75 -57.00 106.12 -10.10
C ARG IA 75 -58.34 106.24 -10.82
N ALA IA 76 -58.88 105.08 -11.22
CA ALA IA 76 -60.18 105.07 -11.88
C ALA IA 76 -61.26 105.61 -10.97
N ASP IA 77 -61.13 105.39 -9.66
CA ASP IA 77 -62.11 105.89 -8.70
C ASP IA 77 -61.90 107.35 -8.34
N ALA IA 78 -60.78 107.95 -8.76
CA ALA IA 78 -60.44 109.29 -8.30
C ALA IA 78 -61.47 110.30 -8.75
N THR IA 79 -61.87 111.17 -7.83
CA THR IA 79 -62.91 112.15 -8.08
C THR IA 79 -62.46 113.15 -9.15
N ALA IA 80 -63.43 113.74 -9.82
CA ALA IA 80 -63.12 114.77 -10.80
C ALA IA 80 -62.46 115.98 -10.16
N ALA IA 81 -62.68 116.19 -8.85
CA ALA IA 81 -61.98 117.26 -8.16
C ALA IA 81 -60.48 117.01 -8.12
N ASP IA 82 -60.08 115.77 -7.79
CA ASP IA 82 -58.66 115.44 -7.77
C ASP IA 82 -58.05 115.58 -9.15
N LYS IA 83 -58.76 115.13 -10.18
CA LYS IA 83 -58.25 115.19 -11.54
C LYS IA 83 -58.11 116.62 -12.03
N THR IA 84 -59.12 117.45 -11.76
CA THR IA 84 -59.05 118.85 -12.15
C THR IA 84 -57.95 119.58 -11.38
N ALA IA 85 -57.78 119.26 -10.10
CA ALA IA 85 -56.71 119.89 -9.32
C ALA IA 85 -55.34 119.49 -9.87
N LEU IA 86 -55.18 118.22 -10.23
CA LEU IA 86 -53.93 117.77 -10.82
C LEU IA 86 -53.62 118.52 -12.10
N MET IA 87 -54.61 118.64 -12.99
CA MET IA 87 -54.37 119.36 -14.24
C MET IA 87 -54.08 120.84 -13.97
N ALA IA 88 -54.83 121.46 -13.06
CA ALA IA 88 -54.62 122.87 -12.77
C ALA IA 88 -53.23 123.12 -12.21
N ILE IA 89 -52.78 122.27 -11.29
CA ILE IA 89 -51.45 122.44 -10.72
C ILE IA 89 -50.39 122.26 -11.79
N ILE IA 90 -50.52 121.22 -12.62
CA ILE IA 90 -49.46 120.98 -13.59
C ILE IA 90 -49.42 122.07 -14.65
N THR IA 91 -50.59 122.57 -15.07
CA THR IA 91 -50.61 123.63 -16.07
C THR IA 91 -50.07 124.93 -15.48
N ALA IA 92 -50.40 125.23 -14.22
CA ALA IA 92 -49.85 126.41 -13.58
C ALA IA 92 -48.34 126.31 -13.45
N ALA IA 93 -47.83 125.13 -13.10
CA ALA IA 93 -46.39 124.93 -13.01
C ALA IA 93 -45.72 125.09 -14.37
N GLN IA 94 -46.34 124.57 -15.43
CA GLN IA 94 -45.76 124.73 -16.77
C GLN IA 94 -45.75 126.19 -17.19
N ALA IA 95 -46.83 126.92 -16.93
CA ALA IA 95 -46.86 128.34 -17.26
C ALA IA 95 -45.82 129.14 -16.50
N ASP IA 96 -45.42 128.67 -15.33
CA ASP IA 96 -44.39 129.33 -14.55
C ASP IA 96 -43.03 129.21 -15.23
N GLY IA 97 -42.17 130.20 -15.00
CA GLY IA 97 -40.87 130.23 -15.65
C GLY IA 97 -39.92 129.14 -15.20
N ALA IA 98 -40.18 128.52 -14.04
CA ALA IA 98 -39.30 127.46 -13.57
C ALA IA 98 -39.25 126.29 -14.54
N TRP IA 99 -40.40 125.89 -15.07
CA TRP IA 99 -40.41 124.84 -16.09
C TRP IA 99 -39.71 125.29 -17.36
N THR IA 100 -39.93 126.56 -17.75
CA THR IA 100 -39.29 127.09 -18.95
C THR IA 100 -37.78 127.05 -18.86
N GLU IA 101 -37.21 127.27 -17.67
CA GLU IA 101 -35.77 127.18 -17.48
C GLU IA 101 -35.28 125.75 -17.26
N LEU IA 102 -36.07 124.92 -16.59
CA LEU IA 102 -35.71 123.51 -16.45
C LEU IA 102 -35.53 122.87 -17.81
N VAL IA 103 -36.44 123.14 -18.73
CA VAL IA 103 -36.15 122.92 -20.14
C VAL IA 103 -35.29 124.08 -20.62
N THR IA 104 -34.45 123.81 -21.63
CA THR IA 104 -33.60 124.83 -22.25
C THR IA 104 -32.46 125.30 -21.35
N ASP IA 105 -32.47 124.93 -20.07
CA ASP IA 105 -31.34 125.30 -19.20
C ASP IA 105 -30.92 124.20 -18.26
N GLN IA 106 -31.74 123.19 -18.02
CA GLN IA 106 -31.53 122.21 -16.95
C GLN IA 106 -31.30 122.91 -15.62
N ARG IA 107 -32.10 123.95 -15.38
CA ARG IA 107 -31.99 124.78 -14.18
C ARG IA 107 -33.07 124.37 -13.19
N LEU IA 108 -32.66 123.89 -12.03
CA LEU IA 108 -33.60 123.55 -10.98
C LEU IA 108 -34.08 124.80 -10.26
N PRO IA 109 -35.32 124.77 -9.76
CA PRO IA 109 -35.82 125.93 -9.02
C PRO IA 109 -35.21 126.04 -7.63
N LEU IA 110 -33.94 126.44 -7.58
CA LEU IA 110 -33.25 126.68 -6.33
C LEU IA 110 -32.34 127.90 -6.35
N ALA IA 111 -32.36 128.69 -7.43
CA ALA IA 111 -31.50 129.86 -7.51
C ALA IA 111 -31.98 130.95 -6.57
N THR IA 112 -31.03 131.67 -5.97
CA THR IA 112 -31.34 132.76 -5.07
C THR IA 112 -31.55 134.09 -5.79
N VAL IA 113 -31.35 134.12 -7.10
CA VAL IA 113 -31.51 135.33 -7.92
C VAL IA 113 -30.59 136.45 -7.45
N SER JA 1 -94.82 86.65 -34.16
CA SER JA 1 -96.24 86.36 -34.04
C SER JA 1 -96.92 86.24 -35.40
N LYS JA 2 -97.21 87.38 -36.01
CA LYS JA 2 -97.97 87.42 -37.25
C LYS JA 2 -97.23 88.28 -38.25
N VAL JA 3 -97.92 88.68 -39.31
CA VAL JA 3 -97.34 89.17 -40.56
C VAL JA 3 -96.19 90.14 -40.34
N PHE JA 4 -95.03 89.79 -40.90
CA PHE JA 4 -93.82 90.60 -40.84
C PHE JA 4 -93.31 90.77 -42.26
N ASN JA 5 -93.06 92.01 -42.66
CA ASN JA 5 -92.54 92.31 -43.99
C ASN JA 5 -93.45 91.69 -45.05
N THR JA 6 -94.76 91.84 -44.86
CA THR JA 6 -95.82 91.34 -45.72
C THR JA 6 -95.83 89.83 -45.88
N GLN JA 7 -95.07 89.09 -45.08
CA GLN JA 7 -95.10 87.64 -45.10
C GLN JA 7 -95.85 87.14 -43.87
N THR JA 8 -96.66 86.11 -44.06
CA THR JA 8 -97.43 85.53 -42.96
C THR JA 8 -96.59 84.44 -42.31
N PHE JA 9 -96.34 84.58 -41.02
CA PHE JA 9 -95.61 83.59 -40.24
C PHE JA 9 -96.60 82.88 -39.34
N ASP JA 10 -96.77 81.58 -39.57
CA ASP JA 10 -97.65 80.76 -38.76
C ASP JA 10 -96.80 79.87 -37.86
N ILE JA 11 -97.34 79.55 -36.68
CA ILE JA 11 -96.59 78.74 -35.74
C ILE JA 11 -96.30 77.38 -36.37
N TYR JA 12 -95.02 77.03 -36.42
CA TYR JA 12 -94.59 75.73 -36.91
C TYR JA 12 -94.39 74.71 -35.81
N SER JA 13 -93.88 75.14 -34.66
CA SER JA 13 -93.62 74.22 -33.57
C SER JA 13 -93.61 75.00 -32.27
N THR JA 14 -94.11 74.36 -31.21
CA THR JA 14 -94.03 74.96 -29.89
C THR JA 14 -93.28 74.01 -28.98
N GLU JA 15 -92.34 74.56 -28.24
CA GLU JA 15 -91.47 73.82 -27.34
C GLU JA 15 -91.59 74.43 -25.94
N LYS JA 16 -90.96 73.77 -24.96
CA LYS JA 16 -90.92 74.28 -23.60
C LYS JA 16 -90.43 75.73 -23.56
N ASP JA 17 -89.29 76.00 -24.19
CA ASP JA 17 -88.71 77.32 -24.21
C ASP JA 17 -88.46 77.85 -25.61
N VAL JA 18 -89.04 77.22 -26.64
CA VAL JA 18 -88.84 77.64 -28.03
C VAL JA 18 -90.20 77.69 -28.72
N VAL JA 19 -90.40 78.71 -29.53
CA VAL JA 19 -91.55 78.81 -30.40
C VAL JA 19 -91.05 79.15 -31.81
N SER JA 20 -91.42 78.34 -32.79
CA SER JA 20 -90.94 78.48 -34.15
C SER JA 20 -92.11 78.72 -35.09
N LEU JA 21 -92.01 79.78 -35.88
CA LEU JA 21 -92.98 80.14 -36.90
C LEU JA 21 -92.38 79.99 -38.28
N ARG JA 22 -93.19 79.56 -39.23
CA ARG JA 22 -92.74 79.36 -40.59
C ARG JA 22 -93.63 80.17 -41.52
N ASP JA 23 -93.03 80.67 -42.60
CA ASP JA 23 -93.80 81.43 -43.58
C ASP JA 23 -94.85 80.55 -44.24
N PHE JA 24 -94.46 79.33 -44.64
CA PHE JA 24 -95.35 78.34 -45.26
C PHE JA 24 -95.80 78.77 -46.65
N ALA JA 25 -95.42 79.98 -47.06
CA ALA JA 25 -95.67 80.47 -48.41
C ALA JA 25 -94.44 80.38 -49.27
N ASN JA 26 -93.34 81.02 -48.87
CA ASN JA 26 -92.07 80.80 -49.53
C ASN JA 26 -91.37 79.55 -49.05
N ASP JA 27 -91.81 78.99 -47.92
CA ASP JA 27 -91.23 77.77 -47.33
C ASP JA 27 -89.73 77.89 -47.16
N LYS JA 28 -89.25 79.08 -46.82
CA LYS JA 28 -87.83 79.32 -46.69
C LYS JA 28 -87.45 80.12 -45.46
N ASP JA 29 -88.40 80.73 -44.76
CA ASP JA 29 -88.13 81.59 -43.62
C ASP JA 29 -88.65 80.95 -42.34
N THR JA 30 -87.82 80.95 -41.30
CA THR JA 30 -88.22 80.45 -39.99
C THR JA 30 -87.85 81.49 -38.93
N LEU JA 31 -88.82 81.84 -38.09
CA LEU JA 31 -88.62 82.79 -37.01
C LEU JA 31 -88.72 82.04 -35.69
N ALA JA 32 -87.65 82.07 -34.91
CA ALA JA 32 -87.56 81.32 -33.66
C ALA JA 32 -87.45 82.29 -32.49
N TYR JA 33 -88.29 82.05 -31.47
CA TYR JA 33 -88.23 82.70 -30.17
C TYR JA 33 -87.65 81.68 -29.19
N LYS JA 34 -86.49 82.00 -28.62
CA LYS JA 34 -85.79 81.13 -27.69
C LYS JA 34 -85.71 81.80 -26.32
N ARG JA 35 -85.94 81.01 -25.28
CA ARG JA 35 -86.03 81.49 -23.91
C ARG JA 35 -85.01 80.76 -23.05
N LEU JA 36 -84.47 81.43 -22.04
CA LEU JA 36 -83.56 80.79 -21.10
C LEU JA 36 -83.58 81.55 -19.79
N ALA JA 37 -84.13 80.93 -18.75
CA ALA JA 37 -84.26 81.61 -17.46
C ALA JA 37 -82.89 81.86 -16.83
N PRO JA 38 -82.75 82.96 -16.09
CA PRO JA 38 -81.48 83.21 -15.39
C PRO JA 38 -81.24 82.17 -14.30
N LYS JA 39 -79.98 81.78 -14.14
CA LYS JA 39 -79.60 80.79 -13.16
C LYS JA 39 -78.86 81.47 -12.01
N ARG JA 40 -79.34 81.26 -10.79
CA ARG JA 40 -78.72 81.81 -9.60
C ARG JA 40 -77.60 80.86 -9.16
N THR JA 41 -76.59 80.76 -10.01
CA THR JA 41 -75.45 79.89 -9.74
C THR JA 41 -74.56 80.43 -8.64
N LYS JA 42 -74.83 81.65 -8.19
CA LYS JA 42 -74.05 82.32 -7.17
C LYS JA 42 -74.95 83.35 -6.50
N ASP JA 43 -74.36 84.29 -5.77
CA ASP JA 43 -75.10 85.39 -5.19
C ASP JA 43 -75.88 86.13 -6.27
N SER JA 44 -75.29 86.27 -7.45
CA SER JA 44 -75.95 86.96 -8.55
C SER JA 44 -77.19 86.18 -8.97
N PRO JA 45 -78.30 86.86 -9.30
CA PRO JA 45 -79.52 86.14 -9.69
C PRO JA 45 -79.43 85.52 -11.08
N GLY JA 46 -78.35 85.73 -11.81
CA GLY JA 46 -78.19 85.15 -13.12
C GLY JA 46 -78.62 86.08 -14.24
N MET JA 47 -78.37 85.62 -15.47
CA MET JA 47 -78.64 86.40 -16.66
C MET JA 47 -79.74 85.71 -17.46
N ALA JA 48 -80.80 86.46 -17.75
CA ALA JA 48 -81.95 85.94 -18.49
C ALA JA 48 -81.67 86.05 -19.98
N LYS JA 49 -81.54 84.91 -20.65
CA LYS JA 49 -81.22 84.87 -22.07
C LYS JA 49 -82.50 84.87 -22.90
N SER JA 50 -82.54 85.74 -23.89
CA SER JA 50 -83.60 85.75 -24.88
C SER JA 50 -82.95 85.64 -26.25
N GLU JA 51 -83.73 85.16 -27.22
CA GLU JA 51 -83.20 85.07 -28.57
C GLU JA 51 -84.35 85.16 -29.57
N LEU JA 52 -84.17 85.98 -30.60
CA LEU JA 52 -85.12 86.11 -31.69
C LEU JA 52 -84.34 86.01 -32.99
N LYS JA 53 -84.55 84.94 -33.74
CA LYS JA 53 -83.76 84.73 -34.94
C LYS JA 53 -84.65 84.47 -36.15
N ILE JA 54 -84.17 84.91 -37.31
CA ILE JA 54 -84.78 84.61 -38.59
C ILE JA 54 -83.75 83.84 -39.41
N THR JA 55 -84.15 82.69 -39.92
CA THR JA 55 -83.28 81.83 -40.69
C THR JA 55 -83.90 81.59 -42.06
N ARG JA 56 -83.11 81.79 -43.11
CA ARG JA 56 -83.55 81.56 -44.47
C ARG JA 56 -82.78 80.37 -45.02
N VAL JA 57 -83.51 79.38 -45.50
CA VAL JA 57 -82.94 78.20 -46.12
C VAL JA 57 -83.54 78.06 -47.50
N ASP JA 58 -82.69 77.81 -48.48
CA ASP JA 58 -83.20 77.71 -49.84
C ASP JA 58 -84.03 76.45 -50.01
N PRO JA 59 -85.31 76.56 -50.33
CA PRO JA 59 -86.19 75.38 -50.26
C PRO JA 59 -86.22 74.53 -51.52
N THR JA 60 -85.07 74.28 -52.16
CA THR JA 60 -85.01 73.25 -53.18
C THR JA 60 -83.86 72.29 -52.91
N THR JA 61 -82.73 72.82 -52.42
CA THR JA 61 -81.60 71.98 -52.02
C THR JA 61 -81.25 72.13 -50.55
N GLY JA 62 -81.80 73.14 -49.86
CA GLY JA 62 -81.57 73.27 -48.44
C GLY JA 62 -80.29 73.96 -48.04
N VAL JA 63 -79.85 74.96 -48.79
CA VAL JA 63 -78.64 75.70 -48.45
C VAL JA 63 -79.02 76.94 -47.64
N LEU JA 64 -78.38 77.10 -46.49
CA LEU JA 64 -78.63 78.23 -45.61
C LEU JA 64 -78.22 79.53 -46.28
N ILE JA 65 -79.19 80.35 -46.67
CA ILE JA 65 -78.88 81.65 -47.25
C ILE JA 65 -78.31 82.59 -46.21
N GLY JA 66 -78.95 82.70 -45.06
CA GLY JA 66 -78.48 83.64 -44.05
C GLY JA 66 -79.28 83.53 -42.78
N ILE JA 67 -78.70 84.07 -41.72
CA ILE JA 67 -79.33 84.15 -40.40
C ILE JA 67 -79.09 85.54 -39.84
N VAL JA 68 -80.15 86.16 -39.34
CA VAL JA 68 -80.05 87.35 -38.51
C VAL JA 68 -80.63 86.99 -37.15
N ASN JA 69 -79.83 87.12 -36.11
CA ASN JA 69 -80.22 86.72 -34.76
C ASN JA 69 -80.10 87.90 -33.82
N VAL JA 70 -81.12 88.09 -32.99
CA VAL JA 70 -81.10 89.09 -31.93
C VAL JA 70 -81.13 88.34 -30.61
N SER JA 71 -80.06 88.48 -29.83
CA SER JA 71 -79.93 87.78 -28.57
C SER JA 71 -79.79 88.81 -27.44
N SER JA 72 -80.33 88.46 -26.28
CA SER JA 72 -80.25 89.31 -25.10
C SER JA 72 -79.71 88.52 -23.93
N SER JA 73 -78.84 89.17 -23.15
CA SER JA 73 -78.29 88.59 -21.93
C SER JA 73 -78.35 89.70 -20.90
N ILE JA 74 -79.43 89.75 -20.14
CA ILE JA 74 -79.69 90.81 -19.18
C ILE JA 74 -79.75 90.21 -17.78
N ARG JA 75 -79.17 90.92 -16.82
CA ARG JA 75 -79.23 90.48 -15.43
C ARG JA 75 -80.68 90.28 -15.00
N ALA JA 76 -80.89 89.23 -14.21
CA ALA JA 76 -82.23 88.97 -13.68
C ALA JA 76 -82.73 90.12 -12.84
N ASP JA 77 -81.83 90.84 -12.17
CA ASP JA 77 -82.19 91.96 -11.33
C ASP JA 77 -82.24 93.29 -12.07
N ALA JA 78 -81.85 93.32 -13.34
CA ALA JA 78 -81.76 94.58 -14.06
C ALA JA 78 -83.11 95.25 -14.16
N THR JA 79 -83.11 96.56 -13.95
CA THR JA 79 -84.35 97.32 -13.92
C THR JA 79 -85.01 97.35 -15.30
N ALA JA 80 -86.33 97.51 -15.30
CA ALA JA 80 -87.05 97.64 -16.56
C ALA JA 80 -86.58 98.86 -17.35
N ALA JA 81 -86.07 99.89 -16.65
CA ALA JA 81 -85.47 101.02 -17.34
C ALA JA 81 -84.23 100.60 -18.12
N ASP JA 82 -83.38 99.77 -17.52
CA ASP JA 82 -82.21 99.28 -18.23
C ASP JA 82 -82.59 98.49 -19.47
N LYS JA 83 -83.59 97.60 -19.34
CA LYS JA 83 -83.98 96.78 -20.47
C LYS JA 83 -84.63 97.60 -21.57
N THR JA 84 -85.47 98.57 -21.19
CA THR JA 84 -86.07 99.45 -22.18
C THR JA 84 -85.00 100.27 -22.89
N ALA JA 85 -84.02 100.78 -22.14
CA ALA JA 85 -82.94 101.54 -22.74
C ALA JA 85 -82.12 100.70 -23.71
N LEU JA 86 -81.81 99.46 -23.31
CA LEU JA 86 -81.06 98.57 -24.19
C LEU JA 86 -81.81 98.31 -25.47
N MET JA 87 -83.10 98.00 -25.35
CA MET JA 87 -83.91 97.71 -26.53
C MET JA 87 -84.04 98.94 -27.43
N ALA JA 88 -84.24 100.11 -26.84
CA ALA JA 88 -84.37 101.33 -27.63
C ALA JA 88 -83.07 101.69 -28.34
N ILE JA 89 -81.94 101.55 -27.65
CA ILE JA 89 -80.65 101.85 -28.27
C ILE JA 89 -80.40 100.90 -29.44
N ILE JA 90 -80.62 99.61 -29.23
CA ILE JA 90 -80.33 98.66 -30.30
C ILE JA 90 -81.30 98.85 -31.47
N THR JA 91 -82.56 99.18 -31.19
CA THR JA 91 -83.51 99.41 -32.28
C THR JA 91 -83.15 100.66 -33.07
N ALA JA 92 -82.73 101.72 -32.38
CA ALA JA 92 -82.31 102.94 -33.07
C ALA JA 92 -81.06 102.68 -33.90
N ALA JA 93 -80.11 101.91 -33.37
CA ALA JA 93 -78.91 101.59 -34.13
C ALA JA 93 -79.25 100.77 -35.37
N GLN JA 94 -80.16 99.81 -35.24
CA GLN JA 94 -80.58 99.04 -36.41
C GLN JA 94 -81.28 99.92 -37.43
N ALA JA 95 -82.08 100.88 -36.97
CA ALA JA 95 -82.72 101.83 -37.88
C ALA JA 95 -81.71 102.73 -38.55
N ASP JA 96 -80.55 102.95 -37.92
CA ASP JA 96 -79.50 103.74 -38.54
C ASP JA 96 -78.91 102.99 -39.73
N GLY JA 97 -78.35 103.75 -40.67
CA GLY JA 97 -77.82 103.16 -41.89
C GLY JA 97 -76.50 102.45 -41.72
N ALA JA 98 -75.79 102.71 -40.63
CA ALA JA 98 -74.53 102.04 -40.39
C ALA JA 98 -74.73 100.53 -40.29
N TRP JA 99 -75.85 100.10 -39.70
CA TRP JA 99 -76.17 98.68 -39.68
C TRP JA 99 -76.49 98.17 -41.07
N THR JA 100 -77.24 98.94 -41.84
CA THR JA 100 -77.59 98.51 -43.19
C THR JA 100 -76.38 98.45 -44.10
N GLU JA 101 -75.27 99.07 -43.70
CA GLU JA 101 -74.02 98.93 -44.43
C GLU JA 101 -73.16 97.80 -43.89
N LEU JA 102 -73.09 97.65 -42.56
CA LEU JA 102 -72.38 96.53 -41.95
C LEU JA 102 -72.92 95.21 -42.48
N VAL JA 103 -74.22 95.06 -42.49
CA VAL JA 103 -74.85 94.02 -43.29
C VAL JA 103 -74.92 94.52 -44.73
N THR JA 104 -74.73 93.62 -45.68
CA THR JA 104 -74.75 93.86 -47.12
C THR JA 104 -73.50 94.53 -47.65
N ASP JA 105 -72.62 95.03 -46.79
CA ASP JA 105 -71.34 95.53 -47.32
C ASP JA 105 -70.14 95.24 -46.45
N GLN JA 106 -70.32 94.83 -45.19
CA GLN JA 106 -69.22 94.73 -44.23
C GLN JA 106 -68.51 96.06 -44.09
N ARG JA 107 -69.28 97.14 -44.12
CA ARG JA 107 -68.76 98.49 -44.03
C ARG JA 107 -68.91 98.99 -42.60
N LEU JA 108 -67.82 99.29 -41.99
CA LEU JA 108 -67.78 99.79 -40.62
C LEU JA 108 -68.03 101.29 -40.60
N PRO JA 109 -68.56 101.81 -39.50
CA PRO JA 109 -68.75 103.26 -39.39
C PRO JA 109 -67.44 103.99 -39.13
N LEU JA 110 -66.52 103.93 -40.09
CA LEU JA 110 -65.27 104.67 -40.01
C LEU JA 110 -64.90 105.35 -41.32
N ALA JA 111 -65.63 105.11 -42.40
CA ALA JA 111 -65.34 105.77 -43.67
C ALA JA 111 -65.59 107.27 -43.54
N THR JA 112 -64.75 108.06 -44.22
CA THR JA 112 -64.85 109.51 -44.17
C THR JA 112 -65.85 110.09 -45.16
N VAL JA 113 -66.45 109.25 -46.00
CA VAL JA 113 -67.43 109.67 -47.01
C VAL JA 113 -66.83 110.68 -47.98
N SER KA 1 115.32 30.90 -59.20
CA SER KA 1 115.97 29.86 -59.98
C SER KA 1 117.33 29.50 -59.36
N LYS KA 2 118.23 30.48 -59.31
CA LYS KA 2 119.57 30.29 -58.80
C LYS KA 2 119.94 31.50 -57.96
N VAL KA 3 121.24 31.69 -57.73
CA VAL KA 3 121.77 32.65 -56.76
C VAL KA 3 121.16 34.03 -56.94
N PHE KA 4 120.46 34.48 -55.90
CA PHE KA 4 119.85 35.81 -55.84
C PHE KA 4 120.26 36.48 -54.56
N ASN KA 5 120.75 37.71 -54.65
CA ASN KA 5 121.16 38.50 -53.50
C ASN KA 5 122.14 37.68 -52.64
N THR KA 6 123.19 37.18 -53.29
CA THR KA 6 124.27 36.41 -52.68
C THR KA 6 123.79 35.14 -51.98
N GLN KA 7 122.59 34.65 -52.27
CA GLN KA 7 122.09 33.42 -51.68
C GLN KA 7 121.70 32.42 -52.75
N THR KA 8 122.06 31.17 -52.53
CA THR KA 8 121.82 30.10 -53.50
C THR KA 8 120.49 29.44 -53.20
N PHE KA 9 119.54 29.60 -54.12
CA PHE KA 9 118.21 29.01 -53.97
C PHE KA 9 118.16 27.76 -54.81
N ASP KA 10 118.00 26.61 -54.15
CA ASP KA 10 117.93 25.32 -54.79
C ASP KA 10 116.52 24.77 -54.68
N ILE KA 11 116.13 23.97 -55.68
CA ILE KA 11 114.77 23.46 -55.73
C ILE KA 11 114.51 22.59 -54.52
N TYR KA 12 113.46 22.92 -53.78
CA TYR KA 12 112.97 22.07 -52.71
C TYR KA 12 111.79 21.22 -53.13
N SER KA 13 110.88 21.76 -53.93
CA SER KA 13 109.65 21.05 -54.19
C SER KA 13 109.11 21.45 -55.56
N THR KA 14 108.52 20.48 -56.24
CA THR KA 14 107.93 20.73 -57.56
C THR KA 14 106.53 20.15 -57.57
N GLU KA 15 105.56 20.99 -57.89
CA GLU KA 15 104.18 20.59 -58.04
C GLU KA 15 103.79 20.68 -59.51
N LYS KA 16 102.49 20.46 -59.76
CA LYS KA 16 101.98 20.67 -61.11
C LYS KA 16 102.13 22.12 -61.53
N ASP KA 17 101.89 23.06 -60.60
CA ASP KA 17 101.88 24.47 -60.95
C ASP KA 17 102.68 25.34 -59.98
N VAL KA 18 103.43 24.74 -59.06
CA VAL KA 18 104.28 25.48 -58.15
C VAL KA 18 105.67 24.88 -58.14
N VAL KA 19 106.68 25.74 -58.11
CA VAL KA 19 108.06 25.34 -57.82
C VAL KA 19 108.50 26.14 -56.61
N SER KA 20 109.02 25.44 -55.60
CA SER KA 20 109.52 26.07 -54.39
C SER KA 20 111.01 25.79 -54.24
N LEU KA 21 111.78 26.83 -53.95
CA LEU KA 21 113.21 26.79 -53.76
C LEU KA 21 113.54 27.32 -52.37
N ARG KA 22 114.59 26.77 -51.76
CA ARG KA 22 115.07 27.23 -50.47
C ARG KA 22 116.55 27.55 -50.56
N ASP KA 23 117.01 28.39 -49.62
CA ASP KA 23 118.44 28.69 -49.55
C ASP KA 23 119.24 27.48 -49.09
N PHE KA 24 118.75 26.77 -48.06
CA PHE KA 24 119.41 25.60 -47.48
C PHE KA 24 120.70 26.01 -46.77
N ALA KA 25 121.05 27.29 -46.85
CA ALA KA 25 122.19 27.84 -46.13
C ALA KA 25 121.76 28.58 -44.87
N ASN KA 26 120.89 29.58 -45.01
CA ASN KA 26 120.29 30.22 -43.86
C ASN KA 26 119.00 29.55 -43.41
N ASP KA 27 118.43 28.67 -44.24
CA ASP KA 27 117.24 27.90 -43.90
C ASP KA 27 116.08 28.78 -43.46
N LYS KA 28 115.96 29.96 -44.05
CA LYS KA 28 114.90 30.88 -43.68
C LYS KA 28 114.14 31.44 -44.87
N ASP KA 29 114.66 31.33 -46.09
CA ASP KA 29 114.04 31.93 -47.27
C ASP KA 29 113.49 30.86 -48.18
N THR KA 30 112.26 31.04 -48.62
CA THR KA 30 111.64 30.19 -49.62
C THR KA 30 111.12 31.06 -50.75
N LEU KA 31 111.52 30.73 -51.97
CA LEU KA 31 111.09 31.43 -53.18
C LEU KA 31 110.16 30.52 -53.96
N ALA KA 32 108.95 31.00 -54.23
CA ALA KA 32 107.92 30.21 -54.90
C ALA KA 32 107.54 30.86 -56.22
N TYR KA 33 107.55 30.05 -57.28
CA TYR KA 33 107.05 30.41 -58.59
C TYR KA 33 105.75 29.65 -58.81
N LYS KA 34 104.68 30.37 -59.10
CA LYS KA 34 103.34 29.81 -59.13
C LYS KA 34 102.64 30.22 -60.42
N ARG KA 35 101.87 29.29 -60.97
CA ARG KA 35 101.40 29.35 -62.35
C ARG KA 35 99.92 28.97 -62.42
N LEU KA 36 99.11 29.84 -63.04
CA LEU KA 36 97.71 29.52 -63.32
C LEU KA 36 97.41 29.87 -64.77
N ALA KA 37 97.21 28.86 -65.61
CA ALA KA 37 96.88 29.09 -67.01
C ALA KA 37 95.54 29.81 -67.14
N PRO KA 38 95.37 30.65 -68.15
CA PRO KA 38 94.10 31.36 -68.32
C PRO KA 38 92.97 30.40 -68.67
N LYS KA 39 91.78 30.70 -68.17
CA LYS KA 39 90.61 29.84 -68.39
C LYS KA 39 89.56 30.63 -69.15
N ARG KA 40 89.12 30.07 -70.28
CA ARG KA 40 88.15 30.72 -71.15
C ARG KA 40 86.76 30.51 -70.56
N THR KA 41 86.38 31.41 -69.65
CA THR KA 41 85.08 31.34 -69.00
C THR KA 41 84.00 32.03 -69.81
N LYS KA 42 84.37 32.81 -70.81
CA LYS KA 42 83.42 33.61 -71.57
C LYS KA 42 84.07 33.93 -72.91
N ASP KA 43 83.53 34.94 -73.60
CA ASP KA 43 84.14 35.45 -74.82
C ASP KA 43 85.57 35.89 -74.54
N SER KA 44 85.85 36.30 -73.30
CA SER KA 44 87.23 36.58 -72.91
C SER KA 44 88.00 35.28 -72.81
N PRO KA 45 89.27 35.25 -73.23
CA PRO KA 45 90.07 34.03 -73.13
C PRO KA 45 90.61 33.75 -71.73
N GLY KA 46 90.27 34.57 -70.74
CA GLY KA 46 90.77 34.40 -69.40
C GLY KA 46 92.06 35.17 -69.15
N MET KA 47 92.45 35.19 -67.88
CA MET KA 47 93.66 35.88 -67.44
C MET KA 47 94.67 34.86 -66.92
N ALA KA 48 95.91 34.97 -67.39
CA ALA KA 48 96.99 34.09 -66.96
C ALA KA 48 97.61 34.65 -65.68
N LYS KA 49 97.58 33.86 -64.61
CA LYS KA 49 98.07 34.29 -63.32
C LYS KA 49 99.50 33.80 -63.10
N SER KA 50 100.34 34.69 -62.60
CA SER KA 50 101.66 34.31 -62.13
C SER KA 50 101.82 34.79 -60.69
N GLU KA 51 102.72 34.14 -59.96
CA GLU KA 51 103.02 34.60 -58.61
C GLU KA 51 104.48 34.28 -58.32
N LEU KA 52 105.22 35.28 -57.86
CA LEU KA 52 106.62 35.11 -57.49
C LEU KA 52 106.79 35.65 -56.08
N LYS KA 53 106.87 34.76 -55.10
CA LYS KA 53 106.86 35.21 -53.72
C LYS KA 53 108.10 34.75 -52.97
N ILE KA 54 108.64 35.65 -52.16
CA ILE KA 54 109.75 35.36 -51.26
C ILE KA 54 109.24 35.43 -49.82
N THR KA 55 109.44 34.36 -49.07
CA THR KA 55 109.00 34.26 -47.69
C THR KA 55 110.19 34.02 -46.79
N ARG KA 56 110.26 34.79 -45.71
CA ARG KA 56 111.33 34.66 -44.72
C ARG KA 56 110.71 34.22 -43.39
N VAL KA 57 111.21 33.14 -42.84
CA VAL KA 57 110.79 32.63 -41.55
C VAL KA 57 112.03 32.33 -40.73
N ASP KA 58 112.13 32.94 -39.54
CA ASP KA 58 113.33 32.63 -38.77
C ASP KA 58 113.30 31.18 -38.32
N PRO KA 59 114.40 30.45 -38.45
CA PRO KA 59 114.35 29.00 -38.18
C PRO KA 59 114.67 28.64 -36.74
N THR KA 60 114.09 29.34 -35.78
CA THR KA 60 114.27 28.95 -34.39
C THR KA 60 112.92 28.76 -33.72
N THR KA 61 112.00 29.68 -33.96
CA THR KA 61 110.61 29.55 -33.54
C THR KA 61 109.65 29.43 -34.71
N GLY KA 62 110.13 29.62 -35.94
CA GLY KA 62 109.28 29.49 -37.10
C GLY KA 62 108.33 30.64 -37.34
N VAL KA 63 108.63 31.82 -36.82
CA VAL KA 63 107.75 32.98 -36.98
C VAL KA 63 108.01 33.57 -38.36
N LEU KA 64 106.93 33.99 -39.01
CA LEU KA 64 107.04 34.65 -40.30
C LEU KA 64 107.54 36.07 -40.11
N ILE KA 65 108.68 36.39 -40.71
CA ILE KA 65 109.21 37.73 -40.63
C ILE KA 65 108.56 38.63 -41.67
N GLY KA 66 108.48 38.18 -42.92
CA GLY KA 66 107.88 39.00 -43.96
C GLY KA 66 107.79 38.26 -45.27
N ILE KA 67 106.83 38.71 -46.08
CA ILE KA 67 106.59 38.17 -47.41
C ILE KA 67 106.55 39.32 -48.40
N VAL KA 68 107.26 39.16 -49.51
CA VAL KA 68 107.13 40.04 -50.67
C VAL KA 68 106.65 39.20 -51.84
N ASN KA 69 105.54 39.59 -52.45
CA ASN KA 69 104.91 38.81 -53.51
C ASN KA 69 104.77 39.67 -54.76
N VAL KA 70 105.16 39.11 -55.89
CA VAL KA 70 104.99 39.75 -57.19
C VAL KA 70 104.04 38.87 -57.99
N SER KA 71 102.81 39.34 -58.16
CA SER KA 71 101.79 38.59 -58.88
C SER KA 71 101.33 39.37 -60.09
N SER KA 72 101.16 38.68 -61.20
CA SER KA 72 100.68 39.27 -62.44
C SER KA 72 99.36 38.59 -62.83
N SER KA 73 98.51 39.36 -63.50
CA SER KA 73 97.21 38.89 -63.99
C SER KA 73 96.98 39.55 -65.34
N ILE KA 74 97.27 38.82 -66.42
CA ILE KA 74 97.31 39.38 -67.76
C ILE KA 74 96.40 38.57 -68.67
N ARG KA 75 95.68 39.28 -69.55
CA ARG KA 75 94.78 38.65 -70.50
C ARG KA 75 95.52 37.64 -71.37
N ALA KA 76 94.85 36.52 -71.64
CA ALA KA 76 95.44 35.49 -72.50
C ALA KA 76 95.74 36.05 -73.89
N ASP KA 77 94.88 36.93 -74.39
CA ASP KA 77 95.06 37.52 -75.71
C ASP KA 77 96.01 38.72 -75.70
N ALA KA 78 96.48 39.14 -74.53
CA ALA KA 78 97.27 40.36 -74.43
C ALA KA 78 98.58 40.22 -75.18
N THR KA 79 99.03 41.33 -75.76
CA THR KA 79 100.23 41.33 -76.58
C THR KA 79 101.48 41.18 -75.72
N ALA KA 80 102.55 40.70 -76.34
CA ALA KA 80 103.84 40.67 -75.66
C ALA KA 80 104.32 42.09 -75.35
N ALA KA 81 103.92 43.07 -76.16
CA ALA KA 81 104.26 44.46 -75.86
C ALA KA 81 103.58 44.93 -74.58
N ASP KA 82 102.32 44.56 -74.39
CA ASP KA 82 101.63 44.93 -73.15
C ASP KA 82 102.34 44.33 -71.94
N LYS KA 83 102.74 43.07 -72.04
CA LYS KA 83 103.39 42.39 -70.93
C LYS KA 83 104.77 42.98 -70.65
N THR KA 84 105.53 43.28 -71.70
CA THR KA 84 106.83 43.90 -71.53
C THR KA 84 106.68 45.28 -70.89
N ALA KA 85 105.70 46.05 -71.32
CA ALA KA 85 105.47 47.36 -70.73
C ALA KA 85 105.09 47.26 -69.27
N LEU KA 86 104.21 46.32 -68.92
CA LEU KA 86 103.83 46.14 -67.53
C LEU KA 86 105.04 45.78 -66.67
N MET KA 87 105.85 44.84 -67.14
CA MET KA 87 107.02 44.44 -66.35
C MET KA 87 108.01 45.58 -66.23
N ALA KA 88 108.26 46.32 -67.30
CA ALA KA 88 109.20 47.44 -67.24
C ALA KA 88 108.71 48.53 -66.30
N ILE KA 89 107.41 48.84 -66.33
CA ILE KA 89 106.89 49.88 -65.46
C ILE KA 89 106.99 49.47 -64.00
N ILE KA 90 106.58 48.23 -63.70
CA ILE KA 90 106.64 47.80 -62.29
C ILE KA 90 108.08 47.71 -61.82
N THR KA 91 109.00 47.30 -62.69
CA THR KA 91 110.41 47.22 -62.32
C THR KA 91 110.99 48.61 -62.06
N ALA KA 92 110.66 49.59 -62.91
CA ALA KA 92 111.15 50.94 -62.68
C ALA KA 92 110.57 51.52 -61.41
N ALA KA 93 109.30 51.24 -61.12
CA ALA KA 93 108.70 51.72 -59.89
C ALA KA 93 109.35 51.09 -58.66
N GLN KA 94 109.68 49.80 -58.75
CA GLN KA 94 110.39 49.14 -57.65
C GLN KA 94 111.78 49.72 -57.47
N ALA KA 95 112.47 50.04 -58.56
CA ALA KA 95 113.80 50.61 -58.47
C ALA KA 95 113.79 52.01 -57.86
N ASP KA 96 112.66 52.71 -57.95
CA ASP KA 96 112.53 54.02 -57.35
C ASP KA 96 112.52 53.91 -55.82
N GLY KA 97 112.93 54.99 -55.16
CA GLY KA 97 112.95 55.01 -53.72
C GLY KA 97 111.58 55.15 -53.08
N ALA KA 98 110.58 55.54 -53.87
CA ALA KA 98 109.23 55.63 -53.34
C ALA KA 98 108.75 54.26 -52.86
N TRP KA 99 109.04 53.20 -53.63
CA TRP KA 99 108.71 51.86 -53.18
C TRP KA 99 109.55 51.47 -51.97
N THR KA 100 110.82 51.86 -51.95
CA THR KA 100 111.68 51.52 -50.83
C THR KA 100 111.25 52.20 -49.54
N GLU KA 101 110.46 53.28 -49.65
CA GLU KA 101 109.87 53.90 -48.48
C GLU KA 101 108.51 53.32 -48.14
N LEU KA 102 107.67 53.09 -49.14
CA LEU KA 102 106.39 52.42 -48.94
C LEU KA 102 106.58 51.11 -48.18
N VAL KA 103 107.56 50.34 -48.59
CA VAL KA 103 108.02 49.21 -47.78
C VAL KA 103 109.02 49.75 -46.78
N THR KA 104 109.02 49.19 -45.56
CA THR KA 104 109.86 49.57 -44.43
C THR KA 104 109.49 50.88 -43.76
N ASP KA 105 108.65 51.71 -44.37
CA ASP KA 105 108.26 52.97 -43.73
C ASP KA 105 106.78 53.26 -43.77
N GLN KA 106 106.00 52.58 -44.61
CA GLN KA 106 104.59 52.89 -44.81
C GLN KA 106 104.41 54.35 -45.21
N ARG KA 107 105.25 54.79 -46.13
CA ARG KA 107 105.29 56.17 -46.59
C ARG KA 107 104.78 56.24 -48.02
N LEU KA 108 103.78 57.08 -48.25
CA LEU KA 108 103.25 57.29 -49.59
C LEU KA 108 104.09 58.32 -50.34
N PRO KA 109 104.10 58.26 -51.68
CA PRO KA 109 104.95 59.18 -52.45
C PRO KA 109 104.34 60.56 -52.60
N LEU KA 110 103.89 61.15 -51.51
CA LEU KA 110 103.24 62.46 -51.56
C LEU KA 110 103.92 63.53 -50.71
N ALA KA 111 104.99 63.19 -50.00
CA ALA KA 111 105.72 64.19 -49.24
C ALA KA 111 106.28 65.26 -50.19
N THR KA 112 106.35 66.50 -49.69
CA THR KA 112 106.92 67.59 -50.46
C THR KA 112 108.44 67.68 -50.33
N VAL KA 113 109.05 66.80 -49.55
CA VAL KA 113 110.51 66.72 -49.36
C VAL KA 113 111.08 67.98 -48.73
N SER LA 1 106.29 57.20 -58.49
CA SER LA 1 106.17 58.63 -58.29
C SER LA 1 106.17 59.40 -59.62
N LYS LA 2 107.28 59.31 -60.34
CA LYS LA 2 107.46 60.10 -61.57
C LYS LA 2 107.85 59.14 -62.69
N VAL LA 3 108.43 59.69 -63.75
CA VAL LA 3 108.65 59.00 -65.02
C VAL LA 3 109.24 57.60 -64.82
N PHE LA 4 108.49 56.60 -65.29
CA PHE LA 4 108.91 55.21 -65.25
C PHE LA 4 108.72 54.63 -66.65
N ASN LA 5 109.70 53.86 -67.13
CA ASN LA 5 109.65 53.26 -68.46
C ASN LA 5 109.41 54.33 -69.52
N THR LA 6 110.08 55.47 -69.37
CA THR LA 6 110.00 56.65 -70.22
C THR LA 6 108.61 57.30 -70.21
N GLN LA 7 107.68 56.80 -69.41
CA GLN LA 7 106.33 57.34 -69.34
C GLN LA 7 106.17 58.18 -68.08
N THR LA 8 105.60 59.37 -68.22
CA THR LA 8 105.39 60.28 -67.11
C THR LA 8 104.09 59.92 -66.42
N PHE LA 9 104.17 59.62 -65.12
CA PHE LA 9 103.00 59.27 -64.33
C PHE LA 9 102.69 60.45 -63.41
N ASP LA 10 101.62 61.16 -63.71
CA ASP LA 10 101.18 62.28 -62.90
C ASP LA 10 100.02 61.85 -62.01
N ILE LA 11 99.88 62.53 -60.87
CA ILE LA 11 98.96 62.05 -59.83
C ILE LA 11 97.54 62.06 -60.37
N TYR LA 12 96.87 60.91 -60.28
CA TYR LA 12 95.49 60.77 -60.70
C TYR LA 12 94.49 60.90 -59.57
N SER LA 13 94.83 60.38 -58.39
CA SER LA 13 93.96 60.49 -57.24
C SER LA 13 94.77 60.24 -55.98
N THR LA 14 94.24 60.72 -54.86
CA THR LA 14 94.88 60.50 -53.57
C THR LA 14 93.84 60.04 -52.58
N GLU LA 15 94.23 59.13 -51.69
CA GLU LA 15 93.38 58.60 -50.65
C GLU LA 15 94.16 58.63 -49.34
N LYS LA 16 93.49 58.20 -48.26
CA LYS LA 16 94.17 58.07 -46.98
C LYS LA 16 95.35 57.11 -47.07
N ASP LA 17 95.21 56.04 -47.86
CA ASP LA 17 96.25 55.02 -47.95
C ASP LA 17 96.62 54.65 -49.38
N VAL LA 18 96.00 55.28 -50.38
CA VAL LA 18 96.31 54.98 -51.77
C VAL LA 18 96.64 56.27 -52.50
N VAL LA 19 97.73 56.24 -53.26
CA VAL LA 19 98.07 57.31 -54.19
C VAL LA 19 98.14 56.68 -55.58
N SER LA 20 97.37 57.22 -56.50
CA SER LA 20 97.26 56.68 -57.84
C SER LA 20 97.75 57.71 -58.85
N LEU LA 21 98.63 57.28 -59.74
CA LEU LA 21 99.19 58.12 -60.78
C LEU LA 21 98.76 57.59 -62.14
N ARG LA 22 98.64 58.49 -63.10
CA ARG LA 22 98.27 58.13 -64.45
C ARG LA 22 99.30 58.66 -65.42
N ASP LA 23 99.44 57.98 -66.56
CA ASP LA 23 100.28 58.49 -67.63
C ASP LA 23 99.67 59.76 -68.24
N PHE LA 24 98.38 59.71 -68.56
CA PHE LA 24 97.63 60.81 -69.19
C PHE LA 24 98.07 61.05 -70.62
N ALA LA 25 99.12 60.36 -71.06
CA ALA LA 25 99.56 60.41 -72.45
C ALA LA 25 98.94 59.29 -73.28
N ASN LA 26 99.20 58.04 -72.91
CA ASN LA 26 98.49 56.91 -73.50
C ASN LA 26 97.18 56.63 -72.79
N ASP LA 27 96.93 57.28 -71.66
CA ASP LA 27 95.64 57.23 -70.96
C ASP LA 27 95.26 55.81 -70.58
N LYS LA 28 96.25 54.94 -70.38
CA LYS LA 28 95.98 53.54 -70.20
C LYS LA 28 96.63 52.91 -68.99
N ASP LA 29 97.63 53.55 -68.38
CA ASP LA 29 98.42 52.96 -67.30
C ASP LA 29 98.16 53.71 -66.00
N THR LA 30 97.87 52.97 -64.95
CA THR LA 30 97.65 53.55 -63.62
C THR LA 30 98.54 52.84 -62.62
N LEU LA 31 99.31 53.62 -61.88
CA LEU LA 31 100.25 53.13 -60.88
C LEU LA 31 99.73 53.48 -59.49
N ALA LA 32 99.46 52.48 -58.68
CA ALA LA 32 98.92 52.69 -57.34
C ALA LA 32 99.95 52.30 -56.29
N TYR LA 33 100.08 53.15 -55.27
CA TYR LA 33 100.83 52.90 -54.06
C TYR LA 33 99.82 52.80 -52.92
N LYS LA 34 99.80 51.68 -52.22
CA LYS LA 34 98.80 51.42 -51.20
C LYS LA 34 99.49 51.02 -49.91
N ARG LA 35 98.90 51.44 -48.79
CA ARG LA 35 99.52 51.37 -47.48
C ARG LA 35 98.54 50.76 -46.48
N LEU LA 36 99.05 49.94 -45.58
CA LEU LA 36 98.25 49.44 -44.45
C LEU LA 36 99.15 49.33 -43.25
N ALA LA 37 99.04 50.27 -42.32
CA ALA LA 37 99.86 50.24 -41.13
C ALA LA 37 99.55 48.99 -40.31
N PRO LA 38 100.55 48.45 -39.60
CA PRO LA 38 100.30 47.27 -38.77
C PRO LA 38 99.37 47.58 -37.62
N LYS LA 39 98.57 46.59 -37.25
CA LYS LA 39 97.65 46.69 -36.12
C LYS LA 39 98.01 45.62 -35.10
N ARG LA 40 98.10 46.00 -33.83
CA ARG LA 40 98.55 45.11 -32.76
C ARG LA 40 97.34 44.39 -32.16
N THR LA 41 96.80 43.45 -32.94
CA THR LA 41 95.64 42.70 -32.47
C THR LA 41 95.99 41.73 -31.36
N LYS LA 42 97.27 41.47 -31.14
CA LYS LA 42 97.74 40.60 -30.08
C LYS LA 42 99.08 41.13 -29.60
N ASP LA 43 99.83 40.27 -28.91
CA ASP LA 43 101.18 40.60 -28.47
C ASP LA 43 102.05 40.96 -29.66
N SER LA 44 101.71 40.43 -30.82
CA SER LA 44 102.42 40.78 -32.05
C SER LA 44 102.23 42.27 -32.33
N PRO LA 45 103.23 42.93 -32.93
CA PRO LA 45 103.02 44.32 -33.38
C PRO LA 45 102.25 44.42 -34.68
N GLY LA 46 101.78 43.28 -35.22
CA GLY LA 46 101.05 43.28 -36.46
C GLY LA 46 101.95 43.22 -37.68
N MET LA 47 101.32 43.13 -38.84
CA MET LA 47 102.02 43.13 -40.11
C MET LA 47 101.78 44.46 -40.82
N ALA LA 48 102.87 45.08 -41.27
CA ALA LA 48 102.78 46.27 -42.11
C ALA LA 48 102.62 45.81 -43.56
N LYS LA 49 101.55 46.24 -44.21
CA LYS LA 49 101.27 45.89 -45.59
C LYS LA 49 101.61 47.05 -46.51
N SER LA 50 102.23 46.73 -47.63
CA SER LA 50 102.37 47.69 -48.72
C SER LA 50 101.89 47.04 -50.00
N GLU LA 51 101.60 47.88 -51.00
CA GLU LA 51 101.17 47.36 -52.28
C GLU LA 51 101.61 48.33 -53.37
N LEU LA 52 102.26 47.83 -54.40
CA LEU LA 52 102.65 48.64 -55.55
C LEU LA 52 102.13 47.96 -56.80
N LYS LA 53 101.10 48.51 -57.41
CA LYS LA 53 100.45 47.84 -58.52
C LYS LA 53 100.42 48.72 -59.76
N ILE LA 54 100.53 48.08 -60.91
CA ILE LA 54 100.41 48.74 -62.20
C ILE LA 54 99.27 48.08 -62.96
N THR LA 55 98.39 48.90 -63.51
CA THR LA 55 97.22 48.42 -64.23
C THR LA 55 97.22 49.03 -65.62
N ARG LA 56 96.98 48.19 -66.62
CA ARG LA 56 96.80 48.64 -67.99
C ARG LA 56 95.39 48.31 -68.42
N VAL LA 57 94.63 49.32 -68.83
CA VAL LA 57 93.35 49.14 -69.48
C VAL LA 57 93.38 49.92 -70.78
N ASP LA 58 92.84 49.32 -71.83
CA ASP LA 58 92.79 50.05 -73.08
C ASP LA 58 91.66 51.07 -73.01
N PRO LA 59 91.94 52.37 -73.20
CA PRO LA 59 90.94 53.39 -72.87
C PRO LA 59 89.97 53.70 -73.98
N THR LA 60 89.47 52.70 -74.69
CA THR LA 60 88.34 52.93 -75.57
C THR LA 60 87.20 51.99 -75.20
N THR LA 61 87.51 50.70 -75.05
CA THR LA 61 86.54 49.73 -74.59
C THR LA 61 86.70 49.39 -73.12
N GLY LA 62 87.77 49.86 -72.48
CA GLY LA 62 87.93 49.67 -71.06
C GLY LA 62 88.01 48.26 -70.57
N VAL LA 63 88.71 47.37 -71.30
CA VAL LA 63 88.94 46.02 -70.82
C VAL LA 63 90.33 45.98 -70.20
N LEU LA 64 90.49 45.16 -69.17
CA LEU LA 64 91.73 45.06 -68.44
C LEU LA 64 92.73 44.25 -69.26
N ILE LA 65 93.81 44.90 -69.71
CA ILE LA 65 94.87 44.15 -70.37
C ILE LA 65 95.65 43.32 -69.37
N GLY LA 66 96.03 43.90 -68.24
CA GLY LA 66 96.78 43.15 -67.25
C GLY LA 66 97.14 43.99 -66.05
N ILE LA 67 97.47 43.29 -64.95
CA ILE LA 67 97.90 43.88 -63.69
C ILE LA 67 99.15 43.17 -63.22
N VAL LA 68 100.14 43.94 -62.75
CA VAL LA 68 101.28 43.40 -62.03
C VAL LA 68 101.29 44.04 -60.66
N ASN LA 69 101.37 43.22 -59.61
CA ASN LA 69 101.19 43.65 -58.25
C ASN LA 69 102.40 43.25 -57.41
N VAL LA 70 102.96 44.21 -56.67
CA VAL LA 70 104.04 43.95 -55.74
C VAL LA 70 103.51 44.21 -54.34
N SER LA 71 103.31 43.15 -53.57
CA SER LA 71 102.73 43.26 -52.25
C SER LA 71 103.76 42.90 -51.18
N SER LA 72 103.69 43.58 -50.05
CA SER LA 72 104.56 43.32 -48.92
C SER LA 72 103.72 43.05 -47.69
N SER LA 73 104.14 42.05 -46.91
CA SER LA 73 103.54 41.76 -45.61
C SER LA 73 104.71 41.46 -44.68
N ILE LA 74 105.23 42.51 -44.04
CA ILE LA 74 106.40 42.41 -43.19
C ILE LA 74 105.98 42.70 -41.76
N ARG LA 75 106.50 41.91 -40.82
CA ARG LA 75 106.26 42.15 -39.41
C ARG LA 75 106.67 43.56 -39.03
N ALA LA 76 105.84 44.21 -38.21
CA ALA LA 76 106.16 45.57 -37.78
C ALA LA 76 107.47 45.61 -37.00
N ASP LA 77 107.74 44.56 -36.23
CA ASP LA 77 108.98 44.47 -35.47
C ASP LA 77 110.19 44.07 -36.33
N ALA LA 78 109.96 43.64 -37.57
CA ALA LA 78 111.03 43.07 -38.37
C ALA LA 78 112.10 44.09 -38.65
N THR LA 79 113.35 43.67 -38.52
CA THR LA 79 114.48 44.55 -38.68
C THR LA 79 114.59 45.01 -40.12
N ALA LA 80 115.27 46.15 -40.31
CA ALA LA 80 115.54 46.63 -41.66
C ALA LA 80 116.39 45.66 -42.44
N ALA LA 81 117.16 44.81 -41.75
CA ALA LA 81 117.94 43.80 -42.44
C ALA LA 81 117.04 42.80 -43.15
N ASP LA 82 116.01 42.31 -42.46
CA ASP LA 82 115.08 41.38 -43.10
C ASP LA 82 114.35 42.05 -44.25
N LYS LA 83 113.92 43.30 -44.08
CA LYS LA 83 113.20 43.99 -45.14
C LYS LA 83 114.09 44.23 -46.36
N THR LA 84 115.34 44.63 -46.13
CA THR LA 84 116.26 44.84 -47.24
C THR LA 84 116.60 43.53 -47.94
N ALA LA 85 116.76 42.45 -47.17
CA ALA LA 85 117.03 41.16 -47.80
C ALA LA 85 115.85 40.69 -48.63
N LEU LA 86 114.63 40.88 -48.11
CA LEU LA 86 113.44 40.53 -48.86
C LEU LA 86 113.35 41.29 -50.16
N MET LA 87 113.60 42.61 -50.10
CA MET LA 87 113.57 43.42 -51.31
C MET LA 87 114.65 42.99 -52.29
N ALA LA 88 115.86 42.74 -51.80
CA ALA LA 88 116.96 42.36 -52.68
C ALA LA 88 116.68 41.02 -53.36
N ILE LA 89 116.18 40.06 -52.60
CA ILE LA 89 115.88 38.75 -53.18
C ILE LA 89 114.79 38.88 -54.24
N ILE LA 90 113.73 39.62 -53.94
CA ILE LA 90 112.62 39.68 -54.89
C ILE LA 90 113.04 40.45 -56.15
N THR LA 91 113.84 41.51 -56.01
CA THR LA 91 114.30 42.25 -57.17
C THR LA 91 115.26 41.42 -58.00
N ALA LA 92 116.15 40.67 -57.35
CA ALA LA 92 117.04 39.78 -58.08
C ALA LA 92 116.26 38.70 -58.83
N ALA LA 93 115.23 38.16 -58.20
CA ALA LA 93 114.39 37.16 -58.87
C ALA LA 93 113.66 37.76 -60.05
N GLN LA 94 113.15 38.98 -59.92
CA GLN LA 94 112.47 39.62 -61.03
C GLN LA 94 113.43 39.90 -62.19
N ALA LA 95 114.63 40.38 -61.90
CA ALA LA 95 115.61 40.64 -62.94
C ALA LA 95 116.01 39.38 -63.67
N ASP LA 96 115.95 38.23 -63.01
CA ASP LA 96 116.30 36.96 -63.62
C ASP LA 96 115.22 36.52 -64.61
N GLY LA 97 115.63 35.74 -65.60
CA GLY LA 97 114.74 35.39 -66.70
C GLY LA 97 113.59 34.49 -66.33
N ALA LA 98 113.68 33.76 -65.22
CA ALA LA 98 112.61 32.84 -64.84
C ALA LA 98 111.30 33.60 -64.63
N TRP LA 99 111.35 34.75 -63.97
CA TRP LA 99 110.14 35.57 -63.83
C TRP LA 99 109.65 36.07 -65.17
N THR LA 100 110.56 36.45 -66.06
CA THR LA 100 110.19 36.93 -67.38
C THR LA 100 109.44 35.87 -68.17
N GLU LA 101 109.84 34.61 -68.08
CA GLU LA 101 109.10 33.53 -68.74
C GLU LA 101 107.84 33.12 -68.00
N LEU LA 102 107.86 33.15 -66.66
CA LEU LA 102 106.66 32.86 -65.89
C LEU LA 102 105.52 33.78 -66.31
N VAL LA 103 105.81 35.07 -66.45
CA VAL LA 103 104.93 35.94 -67.20
C VAL LA 103 105.18 35.70 -68.69
N THR LA 104 104.15 35.87 -69.51
CA THR LA 104 104.24 35.73 -70.97
C THR LA 104 104.37 34.28 -71.43
N ASP LA 105 104.63 33.35 -70.52
CA ASP LA 105 104.72 31.95 -70.92
C ASP LA 105 104.01 30.98 -69.99
N GLN LA 106 103.76 31.36 -68.74
CA GLN LA 106 103.35 30.43 -67.70
C GLN LA 106 104.35 29.28 -67.59
N ARG LA 107 105.64 29.63 -67.67
CA ARG LA 107 106.72 28.66 -67.65
C ARG LA 107 107.35 28.64 -66.26
N LEU LA 108 107.25 27.50 -65.58
CA LEU LA 108 107.86 27.34 -64.28
C LEU LA 108 109.36 27.09 -64.41
N PRO LA 109 110.14 27.48 -63.41
CA PRO LA 109 111.59 27.23 -63.47
C PRO LA 109 111.90 25.76 -63.21
N LEU LA 110 111.57 24.91 -64.17
CA LEU LA 110 111.92 23.50 -64.09
C LEU LA 110 112.37 22.92 -65.42
N ALA LA 111 112.55 23.75 -66.45
CA ALA LA 111 112.98 23.26 -67.75
C ALA LA 111 114.44 22.81 -67.69
N THR LA 112 114.74 21.73 -68.41
CA THR LA 112 116.09 21.18 -68.45
C THR LA 112 116.95 21.81 -69.53
N VAL LA 113 116.39 22.70 -70.34
CA VAL LA 113 117.11 23.39 -71.43
C VAL LA 113 117.67 22.38 -72.43
N SER MA 1 100.47 85.58 -17.68
CA SER MA 1 100.66 86.29 -16.42
C SER MA 1 100.39 87.78 -16.58
N LYS MA 2 101.05 88.40 -17.57
CA LYS MA 2 100.98 89.84 -17.75
C LYS MA 2 100.83 90.14 -19.24
N VAL MA 3 101.11 91.39 -19.62
CA VAL MA 3 100.73 91.98 -20.90
C VAL MA 3 101.01 91.06 -22.07
N PHE MA 4 99.96 90.73 -22.82
CA PHE MA 4 100.03 89.91 -24.01
C PHE MA 4 99.32 90.64 -25.13
N ASN MA 5 99.95 90.71 -26.29
CA ASN MA 5 99.37 91.39 -27.45
C ASN MA 5 99.03 92.83 -27.11
N THR MA 6 99.90 93.47 -26.33
CA THR MA 6 99.78 94.84 -25.83
C THR MA 6 98.56 95.04 -24.92
N GLN MA 7 97.83 93.99 -24.58
CA GLN MA 7 96.72 94.09 -23.65
C GLN MA 7 97.18 93.61 -22.28
N THR MA 8 96.78 94.32 -21.24
CA THR MA 8 97.14 94.00 -19.87
C THR MA 8 96.14 93.00 -19.32
N PHE MA 9 96.63 91.88 -18.81
CA PHE MA 9 95.80 90.86 -18.19
C PHE MA 9 96.07 90.86 -16.70
N ASP MA 10 95.07 91.21 -15.91
CA ASP MA 10 95.16 91.17 -14.47
C ASP MA 10 94.46 89.92 -13.94
N ILE MA 11 94.93 89.41 -12.82
CA ILE MA 11 94.33 88.22 -12.25
C ILE MA 11 92.88 88.51 -11.87
N TYR MA 12 91.96 87.72 -12.41
CA TYR MA 12 90.55 87.84 -12.10
C TYR MA 12 90.10 86.85 -11.04
N SER MA 13 90.65 85.64 -11.04
CA SER MA 13 90.18 84.60 -10.15
C SER MA 13 91.32 83.63 -9.87
N THR MA 14 91.37 83.17 -8.64
CA THR MA 14 92.37 82.17 -8.25
C THR MA 14 91.65 80.98 -7.65
N GLU MA 15 91.91 79.80 -8.20
CA GLU MA 15 91.29 78.57 -7.76
C GLU MA 15 92.36 77.55 -7.38
N LYS MA 16 91.90 76.37 -7.00
CA LYS MA 16 92.81 75.28 -6.63
C LYS MA 16 93.70 74.90 -7.79
N ASP MA 17 93.09 74.61 -8.95
CA ASP MA 17 93.83 74.19 -10.13
C ASP MA 17 93.58 75.12 -11.32
N VAL MA 18 92.97 76.29 -11.11
CA VAL MA 18 92.69 77.24 -12.18
C VAL MA 18 93.10 78.63 -11.74
N VAL MA 19 93.71 79.36 -12.67
CA VAL MA 19 94.00 80.78 -12.48
C VAL MA 19 93.46 81.51 -13.71
N SER MA 20 92.65 82.54 -13.49
CA SER MA 20 91.98 83.25 -14.56
C SER MA 20 92.35 84.72 -14.52
N LEU MA 21 92.80 85.25 -15.66
CA LEU MA 21 93.14 86.65 -15.85
C LEU MA 21 92.16 87.30 -16.81
N ARG MA 22 91.81 88.54 -16.53
CA ARG MA 22 90.91 89.31 -17.37
C ARG MA 22 91.63 90.55 -17.85
N ASP MA 23 91.32 90.98 -19.07
CA ASP MA 23 91.89 92.22 -19.59
C ASP MA 23 91.45 93.42 -18.76
N PHE MA 24 90.15 93.50 -18.43
CA PHE MA 24 89.58 94.55 -17.61
C PHE MA 24 89.57 95.89 -18.34
N ALA MA 25 90.17 95.93 -19.52
CA ALA MA 25 90.14 97.11 -20.37
C ALA MA 25 89.10 96.98 -21.47
N ASN MA 26 89.20 95.93 -22.28
CA ASN MA 26 88.15 95.61 -23.24
C ASN MA 26 87.03 94.79 -22.64
N ASP MA 27 87.26 94.20 -21.47
CA ASP MA 27 86.25 93.43 -20.74
C ASP MA 27 85.67 92.30 -21.60
N LYS MA 28 86.49 91.73 -22.49
CA LYS MA 28 86.02 90.67 -23.34
C LYS MA 28 86.98 89.50 -23.47
N ASP MA 29 88.20 89.61 -22.95
CA ASP MA 29 89.20 88.56 -23.06
C ASP MA 29 89.50 87.96 -21.70
N THR MA 30 89.47 86.63 -21.62
CA THR MA 30 89.80 85.90 -20.41
C THR MA 30 90.84 84.83 -20.72
N LEU MA 31 91.91 84.80 -19.95
CA LEU MA 31 92.98 83.82 -20.11
C LEU MA 31 92.99 82.91 -18.89
N ALA MA 32 92.83 81.61 -19.13
CA ALA MA 32 92.74 80.62 -18.05
C ALA MA 32 93.90 79.65 -18.14
N TYR MA 33 94.57 79.44 -17.02
CA TYR MA 33 95.56 78.39 -16.81
C TYR MA 33 94.90 77.32 -15.96
N LYS MA 34 94.77 76.11 -16.51
CA LYS MA 34 94.12 74.99 -15.84
C LYS MA 34 95.10 73.83 -15.68
N ARG MA 35 94.97 73.14 -14.56
CA ARG MA 35 95.89 72.10 -14.12
C ARG MA 35 95.12 70.83 -13.83
N LEU MA 36 95.77 69.68 -14.05
CA LEU MA 36 95.18 68.40 -13.66
C LEU MA 36 96.32 67.42 -13.44
N ALA MA 37 96.50 66.99 -12.19
CA ALA MA 37 97.63 66.14 -11.85
C ALA MA 37 97.49 64.77 -12.53
N PRO MA 38 98.62 64.14 -12.86
CA PRO MA 38 98.55 62.77 -13.41
C PRO MA 38 98.08 61.78 -12.37
N LYS MA 39 97.16 60.92 -12.77
CA LYS MA 39 96.51 59.99 -11.86
C LYS MA 39 97.00 58.58 -12.11
N ARG MA 40 97.55 57.96 -11.06
CA ARG MA 40 98.16 56.63 -11.14
C ARG MA 40 97.08 55.57 -10.93
N THR MA 41 96.15 55.52 -11.90
CA THR MA 41 95.08 54.53 -11.84
C THR MA 41 95.59 53.12 -12.10
N LYS MA 42 96.84 52.97 -12.51
CA LYS MA 42 97.41 51.69 -12.85
C LYS MA 42 98.92 51.78 -12.66
N ASP MA 43 99.64 50.81 -13.22
CA ASP MA 43 101.09 50.81 -13.22
C ASP MA 43 101.65 52.13 -13.73
N SER MA 44 101.07 52.65 -14.80
CA SER MA 44 101.53 53.90 -15.38
C SER MA 44 101.32 55.05 -14.40
N PRO MA 45 102.23 56.02 -14.34
CA PRO MA 45 102.07 57.12 -13.38
C PRO MA 45 100.96 58.10 -13.74
N GLY MA 46 100.31 57.93 -14.89
CA GLY MA 46 99.23 58.80 -15.29
C GLY MA 46 99.69 59.90 -16.23
N MET MA 47 98.71 60.67 -16.70
CA MET MA 47 98.95 61.73 -17.66
C MET MA 47 98.66 63.08 -17.02
N ALA MA 48 99.64 63.96 -17.04
CA ALA MA 48 99.52 65.28 -16.45
C ALA MA 48 98.90 66.24 -17.46
N LYS MA 49 97.69 66.71 -17.17
CA LYS MA 49 96.95 67.55 -18.09
C LYS MA 49 97.20 69.02 -17.77
N SER MA 50 97.50 69.79 -18.80
CA SER MA 50 97.60 71.23 -18.70
C SER MA 50 96.61 71.87 -19.66
N GLU MA 51 96.31 73.14 -19.42
CA GLU MA 51 95.39 73.85 -20.29
C GLU MA 51 95.71 75.35 -20.24
N LEU MA 52 95.82 75.96 -21.41
CA LEU MA 52 95.96 77.41 -21.52
C LEU MA 52 94.96 77.88 -22.57
N LYS MA 53 93.92 78.59 -22.15
CA LYS MA 53 92.87 78.97 -23.07
C LYS MA 53 92.59 80.46 -23.00
N ILE MA 54 92.27 81.04 -24.15
CA ILE MA 54 91.85 82.43 -24.26
C ILE MA 54 90.44 82.45 -24.82
N THR MA 55 89.54 83.17 -24.14
CA THR MA 55 88.14 83.23 -24.51
C THR MA 55 87.75 84.68 -24.74
N ARG MA 56 87.11 84.94 -25.86
CA ARG MA 56 86.59 86.27 -26.17
C ARG MA 56 85.07 86.20 -26.17
N VAL MA 57 84.44 87.05 -25.38
CA VAL MA 57 82.99 87.14 -25.30
C VAL MA 57 82.60 88.59 -25.50
N ASP MA 58 81.68 88.82 -26.42
CA ASP MA 58 81.31 90.19 -26.74
C ASP MA 58 80.64 90.85 -25.55
N PRO MA 59 81.22 91.91 -24.99
CA PRO MA 59 80.74 92.42 -23.69
C PRO MA 59 79.60 93.43 -23.77
N THR MA 60 78.58 93.18 -24.59
CA THR MA 60 77.35 93.96 -24.49
C THR MA 60 76.15 93.03 -24.45
N THR MA 61 76.21 91.91 -25.16
CA THR MA 61 75.19 90.89 -25.11
C THR MA 61 75.70 89.54 -24.62
N GLY MA 62 77.01 89.36 -24.52
CA GLY MA 62 77.57 88.13 -24.00
C GLY MA 62 77.64 86.97 -24.96
N VAL MA 63 77.93 87.23 -26.24
CA VAL MA 63 78.04 86.17 -27.23
C VAL MA 63 79.51 85.78 -27.38
N LEU MA 64 79.77 84.48 -27.29
CA LEU MA 64 81.13 83.95 -27.40
C LEU MA 64 81.64 84.15 -28.83
N ILE MA 65 82.60 85.05 -28.99
CA ILE MA 65 83.21 85.27 -30.30
C ILE MA 65 84.09 84.10 -30.70
N GLY MA 66 84.92 83.61 -29.80
CA GLY MA 66 85.82 82.53 -30.15
C GLY MA 66 86.66 82.10 -28.97
N ILE MA 67 87.25 80.92 -29.11
CA ILE MA 67 88.13 80.34 -28.11
C ILE MA 67 89.32 79.71 -28.82
N VAL MA 68 90.52 80.00 -28.33
CA VAL MA 68 91.73 79.26 -28.70
C VAL MA 68 92.27 78.64 -27.43
N ASN MA 69 92.46 77.32 -27.44
CA ASN MA 69 92.88 76.57 -26.27
C ASN MA 69 94.13 75.78 -26.60
N VAL MA 70 95.09 75.78 -25.69
CA VAL MA 70 96.28 74.93 -25.80
C VAL MA 70 96.22 73.94 -24.64
N SER MA 71 96.00 72.68 -24.96
CA SER MA 71 95.91 71.63 -23.96
C SER MA 71 97.07 70.67 -24.12
N SER MA 72 97.61 70.21 -23.00
CA SER MA 72 98.69 69.23 -22.99
C SER MA 72 98.26 68.01 -22.19
N SER MA 73 98.61 66.85 -22.68
CA SER MA 73 98.37 65.59 -21.99
C SER MA 73 99.65 64.78 -22.13
N ILE MA 74 100.54 64.94 -21.15
CA ILE MA 74 101.87 64.34 -21.19
C ILE MA 74 101.98 63.33 -20.07
N ARG MA 75 102.61 62.18 -20.37
CA ARG MA 75 102.84 61.16 -19.37
C ARG MA 75 103.59 61.74 -18.18
N ALA MA 76 103.21 61.30 -16.98
CA ALA MA 76 103.87 61.77 -15.77
C ALA MA 76 105.35 61.44 -15.78
N ASP MA 77 105.73 60.32 -16.40
CA ASP MA 77 107.14 59.90 -16.45
C ASP MA 77 107.88 60.47 -17.64
N ALA MA 78 107.21 61.18 -18.54
CA ALA MA 78 107.86 61.67 -19.75
C ALA MA 78 109.01 62.62 -19.41
N THR MA 79 110.11 62.47 -20.14
CA THR MA 79 111.30 63.22 -19.86
C THR MA 79 111.10 64.70 -20.21
N ALA MA 80 111.89 65.55 -19.55
CA ALA MA 80 111.87 66.97 -19.87
C ALA MA 80 112.27 67.21 -21.32
N ALA MA 81 113.08 66.32 -21.88
CA ALA MA 81 113.41 66.42 -23.30
C ALA MA 81 112.17 66.22 -24.17
N ASP MA 82 111.35 65.22 -23.84
CA ASP MA 82 110.12 65.00 -24.59
C ASP MA 82 109.20 66.20 -24.49
N LYS MA 83 109.08 66.77 -23.30
CA LYS MA 83 108.17 67.89 -23.09
C LYS MA 83 108.66 69.14 -23.78
N THR MA 84 109.96 69.40 -23.72
CA THR MA 84 110.52 70.52 -24.46
C THR MA 84 110.35 70.33 -25.96
N ALA MA 85 110.56 69.12 -26.46
CA ALA MA 85 110.38 68.85 -27.89
C ALA MA 85 108.94 69.07 -28.32
N LEU MA 86 107.98 68.60 -27.52
CA LEU MA 86 106.58 68.79 -27.85
C LEU MA 86 106.24 70.27 -27.90
N MET MA 87 106.67 71.02 -26.89
CA MET MA 87 106.35 72.45 -26.86
C MET MA 87 107.01 73.18 -28.01
N ALA MA 88 108.27 72.83 -28.33
CA ALA MA 88 108.97 73.49 -29.43
C ALA MA 88 108.32 73.19 -30.77
N ILE MA 89 107.94 71.94 -31.01
CA ILE MA 89 107.31 71.58 -32.27
C ILE MA 89 105.99 72.31 -32.42
N ILE MA 90 105.17 72.32 -31.36
CA ILE MA 90 103.87 72.97 -31.50
C ILE MA 90 104.03 74.48 -31.66
N THR MA 91 105.01 75.09 -30.98
CA THR MA 91 105.23 76.52 -31.11
C THR MA 91 105.71 76.88 -32.51
N ALA MA 92 106.61 76.07 -33.08
CA ALA MA 92 107.07 76.29 -34.44
C ALA MA 92 105.93 76.12 -35.44
N ALA MA 93 105.09 75.11 -35.24
CA ALA MA 93 103.95 74.91 -36.14
C ALA MA 93 102.98 76.09 -36.08
N GLN MA 94 102.73 76.61 -34.88
CA GLN MA 94 101.88 77.80 -34.75
C GLN MA 94 102.53 79.01 -35.42
N ALA MA 95 103.85 79.16 -35.27
CA ALA MA 95 104.54 80.25 -35.95
C ALA MA 95 104.53 80.09 -37.46
N ASP MA 96 104.36 78.87 -37.95
CA ASP MA 96 104.21 78.63 -39.37
C ASP MA 96 102.86 79.16 -39.85
N GLY MA 97 102.80 79.49 -41.14
CA GLY MA 97 101.60 80.09 -41.70
C GLY MA 97 100.47 79.12 -41.94
N ALA MA 98 100.76 77.82 -41.96
CA ALA MA 98 99.70 76.83 -42.16
C ALA MA 98 98.66 76.91 -41.05
N TRP MA 99 99.10 77.18 -39.82
CA TRP MA 99 98.14 77.38 -38.74
C TRP MA 99 97.36 78.67 -38.91
N THR MA 100 98.03 79.74 -39.35
CA THR MA 100 97.36 81.01 -39.59
C THR MA 100 96.33 80.90 -40.70
N GLU MA 101 96.44 79.87 -41.54
CA GLU MA 101 95.45 79.62 -42.57
C GLU MA 101 94.35 78.68 -42.10
N LEU MA 102 94.73 77.63 -41.36
CA LEU MA 102 93.76 76.71 -40.78
C LEU MA 102 92.76 77.46 -39.90
N VAL MA 103 93.26 78.31 -39.04
CA VAL MA 103 92.43 79.34 -38.43
C VAL MA 103 92.27 80.45 -39.45
N THR MA 104 91.09 81.08 -39.47
CA THR MA 104 90.73 82.19 -40.34
C THR MA 104 90.45 81.80 -41.78
N ASP MA 105 90.75 80.56 -42.18
CA ASP MA 105 90.31 80.13 -43.50
C ASP MA 105 89.84 78.69 -43.56
N GLN MA 106 90.13 77.86 -42.56
CA GLN MA 106 89.88 76.42 -42.63
C GLN MA 106 90.58 75.81 -43.82
N ARG MA 107 91.81 76.27 -44.06
CA ARG MA 107 92.62 75.83 -45.18
C ARG MA 107 93.65 74.83 -44.69
N LEU MA 108 93.58 73.64 -45.20
CA LEU MA 108 94.48 72.57 -44.81
C LEU MA 108 95.80 72.67 -45.59
N PRO MA 109 96.88 72.16 -45.02
CA PRO MA 109 98.15 72.15 -45.74
C PRO MA 109 98.20 71.10 -46.83
N LEU MA 110 97.35 71.23 -47.84
CA LEU MA 110 97.37 70.36 -48.99
C LEU MA 110 97.22 71.10 -50.32
N ALA MA 111 96.93 72.40 -50.30
CA ALA MA 111 96.77 73.15 -51.53
C ALA MA 111 98.09 73.21 -52.30
N THR MA 112 98.00 73.16 -53.62
CA THR MA 112 99.18 73.17 -54.49
C THR MA 112 99.71 74.56 -54.76
N VAL MA 113 99.02 75.61 -54.31
CA VAL MA 113 99.41 77.00 -54.51
C VAL MA 113 99.48 77.34 -56.00
N SER NA 1 -55.02 52.65 -109.37
CA SER NA 1 -54.13 53.34 -110.29
C SER NA 1 -54.52 54.81 -110.41
N LYS NA 2 -55.74 55.06 -110.88
CA LYS NA 2 -56.25 56.41 -111.07
C LYS NA 2 -57.70 56.42 -110.60
N VAL NA 3 -58.44 57.47 -110.98
CA VAL NA 3 -59.76 57.75 -110.43
C VAL NA 3 -60.67 56.52 -110.42
N PHE NA 4 -61.14 56.16 -109.22
CA PHE NA 4 -62.05 55.05 -108.99
C PHE NA 4 -63.17 55.54 -108.10
N ASN NA 5 -64.41 55.26 -108.49
CA ASN NA 5 -65.58 55.67 -107.72
C ASN NA 5 -65.55 57.17 -107.45
N THR NA 6 -65.22 57.93 -108.51
CA THR NA 6 -65.12 59.38 -108.51
C THR NA 6 -64.08 59.91 -107.53
N GLN NA 7 -63.13 59.09 -107.10
CA GLN NA 7 -62.05 59.54 -106.24
C GLN NA 7 -60.72 59.31 -106.94
N THR NA 8 -59.81 60.27 -106.84
CA THR NA 8 -58.53 60.22 -107.52
C THR NA 8 -57.49 59.62 -106.58
N PHE NA 9 -56.92 58.49 -106.97
CA PHE NA 9 -55.92 57.80 -106.18
C PHE NA 9 -54.55 58.05 -106.80
N ASP NA 10 -53.69 58.74 -106.06
CA ASP NA 10 -52.33 59.03 -106.49
C ASP NA 10 -51.36 58.21 -105.66
N ILE NA 11 -50.22 57.88 -106.27
CA ILE NA 11 -49.24 57.04 -105.59
C ILE NA 11 -48.73 57.73 -104.35
N TYR NA 12 -48.82 57.06 -103.22
CA TYR NA 12 -48.22 57.53 -101.99
C TYR NA 12 -46.90 56.84 -101.69
N SER NA 13 -46.77 55.56 -102.01
CA SER NA 13 -45.57 54.83 -101.63
C SER NA 13 -45.34 53.69 -102.61
N THR NA 14 -44.07 53.34 -102.78
CA THR NA 14 -43.69 52.24 -103.64
C THR NA 14 -42.64 51.39 -102.94
N GLU NA 15 -42.91 50.11 -102.81
CA GLU NA 15 -41.97 49.16 -102.24
C GLU NA 15 -41.47 48.24 -103.34
N LYS NA 16 -40.71 47.23 -102.94
CA LYS NA 16 -40.29 46.22 -103.91
C LYS NA 16 -41.48 45.47 -104.46
N ASP NA 17 -42.47 45.15 -103.62
CA ASP NA 17 -43.61 44.37 -104.04
C ASP NA 17 -44.95 44.98 -103.64
N VAL NA 18 -44.96 46.20 -103.12
CA VAL NA 18 -46.21 46.88 -102.78
C VAL NA 18 -46.19 48.27 -103.41
N VAL NA 19 -47.32 48.66 -103.99
CA VAL NA 19 -47.59 50.03 -104.40
C VAL NA 19 -48.81 50.49 -103.63
N SER NA 20 -48.70 51.63 -102.96
CA SER NA 20 -49.79 52.20 -102.19
C SER NA 20 -50.18 53.55 -102.76
N LEU NA 21 -51.47 53.72 -103.01
CA LEU NA 21 -52.06 54.95 -103.52
C LEU NA 21 -53.05 55.49 -102.49
N ARG NA 22 -53.13 56.81 -102.43
CA ARG NA 22 -54.04 57.49 -101.51
C ARG NA 22 -54.91 58.46 -102.28
N ASP NA 23 -56.06 58.80 -101.68
CA ASP NA 23 -56.94 59.79 -102.29
C ASP NA 23 -56.37 61.20 -102.17
N PHE NA 24 -55.86 61.55 -100.99
CA PHE NA 24 -55.28 62.86 -100.71
C PHE NA 24 -56.34 63.95 -100.74
N ALA NA 25 -57.58 63.59 -101.09
CA ALA NA 25 -58.72 64.50 -101.09
C ALA NA 25 -59.58 64.33 -99.86
N ASN NA 26 -60.08 63.12 -99.61
CA ASN NA 26 -60.74 62.82 -98.36
C ASN NA 26 -59.79 62.28 -97.31
N ASP NA 27 -58.56 61.92 -97.71
CA ASP NA 27 -57.52 61.47 -96.79
C ASP NA 27 -57.99 60.32 -95.90
N LYS NA 28 -58.79 59.42 -96.47
CA LYS NA 28 -59.31 58.31 -95.70
C LYS NA 28 -59.16 56.96 -96.38
N ASP NA 29 -58.91 56.91 -97.68
CA ASP NA 29 -58.83 55.67 -98.42
C ASP NA 29 -57.41 55.42 -98.89
N THR NA 30 -56.96 54.17 -98.75
CA THR NA 30 -55.69 53.73 -99.30
C THR NA 30 -55.91 52.47 -100.10
N LEU NA 31 -55.42 52.45 -101.33
CA LEU NA 31 -55.51 51.31 -102.22
C LEU NA 31 -54.12 50.72 -102.40
N ALA NA 32 -53.96 49.44 -102.13
CA ALA NA 32 -52.67 48.77 -102.16
C ALA NA 32 -52.69 47.62 -103.16
N TYR NA 33 -51.68 47.59 -104.01
CA TYR NA 33 -51.41 46.49 -104.94
C TYR NA 33 -50.17 45.77 -104.45
N LYS NA 34 -50.27 44.46 -104.28
CA LYS NA 34 -49.26 43.69 -103.57
C LYS NA 34 -48.96 42.42 -104.37
N ARG NA 35 -47.69 42.04 -104.39
CA ARG NA 35 -47.16 41.11 -105.36
C ARG NA 35 -46.25 40.08 -104.69
N LEU NA 36 -46.54 38.79 -104.90
CA LEU NA 36 -45.64 37.71 -104.48
C LEU NA 36 -45.42 36.78 -105.66
N ALA NA 37 -44.19 36.75 -106.18
CA ALA NA 37 -43.86 35.83 -107.27
C ALA NA 37 -43.92 34.38 -106.78
N PRO NA 38 -44.28 33.44 -107.66
CA PRO NA 38 -44.33 32.03 -107.25
C PRO NA 38 -42.95 31.50 -106.94
N LYS NA 39 -42.89 30.59 -105.98
CA LYS NA 39 -41.62 29.99 -105.56
C LYS NA 39 -41.67 28.48 -105.78
N ARG NA 40 -40.74 27.98 -106.58
CA ARG NA 40 -40.66 26.56 -106.92
C ARG NA 40 -40.03 25.83 -105.73
N THR NA 41 -40.89 25.44 -104.79
CA THR NA 41 -40.43 24.70 -103.62
C THR NA 41 -40.54 23.20 -103.80
N LYS NA 42 -41.10 22.74 -104.91
CA LYS NA 42 -41.25 21.32 -105.20
C LYS NA 42 -41.40 21.16 -106.70
N ASP NA 43 -41.88 19.99 -107.12
CA ASP NA 43 -42.23 19.77 -108.52
C ASP NA 43 -43.25 20.80 -108.99
N SER NA 44 -44.04 21.34 -108.06
CA SER NA 44 -44.92 22.45 -108.39
C SER NA 44 -44.09 23.72 -108.59
N PRO NA 45 -44.43 24.56 -109.57
CA PRO NA 45 -43.70 25.81 -109.76
C PRO NA 45 -44.08 26.91 -108.78
N GLY NA 46 -44.95 26.62 -107.82
CA GLY NA 46 -45.40 27.62 -106.86
C GLY NA 46 -46.63 28.35 -107.31
N MET NA 47 -47.18 29.14 -106.39
CA MET NA 47 -48.39 29.92 -106.63
C MET NA 47 -48.05 31.40 -106.58
N ALA NA 48 -48.49 32.15 -107.58
CA ALA NA 48 -48.28 33.59 -107.64
C ALA NA 48 -49.40 34.28 -106.87
N LYS NA 49 -49.02 35.07 -105.87
CA LYS NA 49 -49.98 35.81 -105.07
C LYS NA 49 -50.15 37.23 -105.57
N SER NA 50 -51.38 37.66 -105.69
CA SER NA 50 -51.71 39.06 -105.87
C SER NA 50 -52.59 39.50 -104.71
N GLU NA 51 -52.60 40.79 -104.44
CA GLU NA 51 -53.45 41.32 -103.39
C GLU NA 51 -53.83 42.74 -103.73
N LEU NA 52 -55.12 43.05 -103.69
CA LEU NA 52 -55.62 44.37 -104.02
C LEU NA 52 -56.58 44.80 -102.93
N LYS NA 53 -56.13 45.68 -102.04
CA LYS NA 53 -56.94 46.03 -100.88
C LYS NA 53 -57.27 47.50 -100.86
N ILE NA 54 -58.49 47.81 -100.45
CA ILE NA 54 -58.91 49.18 -100.13
C ILE NA 54 -59.21 49.26 -98.65
N THR NA 55 -58.54 50.19 -97.97
CA THR NA 55 -58.75 50.41 -96.54
C THR NA 55 -59.28 51.83 -96.34
N ARG NA 56 -60.32 51.95 -95.52
CA ARG NA 56 -60.88 53.24 -95.15
C ARG NA 56 -60.65 53.47 -93.66
N VAL NA 57 -60.02 54.59 -93.35
CA VAL NA 57 -59.79 55.02 -91.97
C VAL NA 57 -60.30 56.45 -91.83
N ASP NA 58 -61.10 56.70 -90.81
CA ASP NA 58 -61.57 58.07 -90.65
C ASP NA 58 -60.41 58.98 -90.25
N PRO NA 59 -60.24 60.13 -90.88
CA PRO NA 59 -59.09 60.98 -90.58
C PRO NA 59 -59.33 61.95 -89.44
N THR NA 60 -59.94 61.47 -88.34
CA THR NA 60 -60.08 62.31 -87.16
C THR NA 60 -59.44 61.64 -85.95
N THR NA 61 -59.74 60.36 -85.76
CA THR NA 61 -59.15 59.56 -84.69
C THR NA 61 -58.40 58.35 -85.20
N GLY NA 62 -58.45 58.08 -86.50
CA GLY NA 62 -57.73 56.95 -87.06
C GLY NA 62 -58.35 55.60 -86.82
N VAL NA 63 -59.67 55.52 -86.65
CA VAL NA 63 -60.34 54.24 -86.48
C VAL NA 63 -60.59 53.63 -87.86
N LEU NA 64 -60.34 52.33 -87.96
CA LEU NA 64 -60.48 51.63 -89.24
C LEU NA 64 -61.95 51.33 -89.48
N ILE NA 65 -62.53 51.99 -90.48
CA ILE NA 65 -63.93 51.75 -90.81
C ILE NA 65 -64.12 50.37 -91.44
N GLY NA 66 -63.28 50.01 -92.40
CA GLY NA 66 -63.41 48.71 -93.00
C GLY NA 66 -62.42 48.52 -94.13
N ILE NA 67 -62.16 47.25 -94.45
CA ILE NA 67 -61.27 46.85 -95.52
C ILE NA 67 -62.00 45.89 -96.45
N VAL NA 68 -61.84 46.08 -97.75
CA VAL NA 68 -62.23 45.10 -98.75
C VAL NA 68 -60.98 44.69 -99.51
N ASN NA 69 -60.72 43.38 -99.56
CA ASN NA 69 -59.50 42.84 -100.15
C ASN NA 69 -59.85 41.87 -101.26
N VAL NA 70 -59.09 41.92 -102.35
CA VAL NA 70 -59.19 40.96 -103.44
C VAL NA 70 -57.83 40.31 -103.59
N SER NA 71 -57.72 39.06 -103.14
CA SER NA 71 -56.47 38.32 -103.20
C SER NA 71 -56.62 37.13 -104.14
N SER NA 72 -55.60 36.93 -104.97
CA SER NA 72 -55.56 35.79 -105.88
C SER NA 72 -54.33 34.94 -105.57
N SER NA 73 -54.49 33.63 -105.67
CA SER NA 73 -53.38 32.68 -105.49
C SER NA 73 -53.52 31.67 -106.63
N ILE NA 74 -52.73 31.84 -107.68
CA ILE NA 74 -52.87 31.07 -108.90
C ILE NA 74 -51.55 30.35 -109.19
N ARG NA 75 -51.67 29.10 -109.63
CA ARG NA 75 -50.51 28.29 -109.97
C ARG NA 75 -49.66 28.97 -111.03
N ALA NA 76 -48.34 28.86 -110.87
CA ALA NA 76 -47.42 29.48 -111.83
C ALA NA 76 -47.60 28.94 -113.23
N ASP NA 77 -47.84 27.63 -113.35
CA ASP NA 77 -48.04 27.00 -114.65
C ASP NA 77 -49.44 27.19 -115.19
N ALA NA 78 -50.34 27.79 -114.43
CA ALA NA 78 -51.74 27.85 -114.82
C ALA NA 78 -51.90 28.65 -116.10
N THR NA 79 -52.84 28.21 -116.93
CA THR NA 79 -53.06 28.84 -118.22
C THR NA 79 -53.70 30.21 -118.06
N ALA NA 80 -53.54 31.04 -119.09
CA ALA NA 80 -54.22 32.33 -119.10
C ALA NA 80 -55.73 32.16 -119.14
N ALA NA 81 -56.21 31.05 -119.72
CA ALA NA 81 -57.64 30.76 -119.71
C ALA NA 81 -58.14 30.53 -118.29
N ASP NA 82 -57.37 29.82 -117.47
CA ASP NA 82 -57.78 29.61 -116.09
C ASP NA 82 -57.88 30.92 -115.34
N LYS NA 83 -56.90 31.81 -115.53
CA LYS NA 83 -56.90 33.08 -114.84
C LYS NA 83 -58.04 33.98 -115.31
N THR NA 84 -58.28 34.00 -116.62
CA THR NA 84 -59.41 34.77 -117.14
C THR NA 84 -60.73 34.25 -116.59
N ALA NA 85 -60.88 32.92 -116.54
CA ALA NA 85 -62.11 32.34 -116.01
C ALA NA 85 -62.30 32.68 -114.54
N LEU NA 86 -61.23 32.59 -113.75
CA LEU NA 86 -61.33 32.93 -112.34
C LEU NA 86 -61.75 34.39 -112.15
N MET NA 87 -61.10 35.30 -112.88
CA MET NA 87 -61.44 36.72 -112.73
C MET NA 87 -62.86 37.01 -113.21
N ALA NA 88 -63.28 36.41 -114.32
CA ALA NA 88 -64.63 36.62 -114.81
C ALA NA 88 -65.67 36.09 -113.83
N ILE NA 89 -65.42 34.91 -113.25
CA ILE NA 89 -66.38 34.34 -112.31
C ILE NA 89 -66.49 35.22 -111.07
N ILE NA 90 -65.35 35.62 -110.51
CA ILE NA 90 -65.39 36.41 -109.29
C ILE NA 90 -66.01 37.78 -109.55
N THR NA 91 -65.76 38.37 -110.72
CA THR NA 91 -66.36 39.66 -111.04
C THR NA 91 -67.87 39.53 -111.23
N ALA NA 92 -68.33 38.46 -111.89
CA ALA NA 92 -69.76 38.26 -112.05
C ALA NA 92 -70.44 38.04 -110.71
N ALA NA 93 -69.79 37.30 -109.82
CA ALA NA 93 -70.34 37.07 -108.49
C ALA NA 93 -70.41 38.38 -107.69
N GLN NA 94 -69.39 39.22 -107.83
CA GLN NA 94 -69.41 40.52 -107.16
C GLN NA 94 -70.52 41.40 -107.71
N ALA NA 95 -70.74 41.37 -109.02
CA ALA NA 95 -71.81 42.16 -109.63
C ALA NA 95 -73.18 41.69 -109.20
N ASP NA 96 -73.32 40.43 -108.80
CA ASP NA 96 -74.59 39.92 -108.32
C ASP NA 96 -74.92 40.54 -106.96
N GLY NA 97 -76.22 40.60 -106.66
CA GLY NA 97 -76.67 41.17 -105.40
C GLY NA 97 -76.41 40.30 -104.20
N ALA NA 98 -76.12 39.01 -104.42
CA ALA NA 98 -75.81 38.13 -103.31
C ALA NA 98 -74.58 38.60 -102.56
N TRP NA 99 -73.56 39.03 -103.28
CA TRP NA 99 -72.37 39.60 -102.63
C TRP NA 99 -72.70 40.91 -101.96
N THR NA 100 -73.54 41.73 -102.59
CA THR NA 100 -73.89 43.03 -102.01
C THR NA 100 -74.70 42.86 -100.74
N GLU NA 101 -75.31 41.69 -100.54
CA GLU NA 101 -76.00 41.38 -99.29
C GLU NA 101 -75.07 40.72 -98.27
N LEU NA 102 -74.24 39.78 -98.72
CA LEU NA 102 -73.23 39.19 -97.85
C LEU NA 102 -72.39 40.28 -97.19
N VAL NA 103 -71.91 41.21 -97.97
CA VAL NA 103 -71.37 42.44 -97.42
C VAL NA 103 -72.54 43.35 -97.07
N THR NA 104 -72.41 44.08 -95.97
CA THR NA 104 -73.41 45.00 -95.42
C THR NA 104 -74.58 44.32 -94.74
N ASP NA 105 -74.76 43.01 -94.90
CA ASP NA 105 -75.91 42.35 -94.29
C ASP NA 105 -75.57 41.03 -93.62
N GLN NA 106 -74.43 40.41 -93.92
CA GLN NA 106 -74.09 39.08 -93.44
C GLN NA 106 -75.19 38.09 -93.80
N ARG NA 107 -75.64 38.16 -95.04
CA ARG NA 107 -76.72 37.35 -95.56
C ARG NA 107 -76.16 36.35 -96.57
N LEU NA 108 -76.38 35.06 -96.32
CA LEU NA 108 -75.98 34.02 -97.25
C LEU NA 108 -76.98 33.92 -98.39
N PRO NA 109 -76.56 33.43 -99.56
CA PRO NA 109 -77.47 33.39 -100.71
C PRO NA 109 -78.43 32.20 -100.67
N LEU NA 110 -79.05 31.97 -99.53
CA LEU NA 110 -79.95 30.85 -99.36
C LEU NA 110 -81.39 31.25 -99.04
N ALA NA 111 -81.68 32.53 -98.93
CA ALA NA 111 -83.05 32.98 -98.76
C ALA NA 111 -83.91 32.52 -99.92
N THR NA 112 -85.14 32.13 -99.63
CA THR NA 112 -86.09 31.71 -100.66
C THR NA 112 -86.86 32.88 -101.27
N VAL NA 113 -86.64 34.10 -100.78
CA VAL NA 113 -87.25 35.32 -101.31
C VAL NA 113 -88.77 35.33 -101.16
N SER OA 1 -74.52 32.82 -106.44
CA SER OA 1 -75.88 32.30 -106.43
C SER OA 1 -76.18 31.45 -107.66
N LYS OA 2 -76.32 32.09 -108.81
CA LYS OA 2 -76.73 31.42 -110.03
C LYS OA 2 -75.71 31.75 -111.12
N VAL OA 3 -76.10 31.51 -112.38
CA VAL OA 3 -75.20 31.51 -113.52
C VAL OA 3 -74.25 32.70 -113.53
N PHE OA 4 -72.95 32.42 -113.50
CA PHE OA 4 -71.90 33.42 -113.55
C PHE OA 4 -70.91 33.01 -114.63
N ASN OA 5 -70.49 33.99 -115.45
CA ASN OA 5 -69.55 33.73 -116.54
C ASN OA 5 -70.06 32.61 -117.45
N THR OA 6 -71.36 32.64 -117.74
CA THR OA 6 -72.09 31.65 -118.52
C THR OA 6 -72.12 30.28 -117.88
N GLN OA 7 -71.59 30.11 -116.68
CA GLN OA 7 -71.56 28.81 -116.01
C GLN OA 7 -72.58 28.79 -114.89
N THR OA 8 -73.36 27.72 -114.84
CA THR OA 8 -74.38 27.54 -113.81
C THR OA 8 -73.74 26.93 -112.57
N PHE OA 9 -73.85 27.63 -111.45
CA PHE OA 9 -73.31 27.19 -110.18
C PHE OA 9 -74.47 26.71 -109.32
N ASP OA 10 -74.60 25.39 -109.17
CA ASP OA 10 -75.65 24.80 -108.35
C ASP OA 10 -75.08 24.47 -106.98
N ILE OA 11 -75.96 24.47 -105.97
CA ILE OA 11 -75.50 24.41 -104.59
C ILE OA 11 -74.79 23.09 -104.34
N TYR OA 12 -73.59 23.17 -103.79
CA TYR OA 12 -72.79 21.99 -103.48
C TYR OA 12 -72.84 21.60 -102.02
N SER OA 13 -72.88 22.58 -101.12
CA SER OA 13 -72.97 22.29 -99.69
C SER OA 13 -73.42 23.54 -98.96
N THR OA 14 -73.97 23.33 -97.77
CA THR OA 14 -74.41 24.43 -96.93
C THR OA 14 -73.93 24.21 -95.51
N GLU OA 15 -73.22 25.18 -94.98
CA GLU OA 15 -72.76 25.20 -93.60
C GLU OA 15 -73.44 26.37 -92.89
N LYS OA 16 -73.31 26.41 -91.56
CA LYS OA 16 -73.89 27.48 -90.76
C LYS OA 16 -73.48 28.86 -91.28
N ASP OA 17 -72.24 28.98 -91.77
CA ASP OA 17 -71.74 30.27 -92.23
C ASP OA 17 -71.15 30.21 -93.63
N VAL OA 18 -71.16 29.06 -94.27
CA VAL OA 18 -70.62 28.91 -95.62
C VAL OA 18 -71.68 28.27 -96.50
N VAL OA 19 -71.83 28.82 -97.71
CA VAL OA 19 -72.64 28.21 -98.76
C VAL OA 19 -71.75 28.03 -99.98
N SER OA 20 -71.62 26.81 -100.45
CA SER OA 20 -70.73 26.46 -101.54
C SER OA 20 -71.55 25.96 -102.72
N LEU OA 21 -71.27 26.51 -103.90
CA LEU OA 21 -71.92 26.14 -105.15
C LEU OA 21 -70.89 25.52 -106.08
N ARG OA 22 -71.34 24.62 -106.93
CA ARG OA 22 -70.47 23.96 -107.88
C ARG OA 22 -71.05 24.11 -109.28
N ASP OA 23 -70.18 24.12 -110.28
CA ASP OA 23 -70.64 24.12 -111.66
C ASP OA 23 -71.36 22.82 -112.01
N PHE OA 24 -70.71 21.68 -111.71
CA PHE OA 24 -71.21 20.33 -111.97
C PHE OA 24 -71.20 20.00 -113.45
N ALA OA 25 -70.91 20.98 -114.29
CA ALA OA 25 -70.72 20.76 -115.72
C ALA OA 25 -69.26 20.48 -116.05
N ASN OA 26 -68.36 21.39 -115.70
CA ASN OA 26 -66.94 21.13 -115.81
C ASN OA 26 -66.35 20.55 -114.52
N ASP OA 27 -67.15 20.49 -113.45
CA ASP OA 27 -66.78 19.81 -112.21
C ASP OA 27 -65.49 20.36 -111.62
N LYS OA 28 -65.18 21.62 -111.89
CA LYS OA 28 -63.89 22.16 -111.51
C LYS OA 28 -63.95 23.46 -110.72
N ASP OA 29 -65.07 24.17 -110.73
CA ASP OA 29 -65.18 25.48 -110.11
C ASP OA 29 -66.13 25.43 -108.93
N THR OA 30 -65.70 25.96 -107.80
CA THR OA 30 -66.52 26.02 -106.60
C THR OA 30 -66.53 27.44 -106.07
N LEU OA 31 -67.73 27.97 -105.85
CA LEU OA 31 -67.95 29.33 -105.38
C LEU OA 31 -68.47 29.30 -103.95
N ALA OA 32 -67.74 29.90 -103.03
CA ALA OA 32 -68.09 29.88 -101.62
C ALA OA 32 -68.42 31.27 -101.13
N TYR OA 33 -69.50 31.37 -100.36
CA TYR OA 33 -69.92 32.56 -99.64
C TYR OA 33 -69.79 32.26 -98.16
N LYS OA 34 -68.99 33.06 -97.45
CA LYS OA 34 -68.67 32.79 -96.06
C LYS OA 34 -68.95 34.02 -95.23
N ARG OA 35 -69.47 33.79 -94.02
CA ARG OA 35 -70.04 34.82 -93.17
C ARG OA 35 -69.46 34.72 -91.77
N LEU OA 36 -69.00 35.85 -91.23
CA LEU OA 36 -68.54 35.91 -89.85
C LEU OA 36 -69.15 37.14 -89.20
N ALA OA 37 -70.21 36.95 -88.42
CA ALA OA 37 -70.88 38.08 -87.79
C ALA OA 37 -69.92 38.77 -86.81
N PRO OA 38 -70.07 40.08 -86.63
CA PRO OA 38 -69.20 40.80 -85.69
C PRO OA 38 -69.43 40.35 -84.27
N LYS OA 39 -68.36 40.33 -83.49
CA LYS OA 39 -68.41 39.98 -82.07
C LYS OA 39 -68.01 41.20 -81.25
N ARG OA 40 -68.84 41.54 -80.27
CA ARG OA 40 -68.65 42.74 -79.45
C ARG OA 40 -67.76 42.39 -78.27
N THR OA 41 -66.47 42.17 -78.56
CA THR OA 41 -65.52 41.79 -77.53
C THR OA 41 -65.13 42.96 -76.65
N LYS OA 42 -65.40 44.19 -77.08
CA LYS OA 42 -65.09 45.38 -76.32
C LYS OA 42 -66.16 46.42 -76.62
N ASP OA 43 -65.86 47.68 -76.31
CA ASP OA 43 -66.75 48.79 -76.64
C ASP OA 43 -67.02 48.82 -78.13
N SER OA 44 -66.07 48.35 -78.93
CA SER OA 44 -66.28 48.22 -80.36
C SER OA 44 -67.41 47.22 -80.62
N PRO OA 45 -68.25 47.45 -81.63
CA PRO OA 45 -69.26 46.44 -81.98
C PRO OA 45 -68.69 45.29 -82.79
N GLY OA 46 -67.37 45.21 -82.94
CA GLY OA 46 -66.75 44.15 -83.71
C GLY OA 46 -66.69 44.46 -85.19
N MET OA 47 -66.05 43.56 -85.91
CA MET OA 47 -65.94 43.64 -87.36
C MET OA 47 -66.76 42.53 -88.00
N ALA OA 48 -67.62 42.90 -88.95
CA ALA OA 48 -68.37 41.93 -89.74
C ALA OA 48 -67.49 41.47 -90.89
N LYS OA 49 -67.16 40.18 -90.92
CA LYS OA 49 -66.34 39.61 -91.96
C LYS OA 49 -67.23 38.94 -93.01
N SER OA 50 -66.91 39.17 -94.27
CA SER OA 50 -67.49 38.39 -95.35
C SER OA 50 -66.37 37.86 -96.23
N GLU OA 51 -66.67 36.79 -96.97
CA GLU OA 51 -65.69 36.20 -97.85
C GLU OA 51 -66.40 35.61 -99.06
N LEU OA 52 -65.90 35.90 -100.25
CA LEU OA 52 -66.47 35.37 -101.48
C LEU OA 52 -65.33 34.81 -102.31
N LYS OA 53 -65.20 33.49 -102.37
CA LYS OA 53 -64.05 32.89 -103.02
C LYS OA 53 -64.49 32.02 -104.19
N ILE OA 54 -63.65 31.98 -105.22
CA ILE OA 54 -63.80 31.06 -106.33
C ILE OA 54 -62.56 30.18 -106.36
N THR OA 55 -62.78 28.88 -106.46
CA THR OA 55 -61.69 27.91 -106.48
C THR OA 55 -61.80 27.06 -107.72
N ARG OA 56 -60.68 26.92 -108.43
CA ARG OA 56 -60.59 26.03 -109.57
C ARG OA 56 -59.60 24.92 -109.26
N VAL OA 57 -60.06 23.68 -109.40
CA VAL OA 57 -59.20 22.51 -109.28
C VAL OA 57 -59.43 21.65 -110.52
N ASP OA 58 -58.37 21.06 -111.02
CA ASP OA 58 -58.56 20.18 -112.16
C ASP OA 58 -59.12 18.87 -111.63
N PRO OA 59 -60.33 18.48 -112.01
CA PRO OA 59 -60.98 17.36 -111.31
C PRO OA 59 -60.59 16.00 -111.87
N THR OA 60 -59.31 15.79 -112.16
CA THR OA 60 -58.83 14.46 -112.46
C THR OA 60 -57.68 14.13 -111.53
N THR OA 61 -56.74 15.05 -111.35
CA THR OA 61 -55.66 14.88 -110.40
C THR OA 61 -55.84 15.72 -109.15
N GLY OA 62 -56.86 16.57 -109.10
CA GLY OA 62 -57.10 17.38 -107.92
C GLY OA 62 -56.03 18.40 -107.64
N VAL OA 63 -55.50 19.05 -108.67
CA VAL OA 63 -54.49 20.08 -108.50
C VAL OA 63 -55.18 21.43 -108.42
N LEU OA 64 -54.83 22.22 -107.42
CA LEU OA 64 -55.29 23.60 -107.34
C LEU OA 64 -54.73 24.38 -108.51
N ILE OA 65 -55.61 24.94 -109.33
CA ILE OA 65 -55.13 25.81 -110.41
C ILE OA 65 -55.07 27.26 -109.93
N GLY OA 66 -56.05 27.70 -109.15
CA GLY OA 66 -56.00 29.03 -108.59
C GLY OA 66 -57.21 29.33 -107.74
N ILE OA 67 -57.04 30.31 -106.87
CA ILE OA 67 -58.10 30.85 -106.02
C ILE OA 67 -58.10 32.36 -106.15
N VAL OA 68 -59.28 32.95 -106.32
CA VAL OA 68 -59.47 34.38 -106.20
C VAL OA 68 -60.49 34.61 -105.10
N ASN OA 69 -60.13 35.42 -104.12
CA ASN OA 69 -60.93 35.60 -102.92
C ASN OA 69 -61.25 37.06 -102.72
N VAL OA 70 -62.52 37.37 -102.44
CA VAL OA 70 -62.96 38.73 -102.11
C VAL OA 70 -63.40 38.73 -100.66
N SER OA 71 -62.60 39.32 -99.79
CA SER OA 71 -62.86 39.34 -98.37
C SER OA 71 -63.17 40.75 -97.91
N SER OA 72 -64.08 40.87 -96.95
CA SER OA 72 -64.46 42.15 -96.39
C SER OA 72 -64.37 42.09 -94.88
N SER OA 73 -63.88 43.16 -94.28
CA SER OA 73 -63.83 43.32 -92.82
C SER OA 73 -64.27 44.75 -92.53
N ILE OA 74 -65.57 44.93 -92.32
CA ILE OA 74 -66.15 46.25 -92.12
C ILE OA 74 -66.69 46.34 -90.70
N ARG OA 75 -66.46 47.49 -90.05
CA ARG OA 75 -66.94 47.70 -88.70
C ARG OA 75 -68.45 47.50 -88.64
N ALA OA 76 -68.91 46.87 -87.56
CA ALA OA 76 -70.33 46.58 -87.44
C ALA OA 76 -71.16 47.85 -87.45
N ASP OA 77 -70.67 48.92 -86.83
CA ASP OA 77 -71.36 50.19 -86.83
C ASP OA 77 -71.13 51.01 -88.10
N ALA OA 78 -70.21 50.58 -88.96
CA ALA OA 78 -69.85 51.38 -90.12
C ALA OA 78 -71.05 51.59 -91.02
N THR OA 79 -71.25 52.84 -91.43
CA THR OA 79 -72.42 53.23 -92.17
C THR OA 79 -72.45 52.56 -93.54
N ALA OA 80 -73.65 52.46 -94.11
CA ALA OA 80 -73.78 51.94 -95.45
C ALA OA 80 -73.07 52.83 -96.47
N ALA OA 81 -72.84 54.09 -96.12
CA ALA OA 81 -72.05 54.96 -97.00
C ALA OA 81 -70.63 54.43 -97.15
N ASP OA 82 -69.96 54.14 -96.04
CA ASP OA 82 -68.60 53.61 -96.12
C ASP OA 82 -68.59 52.25 -96.80
N LYS OA 83 -69.60 51.43 -96.52
CA LYS OA 83 -69.67 50.10 -97.12
C LYS OA 83 -69.82 50.17 -98.64
N THR OA 84 -70.72 51.03 -99.11
CA THR OA 84 -70.91 51.20 -100.54
C THR OA 84 -69.70 51.84 -101.19
N ALA OA 85 -69.04 52.78 -100.50
CA ALA OA 85 -67.84 53.37 -101.05
C ALA OA 85 -66.74 52.34 -101.20
N LEU OA 86 -66.57 51.48 -100.20
CA LEU OA 86 -65.58 50.42 -100.26
C LEU OA 86 -65.87 49.48 -101.43
N MET OA 87 -67.13 49.06 -101.57
CA MET OA 87 -67.47 48.16 -102.66
C MET OA 87 -67.25 48.82 -104.01
N ALA OA 88 -67.67 50.08 -104.15
CA ALA OA 88 -67.53 50.78 -105.42
C ALA OA 88 -66.07 50.96 -105.79
N ILE OA 89 -65.23 51.33 -104.82
CA ILE OA 89 -63.81 51.52 -105.11
C ILE OA 89 -63.17 50.21 -105.51
N ILE OA 90 -63.47 49.13 -104.77
CA ILE OA 90 -62.79 47.87 -105.09
C ILE OA 90 -63.26 47.32 -106.43
N THR OA 91 -64.55 47.49 -106.76
CA THR OA 91 -65.03 47.05 -108.06
C THR OA 91 -64.44 47.89 -109.19
N ALA OA 92 -64.33 49.21 -108.99
CA ALA OA 92 -63.71 50.06 -110.00
C ALA OA 92 -62.26 49.68 -110.20
N ALA OA 93 -61.54 49.40 -109.12
CA ALA OA 93 -60.15 48.99 -109.23
C ALA OA 93 -60.02 47.66 -109.95
N GLN OA 94 -60.92 46.71 -109.67
CA GLN OA 94 -60.87 45.43 -110.36
C GLN OA 94 -61.17 45.58 -111.85
N ALA OA 95 -62.14 46.40 -112.19
CA ALA OA 95 -62.44 46.64 -113.61
C ALA OA 95 -61.26 47.29 -114.33
N ASP OA 96 -60.44 48.04 -113.62
CA ASP OA 96 -59.27 48.66 -114.22
C ASP OA 96 -58.21 47.61 -114.53
N GLY OA 97 -57.40 47.89 -115.55
CA GLY OA 97 -56.46 46.92 -116.06
C GLY OA 97 -55.29 46.63 -115.15
N ALA OA 98 -55.02 47.50 -114.18
CA ALA OA 98 -53.90 47.26 -113.27
C ALA OA 98 -54.10 45.96 -112.48
N TRP OA 99 -55.33 45.71 -112.03
CA TRP OA 99 -55.62 44.42 -111.38
C TRP OA 99 -55.46 43.27 -112.36
N THR OA 100 -55.92 43.46 -113.60
CA THR OA 100 -55.82 42.41 -114.61
C THR OA 100 -54.38 42.03 -114.88
N GLU OA 101 -53.44 42.97 -114.76
CA GLU OA 101 -52.03 42.67 -114.94
C GLU OA 101 -51.36 42.18 -113.67
N LEU OA 102 -51.76 42.72 -112.50
CA LEU OA 102 -51.27 42.20 -111.24
C LEU OA 102 -51.53 40.71 -111.14
N VAL OA 103 -52.72 40.29 -111.50
CA VAL OA 103 -52.95 38.88 -111.82
C VAL OA 103 -52.42 38.63 -113.24
N THR OA 104 -51.96 37.42 -113.50
CA THR OA 104 -51.46 36.98 -114.80
C THR OA 104 -50.11 37.60 -115.16
N ASP OA 105 -49.63 38.57 -114.40
CA ASP OA 105 -48.31 39.13 -114.69
C ASP OA 105 -47.48 39.41 -113.46
N GLN OA 106 -48.08 39.49 -112.28
CA GLN OA 106 -47.41 40.00 -111.08
C GLN OA 106 -46.82 41.38 -111.35
N ARG OA 107 -47.58 42.20 -112.08
CA ARG OA 107 -47.14 43.52 -112.49
C ARG OA 107 -47.77 44.58 -111.59
N LEU OA 108 -46.92 45.31 -110.88
CA LEU OA 108 -47.40 46.39 -110.04
C LEU OA 108 -47.73 47.62 -110.88
N PRO OA 109 -48.70 48.43 -110.44
CA PRO OA 109 -49.08 49.61 -111.22
C PRO OA 109 -48.05 50.71 -111.07
N LEU OA 110 -46.90 50.53 -111.70
CA LEU OA 110 -45.83 51.51 -111.64
C LEU OA 110 -45.06 51.65 -112.95
N ALA OA 111 -45.50 50.99 -114.02
CA ALA OA 111 -44.81 51.10 -115.31
C ALA OA 111 -45.02 52.49 -115.91
N THR OA 112 -43.99 52.99 -116.58
CA THR OA 112 -44.05 54.30 -117.22
C THR OA 112 -44.64 54.24 -118.62
N VAL OA 113 -44.95 53.05 -119.12
CA VAL OA 113 -45.52 52.85 -120.46
C VAL OA 113 -44.58 53.38 -121.54
N SER PA 1 -108.80 30.39 -70.03
CA SER PA 1 -109.99 30.85 -69.32
C SER PA 1 -111.15 29.88 -69.50
N LYS PA 2 -111.74 29.87 -70.68
CA LYS PA 2 -112.94 29.08 -70.95
C LYS PA 2 -112.70 28.27 -72.21
N VAL PA 3 -113.76 27.70 -72.76
CA VAL PA 3 -113.72 26.60 -73.72
C VAL PA 3 -112.67 26.78 -74.80
N PHE PA 4 -111.74 25.83 -74.86
CA PHE PA 4 -110.67 25.80 -75.85
C PHE PA 4 -110.72 24.45 -76.53
N ASN PA 5 -110.68 24.44 -77.86
CA ASN PA 5 -110.70 23.20 -78.63
C ASN PA 5 -111.92 22.36 -78.28
N THR PA 6 -113.05 23.02 -78.05
CA THR PA 6 -114.33 22.46 -77.65
C THR PA 6 -114.28 21.76 -76.30
N GLN PA 7 -113.20 21.89 -75.54
CA GLN PA 7 -113.14 21.35 -74.19
C GLN PA 7 -113.34 22.48 -73.19
N THR PA 8 -114.05 22.19 -72.11
CA THR PA 8 -114.30 23.17 -71.07
C THR PA 8 -113.18 23.10 -70.05
N PHE PA 9 -112.53 24.22 -69.81
CA PHE PA 9 -111.48 24.32 -68.82
C PHE PA 9 -112.00 25.15 -67.66
N ASP PA 10 -112.13 24.52 -66.50
CA ASP PA 10 -112.58 25.18 -65.29
C ASP PA 10 -111.38 25.36 -64.35
N ILE PA 11 -111.44 26.42 -63.54
CA ILE PA 11 -110.31 26.72 -62.67
C ILE PA 11 -110.13 25.57 -61.69
N TYR PA 12 -108.92 25.03 -61.64
CA TYR PA 12 -108.57 23.99 -60.69
C TYR PA 12 -107.82 24.52 -59.49
N SER PA 13 -106.97 25.50 -59.69
CA SER PA 13 -106.13 26.00 -58.61
C SER PA 13 -105.87 27.47 -58.81
N THR PA 14 -105.90 28.21 -57.71
CA THR PA 14 -105.57 29.62 -57.73
C THR PA 14 -104.38 29.84 -56.82
N GLU PA 15 -103.33 30.45 -57.35
CA GLU PA 15 -102.08 30.69 -56.65
C GLU PA 15 -101.73 32.17 -56.78
N LYS PA 16 -100.75 32.60 -55.98
CA LYS PA 16 -100.26 33.97 -56.03
C LYS PA 16 -99.90 34.39 -57.45
N ASP PA 17 -99.11 33.58 -58.14
CA ASP PA 17 -98.65 33.90 -59.49
C ASP PA 17 -98.97 32.79 -60.48
N VAL PA 18 -99.82 31.83 -60.12
CA VAL PA 18 -100.21 30.74 -61.02
C VAL PA 18 -101.71 30.57 -60.95
N VAL PA 19 -102.32 30.32 -62.10
CA VAL PA 19 -103.72 29.91 -62.17
C VAL PA 19 -103.78 28.66 -63.05
N SER PA 20 -104.40 27.60 -62.53
CA SER PA 20 -104.45 26.32 -63.23
C SER PA 20 -105.90 25.93 -63.49
N LEU PA 21 -106.19 25.55 -64.74
CA LEU PA 21 -107.49 25.11 -65.17
C LEU PA 21 -107.43 23.65 -65.61
N ARG PA 22 -108.45 22.89 -65.24
CA ARG PA 22 -108.54 21.49 -65.61
C ARG PA 22 -109.73 21.31 -66.52
N ASP PA 23 -109.61 20.34 -67.44
CA ASP PA 23 -110.76 19.99 -68.27
C ASP PA 23 -111.89 19.41 -67.42
N PHE PA 24 -111.56 18.49 -66.52
CA PHE PA 24 -112.50 17.86 -65.59
C PHE PA 24 -113.46 16.93 -66.33
N ALA PA 25 -113.40 16.92 -67.65
CA ALA PA 25 -114.15 15.99 -68.48
C ALA PA 25 -113.30 14.82 -68.94
N ASN PA 26 -112.15 15.10 -69.53
CA ASN PA 26 -111.18 14.05 -69.82
C ASN PA 26 -110.22 13.80 -68.68
N ASP PA 27 -110.14 14.72 -67.71
CA ASP PA 27 -109.24 14.62 -66.56
C ASP PA 27 -107.81 14.36 -66.98
N LYS PA 28 -107.39 14.95 -68.09
CA LYS PA 28 -106.05 14.72 -68.61
C LYS PA 28 -105.35 16.00 -69.06
N ASP PA 29 -106.06 17.10 -69.23
CA ASP PA 29 -105.49 18.34 -69.74
C ASP PA 29 -105.48 19.40 -68.64
N THR PA 30 -104.33 20.03 -68.45
CA THR PA 30 -104.18 21.11 -67.49
C THR PA 30 -103.58 22.32 -68.19
N LEU PA 31 -104.21 23.48 -68.02
CA LEU PA 31 -103.75 24.73 -68.61
C LEU PA 31 -103.30 25.66 -67.49
N ALA PA 32 -102.02 26.03 -67.49
CA ALA PA 32 -101.44 26.84 -66.43
C ALA PA 32 -101.01 28.19 -66.98
N TYR PA 33 -101.44 29.25 -66.31
CA TYR PA 33 -100.98 30.62 -66.51
C TYR PA 33 -100.03 30.94 -65.37
N LYS PA 34 -98.75 31.16 -65.69
CA LYS PA 34 -97.73 31.47 -64.72
C LYS PA 34 -97.18 32.87 -64.96
N ARG PA 35 -96.91 33.57 -63.87
CA ARG PA 35 -96.53 34.98 -63.87
C ARG PA 35 -95.21 35.14 -63.14
N LEU PA 36 -94.41 36.12 -63.54
CA LEU PA 36 -93.16 36.41 -62.84
C LEU PA 36 -92.78 37.85 -63.12
N ALA PA 37 -92.87 38.70 -62.11
CA ALA PA 37 -92.62 40.11 -62.29
C ALA PA 37 -91.14 40.37 -62.62
N PRO PA 38 -90.85 41.41 -63.40
CA PRO PA 38 -89.45 41.74 -63.68
C PRO PA 38 -88.74 42.24 -62.43
N LYS PA 39 -87.48 41.86 -62.29
CA LYS PA 39 -86.67 42.24 -61.14
C LYS PA 39 -85.60 43.23 -61.57
N ARG PA 40 -85.59 44.40 -60.92
CA ARG PA 40 -84.63 45.47 -61.21
C ARG PA 40 -83.36 45.17 -60.42
N THR PA 41 -82.69 44.09 -60.82
CA THR PA 41 -81.44 43.69 -60.17
C THR PA 41 -80.29 44.61 -60.53
N LYS PA 42 -80.50 45.52 -61.47
CA LYS PA 42 -79.47 46.42 -61.95
C LYS PA 42 -80.16 47.67 -62.50
N ASP PA 43 -79.42 48.46 -63.26
CA ASP PA 43 -79.99 49.61 -63.96
C ASP PA 43 -81.18 49.18 -64.81
N SER PA 44 -81.08 48.01 -65.43
CA SER PA 44 -82.17 47.50 -66.26
C SER PA 44 -83.41 47.25 -65.41
N PRO PA 45 -84.61 47.58 -65.90
CA PRO PA 45 -85.81 47.39 -65.10
C PRO PA 45 -86.21 45.93 -64.91
N GLY PA 46 -85.49 44.99 -65.52
CA GLY PA 46 -85.79 43.59 -65.37
C GLY PA 46 -86.61 43.01 -66.51
N MET PA 47 -86.77 41.70 -66.48
CA MET PA 47 -87.41 40.97 -67.56
C MET PA 47 -88.67 40.31 -67.03
N ALA PA 48 -89.82 40.64 -67.62
CA ALA PA 48 -91.11 40.16 -67.14
C ALA PA 48 -91.41 38.81 -67.78
N LYS PA 49 -91.49 37.77 -66.96
CA LYS PA 49 -91.71 36.42 -67.45
C LYS PA 49 -93.19 36.07 -67.41
N SER PA 50 -93.68 35.51 -68.50
CA SER PA 50 -95.01 34.94 -68.57
C SER PA 50 -94.90 33.50 -69.02
N GLU PA 51 -95.93 32.71 -68.73
CA GLU PA 51 -95.94 31.32 -69.16
C GLU PA 51 -97.38 30.88 -69.35
N LEU PA 52 -97.63 30.23 -70.48
CA LEU PA 52 -98.93 29.61 -70.77
C LEU PA 52 -98.65 28.21 -71.26
N LYS PA 53 -98.98 27.21 -70.45
CA LYS PA 53 -98.62 25.85 -70.81
C LYS PA 53 -99.81 24.91 -70.68
N ILE PA 54 -99.84 23.91 -71.56
CA ILE PA 54 -100.84 22.86 -71.52
C ILE PA 54 -100.12 21.53 -71.33
N THR PA 55 -100.56 20.77 -70.33
CA THR PA 55 -99.95 19.50 -69.99
C THR PA 55 -101.00 18.40 -70.08
N ARG PA 56 -100.68 17.34 -70.81
CA ARG PA 56 -101.55 16.20 -70.95
C ARG PA 56 -100.92 15.02 -70.21
N VAL PA 57 -101.67 14.44 -69.29
CA VAL PA 57 -101.22 13.29 -68.53
C VAL PA 57 -102.28 12.20 -68.67
N ASP PA 58 -101.83 10.99 -68.97
CA ASP PA 58 -102.78 9.92 -69.20
C ASP PA 58 -103.49 9.55 -67.90
N PRO PA 59 -104.80 9.69 -67.81
CA PRO PA 59 -105.46 9.56 -66.51
C PRO PA 59 -105.86 8.14 -66.12
N THR PA 60 -104.98 7.16 -66.32
CA THR PA 60 -105.19 5.85 -65.70
C THR PA 60 -103.93 5.41 -64.97
N THR PA 61 -102.76 5.71 -65.54
CA THR PA 61 -101.48 5.43 -64.89
C THR PA 61 -100.66 6.68 -64.63
N GLY PA 62 -101.05 7.82 -65.19
CA GLY PA 62 -100.35 9.07 -64.90
C GLY PA 62 -99.09 9.30 -65.68
N VAL PA 63 -99.03 8.88 -66.95
CA VAL PA 63 -97.86 9.10 -67.79
C VAL PA 63 -98.05 10.37 -68.59
N LEU PA 64 -97.06 11.24 -68.55
CA LEU PA 64 -97.10 12.52 -69.27
C LEU PA 64 -97.05 12.26 -70.77
N ILE PA 65 -98.15 12.53 -71.46
CA ILE PA 65 -98.19 12.40 -72.91
C ILE PA 65 -97.37 13.49 -73.57
N GLY PA 66 -97.59 14.74 -73.19
CA GLY PA 66 -96.88 15.84 -73.84
C GLY PA 66 -97.18 17.16 -73.18
N ILE PA 67 -96.35 18.14 -73.49
CA ILE PA 67 -96.47 19.50 -73.00
C ILE PA 67 -96.19 20.47 -74.14
N VAL PA 68 -97.04 21.47 -74.30
CA VAL PA 68 -96.75 22.63 -75.12
C VAL PA 68 -96.77 23.85 -74.22
N ASN PA 69 -95.66 24.57 -74.18
CA ASN PA 69 -95.50 25.73 -73.30
C ASN PA 69 -95.20 26.96 -74.15
N VAL PA 70 -95.84 28.06 -73.81
CA VAL PA 70 -95.55 29.35 -74.42
C VAL PA 70 -95.01 30.26 -73.32
N SER PA 71 -93.74 30.61 -73.41
CA SER PA 71 -93.09 31.45 -72.42
C SER PA 71 -92.66 32.75 -73.06
N SER PA 72 -92.85 33.84 -72.34
CA SER PA 72 -92.43 35.16 -72.79
C SER PA 72 -91.45 35.75 -71.78
N SER PA 73 -90.39 36.35 -72.30
CA SER PA 73 -89.41 37.04 -71.48
C SER PA 73 -89.19 38.39 -72.18
N ILE PA 74 -89.91 39.41 -71.72
CA ILE PA 74 -89.91 40.72 -72.34
C ILE PA 74 -89.38 41.72 -71.33
N ARG PA 75 -88.56 42.66 -71.81
CA ARG PA 75 -88.04 43.72 -70.97
C ARG PA 75 -89.17 44.47 -70.28
N ALA PA 76 -88.95 44.82 -69.02
CA ALA PA 76 -89.94 45.60 -68.28
C ALA PA 76 -90.19 46.95 -68.94
N ASP PA 77 -89.19 47.48 -69.65
CA ASP PA 77 -89.33 48.76 -70.33
C ASP PA 77 -89.79 48.63 -71.77
N ALA PA 78 -89.97 47.42 -72.27
CA ALA PA 78 -90.30 47.24 -73.69
C ALA PA 78 -91.66 47.80 -74.00
N THR PA 79 -91.77 48.43 -75.18
CA THR PA 79 -92.98 49.12 -75.56
C THR PA 79 -94.09 48.12 -75.90
N ALA PA 80 -95.33 48.60 -75.80
CA ALA PA 80 -96.47 47.77 -76.16
C ALA PA 80 -96.43 47.38 -77.63
N ALA PA 81 -95.82 48.22 -78.48
CA ALA PA 81 -95.63 47.86 -79.88
C ALA PA 81 -94.72 46.64 -80.01
N ASP PA 82 -93.65 46.59 -79.23
CA ASP PA 82 -92.77 45.43 -79.26
C ASP PA 82 -93.51 44.17 -78.84
N LYS PA 83 -94.32 44.27 -77.78
CA LYS PA 83 -95.01 43.09 -77.28
C LYS PA 83 -96.08 42.62 -78.26
N THR PA 84 -96.81 43.57 -78.86
CA THR PA 84 -97.79 43.21 -79.87
C THR PA 84 -97.12 42.56 -81.07
N ALA PA 85 -95.98 43.11 -81.51
CA ALA PA 85 -95.26 42.53 -82.63
C ALA PA 85 -94.77 41.13 -82.32
N LEU PA 86 -94.25 40.92 -81.12
CA LEU PA 86 -93.76 39.60 -80.73
C LEU PA 86 -94.91 38.59 -80.74
N MET PA 87 -96.04 38.95 -80.14
CA MET PA 87 -97.17 38.03 -80.11
C MET PA 87 -97.70 37.76 -81.51
N ALA PA 88 -97.79 38.80 -82.35
CA ALA PA 88 -98.29 38.61 -83.70
C ALA PA 88 -97.38 37.74 -84.54
N ILE PA 89 -96.06 37.95 -84.44
CA ILE PA 89 -95.12 37.14 -85.19
C ILE PA 89 -95.20 35.69 -84.74
N ILE PA 90 -95.19 35.45 -83.43
CA ILE PA 90 -95.21 34.06 -82.97
C ILE PA 90 -96.53 33.39 -83.29
N THR PA 91 -97.65 34.12 -83.22
CA THR PA 91 -98.94 33.54 -83.55
C THR PA 91 -99.03 33.20 -85.04
N ALA PA 92 -98.52 34.10 -85.90
CA ALA PA 92 -98.50 33.80 -87.32
C ALA PA 92 -97.61 32.61 -87.63
N ALA PA 93 -96.46 32.50 -86.96
CA ALA PA 93 -95.58 31.37 -87.18
C ALA PA 93 -96.23 30.06 -86.74
N GLN PA 94 -96.92 30.07 -85.60
CA GLN PA 94 -97.65 28.88 -85.18
C GLN PA 94 -98.75 28.54 -86.16
N ALA PA 95 -99.44 29.55 -86.71
CA ALA PA 95 -100.45 29.31 -87.73
C ALA PA 95 -99.84 28.78 -89.02
N ASP PA 96 -98.58 29.06 -89.27
CA ASP PA 96 -97.89 28.49 -90.43
C ASP PA 96 -97.71 26.99 -90.24
N GLY PA 97 -97.63 26.28 -91.37
CA GLY PA 97 -97.53 24.83 -91.32
C GLY PA 97 -96.16 24.31 -90.91
N ALA PA 98 -95.14 25.17 -90.95
CA ALA PA 98 -93.82 24.74 -90.53
C ALA PA 98 -93.82 24.33 -89.07
N TRP PA 99 -94.59 25.03 -88.24
CA TRP PA 99 -94.72 24.62 -86.84
C TRP PA 99 -95.46 23.29 -86.72
N THR PA 100 -96.51 23.11 -87.51
CA THR PA 100 -97.28 21.87 -87.46
C THR PA 100 -96.47 20.69 -87.96
N GLU PA 101 -95.40 20.95 -88.72
CA GLU PA 101 -94.47 19.89 -89.11
C GLU PA 101 -93.37 19.68 -88.08
N LEU PA 102 -92.83 20.76 -87.52
CA LEU PA 102 -91.83 20.65 -86.46
C LEU PA 102 -92.36 19.85 -85.29
N VAL PA 103 -93.56 20.17 -84.85
CA VAL PA 103 -94.30 19.27 -83.97
C VAL PA 103 -94.90 18.17 -84.84
N THR PA 104 -94.97 16.95 -84.29
CA THR PA 104 -95.53 15.79 -84.96
C THR PA 104 -94.68 15.23 -86.09
N ASP PA 105 -93.62 15.93 -86.51
CA ASP PA 105 -92.68 15.31 -87.44
C ASP PA 105 -91.22 15.59 -87.15
N GLN PA 106 -90.90 16.59 -86.33
CA GLN PA 106 -89.53 17.05 -86.16
C GLN PA 106 -88.93 17.43 -87.50
N ARG PA 107 -89.72 18.10 -88.32
CA ARG PA 107 -89.32 18.52 -89.66
C ARG PA 107 -88.97 19.99 -89.63
N LEU PA 108 -87.77 20.32 -90.05
CA LEU PA 108 -87.31 21.70 -90.07
C LEU PA 108 -87.69 22.38 -91.38
N PRO PA 109 -87.81 23.69 -91.38
CA PRO PA 109 -88.08 24.40 -92.64
C PRO PA 109 -86.85 24.51 -93.51
N LEU PA 110 -86.33 23.37 -93.95
CA LEU PA 110 -85.22 23.35 -94.90
C LEU PA 110 -85.41 22.32 -96.01
N ALA PA 111 -86.43 21.47 -95.93
CA ALA PA 111 -86.68 20.50 -96.99
C ALA PA 111 -87.07 21.21 -98.28
N THR PA 112 -86.62 20.68 -99.40
CA THR PA 112 -86.84 21.30 -100.71
C THR PA 112 -88.20 20.94 -101.32
N VAL PA 113 -88.96 20.06 -100.68
CA VAL PA 113 -90.28 19.64 -101.17
C VAL PA 113 -90.17 18.97 -102.54
N SER QA 1 7.57 -111.11 -73.27
CA SER QA 1 6.86 -111.16 -74.53
C SER QA 1 5.72 -112.18 -74.47
N LYS QA 2 6.08 -113.45 -74.33
CA LYS QA 2 5.11 -114.54 -74.30
C LYS QA 2 5.53 -115.51 -73.20
N VAL QA 3 4.98 -116.72 -73.24
CA VAL QA 3 5.08 -117.68 -72.14
C VAL QA 3 6.52 -117.82 -71.61
N PHE QA 4 6.68 -117.56 -70.32
CA PHE QA 4 7.95 -117.69 -69.62
C PHE QA 4 7.68 -118.45 -68.33
N ASN QA 5 8.52 -119.44 -68.04
CA ASN QA 5 8.40 -120.25 -66.83
C ASN QA 5 6.98 -120.84 -66.75
N THR QA 6 6.50 -121.35 -67.89
CA THR QA 6 5.19 -121.97 -68.06
C THR QA 6 4.04 -121.02 -67.76
N GLN QA 7 4.29 -119.71 -67.69
CA GLN QA 7 3.23 -118.73 -67.49
C GLN QA 7 3.13 -117.84 -68.72
N THR QA 8 1.90 -117.57 -69.15
CA THR QA 8 1.64 -116.81 -70.36
C THR QA 8 1.49 -115.33 -70.01
N PHE QA 9 2.35 -114.51 -70.58
CA PHE QA 9 2.34 -113.08 -70.30
C PHE QA 9 1.78 -112.36 -71.53
N ASP QA 10 0.62 -111.73 -71.36
CA ASP QA 10 -0.02 -110.95 -72.41
C ASP QA 10 0.08 -109.48 -72.09
N ILE QA 11 0.10 -108.66 -73.13
CA ILE QA 11 0.25 -107.22 -72.96
C ILE QA 11 -0.94 -106.68 -72.16
N TYR QA 12 -0.64 -105.99 -71.08
CA TYR QA 12 -1.65 -105.26 -70.35
C TYR QA 12 -1.64 -103.77 -70.63
N SER QA 13 -0.47 -103.19 -70.87
CA SER QA 13 -0.40 -101.75 -71.06
C SER QA 13 0.78 -101.42 -71.94
N THR QA 14 0.64 -100.33 -72.70
CA THR QA 14 1.72 -99.85 -73.55
C THR QA 14 1.82 -98.34 -73.40
N GLU QA 15 3.01 -97.87 -73.05
CA GLU QA 15 3.30 -96.46 -72.95
C GLU QA 15 4.23 -96.05 -74.08
N LYS QA 16 4.69 -94.81 -74.04
CA LYS QA 16 5.68 -94.37 -75.00
C LYS QA 16 6.96 -95.18 -74.86
N ASP QA 17 7.37 -95.47 -73.62
CA ASP QA 17 8.62 -96.16 -73.37
C ASP QA 17 8.50 -97.34 -72.43
N VAL QA 18 7.28 -97.74 -72.06
CA VAL QA 18 7.09 -98.91 -71.20
C VAL QA 18 6.06 -99.82 -71.84
N VAL QA 19 6.35 -101.11 -71.84
CA VAL QA 19 5.36 -102.14 -72.16
C VAL QA 19 5.23 -103.02 -70.93
N SER QA 20 4.00 -103.20 -70.45
CA SER QA 20 3.72 -104.00 -69.28
C SER QA 20 2.83 -105.19 -69.67
N LEU QA 21 3.24 -106.37 -69.25
CA LEU QA 21 2.53 -107.61 -69.52
C LEU QA 21 2.16 -108.27 -68.20
N ARG QA 22 1.02 -108.95 -68.20
CA ARG QA 22 0.53 -109.65 -67.03
C ARG QA 22 0.26 -111.10 -67.35
N ASP QA 23 0.22 -111.94 -66.32
CA ASP QA 23 -0.12 -113.34 -66.52
C ASP QA 23 -1.59 -113.53 -66.83
N PHE QA 24 -2.46 -112.85 -66.08
CA PHE QA 24 -3.91 -112.92 -66.24
C PHE QA 24 -4.45 -114.29 -65.86
N ALA QA 25 -3.55 -115.22 -65.53
CA ALA QA 25 -3.92 -116.54 -65.03
C ALA QA 25 -3.80 -116.63 -63.52
N ASN QA 26 -2.62 -116.38 -62.97
CA ASN QA 26 -2.47 -116.26 -61.53
C ASN QA 26 -2.63 -114.83 -61.05
N ASP QA 27 -2.66 -113.86 -61.96
CA ASP QA 27 -2.94 -112.46 -61.65
C ASP QA 27 -1.99 -111.92 -60.57
N LYS QA 28 -0.75 -112.38 -60.57
CA LYS QA 28 0.20 -111.95 -59.56
C LYS QA 28 1.52 -111.47 -60.13
N ASP QA 29 1.82 -111.72 -61.40
CA ASP QA 29 3.10 -111.37 -61.99
C ASP QA 29 2.91 -110.29 -63.05
N THR QA 30 3.79 -109.29 -63.02
CA THR QA 30 3.84 -108.27 -64.05
C THR QA 30 5.26 -108.15 -64.56
N LEU QA 31 5.42 -108.23 -65.88
CA LEU QA 31 6.72 -108.11 -66.54
C LEU QA 31 6.74 -106.80 -67.32
N ALA QA 32 7.70 -105.93 -67.02
CA ALA QA 32 7.78 -104.61 -67.62
C ALA QA 32 9.09 -104.46 -68.39
N TYR QA 33 8.97 -103.97 -69.62
CA TYR QA 33 10.10 -103.61 -70.48
C TYR QA 33 10.10 -102.10 -70.59
N LYS QA 34 11.24 -101.47 -70.30
CA LYS QA 34 11.32 -100.04 -70.13
C LYS QA 34 12.54 -99.51 -70.87
N ARG QA 35 12.38 -98.33 -71.47
CA ARG QA 35 13.26 -97.85 -72.53
C ARG QA 35 13.59 -96.37 -72.31
N LEU QA 36 14.89 -96.05 -72.26
CA LEU QA 36 15.35 -94.66 -72.24
C LEU QA 36 16.45 -94.49 -73.28
N ALA QA 37 16.17 -93.76 -74.36
CA ALA QA 37 17.17 -93.51 -75.37
C ALA QA 37 18.31 -92.67 -74.81
N PRO QA 38 19.54 -92.86 -75.32
CA PRO QA 38 20.66 -92.06 -74.82
C PRO QA 38 20.49 -90.59 -75.17
N LYS QA 39 20.98 -89.72 -74.29
CA LYS QA 39 20.88 -88.29 -74.50
C LYS QA 39 22.27 -87.68 -74.60
N ARG QA 40 22.59 -87.13 -75.78
CA ARG QA 40 23.87 -86.48 -76.02
C ARG QA 40 23.82 -85.15 -75.27
N THR QA 41 24.08 -85.22 -73.97
CA THR QA 41 24.09 -84.03 -73.14
C THR QA 41 25.48 -83.43 -73.01
N LYS QA 42 26.47 -84.05 -73.63
CA LYS QA 42 27.84 -83.56 -73.62
C LYS QA 42 28.53 -84.12 -74.85
N ASP QA 43 29.87 -84.07 -74.86
CA ASP QA 43 30.65 -84.70 -75.92
C ASP QA 43 30.33 -86.19 -75.98
N SER QA 44 29.94 -86.77 -74.85
CA SER QA 44 29.48 -88.15 -74.84
C SER QA 44 28.11 -88.23 -75.51
N PRO QA 45 27.81 -89.31 -76.22
CA PRO QA 45 26.48 -89.45 -76.85
C PRO QA 45 25.39 -89.87 -75.89
N GLY QA 46 25.69 -90.05 -74.60
CA GLY QA 46 24.72 -90.52 -73.64
C GLY QA 46 24.70 -92.04 -73.52
N MET QA 47 23.99 -92.51 -72.51
CA MET QA 47 23.87 -93.93 -72.22
C MET QA 47 22.43 -94.38 -72.42
N ALA QA 48 22.25 -95.46 -73.16
CA ALA QA 48 20.93 -96.01 -73.44
C ALA QA 48 20.52 -96.92 -72.28
N LYS QA 49 19.47 -96.54 -71.58
CA LYS QA 49 18.94 -97.34 -70.47
C LYS QA 49 17.90 -98.34 -70.97
N SER QA 50 18.04 -99.57 -70.53
CA SER QA 50 16.98 -100.56 -70.63
C SER QA 50 16.65 -101.04 -69.24
N GLU QA 51 15.42 -101.54 -69.08
CA GLU QA 51 15.03 -102.10 -67.80
C GLU QA 51 14.04 -103.21 -68.04
N LEU QA 52 14.25 -104.35 -67.38
CA LEU QA 52 13.36 -105.51 -67.52
C LEU QA 52 13.07 -106.03 -66.13
N LYS QA 53 11.86 -105.79 -65.64
CA LYS QA 53 11.56 -106.14 -64.26
C LYS QA 53 10.37 -107.10 -64.20
N ILE QA 54 10.47 -108.04 -63.27
CA ILE QA 54 9.36 -108.93 -62.92
C ILE QA 54 8.95 -108.64 -61.48
N THR QA 55 7.68 -108.31 -61.29
CA THR QA 55 7.14 -108.02 -59.97
C THR QA 55 6.06 -109.03 -59.64
N ARG QA 56 6.12 -109.60 -58.44
CA ARG QA 56 5.12 -110.53 -57.95
C ARG QA 56 4.40 -109.89 -56.78
N VAL QA 57 3.09 -109.79 -56.89
CA VAL QA 57 2.23 -109.26 -55.84
C VAL QA 57 1.10 -110.26 -55.60
N ASP QA 58 0.92 -110.64 -54.34
CA ASP QA 58 -0.15 -111.63 -54.09
C ASP QA 58 -1.51 -110.99 -54.32
N PRO QA 59 -2.41 -111.65 -55.04
CA PRO QA 59 -3.68 -111.02 -55.39
C PRO QA 59 -4.77 -111.22 -54.36
N THR QA 60 -4.46 -111.05 -53.08
CA THR QA 60 -5.49 -111.15 -52.05
C THR QA 60 -5.45 -109.93 -51.14
N THR QA 61 -4.24 -109.45 -50.85
CA THR QA 61 -4.06 -108.20 -50.12
C THR QA 61 -3.19 -107.21 -50.87
N GLY QA 62 -2.58 -107.61 -51.97
CA GLY QA 62 -1.73 -106.71 -52.74
C GLY QA 62 -0.36 -106.46 -52.15
N VAL QA 63 0.20 -107.43 -51.44
CA VAL QA 63 1.52 -107.27 -50.84
C VAL QA 63 2.57 -107.60 -51.89
N LEU QA 64 3.62 -106.80 -51.94
CA LEU QA 64 4.72 -107.01 -52.88
C LEU QA 64 5.59 -108.15 -52.36
N ILE QA 65 5.49 -109.33 -52.96
CA ILE QA 65 6.32 -110.44 -52.54
C ILE QA 65 7.78 -110.19 -52.91
N GLY QA 66 8.05 -109.76 -54.13
CA GLY QA 66 9.41 -109.52 -54.53
C GLY QA 66 9.51 -109.02 -55.96
N ILE QA 67 10.64 -108.38 -56.24
CA ILE QA 67 10.95 -107.83 -57.56
C ILE QA 67 12.33 -108.30 -57.97
N VAL QA 68 12.48 -108.74 -59.22
CA VAL QA 68 13.77 -108.96 -59.83
C VAL QA 68 13.85 -108.05 -61.06
N ASN QA 69 14.90 -107.24 -61.12
CA ASN QA 69 15.05 -106.24 -62.18
C ASN QA 69 16.38 -106.46 -62.89
N VAL QA 70 16.34 -106.40 -64.22
CA VAL QA 70 17.54 -106.46 -65.04
C VAL QA 70 17.68 -105.12 -65.73
N SER QA 71 18.65 -104.33 -65.31
CA SER QA 71 18.86 -102.99 -65.85
C SER QA 71 20.17 -102.94 -66.62
N SER QA 72 20.14 -102.31 -67.79
CA SER QA 72 21.32 -102.09 -68.60
C SER QA 72 21.49 -100.60 -68.83
N SER QA 73 22.74 -100.15 -68.86
CA SER QA 73 23.10 -98.75 -69.12
C SER QA 73 24.39 -98.79 -69.94
N ILE QA 74 24.25 -98.58 -71.24
CA ILE QA 74 25.35 -98.79 -72.17
C ILE QA 74 25.53 -97.54 -73.04
N ARG QA 75 26.78 -97.19 -73.31
CA ARG QA 75 27.10 -96.04 -74.14
C ARG QA 75 26.46 -96.17 -75.51
N ALA QA 76 25.97 -95.04 -76.03
CA ALA QA 76 25.38 -95.02 -77.35
C ALA QA 76 26.38 -95.45 -78.42
N ASP QA 77 27.64 -95.03 -78.27
CA ASP QA 77 28.68 -95.37 -79.23
C ASP QA 77 29.21 -96.78 -79.05
N ALA QA 78 28.83 -97.47 -77.98
CA ALA QA 78 29.40 -98.77 -77.66
C ALA QA 78 29.08 -99.77 -78.75
N THR QA 79 30.03 -100.65 -79.02
CA THR QA 79 29.92 -101.62 -80.08
C THR QA 79 28.93 -102.73 -79.73
N ALA QA 80 28.43 -103.41 -80.75
CA ALA QA 80 27.58 -104.57 -80.52
C ALA QA 80 28.35 -105.68 -79.81
N ALA QA 81 29.67 -105.75 -80.03
CA ALA QA 81 30.48 -106.74 -79.33
C ALA QA 81 30.50 -106.47 -77.83
N ASP QA 82 30.62 -105.20 -77.44
CA ASP QA 82 30.59 -104.86 -76.02
C ASP QA 82 29.28 -105.28 -75.39
N LYS QA 83 28.17 -105.00 -76.06
CA LYS QA 83 26.84 -105.34 -75.53
C LYS QA 83 26.65 -106.85 -75.47
N THR QA 84 27.10 -107.56 -76.50
CA THR QA 84 27.03 -109.02 -76.47
C THR QA 84 27.85 -109.58 -75.31
N ALA QA 85 29.04 -109.04 -75.09
CA ALA QA 85 29.86 -109.51 -73.98
C ALA QA 85 29.18 -109.23 -72.65
N LEU QA 86 28.61 -108.04 -72.47
CA LEU QA 86 27.95 -107.73 -71.21
C LEU QA 86 26.79 -108.69 -70.95
N MET QA 87 25.93 -108.90 -71.95
CA MET QA 87 24.80 -109.78 -71.74
C MET QA 87 25.24 -111.22 -71.51
N ALA QA 88 26.24 -111.69 -72.25
CA ALA QA 88 26.73 -113.05 -72.06
C ALA QA 88 27.32 -113.24 -70.66
N ILE QA 89 28.09 -112.26 -70.18
CA ILE QA 89 28.69 -112.39 -68.85
C ILE QA 89 27.63 -112.39 -67.78
N ILE QA 90 26.67 -111.47 -67.86
CA ILE QA 90 25.65 -111.42 -66.82
C ILE QA 90 24.77 -112.67 -66.87
N THR QA 91 24.52 -113.21 -68.06
CA THR QA 91 23.74 -114.43 -68.17
C THR QA 91 24.48 -115.62 -67.59
N ALA QA 92 25.77 -115.74 -67.87
CA ALA QA 92 26.55 -116.84 -67.30
C ALA QA 92 26.62 -116.74 -65.79
N ALA QA 93 26.76 -115.52 -65.26
CA ALA QA 93 26.78 -115.34 -63.82
C ALA QA 93 25.44 -115.69 -63.19
N GLN QA 94 24.33 -115.34 -63.86
CA GLN QA 94 23.01 -115.71 -63.36
C GLN QA 94 22.83 -117.21 -63.37
N ALA QA 95 23.32 -117.89 -64.41
CA ALA QA 95 23.21 -119.34 -64.48
C ALA QA 95 24.02 -120.02 -63.38
N ASP QA 96 25.08 -119.40 -62.90
CA ASP QA 96 25.88 -119.97 -61.83
C ASP QA 96 25.12 -119.94 -60.51
N GLY QA 97 25.42 -120.90 -59.64
CA GLY QA 97 24.72 -121.01 -58.37
C GLY QA 97 25.07 -119.94 -57.37
N ALA QA 98 26.16 -119.21 -57.60
CA ALA QA 98 26.50 -118.11 -56.71
C ALA QA 98 25.39 -117.07 -56.69
N TRP QA 99 24.83 -116.74 -57.86
CA TRP QA 99 23.69 -115.84 -57.89
C TRP QA 99 22.46 -116.47 -57.25
N THR QA 100 22.29 -117.78 -57.45
CA THR QA 100 21.14 -118.46 -56.86
C THR QA 100 21.21 -118.51 -55.35
N GLU QA 101 22.41 -118.32 -54.78
CA GLU QA 101 22.55 -118.18 -53.34
C GLU QA 101 22.48 -116.73 -52.88
N LEU QA 102 23.10 -115.82 -53.64
CA LEU QA 102 22.98 -114.40 -53.35
C LEU QA 102 21.52 -113.99 -53.24
N VAL QA 103 20.72 -114.37 -54.20
CA VAL QA 103 19.28 -114.34 -54.03
C VAL QA 103 18.89 -115.60 -53.26
N THR QA 104 17.88 -115.47 -52.40
CA THR QA 104 17.34 -116.52 -51.53
C THR QA 104 18.18 -116.87 -50.31
N ASP QA 105 19.42 -116.42 -50.23
CA ASP QA 105 20.25 -116.72 -49.05
C ASP QA 105 21.01 -115.53 -48.50
N GLN QA 106 21.16 -114.45 -49.26
CA GLN QA 106 22.05 -113.35 -48.91
C GLN QA 106 23.46 -113.87 -48.64
N ARG QA 107 23.92 -114.74 -49.54
CA ARG QA 107 25.21 -115.40 -49.43
C ARG QA 107 26.14 -114.88 -50.52
N LEU QA 108 27.29 -114.38 -50.10
CA LEU QA 108 28.31 -113.94 -51.03
C LEU QA 108 29.11 -115.13 -51.56
N PRO QA 109 29.73 -115.01 -52.75
CA PRO QA 109 30.45 -116.15 -53.32
C PRO QA 109 31.85 -116.32 -52.75
N LEU QA 110 31.98 -116.23 -51.43
CA LEU QA 110 33.26 -116.35 -50.78
C LEU QA 110 33.37 -117.52 -49.83
N ALA QA 111 32.34 -118.37 -49.75
CA ALA QA 111 32.41 -119.56 -48.92
C ALA QA 111 33.55 -120.46 -49.40
N THR QA 112 34.22 -121.09 -48.44
CA THR QA 112 35.26 -122.07 -48.75
C THR QA 112 34.72 -123.48 -48.93
N VAL QA 113 33.42 -123.67 -48.77
CA VAL QA 113 32.75 -124.97 -48.93
C VAL QA 113 33.32 -125.99 -47.94
N SER RA 1 31.39 -115.93 -59.75
CA SER RA 1 32.48 -116.56 -59.03
C SER RA 1 33.68 -116.84 -59.93
N LYS RA 2 33.49 -117.68 -60.93
CA LYS RA 2 34.60 -118.14 -61.77
C LYS RA 2 34.23 -117.90 -63.22
N VAL RA 3 34.93 -118.58 -64.12
CA VAL RA 3 34.89 -118.32 -65.57
C VAL RA 3 33.47 -118.15 -66.09
N PHE RA 4 33.20 -116.99 -66.66
CA PHE RA 4 31.93 -116.66 -67.29
C PHE RA 4 32.21 -116.09 -68.66
N ASN RA 5 31.49 -116.58 -69.68
CA ASN RA 5 31.70 -116.14 -71.06
C ASN RA 5 33.16 -116.35 -71.47
N THR RA 6 33.71 -117.51 -71.10
CA THR RA 6 35.08 -117.94 -71.35
C THR RA 6 36.12 -117.04 -70.67
N GLN RA 7 35.70 -116.05 -69.89
CA GLN RA 7 36.62 -115.15 -69.22
C GLN RA 7 36.72 -115.52 -67.74
N THR RA 8 37.95 -115.61 -67.25
CA THR RA 8 38.21 -115.98 -65.87
C THR RA 8 38.16 -114.73 -65.01
N PHE RA 9 37.24 -114.72 -64.05
CA PHE RA 9 37.06 -113.58 -63.15
C PHE RA 9 37.66 -113.93 -61.80
N ASP RA 10 38.82 -113.36 -61.51
CA ASP RA 10 39.51 -113.57 -60.25
C ASP RA 10 39.19 -112.43 -59.29
N ILE RA 11 39.23 -112.74 -57.99
CA ILE RA 11 38.72 -111.80 -56.99
C ILE RA 11 39.53 -110.52 -57.01
N TYR RA 12 38.85 -109.40 -57.13
CA TYR RA 12 39.47 -108.09 -57.16
C TYR RA 12 39.38 -107.35 -55.83
N SER RA 13 38.28 -107.52 -55.10
CA SER RA 13 38.08 -106.81 -53.86
C SER RA 13 36.99 -107.49 -53.05
N THR RA 14 37.05 -107.34 -51.74
CA THR RA 14 36.04 -107.88 -50.86
C THR RA 14 35.63 -106.82 -49.85
N GLU RA 15 34.33 -106.68 -49.64
CA GLU RA 15 33.76 -105.75 -48.69
C GLU RA 15 32.88 -106.51 -47.70
N LYS RA 16 32.27 -105.77 -46.79
CA LYS RA 16 31.27 -106.33 -45.89
C LYS RA 16 30.14 -107.00 -46.65
N ASP RA 17 29.71 -106.38 -47.75
CA ASP RA 17 28.55 -106.86 -48.49
C ASP RA 17 28.78 -106.89 -49.98
N VAL RA 18 29.98 -106.59 -50.45
CA VAL RA 18 30.29 -106.59 -51.87
C VAL RA 18 31.51 -107.47 -52.12
N VAL RA 19 31.42 -108.33 -53.12
CA VAL RA 19 32.57 -109.09 -53.61
C VAL RA 19 32.73 -108.77 -55.08
N SER RA 20 33.88 -108.26 -55.45
CA SER RA 20 34.16 -107.82 -56.81
C SER RA 20 35.26 -108.70 -57.39
N LEU RA 21 35.02 -109.21 -58.59
CA LEU RA 21 35.97 -110.03 -59.34
C LEU RA 21 36.35 -109.30 -60.61
N ARG RA 22 37.57 -109.53 -61.06
CA ARG RA 22 38.09 -108.91 -62.27
C ARG RA 22 38.59 -110.00 -63.21
N ASP RA 23 38.51 -109.72 -64.51
CA ASP RA 23 39.12 -110.61 -65.49
C ASP RA 23 40.63 -110.63 -65.35
N PHE RA 24 41.25 -109.45 -65.26
CA PHE RA 24 42.70 -109.25 -65.15
C PHE RA 24 43.43 -109.65 -66.43
N ALA RA 25 42.69 -110.20 -67.40
CA ALA RA 25 43.23 -110.49 -68.72
C ALA RA 25 42.97 -109.35 -69.70
N ASN RA 26 41.71 -109.01 -69.93
CA ASN RA 26 41.37 -107.81 -70.67
C ASN RA 26 41.33 -106.58 -69.77
N ASP RA 27 41.39 -106.77 -68.45
CA ASP RA 27 41.48 -105.69 -67.48
C ASP RA 27 40.33 -104.69 -67.61
N LYS RA 28 39.18 -105.14 -68.10
CA LYS RA 28 38.09 -104.22 -68.39
C LYS RA 28 36.76 -104.60 -67.76
N ASP RA 29 36.58 -105.84 -67.31
CA ASP RA 29 35.30 -106.33 -66.82
C ASP RA 29 35.38 -106.60 -65.34
N THR RA 30 34.41 -106.07 -64.60
CA THR RA 30 34.32 -106.28 -63.16
C THR RA 30 32.93 -106.78 -62.81
N LEU RA 31 32.88 -107.88 -62.06
CA LEU RA 31 31.63 -108.51 -61.65
C LEU RA 31 31.47 -108.36 -60.15
N ALA RA 32 30.38 -107.72 -59.73
CA ALA RA 32 30.13 -107.44 -58.32
C ALA RA 32 28.91 -108.19 -57.83
N TYR RA 33 29.04 -108.82 -56.66
CA TYR RA 33 27.95 -109.46 -55.92
C TYR RA 33 27.73 -108.64 -54.66
N LYS RA 34 26.53 -108.11 -54.49
CA LYS RA 34 26.24 -107.13 -53.45
C LYS RA 34 25.01 -107.53 -52.66
N ARG RA 35 25.04 -107.29 -51.35
CA ARG RA 35 24.11 -107.89 -50.40
C ARG RA 35 23.53 -106.86 -49.44
N LEU RA 36 22.23 -106.94 -49.20
CA LEU RA 36 21.58 -106.17 -48.13
C LEU RA 36 20.57 -107.06 -47.43
N ALA RA 37 20.92 -107.57 -46.26
CA ALA RA 37 20.00 -108.37 -45.49
C ALA RA 37 18.77 -107.54 -45.12
N PRO RA 38 17.59 -108.17 -45.01
CA PRO RA 38 16.38 -107.42 -44.69
C PRO RA 38 16.43 -106.81 -43.30
N LYS RA 39 15.80 -105.65 -43.15
CA LYS RA 39 15.70 -104.96 -41.88
C LYS RA 39 14.24 -104.96 -41.44
N ARG RA 40 13.99 -105.38 -40.20
CA ARG RA 40 12.64 -105.49 -39.65
C ARG RA 40 12.24 -104.16 -39.03
N THR RA 41 12.07 -103.16 -39.89
CA THR RA 41 11.74 -101.82 -39.42
C THR RA 41 10.29 -101.71 -38.97
N LYS RA 42 9.45 -102.68 -39.29
CA LYS RA 42 8.06 -102.70 -38.87
C LYS RA 42 7.65 -104.16 -38.70
N ASP RA 43 6.34 -104.39 -38.68
CA ASP RA 43 5.81 -105.75 -38.60
C ASP RA 43 6.31 -106.59 -39.76
N SER RA 44 6.57 -105.95 -40.90
CA SER RA 44 7.17 -106.65 -42.02
C SER RA 44 8.57 -107.10 -41.65
N PRO RA 45 9.02 -108.27 -42.11
CA PRO RA 45 10.40 -108.69 -41.86
C PRO RA 45 11.42 -107.97 -42.72
N GLY RA 46 10.99 -107.02 -43.55
CA GLY RA 46 11.88 -106.29 -44.42
C GLY RA 46 12.09 -106.98 -45.74
N MET RA 47 12.83 -106.29 -46.61
CA MET RA 47 13.15 -106.79 -47.94
C MET RA 47 14.62 -107.17 -48.00
N ALA RA 48 14.89 -108.37 -48.49
CA ALA RA 48 16.26 -108.83 -48.73
C ALA RA 48 16.68 -108.36 -50.12
N LYS RA 49 17.69 -107.51 -50.18
CA LYS RA 49 18.20 -106.98 -51.44
C LYS RA 49 19.43 -107.77 -51.88
N SER RA 50 19.49 -108.11 -53.14
CA SER RA 50 20.72 -108.59 -53.74
C SER RA 50 21.00 -107.80 -55.01
N GLU RA 51 22.25 -107.84 -55.44
CA GLU RA 51 22.64 -107.16 -56.67
C GLU RA 51 23.74 -107.96 -57.34
N LEU RA 52 23.63 -108.18 -58.64
CA LEU RA 52 24.67 -108.81 -59.42
C LEU RA 52 24.92 -107.94 -60.64
N LYS RA 53 26.05 -107.24 -60.66
CA LYS RA 53 26.29 -106.26 -61.70
C LYS RA 53 27.61 -106.56 -62.43
N ILE RA 54 27.60 -106.30 -63.73
CA ILE RA 54 28.80 -106.41 -64.56
C ILE RA 54 29.08 -105.03 -65.14
N THR RA 55 30.33 -104.61 -65.02
CA THR RA 55 30.76 -103.30 -65.50
C THR RA 55 31.91 -103.48 -66.47
N ARG RA 56 31.82 -102.80 -67.60
CA ARG RA 56 32.90 -102.75 -68.57
C ARG RA 56 33.40 -101.32 -68.67
N VAL RA 57 34.69 -101.12 -68.43
CA VAL RA 57 35.35 -99.86 -68.70
C VAL RA 57 36.62 -100.19 -69.50
N ASP RA 58 36.88 -99.40 -70.51
CA ASP RA 58 38.07 -99.68 -71.30
C ASP RA 58 39.29 -99.19 -70.53
N PRO RA 59 40.29 -100.04 -70.29
CA PRO RA 59 41.33 -99.69 -69.32
C PRO RA 59 42.49 -98.89 -69.87
N THR RA 60 42.23 -97.90 -70.72
CA THR RA 60 43.29 -96.96 -71.07
C THR RA 60 42.82 -95.54 -70.80
N THR RA 61 41.63 -95.18 -71.29
CA THR RA 61 41.05 -93.90 -70.98
C THR RA 61 39.99 -93.98 -69.89
N GLY RA 62 39.59 -95.18 -69.49
CA GLY RA 62 38.68 -95.33 -68.37
C GLY RA 62 37.30 -94.75 -68.56
N VAL RA 63 36.73 -94.85 -69.75
CA VAL RA 63 35.35 -94.43 -69.97
C VAL RA 63 34.44 -95.64 -69.84
N LEU RA 64 33.36 -95.49 -69.10
CA LEU RA 64 32.39 -96.55 -68.89
C LEU RA 64 31.74 -96.92 -70.21
N ILE RA 65 31.87 -98.18 -70.62
CA ILE RA 65 31.22 -98.64 -71.84
C ILE RA 65 29.79 -99.09 -71.55
N GLY RA 66 29.58 -99.80 -70.45
CA GLY RA 66 28.24 -100.23 -70.10
C GLY RA 66 28.18 -100.97 -68.79
N ILE RA 67 26.98 -101.00 -68.22
CA ILE RA 67 26.67 -101.75 -67.00
C ILE RA 67 25.40 -102.55 -67.25
N VAL RA 68 25.41 -103.82 -66.87
CA VAL RA 68 24.21 -104.62 -66.80
C VAL RA 68 24.04 -105.10 -65.37
N ASN RA 69 22.87 -104.86 -64.80
CA ASN RA 69 22.62 -105.02 -63.38
C ASN RA 69 21.45 -105.95 -63.15
N VAL RA 70 21.61 -106.91 -62.24
CA VAL RA 70 20.53 -107.80 -61.83
C VAL RA 70 20.29 -107.55 -60.34
N SER RA 71 19.18 -106.92 -60.01
CA SER RA 71 18.84 -106.58 -58.64
C SER RA 71 17.60 -107.35 -58.21
N SER RA 72 17.59 -107.79 -56.96
CA SER RA 72 16.44 -108.47 -56.39
C SER RA 72 16.02 -107.76 -55.11
N SER RA 73 14.72 -107.63 -54.93
CA SER RA 73 14.12 -107.05 -53.72
C SER RA 73 12.96 -107.96 -53.34
N ILE RA 74 13.24 -108.94 -52.47
CA ILE RA 74 12.27 -109.96 -52.11
C ILE RA 74 12.00 -109.87 -50.62
N ARG RA 75 10.74 -110.06 -50.23
CA ARG RA 75 10.39 -110.07 -48.82
C ARG RA 75 11.18 -111.14 -48.09
N ALA RA 76 11.58 -110.83 -46.85
CA ALA RA 76 12.36 -111.78 -46.08
C ALA RA 76 11.59 -113.06 -45.84
N ASP RA 77 10.29 -112.96 -45.57
CA ASP RA 77 9.45 -114.13 -45.34
C ASP RA 77 9.02 -114.82 -46.62
N ALA RA 78 9.30 -114.24 -47.78
CA ALA RA 78 8.78 -114.78 -49.04
C ALA RA 78 9.30 -116.19 -49.26
N THR RA 79 8.38 -117.07 -49.64
CA THR RA 79 8.68 -118.48 -49.77
C THR RA 79 9.67 -118.72 -50.90
N ALA RA 80 10.37 -119.84 -50.81
CA ALA RA 80 11.28 -120.24 -51.88
C ALA RA 80 10.54 -120.45 -53.19
N ALA RA 81 9.23 -120.72 -53.13
CA ALA RA 81 8.44 -120.86 -54.34
C ALA RA 81 8.39 -119.54 -55.11
N ASP RA 82 8.04 -118.44 -54.42
CA ASP RA 82 8.01 -117.14 -55.08
C ASP RA 82 9.39 -116.75 -55.58
N LYS RA 83 10.41 -117.05 -54.78
CA LYS RA 83 11.79 -116.69 -55.13
C LYS RA 83 12.25 -117.43 -56.38
N THR RA 84 12.01 -118.74 -56.43
CA THR RA 84 12.37 -119.52 -57.61
C THR RA 84 11.54 -119.11 -58.82
N ALA RA 85 10.26 -118.79 -58.62
CA ALA RA 85 9.43 -118.35 -59.74
C ALA RA 85 9.93 -117.03 -60.30
N LEU RA 86 10.34 -116.11 -59.42
CA LEU RA 86 10.91 -114.84 -59.86
C LEU RA 86 12.17 -115.06 -60.68
N MET RA 87 13.07 -115.91 -60.18
CA MET RA 87 14.28 -116.21 -60.96
C MET RA 87 13.94 -116.84 -62.29
N ALA RA 88 13.02 -117.80 -62.31
CA ALA RA 88 12.69 -118.51 -63.53
C ALA RA 88 12.10 -117.57 -64.57
N ILE RA 89 11.17 -116.71 -64.15
CA ILE RA 89 10.55 -115.78 -65.08
C ILE RA 89 11.59 -114.82 -65.63
N ILE RA 90 12.43 -114.26 -64.76
CA ILE RA 90 13.36 -113.25 -65.25
C ILE RA 90 14.41 -113.87 -66.16
N THR RA 91 14.87 -115.08 -65.85
CA THR RA 91 15.85 -115.74 -66.71
C THR RA 91 15.24 -116.14 -68.04
N ALA RA 92 13.99 -116.61 -68.02
CA ALA RA 92 13.30 -116.93 -69.27
C ALA RA 92 13.13 -115.69 -70.13
N ALA RA 93 12.75 -114.56 -69.50
CA ALA RA 93 12.62 -113.31 -70.24
C ALA RA 93 13.94 -112.87 -70.83
N GLN RA 94 15.04 -112.98 -70.07
CA GLN RA 94 16.34 -112.60 -70.58
C GLN RA 94 16.78 -113.47 -71.74
N ALA RA 95 16.57 -114.78 -71.65
CA ALA RA 95 16.91 -115.67 -72.75
C ALA RA 95 16.12 -115.36 -74.00
N ASP RA 96 14.89 -114.87 -73.86
CA ASP RA 96 14.06 -114.51 -74.99
C ASP RA 96 14.63 -113.28 -75.70
N GLY RA 97 14.36 -113.19 -77.01
CA GLY RA 97 14.96 -112.16 -77.83
C GLY RA 97 14.45 -110.75 -77.57
N ALA RA 98 13.32 -110.62 -76.87
CA ALA RA 98 12.82 -109.29 -76.56
C ALA RA 98 13.80 -108.50 -75.71
N TRP RA 99 14.40 -109.14 -74.71
CA TRP RA 99 15.43 -108.49 -73.91
C TRP RA 99 16.67 -108.17 -74.75
N THR RA 100 17.06 -109.12 -75.61
CA THR RA 100 18.22 -108.92 -76.46
C THR RA 100 18.04 -107.72 -77.38
N GLU RA 101 16.81 -107.45 -77.80
CA GLU RA 101 16.51 -106.30 -78.65
C GLU RA 101 16.34 -105.01 -77.84
N LEU RA 102 15.72 -105.11 -76.66
CA LEU RA 102 15.60 -103.95 -75.78
C LEU RA 102 16.98 -103.38 -75.45
N VAL RA 103 17.92 -104.26 -75.12
CA VAL RA 103 19.33 -103.87 -75.19
C VAL RA 103 19.76 -103.88 -76.65
N THR RA 104 20.71 -103.03 -77.00
CA THR RA 104 21.27 -102.96 -78.36
C THR RA 104 20.30 -102.36 -79.38
N ASP RA 105 19.04 -102.17 -79.03
CA ASP RA 105 18.13 -101.50 -79.97
C ASP RA 105 17.20 -100.50 -79.32
N GLN RA 106 17.00 -100.54 -78.01
CA GLN RA 106 15.94 -99.81 -77.33
C GLN RA 106 14.59 -100.10 -77.97
N ARG RA 107 14.37 -101.38 -78.29
CA ARG RA 107 13.17 -101.83 -78.98
C ARG RA 107 12.23 -102.48 -77.97
N LEU RA 108 11.07 -101.88 -77.79
CA LEU RA 108 10.05 -102.42 -76.89
C LEU RA 108 9.35 -103.60 -77.56
N PRO RA 109 8.90 -104.57 -76.77
CA PRO RA 109 8.17 -105.71 -77.35
C PRO RA 109 6.76 -105.31 -77.77
N LEU RA 110 6.66 -104.55 -78.85
CA LEU RA 110 5.38 -104.19 -79.43
C LEU RA 110 5.37 -104.23 -80.94
N ALA RA 111 6.44 -104.70 -81.58
CA ALA RA 111 6.49 -104.73 -83.04
C ALA RA 111 5.55 -105.80 -83.59
N THR RA 112 4.88 -105.48 -84.69
CA THR RA 112 3.96 -106.41 -85.34
C THR RA 112 4.65 -107.39 -86.27
N VAL RA 113 5.96 -107.24 -86.48
CA VAL RA 113 6.75 -108.11 -87.36
C VAL RA 113 6.22 -108.07 -88.79
N SER SA 1 36.37 -127.45 -11.29
CA SER SA 1 36.18 -128.17 -10.04
C SER SA 1 37.51 -128.70 -9.49
N LYS SA 2 38.23 -129.45 -10.31
CA LYS SA 2 39.44 -130.12 -9.87
C LYS SA 2 40.49 -129.97 -10.96
N VAL SA 3 41.55 -130.79 -10.89
CA VAL SA 3 42.76 -130.64 -11.68
C VAL SA 3 42.50 -130.36 -13.15
N PHE SA 4 42.99 -129.22 -13.63
CA PHE SA 4 42.89 -128.80 -15.01
C PHE SA 4 44.29 -128.44 -15.48
N ASN SA 5 44.67 -128.91 -16.66
CA ASN SA 5 45.98 -128.61 -17.22
C ASN SA 5 47.09 -129.02 -16.26
N THR SA 6 46.91 -130.17 -15.61
CA THR SA 6 47.80 -130.75 -14.62
C THR SA 6 48.00 -129.86 -13.40
N GLN SA 7 47.24 -128.78 -13.25
CA GLN SA 7 47.30 -127.94 -12.08
C GLN SA 7 46.09 -128.21 -11.19
N THR SA 8 46.32 -128.28 -9.89
CA THR SA 8 45.25 -128.55 -8.94
C THR SA 8 44.58 -127.25 -8.56
N PHE SA 9 43.27 -127.16 -8.80
CA PHE SA 9 42.49 -125.99 -8.43
C PHE SA 9 41.63 -126.36 -7.23
N ASP SA 10 41.92 -125.76 -6.10
CA ASP SA 10 41.13 -125.96 -4.88
C ASP SA 10 40.25 -124.74 -4.66
N ILE SA 11 39.10 -124.97 -4.02
CA ILE SA 11 38.15 -123.88 -3.84
C ILE SA 11 38.79 -122.81 -2.97
N TYR SA 12 38.85 -121.59 -3.49
CA TYR SA 12 39.34 -120.45 -2.75
C TYR SA 12 38.25 -119.71 -2.00
N SER SA 13 37.07 -119.59 -2.59
CA SER SA 13 35.99 -118.88 -1.93
C SER SA 13 34.67 -119.32 -2.54
N THR SA 14 33.63 -119.28 -1.72
CA THR SA 14 32.29 -119.63 -2.18
C THR SA 14 31.37 -118.46 -1.89
N GLU SA 15 30.62 -118.05 -2.90
CA GLU SA 15 29.68 -116.95 -2.79
C GLU SA 15 28.29 -117.46 -3.13
N LYS SA 16 27.30 -116.56 -3.03
CA LYS SA 16 25.93 -116.88 -3.37
C LYS SA 16 25.83 -117.40 -4.81
N ASP SA 17 26.39 -116.65 -5.76
CA ASP SA 17 26.33 -117.00 -7.16
C ASP SA 17 27.71 -117.12 -7.79
N VAL SA 18 28.78 -117.14 -6.99
CA VAL SA 18 30.14 -117.26 -7.49
C VAL SA 18 30.87 -118.31 -6.68
N VAL SA 19 31.64 -119.15 -7.38
CA VAL SA 19 32.58 -120.07 -6.76
C VAL SA 19 33.94 -119.84 -7.39
N SER SA 20 34.95 -119.62 -6.57
CA SER SA 20 36.29 -119.32 -7.05
C SER SA 20 37.29 -120.34 -6.55
N LEU SA 21 38.04 -120.92 -7.46
CA LEU SA 21 39.08 -121.89 -7.19
C LEU SA 21 40.45 -121.28 -7.48
N ARG SA 22 41.42 -121.60 -6.64
CA ARG SA 22 42.77 -121.10 -6.80
C ARG SA 22 43.71 -122.29 -6.94
N ASP SA 23 44.75 -122.11 -7.77
CA ASP SA 23 45.74 -123.15 -7.92
C ASP SA 23 46.48 -123.41 -6.61
N PHE SA 24 46.88 -122.34 -5.92
CA PHE SA 24 47.53 -122.40 -4.61
C PHE SA 24 48.94 -122.98 -4.70
N ALA SA 25 49.34 -123.43 -5.88
CA ALA SA 25 50.69 -123.88 -6.12
C ALA SA 25 51.51 -122.82 -6.84
N ASN SA 26 51.05 -122.35 -8.00
CA ASN SA 26 51.65 -121.22 -8.66
C ASN SA 26 51.13 -119.88 -8.15
N ASP SA 27 50.00 -119.90 -7.43
CA ASP SA 27 49.43 -118.70 -6.81
C ASP SA 27 49.19 -117.58 -7.82
N LYS SA 28 48.87 -117.94 -9.05
CA LYS SA 28 48.62 -116.95 -10.09
C LYS SA 28 47.39 -117.24 -10.93
N ASP SA 29 46.80 -118.43 -10.84
CA ASP SA 29 45.65 -118.80 -11.65
C ASP SA 29 44.41 -118.89 -10.77
N THR SA 30 43.34 -118.23 -11.20
CA THR SA 30 42.06 -118.27 -10.50
C THR SA 30 40.95 -118.62 -11.48
N LEU SA 31 40.14 -119.62 -11.15
CA LEU SA 31 39.03 -120.06 -11.97
C LEU SA 31 37.73 -119.70 -11.27
N ALA SA 32 36.90 -118.90 -11.93
CA ALA SA 32 35.65 -118.41 -11.36
C ALA SA 32 34.46 -118.94 -12.14
N TYR SA 33 33.51 -119.54 -11.42
CA TYR SA 33 32.21 -119.92 -11.92
C TYR SA 33 31.22 -118.88 -11.40
N LYS SA 34 30.58 -118.16 -12.31
CA LYS SA 34 29.62 -117.13 -11.94
C LYS SA 34 28.25 -117.45 -12.53
N ARG SA 35 27.22 -117.16 -11.75
CA ARG SA 35 25.85 -117.53 -12.06
C ARG SA 35 25.00 -116.28 -12.09
N LEU SA 36 23.95 -116.29 -12.91
CA LEU SA 36 23.00 -115.18 -12.92
C LEU SA 36 21.67 -115.70 -13.46
N ALA SA 37 20.66 -115.72 -12.59
CA ALA SA 37 19.37 -116.28 -12.97
C ALA SA 37 18.67 -115.38 -13.98
N PRO SA 38 17.88 -115.96 -14.89
CA PRO SA 38 17.11 -115.15 -15.83
C PRO SA 38 16.02 -114.37 -15.11
N LYS SA 39 15.78 -113.15 -15.57
CA LYS SA 39 14.77 -112.29 -14.97
C LYS SA 39 13.60 -112.12 -15.94
N ARG SA 40 12.40 -112.41 -15.46
CA ARG SA 40 11.18 -112.26 -16.25
C ARG SA 40 10.74 -110.81 -16.14
N THR SA 41 11.57 -109.92 -16.68
CA THR SA 41 11.27 -108.49 -16.66
C THR SA 41 10.14 -108.13 -17.60
N LYS SA 42 9.69 -109.08 -18.41
CA LYS SA 42 8.64 -108.88 -19.38
C LYS SA 42 7.98 -110.23 -19.64
N ASP SA 43 7.23 -110.33 -20.73
CA ASP SA 43 6.65 -111.60 -21.13
C ASP SA 43 7.73 -112.66 -21.27
N SER SA 44 8.90 -112.25 -21.78
CA SER SA 44 10.01 -113.18 -21.95
C SER SA 44 10.49 -113.69 -20.60
N PRO SA 45 10.87 -114.97 -20.49
CA PRO SA 45 11.33 -115.50 -19.20
C PRO SA 45 12.72 -115.05 -18.80
N GLY SA 46 13.40 -114.26 -19.63
CA GLY SA 46 14.71 -113.74 -19.30
C GLY SA 46 15.84 -114.62 -19.81
N MET SA 47 17.05 -114.11 -19.65
CA MET SA 47 18.26 -114.75 -20.14
C MET SA 47 19.10 -115.22 -18.97
N ALA SA 48 19.44 -116.50 -18.96
CA ALA SA 48 20.22 -117.09 -17.88
C ALA SA 48 21.70 -116.93 -18.20
N LYS SA 49 22.41 -116.14 -17.39
CA LYS SA 49 23.82 -115.87 -17.61
C LYS SA 49 24.70 -116.85 -16.84
N SER SA 50 25.67 -117.40 -17.54
CA SER SA 50 26.72 -118.20 -16.92
C SER SA 50 28.06 -117.56 -17.24
N GLU SA 51 29.05 -117.87 -16.42
CA GLU SA 51 30.39 -117.36 -16.68
C GLU SA 51 31.42 -118.34 -16.15
N LEU SA 52 32.41 -118.67 -16.97
CA LEU SA 52 33.53 -119.49 -16.56
C LEU SA 52 34.80 -118.78 -17.00
N LYS SA 53 35.54 -118.23 -16.06
CA LYS SA 53 36.69 -117.42 -16.41
C LYS SA 53 37.93 -117.91 -15.70
N ILE SA 54 39.06 -117.82 -16.39
CA ILE SA 54 40.37 -118.09 -15.82
C ILE SA 54 41.19 -116.81 -15.89
N THR SA 55 41.75 -116.41 -14.75
CA THR SA 55 42.51 -115.17 -14.65
C THR SA 55 43.90 -115.49 -14.14
N ARG SA 56 44.91 -114.98 -14.82
CA ARG SA 56 46.30 -115.14 -14.42
C ARG SA 56 46.84 -113.79 -14.00
N VAL SA 57 47.34 -113.70 -12.78
CA VAL SA 57 47.94 -112.48 -12.25
C VAL SA 57 49.33 -112.83 -11.74
N ASP SA 58 50.31 -112.03 -12.14
CA ASP SA 58 51.68 -112.35 -11.77
C ASP SA 58 51.88 -112.21 -10.27
N PRO SA 59 52.23 -113.27 -9.56
CA PRO SA 59 52.22 -113.21 -8.09
C PRO SA 59 53.50 -112.71 -7.45
N THR SA 60 54.10 -111.63 -7.98
CA THR SA 60 55.16 -110.95 -7.24
C THR SA 60 54.89 -109.46 -7.19
N THR SA 61 54.32 -108.90 -8.26
CA THR SA 61 53.90 -107.51 -8.29
C THR SA 61 52.40 -107.35 -8.57
N GLY SA 62 51.74 -108.38 -9.06
CA GLY SA 62 50.31 -108.32 -9.28
C GLY SA 62 49.87 -107.74 -10.60
N VAL SA 63 50.56 -108.07 -11.69
CA VAL SA 63 50.18 -107.60 -13.01
C VAL SA 63 49.38 -108.67 -13.73
N LEU SA 64 48.21 -108.30 -14.21
CA LEU SA 64 47.31 -109.23 -14.89
C LEU SA 64 47.92 -109.67 -16.21
N ILE SA 65 48.33 -110.94 -16.29
CA ILE SA 65 48.86 -111.47 -17.53
C ILE SA 65 47.77 -111.63 -18.58
N GLY SA 66 46.65 -112.24 -18.22
CA GLY SA 66 45.62 -112.47 -19.20
C GLY SA 66 44.37 -113.03 -18.55
N ILE SA 67 43.27 -112.96 -19.31
CA ILE SA 67 41.99 -113.53 -18.92
C ILE SA 67 41.39 -114.22 -20.12
N VAL SA 68 40.94 -115.45 -19.94
CA VAL SA 68 40.07 -116.13 -20.89
C VAL SA 68 38.76 -116.39 -20.19
N ASN SA 69 37.68 -115.84 -20.74
CA ASN SA 69 36.36 -115.94 -20.12
C ASN SA 69 35.39 -116.59 -21.09
N VAL SA 70 34.57 -117.50 -20.58
CA VAL SA 70 33.49 -118.11 -21.34
C VAL SA 70 32.18 -117.70 -20.70
N SER SA 71 31.38 -116.94 -21.43
CA SER SA 71 30.11 -116.45 -20.93
C SER SA 71 28.98 -116.99 -21.78
N SER SA 72 27.84 -117.25 -21.15
CA SER SA 72 26.65 -117.72 -21.83
C SER SA 72 25.49 -116.80 -21.51
N SER SA 73 24.64 -116.56 -22.50
CA SER SA 73 23.41 -115.81 -22.32
C SER SA 73 22.36 -116.56 -23.13
N ILE SA 74 21.67 -117.48 -22.47
CA ILE SA 74 20.71 -118.37 -23.11
C ILE SA 74 19.33 -118.05 -22.57
N ARG SA 75 18.34 -118.04 -23.46
CA ARG SA 75 16.95 -117.85 -23.06
C ARG SA 75 16.57 -118.85 -21.98
N ALA SA 76 15.82 -118.36 -20.99
CA ALA SA 76 15.35 -119.25 -19.93
C ALA SA 76 14.46 -120.36 -20.47
N ASP SA 77 13.80 -120.11 -21.60
CA ASP SA 77 12.92 -121.10 -22.22
C ASP SA 77 13.62 -121.97 -23.25
N ALA SA 78 14.89 -121.70 -23.54
CA ALA SA 78 15.59 -122.42 -24.60
C ALA SA 78 15.69 -123.91 -24.27
N THR SA 79 15.54 -124.73 -25.30
CA THR SA 79 15.54 -126.16 -25.11
C THR SA 79 16.94 -126.67 -24.76
N ALA SA 80 16.98 -127.84 -24.12
CA ALA SA 80 18.26 -128.47 -23.85
C ALA SA 80 19.01 -128.80 -25.12
N ALA SA 81 18.28 -129.05 -26.22
CA ALA SA 81 18.92 -129.27 -27.52
C ALA SA 81 19.65 -128.01 -27.97
N ASP SA 82 19.03 -126.84 -27.80
CA ASP SA 82 19.70 -125.59 -28.15
C ASP SA 82 20.96 -125.39 -27.32
N LYS SA 83 20.88 -125.65 -26.02
CA LYS SA 83 22.03 -125.43 -25.15
C LYS SA 83 23.16 -126.41 -25.47
N THR SA 84 22.81 -127.67 -25.71
CA THR SA 84 23.83 -128.64 -26.10
C THR SA 84 24.47 -128.27 -27.42
N ALA SA 85 23.66 -127.81 -28.38
CA ALA SA 85 24.21 -127.39 -29.68
C ALA SA 85 25.15 -126.22 -29.53
N LEU SA 86 24.76 -125.23 -28.71
CA LEU SA 86 25.61 -124.06 -28.50
C LEU SA 86 26.94 -124.47 -27.89
N MET SA 87 26.89 -125.28 -26.82
CA MET SA 87 28.12 -125.71 -26.17
C MET SA 87 28.98 -126.54 -27.11
N ALA SA 88 28.36 -127.42 -27.91
CA ALA SA 88 29.12 -128.27 -28.82
C ALA SA 88 29.78 -127.46 -29.92
N ILE SA 89 29.05 -126.50 -30.51
CA ILE SA 89 29.63 -125.67 -31.55
C ILE SA 89 30.80 -124.86 -31.00
N ILE SA 90 30.61 -124.23 -29.84
CA ILE SA 90 31.68 -123.39 -29.32
C ILE SA 90 32.89 -124.23 -28.92
N THR SA 91 32.66 -125.43 -28.38
CA THR SA 91 33.78 -126.29 -28.00
C THR SA 91 34.53 -126.78 -29.23
N ALA SA 92 33.81 -127.12 -30.30
CA ALA SA 92 34.45 -127.53 -31.54
C ALA SA 92 35.25 -126.39 -32.16
N ALA SA 93 34.70 -125.17 -32.11
CA ALA SA 93 35.44 -124.02 -32.63
C ALA SA 93 36.70 -123.75 -31.82
N GLN SA 94 36.62 -123.87 -30.50
CA GLN SA 94 37.82 -123.71 -29.68
C GLN SA 94 38.85 -124.78 -29.98
N ALA SA 95 38.40 -126.02 -30.20
CA ALA SA 95 39.31 -127.08 -30.58
C ALA SA 95 39.91 -126.86 -31.96
N ASP SA 96 39.24 -126.08 -32.80
CA ASP SA 96 39.79 -125.72 -34.09
C ASP SA 96 41.00 -124.80 -33.92
N GLY SA 97 41.89 -124.81 -34.91
CA GLY SA 97 43.10 -124.02 -34.84
C GLY SA 97 42.89 -122.54 -35.09
N ALA SA 98 41.75 -122.17 -35.67
CA ALA SA 98 41.46 -120.77 -35.89
C ALA SA 98 41.41 -120.00 -34.58
N TRP SA 99 40.87 -120.62 -33.53
CA TRP SA 99 40.88 -120.00 -32.22
C TRP SA 99 42.30 -119.91 -31.67
N THR SA 100 43.09 -120.96 -31.85
CA THR SA 100 44.47 -120.95 -31.36
C THR SA 100 45.31 -119.92 -32.09
N GLU SA 101 44.87 -119.47 -33.26
CA GLU SA 101 45.53 -118.38 -33.95
C GLU SA 101 44.99 -117.02 -33.55
N LEU SA 102 43.66 -116.90 -33.42
CA LEU SA 102 43.06 -115.65 -32.95
C LEU SA 102 43.63 -115.24 -31.61
N VAL SA 103 43.70 -116.17 -30.67
CA VAL SA 103 44.53 -116.02 -29.50
C VAL SA 103 45.97 -116.29 -29.90
N THR SA 104 46.91 -115.55 -29.33
CA THR SA 104 48.34 -115.69 -29.55
C THR SA 104 48.82 -115.15 -30.90
N ASP SA 105 47.92 -114.82 -31.82
CA ASP SA 105 48.38 -114.16 -33.04
C ASP SA 105 47.47 -113.05 -33.54
N GLN SA 106 46.23 -112.98 -33.09
CA GLN SA 106 45.24 -112.06 -33.65
C GLN SA 106 45.06 -112.30 -35.15
N ARG SA 107 45.08 -113.57 -35.53
CA ARG SA 107 44.95 -113.98 -36.92
C ARG SA 107 43.51 -114.43 -37.16
N LEU SA 108 42.85 -113.74 -38.01
CA LEU SA 108 41.48 -114.05 -38.38
C LEU SA 108 41.44 -115.17 -39.41
N PRO SA 109 40.36 -115.93 -39.44
CA PRO SA 109 40.25 -117.00 -40.45
C PRO SA 109 39.94 -116.45 -41.83
N LEU SA 110 40.85 -115.65 -42.38
CA LEU SA 110 40.69 -115.13 -43.73
C LEU SA 110 41.96 -115.20 -44.56
N ALA SA 111 43.09 -115.60 -43.97
CA ALA SA 111 44.32 -115.74 -44.72
C ALA SA 111 44.18 -116.86 -45.75
N THR SA 112 44.83 -116.69 -46.89
CA THR SA 112 44.76 -117.66 -47.97
C THR SA 112 45.77 -118.80 -47.83
N VAL SA 113 46.64 -118.74 -46.83
CA VAL SA 113 47.66 -119.76 -46.59
C VAL SA 113 48.60 -119.90 -47.78
N SER TA 1 -84.20 10.45 -102.76
CA SER TA 1 -84.62 11.79 -103.13
C SER TA 1 -86.14 11.94 -102.94
N LYS TA 2 -86.91 11.14 -103.67
CA LYS TA 2 -88.36 11.19 -103.62
C LYS TA 2 -88.88 9.76 -103.63
N VAL TA 3 -90.16 9.61 -103.99
CA VAL TA 3 -90.91 8.36 -103.84
C VAL TA 3 -90.15 7.17 -104.40
N PHE TA 4 -89.82 6.22 -103.52
CA PHE TA 4 -89.16 4.98 -103.88
C PHE TA 4 -89.94 3.83 -103.28
N ASN TA 5 -90.24 2.83 -104.11
CA ASN TA 5 -90.97 1.64 -103.67
C ASN TA 5 -92.24 2.05 -102.94
N THR TA 6 -93.04 2.87 -103.60
CA THR TA 6 -94.34 3.37 -103.12
C THR TA 6 -94.25 4.12 -101.80
N GLN TA 7 -93.08 4.58 -101.40
CA GLN TA 7 -92.93 5.33 -100.16
C GLN TA 7 -92.28 6.68 -100.44
N THR TA 8 -92.80 7.72 -99.80
CA THR TA 8 -92.33 9.08 -100.02
C THR TA 8 -91.24 9.40 -99.00
N PHE TA 9 -90.02 9.59 -99.48
CA PHE TA 9 -88.89 9.92 -98.63
C PHE TA 9 -88.67 11.42 -98.71
N ASP TA 10 -88.83 12.09 -97.57
CA ASP TA 10 -88.70 13.53 -97.48
C ASP TA 10 -87.46 13.88 -96.67
N ILE TA 11 -86.91 15.06 -96.96
CA ILE TA 11 -85.66 15.49 -96.35
C ILE TA 11 -85.86 15.60 -94.84
N TYR TA 12 -85.05 14.87 -94.09
CA TYR TA 12 -85.03 15.04 -92.64
C TYR TA 12 -83.86 15.87 -92.15
N SER TA 13 -82.68 15.67 -92.72
CA SER TA 13 -81.50 16.31 -92.17
C SER TA 13 -80.49 16.55 -93.28
N THR TA 14 -79.78 17.66 -93.18
CA THR TA 14 -78.75 18.01 -94.15
C THR TA 14 -77.50 18.40 -93.40
N GLU TA 15 -76.41 17.70 -93.69
CA GLU TA 15 -75.10 18.02 -93.15
C GLU TA 15 -74.22 18.59 -94.25
N LYS TA 16 -72.95 18.78 -93.91
CA LYS TA 16 -71.99 19.19 -94.92
C LYS TA 16 -71.86 18.12 -95.99
N ASP TA 17 -71.86 16.85 -95.58
CA ASP TA 17 -71.60 15.76 -96.51
C ASP TA 17 -72.60 14.61 -96.41
N VAL TA 18 -73.66 14.76 -95.61
CA VAL TA 18 -74.70 13.74 -95.50
C VAL TA 18 -76.06 14.39 -95.71
N VAL TA 19 -76.93 13.69 -96.43
CA VAL TA 19 -78.34 14.03 -96.52
C VAL TA 19 -79.13 12.82 -96.05
N SER TA 20 -80.04 13.02 -95.11
CA SER TA 20 -80.89 11.96 -94.59
C SER TA 20 -82.35 12.28 -94.87
N LEU TA 21 -83.07 11.28 -95.36
CA LEU TA 21 -84.49 11.37 -95.67
C LEU TA 21 -85.24 10.29 -94.91
N ARG TA 22 -86.47 10.58 -94.53
CA ARG TA 22 -87.33 9.62 -93.86
C ARG TA 22 -88.66 9.52 -94.58
N ASP TA 23 -89.34 8.39 -94.38
CA ASP TA 23 -90.66 8.20 -94.96
C ASP TA 23 -91.68 9.13 -94.31
N PHE TA 24 -91.65 9.24 -92.98
CA PHE TA 24 -92.56 10.06 -92.19
C PHE TA 24 -93.98 9.49 -92.25
N ALA TA 25 -94.17 8.43 -93.03
CA ALA TA 25 -95.43 7.71 -93.10
C ALA TA 25 -95.41 6.44 -92.27
N ASN TA 26 -94.46 5.54 -92.52
CA ASN TA 26 -94.25 4.39 -91.66
C ASN TA 26 -93.25 4.65 -90.56
N ASP TA 27 -92.51 5.76 -90.62
CA ASP TA 27 -91.59 6.19 -89.57
C ASP TA 27 -90.58 5.10 -89.22
N LYS TA 28 -90.16 4.33 -90.20
CA LYS TA 28 -89.22 3.25 -89.96
C LYS TA 28 -88.05 3.23 -90.93
N ASP TA 29 -88.11 3.94 -92.05
CA ASP TA 29 -87.07 3.90 -93.07
C ASP TA 29 -86.34 5.23 -93.12
N THR TA 30 -85.01 5.15 -93.14
CA THR TA 30 -84.16 6.31 -93.34
C THR TA 30 -83.21 6.02 -94.49
N LEU TA 31 -83.17 6.91 -95.46
CA LEU TA 31 -82.30 6.82 -96.62
C LEU TA 31 -81.23 7.90 -96.51
N ALA TA 32 -79.97 7.50 -96.54
CA ALA TA 32 -78.85 8.40 -96.36
C ALA TA 32 -77.97 8.42 -97.61
N TYR TA 33 -77.68 9.62 -98.10
CA TYR TA 33 -76.72 9.87 -99.16
C TYR TA 33 -75.50 10.52 -98.53
N LYS TA 34 -74.33 9.92 -98.72
CA LYS TA 34 -73.13 10.32 -98.03
C LYS TA 34 -72.00 10.50 -99.04
N ARG TA 35 -71.16 11.50 -98.78
CA ARG TA 35 -70.24 12.06 -99.76
C ARG TA 35 -68.88 12.28 -99.13
N LEU TA 36 -67.83 11.73 -99.74
CA LEU TA 36 -66.45 12.02 -99.33
C LEU TA 36 -65.63 12.36 -100.56
N ALA TA 37 -65.23 13.61 -100.71
CA ALA TA 37 -64.43 14.01 -101.86
C ALA TA 37 -63.06 13.33 -101.82
N PRO TA 38 -62.48 13.04 -102.98
CA PRO TA 38 -61.16 12.39 -103.00
C PRO TA 38 -60.09 13.30 -102.45
N LYS TA 39 -59.12 12.69 -101.77
CA LYS TA 39 -58.03 13.45 -101.14
C LYS TA 39 -56.71 13.01 -101.76
N ARG TA 40 -55.96 13.99 -102.27
CA ARG TA 40 -54.69 13.73 -102.94
C ARG TA 40 -53.62 13.52 -101.87
N THR TA 41 -53.51 12.28 -101.41
CA THR TA 41 -52.53 11.92 -100.40
C THR TA 41 -51.17 11.58 -101.00
N LYS TA 42 -51.10 11.39 -102.31
CA LYS TA 42 -49.89 10.96 -102.97
C LYS TA 42 -49.99 11.35 -104.44
N ASP TA 43 -49.15 10.73 -105.27
CA ASP TA 43 -49.27 10.91 -106.72
C ASP TA 43 -50.66 10.51 -107.20
N SER TA 44 -51.31 9.60 -106.47
CA SER TA 44 -52.70 9.30 -106.76
C SER TA 44 -53.59 10.47 -106.35
N PRO TA 45 -54.62 10.80 -107.13
CA PRO TA 45 -55.51 11.91 -106.75
C PRO TA 45 -56.51 11.55 -105.67
N GLY TA 46 -56.47 10.34 -105.12
CA GLY TA 46 -57.43 9.91 -104.14
C GLY TA 46 -58.64 9.23 -104.73
N MET TA 47 -59.46 8.65 -103.85
CA MET TA 47 -60.68 7.95 -104.23
C MET TA 47 -61.89 8.70 -103.68
N ALA TA 48 -62.87 8.94 -104.55
CA ALA TA 48 -64.10 9.62 -104.16
C ALA TA 48 -65.07 8.58 -103.60
N LYS TA 49 -65.49 8.78 -102.35
CA LYS TA 49 -66.36 7.84 -101.67
C LYS TA 49 -67.81 8.31 -101.76
N SER TA 50 -68.69 7.37 -102.06
CA SER TA 50 -70.12 7.60 -101.96
C SER TA 50 -70.73 6.51 -101.07
N GLU TA 51 -71.88 6.83 -100.50
CA GLU TA 51 -72.60 5.83 -99.72
C GLU TA 51 -74.08 6.09 -99.84
N LEU TA 52 -74.85 5.07 -100.18
CA LEU TA 52 -76.30 5.17 -100.29
C LEU TA 52 -76.90 4.06 -99.45
N LYS TA 53 -77.41 4.39 -98.27
CA LYS TA 53 -77.84 3.35 -97.35
C LYS TA 53 -79.29 3.53 -96.96
N ILE TA 54 -80.00 2.41 -96.90
CA ILE TA 54 -81.37 2.35 -96.41
C ILE TA 54 -81.38 1.57 -95.10
N THR TA 55 -81.93 2.18 -94.06
CA THR TA 55 -82.01 1.60 -92.73
C THR TA 55 -83.46 1.49 -92.31
N ARG TA 56 -83.84 0.32 -91.81
CA ARG TA 56 -85.19 0.08 -91.31
C ARG TA 56 -85.11 -0.21 -89.81
N VAL TA 57 -85.88 0.53 -89.04
CA VAL TA 57 -85.98 0.34 -87.60
C VAL TA 57 -87.45 0.34 -87.22
N ASP TA 58 -87.90 -0.72 -86.57
CA ASP TA 58 -89.32 -0.72 -86.23
C ASP TA 58 -89.58 0.35 -85.17
N PRO TA 59 -90.61 1.15 -85.33
CA PRO TA 59 -90.79 2.30 -84.42
C PRO TA 59 -91.63 1.99 -83.19
N THR TA 60 -91.36 0.87 -82.53
CA THR TA 60 -92.05 0.57 -81.28
C THR TA 60 -91.04 0.32 -80.17
N THR TA 61 -90.00 -0.45 -80.48
CA THR TA 61 -88.88 -0.66 -79.59
C THR TA 61 -87.59 -0.09 -80.15
N GLY TA 62 -87.59 0.35 -81.40
CA GLY TA 62 -86.39 0.93 -81.99
C GLY TA 62 -85.32 -0.06 -82.38
N VAL TA 63 -85.67 -1.31 -82.62
CA VAL TA 63 -84.70 -2.34 -82.99
C VAL TA 63 -84.40 -2.21 -84.48
N LEU TA 64 -83.13 -2.36 -84.83
CA LEU TA 64 -82.73 -2.34 -86.22
C LEU TA 64 -83.13 -3.64 -86.90
N ILE TA 65 -83.96 -3.54 -87.94
CA ILE TA 65 -84.36 -4.72 -88.67
C ILE TA 65 -83.31 -5.09 -89.72
N GLY TA 66 -82.84 -4.12 -90.48
CA GLY TA 66 -81.86 -4.41 -91.50
C GLY TA 66 -81.37 -3.16 -92.19
N ILE TA 67 -80.16 -3.26 -92.74
CA ILE TA 67 -79.51 -2.20 -93.48
C ILE TA 67 -79.03 -2.74 -94.80
N VAL TA 68 -79.31 -2.04 -95.89
CA VAL TA 68 -78.71 -2.29 -97.19
C VAL TA 68 -77.94 -1.05 -97.58
N ASN TA 69 -76.66 -1.21 -97.87
CA ASN TA 69 -75.77 -0.09 -98.17
C ASN TA 69 -75.13 -0.27 -99.53
N VAL TA 70 -75.14 0.78 -100.34
CA VAL TA 70 -74.48 0.81 -101.63
C VAL TA 70 -73.39 1.86 -101.55
N SER TA 71 -72.14 1.42 -101.46
CA SER TA 71 -71.01 2.32 -101.34
C SER TA 71 -70.09 2.16 -102.53
N SER TA 72 -69.60 3.27 -103.06
CA SER TA 72 -68.66 3.28 -104.17
C SER TA 72 -67.36 3.93 -103.72
N SER TA 73 -66.26 3.50 -104.32
CA SER TA 73 -64.92 4.01 -104.05
C SER TA 73 -64.19 4.05 -105.38
N ILE TA 74 -64.13 5.22 -106.01
CA ILE TA 74 -63.65 5.34 -107.38
C ILE TA 74 -62.56 6.40 -107.43
N ARG TA 75 -61.52 6.12 -108.22
CA ARG TA 75 -60.40 7.04 -108.39
C ARG TA 75 -60.87 8.39 -108.89
N ALA TA 76 -60.26 9.45 -108.35
CA ALA TA 76 -60.60 10.79 -108.79
C ALA TA 76 -60.35 10.98 -110.28
N ASP TA 77 -59.29 10.35 -110.80
CA ASP TA 77 -58.96 10.46 -112.22
C ASP TA 77 -59.73 9.49 -113.09
N ALA TA 78 -60.54 8.61 -112.50
CA ALA TA 78 -61.20 7.57 -113.26
C ALA TA 78 -62.18 8.15 -114.26
N THR TA 79 -62.30 7.48 -115.40
CA THR TA 79 -63.14 7.97 -116.49
C THR TA 79 -64.61 7.81 -116.15
N ALA TA 80 -65.44 8.63 -116.81
CA ALA TA 80 -66.88 8.44 -116.70
C ALA TA 80 -67.31 7.10 -117.26
N ALA TA 81 -66.57 6.57 -118.24
CA ALA TA 81 -66.86 5.24 -118.76
C ALA TA 81 -66.63 4.16 -117.70
N ASP TA 82 -65.55 4.29 -116.93
CA ASP TA 82 -65.31 3.34 -115.85
C ASP TA 82 -66.44 3.36 -114.84
N LYS TA 83 -66.90 4.55 -114.47
CA LYS TA 83 -67.95 4.70 -113.48
C LYS TA 83 -69.28 4.17 -114.01
N THR TA 84 -69.60 4.47 -115.26
CA THR TA 84 -70.82 3.95 -115.86
C THR TA 84 -70.79 2.43 -115.93
N ALA TA 85 -69.64 1.85 -116.30
CA ALA TA 85 -69.52 0.40 -116.35
C ALA TA 85 -69.69 -0.21 -114.98
N LEU TA 86 -69.07 0.38 -113.95
CA LEU TA 86 -69.21 -0.14 -112.60
C LEU TA 86 -70.67 -0.12 -112.16
N MET TA 87 -71.36 1.00 -112.38
CA MET TA 87 -72.75 1.09 -111.96
C MET TA 87 -73.63 0.11 -112.74
N ALA TA 88 -73.42 -0.01 -114.04
CA ALA TA 88 -74.21 -0.94 -114.83
C ALA TA 88 -73.99 -2.38 -114.40
N ILE TA 89 -72.74 -2.76 -114.12
CA ILE TA 89 -72.45 -4.13 -113.71
C ILE TA 89 -73.09 -4.43 -112.37
N ILE TA 90 -72.94 -3.53 -111.41
CA ILE TA 90 -73.51 -3.79 -110.08
C ILE TA 90 -75.03 -3.79 -110.16
N THR TA 91 -75.63 -2.95 -111.00
CA THR TA 91 -77.07 -2.93 -111.16
C THR TA 91 -77.59 -4.22 -111.78
N ALA TA 92 -76.90 -4.71 -112.82
CA ALA TA 92 -77.30 -5.98 -113.43
C ALA TA 92 -77.17 -7.13 -112.46
N ALA TA 93 -76.10 -7.13 -111.65
CA ALA TA 93 -75.93 -8.18 -110.66
C ALA TA 93 -77.02 -8.12 -109.60
N GLN TA 94 -77.42 -6.91 -109.19
CA GLN TA 94 -78.51 -6.78 -108.23
C GLN TA 94 -79.83 -7.26 -108.83
N ALA TA 95 -80.05 -6.97 -110.12
CA ALA TA 95 -81.29 -7.40 -110.77
C ALA TA 95 -81.36 -8.91 -110.91
N ASP TA 96 -80.22 -9.59 -110.91
CA ASP TA 96 -80.19 -11.04 -110.98
C ASP TA 96 -80.72 -11.65 -109.69
N GLY TA 97 -81.24 -12.87 -109.79
CA GLY TA 97 -81.76 -13.56 -108.63
C GLY TA 97 -80.69 -14.10 -107.70
N ALA TA 98 -79.45 -14.16 -108.17
CA ALA TA 98 -78.37 -14.60 -107.30
C ALA TA 98 -78.21 -13.67 -106.11
N TRP TA 99 -78.31 -12.36 -106.35
CA TRP TA 99 -78.28 -11.41 -105.24
C TRP TA 99 -79.51 -11.55 -104.35
N THR TA 100 -80.67 -11.78 -104.97
CA THR TA 100 -81.90 -11.93 -104.21
C THR TA 100 -81.88 -13.17 -103.33
N GLU TA 101 -81.03 -14.14 -103.65
CA GLU TA 101 -80.83 -15.30 -102.77
C GLU TA 101 -79.74 -15.06 -101.75
N LEU TA 102 -78.62 -14.46 -102.18
CA LEU TA 102 -77.56 -14.07 -101.25
C LEU TA 102 -78.13 -13.27 -100.09
N VAL TA 103 -79.01 -12.34 -100.39
CA VAL TA 103 -79.80 -11.71 -99.34
C VAL TA 103 -81.04 -12.56 -99.12
N THR TA 104 -81.49 -12.64 -97.87
CA THR TA 104 -82.62 -13.47 -97.40
C THR TA 104 -82.34 -14.97 -97.34
N ASP TA 105 -81.26 -15.45 -97.95
CA ASP TA 105 -80.99 -16.89 -97.91
C ASP TA 105 -79.56 -17.23 -97.56
N GLN TA 106 -78.62 -16.30 -97.64
CA GLN TA 106 -77.20 -16.58 -97.47
C GLN TA 106 -76.76 -17.69 -98.42
N ARG TA 107 -77.20 -17.58 -99.66
CA ARG TA 107 -76.97 -18.57 -100.69
C ARG TA 107 -76.00 -18.01 -101.72
N LEU TA 108 -74.91 -18.73 -101.96
CA LEU TA 108 -73.93 -18.34 -102.95
C LEU TA 108 -74.37 -18.81 -104.34
N PRO TA 109 -73.92 -18.15 -105.40
CA PRO TA 109 -74.37 -18.53 -106.75
C PRO TA 109 -73.61 -19.72 -107.30
N LEU TA 110 -73.54 -20.81 -106.54
CA LEU TA 110 -72.79 -21.98 -106.95
C LEU TA 110 -73.62 -23.25 -106.99
N ALA TA 111 -74.90 -23.19 -106.64
CA ALA TA 111 -75.75 -24.38 -106.75
C ALA TA 111 -75.82 -24.84 -108.20
N THR TA 112 -75.98 -26.15 -108.38
CA THR TA 112 -76.15 -26.72 -109.70
C THR TA 112 -77.59 -26.71 -110.19
N VAL TA 113 -78.52 -26.24 -109.35
CA VAL TA 113 -79.94 -26.12 -109.68
C VAL TA 113 -80.59 -27.48 -109.94
N SER UA 1 -73.69 -13.86 -111.22
CA SER UA 1 -73.50 -15.23 -111.68
C SER UA 1 -72.98 -15.28 -113.12
N LYS UA 2 -73.76 -14.78 -114.05
CA LYS UA 2 -73.45 -14.88 -115.48
C LYS UA 2 -73.49 -13.49 -116.08
N VAL UA 3 -73.63 -13.44 -117.41
CA VAL UA 3 -73.44 -12.22 -118.20
C VAL UA 3 -74.18 -11.03 -117.59
N PHE UA 4 -73.42 -10.00 -117.25
CA PHE UA 4 -73.94 -8.74 -116.72
C PHE UA 4 -73.32 -7.60 -117.52
N ASN UA 5 -74.14 -6.62 -117.90
CA ASN UA 5 -73.70 -5.47 -118.69
C ASN UA 5 -73.01 -5.94 -119.96
N THR UA 6 -73.57 -6.96 -120.61
CA THR UA 6 -73.09 -7.62 -121.81
C THR UA 6 -71.75 -8.31 -121.62
N GLN UA 7 -71.20 -8.33 -120.41
CA GLN UA 7 -69.92 -8.96 -120.14
C GLN UA 7 -70.14 -10.29 -119.44
N THR UA 8 -69.45 -11.32 -119.91
CA THR UA 8 -69.56 -12.67 -119.36
C THR UA 8 -68.62 -12.80 -118.17
N PHE UA 9 -69.17 -13.11 -117.00
CA PHE UA 9 -68.39 -13.28 -115.78
C PHE UA 9 -68.32 -14.77 -115.47
N ASP UA 10 -67.16 -15.36 -115.68
CA ASP UA 10 -66.93 -16.76 -115.38
C ASP UA 10 -66.19 -16.90 -114.06
N ILE UA 11 -66.39 -18.03 -113.39
CA ILE UA 11 -65.94 -18.17 -112.01
C ILE UA 11 -64.42 -18.06 -111.95
N TYR UA 12 -63.93 -17.15 -111.11
CA TYR UA 12 -62.51 -16.96 -110.92
C TYR UA 12 -61.97 -17.68 -109.70
N SER UA 13 -62.74 -17.73 -108.62
CA SER UA 13 -62.31 -18.44 -107.42
C SER UA 13 -63.54 -18.74 -106.57
N THR UA 14 -63.39 -19.73 -105.70
CA THR UA 14 -64.46 -20.07 -104.76
C THR UA 14 -63.87 -20.21 -103.37
N GLU UA 15 -64.64 -19.82 -102.37
CA GLU UA 15 -64.25 -19.90 -100.98
C GLU UA 15 -65.43 -20.44 -100.19
N LYS UA 16 -65.22 -20.63 -98.88
CA LYS UA 16 -66.30 -21.04 -98.00
C LYS UA 16 -67.46 -20.05 -98.05
N ASP UA 17 -67.15 -18.75 -98.15
CA ASP UA 17 -68.18 -17.73 -98.12
C ASP UA 17 -68.05 -16.71 -99.24
N VAL UA 18 -67.07 -16.84 -100.14
CA VAL UA 18 -66.90 -15.91 -101.24
C VAL UA 18 -66.85 -16.69 -102.54
N VAL UA 19 -67.59 -16.21 -103.53
CA VAL UA 19 -67.50 -16.68 -104.90
C VAL UA 19 -67.15 -15.49 -105.77
N SER UA 20 -66.05 -15.60 -106.50
CA SER UA 20 -65.52 -14.50 -107.29
C SER UA 20 -65.54 -14.91 -108.77
N LEU UA 21 -66.09 -14.04 -109.60
CA LEU UA 21 -66.18 -14.24 -111.04
C LEU UA 21 -65.36 -13.19 -111.75
N ARG UA 22 -64.83 -13.55 -112.91
CA ARG UA 22 -64.03 -12.64 -113.70
C ARG UA 22 -64.61 -12.56 -115.11
N ASP UA 23 -64.40 -11.42 -115.76
CA ASP UA 23 -64.76 -11.31 -117.17
C ASP UA 23 -63.88 -12.19 -118.04
N PHE UA 24 -62.56 -12.11 -117.83
CA PHE UA 24 -61.55 -12.87 -118.59
C PHE UA 24 -61.44 -12.38 -120.02
N ALA UA 25 -62.32 -11.46 -120.42
CA ALA UA 25 -62.24 -10.83 -121.73
C ALA UA 25 -61.48 -9.52 -121.67
N ASN UA 26 -61.96 -8.56 -120.88
CA ASN UA 26 -61.20 -7.36 -120.60
C ASN UA 26 -60.24 -7.55 -119.42
N ASP UA 27 -60.35 -8.68 -118.72
CA ASP UA 27 -59.40 -9.06 -117.68
C ASP UA 27 -59.30 -8.01 -116.58
N LYS UA 28 -60.38 -7.27 -116.36
CA LYS UA 28 -60.30 -6.12 -115.47
C LYS UA 28 -61.40 -6.07 -114.42
N ASP UA 29 -62.48 -6.84 -114.57
CA ASP UA 29 -63.63 -6.75 -113.69
C ASP UA 29 -63.78 -8.04 -112.89
N THR UA 30 -63.94 -7.90 -111.58
CA THR UA 30 -64.15 -9.03 -110.69
C THR UA 30 -65.39 -8.80 -109.87
N LEU UA 31 -66.30 -9.77 -109.89
CA LEU UA 31 -67.57 -9.71 -109.17
C LEU UA 31 -67.54 -10.71 -108.04
N ALA UA 32 -67.67 -10.23 -106.80
CA ALA UA 32 -67.60 -11.08 -105.62
C ALA UA 32 -68.96 -11.14 -104.94
N TYR UA 33 -69.36 -12.35 -104.55
CA TYR UA 33 -70.52 -12.61 -103.71
C TYR UA 33 -69.98 -13.15 -102.39
N LYS UA 34 -70.30 -12.48 -101.29
CA LYS UA 34 -69.75 -12.81 -100.00
C LYS UA 34 -70.89 -13.00 -99.00
N ARG UA 35 -70.68 -13.93 -98.07
CA ARG UA 35 -71.71 -14.43 -97.19
C ARG UA 35 -71.20 -14.44 -95.75
N LEU UA 36 -72.06 -14.08 -94.81
CA LEU UA 36 -71.75 -14.23 -93.39
C LEU UA 36 -73.03 -14.61 -92.66
N ALA UA 37 -73.16 -15.88 -92.31
CA ALA UA 37 -74.34 -16.33 -91.61
C ALA UA 37 -74.46 -15.64 -90.25
N PRO UA 38 -75.69 -15.41 -89.77
CA PRO UA 38 -75.85 -14.78 -88.46
C PRO UA 38 -75.35 -15.67 -87.34
N LYS UA 39 -74.84 -15.04 -86.29
CA LYS UA 39 -74.37 -15.73 -85.10
C LYS UA 39 -75.15 -15.21 -83.90
N ARG UA 40 -75.63 -16.14 -83.07
CA ARG UA 40 -76.51 -15.81 -81.95
C ARG UA 40 -75.66 -15.55 -80.70
N THR UA 41 -74.95 -14.43 -80.72
CA THR UA 41 -74.09 -14.08 -79.60
C THR UA 41 -74.90 -13.70 -78.36
N LYS UA 42 -76.20 -13.47 -78.51
CA LYS UA 42 -77.07 -13.16 -77.40
C LYS UA 42 -78.45 -13.72 -77.73
N ASP UA 43 -79.47 -13.23 -77.02
CA ASP UA 43 -80.85 -13.61 -77.29
C ASP UA 43 -81.22 -13.29 -78.73
N SER UA 44 -80.54 -12.31 -79.31
CA SER UA 44 -80.75 -11.99 -80.72
C SER UA 44 -80.34 -13.18 -81.59
N PRO UA 45 -81.01 -13.41 -82.71
CA PRO UA 45 -80.53 -14.43 -83.65
C PRO UA 45 -79.35 -13.98 -84.49
N GLY UA 46 -78.83 -12.79 -84.24
CA GLY UA 46 -77.71 -12.26 -84.99
C GLY UA 46 -78.14 -11.58 -86.27
N MET UA 47 -77.15 -11.01 -86.96
CA MET UA 47 -77.36 -10.36 -88.24
C MET UA 47 -76.78 -11.23 -89.35
N ALA UA 48 -77.57 -11.46 -90.39
CA ALA UA 48 -77.09 -12.13 -91.60
C ALA UA 48 -76.48 -11.07 -92.50
N LYS UA 49 -75.21 -11.24 -92.84
CA LYS UA 49 -74.51 -10.30 -93.70
C LYS UA 49 -74.38 -10.88 -95.11
N SER UA 50 -74.62 -10.04 -96.10
CA SER UA 50 -74.28 -10.36 -97.47
C SER UA 50 -73.44 -9.24 -98.07
N GLU UA 51 -72.76 -9.54 -99.16
CA GLU UA 51 -71.95 -8.53 -99.82
C GLU UA 51 -71.90 -8.85 -101.30
N LEU UA 52 -72.16 -7.85 -102.15
CA LEU UA 52 -72.06 -8.01 -103.59
C LEU UA 52 -71.22 -6.88 -104.12
N LYS UA 53 -69.98 -7.17 -104.50
CA LYS UA 53 -69.04 -6.12 -104.86
C LYS UA 53 -68.52 -6.32 -106.27
N ILE UA 54 -68.27 -5.21 -106.95
CA ILE UA 54 -67.65 -5.21 -108.27
C ILE UA 54 -66.39 -4.38 -108.19
N THR UA 55 -65.30 -4.92 -108.71
CA THR UA 55 -64.00 -4.28 -108.66
C THR UA 55 -63.45 -4.17 -110.07
N ARG UA 56 -62.97 -2.98 -110.42
CA ARG UA 56 -62.28 -2.77 -111.69
C ARG UA 56 -60.83 -2.40 -111.39
N VAL UA 57 -59.90 -3.17 -111.94
CA VAL UA 57 -58.49 -2.82 -111.93
C VAL UA 57 -57.99 -2.90 -113.36
N ASP UA 58 -57.18 -1.93 -113.75
CA ASP UA 58 -56.62 -2.00 -115.08
C ASP UA 58 -55.52 -3.04 -115.11
N PRO UA 59 -55.60 -4.06 -115.96
CA PRO UA 59 -54.69 -5.21 -115.82
C PRO UA 59 -53.36 -5.06 -116.53
N THR UA 60 -52.74 -3.88 -116.47
CA THR UA 60 -51.35 -3.78 -116.90
C THR UA 60 -50.51 -3.22 -115.76
N THR UA 61 -50.96 -2.13 -115.15
CA THR UA 61 -50.30 -1.57 -113.98
C THR UA 61 -50.99 -1.95 -112.69
N GLY UA 62 -52.18 -2.55 -112.75
CA GLY UA 62 -52.85 -3.05 -111.57
C GLY UA 62 -53.21 -2.00 -110.54
N VAL UA 63 -53.68 -0.83 -110.97
CA VAL UA 63 -54.19 0.16 -110.04
C VAL UA 63 -55.71 0.04 -109.99
N LEU UA 64 -56.28 0.29 -108.83
CA LEU UA 64 -57.72 0.16 -108.62
C LEU UA 64 -58.43 1.33 -109.27
N ILE UA 65 -59.22 1.07 -110.30
CA ILE UA 65 -60.04 2.13 -110.86
C ILE UA 65 -61.19 2.47 -109.94
N GLY UA 66 -61.90 1.47 -109.42
CA GLY UA 66 -63.01 1.73 -108.53
C GLY UA 66 -63.68 0.47 -108.06
N ILE UA 67 -64.43 0.61 -106.96
CA ILE UA 67 -65.22 -0.46 -106.36
C ILE UA 67 -66.62 0.07 -106.08
N VAL UA 68 -67.63 -0.74 -106.40
CA VAL UA 68 -69.00 -0.50 -105.96
C VAL UA 68 -69.43 -1.71 -105.15
N ASN UA 69 -69.94 -1.45 -103.94
CA ASN UA 69 -70.22 -2.49 -102.97
C ASN UA 69 -71.67 -2.42 -102.52
N VAL UA 70 -72.36 -3.54 -102.56
CA VAL UA 70 -73.72 -3.65 -102.06
C VAL UA 70 -73.69 -4.58 -100.85
N SER UA 71 -73.87 -4.03 -99.66
CA SER UA 71 -73.78 -4.79 -98.43
C SER UA 71 -75.14 -4.86 -97.76
N SER UA 72 -75.41 -6.00 -97.12
CA SER UA 72 -76.64 -6.21 -96.38
C SER UA 72 -76.31 -6.62 -94.96
N SER UA 73 -77.05 -6.07 -94.01
CA SER UA 73 -76.97 -6.47 -92.61
C SER UA 73 -78.42 -6.54 -92.12
N ILE UA 74 -79.03 -7.69 -92.27
CA ILE UA 74 -80.43 -7.90 -91.93
C ILE UA 74 -80.51 -8.86 -90.75
N ARG UA 75 -81.40 -8.55 -89.81
CA ARG UA 75 -81.64 -9.44 -88.68
C ARG UA 75 -82.03 -10.82 -89.17
N ALA UA 76 -81.48 -11.86 -88.52
CA ALA UA 76 -81.81 -13.22 -88.91
C ALA UA 76 -83.30 -13.49 -88.75
N ASP UA 77 -83.93 -12.91 -87.74
CA ASP UA 77 -85.36 -13.07 -87.51
C ASP UA 77 -86.21 -12.21 -88.44
N ALA UA 78 -85.60 -11.28 -89.16
CA ALA UA 78 -86.37 -10.30 -89.91
C ALA UA 78 -87.18 -10.99 -91.01
N THR UA 79 -88.44 -10.56 -91.14
CA THR UA 79 -89.36 -11.16 -92.08
C THR UA 79 -88.92 -10.89 -93.51
N ALA UA 80 -89.39 -11.74 -94.42
CA ALA UA 80 -89.10 -11.53 -95.83
C ALA UA 80 -89.72 -10.23 -96.32
N ALA UA 81 -90.76 -9.73 -95.64
CA ALA UA 81 -91.33 -8.45 -96.01
C ALA UA 81 -90.33 -7.32 -95.81
N ASP UA 82 -89.65 -7.30 -94.67
CA ASP UA 82 -88.64 -6.27 -94.44
C ASP UA 82 -87.49 -6.38 -95.44
N LYS UA 83 -87.04 -7.60 -95.73
CA LYS UA 83 -85.95 -7.78 -96.66
C LYS UA 83 -86.33 -7.35 -98.07
N THR UA 84 -87.54 -7.71 -98.50
CA THR UA 84 -87.99 -7.30 -99.83
C THR UA 84 -88.19 -5.79 -99.90
N ALA UA 85 -88.71 -5.18 -98.85
CA ALA UA 85 -88.85 -3.73 -98.84
C ALA UA 85 -87.50 -3.04 -98.88
N LEU UA 86 -86.53 -3.57 -98.15
CA LEU UA 86 -85.18 -3.02 -98.17
C LEU UA 86 -84.58 -3.08 -99.56
N MET UA 87 -84.71 -4.23 -100.22
CA MET UA 87 -84.18 -4.34 -101.58
C MET UA 87 -84.91 -3.42 -102.53
N ALA UA 88 -86.24 -3.34 -102.43
CA ALA UA 88 -87.01 -2.50 -103.33
C ALA UA 88 -86.63 -1.03 -103.16
N ILE UA 89 -86.49 -0.57 -101.92
CA ILE UA 89 -86.12 0.81 -101.68
C ILE UA 89 -84.74 1.09 -102.23
N ILE UA 90 -83.77 0.19 -101.97
CA ILE UA 90 -82.41 0.48 -102.39
C ILE UA 90 -82.28 0.44 -103.91
N THR UA 91 -82.98 -0.49 -104.56
CA THR UA 91 -82.95 -0.56 -106.02
C THR UA 91 -83.64 0.65 -106.64
N ALA UA 92 -84.75 1.08 -106.08
CA ALA UA 92 -85.41 2.28 -106.57
C ALA UA 92 -84.52 3.50 -106.41
N ALA UA 93 -83.81 3.60 -105.27
CA ALA UA 93 -82.89 4.70 -105.07
C ALA UA 93 -81.74 4.67 -106.06
N GLN UA 94 -81.20 3.49 -106.33
CA GLN UA 94 -80.12 3.37 -107.31
C GLN UA 94 -80.58 3.75 -108.71
N ALA UA 95 -81.77 3.29 -109.11
CA ALA UA 95 -82.30 3.63 -110.42
C ALA UA 95 -82.54 5.12 -110.58
N ASP UA 96 -82.81 5.82 -109.48
CA ASP UA 96 -83.04 7.26 -109.52
C ASP UA 96 -81.72 8.00 -109.74
N GLY UA 97 -81.82 9.19 -110.33
CA GLY UA 97 -80.65 9.93 -110.76
C GLY UA 97 -79.78 10.45 -109.62
N ALA UA 98 -80.33 10.58 -108.42
CA ALA UA 98 -79.53 11.11 -107.31
C ALA UA 98 -78.32 10.24 -107.03
N TRP UA 99 -78.48 8.92 -107.06
CA TRP UA 99 -77.35 8.02 -106.89
C TRP UA 99 -76.36 8.17 -108.04
N THR UA 100 -76.88 8.33 -109.26
CA THR UA 100 -76.02 8.47 -110.43
C THR UA 100 -75.14 9.71 -110.32
N GLU UA 101 -75.66 10.82 -109.80
CA GLU UA 101 -74.83 12.00 -109.58
C GLU UA 101 -73.96 11.91 -108.34
N LEU UA 102 -74.43 11.26 -107.28
CA LEU UA 102 -73.61 11.05 -106.10
C LEU UA 102 -72.32 10.33 -106.47
N VAL UA 103 -72.43 9.28 -107.27
CA VAL UA 103 -71.26 8.79 -107.99
C VAL UA 103 -71.00 9.72 -109.18
N THR UA 104 -69.74 9.86 -109.57
CA THR UA 104 -69.32 10.67 -110.72
C THR UA 104 -69.43 12.17 -110.47
N ASP UA 105 -70.06 12.59 -109.37
CA ASP UA 105 -70.13 14.03 -109.09
C ASP UA 105 -69.89 14.37 -107.65
N GLN UA 106 -70.04 13.44 -106.71
CA GLN UA 106 -70.12 13.74 -105.29
C GLN UA 106 -71.18 14.79 -105.02
N ARG UA 107 -72.32 14.64 -105.69
CA ARG UA 107 -73.43 15.58 -105.60
C ARG UA 107 -74.50 15.01 -104.67
N LEU UA 108 -74.74 15.69 -103.57
CA LEU UA 108 -75.78 15.27 -102.64
C LEU UA 108 -77.16 15.70 -103.15
N PRO UA 109 -78.20 14.95 -102.80
CA PRO UA 109 -79.55 15.34 -103.23
C PRO UA 109 -80.07 16.54 -102.45
N LEU UA 110 -79.50 17.70 -102.71
CA LEU UA 110 -79.97 18.94 -102.13
C LEU UA 110 -79.98 20.11 -103.10
N ALA UA 111 -79.71 19.87 -104.38
CA ALA UA 111 -79.71 20.94 -105.37
C ALA UA 111 -81.12 21.44 -105.62
N THR UA 112 -81.25 22.76 -105.81
CA THR UA 112 -82.54 23.38 -106.06
C THR UA 112 -82.92 23.39 -107.53
N VAL UA 113 -82.04 22.93 -108.41
CA VAL UA 113 -82.27 22.90 -109.86
C VAL UA 113 -82.53 24.30 -110.41
N SER VA 1 -79.96 -58.32 -89.07
CA SER VA 1 -80.51 -59.53 -88.48
C SER VA 1 -80.08 -60.78 -89.21
N LYS VA 2 -80.28 -60.81 -90.52
CA LYS VA 2 -80.03 -62.00 -91.31
C LYS VA 2 -79.34 -61.58 -92.62
N VAL VA 3 -79.36 -62.49 -93.60
CA VAL VA 3 -78.49 -62.44 -94.77
C VAL VA 3 -78.43 -61.06 -95.41
N PHE VA 4 -77.22 -60.52 -95.49
CA PHE VA 4 -76.95 -59.23 -96.10
C PHE VA 4 -75.83 -59.43 -97.11
N ASN VA 5 -76.00 -58.89 -98.31
CA ASN VA 5 -75.00 -59.01 -99.37
C ASN VA 5 -74.67 -60.47 -99.65
N THR VA 6 -75.70 -61.32 -99.60
CA THR VA 6 -75.63 -62.77 -99.78
C THR VA 6 -74.78 -63.46 -98.72
N GLN VA 7 -74.33 -62.76 -97.69
CA GLN VA 7 -73.62 -63.38 -96.59
C GLN VA 7 -74.56 -63.56 -95.42
N THR VA 8 -74.48 -64.71 -94.77
CA THR VA 8 -75.34 -65.03 -93.63
C THR VA 8 -74.67 -64.50 -92.37
N PHE VA 9 -75.41 -63.69 -91.61
CA PHE VA 9 -74.93 -63.15 -90.35
C PHE VA 9 -75.73 -63.82 -89.23
N ASP VA 10 -75.03 -64.57 -88.38
CA ASP VA 10 -75.62 -65.19 -87.22
C ASP VA 10 -75.24 -64.38 -85.98
N ILE VA 11 -76.12 -64.34 -84.99
CA ILE VA 11 -75.85 -63.55 -83.81
C ILE VA 11 -74.66 -64.15 -83.07
N TYR VA 12 -73.64 -63.33 -82.84
CA TYR VA 12 -72.44 -63.74 -82.12
C TYR VA 12 -72.48 -63.40 -80.66
N SER VA 13 -73.08 -62.28 -80.30
CA SER VA 13 -73.04 -61.81 -78.93
C SER VA 13 -74.30 -61.01 -78.64
N THR VA 14 -74.82 -61.18 -77.44
CA THR VA 14 -75.98 -60.41 -76.99
C THR VA 14 -75.61 -59.69 -75.71
N GLU VA 15 -75.77 -58.38 -75.71
CA GLU VA 15 -75.46 -57.55 -74.56
C GLU VA 15 -76.69 -56.75 -74.16
N LYS VA 16 -76.52 -55.94 -73.11
CA LYS VA 16 -77.61 -55.08 -72.64
C LYS VA 16 -78.03 -54.10 -73.72
N ASP VA 17 -77.08 -53.38 -74.31
CA ASP VA 17 -77.36 -52.38 -75.32
C ASP VA 17 -76.66 -52.66 -76.64
N VAL VA 18 -76.07 -53.84 -76.81
CA VAL VA 18 -75.35 -54.20 -78.02
C VAL VA 18 -75.77 -55.59 -78.46
N VAL VA 19 -75.96 -55.76 -79.76
CA VAL VA 19 -76.16 -57.07 -80.38
C VAL VA 19 -75.17 -57.19 -81.52
N SER VA 20 -74.41 -58.28 -81.55
CA SER VA 20 -73.35 -58.47 -82.53
C SER VA 20 -73.58 -59.75 -83.32
N LEU VA 21 -73.54 -59.64 -84.63
CA LEU VA 21 -73.66 -60.75 -85.56
C LEU VA 21 -72.34 -60.97 -86.28
N ARG VA 22 -72.00 -62.23 -86.50
CA ARG VA 22 -70.80 -62.58 -87.23
C ARG VA 22 -71.19 -63.41 -88.44
N ASP VA 23 -70.44 -63.24 -89.53
CA ASP VA 23 -70.69 -64.04 -90.73
C ASP VA 23 -70.46 -65.52 -90.47
N PHE VA 24 -69.36 -65.86 -89.78
CA PHE VA 24 -69.01 -67.23 -89.41
C PHE VA 24 -68.64 -68.07 -90.61
N ALA VA 25 -68.79 -67.51 -91.81
CA ALA VA 25 -68.35 -68.16 -93.04
C ALA VA 25 -67.01 -67.61 -93.50
N ASN VA 26 -66.91 -66.30 -93.71
CA ASN VA 26 -65.63 -65.68 -93.99
C ASN VA 26 -64.87 -65.32 -92.71
N ASP VA 27 -65.53 -65.34 -91.57
CA ASP VA 27 -64.92 -65.08 -90.27
C ASP VA 27 -64.18 -63.74 -90.23
N LYS VA 28 -64.68 -62.75 -90.98
CA LYS VA 28 -64.04 -61.46 -91.02
C LYS VA 28 -65.00 -60.28 -90.92
N ASP VA 29 -66.31 -60.51 -90.98
CA ASP VA 29 -67.31 -59.45 -90.94
C ASP VA 29 -68.10 -59.53 -89.64
N THR VA 30 -68.22 -58.40 -88.95
CA THR VA 30 -69.02 -58.28 -87.74
C THR VA 30 -69.97 -57.10 -87.88
N LEU VA 31 -71.24 -57.34 -87.60
CA LEU VA 31 -72.28 -56.32 -87.65
C LEU VA 31 -72.79 -56.06 -86.23
N ALA VA 32 -72.67 -54.82 -85.77
CA ALA VA 32 -73.06 -54.46 -84.41
C ALA VA 32 -74.19 -53.45 -84.43
N TYR VA 33 -75.23 -53.74 -83.65
CA TYR VA 33 -76.32 -52.82 -83.35
C TYR VA 33 -76.09 -52.33 -81.93
N LYS VA 34 -75.90 -51.02 -81.76
CA LYS VA 34 -75.63 -50.41 -80.47
C LYS VA 34 -76.70 -49.37 -80.15
N ARG VA 35 -77.03 -49.29 -78.87
CA ARG VA 35 -78.14 -48.49 -78.36
C ARG VA 35 -77.63 -47.57 -77.26
N LEU VA 36 -78.24 -46.40 -77.13
CA LEU VA 36 -77.94 -45.50 -76.02
C LEU VA 36 -79.18 -44.63 -75.78
N ALA VA 37 -79.82 -44.82 -74.62
CA ALA VA 37 -81.06 -44.13 -74.35
C ALA VA 37 -80.83 -42.62 -74.21
N PRO VA 38 -81.82 -41.80 -74.59
CA PRO VA 38 -81.69 -40.36 -74.39
C PRO VA 38 -81.69 -40.02 -72.91
N LYS VA 39 -80.78 -39.13 -72.52
CA LYS VA 39 -80.56 -38.81 -71.11
C LYS VA 39 -81.06 -37.40 -70.84
N ARG VA 40 -82.00 -37.29 -69.90
CA ARG VA 40 -82.66 -36.03 -69.55
C ARG VA 40 -81.81 -35.29 -68.51
N THR VA 41 -80.62 -34.88 -68.94
CA THR VA 41 -79.73 -34.13 -68.07
C THR VA 41 -80.23 -32.72 -67.79
N LYS VA 42 -81.28 -32.29 -68.50
CA LYS VA 42 -81.80 -30.95 -68.39
C LYS VA 42 -83.26 -30.98 -68.80
N ASP VA 43 -83.83 -29.80 -69.06
CA ASP VA 43 -85.19 -29.67 -69.56
C ASP VA 43 -85.41 -30.55 -70.78
N SER VA 44 -84.44 -30.57 -71.69
CA SER VA 44 -84.56 -31.35 -72.91
C SER VA 44 -84.60 -32.84 -72.57
N PRO VA 45 -85.39 -33.65 -73.29
CA PRO VA 45 -85.47 -35.08 -72.96
C PRO VA 45 -84.24 -35.87 -73.33
N GLY VA 46 -83.23 -35.25 -73.95
CA GLY VA 46 -82.02 -35.92 -74.31
C GLY VA 46 -82.01 -36.42 -75.75
N MET VA 47 -80.87 -36.96 -76.14
CA MET VA 47 -80.66 -37.44 -77.50
C MET VA 47 -80.50 -38.95 -77.50
N ALA VA 48 -81.33 -39.63 -78.28
CA ALA VA 48 -81.32 -41.08 -78.36
C ALA VA 48 -80.30 -41.51 -79.40
N LYS VA 49 -79.22 -42.15 -78.96
CA LYS VA 49 -78.13 -42.55 -79.83
C LYS VA 49 -78.35 -43.96 -80.35
N SER VA 50 -78.19 -44.13 -81.65
CA SER VA 50 -78.20 -45.45 -82.26
C SER VA 50 -76.89 -45.65 -83.01
N GLU VA 51 -76.58 -46.91 -83.29
CA GLU VA 51 -75.36 -47.22 -84.02
C GLU VA 51 -75.53 -48.52 -84.77
N LEU VA 52 -75.17 -48.52 -86.06
CA LEU VA 52 -75.14 -49.73 -86.86
C LEU VA 52 -73.79 -49.75 -87.59
N LYS VA 53 -72.92 -50.67 -87.21
CA LYS VA 53 -71.58 -50.67 -87.77
C LYS VA 53 -71.20 -52.04 -88.30
N ILE VA 54 -70.45 -52.04 -89.40
CA ILE VA 54 -69.89 -53.26 -89.99
C ILE VA 54 -68.37 -53.15 -89.96
N THR VA 55 -67.72 -54.16 -89.42
CA THR VA 55 -66.28 -54.19 -89.27
C THR VA 55 -65.70 -55.39 -89.98
N ARG VA 56 -64.70 -55.16 -90.81
CA ARG VA 56 -63.99 -56.23 -91.49
C ARG VA 56 -62.58 -56.30 -90.92
N VAL VA 57 -62.19 -57.48 -90.46
CA VAL VA 57 -60.86 -57.72 -89.93
C VAL VA 57 -60.29 -58.94 -90.63
N ASP VA 58 -59.09 -58.79 -91.16
CA ASP VA 58 -58.51 -59.89 -91.93
C ASP VA 58 -58.25 -61.09 -91.03
N PRO VA 59 -58.88 -62.23 -91.27
CA PRO VA 59 -58.84 -63.31 -90.27
C PRO VA 59 -57.66 -64.27 -90.41
N THR VA 60 -56.45 -63.76 -90.61
CA THR VA 60 -55.27 -64.60 -90.46
C THR VA 60 -54.24 -63.91 -89.58
N THR VA 61 -54.16 -62.58 -89.66
CA THR VA 61 -53.30 -61.80 -88.78
C THR VA 61 -54.07 -60.79 -87.94
N GLY VA 62 -55.35 -60.56 -88.24
CA GLY VA 62 -56.16 -59.67 -87.44
C GLY VA 62 -56.00 -58.20 -87.71
N VAL VA 63 -55.80 -57.81 -88.97
CA VAL VA 63 -55.65 -56.41 -89.33
C VAL VA 63 -57.00 -55.87 -89.77
N LEU VA 64 -57.40 -54.74 -89.19
CA LEU VA 64 -58.67 -54.09 -89.51
C LEU VA 64 -58.62 -53.56 -90.94
N ILE VA 65 -59.39 -54.20 -91.83
CA ILE VA 65 -59.48 -53.74 -93.21
C ILE VA 65 -60.26 -52.43 -93.30
N GLY VA 66 -61.40 -52.34 -92.64
CA GLY VA 66 -62.22 -51.16 -92.74
C GLY VA 66 -63.44 -51.24 -91.86
N ILE VA 67 -64.05 -50.09 -91.64
CA ILE VA 67 -65.27 -49.95 -90.86
C ILE VA 67 -66.19 -48.98 -91.57
N VAL VA 68 -67.46 -49.34 -91.71
CA VAL VA 68 -68.51 -48.42 -92.09
C VAL VA 68 -69.53 -48.41 -90.96
N ASN VA 69 -69.81 -47.23 -90.43
CA ASN VA 69 -70.67 -47.07 -89.27
C ASN VA 69 -71.80 -46.11 -89.61
N VAL VA 70 -73.01 -46.43 -89.20
CA VAL VA 70 -74.15 -45.54 -89.31
C VAL VA 70 -74.59 -45.21 -87.89
N SER VA 71 -74.39 -43.97 -87.48
CA SER VA 71 -74.75 -43.52 -86.16
C SER VA 71 -75.87 -42.49 -86.25
N SER VA 72 -76.80 -42.55 -85.31
CA SER VA 72 -77.89 -41.60 -85.22
C SER VA 72 -77.89 -40.94 -83.86
N SER VA 73 -78.14 -39.64 -83.83
CA SER VA 73 -78.27 -38.87 -82.60
C SER VA 73 -79.49 -37.99 -82.79
N ILE VA 74 -80.65 -38.50 -82.38
CA ILE VA 74 -81.93 -37.83 -82.60
C ILE VA 74 -82.51 -37.45 -81.25
N ARG VA 75 -83.09 -36.24 -81.19
CA ARG VA 75 -83.76 -35.78 -79.98
C ARG VA 75 -84.81 -36.78 -79.54
N ALA VA 76 -84.91 -36.98 -78.22
CA ALA VA 76 -85.91 -37.90 -77.69
C ALA VA 76 -87.32 -37.48 -78.07
N ASP VA 77 -87.56 -36.17 -78.19
CA ASP VA 77 -88.88 -35.65 -78.53
C ASP VA 77 -89.12 -35.53 -80.02
N ALA VA 78 -88.10 -35.79 -80.85
CA ALA VA 78 -88.24 -35.60 -82.29
C ALA VA 78 -89.33 -36.49 -82.85
N THR VA 79 -90.13 -35.93 -83.75
CA THR VA 79 -91.28 -36.62 -84.29
C THR VA 79 -90.85 -37.78 -85.19
N ALA VA 80 -91.74 -38.76 -85.31
CA ALA VA 80 -91.47 -39.87 -86.22
C ALA VA 80 -91.33 -39.39 -87.66
N ALA VA 81 -91.97 -38.26 -87.99
CA ALA VA 81 -91.77 -37.66 -89.31
C ALA VA 81 -90.33 -37.19 -89.49
N ASP VA 82 -89.77 -36.53 -88.48
CA ASP VA 82 -88.38 -36.10 -88.56
C ASP VA 82 -87.45 -37.28 -88.72
N LYS VA 83 -87.70 -38.36 -87.96
CA LYS VA 83 -86.82 -39.52 -87.99
C LYS VA 83 -86.93 -40.26 -89.31
N THR VA 84 -88.14 -40.40 -89.84
CA THR VA 84 -88.31 -41.01 -91.15
C THR VA 84 -87.64 -40.16 -92.23
N ALA VA 85 -87.77 -38.83 -92.13
CA ALA VA 85 -87.14 -37.95 -93.11
C ALA VA 85 -85.61 -38.08 -93.06
N LEU VA 86 -85.04 -38.11 -91.86
CA LEU VA 86 -83.60 -38.26 -91.73
C LEU VA 86 -83.13 -39.57 -92.34
N MET VA 87 -83.83 -40.67 -92.01
CA MET VA 87 -83.41 -41.96 -92.54
C MET VA 87 -83.56 -42.02 -94.05
N ALA VA 88 -84.64 -41.45 -94.58
CA ALA VA 88 -84.86 -41.46 -96.03
C ALA VA 88 -83.81 -40.63 -96.76
N ILE VA 89 -83.49 -39.44 -96.23
CA ILE VA 89 -82.49 -38.60 -96.88
C ILE VA 89 -81.14 -39.30 -96.88
N ILE VA 90 -80.74 -39.87 -95.73
CA ILE VA 90 -79.43 -40.50 -95.69
C ILE VA 90 -79.39 -41.74 -96.58
N THR VA 91 -80.49 -42.51 -96.64
CA THR VA 91 -80.51 -43.69 -97.49
C THR VA 91 -80.44 -43.30 -98.96
N ALA VA 92 -81.16 -42.24 -99.36
CA ALA VA 92 -81.09 -41.78 -100.74
C ALA VA 92 -79.70 -41.26 -101.08
N ALA VA 93 -79.06 -40.54 -100.16
CA ALA VA 93 -77.71 -40.05 -100.40
C ALA VA 93 -76.72 -41.20 -100.55
N GLN VA 94 -76.86 -42.25 -99.73
CA GLN VA 94 -76.02 -43.42 -99.89
C GLN VA 94 -76.28 -44.11 -101.22
N ALA VA 95 -77.54 -44.21 -101.63
CA ALA VA 95 -77.86 -44.78 -102.93
C ALA VA 95 -77.33 -43.94 -104.07
N ASP VA 96 -77.08 -42.66 -103.84
CA ASP VA 96 -76.45 -41.82 -104.84
C ASP VA 96 -74.99 -42.21 -105.02
N GLY VA 97 -74.45 -41.90 -106.20
CA GLY VA 97 -73.08 -42.27 -106.51
C GLY VA 97 -72.04 -41.38 -105.86
N ALA VA 98 -72.44 -40.21 -105.38
CA ALA VA 98 -71.49 -39.33 -104.71
C ALA VA 98 -70.90 -40.00 -103.48
N TRP VA 99 -71.71 -40.77 -102.75
CA TRP VA 99 -71.19 -41.54 -101.63
C TRP VA 99 -70.25 -42.64 -102.10
N THR VA 100 -70.62 -43.33 -103.17
CA THR VA 100 -69.79 -44.41 -103.70
C THR VA 100 -68.45 -43.87 -104.21
N GLU VA 101 -68.37 -42.57 -104.46
CA GLU VA 101 -67.10 -41.95 -104.83
C GLU VA 101 -66.35 -41.41 -103.63
N LEU VA 102 -67.06 -40.78 -102.68
CA LEU VA 102 -66.44 -40.33 -101.44
C LEU VA 102 -65.76 -41.48 -100.72
N VAL VA 103 -66.46 -42.58 -100.53
CA VAL VA 103 -65.80 -43.83 -100.23
C VAL VA 103 -65.19 -44.35 -101.52
N THR VA 104 -64.04 -44.98 -101.42
CA THR VA 104 -63.28 -45.58 -102.52
C THR VA 104 -62.53 -44.57 -103.37
N ASP VA 105 -62.76 -43.26 -103.20
CA ASP VA 105 -61.91 -42.31 -103.91
C ASP VA 105 -61.54 -41.07 -103.11
N GLN VA 106 -62.20 -40.76 -102.00
CA GLN VA 106 -62.14 -39.43 -101.40
C GLN VA 106 -62.46 -38.36 -102.42
N ARG VA 107 -63.48 -38.61 -103.24
CA ARG VA 107 -63.91 -37.66 -104.26
C ARG VA 107 -65.15 -36.93 -103.75
N LEU VA 108 -65.02 -35.66 -103.57
CA LEU VA 108 -66.09 -34.80 -103.09
C LEU VA 108 -67.03 -34.42 -104.22
N PRO VA 109 -68.28 -34.13 -103.90
CA PRO VA 109 -69.22 -33.67 -104.94
C PRO VA 109 -68.96 -32.23 -105.35
N LEU VA 110 -67.79 -31.96 -105.93
CA LEU VA 110 -67.48 -30.65 -106.48
C LEU VA 110 -66.82 -30.71 -107.85
N ALA VA 111 -66.44 -31.90 -108.33
CA ALA VA 111 -65.79 -32.00 -109.63
C ALA VA 111 -66.75 -31.59 -110.74
N THR VA 112 -66.21 -30.93 -111.77
CA THR VA 112 -67.01 -30.43 -112.88
C THR VA 112 -67.29 -31.50 -113.94
N VAL VA 113 -66.71 -32.68 -113.81
CA VAL VA 113 -66.88 -33.79 -114.76
C VAL VA 113 -66.41 -33.39 -116.16
N SER WA 1 53.83 -111.14 -49.72
CA SER WA 1 52.95 -112.25 -50.05
C SER WA 1 53.36 -113.50 -49.29
N LYS WA 2 54.61 -113.92 -49.47
CA LYS WA 2 55.14 -115.10 -48.82
C LYS WA 2 56.60 -114.81 -48.45
N VAL WA 3 57.36 -115.87 -48.16
CA VAL WA 3 58.70 -115.75 -47.58
C VAL WA 3 59.58 -114.78 -48.37
N PHE WA 4 60.03 -113.72 -47.68
CA PHE WA 4 60.93 -112.72 -48.22
C PHE WA 4 62.04 -112.50 -47.22
N ASN WA 5 63.28 -112.48 -47.69
CA ASN WA 5 64.45 -112.31 -46.83
C ASN WA 5 64.41 -113.35 -45.70
N THR WA 6 64.07 -114.58 -46.06
CA THR WA 6 63.96 -115.73 -45.16
C THR WA 6 62.94 -115.52 -44.05
N GLN WA 7 61.95 -114.67 -44.24
CA GLN WA 7 60.89 -114.46 -43.26
C GLN WA 7 59.53 -114.70 -43.90
N THR WA 8 58.66 -115.42 -43.20
CA THR WA 8 57.35 -115.78 -43.71
C THR WA 8 56.36 -114.68 -43.37
N PHE WA 9 55.82 -114.03 -44.39
CA PHE WA 9 54.84 -112.98 -44.20
C PHE WA 9 53.46 -113.54 -44.50
N ASP WA 10 52.59 -113.54 -43.50
CA ASP WA 10 51.25 -114.08 -43.60
C ASP WA 10 50.23 -112.97 -43.51
N ILE WA 11 49.06 -113.21 -44.10
CA ILE WA 11 48.01 -112.19 -44.14
C ILE WA 11 47.61 -111.84 -42.72
N TYR WA 12 47.66 -110.55 -42.40
CA TYR WA 12 47.08 -110.07 -41.16
C TYR WA 12 45.79 -109.30 -41.37
N SER WA 13 45.67 -108.56 -42.47
CA SER WA 13 44.51 -107.71 -42.64
C SER WA 13 44.24 -107.50 -44.12
N THR WA 14 42.96 -107.39 -44.45
CA THR WA 14 42.53 -107.13 -45.82
C THR WA 14 41.49 -106.02 -45.80
N GLU WA 15 41.78 -104.95 -46.51
CA GLU WA 15 40.85 -103.85 -46.66
C GLU WA 15 40.32 -103.81 -48.08
N LYS WA 16 39.58 -102.76 -48.39
CA LYS WA 16 39.12 -102.55 -49.76
C LYS WA 16 40.29 -102.41 -50.70
N ASP WA 17 41.33 -101.69 -50.30
CA ASP WA 17 42.46 -101.42 -51.18
C ASP WA 17 43.81 -101.60 -50.50
N VAL WA 18 43.85 -102.14 -49.29
CA VAL WA 18 45.11 -102.45 -48.62
C VAL WA 18 45.11 -103.90 -48.19
N VAL WA 19 46.23 -104.57 -48.41
CA VAL WA 19 46.52 -105.88 -47.83
C VAL WA 19 47.73 -105.72 -46.94
N SER WA 20 47.61 -106.17 -45.69
CA SER WA 20 48.69 -106.09 -44.73
C SER WA 20 49.10 -107.49 -44.29
N LEU WA 21 50.40 -107.77 -44.35
CA LEU WA 21 50.98 -109.05 -43.96
C LEU WA 21 52.01 -108.81 -42.87
N ARG WA 22 52.11 -109.76 -41.95
CA ARG WA 22 53.07 -109.69 -40.86
C ARG WA 22 53.92 -110.95 -40.83
N ASP WA 23 55.08 -110.85 -40.19
CA ASP WA 23 55.95 -112.00 -40.03
C ASP WA 23 55.36 -113.02 -39.06
N PHE WA 24 54.84 -112.54 -37.93
CA PHE WA 24 54.25 -113.37 -36.88
C PHE WA 24 55.32 -114.24 -36.21
N ALA WA 25 56.55 -114.17 -36.70
CA ALA WA 25 57.68 -114.86 -36.09
C ALA WA 25 58.55 -113.91 -35.28
N ASN WA 26 59.07 -112.86 -35.90
CA ASN WA 26 59.77 -111.83 -35.15
C ASN WA 26 58.84 -110.72 -34.68
N ASP WA 27 57.60 -110.69 -35.18
CA ASP WA 27 56.58 -109.75 -34.74
C ASP WA 27 57.05 -108.30 -34.83
N LYS WA 28 57.87 -108.00 -35.84
CA LYS WA 28 58.39 -106.65 -35.98
C LYS WA 28 58.24 -106.08 -37.38
N ASP WA 29 57.95 -106.88 -38.38
CA ASP WA 29 57.85 -106.43 -39.77
C ASP WA 29 56.42 -106.52 -40.26
N THR WA 30 55.98 -105.48 -40.95
CA THR WA 30 54.69 -105.48 -41.63
C THR WA 30 54.89 -105.00 -43.07
N LEU WA 31 54.39 -105.80 -44.02
CA LEU WA 31 54.46 -105.48 -45.44
C LEU WA 31 53.05 -105.16 -45.92
N ALA WA 32 52.88 -103.98 -46.51
CA ALA WA 32 51.59 -103.50 -46.96
C ALA WA 32 51.60 -103.28 -48.47
N TYR WA 33 50.59 -103.82 -49.14
CA TYR WA 33 50.31 -103.59 -50.55
C TYR WA 33 49.08 -102.69 -50.61
N LYS WA 34 49.17 -101.60 -51.36
CA LYS WA 34 48.14 -100.57 -51.34
C LYS WA 34 47.85 -100.12 -52.76
N ARG WA 35 46.57 -99.87 -53.01
CA ARG WA 35 46.01 -99.79 -54.35
C ARG WA 35 45.08 -98.60 -54.49
N LEU WA 36 45.37 -97.70 -55.43
CA LEU WA 36 44.46 -96.61 -55.78
C LEU WA 36 44.23 -96.60 -57.28
N ALA WA 37 43.01 -96.91 -57.71
CA ALA WA 37 42.70 -96.93 -59.13
C ALA WA 37 42.76 -95.52 -59.72
N PRO WA 38 43.11 -95.40 -61.01
CA PRO WA 38 43.15 -94.07 -61.64
C PRO WA 38 41.76 -93.46 -61.72
N LYS WA 39 41.70 -92.14 -61.55
CA LYS WA 39 40.44 -91.42 -61.58
C LYS WA 39 40.46 -90.41 -62.72
N ARG WA 40 39.47 -90.51 -63.60
CA ARG WA 40 39.40 -89.67 -64.81
C ARG WA 40 38.85 -88.31 -64.40
N THR WA 41 39.75 -87.46 -63.91
CA THR WA 41 39.37 -86.12 -63.48
C THR WA 41 39.35 -85.12 -64.62
N LYS WA 42 39.87 -85.49 -65.79
CA LYS WA 42 39.97 -84.59 -66.92
C LYS WA 42 40.07 -85.43 -68.17
N ASP WA 43 40.53 -84.82 -69.26
CA ASP WA 43 40.84 -85.55 -70.48
C ASP WA 43 41.85 -86.65 -70.19
N SER WA 44 42.68 -86.46 -69.16
CA SER WA 44 43.56 -87.52 -68.71
C SER WA 44 42.75 -88.60 -67.99
N PRO WA 45 43.10 -89.88 -68.17
CA PRO WA 45 42.37 -90.95 -67.47
C PRO WA 45 42.78 -91.13 -66.02
N GLY WA 46 43.69 -90.30 -65.50
CA GLY WA 46 44.16 -90.43 -64.14
C GLY WA 46 45.40 -91.28 -64.00
N MET WA 47 45.94 -91.29 -62.79
CA MET WA 47 47.14 -92.05 -62.47
C MET WA 47 46.81 -93.16 -61.50
N ALA WA 48 47.32 -94.36 -61.77
CA ALA WA 48 47.10 -95.52 -60.91
C ALA WA 48 48.20 -95.57 -59.86
N LYS WA 49 47.82 -95.40 -58.60
CA LYS WA 49 48.77 -95.42 -57.50
C LYS WA 49 48.94 -96.82 -56.97
N SER WA 50 50.18 -97.21 -56.75
CA SER WA 50 50.51 -98.41 -56.00
C SER WA 50 51.45 -98.03 -54.87
N GLU WA 51 51.43 -98.83 -53.81
CA GLU WA 51 52.37 -98.62 -52.71
C GLU WA 51 52.75 -99.97 -52.14
N LEU WA 52 54.03 -100.18 -51.91
CA LEU WA 52 54.54 -101.41 -51.32
C LEU WA 52 55.51 -101.01 -50.22
N LYS WA 53 55.08 -101.11 -48.98
CA LYS WA 53 55.88 -100.59 -47.88
C LYS WA 53 56.18 -101.68 -46.86
N ILE WA 54 57.42 -101.67 -46.37
CA ILE WA 54 57.84 -102.54 -45.28
C ILE WA 54 58.18 -101.66 -44.08
N THR WA 55 57.51 -101.92 -42.96
CA THR WA 55 57.71 -101.18 -41.73
C THR WA 55 58.26 -102.12 -40.67
N ARG WA 56 59.32 -101.70 -40.00
CA ARG WA 56 59.90 -102.46 -38.90
C ARG WA 56 59.69 -101.70 -37.61
N VAL WA 57 59.07 -102.37 -36.64
CA VAL WA 57 58.85 -101.82 -35.31
C VAL WA 57 59.27 -102.88 -34.29
N ASP WA 58 60.22 -102.52 -33.44
CA ASP WA 58 60.68 -103.50 -32.46
C ASP WA 58 59.61 -103.76 -31.41
N PRO WA 59 59.31 -105.01 -31.09
CA PRO WA 59 58.14 -105.31 -30.26
C PRO WA 59 58.41 -105.34 -28.76
N THR WA 60 59.13 -104.37 -28.22
CA THR WA 60 59.23 -104.26 -26.78
C THR WA 60 58.65 -102.92 -26.33
N THR WA 61 59.01 -101.85 -27.04
CA THR WA 61 58.44 -100.54 -26.81
C THR WA 61 57.65 -100.02 -28.00
N GLY WA 62 57.73 -100.69 -29.15
CA GLY WA 62 56.92 -100.33 -30.29
C GLY WA 62 57.37 -99.09 -31.06
N VAL WA 63 58.65 -98.73 -30.98
CA VAL WA 63 59.16 -97.56 -31.69
C VAL WA 63 59.52 -97.99 -33.11
N LEU WA 64 59.27 -97.10 -34.07
CA LEU WA 64 59.47 -97.42 -35.48
C LEU WA 64 60.95 -97.32 -35.82
N ILE WA 65 61.55 -98.46 -36.16
CA ILE WA 65 62.95 -98.47 -36.57
C ILE WA 65 63.13 -97.84 -37.94
N GLY WA 66 62.31 -98.23 -38.91
CA GLY WA 66 62.46 -97.68 -40.25
C GLY WA 66 61.41 -98.20 -41.20
N ILE WA 67 61.20 -97.43 -42.26
CA ILE WA 67 60.25 -97.76 -43.32
C ILE WA 67 60.96 -97.65 -44.65
N VAL WA 68 60.76 -98.64 -45.51
CA VAL WA 68 61.14 -98.56 -46.92
C VAL WA 68 59.87 -98.73 -47.74
N ASN WA 69 59.61 -97.76 -48.62
CA ASN WA 69 58.36 -97.73 -49.37
C ASN WA 69 58.66 -97.65 -50.86
N VAL WA 70 57.91 -98.42 -51.64
CA VAL WA 70 58.00 -98.39 -53.10
C VAL WA 70 56.65 -97.93 -53.62
N SER WA 71 56.59 -96.71 -54.15
CA SER WA 71 55.37 -96.14 -54.65
C SER WA 71 55.47 -95.92 -56.15
N SER WA 72 54.44 -96.34 -56.87
CA SER WA 72 54.34 -96.11 -58.30
C SER WA 72 53.13 -95.24 -58.58
N SER WA 73 53.25 -94.36 -59.56
CA SER WA 73 52.19 -93.47 -60.01
C SER WA 73 52.27 -93.41 -61.53
N ILE WA 74 51.42 -94.18 -62.21
CA ILE WA 74 51.53 -94.38 -63.65
C ILE WA 74 50.19 -94.03 -64.31
N ARG WA 75 50.26 -93.40 -65.48
CA ARG WA 75 49.08 -93.04 -66.23
C ARG WA 75 48.25 -94.28 -66.56
N ALA WA 76 46.92 -94.11 -66.51
CA ALA WA 76 46.03 -95.21 -66.84
C ALA WA 76 46.23 -95.67 -68.28
N ASP WA 77 46.45 -94.72 -69.19
CA ASP WA 77 46.65 -95.03 -70.60
C ASP WA 77 48.05 -95.56 -70.91
N ALA WA 78 48.95 -95.53 -69.94
CA ALA WA 78 50.35 -95.84 -70.20
C ALA WA 78 50.50 -97.28 -70.68
N THR WA 79 51.44 -97.48 -71.59
CA THR WA 79 51.67 -98.78 -72.17
C THR WA 79 52.33 -99.72 -71.16
N ALA WA 80 52.10 -101.02 -71.34
CA ALA WA 80 52.76 -102.00 -70.49
C ALA WA 80 54.27 -101.94 -70.62
N ALA WA 81 54.76 -101.53 -71.80
CA ALA WA 81 56.19 -101.34 -71.98
C ALA WA 81 56.71 -100.21 -71.09
N ASP WA 82 55.92 -99.14 -70.94
CA ASP WA 82 56.33 -98.05 -70.06
C ASP WA 82 56.49 -98.55 -68.62
N LYS WA 83 55.52 -99.34 -68.15
CA LYS WA 83 55.59 -99.85 -66.78
C LYS WA 83 56.73 -100.85 -66.63
N THR WA 84 56.97 -101.68 -67.64
CA THR WA 84 58.08 -102.61 -67.57
C THR WA 84 59.40 -101.86 -67.50
N ALA WA 85 59.56 -100.82 -68.31
CA ALA WA 85 60.78 -100.02 -68.29
C ALA WA 85 60.95 -99.34 -66.93
N LEU WA 86 59.88 -98.79 -66.38
CA LEU WA 86 59.99 -98.12 -65.08
C LEU WA 86 60.43 -99.11 -64.00
N MET WA 87 59.79 -100.27 -63.94
CA MET WA 87 60.14 -101.24 -62.91
C MET WA 87 61.56 -101.76 -63.10
N ALA WA 88 61.96 -102.02 -64.35
CA ALA WA 88 63.31 -102.50 -64.60
C ALA WA 88 64.36 -101.46 -64.22
N ILE WA 89 64.12 -100.19 -64.55
CA ILE WA 89 65.09 -99.15 -64.23
C ILE WA 89 65.21 -98.99 -62.72
N ILE WA 90 64.07 -98.96 -62.03
CA ILE WA 90 64.14 -98.75 -60.59
C ILE WA 90 64.77 -99.95 -59.89
N THR WA 91 64.50 -101.17 -60.37
CA THR WA 91 65.11 -102.35 -59.75
C THR WA 91 66.61 -102.40 -60.02
N ALA WA 92 67.04 -102.01 -61.23
CA ALA WA 92 68.46 -101.97 -61.52
C ALA WA 92 69.17 -100.92 -60.66
N ALA WA 93 68.52 -99.77 -60.47
CA ALA WA 93 69.11 -98.75 -59.60
C ALA WA 93 69.17 -99.23 -58.15
N GLN WA 94 68.15 -99.94 -57.69
CA GLN WA 94 68.18 -100.48 -56.34
C GLN WA 94 69.27 -101.52 -56.17
N ALA WA 95 69.48 -102.36 -57.19
CA ALA WA 95 70.55 -103.36 -57.12
C ALA WA 95 71.92 -102.71 -57.10
N ASP WA 96 72.06 -101.51 -57.65
CA ASP WA 96 73.33 -100.81 -57.61
C ASP WA 96 73.68 -100.40 -56.18
N GLY WA 97 74.99 -100.32 -55.91
CA GLY WA 97 75.44 -99.94 -54.59
C GLY WA 97 75.25 -98.48 -54.26
N ALA WA 98 74.96 -97.66 -55.27
CA ALA WA 98 74.67 -96.25 -54.99
C ALA WA 98 73.44 -96.11 -54.10
N TRP WA 99 72.40 -96.90 -54.38
CA TRP WA 99 71.23 -96.90 -53.51
C TRP WA 99 71.56 -97.49 -52.15
N THR WA 100 72.40 -98.52 -52.12
CA THR WA 100 72.76 -99.15 -50.85
C THR WA 100 73.60 -98.22 -49.98
N GLU WA 101 74.19 -97.19 -50.58
CA GLU WA 101 74.89 -96.14 -49.84
C GLU WA 101 73.96 -95.00 -49.46
N LEU WA 102 73.10 -94.58 -50.40
CA LEU WA 102 72.08 -93.58 -50.10
C LEU WA 102 71.26 -93.98 -48.88
N VAL WA 103 70.84 -95.23 -48.83
CA VAL WA 103 70.33 -95.80 -47.60
C VAL WA 103 71.53 -96.27 -46.79
N THR WA 104 71.44 -96.12 -45.47
CA THR WA 104 72.49 -96.45 -44.50
C THR WA 104 73.66 -95.47 -44.46
N ASP WA 105 73.74 -94.53 -45.40
CA ASP WA 105 74.89 -93.63 -45.38
C ASP WA 105 74.56 -92.19 -45.73
N GLN WA 106 73.41 -91.91 -46.34
CA GLN WA 106 73.07 -90.57 -46.82
C GLN WA 106 74.14 -90.06 -47.77
N ARG WA 107 74.58 -90.94 -48.66
CA ARG WA 107 75.65 -90.67 -49.59
C ARG WA 107 75.07 -90.57 -51.00
N LEU WA 108 75.28 -89.42 -51.64
CA LEU WA 108 74.85 -89.22 -53.01
C LEU WA 108 75.84 -89.89 -53.97
N PRO WA 109 75.38 -90.29 -55.16
CA PRO WA 109 76.27 -91.00 -56.09
C PRO WA 109 77.20 -90.06 -56.86
N LEU WA 110 77.91 -89.22 -56.13
CA LEU WA 110 78.78 -88.23 -56.77
C LEU WA 110 80.22 -88.28 -56.29
N ALA WA 111 80.58 -89.25 -55.44
CA ALA WA 111 81.96 -89.38 -55.03
C ALA WA 111 82.84 -89.75 -56.22
N THR WA 112 84.11 -89.35 -56.17
CA THR WA 112 85.09 -89.74 -57.17
C THR WA 112 85.84 -91.01 -56.79
N VAL WA 113 85.52 -91.61 -55.64
CA VAL WA 113 86.16 -92.83 -55.15
C VAL WA 113 87.66 -92.62 -54.96
N SER XA 1 73.34 -94.37 -60.79
CA SER XA 1 74.63 -93.84 -61.18
C SER XA 1 74.86 -93.96 -62.68
N LYS XA 2 75.01 -95.19 -63.15
CA LYS XA 2 75.39 -95.47 -64.53
C LYS XA 2 74.34 -96.41 -65.13
N VAL XA 3 74.72 -97.07 -66.23
CA VAL XA 3 73.80 -97.82 -67.08
C VAL XA 3 72.87 -98.72 -66.28
N PHE XA 4 71.57 -98.49 -66.44
CA PHE XA 4 70.53 -99.30 -65.82
C PHE XA 4 69.51 -99.67 -66.89
N ASN XA 5 69.11 -100.95 -66.89
CA ASN XA 5 68.17 -101.47 -67.87
C ASN XA 5 68.65 -101.19 -69.30
N THR XA 6 69.96 -101.40 -69.52
CA THR XA 6 70.67 -101.15 -70.77
C THR XA 6 70.67 -99.68 -71.18
N GLN XA 7 70.12 -98.78 -70.37
CA GLN XA 7 70.08 -97.36 -70.69
C GLN XA 7 71.14 -96.63 -69.88
N THR XA 8 71.92 -95.80 -70.56
CA THR XA 8 73.00 -95.05 -69.94
C THR XA 8 72.43 -93.77 -69.35
N PHE XA 9 72.60 -93.57 -68.05
CA PHE XA 9 72.09 -92.40 -67.36
C PHE XA 9 73.26 -91.48 -67.03
N ASP XA 10 73.35 -90.37 -67.75
CA ASP XA 10 74.39 -89.37 -67.53
C ASP XA 10 73.84 -88.25 -66.67
N ILE XA 11 74.72 -87.59 -65.93
CA ILE XA 11 74.29 -86.65 -64.91
C ILE XA 11 73.58 -85.48 -65.56
N TYR XA 12 72.38 -85.18 -65.08
CA TYR XA 12 71.59 -84.06 -65.59
C TYR XA 12 71.66 -82.83 -64.72
N SER XA 13 71.65 -82.98 -63.40
CA SER XA 13 71.74 -81.83 -62.51
C SER XA 13 72.20 -82.31 -61.14
N THR XA 14 72.76 -81.37 -60.37
CA THR XA 14 73.22 -81.66 -59.02
C THR XA 14 72.70 -80.58 -58.08
N GLU XA 15 72.15 -81.00 -56.96
CA GLU XA 15 71.69 -80.10 -55.91
C GLU XA 15 72.43 -80.42 -54.62
N LYS XA 16 72.11 -79.68 -53.57
CA LYS XA 16 72.67 -79.96 -52.25
C LYS XA 16 72.35 -81.38 -51.81
N ASP XA 17 71.13 -81.84 -52.07
CA ASP XA 17 70.70 -83.15 -51.60
C ASP XA 17 70.11 -84.00 -52.71
N VAL XA 18 70.12 -83.53 -53.95
CA VAL XA 18 69.55 -84.26 -55.08
C VAL XA 18 70.59 -84.37 -56.18
N VAL XA 19 70.72 -85.56 -56.74
CA VAL XA 19 71.50 -85.80 -57.95
C VAL XA 19 70.57 -86.43 -58.97
N SER XA 20 70.44 -85.80 -60.12
CA SER XA 20 69.53 -86.23 -61.16
C SER XA 20 70.34 -86.61 -62.39
N LEU XA 21 70.06 -87.79 -62.94
CA LEU XA 21 70.70 -88.30 -64.13
C LEU XA 21 69.65 -88.48 -65.22
N ARG XA 22 70.08 -88.34 -66.46
CA ARG XA 22 69.19 -88.46 -67.60
C ARG XA 22 69.77 -89.48 -68.58
N ASP XA 23 68.88 -90.14 -69.33
CA ASP XA 23 69.33 -91.01 -70.40
C ASP XA 23 70.02 -90.21 -71.50
N PHE XA 24 69.37 -89.14 -71.97
CA PHE XA 24 69.84 -88.28 -73.06
C PHE XA 24 69.79 -89.00 -74.40
N ALA XA 25 69.47 -90.28 -74.38
CA ALA XA 25 69.26 -91.05 -75.60
C ALA XA 25 67.80 -91.06 -76.02
N ASN XA 26 66.91 -91.57 -75.16
CA ASN XA 26 65.48 -91.42 -75.39
C ASN XA 26 64.95 -90.12 -74.79
N ASP XA 27 65.77 -89.38 -74.06
CA ASP XA 27 65.44 -88.07 -73.53
C ASP XA 27 64.15 -88.06 -72.73
N LYS XA 28 63.83 -89.19 -72.10
CA LYS XA 28 62.54 -89.33 -71.44
C LYS XA 28 62.64 -89.80 -70.00
N ASP XA 29 63.77 -90.36 -69.57
CA ASP XA 29 63.89 -90.98 -68.26
C ASP XA 29 64.86 -90.18 -67.39
N THR XA 30 64.44 -89.88 -66.17
CA THR XA 30 65.26 -89.16 -65.22
C THR XA 30 65.29 -89.90 -63.90
N LEU XA 31 66.49 -90.15 -63.40
CA LEU XA 31 66.72 -90.89 -62.17
C LEU XA 31 67.26 -89.94 -61.11
N ALA XA 32 66.55 -89.80 -60.00
CA ALA XA 32 66.91 -88.87 -58.95
C ALA XA 32 67.26 -89.61 -57.67
N TYR XA 33 68.37 -89.20 -57.05
CA TYR XA 33 68.78 -89.64 -55.73
C TYR XA 33 68.65 -88.45 -54.81
N LYS XA 34 67.83 -88.57 -53.77
CA LYS XA 34 67.54 -87.49 -52.86
C LYS XA 34 67.91 -87.90 -51.44
N ARG XA 35 68.49 -86.96 -50.71
CA ARG XA 35 69.04 -87.19 -49.38
C ARG XA 35 68.38 -86.23 -48.40
N LEU XA 36 68.17 -86.70 -47.17
CA LEU XA 36 67.60 -85.85 -46.13
C LEU XA 36 68.14 -86.34 -44.80
N ALA XA 37 69.19 -85.68 -44.30
CA ALA XA 37 69.84 -86.14 -43.08
C ALA XA 37 68.89 -86.05 -41.89
N PRO XA 38 69.04 -86.94 -40.91
CA PRO XA 38 68.20 -86.85 -39.71
C PRO XA 38 68.47 -85.58 -38.93
N LYS XA 39 67.42 -85.04 -38.35
CA LYS XA 39 67.51 -83.87 -37.49
C LYS XA 39 67.13 -84.27 -36.07
N ARG XA 40 68.01 -83.96 -35.12
CA ARG XA 40 67.83 -84.37 -33.73
C ARG XA 40 66.95 -83.33 -33.03
N THR XA 41 65.68 -83.33 -33.40
CA THR XA 41 64.74 -82.35 -32.87
C THR XA 41 64.30 -82.68 -31.45
N LYS XA 42 64.58 -83.88 -30.97
CA LYS XA 42 64.26 -84.28 -29.61
C LYS XA 42 65.33 -85.26 -29.16
N ASP XA 43 65.02 -86.02 -28.11
CA ASP XA 43 65.90 -87.08 -27.63
C ASP XA 43 66.16 -88.08 -28.75
N SER XA 44 65.24 -88.18 -29.70
CA SER XA 44 65.45 -89.02 -30.86
C SER XA 44 66.61 -88.48 -31.68
N PRO XA 45 67.38 -89.34 -32.35
CA PRO XA 45 68.40 -88.84 -33.28
C PRO XA 45 67.84 -88.44 -34.63
N GLY XA 46 66.52 -88.49 -34.81
CA GLY XA 46 65.90 -88.15 -36.06
C GLY XA 46 65.81 -89.35 -37.00
N MET XA 47 65.17 -89.11 -38.14
CA MET XA 47 65.04 -90.11 -39.18
C MET XA 47 65.84 -89.69 -40.40
N ALA XA 48 66.69 -90.58 -40.90
CA ALA XA 48 67.43 -90.36 -42.13
C ALA XA 48 66.54 -90.76 -43.30
N LYS XA 49 66.19 -89.79 -44.14
CA LYS XA 49 65.37 -90.03 -45.31
C LYS XA 49 66.23 -90.18 -46.55
N SER XA 50 65.91 -91.16 -47.38
CA SER XA 50 66.47 -91.27 -48.71
C SER XA 50 65.34 -91.43 -49.72
N GLU XA 51 65.64 -91.12 -50.97
CA GLU XA 51 64.64 -91.22 -52.03
C GLU XA 51 65.34 -91.60 -53.32
N LEU XA 52 64.80 -92.58 -54.03
CA LEU XA 52 65.34 -92.97 -55.33
C LEU XA 52 64.17 -93.08 -56.29
N LYS XA 53 64.02 -92.10 -57.18
CA LYS XA 53 62.84 -92.05 -58.03
C LYS XA 53 63.22 -92.05 -59.50
N ILE XA 54 62.41 -92.74 -60.30
CA ILE XA 54 62.55 -92.76 -61.74
C ILE XA 54 61.31 -92.12 -62.33
N THR XA 55 61.51 -91.19 -63.27
CA THR XA 55 60.43 -90.46 -63.88
C THR XA 55 60.54 -90.58 -65.40
N ARG XA 56 59.43 -90.96 -66.02
CA ARG XA 56 59.35 -91.00 -67.48
C ARG XA 56 58.35 -89.96 -67.94
N VAL XA 57 58.79 -89.10 -68.85
CA VAL XA 57 57.90 -88.18 -69.54
C VAL XA 57 58.19 -88.29 -71.02
N ASP XA 58 57.16 -88.32 -71.83
CA ASP XA 58 57.42 -88.34 -73.27
C ASP XA 58 57.96 -86.98 -73.71
N PRO XA 59 59.14 -86.91 -74.32
CA PRO XA 59 59.75 -85.61 -74.57
C PRO XA 59 59.29 -84.93 -75.84
N THR XA 60 57.98 -84.97 -76.11
CA THR XA 60 57.42 -84.18 -77.19
C THR XA 60 56.31 -83.27 -76.65
N THR XA 61 55.40 -83.84 -75.86
CA THR XA 61 54.32 -83.09 -75.25
C THR XA 61 54.49 -82.91 -73.75
N GLY XA 62 55.47 -83.58 -73.15
CA GLY XA 62 55.75 -83.37 -71.74
C GLY XA 62 54.66 -83.81 -70.80
N VAL XA 63 53.95 -84.89 -71.11
CA VAL XA 63 53.00 -85.48 -70.17
C VAL XA 63 53.71 -86.59 -69.42
N LEU XA 64 53.53 -86.63 -68.11
CA LEU XA 64 54.20 -87.61 -67.27
C LEU XA 64 53.59 -88.98 -67.52
N ILE XA 65 54.40 -89.92 -67.98
CA ILE XA 65 53.91 -91.28 -68.16
C ILE XA 65 53.78 -91.99 -66.82
N GLY XA 66 54.77 -91.87 -65.95
CA GLY XA 66 54.71 -92.52 -64.66
C GLY XA 66 55.95 -92.25 -63.83
N ILE XA 67 55.78 -92.48 -62.52
CA ILE XA 67 56.84 -92.33 -61.53
C ILE XA 67 56.87 -93.58 -60.66
N VAL XA 68 58.06 -94.10 -60.41
CA VAL XA 68 58.27 -95.13 -59.40
C VAL XA 68 59.30 -94.61 -58.41
N ASN XA 69 58.94 -94.63 -57.13
CA ASN XA 69 59.71 -93.98 -56.09
C ASN XA 69 60.06 -94.98 -55.00
N VAL XA 70 61.33 -95.00 -54.59
CA VAL XA 70 61.78 -95.84 -53.49
C VAL XA 70 62.26 -94.91 -52.38
N SER XA 71 61.46 -94.78 -51.33
CA SER XA 71 61.75 -93.90 -50.23
C SER XA 71 62.11 -94.71 -48.99
N SER XA 72 63.01 -94.17 -48.19
CA SER XA 72 63.40 -94.80 -46.93
C SER XA 72 63.33 -93.76 -45.83
N SER XA 73 62.84 -94.18 -44.67
CA SER XA 73 62.81 -93.35 -43.47
C SER XA 73 63.26 -94.24 -42.32
N ILE XA 74 64.55 -94.19 -42.02
CA ILE XA 74 65.16 -95.06 -41.02
C ILE XA 74 65.74 -94.21 -39.91
N ARG XA 75 65.57 -94.65 -38.67
CA ARG XA 75 66.15 -93.97 -37.53
C ARG XA 75 67.66 -93.84 -37.70
N ALA XA 76 68.20 -92.70 -37.30
CA ALA XA 76 69.64 -92.50 -37.38
C ALA XA 76 70.39 -93.49 -36.51
N ASP XA 77 69.79 -93.89 -35.38
CA ASP XA 77 70.42 -94.86 -34.49
C ASP XA 77 70.22 -96.30 -34.94
N ALA XA 78 69.38 -96.54 -35.96
CA ALA XA 78 69.01 -97.89 -36.32
C ALA XA 78 70.23 -98.67 -36.80
N THR XA 79 70.36 -99.89 -36.31
CA THR XA 79 71.50 -100.73 -36.62
C THR XA 79 71.53 -101.08 -38.10
N ALA XA 80 72.74 -101.39 -38.59
CA ALA XA 80 72.89 -101.81 -39.97
C ALA XA 80 72.14 -103.11 -40.24
N ALA XA 81 71.91 -103.92 -39.20
CA ALA XA 81 71.11 -105.13 -39.37
C ALA XA 81 69.67 -104.78 -39.74
N ASP XA 82 69.08 -103.82 -39.04
CA ASP XA 82 67.72 -103.40 -39.35
C ASP XA 82 67.64 -102.84 -40.77
N LYS XA 83 68.62 -102.03 -41.15
CA LYS XA 83 68.63 -101.39 -42.47
C LYS XA 83 68.80 -102.42 -43.58
N THR XA 84 69.72 -103.37 -43.39
CA THR XA 84 69.91 -104.42 -44.38
C THR XA 84 68.68 -105.32 -44.48
N ALA XA 85 68.04 -105.62 -43.34
CA ALA XA 85 66.84 -106.43 -43.37
C ALA XA 85 65.72 -105.70 -44.11
N LEU XA 86 65.58 -104.40 -43.87
CA LEU XA 86 64.57 -103.62 -44.58
C LEU XA 86 64.81 -103.67 -46.08
N MET XA 87 66.05 -103.45 -46.51
CA MET XA 87 66.32 -103.49 -47.95
C MET XA 87 66.09 -104.87 -48.51
N ALA XA 88 66.52 -105.91 -47.79
CA ALA XA 88 66.36 -107.27 -48.29
C ALA XA 88 64.88 -107.64 -48.43
N ILE XA 89 64.07 -107.28 -47.45
CA ILE XA 89 62.64 -107.57 -47.52
C ILE XA 89 62.01 -106.82 -48.68
N ILE XA 90 62.33 -105.53 -48.84
CA ILE XA 90 61.65 -104.78 -49.89
C ILE XA 90 62.09 -105.24 -51.27
N THR XA 91 63.36 -105.58 -51.44
CA THR XA 91 63.83 -106.07 -52.73
C THR XA 91 63.24 -107.44 -53.05
N ALA XA 92 63.14 -108.30 -52.04
CA ALA XA 92 62.51 -109.60 -52.25
C ALA XA 92 61.04 -109.44 -52.63
N ALA XA 93 60.34 -108.50 -51.97
CA ALA XA 93 58.95 -108.25 -52.31
C ALA XA 93 58.81 -107.71 -53.73
N GLN XA 94 59.70 -106.81 -54.13
CA GLN XA 94 59.65 -106.28 -55.50
C GLN XA 94 59.92 -107.37 -56.52
N ALA XA 95 60.90 -108.24 -56.27
CA ALA XA 95 61.17 -109.33 -57.19
C ALA XA 95 60.00 -110.29 -57.30
N ASP XA 96 59.17 -110.38 -56.27
CA ASP XA 96 58.00 -111.24 -56.30
C ASP XA 96 56.96 -110.69 -57.26
N GLY XA 97 56.17 -111.59 -57.85
CA GLY XA 97 55.18 -111.21 -58.84
C GLY XA 97 54.05 -110.37 -58.30
N ALA XA 98 53.82 -110.39 -56.98
CA ALA XA 98 52.74 -109.60 -56.41
C ALA XA 98 52.93 -108.12 -56.68
N TRP XA 99 54.15 -107.61 -56.53
CA TRP XA 99 54.42 -106.21 -56.86
C TRP XA 99 54.26 -105.96 -58.35
N THR XA 100 54.71 -106.91 -59.18
CA THR XA 100 54.59 -106.77 -60.63
C THR XA 100 53.13 -106.64 -61.06
N GLU XA 101 52.22 -107.34 -60.39
CA GLU XA 101 50.79 -107.21 -60.70
C GLU XA 101 50.14 -106.02 -60.03
N LEU XA 102 50.56 -105.66 -58.82
CA LEU XA 102 50.05 -104.45 -58.17
C LEU XA 102 50.30 -103.24 -59.05
N VAL XA 103 51.50 -103.14 -59.61
CA VAL XA 103 51.70 -102.27 -60.76
C VAL XA 103 51.16 -102.98 -61.99
N THR XA 104 50.71 -102.21 -62.98
CA THR XA 104 50.22 -102.74 -64.25
C THR XA 104 48.88 -103.47 -64.14
N ASP XA 105 48.41 -103.75 -62.92
CA ASP XA 105 47.10 -104.36 -62.77
C ASP XA 105 46.26 -103.79 -61.64
N GLN XA 106 46.86 -103.08 -60.70
CA GLN XA 106 46.21 -102.71 -59.45
C GLN XA 106 45.60 -103.92 -58.76
N ARG XA 107 46.34 -105.02 -58.77
CA ARG XA 107 45.90 -106.29 -58.22
C ARG XA 107 46.53 -106.48 -56.84
N LEU XA 108 45.68 -106.56 -55.82
CA LEU XA 108 46.18 -106.82 -54.48
C LEU XA 108 46.49 -108.31 -54.30
N PRO XA 109 47.47 -108.64 -53.45
CA PRO XA 109 47.78 -110.05 -53.21
C PRO XA 109 46.72 -110.72 -52.34
N LEU XA 110 45.56 -110.99 -52.93
CA LEU XA 110 44.50 -111.73 -52.25
C LEU XA 110 43.78 -112.71 -53.15
N ALA XA 111 44.24 -112.90 -54.40
CA ALA XA 111 43.57 -113.83 -55.31
C ALA XA 111 43.79 -115.27 -54.88
N THR XA 112 42.75 -116.09 -55.05
CA THR XA 112 42.82 -117.50 -54.72
C THR XA 112 43.39 -118.36 -55.84
N VAL XA 113 43.67 -117.77 -57.00
CA VAL XA 113 44.22 -118.46 -58.16
C VAL XA 113 43.29 -119.58 -58.63
N SER YA 1 108.10 -69.00 -34.92
CA SER YA 1 109.35 -68.94 -34.19
C SER YA 1 110.45 -68.27 -35.00
N LYS YA 2 111.04 -69.01 -35.93
CA LYS YA 2 112.18 -68.54 -36.69
C LYS YA 2 111.90 -68.77 -38.17
N VAL YA 3 112.97 -68.69 -38.97
CA VAL YA 3 112.91 -68.49 -40.42
C VAL YA 3 111.84 -69.34 -41.09
N PHE YA 4 110.91 -68.68 -41.79
CA PHE YA 4 109.84 -69.30 -42.53
C PHE YA 4 109.87 -68.75 -43.95
N ASN YA 5 109.90 -69.65 -44.94
CA ASN YA 5 109.91 -69.25 -46.34
C ASN YA 5 111.07 -68.29 -46.60
N THR YA 6 112.23 -68.62 -46.06
CA THR YA 6 113.49 -67.88 -46.17
C THR YA 6 113.40 -66.47 -45.60
N GLN YA 7 112.36 -66.13 -44.85
CA GLN YA 7 112.27 -64.85 -44.19
C GLN YA 7 112.49 -65.04 -42.70
N THR YA 8 113.22 -64.12 -42.08
CA THR YA 8 113.50 -64.18 -40.66
C THR YA 8 112.39 -63.45 -39.92
N PHE YA 9 111.72 -64.15 -39.02
CA PHE YA 9 110.68 -63.56 -38.17
C PHE YA 9 111.22 -63.44 -36.77
N ASP YA 10 111.35 -62.21 -36.29
CA ASP YA 10 111.81 -61.93 -34.95
C ASP YA 10 110.63 -61.49 -34.10
N ILE YA 11 110.69 -61.81 -32.80
CA ILE YA 11 109.58 -61.47 -31.92
C ILE YA 11 109.41 -59.95 -31.90
N TYR YA 12 108.21 -59.50 -32.23
CA TYR YA 12 107.87 -58.09 -32.17
C TYR YA 12 107.21 -57.69 -30.87
N SER YA 13 106.36 -58.54 -30.32
CA SER YA 13 105.67 -58.22 -29.09
C SER YA 13 105.26 -59.50 -28.40
N THR YA 14 105.30 -59.48 -27.07
CA THR YA 14 104.83 -60.61 -26.29
C THR YA 14 103.72 -60.13 -25.38
N GLU YA 15 102.64 -60.88 -25.35
CA GLU YA 15 101.45 -60.57 -24.57
C GLU YA 15 101.12 -61.77 -23.68
N LYS YA 16 100.15 -61.60 -22.79
CA LYS YA 16 99.68 -62.68 -21.94
C LYS YA 16 99.34 -63.92 -22.76
N ASP YA 17 98.51 -63.75 -23.79
CA ASP YA 17 98.08 -64.86 -24.63
C ASP YA 17 98.39 -64.64 -26.10
N VAL YA 18 99.24 -63.68 -26.44
CA VAL YA 18 99.58 -63.37 -27.83
C VAL YA 18 101.08 -63.22 -27.94
N VAL YA 19 101.65 -63.77 -29.01
CA VAL YA 19 103.04 -63.55 -29.36
C VAL YA 19 103.09 -63.16 -30.84
N SER YA 20 103.71 -62.02 -31.13
CA SER YA 20 103.75 -61.47 -32.48
C SER YA 20 105.19 -61.35 -32.94
N LEU YA 21 105.46 -61.90 -34.11
CA LEU YA 21 106.76 -61.85 -34.77
C LEU YA 21 106.66 -61.02 -36.04
N ARG YA 22 107.72 -60.27 -36.33
CA ARG YA 22 107.74 -59.43 -37.51
C ARG YA 22 108.96 -59.78 -38.33
N ASP YA 23 108.83 -59.68 -39.65
CA ASP YA 23 109.97 -59.96 -40.53
C ASP YA 23 111.10 -58.96 -40.29
N PHE YA 24 110.76 -57.67 -40.19
CA PHE YA 24 111.71 -56.59 -39.92
C PHE YA 24 112.65 -56.36 -41.10
N ALA YA 25 112.56 -57.20 -42.12
CA ALA YA 25 113.31 -57.03 -43.36
C ALA YA 25 112.44 -56.45 -44.46
N ASN YA 26 111.34 -57.10 -44.81
CA ASN YA 26 110.37 -56.49 -45.69
C ASN YA 26 109.43 -55.54 -44.96
N ASP YA 27 109.39 -55.61 -43.63
CA ASP YA 27 108.55 -54.77 -42.78
C ASP YA 27 107.09 -54.82 -43.22
N LYS YA 28 106.63 -55.98 -43.67
CA LYS YA 28 105.28 -56.12 -44.18
C LYS YA 28 104.57 -57.36 -43.66
N ASP YA 29 105.27 -58.30 -43.06
CA ASP YA 29 104.69 -59.57 -42.61
C ASP YA 29 104.68 -59.64 -41.10
N THR YA 30 103.55 -60.05 -40.53
CA THR YA 30 103.41 -60.26 -39.10
C THR YA 30 102.80 -61.63 -38.85
N LEU YA 31 103.44 -62.41 -37.98
CA LEU YA 31 102.96 -63.74 -37.60
C LEU YA 31 102.52 -63.70 -36.15
N ALA YA 32 101.25 -63.98 -35.90
CA ALA YA 32 100.68 -63.91 -34.57
C ALA YA 32 100.24 -65.28 -34.09
N TYR YA 33 100.65 -65.63 -32.87
CA TYR YA 33 100.20 -66.80 -32.13
C TYR YA 33 99.23 -66.30 -31.07
N LYS YA 34 97.98 -66.73 -31.15
CA LYS YA 34 96.92 -66.34 -30.23
C LYS YA 34 96.43 -67.56 -29.46
N ARG YA 35 96.20 -67.36 -28.17
CA ARG YA 35 95.85 -68.43 -27.25
C ARG YA 35 94.53 -68.08 -26.56
N LEU YA 36 93.74 -69.11 -26.23
CA LEU YA 36 92.51 -68.88 -25.48
C LEU YA 36 92.14 -70.17 -24.76
N ALA YA 37 92.23 -70.16 -23.44
CA ALA YA 37 91.97 -71.36 -22.66
C ALA YA 37 90.50 -71.76 -22.74
N PRO YA 38 90.20 -73.06 -22.69
CA PRO YA 38 88.80 -73.49 -22.67
C PRO YA 38 88.10 -73.06 -21.40
N LYS YA 39 86.84 -72.68 -21.53
CA LYS YA 39 86.05 -72.22 -20.39
C LYS YA 39 85.01 -73.28 -20.04
N ARG YA 40 85.02 -73.71 -18.78
CA ARG YA 40 84.07 -74.70 -18.28
C ARG YA 40 82.79 -73.97 -17.88
N THR YA 41 82.13 -73.39 -18.87
CA THR YA 41 80.90 -72.64 -18.65
C THR YA 41 79.74 -73.56 -18.31
N LYS YA 42 79.94 -74.87 -18.41
CA LYS YA 42 78.91 -75.86 -18.17
C LYS YA 42 79.62 -77.15 -17.78
N ASP YA 43 78.88 -78.26 -17.83
CA ASP YA 43 79.48 -79.57 -17.61
C ASP YA 43 80.65 -79.79 -18.56
N SER YA 44 80.53 -79.32 -19.79
CA SER YA 44 81.58 -79.46 -20.77
C SER YA 44 82.82 -78.69 -20.33
N PRO YA 45 84.03 -79.24 -20.52
CA PRO YA 45 85.23 -78.54 -20.09
C PRO YA 45 85.59 -77.34 -20.95
N GLY YA 46 84.86 -77.09 -22.02
CA GLY YA 46 85.11 -75.95 -22.88
C GLY YA 46 85.99 -76.29 -24.07
N MET YA 47 86.14 -75.30 -24.94
CA MET YA 47 86.88 -75.46 -26.19
C MET YA 47 88.13 -74.59 -26.13
N ALA YA 48 89.29 -75.20 -26.34
CA ALA YA 48 90.56 -74.50 -26.30
C ALA YA 48 90.84 -73.89 -27.67
N LYS YA 49 90.84 -72.56 -27.74
CA LYS YA 49 91.04 -71.84 -28.98
C LYS YA 49 92.51 -71.56 -29.21
N SER YA 50 92.99 -71.89 -30.40
CA SER YA 50 94.32 -71.53 -30.85
C SER YA 50 94.18 -70.73 -32.13
N GLU YA 51 95.19 -69.93 -32.44
CA GLU YA 51 95.17 -69.19 -33.68
C GLU YA 51 96.58 -68.90 -34.13
N LEU YA 52 96.86 -69.14 -35.41
CA LEU YA 52 98.14 -68.84 -36.03
C LEU YA 52 97.85 -68.07 -37.31
N LYS YA 53 98.19 -66.79 -37.35
CA LYS YA 53 97.85 -65.98 -38.51
C LYS YA 53 99.08 -65.27 -39.05
N ILE YA 54 99.07 -65.06 -40.37
CA ILE YA 54 100.07 -64.23 -41.04
C ILE YA 54 99.33 -63.10 -41.73
N THR YA 55 99.76 -61.87 -41.46
CA THR YA 55 99.15 -60.68 -42.02
C THR YA 55 100.19 -59.91 -42.81
N ARG YA 56 99.83 -59.54 -44.03
CA ARG YA 56 100.70 -58.75 -44.88
C ARG YA 56 100.08 -57.36 -45.05
N VAL YA 57 100.84 -56.34 -44.73
CA VAL YA 57 100.42 -54.96 -44.88
C VAL YA 57 101.45 -54.24 -45.74
N ASP YA 58 100.99 -53.50 -46.72
CA ASP YA 58 101.92 -52.83 -47.61
C ASP YA 58 102.64 -51.72 -46.87
N PRO YA 59 103.97 -51.78 -46.73
CA PRO YA 59 104.65 -50.85 -45.82
C PRO YA 59 105.04 -49.52 -46.44
N THR YA 60 104.17 -48.90 -47.25
CA THR YA 60 104.38 -47.50 -47.62
C THR YA 60 103.13 -46.69 -47.36
N THR YA 61 101.95 -47.27 -47.60
CA THR YA 61 100.69 -46.63 -47.28
C THR YA 61 99.86 -47.41 -46.27
N GLY YA 62 100.21 -48.66 -45.99
CA GLY YA 62 99.52 -49.42 -44.97
C GLY YA 62 98.25 -50.10 -45.41
N VAL YA 63 98.18 -50.59 -46.64
CA VAL YA 63 97.00 -51.30 -47.13
C VAL YA 63 97.19 -52.80 -46.91
N LEU YA 64 96.20 -53.41 -46.27
CA LEU YA 64 96.24 -54.84 -45.99
C LEU YA 64 96.20 -55.63 -47.29
N ILE YA 65 97.31 -56.27 -47.64
CA ILE YA 65 97.34 -57.11 -48.82
C ILE YA 65 96.53 -58.39 -48.61
N GLY YA 66 96.72 -59.07 -47.50
CA GLY YA 66 96.03 -60.32 -47.28
C GLY YA 66 96.32 -60.88 -45.91
N ILE YA 67 95.46 -61.81 -45.50
CA ILE YA 67 95.59 -62.53 -44.24
C ILE YA 67 95.31 -64.00 -44.52
N VAL YA 68 96.18 -64.87 -44.03
CA VAL YA 68 95.89 -66.29 -43.93
C VAL YA 68 95.92 -66.67 -42.45
N ASN YA 69 94.82 -67.20 -41.95
CA ASN YA 69 94.69 -67.49 -40.53
C ASN YA 69 94.35 -68.96 -40.35
N VAL YA 70 95.03 -69.61 -39.41
CA VAL YA 70 94.74 -70.98 -39.02
C VAL YA 70 94.22 -70.92 -37.58
N SER YA 71 92.97 -71.31 -37.38
CA SER YA 71 92.34 -71.28 -36.08
C SER YA 71 91.92 -72.68 -35.68
N SER YA 72 91.99 -72.97 -34.39
CA SER YA 72 91.58 -74.26 -33.85
C SER YA 72 90.59 -74.05 -32.72
N SER YA 73 89.58 -74.90 -32.69
CA SER YA 73 88.58 -74.91 -31.61
C SER YA 73 88.37 -76.38 -31.27
N ILE YA 74 89.12 -76.87 -30.29
CA ILE YA 74 89.12 -78.28 -29.92
C ILE YA 74 88.65 -78.40 -28.49
N ARG YA 75 87.82 -79.42 -28.22
CA ARG YA 75 87.35 -79.69 -26.87
C ARG YA 75 88.53 -79.83 -25.92
N ALA YA 76 88.37 -79.29 -24.71
CA ALA YA 76 89.42 -79.43 -23.70
C ALA YA 76 89.68 -80.88 -23.37
N ASP YA 77 88.68 -81.73 -23.47
CA ASP YA 77 88.83 -83.16 -23.18
C ASP YA 77 89.24 -83.99 -24.38
N ALA YA 78 89.32 -83.39 -25.57
CA ALA YA 78 89.59 -84.15 -26.77
C ALA YA 78 90.96 -84.82 -26.69
N THR YA 79 91.01 -86.07 -27.13
CA THR YA 79 92.22 -86.86 -27.02
C THR YA 79 93.31 -86.32 -27.93
N ALA YA 80 94.56 -86.57 -27.55
CA ALA YA 80 95.68 -86.16 -28.38
C ALA YA 80 95.62 -86.84 -29.75
N ALA YA 81 95.00 -88.01 -29.84
CA ALA YA 81 94.78 -88.64 -31.13
C ALA YA 81 93.87 -87.80 -32.00
N ASP YA 82 92.79 -87.26 -31.42
CA ASP YA 82 91.90 -86.41 -32.18
C ASP YA 82 92.62 -85.17 -32.70
N LYS YA 83 93.43 -84.54 -31.83
CA LYS YA 83 94.11 -83.32 -32.23
C LYS YA 83 95.18 -83.60 -33.28
N THR YA 84 95.91 -84.70 -33.13
CA THR YA 84 96.89 -85.08 -34.14
C THR YA 84 96.22 -85.38 -35.47
N ALA YA 85 95.08 -86.07 -35.44
CA ALA YA 85 94.36 -86.38 -36.66
C ALA YA 85 93.85 -85.11 -37.33
N LEU YA 86 93.31 -84.18 -36.55
CA LEU YA 86 92.83 -82.92 -37.12
C LEU YA 86 93.97 -82.15 -37.78
N MET YA 87 95.10 -82.05 -37.08
CA MET YA 87 96.24 -81.32 -37.63
C MET YA 87 96.78 -82.00 -38.89
N ALA YA 88 96.86 -83.33 -38.89
CA ALA YA 88 97.37 -84.05 -40.04
C ALA YA 88 96.44 -83.93 -41.24
N ILE YA 89 95.13 -84.02 -41.01
CA ILE YA 89 94.18 -83.88 -42.10
C ILE YA 89 94.26 -82.49 -42.70
N ILE YA 90 94.27 -81.45 -41.85
CA ILE YA 90 94.30 -80.10 -42.38
C ILE YA 90 95.63 -79.82 -43.10
N THR YA 91 96.74 -80.34 -42.58
CA THR YA 91 98.02 -80.13 -43.24
C THR YA 91 98.07 -80.84 -44.59
N ALA YA 92 97.54 -82.05 -44.67
CA ALA YA 92 97.49 -82.76 -45.94
C ALA YA 92 96.59 -82.05 -46.94
N ALA YA 93 95.46 -81.52 -46.47
CA ALA YA 93 94.57 -80.78 -47.36
C ALA YA 93 95.24 -79.51 -47.87
N GLN YA 94 95.97 -78.80 -47.00
CA GLN YA 94 96.70 -77.63 -47.45
C GLN YA 94 97.78 -77.99 -48.45
N ALA YA 95 98.46 -79.12 -48.24
CA ALA YA 95 99.45 -79.59 -49.20
C ALA YA 95 98.82 -80.00 -50.52
N ASP YA 96 97.55 -80.38 -50.51
CA ASP YA 96 96.85 -80.68 -51.75
C ASP YA 96 96.65 -79.42 -52.57
N GLY YA 97 96.52 -79.60 -53.88
CA GLY YA 97 96.40 -78.47 -54.79
C GLY YA 97 95.05 -77.81 -54.79
N ALA YA 98 94.02 -78.49 -54.27
CA ALA YA 98 92.70 -77.88 -54.20
C ALA YA 98 92.73 -76.62 -53.35
N TRP YA 99 93.52 -76.62 -52.28
CA TRP YA 99 93.69 -75.41 -51.49
C TRP YA 99 94.43 -74.33 -52.27
N THR YA 100 95.47 -74.71 -53.00
CA THR YA 100 96.23 -73.75 -53.78
C THR YA 100 95.40 -73.17 -54.91
N GLU YA 101 94.29 -73.80 -55.26
CA GLU YA 101 93.36 -73.23 -56.22
C GLU YA 101 92.27 -72.41 -55.56
N LEU YA 102 91.73 -72.89 -54.43
CA LEU YA 102 90.76 -72.12 -53.67
C LEU YA 102 91.31 -70.75 -53.30
N VAL YA 103 92.53 -70.73 -52.78
CA VAL YA 103 93.31 -69.50 -52.73
C VAL YA 103 93.92 -69.28 -54.11
N THR YA 104 93.99 -68.02 -54.53
CA THR YA 104 94.54 -67.58 -55.81
C THR YA 104 93.60 -67.80 -57.00
N ASP YA 105 92.53 -68.57 -56.84
CA ASP YA 105 91.57 -68.66 -57.94
C ASP YA 105 90.12 -68.69 -57.51
N GLN YA 106 89.81 -68.93 -56.24
CA GLN YA 106 88.45 -69.19 -55.79
C GLN YA 106 87.85 -70.37 -56.55
N ARG YA 107 88.67 -71.37 -56.80
CA ARG YA 107 88.28 -72.56 -57.53
C ARG YA 107 87.96 -73.68 -56.55
N LEU YA 108 86.75 -74.13 -56.56
CA LEU YA 108 86.29 -75.20 -55.70
C LEU YA 108 86.64 -76.56 -56.29
N PRO YA 109 86.80 -77.57 -55.45
CA PRO YA 109 87.07 -78.92 -55.96
C PRO YA 109 85.83 -79.56 -56.55
N LEU YA 110 85.30 -78.98 -57.62
CA LEU YA 110 84.17 -79.56 -58.33
C LEU YA 110 84.34 -79.53 -59.85
N ALA YA 111 85.38 -78.87 -60.36
CA ALA YA 111 85.61 -78.84 -61.80
C ALA YA 111 85.93 -80.25 -62.31
N THR YA 112 85.46 -80.55 -63.52
CA THR YA 112 85.65 -81.87 -64.12
C THR YA 112 86.99 -82.00 -64.83
N VAL YA 113 87.77 -80.92 -64.93
CA VAL YA 113 89.07 -80.92 -65.59
C VAL YA 113 88.94 -81.31 -67.07
N SER ZA 1 90.49 76.35 -61.19
CA SER ZA 1 91.89 76.12 -60.90
C SER ZA 1 92.52 77.35 -60.25
N LYS ZA 2 92.47 78.49 -60.94
CA LYS ZA 2 93.09 79.72 -60.46
C LYS ZA 2 92.17 80.87 -60.84
N VAL ZA 3 92.72 82.10 -60.86
CA VAL ZA 3 91.93 83.32 -61.01
C VAL ZA 3 90.97 83.26 -62.19
N PHE ZA 4 89.67 83.37 -61.90
CA PHE ZA 4 88.62 83.40 -62.88
C PHE ZA 4 87.69 84.56 -62.55
N ASN ZA 5 87.34 85.34 -63.58
CA ASN ZA 5 86.48 86.52 -63.40
C ASN ZA 5 87.09 87.43 -62.33
N THR ZA 6 88.41 87.58 -62.38
CA THR ZA 6 89.20 88.38 -61.45
C THR ZA 6 89.04 87.94 -60.00
N GLN ZA 7 88.71 86.68 -59.74
CA GLN ZA 7 88.65 86.15 -58.38
C GLN ZA 7 89.58 84.95 -58.27
N THR ZA 8 90.31 84.89 -57.16
CA THR ZA 8 91.30 83.85 -56.94
C THR ZA 8 90.64 82.65 -56.26
N PHE ZA 9 90.65 81.52 -56.93
CA PHE ZA 9 90.08 80.28 -56.39
C PHE ZA 9 91.21 79.38 -55.96
N ASP ZA 10 91.29 79.12 -54.66
CA ASP ZA 10 92.28 78.23 -54.08
C ASP ZA 10 91.60 76.94 -53.61
N ILE ZA 11 92.37 75.86 -53.60
CA ILE ZA 11 91.82 74.57 -53.25
C ILE ZA 11 91.35 74.59 -51.80
N TYR ZA 12 90.09 74.20 -51.58
CA TYR ZA 12 89.59 74.01 -50.24
C TYR ZA 12 89.49 72.56 -49.84
N SER ZA 13 89.20 71.66 -50.78
CA SER ZA 13 88.98 70.28 -50.42
C SER ZA 13 89.32 69.38 -51.61
N THR ZA 14 89.79 68.18 -51.30
CA THR ZA 14 90.12 67.20 -52.32
C THR ZA 14 89.56 65.85 -51.89
N GLU ZA 15 88.73 65.27 -52.75
CA GLU ZA 15 88.18 63.94 -52.55
C GLU ZA 15 88.83 62.99 -53.54
N LYS ZA 16 88.33 61.76 -53.57
CA LYS ZA 16 88.78 60.81 -54.57
C LYS ZA 16 88.43 61.29 -55.96
N ASP ZA 17 87.25 61.88 -56.13
CA ASP ZA 17 86.80 62.31 -57.45
C ASP ZA 17 86.23 63.72 -57.47
N VAL ZA 18 86.37 64.49 -56.39
CA VAL ZA 18 85.93 65.87 -56.37
C VAL ZA 18 87.07 66.74 -55.87
N VAL ZA 19 87.30 67.85 -56.54
CA VAL ZA 19 88.15 68.93 -56.05
C VAL ZA 19 87.26 70.16 -55.89
N SER ZA 20 87.30 70.76 -54.71
CA SER ZA 20 86.54 71.97 -54.42
C SER ZA 20 87.50 73.11 -54.13
N LEU ZA 21 87.28 74.23 -54.81
CA LEU ZA 21 88.05 75.46 -54.63
C LEU ZA 21 87.11 76.54 -54.15
N ARG ZA 22 87.64 77.46 -53.35
CA ARG ZA 22 86.88 78.56 -52.82
C ARG ZA 22 87.62 79.87 -53.11
N ASP ZA 23 86.88 80.97 -53.10
CA ASP ZA 23 87.50 82.27 -53.31
C ASP ZA 23 88.32 82.70 -52.09
N PHE ZA 24 87.75 82.55 -50.90
CA PHE ZA 24 88.41 82.90 -49.64
C PHE ZA 24 88.56 84.41 -49.51
N ALA ZA 25 88.20 85.15 -50.56
CA ALA ZA 25 88.20 86.60 -50.53
C ALA ZA 25 86.80 87.17 -50.32
N ASN ZA 26 85.86 86.83 -51.19
CA ASN ZA 26 84.47 87.17 -50.95
C ASN ZA 26 83.72 86.09 -50.19
N ASP ZA 27 84.31 84.91 -50.03
CA ASP ZA 27 83.76 83.83 -49.22
C ASP ZA 27 82.33 83.47 -49.64
N LYS ZA 28 82.04 83.55 -50.93
CA LYS ZA 28 80.70 83.24 -51.40
C LYS ZA 28 80.68 82.31 -52.60
N ASP ZA 29 81.82 82.02 -53.23
CA ASP ZA 29 81.87 81.22 -54.44
C ASP ZA 29 82.63 79.92 -54.18
N THR ZA 30 82.08 78.82 -54.66
CA THR ZA 30 82.77 77.53 -54.65
C THR ZA 30 82.72 76.92 -56.03
N LEU ZA 31 83.89 76.52 -56.53
CA LEU ZA 31 84.02 75.88 -57.83
C LEU ZA 31 84.42 74.43 -57.62
N ALA ZA 32 83.62 73.51 -58.16
CA ALA ZA 32 83.85 72.09 -57.96
C ALA ZA 32 84.08 71.39 -59.31
N TYR ZA 33 85.15 70.60 -59.36
CA TYR ZA 33 85.46 69.70 -60.48
C TYR ZA 33 85.18 68.28 -59.99
N LYS ZA 34 84.44 67.52 -60.77
CA LYS ZA 34 83.87 66.27 -60.30
C LYS ZA 34 83.95 65.25 -61.43
N ARG ZA 35 84.26 64.00 -61.06
CA ARG ZA 35 84.79 63.01 -61.99
C ARG ZA 35 84.14 61.65 -61.76
N LEU ZA 36 83.56 61.07 -62.81
CA LEU ZA 36 83.06 59.69 -62.79
C LEU ZA 36 83.58 58.94 -64.00
N ALA ZA 37 84.54 58.04 -63.77
CA ALA ZA 37 85.08 57.23 -64.85
C ALA ZA 37 84.01 56.33 -65.45
N PRO ZA 38 84.09 56.04 -66.76
CA PRO ZA 38 83.07 55.20 -67.38
C PRO ZA 38 83.13 53.77 -66.86
N LYS ZA 39 81.98 53.12 -66.82
CA LYS ZA 39 81.86 51.75 -66.33
C LYS ZA 39 81.29 50.87 -67.42
N ARG ZA 40 82.03 49.80 -67.76
CA ARG ZA 40 81.63 48.88 -68.82
C ARG ZA 40 80.58 47.93 -68.23
N THR ZA 41 79.32 48.37 -68.31
CA THR ZA 41 78.20 47.56 -67.84
C THR ZA 41 77.64 46.66 -68.92
N LYS ZA 42 78.09 46.82 -70.16
CA LYS ZA 42 77.58 46.05 -71.28
C LYS ZA 42 78.64 46.09 -72.37
N ASP ZA 43 78.23 45.73 -73.59
CA ASP ZA 43 79.11 45.86 -74.76
C ASP ZA 43 79.58 47.31 -74.92
N SER ZA 44 78.79 48.25 -74.42
CA SER ZA 44 79.25 49.64 -74.37
C SER ZA 44 80.30 49.79 -73.27
N PRO ZA 45 81.35 50.58 -73.50
CA PRO ZA 45 82.37 50.79 -72.45
C PRO ZA 45 81.95 51.77 -71.37
N GLY ZA 46 80.73 52.31 -71.41
CA GLY ZA 46 80.28 53.27 -70.44
C GLY ZA 46 80.55 54.71 -70.83
N MET ZA 47 79.96 55.61 -70.07
CA MET ZA 47 80.06 57.04 -70.32
C MET ZA 47 80.85 57.70 -69.19
N ALA ZA 48 81.82 58.53 -69.56
CA ALA ZA 48 82.63 59.25 -68.58
C ALA ZA 48 81.94 60.56 -68.23
N LYS ZA 49 81.57 60.72 -66.96
CA LYS ZA 49 80.95 61.94 -66.47
C LYS ZA 49 81.99 62.92 -65.97
N SER ZA 50 81.86 64.16 -66.42
CA SER ZA 50 82.56 65.30 -65.82
C SER ZA 50 81.52 66.28 -65.32
N GLU ZA 51 81.91 67.07 -64.32
CA GLU ZA 51 80.99 68.04 -63.76
C GLU ZA 51 81.79 69.23 -63.26
N LEU ZA 52 81.39 70.42 -63.67
CA LEU ZA 52 82.09 71.65 -63.29
C LEU ZA 52 81.05 72.65 -62.84
N LYS ZA 53 80.95 72.85 -61.52
CA LYS ZA 53 79.88 73.68 -61.00
C LYS ZA 53 80.44 74.88 -60.25
N ILE ZA 54 79.78 76.02 -60.43
CA ILE ZA 54 80.05 77.21 -59.63
C ILE ZA 54 78.81 77.50 -58.81
N THR ZA 55 78.98 77.57 -57.50
CA THR ZA 55 77.89 77.85 -56.57
C THR ZA 55 78.18 79.14 -55.83
N ARG ZA 56 77.19 80.02 -55.77
CA ARG ZA 56 77.28 81.26 -55.01
C ARG ZA 56 76.31 81.21 -53.85
N VAL ZA 57 76.83 81.42 -52.64
CA VAL ZA 57 76.03 81.47 -51.43
C VAL ZA 57 76.41 82.74 -50.69
N ASP ZA 58 75.41 83.57 -50.37
CA ASP ZA 58 75.76 84.81 -49.72
C ASP ZA 58 76.26 84.53 -48.29
N PRO ZA 59 77.35 85.14 -47.87
CA PRO ZA 59 77.95 84.78 -46.57
C PRO ZA 59 77.40 85.56 -45.40
N THR ZA 60 76.09 85.72 -45.31
CA THR ZA 60 75.50 86.34 -44.14
C THR ZA 60 74.49 85.38 -43.49
N THR ZA 61 73.62 84.80 -44.31
CA THR ZA 61 72.69 83.78 -43.86
C THR ZA 61 72.88 82.45 -44.57
N GLY ZA 62 73.76 82.39 -45.56
CA GLY ZA 62 74.03 81.15 -46.27
C GLY ZA 62 73.00 80.79 -47.32
N VAL ZA 63 72.21 81.74 -47.79
CA VAL ZA 63 71.19 81.47 -48.80
C VAL ZA 63 71.89 81.28 -50.13
N LEU ZA 64 71.46 80.26 -50.88
CA LEU ZA 64 72.09 79.95 -52.16
C LEU ZA 64 71.54 80.87 -53.23
N ILE ZA 65 72.38 81.77 -53.74
CA ILE ZA 65 71.96 82.70 -54.76
C ILE ZA 65 71.74 81.99 -56.09
N GLY ZA 66 72.66 81.14 -56.51
CA GLY ZA 66 72.51 80.46 -57.77
C GLY ZA 66 73.65 79.52 -58.05
N ILE ZA 67 73.38 78.56 -58.93
CA ILE ZA 67 74.35 77.57 -59.36
C ILE ZA 67 74.36 77.53 -60.88
N VAL ZA 68 75.56 77.48 -61.46
CA VAL ZA 68 75.73 77.20 -62.88
C VAL ZA 68 76.59 75.95 -62.99
N ASN ZA 69 76.11 74.95 -63.72
CA ASN ZA 69 76.78 73.66 -63.81
C ASN ZA 69 77.07 73.32 -65.27
N VAL ZA 70 78.26 72.81 -65.52
CA VAL ZA 70 78.65 72.30 -66.84
C VAL ZA 70 78.93 70.82 -66.68
N SER ZA 71 78.06 69.99 -67.24
CA SER ZA 71 78.17 68.54 -67.13
C SER ZA 71 78.36 67.92 -68.50
N SER ZA 72 79.28 66.96 -68.58
CA SER ZA 72 79.49 66.21 -69.80
C SER ZA 72 79.33 64.72 -69.50
N SER ZA 73 78.77 64.00 -70.46
CA SER ZA 73 78.61 62.55 -70.38
C SER ZA 73 78.96 62.01 -71.76
N ILE ZA 74 80.17 61.49 -71.91
CA ILE ZA 74 80.71 61.11 -73.21
C ILE ZA 74 81.14 59.65 -73.17
N ARG ZA 75 80.89 58.94 -74.26
CA ARG ZA 75 81.27 57.54 -74.39
C ARG ZA 75 82.76 57.35 -74.17
N ALA ZA 76 83.12 56.25 -73.52
CA ALA ZA 76 84.52 55.95 -73.30
C ALA ZA 76 85.27 55.77 -74.61
N ASP ZA 77 84.64 55.13 -75.59
CA ASP ZA 77 85.25 54.89 -76.89
C ASP ZA 77 85.21 56.12 -77.79
N ALA ZA 78 84.52 57.18 -77.36
CA ALA ZA 78 84.29 58.33 -78.24
C ALA ZA 78 85.62 58.98 -78.62
N THR ZA 79 85.66 59.48 -79.86
CA THR ZA 79 86.89 60.05 -80.38
C THR ZA 79 87.16 61.42 -79.74
N ALA ZA 80 88.43 61.80 -79.77
CA ALA ZA 80 88.79 63.14 -79.33
C ALA ZA 80 88.17 64.21 -80.21
N ALA ZA 81 87.93 63.89 -81.48
CA ALA ZA 81 87.24 64.82 -82.36
C ALA ZA 81 85.82 65.09 -81.90
N ASP ZA 82 85.11 64.04 -81.47
CA ASP ZA 82 83.77 64.22 -80.95
C ASP ZA 82 83.77 65.11 -79.71
N LYS ZA 83 84.74 64.90 -78.82
CA LYS ZA 83 84.78 65.66 -77.59
C LYS ZA 83 85.14 67.12 -77.85
N THR ZA 84 86.11 67.35 -78.75
CA THR ZA 84 86.46 68.72 -79.11
C THR ZA 84 85.29 69.42 -79.77
N ALA ZA 85 84.57 68.72 -80.64
CA ALA ZA 85 83.40 69.32 -81.28
C ALA ZA 85 82.33 69.67 -80.27
N LEU ZA 86 82.06 68.77 -79.32
CA LEU ZA 86 81.07 69.06 -78.29
C LEU ZA 86 81.46 70.28 -77.48
N MET ZA 87 82.72 70.34 -77.05
CA MET ZA 87 83.15 71.48 -76.24
C MET ZA 87 83.10 72.78 -77.04
N ALA ZA 88 83.54 72.76 -78.30
CA ALA ZA 88 83.48 73.95 -79.13
C ALA ZA 88 82.04 74.42 -79.35
N ILE ZA 89 81.12 73.48 -79.61
CA ILE ZA 89 79.74 73.86 -79.87
C ILE ZA 89 79.11 74.46 -78.63
N ILE ZA 90 79.29 73.82 -77.48
CA ILE ZA 90 78.68 74.35 -76.27
C ILE ZA 90 79.31 75.68 -75.88
N THR ZA 91 80.61 75.85 -76.11
CA THR ZA 91 81.27 77.11 -75.80
C THR ZA 91 80.78 78.23 -76.70
N ALA ZA 92 80.63 77.95 -78.01
CA ALA ZA 92 80.12 78.96 -78.92
C ALA ZA 92 78.68 79.33 -78.58
N ALA ZA 93 77.87 78.34 -78.19
CA ALA ZA 93 76.50 78.63 -77.80
C ALA ZA 93 76.46 79.48 -76.53
N GLN ZA 94 77.35 79.21 -75.58
CA GLN ZA 94 77.43 80.02 -74.38
C GLN ZA 94 77.85 81.45 -74.70
N ALA ZA 95 78.81 81.61 -75.61
CA ALA ZA 95 79.24 82.95 -76.01
C ALA ZA 95 78.13 83.71 -76.71
N ASP ZA 96 77.18 83.02 -77.32
CA ASP ZA 96 76.04 83.68 -77.95
C ASP ZA 96 75.15 84.32 -76.90
N GLY ZA 97 74.48 85.41 -77.30
CA GLY ZA 97 73.59 86.11 -76.40
C GLY ZA 97 72.30 85.39 -76.11
N ALA ZA 98 71.96 84.38 -76.92
CA ALA ZA 98 70.77 83.58 -76.64
C ALA ZA 98 70.88 82.90 -75.29
N TRP ZA 99 72.06 82.36 -74.96
CA TRP ZA 99 72.26 81.78 -73.64
C TRP ZA 99 72.23 82.85 -72.55
N THR ZA 100 72.79 84.03 -72.85
CA THR ZA 100 72.81 85.11 -71.87
C THR ZA 100 71.41 85.64 -71.59
N GLU ZA 101 70.46 85.37 -72.48
CA GLU ZA 101 69.06 85.70 -72.24
C GLU ZA 101 68.31 84.55 -71.58
N LEU ZA 102 68.57 83.32 -72.02
CA LEU ZA 102 68.01 82.14 -71.36
C LEU ZA 102 68.30 82.17 -69.87
N VAL ZA 103 69.53 82.49 -69.51
CA VAL ZA 103 69.84 82.84 -68.13
C VAL ZA 103 69.55 84.32 -67.96
N THR ZA 104 69.05 84.69 -66.77
CA THR ZA 104 68.66 86.05 -66.39
C THR ZA 104 67.35 86.53 -67.00
N ASP ZA 105 66.81 85.84 -67.98
CA ASP ZA 105 65.55 86.28 -68.59
C ASP ZA 105 64.53 85.18 -68.80
N GLN ZA 106 64.93 83.91 -68.79
CA GLN ZA 106 64.06 82.79 -69.15
C GLN ZA 106 63.47 83.02 -70.54
N ARG ZA 107 64.33 83.44 -71.45
CA ARG ZA 107 63.95 83.78 -72.82
C ARG ZA 107 64.50 82.73 -73.77
N LEU ZA 108 63.61 82.12 -74.55
CA LEU ZA 108 64.00 81.16 -75.57
C LEU ZA 108 64.49 81.88 -76.83
N PRO ZA 109 65.33 81.24 -77.64
CA PRO ZA 109 65.88 81.92 -78.83
C PRO ZA 109 64.92 81.90 -80.02
N LEU ZA 110 63.66 82.20 -79.77
CA LEU ZA 110 62.65 82.15 -80.81
C LEU ZA 110 61.97 83.49 -81.07
N ALA ZA 111 62.39 84.55 -80.39
CA ALA ZA 111 61.85 85.87 -80.66
C ALA ZA 111 62.14 86.28 -82.10
N THR ZA 112 61.25 87.08 -82.67
CA THR ZA 112 61.44 87.61 -84.01
C THR ZA 112 62.28 88.88 -84.04
N VAL ZA 113 62.69 89.39 -82.88
CA VAL ZA 113 63.54 90.57 -82.74
C VAL ZA 113 62.89 91.84 -83.29
N SER AB 1 71.38 79.29 -81.16
CA SER AB 1 70.50 79.86 -82.17
C SER AB 1 70.98 79.57 -83.59
N LYS AB 2 72.15 80.09 -83.94
CA LYS AB 2 72.64 80.05 -85.32
C LYS AB 2 74.03 79.42 -85.30
N VAL AB 3 74.77 79.62 -86.39
CA VAL AB 3 76.02 78.92 -86.65
C VAL AB 3 76.96 78.93 -85.45
N PHE AB 4 77.31 77.75 -84.96
CA PHE AB 4 78.22 77.56 -83.86
C PHE AB 4 79.26 76.52 -84.26
N ASN AB 5 80.53 76.83 -84.01
CA ASN AB 5 81.65 75.96 -84.38
C ASN AB 5 81.60 75.63 -85.87
N THR AB 6 81.34 76.66 -86.67
CA THR AB 6 81.23 76.62 -88.13
C THR AB 6 80.05 75.78 -88.61
N GLN AB 7 79.21 75.27 -87.72
CA GLN AB 7 78.09 74.43 -88.10
C GLN AB 7 76.79 75.21 -87.96
N THR AB 8 75.95 75.15 -88.99
CA THR AB 8 74.67 75.83 -89.01
C THR AB 8 73.64 74.97 -88.29
N PHE AB 9 73.03 75.52 -87.26
CA PHE AB 9 72.00 74.83 -86.49
C PHE AB 9 70.65 75.44 -86.83
N ASP AB 10 69.85 74.70 -87.59
CA ASP AB 10 68.52 75.13 -87.97
C ASP AB 10 67.49 74.49 -87.05
N ILE AB 11 66.36 75.16 -86.86
CA ILE AB 11 65.41 74.77 -85.84
C ILE AB 11 64.85 73.38 -86.15
N TYR AB 12 64.89 72.50 -85.16
CA TYR AB 12 64.39 71.13 -85.31
C TYR AB 12 63.03 70.92 -84.66
N SER AB 13 62.77 71.56 -83.53
CA SER AB 13 61.47 71.48 -82.88
C SER AB 13 61.34 72.61 -81.88
N THR AB 14 60.10 72.95 -81.56
CA THR AB 14 59.82 73.98 -80.56
C THR AB 14 58.74 73.48 -79.63
N GLU AB 15 58.98 73.59 -78.34
CA GLU AB 15 58.04 73.18 -77.31
C GLU AB 15 57.63 74.38 -76.45
N LYS AB 16 56.90 74.08 -75.39
CA LYS AB 16 56.55 75.07 -74.38
C LYS AB 16 57.81 75.71 -73.79
N ASP AB 17 58.80 74.90 -73.47
CA ASP AB 17 59.98 75.37 -72.75
C ASP AB 17 61.28 74.91 -73.41
N VAL AB 18 61.21 74.19 -74.52
CA VAL AB 18 62.40 73.67 -75.17
C VAL AB 18 62.39 74.11 -76.62
N VAL AB 19 63.53 74.63 -77.08
CA VAL AB 19 63.76 74.90 -78.49
C VAL AB 19 64.97 74.08 -78.91
N SER AB 20 64.78 73.23 -79.91
CA SER AB 20 65.80 72.30 -80.35
C SER AB 20 66.18 72.62 -81.78
N LEU AB 21 67.48 72.73 -82.04
CA LEU AB 21 68.04 73.00 -83.35
C LEU AB 21 68.90 71.82 -83.77
N ARG AB 22 68.97 71.58 -85.07
CA ARG AB 22 69.79 70.51 -85.61
C ARG AB 22 70.71 71.07 -86.66
N ASP AB 23 71.85 70.40 -86.86
CA ASP AB 23 72.76 70.79 -87.94
C ASP AB 23 72.12 70.53 -89.30
N PHE AB 24 71.59 69.33 -89.51
CA PHE AB 24 70.99 68.88 -90.76
C PHE AB 24 72.03 68.71 -91.86
N ALA AB 25 73.27 69.08 -91.57
CA ALA AB 25 74.39 68.81 -92.47
C ALA AB 25 75.09 67.50 -92.13
N ASN AB 26 75.60 67.37 -90.91
CA ASN AB 26 76.06 66.08 -90.43
C ASN AB 26 74.96 65.28 -89.76
N ASP AB 27 73.80 65.90 -89.52
CA ASP AB 27 72.62 65.24 -88.98
C ASP AB 27 72.91 64.50 -87.69
N LYS AB 28 73.87 64.98 -86.92
CA LYS AB 28 74.30 64.29 -85.72
C LYS AB 28 74.27 65.15 -84.46
N ASP AB 29 74.16 66.47 -84.59
CA ASP AB 29 74.26 67.38 -83.46
C ASP AB 29 72.93 68.06 -83.22
N THR AB 30 72.49 68.09 -81.97
CA THR AB 30 71.25 68.73 -81.58
C THR AB 30 71.51 69.65 -80.40
N LEU AB 31 71.11 70.91 -80.53
CA LEU AB 31 71.30 71.93 -79.51
C LEU AB 31 69.94 72.32 -78.96
N ALA AB 32 69.77 72.17 -77.64
CA ALA AB 32 68.49 72.44 -77.00
C ALA AB 32 68.64 73.56 -75.97
N TYR AB 33 67.67 74.46 -75.96
CA TYR AB 33 67.51 75.52 -74.97
C TYR AB 33 66.26 75.20 -74.17
N LYS AB 34 66.40 75.11 -72.86
CA LYS AB 34 65.35 74.63 -71.98
C LYS AB 34 65.14 75.63 -70.86
N ARG AB 35 63.88 75.84 -70.51
CA ARG AB 35 63.45 76.93 -69.64
C ARG AB 35 62.52 76.41 -68.56
N LEU AB 36 62.75 76.83 -67.31
CA LEU AB 36 61.85 76.49 -66.21
C LEU AB 36 61.70 77.72 -65.32
N ALA AB 37 60.60 78.44 -65.49
CA ALA AB 37 60.40 79.66 -64.73
C ALA AB 37 60.31 79.36 -63.23
N PRO AB 38 60.75 80.29 -62.38
CA PRO AB 38 60.68 80.06 -60.93
C PRO AB 38 59.23 79.94 -60.48
N LYS AB 39 59.02 79.06 -59.49
CA LYS AB 39 57.71 78.85 -58.91
C LYS AB 39 57.75 79.28 -57.44
N ARG AB 40 56.82 80.16 -57.06
CA ARG AB 40 56.80 80.76 -55.74
C ARG AB 40 56.02 79.87 -54.78
N THR AB 41 56.62 78.73 -54.45
CA THR AB 41 55.97 77.75 -53.59
C THR AB 41 56.01 78.14 -52.12
N LYS AB 42 56.83 79.11 -51.75
CA LYS AB 42 56.93 79.58 -50.38
C LYS AB 42 57.30 81.06 -50.42
N ASP AB 43 57.78 81.58 -49.28
CA ASP AB 43 58.31 82.94 -49.22
C ASP AB 43 59.44 83.10 -50.22
N SER AB 44 60.10 82.01 -50.58
CA SER AB 44 61.07 82.03 -51.65
C SER AB 44 60.38 82.41 -52.95
N PRO AB 45 61.00 83.26 -53.78
CA PRO AB 45 60.43 83.53 -55.11
C PRO AB 45 60.65 82.39 -56.09
N GLY AB 46 61.24 81.28 -55.64
CA GLY AB 46 61.53 80.16 -56.51
C GLY AB 46 62.87 80.30 -57.20
N MET AB 47 63.23 79.26 -57.94
CA MET AB 47 64.48 79.22 -58.69
C MET AB 47 64.18 79.18 -60.17
N ALA AB 48 64.81 80.07 -60.92
CA ALA AB 48 64.73 80.07 -62.38
C ALA AB 48 65.76 79.07 -62.91
N LYS AB 49 65.28 78.02 -63.56
CA LYS AB 49 66.15 77.01 -64.15
C LYS AB 49 66.32 77.28 -65.63
N SER AB 50 67.54 77.12 -66.12
CA SER AB 50 67.78 77.08 -67.55
C SER AB 50 68.68 75.89 -67.87
N GLU AB 51 68.68 75.51 -69.15
CA GLU AB 51 69.51 74.41 -69.57
C GLU AB 51 69.92 74.62 -71.02
N LEU AB 52 71.19 74.45 -71.33
CA LEU AB 52 71.68 74.55 -72.70
C LEU AB 52 72.48 73.29 -72.98
N LYS AB 53 71.92 72.38 -73.77
CA LYS AB 53 72.53 71.08 -73.97
C LYS AB 53 72.87 70.84 -75.42
N ILE AB 54 74.02 70.22 -75.65
CA ILE AB 54 74.42 69.77 -76.97
C ILE AB 54 74.55 68.25 -76.93
N THR AB 55 73.93 67.59 -77.89
CA THR AB 55 73.94 66.14 -77.96
C THR AB 55 74.45 65.71 -79.33
N ARG AB 56 75.40 64.80 -79.31
CA ARG AB 56 75.91 64.19 -80.54
C ARG AB 56 75.52 62.72 -80.54
N VAL AB 57 74.88 62.27 -81.60
CA VAL AB 57 74.59 60.86 -81.82
C VAL AB 57 75.12 60.48 -83.19
N ASP AB 58 75.47 59.23 -83.36
CA ASP AB 58 75.88 58.79 -84.67
C ASP AB 58 74.63 58.53 -85.50
N PRO AB 59 74.38 59.26 -86.58
CA PRO AB 59 73.09 59.13 -87.26
C PRO AB 59 73.04 58.00 -88.27
N THR AB 60 73.61 56.85 -87.93
CA THR AB 60 73.38 55.63 -88.69
C THR AB 60 72.86 54.54 -87.77
N THR AB 61 73.53 54.35 -86.64
CA THR AB 61 73.13 53.36 -85.65
C THR AB 61 72.51 53.96 -84.41
N GLY AB 62 72.44 55.29 -84.33
CA GLY AB 62 71.80 55.92 -83.20
C GLY AB 62 72.48 55.70 -81.87
N VAL AB 63 73.81 55.68 -81.84
CA VAL AB 63 74.55 55.57 -80.59
C VAL AB 63 74.88 56.97 -80.10
N LEU AB 64 74.60 57.22 -78.83
CA LEU AB 64 74.88 58.52 -78.24
C LEU AB 64 76.39 58.65 -78.03
N ILE AB 65 77.02 59.53 -78.78
CA ILE AB 65 78.45 59.75 -78.61
C ILE AB 65 78.73 60.49 -77.31
N GLY AB 66 77.97 61.55 -77.03
CA GLY AB 66 78.19 62.29 -75.80
C GLY AB 66 77.26 63.49 -75.70
N ILE AB 67 77.14 63.99 -74.47
CA ILE AB 67 76.31 65.14 -74.14
C ILE AB 67 77.14 66.11 -73.30
N VAL AB 68 76.98 67.39 -73.56
CA VAL AB 68 77.49 68.45 -72.69
C VAL AB 68 76.33 69.37 -72.34
N ASN AB 69 76.14 69.61 -71.06
CA ASN AB 69 74.99 70.34 -70.53
C ASN AB 69 75.47 71.56 -69.77
N VAL AB 70 74.81 72.70 -69.99
CA VAL AB 70 75.03 73.90 -69.20
C VAL AB 70 73.71 74.25 -68.53
N SER AB 71 73.59 73.95 -67.25
CA SER AB 71 72.38 74.21 -66.49
C SER AB 71 72.62 75.32 -65.48
N SER AB 72 71.62 76.17 -65.29
CA SER AB 72 71.68 77.22 -64.29
C SER AB 72 70.46 77.12 -63.40
N SER AB 73 70.68 77.29 -62.10
CA SER AB 73 69.62 77.35 -61.10
C SER AB 73 69.87 78.60 -60.26
N ILE AB 74 69.28 79.71 -60.68
CA ILE AB 74 69.49 81.00 -60.05
C ILE AB 74 68.19 81.45 -59.39
N ARG AB 75 68.30 82.02 -58.19
CA ARG AB 75 67.14 82.52 -57.48
C ARG AB 75 66.44 83.59 -58.31
N ALA AB 76 65.10 83.59 -58.24
CA ALA AB 76 64.33 84.57 -58.99
C ALA AB 76 64.66 85.99 -58.54
N ASP AB 77 64.91 86.19 -57.24
CA ASP AB 77 65.26 87.49 -56.73
C ASP AB 77 66.73 87.85 -56.93
N ALA AB 78 67.56 86.91 -57.37
CA ALA AB 78 68.99 87.15 -57.47
C ALA AB 78 69.28 88.27 -58.44
N THR AB 79 70.12 89.20 -58.02
CA THR AB 79 70.42 90.36 -58.82
C THR AB 79 71.20 89.97 -60.07
N ALA AB 80 71.17 90.84 -61.08
CA ALA AB 80 71.91 90.61 -62.30
C ALA AB 80 73.40 90.56 -62.03
N ALA AB 81 73.86 91.17 -60.94
CA ALA AB 81 75.27 91.09 -60.58
C ALA AB 81 75.68 89.66 -60.29
N ASP AB 82 74.89 88.95 -59.48
CA ASP AB 82 75.21 87.56 -59.18
C ASP AB 82 75.15 86.69 -60.42
N LYS AB 83 74.15 86.90 -61.28
CA LYS AB 83 74.04 86.10 -62.48
C LYS AB 83 75.20 86.34 -63.45
N THR AB 84 75.58 87.61 -63.62
CA THR AB 84 76.72 87.92 -64.47
C THR AB 84 78.01 87.36 -63.90
N ALA AB 85 78.18 87.43 -62.58
CA ALA AB 85 79.38 86.86 -61.97
C ALA AB 85 79.41 85.35 -62.15
N LEU AB 86 78.26 84.70 -62.00
CA LEU AB 86 78.18 83.25 -62.19
C LEU AB 86 78.57 82.88 -63.61
N MET AB 87 78.03 83.57 -64.61
CA MET AB 87 78.38 83.25 -65.99
C MET AB 87 79.85 83.54 -66.25
N ALA AB 88 80.36 84.67 -65.74
CA ALA AB 88 81.76 85.00 -65.97
C ALA AB 88 82.69 83.96 -65.39
N ILE AB 89 82.40 83.51 -64.16
CA ILE AB 89 83.23 82.50 -63.52
C ILE AB 89 83.17 81.20 -64.29
N ILE AB 90 81.96 80.76 -64.68
CA ILE AB 90 81.85 79.45 -65.31
C ILE AB 90 82.48 79.48 -66.70
N THR AB 91 82.35 80.57 -67.44
CA THR AB 91 82.97 80.67 -68.76
C THR AB 91 84.48 80.77 -68.63
N ALA AB 92 84.98 81.50 -67.63
CA ALA AB 92 86.43 81.55 -67.42
C ALA AB 92 86.97 80.18 -67.06
N ALA AB 93 86.25 79.43 -66.23
CA ALA AB 93 86.67 78.09 -65.88
C ALA AB 93 86.66 77.16 -67.10
N GLN AB 94 85.64 77.27 -67.95
CA GLN AB 94 85.60 76.45 -69.15
C GLN AB 94 86.75 76.79 -70.09
N ALA AB 95 87.05 78.08 -70.26
CA ALA AB 95 88.18 78.48 -71.09
C ALA AB 95 89.50 77.98 -70.54
N ASP AB 96 89.57 77.73 -69.24
CA ASP AB 96 90.77 77.20 -68.63
C ASP AB 96 91.01 75.76 -69.08
N GLY AB 97 92.27 75.34 -69.02
CA GLY AB 97 92.62 74.00 -69.46
C GLY AB 97 92.16 72.89 -68.53
N ALA AB 98 91.88 73.23 -67.27
CA ALA AB 98 91.45 72.20 -66.32
C ALA AB 98 90.15 71.55 -66.77
N TRP AB 99 89.19 72.34 -67.25
CA TRP AB 99 87.96 71.76 -67.78
C TRP AB 99 88.25 70.91 -69.02
N THR AB 100 89.16 71.37 -69.88
CA THR AB 100 89.51 70.62 -71.08
C THR AB 100 90.06 69.25 -70.73
N GLU AB 101 90.90 69.14 -69.71
CA GLU AB 101 91.40 67.84 -69.27
C GLU AB 101 90.38 67.02 -68.50
N LEU AB 102 89.54 67.67 -67.68
CA LEU AB 102 88.50 66.96 -66.95
C LEU AB 102 87.59 66.22 -67.93
N VAL AB 103 87.20 66.88 -69.01
CA VAL AB 103 86.67 66.16 -70.16
C VAL AB 103 87.84 65.55 -70.92
N THR AB 104 87.60 64.43 -71.60
CA THR AB 104 88.61 63.75 -72.41
C THR AB 104 89.75 63.12 -71.61
N ASP AB 105 89.84 63.39 -70.31
CA ASP AB 105 90.86 62.73 -69.51
C ASP AB 105 90.38 62.28 -68.15
N GLN AB 106 89.25 62.78 -67.67
CA GLN AB 106 88.80 62.58 -66.30
C GLN AB 106 89.90 62.97 -65.32
N ARG AB 107 90.56 64.09 -65.61
CA ARG AB 107 91.69 64.58 -64.84
C ARG AB 107 91.23 65.72 -63.94
N LEU AB 108 91.36 65.53 -62.63
CA LEU AB 108 91.02 66.58 -61.69
C LEU AB 108 92.14 67.60 -61.58
N PRO AB 109 91.81 68.85 -61.26
CA PRO AB 109 92.86 69.87 -61.10
C PRO AB 109 93.61 69.69 -59.79
N LEU AB 110 94.44 68.67 -59.72
CA LEU AB 110 95.31 68.46 -58.58
C LEU AB 110 96.70 68.00 -58.96
N ALA AB 111 97.03 67.93 -60.25
CA ALA AB 111 98.34 67.46 -60.67
C ALA AB 111 99.41 68.48 -60.32
N THR AB 112 100.57 67.99 -59.90
CA THR AB 112 101.68 68.85 -59.52
C THR AB 112 102.54 69.27 -60.71
N VAL AB 113 102.23 68.78 -61.91
CA VAL AB 113 102.96 69.10 -63.14
C VAL AB 113 104.43 68.68 -63.02
N SER BB 1 28.26 104.48 -77.24
CA SER BB 1 27.46 105.67 -77.02
C SER BB 1 26.63 106.02 -78.25
N LYS BB 2 27.29 106.19 -79.39
CA LYS BB 2 26.62 106.62 -80.60
C LYS BB 2 27.24 105.92 -81.80
N VAL BB 3 27.03 106.48 -82.98
CA VAL BB 3 27.28 105.83 -84.27
C VAL BB 3 28.63 105.14 -84.32
N PHE BB 4 28.61 103.84 -84.56
CA PHE BB 4 29.80 103.00 -84.69
C PHE BB 4 29.67 102.19 -85.96
N ASN BB 5 30.73 102.16 -86.75
CA ASN BB 5 30.73 101.41 -88.01
C ASN BB 5 29.58 101.85 -88.90
N THR BB 6 29.32 103.15 -88.92
CA THR BB 6 28.24 103.80 -89.66
C THR BB 6 26.85 103.36 -89.20
N GLN BB 7 26.75 102.52 -88.17
CA GLN BB 7 25.46 102.10 -87.64
C GLN BB 7 25.13 102.96 -86.43
N THR BB 8 23.88 103.39 -86.34
CA THR BB 8 23.43 104.19 -85.22
C THR BB 8 23.02 103.25 -84.09
N PHE BB 9 23.63 103.42 -82.93
CA PHE BB 9 23.28 102.65 -81.74
C PHE BB 9 22.55 103.58 -80.79
N ASP BB 10 21.30 103.24 -80.49
CA ASP BB 10 20.47 104.01 -79.58
C ASP BB 10 20.27 103.22 -78.30
N ILE BB 11 20.11 103.93 -77.19
CA ILE BB 11 19.95 103.25 -75.91
C ILE BB 11 18.70 102.39 -75.95
N TYR BB 12 18.87 101.11 -75.66
CA TYR BB 12 17.76 100.18 -75.56
C TYR BB 12 17.30 99.96 -74.13
N SER BB 13 18.24 99.90 -73.19
CA SER BB 13 17.87 99.67 -71.81
C SER BB 13 18.95 100.24 -70.91
N THR BB 14 18.52 100.75 -69.76
CA THR BB 14 19.45 101.23 -68.75
C THR BB 14 19.22 100.44 -67.49
N GLU BB 15 20.30 99.97 -66.88
CA GLU BB 15 20.27 99.19 -65.66
C GLU BB 15 21.21 99.84 -64.64
N LYS BB 16 21.15 99.35 -63.42
CA LYS BB 16 22.01 99.86 -62.34
C LYS BB 16 23.48 99.87 -62.77
N ASP BB 17 23.97 98.74 -63.28
CA ASP BB 17 25.36 98.63 -63.71
C ASP BB 17 25.48 98.19 -65.16
N VAL BB 18 24.41 98.23 -65.95
CA VAL BB 18 24.44 97.82 -67.34
C VAL BB 18 23.72 98.87 -68.18
N VAL BB 19 24.29 99.19 -69.33
CA VAL BB 19 23.64 100.04 -70.32
C VAL BB 19 23.71 99.33 -71.66
N SER BB 20 22.57 99.15 -72.31
CA SER BB 20 22.49 98.41 -73.56
C SER BB 20 21.95 99.30 -74.67
N LEU BB 21 22.66 99.35 -75.78
CA LEU BB 21 22.30 100.09 -76.97
C LEU BB 21 21.99 99.11 -78.10
N ARG BB 22 21.02 99.47 -78.93
CA ARG BB 22 20.63 98.64 -80.05
C ARG BB 22 20.73 99.45 -81.33
N ASP BB 23 21.06 98.77 -82.43
CA ASP BB 23 21.08 99.44 -83.72
C ASP BB 23 19.70 99.96 -84.10
N PHE BB 24 18.67 99.14 -83.93
CA PHE BB 24 17.27 99.47 -84.20
C PHE BB 24 17.00 99.64 -85.69
N ALA BB 25 18.05 99.58 -86.50
CA ALA BB 25 17.94 99.62 -87.95
C ALA BB 25 18.12 98.24 -88.56
N ASN BB 26 19.22 97.56 -88.23
CA ASN BB 26 19.37 96.16 -88.58
C ASN BB 26 18.72 95.22 -87.58
N ASP BB 27 18.44 95.70 -86.37
CA ASP BB 27 17.72 94.94 -85.35
C ASP BB 27 18.42 93.61 -85.03
N LYS BB 28 19.75 93.59 -85.08
CA LYS BB 28 20.49 92.40 -84.71
C LYS BB 28 21.72 92.68 -83.86
N ASP BB 29 22.17 93.93 -83.76
CA ASP BB 29 23.39 94.27 -83.03
C ASP BB 29 23.02 94.92 -81.70
N THR BB 30 23.64 94.43 -80.62
CA THR BB 30 23.45 94.98 -79.29
C THR BB 30 24.80 95.24 -78.67
N LEU BB 31 25.01 96.46 -78.17
CA LEU BB 31 26.24 96.85 -77.52
C LEU BB 31 25.96 97.10 -76.04
N ALA BB 32 26.64 96.36 -75.18
CA ALA BB 32 26.41 96.41 -73.74
C ALA BB 32 27.65 96.91 -73.02
N TYR BB 33 27.47 97.91 -72.15
CA TYR BB 33 28.46 98.40 -71.21
C TYR BB 33 28.08 97.85 -69.85
N LYS BB 34 28.95 97.01 -69.28
CA LYS BB 34 28.69 96.39 -67.98
C LYS BB 34 29.77 96.80 -66.99
N ARG BB 35 29.35 96.98 -65.74
CA ARG BB 35 30.16 97.55 -64.68
C ARG BB 35 30.18 96.61 -63.49
N LEU BB 36 31.27 96.61 -62.74
CA LEU BB 36 31.35 95.82 -61.52
C LEU BB 36 32.40 96.44 -60.60
N ALA BB 37 31.96 97.02 -59.49
CA ALA BB 37 32.87 97.72 -58.60
C ALA BB 37 33.83 96.74 -57.91
N PRO BB 38 35.05 97.18 -57.62
CA PRO BB 38 35.98 96.32 -56.89
C PRO BB 38 35.52 96.11 -55.46
N LYS BB 39 35.69 94.88 -54.97
CA LYS BB 39 35.28 94.54 -53.61
C LYS BB 39 36.51 94.36 -52.74
N ARG BB 40 36.55 95.09 -51.62
CA ARG BB 40 37.64 94.97 -50.66
C ARG BB 40 37.32 93.77 -49.75
N THR BB 41 37.28 92.59 -50.38
CA THR BB 41 37.00 91.36 -49.65
C THR BB 41 38.16 90.95 -48.77
N LYS BB 42 39.28 91.64 -48.86
CA LYS BB 42 40.47 91.38 -48.07
C LYS BB 42 41.24 92.68 -47.97
N ASP BB 43 42.51 92.58 -47.57
CA ASP BB 43 43.40 93.75 -47.53
C ASP BB 43 43.43 94.43 -48.88
N SER BB 44 43.41 93.64 -49.95
CA SER BB 44 43.43 94.19 -51.30
C SER BB 44 42.16 95.00 -51.56
N PRO BB 45 42.24 96.10 -52.30
CA PRO BB 45 41.03 96.90 -52.55
C PRO BB 45 40.09 96.30 -53.56
N GLY BB 46 40.43 95.17 -54.17
CA GLY BB 46 39.57 94.51 -55.12
C GLY BB 46 39.89 94.87 -56.56
N MET BB 47 39.20 94.19 -57.46
CA MET BB 47 39.41 94.34 -58.90
C MET BB 47 38.17 94.96 -59.51
N ALA BB 48 38.36 96.10 -60.19
CA ALA BB 48 37.26 96.80 -60.84
C ALA BB 48 37.03 96.18 -62.21
N LYS BB 49 35.90 95.49 -62.38
CA LYS BB 49 35.58 94.79 -63.60
C LYS BB 49 34.79 95.69 -64.54
N SER BB 50 35.20 95.74 -65.80
CA SER BB 50 34.46 96.41 -66.85
C SER BB 50 34.15 95.40 -67.94
N GLU BB 51 33.19 95.75 -68.79
CA GLU BB 51 32.87 94.89 -69.91
C GLU BB 51 32.23 95.70 -71.01
N LEU BB 52 32.70 95.51 -72.24
CA LEU BB 52 32.12 96.13 -73.43
C LEU BB 52 31.92 95.03 -74.45
N LYS BB 53 30.67 94.69 -74.75
CA LYS BB 53 30.41 93.56 -75.63
C LYS BB 53 29.46 93.94 -76.75
N ILE BB 54 29.68 93.34 -77.91
CA ILE BB 54 28.78 93.46 -79.05
C ILE BB 54 28.27 92.07 -79.41
N THR BB 55 26.95 91.94 -79.51
CA THR BB 55 26.30 90.68 -79.79
C THR BB 55 25.44 90.82 -81.03
N ARG BB 56 25.60 89.89 -81.96
CA ARG BB 56 24.79 89.85 -83.17
C ARG BB 56 23.90 88.62 -83.11
N VAL BB 57 22.60 88.83 -83.17
CA VAL BB 57 21.61 87.76 -83.18
C VAL BB 57 20.61 88.06 -84.28
N ASP BB 58 20.49 87.15 -85.23
CA ASP BB 58 19.78 87.49 -86.46
C ASP BB 58 18.32 87.82 -86.23
N PRO BB 59 17.76 88.81 -86.90
CA PRO BB 59 16.36 89.18 -86.66
C PRO BB 59 15.36 88.43 -87.50
N THR BB 60 15.53 87.12 -87.66
CA THR BB 60 14.49 86.32 -88.33
C THR BB 60 14.11 85.09 -87.49
N THR BB 61 15.11 84.45 -86.89
CA THR BB 61 14.89 83.29 -86.04
C THR BB 61 15.59 83.40 -84.69
N GLY BB 62 16.61 84.24 -84.58
CA GLY BB 62 17.28 84.43 -83.30
C GLY BB 62 18.49 83.56 -83.08
N VAL BB 63 19.31 83.35 -84.10
CA VAL BB 63 20.53 82.56 -83.96
C VAL BB 63 21.70 83.50 -83.69
N LEU BB 64 22.43 83.24 -82.62
CA LEU BB 64 23.59 84.04 -82.25
C LEU BB 64 24.67 83.88 -83.30
N ILE BB 65 24.90 84.91 -84.10
CA ILE BB 65 25.95 84.87 -85.10
C ILE BB 65 27.33 84.94 -84.45
N GLY BB 66 27.52 85.84 -83.50
CA GLY BB 66 28.81 85.99 -82.87
C GLY BB 66 28.78 87.01 -81.76
N ILE BB 67 29.83 86.98 -80.95
CA ILE BB 67 30.04 87.93 -79.87
C ILE BB 67 31.51 88.31 -79.85
N VAL BB 68 31.78 89.61 -79.74
CA VAL BB 68 33.10 90.11 -79.39
C VAL BB 68 32.96 90.89 -78.10
N ASN BB 69 33.74 90.52 -77.10
CA ASN BB 69 33.66 91.12 -75.76
C ASN BB 69 35.01 91.67 -75.37
N VAL BB 70 35.02 92.84 -74.76
CA VAL BB 70 36.22 93.42 -74.19
C VAL BB 70 35.99 93.56 -72.70
N SER BB 71 36.70 92.76 -71.91
CA SER BB 71 36.56 92.76 -70.46
C SER BB 71 37.85 93.24 -69.82
N SER BB 72 37.72 94.00 -68.75
CA SER BB 72 38.85 94.46 -67.97
C SER BB 72 38.70 94.03 -66.52
N SER BB 73 39.80 93.64 -65.92
CA SER BB 73 39.86 93.32 -64.49
C SER BB 73 41.13 93.98 -63.98
N ILE BB 74 40.98 95.17 -63.42
CA ILE BB 74 42.12 95.99 -62.99
C ILE BB 74 42.02 96.21 -61.50
N ARG BB 75 43.16 96.15 -60.81
CA ARG BB 75 43.20 96.43 -59.39
C ARG BB 75 42.60 97.80 -59.10
N ALA BB 76 41.83 97.88 -58.02
CA ALA BB 76 41.25 99.15 -57.63
C ALA BB 76 42.33 100.19 -57.36
N ASP BB 77 43.50 99.76 -56.86
CA ASP BB 77 44.59 100.67 -56.57
C ASP BB 77 45.50 100.93 -57.77
N ALA BB 78 45.28 100.27 -58.89
CA ALA BB 78 46.16 100.42 -60.03
C ALA BB 78 46.17 101.85 -60.54
N THR BB 79 47.36 102.33 -60.88
CA THR BB 79 47.52 103.71 -61.29
C THR BB 79 46.88 103.95 -62.66
N ALA BB 80 46.54 105.21 -62.91
CA ALA BB 80 46.02 105.59 -64.21
C ALA BB 80 47.03 105.32 -65.32
N ALA BB 81 48.32 105.34 -64.99
CA ALA BB 81 49.34 104.97 -65.97
C ALA BB 81 49.20 103.52 -66.39
N ASP BB 82 48.99 102.62 -65.42
CA ASP BB 82 48.80 101.21 -65.74
C ASP BB 82 47.56 101.01 -66.61
N LYS BB 83 46.47 101.70 -66.26
CA LYS BB 83 45.23 101.53 -67.00
C LYS BB 83 45.34 102.07 -68.42
N THR BB 84 45.97 103.23 -68.58
CA THR BB 84 46.21 103.76 -69.92
C THR BB 84 47.12 102.85 -70.73
N ALA BB 85 48.16 102.32 -70.10
CA ALA BB 85 49.08 101.43 -70.79
C ALA BB 85 48.38 100.16 -71.25
N LEU BB 86 47.56 99.57 -70.38
CA LEU BB 86 46.82 98.37 -70.75
C LEU BB 86 45.90 98.64 -71.92
N MET BB 87 45.17 99.75 -71.85
CA MET BB 87 44.25 100.09 -72.93
C MET BB 87 44.99 100.33 -74.24
N ALA BB 88 46.12 101.02 -74.18
CA ALA BB 88 46.89 101.31 -75.39
C ALA BB 88 47.48 100.04 -75.99
N ILE BB 89 48.02 99.15 -75.16
CA ILE BB 89 48.59 97.91 -75.66
C ILE BB 89 47.51 97.08 -76.34
N ILE BB 90 46.35 96.92 -75.68
CA ILE BB 90 45.31 96.08 -76.27
C ILE BB 90 44.75 96.72 -77.54
N THR BB 91 44.62 98.04 -77.58
CA THR BB 91 44.11 98.70 -78.78
C THR BB 91 45.09 98.56 -79.94
N ALA BB 92 46.39 98.70 -79.66
CA ALA BB 92 47.39 98.52 -80.71
C ALA BB 92 47.42 97.08 -81.21
N ALA BB 93 47.28 96.11 -80.29
CA ALA BB 93 47.26 94.71 -80.71
C ALA BB 93 46.05 94.40 -81.56
N GLN BB 94 44.89 94.96 -81.21
CA GLN BB 94 43.70 94.77 -82.06
C GLN BB 94 43.88 95.44 -83.40
N ALA BB 95 44.53 96.61 -83.44
CA ALA BB 95 44.82 97.27 -84.71
C ALA BB 95 45.82 96.48 -85.54
N ASP BB 96 46.65 95.67 -84.90
CA ASP BB 96 47.55 94.79 -85.63
C ASP BB 96 46.75 93.71 -86.34
N GLY BB 97 47.34 93.16 -87.41
CA GLY BB 97 46.64 92.17 -88.21
C GLY BB 97 46.62 90.78 -87.63
N ALA BB 98 47.46 90.52 -86.63
CA ALA BB 98 47.44 89.21 -85.98
C ALA BB 98 46.09 88.94 -85.34
N TRP BB 99 45.47 89.98 -84.78
CA TRP BB 99 44.12 89.82 -84.24
C TRP BB 99 43.12 89.57 -85.35
N THR BB 100 43.24 90.30 -86.47
CA THR BB 100 42.31 90.13 -87.57
C THR BB 100 42.45 88.76 -88.22
N GLU BB 101 43.56 88.08 -87.98
CA GLU BB 101 43.71 86.69 -88.42
C GLU BB 101 43.22 85.69 -87.39
N LEU BB 102 43.53 85.93 -86.11
CA LEU BB 102 43.03 85.09 -85.02
C LEU BB 102 41.51 85.01 -85.07
N VAL BB 103 40.85 86.15 -85.17
CA VAL BB 103 39.46 86.16 -85.58
C VAL BB 103 39.41 85.95 -87.08
N THR BB 104 38.40 85.23 -87.56
CA THR BB 104 38.15 84.95 -88.97
C THR BB 104 39.08 83.90 -89.57
N ASP BB 105 40.14 83.49 -88.86
CA ASP BB 105 40.92 82.37 -89.37
C ASP BB 105 41.41 81.41 -88.31
N GLN BB 106 41.37 81.77 -87.03
CA GLN BB 106 41.97 80.98 -85.97
C GLN BB 106 43.47 80.78 -86.25
N ARG BB 107 44.10 81.82 -86.78
CA ARG BB 107 45.49 81.78 -87.16
C ARG BB 107 46.32 82.44 -86.07
N LEU BB 108 47.21 81.69 -85.47
CA LEU BB 108 48.05 82.21 -84.42
C LEU BB 108 49.26 82.91 -85.01
N PRO BB 109 49.85 83.86 -84.29
CA PRO BB 109 51.06 84.51 -84.78
C PRO BB 109 52.29 83.63 -84.66
N LEU BB 110 52.30 82.51 -85.38
CA LEU BB 110 53.47 81.65 -85.44
C LEU BB 110 53.76 81.14 -86.84
N ALA BB 111 52.95 81.47 -87.83
CA ALA BB 111 53.24 81.08 -89.21
C ALA BB 111 54.50 81.80 -89.70
N THR BB 112 55.29 81.11 -90.50
CA THR BB 112 56.54 81.65 -91.01
C THR BB 112 56.36 82.49 -92.27
N VAL BB 113 55.14 82.58 -92.80
CA VAL BB 113 54.83 83.35 -94.01
C VAL BB 113 55.62 82.84 -95.21
N SER CB 1 -9.84 -14.17 -132.17
CA SER CB 1 -10.54 -15.32 -132.72
C SER CB 1 -9.59 -16.24 -133.47
N LYS CB 2 -9.12 -15.80 -134.63
CA LYS CB 2 -8.21 -16.57 -135.46
C LYS CB 2 -7.05 -15.67 -135.85
N VAL CB 3 -6.27 -16.09 -136.85
CA VAL CB 3 -4.98 -15.49 -137.18
C VAL CB 3 -5.05 -13.96 -137.24
N PHE CB 4 -4.20 -13.32 -136.44
CA PHE CB 4 -4.06 -11.87 -136.40
C PHE CB 4 -2.58 -11.56 -136.44
N ASN CB 5 -2.21 -10.60 -137.30
CA ASN CB 5 -0.81 -10.18 -137.44
C ASN CB 5 0.07 -11.40 -137.74
N THR CB 6 -0.42 -12.25 -138.66
CA THR CB 6 0.23 -13.48 -139.11
C THR CB 6 0.46 -14.48 -137.99
N GLN CB 7 -0.19 -14.35 -136.85
CA GLN CB 7 -0.09 -15.31 -135.77
C GLN CB 7 -1.44 -15.95 -135.52
N THR CB 8 -1.43 -17.27 -135.32
CA THR CB 8 -2.65 -18.05 -135.14
C THR CB 8 -2.99 -18.13 -133.66
N PHE CB 9 -4.16 -17.63 -133.29
CA PHE CB 9 -4.60 -17.62 -131.90
C PHE CB 9 -5.70 -18.67 -131.75
N ASP CB 10 -5.41 -19.72 -130.98
CA ASP CB 10 -6.37 -20.77 -130.69
C ASP CB 10 -6.84 -20.65 -129.25
N ILE CB 11 -8.06 -21.11 -129.00
CA ILE CB 11 -8.65 -21.01 -127.67
C ILE CB 11 -7.80 -21.81 -126.70
N TYR CB 12 -7.38 -21.16 -125.62
CA TYR CB 12 -6.74 -21.86 -124.52
C TYR CB 12 -7.67 -22.06 -123.35
N SER CB 13 -8.58 -21.13 -123.09
CA SER CB 13 -9.42 -21.24 -121.91
C SER CB 13 -10.74 -20.52 -122.17
N THR CB 14 -11.79 -21.02 -121.53
CA THR CB 14 -13.11 -20.42 -121.63
C THR CB 14 -13.73 -20.36 -120.24
N GLU CB 15 -14.10 -19.17 -119.82
CA GLU CB 15 -14.79 -18.96 -118.56
C GLU CB 15 -16.24 -18.59 -118.84
N LYS CB 16 -16.96 -18.25 -117.77
CA LYS CB 16 -18.32 -17.75 -117.95
C LYS CB 16 -18.31 -16.46 -118.76
N ASP CB 17 -17.35 -15.59 -118.51
CA ASP CB 17 -17.31 -14.29 -119.17
C ASP CB 17 -15.95 -13.94 -119.77
N VAL CB 18 -15.01 -14.87 -119.80
CA VAL CB 18 -13.71 -14.64 -120.41
C VAL CB 18 -13.40 -15.77 -121.38
N VAL CB 19 -12.91 -15.41 -122.56
CA VAL CB 19 -12.31 -16.35 -123.49
C VAL CB 19 -10.87 -15.94 -123.69
N SER CB 20 -9.94 -16.87 -123.47
CA SER CB 20 -8.52 -16.61 -123.62
C SER CB 20 -7.95 -17.48 -124.72
N LEU CB 21 -7.21 -16.86 -125.64
CA LEU CB 21 -6.58 -17.53 -126.77
C LEU CB 21 -5.09 -17.31 -126.70
N ARG CB 22 -4.33 -18.30 -127.16
CA ARG CB 22 -2.88 -18.23 -127.18
C ARG CB 22 -2.36 -18.51 -128.58
N ASP CB 23 -1.13 -18.08 -128.83
CA ASP CB 23 -0.51 -18.36 -130.13
C ASP CB 23 -0.11 -19.82 -130.24
N PHE CB 24 0.51 -20.37 -129.20
CA PHE CB 24 0.96 -21.76 -129.15
C PHE CB 24 2.11 -22.00 -130.12
N ALA CB 25 2.46 -20.98 -130.91
CA ALA CB 25 3.61 -21.03 -131.80
C ALA CB 25 4.82 -20.32 -131.22
N ASN CB 26 4.69 -19.03 -130.89
CA ASN CB 26 5.72 -18.34 -130.15
C ASN CB 26 5.50 -18.38 -128.65
N ASP CB 27 4.34 -18.85 -128.21
CA ASP CB 27 4.04 -19.07 -126.79
C ASP CB 27 4.30 -17.83 -125.95
N LYS CB 28 4.03 -16.66 -126.51
CA LYS CB 28 4.28 -15.41 -125.80
C LYS CB 28 3.10 -14.46 -125.79
N ASP CB 29 2.09 -14.67 -126.63
CA ASP CB 29 0.96 -13.76 -126.75
C ASP CB 29 -0.31 -14.42 -126.25
N THR CB 30 -1.09 -13.69 -125.46
CA THR CB 30 -2.41 -14.13 -125.04
C THR CB 30 -3.42 -13.02 -125.35
N LEU CB 31 -4.49 -13.39 -126.03
CA LEU CB 31 -5.57 -12.48 -126.39
C LEU CB 31 -6.80 -12.86 -125.59
N ALA CB 32 -7.33 -11.92 -124.82
CA ALA CB 32 -8.46 -12.17 -123.92
C ALA CB 32 -9.64 -11.29 -124.30
N TYR CB 33 -10.81 -11.92 -124.41
CA TYR CB 33 -12.10 -11.26 -124.63
C TYR CB 33 -12.90 -11.41 -123.34
N LYS CB 34 -13.39 -10.30 -122.81
CA LYS CB 34 -13.94 -10.26 -121.48
C LYS CB 34 -15.24 -9.47 -121.49
N ARG CB 35 -16.21 -9.93 -120.70
CA ARG CB 35 -17.61 -9.58 -120.86
C ARG CB 35 -18.25 -9.29 -119.50
N LEU CB 36 -18.85 -8.11 -119.36
CA LEU CB 36 -19.67 -7.79 -118.19
C LEU CB 36 -21.00 -7.20 -118.65
N ALA CB 37 -22.09 -7.94 -118.46
CA ALA CB 37 -23.39 -7.44 -118.82
C ALA CB 37 -23.78 -6.23 -117.97
N PRO CB 38 -24.56 -5.30 -118.51
CA PRO CB 38 -24.95 -4.12 -117.73
C PRO CB 38 -25.85 -4.52 -116.57
N LYS CB 39 -25.73 -3.80 -115.46
CA LYS CB 39 -26.53 -4.07 -114.28
C LYS CB 39 -27.42 -2.88 -113.97
N ARG CB 40 -28.74 -3.08 -114.05
CA ARG CB 40 -29.72 -2.05 -113.75
C ARG CB 40 -29.73 -1.90 -112.23
N THR CB 41 -28.75 -1.14 -111.74
CA THR CB 41 -28.65 -0.89 -110.31
C THR CB 41 -29.35 0.39 -109.90
N LYS CB 42 -29.94 1.10 -110.85
CA LYS CB 42 -30.68 2.32 -110.59
C LYS CB 42 -31.68 2.51 -111.73
N ASP CB 43 -32.20 3.72 -111.86
CA ASP CB 43 -33.05 4.06 -113.00
C ASP CB 43 -32.29 3.85 -114.30
N SER CB 44 -30.97 4.00 -114.25
CA SER CB 44 -30.15 3.66 -115.41
C SER CB 44 -30.12 2.15 -115.61
N PRO CB 45 -30.08 1.66 -116.85
CA PRO CB 45 -30.00 0.22 -117.08
C PRO CB 45 -28.62 -0.38 -116.88
N GLY CB 46 -27.64 0.43 -116.50
CA GLY CB 46 -26.28 -0.04 -116.35
C GLY CB 46 -25.47 0.10 -117.63
N MET CB 47 -24.17 -0.13 -117.50
CA MET CB 47 -23.24 -0.02 -118.61
C MET CB 47 -22.64 -1.38 -118.92
N ALA CB 48 -22.66 -1.77 -120.18
CA ALA CB 48 -22.12 -3.05 -120.63
C ALA CB 48 -20.61 -2.90 -120.85
N LYS CB 49 -19.82 -3.62 -120.07
CA LYS CB 49 -18.38 -3.61 -120.21
C LYS CB 49 -17.92 -4.69 -121.18
N SER CB 50 -17.04 -4.30 -122.09
CA SER CB 50 -16.27 -5.24 -122.88
C SER CB 50 -14.79 -4.96 -122.64
N GLU CB 51 -13.97 -5.97 -122.84
CA GLU CB 51 -12.54 -5.78 -122.71
C GLU CB 51 -11.82 -6.72 -123.67
N LEU CB 52 -10.86 -6.19 -124.40
CA LEU CB 52 -10.10 -6.96 -125.36
C LEU CB 52 -8.63 -6.64 -125.16
N LYS CB 53 -7.89 -7.57 -124.57
CA LYS CB 53 -6.50 -7.29 -124.22
C LYS CB 53 -5.56 -8.27 -124.90
N ILE CB 54 -4.41 -7.76 -125.32
CA ILE CB 54 -3.30 -8.57 -125.81
C ILE CB 54 -2.13 -8.39 -124.85
N THR CB 55 -1.64 -9.50 -124.31
CA THR CB 55 -0.52 -9.51 -123.39
C THR CB 55 0.63 -10.29 -123.99
N ARG CB 56 1.81 -9.71 -123.96
CA ARG CB 56 3.02 -10.37 -124.44
C ARG CB 56 3.95 -10.61 -123.25
N VAL CB 57 4.31 -11.87 -123.05
CA VAL CB 57 5.24 -12.28 -121.99
C VAL CB 57 6.31 -13.14 -122.62
N ASP CB 58 7.57 -12.79 -122.37
CA ASP CB 58 8.63 -13.59 -122.99
C ASP CB 58 8.68 -14.98 -122.36
N PRO CB 59 8.75 -16.03 -123.15
CA PRO CB 59 8.66 -17.39 -122.60
C PRO CB 59 10.00 -17.97 -122.17
N THR CB 60 10.82 -17.19 -121.48
CA THR CB 60 12.08 -17.71 -120.97
C THR CB 60 12.22 -17.40 -119.49
N THR CB 61 11.76 -16.22 -119.08
CA THR CB 61 11.71 -15.84 -117.68
C THR CB 61 10.32 -15.41 -117.24
N GLY CB 62 9.39 -15.26 -118.17
CA GLY CB 62 8.04 -14.86 -117.83
C GLY CB 62 7.86 -13.40 -117.53
N VAL CB 63 8.67 -12.52 -118.12
CA VAL CB 63 8.57 -11.09 -117.89
C VAL CB 63 7.49 -10.53 -118.79
N LEU CB 64 6.68 -9.63 -118.23
CA LEU CB 64 5.61 -8.99 -118.99
C LEU CB 64 6.22 -7.89 -119.86
N ILE CB 65 6.33 -8.15 -121.17
CA ILE CB 65 6.85 -7.14 -122.07
C ILE CB 65 5.89 -5.98 -122.20
N GLY CB 66 4.61 -6.24 -122.40
CA GLY CB 66 3.66 -5.16 -122.55
C GLY CB 66 2.25 -5.67 -122.76
N ILE CB 67 1.29 -4.80 -122.46
CA ILE CB 67 -0.13 -5.07 -122.62
C ILE CB 67 -0.76 -3.93 -123.40
N VAL CB 68 -1.61 -4.27 -124.36
CA VAL CB 68 -2.51 -3.31 -125.00
C VAL CB 68 -3.93 -3.79 -124.76
N ASN CB 69 -4.76 -2.91 -124.21
CA ASN CB 69 -6.13 -3.26 -123.82
C ASN CB 69 -7.11 -2.31 -124.49
N VAL CB 70 -8.18 -2.88 -125.04
CA VAL CB 70 -9.26 -2.09 -125.63
C VAL CB 70 -10.50 -2.34 -124.77
N SER CB 71 -10.90 -1.34 -124.01
CA SER CB 71 -12.03 -1.46 -123.10
C SER CB 71 -13.17 -0.56 -123.57
N SER CB 72 -14.38 -1.09 -123.52
CA SER CB 72 -15.57 -0.34 -123.84
C SER CB 72 -16.53 -0.39 -122.66
N SER CB 73 -17.23 0.72 -122.43
CA SER CB 73 -18.22 0.83 -121.36
C SER CB 73 -19.35 1.69 -121.93
N ILE CB 74 -20.44 1.05 -122.32
CA ILE CB 74 -21.51 1.70 -123.07
C ILE CB 74 -22.85 1.42 -122.39
N ARG CB 75 -23.71 2.44 -122.34
CA ARG CB 75 -25.03 2.32 -121.76
C ARG CB 75 -25.82 1.19 -122.41
N ALA CB 76 -26.57 0.47 -121.58
CA ALA CB 76 -27.41 -0.60 -122.10
C ALA CB 76 -28.44 -0.07 -123.09
N ASP CB 77 -29.01 1.11 -122.81
CA ASP CB 77 -30.01 1.70 -123.68
C ASP CB 77 -29.41 2.38 -124.90
N ALA CB 78 -28.08 2.49 -124.97
CA ALA CB 78 -27.45 3.23 -126.04
C ALA CB 78 -27.72 2.58 -127.39
N THR CB 79 -27.89 3.42 -128.40
CA THR CB 79 -28.26 2.95 -129.73
C THR CB 79 -27.08 2.28 -130.41
N ALA CB 80 -27.40 1.45 -131.42
CA ALA CB 80 -26.35 0.86 -132.23
C ALA CB 80 -25.56 1.91 -132.99
N ALA CB 81 -26.19 3.04 -133.31
CA ALA CB 81 -25.48 4.13 -133.97
C ALA CB 81 -24.43 4.73 -133.06
N ASP CB 82 -24.74 4.89 -131.77
CA ASP CB 82 -23.76 5.40 -130.84
C ASP CB 82 -22.55 4.48 -130.74
N LYS CB 83 -22.80 3.17 -130.66
CA LYS CB 83 -21.73 2.20 -130.56
C LYS CB 83 -20.90 2.15 -131.84
N THR CB 84 -21.56 2.22 -132.99
CA THR CB 84 -20.84 2.27 -134.26
C THR CB 84 -19.95 3.50 -134.33
N ALA CB 85 -20.48 4.65 -133.90
CA ALA CB 85 -19.69 5.87 -133.92
C ALA CB 85 -18.49 5.77 -132.98
N LEU CB 86 -18.69 5.22 -131.79
CA LEU CB 86 -17.58 5.09 -130.86
C LEU CB 86 -16.48 4.20 -131.43
N MET CB 87 -16.86 3.03 -131.96
CA MET CB 87 -15.84 2.14 -132.51
C MET CB 87 -15.16 2.75 -133.72
N ALA CB 88 -15.92 3.40 -134.61
CA ALA CB 88 -15.31 4.03 -135.78
C ALA CB 88 -14.34 5.12 -135.40
N ILE CB 89 -14.69 5.95 -134.40
CA ILE CB 89 -13.82 7.04 -134.00
C ILE CB 89 -12.54 6.48 -133.38
N ILE CB 90 -12.67 5.51 -132.48
CA ILE CB 90 -11.47 4.98 -131.84
C ILE CB 90 -10.59 4.26 -132.85
N THR CB 91 -11.20 3.59 -133.83
CA THR CB 91 -10.43 2.91 -134.86
C THR CB 91 -9.69 3.90 -135.75
N ALA CB 92 -10.36 4.99 -136.14
CA ALA CB 92 -9.69 6.01 -136.95
C ALA CB 92 -8.55 6.66 -136.19
N ALA CB 93 -8.75 6.91 -134.89
CA ALA CB 93 -7.68 7.48 -134.08
C ALA CB 93 -6.51 6.52 -133.94
N GLN CB 94 -6.78 5.22 -133.79
CA GLN CB 94 -5.72 4.24 -133.72
C GLN CB 94 -4.95 4.17 -135.03
N ALA CB 95 -5.66 4.26 -136.16
CA ALA CB 95 -5.00 4.25 -137.46
C ALA CB 95 -4.11 5.46 -137.67
N ASP CB 96 -4.42 6.58 -137.03
CA ASP CB 96 -3.60 7.77 -137.16
C ASP CB 96 -2.27 7.59 -136.44
N GLY CB 97 -1.25 8.28 -136.93
CA GLY CB 97 0.09 8.14 -136.37
C GLY CB 97 0.26 8.79 -135.01
N ALA CB 98 -0.68 9.65 -134.61
CA ALA CB 98 -0.60 10.23 -133.28
C ALA CB 98 -0.65 9.16 -132.21
N TRP CB 99 -1.52 8.15 -132.38
CA TRP CB 99 -1.54 7.03 -131.45
C TRP CB 99 -0.26 6.22 -131.56
N THR CB 100 0.26 6.06 -132.78
CA THR CB 100 1.47 5.28 -132.98
C THR CB 100 2.68 5.96 -132.34
N GLU CB 101 2.60 7.26 -132.07
CA GLU CB 101 3.63 7.95 -131.32
C GLU CB 101 3.34 7.96 -129.82
N LEU CB 102 2.08 8.17 -129.44
CA LEU CB 102 1.69 8.08 -128.03
C LEU CB 102 2.16 6.76 -127.44
N VAL CB 103 1.87 5.67 -128.11
CA VAL CB 103 2.54 4.42 -127.82
C VAL CB 103 3.89 4.45 -128.53
N THR CB 104 4.90 3.86 -127.91
CA THR CB 104 6.29 3.78 -128.37
C THR CB 104 7.11 5.06 -128.24
N ASP CB 105 6.49 6.20 -127.96
CA ASP CB 105 7.24 7.44 -127.80
C ASP CB 105 6.85 8.26 -126.60
N GLN CB 106 5.67 8.04 -126.01
CA GLN CB 106 5.11 8.91 -124.98
C GLN CB 106 5.03 10.34 -125.50
N ARG CB 107 4.54 10.46 -126.73
CA ARG CB 107 4.45 11.73 -127.43
C ARG CB 107 2.99 12.12 -127.58
N LEU CB 108 2.63 13.31 -127.09
CA LEU CB 108 1.29 13.84 -127.26
C LEU CB 108 1.13 14.45 -128.65
N PRO CB 109 -0.11 14.54 -129.15
CA PRO CB 109 -0.31 15.05 -130.51
C PRO CB 109 -0.31 16.57 -130.59
N LEU CB 110 0.65 17.20 -129.93
CA LEU CB 110 0.74 18.65 -129.90
C LEU CB 110 2.00 19.20 -130.52
N ALA CB 111 2.85 18.35 -131.10
CA ALA CB 111 4.03 18.83 -131.79
C ALA CB 111 3.65 19.74 -132.94
N THR CB 112 4.45 20.78 -133.15
CA THR CB 112 4.26 21.68 -134.28
C THR CB 112 4.97 21.22 -135.54
N VAL CB 113 5.69 20.10 -135.47
CA VAL CB 113 6.42 19.52 -136.60
C VAL CB 113 7.46 20.50 -137.14
N SER DB 1 -5.92 13.36 -133.35
CA SER DB 1 -5.46 14.68 -133.72
C SER DB 1 -6.51 15.46 -134.52
N LYS DB 2 -6.85 14.94 -135.69
CA LYS DB 2 -7.73 15.65 -136.62
C LYS DB 2 -8.87 14.72 -137.02
N VAL DB 3 -9.54 15.05 -138.12
CA VAL DB 3 -10.78 14.42 -138.53
C VAL DB 3 -10.74 12.91 -138.44
N PHE DB 4 -11.65 12.35 -137.64
CA PHE DB 4 -11.81 10.92 -137.47
C PHE DB 4 -13.29 10.60 -137.63
N ASN DB 5 -13.59 9.57 -138.41
CA ASN DB 5 -14.97 9.18 -138.69
C ASN DB 5 -15.77 10.36 -139.25
N THR DB 6 -15.14 11.10 -140.17
CA THR DB 6 -15.67 12.29 -140.84
C THR DB 6 -15.94 13.44 -139.87
N GLN DB 7 -15.61 13.30 -138.59
CA GLN DB 7 -15.84 14.34 -137.60
C GLN DB 7 -14.53 15.04 -137.28
N THR DB 8 -14.56 16.37 -137.30
CA THR DB 8 -13.38 17.18 -137.02
C THR DB 8 -13.25 17.38 -135.52
N PHE DB 9 -12.14 16.93 -134.96
CA PHE DB 9 -11.88 17.03 -133.53
C PHE DB 9 -10.87 18.15 -133.30
N ASP DB 10 -11.36 19.27 -132.79
CA ASP DB 10 -10.51 20.43 -132.51
C ASP DB 10 -10.15 20.43 -131.03
N ILE DB 11 -8.98 21.00 -130.72
CA ILE DB 11 -8.42 20.87 -129.39
C ILE DB 11 -9.34 21.52 -128.36
N TYR DB 12 -9.69 20.75 -127.33
CA TYR DB 12 -10.56 21.23 -126.26
C TYR DB 12 -9.81 21.60 -125.01
N SER DB 13 -8.73 20.90 -124.69
CA SER DB 13 -7.99 21.16 -123.47
C SER DB 13 -6.61 20.53 -123.58
N THR DB 14 -5.66 21.11 -122.86
CA THR DB 14 -4.30 20.56 -122.82
C THR DB 14 -3.84 20.51 -121.37
N GLU DB 15 -3.25 19.39 -120.98
CA GLU DB 15 -2.70 19.18 -119.66
C GLU DB 15 -1.23 18.81 -119.78
N LYS DB 16 -0.61 18.57 -118.63
CA LYS DB 16 0.76 18.06 -118.60
C LYS DB 16 0.88 16.76 -119.38
N ASP DB 17 -0.12 15.89 -119.28
CA ASP DB 17 -0.04 14.57 -119.88
C ASP DB 17 -1.32 14.18 -120.62
N VAL DB 18 -2.29 15.08 -120.73
CA VAL DB 18 -3.54 14.80 -121.41
C VAL DB 18 -3.79 15.88 -122.44
N VAL DB 19 -4.15 15.47 -123.65
CA VAL DB 19 -4.62 16.38 -124.69
C VAL DB 19 -6.01 15.91 -125.09
N SER DB 20 -6.99 16.80 -124.94
CA SER DB 20 -8.38 16.49 -125.21
C SER DB 20 -8.87 17.32 -126.39
N LEU DB 21 -9.49 16.66 -127.35
CA LEU DB 21 -10.07 17.30 -128.53
C LEU DB 21 -11.58 17.08 -128.51
N ARG DB 22 -12.29 18.05 -129.08
CA ARG DB 22 -13.74 17.99 -129.15
C ARG DB 22 -14.19 18.16 -130.59
N ASP DB 23 -15.33 17.55 -130.92
CA ASP DB 23 -15.92 17.78 -132.23
C ASP DB 23 -16.38 19.23 -132.37
N PHE DB 24 -17.09 19.74 -131.37
CA PHE DB 24 -17.65 21.10 -131.34
C PHE DB 24 -18.77 21.27 -132.35
N ALA DB 25 -19.00 20.27 -133.19
CA ALA DB 25 -20.13 20.25 -134.11
C ALA DB 25 -21.34 19.56 -133.51
N ASN DB 26 -21.21 18.29 -133.15
CA ASN DB 26 -22.22 17.60 -132.38
C ASN DB 26 -22.06 17.83 -130.88
N ASP DB 27 -20.94 18.41 -130.47
CA ASP DB 27 -20.70 18.81 -129.08
C ASP DB 27 -20.82 17.64 -128.11
N LYS DB 28 -20.57 16.42 -128.59
CA LYS DB 28 -20.81 15.25 -127.76
C LYS DB 28 -19.62 14.30 -127.65
N ASP DB 29 -18.62 14.40 -128.52
CA ASP DB 29 -17.52 13.45 -128.57
C ASP DB 29 -16.23 14.13 -128.15
N THR DB 30 -15.52 13.51 -127.21
CA THR DB 30 -14.23 14.02 -126.74
C THR DB 30 -13.19 12.91 -126.85
N LEU DB 31 -12.07 13.23 -127.47
CA LEU DB 31 -10.98 12.30 -127.69
C LEU DB 31 -9.78 12.73 -126.84
N ALA DB 32 -9.32 11.85 -125.96
CA ALA DB 32 -8.24 12.16 -125.05
C ALA DB 32 -7.03 11.29 -125.33
N TYR DB 33 -5.85 11.91 -125.37
CA TYR DB 33 -4.56 11.26 -125.47
C TYR DB 33 -3.82 11.49 -124.15
N LYS DB 34 -3.49 10.42 -123.44
CA LYS DB 34 -3.01 10.51 -122.08
C LYS DB 34 -1.72 9.72 -121.92
N ARG DB 35 -0.80 10.24 -121.11
CA ARG DB 35 0.60 9.82 -121.11
C ARG DB 35 1.10 9.60 -119.69
N LEU DB 36 1.84 8.51 -119.48
CA LEU DB 36 2.59 8.28 -118.23
C LEU DB 36 3.94 7.69 -118.58
N ALA DB 37 4.98 8.52 -118.53
CA ALA DB 37 6.32 8.02 -118.78
C ALA DB 37 6.70 6.98 -117.73
N PRO DB 38 7.52 6.00 -118.08
CA PRO DB 38 7.90 4.96 -117.12
C PRO DB 38 8.70 5.51 -115.96
N LYS DB 39 8.53 4.91 -114.79
CA LYS DB 39 9.27 5.27 -113.59
C LYS DB 39 10.17 4.11 -113.21
N ARG DB 40 11.45 4.41 -112.98
CA ARG DB 40 12.45 3.39 -112.67
C ARG DB 40 12.49 3.18 -111.16
N THR DB 41 11.39 2.61 -110.64
CA THR DB 41 11.28 2.39 -109.21
C THR DB 41 12.15 1.24 -108.72
N LYS DB 42 12.66 0.41 -109.62
CA LYS DB 42 13.53 -0.69 -109.27
C LYS DB 42 14.50 -0.90 -110.43
N ASP DB 43 15.13 -2.07 -110.47
CA ASP DB 43 16.02 -2.43 -111.56
C ASP DB 43 15.29 -2.37 -112.89
N SER DB 44 13.99 -2.63 -112.87
CA SER DB 44 13.19 -2.48 -114.07
C SER DB 44 13.15 -1.01 -114.47
N PRO DB 45 13.15 -0.71 -115.78
CA PRO DB 45 13.02 0.69 -116.21
C PRO DB 45 11.62 1.23 -116.08
N GLY DB 46 10.68 0.44 -115.56
CA GLY DB 46 9.31 0.86 -115.43
C GLY DB 46 8.48 0.58 -116.66
N MET DB 47 7.19 0.86 -116.55
CA MET DB 47 6.24 0.67 -117.63
C MET DB 47 5.81 2.02 -118.18
N ALA DB 48 5.86 2.17 -119.50
CA ALA DB 48 5.36 3.36 -120.18
C ALA DB 48 3.88 3.15 -120.45
N LYS DB 49 3.05 4.00 -119.85
CA LYS DB 49 1.60 3.92 -120.02
C LYS DB 49 1.15 4.93 -121.07
N SER DB 50 0.27 4.51 -121.95
CA SER DB 50 -0.45 5.44 -122.80
C SER DB 50 -1.94 5.14 -122.70
N GLU DB 51 -2.75 6.12 -123.10
CA GLU DB 51 -4.18 5.93 -123.11
C GLU DB 51 -4.76 6.74 -124.26
N LEU DB 52 -5.68 6.13 -125.01
CA LEU DB 52 -6.40 6.82 -126.07
C LEU DB 52 -7.87 6.51 -125.87
N LYS DB 53 -8.64 7.49 -125.41
CA LYS DB 53 -10.03 7.23 -125.05
C LYS DB 53 -10.96 8.16 -125.79
N ILE DB 54 -12.12 7.62 -126.16
CA ILE DB 54 -13.18 8.40 -126.79
C ILE DB 54 -14.40 8.34 -125.87
N THR DB 55 -14.98 9.49 -125.60
CA THR DB 55 -16.13 9.61 -124.72
C THR DB 55 -17.26 10.28 -125.45
N ARG DB 56 -18.45 9.71 -125.36
CA ARG DB 56 -19.64 10.31 -125.88
C ARG DB 56 -20.59 10.62 -124.74
N VAL DB 57 -20.99 11.87 -124.62
CA VAL DB 57 -22.06 12.30 -123.72
C VAL DB 57 -23.01 13.16 -124.53
N ASP DB 58 -24.30 12.96 -124.33
CA ASP DB 58 -25.25 13.75 -125.08
C ASP DB 58 -25.33 15.13 -124.45
N PRO DB 59 -25.11 16.21 -125.20
CA PRO DB 59 -24.89 17.51 -124.56
C PRO DB 59 -26.15 18.30 -124.26
N THR DB 60 -27.20 17.67 -123.78
CA THR DB 60 -28.32 18.43 -123.23
C THR DB 60 -28.57 18.01 -121.79
N THR DB 61 -28.66 16.70 -121.54
CA THR DB 61 -28.78 16.19 -120.20
C THR DB 61 -27.47 15.66 -119.65
N GLY DB 62 -26.44 15.54 -120.48
CA GLY DB 62 -25.13 15.17 -120.00
C GLY DB 62 -25.02 13.79 -119.37
N VAL DB 63 -25.73 12.81 -119.91
CA VAL DB 63 -25.57 11.43 -119.46
C VAL DB 63 -24.57 10.73 -120.37
N LEU DB 64 -23.64 10.01 -119.76
CA LEU DB 64 -22.62 9.29 -120.50
C LEU DB 64 -23.25 8.20 -121.34
N ILE DB 65 -23.03 8.24 -122.65
CA ILE DB 65 -23.54 7.18 -123.51
C ILE DB 65 -22.55 6.03 -123.61
N GLY DB 66 -21.26 6.32 -123.72
CA GLY DB 66 -20.27 5.25 -123.75
C GLY DB 66 -18.86 5.78 -123.82
N ILE DB 67 -17.93 4.91 -123.43
CA ILE DB 67 -16.50 5.15 -123.51
C ILE DB 67 -15.84 3.95 -124.15
N VAL DB 68 -14.96 4.19 -125.12
CA VAL DB 68 -14.07 3.18 -125.65
C VAL DB 68 -12.64 3.64 -125.38
N ASN DB 69 -11.86 2.76 -124.77
CA ASN DB 69 -10.55 3.11 -124.24
C ASN DB 69 -9.48 2.19 -124.82
N VAL DB 70 -8.37 2.77 -125.25
CA VAL DB 70 -7.21 2.01 -125.72
C VAL DB 70 -6.05 2.37 -124.80
N SER DB 71 -5.66 1.43 -123.95
CA SER DB 71 -4.58 1.63 -123.00
C SER DB 71 -3.41 0.72 -123.32
N SER DB 72 -2.20 1.24 -123.15
CA SER DB 72 -0.99 0.46 -123.34
C SER DB 72 -0.14 0.53 -122.09
N SER DB 73 0.44 -0.60 -121.72
CA SER DB 73 1.37 -0.69 -120.59
C SER DB 73 2.53 -1.55 -121.09
N ILE DB 74 3.57 -0.89 -121.57
CA ILE DB 74 4.71 -1.56 -122.20
C ILE DB 74 5.96 -1.22 -121.41
N ARG DB 75 6.84 -2.22 -121.23
CA ARG DB 75 8.11 -1.99 -120.56
C ARG DB 75 8.89 -0.90 -121.28
N ALA DB 76 9.59 -0.06 -120.50
CA ALA DB 76 10.35 1.03 -121.08
C ALA DB 76 11.43 0.51 -122.01
N ASP DB 77 12.10 -0.58 -121.64
CA ASP DB 77 13.13 -1.16 -122.47
C ASP DB 77 12.60 -2.01 -123.60
N ALA DB 78 11.29 -2.26 -123.64
CA ALA DB 78 10.73 -3.19 -124.62
C ALA DB 78 11.02 -2.71 -126.04
N THR DB 79 11.47 -3.65 -126.86
CA THR DB 79 11.91 -3.33 -128.21
C THR DB 79 10.74 -2.85 -129.05
N ALA DB 80 11.06 -2.08 -130.10
CA ALA DB 80 10.04 -1.65 -131.04
C ALA DB 80 9.38 -2.83 -131.73
N ALA DB 81 10.06 -3.98 -131.77
CA ALA DB 81 9.44 -5.17 -132.34
C ALA DB 81 8.24 -5.62 -131.52
N ASP DB 82 8.41 -5.74 -130.21
CA ASP DB 82 7.30 -6.12 -129.34
C ASP DB 82 6.18 -5.08 -129.40
N LYS DB 83 6.56 -3.81 -129.43
CA LYS DB 83 5.61 -2.71 -129.45
C LYS DB 83 4.77 -2.72 -130.73
N THR DB 84 5.42 -2.89 -131.87
CA THR DB 84 4.71 -2.97 -133.14
C THR DB 84 3.86 -4.23 -133.22
N ALA DB 85 4.36 -5.34 -132.68
CA ALA DB 85 3.58 -6.58 -132.69
C ALA DB 85 2.33 -6.43 -131.85
N LEU DB 86 2.45 -5.78 -130.69
CA LEU DB 86 1.30 -5.53 -129.84
C LEU DB 86 0.27 -4.68 -130.57
N MET DB 87 0.71 -3.59 -131.20
CA MET DB 87 -0.23 -2.77 -131.96
C MET DB 87 -0.87 -3.57 -133.08
N ALA DB 88 -0.09 -4.34 -133.82
CA ALA DB 88 -0.62 -5.07 -134.96
C ALA DB 88 -1.65 -6.09 -134.53
N ILE DB 89 -1.36 -6.85 -133.47
CA ILE DB 89 -2.30 -7.84 -132.99
C ILE DB 89 -3.58 -7.19 -132.51
N ILE DB 90 -3.47 -6.10 -131.73
CA ILE DB 90 -4.69 -5.52 -131.19
C ILE DB 90 -5.53 -4.88 -132.28
N THR DB 91 -4.89 -4.25 -133.26
CA THR DB 91 -5.65 -3.64 -134.36
C THR DB 91 -6.29 -4.70 -135.24
N ALA DB 92 -5.59 -5.81 -135.49
CA ALA DB 92 -6.17 -6.90 -136.25
C ALA DB 92 -7.36 -7.49 -135.51
N ALA DB 93 -7.24 -7.66 -134.19
CA ALA DB 93 -8.35 -8.17 -133.40
C ALA DB 93 -9.55 -7.21 -133.45
N GLN DB 94 -9.29 -5.91 -133.34
CA GLN DB 94 -10.38 -4.94 -133.39
C GLN DB 94 -11.08 -4.95 -134.75
N ALA DB 95 -10.32 -5.01 -135.83
CA ALA DB 95 -10.91 -5.06 -137.16
C ALA DB 95 -11.76 -6.31 -137.36
N ASP DB 96 -11.40 -7.40 -136.70
CA ASP DB 96 -12.16 -8.64 -136.79
C ASP DB 96 -13.50 -8.49 -136.10
N GLY DB 97 -14.49 -9.25 -136.58
CA GLY DB 97 -15.86 -9.10 -136.11
C GLY DB 97 -16.11 -9.57 -134.69
N ALA DB 98 -15.19 -10.33 -134.11
CA ALA DB 98 -15.36 -10.77 -132.73
C ALA DB 98 -15.41 -9.59 -131.78
N TRP DB 99 -14.54 -8.60 -131.97
CA TRP DB 99 -14.61 -7.38 -131.15
C TRP DB 99 -15.89 -6.61 -131.41
N THR DB 100 -16.30 -6.53 -132.69
CA THR DB 100 -17.52 -5.80 -133.04
C THR DB 100 -18.74 -6.43 -132.39
N GLU DB 101 -18.72 -7.74 -132.17
CA GLU DB 101 -19.82 -8.42 -131.50
C GLU DB 101 -19.70 -8.35 -129.98
N LEU DB 102 -18.49 -8.44 -129.45
CA LEU DB 102 -18.27 -8.28 -128.02
C LEU DB 102 -18.80 -6.94 -127.54
N VAL DB 103 -18.49 -5.88 -128.28
CA VAL DB 103 -19.25 -4.65 -128.15
C VAL DB 103 -20.58 -4.84 -128.88
N THR DB 104 -21.62 -4.17 -128.41
CA THR DB 104 -22.95 -4.19 -129.03
C THR DB 104 -23.69 -5.52 -128.85
N ASP DB 105 -23.01 -6.56 -128.35
CA ASP DB 105 -23.72 -7.81 -128.07
C ASP DB 105 -23.31 -8.48 -126.78
N GLN DB 106 -22.17 -8.13 -126.19
CA GLN DB 106 -21.57 -8.89 -125.11
C GLN DB 106 -21.43 -10.36 -125.49
N ARG DB 107 -21.02 -10.59 -126.73
CA ARG DB 107 -20.88 -11.93 -127.29
C ARG DB 107 -19.42 -12.35 -127.28
N LEU DB 108 -19.11 -13.39 -126.52
CA LEU DB 108 -17.76 -13.92 -126.48
C LEU DB 108 -17.47 -14.75 -127.72
N PRO DB 109 -16.22 -14.78 -128.17
CA PRO DB 109 -15.87 -15.60 -129.34
C PRO DB 109 -15.87 -17.07 -129.00
N LEU DB 110 -17.04 -17.64 -128.81
CA LEU DB 110 -17.18 -19.07 -128.58
C LEU DB 110 -18.38 -19.69 -129.30
N ALA DB 111 -19.07 -18.93 -130.14
CA ALA DB 111 -20.24 -19.46 -130.84
C ALA DB 111 -19.82 -20.46 -131.91
N THR DB 112 -20.60 -21.52 -132.04
CA THR DB 112 -20.34 -22.56 -133.02
C THR DB 112 -20.89 -22.23 -134.41
N VAL DB 113 -21.62 -21.12 -134.54
CA VAL DB 113 -22.22 -20.68 -135.80
C VAL DB 113 -23.19 -21.74 -136.34
N SER EB 1 36.27 37.89 -122.24
CA SER EB 1 37.68 38.26 -122.28
C SER EB 1 37.86 39.73 -122.66
N LYS EB 2 37.28 40.12 -123.78
CA LYS EB 2 37.48 41.46 -124.33
C LYS EB 2 36.14 41.97 -124.83
N VAL EB 3 36.17 43.02 -125.65
CA VAL EB 3 35.01 43.82 -126.04
C VAL EB 3 33.81 42.96 -126.42
N PHE EB 4 32.71 43.15 -125.69
CA PHE EB 4 31.44 42.48 -125.94
C PHE EB 4 30.36 43.55 -126.01
N ASN EB 5 29.51 43.46 -127.02
CA ASN EB 5 28.41 44.43 -127.17
C ASN EB 5 28.94 45.85 -127.24
N THR EB 6 30.07 46.03 -127.93
CA THR EB 6 30.79 47.28 -128.11
C THR EB 6 31.30 47.85 -126.79
N GLN EB 7 31.18 47.14 -125.68
CA GLN EB 7 31.70 47.60 -124.41
C GLN EB 7 33.01 46.87 -124.11
N THR EB 8 33.98 47.60 -123.60
CA THR EB 8 35.28 47.03 -123.28
C THR EB 8 35.23 46.47 -121.86
N PHE EB 9 35.52 45.19 -121.73
CA PHE EB 9 35.57 44.53 -120.44
C PHE EB 9 37.02 44.24 -120.12
N ASP EB 10 37.55 44.91 -119.10
CA ASP EB 10 38.90 44.68 -118.62
C ASP EB 10 38.85 43.87 -117.34
N ILE EB 11 39.90 43.09 -117.11
CA ILE EB 11 39.90 42.21 -115.94
C ILE EB 11 39.85 43.06 -114.68
N TYR EB 12 38.84 42.82 -113.85
CA TYR EB 12 38.72 43.50 -112.57
C TYR EB 12 39.40 42.75 -111.44
N SER EB 13 39.32 41.42 -111.45
CA SER EB 13 39.92 40.64 -110.39
C SER EB 13 40.15 39.23 -110.87
N THR EB 14 41.19 38.61 -110.35
CA THR EB 14 41.50 37.23 -110.69
C THR EB 14 41.53 36.41 -109.42
N GLU EB 15 40.83 35.29 -109.44
CA GLU EB 15 40.74 34.39 -108.30
C GLU EB 15 41.24 33.01 -108.73
N LYS EB 16 41.34 32.10 -107.76
CA LYS EB 16 41.73 30.73 -108.04
C LYS EB 16 40.84 30.10 -109.10
N ASP EB 17 39.52 30.19 -108.92
CA ASP EB 17 38.56 29.60 -109.84
C ASP EB 17 37.59 30.62 -110.42
N VAL EB 18 37.84 31.92 -110.22
CA VAL EB 18 36.96 32.96 -110.73
C VAL EB 18 37.82 34.03 -111.40
N VAL EB 19 37.34 34.54 -112.54
CA VAL EB 19 37.92 35.69 -113.20
C VAL EB 19 36.78 36.68 -113.45
N SER EB 20 36.96 37.91 -113.02
CA SER EB 20 35.92 38.93 -113.13
C SER EB 20 36.42 40.10 -113.93
N LEU EB 21 35.66 40.48 -114.95
CA LEU EB 21 35.94 41.61 -115.82
C LEU EB 21 34.90 42.69 -115.59
N ARG EB 22 35.35 43.94 -115.62
CA ARG EB 22 34.48 45.08 -115.41
C ARG EB 22 34.56 45.98 -116.64
N ASP EB 23 33.42 46.58 -116.99
CA ASP EB 23 33.40 47.51 -118.11
C ASP EB 23 34.29 48.72 -117.84
N PHE EB 24 34.20 49.28 -116.63
CA PHE EB 24 35.02 50.40 -116.17
C PHE EB 24 34.68 51.70 -116.90
N ALA EB 25 33.79 51.63 -117.88
CA ALA EB 25 33.29 52.82 -118.56
C ALA EB 25 31.91 53.21 -118.05
N ASN EB 26 30.96 52.29 -118.11
CA ASN EB 26 29.66 52.50 -117.49
C ASN EB 26 29.65 52.12 -116.01
N ASP EB 27 30.65 51.37 -115.56
CA ASP EB 27 30.81 51.00 -114.16
C ASP EB 27 29.57 50.31 -113.59
N LYS EB 28 28.86 49.56 -114.43
CA LYS EB 28 27.67 48.87 -114.00
C LYS EB 28 27.61 47.42 -114.45
N ASP EB 29 28.45 46.99 -115.37
CA ASP EB 29 28.43 45.64 -115.91
C ASP EB 29 29.64 44.86 -115.44
N THR EB 30 29.42 43.65 -114.92
CA THR EB 30 30.48 42.76 -114.49
C THR EB 30 30.28 41.39 -115.11
N LEU EB 31 31.32 40.86 -115.74
CA LEU EB 31 31.29 39.54 -116.36
C LEU EB 31 32.17 38.60 -115.55
N ALA EB 32 31.60 37.52 -115.05
CA ALA EB 32 32.30 36.57 -114.19
C ALA EB 32 32.38 35.21 -114.86
N TYR EB 33 33.59 34.67 -114.95
CA TYR EB 33 33.86 33.30 -115.35
C TYR EB 33 34.18 32.52 -114.07
N LYS EB 34 33.36 31.52 -113.76
CA LYS EB 34 33.54 30.72 -112.56
C LYS EB 34 33.73 29.26 -112.94
N ARG EB 35 34.61 28.61 -112.20
CA ARG EB 35 35.07 27.26 -112.49
C ARG EB 35 34.78 26.38 -111.29
N LEU EB 36 34.54 25.09 -111.54
CA LEU EB 36 34.37 24.13 -110.45
C LEU EB 36 34.70 22.75 -110.97
N ALA EB 37 35.78 22.16 -110.49
CA ALA EB 37 36.23 20.87 -110.98
C ALA EB 37 35.28 19.76 -110.56
N PRO EB 38 35.12 18.72 -111.39
CA PRO EB 38 34.28 17.58 -110.99
C PRO EB 38 34.91 16.82 -109.83
N LYS EB 39 34.07 16.33 -108.93
CA LYS EB 39 34.52 15.58 -107.78
C LYS EB 39 34.12 14.11 -107.92
N ARG EB 40 35.11 13.22 -107.80
CA ARG EB 40 34.86 11.79 -107.87
C ARG EB 40 34.44 11.31 -106.48
N THR EB 41 33.28 11.81 -106.04
CA THR EB 41 32.75 11.44 -104.73
C THR EB 41 32.27 10.00 -104.70
N LYS EB 42 32.23 9.35 -105.85
CA LYS EB 42 31.75 7.97 -105.99
C LYS EB 42 32.44 7.38 -107.21
N ASP EB 43 31.89 6.27 -107.69
CA ASP EB 43 32.38 5.66 -108.93
C ASP EB 43 32.34 6.68 -110.06
N SER EB 44 31.30 7.51 -110.09
CA SER EB 44 31.17 8.52 -111.12
C SER EB 44 32.31 9.53 -111.02
N PRO EB 45 32.84 10.02 -112.15
CA PRO EB 45 33.96 10.98 -112.09
C PRO EB 45 33.54 12.38 -111.68
N GLY EB 46 32.25 12.62 -111.46
CA GLY EB 46 31.77 13.91 -111.02
C GLY EB 46 31.34 14.82 -112.16
N MET EB 47 30.76 15.96 -111.79
CA MET EB 47 30.20 16.91 -112.73
C MET EB 47 31.04 18.18 -112.72
N ALA EB 48 31.52 18.58 -113.89
CA ALA EB 48 32.35 19.77 -114.02
C ALA EB 48 31.46 20.99 -114.21
N LYS EB 49 31.47 21.89 -113.24
CA LYS EB 49 30.62 23.09 -113.28
C LYS EB 49 31.36 24.25 -113.91
N SER EB 50 30.70 24.91 -114.83
CA SER EB 50 31.16 26.17 -115.39
C SER EB 50 30.09 27.23 -115.15
N GLU EB 51 30.52 28.49 -115.17
CA GLU EB 51 29.56 29.57 -115.01
C GLU EB 51 30.05 30.80 -115.76
N LEU EB 52 29.17 31.40 -116.55
CA LEU EB 52 29.45 32.64 -117.23
C LEU EB 52 28.29 33.58 -116.97
N LYS EB 53 28.51 34.59 -116.14
CA LYS EB 53 27.40 35.45 -115.74
C LYS EB 53 27.73 36.90 -116.01
N ILE EB 54 26.70 37.66 -116.38
CA ILE EB 54 26.79 39.11 -116.53
C ILE EB 54 25.83 39.73 -115.53
N THR EB 55 26.32 40.66 -114.73
CA THR EB 55 25.55 41.31 -113.69
C THR EB 55 25.58 42.81 -113.93
N ARG EB 56 24.41 43.43 -113.92
CA ARG EB 56 24.28 44.86 -114.06
C ARG EB 56 23.77 45.44 -112.74
N VAL EB 57 24.52 46.37 -112.18
CA VAL EB 57 24.15 47.06 -110.95
C VAL EB 57 24.17 48.56 -111.22
N ASP EB 58 23.12 49.24 -110.79
CA ASP EB 58 23.04 50.66 -111.07
C ASP EB 58 24.10 51.42 -110.29
N PRO EB 59 25.04 52.11 -110.95
CA PRO EB 59 26.18 52.67 -110.23
C PRO EB 59 25.98 54.06 -109.65
N THR EB 60 24.83 54.32 -109.03
CA THR EB 60 24.70 55.54 -108.23
C THR EB 60 24.15 55.20 -106.85
N THR EB 61 23.24 54.22 -106.78
CA THR EB 61 22.75 53.72 -105.50
C THR EB 61 23.01 52.23 -105.29
N GLY EB 62 23.34 51.49 -106.35
CA GLY EB 62 23.69 50.09 -106.20
C GLY EB 62 22.54 49.13 -106.24
N VAL EB 63 21.56 49.35 -107.10
CA VAL EB 63 20.42 48.46 -107.24
C VAL EB 63 20.65 47.52 -108.41
N LEU EB 64 20.54 46.22 -108.15
CA LEU EB 64 20.78 45.19 -109.17
C LEU EB 64 19.69 45.26 -110.23
N ILE EB 65 20.06 45.69 -111.44
CA ILE EB 65 19.11 45.73 -112.53
C ILE EB 65 18.76 44.33 -113.01
N GLY EB 66 19.75 43.49 -113.24
CA GLY EB 66 19.48 42.17 -113.76
C GLY EB 66 20.73 41.32 -113.81
N ILE EB 67 20.51 40.03 -113.95
CA ILE EB 67 21.57 39.04 -114.10
C ILE EB 67 21.16 38.05 -115.19
N VAL EB 68 22.06 37.80 -116.13
CA VAL EB 68 21.95 36.68 -117.05
C VAL EB 68 23.13 35.77 -116.80
N ASN EB 69 22.85 34.52 -116.44
CA ASN EB 69 23.88 33.57 -116.07
C ASN EB 69 23.78 32.34 -116.96
N VAL EB 70 24.92 31.85 -117.42
CA VAL EB 70 25.01 30.61 -118.18
C VAL EB 70 25.83 29.63 -117.36
N SER EB 71 25.20 28.56 -116.90
CA SER EB 71 25.85 27.57 -116.07
C SER EB 71 25.85 26.23 -116.79
N SER EB 72 26.92 25.46 -116.62
CA SER EB 72 27.04 24.14 -117.19
C SER EB 72 27.32 23.13 -116.08
N SER EB 73 26.72 21.96 -116.21
CA SER EB 73 26.99 20.85 -115.30
C SER EB 73 27.10 19.61 -116.20
N ILE EB 74 28.32 19.31 -116.63
CA ILE EB 74 28.57 18.24 -117.58
C ILE EB 74 29.40 17.16 -116.87
N ARG EB 75 29.06 15.91 -117.14
CA ARG EB 75 29.81 14.78 -116.62
C ARG EB 75 31.28 14.92 -116.97
N ALA EB 76 32.14 14.60 -115.99
CA ALA EB 76 33.58 14.64 -116.23
C ALA EB 76 33.99 13.70 -117.35
N ASP EB 77 33.23 12.62 -117.56
CA ASP EB 77 33.54 11.65 -118.60
C ASP EB 77 32.85 11.95 -119.92
N ALA EB 78 32.00 12.98 -119.98
CA ALA EB 78 31.23 13.24 -121.18
C ALA EB 78 32.13 13.58 -122.35
N THR EB 79 31.75 13.10 -123.53
CA THR EB 79 32.57 13.26 -124.71
C THR EB 79 32.55 14.72 -125.17
N ALA EB 80 33.58 15.09 -125.93
CA ALA EB 80 33.62 16.42 -126.52
C ALA EB 80 32.46 16.62 -127.49
N ALA EB 81 31.99 15.53 -128.11
CA ALA EB 81 30.80 15.63 -128.96
C ALA EB 81 29.58 16.04 -128.15
N ASP EB 82 29.40 15.44 -126.97
CA ASP EB 82 28.29 15.83 -126.11
C ASP EB 82 28.37 17.30 -125.72
N LYS EB 83 29.58 17.76 -125.35
CA LYS EB 83 29.73 19.13 -124.90
C LYS EB 83 29.50 20.11 -126.05
N THR EB 84 30.01 19.79 -127.23
CA THR EB 84 29.78 20.64 -128.39
C THR EB 84 28.29 20.67 -128.75
N ALA EB 85 27.62 19.52 -128.68
CA ALA EB 85 26.18 19.48 -128.96
C ALA EB 85 25.40 20.31 -127.96
N LEU EB 86 25.74 20.22 -126.69
CA LEU EB 86 25.04 20.99 -125.67
C LEU EB 86 25.22 22.48 -125.90
N MET EB 87 26.46 22.91 -126.14
CA MET EB 87 26.72 24.32 -126.38
C MET EB 87 26.02 24.80 -127.65
N ALA EB 88 26.02 23.99 -128.70
CA ALA EB 88 25.41 24.39 -129.96
C ALA EB 88 23.89 24.50 -129.83
N ILE EB 89 23.26 23.54 -129.16
CA ILE EB 89 21.81 23.59 -128.97
C ILE EB 89 21.44 24.81 -128.15
N ILE EB 90 22.15 25.05 -127.04
CA ILE EB 90 21.76 26.18 -126.21
C ILE EB 90 22.02 27.50 -126.93
N THR EB 91 23.10 27.60 -127.71
CA THR EB 91 23.37 28.83 -128.44
C THR EB 91 22.32 29.07 -129.52
N ALA EB 92 21.91 28.01 -130.22
CA ALA EB 92 20.86 28.14 -131.23
C ALA EB 92 19.53 28.55 -130.59
N ALA EB 93 19.21 27.98 -129.42
CA ALA EB 93 17.99 28.36 -128.74
C ALA EB 93 18.02 29.82 -128.30
N GLN EB 94 19.17 30.28 -127.79
CA GLN EB 94 19.29 31.69 -127.43
C GLN EB 94 19.15 32.59 -128.65
N ALA EB 95 19.73 32.18 -129.78
CA ALA EB 95 19.57 32.94 -131.01
C ALA EB 95 18.13 32.93 -131.51
N ASP EB 96 17.34 31.93 -131.11
CA ASP EB 96 15.93 31.90 -131.46
C ASP EB 96 15.19 33.01 -130.72
N GLY EB 97 14.06 33.43 -131.29
CA GLY EB 97 13.28 34.51 -130.71
C GLY EB 97 12.49 34.10 -129.49
N ALA EB 98 12.29 32.80 -129.28
CA ALA EB 98 11.56 32.34 -128.10
C ALA EB 98 12.28 32.77 -126.83
N TRP EB 99 13.62 32.73 -126.84
CA TRP EB 99 14.37 33.22 -125.70
C TRP EB 99 14.23 34.73 -125.54
N THR EB 100 14.26 35.46 -126.66
CA THR EB 100 14.13 36.90 -126.60
C THR EB 100 12.75 37.32 -126.13
N GLU EB 101 11.77 36.43 -126.21
CA GLU EB 101 10.46 36.67 -125.63
C GLU EB 101 10.36 36.24 -124.19
N LEU EB 102 10.90 35.07 -123.84
CA LEU EB 102 10.94 34.61 -122.46
C LEU EB 102 11.60 35.64 -121.57
N VAL EB 103 12.75 36.14 -121.98
CA VAL EB 103 13.29 37.36 -121.41
C VAL EB 103 12.55 38.53 -122.02
N THR EB 104 12.30 39.56 -121.22
CA THR EB 104 11.64 40.81 -121.63
C THR EB 104 10.14 40.66 -121.82
N ASP EB 105 9.59 39.46 -121.82
CA ASP EB 105 8.14 39.34 -121.87
C ASP EB 105 7.57 38.24 -121.00
N GLN EB 106 8.37 37.28 -120.54
CA GLN EB 106 7.87 36.08 -119.87
C GLN EB 106 6.86 35.35 -120.75
N ARG EB 107 7.15 35.30 -122.04
CA ARG EB 107 6.27 34.67 -123.02
C ARG EB 107 6.82 33.28 -123.34
N LEU EB 108 6.06 32.30 -123.03
CA LEU EB 108 6.44 30.92 -123.30
C LEU EB 108 6.15 30.56 -124.75
N PRO EB 109 6.89 29.60 -125.31
CA PRO EB 109 6.62 29.18 -126.68
C PRO EB 109 5.38 28.30 -126.78
N LEU EB 110 4.23 28.87 -126.45
CA LEU EB 110 2.97 28.16 -126.58
C LEU EB 110 1.85 29.01 -127.18
N ALA EB 111 2.09 30.30 -127.40
CA ALA EB 111 1.08 31.15 -128.04
C ALA EB 111 0.84 30.69 -129.47
N THR EB 112 -0.41 30.80 -129.91
CA THR EB 112 -0.80 30.37 -131.25
C THR EB 112 -0.54 31.43 -132.31
N VAL EB 113 -0.10 32.63 -131.92
CA VAL EB 113 0.18 33.73 -132.84
C VAL EB 113 -1.06 34.13 -133.64
N SER FB 1 54.69 -52.37 -109.65
CA SER FB 1 56.13 -52.61 -109.64
C SER FB 1 56.82 -51.74 -110.70
N LYS FB 2 56.47 -51.97 -111.96
CA LYS FB 2 57.07 -51.27 -113.08
C LYS FB 2 55.96 -50.92 -114.07
N VAL FB 3 56.35 -50.64 -115.32
CA VAL FB 3 55.47 -50.06 -116.34
C VAL FB 3 54.16 -50.83 -116.46
N PHE FB 4 53.06 -50.14 -116.17
CA PHE FB 4 51.71 -50.67 -116.29
C PHE FB 4 50.88 -49.70 -117.11
N ASN FB 5 50.18 -50.22 -118.11
CA ASN FB 5 49.31 -49.42 -118.96
C ASN FB 5 50.08 -48.20 -119.49
N THR FB 6 51.24 -48.47 -120.10
CA THR FB 6 52.13 -47.49 -120.71
C THR FB 6 52.59 -46.41 -119.75
N GLN FB 7 52.54 -46.63 -118.44
CA GLN FB 7 53.01 -45.66 -117.46
C GLN FB 7 54.03 -46.31 -116.54
N THR FB 8 55.11 -45.58 -116.26
CA THR FB 8 56.20 -46.08 -115.44
C THR FB 8 55.95 -45.71 -113.99
N PHE FB 9 55.74 -46.73 -113.15
CA PHE FB 9 55.50 -46.52 -111.73
C PHE FB 9 56.79 -46.81 -111.00
N ASP FB 10 57.35 -45.78 -110.37
CA ASP FB 10 58.58 -45.87 -109.61
C ASP FB 10 58.29 -45.73 -108.13
N ILE FB 11 59.12 -46.37 -107.31
CA ILE FB 11 58.89 -46.39 -105.87
C ILE FB 11 58.96 -44.97 -105.34
N TYR FB 12 57.91 -44.55 -104.66
CA TYR FB 12 57.92 -43.30 -103.91
C TYR FB 12 58.17 -43.48 -102.44
N SER FB 13 57.63 -44.53 -101.84
CA SER FB 13 57.70 -44.65 -100.40
C SER FB 13 57.66 -46.11 -100.00
N THR FB 14 58.41 -46.45 -98.94
CA THR FB 14 58.44 -47.80 -98.43
C THR FB 14 58.24 -47.77 -96.93
N GLU FB 15 57.23 -48.49 -96.47
CA GLU FB 15 56.94 -48.65 -95.05
C GLU FB 15 57.26 -50.07 -94.62
N LYS FB 16 56.91 -50.37 -93.38
CA LYS FB 16 57.03 -51.74 -92.91
C LYS FB 16 56.14 -52.67 -93.70
N ASP FB 17 54.92 -52.21 -94.03
CA ASP FB 17 53.95 -53.08 -94.68
C ASP FB 17 53.28 -52.43 -95.89
N VAL FB 18 53.74 -51.27 -96.34
CA VAL FB 18 53.20 -50.63 -97.53
C VAL FB 18 54.34 -50.22 -98.44
N VAL FB 19 54.15 -50.41 -99.73
CA VAL FB 19 55.01 -49.83 -100.76
C VAL FB 19 54.12 -48.96 -101.65
N SER FB 20 54.51 -47.72 -101.85
CA SER FB 20 53.79 -46.79 -102.71
C SER FB 20 54.67 -46.38 -103.89
N LEU FB 21 54.10 -46.42 -105.09
CA LEU FB 21 54.76 -46.05 -106.33
C LEU FB 21 53.95 -44.96 -107.00
N ARG FB 22 54.64 -44.06 -107.70
CA ARG FB 22 54.00 -43.00 -108.46
C ARG FB 22 54.50 -43.03 -109.90
N ASP FB 23 53.70 -42.45 -110.80
CA ASP FB 23 54.11 -42.33 -112.19
C ASP FB 23 55.27 -41.34 -112.33
N PHE FB 24 55.19 -40.19 -111.66
CA PHE FB 24 56.18 -39.13 -111.72
C PHE FB 24 56.21 -38.48 -113.10
N ALA FB 25 55.41 -39.01 -114.03
CA ALA FB 25 55.24 -38.43 -115.35
C ALA FB 25 53.96 -37.61 -115.45
N ASN FB 26 52.81 -38.23 -115.17
CA ASN FB 26 51.57 -37.49 -115.07
C ASN FB 26 51.29 -36.99 -113.66
N ASP FB 27 52.03 -37.47 -112.67
CA ASP FB 27 51.93 -37.00 -111.29
C ASP FB 27 50.51 -37.07 -110.75
N LYS FB 28 49.77 -38.09 -111.16
CA LYS FB 28 48.39 -38.23 -110.73
C LYS FB 28 48.05 -39.63 -110.23
N ASP FB 29 48.87 -40.64 -110.52
CA ASP FB 29 48.57 -42.02 -110.16
C ASP FB 29 49.51 -42.50 -109.07
N THR FB 30 48.94 -43.13 -108.05
CA THR FB 30 49.70 -43.78 -107.00
C THR FB 30 49.21 -45.21 -106.87
N LEU FB 31 50.15 -46.16 -106.94
CA LEU FB 31 49.87 -47.58 -106.80
C LEU FB 31 50.44 -48.05 -105.47
N ALA FB 32 49.59 -48.63 -104.63
CA ALA FB 32 49.98 -49.05 -103.29
C ALA FB 32 49.81 -50.56 -103.15
N TYR FB 33 50.87 -51.21 -102.67
CA TYR FB 33 50.86 -52.61 -102.28
C TYR FB 33 50.91 -52.67 -100.76
N LYS FB 34 49.95 -53.35 -100.16
CA LYS FB 34 49.76 -53.32 -98.72
C LYS FB 34 49.60 -54.74 -98.20
N ARG FB 35 50.18 -54.97 -97.02
CA ARG FB 35 50.46 -56.31 -96.51
C ARG FB 35 50.06 -56.40 -95.04
N LEU FB 36 49.24 -57.40 -94.69
CA LEU FB 36 48.93 -57.70 -93.30
C LEU FB 36 49.08 -59.20 -93.07
N ALA FB 37 50.11 -59.60 -92.33
CA ALA FB 37 50.32 -61.01 -92.03
C ALA FB 37 49.16 -61.57 -91.20
N PRO FB 38 48.82 -62.84 -91.37
CA PRO FB 38 47.72 -63.42 -90.59
C PRO FB 38 48.07 -63.49 -89.12
N LYS FB 39 47.07 -63.30 -88.27
CA LYS FB 39 47.26 -63.31 -86.82
C LYS FB 39 46.44 -64.43 -86.22
N ARG FB 40 47.11 -65.30 -85.46
CA ARG FB 40 46.47 -66.46 -84.85
C ARG FB 40 45.73 -66.01 -83.59
N THR FB 41 44.49 -65.56 -83.79
CA THR FB 41 43.67 -65.10 -82.69
C THR FB 41 42.92 -66.24 -82.01
N LYS FB 42 42.88 -67.41 -82.62
CA LYS FB 42 42.10 -68.53 -82.11
C LYS FB 42 42.69 -69.80 -82.71
N ASP FB 43 41.91 -70.88 -82.66
CA ASP FB 43 42.29 -72.13 -83.33
C ASP FB 43 42.52 -71.87 -84.81
N SER FB 44 41.85 -70.86 -85.37
CA SER FB 44 42.14 -70.45 -86.74
C SER FB 44 43.49 -69.76 -86.79
N PRO FB 45 44.29 -69.99 -87.84
CA PRO FB 45 45.59 -69.33 -87.94
C PRO FB 45 45.52 -67.88 -88.41
N GLY FB 46 44.32 -67.33 -88.60
CA GLY FB 46 44.17 -65.98 -89.08
C GLY FB 46 44.08 -65.89 -90.60
N MET FB 47 43.76 -64.70 -91.07
CA MET FB 47 43.63 -64.42 -92.49
C MET FB 47 44.71 -63.42 -92.93
N ALA FB 48 45.40 -63.75 -94.01
CA ALA FB 48 46.44 -62.88 -94.55
C ALA FB 48 45.79 -61.86 -95.49
N LYS FB 49 45.97 -60.58 -95.18
CA LYS FB 49 45.37 -59.50 -95.93
C LYS FB 49 46.35 -58.95 -96.96
N SER FB 50 45.86 -58.73 -98.17
CA SER FB 50 46.61 -58.00 -99.17
C SER FB 50 45.74 -56.86 -99.68
N GLU FB 51 46.39 -55.83 -100.22
CA GLU FB 51 45.65 -54.74 -100.82
C GLU FB 51 46.48 -54.17 -101.97
N LEU FB 52 45.87 -54.05 -103.14
CA LEU FB 52 46.54 -53.48 -104.30
C LEU FB 52 45.64 -52.38 -104.84
N LYS FB 53 45.99 -51.13 -104.57
CA LYS FB 53 45.09 -50.04 -104.92
C LYS FB 53 45.75 -49.03 -105.84
N ILE FB 54 44.99 -48.58 -106.82
CA ILE FB 54 45.39 -47.50 -107.73
C ILE FB 54 44.52 -46.29 -107.45
N THR FB 55 45.16 -45.16 -107.18
CA THR FB 55 44.48 -43.91 -106.87
C THR FB 55 44.89 -42.85 -107.88
N ARG FB 56 43.89 -42.15 -108.42
CA ARG FB 56 44.12 -41.07 -109.37
C ARG FB 56 43.64 -39.76 -108.75
N VAL FB 57 44.51 -38.78 -108.70
CA VAL FB 57 44.20 -37.45 -108.21
C VAL FB 57 44.71 -36.44 -109.21
N ASP FB 58 43.81 -35.58 -109.71
CA ASP FB 58 44.32 -34.61 -110.68
C ASP FB 58 45.27 -33.64 -109.99
N PRO FB 59 46.42 -33.35 -110.57
CA PRO FB 59 47.42 -32.54 -109.85
C PRO FB 59 47.29 -31.05 -110.08
N THR FB 60 46.08 -30.51 -110.01
CA THR FB 60 45.92 -29.07 -110.11
C THR FB 60 45.16 -28.54 -108.91
N THR FB 61 44.09 -29.23 -108.53
CA THR FB 61 43.36 -28.96 -107.30
C THR FB 61 43.45 -30.10 -106.30
N GLY FB 62 44.02 -31.23 -106.69
CA GLY FB 62 44.17 -32.35 -105.78
C GLY FB 62 42.91 -33.13 -105.50
N VAL FB 63 41.92 -33.07 -106.38
CA VAL FB 63 40.66 -33.78 -106.16
C VAL FB 63 40.86 -35.23 -106.55
N LEU FB 64 40.27 -36.12 -105.76
CA LEU FB 64 40.32 -37.54 -106.06
C LEU FB 64 39.37 -37.86 -107.20
N ILE FB 65 39.91 -38.39 -108.28
CA ILE FB 65 39.08 -38.78 -109.41
C ILE FB 65 38.47 -40.16 -109.19
N GLY FB 66 39.28 -41.13 -108.78
CA GLY FB 66 38.76 -42.47 -108.56
C GLY FB 66 39.81 -43.39 -107.99
N ILE FB 67 39.32 -44.42 -107.31
CA ILE FB 67 40.15 -45.45 -106.71
C ILE FB 67 39.62 -46.82 -107.14
N VAL FB 68 40.53 -47.69 -107.58
CA VAL FB 68 40.23 -49.10 -107.79
C VAL FB 68 41.13 -49.89 -106.85
N ASN FB 69 40.52 -50.73 -106.02
CA ASN FB 69 41.25 -51.48 -105.00
C ASN FB 69 41.00 -52.97 -105.17
N VAL FB 70 42.08 -53.75 -105.13
CA VAL FB 70 42.01 -55.20 -105.18
C VAL FB 70 42.55 -55.70 -103.85
N SER FB 71 41.66 -56.18 -102.99
CA SER FB 71 42.04 -56.67 -101.68
C SER FB 71 41.68 -58.14 -101.54
N SER FB 72 42.59 -58.91 -100.96
CA SER FB 72 42.38 -60.32 -100.71
C SER FB 72 42.42 -60.58 -99.20
N SER FB 73 41.68 -61.59 -98.77
CA SER FB 73 41.61 -62.00 -97.37
C SER FB 73 41.52 -63.53 -97.36
N ILE FB 74 42.66 -64.19 -97.16
CA ILE FB 74 42.76 -65.63 -97.34
C ILE FB 74 43.32 -66.26 -96.07
N ARG FB 75 42.77 -67.42 -95.70
CA ARG FB 75 43.20 -68.15 -94.53
C ARG FB 75 44.70 -68.47 -94.59
N ALA FB 76 45.35 -68.36 -93.44
CA ALA FB 76 46.78 -68.68 -93.38
C ALA FB 76 47.04 -70.13 -93.78
N ASP FB 77 46.13 -71.03 -93.42
CA ASP FB 77 46.28 -72.44 -93.74
C ASP FB 77 45.80 -72.79 -95.15
N ALA FB 78 45.23 -71.82 -95.87
CA ALA FB 78 44.62 -72.12 -97.16
C ALA FB 78 45.65 -72.59 -98.16
N THR FB 79 45.23 -73.49 -99.04
CA THR FB 79 46.13 -74.10 -100.00
C THR FB 79 46.51 -73.10 -101.09
N ALA FB 80 47.65 -73.37 -101.73
CA ALA FB 80 48.02 -72.58 -102.90
C ALA FB 80 47.02 -72.78 -104.03
N ALA FB 81 46.38 -73.95 -104.09
CA ALA FB 81 45.34 -74.18 -105.09
C ALA FB 81 44.14 -73.27 -104.85
N ASP FB 82 43.74 -73.10 -103.59
CA ASP FB 82 42.64 -72.20 -103.29
C ASP FB 82 42.97 -70.78 -103.72
N LYS FB 83 44.19 -70.33 -103.45
CA LYS FB 83 44.59 -68.97 -103.79
C LYS FB 83 44.69 -68.78 -105.30
N THR FB 84 45.23 -69.77 -106.00
CA THR FB 84 45.30 -69.69 -107.45
C THR FB 84 43.90 -69.66 -108.06
N ALA FB 85 42.99 -70.47 -107.54
CA ALA FB 85 41.62 -70.47 -108.03
C ALA FB 85 40.95 -69.14 -107.79
N LEU FB 86 41.12 -68.56 -106.60
CA LEU FB 86 40.52 -67.27 -106.31
C LEU FB 86 41.05 -66.20 -107.27
N MET FB 87 42.36 -66.16 -107.47
CA MET FB 87 42.93 -65.15 -108.36
C MET FB 87 42.47 -65.36 -109.80
N ALA FB 88 42.43 -66.60 -110.27
CA ALA FB 88 41.98 -66.86 -111.64
C ALA FB 88 40.52 -66.48 -111.83
N ILE FB 89 39.66 -66.79 -110.85
CA ILE FB 89 38.25 -66.46 -110.98
C ILE FB 89 38.05 -64.96 -111.01
N ILE FB 90 38.70 -64.25 -110.08
CA ILE FB 90 38.51 -62.79 -110.05
C ILE FB 90 39.09 -62.15 -111.31
N THR FB 91 40.20 -62.68 -111.83
CA THR FB 91 40.79 -62.15 -113.05
C THR FB 91 39.88 -62.37 -114.24
N ALA FB 92 39.29 -63.57 -114.36
CA ALA FB 92 38.38 -63.83 -115.46
C ALA FB 92 37.14 -62.95 -115.36
N ALA FB 93 36.64 -62.74 -114.15
CA ALA FB 93 35.48 -61.87 -113.97
C ALA FB 93 35.82 -60.42 -114.35
N GLN FB 94 37.02 -59.97 -114.00
CA GLN FB 94 37.44 -58.62 -114.40
C GLN FB 94 37.58 -58.51 -115.90
N ALA FB 95 38.09 -59.56 -116.56
CA ALA FB 95 38.25 -59.53 -118.00
C ALA FB 95 36.91 -59.52 -118.73
N ASP FB 96 35.86 -60.01 -118.08
CA ASP FB 96 34.53 -59.98 -118.66
C ASP FB 96 34.01 -58.54 -118.74
N GLY FB 97 33.10 -58.31 -119.69
CA GLY FB 97 32.52 -57.00 -119.85
C GLY FB 97 31.51 -56.63 -118.79
N ALA FB 98 31.03 -57.62 -118.03
CA ALA FB 98 30.10 -57.33 -116.95
C ALA FB 98 30.75 -56.42 -115.92
N TRP FB 99 32.02 -56.68 -115.58
CA TRP FB 99 32.74 -55.79 -114.68
C TRP FB 99 32.97 -54.43 -115.33
N THR FB 100 33.27 -54.41 -116.62
CA THR FB 100 33.50 -53.16 -117.32
C THR FB 100 32.26 -52.30 -117.39
N GLU FB 101 31.08 -52.90 -117.22
CA GLU FB 101 29.84 -52.15 -117.12
C GLU FB 101 29.51 -51.77 -115.69
N LEU FB 102 29.68 -52.70 -114.75
CA LEU FB 102 29.51 -52.41 -113.34
C LEU FB 102 30.32 -51.18 -112.94
N VAL FB 103 31.56 -51.13 -113.37
CA VAL FB 103 32.34 -49.91 -113.30
C VAL FB 103 32.01 -49.08 -114.53
N THR FB 104 31.97 -47.76 -114.36
CA THR FB 104 31.63 -46.77 -115.38
C THR FB 104 30.17 -46.71 -115.76
N ASP FB 105 29.35 -47.69 -115.37
CA ASP FB 105 27.92 -47.63 -115.72
C ASP FB 105 27.00 -47.96 -114.56
N GLN FB 106 27.49 -48.55 -113.48
CA GLN FB 106 26.65 -49.03 -112.38
C GLN FB 106 25.57 -49.98 -112.91
N ARG FB 107 25.99 -50.89 -113.76
CA ARG FB 107 25.12 -51.84 -114.42
C ARG FB 107 25.38 -53.24 -113.88
N LEU FB 108 24.33 -53.90 -113.40
CA LEU FB 108 24.44 -55.26 -112.92
C LEU FB 108 24.34 -56.25 -114.08
N PRO FB 109 24.91 -57.45 -113.93
CA PRO FB 109 24.91 -58.40 -115.05
C PRO FB 109 23.59 -59.15 -115.18
N LEU FB 110 22.48 -58.44 -115.18
CA LEU FB 110 21.17 -59.07 -115.24
C LEU FB 110 20.33 -58.63 -116.44
N ALA FB 111 20.82 -57.72 -117.26
CA ALA FB 111 20.09 -57.33 -118.46
C ALA FB 111 19.89 -58.54 -119.37
N THR FB 112 18.77 -58.55 -120.09
CA THR FB 112 18.49 -59.61 -121.04
C THR FB 112 19.10 -59.35 -122.41
N VAL FB 113 19.77 -58.22 -122.59
CA VAL FB 113 20.46 -57.84 -123.83
C VAL FB 113 19.51 -57.69 -125.00
N SER GB 1 29.49 -63.00 -114.68
CA SER GB 1 28.23 -63.39 -115.29
C SER GB 1 28.16 -64.90 -115.55
N LYS GB 2 29.04 -65.40 -116.40
CA LYS GB 2 29.00 -66.80 -116.82
C LYS GB 2 30.38 -67.41 -116.59
N VAL GB 3 30.65 -68.52 -117.26
CA VAL GB 3 31.79 -69.38 -117.00
C VAL GB 3 33.09 -68.59 -116.84
N PHE GB 4 33.70 -68.72 -115.67
CA PHE GB 4 34.98 -68.10 -115.36
C PHE GB 4 35.89 -69.17 -114.77
N ASN GB 5 37.15 -69.20 -115.21
CA ASN GB 5 38.12 -70.18 -114.75
C ASN GB 5 37.59 -71.60 -114.96
N THR GB 6 36.96 -71.83 -116.12
CA THR GB 6 36.33 -73.07 -116.54
C THR GB 6 35.15 -73.47 -115.65
N GLN GB 7 34.77 -72.66 -114.67
CA GLN GB 7 33.68 -72.97 -113.77
C GLN GB 7 32.45 -72.16 -114.16
N THR GB 8 31.30 -72.82 -114.22
CA THR GB 8 30.05 -72.18 -114.60
C THR GB 8 29.42 -71.56 -113.35
N PHE GB 9 29.19 -70.25 -113.40
CA PHE GB 9 28.59 -69.53 -112.29
C PHE GB 9 27.16 -69.19 -112.68
N ASP GB 10 26.20 -69.86 -112.07
CA ASP GB 10 24.79 -69.61 -112.30
C ASP GB 10 24.22 -68.77 -111.17
N ILE GB 11 23.17 -68.01 -111.48
CA ILE GB 11 22.69 -66.98 -110.56
C ILE GB 11 22.22 -67.64 -109.27
N TYR GB 12 22.75 -67.19 -108.14
CA TYR GB 12 22.36 -67.69 -106.83
C TYR GB 12 21.34 -66.83 -106.14
N SER GB 13 21.44 -65.50 -106.28
CA SER GB 13 20.48 -64.60 -105.69
C SER GB 13 20.57 -63.26 -106.39
N THR GB 14 19.50 -62.48 -106.27
CA THR GB 14 19.47 -61.14 -106.84
C THR GB 14 18.94 -60.18 -105.80
N GLU GB 15 19.49 -58.97 -105.79
CA GLU GB 15 19.08 -57.91 -104.88
C GLU GB 15 18.92 -56.63 -105.70
N LYS GB 16 18.51 -55.56 -105.01
CA LYS GB 16 18.43 -54.26 -105.66
C LYS GB 16 19.78 -53.83 -106.20
N ASP GB 17 20.86 -54.15 -105.49
CA ASP GB 17 22.19 -53.71 -105.89
C ASP GB 17 23.23 -54.83 -105.89
N VAL GB 18 22.83 -56.06 -105.57
CA VAL GB 18 23.77 -57.18 -105.56
C VAL GB 18 23.20 -58.31 -106.41
N VAL GB 19 24.05 -58.87 -107.27
CA VAL GB 19 23.75 -60.09 -108.00
C VAL GB 19 24.82 -61.11 -107.63
N SER GB 20 24.40 -62.25 -107.13
CA SER GB 20 25.29 -63.28 -106.64
C SER GB 20 25.12 -64.54 -107.48
N LEU GB 21 26.23 -65.09 -107.96
CA LEU GB 21 26.25 -66.30 -108.75
C LEU GB 21 27.00 -67.38 -107.99
N ARG GB 22 26.62 -68.62 -108.24
CA ARG GB 22 27.25 -69.76 -107.61
C ARG GB 22 27.71 -70.74 -108.67
N ASP GB 23 28.76 -71.49 -108.36
CA ASP GB 23 29.19 -72.57 -109.23
C ASP GB 23 28.15 -73.69 -109.27
N PHE GB 24 27.69 -74.13 -108.09
CA PHE GB 24 26.71 -75.21 -107.92
C PHE GB 24 27.30 -76.56 -108.29
N ALA GB 25 28.52 -76.57 -108.82
CA ALA GB 25 29.25 -77.81 -109.09
C ALA GB 25 30.15 -78.20 -107.94
N ASN GB 26 31.11 -77.35 -107.59
CA ASN GB 26 31.88 -77.54 -106.36
C ASN GB 26 31.19 -76.93 -105.15
N ASP GB 27 30.11 -76.18 -105.36
CA ASP GB 27 29.26 -75.68 -104.28
C ASP GB 27 30.04 -74.82 -103.30
N LYS GB 28 31.11 -74.19 -103.75
CA LYS GB 28 32.02 -73.51 -102.85
C LYS GB 28 32.34 -72.08 -103.22
N ASP GB 29 32.08 -71.66 -104.46
CA ASP GB 29 32.49 -70.35 -104.96
C ASP GB 29 31.27 -69.48 -105.22
N THR GB 30 31.29 -68.26 -104.71
CA THR GB 30 30.21 -67.30 -104.92
C THR GB 30 30.80 -66.01 -105.44
N LEU GB 31 30.26 -65.54 -106.56
CA LEU GB 31 30.71 -64.32 -107.22
C LEU GB 31 29.63 -63.25 -107.08
N ALA GB 32 29.97 -62.15 -106.43
CA ALA GB 32 29.01 -61.08 -106.20
C ALA GB 32 29.40 -59.84 -106.99
N TYR GB 33 28.39 -59.23 -107.62
CA TYR GB 33 28.47 -57.93 -108.26
C TYR GB 33 27.62 -56.97 -107.44
N LYS GB 34 28.21 -55.90 -106.94
CA LYS GB 34 27.53 -54.99 -106.05
C LYS GB 34 27.66 -53.57 -106.58
N ARG GB 35 26.61 -52.78 -106.37
CA ARG GB 35 26.44 -51.49 -106.99
C ARG GB 35 26.05 -50.45 -105.94
N LEU GB 36 26.59 -49.24 -106.07
CA LEU GB 36 26.15 -48.12 -105.23
C LEU GB 36 26.19 -46.86 -106.08
N ALA GB 37 25.04 -46.40 -106.53
CA ALA GB 37 24.99 -45.19 -107.33
C ALA GB 37 25.49 -44.00 -106.53
N PRO GB 38 26.12 -43.03 -107.20
CA PRO GB 38 26.60 -41.83 -106.49
C PRO GB 38 25.44 -41.01 -105.94
N LYS GB 39 25.69 -40.39 -104.80
CA LYS GB 39 24.72 -39.50 -104.16
C LYS GB 39 25.34 -38.12 -104.04
N ARG GB 40 24.58 -37.09 -104.42
CA ARG GB 40 25.06 -35.71 -104.48
C ARG GB 40 24.82 -35.03 -103.14
N THR GB 41 25.59 -35.44 -102.14
CA THR GB 41 25.44 -34.86 -100.81
C THR GB 41 25.93 -33.43 -100.74
N LYS GB 42 26.66 -32.97 -101.75
CA LYS GB 42 27.15 -31.62 -101.83
C LYS GB 42 27.19 -31.22 -103.30
N ASP GB 43 27.95 -30.16 -103.60
CA ASP GB 43 28.17 -29.73 -104.97
C ASP GB 43 28.77 -30.85 -105.79
N SER GB 44 29.49 -31.75 -105.13
CA SER GB 44 30.04 -32.92 -105.80
C SER GB 44 28.90 -33.78 -106.34
N PRO GB 45 29.09 -34.47 -107.47
CA PRO GB 45 28.08 -35.44 -107.92
C PRO GB 45 28.15 -36.76 -107.18
N GLY GB 46 29.02 -36.87 -106.17
CA GLY GB 46 29.16 -38.09 -105.41
C GLY GB 46 30.12 -39.07 -106.05
N MET GB 47 30.35 -40.17 -105.36
CA MET GB 47 31.19 -41.25 -105.84
C MET GB 47 30.31 -42.44 -106.22
N ALA GB 48 30.52 -42.97 -107.42
CA ALA GB 48 29.89 -44.21 -107.84
C ALA GB 48 30.74 -45.38 -107.35
N LYS GB 49 30.14 -46.26 -106.56
CA LYS GB 49 30.83 -47.42 -106.02
C LYS GB 49 30.45 -48.67 -106.79
N SER GB 50 31.44 -49.50 -107.08
CA SER GB 50 31.19 -50.84 -107.56
C SER GB 50 31.97 -51.83 -106.71
N GLU GB 51 31.57 -53.10 -106.78
CA GLU GB 51 32.27 -54.12 -106.03
C GLU GB 51 32.15 -55.44 -106.78
N LEU GB 52 33.27 -56.11 -107.00
CA LEU GB 52 33.27 -57.43 -107.63
C LEU GB 52 34.05 -58.37 -106.73
N LYS GB 53 33.36 -59.26 -106.04
CA LYS GB 53 34.01 -60.09 -105.05
C LYS GB 53 33.80 -61.57 -105.34
N ILE GB 54 34.80 -62.36 -105.01
CA ILE GB 54 34.74 -63.81 -105.11
C ILE GB 54 35.01 -64.39 -103.73
N THR GB 55 34.16 -65.31 -103.31
CA THR GB 55 34.26 -65.92 -101.99
C THR GB 55 34.33 -67.42 -102.16
N ARG GB 56 35.26 -68.05 -101.45
CA ARG GB 56 35.36 -69.49 -101.38
C ARG GB 56 35.11 -69.93 -99.96
N VAL GB 57 34.12 -70.78 -99.76
CA VAL GB 57 33.90 -71.46 -98.49
C VAL GB 57 33.82 -72.94 -98.77
N ASP GB 58 34.44 -73.74 -97.92
CA ASP GB 58 34.35 -75.17 -98.10
C ASP GB 58 32.97 -75.63 -97.64
N PRO GB 59 32.17 -76.28 -98.49
CA PRO GB 59 30.76 -76.49 -98.15
C PRO GB 59 30.48 -77.75 -97.35
N THR GB 60 31.31 -78.06 -96.37
CA THR GB 60 30.93 -79.10 -95.42
C THR GB 60 30.98 -78.53 -94.00
N THR GB 61 32.07 -77.85 -93.66
CA THR GB 61 32.18 -77.17 -92.39
C THR GB 61 31.94 -75.67 -92.50
N GLY GB 62 31.84 -75.14 -93.72
CA GLY GB 62 31.50 -73.75 -93.90
C GLY GB 62 32.46 -72.75 -93.32
N VAL GB 63 33.77 -72.99 -93.43
CA VAL GB 63 34.75 -72.00 -93.02
C VAL GB 63 35.21 -71.25 -94.26
N LEU GB 64 35.51 -69.97 -94.10
CA LEU GB 64 35.91 -69.12 -95.20
C LEU GB 64 37.34 -69.44 -95.59
N ILE GB 65 37.53 -69.97 -96.80
CA ILE GB 65 38.89 -70.16 -97.29
C ILE GB 65 39.52 -68.83 -97.66
N GLY GB 66 38.80 -67.97 -98.38
CA GLY GB 66 39.36 -66.69 -98.77
C GLY GB 66 38.41 -65.87 -99.60
N ILE GB 67 38.68 -64.56 -99.65
CA ILE GB 67 37.93 -63.59 -100.42
C ILE GB 67 38.90 -62.74 -101.20
N VAL GB 68 38.59 -62.49 -102.48
CA VAL GB 68 39.27 -61.48 -103.28
C VAL GB 68 38.23 -60.47 -103.74
N ASN GB 69 38.50 -59.19 -103.49
CA ASN GB 69 37.54 -58.13 -103.68
C ASN GB 69 38.11 -57.07 -104.61
N VAL GB 70 37.33 -56.70 -105.63
CA VAL GB 70 37.69 -55.62 -106.54
C VAL GB 70 36.68 -54.50 -106.33
N SER GB 71 37.11 -53.41 -105.72
CA SER GB 71 36.22 -52.31 -105.39
C SER GB 71 36.58 -51.08 -106.21
N SER GB 72 35.56 -50.31 -106.58
CA SER GB 72 35.74 -49.07 -107.32
C SER GB 72 35.06 -47.95 -106.57
N SER GB 73 35.73 -46.80 -106.52
CA SER GB 73 35.16 -45.56 -105.98
C SER GB 73 35.59 -44.47 -106.94
N ILE GB 74 34.77 -44.22 -107.96
CA ILE GB 74 35.08 -43.27 -109.01
C ILE GB 74 34.08 -42.12 -108.92
N ARG GB 75 34.58 -40.90 -109.08
CA ARG GB 75 33.72 -39.73 -109.11
C ARG GB 75 32.67 -39.87 -110.19
N ALA GB 76 31.43 -39.48 -109.87
CA ALA GB 76 30.35 -39.58 -110.84
C ALA GB 76 30.64 -38.73 -112.07
N ASP GB 77 31.29 -37.58 -111.87
CA ASP GB 77 31.66 -36.70 -112.98
C ASP GB 77 32.89 -37.19 -113.74
N ALA GB 78 33.61 -38.18 -113.22
CA ALA GB 78 34.89 -38.56 -113.80
C ALA GB 78 34.71 -39.09 -115.20
N THR GB 79 35.60 -38.66 -116.09
CA THR GB 79 35.50 -39.01 -117.49
C THR GB 79 35.77 -40.50 -117.68
N ALA GB 80 35.28 -41.03 -118.80
CA ALA GB 80 35.56 -42.42 -119.14
C ALA GB 80 37.05 -42.65 -119.34
N ALA GB 81 37.81 -41.60 -119.66
CA ALA GB 81 39.25 -41.74 -119.77
C ALA GB 81 39.88 -42.11 -118.44
N ASP GB 82 39.49 -41.42 -117.37
CA ASP GB 82 40.02 -41.75 -116.05
C ASP GB 82 39.61 -43.15 -115.64
N LYS GB 83 38.35 -43.53 -115.89
CA LYS GB 83 37.88 -44.86 -115.50
C LYS GB 83 38.61 -45.96 -116.27
N THR GB 84 38.81 -45.76 -117.58
CA THR GB 84 39.52 -46.74 -118.37
C THR GB 84 40.98 -46.83 -117.97
N ALA GB 85 41.61 -45.69 -117.65
CA ALA GB 85 42.99 -45.73 -117.20
C ALA GB 85 43.11 -46.45 -115.87
N LEU GB 86 42.17 -46.19 -114.95
CA LEU GB 86 42.17 -46.88 -113.67
C LEU GB 86 42.05 -48.38 -113.85
N MET GB 87 41.12 -48.80 -114.71
CA MET GB 87 40.94 -50.22 -114.97
C MET GB 87 42.19 -50.83 -115.60
N ALA GB 88 42.77 -50.14 -116.58
CA ALA GB 88 43.95 -50.66 -117.27
C ALA GB 88 45.13 -50.80 -116.31
N ILE GB 89 45.34 -49.79 -115.47
CA ILE GB 89 46.45 -49.85 -114.52
C ILE GB 89 46.24 -51.00 -113.54
N ILE GB 90 45.03 -51.14 -113.01
CA ILE GB 90 44.82 -52.16 -111.99
C ILE GB 90 44.92 -53.56 -112.60
N THR GB 91 44.42 -53.75 -113.83
CA THR GB 91 44.53 -55.04 -114.48
C THR GB 91 45.96 -55.37 -114.84
N ALA GB 92 46.72 -54.38 -115.30
CA ALA GB 92 48.14 -54.59 -115.57
C ALA GB 92 48.90 -54.95 -114.30
N ALA GB 93 48.57 -54.29 -113.20
CA ALA GB 93 49.22 -54.61 -111.93
C ALA GB 93 48.87 -56.01 -111.47
N GLN GB 94 47.61 -56.43 -111.63
CA GLN GB 94 47.22 -57.78 -111.25
C GLN GB 94 47.92 -58.82 -112.11
N ALA GB 95 48.01 -58.60 -113.42
CA ALA GB 95 48.69 -59.54 -114.30
C ALA GB 95 50.16 -59.67 -113.96
N ASP GB 96 50.77 -58.63 -113.41
CA ASP GB 96 52.17 -58.65 -113.04
C ASP GB 96 52.38 -59.52 -111.80
N GLY GB 97 53.59 -60.06 -111.67
CA GLY GB 97 53.86 -61.04 -110.63
C GLY GB 97 53.87 -60.49 -109.23
N ALA GB 98 54.05 -59.18 -109.06
CA ALA GB 98 54.10 -58.61 -107.72
C ALA GB 98 52.79 -58.86 -106.96
N TRP GB 99 51.65 -58.71 -107.63
CA TRP GB 99 50.38 -59.03 -107.00
C TRP GB 99 50.28 -60.51 -106.68
N THR GB 100 50.77 -61.37 -107.58
CA THR GB 100 50.74 -62.80 -107.37
C THR GB 100 51.51 -63.20 -106.12
N GLU GB 101 52.67 -62.58 -105.87
CA GLU GB 101 53.41 -62.85 -104.64
C GLU GB 101 52.83 -62.16 -103.41
N LEU GB 102 52.29 -60.95 -103.57
CA LEU GB 102 51.63 -60.29 -102.46
C LEU GB 102 50.53 -61.16 -101.88
N VAL GB 103 49.72 -61.75 -102.75
CA VAL GB 103 48.91 -62.88 -102.33
C VAL GB 103 49.81 -64.11 -102.29
N THR GB 104 49.50 -65.06 -101.41
CA THR GB 104 50.23 -66.33 -101.28
C THR GB 104 51.61 -66.17 -100.65
N ASP GB 105 52.10 -64.94 -100.50
CA ASP GB 105 53.40 -64.76 -99.86
C ASP GB 105 53.45 -63.61 -98.86
N GLN GB 106 52.54 -62.65 -98.94
CA GLN GB 106 52.66 -61.38 -98.24
C GLN GB 106 54.00 -60.72 -98.55
N ARG GB 107 54.38 -60.78 -99.83
CA ARG GB 107 55.64 -60.25 -100.30
C ARG GB 107 55.42 -58.90 -100.96
N LEU GB 108 55.99 -57.85 -100.39
CA LEU GB 108 55.89 -56.53 -100.96
C LEU GB 108 56.87 -56.37 -102.13
N PRO GB 109 56.54 -55.51 -103.10
CA PRO GB 109 57.46 -55.30 -104.22
C PRO GB 109 58.66 -54.46 -103.81
N LEU GB 110 59.54 -55.04 -103.01
CA LEU GB 110 60.78 -54.38 -102.64
C LEU GB 110 61.98 -55.32 -102.62
N ALA GB 111 61.82 -56.56 -103.09
CA ALA GB 111 62.93 -57.51 -103.09
C ALA GB 111 63.95 -57.10 -104.15
N THR GB 112 65.23 -57.31 -103.82
CA THR GB 112 66.32 -56.97 -104.72
C THR GB 112 66.68 -58.10 -105.67
N VAL GB 113 66.03 -59.25 -105.55
CA VAL GB 113 66.26 -60.43 -106.40
C VAL GB 113 67.71 -60.88 -106.30
N SER HB 1 -11.63 -37.39 -127.27
CA SER HB 1 -12.60 -36.50 -127.89
C SER HB 1 -13.83 -37.26 -128.38
N LYS HB 2 -13.60 -38.32 -129.15
CA LYS HB 2 -14.70 -39.05 -129.78
C LYS HB 2 -14.41 -40.55 -129.66
N VAL HB 3 -15.10 -41.34 -130.47
CA VAL HB 3 -15.25 -42.79 -130.30
C VAL HB 3 -13.93 -43.47 -129.99
N PHE HB 4 -13.88 -44.15 -128.85
CA PHE HB 4 -12.73 -44.92 -128.40
C PHE HB 4 -13.21 -46.30 -128.04
N ASN HB 5 -12.50 -47.32 -128.51
CA ASN HB 5 -12.85 -48.71 -128.23
C ASN HB 5 -14.28 -49.00 -128.66
N THR HB 6 -14.67 -48.43 -129.81
CA THR HB 6 -16.00 -48.52 -130.41
C THR HB 6 -17.09 -47.91 -129.54
N GLN HB 7 -16.76 -47.28 -128.42
CA GLN HB 7 -17.74 -46.59 -127.60
C GLN HB 7 -17.68 -45.11 -127.89
N THR HB 8 -18.85 -44.48 -127.99
CA THR HB 8 -18.96 -43.06 -128.27
C THR HB 8 -18.88 -42.29 -126.96
N PHE HB 9 -17.96 -41.33 -126.89
CA PHE HB 9 -17.82 -40.47 -125.73
C PHE HB 9 -18.27 -39.07 -126.11
N ASP HB 10 -19.33 -38.60 -125.49
CA ASP HB 10 -19.83 -37.26 -125.68
C ASP HB 10 -19.40 -36.38 -124.51
N ILE HB 11 -19.22 -35.10 -124.78
CA ILE HB 11 -18.79 -34.19 -123.73
C ILE HB 11 -19.87 -34.13 -122.65
N TYR HB 12 -19.48 -34.42 -121.41
CA TYR HB 12 -20.38 -34.35 -120.27
C TYR HB 12 -20.24 -33.06 -119.50
N SER HB 13 -19.04 -32.53 -119.39
CA SER HB 13 -18.79 -31.36 -118.55
C SER HB 13 -17.60 -30.60 -119.11
N THR HB 14 -17.70 -29.28 -119.04
CA THR HB 14 -16.61 -28.41 -119.46
C THR HB 14 -16.25 -27.49 -118.32
N GLU HB 15 -14.99 -27.51 -117.92
CA GLU HB 15 -14.50 -26.71 -116.82
C GLU HB 15 -13.33 -25.85 -117.31
N LYS HB 16 -12.80 -25.05 -116.37
CA LYS HB 16 -11.65 -24.20 -116.68
C LYS HB 16 -10.45 -25.01 -117.13
N ASP HB 17 -10.09 -26.03 -116.34
CA ASP HB 17 -8.93 -26.86 -116.62
C ASP HB 17 -9.28 -28.33 -116.76
N VAL HB 18 -10.57 -28.67 -116.84
CA VAL HB 18 -11.02 -30.05 -116.96
C VAL HB 18 -12.07 -30.15 -118.04
N VAL HB 19 -12.00 -31.20 -118.84
CA VAL HB 19 -13.04 -31.55 -119.80
C VAL HB 19 -13.39 -33.01 -119.57
N SER HB 20 -14.67 -33.31 -119.38
CA SER HB 20 -15.13 -34.65 -119.06
C SER HB 20 -16.11 -35.14 -120.11
N LEU HB 21 -15.86 -36.34 -120.64
CA LEU HB 21 -16.72 -37.01 -121.59
C LEU HB 21 -17.32 -38.25 -120.97
N ARG HB 22 -18.57 -38.52 -121.30
CA ARG HB 22 -19.27 -39.70 -120.81
C ARG HB 22 -19.71 -40.53 -122.00
N ASP HB 23 -19.72 -41.85 -121.82
CA ASP HB 23 -20.20 -42.74 -122.87
C ASP HB 23 -21.68 -42.50 -123.15
N PHE HB 24 -22.50 -42.38 -122.09
CA PHE HB 24 -23.93 -42.11 -122.17
C PHE HB 24 -24.69 -43.30 -122.76
N ALA HB 25 -23.97 -44.32 -123.19
CA ALA HB 25 -24.57 -45.56 -123.66
C ALA HB 25 -24.53 -46.64 -122.59
N ASN HB 26 -23.34 -46.95 -122.09
CA ASN HB 26 -23.22 -47.84 -120.94
C ASN HB 26 -23.35 -47.10 -119.62
N ASP HB 27 -23.25 -45.77 -119.64
CA ASP HB 27 -23.41 -44.93 -118.46
C ASP HB 27 -22.47 -45.34 -117.32
N LYS HB 28 -21.28 -45.84 -117.67
CA LYS HB 28 -20.34 -46.26 -116.66
C LYS HB 28 -18.91 -45.81 -116.92
N ASP HB 29 -18.61 -45.24 -118.09
CA ASP HB 29 -17.26 -44.81 -118.43
C ASP HB 29 -17.19 -43.29 -118.52
N THR HB 30 -16.19 -42.71 -117.86
CA THR HB 30 -15.94 -41.29 -117.90
C THR HB 30 -14.48 -41.04 -118.26
N LEU HB 31 -14.24 -40.19 -119.24
CA LEU HB 31 -12.91 -39.83 -119.68
C LEU HB 31 -12.66 -38.36 -119.35
N ALA HB 32 -11.64 -38.09 -118.56
CA ALA HB 32 -11.32 -36.74 -118.10
C ALA HB 32 -9.97 -36.30 -118.63
N TYR HB 33 -9.93 -35.11 -119.22
CA TYR HB 33 -8.71 -34.40 -119.59
C TYR HB 33 -8.53 -33.29 -118.57
N LYS HB 34 -7.43 -33.33 -117.82
CA LYS HB 34 -7.13 -32.36 -116.78
C LYS HB 34 -5.81 -31.65 -117.07
N ARG HB 35 -5.77 -30.37 -116.73
CA ARG HB 35 -4.69 -29.46 -117.06
C ARG HB 35 -4.18 -28.79 -115.81
N LEU HB 36 -2.89 -28.47 -115.78
CA LEU HB 36 -2.32 -27.69 -114.68
C LEU HB 36 -1.09 -26.97 -115.22
N ALA HB 37 -1.16 -25.65 -115.28
CA ALA HB 37 -0.09 -24.87 -115.87
C ALA HB 37 1.19 -24.97 -115.03
N PRO HB 38 2.36 -24.90 -115.67
CA PRO HB 38 3.61 -24.88 -114.90
C PRO HB 38 3.75 -23.60 -114.10
N LYS HB 39 4.14 -23.74 -112.84
CA LYS HB 39 4.19 -22.62 -111.91
C LYS HB 39 5.63 -22.25 -111.63
N ARG HB 40 5.97 -20.98 -111.90
CA ARG HB 40 7.33 -20.47 -111.77
C ARG HB 40 7.55 -20.00 -110.34
N THR HB 41 7.53 -20.97 -109.42
CA THR HB 41 7.77 -20.65 -108.02
C THR HB 41 9.22 -20.29 -107.74
N LYS HB 42 10.10 -20.45 -108.72
CA LYS HB 42 11.51 -20.20 -108.56
C LYS HB 42 12.09 -19.89 -109.93
N ASP HB 43 13.42 -19.94 -110.03
CA ASP HB 43 14.11 -19.76 -111.30
C ASP HB 43 13.56 -20.67 -112.37
N SER HB 44 13.29 -21.92 -112.02
CA SER HB 44 12.76 -22.89 -112.98
C SER HB 44 11.38 -22.46 -113.45
N PRO HB 45 11.03 -22.67 -114.71
CA PRO HB 45 9.71 -22.24 -115.20
C PRO HB 45 8.56 -23.08 -114.68
N GLY HB 46 8.83 -24.13 -113.92
CA GLY HB 46 7.79 -24.98 -113.37
C GLY HB 46 7.51 -26.20 -114.22
N MET HB 47 6.63 -27.05 -113.70
CA MET HB 47 6.29 -28.32 -114.33
C MET HB 47 4.84 -28.28 -114.80
N ALA HB 48 4.64 -28.54 -116.09
CA ALA HB 48 3.31 -28.51 -116.68
C ALA HB 48 2.66 -29.88 -116.50
N LYS HB 49 1.60 -29.94 -115.71
CA LYS HB 49 0.95 -31.19 -115.39
C LYS HB 49 -0.21 -31.44 -116.35
N SER HB 50 -0.26 -32.65 -116.89
CA SER HB 50 -1.38 -33.11 -117.69
C SER HB 50 -1.97 -34.35 -117.05
N GLU HB 51 -3.21 -34.65 -117.43
CA GLU HB 51 -3.87 -35.84 -116.90
C GLU HB 51 -4.90 -36.33 -117.91
N LEU HB 52 -4.87 -37.63 -118.20
CA LEU HB 52 -5.89 -38.27 -119.02
C LEU HB 52 -6.33 -39.53 -118.28
N LYS HB 53 -7.55 -39.55 -117.76
CA LYS HB 53 -7.99 -40.66 -116.94
C LYS HB 53 -9.32 -41.21 -117.43
N ILE HB 54 -9.48 -42.52 -117.33
CA ILE HB 54 -10.72 -43.22 -117.63
C ILE HB 54 -11.19 -43.90 -116.36
N THR HB 55 -12.45 -43.66 -116.00
CA THR HB 55 -13.04 -44.20 -114.77
C THR HB 55 -14.27 -45.01 -115.13
N ARG HB 56 -14.34 -46.22 -114.59
CA ARG HB 56 -15.50 -47.08 -114.75
C ARG HB 56 -16.18 -47.22 -113.40
N VAL HB 57 -17.46 -46.91 -113.35
CA VAL HB 57 -18.26 -47.04 -112.14
C VAL HB 57 -19.50 -47.83 -112.48
N ASP HB 58 -19.77 -48.88 -111.71
CA ASP HB 58 -20.89 -49.75 -112.03
C ASP HB 58 -22.20 -48.99 -111.88
N PRO HB 59 -22.97 -48.82 -112.95
CA PRO HB 59 -24.11 -47.89 -112.90
C PRO HB 59 -25.42 -48.49 -112.39
N THR HB 60 -25.39 -49.26 -111.31
CA THR HB 60 -26.63 -49.62 -110.64
C THR HB 60 -26.50 -49.36 -109.14
N THR HB 61 -25.31 -49.57 -108.58
CA THR HB 61 -25.03 -49.25 -107.20
C THR HB 61 -23.92 -48.22 -107.04
N GLY HB 62 -23.18 -47.91 -108.10
CA GLY HB 62 -22.16 -46.89 -108.03
C GLY HB 62 -20.83 -47.31 -107.44
N VAL HB 63 -20.40 -48.54 -107.69
CA VAL HB 63 -19.12 -49.02 -107.18
C VAL HB 63 -18.05 -48.83 -108.25
N LEU HB 64 -16.94 -48.21 -107.86
CA LEU HB 64 -15.83 -47.95 -108.76
C LEU HB 64 -15.18 -49.27 -109.18
N ILE HB 65 -15.36 -49.66 -110.43
CA ILE HB 65 -14.72 -50.87 -110.94
C ILE HB 65 -13.22 -50.68 -111.10
N GLY HB 66 -12.80 -49.56 -111.67
CA GLY HB 66 -11.38 -49.35 -111.90
C GLY HB 66 -11.11 -48.01 -112.52
N ILE HB 67 -9.83 -47.61 -112.45
CA ILE HB 67 -9.35 -46.37 -113.02
C ILE HB 67 -8.01 -46.63 -113.68
N VAL HB 68 -7.85 -46.15 -114.92
CA VAL HB 68 -6.55 -46.05 -115.57
C VAL HB 68 -6.30 -44.59 -115.86
N ASN HB 69 -5.17 -44.07 -115.37
CA ASN HB 69 -4.84 -42.66 -115.48
C ASN HB 69 -3.49 -42.51 -116.15
N VAL HB 70 -3.39 -41.56 -117.08
CA VAL HB 70 -2.11 -41.19 -117.68
C VAL HB 70 -1.82 -39.76 -117.26
N SER HB 71 -0.82 -39.58 -116.42
CA SER HB 71 -0.43 -38.27 -115.93
C SER HB 71 0.94 -37.91 -116.46
N SER HB 72 1.12 -36.64 -116.80
CA SER HB 72 2.40 -36.12 -117.26
C SER HB 72 2.83 -34.97 -116.37
N SER HB 73 4.11 -34.92 -116.06
CA SER HB 73 4.70 -33.83 -115.30
C SER HB 73 6.01 -33.49 -116.01
N ILE HB 74 5.93 -32.55 -116.96
CA ILE HB 74 7.06 -32.20 -117.81
C ILE HB 74 7.45 -30.77 -117.52
N ARG HB 75 8.77 -30.53 -117.48
CA ARG HB 75 9.29 -29.19 -117.28
C ARG HB 75 8.72 -28.24 -118.32
N ALA HB 76 8.41 -27.01 -117.89
CA ALA HB 76 7.89 -26.02 -118.80
C ALA HB 76 8.86 -25.72 -119.93
N ASP HB 77 10.16 -25.80 -119.66
CA ASP HB 77 11.19 -25.52 -120.67
C ASP HB 77 11.57 -26.75 -121.48
N ALA HB 78 11.05 -27.92 -121.16
CA ALA HB 78 11.45 -29.14 -121.84
C ALA HB 78 11.13 -29.06 -123.34
N THR HB 79 12.07 -29.54 -124.15
CA THR HB 79 11.94 -29.43 -125.59
C THR HB 79 10.83 -30.35 -126.09
N ALA HB 80 10.28 -29.98 -127.25
CA ALA HB 80 9.28 -30.83 -127.90
C ALA HB 80 9.86 -32.19 -128.23
N ALA HB 81 11.17 -32.27 -128.44
CA ALA HB 81 11.81 -33.57 -128.65
C ALA HB 81 11.71 -34.43 -127.40
N ASP HB 82 11.97 -33.84 -126.22
CA ASP HB 82 11.85 -34.59 -124.98
C ASP HB 82 10.43 -35.07 -124.77
N LYS HB 83 9.45 -34.22 -125.06
CA LYS HB 83 8.05 -34.56 -124.83
C LYS HB 83 7.58 -35.63 -125.80
N THR HB 84 7.98 -35.51 -127.07
CA THR HB 84 7.67 -36.56 -128.03
C THR HB 84 8.32 -37.88 -127.65
N ALA HB 85 9.57 -37.84 -127.19
CA ALA HB 85 10.26 -39.06 -126.77
C ALA HB 85 9.56 -39.71 -125.59
N LEU HB 86 9.15 -38.91 -124.60
CA LEU HB 86 8.46 -39.46 -123.45
C LEU HB 86 7.16 -40.11 -123.87
N MET HB 87 6.38 -39.43 -124.70
CA MET HB 87 5.10 -39.99 -125.12
C MET HB 87 5.30 -41.26 -125.94
N ALA HB 88 6.30 -41.26 -126.83
CA ALA HB 88 6.56 -42.44 -127.66
C ALA HB 88 7.01 -43.63 -126.83
N ILE HB 89 7.90 -43.40 -125.86
CA ILE HB 89 8.37 -44.49 -125.02
C ILE HB 89 7.23 -45.07 -124.22
N ILE HB 90 6.41 -44.20 -123.61
CA ILE HB 90 5.32 -44.73 -122.78
C ILE HB 90 4.28 -45.44 -123.65
N THR HB 91 4.01 -44.94 -124.85
CA THR HB 91 3.04 -45.59 -125.73
C THR HB 91 3.55 -46.95 -126.19
N ALA HB 92 4.85 -47.05 -126.52
CA ALA HB 92 5.43 -48.33 -126.91
C ALA HB 92 5.41 -49.31 -125.74
N ALA HB 93 5.71 -48.84 -124.54
CA ALA HB 93 5.68 -49.72 -123.37
C ALA HB 93 4.26 -50.23 -123.10
N GLN HB 94 3.26 -49.37 -123.25
CA GLN HB 94 1.88 -49.81 -123.11
C GLN HB 94 1.50 -50.82 -124.19
N ALA HB 95 1.96 -50.59 -125.43
CA ALA HB 95 1.71 -51.55 -126.50
C ALA HB 95 2.42 -52.86 -126.27
N ASP HB 96 3.49 -52.86 -125.48
CA ASP HB 96 4.17 -54.08 -125.10
C ASP HB 96 3.29 -54.89 -124.14
N GLY HB 97 3.52 -56.20 -124.13
CA GLY HB 97 2.69 -57.09 -123.33
C GLY HB 97 3.00 -57.07 -121.84
N ALA HB 98 4.17 -56.55 -121.47
CA ALA HB 98 4.51 -56.47 -120.05
C ALA HB 98 3.51 -55.62 -119.29
N TRP HB 99 3.02 -54.54 -119.92
CA TRP HB 99 1.98 -53.74 -119.28
C TRP HB 99 0.66 -54.50 -119.21
N THR HB 100 0.32 -55.23 -120.27
CA THR HB 100 -0.91 -56.02 -120.29
C THR HB 100 -0.88 -57.12 -119.24
N GLU HB 101 0.31 -57.47 -118.76
CA GLU HB 101 0.44 -58.44 -117.68
C GLU HB 101 0.46 -57.77 -116.31
N LEU HB 102 1.17 -56.64 -116.20
CA LEU HB 102 1.19 -55.87 -114.96
C LEU HB 102 -0.22 -55.47 -114.54
N VAL HB 103 -0.99 -54.96 -115.47
CA VAL HB 103 -2.43 -54.90 -115.30
C VAL HB 103 -2.97 -56.28 -115.61
N THR HB 104 -4.02 -56.69 -114.89
CA THR HB 104 -4.73 -57.95 -115.04
C THR HB 104 -3.98 -59.15 -114.47
N ASP HB 105 -2.72 -59.00 -114.09
CA ASP HB 105 -2.07 -60.09 -113.38
C ASP HB 105 -1.14 -59.64 -112.25
N GLN HB 106 -0.75 -58.37 -112.20
CA GLN HB 106 0.28 -57.91 -111.28
C GLN HB 106 1.57 -58.68 -111.48
N ARG HB 107 1.89 -58.93 -112.75
CA ARG HB 107 3.07 -59.69 -113.13
C ARG HB 107 4.16 -58.73 -113.58
N LEU HB 108 5.25 -58.74 -112.89
CA LEU HB 108 6.38 -57.86 -113.19
C LEU HB 108 7.24 -58.45 -114.31
N PRO HB 109 7.93 -57.60 -115.05
CA PRO HB 109 8.83 -58.11 -116.09
C PRO HB 109 10.11 -58.69 -115.52
N LEU HB 110 9.99 -59.77 -114.75
CA LEU HB 110 11.15 -60.48 -114.23
C LEU HB 110 11.02 -62.00 -114.34
N ALA HB 111 9.85 -62.52 -114.72
CA ALA HB 111 9.67 -63.96 -114.84
C ALA HB 111 10.57 -64.53 -115.94
N THR HB 112 11.08 -65.73 -115.71
CA THR HB 112 11.99 -66.38 -116.66
C THR HB 112 11.26 -67.11 -117.77
N VAL HB 113 9.93 -67.18 -117.72
CA VAL HB 113 9.11 -67.86 -118.73
C VAL HB 113 9.46 -69.34 -118.81
N SER IB 1 55.87 25.19 -118.18
CA SER IB 1 55.60 26.47 -118.82
C SER IB 1 54.99 26.26 -120.19
N LYS IB 2 55.70 25.53 -121.05
CA LYS IB 2 55.25 25.26 -122.40
C LYS IB 2 55.66 23.82 -122.75
N VAL IB 3 55.65 23.49 -124.04
CA VAL IB 3 55.81 22.12 -124.52
C VAL IB 3 57.03 21.44 -123.90
N PHE IB 4 56.77 20.34 -123.18
CA PHE IB 4 57.80 19.51 -122.56
C PHE IB 4 57.49 18.07 -122.90
N ASN IB 5 58.50 17.32 -123.32
CA ASN IB 5 58.34 15.92 -123.71
C ASN IB 5 57.21 15.80 -124.75
N THR IB 6 57.21 16.72 -125.71
CA THR IB 6 56.24 16.81 -126.80
C THR IB 6 54.81 16.99 -126.31
N GLN IB 7 54.60 17.53 -125.12
CA GLN IB 7 53.26 17.80 -124.61
C GLN IB 7 53.13 19.27 -124.22
N THR IB 8 52.02 19.88 -124.61
CA THR IB 8 51.79 21.30 -124.37
C THR IB 8 51.15 21.49 -123.01
N PHE IB 9 51.85 22.16 -122.11
CA PHE IB 9 51.34 22.42 -120.77
C PHE IB 9 50.88 23.86 -120.71
N ASP IB 10 49.58 24.05 -120.46
CA ASP IB 10 48.96 25.36 -120.43
C ASP IB 10 48.53 25.68 -119.01
N ILE IB 11 48.45 26.98 -118.72
CA ILE IB 11 48.10 27.42 -117.37
C ILE IB 11 46.71 26.91 -117.02
N TYR IB 12 46.61 26.22 -115.89
CA TYR IB 12 45.31 25.88 -115.34
C TYR IB 12 44.97 26.69 -114.10
N SER IB 13 45.96 27.04 -113.28
CA SER IB 13 45.64 27.70 -112.03
C SER IB 13 46.82 28.55 -111.59
N THR IB 14 46.51 29.67 -110.96
CA THR IB 14 47.52 30.57 -110.42
C THR IB 14 47.13 30.95 -109.00
N GLU IB 15 48.01 30.65 -108.07
CA GLU IB 15 47.83 31.02 -106.67
C GLU IB 15 48.82 32.11 -106.30
N LYS IB 16 48.85 32.44 -105.01
CA LYS IB 16 49.84 33.38 -104.52
C LYS IB 16 51.24 32.87 -104.77
N ASP IB 17 51.48 31.58 -104.55
CA ASP IB 17 52.82 31.02 -104.67
C ASP IB 17 52.86 29.71 -105.43
N VAL IB 18 51.76 29.29 -106.06
CA VAL IB 18 51.75 28.10 -106.90
C VAL IB 18 51.21 28.46 -108.26
N VAL IB 19 51.86 27.94 -109.30
CA VAL IB 19 51.33 27.95 -110.66
C VAL IB 19 51.16 26.50 -111.07
N SER IB 20 49.97 26.16 -111.56
CA SER IB 20 49.66 24.81 -112.00
C SER IB 20 49.31 24.83 -113.48
N LEU IB 21 49.96 23.95 -114.24
CA LEU IB 21 49.74 23.80 -115.68
C LEU IB 21 49.32 22.37 -115.98
N ARG IB 22 48.46 22.21 -116.97
CA ARG IB 22 47.98 20.91 -117.39
C ARG IB 22 48.21 20.71 -118.87
N ASP IB 23 48.23 19.45 -119.29
CA ASP IB 23 48.37 19.14 -120.71
C ASP IB 23 47.12 19.53 -121.49
N PHE IB 24 45.95 19.20 -120.96
CA PHE IB 24 44.65 19.46 -121.58
C PHE IB 24 44.49 18.64 -122.87
N ALA IB 25 45.51 17.89 -123.24
CA ALA IB 25 45.45 16.98 -124.38
C ALA IB 25 45.27 15.53 -123.93
N ASN IB 26 46.19 15.02 -123.12
CA ASN IB 26 45.99 13.71 -122.51
C ASN IB 26 45.27 13.77 -121.18
N ASP IB 27 45.11 14.98 -120.61
CA ASP IB 27 44.35 15.20 -119.39
C ASP IB 27 44.83 14.31 -118.25
N LYS IB 28 46.13 14.04 -118.20
CA LYS IB 28 46.67 13.19 -117.16
C LYS IB 28 47.88 13.76 -116.45
N ASP IB 29 48.51 14.79 -116.98
CA ASP IB 29 49.72 15.36 -116.39
C ASP IB 29 49.45 16.76 -115.86
N THR IB 30 49.96 17.04 -114.67
CA THR IB 30 49.93 18.38 -114.10
C THR IB 30 51.33 18.74 -113.61
N LEU IB 31 51.82 19.89 -114.05
CA LEU IB 31 53.12 20.41 -113.66
C LEU IB 31 52.90 21.62 -112.76
N ALA IB 32 53.48 21.58 -111.56
CA ALA IB 32 53.30 22.63 -110.57
C ALA IB 32 54.64 23.27 -110.23
N TYR IB 33 54.67 24.60 -110.26
CA TYR IB 33 55.79 25.41 -109.81
C TYR IB 33 55.36 26.06 -108.50
N LYS IB 34 56.19 25.93 -107.47
CA LYS IB 34 55.79 26.32 -106.12
C LYS IB 34 56.94 27.07 -105.46
N ARG IB 35 56.58 28.10 -104.70
CA ARG IB 35 57.48 29.16 -104.29
C ARG IB 35 57.29 29.49 -102.81
N LEU IB 36 58.35 29.37 -102.02
CA LEU IB 36 58.35 29.84 -100.63
C LEU IB 36 59.54 30.74 -100.39
N ALA IB 37 59.29 32.02 -100.15
CA ALA IB 37 60.37 32.96 -99.92
C ALA IB 37 61.08 32.66 -98.60
N PRO IB 38 62.39 32.96 -98.50
CA PRO IB 38 63.11 32.72 -97.25
C PRO IB 38 62.59 33.60 -96.14
N LYS IB 39 62.57 33.06 -94.92
CA LYS IB 39 62.07 33.79 -93.76
C LYS IB 39 63.19 33.94 -92.74
N ARG IB 40 63.46 35.18 -92.35
CA ARG IB 40 64.57 35.49 -91.44
C ARG IB 40 64.11 35.20 -90.02
N THR IB 41 64.22 33.93 -89.64
CA THR IB 41 63.83 33.49 -88.30
C THR IB 41 64.93 33.68 -87.28
N LYS IB 42 66.14 33.99 -87.72
CA LYS IB 42 67.29 34.11 -86.83
C LYS IB 42 68.33 34.97 -87.52
N ASP IB 43 69.57 34.90 -87.05
CA ASP IB 43 70.68 35.54 -87.73
C ASP IB 43 70.79 35.03 -89.17
N SER IB 44 70.31 33.82 -89.41
CA SER IB 44 70.23 33.31 -90.77
C SER IB 44 69.09 34.02 -91.51
N PRO IB 45 69.25 34.33 -92.79
CA PRO IB 45 68.16 34.96 -93.55
C PRO IB 45 67.08 34.01 -94.00
N GLY IB 46 67.17 32.72 -93.66
CA GLY IB 46 66.20 31.74 -94.08
C GLY IB 46 66.57 31.04 -95.36
N MET IB 47 65.78 30.02 -95.70
CA MET IB 47 65.99 29.21 -96.90
C MET IB 47 64.86 29.45 -97.87
N ALA IB 48 65.20 29.64 -99.14
CA ALA IB 48 64.21 29.84 -100.20
C ALA IB 48 63.82 28.49 -100.77
N LYS IB 49 62.56 28.10 -100.59
CA LYS IB 49 62.06 26.84 -101.08
C LYS IB 49 61.51 26.99 -102.48
N SER IB 50 61.88 26.06 -103.35
CA SER IB 50 61.24 25.90 -104.65
C SER IB 50 60.76 24.47 -104.77
N GLU IB 51 59.73 24.27 -105.60
CA GLU IB 51 59.25 22.93 -105.87
C GLU IB 51 58.77 22.88 -107.31
N LEU IB 52 59.17 21.84 -108.04
CA LEU IB 52 58.76 21.64 -109.42
C LEU IB 52 58.32 20.19 -109.54
N LYS IB 53 57.02 19.95 -109.57
CA LYS IB 53 56.52 18.59 -109.52
C LYS IB 53 55.65 18.28 -110.72
N ILE IB 54 55.82 17.07 -111.25
CA ILE IB 54 54.97 16.55 -112.32
C ILE IB 54 54.19 15.36 -111.76
N THR IB 55 52.87 15.44 -111.84
CA THR IB 55 51.98 14.40 -111.35
C THR IB 55 51.21 13.81 -112.53
N ARG IB 56 51.19 12.49 -112.63
CA ARG IB 56 50.43 11.80 -113.65
C ARG IB 56 49.29 11.04 -113.00
N VAL IB 57 48.08 11.31 -113.46
CA VAL IB 57 46.88 10.62 -112.99
C VAL IB 57 46.07 10.21 -114.22
N ASP IB 58 45.83 8.91 -114.34
CA ASP IB 58 45.09 8.45 -115.51
C ASP IB 58 43.63 8.88 -115.42
N PRO IB 59 43.06 9.45 -116.48
CA PRO IB 59 41.74 10.07 -116.37
C PRO IB 59 40.56 9.15 -116.65
N THR IB 60 40.56 7.95 -116.10
CA THR IB 60 39.37 7.12 -116.17
C THR IB 60 38.85 6.83 -114.75
N THR IB 61 39.77 6.49 -113.86
CA THR IB 61 39.46 6.30 -112.45
C THR IB 61 40.16 7.31 -111.56
N GLY IB 62 41.13 8.06 -112.09
CA GLY IB 62 41.77 9.11 -111.33
C GLY IB 62 42.80 8.65 -110.31
N VAL IB 63 43.39 7.47 -110.50
CA VAL IB 63 44.39 6.97 -109.56
C VAL IB 63 45.75 7.55 -109.96
N LEU IB 64 46.56 7.86 -108.96
CA LEU IB 64 47.85 8.51 -109.20
C LEU IB 64 48.87 7.48 -109.66
N ILE IB 65 49.32 7.62 -110.90
CA ILE IB 65 50.34 6.73 -111.43
C ILE IB 65 51.70 7.01 -110.79
N GLY IB 66 52.11 8.28 -110.74
CA GLY IB 66 53.40 8.59 -110.17
C GLY IB 66 53.66 10.08 -110.14
N ILE IB 67 54.57 10.47 -109.25
CA ILE IB 67 54.99 11.85 -109.08
C ILE IB 67 56.51 11.90 -109.13
N VAL IB 68 57.04 12.86 -109.88
CA VAL IB 68 58.45 13.22 -109.83
C VAL IB 68 58.54 14.68 -109.41
N ASN IB 69 59.28 14.94 -108.33
CA ASN IB 69 59.34 16.27 -107.75
C ASN IB 69 60.79 16.73 -107.64
N VAL IB 70 61.02 17.99 -107.98
CA VAL IB 70 62.33 18.62 -107.85
C VAL IB 70 62.18 19.75 -106.85
N SER IB 71 62.76 19.58 -105.67
CA SER IB 71 62.68 20.57 -104.61
C SER IB 71 64.06 21.13 -104.32
N SER IB 72 64.13 22.45 -104.22
CA SER IB 72 65.35 23.14 -103.84
C SER IB 72 65.12 23.88 -102.54
N SER IB 73 66.13 23.92 -101.69
CA SER IB 73 66.12 24.63 -100.42
C SER IB 73 67.49 25.28 -100.26
N ILE IB 74 67.57 26.57 -100.55
CA ILE IB 74 68.85 27.27 -100.64
C ILE IB 74 68.82 28.50 -99.74
N ARG IB 75 69.95 28.76 -99.09
CA ARG IB 75 70.07 29.93 -98.22
C ARG IB 75 69.81 31.21 -98.99
N ALA IB 76 69.15 32.16 -98.32
CA ALA IB 76 68.88 33.45 -98.94
C ALA IB 76 70.18 34.17 -99.30
N ASP IB 77 71.19 34.07 -98.45
CA ASP IB 77 72.47 34.71 -98.68
C ASP IB 77 73.35 33.98 -99.67
N ALA IB 78 72.95 32.78 -100.10
CA ALA IB 78 73.80 31.94 -100.91
C ALA IB 78 74.11 32.61 -102.24
N THR IB 79 75.34 32.39 -102.71
CA THR IB 79 75.79 33.02 -103.94
C THR IB 79 75.12 32.37 -105.14
N ALA IB 80 75.02 33.14 -106.22
CA ALA IB 80 74.48 32.59 -107.46
C ALA IB 80 75.34 31.45 -107.99
N ALA IB 81 76.64 31.48 -107.70
CA ALA IB 81 77.50 30.37 -108.07
C ALA IB 81 77.11 29.10 -107.32
N ASP IB 82 76.73 29.22 -106.05
CA ASP IB 82 76.29 28.06 -105.30
C ASP IB 82 75.06 27.43 -105.95
N LYS IB 83 74.09 28.26 -106.33
CA LYS IB 83 72.88 27.74 -106.96
C LYS IB 83 73.17 27.15 -108.33
N THR IB 84 74.06 27.79 -109.09
CA THR IB 84 74.44 27.24 -110.39
C THR IB 84 75.09 25.88 -110.23
N ALA IB 85 76.00 25.75 -109.26
CA ALA IB 85 76.65 24.47 -109.02
C ALA IB 85 75.65 23.42 -108.59
N LEU IB 86 74.72 23.77 -107.72
CA LEU IB 86 73.72 22.79 -107.28
C LEU IB 86 72.88 22.31 -108.45
N MET IB 87 72.38 23.23 -109.27
CA MET IB 87 71.54 22.83 -110.38
C MET IB 87 72.32 22.02 -111.41
N ALA IB 88 73.57 22.41 -111.68
CA ALA IB 88 74.38 21.66 -112.63
C ALA IB 88 74.68 20.25 -112.13
N ILE IB 89 75.00 20.11 -110.84
CA ILE IB 89 75.32 18.79 -110.31
C ILE IB 89 74.08 17.89 -110.35
N ILE IB 90 72.94 18.43 -109.94
CA ILE IB 90 71.74 17.60 -109.90
C ILE IB 90 71.30 17.24 -111.31
N THR IB 91 71.44 18.15 -112.28
CA THR IB 91 71.06 17.84 -113.65
C THR IB 91 72.01 16.81 -114.27
N ALA IB 92 73.31 16.91 -113.97
CA ALA IB 92 74.25 15.93 -114.47
C ALA IB 92 73.97 14.55 -113.87
N ALA IB 93 73.63 14.51 -112.58
CA ALA IB 93 73.28 13.23 -111.96
C ALA IB 93 72.00 12.66 -112.56
N GLN IB 94 71.02 13.52 -112.85
CA GLN IB 94 69.79 13.04 -113.48
C GLN IB 94 70.05 12.51 -114.88
N ALA IB 95 70.93 13.17 -115.63
CA ALA IB 95 71.27 12.69 -116.97
C ALA IB 95 71.99 11.35 -116.92
N ASP IB 96 72.67 11.04 -115.83
CA ASP IB 96 73.34 9.76 -115.70
C ASP IB 96 72.31 8.63 -115.59
N GLY IB 97 72.72 7.44 -116.06
CA GLY IB 97 71.84 6.30 -116.02
C GLY IB 97 71.62 5.73 -114.64
N ALA IB 98 72.46 6.12 -113.68
CA ALA IB 98 72.25 5.67 -112.30
C ALA IB 98 70.91 6.15 -111.78
N TRP IB 99 70.55 7.39 -112.06
CA TRP IB 99 69.23 7.89 -111.68
C TRP IB 99 68.14 7.20 -112.48
N THR IB 100 68.39 6.92 -113.75
CA THR IB 100 67.39 6.27 -114.59
C THR IB 100 67.15 4.83 -114.14
N GLU IB 101 68.08 4.26 -113.39
CA GLU IB 101 67.90 2.95 -112.77
C GLU IB 101 67.25 3.05 -111.40
N LEU IB 102 67.70 4.01 -110.58
CA LEU IB 102 67.07 4.27 -109.29
C LEU IB 102 65.57 4.47 -109.46
N VAL IB 103 65.18 5.27 -110.43
CA VAL IB 103 63.79 5.29 -110.87
C VAL IB 103 63.61 4.14 -111.84
N THR IB 104 62.44 3.50 -111.80
CA THR IB 104 62.07 2.34 -112.61
C THR IB 104 62.71 1.03 -112.18
N ASP IB 105 63.68 1.05 -111.26
CA ASP IB 105 64.32 -0.20 -110.89
C ASP IB 105 64.64 -0.33 -109.41
N GLN IB 106 64.64 0.76 -108.64
CA GLN IB 106 65.06 0.74 -107.24
C GLN IB 106 66.46 0.16 -107.11
N ARG IB 107 67.34 0.60 -108.01
CA ARG IB 107 68.71 0.11 -108.09
C ARG IB 107 69.66 1.19 -107.64
N LEU IB 108 70.45 0.91 -106.61
CA LEU IB 108 71.45 1.84 -106.13
C LEU IB 108 72.69 1.79 -107.04
N PRO IB 109 73.45 2.88 -107.12
CA PRO IB 109 74.60 2.91 -108.04
C PRO IB 109 75.81 2.20 -107.47
N LEU IB 110 75.64 0.96 -107.03
CA LEU IB 110 76.71 0.20 -106.42
C LEU IB 110 76.99 -1.13 -107.10
N ALA IB 111 76.32 -1.45 -108.19
CA ALA IB 111 76.59 -2.67 -108.92
C ALA IB 111 78.01 -2.64 -109.49
N THR IB 112 78.63 -3.80 -109.61
CA THR IB 112 79.91 -3.94 -110.25
C THR IB 112 79.81 -4.21 -111.75
N VAL IB 113 78.59 -4.30 -112.27
CA VAL IB 113 78.32 -4.57 -113.69
C VAL IB 113 78.91 -5.92 -114.11
N SER JB 1 76.86 8.80 -109.51
CA SER JB 1 77.89 7.77 -109.50
C SER JB 1 79.29 8.37 -109.56
N LYS JB 2 79.63 8.96 -110.70
CA LYS JB 2 80.97 9.45 -110.98
C LYS JB 2 80.88 10.92 -111.37
N VAL JB 3 81.93 11.42 -112.01
CA VAL JB 3 82.14 12.84 -112.26
C VAL JB 3 80.89 13.53 -112.79
N PHE JB 4 80.43 14.53 -112.05
CA PHE JB 4 79.30 15.36 -112.44
C PHE JB 4 79.69 16.82 -112.28
N ASN JB 5 79.35 17.63 -113.29
CA ASN JB 5 79.69 19.05 -113.30
C ASN JB 5 81.19 19.26 -113.11
N THR JB 6 81.98 18.42 -113.78
CA THR JB 6 83.44 18.38 -113.73
C THR JB 6 83.97 18.01 -112.34
N GLN JB 7 83.12 17.70 -111.38
CA GLN JB 7 83.54 17.33 -110.04
C GLN JB 7 83.44 15.83 -109.86
N THR JB 8 84.50 15.23 -109.35
CA THR JB 8 84.57 13.79 -109.15
C THR JB 8 83.94 13.45 -107.80
N PHE JB 9 82.92 12.61 -107.82
CA PHE JB 9 82.20 12.21 -106.60
C PHE JB 9 82.60 10.78 -106.26
N ASP JB 10 83.40 10.64 -105.21
CA ASP JB 10 83.82 9.33 -104.73
C ASP JB 10 82.94 8.90 -103.57
N ILE JB 11 82.80 7.60 -103.38
CA ILE JB 11 81.82 7.07 -102.45
C ILE JB 11 82.18 7.49 -101.03
N TYR JB 12 81.23 8.08 -100.33
CA TYR JB 12 81.42 8.52 -98.95
C TYR JB 12 80.85 7.55 -97.93
N SER JB 13 79.68 6.98 -98.20
CA SER JB 13 79.09 6.03 -97.27
C SER JB 13 78.06 5.19 -98.00
N THR JB 14 77.77 4.01 -97.45
CA THR JB 14 76.79 3.10 -98.01
C THR JB 14 75.86 2.64 -96.91
N GLU JB 15 74.56 2.68 -97.18
CA GLU JB 15 73.54 2.19 -96.28
C GLU JB 15 72.74 1.10 -96.99
N LYS JB 16 71.75 0.55 -96.28
CA LYS JB 16 70.85 -0.42 -96.87
C LYS JB 16 70.14 0.15 -98.09
N ASP JB 17 69.73 1.42 -98.02
CA ASP JB 17 68.96 2.04 -99.08
C ASP JB 17 69.53 3.38 -99.52
N VAL JB 18 70.67 3.79 -98.97
CA VAL JB 18 71.29 5.06 -99.31
C VAL JB 18 72.73 4.83 -99.72
N VAL JB 19 73.14 5.47 -100.81
CA VAL JB 19 74.54 5.54 -101.21
C VAL JB 19 74.90 7.00 -101.34
N SER JB 20 75.91 7.42 -100.60
CA SER JB 20 76.33 8.81 -100.54
C SER JB 20 77.74 8.92 -101.09
N LEU JB 21 77.94 9.86 -102.01
CA LEU JB 21 79.22 10.15 -102.61
C LEU JB 21 79.64 11.56 -102.26
N ARG JB 22 80.94 11.78 -102.18
CA ARG JB 22 81.49 13.08 -101.84
C ARG JB 22 82.50 13.49 -102.90
N ASP JB 23 82.64 14.81 -103.09
CA ASP JB 23 83.68 15.31 -103.96
C ASP JB 23 85.07 15.00 -103.40
N PHE JB 24 85.29 15.33 -102.12
CA PHE JB 24 86.56 15.15 -101.42
C PHE JB 24 87.61 16.12 -101.93
N ALA JB 25 87.29 16.86 -102.98
CA ALA JB 25 88.16 17.92 -103.49
C ALA JB 25 87.82 19.27 -102.88
N ASN JB 26 86.59 19.74 -103.07
CA ASN JB 26 86.12 20.91 -102.35
C ASN JB 26 85.50 20.54 -101.01
N ASP JB 27 85.34 19.25 -100.73
CA ASP JB 27 84.88 18.75 -99.44
C ASP JB 27 83.57 19.36 -99.01
N LYS JB 28 82.73 19.74 -99.97
CA LYS JB 28 81.52 20.48 -99.65
C LYS JB 28 80.26 19.89 -100.25
N ASP JB 29 80.36 19.02 -101.25
CA ASP JB 29 79.21 18.52 -101.99
C ASP JB 29 79.02 17.03 -101.72
N THR JB 30 77.79 16.64 -101.40
CA THR JB 30 77.44 15.26 -101.14
C THR JB 30 76.23 14.88 -101.96
N LEU JB 31 76.34 13.79 -102.71
CA LEU JB 31 75.29 13.30 -103.59
C LEU JB 31 74.74 11.99 -103.03
N ALA JB 32 73.46 11.96 -102.73
CA ALA JB 32 72.83 10.80 -102.12
C ALA JB 32 71.80 10.20 -103.06
N TYR JB 33 71.84 8.87 -103.18
CA TYR JB 33 70.84 8.07 -103.87
C TYR JB 33 70.12 7.27 -102.81
N LYS JB 34 68.81 7.45 -102.70
CA LYS JB 34 68.01 6.81 -101.68
C LYS JB 34 66.91 5.99 -102.34
N ARG JB 35 66.66 4.82 -101.77
CA ARG JB 35 65.75 3.82 -102.32
C ARG JB 35 64.69 3.49 -101.28
N LEU JB 36 63.46 3.24 -101.73
CA LEU JB 36 62.39 2.85 -100.83
C LEU JB 36 61.43 1.97 -101.62
N ALA JB 37 61.58 0.65 -101.48
CA ALA JB 37 60.79 -0.28 -102.27
C ALA JB 37 59.30 -0.15 -101.92
N PRO JB 38 58.42 -0.39 -102.89
CA PRO JB 38 56.98 -0.35 -102.59
C PRO JB 38 56.59 -1.44 -101.61
N LYS JB 39 55.64 -1.11 -100.75
CA LYS JB 39 55.08 -2.06 -99.80
C LYS JB 39 53.62 -2.29 -100.15
N ARG JB 40 53.25 -3.56 -100.30
CA ARG JB 40 51.91 -3.95 -100.73
C ARG JB 40 51.00 -4.00 -99.50
N THR JB 41 50.71 -2.82 -98.96
CA THR JB 41 49.91 -2.72 -97.75
C THR JB 41 48.43 -2.94 -98.00
N LYS JB 42 48.01 -2.93 -99.26
CA LYS JB 42 46.63 -3.19 -99.63
C LYS JB 42 46.63 -3.87 -100.99
N ASP JB 43 45.47 -3.84 -101.66
CA ASP JB 43 45.36 -4.35 -103.02
C ASP JB 43 46.34 -3.62 -103.93
N SER JB 44 46.70 -2.40 -103.57
CA SER JB 44 47.71 -1.67 -104.31
C SER JB 44 49.05 -2.39 -104.20
N PRO JB 45 49.91 -2.34 -105.23
CA PRO JB 45 51.26 -2.87 -105.09
C PRO JB 45 52.21 -1.93 -104.37
N GLY JB 46 51.73 -0.79 -103.88
CA GLY JB 46 52.55 0.17 -103.21
C GLY JB 46 53.19 1.16 -104.18
N MET JB 47 53.89 2.12 -103.61
CA MET JB 47 54.62 3.12 -104.37
C MET JB 47 56.11 2.93 -104.18
N ALA JB 48 56.84 2.85 -105.29
CA ALA JB 48 58.29 2.79 -105.26
C ALA JB 48 58.84 4.21 -105.17
N LYS JB 49 59.51 4.52 -104.07
CA LYS JB 49 60.10 5.82 -103.85
C LYS JB 49 61.58 5.81 -104.21
N SER JB 50 62.03 6.84 -104.90
CA SER JB 50 63.44 7.09 -105.10
C SER JB 50 63.75 8.53 -104.71
N GLU JB 51 65.02 8.78 -104.43
CA GLU JB 51 65.45 10.12 -104.03
C GLU JB 51 66.86 10.35 -104.53
N LEU JB 52 67.10 11.50 -105.14
CA LEU JB 52 68.44 11.86 -105.59
C LEU JB 52 68.70 13.29 -105.14
N LYS JB 53 69.52 13.46 -104.10
CA LYS JB 53 69.70 14.78 -103.51
C LYS JB 53 71.16 15.20 -103.52
N ILE JB 54 71.37 16.48 -103.75
CA ILE JB 54 72.69 17.09 -103.69
C ILE JB 54 72.68 18.10 -102.56
N THR JB 55 73.70 18.03 -101.71
CA THR JB 55 73.81 18.89 -100.56
C THR JB 55 75.16 19.60 -100.57
N ARG JB 56 75.13 20.91 -100.42
CA ARG JB 56 76.34 21.71 -100.29
C ARG JB 56 76.38 22.30 -98.90
N VAL JB 57 77.49 22.07 -98.20
CA VAL JB 57 77.77 22.75 -96.94
C VAL JB 57 79.19 23.28 -97.02
N ASP JB 58 79.39 24.50 -96.57
CA ASP JB 58 80.76 25.00 -96.55
C ASP JB 58 81.56 24.27 -95.48
N PRO JB 59 82.67 23.62 -95.82
CA PRO JB 59 83.33 22.75 -94.86
C PRO JB 59 84.29 23.47 -93.93
N THR JB 60 83.89 24.64 -93.43
CA THR JB 60 84.66 25.30 -92.38
C THR JB 60 83.76 25.55 -91.16
N THR JB 61 82.58 26.10 -91.40
CA THR JB 61 81.61 26.35 -90.34
C THR JB 61 80.42 25.42 -90.39
N GLY JB 62 80.28 24.62 -91.44
CA GLY JB 62 79.22 23.64 -91.49
C GLY JB 62 77.83 24.20 -91.56
N VAL JB 63 77.62 25.33 -92.23
CA VAL JB 63 76.28 25.85 -92.48
C VAL JB 63 75.83 25.35 -93.85
N LEU JB 64 74.61 24.86 -93.94
CA LEU JB 64 74.09 24.31 -95.17
C LEU JB 64 73.84 25.45 -96.16
N ILE JB 65 74.52 25.41 -97.30
CA ILE JB 65 74.28 26.40 -98.33
C ILE JB 65 72.98 26.12 -99.05
N GLY JB 66 72.71 24.88 -99.42
CA GLY JB 66 71.48 24.55 -100.11
C GLY JB 66 71.39 23.07 -100.43
N ILE JB 67 70.15 22.65 -100.69
CA ILE JB 67 69.82 21.28 -101.07
C ILE JB 67 68.92 21.32 -102.30
N VAL JB 68 69.22 20.47 -103.28
CA VAL JB 68 68.32 20.22 -104.39
C VAL JB 68 68.02 18.72 -104.41
N ASN JB 69 66.73 18.39 -104.41
CA ASN JB 69 66.28 17.02 -104.22
C ASN JB 69 65.38 16.61 -105.38
N VAL JB 70 65.63 15.43 -105.93
CA VAL JB 70 64.79 14.87 -106.98
C VAL JB 70 64.17 13.59 -106.42
N SER JB 71 62.89 13.66 -106.08
CA SER JB 71 62.18 12.55 -105.50
C SER JB 71 61.18 11.98 -106.49
N SER JB 72 60.98 10.67 -106.45
CA SER JB 72 60.00 10.00 -107.28
C SER JB 72 59.13 9.11 -106.41
N SER JB 73 57.84 9.09 -106.71
CA SER JB 73 56.88 8.22 -106.04
C SER JB 73 56.00 7.65 -107.15
N ILE JB 74 56.36 6.48 -107.64
CA ILE JB 74 55.68 5.85 -108.77
C ILE JB 74 55.09 4.52 -108.32
N ARG JB 75 53.88 4.22 -108.77
CA ARG JB 75 53.26 2.94 -108.49
C ARG JB 75 54.15 1.80 -108.95
N ALA JB 76 54.20 0.74 -108.15
CA ALA JB 76 54.98 -0.43 -108.53
C ALA JB 76 54.47 -1.05 -109.82
N ASP JB 77 53.15 -0.98 -110.05
CA ASP JB 77 52.57 -1.52 -111.27
C ASP JB 77 52.69 -0.59 -112.47
N ALA JB 78 53.14 0.65 -112.25
CA ALA JB 78 53.12 1.64 -113.32
C ALA JB 78 54.03 1.22 -114.47
N THR JB 79 53.52 1.36 -115.67
CA THR JB 79 54.24 0.94 -116.86
C THR JB 79 55.50 1.78 -117.06
N ALA JB 80 56.47 1.18 -117.77
CA ALA JB 80 57.69 1.90 -118.08
C ALA JB 80 57.40 3.12 -118.95
N ALA JB 81 56.29 3.11 -119.70
CA ALA JB 81 55.92 4.29 -120.47
C ALA JB 81 55.59 5.46 -119.55
N ASP JB 82 54.81 5.21 -118.51
CA ASP JB 82 54.47 6.26 -117.56
C ASP JB 82 55.73 6.80 -116.88
N LYS JB 83 56.63 5.90 -116.49
CA LYS JB 83 57.85 6.29 -115.79
C LYS JB 83 58.78 7.10 -116.69
N THR JB 84 58.95 6.65 -117.94
CA THR JB 84 59.77 7.40 -118.88
C THR JB 84 59.16 8.75 -119.21
N ALA JB 85 57.83 8.81 -119.34
CA ALA JB 85 57.18 10.09 -119.60
C ALA JB 85 57.36 11.04 -118.43
N LEU JB 86 57.25 10.53 -117.20
CA LEU JB 86 57.47 11.36 -116.03
C LEU JB 86 58.88 11.92 -116.02
N MET JB 87 59.88 11.08 -116.28
CA MET JB 87 61.25 11.58 -116.28
C MET JB 87 61.47 12.57 -117.40
N ALA JB 88 60.93 12.29 -118.59
CA ALA JB 88 61.12 13.18 -119.72
C ALA JB 88 60.49 14.55 -119.46
N ILE JB 89 59.29 14.57 -118.90
CA ILE JB 89 58.63 15.83 -118.60
C ILE JB 89 59.42 16.60 -117.56
N ILE JB 90 59.86 15.93 -116.49
CA ILE JB 90 60.54 16.68 -115.43
C ILE JB 90 61.89 17.18 -115.90
N THR JB 91 62.61 16.41 -116.70
CA THR JB 91 63.90 16.86 -117.21
C THR JB 91 63.73 18.00 -118.20
N ALA JB 92 62.70 17.93 -119.04
CA ALA JB 92 62.42 19.03 -119.96
C ALA JB 92 62.07 20.30 -119.20
N ALA JB 93 61.28 20.16 -118.13
CA ALA JB 93 60.93 21.32 -117.31
C ALA JB 93 62.15 21.91 -116.63
N GLN JB 94 63.04 21.06 -116.12
CA GLN JB 94 64.27 21.56 -115.50
C GLN JB 94 65.16 22.27 -116.50
N ALA JB 95 65.31 21.71 -117.70
CA ALA JB 95 66.11 22.37 -118.72
C ALA JB 95 65.53 23.72 -119.13
N ASP JB 96 64.22 23.90 -118.98
CA ASP JB 96 63.58 25.17 -119.29
C ASP JB 96 63.98 26.23 -118.29
N GLY JB 97 64.00 27.48 -118.76
CA GLY JB 97 64.43 28.60 -117.92
C GLY JB 97 63.52 28.89 -116.76
N ALA JB 98 62.26 28.44 -116.81
CA ALA JB 98 61.34 28.70 -115.71
C ALA JB 98 61.84 28.11 -114.41
N TRP JB 99 62.35 26.88 -114.44
CA TRP JB 99 62.94 26.29 -113.24
C TRP JB 99 64.19 27.04 -112.81
N THR JB 100 65.01 27.46 -113.77
CA THR JB 100 66.23 28.21 -113.46
C THR JB 100 65.92 29.51 -112.73
N GLU JB 101 64.81 30.17 -113.07
CA GLU JB 101 64.41 31.38 -112.36
C GLU JB 101 63.65 31.11 -111.08
N LEU JB 102 62.85 30.05 -111.03
CA LEU JB 102 62.19 29.66 -109.78
C LEU JB 102 63.21 29.42 -108.69
N VAL JB 103 64.29 28.72 -109.02
CA VAL JB 103 65.48 28.79 -108.20
C VAL JB 103 66.22 30.08 -108.52
N THR JB 104 66.94 30.62 -107.55
CA THR JB 104 67.75 31.83 -107.71
C THR JB 104 66.92 33.10 -107.87
N ASP JB 105 65.60 32.99 -108.05
CA ASP JB 105 64.77 34.18 -108.10
C ASP JB 105 63.46 34.06 -107.36
N GLN JB 106 63.01 32.86 -107.04
CA GLN JB 106 61.65 32.61 -106.55
C GLN JB 106 60.62 33.23 -107.49
N ARG JB 107 60.85 33.08 -108.78
CA ARG JB 107 60.00 33.65 -109.82
C ARG JB 107 59.09 32.56 -110.37
N LEU JB 108 57.79 32.75 -110.21
CA LEU JB 108 56.83 31.81 -110.77
C LEU JB 108 56.65 32.06 -112.26
N PRO JB 109 56.35 31.01 -113.03
CA PRO JB 109 56.11 31.20 -114.46
C PRO JB 109 54.78 31.86 -114.74
N LEU JB 110 54.69 33.16 -114.48
CA LEU JB 110 53.51 33.94 -114.80
C LEU JB 110 53.83 35.33 -115.33
N ALA JB 111 55.10 35.65 -115.57
CA ALA JB 111 55.46 36.98 -116.06
C ALA JB 111 55.02 37.16 -117.51
N THR JB 112 54.58 38.37 -117.83
CA THR JB 112 54.15 38.70 -119.18
C THR JB 112 55.30 39.13 -120.08
N VAL JB 113 56.51 39.25 -119.55
CA VAL JB 113 57.70 39.66 -120.28
C VAL JB 113 57.52 41.04 -120.90
N SER KB 1 74.14 -40.84 -102.47
CA SER KB 1 74.13 -42.19 -102.97
C SER KB 1 75.44 -42.92 -102.72
N LYS KB 2 76.43 -42.64 -103.55
CA LYS KB 2 77.71 -43.35 -103.49
C LYS KB 2 78.83 -42.32 -103.46
N VAL KB 3 80.05 -42.79 -103.73
CA VAL KB 3 81.30 -42.12 -103.38
C VAL KB 3 81.27 -40.63 -103.68
N PHE KB 4 81.50 -39.82 -102.64
CA PHE KB 4 81.57 -38.38 -102.72
C PHE KB 4 82.87 -37.92 -102.09
N ASN KB 5 83.63 -37.12 -102.83
CA ASN KB 5 84.91 -36.59 -102.34
C ASN KB 5 85.80 -37.75 -101.89
N THR KB 6 85.85 -38.80 -102.71
CA THR KB 6 86.63 -40.01 -102.52
C THR KB 6 86.27 -40.78 -101.26
N GLN KB 7 85.18 -40.45 -100.59
CA GLN KB 7 84.70 -41.20 -99.44
C GLN KB 7 83.49 -42.02 -99.85
N THR KB 8 83.42 -43.24 -99.36
CA THR KB 8 82.31 -44.14 -99.65
C THR KB 8 81.22 -43.92 -98.62
N PHE KB 9 80.02 -43.56 -99.08
CA PHE KB 9 78.87 -43.38 -98.21
C PHE KB 9 77.92 -44.54 -98.45
N ASP KB 10 77.72 -45.35 -97.42
CA ASP KB 10 76.80 -46.47 -97.47
C ASP KB 10 75.56 -46.14 -96.69
N ILE KB 11 74.42 -46.72 -97.10
CA ILE KB 11 73.16 -46.42 -96.43
C ILE KB 11 73.27 -46.86 -94.97
N TYR KB 12 73.00 -45.93 -94.07
CA TYR KB 12 72.95 -46.23 -92.65
C TYR KB 12 71.56 -46.50 -92.15
N SER KB 13 70.57 -45.77 -92.66
CA SER KB 13 69.20 -45.95 -92.20
C SER KB 13 68.26 -45.48 -93.29
N THR KB 14 67.12 -46.15 -93.39
CA THR KB 14 66.09 -45.73 -94.31
C THR KB 14 64.81 -45.49 -93.52
N GLU KB 15 64.17 -44.36 -93.79
CA GLU KB 15 62.97 -43.94 -93.10
C GLU KB 15 61.90 -43.65 -94.16
N LYS KB 16 60.68 -43.39 -93.69
CA LYS KB 16 59.58 -43.02 -94.58
C LYS KB 16 59.98 -41.88 -95.50
N ASP KB 17 60.50 -40.79 -94.92
CA ASP KB 17 60.89 -39.62 -95.70
C ASP KB 17 62.34 -39.22 -95.47
N VAL KB 18 63.16 -40.10 -94.89
CA VAL KB 18 64.56 -39.80 -94.61
C VAL KB 18 65.40 -40.98 -95.06
N VAL KB 19 66.54 -40.70 -95.69
CA VAL KB 19 67.54 -41.70 -96.01
C VAL KB 19 68.89 -41.17 -95.52
N SER KB 20 69.58 -41.95 -94.69
CA SER KB 20 70.83 -41.54 -94.10
C SER KB 20 71.95 -42.49 -94.51
N LEU KB 21 73.03 -41.92 -95.01
CA LEU KB 21 74.22 -42.64 -95.41
C LEU KB 21 75.38 -42.26 -94.50
N ARG KB 22 76.23 -43.24 -94.21
CA ARG KB 22 77.36 -43.01 -93.33
C ARG KB 22 78.62 -43.43 -94.06
N ASP KB 23 79.72 -42.72 -93.79
CA ASP KB 23 80.99 -43.08 -94.41
C ASP KB 23 81.45 -44.46 -93.97
N PHE KB 24 81.36 -44.75 -92.67
CA PHE KB 24 81.71 -46.04 -92.08
C PHE KB 24 83.22 -46.29 -92.13
N ALA KB 25 83.96 -45.40 -92.77
CA ALA KB 25 85.42 -45.44 -92.79
C ALA KB 25 86.02 -44.46 -91.82
N ASN KB 26 85.72 -43.17 -91.95
CA ASN KB 26 86.09 -42.22 -90.92
C ASN KB 26 85.11 -42.21 -89.75
N ASP KB 27 83.92 -42.80 -89.93
CA ASP KB 27 82.89 -42.88 -88.90
C ASP KB 27 82.57 -41.50 -88.33
N LYS KB 28 82.59 -40.48 -89.17
CA LYS KB 28 82.36 -39.12 -88.71
C LYS KB 28 81.43 -38.33 -89.61
N ASP KB 29 81.12 -38.82 -90.81
CA ASP KB 29 80.31 -38.08 -91.78
C ASP KB 29 78.98 -38.79 -91.99
N THR KB 30 77.90 -38.02 -91.96
CA THR KB 30 76.56 -38.52 -92.23
C THR KB 30 75.88 -37.64 -93.26
N LEU KB 31 75.35 -38.25 -94.32
CA LEU KB 31 74.63 -37.54 -95.37
C LEU KB 31 73.16 -37.93 -95.31
N ALA KB 32 72.30 -36.95 -95.09
CA ALA KB 32 70.87 -37.18 -94.92
C ALA KB 32 70.10 -36.54 -96.06
N TYR KB 33 69.19 -37.32 -96.64
CA TYR KB 33 68.19 -36.87 -97.60
C TYR KB 33 66.86 -36.83 -96.86
N LYS KB 34 66.28 -35.64 -96.76
CA LYS KB 34 65.02 -35.41 -96.06
C LYS KB 34 63.97 -34.93 -97.05
N ARG KB 35 62.76 -35.46 -96.92
CA ARG KB 35 61.66 -35.23 -97.84
C ARG KB 35 60.48 -34.65 -97.07
N LEU KB 36 59.69 -33.80 -97.71
CA LEU KB 36 58.47 -33.28 -97.09
C LEU KB 36 57.52 -32.84 -98.19
N ALA KB 37 56.41 -33.55 -98.35
CA ALA KB 37 55.47 -33.26 -99.42
C ALA KB 37 54.78 -31.91 -99.18
N PRO KB 38 54.43 -31.20 -100.26
CA PRO KB 38 53.69 -29.95 -100.11
C PRO KB 38 52.30 -30.19 -99.55
N LYS KB 39 51.85 -29.30 -98.69
CA LYS KB 39 50.53 -29.41 -98.07
C LYS KB 39 49.60 -28.35 -98.66
N ARG KB 40 48.47 -28.80 -99.17
CA ARG KB 40 47.46 -27.92 -99.75
C ARG KB 40 46.58 -27.41 -98.61
N THR KB 41 47.20 -26.63 -97.73
CA THR KB 41 46.50 -26.06 -96.58
C THR KB 41 45.53 -24.97 -96.99
N LYS KB 42 45.57 -24.57 -98.26
CA LYS KB 42 44.74 -23.49 -98.78
C LYS KB 42 44.59 -23.74 -100.28
N ASP KB 43 44.15 -22.70 -101.00
CA ASP KB 43 44.09 -22.77 -102.45
C ASP KB 43 45.45 -23.14 -103.03
N SER KB 44 46.52 -22.61 -102.43
CA SER KB 44 47.86 -22.92 -102.89
C SER KB 44 48.16 -24.40 -102.72
N PRO KB 45 48.84 -25.03 -103.68
CA PRO KB 45 49.13 -26.46 -103.55
C PRO KB 45 50.20 -26.79 -102.51
N GLY KB 46 50.81 -25.79 -101.90
CA GLY KB 46 51.81 -26.01 -100.88
C GLY KB 46 53.22 -25.99 -101.42
N MET KB 47 54.17 -26.07 -100.50
CA MET KB 47 55.59 -25.98 -100.81
C MET KB 47 56.24 -27.32 -100.51
N ALA KB 48 56.92 -27.89 -101.51
CA ALA KB 48 57.58 -29.17 -101.37
C ALA KB 48 58.97 -28.95 -100.78
N LYS KB 49 59.18 -29.44 -99.57
CA LYS KB 49 60.45 -29.27 -98.87
C LYS KB 49 61.39 -30.41 -99.18
N SER KB 50 62.62 -30.07 -99.53
CA SER KB 50 63.69 -31.04 -99.66
C SER KB 50 64.84 -30.62 -98.77
N GLU KB 51 65.69 -31.59 -98.42
CA GLU KB 51 66.85 -31.27 -97.62
C GLU KB 51 67.95 -32.26 -97.91
N LEU KB 52 69.16 -31.75 -98.11
CA LEU KB 52 70.36 -32.57 -98.29
C LEU KB 52 71.42 -32.02 -97.35
N LYS KB 53 71.77 -32.78 -96.32
CA LYS KB 53 72.70 -32.25 -95.33
C LYS KB 53 73.84 -33.22 -95.09
N ILE KB 54 75.02 -32.65 -94.81
CA ILE KB 54 76.19 -33.41 -94.39
C ILE KB 54 76.57 -32.94 -92.99
N THR KB 55 76.69 -33.89 -92.08
CA THR KB 55 77.01 -33.61 -90.70
C THR KB 55 78.29 -34.33 -90.32
N ARG KB 56 79.23 -33.60 -89.72
CA ARG KB 56 80.47 -34.17 -89.25
C ARG KB 56 80.48 -34.13 -87.74
N VAL KB 57 80.69 -35.30 -87.13
CA VAL KB 57 80.77 -35.43 -85.68
C VAL KB 57 82.08 -36.10 -85.35
N ASP KB 58 82.81 -35.54 -84.39
CA ASP KB 58 84.11 -36.10 -84.07
C ASP KB 58 83.95 -37.46 -83.40
N PRO KB 59 84.46 -38.53 -83.98
CA PRO KB 59 84.12 -39.88 -83.49
C PRO KB 59 85.01 -40.39 -82.37
N THR KB 60 85.36 -39.55 -81.39
CA THR KB 60 85.95 -40.08 -80.16
C THR KB 60 85.21 -39.53 -78.95
N THR KB 61 84.79 -38.28 -79.00
CA THR KB 61 83.98 -37.69 -77.94
C THR KB 61 82.61 -37.22 -78.42
N GLY KB 62 82.38 -37.17 -79.73
CA GLY KB 62 81.07 -36.83 -80.25
C GLY KB 62 80.76 -35.35 -80.32
N VAL KB 63 81.74 -34.52 -80.63
CA VAL KB 63 81.51 -33.07 -80.77
C VAL KB 63 81.24 -32.74 -82.23
N LEU KB 64 80.14 -32.04 -82.46
CA LEU KB 64 79.73 -31.66 -83.82
C LEU KB 64 80.75 -30.69 -84.39
N ILE KB 65 81.51 -31.14 -85.39
CA ILE KB 65 82.46 -30.26 -86.05
C ILE KB 65 81.74 -29.23 -86.91
N GLY KB 66 80.78 -29.66 -87.72
CA GLY KB 66 80.11 -28.74 -88.62
C GLY KB 66 78.99 -29.42 -89.37
N ILE KB 67 78.11 -28.58 -89.91
CA ILE KB 67 77.00 -29.01 -90.75
C ILE KB 67 76.92 -28.09 -91.95
N VAL KB 68 76.82 -28.67 -93.14
CA VAL KB 68 76.43 -27.93 -94.33
C VAL KB 68 75.12 -28.54 -94.82
N ASN KB 69 74.09 -27.71 -94.92
CA ASN KB 69 72.75 -28.18 -95.26
C ASN KB 69 72.25 -27.43 -96.49
N VAL KB 70 71.69 -28.18 -97.44
CA VAL KB 70 71.04 -27.61 -98.60
C VAL KB 70 69.56 -27.94 -98.50
N SER KB 71 68.75 -26.90 -98.37
CA SER KB 71 67.31 -27.06 -98.23
C SER KB 71 66.59 -26.38 -99.38
N SER KB 72 65.46 -26.95 -99.79
CA SER KB 72 64.65 -26.39 -100.85
C SER KB 72 63.21 -26.25 -100.39
N SER KB 73 62.59 -25.14 -100.75
CA SER KB 73 61.18 -24.89 -100.48
C SER KB 73 60.61 -24.32 -101.76
N ILE KB 74 60.07 -25.20 -102.60
CA ILE KB 74 59.57 -24.83 -103.92
C ILE KB 74 58.08 -25.11 -103.97
N ARG KB 75 57.34 -24.20 -104.61
CA ARG KB 75 55.90 -24.38 -104.79
C ARG KB 75 55.63 -25.70 -105.48
N ALA KB 76 54.57 -26.37 -105.04
CA ALA KB 76 54.18 -27.63 -105.66
C ALA KB 76 53.84 -27.44 -107.14
N ASP KB 77 53.34 -26.28 -107.51
CA ASP KB 77 52.99 -26.00 -108.89
C ASP KB 77 54.14 -25.41 -109.70
N ALA KB 78 55.28 -25.13 -109.07
CA ALA KB 78 56.37 -24.47 -109.77
C ALA KB 78 56.87 -25.31 -110.93
N THR KB 79 57.14 -24.65 -112.05
CA THR KB 79 57.53 -25.34 -113.26
C THR KB 79 58.91 -25.96 -113.10
N ALA KB 80 59.15 -27.03 -113.87
CA ALA KB 80 60.46 -27.66 -113.88
C ALA KB 80 61.54 -26.69 -114.32
N ALA KB 81 61.17 -25.70 -115.15
CA ALA KB 81 62.12 -24.65 -115.52
C ALA KB 81 62.54 -23.84 -114.30
N ASP KB 82 61.58 -23.50 -113.43
CA ASP KB 82 61.91 -22.77 -112.21
C ASP KB 82 62.85 -23.58 -111.34
N LYS KB 83 62.56 -24.87 -111.17
CA LYS KB 83 63.39 -25.71 -110.31
C LYS KB 83 64.79 -25.89 -110.88
N THR KB 84 64.88 -26.11 -112.19
CA THR KB 84 66.18 -26.23 -112.83
C THR KB 84 66.97 -24.93 -112.71
N ALA KB 85 66.31 -23.78 -112.89
CA ALA KB 85 66.99 -22.50 -112.76
C ALA KB 85 67.48 -22.27 -111.34
N LEU KB 86 66.65 -22.59 -110.35
CA LEU KB 86 67.06 -22.43 -108.96
C LEU KB 86 68.27 -23.30 -108.65
N MET KB 87 68.22 -24.56 -109.06
CA MET KB 87 69.34 -25.46 -108.80
C MET KB 87 70.60 -25.00 -109.51
N ALA KB 88 70.48 -24.55 -110.76
CA ALA KB 88 71.65 -24.11 -111.51
C ALA KB 88 72.25 -22.84 -110.92
N ILE KB 89 71.41 -21.89 -110.51
CA ILE KB 89 71.92 -20.67 -109.90
C ILE KB 89 72.64 -20.99 -108.60
N ILE KB 90 72.04 -21.82 -107.75
CA ILE KB 90 72.68 -22.10 -106.47
C ILE KB 90 73.96 -22.90 -106.66
N THR KB 91 73.99 -23.82 -107.63
CA THR KB 91 75.21 -24.58 -107.89
C THR KB 91 76.31 -23.69 -108.42
N ALA KB 92 75.98 -22.77 -109.32
CA ALA KB 92 76.98 -21.84 -109.83
C ALA KB 92 77.50 -20.92 -108.73
N ALA KB 93 76.61 -20.46 -107.84
CA ALA KB 93 77.04 -19.62 -106.73
C ALA KB 93 77.96 -20.39 -105.79
N GLN KB 94 77.64 -21.65 -105.51
CA GLN KB 94 78.52 -22.46 -104.68
C GLN KB 94 79.87 -22.69 -105.35
N ALA KB 95 79.88 -22.87 -106.67
CA ALA KB 95 81.13 -23.00 -107.39
C ALA KB 95 81.93 -21.71 -107.39
N ASP KB 96 81.28 -20.57 -107.25
CA ASP KB 96 81.97 -19.30 -107.15
C ASP KB 96 82.72 -19.22 -105.82
N GLY KB 97 83.80 -18.42 -105.82
CA GLY KB 97 84.65 -18.33 -104.64
C GLY KB 97 84.07 -17.53 -103.50
N ALA KB 98 83.05 -16.72 -103.77
CA ALA KB 98 82.43 -15.95 -102.70
C ALA KB 98 81.85 -16.88 -101.64
N TRP KB 99 81.30 -18.02 -102.05
CA TRP KB 99 80.83 -19.01 -101.08
C TRP KB 99 82.00 -19.63 -100.32
N THR KB 100 83.09 -19.93 -101.02
CA THR KB 100 84.25 -20.52 -100.36
C THR KB 100 84.91 -19.56 -99.39
N GLU KB 101 84.60 -18.27 -99.49
CA GLU KB 101 85.04 -17.30 -98.51
C GLU KB 101 84.04 -17.09 -97.39
N LEU KB 102 82.75 -17.02 -97.72
CA LEU KB 102 81.70 -16.94 -96.72
C LEU KB 102 81.82 -18.08 -95.73
N VAL KB 103 81.97 -19.29 -96.23
CA VAL KB 103 82.44 -20.40 -95.42
C VAL KB 103 83.96 -20.29 -95.33
N THR KB 104 84.51 -20.63 -94.17
CA THR KB 104 85.94 -20.60 -93.86
C THR KB 104 86.49 -19.21 -93.58
N ASP KB 105 85.75 -18.15 -93.88
CA ASP KB 105 86.23 -16.83 -93.49
C ASP KB 105 85.17 -15.89 -92.98
N GLN KB 106 83.88 -16.18 -93.19
CA GLN KB 106 82.81 -15.23 -92.93
C GLN KB 106 83.04 -13.93 -93.70
N ARG KB 107 83.51 -14.06 -94.93
CA ARG KB 107 83.82 -12.93 -95.79
C ARG KB 107 82.67 -12.73 -96.77
N LEU KB 108 82.06 -11.61 -96.70
CA LEU KB 108 80.96 -11.24 -97.58
C LEU KB 108 81.48 -10.71 -98.91
N PRO KB 109 80.70 -10.85 -99.96
CA PRO KB 109 81.12 -10.30 -101.25
C PRO KB 109 80.95 -8.79 -101.31
N LEU KB 110 81.70 -8.07 -100.48
CA LEU KB 110 81.71 -6.62 -100.50
C LEU KB 110 83.11 -6.03 -100.39
N ALA KB 111 84.13 -6.85 -100.15
CA ALA KB 111 85.49 -6.34 -100.07
C ALA KB 111 85.93 -5.79 -101.44
N THR KB 112 86.70 -4.71 -101.41
CA THR KB 112 87.17 -4.06 -102.62
C THR KB 112 88.42 -4.71 -103.22
N VAL KB 113 89.00 -5.69 -102.53
CA VAL KB 113 90.20 -6.39 -102.98
C VAL KB 113 91.38 -5.42 -103.15
N SER LB 1 54.05 72.84 -97.69
CA SER LB 1 54.80 74.04 -97.33
C SER LB 1 54.08 75.29 -97.82
N LYS LB 2 53.99 75.43 -99.15
CA LYS LB 2 53.36 76.60 -99.76
C LYS LB 2 52.49 76.11 -100.91
N VAL LB 3 52.11 77.03 -101.80
CA VAL LB 3 51.09 76.79 -102.82
C VAL LB 3 51.31 75.46 -103.56
N PHE LB 4 50.30 74.61 -103.51
CA PHE LB 4 50.28 73.32 -104.20
C PHE LB 4 48.94 73.20 -104.91
N ASN LB 5 48.98 72.79 -106.17
CA ASN LB 5 47.77 72.60 -106.98
C ASN LB 5 46.95 73.90 -106.96
N THR LB 6 47.64 75.03 -107.14
CA THR LB 6 47.09 76.38 -107.16
C THR LB 6 46.40 76.77 -105.87
N GLN LB 7 46.60 76.03 -104.78
CA GLN LB 7 46.04 76.38 -103.49
C GLN LB 7 47.17 76.71 -102.51
N THR LB 8 46.98 77.78 -101.74
CA THR LB 8 48.00 78.28 -100.83
C THR LB 8 47.80 77.66 -99.46
N PHE LB 9 48.80 76.94 -98.98
CA PHE LB 9 48.73 76.26 -97.70
C PHE LB 9 49.61 77.01 -96.71
N ASP LB 10 48.98 77.60 -95.70
CA ASP LB 10 49.67 78.31 -94.63
C ASP LB 10 49.62 77.49 -93.35
N ILE LB 11 50.63 77.67 -92.51
CA ILE LB 11 50.72 76.91 -91.27
C ILE LB 11 49.52 77.24 -90.40
N TYR LB 12 48.81 76.21 -89.97
CA TYR LB 12 47.77 76.37 -88.98
C TYR LB 12 48.20 75.92 -87.59
N SER LB 13 49.04 74.90 -87.50
CA SER LB 13 49.41 74.37 -86.20
C SER LB 13 50.78 73.75 -86.27
N THR LB 14 51.50 73.81 -85.15
CA THR LB 14 52.82 73.20 -85.06
C THR LB 14 52.92 72.45 -83.74
N GLU LB 15 53.25 71.17 -83.81
CA GLU LB 15 53.47 70.35 -82.65
C GLU LB 15 54.95 70.01 -82.53
N LYS LB 16 55.27 69.15 -81.58
CA LYS LB 16 56.64 68.67 -81.48
C LYS LB 16 57.04 67.91 -82.74
N ASP LB 17 56.12 67.11 -83.28
CA ASP LB 17 56.43 66.27 -84.43
C ASP LB 17 55.41 66.37 -85.55
N VAL LB 18 54.46 67.30 -85.47
CA VAL LB 18 53.48 67.48 -86.54
C VAL LB 18 53.43 68.95 -86.91
N VAL LB 19 53.42 69.22 -88.20
CA VAL LB 19 53.10 70.55 -88.73
C VAL LB 19 51.86 70.40 -89.59
N SER LB 20 50.83 71.20 -89.31
CA SER LB 20 49.59 71.16 -90.05
C SER LB 20 49.35 72.51 -90.74
N LEU LB 21 49.04 72.44 -92.03
CA LEU LB 21 48.79 73.61 -92.87
C LEU LB 21 47.39 73.51 -93.43
N ARG LB 22 46.76 74.67 -93.60
CA ARG LB 22 45.41 74.75 -94.16
C ARG LB 22 45.40 75.68 -95.35
N ASP LB 23 44.38 75.53 -96.19
CA ASP LB 23 44.22 76.44 -97.32
C ASP LB 23 43.76 77.81 -96.88
N PHE LB 24 42.77 77.87 -95.99
CA PHE LB 24 42.20 79.10 -95.47
C PHE LB 24 41.46 79.88 -96.55
N ALA LB 25 41.49 79.37 -97.77
CA ALA LB 25 40.72 79.93 -98.89
C ALA LB 25 39.46 79.14 -99.17
N ASN LB 26 39.59 77.85 -99.45
CA ASN LB 26 38.41 76.98 -99.53
C ASN LB 26 38.09 76.32 -98.21
N ASP LB 27 38.98 76.41 -97.23
CA ASP LB 27 38.74 75.93 -95.86
C ASP LB 27 38.33 74.46 -95.84
N LYS LB 28 38.87 73.66 -96.75
CA LYS LB 28 38.50 72.26 -96.83
C LYS LB 28 39.69 71.31 -96.86
N ASP LB 29 40.90 71.80 -97.09
CA ASP LB 29 42.08 70.95 -97.22
C ASP LB 29 43.03 71.19 -96.06
N THR LB 30 43.55 70.11 -95.49
CA THR LB 30 44.59 70.18 -94.49
C THR LB 30 45.73 69.26 -94.89
N LEU LB 31 46.95 69.81 -94.90
CA LEU LB 31 48.15 69.07 -95.24
C LEU LB 31 49.00 68.93 -93.98
N ALA LB 32 49.31 67.69 -93.60
CA ALA LB 32 50.02 67.41 -92.36
C ALA LB 32 51.34 66.70 -92.67
N TYR LB 33 52.41 67.20 -92.06
CA TYR LB 33 53.74 66.60 -92.10
C TYR LB 33 54.02 66.06 -90.70
N LYS LB 34 54.39 64.79 -90.61
CA LYS LB 34 54.45 64.09 -89.35
C LYS LB 34 55.75 63.29 -89.27
N ARG LB 35 56.33 63.25 -88.08
CA ARG LB 35 57.72 62.88 -87.88
C ARG LB 35 57.87 61.94 -86.69
N LEU LB 36 58.49 60.78 -86.91
CA LEU LB 36 58.86 59.88 -85.82
C LEU LB 36 60.32 59.45 -86.00
N ALA LB 37 61.20 59.92 -85.13
CA ALA LB 37 62.59 59.53 -85.20
C ALA LB 37 62.76 58.04 -84.93
N PRO LB 38 63.76 57.39 -85.54
CA PRO LB 38 63.97 55.96 -85.30
C PRO LB 38 64.37 55.70 -83.85
N LYS LB 39 63.94 54.55 -83.33
CA LYS LB 39 64.24 54.18 -81.96
C LYS LB 39 65.07 52.90 -81.95
N ARG LB 40 66.31 53.02 -81.47
CA ARG LB 40 67.21 51.88 -81.35
C ARG LB 40 66.71 51.03 -80.19
N THR LB 41 65.69 50.22 -80.48
CA THR LB 41 65.12 49.35 -79.47
C THR LB 41 65.74 47.97 -79.48
N LYS LB 42 66.69 47.73 -80.38
CA LYS LB 42 67.40 46.46 -80.47
C LYS LB 42 68.73 46.74 -81.14
N ASP LB 43 69.38 45.68 -81.63
CA ASP LB 43 70.60 45.83 -82.41
C ASP LB 43 70.33 46.69 -83.64
N SER LB 44 69.09 46.67 -84.13
CA SER LB 44 68.69 47.56 -85.20
C SER LB 44 68.61 48.99 -84.68
N PRO LB 45 68.95 49.99 -85.48
CA PRO LB 45 68.84 51.38 -85.02
C PRO LB 45 67.43 51.94 -85.06
N GLY LB 46 66.44 51.15 -85.47
CA GLY LB 46 65.08 51.62 -85.61
C GLY LB 46 64.79 52.16 -86.99
N MET LB 47 63.51 52.41 -87.24
CA MET LB 47 63.03 52.91 -88.52
C MET LB 47 62.46 54.31 -88.34
N ALA LB 48 62.89 55.23 -89.19
CA ALA LB 48 62.43 56.61 -89.15
C ALA LB 48 61.12 56.73 -89.93
N LYS LB 49 60.04 57.06 -89.23
CA LYS LB 49 58.74 57.24 -89.85
C LYS LB 49 58.55 58.69 -90.31
N SER LB 50 58.08 58.84 -91.53
CA SER LB 50 57.55 60.10 -92.01
C SER LB 50 56.12 59.87 -92.44
N GLU LB 51 55.34 60.95 -92.44
CA GLU LB 51 53.97 60.85 -92.91
C GLU LB 51 53.56 62.17 -93.51
N LEU LB 52 52.96 62.13 -94.70
CA LEU LB 52 52.52 63.34 -95.39
C LEU LB 52 51.10 63.09 -95.88
N LYS LB 53 50.12 63.70 -95.23
CA LYS LB 53 48.74 63.41 -95.56
C LYS LB 53 48.00 64.68 -95.98
N ILE LB 54 47.13 64.52 -96.97
CA ILE LB 54 46.19 65.55 -97.37
C ILE LB 54 44.78 65.06 -97.08
N THR LB 55 44.04 65.84 -96.30
CA THR LB 55 42.67 65.51 -95.94
C THR LB 55 41.74 66.58 -96.46
N ARG LB 56 40.66 66.17 -97.12
CA ARG LB 56 39.64 67.07 -97.63
C ARG LB 56 38.35 66.83 -96.87
N VAL LB 57 37.83 67.87 -96.25
CA VAL LB 57 36.56 67.82 -95.52
C VAL LB 57 35.69 68.97 -96.01
N ASP LB 58 34.47 68.65 -96.41
CA ASP LB 58 33.62 69.74 -96.91
C ASP LB 58 33.24 70.68 -95.77
N PRO LB 59 33.36 71.99 -95.95
CA PRO LB 59 33.12 72.91 -94.84
C PRO LB 59 31.68 73.34 -94.69
N THR LB 60 30.73 72.40 -94.77
CA THR LB 60 29.34 72.75 -94.56
C THR LB 60 28.71 71.80 -93.54
N THR LB 61 29.10 70.53 -93.60
CA THR LB 61 28.70 69.55 -92.61
C THR LB 61 29.88 68.84 -91.97
N GLY LB 62 31.09 69.06 -92.47
CA GLY LB 62 32.27 68.42 -91.92
C GLY LB 62 32.44 66.96 -92.29
N VAL LB 63 31.98 66.55 -93.46
CA VAL LB 63 32.12 65.16 -93.89
C VAL LB 63 33.49 64.99 -94.51
N LEU LB 64 34.14 63.87 -94.19
CA LEU LB 64 35.46 63.56 -94.73
C LEU LB 64 35.29 63.06 -96.16
N ILE LB 65 35.63 63.90 -97.14
CA ILE LB 65 35.53 63.47 -98.53
C ILE LB 65 36.58 62.41 -98.84
N GLY LB 66 37.83 62.63 -98.44
CA GLY LB 66 38.86 61.66 -98.72
C GLY LB 66 40.20 62.09 -98.16
N ILE LB 67 41.07 61.09 -98.00
CA ILE LB 67 42.43 61.27 -97.50
C ILE LB 67 43.39 60.58 -98.44
N VAL LB 68 44.49 61.24 -98.77
CA VAL LB 68 45.62 60.62 -99.43
C VAL LB 68 46.83 60.80 -98.52
N ASN LB 69 47.49 59.69 -98.18
CA ASN LB 69 48.60 59.70 -97.23
C ASN LB 69 49.84 59.09 -97.88
N VAL LB 70 50.98 59.75 -97.70
CA VAL LB 70 52.26 59.23 -98.15
C VAL LB 70 53.09 58.94 -96.91
N SER LB 71 53.29 57.66 -96.61
CA SER LB 71 54.02 57.25 -95.42
C SER LB 71 55.32 56.57 -95.81
N SER LB 72 56.39 56.92 -95.12
CA SER LB 72 57.69 56.31 -95.31
C SER LB 72 58.15 55.71 -93.99
N SER LB 73 58.83 54.57 -94.08
CA SER LB 73 59.40 53.88 -92.90
C SER LB 73 60.72 53.28 -93.38
N ILE LB 74 61.82 53.93 -93.01
CA ILE LB 74 63.13 53.61 -93.55
C ILE LB 74 64.11 53.41 -92.40
N ARG LB 75 64.99 52.43 -92.55
CA ARG LB 75 66.00 52.14 -91.54
C ARG LB 75 66.87 53.36 -91.28
N ALA LB 76 67.21 53.55 -90.01
CA ALA LB 76 68.09 54.65 -89.64
C ALA LB 76 69.45 54.56 -90.32
N ASP LB 77 69.97 53.34 -90.44
CA ASP LB 77 71.26 53.13 -91.08
C ASP LB 77 71.19 53.16 -92.59
N ALA LB 78 70.00 53.21 -93.17
CA ALA LB 78 69.84 53.11 -94.61
C ALA LB 78 70.52 54.28 -95.30
N THR LB 79 71.10 54.01 -96.46
CA THR LB 79 71.86 54.99 -97.20
C THR LB 79 70.94 56.02 -97.86
N ALA LB 80 71.51 57.17 -98.18
CA ALA LB 80 70.76 58.18 -98.94
C ALA LB 80 70.40 57.67 -100.31
N ALA LB 81 71.20 56.76 -100.88
CA ALA LB 81 70.86 56.17 -102.17
C ALA LB 81 69.60 55.32 -102.07
N ASP LB 82 69.47 54.54 -100.99
CA ASP LB 82 68.27 53.74 -100.81
C ASP LB 82 67.04 54.62 -100.73
N LYS LB 83 67.12 55.71 -99.97
CA LYS LB 83 66.00 56.62 -99.81
C LYS LB 83 65.66 57.33 -101.12
N THR LB 84 66.69 57.75 -101.85
CA THR LB 84 66.45 58.35 -103.16
C THR LB 84 65.77 57.38 -104.10
N ALA LB 85 66.22 56.12 -104.10
CA ALA LB 85 65.59 55.12 -104.95
C ALA LB 85 64.14 54.89 -104.56
N LEU LB 86 63.86 54.80 -103.27
CA LEU LB 86 62.48 54.58 -102.84
C LEU LB 86 61.58 55.73 -103.28
N MET LB 87 62.01 56.97 -103.03
CA MET LB 87 61.18 58.10 -103.42
C MET LB 87 61.02 58.19 -104.94
N ALA LB 88 62.09 57.95 -105.69
CA ALA LB 88 62.00 58.00 -107.14
C ALA LB 88 61.05 56.94 -107.68
N ILE LB 89 61.11 55.73 -107.13
CA ILE LB 89 60.24 54.66 -107.61
C ILE LB 89 58.79 54.97 -107.29
N ILE LB 90 58.51 55.41 -106.06
CA ILE LB 90 57.12 55.67 -105.71
C ILE LB 90 56.59 56.87 -106.51
N THR LB 91 57.44 57.86 -106.78
CA THR LB 91 57.02 59.00 -107.58
C THR LB 91 56.73 58.60 -109.02
N ALA LB 92 57.57 57.76 -109.62
CA ALA LB 92 57.33 57.31 -110.98
C ALA LB 92 56.06 56.47 -111.06
N ALA LB 93 55.81 55.64 -110.05
CA ALA LB 93 54.59 54.85 -110.01
C ALA LB 93 53.36 55.73 -109.87
N GLN LB 94 53.45 56.78 -109.05
CA GLN LB 94 52.34 57.71 -108.91
C GLN LB 94 52.08 58.45 -110.21
N ALA LB 95 53.14 58.84 -110.93
CA ALA LB 95 52.97 59.50 -112.21
C ALA LB 95 52.32 58.61 -113.25
N ASP LB 96 52.49 57.30 -113.15
CA ASP LB 96 51.88 56.38 -114.09
C ASP LB 96 50.37 56.32 -113.88
N GLY LB 97 49.64 56.03 -114.96
CA GLY LB 97 48.19 56.01 -114.90
C GLY LB 97 47.62 54.83 -114.16
N ALA LB 98 48.43 53.80 -113.90
CA ALA LB 98 47.95 52.68 -113.11
C ALA LB 98 47.52 53.14 -111.72
N TRP LB 99 48.30 54.01 -111.10
CA TRP LB 99 47.89 54.57 -109.81
C TRP LB 99 46.67 55.46 -109.97
N THR LB 100 46.60 56.21 -111.07
CA THR LB 100 45.46 57.09 -111.30
C THR LB 100 44.18 56.31 -111.51
N GLU LB 101 44.28 55.02 -111.86
CA GLU LB 101 43.12 54.16 -111.93
C GLU LB 101 42.86 53.43 -110.62
N LEU LB 102 43.92 52.96 -109.96
CA LEU LB 102 43.78 52.36 -108.64
C LEU LB 102 43.03 53.29 -107.71
N VAL LB 103 43.44 54.53 -107.65
CA VAL LB 103 42.60 55.56 -107.06
C VAL LB 103 41.59 55.98 -108.13
N THR LB 104 40.38 56.30 -107.70
CA THR LB 104 39.24 56.71 -108.53
C THR LB 104 38.54 55.60 -109.29
N ASP LB 105 39.12 54.41 -109.38
CA ASP LB 105 38.46 53.31 -110.09
C ASP LB 105 38.49 51.98 -109.35
N GLN LB 106 39.35 51.81 -108.35
CA GLN LB 106 39.60 50.52 -107.73
C GLN LB 106 39.99 49.48 -108.79
N ARG LB 107 40.89 49.90 -109.68
CA ARG LB 107 41.33 49.10 -110.80
C ARG LB 107 42.79 48.69 -110.60
N LEU LB 108 43.04 47.40 -110.63
CA LEU LB 108 44.39 46.88 -110.54
C LEU LB 108 45.09 46.97 -111.89
N PRO LB 109 46.44 47.02 -111.92
CA PRO LB 109 47.14 47.18 -113.19
C PRO LB 109 47.30 45.87 -113.95
N LEU LB 110 46.23 45.09 -114.05
CA LEU LB 110 46.27 43.82 -114.72
C LEU LB 110 45.36 43.73 -115.92
N ALA LB 111 44.69 44.82 -116.30
CA ALA LB 111 43.86 44.83 -117.50
C ALA LB 111 44.71 44.51 -118.72
N THR LB 112 44.13 43.77 -119.66
CA THR LB 112 44.79 43.48 -120.93
C THR LB 112 44.52 44.54 -121.99
N VAL LB 113 43.73 45.56 -121.66
CA VAL LB 113 43.39 46.66 -122.58
C VAL LB 113 42.68 46.13 -123.82
N SER MB 1 53.20 49.48 -112.76
CA SER MB 1 53.02 48.53 -113.85
C SER MB 1 54.35 48.12 -114.48
N LYS MB 2 55.03 49.08 -115.08
CA LYS MB 2 56.24 48.82 -115.86
C LYS MB 2 57.36 49.72 -115.36
N VAL MB 3 58.39 49.87 -116.17
CA VAL MB 3 59.65 50.51 -115.77
C VAL MB 3 59.45 51.80 -115.01
N PHE MB 4 59.95 51.84 -113.79
CA PHE MB 4 59.91 53.02 -112.93
C PHE MB 4 61.32 53.25 -112.39
N ASN MB 5 61.78 54.50 -112.46
CA ASN MB 5 63.11 54.88 -112.02
C ASN MB 5 64.16 54.02 -112.72
N THR MB 6 63.99 53.85 -114.03
CA THR MB 6 64.83 53.06 -114.93
C THR MB 6 64.85 51.57 -114.60
N GLN MB 7 64.07 51.12 -113.62
CA GLN MB 7 64.04 49.72 -113.22
C GLN MB 7 62.76 49.06 -113.74
N THR MB 8 62.92 47.90 -114.35
CA THR MB 8 61.80 47.16 -114.92
C THR MB 8 61.17 46.29 -113.84
N PHE MB 9 59.90 46.53 -113.56
CA PHE MB 9 59.17 45.81 -112.53
C PHE MB 9 58.24 44.81 -113.22
N ASP MB 10 58.62 43.53 -113.17
CA ASP MB 10 57.83 42.46 -113.76
C ASP MB 10 56.98 41.80 -112.68
N ILE MB 11 55.84 41.26 -113.10
CA ILE MB 11 54.84 40.81 -112.14
C ILE MB 11 55.39 39.68 -111.29
N TYR MB 12 55.30 39.84 -109.98
CA TYR MB 12 55.78 38.86 -109.02
C TYR MB 12 54.67 38.00 -108.44
N SER MB 13 53.50 38.57 -108.22
CA SER MB 13 52.39 37.85 -107.61
C SER MB 13 51.09 38.57 -107.89
N THR MB 14 50.00 37.82 -107.89
CA THR MB 14 48.68 38.40 -108.07
C THR MB 14 47.73 37.82 -107.04
N GLU MB 15 46.95 38.68 -106.41
CA GLU MB 15 45.96 38.30 -105.43
C GLU MB 15 44.58 38.80 -105.87
N LYS MB 16 43.59 38.55 -105.03
CA LYS MB 16 42.25 39.11 -105.24
C LYS MB 16 42.30 40.62 -105.33
N ASP MB 17 43.12 41.25 -104.49
CA ASP MB 17 43.14 42.71 -104.40
C ASP MB 17 44.54 43.27 -104.38
N VAL MB 18 45.57 42.44 -104.55
CA VAL MB 18 46.95 42.89 -104.53
C VAL MB 18 47.64 42.39 -105.79
N VAL MB 19 48.37 43.29 -106.45
CA VAL MB 19 49.25 42.92 -107.55
C VAL MB 19 50.65 43.39 -107.18
N SER MB 20 51.59 42.47 -107.13
CA SER MB 20 52.95 42.74 -106.72
C SER MB 20 53.88 42.50 -107.90
N LEU MB 21 54.75 43.47 -108.16
CA LEU MB 21 55.75 43.41 -109.21
C LEU MB 21 57.13 43.46 -108.59
N ARG MB 22 58.08 42.81 -109.23
CA ARG MB 22 59.45 42.75 -108.76
C ARG MB 22 60.39 43.23 -109.86
N ASP MB 23 61.51 43.83 -109.45
CA ASP MB 23 62.55 44.17 -110.41
C ASP MB 23 63.15 42.93 -111.04
N PHE MB 24 63.51 41.94 -110.22
CA PHE MB 24 64.14 40.68 -110.62
C PHE MB 24 65.55 40.89 -111.14
N ALA MB 25 65.97 42.14 -111.27
CA ALA MB 25 67.35 42.48 -111.62
C ALA MB 25 68.21 42.71 -110.39
N ASN MB 26 67.84 43.68 -109.56
CA ASN MB 26 68.46 43.84 -108.26
C ASN MB 26 67.81 42.96 -107.20
N ASP MB 27 66.67 42.35 -107.52
CA ASP MB 27 65.99 41.39 -106.66
C ASP MB 27 65.68 41.96 -105.28
N LYS MB 28 65.50 43.27 -105.19
CA LYS MB 28 65.32 43.91 -103.90
C LYS MB 28 64.10 44.79 -103.78
N ASP MB 29 63.47 45.19 -104.88
CA ASP MB 29 62.37 46.16 -104.88
C ASP MB 29 61.09 45.47 -105.29
N THR MB 30 60.04 45.66 -104.49
CA THR MB 30 58.73 45.11 -104.78
C THR MB 30 57.69 46.22 -104.72
N LEU MB 31 56.90 46.32 -105.77
CA LEU MB 31 55.86 47.34 -105.90
C LEU MB 31 54.49 46.69 -105.82
N ALA MB 32 53.68 47.08 -104.86
CA ALA MB 32 52.37 46.48 -104.64
C ALA MB 32 51.26 47.49 -104.88
N TYR MB 33 50.24 47.07 -105.62
CA TYR MB 33 49.00 47.81 -105.85
C TYR MB 33 47.89 47.05 -105.13
N LYS MB 34 47.23 47.70 -104.19
CA LYS MB 34 46.31 47.04 -103.28
C LYS MB 34 44.98 47.78 -103.23
N ARG MB 35 43.88 47.02 -103.14
CA ARG MB 35 42.54 47.52 -103.42
C ARG MB 35 41.55 47.10 -102.34
N LEU MB 36 40.70 48.03 -101.92
CA LEU MB 36 39.56 47.72 -101.06
C LEU MB 36 38.35 48.52 -101.54
N ALA MB 37 37.45 47.86 -102.25
CA ALA MB 37 36.24 48.52 -102.69
C ALA MB 37 35.43 48.99 -101.48
N PRO MB 38 34.69 50.09 -101.60
CA PRO MB 38 33.92 50.60 -100.46
C PRO MB 38 32.80 49.64 -100.06
N LYS MB 39 32.51 49.62 -98.77
CA LYS MB 39 31.43 48.81 -98.22
C LYS MB 39 30.36 49.74 -97.68
N ARG MB 40 29.11 49.49 -98.08
CA ARG MB 40 27.97 50.32 -97.70
C ARG MB 40 27.39 49.82 -96.38
N THR MB 41 28.18 49.98 -95.32
CA THR MB 41 27.77 49.50 -94.01
C THR MB 41 26.69 50.36 -93.38
N LYS MB 42 26.46 51.55 -93.91
CA LYS MB 42 25.42 52.45 -93.42
C LYS MB 42 24.90 53.25 -94.60
N ASP MB 43 24.22 54.36 -94.30
CA ASP MB 43 23.74 55.26 -95.34
C ASP MB 43 24.89 55.76 -96.20
N SER MB 44 26.08 55.87 -95.61
CA SER MB 44 27.26 56.21 -96.37
C SER MB 44 27.55 55.11 -97.38
N PRO MB 45 28.03 55.44 -98.58
CA PRO MB 45 28.43 54.40 -99.53
C PRO MB 45 29.75 53.74 -99.19
N GLY MB 46 30.37 54.11 -98.08
CA GLY MB 46 31.65 53.55 -97.68
C GLY MB 46 32.82 54.29 -98.27
N MET MB 47 34.01 53.88 -97.86
CA MET MB 47 35.25 54.47 -98.32
C MET MB 47 35.97 53.49 -99.24
N ALA MB 48 36.38 53.98 -100.40
CA ALA MB 48 37.20 53.21 -101.33
C ALA MB 48 38.67 53.38 -100.94
N LYS MB 49 39.31 52.29 -100.55
CA LYS MB 49 40.71 52.29 -100.15
C LYS MB 49 41.59 51.85 -101.32
N SER MB 50 42.68 52.56 -101.53
CA SER MB 50 43.73 52.06 -102.41
C SER MB 50 45.06 52.15 -101.68
N GLU MB 51 46.03 51.41 -102.16
CA GLU MB 51 47.36 51.44 -101.58
C GLU MB 51 48.38 51.21 -102.68
N LEU MB 52 49.43 52.02 -102.71
CA LEU MB 52 50.54 51.83 -103.63
C LEU MB 52 51.82 51.88 -102.82
N LYS MB 53 52.47 50.74 -102.63
CA LYS MB 53 53.61 50.67 -101.73
C LYS MB 53 54.83 50.12 -102.45
N ILE MB 54 56.00 50.65 -102.09
CA ILE MB 54 57.27 50.16 -102.59
C ILE MB 54 58.07 49.68 -101.39
N THR MB 55 58.63 48.49 -101.50
CA THR MB 55 59.40 47.88 -100.44
C THR MB 55 60.78 47.52 -100.95
N ARG MB 56 61.80 47.87 -100.19
CA ARG MB 56 63.17 47.48 -100.48
C ARG MB 56 63.68 46.60 -99.36
N VAL MB 57 64.13 45.40 -99.71
CA VAL MB 57 64.84 44.52 -98.79
C VAL MB 57 66.10 44.04 -99.51
N ASP MB 58 67.20 44.01 -98.79
CA ASP MB 58 68.41 43.55 -99.45
C ASP MB 58 68.34 42.03 -99.58
N PRO MB 59 68.50 41.47 -100.77
CA PRO MB 59 68.20 40.05 -100.96
C PRO MB 59 69.36 39.12 -100.63
N THR MB 60 70.08 39.38 -99.54
CA THR MB 60 71.05 38.39 -99.07
C THR MB 60 70.77 38.05 -97.62
N THR MB 61 70.57 39.06 -96.78
CA THR MB 61 70.19 38.86 -95.40
C THR MB 61 68.73 39.18 -95.14
N GLY MB 62 68.03 39.78 -96.10
CA GLY MB 62 66.62 40.03 -95.97
C GLY MB 62 66.22 40.97 -94.86
N VAL MB 63 66.96 42.05 -94.64
CA VAL MB 63 66.55 43.09 -93.70
C VAL MB 63 65.82 44.18 -94.48
N LEU MB 64 64.68 44.59 -93.97
CA LEU MB 64 63.90 45.66 -94.58
C LEU MB 64 64.69 46.96 -94.54
N ILE MB 65 64.97 47.53 -95.70
CA ILE MB 65 65.66 48.81 -95.75
C ILE MB 65 64.68 49.96 -95.64
N GLY MB 66 63.53 49.86 -96.31
CA GLY MB 66 62.54 50.92 -96.20
C GLY MB 66 61.29 50.60 -96.98
N ILE MB 67 60.20 51.27 -96.59
CA ILE MB 67 58.92 51.21 -97.26
C ILE MB 67 58.42 52.64 -97.46
N VAL MB 68 57.95 52.94 -98.66
CA VAL MB 68 57.21 54.17 -98.93
C VAL MB 68 55.83 53.77 -99.43
N ASN MB 69 54.80 54.32 -98.81
CA ASN MB 69 53.44 53.89 -98.99
C ASN MB 69 52.56 55.05 -99.40
N VAL MB 70 51.74 54.86 -100.42
CA VAL MB 70 50.75 55.84 -100.85
C VAL MB 70 49.37 55.21 -100.66
N SER MB 71 48.63 55.68 -99.68
CA SER MB 71 47.31 55.15 -99.36
C SER MB 71 46.26 56.20 -99.62
N SER MB 72 45.11 55.77 -100.13
CA SER MB 72 43.98 56.66 -100.35
C SER MB 72 42.76 56.09 -99.66
N SER MB 73 41.98 56.97 -99.04
CA SER MB 73 40.72 56.62 -98.40
C SER MB 73 39.72 57.70 -98.81
N ILE MB 74 38.98 57.44 -99.89
CA ILE MB 74 38.08 58.41 -100.47
C ILE MB 74 36.67 57.86 -100.42
N ARG MB 75 35.70 58.73 -100.13
CA ARG MB 75 34.30 58.33 -100.14
C ARG MB 75 33.92 57.77 -101.50
N ALA MB 76 33.08 56.73 -101.49
CA ALA MB 76 32.66 56.12 -102.74
C ALA MB 76 31.93 57.10 -103.63
N ASP MB 77 31.08 57.95 -103.05
CA ASP MB 77 30.35 58.94 -103.81
C ASP MB 77 31.17 60.17 -104.14
N ALA MB 78 32.38 60.29 -103.62
CA ALA MB 78 33.16 61.52 -103.79
C ALA MB 78 33.43 61.77 -105.26
N THR MB 79 33.21 63.01 -105.67
CA THR MB 79 33.31 63.39 -107.07
C THR MB 79 34.74 63.26 -107.56
N ALA MB 80 34.86 63.10 -108.88
CA ALA MB 80 36.18 63.07 -109.50
C ALA MB 80 36.94 64.37 -109.28
N ALA MB 81 36.22 65.46 -109.01
CA ALA MB 81 36.88 66.73 -108.71
C ALA MB 81 37.67 66.63 -107.42
N ASP MB 82 37.04 66.14 -106.34
CA ASP MB 82 37.75 65.98 -105.08
C ASP MB 82 38.89 64.99 -105.22
N LYS MB 83 38.66 63.92 -105.97
CA LYS MB 83 39.67 62.87 -106.16
C LYS MB 83 40.89 63.40 -106.90
N THR MB 84 40.66 64.13 -107.99
CA THR MB 84 41.77 64.73 -108.73
C THR MB 84 42.47 65.80 -107.92
N ALA MB 85 41.71 66.58 -107.14
CA ALA MB 85 42.33 67.61 -106.30
C ALA MB 85 43.22 66.97 -105.24
N LEU MB 86 42.76 65.87 -104.65
CA LEU MB 86 43.57 65.15 -103.67
C LEU MB 86 44.87 64.64 -104.30
N MET MB 87 44.76 64.02 -105.47
CA MET MB 87 45.98 63.58 -106.15
C MET MB 87 46.91 64.74 -106.46
N ALA MB 88 46.36 65.84 -106.98
CA ALA MB 88 47.18 66.96 -107.39
C ALA MB 88 47.91 67.57 -106.20
N ILE MB 89 47.20 67.76 -105.08
CA ILE MB 89 47.82 68.34 -103.90
C ILE MB 89 48.91 67.42 -103.38
N ILE MB 90 48.63 66.12 -103.28
CA ILE MB 90 49.62 65.24 -102.69
C ILE MB 90 50.84 65.10 -103.58
N THR MB 91 50.66 65.06 -104.89
CA THR MB 91 51.79 64.96 -105.80
C THR MB 91 52.61 66.25 -105.80
N ALA MB 92 51.93 67.40 -105.74
CA ALA MB 92 52.65 68.67 -105.65
C ALA MB 92 53.45 68.74 -104.36
N ALA MB 93 52.87 68.29 -103.24
CA ALA MB 93 53.59 68.27 -101.99
C ALA MB 93 54.80 67.35 -102.04
N GLN MB 94 54.64 66.17 -102.65
CA GLN MB 94 55.76 65.24 -102.76
C GLN MB 94 56.88 65.81 -103.62
N ALA MB 95 56.54 66.43 -104.75
CA ALA MB 95 57.56 67.05 -105.59
C ALA MB 95 58.30 68.16 -104.88
N ASP MB 96 57.64 68.86 -103.96
CA ASP MB 96 58.27 69.92 -103.20
C ASP MB 96 59.30 69.34 -102.23
N GLY MB 97 60.32 70.16 -101.92
CA GLY MB 97 61.44 69.68 -101.14
C GLY MB 97 61.14 69.41 -99.68
N ALA MB 98 60.01 69.90 -99.17
CA ALA MB 98 59.66 69.63 -97.79
C ALA MB 98 59.48 68.14 -97.54
N TRP MB 99 58.83 67.43 -98.46
CA TRP MB 99 58.71 65.99 -98.33
C TRP MB 99 60.07 65.30 -98.46
N THR MB 100 60.89 65.78 -99.39
CA THR MB 100 62.21 65.21 -99.59
C THR MB 100 63.07 65.34 -98.34
N GLU MB 101 62.87 66.39 -97.56
CA GLU MB 101 63.60 66.60 -96.31
C GLU MB 101 62.97 65.83 -95.15
N LEU MB 102 61.63 65.79 -95.10
CA LEU MB 102 60.95 65.00 -94.08
C LEU MB 102 61.40 63.54 -94.14
N VAL MB 103 61.46 62.99 -95.34
CA VAL MB 103 62.24 61.77 -95.53
C VAL MB 103 63.72 62.15 -95.58
N THR MB 104 64.58 61.24 -95.14
CA THR MB 104 66.04 61.44 -95.17
C THR MB 104 66.53 62.46 -94.14
N ASP MB 105 65.64 63.21 -93.50
CA ASP MB 105 66.10 64.11 -92.45
C ASP MB 105 65.21 64.14 -91.22
N GLN MB 106 63.96 63.67 -91.31
CA GLN MB 106 62.95 63.88 -90.28
C GLN MB 106 62.82 65.37 -89.95
N ARG MB 107 62.85 66.19 -91.01
CA ARG MB 107 62.81 67.64 -90.89
C ARG MB 107 61.41 68.13 -91.20
N LEU MB 108 60.75 68.72 -90.21
CA LEU MB 108 59.43 69.29 -90.39
C LEU MB 108 59.53 70.63 -91.12
N PRO MB 109 58.51 70.98 -91.91
CA PRO MB 109 58.53 72.27 -92.61
C PRO MB 109 58.26 73.42 -91.65
N LEU MB 110 59.25 73.73 -90.81
CA LEU MB 110 59.17 74.87 -89.92
C LEU MB 110 60.47 75.63 -89.81
N ALA MB 111 61.49 75.29 -90.60
CA ALA MB 111 62.77 75.98 -90.52
C ALA MB 111 62.67 77.39 -91.07
N THR MB 112 63.35 78.33 -90.42
CA THR MB 112 63.36 79.72 -90.84
C THR MB 112 64.38 80.02 -91.92
N VAL MB 113 65.21 79.04 -92.28
CA VAL MB 113 66.25 79.18 -93.30
C VAL MB 113 67.25 80.28 -92.93
N SER NB 1 12.15 26.46 -129.79
CA SER NB 1 10.89 26.28 -130.49
C SER NB 1 10.99 25.18 -131.55
N LYS NB 2 11.96 25.30 -132.44
CA LYS NB 2 12.08 24.39 -133.58
C LYS NB 2 13.55 24.05 -133.75
N VAL NB 3 13.90 23.51 -134.92
CA VAL NB 3 15.19 22.88 -135.19
C VAL NB 3 16.37 23.70 -134.69
N PHE NB 4 17.16 23.10 -133.80
CA PHE NB 4 18.36 23.69 -133.25
C PHE NB 4 19.48 22.69 -133.43
N ASN NB 5 20.64 23.15 -133.90
CA ASN NB 5 21.79 22.28 -134.09
C ASN NB 5 21.45 21.10 -134.99
N THR NB 6 20.65 21.37 -136.03
CA THR NB 6 20.15 20.41 -137.01
C THR NB 6 19.29 19.32 -136.38
N GLN NB 7 18.92 19.43 -135.12
CA GLN NB 7 18.04 18.48 -134.48
C GLN NB 7 16.65 19.10 -134.33
N THR NB 8 15.63 18.31 -134.60
CA THR NB 8 14.26 18.79 -134.53
C THR NB 8 13.75 18.63 -133.10
N PHE NB 9 13.35 19.72 -132.49
CA PHE NB 9 12.79 19.71 -131.14
C PHE NB 9 11.29 19.95 -131.26
N ASP NB 10 10.50 18.93 -130.92
CA ASP NB 10 9.05 19.04 -130.91
C ASP NB 10 8.58 19.15 -129.47
N ILE NB 11 7.45 19.82 -129.27
CA ILE NB 11 6.97 20.06 -127.93
C ILE NB 11 6.63 18.72 -127.28
N TYR NB 12 7.27 18.45 -126.14
CA TYR NB 12 6.99 17.26 -125.36
C TYR NB 12 5.91 17.46 -124.33
N SER NB 13 5.86 18.63 -123.70
CA SER NB 13 4.86 18.87 -122.68
C SER NB 13 4.70 20.37 -122.51
N THR NB 14 3.49 20.78 -122.14
CA THR NB 14 3.21 22.17 -121.89
C THR NB 14 2.64 22.31 -120.49
N GLU NB 15 3.21 23.22 -119.72
CA GLU NB 15 2.80 23.49 -118.35
C GLU NB 15 2.36 24.95 -118.24
N LYS NB 16 1.90 25.31 -117.04
CA LYS NB 16 1.50 26.69 -116.77
C LYS NB 16 2.63 27.66 -117.06
N ASP NB 17 3.82 27.39 -116.50
CA ASP NB 17 4.97 28.25 -116.66
C ASP NB 17 6.17 27.52 -117.26
N VAL NB 18 5.99 26.31 -117.78
CA VAL NB 18 7.07 25.54 -118.38
C VAL NB 18 6.60 24.98 -119.70
N VAL NB 19 7.47 25.04 -120.70
CA VAL NB 19 7.27 24.36 -121.97
C VAL NB 19 8.50 23.51 -122.24
N SER NB 20 8.30 22.24 -122.52
CA SER NB 20 9.40 21.30 -122.72
C SER NB 20 9.32 20.67 -124.10
N LEU NB 21 10.41 20.76 -124.84
CA LEU NB 21 10.55 20.18 -126.17
C LEU NB 21 11.54 19.02 -126.12
N ARG NB 22 11.24 17.98 -126.87
CA ARG NB 22 12.09 16.81 -126.94
C ARG NB 22 12.52 16.59 -128.38
N ASP NB 23 13.76 16.12 -128.54
CA ASP NB 23 14.25 15.82 -129.88
C ASP NB 23 13.44 14.70 -130.53
N PHE NB 24 13.15 13.64 -129.77
CA PHE NB 24 12.33 12.51 -130.21
C PHE NB 24 13.01 11.68 -131.28
N ALA NB 25 14.18 12.12 -131.74
CA ALA NB 25 14.99 11.35 -132.66
C ALA NB 25 16.13 10.65 -131.95
N ASN NB 26 16.96 11.39 -131.23
CA ASN NB 26 17.97 10.80 -130.37
C ASN NB 26 17.43 10.44 -128.99
N ASP NB 27 16.25 10.98 -128.63
CA ASP NB 27 15.59 10.67 -127.37
C ASP NB 27 16.48 10.91 -126.16
N LYS NB 28 17.36 11.90 -126.24
CA LYS NB 28 18.25 12.21 -125.14
C LYS NB 28 18.36 13.70 -124.84
N ASP NB 29 17.86 14.58 -125.70
CA ASP NB 29 17.95 16.02 -125.52
C ASP NB 29 16.59 16.60 -125.19
N THR NB 30 16.52 17.38 -124.12
CA THR NB 30 15.29 18.06 -123.72
C THR NB 30 15.57 19.54 -123.51
N LEU NB 31 14.78 20.40 -124.14
CA LEU NB 31 14.90 21.84 -124.03
C LEU NB 31 13.70 22.38 -123.25
N ALA NB 32 13.98 23.05 -122.13
CA ALA NB 32 12.94 23.55 -121.24
C ALA NB 32 12.98 25.07 -121.18
N TYR NB 33 11.83 25.69 -121.42
CA TYR NB 33 11.59 27.11 -121.21
C TYR NB 33 10.79 27.22 -119.92
N LYS NB 34 11.35 27.88 -118.92
CA LYS NB 34 10.70 28.05 -117.63
C LYS NB 34 10.51 29.54 -117.33
N ARG NB 35 9.37 29.85 -116.73
CA ARG NB 35 8.94 31.22 -116.50
C ARG NB 35 8.71 31.42 -115.01
N LEU NB 36 8.90 32.64 -114.54
CA LEU NB 36 8.59 32.96 -113.14
C LEU NB 36 8.35 34.46 -113.05
N ALA NB 37 7.12 34.84 -112.75
CA ALA NB 37 6.75 36.25 -112.72
C ALA NB 37 7.40 36.94 -111.51
N PRO NB 38 7.74 38.23 -111.66
CA PRO NB 38 8.28 38.97 -110.52
C PRO NB 38 7.23 39.17 -109.44
N LYS NB 39 7.66 39.11 -108.19
CA LYS NB 39 6.75 39.27 -107.06
C LYS NB 39 7.05 40.58 -106.36
N ARG NB 40 6.02 41.42 -106.20
CA ARG NB 40 6.14 42.69 -105.50
C ARG NB 40 6.01 42.43 -104.01
N THR NB 41 6.98 41.69 -103.48
CA THR NB 41 6.99 41.36 -102.06
C THR NB 41 7.30 42.57 -101.18
N LYS NB 42 7.68 43.68 -101.80
CA LYS NB 42 8.04 44.90 -101.12
C LYS NB 42 7.78 46.07 -102.07
N ASP NB 43 8.35 47.22 -101.76
CA ASP NB 43 8.28 48.36 -102.65
C ASP NB 43 8.79 47.99 -104.04
N SER NB 44 9.84 47.17 -104.08
CA SER NB 44 10.42 46.74 -105.35
C SER NB 44 9.42 45.91 -106.13
N PRO NB 45 9.35 46.05 -107.46
CA PRO NB 45 8.39 45.27 -108.24
C PRO NB 45 8.77 43.82 -108.41
N GLY NB 46 9.91 43.38 -107.89
CA GLY NB 46 10.31 42.00 -107.96
C GLY NB 46 11.19 41.70 -109.16
N MET NB 47 11.70 40.47 -109.19
CA MET NB 47 12.64 40.01 -110.21
C MET NB 47 11.96 38.97 -111.07
N ALA NB 48 11.96 39.19 -112.38
CA ALA NB 48 11.33 38.29 -113.33
C ALA NB 48 12.35 37.22 -113.74
N LYS NB 49 12.08 35.97 -113.37
CA LYS NB 49 12.98 34.87 -113.66
C LYS NB 49 12.61 34.19 -114.97
N SER NB 50 13.63 33.98 -115.80
CA SER NB 50 13.50 33.17 -117.00
C SER NB 50 14.49 32.02 -116.92
N GLU NB 51 14.23 30.97 -117.67
CA GLU NB 51 15.16 29.85 -117.70
C GLU NB 51 15.07 29.17 -119.06
N LEU NB 52 16.22 28.92 -119.67
CA LEU NB 52 16.31 28.16 -120.90
C LEU NB 52 17.38 27.11 -120.71
N LYS NB 53 16.99 25.86 -120.59
CA LYS NB 53 17.95 24.81 -120.27
C LYS NB 53 17.87 23.68 -121.28
N ILE NB 54 19.02 23.10 -121.57
CA ILE NB 54 19.12 21.91 -122.39
C ILE NB 54 19.73 20.80 -121.54
N THR NB 55 19.06 19.65 -121.50
CA THR NB 55 19.48 18.53 -120.68
C THR NB 55 19.67 17.32 -121.57
N ARG NB 56 20.81 16.66 -121.43
CA ARG NB 56 21.11 15.44 -122.17
C ARG NB 56 21.17 14.29 -121.18
N VAL NB 57 20.36 13.27 -121.41
CA VAL NB 57 20.33 12.07 -120.59
C VAL NB 57 20.52 10.86 -121.50
N ASP NB 58 21.43 9.98 -121.12
CA ASP NB 58 21.73 8.85 -121.99
C ASP NB 58 20.55 7.91 -122.08
N PRO NB 59 19.97 7.70 -123.25
CA PRO NB 59 18.70 6.98 -123.32
C PRO NB 59 18.81 5.46 -123.44
N THR NB 60 19.69 4.84 -122.64
CA THR NB 60 19.64 3.39 -122.51
C THR NB 60 19.65 2.99 -121.04
N THR NB 61 20.37 3.74 -120.21
CA THR NB 61 20.36 3.55 -118.77
C THR NB 61 19.90 4.79 -118.01
N GLY NB 62 19.88 5.95 -118.63
CA GLY NB 62 19.39 7.15 -117.99
C GLY NB 62 20.40 7.92 -117.17
N VAL NB 63 21.63 8.03 -117.64
CA VAL NB 63 22.66 8.79 -116.94
C VAL NB 63 22.76 10.18 -117.54
N LEU NB 64 22.67 11.19 -116.69
CA LEU NB 64 22.71 12.59 -117.12
C LEU NB 64 24.09 12.92 -117.64
N ILE NB 65 24.22 13.13 -118.95
CA ILE NB 65 25.49 13.52 -119.53
C ILE NB 65 25.85 14.95 -119.15
N GLY NB 66 24.92 15.89 -119.30
CA GLY NB 66 25.25 17.26 -119.01
C GLY NB 66 24.03 18.14 -119.09
N ILE NB 67 24.16 19.34 -118.52
CA ILE NB 67 23.13 20.38 -118.57
C ILE NB 67 23.81 21.70 -118.86
N VAL NB 68 23.28 22.44 -119.82
CA VAL NB 68 23.62 23.85 -120.00
C VAL NB 68 22.34 24.63 -119.80
N ASN NB 69 22.36 25.54 -118.82
CA ASN NB 69 21.18 26.31 -118.44
C ASN NB 69 21.49 27.79 -118.57
N VAL NB 70 20.54 28.53 -119.12
CA VAL NB 70 20.61 29.99 -119.18
C VAL NB 70 19.47 30.54 -118.35
N SER NB 71 19.80 31.23 -117.27
CA SER NB 71 18.81 31.79 -116.36
C SER NB 71 18.94 33.29 -116.34
N SER NB 72 17.82 33.98 -116.18
CA SER NB 72 17.78 35.43 -116.08
C SER NB 72 17.05 35.82 -114.81
N SER NB 73 17.54 36.87 -114.16
CA SER NB 73 16.88 37.46 -113.00
C SER NB 73 16.98 38.97 -113.20
N ILE NB 74 15.97 39.54 -113.83
CA ILE NB 74 15.95 40.95 -114.20
C ILE NB 74 14.86 41.64 -113.42
N ARG NB 75 15.16 42.85 -112.93
CA ARG NB 75 14.16 43.67 -112.26
C ARG NB 75 12.92 43.83 -113.11
N ALA NB 76 11.76 43.74 -112.47
CA ALA NB 76 10.51 43.94 -113.19
C ALA NB 76 10.42 45.33 -113.80
N ASP NB 77 11.11 46.30 -113.21
CA ASP NB 77 11.11 47.67 -113.71
C ASP NB 77 12.24 47.96 -114.69
N ALA NB 78 13.14 47.01 -114.92
CA ALA NB 78 14.30 47.26 -115.74
C ALA NB 78 13.89 47.59 -117.18
N THR NB 79 14.62 48.53 -117.77
CA THR NB 79 14.28 48.99 -119.10
C THR NB 79 14.59 47.92 -120.15
N ALA NB 80 13.92 48.03 -121.30
CA ALA NB 80 14.22 47.14 -122.40
C ALA NB 80 15.65 47.31 -122.88
N ALA NB 81 16.22 48.51 -122.72
CA ALA NB 81 17.62 48.72 -123.04
C ALA NB 81 18.52 47.88 -122.14
N ASP NB 82 18.21 47.83 -120.85
CA ASP NB 82 18.99 46.99 -119.94
C ASP NB 82 18.90 45.53 -120.33
N LYS NB 83 17.70 45.05 -120.66
CA LYS NB 83 17.53 43.65 -120.99
C LYS NB 83 18.23 43.30 -122.30
N THR NB 84 18.12 44.18 -123.29
CA THR NB 84 18.83 43.94 -124.55
C THR NB 84 20.33 43.94 -124.33
N ALA NB 85 20.84 44.87 -123.51
CA ALA NB 85 22.27 44.91 -123.22
C ALA NB 85 22.74 43.65 -122.53
N LEU NB 86 21.95 43.17 -121.55
CA LEU NB 86 22.32 41.95 -120.84
C LEU NB 86 22.38 40.77 -121.79
N MET NB 87 21.33 40.60 -122.61
CA MET NB 87 21.31 39.49 -123.55
C MET NB 87 22.44 39.60 -124.56
N ALA NB 88 22.73 40.81 -125.05
CA ALA NB 88 23.79 40.98 -126.04
C ALA NB 88 25.16 40.69 -125.45
N ILE NB 89 25.43 41.18 -124.24
CA ILE NB 89 26.71 40.91 -123.61
C ILE NB 89 26.90 39.41 -123.38
N ILE NB 90 25.87 38.75 -122.84
CA ILE NB 90 26.03 37.33 -122.54
C ILE NB 90 26.17 36.52 -123.82
N THR NB 91 25.45 36.90 -124.89
CA THR NB 91 25.56 36.17 -126.14
C THR NB 91 26.93 36.38 -126.77
N ALA NB 92 27.47 37.59 -126.70
CA ALA NB 92 28.80 37.85 -127.21
C ALA NB 92 29.86 37.09 -126.43
N ALA NB 93 29.70 37.02 -125.10
CA ALA NB 93 30.64 36.25 -124.29
C ALA NB 93 30.58 34.76 -124.62
N GLN NB 94 29.37 34.23 -124.82
CA GLN NB 94 29.26 32.82 -125.22
C GLN NB 94 29.89 32.59 -126.58
N ALA NB 95 29.72 33.52 -127.52
CA ALA NB 95 30.36 33.40 -128.81
C ALA NB 95 31.87 33.53 -128.71
N ASP NB 96 32.38 34.15 -127.66
CA ASP NB 96 33.81 34.21 -127.43
C ASP NB 96 34.35 32.83 -127.08
N GLY NB 97 35.63 32.62 -127.35
CA GLY NB 97 36.25 31.33 -127.11
C GLY NB 97 36.54 31.05 -125.64
N ALA NB 98 36.54 32.07 -124.81
CA ALA NB 98 36.76 31.87 -123.39
C ALA NB 98 35.69 30.97 -122.79
N TRP NB 99 34.44 31.12 -123.25
CA TRP NB 99 33.38 30.23 -122.81
C TRP NB 99 33.60 28.82 -123.34
N THR NB 100 34.01 28.69 -124.59
CA THR NB 100 34.25 27.37 -125.17
C THR NB 100 35.41 26.67 -124.49
N GLU NB 101 36.27 27.41 -123.80
CA GLU NB 101 37.32 26.81 -123.00
C GLU NB 101 36.87 26.51 -121.57
N LEU NB 102 36.13 27.44 -120.95
CA LEU NB 102 35.59 27.20 -119.62
C LEU NB 102 34.74 25.93 -119.60
N VAL NB 103 33.86 25.79 -120.56
CA VAL NB 103 33.25 24.50 -120.86
C VAL NB 103 34.26 23.68 -121.64
N THR NB 104 34.31 22.38 -121.39
CA THR NB 104 35.17 21.42 -122.06
C THR NB 104 36.64 21.49 -121.63
N ASP NB 105 37.04 22.52 -120.88
CA ASP NB 105 38.40 22.50 -120.35
C ASP NB 105 38.53 23.02 -118.93
N GLN NB 106 37.55 23.75 -118.41
CA GLN NB 106 37.67 24.44 -117.13
C GLN NB 106 38.85 25.40 -117.14
N ARG NB 107 39.05 26.06 -118.28
CA ARG NB 107 40.14 27.00 -118.47
C ARG NB 107 39.61 28.42 -118.28
N LEU NB 108 40.10 29.08 -117.32
CA LEU NB 108 39.73 30.45 -117.03
C LEU NB 108 40.47 31.42 -117.94
N PRO NB 109 39.89 32.58 -118.21
CA PRO NB 109 40.58 33.57 -119.04
C PRO NB 109 41.70 34.28 -118.29
N LEU NB 110 42.70 33.52 -117.87
CA LEU NB 110 43.87 34.10 -117.20
C LEU NB 110 45.19 33.54 -117.69
N ALA NB 111 45.17 32.52 -118.55
CA ALA NB 111 46.41 31.98 -119.10
C ALA NB 111 47.10 33.02 -119.97
N THR NB 112 48.42 33.00 -119.97
CA THR NB 112 49.21 33.96 -120.72
C THR NB 112 49.43 33.54 -122.17
N VAL NB 113 48.99 32.35 -122.56
CA VAL NB 113 49.15 31.83 -123.91
C VAL NB 113 50.62 31.73 -124.31
N SER OB 1 -56.29 -30.91 -116.78
CA SER OB 1 -57.72 -30.71 -116.93
C SER OB 1 -58.43 -32.04 -117.19
N LYS OB 2 -58.03 -32.73 -118.26
CA LYS OB 2 -58.67 -33.97 -118.65
C LYS OB 2 -57.58 -34.91 -119.18
N VAL OB 3 -57.98 -35.92 -119.95
CA VAL OB 3 -57.09 -37.00 -120.36
C VAL OB 3 -55.78 -36.48 -120.96
N PHE OB 4 -54.67 -36.84 -120.33
CA PHE OB 4 -53.32 -36.51 -120.77
C PHE OB 4 -52.47 -37.75 -120.72
N ASN OB 5 -51.72 -38.01 -121.79
CA ASN OB 5 -50.88 -39.20 -121.89
C ASN OB 5 -51.72 -40.46 -121.66
N THR OB 6 -52.93 -40.44 -122.23
CA THR OB 6 -53.93 -41.50 -122.11
C THR OB 6 -54.33 -41.80 -120.68
N GLN OB 7 -54.21 -40.85 -119.76
CA GLN OB 7 -54.68 -41.01 -118.39
C GLN OB 7 -55.69 -39.93 -118.07
N THR OB 8 -56.77 -40.32 -117.39
CA THR OB 8 -57.87 -39.41 -117.08
C THR OB 8 -57.59 -38.74 -115.74
N PHE OB 9 -57.46 -37.41 -115.76
CA PHE OB 9 -57.24 -36.64 -114.56
C PHE OB 9 -58.53 -35.93 -114.17
N ASP OB 10 -59.07 -36.30 -113.03
CA ASP OB 10 -60.28 -35.70 -112.49
C ASP OB 10 -59.93 -34.85 -111.28
N ILE OB 11 -60.74 -33.82 -111.03
CA ILE OB 11 -60.45 -32.89 -109.95
C ILE OB 11 -60.53 -33.62 -108.62
N TYR OB 12 -59.47 -33.50 -107.83
CA TYR OB 12 -59.48 -34.00 -106.47
C TYR OB 12 -59.65 -32.91 -105.44
N SER OB 13 -59.14 -31.71 -105.70
CA SER OB 13 -59.19 -30.68 -104.67
C SER OB 13 -59.17 -29.31 -105.34
N THR OB 14 -59.81 -28.36 -104.70
CA THR OB 14 -59.85 -26.99 -105.18
C THR OB 14 -59.60 -26.04 -104.02
N GLU OB 15 -58.57 -25.21 -104.16
CA GLU OB 15 -58.26 -24.18 -103.19
C GLU OB 15 -58.60 -22.82 -103.78
N LYS OB 16 -58.24 -21.77 -103.06
CA LYS OB 16 -58.39 -20.42 -103.59
C LYS OB 16 -57.54 -20.24 -104.83
N ASP OB 17 -56.32 -20.78 -104.83
CA ASP OB 17 -55.41 -20.59 -105.94
C ASP OB 17 -54.74 -21.88 -106.41
N VAL OB 18 -55.17 -23.04 -105.94
CA VAL OB 18 -54.65 -24.31 -106.41
C VAL OB 18 -55.81 -25.20 -106.81
N VAL OB 19 -55.69 -25.85 -107.96
CA VAL OB 19 -56.56 -26.95 -108.34
C VAL OB 19 -55.68 -28.19 -108.47
N SER OB 20 -56.06 -29.27 -107.80
CA SER OB 20 -55.35 -30.53 -107.87
C SER OB 20 -56.25 -31.59 -108.50
N LEU OB 21 -55.72 -32.29 -109.49
CA LEU OB 21 -56.38 -33.38 -110.17
C LEU OB 21 -55.58 -34.64 -109.96
N ARG OB 22 -56.28 -35.77 -109.91
CA ARG OB 22 -55.66 -37.06 -109.73
C ARG OB 22 -56.12 -38.01 -110.82
N ASP OB 23 -55.33 -39.05 -111.06
CA ASP OB 23 -55.72 -40.04 -112.06
C ASP OB 23 -56.87 -40.91 -111.56
N PHE OB 24 -56.78 -41.38 -110.31
CA PHE OB 24 -57.79 -42.22 -109.68
C PHE OB 24 -57.86 -43.60 -110.33
N ALA OB 25 -57.08 -43.79 -111.40
CA ALA OB 25 -56.96 -45.09 -112.05
C ALA OB 25 -55.68 -45.81 -111.65
N ASN OB 26 -54.53 -45.19 -111.86
CA ASN OB 26 -53.29 -45.74 -111.34
C ASN OB 26 -52.94 -45.19 -109.97
N ASP OB 27 -53.66 -44.17 -109.50
CA ASP OB 27 -53.52 -43.64 -108.14
C ASP OB 27 -52.08 -43.26 -107.82
N LYS OB 28 -51.34 -42.77 -108.82
CA LYS OB 28 -49.96 -42.39 -108.60
C LYS OB 28 -49.61 -41.01 -109.13
N ASP OB 29 -50.48 -40.37 -109.91
CA ASP OB 29 -50.18 -39.10 -110.53
C ASP OB 29 -51.09 -38.01 -109.99
N THR OB 30 -50.51 -36.85 -109.68
CA THR OB 30 -51.27 -35.67 -109.31
C THR OB 30 -50.79 -34.49 -110.14
N LEU OB 31 -51.74 -33.80 -110.77
CA LEU OB 31 -51.47 -32.63 -111.58
C LEU OB 31 -52.04 -31.41 -110.87
N ALA OB 32 -51.20 -30.42 -110.60
CA ALA OB 32 -51.60 -29.22 -109.87
C ALA OB 32 -51.42 -27.98 -110.72
N TYR OB 33 -52.45 -27.15 -110.76
CA TYR OB 33 -52.44 -25.82 -111.37
C TYR OB 33 -52.47 -24.83 -110.22
N LYS OB 34 -51.58 -23.85 -110.24
CA LYS OB 34 -51.32 -23.02 -109.08
C LYS OB 34 -51.10 -21.58 -109.55
N ARG OB 35 -51.62 -20.64 -108.78
CA ARG OB 35 -51.89 -19.28 -109.27
C ARG OB 35 -51.48 -18.25 -108.22
N LEU OB 36 -50.63 -17.30 -108.61
CA LEU OB 36 -50.29 -16.14 -107.77
C LEU OB 36 -50.43 -14.86 -108.58
N ALA OB 37 -51.48 -14.09 -108.31
CA ALA OB 37 -51.69 -12.83 -109.01
C ALA OB 37 -50.55 -11.86 -108.71
N PRO OB 38 -50.20 -10.99 -109.67
CA PRO OB 38 -49.09 -10.05 -109.44
C PRO OB 38 -49.46 -9.02 -108.37
N LYS OB 39 -48.45 -8.58 -107.63
CA LYS OB 39 -48.65 -7.61 -106.56
C LYS OB 39 -47.81 -6.37 -106.84
N ARG OB 40 -48.46 -5.21 -106.88
CA ARG OB 40 -47.81 -3.94 -107.18
C ARG OB 40 -47.12 -3.47 -105.90
N THR OB 41 -45.88 -3.93 -105.72
CA THR OB 41 -45.06 -3.54 -104.57
C THR OB 41 -44.25 -2.30 -104.84
N LYS OB 42 -44.22 -1.82 -106.08
CA LYS OB 42 -43.43 -0.66 -106.46
C LYS OB 42 -44.03 -0.10 -107.74
N ASP OB 43 -43.25 0.74 -108.43
CA ASP OB 43 -43.65 1.25 -109.74
C ASP OB 43 -43.91 0.09 -110.70
N SER OB 44 -43.27 -1.05 -110.46
CA SER OB 44 -43.59 -2.24 -111.23
C SER OB 44 -44.93 -2.80 -110.76
N PRO OB 45 -45.77 -3.31 -111.67
CA PRO OB 45 -47.06 -3.88 -111.27
C PRO OB 45 -46.96 -5.28 -110.69
N GLY OB 46 -45.77 -5.85 -110.57
CA GLY OB 46 -45.59 -7.18 -110.06
C GLY OB 46 -45.59 -8.25 -111.15
N MET OB 47 -45.22 -9.45 -110.74
CA MET OB 47 -45.11 -10.58 -111.65
C MET OB 47 -46.18 -11.62 -111.31
N ALA OB 48 -46.89 -12.09 -112.33
CA ALA OB 48 -47.93 -13.10 -112.16
C ALA OB 48 -47.29 -14.48 -112.23
N LYS OB 49 -47.37 -15.22 -111.13
CA LYS OB 49 -46.84 -16.58 -111.07
C LYS OB 49 -47.89 -17.59 -111.49
N SER OB 50 -47.49 -18.50 -112.37
CA SER OB 50 -48.24 -19.70 -112.65
C SER OB 50 -47.37 -20.91 -112.34
N GLU OB 51 -48.01 -22.02 -112.03
CA GLU OB 51 -47.26 -23.23 -111.71
C GLU OB 51 -48.09 -24.43 -112.14
N LEU OB 52 -47.47 -25.34 -112.88
CA LEU OB 52 -48.14 -26.53 -113.39
C LEU OB 52 -47.24 -27.72 -113.12
N LYS OB 53 -47.58 -28.51 -112.11
CA LYS OB 53 -46.69 -29.58 -111.68
C LYS OB 53 -47.37 -30.93 -111.82
N ILE OB 54 -46.60 -31.92 -112.27
CA ILE OB 54 -47.01 -33.32 -112.28
C ILE OB 54 -46.12 -34.07 -111.30
N THR OB 55 -46.73 -34.73 -110.33
CA THR OB 55 -46.02 -35.49 -109.33
C THR OB 55 -46.44 -36.95 -109.42
N ARG OB 56 -45.46 -37.85 -109.41
CA ARG OB 56 -45.68 -39.28 -109.41
C ARG OB 56 -45.19 -39.86 -108.10
N VAL OB 57 -46.08 -40.55 -107.40
CA VAL OB 57 -45.75 -41.23 -106.15
C VAL OB 57 -46.24 -42.67 -106.28
N ASP OB 58 -45.34 -43.62 -106.07
CA ASP OB 58 -45.80 -45.00 -106.22
C ASP OB 58 -46.78 -45.36 -105.10
N PRO OB 59 -47.90 -46.00 -105.42
CA PRO OB 59 -48.93 -46.22 -104.40
C PRO OB 59 -48.76 -47.51 -103.62
N THR OB 60 -47.55 -47.82 -103.18
CA THR OB 60 -47.35 -48.96 -102.29
C THR OB 60 -46.71 -48.50 -100.98
N THR OB 61 -45.67 -47.68 -101.07
CA THR OB 61 -45.05 -47.08 -99.91
C THR OB 61 -45.11 -45.56 -99.93
N GLY OB 62 -45.59 -44.97 -101.02
CA GLY OB 62 -45.70 -43.53 -101.10
C GLY OB 62 -44.42 -42.81 -101.43
N VAL OB 63 -43.43 -43.50 -101.99
CA VAL OB 63 -42.15 -42.89 -102.34
C VAL OB 63 -42.35 -42.03 -103.57
N LEU OB 64 -41.77 -40.83 -103.55
CA LEU OB 64 -41.93 -39.90 -104.66
C LEU OB 64 -40.97 -40.27 -105.78
N ILE OB 65 -41.50 -40.74 -106.89
CA ILE OB 65 -40.67 -41.13 -108.02
C ILE OB 65 -40.07 -39.91 -108.69
N GLY OB 66 -40.87 -38.88 -108.97
CA GLY OB 66 -40.34 -37.71 -109.63
C GLY OB 66 -41.40 -36.65 -109.83
N ILE OB 67 -40.92 -35.42 -110.00
CA ILE OB 67 -41.77 -34.26 -110.23
C ILE OB 67 -41.25 -33.53 -111.46
N VAL OB 68 -42.16 -33.11 -112.33
CA VAL OB 68 -41.86 -32.19 -113.41
C VAL OB 68 -42.74 -30.96 -113.22
N ASN OB 69 -42.11 -29.78 -113.19
CA ASN OB 69 -42.82 -28.53 -112.89
C ASN OB 69 -42.62 -27.55 -114.02
N VAL OB 70 -43.68 -26.86 -114.40
CA VAL OB 70 -43.63 -25.78 -115.37
C VAL OB 70 -44.08 -24.51 -114.66
N SER OB 71 -43.14 -23.60 -114.42
CA SER OB 71 -43.42 -22.37 -113.70
C SER OB 71 -43.18 -21.17 -114.60
N SER OB 72 -44.08 -20.20 -114.54
CA SER OB 72 -43.94 -18.96 -115.26
C SER OB 72 -44.01 -17.80 -114.28
N SER OB 73 -43.23 -16.77 -114.54
CA SER OB 73 -43.22 -15.53 -113.74
C SER OB 73 -43.12 -14.39 -114.74
N ILE OB 74 -44.24 -13.76 -115.04
CA ILE OB 74 -44.34 -12.77 -116.10
C ILE OB 74 -44.88 -11.47 -115.55
N ARG OB 75 -44.32 -10.35 -116.03
CA ARG OB 75 -44.76 -9.02 -115.61
C ARG OB 75 -46.24 -8.83 -115.86
N ALA OB 76 -46.90 -8.12 -114.94
CA ALA OB 76 -48.32 -7.84 -115.12
C ALA OB 76 -48.57 -7.01 -116.36
N ASP OB 77 -47.70 -6.04 -116.64
CA ASP OB 77 -47.83 -5.18 -117.80
C ASP OB 77 -47.38 -5.85 -119.09
N ALA OB 78 -46.79 -7.05 -119.00
CA ALA OB 78 -46.17 -7.67 -120.16
C ALA OB 78 -47.21 -7.96 -121.23
N THR OB 79 -46.79 -7.81 -122.49
CA THR OB 79 -47.68 -7.97 -123.61
C THR OB 79 -48.04 -9.43 -123.82
N ALA OB 80 -49.19 -9.65 -124.47
CA ALA OB 80 -49.56 -11.01 -124.85
C ALA OB 80 -48.57 -11.60 -125.84
N ALA OB 81 -47.93 -10.74 -126.65
CA ALA OB 81 -46.90 -11.21 -127.56
C ALA OB 81 -45.71 -11.79 -126.81
N ASP OB 82 -45.29 -11.13 -125.73
CA ASP OB 82 -44.20 -11.66 -124.92
C ASP OB 82 -44.57 -13.02 -124.33
N LYS OB 83 -45.79 -13.15 -123.83
CA LYS OB 83 -46.21 -14.40 -123.20
C LYS OB 83 -46.33 -15.52 -124.21
N THR OB 84 -46.88 -15.23 -125.39
CA THR OB 84 -46.97 -16.23 -126.44
C THR OB 84 -45.58 -16.66 -126.90
N ALA OB 85 -44.66 -15.70 -127.02
CA ALA OB 85 -43.30 -16.03 -127.42
C ALA OB 85 -42.63 -16.90 -126.38
N LEU OB 86 -42.79 -16.58 -125.10
CA LEU OB 86 -42.18 -17.38 -124.05
C LEU OB 86 -42.72 -18.81 -124.08
N MET OB 87 -44.04 -18.95 -124.22
CA MET OB 87 -44.63 -20.28 -124.23
C MET OB 87 -44.18 -21.08 -125.46
N ALA OB 88 -44.15 -20.43 -126.63
CA ALA OB 88 -43.71 -21.11 -127.84
C ALA OB 88 -42.25 -21.54 -127.74
N ILE OB 89 -41.39 -20.67 -127.19
CA ILE OB 89 -39.97 -21.01 -127.10
C ILE OB 89 -39.77 -22.18 -126.15
N ILE OB 90 -40.39 -22.13 -124.98
CA ILE OB 90 -40.19 -23.21 -124.02
C ILE OB 90 -40.80 -24.51 -124.54
N THR OB 91 -41.92 -24.43 -125.26
CA THR OB 91 -42.53 -25.62 -125.82
C THR OB 91 -41.66 -26.25 -126.90
N ALA OB 92 -41.09 -25.41 -127.79
CA ALA OB 92 -40.20 -25.92 -128.82
C ALA OB 92 -38.94 -26.53 -128.22
N ALA OB 93 -38.41 -25.91 -127.16
CA ALA OB 93 -37.25 -26.47 -126.49
C ALA OB 93 -37.57 -27.80 -125.83
N GLN OB 94 -38.76 -27.92 -125.25
CA GLN OB 94 -39.18 -29.20 -124.67
C GLN OB 94 -39.33 -30.27 -125.74
N ALA OB 95 -39.89 -29.90 -126.89
CA ALA OB 95 -40.03 -30.85 -127.99
C ALA OB 95 -38.70 -31.31 -128.53
N ASP OB 96 -37.65 -30.49 -128.37
CA ASP OB 96 -36.32 -30.88 -128.79
C ASP OB 96 -35.79 -32.03 -127.92
N GLY OB 97 -34.93 -32.84 -128.52
CA GLY OB 97 -34.35 -33.97 -127.81
C GLY OB 97 -33.31 -33.57 -126.78
N ALA OB 98 -32.80 -32.34 -126.85
CA ALA OB 98 -31.87 -31.88 -125.84
C ALA OB 98 -32.50 -31.90 -124.47
N TRP OB 99 -33.75 -31.47 -124.36
CA TRP OB 99 -34.46 -31.55 -123.08
C TRP OB 99 -34.71 -33.00 -122.68
N THR OB 100 -35.03 -33.84 -123.66
CA THR OB 100 -35.30 -35.25 -123.37
C THR OB 100 -34.03 -35.98 -122.90
N GLU OB 101 -32.86 -35.41 -123.18
CA GLU OB 101 -31.61 -35.93 -122.64
C GLU OB 101 -31.24 -35.30 -121.31
N LEU OB 102 -31.44 -33.98 -121.19
CA LEU OB 102 -31.26 -33.30 -119.91
C LEU OB 102 -32.05 -33.99 -118.81
N VAL OB 103 -33.29 -34.33 -119.10
CA VAL OB 103 -34.03 -35.24 -118.24
C VAL OB 103 -33.69 -36.66 -118.69
N THR OB 104 -33.60 -37.57 -117.72
CA THR OB 104 -33.25 -38.99 -117.90
C THR OB 104 -31.77 -39.25 -118.16
N ASP OB 105 -30.98 -38.23 -118.45
CA ASP OB 105 -29.56 -38.45 -118.72
C ASP OB 105 -28.63 -37.47 -118.02
N GLN OB 106 -29.13 -36.33 -117.57
CA GLN OB 106 -28.29 -35.26 -117.04
C GLN OB 106 -27.23 -34.86 -118.07
N ARG OB 107 -27.68 -34.72 -119.30
CA ARG OB 107 -26.81 -34.42 -120.44
C ARG OB 107 -27.08 -33.01 -120.92
N LEU OB 108 -26.04 -32.18 -120.98
CA LEU OB 108 -26.14 -30.84 -121.49
C LEU OB 108 -26.09 -30.85 -123.02
N PRO OB 109 -26.65 -29.83 -123.67
CA PRO OB 109 -26.69 -29.83 -125.15
C PRO OB 109 -25.39 -29.35 -125.77
N LEU OB 110 -24.26 -29.83 -125.26
CA LEU OB 110 -22.95 -29.40 -125.74
C LEU OB 110 -22.12 -30.53 -126.34
N ALA OB 111 -22.66 -31.74 -126.42
CA ALA OB 111 -21.94 -32.82 -127.06
C ALA OB 111 -21.68 -32.49 -128.52
N THR OB 112 -20.58 -33.02 -129.05
CA THR OB 112 -20.24 -32.84 -130.45
C THR OB 112 -20.90 -33.88 -131.36
N VAL OB 113 -21.64 -34.83 -130.79
CA VAL OB 113 -22.38 -35.86 -131.52
C VAL OB 113 -21.47 -36.78 -132.32
N SER PB 1 -31.23 -25.94 -127.75
CA SER PB 1 -30.01 -26.06 -128.52
C SER PB 1 -29.99 -25.11 -129.72
N LYS PB 2 -30.91 -25.30 -130.65
CA LYS PB 2 -30.90 -24.58 -131.92
C LYS PB 2 -32.25 -23.90 -132.10
N VAL PB 3 -32.55 -23.51 -133.33
CA VAL PB 3 -33.68 -22.66 -133.67
C VAL PB 3 -34.98 -23.14 -133.03
N PHE PB 4 -35.57 -22.29 -132.20
CA PHE PB 4 -36.83 -22.56 -131.53
C PHE PB 4 -37.75 -21.37 -131.74
N ASN PB 5 -39.00 -21.64 -132.12
CA ASN PB 5 -39.99 -20.61 -132.40
C ASN PB 5 -39.45 -19.62 -133.45
N THR PB 6 -38.85 -20.18 -134.51
CA THR PB 6 -38.24 -19.48 -135.63
C THR PB 6 -37.04 -18.62 -135.22
N GLN PB 7 -36.62 -18.67 -133.97
CA GLN PB 7 -35.50 -17.85 -133.50
C GLN PB 7 -34.27 -18.72 -133.28
N THR PB 8 -33.14 -18.26 -133.81
CA THR PB 8 -31.88 -18.97 -133.70
C THR PB 8 -31.24 -18.63 -132.35
N PHE PB 9 -30.98 -19.66 -131.55
CA PHE PB 9 -30.36 -19.49 -130.24
C PHE PB 9 -28.92 -19.99 -130.33
N ASP PB 10 -27.98 -19.06 -130.33
CA ASP PB 10 -26.56 -19.37 -130.38
C ASP PB 10 -25.99 -19.33 -128.97
N ILE PB 11 -24.93 -20.10 -128.74
CA ILE PB 11 -24.44 -20.32 -127.38
C ILE PB 11 -23.93 -19.00 -126.80
N TYR PB 12 -24.39 -18.67 -125.60
CA TYR PB 12 -23.99 -17.45 -124.93
C TYR PB 12 -22.97 -17.68 -123.81
N SER PB 13 -23.08 -18.79 -123.10
CA SER PB 13 -22.10 -19.14 -122.07
C SER PB 13 -22.22 -20.62 -121.74
N THR PB 14 -21.14 -21.18 -121.20
CA THR PB 14 -21.13 -22.57 -120.77
C THR PB 14 -20.49 -22.66 -119.40
N GLU PB 15 -21.17 -23.34 -118.48
CA GLU PB 15 -20.68 -23.54 -117.13
C GLU PB 15 -20.50 -25.03 -116.85
N LYS PB 16 -20.19 -25.33 -115.58
CA LYS PB 16 -20.14 -26.71 -115.12
C LYS PB 16 -21.45 -27.42 -115.36
N ASP PB 17 -22.57 -26.76 -115.06
CA ASP PB 17 -23.88 -27.39 -115.11
C ASP PB 17 -24.90 -26.59 -115.88
N VAL PB 18 -24.52 -25.44 -116.42
CA VAL PB 18 -25.45 -24.57 -117.13
C VAL PB 18 -24.89 -24.28 -118.52
N VAL PB 19 -25.74 -24.43 -119.53
CA VAL PB 19 -25.44 -23.99 -120.88
C VAL PB 19 -26.50 -22.97 -121.26
N SER PB 20 -26.06 -21.78 -121.62
CA SER PB 20 -26.94 -20.66 -121.90
C SER PB 20 -26.76 -20.25 -123.36
N LEU PB 21 -27.87 -20.11 -124.07
CA LEU PB 21 -27.91 -19.67 -125.45
C LEU PB 21 -28.68 -18.37 -125.55
N ARG PB 22 -28.32 -17.55 -126.52
CA ARG PB 22 -28.98 -16.28 -126.75
C ARG PB 22 -29.43 -16.22 -128.20
N ASP PB 23 -30.48 -15.43 -128.44
CA ASP PB 23 -30.91 -15.19 -129.81
C ASP PB 23 -29.87 -14.38 -130.58
N PHE PB 24 -29.40 -13.27 -130.01
CA PHE PB 24 -28.44 -12.35 -130.61
C PHE PB 24 -29.05 -11.59 -131.78
N ALA PB 25 -30.28 -11.94 -132.16
CA ALA PB 25 -31.04 -11.20 -133.16
C ALA PB 25 -31.92 -10.13 -132.51
N ASN PB 26 -32.84 -10.54 -131.64
CA ASN PB 26 -33.56 -9.59 -130.81
C ASN PB 26 -32.82 -9.29 -129.52
N ASP PB 27 -31.78 -10.05 -129.20
CA ASP PB 27 -30.92 -9.83 -128.05
C ASP PB 27 -31.70 -9.73 -126.75
N LYS PB 28 -32.83 -10.44 -126.68
CA LYS PB 28 -33.71 -10.34 -125.53
C LYS PB 28 -34.03 -11.69 -124.89
N ASP PB 29 -33.78 -12.81 -125.57
CA ASP PB 29 -34.18 -14.13 -125.11
C ASP PB 29 -32.96 -14.96 -124.76
N THR PB 30 -32.99 -15.59 -123.61
CA THR PB 30 -31.90 -16.46 -123.16
C THR PB 30 -32.49 -17.79 -122.71
N LEU PB 31 -31.95 -18.87 -123.26
CA LEU PB 31 -32.39 -20.23 -122.97
C LEU PB 31 -31.28 -20.96 -122.23
N ALA PB 32 -31.59 -21.44 -121.02
CA ALA PB 32 -30.60 -22.09 -120.18
C ALA PB 32 -31.00 -23.53 -119.91
N TYR PB 33 -30.01 -24.43 -119.99
CA TYR PB 33 -30.12 -25.83 -119.61
C TYR PB 33 -29.26 -26.04 -118.38
N LYS PB 34 -29.86 -26.55 -117.31
CA LYS PB 34 -29.22 -26.62 -116.01
C LYS PB 34 -29.33 -28.05 -115.49
N ARG PB 35 -28.26 -28.50 -114.86
CA ARG PB 35 -28.06 -29.91 -114.51
C ARG PB 35 -27.62 -30.03 -113.06
N LEU PB 36 -28.24 -30.95 -112.32
CA LEU PB 36 -27.81 -31.24 -110.95
C LEU PB 36 -27.87 -32.74 -110.75
N ALA PB 37 -26.72 -33.40 -110.83
CA ALA PB 37 -26.69 -34.85 -110.70
C ALA PB 37 -27.17 -35.28 -109.31
N PRO PB 38 -27.79 -36.46 -109.21
CA PRO PB 38 -28.23 -36.95 -107.90
C PRO PB 38 -27.06 -37.17 -106.96
N LYS PB 39 -27.29 -36.89 -105.69
CA LYS PB 39 -26.29 -37.09 -104.65
C LYS PB 39 -26.80 -38.15 -103.69
N ARG PB 40 -25.98 -39.18 -103.46
CA ARG PB 40 -26.36 -40.34 -102.64
C ARG PB 40 -26.05 -40.03 -101.18
N THR PB 41 -26.85 -39.14 -100.61
CA THR PB 41 -26.65 -38.72 -99.22
C THR PB 41 -27.15 -39.73 -98.22
N LYS PB 42 -27.91 -40.72 -98.66
CA LYS PB 42 -28.43 -41.76 -97.78
C LYS PB 42 -28.64 -43.01 -98.63
N ASP PB 43 -29.44 -43.95 -98.10
CA ASP PB 43 -29.83 -45.13 -98.86
C ASP PB 43 -30.51 -44.71 -100.15
N SER PB 44 -31.10 -43.52 -100.16
CA SER PB 44 -31.63 -42.96 -101.39
C SER PB 44 -30.50 -42.77 -102.40
N PRO PB 45 -30.71 -43.07 -103.68
CA PRO PB 45 -29.71 -42.72 -104.69
C PRO PB 45 -29.68 -41.25 -105.03
N GLY PB 46 -30.48 -40.43 -104.36
CA GLY PB 46 -30.56 -39.02 -104.63
C GLY PB 46 -31.57 -38.70 -105.72
N MET PB 47 -31.73 -37.41 -105.97
CA MET PB 47 -32.64 -36.92 -106.99
C MET PB 47 -31.85 -36.22 -108.09
N ALA PB 48 -32.10 -36.60 -109.34
CA ALA PB 48 -31.52 -35.92 -110.49
C ALA PB 48 -32.38 -34.71 -110.82
N LYS PB 49 -31.80 -33.52 -110.70
CA LYS PB 49 -32.50 -32.28 -111.01
C LYS PB 49 -32.11 -31.82 -112.40
N SER PB 50 -33.09 -31.35 -113.15
CA SER PB 50 -32.82 -30.63 -114.39
C SER PB 50 -33.64 -29.35 -114.41
N GLU PB 51 -33.24 -28.42 -115.27
CA GLU PB 51 -33.97 -27.17 -115.39
C GLU PB 51 -33.82 -26.66 -116.82
N LEU PB 52 -34.91 -26.25 -117.43
CA LEU PB 52 -34.89 -25.66 -118.77
C LEU PB 52 -35.65 -24.35 -118.69
N LYS PB 53 -34.93 -23.23 -118.72
CA LYS PB 53 -35.54 -21.93 -118.49
C LYS PB 53 -35.38 -21.02 -119.68
N ILE PB 54 -36.42 -20.27 -119.97
CA ILE PB 54 -36.39 -19.22 -120.99
C ILE PB 54 -36.65 -17.90 -120.29
N THR PB 55 -35.80 -16.92 -120.55
CA THR PB 55 -35.91 -15.61 -119.94
C THR PB 55 -35.95 -14.55 -121.03
N ARG PB 56 -36.93 -13.66 -120.93
CA ARG PB 56 -37.02 -12.51 -121.82
C ARG PB 56 -36.80 -11.25 -121.01
N VAL PB 57 -35.87 -10.43 -121.45
CA VAL PB 57 -35.65 -9.11 -120.87
C VAL PB 57 -35.68 -8.09 -121.99
N ASP PB 58 -36.08 -6.87 -121.67
CA ASP PB 58 -36.04 -5.84 -122.69
C ASP PB 58 -34.61 -5.33 -122.80
N PRO PB 59 -33.93 -5.50 -123.93
CA PRO PB 59 -32.50 -5.19 -123.98
C PRO PB 59 -32.20 -3.73 -124.25
N THR PB 60 -32.96 -2.83 -123.64
CA THR PB 60 -32.58 -1.42 -123.62
C THR PB 60 -32.51 -0.94 -122.18
N THR PB 61 -33.55 -1.23 -121.40
CA THR PB 61 -33.62 -0.84 -120.00
C THR PB 61 -33.41 -2.01 -119.05
N GLY PB 62 -33.26 -3.22 -119.58
CA GLY PB 62 -33.00 -4.36 -118.73
C GLY PB 62 -34.11 -4.73 -117.79
N VAL PB 63 -35.37 -4.59 -118.21
CA VAL PB 63 -36.51 -5.01 -117.42
C VAL PB 63 -36.86 -6.45 -117.77
N LEU PB 64 -37.03 -7.28 -116.75
CA LEU PB 64 -37.38 -8.67 -116.96
C LEU PB 64 -38.83 -8.75 -117.38
N ILE PB 65 -39.08 -9.13 -118.64
CA ILE PB 65 -40.46 -9.26 -119.09
C ILE PB 65 -41.10 -10.50 -118.47
N GLY PB 66 -40.41 -11.63 -118.46
CA GLY PB 66 -40.97 -12.83 -117.89
C GLY PB 66 -40.04 -14.02 -118.04
N ILE PB 67 -40.30 -15.04 -117.22
CA ILE PB 67 -39.55 -16.28 -117.19
C ILE PB 67 -40.52 -17.44 -117.25
N VAL PB 68 -40.18 -18.49 -118.00
CA VAL PB 68 -40.86 -19.76 -117.96
C VAL PB 68 -39.82 -20.84 -117.69
N ASN PB 69 -40.07 -21.67 -116.68
CA ASN PB 69 -39.11 -22.65 -116.20
C ASN PB 69 -39.71 -24.04 -116.32
N VAL PB 70 -38.92 -25.00 -116.78
CA VAL PB 70 -39.29 -26.41 -116.77
C VAL PB 70 -38.25 -27.15 -115.94
N SER PB 71 -38.62 -27.49 -114.71
CA SER PB 71 -37.74 -28.17 -113.78
C SER PB 71 -38.21 -29.60 -113.57
N SER PB 72 -37.27 -30.53 -113.46
CA SER PB 72 -37.58 -31.91 -113.15
C SER PB 72 -36.76 -32.34 -111.94
N SER PB 73 -37.41 -33.09 -111.06
CA SER PB 73 -36.76 -33.69 -109.89
C SER PB 73 -37.17 -35.16 -109.87
N ILE PB 74 -36.38 -36.00 -110.52
CA ILE PB 74 -36.68 -37.41 -110.68
C ILE PB 74 -35.66 -38.22 -109.89
N ARG PB 75 -36.14 -39.27 -109.22
CA ARG PB 75 -35.25 -40.14 -108.48
C ARG PB 75 -34.21 -40.76 -109.40
N ALA PB 76 -32.99 -40.91 -108.89
CA ALA PB 76 -31.92 -41.50 -109.68
C ALA PB 76 -32.26 -42.93 -110.09
N ASP PB 77 -32.93 -43.68 -109.21
CA ASP PB 77 -33.32 -45.04 -109.51
C ASP PB 77 -34.58 -45.14 -110.36
N ALA PB 78 -35.28 -44.03 -110.57
CA ALA PB 78 -36.57 -44.07 -111.25
C ALA PB 78 -36.40 -44.57 -112.67
N THR PB 79 -37.25 -45.51 -113.05
CA THR PB 79 -37.15 -46.15 -114.35
C THR PB 79 -37.49 -45.15 -115.46
N ALA PB 80 -37.01 -45.45 -116.66
CA ALA PB 80 -37.30 -44.60 -117.81
C ALA PB 80 -38.80 -44.56 -118.10
N ALA PB 81 -39.54 -45.56 -117.65
CA ALA PB 81 -40.99 -45.54 -117.81
C ALA PB 81 -41.61 -44.38 -117.06
N ASP PB 82 -41.21 -44.19 -115.79
CA ASP PB 82 -41.74 -43.08 -115.01
C ASP PB 82 -41.32 -41.74 -115.59
N LYS PB 83 -40.07 -41.62 -116.05
CA LYS PB 83 -39.62 -40.36 -116.61
C LYS PB 83 -40.34 -40.03 -117.92
N THR PB 84 -40.53 -41.03 -118.78
CA THR PB 84 -41.27 -40.80 -120.02
C THR PB 84 -42.73 -40.47 -119.75
N ALA PB 85 -43.34 -41.12 -118.76
CA ALA PB 85 -44.71 -40.80 -118.41
C ALA PB 85 -44.82 -39.39 -117.87
N LEU PB 86 -43.86 -38.98 -117.04
CA LEU PB 86 -43.84 -37.63 -116.51
C LEU PB 86 -43.74 -36.59 -117.62
N MET PB 87 -42.82 -36.80 -118.57
CA MET PB 87 -42.71 -35.85 -119.67
C MET PB 87 -43.96 -35.85 -120.53
N ALA PB 88 -44.51 -37.03 -120.81
CA ALA PB 88 -45.70 -37.10 -121.64
C ALA PB 88 -46.87 -36.37 -121.01
N ILE PB 89 -47.06 -36.57 -119.70
CA ILE PB 89 -48.15 -35.90 -119.00
C ILE PB 89 -47.94 -34.39 -119.00
N ILE PB 90 -46.72 -33.94 -118.69
CA ILE PB 90 -46.52 -32.50 -118.57
C ILE PB 90 -46.62 -31.81 -119.92
N THR PB 91 -46.13 -32.46 -120.99
CA THR PB 91 -46.25 -31.88 -122.33
C THR PB 91 -47.70 -31.88 -122.79
N ALA PB 92 -48.45 -32.95 -122.50
CA ALA PB 92 -49.86 -32.97 -122.85
C ALA PB 92 -50.62 -31.87 -122.11
N ALA PB 93 -50.30 -31.66 -120.83
CA ALA PB 93 -50.94 -30.60 -120.08
C ALA PB 93 -50.59 -29.23 -120.64
N GLN PB 94 -49.33 -29.02 -121.02
CA GLN PB 94 -48.95 -27.74 -121.61
C GLN PB 94 -49.66 -27.50 -122.93
N ALA PB 95 -49.76 -28.53 -123.77
CA ALA PB 95 -50.49 -28.40 -125.02
C ALA PB 95 -51.96 -28.11 -124.81
N ASP PB 96 -52.51 -28.48 -123.66
CA ASP PB 96 -53.88 -28.18 -123.33
C ASP PB 96 -54.08 -26.68 -123.11
N GLY PB 97 -55.31 -26.23 -123.32
CA GLY PB 97 -55.61 -24.81 -123.17
C GLY PB 97 -55.59 -24.31 -121.74
N ALA PB 98 -55.75 -25.21 -120.77
CA ALA PB 98 -55.76 -24.79 -119.37
C ALA PB 98 -54.45 -24.12 -118.98
N TRP PB 99 -53.32 -24.68 -119.41
CA TRP PB 99 -52.04 -24.03 -119.15
C TRP PB 99 -51.95 -22.68 -119.85
N THR PB 100 -52.46 -22.61 -121.09
CA THR PB 100 -52.43 -21.36 -121.84
C THR PB 100 -53.19 -20.25 -121.11
N GLU PB 101 -54.34 -20.57 -120.52
CA GLU PB 101 -55.08 -19.57 -119.74
C GLU PB 101 -54.47 -19.30 -118.37
N LEU PB 102 -53.92 -20.33 -117.72
CA LEU PB 102 -53.26 -20.13 -116.43
C LEU PB 102 -52.14 -19.11 -116.56
N VAL PB 103 -51.34 -19.23 -117.62
CA VAL PB 103 -50.51 -18.11 -118.03
C VAL PB 103 -51.39 -17.11 -118.78
N THR PB 104 -51.03 -15.83 -118.74
CA THR PB 104 -51.74 -14.76 -119.43
C THR PB 104 -53.15 -14.48 -118.88
N ASP PB 105 -53.66 -15.31 -117.98
CA ASP PB 105 -54.96 -15.01 -117.38
C ASP PB 105 -55.01 -15.28 -115.90
N GLN PB 106 -54.09 -16.06 -115.34
CA GLN PB 106 -54.16 -16.55 -113.98
C GLN PB 106 -55.49 -17.25 -113.74
N ARG PB 107 -55.91 -18.03 -114.73
CA ARG PB 107 -57.19 -18.73 -114.72
C ARG PB 107 -56.97 -20.20 -114.36
N LEU PB 108 -57.57 -20.62 -113.25
CA LEU PB 108 -57.48 -22.00 -112.84
C LEU PB 108 -58.48 -22.86 -113.62
N PRO PB 109 -58.17 -24.14 -113.82
CA PRO PB 109 -59.10 -25.02 -114.53
C PRO PB 109 -60.27 -25.41 -113.65
N LEU PB 110 -61.18 -24.46 -113.40
CA LEU PB 110 -62.40 -24.73 -112.67
C LEU PB 110 -63.61 -24.03 -113.26
N ALA PB 111 -63.46 -23.33 -114.39
CA ALA PB 111 -64.59 -22.61 -114.98
C ALA PB 111 -65.61 -23.58 -115.54
N THR PB 112 -66.89 -23.24 -115.37
CA THR PB 112 -67.99 -24.07 -115.85
C THR PB 112 -68.34 -23.82 -117.31
N VAL PB 113 -67.68 -22.85 -117.95
CA VAL PB 113 -67.90 -22.51 -119.36
C VAL PB 113 -69.34 -22.05 -119.58
N SER QB 1 9.83 -53.81 -121.21
CA SER QB 1 10.67 -54.99 -121.24
C SER QB 1 11.89 -54.80 -122.13
N LYS QB 2 11.66 -54.46 -123.40
CA LYS QB 2 12.73 -54.34 -124.37
C LYS QB 2 12.49 -53.12 -125.24
N VAL QB 3 13.18 -53.06 -126.38
CA VAL QB 3 13.34 -51.85 -127.19
C VAL QB 3 12.04 -51.10 -127.40
N PHE QB 4 12.03 -49.84 -126.98
CA PHE QB 4 10.90 -48.93 -127.10
C PHE QB 4 11.40 -47.65 -127.74
N ASN QB 5 10.68 -47.16 -128.74
CA ASN QB 5 11.02 -45.91 -129.41
C ASN QB 5 12.46 -45.97 -129.94
N THR QB 6 12.84 -47.13 -130.48
CA THR QB 6 14.17 -47.45 -131.00
C THR QB 6 15.25 -47.40 -129.93
N GLN QB 7 14.90 -47.16 -128.67
CA GLN QB 7 15.87 -47.15 -127.58
C GLN QB 7 15.85 -48.50 -126.89
N THR QB 8 17.02 -49.02 -126.57
CA THR QB 8 17.13 -50.29 -125.86
C THR QB 8 17.04 -50.03 -124.37
N PHE QB 9 16.08 -50.66 -123.72
CA PHE QB 9 15.92 -50.56 -122.28
C PHE QB 9 16.36 -51.88 -121.66
N ASP QB 10 17.39 -51.83 -120.84
CA ASP QB 10 17.91 -53.01 -120.17
C ASP QB 10 17.59 -52.91 -118.68
N ILE QB 11 17.41 -54.07 -118.05
CA ILE QB 11 17.04 -54.08 -116.64
C ILE QB 11 18.14 -53.41 -115.84
N TYR QB 12 17.77 -52.40 -115.05
CA TYR QB 12 18.69 -51.74 -114.16
C TYR QB 12 18.60 -52.23 -112.74
N SER QB 13 17.40 -52.53 -112.27
CA SER QB 13 17.23 -53.01 -110.90
C SER QB 13 15.97 -53.84 -110.82
N THR QB 14 16.01 -54.85 -109.97
CA THR QB 14 14.84 -55.66 -109.70
C THR QB 14 14.55 -55.58 -108.21
N GLU QB 15 13.28 -55.35 -107.89
CA GLU QB 15 12.81 -55.22 -106.52
C GLU QB 15 11.65 -56.19 -106.32
N LYS QB 16 11.22 -56.33 -105.07
CA LYS QB 16 10.09 -57.19 -104.74
C LYS QB 16 8.88 -56.87 -105.60
N ASP QB 17 8.49 -55.60 -105.67
CA ASP QB 17 7.34 -55.19 -106.45
C ASP QB 17 7.68 -54.11 -107.47
N VAL QB 18 8.96 -53.88 -107.76
CA VAL QB 18 9.38 -52.87 -108.71
C VAL QB 18 10.44 -53.46 -109.63
N VAL QB 19 10.34 -53.16 -110.91
CA VAL QB 19 11.37 -53.52 -111.89
C VAL QB 19 11.71 -52.26 -112.68
N SER QB 20 12.98 -51.90 -112.72
CA SER QB 20 13.44 -50.68 -113.36
C SER QB 20 14.40 -51.01 -114.48
N LEU QB 21 14.13 -50.46 -115.67
CA LEU QB 21 14.95 -50.59 -116.86
C LEU QB 21 15.54 -49.24 -117.22
N ARG QB 22 16.77 -49.25 -117.72
CA ARG QB 22 17.45 -48.03 -118.12
C ARG QB 22 17.87 -48.16 -119.57
N ASP QB 23 17.90 -47.02 -120.26
CA ASP QB 23 18.38 -47.00 -121.63
C ASP QB 23 19.85 -47.41 -121.71
N PHE QB 24 20.68 -46.86 -120.82
CA PHE QB 24 22.11 -47.15 -120.71
C PHE QB 24 22.89 -46.64 -121.91
N ALA QB 25 22.18 -46.10 -122.91
CA ALA QB 25 22.81 -45.49 -124.07
C ALA QB 25 22.73 -43.97 -123.99
N ASN QB 26 21.53 -43.42 -123.79
CA ASN QB 26 21.37 -42.01 -123.48
C ASN QB 26 21.54 -41.70 -122.00
N ASP QB 27 21.44 -42.71 -121.13
CA ASP QB 27 21.67 -42.58 -119.70
C ASP QB 27 20.80 -41.50 -119.07
N LYS QB 28 19.58 -41.33 -119.57
CA LYS QB 28 18.64 -40.40 -118.97
C LYS QB 28 17.22 -40.92 -118.84
N ASP QB 29 16.88 -42.02 -119.49
CA ASP QB 29 15.53 -42.57 -119.48
C ASP QB 29 15.46 -43.78 -118.57
N THR QB 30 14.47 -43.80 -117.68
CA THR QB 30 14.23 -44.90 -116.78
C THR QB 30 12.76 -45.31 -116.87
N LEU QB 31 12.52 -46.60 -117.10
CA LEU QB 31 11.17 -47.14 -117.19
C LEU QB 31 10.94 -48.06 -116.00
N ALA QB 32 9.94 -47.75 -115.18
CA ALA QB 32 9.66 -48.49 -113.97
C ALA QB 32 8.29 -49.15 -114.04
N TYR QB 33 8.25 -50.44 -113.73
CA TYR QB 33 7.04 -51.22 -113.53
C TYR QB 33 6.86 -51.40 -112.02
N LYS QB 34 5.79 -50.85 -111.47
CA LYS QB 34 5.51 -50.93 -110.05
C LYS QB 34 4.19 -51.66 -109.81
N ARG QB 35 4.16 -52.41 -108.72
CA ARG QB 35 3.10 -53.35 -108.42
C ARG QB 35 2.58 -53.08 -107.01
N LEU QB 36 1.30 -53.34 -106.77
CA LEU QB 36 0.73 -53.19 -105.44
C LEU QB 36 -0.51 -54.07 -105.36
N ALA QB 37 -0.44 -55.11 -104.54
CA ALA QB 37 -1.54 -56.06 -104.46
C ALA QB 37 -2.77 -55.44 -103.80
N PRO QB 38 -3.97 -55.86 -104.19
CA PRO QB 38 -5.18 -55.34 -103.52
C PRO QB 38 -5.27 -55.86 -102.10
N LYS QB 39 -5.66 -54.97 -101.19
CA LYS QB 39 -5.78 -55.32 -99.78
C LYS QB 39 -7.25 -55.47 -99.42
N ARG QB 40 -7.59 -56.62 -98.84
CA ARG QB 40 -8.95 -56.88 -98.37
C ARG QB 40 -9.09 -56.28 -96.99
N THR QB 41 -8.94 -54.95 -96.92
CA THR QB 41 -9.05 -54.22 -95.68
C THR QB 41 -10.48 -54.17 -95.17
N LYS QB 42 -11.42 -54.66 -95.96
CA LYS QB 42 -12.82 -54.71 -95.61
C LYS QB 42 -13.46 -55.85 -96.40
N ASP QB 43 -14.79 -55.85 -96.47
CA ASP QB 43 -15.51 -56.82 -97.28
C ASP QB 43 -15.01 -56.79 -98.72
N SER QB 44 -14.73 -55.60 -99.22
CA SER QB 44 -14.23 -55.45 -100.58
C SER QB 44 -12.87 -56.13 -100.72
N PRO QB 45 -12.58 -56.77 -101.85
CA PRO QB 45 -11.29 -57.44 -102.02
C PRO QB 45 -10.12 -56.50 -102.23
N GLY QB 46 -10.35 -55.20 -102.32
CA GLY QB 46 -9.29 -54.23 -102.50
C GLY QB 46 -9.05 -53.88 -103.95
N MET QB 47 -8.15 -52.92 -104.14
CA MET QB 47 -7.82 -52.40 -105.46
C MET QB 47 -6.39 -52.78 -105.81
N ALA QB 48 -6.22 -53.45 -106.94
CA ALA QB 48 -4.91 -53.85 -107.42
C ALA QB 48 -4.27 -52.69 -108.16
N LYS QB 49 -3.23 -52.10 -107.58
CA LYS QB 49 -2.57 -50.95 -108.16
C LYS QB 49 -1.43 -51.37 -109.05
N SER QB 50 -1.37 -50.79 -110.24
CA SER QB 50 -0.26 -50.96 -111.15
C SER QB 50 0.32 -49.60 -111.48
N GLU QB 51 1.55 -49.59 -111.99
CA GLU QB 51 2.16 -48.34 -112.39
C GLU QB 51 3.21 -48.60 -113.44
N LEU QB 52 3.18 -47.82 -114.51
CA LEU QB 52 4.19 -47.87 -115.56
C LEU QB 52 4.64 -46.44 -115.81
N LYS QB 53 5.88 -46.12 -115.47
CA LYS QB 53 6.33 -44.73 -115.58
C LYS QB 53 7.64 -44.65 -116.33
N ILE QB 54 7.80 -43.54 -117.07
CA ILE QB 54 9.05 -43.21 -117.74
C ILE QB 54 9.53 -41.87 -117.21
N THR QB 55 10.77 -41.82 -116.77
CA THR QB 55 11.37 -40.64 -116.19
C THR QB 55 12.61 -40.26 -116.97
N ARG QB 56 12.70 -39.00 -117.36
CA ARG QB 56 13.87 -38.47 -118.04
C ARG QB 56 14.57 -37.50 -117.10
N VAL QB 57 15.83 -37.78 -116.80
CA VAL QB 57 16.66 -36.92 -115.97
C VAL QB 57 18.00 -36.76 -116.65
N ASP QB 58 18.36 -35.53 -116.97
CA ASP QB 58 19.48 -35.31 -117.89
C ASP QB 58 20.80 -35.85 -117.33
N PRO QB 59 21.63 -36.46 -118.15
CA PRO QB 59 22.89 -37.03 -117.63
C PRO QB 59 24.06 -36.05 -117.62
N THR QB 60 23.84 -34.81 -117.19
CA THR QB 60 24.96 -33.90 -117.00
C THR QB 60 24.91 -33.23 -115.63
N THR QB 61 23.71 -32.85 -115.19
CA THR QB 61 23.52 -32.25 -113.88
C THR QB 61 22.41 -32.90 -113.08
N GLY QB 62 21.49 -33.61 -113.72
CA GLY QB 62 20.44 -34.30 -113.01
C GLY QB 62 19.15 -33.53 -112.85
N VAL QB 63 18.73 -32.79 -113.86
CA VAL QB 63 17.47 -32.06 -113.81
C VAL QB 63 16.38 -32.92 -114.44
N LEU QB 64 15.30 -33.11 -113.70
CA LEU QB 64 14.16 -33.89 -114.18
C LEU QB 64 13.49 -33.15 -115.33
N ILE QB 65 13.66 -33.68 -116.54
CA ILE QB 65 13.01 -33.08 -117.70
C ILE QB 65 11.52 -33.33 -117.68
N GLY QB 66 11.09 -34.55 -117.40
CA GLY QB 66 9.67 -34.84 -117.40
C GLY QB 66 9.41 -36.27 -116.96
N ILE QB 67 8.14 -36.52 -116.65
CA ILE QB 67 7.65 -37.84 -116.28
C ILE QB 67 6.30 -38.06 -116.96
N VAL QB 68 6.14 -39.23 -117.57
CA VAL QB 68 4.83 -39.71 -117.97
C VAL QB 68 4.58 -41.01 -117.23
N ASN QB 69 3.46 -41.08 -116.52
CA ASN QB 69 3.13 -42.23 -115.68
C ASN QB 69 1.78 -42.77 -116.09
N VAL QB 70 1.66 -44.10 -116.13
CA VAL QB 70 0.39 -44.76 -116.36
C VAL QB 70 0.11 -45.60 -115.13
N SER QB 71 -0.91 -45.20 -114.37
CA SER QB 71 -1.28 -45.88 -113.14
C SER QB 71 -2.67 -46.50 -113.30
N SER QB 72 -2.86 -47.67 -112.71
CA SER QB 72 -4.15 -48.33 -112.68
C SER QB 72 -4.54 -48.63 -111.25
N SER QB 73 -5.84 -48.48 -110.97
CA SER QB 73 -6.41 -48.85 -109.67
C SER QB 73 -7.71 -49.57 -110.01
N ILE QB 74 -7.65 -50.88 -110.09
CA ILE QB 74 -8.77 -51.70 -110.52
C ILE QB 74 -9.18 -52.61 -109.36
N ARG QB 75 -10.48 -52.78 -109.18
CA ARG QB 75 -11.00 -53.68 -108.16
C ARG QB 75 -10.41 -55.07 -108.34
N ALA QB 76 -10.07 -55.71 -107.22
CA ALA QB 76 -9.56 -57.07 -107.29
C ALA QB 76 -10.58 -58.02 -107.91
N ASP QB 77 -11.86 -57.76 -107.72
CA ASP QB 77 -12.91 -58.60 -108.29
C ASP QB 77 -13.33 -58.19 -109.69
N ALA QB 78 -12.77 -57.10 -110.23
CA ALA QB 78 -13.19 -56.62 -111.53
C ALA QB 78 -12.89 -57.65 -112.62
N THR QB 79 -13.84 -57.81 -113.53
CA THR QB 79 -13.72 -58.82 -114.56
C THR QB 79 -12.63 -58.46 -115.56
N ALA QB 80 -12.11 -59.48 -116.23
CA ALA QB 80 -11.12 -59.23 -117.28
C ALA QB 80 -11.69 -58.39 -118.40
N ALA QB 81 -13.01 -58.46 -118.61
CA ALA QB 81 -13.66 -57.59 -119.59
C ALA QB 81 -13.53 -56.12 -119.21
N ASP QB 82 -13.76 -55.81 -117.93
CA ASP QB 82 -13.60 -54.43 -117.47
C ASP QB 82 -12.16 -53.95 -117.65
N LYS QB 83 -11.19 -54.78 -117.32
CA LYS QB 83 -9.80 -54.37 -117.41
C LYS QB 83 -9.37 -54.20 -118.87
N THR QB 84 -9.79 -55.10 -119.74
CA THR QB 84 -9.50 -54.96 -121.16
C THR QB 84 -10.16 -53.70 -121.72
N ALA QB 85 -11.40 -53.43 -121.32
CA ALA QB 85 -12.09 -52.23 -121.80
C ALA QB 85 -11.39 -50.96 -121.33
N LEU QB 86 -10.97 -50.93 -120.07
CA LEU QB 86 -10.26 -49.76 -119.56
C LEU QB 86 -8.97 -49.54 -120.31
N MET QB 87 -8.21 -50.62 -120.53
CA MET QB 87 -6.94 -50.49 -121.23
C MET QB 87 -7.15 -50.04 -122.66
N ALA QB 88 -8.18 -50.58 -123.33
CA ALA QB 88 -8.44 -50.21 -124.72
C ALA QB 88 -8.89 -48.76 -124.83
N ILE QB 89 -9.77 -48.31 -123.93
CA ILE QB 89 -10.23 -46.93 -123.96
C ILE QB 89 -9.06 -45.98 -123.75
N ILE QB 90 -8.23 -46.26 -122.74
CA ILE QB 90 -7.13 -45.34 -122.47
C ILE QB 90 -6.11 -45.35 -123.60
N THR QB 91 -5.85 -46.51 -124.20
CA THR QB 91 -4.90 -46.58 -125.29
C THR QB 91 -5.42 -45.83 -126.52
N ALA QB 92 -6.71 -45.97 -126.82
CA ALA QB 92 -7.31 -45.24 -127.93
C ALA QB 92 -7.28 -43.73 -127.68
N ALA QB 93 -7.55 -43.32 -126.44
CA ALA QB 93 -7.52 -41.90 -126.11
C ALA QB 93 -6.12 -41.33 -126.24
N GLN QB 94 -5.10 -42.09 -125.81
CA GLN QB 94 -3.72 -41.65 -126.00
C GLN QB 94 -3.36 -41.59 -127.48
N ALA QB 95 -3.84 -42.54 -128.27
CA ALA QB 95 -3.61 -42.51 -129.71
C ALA QB 95 -4.33 -41.35 -130.37
N ASP QB 96 -5.40 -40.85 -129.77
CA ASP QB 96 -6.06 -39.65 -130.26
C ASP QB 96 -5.17 -38.45 -130.05
N GLY QB 97 -5.39 -37.42 -130.87
CA GLY QB 97 -4.54 -36.23 -130.84
C GLY QB 97 -4.86 -35.28 -129.71
N ALA QB 98 -6.01 -35.44 -129.06
CA ALA QB 98 -6.34 -34.58 -127.92
C ALA QB 98 -5.31 -34.76 -126.81
N TRP QB 99 -4.85 -35.99 -126.60
CA TRP QB 99 -3.78 -36.22 -125.62
C TRP QB 99 -2.48 -35.58 -126.08
N THR QB 100 -2.17 -35.69 -127.37
CA THR QB 100 -0.94 -35.11 -127.90
C THR QB 100 -0.96 -33.58 -127.82
N GLU QB 101 -2.14 -32.99 -127.67
CA GLU QB 101 -2.24 -31.55 -127.42
C GLU QB 101 -2.24 -31.20 -125.95
N LEU QB 102 -2.96 -31.97 -125.13
CA LEU QB 102 -2.92 -31.78 -123.69
C LEU QB 102 -1.50 -31.82 -123.16
N VAL QB 103 -0.75 -32.83 -123.55
CA VAL QB 103 0.70 -32.79 -123.44
C VAL QB 103 1.21 -31.93 -124.58
N THR QB 104 2.30 -31.21 -124.34
CA THR QB 104 2.99 -30.35 -125.30
C THR QB 104 2.26 -29.04 -125.58
N ASP QB 105 1.01 -28.90 -125.17
CA ASP QB 105 0.36 -27.60 -125.33
C ASP QB 105 -0.53 -27.19 -124.16
N GLN QB 106 -0.92 -28.10 -123.29
CA GLN QB 106 -1.95 -27.85 -122.28
C GLN QB 106 -3.24 -27.38 -122.95
N ARG QB 107 -3.58 -28.03 -124.05
CA ARG QB 107 -4.77 -27.70 -124.83
C ARG QB 107 -5.86 -28.71 -124.51
N LEU QB 108 -6.95 -28.23 -123.96
CA LEU QB 108 -8.07 -29.10 -123.63
C LEU QB 108 -8.94 -29.34 -124.87
N PRO QB 109 -9.64 -30.46 -124.91
CA PRO QB 109 -10.55 -30.71 -126.04
C PRO QB 109 -11.81 -29.88 -125.96
N LEU QB 110 -11.68 -28.56 -126.02
CA LEU QB 110 -12.83 -27.68 -126.07
C LEU QB 110 -12.69 -26.56 -127.10
N ALA QB 111 -11.53 -26.42 -127.74
CA ALA QB 111 -11.37 -25.42 -128.79
C ALA QB 111 -12.28 -25.72 -129.96
N THR QB 112 -12.83 -24.66 -130.58
CA THR QB 112 -13.75 -24.79 -131.69
C THR QB 112 -13.06 -24.98 -133.03
N VAL QB 113 -11.74 -24.90 -133.07
CA VAL QB 113 -10.94 -25.05 -134.30
C VAL QB 113 -11.33 -24.00 -135.34
N SER RB 1 83.04 -74.76 -72.62
CA SER RB 1 83.46 -76.03 -72.07
C SER RB 1 84.97 -76.06 -71.85
N LYS RB 2 85.72 -75.93 -72.93
CA LYS RB 2 87.19 -75.95 -72.89
C LYS RB 2 87.68 -74.86 -73.83
N VAL RB 3 88.96 -74.93 -74.18
CA VAL RB 3 89.67 -73.85 -74.88
C VAL RB 3 88.88 -73.33 -76.09
N PHE RB 4 88.57 -72.03 -76.06
CA PHE RB 4 87.88 -71.33 -77.13
C PHE RB 4 88.65 -70.06 -77.43
N ASN RB 5 88.91 -69.80 -78.71
CA ASN RB 5 89.63 -68.61 -79.14
C ASN RB 5 90.96 -68.50 -78.38
N THR RB 6 91.66 -69.64 -78.31
CA THR RB 6 92.96 -69.78 -77.65
C THR RB 6 92.93 -69.44 -76.17
N GLN RB 7 91.76 -69.44 -75.54
CA GLN RB 7 91.64 -69.22 -74.11
C GLN RB 7 91.01 -70.43 -73.45
N THR RB 8 91.54 -70.84 -72.31
CA THR RB 8 91.09 -72.03 -71.61
C THR RB 8 90.03 -71.64 -70.59
N PHE RB 9 88.82 -72.17 -70.76
CA PHE RB 9 87.71 -71.88 -69.86
C PHE RB 9 87.48 -73.09 -68.96
N ASP RB 10 87.70 -72.89 -67.67
CA ASP RB 10 87.50 -73.91 -66.66
C ASP RB 10 86.28 -73.57 -65.82
N ILE RB 11 85.61 -74.61 -65.32
CA ILE RB 11 84.38 -74.42 -64.57
C ILE RB 11 84.68 -73.60 -63.32
N TYR RB 12 83.95 -72.50 -63.15
CA TYR RB 12 83.99 -71.74 -61.92
C TYR RB 12 82.82 -72.04 -61.00
N SER RB 13 81.64 -72.29 -61.55
CA SER RB 13 80.47 -72.46 -60.71
C SER RB 13 79.47 -73.37 -61.42
N THR RB 14 78.67 -74.07 -60.62
CA THR RB 14 77.62 -74.93 -61.15
C THR RB 14 76.36 -74.75 -60.32
N GLU RB 15 75.28 -74.38 -60.98
CA GLU RB 15 73.98 -74.26 -60.35
C GLU RB 15 73.09 -75.40 -60.81
N LYS RB 16 71.82 -75.33 -60.41
CA LYS RB 16 70.85 -76.30 -60.90
C LYS RB 16 70.70 -76.20 -62.42
N ASP RB 17 70.68 -74.97 -62.95
CA ASP RB 17 70.44 -74.76 -64.37
C ASP RB 17 71.47 -73.84 -65.02
N VAL RB 18 72.52 -73.45 -64.31
CA VAL RB 18 73.58 -72.62 -64.88
C VAL RB 18 74.92 -73.28 -64.61
N VAL RB 19 75.77 -73.30 -65.62
CA VAL RB 19 77.19 -73.63 -65.47
C VAL RB 19 77.97 -72.41 -65.92
N SER RB 20 78.90 -71.96 -65.08
CA SER RB 20 79.74 -70.81 -65.37
C SER RB 20 81.20 -71.24 -65.41
N LEU RB 21 81.88 -70.86 -66.49
CA LEU RB 21 83.29 -71.12 -66.71
C LEU RB 21 84.03 -69.81 -66.81
N ARG RB 22 85.27 -69.80 -66.34
CA ARG RB 22 86.11 -68.61 -66.38
C ARG RB 22 87.44 -68.96 -67.03
N ASP RB 23 88.10 -67.92 -67.54
CA ASP RB 23 89.42 -68.12 -68.14
C ASP RB 23 90.48 -68.39 -67.07
N PHE RB 24 90.47 -67.59 -66.00
CA PHE RB 24 91.41 -67.71 -64.88
C PHE RB 24 92.82 -67.32 -65.32
N ALA RB 25 93.00 -67.03 -66.60
CA ALA RB 25 94.27 -66.58 -67.15
C ALA RB 25 94.28 -65.07 -67.36
N ASN RB 26 93.33 -64.54 -68.13
CA ASN RB 26 93.15 -63.10 -68.21
C ASN RB 26 92.16 -62.58 -67.18
N ASP RB 27 91.42 -63.47 -66.52
CA ASP RB 27 90.50 -63.12 -65.44
C ASP RB 27 89.50 -62.04 -65.88
N LYS RB 28 89.06 -62.10 -67.12
CA LYS RB 28 88.14 -61.09 -67.64
C LYS RB 28 86.94 -61.67 -68.36
N ASP RB 29 86.96 -62.93 -68.75
CA ASP RB 29 85.88 -63.53 -69.54
C ASP RB 29 85.17 -64.59 -68.70
N THR RB 30 83.84 -64.58 -68.78
CA THR RB 30 83.02 -65.63 -68.18
C THR RB 30 82.04 -66.14 -69.23
N LEU RB 31 82.01 -67.46 -69.38
CA LEU RB 31 81.10 -68.12 -70.32
C LEU RB 31 80.06 -68.88 -69.51
N ALA RB 32 78.79 -68.63 -69.78
CA ALA RB 32 77.69 -69.21 -69.03
C ALA RB 32 76.78 -69.99 -69.95
N TYR RB 33 76.47 -71.23 -69.55
CA TYR RB 33 75.50 -72.10 -70.19
C TYR RB 33 74.30 -72.19 -69.25
N LYS RB 34 73.12 -71.87 -69.74
CA LYS RB 34 71.95 -71.71 -68.89
C LYS RB 34 70.77 -72.41 -69.53
N ARG RB 35 69.92 -73.01 -68.69
CA ARG RB 35 68.98 -74.04 -69.08
C ARG RB 35 67.61 -73.79 -68.47
N LEU RB 36 66.57 -73.75 -69.30
CA LEU RB 36 65.19 -73.72 -68.82
C LEU RB 36 64.39 -74.79 -69.54
N ALA RB 37 63.95 -75.81 -68.80
CA ALA RB 37 63.13 -76.85 -69.39
C ALA RB 37 61.76 -76.30 -69.80
N PRO RB 38 61.15 -76.85 -70.85
CA PRO RB 38 59.83 -76.38 -71.27
C PRO RB 38 58.77 -76.70 -70.23
N LYS RB 39 57.79 -75.82 -70.11
CA LYS RB 39 56.70 -76.00 -69.16
C LYS RB 39 55.37 -76.06 -69.89
N ARG RB 40 54.65 -77.17 -69.69
CA ARG RB 40 53.37 -77.40 -70.36
C ARG RB 40 52.31 -76.60 -69.60
N THR RB 41 52.16 -75.34 -70.01
CA THR RB 41 51.16 -74.47 -69.41
C THR RB 41 49.85 -74.46 -70.18
N LYS RB 42 49.79 -75.16 -71.31
CA LYS RB 42 48.59 -75.23 -72.12
C LYS RB 42 48.68 -76.48 -72.98
N ASP RB 43 47.86 -76.54 -74.02
CA ASP RB 43 47.96 -77.61 -75.01
C ASP RB 43 49.35 -77.62 -75.64
N SER RB 44 50.02 -76.48 -75.64
CA SER RB 44 51.42 -76.43 -76.05
C SER RB 44 52.29 -77.08 -74.98
N PRO RB 45 53.31 -77.86 -75.36
CA PRO RB 45 54.21 -78.45 -74.36
C PRO RB 45 55.23 -77.48 -73.79
N GLY RB 46 55.19 -76.21 -74.17
CA GLY RB 46 56.14 -75.24 -73.69
C GLY RB 46 57.35 -75.11 -74.60
N MET RB 47 58.16 -74.09 -74.31
CA MET RB 47 59.36 -73.80 -75.07
C MET RB 47 60.58 -74.02 -74.19
N ALA RB 48 61.56 -74.75 -74.70
CA ALA RB 48 62.81 -75.00 -73.99
C ALA RB 48 63.77 -73.85 -74.27
N LYS RB 49 64.23 -73.20 -73.20
CA LYS RB 49 65.16 -72.09 -73.32
C LYS RB 49 66.59 -72.56 -73.10
N SER RB 50 67.48 -72.13 -73.99
CA SER RB 50 68.91 -72.23 -73.78
C SER RB 50 69.50 -70.83 -73.78
N GLU RB 51 70.64 -70.69 -73.15
CA GLU RB 51 71.31 -69.40 -73.15
C GLU RB 51 72.81 -69.63 -73.04
N LEU RB 52 73.58 -69.02 -73.93
CA LEU RB 52 75.03 -69.16 -73.95
C LEU RB 52 75.64 -67.79 -74.06
N LYS RB 53 76.16 -67.27 -72.96
CA LYS RB 53 76.64 -65.90 -72.93
C LYS RB 53 78.13 -65.84 -72.61
N ILE RB 54 78.82 -64.92 -73.28
CA ILE RB 54 80.19 -64.55 -72.93
C ILE RB 54 80.19 -63.10 -72.47
N THR RB 55 80.70 -62.88 -71.27
CA THR RB 55 80.81 -61.55 -70.70
C THR RB 55 82.27 -61.22 -70.47
N ARG RB 56 82.67 -60.03 -70.88
CA ARG RB 56 84.02 -59.52 -70.65
C ARG RB 56 83.96 -58.34 -69.70
N VAL RB 57 84.71 -58.43 -68.61
CA VAL RB 57 84.84 -57.35 -67.64
C VAL RB 57 86.32 -57.09 -67.42
N ASP RB 58 86.72 -55.83 -67.50
CA ASP RB 58 88.14 -55.57 -67.26
C ASP RB 58 88.47 -55.82 -65.79
N PRO RB 59 89.54 -56.53 -65.49
CA PRO RB 59 89.84 -56.87 -64.09
C PRO RB 59 90.68 -55.82 -63.39
N THR RB 60 90.34 -54.54 -63.56
CA THR RB 60 91.01 -53.48 -62.80
C THR RB 60 89.99 -52.67 -62.01
N THR RB 61 88.91 -52.27 -62.67
CA THR RB 61 87.82 -51.54 -62.04
C THR RB 61 86.49 -52.27 -62.15
N GLY RB 62 86.43 -53.37 -62.89
CA GLY RB 62 85.20 -54.11 -63.02
C GLY RB 62 84.16 -53.52 -63.95
N VAL RB 63 84.58 -52.74 -64.94
CA VAL RB 63 83.65 -52.18 -65.91
C VAL RB 63 83.35 -53.25 -66.96
N LEU RB 64 82.08 -53.36 -67.33
CA LEU RB 64 81.65 -54.36 -68.29
C LEU RB 64 81.96 -53.89 -69.70
N ILE RB 65 82.91 -54.54 -70.36
CA ILE RB 65 83.27 -54.17 -71.72
C ILE RB 65 82.16 -54.53 -72.70
N GLY RB 66 81.62 -55.74 -72.59
CA GLY RB 66 80.56 -56.13 -73.50
C GLY RB 66 80.15 -57.58 -73.29
N ILE RB 67 78.94 -57.88 -73.74
CA ILE RB 67 78.36 -59.22 -73.67
C ILE RB 67 77.88 -59.63 -75.04
N VAL RB 68 78.16 -60.87 -75.42
CA VAL RB 68 77.54 -61.50 -76.58
C VAL RB 68 76.77 -62.72 -76.07
N ASN RB 69 75.49 -62.80 -76.42
CA ASN RB 69 74.61 -63.84 -75.93
C ASN RB 69 73.97 -64.59 -77.09
N VAL RB 70 73.88 -65.91 -76.95
CA VAL RB 70 73.18 -66.76 -77.90
C VAL RB 70 72.08 -67.47 -77.14
N SER RB 71 70.85 -67.03 -77.34
CA SER RB 71 69.70 -67.61 -76.67
C SER RB 71 68.79 -68.30 -77.68
N SER RB 72 68.31 -69.49 -77.32
CA SER RB 72 67.37 -70.23 -78.15
C SER RB 72 66.10 -70.46 -77.35
N SER RB 73 64.96 -70.38 -78.04
CA SER RB 73 63.64 -70.67 -77.47
C SER RB 73 62.92 -71.54 -78.49
N ILE RB 74 62.91 -72.85 -78.26
CA ILE RB 74 62.41 -73.81 -79.23
C ILE RB 74 61.29 -74.62 -78.59
N ARG RB 75 60.24 -74.87 -79.38
CA ARG RB 75 59.11 -75.65 -78.93
C ARG RB 75 59.54 -77.03 -78.45
N ALA RB 76 58.91 -77.50 -77.38
CA ALA RB 76 59.26 -78.80 -76.83
C ALA RB 76 58.99 -79.92 -77.83
N ASP RB 77 57.91 -79.83 -78.59
CA ASP RB 77 57.57 -80.84 -79.57
C ASP RB 77 58.35 -80.68 -80.87
N ALA RB 78 59.14 -79.63 -81.01
CA ALA RB 78 59.79 -79.32 -82.28
C ALA RB 78 60.75 -80.44 -82.67
N THR RB 79 60.80 -80.71 -83.97
CA THR RB 79 61.62 -81.79 -84.48
C THR RB 79 63.10 -81.44 -84.36
N ALA RB 80 63.93 -82.49 -84.38
CA ALA RB 80 65.37 -82.28 -84.43
C ALA RB 80 65.79 -81.59 -85.71
N ALA RB 81 65.03 -81.81 -86.80
CA ALA RB 81 65.32 -81.11 -88.05
C ALA RB 81 65.13 -79.61 -87.91
N ASP RB 82 64.07 -79.20 -87.21
CA ASP RB 82 63.85 -77.77 -86.98
C ASP RB 82 65.01 -77.15 -86.21
N LYS RB 83 65.46 -77.84 -85.17
CA LYS RB 83 66.54 -77.32 -84.34
C LYS RB 83 67.85 -77.28 -85.11
N THR RB 84 68.14 -78.31 -85.89
CA THR RB 84 69.33 -78.31 -86.72
C THR RB 84 69.29 -77.17 -87.74
N ALA RB 85 68.13 -76.96 -88.36
CA ALA RB 85 68.00 -75.88 -89.33
C ALA RB 85 68.20 -74.52 -88.67
N LEU RB 86 67.61 -74.32 -87.49
CA LEU RB 86 67.78 -73.05 -86.80
C LEU RB 86 69.24 -72.79 -86.48
N MET RB 87 69.93 -73.79 -85.94
CA MET RB 87 71.33 -73.61 -85.58
C MET RB 87 72.20 -73.39 -86.82
N ALA RB 88 71.96 -74.14 -87.89
CA ALA RB 88 72.72 -73.96 -89.11
C ALA RB 88 72.51 -72.57 -89.70
N ILE RB 89 71.27 -72.09 -89.72
CA ILE RB 89 70.99 -70.77 -90.29
C ILE RB 89 71.67 -69.69 -89.46
N ILE RB 90 71.54 -69.76 -88.13
CA ILE RB 90 72.13 -68.72 -87.30
C ILE RB 90 73.65 -68.76 -87.37
N THR RB 91 74.25 -69.94 -87.48
CA THR RB 91 75.70 -70.04 -87.59
C THR RB 91 76.18 -69.50 -88.93
N ALA RB 92 75.46 -69.80 -90.02
CA ALA RB 92 75.84 -69.26 -91.32
C ALA RB 92 75.71 -67.74 -91.33
N ALA RB 93 74.67 -67.20 -90.70
CA ALA RB 93 74.52 -65.76 -90.64
C ALA RB 93 75.63 -65.12 -89.82
N GLN RB 94 76.04 -65.77 -88.73
CA GLN RB 94 77.15 -65.26 -87.94
C GLN RB 94 78.45 -65.30 -88.71
N ALA RB 95 78.66 -66.35 -89.51
CA ALA RB 95 79.87 -66.45 -90.31
C ALA RB 95 79.91 -65.39 -91.41
N ASP RB 96 78.76 -64.89 -91.84
CA ASP RB 96 78.71 -63.84 -92.83
C ASP RB 96 79.24 -62.53 -92.25
N GLY RB 97 79.76 -61.67 -93.11
CA GLY RB 97 80.29 -60.39 -92.67
C GLY RB 97 79.24 -59.38 -92.27
N ALA RB 98 77.99 -59.62 -92.66
CA ALA RB 98 76.92 -58.72 -92.25
C ALA RB 98 76.79 -58.66 -90.74
N TRP RB 99 76.87 -59.81 -90.07
CA TRP RB 99 76.85 -59.82 -88.62
C TRP RB 99 78.11 -59.17 -88.05
N THR RB 100 79.26 -59.40 -88.68
CA THR RB 100 80.50 -58.82 -88.19
C THR RB 100 80.50 -57.30 -88.34
N GLU RB 101 79.63 -56.76 -89.18
CA GLU RB 101 79.45 -55.32 -89.29
C GLU RB 101 78.37 -54.80 -88.36
N LEU RB 102 77.24 -55.52 -88.27
CA LEU RB 102 76.20 -55.17 -87.30
C LEU RB 102 76.79 -55.06 -85.90
N VAL RB 103 77.57 -56.04 -85.50
CA VAL RB 103 78.41 -55.89 -84.33
C VAL RB 103 79.65 -55.10 -84.76
N THR RB 104 80.13 -54.24 -83.86
CA THR RB 104 81.28 -53.36 -84.04
C THR RB 104 81.04 -52.16 -84.95
N ASP RB 105 79.92 -52.13 -85.68
CA ASP RB 105 79.67 -51.01 -86.59
C ASP RB 105 78.25 -50.48 -86.53
N GLN RB 106 77.29 -51.24 -86.00
CA GLN RB 106 75.88 -50.88 -86.03
C GLN RB 106 75.43 -50.61 -87.47
N ARG RB 107 75.82 -51.51 -88.36
CA ARG RB 107 75.56 -51.41 -89.79
C ARG RB 107 74.56 -52.49 -90.18
N LEU RB 108 73.44 -52.06 -90.75
CA LEU RB 108 72.45 -53.00 -91.26
C LEU RB 108 72.88 -53.54 -92.63
N PRO RB 109 72.41 -54.72 -93.01
CA PRO RB 109 72.87 -55.31 -94.28
C PRO RB 109 72.14 -54.75 -95.49
N LEU RB 110 72.03 -53.43 -95.57
CA LEU RB 110 71.33 -52.79 -96.66
C LEU RB 110 72.19 -51.87 -97.50
N ALA RB 111 73.47 -51.74 -97.18
CA ALA RB 111 74.38 -50.97 -98.03
C ALA RB 111 74.44 -51.58 -99.42
N THR RB 112 74.52 -50.71 -100.43
CA THR RB 112 74.63 -51.16 -101.82
C THR RB 112 76.07 -51.43 -102.24
N VAL RB 113 77.03 -51.17 -101.36
CA VAL RB 113 78.46 -51.44 -101.60
C VAL RB 113 79.02 -50.60 -102.75
N SER SB 1 71.95 -61.71 -94.74
CA SER SB 1 71.98 -61.03 -96.02
C SER SB 1 71.48 -61.91 -97.16
N LYS SB 2 72.28 -62.91 -97.53
CA LYS SB 2 71.97 -63.76 -98.68
C LYS SB 2 72.01 -65.21 -98.22
N VAL SB 3 72.11 -66.13 -99.19
CA VAL SB 3 71.91 -67.55 -99.00
C VAL SB 3 72.65 -68.08 -97.77
N PHE SB 4 71.89 -68.63 -96.83
CA PHE SB 4 72.41 -69.24 -95.62
C PHE SB 4 71.80 -70.63 -95.47
N ASN SB 5 72.62 -71.61 -95.13
CA ASN SB 5 72.17 -73.00 -94.96
C ASN SB 5 71.45 -73.48 -96.22
N THR SB 6 72.01 -73.14 -97.38
CA THR SB 6 71.50 -73.42 -98.72
C THR SB 6 70.16 -72.75 -98.99
N GLN SB 7 69.65 -71.92 -98.09
CA GLN SB 7 68.37 -71.24 -98.27
C GLN SB 7 68.59 -69.77 -98.59
N THR SB 8 67.91 -69.29 -99.62
CA THR SB 8 68.00 -67.90 -100.04
C THR SB 8 67.05 -67.06 -99.20
N PHE SB 9 67.59 -66.08 -98.51
CA PHE SB 9 66.80 -65.17 -97.68
C PHE SB 9 66.70 -63.84 -98.41
N ASP SB 10 65.53 -63.56 -98.96
CA ASP SB 10 65.27 -62.31 -99.67
C ASP SB 10 64.60 -61.33 -98.72
N ILE SB 11 64.80 -60.03 -98.97
CA ILE SB 11 64.39 -59.02 -98.01
C ILE SB 11 62.88 -59.03 -97.85
N TYR SB 12 62.42 -59.12 -96.61
CA TYR SB 12 61.00 -59.14 -96.30
C TYR SB 12 60.49 -57.79 -95.83
N SER SB 13 61.28 -57.04 -95.07
CA SER SB 13 60.87 -55.72 -94.61
C SER SB 13 62.09 -54.95 -94.15
N THR SB 14 61.95 -53.63 -94.13
CA THR SB 14 63.02 -52.77 -93.67
C THR SB 14 62.45 -51.72 -92.72
N GLU SB 15 63.01 -51.65 -91.53
CA GLU SB 15 62.68 -50.65 -90.52
C GLU SB 15 63.92 -49.78 -90.30
N LYS SB 16 63.73 -48.68 -89.57
CA LYS SB 16 64.84 -47.78 -89.24
C LYS SB 16 66.00 -48.53 -88.61
N ASP SB 17 65.72 -49.54 -87.79
CA ASP SB 17 66.76 -50.27 -87.09
C ASP SB 17 66.66 -51.78 -87.28
N VAL SB 18 65.69 -52.26 -88.04
CA VAL SB 18 65.52 -53.69 -88.27
C VAL SB 18 65.45 -53.93 -89.77
N VAL SB 19 66.15 -54.96 -90.21
CA VAL SB 19 66.03 -55.48 -91.57
C VAL SB 19 65.70 -56.95 -91.48
N SER SB 20 64.58 -57.34 -92.09
CA SER SB 20 64.06 -58.69 -92.01
C SER SB 20 64.08 -59.31 -93.39
N LEU SB 21 64.60 -60.53 -93.49
CA LEU SB 21 64.68 -61.30 -94.71
C LEU SB 21 63.85 -62.56 -94.56
N ARG SB 22 63.29 -63.03 -95.66
CA ARG SB 22 62.48 -64.23 -95.65
C ARG SB 22 63.02 -65.20 -96.69
N ASP SB 23 62.82 -66.50 -96.44
CA ASP SB 23 63.18 -67.50 -97.44
C ASP SB 23 62.29 -67.38 -98.67
N PHE SB 24 60.97 -67.34 -98.48
CA PHE SB 24 59.96 -67.23 -99.53
C PHE SB 24 59.83 -68.53 -100.32
N ALA SB 25 60.74 -69.47 -100.08
CA ALA SB 25 60.65 -70.82 -100.65
C ALA SB 25 59.87 -71.75 -99.75
N ASN SB 26 60.32 -71.93 -98.51
CA ASN SB 26 59.55 -72.67 -97.53
C ASN SB 26 58.64 -71.76 -96.71
N ASP SB 27 58.74 -70.45 -96.89
CA ASP SB 27 57.82 -69.47 -96.30
C ASP SB 27 57.76 -69.59 -94.78
N LYS SB 28 58.83 -70.06 -94.16
CA LYS SB 28 58.79 -70.36 -92.74
C LYS SB 28 59.90 -69.72 -91.92
N ASP SB 29 60.97 -69.27 -92.54
CA ASP SB 29 62.14 -68.76 -91.83
C ASP SB 29 62.30 -67.28 -92.08
N THR SB 30 62.48 -66.51 -91.01
CA THR SB 30 62.70 -65.08 -91.10
C THR SB 30 63.94 -64.71 -90.30
N LEU SB 31 64.86 -63.99 -90.95
CA LEU SB 31 66.12 -63.58 -90.37
C LEU SB 31 66.10 -62.07 -90.17
N ALA SB 32 66.26 -61.64 -88.93
CA ALA SB 32 66.19 -60.23 -88.58
C ALA SB 32 67.54 -59.74 -88.07
N TYR SB 33 67.94 -58.56 -88.55
CA TYR SB 33 69.11 -57.82 -88.08
C TYR SB 33 68.60 -56.55 -87.42
N LYS SB 34 68.93 -56.36 -86.16
CA LYS SB 34 68.37 -55.27 -85.37
C LYS SB 34 69.51 -54.48 -84.73
N ARG SB 35 69.34 -53.16 -84.69
CA ARG SB 35 70.39 -52.22 -84.36
C ARG SB 35 69.90 -51.25 -83.29
N LEU SB 36 70.70 -51.06 -82.24
CA LEU SB 36 70.39 -50.06 -81.23
C LEU SB 36 71.68 -49.29 -80.93
N ALA SB 37 71.81 -48.10 -81.51
CA ALA SB 37 73.01 -47.31 -81.30
C ALA SB 37 73.17 -46.92 -79.83
N PRO SB 38 74.40 -46.80 -79.34
CA PRO SB 38 74.60 -46.43 -77.94
C PRO SB 38 74.10 -45.02 -77.65
N LYS SB 39 73.57 -44.84 -76.45
CA LYS SB 39 73.09 -43.54 -75.99
C LYS SB 39 73.96 -43.09 -74.83
N ARG SB 40 74.46 -41.86 -74.91
CA ARG SB 40 75.38 -41.31 -73.91
C ARG SB 40 74.57 -40.65 -72.79
N THR SB 41 73.92 -41.49 -72.00
CA THR SB 41 73.08 -41.00 -70.92
C THR SB 41 73.89 -40.49 -69.74
N LYS SB 42 75.17 -40.83 -69.68
CA LYS SB 42 76.04 -40.38 -68.61
C LYS SB 42 77.44 -40.22 -69.19
N ASP SB 43 78.44 -40.18 -68.31
CA ASP SB 43 79.84 -40.14 -68.73
C ASP SB 43 80.16 -41.33 -69.62
N SER SB 44 79.46 -42.45 -69.40
CA SER SB 44 79.61 -43.60 -70.27
C SER SB 44 79.16 -43.24 -71.68
N PRO SB 45 79.82 -43.75 -72.72
CA PRO SB 45 79.33 -43.52 -74.08
C PRO SB 45 78.15 -44.42 -74.45
N GLY SB 46 77.60 -45.16 -73.50
CA GLY SB 46 76.49 -46.06 -73.75
C GLY SB 46 76.93 -47.41 -74.26
N MET SB 47 75.96 -48.29 -74.44
CA MET SB 47 76.18 -49.62 -74.97
C MET SB 47 75.56 -49.72 -76.36
N ALA SB 48 76.34 -50.18 -77.32
CA ALA SB 48 75.85 -50.46 -78.66
C ALA SB 48 75.24 -51.85 -78.67
N LYS SB 49 73.94 -51.94 -78.92
CA LYS SB 49 73.24 -53.21 -78.97
C LYS SB 49 73.08 -53.67 -80.41
N SER SB 50 73.34 -54.95 -80.64
CA SER SB 50 72.97 -55.58 -81.90
C SER SB 50 72.16 -56.83 -81.61
N GLU SB 51 71.40 -57.27 -82.61
CA GLU SB 51 70.60 -58.47 -82.45
C GLU SB 51 70.48 -59.15 -83.81
N LEU SB 52 70.70 -60.46 -83.83
CA LEU SB 52 70.58 -61.25 -85.05
C LEU SB 52 69.74 -62.47 -84.72
N LYS SB 53 68.50 -62.49 -85.18
CA LYS SB 53 67.58 -63.56 -84.80
C LYS SB 53 67.10 -64.32 -86.01
N ILE SB 54 66.89 -65.62 -85.83
CA ILE SB 54 66.25 -66.47 -86.81
C ILE SB 54 64.98 -67.01 -86.19
N THR SB 55 63.87 -66.91 -86.91
CA THR SB 55 62.58 -67.35 -86.43
C THR SB 55 61.99 -68.34 -87.41
N ARG SB 56 61.52 -69.47 -86.90
CA ARG SB 56 60.83 -70.46 -87.70
C ARG SB 56 59.39 -70.56 -87.21
N VAL SB 57 58.45 -70.38 -88.12
CA VAL SB 57 57.04 -70.59 -87.85
C VAL SB 57 56.50 -71.52 -88.93
N ASP SB 58 55.61 -72.42 -88.54
CA ASP SB 58 55.02 -73.27 -89.55
C ASP SB 58 53.97 -72.45 -90.28
N PRO SB 59 54.12 -72.19 -91.58
CA PRO SB 59 53.25 -71.20 -92.23
C PRO SB 59 51.92 -71.77 -92.70
N THR SB 60 51.29 -72.61 -91.88
CA THR SB 60 49.92 -73.00 -92.17
C THR SB 60 49.05 -72.69 -90.96
N THR SB 61 49.53 -73.03 -89.77
CA THR SB 61 48.84 -72.68 -88.54
C THR SB 61 49.52 -71.56 -87.78
N GLY SB 62 50.68 -71.10 -88.25
CA GLY SB 62 51.36 -70.00 -87.57
C GLY SB 62 51.86 -70.33 -86.20
N VAL SB 63 52.37 -71.54 -85.98
CA VAL SB 63 52.91 -71.92 -84.68
C VAL SB 63 54.41 -71.63 -84.67
N LEU SB 64 54.86 -70.96 -83.62
CA LEU SB 64 56.29 -70.77 -83.42
C LEU SB 64 56.94 -72.12 -83.19
N ILE SB 65 57.90 -72.48 -84.03
CA ILE SB 65 58.65 -73.71 -83.80
C ILE SB 65 59.88 -73.42 -82.97
N GLY SB 66 60.56 -72.32 -83.23
CA GLY SB 66 61.69 -71.94 -82.40
C GLY SB 66 62.33 -70.64 -82.87
N ILE SB 67 63.05 -70.03 -81.94
CA ILE SB 67 63.84 -68.82 -82.20
C ILE SB 67 65.24 -69.05 -81.65
N VAL SB 68 66.24 -68.69 -82.44
CA VAL SB 68 67.61 -68.60 -81.97
C VAL SB 68 68.08 -67.17 -82.21
N ASN SB 69 68.56 -66.53 -81.15
CA ASN SB 69 68.87 -65.11 -81.17
C ASN SB 69 70.32 -64.89 -80.77
N VAL SB 70 71.03 -64.07 -81.52
CA VAL SB 70 72.40 -63.68 -81.19
C VAL SB 70 72.39 -62.19 -80.90
N SER SB 71 72.52 -61.83 -79.63
CA SER SB 71 72.45 -60.46 -79.18
C SER SB 71 73.81 -60.01 -78.66
N SER SB 72 74.14 -58.75 -78.92
CA SER SB 72 75.40 -58.17 -78.46
C SER SB 72 75.10 -56.87 -77.74
N SER SB 73 75.82 -56.65 -76.65
CA SER SB 73 75.76 -55.38 -75.90
C SER SB 73 77.20 -55.04 -75.54
N ILE SB 74 77.85 -54.25 -76.40
CA ILE SB 74 79.25 -53.90 -76.25
C ILE SB 74 79.36 -52.40 -76.01
N ARG SB 75 80.23 -52.02 -75.07
CA ARG SB 75 80.45 -50.62 -74.77
C ARG SB 75 80.83 -49.86 -76.02
N ALA SB 76 80.28 -48.64 -76.16
CA ALA SB 76 80.55 -47.86 -77.36
C ALA SB 76 82.03 -47.58 -77.53
N ASP SB 77 82.74 -47.33 -76.43
CA ASP SB 77 84.18 -47.09 -76.48
C ASP SB 77 84.99 -48.38 -76.54
N ALA SB 78 84.36 -49.54 -76.36
CA ALA SB 78 85.11 -50.78 -76.28
C ALA SB 78 85.87 -51.03 -77.57
N THR SB 79 87.14 -51.40 -77.41
CA THR SB 79 88.04 -51.53 -78.54
C THR SB 79 87.61 -52.68 -79.44
N ALA SB 80 88.05 -52.62 -80.69
CA ALA SB 80 87.80 -53.71 -81.62
C ALA SB 80 88.46 -54.99 -81.16
N ALA SB 81 89.48 -54.89 -80.30
CA ALA SB 81 90.09 -56.09 -79.74
C ALA SB 81 89.09 -56.85 -78.87
N ASP SB 82 88.43 -56.15 -77.95
CA ASP SB 82 87.43 -56.82 -77.12
C ASP SB 82 86.27 -57.33 -77.94
N LYS SB 83 85.86 -56.56 -78.96
CA LYS SB 83 84.74 -56.96 -79.81
C LYS SB 83 85.07 -58.23 -80.59
N THR SB 84 86.26 -58.29 -81.17
CA THR SB 84 86.66 -59.48 -81.91
C THR SB 84 86.88 -60.66 -80.98
N ALA SB 85 87.39 -60.42 -79.78
CA ALA SB 85 87.55 -61.51 -78.82
C ALA SB 85 86.20 -62.08 -78.42
N LEU SB 86 85.23 -61.21 -78.18
CA LEU SB 86 83.88 -61.65 -77.83
C LEU SB 86 83.27 -62.48 -78.95
N MET SB 87 83.38 -61.99 -80.19
CA MET SB 87 82.83 -62.73 -81.33
C MET SB 87 83.53 -64.07 -81.49
N ALA SB 88 84.86 -64.09 -81.39
CA ALA SB 88 85.60 -65.33 -81.58
C ALA SB 88 85.27 -66.35 -80.50
N ILE SB 89 85.16 -65.91 -79.25
CA ILE SB 89 84.83 -66.82 -78.17
C ILE SB 89 83.43 -67.38 -78.36
N ILE SB 90 82.46 -66.53 -78.69
CA ILE SB 90 81.09 -67.03 -78.80
C ILE SB 90 80.95 -67.96 -79.99
N THR SB 91 81.63 -67.67 -81.10
CA THR SB 91 81.58 -68.55 -82.26
C THR SB 91 82.27 -69.88 -81.96
N ALA SB 92 83.40 -69.85 -81.26
CA ALA SB 92 84.08 -71.09 -80.89
C ALA SB 92 83.20 -71.92 -79.96
N ALA SB 93 82.53 -71.28 -79.01
CA ALA SB 93 81.64 -71.99 -78.12
C ALA SB 93 80.46 -72.59 -78.86
N GLN SB 94 79.89 -71.86 -79.82
CA GLN SB 94 78.79 -72.40 -80.62
C GLN SB 94 79.24 -73.59 -81.45
N ALA SB 95 80.41 -73.50 -82.07
CA ALA SB 95 80.92 -74.62 -82.85
C ALA SB 95 81.15 -75.85 -81.99
N ASP SB 96 81.44 -75.66 -80.71
CA ASP SB 96 81.63 -76.78 -79.79
C ASP SB 96 80.30 -77.47 -79.51
N GLY SB 97 80.39 -78.77 -79.22
CA GLY SB 97 79.19 -79.59 -79.08
C GLY SB 97 78.37 -79.31 -77.84
N ALA SB 98 78.95 -78.63 -76.83
CA ALA SB 98 78.18 -78.33 -75.63
C ALA SB 98 76.98 -77.45 -75.94
N TRP SB 99 77.14 -76.47 -76.83
CA TRP SB 99 76.01 -75.67 -77.27
C TRP SB 99 75.01 -76.52 -78.05
N THR SB 100 75.51 -77.42 -78.89
CA THR SB 100 74.65 -78.29 -79.68
C THR SB 100 73.78 -79.17 -78.80
N GLU SB 101 74.28 -79.56 -77.63
CA GLU SB 101 73.47 -80.36 -76.70
C GLU SB 101 72.62 -79.51 -75.77
N LEU SB 102 73.11 -78.33 -75.36
CA LEU SB 102 72.28 -77.41 -74.60
C LEU SB 102 71.01 -77.09 -75.36
N VAL SB 103 71.13 -76.83 -76.65
CA VAL SB 103 69.96 -76.90 -77.53
C VAL SB 103 69.72 -78.38 -77.85
N THR SB 104 68.46 -78.74 -78.08
CA THR SB 104 68.04 -80.09 -78.44
C THR SB 104 68.12 -81.08 -77.28
N ASP SB 105 68.75 -80.70 -76.16
CA ASP SB 105 68.78 -81.61 -75.02
C ASP SB 105 68.57 -80.93 -73.68
N GLN SB 106 68.71 -79.61 -73.59
CA GLN SB 106 68.78 -78.90 -72.33
C GLN SB 106 69.86 -79.51 -71.42
N ARG SB 107 70.99 -79.86 -72.03
CA ARG SB 107 72.09 -80.52 -71.36
C ARG SB 107 73.17 -79.51 -71.02
N LEU SB 108 73.44 -79.33 -69.73
CA LEU SB 108 74.50 -78.44 -69.31
C LEU SB 108 75.86 -79.11 -69.47
N PRO SB 109 76.91 -78.33 -69.74
CA PRO SB 109 78.24 -78.93 -69.92
C PRO SB 109 78.84 -79.35 -68.60
N LEU SB 110 78.31 -80.43 -68.03
CA LEU SB 110 78.81 -80.95 -66.77
C LEU SB 110 78.80 -82.46 -66.68
N ALA SB 111 78.50 -83.16 -67.77
CA ALA SB 111 78.50 -84.63 -67.76
C ALA SB 111 79.91 -85.16 -67.66
N THR SB 112 80.08 -86.26 -66.93
CA THR SB 112 81.37 -86.90 -66.76
C THR SB 112 81.73 -87.86 -67.89
N VAL SB 113 80.82 -88.07 -68.84
CA VAL SB 113 81.02 -88.98 -69.97
C VAL SB 113 81.29 -90.40 -69.50
N SER TB 1 78.19 -13.46 -106.63
CA SER TB 1 78.98 -12.34 -107.09
C SER TB 1 78.55 -11.88 -108.48
N LYS TB 2 78.92 -12.66 -109.49
CA LYS TB 2 78.68 -12.27 -110.88
C LYS TB 2 77.99 -13.44 -111.57
N VAL TB 3 77.96 -13.40 -112.91
CA VAL TB 3 77.05 -14.18 -113.75
C VAL TB 3 76.96 -15.63 -113.32
N PHE TB 4 75.73 -16.06 -112.97
CA PHE TB 4 75.42 -17.42 -112.58
C PHE TB 4 74.29 -17.91 -113.46
N ASN TB 5 74.44 -19.09 -114.03
CA ASN TB 5 73.41 -19.68 -114.89
C ASN TB 5 73.05 -18.74 -116.03
N THR TB 6 74.07 -18.06 -116.57
CA THR TB 6 73.99 -17.07 -117.64
C THR TB 6 73.16 -15.85 -117.27
N GLN TB 7 72.77 -15.69 -116.01
CA GLN TB 7 72.08 -14.49 -115.56
C GLN TB 7 73.06 -13.60 -114.83
N THR TB 8 72.93 -12.30 -115.02
CA THR TB 8 73.80 -11.33 -114.37
C THR TB 8 73.18 -10.94 -113.03
N PHE TB 9 73.93 -11.11 -111.96
CA PHE TB 9 73.49 -10.73 -110.62
C PHE TB 9 74.30 -9.52 -110.20
N ASP TB 10 73.63 -8.39 -110.03
CA ASP TB 10 74.25 -7.17 -109.57
C ASP TB 10 73.85 -6.91 -108.13
N ILE TB 11 74.73 -6.24 -107.38
CA ILE TB 11 74.45 -6.02 -105.97
C ILE TB 11 73.22 -5.15 -105.84
N TYR TB 12 72.25 -5.63 -105.06
CA TYR TB 12 71.04 -4.88 -104.77
C TYR TB 12 71.09 -4.21 -103.41
N SER TB 13 71.69 -4.84 -102.42
CA SER TB 13 71.68 -4.31 -101.08
C SER TB 13 72.96 -4.73 -100.37
N THR TB 14 73.51 -3.80 -99.61
CA THR TB 14 74.69 -4.06 -98.80
C THR TB 14 74.32 -3.82 -97.35
N GLU TB 15 74.55 -4.82 -96.52
CA GLU TB 15 74.21 -4.80 -95.11
C GLU TB 15 75.44 -5.19 -94.30
N LYS TB 16 75.37 -4.97 -92.99
CA LYS TB 16 76.45 -5.35 -92.08
C LYS TB 16 76.87 -6.80 -92.26
N ASP TB 17 75.90 -7.72 -92.25
CA ASP TB 17 76.17 -9.14 -92.37
C ASP TB 17 75.41 -9.79 -93.51
N VAL TB 18 74.82 -9.01 -94.41
CA VAL TB 18 74.08 -9.54 -95.56
C VAL TB 18 74.48 -8.76 -96.79
N VAL TB 19 74.64 -9.48 -97.90
CA VAL TB 19 74.80 -8.86 -99.21
C VAL TB 19 73.80 -9.52 -100.15
N SER TB 20 73.00 -8.70 -100.83
CA SER TB 20 71.94 -9.20 -101.70
C SER TB 20 72.17 -8.73 -103.12
N LEU TB 21 72.08 -9.67 -104.06
CA LEU TB 21 72.23 -9.42 -105.49
C LEU TB 21 70.92 -9.73 -106.21
N ARG TB 22 70.57 -8.88 -107.15
CA ARG TB 22 69.37 -9.06 -107.94
C ARG TB 22 69.76 -9.30 -109.39
N ASP TB 23 68.96 -10.10 -110.09
CA ASP TB 23 69.18 -10.28 -111.52
C ASP TB 23 68.97 -8.96 -112.26
N PHE TB 24 67.89 -8.25 -111.96
CA PHE TB 24 67.55 -6.95 -112.55
C PHE TB 24 67.17 -7.09 -114.01
N ALA TB 25 67.29 -8.29 -114.56
CA ALA TB 25 66.84 -8.59 -115.91
C ALA TB 25 65.50 -9.32 -115.90
N ASN TB 26 65.38 -10.39 -115.13
CA ASN TB 26 64.09 -11.02 -114.92
C ASN TB 26 63.35 -10.45 -113.71
N ASP TB 27 64.05 -9.70 -112.85
CA ASP TB 27 63.47 -9.08 -111.66
C ASP TB 27 62.74 -10.10 -110.80
N LYS TB 28 63.25 -11.32 -110.74
CA LYS TB 28 62.61 -12.38 -109.99
C LYS TB 28 63.56 -13.20 -109.13
N ASP TB 29 64.87 -13.10 -109.34
CA ASP TB 29 65.85 -13.89 -108.62
C ASP TB 29 66.68 -13.01 -107.70
N THR TB 30 66.79 -13.41 -106.44
CA THR TB 30 67.61 -12.71 -105.46
C THR TB 30 68.57 -13.70 -104.82
N LEU TB 31 69.85 -13.35 -104.81
CA LEU TB 31 70.90 -14.18 -104.20
C LEU TB 31 71.43 -13.45 -102.97
N ALA TB 32 71.28 -14.07 -101.80
CA ALA TB 32 71.66 -13.47 -100.53
C ALA TB 32 72.80 -14.25 -99.90
N TYR TB 33 73.86 -13.53 -99.53
CA TYR TB 33 74.97 -14.02 -98.70
C TYR TB 33 74.74 -13.47 -97.30
N LYS TB 34 74.50 -14.37 -96.34
CA LYS TB 34 74.28 -14.00 -94.96
C LYS TB 34 75.39 -14.57 -94.07
N ARG TB 35 75.78 -13.78 -93.09
CA ARG TB 35 76.93 -14.06 -92.24
C ARG TB 35 76.47 -14.04 -90.78
N LEU TB 36 77.12 -14.83 -89.93
CA LEU TB 36 76.81 -14.82 -88.51
C LEU TB 36 78.03 -15.35 -87.76
N ALA TB 37 78.72 -14.46 -87.04
CA ALA TB 37 79.94 -14.86 -86.36
C ALA TB 37 79.65 -15.83 -85.23
N PRO TB 38 80.59 -16.74 -84.93
CA PRO TB 38 80.40 -17.65 -83.81
C PRO TB 38 80.43 -16.92 -82.48
N LYS TB 39 79.58 -17.36 -81.56
CA LYS TB 39 79.48 -16.74 -80.24
C LYS TB 39 80.03 -17.68 -79.18
N ARG TB 40 81.01 -17.20 -78.43
CA ARG TB 40 81.66 -17.98 -77.37
C ARG TB 40 80.79 -17.85 -76.11
N THR TB 41 79.61 -18.44 -76.18
CA THR TB 41 78.69 -18.41 -75.05
C THR TB 41 79.13 -19.33 -73.93
N LYS TB 42 80.16 -20.13 -74.16
CA LYS TB 42 80.66 -21.09 -73.19
C LYS TB 42 82.13 -21.35 -73.51
N ASP TB 43 82.67 -22.43 -72.95
CA ASP TB 43 84.03 -22.86 -73.27
C ASP TB 43 84.19 -23.03 -74.77
N SER TB 44 83.16 -23.54 -75.43
CA SER TB 44 83.21 -23.73 -76.88
C SER TB 44 83.36 -22.38 -77.58
N PRO TB 45 84.18 -22.29 -78.64
CA PRO TB 45 84.36 -21.00 -79.31
C PRO TB 45 83.16 -20.55 -80.12
N GLY TB 46 82.09 -21.35 -80.19
CA GLY TB 46 80.91 -20.98 -80.91
C GLY TB 46 80.84 -21.56 -82.32
N MET TB 47 79.69 -21.37 -82.95
CA MET TB 47 79.40 -21.98 -84.23
C MET TB 47 79.21 -20.87 -85.27
N ALA TB 48 80.03 -20.89 -86.31
CA ALA TB 48 80.02 -19.83 -87.32
C ALA TB 48 78.98 -20.16 -88.38
N LYS TB 49 77.94 -19.33 -88.49
CA LYS TB 49 76.86 -19.56 -89.43
C LYS TB 49 77.10 -18.81 -90.72
N SER TB 50 76.91 -19.51 -91.83
CA SER TB 50 76.91 -18.90 -93.15
C SER TB 50 75.60 -19.26 -93.84
N GLU TB 51 75.24 -18.46 -94.84
CA GLU TB 51 74.03 -18.74 -95.59
C GLU TB 51 74.19 -18.22 -97.01
N LEU TB 52 73.83 -19.04 -97.98
CA LEU TB 52 73.79 -18.66 -99.38
C LEU TB 52 72.45 -19.11 -99.93
N LYS TB 53 71.56 -18.18 -100.24
CA LYS TB 53 70.23 -18.56 -100.66
C LYS TB 53 69.82 -17.84 -101.93
N ILE TB 54 69.03 -18.53 -102.75
CA ILE TB 54 68.44 -17.96 -103.96
C ILE TB 54 66.93 -18.02 -103.81
N THR TB 55 66.28 -16.89 -104.00
CA THR TB 55 64.84 -16.77 -103.86
C THR TB 55 64.24 -16.29 -105.18
N ARG TB 56 63.24 -17.01 -105.67
CA ARG TB 56 62.54 -16.64 -106.87
C ARG TB 56 61.13 -16.20 -106.50
N VAL TB 57 60.77 -14.99 -106.91
CA VAL TB 57 59.44 -14.45 -106.66
C VAL TB 57 58.87 -14.02 -107.99
N ASP TB 58 57.63 -14.40 -108.25
CA ASP TB 58 57.04 -14.09 -109.55
C ASP TB 58 56.80 -12.59 -109.66
N PRO TB 59 57.42 -11.91 -110.62
CA PRO TB 59 57.39 -10.43 -110.61
C PRO TB 59 56.19 -9.81 -111.32
N THR TB 60 54.99 -10.32 -111.09
CA THR TB 60 53.80 -9.59 -111.50
C THR TB 60 52.80 -9.50 -110.33
N THR TB 61 52.71 -10.56 -109.53
CA THR TB 61 51.89 -10.56 -108.33
C THR TB 61 52.69 -10.80 -107.07
N GLY TB 62 53.95 -11.20 -107.17
CA GLY TB 62 54.78 -11.36 -106.00
C GLY TB 62 54.61 -12.65 -105.25
N VAL TB 63 54.37 -13.76 -105.94
CA VAL TB 63 54.23 -15.06 -105.30
C VAL TB 63 55.57 -15.77 -105.31
N LEU TB 64 55.99 -16.25 -104.15
CA LEU TB 64 57.25 -16.97 -104.00
C LEU TB 64 57.20 -18.30 -104.74
N ILE TB 65 57.95 -18.41 -105.84
CA ILE TB 65 58.02 -19.67 -106.56
C ILE TB 65 58.80 -20.71 -105.79
N GLY TB 66 59.98 -20.36 -105.28
CA GLY TB 66 60.79 -21.35 -104.59
C GLY TB 66 62.04 -20.71 -104.00
N ILE TB 67 62.65 -21.45 -103.08
CA ILE TB 67 63.89 -21.05 -102.42
C ILE TB 67 64.80 -22.25 -102.34
N VAL TB 68 66.07 -22.07 -102.69
CA VAL TB 68 67.12 -23.02 -102.37
C VAL TB 68 68.14 -22.29 -101.50
N ASN TB 69 68.38 -22.83 -100.31
CA ASN TB 69 69.26 -22.22 -99.32
C ASN TB 69 70.38 -23.18 -98.98
N VAL TB 70 71.59 -22.67 -98.89
CA VAL TB 70 72.74 -23.43 -98.44
C VAL TB 70 73.23 -22.78 -97.16
N SER TB 71 73.06 -23.46 -96.03
CA SER TB 71 73.46 -22.96 -94.74
C SER TB 71 74.57 -23.81 -94.16
N SER TB 72 75.56 -23.16 -93.56
CA SER TB 72 76.65 -23.85 -92.90
C SER TB 72 76.69 -23.46 -91.44
N SER TB 73 76.90 -24.45 -90.59
CA SER TB 73 77.07 -24.23 -89.16
C SER TB 73 78.30 -25.04 -88.77
N ILE TB 74 79.45 -24.38 -88.74
CA ILE TB 74 80.73 -25.01 -88.50
C ILE TB 74 81.32 -24.44 -87.22
N ARG TB 75 81.92 -25.32 -86.42
CA ARG TB 75 82.59 -24.89 -85.19
C ARG TB 75 83.63 -23.82 -85.50
N ALA TB 76 83.71 -22.83 -84.61
CA ALA TB 76 84.70 -21.78 -84.77
C ALA TB 76 86.11 -22.33 -84.72
N ASP TB 77 86.32 -23.45 -84.02
CA ASP TB 77 87.63 -24.08 -83.93
C ASP TB 77 87.87 -25.12 -85.01
N ALA TB 78 86.88 -25.41 -85.85
CA ALA TB 78 87.02 -26.48 -86.83
C ALA TB 78 88.10 -26.17 -87.84
N THR TB 79 88.86 -27.20 -88.21
CA THR TB 79 90.00 -27.02 -89.09
C THR TB 79 89.55 -26.75 -90.51
N ALA TB 80 90.44 -26.11 -91.28
CA ALA TB 80 90.16 -25.84 -92.68
C ALA TB 80 89.99 -27.14 -93.47
N ALA TB 81 90.62 -28.22 -93.02
CA ALA TB 81 90.40 -29.51 -93.65
C ALA TB 81 88.96 -29.97 -93.47
N ASP TB 82 88.41 -29.78 -92.27
CA ASP TB 82 87.01 -30.14 -92.04
C ASP TB 82 86.09 -29.34 -92.95
N LYS TB 83 86.34 -28.03 -93.07
CA LYS TB 83 85.47 -27.18 -93.87
C LYS TB 83 85.58 -27.52 -95.36
N THR TB 84 86.80 -27.77 -95.83
CA THR TB 84 86.97 -28.19 -97.21
C THR TB 84 86.28 -29.52 -97.48
N ALA TB 85 86.40 -30.47 -96.55
CA ALA TB 85 85.74 -31.75 -96.70
C ALA TB 85 84.23 -31.60 -96.73
N LEU TB 86 83.68 -30.77 -95.85
CA LEU TB 86 82.24 -30.56 -95.82
C LEU TB 86 81.75 -29.96 -97.13
N MET TB 87 82.44 -28.93 -97.62
CA MET TB 87 82.02 -28.32 -98.87
C MET TB 87 82.16 -29.29 -100.03
N ALA TB 88 83.25 -30.06 -100.08
CA ALA TB 88 83.44 -31.01 -101.17
C ALA TB 88 82.39 -32.11 -101.16
N ILE TB 89 82.07 -32.65 -99.98
CA ILE TB 89 81.06 -33.69 -99.89
C ILE TB 89 79.71 -33.15 -100.33
N ILE TB 90 79.32 -31.99 -99.82
CA ILE TB 90 78.00 -31.47 -100.16
C ILE TB 90 77.94 -31.09 -101.64
N THR TB 91 79.02 -30.57 -102.20
CA THR TB 91 79.02 -30.21 -103.62
C THR TB 91 78.94 -31.46 -104.49
N ALA TB 92 79.66 -32.52 -104.13
CA ALA TB 92 79.57 -33.77 -104.87
C ALA TB 92 78.17 -34.36 -104.77
N ALA TB 93 77.56 -34.30 -103.58
CA ALA TB 93 76.21 -34.83 -103.43
C ALA TB 93 75.21 -34.04 -104.27
N GLN TB 94 75.34 -32.71 -104.31
CA GLN TB 94 74.48 -31.92 -105.17
C GLN TB 94 74.70 -32.25 -106.63
N ALA TB 95 75.96 -32.49 -107.02
CA ALA TB 95 76.26 -32.90 -108.39
C ALA TB 95 75.71 -34.28 -108.70
N ASP TB 96 75.51 -35.12 -107.68
CA ASP TB 96 74.88 -36.41 -107.89
C ASP TB 96 73.41 -36.23 -108.24
N GLY TB 97 72.86 -37.21 -108.98
CA GLY TB 97 71.50 -37.10 -109.45
C GLY TB 97 70.45 -37.35 -108.38
N ALA TB 98 70.85 -37.91 -107.25
CA ALA TB 98 69.89 -38.13 -106.16
C ALA TB 98 69.33 -36.81 -105.66
N TRP TB 99 70.16 -35.76 -105.63
CA TRP TB 99 69.65 -34.45 -105.27
C TRP TB 99 68.71 -33.90 -106.32
N THR TB 100 69.05 -34.10 -107.59
CA THR TB 100 68.20 -33.61 -108.67
C THR TB 100 66.87 -34.34 -108.71
N GLU TB 101 66.80 -35.53 -108.11
CA GLU TB 101 65.53 -36.23 -107.95
C GLU TB 101 64.77 -35.81 -106.70
N LEU TB 102 65.49 -35.64 -105.59
CA LEU TB 102 64.88 -35.17 -104.34
C LEU TB 102 64.20 -33.83 -104.56
N VAL TB 103 64.88 -32.91 -105.20
CA VAL TB 103 64.23 -31.73 -105.75
C VAL TB 103 63.57 -32.14 -107.04
N THR TB 104 62.41 -31.53 -107.33
CA THR TB 104 61.64 -31.78 -108.56
C THR TB 104 60.95 -33.14 -108.60
N ASP TB 105 61.25 -34.04 -107.67
CA ASP TB 105 60.44 -35.26 -107.59
C ASP TB 105 60.10 -35.70 -106.18
N GLN TB 106 60.78 -35.20 -105.16
CA GLN TB 106 60.67 -35.71 -103.80
C GLN TB 106 60.95 -37.21 -103.77
N ARG TB 107 61.98 -37.61 -104.51
CA ARG TB 107 62.37 -39.01 -104.64
C ARG TB 107 63.59 -39.24 -103.75
N LEU TB 108 63.48 -40.21 -102.86
CA LEU TB 108 64.56 -40.53 -101.96
C LEU TB 108 65.50 -41.55 -102.59
N PRO TB 109 66.75 -41.59 -102.16
CA PRO TB 109 67.67 -42.63 -102.66
C PRO TB 109 67.39 -43.99 -102.04
N LEU TB 110 66.20 -44.53 -102.27
CA LEU TB 110 65.89 -45.87 -101.83
C LEU TB 110 65.16 -46.70 -102.89
N ALA TB 111 64.75 -46.10 -104.00
CA ALA TB 111 64.10 -46.86 -105.06
C ALA TB 111 65.07 -47.86 -105.68
N THR TB 112 64.56 -49.02 -106.06
CA THR TB 112 65.37 -50.11 -106.58
C THR TB 112 65.65 -50.00 -108.07
N VAL TB 113 65.06 -49.01 -108.76
CA VAL TB 113 65.23 -48.82 -110.20
C VAL TB 113 64.76 -50.04 -110.99
N SER UB 1 -127.47 2.64 -38.29
CA SER UB 1 -128.47 2.05 -37.41
C SER UB 1 -129.25 0.96 -38.14
N LYS UB 2 -129.86 1.34 -39.26
CA LYS UB 2 -130.65 0.40 -40.06
C LYS UB 2 -130.41 0.74 -41.53
N VAL UB 3 -131.29 0.25 -42.41
CA VAL UB 3 -131.09 0.31 -43.85
C VAL UB 3 -130.74 1.71 -44.33
N PHE UB 4 -129.57 1.85 -44.94
CA PHE UB 4 -129.08 3.08 -45.53
C PHE UB 4 -128.55 2.77 -46.91
N ASN UB 5 -128.94 3.58 -47.89
CA ASN UB 5 -128.53 3.38 -49.29
C ASN UB 5 -128.87 1.95 -49.72
N THR UB 6 -130.07 1.50 -49.34
CA THR UB 6 -130.61 0.18 -49.62
C THR UB 6 -129.76 -0.96 -49.06
N GLN UB 7 -128.98 -0.72 -48.01
CA GLN UB 7 -128.18 -1.76 -47.38
C GLN UB 7 -128.51 -1.82 -45.90
N THR UB 8 -128.69 -3.04 -45.39
CA THR UB 8 -129.07 -3.25 -44.01
C THR UB 8 -127.82 -3.33 -43.14
N PHE UB 9 -127.67 -2.37 -42.23
CA PHE UB 9 -126.53 -2.33 -41.32
C PHE UB 9 -126.99 -2.84 -39.96
N ASP UB 10 -126.39 -3.93 -39.53
CA ASP UB 10 -126.72 -4.56 -38.26
C ASP UB 10 -125.57 -4.44 -37.28
N ILE UB 11 -125.90 -4.47 -36.00
CA ILE UB 11 -124.89 -4.30 -34.96
C ILE UB 11 -123.84 -5.39 -35.08
N TYR UB 12 -122.58 -4.99 -35.16
CA TYR UB 12 -121.49 -5.95 -35.05
C TYR UB 12 -120.75 -5.83 -33.73
N SER UB 13 -120.62 -4.62 -33.19
CA SER UB 13 -119.82 -4.47 -31.99
C SER UB 13 -120.31 -3.28 -31.19
N THR UB 14 -120.21 -3.40 -29.87
CA THR UB 14 -120.58 -2.32 -28.97
C THR UB 14 -119.47 -2.13 -27.95
N GLU UB 15 -118.93 -0.93 -27.89
CA GLU UB 15 -117.92 -0.58 -26.91
C GLU UB 15 -118.50 0.40 -25.90
N LYS UB 16 -117.64 0.91 -25.04
CA LYS UB 16 -118.06 1.95 -24.10
C LYS UB 16 -118.56 3.17 -24.85
N ASP UB 17 -117.87 3.57 -25.92
CA ASP UB 17 -118.21 4.78 -26.64
C ASP UB 17 -118.23 4.62 -28.15
N VAL UB 18 -118.13 3.39 -28.66
CA VAL UB 18 -118.23 3.14 -30.09
C VAL UB 18 -119.28 2.06 -30.32
N VAL UB 19 -120.12 2.29 -31.33
CA VAL UB 19 -121.01 1.27 -31.86
C VAL UB 19 -120.60 1.05 -33.31
N SER UB 20 -120.39 -0.21 -33.69
CA SER UB 20 -120.00 -0.58 -35.04
C SER UB 20 -121.06 -1.48 -35.65
N LEU UB 21 -121.49 -1.12 -36.85
CA LEU UB 21 -122.49 -1.87 -37.60
C LEU UB 21 -121.90 -2.28 -38.95
N ARG UB 22 -122.30 -3.45 -39.43
CA ARG UB 22 -121.84 -3.95 -40.71
C ARG UB 22 -123.04 -4.31 -41.58
N ASP UB 23 -122.79 -4.37 -42.88
CA ASP UB 23 -123.84 -4.77 -43.82
C ASP UB 23 -124.16 -6.25 -43.67
N PHE UB 24 -123.14 -7.10 -43.57
CA PHE UB 24 -123.26 -8.55 -43.45
C PHE UB 24 -123.84 -9.15 -44.74
N ALA UB 25 -124.19 -8.31 -45.70
CA ALA UB 25 -124.64 -8.76 -47.02
C ALA UB 25 -123.55 -8.64 -48.07
N ASN UB 26 -123.01 -7.44 -48.27
CA ASN UB 26 -121.84 -7.29 -49.13
C ASN UB 26 -120.54 -7.43 -48.38
N ASP UB 27 -120.58 -7.45 -47.05
CA ASP UB 27 -119.41 -7.68 -46.20
C ASP UB 27 -118.27 -6.72 -46.52
N LYS UB 28 -118.60 -5.49 -46.90
CA LYS UB 28 -117.59 -4.53 -47.26
C LYS UB 28 -117.73 -3.17 -46.58
N ASP UB 29 -118.89 -2.87 -45.98
CA ASP UB 29 -119.13 -1.57 -45.37
C ASP UB 29 -119.27 -1.72 -43.87
N THR UB 30 -118.63 -0.80 -43.14
CA THR UB 30 -118.78 -0.68 -41.70
C THR UB 30 -119.09 0.75 -41.34
N LEU UB 31 -120.17 0.95 -40.58
CA LEU UB 31 -120.59 2.26 -40.11
C LEU UB 31 -120.36 2.33 -38.61
N ALA UB 32 -119.60 3.33 -38.18
CA ALA UB 32 -119.22 3.49 -36.78
C ALA UB 32 -119.77 4.80 -36.24
N TYR UB 33 -120.42 4.72 -35.08
CA TYR UB 33 -120.86 5.86 -34.30
C TYR UB 33 -119.95 5.95 -33.08
N LYS UB 34 -119.37 7.12 -32.83
CA LYS UB 34 -118.34 7.27 -31.82
C LYS UB 34 -118.59 8.53 -31.01
N ARG UB 35 -118.31 8.43 -29.71
CA ARG UB 35 -118.81 9.34 -28.70
C ARG UB 35 -117.71 9.72 -27.72
N LEU UB 36 -117.43 11.01 -27.59
CA LEU UB 36 -116.53 11.52 -26.55
C LEU UB 36 -117.21 12.65 -25.80
N ALA UB 37 -117.53 12.43 -24.52
CA ALA UB 37 -118.19 13.45 -23.72
C ALA UB 37 -117.27 14.64 -23.49
N PRO UB 38 -117.83 15.85 -23.34
CA PRO UB 38 -117.00 17.02 -23.08
C PRO UB 38 -116.32 16.93 -21.73
N LYS UB 39 -115.08 17.42 -21.67
CA LYS UB 39 -114.31 17.37 -20.44
C LYS UB 39 -113.99 18.79 -19.98
N ARG UB 40 -114.36 19.11 -18.74
CA ARG UB 40 -114.20 20.46 -18.20
C ARG UB 40 -112.75 20.62 -17.76
N THR UB 41 -111.90 20.95 -18.72
CA THR UB 41 -110.48 21.15 -18.45
C THR UB 41 -110.17 22.55 -17.95
N LYS UB 42 -111.12 23.47 -18.04
CA LYS UB 42 -110.90 24.87 -17.69
C LYS UB 42 -112.26 25.48 -17.38
N ASP UB 43 -112.31 26.81 -17.38
CA ASP UB 43 -113.57 27.51 -17.26
C ASP UB 43 -114.52 27.09 -18.38
N SER UB 44 -113.97 26.65 -19.50
CA SER UB 44 -114.79 26.05 -20.54
C SER UB 44 -115.28 24.68 -20.10
N PRO UB 45 -116.51 24.29 -20.44
CA PRO UB 45 -117.00 22.96 -20.08
C PRO UB 45 -116.51 21.85 -20.99
N GLY UB 46 -115.67 22.16 -21.98
CA GLY UB 46 -115.18 21.17 -22.91
C GLY UB 46 -116.03 21.06 -24.16
N MET UB 47 -115.52 20.27 -25.11
CA MET UB 47 -116.18 20.05 -26.38
C MET UB 47 -116.65 18.61 -26.48
N ALA UB 48 -117.88 18.40 -26.92
CA ALA UB 48 -118.45 17.08 -27.09
C ALA UB 48 -118.13 16.58 -28.50
N LYS UB 49 -117.32 15.53 -28.60
CA LYS UB 49 -116.95 14.96 -29.88
C LYS UB 49 -117.94 13.89 -30.30
N SER UB 50 -118.38 13.98 -31.54
CA SER UB 50 -119.10 12.90 -32.18
C SER UB 50 -118.35 12.50 -33.44
N GLU UB 51 -118.55 11.26 -33.88
CA GLU UB 51 -117.94 10.83 -35.12
C GLU UB 51 -118.83 9.79 -35.77
N LEU UB 52 -119.08 9.95 -37.07
CA LEU UB 52 -119.92 9.02 -37.81
C LEU UB 52 -119.17 8.67 -39.09
N LYS UB 53 -118.61 7.48 -39.16
CA LYS UB 53 -117.73 7.14 -40.28
C LYS UB 53 -118.22 5.89 -40.98
N ILE UB 54 -118.14 5.91 -42.32
CA ILE UB 54 -118.43 4.75 -43.15
C ILE UB 54 -117.14 4.36 -43.84
N THR UB 55 -116.72 3.11 -43.63
CA THR UB 55 -115.52 2.56 -44.23
C THR UB 55 -115.90 1.43 -45.17
N ARG UB 56 -115.36 1.47 -46.39
CA ARG UB 56 -115.57 0.42 -47.37
C ARG UB 56 -114.26 -0.32 -47.60
N VAL UB 57 -114.29 -1.63 -47.42
CA VAL UB 57 -113.14 -2.49 -47.66
C VAL UB 57 -113.61 -3.69 -48.47
N ASP UB 58 -113.03 -3.86 -49.65
CA ASP UB 58 -113.47 -4.98 -50.49
C ASP UB 58 -113.04 -6.31 -49.89
N PRO UB 59 -113.92 -7.30 -49.79
CA PRO UB 59 -113.62 -8.51 -49.02
C PRO UB 59 -112.98 -9.63 -49.81
N THR UB 60 -111.96 -9.32 -50.62
CA THR UB 60 -111.18 -10.39 -51.23
C THR UB 60 -109.73 -10.27 -50.79
N THR UB 61 -109.20 -9.05 -50.81
CA THR UB 61 -107.87 -8.77 -50.29
C THR UB 61 -107.89 -7.84 -49.09
N GLY UB 62 -109.03 -7.23 -48.78
CA GLY UB 62 -109.16 -6.41 -47.60
C GLY UB 62 -108.52 -5.04 -47.67
N VAL UB 63 -108.34 -4.48 -48.87
CA VAL UB 63 -107.75 -3.16 -49.03
C VAL UB 63 -108.85 -2.12 -48.86
N LEU UB 64 -108.51 -1.00 -48.25
CA LEU UB 64 -109.48 0.04 -47.94
C LEU UB 64 -109.77 0.86 -49.18
N ILE UB 65 -111.01 0.78 -49.68
CA ILE UB 65 -111.39 1.56 -50.83
C ILE UB 65 -111.54 3.04 -50.46
N GLY UB 66 -112.23 3.34 -49.37
CA GLY UB 66 -112.42 4.73 -49.01
C GLY UB 66 -113.19 4.87 -47.71
N ILE UB 67 -113.01 6.03 -47.08
CA ILE UB 67 -113.67 6.39 -45.84
C ILE UB 67 -114.31 7.76 -46.00
N VAL UB 68 -115.55 7.87 -45.56
CA VAL UB 68 -116.22 9.16 -45.40
C VAL UB 68 -116.60 9.31 -43.93
N ASN UB 69 -116.14 10.39 -43.31
CA ASN UB 69 -116.31 10.59 -41.88
C ASN UB 69 -116.99 11.91 -41.61
N VAL UB 70 -117.94 11.91 -40.67
CA VAL UB 70 -118.63 13.12 -40.23
C VAL UB 70 -118.29 13.30 -38.77
N SER UB 71 -117.50 14.32 -38.46
CA SER UB 71 -117.07 14.60 -37.10
C SER UB 71 -117.64 15.93 -36.64
N SER UB 72 -118.20 15.93 -35.44
CA SER UB 72 -118.68 17.15 -34.82
C SER UB 72 -117.90 17.39 -33.53
N SER UB 73 -117.63 18.66 -33.25
CA SER UB 73 -116.93 19.10 -32.04
C SER UB 73 -117.61 20.37 -31.57
N ILE UB 74 -118.48 20.24 -30.58
CA ILE UB 74 -119.36 21.32 -30.16
C ILE UB 74 -119.21 21.56 -28.67
N ARG UB 75 -119.23 22.83 -28.27
CA ARG UB 75 -119.13 23.22 -26.87
C ARG UB 75 -120.24 22.57 -26.06
N ALA UB 76 -119.89 22.17 -24.83
CA ALA UB 76 -120.89 21.58 -23.95
C ALA UB 76 -122.00 22.57 -23.62
N ASP UB 77 -121.66 23.85 -23.45
CA ASP UB 77 -122.63 24.88 -23.14
C ASP UB 77 -123.42 25.34 -24.36
N ALA UB 78 -123.05 24.89 -25.55
CA ALA UB 78 -123.64 25.41 -26.78
C ALA UB 78 -125.13 25.13 -26.82
N THR UB 79 -125.87 26.08 -27.39
CA THR UB 79 -127.31 25.96 -27.46
C THR UB 79 -127.71 24.92 -28.49
N ALA UB 80 -128.91 24.34 -28.29
CA ALA UB 80 -129.43 23.40 -29.26
C ALA UB 80 -129.66 24.06 -30.62
N ALA UB 81 -129.93 25.36 -30.62
CA ALA UB 81 -130.04 26.09 -31.88
C ALA UB 81 -128.71 26.12 -32.62
N ASP UB 82 -127.61 26.26 -31.88
CA ASP UB 82 -126.30 26.23 -32.52
C ASP UB 82 -126.05 24.90 -33.21
N LYS UB 83 -126.37 23.79 -32.53
CA LYS UB 83 -126.18 22.47 -33.12
C LYS UB 83 -127.11 22.26 -34.30
N THR UB 84 -128.36 22.71 -34.19
CA THR UB 84 -129.28 22.59 -35.31
C THR UB 84 -128.78 23.35 -36.52
N ALA UB 85 -128.28 24.57 -36.31
CA ALA UB 85 -127.74 25.36 -37.41
C ALA UB 85 -126.53 24.68 -38.03
N LEU UB 86 -125.63 24.15 -37.20
CA LEU UB 86 -124.46 23.48 -37.73
C LEU UB 86 -124.84 22.28 -38.60
N MET UB 87 -125.73 21.44 -38.08
CA MET UB 87 -126.12 20.25 -38.84
C MET UB 87 -126.87 20.62 -40.11
N ALA UB 88 -127.75 21.63 -40.05
CA ALA UB 88 -128.46 22.05 -41.25
C ALA UB 88 -127.52 22.61 -42.30
N ILE UB 89 -126.55 23.43 -41.88
CA ILE UB 89 -125.62 24.02 -42.85
C ILE UB 89 -124.76 22.95 -43.49
N ILE UB 90 -124.25 22.01 -42.69
CA ILE UB 90 -123.38 20.99 -43.25
C ILE UB 90 -124.17 20.05 -44.16
N THR UB 91 -125.42 19.74 -43.81
CA THR UB 91 -126.22 18.88 -44.66
C THR UB 91 -126.61 19.58 -45.95
N ALA UB 92 -126.91 20.88 -45.90
CA ALA UB 92 -127.21 21.61 -47.13
C ALA UB 92 -125.99 21.68 -48.03
N ALA UB 93 -124.81 21.88 -47.44
CA ALA UB 93 -123.59 21.89 -48.24
C ALA UB 93 -123.30 20.53 -48.85
N GLN UB 94 -123.57 19.45 -48.10
CA GLN UB 94 -123.39 18.12 -48.65
C GLN UB 94 -124.36 17.84 -49.79
N ALA UB 95 -125.60 18.29 -49.66
CA ALA UB 95 -126.57 18.12 -50.73
C ALA UB 95 -126.20 18.89 -51.98
N ASP UB 96 -125.43 19.97 -51.84
CA ASP UB 96 -124.98 20.73 -53.00
C ASP UB 96 -123.99 19.91 -53.82
N GLY UB 97 -123.97 20.17 -55.13
CA GLY UB 97 -123.07 19.46 -56.01
C GLY UB 97 -121.61 19.86 -55.86
N ALA UB 98 -121.34 20.97 -55.19
CA ALA UB 98 -119.96 21.36 -54.94
C ALA UB 98 -119.25 20.30 -54.11
N TRP UB 99 -119.92 19.77 -53.09
CA TRP UB 99 -119.34 18.68 -52.31
C TRP UB 99 -119.24 17.41 -53.14
N THR UB 100 -120.23 17.16 -54.00
CA THR UB 100 -120.21 15.96 -54.82
C THR UB 100 -119.10 16.02 -55.87
N GLU UB 101 -118.58 17.22 -56.14
CA GLU UB 101 -117.42 17.38 -56.99
C GLU UB 101 -116.11 17.33 -56.21
N LEU UB 102 -116.07 17.99 -55.04
CA LEU UB 102 -114.92 17.90 -54.16
C LEU UB 102 -114.58 16.46 -53.87
N VAL UB 103 -115.58 15.65 -53.55
CA VAL UB 103 -115.41 14.22 -53.56
C VAL UB 103 -115.59 13.74 -55.00
N THR UB 104 -114.81 12.73 -55.39
CA THR UB 104 -114.78 12.16 -56.74
C THR UB 104 -114.07 13.01 -57.78
N ASP UB 105 -113.72 14.25 -57.47
CA ASP UB 105 -113.09 15.08 -58.49
C ASP UB 105 -111.97 15.96 -57.97
N GLN UB 106 -111.87 16.19 -56.67
CA GLN UB 106 -110.90 17.13 -56.10
C GLN UB 106 -111.06 18.51 -56.72
N ARG UB 107 -112.31 18.92 -56.85
CA ARG UB 107 -112.67 20.18 -57.51
C ARG UB 107 -113.18 21.16 -56.45
N LEU UB 108 -112.52 22.30 -56.34
CA LEU UB 108 -112.95 23.34 -55.43
C LEU UB 108 -114.12 24.12 -56.04
N PRO UB 109 -114.99 24.71 -55.21
CA PRO UB 109 -116.16 25.40 -55.74
C PRO UB 109 -115.85 26.78 -56.27
N LEU UB 110 -114.86 26.88 -57.14
CA LEU UB 110 -114.43 28.16 -57.67
C LEU UB 110 -114.44 28.25 -59.19
N ALA UB 111 -114.91 27.21 -59.87
CA ALA UB 111 -115.04 27.27 -61.32
C ALA UB 111 -116.04 28.33 -61.73
N THR UB 112 -115.83 28.93 -62.89
CA THR UB 112 -116.79 29.87 -63.46
C THR UB 112 -117.81 29.20 -64.37
N VAL UB 113 -117.72 27.88 -64.53
CA VAL UB 113 -118.62 27.09 -65.38
C VAL UB 113 -118.56 27.56 -66.83
N SER VB 1 -120.93 26.47 -51.49
CA SER VB 1 -120.84 27.49 -52.54
C SER VB 1 -121.70 28.70 -52.20
N LYS VB 2 -123.01 28.51 -52.24
CA LYS VB 2 -123.98 29.60 -52.11
C LYS VB 2 -124.94 29.26 -50.97
N VAL VB 3 -126.08 29.94 -50.96
CA VAL VB 3 -127.03 29.92 -49.84
C VAL VB 3 -127.29 28.52 -49.31
N PHE VB 4 -127.00 28.32 -48.03
CA PHE VB 4 -127.24 27.06 -47.34
C PHE VB 4 -127.95 27.36 -46.03
N ASN VB 5 -129.00 26.59 -45.74
CA ASN VB 5 -129.79 26.77 -44.52
C ASN VB 5 -130.29 28.22 -44.42
N THR VB 6 -130.77 28.74 -45.56
CA THR VB 6 -131.27 30.10 -45.74
C THR VB 6 -130.20 31.17 -45.52
N GLN VB 7 -128.95 30.79 -45.25
CA GLN VB 7 -127.88 31.74 -45.03
C GLN VB 7 -126.99 31.82 -46.27
N THR VB 8 -126.71 33.05 -46.70
CA THR VB 8 -125.91 33.29 -47.89
C THR VB 8 -124.44 33.28 -47.50
N PHE VB 9 -123.66 32.40 -48.14
CA PHE VB 9 -122.24 32.26 -47.85
C PHE VB 9 -121.45 32.85 -49.01
N ASP VB 10 -120.85 34.01 -48.76
CA ASP VB 10 -120.02 34.68 -49.75
C ASP VB 10 -118.55 34.36 -49.48
N ILE VB 11 -117.75 34.41 -50.54
CA ILE VB 11 -116.38 33.92 -50.46
C ILE VB 11 -115.57 34.79 -49.49
N TYR VB 12 -114.92 34.14 -48.54
CA TYR VB 12 -114.10 34.83 -47.55
C TYR VB 12 -112.62 34.78 -47.87
N SER VB 13 -112.12 33.64 -48.36
CA SER VB 13 -110.70 33.54 -48.70
C SER VB 13 -110.51 32.36 -49.63
N THR VB 14 -109.42 32.40 -50.39
CA THR VB 14 -109.08 31.34 -51.32
C THR VB 14 -107.62 30.96 -51.12
N GLU VB 15 -107.36 29.67 -51.02
CA GLU VB 15 -106.03 29.12 -50.92
C GLU VB 15 -105.78 28.18 -52.11
N LYS VB 16 -104.58 27.60 -52.14
CA LYS VB 16 -104.26 26.62 -53.15
C LYS VB 16 -105.24 25.44 -53.11
N ASP VB 17 -105.60 25.01 -51.91
CA ASP VB 17 -106.44 23.84 -51.74
C ASP VB 17 -107.64 24.09 -50.84
N VAL VB 18 -107.83 25.32 -50.37
CA VAL VB 18 -108.92 25.65 -49.48
C VAL VB 18 -109.70 26.84 -50.05
N VAL VB 19 -111.02 26.73 -50.04
CA VAL VB 19 -111.90 27.84 -50.33
C VAL VB 19 -112.82 28.03 -49.14
N SER VB 20 -112.81 29.22 -48.56
CA SER VB 20 -113.56 29.52 -47.37
C SER VB 20 -114.59 30.60 -47.69
N LEU VB 21 -115.84 30.34 -47.30
CA LEU VB 21 -116.95 31.25 -47.49
C LEU VB 21 -117.47 31.68 -46.13
N ARG VB 22 -118.01 32.90 -46.07
CA ARG VB 22 -118.56 33.43 -44.84
C ARG VB 22 -119.99 33.91 -45.09
N ASP VB 23 -120.79 33.87 -44.02
CA ASP VB 23 -122.12 34.44 -44.10
C ASP VB 23 -122.06 35.96 -44.30
N PHE VB 24 -121.26 36.64 -43.46
CA PHE VB 24 -121.11 38.09 -43.45
C PHE VB 24 -122.37 38.78 -42.97
N ALA VB 25 -123.44 38.03 -42.75
CA ALA VB 25 -124.67 38.54 -42.15
C ALA VB 25 -124.67 38.37 -40.64
N ASN VB 26 -124.57 37.14 -40.15
CA ASN VB 26 -124.36 36.91 -38.74
C ASN VB 26 -122.89 36.88 -38.38
N ASP VB 27 -122.00 36.94 -39.38
CA ASP VB 27 -120.56 37.08 -39.18
C ASP VB 27 -120.00 35.99 -38.28
N LYS VB 28 -120.63 34.83 -38.26
CA LYS VB 28 -120.26 33.79 -37.31
C LYS VB 28 -119.98 32.44 -37.94
N ASP VB 29 -120.41 32.20 -39.18
CA ASP VB 29 -120.32 30.89 -39.81
C ASP VB 29 -119.35 30.93 -40.98
N THR VB 30 -118.45 29.96 -41.01
CA THR VB 30 -117.47 29.85 -42.08
C THR VB 30 -117.48 28.43 -42.63
N LEU VB 31 -117.61 28.32 -43.95
CA LEU VB 31 -117.69 27.04 -44.64
C LEU VB 31 -116.43 26.86 -45.48
N ALA VB 32 -115.68 25.80 -45.21
CA ALA VB 32 -114.42 25.54 -45.87
C ALA VB 32 -114.50 24.28 -46.70
N TYR VB 33 -113.99 24.36 -47.94
CA TYR VB 33 -113.79 23.23 -48.83
C TYR VB 33 -112.29 23.05 -48.96
N LYS VB 34 -111.80 21.88 -48.60
CA LYS VB 34 -110.37 21.59 -48.60
C LYS VB 34 -110.10 20.38 -49.48
N ARG VB 35 -109.00 20.45 -50.21
CA ARG VB 35 -108.63 19.47 -51.23
C ARG VB 35 -107.24 18.94 -50.92
N LEU VB 36 -107.02 17.65 -51.18
CA LEU VB 36 -105.71 17.06 -50.98
C LEU VB 36 -105.55 15.94 -51.99
N ALA VB 37 -104.88 16.23 -53.10
CA ALA VB 37 -104.76 15.26 -54.19
C ALA VB 37 -103.99 14.02 -53.72
N PRO VB 38 -104.32 12.85 -54.27
CA PRO VB 38 -103.57 11.64 -53.93
C PRO VB 38 -102.13 11.74 -54.39
N LYS VB 39 -101.24 11.19 -53.58
CA LYS VB 39 -99.82 11.12 -53.93
C LYS VB 39 -99.45 9.66 -54.11
N ARG VB 40 -98.83 9.35 -55.25
CA ARG VB 40 -98.48 7.98 -55.62
C ARG VB 40 -97.13 7.64 -54.99
N THR VB 41 -97.14 7.51 -53.67
CA THR VB 41 -95.90 7.24 -52.94
C THR VB 41 -95.44 5.80 -53.06
N LYS VB 42 -96.29 4.92 -53.56
CA LYS VB 42 -95.95 3.53 -53.77
C LYS VB 42 -96.71 3.04 -54.99
N ASP VB 43 -96.83 1.72 -55.12
CA ASP VB 43 -97.64 1.11 -56.18
C ASP VB 43 -99.08 1.59 -56.07
N SER VB 44 -99.49 1.99 -54.87
CA SER VB 44 -100.81 2.58 -54.69
C SER VB 44 -100.89 3.90 -55.44
N PRO VB 45 -102.06 4.26 -55.97
CA PRO VB 45 -102.22 5.60 -56.55
C PRO VB 45 -102.44 6.69 -55.52
N GLY VB 46 -102.39 6.35 -54.23
CA GLY VB 46 -102.62 7.31 -53.18
C GLY VB 46 -104.10 7.43 -52.83
N MET VB 47 -104.36 8.24 -51.81
CA MET VB 47 -105.72 8.52 -51.37
C MET VB 47 -106.04 9.99 -51.64
N ALA VB 48 -107.17 10.22 -52.30
CA ALA VB 48 -107.67 11.57 -52.54
C ALA VB 48 -108.46 12.01 -51.31
N LYS VB 49 -107.98 13.04 -50.63
CA LYS VB 49 -108.65 13.56 -49.45
C LYS VB 49 -109.49 14.78 -49.80
N SER VB 50 -110.69 14.83 -49.26
CA SER VB 50 -111.51 16.04 -49.31
C SER VB 50 -111.97 16.38 -47.90
N GLU VB 51 -112.35 17.64 -47.71
CA GLU VB 51 -112.81 18.08 -46.40
C GLU VB 51 -113.86 19.17 -46.60
N LEU VB 52 -114.98 19.06 -45.90
CA LEU VB 52 -116.01 20.09 -45.95
C LEU VB 52 -116.42 20.40 -44.52
N LYS VB 53 -115.98 21.55 -44.01
CA LYS VB 53 -116.18 21.85 -42.60
C LYS VB 53 -116.94 23.15 -42.42
N ILE VB 54 -117.80 23.16 -41.42
CA ILE VB 54 -118.55 24.35 -41.02
C ILE VB 54 -118.10 24.73 -39.61
N THR VB 55 -117.79 25.99 -39.42
CA THR VB 55 -117.30 26.50 -38.15
C THR VB 55 -118.15 27.67 -37.71
N ARG VB 56 -118.63 27.61 -36.47
CA ARG VB 56 -119.36 28.71 -35.87
C ARG VB 56 -118.54 29.26 -34.71
N VAL VB 57 -118.30 30.56 -34.74
CA VAL VB 57 -117.71 31.27 -33.61
C VAL VB 57 -118.55 32.50 -33.36
N ASP VB 58 -118.83 32.77 -32.09
CA ASP VB 58 -119.58 34.00 -31.83
C ASP VB 58 -118.69 35.21 -32.09
N PRO VB 59 -119.08 36.14 -32.95
CA PRO VB 59 -118.16 37.20 -33.38
C PRO VB 59 -118.12 38.39 -32.43
N THR VB 60 -118.10 38.13 -31.13
CA THR VB 60 -117.88 39.19 -30.16
C THR VB 60 -116.67 38.85 -29.29
N THR VB 61 -116.63 37.63 -28.77
CA THR VB 61 -115.53 37.16 -27.96
C THR VB 61 -114.69 36.10 -28.65
N GLY VB 62 -115.12 35.62 -29.81
CA GLY VB 62 -114.32 34.68 -30.57
C GLY VB 62 -114.09 33.35 -29.92
N VAL VB 63 -115.08 32.83 -29.20
CA VAL VB 63 -115.01 31.46 -28.68
C VAL VB 63 -115.72 30.55 -29.67
N LEU VB 64 -115.08 29.42 -29.97
CA LEU VB 64 -115.62 28.50 -30.96
C LEU VB 64 -116.84 27.80 -30.38
N ILE VB 65 -118.00 27.98 -31.02
CA ILE VB 65 -119.19 27.28 -30.58
C ILE VB 65 -119.14 25.80 -30.97
N GLY VB 66 -118.75 25.52 -32.21
CA GLY VB 66 -118.68 24.14 -32.65
C GLY VB 66 -118.22 24.02 -34.10
N ILE VB 67 -117.76 22.82 -34.43
CA ILE VB 67 -117.31 22.47 -35.77
C ILE VB 67 -117.96 21.16 -36.17
N VAL VB 68 -118.46 21.09 -37.41
CA VAL VB 68 -118.89 19.85 -38.02
C VAL VB 68 -118.09 19.67 -39.31
N ASN VB 69 -117.45 18.53 -39.43
CA ASN VB 69 -116.49 18.27 -40.50
C ASN VB 69 -116.89 17.03 -41.27
N VAL VB 70 -116.87 17.12 -42.59
CA VAL VB 70 -117.13 15.98 -43.47
C VAL VB 70 -115.85 15.72 -44.25
N SER VB 71 -115.13 14.67 -43.89
CA SER VB 71 -113.86 14.34 -44.52
C SER VB 71 -114.02 13.06 -45.34
N SER VB 72 -113.30 13.00 -46.44
CA SER VB 72 -113.29 11.82 -47.29
C SER VB 72 -111.84 11.43 -47.57
N SER VB 73 -111.58 10.12 -47.56
CA SER VB 73 -110.27 9.58 -47.91
C SER VB 73 -110.55 8.37 -48.80
N ILE VB 74 -110.55 8.59 -50.12
CA ILE VB 74 -110.90 7.57 -51.08
C ILE VB 74 -109.70 7.31 -51.98
N ARG VB 75 -109.47 6.03 -52.29
CA ARG VB 75 -108.40 5.67 -53.21
C ARG VB 75 -108.58 6.38 -54.54
N ALA VB 76 -107.47 6.82 -55.13
CA ALA VB 76 -107.52 7.47 -56.42
C ALA VB 76 -108.06 6.53 -57.49
N ASP VB 77 -107.79 5.24 -57.36
CA ASP VB 77 -108.29 4.26 -58.32
C ASP VB 77 -109.73 3.83 -58.05
N ALA VB 78 -110.30 4.23 -56.92
CA ALA VB 78 -111.61 3.72 -56.53
C ALA VB 78 -112.68 4.14 -57.53
N THR VB 79 -113.52 3.17 -57.89
CA THR VB 79 -114.55 3.39 -58.89
C THR VB 79 -115.57 4.41 -58.40
N ALA VB 80 -116.22 5.06 -59.37
CA ALA VB 80 -117.28 6.00 -59.03
C ALA VB 80 -118.43 5.31 -58.32
N ALA VB 81 -118.60 4.01 -58.52
CA ALA VB 81 -119.62 3.27 -57.78
C ALA VB 81 -119.31 3.24 -56.29
N ASP VB 82 -118.05 2.96 -55.93
CA ASP VB 82 -117.67 2.96 -54.54
C ASP VB 82 -117.85 4.35 -53.91
N LYS VB 83 -117.45 5.38 -54.64
CA LYS VB 83 -117.55 6.75 -54.15
C LYS VB 83 -118.99 7.18 -53.96
N THR VB 84 -119.85 6.88 -54.93
CA THR VB 84 -121.26 7.21 -54.80
C THR VB 84 -121.92 6.42 -53.68
N ALA VB 85 -121.54 5.15 -53.52
CA ALA VB 85 -122.10 4.36 -52.43
C ALA VB 85 -121.68 4.92 -51.08
N LEU VB 86 -120.42 5.34 -50.96
CA LEU VB 86 -119.95 5.95 -49.73
C LEU VB 86 -120.73 7.21 -49.40
N MET VB 87 -120.93 8.08 -50.39
CA MET VB 87 -121.69 9.29 -50.12
C MET VB 87 -123.14 8.98 -49.79
N ALA VB 88 -123.75 8.04 -50.50
CA ALA VB 88 -125.14 7.69 -50.25
C ALA VB 88 -125.32 7.14 -48.84
N ILE VB 89 -124.42 6.24 -48.42
CA ILE VB 89 -124.51 5.67 -47.09
C ILE VB 89 -124.34 6.76 -46.03
N ILE VB 90 -123.34 7.64 -46.20
CA ILE VB 90 -123.10 8.62 -45.15
C ILE VB 90 -124.23 9.64 -45.09
N THR VB 91 -124.79 10.03 -46.23
CA THR VB 91 -125.89 10.98 -46.22
C THR VB 91 -127.14 10.34 -45.63
N ALA VB 92 -127.40 9.07 -45.96
CA ALA VB 92 -128.53 8.38 -45.36
C ALA VB 92 -128.38 8.27 -43.85
N ALA VB 93 -127.17 7.98 -43.39
CA ALA VB 93 -126.92 7.89 -41.95
C ALA VB 93 -127.11 9.25 -41.28
N GLN VB 94 -126.65 10.33 -41.91
CA GLN VB 94 -126.84 11.65 -41.35
C GLN VB 94 -128.31 12.03 -41.28
N ALA VB 95 -129.07 11.73 -42.33
CA ALA VB 95 -130.50 12.01 -42.31
C ALA VB 95 -131.23 11.23 -41.24
N ASP VB 96 -130.71 10.07 -40.84
CA ASP VB 96 -131.30 9.26 -39.79
C ASP VB 96 -131.15 9.96 -38.45
N GLY VB 97 -132.11 9.70 -37.56
CA GLY VB 97 -132.12 10.35 -36.25
C GLY VB 97 -130.97 9.95 -35.34
N ALA VB 98 -130.32 8.82 -35.61
CA ALA VB 98 -129.22 8.38 -34.77
C ALA VB 98 -128.08 9.41 -34.76
N TRP VB 99 -127.74 9.95 -35.93
CA TRP VB 99 -126.73 11.00 -35.99
C TRP VB 99 -127.21 12.27 -35.28
N THR VB 100 -128.49 12.59 -35.45
CA THR VB 100 -129.05 13.78 -34.80
C THR VB 100 -128.96 13.69 -33.28
N GLU VB 101 -129.10 12.50 -32.71
CA GLU VB 101 -128.96 12.33 -31.27
C GLU VB 101 -127.50 12.16 -30.84
N LEU VB 102 -126.68 11.52 -31.65
CA LEU VB 102 -125.25 11.43 -31.34
C LEU VB 102 -124.66 12.83 -31.19
N VAL VB 103 -125.00 13.72 -32.10
CA VAL VB 103 -124.82 15.14 -31.82
C VAL VB 103 -125.97 15.59 -30.91
N THR VB 104 -125.71 16.61 -30.09
CA THR VB 104 -126.71 17.20 -29.20
C THR VB 104 -127.11 16.28 -28.04
N ASP VB 105 -126.70 15.01 -28.05
CA ASP VB 105 -126.99 14.14 -26.92
C ASP VB 105 -125.84 13.25 -26.52
N GLN VB 106 -124.84 13.04 -27.38
CA GLN VB 106 -123.83 12.02 -27.20
C GLN VB 106 -124.46 10.66 -26.95
N ARG VB 107 -125.52 10.36 -27.70
CA ARG VB 107 -126.30 9.15 -27.56
C ARG VB 107 -125.89 8.16 -28.66
N LEU VB 108 -125.34 7.03 -28.25
CA LEU VB 108 -124.99 5.98 -29.21
C LEU VB 108 -126.24 5.21 -29.65
N PRO VB 109 -126.24 4.70 -30.88
CA PRO VB 109 -127.38 3.91 -31.34
C PRO VB 109 -127.40 2.54 -30.71
N LEU VB 110 -127.77 2.47 -29.43
CA LEU VB 110 -127.94 1.21 -28.74
C LEU VB 110 -129.13 1.19 -27.79
N ALA VB 111 -129.96 2.23 -27.77
CA ALA VB 111 -131.10 2.27 -26.87
C ALA VB 111 -132.17 1.28 -27.31
N THR VB 112 -132.82 0.66 -26.33
CA THR VB 112 -133.90 -0.29 -26.59
C THR VB 112 -135.25 0.38 -26.77
N VAL VB 113 -135.33 1.69 -26.57
CA VAL VB 113 -136.57 2.47 -26.69
C VAL VB 113 -137.64 1.97 -25.72
N SER WB 1 -91.22 30.28 -91.78
CA SER WB 1 -90.99 30.16 -93.21
C SER WB 1 -90.95 31.52 -93.90
N LYS WB 2 -92.12 32.09 -94.16
CA LYS WB 2 -92.24 33.32 -94.91
C LYS WB 2 -93.11 34.29 -94.14
N VAL WB 3 -93.58 35.33 -94.84
CA VAL WB 3 -94.10 36.57 -94.24
C VAL WB 3 -95.00 36.31 -93.05
N PHE WB 4 -94.65 36.89 -91.91
CA PHE WB 4 -95.40 36.81 -90.67
C PHE WB 4 -95.61 38.22 -90.15
N ASN WB 5 -96.86 38.56 -89.88
CA ASN WB 5 -97.19 39.89 -89.35
C ASN WB 5 -96.64 40.98 -90.28
N THR WB 6 -96.83 40.76 -91.58
CA THR WB 6 -96.42 41.65 -92.67
C THR WB 6 -94.91 41.86 -92.73
N GLN WB 7 -94.12 41.10 -92.00
CA GLN WB 7 -92.67 41.17 -92.08
C GLN WB 7 -92.14 39.96 -92.83
N THR WB 8 -91.15 40.18 -93.68
CA THR WB 8 -90.55 39.12 -94.47
C THR WB 8 -89.41 38.50 -93.67
N PHE WB 9 -89.49 37.21 -93.41
CA PHE WB 9 -88.45 36.48 -92.71
C PHE WB 9 -87.74 35.60 -93.72
N ASP WB 10 -86.47 35.88 -93.95
CA ASP WB 10 -85.64 35.10 -94.85
C ASP WB 10 -84.68 34.24 -94.04
N ILE WB 11 -84.32 33.08 -94.59
CA ILE WB 11 -83.44 32.18 -93.86
C ILE WB 11 -82.11 32.87 -93.61
N TYR WB 12 -81.71 32.91 -92.34
CA TYR WB 12 -80.43 33.46 -91.96
C TYR WB 12 -79.37 32.39 -91.80
N SER WB 13 -79.73 31.24 -91.26
CA SER WB 13 -78.76 30.18 -91.04
C SER WB 13 -79.48 28.86 -90.99
N THR WB 14 -78.83 27.82 -91.48
CA THR WB 14 -79.37 26.48 -91.38
C THR WB 14 -78.35 25.61 -90.67
N GLU WB 15 -78.84 24.85 -89.69
CA GLU WB 15 -78.03 23.98 -88.87
C GLU WB 15 -78.61 22.57 -88.95
N LYS WB 16 -77.89 21.60 -88.37
CA LYS WB 16 -78.36 20.22 -88.32
C LYS WB 16 -79.77 20.14 -87.76
N ASP WB 17 -80.02 20.76 -86.61
CA ASP WB 17 -81.32 20.73 -85.97
C ASP WB 17 -81.88 22.13 -85.70
N VAL WB 18 -81.32 23.16 -86.32
CA VAL WB 18 -81.77 24.54 -86.11
C VAL WB 18 -81.90 25.22 -87.46
N VAL WB 19 -82.97 25.99 -87.64
CA VAL WB 19 -83.14 26.86 -88.79
C VAL WB 19 -83.51 28.24 -88.28
N SER WB 20 -82.76 29.25 -88.68
CA SER WB 20 -82.94 30.61 -88.20
C SER WB 20 -83.26 31.53 -89.37
N LEU WB 21 -84.34 32.29 -89.23
CA LEU WB 21 -84.78 33.28 -90.20
C LEU WB 21 -84.67 34.67 -89.61
N ARG WB 22 -84.30 35.63 -90.44
CA ARG WB 22 -84.14 37.00 -89.98
C ARG WB 22 -85.01 37.90 -90.85
N ASP WB 23 -85.54 38.95 -90.24
CA ASP WB 23 -86.36 39.90 -90.99
C ASP WB 23 -85.54 40.60 -92.07
N PHE WB 24 -84.33 41.04 -91.73
CA PHE WB 24 -83.39 41.69 -92.64
C PHE WB 24 -83.89 43.06 -93.08
N ALA WB 25 -85.10 43.44 -92.67
CA ALA WB 25 -85.66 44.75 -92.91
C ALA WB 25 -85.56 45.64 -91.67
N ASN WB 26 -86.14 45.21 -90.56
CA ASN WB 26 -85.90 45.89 -89.30
C ASN WB 26 -84.61 45.45 -88.64
N ASP WB 27 -84.02 44.34 -89.10
CA ASP WB 27 -82.76 43.81 -88.57
C ASP WB 27 -82.82 43.63 -87.05
N LYS WB 28 -83.98 43.26 -86.54
CA LYS WB 28 -84.16 43.13 -85.10
C LYS WB 28 -84.90 41.86 -84.69
N ASP WB 29 -85.52 41.14 -85.62
CA ASP WB 29 -86.32 39.96 -85.31
C ASP WB 29 -85.65 38.72 -85.86
N THR WB 30 -85.57 37.67 -85.03
CA THR WB 30 -85.04 36.38 -85.43
C THR WB 30 -86.01 35.29 -85.03
N LEU WB 31 -86.37 34.44 -85.98
CA LEU WB 31 -87.27 33.31 -85.74
C LEU WB 31 -86.48 32.02 -85.86
N ALA WB 32 -86.44 31.23 -84.79
CA ALA WB 32 -85.65 30.02 -84.74
C ALA WB 32 -86.55 28.81 -84.58
N TYR WB 33 -86.32 27.80 -85.42
CA TYR WB 33 -86.91 26.47 -85.33
C TYR WB 33 -85.83 25.55 -84.79
N LYS WB 34 -86.08 24.96 -83.61
CA LYS WB 34 -85.14 24.07 -82.94
C LYS WB 34 -85.76 22.68 -82.83
N ARG WB 35 -84.94 21.67 -83.08
CA ARG WB 35 -85.37 20.29 -83.15
C ARG WB 35 -84.56 19.46 -82.16
N LEU WB 36 -85.18 18.43 -81.59
CA LEU WB 36 -84.47 17.52 -80.70
C LEU WB 36 -85.18 16.18 -80.69
N ALA WB 37 -84.55 15.16 -81.25
CA ALA WB 37 -85.17 13.86 -81.35
C ALA WB 37 -85.36 13.21 -79.98
N PRO WB 38 -86.41 12.43 -79.79
CA PRO WB 38 -86.60 11.72 -78.52
C PRO WB 38 -85.51 10.68 -78.30
N LYS WB 39 -85.06 10.55 -77.06
CA LYS WB 39 -84.02 9.60 -76.72
C LYS WB 39 -84.63 8.44 -75.93
N ARG WB 40 -84.39 7.21 -76.42
CA ARG WB 40 -84.87 6.00 -75.77
C ARG WB 40 -83.87 5.61 -74.69
N THR WB 41 -83.76 6.48 -73.68
CA THR WB 41 -82.84 6.24 -72.58
C THR WB 41 -83.31 5.12 -71.68
N LYS WB 42 -84.52 4.63 -71.90
CA LYS WB 42 -85.12 3.59 -71.09
C LYS WB 42 -86.15 2.87 -71.96
N ASP WB 43 -87.04 2.11 -71.31
CA ASP WB 43 -88.15 1.48 -72.02
C ASP WB 43 -88.95 2.52 -72.78
N SER WB 44 -89.12 3.70 -72.18
CA SER WB 44 -89.87 4.78 -72.83
C SER WB 44 -89.16 5.23 -74.10
N PRO WB 45 -89.88 5.51 -75.17
CA PRO WB 45 -89.23 5.94 -76.42
C PRO WB 45 -88.65 7.33 -76.37
N GLY WB 46 -88.86 8.08 -75.29
CA GLY WB 46 -88.32 9.40 -75.15
C GLY WB 46 -89.31 10.49 -75.55
N MET WB 47 -88.89 11.72 -75.33
CA MET WB 47 -89.72 12.90 -75.57
C MET WB 47 -89.11 13.71 -76.70
N ALA WB 48 -89.91 13.97 -77.74
CA ALA WB 48 -89.45 14.72 -78.90
C ALA WB 48 -89.61 16.21 -78.61
N LYS WB 49 -88.49 16.92 -78.52
CA LYS WB 49 -88.50 18.34 -78.21
C LYS WB 49 -88.57 19.17 -79.48
N SER WB 50 -89.47 20.12 -79.50
CA SER WB 50 -89.55 21.12 -80.55
C SER WB 50 -89.47 22.50 -79.92
N GLU WB 51 -89.07 23.48 -80.72
CA GLU WB 51 -89.01 24.84 -80.23
C GLU WB 51 -89.21 25.80 -81.38
N LEU WB 52 -90.07 26.80 -81.17
CA LEU WB 52 -90.28 27.88 -82.12
C LEU WB 52 -90.18 29.18 -81.34
N LYS WB 53 -89.15 29.98 -81.59
CA LYS WB 53 -88.96 31.18 -80.79
C LYS WB 53 -88.75 32.39 -81.68
N ILE WB 54 -89.24 33.53 -81.21
CA ILE WB 54 -89.01 34.83 -81.84
C ILE WB 54 -88.24 35.69 -80.85
N THR WB 55 -87.12 36.24 -81.28
CA THR WB 55 -86.26 37.05 -80.45
C THR WB 55 -86.11 38.42 -81.08
N ARG WB 56 -86.32 39.47 -80.28
CA ARG WB 56 -86.16 40.83 -80.73
C ARG WB 56 -84.97 41.45 -80.01
N VAL WB 57 -84.02 41.96 -80.79
CA VAL WB 57 -82.83 42.62 -80.26
C VAL WB 57 -82.78 44.01 -80.87
N ASP WB 58 -82.54 45.01 -80.03
CA ASP WB 58 -82.52 46.37 -80.54
C ASP WB 58 -81.29 46.57 -81.42
N PRO WB 59 -81.46 46.88 -82.70
CA PRO WB 59 -80.31 46.86 -83.61
C PRO WB 59 -79.51 48.15 -83.68
N THR WB 60 -79.25 48.80 -82.55
CA THR WB 60 -78.25 49.86 -82.53
C THR WB 60 -77.24 49.63 -81.41
N THR WB 61 -77.71 49.13 -80.27
CA THR WB 61 -76.82 48.76 -79.17
C THR WB 61 -76.90 47.29 -78.80
N GLY WB 62 -77.90 46.56 -79.31
CA GLY WB 62 -77.97 45.13 -79.08
C GLY WB 62 -78.59 44.71 -77.77
N VAL WB 63 -79.61 45.43 -77.29
CA VAL WB 63 -80.29 45.07 -76.06
C VAL WB 63 -81.50 44.21 -76.39
N LEU WB 64 -81.61 43.06 -75.74
CA LEU WB 64 -82.70 42.13 -75.96
C LEU WB 64 -84.01 42.76 -75.49
N ILE WB 65 -84.88 43.10 -76.44
CA ILE WB 65 -86.19 43.64 -76.08
C ILE WB 65 -87.07 42.57 -75.47
N GLY WB 66 -87.16 41.41 -76.09
CA GLY WB 66 -88.03 40.37 -75.59
C GLY WB 66 -87.90 39.10 -76.40
N ILE WB 67 -88.39 38.01 -75.79
CA ILE WB 67 -88.44 36.70 -76.41
C ILE WB 67 -89.80 36.08 -76.14
N VAL WB 68 -90.44 35.56 -77.17
CA VAL WB 68 -91.59 34.68 -77.02
C VAL WB 68 -91.20 33.32 -77.60
N ASN WB 69 -91.27 32.28 -76.78
CA ASN WB 69 -90.82 30.97 -77.18
C ASN WB 69 -91.94 29.96 -77.02
N VAL WB 70 -92.14 29.13 -78.03
CA VAL WB 70 -93.10 28.03 -77.97
C VAL WB 70 -92.30 26.74 -78.03
N SER WB 71 -92.37 25.97 -76.95
CA SER WB 71 -91.63 24.72 -76.85
C SER WB 71 -92.59 23.56 -76.67
N SER WB 72 -92.22 22.41 -77.21
CA SER WB 72 -93.03 21.20 -77.10
C SER WB 72 -92.17 20.07 -76.59
N SER WB 73 -92.74 19.27 -75.69
CA SER WB 73 -92.09 18.07 -75.17
C SER WB 73 -93.17 16.99 -75.17
N ILE WB 74 -93.23 16.24 -76.26
CA ILE WB 74 -94.27 15.23 -76.47
C ILE WB 74 -93.61 13.86 -76.55
N ARG WB 75 -94.26 12.87 -75.93
CA ARG WB 75 -93.78 11.50 -76.00
C ARG WB 75 -93.61 11.06 -77.44
N ALA WB 76 -92.54 10.31 -77.70
CA ALA WB 76 -92.30 9.80 -79.04
C ALA WB 76 -93.43 8.89 -79.50
N ASP WB 77 -94.08 8.20 -78.58
CA ASP WB 77 -95.20 7.32 -78.91
C ASP WB 77 -96.55 8.01 -78.91
N ALA WB 78 -96.61 9.28 -78.52
CA ALA WB 78 -97.89 9.96 -78.39
C ALA WB 78 -98.62 10.02 -79.72
N THR WB 79 -99.92 9.77 -79.68
CA THR WB 79 -100.72 9.70 -80.89
C THR WB 79 -100.83 11.07 -81.53
N ALA WB 80 -101.03 11.06 -82.86
CA ALA WB 80 -101.25 12.31 -83.58
C ALA WB 80 -102.47 13.05 -83.07
N ALA WB 81 -103.44 12.32 -82.52
CA ALA WB 81 -104.59 12.96 -81.88
C ALA WB 81 -104.15 13.77 -80.66
N ASP WB 82 -103.25 13.21 -79.85
CA ASP WB 82 -102.75 13.95 -78.70
C ASP WB 82 -102.02 15.21 -79.14
N LYS WB 83 -101.17 15.11 -80.16
CA LYS WB 83 -100.42 16.27 -80.61
C LYS WB 83 -101.32 17.33 -81.22
N THR WB 84 -102.31 16.91 -82.01
CA THR WB 84 -103.26 17.86 -82.57
C THR WB 84 -104.06 18.54 -81.46
N ALA WB 85 -104.48 17.78 -80.45
CA ALA WB 85 -105.24 18.36 -79.34
C ALA WB 85 -104.40 19.35 -78.57
N LEU WB 86 -103.14 19.01 -78.29
CA LEU WB 86 -102.26 19.92 -77.58
C LEU WB 86 -102.08 21.21 -78.35
N MET WB 87 -101.81 21.10 -79.65
CA MET WB 87 -101.59 22.28 -80.46
C MET WB 87 -102.86 23.13 -80.56
N ALA WB 88 -104.01 22.50 -80.70
CA ALA WB 88 -105.27 23.23 -80.80
C ALA WB 88 -105.61 23.93 -79.49
N ILE WB 89 -105.40 23.26 -78.36
CA ILE WB 89 -105.68 23.87 -77.07
C ILE WB 89 -104.77 25.08 -76.86
N ILE WB 90 -103.47 24.92 -77.12
CA ILE WB 90 -102.56 26.03 -76.87
C ILE WB 90 -102.83 27.19 -77.84
N THR WB 91 -103.20 26.88 -79.09
CA THR WB 91 -103.50 27.96 -80.02
C THR WB 91 -104.77 28.71 -79.62
N ALA WB 92 -105.79 27.98 -79.17
CA ALA WB 92 -107.02 28.63 -78.70
C ALA WB 92 -106.76 29.47 -77.46
N ALA WB 93 -105.92 28.97 -76.55
CA ALA WB 93 -105.59 29.75 -75.36
C ALA WB 93 -104.83 31.02 -75.72
N GLN WB 94 -103.90 30.93 -76.68
CA GLN WB 94 -103.19 32.13 -77.13
C GLN WB 94 -104.14 33.11 -77.79
N ALA WB 95 -105.11 32.60 -78.56
CA ALA WB 95 -106.11 33.47 -79.16
C ALA WB 95 -107.01 34.11 -78.13
N ASP WB 96 -107.16 33.49 -76.96
CA ASP WB 96 -107.94 34.07 -75.88
C ASP WB 96 -107.20 35.29 -75.33
N GLY WB 97 -107.97 36.21 -74.74
CA GLY WB 97 -107.41 37.45 -74.24
C GLY WB 97 -106.66 37.31 -72.94
N ALA WB 98 -106.85 36.21 -72.22
CA ALA WB 98 -106.12 36.01 -70.98
C ALA WB 98 -104.62 35.97 -71.24
N TRP WB 99 -104.20 35.38 -72.36
CA TRP WB 99 -102.79 35.40 -72.73
C TRP WB 99 -102.34 36.82 -73.09
N THR WB 100 -103.19 37.56 -73.81
CA THR WB 100 -102.82 38.92 -74.19
C THR WB 100 -102.75 39.85 -72.98
N GLU WB 101 -103.30 39.43 -71.85
CA GLU WB 101 -103.14 40.17 -70.60
C GLU WB 101 -101.96 39.67 -69.78
N LEU WB 102 -101.78 38.35 -69.71
CA LEU WB 102 -100.60 37.79 -69.05
C LEU WB 102 -99.32 38.36 -69.63
N VAL WB 103 -99.22 38.38 -70.94
CA VAL WB 103 -98.24 39.23 -71.61
C VAL WB 103 -98.80 40.63 -71.66
N THR WB 104 -97.93 41.63 -71.52
CA THR WB 104 -98.23 43.06 -71.52
C THR WB 104 -98.87 43.57 -70.24
N ASP WB 105 -99.31 42.69 -69.35
CA ASP WB 105 -99.79 43.20 -68.07
C ASP WB 105 -99.43 42.36 -66.87
N GLN WB 106 -98.97 41.12 -67.06
CA GLN WB 106 -98.80 40.16 -65.97
C GLN WB 106 -100.10 39.98 -65.19
N ARG WB 107 -101.20 39.95 -65.93
CA ARG WB 107 -102.53 39.81 -65.36
C ARG WB 107 -102.98 38.36 -65.48
N LEU WB 108 -103.20 37.74 -64.38
CA LEU WB 108 -103.65 36.36 -64.32
C LEU WB 108 -105.16 36.27 -64.51
N PRO WB 109 -105.65 35.15 -65.03
CA PRO WB 109 -107.10 34.98 -65.16
C PRO WB 109 -107.77 34.70 -63.84
N LEU WB 110 -107.72 35.66 -62.92
CA LEU WB 110 -108.41 35.56 -61.65
C LEU WB 110 -109.13 36.83 -61.26
N ALA WB 111 -108.95 37.93 -61.99
CA ALA WB 111 -109.65 39.17 -61.68
C ALA WB 111 -111.16 38.99 -61.88
N THR WB 112 -111.94 39.63 -61.02
CA THR WB 112 -113.39 39.53 -61.06
C THR WB 112 -114.04 40.49 -62.05
N VAL WB 113 -113.26 41.36 -62.68
CA VAL WB 113 -113.75 42.35 -63.64
C VAL WB 113 -114.78 43.28 -63.01
N SER XB 1 58.52 -116.49 27.82
CA SER XB 1 59.30 -116.62 29.04
C SER XB 1 60.78 -116.84 28.73
N LYS XB 2 61.11 -118.02 28.22
CA LYS XB 2 62.48 -118.37 27.88
C LYS XB 2 62.49 -118.93 26.46
N VAL XB 3 63.59 -119.59 26.09
CA VAL XB 3 63.87 -119.97 24.71
C VAL XB 3 62.67 -120.63 24.03
N PHE XB 4 62.26 -120.04 22.90
CA PHE XB 4 61.17 -120.55 22.07
C PHE XB 4 61.66 -120.53 20.64
N ASN XB 5 61.43 -121.65 19.93
CA ASN XB 5 61.82 -121.77 18.52
C ASN XB 5 63.32 -121.47 18.39
N THR XB 6 64.11 -122.04 19.31
CA THR XB 6 65.56 -121.90 19.38
C THR XB 6 66.02 -120.45 19.56
N GLN XB 7 65.15 -119.55 19.96
CA GLN XB 7 65.52 -118.17 20.24
C GLN XB 7 65.28 -117.85 21.70
N THR XB 8 66.24 -117.16 22.32
CA THR XB 8 66.19 -116.84 23.74
C THR XB 8 65.50 -115.50 23.93
N PHE XB 9 64.40 -115.49 24.67
CA PHE XB 9 63.64 -114.28 24.92
C PHE XB 9 63.87 -113.86 26.38
N ASP XB 10 64.52 -112.72 26.56
CA ASP XB 10 64.77 -112.16 27.88
C ASP XB 10 63.89 -110.94 28.09
N ILE XB 11 63.56 -110.69 29.35
CA ILE XB 11 62.67 -109.58 29.69
C ILE XB 11 63.32 -108.28 29.25
N TYR XB 12 62.59 -107.50 28.47
CA TYR XB 12 63.01 -106.14 28.15
C TYR XB 12 62.26 -105.10 28.95
N SER XB 13 60.99 -105.34 29.26
CA SER XB 13 60.20 -104.31 29.93
C SER XB 13 59.11 -104.98 30.74
N THR XB 14 58.75 -104.33 31.85
CA THR XB 14 57.68 -104.81 32.71
C THR XB 14 56.78 -103.64 33.09
N GLU XB 15 55.50 -103.77 32.79
CA GLU XB 15 54.51 -102.77 33.17
C GLU XB 15 53.64 -103.34 34.28
N LYS XB 16 52.60 -102.59 34.64
CA LYS XB 16 51.63 -103.11 35.59
C LYS XB 16 50.94 -104.35 35.04
N ASP XB 17 50.62 -104.34 33.75
CA ASP XB 17 49.88 -105.45 33.14
C ASP XB 17 50.51 -105.96 31.85
N VAL XB 18 51.70 -105.52 31.49
CA VAL XB 18 52.38 -106.02 30.30
C VAL XB 18 53.80 -106.43 30.68
N VAL XB 19 54.22 -107.58 30.19
CA VAL XB 19 55.61 -108.00 30.21
C VAL XB 19 56.06 -108.17 28.78
N SER XB 20 57.15 -107.50 28.40
CA SER XB 20 57.69 -107.56 27.06
C SER XB 20 59.08 -108.16 27.09
N LEU XB 21 59.31 -109.15 26.23
CA LEU XB 21 60.58 -109.85 26.12
C LEU XB 21 61.10 -109.71 24.70
N ARG XB 22 62.43 -109.65 24.57
CA ARG XB 22 63.08 -109.52 23.28
C ARG XB 22 64.09 -110.63 23.10
N ASP XB 23 64.45 -110.88 21.84
CA ASP XB 23 65.48 -111.88 21.56
C ASP XB 23 66.86 -111.37 21.94
N PHE XB 24 67.18 -110.13 21.57
CA PHE XB 24 68.47 -109.49 21.85
C PHE XB 24 69.59 -110.15 21.05
N ALA XB 25 69.27 -111.22 20.33
CA ALA XB 25 70.21 -111.89 19.44
C ALA XB 25 70.01 -111.49 17.99
N ASN XB 26 68.81 -111.70 17.44
CA ASN XB 26 68.48 -111.17 16.14
C ASN XB 26 67.81 -109.81 16.21
N ASP XB 27 67.44 -109.36 17.41
CA ASP XB 27 66.91 -108.01 17.64
C ASP XB 27 65.73 -107.70 16.74
N LYS XB 28 64.91 -108.69 16.45
CA LYS XB 28 63.78 -108.50 15.56
C LYS XB 28 62.45 -109.00 16.12
N ASP XB 29 62.46 -109.80 17.18
CA ASP XB 29 61.26 -110.40 17.73
C ASP XB 29 60.96 -109.84 19.11
N THR XB 30 59.71 -109.50 19.35
CA THR XB 30 59.25 -109.10 20.68
C THR XB 30 58.02 -109.93 21.04
N LEU XB 31 58.06 -110.54 22.21
CA LEU XB 31 56.97 -111.34 22.74
C LEU XB 31 56.36 -110.61 23.93
N ALA XB 32 55.06 -110.34 23.85
CA ALA XB 32 54.36 -109.56 24.87
C ALA XB 32 53.26 -110.39 25.51
N TYR XB 33 53.23 -110.38 26.84
CA TYR XB 33 52.18 -110.99 27.66
C TYR XB 33 51.40 -109.85 28.30
N LYS XB 34 50.09 -109.85 28.13
CA LYS XB 34 49.27 -108.71 28.48
C LYS XB 34 48.03 -109.19 29.22
N ARG XB 35 47.61 -108.40 30.21
CA ARG XB 35 46.72 -108.85 31.27
C ARG XB 35 45.65 -107.80 31.55
N LEU XB 36 44.39 -108.20 31.49
CA LEU XB 36 43.28 -107.34 31.94
C LEU XB 36 42.36 -108.15 32.84
N ALA XB 37 42.34 -107.82 34.13
CA ALA XB 37 41.46 -108.51 35.06
C ALA XB 37 39.99 -108.24 34.72
N PRO XB 38 39.10 -109.19 35.00
CA PRO XB 38 37.68 -108.98 34.70
C PRO XB 38 37.10 -107.87 35.56
N LYS XB 39 36.16 -107.13 35.00
CA LYS XB 39 35.52 -106.03 35.71
C LYS XB 39 34.03 -106.32 35.88
N ARG XB 40 33.59 -106.47 37.13
CA ARG XB 40 32.19 -106.71 37.45
C ARG XB 40 31.47 -105.38 37.24
N THR XB 41 31.15 -105.11 35.98
CA THR XB 41 30.44 -103.89 35.63
C THR XB 41 28.94 -104.10 35.58
N LYS XB 42 28.48 -105.31 35.84
CA LYS XB 42 27.06 -105.63 35.86
C LYS XB 42 26.88 -106.87 36.74
N ASP XB 43 25.74 -107.52 36.62
CA ASP XB 43 25.51 -108.79 37.30
C ASP XB 43 26.55 -109.81 36.86
N SER XB 44 27.06 -109.66 35.64
CA SER XB 44 28.17 -110.49 35.20
C SER XB 44 29.45 -110.09 35.93
N PRO XB 45 30.34 -111.03 36.25
CA PRO XB 45 31.60 -110.67 36.91
C PRO XB 45 32.65 -110.09 35.97
N GLY XB 46 32.34 -109.93 34.70
CA GLY XB 46 33.31 -109.46 33.73
C GLY XB 46 34.09 -110.59 33.08
N MET XB 47 34.84 -110.23 32.05
CA MET XB 47 35.64 -111.17 31.29
C MET XB 47 37.12 -110.85 31.46
N ALA XB 48 37.91 -111.86 31.79
CA ALA XB 48 39.35 -111.70 31.98
C ALA XB 48 40.04 -111.78 30.62
N LYS XB 49 40.68 -110.70 30.21
CA LYS XB 49 41.42 -110.66 28.97
C LYS XB 49 42.88 -111.08 29.18
N SER XB 50 43.35 -111.96 28.32
CA SER XB 50 44.77 -112.21 28.18
C SER XB 50 45.16 -111.93 26.74
N GLU XB 51 46.43 -111.63 26.54
CA GLU XB 51 46.92 -111.41 25.19
C GLU XB 51 48.38 -111.84 25.11
N LEU XB 52 48.72 -112.60 24.08
CA LEU XB 52 50.07 -113.09 23.89
C LEU XB 52 50.44 -112.85 22.44
N LYS XB 53 51.30 -111.86 22.19
CA LYS XB 53 51.61 -111.49 20.83
C LYS XB 53 53.09 -111.62 20.54
N ILE XB 54 53.41 -112.07 19.34
CA ILE XB 54 54.77 -112.06 18.81
C ILE XB 54 54.82 -111.12 17.62
N THR XB 55 55.71 -110.14 17.69
CA THR XB 55 55.89 -109.16 16.63
C THR XB 55 57.30 -109.27 16.07
N ARG XB 56 57.40 -109.33 14.75
CA ARG XB 56 58.68 -109.36 14.07
C ARG XB 56 58.85 -108.07 13.28
N VAL XB 57 59.93 -107.35 13.55
CA VAL XB 57 60.28 -106.12 12.85
C VAL XB 57 61.72 -106.23 12.39
N ASP XB 58 61.95 -105.99 11.10
CA ASP XB 58 63.33 -106.12 10.63
C ASP XB 58 64.20 -105.00 11.21
N PRO XB 59 65.37 -105.31 11.74
CA PRO XB 59 66.17 -104.28 12.42
C PRO XB 59 67.09 -103.51 11.50
N THR XB 60 66.61 -103.08 10.34
CA THR XB 60 67.42 -102.26 9.45
C THR XB 60 66.66 -101.02 9.05
N THR XB 61 65.36 -101.16 8.83
CA THR XB 61 64.48 -100.02 8.56
C THR XB 61 63.31 -99.96 9.51
N GLY XB 62 63.11 -100.98 10.34
CA GLY XB 62 62.01 -100.98 11.28
C GLY XB 62 60.66 -101.30 10.70
N VAL XB 63 60.60 -102.07 9.62
CA VAL XB 63 59.34 -102.43 8.99
C VAL XB 63 58.73 -103.60 9.74
N LEU XB 64 57.42 -103.54 9.96
CA LEU XB 64 56.70 -104.61 10.64
C LEU XB 64 56.48 -105.76 9.66
N ILE XB 65 57.25 -106.84 9.82
CA ILE XB 65 57.07 -107.99 8.95
C ILE XB 65 55.74 -108.67 9.23
N GLY XB 66 55.42 -108.91 10.49
CA GLY XB 66 54.17 -109.58 10.80
C GLY XB 66 53.97 -109.74 12.30
N ILE XB 67 52.71 -109.92 12.67
CA ILE XB 67 52.31 -110.12 14.05
C ILE XB 67 51.42 -111.36 14.12
N VAL XB 68 51.64 -112.20 15.12
CA VAL XB 68 50.72 -113.27 15.49
C VAL XB 68 50.31 -113.04 16.94
N ASN XB 69 49.01 -112.97 17.18
CA ASN XB 69 48.47 -112.64 18.50
C ASN XB 69 47.53 -113.74 18.95
N VAL XB 70 47.67 -114.15 20.21
CA VAL XB 70 46.76 -115.12 20.81
C VAL XB 70 46.03 -114.39 21.93
N SER XB 71 44.74 -114.12 21.72
CA SER XB 71 43.93 -113.38 22.68
C SER XB 71 42.87 -114.30 23.27
N SER XB 72 42.68 -114.19 24.57
CA SER XB 72 41.65 -114.92 25.28
C SER XB 72 40.76 -113.93 26.02
N SER XB 73 39.46 -114.24 26.07
CA SER XB 73 38.48 -113.42 26.77
C SER XB 73 37.49 -114.41 27.39
N ILE XB 74 37.62 -114.65 28.69
CA ILE XB 74 36.88 -115.71 29.37
C ILE XB 74 36.19 -115.13 30.60
N ARG XB 75 34.97 -115.59 30.85
CA ARG XB 75 34.19 -115.17 32.00
C ARG XB 75 34.95 -115.42 33.29
N ALA XB 76 34.83 -114.47 34.22
CA ALA XB 76 35.47 -114.63 35.53
C ALA XB 76 34.94 -115.86 36.25
N ASP XB 77 33.64 -116.13 36.14
CA ASP XB 77 33.04 -117.28 36.81
C ASP XB 77 33.28 -118.59 36.07
N ALA XB 78 33.86 -118.53 34.87
CA ALA XB 78 34.01 -119.72 34.06
C ALA XB 78 34.92 -120.73 34.74
N THR XB 79 34.58 -122.00 34.57
CA THR XB 79 35.29 -123.09 35.24
C THR XB 79 36.66 -123.31 34.61
N ALA XB 80 37.55 -123.94 35.38
CA ALA XB 80 38.84 -124.33 34.84
C ALA XB 80 38.69 -125.34 33.71
N ALA XB 81 37.63 -126.15 33.75
CA ALA XB 81 37.37 -127.09 32.66
C ALA XB 81 37.06 -126.36 31.37
N ASP XB 82 36.27 -125.29 31.44
CA ASP XB 82 35.98 -124.51 30.24
C ASP XB 82 37.24 -123.93 29.64
N LYS XB 83 38.11 -123.37 30.48
CA LYS XB 83 39.35 -122.77 30.01
C LYS XB 83 40.29 -123.83 29.44
N THR XB 84 40.38 -124.98 30.09
CA THR XB 84 41.19 -126.07 29.56
C THR XB 84 40.67 -126.51 28.19
N ALA XB 85 39.35 -126.63 28.05
CA ALA XB 85 38.78 -127.03 26.77
C ALA XB 85 39.07 -125.99 25.70
N LEU XB 86 38.94 -124.70 26.02
CA LEU XB 86 39.21 -123.68 25.03
C LEU XB 86 40.66 -123.72 24.56
N MET XB 87 41.60 -123.80 25.51
CA MET XB 87 43.00 -123.83 25.11
C MET XB 87 43.33 -125.10 24.34
N ALA XB 88 42.80 -126.25 24.76
CA ALA XB 88 43.07 -127.49 24.04
C ALA XB 88 42.53 -127.45 22.63
N ILE XB 89 41.32 -126.90 22.44
CA ILE XB 89 40.73 -126.85 21.11
C ILE XB 89 41.54 -125.92 20.21
N ILE XB 90 41.88 -124.73 20.72
CA ILE XB 90 42.62 -123.80 19.87
C ILE XB 90 44.00 -124.34 19.56
N THR XB 91 44.62 -125.05 20.50
CA THR XB 91 45.94 -125.64 20.26
C THR XB 91 45.86 -126.74 19.22
N ALA XB 92 44.84 -127.61 19.30
CA ALA XB 92 44.69 -128.66 18.30
C ALA XB 92 44.42 -128.08 16.93
N ALA XB 93 43.62 -127.02 16.86
CA ALA XB 93 43.37 -126.37 15.58
C ALA XB 93 44.63 -125.73 15.02
N GLN XB 94 45.45 -125.12 15.87
CA GLN XB 94 46.71 -124.55 15.42
C GLN XB 94 47.65 -125.63 14.90
N ALA XB 95 47.68 -126.78 15.58
CA ALA XB 95 48.52 -127.88 15.13
C ALA XB 95 48.09 -128.44 13.79
N ASP XB 96 46.81 -128.33 13.46
CA ASP XB 96 46.32 -128.81 12.17
C ASP XB 96 46.82 -127.92 11.05
N GLY XB 97 46.96 -128.52 9.86
CA GLY XB 97 47.49 -127.79 8.72
C GLY XB 97 46.53 -126.78 8.12
N ALA XB 98 45.25 -126.86 8.49
CA ALA XB 98 44.30 -125.86 8.02
C ALA XB 98 44.70 -124.47 8.48
N TRP XB 99 45.14 -124.34 9.74
CA TRP XB 99 45.64 -123.06 10.21
C TRP XB 99 46.94 -122.69 9.51
N THR XB 100 47.79 -123.69 9.25
CA THR XB 100 49.06 -123.42 8.60
C THR XB 100 48.86 -122.96 7.15
N GLU XB 101 47.69 -123.22 6.57
CA GLU XB 101 47.35 -122.68 5.27
C GLU XB 101 46.62 -121.35 5.37
N LEU XB 102 45.70 -121.23 6.33
CA LEU XB 102 45.02 -119.96 6.57
C LEU XB 102 46.05 -118.85 6.76
N VAL XB 103 47.03 -119.07 7.61
CA VAL XB 103 48.22 -118.24 7.61
C VAL XB 103 49.12 -118.74 6.49
N THR XB 104 49.82 -117.82 5.84
CA THR XB 104 50.74 -118.06 4.71
C THR XB 104 50.07 -118.33 3.36
N ASP XB 105 48.77 -118.59 3.32
CA ASP XB 105 48.11 -118.84 2.05
C ASP XB 105 46.80 -118.10 1.88
N GLN XB 106 46.17 -117.62 2.95
CA GLN XB 106 44.82 -117.08 2.92
C GLN XB 106 43.87 -118.13 2.35
N ARG XB 107 44.02 -119.35 2.82
CA ARG XB 107 43.26 -120.50 2.35
C ARG XB 107 42.31 -120.96 3.45
N LEU XB 108 41.01 -121.02 3.13
CA LEU XB 108 40.02 -121.53 4.04
C LEU XB 108 40.02 -123.05 4.02
N PRO XB 109 39.55 -123.70 5.10
CA PRO XB 109 39.59 -125.16 5.16
C PRO XB 109 38.43 -125.82 4.42
N LEU XB 110 38.13 -125.35 3.22
CA LEU XB 110 37.03 -125.87 2.44
C LEU XB 110 37.46 -126.51 1.13
N ALA XB 111 38.76 -126.61 0.86
CA ALA XB 111 39.22 -127.28 -0.34
C ALA XB 111 38.78 -128.73 -0.34
N THR XB 112 38.43 -129.24 -1.52
CA THR XB 112 38.08 -130.64 -1.69
C THR XB 112 39.28 -131.53 -1.97
N VAL XB 113 40.48 -130.94 -2.05
CA VAL XB 113 41.73 -131.66 -2.30
C VAL XB 113 41.68 -132.41 -3.63
N SER YB 1 39.33 -127.77 11.12
CA SER YB 1 38.66 -128.56 10.10
C SER YB 1 37.86 -129.72 10.72
N LYS YB 2 38.56 -130.64 11.37
CA LYS YB 2 37.96 -131.87 11.88
C LYS YB 2 38.29 -132.00 13.35
N VAL YB 3 38.14 -133.22 13.88
CA VAL YB 3 38.20 -133.50 15.31
C VAL YB 3 39.36 -132.82 16.00
N PHE YB 4 39.05 -131.98 16.98
CA PHE YB 4 40.02 -131.29 17.80
C PHE YB 4 39.63 -131.49 19.25
N ASN YB 5 40.60 -131.84 20.10
CA ASN YB 5 40.35 -132.11 21.51
C ASN YB 5 39.26 -133.17 21.68
N THR YB 6 39.35 -134.22 20.86
CA THR YB 6 38.43 -135.36 20.81
C THR YB 6 37.02 -134.95 20.39
N GLN YB 7 36.78 -133.69 20.05
CA GLN YB 7 35.46 -133.22 19.65
C GLN YB 7 35.42 -133.04 18.14
N THR YB 8 34.37 -133.58 17.52
CA THR YB 8 34.19 -133.50 16.08
C THR YB 8 33.51 -132.19 15.73
N PHE YB 9 34.17 -131.37 14.93
CA PHE YB 9 33.66 -130.07 14.52
C PHE YB 9 33.18 -130.18 13.08
N ASP YB 10 31.87 -130.20 12.89
CA ASP YB 10 31.26 -130.29 11.58
C ASP YB 10 30.84 -128.90 11.13
N ILE YB 11 30.84 -128.70 9.81
CA ILE YB 11 30.69 -127.36 9.26
C ILE YB 11 29.33 -126.78 9.65
N TYR YB 12 29.35 -125.59 10.23
CA TYR YB 12 28.13 -124.90 10.65
C TYR YB 12 27.71 -123.80 9.70
N SER YB 13 28.66 -123.12 9.07
CA SER YB 13 28.33 -122.02 8.19
C SER YB 13 29.53 -121.71 7.31
N THR YB 14 29.26 -121.15 6.14
CA THR YB 14 30.31 -120.73 5.22
C THR YB 14 30.00 -119.34 4.71
N GLU YB 15 31.02 -118.49 4.71
CA GLU YB 15 30.93 -117.13 4.20
C GLU YB 15 31.96 -116.92 3.12
N LYS YB 16 32.01 -115.70 2.59
CA LYS YB 16 33.05 -115.31 1.65
C LYS YB 16 34.43 -115.51 2.25
N ASP YB 17 34.59 -115.20 3.53
CA ASP YB 17 35.90 -115.23 4.17
C ASP YB 17 35.88 -115.90 5.53
N VAL YB 18 34.75 -116.47 5.94
CA VAL YB 18 34.63 -117.14 7.23
C VAL YB 18 34.07 -118.53 7.02
N VAL YB 19 34.70 -119.51 7.64
CA VAL YB 19 34.17 -120.87 7.71
C VAL YB 19 34.02 -121.22 9.18
N SER YB 20 32.80 -121.55 9.58
CA SER YB 20 32.48 -121.84 10.97
C SER YB 20 32.06 -123.30 11.10
N LEU YB 21 32.66 -123.99 12.05
CA LEU YB 21 32.34 -125.38 12.35
C LEU YB 21 31.78 -125.47 13.76
N ARG YB 22 30.91 -126.44 13.96
CA ARG YB 22 30.28 -126.65 15.26
C ARG YB 22 30.50 -128.09 15.70
N ASP YB 23 30.56 -128.30 17.01
CA ASP YB 23 30.61 -129.65 17.54
C ASP YB 23 29.32 -130.40 17.25
N PHE YB 24 28.17 -129.77 17.52
CA PHE YB 24 26.83 -130.32 17.34
C PHE YB 24 26.56 -131.46 18.32
N ALA YB 25 27.56 -131.85 19.10
CA ALA YB 25 27.40 -132.82 20.17
C ALA YB 25 27.12 -132.15 21.51
N ASN YB 26 28.06 -131.34 21.99
CA ASN YB 26 27.81 -130.47 23.13
C ASN YB 26 27.11 -129.19 22.75
N ASP YB 27 27.03 -128.89 21.44
CA ASP YB 27 26.28 -127.75 20.92
C ASP YB 27 26.75 -126.43 21.50
N LYS YB 28 28.01 -126.36 21.91
CA LYS YB 28 28.49 -125.18 22.61
C LYS YB 28 29.75 -124.56 22.03
N ASP YB 29 30.49 -125.27 21.19
CA ASP YB 29 31.79 -124.82 20.70
C ASP YB 29 31.71 -124.54 19.20
N THR YB 30 32.17 -123.36 18.80
CA THR YB 30 32.20 -122.98 17.40
C THR YB 30 33.60 -122.52 17.04
N LEU YB 31 34.15 -123.08 15.97
CA LEU YB 31 35.49 -122.79 15.49
C LEU YB 31 35.39 -122.04 14.16
N ALA YB 32 35.95 -120.84 14.11
CA ALA YB 32 35.87 -119.99 12.93
C ALA YB 32 37.25 -119.77 12.34
N TYR YB 33 37.34 -119.91 11.01
CA TYR YB 33 38.52 -119.59 10.21
C TYR YB 33 38.16 -118.39 9.34
N LYS YB 34 38.88 -117.29 9.51
CA LYS YB 34 38.51 -116.02 8.92
C LYS YB 34 39.69 -115.42 8.17
N ARG YB 35 39.40 -114.77 7.04
CA ARG YB 35 40.41 -114.44 6.04
C ARG YB 35 40.26 -112.99 5.57
N LEU YB 36 41.39 -112.28 5.44
CA LEU YB 36 41.43 -110.98 4.79
C LEU YB 36 42.67 -110.90 3.93
N ALA YB 37 42.51 -111.06 2.62
CA ALA YB 37 43.65 -110.93 1.72
C ALA YB 37 44.23 -109.51 1.80
N PRO YB 38 45.53 -109.36 1.60
CA PRO YB 38 46.15 -108.03 1.69
C PRO YB 38 45.64 -107.10 0.61
N LYS YB 39 45.57 -105.82 0.95
CA LYS YB 39 45.17 -104.77 0.01
C LYS YB 39 46.37 -103.86 -0.24
N ARG YB 40 46.65 -103.62 -1.52
CA ARG YB 40 47.81 -102.81 -1.92
C ARG YB 40 47.39 -101.35 -1.99
N THR YB 41 47.11 -100.79 -0.81
CA THR YB 41 46.66 -99.41 -0.73
C THR YB 41 47.79 -98.41 -0.97
N LYS YB 42 49.04 -98.85 -0.93
CA LYS YB 42 50.18 -98.00 -1.19
C LYS YB 42 51.26 -98.86 -1.81
N ASP YB 43 52.51 -98.37 -1.79
CA ASP YB 43 53.65 -99.12 -2.29
C ASP YB 43 53.77 -100.45 -1.55
N SER YB 44 53.34 -100.48 -0.30
CA SER YB 44 53.31 -101.73 0.43
C SER YB 44 52.30 -102.68 -0.21
N PRO YB 45 52.58 -103.99 -0.24
CA PRO YB 45 51.60 -104.93 -0.77
C PRO YB 45 50.45 -105.20 0.17
N GLY YB 46 50.41 -104.53 1.32
CA GLY YB 46 49.36 -104.73 2.30
C GLY YB 46 49.67 -105.85 3.27
N MET YB 47 48.78 -106.01 4.25
CA MET YB 47 48.91 -107.03 5.27
C MET YB 47 47.86 -108.11 5.03
N ALA YB 48 48.29 -109.36 5.04
CA ALA YB 48 47.38 -110.51 4.96
C ALA YB 48 46.94 -110.86 6.37
N LYS YB 49 45.64 -110.73 6.62
CA LYS YB 49 45.07 -111.03 7.93
C LYS YB 49 44.48 -112.44 7.93
N SER YB 50 44.74 -113.19 8.98
CA SER YB 50 43.99 -114.41 9.23
C SER YB 50 43.48 -114.37 10.66
N GLU YB 51 42.48 -115.22 10.93
CA GLU YB 51 41.93 -115.32 12.27
C GLU YB 51 41.48 -116.75 12.49
N LEU YB 52 41.82 -117.32 13.63
CA LEU YB 52 41.33 -118.64 14.03
C LEU YB 52 40.80 -118.51 15.44
N LYS YB 53 39.48 -118.56 15.60
CA LYS YB 53 38.87 -118.30 16.89
C LYS YB 53 37.99 -119.46 17.32
N ILE YB 54 38.00 -119.72 18.62
CA ILE YB 54 37.12 -120.72 19.22
C ILE YB 54 36.23 -120.00 20.22
N THR YB 55 34.93 -120.26 20.14
CA THR YB 55 33.94 -119.64 21.00
C THR YB 55 33.16 -120.71 21.72
N ARG YB 56 33.00 -120.54 23.02
CA ARG YB 56 32.16 -121.40 23.82
C ARG YB 56 31.01 -120.58 24.38
N VAL YB 57 29.79 -121.01 24.11
CA VAL YB 57 28.60 -120.48 24.74
C VAL YB 57 27.78 -121.67 25.23
N ASP YB 58 27.24 -121.55 26.43
CA ASP YB 58 26.45 -122.67 26.93
C ASP YB 58 25.08 -122.64 26.28
N PRO YB 59 24.64 -123.72 25.62
CA PRO YB 59 23.48 -123.61 24.74
C PRO YB 59 22.14 -123.79 25.42
N THR YB 60 21.94 -123.22 26.61
CA THR YB 60 20.59 -123.15 27.15
C THR YB 60 20.22 -121.70 27.44
N THR YB 61 21.11 -120.99 28.13
CA THR YB 61 20.92 -119.57 28.36
C THR YB 61 21.74 -118.70 27.43
N GLY YB 62 22.66 -119.29 26.67
CA GLY YB 62 23.39 -118.56 25.67
C GLY YB 62 24.28 -117.44 26.18
N VAL YB 63 24.92 -117.63 27.33
CA VAL YB 63 25.90 -116.67 27.82
C VAL YB 63 27.28 -117.11 27.38
N LEU YB 64 28.06 -116.17 26.86
CA LEU YB 64 29.40 -116.43 26.39
C LEU YB 64 30.28 -116.86 27.56
N ILE YB 65 30.88 -118.04 27.46
CA ILE YB 65 31.80 -118.48 28.50
C ILE YB 65 33.22 -118.00 28.22
N GLY YB 66 33.65 -118.06 26.96
CA GLY YB 66 34.97 -117.56 26.63
C GLY YB 66 35.27 -117.66 25.15
N ILE YB 67 36.24 -116.86 24.73
CA ILE YB 67 36.76 -116.86 23.37
C ILE YB 67 38.29 -116.89 23.45
N VAL YB 68 38.90 -117.77 22.66
CA VAL YB 68 40.33 -117.75 22.42
C VAL YB 68 40.56 -117.53 20.94
N ASN YB 69 41.38 -116.54 20.63
CA ASN YB 69 41.52 -116.03 19.27
C ASN YB 69 42.99 -116.08 18.85
N VAL YB 70 43.24 -116.57 17.64
CA VAL YB 70 44.57 -116.55 17.05
C VAL YB 70 44.49 -115.71 15.78
N SER YB 71 45.08 -114.52 15.81
CA SER YB 71 45.07 -113.60 14.69
C SER YB 71 46.47 -113.41 14.15
N SER YB 72 46.58 -113.30 12.83
CA SER YB 72 47.84 -113.04 12.18
C SER YB 72 47.70 -111.82 11.29
N SER YB 73 48.73 -110.97 11.30
CA SER YB 73 48.80 -109.80 10.44
C SER YB 73 50.23 -109.78 9.89
N ILE YB 74 50.40 -110.35 8.71
CA ILE YB 74 51.72 -110.53 8.11
C ILE YB 74 51.75 -109.79 6.78
N ARG YB 75 52.87 -109.14 6.49
CA ARG YB 75 53.05 -108.46 5.20
C ARG YB 75 52.85 -109.45 4.06
N ALA YB 76 52.22 -108.98 2.99
CA ALA YB 76 51.96 -109.84 1.84
C ALA YB 76 53.26 -110.37 1.24
N ASP YB 77 54.28 -109.52 1.16
CA ASP YB 77 55.57 -109.93 0.62
C ASP YB 77 56.42 -110.70 1.61
N ALA YB 78 56.01 -110.79 2.87
CA ALA YB 78 56.85 -111.39 3.89
C ALA YB 78 57.17 -112.84 3.55
N THR YB 79 58.45 -113.17 3.68
CA THR YB 79 58.94 -114.48 3.28
C THR YB 79 58.34 -115.58 4.14
N ALA YB 80 58.30 -116.79 3.58
CA ALA YB 80 57.85 -117.94 4.35
C ALA YB 80 58.72 -118.20 5.56
N ALA YB 81 59.97 -117.71 5.54
CA ALA YB 81 60.82 -117.84 6.71
C ALA YB 81 60.27 -117.06 7.89
N ASP YB 82 59.93 -115.79 7.68
CA ASP YB 82 59.36 -114.98 8.75
C ASP YB 82 58.02 -115.57 9.22
N LYS YB 83 57.22 -116.05 8.27
CA LYS YB 83 55.91 -116.60 8.57
C LYS YB 83 56.02 -117.86 9.42
N THR YB 84 56.92 -118.77 9.04
CA THR YB 84 57.14 -119.98 9.82
C THR YB 84 57.75 -119.66 11.17
N ALA YB 85 58.65 -118.68 11.23
CA ALA YB 85 59.24 -118.31 12.51
C ALA YB 85 58.19 -117.74 13.45
N LEU YB 86 57.28 -116.92 12.92
CA LEU YB 86 56.20 -116.38 13.72
C LEU YB 86 55.32 -117.50 14.26
N MET YB 87 54.94 -118.45 13.41
CA MET YB 87 54.14 -119.57 13.90
C MET YB 87 54.90 -120.35 14.95
N ALA YB 88 56.17 -120.65 14.71
CA ALA YB 88 56.94 -121.47 15.64
C ALA YB 88 57.07 -120.80 16.99
N ILE YB 89 57.39 -119.50 17.00
CA ILE YB 89 57.52 -118.79 18.26
C ILE YB 89 56.20 -118.76 19.01
N ILE YB 90 55.10 -118.45 18.31
CA ILE YB 90 53.85 -118.33 19.04
C ILE YB 90 53.37 -119.67 19.56
N THR YB 91 53.57 -120.74 18.79
CA THR YB 91 53.16 -122.07 19.25
C THR YB 91 54.03 -122.53 20.41
N ALA YB 92 55.33 -122.25 20.36
CA ALA YB 92 56.21 -122.59 21.47
C ALA YB 92 55.81 -121.83 22.72
N ALA YB 93 55.47 -120.54 22.57
CA ALA YB 93 55.02 -119.76 23.72
C ALA YB 93 53.72 -120.31 24.29
N GLN YB 94 52.78 -120.69 23.43
CA GLN YB 94 51.52 -121.24 23.90
C GLN YB 94 51.72 -122.56 24.64
N ALA YB 95 52.57 -123.44 24.11
CA ALA YB 95 52.84 -124.70 24.77
C ALA YB 95 53.49 -124.50 26.14
N ASP YB 96 54.26 -123.43 26.30
CA ASP YB 96 54.90 -123.13 27.57
C ASP YB 96 53.86 -122.71 28.60
N GLY YB 97 54.17 -122.97 29.87
CA GLY YB 97 53.21 -122.77 30.95
C GLY YB 97 52.90 -121.32 31.26
N ALA YB 98 53.71 -120.38 30.77
CA ALA YB 98 53.42 -118.97 31.01
C ALA YB 98 52.10 -118.57 30.39
N TRP YB 99 51.82 -119.02 29.17
CA TRP YB 99 50.51 -118.76 28.55
C TRP YB 99 49.39 -119.45 29.32
N THR YB 100 49.63 -120.69 29.75
CA THR YB 100 48.62 -121.44 30.49
C THR YB 100 48.26 -120.74 31.79
N GLU YB 101 49.21 -120.04 32.40
CA GLU YB 101 48.95 -119.29 33.62
C GLU YB 101 48.35 -117.91 33.34
N LEU YB 102 48.80 -117.25 32.28
CA LEU YB 102 48.22 -115.97 31.88
C LEU YB 102 46.73 -116.12 31.64
N VAL YB 103 46.33 -117.18 30.93
CA VAL YB 103 44.95 -117.62 30.98
C VAL YB 103 44.75 -118.37 32.29
N THR YB 104 43.53 -118.33 32.82
CA THR YB 104 43.16 -119.04 34.05
C THR YB 104 43.78 -118.44 35.32
N ASP YB 105 44.72 -117.51 35.19
CA ASP YB 105 45.24 -116.85 36.38
C ASP YB 105 45.45 -115.36 36.24
N GLN YB 106 45.50 -114.83 35.02
CA GLN YB 106 45.95 -113.47 34.77
C GLN YB 106 47.32 -113.23 35.40
N ARG YB 107 48.19 -114.23 35.27
CA ARG YB 107 49.53 -114.20 35.86
C ARG YB 107 50.55 -113.86 34.79
N LEU YB 108 51.21 -112.73 34.95
CA LEU YB 108 52.26 -112.32 34.04
C LEU YB 108 53.54 -113.10 34.31
N PRO YB 109 54.35 -113.35 33.28
CA PRO YB 109 55.61 -114.06 33.48
C PRO YB 109 56.64 -113.18 34.17
N LEU YB 110 56.44 -112.92 35.45
CA LEU YB 110 57.41 -112.17 36.24
C LEU YB 110 57.60 -112.74 37.65
N ALA YB 111 57.00 -113.88 37.95
CA ALA YB 111 57.13 -114.45 39.29
C ALA YB 111 58.53 -114.99 39.52
N THR YB 112 59.04 -114.80 40.73
CA THR YB 112 60.37 -115.26 41.09
C THR YB 112 60.39 -116.72 41.54
N VAL YB 113 59.23 -117.36 41.65
CA VAL YB 113 59.09 -118.75 42.08
C VAL YB 113 59.66 -118.95 43.48
N SER ZB 1 36.06 -122.11 -38.51
CA SER ZB 1 36.46 -122.13 -39.91
C SER ZB 1 35.55 -123.02 -40.74
N LYS ZB 2 35.40 -124.27 -40.33
CA LYS ZB 2 34.67 -125.26 -41.10
C LYS ZB 2 33.82 -126.08 -40.14
N VAL ZB 3 33.34 -127.23 -40.60
CA VAL ZB 3 32.31 -128.03 -39.94
C VAL ZB 3 32.55 -128.19 -38.45
N PHE ZB 4 31.58 -127.73 -37.66
CA PHE ZB 4 31.59 -127.85 -36.20
C PHE ZB 4 30.27 -128.46 -35.78
N ASN ZB 5 30.32 -129.44 -34.90
CA ASN ZB 5 29.10 -130.09 -34.40
C ASN ZB 5 28.27 -130.64 -35.55
N THR ZB 6 28.95 -131.21 -36.55
CA THR ZB 6 28.39 -131.77 -37.77
C THR ZB 6 27.66 -130.72 -38.62
N GLN ZB 7 27.72 -129.45 -38.27
CA GLN ZB 7 27.11 -128.40 -39.06
C GLN ZB 7 28.20 -127.69 -39.87
N THR ZB 8 27.89 -127.39 -41.12
CA THR ZB 8 28.83 -126.72 -42.00
C THR ZB 8 28.69 -125.22 -41.82
N PHE ZB 9 29.77 -124.56 -41.46
CA PHE ZB 9 29.81 -123.12 -41.30
C PHE ZB 9 30.61 -122.54 -42.45
N ASP ZB 10 29.94 -121.81 -43.33
CA ASP ZB 10 30.58 -121.13 -44.44
C ASP ZB 10 30.68 -119.64 -44.12
N ILE ZB 11 31.70 -119.00 -44.67
CA ILE ZB 11 31.93 -117.60 -44.36
C ILE ZB 11 30.75 -116.78 -44.84
N TYR ZB 12 30.12 -116.05 -43.93
CA TYR ZB 12 29.03 -115.15 -44.27
C TYR ZB 12 29.50 -113.75 -44.60
N SER ZB 13 30.50 -113.25 -43.89
CA SER ZB 13 30.98 -111.91 -44.13
C SER ZB 13 32.39 -111.78 -43.59
N THR ZB 14 33.17 -110.94 -44.24
CA THR ZB 14 34.53 -110.68 -43.81
C THR ZB 14 34.68 -109.19 -43.56
N GLU ZB 15 35.23 -108.86 -42.40
CA GLU ZB 15 35.44 -107.48 -41.99
C GLU ZB 15 36.94 -107.28 -41.71
N LYS ZB 16 37.31 -106.03 -41.45
CA LYS ZB 16 38.68 -105.70 -41.09
C LYS ZB 16 39.16 -106.54 -39.91
N ASP ZB 17 38.38 -106.57 -38.83
CA ASP ZB 17 38.75 -107.29 -37.62
C ASP ZB 17 37.71 -108.33 -37.23
N VAL ZB 18 36.74 -108.63 -38.08
CA VAL ZB 18 35.70 -109.60 -37.79
C VAL ZB 18 35.54 -110.52 -38.99
N VAL ZB 19 35.37 -111.81 -38.71
CA VAL ZB 19 35.00 -112.80 -39.72
C VAL ZB 19 33.78 -113.55 -39.19
N SER ZB 20 32.73 -113.61 -39.98
CA SER ZB 20 31.48 -114.23 -39.56
C SER ZB 20 31.12 -115.35 -40.50
N LEU ZB 21 30.86 -116.53 -39.92
CA LEU ZB 21 30.45 -117.73 -40.63
C LEU ZB 21 29.01 -118.05 -40.28
N ARG ZB 22 28.26 -118.52 -41.27
CA ARG ZB 22 26.87 -118.87 -41.10
C ARG ZB 22 26.69 -120.33 -41.48
N ASP ZB 23 25.80 -121.02 -40.76
CA ASP ZB 23 25.51 -122.41 -41.08
C ASP ZB 23 24.88 -122.52 -42.47
N PHE ZB 24 23.93 -121.65 -42.78
CA PHE ZB 24 23.26 -121.56 -44.08
C PHE ZB 24 22.37 -122.77 -44.35
N ALA ZB 25 22.39 -123.75 -43.46
CA ALA ZB 25 21.48 -124.89 -43.53
C ALA ZB 25 20.32 -124.74 -42.57
N ASN ZB 26 20.60 -124.55 -41.29
CA ASN ZB 26 19.57 -124.22 -40.33
C ASN ZB 26 19.27 -122.73 -40.28
N ASP ZB 27 20.16 -121.90 -40.82
CA ASP ZB 27 19.98 -120.45 -40.90
C ASP ZB 27 19.69 -119.82 -39.55
N LYS ZB 28 20.27 -120.39 -38.49
CA LYS ZB 28 20.07 -119.86 -37.15
C LYS ZB 28 21.35 -119.71 -36.36
N ASP ZB 29 22.46 -120.29 -36.80
CA ASP ZB 29 23.71 -120.26 -36.06
C ASP ZB 29 24.72 -119.39 -36.78
N THR ZB 30 25.36 -118.47 -36.05
CA THR ZB 30 26.40 -117.61 -36.58
C THR ZB 30 27.62 -117.66 -35.68
N LEU ZB 31 28.78 -117.91 -36.26
CA LEU ZB 31 30.04 -117.97 -35.54
C LEU ZB 31 30.89 -116.76 -35.92
N ALA ZB 32 31.26 -115.95 -34.94
CA ALA ZB 32 32.00 -114.72 -35.18
C ALA ZB 32 33.36 -114.79 -34.51
N TYR ZB 33 34.41 -114.51 -35.29
CA TYR ZB 33 35.76 -114.32 -34.82
C TYR ZB 33 36.02 -112.81 -34.84
N LYS ZB 34 36.29 -112.23 -33.68
CA LYS ZB 34 36.53 -110.81 -33.55
C LYS ZB 34 37.91 -110.57 -32.97
N ARG ZB 35 38.56 -109.54 -33.49
CA ARG ZB 35 39.95 -109.22 -33.20
C ARG ZB 35 40.03 -107.82 -32.63
N LEU ZB 36 41.02 -107.57 -31.78
CA LEU ZB 36 41.26 -106.23 -31.26
C LEU ZB 36 42.71 -106.13 -30.82
N ALA ZB 37 43.49 -105.32 -31.53
CA ALA ZB 37 44.91 -105.23 -31.24
C ALA ZB 37 45.15 -104.52 -29.91
N PRO ZB 38 46.22 -104.89 -29.19
CA PRO ZB 38 46.55 -104.19 -27.95
C PRO ZB 38 46.99 -102.76 -28.23
N LYS ZB 39 46.62 -101.85 -27.34
CA LYS ZB 39 46.96 -100.45 -27.48
C LYS ZB 39 47.97 -100.05 -26.40
N ARG ZB 40 49.10 -99.48 -26.83
CA ARG ZB 40 50.14 -99.02 -25.92
C ARG ZB 40 49.75 -97.62 -25.46
N THR ZB 41 48.63 -97.54 -24.73
CA THR ZB 41 48.15 -96.27 -24.21
C THR ZB 41 49.03 -95.74 -23.09
N LYS ZB 42 49.98 -96.54 -22.63
CA LYS ZB 42 50.88 -96.19 -21.54
C LYS ZB 42 52.16 -96.99 -21.73
N ASP ZB 43 52.95 -97.07 -20.67
CA ASP ZB 43 54.15 -97.91 -20.67
C ASP ZB 43 53.78 -99.34 -21.04
N SER ZB 44 52.65 -99.81 -20.54
CA SER ZB 44 52.19 -101.16 -20.82
C SER ZB 44 51.91 -101.33 -22.31
N PRO ZB 45 52.23 -102.48 -22.90
CA PRO ZB 45 52.00 -102.67 -24.34
C PRO ZB 45 50.53 -102.89 -24.70
N GLY ZB 46 49.64 -102.94 -23.72
CA GLY ZB 46 48.22 -103.09 -23.98
C GLY ZB 46 47.76 -104.54 -23.93
N MET ZB 47 46.44 -104.71 -24.02
CA MET ZB 47 45.80 -106.01 -23.91
C MET ZB 47 45.21 -106.38 -25.26
N ALA ZB 48 45.58 -107.55 -25.76
CA ALA ZB 48 45.10 -108.04 -27.05
C ALA ZB 48 43.79 -108.79 -26.85
N LYS ZB 49 42.71 -108.25 -27.39
CA LYS ZB 49 41.38 -108.85 -27.23
C LYS ZB 49 41.08 -109.79 -28.38
N SER ZB 50 40.60 -110.97 -28.04
CA SER ZB 50 40.07 -111.91 -29.00
C SER ZB 50 38.63 -112.23 -28.62
N GLU ZB 51 37.85 -112.69 -29.60
CA GLU ZB 51 36.48 -113.07 -29.31
C GLU ZB 51 36.06 -114.18 -30.26
N LEU ZB 52 35.47 -115.23 -29.72
CA LEU ZB 52 34.90 -116.31 -30.50
C LEU ZB 52 33.51 -116.57 -29.97
N LYS ZB 53 32.49 -116.18 -30.73
CA LYS ZB 53 31.13 -116.27 -30.23
C LYS ZB 53 30.26 -117.05 -31.19
N ILE ZB 54 29.31 -117.80 -30.63
CA ILE ZB 54 28.28 -118.49 -31.40
C ILE ZB 54 26.94 -117.94 -30.97
N THR ZB 55 26.13 -117.50 -31.92
CA THR ZB 55 24.84 -116.90 -31.66
C THR ZB 55 23.78 -117.69 -32.39
N ARG ZB 56 22.72 -118.06 -31.68
CA ARG ZB 56 21.60 -118.76 -32.26
C ARG ZB 56 20.38 -117.84 -32.22
N VAL ZB 57 19.79 -117.60 -33.38
CA VAL ZB 57 18.59 -116.79 -33.51
C VAL ZB 57 17.53 -117.61 -34.22
N ASP ZB 58 16.32 -117.61 -33.69
CA ASP ZB 58 15.28 -118.43 -34.29
C ASP ZB 58 14.89 -117.88 -35.65
N PRO ZB 59 15.07 -118.64 -36.73
CA PRO ZB 59 14.89 -118.06 -38.07
C PRO ZB 59 13.48 -118.10 -38.62
N THR ZB 60 12.47 -117.77 -37.81
CA THR ZB 60 11.14 -117.52 -38.37
C THR ZB 60 10.60 -116.19 -37.85
N THR ZB 61 10.90 -115.86 -36.59
CA THR ZB 61 10.55 -114.55 -36.04
C THR ZB 61 11.76 -113.76 -35.57
N GLY ZB 62 12.92 -114.40 -35.39
CA GLY ZB 62 14.12 -113.68 -35.03
C GLY ZB 62 14.33 -113.48 -33.55
N VAL ZB 63 14.03 -114.47 -32.73
CA VAL ZB 63 14.23 -114.38 -31.29
C VAL ZB 63 15.54 -115.06 -30.93
N LEU ZB 64 16.41 -114.34 -30.22
CA LEU ZB 64 17.72 -114.84 -29.84
C LEU ZB 64 17.57 -115.96 -28.82
N ILE ZB 65 17.88 -117.19 -29.24
CA ILE ZB 65 17.83 -118.32 -28.33
C ILE ZB 65 18.94 -118.25 -27.30
N GLY ZB 66 20.17 -118.02 -27.73
CA GLY ZB 66 21.27 -118.02 -26.80
C GLY ZB 66 22.56 -117.58 -27.48
N ILE ZB 67 23.52 -117.24 -26.64
CA ILE ZB 67 24.87 -116.87 -27.06
C ILE ZB 67 25.87 -117.53 -26.12
N VAL ZB 68 26.87 -118.18 -26.70
CA VAL ZB 68 28.05 -118.60 -25.97
C VAL ZB 68 29.24 -117.88 -26.57
N ASN ZB 69 29.94 -117.10 -25.76
CA ASN ZB 69 31.04 -116.27 -26.23
C ASN ZB 69 32.30 -116.62 -25.45
N VAL ZB 70 33.42 -116.72 -26.17
CA VAL ZB 70 34.73 -116.91 -25.56
C VAL ZB 70 35.56 -115.69 -25.88
N SER ZB 71 35.92 -114.93 -24.85
CA SER ZB 71 36.68 -113.71 -25.01
C SER ZB 71 38.01 -113.85 -24.29
N SER ZB 72 39.06 -113.26 -24.86
CA SER ZB 72 40.38 -113.26 -24.27
C SER ZB 72 40.87 -111.83 -24.13
N SER ZB 73 41.55 -111.56 -23.02
CA SER ZB 73 42.19 -110.26 -22.80
C SER ZB 73 43.56 -110.59 -22.21
N ILE ZB 74 44.55 -110.72 -23.08
CA ILE ZB 74 45.89 -111.14 -22.69
C ILE ZB 74 46.85 -109.98 -22.95
N ARG ZB 75 47.77 -109.79 -22.01
CA ARG ZB 75 48.81 -108.78 -22.17
C ARG ZB 75 49.55 -108.98 -23.48
N ALA ZB 76 49.83 -107.86 -24.16
CA ALA ZB 76 50.58 -107.92 -25.41
C ALA ZB 76 51.96 -108.53 -25.21
N ASP ZB 77 52.52 -108.39 -24.00
CA ASP ZB 77 53.83 -108.93 -23.70
C ASP ZB 77 53.79 -110.34 -23.12
N ALA ZB 78 52.60 -110.89 -22.88
CA ALA ZB 78 52.50 -112.18 -22.22
C ALA ZB 78 53.13 -113.28 -23.06
N THR ZB 79 53.79 -114.21 -22.39
CA THR ZB 79 54.52 -115.26 -23.07
C THR ZB 79 53.56 -116.25 -23.72
N ALA ZB 80 54.06 -116.96 -24.73
CA ALA ZB 80 53.27 -118.01 -25.35
C ALA ZB 80 52.94 -119.11 -24.35
N ALA ZB 81 53.81 -119.31 -23.35
CA ALA ZB 81 53.49 -120.27 -22.29
C ALA ZB 81 52.27 -119.83 -21.50
N ASP ZB 82 52.18 -118.55 -21.17
CA ASP ZB 82 51.00 -118.04 -20.47
C ASP ZB 82 49.74 -118.24 -21.30
N LYS ZB 83 49.81 -117.94 -22.60
CA LYS ZB 83 48.63 -118.05 -23.45
C LYS ZB 83 48.21 -119.51 -23.62
N THR ZB 84 49.18 -120.40 -23.79
CA THR ZB 84 48.86 -121.82 -23.89
C THR ZB 84 48.26 -122.33 -22.58
N ALA ZB 85 48.81 -121.90 -21.44
CA ALA ZB 85 48.26 -122.31 -20.15
C ALA ZB 85 46.84 -121.82 -19.98
N LEU ZB 86 46.57 -120.57 -20.34
CA LEU ZB 86 45.23 -120.03 -20.21
C LEU ZB 86 44.24 -120.80 -21.06
N MET ZB 87 44.60 -121.04 -22.33
CA MET ZB 87 43.71 -121.77 -23.22
C MET ZB 87 43.50 -123.19 -22.72
N ALA ZB 88 44.55 -123.85 -22.24
CA ALA ZB 88 44.43 -125.22 -21.78
C ALA ZB 88 43.57 -125.33 -20.52
N ILE ZB 89 43.76 -124.42 -19.57
CA ILE ZB 89 42.95 -124.44 -18.36
C ILE ZB 89 41.49 -124.21 -18.71
N ILE ZB 90 41.20 -123.20 -19.54
CA ILE ZB 90 39.80 -122.92 -19.84
C ILE ZB 90 39.17 -124.06 -20.64
N THR ZB 91 39.93 -124.69 -21.54
CA THR ZB 91 39.38 -125.80 -22.31
C THR ZB 91 39.12 -127.01 -21.42
N ALA ZB 92 40.02 -127.28 -20.48
CA ALA ZB 92 39.81 -128.38 -19.54
C ALA ZB 92 38.60 -128.11 -18.64
N ALA ZB 93 38.43 -126.86 -18.20
CA ALA ZB 93 37.28 -126.53 -17.38
C ALA ZB 93 35.98 -126.69 -18.16
N GLN ZB 94 35.97 -126.27 -19.43
CA GLN ZB 94 34.78 -126.47 -20.26
C GLN ZB 94 34.49 -127.95 -20.46
N ALA ZB 95 35.54 -128.76 -20.65
CA ALA ZB 95 35.35 -130.19 -20.77
C ALA ZB 95 34.86 -130.81 -19.47
N ASP ZB 96 35.11 -130.16 -18.33
CA ASP ZB 96 34.59 -130.63 -17.06
C ASP ZB 96 33.07 -130.47 -17.03
N GLY ZB 97 32.42 -131.29 -16.20
CA GLY ZB 97 30.98 -131.28 -16.11
C GLY ZB 97 30.43 -130.09 -15.33
N ALA ZB 98 31.27 -129.42 -14.55
CA ALA ZB 98 30.81 -128.25 -13.80
C ALA ZB 98 30.33 -127.18 -14.75
N TRP ZB 99 31.00 -127.01 -15.89
CA TRP ZB 99 30.53 -126.06 -16.90
C TRP ZB 99 29.22 -126.52 -17.52
N THR ZB 100 29.11 -127.82 -17.80
CA THR ZB 100 27.89 -128.34 -18.40
C THR ZB 100 26.71 -128.24 -17.44
N GLU ZB 101 26.97 -128.08 -16.14
CA GLU ZB 101 25.92 -127.81 -15.18
C GLU ZB 101 25.64 -126.33 -15.02
N LEU ZB 102 26.68 -125.50 -14.95
CA LEU ZB 102 26.51 -124.06 -14.89
C LEU ZB 102 25.67 -123.56 -16.06
N VAL ZB 103 26.00 -123.99 -17.26
CA VAL ZB 103 25.08 -123.87 -18.37
C VAL ZB 103 24.05 -124.98 -18.25
N THR ZB 104 22.81 -124.68 -18.61
CA THR ZB 104 21.67 -125.61 -18.60
C THR ZB 104 21.14 -125.91 -17.20
N ASP ZB 105 21.82 -125.51 -16.14
CA ASP ZB 105 21.23 -125.68 -14.82
C ASP ZB 105 21.47 -124.53 -13.87
N GLN ZB 106 22.44 -123.65 -14.14
CA GLN ZB 106 22.87 -122.62 -13.19
C GLN ZB 106 23.29 -123.26 -11.86
N ARG ZB 107 23.98 -124.39 -11.98
CA ARG ZB 107 24.44 -125.14 -10.82
C ARG ZB 107 25.92 -124.84 -10.58
N LEU ZB 108 26.21 -124.27 -9.48
CA LEU ZB 108 27.57 -123.93 -9.11
C LEU ZB 108 28.29 -125.16 -8.55
N PRO ZB 109 29.61 -125.20 -8.68
CA PRO ZB 109 30.36 -126.32 -8.10
C PRO ZB 109 30.48 -126.23 -6.60
N LEU ZB 110 29.35 -126.27 -5.90
CA LEU ZB 110 29.35 -126.26 -4.44
C LEU ZB 110 28.38 -127.28 -3.84
N ALA ZB 111 27.57 -127.96 -4.65
CA ALA ZB 111 26.68 -128.98 -4.12
C ALA ZB 111 27.48 -130.14 -3.56
N THR ZB 112 26.97 -130.74 -2.48
CA THR ZB 112 27.65 -131.84 -1.81
C THR ZB 112 27.36 -133.19 -2.46
N VAL ZB 113 26.49 -133.25 -3.46
CA VAL ZB 113 26.12 -134.48 -4.15
C VAL ZB 113 25.52 -135.50 -3.19
N SER AC 1 70.64 112.91 4.89
CA SER AC 1 70.10 114.02 5.65
C SER AC 1 69.83 115.22 4.74
N LYS AC 2 70.87 115.69 4.05
CA LYS AC 2 70.76 116.87 3.21
C LYS AC 2 71.62 116.64 1.97
N VAL AC 3 71.98 117.72 1.28
CA VAL AC 3 72.64 117.64 -0.02
C VAL AC 3 73.86 116.70 -0.01
N PHE AC 4 73.79 115.66 -0.83
CA PHE AC 4 74.87 114.70 -1.02
C PHE AC 4 75.08 114.49 -2.50
N ASN AC 5 76.35 114.52 -2.93
CA ASN AC 5 76.70 114.37 -4.34
C ASN AC 5 75.94 115.41 -5.18
N THR AC 6 75.85 116.63 -4.63
CA THR AC 6 75.15 117.77 -5.22
C THR AC 6 73.67 117.50 -5.47
N GLN AC 7 73.05 116.58 -4.73
CA GLN AC 7 71.61 116.35 -4.82
C GLN AC 7 70.97 116.57 -3.46
N THR AC 8 69.82 117.23 -3.46
CA THR AC 8 69.12 117.58 -2.23
C THR AC 8 68.18 116.45 -1.85
N PHE AC 9 68.42 115.85 -0.68
CA PHE AC 9 67.57 114.78 -0.18
C PHE AC 9 66.70 115.34 0.94
N ASP AC 10 65.40 115.34 0.72
CA ASP AC 10 64.42 115.79 1.69
C ASP AC 10 63.64 114.59 2.21
N ILE AC 11 63.15 114.72 3.44
CA ILE AC 11 62.46 113.61 4.09
C ILE AC 11 61.19 113.30 3.31
N TYR AC 12 61.02 112.04 2.95
CA TYR AC 12 59.77 111.58 2.36
C TYR AC 12 58.92 110.79 3.34
N SER AC 13 59.54 110.05 4.24
CA SER AC 13 58.76 109.18 5.11
C SER AC 13 59.51 108.97 6.42
N THR AC 14 58.75 108.79 7.50
CA THR AC 14 59.31 108.53 8.81
C THR AC 14 58.54 107.39 9.46
N GLU AC 15 59.25 106.34 9.82
CA GLU AC 15 58.69 105.22 10.55
C GLU AC 15 59.20 105.25 11.98
N LYS AC 16 58.87 104.20 12.73
CA LYS AC 16 59.42 104.06 14.07
C LYS AC 16 60.93 103.93 14.02
N ASP AC 17 61.45 103.18 13.04
CA ASP AC 17 62.88 102.94 12.96
C ASP AC 17 63.46 103.14 11.57
N VAL AC 18 62.70 103.70 10.63
CA VAL AC 18 63.20 104.01 9.31
C VAL AC 18 62.89 105.46 8.99
N VAL AC 19 63.87 106.18 8.45
CA VAL AC 19 63.65 107.47 7.82
C VAL AC 19 64.04 107.32 6.37
N SER AC 20 63.14 107.72 5.47
CA SER AC 20 63.39 107.68 4.03
C SER AC 20 63.37 109.11 3.48
N LEU AC 21 64.42 109.44 2.73
CA LEU AC 21 64.56 110.71 2.06
C LEU AC 21 64.61 110.47 0.56
N ARG AC 22 64.10 111.44 -0.19
CA ARG AC 22 64.09 111.36 -1.64
C ARG AC 22 64.70 112.62 -2.22
N ASP AC 23 65.16 112.53 -3.46
CA ASP AC 23 65.72 113.70 -4.12
C ASP AC 23 64.63 114.69 -4.50
N PHE AC 24 63.54 114.20 -5.09
CA PHE AC 24 62.41 115.01 -5.52
C PHE AC 24 62.78 115.90 -6.69
N ALA AC 25 64.05 115.90 -7.07
CA ALA AC 25 64.52 116.63 -8.25
C ALA AC 25 64.71 115.71 -9.44
N ASN AC 26 65.53 114.67 -9.31
CA ASN AC 26 65.60 113.66 -10.35
C ASN AC 26 64.64 112.51 -10.12
N ASP AC 27 64.01 112.45 -8.94
CA ASP AC 27 62.96 111.47 -8.65
C ASP AC 27 63.42 110.04 -8.89
N LYS AC 28 64.69 109.76 -8.65
CA LYS AC 28 65.21 108.43 -8.86
C LYS AC 28 66.00 107.87 -7.69
N ASP AC 29 66.33 108.68 -6.70
CA ASP AC 29 67.18 108.26 -5.59
C ASP AC 29 66.40 108.28 -4.29
N THR AC 30 66.54 107.23 -3.49
CA THR AC 30 66.00 107.18 -2.14
C THR AC 30 67.10 106.76 -1.17
N LEU AC 31 67.27 107.54 -0.11
CA LEU AC 31 68.24 107.27 0.93
C LEU AC 31 67.49 106.90 2.21
N ALA AC 32 67.78 105.73 2.76
CA ALA AC 32 67.08 105.22 3.93
C ALA AC 32 68.07 105.01 5.08
N TYR AC 33 67.71 105.52 6.25
CA TYR AC 33 68.39 105.28 7.52
C TYR AC 33 67.50 104.36 8.33
N LYS AC 34 68.06 103.29 8.87
CA LYS AC 34 67.28 102.21 9.42
C LYS AC 34 67.97 101.71 10.69
N ARG AC 35 67.16 101.38 11.69
CA ARG AC 35 67.61 101.30 13.08
C ARG AC 35 67.02 100.07 13.77
N LEU AC 36 67.89 99.22 14.34
CA LEU AC 36 67.45 98.09 15.18
C LEU AC 36 68.24 98.11 16.48
N ALA AC 37 67.60 98.50 17.57
CA ALA AC 37 68.25 98.51 18.88
C ALA AC 37 68.66 97.09 19.29
N PRO AC 38 69.76 96.95 20.03
CA PRO AC 38 70.21 95.61 20.43
C PRO AC 38 69.23 94.98 21.42
N LYS AC 39 69.12 93.66 21.35
CA LYS AC 39 68.22 92.91 22.22
C LYS AC 39 69.01 91.91 23.05
N ARG AC 40 68.87 92.00 24.37
CA ARG AC 40 69.59 91.13 25.30
C ARG AC 40 68.86 89.79 25.33
N THR AC 41 69.26 88.91 24.41
CA THR AC 41 68.70 87.56 24.34
C THR AC 41 69.47 86.57 25.18
N LYS AC 42 70.62 86.97 25.72
CA LYS AC 42 71.47 86.09 26.51
C LYS AC 42 72.35 86.96 27.37
N ASP AC 43 73.43 86.36 27.90
CA ASP AC 43 74.43 87.12 28.64
C ASP AC 43 75.01 88.23 27.78
N SER AC 44 74.97 88.06 26.45
CA SER AC 44 75.33 89.15 25.56
C SER AC 44 74.22 90.19 25.54
N PRO AC 45 74.55 91.48 25.49
CA PRO AC 45 73.51 92.51 25.44
C PRO AC 45 72.89 92.70 24.07
N GLY AC 46 73.29 91.93 23.07
CA GLY AC 46 72.77 92.06 21.73
C GLY AC 46 73.59 93.00 20.86
N MET AC 47 73.28 92.98 19.57
CA MET AC 47 73.98 93.78 18.58
C MET AC 47 73.05 94.85 18.02
N ALA AC 48 73.54 96.08 17.97
CA ALA AC 48 72.77 97.21 17.44
C ALA AC 48 72.97 97.28 15.93
N LYS AC 49 71.89 97.09 15.18
CA LYS AC 49 71.93 97.17 13.73
C LYS AC 49 71.67 98.59 13.26
N SER AC 50 72.52 99.06 12.35
CA SER AC 50 72.26 100.25 11.58
C SER AC 50 72.25 99.88 10.11
N GLU AC 51 71.55 100.68 9.31
CA GLU AC 51 71.50 100.40 7.88
C GLU AC 51 71.33 101.71 7.14
N LEU AC 52 72.16 101.95 6.13
CA LEU AC 52 72.14 103.17 5.36
C LEU AC 52 72.19 102.81 3.89
N LYS AC 53 71.06 102.89 3.21
CA LYS AC 53 70.99 102.40 1.85
C LYS AC 53 70.62 103.52 0.89
N ILE AC 54 71.27 103.52 -0.28
CA ILE AC 54 70.91 104.39 -1.39
C ILE AC 54 70.40 103.50 -2.52
N THR AC 55 69.18 103.77 -2.97
CA THR AC 55 68.56 103.02 -4.05
C THR AC 55 68.27 103.96 -5.21
N ARG AC 56 68.63 103.53 -6.41
CA ARG AC 56 68.35 104.26 -7.63
C ARG AC 56 67.38 103.46 -8.48
N VAL AC 57 66.26 104.09 -8.83
CA VAL AC 57 65.26 103.48 -9.70
C VAL AC 57 64.96 104.49 -10.80
N ASP AC 58 65.09 104.05 -12.05
CA ASP AC 58 64.84 105.02 -13.11
C ASP AC 58 63.36 105.38 -13.16
N PRO AC 59 63.02 106.66 -13.27
CA PRO AC 59 61.61 107.06 -13.16
C PRO AC 59 60.86 107.04 -14.48
N THR AC 60 61.03 106.00 -15.29
CA THR AC 60 60.21 105.85 -16.49
C THR AC 60 59.44 104.54 -16.45
N THR AC 61 60.12 103.45 -16.10
CA THR AC 61 59.48 102.16 -15.90
C THR AC 61 59.65 101.63 -14.49
N GLY AC 62 60.43 102.31 -13.65
CA GLY AC 62 60.62 101.88 -12.29
C GLY AC 62 61.61 100.75 -12.10
N VAL AC 63 62.49 100.52 -13.07
CA VAL AC 63 63.47 99.46 -12.99
C VAL AC 63 64.55 99.88 -12.00
N LEU AC 64 64.96 98.95 -11.14
CA LEU AC 64 65.95 99.25 -10.13
C LEU AC 64 67.34 99.19 -10.74
N ILE AC 65 68.00 100.33 -10.86
CA ILE AC 65 69.33 100.38 -11.43
C ILE AC 65 70.35 99.76 -10.49
N GLY AC 66 70.33 100.13 -9.21
CA GLY AC 66 71.30 99.58 -8.28
C GLY AC 66 71.08 100.10 -6.88
N ILE AC 67 71.61 99.33 -5.93
CA ILE AC 67 71.54 99.65 -4.51
C ILE AC 67 72.94 99.56 -3.93
N VAL AC 68 73.32 100.53 -3.11
CA VAL AC 68 74.51 100.47 -2.29
C VAL AC 68 74.06 100.59 -0.83
N ASN AC 69 74.47 99.62 -0.01
CA ASN AC 69 74.02 99.54 1.38
C ASN AC 69 75.23 99.56 2.31
N VAL AC 70 75.12 100.31 3.40
CA VAL AC 70 76.12 100.32 4.45
C VAL AC 70 75.44 99.84 5.73
N SER AC 71 75.79 98.63 6.16
CA SER AC 71 75.17 98.02 7.33
C SER AC 71 76.22 97.81 8.42
N SER AC 72 75.84 98.11 9.65
CA SER AC 72 76.69 97.86 10.80
C SER AC 72 75.93 96.99 11.80
N SER AC 73 76.66 96.11 12.46
CA SER AC 73 76.12 95.24 13.51
C SER AC 73 77.18 95.20 14.60
N ILE AC 74 76.96 95.98 15.65
CA ILE AC 74 77.96 96.19 16.70
C ILE AC 74 77.37 95.84 18.05
N ARG AC 75 78.19 95.20 18.89
CA ARG AC 75 77.77 94.82 20.24
C ARG AC 75 77.30 96.03 21.02
N ALA AC 76 76.27 95.82 21.84
CA ALA AC 76 75.77 96.91 22.68
C ALA AC 76 76.83 97.39 23.65
N ASP AC 77 77.61 96.47 24.23
CA ASP AC 77 78.65 96.81 25.17
C ASP AC 77 79.91 97.34 24.49
N ALA AC 78 79.98 97.30 23.16
CA ALA AC 78 81.21 97.62 22.46
C ALA AC 78 81.60 99.07 22.71
N THR AC 79 82.91 99.29 22.80
CA THR AC 79 83.44 100.60 23.11
C THR AC 79 83.27 101.55 21.93
N ALA AC 80 83.26 102.85 22.24
CA ALA AC 80 83.25 103.86 21.18
C ALA AC 80 84.52 103.79 20.35
N ALA AC 81 85.63 103.35 20.95
CA ALA AC 81 86.86 103.17 20.20
C ALA AC 81 86.71 102.10 19.13
N ASP AC 82 86.05 100.98 19.47
CA ASP AC 82 85.81 99.94 18.48
C ASP AC 82 84.96 100.47 17.33
N LYS AC 83 83.92 101.24 17.64
CA LYS AC 83 83.03 101.74 16.61
C LYS AC 83 83.72 102.76 15.72
N THR AC 84 84.51 103.65 16.32
CA THR AC 84 85.26 104.62 15.54
C THR AC 84 86.28 103.92 14.64
N ALA AC 85 86.94 102.89 15.17
CA ALA AC 85 87.90 102.15 14.36
C ALA AC 85 87.22 101.46 13.21
N LEU AC 86 86.07 100.83 13.45
CA LEU AC 86 85.35 100.16 12.37
C LEU AC 86 84.95 101.15 11.29
N MET AC 87 84.40 102.30 11.68
CA MET AC 87 83.98 103.29 10.70
C MET AC 87 85.17 103.84 9.92
N ALA AC 88 86.28 104.14 10.60
CA ALA AC 88 87.47 104.65 9.92
C ALA AC 88 88.02 103.62 8.95
N ILE AC 89 88.07 102.35 9.35
CA ILE AC 89 88.63 101.32 8.47
C ILE AC 89 87.77 101.16 7.23
N ILE AC 90 86.46 101.05 7.41
CA ILE AC 90 85.59 100.84 6.26
C ILE AC 90 85.60 102.08 5.36
N THR AC 91 85.69 103.28 5.94
CA THR AC 91 85.74 104.49 5.14
C THR AC 91 87.03 104.57 4.33
N ALA AC 92 88.17 104.24 4.95
CA ALA AC 92 89.43 104.24 4.23
C ALA AC 92 89.44 103.20 3.12
N ALA AC 93 88.85 102.03 3.38
CA ALA AC 93 88.76 101.01 2.35
C ALA AC 93 87.88 101.46 1.20
N GLN AC 94 86.79 102.15 1.50
CA GLN AC 94 85.93 102.70 0.45
C GLN AC 94 86.66 103.75 -0.37
N ALA AC 95 87.43 104.61 0.29
CA ALA AC 95 88.20 105.62 -0.42
C ALA AC 95 89.26 105.01 -1.31
N ASP AC 96 89.73 103.80 -1.00
CA ASP AC 96 90.69 103.11 -1.84
C ASP AC 96 90.05 102.72 -3.18
N GLY AC 97 90.89 102.66 -4.21
CA GLY AC 97 90.41 102.29 -5.53
C GLY AC 97 90.07 100.83 -5.67
N ALA AC 98 90.52 99.99 -4.74
CA ALA AC 98 90.15 98.58 -4.78
C ALA AC 98 88.65 98.41 -4.68
N TRP AC 99 88.00 99.17 -3.80
CA TRP AC 99 86.54 99.14 -3.71
C TRP AC 99 85.90 99.70 -4.98
N THR AC 100 86.50 100.76 -5.53
CA THR AC 100 85.95 101.37 -6.74
C THR AC 100 86.07 100.44 -7.95
N GLU AC 101 86.93 99.43 -7.87
CA GLU AC 101 87.01 98.39 -8.89
C GLU AC 101 86.11 97.21 -8.58
N LEU AC 102 86.07 96.80 -7.31
CA LEU AC 102 85.12 95.77 -6.87
C LEU AC 102 83.71 96.12 -7.30
N VAL AC 103 83.32 97.36 -7.10
CA VAL AC 103 82.11 97.87 -7.71
C VAL AC 103 82.49 98.38 -9.11
N THR AC 104 81.58 98.19 -10.06
CA THR AC 104 81.74 98.55 -11.49
C THR AC 104 82.65 97.63 -12.28
N ASP AC 105 83.40 96.75 -11.63
CA ASP AC 105 84.29 95.85 -12.37
C ASP AC 105 84.24 94.41 -11.90
N GLN AC 106 83.75 94.13 -10.70
CA GLN AC 106 83.82 92.81 -10.11
C GLN AC 106 85.28 92.32 -10.07
N ARG AC 107 86.15 93.22 -9.65
CA ARG AC 107 87.59 92.98 -9.61
C ARG AC 107 88.04 92.88 -8.16
N LEU AC 108 88.69 91.77 -7.82
CA LEU AC 108 89.25 91.58 -6.50
C LEU AC 108 90.60 92.29 -6.38
N PRO AC 109 91.02 92.65 -5.17
CA PRO AC 109 92.29 93.40 -5.02
C PRO AC 109 93.50 92.49 -5.04
N LEU AC 110 93.55 91.55 -5.96
CA LEU AC 110 94.65 90.60 -6.05
C LEU AC 110 95.43 90.67 -7.35
N ALA AC 111 95.10 91.60 -8.24
CA ALA AC 111 95.87 91.77 -9.45
C ALA AC 111 97.31 92.15 -9.11
N THR AC 112 98.23 91.76 -9.98
CA THR AC 112 99.64 92.10 -9.82
C THR AC 112 99.98 93.47 -10.42
N VAL AC 113 99.02 94.13 -11.06
CA VAL AC 113 99.17 95.47 -11.63
C VAL AC 113 100.19 95.50 -12.76
N SER BC 1 92.82 96.71 0.58
CA SER BC 1 94.06 96.18 0.05
C SER BC 1 95.23 96.37 1.03
N LYS BC 2 95.57 97.63 1.31
CA LYS BC 2 96.76 97.96 2.07
C LYS BC 2 96.34 98.83 3.25
N VAL BC 3 97.32 99.52 3.84
CA VAL BC 3 97.17 100.24 5.10
C VAL BC 3 95.93 101.13 5.10
N PHE BC 4 95.03 100.85 6.04
CA PHE BC 4 93.81 101.62 6.23
C PHE BC 4 93.69 101.99 7.70
N ASN BC 5 93.39 103.25 7.97
CA ASN BC 5 93.27 103.76 9.34
C ASN BC 5 94.56 103.47 10.11
N THR BC 6 95.70 103.73 9.47
CA THR BC 6 97.05 103.53 9.98
C THR BC 6 97.38 102.06 10.25
N GLN BC 7 96.50 101.13 9.93
CA GLN BC 7 96.71 99.71 10.19
C GLN BC 7 97.02 98.98 8.89
N THR BC 8 98.08 98.17 8.91
CA THR BC 8 98.50 97.40 7.76
C THR BC 8 97.68 96.13 7.68
N PHE BC 9 96.98 95.92 6.57
CA PHE BC 9 96.17 94.74 6.35
C PHE BC 9 96.88 93.86 5.34
N ASP BC 10 97.45 92.75 5.82
CA ASP BC 10 98.13 91.78 4.98
C ASP BC 10 97.19 90.64 4.66
N ILE BC 11 97.41 90.00 3.51
CA ILE BC 11 96.44 89.04 3.00
C ILE BC 11 96.33 87.84 3.94
N TYR BC 12 95.11 87.49 4.31
CA TYR BC 12 94.86 86.38 5.21
C TYR BC 12 94.35 85.13 4.50
N SER BC 13 93.55 85.29 3.45
CA SER BC 13 93.09 84.16 2.65
C SER BC 13 92.57 84.67 1.32
N THR BC 14 92.56 83.78 0.33
CA THR BC 14 92.02 84.10 -0.99
C THR BC 14 91.13 82.97 -1.45
N GLU BC 15 89.92 83.31 -1.89
CA GLU BC 15 88.96 82.35 -2.39
C GLU BC 15 88.62 82.65 -3.85
N LYS BC 16 87.64 81.91 -4.36
CA LYS BC 16 87.10 82.18 -5.69
C LYS BC 16 86.59 83.61 -5.80
N ASP BC 17 85.87 84.07 -4.78
CA ASP BC 17 85.21 85.36 -4.84
C ASP BC 17 85.48 86.22 -3.63
N VAL BC 18 86.27 85.76 -2.68
CA VAL BC 18 86.55 86.48 -1.45
C VAL BC 18 88.05 86.61 -1.28
N VAL BC 19 88.50 87.82 -0.98
CA VAL BC 19 89.87 88.08 -0.57
C VAL BC 19 89.82 88.70 0.81
N SER BC 20 90.48 88.06 1.77
CA SER BC 20 90.44 88.46 3.16
C SER BC 20 91.83 88.86 3.60
N LEU BC 21 91.93 90.03 4.23
CA LEU BC 21 93.16 90.56 4.77
C LEU BC 21 93.03 90.70 6.29
N ARG BC 22 94.16 90.58 6.98
CA ARG BC 22 94.18 90.71 8.42
C ARG BC 22 95.24 91.74 8.79
N ASP BC 23 95.05 92.39 9.95
CA ASP BC 23 96.06 93.29 10.46
C ASP BC 23 97.32 92.54 10.86
N PHE BC 24 97.17 91.47 11.64
CA PHE BC 24 98.26 90.64 12.17
C PHE BC 24 99.08 91.38 13.22
N ALA BC 25 98.78 92.66 13.41
CA ALA BC 25 99.38 93.44 14.49
C ALA BC 25 98.52 93.43 15.75
N ASN BC 26 97.30 93.95 15.66
CA ASN BC 26 96.32 93.77 16.72
C ASN BC 26 95.56 92.46 16.57
N ASP BC 27 95.71 91.78 15.43
CA ASP BC 27 95.19 90.43 15.22
C ASP BC 27 93.69 90.34 15.48
N LYS BC 28 92.97 91.45 15.27
CA LYS BC 28 91.55 91.47 15.57
C LYS BC 28 90.68 91.96 14.42
N ASP BC 29 91.26 92.55 13.38
CA ASP BC 29 90.51 93.15 12.29
C ASP BC 29 90.71 92.36 11.02
N THR BC 30 89.61 92.06 10.33
CA THR BC 30 89.63 91.33 9.08
C THR BC 30 88.81 92.08 8.05
N LEU BC 31 89.41 92.35 6.89
CA LEU BC 31 88.78 93.07 5.80
C LEU BC 31 88.59 92.13 4.63
N ALA BC 32 87.34 91.97 4.19
CA ALA BC 32 87.01 91.03 3.13
C ALA BC 32 86.41 91.78 1.95
N TYR BC 33 86.85 91.39 0.75
CA TYR BC 33 86.30 91.83 -0.52
C TYR BC 33 85.62 90.64 -1.17
N LYS BC 34 84.34 90.79 -1.50
CA LYS BC 34 83.51 89.69 -1.94
C LYS BC 34 82.84 90.07 -3.26
N ARG BC 35 82.75 89.10 -4.15
CA ARG BC 35 82.37 89.32 -5.54
C ARG BC 35 81.31 88.32 -5.96
N LEU BC 36 80.26 88.80 -6.63
CA LEU BC 36 79.24 87.91 -7.20
C LEU BC 36 78.87 88.44 -8.56
N ALA BC 37 79.41 87.83 -9.61
CA ALA BC 37 79.13 88.31 -10.96
C ALA BC 37 77.65 88.18 -11.30
N PRO BC 38 77.12 89.07 -12.14
CA PRO BC 38 75.71 88.96 -12.53
C PRO BC 38 75.44 87.68 -13.29
N LYS BC 39 74.25 87.13 -13.06
CA LYS BC 39 73.81 85.92 -13.74
C LYS BC 39 72.60 86.26 -14.59
N ARG BC 40 72.67 85.91 -15.88
CA ARG BC 40 71.64 86.25 -16.86
C ARG BC 40 70.56 85.18 -16.84
N THR BC 41 69.79 85.18 -15.76
CA THR BC 41 68.73 84.19 -15.58
C THR BC 41 67.50 84.48 -16.41
N LYS BC 42 67.39 85.68 -16.97
CA LYS BC 42 66.26 86.06 -17.80
C LYS BC 42 66.74 87.12 -18.78
N ASP BC 43 65.80 87.85 -19.37
CA ASP BC 43 66.12 88.99 -20.22
C ASP BC 43 66.97 89.99 -19.45
N SER BC 44 66.83 90.00 -18.13
CA SER BC 44 67.71 90.78 -17.30
C SER BC 44 69.15 90.32 -17.48
N PRO BC 45 70.13 91.23 -17.54
CA PRO BC 45 71.53 90.80 -17.53
C PRO BC 45 72.01 90.37 -16.16
N GLY BC 46 71.14 90.34 -15.16
CA GLY BC 46 71.51 90.00 -13.81
C GLY BC 46 72.01 91.20 -13.02
N MET BC 47 72.30 90.94 -11.75
CA MET BC 47 72.81 91.96 -10.85
C MET BC 47 74.22 91.61 -10.42
N ALA BC 48 75.14 92.56 -10.55
CA ALA BC 48 76.50 92.40 -10.05
C ALA BC 48 76.52 92.77 -8.58
N LYS BC 49 76.83 91.80 -7.73
CA LYS BC 49 76.92 92.01 -6.29
C LYS BC 49 78.37 92.20 -5.88
N SER BC 50 78.60 93.16 -5.00
CA SER BC 50 79.89 93.27 -4.34
C SER BC 50 79.66 93.42 -2.84
N GLU BC 51 80.72 93.16 -2.08
CA GLU BC 51 80.63 93.32 -0.63
C GLU BC 51 82.00 93.69 -0.09
N LEU BC 52 82.05 94.69 0.77
CA LEU BC 52 83.29 95.09 1.43
C LEU BC 52 83.01 95.14 2.92
N LYS BC 53 83.52 94.16 3.66
CA LYS BC 53 83.17 94.02 5.07
C LYS BC 53 84.40 94.12 5.95
N ILE BC 54 84.25 94.79 7.08
CA ILE BC 54 85.26 94.84 8.12
C ILE BC 54 84.69 94.20 9.37
N THR BC 55 85.44 93.28 9.95
CA THR BC 55 85.02 92.56 11.13
C THR BC 55 86.06 92.71 12.21
N ARG BC 56 85.62 93.08 13.40
CA ARG BC 56 86.47 93.13 14.58
C ARG BC 56 86.01 92.07 15.56
N VAL BC 57 86.94 91.23 16.00
CA VAL BC 57 86.68 90.27 17.06
C VAL BC 57 87.77 90.45 18.11
N ASP BC 58 87.43 90.14 19.34
CA ASP BC 58 88.46 90.20 20.37
C ASP BC 58 89.32 88.94 20.28
N PRO BC 59 90.60 89.04 19.97
CA PRO BC 59 91.37 87.82 19.68
C PRO BC 59 91.93 87.15 20.93
N THR BC 60 91.15 87.09 22.00
CA THR BC 60 91.48 86.25 23.13
C THR BC 60 90.34 85.29 23.41
N THR BC 61 89.12 85.83 23.48
CA THR BC 61 87.93 85.03 23.72
C THR BC 61 87.08 84.87 22.48
N GLY BC 62 87.44 85.49 21.37
CA GLY BC 62 86.69 85.33 20.15
C GLY BC 62 85.29 85.89 20.17
N VAL BC 63 85.07 87.02 20.82
CA VAL BC 63 83.78 87.68 20.83
C VAL BC 63 83.75 88.69 19.70
N LEU BC 64 82.68 88.65 18.89
CA LEU BC 64 82.54 89.57 17.78
C LEU BC 64 82.19 90.94 18.32
N ILE BC 65 83.11 91.89 18.19
CA ILE BC 65 82.83 93.25 18.64
C ILE BC 65 81.84 93.93 17.73
N GLY BC 66 82.03 93.82 16.41
CA GLY BC 66 81.12 94.44 15.47
C GLY BC 66 81.56 94.25 14.04
N ILE BC 67 80.60 94.45 13.14
CA ILE BC 67 80.80 94.33 11.70
C ILE BC 67 80.23 95.57 11.02
N VAL BC 68 80.93 96.07 10.00
CA VAL BC 68 80.41 97.08 9.10
C VAL BC 68 80.56 96.56 7.68
N ASN BC 69 79.46 96.58 6.92
CA ASN BC 69 79.39 95.97 5.61
C ASN BC 69 79.03 97.04 4.58
N VAL BC 70 79.70 97.02 3.44
CA VAL BC 70 79.34 97.85 2.30
C VAL BC 70 79.03 96.92 1.14
N SER BC 71 77.75 96.75 0.85
CA SER BC 71 77.29 95.87 -0.21
C SER BC 71 76.70 96.69 -1.35
N SER BC 72 76.96 96.26 -2.58
CA SER BC 72 76.38 96.88 -3.75
C SER BC 72 75.66 95.82 -4.57
N SER BC 73 74.50 96.19 -5.08
CA SER BC 73 73.73 95.34 -6.00
C SER BC 73 73.34 96.23 -7.18
N ILE BC 74 74.18 96.25 -8.20
CA ILE BC 74 74.00 97.11 -9.36
C ILE BC 74 73.71 96.24 -10.57
N ARG BC 75 72.78 96.70 -11.41
CA ARG BC 75 72.45 95.98 -12.62
C ARG BC 75 73.68 95.85 -13.51
N ALA BC 76 73.81 94.71 -14.18
CA ALA BC 76 74.95 94.49 -15.07
C ALA BC 76 74.97 95.50 -16.20
N ASP BC 77 73.80 95.89 -16.70
CA ASP BC 77 73.70 96.87 -17.77
C ASP BC 77 73.82 98.31 -17.28
N ALA BC 78 73.79 98.53 -15.97
CA ALA BC 78 73.77 99.89 -15.44
C ALA BC 78 75.02 100.64 -15.82
N THR BC 79 74.82 101.85 -16.32
CA THR BC 79 75.93 102.66 -16.81
C THR BC 79 76.84 103.08 -15.67
N ALA BC 80 78.08 103.40 -16.02
CA ALA BC 80 79.04 103.86 -15.02
C ALA BC 80 78.58 105.15 -14.37
N ALA BC 81 77.72 105.91 -15.03
CA ALA BC 81 77.16 107.11 -14.42
C ALA BC 81 76.34 106.77 -13.18
N ASP BC 82 75.46 105.77 -13.29
CA ASP BC 82 74.66 105.37 -12.14
C ASP BC 82 75.52 104.83 -11.02
N LYS BC 83 76.53 104.01 -11.36
CA LYS BC 83 77.39 103.44 -10.34
C LYS BC 83 78.22 104.52 -9.63
N THR BC 84 78.75 105.47 -10.39
CA THR BC 84 79.50 106.56 -9.78
C THR BC 84 78.61 107.45 -8.92
N ALA BC 85 77.38 107.70 -9.37
CA ALA BC 85 76.45 108.48 -8.56
C ALA BC 85 76.10 107.75 -7.28
N LEU BC 86 75.89 106.43 -7.36
CA LEU BC 86 75.59 105.63 -6.19
C LEU BC 86 76.73 105.70 -5.17
N MET BC 87 77.97 105.53 -5.64
CA MET BC 87 79.09 105.60 -4.71
C MET BC 87 79.24 106.99 -4.14
N ALA BC 88 79.08 108.02 -4.97
CA ALA BC 88 79.22 109.39 -4.49
C ALA BC 88 78.20 109.71 -3.42
N ILE BC 89 76.94 109.30 -3.65
CA ILE BC 89 75.89 109.56 -2.67
C ILE BC 89 76.17 108.80 -1.37
N ILE BC 90 76.54 107.52 -1.47
CA ILE BC 90 76.70 106.75 -0.25
C ILE BC 90 77.91 107.22 0.54
N THR BC 91 79.00 107.61 -0.13
CA THR BC 91 80.17 108.13 0.56
C THR BC 91 79.88 109.49 1.18
N ALA BC 92 79.13 110.35 0.47
CA ALA BC 92 78.76 111.63 1.04
C ALA BC 92 77.88 111.45 2.28
N ALA BC 93 76.95 110.49 2.22
CA ALA BC 93 76.11 110.21 3.37
C ALA BC 93 76.93 109.67 4.54
N GLN BC 94 77.90 108.79 4.27
CA GLN BC 94 78.74 108.29 5.34
C GLN BC 94 79.58 109.39 5.96
N ALA BC 95 80.14 110.28 5.14
CA ALA BC 95 80.89 111.41 5.67
C ALA BC 95 80.03 112.34 6.50
N ASP BC 96 78.72 112.36 6.26
CA ASP BC 96 77.81 113.15 7.06
C ASP BC 96 77.70 112.62 8.48
N GLY BC 97 77.34 113.51 9.40
CA GLY BC 97 77.24 113.12 10.80
C GLY BC 97 76.06 112.22 11.11
N ALA BC 98 75.04 112.22 10.26
CA ALA BC 98 73.87 111.38 10.52
C ALA BC 98 74.24 109.91 10.58
N TRP BC 99 75.09 109.45 9.66
CA TRP BC 99 75.56 108.07 9.72
C TRP BC 99 76.37 107.82 10.99
N THR BC 100 77.21 108.79 11.37
CA THR BC 100 78.02 108.65 12.57
C THR BC 100 77.16 108.46 13.82
N GLU BC 101 76.05 109.19 13.93
CA GLU BC 101 75.14 109.00 15.06
C GLU BC 101 74.28 107.76 14.93
N LEU BC 102 73.85 107.41 13.72
CA LEU BC 102 73.07 106.19 13.52
C LEU BC 102 73.85 104.97 14.02
N VAL BC 103 75.14 104.91 13.70
CA VAL BC 103 76.03 104.03 14.43
C VAL BC 103 76.37 104.69 15.76
N THR BC 104 76.66 103.89 16.79
CA THR BC 104 77.05 104.38 18.11
C THR BC 104 75.93 105.10 18.87
N ASP BC 105 74.80 105.39 18.23
CA ASP BC 105 73.69 105.99 18.96
C ASP BC 105 72.34 105.42 18.59
N GLN BC 106 72.21 104.72 17.47
CA GLN BC 106 70.94 104.31 16.92
C GLN BC 106 70.01 105.50 16.78
N ARG BC 107 70.57 106.62 16.32
CA ARG BC 107 69.87 107.88 16.18
C ARG BC 107 69.48 108.10 14.73
N LEU BC 108 68.18 108.20 14.47
CA LEU BC 108 67.70 108.47 13.14
C LEU BC 108 67.80 109.96 12.82
N PRO BC 109 67.97 110.32 11.54
CA PRO BC 109 68.03 111.73 11.18
C PRO BC 109 66.65 112.37 11.20
N LEU BC 110 66.12 112.59 12.40
CA LEU BC 110 64.87 113.29 12.57
C LEU BC 110 64.88 114.26 13.76
N ALA BC 111 66.01 114.42 14.43
CA ALA BC 111 66.07 115.31 15.59
C ALA BC 111 65.94 116.76 15.16
N THR BC 112 65.23 117.54 15.95
CA THR BC 112 65.01 118.96 15.68
C THR BC 112 66.14 119.84 16.18
N VAL BC 113 67.13 119.26 16.86
CA VAL BC 113 68.29 119.99 17.41
C VAL BC 113 67.84 121.05 18.40
N SER CC 1 103.59 72.20 -41.72
CA SER CC 1 103.88 72.01 -43.13
C SER CC 1 105.26 71.42 -43.35
N LYS CC 2 106.29 72.09 -42.83
CA LYS CC 2 107.67 71.67 -43.05
C LYS CC 2 108.45 71.81 -41.76
N VAL CC 3 109.78 71.81 -41.87
CA VAL CC 3 110.70 71.60 -40.76
C VAL CC 3 110.35 72.43 -39.53
N PHE CC 4 110.13 71.74 -38.42
CA PHE CC 4 109.80 72.34 -37.13
C PHE CC 4 110.75 71.76 -36.10
N ASN CC 5 111.33 72.63 -35.27
CA ASN CC 5 112.23 72.20 -34.20
C ASN CC 5 113.37 71.35 -34.78
N THR CC 6 113.88 71.77 -35.94
CA THR CC 6 114.93 71.10 -36.70
C THR CC 6 114.53 69.72 -37.19
N GLN CC 7 113.30 69.28 -36.95
CA GLN CC 7 112.82 67.99 -37.42
C GLN CC 7 112.05 68.20 -38.71
N THR CC 8 112.27 67.32 -39.68
CA THR CC 8 111.56 67.38 -40.95
C THR CC 8 110.26 66.62 -40.81
N PHE CC 9 109.15 67.31 -41.07
CA PHE CC 9 107.84 66.69 -41.05
C PHE CC 9 107.35 66.56 -42.49
N ASP CC 10 107.14 65.34 -42.93
CA ASP CC 10 106.67 65.06 -44.27
C ASP CC 10 105.24 64.55 -44.20
N ILE CC 11 104.46 64.83 -45.24
CA ILE CC 11 103.06 64.43 -45.24
C ILE CC 11 102.97 62.93 -45.14
N TYR CC 12 102.24 62.44 -44.15
CA TYR CC 12 101.98 61.03 -43.99
C TYR CC 12 100.64 60.60 -44.53
N SER CC 13 99.62 61.43 -44.37
CA SER CC 13 98.30 61.08 -44.87
C SER CC 13 97.52 62.35 -45.14
N THR CC 14 96.68 62.29 -46.17
CA THR CC 14 95.78 63.39 -46.47
C THR CC 14 94.36 62.86 -46.41
N GLU CC 15 93.50 63.61 -45.74
CA GLU CC 15 92.10 63.26 -45.56
C GLU CC 15 91.25 64.45 -46.01
N LYS CC 16 89.94 64.23 -46.08
CA LYS CC 16 89.01 65.28 -46.46
C LYS CC 16 89.21 66.53 -45.60
N ASP CC 17 89.23 66.37 -44.29
CA ASP CC 17 89.41 67.49 -43.38
C ASP CC 17 90.59 67.30 -42.43
N VAL CC 18 91.48 66.36 -42.70
CA VAL CC 18 92.63 66.10 -41.86
C VAL CC 18 93.86 65.95 -42.73
N VAL CC 19 94.97 66.53 -42.29
CA VAL CC 19 96.27 66.34 -42.93
C VAL CC 19 97.27 65.98 -41.85
N SER CC 20 97.96 64.85 -42.01
CA SER CC 20 98.88 64.34 -41.02
C SER CC 20 100.28 64.26 -41.59
N LEU CC 21 101.24 64.84 -40.87
CA LEU CC 21 102.65 64.82 -41.20
C LEU CC 21 103.41 64.01 -40.17
N ARG CC 22 104.44 63.30 -40.62
CA ARG CC 22 105.26 62.49 -39.73
C ARG CC 22 106.71 62.92 -39.88
N ASP CC 23 107.45 62.79 -38.78
CA ASP CC 23 108.88 63.07 -38.83
C ASP CC 23 109.60 62.12 -39.78
N PHE CC 24 109.30 60.82 -39.69
CA PHE CC 24 109.86 59.76 -40.53
C PHE CC 24 111.34 59.53 -40.25
N ALA CC 25 111.93 60.37 -39.39
CA ALA CC 25 113.31 60.21 -38.97
C ALA CC 25 113.38 59.64 -37.55
N ASN CC 26 112.70 60.27 -36.60
CA ASN CC 26 112.52 59.70 -35.28
C ASN CC 26 111.35 58.72 -35.20
N ASP CC 27 110.43 58.77 -36.16
CA ASP CC 27 109.32 57.83 -36.27
C ASP CC 27 108.47 57.80 -35.00
N LYS CC 28 108.34 58.93 -34.32
CA LYS CC 28 107.48 59.01 -33.15
C LYS CC 28 106.63 60.27 -33.09
N ASP CC 29 106.89 61.28 -33.89
CA ASP CC 29 106.17 62.53 -33.86
C ASP CC 29 105.20 62.61 -35.02
N THR CC 30 103.95 62.96 -34.73
CA THR CC 30 102.92 63.14 -35.73
C THR CC 30 102.25 64.49 -35.52
N LEU CC 31 102.17 65.30 -36.57
CA LEU CC 31 101.53 66.61 -36.53
C LEU CC 31 100.28 66.57 -37.39
N ALA CC 32 99.13 66.83 -36.79
CA ALA CC 32 97.85 66.74 -37.47
C ALA CC 32 97.18 68.11 -37.52
N TYR CC 33 96.73 68.48 -38.72
CA TYR CC 33 95.89 69.64 -38.97
C TYR CC 33 94.47 69.11 -39.21
N LYS CC 34 93.54 69.47 -38.33
CA LYS CC 34 92.16 69.03 -38.43
C LYS CC 34 91.23 70.22 -38.59
N ARG CC 35 90.18 70.01 -39.38
CA ARG CC 35 89.29 71.06 -39.85
C ARG CC 35 87.85 70.67 -39.52
N LEU CC 36 87.00 71.66 -39.27
CA LEU CC 36 85.59 71.40 -39.04
C LEU CC 36 84.81 72.67 -39.36
N ALA CC 37 84.01 72.63 -40.42
CA ALA CC 37 83.30 73.81 -40.86
C ALA CC 37 82.21 74.21 -39.87
N PRO CC 38 81.92 75.50 -39.74
CA PRO CC 38 80.82 75.93 -38.85
C PRO CC 38 79.48 75.50 -39.42
N LYS CC 39 78.61 75.02 -38.54
CA LYS CC 39 77.29 74.57 -38.95
C LYS CC 39 76.25 75.60 -38.54
N ARG CC 40 75.44 76.03 -39.50
CA ARG CC 40 74.35 76.97 -39.25
C ARG CC 40 73.15 76.17 -38.78
N THR CC 41 73.33 75.50 -37.63
CA THR CC 41 72.28 74.70 -37.03
C THR CC 41 71.16 75.55 -36.47
N LYS CC 42 71.33 76.86 -36.47
CA LYS CC 42 70.35 77.81 -36.00
C LYS CC 42 70.59 79.14 -36.71
N ASP CC 43 70.01 80.21 -36.18
CA ASP CC 43 70.25 81.55 -36.71
C ASP CC 43 71.74 81.84 -36.75
N SER CC 44 72.46 81.41 -35.72
CA SER CC 44 73.89 81.62 -35.66
C SER CC 44 74.59 80.89 -36.80
N PRO CC 45 75.64 81.46 -37.39
CA PRO CC 45 76.33 80.79 -38.50
C PRO CC 45 77.18 79.61 -38.08
N GLY CC 46 77.30 79.33 -36.79
CA GLY CC 46 78.09 78.21 -36.31
C GLY CC 46 79.50 78.59 -35.95
N MET CC 47 80.22 77.61 -35.41
CA MET CC 47 81.59 77.79 -34.93
C MET CC 47 82.53 76.99 -35.82
N ALA CC 48 83.52 77.67 -36.39
CA ALA CC 48 84.51 77.03 -37.23
C ALA CC 48 85.60 76.45 -36.35
N LYS CC 49 85.67 75.12 -36.28
CA LYS CC 49 86.63 74.44 -35.43
C LYS CC 49 87.90 74.14 -36.19
N SER CC 50 89.03 74.45 -35.57
CA SER CC 50 90.33 74.09 -36.08
C SER CC 50 91.06 73.27 -35.03
N GLU CC 51 92.09 72.55 -35.46
CA GLU CC 51 92.89 71.79 -34.52
C GLU CC 51 94.27 71.57 -35.07
N LEU CC 52 95.29 71.82 -34.25
CA LEU CC 52 96.68 71.56 -34.59
C LEU CC 52 97.28 70.77 -33.44
N LYS CC 53 97.62 69.51 -33.66
CA LYS CC 53 98.09 68.68 -32.57
C LYS CC 53 99.39 67.98 -32.94
N ILE CC 54 100.24 67.79 -31.92
CA ILE CC 54 101.46 67.01 -32.05
C ILE CC 54 101.39 65.86 -31.06
N THR CC 55 101.62 64.65 -31.54
CA THR CC 55 101.54 63.44 -30.76
C THR CC 55 102.85 62.71 -30.83
N ARG CC 56 103.39 62.33 -29.67
CA ARG CC 56 104.61 61.55 -29.59
C ARG CC 56 104.25 60.16 -29.07
N VAL CC 57 104.55 59.13 -29.85
CA VAL CC 57 104.33 57.75 -29.47
C VAL CC 57 105.59 56.98 -29.79
N ASP CC 58 106.19 56.37 -28.77
CA ASP CC 58 107.55 55.86 -28.93
C ASP CC 58 107.64 54.76 -29.99
N PRO CC 59 108.67 54.74 -30.81
CA PRO CC 59 108.76 53.73 -31.87
C PRO CC 59 109.43 52.43 -31.44
N THR CC 60 109.10 51.91 -30.26
CA THR CC 60 109.59 50.58 -29.89
C THR CC 60 108.45 49.70 -29.39
N THR CC 61 107.54 50.27 -28.61
CA THR CC 61 106.38 49.55 -28.10
C THR CC 61 105.07 50.29 -28.33
N GLY CC 62 105.10 51.59 -28.56
CA GLY CC 62 103.89 52.34 -28.84
C GLY CC 62 103.23 52.97 -27.65
N VAL CC 63 103.99 53.51 -26.71
CA VAL CC 63 103.43 54.18 -25.54
C VAL CC 63 103.35 55.67 -25.84
N LEU CC 64 102.16 56.24 -25.66
CA LEU CC 64 101.94 57.66 -25.88
C LEU CC 64 102.70 58.45 -24.83
N ILE CC 65 103.78 59.12 -25.27
CA ILE CC 65 104.54 59.96 -24.36
C ILE CC 65 103.78 61.22 -24.00
N GLY CC 66 103.18 61.88 -24.97
CA GLY CC 66 102.46 63.11 -24.68
C GLY CC 66 101.79 63.65 -25.92
N ILE CC 67 100.87 64.59 -25.68
CA ILE CC 67 100.16 65.31 -26.72
C ILE CC 67 100.07 66.78 -26.33
N VAL CC 68 100.38 67.66 -27.27
CA VAL CC 68 100.05 69.07 -27.16
C VAL CC 68 99.13 69.41 -28.32
N ASN CC 69 97.97 69.96 -28.01
CA ASN CC 69 96.94 70.25 -29.01
C ASN CC 69 96.58 71.72 -28.93
N VAL CC 70 96.41 72.35 -30.10
CA VAL CC 70 95.91 73.72 -30.18
C VAL CC 70 94.60 73.66 -30.95
N SER CC 71 93.50 73.94 -30.25
CA SER CC 71 92.18 73.89 -30.84
C SER CC 71 91.57 75.29 -30.84
N SER CC 72 90.83 75.61 -31.89
CA SER CC 72 90.11 76.86 -31.99
C SER CC 72 88.64 76.59 -32.25
N SER CC 73 87.79 77.41 -31.63
CA SER CC 73 86.34 77.36 -31.86
C SER CC 73 85.93 78.82 -31.97
N ILE CC 74 85.87 79.32 -33.19
CA ILE CC 74 85.60 80.73 -33.46
C ILE CC 74 84.29 80.83 -34.23
N ARG CC 75 83.49 81.84 -33.88
CA ARG CC 75 82.24 82.10 -34.60
C ARG CC 75 82.52 82.26 -36.09
N ALA CC 76 81.64 81.70 -36.91
CA ALA CC 76 81.77 81.86 -38.35
C ALA CC 76 81.72 83.32 -38.76
N ASP CC 77 80.97 84.14 -38.03
CA ASP CC 77 80.85 85.56 -38.33
C ASP CC 77 81.92 86.41 -37.66
N ALA CC 78 82.78 85.82 -36.84
CA ALA CC 78 83.77 86.59 -36.11
C ALA CC 78 84.73 87.29 -37.06
N THR CC 79 85.05 88.54 -36.75
CA THR CC 79 85.88 89.33 -37.63
C THR CC 79 87.31 88.83 -37.63
N ALA CC 80 88.03 89.14 -38.70
CA ALA CC 80 89.45 88.78 -38.78
C ALA CC 80 90.25 89.45 -37.67
N ALA CC 81 89.78 90.61 -37.19
CA ALA CC 81 90.43 91.26 -36.05
C ALA CC 81 90.33 90.40 -34.80
N ASP CC 82 89.15 89.83 -34.54
CA ASP CC 82 88.98 88.95 -33.39
C ASP CC 82 89.90 87.73 -33.50
N LYS CC 83 89.98 87.13 -34.67
CA LYS CC 83 90.77 85.93 -34.84
C LYS CC 83 92.27 86.24 -34.72
N THR CC 84 92.71 87.34 -35.29
CA THR CC 84 94.10 87.74 -35.14
C THR CC 84 94.42 88.04 -33.68
N ALA CC 85 93.51 88.72 -32.98
CA ALA CC 85 93.74 89.02 -31.57
C ALA CC 85 93.82 87.76 -30.73
N LEU CC 86 92.92 86.81 -30.98
CA LEU CC 86 92.96 85.55 -30.24
C LEU CC 86 94.27 84.82 -30.48
N MET CC 87 94.69 84.75 -31.74
CA MET CC 87 95.92 84.04 -32.06
C MET CC 87 97.13 84.73 -31.44
N ALA CC 88 97.15 86.07 -31.46
CA ALA CC 88 98.27 86.81 -30.89
C ALA CC 88 98.32 86.65 -29.37
N ILE CC 89 97.17 86.73 -28.70
CA ILE CC 89 97.14 86.57 -27.26
C ILE CC 89 97.63 85.18 -26.87
N ILE CC 90 97.13 84.15 -27.54
CA ILE CC 90 97.52 82.80 -27.16
C ILE CC 90 98.99 82.56 -27.48
N THR CC 91 99.51 83.10 -28.58
CA THR CC 91 100.91 82.91 -28.92
C THR CC 91 101.80 83.63 -27.91
N ALA CC 92 101.43 84.84 -27.50
CA ALA CC 92 102.20 85.56 -26.49
C ALA CC 92 102.17 84.84 -25.15
N ALA CC 93 101.01 84.28 -24.78
CA ALA CC 93 100.91 83.54 -23.53
C ALA CC 93 101.77 82.29 -23.55
N GLN CC 94 101.79 81.58 -24.68
CA GLN CC 94 102.67 80.42 -24.81
C GLN CC 94 104.14 80.83 -24.75
N ALA CC 95 104.48 81.97 -25.37
CA ALA CC 95 105.84 82.47 -25.29
C ALA CC 95 106.21 82.91 -23.89
N ASP CC 96 105.23 83.26 -23.06
CA ASP CC 96 105.48 83.55 -21.66
C ASP CC 96 105.88 82.28 -20.93
N GLY CC 97 106.60 82.45 -19.83
CA GLY CC 97 107.12 81.32 -19.08
C GLY CC 97 106.10 80.64 -18.19
N ALA CC 98 104.96 81.29 -17.94
CA ALA CC 98 103.92 80.66 -17.13
C ALA CC 98 103.43 79.39 -17.81
N TRP CC 99 103.32 79.40 -19.13
CA TRP CC 99 102.96 78.18 -19.85
C TRP CC 99 104.06 77.13 -19.74
N THR CC 100 105.32 77.56 -19.84
CA THR CC 100 106.44 76.63 -19.75
C THR CC 100 106.54 76.01 -18.35
N GLU CC 101 105.91 76.63 -17.36
CA GLU CC 101 105.82 76.04 -16.03
C GLU CC 101 104.58 75.18 -15.85
N LEU CC 102 103.43 75.64 -16.35
CA LEU CC 102 102.22 74.84 -16.32
C LEU CC 102 102.45 73.49 -16.97
N VAL CC 103 103.02 73.48 -18.15
CA VAL CC 103 103.63 72.28 -18.69
C VAL CC 103 104.97 72.10 -18.01
N THR CC 104 105.37 70.85 -17.80
CA THR CC 104 106.64 70.45 -17.20
C THR CC 104 106.69 70.65 -15.69
N ASP CC 105 105.74 71.37 -15.10
CA ASP CC 105 105.72 71.45 -13.64
C ASP CC 105 104.33 71.42 -13.02
N GLN CC 106 103.27 71.65 -13.79
CA GLN CC 106 101.93 71.86 -13.24
C GLN CC 106 101.95 73.03 -12.24
N ARG CC 107 102.67 74.08 -12.60
CA ARG CC 107 102.81 75.26 -11.76
C ARG CC 107 101.90 76.35 -12.27
N LEU CC 108 100.95 76.75 -11.46
CA LEU CC 108 100.02 77.79 -11.84
C LEU CC 108 100.65 79.17 -11.60
N PRO CC 109 100.20 80.18 -12.34
CA PRO CC 109 100.71 81.53 -12.10
C PRO CC 109 100.13 82.17 -10.85
N LEU CC 110 100.42 81.57 -9.69
CA LEU CC 110 100.02 82.16 -8.42
C LEU CC 110 101.11 82.09 -7.36
N ALA CC 111 102.26 81.49 -7.66
CA ALA CC 111 103.37 81.47 -6.70
C ALA CC 111 103.89 82.88 -6.48
N THR CC 112 104.28 83.18 -5.25
CA THR CC 112 104.79 84.50 -4.90
C THR CC 112 106.26 84.69 -5.22
N VAL CC 113 106.95 83.64 -5.66
CA VAL CC 113 108.38 83.67 -6.00
C VAL CC 113 109.22 84.08 -4.80
N SER DC 1 132.52 4.06 12.03
CA SER DC 1 133.09 4.08 13.37
C SER DC 1 133.98 5.31 13.55
N LYS DC 2 134.97 5.46 12.68
CA LYS DC 2 135.90 6.57 12.74
C LYS DC 2 136.22 6.97 11.29
N VAL DC 3 137.30 7.74 11.12
CA VAL DC 3 137.63 8.38 9.84
C VAL DC 3 137.60 7.39 8.68
N PHE DC 4 136.72 7.66 7.71
CA PHE DC 4 136.58 6.88 6.49
C PHE DC 4 136.55 7.85 5.32
N ASN DC 5 137.31 7.56 4.28
CA ASN DC 5 137.41 8.41 3.10
C ASN DC 5 137.75 9.85 3.53
N THR DC 6 138.69 9.96 4.47
CA THR DC 6 139.18 11.20 5.04
C THR DC 6 138.09 12.02 5.72
N GLN DC 7 137.02 11.40 6.18
CA GLN DC 7 135.96 12.09 6.91
C GLN DC 7 135.75 11.44 8.27
N THR DC 8 135.62 12.25 9.30
CA THR DC 8 135.47 11.77 10.66
C THR DC 8 134.00 11.54 10.96
N PHE DC 9 133.63 10.29 11.21
CA PHE DC 9 132.26 9.93 11.53
C PHE DC 9 132.16 9.71 13.03
N ASP DC 10 131.34 10.53 13.68
CA ASP DC 10 131.16 10.50 15.13
C ASP DC 10 129.76 10.02 15.46
N ILE DC 11 129.62 9.43 16.65
CA ILE DC 11 128.35 8.88 17.07
C ILE DC 11 127.31 9.99 17.11
N TYR DC 12 126.20 9.79 16.42
CA TYR DC 12 125.06 10.67 16.57
C TYR DC 12 123.92 10.02 17.33
N SER DC 13 123.71 8.72 17.17
CA SER DC 13 122.56 8.10 17.80
C SER DC 13 122.84 6.64 18.06
N THR DC 14 122.27 6.13 19.15
CA THR DC 14 122.40 4.73 19.51
C THR DC 14 121.03 4.19 19.87
N GLU DC 15 120.61 3.15 19.18
CA GLU DC 15 119.35 2.48 19.46
C GLU DC 15 119.63 1.11 20.03
N LYS DC 16 118.57 0.33 20.20
CA LYS DC 16 118.73 -1.06 20.63
C LYS DC 16 119.57 -1.83 19.63
N ASP DC 17 119.33 -1.62 18.34
CA ASP DC 17 120.01 -2.40 17.30
C ASP DC 17 120.54 -1.55 16.16
N VAL DC 18 120.50 -0.22 16.27
CA VAL DC 18 121.08 0.66 15.27
C VAL DC 18 122.05 1.61 15.94
N VAL DC 19 123.20 1.80 15.30
CA VAL DC 19 124.12 2.87 15.65
C VAL DC 19 124.23 3.77 14.43
N SER DC 20 124.05 5.07 14.63
CA SER DC 20 124.12 6.05 13.56
C SER DC 20 125.24 7.04 13.85
N LEU DC 21 126.10 7.26 12.87
CA LEU DC 21 127.22 8.17 12.94
C LEU DC 21 127.11 9.21 11.83
N ARG DC 22 127.54 10.43 12.13
CA ARG DC 22 127.52 11.52 11.16
C ARG DC 22 128.90 12.12 11.02
N ASP DC 23 129.13 12.80 9.91
CA ASP DC 23 130.39 13.50 9.70
C ASP DC 23 130.51 14.71 10.62
N PHE DC 24 129.45 15.50 10.73
CA PHE DC 24 129.39 16.71 11.55
C PHE DC 24 130.33 17.79 10.98
N ALA DC 25 131.06 17.45 9.92
CA ALA DC 25 131.91 18.41 9.22
C ALA DC 25 131.26 18.90 7.93
N ASN DC 26 130.94 17.98 7.02
CA ASN DC 26 130.16 18.35 5.84
C ASN DC 26 128.66 18.24 6.06
N ASP DC 27 128.24 17.62 7.18
CA ASP DC 27 126.84 17.54 7.56
C ASP DC 27 125.97 16.95 6.45
N LYS DC 28 126.52 16.01 5.69
CA LYS DC 28 125.78 15.42 4.60
C LYS DC 28 125.81 13.90 4.57
N ASP DC 29 126.70 13.26 5.32
CA ASP DC 29 126.83 11.81 5.31
C ASP DC 29 126.41 11.22 6.64
N THR DC 30 125.66 10.13 6.59
CA THR DC 30 125.31 9.35 7.77
C THR DC 30 125.60 7.88 7.50
N LEU DC 31 126.35 7.27 8.40
CA LEU DC 31 126.70 5.85 8.33
C LEU DC 31 125.96 5.11 9.44
N ALA DC 32 125.19 4.10 9.06
CA ALA DC 32 124.37 3.35 9.99
C ALA DC 32 124.80 1.89 10.02
N TYR DC 33 125.00 1.37 11.22
CA TYR DC 33 125.24 -0.05 11.49
C TYR DC 33 123.97 -0.59 12.12
N LYS DC 34 123.46 -1.69 11.58
CA LYS DC 34 122.15 -2.20 11.97
C LYS DC 34 122.21 -3.71 12.14
N ARG DC 35 121.50 -4.19 13.15
CA ARG DC 35 121.70 -5.52 13.72
C ARG DC 35 120.37 -6.21 13.96
N LEU DC 36 120.18 -7.38 13.36
CA LEU DC 36 119.01 -8.23 13.66
C LEU DC 36 119.49 -9.64 13.99
N ALA DC 37 119.32 -10.05 15.24
CA ALA DC 37 119.74 -11.38 15.66
C ALA DC 37 118.90 -12.47 14.97
N PRO DC 38 119.49 -13.64 14.72
CA PRO DC 38 118.73 -14.72 14.11
C PRO DC 38 117.61 -15.21 15.02
N LYS DC 39 116.48 -15.56 14.41
CA LYS DC 39 115.32 -16.02 15.16
C LYS DC 39 114.99 -17.46 14.76
N ARG DC 40 114.93 -18.34 15.75
CA ARG DC 40 114.72 -19.77 15.51
C ARG DC 40 113.23 -19.99 15.30
N THR DC 41 112.81 -19.77 14.05
CA THR DC 41 111.40 -19.95 13.69
C THR DC 41 111.06 -21.37 13.33
N LYS DC 42 112.06 -22.23 13.17
CA LYS DC 42 111.85 -23.61 12.74
C LYS DC 42 113.06 -24.42 13.19
N ASP DC 43 113.23 -25.59 12.59
CA ASP DC 43 114.43 -26.39 12.79
C ASP DC 43 115.67 -25.57 12.42
N SER DC 44 115.51 -24.61 11.51
CA SER DC 44 116.59 -23.68 11.22
C SER DC 44 116.76 -22.70 12.38
N PRO DC 45 117.99 -22.33 12.72
CA PRO DC 45 118.20 -21.36 13.80
C PRO DC 45 117.97 -19.91 13.40
N GLY DC 46 117.55 -19.65 12.16
CA GLY DC 46 117.34 -18.30 11.69
C GLY DC 46 118.55 -17.70 11.02
N MET DC 47 118.34 -16.52 10.44
CA MET DC 47 119.39 -15.79 9.73
C MET DC 47 119.72 -14.52 10.48
N ALA DC 48 121.01 -14.24 10.64
CA ALA DC 48 121.47 -13.03 11.31
C ALA DC 48 121.62 -11.92 10.28
N LYS DC 49 120.81 -10.88 10.41
CA LYS DC 49 120.85 -9.75 9.50
C LYS DC 49 121.82 -8.70 9.98
N SER DC 50 122.64 -8.21 9.07
CA SER DC 50 123.44 -7.01 9.30
C SER DC 50 123.14 -6.02 8.19
N GLU DC 51 123.34 -4.74 8.49
CA GLU DC 51 123.19 -3.71 7.48
C GLU DC 51 124.20 -2.61 7.75
N LEU DC 52 124.90 -2.17 6.72
CA LEU DC 52 125.88 -1.09 6.83
C LEU DC 52 125.60 -0.13 5.68
N LYS DC 53 124.97 1.00 5.99
CA LYS DC 53 124.52 1.89 4.93
C LYS DC 53 125.11 3.28 5.11
N ILE DC 54 125.51 3.87 3.98
CA ILE DC 54 125.97 5.25 3.94
C ILE DC 54 124.97 6.05 3.11
N THR DC 55 124.41 7.10 3.71
CA THR DC 55 123.43 7.96 3.06
C THR DC 55 124.02 9.36 2.94
N ARG DC 56 123.94 9.94 1.75
CA ARG DC 56 124.38 11.30 1.51
C ARG DC 56 123.17 12.17 1.21
N VAL DC 57 123.01 13.24 1.98
CA VAL DC 57 121.95 14.21 1.78
C VAL DC 57 122.57 15.60 1.83
N ASP DC 58 122.42 16.35 0.76
CA ASP DC 58 123.02 17.69 0.74
C ASP DC 58 122.29 18.62 1.70
N PRO DC 59 123.00 19.36 2.54
CA PRO DC 59 122.35 20.10 3.62
C PRO DC 59 121.92 21.52 3.27
N THR DC 60 121.29 21.71 2.12
CA THR DC 60 120.68 23.00 1.84
C THR DC 60 119.18 22.83 1.65
N THR DC 61 118.79 21.81 0.88
CA THR DC 61 117.40 21.44 0.71
C THR DC 61 117.08 20.06 1.27
N GLY DC 62 118.10 19.27 1.63
CA GLY DC 62 117.87 17.99 2.26
C GLY DC 62 117.42 16.87 1.34
N VAL DC 63 117.73 16.95 0.04
CA VAL DC 63 117.34 15.90 -0.90
C VAL DC 63 118.41 14.81 -0.87
N LEU DC 64 117.97 13.57 -1.00
CA LEU DC 64 118.87 12.43 -0.88
C LEU DC 64 119.64 12.25 -2.19
N ILE DC 65 120.96 12.45 -2.12
CA ILE DC 65 121.80 12.25 -3.29
C ILE DC 65 121.93 10.77 -3.63
N GLY DC 66 122.23 9.94 -2.64
CA GLY DC 66 122.40 8.52 -2.91
C GLY DC 66 122.68 7.73 -1.66
N ILE DC 67 122.39 6.43 -1.75
CA ILE DC 67 122.61 5.49 -0.67
C ILE DC 67 123.39 4.30 -1.21
N VAL DC 68 124.40 3.88 -0.47
CA VAL DC 68 125.09 2.61 -0.71
C VAL DC 68 124.94 1.77 0.55
N ASN DC 69 124.39 0.56 0.39
CA ASN DC 69 124.07 -0.29 1.53
C ASN DC 69 124.73 -1.64 1.37
N VAL DC 70 125.28 -2.14 2.47
CA VAL DC 70 125.88 -3.48 2.51
C VAL DC 70 125.07 -4.29 3.51
N SER DC 71 124.30 -5.25 3.02
CA SER DC 71 123.46 -6.09 3.85
C SER DC 71 123.94 -7.53 3.79
N SER DC 72 124.05 -8.14 4.96
CA SER DC 72 124.39 -9.55 5.07
C SER DC 72 123.23 -10.29 5.72
N SER DC 73 122.99 -11.51 5.28
CA SER DC 73 121.96 -12.40 5.81
C SER DC 73 122.56 -13.80 5.85
N ILE DC 74 123.01 -14.22 7.03
CA ILE DC 74 123.79 -15.45 7.17
C ILE DC 74 123.13 -16.34 8.22
N ARG DC 75 123.14 -17.65 7.96
CA ARG DC 75 122.58 -18.62 8.89
C ARG DC 75 123.28 -18.54 10.24
N ALA DC 76 122.49 -18.71 11.30
CA ALA DC 76 123.06 -18.70 12.64
C ALA DC 76 124.07 -19.81 12.83
N ASP DC 77 123.80 -20.99 12.27
CA ASP DC 77 124.69 -22.13 12.38
C ASP DC 77 125.90 -22.04 11.45
N ALA DC 78 125.93 -21.05 10.56
CA ALA DC 78 126.95 -21.01 9.52
C ALA DC 78 128.34 -20.88 10.13
N THR DC 79 129.31 -21.52 9.49
CA THR DC 79 130.67 -21.51 9.99
C THR DC 79 131.31 -20.14 9.78
N ALA DC 80 132.30 -19.84 10.62
CA ALA DC 80 133.05 -18.60 10.45
C ALA DC 80 133.78 -18.56 9.12
N ALA DC 81 134.16 -19.74 8.61
CA ALA DC 81 134.77 -19.81 7.28
C ALA DC 81 133.78 -19.37 6.21
N ASP DC 82 132.51 -19.74 6.35
CA ASP DC 82 131.51 -19.31 5.39
C ASP DC 82 131.40 -17.78 5.36
N LYS DC 83 131.37 -17.16 6.54
CA LYS DC 83 131.27 -15.70 6.60
C LYS DC 83 132.53 -15.04 6.08
N THR DC 84 133.70 -15.61 6.37
CA THR DC 84 134.94 -15.06 5.85
C THR DC 84 134.95 -15.13 4.34
N ALA DC 85 134.53 -16.26 3.77
CA ALA DC 85 134.49 -16.40 2.32
C ALA DC 85 133.50 -15.41 1.71
N LEU DC 86 132.34 -15.24 2.31
CA LEU DC 86 131.36 -14.29 1.78
C LEU DC 86 131.92 -12.88 1.78
N MET DC 87 132.50 -12.45 2.89
CA MET DC 87 133.01 -11.09 2.96
C MET DC 87 134.18 -10.89 2.00
N ALA DC 88 135.07 -11.88 1.90
CA ALA DC 88 136.19 -11.77 0.98
C ALA DC 88 135.73 -11.69 -0.47
N ILE DC 89 134.75 -12.52 -0.85
CA ILE DC 89 134.29 -12.52 -2.23
C ILE DC 89 133.62 -11.18 -2.56
N ILE DC 90 132.77 -10.70 -1.65
CA ILE DC 90 132.07 -9.45 -1.94
C ILE DC 90 133.03 -8.28 -1.97
N THR DC 91 134.05 -8.27 -1.10
CA THR DC 91 135.02 -7.18 -1.11
C THR DC 91 135.89 -7.23 -2.36
N ALA DC 92 136.27 -8.43 -2.81
CA ALA DC 92 137.04 -8.55 -4.04
C ALA DC 92 136.22 -8.08 -5.24
N ALA DC 93 134.93 -8.43 -5.26
CA ALA DC 93 134.08 -7.96 -6.35
C ALA DC 93 133.91 -6.45 -6.31
N GLN DC 94 133.79 -5.87 -5.11
CA GLN DC 94 133.69 -4.42 -5.00
C GLN DC 94 134.97 -3.73 -5.46
N ALA DC 95 136.13 -4.31 -5.14
CA ALA DC 95 137.40 -3.73 -5.59
C ALA DC 95 137.54 -3.80 -7.10
N ASP DC 96 136.89 -4.75 -7.75
CA ASP DC 96 136.94 -4.84 -9.20
C ASP DC 96 136.22 -3.65 -9.83
N GLY DC 97 136.68 -3.28 -11.04
CA GLY DC 97 136.08 -2.17 -11.74
C GLY DC 97 134.71 -2.45 -12.31
N ALA DC 98 134.33 -3.73 -12.37
CA ALA DC 98 132.97 -4.06 -12.83
C ALA DC 98 131.93 -3.44 -11.91
N TRP DC 99 132.15 -3.51 -10.60
CA TRP DC 99 131.25 -2.86 -9.66
C TRP DC 99 131.33 -1.35 -9.79
N THR DC 100 132.52 -0.82 -10.02
CA THR DC 100 132.70 0.63 -10.14
C THR DC 100 132.02 1.16 -11.41
N GLU DC 101 131.74 0.28 -12.37
CA GLU DC 101 130.96 0.63 -13.55
C GLU DC 101 129.47 0.43 -13.33
N LEU DC 102 129.10 -0.69 -12.70
CA LEU DC 102 127.70 -0.93 -12.34
C LEU DC 102 127.15 0.25 -11.55
N VAL DC 103 127.90 0.72 -10.58
CA VAL DC 103 127.62 2.01 -9.97
C VAL DC 103 128.23 3.08 -10.86
N THR DC 104 127.56 4.21 -10.98
CA THR DC 104 127.94 5.35 -11.82
C THR DC 104 127.72 5.15 -13.31
N ASP DC 105 127.40 3.93 -13.76
CA ASP DC 105 127.24 3.74 -15.19
C ASP DC 105 126.09 2.82 -15.57
N GLN DC 106 125.55 2.02 -14.66
CA GLN DC 106 124.54 1.02 -14.97
C GLN DC 106 125.03 0.08 -16.06
N ARG DC 107 126.28 -0.34 -15.93
CA ARG DC 107 126.95 -1.17 -16.90
C ARG DC 107 127.15 -2.56 -16.32
N LEU DC 108 126.59 -3.56 -16.99
CA LEU DC 108 126.78 -4.95 -16.59
C LEU DC 108 128.16 -5.45 -17.04
N PRO DC 109 128.72 -6.43 -16.33
CA PRO DC 109 130.08 -6.90 -16.67
C PRO DC 109 130.08 -7.85 -17.86
N LEU DC 110 129.47 -7.45 -18.95
CA LEU DC 110 129.37 -8.29 -20.12
C LEU DC 110 129.92 -7.68 -21.40
N ALA DC 111 130.52 -6.48 -21.32
CA ALA DC 111 131.14 -5.89 -22.49
C ALA DC 111 132.31 -6.72 -22.96
N THR DC 112 132.58 -6.68 -24.26
CA THR DC 112 133.76 -7.32 -24.83
C THR DC 112 134.96 -6.41 -24.90
N VAL DC 113 134.82 -5.16 -24.44
CA VAL DC 113 135.89 -4.16 -24.45
C VAL DC 113 136.38 -3.88 -25.87
N SER EC 1 133.15 -10.24 -12.04
CA SER EC 1 133.51 -10.65 -13.39
C SER EC 1 134.31 -11.95 -13.39
N LYS EC 2 135.53 -11.89 -12.88
CA LYS EC 2 136.48 -12.99 -12.93
C LYS EC 2 136.94 -13.30 -11.52
N VAL EC 3 138.07 -14.00 -11.42
CA VAL EC 3 138.56 -14.60 -10.17
C VAL EC 3 138.49 -13.63 -9.01
N PHE EC 4 137.75 -14.02 -7.98
CA PHE EC 4 137.64 -13.26 -6.73
C PHE EC 4 137.87 -14.21 -5.57
N ASN EC 5 138.67 -13.77 -4.60
CA ASN EC 5 139.02 -14.58 -3.44
C ASN EC 5 139.59 -15.93 -3.86
N THR EC 6 140.47 -15.90 -4.87
CA THR EC 6 141.11 -17.05 -5.49
C THR EC 6 140.12 -18.00 -6.16
N GLN EC 7 138.84 -17.68 -6.20
CA GLN EC 7 137.83 -18.52 -6.83
C GLN EC 7 137.45 -17.94 -8.18
N THR EC 8 137.45 -18.78 -9.20
CA THR EC 8 137.14 -18.38 -10.56
C THR EC 8 135.62 -18.41 -10.75
N PHE EC 9 135.04 -17.28 -11.11
CA PHE EC 9 133.60 -17.16 -11.31
C PHE EC 9 133.32 -17.08 -12.80
N ASP EC 10 132.78 -18.15 -13.36
CA ASP EC 10 132.41 -18.22 -14.76
C ASP EC 10 130.93 -17.93 -14.91
N ILE EC 11 130.54 -17.39 -16.06
CA ILE EC 11 129.19 -16.88 -16.24
C ILE EC 11 128.19 -18.02 -16.14
N TYR EC 12 127.19 -17.84 -15.29
CA TYR EC 12 126.14 -18.83 -15.09
C TYR EC 12 124.86 -18.51 -15.84
N SER EC 13 124.46 -17.24 -15.88
CA SER EC 13 123.25 -16.87 -16.60
C SER EC 13 123.30 -15.38 -16.89
N THR EC 14 122.54 -14.97 -17.91
CA THR EC 14 122.45 -13.57 -18.30
C THR EC 14 120.99 -13.20 -18.46
N GLU EC 15 120.61 -12.07 -17.88
CA GLU EC 15 119.27 -11.52 -18.02
C GLU EC 15 119.38 -10.12 -18.63
N LYS EC 16 118.22 -9.48 -18.80
CA LYS EC 16 118.18 -8.11 -19.28
C LYS EC 16 118.97 -7.19 -18.37
N ASP EC 17 118.85 -7.39 -17.05
CA ASP EC 17 119.47 -6.51 -16.08
C ASP EC 17 120.29 -7.27 -15.04
N VAL EC 18 120.42 -8.58 -15.17
CA VAL EC 18 121.16 -9.39 -14.21
C VAL EC 18 122.18 -10.23 -14.96
N VAL EC 19 123.40 -10.27 -14.44
CA VAL EC 19 124.44 -11.19 -14.88
C VAL EC 19 124.89 -11.98 -13.68
N SER EC 20 124.78 -13.30 -13.77
CA SER EC 20 125.10 -14.19 -12.67
C SER EC 20 126.27 -15.08 -13.07
N LEU EC 21 127.28 -15.15 -12.20
CA LEU EC 21 128.45 -15.97 -12.39
C LEU EC 21 128.51 -17.02 -11.29
N ARG EC 22 129.10 -18.16 -11.62
CA ARG EC 22 129.22 -19.25 -10.68
C ARG EC 22 130.68 -19.68 -10.60
N ASP EC 23 131.07 -20.22 -9.45
CA ASP EC 23 132.39 -20.80 -9.31
C ASP EC 23 132.53 -22.04 -10.19
N PHE EC 24 131.56 -22.96 -10.10
CA PHE EC 24 131.54 -24.24 -10.82
C PHE EC 24 132.61 -25.18 -10.30
N ALA EC 25 133.45 -24.71 -9.40
CA ALA EC 25 134.44 -25.55 -8.73
C ALA EC 25 133.90 -26.11 -7.41
N ASN EC 26 133.54 -25.23 -6.48
CA ASN EC 26 132.82 -25.67 -5.29
C ASN EC 26 131.31 -25.68 -5.50
N ASP EC 27 130.85 -25.19 -6.65
CA ASP EC 27 129.45 -25.27 -7.06
C ASP EC 27 128.51 -24.68 -6.02
N LYS EC 28 128.98 -23.72 -5.24
CA LYS EC 28 128.22 -23.21 -4.12
C LYS EC 28 128.06 -21.70 -4.11
N ASP EC 29 128.87 -20.95 -4.85
CA ASP EC 29 128.90 -19.51 -4.79
C ASP EC 29 128.40 -18.91 -6.10
N THR EC 30 127.49 -17.96 -5.99
CA THR EC 30 126.93 -17.27 -7.15
C THR EC 30 127.01 -15.78 -6.94
N LEU EC 31 127.58 -15.08 -7.91
CA LEU EC 31 127.79 -13.64 -7.86
C LEU EC 31 126.88 -12.97 -8.90
N ALA EC 32 126.00 -12.10 -8.44
CA ALA EC 32 125.03 -11.46 -9.32
C ALA EC 32 125.27 -9.96 -9.37
N TYR EC 33 125.24 -9.42 -10.59
CA TYR EC 33 125.26 -7.99 -10.86
C TYR EC 33 123.90 -7.63 -11.41
N LYS EC 34 123.19 -6.73 -10.74
CA LYS EC 34 121.85 -6.35 -11.10
C LYS EC 34 121.79 -4.85 -11.36
N ARG EC 35 121.04 -4.48 -12.39
CA ARG EC 35 120.96 -3.11 -12.88
C ARG EC 35 119.51 -2.66 -12.87
N LEU EC 36 119.28 -1.39 -12.56
CA LEU EC 36 117.94 -0.83 -12.58
C LEU EC 36 118.05 0.64 -12.93
N ALA EC 37 117.85 0.97 -14.21
CA ALA EC 37 118.04 2.33 -14.68
C ALA EC 37 117.04 3.28 -14.01
N PRO EC 38 117.42 4.53 -13.79
CA PRO EC 38 116.47 5.50 -13.21
C PRO EC 38 115.30 5.75 -14.14
N LYS EC 39 114.14 5.95 -13.55
CA LYS EC 39 112.93 6.29 -14.28
C LYS EC 39 112.51 7.69 -13.89
N ARG EC 40 112.31 8.55 -14.88
CA ARG EC 40 111.99 9.96 -14.67
C ARG EC 40 110.48 10.09 -14.47
N THR EC 41 110.02 9.60 -13.33
CA THR EC 41 108.59 9.59 -13.04
C THR EC 41 108.07 10.96 -12.63
N LYS EC 42 108.96 11.90 -12.34
CA LYS EC 42 108.59 13.26 -11.99
C LYS EC 42 109.69 14.19 -12.49
N ASP EC 43 109.71 15.40 -11.94
CA ASP EC 43 110.78 16.35 -12.24
C ASP EC 43 112.13 15.75 -11.87
N SER EC 44 112.14 14.81 -10.93
CA SER EC 44 113.36 14.10 -10.60
C SER EC 44 113.82 13.28 -11.79
N PRO EC 45 115.13 13.09 -11.98
CA PRO EC 45 115.59 12.17 -13.02
C PRO EC 45 115.54 10.71 -12.61
N GLY EC 46 115.01 10.41 -11.42
CA GLY EC 46 114.95 9.06 -10.93
C GLY EC 46 116.21 8.65 -10.18
N MET EC 47 116.17 7.45 -9.63
CA MET EC 47 117.30 6.86 -8.93
C MET EC 47 117.83 5.68 -9.72
N ALA EC 48 119.14 5.68 -9.98
CA ALA EC 48 119.80 4.56 -10.61
C ALA EC 48 120.15 3.53 -9.53
N LYS EC 49 119.56 2.35 -9.62
CA LYS EC 49 119.81 1.28 -8.68
C LYS EC 49 120.83 0.30 -9.24
N SER EC 50 121.77 -0.11 -8.41
CA SER EC 50 122.65 -1.22 -8.72
C SER EC 50 122.63 -2.22 -7.56
N GLU EC 51 123.03 -3.44 -7.86
CA GLU EC 51 123.05 -4.49 -6.85
C GLU EC 51 124.19 -5.44 -7.14
N LEU EC 52 124.98 -5.78 -6.13
CA LEU EC 52 126.05 -6.75 -6.29
C LEU EC 52 125.95 -7.72 -5.13
N LYS EC 53 125.47 -8.93 -5.39
CA LYS EC 53 125.20 -9.87 -4.31
C LYS EC 53 125.96 -11.17 -4.51
N ILE EC 54 126.42 -11.73 -3.40
CA ILE EC 54 127.07 -13.02 -3.37
C ILE EC 54 126.21 -13.96 -2.55
N THR EC 55 125.95 -15.14 -3.09
CA THR EC 55 125.10 -16.12 -2.45
C THR EC 55 125.85 -17.44 -2.34
N ARG EC 56 125.86 -18.00 -1.14
CA ARG EC 56 126.42 -19.32 -0.90
C ARG EC 56 125.31 -20.27 -0.50
N VAL EC 57 125.20 -21.39 -1.21
CA VAL EC 57 124.33 -22.48 -0.82
C VAL EC 57 125.14 -23.76 -0.90
N ASP EC 58 124.98 -24.61 0.10
CA ASP EC 58 125.69 -25.88 0.01
C ASP EC 58 125.06 -26.74 -1.07
N PRO EC 59 125.82 -27.20 -2.07
CA PRO EC 59 125.20 -27.85 -3.22
C PRO EC 59 124.94 -29.33 -3.02
N THR EC 60 124.45 -29.71 -1.85
CA THR EC 60 123.99 -31.07 -1.62
C THR EC 60 122.53 -31.07 -1.18
N THR EC 61 122.21 -30.23 -0.21
CA THR EC 61 120.85 -30.09 0.29
C THR EC 61 120.21 -28.77 -0.08
N GLY EC 62 120.97 -27.84 -0.65
CA GLY EC 62 120.40 -26.60 -1.12
C GLY EC 62 119.85 -25.70 -0.05
N VAL EC 63 120.47 -25.66 1.13
CA VAL EC 63 120.10 -24.70 2.16
C VAL EC 63 121.02 -23.49 2.02
N LEU EC 64 120.45 -22.30 2.08
CA LEU EC 64 121.21 -21.08 1.89
C LEU EC 64 122.08 -20.84 3.11
N ILE EC 65 123.39 -20.80 2.91
CA ILE EC 65 124.30 -20.49 4.02
C ILE EC 65 124.25 -19.01 4.35
N GLY EC 66 124.30 -18.15 3.34
CA GLY EC 66 124.26 -16.71 3.60
C GLY EC 66 124.33 -15.91 2.32
N ILE EC 67 123.90 -14.65 2.44
CA ILE EC 67 123.91 -13.68 1.36
C ILE EC 67 124.56 -12.39 1.86
N VAL EC 68 125.44 -11.82 1.05
CA VAL EC 68 125.95 -10.47 1.29
C VAL EC 68 125.64 -9.65 0.04
N ASN EC 69 124.98 -8.51 0.25
CA ASN EC 69 124.43 -7.72 -0.84
C ASN EC 69 124.96 -6.29 -0.76
N VAL EC 70 125.42 -5.76 -1.89
CA VAL EC 70 125.86 -4.38 -1.97
C VAL EC 70 124.92 -3.67 -2.95
N SER EC 71 124.02 -2.85 -2.41
CA SER EC 71 123.04 -2.15 -3.20
C SER EC 71 123.35 -0.67 -3.23
N SER EC 72 123.06 -0.03 -4.35
CA SER EC 72 123.23 1.41 -4.50
C SER EC 72 121.96 2.01 -5.05
N SER EC 73 121.59 3.17 -4.53
CA SER EC 73 120.45 3.94 -5.02
C SER EC 73 120.91 5.39 -5.08
N ILE EC 74 121.37 5.80 -6.25
CA ILE EC 74 121.96 7.12 -6.45
C ILE EC 74 121.12 7.88 -7.48
N ARG EC 75 120.90 9.16 -7.23
CA ARG EC 75 120.20 10.01 -8.18
C ARG EC 75 120.89 9.98 -9.53
N ALA EC 76 120.10 9.96 -10.60
CA ALA EC 76 120.66 9.99 -11.93
C ALA EC 76 121.46 11.26 -12.18
N ASP EC 77 121.04 12.37 -11.58
CA ASP EC 77 121.75 13.64 -11.73
C ASP EC 77 122.96 13.76 -10.80
N ALA EC 78 123.14 12.82 -9.87
CA ALA EC 78 124.17 12.97 -8.86
C ALA EC 78 125.56 12.98 -9.49
N THR EC 79 126.38 13.92 -9.06
CA THR EC 79 127.70 14.09 -9.62
C THR EC 79 128.58 12.88 -9.33
N ALA EC 80 129.59 12.70 -10.19
CA ALA EC 80 130.54 11.62 -9.98
C ALA EC 80 131.30 11.79 -8.67
N ALA EC 81 131.42 13.03 -8.18
CA ALA EC 81 132.05 13.24 -6.88
C ALA EC 81 131.23 12.60 -5.76
N ASP EC 82 129.91 12.79 -5.78
CA ASP EC 82 129.05 12.18 -4.77
C ASP EC 82 129.14 10.66 -4.84
N LYS EC 83 129.12 10.12 -6.05
CA LYS EC 83 129.15 8.67 -6.25
C LYS EC 83 130.48 8.07 -5.79
N THR EC 84 131.59 8.72 -6.15
CA THR EC 84 132.89 8.25 -5.70
C THR EC 84 133.04 8.36 -4.20
N ALA EC 85 132.52 9.44 -3.60
CA ALA EC 85 132.58 9.58 -2.16
C ALA EC 85 131.77 8.49 -1.47
N LEU EC 86 130.59 8.19 -2.00
CA LEU EC 86 129.77 7.12 -1.45
C LEU EC 86 130.51 5.79 -1.48
N MET EC 87 131.12 5.46 -2.63
CA MET EC 87 131.84 4.19 -2.71
C MET EC 87 133.04 4.18 -1.79
N ALA EC 88 133.77 5.30 -1.72
CA ALA EC 88 134.95 5.36 -0.87
C ALA EC 88 134.59 5.19 0.60
N ILE EC 89 133.52 5.85 1.04
CA ILE EC 89 133.10 5.73 2.43
C ILE EC 89 132.66 4.30 2.73
N ILE EC 90 131.87 3.70 1.83
CA ILE EC 90 131.37 2.37 2.15
C ILE EC 90 132.49 1.34 2.13
N THR EC 91 133.43 1.47 1.21
CA THR EC 91 134.55 0.53 1.16
C THR EC 91 135.46 0.70 2.37
N ALA EC 92 135.69 1.95 2.78
CA ALA EC 92 136.49 2.18 3.98
C ALA EC 92 135.81 1.60 5.21
N ALA EC 93 134.48 1.75 5.30
CA ALA EC 93 133.74 1.17 6.42
C ALA EC 93 133.81 -0.34 6.41
N GLN EC 94 133.69 -0.96 5.23
CA GLN EC 94 133.80 -2.41 5.15
C GLN EC 94 135.18 -2.90 5.54
N ALA EC 95 136.23 -2.21 5.09
CA ALA EC 95 137.58 -2.60 5.47
C ALA EC 95 137.82 -2.47 6.96
N ASP EC 96 137.08 -1.59 7.64
CA ASP EC 96 137.20 -1.43 9.07
C ASP EC 96 136.65 -2.65 9.79
N GLY EC 97 137.21 -2.92 10.97
CA GLY EC 97 136.82 -4.09 11.74
C GLY EC 97 135.41 -4.06 12.27
N ALA EC 98 134.80 -2.87 12.35
CA ALA EC 98 133.43 -2.79 12.85
C ALA EC 98 132.46 -3.58 11.99
N TRP EC 99 132.60 -3.49 10.66
CA TRP EC 99 131.77 -4.31 9.78
C TRP EC 99 132.08 -5.79 9.94
N THR EC 100 133.36 -6.12 10.09
CA THR EC 100 133.77 -7.52 10.26
C THR EC 100 133.14 -8.14 11.50
N GLU EC 101 132.97 -7.36 12.57
CA GLU EC 101 132.31 -7.86 13.78
C GLU EC 101 130.80 -7.79 13.71
N LEU EC 102 130.25 -6.77 13.05
CA LEU EC 102 128.80 -6.71 12.84
C LEU EC 102 128.32 -7.95 12.12
N VAL EC 103 129.04 -8.36 11.08
CA VAL EC 103 128.91 -9.72 10.59
C VAL EC 103 129.69 -10.64 11.51
N THR EC 104 129.26 -11.89 11.63
CA THR EC 104 129.94 -12.91 12.43
C THR EC 104 129.83 -12.68 13.94
N ASP EC 105 129.33 -11.52 14.37
CA ASP EC 105 129.12 -11.30 15.79
C ASP EC 105 127.83 -10.59 16.14
N GLN EC 106 127.19 -9.93 15.18
CA GLN EC 106 126.09 -9.01 15.45
C GLN EC 106 126.47 -7.98 16.51
N ARG EC 107 127.69 -7.48 16.40
CA ARG EC 107 128.25 -6.53 17.35
C ARG EC 107 128.17 -5.13 16.77
N LEU EC 108 127.42 -4.26 17.44
CA LEU EC 108 127.33 -2.88 17.02
C LEU EC 108 128.57 -2.10 17.45
N PRO EC 109 128.97 -1.08 16.69
CA PRO EC 109 130.12 -0.27 17.08
C PRO EC 109 129.80 0.65 18.24
N LEU EC 110 129.69 0.08 19.44
CA LEU EC 110 129.48 0.86 20.65
C LEU EC 110 130.26 0.33 21.84
N ALA EC 111 131.13 -0.67 21.65
CA ALA EC 111 131.88 -1.23 22.76
C ALA EC 111 132.94 -0.25 23.23
N THR EC 112 133.16 -0.21 24.55
CA THR EC 112 134.17 0.65 25.15
C THR EC 112 135.56 0.02 25.17
N VAL EC 113 135.68 -1.24 24.75
CA VAL EC 113 136.95 -1.97 24.73
C VAL EC 113 137.55 -2.07 26.12
N SER FC 1 119.81 7.71 -57.00
CA SER FC 1 120.09 8.49 -58.19
C SER FC 1 120.41 7.62 -59.40
N LYS FC 2 121.64 7.14 -59.45
CA LYS FC 2 122.13 6.39 -60.61
C LYS FC 2 122.76 5.10 -60.12
N VAL FC 3 123.53 4.46 -61.00
CA VAL FC 3 123.90 3.05 -60.91
C VAL FC 3 124.32 2.64 -59.51
N PHE FC 4 123.63 1.64 -58.96
CA PHE FC 4 123.90 1.07 -57.66
C PHE FC 4 124.04 -0.43 -57.82
N ASN FC 5 125.14 -0.98 -57.31
CA ASN FC 5 125.39 -2.43 -57.38
C ASN FC 5 125.30 -2.90 -58.84
N THR FC 6 125.90 -2.13 -59.73
CA THR FC 6 125.97 -2.36 -61.17
C THR FC 6 124.61 -2.40 -61.85
N GLN FC 7 123.55 -1.99 -61.18
CA GLN FC 7 122.23 -1.89 -61.78
C GLN FC 7 121.90 -0.42 -62.02
N THR FC 8 121.29 -0.13 -63.15
CA THR FC 8 120.91 1.23 -63.51
C THR FC 8 119.51 1.49 -62.97
N PHE FC 9 119.38 2.51 -62.13
CA PHE FC 9 118.09 2.92 -61.59
C PHE FC 9 117.70 4.23 -62.25
N ASP FC 10 116.62 4.20 -63.01
CA ASP FC 10 116.09 5.38 -63.67
C ASP FC 10 114.85 5.85 -62.94
N ILE FC 11 114.59 7.16 -62.99
CA ILE FC 11 113.43 7.70 -62.28
C ILE FC 11 112.17 7.08 -62.86
N TYR FC 12 111.36 6.50 -61.99
CA TYR FC 12 110.07 5.96 -62.38
C TYR FC 12 108.93 6.91 -62.11
N SER FC 13 108.99 7.65 -61.02
CA SER FC 13 107.91 8.55 -60.68
C SER FC 13 108.45 9.64 -59.77
N THR FC 14 107.93 10.85 -59.94
CA THR FC 14 108.27 11.94 -59.05
C THR FC 14 107.01 12.46 -58.41
N GLU FC 15 107.06 12.66 -57.11
CA GLU FC 15 105.94 13.12 -56.31
C GLU FC 15 106.38 14.35 -55.52
N LYS FC 16 105.41 14.99 -54.86
CA LYS FC 16 105.69 16.13 -54.00
C LYS FC 16 106.82 15.83 -53.02
N ASP FC 17 106.70 14.71 -52.29
CA ASP FC 17 107.68 14.33 -51.29
C ASP FC 17 108.26 12.95 -51.53
N VAL FC 18 108.06 12.37 -52.72
CA VAL FC 18 108.50 11.01 -53.01
C VAL FC 18 109.16 11.01 -54.38
N VAL FC 19 110.28 10.31 -54.50
CA VAL FC 19 110.91 10.06 -55.78
C VAL FC 19 111.21 8.56 -55.87
N SER FC 20 110.73 7.93 -56.94
CA SER FC 20 110.86 6.49 -57.12
C SER FC 20 111.65 6.20 -58.39
N LEU FC 21 112.67 5.37 -58.25
CA LEU FC 21 113.52 4.91 -59.34
C LEU FC 21 113.32 3.41 -59.54
N ARG FC 22 113.36 2.98 -60.79
CA ARG FC 22 113.17 1.58 -61.11
C ARG FC 22 114.36 1.11 -61.93
N ASP FC 23 114.74 -0.15 -61.74
CA ASP FC 23 115.84 -0.71 -62.51
C ASP FC 23 115.52 -0.75 -64.00
N PHE FC 24 114.32 -1.20 -64.34
CA PHE FC 24 113.82 -1.26 -65.71
C PHE FC 24 114.56 -2.31 -66.53
N ALA FC 25 115.58 -2.93 -65.95
CA ALA FC 25 116.29 -4.04 -66.57
C ALA FC 25 115.86 -5.37 -65.99
N ASN FC 26 115.97 -5.57 -64.69
CA ASN FC 26 115.37 -6.72 -64.06
C ASN FC 26 113.89 -6.53 -63.77
N ASP FC 27 113.40 -5.29 -63.83
CA ASP FC 27 112.00 -4.95 -63.59
C ASP FC 27 111.51 -5.51 -62.26
N LYS FC 28 112.38 -5.51 -61.25
CA LYS FC 28 112.03 -6.08 -59.96
C LYS FC 28 112.46 -5.23 -58.79
N ASP FC 29 113.30 -4.21 -59.00
CA ASP FC 29 113.83 -3.39 -57.92
C ASP FC 29 113.29 -1.97 -58.02
N THR FC 30 112.84 -1.44 -56.89
CA THR FC 30 112.37 -0.07 -56.80
C THR FC 30 113.04 0.63 -55.63
N LEU FC 31 113.63 1.79 -55.88
CA LEU FC 31 114.28 2.58 -54.86
C LEU FC 31 113.48 3.85 -54.63
N ALA FC 32 112.98 4.05 -53.41
CA ALA FC 32 112.12 5.16 -53.07
C ALA FC 32 112.80 6.08 -52.07
N TYR FC 33 112.78 7.38 -52.37
CA TYR FC 33 113.19 8.45 -51.47
C TYR FC 33 111.90 9.11 -50.97
N LYS FC 34 111.68 9.06 -49.66
CA LYS FC 34 110.51 9.61 -49.01
C LYS FC 34 110.92 10.74 -48.09
N ARG FC 35 110.15 11.82 -48.11
CA ARG FC 35 110.45 13.04 -47.38
C ARG FC 35 109.27 13.37 -46.46
N LEU FC 36 109.57 13.97 -45.31
CA LEU FC 36 108.50 14.42 -44.41
C LEU FC 36 109.05 15.53 -43.53
N ALA FC 37 108.56 16.75 -43.73
CA ALA FC 37 109.07 17.89 -43.00
C ALA FC 37 108.71 17.80 -41.51
N PRO FC 38 109.56 18.32 -40.63
CA PRO FC 38 109.21 18.34 -39.20
C PRO FC 38 108.03 19.25 -38.93
N LYS FC 39 107.18 18.84 -38.01
CA LYS FC 39 105.99 19.60 -37.65
C LYS FC 39 106.18 20.22 -36.26
N ARG FC 40 106.03 21.53 -36.17
CA ARG FC 40 106.15 22.26 -34.92
C ARG FC 40 104.80 22.19 -34.21
N THR FC 41 104.42 20.98 -33.82
CA THR FC 41 103.16 20.75 -33.14
C THR FC 41 103.18 21.28 -31.72
N LYS FC 42 104.34 21.71 -31.24
CA LYS FC 42 104.53 22.20 -29.90
C LYS FC 42 105.73 23.14 -29.91
N ASP FC 43 106.26 23.43 -28.73
CA ASP FC 43 107.49 24.21 -28.63
C ASP FC 43 108.60 23.58 -29.45
N SER FC 44 108.65 22.24 -29.44
CA SER FC 44 109.66 21.53 -30.21
C SER FC 44 109.48 21.79 -31.70
N PRO FC 45 110.57 21.97 -32.45
CA PRO FC 45 110.43 22.24 -33.89
C PRO FC 45 110.00 21.02 -34.70
N GLY FC 46 109.88 19.86 -34.09
CA GLY FC 46 109.45 18.66 -34.78
C GLY FC 46 110.61 17.81 -35.27
N MET FC 47 110.25 16.65 -35.80
CA MET FC 47 111.21 15.66 -36.25
C MET FC 47 111.11 15.52 -37.76
N ALA FC 48 112.23 15.70 -38.45
CA ALA FC 48 112.28 15.61 -39.91
C ALA FC 48 112.46 14.15 -40.31
N LYS FC 49 111.45 13.58 -40.95
CA LYS FC 49 111.47 12.19 -41.36
C LYS FC 49 112.06 12.04 -42.75
N SER FC 50 113.00 11.12 -42.89
CA SER FC 50 113.53 10.73 -44.19
C SER FC 50 113.35 9.24 -44.34
N GLU FC 51 113.34 8.77 -45.59
CA GLU FC 51 113.24 7.35 -45.83
C GLU FC 51 113.91 7.01 -47.15
N LEU FC 52 114.72 5.96 -47.14
CA LEU FC 52 115.35 5.43 -48.34
C LEU FC 52 115.11 3.93 -48.34
N LYS FC 53 114.29 3.44 -49.27
CA LYS FC 53 113.94 2.02 -49.25
C LYS FC 53 114.17 1.39 -50.61
N ILE FC 54 114.57 0.12 -50.58
CA ILE FC 54 114.68 -0.71 -51.77
C ILE FC 54 113.70 -1.87 -51.63
N THR FC 55 112.85 -2.04 -52.63
CA THR FC 55 111.83 -3.07 -52.63
C THR FC 55 112.04 -3.98 -53.83
N ARG FC 56 112.06 -5.28 -53.59
CA ARG FC 56 112.18 -6.27 -54.65
C ARG FC 56 110.87 -7.03 -54.75
N VAL FC 57 110.31 -7.03 -55.96
CA VAL FC 57 109.07 -7.75 -56.24
C VAL FC 57 109.34 -8.68 -57.40
N ASP FC 58 108.92 -9.93 -57.27
CA ASP FC 58 109.20 -10.89 -58.33
C ASP FC 58 108.39 -10.56 -59.57
N PRO FC 59 109.00 -10.26 -60.70
CA PRO FC 59 108.25 -9.71 -61.84
C PRO FC 59 107.64 -10.75 -62.76
N THR FC 60 107.07 -11.83 -62.23
CA THR FC 60 106.22 -12.69 -63.06
C THR FC 60 104.88 -12.92 -62.38
N THR FC 61 104.87 -13.04 -61.06
CA THR FC 61 103.62 -13.16 -60.30
C THR FC 61 103.44 -12.03 -59.29
N GLY FC 62 104.47 -11.23 -59.02
CA GLY FC 62 104.33 -10.09 -58.15
C GLY FC 62 104.42 -10.38 -56.67
N VAL FC 63 105.26 -11.32 -56.27
CA VAL FC 63 105.44 -11.64 -54.84
C VAL FC 63 106.62 -10.84 -54.30
N LEU FC 64 106.37 -10.14 -53.20
CA LEU FC 64 107.40 -9.31 -52.56
C LEU FC 64 108.50 -10.20 -52.02
N ILE FC 65 109.69 -10.13 -52.65
CA ILE FC 65 110.82 -10.90 -52.15
C ILE FC 65 111.35 -10.31 -50.84
N GLY FC 66 111.54 -9.00 -50.79
CA GLY FC 66 112.10 -8.40 -49.60
C GLY FC 66 112.13 -6.89 -49.70
N ILE FC 67 112.28 -6.27 -48.54
CA ILE FC 67 112.42 -4.82 -48.41
C ILE FC 67 113.54 -4.53 -47.43
N VAL FC 68 114.46 -3.65 -47.81
CA VAL FC 68 115.39 -3.05 -46.87
C VAL FC 68 115.11 -1.55 -46.86
N ASN FC 69 114.80 -1.02 -45.68
CA ASN FC 69 114.39 0.38 -45.55
C ASN FC 69 115.31 1.08 -44.56
N VAL FC 70 115.77 2.27 -44.93
CA VAL FC 70 116.55 3.13 -44.05
C VAL FC 70 115.70 4.36 -43.77
N SER FC 71 115.32 4.53 -42.52
CA SER FC 71 114.48 5.65 -42.11
C SER FC 71 115.21 6.51 -41.09
N SER FC 72 114.96 7.81 -41.13
CA SER FC 72 115.56 8.74 -40.20
C SER FC 72 114.49 9.60 -39.55
N SER FC 73 114.63 9.83 -38.26
CA SER FC 73 113.74 10.70 -37.50
C SER FC 73 114.65 11.55 -36.62
N ILE FC 74 115.02 12.73 -37.14
CA ILE FC 74 115.97 13.61 -36.49
C ILE FC 74 115.26 14.91 -36.14
N ARG FC 75 115.56 15.45 -34.95
CA ARG FC 75 115.01 16.73 -34.54
C ARG FC 75 115.33 17.79 -35.57
N ALA FC 76 114.35 18.67 -35.81
CA ALA FC 76 114.55 19.76 -36.75
C ALA FC 76 115.69 20.67 -36.31
N ASP FC 77 115.91 20.80 -35.01
CA ASP FC 77 116.98 21.64 -34.48
C ASP FC 77 118.30 20.90 -34.33
N ALA FC 78 118.34 19.59 -34.59
CA ALA FC 78 119.55 18.83 -34.34
C ALA FC 78 120.70 19.33 -35.20
N THR FC 79 121.87 19.40 -34.60
CA THR FC 79 123.03 19.96 -35.27
C THR FC 79 123.49 19.04 -36.39
N ALA FC 80 124.15 19.64 -37.39
CA ALA FC 80 124.71 18.86 -38.49
C ALA FC 80 125.73 17.86 -37.99
N ALA FC 81 126.39 18.16 -36.86
CA ALA FC 81 127.29 17.20 -36.24
C ALA FC 81 126.52 15.96 -35.78
N ASP FC 82 125.35 16.16 -35.17
CA ASP FC 82 124.54 15.02 -34.75
C ASP FC 82 124.13 14.18 -35.94
N LYS FC 83 123.69 14.82 -37.02
CA LYS FC 83 123.25 14.07 -38.19
C LYS FC 83 124.40 13.33 -38.86
N THR FC 84 125.55 13.98 -38.97
CA THR FC 84 126.72 13.32 -39.53
C THR FC 84 127.15 12.14 -38.67
N ALA FC 85 127.12 12.30 -37.34
CA ALA FC 85 127.50 11.20 -36.45
C ALA FC 85 126.52 10.04 -36.57
N LEU FC 86 125.23 10.34 -36.62
CA LEU FC 86 124.24 9.27 -36.77
C LEU FC 86 124.44 8.51 -38.07
N MET FC 87 124.63 9.24 -39.17
CA MET FC 87 124.83 8.59 -40.45
C MET FC 87 126.11 7.77 -40.47
N ALA FC 88 127.19 8.29 -39.90
CA ALA FC 88 128.46 7.58 -39.88
C ALA FC 88 128.38 6.32 -39.02
N ILE FC 89 127.74 6.41 -37.86
CA ILE FC 89 127.60 5.25 -37.00
C ILE FC 89 126.78 4.17 -37.69
N ILE FC 90 125.65 4.55 -38.29
CA ILE FC 90 124.81 3.54 -38.92
C ILE FC 90 125.51 2.94 -40.14
N THR FC 91 126.25 3.75 -40.90
CA THR FC 91 126.97 3.21 -42.06
C THR FC 91 128.07 2.26 -41.63
N ALA FC 92 128.80 2.60 -40.57
CA ALA FC 92 129.83 1.70 -40.06
C ALA FC 92 129.23 0.41 -39.53
N ALA FC 93 128.10 0.49 -38.85
CA ALA FC 93 127.43 -0.71 -38.35
C ALA FC 93 126.97 -1.59 -39.50
N GLN FC 94 126.43 -0.99 -40.56
CA GLN FC 94 126.03 -1.77 -41.72
C GLN FC 94 127.24 -2.41 -42.40
N ALA FC 95 128.36 -1.70 -42.45
CA ALA FC 95 129.58 -2.28 -43.00
C ALA FC 95 130.12 -3.41 -42.13
N ASP FC 96 129.81 -3.40 -40.85
CA ASP FC 96 130.21 -4.49 -39.97
C ASP FC 96 129.43 -5.75 -40.31
N GLY FC 97 130.04 -6.91 -40.01
CA GLY FC 97 129.44 -8.19 -40.38
C GLY FC 97 128.26 -8.59 -39.52
N ALA FC 98 128.11 -7.98 -38.35
CA ALA FC 98 126.96 -8.31 -37.50
C ALA FC 98 125.66 -8.02 -38.23
N TRP FC 99 125.61 -6.94 -39.01
CA TRP FC 99 124.42 -6.67 -39.82
C TRP FC 99 124.26 -7.72 -40.92
N THR FC 100 125.35 -8.11 -41.56
CA THR FC 100 125.27 -9.11 -42.62
C THR FC 100 124.86 -10.47 -42.09
N GLU FC 101 124.95 -10.67 -40.78
CA GLU FC 101 124.43 -11.88 -40.16
C GLU FC 101 122.99 -11.72 -39.67
N LEU FC 102 122.67 -10.57 -39.07
CA LEU FC 102 121.31 -10.28 -38.68
C LEU FC 102 120.36 -10.40 -39.86
N VAL FC 103 120.73 -9.81 -40.97
CA VAL FC 103 120.12 -10.14 -42.26
C VAL FC 103 120.79 -11.42 -42.76
N THR FC 104 120.01 -12.28 -43.40
CA THR FC 104 120.43 -13.56 -43.97
C THR FC 104 120.62 -14.67 -42.94
N ASP FC 105 120.64 -14.35 -41.65
CA ASP FC 105 120.70 -15.43 -40.67
C ASP FC 105 119.85 -15.22 -39.44
N GLN FC 106 119.39 -13.99 -39.17
CA GLN FC 106 118.75 -13.65 -37.90
C GLN FC 106 119.68 -13.96 -36.73
N ARG FC 107 120.97 -13.68 -36.93
CA ARG FC 107 122.00 -13.94 -35.94
C ARG FC 107 122.32 -12.64 -35.21
N LEU FC 108 122.10 -12.63 -33.95
CA LEU FC 108 122.37 -11.49 -33.10
C LEU FC 108 123.84 -11.45 -32.69
N PRO FC 109 124.37 -10.27 -32.41
CA PRO FC 109 125.75 -10.19 -31.95
C PRO FC 109 125.90 -10.60 -30.50
N LEU FC 110 125.62 -11.87 -30.22
CA LEU FC 110 125.81 -12.43 -28.90
C LEU FC 110 126.47 -13.81 -28.91
N ALA FC 111 126.65 -14.42 -30.09
CA ALA FC 111 127.30 -15.71 -30.16
C ALA FC 111 128.76 -15.60 -29.72
N THR FC 112 129.24 -16.64 -29.04
CA THR FC 112 130.61 -16.66 -28.52
C THR FC 112 131.64 -17.10 -29.55
N VAL FC 113 131.21 -17.52 -30.74
CA VAL FC 113 132.10 -17.98 -31.81
C VAL FC 113 132.92 -19.18 -31.37
N SER GC 1 -58.81 106.95 -53.48
CA SER GC 1 -59.51 107.86 -52.58
C SER GC 1 -61.00 107.91 -52.92
N LYS GC 2 -61.31 108.38 -54.12
CA LYS GC 2 -62.69 108.50 -54.59
C LYS GC 2 -62.72 108.02 -56.04
N VAL GC 3 -63.81 108.36 -56.74
CA VAL GC 3 -64.12 107.80 -58.05
C VAL GC 3 -62.92 107.83 -59.00
N PHE GC 4 -62.54 106.64 -59.47
CA PHE GC 4 -61.45 106.46 -60.43
C PHE GC 4 -61.94 105.54 -61.53
N ASN GC 5 -61.72 105.94 -62.78
CA ASN GC 5 -62.14 105.14 -63.94
C ASN GC 5 -63.64 104.82 -63.83
N THR GC 6 -64.42 105.84 -63.49
CA THR GC 6 -65.86 105.78 -63.34
C THR GC 6 -66.32 104.80 -62.28
N GLN GC 7 -65.45 104.39 -61.36
CA GLN GC 7 -65.83 103.53 -60.25
C GLN GC 7 -65.57 104.24 -58.94
N THR GC 8 -66.50 104.11 -57.99
CA THR GC 8 -66.43 104.79 -56.71
C THR GC 8 -65.76 103.88 -55.69
N PHE GC 9 -64.62 104.33 -55.17
CA PHE GC 9 -63.87 103.56 -54.19
C PHE GC 9 -64.09 104.18 -52.82
N ASP GC 10 -64.73 103.43 -51.93
CA ASP GC 10 -64.98 103.85 -50.57
C ASP GC 10 -64.09 103.06 -49.61
N ILE GC 11 -63.75 103.67 -48.50
CA ILE GC 11 -62.83 103.04 -47.55
C ILE GC 11 -63.47 101.77 -47.01
N TYR GC 12 -62.76 100.67 -47.12
CA TYR GC 12 -63.16 99.43 -46.48
C TYR GC 12 -62.41 99.15 -45.19
N SER GC 13 -61.15 99.54 -45.12
CA SER GC 13 -60.36 99.19 -43.94
C SER GC 13 -59.25 100.22 -43.75
N THR GC 14 -58.86 100.41 -42.50
CA THR GC 14 -57.77 101.32 -42.16
C THR GC 14 -56.88 100.66 -41.13
N GLU GC 15 -55.60 100.53 -41.46
CA GLU GC 15 -54.59 100.02 -40.55
C GLU GC 15 -53.70 101.16 -40.09
N LYS GC 16 -52.65 100.80 -39.36
CA LYS GC 16 -51.66 101.80 -38.97
C LYS GC 16 -50.98 102.40 -40.19
N ASP GC 17 -50.67 101.56 -41.19
CA ASP GC 17 -49.94 102.02 -42.36
C ASP GC 17 -50.58 101.59 -43.67
N VAL GC 18 -51.78 101.01 -43.65
CA VAL GC 18 -52.50 100.65 -44.86
C VAL GC 18 -53.90 101.22 -44.80
N VAL GC 19 -54.35 101.79 -45.91
CA VAL GC 19 -55.74 102.13 -46.13
C VAL GC 19 -56.22 101.34 -47.34
N SER GC 20 -57.33 100.63 -47.19
CA SER GC 20 -57.90 99.83 -48.25
C SER GC 20 -59.29 100.35 -48.59
N LEU GC 21 -59.51 100.58 -49.89
CA LEU GC 21 -60.77 101.03 -50.43
C LEU GC 21 -61.32 99.98 -51.39
N ARG GC 22 -62.63 99.87 -51.44
CA ARG GC 22 -63.31 98.92 -52.31
C ARG GC 22 -64.35 99.64 -53.16
N ASP GC 23 -64.70 99.03 -54.27
CA ASP GC 23 -65.74 99.59 -55.13
C ASP GC 23 -67.12 99.43 -54.50
N PHE GC 24 -67.41 98.24 -53.99
CA PHE GC 24 -68.69 97.91 -53.35
C PHE GC 24 -69.81 97.89 -54.38
N ALA GC 25 -69.51 98.24 -55.63
CA ALA GC 25 -70.46 98.21 -56.72
C ALA GC 25 -70.27 96.97 -57.60
N ASN GC 26 -69.07 96.78 -58.14
CA ASN GC 26 -68.75 95.53 -58.81
C ASN GC 26 -68.13 94.51 -57.87
N ASP GC 27 -67.74 94.92 -56.66
CA ASP GC 27 -67.23 94.03 -55.63
C ASP GC 27 -66.06 93.19 -56.13
N LYS GC 28 -65.21 93.78 -56.96
CA LYS GC 28 -64.09 93.05 -57.53
C LYS GC 28 -62.76 93.79 -57.43
N ASP GC 29 -62.76 95.09 -57.17
CA ASP GC 29 -61.54 95.88 -57.16
C ASP GC 29 -61.26 96.37 -55.74
N THR GC 30 -59.99 96.28 -55.34
CA THR GC 30 -59.54 96.85 -54.09
C THR GC 30 -58.30 97.70 -54.36
N LEU GC 31 -58.32 98.93 -53.87
CA LEU GC 31 -57.22 99.86 -54.01
C LEU GC 31 -56.60 100.08 -52.63
N ALA GC 32 -55.29 99.85 -52.53
CA ALA GC 32 -54.58 99.92 -51.26
C ALA GC 32 -53.48 100.97 -51.33
N TYR GC 33 -53.44 101.84 -50.32
CA TYR GC 33 -52.38 102.81 -50.10
C TYR GC 33 -51.61 102.36 -48.87
N LYS GC 34 -50.30 102.19 -49.02
CA LYS GC 34 -49.50 101.55 -47.99
C LYS GC 34 -48.23 102.37 -47.77
N ARG GC 35 -47.79 102.43 -46.51
CA ARG GC 35 -46.87 103.44 -46.03
C ARG GC 35 -45.78 102.81 -45.17
N LEU GC 36 -44.51 103.07 -45.50
CA LEU GC 36 -43.39 102.69 -44.64
C LEU GC 36 -42.48 103.90 -44.45
N ALA GC 37 -42.42 104.40 -43.22
CA ALA GC 37 -41.53 105.52 -42.93
C ALA GC 37 -40.07 105.10 -43.05
N PRO GC 38 -39.19 106.03 -43.44
CA PRO GC 38 -37.76 105.69 -43.54
C PRO GC 38 -37.16 105.40 -42.17
N LYS GC 39 -36.22 104.48 -42.14
CA LYS GC 39 -35.56 104.10 -40.90
C LYS GC 39 -34.07 104.37 -41.01
N ARG GC 40 -33.56 105.19 -40.08
CA ARG GC 40 -32.15 105.60 -40.06
C ARG GC 40 -31.36 104.44 -39.45
N THR GC 41 -30.96 103.51 -40.32
CA THR GC 41 -30.16 102.37 -39.89
C THR GC 41 -28.67 102.62 -40.05
N LYS GC 42 -28.28 103.75 -40.63
CA LYS GC 42 -26.88 104.08 -40.83
C LYS GC 42 -26.79 105.59 -40.99
N ASP GC 43 -25.65 106.05 -41.52
CA ASP GC 43 -25.50 107.45 -41.87
C ASP GC 43 -26.58 107.88 -42.86
N SER GC 44 -27.11 106.93 -43.63
CA SER GC 44 -28.27 107.21 -44.47
C SER GC 44 -29.51 107.37 -43.60
N PRO GC 45 -30.40 108.31 -43.90
CA PRO GC 45 -31.64 108.46 -43.13
C PRO GC 45 -32.70 107.43 -43.47
N GLY GC 46 -32.41 106.47 -44.35
CA GLY GC 46 -33.38 105.48 -44.76
C GLY GC 46 -34.19 105.90 -45.97
N MET GC 47 -34.94 104.94 -46.49
CA MET GC 47 -35.78 105.14 -47.67
C MET GC 47 -37.24 105.03 -47.27
N ALA GC 48 -38.05 106.00 -47.69
CA ALA GC 48 -39.48 106.00 -47.43
C ALA GC 48 -40.18 105.20 -48.52
N LYS GC 49 -40.91 104.17 -48.12
CA LYS GC 49 -41.65 103.34 -49.05
C LYS GC 49 -43.10 103.78 -49.15
N SER GC 50 -43.58 103.88 -50.38
CA SER GC 50 -44.99 104.01 -50.66
C SER GC 50 -45.41 102.83 -51.52
N GLU GC 51 -46.70 102.50 -51.47
CA GLU GC 51 -47.21 101.43 -52.30
C GLU GC 51 -48.67 101.71 -52.63
N LEU GC 52 -49.01 101.65 -53.91
CA LEU GC 52 -50.37 101.93 -54.36
C LEU GC 52 -50.78 100.81 -55.30
N LYS GC 53 -51.61 99.90 -54.82
CA LYS GC 53 -51.94 98.72 -55.61
C LYS GC 53 -53.43 98.65 -55.89
N ILE GC 54 -53.76 98.21 -57.10
CA ILE GC 54 -55.13 97.84 -57.46
C ILE GC 54 -55.16 96.36 -57.76
N THR GC 55 -56.03 95.64 -57.06
CA THR GC 55 -56.22 94.22 -57.24
C THR GC 55 -57.64 93.95 -57.73
N ARG GC 56 -57.77 93.12 -58.75
CA ARG GC 56 -59.06 92.70 -59.28
C ARG GC 56 -59.23 91.21 -59.03
N VAL GC 57 -60.31 90.85 -58.36
CA VAL GC 57 -60.67 89.46 -58.11
C VAL GC 57 -62.11 89.26 -58.57
N ASP GC 58 -62.35 88.22 -59.36
CA ASP GC 58 -63.73 88.01 -59.78
C ASP GC 58 -64.58 87.57 -58.58
N PRO GC 59 -65.75 88.17 -58.38
CA PRO GC 59 -66.54 87.83 -57.19
C PRO GC 59 -67.48 86.65 -57.40
N THR GC 60 -66.99 85.58 -58.02
CA THR GC 60 -67.78 84.36 -58.13
C THR GC 60 -67.03 83.19 -57.51
N THR GC 61 -65.75 83.04 -57.86
CA THR GC 61 -64.90 82.01 -57.29
C THR GC 61 -63.68 82.57 -56.58
N GLY GC 62 -63.47 83.88 -56.64
CA GLY GC 62 -62.34 84.49 -55.96
C GLY GC 62 -61.00 84.30 -56.63
N VAL GC 63 -60.96 84.13 -57.95
CA VAL GC 63 -59.71 84.00 -58.67
C VAL GC 63 -59.16 85.39 -58.94
N LEU GC 64 -57.85 85.56 -58.74
CA LEU GC 64 -57.21 86.85 -58.91
C LEU GC 64 -56.97 87.10 -60.39
N ILE GC 65 -57.68 88.07 -60.96
CA ILE GC 65 -57.50 88.40 -62.36
C ILE GC 65 -56.16 89.09 -62.60
N GLY GC 66 -55.80 90.06 -61.77
CA GLY GC 66 -54.53 90.73 -61.96
C GLY GC 66 -54.36 91.87 -60.98
N ILE GC 67 -53.09 92.23 -60.78
CA ILE GC 67 -52.71 93.33 -59.90
C ILE GC 67 -51.81 94.28 -60.66
N VAL GC 68 -52.05 95.58 -60.50
CA VAL GC 68 -51.11 96.61 -60.93
C VAL GC 68 -50.69 97.38 -59.70
N ASN GC 69 -49.38 97.51 -59.49
CA ASN GC 69 -48.82 98.11 -58.29
C ASN GC 69 -47.89 99.25 -58.67
N VAL GC 70 -47.98 100.35 -57.91
CA VAL GC 70 -47.07 101.48 -58.05
C VAL GC 70 -46.37 101.65 -56.72
N SER GC 71 -45.10 101.25 -56.65
CA SER GC 71 -44.32 101.35 -55.43
C SER GC 71 -43.18 102.34 -55.62
N SER GC 72 -42.95 103.17 -54.61
CA SER GC 72 -41.86 104.12 -54.61
C SER GC 72 -40.97 103.86 -53.41
N SER GC 73 -39.67 104.00 -53.62
CA SER GC 73 -38.67 103.88 -52.56
C SER GC 73 -37.71 105.05 -52.74
N ILE GC 74 -37.89 106.09 -51.94
CA ILE GC 74 -37.18 107.35 -52.10
C ILE GC 74 -36.43 107.67 -50.82
N ARG GC 75 -35.19 108.15 -50.98
CA ARG GC 75 -34.36 108.53 -49.86
C ARG GC 75 -35.05 109.57 -48.98
N ALA GC 76 -34.88 109.43 -47.66
CA ALA GC 76 -35.51 110.35 -46.74
C ALA GC 76 -35.02 111.78 -46.94
N ASP GC 77 -33.73 111.95 -47.23
CA ASP GC 77 -33.16 113.27 -47.44
C ASP GC 77 -33.42 113.81 -48.85
N ALA GC 78 -34.02 113.00 -49.72
CA ALA GC 78 -34.15 113.39 -51.12
C ALA GC 78 -35.01 114.64 -51.26
N THR GC 79 -34.63 115.49 -52.21
CA THR GC 79 -35.32 116.75 -52.42
C THR GC 79 -36.71 116.52 -52.99
N ALA GC 80 -37.57 117.52 -52.81
CA ALA GC 80 -38.89 117.49 -53.45
C ALA GC 80 -38.76 117.51 -54.96
N ALA GC 81 -37.70 118.14 -55.49
CA ALA GC 81 -37.46 118.13 -56.93
C ALA GC 81 -37.20 116.73 -57.43
N ASP GC 82 -36.42 115.93 -56.69
CA ASP GC 82 -36.17 114.56 -57.09
C ASP GC 82 -37.46 113.76 -57.15
N LYS GC 83 -38.32 113.93 -56.14
CA LYS GC 83 -39.56 113.18 -56.09
C LYS GC 83 -40.51 113.61 -57.19
N THR GC 84 -40.59 114.91 -57.45
CA THR GC 84 -41.42 115.39 -58.55
C THR GC 84 -40.93 114.87 -59.88
N ALA GC 85 -39.60 114.86 -60.08
CA ALA GC 85 -39.05 114.35 -61.33
C ALA GC 85 -39.34 112.87 -61.49
N LEU GC 86 -39.18 112.09 -60.42
CA LEU GC 86 -39.47 110.66 -60.50
C LEU GC 86 -40.93 110.41 -60.87
N MET GC 87 -41.84 111.11 -60.20
CA MET GC 87 -43.27 110.91 -60.49
C MET GC 87 -43.62 111.36 -61.90
N ALA GC 88 -43.09 112.50 -62.33
CA ALA GC 88 -43.37 112.97 -63.68
C ALA GC 88 -42.84 112.01 -64.73
N ILE GC 89 -41.63 111.48 -64.54
CA ILE GC 89 -41.05 110.56 -65.51
C ILE GC 89 -41.88 109.28 -65.58
N ILE GC 90 -42.22 108.72 -64.42
CA ILE GC 90 -42.97 107.47 -64.44
C ILE GC 90 -44.36 107.67 -65.01
N THR GC 91 -44.99 108.82 -64.74
CA THR GC 91 -46.31 109.08 -65.30
C THR GC 91 -46.25 109.27 -66.81
N ALA GC 92 -45.22 109.97 -67.31
CA ALA GC 92 -45.08 110.13 -68.75
C ALA GC 92 -44.83 108.79 -69.42
N ALA GC 93 -44.03 107.93 -68.79
CA ALA GC 93 -43.77 106.61 -69.36
C ALA GC 93 -45.04 105.76 -69.36
N GLN GC 94 -45.87 105.88 -68.33
CA GLN GC 94 -47.13 105.16 -68.30
C GLN GC 94 -48.08 105.67 -69.37
N ALA GC 95 -48.10 106.98 -69.61
CA ALA GC 95 -48.95 107.54 -70.63
C ALA GC 95 -48.51 107.13 -72.03
N ASP GC 96 -47.24 106.79 -72.21
CA ASP GC 96 -46.76 106.30 -73.49
C ASP GC 96 -47.35 104.92 -73.80
N GLY GC 97 -47.44 104.61 -75.10
CA GLY GC 97 -47.98 103.33 -75.52
C GLY GC 97 -47.04 102.17 -75.29
N ALA GC 98 -45.76 102.44 -75.05
CA ALA GC 98 -44.82 101.36 -74.77
C ALA GC 98 -45.22 100.60 -73.52
N TRP GC 99 -45.64 101.32 -72.47
CA TRP GC 99 -46.14 100.65 -71.28
C TRP GC 99 -47.44 99.92 -71.56
N THR GC 100 -48.31 100.52 -72.36
CA THR GC 100 -49.59 99.88 -72.66
C THR GC 100 -49.41 98.62 -73.49
N GLU GC 101 -48.25 98.46 -74.12
CA GLU GC 101 -47.91 97.23 -74.81
C GLU GC 101 -47.18 96.23 -73.92
N LEU GC 102 -46.23 96.72 -73.12
CA LEU GC 102 -45.57 95.89 -72.12
C LEU GC 102 -46.60 95.18 -71.25
N VAL GC 103 -47.54 95.93 -70.74
CA VAL GC 103 -48.74 95.34 -70.15
C VAL GC 103 -49.67 94.95 -71.29
N THR GC 104 -50.35 93.81 -71.13
CA THR GC 104 -51.29 93.23 -72.10
C THR GC 104 -50.62 92.56 -73.29
N ASP GC 105 -49.33 92.78 -73.51
CA ASP GC 105 -48.68 92.19 -74.67
C ASP GC 105 -47.32 91.57 -74.38
N GLN GC 106 -46.68 91.90 -73.27
CA GLN GC 106 -45.32 91.47 -72.97
C GLN GC 106 -44.38 91.87 -74.11
N ARG GC 107 -44.53 93.11 -74.55
CA ARG GC 107 -43.77 93.66 -75.66
C ARG GC 107 -42.79 94.70 -75.15
N LEU GC 108 -41.51 94.50 -75.41
CA LEU GC 108 -40.49 95.46 -75.06
C LEU GC 108 -40.47 96.62 -76.07
N PRO GC 109 -40.01 97.80 -75.67
CA PRO GC 109 -40.04 98.95 -76.59
C PRO GC 109 -38.89 98.95 -77.58
N LEU GC 110 -38.64 97.82 -78.21
CA LEU GC 110 -37.54 97.69 -79.16
C LEU GC 110 -37.98 97.35 -80.57
N ALA GC 111 -39.28 97.19 -80.82
CA ALA GC 111 -39.75 96.98 -82.17
C ALA GC 111 -39.37 98.17 -83.05
N THR GC 112 -39.02 97.88 -84.31
CA THR GC 112 -38.68 98.92 -85.27
C THR GC 112 -39.89 99.48 -85.99
N VAL GC 113 -41.09 98.95 -85.72
CA VAL GC 113 -42.35 99.43 -86.30
C VAL GC 113 -42.41 99.27 -87.81
N SER HC 1 -39.60 104.72 -73.68
CA SER HC 1 -39.12 104.70 -75.05
C SER HC 1 -38.33 105.98 -75.39
N LYS HC 2 -39.02 107.09 -75.51
CA LYS HC 2 -38.42 108.34 -75.95
C LYS HC 2 -38.75 109.42 -74.92
N VAL HC 3 -38.58 110.68 -75.32
CA VAL HC 3 -38.59 111.83 -74.42
C VAL HC 3 -39.74 111.79 -73.43
N PHE HC 4 -39.41 111.79 -72.15
CA PHE HC 4 -40.38 111.80 -71.06
C PHE HC 4 -39.98 112.90 -70.09
N ASN HC 5 -40.97 113.68 -69.64
CA ASN HC 5 -40.73 114.78 -68.71
C ASN HC 5 -39.66 115.73 -69.26
N THR HC 6 -39.75 116.02 -70.56
CA THR HC 6 -38.82 116.84 -71.33
C THR HC 6 -37.41 116.25 -71.40
N GLN HC 7 -37.18 115.06 -70.89
CA GLN HC 7 -35.86 114.43 -70.89
C GLN HC 7 -35.82 113.30 -71.90
N THR HC 8 -34.79 113.30 -72.74
CA THR HC 8 -34.60 112.29 -73.75
C THR HC 8 -33.93 111.07 -73.13
N PHE HC 9 -34.60 109.93 -73.20
CA PHE HC 9 -34.07 108.67 -72.68
C PHE HC 9 -33.61 107.84 -73.85
N ASP HC 10 -32.29 107.73 -74.02
CA ASP HC 10 -31.70 106.94 -75.09
C ASP HC 10 -31.30 105.58 -74.53
N ILE HC 11 -31.30 104.56 -75.41
CA ILE HC 11 -31.16 103.19 -74.95
C ILE HC 11 -29.80 102.99 -74.29
N TYR HC 12 -29.82 102.45 -73.08
CA TYR HC 12 -28.60 102.19 -72.33
C TYR HC 12 -28.16 100.74 -72.39
N SER HC 13 -29.10 99.80 -72.39
CA SER HC 13 -28.76 98.39 -72.48
C SER HC 13 -29.99 97.60 -72.89
N THR HC 14 -29.76 96.41 -73.42
CA THR HC 14 -30.84 95.53 -73.83
C THR HC 14 -30.54 94.12 -73.35
N GLU HC 15 -31.47 93.54 -72.61
CA GLU HC 15 -31.42 92.17 -72.14
C GLU HC 15 -32.59 91.42 -72.78
N LYS HC 16 -32.58 90.09 -72.63
CA LYS HC 16 -33.64 89.25 -73.16
C LYS HC 16 -35.02 89.73 -72.72
N ASP HC 17 -35.12 90.20 -71.47
CA ASP HC 17 -36.41 90.62 -70.93
C ASP HC 17 -36.38 92.03 -70.35
N VAL HC 18 -35.25 92.72 -70.41
CA VAL HC 18 -35.14 94.07 -69.88
C VAL HC 18 -34.56 94.98 -70.96
N VAL HC 19 -35.15 96.16 -71.10
CA VAL HC 19 -34.61 97.22 -71.92
C VAL HC 19 -34.46 98.45 -71.05
N SER HC 20 -33.25 98.97 -70.97
CA SER HC 20 -32.92 100.09 -70.10
C SER HC 20 -32.50 101.28 -70.94
N LEU HC 21 -33.07 102.43 -70.64
CA LEU HC 21 -32.78 103.69 -71.31
C LEU HC 21 -32.18 104.66 -70.31
N ARG HC 22 -31.31 105.54 -70.79
CA ARG HC 22 -30.67 106.52 -69.96
C ARG HC 22 -30.89 107.91 -70.54
N ASP HC 23 -30.91 108.92 -69.66
CA ASP HC 23 -30.99 110.29 -70.14
C ASP HC 23 -29.71 110.69 -70.89
N PHE HC 24 -28.55 110.41 -70.30
CA PHE HC 24 -27.23 110.73 -70.84
C PHE HC 24 -26.97 112.23 -70.86
N ALA HC 25 -27.97 113.02 -70.52
CA ALA HC 25 -27.79 114.46 -70.33
C ALA HC 25 -27.46 114.80 -68.89
N ASN HC 26 -28.33 114.43 -67.95
CA ASN HC 26 -28.02 114.56 -66.54
C ASN HC 26 -27.37 113.30 -65.97
N ASP HC 27 -27.31 112.22 -66.75
CA ASP HC 27 -26.62 110.99 -66.39
C ASP HC 27 -27.09 110.43 -65.06
N LYS HC 28 -28.34 110.67 -64.70
CA LYS HC 28 -28.82 110.27 -63.39
C LYS HC 28 -30.08 109.43 -63.41
N ASP HC 29 -30.82 109.39 -64.52
CA ASP HC 29 -32.11 108.71 -64.59
C ASP HC 29 -32.02 107.53 -65.55
N THR HC 30 -32.49 106.38 -65.09
CA THR HC 30 -32.52 105.18 -65.91
C THR HC 30 -33.93 104.59 -65.88
N LEU HC 31 -34.49 104.36 -67.06
CA LEU HC 31 -35.84 103.83 -67.23
C LEU HC 31 -35.76 102.41 -67.74
N ALA HC 32 -36.30 101.45 -66.98
CA ALA HC 32 -36.23 100.05 -67.33
C ALA HC 32 -37.62 99.50 -67.61
N TYR HC 33 -37.72 98.72 -68.69
CA TYR HC 33 -38.90 97.95 -69.06
C TYR HC 33 -38.54 96.48 -68.93
N LYS HC 34 -39.26 95.76 -68.09
CA LYS HC 34 -38.93 94.37 -67.79
C LYS HC 34 -40.14 93.50 -68.03
N ARG HC 35 -39.89 92.30 -68.52
CA ARG HC 35 -40.90 91.40 -69.05
C ARG HC 35 -40.73 90.03 -68.44
N LEU HC 36 -41.84 89.39 -68.06
CA LEU HC 36 -41.81 88.01 -67.59
C LEU HC 36 -43.05 87.31 -68.11
N ALA HC 37 -42.91 86.55 -69.19
CA ALA HC 37 -44.04 85.89 -69.80
C ALA HC 37 -44.65 84.87 -68.83
N PRO HC 38 -45.97 84.65 -68.89
CA PRO HC 38 -46.59 83.68 -68.00
C PRO HC 38 -46.09 82.27 -68.25
N LYS HC 39 -46.00 81.50 -67.17
CA LYS HC 39 -45.59 80.10 -67.22
C LYS HC 39 -46.76 79.24 -66.78
N ARG HC 40 -47.09 78.24 -67.59
CA ARG HC 40 -48.25 77.37 -67.36
C ARG HC 40 -47.84 76.21 -66.48
N THR HC 41 -47.56 76.52 -65.21
CA THR HC 41 -47.10 75.51 -64.27
C THR HC 41 -48.22 74.59 -63.81
N LYS HC 42 -49.47 74.97 -64.06
CA LYS HC 42 -50.62 74.16 -63.69
C LYS HC 42 -51.71 74.42 -64.73
N ASP HC 43 -52.95 74.06 -64.38
CA ASP HC 43 -54.09 74.34 -65.23
C ASP HC 43 -54.20 75.84 -65.51
N SER HC 44 -53.72 76.65 -64.58
CA SER HC 44 -53.66 78.08 -64.80
C SER HC 44 -52.71 78.38 -65.96
N PRO HC 45 -53.01 79.37 -66.80
CA PRO HC 45 -52.06 79.76 -67.84
C PRO HC 45 -50.91 80.61 -67.33
N GLY HC 46 -50.80 80.78 -66.02
CA GLY HC 46 -49.75 81.59 -65.43
C GLY HC 46 -50.11 83.06 -65.36
N MET HC 47 -49.22 83.83 -64.76
CA MET HC 47 -49.36 85.27 -64.65
C MET HC 47 -48.31 85.94 -65.52
N ALA HC 48 -48.74 86.87 -66.36
CA ALA HC 48 -47.83 87.70 -67.15
C ALA HC 48 -47.37 88.87 -66.29
N LYS HC 49 -46.07 88.93 -66.01
CA LYS HC 49 -45.51 90.01 -65.21
C LYS HC 49 -44.90 91.08 -66.12
N SER HC 50 -45.18 92.32 -65.82
CA SER HC 50 -44.46 93.44 -66.43
C SER HC 50 -43.93 94.34 -65.33
N GLU HC 51 -42.92 95.12 -65.67
CA GLU HC 51 -42.33 96.03 -64.70
C GLU HC 51 -41.80 97.26 -65.44
N LEU HC 52 -42.12 98.44 -64.93
CA LEU HC 52 -41.65 99.69 -65.52
C LEU HC 52 -41.09 100.54 -64.39
N LYS HC 53 -39.77 100.66 -64.32
CA LYS HC 53 -39.15 101.34 -63.20
C LYS HC 53 -38.34 102.54 -63.67
N ILE HC 54 -38.33 103.58 -62.84
CA ILE HC 54 -37.46 104.73 -63.03
C ILE HC 54 -36.54 104.79 -61.82
N THR HC 55 -35.24 104.95 -62.07
CA THR HC 55 -34.25 105.00 -61.03
C THR HC 55 -33.45 106.28 -61.17
N ARG HC 56 -33.29 106.99 -60.05
CA ARG HC 56 -32.44 108.18 -60.01
C ARG HC 56 -31.28 107.91 -59.05
N VAL HC 57 -30.08 108.10 -59.56
CA VAL HC 57 -28.87 108.02 -58.75
C VAL HC 57 -28.07 109.30 -59.01
N ASP HC 58 -27.45 109.81 -57.97
CA ASP HC 58 -26.62 110.99 -58.18
C ASP HC 58 -25.32 110.50 -58.80
N PRO HC 59 -24.98 110.90 -60.03
CA PRO HC 59 -23.85 110.26 -60.71
C PRO HC 59 -22.51 110.86 -60.37
N THR HC 60 -22.28 111.17 -59.10
CA THR HC 60 -20.94 111.53 -58.67
C THR HC 60 -20.52 110.61 -57.52
N THR HC 61 -21.41 110.40 -56.56
CA THR HC 61 -21.17 109.47 -55.47
C THR HC 61 -21.97 108.19 -55.62
N GLY HC 62 -22.84 108.09 -56.62
CA GLY HC 62 -23.61 106.89 -56.81
C GLY HC 62 -24.59 106.57 -55.71
N VAL HC 63 -25.25 107.57 -55.16
CA VAL HC 63 -26.24 107.36 -54.11
C VAL HC 63 -27.61 107.23 -54.75
N LEU HC 64 -28.35 106.19 -54.37
CA LEU HC 64 -29.74 106.06 -54.80
C LEU HC 64 -30.54 107.20 -54.21
N ILE HC 65 -31.17 107.99 -55.06
CA ILE HC 65 -32.06 109.04 -54.57
C ILE HC 65 -33.48 108.52 -54.45
N GLY HC 66 -33.92 107.71 -55.41
CA GLY HC 66 -35.23 107.11 -55.30
C GLY HC 66 -35.54 106.24 -56.51
N ILE HC 67 -36.49 105.32 -56.30
CA ILE HC 67 -37.02 104.46 -57.33
C ILE HC 67 -38.54 104.53 -57.27
N VAL HC 68 -39.18 104.66 -58.43
CA VAL HC 68 -40.62 104.49 -58.57
C VAL HC 68 -40.83 103.38 -59.59
N ASN HC 69 -41.59 102.37 -59.19
CA ASN HC 69 -41.75 101.16 -59.98
C ASN HC 69 -43.22 100.90 -60.25
N VAL HC 70 -43.56 100.58 -61.50
CA VAL HC 70 -44.91 100.22 -61.88
C VAL HC 70 -44.88 98.76 -62.33
N SER HC 71 -45.40 97.88 -61.51
CA SER HC 71 -45.37 96.44 -61.76
C SER HC 71 -46.78 95.93 -62.02
N SER HC 72 -46.89 94.96 -62.92
CA SER HC 72 -48.16 94.35 -63.26
C SER HC 72 -48.03 92.84 -63.17
N SER HC 73 -49.06 92.21 -62.64
CA SER HC 73 -49.15 90.75 -62.59
C SER HC 73 -50.59 90.40 -62.96
N ILE HC 74 -50.81 90.16 -64.25
CA ILE HC 74 -52.15 89.92 -64.78
C ILE HC 74 -52.20 88.49 -65.30
N ARG HC 75 -53.31 87.81 -65.04
CA ARG HC 75 -53.49 86.44 -65.51
C ARG HC 75 -53.35 86.38 -67.02
N ALA HC 76 -52.69 85.32 -67.51
CA ALA HC 76 -52.45 85.20 -68.94
C ALA HC 76 -53.76 85.16 -69.72
N ASP HC 77 -54.78 84.51 -69.19
CA ASP HC 77 -56.08 84.45 -69.83
C ASP HC 77 -56.93 85.69 -69.57
N ALA HC 78 -56.50 86.57 -68.67
CA ALA HC 78 -57.33 87.70 -68.29
C ALA HC 78 -57.63 88.58 -69.48
N THR HC 79 -58.89 88.95 -69.63
CA THR HC 79 -59.35 89.66 -70.81
C THR HC 79 -58.73 91.06 -70.86
N ALA HC 80 -58.70 91.62 -72.06
CA ALA HC 80 -58.23 92.99 -72.22
C ALA HC 80 -59.13 93.98 -71.48
N ALA HC 81 -60.37 93.58 -71.19
CA ALA HC 81 -61.24 94.42 -70.39
C ALA HC 81 -60.68 94.61 -68.98
N ASP HC 82 -60.32 93.51 -68.32
CA ASP HC 82 -59.74 93.61 -66.99
C ASP HC 82 -58.41 94.34 -67.02
N LYS HC 83 -57.61 94.10 -68.06
CA LYS HC 83 -56.31 94.75 -68.18
C LYS HC 83 -56.45 96.26 -68.34
N THR HC 84 -57.36 96.69 -69.20
CA THR HC 84 -57.59 98.12 -69.39
C THR HC 84 -58.22 98.75 -68.15
N ALA HC 85 -59.10 98.03 -67.47
CA ALA HC 85 -59.67 98.56 -66.24
C ALA HC 85 -58.61 98.75 -65.17
N LEU HC 86 -57.70 97.78 -65.05
CA LEU HC 86 -56.61 97.90 -64.10
C LEU HC 86 -55.73 99.09 -64.42
N MET HC 87 -55.36 99.24 -65.68
CA MET HC 87 -54.51 100.36 -66.07
C MET HC 87 -55.22 101.69 -65.83
N ALA HC 88 -56.50 101.79 -66.21
CA ALA HC 88 -57.24 103.02 -66.05
C ALA HC 88 -57.39 103.39 -64.57
N ILE HC 89 -57.68 102.41 -63.73
CA ILE HC 89 -57.84 102.70 -62.31
C ILE HC 89 -56.52 103.15 -61.71
N ILE HC 90 -55.42 102.46 -62.04
CA ILE HC 90 -54.15 102.83 -61.42
C ILE HC 90 -53.68 104.19 -61.90
N THR HC 91 -53.91 104.51 -63.18
CA THR HC 91 -53.53 105.82 -63.69
C THR HC 91 -54.40 106.91 -63.08
N ALA HC 92 -55.70 106.66 -62.92
CA ALA HC 92 -56.56 107.64 -62.28
C ALA HC 92 -56.15 107.88 -60.83
N ALA HC 93 -55.80 106.81 -60.12
CA ALA HC 93 -55.34 106.94 -58.75
C ALA HC 93 -54.03 107.71 -58.67
N GLN HC 94 -53.11 107.46 -59.59
CA GLN HC 94 -51.85 108.20 -59.60
C GLN HC 94 -52.07 109.68 -59.89
N ALA HC 95 -52.95 110.00 -60.85
CA ALA HC 95 -53.25 111.39 -61.14
C ALA HC 95 -53.88 112.09 -59.94
N ASP HC 96 -54.57 111.36 -59.09
CA ASP HC 96 -55.17 111.93 -57.89
C ASP HC 96 -54.10 112.30 -56.88
N GLY HC 97 -54.39 113.32 -56.07
CA GLY HC 97 -53.41 113.87 -55.16
C GLY HC 97 -53.04 112.97 -54.00
N ALA HC 98 -53.87 111.97 -53.69
CA ALA HC 98 -53.55 111.08 -52.58
C ALA HC 98 -52.23 110.34 -52.82
N TRP HC 99 -52.00 109.89 -54.06
CA TRP HC 99 -50.71 109.29 -54.39
C TRP HC 99 -49.58 110.31 -54.28
N THR HC 100 -49.84 111.54 -54.73
CA THR HC 100 -48.83 112.59 -54.67
C THR HC 100 -48.40 112.88 -53.24
N GLU HC 101 -49.31 112.73 -52.28
CA GLU HC 101 -48.96 112.93 -50.87
C GLU HC 101 -48.41 111.67 -50.21
N LEU HC 102 -48.91 110.50 -50.59
CA LEU HC 102 -48.33 109.25 -50.11
C LEU HC 102 -46.84 109.20 -50.44
N VAL HC 103 -46.47 109.58 -51.65
CA VAL HC 103 -45.09 109.96 -51.92
C VAL HC 103 -44.87 111.38 -51.42
N THR HC 104 -43.66 111.69 -51.00
CA THR HC 104 -43.26 113.02 -50.52
C THR HC 104 -43.84 113.37 -49.14
N ASP HC 105 -44.77 112.57 -48.62
CA ASP HC 105 -45.29 112.84 -47.29
C ASP HC 105 -45.49 111.61 -46.44
N GLN HC 106 -45.53 110.42 -47.03
CA GLN HC 106 -45.99 109.21 -46.35
C GLN HC 106 -47.35 109.41 -45.71
N ARG HC 107 -48.22 110.10 -46.43
CA ARG HC 107 -49.55 110.48 -45.96
C ARG HC 107 -50.58 109.52 -46.53
N LEU HC 108 -51.26 108.80 -45.66
CA LEU HC 108 -52.33 107.91 -46.10
C LEU HC 108 -53.60 108.69 -46.39
N PRO HC 109 -54.42 108.22 -47.34
CA PRO HC 109 -55.64 108.95 -47.67
C PRO HC 109 -56.70 108.77 -46.61
N LEU HC 110 -56.50 109.41 -45.46
CA LEU HC 110 -57.45 109.32 -44.36
C LEU HC 110 -57.61 110.63 -43.59
N ALA HC 111 -57.01 111.72 -44.04
CA ALA HC 111 -57.14 113.00 -43.36
C ALA HC 111 -58.56 113.55 -43.53
N THR HC 112 -59.05 114.21 -42.48
CA THR HC 112 -60.38 114.80 -42.50
C THR HC 112 -60.40 116.20 -43.10
N VAL HC 113 -59.24 116.75 -43.45
CA VAL HC 113 -59.11 118.08 -44.03
C VAL HC 113 -59.65 119.16 -43.08
N SER IC 1 -36.96 68.24 -107.89
CA SER IC 1 -37.44 67.53 -109.07
C SER IC 1 -36.51 67.74 -110.26
N LYS IC 2 -36.57 68.92 -110.85
CA LYS IC 2 -35.83 69.20 -112.08
C LYS IC 2 -35.07 70.50 -111.86
N VAL IC 3 -34.55 71.07 -112.96
CA VAL IC 3 -33.48 72.06 -112.96
C VAL IC 3 -33.68 73.14 -111.91
N PHE IC 4 -32.70 73.25 -111.00
CA PHE IC 4 -32.67 74.24 -109.94
C PHE IC 4 -31.35 74.97 -110.05
N ASN IC 5 -31.39 76.31 -110.01
CA ASN IC 5 -30.18 77.12 -110.08
C ASN IC 5 -29.37 76.79 -111.32
N THR IC 6 -30.07 76.54 -112.43
CA THR IC 6 -29.53 76.15 -113.73
C THR IC 6 -28.78 74.82 -113.71
N GLN IC 7 -28.84 74.07 -112.62
CA GLN IC 7 -28.25 72.75 -112.56
C GLN IC 7 -29.35 71.71 -112.72
N THR IC 8 -29.03 70.64 -113.44
CA THR IC 8 -29.98 69.56 -113.66
C THR IC 8 -29.83 68.54 -112.53
N PHE IC 9 -30.93 68.26 -111.84
CA PHE IC 9 -30.94 67.26 -110.77
C PHE IC 9 -31.74 66.07 -111.27
N ASP IC 10 -31.07 64.95 -111.42
CA ASP IC 10 -31.71 63.70 -111.83
C ASP IC 10 -31.81 62.76 -110.64
N ILE IC 11 -32.83 61.92 -110.64
CA ILE IC 11 -33.05 61.03 -109.50
C ILE IC 11 -31.86 60.10 -109.37
N TYR IC 12 -31.28 60.07 -108.18
CA TYR IC 12 -30.19 59.17 -107.85
C TYR IC 12 -30.64 57.95 -107.09
N SER IC 13 -31.61 58.12 -106.19
CA SER IC 13 -32.02 57.02 -105.34
C SER IC 13 -33.50 57.17 -105.02
N THR IC 14 -34.19 56.04 -105.02
CA THR IC 14 -35.59 56.01 -104.65
C THR IC 14 -35.74 55.09 -103.45
N GLU IC 15 -36.33 55.62 -102.38
CA GLU IC 15 -36.50 54.90 -101.13
C GLU IC 15 -37.97 54.99 -100.73
N LYS IC 16 -38.35 54.18 -99.74
CA LYS IC 16 -39.70 54.18 -99.20
C LYS IC 16 -40.16 55.59 -98.82
N ASP IC 17 -39.34 56.30 -98.04
CA ASP IC 17 -39.68 57.64 -97.58
C ASP IC 17 -38.63 58.67 -97.94
N VAL IC 18 -37.69 58.35 -98.83
CA VAL IC 18 -36.65 59.28 -99.26
C VAL IC 18 -36.53 59.20 -100.77
N VAL IC 19 -36.35 60.36 -101.39
CA VAL IC 19 -35.99 60.44 -102.81
C VAL IC 19 -34.78 61.37 -102.92
N SER IC 20 -33.72 60.89 -103.57
CA SER IC 20 -32.48 61.64 -103.67
C SER IC 20 -32.15 61.90 -105.13
N LEU IC 21 -31.82 63.16 -105.43
CA LEU IC 21 -31.45 63.62 -106.75
C LEU IC 21 -30.00 64.11 -106.75
N ARG IC 22 -29.27 63.76 -107.79
CA ARG IC 22 -27.89 64.18 -107.93
C ARG IC 22 -27.78 65.10 -109.13
N ASP IC 23 -26.85 66.05 -109.06
CA ASP IC 23 -26.57 66.89 -110.22
C ASP IC 23 -26.01 66.06 -111.36
N PHE IC 24 -25.04 65.19 -111.06
CA PHE IC 24 -24.40 64.29 -112.02
C PHE IC 24 -23.54 65.05 -113.01
N ALA IC 25 -23.57 66.38 -112.95
CA ALA IC 25 -22.71 67.23 -113.75
C ALA IC 25 -21.53 67.74 -112.95
N ASN IC 26 -21.79 68.34 -111.77
CA ASN IC 26 -20.71 68.67 -110.86
C ASN IC 26 -20.39 67.54 -109.89
N ASP IC 27 -21.27 66.55 -109.78
CA ASP IC 27 -21.08 65.40 -108.89
C ASP IC 27 -20.80 65.84 -107.46
N LYS IC 28 -21.41 66.94 -107.03
CA LYS IC 28 -21.17 67.45 -105.71
C LYS IC 28 -22.43 67.86 -104.95
N ASP IC 29 -23.56 67.99 -105.63
CA ASP IC 29 -24.80 68.45 -105.02
C ASP IC 29 -25.81 67.32 -104.96
N THR IC 30 -26.40 67.10 -103.79
CA THR IC 30 -27.43 66.09 -103.59
C THR IC 30 -28.65 66.75 -102.96
N LEU IC 31 -29.82 66.56 -103.56
CA LEU IC 31 -31.07 67.09 -103.04
C LEU IC 31 -31.94 65.93 -102.56
N ALA IC 32 -32.27 65.91 -101.27
CA ALA IC 32 -33.01 64.83 -100.65
C ALA IC 32 -34.36 65.33 -100.18
N TYR IC 33 -35.42 64.63 -100.58
CA TYR IC 33 -36.77 64.78 -100.06
C TYR IC 33 -37.00 63.63 -99.09
N LYS IC 34 -37.20 63.93 -97.82
CA LYS IC 34 -37.44 62.92 -96.79
C LYS IC 34 -38.82 63.13 -96.18
N ARG IC 35 -39.47 62.01 -95.88
CA ARG IC 35 -40.86 61.98 -95.44
C ARG IC 35 -40.95 61.25 -94.12
N LEU IC 36 -41.92 61.62 -93.28
CA LEU IC 36 -42.13 60.91 -92.02
C LEU IC 36 -43.56 61.14 -91.58
N ALA IC 37 -44.38 60.09 -91.65
CA ALA IC 37 -45.79 60.22 -91.34
C ALA IC 37 -46.01 60.53 -89.85
N PRO IC 38 -47.06 61.28 -89.53
CA PRO IC 38 -47.36 61.55 -88.12
C PRO IC 38 -47.78 60.28 -87.39
N LYS IC 39 -47.36 60.18 -86.13
CA LYS IC 39 -47.66 59.02 -85.31
C LYS IC 39 -48.63 59.41 -84.20
N ARG IC 40 -49.78 58.74 -84.17
CA ARG IC 40 -50.82 58.98 -83.17
C ARG IC 40 -50.46 58.21 -81.92
N THR IC 41 -49.38 58.66 -81.27
CA THR IC 41 -48.91 58.03 -80.04
C THR IC 41 -49.79 58.38 -78.85
N LYS IC 42 -50.75 59.27 -79.04
CA LYS IC 42 -51.64 59.71 -77.98
C LYS IC 42 -52.91 60.22 -78.63
N ASP IC 43 -53.70 60.98 -77.87
CA ASP IC 43 -54.90 61.62 -78.40
C ASP IC 43 -54.54 62.48 -79.62
N SER IC 44 -53.39 63.14 -79.55
CA SER IC 44 -52.94 63.98 -80.66
C SER IC 44 -52.72 63.13 -81.90
N PRO IC 45 -53.11 63.60 -83.09
CA PRO IC 45 -52.93 62.78 -84.30
C PRO IC 45 -51.49 62.66 -84.75
N GLY IC 46 -50.54 63.30 -84.08
CA GLY IC 46 -49.14 63.19 -84.43
C GLY IC 46 -48.65 64.36 -85.27
N MET IC 47 -47.33 64.38 -85.46
CA MET IC 47 -46.66 65.49 -86.13
C MET IC 47 -46.03 64.96 -87.42
N ALA IC 48 -46.43 65.54 -88.54
CA ALA IC 48 -45.97 65.07 -89.85
C ALA IC 48 -44.66 65.76 -90.20
N LYS IC 49 -43.59 64.98 -90.31
CA LYS IC 49 -42.26 65.52 -90.58
C LYS IC 49 -41.97 65.48 -92.08
N SER IC 50 -41.46 66.59 -92.59
CA SER IC 50 -40.93 66.66 -93.94
C SER IC 50 -39.51 67.19 -93.87
N GLU IC 51 -38.74 66.90 -94.92
CA GLU IC 51 -37.37 67.39 -94.97
C GLU IC 51 -36.99 67.60 -96.43
N LEU IC 52 -36.40 68.75 -96.71
CA LEU IC 52 -35.85 69.05 -98.03
C LEU IC 52 -34.45 69.60 -97.81
N LYS IC 53 -33.43 68.85 -98.19
CA LYS IC 53 -32.07 69.26 -97.89
C LYS IC 53 -31.19 69.17 -99.12
N ILE IC 54 -30.22 70.09 -99.19
CA ILE IC 54 -29.20 70.10 -100.23
C ILE IC 54 -27.85 69.95 -99.56
N THR IC 55 -27.07 68.98 -100.01
CA THR IC 55 -25.77 68.69 -99.45
C THR IC 55 -24.71 68.82 -100.54
N ARG IC 56 -23.67 69.59 -100.26
CA ARG IC 56 -22.56 69.76 -101.17
C ARG IC 56 -21.34 69.08 -100.57
N VAL IC 57 -20.75 68.18 -101.34
CA VAL IC 57 -19.55 67.46 -100.92
C VAL IC 57 -18.51 67.64 -102.01
N ASP IC 58 -17.30 67.98 -101.62
CA ASP IC 58 -16.27 68.26 -102.61
C ASP IC 58 -15.87 66.96 -103.31
N PRO IC 59 -16.06 66.87 -104.62
CA PRO IC 59 -15.90 65.57 -105.29
C PRO IC 59 -14.48 65.23 -105.73
N THR IC 60 -13.48 65.47 -104.89
CA THR IC 60 -12.16 64.91 -105.15
C THR IC 60 -11.64 64.21 -103.91
N THR IC 61 -11.92 64.76 -102.72
CA THR IC 61 -11.57 64.13 -101.46
C THR IC 61 -12.79 63.82 -100.59
N GLY IC 62 -13.96 64.33 -100.93
CA GLY IC 62 -15.17 64.00 -100.20
C GLY IC 62 -15.38 64.79 -98.92
N VAL IC 63 -15.01 66.06 -98.89
CA VAL IC 63 -15.22 66.90 -97.71
C VAL IC 63 -16.53 67.65 -97.87
N LEU IC 64 -17.36 67.58 -96.84
CA LEU IC 64 -18.67 68.24 -96.84
C LEU IC 64 -18.47 69.76 -96.80
N ILE IC 65 -18.79 70.43 -97.90
CA ILE IC 65 -18.72 71.88 -97.93
C ILE IC 65 -19.81 72.51 -97.09
N GLY IC 66 -21.05 72.09 -97.25
CA GLY IC 66 -22.14 72.69 -96.51
C GLY IC 66 -23.44 71.97 -96.76
N ILE IC 67 -24.40 72.25 -95.88
CA ILE IC 67 -25.75 71.70 -95.96
C ILE IC 67 -26.74 72.82 -95.65
N VAL IC 68 -27.77 72.94 -96.47
CA VAL IC 68 -28.96 73.73 -96.14
C VAL IC 68 -30.15 72.78 -96.12
N ASN IC 69 -30.83 72.73 -94.98
CA ASN IC 69 -31.94 71.82 -94.79
C ASN IC 69 -33.20 72.60 -94.43
N VAL IC 70 -34.32 72.21 -95.03
CA VAL IC 70 -35.62 72.77 -94.70
C VAL IC 70 -36.45 71.63 -94.13
N SER IC 71 -36.76 71.71 -92.85
CA SER IC 71 -37.54 70.69 -92.16
C SER IC 71 -38.86 71.28 -91.69
N SER IC 72 -39.93 70.51 -91.84
CA SER IC 72 -41.25 70.91 -91.37
C SER IC 72 -41.75 69.88 -90.37
N SER IC 73 -42.34 70.37 -89.29
CA SER IC 73 -42.97 69.53 -88.28
C SER IC 73 -44.33 70.18 -88.02
N ILE IC 74 -45.35 69.68 -88.71
CA ILE IC 74 -46.69 70.25 -88.66
C ILE IC 74 -47.64 69.20 -88.09
N ARG IC 75 -48.56 69.65 -87.24
CA ARG IC 75 -49.57 68.77 -86.67
C ARG IC 75 -50.33 68.06 -87.78
N ALA IC 76 -50.63 66.78 -87.54
CA ALA IC 76 -51.41 66.01 -88.50
C ALA IC 76 -52.80 66.62 -88.70
N ASP IC 77 -53.32 67.30 -87.68
CA ASP IC 77 -54.63 67.94 -87.78
C ASP IC 77 -54.58 69.38 -88.27
N ALA IC 78 -53.39 69.93 -88.46
CA ALA IC 78 -53.26 71.34 -88.80
C ALA IC 78 -53.89 71.63 -90.16
N THR IC 79 -54.57 72.77 -90.24
CA THR IC 79 -55.31 73.12 -91.44
C THR IC 79 -54.37 73.50 -92.58
N ALA IC 80 -54.89 73.37 -93.81
CA ALA IC 80 -54.11 73.76 -94.97
C ALA IC 80 -53.78 75.25 -94.95
N ALA IC 81 -54.63 76.06 -94.31
CA ALA IC 81 -54.33 77.47 -94.14
C ALA IC 81 -53.08 77.66 -93.28
N ASP IC 82 -52.97 76.89 -92.20
CA ASP IC 82 -51.77 76.98 -91.37
C ASP IC 82 -50.52 76.60 -92.15
N LYS IC 83 -50.61 75.53 -92.94
CA LYS IC 83 -49.43 75.08 -93.68
C LYS IC 83 -49.04 76.06 -94.78
N THR IC 84 -50.04 76.62 -95.46
CA THR IC 84 -49.75 77.64 -96.47
C THR IC 84 -49.13 78.88 -95.83
N ALA IC 85 -49.65 79.29 -94.67
CA ALA IC 85 -49.10 80.45 -93.97
C ALA IC 85 -47.67 80.18 -93.53
N LEU IC 86 -47.40 78.99 -93.01
CA LEU IC 86 -46.04 78.66 -92.58
C LEU IC 86 -45.08 78.71 -93.75
N MET IC 87 -45.45 78.08 -94.87
CA MET IC 87 -44.57 78.09 -96.02
C MET IC 87 -44.38 79.49 -96.57
N ALA IC 88 -45.44 80.29 -96.63
CA ALA IC 88 -45.33 81.65 -97.15
C ALA IC 88 -44.46 82.52 -96.27
N ILE IC 89 -44.62 82.42 -94.95
CA ILE IC 89 -43.80 83.20 -94.03
C ILE IC 89 -42.33 82.82 -94.17
N ILE IC 90 -42.05 81.51 -94.16
CA ILE IC 90 -40.65 81.10 -94.22
C ILE IC 90 -40.04 81.45 -95.58
N THR IC 91 -40.81 81.34 -96.65
CA THR IC 91 -40.28 81.69 -97.97
C THR IC 91 -40.01 83.18 -98.08
N ALA IC 92 -40.92 84.01 -97.55
CA ALA IC 92 -40.68 85.46 -97.53
C ALA IC 92 -39.47 85.81 -96.69
N ALA IC 93 -39.29 85.15 -95.54
CA ALA IC 93 -38.14 85.42 -94.70
C ALA IC 93 -36.84 85.03 -95.40
N GLN IC 94 -36.83 83.89 -96.09
CA GLN IC 94 -35.65 83.51 -96.86
C GLN IC 94 -35.39 84.50 -97.97
N ALA IC 95 -36.44 84.99 -98.62
CA ALA IC 95 -36.28 86.02 -99.65
C ALA IC 95 -35.78 87.33 -99.07
N ASP IC 96 -36.03 87.59 -97.78
CA ASP IC 96 -35.48 88.76 -97.14
C ASP IC 96 -33.97 88.63 -96.99
N GLY IC 97 -33.29 89.79 -96.95
CA GLY IC 97 -31.84 89.79 -96.91
C GLY IC 97 -31.26 89.42 -95.56
N ALA IC 98 -32.07 89.43 -94.51
CA ALA IC 98 -31.59 89.03 -93.19
C ALA IC 98 -31.12 87.59 -93.20
N TRP IC 99 -31.81 86.72 -93.95
CA TRP IC 99 -31.35 85.34 -94.09
C TRP IC 99 -30.05 85.27 -94.86
N THR IC 100 -29.93 86.06 -95.93
CA THR IC 100 -28.72 86.05 -96.74
C THR IC 100 -27.54 86.62 -95.97
N GLU IC 101 -27.79 87.37 -94.90
CA GLU IC 101 -26.72 87.80 -94.01
C GLU IC 101 -26.42 86.79 -92.92
N LEU IC 102 -27.45 86.19 -92.34
CA LEU IC 102 -27.27 85.13 -91.33
C LEU IC 102 -26.44 83.99 -91.90
N VAL IC 103 -26.79 83.53 -93.08
CA VAL IC 103 -25.88 82.70 -93.85
C VAL IC 103 -24.84 83.60 -94.48
N THR IC 104 -23.61 83.10 -94.59
CA THR IC 104 -22.49 83.81 -95.21
C THR IC 104 -21.95 84.97 -94.37
N ASP IC 105 -22.63 85.36 -93.30
CA ASP IC 105 -22.01 86.32 -92.39
C ASP IC 105 -22.22 86.03 -90.92
N GLN IC 106 -23.18 85.17 -90.56
CA GLN IC 106 -23.58 84.99 -89.17
C GLN IC 106 -24.00 86.32 -88.55
N ARG IC 107 -24.73 87.10 -89.33
CA ARG IC 107 -25.18 88.43 -88.92
C ARG IC 107 -26.64 88.34 -88.51
N LEU IC 108 -26.94 88.76 -87.31
CA LEU IC 108 -28.30 88.72 -86.80
C LEU IC 108 -29.04 90.01 -87.16
N PRO IC 109 -30.36 89.95 -87.22
CA PRO IC 109 -31.13 91.17 -87.48
C PRO IC 109 -31.23 92.05 -86.24
N LEU IC 110 -30.09 92.53 -85.75
CA LEU IC 110 -30.07 93.49 -84.66
C LEU IC 110 -29.10 94.64 -84.89
N ALA IC 111 -28.27 94.59 -85.93
CA ALA IC 111 -27.36 95.68 -86.22
C ALA IC 111 -28.13 96.94 -86.59
N THR IC 112 -27.62 98.09 -86.18
CA THR IC 112 -28.29 99.37 -86.39
C THR IC 112 -28.01 99.99 -87.75
N VAL IC 113 -27.14 99.39 -88.56
CA VAL IC 113 -26.77 99.88 -89.88
C VAL IC 113 -26.15 101.28 -89.81
N SER JC 1 -54.91 -118.48 -26.57
CA SER JC 1 -55.67 -119.11 -25.50
C SER JC 1 -55.01 -120.43 -25.09
N LYS JC 2 -54.92 -121.37 -26.03
CA LYS JC 2 -54.36 -122.69 -25.78
C LYS JC 2 -53.50 -123.07 -26.98
N VAL JC 3 -53.24 -124.37 -27.12
CA VAL JC 3 -52.25 -124.91 -28.05
C VAL JC 3 -52.43 -124.35 -29.45
N PHE JC 4 -51.41 -123.63 -29.93
CA PHE JC 4 -51.37 -123.08 -31.27
C PHE JC 4 -50.07 -123.47 -31.92
N ASN JC 5 -50.14 -124.01 -33.15
CA ASN JC 5 -48.97 -124.41 -33.90
C ASN JC 5 -48.09 -125.32 -33.04
N THR JC 6 -48.69 -126.38 -32.51
CA THR JC 6 -48.05 -127.40 -31.69
C THR JC 6 -47.38 -126.84 -30.44
N GLN JC 7 -47.71 -125.64 -30.00
CA GLN JC 7 -47.14 -125.07 -28.80
C GLN JC 7 -48.23 -124.68 -27.82
N THR JC 8 -48.02 -124.99 -26.54
CA THR JC 8 -49.00 -124.74 -25.50
C THR JC 8 -48.75 -123.37 -24.89
N PHE JC 9 -49.69 -122.46 -25.08
CA PHE JC 9 -49.60 -121.10 -24.55
C PHE JC 9 -50.44 -121.04 -23.29
N ASP JC 10 -49.79 -120.81 -22.16
CA ASP JC 10 -50.45 -120.71 -20.87
C ASP JC 10 -50.39 -119.27 -20.37
N ILE JC 11 -51.40 -118.90 -19.60
CA ILE JC 11 -51.51 -117.52 -19.13
C ILE JC 11 -50.31 -117.17 -18.27
N TYR JC 12 -49.61 -116.11 -18.64
CA TYR JC 12 -48.56 -115.54 -17.81
C TYR JC 12 -49.03 -114.35 -17.02
N SER JC 13 -49.87 -113.51 -17.59
CA SER JC 13 -50.18 -112.24 -16.94
C SER JC 13 -51.57 -111.79 -17.36
N THR JC 14 -52.27 -111.17 -16.42
CA THR JC 14 -53.60 -110.65 -16.69
C THR JC 14 -53.67 -109.22 -16.17
N GLU JC 15 -53.99 -108.29 -17.05
CA GLU JC 15 -54.19 -106.90 -16.69
C GLU JC 15 -55.67 -106.56 -16.81
N LYS JC 16 -55.98 -105.28 -16.63
CA LYS JC 16 -57.34 -104.83 -16.86
C LYS JC 16 -57.75 -105.05 -18.31
N ASP JC 17 -56.82 -104.82 -19.25
CA ASP JC 17 -57.16 -104.87 -20.66
C ASP JC 17 -56.17 -105.67 -21.49
N VAL JC 18 -55.22 -106.36 -20.87
CA VAL JC 18 -54.27 -107.20 -21.58
C VAL JC 18 -54.23 -108.57 -20.92
N VAL JC 19 -54.16 -109.62 -21.74
CA VAL JC 19 -53.83 -110.96 -21.29
C VAL JC 19 -52.59 -111.39 -22.07
N SER JC 20 -51.56 -111.84 -21.34
CA SER JC 20 -50.34 -112.33 -21.95
C SER JC 20 -50.15 -113.80 -21.61
N LEU JC 21 -49.81 -114.60 -22.63
CA LEU JC 21 -49.56 -116.02 -22.51
C LEU JC 21 -48.17 -116.32 -23.02
N ARG JC 22 -47.53 -117.32 -22.44
CA ARG JC 22 -46.22 -117.77 -22.88
C ARG JC 22 -46.25 -119.27 -23.13
N ASP JC 23 -45.29 -119.73 -23.95
CA ASP JC 23 -45.16 -121.16 -24.20
C ASP JC 23 -44.69 -121.90 -22.95
N PHE JC 24 -43.69 -121.35 -22.27
CA PHE JC 24 -43.09 -121.93 -21.08
C PHE JC 24 -42.32 -123.21 -21.42
N ALA JC 25 -42.39 -123.63 -22.69
CA ALA JC 25 -41.62 -124.76 -23.18
C ALA JC 25 -40.38 -124.31 -23.93
N ASN JC 26 -40.54 -123.47 -24.96
CA ASN JC 26 -39.40 -122.86 -25.61
C ASN JC 26 -39.02 -121.52 -25.01
N ASP JC 27 -39.88 -120.95 -24.15
CA ASP JC 27 -39.58 -119.72 -23.42
C ASP JC 27 -39.19 -118.58 -24.35
N LYS JC 28 -39.75 -118.55 -25.54
CA LYS JC 28 -39.42 -117.52 -26.51
C LYS JC 28 -40.63 -116.81 -27.11
N ASP JC 29 -41.83 -117.36 -26.96
CA ASP JC 29 -43.02 -116.82 -27.60
C ASP JC 29 -43.96 -116.26 -26.55
N THR JC 30 -44.45 -115.05 -26.79
CA THR JC 30 -45.48 -114.43 -25.97
C THR JC 30 -46.62 -113.99 -26.86
N LEU JC 31 -47.83 -114.42 -26.52
CA LEU JC 31 -49.04 -114.06 -27.24
C LEU JC 31 -49.85 -113.12 -26.37
N ALA JC 32 -50.17 -111.94 -26.90
CA ALA JC 32 -50.88 -110.90 -26.15
C ALA JC 32 -52.21 -110.60 -26.81
N TYR JC 33 -53.27 -110.61 -26.01
CA TYR JC 33 -54.61 -110.18 -26.40
C TYR JC 33 -54.86 -108.86 -25.69
N LYS JC 34 -55.19 -107.82 -26.44
CA LYS JC 34 -55.29 -106.47 -25.94
C LYS JC 34 -56.60 -105.84 -26.39
N ARG JC 35 -57.18 -105.05 -25.49
CA ARG JC 35 -58.58 -104.63 -25.56
C ARG JC 35 -58.69 -103.14 -25.24
N LEU JC 36 -59.33 -102.39 -26.13
CA LEU JC 36 -59.67 -100.98 -25.86
C LEU JC 36 -61.12 -100.75 -26.24
N ALA JC 37 -61.98 -100.53 -25.25
CA ALA JC 37 -63.39 -100.27 -25.52
C ALA JC 37 -63.56 -98.96 -26.28
N PRO JC 38 -64.58 -98.86 -27.15
CA PRO JC 38 -64.79 -97.62 -27.90
C PRO JC 38 -65.17 -96.47 -26.98
N LYS JC 39 -64.71 -95.27 -27.32
CA LYS JC 39 -64.98 -94.09 -26.51
C LYS JC 39 -65.78 -93.09 -27.34
N ARG JC 40 -66.92 -92.67 -26.80
CA ARG JC 40 -67.82 -91.75 -27.50
C ARG JC 40 -67.27 -90.34 -27.33
N THR JC 41 -66.37 -89.97 -28.24
CA THR JC 41 -65.77 -88.65 -28.23
C THR JC 41 -66.62 -87.61 -28.96
N LYS JC 42 -67.60 -88.05 -29.73
CA LYS JC 42 -68.39 -87.17 -30.57
C LYS JC 42 -69.71 -87.87 -30.87
N ASP JC 43 -70.41 -87.40 -31.90
CA ASP JC 43 -71.60 -88.08 -32.39
C ASP JC 43 -71.27 -89.51 -32.77
N SER JC 44 -70.02 -89.76 -33.16
CA SER JC 44 -69.58 -91.13 -33.39
C SER JC 44 -69.46 -91.86 -32.06
N PRO JC 45 -69.84 -93.14 -31.99
CA PRO JC 45 -69.71 -93.89 -30.74
C PRO JC 45 -68.30 -94.36 -30.43
N GLY JC 46 -67.31 -94.01 -31.25
CA GLY JC 46 -65.96 -94.47 -31.06
C GLY JC 46 -65.66 -95.77 -31.78
N MET JC 47 -64.38 -96.13 -31.79
CA MET JC 47 -63.89 -97.34 -32.42
C MET JC 47 -63.35 -98.29 -31.36
N ALA JC 48 -63.76 -99.55 -31.43
CA ALA JC 48 -63.30 -100.57 -30.50
C ALA JC 48 -61.99 -101.16 -31.03
N LYS JC 49 -60.94 -101.06 -30.23
CA LYS JC 49 -59.62 -101.52 -30.62
C LYS JC 49 -59.36 -102.92 -30.08
N SER JC 50 -58.83 -103.78 -30.93
CA SER JC 50 -58.32 -105.07 -30.51
C SER JC 50 -56.88 -105.20 -30.99
N GLU JC 51 -56.12 -106.05 -30.31
CA GLU JC 51 -54.76 -106.32 -30.73
C GLU JC 51 -54.40 -107.76 -30.37
N LEU JC 52 -53.93 -108.52 -31.33
CA LEU JC 52 -53.50 -109.89 -31.10
C LEU JC 52 -52.08 -110.02 -31.63
N LYS JC 53 -51.10 -110.05 -30.74
CA LYS JC 53 -49.72 -110.01 -31.19
C LYS JC 53 -48.93 -111.21 -30.67
N ILE JC 54 -48.09 -111.75 -31.55
CA ILE JC 54 -47.15 -112.81 -31.20
C ILE JC 54 -45.74 -112.25 -31.30
N THR JC 55 -44.99 -112.38 -30.21
CA THR JC 55 -43.63 -111.89 -30.13
C THR JC 55 -42.68 -113.04 -29.84
N ARG JC 56 -41.59 -113.10 -30.61
CA ARG JC 56 -40.56 -114.12 -30.42
C ARG JC 56 -39.27 -113.44 -30.02
N VAL JC 57 -38.70 -113.88 -28.91
CA VAL JC 57 -37.42 -113.39 -28.41
C VAL JC 57 -36.56 -114.59 -28.05
N ASP JC 58 -35.38 -114.68 -28.65
CA ASP JC 58 -34.55 -115.83 -28.30
C ASP JC 58 -34.11 -115.73 -26.85
N PRO JC 59 -34.21 -116.80 -26.08
CA PRO JC 59 -33.96 -116.69 -24.64
C PRO JC 59 -32.51 -116.94 -24.25
N THR JC 60 -31.56 -116.35 -24.97
CA THR JC 60 -30.16 -116.47 -24.58
C THR JC 60 -29.54 -115.09 -24.43
N THR JC 61 -29.81 -114.21 -25.39
CA THR JC 61 -29.44 -112.80 -25.31
C THR JC 61 -30.64 -111.88 -25.23
N GLY JC 62 -31.86 -112.41 -25.41
CA GLY JC 62 -33.05 -111.60 -25.32
C GLY JC 62 -33.33 -110.71 -26.50
N VAL JC 63 -32.77 -111.03 -27.67
CA VAL JC 63 -32.97 -110.20 -28.86
C VAL JC 63 -34.33 -110.53 -29.45
N LEU JC 64 -35.03 -109.50 -29.91
CA LEU JC 64 -36.31 -109.69 -30.57
C LEU JC 64 -36.09 -110.23 -31.97
N ILE JC 65 -36.65 -111.40 -32.25
CA ILE JC 65 -36.55 -111.99 -33.57
C ILE JC 65 -37.60 -111.41 -34.50
N GLY JC 66 -38.85 -111.35 -34.05
CA GLY JC 66 -39.90 -110.82 -34.89
C GLY JC 66 -41.22 -110.74 -34.16
N ILE JC 67 -42.07 -109.84 -34.65
CA ILE JC 67 -43.41 -109.62 -34.13
C ILE JC 67 -44.40 -109.66 -35.28
N VAL JC 68 -45.48 -110.40 -35.11
CA VAL JC 68 -46.63 -110.35 -35.99
C VAL JC 68 -47.83 -109.88 -35.17
N ASN JC 69 -48.47 -108.81 -35.61
CA ASN JC 69 -49.56 -108.19 -34.86
C ASN JC 69 -50.81 -108.13 -35.73
N VAL JC 70 -51.94 -108.53 -35.15
CA VAL JC 70 -53.23 -108.45 -35.80
C VAL JC 70 -54.07 -107.49 -34.97
N SER JC 71 -54.27 -106.28 -35.48
CA SER JC 71 -55.03 -105.27 -34.78
C SER JC 71 -56.26 -104.88 -35.58
N SER JC 72 -57.38 -104.71 -34.89
CA SER JC 72 -58.63 -104.29 -35.50
C SER JC 72 -59.08 -102.97 -34.89
N SER JC 73 -59.77 -102.17 -35.68
CA SER JC 73 -60.31 -100.87 -35.26
C SER JC 73 -61.67 -100.73 -35.93
N ILE JC 74 -62.74 -101.03 -35.20
CA ILE JC 74 -64.07 -101.12 -35.77
C ILE JC 74 -65.03 -100.23 -35.00
N ARG JC 75 -65.92 -99.55 -35.74
CA ARG JC 75 -66.90 -98.67 -35.15
C ARG JC 75 -67.76 -99.40 -34.12
N ALA JC 76 -68.07 -98.70 -33.03
CA ALA JC 76 -68.91 -99.29 -31.99
C ALA JC 76 -70.28 -99.65 -32.55
N ASP JC 77 -70.81 -98.85 -33.46
CA ASP JC 77 -72.10 -99.10 -34.07
C ASP JC 77 -72.06 -100.09 -35.22
N ALA JC 78 -70.87 -100.54 -35.61
CA ALA JC 78 -70.74 -101.37 -36.79
C ALA JC 78 -71.43 -102.71 -36.61
N THR JC 79 -71.99 -103.22 -37.69
CA THR JC 79 -72.76 -104.44 -37.64
C THR JC 79 -71.85 -105.65 -37.44
N ALA JC 80 -72.45 -106.73 -36.91
CA ALA JC 80 -71.73 -107.99 -36.85
C ALA JC 80 -71.39 -108.52 -38.24
N ALA JC 81 -72.20 -108.18 -39.23
CA ALA JC 81 -71.89 -108.56 -40.60
C ALA JC 81 -70.64 -107.86 -41.11
N ASP JC 82 -70.48 -106.57 -40.78
CA ASP JC 82 -69.27 -105.86 -41.16
C ASP JC 82 -68.05 -106.49 -40.54
N LYS JC 83 -68.14 -106.85 -39.27
CA LYS JC 83 -67.00 -107.44 -38.56
C LYS JC 83 -66.67 -108.82 -39.09
N THR JC 84 -67.70 -109.63 -39.36
CA THR JC 84 -67.46 -110.94 -39.93
C THR JC 84 -66.83 -110.85 -41.31
N ALA JC 85 -67.30 -109.89 -42.13
CA ALA JC 85 -66.71 -109.69 -43.45
C ALA JC 85 -65.26 -109.26 -43.35
N LEU JC 86 -64.96 -108.34 -42.44
CA LEU JC 86 -63.57 -107.89 -42.27
C LEU JC 86 -62.67 -109.06 -41.87
N MET JC 87 -63.11 -109.85 -40.89
CA MET JC 87 -62.30 -110.97 -40.45
C MET JC 87 -62.12 -112.01 -41.55
N ALA JC 88 -63.19 -112.32 -42.28
CA ALA JC 88 -63.08 -113.30 -43.35
C ALA JC 88 -62.15 -112.82 -44.46
N ILE JC 89 -62.23 -111.53 -44.82
CA ILE JC 89 -61.37 -111.02 -45.89
C ILE JC 89 -59.92 -111.05 -45.46
N ILE JC 90 -59.63 -110.59 -44.24
CA ILE JC 90 -58.24 -110.58 -43.81
C ILE JC 90 -57.70 -112.00 -43.65
N THR JC 91 -58.55 -112.94 -43.21
CA THR JC 91 -58.12 -114.32 -43.08
C THR JC 91 -57.83 -114.95 -44.43
N ALA JC 92 -58.69 -114.69 -45.43
CA ALA JC 92 -58.45 -115.22 -46.77
C ALA JC 92 -57.18 -114.62 -47.36
N ALA JC 93 -56.94 -113.33 -47.14
CA ALA JC 93 -55.73 -112.70 -47.63
C ALA JC 93 -54.49 -113.29 -46.97
N GLN JC 94 -54.57 -113.57 -45.66
CA GLN JC 94 -53.46 -114.21 -44.98
C GLN JC 94 -53.21 -115.62 -45.50
N ALA JC 95 -54.28 -116.36 -45.80
CA ALA JC 95 -54.13 -117.71 -46.32
C ALA JC 95 -53.52 -117.73 -47.71
N ASP JC 96 -53.65 -116.63 -48.45
CA ASP JC 96 -53.03 -116.54 -49.77
C ASP JC 96 -51.52 -116.46 -49.65
N GLY JC 97 -50.84 -116.90 -50.72
CA GLY JC 97 -49.38 -116.87 -50.73
C GLY JC 97 -48.81 -115.48 -50.92
N ALA JC 98 -49.62 -114.52 -51.35
CA ALA JC 98 -49.14 -113.16 -51.48
C ALA JC 98 -48.68 -112.61 -50.14
N TRP JC 99 -49.43 -112.88 -49.07
CA TRP JC 99 -49.01 -112.48 -47.75
C TRP JC 99 -47.78 -113.26 -47.31
N THR JC 100 -47.71 -114.54 -47.65
CA THR JC 100 -46.57 -115.36 -47.28
C THR JC 100 -45.29 -114.91 -47.97
N GLU JC 101 -45.41 -114.18 -49.08
CA GLU JC 101 -44.26 -113.57 -49.73
C GLU JC 101 -43.97 -112.18 -49.19
N LEU JC 102 -45.01 -111.36 -48.99
CA LEU JC 102 -44.84 -110.06 -48.37
C LEU JC 102 -44.09 -110.18 -47.06
N VAL JC 103 -44.42 -111.18 -46.27
CA VAL JC 103 -43.58 -111.54 -45.14
C VAL JC 103 -42.53 -112.53 -45.63
N THR JC 104 -41.33 -112.43 -45.08
CA THR JC 104 -40.14 -113.21 -45.45
C THR JC 104 -39.50 -112.84 -46.78
N ASP JC 105 -40.17 -112.06 -47.62
CA ASP JC 105 -39.56 -111.69 -48.90
C ASP JC 105 -39.67 -110.22 -49.24
N GLN JC 106 -40.53 -109.45 -48.57
CA GLN JC 106 -40.80 -108.06 -48.92
C GLN JC 106 -41.21 -107.96 -50.38
N ARG JC 107 -42.09 -108.86 -50.80
CA ARG JC 107 -42.54 -108.98 -52.17
C ARG JC 107 -43.99 -108.54 -52.26
N LEU JC 108 -44.26 -107.58 -53.14
CA LEU JC 108 -45.62 -107.11 -53.38
C LEU JC 108 -46.33 -108.03 -54.37
N PRO JC 109 -47.67 -108.07 -54.32
CA PRO JC 109 -48.40 -108.99 -55.21
C PRO JC 109 -48.57 -108.44 -56.61
N LEU JC 110 -47.49 -107.97 -57.22
CA LEU JC 110 -47.55 -107.38 -58.54
C LEU JC 110 -46.68 -108.07 -59.58
N ALA JC 111 -45.93 -109.10 -59.20
CA ALA JC 111 -45.15 -109.84 -60.18
C ALA JC 111 -46.05 -110.47 -61.23
N THR JC 112 -45.55 -110.57 -62.45
CA THR JC 112 -46.29 -111.21 -63.53
C THR JC 112 -46.12 -112.73 -63.55
N VAL JC 113 -45.31 -113.28 -62.64
CA VAL JC 113 -45.08 -114.72 -62.50
C VAL JC 113 -44.41 -115.32 -63.74
N SER KC 1 -54.39 -110.46 -53.19
CA SER KC 1 -54.19 -110.39 -54.63
C SER KC 1 -55.52 -110.47 -55.39
N LYS KC 2 -56.21 -111.60 -55.28
CA LYS KC 2 -57.41 -111.86 -56.05
C LYS KC 2 -58.52 -112.25 -55.09
N VAL KC 3 -59.56 -112.89 -55.62
CA VAL KC 3 -60.82 -113.13 -54.93
C VAL KC 3 -60.62 -113.65 -53.51
N PHE KC 4 -61.11 -112.88 -52.54
CA PHE KC 4 -61.08 -113.25 -51.12
C PHE KC 4 -62.47 -113.08 -50.56
N ASN KC 5 -62.92 -114.04 -49.76
CA ASN KC 5 -64.26 -114.02 -49.16
C ASN KC 5 -65.33 -113.86 -50.24
N THR KC 6 -65.14 -114.57 -51.36
CA THR KC 6 -65.99 -114.56 -52.55
C THR KC 6 -66.03 -113.20 -53.24
N GLN KC 7 -65.26 -112.22 -52.78
CA GLN KC 7 -65.23 -110.90 -53.38
C GLN KC 7 -63.97 -110.73 -54.21
N THR KC 8 -64.14 -110.21 -55.42
CA THR KC 8 -63.03 -110.00 -56.34
C THR KC 8 -62.38 -108.66 -56.04
N PHE KC 9 -61.09 -108.68 -55.72
CA PHE KC 9 -60.33 -107.47 -55.42
C PHE KC 9 -59.42 -107.18 -56.60
N ASP KC 10 -59.75 -106.15 -57.37
CA ASP KC 10 -58.95 -105.72 -58.50
C ASP KC 10 -58.11 -104.52 -58.11
N ILE KC 11 -56.97 -104.35 -58.78
CA ILE KC 11 -55.97 -103.38 -58.33
C ILE KC 11 -56.56 -101.98 -58.40
N TYR KC 12 -56.50 -101.27 -57.28
CA TYR KC 12 -56.99 -99.90 -57.20
C TYR KC 12 -55.88 -98.87 -57.35
N SER KC 13 -54.70 -99.14 -56.82
CA SER KC 13 -53.57 -98.22 -56.96
C SER KC 13 -52.29 -98.97 -56.69
N THR KC 14 -51.19 -98.43 -57.19
CA THR KC 14 -49.87 -99.01 -56.94
C THR KC 14 -48.94 -97.90 -56.51
N GLU KC 15 -48.04 -98.23 -55.61
CA GLU KC 15 -47.04 -97.33 -55.07
C GLU KC 15 -45.72 -98.09 -54.97
N LYS KC 16 -44.63 -97.36 -54.69
CA LYS KC 16 -43.33 -97.98 -54.52
C LYS KC 16 -43.37 -99.11 -53.50
N ASP KC 17 -44.17 -98.94 -52.44
CA ASP KC 17 -44.22 -99.93 -51.37
C ASP KC 17 -45.64 -100.34 -50.99
N VAL KC 18 -46.66 -99.81 -51.64
CA VAL KC 18 -48.04 -100.17 -51.33
C VAL KC 18 -48.75 -100.57 -52.62
N VAL KC 19 -49.48 -101.69 -52.55
CA VAL KC 19 -50.39 -102.10 -53.61
C VAL KC 19 -51.77 -102.20 -52.99
N SER KC 20 -52.73 -101.48 -53.56
CA SER KC 20 -54.08 -101.39 -53.03
C SER KC 20 -55.05 -101.97 -54.04
N LEU KC 21 -55.91 -102.86 -53.59
CA LEU KC 21 -56.93 -103.49 -54.40
C LEU KC 21 -58.30 -103.09 -53.89
N ARG KC 22 -59.27 -103.04 -54.80
CA ARG KC 22 -60.63 -102.70 -54.46
C ARG KC 22 -61.56 -103.78 -54.95
N ASP KC 23 -62.69 -103.94 -54.26
CA ASP KC 23 -63.75 -104.83 -54.75
C ASP KC 23 -64.36 -104.29 -56.04
N PHE KC 24 -64.74 -103.02 -56.05
CA PHE KC 24 -65.37 -102.33 -57.18
C PHE KC 24 -66.79 -102.84 -57.41
N ALA KC 25 -67.20 -103.87 -56.67
CA ALA KC 25 -68.57 -104.36 -56.72
C ALA KC 25 -69.42 -103.72 -55.63
N ASN KC 26 -69.05 -103.92 -54.37
CA ASN KC 26 -69.67 -103.19 -53.27
C ASN KC 26 -69.02 -101.85 -53.02
N ASP KC 27 -67.89 -101.58 -53.69
CA ASP KC 27 -67.23 -100.27 -53.66
C ASP KC 27 -66.88 -99.83 -52.25
N LYS KC 28 -66.66 -100.78 -51.35
CA LYS KC 28 -66.50 -100.46 -49.95
C LYS KC 28 -65.25 -101.04 -49.30
N ASP KC 29 -64.62 -102.03 -49.91
CA ASP KC 29 -63.51 -102.75 -49.30
C ASP KC 29 -62.22 -102.47 -50.06
N THR KC 30 -61.17 -102.12 -49.33
CA THR KC 30 -59.86 -101.88 -49.90
C THR KC 30 -58.82 -102.70 -49.16
N LEU KC 31 -58.04 -103.47 -49.91
CA LEU KC 31 -57.02 -104.35 -49.37
C LEU KC 31 -55.65 -103.81 -49.75
N ALA KC 32 -54.84 -103.46 -48.75
CA ALA KC 32 -53.53 -102.89 -48.98
C ALA KC 32 -52.44 -103.86 -48.54
N TYR KC 33 -51.42 -103.99 -49.39
CA TYR KC 33 -50.18 -104.68 -49.09
C TYR KC 33 -49.08 -103.63 -49.04
N LYS KC 34 -48.39 -103.54 -47.92
CA LYS KC 34 -47.41 -102.50 -47.68
C LYS KC 34 -46.10 -103.13 -47.27
N ARG KC 35 -45.00 -102.51 -47.70
CA ARG KC 35 -43.66 -103.08 -47.60
C ARG KC 35 -42.71 -102.04 -47.02
N LEU KC 36 -41.78 -102.48 -46.18
CA LEU KC 36 -40.70 -101.62 -45.71
C LEU KC 36 -39.46 -102.49 -45.55
N ALA KC 37 -38.54 -102.37 -46.50
CA ALA KC 37 -37.31 -103.15 -46.43
C ALA KC 37 -36.51 -102.77 -45.18
N PRO KC 38 -35.77 -103.72 -44.61
CA PRO KC 38 -34.95 -103.39 -43.44
C PRO KC 38 -33.83 -102.43 -43.79
N LYS KC 39 -33.49 -101.58 -42.81
CA LYS KC 39 -32.40 -100.63 -42.95
C LYS KC 39 -31.37 -100.91 -41.85
N ARG KC 40 -30.10 -100.96 -42.24
CA ARG KC 40 -29.02 -101.34 -41.33
C ARG KC 40 -28.46 -100.08 -40.65
N THR KC 41 -29.26 -99.53 -39.74
CA THR KC 41 -28.85 -98.34 -39.03
C THR KC 41 -27.73 -98.60 -38.04
N LYS KC 42 -27.46 -99.87 -37.74
CA LYS KC 42 -26.39 -100.26 -36.85
C LYS KC 42 -25.86 -101.61 -37.32
N ASP KC 43 -25.14 -102.29 -36.43
CA ASP KC 43 -24.65 -103.64 -36.70
C ASP KC 43 -25.81 -104.56 -37.04
N SER KC 44 -26.99 -104.25 -36.52
CA SER KC 44 -28.18 -105.01 -36.85
C SER KC 44 -28.48 -104.90 -38.35
N PRO KC 45 -29.02 -105.94 -38.97
CA PRO KC 45 -29.48 -105.80 -40.36
C PRO KC 45 -30.80 -105.08 -40.49
N GLY KC 46 -31.36 -104.58 -39.39
CA GLY KC 46 -32.63 -103.90 -39.41
C GLY KC 46 -33.81 -104.84 -39.33
N MET KC 47 -35.00 -104.25 -39.26
CA MET KC 47 -36.24 -105.00 -39.24
C MET KC 47 -36.95 -104.83 -40.57
N ALA KC 48 -37.37 -105.95 -41.16
CA ALA KC 48 -38.22 -105.95 -42.35
C ALA KC 48 -39.66 -105.82 -41.90
N LYS KC 49 -40.35 -104.79 -42.38
CA LYS KC 49 -41.73 -104.55 -42.03
C LYS KC 49 -42.65 -104.96 -43.19
N SER KC 50 -43.73 -105.62 -42.86
CA SER KC 50 -44.81 -105.83 -43.81
C SER KC 50 -46.12 -105.38 -43.20
N GLU KC 51 -47.12 -105.15 -44.04
CA GLU KC 51 -48.42 -104.75 -43.55
C GLU KC 51 -49.48 -105.27 -44.50
N LEU KC 52 -50.51 -105.91 -43.98
CA LEU KC 52 -51.62 -106.38 -44.78
C LEU KC 52 -52.90 -105.89 -44.11
N LYS KC 53 -53.54 -104.90 -44.72
CA LYS KC 53 -54.68 -104.26 -44.07
C LYS KC 53 -55.92 -104.32 -44.95
N ILE KC 54 -57.07 -104.44 -44.31
CA ILE KC 54 -58.36 -104.40 -44.99
C ILE KC 54 -59.16 -103.26 -44.37
N THR KC 55 -59.73 -102.43 -45.22
CA THR KC 55 -60.50 -101.27 -44.80
C THR KC 55 -61.89 -101.33 -45.41
N ARG KC 56 -62.89 -101.11 -44.58
CA ARG KC 56 -64.26 -100.99 -45.06
C ARG KC 56 -64.76 -99.58 -44.77
N VAL KC 57 -65.19 -98.89 -45.82
CA VAL KC 57 -65.87 -97.62 -45.69
C VAL KC 57 -67.18 -97.72 -46.47
N ASP KC 58 -68.24 -97.20 -45.89
CA ASP KC 58 -69.50 -97.22 -46.63
C ASP KC 58 -69.46 -96.13 -47.70
N PRO KC 59 -69.64 -96.47 -48.98
CA PRO KC 59 -69.33 -95.50 -50.03
C PRO KC 59 -70.48 -94.58 -50.40
N THR KC 60 -71.21 -94.08 -49.41
CA THR KC 60 -72.13 -92.98 -49.69
C THR KC 60 -71.81 -91.80 -48.79
N THR KC 61 -71.65 -92.05 -47.49
CA THR KC 61 -71.23 -91.02 -46.56
C THR KC 61 -69.74 -91.12 -46.21
N GLY KC 62 -69.08 -92.19 -46.63
CA GLY KC 62 -67.65 -92.29 -46.44
C GLY KC 62 -67.17 -92.29 -45.01
N VAL KC 63 -67.87 -92.96 -44.11
CA VAL KC 63 -67.38 -93.14 -42.75
C VAL KC 63 -66.72 -94.51 -42.64
N LEU KC 64 -65.69 -94.58 -41.82
CA LEU KC 64 -64.91 -95.81 -41.66
C LEU KC 64 -65.70 -96.80 -40.83
N ILE KC 65 -66.11 -97.92 -41.42
CA ILE KC 65 -66.74 -98.97 -40.64
C ILE KC 65 -65.71 -99.68 -39.77
N GLY KC 66 -64.57 -100.05 -40.34
CA GLY KC 66 -63.56 -100.73 -39.55
C GLY KC 66 -62.33 -101.08 -40.38
N ILE KC 67 -61.24 -101.34 -39.66
CA ILE KC 67 -59.96 -101.75 -40.24
C ILE KC 67 -59.45 -102.96 -39.47
N VAL KC 68 -58.95 -103.96 -40.19
CA VAL KC 68 -58.18 -105.05 -39.61
C VAL KC 68 -56.80 -105.04 -40.26
N ASN KC 69 -55.77 -105.04 -39.42
CA ASN KC 69 -54.40 -104.83 -39.86
C ASN KC 69 -53.53 -106.00 -39.41
N VAL KC 70 -52.76 -106.56 -40.33
CA VAL KC 70 -51.79 -107.61 -40.02
C VAL KC 70 -50.42 -107.03 -40.31
N SER KC 71 -49.66 -106.77 -39.26
CA SER KC 71 -48.35 -106.14 -39.39
C SER KC 71 -47.26 -107.12 -38.98
N SER KC 72 -46.12 -107.03 -39.66
CA SER KC 72 -44.96 -107.86 -39.35
C SER KC 72 -43.76 -106.96 -39.11
N SER KC 73 -42.98 -107.31 -38.11
CA SER KC 73 -41.69 -106.65 -37.83
C SER KC 73 -40.72 -107.77 -37.49
N ILE KC 74 -40.06 -108.31 -38.51
CA ILE KC 74 -39.17 -109.44 -38.35
C ILE KC 74 -37.75 -108.99 -38.66
N ARG KC 75 -36.80 -109.45 -37.84
CA ARG KC 75 -35.40 -109.15 -38.09
C ARG KC 75 -35.00 -109.62 -39.48
N ALA KC 76 -34.21 -108.78 -40.17
CA ALA KC 76 -33.76 -109.14 -41.51
C ALA KC 76 -32.94 -110.42 -41.49
N ASP KC 77 -32.17 -110.63 -40.44
CA ASP KC 77 -31.36 -111.83 -40.28
C ASP KC 77 -32.17 -113.05 -39.85
N ALA KC 78 -33.42 -112.85 -39.43
CA ALA KC 78 -34.18 -113.92 -38.81
C ALA KC 78 -34.43 -115.05 -39.81
N THR KC 79 -34.25 -116.27 -39.33
CA THR KC 79 -34.37 -117.44 -40.16
C THR KC 79 -35.81 -117.63 -40.62
N ALA KC 80 -35.96 -118.35 -41.74
CA ALA KC 80 -37.30 -118.67 -42.22
C ALA KC 80 -38.05 -119.53 -41.22
N ALA KC 81 -37.34 -120.24 -40.34
CA ALA KC 81 -38.02 -121.00 -39.30
C ALA KC 81 -38.77 -120.09 -38.34
N ASP KC 82 -38.12 -119.01 -37.88
CA ASP KC 82 -38.79 -118.07 -37.00
C ASP KC 82 -39.97 -117.41 -37.69
N LYS KC 83 -39.81 -117.02 -38.96
CA LYS KC 83 -40.90 -116.36 -39.68
C LYS KC 83 -42.08 -117.31 -39.89
N THR KC 84 -41.81 -118.56 -40.24
CA THR KC 84 -42.87 -119.53 -40.42
C THR KC 84 -43.56 -119.85 -39.10
N ALA KC 85 -42.80 -119.95 -38.02
CA ALA KC 85 -43.42 -120.19 -36.72
C ALA KC 85 -44.29 -119.01 -36.30
N LEU KC 86 -43.81 -117.80 -36.55
CA LEU KC 86 -44.60 -116.61 -36.23
C LEU KC 86 -45.91 -116.61 -36.99
N MET KC 87 -45.85 -116.90 -38.30
CA MET KC 87 -47.08 -116.92 -39.08
C MET KC 87 -48.01 -118.04 -38.62
N ALA KC 88 -47.46 -119.21 -38.34
CA ALA KC 88 -48.28 -120.33 -37.92
C ALA KC 88 -48.97 -120.03 -36.60
N ILE KC 89 -48.24 -119.46 -35.64
CA ILE KC 89 -48.84 -119.13 -34.36
C ILE KC 89 -49.94 -118.09 -34.53
N ILE KC 90 -49.67 -117.05 -35.32
CA ILE KC 90 -50.67 -115.98 -35.43
C ILE KC 90 -51.91 -116.46 -36.18
N THR KC 91 -51.73 -117.30 -37.20
CA THR KC 91 -52.88 -117.83 -37.93
C THR KC 91 -53.68 -118.79 -37.06
N ALA KC 92 -53.00 -119.63 -36.27
CA ALA KC 92 -53.70 -120.51 -35.35
C ALA KC 92 -54.48 -119.72 -34.32
N ALA KC 93 -53.89 -118.63 -33.82
CA ALA KC 93 -54.59 -117.79 -32.85
C ALA KC 93 -55.80 -117.13 -33.47
N GLN KC 94 -55.67 -116.65 -34.72
CA GLN KC 94 -56.81 -116.04 -35.39
C GLN KC 94 -57.93 -117.05 -35.64
N ALA KC 95 -57.59 -118.25 -36.07
CA ALA KC 95 -58.59 -119.28 -36.29
C ALA KC 95 -59.32 -119.66 -35.02
N ASP KC 96 -58.66 -119.53 -33.87
CA ASP KC 96 -59.28 -119.86 -32.59
C ASP KC 96 -60.30 -118.79 -32.21
N GLY KC 97 -61.28 -119.20 -31.40
CA GLY KC 97 -62.41 -118.34 -31.10
C GLY KC 97 -62.08 -117.15 -30.23
N ALA KC 98 -60.97 -117.17 -29.50
CA ALA KC 98 -60.64 -116.05 -28.64
C ALA KC 98 -60.47 -114.76 -29.43
N TRP KC 99 -59.81 -114.84 -30.59
CA TRP KC 99 -59.70 -113.66 -31.45
C TRP KC 99 -61.07 -113.23 -31.97
N THR KC 100 -61.91 -114.19 -32.31
CA THR KC 100 -63.23 -113.88 -32.82
C THR KC 100 -64.06 -113.12 -31.79
N GLU KC 101 -63.97 -113.47 -30.51
CA GLU KC 101 -64.66 -112.71 -29.47
C GLU KC 101 -63.96 -111.41 -29.11
N LEU KC 102 -62.63 -111.39 -29.13
CA LEU KC 102 -61.90 -110.14 -28.89
C LEU KC 102 -62.35 -109.06 -29.86
N VAL KC 103 -62.47 -109.40 -31.13
CA VAL KC 103 -63.26 -108.58 -32.04
C VAL KC 103 -64.74 -108.88 -31.79
N THR KC 104 -65.59 -107.89 -32.01
CA THR KC 104 -67.04 -108.02 -31.86
C THR KC 104 -67.50 -108.12 -30.41
N ASP KC 105 -66.59 -108.30 -29.46
CA ASP KC 105 -66.99 -108.35 -28.06
C ASP KC 105 -66.09 -107.58 -27.12
N GLN KC 106 -64.86 -107.29 -27.51
CA GLN KC 106 -63.83 -106.81 -26.60
C GLN KC 106 -63.70 -107.76 -25.41
N ARG KC 107 -63.73 -109.05 -25.70
CA ARG KC 107 -63.67 -110.11 -24.69
C ARG KC 107 -62.26 -110.68 -24.64
N LEU KC 108 -61.59 -110.51 -23.51
CA LEU KC 108 -60.27 -111.07 -23.32
C LEU KC 108 -60.35 -112.55 -23.01
N PRO KC 109 -59.32 -113.33 -23.36
CA PRO KC 109 -59.34 -114.76 -23.05
C PRO KC 109 -59.07 -115.01 -21.58
N LEU KC 110 -60.04 -114.67 -20.74
CA LEU KC 110 -59.96 -114.97 -19.32
C LEU KC 110 -61.27 -115.43 -18.73
N ALA KC 111 -62.30 -115.68 -19.56
CA ALA KC 111 -63.58 -116.14 -19.05
C ALA KC 111 -63.47 -117.57 -18.54
N THR KC 112 -64.18 -117.86 -17.45
CA THR KC 112 -64.18 -119.19 -16.85
C THR KC 112 -65.22 -120.12 -17.45
N VAL KC 113 -66.05 -119.63 -18.37
CA VAL KC 113 -67.10 -120.41 -19.02
C VAL KC 113 -68.09 -120.96 -18.00
N SER LC 1 -13.67 -104.30 -81.63
CA SER LC 1 -12.42 -104.46 -82.34
C SER LC 1 -12.58 -104.27 -83.85
N LYS LC 2 -13.53 -104.98 -84.43
CA LYS LC 2 -13.72 -104.98 -85.87
C LYS LC 2 -15.20 -104.90 -86.18
N VAL LC 3 -15.56 -105.24 -87.42
CA VAL LC 3 -16.85 -104.92 -88.03
C VAL LC 3 -18.03 -105.21 -87.11
N PHE LC 4 -18.81 -104.17 -86.82
CA PHE LC 4 -20.00 -104.26 -85.99
C PHE LC 4 -21.14 -103.62 -86.77
N ASN LC 5 -22.29 -104.29 -86.81
CA ASN LC 5 -23.46 -103.78 -87.52
C ASN LC 5 -23.13 -103.48 -88.98
N THR LC 6 -22.30 -104.34 -89.57
CA THR LC 6 -21.80 -104.25 -90.94
C THR LC 6 -20.94 -103.02 -91.19
N GLN LC 7 -20.62 -102.24 -90.16
CA GLN LC 7 -19.73 -101.11 -90.30
C GLN LC 7 -18.35 -101.50 -89.80
N THR LC 8 -17.32 -101.08 -90.54
CA THR LC 8 -15.95 -101.39 -90.18
C THR LC 8 -15.44 -100.32 -89.22
N PHE LC 9 -14.92 -100.76 -88.09
CA PHE LC 9 -14.34 -99.86 -87.10
C PHE LC 9 -12.84 -100.09 -87.08
N ASP LC 10 -12.07 -99.07 -87.46
CA ASP LC 10 -10.63 -99.10 -87.41
C ASP LC 10 -10.14 -98.33 -86.21
N ILE LC 11 -8.99 -98.75 -85.66
CA ILE LC 11 -8.46 -98.08 -84.49
C ILE LC 11 -8.13 -96.63 -84.84
N TYR LC 12 -8.71 -95.70 -84.09
CA TYR LC 12 -8.45 -94.29 -84.26
C TYR LC 12 -7.41 -93.76 -83.29
N SER LC 13 -7.40 -94.26 -82.07
CA SER LC 13 -6.53 -93.72 -81.04
C SER LC 13 -6.22 -94.81 -80.03
N THR LC 14 -4.98 -94.81 -79.56
CA THR LC 14 -4.55 -95.74 -78.53
C THR LC 14 -3.98 -94.96 -77.37
N GLU LC 15 -4.54 -95.19 -76.18
CA GLU LC 15 -4.12 -94.51 -74.97
C GLU LC 15 -3.72 -95.53 -73.92
N LYS LC 16 -3.32 -95.02 -72.75
CA LYS LC 16 -2.93 -95.88 -71.64
C LYS LC 16 -4.07 -96.78 -71.21
N ASP LC 17 -5.25 -96.18 -70.97
CA ASP LC 17 -6.41 -96.91 -70.50
C ASP LC 17 -7.60 -96.76 -71.43
N VAL LC 18 -7.42 -96.21 -72.63
CA VAL LC 18 -8.50 -96.01 -73.58
C VAL LC 18 -8.04 -96.46 -74.95
N VAL LC 19 -8.94 -97.13 -75.67
CA VAL LC 19 -8.74 -97.47 -77.08
C VAL LC 19 -9.98 -97.00 -77.82
N SER LC 20 -9.78 -96.22 -78.89
CA SER LC 20 -10.87 -95.63 -79.64
C SER LC 20 -10.82 -96.05 -81.09
N LEU LC 21 -11.93 -96.56 -81.60
CA LEU LC 21 -12.10 -96.96 -82.98
C LEU LC 21 -13.09 -96.04 -83.67
N ARG LC 22 -12.81 -95.73 -84.93
CA ARG LC 22 -13.69 -94.89 -85.73
C ARG LC 22 -14.14 -95.68 -86.96
N ASP LC 23 -15.37 -95.43 -87.39
CA ASP LC 23 -15.86 -96.06 -88.61
C ASP LC 23 -15.05 -95.64 -89.83
N PHE LC 24 -14.76 -94.34 -89.95
CA PHE LC 24 -13.96 -93.76 -91.03
C PHE LC 24 -14.68 -93.84 -92.37
N ALA LC 25 -15.84 -94.49 -92.40
CA ALA LC 25 -16.68 -94.53 -93.58
C ALA LC 25 -17.82 -93.52 -93.48
N ASN LC 26 -18.63 -93.62 -92.44
CA ASN LC 26 -19.63 -92.59 -92.17
C ASN LC 26 -19.08 -91.42 -91.38
N ASP LC 27 -17.89 -91.58 -90.79
CA ASP LC 27 -17.20 -90.52 -90.04
C ASP LC 27 -18.09 -89.93 -88.95
N LYS LC 28 -18.95 -90.75 -88.35
CA LYS LC 28 -19.83 -90.27 -87.30
C LYS LC 28 -19.92 -91.20 -86.09
N ASP LC 29 -19.36 -92.40 -86.16
CA ASP LC 29 -19.45 -93.36 -85.08
C ASP LC 29 -18.07 -93.58 -84.46
N THR LC 30 -18.01 -93.50 -83.14
CA THR LC 30 -16.78 -93.75 -82.38
C THR LC 30 -17.07 -94.77 -81.27
N LEU LC 31 -16.25 -95.81 -81.20
CA LEU LC 31 -16.38 -96.84 -80.18
C LEU LC 31 -15.18 -96.77 -79.26
N ALA LC 32 -15.41 -96.57 -77.97
CA ALA LC 32 -14.36 -96.40 -76.99
C ALA LC 32 -14.41 -97.53 -75.97
N TYR LC 33 -13.25 -98.15 -75.73
CA TYR LC 33 -13.02 -99.09 -74.65
C TYR LC 33 -12.20 -98.35 -73.59
N LYS LC 34 -12.76 -98.20 -72.40
CA LYS LC 34 -12.12 -97.49 -71.31
C LYS LC 34 -11.92 -98.41 -70.11
N ARG LC 35 -10.81 -98.21 -69.41
CA ARG LC 35 -10.36 -99.08 -68.34
C ARG LC 35 -10.09 -98.25 -67.09
N LEU LC 36 -10.29 -98.86 -65.92
CA LEU LC 36 -9.94 -98.21 -64.67
C LEU LC 36 -9.68 -99.30 -63.64
N ALA LC 37 -8.42 -99.42 -63.19
CA ALA LC 37 -8.05 -100.50 -62.30
C ALA LC 37 -8.75 -100.33 -60.94
N PRO LC 38 -9.03 -101.44 -60.26
CA PRO LC 38 -9.60 -101.34 -58.91
C PRO LC 38 -8.57 -100.80 -57.94
N LYS LC 39 -9.01 -99.86 -57.10
CA LYS LC 39 -8.12 -99.13 -56.21
C LYS LC 39 -8.37 -99.59 -54.77
N ARG LC 40 -7.31 -100.08 -54.13
CA ARG LC 40 -7.36 -100.63 -52.78
C ARG LC 40 -7.21 -99.50 -51.77
N THR LC 41 -8.20 -98.61 -51.75
CA THR LC 41 -8.19 -97.50 -50.81
C THR LC 41 -8.43 -97.96 -49.37
N LYS LC 42 -8.80 -99.22 -49.18
CA LYS LC 42 -9.13 -99.75 -47.88
C LYS LC 42 -8.88 -101.25 -47.91
N ASP LC 43 -9.42 -101.95 -46.91
CA ASP LC 43 -9.36 -103.41 -46.85
C ASP LC 43 -9.85 -104.03 -48.15
N SER LC 44 -10.95 -103.51 -48.70
CA SER LC 44 -11.50 -104.04 -49.93
C SER LC 44 -10.52 -103.84 -51.08
N PRO LC 45 -10.42 -104.78 -52.01
CA PRO LC 45 -9.46 -104.63 -53.12
C PRO LC 45 -9.87 -103.58 -54.14
N GLY LC 46 -11.03 -102.96 -54.00
CA GLY LC 46 -11.47 -101.93 -54.92
C GLY LC 46 -12.38 -102.47 -56.01
N MET LC 47 -12.89 -101.54 -56.81
CA MET LC 47 -13.84 -101.85 -57.87
C MET LC 47 -13.19 -101.59 -59.23
N ALA LC 48 -13.18 -102.62 -60.08
CA ALA LC 48 -12.57 -102.53 -61.39
C ALA LC 48 -13.60 -101.98 -62.36
N LYS LC 49 -13.35 -100.78 -62.88
CA LYS LC 49 -14.29 -100.10 -63.76
C LYS LC 49 -13.96 -100.39 -65.22
N SER LC 50 -14.98 -100.75 -65.98
CA SER LC 50 -14.87 -100.91 -67.42
C SER LC 50 -15.86 -99.98 -68.09
N GLU LC 51 -15.62 -99.72 -69.38
CA GLU LC 51 -16.53 -98.87 -70.13
C GLU LC 51 -16.46 -99.25 -71.60
N LEU LC 52 -17.62 -99.41 -72.22
CA LEU LC 52 -17.72 -99.61 -73.67
C LEU LC 52 -18.80 -98.68 -74.18
N LYS LC 53 -18.40 -97.65 -74.93
CA LYS LC 53 -19.36 -96.65 -75.35
C LYS LC 53 -19.29 -96.42 -76.85
N ILE LC 54 -20.46 -96.15 -77.44
CA ILE LC 54 -20.58 -95.80 -78.85
C ILE LC 54 -21.19 -94.41 -78.93
N THR LC 55 -20.53 -93.53 -79.67
CA THR LC 55 -20.96 -92.14 -79.80
C THR LC 55 -21.18 -91.82 -81.26
N ARG LC 56 -22.33 -91.22 -81.56
CA ARG LC 56 -22.65 -90.77 -82.90
C ARG LC 56 -22.70 -89.25 -82.89
N VAL LC 57 -21.94 -88.63 -83.77
CA VAL LC 57 -21.90 -87.18 -83.91
C VAL LC 57 -22.11 -86.86 -85.38
N ASP LC 58 -23.06 -85.97 -85.65
CA ASP LC 58 -23.40 -85.68 -87.03
C ASP LC 58 -22.22 -84.99 -87.71
N PRO LC 59 -21.63 -85.59 -88.75
CA PRO LC 59 -20.35 -85.08 -89.26
C PRO LC 59 -20.46 -83.98 -90.31
N THR LC 60 -21.33 -82.99 -90.11
CA THR LC 60 -21.26 -81.79 -90.93
C THR LC 60 -21.27 -80.54 -90.06
N THR LC 61 -21.98 -80.60 -88.93
CA THR LC 61 -21.97 -79.53 -87.95
C THR LC 61 -21.48 -79.97 -86.58
N GLY LC 62 -21.34 -81.27 -86.35
CA GLY LC 62 -20.79 -81.77 -85.10
C GLY LC 62 -21.76 -81.82 -83.95
N VAL LC 63 -23.02 -82.16 -84.20
CA VAL LC 63 -24.02 -82.27 -83.14
C VAL LC 63 -24.11 -83.72 -82.69
N LEU LC 64 -24.03 -83.93 -81.39
CA LEU LC 64 -24.10 -85.27 -80.80
C LEU LC 64 -25.49 -85.84 -80.99
N ILE LC 65 -25.63 -86.84 -81.85
CA ILE LC 65 -26.90 -87.50 -82.05
C ILE LC 65 -27.28 -88.35 -80.84
N GLY LC 66 -26.36 -89.13 -80.32
CA GLY LC 66 -26.68 -90.00 -79.22
C GLY LC 66 -25.47 -90.77 -78.74
N ILE LC 67 -25.59 -91.33 -77.54
CA ILE LC 67 -24.57 -92.15 -76.92
C ILE LC 67 -25.23 -93.34 -76.25
N VAL LC 68 -24.70 -94.53 -76.49
CA VAL LC 68 -25.03 -95.72 -75.71
C VAL LC 68 -23.74 -96.19 -75.06
N ASN LC 69 -23.76 -96.32 -73.74
CA ASN LC 69 -22.58 -96.68 -72.96
C ASN LC 69 -22.88 -97.91 -72.13
N VAL LC 70 -21.92 -98.84 -72.08
CA VAL LC 70 -21.99 -99.99 -71.19
C VAL LC 70 -20.85 -99.85 -70.21
N SER LC 71 -21.18 -99.59 -68.95
CA SER LC 71 -20.18 -99.43 -67.90
C SER LC 71 -20.31 -100.56 -66.89
N SER LC 72 -19.17 -101.04 -66.41
CA SER LC 72 -19.12 -102.07 -65.39
C SER LC 72 -18.34 -101.57 -64.19
N SER LC 73 -18.84 -101.90 -63.00
CA SER LC 73 -18.15 -101.58 -61.75
C SER LC 73 -18.25 -102.83 -60.90
N ILE LC 74 -17.25 -103.70 -61.02
CA ILE LC 74 -17.24 -104.99 -60.37
C ILE LC 74 -16.13 -105.03 -59.35
N ARG LC 75 -16.41 -105.62 -58.18
CA ARG LC 75 -15.40 -105.78 -57.14
C ARG LC 75 -14.18 -106.50 -57.69
N ALA LC 76 -13.01 -106.07 -57.26
CA ALA LC 76 -11.77 -106.70 -57.71
C ALA LC 76 -11.73 -108.16 -57.32
N ASP LC 77 -12.33 -108.52 -56.18
CA ASP LC 77 -12.34 -109.91 -55.72
C ASP LC 77 -13.50 -110.73 -56.25
N ALA LC 78 -14.42 -110.11 -57.00
CA ALA LC 78 -15.60 -110.82 -57.46
C ALA LC 78 -15.22 -111.99 -58.36
N THR LC 79 -15.91 -113.11 -58.17
CA THR LC 79 -15.58 -114.33 -58.89
C THR LC 79 -15.93 -114.20 -60.36
N ALA LC 80 -15.23 -114.99 -61.18
CA ALA LC 80 -15.55 -115.04 -62.60
C ALA LC 80 -16.98 -115.50 -62.83
N ALA LC 81 -17.53 -116.29 -61.91
CA ALA LC 81 -18.93 -116.68 -62.00
C ALA LC 81 -19.84 -115.47 -61.85
N ASP LC 82 -19.55 -114.59 -60.89
CA ASP LC 82 -20.35 -113.38 -60.72
C ASP LC 82 -20.27 -112.51 -61.96
N LYS LC 83 -19.08 -112.37 -62.52
CA LYS LC 83 -18.89 -111.49 -63.67
C LYS LC 83 -19.57 -112.05 -64.92
N THR LC 84 -19.46 -113.37 -65.12
CA THR LC 84 -20.18 -113.99 -66.22
C THR LC 84 -21.68 -113.87 -66.05
N ALA LC 85 -22.17 -114.05 -64.82
CA ALA LC 85 -23.61 -113.91 -64.56
C ALA LC 85 -24.08 -112.50 -64.85
N LEU LC 86 -23.32 -111.49 -64.41
CA LEU LC 86 -23.71 -110.11 -64.66
C LEU LC 86 -23.77 -109.83 -66.16
N MET LC 87 -22.74 -110.26 -66.89
CA MET LC 87 -22.71 -110.00 -68.32
C MET LC 87 -23.84 -110.72 -69.03
N ALA LC 88 -24.12 -111.97 -68.64
CA ALA LC 88 -25.18 -112.74 -69.27
C ALA LC 88 -26.55 -112.13 -69.00
N ILE LC 89 -26.80 -111.71 -67.75
CA ILE LC 89 -28.08 -111.11 -67.43
C ILE LC 89 -28.28 -109.82 -68.22
N ILE LC 90 -27.26 -108.96 -68.25
CA ILE LC 90 -27.42 -107.69 -68.96
C ILE LC 90 -27.57 -107.92 -70.46
N THR LC 91 -26.85 -108.90 -71.02
CA THR LC 91 -26.98 -109.18 -72.45
C THR LC 91 -28.36 -109.73 -72.78
N ALA LC 92 -28.89 -110.61 -71.94
CA ALA LC 92 -30.24 -111.13 -72.16
C ALA LC 92 -31.29 -110.03 -72.03
N ALA LC 93 -31.12 -109.13 -71.06
CA ALA LC 93 -32.06 -108.02 -70.91
C ALA LC 93 -32.02 -107.09 -72.11
N GLN LC 94 -30.83 -106.82 -72.64
CA GLN LC 94 -30.73 -106.02 -73.87
C GLN LC 94 -31.37 -106.73 -75.05
N ALA LC 95 -31.18 -108.05 -75.16
CA ALA LC 95 -31.82 -108.81 -76.22
C ALA LC 95 -33.33 -108.85 -76.06
N ASP LC 96 -33.83 -108.65 -74.84
CA ASP LC 96 -35.26 -108.54 -74.63
C ASP LC 96 -35.79 -107.23 -75.21
N GLY LC 97 -37.08 -107.23 -75.55
CA GLY LC 97 -37.68 -106.08 -76.20
C GLY LC 97 -37.95 -104.91 -75.27
N ALA LC 98 -37.97 -105.15 -73.96
CA ALA LC 98 -38.21 -104.07 -73.01
C ALA LC 98 -37.14 -102.99 -73.13
N TRP LC 99 -35.89 -103.39 -73.38
CA TRP LC 99 -34.84 -102.41 -73.61
C TRP LC 99 -35.05 -101.68 -74.94
N THR LC 100 -35.45 -102.41 -75.97
CA THR LC 100 -35.70 -101.80 -77.26
C THR LC 100 -36.85 -100.81 -77.20
N GLU LC 101 -37.70 -100.91 -76.18
CA GLU LC 101 -38.76 -99.95 -75.96
C GLU LC 101 -38.33 -98.80 -75.06
N LEU LC 102 -37.59 -99.11 -74.00
CA LEU LC 102 -37.04 -98.08 -73.12
C LEU LC 102 -36.20 -97.08 -73.90
N VAL LC 103 -35.31 -97.58 -74.74
CA VAL LC 103 -34.73 -96.77 -75.79
C VAL LC 103 -35.75 -96.69 -76.91
N THR LC 104 -35.81 -95.54 -77.57
CA THR LC 104 -36.68 -95.25 -78.72
C THR LC 104 -38.14 -95.01 -78.34
N ASP LC 105 -38.53 -95.28 -77.10
CA ASP LC 105 -39.87 -94.87 -76.67
C ASP LC 105 -39.96 -94.34 -75.26
N GLN LC 106 -38.95 -94.57 -74.41
CA GLN LC 106 -39.02 -94.26 -72.99
C GLN LC 106 -40.21 -94.98 -72.36
N ARG LC 107 -40.40 -96.24 -72.77
CA ARG LC 107 -41.49 -97.06 -72.30
C ARG LC 107 -40.96 -98.04 -71.26
N LEU LC 108 -41.48 -97.94 -70.07
CA LEU LC 108 -41.08 -98.78 -68.97
C LEU LC 108 -41.79 -100.13 -69.02
N PRO LC 109 -41.19 -101.16 -68.46
CA PRO LC 109 -41.87 -102.46 -68.41
C PRO LC 109 -42.96 -102.51 -67.35
N LEU LC 110 -43.99 -101.70 -67.53
CA LEU LC 110 -45.16 -101.73 -66.66
C LEU LC 110 -46.48 -101.66 -67.41
N ALA LC 111 -46.46 -101.41 -68.71
CA ALA LC 111 -47.71 -101.33 -69.48
C ALA LC 111 -48.42 -102.67 -69.50
N THR LC 112 -49.75 -102.63 -69.45
CA THR LC 112 -50.56 -103.84 -69.42
C THR LC 112 -50.82 -104.44 -70.79
N VAL LC 113 -50.38 -103.77 -71.86
CA VAL LC 113 -50.55 -104.22 -73.24
C VAL LC 113 -52.04 -104.36 -73.58
N SER MC 1 7.96 -74.78 -110.03
CA SER MC 1 8.70 -74.25 -111.16
C SER MC 1 7.79 -74.06 -112.37
N LYS MC 2 7.14 -75.14 -112.81
CA LYS MC 2 6.29 -75.11 -114.00
C LYS MC 2 5.09 -76.01 -113.72
N VAL MC 3 4.40 -76.44 -114.80
CA VAL MC 3 3.13 -77.14 -114.69
C VAL MC 3 3.18 -78.31 -113.72
N PHE MC 4 2.35 -78.24 -112.68
CA PHE MC 4 2.21 -79.28 -111.68
C PHE MC 4 0.73 -79.54 -111.47
N ASN MC 5 0.35 -80.82 -111.45
CA ASN MC 5 -1.06 -81.21 -111.30
C ASN MC 5 -1.90 -80.52 -112.37
N THR MC 6 -1.37 -80.46 -113.58
CA THR MC 6 -1.97 -79.84 -114.75
C THR MC 6 -2.28 -78.36 -114.53
N GLN MC 7 -1.55 -77.66 -113.65
CA GLN MC 7 -1.70 -76.23 -113.47
C GLN MC 7 -0.36 -75.55 -113.71
N THR MC 8 -0.40 -74.42 -114.42
CA THR MC 8 0.80 -73.70 -114.79
C THR MC 8 1.15 -72.69 -113.70
N PHE MC 9 2.31 -72.87 -113.09
CA PHE MC 9 2.79 -71.96 -112.04
C PHE MC 9 3.87 -71.08 -112.63
N ASP MC 10 3.60 -69.79 -112.68
CA ASP MC 10 4.54 -68.79 -113.17
C ASP MC 10 5.04 -67.95 -112.00
N ILE MC 11 6.25 -67.42 -112.14
CA ILE MC 11 6.86 -66.66 -111.06
C ILE MC 11 6.04 -65.40 -110.80
N TYR MC 12 5.66 -65.21 -109.54
CA TYR MC 12 5.03 -63.96 -109.14
C TYR MC 12 5.97 -63.05 -108.38
N SER MC 13 6.90 -63.60 -107.60
CA SER MC 13 7.74 -62.76 -106.78
C SER MC 13 9.07 -63.45 -106.52
N THR MC 14 10.11 -62.65 -106.38
CA THR MC 14 11.44 -63.16 -106.08
C THR MC 14 12.06 -62.32 -104.98
N GLU MC 15 12.45 -62.97 -103.90
CA GLU MC 15 13.15 -62.34 -102.80
C GLU MC 15 14.60 -62.80 -102.80
N LYS MC 16 15.33 -62.40 -101.76
CA LYS MC 16 16.69 -62.90 -101.60
C LYS MC 16 16.69 -64.40 -101.40
N ASP MC 17 15.73 -64.93 -100.65
CA ASP MC 17 15.69 -66.35 -100.34
C ASP MC 17 14.33 -66.98 -100.53
N VAL MC 18 13.37 -66.28 -101.13
CA VAL MC 18 12.06 -66.84 -101.43
C VAL MC 18 11.74 -66.59 -102.88
N VAL MC 19 11.24 -67.61 -103.56
CA VAL MC 19 10.61 -67.48 -104.87
C VAL MC 19 9.16 -67.91 -104.71
N SER MC 20 8.24 -67.06 -105.15
CA SER MC 20 6.82 -67.36 -105.10
C SER MC 20 6.27 -67.42 -106.52
N LEU MC 21 5.55 -68.50 -106.82
CA LEU MC 21 4.89 -68.72 -108.09
C LEU MC 21 3.40 -68.82 -107.85
N ARG MC 22 2.63 -68.38 -108.84
CA ARG MC 22 1.19 -68.41 -108.77
C ARG MC 22 0.64 -69.09 -110.01
N ASP MC 23 -0.59 -69.60 -109.90
CA ASP MC 23 -1.22 -70.22 -111.05
C ASP MC 23 -1.64 -69.18 -112.09
N PHE MC 24 -2.27 -68.10 -111.64
CA PHE MC 24 -2.73 -67.01 -112.50
C PHE MC 24 -3.89 -67.45 -113.38
N ALA MC 25 -4.23 -68.74 -113.32
CA ALA MC 25 -5.37 -69.28 -114.04
C ALA MC 25 -6.57 -69.47 -113.12
N ASN MC 26 -6.42 -70.25 -112.05
CA ASN MC 26 -7.45 -70.32 -111.03
C ASN MC 26 -7.27 -69.30 -109.92
N ASP MC 27 -6.12 -68.63 -109.88
CA ASP MC 27 -5.86 -67.53 -108.95
C ASP MC 27 -6.10 -67.94 -107.50
N LYS MC 28 -5.79 -69.19 -107.16
CA LYS MC 28 -6.01 -69.67 -105.81
C LYS MC 28 -4.82 -70.40 -105.22
N ASP MC 29 -3.80 -70.73 -106.01
CA ASP MC 29 -2.66 -71.51 -105.55
C ASP MC 29 -1.39 -70.69 -105.60
N THR MC 30 -0.60 -70.77 -104.54
CA THR MC 30 0.73 -70.17 -104.52
C THR MC 30 1.74 -71.20 -104.05
N LEU MC 31 2.81 -71.36 -104.82
CA LEU MC 31 3.89 -72.29 -104.50
C LEU MC 31 5.13 -71.49 -104.16
N ALA MC 32 5.68 -71.72 -102.97
CA ALA MC 32 6.83 -70.96 -102.50
C ALA MC 32 8.01 -71.90 -102.23
N TYR MC 33 9.17 -71.51 -102.76
CA TYR MC 33 10.46 -72.14 -102.50
C TYR MC 33 11.24 -71.18 -101.61
N LYS MC 34 11.79 -71.68 -100.52
CA LYS MC 34 12.31 -70.84 -99.46
C LYS MC 34 13.60 -71.47 -98.92
N ARG MC 35 14.57 -70.61 -98.62
CA ARG MC 35 15.97 -71.01 -98.52
C ARG MC 35 16.63 -70.35 -97.30
N LEU MC 36 17.22 -71.16 -96.42
CA LEU MC 36 18.05 -70.66 -95.32
C LEU MC 36 19.36 -71.41 -95.29
N ALA MC 37 20.44 -70.74 -95.71
CA ALA MC 37 21.76 -71.35 -95.68
C ALA MC 37 22.19 -71.68 -94.26
N PRO MC 38 22.97 -72.75 -94.07
CA PRO MC 38 23.39 -73.11 -92.71
C PRO MC 38 24.32 -72.08 -92.12
N LYS MC 39 24.26 -71.92 -90.80
CA LYS MC 39 25.09 -70.96 -90.08
C LYS MC 39 25.93 -71.68 -89.06
N ARG MC 40 27.25 -71.49 -89.14
CA ARG MC 40 28.20 -72.15 -88.25
C ARG MC 40 28.21 -71.37 -86.93
N THR MC 41 27.29 -71.76 -86.04
CA THR MC 41 27.19 -71.15 -84.72
C THR MC 41 28.06 -71.86 -83.70
N LYS MC 42 28.64 -73.00 -84.04
CA LYS MC 42 29.44 -73.79 -83.12
C LYS MC 42 30.36 -74.67 -83.96
N ASP MC 43 30.92 -75.69 -83.32
CA ASP MC 43 31.70 -76.70 -84.03
C ASP MC 43 30.85 -77.36 -85.13
N SER MC 44 29.54 -77.36 -84.95
CA SER MC 44 28.66 -77.80 -86.03
C SER MC 44 28.61 -76.73 -87.12
N PRO MC 45 28.58 -77.12 -88.40
CA PRO MC 45 28.50 -76.12 -89.48
C PRO MC 45 27.10 -75.56 -89.70
N GLY MC 46 26.11 -75.95 -88.90
CA GLY MC 46 24.76 -75.49 -89.06
C GLY MC 46 23.92 -76.38 -89.96
N MET MC 47 22.63 -76.11 -89.96
CA MET MC 47 21.66 -76.87 -90.72
C MET MC 47 21.07 -76.00 -91.83
N ALA MC 48 21.03 -76.55 -93.05
CA ALA MC 48 20.47 -75.83 -94.19
C ALA MC 48 18.98 -76.10 -94.26
N LYS MC 49 18.18 -75.05 -94.14
CA LYS MC 49 16.73 -75.15 -94.24
C LYS MC 49 16.26 -74.95 -95.66
N SER MC 50 15.41 -75.85 -96.11
CA SER MC 50 14.62 -75.67 -97.33
C SER MC 50 13.15 -75.71 -96.96
N GLU MC 51 12.33 -75.05 -97.77
CA GLU MC 51 10.90 -75.04 -97.49
C GLU MC 51 10.17 -74.94 -98.82
N LEU MC 52 9.20 -75.82 -99.01
CA LEU MC 52 8.42 -75.87 -100.25
C LEU MC 52 6.96 -75.97 -99.88
N LYS MC 53 6.23 -74.86 -100.01
CA LYS MC 53 4.86 -74.82 -99.53
C LYS MC 53 3.90 -74.54 -100.68
N ILE MC 54 2.76 -75.22 -100.65
CA ILE MC 54 1.65 -74.92 -101.53
C ILE MC 54 0.49 -74.43 -100.67
N THR MC 55 0.00 -73.24 -100.98
CA THR MC 55 -1.10 -72.64 -100.26
C THR MC 55 -2.27 -72.42 -101.20
N ARG MC 56 -3.45 -72.82 -100.78
CA ARG MC 56 -4.68 -72.60 -101.54
C ARG MC 56 -5.56 -71.63 -100.78
N VAL MC 57 -5.96 -70.56 -101.44
CA VAL MC 57 -6.86 -69.56 -100.88
C VAL MC 57 -7.97 -69.33 -101.90
N ASP MC 58 -9.22 -69.48 -101.46
CA ASP MC 58 -10.28 -69.32 -102.44
C ASP MC 58 -10.39 -67.85 -102.87
N PRO MC 59 -10.50 -67.57 -104.15
CA PRO MC 59 -10.44 -66.18 -104.61
C PRO MC 59 -11.78 -65.47 -104.63
N THR MC 60 -12.58 -65.61 -103.58
CA THR MC 60 -13.80 -64.85 -103.47
C THR MC 60 -13.80 -64.01 -102.20
N THR MC 61 -13.43 -64.63 -101.08
CA THR MC 61 -13.26 -63.93 -99.82
C THR MC 61 -11.85 -64.05 -99.27
N GLY MC 62 -10.99 -64.82 -99.91
CA GLY MC 62 -9.61 -64.96 -99.47
C GLY MC 62 -9.41 -65.89 -98.31
N VAL MC 63 -10.35 -66.79 -98.03
CA VAL MC 63 -10.23 -67.73 -96.93
C VAL MC 63 -9.22 -68.79 -97.32
N LEU MC 64 -8.33 -69.14 -96.38
CA LEU MC 64 -7.28 -70.10 -96.65
C LEU MC 64 -7.84 -71.51 -96.52
N ILE MC 65 -7.94 -72.22 -97.64
CA ILE MC 65 -8.47 -73.57 -97.64
C ILE MC 65 -7.49 -74.53 -96.97
N GLY MC 66 -6.22 -74.47 -97.33
CA GLY MC 66 -5.26 -75.38 -96.74
C GLY MC 66 -3.87 -75.14 -97.25
N ILE MC 67 -2.90 -75.60 -96.46
CA ILE MC 67 -1.49 -75.50 -96.78
C ILE MC 67 -0.85 -76.87 -96.63
N VAL MC 68 -0.01 -77.24 -97.58
CA VAL MC 68 0.86 -78.40 -97.47
C VAL MC 68 2.29 -77.92 -97.61
N ASN MC 69 3.13 -78.26 -96.63
CA ASN MC 69 4.50 -77.76 -96.57
C ASN MC 69 5.48 -78.92 -96.53
N VAL MC 70 6.55 -78.81 -97.29
CA VAL MC 70 7.66 -79.78 -97.25
C VAL MC 70 8.89 -79.03 -96.79
N SER MC 71 9.34 -79.32 -95.58
CA SER MC 71 10.48 -78.64 -94.98
C SER MC 71 11.60 -79.63 -94.71
N SER MC 72 12.83 -79.22 -95.03
CA SER MC 72 14.00 -80.02 -94.74
C SER MC 72 14.97 -79.19 -93.90
N SER MC 73 15.64 -79.85 -92.97
CA SER MC 73 16.67 -79.23 -92.13
C SER MC 73 17.80 -80.25 -92.05
N ILE MC 74 18.85 -80.04 -92.83
CA ILE MC 74 19.92 -81.01 -92.99
C ILE MC 74 21.26 -80.36 -92.66
N ARG MC 75 22.13 -81.11 -92.00
CA ARG MC 75 23.45 -80.64 -91.63
C ARG MC 75 24.23 -80.19 -92.86
N ALA MC 76 25.01 -79.13 -92.69
CA ALA MC 76 25.83 -78.64 -93.78
C ALA MC 76 26.85 -79.68 -94.22
N ASP MC 77 27.44 -80.40 -93.27
CA ASP MC 77 28.42 -81.42 -93.56
C ASP MC 77 27.80 -82.73 -94.05
N ALA MC 78 26.47 -82.83 -94.01
CA ALA MC 78 25.81 -84.11 -94.28
C ALA MC 78 26.08 -84.55 -95.71
N THR MC 79 26.21 -85.87 -95.88
CA THR MC 79 26.55 -86.42 -97.17
C THR MC 79 25.37 -86.34 -98.14
N ALA MC 80 25.69 -86.36 -99.42
CA ALA MC 80 24.64 -86.43 -100.43
C ALA MC 80 23.85 -87.73 -100.33
N ALA MC 81 24.49 -88.80 -99.85
CA ALA MC 81 23.77 -90.05 -99.62
C ALA MC 81 22.70 -89.89 -98.56
N ASP MC 82 23.01 -89.18 -97.47
CA ASP MC 82 22.01 -88.93 -96.44
C ASP MC 82 20.83 -88.15 -96.99
N LYS MC 83 21.11 -87.13 -97.81
CA LYS MC 83 20.05 -86.29 -98.34
C LYS MC 83 19.18 -87.05 -99.34
N THR MC 84 19.83 -87.85 -100.21
CA THR MC 84 19.06 -88.67 -101.14
C THR MC 84 18.21 -89.69 -100.41
N ALA MC 85 18.76 -90.30 -99.36
CA ALA MC 85 17.98 -91.26 -98.57
C ALA MC 85 16.79 -90.59 -97.91
N LEU MC 86 16.99 -89.41 -97.33
CA LEU MC 86 15.88 -88.70 -96.70
C LEU MC 86 14.79 -88.38 -97.71
N MET MC 87 15.19 -87.87 -98.88
CA MET MC 87 14.18 -87.52 -99.88
C MET MC 87 13.45 -88.75 -100.39
N ALA MC 88 14.18 -89.85 -100.65
CA ALA MC 88 13.54 -91.08 -101.10
C ALA MC 88 12.57 -91.63 -100.06
N ILE MC 89 12.96 -91.61 -98.78
CA ILE MC 89 12.11 -92.16 -97.74
C ILE MC 89 10.84 -91.34 -97.60
N ILE MC 90 10.98 -90.01 -97.56
CA ILE MC 90 9.79 -89.18 -97.39
C ILE MC 90 8.90 -89.27 -98.63
N THR MC 91 9.49 -89.39 -99.82
CA THR MC 91 8.69 -89.52 -101.03
C THR MC 91 7.94 -90.83 -101.07
N ALA MC 92 8.60 -91.94 -100.69
CA ALA MC 92 7.91 -93.22 -100.64
C ALA MC 92 6.80 -93.24 -99.60
N ALA MC 93 7.04 -92.59 -98.46
CA ALA MC 93 6.00 -92.50 -97.44
C ALA MC 93 4.81 -91.68 -97.94
N GLN MC 94 5.08 -90.60 -98.67
CA GLN MC 94 4.01 -89.80 -99.24
C GLN MC 94 3.22 -90.60 -100.28
N ALA MC 95 3.91 -91.38 -101.10
CA ALA MC 95 3.23 -92.22 -102.09
C ALA MC 95 2.38 -93.29 -101.43
N ASP MC 96 2.69 -93.69 -100.21
CA ASP MC 96 1.88 -94.65 -99.49
C ASP MC 96 0.53 -94.05 -99.12
N GLY MC 97 -0.48 -94.92 -99.04
CA GLY MC 97 -1.81 -94.48 -98.69
C GLY MC 97 -1.98 -94.08 -97.24
N ALA MC 98 -1.03 -94.47 -96.38
CA ALA MC 98 -1.10 -94.04 -94.98
C ALA MC 98 -1.04 -92.53 -94.87
N TRP MC 99 -0.18 -91.88 -95.66
CA TRP MC 99 -0.16 -90.43 -95.69
C TRP MC 99 -1.43 -89.85 -96.28
N THR MC 100 -1.97 -90.51 -97.32
CA THR MC 100 -3.19 -90.03 -97.94
C THR MC 100 -4.39 -90.15 -97.02
N GLU MC 101 -4.28 -90.97 -95.98
CA GLU MC 101 -5.31 -91.04 -94.94
C GLU MC 101 -5.04 -90.09 -93.80
N LEU MC 102 -3.77 -89.99 -93.38
CA LEU MC 102 -3.38 -88.99 -92.38
C LEU MC 102 -3.85 -87.61 -92.79
N VAL MC 103 -3.65 -87.25 -94.05
CA VAL MC 103 -4.32 -86.09 -94.61
C VAL MC 103 -5.68 -86.54 -95.09
N THR MC 104 -6.68 -85.66 -94.96
CA THR MC 104 -8.09 -85.88 -95.31
C THR MC 104 -8.85 -86.78 -94.36
N ASP MC 105 -8.18 -87.48 -93.45
CA ASP MC 105 -8.90 -88.36 -92.52
C ASP MC 105 -8.43 -88.24 -91.08
N GLN MC 106 -7.26 -87.69 -90.81
CA GLN MC 106 -6.66 -87.69 -89.48
C GLN MC 106 -6.57 -89.12 -88.94
N ARG MC 107 -6.12 -90.01 -89.81
CA ARG MC 107 -6.04 -91.44 -89.52
C ARG MC 107 -4.57 -91.83 -89.39
N LEU MC 108 -4.22 -92.43 -88.25
CA LEU MC 108 -2.87 -92.93 -88.03
C LEU MC 108 -2.71 -94.30 -88.69
N PRO MC 109 -1.49 -94.70 -89.03
CA PRO MC 109 -1.29 -95.99 -89.72
C PRO MC 109 -1.26 -97.16 -88.78
N LEU MC 110 -2.19 -97.21 -87.84
CA LEU MC 110 -2.23 -98.27 -86.84
C LEU MC 110 -3.50 -99.10 -86.89
N ALA MC 111 -4.40 -98.84 -87.82
CA ALA MC 111 -5.58 -99.66 -87.98
C ALA MC 111 -5.19 -101.09 -88.29
N THR MC 112 -6.03 -102.04 -87.86
CA THR MC 112 -5.82 -103.44 -88.16
C THR MC 112 -6.40 -103.86 -89.50
N VAL MC 113 -7.07 -102.95 -90.22
CA VAL MC 113 -7.63 -103.18 -91.55
C VAL MC 113 -8.72 -104.24 -91.54
N SER NC 1 4.34 -96.44 -93.00
CA SER NC 1 3.87 -97.69 -92.42
C SER NC 1 4.89 -98.82 -92.57
N LYS NC 2 5.19 -99.20 -93.80
CA LYS NC 2 5.99 -100.38 -94.07
C LYS NC 2 7.15 -99.96 -94.98
N VAL NC 3 7.78 -100.95 -95.62
CA VAL NC 3 9.03 -100.77 -96.34
C VAL NC 3 9.00 -99.56 -97.28
N PHE NC 4 9.90 -98.61 -97.04
CA PHE NC 4 10.05 -97.42 -97.85
C PHE NC 4 11.53 -97.26 -98.21
N ASN NC 5 11.80 -97.00 -99.49
CA ASN NC 5 13.16 -96.86 -100.00
C ASN NC 5 13.98 -98.11 -99.65
N THR NC 6 13.37 -99.27 -99.86
CA THR NC 6 13.92 -100.61 -99.60
C THR NC 6 14.20 -100.86 -98.12
N GLN NC 7 13.85 -99.94 -97.23
CA GLN NC 7 14.11 -100.10 -95.81
C GLN NC 7 12.82 -100.43 -95.07
N THR NC 8 12.87 -101.44 -94.22
CA THR NC 8 11.73 -101.89 -93.44
C THR NC 8 11.62 -101.01 -92.20
N PHE NC 9 10.49 -100.36 -92.03
CA PHE NC 9 10.24 -99.50 -90.87
C PHE NC 9 9.25 -100.22 -89.96
N ASP NC 10 9.73 -100.72 -88.83
CA ASP NC 10 8.91 -101.39 -87.85
C ASP NC 10 8.56 -100.42 -86.74
N ILE NC 11 7.41 -100.65 -86.10
CA ILE NC 11 6.86 -99.67 -85.17
C ILE NC 11 7.79 -99.49 -83.99
N TYR NC 12 8.11 -98.24 -83.68
CA TYR NC 12 9.00 -97.92 -82.57
C TYR NC 12 8.26 -97.39 -81.35
N SER NC 13 7.18 -96.63 -81.54
CA SER NC 13 6.37 -96.16 -80.43
C SER NC 13 5.02 -95.70 -80.97
N THR NC 14 4.03 -95.69 -80.08
CA THR NC 14 2.70 -95.21 -80.43
C THR NC 14 2.20 -94.29 -79.34
N GLU NC 15 1.71 -93.12 -79.73
CA GLU NC 15 1.18 -92.14 -78.81
C GLU NC 15 -0.30 -91.87 -79.13
N LYS NC 16 -0.84 -90.87 -78.43
CA LYS NC 16 -2.19 -90.38 -78.72
C LYS NC 16 -2.31 -89.94 -80.16
N ASP NC 17 -1.32 -89.21 -80.66
CA ASP NC 17 -1.40 -88.59 -81.98
C ASP NC 17 -0.16 -88.85 -82.82
N VAL NC 18 0.81 -89.59 -82.31
CA VAL NC 18 2.05 -89.85 -83.03
C VAL NC 18 2.28 -91.35 -83.10
N VAL NC 19 2.60 -91.84 -84.28
CA VAL NC 19 3.05 -93.20 -84.49
C VAL NC 19 4.44 -93.12 -85.11
N SER NC 20 5.41 -93.73 -84.44
CA SER NC 20 6.80 -93.65 -84.83
C SER NC 20 7.29 -95.05 -85.19
N LEU NC 21 7.93 -95.17 -86.35
CA LEU NC 21 8.52 -96.40 -86.82
C LEU NC 21 10.03 -96.22 -86.97
N ARG NC 22 10.76 -97.30 -86.80
CA ARG NC 22 12.20 -97.29 -86.93
C ARG NC 22 12.62 -98.37 -87.91
N ASP NC 23 13.77 -98.15 -88.56
CA ASP NC 23 14.33 -99.18 -89.42
C ASP NC 23 14.76 -100.40 -88.62
N PHE NC 24 15.53 -100.19 -87.55
CA PHE NC 24 16.09 -101.23 -86.69
C PHE NC 24 17.17 -102.03 -87.41
N ALA NC 25 17.36 -101.77 -88.70
CA ALA NC 25 18.45 -102.36 -89.46
C ALA NC 25 19.69 -101.46 -89.45
N ASN NC 26 19.55 -100.23 -89.95
CA ASN NC 26 20.59 -99.23 -89.77
C ASN NC 26 20.42 -98.45 -88.49
N ASP NC 27 19.28 -98.61 -87.80
CA ASP NC 27 19.02 -98.00 -86.50
C ASP NC 27 19.23 -96.49 -86.52
N LYS NC 28 19.01 -95.86 -87.66
CA LYS NC 28 19.28 -94.45 -87.81
C LYS NC 28 18.10 -93.63 -88.31
N ASP NC 29 17.07 -94.27 -88.85
CA ASP NC 29 15.96 -93.58 -89.49
C ASP NC 29 14.69 -93.78 -88.68
N THR NC 30 13.96 -92.71 -88.43
CA THR NC 30 12.71 -92.75 -87.71
C THR NC 30 11.65 -91.99 -88.49
N LEU NC 31 10.52 -92.65 -88.74
CA LEU NC 31 9.41 -92.09 -89.49
C LEU NC 31 8.23 -91.89 -88.57
N ALA NC 32 7.75 -90.66 -88.45
CA ALA NC 32 6.67 -90.33 -87.55
C ALA NC 32 5.47 -89.80 -88.31
N TYR NC 33 4.29 -90.27 -87.91
CA TYR NC 33 2.99 -89.78 -88.39
C TYR NC 33 2.32 -89.08 -87.22
N LYS NC 34 1.93 -87.82 -87.42
CA LYS NC 34 1.47 -86.96 -86.35
C LYS NC 34 0.14 -86.36 -86.77
N ARG NC 35 -0.78 -86.26 -85.80
CA ARG NC 35 -2.18 -85.94 -86.05
C ARG NC 35 -2.64 -84.86 -85.08
N LEU NC 36 -3.35 -83.86 -85.60
CA LEU NC 36 -3.95 -82.83 -84.76
C LEU NC 36 -5.34 -82.52 -85.31
N ALA NC 37 -6.37 -83.07 -84.69
CA ALA NC 37 -7.72 -82.87 -85.17
C ALA NC 37 -8.11 -81.40 -85.10
N PRO NC 38 -8.97 -80.93 -86.02
CA PRO NC 38 -9.40 -79.53 -85.98
C PRO NC 38 -10.18 -79.22 -84.70
N LYS NC 39 -9.98 -78.02 -84.19
CA LYS NC 39 -10.68 -77.56 -83.00
C LYS NC 39 -11.57 -76.38 -83.39
N ARG NC 40 -12.85 -76.48 -83.04
CA ARG NC 40 -13.87 -75.51 -83.44
C ARG NC 40 -13.92 -74.38 -82.41
N THR NC 41 -12.87 -73.56 -82.41
CA THR NC 41 -12.76 -72.48 -81.45
C THR NC 41 -13.62 -71.28 -81.81
N LYS NC 42 -14.13 -71.22 -83.03
CA LYS NC 42 -15.00 -70.14 -83.48
C LYS NC 42 -15.95 -70.71 -84.51
N ASP NC 43 -16.57 -69.81 -85.29
CA ASP NC 43 -17.41 -70.22 -86.42
C ASP NC 43 -16.60 -71.06 -87.38
N SER NC 44 -15.29 -70.88 -87.39
CA SER NC 44 -14.41 -71.76 -88.15
C SER NC 44 -14.53 -73.17 -87.61
N PRO NC 45 -14.57 -74.19 -88.48
CA PRO NC 45 -14.53 -75.58 -88.00
C PRO NC 45 -13.14 -76.01 -87.54
N GLY NC 46 -12.17 -75.10 -87.55
CA GLY NC 46 -10.81 -75.42 -87.18
C GLY NC 46 -10.01 -75.94 -88.35
N MET NC 47 -8.73 -76.17 -88.09
CA MET NC 47 -7.80 -76.69 -89.08
C MET NC 47 -7.32 -78.07 -88.66
N ALA NC 48 -7.42 -79.03 -89.57
CA ALA NC 48 -6.88 -80.37 -89.36
C ALA NC 48 -5.40 -80.34 -89.72
N LYS NC 49 -4.55 -80.59 -88.74
CA LYS NC 49 -3.11 -80.63 -88.94
C LYS NC 49 -2.65 -82.07 -89.08
N SER NC 50 -1.75 -82.31 -90.02
CA SER NC 50 -1.04 -83.58 -90.07
C SER NC 50 0.45 -83.30 -90.24
N GLU NC 51 1.26 -84.32 -89.94
CA GLU NC 51 2.69 -84.18 -90.09
C GLU NC 51 3.29 -85.54 -90.41
N LEU NC 52 4.16 -85.60 -91.40
CA LEU NC 52 4.86 -86.83 -91.75
C LEU NC 52 6.34 -86.51 -91.80
N LYS NC 53 7.09 -86.95 -90.80
CA LYS NC 53 8.48 -86.55 -90.67
C LYS NC 53 9.40 -87.74 -90.72
N ILE NC 54 10.54 -87.57 -91.39
CA ILE NC 54 11.60 -88.56 -91.40
C ILE NC 54 12.84 -87.91 -90.77
N THR NC 55 13.44 -88.61 -89.83
CA THR NC 55 14.60 -88.11 -89.12
C THR NC 55 15.72 -89.13 -89.23
N ARG NC 56 16.89 -88.66 -89.61
CA ARG NC 56 18.09 -89.48 -89.64
C ARG NC 56 19.05 -88.95 -88.58
N VAL NC 57 19.52 -89.83 -87.71
CA VAL NC 57 20.57 -89.51 -86.76
C VAL NC 57 21.66 -90.56 -86.90
N ASP NC 58 22.88 -90.18 -86.58
CA ASP NC 58 23.94 -91.17 -86.59
C ASP NC 58 23.87 -91.97 -85.31
N PRO NC 59 23.60 -93.27 -85.35
CA PRO NC 59 23.35 -94.00 -84.10
C PRO NC 59 24.61 -94.48 -83.41
N THR NC 60 25.65 -93.66 -83.37
CA THR NC 60 26.79 -93.91 -82.51
C THR NC 60 27.03 -92.70 -81.62
N THR NC 61 27.06 -91.52 -82.21
CA THR NC 61 27.25 -90.28 -81.47
C THR NC 61 25.99 -89.46 -81.34
N GLY NC 62 24.88 -89.90 -81.94
CA GLY NC 62 23.64 -89.19 -81.79
C GLY NC 62 23.61 -87.81 -82.41
N VAL NC 63 24.26 -87.62 -83.55
CA VAL NC 63 24.21 -86.35 -84.26
C VAL NC 63 23.08 -86.40 -85.27
N LEU NC 64 22.25 -85.37 -85.27
CA LEU NC 64 21.13 -85.30 -86.20
C LEU NC 64 21.67 -84.98 -87.59
N ILE NC 65 21.58 -85.93 -88.50
CA ILE NC 65 22.03 -85.69 -89.87
C ILE NC 65 21.08 -84.75 -90.59
N GLY NC 66 19.77 -85.00 -90.47
CA GLY NC 66 18.81 -84.14 -91.14
C GLY NC 66 17.38 -84.62 -90.93
N ILE NC 67 16.45 -83.71 -91.18
CA ILE NC 67 15.02 -83.95 -91.05
C ILE NC 67 14.33 -83.46 -92.32
N VAL NC 68 13.35 -84.21 -92.79
CA VAL NC 68 12.42 -83.77 -93.82
C VAL NC 68 11.01 -83.94 -93.29
N ASN NC 69 10.22 -82.88 -93.37
CA ASN NC 69 8.89 -82.83 -92.77
C ASN NC 69 7.86 -82.55 -93.85
N VAL NC 70 6.74 -83.27 -93.81
CA VAL NC 70 5.60 -82.98 -94.66
C VAL NC 70 4.42 -82.67 -93.75
N SER NC 71 4.09 -81.39 -93.62
CA SER NC 71 3.01 -80.94 -92.77
C SER NC 71 1.86 -80.42 -93.61
N SER NC 72 0.64 -80.70 -93.18
CA SER NC 72 -0.55 -80.18 -93.83
C SER NC 72 -1.41 -79.47 -92.80
N SER NC 73 -1.96 -78.33 -93.21
CA SER NC 73 -2.91 -77.56 -92.40
C SER NC 73 -4.10 -77.25 -93.31
N ILE NC 74 -5.08 -78.14 -93.29
CA ILE NC 74 -6.24 -78.03 -94.17
C ILE NC 74 -7.47 -77.75 -93.32
N ARG NC 75 -8.34 -76.87 -93.81
CA ARG NC 75 -9.58 -76.55 -93.11
C ARG NC 75 -10.42 -77.81 -92.94
N ALA NC 76 -11.09 -77.90 -91.79
CA ALA NC 76 -11.94 -79.06 -91.53
C ALA NC 76 -13.06 -79.16 -92.55
N ASP NC 77 -13.61 -78.02 -92.98
CA ASP NC 77 -14.66 -78.02 -93.97
C ASP NC 77 -14.16 -78.17 -95.40
N ALA NC 78 -12.85 -78.10 -95.62
CA ALA NC 78 -12.31 -78.12 -96.97
C ALA NC 78 -12.66 -79.41 -97.68
N THR NC 79 -13.16 -79.28 -98.90
CA THR NC 79 -13.60 -80.43 -99.65
C THR NC 79 -12.42 -81.32 -100.02
N ALA NC 80 -12.73 -82.59 -100.32
CA ALA NC 80 -11.70 -83.52 -100.74
C ALA NC 80 -11.05 -83.09 -102.04
N ALA NC 81 -11.75 -82.27 -102.83
CA ALA NC 81 -11.14 -81.75 -104.05
C ALA NC 81 -9.94 -80.88 -103.73
N ASP NC 82 -10.08 -79.95 -102.78
CA ASP NC 82 -8.96 -79.10 -102.41
C ASP NC 82 -7.82 -79.90 -101.82
N LYS NC 83 -8.12 -80.89 -100.98
CA LYS NC 83 -7.08 -81.69 -100.37
C LYS NC 83 -6.33 -82.53 -101.41
N THR NC 84 -7.07 -83.13 -102.34
CA THR NC 84 -6.43 -83.90 -103.40
C THR NC 84 -5.59 -83.01 -104.31
N ALA NC 85 -6.09 -81.80 -104.61
CA ALA NC 85 -5.31 -80.88 -105.43
C ALA NC 85 -4.04 -80.46 -104.71
N LEU NC 86 -4.14 -80.21 -103.41
CA LEU NC 86 -2.97 -79.83 -102.61
C LEU NC 86 -1.93 -80.94 -102.63
N MET NC 87 -2.34 -82.18 -102.41
CA MET NC 87 -1.39 -83.28 -102.43
C MET NC 87 -0.80 -83.46 -103.82
N ALA NC 88 -1.63 -83.36 -104.86
CA ALA NC 88 -1.13 -83.54 -106.22
C ALA NC 88 -0.09 -82.49 -106.57
N ILE NC 89 -0.37 -81.23 -106.22
CA ILE NC 89 0.57 -80.16 -106.51
C ILE NC 89 1.87 -80.36 -105.74
N ILE NC 90 1.77 -80.69 -104.45
CA ILE NC 90 3.00 -80.77 -103.66
C ILE NC 90 3.83 -81.97 -104.09
N THR NC 91 3.21 -83.10 -104.43
CA THR NC 91 3.94 -84.26 -104.90
C THR NC 91 4.55 -84.00 -106.27
N ALA NC 92 3.82 -83.32 -107.15
CA ALA NC 92 4.39 -82.97 -108.45
C ALA NC 92 5.58 -82.05 -108.29
N ALA NC 93 5.49 -81.08 -107.38
CA ALA NC 93 6.61 -80.19 -107.12
C ALA NC 93 7.81 -80.94 -106.55
N GLN NC 94 7.57 -81.88 -105.64
CA GLN NC 94 8.67 -82.67 -105.09
C GLN NC 94 9.33 -83.53 -106.17
N ALA NC 95 8.53 -84.15 -107.04
CA ALA NC 95 9.08 -84.92 -108.14
C ALA NC 95 9.89 -84.07 -109.10
N ASP NC 96 9.61 -82.77 -109.16
CA ASP NC 96 10.37 -81.87 -110.00
C ASP NC 96 11.79 -81.69 -109.46
N GLY NC 97 12.70 -81.33 -110.36
CA GLY NC 97 14.09 -81.17 -109.96
C GLY NC 97 14.36 -79.94 -109.11
N ALA NC 98 13.47 -78.95 -109.15
CA ALA NC 98 13.69 -77.74 -108.37
C ALA NC 98 13.76 -78.05 -106.88
N TRP NC 99 12.86 -78.92 -106.38
CA TRP NC 99 12.94 -79.32 -104.99
C TRP NC 99 14.22 -80.09 -104.71
N THR NC 100 14.65 -80.94 -105.64
CA THR NC 100 15.87 -81.70 -105.46
C THR NC 100 17.08 -80.79 -105.30
N GLU NC 101 17.16 -79.71 -106.08
CA GLU NC 101 18.25 -78.75 -105.92
C GLU NC 101 18.10 -77.85 -104.71
N LEU NC 102 16.86 -77.46 -104.38
CA LEU NC 102 16.63 -76.64 -103.20
C LEU NC 102 17.15 -77.35 -101.95
N VAL NC 103 16.88 -78.64 -101.83
CA VAL NC 103 17.64 -79.47 -100.91
C VAL NC 103 18.98 -79.79 -101.56
N THR NC 104 20.00 -80.02 -100.74
CA THR NC 104 21.35 -80.37 -101.21
C THR NC 104 22.07 -79.26 -101.97
N ASP NC 105 21.38 -78.16 -102.30
CA ASP NC 105 22.09 -77.05 -102.95
C ASP NC 105 21.66 -75.70 -102.44
N GLN NC 106 20.54 -75.58 -101.74
CA GLN NC 106 19.94 -74.31 -101.39
C GLN NC 106 19.78 -73.43 -102.62
N ARG NC 107 19.33 -74.05 -103.71
CA ARG NC 107 19.19 -73.40 -105.01
C ARG NC 107 17.72 -73.08 -105.24
N LEU NC 108 17.42 -71.79 -105.39
CA LEU NC 108 16.06 -71.37 -105.69
C LEU NC 108 15.76 -71.54 -107.17
N PRO NC 109 14.49 -71.77 -107.52
CA PRO NC 109 14.14 -71.90 -108.94
C PRO NC 109 14.12 -70.55 -109.63
N LEU NC 110 15.29 -69.98 -109.86
CA LEU NC 110 15.42 -68.75 -110.62
C LEU NC 110 16.61 -68.76 -111.57
N ALA NC 111 17.33 -69.87 -111.70
CA ALA NC 111 18.49 -69.92 -112.57
C ALA NC 111 18.07 -69.87 -114.03
N THR NC 112 18.84 -69.15 -114.84
CA THR NC 112 18.55 -69.01 -116.26
C THR NC 112 19.11 -70.15 -117.09
N VAL NC 113 19.82 -71.10 -116.48
CA VAL NC 113 20.40 -72.26 -117.15
C VAL NC 113 21.40 -71.82 -118.23
N SER OC 1 -37.65 -107.75 -68.23
CA SER OC 1 -39.06 -108.08 -68.04
C SER OC 1 -39.24 -109.45 -67.39
N LYS OC 2 -38.67 -110.49 -68.01
CA LYS OC 2 -38.85 -111.85 -67.54
C LYS OC 2 -37.52 -112.59 -67.65
N VAL OC 3 -37.58 -113.92 -67.60
CA VAL OC 3 -36.45 -114.80 -67.34
C VAL OC 3 -35.24 -114.44 -68.19
N PHE OC 4 -34.12 -114.15 -67.51
CA PHE OC 4 -32.86 -113.80 -68.12
C PHE OC 4 -31.79 -114.68 -67.50
N ASN OC 5 -30.94 -115.26 -68.33
CA ASN OC 5 -29.85 -116.11 -67.86
C ASN OC 5 -30.37 -117.24 -66.97
N THR OC 6 -31.51 -117.81 -67.37
CA THR OC 6 -32.25 -118.86 -66.68
C THR OC 6 -32.75 -118.42 -65.30
N GLN OC 7 -32.56 -117.17 -64.92
CA GLN OC 7 -33.06 -116.66 -63.65
C GLN OC 7 -34.37 -115.94 -63.89
N THR OC 8 -35.33 -116.16 -63.01
CA THR OC 8 -36.63 -115.50 -63.10
C THR OC 8 -36.55 -114.17 -62.39
N PHE OC 9 -36.83 -113.10 -63.12
CA PHE OC 9 -36.86 -111.75 -62.55
C PHE OC 9 -38.31 -111.32 -62.46
N ASP OC 10 -38.78 -111.08 -61.24
CA ASP OC 10 -40.13 -110.64 -60.98
C ASP OC 10 -40.12 -109.19 -60.54
N ILE OC 11 -41.19 -108.46 -60.85
CA ILE OC 11 -41.23 -107.05 -60.51
C ILE OC 11 -41.14 -106.90 -59.00
N TYR OC 12 -40.18 -106.12 -58.55
CA TYR OC 12 -40.03 -105.79 -57.13
C TYR OC 12 -40.63 -104.46 -56.77
N SER OC 13 -40.52 -103.47 -57.64
CA SER OC 13 -41.06 -102.15 -57.33
C SER OC 13 -41.35 -101.42 -58.64
N THR OC 14 -42.40 -100.63 -58.62
CA THR OC 14 -42.73 -99.79 -59.75
C THR OC 14 -42.72 -98.34 -59.28
N GLU OC 15 -42.07 -97.49 -60.05
CA GLU OC 15 -41.94 -96.08 -59.75
C GLU OC 15 -42.41 -95.28 -60.97
N LYS OC 16 -42.53 -93.97 -60.81
CA LYS OC 16 -42.93 -93.09 -61.90
C LYS OC 16 -42.08 -93.31 -63.14
N ASP OC 17 -40.76 -93.28 -62.98
CA ASP OC 17 -39.84 -93.47 -64.09
C ASP OC 17 -38.85 -94.61 -63.85
N VAL OC 18 -39.10 -95.47 -62.86
CA VAL OC 18 -38.21 -96.58 -62.56
C VAL OC 18 -39.05 -97.84 -62.37
N VAL OC 19 -38.57 -98.95 -62.91
CA VAL OC 19 -39.16 -100.26 -62.67
C VAL OC 19 -38.04 -101.20 -62.26
N SER OC 20 -38.19 -101.86 -61.12
CA SER OC 20 -37.16 -102.72 -60.56
C SER OC 20 -37.68 -104.14 -60.43
N LEU OC 21 -36.92 -105.09 -60.96
CA LEU OC 21 -37.21 -106.51 -60.89
C LEU OC 21 -36.15 -107.20 -60.04
N ARG OC 22 -36.58 -108.22 -59.30
CA ARG OC 22 -35.67 -108.97 -58.46
C ARG OC 22 -35.75 -110.44 -58.82
N ASP OC 23 -34.63 -111.14 -58.66
CA ASP OC 23 -34.63 -112.58 -58.89
C ASP OC 23 -35.55 -113.30 -57.90
N PHE OC 24 -35.47 -112.94 -56.63
CA PHE OC 24 -36.30 -113.49 -55.56
C PHE OC 24 -35.97 -114.94 -55.27
N ALA OC 25 -35.10 -115.54 -56.07
CA ALA OC 25 -34.62 -116.89 -55.86
C ALA OC 25 -33.20 -116.89 -55.28
N ASN OC 26 -32.28 -116.20 -55.94
CA ASN OC 26 -30.96 -115.95 -55.36
C ASN OC 26 -30.94 -114.75 -54.43
N ASP OC 27 -31.93 -113.86 -54.53
CA ASP OC 27 -32.08 -112.72 -53.64
C ASP OC 27 -30.84 -111.83 -53.62
N LYS OC 28 -30.16 -111.71 -54.76
CA LYS OC 28 -29.02 -110.82 -54.86
C LYS OC 28 -28.98 -110.01 -56.15
N ASP OC 29 -29.78 -110.35 -57.15
CA ASP OC 29 -29.75 -109.67 -58.45
C ASP OC 29 -30.96 -108.75 -58.57
N THR OC 30 -30.70 -107.50 -58.97
CA THR OC 30 -31.75 -106.52 -59.19
C THR OC 30 -31.54 -105.89 -60.55
N LEU OC 31 -32.60 -105.89 -61.36
CA LEU OC 31 -32.58 -105.30 -62.70
C LEU OC 31 -33.48 -104.07 -62.72
N ALA OC 32 -32.92 -102.91 -63.02
CA ALA OC 32 -33.64 -101.65 -62.98
C ALA OC 32 -33.71 -101.04 -64.37
N TYR OC 33 -34.92 -100.65 -64.77
CA TYR OC 33 -35.20 -99.86 -65.96
C TYR OC 33 -35.49 -98.44 -65.50
N LYS OC 34 -34.65 -97.49 -65.89
CA LYS OC 34 -34.78 -96.10 -65.50
C LYS OC 34 -34.98 -95.22 -66.72
N ARG OC 35 -35.80 -94.19 -66.55
CA ARG OC 35 -36.29 -93.37 -67.64
C ARG OC 35 -36.02 -91.90 -67.31
N LEU OC 36 -35.81 -91.08 -68.33
CA LEU OC 36 -35.62 -89.65 -68.13
C LEU OC 36 -35.96 -88.94 -69.43
N ALA OC 37 -37.05 -88.17 -69.42
CA ALA OC 37 -37.52 -87.52 -70.64
C ALA OC 37 -36.56 -86.42 -71.08
N PRO OC 38 -36.44 -86.18 -72.38
CA PRO OC 38 -35.61 -85.07 -72.85
C PRO OC 38 -36.23 -83.73 -72.49
N LYS OC 39 -35.39 -82.80 -72.06
CA LYS OC 39 -35.86 -81.47 -71.66
C LYS OC 39 -35.46 -80.46 -72.72
N ARG OC 40 -36.45 -79.71 -73.20
CA ARG OC 40 -36.22 -78.65 -74.18
C ARG OC 40 -35.79 -77.40 -73.41
N THR OC 41 -34.64 -77.52 -72.75
CA THR OC 41 -34.09 -76.41 -71.97
C THR OC 41 -33.55 -75.31 -72.86
N LYS OC 42 -33.53 -75.53 -74.16
CA LYS OC 42 -33.07 -74.56 -75.14
C LYS OC 42 -33.75 -74.88 -76.46
N ASP OC 43 -33.22 -74.32 -77.55
CA ASP OC 43 -33.72 -74.63 -78.88
C ASP OC 43 -33.70 -76.14 -79.11
N SER OC 44 -32.67 -76.81 -78.62
CA SER OC 44 -32.56 -78.25 -78.77
C SER OC 44 -33.70 -78.94 -78.03
N PRO OC 45 -34.24 -80.04 -78.57
CA PRO OC 45 -35.35 -80.73 -77.88
C PRO OC 45 -34.91 -81.54 -76.67
N GLY OC 46 -33.63 -81.60 -76.38
CA GLY OC 46 -33.14 -82.33 -75.22
C GLY OC 46 -32.72 -83.75 -75.54
N MET OC 47 -32.16 -84.40 -74.53
CA MET OC 47 -31.64 -85.75 -74.66
C MET OC 47 -32.48 -86.70 -73.83
N ALA OC 48 -33.01 -87.73 -74.47
CA ALA OC 48 -33.83 -88.73 -73.79
C ALA OC 48 -32.91 -89.77 -73.16
N LYS OC 49 -32.84 -89.78 -71.84
CA LYS OC 49 -31.96 -90.67 -71.11
C LYS OC 49 -32.68 -91.97 -70.76
N SER OC 50 -32.01 -93.08 -71.03
CA SER OC 50 -32.48 -94.39 -70.63
C SER OC 50 -31.42 -95.05 -69.76
N GLU OC 51 -31.82 -96.06 -69.02
CA GLU OC 51 -30.84 -96.79 -68.21
C GLU OC 51 -31.35 -98.19 -67.95
N LEU OC 52 -30.49 -99.18 -68.15
CA LEU OC 52 -30.78 -100.57 -67.83
C LEU OC 52 -29.61 -101.10 -67.02
N LYS OC 53 -29.84 -101.40 -65.75
CA LYS OC 53 -28.73 -101.80 -64.89
C LYS OC 53 -29.05 -103.08 -64.15
N ILE OC 54 -28.01 -103.89 -63.92
CA ILE OC 54 -28.09 -105.08 -63.10
C ILE OC 54 -27.11 -104.93 -61.95
N THR OC 55 -27.60 -105.12 -60.74
CA THR OC 55 -26.81 -104.97 -59.53
C THR OC 55 -26.85 -106.26 -58.74
N ARG OC 56 -25.67 -106.74 -58.34
CA ARG OC 56 -25.55 -107.91 -57.50
C ARG OC 56 -25.05 -107.49 -56.13
N VAL OC 57 -25.82 -107.78 -55.10
CA VAL OC 57 -25.45 -107.49 -53.72
C VAL OC 57 -25.74 -108.74 -52.89
N ASP OC 58 -24.70 -109.27 -52.26
CA ASP OC 58 -24.82 -110.62 -51.69
C ASP OC 58 -25.88 -110.70 -50.60
N PRO OC 59 -26.66 -111.76 -50.54
CA PRO OC 59 -27.72 -111.85 -49.53
C PRO OC 59 -27.27 -112.45 -48.21
N THR OC 60 -26.11 -112.05 -47.70
CA THR OC 60 -25.72 -112.48 -46.36
C THR OC 60 -25.27 -111.29 -45.52
N THR OC 61 -24.52 -110.37 -46.12
CA THR OC 61 -24.06 -109.17 -45.44
C THR OC 61 -24.33 -107.90 -46.22
N GLY OC 62 -24.55 -107.99 -47.54
CA GLY OC 62 -24.88 -106.82 -48.32
C GLY OC 62 -23.70 -106.14 -48.97
N VAL OC 63 -22.74 -106.89 -49.48
CA VAL OC 63 -21.59 -106.32 -50.17
C VAL OC 63 -21.87 -106.30 -51.67
N LEU OC 64 -21.74 -105.13 -52.27
CA LEU OC 64 -21.96 -104.96 -53.71
C LEU OC 64 -20.89 -105.73 -54.48
N ILE OC 65 -21.27 -106.84 -55.10
CA ILE OC 65 -20.33 -107.61 -55.90
C ILE OC 65 -19.99 -106.88 -57.19
N GLY OC 66 -20.98 -106.34 -57.88
CA GLY OC 66 -20.72 -105.66 -59.13
C GLY OC 66 -21.97 -105.05 -59.71
N ILE OC 67 -21.76 -104.17 -60.68
CA ILE OC 67 -22.83 -103.53 -61.43
C ILE OC 67 -22.44 -103.48 -62.89
N VAL OC 68 -23.35 -103.86 -63.77
CA VAL OC 68 -23.25 -103.58 -65.19
C VAL OC 68 -24.44 -102.71 -65.57
N ASN OC 69 -24.17 -101.55 -66.17
CA ASN OC 69 -25.20 -100.58 -66.51
C ASN OC 69 -25.14 -100.27 -67.99
N VAL OC 70 -26.29 -100.17 -68.62
CA VAL OC 70 -26.40 -99.72 -70.00
C VAL OC 70 -27.21 -98.44 -70.01
N SER OC 71 -26.55 -97.33 -70.31
CA SER OC 71 -27.21 -96.03 -70.34
C SER OC 71 -27.21 -95.49 -71.75
N SER OC 72 -28.29 -94.78 -72.11
CA SER OC 72 -28.41 -94.12 -73.39
C SER OC 72 -28.71 -92.65 -73.17
N SER OC 73 -28.11 -91.82 -74.01
CA SER OC 73 -28.39 -90.38 -74.03
C SER OC 73 -28.50 -90.02 -75.51
N ILE OC 74 -29.73 -90.02 -76.02
CA ILE OC 74 -29.99 -89.82 -77.43
C ILE OC 74 -30.82 -88.55 -77.59
N ARG OC 75 -30.50 -87.77 -78.62
CA ARG OC 75 -31.26 -86.57 -78.93
C ARG OC 75 -32.73 -86.91 -79.09
N ALA OC 76 -33.59 -86.03 -78.57
CA ALA OC 76 -35.02 -86.22 -78.73
C ALA OC 76 -35.43 -86.24 -80.20
N ASP OC 77 -34.71 -85.49 -81.04
CA ASP OC 77 -35.01 -85.44 -82.47
C ASP OC 77 -34.30 -86.52 -83.26
N ALA OC 78 -33.45 -87.33 -82.64
CA ALA OC 78 -32.68 -88.32 -83.37
C ALA OC 78 -33.59 -89.34 -84.03
N THR OC 79 -33.27 -89.70 -85.27
CA THR OC 79 -34.11 -90.59 -86.03
C THR OC 79 -34.06 -92.00 -85.47
N ALA OC 80 -35.12 -92.77 -85.75
CA ALA OC 80 -35.14 -94.17 -85.35
C ALA OC 80 -34.00 -94.96 -85.98
N ALA OC 81 -33.53 -94.52 -87.16
CA ALA OC 81 -32.37 -95.15 -87.77
C ALA OC 81 -31.12 -94.97 -86.91
N ASP OC 82 -30.91 -93.77 -86.39
CA ASP OC 82 -29.77 -93.52 -85.52
C ASP OC 82 -29.85 -94.39 -84.26
N LYS OC 83 -31.03 -94.49 -83.67
CA LYS OC 83 -31.17 -95.25 -82.42
C LYS OC 83 -30.99 -96.75 -82.67
N THR OC 84 -31.55 -97.25 -83.77
CA THR OC 84 -31.34 -98.65 -84.11
C THR OC 84 -29.88 -98.93 -84.40
N ALA OC 85 -29.20 -98.02 -85.11
CA ALA OC 85 -27.78 -98.21 -85.40
C ALA OC 85 -26.96 -98.21 -84.12
N LEU OC 86 -27.23 -97.29 -83.20
CA LEU OC 86 -26.50 -97.25 -81.94
C LEU OC 86 -26.70 -98.54 -81.16
N MET OC 87 -27.94 -99.00 -81.07
CA MET OC 87 -28.23 -100.22 -80.34
C MET OC 87 -27.55 -101.42 -80.97
N ALA OC 88 -27.57 -101.50 -82.30
CA ALA OC 88 -26.95 -102.62 -82.99
C ALA OC 88 -25.43 -102.62 -82.84
N ILE OC 89 -24.80 -101.45 -82.95
CA ILE OC 89 -23.36 -101.36 -82.79
C ILE OC 89 -22.96 -101.78 -81.38
N ILE OC 90 -23.66 -101.26 -80.38
CA ILE OC 90 -23.27 -101.59 -79.00
C ILE OC 90 -23.53 -103.06 -78.70
N THR OC 91 -24.63 -103.63 -79.24
CA THR OC 91 -24.90 -105.04 -79.00
C THR OC 91 -23.86 -105.92 -79.66
N ALA OC 92 -23.46 -105.58 -80.90
CA ALA OC 92 -22.42 -106.34 -81.57
C ALA OC 92 -21.08 -106.24 -80.85
N ALA OC 93 -20.76 -105.05 -80.34
CA ALA OC 93 -19.51 -104.87 -79.61
C ALA OC 93 -19.52 -105.68 -78.32
N GLN OC 94 -20.64 -105.72 -77.61
CA GLN OC 94 -20.74 -106.56 -76.42
C GLN OC 94 -20.64 -108.04 -76.77
N ALA OC 95 -21.23 -108.44 -77.90
CA ALA OC 95 -21.11 -109.82 -78.36
C ALA OC 95 -19.69 -110.15 -78.77
N ASP OC 96 -18.91 -109.16 -79.16
CA ASP OC 96 -17.49 -109.37 -79.43
C ASP OC 96 -16.75 -109.69 -78.14
N GLY OC 97 -15.62 -110.38 -78.28
CA GLY OC 97 -14.86 -110.82 -77.13
C GLY OC 97 -14.01 -109.75 -76.48
N ALA OC 98 -13.79 -108.63 -77.18
CA ALA OC 98 -13.03 -107.54 -76.59
C ALA OC 98 -13.73 -107.01 -75.34
N TRP OC 99 -15.06 -106.96 -75.35
CA TRP OC 99 -15.79 -106.58 -74.15
C TRP OC 99 -15.65 -107.63 -73.06
N THR OC 100 -15.70 -108.91 -73.44
CA THR OC 100 -15.56 -109.99 -72.47
C THR OC 100 -14.18 -110.02 -71.85
N GLU OC 101 -13.19 -109.38 -72.48
CA GLU OC 101 -11.88 -109.23 -71.88
C GLU OC 101 -11.75 -107.94 -71.07
N LEU OC 102 -12.30 -106.83 -71.57
CA LEU OC 102 -12.32 -105.59 -70.83
C LEU OC 102 -12.97 -105.78 -69.47
N VAL OC 103 -14.13 -106.39 -69.45
CA VAL OC 103 -14.65 -106.98 -68.22
C VAL OC 103 -13.92 -108.28 -67.99
N THR OC 104 -13.70 -108.63 -66.73
CA THR OC 104 -13.06 -109.86 -66.27
C THR OC 104 -11.54 -109.86 -66.46
N ASP OC 105 -10.98 -108.92 -67.22
CA ASP OC 105 -9.52 -108.85 -67.29
C ASP OC 105 -8.96 -107.44 -67.33
N GLN OC 106 -9.75 -106.41 -67.60
CA GLN OC 106 -9.25 -105.08 -67.86
C GLN OC 106 -8.26 -105.10 -69.01
N ARG OC 107 -8.58 -105.87 -70.04
CA ARG OC 107 -7.73 -106.02 -71.20
C ARG OC 107 -8.28 -105.17 -72.34
N LEU OC 108 -7.49 -104.20 -72.77
CA LEU OC 108 -7.91 -103.34 -73.86
C LEU OC 108 -7.64 -104.00 -75.21
N PRO OC 109 -8.38 -103.63 -76.23
CA PRO OC 109 -8.12 -104.19 -77.57
C PRO OC 109 -6.88 -103.59 -78.21
N LEU OC 110 -5.72 -103.81 -77.61
CA LEU OC 110 -4.46 -103.39 -78.20
C LEU OC 110 -3.35 -104.44 -78.08
N ALA OC 111 -3.62 -105.58 -77.44
CA ALA OC 111 -2.63 -106.64 -77.38
C ALA OC 111 -2.39 -107.22 -78.77
N THR OC 112 -1.14 -107.59 -79.04
CA THR OC 112 -0.76 -108.13 -80.34
C THR OC 112 -1.02 -109.63 -80.48
N VAL OC 113 -1.45 -110.28 -79.41
CA VAL OC 113 -1.72 -111.72 -79.40
C VAL OC 113 -0.48 -112.53 -79.76
N SER PC 1 94.15 -0.63 -94.31
CA SER PC 1 93.72 -0.74 -95.69
C SER PC 1 94.25 -2.01 -96.33
N LYS PC 2 95.57 -2.13 -96.41
CA LYS PC 2 96.23 -3.29 -97.01
C LYS PC 2 97.42 -3.64 -96.13
N VAL PC 3 98.33 -4.44 -96.66
CA VAL PC 3 99.41 -5.07 -95.88
C VAL PC 3 100.14 -4.07 -94.99
N PHE PC 4 100.12 -4.35 -93.68
CA PHE PC 4 100.81 -3.56 -92.66
C PHE PC 4 101.58 -4.51 -91.78
N ASN PC 5 102.85 -4.19 -91.53
CA ASN PC 5 103.71 -5.00 -90.68
C ASN PC 5 103.71 -6.45 -91.18
N THR PC 6 103.84 -6.60 -92.50
CA THR PC 6 103.88 -7.88 -93.21
C THR PC 6 102.62 -8.71 -93.02
N GLN PC 7 101.51 -8.10 -92.62
CA GLN PC 7 100.24 -8.79 -92.50
C GLN PC 7 99.22 -8.14 -93.43
N THR PC 8 98.43 -8.96 -94.11
CA THR PC 8 97.46 -8.49 -95.09
C THR PC 8 96.11 -8.30 -94.41
N PHE PC 9 95.62 -7.07 -94.40
CA PHE PC 9 94.33 -6.75 -93.78
C PHE PC 9 93.30 -6.54 -94.88
N ASP PC 10 92.31 -7.42 -94.90
CA ASP PC 10 91.21 -7.36 -95.85
C ASP PC 10 89.94 -6.94 -95.14
N ILE PC 11 89.06 -6.26 -95.88
CA ILE PC 11 87.84 -5.74 -95.28
C ILE PC 11 86.99 -6.89 -94.77
N TYR PC 12 86.63 -6.83 -93.50
CA TYR PC 12 85.67 -7.76 -92.94
C TYR PC 12 84.27 -7.18 -92.83
N SER PC 13 84.15 -5.89 -92.52
CA SER PC 13 82.84 -5.31 -92.30
C SER PC 13 82.86 -3.84 -92.67
N THR PC 14 81.71 -3.34 -93.07
CA THR PC 14 81.56 -1.91 -93.40
C THR PC 14 80.25 -1.41 -92.82
N GLU PC 15 80.35 -0.38 -91.99
CA GLU PC 15 79.19 0.28 -91.43
C GLU PC 15 79.02 1.65 -92.08
N LYS PC 16 78.08 2.42 -91.55
CA LYS PC 16 77.92 3.79 -92.00
C LYS PC 16 79.17 4.62 -91.71
N ASP PC 17 79.77 4.42 -90.53
CA ASP PC 17 80.91 5.20 -90.11
C ASP PC 17 82.08 4.36 -89.62
N VAL PC 18 82.02 3.05 -89.74
CA VAL PC 18 83.12 2.17 -89.35
C VAL PC 18 83.45 1.25 -90.51
N VAL PC 19 84.74 1.08 -90.77
CA VAL PC 19 85.25 0.03 -91.64
C VAL PC 19 86.17 -0.84 -90.79
N SER PC 20 85.94 -2.15 -90.83
CA SER PC 20 86.74 -3.11 -90.08
C SER PC 20 87.43 -4.06 -91.04
N LEU PC 21 88.73 -4.22 -90.86
CA LEU PC 21 89.57 -5.12 -91.64
C LEU PC 21 90.16 -6.15 -90.72
N ARG PC 22 90.35 -7.36 -91.24
CA ARG PC 22 90.93 -8.46 -90.49
C ARG PC 22 92.11 -9.04 -91.26
N ASP PC 23 92.99 -9.73 -90.53
CA ASP PC 23 94.11 -10.39 -91.18
C ASP PC 23 93.66 -11.63 -91.94
N PHE PC 24 92.82 -12.45 -91.31
CA PHE PC 24 92.29 -13.69 -91.90
C PHE PC 24 93.39 -14.72 -92.06
N ALA PC 25 94.63 -14.35 -91.75
CA ALA PC 25 95.77 -15.26 -91.78
C ALA PC 25 96.14 -15.75 -90.38
N ASN PC 26 96.41 -14.84 -89.45
CA ASN PC 26 96.57 -15.22 -88.06
C ASN PC 26 95.26 -15.14 -87.29
N ASP PC 27 94.23 -14.53 -87.87
CA ASP PC 27 92.89 -14.48 -87.28
C ASP PC 27 92.91 -13.91 -85.86
N LYS PC 28 93.77 -12.93 -85.63
CA LYS PC 28 93.90 -12.35 -84.30
C LYS PC 28 93.88 -10.83 -84.28
N ASP PC 29 94.08 -10.17 -85.41
CA ASP PC 29 94.17 -8.71 -85.46
C ASP PC 29 92.98 -8.15 -86.23
N THR PC 30 92.41 -7.08 -85.69
CA THR PC 30 91.37 -6.32 -86.37
C THR PC 30 91.74 -4.85 -86.36
N LEU PC 31 91.71 -4.23 -87.53
CA LEU PC 31 92.01 -2.81 -87.70
C LEU PC 31 90.71 -2.10 -88.06
N ALA PC 32 90.36 -1.07 -87.29
CA ALA PC 32 89.11 -0.34 -87.47
C ALA PC 32 89.38 1.12 -87.73
N TYR PC 33 88.74 1.64 -88.78
CA TYR PC 33 88.72 3.05 -89.13
C TYR PC 33 87.31 3.56 -88.83
N LYS PC 34 87.21 4.61 -88.02
CA LYS PC 34 85.93 5.05 -87.50
C LYS PC 34 85.83 6.56 -87.61
N ARG PC 35 84.63 7.04 -87.91
CA ARG PC 35 84.39 8.37 -88.45
C ARG PC 35 83.23 9.05 -87.72
N LEU PC 36 83.46 10.25 -87.20
CA LEU PC 36 82.37 11.08 -86.66
C LEU PC 36 82.48 12.47 -87.26
N ALA PC 37 81.51 12.85 -88.10
CA ALA PC 37 81.51 14.19 -88.67
C ALA PC 37 81.27 15.25 -87.59
N PRO PC 38 81.82 16.45 -87.75
CA PRO PC 38 81.61 17.50 -86.76
C PRO PC 38 80.16 17.95 -86.73
N LYS PC 39 79.68 18.32 -85.55
CA LYS PC 39 78.31 18.77 -85.37
C LYS PC 39 78.30 20.20 -84.83
N ARG PC 40 77.65 21.09 -85.58
CA ARG PC 40 77.58 22.51 -85.23
C ARG PC 40 76.51 22.66 -84.15
N THR PC 41 76.94 22.49 -82.90
CA THR PC 41 76.05 22.64 -81.76
C THR PC 41 76.08 24.04 -81.17
N LYS PC 42 76.96 24.90 -81.67
CA LYS PC 42 77.07 26.27 -81.19
C LYS PC 42 77.71 27.10 -82.29
N ASP PC 43 78.21 28.28 -81.93
CA ASP PC 43 78.99 29.09 -82.85
C ASP PC 43 80.21 28.31 -83.35
N SER PC 44 80.66 27.34 -82.56
CA SER PC 44 81.70 26.43 -83.04
C SER PC 44 81.11 25.48 -84.08
N PRO PC 45 81.84 25.17 -85.15
CA PRO PC 45 81.34 24.21 -86.14
C PRO PC 45 81.45 22.76 -85.72
N GLY PC 46 81.91 22.48 -84.50
CA GLY PC 46 82.07 21.13 -84.03
C GLY PC 46 83.46 20.57 -84.30
N MET PC 47 83.72 19.41 -83.72
CA MET PC 47 84.99 18.72 -83.86
C MET PC 47 84.78 17.42 -84.62
N ALA PC 48 85.61 17.19 -85.63
CA ALA PC 48 85.56 15.96 -86.42
C ALA PC 48 86.41 14.89 -85.72
N LYS PC 49 85.78 13.77 -85.41
CA LYS PC 49 86.46 12.67 -84.75
C LYS PC 49 86.91 11.62 -85.77
N SER PC 50 88.15 11.19 -85.64
CA SER PC 50 88.65 10.01 -86.32
C SER PC 50 89.10 9.01 -85.27
N GLU PC 51 89.12 7.75 -85.65
CA GLU PC 51 89.60 6.73 -84.74
C GLU PC 51 90.19 5.59 -85.54
N LEU PC 52 91.41 5.18 -85.20
CA LEU PC 52 92.11 4.12 -85.91
C LEU PC 52 92.66 3.16 -84.88
N LYS PC 53 92.02 2.01 -84.72
CA LYS PC 53 92.39 1.09 -83.66
C LYS PC 53 92.83 -0.25 -84.22
N ILE PC 54 93.86 -0.82 -83.59
CA ILE PC 54 94.25 -2.21 -83.83
C ILE PC 54 94.03 -2.99 -82.55
N THR PC 55 93.26 -4.07 -82.65
CA THR PC 55 92.96 -4.95 -81.54
C THR PC 55 93.51 -6.33 -81.83
N ARG PC 56 94.21 -6.90 -80.86
CA ARG PC 56 94.72 -8.26 -80.96
C ARG PC 56 94.01 -9.14 -79.94
N VAL PC 57 93.41 -10.23 -80.42
CA VAL PC 57 92.76 -11.22 -79.57
C VAL PC 57 93.31 -12.59 -79.94
N ASP PC 58 93.72 -13.35 -78.94
CA ASP PC 58 94.23 -14.68 -79.29
C ASP PC 58 93.08 -15.56 -79.79
N PRO PC 59 93.25 -16.26 -80.89
CA PRO PC 59 92.14 -17.05 -81.44
C PRO PC 59 92.06 -18.46 -80.88
N THR PC 60 92.20 -18.61 -79.56
CA THR PC 60 91.99 -19.90 -78.93
C THR PC 60 90.91 -19.81 -77.85
N THR PC 61 91.01 -18.79 -77.00
CA THR PC 61 90.02 -18.54 -75.97
C THR PC 61 89.38 -17.17 -76.09
N GLY PC 62 89.86 -16.33 -77.01
CA GLY PC 62 89.28 -15.01 -77.19
C GLY PC 62 89.66 -13.98 -76.15
N VAL PC 63 90.83 -14.11 -75.52
CA VAL PC 63 91.29 -13.13 -74.55
C VAL PC 63 91.93 -11.97 -75.30
N LEU PC 64 91.64 -10.76 -74.87
CA LEU PC 64 92.14 -9.56 -75.54
C LEU PC 64 93.58 -9.30 -75.08
N ILE PC 65 94.52 -9.47 -75.99
CA ILE PC 65 95.92 -9.24 -75.66
C ILE PC 65 96.20 -7.75 -75.47
N GLY PC 66 95.70 -6.91 -76.37
CA GLY PC 66 95.93 -5.49 -76.23
C GLY PC 66 95.38 -4.71 -77.40
N ILE PC 67 95.15 -3.43 -77.16
CA ILE PC 67 94.65 -2.49 -78.16
C ILE PC 67 95.57 -1.28 -78.21
N VAL PC 68 95.89 -0.83 -79.42
CA VAL PC 68 96.52 0.46 -79.65
C VAL PC 68 95.56 1.28 -80.51
N ASN PC 69 95.24 2.49 -80.05
CA ASN PC 69 94.26 3.34 -80.70
C ASN PC 69 94.87 4.69 -81.02
N VAL PC 70 94.55 5.21 -82.20
CA VAL PC 70 94.94 6.55 -82.61
C VAL PC 70 93.66 7.32 -82.90
N SER PC 71 93.29 8.20 -81.99
CA SER PC 71 92.09 9.01 -82.13
C SER PC 71 92.45 10.47 -82.31
N SER PC 72 91.76 11.14 -83.24
CA SER PC 72 91.94 12.56 -83.47
C SER PC 72 90.61 13.26 -83.25
N SER PC 73 90.67 14.46 -82.66
CA SER PC 73 89.50 15.32 -82.47
C SER PC 73 89.94 16.72 -82.88
N ILE PC 74 89.58 17.12 -84.09
CA ILE PC 74 90.07 18.36 -84.68
C ILE PC 74 88.88 19.25 -85.04
N ARG PC 75 89.03 20.54 -84.78
CA ARG PC 75 88.00 21.51 -85.09
C ARG PC 75 87.63 21.48 -86.57
N ALA PC 76 86.34 21.64 -86.85
CA ALA PC 76 85.87 21.60 -88.23
C ALA PC 76 86.48 22.72 -89.05
N ASP PC 77 86.63 23.90 -88.47
CA ASP PC 77 87.20 25.04 -89.16
C ASP PC 77 88.72 25.01 -89.20
N ALA PC 78 89.34 24.05 -88.54
CA ALA PC 78 90.79 24.04 -88.40
C ALA PC 78 91.47 23.91 -89.76
N THR PC 79 92.59 24.60 -89.91
CA THR PC 79 93.30 24.63 -91.17
C THR PC 79 93.95 23.28 -91.45
N ALA PC 80 94.24 23.05 -92.74
CA ALA PC 80 95.00 21.86 -93.11
C ALA PC 80 96.40 21.89 -92.52
N ALA PC 81 96.95 23.10 -92.32
CA ALA PC 81 98.26 23.21 -91.68
C ALA PC 81 98.22 22.71 -90.24
N ASP PC 82 97.15 23.04 -89.51
CA ASP PC 82 97.02 22.55 -88.14
C ASP PC 82 96.98 21.02 -88.11
N LYS PC 83 96.21 20.43 -89.02
CA LYS PC 83 96.08 18.98 -89.05
C LYS PC 83 97.38 18.31 -89.45
N THR PC 84 98.07 18.87 -90.43
CA THR PC 84 99.37 18.34 -90.82
C THR PC 84 100.37 18.43 -89.67
N ALA PC 85 100.38 19.55 -88.97
CA ALA PC 85 101.28 19.71 -87.84
C ALA PC 85 100.97 18.71 -86.74
N LEU PC 86 99.69 18.51 -86.42
CA LEU PC 86 99.32 17.56 -85.40
C LEU PC 86 99.77 16.15 -85.77
N MET PC 87 99.51 15.74 -87.01
CA MET PC 87 99.90 14.40 -87.42
C MET PC 87 101.42 14.23 -87.46
N ALA PC 88 102.14 15.24 -87.94
CA ALA PC 88 103.59 15.16 -87.97
C ALA PC 88 104.17 15.07 -86.56
N ILE PC 89 103.64 15.87 -85.62
CA ILE PC 89 104.16 15.85 -84.26
C ILE PC 89 103.90 14.50 -83.62
N ILE PC 90 102.67 13.98 -83.75
CA ILE PC 90 102.36 12.71 -83.11
C ILE PC 90 103.15 11.57 -83.74
N THR PC 91 103.38 11.62 -85.05
CA THR PC 91 104.17 10.57 -85.70
C THR PC 91 105.63 10.64 -85.27
N ALA PC 92 106.19 11.85 -85.15
CA ALA PC 92 107.57 11.97 -84.69
C ALA PC 92 107.70 11.49 -83.25
N ALA PC 93 106.72 11.79 -82.41
CA ALA PC 93 106.76 11.32 -81.03
C ALA PC 93 106.66 9.80 -80.97
N GLN PC 94 105.84 9.20 -81.82
CA GLN PC 94 105.74 7.75 -81.87
C GLN PC 94 107.04 7.12 -82.35
N ALA PC 95 107.70 7.75 -83.32
CA ALA PC 95 108.97 7.24 -83.81
C ALA PC 95 110.07 7.33 -82.76
N ASP PC 96 109.95 8.25 -81.80
CA ASP PC 96 110.91 8.36 -80.73
C ASP PC 96 110.81 7.16 -79.80
N GLY PC 97 111.92 6.84 -79.13
CA GLY PC 97 111.94 5.71 -78.22
C GLY PC 97 111.21 5.95 -76.92
N ALA PC 98 110.91 7.21 -76.60
CA ALA PC 98 110.15 7.50 -75.39
C ALA PC 98 108.79 6.84 -75.44
N TRP PC 99 108.11 6.90 -76.58
CA TRP PC 99 106.84 6.21 -76.72
C TRP PC 99 107.03 4.69 -76.67
N THR PC 100 108.10 4.19 -77.27
CA THR PC 100 108.34 2.76 -77.28
C THR PC 100 108.65 2.24 -75.88
N GLU PC 101 109.03 3.12 -74.96
CA GLU PC 101 109.21 2.75 -73.56
C GLU PC 101 107.94 2.95 -72.75
N LEU PC 102 107.23 4.07 -72.97
CA LEU PC 102 105.93 4.27 -72.34
C LEU PC 102 105.02 3.08 -72.59
N VAL PC 103 104.92 2.66 -73.83
CA VAL PC 103 104.34 1.37 -74.14
C VAL PC 103 105.39 0.31 -73.87
N THR PC 104 104.94 -0.84 -73.36
CA THR PC 104 105.76 -2.00 -72.99
C THR PC 104 106.57 -1.82 -71.71
N ASP PC 105 106.67 -0.61 -71.17
CA ASP PC 105 107.47 -0.41 -69.96
C ASP PC 105 106.81 0.48 -68.93
N GLN PC 106 105.79 1.26 -69.29
CA GLN PC 106 105.18 2.24 -68.40
C GLN PC 106 106.25 3.18 -67.85
N ARG PC 107 107.10 3.66 -68.74
CA ARG PC 107 108.23 4.53 -68.41
C ARG PC 107 107.96 5.92 -68.96
N LEU PC 108 107.97 6.91 -68.08
CA LEU PC 108 107.82 8.30 -68.50
C LEU PC 108 109.15 8.83 -69.03
N PRO PC 109 109.12 9.84 -69.89
CA PRO PC 109 110.37 10.33 -70.49
C PRO PC 109 111.13 11.28 -69.58
N LEU PC 110 111.31 10.89 -68.32
CA LEU PC 110 112.00 11.72 -67.36
C LEU PC 110 113.25 11.10 -66.78
N ALA PC 111 113.60 9.88 -67.19
CA ALA PC 111 114.87 9.29 -66.78
C ALA PC 111 116.03 10.16 -67.22
N THR PC 112 117.05 10.25 -66.36
CA THR PC 112 118.26 11.02 -66.69
C THR PC 112 119.28 10.20 -67.46
N VAL PC 113 119.02 8.91 -67.69
CA VAL PC 113 119.88 8.02 -68.48
C VAL PC 113 121.25 7.82 -67.83
N SER QC 1 109.56 13.75 -75.94
CA SER QC 1 110.77 14.09 -75.21
C SER QC 1 111.42 15.38 -75.71
N LYS QC 2 112.01 15.32 -76.90
CA LYS QC 2 112.75 16.45 -77.45
C LYS QC 2 112.21 16.76 -78.84
N VAL QC 3 112.99 17.51 -79.62
CA VAL QC 3 112.55 18.13 -80.86
C VAL QC 3 111.78 17.16 -81.75
N PHE QC 4 110.53 17.51 -82.04
CA PHE QC 4 109.66 16.74 -82.92
C PHE QC 4 109.07 17.69 -83.96
N ASN QC 5 109.05 17.26 -85.22
CA ASN QC 5 108.52 18.07 -86.32
C ASN QC 5 109.21 19.43 -86.36
N THR QC 6 110.53 19.43 -86.16
CA THR QC 6 111.41 20.59 -86.09
C THR QC 6 111.08 21.51 -84.92
N GLN QC 7 110.16 21.14 -84.05
CA GLN QC 7 109.78 21.97 -82.91
C GLN QC 7 110.33 21.39 -81.62
N THR QC 8 110.96 22.24 -80.82
CA THR QC 8 111.53 21.83 -79.54
C THR QC 8 110.44 21.84 -78.48
N PHE QC 9 110.22 20.70 -77.86
CA PHE QC 9 109.23 20.56 -76.79
C PHE QC 9 109.97 20.48 -75.47
N ASP QC 10 109.92 21.55 -74.69
CA ASP QC 10 110.56 21.61 -73.39
C ASP QC 10 109.53 21.30 -72.31
N ILE QC 11 110.00 20.76 -71.19
CA ILE QC 11 109.09 20.22 -70.19
C ILE QC 11 108.23 21.33 -69.62
N TYR QC 12 106.91 21.12 -69.63
CA TYR QC 12 105.96 22.09 -69.12
C TYR QC 12 105.46 21.74 -67.73
N SER QC 13 105.27 20.46 -67.43
CA SER QC 13 104.84 20.05 -66.10
C SER QC 13 105.11 18.56 -65.93
N THR QC 14 105.19 18.15 -64.66
CA THR QC 14 105.40 16.75 -64.34
C THR QC 14 104.43 16.34 -63.25
N GLU QC 15 103.68 15.29 -63.51
CA GLU QC 15 102.76 14.67 -62.56
C GLU QC 15 103.26 13.25 -62.28
N LYS QC 16 102.67 12.61 -61.27
CA LYS QC 16 103.02 11.24 -60.91
C LYS QC 16 102.95 10.32 -62.12
N ASP QC 17 101.98 10.53 -63.00
CA ASP QC 17 101.79 9.65 -64.15
C ASP QC 17 101.72 10.41 -65.47
N VAL QC 18 101.86 11.73 -65.45
CA VAL QC 18 101.80 12.53 -66.67
C VAL QC 18 103.05 13.41 -66.73
N VAL QC 19 103.65 13.48 -67.91
CA VAL QC 19 104.71 14.43 -68.20
C VAL QC 19 104.29 15.22 -69.43
N SER QC 20 104.23 16.54 -69.28
CA SER QC 20 103.76 17.43 -70.32
C SER QC 20 104.89 18.33 -70.76
N LEU QC 21 105.08 18.44 -72.07
CA LEU QC 21 106.09 19.28 -72.70
C LEU QC 21 105.41 20.34 -73.53
N ARG QC 22 106.04 21.50 -73.64
CA ARG QC 22 105.50 22.59 -74.42
C ARG QC 22 106.55 23.05 -75.42
N ASP QC 23 106.08 23.59 -76.55
CA ASP QC 23 107.00 24.18 -77.51
C ASP QC 23 107.67 25.44 -76.94
N PHE QC 24 106.85 26.35 -76.40
CA PHE QC 24 107.30 27.62 -75.81
C PHE QC 24 107.78 28.60 -76.87
N ALA QC 25 107.89 28.14 -78.12
CA ALA QC 25 108.18 29.01 -79.25
C ALA QC 25 106.91 29.55 -79.88
N ASN QC 26 106.03 28.66 -80.34
CA ASN QC 26 104.71 29.07 -80.80
C ASN QC 26 103.68 29.04 -79.68
N ASP QC 27 104.04 28.53 -78.50
CA ASP QC 27 103.19 28.58 -77.31
C ASP QC 27 101.84 27.94 -77.54
N LYS QC 28 101.76 26.98 -78.45
CA LYS QC 28 100.46 26.44 -78.83
C LYS QC 28 100.36 24.92 -78.77
N ASP QC 29 101.47 24.21 -78.72
CA ASP QC 29 101.48 22.75 -78.78
C ASP QC 29 101.95 22.18 -77.46
N THR QC 30 101.20 21.22 -76.94
CA THR QC 30 101.55 20.53 -75.70
C THR QC 30 101.50 19.03 -75.93
N LEU QC 31 102.59 18.35 -75.58
CA LEU QC 31 102.75 16.91 -75.76
C LEU QC 31 102.74 16.25 -74.39
N ALA QC 32 101.79 15.35 -74.17
CA ALA QC 32 101.62 14.69 -72.89
C ALA QC 32 101.89 13.19 -73.02
N TYR QC 33 102.64 12.66 -72.06
CA TYR QC 33 102.88 11.23 -71.88
C TYR QC 33 102.21 10.82 -70.58
N LYS QC 34 101.30 9.87 -70.65
CA LYS QC 34 100.47 9.49 -69.51
C LYS QC 34 100.56 7.99 -69.30
N ARG QC 35 100.60 7.59 -68.03
CA ARG QC 35 100.93 6.24 -67.62
C ARG QC 35 99.89 5.73 -66.64
N LEU QC 36 99.38 4.52 -66.88
CA LEU QC 36 98.47 3.87 -65.94
C LEU QC 36 98.92 2.43 -65.78
N ALA QC 37 99.63 2.15 -64.68
CA ALA QC 37 100.12 0.80 -64.45
C ALA QC 37 98.96 -0.19 -64.30
N PRO QC 38 99.15 -1.44 -64.72
CA PRO QC 38 98.07 -2.43 -64.59
C PRO QC 38 97.75 -2.72 -63.13
N LYS QC 39 96.47 -2.96 -62.87
CA LYS QC 39 95.99 -3.31 -61.54
C LYS QC 39 95.46 -4.73 -61.57
N ARG QC 40 95.92 -5.57 -60.64
CA ARG QC 40 95.56 -6.99 -60.60
C ARG QC 40 94.28 -7.15 -59.78
N THR QC 41 93.17 -6.70 -60.36
CA THR QC 41 91.89 -6.76 -59.68
C THR QC 41 91.31 -8.16 -59.64
N LYS QC 42 91.84 -9.07 -60.47
CA LYS QC 42 91.38 -10.44 -60.51
C LYS QC 42 92.58 -11.32 -60.86
N ASP QC 43 92.30 -12.54 -61.30
CA ASP QC 43 93.35 -13.45 -61.77
C ASP QC 43 94.13 -12.80 -62.90
N SER QC 44 93.46 -11.93 -63.67
CA SER QC 44 94.16 -11.17 -64.70
C SER QC 44 95.21 -10.28 -64.05
N PRO QC 45 96.37 -10.09 -64.69
CA PRO QC 45 97.34 -9.13 -64.16
C PRO QC 45 96.99 -7.68 -64.48
N GLY QC 46 95.81 -7.43 -65.03
CA GLY QC 46 95.39 -6.09 -65.39
C GLY QC 46 95.89 -5.66 -66.75
N MET QC 47 95.46 -4.47 -67.15
CA MET QC 47 95.88 -3.87 -68.41
C MET QC 47 96.77 -2.67 -68.12
N ALA QC 48 97.93 -2.63 -68.76
CA ALA QC 48 98.82 -1.48 -68.69
C ALA QC 48 98.36 -0.47 -69.73
N LYS QC 49 97.94 0.71 -69.27
CA LYS QC 49 97.50 1.77 -70.15
C LYS QC 49 98.62 2.78 -70.38
N SER QC 50 98.79 3.18 -71.62
CA SER QC 50 99.64 4.33 -71.94
C SER QC 50 98.84 5.31 -72.78
N GLU QC 51 99.30 6.55 -72.80
CA GLU QC 51 98.63 7.57 -73.59
C GLU QC 51 99.67 8.60 -74.04
N LEU QC 52 99.64 8.94 -75.33
CA LEU QC 52 100.55 9.93 -75.88
C LEU QC 52 99.71 10.90 -76.70
N LYS QC 53 99.51 12.10 -76.18
CA LYS QC 53 98.61 13.05 -76.83
C LYS QC 53 99.35 14.31 -77.22
N ILE QC 54 98.93 14.88 -78.35
CA ILE QC 54 99.37 16.20 -78.78
C ILE QC 54 98.15 17.10 -78.83
N THR QC 55 98.26 18.28 -78.23
CA THR QC 55 97.17 19.23 -78.17
C THR QC 55 97.62 20.55 -78.75
N ARG QC 56 96.82 21.11 -79.65
CA ARG QC 56 97.06 22.42 -80.20
C ARG QC 56 95.93 23.35 -79.77
N VAL QC 57 96.29 24.46 -79.15
CA VAL QC 57 95.35 25.51 -78.81
C VAL QC 57 95.91 26.82 -79.35
N ASP QC 58 95.04 27.68 -79.85
CA ASP QC 58 95.54 28.96 -80.31
C ASP QC 58 95.76 29.82 -79.07
N PRO QC 59 96.99 30.23 -78.77
CA PRO QC 59 97.26 30.84 -77.46
C PRO QC 59 96.96 32.34 -77.42
N THR QC 60 95.85 32.76 -78.01
CA THR QC 60 95.39 34.12 -77.80
C THR QC 60 93.96 34.09 -77.29
N THR QC 61 93.11 33.27 -77.90
CA THR QC 61 91.76 33.08 -77.43
C THR QC 61 91.55 31.74 -76.74
N GLY QC 62 92.57 30.88 -76.73
CA GLY QC 62 92.44 29.60 -76.06
C GLY QC 62 91.45 28.66 -76.68
N VAL QC 63 91.36 28.63 -78.01
CA VAL QC 63 90.45 27.72 -78.70
C VAL QC 63 91.20 26.43 -79.02
N LEU QC 64 90.58 25.30 -78.69
CA LEU QC 64 91.12 24.01 -79.10
C LEU QC 64 91.07 23.91 -80.61
N ILE QC 65 92.22 23.71 -81.24
CA ILE QC 65 92.24 23.49 -82.68
C ILE QC 65 92.14 22.01 -82.98
N GLY QC 66 92.82 21.17 -82.21
CA GLY QC 66 92.69 19.74 -82.39
C GLY QC 66 93.56 18.97 -81.42
N ILE QC 67 93.18 17.72 -81.22
CA ILE QC 67 93.92 16.76 -80.41
C ILE QC 67 94.09 15.48 -81.22
N VAL QC 68 95.30 14.94 -81.22
CA VAL QC 68 95.57 13.60 -81.72
C VAL QC 68 96.17 12.80 -80.57
N ASN QC 69 95.57 11.66 -80.27
CA ASN QC 69 95.90 10.88 -79.10
C ASN QC 69 96.27 9.46 -79.50
N VAL QC 70 97.37 8.95 -78.97
CA VAL QC 70 97.78 7.57 -79.18
C VAL QC 70 97.70 6.85 -77.85
N SER QC 71 96.70 6.00 -77.69
CA SER QC 71 96.45 5.30 -76.45
C SER QC 71 96.70 3.81 -76.62
N SER QC 72 97.23 3.19 -75.58
CA SER QC 72 97.51 1.76 -75.58
C SER QC 72 96.90 1.13 -74.35
N SER QC 73 96.32 -0.05 -74.53
CA SER QC 73 95.79 -0.86 -73.42
C SER QC 73 96.22 -2.29 -73.71
N ILE QC 74 97.37 -2.68 -73.16
CA ILE QC 74 97.96 -3.99 -73.41
C ILE QC 74 97.97 -4.77 -72.10
N ARG QC 75 97.63 -6.05 -72.19
CA ARG QC 75 97.63 -6.92 -71.03
C ARG QC 75 99.00 -6.90 -70.36
N ALA QC 76 99.00 -6.88 -69.02
CA ALA QC 76 100.26 -6.81 -68.30
C ALA QC 76 101.15 -7.99 -68.61
N ASP QC 77 100.57 -9.18 -68.76
CA ASP QC 77 101.33 -10.38 -69.11
C ASP QC 77 101.63 -10.48 -70.60
N ALA QC 78 101.03 -9.63 -71.43
CA ALA QC 78 101.17 -9.77 -72.87
C ALA QC 78 102.63 -9.64 -73.28
N THR QC 79 103.05 -10.57 -74.13
CA THR QC 79 104.45 -10.67 -74.49
C THR QC 79 104.89 -9.45 -75.30
N ALA QC 80 106.20 -9.21 -75.30
CA ALA QC 80 106.75 -8.14 -76.10
C ALA QC 80 106.52 -8.39 -77.59
N ALA QC 81 106.28 -9.64 -77.97
CA ALA QC 81 105.94 -9.93 -79.36
C ALA QC 81 104.62 -9.27 -79.74
N ASP QC 82 103.58 -9.47 -78.93
CA ASP QC 82 102.30 -8.84 -79.23
C ASP QC 82 102.40 -7.33 -79.16
N LYS QC 83 103.17 -6.81 -78.19
CA LYS QC 83 103.33 -5.37 -78.04
C LYS QC 83 104.01 -4.75 -79.26
N THR QC 84 105.08 -5.38 -79.73
CA THR QC 84 105.78 -4.87 -80.90
C THR QC 84 104.93 -5.03 -82.16
N ALA QC 85 104.16 -6.11 -82.26
CA ALA QC 85 103.27 -6.28 -83.40
C ALA QC 85 102.20 -5.20 -83.43
N LEU QC 86 101.64 -4.89 -82.27
CA LEU QC 86 100.63 -3.84 -82.18
C LEU QC 86 101.22 -2.49 -82.59
N MET QC 87 102.41 -2.17 -82.07
CA MET QC 87 103.04 -0.89 -82.42
C MET QC 87 103.36 -0.84 -83.91
N ALA QC 88 103.91 -1.92 -84.46
CA ALA QC 88 104.28 -1.93 -85.87
C ALA QC 88 103.06 -1.80 -86.76
N ILE QC 89 101.97 -2.50 -86.44
CA ILE QC 89 100.77 -2.41 -87.24
C ILE QC 89 100.19 -1.00 -87.18
N ILE QC 90 100.12 -0.41 -85.99
CA ILE QC 90 99.49 0.90 -85.90
C ILE QC 90 100.35 1.95 -86.58
N THR QC 91 101.67 1.85 -86.48
CA THR QC 91 102.55 2.79 -87.16
C THR QC 91 102.46 2.63 -88.68
N ALA QC 92 102.41 1.39 -89.16
CA ALA QC 92 102.26 1.16 -90.59
C ALA QC 92 100.93 1.71 -91.09
N ALA QC 93 99.86 1.52 -90.33
CA ALA QC 93 98.57 2.06 -90.71
C ALA QC 93 98.58 3.59 -90.73
N GLN QC 94 99.23 4.21 -89.74
CA GLN QC 94 99.32 5.67 -89.73
C GLN QC 94 100.12 6.19 -90.91
N ALA QC 95 101.24 5.54 -91.23
CA ALA QC 95 102.03 5.96 -92.39
C ALA QC 95 101.24 5.83 -93.69
N ASP QC 96 100.29 4.91 -93.75
CA ASP QC 96 99.45 4.74 -94.93
C ASP QC 96 98.49 5.92 -95.07
N GLY QC 97 98.12 6.21 -96.31
CA GLY QC 97 97.33 7.39 -96.60
C GLY QC 97 95.89 7.33 -96.14
N ALA QC 98 95.37 6.12 -95.84
CA ALA QC 98 94.00 6.02 -95.38
C ALA QC 98 93.79 6.77 -94.07
N TRP QC 99 94.76 6.69 -93.15
CA TRP QC 99 94.69 7.49 -91.93
C TRP QC 99 94.78 8.98 -92.25
N THR QC 100 95.65 9.34 -93.18
CA THR QC 100 95.82 10.74 -93.56
C THR QC 100 94.53 11.33 -94.11
N GLU QC 101 93.71 10.52 -94.77
CA GLU QC 101 92.41 11.01 -95.27
C GLU QC 101 91.30 10.90 -94.24
N LEU QC 102 91.32 9.86 -93.40
CA LEU QC 102 90.37 9.78 -92.30
C LEU QC 102 90.46 11.02 -91.43
N VAL QC 103 91.66 11.45 -91.12
CA VAL QC 103 91.86 12.82 -90.65
C VAL QC 103 91.84 13.74 -91.87
N THR QC 104 91.39 14.97 -91.68
CA THR QC 104 91.34 16.00 -92.72
C THR QC 104 90.26 15.76 -93.77
N ASP QC 105 89.63 14.58 -93.77
CA ASP QC 105 88.55 14.35 -94.72
C ASP QC 105 87.37 13.60 -94.14
N GLN QC 106 87.51 12.93 -93.00
CA GLN QC 106 86.53 11.99 -92.50
C GLN QC 106 86.19 10.95 -93.56
N ARG QC 107 87.22 10.48 -94.27
CA ARG QC 107 87.09 9.55 -95.37
C ARG QC 107 87.44 8.15 -94.91
N LEU QC 108 86.47 7.25 -94.97
CA LEU QC 108 86.72 5.87 -94.61
C LEU QC 108 87.43 5.14 -95.75
N PRO QC 109 88.26 4.15 -95.43
CA PRO QC 109 88.99 3.42 -96.48
C PRO QC 109 88.08 2.47 -97.23
N LEU QC 110 87.21 3.03 -98.06
CA LEU QC 110 86.29 2.23 -98.85
C LEU QC 110 86.03 2.78 -100.24
N ALA QC 111 86.74 3.82 -100.65
CA ALA QC 111 86.57 4.38 -101.99
C ALA QC 111 87.09 3.43 -103.05
N THR QC 112 86.41 3.38 -104.19
CA THR QC 112 86.81 2.52 -105.30
C THR QC 112 87.85 3.17 -106.21
N VAL QC 113 88.21 4.43 -105.96
CA VAL QC 113 89.18 5.17 -106.76
C VAL QC 113 88.73 5.29 -108.21
N SER RC 1 128.63 -4.05 -33.19
CA SER RC 1 129.55 -4.88 -32.42
C SER RC 1 130.61 -4.04 -31.71
N LYS RC 2 131.57 -3.54 -32.47
CA LYS RC 2 132.70 -2.83 -31.89
C LYS RC 2 132.83 -1.49 -32.63
N VAL RC 3 133.99 -0.84 -32.45
CA VAL RC 3 134.18 0.59 -32.72
C VAL RC 3 133.59 1.01 -34.06
N PHE RC 4 132.65 1.97 -34.00
CA PHE RC 4 132.00 2.55 -35.16
C PHE RC 4 132.16 4.06 -35.07
N ASN RC 5 132.59 4.67 -36.16
CA ASN RC 5 132.77 6.12 -36.21
C ASN RC 5 133.70 6.60 -35.10
N THR RC 6 134.74 5.80 -34.83
CA THR RC 6 135.75 6.00 -33.80
C THR RC 6 135.17 6.00 -32.39
N GLN RC 7 133.91 5.63 -32.21
CA GLN RC 7 133.33 5.48 -30.88
C GLN RC 7 133.27 4.01 -30.52
N THR RC 8 133.53 3.71 -29.26
CA THR RC 8 133.49 2.33 -28.78
C THR RC 8 132.08 2.02 -28.31
N PHE RC 9 131.49 0.97 -28.86
CA PHE RC 9 130.16 0.51 -28.46
C PHE RC 9 130.33 -0.80 -27.72
N ASP RC 10 129.99 -0.79 -26.43
CA ASP RC 10 130.03 -1.97 -25.60
C ASP RC 10 128.62 -2.46 -25.34
N ILE RC 11 128.48 -3.78 -25.15
CA ILE RC 11 127.15 -4.34 -24.97
C ILE RC 11 126.54 -3.77 -23.70
N TYR RC 12 125.35 -3.20 -23.83
CA TYR RC 12 124.60 -2.69 -22.70
C TYR RC 12 123.52 -3.64 -22.22
N SER RC 13 122.87 -4.35 -23.14
CA SER RC 13 121.77 -5.21 -22.77
C SER RC 13 121.73 -6.39 -23.72
N THR RC 14 121.44 -7.55 -23.16
CA THR RC 14 121.28 -8.77 -23.94
C THR RC 14 119.86 -9.28 -23.71
N GLU RC 15 119.13 -9.46 -24.80
CA GLU RC 15 117.74 -9.89 -24.77
C GLU RC 15 117.59 -11.10 -25.69
N LYS RC 16 116.44 -11.76 -25.57
CA LYS RC 16 116.12 -12.92 -26.42
C LYS RC 16 116.30 -12.60 -27.90
N ASP RC 17 115.72 -11.49 -28.37
CA ASP RC 17 115.79 -11.10 -29.77
C ASP RC 17 116.34 -9.70 -29.96
N VAL RC 18 116.93 -9.10 -28.92
CA VAL RC 18 117.50 -7.76 -29.02
C VAL RC 18 118.87 -7.76 -28.35
N VAL RC 19 119.82 -7.06 -28.96
CA VAL RC 19 121.11 -6.79 -28.34
C VAL RC 19 121.37 -5.30 -28.46
N SER RC 20 121.66 -4.66 -27.33
CA SER RC 20 121.85 -3.21 -27.29
C SER RC 20 123.25 -2.88 -26.82
N LEU RC 21 123.91 -1.99 -27.55
CA LEU RC 21 125.25 -1.51 -27.25
C LEU RC 21 125.21 -0.02 -26.95
N ARG RC 22 125.96 0.39 -25.94
CA ARG RC 22 126.05 1.78 -25.56
C ARG RC 22 127.47 2.28 -25.80
N ASP RC 23 127.60 3.56 -26.14
CA ASP RC 23 128.93 4.15 -26.26
C ASP RC 23 129.63 4.16 -24.90
N PHE RC 24 128.92 4.59 -23.86
CA PHE RC 24 129.43 4.64 -22.48
C PHE RC 24 130.50 5.70 -22.32
N ALA RC 25 130.89 6.33 -23.41
CA ALA RC 25 131.81 7.46 -23.39
C ALA RC 25 131.07 8.79 -23.52
N ASN RC 26 130.21 8.93 -24.53
CA ASN RC 26 129.33 10.08 -24.62
C ASN RC 26 128.00 9.85 -23.91
N ASP RC 27 127.68 8.58 -23.58
CA ASP RC 27 126.44 8.23 -22.90
C ASP RC 27 125.22 8.77 -23.63
N LYS RC 28 125.27 8.82 -24.95
CA LYS RC 28 124.18 9.37 -25.73
C LYS RC 28 123.79 8.52 -26.94
N ASP RC 29 124.62 7.56 -27.34
CA ASP RC 29 124.37 6.74 -28.52
C ASP RC 29 124.08 5.31 -28.12
N THR RC 30 122.99 4.76 -28.66
CA THR RC 30 122.61 3.37 -28.44
C THR RC 30 122.40 2.69 -29.78
N LEU RC 31 123.05 1.55 -29.96
CA LEU RC 31 122.93 0.75 -31.19
C LEU RC 31 122.20 -0.55 -30.85
N ALA RC 32 121.04 -0.76 -31.46
CA ALA RC 32 120.20 -1.91 -31.19
C ALA RC 32 120.11 -2.80 -32.41
N TYR RC 33 120.37 -4.09 -32.20
CA TYR RC 33 120.13 -5.17 -33.16
C TYR RC 33 118.87 -5.89 -32.71
N LYS RC 34 117.82 -5.82 -33.52
CA LYS RC 34 116.55 -6.46 -33.23
C LYS RC 34 116.25 -7.54 -34.26
N ARG RC 35 115.68 -8.64 -33.79
CA ARG RC 35 115.45 -9.84 -34.58
C ARG RC 35 113.97 -10.20 -34.52
N LEU RC 36 113.45 -10.80 -35.58
CA LEU RC 36 112.07 -11.27 -35.58
C LEU RC 36 111.94 -12.38 -36.61
N ALA RC 37 111.76 -13.61 -36.14
CA ALA RC 37 111.71 -14.75 -37.05
C ALA RC 37 110.47 -14.70 -37.94
N PRO RC 38 110.56 -15.22 -39.17
CA PRO RC 38 109.38 -15.26 -40.02
C PRO RC 38 108.33 -16.22 -39.49
N LYS RC 39 107.07 -15.83 -39.65
CA LYS RC 39 105.95 -16.63 -39.16
C LYS RC 39 105.18 -17.21 -40.34
N ARG RC 40 105.06 -18.54 -40.36
CA ARG RC 40 104.36 -19.26 -41.42
C ARG RC 40 102.86 -19.25 -41.09
N THR RC 41 102.28 -18.05 -41.14
CA THR RC 41 100.86 -17.90 -40.86
C THR RC 41 99.99 -18.43 -41.99
N LYS RC 42 100.59 -18.81 -43.10
CA LYS RC 42 99.88 -19.31 -44.27
C LYS RC 42 100.83 -20.20 -45.05
N ASP RC 43 100.47 -20.48 -46.30
CA ASP RC 43 101.36 -21.22 -47.20
C ASP RC 43 102.72 -20.55 -47.28
N SER RC 44 102.74 -19.22 -47.28
CA SER RC 44 104.00 -18.48 -47.34
C SER RC 44 104.84 -18.78 -46.10
N PRO RC 45 106.16 -18.94 -46.24
CA PRO RC 45 106.99 -19.26 -45.07
C PRO RC 45 107.16 -18.09 -44.11
N GLY RC 46 106.62 -16.92 -44.41
CA GLY RC 46 106.72 -15.78 -43.53
C GLY RC 46 107.83 -14.82 -43.91
N MET RC 47 107.85 -13.69 -43.22
CA MET RC 47 108.76 -12.60 -43.55
C MET RC 47 109.69 -12.37 -42.36
N ALA RC 48 110.99 -12.50 -42.60
CA ALA RC 48 111.99 -12.41 -41.53
C ALA RC 48 112.37 -10.95 -41.33
N LYS RC 49 112.06 -10.41 -40.15
CA LYS RC 49 112.33 -9.02 -39.85
C LYS RC 49 113.66 -8.87 -39.13
N SER RC 50 114.45 -7.91 -39.60
CA SER RC 50 115.67 -7.50 -38.91
C SER RC 50 115.59 -6.00 -38.66
N GLU RC 51 116.38 -5.54 -37.70
CA GLU RC 51 116.41 -4.12 -37.40
C GLU RC 51 117.79 -3.76 -36.85
N LEU RC 52 118.36 -2.68 -37.37
CA LEU RC 52 119.60 -2.12 -36.88
C LEU RC 52 119.38 -0.63 -36.71
N LYS RC 53 119.34 -0.15 -35.48
CA LYS RC 53 119.01 1.25 -35.27
C LYS RC 53 120.00 1.90 -34.32
N ILE RC 54 120.25 3.19 -34.56
CA ILE RC 54 121.09 4.02 -33.70
C ILE RC 54 120.22 5.16 -33.17
N THR RC 55 120.21 5.32 -31.87
CA THR RC 55 119.41 6.34 -31.20
C THR RC 55 120.32 7.26 -30.41
N ARG RC 56 120.18 8.55 -30.62
CA ARG RC 56 120.94 9.55 -29.89
C ARG RC 56 119.98 10.30 -28.97
N VAL RC 57 120.31 10.32 -27.69
CA VAL RC 57 119.52 11.02 -26.69
C VAL RC 57 120.45 11.95 -25.94
N ASP RC 58 120.04 13.20 -25.77
CA ASP RC 58 120.91 14.17 -25.14
C ASP RC 58 121.07 13.83 -23.66
N PRO RC 59 122.28 13.55 -23.20
CA PRO RC 59 122.44 12.99 -21.84
C PRO RC 59 122.55 14.03 -20.73
N THR RC 60 121.71 15.06 -20.74
CA THR RC 60 121.58 15.91 -19.57
C THR RC 60 120.10 16.09 -19.20
N THR RC 61 119.24 16.18 -20.21
CA THR RC 61 117.80 16.24 -20.00
C THR RC 61 117.05 15.09 -20.65
N GLY RC 62 117.70 14.31 -21.50
CA GLY RC 62 117.07 13.15 -22.08
C GLY RC 62 116.18 13.42 -23.27
N VAL RC 63 116.54 14.37 -24.12
CA VAL RC 63 115.75 14.67 -25.32
C VAL RC 63 116.33 13.91 -26.49
N LEU RC 64 115.46 13.20 -27.21
CA LEU RC 64 115.86 12.42 -28.37
C LEU RC 64 116.32 13.34 -29.50
N ILE RC 65 117.61 13.33 -29.80
CA ILE RC 65 118.13 14.11 -30.90
C ILE RC 65 117.71 13.52 -32.24
N GLY RC 66 117.88 12.22 -32.43
CA GLY RC 66 117.55 11.63 -33.72
C GLY RC 66 117.72 10.13 -33.68
N ILE RC 67 117.12 9.49 -34.68
CA ILE RC 67 117.19 8.04 -34.87
C ILE RC 67 117.42 7.75 -36.34
N VAL RC 68 118.36 6.85 -36.64
CA VAL RC 68 118.47 6.25 -37.95
C VAL RC 68 118.29 4.75 -37.77
N ASN RC 69 117.31 4.19 -38.47
CA ASN RC 69 116.95 2.78 -38.35
C ASN RC 69 117.07 2.11 -39.70
N VAL RC 70 117.65 0.92 -39.72
CA VAL RC 70 117.71 0.10 -40.91
C VAL RC 70 116.92 -1.17 -40.63
N SER RC 71 115.77 -1.31 -41.29
CA SER RC 71 114.90 -2.45 -41.11
C SER RC 71 114.83 -3.26 -42.39
N SER RC 72 114.86 -4.59 -42.24
CA SER RC 72 114.74 -5.50 -43.36
C SER RC 72 113.53 -6.39 -43.15
N SER RC 73 112.78 -6.59 -44.22
CA SER RC 73 111.64 -7.50 -44.22
C SER RC 73 111.80 -8.34 -45.48
N ILE RC 74 112.41 -9.51 -45.33
CA ILE RC 74 112.74 -10.39 -46.45
C ILE RC 74 111.98 -11.69 -46.27
N ARG RC 75 111.47 -12.21 -47.39
CA ARG RC 75 110.78 -13.50 -47.38
C ARG RC 75 111.67 -14.58 -46.78
N ALA RC 76 111.05 -15.46 -45.99
CA ALA RC 76 111.80 -16.56 -45.40
C ALA RC 76 112.37 -17.48 -46.47
N ASP RC 77 111.73 -17.55 -47.64
CA ASP RC 77 112.21 -18.37 -48.74
C ASP RC 77 113.14 -17.63 -49.69
N ALA RC 78 113.36 -16.34 -49.48
CA ALA RC 78 114.14 -15.55 -50.43
C ALA RC 78 115.58 -16.03 -50.47
N THR RC 79 116.14 -16.04 -51.68
CA THR RC 79 117.47 -16.57 -51.88
C THR RC 79 118.53 -15.63 -51.33
N ALA RC 80 119.70 -16.20 -51.02
CA ALA RC 80 120.81 -15.40 -50.53
C ALA RC 80 121.26 -14.39 -51.57
N ALA RC 81 121.05 -14.68 -52.85
CA ALA RC 81 121.33 -13.70 -53.89
C ALA RC 81 120.43 -12.49 -53.76
N ASP RC 82 119.14 -12.70 -53.48
CA ASP RC 82 118.23 -11.59 -53.28
C ASP RC 82 118.67 -10.73 -52.09
N LYS RC 83 119.05 -11.38 -50.99
CA LYS RC 83 119.43 -10.64 -49.79
C LYS RC 83 120.73 -9.87 -50.01
N THR RC 84 121.69 -10.49 -50.67
CA THR RC 84 122.93 -9.79 -50.99
C THR RC 84 122.68 -8.61 -51.91
N ALA RC 85 121.81 -8.79 -52.91
CA ALA RC 85 121.47 -7.70 -53.81
C ALA RC 85 120.79 -6.56 -53.08
N LEU RC 86 119.86 -6.88 -52.18
CA LEU RC 86 119.16 -5.86 -51.42
C LEU RC 86 120.13 -5.06 -50.56
N MET RC 87 121.02 -5.76 -49.85
CA MET RC 87 121.97 -5.06 -49.00
C MET RC 87 122.94 -4.23 -49.83
N ALA RC 88 123.40 -4.76 -50.97
CA ALA RC 88 124.34 -4.01 -51.81
C ALA RC 88 123.69 -2.77 -52.40
N ILE RC 89 122.45 -2.88 -52.88
CA ILE RC 89 121.76 -1.73 -53.44
C ILE RC 89 121.55 -0.67 -52.37
N ILE RC 90 121.06 -1.07 -51.20
CA ILE RC 90 120.79 -0.07 -50.18
C ILE RC 90 122.09 0.56 -49.67
N THR RC 91 123.16 -0.22 -49.57
CA THR RC 91 124.43 0.33 -49.11
C THR RC 91 125.00 1.31 -50.13
N ALA RC 92 124.91 0.97 -51.42
CA ALA RC 92 125.35 1.89 -52.46
C ALA RC 92 124.53 3.17 -52.46
N ALA RC 93 123.21 3.05 -52.27
CA ALA RC 93 122.36 4.23 -52.23
C ALA RC 93 122.71 5.11 -51.04
N GLN RC 94 122.96 4.52 -49.87
CA GLN RC 94 123.39 5.31 -48.73
C GLN RC 94 124.73 5.97 -48.99
N ALA RC 95 125.64 5.27 -49.66
CA ALA RC 95 126.92 5.86 -50.03
C ALA RC 95 126.76 6.98 -51.04
N ASP RC 96 125.68 6.96 -51.82
CA ASP RC 96 125.41 8.06 -52.74
C ASP RC 96 125.03 9.31 -51.96
N GLY RC 97 125.28 10.47 -52.57
CA GLY RC 97 125.05 11.73 -51.89
C GLY RC 97 123.59 12.13 -51.80
N ALA RC 98 122.73 11.48 -52.58
CA ALA RC 98 121.30 11.78 -52.50
C ALA RC 98 120.75 11.47 -51.13
N TRP RC 99 121.25 10.40 -50.49
CA TRP RC 99 120.85 10.11 -49.13
C TRP RC 99 121.37 11.15 -48.15
N THR RC 100 122.62 11.58 -48.35
CA THR RC 100 123.20 12.58 -47.46
C THR RC 100 122.51 13.93 -47.61
N GLU RC 101 121.81 14.14 -48.72
CA GLU RC 101 120.98 15.34 -48.88
C GLU RC 101 119.58 15.15 -48.31
N LEU RC 102 118.98 13.99 -48.55
CA LEU RC 102 117.66 13.67 -47.99
C LEU RC 102 117.68 13.79 -46.47
N VAL RC 103 118.68 13.21 -45.84
CA VAL RC 103 118.98 13.53 -44.45
C VAL RC 103 119.73 14.84 -44.45
N THR RC 104 119.50 15.65 -43.41
CA THR RC 104 120.17 16.95 -43.22
C THR RC 104 119.71 18.04 -44.18
N ASP RC 105 118.94 17.70 -45.21
CA ASP RC 105 118.33 18.77 -46.01
C ASP RC 105 116.89 18.51 -46.42
N GLN RC 106 116.39 17.29 -46.32
CA GLN RC 106 115.10 16.92 -46.87
C GLN RC 106 115.03 17.26 -48.35
N ARG RC 107 116.12 16.97 -49.06
CA ARG RC 107 116.25 17.27 -50.48
C ARG RC 107 116.04 15.98 -51.26
N LEU RC 108 115.10 16.00 -52.18
CA LEU RC 108 114.80 14.84 -52.98
C LEU RC 108 115.67 14.81 -54.23
N PRO RC 109 115.90 13.63 -54.80
CA PRO RC 109 116.65 13.56 -56.06
C PRO RC 109 115.82 13.99 -57.26
N LEU RC 110 115.39 15.26 -57.26
CA LEU RC 110 114.69 15.81 -58.40
C LEU RC 110 115.16 17.21 -58.78
N ALA RC 111 116.00 17.84 -57.96
CA ALA RC 111 116.52 19.17 -58.30
C ALA RC 111 117.40 19.09 -59.53
N THR RC 112 117.35 20.14 -60.36
CA THR RC 112 118.06 20.17 -61.63
C THR RC 112 119.51 20.64 -61.50
N VAL RC 113 119.93 21.05 -60.30
CA VAL RC 113 121.29 21.54 -60.05
C VAL RC 113 121.60 22.77 -60.91
N SER SC 1 -8.67 37.52 -127.43
CA SER SC 1 -8.08 36.67 -128.45
C SER SC 1 -7.05 37.45 -129.27
N LYS SC 2 -7.49 38.54 -129.87
CA LYS SC 2 -6.61 39.38 -130.69
C LYS SC 2 -7.00 40.83 -130.44
N VAL SC 3 -6.58 41.72 -131.34
CA VAL SC 3 -6.68 43.16 -131.15
C VAL SC 3 -8.09 43.59 -130.76
N PHE SC 4 -8.21 44.19 -129.57
CA PHE SC 4 -9.45 44.73 -129.04
C PHE SC 4 -9.17 46.13 -128.54
N ASN SC 5 -10.04 47.08 -128.90
CA ASN SC 5 -9.87 48.48 -128.50
C ASN SC 5 -8.47 48.96 -128.90
N THR SC 6 -8.05 48.61 -130.11
CA THR SC 6 -6.76 48.94 -130.70
C THR SC 6 -5.58 48.43 -129.89
N GLN SC 7 -5.75 47.38 -129.10
CA GLN SC 7 -4.66 46.79 -128.33
C GLN SC 7 -4.55 45.31 -128.66
N THR SC 8 -3.32 44.83 -128.87
CA THR SC 8 -3.06 43.46 -129.26
C THR SC 8 -2.91 42.61 -128.01
N PHE SC 9 -3.82 41.66 -127.82
CA PHE SC 9 -3.79 40.76 -126.68
C PHE SC 9 -3.24 39.42 -127.15
N ASP SC 10 -2.12 39.02 -126.58
CA ASP SC 10 -1.44 37.78 -126.94
C ASP SC 10 -1.50 36.82 -125.77
N ILE SC 11 -1.42 35.52 -126.10
CA ILE SC 11 -1.51 34.48 -125.09
C ILE SC 11 -0.39 34.66 -124.08
N TYR SC 12 -0.75 34.72 -122.80
CA TYR SC 12 0.24 34.65 -121.75
C TYR SC 12 0.21 33.33 -121.00
N SER SC 13 -0.97 32.75 -120.83
CA SER SC 13 -1.05 31.54 -120.01
C SER SC 13 -2.22 30.70 -120.46
N THR SC 14 -2.05 29.39 -120.36
CA THR SC 14 -3.11 28.45 -120.69
C THR SC 14 -3.22 27.42 -119.58
N GLU SC 15 -4.39 27.32 -118.99
CA GLU SC 15 -4.67 26.34 -117.96
C GLU SC 15 -5.62 25.28 -118.51
N LYS SC 16 -6.07 24.40 -117.62
CA LYS SC 16 -7.09 23.43 -118.00
C LYS SC 16 -8.35 24.12 -118.47
N ASP SC 17 -8.76 25.18 -117.76
CA ASP SC 17 -10.01 25.85 -118.06
C ASP SC 17 -9.91 27.37 -118.09
N VAL SC 18 -8.71 27.93 -118.02
CA VAL SC 18 -8.51 29.36 -118.15
C VAL SC 18 -7.48 29.63 -119.24
N VAL SC 19 -7.78 30.62 -120.08
CA VAL SC 19 -6.82 31.20 -120.99
C VAL SC 19 -6.64 32.66 -120.61
N SER SC 20 -5.39 33.07 -120.43
CA SER SC 20 -5.06 34.44 -120.06
C SER SC 20 -4.22 35.08 -121.15
N LEU SC 21 -4.64 36.27 -121.59
CA LEU SC 21 -3.96 37.04 -122.62
C LEU SC 21 -3.58 38.40 -122.05
N ARG SC 22 -2.44 38.93 -122.48
CA ARG SC 22 -1.97 40.23 -122.05
C ARG SC 22 -1.69 41.11 -123.25
N ASP SC 23 -1.68 42.42 -123.02
CA ASP SC 23 -1.35 43.36 -124.08
C ASP SC 23 0.12 43.27 -124.46
N PHE SC 24 1.01 43.21 -123.47
CA PHE SC 24 2.45 43.16 -123.64
C PHE SC 24 2.98 44.45 -124.25
N ALA SC 25 2.10 45.39 -124.56
CA ALA SC 25 2.47 46.71 -125.04
C ALA SC 25 2.36 47.76 -123.95
N ASN SC 26 1.17 47.91 -123.36
CA ASN SC 26 1.02 48.78 -122.20
C ASN SC 26 1.24 48.03 -120.89
N ASP SC 27 1.31 46.70 -120.93
CA ASP SC 27 1.61 45.88 -119.76
C ASP SC 27 0.68 46.17 -118.59
N LYS SC 28 -0.57 46.49 -118.88
CA LYS SC 28 -1.51 46.83 -117.83
C LYS SC 28 -2.83 46.09 -117.93
N ASP SC 29 -3.16 45.48 -119.07
CA ASP SC 29 -4.44 44.82 -119.27
C ASP SC 29 -4.24 43.31 -119.40
N THR SC 30 -5.11 42.56 -118.73
CA THR SC 30 -5.16 41.11 -118.88
C THR SC 30 -6.60 40.69 -119.14
N LEU SC 31 -6.81 39.93 -120.20
CA LEU SC 31 -8.11 39.40 -120.58
C LEU SC 31 -8.12 37.90 -120.33
N ALA SC 32 -9.07 37.43 -119.54
CA ALA SC 32 -9.16 36.03 -119.15
C ALA SC 32 -10.47 35.44 -119.64
N TYR SC 33 -10.37 34.28 -120.29
CA TYR SC 33 -11.49 33.44 -120.69
C TYR SC 33 -11.49 32.23 -119.77
N LYS SC 34 -12.63 31.94 -119.16
CA LYS SC 34 -12.71 30.94 -118.11
C LYS SC 34 -13.94 30.06 -118.33
N ARG SC 35 -13.78 28.78 -118.04
CA ARG SC 35 -14.67 27.73 -118.51
C ARG SC 35 -14.97 26.74 -117.39
N LEU SC 36 -16.25 26.56 -117.06
CA LEU SC 36 -16.69 25.50 -116.14
C LEU SC 36 -17.81 24.71 -116.78
N ALA SC 37 -17.54 23.44 -117.09
CA ALA SC 37 -18.55 22.59 -117.72
C ALA SC 37 -19.71 22.32 -116.75
N PRO SC 38 -20.92 22.13 -117.27
CA PRO SC 38 -22.05 21.83 -116.39
C PRO SC 38 -21.89 20.48 -115.72
N LYS SC 39 -22.33 20.40 -114.47
CA LYS SC 39 -22.21 19.18 -113.69
C LYS SC 39 -23.60 18.68 -113.32
N ARG SC 40 -23.88 17.42 -113.67
CA ARG SC 40 -25.20 16.83 -113.47
C ARG SC 40 -25.29 16.38 -112.01
N THR SC 41 -25.63 17.34 -111.14
CA THR SC 41 -25.77 17.06 -109.73
C THR SC 41 -27.14 16.52 -109.35
N LYS SC 42 -28.10 16.57 -110.27
CA LYS SC 42 -29.46 16.17 -110.00
C LYS SC 42 -30.12 15.82 -111.33
N ASP SC 43 -31.44 15.78 -111.33
CA ASP SC 43 -32.19 15.62 -112.58
C ASP SC 43 -31.84 16.75 -113.54
N SER SC 44 -31.41 17.89 -113.01
CA SER SC 44 -30.90 18.95 -113.86
C SER SC 44 -29.52 18.56 -114.39
N PRO SC 45 -29.20 18.90 -115.64
CA PRO SC 45 -27.86 18.59 -116.17
C PRO SC 45 -26.77 19.55 -115.72
N GLY SC 46 -27.09 20.53 -114.88
CA GLY SC 46 -26.13 21.50 -114.43
C GLY SC 46 -26.10 22.76 -115.28
N MET SC 47 -25.34 23.73 -114.82
CA MET SC 47 -25.19 25.01 -115.49
C MET SC 47 -23.76 25.16 -116.00
N ALA SC 48 -23.62 25.61 -117.24
CA ALA SC 48 -22.31 25.82 -117.85
C ALA SC 48 -21.87 27.25 -117.56
N LYS SC 49 -20.79 27.39 -116.80
CA LYS SC 49 -20.27 28.69 -116.44
C LYS SC 49 -19.25 29.16 -117.48
N SER SC 50 -19.40 30.39 -117.92
CA SER SC 50 -18.37 31.07 -118.68
C SER SC 50 -18.01 32.35 -117.95
N GLU SC 51 -16.79 32.83 -118.20
CA GLU SC 51 -16.38 34.09 -117.60
C GLU SC 51 -15.39 34.78 -118.52
N LEU SC 52 -15.61 36.06 -118.77
CA LEU SC 52 -14.75 36.85 -119.65
C LEU SC 52 -14.43 38.14 -118.92
N LYS SC 53 -13.21 38.25 -118.40
CA LYS SC 53 -12.88 39.39 -117.55
C LYS SC 53 -11.68 40.15 -118.08
N ILE SC 54 -11.76 41.47 -118.01
CA ILE SC 54 -10.64 42.35 -118.32
C ILE SC 54 -10.22 43.07 -117.06
N THR SC 55 -8.96 42.92 -116.69
CA THR SC 55 -8.39 43.54 -115.51
C THR SC 55 -7.31 44.53 -115.93
N ARG SC 56 -7.38 45.74 -115.39
CA ARG SC 56 -6.37 46.76 -115.63
C ARG SC 56 -5.61 47.02 -114.35
N VAL SC 57 -4.29 46.89 -114.41
CA VAL SC 57 -3.41 47.16 -113.28
C VAL SC 57 -2.27 48.04 -113.77
N ASP SC 58 -2.09 49.19 -113.13
CA ASP SC 58 -1.03 50.07 -113.60
C ASP SC 58 0.34 49.44 -113.34
N PRO SC 59 1.25 49.47 -114.31
CA PRO SC 59 2.52 48.75 -114.12
C PRO SC 59 3.62 49.60 -113.49
N THR SC 60 3.30 50.31 -112.41
CA THR SC 60 4.33 51.05 -111.68
C THR SC 60 4.32 50.64 -110.21
N THR SC 61 3.12 50.53 -109.64
CA THR SC 61 2.95 50.03 -108.29
C THR SC 61 2.11 48.77 -108.23
N GLY SC 62 1.48 48.37 -109.33
CA GLY SC 62 0.67 47.17 -109.34
C GLY SC 62 -0.68 47.30 -108.71
N VAL SC 63 -1.29 48.50 -108.72
CA VAL SC 63 -2.60 48.71 -108.12
C VAL SC 63 -3.65 48.35 -109.16
N LEU SC 64 -4.74 47.74 -108.71
CA LEU SC 64 -5.82 47.37 -109.61
C LEU SC 64 -6.70 48.57 -109.87
N ILE SC 65 -6.68 49.07 -111.10
CA ILE SC 65 -7.52 50.20 -111.47
C ILE SC 65 -8.99 49.78 -111.55
N GLY SC 66 -9.27 48.68 -112.22
CA GLY SC 66 -10.65 48.24 -112.36
C GLY SC 66 -10.76 46.94 -113.12
N ILE SC 67 -11.89 46.27 -112.89
CA ILE SC 67 -12.21 45.00 -113.53
C ILE SC 67 -13.60 45.11 -114.14
N VAL SC 68 -13.75 44.65 -115.36
CA VAL SC 68 -15.06 44.43 -115.98
C VAL SC 68 -15.15 42.96 -116.34
N ASN SC 69 -16.20 42.30 -115.85
CA ASN SC 69 -16.35 40.86 -116.00
C ASN SC 69 -17.68 40.54 -116.64
N VAL SC 70 -17.68 39.60 -117.58
CA VAL SC 70 -18.89 39.10 -118.23
C VAL SC 70 -19.00 37.63 -117.88
N SER SC 71 -19.97 37.30 -117.04
CA SER SC 71 -20.19 35.93 -116.60
C SER SC 71 -21.52 35.42 -117.11
N SER SC 72 -21.50 34.21 -117.67
CA SER SC 72 -22.71 33.53 -118.12
C SER SC 72 -22.87 32.25 -117.31
N SER SC 73 -24.12 31.92 -116.99
CA SER SC 73 -24.48 30.70 -116.27
C SER SC 73 -25.75 30.18 -116.92
N ILE SC 74 -25.61 29.19 -117.79
CA ILE SC 74 -26.71 28.72 -118.63
C ILE SC 74 -26.88 27.22 -118.46
N ARG SC 75 -28.13 26.77 -118.44
CA ARG SC 75 -28.45 25.35 -118.32
C ARG SC 75 -27.81 24.56 -119.45
N ALA SC 76 -27.34 23.37 -119.11
CA ALA SC 76 -26.76 22.49 -120.13
C ALA SC 76 -27.78 22.12 -121.20
N ASP SC 77 -29.03 21.91 -120.79
CA ASP SC 77 -30.10 21.56 -121.70
C ASP SC 77 -30.65 22.76 -122.49
N ALA SC 78 -30.22 23.97 -122.15
CA ALA SC 78 -30.81 25.17 -122.72
C ALA SC 78 -30.59 25.20 -124.24
N THR SC 79 -31.58 25.73 -124.94
CA THR SC 79 -31.52 25.80 -126.39
C THR SC 79 -30.53 26.86 -126.83
N ALA SC 80 -30.00 26.68 -128.04
CA ALA SC 80 -29.11 27.68 -128.61
C ALA SC 80 -29.83 29.01 -128.82
N ALA SC 81 -31.14 28.96 -129.04
CA ALA SC 81 -31.92 30.20 -129.14
C ALA SC 81 -31.93 30.93 -127.81
N ASP SC 82 -32.01 30.20 -126.70
CA ASP SC 82 -31.96 30.85 -125.39
C ASP SC 82 -30.65 31.59 -125.20
N LYS SC 83 -29.53 30.96 -125.55
CA LYS SC 83 -28.22 31.59 -125.40
C LYS SC 83 -28.08 32.78 -126.35
N THR SC 84 -28.58 32.64 -127.58
CA THR SC 84 -28.54 33.76 -128.51
C THR SC 84 -29.33 34.95 -127.98
N ALA SC 85 -30.51 34.69 -127.45
CA ALA SC 85 -31.32 35.76 -126.89
C ALA SC 85 -30.64 36.41 -125.70
N LEU SC 86 -30.04 35.60 -124.82
CA LEU SC 86 -29.35 36.18 -123.66
C LEU SC 86 -28.19 37.08 -124.10
N MET SC 87 -27.37 36.59 -125.02
CA MET SC 87 -26.22 37.40 -125.46
C MET SC 87 -26.68 38.66 -126.19
N ALA SC 88 -27.71 38.54 -127.03
CA ALA SC 88 -28.20 39.72 -127.73
C ALA SC 88 -28.77 40.75 -126.77
N ILE SC 89 -29.54 40.32 -125.77
CA ILE SC 89 -30.13 41.26 -124.84
C ILE SC 89 -29.05 41.94 -124.02
N ILE SC 90 -28.07 41.18 -123.54
CA ILE SC 90 -27.04 41.80 -122.71
C ILE SC 90 -26.16 42.73 -123.53
N THR SC 91 -25.89 42.38 -124.79
CA THR SC 91 -25.08 43.27 -125.63
C THR SC 91 -25.85 44.54 -125.99
N ALA SC 92 -27.15 44.42 -126.25
CA ALA SC 92 -27.94 45.62 -126.53
C ALA SC 92 -28.01 46.52 -125.30
N ALA SC 93 -28.14 45.94 -124.11
CA ALA SC 93 -28.14 46.73 -122.90
C ALA SC 93 -26.80 47.41 -122.67
N GLN SC 94 -25.70 46.70 -122.96
CA GLN SC 94 -24.39 47.29 -122.83
C GLN SC 94 -24.19 48.44 -123.81
N ALA SC 95 -24.68 48.29 -125.04
CA ALA SC 95 -24.58 49.36 -126.03
C ALA SC 95 -25.38 50.59 -125.61
N ASP SC 96 -26.43 50.41 -124.82
CA ASP SC 96 -27.21 51.53 -124.35
C ASP SC 96 -26.40 52.39 -123.39
N GLY SC 97 -26.71 53.69 -123.36
CA GLY SC 97 -26.01 54.61 -122.48
C GLY SC 97 -26.35 54.45 -121.02
N ALA SC 98 -27.42 53.74 -120.71
CA ALA SC 98 -27.74 53.47 -119.31
C ALA SC 98 -26.63 52.70 -118.64
N TRP SC 99 -26.08 51.68 -119.32
CA TRP SC 99 -24.94 50.95 -118.78
C TRP SC 99 -23.71 51.83 -118.73
N THR SC 100 -23.52 52.69 -119.73
CA THR SC 100 -22.36 53.57 -119.76
C THR SC 100 -22.42 54.61 -118.65
N GLU SC 101 -23.61 54.84 -118.09
CA GLU SC 101 -23.77 55.69 -116.91
C GLU SC 101 -23.64 54.92 -115.62
N LEU SC 102 -24.24 53.73 -115.56
CA LEU SC 102 -24.08 52.85 -114.40
C LEU SC 102 -22.61 52.62 -114.11
N VAL SC 103 -21.84 52.34 -115.13
CA VAL SC 103 -20.38 52.42 -115.01
C VAL SC 103 -19.99 53.87 -115.22
N THR SC 104 -18.97 54.31 -114.48
CA THR SC 104 -18.45 55.69 -114.48
C THR SC 104 -19.33 56.69 -113.74
N ASP SC 105 -20.54 56.31 -113.32
CA ASP SC 105 -21.40 57.27 -112.66
C ASP SC 105 -22.19 56.71 -111.49
N GLN SC 106 -22.35 55.40 -111.37
CA GLN SC 106 -23.22 54.80 -110.37
C GLN SC 106 -24.63 55.37 -110.48
N ARG SC 107 -25.10 55.48 -111.71
CA ARG SC 107 -26.38 56.08 -112.03
C ARG SC 107 -27.34 55.00 -112.51
N LEU SC 108 -28.47 54.86 -111.83
CA LEU SC 108 -29.49 53.91 -112.23
C LEU SC 108 -30.33 54.49 -113.37
N PRO SC 109 -30.92 53.63 -114.22
CA PRO SC 109 -31.68 54.14 -115.37
C PRO SC 109 -33.07 54.61 -115.00
N LEU SC 110 -33.17 55.48 -114.02
CA LEU SC 110 -34.45 55.96 -113.54
C LEU SC 110 -34.60 57.48 -113.56
N ALA SC 111 -33.61 58.21 -114.08
CA ALA SC 111 -33.74 59.65 -114.20
C ALA SC 111 -34.86 60.01 -115.17
N THR SC 112 -35.48 61.16 -114.95
CA THR SC 112 -36.47 61.69 -115.87
C THR SC 112 -35.86 62.61 -116.93
N VAL SC 113 -34.55 62.82 -116.88
CA VAL SC 113 -33.83 63.69 -117.81
C VAL SC 113 -34.35 65.12 -117.75
N SER TC 1 -32.70 49.82 -120.09
CA SER TC 1 -33.74 50.83 -119.96
C SER TC 1 -34.98 50.47 -120.77
N LYS TC 2 -34.82 50.48 -122.09
CA LYS TC 2 -35.96 50.32 -123.00
C LYS TC 2 -35.64 49.18 -123.96
N VAL TC 3 -36.36 49.13 -125.08
CA VAL TC 3 -36.34 48.02 -126.02
C VAL TC 3 -34.94 47.54 -126.34
N PHE TC 4 -34.68 46.26 -126.06
CA PHE TC 4 -33.41 45.62 -126.36
C PHE TC 4 -33.69 44.30 -127.05
N ASN TC 5 -32.94 44.03 -128.12
CA ASN TC 5 -33.10 42.80 -128.91
C ASN TC 5 -34.55 42.64 -129.36
N THR TC 6 -35.14 43.75 -129.81
CA THR TC 6 -36.53 43.88 -130.26
C THR TC 6 -37.55 43.61 -129.15
N GLN TC 7 -37.10 43.37 -127.91
CA GLN TC 7 -38.00 43.11 -126.80
C GLN TC 7 -38.11 44.35 -125.93
N THR TC 8 -39.34 44.73 -125.60
CA THR TC 8 -39.60 45.92 -124.80
C THR TC 8 -39.51 45.54 -123.33
N PHE TC 9 -38.64 46.22 -122.59
CA PHE TC 9 -38.43 45.95 -121.17
C PHE TC 9 -39.05 47.08 -120.37
N ASP TC 10 -40.16 46.80 -119.71
CA ASP TC 10 -40.84 47.77 -118.87
C ASP TC 10 -40.47 47.52 -117.41
N ILE TC 11 -40.52 48.58 -116.61
CA ILE TC 11 -39.98 48.52 -115.26
C ILE TC 11 -40.77 47.53 -114.43
N TYR TC 12 -40.07 46.61 -113.77
CA TYR TC 12 -40.69 45.61 -112.91
C TYR TC 12 -40.58 45.93 -111.44
N SER TC 13 -39.45 46.46 -110.99
CA SER TC 13 -39.29 46.84 -109.59
C SER TC 13 -38.17 47.84 -109.46
N THR TC 14 -38.20 48.60 -108.37
CA THR TC 14 -37.16 49.58 -108.06
C THR TC 14 -36.73 49.40 -106.63
N GLU TC 15 -35.42 49.30 -106.41
CA GLU TC 15 -34.83 49.24 -105.09
C GLU TC 15 -33.94 50.46 -104.88
N LYS TC 16 -33.32 50.51 -103.71
CA LYS TC 16 -32.35 51.57 -103.43
C LYS TC 16 -31.22 51.56 -104.44
N ASP TC 17 -30.75 50.38 -104.82
CA ASP TC 17 -29.60 50.25 -105.71
C ASP TC 17 -29.88 49.33 -106.88
N VAL TC 18 -31.08 48.81 -107.03
CA VAL TC 18 -31.43 47.90 -108.11
C VAL TC 18 -32.65 48.42 -108.84
N VAL TC 19 -32.59 48.41 -110.16
CA VAL TC 19 -33.75 48.66 -111.01
C VAL TC 19 -33.92 47.46 -111.92
N SER TC 20 -35.09 46.84 -111.86
CA SER TC 20 -35.37 45.62 -112.60
C SER TC 20 -36.49 45.90 -113.59
N LEU TC 21 -36.26 45.52 -114.84
CA LEU TC 21 -37.22 45.67 -115.93
C LEU TC 21 -37.61 44.28 -116.43
N ARG TC 22 -38.84 44.19 -116.92
CA ARG TC 22 -39.35 42.93 -117.44
C ARG TC 22 -39.88 43.14 -118.85
N ASP TC 23 -39.84 42.09 -119.65
CA ASP TC 23 -40.46 42.13 -120.96
C ASP TC 23 -41.97 42.26 -120.84
N PHE TC 24 -42.60 41.41 -120.03
CA PHE TC 24 -44.05 41.33 -119.82
C PHE TC 24 -44.76 40.82 -121.05
N ALA TC 25 -44.04 40.63 -122.15
CA ALA TC 25 -44.57 40.00 -123.35
C ALA TC 25 -44.34 38.50 -123.36
N ASN TC 26 -43.09 38.06 -123.32
CA ASN TC 26 -42.80 36.66 -123.09
C ASN TC 26 -42.71 36.30 -121.62
N ASP TC 27 -42.78 37.30 -120.74
CA ASP TC 27 -42.85 37.10 -119.29
C ASP TC 27 -41.71 36.25 -118.78
N LYS TC 28 -40.57 36.28 -119.44
CA LYS TC 28 -39.47 35.38 -119.10
C LYS TC 28 -38.14 36.08 -118.88
N ASP TC 29 -37.97 37.32 -119.33
CA ASP TC 29 -36.69 38.00 -119.31
C ASP TC 29 -36.74 39.16 -118.32
N THR TC 30 -35.73 39.24 -117.45
CA THR TC 30 -35.64 40.31 -116.47
C THR TC 30 -34.24 40.91 -116.54
N LEU TC 31 -34.18 42.22 -116.67
CA LEU TC 31 -32.94 42.97 -116.80
C LEU TC 31 -32.75 43.82 -115.55
N ALA TC 32 -31.64 43.59 -114.85
CA ALA TC 32 -31.37 44.28 -113.59
C ALA TC 32 -30.14 45.15 -113.72
N TYR TC 33 -30.26 46.38 -113.22
CA TYR TC 33 -29.16 47.33 -113.06
C TYR TC 33 -28.92 47.48 -111.57
N LYS TC 34 -27.72 47.14 -111.11
CA LYS TC 34 -27.40 47.17 -109.71
C LYS TC 34 -26.21 48.09 -109.48
N ARG TC 35 -26.28 48.84 -108.38
CA ARG TC 35 -25.32 49.89 -108.05
C ARG TC 35 -24.72 49.61 -106.68
N LEU TC 36 -23.44 49.92 -106.52
CA LEU TC 36 -22.79 49.76 -105.22
C LEU TC 36 -21.70 50.83 -105.13
N ALA TC 37 -22.01 51.94 -104.46
CA ALA TC 37 -21.09 53.05 -104.39
C ALA TC 37 -19.81 52.65 -103.65
N PRO TC 38 -18.66 53.23 -104.01
CA PRO TC 38 -17.43 52.93 -103.29
C PRO TC 38 -17.49 53.40 -101.85
N LYS TC 39 -16.88 52.62 -100.96
CA LYS TC 39 -16.78 52.96 -99.56
C LYS TC 39 -15.31 53.21 -99.23
N ARG TC 40 -15.02 54.36 -98.63
CA ARG TC 40 -13.65 54.77 -98.33
C ARG TC 40 -13.24 54.18 -96.99
N THR TC 41 -13.06 52.85 -97.00
CA THR TC 41 -12.72 52.14 -95.78
C THR TC 41 -11.27 52.33 -95.36
N LYS TC 42 -10.44 52.86 -96.24
CA LYS TC 42 -9.04 53.12 -95.95
C LYS TC 42 -8.63 54.35 -96.74
N ASP TC 43 -7.32 54.54 -96.89
CA ASP TC 43 -6.78 55.61 -97.73
C ASP TC 43 -7.31 55.47 -99.15
N SER TC 44 -7.67 54.26 -99.55
CA SER TC 44 -8.30 54.05 -100.85
C SER TC 44 -9.65 54.76 -100.89
N PRO TC 45 -10.07 55.27 -102.05
CA PRO TC 45 -11.44 55.79 -102.15
C PRO TC 45 -12.49 54.71 -102.34
N GLY TC 46 -12.11 53.45 -102.29
CA GLY TC 46 -13.03 52.35 -102.49
C GLY TC 46 -13.19 51.98 -103.96
N MET TC 47 -13.96 50.93 -104.18
CA MET TC 47 -14.28 50.47 -105.52
C MET TC 47 -15.76 50.69 -105.80
N ALA TC 48 -16.06 51.33 -106.92
CA ALA TC 48 -17.44 51.51 -107.38
C ALA TC 48 -17.85 50.27 -108.14
N LYS TC 49 -18.84 49.54 -107.63
CA LYS TC 49 -19.34 48.34 -108.26
C LYS TC 49 -20.60 48.64 -109.07
N SER TC 50 -20.68 48.10 -110.27
CA SER TC 50 -21.90 48.10 -111.04
C SER TC 50 -22.21 46.68 -111.49
N GLU TC 51 -23.46 46.43 -111.82
CA GLU TC 51 -23.88 45.11 -112.26
C GLU TC 51 -25.01 45.26 -113.27
N LEU TC 52 -24.92 44.56 -114.38
CA LEU TC 52 -25.99 44.56 -115.39
C LEU TC 52 -26.25 43.11 -115.77
N LYS TC 53 -27.36 42.56 -115.29
CA LYS TC 53 -27.61 41.13 -115.47
C LYS TC 53 -28.93 40.91 -116.19
N ILE TC 54 -28.94 39.90 -117.05
CA ILE TC 54 -30.14 39.45 -117.74
C ILE TC 54 -30.45 38.04 -117.29
N THR TC 55 -31.69 37.80 -116.92
CA THR TC 55 -32.12 36.50 -116.42
C THR TC 55 -33.30 36.01 -117.22
N ARG TC 56 -33.22 34.79 -117.70
CA ARG TC 56 -34.32 34.14 -118.39
C ARG TC 56 -34.80 32.96 -117.54
N VAL TC 57 -36.09 32.94 -117.25
CA VAL TC 57 -36.73 31.80 -116.64
C VAL TC 57 -37.98 31.49 -117.45
N ASP TC 58 -38.21 30.21 -117.70
CA ASP TC 58 -39.45 29.90 -118.40
C ASP TC 58 -40.64 30.11 -117.47
N PRO TC 59 -41.61 30.94 -117.84
CA PRO TC 59 -42.65 31.32 -116.88
C PRO TC 59 -43.81 30.34 -116.79
N THR TC 60 -43.50 29.04 -116.78
CA THR TC 60 -44.52 28.04 -116.50
C THR TC 60 -44.08 27.18 -115.31
N THR TC 61 -42.84 26.69 -115.35
CA THR TC 61 -42.29 25.89 -114.27
C THR TC 61 -41.24 26.63 -113.46
N GLY TC 62 -40.83 27.81 -113.90
CA GLY TC 62 -39.91 28.60 -113.12
C GLY TC 62 -38.53 28.01 -112.93
N VAL TC 63 -38.00 27.32 -113.94
CA VAL TC 63 -36.62 26.86 -113.91
C VAL TC 63 -35.78 27.88 -114.65
N LEU TC 64 -34.64 28.24 -114.07
CA LEU TC 64 -33.78 29.25 -114.64
C LEU TC 64 -33.11 28.69 -115.88
N ILE TC 65 -33.34 29.33 -117.02
CA ILE TC 65 -32.67 28.90 -118.26
C ILE TC 65 -31.22 29.36 -118.25
N GLY TC 66 -30.96 30.61 -117.88
CA GLY TC 66 -29.60 31.10 -117.86
C GLY TC 66 -29.52 32.55 -117.40
N ILE TC 67 -28.32 32.93 -116.99
CA ILE TC 67 -28.01 34.28 -116.55
C ILE TC 67 -26.74 34.74 -117.26
N VAL TC 68 -26.75 35.97 -117.76
CA VAL TC 68 -25.54 36.64 -118.24
C VAL TC 68 -25.38 37.93 -117.46
N ASN TC 69 -24.22 38.11 -116.85
CA ASN TC 69 -23.97 39.18 -115.90
C ASN TC 69 -22.78 40.00 -116.34
N VAL TC 70 -22.92 41.32 -116.34
CA VAL TC 70 -21.82 42.24 -116.64
C VAL TC 70 -21.55 43.04 -115.37
N SER TC 71 -20.47 42.71 -114.68
CA SER TC 71 -20.10 43.36 -113.44
C SER TC 71 -18.87 44.23 -113.64
N SER TC 72 -18.82 45.34 -112.93
CA SER TC 72 -17.68 46.23 -112.96
C SER TC 72 -17.25 46.54 -111.53
N SER TC 73 -15.95 46.57 -111.32
CA SER TC 73 -15.36 46.96 -110.03
C SER TC 73 -14.20 47.90 -110.36
N ILE TC 74 -14.47 49.19 -110.35
CA ILE TC 74 -13.50 50.21 -110.74
C ILE TC 74 -13.23 51.11 -109.55
N ARG TC 75 -11.96 51.49 -109.37
CA ARG TC 75 -11.60 52.42 -108.31
C ARG TC 75 -12.37 53.72 -108.48
N ALA TC 76 -12.79 54.29 -107.35
CA ALA TC 76 -13.49 55.57 -107.39
C ALA TC 76 -12.61 56.66 -107.97
N ASP TC 77 -11.31 56.59 -107.74
CA ASP TC 77 -10.38 57.58 -108.28
C ASP TC 77 -10.00 57.32 -109.73
N ALA TC 78 -10.37 56.17 -110.28
CA ALA TC 78 -9.91 55.79 -111.60
C ALA TC 78 -10.39 56.78 -112.66
N THR TC 79 -9.48 57.16 -113.53
CA THR TC 79 -9.77 58.15 -114.55
C THR TC 79 -10.80 57.62 -115.54
N ALA TC 80 -11.51 58.55 -116.18
CA ALA TC 80 -12.47 58.17 -117.20
C ALA TC 80 -11.80 57.48 -118.37
N ALA TC 81 -10.51 57.74 -118.59
CA ALA TC 81 -9.78 57.02 -119.63
C ALA TC 81 -9.69 55.54 -119.31
N ASP TC 82 -9.35 55.20 -118.06
CA ASP TC 82 -9.28 53.79 -117.67
C ASP TC 82 -10.64 53.13 -117.80
N LYS TC 83 -11.70 53.82 -117.37
CA LYS TC 83 -13.05 53.25 -117.42
C LYS TC 83 -13.51 53.05 -118.85
N THR TC 84 -13.29 54.04 -119.72
CA THR TC 84 -13.66 53.89 -121.12
C THR TC 84 -12.84 52.79 -121.80
N ALA TC 85 -11.56 52.68 -121.47
CA ALA TC 85 -10.75 51.61 -122.05
C ALA TC 85 -11.24 50.25 -121.60
N LEU TC 86 -11.61 50.12 -120.33
CA LEU TC 86 -12.15 48.86 -119.83
C LEU TC 86 -13.42 48.49 -120.58
N MET TC 87 -14.34 49.44 -120.74
CA MET TC 87 -15.57 49.13 -121.45
C MET TC 87 -15.30 48.79 -122.91
N ALA TC 88 -14.40 49.54 -123.55
CA ALA TC 88 -14.11 49.29 -124.96
C ALA TC 88 -13.49 47.92 -125.16
N ILE TC 89 -12.56 47.53 -124.29
CA ILE TC 89 -11.93 46.21 -124.40
C ILE TC 89 -12.98 45.13 -124.18
N ILE TC 90 -13.82 45.26 -123.16
CA ILE TC 90 -14.75 44.18 -122.88
C ILE TC 90 -15.80 44.06 -123.97
N THR TC 91 -16.27 45.19 -124.51
CA THR TC 91 -17.25 45.14 -125.58
C THR TC 91 -16.64 44.58 -126.86
N ALA TC 92 -15.39 44.93 -127.15
CA ALA TC 92 -14.71 44.36 -128.31
C ALA TC 92 -14.54 42.86 -128.16
N ALA TC 93 -14.19 42.41 -126.95
CA ALA TC 93 -14.04 40.98 -126.70
C ALA TC 93 -15.37 40.25 -126.84
N GLN TC 94 -16.46 40.86 -126.34
CA GLN TC 94 -17.76 40.23 -126.49
C GLN TC 94 -18.19 40.14 -127.95
N ALA TC 95 -17.96 41.20 -128.73
CA ALA TC 95 -18.29 41.17 -130.14
C ALA TC 95 -17.49 40.12 -130.90
N ASP TC 96 -16.31 39.78 -130.40
CA ASP TC 96 -15.48 38.76 -131.02
C ASP TC 96 -16.12 37.38 -130.84
N GLY TC 97 -15.85 36.49 -131.80
CA GLY TC 97 -16.45 35.17 -131.78
C GLY TC 97 -15.97 34.28 -130.66
N ALA TC 98 -14.83 34.60 -130.05
CA ALA TC 98 -14.32 33.78 -128.96
C ALA TC 98 -15.31 33.74 -127.79
N TRP TC 99 -15.89 34.89 -127.43
CA TRP TC 99 -16.90 34.91 -126.38
C TRP TC 99 -18.15 34.14 -126.82
N THR TC 100 -18.53 34.29 -128.08
CA THR TC 100 -19.71 33.60 -128.60
C THR TC 100 -19.56 32.09 -128.49
N GLU TC 101 -18.35 31.56 -128.69
CA GLU TC 101 -18.12 30.13 -128.54
C GLU TC 101 -17.88 29.71 -127.10
N LEU TC 102 -17.24 30.55 -126.29
CA LEU TC 102 -17.10 30.25 -124.87
C LEU TC 102 -18.46 30.05 -124.23
N VAL TC 103 -19.40 30.92 -124.54
CA VAL TC 103 -20.80 30.58 -124.32
C VAL TC 103 -21.26 29.66 -125.43
N THR TC 104 -22.23 28.80 -125.14
CA THR TC 104 -22.82 27.88 -126.12
C THR TC 104 -21.87 26.76 -126.54
N ASP TC 105 -20.59 26.83 -126.18
CA ASP TC 105 -19.69 25.72 -126.49
C ASP TC 105 -18.73 25.37 -125.37
N GLN TC 106 -18.53 26.24 -124.39
CA GLN TC 106 -17.47 26.11 -123.41
C GLN TC 106 -16.12 25.90 -124.10
N ARG TC 107 -15.90 26.66 -125.17
CA ARG TC 107 -14.70 26.57 -125.98
C ARG TC 107 -13.74 27.70 -125.61
N LEU TC 108 -12.58 27.34 -125.11
CA LEU TC 108 -11.56 28.34 -124.80
C LEU TC 108 -10.85 28.80 -126.07
N PRO TC 109 -10.39 30.05 -126.10
CA PRO TC 109 -9.66 30.54 -127.27
C PRO TC 109 -8.27 29.96 -127.34
N LEU TC 110 -8.16 28.68 -127.71
CA LEU TC 110 -6.88 28.04 -127.91
C LEU TC 110 -6.87 27.08 -129.10
N ALA TC 111 -7.93 27.03 -129.89
CA ALA TC 111 -7.98 26.12 -131.03
C ALA TC 111 -7.05 26.59 -132.13
N THR TC 112 -6.41 25.63 -132.80
CA THR TC 112 -5.51 25.93 -133.91
C THR TC 112 -6.23 26.06 -135.24
N VAL TC 113 -7.54 25.81 -135.27
CA VAL TC 113 -8.37 25.90 -136.49
C VAL TC 113 -7.85 24.95 -137.57
N SER UC 1 -37.08 90.08 -90.40
CA SER UC 1 -37.01 91.52 -90.18
C SER UC 1 -38.39 92.15 -90.10
N LYS UC 2 -39.01 92.38 -91.25
CA LYS UC 2 -40.27 93.09 -91.32
C LYS UC 2 -41.24 92.28 -92.16
N VAL UC 3 -42.32 92.92 -92.59
CA VAL UC 3 -43.56 92.27 -93.06
C VAL UC 3 -43.28 91.09 -93.98
N PHE UC 4 -43.80 89.93 -93.59
CA PHE UC 4 -43.70 88.69 -94.34
C PHE UC 4 -45.10 88.13 -94.50
N ASN UC 5 -45.47 87.82 -95.74
CA ASN UC 5 -46.79 87.24 -96.02
C ASN UC 5 -47.89 88.13 -95.44
N THR UC 6 -47.73 89.45 -95.64
CA THR UC 6 -48.65 90.49 -95.19
C THR UC 6 -48.81 90.55 -93.68
N GLN UC 7 -47.99 89.85 -92.91
CA GLN UC 7 -48.02 89.94 -91.47
C GLN UC 7 -46.82 90.74 -90.99
N THR UC 8 -47.04 91.60 -89.99
CA THR UC 8 -45.98 92.42 -89.43
C THR UC 8 -45.30 91.65 -88.31
N PHE UC 9 -44.00 91.44 -88.44
CA PHE UC 9 -43.20 90.77 -87.41
C PHE UC 9 -42.34 91.83 -86.73
N ASP UC 10 -42.59 92.04 -85.45
CA ASP UC 10 -41.81 92.98 -84.66
C ASP UC 10 -40.88 92.21 -83.73
N ILE UC 11 -39.74 92.81 -83.42
CA ILE UC 11 -38.77 92.12 -82.57
C ILE UC 11 -39.41 91.85 -81.22
N TYR UC 12 -39.39 90.58 -80.81
CA TYR UC 12 -39.87 90.18 -79.50
C TYR UC 12 -38.77 90.06 -78.48
N SER UC 13 -37.60 89.57 -78.88
CA SER UC 13 -36.51 89.40 -77.95
C SER UC 13 -35.20 89.40 -78.72
N THR UC 14 -34.18 89.96 -78.10
CA THR UC 14 -32.84 89.91 -78.69
C THR UC 14 -31.92 89.23 -77.72
N GLU UC 15 -31.13 88.29 -78.23
CA GLU UC 15 -30.20 87.49 -77.45
C GLU UC 15 -28.81 87.63 -78.06
N LYS UC 16 -27.81 87.07 -77.37
CA LYS UC 16 -26.45 87.06 -77.87
C LYS UC 16 -26.39 86.51 -79.29
N ASP UC 17 -26.98 85.34 -79.52
CA ASP UC 17 -26.96 84.69 -80.81
C ASP UC 17 -28.36 84.38 -81.34
N VAL UC 18 -29.41 84.95 -80.74
CA VAL UC 18 -30.78 84.69 -81.16
C VAL UC 18 -31.52 86.01 -81.27
N VAL UC 19 -32.34 86.14 -82.30
CA VAL UC 19 -33.26 87.26 -82.45
C VAL UC 19 -34.63 86.69 -82.76
N SER UC 20 -35.63 87.06 -81.98
CA SER UC 20 -36.98 86.54 -82.11
C SER UC 20 -37.95 87.66 -82.40
N LEU UC 21 -38.74 87.49 -83.44
CA LEU UC 21 -39.78 88.42 -83.86
C LEU UC 21 -41.14 87.76 -83.69
N ARG UC 22 -42.12 88.56 -83.29
CA ARG UC 22 -43.46 88.06 -83.08
C ARG UC 22 -44.43 88.88 -83.92
N ASP UC 23 -45.47 88.22 -84.41
CA ASP UC 23 -46.48 88.93 -85.19
C ASP UC 23 -47.19 89.99 -84.36
N PHE UC 24 -47.58 89.64 -83.13
CA PHE UC 24 -48.24 90.54 -82.18
C PHE UC 24 -49.63 90.92 -82.62
N ALA UC 25 -50.03 90.48 -83.82
CA ALA UC 25 -51.38 90.67 -84.32
C ALA UC 25 -52.21 89.40 -84.20
N ASN UC 26 -51.75 88.30 -84.79
CA ASN UC 26 -52.38 87.01 -84.53
C ASN UC 26 -51.86 86.38 -83.24
N ASP UC 27 -50.75 86.88 -82.70
CA ASP UC 27 -50.16 86.38 -81.46
C ASP UC 27 -49.93 84.88 -81.51
N LYS UC 28 -49.57 84.37 -82.69
CA LYS UC 28 -49.40 82.94 -82.86
C LYS UC 28 -48.14 82.57 -83.65
N ASP UC 29 -47.48 83.52 -84.29
CA ASP UC 29 -46.32 83.26 -85.13
C ASP UC 29 -45.07 83.85 -84.51
N THR UC 30 -44.00 83.07 -84.47
CA THR UC 30 -42.70 83.52 -83.99
C THR UC 30 -41.62 83.16 -85.00
N LEU UC 31 -40.83 84.14 -85.39
CA LEU UC 31 -39.73 83.94 -86.33
C LEU UC 31 -38.41 84.12 -85.58
N ALA UC 32 -37.58 83.09 -85.57
CA ALA UC 32 -36.34 83.08 -84.82
C ALA UC 32 -35.15 82.96 -85.77
N TYR UC 33 -34.18 83.84 -85.58
CA TYR UC 33 -32.87 83.80 -86.22
C TYR UC 33 -31.88 83.30 -85.17
N LYS UC 34 -31.27 82.16 -85.43
CA LYS UC 34 -30.32 81.52 -84.52
C LYS UC 34 -28.95 81.47 -85.19
N ARG UC 35 -27.92 81.76 -84.40
CA ARG UC 35 -26.55 81.88 -84.88
C ARG UC 35 -25.67 80.91 -84.11
N LEU UC 36 -24.63 80.39 -84.76
CA LEU UC 36 -23.66 79.53 -84.07
C LEU UC 36 -22.35 79.57 -84.83
N ALA UC 37 -21.33 80.17 -84.23
CA ALA UC 37 -20.05 80.33 -84.91
C ALA UC 37 -19.37 78.97 -85.12
N PRO UC 38 -18.61 78.82 -86.20
CA PRO UC 38 -17.86 77.57 -86.39
C PRO UC 38 -16.77 77.41 -85.34
N LYS UC 39 -16.58 76.17 -84.91
CA LYS UC 39 -15.58 75.87 -83.89
C LYS UC 39 -14.41 75.13 -84.54
N ARG UC 40 -13.20 75.67 -84.35
CA ARG UC 40 -11.98 75.07 -84.87
C ARG UC 40 -11.51 74.01 -83.88
N THR UC 41 -12.34 72.97 -83.73
CA THR UC 41 -12.02 71.87 -82.82
C THR UC 41 -10.88 71.01 -83.33
N LYS UC 42 -10.44 71.24 -84.56
CA LYS UC 42 -9.39 70.48 -85.19
C LYS UC 42 -8.74 71.36 -86.25
N ASP UC 43 -8.00 70.75 -87.15
CA ASP UC 43 -7.44 71.47 -88.29
C ASP UC 43 -8.53 72.19 -89.06
N SER UC 44 -9.69 71.55 -89.19
CA SER UC 44 -10.82 72.14 -89.89
C SER UC 44 -11.29 73.39 -89.17
N PRO UC 45 -11.64 74.46 -89.90
CA PRO UC 45 -12.08 75.69 -89.23
C PRO UC 45 -13.47 75.58 -88.61
N GLY UC 46 -14.16 74.47 -88.78
CA GLY UC 46 -15.47 74.30 -88.20
C GLY UC 46 -16.60 74.64 -89.14
N MET UC 47 -17.82 74.37 -88.68
CA MET UC 47 -19.02 74.57 -89.47
C MET UC 47 -19.86 75.67 -88.84
N ALA UC 48 -20.20 76.69 -89.62
CA ALA UC 48 -20.97 77.82 -89.14
C ALA UC 48 -22.45 77.48 -89.25
N LYS UC 49 -23.12 77.36 -88.11
CA LYS UC 49 -24.52 77.00 -88.06
C LYS UC 49 -25.40 78.24 -88.11
N SER UC 50 -26.40 78.20 -88.99
CA SER UC 50 -27.43 79.23 -89.02
C SER UC 50 -28.78 78.54 -88.88
N GLU UC 51 -29.77 79.30 -88.45
CA GLU UC 51 -31.12 78.75 -88.35
C GLU UC 51 -32.14 79.87 -88.52
N LEU UC 52 -33.15 79.61 -89.34
CA LEU UC 52 -34.28 80.52 -89.51
C LEU UC 52 -35.54 79.70 -89.37
N LYS UC 53 -36.30 79.91 -88.31
CA LYS UC 53 -37.46 79.07 -88.07
C LYS UC 53 -38.70 79.91 -87.82
N ILE UC 54 -39.84 79.40 -88.27
CA ILE UC 54 -41.15 79.97 -88.00
C ILE UC 54 -41.94 78.95 -87.19
N THR UC 55 -42.46 79.38 -86.06
CA THR UC 55 -43.22 78.52 -85.17
C THR UC 55 -44.61 79.10 -84.97
N ARG UC 56 -45.62 78.25 -85.14
CA ARG UC 56 -47.00 78.65 -84.94
C ARG UC 56 -47.54 77.92 -83.71
N VAL UC 57 -48.05 78.67 -82.76
CA VAL UC 57 -48.64 78.12 -81.55
C VAL UC 57 -50.05 78.68 -81.42
N ASP UC 58 -51.00 77.81 -81.15
CA ASP UC 58 -52.37 78.27 -81.09
C ASP UC 58 -52.58 79.14 -79.85
N PRO UC 59 -52.95 80.41 -80.01
CA PRO UC 59 -52.92 81.33 -78.87
C PRO UC 59 -54.19 81.34 -78.03
N THR UC 60 -54.78 80.19 -77.74
CA THR UC 60 -55.81 80.13 -76.71
C THR UC 60 -55.51 79.02 -75.70
N THR UC 61 -54.98 77.90 -76.18
CA THR UC 61 -54.53 76.81 -75.32
C THR UC 61 -53.04 76.52 -75.44
N GLY UC 62 -52.37 77.05 -76.46
CA GLY UC 62 -50.94 76.88 -76.58
C GLY UC 62 -50.48 75.58 -77.21
N VAL UC 63 -51.23 75.07 -78.20
CA VAL UC 63 -50.84 73.85 -78.90
C VAL UC 63 -50.04 74.21 -80.14
N LEU UC 64 -48.87 73.60 -80.29
CA LEU UC 64 -47.99 73.84 -81.42
C LEU UC 64 -48.65 73.36 -82.70
N ILE UC 65 -49.05 74.28 -83.56
CA ILE UC 65 -49.62 73.90 -84.85
C ILE UC 65 -48.56 73.32 -85.77
N GLY UC 66 -47.42 74.00 -85.89
CA GLY UC 66 -46.40 73.52 -86.80
C GLY UC 66 -45.16 74.38 -86.72
N ILE UC 67 -44.07 73.82 -87.24
CA ILE UC 67 -42.79 74.49 -87.34
C ILE UC 67 -42.20 74.22 -88.71
N VAL UC 68 -41.75 75.27 -89.39
CA VAL UC 68 -40.90 75.15 -90.56
C VAL UC 68 -39.57 75.78 -90.22
N ASN UC 69 -38.49 75.02 -90.33
CA ASN UC 69 -37.17 75.45 -89.92
C ASN UC 69 -36.20 75.33 -91.09
N VAL UC 70 -35.42 76.38 -91.32
CA VAL UC 70 -34.36 76.37 -92.32
C VAL UC 70 -33.04 76.47 -91.55
N SER UC 71 -32.23 75.43 -91.64
CA SER UC 71 -30.95 75.37 -90.95
C SER UC 71 -29.83 75.24 -91.96
N SER UC 72 -28.69 75.83 -91.64
CA SER UC 72 -27.50 75.76 -92.48
C SER UC 72 -26.31 75.28 -91.66
N SER UC 73 -25.50 74.42 -92.26
CA SER UC 73 -24.27 73.95 -91.65
C SER UC 73 -23.22 73.99 -92.77
N ILE UC 74 -22.51 75.10 -92.86
CA ILE UC 74 -21.56 75.35 -93.93
C ILE UC 74 -20.17 75.48 -93.32
N ARG UC 75 -19.18 74.91 -94.00
CA ARG UC 75 -17.79 75.02 -93.57
C ARG UC 75 -17.41 76.49 -93.42
N ALA UC 76 -16.63 76.79 -92.38
CA ALA UC 76 -16.17 78.15 -92.17
C ALA UC 76 -15.32 78.64 -93.34
N ASP UC 77 -14.61 77.73 -94.01
CA ASP UC 77 -13.79 78.09 -95.15
C ASP UC 77 -14.52 78.06 -96.47
N ALA UC 78 -15.78 77.62 -96.49
CA ALA UC 78 -16.49 77.45 -97.75
C ALA UC 78 -16.63 78.78 -98.48
N THR UC 79 -16.43 78.74 -99.78
CA THR UC 79 -16.43 79.95 -100.59
C THR UC 79 -17.83 80.55 -100.65
N ALA UC 80 -17.88 81.86 -100.87
CA ALA UC 80 -19.15 82.54 -101.05
C ALA UC 80 -19.92 81.99 -102.24
N ALA UC 81 -19.21 81.47 -103.24
CA ALA UC 81 -19.87 80.80 -104.35
C ALA UC 81 -20.61 79.56 -103.87
N ASP UC 82 -19.99 78.77 -102.99
CA ASP UC 82 -20.66 77.60 -102.45
C ASP UC 82 -21.92 77.98 -101.69
N LYS UC 83 -21.83 79.02 -100.85
CA LYS UC 83 -22.98 79.43 -100.06
C LYS UC 83 -24.08 79.98 -100.93
N THR UC 84 -23.74 80.78 -101.93
CA THR UC 84 -24.74 81.29 -102.85
C THR UC 84 -25.41 80.16 -103.62
N ALA UC 85 -24.62 79.19 -104.07
CA ALA UC 85 -25.18 78.06 -104.80
C ALA UC 85 -26.11 77.24 -103.92
N LEU UC 86 -25.72 76.98 -102.68
CA LEU UC 86 -26.57 76.23 -101.76
C LEU UC 86 -27.89 76.96 -101.53
N MET UC 87 -27.81 78.26 -101.26
CA MET UC 87 -29.02 79.04 -101.01
C MET UC 87 -29.91 79.08 -102.24
N ALA UC 88 -29.32 79.25 -103.43
CA ALA UC 88 -30.12 79.31 -104.66
C ALA UC 88 -30.78 77.97 -104.97
N ILE UC 89 -30.04 76.87 -104.79
CA ILE UC 89 -30.61 75.55 -105.03
C ILE UC 89 -31.78 75.30 -104.08
N ILE UC 90 -31.58 75.57 -102.79
CA ILE UC 90 -32.65 75.29 -101.84
C ILE UC 90 -33.85 76.21 -102.08
N THR UC 91 -33.62 77.46 -102.45
CA THR UC 91 -34.73 78.36 -102.73
C THR UC 91 -35.51 77.92 -103.96
N ALA UC 92 -34.80 77.49 -105.01
CA ALA UC 92 -35.47 76.99 -106.20
C ALA UC 92 -36.26 75.72 -105.91
N ALA UC 93 -35.69 74.83 -105.09
CA ALA UC 93 -36.41 73.62 -104.72
C ALA UC 93 -37.67 73.93 -103.93
N GLN UC 94 -37.58 74.89 -102.99
CA GLN UC 94 -38.77 75.30 -102.26
C GLN UC 94 -39.81 75.92 -103.17
N ALA UC 95 -39.36 76.71 -104.15
CA ALA UC 95 -40.29 77.27 -105.12
C ALA UC 95 -40.93 76.21 -106.00
N ASP UC 96 -40.26 75.07 -106.18
CA ASP UC 96 -40.83 73.96 -106.93
C ASP UC 96 -41.99 73.34 -106.15
N GLY UC 97 -42.92 72.73 -106.89
CA GLY UC 97 -44.12 72.20 -106.27
C GLY UC 97 -43.91 70.91 -105.51
N ALA UC 98 -42.79 70.22 -105.75
CA ALA UC 98 -42.51 69.00 -105.01
C ALA UC 98 -42.42 69.27 -103.52
N TRP UC 99 -41.88 70.42 -103.13
CA TRP UC 99 -41.87 70.79 -101.72
C TRP UC 99 -43.27 71.09 -101.23
N THR UC 100 -44.08 71.78 -102.03
CA THR UC 100 -45.44 72.11 -101.63
C THR UC 100 -46.30 70.86 -101.52
N GLU UC 101 -45.86 69.74 -102.09
CA GLU UC 101 -46.54 68.48 -101.89
C GLU UC 101 -45.97 67.68 -100.72
N LEU UC 102 -44.65 67.66 -100.58
CA LEU UC 102 -44.01 67.03 -99.43
C LEU UC 102 -44.56 67.58 -98.14
N VAL UC 103 -44.64 68.90 -98.04
CA VAL UC 103 -45.47 69.54 -97.04
C VAL UC 103 -46.89 69.53 -97.54
N THR UC 104 -47.84 69.35 -96.63
CA THR UC 104 -49.29 69.31 -96.88
C THR UC 104 -49.78 68.01 -97.50
N ASP UC 105 -48.88 67.14 -97.97
CA ASP UC 105 -49.35 65.84 -98.43
C ASP UC 105 -48.45 64.67 -98.08
N GLN UC 106 -47.20 64.91 -97.68
CA GLN UC 106 -46.20 63.86 -97.53
C GLN UC 106 -46.04 63.09 -98.83
N ARG UC 107 -46.07 63.83 -99.94
CA ARG UC 107 -45.95 63.25 -101.28
C ARG UC 107 -44.53 63.42 -101.77
N LEU UC 108 -43.88 62.35 -102.02
CA LEU UC 108 -42.51 62.34 -102.52
C LEU UC 108 -42.48 62.53 -104.02
N PRO UC 109 -41.40 63.08 -104.55
CA PRO UC 109 -41.29 63.22 -106.00
C PRO UC 109 -40.98 61.90 -106.69
N LEU UC 110 -41.91 60.95 -106.60
CA LEU UC 110 -41.78 59.68 -107.28
C LEU UC 110 -43.07 59.24 -107.97
N ALA UC 111 -44.18 59.93 -107.74
CA ALA UC 111 -45.43 59.57 -108.40
C ALA UC 111 -45.31 59.76 -109.92
N THR UC 112 -45.96 58.87 -110.67
CA THR UC 112 -45.90 58.91 -112.13
C THR UC 112 -46.92 59.86 -112.74
N VAL UC 113 -47.79 60.45 -111.94
CA VAL UC 113 -48.82 61.38 -112.40
C VAL UC 113 -49.77 60.71 -113.40
N SER VC 1 24.29 117.63 -57.76
CA SER VC 1 24.04 117.76 -59.19
C SER VC 1 25.33 118.06 -59.94
N LYS VC 2 25.98 119.15 -59.58
CA LYS VC 2 27.19 119.60 -60.27
C LYS VC 2 28.14 120.17 -59.20
N VAL VC 3 29.11 120.97 -59.64
CA VAL VC 3 30.20 121.44 -58.79
C VAL VC 3 29.71 122.02 -57.47
N PHE VC 4 30.13 121.40 -56.37
CA PHE VC 4 29.82 121.85 -55.02
C PHE VC 4 31.10 121.85 -54.21
N ASN VC 5 31.35 122.93 -53.47
CA ASN VC 5 32.56 123.08 -52.68
C ASN VC 5 33.79 122.89 -53.57
N THR VC 6 33.71 123.45 -54.77
CA THR VC 6 34.74 123.38 -55.80
C THR VC 6 35.08 121.95 -56.21
N GLN VC 7 34.17 121.00 -56.06
CA GLN VC 7 34.37 119.64 -56.52
C GLN VC 7 33.27 119.26 -57.50
N THR VC 8 33.65 118.59 -58.59
CA THR VC 8 32.71 118.23 -59.65
C THR VC 8 32.10 116.88 -59.34
N PHE VC 9 30.78 116.85 -59.17
CA PHE VC 9 30.06 115.62 -58.90
C PHE VC 9 29.32 115.21 -60.18
N ASP VC 10 29.72 114.06 -60.73
CA ASP VC 10 29.09 113.49 -61.91
C ASP VC 10 28.31 112.25 -61.53
N ILE VC 11 27.27 111.97 -62.30
CA ILE VC 11 26.39 110.85 -61.98
C ILE VC 11 27.17 109.55 -62.07
N TYR VC 12 27.12 108.76 -61.00
CA TYR VC 12 27.67 107.42 -61.03
C TYR VC 12 26.61 106.35 -61.17
N SER VC 13 25.42 106.56 -60.60
CA SER VC 13 24.43 105.50 -60.61
C SER VC 13 23.04 106.11 -60.54
N THR VC 14 22.09 105.42 -61.16
CA THR VC 14 20.70 105.86 -61.15
C THR VC 14 19.80 104.67 -60.86
N GLU VC 15 19.01 104.78 -59.81
CA GLU VC 15 18.03 103.78 -59.45
C GLU VC 15 16.64 104.30 -59.74
N LYS VC 16 15.63 103.54 -59.33
CA LYS VC 16 14.26 104.01 -59.43
C LYS VC 16 14.06 105.25 -58.59
N ASP VC 17 14.65 105.28 -57.40
CA ASP VC 17 14.43 106.38 -56.47
C ASP VC 17 15.73 106.91 -55.86
N VAL VC 18 16.89 106.48 -56.34
CA VAL VC 18 18.16 107.01 -55.86
C VAL VC 18 19.00 107.43 -57.05
N VAL VC 19 19.61 108.61 -56.96
CA VAL VC 19 20.66 109.03 -57.87
C VAL VC 19 21.91 109.22 -57.03
N SER VC 20 23.01 108.59 -57.46
CA SER VC 20 24.30 108.70 -56.79
C SER VC 20 25.28 109.37 -57.73
N LEU VC 21 25.97 110.39 -57.21
CA LEU VC 21 27.00 111.11 -57.92
C LEU VC 21 28.31 110.95 -57.17
N ARG VC 22 29.41 110.95 -57.90
CA ARG VC 22 30.73 110.82 -57.32
C ARG VC 22 31.62 111.95 -57.83
N ASP VC 23 32.68 112.23 -57.08
CA ASP VC 23 33.61 113.27 -57.51
C ASP VC 23 34.46 112.79 -58.69
N PHE VC 24 34.98 111.57 -58.60
CA PHE VC 24 35.81 110.96 -59.65
C PHE VC 24 37.15 111.67 -59.76
N ALA VC 25 37.33 112.75 -58.99
CA ALA VC 25 38.61 113.45 -58.93
C ALA VC 25 39.39 113.08 -57.68
N ASN VC 26 38.80 113.28 -56.50
CA ASN VC 26 39.41 112.79 -55.27
C ASN VC 26 38.93 111.39 -54.91
N ASP VC 27 37.91 110.88 -55.58
CA ASP VC 27 37.44 109.50 -55.43
C ASP VC 27 37.13 109.17 -53.96
N LYS VC 28 36.61 110.14 -53.23
CA LYS VC 28 36.29 109.92 -51.82
C LYS VC 28 34.91 110.40 -51.42
N ASP VC 29 34.21 111.14 -52.27
CA ASP VC 29 32.92 111.73 -51.93
C ASP VC 29 31.83 111.14 -52.80
N THR VC 30 30.71 110.79 -52.17
CA THR VC 30 29.52 110.36 -52.89
C THR VC 30 28.32 111.15 -52.38
N LEU VC 31 27.58 111.75 -53.30
CA LEU VC 31 26.38 112.51 -52.99
C LEU VC 31 25.17 111.75 -53.52
N ALA VC 32 24.22 111.45 -52.64
CA ALA VC 32 23.04 110.67 -53.00
C ALA VC 32 21.78 111.47 -52.77
N TYR VC 33 20.91 111.48 -53.78
CA TYR VC 33 19.56 112.03 -53.72
C TYR VC 33 18.60 110.85 -53.72
N LYS VC 34 17.68 110.82 -52.78
CA LYS VC 34 16.89 109.64 -52.48
C LYS VC 34 15.45 110.06 -52.21
N ARG VC 35 14.51 109.25 -52.71
CA ARG VC 35 13.13 109.67 -52.93
C ARG VC 35 12.15 108.60 -52.47
N LEU VC 36 11.22 108.96 -51.58
CA LEU VC 36 10.11 108.07 -51.20
C LEU VC 36 8.80 108.83 -51.29
N ALA VC 37 8.00 108.54 -52.31
CA ALA VC 37 6.71 109.19 -52.48
C ALA VC 37 5.79 108.85 -51.30
N PRO VC 38 4.90 109.77 -50.93
CA PRO VC 38 3.99 109.50 -49.80
C PRO VC 38 3.01 108.39 -50.12
N LYS VC 39 2.63 107.65 -49.11
CA LYS VC 39 1.69 106.54 -49.26
C LYS VC 39 0.47 106.78 -48.38
N ARG VC 40 -0.71 106.77 -48.99
CA ARG VC 40 -1.97 107.02 -48.29
C ARG VC 40 -2.36 105.72 -47.59
N THR VC 41 -1.86 105.56 -46.37
CA THR VC 41 -2.17 104.41 -45.54
C THR VC 41 -3.39 104.63 -44.67
N LYS VC 42 -3.91 105.85 -44.63
CA LYS VC 42 -5.06 106.19 -43.80
C LYS VC 42 -5.69 107.44 -44.39
N ASP VC 43 -6.53 108.10 -43.58
CA ASP VC 43 -7.10 109.39 -43.97
C ASP VC 43 -6.00 110.40 -44.26
N SER VC 44 -4.82 110.21 -43.67
CA SER VC 44 -3.67 111.01 -44.03
C SER VC 44 -3.14 110.56 -45.40
N PRO VC 45 -2.71 111.49 -46.26
CA PRO VC 45 -2.16 111.11 -47.56
C PRO VC 45 -0.74 110.59 -47.51
N GLY VC 46 -0.12 110.49 -46.33
CA GLY VC 46 1.24 110.02 -46.21
C GLY VC 46 2.26 111.15 -46.24
N MET VC 47 3.49 110.80 -45.91
CA MET VC 47 4.59 111.75 -45.85
C MET VC 47 5.59 111.44 -46.94
N ALA VC 48 6.01 112.47 -47.67
CA ALA VC 48 6.99 112.34 -48.74
C ALA VC 48 8.39 112.47 -48.16
N LYS VC 49 9.18 111.41 -48.24
CA LYS VC 49 10.56 111.41 -47.78
C LYS VC 49 11.50 111.86 -48.88
N SER VC 50 12.39 112.78 -48.53
CA SER VC 50 13.55 113.11 -49.32
C SER VC 50 14.79 112.84 -48.49
N GLU VC 51 15.90 112.57 -49.18
CA GLU VC 51 17.14 112.30 -48.46
C GLU VC 51 18.30 112.77 -49.32
N LEU VC 52 19.19 113.55 -48.73
CA LEU VC 52 20.34 114.10 -49.45
C LEU VC 52 21.57 113.88 -48.59
N LYS VC 53 22.39 112.91 -48.97
CA LYS VC 53 23.51 112.52 -48.11
C LYS VC 53 24.82 112.72 -48.84
N ILE VC 54 25.82 113.21 -48.10
CA ILE VC 54 27.20 113.26 -48.57
C ILE VC 54 28.02 112.33 -47.70
N THR VC 55 28.69 111.38 -48.33
CA THR VC 55 29.52 110.41 -47.64
C THR VC 55 30.96 110.56 -48.11
N ARG VC 56 31.89 110.59 -47.15
CA ARG VC 56 33.31 110.64 -47.44
C ARG VC 56 33.96 109.35 -46.97
N VAL VC 57 34.65 108.68 -47.88
CA VAL VC 57 35.39 107.46 -47.56
C VAL VC 57 36.80 107.64 -48.11
N ASP VC 58 37.80 107.46 -47.25
CA ASP VC 58 39.15 107.67 -47.76
C ASP VC 58 39.51 106.57 -48.74
N PRO VC 59 40.10 106.90 -49.88
CA PRO VC 59 40.32 105.89 -50.92
C PRO VC 59 41.65 105.15 -50.79
N THR VC 60 42.02 104.73 -49.58
CA THR VC 60 43.20 103.90 -49.43
C THR VC 60 42.82 102.57 -48.77
N THR VC 61 42.03 102.63 -47.70
CA THR VC 61 41.49 101.46 -47.05
C THR VC 61 39.98 101.42 -47.06
N GLY VC 62 39.32 102.48 -47.52
CA GLY VC 62 37.88 102.50 -47.57
C GLY VC 62 37.19 102.81 -46.26
N VAL VC 63 37.90 103.39 -45.31
CA VAL VC 63 37.31 103.73 -44.01
C VAL VC 63 36.40 104.93 -44.19
N LEU VC 64 35.23 104.88 -43.57
CA LEU VC 64 34.26 105.95 -43.73
C LEU VC 64 34.61 107.07 -42.76
N ILE VC 65 35.03 108.21 -43.32
CA ILE VC 65 35.40 109.35 -42.50
C ILE VC 65 34.17 109.98 -41.85
N GLY VC 66 33.11 110.21 -42.61
CA GLY VC 66 31.93 110.82 -42.04
C GLY VC 66 30.82 110.96 -43.06
N ILE VC 67 29.61 111.10 -42.54
CA ILE VC 67 28.41 111.27 -43.34
C ILE VC 67 27.64 112.47 -42.81
N VAL VC 68 27.16 113.33 -43.71
CA VAL VC 68 26.20 114.37 -43.38
C VAL VC 68 24.96 114.14 -44.22
N ASN VC 69 23.80 114.05 -43.56
CA ASN VC 69 22.55 113.71 -44.22
C ASN VC 69 21.53 114.80 -43.98
N VAL VC 70 20.79 115.15 -45.03
CA VAL VC 70 19.67 116.08 -44.93
C VAL VC 70 18.42 115.32 -45.33
N SER VC 71 17.55 115.05 -44.36
CA SER VC 71 16.34 114.28 -44.59
C SER VC 71 15.11 115.12 -44.31
N SER VC 72 14.12 115.02 -45.18
CA SER VC 72 12.85 115.69 -44.98
C SER VC 72 11.73 114.66 -45.02
N SER VC 73 10.71 114.88 -44.21
CA SER VC 73 9.52 114.03 -44.17
C SER VC 73 8.34 114.99 -44.02
N ILE VC 74 7.65 115.26 -45.12
CA ILE VC 74 6.62 116.30 -45.18
C ILE VC 74 5.33 115.68 -45.67
N ARG VC 75 4.21 116.12 -45.08
CA ARG VC 75 2.89 115.65 -45.46
C ARG VC 75 2.63 115.90 -46.94
N ALA VC 76 1.94 114.94 -47.57
CA ALA VC 76 1.60 115.09 -48.98
C ALA VC 76 0.71 116.30 -49.20
N ASP VC 77 -0.24 116.54 -48.30
CA ASP VC 77 -1.14 117.68 -48.40
C ASP VC 77 -0.50 118.99 -47.98
N ALA VC 78 0.70 118.94 -47.43
CA ALA VC 78 1.31 120.14 -46.85
C ALA VC 78 1.50 121.22 -47.90
N THR VC 79 1.33 122.46 -47.46
CA THR VC 79 1.42 123.59 -48.38
C THR VC 79 2.86 123.85 -48.79
N ALA VC 80 3.01 124.50 -49.94
CA ALA VC 80 4.34 124.93 -50.36
C ALA VC 80 4.92 125.96 -49.40
N ALA VC 81 4.06 126.73 -48.74
CA ALA VC 81 4.53 127.67 -47.72
C ALA VC 81 5.18 126.94 -46.56
N ASP VC 82 4.57 125.84 -46.11
CA ASP VC 82 5.18 125.05 -45.03
C ASP VC 82 6.54 124.52 -45.43
N LYS VC 83 6.65 124.03 -46.67
CA LYS VC 83 7.91 123.43 -47.13
C LYS VC 83 8.98 124.50 -47.28
N THR VC 84 8.63 125.65 -47.84
CA THR VC 84 9.58 126.74 -47.96
C THR VC 84 10.04 127.22 -46.59
N ALA VC 85 9.11 127.32 -45.64
CA ALA VC 85 9.46 127.73 -44.29
C ALA VC 85 10.41 126.73 -43.64
N LEU VC 86 10.13 125.44 -43.79
CA LEU VC 86 11.00 124.43 -43.21
C LEU VC 86 12.40 124.51 -43.81
N MET VC 87 12.49 124.64 -45.13
CA MET VC 87 13.80 124.71 -45.76
C MET VC 87 14.55 125.97 -45.35
N ALA VC 88 13.87 127.11 -45.31
CA ALA VC 88 14.52 128.35 -44.89
C ALA VC 88 14.99 128.27 -43.44
N ILE VC 89 14.18 127.70 -42.54
CA ILE VC 89 14.58 127.63 -41.14
C ILE VC 89 15.79 126.73 -40.97
N ILE VC 90 15.76 125.54 -41.60
CA ILE VC 90 16.88 124.63 -41.43
C ILE VC 90 18.14 125.21 -42.09
N THR VC 91 17.99 125.92 -43.20
CA THR VC 91 19.14 126.51 -43.86
C THR VC 91 19.75 127.63 -43.01
N ALA VC 92 18.90 128.47 -42.42
CA ALA VC 92 19.40 129.54 -41.56
C ALA VC 92 20.08 128.96 -40.31
N ALA VC 93 19.52 127.89 -39.76
CA ALA VC 93 20.15 127.24 -38.61
C ALA VC 93 21.49 126.63 -38.99
N GLN VC 94 21.59 126.05 -40.18
CA GLN VC 94 22.88 125.52 -40.63
C GLN VC 94 23.90 126.63 -40.84
N ALA VC 95 23.47 127.77 -41.38
CA ALA VC 95 24.37 128.89 -41.56
C ALA VC 95 24.85 129.46 -40.24
N ASP VC 96 24.08 129.28 -39.17
CA ASP VC 96 24.50 129.72 -37.85
C ASP VC 96 25.69 128.90 -37.36
N GLY VC 97 26.52 129.53 -36.54
CA GLY VC 97 27.69 128.86 -35.99
C GLY VC 97 27.37 127.83 -34.94
N ALA VC 98 26.16 127.85 -34.39
CA ALA VC 98 25.76 126.84 -33.42
C ALA VC 98 25.82 125.45 -34.05
N TRP VC 99 25.35 125.32 -35.30
CA TRP VC 99 25.45 124.05 -36.00
C TRP VC 99 26.91 123.71 -36.30
N THR VC 100 27.71 124.71 -36.66
CA THR VC 100 29.11 124.47 -36.96
C THR VC 100 29.90 124.04 -35.73
N GLU VC 101 29.36 124.31 -34.54
CA GLU VC 101 29.95 123.80 -33.31
C GLU VC 101 29.39 122.44 -32.91
N LEU VC 102 28.07 122.27 -33.06
CA LEU VC 102 27.44 120.97 -32.85
C LEU VC 102 28.14 119.90 -33.66
N VAL VC 103 28.44 120.18 -34.91
CA VAL VC 103 29.36 119.36 -35.68
C VAL VC 103 30.76 119.86 -35.39
N THR VC 104 31.72 118.94 -35.33
CA THR VC 104 33.14 119.16 -35.04
C THR VC 104 33.44 119.45 -33.57
N ASP VC 105 32.44 119.71 -32.74
CA ASP VC 105 32.70 119.99 -31.33
C ASP VC 105 31.77 119.26 -30.37
N GLN VC 106 30.63 118.76 -30.82
CA GLN VC 106 29.61 118.19 -29.95
C GLN VC 106 29.21 119.21 -28.88
N ARG VC 107 29.01 120.44 -29.32
CA ARG VC 107 28.71 121.57 -28.45
C ARG VC 107 27.26 121.98 -28.67
N LEU VC 108 26.48 122.01 -27.60
CA LEU VC 108 25.10 122.48 -27.65
C LEU VC 108 25.06 124.01 -27.61
N PRO VC 109 24.00 124.62 -28.13
CA PRO VC 109 23.94 126.10 -28.17
C PRO VC 109 23.48 126.69 -26.85
N LEU VC 110 24.01 126.22 -25.75
CA LEU VC 110 23.62 126.68 -24.44
C LEU VC 110 24.75 127.32 -23.64
N ALA VC 111 25.93 127.44 -24.22
CA ALA VC 111 27.02 128.13 -23.55
C ALA VC 111 26.63 129.59 -23.27
N THR VC 112 27.18 130.15 -22.20
CA THR VC 112 26.96 131.54 -21.86
C THR VC 112 27.94 132.48 -22.56
N VAL VC 113 28.89 131.94 -23.33
CA VAL VC 113 29.86 132.71 -24.11
C VAL VC 113 30.78 133.54 -23.23
N SER WC 1 19.78 128.52 -32.59
CA SER WC 1 19.92 129.30 -31.38
C SER WC 1 18.91 130.45 -31.33
N LYS WC 2 19.04 131.39 -32.26
CA LYS WC 2 18.27 132.63 -32.22
C LYS WC 2 17.54 132.78 -33.56
N VAL WC 3 17.09 134.00 -33.84
CA VAL WC 3 16.19 134.28 -34.95
C VAL WC 3 16.65 133.66 -36.26
N PHE WC 4 15.81 132.80 -36.81
CA PHE WC 4 16.06 132.13 -38.08
C PHE WC 4 14.83 132.30 -38.96
N ASN WC 5 15.05 132.67 -40.22
CA ASN WC 5 13.97 132.91 -41.17
C ASN WC 5 12.97 133.92 -40.60
N THR WC 6 13.50 134.99 -40.02
CA THR WC 6 12.79 136.09 -39.38
C THR WC 6 11.99 135.66 -38.15
N GLN WC 7 12.08 134.41 -37.73
CA GLN WC 7 11.33 133.91 -36.59
C GLN WC 7 12.25 133.74 -35.39
N THR WC 8 11.81 134.25 -34.25
CA THR WC 8 12.57 134.17 -33.01
C THR WC 8 12.30 132.82 -32.36
N PHE WC 9 13.37 132.07 -32.13
CA PHE WC 9 13.28 130.76 -31.49
C PHE WC 9 13.82 130.88 -30.08
N ASP WC 10 12.93 130.83 -29.09
CA ASP WC 10 13.29 130.90 -27.69
C ASP WC 10 13.32 129.49 -27.11
N ILE WC 11 14.14 129.30 -26.08
CA ILE WC 11 14.42 127.96 -25.59
C ILE WC 11 13.15 127.33 -25.03
N TYR WC 12 12.86 126.11 -25.47
CA TYR WC 12 11.68 125.39 -25.03
C TYR WC 12 11.98 124.30 -24.03
N SER WC 13 13.12 123.63 -24.16
CA SER WC 13 13.54 122.61 -23.19
C SER WC 13 15.02 122.35 -23.36
N THR WC 14 15.65 121.84 -22.30
CA THR WC 14 17.05 121.46 -22.35
C THR WC 14 17.22 120.10 -21.71
N GLU WC 15 17.91 119.20 -22.41
CA GLU WC 15 18.18 117.85 -21.92
C GLU WC 15 19.68 117.64 -21.79
N LYS WC 16 20.04 116.39 -21.49
CA LYS WC 16 21.44 115.98 -21.49
C LYS WC 16 22.10 116.24 -22.83
N ASP WC 17 21.41 115.91 -23.92
CA ASP WC 17 22.00 115.98 -25.24
C ASP WC 17 21.13 116.71 -26.25
N VAL WC 18 19.97 117.21 -25.85
CA VAL WC 18 19.05 117.87 -26.75
C VAL WC 18 18.72 119.24 -26.18
N VAL WC 19 18.80 120.26 -27.02
CA VAL WC 19 18.31 121.59 -26.70
C VAL WC 19 17.24 121.94 -27.72
N SER WC 20 16.04 122.24 -27.25
CA SER WC 20 14.90 122.49 -28.10
C SER WC 20 14.43 123.92 -27.90
N LEU WC 21 14.23 124.62 -29.01
CA LEU WC 21 13.74 125.99 -29.04
C LEU WC 21 12.41 126.02 -29.76
N ARG WC 22 11.56 126.97 -29.37
CA ARG WC 22 10.26 127.14 -29.98
C ARG WC 22 10.11 128.58 -30.44
N ASP WC 23 9.29 128.79 -31.46
CA ASP WC 23 8.98 130.15 -31.89
C ASP WC 23 8.19 130.90 -30.82
N PHE WC 24 7.11 130.28 -30.32
CA PHE WC 24 6.21 130.85 -29.33
C PHE WC 24 5.38 131.99 -29.91
N ALA WC 25 5.68 132.37 -31.15
CA ALA WC 25 4.87 133.34 -31.89
C ALA WC 25 3.80 132.65 -32.73
N ASN WC 26 4.21 131.79 -33.65
CA ASN WC 26 3.26 130.92 -34.34
C ASN WC 26 3.04 129.61 -33.59
N ASP WC 27 3.84 129.34 -32.56
CA ASP WC 27 3.69 128.17 -31.70
C ASP WC 27 3.63 126.87 -32.48
N LYS WC 28 4.30 126.83 -33.62
CA LYS WC 28 4.21 125.67 -34.50
C LYS WC 28 5.57 125.09 -34.87
N ASP WC 29 6.67 125.80 -34.66
CA ASP WC 29 7.99 125.40 -35.11
C ASP WC 29 8.87 125.09 -33.91
N THR WC 30 9.56 123.96 -33.95
CA THR WC 30 10.47 123.55 -32.91
C THR WC 30 11.81 123.15 -33.53
N LEU WC 31 12.88 123.73 -33.03
CA LEU WC 31 14.23 123.50 -33.52
C LEU WC 31 15.04 122.79 -32.44
N ALA WC 32 15.56 121.61 -32.76
CA ALA WC 32 16.28 120.79 -31.79
C ALA WC 32 17.72 120.58 -32.24
N TYR WC 33 18.63 120.70 -31.29
CA TYR WC 33 20.05 120.38 -31.44
C TYR WC 33 20.34 119.17 -30.58
N LYS WC 34 20.84 118.11 -31.18
CA LYS WC 34 20.97 116.81 -30.53
C LYS WC 34 22.39 116.29 -30.71
N ARG WC 35 22.92 115.68 -29.67
CA ARG WC 35 24.33 115.38 -29.53
C ARG WC 35 24.54 113.95 -29.05
N LEU WC 36 25.45 113.23 -29.70
CA LEU WC 36 25.90 111.92 -29.21
C LEU WC 36 27.40 111.81 -29.39
N ALA WC 37 28.15 111.97 -28.30
CA ALA WC 37 29.60 111.90 -28.36
C ALA WC 37 30.05 110.51 -28.81
N PRO WC 38 31.20 110.42 -29.48
CA PRO WC 38 31.69 109.11 -29.93
C PRO WC 38 31.98 108.20 -28.76
N LYS WC 39 31.74 106.91 -28.96
CA LYS WC 39 32.01 105.89 -27.97
C LYS WC 39 33.08 104.96 -28.50
N ARG WC 40 34.15 104.78 -27.72
CA ARG WC 40 35.32 104.01 -28.14
C ARG WC 40 35.08 102.53 -27.82
N THR WC 41 34.18 101.93 -28.59
CA THR WC 41 33.82 100.54 -28.36
C THR WC 41 34.86 99.55 -28.90
N LYS WC 42 35.81 100.03 -29.69
CA LYS WC 42 36.86 99.20 -30.25
C LYS WC 42 38.07 100.08 -30.51
N ASP WC 43 38.99 99.60 -31.34
CA ASP WC 43 40.13 100.39 -31.77
C ASP WC 43 39.64 101.67 -32.45
N SER WC 44 38.43 101.63 -32.98
CA SER WC 44 37.80 102.83 -33.50
C SER WC 44 37.62 103.83 -32.37
N PRO WC 45 37.84 105.12 -32.60
CA PRO WC 45 37.50 106.14 -31.59
C PRO WC 45 36.02 106.42 -31.51
N GLY WC 46 35.20 105.70 -32.27
CA GLY WC 46 33.77 105.93 -32.30
C GLY WC 46 33.38 107.00 -33.30
N MET WC 47 32.07 107.19 -33.42
CA MET WC 47 31.52 108.20 -34.31
C MET WC 47 30.79 109.26 -33.50
N ALA WC 48 31.11 110.52 -33.78
CA ALA WC 48 30.42 111.65 -33.17
C ALA WC 48 29.16 111.92 -33.98
N LYS WC 49 28.00 111.77 -33.35
CA LYS WC 49 26.73 112.02 -34.00
C LYS WC 49 26.20 113.40 -33.60
N SER WC 50 25.70 114.13 -34.57
CA SER WC 50 24.95 115.34 -34.29
C SER WC 50 23.64 115.31 -35.07
N GLU WC 51 22.70 116.13 -34.65
CA GLU WC 51 21.41 116.22 -35.31
C GLU WC 51 20.85 117.61 -35.14
N LEU WC 52 20.37 118.20 -36.22
CA LEU WC 52 19.73 119.51 -36.19
C LEU WC 52 18.39 119.38 -36.90
N LYS WC 53 17.30 119.34 -36.14
CA LYS WC 53 16.00 119.06 -36.72
C LYS WC 53 15.04 120.22 -36.52
N ILE WC 54 14.24 120.50 -37.55
CA ILE WC 54 13.17 121.47 -37.48
C ILE WC 54 11.86 120.72 -37.69
N THR WC 55 10.91 120.94 -36.81
CA THR WC 55 9.61 120.28 -36.87
C THR WC 55 8.51 121.33 -36.87
N ARG WC 56 7.60 121.19 -37.81
CA ARG WC 56 6.42 122.03 -37.87
C ARG WC 56 5.20 121.17 -37.59
N VAL WC 57 4.38 121.58 -36.64
CA VAL WC 57 3.10 120.95 -36.37
C VAL WC 57 2.03 122.04 -36.38
N ASP WC 58 0.82 121.67 -36.72
CA ASP WC 58 -0.26 122.64 -36.65
C ASP WC 58 -0.72 122.74 -35.21
N PRO WC 59 -0.57 123.88 -34.54
CA PRO WC 59 -0.83 123.93 -33.10
C PRO WC 59 -2.29 124.15 -32.75
N THR WC 60 -3.19 123.50 -33.48
CA THR WC 60 -4.59 123.42 -33.05
C THR WC 60 -5.01 121.97 -32.96
N THR WC 61 -4.72 121.19 -34.00
CA THR WC 61 -5.06 119.78 -34.04
C THR WC 61 -3.85 118.88 -33.88
N GLY WC 62 -2.65 119.44 -33.78
CA GLY WC 62 -1.47 118.64 -33.55
C GLY WC 62 -1.11 117.71 -34.68
N VAL WC 63 -1.31 118.13 -35.92
CA VAL WC 63 -0.90 117.34 -37.08
C VAL WC 63 0.51 117.75 -37.48
N LEU WC 64 1.38 116.76 -37.67
CA LEU WC 64 2.75 117.02 -38.07
C LEU WC 64 2.76 117.44 -39.54
N ILE WC 65 3.07 118.70 -39.81
CA ILE WC 65 3.15 119.16 -41.19
C ILE WC 65 4.37 118.58 -41.88
N GLY WC 66 5.52 118.61 -41.22
CA GLY WC 66 6.72 118.07 -41.82
C GLY WC 66 7.94 118.28 -40.93
N ILE WC 67 8.98 117.51 -41.23
CA ILE WC 67 10.26 117.55 -40.53
C ILE WC 67 11.37 117.65 -41.55
N VAL WC 68 12.38 118.46 -41.24
CA VAL WC 68 13.65 118.47 -41.97
C VAL WC 68 14.76 118.28 -40.96
N ASN WC 69 15.63 117.31 -41.21
CA ASN WC 69 16.64 116.88 -40.27
C ASN WC 69 18.02 116.97 -40.91
N VAL WC 70 19.00 117.49 -40.17
CA VAL WC 70 20.38 117.52 -40.62
C VAL WC 70 21.20 116.71 -39.60
N SER WC 71 21.58 115.50 -39.99
CA SER WC 71 22.33 114.61 -39.11
C SER WC 71 23.74 114.44 -39.64
N SER WC 72 24.70 114.39 -38.74
CA SER WC 72 26.09 114.13 -39.09
C SER WC 72 26.60 112.94 -38.29
N SER WC 73 27.36 112.07 -38.95
CA SER WC 73 28.03 110.93 -38.32
C SER WC 73 29.47 110.98 -38.78
N ILE WC 74 30.32 111.67 -38.03
CA ILE WC 74 31.72 111.88 -38.38
C ILE WC 74 32.59 111.13 -37.39
N ARG WC 75 33.65 110.50 -37.89
CA ARG WC 75 34.58 109.78 -37.04
C ARG WC 75 35.21 110.74 -36.03
N ALA WC 76 35.42 110.23 -34.82
CA ALA WC 76 36.02 111.05 -33.77
C ALA WC 76 37.42 111.53 -34.17
N ASP WC 77 38.18 110.68 -34.86
CA ASP WC 77 39.52 111.03 -35.30
C ASP WC 77 39.52 111.86 -36.57
N ALA WC 78 38.38 112.02 -37.23
CA ALA WC 78 38.35 112.71 -38.52
C ALA WC 78 38.80 114.15 -38.36
N THR WC 79 39.70 114.56 -39.25
CA THR WC 79 40.28 115.88 -39.18
C THR WC 79 39.23 116.95 -39.48
N ALA WC 80 39.50 118.17 -39.02
CA ALA WC 80 38.59 119.27 -39.28
C ALA WC 80 38.49 119.56 -40.77
N ALA WC 81 39.49 119.15 -41.56
CA ALA WC 81 39.40 119.30 -43.00
C ALA WC 81 38.25 118.49 -43.57
N ASP WC 82 38.13 117.23 -43.17
CA ASP WC 82 37.03 116.40 -43.65
C ASP WC 82 35.68 116.94 -43.20
N LYS WC 83 35.59 117.38 -41.95
CA LYS WC 83 34.32 117.91 -41.45
C LYS WC 83 33.92 119.19 -42.16
N THR WC 84 34.88 120.08 -42.39
CA THR WC 84 34.58 121.31 -43.12
C THR WC 84 34.20 121.02 -44.56
N ALA WC 85 34.87 120.06 -45.20
CA ALA WC 85 34.51 119.69 -46.56
C ALA WC 85 33.12 119.09 -46.61
N LEU WC 86 32.78 118.26 -45.63
CA LEU WC 86 31.45 117.67 -45.57
C LEU WC 86 30.38 118.74 -45.44
N MET WC 87 30.58 119.70 -44.53
CA MET WC 87 29.59 120.76 -44.38
C MET WC 87 29.51 121.62 -45.63
N ALA WC 88 30.66 121.94 -46.24
CA ALA WC 88 30.65 122.78 -47.43
C ALA WC 88 29.91 122.10 -48.56
N ILE WC 89 30.15 120.80 -48.76
CA ILE WC 89 29.47 120.07 -49.83
C ILE WC 89 27.97 120.02 -49.56
N ILE WC 90 27.58 119.69 -48.33
CA ILE WC 90 26.15 119.52 -48.06
C ILE WC 90 25.41 120.85 -48.15
N THR WC 91 26.03 121.93 -47.68
CA THR WC 91 25.40 123.25 -47.79
C THR WC 91 25.33 123.72 -49.24
N ALA WC 92 26.37 123.45 -50.02
CA ALA WC 92 26.33 123.80 -51.44
C ALA WC 92 25.24 123.02 -52.16
N ALA WC 93 25.09 121.74 -51.83
CA ALA WC 93 24.04 120.92 -52.42
C ALA WC 93 22.66 121.43 -52.02
N GLN WC 94 22.48 121.82 -50.76
CA GLN WC 94 21.20 122.35 -50.33
C GLN WC 94 20.88 123.67 -51.04
N ALA WC 95 21.87 124.54 -51.18
CA ALA WC 95 21.67 125.79 -51.92
C ALA WC 95 21.33 125.55 -53.37
N ASP WC 96 21.73 124.41 -53.92
CA ASP WC 96 21.39 124.07 -55.29
C ASP WC 96 19.90 123.79 -55.43
N GLY WC 97 19.38 123.98 -56.65
CA GLY WC 97 17.97 123.76 -56.89
C GLY WC 97 17.53 122.32 -56.86
N ALA WC 98 18.46 121.38 -57.04
CA ALA WC 98 18.10 119.97 -57.04
C ALA WC 98 17.49 119.56 -55.70
N TRP WC 99 18.07 120.02 -54.58
CA TRP WC 99 17.48 119.74 -53.29
C TRP WC 99 16.10 120.39 -53.15
N THR WC 100 15.97 121.62 -53.66
CA THR WC 100 14.69 122.32 -53.59
C THR WC 100 13.59 121.54 -54.31
N GLU WC 101 13.89 120.96 -55.47
CA GLU WC 101 12.89 120.14 -56.17
C GLU WC 101 12.70 118.77 -55.55
N LEU WC 102 13.77 118.15 -55.02
CA LEU WC 102 13.64 116.87 -54.36
C LEU WC 102 12.67 116.97 -53.20
N VAL WC 103 12.76 118.02 -52.41
CA VAL WC 103 11.66 118.40 -51.54
C VAL WC 103 10.61 119.10 -52.39
N THR WC 104 9.34 119.01 -51.97
CA THR WC 104 8.22 119.66 -52.66
C THR WC 104 7.91 119.09 -54.04
N ASP WC 105 8.76 118.22 -54.58
CA ASP WC 105 8.44 117.60 -55.86
C ASP WC 105 8.76 116.13 -55.94
N GLN WC 106 9.59 115.62 -55.03
CA GLN WC 106 10.14 114.27 -55.12
C GLN WC 106 10.80 114.05 -56.48
N ARG WC 107 11.53 115.06 -56.93
CA ARG WC 107 12.17 115.08 -58.23
C ARG WC 107 13.65 114.77 -58.06
N LEU WC 108 14.11 113.69 -58.66
CA LEU WC 108 15.51 113.33 -58.63
C LEU WC 108 16.30 114.13 -59.66
N PRO WC 109 17.58 114.39 -59.39
CA PRO WC 109 18.40 115.13 -60.37
C PRO WC 109 18.78 114.25 -61.55
N LEU WC 110 17.81 113.95 -62.41
CA LEU WC 110 18.06 113.23 -63.64
C LEU WC 110 17.30 113.80 -64.83
N ALA WC 111 16.56 114.90 -64.66
CA ALA WC 111 15.78 115.45 -65.75
C ALA WC 111 16.69 116.04 -66.81
N THR WC 112 16.31 115.86 -68.08
CA THR WC 112 17.09 116.37 -69.20
C THR WC 112 16.75 117.82 -69.55
N VAL WC 113 15.80 118.42 -68.85
CA VAL WC 113 15.37 119.80 -69.08
C VAL WC 113 14.87 120.00 -70.50
N SER XC 1 49.32 123.26 7.48
CA SER XC 1 50.54 123.35 8.27
C SER XC 1 50.36 124.24 9.49
N LYS XC 2 49.96 125.49 9.28
CA LYS XC 2 49.84 126.45 10.35
C LYS XC 2 48.57 127.28 10.14
N VAL XC 3 48.50 128.42 10.83
CA VAL XC 3 47.27 129.19 11.05
C VAL XC 3 46.45 129.36 9.77
N PHE XC 4 45.22 128.88 9.80
CA PHE XC 4 44.27 128.97 8.69
C PHE XC 4 42.98 129.55 9.24
N ASN XC 5 42.43 130.54 8.53
CA ASN XC 5 41.16 131.15 8.93
C ASN XC 5 41.26 131.69 10.35
N THR XC 6 42.41 132.28 10.69
CA THR XC 6 42.75 132.82 12.00
C THR XC 6 42.78 131.76 13.10
N GLN XC 7 42.58 130.48 12.76
CA GLN XC 7 42.64 129.41 13.73
C GLN XC 7 44.03 128.76 13.65
N THR XC 8 44.60 128.46 14.81
CA THR XC 8 45.89 127.82 14.88
C THR XC 8 45.68 126.31 14.81
N PHE XC 9 46.31 125.68 13.83
CA PHE XC 9 46.26 124.23 13.68
C PHE XC 9 47.62 123.68 14.06
N ASP XC 10 47.64 122.85 15.10
CA ASP XC 10 48.86 122.23 15.58
C ASP XC 10 48.81 120.74 15.26
N ILE XC 11 49.99 120.16 15.05
CA ILE XC 11 50.04 118.74 14.69
C ILE XC 11 49.44 117.92 15.82
N TYR XC 12 48.45 117.11 15.48
CA TYR XC 12 47.85 116.19 16.44
C TYR XC 12 48.40 114.78 16.32
N SER XC 13 48.69 114.32 15.11
CA SER XC 13 49.20 112.98 14.94
C SER XC 13 49.98 112.91 13.65
N THR XC 14 51.04 112.11 13.66
CA THR XC 14 51.82 111.86 12.46
C THR XC 14 51.77 110.37 12.17
N GLU XC 15 51.51 110.03 10.92
CA GLU XC 15 51.42 108.67 10.46
C GLU XC 15 52.35 108.50 9.26
N LYS XC 16 52.52 107.24 8.83
CA LYS XC 16 53.36 106.94 7.68
C LYS XC 16 52.97 107.78 6.47
N ASP XC 17 51.69 107.79 6.13
CA ASP XC 17 51.20 108.56 4.99
C ASP XC 17 50.09 109.54 5.38
N VAL XC 18 49.90 109.82 6.66
CA VAL XC 18 48.87 110.74 7.12
C VAL XC 18 49.46 111.69 8.14
N VAL XC 19 49.12 112.96 8.05
CA VAL XC 19 49.46 113.95 9.06
C VAL XC 19 48.18 114.68 9.43
N SER XC 20 47.87 114.72 10.72
CA SER XC 20 46.64 115.32 11.22
C SER XC 20 46.95 116.46 12.18
N LEU XC 21 46.36 117.62 11.91
CA LEU XC 21 46.47 118.81 12.72
C LEU XC 21 45.13 119.12 13.37
N ARG XC 22 45.16 119.63 14.58
CA ARG XC 22 43.95 119.98 15.30
C ARG XC 22 44.04 121.44 15.72
N ASP XC 23 42.87 122.09 15.79
CA ASP XC 23 42.82 123.47 16.27
C ASP XC 23 43.28 123.56 17.72
N PHE XC 24 42.79 122.65 18.56
CA PHE XC 24 43.14 122.57 19.98
C PHE XC 24 42.61 123.75 20.78
N ALA XC 25 42.01 124.72 20.10
CA ALA XC 25 41.37 125.86 20.73
C ALA XC 25 39.85 125.73 20.71
N ASN XC 26 39.28 125.49 19.53
CA ASN XC 26 37.87 125.14 19.42
C ASN XC 26 37.62 123.63 19.62
N ASP XC 27 38.66 122.82 19.47
CA ASP XC 27 38.59 121.37 19.72
C ASP XC 27 37.51 120.70 18.89
N LYS XC 28 37.28 121.18 17.67
CA LYS XC 28 36.34 120.54 16.78
C LYS XC 28 36.82 120.43 15.34
N ASP XC 29 37.88 121.12 14.95
CA ASP XC 29 38.37 121.12 13.59
C ASP XC 29 39.62 120.26 13.47
N THR XC 30 39.63 119.37 12.49
CA THR XC 30 40.78 118.51 12.21
C THR XC 30 41.12 118.61 10.72
N LEU XC 31 42.39 118.90 10.43
CA LEU XC 31 42.88 119.00 9.06
C LEU XC 31 43.84 117.84 8.80
N ALA XC 32 43.52 117.01 7.83
CA ALA XC 32 44.30 115.81 7.52
C ALA XC 32 44.90 115.92 6.13
N TYR XC 33 46.20 115.64 6.05
CA TYR XC 33 46.95 115.47 4.81
C TYR XC 33 47.18 113.99 4.63
N LYS XC 34 46.62 113.41 3.57
CA LYS XC 34 46.74 111.98 3.30
C LYS XC 34 47.43 111.76 1.97
N ARG XC 35 48.22 110.71 1.91
CA ARG XC 35 49.14 110.43 0.81
C ARG XC 35 48.90 109.02 0.31
N LEU XC 36 49.12 108.79 -0.98
CA LEU XC 36 49.01 107.45 -1.54
C LEU XC 36 49.85 107.38 -2.81
N ALA XC 37 50.93 106.61 -2.78
CA ALA XC 37 51.84 106.57 -3.91
C ALA XC 37 51.19 105.88 -5.11
N PRO XC 38 51.56 106.28 -6.32
CA PRO XC 38 51.04 105.59 -7.51
C PRO XC 38 51.62 104.19 -7.62
N LYS XC 39 50.78 103.24 -8.00
CA LYS XC 39 51.18 101.85 -8.13
C LYS XC 39 51.29 101.48 -9.60
N ARG XC 40 52.43 100.95 -9.99
CA ARG XC 40 52.65 100.49 -11.36
C ARG XC 40 52.09 99.07 -11.45
N THR XC 41 50.78 98.97 -11.27
CA THR XC 41 50.09 97.69 -11.34
C THR XC 41 50.01 97.17 -12.76
N LYS XC 42 50.42 97.97 -13.73
CA LYS XC 42 50.41 97.61 -15.13
C LYS XC 42 51.48 98.44 -15.83
N ASP XC 43 51.42 98.50 -17.16
CA ASP XC 43 52.33 99.35 -17.92
C ASP XC 43 52.26 100.79 -17.42
N SER XC 44 51.06 101.24 -17.06
CA SER XC 44 50.89 102.59 -16.56
C SER XC 44 51.63 102.75 -15.24
N PRO XC 45 52.22 103.92 -14.98
CA PRO XC 45 52.95 104.12 -13.72
C PRO XC 45 52.05 104.30 -12.51
N GLY XC 46 50.74 104.34 -12.69
CA GLY XC 46 49.82 104.49 -11.58
C GLY XC 46 49.41 105.93 -11.32
N MET XC 47 48.48 106.09 -10.40
CA MET XC 47 47.91 107.39 -10.06
C MET XC 47 48.33 107.76 -8.64
N ALA XC 48 48.95 108.92 -8.50
CA ALA XC 48 49.39 109.41 -7.20
C ALA XC 48 48.23 110.12 -6.53
N LYS XC 49 47.70 109.51 -5.47
CA LYS XC 49 46.54 110.05 -4.77
C LYS XC 49 46.97 110.96 -3.64
N SER XC 50 46.35 112.14 -3.57
CA SER XC 50 46.52 113.06 -2.46
C SER XC 50 45.17 113.32 -1.84
N GLU XC 51 45.19 113.84 -0.62
CA GLU XC 51 43.94 114.19 0.04
C GLU XC 51 44.20 115.27 1.08
N LEU XC 52 43.38 116.31 1.07
CA LEU XC 52 43.42 117.36 2.08
C LEU XC 52 42.00 117.56 2.57
N LYS XC 53 41.73 117.21 3.83
CA LYS XC 53 40.36 117.26 4.32
C LYS XC 53 40.28 118.03 5.63
N ILE XC 54 39.17 118.72 5.82
CA ILE XC 54 38.86 119.38 7.08
C ILE XC 54 37.55 118.81 7.61
N THR XC 55 37.57 118.37 8.86
CA THR XC 55 36.43 117.74 9.49
C THR XC 55 36.06 118.52 10.75
N ARG XC 56 34.80 118.85 10.88
CA ARG XC 56 34.28 119.52 12.07
C ARG XC 56 33.37 118.55 12.81
N VAL XC 57 33.71 118.25 14.06
CA VAL XC 57 32.91 117.39 14.92
C VAL XC 57 32.78 118.09 16.26
N ASP XC 58 31.54 118.36 16.67
CA ASP XC 58 31.33 119.27 17.80
C ASP XC 58 31.94 118.74 19.09
N PRO XC 59 32.55 119.58 19.91
CA PRO XC 59 33.18 119.09 21.14
C PRO XC 59 32.25 119.05 22.34
N THR XC 60 31.02 118.57 22.17
CA THR XC 60 30.14 118.36 23.32
C THR XC 60 29.54 116.96 23.30
N THR XC 61 29.14 116.50 22.12
CA THR XC 61 28.57 115.17 21.95
C THR XC 61 29.22 114.38 20.83
N GLY XC 62 29.87 115.06 19.87
CA GLY XC 62 30.55 114.35 18.81
C GLY XC 62 29.74 114.16 17.54
N VAL XC 63 28.95 115.15 17.15
CA VAL XC 63 28.17 115.06 15.91
C VAL XC 63 28.96 115.72 14.79
N LEU XC 64 29.15 114.98 13.71
CA LEU XC 64 29.87 115.48 12.54
C LEU XC 64 29.06 116.60 11.89
N ILE XC 65 29.55 117.83 12.04
CA ILE XC 65 28.88 118.97 11.41
C ILE XC 65 29.08 118.95 9.90
N GLY XC 66 30.29 118.72 9.44
CA GLY XC 66 30.53 118.72 8.01
C GLY XC 66 31.97 118.33 7.70
N ILE XC 67 32.18 118.03 6.42
CA ILE XC 67 33.50 117.70 5.89
C ILE XC 67 33.65 118.38 4.53
N VAL XC 68 34.78 119.05 4.31
CA VAL XC 68 35.20 119.45 2.99
C VAL XC 68 36.52 118.77 2.70
N ASN XC 69 36.58 118.05 1.59
CA ASN XC 69 37.74 117.26 1.21
C ASN XC 69 38.22 117.67 -0.16
N VAL XC 70 39.54 117.78 -0.32
CA VAL XC 70 40.16 118.02 -1.61
C VAL XC 70 41.03 116.82 -1.93
N SER XC 71 40.62 116.04 -2.92
CA SER XC 71 41.34 114.84 -3.32
C SER XC 71 41.89 115.01 -4.72
N SER XC 72 43.08 114.46 -4.95
CA SER XC 72 43.70 114.46 -6.27
C SER XC 72 44.05 113.04 -6.67
N SER XC 73 43.86 112.74 -7.95
CA SER XC 73 44.26 111.47 -8.53
C SER XC 73 44.91 111.82 -9.86
N ILE XC 74 46.22 111.95 -9.85
CA ILE XC 74 46.99 112.41 -11.00
C ILE XC 74 47.92 111.29 -11.44
N ARG XC 75 48.05 111.10 -12.75
CA ARG XC 75 48.97 110.12 -13.28
C ARG XC 75 50.38 110.36 -12.75
N ALA XC 76 51.07 109.26 -12.44
CA ALA XC 76 52.45 109.38 -11.98
C ALA XC 76 53.33 110.04 -13.02
N ASP XC 77 53.04 109.83 -14.30
CA ASP XC 77 53.82 110.43 -15.38
C ASP XC 77 53.33 111.82 -15.78
N ALA XC 78 52.25 112.31 -15.19
CA ALA XC 78 51.70 113.60 -15.60
C ALA XC 78 52.69 114.71 -15.34
N THR XC 79 52.79 115.63 -16.30
CA THR XC 79 53.76 116.70 -16.22
C THR XC 79 53.39 117.69 -15.12
N ALA XC 80 54.40 118.41 -14.63
CA ALA XC 80 54.16 119.44 -13.63
C ALA XC 80 53.25 120.53 -14.19
N ALA XC 81 53.26 120.73 -15.51
CA ALA XC 81 52.33 121.68 -16.12
C ALA XC 81 50.89 121.23 -15.94
N ASP XC 82 50.62 119.95 -16.15
CA ASP XC 82 49.27 119.44 -15.94
C ASP XC 82 48.83 119.61 -14.50
N LYS XC 83 49.71 119.31 -13.55
CA LYS XC 83 49.33 119.40 -12.15
C LYS XC 83 49.13 120.84 -11.71
N THR XC 84 49.98 121.75 -12.18
CA THR XC 84 49.79 123.16 -11.89
C THR XC 84 48.49 123.67 -12.50
N ALA XC 85 48.19 123.26 -13.73
CA ALA XC 85 46.95 123.68 -14.38
C ALA XC 85 45.73 123.17 -13.62
N LEU XC 86 45.76 121.91 -13.20
CA LEU XC 86 44.64 121.35 -12.46
C LEU XC 86 44.43 122.10 -11.15
N MET XC 87 45.53 122.36 -10.43
CA MET XC 87 45.42 123.07 -9.17
C MET XC 87 44.91 124.49 -9.37
N ALA XC 88 45.38 125.18 -10.40
CA ALA XC 88 44.94 126.54 -10.66
C ALA XC 88 43.48 126.59 -11.07
N ILE XC 89 43.04 125.67 -11.92
CA ILE XC 89 41.64 125.65 -12.33
C ILE XC 89 40.74 125.40 -11.13
N ILE XC 90 41.09 124.41 -10.31
CA ILE XC 90 40.22 124.10 -9.17
C ILE XC 90 40.22 125.25 -8.15
N THR XC 91 41.37 125.89 -7.95
CA THR XC 91 41.43 127.00 -7.00
C THR XC 91 40.61 128.19 -7.50
N ALA XC 92 40.69 128.49 -8.80
CA ALA XC 92 39.90 129.57 -9.36
C ALA XC 92 38.41 129.25 -9.29
N ALA XC 93 38.03 127.99 -9.54
CA ALA XC 93 36.63 127.62 -9.46
C ALA XC 93 36.10 127.74 -8.03
N GLN XC 94 36.91 127.33 -7.04
CA GLN XC 94 36.52 127.51 -5.65
C GLN XC 94 36.41 128.98 -5.29
N ALA XC 95 37.32 129.81 -5.81
CA ALA XC 95 37.24 131.25 -5.59
C ALA XC 95 36.03 131.87 -6.26
N ASP XC 96 35.52 131.24 -7.32
CA ASP XC 96 34.28 131.67 -7.94
C ASP XC 96 33.11 131.42 -7.00
N GLY XC 97 32.04 132.20 -7.18
CA GLY XC 97 30.89 132.12 -6.30
C GLY XC 97 29.97 130.96 -6.57
N ALA XC 98 30.11 130.32 -7.73
CA ALA XC 98 29.29 129.14 -8.02
C ALA XC 98 29.55 128.05 -7.00
N TRP XC 99 30.81 127.88 -6.57
CA TRP XC 99 31.11 126.92 -5.52
C TRP XC 99 30.50 127.36 -4.19
N THR XC 100 30.57 128.65 -3.89
CA THR XC 100 30.01 129.17 -2.65
C THR XC 100 28.49 129.02 -2.61
N GLU XC 101 27.86 128.84 -3.76
CA GLU XC 101 26.43 128.55 -3.81
C GLU XC 101 26.14 127.06 -3.79
N LEU XC 102 26.91 126.27 -4.53
CA LEU XC 102 26.79 124.81 -4.49
C LEU XC 102 26.90 124.31 -3.06
N VAL XC 103 27.92 124.73 -2.36
CA VAL XC 103 27.93 124.62 -0.91
C VAL XC 103 27.05 125.73 -0.37
N THR XC 104 26.37 125.47 0.75
CA THR XC 104 25.51 126.41 1.46
C THR XC 104 24.16 126.63 0.79
N ASP XC 105 23.98 126.21 -0.47
CA ASP XC 105 22.66 126.31 -1.07
C ASP XC 105 22.26 125.13 -1.94
N GLN XC 106 23.20 124.28 -2.36
CA GLN XC 106 22.95 123.26 -3.37
C GLN XC 106 22.41 123.90 -4.65
N ARG XC 107 23.00 125.03 -5.02
CA ARG XC 107 22.60 125.78 -6.19
C ARG XC 107 23.58 125.51 -7.32
N LEU XC 108 23.09 124.93 -8.39
CA LEU XC 108 23.92 124.64 -9.54
C LEU XC 108 24.08 125.87 -10.41
N PRO XC 109 25.18 125.96 -11.17
CA PRO XC 109 25.35 127.10 -12.08
C PRO XC 109 24.48 126.97 -13.32
N LEU XC 110 23.16 126.98 -13.14
CA LEU XC 110 22.24 126.99 -14.25
C LEU XC 110 21.08 127.97 -14.08
N ALA XC 111 20.97 128.62 -12.92
CA ALA XC 111 19.93 129.62 -12.73
C ALA XC 111 20.14 130.80 -13.66
N THR XC 112 19.06 131.37 -14.16
CA THR XC 112 19.11 132.49 -15.10
C THR XC 112 19.27 133.84 -14.42
N VAL XC 113 19.23 133.88 -13.09
CA VAL XC 113 19.36 135.12 -12.31
C VAL XC 113 18.26 136.11 -12.66
N SER YC 1 -95.34 -60.31 -71.00
CA SER YC 1 -94.96 -61.09 -72.18
C SER YC 1 -95.47 -60.44 -73.45
N LYS YC 2 -96.79 -60.40 -73.61
CA LYS YC 2 -97.43 -59.84 -74.80
C LYS YC 2 -98.60 -58.99 -74.35
N VAL YC 3 -99.50 -58.68 -75.28
CA VAL YC 3 -100.56 -57.69 -75.08
C VAL YC 3 -101.30 -57.88 -73.76
N PHE YC 4 -101.30 -56.84 -72.94
CA PHE YC 4 -101.99 -56.79 -71.66
C PHE YC 4 -102.75 -55.48 -71.59
N ASN YC 5 -104.01 -55.55 -71.19
CA ASN YC 5 -104.85 -54.35 -71.06
C ASN YC 5 -104.85 -53.59 -72.38
N THR YC 6 -105.01 -54.33 -73.47
CA THR YC 6 -105.05 -53.83 -74.85
C THR YC 6 -103.78 -53.11 -75.26
N GLN YC 7 -102.68 -53.25 -74.51
CA GLN YC 7 -101.41 -52.66 -74.87
C GLN YC 7 -100.40 -53.76 -75.16
N THR YC 8 -99.62 -53.59 -76.23
CA THR YC 8 -98.68 -54.59 -76.69
C THR YC 8 -97.32 -54.31 -76.08
N PHE YC 9 -96.80 -55.27 -75.31
CA PHE YC 9 -95.53 -55.12 -74.63
C PHE YC 9 -94.50 -56.00 -75.35
N ASP YC 10 -93.51 -55.36 -75.95
CA ASP YC 10 -92.42 -56.04 -76.63
C ASP YC 10 -91.15 -55.90 -75.81
N ILE YC 11 -90.27 -56.89 -75.96
CA ILE YC 11 -89.03 -56.91 -75.19
C ILE YC 11 -88.20 -55.69 -75.56
N TYR YC 12 -87.80 -54.93 -74.55
CA TYR YC 12 -86.84 -53.86 -74.75
C TYR YC 12 -85.45 -54.23 -74.29
N SER YC 13 -85.34 -55.02 -73.23
CA SER YC 13 -84.02 -55.32 -72.68
C SER YC 13 -84.06 -56.68 -72.00
N THR YC 14 -82.91 -57.36 -72.03
CA THR YC 14 -82.77 -58.64 -71.37
C THR YC 14 -81.45 -58.67 -70.61
N GLU YC 15 -81.52 -58.95 -69.32
CA GLU YC 15 -80.35 -59.09 -68.48
C GLU YC 15 -80.19 -60.55 -68.09
N LYS YC 16 -79.22 -60.81 -67.21
CA LYS YC 16 -79.08 -62.15 -66.68
C LYS YC 16 -80.32 -62.56 -65.92
N ASP YC 17 -80.91 -61.63 -65.15
CA ASP YC 17 -82.05 -61.95 -64.31
C ASP YC 17 -83.20 -60.98 -64.44
N VAL YC 18 -83.16 -60.06 -65.41
CA VAL YC 18 -84.26 -59.13 -65.64
C VAL YC 18 -84.62 -59.15 -67.11
N VAL YC 19 -85.91 -59.19 -67.39
CA VAL YC 19 -86.44 -58.94 -68.72
C VAL YC 19 -87.35 -57.73 -68.63
N SER YC 20 -87.10 -56.73 -69.47
CA SER YC 20 -87.88 -55.51 -69.49
C SER YC 20 -88.57 -55.36 -70.83
N LEU YC 21 -89.87 -55.08 -70.79
CA LEU YC 21 -90.71 -54.91 -71.97
C LEU YC 21 -91.33 -53.53 -71.93
N ARG YC 22 -91.52 -52.95 -73.11
CA ARG YC 22 -92.11 -51.63 -73.24
C ARG YC 22 -93.31 -51.70 -74.18
N ASP YC 23 -94.18 -50.70 -74.08
CA ASP YC 23 -95.32 -50.62 -74.98
C ASP YC 23 -94.88 -50.19 -76.38
N PHE YC 24 -94.03 -49.18 -76.46
CA PHE YC 24 -93.51 -48.64 -77.73
C PHE YC 24 -94.62 -47.96 -78.52
N ALA YC 25 -95.85 -48.02 -78.02
CA ALA YC 25 -96.98 -47.32 -78.62
C ALA YC 25 -97.31 -46.03 -77.88
N ASN YC 26 -97.60 -46.11 -76.59
CA ASN YC 26 -97.73 -44.92 -75.77
C ASN YC 26 -96.42 -44.51 -75.10
N ASP YC 27 -95.40 -45.38 -75.17
CA ASP YC 27 -94.06 -45.08 -74.69
C ASP YC 27 -94.05 -44.60 -73.24
N LYS YC 28 -94.95 -45.14 -72.43
CA LYS YC 28 -95.05 -44.73 -71.04
C LYS YC 28 -95.04 -45.88 -70.04
N ASP YC 29 -95.23 -47.11 -70.49
CA ASP YC 29 -95.31 -48.26 -69.59
C ASP YC 29 -94.11 -49.18 -69.79
N THR YC 30 -93.54 -49.64 -68.69
CA THR YC 30 -92.50 -50.64 -68.71
C THR YC 30 -92.87 -51.76 -67.74
N LEU YC 31 -92.83 -53.00 -68.24
CA LEU YC 31 -93.12 -54.18 -67.47
C LEU YC 31 -91.83 -54.98 -67.29
N ALA YC 32 -91.46 -55.22 -66.04
CA ALA YC 32 -90.20 -55.89 -65.71
C ALA YC 32 -90.46 -57.18 -64.96
N TYR YC 33 -89.81 -58.25 -65.41
CA TYR YC 33 -89.80 -59.55 -64.77
C TYR YC 33 -88.40 -59.77 -64.22
N LYS YC 34 -88.30 -60.08 -62.93
CA LYS YC 34 -87.04 -60.07 -62.22
C LYS YC 34 -86.93 -61.33 -61.37
N ARG YC 35 -85.71 -61.87 -61.31
CA ARG YC 35 -85.46 -63.24 -60.87
C ARG YC 35 -84.28 -63.30 -59.94
N LEU YC 36 -84.48 -63.88 -58.75
CA LEU YC 36 -83.38 -64.18 -57.83
C LEU YC 36 -83.52 -65.62 -57.35
N ALA YC 37 -82.61 -66.49 -57.78
CA ALA YC 37 -82.63 -67.87 -57.34
C ALA YC 37 -82.36 -67.97 -55.83
N PRO YC 38 -82.93 -68.96 -55.15
CA PRO YC 38 -82.69 -69.10 -53.71
C PRO YC 38 -81.23 -69.43 -53.43
N LYS YC 39 -80.73 -68.93 -52.32
CA LYS YC 39 -79.35 -69.15 -51.92
C LYS YC 39 -79.30 -69.94 -50.62
N ARG YC 40 -78.76 -71.15 -50.68
CA ARG YC 40 -78.65 -72.03 -49.52
C ARG YC 40 -77.52 -71.47 -48.65
N THR YC 41 -77.86 -70.43 -47.90
CA THR YC 41 -76.87 -69.78 -47.05
C THR YC 41 -76.88 -70.35 -45.64
N LYS YC 42 -77.73 -71.32 -45.36
CA LYS YC 42 -77.81 -71.98 -44.07
C LYS YC 42 -78.42 -73.35 -44.29
N ASP YC 43 -78.89 -73.96 -43.20
CA ASP YC 43 -79.63 -75.22 -43.31
C ASP YC 43 -80.86 -75.03 -44.18
N SER YC 44 -81.39 -73.81 -44.21
CA SER YC 44 -82.47 -73.50 -45.12
C SER YC 44 -81.94 -73.44 -46.55
N PRO YC 45 -82.72 -73.86 -47.55
CA PRO YC 45 -82.27 -73.78 -48.94
C PRO YC 45 -82.36 -72.40 -49.55
N GLY YC 46 -82.80 -71.39 -48.80
CA GLY YC 46 -82.98 -70.06 -49.32
C GLY YC 46 -84.38 -69.84 -49.88
N MET YC 47 -84.66 -68.58 -50.19
CA MET YC 47 -85.97 -68.17 -50.70
C MET YC 47 -85.80 -67.65 -52.12
N ALA YC 48 -86.63 -68.15 -53.04
CA ALA YC 48 -86.60 -67.73 -54.44
C ALA YC 48 -87.41 -66.47 -54.60
N LYS YC 49 -86.75 -65.37 -54.97
CA LYS YC 49 -87.42 -64.11 -55.22
C LYS YC 49 -87.87 -63.99 -56.66
N SER YC 50 -89.11 -63.56 -56.84
CA SER YC 50 -89.59 -63.10 -58.13
C SER YC 50 -90.10 -61.68 -57.96
N GLU YC 51 -90.11 -60.93 -59.05
CA GLU YC 51 -90.64 -59.58 -59.00
C GLU YC 51 -91.25 -59.25 -60.36
N LEU YC 52 -92.45 -58.69 -60.34
CA LEU YC 52 -93.16 -58.33 -61.56
C LEU YC 52 -93.69 -56.92 -61.37
N LYS YC 53 -93.07 -55.94 -62.02
CA LYS YC 53 -93.45 -54.56 -61.79
C LYS YC 53 -93.89 -53.89 -63.08
N ILE YC 54 -94.92 -53.04 -62.96
CA ILE YC 54 -95.34 -52.16 -64.04
C ILE YC 54 -95.11 -50.73 -63.60
N THR YC 55 -94.35 -49.99 -64.40
CA THR YC 55 -94.04 -48.59 -64.13
C THR YC 55 -94.60 -47.72 -65.24
N ARG YC 56 -95.30 -46.66 -64.86
CA ARG YC 56 -95.82 -45.69 -65.82
C ARG YC 56 -95.11 -44.36 -65.61
N VAL YC 57 -94.50 -43.86 -66.67
CA VAL YC 57 -93.83 -42.57 -66.67
C VAL YC 57 -94.34 -41.76 -67.85
N ASP YC 58 -94.79 -40.55 -67.59
CA ASP YC 58 -95.31 -39.76 -68.71
C ASP YC 58 -94.18 -39.37 -69.66
N PRO YC 59 -94.35 -39.55 -70.96
CA PRO YC 59 -93.24 -39.30 -71.89
C PRO YC 59 -93.14 -37.87 -72.38
N THR YC 60 -93.26 -36.90 -71.48
CA THR YC 60 -93.09 -35.51 -71.88
C THR YC 60 -92.11 -34.82 -70.95
N THR YC 61 -92.16 -35.15 -69.67
CA THR YC 61 -91.18 -34.68 -68.69
C THR YC 61 -90.51 -35.81 -67.94
N GLY YC 62 -90.98 -37.05 -68.11
CA GLY YC 62 -90.37 -38.17 -67.43
C GLY YC 62 -90.74 -38.31 -65.97
N VAL YC 63 -91.93 -37.87 -65.57
CA VAL YC 63 -92.37 -37.97 -64.19
C VAL YC 63 -92.94 -39.36 -63.95
N LEU YC 64 -92.59 -39.95 -62.82
CA LEU YC 64 -93.10 -41.27 -62.46
C LEU YC 64 -94.53 -41.14 -61.96
N ILE YC 65 -95.49 -41.54 -62.79
CA ILE YC 65 -96.89 -41.48 -62.37
C ILE YC 65 -97.17 -42.50 -61.28
N GLY YC 66 -96.72 -43.73 -61.45
CA GLY YC 66 -96.97 -44.74 -60.44
C GLY YC 66 -96.37 -46.08 -60.80
N ILE YC 67 -96.17 -46.90 -59.78
CA ILE YC 67 -95.62 -48.24 -59.91
C ILE YC 67 -96.54 -49.21 -59.18
N VAL YC 68 -96.82 -50.35 -59.80
CA VAL YC 68 -97.44 -51.48 -59.12
C VAL YC 68 -96.50 -52.66 -59.27
N ASN YC 69 -96.13 -53.26 -58.13
CA ASN YC 69 -95.15 -54.34 -58.09
C ASN YC 69 -95.75 -55.57 -57.44
N VAL YC 70 -95.53 -56.73 -58.04
CA VAL YC 70 -95.93 -58.01 -57.48
C VAL YC 70 -94.67 -58.77 -57.16
N SER YC 71 -94.36 -58.92 -55.88
CA SER YC 71 -93.16 -59.58 -55.43
C SER YC 71 -93.51 -60.88 -54.70
N SER YC 72 -92.77 -61.93 -55.01
CA SER YC 72 -92.92 -63.21 -54.33
C SER YC 72 -91.58 -63.60 -53.71
N SER YC 73 -91.65 -64.23 -52.56
CA SER YC 73 -90.48 -64.74 -51.84
C SER YC 73 -90.90 -66.05 -51.19
N ILE YC 74 -90.49 -67.15 -51.80
CA ILE YC 74 -90.97 -68.48 -51.42
C ILE YC 74 -89.80 -69.41 -51.19
N ARG YC 75 -89.92 -70.25 -50.17
CA ARG YC 75 -88.89 -71.23 -49.84
C ARG YC 75 -88.58 -72.12 -51.03
N ALA YC 76 -87.30 -72.43 -51.20
CA ALA YC 76 -86.90 -73.33 -52.27
C ALA YC 76 -87.53 -74.71 -52.12
N ASP YC 77 -87.64 -75.19 -50.88
CA ASP YC 77 -88.23 -76.50 -50.62
C ASP YC 77 -89.75 -76.49 -50.66
N ALA YC 78 -90.36 -75.31 -50.76
CA ALA YC 78 -91.80 -75.20 -50.67
C ALA YC 78 -92.48 -75.94 -51.82
N THR YC 79 -93.61 -76.56 -51.51
CA THR YC 79 -94.32 -77.37 -52.48
C THR YC 79 -94.99 -76.52 -53.53
N ALA YC 80 -95.30 -77.15 -54.67
CA ALA YC 80 -96.07 -76.47 -55.70
C ALA YC 80 -97.47 -76.13 -55.21
N ALA YC 81 -98.00 -76.92 -54.28
CA ALA YC 81 -99.32 -76.61 -53.70
C ALA YC 81 -99.27 -75.31 -52.90
N ASP YC 82 -98.20 -75.11 -52.14
CA ASP YC 82 -98.05 -73.88 -51.38
C ASP YC 82 -98.01 -72.67 -52.31
N LYS YC 83 -97.25 -72.77 -53.40
CA LYS YC 83 -97.13 -71.68 -54.34
C LYS YC 83 -98.43 -71.41 -55.07
N THR YC 84 -99.14 -72.49 -55.45
CA THR YC 84 -100.44 -72.32 -56.07
C THR YC 84 -101.42 -71.63 -55.12
N ALA YC 85 -101.40 -72.03 -53.85
CA ALA YC 85 -102.29 -71.40 -52.87
C ALA YC 85 -101.95 -69.93 -52.70
N LEU YC 86 -100.67 -69.59 -52.62
CA LEU YC 86 -100.28 -68.19 -52.45
C LEU YC 86 -100.74 -67.36 -53.64
N MET YC 87 -100.48 -67.82 -54.85
CA MET YC 87 -100.90 -67.05 -56.03
C MET YC 87 -102.41 -66.95 -56.13
N ALA YC 88 -103.13 -68.04 -55.85
CA ALA YC 88 -104.59 -68.00 -55.90
C ALA YC 88 -105.16 -67.03 -54.88
N ILE YC 89 -104.61 -67.02 -53.66
CA ILE YC 89 -105.13 -66.13 -52.63
C ILE YC 89 -104.86 -64.68 -53.00
N ILE YC 90 -103.64 -64.38 -53.44
CA ILE YC 90 -103.34 -62.98 -53.77
C ILE YC 90 -104.15 -62.53 -54.97
N THR YC 91 -104.39 -63.43 -55.93
CA THR YC 91 -105.19 -63.08 -57.10
C THR YC 91 -106.64 -62.82 -56.71
N ALA YC 92 -107.21 -63.66 -55.84
CA ALA YC 92 -108.58 -63.45 -55.40
C ALA YC 92 -108.71 -62.15 -54.62
N ALA YC 93 -107.72 -61.83 -53.79
CA ALA YC 93 -107.74 -60.59 -53.06
C ALA YC 93 -107.63 -59.38 -53.99
N GLN YC 94 -106.80 -59.48 -55.03
CA GLN YC 94 -106.71 -58.40 -56.01
C GLN YC 94 -108.01 -58.22 -56.76
N ALA YC 95 -108.68 -59.32 -57.09
CA ALA YC 95 -109.96 -59.23 -57.78
C ALA YC 95 -111.03 -58.58 -56.91
N ASP YC 96 -110.92 -58.69 -55.60
CA ASP YC 96 -111.90 -58.08 -54.71
C ASP YC 96 -111.73 -56.56 -54.71
N GLY YC 97 -112.85 -55.86 -54.45
CA GLY YC 97 -112.84 -54.41 -54.49
C GLY YC 97 -112.13 -53.77 -53.32
N ALA YC 98 -111.83 -54.53 -52.27
CA ALA YC 98 -111.07 -53.98 -51.16
C ALA YC 98 -109.70 -53.52 -51.62
N TRP YC 99 -109.04 -54.31 -52.47
CA TRP YC 99 -107.77 -53.88 -53.04
C TRP YC 99 -107.96 -52.70 -53.97
N THR YC 100 -109.06 -52.70 -54.73
CA THR YC 100 -109.34 -51.60 -55.66
C THR YC 100 -109.59 -50.30 -54.92
N GLU YC 101 -109.95 -50.36 -53.64
CA GLU YC 101 -110.06 -49.17 -52.82
C GLU YC 101 -108.76 -48.83 -52.10
N LEU YC 102 -108.06 -49.85 -51.59
CA LEU YC 102 -106.75 -49.65 -50.98
C LEU YC 102 -105.84 -48.89 -51.93
N VAL YC 103 -105.77 -49.35 -53.17
CA VAL YC 103 -105.21 -48.53 -54.23
C VAL YC 103 -106.31 -47.58 -54.69
N THR YC 104 -105.91 -46.36 -55.06
CA THR YC 104 -106.79 -45.27 -55.51
C THR YC 104 -107.58 -44.55 -54.42
N ASP YC 105 -107.65 -45.09 -53.21
CA ASP YC 105 -108.40 -44.42 -52.14
C ASP YC 105 -107.66 -44.36 -50.82
N GLN YC 106 -106.63 -45.19 -50.60
CA GLN YC 106 -106.00 -45.36 -49.30
C GLN YC 106 -107.05 -45.75 -48.26
N ARG YC 107 -107.90 -46.69 -48.65
CA ARG YC 107 -109.03 -47.15 -47.84
C ARG YC 107 -108.76 -48.57 -47.37
N LEU YC 108 -108.80 -48.78 -46.06
CA LEU YC 108 -108.66 -50.11 -45.49
C LEU YC 108 -109.98 -50.86 -45.57
N PRO YC 109 -109.96 -52.20 -45.56
CA PRO YC 109 -111.22 -52.96 -45.70
C PRO YC 109 -111.98 -53.09 -44.39
N LEU YC 110 -112.10 -51.99 -43.65
CA LEU YC 110 -112.78 -52.01 -42.37
C LEU YC 110 -114.02 -51.14 -42.33
N ALA YC 111 -114.41 -50.53 -43.44
CA ALA YC 111 -115.64 -49.75 -43.48
C ALA YC 111 -116.84 -50.63 -43.14
N THR YC 112 -117.79 -50.05 -42.43
CA THR YC 112 -119.04 -50.74 -42.12
C THR YC 112 -120.11 -50.55 -43.19
N VAL YC 113 -119.80 -49.78 -44.24
CA VAL YC 113 -120.72 -49.52 -45.35
C VAL YC 113 -122.00 -48.84 -44.86
N SER ZC 1 -110.55 -59.08 -47.75
CA SER ZC 1 -111.65 -58.91 -46.81
C SER ZC 1 -112.24 -60.24 -46.36
N LYS ZC 2 -112.81 -60.98 -47.30
CA LYS ZC 2 -113.55 -62.20 -46.98
C LYS ZC 2 -113.00 -63.33 -47.84
N VAL ZC 3 -113.78 -64.41 -47.96
CA VAL ZC 3 -113.34 -65.68 -48.54
C VAL ZC 3 -112.57 -65.49 -49.84
N PHE ZC 4 -111.33 -65.96 -49.86
CA PHE ZC 4 -110.46 -65.93 -51.03
C PHE ZC 4 -109.88 -67.32 -51.21
N ASN ZC 5 -109.93 -67.83 -52.44
CA ASN ZC 5 -109.43 -69.16 -52.75
C ASN ZC 5 -110.11 -70.21 -51.85
N THR ZC 6 -111.42 -70.07 -51.70
CA THR ZC 6 -112.29 -70.92 -50.88
C THR ZC 6 -111.96 -70.86 -49.40
N GLN ZC 7 -111.02 -70.03 -48.97
CA GLN ZC 7 -110.63 -69.93 -47.57
C GLN ZC 7 -111.19 -68.64 -46.97
N THR ZC 8 -111.81 -68.78 -45.80
CA THR ZC 8 -112.42 -67.66 -45.10
C THR ZC 8 -111.36 -66.95 -44.26
N PHE ZC 9 -111.13 -65.68 -44.55
CA PHE ZC 9 -110.13 -64.89 -43.84
C PHE ZC 9 -110.85 -63.95 -42.88
N ASP ZC 10 -110.80 -64.28 -41.60
CA ASP ZC 10 -111.43 -63.47 -40.57
C ASP ZC 10 -110.39 -62.55 -39.94
N ILE ZC 11 -110.84 -61.41 -39.44
CA ILE ZC 11 -109.93 -60.35 -39.02
C ILE ZC 11 -109.05 -60.84 -37.87
N TYR ZC 12 -107.74 -60.70 -38.03
CA TYR ZC 12 -106.78 -61.11 -37.03
C TYR ZC 12 -106.23 -59.95 -36.22
N SER ZC 13 -106.07 -58.78 -36.83
CA SER ZC 13 -105.49 -57.64 -36.15
C SER ZC 13 -105.82 -56.38 -36.93
N THR ZC 14 -105.87 -55.25 -36.21
CA THR ZC 14 -106.09 -53.96 -36.84
C THR ZC 14 -105.08 -52.96 -36.29
N GLU ZC 15 -104.49 -52.19 -37.19
CA GLU ZC 15 -103.54 -51.14 -36.83
C GLU ZC 15 -104.03 -49.82 -37.40
N LYS ZC 16 -103.23 -48.77 -37.18
CA LYS ZC 16 -103.48 -47.48 -37.80
C LYS ZC 16 -103.56 -47.58 -39.31
N ASP ZC 17 -102.69 -48.40 -39.90
CA ASP ZC 17 -102.59 -48.47 -41.34
C ASP ZC 17 -102.52 -49.91 -41.86
N VAL ZC 18 -102.65 -50.90 -41.00
CA VAL ZC 18 -102.58 -52.30 -41.38
C VAL ZC 18 -103.82 -53.01 -40.87
N VAL ZC 19 -104.46 -53.78 -41.73
CA VAL ZC 19 -105.53 -54.70 -41.34
C VAL ZC 19 -105.11 -56.10 -41.76
N SER ZC 20 -105.03 -57.00 -40.79
CA SER ZC 20 -104.57 -58.35 -41.01
C SER ZC 20 -105.71 -59.32 -40.74
N LEU ZC 21 -105.93 -60.23 -41.68
CA LEU ZC 21 -106.94 -61.27 -41.57
C LEU ZC 21 -106.27 -62.62 -41.57
N ARG ZC 22 -106.89 -63.58 -40.88
CA ARG ZC 22 -106.37 -64.92 -40.78
C ARG ZC 22 -107.42 -65.91 -41.22
N ASP ZC 23 -106.97 -67.04 -41.76
CA ASP ZC 23 -107.90 -68.12 -42.08
C ASP ZC 23 -108.51 -68.71 -40.80
N PHE ZC 24 -107.68 -68.99 -39.80
CA PHE ZC 24 -108.07 -69.58 -38.53
C PHE ZC 24 -108.54 -71.02 -38.68
N ALA ZC 25 -108.64 -71.49 -39.92
CA ALA ZC 25 -108.94 -72.89 -40.20
C ALA ZC 25 -107.68 -73.72 -40.40
N ASN ZC 26 -106.86 -73.36 -41.38
CA ASN ZC 26 -105.54 -73.94 -41.50
C ASN ZC 26 -104.51 -73.21 -40.65
N ASP ZC 27 -104.87 -72.06 -40.09
CA ASP ZC 27 -104.04 -71.32 -39.14
C ASP ZC 27 -102.68 -70.97 -39.72
N LYS ZC 28 -102.59 -70.85 -41.04
CA LYS ZC 28 -101.30 -70.66 -41.68
C LYS ZC 28 -101.22 -69.46 -42.62
N ASP ZC 29 -102.34 -68.89 -43.04
CA ASP ZC 29 -102.36 -67.84 -44.04
C ASP ZC 29 -102.82 -66.54 -43.41
N THR ZC 30 -102.06 -65.47 -43.64
CA THR ZC 30 -102.41 -64.15 -43.13
C THR ZC 30 -102.37 -63.15 -44.28
N LEU ZC 31 -103.45 -62.40 -44.43
CA LEU ZC 31 -103.61 -61.41 -45.49
C LEU ZC 31 -103.60 -60.02 -44.88
N ALA ZC 32 -102.65 -59.18 -45.31
CA ALA ZC 32 -102.49 -57.85 -44.75
C ALA ZC 32 -102.76 -56.79 -45.82
N TYR ZC 33 -103.54 -55.78 -45.44
CA TYR ZC 33 -103.80 -54.57 -46.22
C TYR ZC 33 -103.13 -53.41 -45.51
N LYS ZC 34 -102.21 -52.74 -46.18
CA LYS ZC 34 -101.33 -51.77 -45.54
C LYS ZC 34 -101.34 -50.46 -46.34
N ARG ZC 35 -101.29 -49.34 -45.63
CA ARG ZC 35 -101.61 -48.03 -46.17
C ARG ZC 35 -100.57 -46.99 -45.79
N LEU ZC 36 -100.17 -46.16 -46.75
CA LEU ZC 36 -99.35 -44.97 -46.48
C LEU ZC 36 -99.88 -43.82 -47.34
N ALA ZC 37 -100.62 -42.92 -46.72
CA ALA ZC 37 -101.09 -41.75 -47.43
C ALA ZC 37 -99.91 -40.91 -47.92
N PRO ZC 38 -100.06 -40.22 -49.06
CA PRO ZC 38 -98.95 -39.43 -49.59
C PRO ZC 38 -98.58 -38.27 -48.67
N LYS ZC 39 -97.30 -37.93 -48.66
CA LYS ZC 39 -96.79 -36.80 -47.89
C LYS ZC 39 -96.29 -35.74 -48.86
N ARG ZC 40 -96.74 -34.50 -48.65
CA ARG ZC 40 -96.40 -33.38 -49.54
C ARG ZC 40 -95.10 -32.74 -49.04
N THR ZC 41 -94.01 -33.49 -49.17
CA THR ZC 41 -92.72 -33.02 -48.70
C THR ZC 41 -92.12 -31.95 -49.61
N LYS ZC 42 -92.66 -31.78 -50.81
CA LYS ZC 42 -92.20 -30.77 -51.74
C LYS ZC 42 -93.40 -30.32 -52.57
N ASP ZC 43 -93.12 -29.68 -53.70
CA ASP ZC 43 -94.16 -29.26 -54.63
C ASP ZC 43 -94.97 -30.47 -55.08
N SER ZC 44 -94.34 -31.63 -55.13
CA SER ZC 44 -95.06 -32.85 -55.44
C SER ZC 44 -96.07 -33.14 -54.33
N PRO ZC 45 -97.25 -33.69 -54.65
CA PRO ZC 45 -98.19 -34.06 -53.59
C PRO ZC 45 -97.80 -35.35 -52.88
N GLY ZC 46 -96.66 -35.94 -53.22
CA GLY ZC 46 -96.23 -37.18 -52.61
C GLY ZC 46 -96.77 -38.41 -53.32
N MET ZC 47 -96.32 -39.55 -52.85
CA MET ZC 47 -96.74 -40.84 -53.40
C MET ZC 47 -97.63 -41.55 -52.39
N ALA ZC 48 -98.78 -42.03 -52.86
CA ALA ZC 48 -99.68 -42.84 -52.06
C ALA ZC 48 -99.24 -44.30 -52.18
N LYS ZC 49 -98.84 -44.89 -51.05
CA LYS ZC 49 -98.39 -46.27 -51.02
C LYS ZC 49 -99.52 -47.17 -50.54
N SER ZC 50 -99.70 -48.29 -51.20
CA SER ZC 50 -100.54 -49.35 -50.67
C SER ZC 50 -99.75 -50.66 -50.71
N GLU ZC 51 -100.21 -51.63 -49.92
CA GLU ZC 51 -99.58 -52.93 -49.90
C GLU ZC 51 -100.65 -53.97 -49.64
N LEU ZC 52 -100.63 -55.06 -50.40
CA LEU ZC 52 -101.51 -56.20 -50.17
C LEU ZC 52 -100.65 -57.44 -50.18
N LYS ZC 53 -100.44 -58.04 -49.01
CA LYS ZC 53 -99.51 -59.15 -48.89
C LYS ZC 53 -100.18 -60.36 -48.29
N ILE ZC 54 -99.79 -61.53 -48.78
CA ILE ZC 54 -100.24 -62.80 -48.24
C ILE ZC 54 -99.01 -63.55 -47.73
N THR ZC 55 -99.12 -64.05 -46.51
CA THR ZC 55 -98.03 -64.77 -45.87
C THR ZC 55 -98.50 -66.14 -45.47
N ARG ZC 56 -97.69 -67.15 -45.77
CA ARG ZC 56 -97.95 -68.51 -45.32
C ARG ZC 56 -96.80 -68.94 -44.42
N VAL ZC 57 -97.14 -69.37 -43.21
CA VAL ZC 57 -96.21 -70.02 -42.30
C VAL ZC 57 -96.90 -71.28 -41.79
N ASP ZC 58 -96.14 -72.36 -41.70
CA ASP ZC 58 -96.75 -73.57 -41.19
C ASP ZC 58 -96.87 -73.46 -39.67
N PRO ZC 59 -98.06 -73.61 -39.10
CA PRO ZC 59 -98.24 -73.26 -37.69
C PRO ZC 59 -97.89 -74.37 -36.71
N THR ZC 60 -96.79 -75.08 -36.95
CA THR ZC 60 -96.29 -75.99 -35.92
C THR ZC 60 -94.85 -75.64 -35.59
N THR ZC 61 -94.01 -75.45 -36.61
CA THR ZC 61 -92.65 -75.00 -36.41
C THR ZC 61 -92.44 -73.55 -36.79
N GLY ZC 62 -93.43 -72.91 -37.41
CA GLY ZC 62 -93.36 -71.50 -37.71
C GLY ZC 62 -92.26 -71.09 -38.65
N VAL ZC 63 -91.98 -71.87 -39.69
CA VAL ZC 63 -91.05 -71.46 -40.73
C VAL ZC 63 -91.85 -70.82 -41.87
N LEU ZC 64 -91.37 -69.69 -42.35
CA LEU ZC 64 -92.02 -68.98 -43.44
C LEU ZC 64 -91.95 -69.83 -44.70
N ILE ZC 65 -93.10 -70.16 -45.28
CA ILE ZC 65 -93.12 -70.90 -46.53
C ILE ZC 65 -93.03 -69.96 -47.72
N GLY ZC 66 -93.74 -68.83 -47.67
CA GLY ZC 66 -93.65 -67.87 -48.76
C GLY ZC 66 -94.49 -66.64 -48.50
N ILE ZC 67 -94.12 -65.57 -49.20
CA ILE ZC 67 -94.86 -64.30 -49.21
C ILE ZC 67 -95.06 -63.87 -50.65
N VAL ZC 68 -96.28 -63.46 -50.98
CA VAL ZC 68 -96.57 -62.79 -52.24
C VAL ZC 68 -97.11 -61.41 -51.90
N ASN ZC 69 -96.52 -60.38 -52.49
CA ASN ZC 69 -96.76 -59.01 -52.10
C ASN ZC 69 -97.20 -58.20 -53.31
N VAL ZC 70 -98.24 -57.39 -53.13
CA VAL ZC 70 -98.69 -56.46 -54.16
C VAL ZC 70 -98.57 -55.05 -53.58
N SER ZC 71 -97.61 -54.30 -54.07
CA SER ZC 71 -97.34 -52.94 -53.60
C SER ZC 71 -97.63 -51.94 -54.70
N SER ZC 72 -98.19 -50.80 -54.32
CA SER ZC 72 -98.44 -49.71 -55.24
C SER ZC 72 -97.80 -48.44 -54.72
N SER ZC 73 -97.20 -47.67 -55.63
CA SER ZC 73 -96.62 -46.38 -55.32
C SER ZC 73 -97.05 -45.44 -56.45
N ILE ZC 74 -98.15 -44.74 -56.22
CA ILE ZC 74 -98.77 -43.89 -57.23
C ILE ZC 74 -98.77 -42.45 -56.74
N ARG ZC 75 -98.51 -41.51 -57.65
CA ARG ZC 75 -98.56 -40.10 -57.31
C ARG ZC 75 -99.94 -39.74 -56.76
N ALA ZC 76 -99.96 -38.86 -55.76
CA ALA ZC 76 -101.22 -38.47 -55.15
C ALA ZC 76 -102.14 -37.81 -56.17
N ASP ZC 77 -101.59 -36.98 -57.05
CA ASP ZC 77 -102.38 -36.31 -58.07
C ASP ZC 77 -102.68 -37.19 -59.27
N ALA ZC 78 -102.10 -38.38 -59.34
CA ALA ZC 78 -102.24 -39.21 -60.52
C ALA ZC 78 -103.70 -39.55 -60.79
N THR ZC 79 -104.10 -39.38 -62.04
CA THR ZC 79 -105.49 -39.55 -62.42
C THR ZC 79 -105.93 -41.00 -62.25
N ALA ZC 80 -107.25 -41.17 -62.06
CA ALA ZC 80 -107.81 -42.51 -61.97
C ALA ZC 80 -107.57 -43.30 -63.24
N ALA ZC 81 -107.33 -42.61 -64.37
CA ALA ZC 81 -107.00 -43.31 -65.60
C ALA ZC 81 -105.68 -44.06 -65.48
N ASP ZC 82 -104.64 -43.37 -65.01
CA ASP ZC 82 -103.34 -44.03 -64.82
C ASP ZC 82 -103.44 -45.13 -63.79
N LYS ZC 83 -104.21 -44.89 -62.72
CA LYS ZC 83 -104.37 -45.86 -61.64
C LYS ZC 83 -105.06 -47.12 -62.12
N THR ZC 84 -106.16 -46.96 -62.87
CA THR ZC 84 -106.86 -48.11 -63.42
C THR ZC 84 -106.01 -48.83 -64.47
N ALA ZC 85 -105.26 -48.08 -65.28
CA ALA ZC 85 -104.40 -48.71 -66.26
C ALA ZC 85 -103.31 -49.54 -65.59
N LEU ZC 86 -102.74 -49.01 -64.51
CA LEU ZC 86 -101.74 -49.75 -63.76
C LEU ZC 86 -102.31 -51.05 -63.20
N MET ZC 87 -103.50 -50.97 -62.59
CA MET ZC 87 -104.13 -52.19 -62.09
C MET ZC 87 -104.41 -53.17 -63.22
N ALA ZC 88 -104.94 -52.68 -64.34
CA ALA ZC 88 -105.31 -53.56 -65.44
C ALA ZC 88 -104.09 -54.27 -66.01
N ILE ZC 89 -103.01 -53.53 -66.23
CA ILE ZC 89 -101.80 -54.13 -66.77
C ILE ZC 89 -101.24 -55.17 -65.81
N ILE ZC 90 -101.17 -54.83 -64.52
CA ILE ZC 90 -100.53 -55.77 -63.59
C ILE ZC 90 -101.39 -57.02 -63.42
N THR ZC 91 -102.71 -56.87 -63.39
CA THR ZC 91 -103.57 -58.03 -63.26
C THR ZC 91 -103.54 -58.90 -64.51
N ALA ZC 92 -103.50 -58.27 -65.69
CA ALA ZC 92 -103.37 -59.03 -66.93
C ALA ZC 92 -102.05 -59.79 -66.96
N ALA ZC 93 -100.97 -59.15 -66.53
CA ALA ZC 93 -99.68 -59.82 -66.48
C ALA ZC 93 -99.70 -60.99 -65.50
N GLN ZC 94 -100.32 -60.81 -64.34
CA GLN ZC 94 -100.39 -61.90 -63.36
C GLN ZC 94 -101.21 -63.07 -63.90
N ALA ZC 95 -102.34 -62.79 -64.54
CA ALA ZC 95 -103.14 -63.87 -65.10
C ALA ZC 95 -102.40 -64.62 -66.19
N ASP ZC 96 -101.50 -63.96 -66.90
CA ASP ZC 96 -100.71 -64.60 -67.94
C ASP ZC 96 -99.71 -65.58 -67.33
N GLY ZC 97 -99.37 -66.62 -68.09
CA GLY ZC 97 -98.55 -67.69 -67.58
C GLY ZC 97 -97.11 -67.32 -67.32
N ALA ZC 98 -96.64 -66.19 -67.84
CA ALA ZC 98 -95.27 -65.78 -67.59
C ALA ZC 98 -95.02 -65.54 -66.10
N TRP ZC 99 -95.98 -64.89 -65.43
CA TRP ZC 99 -95.86 -64.71 -63.97
C TRP ZC 99 -95.94 -66.05 -63.25
N THR ZC 100 -96.84 -66.92 -63.70
CA THR ZC 100 -96.99 -68.23 -63.06
C THR ZC 100 -95.71 -69.04 -63.16
N GLU ZC 101 -94.95 -68.86 -64.23
CA GLU ZC 101 -93.66 -69.55 -64.39
C GLU ZC 101 -92.53 -68.85 -63.66
N LEU ZC 102 -92.53 -67.51 -63.65
CA LEU ZC 102 -91.53 -66.76 -62.89
C LEU ZC 102 -91.59 -67.15 -61.42
N VAL ZC 103 -92.78 -67.24 -60.86
CA VAL ZC 103 -92.96 -67.97 -59.62
C VAL ZC 103 -92.94 -69.46 -59.94
N THR ZC 104 -92.48 -70.28 -59.00
CA THR ZC 104 -92.45 -71.74 -59.14
C THR ZC 104 -91.41 -72.25 -60.14
N ASP ZC 105 -90.79 -71.36 -60.92
CA ASP ZC 105 -89.72 -71.80 -61.80
C ASP ZC 105 -88.53 -70.87 -61.86
N GLN ZC 106 -88.66 -69.62 -61.43
CA GLN ZC 106 -87.67 -68.58 -61.69
C GLN ZC 106 -87.35 -68.50 -63.18
N ARG ZC 107 -88.39 -68.60 -63.99
CA ARG ZC 107 -88.26 -68.61 -65.45
C ARG ZC 107 -88.62 -67.23 -66.00
N LEU ZC 108 -87.65 -66.58 -66.61
CA LEU ZC 108 -87.89 -65.28 -67.23
C LEU ZC 108 -88.61 -65.46 -68.56
N PRO ZC 109 -89.43 -64.48 -68.96
CA PRO ZC 109 -90.11 -64.57 -70.24
C PRO ZC 109 -89.17 -64.32 -71.40
N LEU ZC 110 -88.28 -65.28 -71.67
CA LEU ZC 110 -87.39 -65.22 -72.82
C LEU ZC 110 -87.23 -66.55 -73.52
N ALA ZC 111 -87.99 -67.57 -73.14
CA ALA ZC 111 -87.85 -68.88 -73.78
C ALA ZC 111 -88.40 -68.85 -75.20
N THR ZC 112 -87.72 -69.55 -76.09
CA THR ZC 112 -88.13 -69.62 -77.49
C THR ZC 112 -89.17 -70.70 -77.75
N VAL ZC 113 -89.51 -71.50 -76.75
CA VAL ZC 113 -90.50 -72.58 -76.86
C VAL ZC 113 -90.07 -73.60 -77.91
N SER AD 1 -129.14 -17.80 -26.42
CA SER AD 1 -129.89 -16.56 -26.29
C SER AD 1 -130.95 -16.65 -25.19
N LYS AD 2 -131.81 -17.65 -25.28
CA LYS AD 2 -132.94 -17.78 -24.38
C LYS AD 2 -133.06 -19.24 -23.97
N VAL AD 3 -134.22 -19.61 -23.43
CA VAL AD 3 -134.46 -20.88 -22.75
C VAL AD 3 -133.90 -22.08 -23.53
N PHE AD 4 -133.00 -22.81 -22.89
CA PHE AD 4 -132.39 -24.01 -23.43
C PHE AD 4 -132.54 -25.10 -22.38
N ASN AD 5 -132.97 -26.29 -22.81
CA ASN AD 5 -133.12 -27.42 -21.89
C ASN AD 5 -134.05 -27.07 -20.74
N THR AD 6 -135.10 -26.32 -21.04
CA THR AD 6 -136.10 -25.81 -20.09
C THR AD 6 -135.52 -24.86 -19.06
N GLN AD 7 -134.25 -24.49 -19.17
CA GLN AD 7 -133.65 -23.54 -18.26
C GLN AD 7 -133.57 -22.18 -18.93
N THR AD 8 -133.87 -21.13 -18.18
CA THR AD 8 -133.85 -19.77 -18.70
C THR AD 8 -132.44 -19.22 -18.55
N PHE AD 9 -131.84 -18.82 -19.65
CA PHE AD 9 -130.51 -18.21 -19.66
C PHE AD 9 -130.68 -16.74 -19.96
N ASP AD 10 -130.37 -15.90 -18.97
CA ASP AD 10 -130.41 -14.46 -19.13
C ASP AD 10 -128.99 -13.94 -19.25
N ILE AD 11 -128.83 -12.83 -19.97
CA ILE AD 11 -127.50 -12.31 -20.21
C ILE AD 11 -126.87 -11.90 -18.89
N TYR AD 12 -125.72 -12.48 -18.60
CA TYR AD 12 -124.96 -12.14 -17.41
C TYR AD 12 -123.95 -11.02 -17.65
N SER AD 13 -123.33 -11.00 -18.81
CA SER AD 13 -122.34 -9.97 -19.11
C SER AD 13 -122.17 -9.87 -20.60
N THR AD 14 -121.84 -8.66 -21.05
CA THR AD 14 -121.59 -8.42 -22.46
C THR AD 14 -120.21 -7.81 -22.61
N GLU AD 15 -119.42 -8.39 -23.51
CA GLU AD 15 -118.07 -7.93 -23.78
C GLU AD 15 -117.96 -7.56 -25.25
N LYS AD 16 -116.78 -7.06 -25.63
CA LYS AD 16 -116.51 -6.71 -27.02
C LYS AD 16 -116.76 -7.90 -27.95
N ASP AD 17 -116.16 -9.04 -27.62
CA ASP AD 17 -116.26 -10.24 -28.44
C ASP AD 17 -116.84 -11.42 -27.68
N VAL AD 18 -117.36 -11.21 -26.48
CA VAL AD 18 -117.92 -12.28 -25.66
C VAL AD 18 -119.27 -11.84 -25.13
N VAL AD 19 -120.24 -12.74 -25.14
CA VAL AD 19 -121.52 -12.56 -24.49
C VAL AD 19 -121.75 -13.77 -23.59
N SER AD 20 -122.04 -13.53 -22.32
CA SER AD 20 -122.20 -14.60 -21.35
C SER AD 20 -123.59 -14.54 -20.73
N LEU AD 21 -124.30 -15.66 -20.78
CA LEU AD 21 -125.61 -15.83 -20.19
C LEU AD 21 -125.53 -16.77 -19.00
N ARG AD 22 -126.31 -16.46 -17.98
CA ARG AD 22 -126.35 -17.26 -16.76
C ARG AD 22 -127.77 -17.74 -16.54
N ASP AD 23 -127.90 -18.96 -16.02
CA ASP AD 23 -129.22 -19.48 -15.70
C ASP AD 23 -129.89 -18.65 -14.62
N PHE AD 24 -129.15 -18.30 -13.57
CA PHE AD 24 -129.63 -17.45 -12.47
C PHE AD 24 -130.67 -18.13 -11.61
N ALA AD 25 -131.09 -19.32 -12.01
CA ALA AD 25 -131.99 -20.14 -11.20
C ALA AD 25 -131.24 -21.22 -10.45
N ASN AD 26 -130.50 -22.06 -11.17
CA ASN AD 26 -129.61 -23.02 -10.55
C ASN AD 26 -128.26 -22.42 -10.21
N ASP AD 27 -127.92 -21.26 -10.79
CA ASP AD 27 -126.68 -20.54 -10.50
C ASP AD 27 -125.45 -21.41 -10.70
N LYS AD 28 -125.50 -22.33 -11.65
CA LYS AD 28 -124.37 -23.21 -11.92
C LYS AD 28 -124.03 -23.34 -13.39
N ASP AD 29 -124.90 -22.90 -14.29
CA ASP AD 29 -124.69 -23.04 -15.72
C ASP AD 29 -124.42 -21.68 -16.35
N THR AD 30 -123.35 -21.60 -17.16
CA THR AD 30 -123.01 -20.39 -17.89
C THR AD 30 -122.78 -20.72 -19.35
N LEU AD 31 -123.44 -19.99 -20.24
CA LEU AD 31 -123.32 -20.16 -21.68
C LEU AD 31 -122.57 -18.96 -22.25
N ALA AD 32 -121.44 -19.22 -22.91
CA ALA AD 32 -120.59 -18.17 -23.45
C ALA AD 32 -120.52 -18.27 -24.96
N TYR AD 33 -120.79 -17.16 -25.63
CA TYR AD 33 -120.58 -16.97 -27.05
C TYR AD 33 -119.33 -16.12 -27.20
N LYS AD 34 -118.29 -16.67 -27.84
CA LYS AD 34 -117.03 -15.98 -28.03
C LYS AD 34 -116.73 -15.84 -29.51
N ARG AD 35 -116.18 -14.69 -29.88
CA ARG AD 35 -115.96 -14.29 -31.25
C ARG AD 35 -114.47 -14.03 -31.46
N LEU AD 36 -113.98 -14.25 -32.67
CA LEU AD 36 -112.61 -13.90 -33.00
C LEU AD 36 -112.50 -13.72 -34.50
N ALA AD 37 -112.25 -12.49 -34.93
CA ALA AD 37 -112.23 -12.18 -36.35
C ALA AD 37 -111.00 -12.81 -37.02
N PRO AD 38 -111.13 -13.21 -38.29
CA PRO AD 38 -109.96 -13.74 -39.01
C PRO AD 38 -108.92 -12.65 -39.24
N LYS AD 39 -107.65 -13.04 -39.17
CA LYS AD 39 -106.56 -12.11 -39.36
C LYS AD 39 -105.84 -12.42 -40.67
N ARG AD 40 -105.70 -11.41 -41.53
CA ARG AD 40 -105.00 -11.56 -42.79
C ARG AD 40 -103.52 -11.37 -42.53
N THR AD 41 -102.94 -12.29 -41.74
CA THR AD 41 -101.53 -12.23 -41.41
C THR AD 41 -100.64 -12.56 -42.61
N LYS AD 42 -101.25 -13.01 -43.70
CA LYS AD 42 -100.54 -13.39 -44.91
C LYS AD 42 -101.50 -13.21 -46.08
N ASP AD 43 -101.17 -13.82 -47.21
CA ASP AD 43 -102.05 -13.82 -48.37
C ASP AD 43 -103.42 -14.38 -47.97
N SER AD 44 -103.43 -15.40 -47.12
CA SER AD 44 -104.67 -15.99 -46.68
C SER AD 44 -105.50 -14.98 -45.88
N PRO AD 45 -106.82 -14.98 -46.03
CA PRO AD 45 -107.65 -14.00 -45.30
C PRO AD 45 -107.81 -14.33 -43.83
N GLY AD 46 -107.27 -15.44 -43.35
CA GLY AD 46 -107.34 -15.79 -41.95
C GLY AD 46 -108.50 -16.71 -41.61
N MET AD 47 -108.50 -17.16 -40.36
CA MET AD 47 -109.49 -18.11 -39.88
C MET AD 47 -110.39 -17.43 -38.86
N ALA AD 48 -111.70 -17.49 -39.10
CA ALA AD 48 -112.67 -16.86 -38.21
C ALA AD 48 -113.05 -17.84 -37.11
N LYS AD 49 -112.69 -17.51 -35.87
CA LYS AD 49 -112.95 -18.37 -34.73
C LYS AD 49 -114.28 -18.03 -34.07
N SER AD 50 -115.07 -19.06 -33.83
CA SER AD 50 -116.27 -18.95 -33.03
C SER AD 50 -116.17 -19.89 -31.84
N GLU AD 51 -116.93 -19.62 -30.80
CA GLU AD 51 -116.95 -20.51 -29.65
C GLU AD 51 -118.30 -20.44 -28.97
N LEU AD 52 -118.87 -21.60 -28.68
CA LEU AD 52 -120.11 -21.70 -27.93
C LEU AD 52 -119.88 -22.73 -26.84
N LYS AD 53 -119.77 -22.27 -25.60
CA LYS AD 53 -119.43 -23.18 -24.51
C LYS AD 53 -120.45 -23.10 -23.40
N ILE AD 54 -120.70 -24.24 -22.76
CA ILE AD 54 -121.52 -24.32 -21.56
C ILE AD 54 -120.65 -24.85 -20.44
N THR AD 55 -120.64 -24.14 -19.32
CA THR AD 55 -119.81 -24.49 -18.18
C THR AD 55 -120.70 -24.66 -16.97
N ARG AD 56 -120.54 -25.78 -16.27
CA ARG AD 56 -121.27 -26.04 -15.05
C ARG AD 56 -120.30 -26.04 -13.88
N VAL AD 57 -120.57 -25.19 -12.90
CA VAL AD 57 -119.75 -25.10 -11.69
C VAL AD 57 -120.67 -25.28 -10.49
N ASP AD 58 -120.24 -26.13 -9.56
CA ASP AD 58 -121.11 -26.42 -8.42
C ASP AD 58 -121.24 -25.18 -7.54
N PRO AD 59 -122.43 -24.64 -7.34
CA PRO AD 59 -122.55 -23.35 -6.67
C PRO AD 59 -122.66 -23.41 -5.15
N THR AD 60 -121.85 -24.23 -4.49
CA THR AD 60 -121.72 -24.12 -3.04
C THR AD 60 -120.25 -24.06 -2.64
N THR AD 61 -119.40 -24.78 -3.36
CA THR AD 61 -117.95 -24.69 -3.17
C THR AD 61 -117.20 -24.27 -4.42
N GLY AD 62 -117.83 -24.32 -5.59
CA GLY AD 62 -117.20 -23.85 -6.81
C GLY AD 62 -116.34 -24.86 -7.53
N VAL AD 63 -116.76 -26.12 -7.60
CA VAL AD 63 -116.01 -27.15 -8.30
C VAL AD 63 -116.61 -27.33 -9.69
N LEU AD 64 -115.75 -27.24 -10.71
CA LEU AD 64 -116.17 -27.35 -12.10
C LEU AD 64 -116.64 -28.76 -12.39
N ILE AD 65 -117.94 -28.94 -12.60
CA ILE AD 65 -118.48 -30.24 -12.94
C ILE AD 65 -118.08 -30.65 -14.34
N GLY AD 66 -118.25 -29.77 -15.31
CA GLY AD 66 -117.95 -30.14 -16.68
C GLY AD 66 -118.08 -28.95 -17.61
N ILE AD 67 -117.49 -29.12 -18.79
CA ILE AD 67 -117.57 -28.13 -19.87
C ILE AD 67 -117.82 -28.87 -21.17
N VAL AD 68 -118.80 -28.41 -21.93
CA VAL AD 68 -118.97 -28.79 -23.32
C VAL AD 68 -118.80 -27.55 -24.16
N ASN AD 69 -117.83 -27.57 -25.07
CA ASN AD 69 -117.50 -26.40 -25.88
C ASN AD 69 -117.59 -26.76 -27.34
N VAL AD 70 -118.16 -25.87 -28.14
CA VAL AD 70 -118.22 -26.00 -29.58
C VAL AD 70 -117.42 -24.86 -30.17
N SER AD 71 -116.33 -25.18 -30.84
CA SER AD 71 -115.46 -24.18 -31.44
C SER AD 71 -115.41 -24.38 -32.94
N SER AD 72 -115.32 -23.26 -33.67
CA SER AD 72 -115.21 -23.28 -35.11
C SER AD 72 -113.97 -22.53 -35.54
N SER AD 73 -113.29 -23.03 -36.55
CA SER AD 73 -112.15 -22.36 -37.16
C SER AD 73 -112.33 -22.52 -38.66
N ILE AD 74 -113.00 -21.55 -39.28
CA ILE AD 74 -113.36 -21.61 -40.69
C ILE AD 74 -112.62 -20.51 -41.43
N ARG AD 75 -112.12 -20.84 -42.62
CA ARG AD 75 -111.46 -19.86 -43.47
C ARG AD 75 -112.36 -18.65 -43.69
N ALA AD 76 -111.77 -17.47 -43.64
CA ALA AD 76 -112.53 -16.25 -43.89
C ALA AD 76 -113.13 -16.24 -45.28
N ASP AD 77 -112.51 -16.94 -46.23
CA ASP AD 77 -113.01 -17.01 -47.59
C ASP AD 77 -113.94 -18.19 -47.84
N ALA AD 78 -114.14 -19.06 -46.85
CA ALA AD 78 -114.93 -20.26 -47.07
C ALA AD 78 -116.37 -19.91 -47.41
N THR AD 79 -116.94 -20.69 -48.32
CA THR AD 79 -118.28 -20.43 -48.82
C THR AD 79 -119.31 -20.73 -47.74
N ALA AD 80 -120.49 -20.10 -47.88
CA ALA AD 80 -121.59 -20.41 -46.98
C ALA AD 80 -122.02 -21.86 -47.10
N ALA AD 81 -121.83 -22.47 -48.27
CA ALA AD 81 -122.10 -23.90 -48.42
C ALA AD 81 -121.18 -24.73 -47.54
N ASP AD 82 -119.89 -24.37 -47.50
CA ASP AD 82 -118.96 -25.08 -46.64
C ASP AD 82 -119.35 -24.95 -45.17
N LYS AD 83 -119.73 -23.74 -44.75
CA LYS AD 83 -120.08 -23.52 -43.36
C LYS AD 83 -121.36 -24.26 -42.98
N THR AD 84 -122.36 -24.22 -43.86
CA THR AD 84 -123.58 -24.97 -43.61
C THR AD 84 -123.31 -26.46 -43.55
N ALA AD 85 -122.46 -26.97 -44.46
CA ALA AD 85 -122.13 -28.39 -44.44
C ALA AD 85 -121.42 -28.78 -43.15
N LEU AD 86 -120.48 -27.95 -42.70
CA LEU AD 86 -119.77 -28.24 -41.47
C LEU AD 86 -120.71 -28.29 -40.29
N MET AD 87 -121.57 -27.26 -40.17
CA MET AD 87 -122.51 -27.23 -39.06
C MET AD 87 -123.49 -28.40 -39.13
N ALA AD 88 -123.96 -28.76 -40.32
CA ALA AD 88 -124.91 -29.85 -40.46
C ALA AD 88 -124.28 -31.19 -40.11
N ILE AD 89 -123.05 -31.44 -40.58
CA ILE AD 89 -122.38 -32.69 -40.26
C ILE AD 89 -122.14 -32.80 -38.77
N ILE AD 90 -121.65 -31.73 -38.15
CA ILE AD 90 -121.35 -31.82 -36.72
C ILE AD 90 -122.64 -31.98 -35.91
N THR AD 91 -123.72 -31.31 -36.31
CA THR AD 91 -124.98 -31.44 -35.59
C THR AD 91 -125.55 -32.84 -35.73
N ALA AD 92 -125.47 -33.42 -36.94
CA ALA AD 92 -125.92 -34.78 -37.14
C ALA AD 92 -125.10 -35.77 -36.32
N ALA AD 93 -123.79 -35.57 -36.26
CA ALA AD 93 -122.94 -36.45 -35.46
C ALA AD 93 -123.28 -36.34 -33.98
N GLN AD 94 -123.53 -35.13 -33.48
CA GLN AD 94 -123.94 -34.97 -32.10
C GLN AD 94 -125.28 -35.65 -31.83
N ALA AD 95 -126.21 -35.54 -32.78
CA ALA AD 95 -127.49 -36.22 -32.65
C ALA AD 95 -127.34 -37.73 -32.71
N ASP AD 96 -126.26 -38.22 -33.31
CA ASP AD 96 -125.98 -39.66 -33.31
C ASP AD 96 -125.61 -40.12 -31.91
N GLY AD 97 -125.85 -41.41 -31.64
CA GLY AD 97 -125.58 -41.96 -30.32
C GLY AD 97 -124.12 -42.19 -30.03
N ALA AD 98 -123.27 -42.19 -31.06
CA ALA AD 98 -121.84 -42.36 -30.83
C ALA AD 98 -121.29 -41.23 -29.98
N TRP AD 99 -121.80 -40.01 -30.19
CA TRP AD 99 -121.40 -38.90 -29.33
C TRP AD 99 -121.92 -39.08 -27.91
N THR AD 100 -123.17 -39.53 -27.77
CA THR AD 100 -123.74 -39.74 -26.45
C THR AD 100 -123.03 -40.85 -25.70
N GLU AD 101 -122.30 -41.71 -26.40
CA GLU AD 101 -121.46 -42.70 -25.76
C GLU AD 101 -120.05 -42.19 -25.48
N LEU AD 102 -119.46 -41.47 -26.42
CA LEU AD 102 -118.15 -40.87 -26.20
C LEU AD 102 -118.16 -39.97 -24.98
N VAL AD 103 -119.16 -39.12 -24.87
CA VAL AD 103 -119.48 -38.48 -23.60
C VAL AD 103 -120.24 -39.48 -22.75
N THR AD 104 -119.98 -39.47 -21.45
CA THR AD 104 -120.63 -40.32 -20.45
C THR AD 104 -120.15 -41.77 -20.47
N ASP AD 105 -119.37 -42.18 -21.47
CA ASP AD 105 -118.80 -43.52 -21.41
C ASP AD 105 -117.38 -43.62 -21.92
N GLN AD 106 -116.88 -42.65 -22.67
CA GLN AD 106 -115.59 -42.75 -23.36
C GLN AD 106 -115.57 -43.98 -24.26
N ARG AD 107 -116.69 -44.23 -24.92
CA ARG AD 107 -116.83 -45.37 -25.83
C ARG AD 107 -116.67 -44.88 -27.26
N LEU AD 108 -115.68 -45.37 -27.90
CA LEU AD 108 -115.40 -45.04 -29.29
C LEU AD 108 -116.28 -45.85 -30.22
N PRO AD 109 -116.56 -45.33 -31.41
CA PRO AD 109 -117.36 -46.09 -32.37
C PRO AD 109 -116.57 -47.20 -33.03
N LEU AD 110 -116.10 -48.17 -32.23
CA LEU AD 110 -115.40 -49.32 -32.76
C LEU AD 110 -115.85 -50.64 -32.13
N ALA AD 111 -116.73 -50.61 -31.13
CA ALA AD 111 -117.24 -51.84 -30.54
C ALA AD 111 -118.08 -52.60 -31.57
N THR AD 112 -118.01 -53.93 -31.50
CA THR AD 112 -118.73 -54.79 -32.44
C THR AD 112 -120.17 -55.04 -32.01
N VAL AD 113 -120.58 -54.57 -30.84
CA VAL AD 113 -121.93 -54.76 -30.32
C VAL AD 113 -122.28 -56.24 -30.16
N SER BD 1 110.60 -73.41 -11.73
CA SER BD 1 111.46 -73.13 -12.87
C SER BD 1 111.54 -74.36 -13.79
N LYS BD 2 112.05 -75.46 -13.26
CA LYS BD 2 112.23 -76.69 -14.01
C LYS BD 2 111.81 -77.86 -13.13
N VAL BD 3 112.27 -79.06 -13.48
CA VAL BD 3 111.80 -80.32 -12.91
C VAL BD 3 111.82 -80.29 -11.38
N PHE BD 4 110.63 -80.43 -10.79
CA PHE BD 4 110.45 -80.49 -9.35
C PHE BD 4 109.61 -81.71 -9.02
N ASN BD 5 110.07 -82.51 -8.07
CA ASN BD 5 109.37 -83.70 -7.62
C ASN BD 5 108.99 -84.57 -8.84
N THR BD 6 110.00 -84.89 -9.65
CA THR BD 6 109.90 -85.72 -10.85
C THR BD 6 108.90 -85.20 -11.86
N GLN BD 7 108.53 -83.92 -11.83
CA GLN BD 7 107.62 -83.35 -12.80
C GLN BD 7 108.25 -82.13 -13.46
N THR BD 8 108.09 -82.03 -14.78
CA THR BD 8 108.68 -80.96 -15.56
C THR BD 8 107.70 -79.81 -15.66
N PHE BD 9 108.06 -78.68 -15.06
CA PHE BD 9 107.22 -77.48 -15.09
C PHE BD 9 107.78 -76.55 -16.14
N ASP BD 10 106.99 -76.30 -17.18
CA ASP BD 10 107.36 -75.43 -18.27
C ASP BD 10 106.52 -74.16 -18.23
N ILE BD 11 107.11 -73.07 -18.72
CA ILE BD 11 106.44 -71.77 -18.64
C ILE BD 11 105.15 -71.83 -19.45
N TYR BD 12 104.05 -71.48 -18.80
CA TYR BD 12 102.78 -71.30 -19.49
C TYR BD 12 102.47 -69.84 -19.75
N SER BD 13 102.79 -68.96 -18.83
CA SER BD 13 102.35 -67.58 -18.97
C SER BD 13 103.32 -66.66 -18.26
N THR BD 14 103.52 -65.48 -18.84
CA THR BD 14 104.40 -64.48 -18.27
C THR BD 14 103.68 -63.15 -18.24
N GLU BD 15 103.58 -62.56 -17.06
CA GLU BD 15 103.00 -61.25 -16.87
C GLU BD 15 104.09 -60.26 -16.49
N LYS BD 16 103.66 -59.05 -16.16
CA LYS BD 16 104.60 -58.06 -15.64
C LYS BD 16 105.22 -58.55 -14.33
N ASP BD 17 104.41 -59.17 -13.47
CA ASP BD 17 104.87 -59.54 -12.15
C ASP BD 17 104.53 -60.98 -11.76
N VAL BD 18 104.02 -61.78 -12.68
CA VAL BD 18 103.73 -63.19 -12.42
C VAL BD 18 104.32 -64.04 -13.53
N VAL BD 19 104.88 -65.18 -13.14
CA VAL BD 19 105.25 -66.24 -14.08
C VAL BD 19 104.49 -67.49 -13.64
N SER BD 20 103.79 -68.11 -14.57
CA SER BD 20 103.05 -69.34 -14.31
C SER BD 20 103.61 -70.47 -15.17
N LEU BD 21 103.85 -71.62 -14.54
CA LEU BD 21 104.37 -72.81 -15.18
C LEU BD 21 103.39 -73.95 -14.94
N ARG BD 22 103.30 -74.85 -15.92
CA ARG BD 22 102.46 -76.04 -15.80
C ARG BD 22 103.28 -77.28 -16.09
N ASP BD 23 102.80 -78.42 -15.59
CA ASP BD 23 103.45 -79.69 -15.88
C ASP BD 23 103.30 -80.07 -17.35
N PHE BD 24 102.09 -79.92 -17.90
CA PHE BD 24 101.76 -80.26 -19.28
C PHE BD 24 101.81 -81.77 -19.49
N ALA BD 25 102.20 -82.51 -18.45
CA ALA BD 25 102.20 -83.96 -18.46
C ALA BD 25 100.98 -84.52 -17.74
N ASN BD 26 100.80 -84.16 -16.46
CA ASN BD 26 99.59 -84.51 -15.76
C ASN BD 26 98.50 -83.45 -15.89
N ASP BD 27 98.84 -82.26 -16.40
CA ASP BD 27 97.88 -81.19 -16.67
C ASP BD 27 97.04 -80.84 -15.45
N LYS BD 28 97.64 -80.92 -14.26
CA LYS BD 28 96.92 -80.63 -13.04
C LYS BD 28 97.65 -79.67 -12.11
N ASP BD 29 98.95 -79.44 -12.31
CA ASP BD 29 99.74 -78.62 -11.41
C ASP BD 29 100.14 -77.33 -12.08
N THR BD 30 99.96 -76.22 -11.38
CA THR BD 30 100.42 -74.91 -11.82
C THR BD 30 101.25 -74.30 -10.72
N LEU BD 31 102.47 -73.89 -11.06
CA LEU BD 31 103.39 -73.23 -10.14
C LEU BD 31 103.51 -71.77 -10.53
N ALA BD 32 103.23 -70.88 -9.59
CA ALA BD 32 103.22 -69.44 -9.85
C ALA BD 32 104.25 -68.75 -8.98
N TYR BD 33 105.09 -67.93 -9.63
CA TYR BD 33 106.03 -67.04 -8.98
C TYR BD 33 105.50 -65.62 -9.14
N LYS BD 34 105.32 -64.92 -8.02
CA LYS BD 34 104.64 -63.64 -8.01
C LYS BD 34 105.49 -62.63 -7.23
N ARG BD 35 105.47 -61.39 -7.71
CA ARG BD 35 106.45 -60.37 -7.35
C ARG BD 35 105.75 -59.04 -7.11
N LEU BD 36 106.00 -58.44 -5.95
CA LEU BD 36 105.54 -57.08 -5.66
C LEU BD 36 106.69 -56.27 -5.08
N ALA BD 37 107.20 -55.32 -5.85
CA ALA BD 37 108.29 -54.47 -5.37
C ALA BD 37 107.84 -53.62 -4.17
N PRO BD 38 108.74 -53.34 -3.24
CA PRO BD 38 108.36 -52.53 -2.07
C PRO BD 38 108.00 -51.11 -2.48
N LYS BD 39 107.03 -50.54 -1.79
CA LYS BD 39 106.56 -49.19 -2.08
C LYS BD 39 106.81 -48.29 -0.88
N ARG BD 40 107.51 -47.18 -1.11
CA ARG BD 40 107.88 -46.25 -0.05
C ARG BD 40 106.67 -45.37 0.25
N THR BD 41 105.80 -45.87 1.13
CA THR BD 41 104.61 -45.14 1.52
C THR BD 41 104.87 -44.17 2.66
N LYS BD 42 106.01 -44.27 3.32
CA LYS BD 42 106.31 -43.47 4.50
C LYS BD 42 107.82 -43.44 4.66
N ASP BD 43 108.28 -43.08 5.86
CA ASP BD 43 109.69 -43.16 6.19
C ASP BD 43 110.19 -44.59 6.01
N SER BD 44 109.30 -45.57 6.15
CA SER BD 44 109.64 -46.94 5.84
C SER BD 44 109.79 -47.10 4.32
N PRO BD 45 110.76 -47.88 3.84
CA PRO BD 45 110.90 -48.08 2.40
C PRO BD 45 109.91 -49.06 1.80
N GLY BD 46 109.00 -49.60 2.59
CA GLY BD 46 108.05 -50.59 2.11
C GLY BD 46 108.55 -52.01 2.28
N MET BD 47 107.64 -52.96 2.03
CA MET BD 47 107.92 -54.37 2.14
C MET BD 47 107.83 -55.02 0.76
N ALA BD 48 108.85 -55.81 0.42
CA ALA BD 48 108.89 -56.52 -0.86
C ALA BD 48 108.15 -57.84 -0.71
N LYS BD 49 107.11 -58.03 -1.51
CA LYS BD 49 106.27 -59.21 -1.44
C LYS BD 49 106.72 -60.25 -2.47
N SER BD 50 106.79 -61.50 -2.05
CA SER BD 50 106.97 -62.61 -2.95
C SER BD 50 105.86 -63.62 -2.71
N GLU BD 51 105.58 -64.43 -3.72
CA GLU BD 51 104.61 -65.50 -3.55
C GLU BD 51 105.02 -66.67 -4.45
N LEU BD 52 105.09 -67.85 -3.86
CA LEU BD 52 105.42 -69.06 -4.61
C LEU BD 52 104.34 -70.09 -4.32
N LYS BD 53 103.43 -70.28 -5.25
CA LYS BD 53 102.28 -71.13 -4.97
C LYS BD 53 102.17 -72.28 -5.94
N ILE BD 54 101.84 -73.45 -5.41
CA ILE BD 54 101.55 -74.65 -6.20
C ILE BD 54 100.07 -74.97 -6.07
N THR BD 55 99.38 -75.08 -7.19
CA THR BD 55 97.96 -75.36 -7.25
C THR BD 55 97.72 -76.65 -8.02
N ARG BD 56 96.91 -77.53 -7.44
CA ARG BD 56 96.55 -78.79 -8.08
C ARG BD 56 95.05 -78.79 -8.35
N VAL BD 57 94.68 -79.03 -9.60
CA VAL BD 57 93.29 -79.12 -10.02
C VAL BD 57 93.14 -80.38 -10.86
N ASP BD 58 92.24 -81.27 -10.45
CA ASP BD 58 92.11 -82.47 -11.28
C ASP BD 58 91.53 -82.11 -12.63
N PRO BD 59 92.08 -82.62 -13.72
CA PRO BD 59 91.65 -82.15 -15.05
C PRO BD 59 90.51 -82.95 -15.64
N THR BD 60 89.48 -83.24 -14.86
CA THR BD 60 88.31 -83.91 -15.42
C THR BD 60 87.06 -83.10 -15.13
N THR BD 61 86.94 -82.62 -13.89
CA THR BD 61 85.89 -81.69 -13.51
C THR BD 61 86.43 -80.32 -13.13
N GLY BD 62 87.74 -80.17 -13.03
CA GLY BD 62 88.33 -78.89 -12.71
C GLY BD 62 88.22 -78.48 -11.26
N VAL BD 63 88.05 -79.42 -10.34
CA VAL BD 63 87.91 -79.10 -8.92
C VAL BD 63 89.29 -78.86 -8.35
N LEU BD 64 89.40 -77.87 -7.48
CA LEU BD 64 90.65 -77.58 -6.80
C LEU BD 64 90.89 -78.62 -5.72
N ILE BD 65 92.00 -79.34 -5.83
CA ILE BD 65 92.34 -80.31 -4.80
C ILE BD 65 93.05 -79.64 -3.63
N GLY BD 66 94.04 -78.81 -3.90
CA GLY BD 66 94.75 -78.16 -2.82
C GLY BD 66 95.75 -77.15 -3.34
N ILE BD 67 96.05 -76.18 -2.48
CA ILE BD 67 97.02 -75.13 -2.75
C ILE BD 67 98.00 -75.06 -1.60
N VAL BD 68 99.29 -75.02 -1.90
CA VAL BD 68 100.32 -74.70 -0.94
C VAL BD 68 101.02 -73.42 -1.42
N ASN BD 69 101.05 -72.41 -0.57
CA ASN BD 69 101.59 -71.10 -0.92
C ASN BD 69 102.71 -70.72 0.03
N VAL BD 70 103.81 -70.25 -0.53
CA VAL BD 70 104.93 -69.74 0.25
C VAL BD 70 105.06 -68.26 -0.11
N SER BD 71 104.67 -67.39 0.82
CA SER BD 71 104.72 -65.96 0.60
C SER BD 71 105.64 -65.31 1.62
N SER BD 72 106.45 -64.37 1.15
CA SER BD 72 107.36 -63.62 2.00
C SER BD 72 106.98 -62.13 1.94
N SER BD 73 107.25 -61.44 3.04
CA SER BD 73 106.99 -60.00 3.17
C SER BD 73 108.13 -59.42 3.99
N ILE BD 74 109.12 -58.84 3.31
CA ILE BD 74 110.37 -58.43 3.93
C ILE BD 74 110.63 -56.96 3.63
N ARG BD 75 111.11 -56.25 4.65
CA ARG BD 75 111.44 -54.82 4.52
C ARG BD 75 112.43 -54.59 3.38
N ALA BD 76 112.21 -53.50 2.64
CA ALA BD 76 113.11 -53.15 1.56
C ALA BD 76 114.53 -52.92 2.08
N ASP BD 77 114.66 -52.35 3.27
CA ASP BD 77 115.96 -52.08 3.86
C ASP BD 77 116.56 -53.28 4.57
N ALA BD 78 115.82 -54.38 4.66
CA ALA BD 78 116.26 -55.52 5.46
C ALA BD 78 117.53 -56.13 4.88
N THR BD 79 118.38 -56.63 5.78
CA THR BD 79 119.67 -57.18 5.38
C THR BD 79 119.49 -58.52 4.67
N ALA BD 80 120.49 -58.86 3.87
CA ALA BD 80 120.53 -60.19 3.27
C ALA BD 80 120.66 -61.27 4.35
N ALA BD 81 121.29 -60.94 5.47
CA ALA BD 81 121.36 -61.89 6.58
C ALA BD 81 119.98 -62.17 7.17
N ASP BD 82 119.15 -61.13 7.30
CA ASP BD 82 117.80 -61.34 7.80
C ASP BD 82 117.01 -62.25 6.86
N LYS BD 83 117.14 -62.03 5.56
CA LYS BD 83 116.41 -62.82 4.57
C LYS BD 83 116.90 -64.26 4.54
N THR BD 84 118.21 -64.45 4.62
CA THR BD 84 118.76 -65.80 4.65
C THR BD 84 118.30 -66.53 5.91
N ALA BD 85 118.29 -65.85 7.05
CA ALA BD 85 117.83 -66.46 8.28
C ALA BD 85 116.36 -66.84 8.20
N LEU BD 86 115.53 -65.96 7.66
CA LEU BD 86 114.11 -66.26 7.51
C LEU BD 86 113.91 -67.49 6.63
N MET BD 87 114.59 -67.53 5.49
CA MET BD 87 114.43 -68.67 4.59
C MET BD 87 114.93 -69.96 5.23
N ALA BD 88 116.07 -69.91 5.91
CA ALA BD 88 116.60 -71.12 6.55
C ALA BD 88 115.68 -71.61 7.65
N ILE BD 89 115.12 -70.70 8.45
CA ILE BD 89 114.23 -71.12 9.53
C ILE BD 89 112.97 -71.75 8.98
N ILE BD 90 112.36 -71.10 7.98
CA ILE BD 90 111.11 -71.66 7.43
C ILE BD 90 111.39 -72.99 6.73
N THR BD 91 112.54 -73.12 6.08
CA THR BD 91 112.89 -74.38 5.42
C THR BD 91 113.10 -75.49 6.43
N ALA BD 92 113.80 -75.20 7.54
CA ALA BD 92 114.00 -76.22 8.56
C ALA BD 92 112.68 -76.61 9.20
N ALA BD 93 111.79 -75.65 9.42
CA ALA BD 93 110.48 -75.96 9.98
C ALA BD 93 109.66 -76.83 9.02
N GLN BD 94 109.74 -76.54 7.72
CA GLN BD 94 109.05 -77.38 6.74
C GLN BD 94 109.63 -78.78 6.70
N ALA BD 95 110.95 -78.91 6.83
CA ALA BD 95 111.58 -80.22 6.81
C ALA BD 95 111.21 -81.05 8.04
N ASP BD 96 110.83 -80.39 9.13
CA ASP BD 96 110.40 -81.09 10.33
C ASP BD 96 109.06 -81.78 10.09
N GLY BD 97 108.81 -82.85 10.85
CA GLY BD 97 107.57 -83.57 10.73
C GLY BD 97 106.37 -82.86 11.33
N ALA BD 98 106.62 -81.85 12.16
CA ALA BD 98 105.52 -81.08 12.73
C ALA BD 98 104.71 -80.41 11.62
N TRP BD 99 105.39 -79.86 10.61
CA TRP BD 99 104.68 -79.30 9.47
C TRP BD 99 103.99 -80.39 8.67
N THR BD 100 104.63 -81.54 8.52
CA THR BD 100 104.03 -82.63 7.77
C THR BD 100 102.79 -83.18 8.44
N GLU BD 101 102.63 -82.93 9.74
CA GLU BD 101 101.40 -83.28 10.44
C GLU BD 101 100.38 -82.16 10.41
N LEU BD 102 100.82 -80.92 10.63
CA LEU BD 102 99.95 -79.76 10.50
C LEU BD 102 99.23 -79.78 9.16
N VAL BD 103 99.96 -80.04 8.10
CA VAL BD 103 99.34 -80.36 6.82
C VAL BD 103 99.02 -81.84 6.82
N THR BD 104 97.90 -82.21 6.20
CA THR BD 104 97.37 -83.56 6.11
C THR BD 104 96.76 -84.11 7.38
N ASP BD 105 96.99 -83.48 8.53
CA ASP BD 105 96.39 -83.98 9.78
C ASP BD 105 95.75 -82.90 10.63
N GLN BD 106 96.02 -81.62 10.39
CA GLN BD 106 95.55 -80.54 11.25
C GLN BD 106 95.98 -80.78 12.70
N ARG BD 107 97.24 -81.15 12.86
CA ARG BD 107 97.82 -81.50 14.14
C ARG BD 107 98.83 -80.43 14.55
N LEU BD 108 98.65 -79.86 15.73
CA LEU BD 108 99.58 -78.87 16.25
C LEU BD 108 100.76 -79.57 16.93
N PRO BD 109 101.92 -78.89 17.00
CA PRO BD 109 103.11 -79.55 17.58
C PRO BD 109 103.11 -79.53 19.09
N LEU BD 110 102.01 -79.94 19.71
CA LEU BD 110 101.90 -79.91 21.17
C LEU BD 110 101.63 -81.27 21.80
N ALA BD 111 101.48 -82.32 21.00
CA ALA BD 111 101.29 -83.65 21.55
C ALA BD 111 102.51 -84.04 22.40
N THR BD 112 102.26 -84.82 23.46
CA THR BD 112 103.33 -85.32 24.30
C THR BD 112 103.96 -86.60 23.77
N VAL BD 113 103.47 -87.12 22.65
CA VAL BD 113 104.00 -88.32 21.99
C VAL BD 113 103.88 -89.57 22.85
N SER CD 1 108.76 -76.88 15.81
CA SER CD 1 108.71 -77.44 17.14
C SER CD 1 109.95 -77.10 17.96
N LYS CD 2 111.10 -77.57 17.52
CA LYS CD 2 112.35 -77.43 18.28
C LYS CD 2 113.39 -76.81 17.35
N VAL CD 3 114.66 -76.96 17.73
CA VAL CD 3 115.79 -76.25 17.13
C VAL CD 3 115.73 -76.26 15.60
N PHE CD 4 115.65 -75.07 15.02
CA PHE CD 4 115.66 -74.87 13.58
C PHE CD 4 116.71 -73.81 13.26
N ASN CD 5 117.50 -74.05 12.21
CA ASN CD 5 118.57 -73.13 11.81
C ASN CD 5 119.50 -72.84 12.98
N THR CD 6 119.84 -73.88 13.74
CA THR CD 6 120.67 -73.86 14.94
C THR CD 6 120.07 -73.03 16.08
N GLN CD 7 118.87 -72.50 15.92
CA GLN CD 7 118.23 -71.69 16.93
C GLN CD 7 117.15 -72.50 17.64
N THR CD 8 117.14 -72.44 18.97
CA THR CD 8 116.19 -73.18 19.78
C THR CD 8 114.91 -72.36 19.91
N PHE CD 9 113.79 -72.93 19.47
CA PHE CD 9 112.50 -72.27 19.54
C PHE CD 9 111.69 -72.93 20.65
N ASP CD 10 111.52 -72.22 21.76
CA ASP CD 10 110.74 -72.71 22.88
C ASP CD 10 109.36 -72.06 22.86
N ILE CD 11 108.38 -72.77 23.43
CA ILE CD 11 106.98 -72.38 23.26
C ILE CD 11 106.76 -71.01 23.87
N TYR CD 12 106.22 -70.08 23.08
CA TYR CD 12 105.91 -68.74 23.54
C TYR CD 12 104.46 -68.56 23.94
N SER CD 13 103.54 -69.19 23.22
CA SER CD 13 102.13 -69.12 23.56
C SER CD 13 101.40 -70.27 22.89
N THR CD 14 100.23 -70.59 23.44
CA THR CD 14 99.39 -71.63 22.86
C THR CD 14 97.97 -71.12 22.76
N GLU CD 15 97.29 -71.51 21.69
CA GLU CD 15 95.91 -71.15 21.45
C GLU CD 15 95.15 -72.40 21.04
N LYS CD 16 93.84 -72.24 20.81
CA LYS CD 16 93.04 -73.34 20.30
C LYS CD 16 93.57 -73.85 18.97
N ASP CD 17 94.06 -72.94 18.12
CA ASP CD 17 94.52 -73.32 16.79
C ASP CD 17 95.89 -72.76 16.44
N VAL CD 18 96.53 -72.04 17.35
CA VAL CD 18 97.86 -71.48 17.08
C VAL CD 18 98.80 -71.89 18.20
N VAL CD 19 99.99 -72.36 17.82
CA VAL CD 19 101.09 -72.58 18.75
C VAL CD 19 102.25 -71.73 18.28
N SER CD 20 102.75 -70.88 19.15
CA SER CD 20 103.79 -69.93 18.83
C SER CD 20 105.02 -70.23 19.67
N LEU CD 21 106.17 -70.31 19.02
CA LEU CD 21 107.45 -70.57 19.66
C LEU CD 21 108.35 -69.37 19.47
N ARG CD 22 109.23 -69.16 20.43
CA ARG CD 22 110.18 -68.06 20.38
C ARG CD 22 111.59 -68.60 20.55
N ASP CD 23 112.56 -67.90 19.98
CA ASP CD 23 113.96 -68.23 20.21
C ASP CD 23 114.35 -67.95 21.67
N PHE CD 24 114.00 -66.76 22.17
CA PHE CD 24 114.31 -66.30 23.52
C PHE CD 24 115.80 -66.04 23.71
N ALA CD 25 116.60 -66.38 22.70
CA ALA CD 25 118.03 -66.06 22.70
C ALA CD 25 118.32 -64.74 22.00
N ASN CD 26 117.97 -64.64 20.72
CA ASN CD 26 118.01 -63.36 20.03
C ASN CD 26 116.72 -62.57 20.21
N ASP CD 27 115.70 -63.18 20.81
CA ASP CD 27 114.47 -62.49 21.20
C ASP CD 27 113.79 -61.82 20.02
N LYS CD 28 113.99 -62.36 18.82
CA LYS CD 28 113.54 -61.69 17.62
C LYS CD 28 112.72 -62.55 16.68
N ASP CD 29 112.75 -63.87 16.81
CA ASP CD 29 112.12 -64.79 15.87
C ASP CD 29 110.96 -65.51 16.53
N THR CD 30 109.81 -65.51 15.87
CA THR CD 30 108.63 -66.21 16.35
C THR CD 30 108.11 -67.12 15.27
N LEU CD 31 107.92 -68.38 15.61
CA LEU CD 31 107.45 -69.41 14.69
C LEU CD 31 106.03 -69.82 15.09
N ALA CD 32 105.08 -69.62 14.20
CA ALA CD 32 103.68 -69.93 14.48
C ALA CD 32 103.21 -71.09 13.63
N TYR CD 33 102.49 -72.02 14.26
CA TYR CD 33 101.77 -73.10 13.61
C TYR CD 33 100.29 -72.83 13.82
N LYS CD 34 99.54 -72.72 12.73
CA LYS CD 34 98.14 -72.34 12.80
C LYS CD 34 97.31 -73.35 12.04
N ARG CD 35 96.10 -73.59 12.55
CA ARG CD 35 95.25 -74.68 12.12
C ARG CD 35 93.84 -74.17 11.86
N LEU CD 36 93.20 -74.69 10.82
CA LEU CD 36 91.78 -74.42 10.57
C LEU CD 36 91.16 -75.67 10.00
N ALA CD 37 90.41 -76.40 10.83
CA ALA CD 37 89.76 -77.61 10.35
C ALA CD 37 88.75 -77.28 9.26
N PRO CD 38 88.56 -78.20 8.30
CA PRO CD 38 87.57 -77.95 7.24
C PRO CD 38 86.16 -77.90 7.79
N LYS CD 39 85.34 -77.07 7.16
CA LYS CD 39 83.93 -76.94 7.51
C LYS CD 39 83.09 -77.30 6.28
N ARG CD 40 82.07 -78.14 6.49
CA ARG CD 40 81.25 -78.67 5.40
C ARG CD 40 80.07 -77.73 5.16
N THR CD 41 80.37 -76.57 4.59
CA THR CD 41 79.33 -75.58 4.32
C THR CD 41 78.42 -76.02 3.18
N LYS CD 42 78.81 -77.05 2.44
CA LYS CD 42 78.01 -77.59 1.35
C LYS CD 42 78.30 -79.08 1.26
N ASP CD 43 77.95 -79.67 0.11
CA ASP CD 43 78.26 -81.07 -0.15
C ASP CD 43 79.75 -81.31 -0.06
N SER CD 44 80.54 -80.27 -0.31
CA SER CD 44 81.98 -80.37 -0.15
C SER CD 44 82.33 -80.65 1.31
N PRO CD 45 83.40 -81.40 1.58
CA PRO CD 45 83.85 -81.56 2.97
C PRO CD 45 84.62 -80.36 3.49
N GLY CD 46 84.73 -79.29 2.69
CA GLY CD 46 85.45 -78.11 3.09
C GLY CD 46 86.94 -78.20 2.79
N MET CD 47 87.64 -77.11 3.06
CA MET CD 47 89.08 -77.04 2.91
C MET CD 47 89.73 -77.02 4.28
N ALA CD 48 90.72 -77.90 4.47
CA ALA CD 48 91.55 -77.87 5.66
C ALA CD 48 92.67 -76.87 5.44
N LYS CD 49 92.77 -75.88 6.32
CA LYS CD 49 93.79 -74.85 6.22
C LYS CD 49 94.90 -75.12 7.25
N SER CD 50 96.14 -74.94 6.82
CA SER CD 50 97.26 -74.89 7.74
C SER CD 50 98.07 -73.64 7.46
N GLU CD 51 98.88 -73.25 8.43
CA GLU CD 51 99.74 -72.09 8.26
C GLU CD 51 101.00 -72.29 9.07
N LEU CD 52 102.16 -72.07 8.45
CA LEU CD 52 103.44 -72.15 9.15
C LEU CD 52 104.19 -70.87 8.84
N LYS CD 53 104.29 -69.98 9.81
CA LYS CD 53 104.86 -68.66 9.56
C LYS CD 53 106.03 -68.39 10.49
N ILE CD 54 107.01 -67.66 9.97
CA ILE CD 54 108.15 -67.20 10.74
C ILE CD 54 108.19 -65.68 10.66
N THR CD 55 108.33 -65.03 11.81
CA THR CD 55 108.34 -63.59 11.90
C THR CD 55 109.61 -63.14 12.58
N ARG CD 56 110.27 -62.15 12.01
CA ARG CD 56 111.43 -61.51 12.62
C ARG CD 56 111.08 -60.07 12.91
N VAL CD 57 111.20 -59.67 14.17
CA VAL CD 57 111.12 -58.28 14.57
C VAL CD 57 112.36 -57.97 15.40
N ASP CD 58 112.94 -56.81 15.16
CA ASP CD 58 114.09 -56.43 15.96
C ASP CD 58 113.60 -55.99 17.34
N PRO CD 59 114.06 -56.62 18.43
CA PRO CD 59 113.41 -56.40 19.73
C PRO CD 59 113.94 -55.21 20.50
N THR CD 60 114.20 -54.09 19.85
CA THR CD 60 114.45 -52.86 20.59
C THR CD 60 113.47 -51.78 20.14
N THR CD 61 113.34 -51.60 18.82
CA THR CD 61 112.34 -50.69 18.28
C THR CD 61 111.11 -51.40 17.77
N GLY CD 62 111.12 -52.73 17.71
CA GLY CD 62 109.94 -53.48 17.35
C GLY CD 62 109.40 -53.23 15.97
N VAL CD 63 110.25 -53.07 14.96
CA VAL CD 63 109.79 -52.97 13.59
C VAL CD 63 109.91 -54.34 12.94
N LEU CD 64 109.00 -54.65 12.04
CA LEU CD 64 108.95 -55.94 11.38
C LEU CD 64 110.05 -56.00 10.33
N ILE CD 65 111.03 -56.88 10.54
CA ILE CD 65 112.03 -57.10 9.50
C ILE CD 65 111.44 -57.87 8.33
N GLY CD 66 110.70 -58.95 8.61
CA GLY CD 66 110.13 -59.74 7.53
C GLY CD 66 109.35 -60.92 8.05
N ILE CD 67 108.48 -61.44 7.18
CA ILE CD 67 107.66 -62.62 7.43
C ILE CD 67 107.77 -63.55 6.24
N VAL CD 68 107.93 -64.85 6.51
CA VAL CD 68 107.78 -65.89 5.50
C VAL CD 68 106.68 -66.82 5.95
N ASN CD 69 105.71 -67.06 5.08
CA ASN CD 69 104.49 -67.76 5.41
C ASN CD 69 104.30 -68.95 4.49
N VAL CD 70 104.04 -70.12 5.08
CA VAL CD 70 103.72 -71.32 4.32
C VAL CD 70 102.28 -71.69 4.64
N SER CD 71 101.39 -71.50 3.68
CA SER CD 71 99.97 -71.73 3.88
C SER CD 71 99.50 -72.92 3.05
N SER CD 72 98.56 -73.67 3.59
CA SER CD 72 97.97 -74.80 2.90
C SER CD 72 96.46 -74.65 2.88
N SER CD 73 95.87 -74.95 1.73
CA SER CD 73 94.42 -75.01 1.57
C SER CD 73 94.14 -76.27 0.75
N ILE CD 74 93.96 -77.39 1.44
CA ILE CD 74 93.76 -78.69 0.81
C ILE CD 74 92.36 -79.17 1.11
N ARG CD 75 91.70 -79.73 0.10
CA ARG CD 75 90.39 -80.31 0.27
C ARG CD 75 90.42 -81.37 1.36
N ALA CD 76 89.39 -81.37 2.21
CA ALA CD 76 89.33 -82.35 3.28
C ALA CD 76 89.29 -83.77 2.74
N ASP CD 77 88.63 -83.96 1.60
CA ASP CD 77 88.56 -85.26 0.95
C ASP CD 77 89.83 -85.63 0.19
N ALA CD 78 90.74 -84.68 0.00
CA ALA CD 78 91.89 -84.91 -0.87
C ALA CD 78 92.78 -86.01 -0.33
N THR CD 79 93.21 -86.88 -1.22
CA THR CD 79 93.99 -88.04 -0.84
C THR CD 79 95.36 -87.60 -0.33
N ALA CD 80 95.99 -88.48 0.46
CA ALA CD 80 97.34 -88.22 0.92
C ALA CD 80 98.31 -88.13 -0.23
N ALA CD 81 97.99 -88.74 -1.38
CA ALA CD 81 98.84 -88.62 -2.55
C ALA CD 81 98.90 -87.18 -3.04
N ASP CD 82 97.75 -86.52 -3.14
CA ASP CD 82 97.75 -85.12 -3.56
C ASP CD 82 98.48 -84.24 -2.56
N LYS CD 83 98.27 -84.47 -1.26
CA LYS CD 83 98.93 -83.67 -0.25
C LYS CD 83 100.44 -83.86 -0.27
N THR CD 84 100.90 -85.11 -0.41
CA THR CD 84 102.32 -85.37 -0.48
C THR CD 84 102.94 -84.79 -1.75
N ALA CD 85 102.22 -84.87 -2.87
CA ALA CD 85 102.74 -84.27 -4.10
C ALA CD 85 102.84 -82.76 -3.98
N LEU CD 86 101.82 -82.14 -3.37
CA LEU CD 86 101.86 -80.70 -3.16
C LEU CD 86 103.04 -80.30 -2.30
N MET CD 87 103.26 -81.03 -1.21
CA MET CD 87 104.39 -80.74 -0.34
C MET CD 87 105.72 -80.93 -1.07
N ALA CD 88 105.84 -82.03 -1.82
CA ALA CD 88 107.09 -82.31 -2.52
C ALA CD 88 107.39 -81.24 -3.57
N ILE CD 89 106.37 -80.84 -4.32
CA ILE CD 89 106.57 -79.82 -5.34
C ILE CD 89 106.98 -78.50 -4.70
N ILE CD 90 106.30 -78.11 -3.62
CA ILE CD 90 106.60 -76.80 -3.04
C ILE CD 90 107.99 -76.81 -2.39
N THR CD 91 108.37 -77.91 -1.75
CA THR CD 91 109.69 -78.00 -1.15
C THR CD 91 110.78 -78.02 -2.21
N ALA CD 92 110.55 -78.74 -3.30
CA ALA CD 92 111.51 -78.74 -4.40
C ALA CD 92 111.66 -77.35 -5.00
N ALA CD 93 110.55 -76.63 -5.15
CA ALA CD 93 110.61 -75.27 -5.67
C ALA CD 93 111.36 -74.35 -4.74
N GLN CD 94 111.14 -74.49 -3.42
CA GLN CD 94 111.86 -73.66 -2.46
C GLN CD 94 113.35 -73.96 -2.48
N ALA CD 95 113.74 -75.23 -2.54
CA ALA CD 95 115.15 -75.59 -2.59
C ALA CD 95 115.82 -75.06 -3.84
N ASP CD 96 115.08 -74.89 -4.93
CA ASP CD 96 115.63 -74.37 -6.17
C ASP CD 96 115.92 -72.87 -6.04
N GLY CD 97 116.88 -72.41 -6.83
CA GLY CD 97 117.36 -71.04 -6.70
C GLY CD 97 116.38 -69.97 -7.10
N ALA CD 98 115.38 -70.30 -7.91
CA ALA CD 98 114.42 -69.29 -8.36
C ALA CD 98 113.69 -68.66 -7.17
N TRP CD 99 113.29 -69.47 -6.20
CA TRP CD 99 112.68 -68.91 -4.98
C TRP CD 99 113.67 -68.06 -4.21
N THR CD 100 114.93 -68.49 -4.14
CA THR CD 100 115.95 -67.75 -3.43
C THR CD 100 116.15 -66.36 -4.02
N GLU CD 101 116.11 -66.23 -5.35
CA GLU CD 101 116.20 -64.91 -5.99
C GLU CD 101 114.90 -64.13 -5.93
N LEU CD 102 113.75 -64.81 -6.03
CA LEU CD 102 112.47 -64.13 -5.89
C LEU CD 102 112.40 -63.40 -4.57
N VAL CD 103 112.81 -64.05 -3.49
CA VAL CD 103 113.15 -63.33 -2.27
C VAL CD 103 114.53 -62.71 -2.46
N THR CD 104 114.77 -61.57 -1.82
CA THR CD 104 116.06 -60.87 -1.84
C THR CD 104 116.35 -60.19 -3.18
N ASP CD 105 115.57 -60.48 -4.22
CA ASP CD 105 115.80 -59.81 -5.49
C ASP CD 105 114.53 -59.34 -6.18
N GLN CD 106 113.37 -59.89 -5.84
CA GLN CD 106 112.16 -59.72 -6.64
C GLN CD 106 112.41 -60.11 -8.10
N ARG CD 107 113.14 -61.21 -8.28
CA ARG CD 107 113.53 -61.69 -9.59
C ARG CD 107 112.62 -62.85 -9.99
N LEU CD 108 111.85 -62.66 -11.05
CA LEU CD 108 110.99 -63.71 -11.56
C LEU CD 108 111.80 -64.73 -12.37
N PRO CD 109 111.35 -65.98 -12.42
CA PRO CD 109 112.07 -66.98 -13.22
C PRO CD 109 111.83 -66.79 -14.71
N LEU CD 110 112.38 -65.73 -15.26
CA LEU CD 110 112.33 -65.49 -16.69
C LEU CD 110 113.63 -64.98 -17.28
N ALA CD 111 114.71 -64.95 -16.49
CA ALA CD 111 115.99 -64.45 -16.99
C ALA CD 111 116.59 -65.44 -17.99
N THR CD 112 117.23 -64.91 -19.03
CA THR CD 112 117.84 -65.72 -20.06
C THR CD 112 119.27 -66.13 -19.72
N VAL CD 113 119.82 -65.64 -18.61
CA VAL CD 113 121.19 -65.93 -18.17
C VAL CD 113 122.20 -65.49 -19.22
N SER DD 1 73.90 -103.21 40.22
CA SER DD 1 72.98 -104.24 40.68
C SER DD 1 73.17 -104.54 42.17
N LYS DD 2 74.42 -104.81 42.56
CA LYS DD 2 74.71 -105.23 43.92
C LYS DD 2 75.97 -104.50 44.39
N VAL DD 3 76.58 -105.02 45.46
CA VAL DD 3 77.58 -104.32 46.27
C VAL DD 3 78.62 -103.62 45.43
N PHE DD 4 78.73 -102.30 45.61
CA PHE DD 4 79.70 -101.46 44.94
C PHE DD 4 80.42 -100.65 46.00
N ASN DD 5 81.74 -100.60 45.92
CA ASN DD 5 82.54 -99.84 46.88
C ASN DD 5 82.26 -100.29 48.30
N THR DD 6 82.08 -101.61 48.47
CA THR DD 6 81.74 -102.29 49.72
C THR DD 6 80.39 -101.86 50.29
N GLN DD 7 79.62 -101.04 49.60
CA GLN DD 7 78.29 -100.67 50.04
C GLN DD 7 77.27 -101.51 49.29
N THR DD 8 76.26 -101.97 50.01
CA THR DD 8 75.20 -102.80 49.43
C THR DD 8 74.12 -101.89 48.87
N PHE DD 9 73.78 -102.09 47.60
CA PHE DD 9 72.72 -101.35 46.95
C PHE DD 9 71.56 -102.29 46.69
N ASP DD 10 70.43 -102.03 47.33
CA ASP DD 10 69.22 -102.78 47.12
C ASP DD 10 68.28 -102.01 46.22
N ILE DD 11 67.46 -102.73 45.46
CA ILE DD 11 66.54 -102.07 44.55
C ILE DD 11 65.55 -101.24 45.36
N TYR DD 12 65.48 -99.94 45.04
CA TYR DD 12 64.54 -99.04 45.68
C TYR DD 12 63.29 -98.81 44.86
N SER DD 13 63.41 -98.78 43.55
CA SER DD 13 62.29 -98.44 42.68
C SER DD 13 62.48 -99.10 41.33
N THR DD 14 61.38 -99.57 40.77
CA THR DD 14 61.39 -100.15 39.44
C THR DD 14 60.39 -99.42 38.57
N GLU DD 15 60.86 -98.90 37.45
CA GLU DD 15 60.03 -98.15 36.53
C GLU DD 15 60.11 -98.78 35.14
N LYS DD 16 59.39 -98.17 34.20
CA LYS DD 16 59.38 -98.65 32.82
C LYS DD 16 60.77 -98.60 32.22
N ASP DD 17 61.43 -97.45 32.33
CA ASP DD 17 62.75 -97.24 31.75
C ASP DD 17 63.79 -96.84 32.79
N VAL DD 18 63.47 -96.94 34.07
CA VAL DD 18 64.37 -96.56 35.14
C VAL DD 18 64.37 -97.64 36.22
N VAL DD 19 65.55 -97.95 36.74
CA VAL DD 19 65.70 -98.81 37.90
C VAL DD 19 66.59 -98.08 38.90
N SER DD 20 66.13 -97.95 40.13
CA SER DD 20 66.82 -97.19 41.15
C SER DD 20 67.15 -98.07 42.34
N LEU DD 21 68.42 -98.06 42.76
CA LEU DD 21 68.91 -98.78 43.92
C LEU DD 21 69.35 -97.79 44.99
N ARG DD 22 69.08 -98.14 46.24
CA ARG DD 22 69.48 -97.32 47.37
C ARG DD 22 70.39 -98.14 48.27
N ASP DD 23 71.35 -97.46 48.90
CA ASP DD 23 72.22 -98.13 49.85
C ASP DD 23 71.43 -98.66 51.05
N PHE DD 24 70.53 -97.84 51.60
CA PHE DD 24 69.66 -98.19 52.72
C PHE DD 24 70.45 -98.35 54.02
N ALA DD 25 71.77 -98.27 53.92
CA ALA DD 25 72.63 -98.28 55.09
C ALA DD 25 73.08 -96.89 55.48
N ASN DD 26 73.70 -96.16 54.56
CA ASN DD 26 73.99 -94.75 54.78
C ASN DD 26 72.83 -93.85 54.41
N ASP DD 27 71.85 -94.37 53.67
CA ASP DD 27 70.65 -93.63 53.29
C ASP DD 27 70.98 -92.32 52.57
N LYS DD 28 72.07 -92.31 51.82
CA LYS DD 28 72.46 -91.11 51.11
C LYS DD 28 72.90 -91.36 49.67
N ASP DD 29 73.05 -92.61 49.24
CA ASP DD 29 73.50 -92.93 47.89
C ASP DD 29 72.39 -93.59 47.10
N THR DD 30 72.15 -93.09 45.89
CA THR DD 30 71.17 -93.65 44.98
C THR DD 30 71.82 -93.90 43.63
N LEU DD 31 71.66 -95.10 43.10
CA LEU DD 31 72.19 -95.48 41.80
C LEU DD 31 71.03 -95.72 40.85
N ALA DD 32 71.01 -94.98 39.75
CA ALA DD 32 69.91 -95.05 38.78
C ALA DD 32 70.43 -95.53 37.43
N TYR DD 33 69.75 -96.53 36.88
CA TYR DD 33 69.93 -97.00 35.51
C TYR DD 33 68.74 -96.48 34.71
N LYS DD 34 69.01 -95.65 33.70
CA LYS DD 34 67.98 -95.04 32.88
C LYS DD 34 68.18 -95.42 31.42
N ARG DD 35 67.06 -95.60 30.73
CA ARG DD 35 67.00 -96.13 29.37
C ARG DD 35 66.23 -95.18 28.49
N LEU DD 36 66.59 -95.13 27.21
CA LEU DD 36 65.82 -94.36 26.23
C LEU DD 36 66.06 -94.99 24.87
N ALA DD 37 65.01 -95.57 24.29
CA ALA DD 37 65.15 -96.28 23.03
C ALA DD 37 65.51 -95.31 21.90
N PRO DD 38 66.27 -95.79 20.90
CA PRO DD 38 66.56 -94.94 19.73
C PRO DD 38 65.31 -94.70 18.92
N LYS DD 39 65.11 -93.45 18.53
CA LYS DD 39 63.89 -93.02 17.86
C LYS DD 39 64.18 -92.73 16.39
N ARG DD 40 63.46 -93.44 15.50
CA ARG DD 40 63.66 -93.36 14.06
C ARG DD 40 62.84 -92.20 13.51
N THR DD 41 63.23 -90.98 13.91
CA THR DD 41 62.55 -89.80 13.42
C THR DD 41 62.84 -89.52 11.96
N LYS DD 42 63.78 -90.24 11.36
CA LYS DD 42 64.20 -90.02 10.00
C LYS DD 42 64.77 -91.33 9.47
N ASP DD 43 65.49 -91.25 8.35
CA ASP DD 43 66.19 -92.39 7.78
C ASP DD 43 67.06 -93.08 8.81
N SER DD 44 67.77 -92.31 9.62
CA SER DD 44 68.64 -92.87 10.64
C SER DD 44 67.83 -93.63 11.67
N PRO DD 45 68.32 -94.75 12.20
CA PRO DD 45 67.55 -95.52 13.18
C PRO DD 45 67.45 -94.85 14.54
N GLY DD 46 68.10 -93.72 14.75
CA GLY DD 46 68.04 -93.01 16.01
C GLY DD 46 69.20 -93.35 16.92
N MET DD 47 69.24 -92.65 18.05
CA MET DD 47 70.31 -92.78 19.03
C MET DD 47 69.78 -93.39 20.31
N ALA DD 48 70.39 -94.49 20.73
CA ALA DD 48 69.96 -95.21 21.93
C ALA DD 48 70.65 -94.59 23.14
N LYS DD 49 69.86 -93.97 24.02
CA LYS DD 49 70.40 -93.27 25.16
C LYS DD 49 70.43 -94.18 26.38
N SER DD 50 71.56 -94.21 27.07
CA SER DD 50 71.68 -94.91 28.34
C SER DD 50 72.13 -93.92 29.40
N GLU DD 51 71.92 -94.28 30.66
CA GLU DD 51 72.33 -93.42 31.75
C GLU DD 51 72.61 -94.27 32.99
N LEU DD 52 73.76 -94.02 33.62
CA LEU DD 52 74.09 -94.65 34.90
C LEU DD 52 74.58 -93.53 35.82
N LYS DD 53 73.79 -93.20 36.83
CA LYS DD 53 74.14 -92.07 37.68
C LYS DD 53 74.11 -92.47 39.15
N ILE DD 54 75.03 -91.88 39.92
CA ILE DD 54 75.09 -92.03 41.36
C ILE DD 54 74.90 -90.66 41.99
N THR DD 55 73.96 -90.57 42.93
CA THR DD 55 73.61 -89.32 43.59
C THR DD 55 73.80 -89.47 45.08
N ARG DD 56 74.50 -88.52 45.68
CA ARG DD 56 74.67 -88.48 47.12
C ARG DD 56 73.93 -87.26 47.66
N VAL DD 57 73.04 -87.49 48.62
CA VAL DD 57 72.29 -86.43 49.26
C VAL DD 57 72.44 -86.59 50.76
N ASP DD 58 72.83 -85.50 51.42
CA ASP DD 58 73.09 -85.59 52.85
C ASP DD 58 71.81 -85.90 53.60
N PRO DD 59 71.73 -87.04 54.29
CA PRO DD 59 70.43 -87.49 54.82
C PRO DD 59 70.07 -86.95 56.20
N THR DD 60 70.27 -85.66 56.45
CA THR DD 60 69.68 -85.05 57.64
C THR DD 60 68.95 -83.76 57.26
N THR DD 61 69.47 -83.04 56.28
CA THR DD 61 68.81 -81.86 55.75
C THR DD 61 68.47 -81.98 54.27
N GLY DD 62 69.00 -82.98 53.58
CA GLY DD 62 68.66 -83.20 52.19
C GLY DD 62 69.40 -82.34 51.18
N VAL DD 63 70.67 -82.04 51.43
CA VAL DD 63 71.47 -81.23 50.51
C VAL DD 63 72.25 -82.16 49.58
N LEU DD 64 72.15 -81.90 48.28
CA LEU DD 64 72.84 -82.70 47.28
C LEU DD 64 74.35 -82.49 47.39
N ILE DD 65 75.06 -83.51 47.86
CA ILE DD 65 76.51 -83.43 47.93
C ILE DD 65 77.14 -83.47 46.56
N GLY DD 66 76.70 -84.37 45.69
CA GLY DD 66 77.31 -84.49 44.39
C GLY DD 66 76.64 -85.55 43.55
N ILE DD 67 76.91 -85.49 42.25
CA ILE DD 67 76.40 -86.44 41.28
C ILE DD 67 77.51 -86.78 40.30
N VAL DD 68 77.69 -88.08 40.05
CA VAL DD 68 78.50 -88.55 38.93
C VAL DD 68 77.59 -89.36 38.03
N ASN DD 69 77.54 -88.98 36.75
CA ASN DD 69 76.64 -89.59 35.78
C ASN DD 69 77.43 -90.10 34.60
N VAL DD 70 77.10 -91.30 34.14
CA VAL DD 70 77.66 -91.84 32.91
C VAL DD 70 76.52 -91.98 31.92
N SER DD 71 76.53 -91.16 30.88
CA SER DD 71 75.50 -91.17 29.86
C SER DD 71 76.08 -91.63 28.54
N SER DD 72 75.31 -92.42 27.80
CA SER DD 72 75.71 -92.89 26.49
C SER DD 72 74.66 -92.47 25.47
N SER DD 73 75.12 -92.05 24.30
CA SER DD 73 74.25 -91.71 23.18
C SER DD 73 74.89 -92.34 21.95
N ILE DD 74 74.49 -93.57 21.65
CA ILE DD 74 75.10 -94.35 20.58
C ILE DD 74 74.05 -94.60 19.51
N ARG DD 75 74.48 -94.50 18.24
CA ARG DD 75 73.60 -94.77 17.12
C ARG DD 75 73.00 -96.16 17.25
N ALA DD 76 71.72 -96.28 16.88
CA ALA DD 76 71.05 -97.56 16.94
C ALA DD 76 71.73 -98.59 16.05
N ASP DD 77 72.31 -98.16 14.94
CA ASP DD 77 72.99 -99.07 14.01
C ASP DD 77 74.45 -99.29 14.35
N ALA DD 78 74.99 -98.60 15.34
CA ALA DD 78 76.41 -98.71 15.65
C ALA DD 78 76.78 -100.14 16.03
N THR DD 79 77.92 -100.59 15.52
CA THR DD 79 78.35 -101.95 15.72
C THR DD 79 78.73 -102.20 17.18
N ALA DD 80 78.63 -103.46 17.58
CA ALA DD 80 79.07 -103.85 18.92
C ALA DD 80 80.55 -103.55 19.11
N ALA DD 81 81.33 -103.56 18.03
CA ALA DD 81 82.73 -103.17 18.13
C ALA DD 81 82.87 -101.70 18.52
N ASP DD 82 82.06 -100.82 17.89
CA ASP DD 82 82.10 -99.41 18.25
C ASP DD 82 81.71 -99.21 19.70
N LYS DD 83 80.69 -99.92 20.16
CA LYS DD 83 80.19 -99.74 21.52
C LYS DD 83 81.19 -100.27 22.54
N THR DD 84 81.79 -101.42 22.26
CA THR DD 84 82.83 -101.93 23.13
C THR DD 84 84.03 -101.00 23.16
N ALA DD 85 84.42 -100.44 22.02
CA ALA DD 85 85.54 -99.51 21.98
C ALA DD 85 85.25 -98.26 22.78
N LEU DD 86 84.04 -97.71 22.66
CA LEU DD 86 83.68 -96.53 23.42
C LEU DD 86 83.73 -96.81 24.91
N MET DD 87 83.15 -97.93 25.33
CA MET DD 87 83.14 -98.25 26.76
C MET DD 87 84.55 -98.49 27.27
N ALA DD 88 85.39 -99.18 26.49
CA ALA DD 88 86.75 -99.45 26.92
C ALA DD 88 87.58 -98.17 27.02
N ILE DD 89 87.45 -97.27 26.05
CA ILE DD 89 88.20 -96.03 26.09
C ILE DD 89 87.78 -95.20 27.30
N ILE DD 90 86.46 -95.08 27.53
CA ILE DD 90 86.03 -94.25 28.65
C ILE DD 90 86.43 -94.89 29.98
N THR DD 91 86.38 -96.21 30.09
CA THR DD 91 86.77 -96.88 31.32
C THR DD 91 88.26 -96.71 31.59
N ALA DD 92 89.09 -96.82 30.54
CA ALA DD 92 90.53 -96.61 30.70
C ALA DD 92 90.83 -95.17 31.08
N ALA DD 93 90.12 -94.21 30.48
CA ALA DD 93 90.34 -92.81 30.82
C ALA DD 93 89.95 -92.53 32.28
N GLN DD 94 88.86 -93.12 32.75
CA GLN DD 94 88.48 -92.98 34.15
C GLN DD 94 89.51 -93.63 35.06
N ALA DD 95 90.04 -94.80 34.67
CA ALA DD 95 91.09 -95.43 35.45
C ALA DD 95 92.37 -94.63 35.45
N ASP DD 96 92.57 -93.78 34.45
CA ASP DD 96 93.71 -92.88 34.42
C ASP DD 96 93.54 -91.79 35.49
N GLY DD 97 94.67 -91.24 35.93
CA GLY DD 97 94.65 -90.27 37.00
C GLY DD 97 94.19 -88.88 36.59
N ALA DD 98 94.20 -88.60 35.29
CA ALA DD 98 93.74 -87.29 34.82
C ALA DD 98 92.30 -87.05 35.20
N TRP DD 99 91.47 -88.10 35.16
CA TRP DD 99 90.09 -87.95 35.62
C TRP DD 99 90.02 -87.75 37.12
N THR DD 100 90.85 -88.48 37.87
CA THR DD 100 90.88 -88.33 39.32
C THR DD 100 91.34 -86.95 39.74
N GLU DD 101 92.00 -86.22 38.83
CA GLU DD 101 92.39 -84.85 39.09
C GLU DD 101 91.34 -83.85 38.62
N LEU DD 102 90.76 -84.10 37.44
CA LEU DD 102 89.67 -83.27 36.93
C LEU DD 102 88.51 -83.21 37.92
N VAL DD 103 88.11 -84.35 38.42
CA VAL DD 103 87.30 -84.39 39.63
C VAL DD 103 88.24 -84.20 40.81
N THR DD 104 87.77 -83.51 41.85
CA THR DD 104 88.48 -83.24 43.09
C THR DD 104 89.56 -82.16 42.98
N ASP DD 105 89.90 -81.73 41.77
CA ASP DD 105 90.78 -80.57 41.66
C ASP DD 105 90.43 -79.61 40.54
N GLN DD 106 89.61 -80.01 39.58
CA GLN DD 106 89.37 -79.22 38.37
C GLN DD 106 90.68 -78.95 37.64
N ARG DD 107 91.53 -79.98 37.60
CA ARG DD 107 92.84 -79.89 36.99
C ARG DD 107 92.79 -80.55 35.61
N LEU DD 108 93.06 -79.79 34.61
CA LEU DD 108 93.03 -80.26 33.23
C LEU DD 108 94.35 -80.95 32.88
N PRO DD 109 94.31 -81.88 31.93
CA PRO DD 109 95.55 -82.52 31.49
C PRO DD 109 96.39 -81.62 30.61
N LEU DD 110 96.88 -80.51 31.17
CA LEU DD 110 97.79 -79.63 30.46
C LEU DD 110 98.96 -79.16 31.32
N ALA DD 111 98.95 -79.44 32.63
CA ALA DD 111 100.04 -79.01 33.49
C ALA DD 111 101.35 -79.69 33.10
N THR DD 112 102.45 -78.96 33.21
CA THR DD 112 103.77 -79.46 32.83
C THR DD 112 104.43 -80.28 33.93
N VAL DD 113 103.82 -80.37 35.11
CA VAL DD 113 104.36 -81.12 36.25
C VAL DD 113 105.72 -80.58 36.67
N SER ED 1 -115.99 -60.99 -23.40
CA SER ED 1 -116.63 -60.79 -24.69
C SER ED 1 -118.04 -60.23 -24.50
N LYS ED 2 -118.87 -60.94 -23.75
CA LYS ED 2 -120.25 -60.53 -23.50
C LYS ED 2 -120.58 -60.89 -22.06
N VAL ED 3 -121.87 -60.92 -21.74
CA VAL ED 3 -122.34 -61.03 -20.36
C VAL ED 3 -121.69 -62.21 -19.62
N PHE ED 4 -120.99 -61.88 -18.54
CA PHE ED 4 -120.34 -62.86 -17.67
C PHE ED 4 -120.68 -62.50 -16.23
N ASN ED 5 -121.09 -63.49 -15.45
CA ASN ED 5 -121.48 -63.29 -14.06
C ASN ED 5 -122.55 -62.20 -13.99
N THR ED 6 -123.51 -62.27 -14.90
CA THR ED 6 -124.63 -61.34 -15.04
C THR ED 6 -124.20 -59.91 -15.27
N GLN ED 7 -123.01 -59.67 -15.82
CA GLN ED 7 -122.54 -58.33 -16.14
C GLN ED 7 -122.16 -58.24 -17.60
N THR ED 8 -122.59 -57.17 -18.27
CA THR ED 8 -122.35 -56.99 -19.69
C THR ED 8 -121.01 -56.30 -19.90
N PHE ED 9 -120.08 -56.99 -20.54
CA PHE ED 9 -118.76 -56.46 -20.82
C PHE ED 9 -118.72 -56.05 -22.28
N ASP ED 10 -118.52 -54.75 -22.52
CA ASP ED 10 -118.47 -54.20 -23.86
C ASP ED 10 -117.08 -53.72 -24.18
N ILE ED 11 -116.77 -53.68 -25.48
CA ILE ED 11 -115.43 -53.29 -25.93
C ILE ED 11 -115.14 -51.88 -25.46
N TYR ED 12 -114.02 -51.70 -24.78
CA TYR ED 12 -113.52 -50.38 -24.50
C TYR ED 12 -112.30 -50.02 -25.31
N SER ED 13 -111.43 -50.98 -25.60
CA SER ED 13 -110.20 -50.64 -26.29
C SER ED 13 -109.71 -51.85 -27.09
N THR ED 14 -109.09 -51.56 -28.22
CA THR ED 14 -108.51 -52.59 -29.06
C THR ED 14 -107.10 -52.17 -29.45
N GLU ED 15 -106.13 -53.01 -29.13
CA GLU ED 15 -104.75 -52.79 -29.49
C GLU ED 15 -104.33 -53.80 -30.56
N LYS ED 16 -103.05 -53.80 -30.87
CA LYS ED 16 -102.51 -54.80 -31.77
C LYS ED 16 -102.72 -56.21 -31.21
N ASP ED 17 -102.50 -56.37 -29.90
CA ASP ED 17 -102.57 -57.69 -29.30
C ASP ED 17 -103.34 -57.71 -27.98
N VAL ED 18 -104.01 -56.62 -27.61
CA VAL ED 18 -104.85 -56.59 -26.42
C VAL ED 18 -106.23 -56.11 -26.81
N VAL ED 19 -107.25 -56.78 -26.28
CA VAL ED 19 -108.62 -56.30 -26.31
C VAL ED 19 -109.05 -56.09 -24.86
N SER ED 20 -109.59 -54.90 -24.57
CA SER ED 20 -110.05 -54.56 -23.24
C SER ED 20 -111.54 -54.26 -23.28
N LEU ED 21 -112.28 -54.89 -22.38
CA LEU ED 21 -113.72 -54.73 -22.23
C LEU ED 21 -114.04 -54.26 -20.82
N ARG ED 22 -115.06 -53.43 -20.70
CA ARG ED 22 -115.50 -52.92 -19.42
C ARG ED 22 -116.99 -53.20 -19.23
N ASP ED 23 -117.41 -53.18 -17.96
CA ASP ED 23 -118.82 -53.36 -17.66
C ASP ED 23 -119.64 -52.16 -18.09
N PHE ED 24 -119.15 -50.95 -17.81
CA PHE ED 24 -119.82 -49.69 -18.13
C PHE ED 24 -121.11 -49.54 -17.32
N ALA ED 25 -121.46 -50.55 -16.53
CA ALA ED 25 -122.59 -50.49 -15.62
C ALA ED 25 -122.17 -50.24 -14.19
N ASN ED 26 -121.32 -51.11 -13.63
CA ASN ED 26 -120.73 -50.84 -12.32
C ASN ED 26 -119.43 -50.08 -12.42
N ASP ED 27 -118.87 -49.94 -13.62
CA ASP ED 27 -117.66 -49.14 -13.87
C ASP ED 27 -116.51 -49.55 -12.96
N LYS ED 28 -116.41 -50.83 -12.64
CA LYS ED 28 -115.37 -51.30 -11.76
C LYS ED 28 -114.60 -52.51 -12.28
N ASP ED 29 -115.11 -53.21 -13.29
CA ASP ED 29 -114.47 -54.41 -13.80
C ASP ED 29 -113.95 -54.18 -15.22
N THR ED 30 -112.74 -54.65 -15.47
CA THR ED 30 -112.16 -54.65 -16.81
C THR ED 30 -111.62 -56.05 -17.12
N LEU ED 31 -112.04 -56.60 -18.24
CA LEU ED 31 -111.59 -57.90 -18.71
C LEU ED 31 -110.71 -57.70 -19.93
N ALA ED 32 -109.49 -58.23 -19.87
CA ALA ED 32 -108.49 -58.06 -20.91
C ALA ED 32 -108.11 -59.41 -21.49
N TYR ED 33 -108.14 -59.50 -22.82
CA TYR ED 33 -107.64 -60.63 -23.60
C TYR ED 33 -106.34 -60.17 -24.25
N LYS ED 34 -105.27 -60.95 -24.09
CA LYS ED 34 -103.95 -60.53 -24.48
C LYS ED 34 -103.24 -61.68 -25.20
N ARG ED 35 -102.48 -61.33 -26.23
CA ARG ED 35 -102.03 -62.26 -27.25
C ARG ED 35 -100.56 -62.03 -27.58
N LEU ED 36 -99.73 -63.06 -27.43
CA LEU ED 36 -98.34 -63.01 -27.88
C LEU ED 36 -98.05 -64.24 -28.73
N ALA ED 37 -97.81 -64.03 -30.02
CA ALA ED 37 -97.53 -65.14 -30.92
C ALA ED 37 -96.20 -65.79 -30.58
N PRO ED 38 -96.05 -67.10 -30.84
CA PRO ED 38 -94.79 -67.77 -30.57
C PRO ED 38 -93.69 -67.25 -31.47
N LYS ED 39 -92.48 -67.16 -30.92
CA LYS ED 39 -91.33 -66.65 -31.66
C LYS ED 39 -90.27 -67.74 -31.76
N ARG ED 40 -89.86 -68.04 -33.00
CA ARG ED 40 -88.91 -69.12 -33.26
C ARG ED 40 -87.51 -68.59 -32.98
N THR ED 41 -87.13 -68.65 -31.70
CA THR ED 41 -85.81 -68.20 -31.28
C THR ED 41 -84.75 -69.26 -31.42
N LYS ED 42 -85.14 -70.50 -31.69
CA LYS ED 42 -84.22 -71.62 -31.73
C LYS ED 42 -84.87 -72.71 -32.56
N ASP ED 43 -84.35 -73.94 -32.43
CA ASP ED 43 -84.98 -75.10 -33.04
C ASP ED 43 -86.41 -75.25 -32.52
N SER ED 44 -86.69 -74.73 -31.33
CA SER ED 44 -88.06 -74.66 -30.84
C SER ED 44 -88.82 -73.59 -31.60
N PRO ED 45 -90.10 -73.80 -31.91
CA PRO ED 45 -90.89 -72.77 -32.59
C PRO ED 45 -91.39 -71.67 -31.67
N GLY ED 46 -91.05 -71.70 -30.39
CA GLY ED 46 -91.51 -70.70 -29.45
C GLY ED 46 -92.79 -71.10 -28.73
N MET ED 47 -93.15 -70.28 -27.75
CA MET ED 47 -94.34 -70.50 -26.95
C MET ED 47 -95.37 -69.41 -27.23
N ALA ED 48 -96.61 -69.80 -27.41
CA ALA ED 48 -97.71 -68.86 -27.66
C ALA ED 48 -98.30 -68.44 -26.32
N LYS ED 49 -98.17 -67.16 -25.99
CA LYS ED 49 -98.68 -66.63 -24.73
C LYS ED 49 -100.11 -66.14 -24.91
N SER ED 50 -100.97 -66.50 -23.98
CA SER ED 50 -102.27 -65.90 -23.85
C SER ED 50 -102.43 -65.37 -22.43
N GLU ED 51 -103.29 -64.36 -22.29
CA GLU ED 51 -103.59 -63.85 -20.97
C GLU ED 51 -105.04 -63.41 -20.94
N LEU ED 52 -105.75 -63.80 -19.88
CA LEU ED 52 -107.15 -63.43 -19.70
C LEU ED 52 -107.30 -62.94 -18.28
N LYS ED 53 -107.38 -61.63 -18.10
CA LYS ED 53 -107.35 -61.07 -16.75
C LYS ED 53 -108.58 -60.23 -16.47
N ILE ED 54 -109.11 -60.37 -15.26
CA ILE ED 54 -110.20 -59.55 -14.78
C ILE ED 54 -109.68 -58.71 -13.61
N THR ED 55 -109.81 -57.39 -13.75
CA THR ED 55 -109.37 -56.45 -12.73
C THR ED 55 -110.57 -55.69 -12.19
N ARG ED 56 -110.67 -55.63 -10.87
CA ARG ED 56 -111.73 -54.88 -10.21
C ARG ED 56 -111.12 -53.69 -9.50
N VAL ED 57 -111.63 -52.50 -9.82
CA VAL ED 57 -111.20 -51.26 -9.18
C VAL ED 57 -112.45 -50.48 -8.80
N ASP ED 58 -112.60 -50.20 -7.51
CA ASP ED 58 -113.80 -49.48 -7.09
C ASP ED 58 -113.76 -48.04 -7.57
N PRO ED 59 -114.83 -47.53 -8.16
CA PRO ED 59 -114.76 -46.23 -8.84
C PRO ED 59 -115.09 -45.02 -7.97
N THR ED 60 -114.54 -44.95 -6.76
CA THR ED 60 -114.66 -43.72 -5.98
C THR ED 60 -113.27 -43.16 -5.71
N THR ED 61 -112.34 -44.03 -5.32
CA THR ED 61 -110.94 -43.66 -5.15
C THR ED 61 -110.02 -44.38 -6.11
N GLY ED 62 -110.52 -45.38 -6.83
CA GLY ED 62 -109.73 -46.05 -7.85
C GLY ED 62 -108.67 -47.02 -7.35
N VAL ED 63 -108.84 -47.57 -6.16
CA VAL ED 63 -107.88 -48.52 -5.61
C VAL ED 63 -108.22 -49.91 -6.13
N LEU ED 64 -107.19 -50.70 -6.41
CA LEU ED 64 -107.38 -52.01 -7.01
C LEU ED 64 -107.81 -53.00 -5.95
N ILE ED 65 -109.05 -53.51 -6.07
CA ILE ED 65 -109.53 -54.51 -5.13
C ILE ED 65 -108.86 -55.86 -5.37
N GLY ED 66 -108.77 -56.31 -6.61
CA GLY ED 66 -108.16 -57.60 -6.87
C GLY ED 66 -108.12 -57.91 -8.35
N ILE ED 67 -107.20 -58.81 -8.70
CA ILE ED 67 -107.00 -59.27 -10.07
C ILE ED 67 -106.99 -60.79 -10.07
N VAL ED 68 -107.71 -61.38 -11.01
CA VAL ED 68 -107.61 -62.81 -11.30
C VAL ED 68 -107.18 -62.93 -12.75
N ASN ED 69 -106.09 -63.65 -12.99
CA ASN ED 69 -105.48 -63.74 -14.31
C ASN ED 69 -105.33 -65.20 -14.72
N VAL ED 70 -105.66 -65.49 -15.97
CA VAL ED 70 -105.48 -66.82 -16.55
C VAL ED 70 -104.48 -66.68 -17.67
N SER ED 71 -103.28 -67.21 -17.47
CA SER ED 71 -102.21 -67.13 -18.45
C SER ED 71 -101.87 -68.52 -18.97
N SER ED 72 -101.77 -68.64 -20.29
CA SER ED 72 -101.35 -69.87 -20.92
C SER ED 72 -100.05 -69.61 -21.67
N SER ED 73 -99.16 -70.61 -21.66
CA SER ED 73 -97.88 -70.57 -22.37
C SER ED 73 -97.67 -71.95 -22.96
N ILE ED 74 -97.96 -72.10 -24.25
CA ILE ED 74 -98.00 -73.40 -24.90
C ILE ED 74 -97.10 -73.38 -26.13
N ARG ED 75 -96.40 -74.50 -26.36
CA ARG ED 75 -95.53 -74.63 -27.51
C ARG ED 75 -96.30 -74.45 -28.80
N ALA ED 76 -95.66 -73.79 -29.77
CA ALA ED 76 -96.29 -73.61 -31.07
C ALA ED 76 -96.58 -74.94 -31.74
N ASP ED 77 -95.69 -75.91 -31.60
CA ASP ED 77 -95.85 -77.23 -32.18
C ASP ED 77 -96.81 -78.12 -31.40
N ALA ED 78 -97.27 -77.68 -30.23
CA ALA ED 78 -98.06 -78.53 -29.36
C ALA ED 78 -99.37 -78.93 -30.04
N THR ED 79 -99.80 -80.16 -29.78
CA THR ED 79 -101.01 -80.67 -30.38
C THR ED 79 -102.24 -80.02 -29.77
N ALA ED 80 -103.32 -80.00 -30.55
CA ALA ED 80 -104.58 -79.48 -30.03
C ALA ED 80 -105.08 -80.31 -28.86
N ALA ED 81 -104.75 -81.60 -28.83
CA ALA ED 81 -105.09 -82.44 -27.69
C ALA ED 81 -104.38 -81.97 -26.43
N ASP ED 82 -103.11 -81.55 -26.56
CA ASP ED 82 -102.39 -81.04 -25.42
C ASP ED 82 -103.08 -79.80 -24.84
N LYS ED 83 -103.49 -78.88 -25.70
CA LYS ED 83 -104.17 -77.68 -25.24
C LYS ED 83 -105.53 -78.00 -24.64
N THR ED 84 -106.26 -78.94 -25.25
CA THR ED 84 -107.55 -79.34 -24.70
C THR ED 84 -107.37 -79.94 -23.30
N ALA ED 85 -106.36 -80.80 -23.14
CA ALA ED 85 -106.11 -81.39 -21.84
C ALA ED 85 -105.73 -80.34 -20.81
N LEU ED 86 -104.87 -79.39 -21.20
CA LEU ED 86 -104.47 -78.33 -20.27
C LEU ED 86 -105.68 -77.52 -19.81
N MET ED 87 -106.51 -77.09 -20.76
CA MET ED 87 -107.66 -76.27 -20.40
C MET ED 87 -108.66 -77.06 -19.55
N ALA ED 88 -108.89 -78.33 -19.90
CA ALA ED 88 -109.81 -79.15 -19.12
C ALA ED 88 -109.31 -79.37 -17.70
N ILE ED 89 -108.01 -79.64 -17.55
CA ILE ED 89 -107.47 -79.88 -16.21
C ILE ED 89 -107.55 -78.61 -15.37
N ILE ED 90 -107.18 -77.48 -15.95
CA ILE ED 90 -107.20 -76.25 -15.16
C ILE ED 90 -108.62 -75.84 -14.82
N THR ED 91 -109.58 -76.05 -15.73
CA THR ED 91 -110.96 -75.72 -15.43
C THR ED 91 -111.55 -76.64 -14.37
N ALA ED 92 -111.20 -77.93 -14.43
CA ALA ED 92 -111.68 -78.86 -13.40
C ALA ED 92 -111.10 -78.49 -12.04
N ALA ED 93 -109.83 -78.11 -12.00
CA ALA ED 93 -109.22 -77.69 -10.75
C ALA ED 93 -109.86 -76.41 -10.22
N GLN ED 94 -110.20 -75.48 -11.12
CA GLN ED 94 -110.87 -74.25 -10.70
C GLN ED 94 -112.26 -74.54 -10.16
N ALA ED 95 -112.98 -75.47 -10.78
CA ALA ED 95 -114.30 -75.84 -10.30
C ALA ED 95 -114.24 -76.51 -8.92
N ASP ED 96 -113.12 -77.14 -8.59
CA ASP ED 96 -112.96 -77.75 -7.28
C ASP ED 96 -112.91 -76.68 -6.19
N GLY ED 97 -113.37 -77.05 -5.00
CA GLY ED 97 -113.37 -76.13 -3.88
C GLY ED 97 -111.99 -75.84 -3.31
N ALA ED 98 -111.00 -76.66 -3.67
CA ALA ED 98 -109.64 -76.38 -3.23
C ALA ED 98 -109.16 -75.04 -3.75
N TRP ED 99 -109.45 -74.74 -5.02
CA TRP ED 99 -109.11 -73.43 -5.57
C TRP ED 99 -109.95 -72.33 -4.92
N THR ED 100 -111.22 -72.62 -4.64
CA THR ED 100 -112.09 -71.62 -4.02
C THR ED 100 -111.67 -71.32 -2.60
N GLU ED 101 -110.87 -72.20 -1.99
CA GLU ED 101 -110.27 -71.94 -0.69
C GLU ED 101 -108.92 -71.25 -0.80
N LEU ED 102 -108.08 -71.71 -1.74
CA LEU ED 102 -106.82 -71.04 -2.02
C LEU ED 102 -107.03 -69.56 -2.28
N VAL ED 103 -108.01 -69.24 -3.10
CA VAL ED 103 -108.50 -67.87 -3.17
C VAL ED 103 -109.49 -67.68 -2.03
N THR ED 104 -109.49 -66.49 -1.44
CA THR ED 104 -110.32 -66.10 -0.30
C THR ED 104 -109.88 -66.68 1.04
N ASP ED 105 -108.93 -67.60 1.05
CA ASP ED 105 -108.53 -68.18 2.33
C ASP ED 105 -107.05 -68.44 2.48
N GLN ED 106 -106.27 -68.46 1.39
CA GLN ED 106 -104.86 -68.82 1.43
C GLN ED 106 -104.67 -70.20 2.06
N ARG ED 107 -105.54 -71.12 1.66
CA ARG ED 107 -105.58 -72.46 2.20
C ARG ED 107 -105.09 -73.44 1.15
N LEU ED 108 -104.03 -74.19 1.47
CA LEU ED 108 -103.52 -75.22 0.59
C LEU ED 108 -104.38 -76.47 0.68
N PRO ED 109 -104.43 -77.28 -0.38
CA PRO ED 109 -105.30 -78.46 -0.37
C PRO ED 109 -104.69 -79.64 0.40
N LEU ED 110 -104.29 -79.39 1.63
CA LEU ED 110 -103.63 -80.42 2.42
C LEU ED 110 -104.29 -80.67 3.78
N ALA ED 111 -105.41 -80.02 4.06
CA ALA ED 111 -106.13 -80.29 5.31
C ALA ED 111 -106.65 -81.72 5.32
N THR ED 112 -106.76 -82.29 6.52
CA THR ED 112 -107.37 -83.60 6.69
C THR ED 112 -108.86 -83.52 6.96
N VAL ED 113 -109.44 -82.32 7.00
CA VAL ED 113 -110.86 -82.09 7.24
C VAL ED 113 -111.27 -82.64 8.61
N SER FD 1 -106.66 -81.01 -6.17
CA SER FD 1 -106.62 -82.00 -5.09
C SER FD 1 -106.63 -83.42 -5.64
N LYS FD 2 -107.75 -83.81 -6.23
CA LYS FD 2 -107.98 -85.19 -6.65
C LYS FD 2 -108.37 -85.17 -8.13
N VAL FD 3 -108.97 -86.27 -8.60
CA VAL FD 3 -109.21 -86.54 -10.01
C VAL FD 3 -109.77 -85.33 -10.75
N PHE FD 4 -109.06 -84.89 -11.77
CA PHE FD 4 -109.47 -83.80 -12.64
C PHE FD 4 -109.30 -84.25 -14.08
N ASN FD 5 -110.31 -83.97 -14.90
CA ASN FD 5 -110.30 -84.36 -16.31
C ASN FD 5 -110.05 -85.87 -16.45
N THR FD 6 -110.70 -86.65 -15.60
CA THR FD 6 -110.60 -88.10 -15.49
C THR FD 6 -109.20 -88.57 -15.10
N GLN FD 7 -108.27 -87.67 -14.83
CA GLN FD 7 -106.92 -88.03 -14.44
C GLN FD 7 -106.75 -87.86 -12.93
N THR FD 8 -106.20 -88.88 -12.29
CA THR FD 8 -106.00 -88.88 -10.85
C THR FD 8 -104.69 -88.19 -10.54
N PHE FD 9 -104.74 -87.14 -9.73
CA PHE FD 9 -103.56 -86.37 -9.36
C PHE FD 9 -103.20 -86.70 -7.91
N ASP FD 10 -102.13 -87.45 -7.72
CA ASP FD 10 -101.65 -87.81 -6.41
C ASP FD 10 -100.51 -86.87 -6.01
N ILE FD 11 -100.34 -86.67 -4.71
CA ILE FD 11 -99.44 -85.64 -4.22
C ILE FD 11 -98.01 -85.96 -4.62
N TYR FD 12 -97.34 -85.00 -5.23
CA TYR FD 12 -95.95 -85.17 -5.66
C TYR FD 12 -94.96 -84.52 -4.72
N SER FD 13 -95.27 -83.34 -4.19
CA SER FD 13 -94.36 -82.67 -3.26
C SER FD 13 -95.14 -81.64 -2.47
N THR FD 14 -94.60 -81.30 -1.30
CA THR FD 14 -95.21 -80.30 -0.44
C THR FD 14 -94.14 -79.31 0.01
N GLU FD 15 -94.46 -78.03 -0.09
CA GLU FD 15 -93.60 -76.95 0.37
C GLU FD 15 -94.34 -76.14 1.42
N LYS FD 16 -93.67 -75.11 1.92
CA LYS FD 16 -94.30 -74.18 2.86
C LYS FD 16 -95.53 -73.55 2.25
N ASP FD 17 -95.47 -73.18 0.97
CA ASP FD 17 -96.55 -72.47 0.31
C ASP FD 17 -96.97 -73.12 -1.00
N VAL FD 18 -96.38 -74.25 -1.37
CA VAL FD 18 -96.69 -74.93 -2.62
C VAL FD 18 -97.05 -76.38 -2.33
N VAL FD 19 -98.12 -76.85 -2.95
CA VAL FD 19 -98.47 -78.26 -2.97
C VAL FD 19 -98.58 -78.68 -4.41
N SER FD 20 -97.80 -79.68 -4.79
CA SER FD 20 -97.72 -80.15 -6.16
C SER FD 20 -98.21 -81.59 -6.23
N LEU FD 21 -99.12 -81.85 -7.16
CA LEU FD 21 -99.69 -83.17 -7.40
C LEU FD 21 -99.30 -83.64 -8.79
N ARG FD 22 -99.18 -84.94 -8.95
CA ARG FD 22 -98.82 -85.52 -10.23
C ARG FD 22 -99.84 -86.58 -10.61
N ASP FD 23 -100.01 -86.78 -11.91
CA ASP FD 23 -100.85 -87.88 -12.38
C ASP FD 23 -100.23 -89.22 -12.02
N PHE FD 24 -98.95 -89.41 -12.33
CA PHE FD 24 -98.20 -90.65 -12.11
C PHE FD 24 -98.67 -91.76 -13.03
N ALA FD 25 -99.73 -91.51 -13.79
CA ALA FD 25 -100.21 -92.43 -14.82
C ALA FD 25 -99.60 -92.12 -16.18
N ASN FD 26 -99.83 -90.92 -16.70
CA ASN FD 26 -99.12 -90.47 -17.88
C ASN FD 26 -97.81 -89.78 -17.54
N ASP FD 27 -97.54 -89.57 -16.24
CA ASP FD 27 -96.27 -89.05 -15.75
C ASP FD 27 -95.88 -87.74 -16.42
N LYS FD 28 -96.87 -86.95 -16.84
CA LYS FD 28 -96.59 -85.77 -17.62
C LYS FD 28 -97.24 -84.50 -17.09
N ASP FD 29 -98.23 -84.60 -16.21
CA ASP FD 29 -99.02 -83.46 -15.75
C ASP FD 29 -98.76 -83.20 -14.27
N THR FD 30 -98.49 -81.95 -13.94
CA THR FD 30 -98.25 -81.54 -12.56
C THR FD 30 -99.11 -80.34 -12.24
N LEU FD 31 -99.86 -80.43 -11.15
CA LEU FD 31 -100.78 -79.40 -10.70
C LEU FD 31 -100.25 -78.78 -9.42
N ALA FD 32 -100.00 -77.48 -9.43
CA ALA FD 32 -99.41 -76.79 -8.30
C ALA FD 32 -100.39 -75.77 -7.73
N TYR FD 33 -100.52 -75.77 -6.42
CA TYR FD 33 -101.25 -74.77 -5.65
C TYR FD 33 -100.21 -73.98 -4.87
N LYS FD 34 -100.16 -72.67 -5.10
CA LYS FD 34 -99.17 -71.81 -4.49
C LYS FD 34 -99.87 -70.70 -3.72
N ARG FD 35 -99.31 -70.38 -2.57
CA ARG FD 35 -99.89 -69.46 -1.60
C ARG FD 35 -98.89 -68.35 -1.31
N LEU FD 36 -99.39 -67.13 -1.12
CA LEU FD 36 -98.54 -66.01 -0.76
C LEU FD 36 -99.36 -65.05 0.08
N ALA FD 37 -99.22 -65.14 1.40
CA ALA FD 37 -100.04 -64.34 2.30
C ALA FD 37 -99.74 -62.85 2.11
N PRO FD 38 -100.75 -62.00 2.33
CA PRO FD 38 -100.51 -60.55 2.23
C PRO FD 38 -99.54 -60.08 3.30
N LYS FD 39 -98.71 -59.11 2.93
CA LYS FD 39 -97.78 -58.49 3.87
C LYS FD 39 -98.20 -57.03 4.04
N ARG FD 40 -98.36 -56.62 5.30
CA ARG FD 40 -98.85 -55.28 5.62
C ARG FD 40 -97.65 -54.33 5.65
N THR FD 41 -97.11 -54.06 4.46
CA THR FD 41 -95.92 -53.23 4.33
C THR FD 41 -96.23 -51.75 4.50
N LYS FD 42 -97.50 -51.37 4.47
CA LYS FD 42 -97.92 -49.99 4.66
C LYS FD 42 -99.28 -50.01 5.33
N ASP FD 43 -99.99 -48.88 5.26
CA ASP FD 43 -101.37 -48.80 5.76
C ASP FD 43 -102.25 -49.83 5.06
N SER FD 44 -101.85 -50.24 3.86
CA SER FD 44 -102.56 -51.30 3.17
C SER FD 44 -102.40 -52.61 3.95
N PRO FD 45 -103.40 -53.50 3.93
CA PRO FD 45 -103.22 -54.83 4.51
C PRO FD 45 -102.45 -55.79 3.62
N GLY FD 46 -101.98 -55.32 2.46
CA GLY FD 46 -101.27 -56.17 1.52
C GLY FD 46 -102.22 -56.87 0.56
N MET FD 47 -101.61 -57.60 -0.38
CA MET FD 47 -102.35 -58.39 -1.35
C MET FD 47 -102.11 -59.86 -1.09
N ALA FD 48 -103.19 -60.62 -0.99
CA ALA FD 48 -103.11 -62.08 -0.88
C ALA FD 48 -102.99 -62.67 -2.27
N LYS FD 49 -101.87 -63.33 -2.54
CA LYS FD 49 -101.63 -63.95 -3.83
C LYS FD 49 -101.93 -65.45 -3.76
N SER FD 50 -102.60 -65.95 -4.78
CA SER FD 50 -102.75 -67.39 -4.98
C SER FD 50 -102.33 -67.74 -6.39
N GLU FD 51 -102.00 -69.01 -6.60
CA GLU FD 51 -101.58 -69.46 -7.92
C GLU FD 51 -102.03 -70.90 -8.09
N LEU FD 52 -102.64 -71.21 -9.23
CA LEU FD 52 -103.04 -72.58 -9.54
C LEU FD 52 -102.57 -72.87 -10.96
N LYS FD 53 -101.50 -73.66 -11.09
CA LYS FD 53 -100.90 -73.86 -12.39
C LYS FD 53 -100.86 -75.34 -12.75
N ILE FD 54 -101.08 -75.61 -14.03
CA ILE FD 54 -100.97 -76.95 -14.58
C ILE FD 54 -99.83 -76.94 -15.59
N THR FD 55 -98.95 -77.93 -15.48
CA THR FD 55 -97.78 -78.02 -16.33
C THR FD 55 -97.74 -79.39 -16.98
N ARG FD 56 -97.58 -79.41 -18.29
CA ARG FD 56 -97.41 -80.65 -19.04
C ARG FD 56 -96.00 -80.68 -19.62
N VAL FD 57 -95.26 -81.73 -19.33
CA VAL FD 57 -94.00 -82.01 -19.97
C VAL FD 57 -94.03 -83.46 -20.44
N ASP FD 58 -93.57 -83.69 -21.65
CA ASP FD 58 -93.57 -85.07 -22.13
C ASP FD 58 -92.47 -85.82 -21.41
N PRO FD 59 -92.76 -86.92 -20.72
CA PRO FD 59 -91.76 -87.51 -19.82
C PRO FD 59 -90.78 -88.46 -20.50
N THR FD 60 -90.27 -88.08 -21.67
CA THR FD 60 -89.17 -88.82 -22.25
C THR FD 60 -88.00 -87.89 -22.54
N THR FD 61 -88.27 -86.75 -23.17
CA THR FD 61 -87.24 -85.77 -23.46
C THR FD 61 -87.36 -84.53 -22.60
N GLY FD 62 -88.43 -84.39 -21.83
CA GLY FD 62 -88.54 -83.31 -20.88
C GLY FD 62 -88.61 -81.93 -21.48
N VAL FD 63 -89.25 -81.78 -22.63
CA VAL FD 63 -89.52 -80.45 -23.18
C VAL FD 63 -90.93 -80.05 -22.76
N LEU FD 64 -91.08 -78.82 -22.29
CA LEU FD 64 -92.34 -78.35 -21.75
C LEU FD 64 -93.35 -78.18 -22.89
N ILE FD 65 -94.47 -78.90 -22.81
CA ILE FD 65 -95.51 -78.73 -23.81
C ILE FD 65 -96.27 -77.44 -23.60
N GLY FD 66 -96.65 -77.14 -22.35
CA GLY FD 66 -97.38 -75.92 -22.08
C GLY FD 66 -97.72 -75.77 -20.62
N ILE FD 67 -98.02 -74.52 -20.24
CA ILE FD 67 -98.43 -74.16 -18.89
C ILE FD 67 -99.68 -73.31 -18.97
N VAL FD 68 -100.65 -73.61 -18.11
CA VAL FD 68 -101.80 -72.74 -17.89
C VAL FD 68 -101.83 -72.38 -16.41
N ASN FD 69 -101.88 -71.08 -16.12
CA ASN FD 69 -101.72 -70.57 -14.79
C ASN FD 69 -102.91 -69.70 -14.41
N VAL FD 70 -103.45 -69.92 -13.22
CA VAL FD 70 -104.54 -69.10 -12.69
C VAL FD 70 -104.00 -68.41 -11.44
N SER FD 71 -103.72 -67.12 -11.56
CA SER FD 71 -103.16 -66.34 -10.46
C SER FD 71 -104.19 -65.35 -9.95
N SER FD 72 -104.15 -65.11 -8.65
CA SER FD 72 -105.04 -64.14 -8.02
C SER FD 72 -104.20 -63.21 -7.16
N SER FD 73 -104.55 -61.92 -7.20
CA SER FD 73 -103.92 -60.90 -6.35
C SER FD 73 -105.05 -60.04 -5.82
N ILE FD 74 -105.54 -60.38 -4.64
CA ILE FD 74 -106.69 -59.72 -4.04
C ILE FD 74 -106.27 -59.06 -2.74
N ARG FD 75 -106.78 -57.86 -2.49
CA ARG FD 75 -106.51 -57.17 -1.23
C ARG FD 75 -106.96 -58.03 -0.06
N ALA FD 76 -106.15 -58.01 1.01
CA ALA FD 76 -106.51 -58.76 2.21
C ALA FD 76 -107.82 -58.27 2.80
N ASP FD 77 -108.10 -56.97 2.67
CA ASP FD 77 -109.34 -56.40 3.19
C ASP FD 77 -110.52 -56.60 2.26
N ALA FD 78 -110.29 -57.10 1.04
CA ALA FD 78 -111.36 -57.16 0.05
C ALA FD 78 -112.46 -58.09 0.49
N THR FD 79 -113.70 -57.63 0.33
CA THR FD 79 -114.86 -58.36 0.78
C THR FD 79 -115.00 -59.67 0.00
N ALA FD 80 -115.68 -60.63 0.62
CA ALA FD 80 -115.95 -61.89 -0.06
C ALA FD 80 -116.82 -61.69 -1.29
N ALA FD 81 -117.61 -60.61 -1.32
CA ALA FD 81 -118.38 -60.31 -2.52
C ALA FD 81 -117.48 -59.99 -3.69
N ASP FD 82 -116.45 -59.16 -3.47
CA ASP FD 82 -115.52 -58.85 -4.54
C ASP FD 82 -114.79 -60.09 -5.02
N LYS FD 83 -114.37 -60.94 -4.08
CA LYS FD 83 -113.63 -62.15 -4.43
C LYS FD 83 -114.49 -63.14 -5.20
N THR FD 84 -115.73 -63.33 -4.76
CA THR FD 84 -116.65 -64.22 -5.46
C THR FD 84 -116.99 -63.67 -6.85
N ALA FD 85 -117.16 -62.35 -6.95
CA ALA FD 85 -117.45 -61.76 -8.26
C ALA FD 85 -116.26 -61.94 -9.21
N LEU FD 86 -115.05 -61.76 -8.70
CA LEU FD 86 -113.86 -61.98 -9.51
C LEU FD 86 -113.79 -63.40 -10.02
N MET FD 87 -114.01 -64.38 -9.13
CA MET FD 87 -113.97 -65.77 -9.57
C MET FD 87 -115.09 -66.07 -10.57
N ALA FD 88 -116.29 -65.56 -10.31
CA ALA FD 88 -117.41 -65.82 -11.20
C ALA FD 88 -117.16 -65.24 -12.58
N ILE FD 89 -116.64 -64.01 -12.65
CA ILE FD 89 -116.36 -63.40 -13.94
C ILE FD 89 -115.29 -64.18 -14.67
N ILE FD 90 -114.21 -64.56 -13.98
CA ILE FD 90 -113.12 -65.23 -14.69
C ILE FD 90 -113.54 -66.61 -15.16
N THR FD 91 -114.33 -67.33 -14.35
CA THR FD 91 -114.78 -68.65 -14.75
C THR FD 91 -115.76 -68.56 -15.91
N ALA FD 92 -116.66 -67.56 -15.88
CA ALA FD 92 -117.57 -67.36 -16.99
C ALA FD 92 -116.82 -67.02 -18.27
N ALA FD 93 -115.78 -66.19 -18.17
CA ALA FD 93 -114.97 -65.86 -19.33
C ALA FD 93 -114.24 -67.08 -19.87
N GLN FD 94 -113.71 -67.92 -18.98
CA GLN FD 94 -113.03 -69.14 -19.43
C GLN FD 94 -114.00 -70.09 -20.11
N ALA FD 95 -115.20 -70.26 -19.55
CA ALA FD 95 -116.19 -71.12 -20.19
C ALA FD 95 -116.61 -70.61 -21.55
N ASP FD 96 -116.51 -69.31 -21.78
CA ASP FD 96 -116.84 -68.74 -23.07
C ASP FD 96 -115.82 -69.15 -24.13
N GLY FD 97 -116.28 -69.22 -25.38
CA GLY FD 97 -115.42 -69.67 -26.46
C GLY FD 97 -114.28 -68.72 -26.80
N ALA FD 98 -114.38 -67.46 -26.38
CA ALA FD 98 -113.32 -66.51 -26.67
C ALA FD 98 -112.00 -66.93 -26.06
N TRP FD 99 -112.02 -67.40 -24.81
CA TRP FD 99 -110.81 -67.93 -24.19
C TRP FD 99 -110.32 -69.18 -24.90
N THR FD 100 -111.26 -70.05 -25.30
CA THR FD 100 -110.90 -71.28 -25.99
C THR FD 100 -110.18 -71.00 -27.29
N GLU FD 101 -110.54 -69.93 -28.00
CA GLU FD 101 -109.85 -69.56 -29.23
C GLU FD 101 -108.59 -68.74 -28.98
N LEU FD 102 -108.58 -67.90 -27.96
CA LEU FD 102 -107.36 -67.18 -27.59
C LEU FD 102 -106.24 -68.15 -27.31
N VAL FD 103 -106.52 -69.21 -26.56
CA VAL FD 103 -105.66 -70.38 -26.58
C VAL FD 103 -105.95 -71.16 -27.85
N THR FD 104 -104.94 -71.88 -28.35
CA THR FD 104 -105.09 -72.74 -29.53
C THR FD 104 -105.26 -71.97 -30.83
N ASP FD 105 -105.48 -70.66 -30.76
CA ASP FD 105 -105.57 -69.87 -32.00
C ASP FD 105 -104.87 -68.53 -31.92
N GLN FD 106 -104.58 -68.02 -30.74
CA GLN FD 106 -104.13 -66.64 -30.54
C GLN FD 106 -105.10 -65.66 -31.21
N ARG FD 107 -106.38 -65.94 -31.05
CA ARG FD 107 -107.46 -65.16 -31.65
C ARG FD 107 -108.05 -64.22 -30.61
N LEU FD 108 -107.92 -62.92 -30.84
CA LEU FD 108 -108.52 -61.95 -29.95
C LEU FD 108 -110.02 -61.83 -30.21
N PRO FD 109 -110.80 -61.51 -29.18
CA PRO FD 109 -112.24 -61.34 -29.38
C PRO FD 109 -112.56 -60.04 -30.09
N LEU FD 110 -112.31 -60.00 -31.39
CA LEU FD 110 -112.66 -58.86 -32.22
C LEU FD 110 -113.17 -59.25 -33.60
N ALA FD 111 -113.37 -60.55 -33.87
CA ALA FD 111 -113.84 -60.97 -35.18
C ALA FD 111 -115.29 -60.59 -35.38
N THR FD 112 -115.62 -60.21 -36.62
CA THR FD 112 -116.99 -59.84 -36.97
C THR FD 112 -117.85 -61.04 -37.36
N VAL FD 113 -117.26 -62.23 -37.43
CA VAL FD 113 -117.95 -63.47 -37.79
C VAL FD 113 -118.57 -63.37 -39.19
N SER GD 1 -99.97 -76.11 43.35
CA SER GD 1 -100.48 -76.05 44.71
C SER GD 1 -100.18 -77.33 45.48
N LYS GD 2 -100.97 -78.36 45.23
CA LYS GD 2 -100.87 -79.60 46.00
C LYS GD 2 -100.79 -80.76 45.02
N VAL GD 3 -101.03 -81.97 45.53
CA VAL GD 3 -100.64 -83.24 44.90
C VAL GD 3 -100.93 -83.27 43.41
N PHE GD 4 -99.88 -83.51 42.63
CA PHE GD 4 -99.95 -83.62 41.18
C PHE GD 4 -99.27 -84.93 40.79
N ASN GD 5 -99.97 -85.75 40.00
CA ASN GD 5 -99.43 -87.01 39.53
C ASN GD 5 -98.96 -87.85 40.72
N THR GD 6 -99.79 -87.89 41.77
CA THR GD 6 -99.57 -88.62 43.01
C THR GD 6 -98.32 -88.17 43.77
N GLN GD 7 -97.70 -87.07 43.40
CA GLN GD 7 -96.57 -86.53 44.13
C GLN GD 7 -97.02 -85.30 44.90
N THR GD 8 -96.54 -85.17 46.13
CA THR GD 8 -96.89 -84.03 46.98
C THR GD 8 -95.88 -82.91 46.72
N PHE GD 9 -96.38 -81.75 46.31
CA PHE GD 9 -95.56 -80.57 46.09
C PHE GD 9 -95.84 -79.59 47.21
N ASP GD 10 -94.81 -79.32 48.01
CA ASP GD 10 -94.91 -78.36 49.10
C ASP GD 10 -94.17 -77.10 48.71
N ILE GD 11 -94.64 -75.96 49.23
CA ILE GD 11 -94.01 -74.69 48.88
C ILE GD 11 -92.56 -74.71 49.35
N TYR GD 12 -91.65 -74.45 48.41
CA TYR GD 12 -90.23 -74.35 48.72
C TYR GD 12 -89.78 -72.92 48.94
N SER GD 13 -90.32 -71.98 48.17
CA SER GD 13 -89.90 -70.60 48.30
C SER GD 13 -91.02 -69.71 47.79
N THR GD 14 -91.18 -68.56 48.43
CA THR GD 14 -92.14 -67.58 47.96
C THR GD 14 -91.39 -66.29 47.68
N GLU GD 15 -91.66 -65.70 46.53
CA GLU GD 15 -91.02 -64.49 46.06
C GLU GD 15 -92.11 -63.47 45.72
N LYS GD 16 -91.68 -62.24 45.42
CA LYS GD 16 -92.60 -61.19 45.01
C LYS GD 16 -93.50 -61.65 43.88
N ASP GD 17 -92.91 -62.19 42.82
CA ASP GD 17 -93.66 -62.64 41.66
C ASP GD 17 -93.41 -64.11 41.33
N VAL GD 18 -92.81 -64.87 42.24
CA VAL GD 18 -92.47 -66.27 41.98
C VAL GD 18 -92.88 -67.10 43.18
N VAL GD 19 -93.45 -68.26 42.93
CA VAL GD 19 -93.75 -69.24 43.96
C VAL GD 19 -93.21 -70.59 43.49
N SER GD 20 -92.36 -71.22 44.31
CA SER GD 20 -91.72 -72.47 43.95
C SER GD 20 -92.10 -73.55 44.94
N LEU GD 21 -92.57 -74.68 44.41
CA LEU GD 21 -92.92 -75.86 45.17
C LEU GD 21 -91.97 -76.99 44.86
N ARG GD 22 -91.65 -77.79 45.86
CA ARG GD 22 -90.73 -78.91 45.69
C ARG GD 22 -91.42 -80.18 46.15
N ASP GD 23 -91.11 -81.29 45.49
CA ASP GD 23 -91.68 -82.56 45.88
C ASP GD 23 -91.24 -82.96 47.28
N PHE GD 24 -89.94 -82.81 47.58
CA PHE GD 24 -89.34 -83.09 48.89
C PHE GD 24 -89.34 -84.58 49.20
N ALA GD 25 -89.95 -85.38 48.32
CA ALA GD 25 -89.93 -86.84 48.43
C ALA GD 25 -88.92 -87.45 47.48
N ASN GD 26 -89.05 -87.19 46.17
CA ASN GD 26 -88.01 -87.56 45.24
C ASN GD 26 -86.88 -86.55 45.20
N ASP GD 27 -87.11 -85.35 45.75
CA ASP GD 27 -86.10 -84.27 45.78
C ASP GD 27 -85.54 -83.98 44.40
N LYS GD 28 -86.37 -84.09 43.38
CA LYS GD 28 -85.93 -83.89 42.01
C LYS GD 28 -86.86 -83.02 41.18
N ASP GD 29 -88.07 -82.74 41.64
CA ASP GD 29 -89.06 -81.99 40.88
C ASP GD 29 -89.32 -80.64 41.53
N THR GD 30 -89.33 -79.59 40.71
CA THR GD 30 -89.64 -78.24 41.17
C THR GD 30 -90.70 -77.64 40.25
N LEU GD 31 -91.78 -77.12 40.84
CA LEU GD 31 -92.84 -76.48 40.11
C LEU GD 31 -92.83 -74.99 40.44
N ALA GD 32 -92.64 -74.16 39.41
CA ALA GD 32 -92.51 -72.72 39.59
C ALA GD 32 -93.67 -72.00 38.91
N TYR GD 33 -94.29 -71.08 39.65
CA TYR GD 33 -95.28 -70.14 39.16
C TYR GD 33 -94.58 -68.78 39.06
N LYS GD 34 -94.50 -68.24 37.85
CA LYS GD 34 -93.85 -66.98 37.56
C LYS GD 34 -94.88 -65.98 37.05
N ARG GD 35 -94.78 -64.75 37.54
CA ARG GD 35 -95.75 -63.69 37.26
C ARG GD 35 -95.02 -62.50 36.65
N LEU GD 36 -95.69 -61.78 35.76
CA LEU GD 36 -95.11 -60.55 35.21
C LEU GD 36 -96.25 -59.65 34.73
N ALA GD 37 -96.44 -58.53 35.40
CA ALA GD 37 -97.54 -57.64 35.07
C ALA GD 37 -97.33 -56.99 33.69
N PRO GD 38 -98.41 -56.72 32.96
CA PRO GD 38 -98.27 -56.03 31.69
C PRO GD 38 -97.77 -54.61 31.87
N LYS GD 39 -96.92 -54.16 30.95
CA LYS GD 39 -96.36 -52.83 31.01
C LYS GD 39 -96.98 -51.96 29.93
N ARG GD 40 -97.53 -50.81 30.34
CA ARG GD 40 -98.13 -49.86 29.41
C ARG GD 40 -97.03 -48.97 28.87
N THR GD 41 -96.12 -49.58 28.12
CA THR GD 41 -95.00 -48.86 27.53
C THR GD 41 -95.43 -47.96 26.39
N LYS GD 42 -96.69 -48.05 25.99
CA LYS GD 42 -97.24 -47.29 24.89
C LYS GD 42 -98.75 -47.18 25.11
N ASP GD 43 -99.48 -46.81 24.07
CA ASP GD 43 -100.93 -46.80 24.12
C ASP GD 43 -101.46 -48.16 24.54
N SER GD 44 -100.82 -49.22 24.06
CA SER GD 44 -101.24 -50.57 24.41
C SER GD 44 -101.06 -50.81 25.90
N PRO GD 45 -102.00 -51.50 26.56
CA PRO GD 45 -101.87 -51.73 28.01
C PRO GD 45 -100.79 -52.74 28.37
N GLY GD 46 -100.15 -53.36 27.40
CA GLY GD 46 -99.10 -54.32 27.66
C GLY GD 46 -99.59 -55.75 27.69
N MET GD 47 -98.63 -56.66 27.81
CA MET GD 47 -98.89 -58.09 27.78
C MET GD 47 -98.58 -58.68 29.14
N ALA GD 48 -99.56 -59.37 29.73
CA ALA GD 48 -99.41 -59.97 31.05
C ALA GD 48 -98.78 -61.35 30.89
N LYS GD 49 -97.55 -61.51 31.39
CA LYS GD 49 -96.81 -62.74 31.27
C LYS GD 49 -97.09 -63.65 32.45
N SER GD 50 -97.41 -64.90 32.17
CA SER GD 50 -97.53 -65.94 33.17
C SER GD 50 -96.60 -67.08 32.80
N GLU GD 51 -96.22 -67.87 33.78
CA GLU GD 51 -95.37 -69.01 33.50
C GLU GD 51 -95.59 -70.09 34.54
N LEU GD 52 -95.74 -71.33 34.08
CA LEU GD 52 -95.86 -72.49 34.95
C LEU GD 52 -94.89 -73.54 34.45
N LYS GD 53 -93.86 -73.84 35.22
CA LYS GD 53 -92.84 -74.76 34.74
C LYS GD 53 -92.59 -75.87 35.76
N ILE GD 54 -92.25 -77.04 35.24
CA ILE GD 54 -91.80 -78.17 36.03
C ILE GD 54 -90.38 -78.50 35.59
N THR GD 55 -89.47 -78.56 36.55
CA THR GD 55 -88.07 -78.84 36.28
C THR GD 55 -87.64 -80.07 37.06
N ARG GD 56 -87.00 -81.01 36.38
CA ARG GD 56 -86.50 -82.21 37.00
C ARG GD 56 -84.98 -82.17 36.96
N VAL GD 57 -84.37 -82.31 38.13
CA VAL GD 57 -82.92 -82.35 38.26
C VAL GD 57 -82.55 -83.63 38.98
N ASP GD 58 -81.56 -84.33 38.45
CA ASP GD 58 -81.20 -85.59 39.07
C ASP GD 58 -80.55 -85.36 40.42
N PRO GD 59 -81.12 -85.85 41.51
CA PRO GD 59 -80.65 -85.42 42.84
C PRO GD 59 -79.50 -86.25 43.40
N THR GD 60 -78.50 -86.60 42.59
CA THR GD 60 -77.26 -87.13 43.13
C THR GD 60 -76.06 -86.37 42.57
N THR GD 61 -76.12 -85.99 41.29
CA THR GD 61 -75.09 -85.17 40.68
C THR GD 61 -75.61 -83.84 40.16
N GLY GD 62 -76.94 -83.67 40.09
CA GLY GD 62 -77.49 -82.39 39.69
C GLY GD 62 -77.58 -82.14 38.20
N VAL GD 63 -77.85 -83.17 37.41
CA VAL GD 63 -77.98 -83.00 35.96
C VAL GD 63 -79.45 -82.78 35.61
N LEU GD 64 -79.73 -81.72 34.87
CA LEU GD 64 -81.08 -81.38 34.46
C LEU GD 64 -81.63 -82.45 33.53
N ILE GD 65 -82.59 -83.24 34.01
CA ILE GD 65 -83.22 -84.24 33.16
C ILE GD 65 -84.10 -83.58 32.11
N GLY GD 66 -84.94 -82.64 32.50
CA GLY GD 66 -85.85 -82.04 31.55
C GLY GD 66 -86.66 -80.93 32.18
N ILE GD 67 -87.22 -80.10 31.31
CA ILE GD 67 -88.10 -79.00 31.69
C ILE GD 67 -89.30 -79.00 30.76
N VAL GD 68 -90.48 -78.91 31.33
CA VAL GD 68 -91.69 -78.59 30.58
C VAL GD 68 -92.23 -77.28 31.14
N ASN GD 69 -92.36 -76.28 30.28
CA ASN GD 69 -92.76 -74.95 30.69
C ASN GD 69 -94.00 -74.53 29.91
N VAL GD 70 -94.97 -73.97 30.64
CA VAL GD 70 -96.16 -73.38 30.03
C VAL GD 70 -96.11 -71.89 30.30
N SER GD 71 -96.01 -71.10 29.23
CA SER GD 71 -95.90 -69.66 29.33
C SER GD 71 -97.08 -69.01 28.61
N SER GD 72 -97.53 -67.88 29.14
CA SER GD 72 -98.62 -67.12 28.55
C SER GD 72 -98.21 -65.68 28.35
N SER GD 73 -98.59 -65.12 27.21
CA SER GD 73 -98.36 -63.71 26.90
C SER GD 73 -99.67 -63.21 26.31
N ILE GD 74 -100.52 -62.66 27.16
CA ILE GD 74 -101.86 -62.23 26.78
C ILE GD 74 -101.97 -60.72 26.99
N ARG GD 75 -102.63 -60.05 26.05
CA ARG GD 75 -102.87 -58.62 26.19
C ARG GD 75 -103.57 -58.32 27.50
N ALA GD 76 -103.16 -57.21 28.12
CA ALA GD 76 -103.81 -56.79 29.37
C ALA GD 76 -105.29 -56.52 29.16
N ASP GD 77 -105.68 -56.09 27.96
CA ASP GD 77 -107.07 -55.79 27.65
C ASP GD 77 -107.83 -56.99 27.12
N ALA GD 78 -107.17 -58.12 26.88
CA ALA GD 78 -107.82 -59.25 26.26
C ALA GD 78 -108.97 -59.77 27.11
N THR GD 79 -110.07 -60.08 26.46
CA THR GD 79 -111.27 -60.50 27.17
C THR GD 79 -111.07 -61.85 27.85
N ALA GD 80 -111.83 -62.07 28.91
CA ALA GD 80 -111.78 -63.36 29.59
C ALA GD 80 -112.20 -64.49 28.67
N ALA GD 81 -113.03 -64.19 27.66
CA ALA GD 81 -113.36 -65.19 26.65
C ALA GD 81 -112.12 -65.60 25.86
N ASP GD 82 -111.30 -64.62 25.47
CA ASP GD 82 -110.07 -64.94 24.75
C ASP GD 82 -109.15 -65.81 25.59
N LYS GD 83 -108.99 -65.47 26.87
CA LYS GD 83 -108.09 -66.23 27.72
C LYS GD 83 -108.62 -67.63 27.99
N THR GD 84 -109.92 -67.76 28.21
CA THR GD 84 -110.51 -69.08 28.39
C THR GD 84 -110.36 -69.92 27.13
N ALA GD 85 -110.58 -69.31 25.96
CA ALA GD 85 -110.42 -70.04 24.70
C ALA GD 85 -108.99 -70.49 24.50
N LEU GD 86 -108.02 -69.61 24.79
CA LEU GD 86 -106.62 -69.98 24.65
C LEU GD 86 -106.27 -71.14 25.56
N MET GD 87 -106.68 -71.06 26.82
CA MET GD 87 -106.39 -72.13 27.77
C MET GD 87 -107.06 -73.44 27.37
N ALA GD 88 -108.30 -73.37 26.92
CA ALA GD 88 -109.01 -74.59 26.51
C ALA GD 88 -108.39 -75.22 25.27
N ILE GD 89 -108.01 -74.41 24.29
CA ILE GD 89 -107.37 -74.93 23.08
C ILE GD 89 -106.05 -75.61 23.44
N ILE GD 90 -105.23 -74.93 24.24
CA ILE GD 90 -103.92 -75.51 24.56
C ILE GD 90 -104.08 -76.77 25.41
N THR GD 91 -105.06 -76.79 26.32
CA THR GD 91 -105.26 -77.99 27.13
C THR GD 91 -105.75 -79.15 26.29
N ALA GD 92 -106.66 -78.89 25.34
CA ALA GD 92 -107.13 -79.94 24.45
C ALA GD 92 -106.00 -80.45 23.57
N ALA GD 93 -105.15 -79.55 23.07
CA ALA GD 93 -104.03 -79.98 22.25
C ALA GD 93 -103.05 -80.83 23.06
N GLN GD 94 -102.79 -80.45 24.31
CA GLN GD 94 -101.93 -81.27 25.16
C GLN GD 94 -102.55 -82.63 25.43
N ALA GD 95 -103.87 -82.68 25.61
CA ALA GD 95 -104.56 -83.96 25.79
C ALA GD 95 -104.52 -84.80 24.54
N ASP GD 96 -104.38 -84.17 23.37
CA ASP GD 96 -104.25 -84.91 22.12
C ASP GD 96 -102.90 -85.64 22.09
N GLY GD 97 -102.86 -86.73 21.32
CA GLY GD 97 -101.66 -87.55 21.26
C GLY GD 97 -100.54 -86.97 20.44
N ALA GD 98 -100.83 -85.99 19.60
CA ALA GD 98 -99.79 -85.36 18.81
C ALA GD 98 -98.75 -84.70 19.72
N TRP GD 99 -99.19 -84.13 20.84
CA TRP GD 99 -98.24 -83.60 21.81
C TRP GD 99 -97.44 -84.70 22.47
N THR GD 100 -98.10 -85.80 22.82
CA THR GD 100 -97.40 -86.91 23.45
C THR GD 100 -96.41 -87.57 22.51
N GLU GD 101 -96.52 -87.31 21.21
CA GLU GD 101 -95.52 -87.78 20.27
C GLU GD 101 -94.43 -86.74 20.01
N LEU GD 102 -94.81 -85.46 19.90
CA LEU GD 102 -93.84 -84.39 19.77
C LEU GD 102 -92.85 -84.42 20.93
N VAL GD 103 -93.35 -84.53 22.14
CA VAL GD 103 -92.53 -84.93 23.27
C VAL GD 103 -92.38 -86.45 23.22
N THR GD 104 -91.21 -86.95 23.58
CA THR GD 104 -90.84 -88.36 23.62
C THR GD 104 -90.55 -88.96 22.25
N ASP GD 105 -90.86 -88.26 21.17
CA ASP GD 105 -90.43 -88.79 19.86
C ASP GD 105 -89.97 -87.73 18.88
N GLN GD 106 -90.23 -86.45 19.11
CA GLN GD 106 -90.00 -85.40 18.12
C GLN GD 106 -90.76 -85.70 16.84
N ARG GD 107 -91.96 -86.24 16.99
CA ARG GD 107 -92.80 -86.62 15.87
C ARG GD 107 -93.83 -85.52 15.62
N LEU GD 108 -93.78 -84.95 14.48
CA LEU GD 108 -94.69 -83.89 14.07
C LEU GD 108 -96.00 -84.49 13.55
N PRO GD 109 -97.09 -83.74 13.66
CA PRO GD 109 -98.36 -84.22 13.10
C PRO GD 109 -98.40 -84.12 11.59
N LEU GD 110 -97.54 -84.86 10.91
CA LEU GD 110 -97.54 -84.93 9.46
C LEU GD 110 -97.39 -86.34 8.93
N ALA GD 111 -97.11 -87.32 9.78
CA ALA GD 111 -97.00 -88.70 9.32
C ALA GD 111 -98.34 -89.20 8.80
N THR GD 112 -98.28 -90.03 7.75
CA THR GD 112 -99.49 -90.56 7.12
C THR GD 112 -100.03 -91.80 7.80
N VAL GD 113 -99.33 -92.32 8.81
CA VAL GD 113 -99.73 -93.52 9.55
C VAL GD 113 -99.86 -94.73 8.63
N SER HD 1 105.78 -70.63 39.80
CA SER HD 1 106.17 -71.78 39.00
C SER HD 1 106.06 -73.07 39.82
N LYS HD 2 106.77 -73.13 40.95
CA LYS HD 2 106.80 -74.32 41.78
C LYS HD 2 106.82 -73.87 43.24
N VAL HD 3 107.25 -74.76 44.14
CA VAL HD 3 107.14 -74.55 45.58
C VAL HD 3 107.70 -73.20 46.01
N PHE HD 4 106.84 -72.37 46.60
CA PHE HD 4 107.19 -71.07 47.14
C PHE HD 4 106.59 -70.96 48.53
N ASN HD 5 107.41 -70.49 49.48
CA ASN HD 5 106.98 -70.36 50.88
C ASN HD 5 106.45 -71.71 51.38
N THR HD 6 107.15 -72.78 51.00
CA THR HD 6 106.82 -74.16 51.33
C THR HD 6 105.43 -74.57 50.85
N GLN HD 7 104.89 -73.95 49.80
CA GLN HD 7 103.62 -74.36 49.22
C GLN HD 7 103.83 -74.68 47.74
N THR HD 8 103.21 -75.77 47.30
CA THR HD 8 103.37 -76.24 45.93
C THR HD 8 102.32 -75.60 45.04
N PHE HD 9 102.78 -74.83 44.06
CA PHE HD 9 101.89 -74.17 43.10
C PHE HD 9 101.94 -74.92 41.79
N ASP HD 10 100.83 -75.51 41.40
CA ASP HD 10 100.69 -76.23 40.14
C ASP HD 10 99.81 -75.42 39.19
N ILE HD 11 100.03 -75.61 37.90
CA ILE HD 11 99.31 -74.85 36.90
C ILE HD 11 97.83 -75.19 36.97
N TYR HD 12 96.99 -74.17 37.09
CA TYR HD 12 95.56 -74.35 36.99
C TYR HD 12 94.99 -73.90 35.66
N SER HD 13 95.57 -72.87 35.05
CA SER HD 13 94.98 -72.34 33.83
C SER HD 13 96.07 -71.68 32.99
N THR HD 14 95.88 -71.74 31.68
CA THR HD 14 96.81 -71.11 30.75
C THR HD 14 96.01 -70.36 29.70
N GLU HD 15 96.28 -69.07 29.58
CA GLU HD 15 95.69 -68.22 28.56
C GLU HD 15 96.75 -67.87 27.52
N LYS HD 16 96.38 -66.99 26.60
CA LYS HD 16 97.36 -66.49 25.64
C LYS HD 16 98.46 -65.72 26.35
N ASP HD 17 98.11 -64.95 27.38
CA ASP HD 17 99.08 -64.12 28.07
C ASP HD 17 98.99 -64.21 29.58
N VAL HD 18 98.22 -65.14 30.13
CA VAL HD 18 98.15 -65.35 31.57
C VAL HD 18 98.37 -66.82 31.86
N VAL HD 19 99.20 -67.10 32.85
CA VAL HD 19 99.31 -68.42 33.46
C VAL HD 19 98.89 -68.29 34.92
N SER HD 20 97.95 -69.12 35.34
CA SER HD 20 97.48 -69.14 36.72
C SER HD 20 97.83 -70.47 37.36
N LEU HD 21 98.45 -70.41 38.53
CA LEU HD 21 98.80 -71.57 39.33
C LEU HD 21 98.06 -71.49 40.65
N ARG HD 22 97.74 -72.65 41.20
CA ARG HD 22 97.04 -72.75 42.46
C ARG HD 22 97.80 -73.68 43.39
N ASP HD 23 97.56 -73.54 44.69
CA ASP HD 23 98.20 -74.42 45.65
C ASP HD 23 97.59 -75.82 45.60
N PHE HD 24 96.26 -75.90 45.58
CA PHE HD 24 95.53 -77.17 45.53
C PHE HD 24 95.67 -77.94 46.84
N ALA HD 25 96.49 -77.43 47.75
CA ALA HD 25 96.64 -78.01 49.07
C ALA HD 25 95.85 -77.24 50.13
N ASN HD 26 96.11 -75.94 50.27
CA ASN HD 26 95.27 -75.10 51.11
C ASN HD 26 94.13 -74.46 50.34
N ASP HD 27 94.13 -74.55 49.01
CA ASP HD 27 93.03 -74.09 48.17
C ASP HD 27 92.67 -72.63 48.44
N LYS HD 28 93.66 -71.80 48.75
CA LYS HD 28 93.39 -70.41 49.04
C LYS HD 28 94.31 -69.45 48.31
N ASP HD 29 95.37 -69.92 47.66
CA ASP HD 29 96.34 -69.06 47.02
C ASP HD 29 96.33 -69.28 45.51
N THR HD 30 96.36 -68.19 44.76
CA THR HD 30 96.52 -68.23 43.32
C THR HD 30 97.63 -67.29 42.90
N LEU HD 31 98.57 -67.80 42.12
CA LEU HD 31 99.69 -67.02 41.61
C LEU HD 31 99.53 -66.88 40.10
N ALA HD 32 99.50 -65.63 39.63
CA ALA HD 32 99.27 -65.35 38.22
C ALA HD 32 100.47 -64.61 37.62
N TYR HD 33 100.94 -65.11 36.48
CA TYR HD 33 101.95 -64.47 35.64
C TYR HD 33 101.22 -63.93 34.41
N LYS HD 34 101.45 -62.68 34.08
CA LYS HD 34 100.62 -61.97 33.11
C LYS HD 34 101.52 -61.08 32.25
N ARG HD 35 101.20 -61.02 30.96
CA ARG HD 35 102.14 -60.61 29.93
C ARG HD 35 101.47 -59.68 28.92
N LEU HD 36 102.04 -58.49 28.72
CA LEU HD 36 101.61 -57.57 27.66
C LEU HD 36 102.82 -57.10 26.87
N ALA HD 37 102.98 -57.62 25.65
CA ALA HD 37 104.08 -57.20 24.80
C ALA HD 37 103.98 -55.72 24.46
N PRO HD 38 105.12 -55.04 24.29
CA PRO HD 38 105.07 -53.61 23.97
C PRO HD 38 104.48 -53.36 22.60
N LYS HD 39 103.81 -52.22 22.45
CA LYS HD 39 103.16 -51.84 21.20
C LYS HD 39 103.73 -50.52 20.72
N ARG HD 40 104.25 -50.51 19.49
CA ARG HD 40 104.87 -49.33 18.90
C ARG HD 40 103.75 -48.43 18.39
N THR HD 41 103.26 -47.57 19.29
CA THR HD 41 102.21 -46.61 18.96
C THR HD 41 102.78 -45.30 18.46
N LYS HD 42 104.09 -45.10 18.54
CA LYS HD 42 104.73 -43.86 18.14
C LYS HD 42 106.19 -44.18 17.86
N ASP HD 43 107.01 -43.12 17.81
CA ASP HD 43 108.46 -43.29 17.69
C ASP HD 43 109.00 -44.14 18.85
N SER HD 44 108.29 -44.14 19.97
CA SER HD 44 108.64 -45.06 21.05
C SER HD 44 108.21 -46.47 20.67
N PRO HD 45 109.00 -47.50 21.00
CA PRO HD 45 108.61 -48.87 20.69
C PRO HD 45 107.58 -49.46 21.66
N GLY HD 46 107.10 -48.69 22.63
CA GLY HD 46 106.15 -49.18 23.59
C GLY HD 46 106.80 -49.76 24.84
N MET HD 47 105.96 -50.02 25.83
CA MET HD 47 106.39 -50.53 27.12
C MET HD 47 105.87 -51.95 27.31
N ALA HD 48 106.76 -52.86 27.72
CA ALA HD 48 106.38 -54.25 27.96
C ALA HD 48 105.90 -54.39 29.40
N LYS HD 49 104.64 -54.78 29.57
CA LYS HD 49 104.06 -55.00 30.88
C LYS HD 49 104.24 -56.44 31.33
N SER HD 50 104.71 -56.60 32.55
CA SER HD 50 104.67 -57.88 33.26
C SER HD 50 103.85 -57.70 34.52
N GLU HD 51 103.26 -58.79 34.99
CA GLU HD 51 102.45 -58.72 36.20
C GLU HD 51 102.55 -60.05 36.91
N LEU HD 52 102.85 -60.00 38.20
CA LEU HD 52 103.00 -61.21 39.02
C LEU HD 52 102.23 -61.00 40.30
N LYS HD 53 101.06 -61.64 40.40
CA LYS HD 53 100.18 -61.38 41.53
C LYS HD 53 99.95 -62.65 42.33
N ILE HD 54 99.92 -62.50 43.65
CA ILE HD 54 99.50 -63.55 44.56
C ILE HD 54 98.22 -63.09 45.24
N THR HD 55 97.18 -63.89 45.12
CA THR HD 55 95.89 -63.60 45.71
C THR HD 55 95.53 -64.69 46.71
N ARG HD 56 95.11 -64.29 47.89
CA ARG HD 56 94.64 -65.21 48.92
C ARG HD 56 93.16 -64.99 49.14
N VAL HD 57 92.38 -66.06 49.03
CA VAL HD 57 90.95 -66.05 49.27
C VAL HD 57 90.64 -67.20 50.22
N ASP HD 58 89.99 -66.89 51.34
CA ASP HD 58 89.73 -67.97 52.27
C ASP HD 58 88.71 -68.95 51.69
N PRO HD 59 88.93 -70.24 51.77
CA PRO HD 59 88.05 -71.20 51.08
C PRO HD 59 86.86 -71.65 51.90
N THR HD 60 86.18 -70.72 52.56
CA THR HD 60 84.94 -71.07 53.25
C THR HD 60 83.79 -70.23 52.71
N THR HD 61 84.01 -68.92 52.60
CA THR HD 61 83.05 -68.02 51.99
C THR HD 61 83.60 -67.31 50.77
N GLY HD 62 84.88 -67.49 50.46
CA GLY HD 62 85.47 -66.87 49.29
C GLY HD 62 85.84 -65.42 49.46
N VAL HD 63 85.98 -64.94 50.69
CA VAL HD 63 86.34 -63.55 50.93
C VAL HD 63 87.81 -63.37 50.61
N LEU HD 64 88.13 -62.27 49.92
CA LEU HD 64 89.51 -62.02 49.50
C LEU HD 64 90.29 -61.43 50.67
N ILE HD 65 91.23 -62.19 51.20
CA ILE HD 65 92.04 -61.72 52.31
C ILE HD 65 93.00 -60.63 51.88
N GLY HD 66 93.70 -60.82 50.78
CA GLY HD 66 94.64 -59.82 50.33
C GLY HD 66 95.33 -60.21 49.05
N ILE HD 67 95.84 -59.19 48.36
CA ILE HD 67 96.57 -59.36 47.11
C ILE HD 67 97.89 -58.61 47.21
N VAL HD 68 98.96 -59.25 46.75
CA VAL HD 68 100.24 -58.58 46.56
C VAL HD 68 100.60 -58.73 45.09
N ASN HD 69 100.89 -57.60 44.43
CA ASN HD 69 101.14 -57.58 42.99
C ASN HD 69 102.50 -56.97 42.71
N VAL HD 70 103.23 -57.58 41.79
CA VAL HD 70 104.51 -57.04 41.30
C VAL HD 70 104.33 -56.76 39.82
N SER HD 71 104.30 -55.49 39.45
CA SER HD 71 104.08 -55.07 38.08
C SER HD 71 105.29 -54.31 37.56
N SER HD 72 105.68 -54.62 36.33
CA SER HD 72 106.76 -53.90 35.67
C SER HD 72 106.24 -53.34 34.35
N SER HD 73 106.72 -52.15 34.00
CA SER HD 73 106.40 -51.50 32.73
C SER HD 73 107.70 -50.90 32.23
N ILE HD 74 108.36 -51.57 31.29
CA ILE HD 74 109.70 -51.21 30.85
C ILE HD 74 109.70 -51.00 29.34
N ARG HD 75 110.44 -50.00 28.89
CA ARG HD 75 110.57 -49.69 27.48
C ARG HD 75 111.08 -50.89 26.70
N ALA HD 76 110.55 -51.06 25.49
CA ALA HD 76 111.00 -52.15 24.64
C ALA HD 76 112.47 -52.03 24.30
N ASP HD 77 112.94 -50.81 24.05
CA ASP HD 77 114.33 -50.56 23.72
C ASP HD 77 115.25 -50.57 24.95
N ALA HD 78 114.67 -50.65 26.15
CA ALA HD 78 115.46 -50.49 27.37
C ALA HD 78 116.50 -51.60 27.48
N THR HD 79 117.66 -51.22 28.03
CA THR HD 79 118.77 -52.15 28.12
C THR HD 79 118.51 -53.20 29.20
N ALA HD 80 119.19 -54.33 29.05
CA ALA HD 80 119.14 -55.35 30.09
C ALA HD 80 119.74 -54.84 31.40
N ALA HD 81 120.69 -53.91 31.32
CA ALA HD 81 121.23 -53.31 32.53
C ALA HD 81 120.18 -52.53 33.29
N ASP HD 82 119.34 -51.77 32.57
CA ASP HD 82 118.26 -51.04 33.22
C ASP HD 82 117.30 -51.99 33.91
N LYS HD 83 116.96 -53.10 33.25
CA LYS HD 83 116.00 -54.03 33.81
C LYS HD 83 116.57 -54.76 35.03
N THR HD 84 117.85 -55.16 34.94
CA THR HD 84 118.49 -55.79 36.09
C THR HD 84 118.59 -54.83 37.26
N ALA HD 85 118.92 -53.57 36.98
CA ALA HD 85 118.98 -52.57 38.05
C ALA HD 85 117.62 -52.36 38.70
N LEU HD 86 116.57 -52.27 37.89
CA LEU HD 86 115.23 -52.10 38.45
C LEU HD 86 114.85 -53.28 39.34
N MET HD 87 115.10 -54.50 38.85
CA MET HD 87 114.74 -55.67 39.65
C MET HD 87 115.56 -55.74 40.93
N ALA HD 88 116.87 -55.46 40.86
CA ALA HD 88 117.70 -55.48 42.05
C ALA HD 88 117.25 -54.42 43.07
N ILE HD 89 116.92 -53.22 42.60
CA ILE HD 89 116.53 -52.16 43.51
C ILE HD 89 115.23 -52.50 44.20
N ILE HD 90 114.24 -52.96 43.43
CA ILE HD 90 112.95 -53.27 44.05
C ILE HD 90 113.08 -54.47 44.97
N THR HD 91 113.92 -55.44 44.63
CA THR HD 91 114.12 -56.59 45.50
C THR HD 91 114.80 -56.21 46.80
N ALA HD 92 115.83 -55.35 46.72
CA ALA HD 92 116.49 -54.90 47.93
C ALA HD 92 115.55 -54.07 48.81
N ALA HD 93 114.71 -53.25 48.19
CA ALA HD 93 113.74 -52.48 48.96
C ALA HD 93 112.72 -53.39 49.63
N GLN HD 94 112.30 -54.45 48.94
CA GLN HD 94 111.38 -55.41 49.54
C GLN HD 94 112.03 -56.14 50.71
N ALA HD 95 113.30 -56.51 50.56
CA ALA HD 95 114.02 -57.16 51.66
C ALA HD 95 114.18 -56.25 52.85
N ASP HD 96 114.17 -54.94 52.66
CA ASP HD 96 114.25 -54.01 53.77
C ASP HD 96 112.98 -54.07 54.61
N GLY HD 97 113.15 -53.77 55.90
CA GLY HD 97 112.02 -53.78 56.82
C GLY HD 97 111.06 -52.63 56.63
N ALA HD 98 111.47 -51.59 55.92
CA ALA HD 98 110.56 -50.48 55.64
C ALA HD 98 109.36 -50.96 54.84
N TRP HD 99 109.58 -51.83 53.85
CA TRP HD 99 108.46 -52.41 53.12
C TRP HD 99 107.63 -53.33 54.01
N THR HD 100 108.30 -54.08 54.89
CA THR HD 100 107.58 -54.99 55.78
C THR HD 100 106.73 -54.24 56.79
N GLU HD 101 107.02 -52.96 57.00
CA GLU HD 101 106.17 -52.11 57.83
C GLU HD 101 105.10 -51.40 57.02
N LEU HD 102 105.47 -50.90 55.83
CA LEU HD 102 104.48 -50.33 54.92
C LEU HD 102 103.33 -51.30 54.69
N VAL HD 103 103.65 -52.56 54.46
CA VAL HD 103 102.64 -53.60 54.53
C VAL HD 103 102.53 -54.03 55.98
N THR HD 104 101.30 -54.37 56.40
CA THR HD 104 100.94 -54.78 57.76
C THR HD 104 100.90 -53.65 58.78
N ASP HD 105 101.41 -52.47 58.45
CA ASP HD 105 101.39 -51.36 59.41
C ASP HD 105 100.94 -50.04 58.83
N GLN HD 106 100.98 -49.86 57.50
CA GLN HD 106 100.74 -48.57 56.86
C GLN HD 106 101.68 -47.52 57.44
N ARG HD 107 102.94 -47.91 57.56
CA ARG HD 107 103.98 -47.08 58.15
C ARG HD 107 104.95 -46.64 57.06
N LEU HD 108 105.13 -45.33 56.93
CA LEU HD 108 106.09 -44.77 56.00
C LEU HD 108 107.50 -44.81 56.58
N PRO HD 109 108.53 -44.82 55.74
CA PRO HD 109 109.91 -44.94 56.26
C PRO HD 109 110.48 -43.61 56.73
N LEU HD 110 109.70 -42.85 57.47
CA LEU HD 110 110.10 -41.54 57.93
C LEU HD 110 110.16 -41.40 59.44
N ALA HD 111 109.90 -42.47 60.18
CA ALA HD 111 110.04 -42.42 61.63
C ALA HD 111 111.47 -42.12 62.02
N THR HD 112 111.64 -41.45 63.16
CA THR HD 112 112.96 -41.15 63.69
C THR HD 112 113.53 -42.28 64.53
N VAL HD 113 112.78 -43.37 64.72
CA VAL HD 113 113.21 -44.56 65.45
C VAL HD 113 113.53 -44.28 66.91
N SER ID 1 114.27 -47.09 51.90
CA SER ID 1 114.80 -46.13 52.86
C SER ID 1 116.23 -45.70 52.54
N LYS ID 2 117.15 -46.65 52.58
CA LYS ID 2 118.58 -46.35 52.48
C LYS ID 2 119.16 -47.20 51.36
N VAL ID 3 120.49 -47.33 51.35
CA VAL ID 3 121.23 -47.91 50.24
C VAL ID 3 120.64 -49.23 49.77
N PHE ID 4 120.24 -49.28 48.50
CA PHE ID 4 119.71 -50.46 47.87
C PHE ID 4 120.43 -50.68 46.54
N ASN ID 5 120.86 -51.91 46.30
CA ASN ID 5 121.60 -52.27 45.09
C ASN ID 5 122.84 -51.38 44.96
N THR ID 6 123.54 -51.19 46.08
CA THR ID 6 124.75 -50.37 46.22
C THR ID 6 124.50 -48.88 45.97
N GLN ID 7 123.26 -48.47 45.74
CA GLN ID 7 122.95 -47.08 45.46
C GLN ID 7 122.29 -46.43 46.66
N THR ID 8 122.78 -45.25 47.04
CA THR ID 8 122.27 -44.50 48.17
C THR ID 8 121.04 -43.72 47.72
N PHE ID 9 119.91 -43.95 48.37
CA PHE ID 9 118.67 -43.26 48.07
C PHE ID 9 118.39 -42.27 49.19
N ASP ID 10 118.57 -40.98 48.90
CA ASP ID 10 118.32 -39.92 49.86
C ASP ID 10 116.95 -39.32 49.59
N ILE ID 11 116.32 -38.79 50.64
CA ILE ID 11 114.92 -38.38 50.56
C ILE ID 11 114.76 -37.26 49.54
N TYR ID 12 113.82 -37.43 48.63
CA TYR ID 12 113.54 -36.43 47.59
C TYR ID 12 112.30 -35.60 47.87
N SER ID 13 111.27 -36.20 48.45
CA SER ID 13 110.07 -35.47 48.82
C SER ID 13 109.27 -36.29 49.83
N THR ID 14 108.43 -35.61 50.60
CA THR ID 14 107.56 -36.28 51.55
C THR ID 14 106.17 -35.69 51.43
N GLU ID 15 105.17 -36.55 51.31
CA GLU ID 15 103.78 -36.16 51.22
C GLU ID 15 102.98 -36.72 52.39
N LYS ID 16 101.67 -36.55 52.31
CA LYS ID 16 100.75 -37.15 53.26
C LYS ID 16 100.91 -38.67 53.29
N ASP ID 17 101.01 -39.29 52.13
CA ASP ID 17 101.02 -40.74 52.03
C ASP ID 17 102.16 -41.26 51.16
N VAL ID 18 103.00 -40.39 50.63
CA VAL ID 18 104.08 -40.80 49.74
C VAL ID 18 105.39 -40.26 50.28
N VAL ID 19 106.40 -41.12 50.35
CA VAL ID 19 107.76 -40.72 50.64
C VAL ID 19 108.61 -41.15 49.46
N SER ID 20 109.28 -40.19 48.85
CA SER ID 20 110.05 -40.41 47.63
C SER ID 20 111.52 -40.13 47.91
N LEU ID 21 112.38 -41.07 47.53
CA LEU ID 21 113.82 -40.97 47.67
C LEU ID 21 114.46 -40.98 46.29
N ARG ID 22 115.59 -40.31 46.16
CA ARG ID 22 116.33 -40.27 44.92
C ARG ID 22 117.75 -40.70 45.17
N ASP ID 23 118.39 -41.23 44.12
CA ASP ID 23 119.81 -41.57 44.22
C ASP ID 23 120.66 -40.31 44.37
N PHE ID 24 120.44 -39.32 43.49
CA PHE ID 24 121.18 -38.07 43.43
C PHE ID 24 122.61 -38.28 42.97
N ALA ID 25 123.01 -39.54 42.79
CA ALA ID 25 124.29 -39.88 42.19
C ALA ID 25 124.18 -40.07 40.68
N ASN ID 26 123.36 -41.02 40.25
CA ASN ID 26 123.00 -41.12 38.84
C ASN ID 26 121.80 -40.27 38.48
N ASP ID 27 121.11 -39.72 39.49
CA ASP ID 27 119.99 -38.80 39.30
C ASP ID 27 118.92 -39.37 38.38
N LYS ID 28 118.77 -40.69 38.37
CA LYS ID 28 117.86 -41.34 37.46
C LYS ID 28 116.85 -42.26 38.14
N ASP ID 29 117.06 -42.63 39.40
CA ASP ID 29 116.24 -43.61 40.09
C ASP ID 29 115.47 -42.94 41.21
N THR ID 30 114.18 -43.22 41.30
CA THR ID 30 113.32 -42.69 42.34
C THR ID 30 112.53 -43.83 42.96
N LEU ID 31 112.60 -43.93 44.28
CA LEU ID 31 111.93 -44.98 45.04
C LEU ID 31 110.84 -44.34 45.89
N ALA ID 32 109.59 -44.78 45.70
CA ALA ID 32 108.45 -44.20 46.39
C ALA ID 32 107.77 -45.25 47.25
N TYR ID 33 107.40 -44.84 48.46
CA TYR ID 33 106.59 -45.62 49.40
C TYR ID 33 105.26 -44.90 49.52
N LYS ID 34 104.17 -45.61 49.27
CA LYS ID 34 102.85 -45.03 49.16
C LYS ID 34 101.90 -45.80 50.05
N ARG ID 35 101.00 -45.07 50.71
CA ARG ID 35 100.17 -45.58 51.79
C ARG ID 35 98.72 -45.17 51.58
N LEU ID 36 97.80 -46.12 51.76
CA LEU ID 36 96.37 -45.83 51.69
C LEU ID 36 95.68 -46.62 52.80
N ALA ID 37 95.37 -45.95 53.91
CA ALA ID 37 94.77 -46.64 55.03
C ALA ID 37 93.38 -47.19 54.65
N PRO ID 38 92.97 -48.31 55.25
CA PRO ID 38 91.65 -48.86 54.94
C PRO ID 38 90.54 -47.91 55.34
N LYS ID 39 89.48 -47.88 54.54
CA LYS ID 39 88.31 -47.06 54.81
C LYS ID 39 87.12 -47.97 55.05
N ARG ID 40 86.44 -47.77 56.18
CA ARG ID 40 85.35 -48.63 56.62
C ARG ID 40 84.04 -48.14 56.02
N THR ID 41 83.91 -48.33 54.71
CA THR ID 41 82.73 -47.86 53.99
C THR ID 41 81.52 -48.76 54.19
N LYS ID 42 81.71 -49.95 54.72
CA LYS ID 42 80.62 -50.89 54.99
C LYS ID 42 81.01 -51.72 56.19
N ASP ID 43 80.32 -52.86 56.37
CA ASP ID 43 80.68 -53.83 57.40
C ASP ID 43 82.11 -54.29 57.20
N SER ID 44 82.60 -54.21 55.97
CA SER ID 44 84.01 -54.45 55.70
C SER ID 44 84.85 -53.43 56.45
N PRO ID 45 85.97 -53.84 57.06
CA PRO ID 45 86.89 -52.85 57.65
C PRO ID 45 87.71 -52.10 56.62
N GLY ID 46 87.47 -52.35 55.33
CA GLY ID 46 88.23 -51.72 54.27
C GLY ID 46 89.49 -52.49 53.94
N MET ID 47 90.18 -52.01 52.92
CA MET ID 47 91.43 -52.61 52.46
C MET ID 47 92.57 -51.63 52.67
N ALA ID 48 93.63 -52.11 53.31
CA ALA ID 48 94.85 -51.33 53.47
C ALA ID 48 95.69 -51.49 52.21
N LYS ID 49 95.90 -50.40 51.50
CA LYS ID 49 96.71 -50.40 50.29
C LYS ID 49 98.11 -49.92 50.60
N SER ID 50 99.11 -50.57 50.02
CA SER ID 50 100.46 -50.04 50.03
C SER ID 50 101.03 -50.13 48.62
N GLU ID 51 102.09 -49.36 48.39
CA GLU ID 51 102.73 -49.38 47.09
C GLU ID 51 104.21 -49.07 47.26
N LEU ID 52 105.07 -49.85 46.63
CA LEU ID 52 106.51 -49.61 46.65
C LEU ID 52 106.99 -49.61 45.21
N LYS ID 53 107.30 -48.43 44.68
CA LYS ID 53 107.60 -48.31 43.27
C LYS ID 53 109.00 -47.77 43.05
N ILE ID 54 109.67 -48.32 42.05
CA ILE ID 54 110.97 -47.81 41.60
C ILE ID 54 110.81 -47.35 40.16
N THR ID 55 111.27 -46.14 39.88
CA THR ID 55 111.16 -45.55 38.57
C THR ID 55 112.54 -45.12 38.10
N ARG ID 56 112.88 -45.51 36.89
CA ARG ID 56 114.11 -45.08 36.25
C ARG ID 56 113.75 -44.21 35.06
N VAL ID 57 114.32 -43.01 35.00
CA VAL ID 57 114.20 -42.14 33.85
C VAL ID 57 115.60 -41.73 33.42
N ASP ID 58 115.76 -41.44 32.15
CA ASP ID 58 117.05 -40.95 31.71
C ASP ID 58 117.14 -39.47 32.04
N PRO ID 59 118.04 -39.03 32.91
CA PRO ID 59 118.00 -37.64 33.36
C PRO ID 59 118.71 -36.67 32.45
N THR ID 60 118.55 -36.84 31.14
CA THR ID 60 118.96 -35.82 30.18
C THR ID 60 117.78 -35.43 29.31
N THR ID 61 117.10 -36.43 28.76
CA THR ID 61 115.93 -36.21 27.93
C THR ID 61 114.63 -36.57 28.60
N GLY ID 62 114.68 -37.07 29.84
CA GLY ID 62 113.46 -37.36 30.56
C GLY ID 62 112.62 -38.46 29.97
N VAL ID 63 113.23 -39.50 29.42
CA VAL ID 63 112.49 -40.65 28.91
C VAL ID 63 112.38 -41.69 30.01
N LEU ID 64 111.18 -42.19 30.23
CA LEU ID 64 110.95 -43.20 31.25
C LEU ID 64 111.51 -44.53 30.76
N ILE ID 65 112.57 -45.00 31.39
CA ILE ID 65 113.14 -46.29 31.01
C ILE ID 65 112.23 -47.43 31.45
N GLY ID 66 111.74 -47.38 32.69
CA GLY ID 66 110.87 -48.44 33.16
C GLY ID 66 110.48 -48.23 34.62
N ILE ID 67 109.42 -48.92 35.01
CA ILE ID 67 108.87 -48.88 36.36
C ILE ID 67 108.65 -50.31 36.84
N VAL ID 68 108.95 -50.56 38.10
CA VAL ID 68 108.57 -51.80 38.78
C VAL ID 68 107.82 -51.41 40.05
N ASN ID 69 106.64 -51.99 40.22
CA ASN ID 69 105.72 -51.62 41.29
C ASN ID 69 105.43 -52.84 42.16
N VAL ID 70 105.44 -52.66 43.47
CA VAL ID 70 105.00 -53.68 44.41
C VAL ID 70 103.83 -53.10 45.19
N SER ID 71 102.62 -53.52 44.84
CA SER ID 71 101.41 -53.05 45.49
C SER ID 71 100.78 -54.16 46.31
N SER ID 72 100.24 -53.79 47.46
CA SER ID 72 99.52 -54.73 48.30
C SER ID 72 98.14 -54.18 48.61
N SER ID 73 97.15 -55.05 48.57
CA SER ID 73 95.77 -54.73 48.94
C SER ID 73 95.31 -55.82 49.91
N ILE ID 74 95.53 -55.58 51.20
CA ILE ID 74 95.24 -56.56 52.23
C ILE ID 74 94.09 -56.03 53.09
N ARG ID 75 93.17 -56.92 53.45
CA ARG ID 75 92.05 -56.56 54.31
C ARG ID 75 92.56 -56.02 55.64
N ALA ID 76 91.86 -55.00 56.16
CA ALA ID 76 92.25 -54.42 57.43
C ALA ID 76 92.19 -55.45 58.56
N ASP ID 77 91.21 -56.35 58.51
CA ASP ID 77 91.09 -57.38 59.52
C ASP ID 77 92.01 -58.57 59.29
N ALA ID 78 92.68 -58.64 58.14
CA ALA ID 78 93.48 -59.80 57.81
C ALA ID 78 94.61 -59.99 58.80
N THR ID 79 94.74 -61.21 59.28
CA THR ID 79 95.73 -61.51 60.30
C THR ID 79 97.14 -61.36 59.75
N ALA ID 80 98.11 -61.18 60.66
CA ALA ID 80 99.50 -61.08 60.26
C ALA ID 80 99.98 -62.36 59.61
N ALA ID 81 99.32 -63.49 59.89
CA ALA ID 81 99.68 -64.73 59.22
C ALA ID 81 99.46 -64.64 57.72
N ASP ID 82 98.29 -64.14 57.31
CA ASP ID 82 98.01 -64.00 55.88
C ASP ID 82 98.96 -63.01 55.23
N LYS ID 83 99.25 -61.89 55.89
CA LYS ID 83 100.14 -60.90 55.32
C LYS ID 83 101.57 -61.44 55.17
N THR ID 84 102.05 -62.15 56.20
CA THR ID 84 103.38 -62.74 56.11
C THR ID 84 103.43 -63.82 55.04
N ALA ID 85 102.38 -64.62 54.92
CA ALA ID 85 102.36 -65.63 53.87
C ALA ID 85 102.35 -64.99 52.49
N LEU ID 86 101.59 -63.91 52.33
CA LEU ID 86 101.55 -63.19 51.06
C LEU ID 86 102.92 -62.65 50.69
N MET ID 87 103.61 -62.01 51.64
CA MET ID 87 104.94 -61.49 51.34
C MET ID 87 105.91 -62.63 51.04
N ALA ID 88 105.84 -63.71 51.82
CA ALA ID 88 106.76 -64.82 51.60
C ALA ID 88 106.58 -65.43 50.22
N ILE ID 89 105.32 -65.63 49.82
CA ILE ID 89 105.05 -66.20 48.51
C ILE ID 89 105.52 -65.27 47.41
N ILE ID 90 105.23 -63.97 47.53
CA ILE ID 90 105.57 -63.07 46.43
C ILE ID 90 107.08 -62.89 46.33
N THR ID 91 107.79 -62.85 47.45
CA THR ID 91 109.25 -62.74 47.43
C THR ID 91 109.88 -64.02 46.90
N ALA ID 92 109.34 -65.18 47.28
CA ALA ID 92 109.85 -66.43 46.73
C ALA ID 92 109.64 -66.50 45.24
N ALA ID 93 108.48 -66.06 44.76
CA ALA ID 93 108.22 -66.03 43.33
C ALA ID 93 109.16 -65.07 42.60
N GLN ID 94 109.42 -63.90 43.18
CA GLN ID 94 110.35 -62.96 42.56
C GLN ID 94 111.76 -63.54 42.51
N ALA ID 95 112.21 -64.19 43.58
CA ALA ID 95 113.51 -64.83 43.59
C ALA ID 95 113.62 -65.94 42.56
N ASP ID 96 112.49 -66.53 42.18
CA ASP ID 96 112.48 -67.56 41.16
C ASP ID 96 112.81 -66.97 39.79
N GLY ID 97 113.32 -67.82 38.90
CA GLY ID 97 113.70 -67.36 37.58
C GLY ID 97 112.54 -67.02 36.67
N ALA ID 98 111.35 -67.55 36.97
CA ALA ID 98 110.20 -67.28 36.11
C ALA ID 98 109.89 -65.79 36.06
N TRP ID 99 109.94 -65.10 37.21
CA TRP ID 99 109.74 -63.66 37.22
C TRP ID 99 110.85 -62.96 36.45
N THR ID 100 112.09 -63.43 36.58
CA THR ID 100 113.21 -62.82 35.87
C THR ID 100 113.01 -62.89 34.37
N GLU ID 101 112.52 -64.01 33.84
CA GLU ID 101 112.22 -64.11 32.41
C GLU ID 101 110.97 -63.37 31.99
N LEU ID 102 109.93 -63.36 32.85
CA LEU ID 102 108.71 -62.63 32.54
C LEU ID 102 109.03 -61.15 32.31
N VAL ID 103 109.86 -60.57 33.17
CA VAL ID 103 110.51 -59.32 32.83
C VAL ID 103 111.67 -59.63 31.88
N THR ID 104 112.01 -58.67 31.02
CA THR ID 104 113.12 -58.81 30.07
C THR ID 104 112.90 -59.84 28.97
N ASP ID 105 111.84 -60.65 29.07
CA ASP ID 105 111.57 -61.59 27.98
C ASP ID 105 110.10 -61.70 27.64
N GLN ID 106 109.19 -61.24 28.49
CA GLN ID 106 107.77 -61.48 28.36
C GLN ID 106 107.49 -62.97 28.18
N ARG ID 107 108.19 -63.77 28.98
CA ARG ID 107 108.13 -65.23 28.91
C ARG ID 107 107.26 -65.74 30.05
N LEU ID 108 106.17 -66.41 29.70
CA LEU ID 108 105.30 -67.01 30.70
C LEU ID 108 105.87 -68.34 31.18
N PRO ID 109 105.58 -68.72 32.43
CA PRO ID 109 106.07 -70.01 32.93
C PRO ID 109 105.28 -71.17 32.35
N LEU ID 110 105.49 -71.46 31.08
CA LEU ID 110 104.89 -72.62 30.44
C LEU ID 110 105.84 -73.34 29.50
N ALA ID 111 107.11 -72.94 29.43
CA ALA ID 111 108.05 -73.57 28.52
C ALA ID 111 108.38 -74.98 29.01
N THR ID 112 108.52 -75.91 28.06
CA THR ID 112 108.82 -77.30 28.37
C THR ID 112 110.32 -77.55 28.52
N VAL ID 113 111.16 -76.53 28.31
CA VAL ID 113 112.61 -76.63 28.43
C VAL ID 113 113.17 -77.67 27.45
N SER JD 1 93.11 -25.02 91.57
CA SER JD 1 92.67 -24.96 92.96
C SER JD 1 93.38 -23.85 93.72
N LYS JD 2 94.71 -23.88 93.72
CA LYS JD 2 95.49 -22.94 94.50
C LYS JD 2 96.74 -22.56 93.72
N VAL JD 3 97.74 -22.04 94.43
CA VAL JD 3 98.90 -21.35 93.85
C VAL JD 3 99.51 -22.12 92.69
N PHE JD 4 99.56 -21.48 91.53
CA PHE JD 4 100.14 -22.02 90.31
C PHE JD 4 101.09 -20.99 89.75
N ASN JD 5 102.28 -21.42 89.37
CA ASN JD 5 103.29 -20.53 88.79
C ASN JD 5 103.56 -19.36 89.73
N THR JD 6 103.61 -19.64 91.03
CA THR JD 6 103.80 -18.69 92.12
C THR JD 6 102.68 -17.66 92.22
N GLN JD 7 101.64 -17.75 91.40
CA GLN JD 7 100.51 -16.85 91.48
C GLN JD 7 99.40 -17.51 92.27
N THR JD 8 98.77 -16.74 93.16
CA THR JD 8 97.67 -17.24 93.96
C THR JD 8 96.38 -17.11 93.16
N PHE JD 9 95.69 -18.21 92.97
CA PHE JD 9 94.40 -18.22 92.29
C PHE JD 9 93.32 -18.48 93.33
N ASP JD 10 92.43 -17.52 93.49
CA ASP JD 10 91.34 -17.60 94.44
C ASP JD 10 90.03 -17.75 93.68
N ILE JD 11 89.07 -18.46 94.28
CA ILE JD 11 87.81 -18.70 93.59
C ILE JD 11 87.14 -17.36 93.31
N TYR JD 12 86.81 -17.14 92.05
CA TYR JD 12 86.07 -15.96 91.63
C TYR JD 12 84.60 -16.22 91.47
N SER JD 13 84.22 -17.38 90.96
CA SER JD 13 82.82 -17.67 90.77
C SER JD 13 82.61 -19.18 90.77
N THR JD 14 81.48 -19.60 91.31
CA THR JD 14 81.11 -21.00 91.29
C THR JD 14 79.80 -21.13 90.53
N GLU JD 15 79.75 -22.09 89.63
CA GLU JD 15 78.59 -22.35 88.80
C GLU JD 15 78.22 -23.82 88.93
N LYS JD 16 77.07 -24.20 88.38
CA LYS JD 16 76.62 -25.59 88.40
C LYS JD 16 77.69 -26.53 87.89
N ASP JD 17 78.24 -26.24 86.71
CA ASP JD 17 79.27 -27.07 86.11
C ASP JD 17 80.54 -26.29 85.79
N VAL JD 18 80.71 -25.09 86.33
CA VAL JD 18 81.88 -24.27 86.07
C VAL JD 18 82.39 -23.71 87.39
N VAL JD 19 83.71 -23.72 87.57
CA VAL JD 19 84.35 -23.06 88.70
C VAL JD 19 85.46 -22.18 88.14
N SER JD 20 85.45 -20.91 88.48
CA SER JD 20 86.41 -19.94 87.96
C SER JD 20 87.21 -19.32 89.09
N LEU JD 21 88.53 -19.36 88.95
CA LEU JD 21 89.48 -18.78 89.88
C LEU JD 21 90.19 -17.61 89.22
N ARG JD 22 90.49 -16.59 90.01
CA ARG JD 22 91.18 -15.42 89.51
C ARG JD 22 92.43 -15.19 90.33
N ASP JD 23 93.46 -14.64 89.68
CA ASP JD 23 94.68 -14.30 90.40
C ASP JD 23 94.41 -13.23 91.46
N PHE JD 24 93.66 -12.19 91.10
CA PHE JD 24 93.27 -11.09 91.99
C PHE JD 24 94.45 -10.22 92.39
N ALA JD 25 95.65 -10.62 91.99
CA ALA JD 25 96.86 -9.85 92.21
C ALA JD 25 97.32 -9.15 90.93
N ASN JD 26 97.47 -9.91 89.85
CA ASN JD 26 97.69 -9.32 88.53
C ASN JD 26 96.40 -8.93 87.84
N ASP JD 27 95.26 -9.48 88.28
CA ASP JD 27 93.94 -9.13 87.77
C ASP JD 27 93.84 -9.31 86.25
N LYS JD 28 94.51 -10.32 85.71
CA LYS JD 28 94.41 -10.62 84.30
C LYS JD 28 94.31 -12.11 83.99
N ASP JD 29 94.59 -12.99 84.94
CA ASP JD 29 94.58 -14.43 84.71
C ASP JD 29 93.32 -15.04 85.32
N THR JD 30 92.63 -15.86 84.53
CA THR JD 30 91.44 -16.57 84.98
C THR JD 30 91.59 -18.04 84.62
N LEU JD 31 91.40 -18.91 85.61
CA LEU JD 31 91.47 -20.35 85.43
C LEU JD 31 90.08 -20.94 85.63
N ALA JD 32 89.57 -21.61 84.60
CA ALA JD 32 88.21 -22.15 84.60
C ALA JD 32 88.26 -23.66 84.50
N TYR JD 33 87.53 -24.33 85.40
CA TYR JD 33 87.24 -25.76 85.37
C TYR JD 33 85.81 -25.91 84.89
N LYS JD 34 85.63 -26.54 83.73
CA LYS JD 34 84.31 -26.73 83.14
C LYS JD 34 84.02 -28.22 83.00
N ARG JD 35 82.76 -28.57 83.21
CA ARG JD 35 82.30 -29.94 83.31
C ARG JD 35 81.16 -30.17 82.33
N LEU JD 36 81.03 -31.39 81.84
CA LEU JD 36 79.91 -31.74 80.97
C LEU JD 36 79.70 -33.25 81.03
N ALA JD 37 78.58 -33.66 81.63
CA ALA JD 37 78.34 -35.09 81.83
C ALA JD 37 78.09 -35.79 80.50
N PRO JD 38 78.47 -37.06 80.38
CA PRO JD 38 78.18 -37.81 79.16
C PRO JD 38 76.69 -38.07 79.02
N LYS JD 39 76.20 -37.97 77.79
CA LYS JD 39 74.79 -38.17 77.51
C LYS JD 39 74.60 -39.50 76.77
N ARG JD 40 73.74 -40.35 77.32
CA ARG JD 40 73.40 -41.62 76.69
C ARG JD 40 72.33 -41.34 75.64
N THR JD 41 72.71 -40.55 74.64
CA THR JD 41 71.80 -40.21 73.55
C THR JD 41 71.54 -41.38 72.63
N LYS JD 42 72.24 -42.49 72.83
CA LYS JD 42 72.09 -43.70 72.05
C LYS JD 42 72.54 -44.87 72.92
N ASP JD 43 72.79 -46.01 72.29
CA ASP JD 43 73.32 -47.18 73.01
C ASP JD 43 74.59 -46.81 73.75
N SER JD 44 75.41 -45.97 73.13
CA SER JD 44 76.66 -45.54 73.75
C SER JD 44 76.37 -44.73 75.02
N PRO JD 45 77.18 -44.86 76.06
CA PRO JD 45 76.91 -44.11 77.30
C PRO JD 45 77.27 -42.64 77.21
N GLY JD 46 77.82 -42.17 76.10
CA GLY JD 46 78.15 -40.78 75.93
C GLY JD 46 79.60 -40.47 76.27
N MET JD 47 79.98 -39.22 75.99
CA MET JD 47 81.34 -38.75 76.19
C MET JD 47 81.35 -37.72 77.31
N ALA JD 48 82.17 -37.97 78.33
CA ALA JD 48 82.29 -37.07 79.46
C ALA JD 48 83.29 -35.98 79.12
N LYS JD 49 82.81 -34.75 78.95
CA LYS JD 49 83.64 -33.64 78.55
C LYS JD 49 84.18 -32.91 79.78
N SER JD 50 85.47 -32.64 79.77
CA SER JD 50 86.11 -31.80 80.78
C SER JD 50 86.79 -30.64 80.08
N GLU JD 51 87.11 -29.61 80.86
CA GLU JD 51 87.82 -28.48 80.30
C GLU JD 51 88.57 -27.76 81.40
N LEU JD 52 89.84 -27.46 81.16
CA LEU JD 52 90.66 -26.66 82.06
C LEU JD 52 91.32 -25.58 81.23
N LYS JD 53 90.94 -24.32 81.44
CA LYS JD 53 91.44 -23.25 80.59
C LYS JD 53 92.01 -22.11 81.43
N ILE JD 54 93.05 -21.49 80.89
CA ILE JD 54 93.62 -20.27 81.47
C ILE JD 54 93.52 -19.16 80.43
N THR JD 55 92.96 -18.03 80.84
CA THR JD 55 92.74 -16.89 79.97
C THR JD 55 93.42 -15.68 80.56
N ARG JD 56 94.19 -14.98 79.73
CA ARG JD 56 94.84 -13.75 80.13
C ARG JD 56 94.22 -12.60 79.34
N VAL JD 57 93.67 -11.64 80.06
CA VAL JD 57 93.07 -10.44 79.48
C VAL JD 57 93.58 -9.24 80.25
N ASP JD 58 94.24 -8.33 79.55
CA ASP JD 58 95.02 -7.31 80.25
C ASP JD 58 94.15 -6.40 81.11
N PRO JD 59 94.58 -6.03 82.30
CA PRO JD 59 93.74 -5.19 83.17
C PRO JD 59 93.90 -3.70 82.95
N THR JD 60 93.96 -3.25 81.70
CA THR JD 60 93.94 -1.80 81.45
C THR JD 60 92.90 -1.44 80.40
N THR JD 61 92.77 -2.26 79.35
CA THR JD 61 91.79 -2.05 78.31
C THR JD 61 90.97 -3.30 78.00
N GLY JD 62 91.46 -4.48 78.36
CA GLY JD 62 90.69 -5.70 78.15
C GLY JD 62 90.98 -6.42 76.86
N VAL JD 63 92.24 -6.48 76.43
CA VAL JD 63 92.61 -7.20 75.22
C VAL JD 63 93.06 -8.61 75.59
N LEU JD 64 92.45 -9.60 74.96
CA LEU JD 64 92.77 -11.00 75.20
C LEU JD 64 94.19 -11.28 74.72
N ILE JD 65 95.12 -11.46 75.65
CA ILE JD 65 96.49 -11.78 75.30
C ILE JD 65 96.59 -13.20 74.75
N GLY JD 66 95.97 -14.16 75.42
CA GLY JD 66 96.06 -15.54 74.98
C GLY JD 66 95.21 -16.45 75.82
N ILE JD 67 95.00 -17.66 75.31
CA ILE JD 67 94.28 -18.71 75.99
C ILE JD 67 95.01 -20.02 75.75
N VAL JD 68 95.21 -20.79 76.82
CA VAL JD 68 95.60 -22.19 76.73
C VAL JD 68 94.50 -23.01 77.38
N ASN JD 69 93.96 -23.97 76.63
CA ASN JD 69 92.83 -24.78 77.09
C ASN JD 69 93.21 -26.25 77.02
N VAL JD 70 92.82 -27.01 78.03
CA VAL JD 70 92.98 -28.45 78.04
C VAL JD 70 91.59 -29.05 78.11
N SER JD 71 91.15 -29.68 77.03
CA SER JD 71 89.82 -30.27 76.95
C SER JD 71 89.94 -31.78 76.82
N SER JD 72 89.04 -32.50 77.47
CA SER JD 72 88.97 -33.94 77.37
C SER JD 72 87.58 -34.36 76.90
N SER JD 73 87.54 -35.36 76.05
CA SER JD 73 86.29 -35.98 75.60
C SER JD 73 86.54 -37.47 75.65
N ILE JD 74 86.13 -38.10 76.75
CA ILE JD 74 86.40 -39.51 77.01
C ILE JD 74 85.08 -40.25 77.11
N ARG JD 75 85.02 -41.45 76.54
CA ARG JD 75 83.84 -42.28 76.65
C ARG JD 75 83.46 -42.48 78.11
N ALA JD 76 82.17 -42.44 78.39
CA ALA JD 76 81.70 -42.67 79.74
C ALA JD 76 82.09 -44.06 80.24
N ASP JD 77 82.18 -45.03 79.34
CA ASP JD 77 82.56 -46.39 79.72
C ASP JD 77 84.07 -46.62 79.70
N ALA JD 78 84.86 -45.64 79.29
CA ALA JD 78 86.30 -45.84 79.18
C ALA JD 78 86.92 -46.15 80.53
N THR JD 79 87.84 -47.10 80.54
CA THR JD 79 88.43 -47.56 81.78
C THR JD 79 89.35 -46.49 82.37
N ALA JD 80 89.55 -46.59 83.69
CA ALA JD 80 90.48 -45.69 84.36
C ALA JD 80 91.89 -45.84 83.82
N ALA JD 81 92.23 -47.02 83.30
CA ALA JD 81 93.53 -47.20 82.65
C ALA JD 81 93.65 -46.32 81.42
N ASP JD 82 92.60 -46.28 80.58
CA ASP JD 82 92.62 -45.43 79.40
C ASP JD 82 92.75 -43.96 79.79
N LYS JD 83 92.01 -43.54 80.81
CA LYS JD 83 92.03 -42.14 81.22
C LYS JD 83 93.39 -41.75 81.80
N THR JD 84 93.97 -42.62 82.63
CA THR JD 84 95.30 -42.35 83.15
C THR JD 84 96.34 -42.32 82.03
N ALA JD 85 96.23 -43.24 81.07
CA ALA JD 85 97.16 -43.28 79.96
C ALA JD 85 97.07 -42.01 79.12
N LEU JD 86 95.86 -41.56 78.83
CA LEU JD 86 95.68 -40.34 78.06
C LEU JD 86 96.28 -39.15 78.78
N MET JD 87 96.01 -39.04 80.07
CA MET JD 87 96.54 -37.93 80.85
C MET JD 87 98.06 -37.96 80.89
N ALA JD 88 98.64 -39.15 81.08
CA ALA JD 88 100.09 -39.27 81.15
C ALA JD 88 100.75 -38.95 79.81
N ILE JD 89 100.18 -39.44 78.71
CA ILE JD 89 100.74 -39.15 77.40
C ILE JD 89 100.71 -37.65 77.12
N ILE JD 90 99.56 -37.01 77.38
CA ILE JD 90 99.47 -35.58 77.08
C ILE JD 90 100.38 -34.77 78.00
N THR JD 91 100.51 -35.17 79.26
CA THR JD 91 101.39 -34.44 80.17
C THR JD 91 102.85 -34.58 79.77
N ALA JD 92 103.25 -35.79 79.36
CA ALA JD 92 104.62 -35.99 78.90
C ALA JD 92 104.89 -35.21 77.62
N ALA JD 93 103.92 -35.17 76.70
CA ALA JD 93 104.10 -34.42 75.46
C ALA JD 93 104.23 -32.93 75.74
N GLN JD 94 103.43 -32.41 76.68
CA GLN JD 94 103.57 -31.00 77.05
C GLN JD 94 104.91 -30.74 77.72
N ALA JD 95 105.39 -31.68 78.54
CA ALA JD 95 106.71 -31.54 79.14
C ALA JD 95 107.81 -31.62 78.11
N ASP JD 96 107.57 -32.27 76.98
CA ASP JD 96 108.52 -32.27 75.88
C ASP JD 96 108.63 -30.88 75.28
N GLY JD 97 109.77 -30.61 74.65
CA GLY JD 97 110.02 -29.29 74.10
C GLY JD 97 109.34 -29.02 72.78
N ALA JD 98 108.84 -30.06 72.11
CA ALA JD 98 108.11 -29.86 70.87
C ALA JD 98 106.88 -29.01 71.09
N TRP JD 99 106.21 -29.20 72.24
CA TRP JD 99 105.07 -28.34 72.57
C TRP JD 99 105.53 -26.92 72.84
N THR JD 100 106.65 -26.76 73.56
CA THR JD 100 107.14 -25.43 73.88
C THR JD 100 107.60 -24.68 72.64
N GLU JD 101 107.85 -25.40 71.55
CA GLU JD 101 108.14 -24.77 70.26
C GLU JD 101 106.88 -24.50 69.45
N LEU JD 102 105.96 -25.46 69.42
CA LEU JD 102 104.67 -25.27 68.75
C LEU JD 102 103.97 -24.03 69.28
N VAL JD 103 103.88 -23.90 70.59
CA VAL JD 103 103.57 -22.62 71.19
C VAL JD 103 104.82 -21.77 71.16
N THR JD 104 104.66 -20.47 70.94
CA THR JD 104 105.73 -19.48 70.92
C THR JD 104 106.58 -19.51 69.65
N ASP JD 105 106.42 -20.52 68.79
CA ASP JD 105 107.11 -20.45 67.50
C ASP JD 105 106.31 -20.97 66.33
N GLN JD 106 105.22 -21.70 66.56
CA GLN JD 106 104.50 -22.39 65.50
C GLN JD 106 105.43 -23.35 64.75
N ARG JD 107 106.32 -23.98 65.50
CA ARG JD 107 107.32 -24.88 64.95
C ARG JD 107 106.84 -26.31 65.13
N LEU JD 108 106.66 -27.00 64.03
CA LEU JD 108 106.22 -28.38 64.08
C LEU JD 108 107.40 -29.31 64.30
N PRO JD 109 107.17 -30.49 64.87
CA PRO JD 109 108.26 -31.45 65.03
C PRO JD 109 108.64 -32.13 63.72
N LEU JD 110 109.14 -31.35 62.77
CA LEU JD 110 109.65 -31.90 61.53
C LEU JD 110 110.94 -31.26 61.07
N ALA JD 111 111.45 -30.26 61.79
CA ALA JD 111 112.75 -29.67 61.44
C ALA JD 111 113.86 -30.69 61.65
N THR JD 112 114.85 -30.66 60.78
CA THR JD 112 115.97 -31.60 60.84
C THR JD 112 117.07 -31.17 61.79
N VAL JD 113 116.95 -29.99 62.40
CA VAL JD 113 117.94 -29.45 63.34
C VAL JD 113 119.31 -29.30 62.68
N SER KD 1 8.59 132.58 -10.85
CA SER KD 1 9.70 133.15 -11.60
C SER KD 1 10.64 133.93 -10.69
N LYS KD 2 10.15 135.02 -10.11
CA LYS KD 2 10.94 135.88 -9.24
C LYS KD 2 10.08 136.25 -8.04
N VAL KD 3 10.49 137.28 -7.32
CA VAL KD 3 9.93 137.63 -6.01
C VAL KD 3 8.40 137.65 -6.02
N PHE KD 4 7.81 136.84 -5.14
CA PHE KD 4 6.38 136.74 -4.95
C PHE KD 4 6.11 136.79 -3.46
N ASN KD 5 5.14 137.61 -3.06
CA ASN KD 5 4.77 137.73 -1.65
C ASN KD 5 6.01 138.09 -0.82
N THR KD 6 6.79 139.03 -1.34
CA THR KD 6 8.02 139.54 -0.74
C THR KD 6 9.08 138.46 -0.54
N GLN KD 7 8.94 137.29 -1.17
CA GLN KD 7 9.94 136.24 -1.10
C GLN KD 7 10.54 136.02 -2.47
N THR KD 8 11.86 135.87 -2.52
CA THR KD 8 12.60 135.75 -3.77
C THR KD 8 12.76 134.27 -4.11
N PHE KD 9 12.22 133.87 -5.26
CA PHE KD 9 12.26 132.48 -5.70
C PHE KD 9 13.27 132.37 -6.83
N ASP KD 10 14.35 131.63 -6.58
CA ASP KD 10 15.39 131.38 -7.57
C ASP KD 10 15.31 129.93 -8.03
N ILE KD 11 15.74 129.70 -9.27
CA ILE KD 11 15.66 128.36 -9.83
C ILE KD 11 16.53 127.42 -9.02
N TYR KD 12 15.94 126.32 -8.58
CA TYR KD 12 16.71 125.25 -7.96
C TYR KD 12 16.92 124.08 -8.89
N SER KD 13 15.97 123.78 -9.75
CA SER KD 13 16.09 122.60 -10.60
C SER KD 13 15.32 122.81 -11.89
N THR KD 14 15.81 122.21 -12.96
CA THR KD 14 15.16 122.27 -14.25
C THR KD 14 15.13 120.87 -14.87
N GLU KD 15 13.94 120.41 -15.22
CA GLU KD 15 13.76 119.14 -15.89
C GLU KD 15 13.32 119.40 -17.32
N LYS KD 16 13.00 118.31 -18.02
CA LYS KD 16 12.44 118.46 -19.36
C LYS KD 16 11.14 119.22 -19.31
N ASP KD 17 10.30 118.95 -18.30
CA ASP KD 17 8.98 119.55 -18.23
C ASP KD 17 8.65 120.14 -16.87
N VAL KD 18 9.62 120.22 -15.96
CA VAL KD 18 9.41 120.82 -14.65
C VAL KD 18 10.51 121.84 -14.39
N VAL KD 19 10.12 123.01 -13.89
CA VAL KD 19 11.05 123.97 -13.33
C VAL KD 19 10.68 124.17 -11.87
N SER KD 20 11.65 123.99 -10.97
CA SER KD 20 11.43 124.14 -9.55
C SER KD 20 12.29 125.27 -9.01
N LEU KD 21 11.66 126.17 -8.25
CA LEU KD 21 12.30 127.33 -7.65
C LEU KD 21 12.13 127.26 -6.15
N ARG KD 22 13.13 127.76 -5.43
CA ARG KD 22 13.11 127.77 -3.98
C ARG KD 22 13.35 129.19 -3.48
N ASP KD 23 12.96 129.44 -2.23
CA ASP KD 23 13.20 130.74 -1.63
C ASP KD 23 14.68 130.91 -1.28
N PHE KD 24 15.29 129.90 -0.68
CA PHE KD 24 16.70 129.90 -0.27
C PHE KD 24 16.94 130.89 0.85
N ALA KD 25 15.91 131.63 1.25
CA ALA KD 25 15.96 132.53 2.39
C ALA KD 25 15.32 131.93 3.62
N ASN KD 26 14.04 131.56 3.54
CA ASN KD 26 13.41 130.80 4.61
C ASN KD 26 13.51 129.29 4.40
N ASP KD 27 13.95 128.86 3.21
CA ASP KD 27 14.22 127.46 2.91
C ASP KD 27 13.02 126.57 3.21
N LYS KD 28 11.82 127.09 2.99
CA LYS KD 28 10.62 126.32 3.28
C LYS KD 28 9.61 126.28 2.13
N ASP KD 29 9.76 127.12 1.12
CA ASP KD 29 8.81 127.19 0.02
C ASP KD 29 9.45 126.71 -1.27
N THR KD 30 8.71 125.90 -2.02
CA THR KD 30 9.12 125.48 -3.35
C THR KD 30 7.97 125.74 -4.31
N LEU KD 31 8.27 126.43 -5.41
CA LEU KD 31 7.31 126.74 -6.45
C LEU KD 31 7.68 125.95 -7.71
N ALA KD 32 6.75 125.15 -8.20
CA ALA KD 32 6.99 124.27 -9.33
C ALA KD 32 6.06 124.61 -10.48
N TYR KD 33 6.64 124.73 -11.67
CA TYR KD 33 5.93 124.91 -12.93
C TYR KD 33 6.10 123.63 -13.73
N LYS KD 34 5.00 123.05 -14.17
CA LYS KD 34 4.99 121.71 -14.72
C LYS KD 34 4.15 121.70 -16.00
N ARG KD 35 4.62 120.93 -16.98
CA ARG KD 35 4.20 121.05 -18.37
C ARG KD 35 3.95 119.69 -18.99
N LEU KD 36 2.75 119.50 -19.55
CA LEU KD 36 2.44 118.31 -20.34
C LEU KD 36 1.79 118.74 -21.65
N ALA KD 37 2.50 118.57 -22.77
CA ALA KD 37 1.94 118.91 -24.07
C ALA KD 37 0.75 118.00 -24.39
N PRO KD 38 -0.23 118.51 -25.14
CA PRO KD 38 -1.38 117.67 -25.49
C PRO KD 38 -0.97 116.53 -26.41
N LYS KD 39 -1.65 115.39 -26.26
CA LYS KD 39 -1.35 114.22 -27.06
C LYS KD 39 -2.57 113.86 -27.91
N ARG KD 40 -2.41 113.95 -29.23
CA ARG KD 40 -3.47 113.59 -30.18
C ARG KD 40 -3.56 112.07 -30.18
N THR KD 41 -4.26 111.56 -29.17
CA THR KD 41 -4.46 110.12 -29.05
C THR KD 41 -5.75 109.65 -29.70
N LYS KD 42 -6.51 110.58 -30.28
CA LYS KD 42 -7.74 110.26 -30.97
C LYS KD 42 -8.02 111.39 -31.95
N ASP KD 43 -9.25 111.47 -32.43
CA ASP KD 43 -9.66 112.58 -33.28
C ASP KD 43 -9.48 113.90 -32.54
N SER KD 44 -9.57 113.86 -31.21
CA SER KD 44 -9.25 115.02 -30.40
C SER KD 44 -7.75 115.28 -30.43
N PRO KD 45 -7.31 116.55 -30.41
CA PRO KD 45 -5.87 116.84 -30.39
C PRO KD 45 -5.22 116.67 -29.03
N GLY KD 46 -5.98 116.25 -28.01
CA GLY KD 46 -5.45 116.14 -26.67
C GLY KD 46 -5.61 117.42 -25.87
N MET KD 47 -5.33 117.30 -24.57
CA MET KD 47 -5.46 118.41 -23.63
C MET KD 47 -4.09 118.76 -23.09
N ALA KD 48 -3.75 120.06 -23.14
CA ALA KD 48 -2.47 120.55 -22.64
C ALA KD 48 -2.57 120.77 -21.14
N LYS KD 49 -1.80 120.01 -20.37
CA LYS KD 49 -1.76 120.16 -18.92
C LYS KD 49 -0.71 121.17 -18.50
N SER KD 50 -1.10 122.06 -17.61
CA SER KD 50 -0.16 122.89 -16.87
C SER KD 50 -0.38 122.66 -15.39
N GLU KD 51 0.65 122.90 -14.60
CA GLU KD 51 0.53 122.77 -13.16
C GLU KD 51 1.44 123.78 -12.49
N LEU KD 52 0.92 124.50 -11.51
CA LEU KD 52 1.68 125.50 -10.78
C LEU KD 52 1.42 125.28 -9.30
N LYS KD 53 2.40 124.74 -8.59
CA LYS KD 53 2.18 124.38 -7.20
C LYS KD 53 3.17 125.09 -6.29
N ILE KD 54 2.68 125.51 -5.13
CA ILE KD 54 3.51 126.03 -4.05
C ILE KD 54 3.41 125.07 -2.87
N THR KD 55 4.55 124.59 -2.42
CA THR KD 55 4.64 123.66 -1.30
C THR KD 55 5.44 124.31 -0.18
N ARG KD 56 4.90 124.26 1.04
CA ARG KD 56 5.59 124.76 2.22
C ARG KD 56 5.92 123.59 3.13
N VAL KD 57 7.19 123.44 3.45
CA VAL KD 57 7.67 122.41 4.36
C VAL KD 57 8.53 123.07 5.41
N ASP KD 58 8.24 122.82 6.68
CA ASP KD 58 9.05 123.47 7.71
C ASP KD 58 10.47 122.89 7.70
N PRO KD 59 11.50 123.73 7.73
CA PRO KD 59 12.87 123.22 7.60
C PRO KD 59 13.51 122.82 8.92
N THR KD 60 12.79 122.10 9.77
CA THR KD 60 13.38 121.63 11.01
C THR KD 60 13.13 120.13 11.17
N THR KD 61 11.95 119.68 10.77
CA THR KD 61 11.63 118.26 10.72
C THR KD 61 11.17 117.81 9.35
N GLY KD 62 10.94 118.73 8.42
CA GLY KD 62 10.51 118.36 7.09
C GLY KD 62 9.05 117.99 6.97
N VAL KD 63 8.18 118.56 7.80
CA VAL KD 63 6.76 118.27 7.76
C VAL KD 63 6.11 119.14 6.69
N LEU KD 64 5.22 118.55 5.91
CA LEU KD 64 4.51 119.28 4.87
C LEU KD 64 3.41 120.11 5.51
N ILE KD 65 3.62 121.42 5.60
CA ILE KD 65 2.59 122.28 6.17
C ILE KD 65 1.38 122.37 5.24
N GLY KD 66 1.60 122.57 3.95
CA GLY KD 66 0.48 122.68 3.04
C GLY KD 66 0.93 122.90 1.61
N ILE KD 67 0.04 122.56 0.69
CA ILE KD 67 0.26 122.72 -0.74
C ILE KD 67 -0.94 123.45 -1.34
N VAL KD 68 -0.67 124.42 -2.21
CA VAL KD 68 -1.69 125.01 -3.06
C VAL KD 68 -1.25 124.80 -4.50
N ASN KD 69 -2.13 124.19 -5.30
CA ASN KD 69 -1.82 123.83 -6.67
C ASN KD 69 -2.83 124.46 -7.62
N VAL KD 70 -2.33 125.02 -8.71
CA VAL KD 70 -3.17 125.56 -9.78
C VAL KD 70 -2.93 124.71 -11.01
N SER KD 71 -3.91 123.91 -11.38
CA SER KD 71 -3.80 123.00 -12.50
C SER KD 71 -4.76 123.43 -13.62
N SER KD 72 -4.26 123.40 -14.84
CA SER KD 72 -5.07 123.69 -16.01
C SER KD 72 -5.01 122.50 -16.96
N SER KD 73 -6.12 122.23 -17.62
CA SER KD 73 -6.24 121.15 -18.61
C SER KD 73 -7.16 121.68 -19.70
N ILE KD 74 -6.57 122.08 -20.82
CA ILE KD 74 -7.29 122.80 -21.88
C ILE KD 74 -7.03 122.12 -23.21
N ARG KD 75 -8.08 122.04 -24.03
CA ARG KD 75 -7.98 121.45 -25.35
C ARG KD 75 -6.91 122.14 -26.18
N ALA KD 76 -6.18 121.34 -26.96
CA ALA KD 76 -5.16 121.90 -27.85
C ALA KD 76 -5.76 122.85 -28.87
N ASP KD 77 -6.95 122.52 -29.38
CA ASP KD 77 -7.61 123.37 -30.36
C ASP KD 77 -8.31 124.57 -29.75
N ALA KD 78 -8.38 124.63 -28.42
CA ALA KD 78 -9.14 125.69 -27.76
C ALA KD 78 -8.55 127.06 -28.07
N THR KD 79 -9.44 128.04 -28.21
CA THR KD 79 -9.04 129.37 -28.59
C THR KD 79 -8.35 130.09 -27.44
N ALA KD 80 -7.57 131.12 -27.78
CA ALA KD 80 -6.98 131.96 -26.76
C ALA KD 80 -8.04 132.69 -25.94
N ALA KD 81 -9.19 132.96 -26.54
CA ALA KD 81 -10.28 133.59 -25.80
C ALA KD 81 -10.81 132.65 -24.71
N ASP KD 82 -10.93 131.37 -25.02
CA ASP KD 82 -11.37 130.40 -24.00
C ASP KD 82 -10.40 130.35 -22.84
N LYS KD 83 -9.10 130.33 -23.14
CA LYS KD 83 -8.09 130.27 -22.09
C LYS KD 83 -8.06 131.55 -21.27
N THR KD 84 -8.19 132.70 -21.94
CA THR KD 84 -8.27 133.96 -21.21
C THR KD 84 -9.47 133.99 -20.29
N ALA KD 85 -10.62 133.51 -20.78
CA ALA KD 85 -11.81 133.49 -19.94
C ALA KD 85 -11.63 132.57 -18.75
N LEU KD 86 -11.04 131.40 -18.95
CA LEU KD 86 -10.84 130.47 -17.85
C LEU KD 86 -9.93 131.08 -16.78
N MET KD 87 -8.80 131.65 -17.20
CA MET KD 87 -7.89 132.24 -16.22
C MET KD 87 -8.53 133.44 -15.52
N ALA KD 88 -9.24 134.29 -16.26
CA ALA KD 88 -9.88 135.44 -15.64
C ALA KD 88 -10.93 135.02 -14.63
N ILE KD 89 -11.73 133.99 -14.95
CA ILE KD 89 -12.77 133.55 -14.02
C ILE KD 89 -12.15 132.97 -12.77
N ILE KD 90 -11.15 132.09 -12.94
CA ILE KD 90 -10.55 131.48 -11.75
C ILE KD 90 -9.84 132.53 -10.91
N THR KD 91 -9.23 133.53 -11.54
CA THR KD 91 -8.56 134.59 -10.79
C THR KD 91 -9.56 135.44 -10.02
N ALA KD 92 -10.69 135.79 -10.65
CA ALA KD 92 -11.71 136.56 -9.95
C ALA KD 92 -12.30 135.78 -8.78
N ALA KD 93 -12.50 134.47 -8.98
CA ALA KD 93 -13.00 133.65 -7.89
C ALA KD 93 -11.99 133.55 -6.74
N GLN KD 94 -10.70 133.46 -7.07
CA GLN KD 94 -9.69 133.43 -6.03
C GLN KD 94 -9.63 134.75 -5.27
N ALA KD 95 -9.79 135.86 -5.98
CA ALA KD 95 -9.81 137.16 -5.33
C ALA KD 95 -10.99 137.32 -4.39
N ASP KD 96 -12.10 136.64 -4.66
CA ASP KD 96 -13.27 136.74 -3.80
C ASP KD 96 -13.01 136.03 -2.48
N GLY KD 97 -13.69 136.49 -1.43
CA GLY KD 97 -13.48 135.95 -0.10
C GLY KD 97 -14.07 134.57 0.10
N ALA KD 98 -14.94 134.12 -0.81
CA ALA KD 98 -15.46 132.77 -0.71
C ALA KD 98 -14.35 131.74 -0.79
N TRP KD 99 -13.39 131.95 -1.69
CA TRP KD 99 -12.23 131.06 -1.75
C TRP KD 99 -11.37 131.21 -0.50
N THR KD 100 -11.24 132.44 0.00
CA THR KD 100 -10.44 132.67 1.19
C THR KD 100 -11.05 132.02 2.42
N GLU KD 101 -12.34 131.70 2.39
CA GLU KD 101 -12.96 130.92 3.44
C GLU KD 101 -12.92 129.42 3.17
N LEU KD 102 -13.16 129.02 1.91
CA LEU KD 102 -13.03 127.62 1.53
C LEU KD 102 -11.67 127.08 1.94
N VAL KD 103 -10.62 127.81 1.62
CA VAL KD 103 -9.33 127.57 2.24
C VAL KD 103 -9.34 128.28 3.59
N THR KD 104 -8.69 127.68 4.58
CA THR KD 104 -8.58 128.16 5.96
C THR KD 104 -9.83 127.97 6.83
N ASP KD 105 -10.98 127.65 6.25
CA ASP KD 105 -12.19 127.45 7.06
C ASP KD 105 -12.97 126.20 6.70
N GLN KD 106 -12.76 125.62 5.52
CA GLN KD 106 -13.62 124.56 4.99
C GLN KD 106 -15.06 125.02 4.96
N ARG KD 107 -15.25 126.24 4.46
CA ARG KD 107 -16.55 126.90 4.41
C ARG KD 107 -17.00 127.02 2.96
N LEU KD 108 -18.18 126.48 2.66
CA LEU KD 108 -18.77 126.62 1.34
C LEU KD 108 -19.43 127.99 1.19
N PRO KD 109 -19.58 128.48 -0.04
CA PRO KD 109 -20.16 129.82 -0.23
C PRO KD 109 -21.67 129.83 -0.17
N LEU KD 110 -22.26 129.15 0.81
CA LEU KD 110 -23.69 129.07 0.94
C LEU KD 110 -24.22 129.67 2.23
N ALA KD 111 -23.37 130.29 3.04
CA ALA KD 111 -23.84 130.96 4.24
C ALA KD 111 -24.81 132.08 3.88
N THR KD 112 -25.82 132.26 4.72
CA THR KD 112 -26.77 133.35 4.55
C THR KD 112 -26.33 134.63 5.24
N VAL KD 113 -25.18 134.61 5.92
CA VAL KD 113 -24.63 135.76 6.63
C VAL KD 113 -25.58 136.26 7.71
N SER LD 1 -18.77 132.69 -5.90
CA SER LD 1 -20.09 133.01 -5.40
C SER LD 1 -20.94 133.78 -6.43
N LYS LD 2 -20.49 134.96 -6.79
CA LYS LD 2 -21.26 135.86 -7.64
C LYS LD 2 -20.39 136.29 -8.81
N VAL LD 3 -20.79 137.37 -9.47
CA VAL LD 3 -20.22 137.80 -10.76
C VAL LD 3 -18.70 137.78 -10.76
N PHE LD 4 -18.14 136.99 -11.68
CA PHE LD 4 -16.71 136.88 -11.89
C PHE LD 4 -16.46 137.04 -13.38
N ASN LD 5 -15.46 137.87 -13.73
CA ASN LD 5 -15.15 138.16 -15.13
C ASN LD 5 -16.37 138.66 -15.88
N THR LD 6 -17.12 139.55 -15.22
CA THR LD 6 -18.36 140.16 -15.72
C THR LD 6 -19.48 139.16 -15.94
N GLN LD 7 -19.28 137.88 -15.61
CA GLN LD 7 -20.28 136.85 -15.81
C GLN LD 7 -20.92 136.51 -14.47
N THR LD 8 -22.26 136.48 -14.45
CA THR LD 8 -23.02 136.19 -13.25
C THR LD 8 -23.15 134.68 -13.10
N PHE LD 9 -22.63 134.13 -12.01
CA PHE LD 9 -22.66 132.70 -11.73
C PHE LD 9 -23.73 132.44 -10.69
N ASP LD 10 -24.86 131.90 -11.12
CA ASP LD 10 -25.96 131.57 -10.24
C ASP LD 10 -25.90 130.09 -9.87
N ILE LD 11 -26.43 129.76 -8.69
CA ILE LD 11 -26.21 128.43 -8.13
C ILE LD 11 -26.85 127.38 -9.02
N TYR LD 12 -26.06 126.38 -9.40
CA TYR LD 12 -26.52 125.29 -10.24
C TYR LD 12 -26.82 124.02 -9.47
N SER LD 13 -26.07 123.74 -8.41
CA SER LD 13 -26.25 122.51 -7.65
C SER LD 13 -25.58 122.66 -6.30
N THR LD 14 -26.09 121.91 -5.33
CA THR LD 14 -25.51 121.89 -3.99
C THR LD 14 -25.37 120.46 -3.54
N GLU LD 15 -24.22 120.12 -2.97
CA GLU LD 15 -23.95 118.81 -2.42
C GLU LD 15 -23.52 118.94 -0.96
N LYS LD 16 -23.21 117.80 -0.36
CA LYS LD 16 -22.65 117.78 0.99
C LYS LD 16 -21.38 118.63 1.06
N ASP LD 17 -20.55 118.56 0.03
CA ASP LD 17 -19.25 119.22 0.05
C ASP LD 17 -18.94 119.97 -1.23
N VAL LD 18 -19.87 120.03 -2.17
CA VAL LD 18 -19.67 120.72 -3.43
C VAL LD 18 -20.79 121.71 -3.65
N VAL LD 19 -20.44 122.93 -4.02
CA VAL LD 19 -21.40 123.93 -4.48
C VAL LD 19 -21.01 124.35 -5.88
N SER LD 20 -21.92 124.16 -6.82
CA SER LD 20 -21.67 124.43 -8.22
C SER LD 20 -22.56 125.57 -8.68
N LEU LD 21 -21.96 126.55 -9.34
CA LEU LD 21 -22.67 127.70 -9.90
C LEU LD 21 -22.51 127.70 -11.40
N ARG LD 22 -23.52 128.21 -12.10
CA ARG LD 22 -23.52 128.27 -13.54
C ARG LD 22 -23.76 129.70 -13.99
N ASP LD 23 -23.21 130.05 -15.15
CA ASP LD 23 -23.50 131.35 -15.74
C ASP LD 23 -24.98 131.44 -16.15
N PHE LD 24 -25.48 130.41 -16.84
CA PHE LD 24 -26.85 130.33 -17.34
C PHE LD 24 -27.11 131.32 -18.46
N ALA LD 25 -26.14 132.19 -18.73
CA ALA LD 25 -26.21 133.10 -19.87
C ALA LD 25 -25.52 132.53 -21.10
N ASN LD 26 -24.24 132.23 -21.00
CA ASN LD 26 -23.56 131.48 -22.04
C ASN LD 26 -23.72 129.97 -21.87
N ASP LD 27 -24.24 129.54 -20.73
CA ASP LD 27 -24.58 128.14 -20.46
C ASP LD 27 -23.37 127.22 -20.63
N LYS LD 28 -22.17 127.75 -20.43
CA LYS LD 28 -20.98 126.97 -20.70
C LYS LD 28 -19.98 126.91 -19.55
N ASP LD 29 -20.08 127.77 -18.55
CA ASP LD 29 -19.10 127.86 -17.48
C ASP LD 29 -19.72 127.41 -16.17
N THR LD 30 -19.02 126.51 -15.48
CA THR LD 30 -19.47 126.02 -14.18
C THR LD 30 -18.34 126.17 -13.17
N LEU LD 31 -18.64 126.79 -12.04
CA LEU LD 31 -17.68 127.05 -10.98
C LEU LD 31 -18.04 126.21 -9.77
N ALA LD 32 -17.10 125.35 -9.34
CA ALA LD 32 -17.34 124.44 -8.23
C ALA LD 32 -16.43 124.75 -7.06
N TYR LD 33 -17.02 124.79 -5.86
CA TYR LD 33 -16.33 124.91 -4.59
C TYR LD 33 -16.48 123.59 -3.85
N LYS LD 34 -15.38 122.93 -3.55
CA LYS LD 34 -15.39 121.55 -3.06
C LYS LD 34 -14.55 121.44 -1.80
N ARG LD 35 -15.01 120.62 -0.85
CA ARG LD 35 -14.53 120.63 0.52
C ARG LD 35 -14.24 119.23 1.03
N LEU LD 36 -13.11 119.06 1.72
CA LEU LD 36 -12.81 117.83 2.46
C LEU LD 36 -12.19 118.21 3.80
N ALA LD 37 -12.98 118.14 4.86
CA ALA LD 37 -12.44 118.40 6.18
C ALA LD 37 -11.34 117.39 6.52
N PRO LD 38 -10.35 117.80 7.32
CA PRO LD 38 -9.26 116.88 7.65
C PRO LD 38 -9.74 115.69 8.49
N LYS LD 39 -9.10 114.55 8.29
CA LYS LD 39 -9.38 113.34 9.05
C LYS LD 39 -8.18 113.01 9.91
N ARG LD 40 -8.43 112.79 11.20
CA ARG LD 40 -7.36 112.51 12.17
C ARG LD 40 -7.09 111.01 12.20
N THR LD 41 -6.54 110.50 11.10
CA THR LD 41 -6.27 109.08 10.97
C THR LD 41 -5.07 108.64 11.80
N LYS LD 42 -4.26 109.59 12.28
CA LYS LD 42 -3.12 109.28 13.11
C LYS LD 42 -2.92 110.45 14.07
N ASP LD 43 -1.72 110.54 14.65
CA ASP LD 43 -1.37 111.64 15.53
C ASP LD 43 -1.51 112.96 14.80
N SER LD 44 -1.29 112.95 13.48
CA SER LD 44 -1.52 114.14 12.68
C SER LD 44 -3.00 114.50 12.71
N PRO LD 45 -3.36 115.78 12.71
CA PRO LD 45 -4.78 116.15 12.63
C PRO LD 45 -5.37 116.00 11.24
N GLY LD 46 -4.59 115.51 10.28
CA GLY LD 46 -5.07 115.34 8.93
C GLY LD 46 -4.86 116.59 8.09
N MET LD 47 -5.19 116.46 6.81
CA MET LD 47 -5.07 117.55 5.85
C MET LD 47 -6.45 118.03 5.45
N ALA LD 48 -6.65 119.35 5.52
CA ALA LD 48 -7.87 119.97 5.06
C ALA LD 48 -7.74 120.25 3.56
N LYS LD 49 -8.59 119.62 2.76
CA LYS LD 49 -8.57 119.79 1.32
C LYS LD 49 -9.63 120.78 0.90
N SER LD 50 -9.27 121.69 0.00
CA SER LD 50 -10.26 122.50 -0.69
C SER LD 50 -10.01 122.40 -2.19
N GLU LD 51 -11.03 122.76 -2.96
CA GLU LD 51 -10.90 122.76 -4.41
C GLU LD 51 -11.77 123.88 -4.96
N LEU LD 52 -11.22 124.65 -5.89
CA LEU LD 52 -11.99 125.68 -6.59
C LEU LD 52 -11.71 125.49 -8.08
N LYS LD 53 -12.70 124.98 -8.81
CA LYS LD 53 -12.47 124.62 -10.20
C LYS LD 53 -13.47 125.33 -11.11
N ILE LD 54 -12.99 125.71 -12.29
CA ILE LD 54 -13.83 126.29 -13.33
C ILE LD 54 -13.77 125.38 -14.53
N THR LD 55 -14.93 125.06 -15.07
CA THR LD 55 -15.05 124.17 -16.20
C THR LD 55 -15.80 124.88 -17.32
N ARG LD 56 -15.26 124.78 -18.52
CA ARG LD 56 -15.93 125.29 -19.71
C ARG LD 56 -16.22 124.12 -20.64
N VAL LD 57 -17.49 123.96 -20.99
CA VAL LD 57 -17.92 123.04 -22.04
C VAL LD 57 -18.84 123.81 -22.97
N ASP LD 58 -18.67 123.60 -24.26
CA ASP LD 58 -19.54 124.33 -25.18
C ASP LD 58 -20.89 123.64 -25.21
N PRO LD 59 -21.99 124.35 -24.96
CA PRO LD 59 -23.25 123.66 -24.68
C PRO LD 59 -24.08 123.33 -25.91
N THR LD 60 -23.45 122.86 -26.99
CA THR LD 60 -24.24 122.28 -28.07
C THR LD 60 -23.77 120.86 -28.34
N THR LD 61 -22.46 120.66 -28.48
CA THR LD 61 -21.90 119.33 -28.60
C THR LD 61 -21.31 118.80 -27.31
N GLY LD 62 -21.18 119.65 -26.30
CA GLY LD 62 -20.74 119.18 -25.00
C GLY LD 62 -19.34 118.62 -24.93
N VAL LD 63 -18.40 119.18 -25.68
CA VAL LD 63 -17.00 118.80 -25.57
C VAL LD 63 -16.31 119.73 -24.59
N LEU LD 64 -15.53 119.16 -23.69
CA LEU LD 64 -14.80 119.93 -22.69
C LEU LD 64 -13.77 120.82 -23.38
N ILE LD 65 -13.86 122.13 -23.15
CA ILE LD 65 -12.85 123.03 -23.71
C ILE LD 65 -11.66 123.16 -22.76
N GLY LD 66 -11.91 123.27 -21.46
CA GLY LD 66 -10.82 123.35 -20.51
C GLY LD 66 -11.30 123.41 -19.08
N ILE LD 67 -10.38 123.05 -18.18
CA ILE LD 67 -10.58 123.14 -16.73
C ILE LD 67 -9.37 123.83 -16.12
N VAL LD 68 -9.63 124.79 -15.24
CA VAL LD 68 -8.60 125.36 -14.39
C VAL LD 68 -9.00 125.09 -12.95
N ASN LD 69 -8.07 124.51 -12.18
CA ASN LD 69 -8.36 123.98 -10.86
C ASN LD 69 -7.42 124.60 -9.84
N VAL LD 70 -7.98 125.01 -8.71
CA VAL LD 70 -7.19 125.50 -7.58
C VAL LD 70 -7.47 124.58 -6.40
N SER LD 71 -6.49 123.78 -6.04
CA SER LD 71 -6.61 122.82 -4.96
C SER LD 71 -5.68 123.19 -3.82
N SER LD 72 -6.14 122.99 -2.59
CA SER LD 72 -5.33 123.22 -1.41
C SER LD 72 -5.32 121.97 -0.56
N SER LD 73 -4.16 121.65 0.00
CA SER LD 73 -3.99 120.54 0.92
C SER LD 73 -3.11 121.07 2.05
N ILE LD 74 -3.75 121.54 3.11
CA ILE LD 74 -3.07 122.18 4.23
C ILE LD 74 -3.33 121.39 5.49
N ARG LD 75 -2.30 121.26 6.33
CA ARG LD 75 -2.45 120.59 7.61
C ARG LD 75 -3.54 121.27 8.44
N ALA LD 76 -4.32 120.45 9.15
CA ALA LD 76 -5.41 121.00 9.95
C ALA LD 76 -4.89 121.95 11.02
N ASP LD 77 -3.76 121.63 11.63
CA ASP LD 77 -3.18 122.48 12.66
C ASP LD 77 -2.38 123.65 12.08
N ALA LD 78 -2.18 123.69 10.77
CA ALA LD 78 -1.32 124.69 10.18
C ALA LD 78 -1.84 126.10 10.47
N THR LD 79 -0.92 126.95 10.90
CA THR LD 79 -1.28 128.29 11.33
C THR LD 79 -1.82 129.11 10.16
N ALA LD 80 -2.63 130.12 10.50
CA ALA LD 80 -3.14 131.03 9.49
C ALA LD 80 -2.01 131.77 8.80
N ALA LD 81 -0.84 131.87 9.44
CA ALA LD 81 0.31 132.48 8.79
C ALA LD 81 0.75 131.68 7.57
N ASP LD 82 0.92 130.37 7.74
CA ASP LD 82 1.31 129.52 6.61
C ASP LD 82 0.23 129.52 5.55
N LYS LD 83 -1.04 129.50 5.97
CA LYS LD 83 -2.16 129.48 5.04
C LYS LD 83 -2.24 130.75 4.21
N THR LD 84 -2.10 131.91 4.86
CA THR LD 84 -2.09 133.17 4.13
C THR LD 84 -0.85 133.29 3.25
N ALA LD 85 0.30 132.81 3.71
CA ALA LD 85 1.49 132.86 2.88
C ALA LD 85 1.34 132.00 1.64
N LEU LD 86 0.73 130.82 1.79
CA LEU LD 86 0.48 129.96 0.65
C LEU LD 86 -0.44 130.65 -0.36
N MET LD 87 -1.53 131.25 0.13
CA MET LD 87 -2.42 131.97 -0.79
C MET LD 87 -1.68 133.12 -1.47
N ALA LD 88 -0.91 133.88 -0.71
CA ALA LD 88 -0.24 135.05 -1.27
C ALA LD 88 0.76 134.65 -2.34
N ILE LD 89 1.56 133.62 -2.07
CA ILE LD 89 2.54 133.18 -3.05
C ILE LD 89 1.85 132.67 -4.31
N ILE LD 90 0.80 131.86 -4.15
CA ILE LD 90 0.20 131.27 -5.34
C ILE LD 90 -0.52 132.34 -6.16
N THR LD 91 -1.16 133.31 -5.51
CA THR LD 91 -1.83 134.36 -6.24
C THR LD 91 -0.83 135.29 -6.93
N ALA LD 92 0.29 135.58 -6.26
CA ALA LD 92 1.34 136.38 -6.89
C ALA LD 92 1.91 135.66 -8.10
N ALA LD 93 2.13 134.35 -7.98
CA ALA LD 93 2.63 133.58 -9.11
C ALA LD 93 1.63 133.58 -10.27
N GLN LD 94 0.34 133.43 -9.97
CA GLN LD 94 -0.66 133.43 -11.02
C GLN LD 94 -0.73 134.78 -11.72
N ALA LD 95 -0.69 135.87 -10.96
CA ALA LD 95 -0.71 137.19 -11.57
C ALA LD 95 0.50 137.43 -12.45
N ASP LD 96 1.63 136.82 -12.14
CA ASP LD 96 2.83 136.96 -12.94
C ASP LD 96 2.67 136.25 -14.28
N GLY LD 97 3.37 136.76 -15.30
CA GLY LD 97 3.19 136.29 -16.65
C GLY LD 97 3.70 134.88 -16.91
N ALA LD 98 4.52 134.34 -16.01
CA ALA LD 98 5.01 132.98 -16.20
C ALA LD 98 3.86 131.98 -16.21
N TRP LD 99 2.90 132.14 -15.31
CA TRP LD 99 1.71 131.27 -15.33
C TRP LD 99 0.88 131.50 -16.58
N THR LD 100 0.74 132.76 -16.98
CA THR LD 100 -0.04 133.07 -18.18
C THR LD 100 0.56 132.44 -19.42
N GLU LD 101 1.88 132.29 -19.46
CA GLU LD 101 2.55 131.63 -20.58
C GLU LD 101 2.54 130.11 -20.45
N LEU LD 102 2.70 129.59 -19.23
CA LEU LD 102 2.61 128.15 -19.01
C LEU LD 102 1.26 127.63 -19.48
N VAL LD 103 0.19 128.32 -19.15
CA VAL LD 103 -1.06 128.14 -19.86
C VAL LD 103 -0.95 128.87 -21.20
N THR LD 104 -1.64 128.36 -22.22
CA THR LD 104 -1.68 128.97 -23.55
C THR LD 104 -0.38 128.84 -24.32
N ASP LD 105 0.70 128.39 -23.68
CA ASP LD 105 1.93 128.17 -24.43
C ASP LD 105 2.67 126.90 -24.05
N GLN LD 106 2.38 126.30 -22.89
CA GLN LD 106 3.21 125.25 -22.31
C GLN LD 106 4.67 125.69 -22.22
N ARG LD 107 4.86 126.94 -21.82
CA ARG LD 107 6.19 127.55 -21.75
C ARG LD 107 6.65 127.57 -20.30
N LEU LD 108 7.73 126.85 -20.02
CA LEU LD 108 8.31 126.83 -18.69
C LEU LD 108 9.10 128.12 -18.44
N PRO LD 109 9.16 128.57 -17.19
CA PRO LD 109 9.94 129.77 -16.88
C PRO LD 109 11.42 129.49 -16.92
N LEU LD 110 11.97 129.31 -18.12
CA LEU LD 110 13.40 129.15 -18.30
C LEU LD 110 13.94 129.88 -19.52
N ALA LD 111 13.12 130.68 -20.19
CA ALA LD 111 13.58 131.40 -21.38
C ALA LD 111 14.56 132.50 -21.01
N THR LD 112 15.58 132.68 -21.83
CA THR LD 112 16.59 133.71 -21.60
C THR LD 112 16.19 135.07 -22.15
N VAL LD 113 15.05 135.15 -22.84
CA VAL LD 113 14.54 136.40 -23.43
C VAL LD 113 15.54 136.98 -24.43
N SER MD 1 -41.34 120.85 37.16
CA SER MD 1 -41.66 120.89 38.58
C SER MD 1 -43.14 121.21 38.80
N LYS MD 2 -43.60 122.31 38.23
CA LYS MD 2 -44.95 122.80 38.49
C LYS MD 2 -45.54 123.27 37.16
N VAL MD 3 -46.62 124.04 37.22
CA VAL MD 3 -47.48 124.39 36.10
C VAL MD 3 -46.68 124.81 34.86
N PHE MD 4 -46.88 124.06 33.77
CA PHE MD 4 -46.27 124.34 32.48
C PHE MD 4 -47.38 124.36 31.45
N ASN MD 5 -47.37 125.39 30.59
CA ASN MD 5 -48.37 125.51 29.52
C ASN MD 5 -49.78 125.52 30.11
N THR MD 6 -49.93 126.18 31.25
CA THR MD 6 -51.17 126.34 32.02
C THR MD 6 -51.69 125.02 32.58
N GLN MD 7 -51.01 123.91 32.38
CA GLN MD 7 -51.40 122.63 32.95
C GLN MD 7 -50.56 122.34 34.17
N THR MD 8 -51.19 121.83 35.21
CA THR MD 8 -50.53 121.53 36.47
C THR MD 8 -49.92 120.14 36.41
N PHE MD 9 -48.62 120.05 36.65
CA PHE MD 9 -47.91 118.77 36.69
C PHE MD 9 -47.57 118.48 38.14
N ASP MD 10 -48.17 117.44 38.68
CA ASP MD 10 -47.89 116.99 40.03
C ASP MD 10 -47.04 115.73 39.96
N ILE MD 11 -46.21 115.53 41.00
CA ILE MD 11 -45.29 114.41 40.97
C ILE MD 11 -46.09 113.11 40.97
N TYR MD 12 -45.85 112.28 39.96
CA TYR MD 12 -46.48 110.98 39.86
C TYR MD 12 -45.66 109.88 40.51
N SER MD 13 -44.34 109.93 40.38
CA SER MD 13 -43.49 108.91 40.96
C SER MD 13 -42.09 109.46 41.14
N THR MD 14 -41.40 108.95 42.14
CA THR MD 14 -40.03 109.36 42.39
C THR MD 14 -39.16 108.11 42.42
N GLU MD 15 -38.07 108.15 41.66
CA GLU MD 15 -37.14 107.05 41.57
C GLU MD 15 -35.75 107.53 42.01
N LYS MD 16 -34.80 106.60 42.02
CA LYS MD 16 -33.42 106.93 42.37
C LYS MD 16 -32.88 108.03 41.47
N ASP MD 17 -33.00 107.86 40.16
CA ASP MD 17 -32.49 108.82 39.20
C ASP MD 17 -33.57 109.35 38.27
N VAL MD 18 -34.84 109.09 38.55
CA VAL MD 18 -35.94 109.54 37.72
C VAL MD 18 -37.01 110.17 38.61
N VAL MD 19 -37.56 111.28 38.16
CA VAL MD 19 -38.73 111.90 38.78
C VAL MD 19 -39.76 112.11 37.68
N SER MD 20 -40.98 111.63 37.89
CA SER MD 20 -42.02 111.70 36.89
C SER MD 20 -43.22 112.46 37.44
N LEU MD 21 -43.65 113.47 36.69
CA LEU MD 21 -44.82 114.28 37.00
C LEU MD 21 -45.93 114.00 36.00
N ARG MD 22 -47.15 113.99 36.49
CA ARG MD 22 -48.32 113.74 35.66
C ARG MD 22 -49.25 114.92 35.76
N ASP MD 23 -49.91 115.25 34.66
CA ASP MD 23 -50.89 116.33 34.66
C ASP MD 23 -52.05 116.01 35.59
N PHE MD 24 -52.57 114.78 35.52
CA PHE MD 24 -53.64 114.29 36.38
C PHE MD 24 -54.98 114.95 36.09
N ALA MD 25 -54.98 115.94 35.20
CA ALA MD 25 -56.21 116.56 34.74
C ALA MD 25 -56.63 116.03 33.38
N ASN MD 26 -55.74 116.13 32.39
CA ASN MD 26 -55.98 115.50 31.10
C ASN MD 26 -55.55 114.04 31.08
N ASP MD 27 -54.74 113.61 32.06
CA ASP MD 27 -54.31 112.22 32.21
C ASP MD 27 -53.65 111.69 30.94
N LYS MD 28 -52.96 112.55 30.21
CA LYS MD 28 -52.28 112.14 28.99
C LYS MD 28 -50.86 112.64 28.88
N ASP MD 29 -50.44 113.59 29.70
CA ASP MD 29 -49.11 114.17 29.63
C ASP MD 29 -48.27 113.74 30.82
N THR MD 30 -47.05 113.27 30.55
CA THR MD 30 -46.11 112.88 31.58
C THR MD 30 -44.77 113.54 31.33
N LEU MD 31 -44.23 114.21 32.35
CA LEU MD 31 -42.94 114.88 32.27
C LEU MD 31 -41.93 114.11 33.13
N ALA MD 32 -40.86 113.65 32.50
CA ALA MD 32 -39.85 112.84 33.18
C ALA MD 32 -38.52 113.56 33.21
N TYR MD 33 -37.93 113.67 34.39
CA TYR MD 33 -36.57 114.12 34.61
C TYR MD 33 -35.73 112.88 34.91
N LYS MD 34 -34.76 112.60 34.06
CA LYS MD 34 -33.90 111.44 34.21
C LYS MD 34 -32.45 111.87 34.35
N ARG MD 35 -31.73 111.18 35.21
CA ARG MD 35 -30.38 111.52 35.62
C ARG MD 35 -29.46 110.36 35.30
N LEU MD 36 -28.20 110.65 35.02
CA LEU MD 36 -27.21 109.59 34.82
C LEU MD 36 -25.83 110.17 35.09
N ALA MD 37 -25.18 109.70 36.16
CA ALA MD 37 -23.90 110.25 36.55
C ALA MD 37 -22.81 109.87 35.55
N PRO MD 38 -21.80 110.73 35.38
CA PRO MD 38 -20.69 110.38 34.50
C PRO MD 38 -19.85 109.26 35.10
N LYS MD 39 -19.37 108.38 34.24
CA LYS MD 39 -18.56 107.25 34.68
C LYS MD 39 -17.12 107.44 34.22
N ARG MD 40 -16.19 107.37 35.17
CA ARG MD 40 -14.76 107.50 34.88
C ARG MD 40 -14.25 106.13 34.45
N THR MD 41 -14.77 105.67 33.31
CA THR MD 41 -14.37 104.37 32.77
C THR MD 41 -12.94 104.40 32.23
N LYS MD 42 -12.33 105.57 32.17
CA LYS MD 42 -10.99 105.75 31.65
C LYS MD 42 -10.42 106.99 32.30
N ASP MD 43 -9.34 107.53 31.72
CA ASP MD 43 -8.77 108.79 32.18
C ASP MD 43 -9.84 109.88 32.17
N SER MD 44 -10.70 109.86 31.16
CA SER MD 44 -11.76 110.86 31.06
C SER MD 44 -12.72 110.72 32.23
N PRO MD 45 -13.23 111.83 32.78
CA PRO MD 45 -14.15 111.74 33.91
C PRO MD 45 -15.55 111.28 33.55
N GLY MD 46 -15.83 111.04 32.27
CA GLY MD 46 -17.11 110.55 31.84
C GLY MD 46 -18.08 111.65 31.45
N MET MD 47 -19.22 111.22 30.91
CA MET MD 47 -20.23 112.13 30.39
C MET MD 47 -21.47 112.07 31.27
N ALA MD 48 -21.90 113.23 31.76
CA ALA MD 48 -23.05 113.32 32.64
C ALA MD 48 -24.31 113.46 31.78
N LYS MD 49 -25.18 112.46 31.83
CA LYS MD 49 -26.40 112.45 31.04
C LYS MD 49 -27.56 113.03 31.82
N SER MD 50 -28.28 113.95 31.18
CA SER MD 50 -29.53 114.46 31.68
C SER MD 50 -30.61 114.16 30.66
N GLU MD 51 -31.86 114.15 31.11
CA GLU MD 51 -32.96 113.94 30.17
C GLU MD 51 -34.20 114.60 30.71
N LEU MD 52 -34.88 115.36 29.85
CA LEU MD 52 -36.14 116.00 30.18
C LEU MD 52 -37.11 115.69 29.05
N LYS MD 53 -38.07 114.82 29.31
CA LYS MD 53 -38.97 114.38 28.24
C LYS MD 53 -40.41 114.62 28.62
N ILE MD 54 -41.22 114.97 27.62
CA ILE MD 54 -42.67 115.05 27.76
C ILE MD 54 -43.28 114.02 26.82
N THR MD 55 -44.16 113.19 27.36
CA THR MD 55 -44.80 112.12 26.60
C THR MD 55 -46.31 112.30 26.69
N ARG MD 56 -46.97 112.25 25.54
CA ARG MD 56 -48.41 112.33 25.47
C ARG MD 56 -48.95 111.00 24.98
N VAL MD 57 -49.84 110.41 25.77
CA VAL MD 57 -50.48 109.14 25.42
C VAL MD 57 -51.98 109.35 25.50
N ASP MD 58 -52.68 108.89 24.48
CA ASP MD 58 -54.13 109.13 24.45
C ASP MD 58 -54.82 108.32 25.54
N PRO MD 59 -55.49 108.95 26.49
CA PRO MD 59 -55.98 108.21 27.66
C PRO MD 59 -57.36 107.58 27.50
N THR MD 60 -57.64 106.94 26.37
CA THR MD 60 -58.82 106.09 26.28
C THR MD 60 -58.45 104.72 25.72
N THR MD 61 -57.50 104.69 24.79
CA THR MD 61 -56.97 103.43 24.28
C THR MD 61 -55.47 103.28 24.50
N GLY MD 62 -54.76 104.37 24.80
CA GLY MD 62 -53.34 104.27 25.10
C GLY MD 62 -52.42 104.36 23.90
N VAL MD 63 -52.72 105.21 22.93
CA VAL MD 63 -51.87 105.36 21.75
C VAL MD 63 -50.97 106.58 21.95
N LEU MD 64 -49.66 106.36 21.80
CA LEU MD 64 -48.67 107.42 21.99
C LEU MD 64 -48.82 108.47 20.91
N ILE MD 65 -49.28 109.66 21.29
CA ILE MD 65 -49.40 110.75 20.33
C ILE MD 65 -48.03 111.28 19.93
N GLY MD 66 -47.17 111.55 20.90
CA GLY MD 66 -45.88 112.12 20.57
C GLY MD 66 -44.99 112.21 21.79
N ILE MD 67 -43.71 112.40 21.52
CA ILE MD 67 -42.69 112.59 22.55
C ILE MD 67 -41.77 113.71 22.10
N VAL MD 68 -41.52 114.67 22.98
CA VAL MD 68 -40.44 115.63 22.82
C VAL MD 68 -39.47 115.42 23.97
N ASN MD 69 -38.23 115.09 23.65
CA ASN MD 69 -37.23 114.76 24.65
C ASN MD 69 -36.04 115.69 24.49
N VAL MD 70 -35.54 116.20 25.62
CA VAL MD 70 -34.33 117.01 25.66
C VAL MD 70 -33.29 116.23 26.45
N SER MD 71 -32.22 115.81 25.78
CA SER MD 71 -31.17 115.04 26.42
C SER MD 71 -29.86 115.82 26.36
N SER MD 72 -29.05 115.66 27.40
CA SER MD 72 -27.74 116.28 27.47
C SER MD 72 -26.69 115.22 27.71
N SER MD 73 -25.53 115.40 27.08
CA SER MD 73 -24.37 114.53 27.30
C SER MD 73 -23.18 115.47 27.37
N ILE MD 74 -22.85 115.92 28.57
CA ILE MD 74 -21.81 116.91 28.79
C ILE MD 74 -20.67 116.26 29.58
N ARG MD 75 -19.44 116.58 29.18
CA ARG MD 75 -18.27 116.10 29.90
C ARG MD 75 -18.37 116.46 31.38
N ALA MD 76 -17.98 115.51 32.23
CA ALA MD 76 -17.99 115.75 33.67
C ALA MD 76 -17.08 116.90 34.04
N ASP MD 77 -16.05 117.16 33.24
CA ASP MD 77 -15.11 118.25 33.50
C ASP MD 77 -15.48 119.55 32.81
N ALA MD 78 -16.55 119.58 32.03
CA ALA MD 78 -16.89 120.76 31.26
C ALA MD 78 -17.24 121.93 32.18
N THR MD 79 -16.82 123.12 31.76
CA THR MD 79 -17.03 124.31 32.57
C THR MD 79 -18.49 124.72 32.56
N ALA MD 80 -18.87 125.49 33.59
CA ALA MD 80 -20.22 126.04 33.64
C ALA MD 80 -20.47 126.98 32.48
N ALA MD 81 -19.42 127.62 31.96
CA ALA MD 81 -19.56 128.46 30.77
C ALA MD 81 -19.95 127.61 29.57
N ASP MD 82 -19.32 126.44 29.41
CA ASP MD 82 -19.75 125.52 28.36
C ASP MD 82 -21.18 125.07 28.58
N LYS MD 83 -21.53 124.75 29.82
CA LYS MD 83 -22.86 124.23 30.11
C LYS MD 83 -23.92 125.31 29.94
N THR MD 84 -23.60 126.55 30.30
CA THR MD 84 -24.54 127.63 30.08
C THR MD 84 -24.69 127.92 28.59
N ALA MD 85 -23.57 127.92 27.85
CA ALA MD 85 -23.62 128.19 26.42
C ALA MD 85 -24.43 127.13 25.69
N LEU MD 86 -24.26 125.86 26.07
CA LEU MD 86 -24.99 124.78 25.42
C LEU MD 86 -26.49 124.93 25.64
N MET MD 87 -26.89 125.26 26.87
CA MET MD 87 -28.31 125.46 27.14
C MET MD 87 -28.83 126.73 26.50
N ALA MD 88 -27.97 127.74 26.37
CA ALA MD 88 -28.41 129.01 25.79
C ALA MD 88 -28.61 128.91 24.29
N ILE MD 89 -27.70 128.24 23.59
CA ILE MD 89 -27.83 128.08 22.15
C ILE MD 89 -29.07 127.26 21.81
N ILE MD 90 -29.23 126.12 22.48
CA ILE MD 90 -30.34 125.22 22.13
C ILE MD 90 -31.68 125.86 22.48
N THR MD 91 -31.75 126.62 23.57
CA THR MD 91 -32.99 127.29 23.92
C THR MD 91 -33.33 128.37 22.90
N ALA MD 92 -32.31 129.11 22.43
CA ALA MD 92 -32.53 130.11 21.41
C ALA MD 92 -32.97 129.48 20.09
N ALA MD 93 -32.38 128.34 19.73
CA ALA MD 93 -32.77 127.65 18.51
C ALA MD 93 -34.21 127.17 18.59
N GLN MD 94 -34.63 126.65 19.74
CA GLN MD 94 -36.01 126.22 19.91
C GLN MD 94 -36.97 127.41 19.80
N ALA MD 95 -36.60 128.55 20.37
CA ALA MD 95 -37.40 129.75 20.23
C ALA MD 95 -37.42 130.26 18.81
N ASP MD 96 -36.40 129.92 18.01
CA ASP MD 96 -36.39 130.26 16.60
C ASP MD 96 -37.50 129.48 15.88
N GLY MD 97 -37.98 130.04 14.79
CA GLY MD 97 -39.07 129.43 14.04
C GLY MD 97 -38.67 128.21 13.25
N ALA MD 98 -37.37 128.02 13.02
CA ALA MD 98 -36.92 126.85 12.28
C ALA MD 98 -37.26 125.57 13.02
N TRP MD 99 -37.20 125.59 14.35
CA TRP MD 99 -37.60 124.42 15.11
C TRP MD 99 -39.11 124.18 15.01
N THR MD 100 -39.90 125.25 15.10
CA THR MD 100 -41.35 125.10 15.00
C THR MD 100 -41.77 124.58 13.63
N GLU MD 101 -40.90 124.70 12.63
CA GLU MD 101 -41.16 124.12 11.32
C GLU MD 101 -40.62 122.71 11.18
N LEU MD 102 -39.46 122.42 11.80
CA LEU MD 102 -38.95 121.06 11.80
C LEU MD 102 -39.93 120.10 12.45
N VAL MD 103 -40.46 120.51 13.60
CA VAL MD 103 -41.64 119.88 14.16
C VAL MD 103 -42.86 120.43 13.42
N THR MD 104 -43.88 119.60 13.27
CA THR MD 104 -45.17 119.95 12.66
C THR MD 104 -45.11 120.13 11.15
N ASP MD 105 -43.92 120.20 10.55
CA ASP MD 105 -43.85 120.25 9.10
C ASP MD 105 -42.71 119.45 8.50
N GLN MD 106 -41.70 119.06 9.27
CA GLN MD 106 -40.50 118.43 8.75
C GLN MD 106 -39.83 119.32 7.71
N ARG MD 107 -39.81 120.62 7.98
CA ARG MD 107 -39.23 121.60 7.07
C ARG MD 107 -37.84 121.97 7.58
N LEU MD 108 -36.87 121.71 6.79
CA LEU MD 108 -35.49 122.03 7.11
C LEU MD 108 -35.19 123.50 6.81
N PRO MD 109 -34.24 124.09 7.50
CA PRO MD 109 -33.87 125.47 7.21
C PRO MD 109 -33.04 125.60 5.94
N LEU MD 110 -33.63 125.23 4.80
CA LEU MD 110 -32.97 125.38 3.52
C LEU MD 110 -33.87 125.95 2.44
N ALA MD 111 -35.16 126.12 2.71
CA ALA MD 111 -36.06 126.72 1.72
C ALA MD 111 -35.68 128.17 1.46
N THR MD 112 -35.85 128.61 0.23
CA THR MD 112 -35.50 129.96 -0.18
C THR MD 112 -36.60 130.99 0.12
N VAL MD 113 -37.75 130.54 0.61
CA VAL MD 113 -38.88 131.41 0.93
C VAL MD 113 -39.37 132.17 -0.32
N SER ND 1 110.94 54.27 49.64
CA SER ND 1 112.01 54.65 48.72
C SER ND 1 113.31 53.94 49.10
N LYS ND 2 113.76 54.15 50.33
CA LYS ND 2 114.99 53.55 50.83
C LYS ND 2 114.76 53.17 52.29
N VAL ND 3 115.85 52.93 53.01
CA VAL ND 3 115.80 52.36 54.36
C VAL ND 3 114.83 53.11 55.27
N PHE ND 4 113.83 52.38 55.76
CA PHE ND 4 112.83 52.89 56.71
C PHE ND 4 112.70 51.88 57.82
N ASN ND 5 112.69 52.35 59.06
CA ASN ND 5 112.59 51.48 60.23
C ASN ND 5 113.68 50.40 60.16
N THR ND 6 114.88 50.83 59.77
CA THR ND 6 116.07 49.99 59.62
C THR ND 6 115.88 48.86 58.60
N GLN ND 7 114.96 48.99 57.66
CA GLN ND 7 114.76 48.00 56.62
C GLN ND 7 114.93 48.64 55.26
N THR ND 8 115.64 47.96 54.37
CA THR ND 8 115.94 48.47 53.04
C THR ND 8 114.83 48.09 52.08
N PHE ND 9 114.12 49.07 51.55
CA PHE ND 9 113.04 48.85 50.61
C PHE ND 9 113.55 49.16 49.21
N ASP ND 10 113.52 48.17 48.35
CA ASP ND 10 114.00 48.28 46.98
C ASP ND 10 112.83 48.15 46.01
N ILE ND 11 113.02 48.71 44.81
CA ILE ND 11 111.97 48.70 43.81
C ILE ND 11 111.66 47.25 43.42
N TYR ND 12 110.39 46.89 43.50
CA TYR ND 12 109.95 45.62 42.96
C TYR ND 12 109.13 45.77 41.69
N SER ND 13 108.35 46.84 41.58
CA SER ND 13 107.46 46.98 40.44
C SER ND 13 107.18 48.45 40.21
N THR ND 14 106.99 48.80 38.94
CA THR ND 14 106.66 50.16 38.54
C THR ND 14 105.54 50.11 37.53
N GLU ND 15 104.44 50.79 37.84
CA GLU ND 15 103.30 50.89 36.96
C GLU ND 15 103.20 52.30 36.42
N LYS ND 16 102.11 52.56 35.70
CA LYS ND 16 101.84 53.92 35.25
C LYS ND 16 101.71 54.87 36.43
N ASP ND 17 101.03 54.43 37.49
CA ASP ND 17 100.77 55.30 38.63
C ASP ND 17 101.03 54.65 39.97
N VAL ND 18 101.60 53.45 40.01
CA VAL ND 18 101.98 52.81 41.26
C VAL ND 18 103.46 52.45 41.20
N VAL ND 19 104.16 52.70 42.30
CA VAL ND 19 105.50 52.18 42.52
C VAL ND 19 105.42 51.26 43.73
N SER ND 20 105.94 50.05 43.60
CA SER ND 20 105.93 49.07 44.67
C SER ND 20 107.36 48.76 45.11
N LEU ND 21 107.59 48.77 46.42
CA LEU ND 21 108.89 48.48 46.99
C LEU ND 21 108.76 47.38 48.03
N ARG ND 22 109.74 46.48 48.05
CA ARG ND 22 109.76 45.37 48.98
C ARG ND 22 111.06 45.38 49.78
N ASP ND 23 111.03 44.72 50.93
CA ASP ND 23 112.23 44.64 51.75
C ASP ND 23 113.27 43.71 51.14
N PHE ND 24 112.82 42.54 50.64
CA PHE ND 24 113.67 41.53 50.03
C PHE ND 24 114.60 40.90 51.06
N ALA ND 25 114.57 41.41 52.29
CA ALA ND 25 115.33 40.83 53.39
C ALA ND 25 114.45 39.99 54.31
N ASN ND 26 113.39 40.57 54.86
CA ASN ND 26 112.42 39.79 55.60
C ASN ND 26 111.29 39.27 54.73
N ASP ND 27 111.20 39.76 53.48
CA ASP ND 27 110.24 39.26 52.50
C ASP ND 27 108.81 39.31 53.02
N LYS ND 28 108.50 40.30 53.86
CA LYS ND 28 107.17 40.39 54.42
C LYS ND 28 106.53 41.77 54.28
N ASP ND 29 107.30 42.81 53.96
CA ASP ND 29 106.78 44.16 53.87
C ASP ND 29 106.82 44.65 52.43
N THR ND 30 105.73 45.28 51.99
CA THR ND 30 105.67 45.96 50.70
C THR ND 30 105.16 47.37 50.91
N LEU ND 31 105.90 48.35 50.43
CA LEU ND 31 105.54 49.75 50.50
C LEU ND 31 105.15 50.22 49.11
N ALA ND 32 103.96 50.80 48.98
CA ALA ND 32 103.41 51.20 47.69
C ALA ND 32 103.16 52.70 47.68
N TYR ND 33 103.58 53.36 46.61
CA TYR ND 33 103.28 54.77 46.34
C TYR ND 33 102.32 54.81 45.16
N LYS ND 34 101.20 55.49 45.34
CA LYS ND 34 100.12 55.47 44.36
C LYS ND 34 99.75 56.90 44.00
N ARG ND 35 99.28 57.08 42.76
CA ARG ND 35 99.17 58.38 42.15
C ARG ND 35 97.91 58.47 41.31
N LEU ND 36 97.00 59.39 41.68
CA LEU ND 36 95.83 59.69 40.85
C LEU ND 36 95.74 61.20 40.65
N ALA ND 37 96.01 61.65 39.43
CA ALA ND 37 95.98 63.08 39.13
C ALA ND 37 94.55 63.62 39.20
N PRO ND 38 94.39 64.90 39.52
CA PRO ND 38 93.05 65.49 39.58
C PRO ND 38 92.39 65.52 38.21
N LYS ND 39 91.08 65.30 38.18
CA LYS ND 39 90.32 65.31 36.94
C LYS ND 39 89.27 66.40 36.98
N ARG ND 40 89.29 67.28 35.98
CA ARG ND 40 88.41 68.44 35.94
C ARG ND 40 87.05 67.97 35.44
N THR ND 41 86.24 67.46 36.36
CA THR ND 41 84.91 66.98 36.03
C THR ND 41 83.86 68.08 36.06
N LYS ND 42 84.21 69.26 36.55
CA LYS ND 42 83.27 70.36 36.68
C LYS ND 42 84.07 71.65 36.75
N ASP ND 43 83.42 72.71 37.23
CA ASP ND 43 84.13 73.96 37.50
C ASP ND 43 85.27 73.72 38.48
N SER ND 44 85.15 72.69 39.31
CA SER ND 44 86.27 72.30 40.16
C SER ND 44 87.34 71.63 39.32
N PRO ND 45 88.63 71.86 39.62
CA PRO ND 45 89.69 71.21 38.86
C PRO ND 45 89.94 69.76 39.26
N GLY ND 46 89.17 69.21 40.19
CA GLY ND 46 89.35 67.86 40.66
C GLY ND 46 90.26 67.76 41.87
N MET ND 47 90.31 66.54 42.42
CA MET ND 47 91.11 66.26 43.60
C MET ND 47 92.27 65.35 43.23
N ALA ND 48 93.47 65.69 43.67
CA ALA ND 48 94.66 64.89 43.42
C ALA ND 48 94.79 63.84 44.51
N LYS ND 49 94.61 62.58 44.15
CA LYS ND 49 94.73 61.48 45.09
C LYS ND 49 96.18 61.04 45.21
N SER ND 50 96.59 60.77 46.44
CA SER ND 50 97.83 60.07 46.71
C SER ND 50 97.54 58.96 47.72
N GLU ND 51 98.40 57.96 47.74
CA GLU ND 51 98.22 56.88 48.70
C GLU ND 51 99.56 56.22 48.98
N LEU ND 52 99.82 55.94 50.25
CA LEU ND 52 101.08 55.36 50.68
C LEU ND 52 100.77 54.26 51.69
N LYS ND 53 100.81 53.00 51.25
CA LYS ND 53 100.44 51.90 52.12
C LYS ND 53 101.66 51.05 52.42
N ILE ND 54 101.74 50.58 53.66
CA ILE ND 54 102.69 49.54 54.05
C ILE ND 54 101.88 48.30 54.40
N THR ND 55 102.17 47.20 53.71
CA THR ND 55 101.49 45.93 53.91
C THR ND 55 102.49 44.91 54.45
N ARG ND 56 102.10 44.22 55.51
CA ARG ND 56 102.92 43.16 56.10
C ARG ND 56 102.20 41.83 55.95
N VAL ND 57 102.85 40.90 55.26
CA VAL ND 57 102.34 39.55 55.08
C VAL ND 57 103.44 38.57 55.47
N ASP ND 58 103.16 37.71 56.44
CA ASP ND 58 104.19 36.76 56.86
C ASP ND 58 104.46 35.75 55.75
N PRO ND 59 105.72 35.49 55.39
CA PRO ND 59 106.00 34.69 54.21
C PRO ND 59 106.13 33.19 54.46
N THR ND 60 105.20 32.59 55.20
CA THR ND 60 105.19 31.14 55.31
C THR ND 60 103.84 30.59 54.86
N THR ND 61 102.76 31.28 55.24
CA THR ND 61 101.43 30.99 54.75
C THR ND 61 100.84 32.11 53.93
N GLY ND 62 101.44 33.30 53.95
CA GLY ND 62 100.97 34.40 53.14
C GLY ND 62 99.72 35.08 53.62
N VAL ND 63 99.42 35.03 54.91
CA VAL ND 63 98.24 35.71 55.46
C VAL ND 63 98.64 37.13 55.83
N LEU ND 64 97.71 38.07 55.62
CA LEU ND 64 98.01 39.47 55.81
C LEU ND 64 97.96 39.82 57.28
N ILE ND 65 99.07 40.33 57.80
CA ILE ND 65 99.14 40.71 59.21
C ILE ND 65 98.47 42.06 59.43
N GLY ND 66 98.82 43.07 58.63
CA GLY ND 66 98.23 44.37 58.82
C GLY ND 66 98.67 45.33 57.73
N ILE ND 67 97.83 46.35 57.53
CA ILE ND 67 98.06 47.41 56.56
C ILE ND 67 97.92 48.74 57.25
N VAL ND 68 98.87 49.63 57.03
CA VAL ND 68 98.75 51.03 57.43
C VAL ND 68 98.85 51.87 56.17
N ASN ND 69 97.84 52.69 55.93
CA ASN ND 69 97.73 53.44 54.68
C ASN ND 69 97.59 54.92 54.98
N VAL ND 70 98.31 55.74 54.20
CA VAL ND 70 98.22 57.18 54.28
C VAL ND 70 97.69 57.67 52.94
N SER ND 71 96.46 58.18 52.95
CA SER ND 71 95.81 58.65 51.74
C SER ND 71 95.56 60.15 51.83
N SER ND 72 95.90 60.86 50.77
CA SER ND 72 95.63 62.28 50.67
C SER ND 72 94.70 62.51 49.49
N SER ND 73 93.78 63.47 49.66
CA SER ND 73 92.84 63.88 48.61
C SER ND 73 92.73 65.38 48.71
N ILE ND 74 93.41 66.09 47.80
CA ILE ND 74 93.56 67.54 47.89
C ILE ND 74 93.15 68.17 46.57
N ARG ND 75 92.48 69.33 46.66
CA ARG ND 75 92.06 70.07 45.48
C ARG ND 75 93.25 70.43 44.62
N ALA ND 76 93.04 70.37 43.29
CA ALA ND 76 94.10 70.75 42.37
C ALA ND 76 94.50 72.21 42.55
N ASP ND 77 93.54 73.08 42.81
CA ASP ND 77 93.81 74.50 43.00
C ASP ND 77 94.37 74.82 44.38
N ALA ND 78 94.40 73.85 45.28
CA ALA ND 78 94.77 74.13 46.66
C ALA ND 78 96.21 74.63 46.75
N THR ND 79 96.45 75.49 47.74
CA THR ND 79 97.74 76.11 47.89
C THR ND 79 98.74 75.14 48.51
N ALA ND 80 100.03 75.46 48.35
CA ALA ND 80 101.07 74.69 49.02
C ALA ND 80 100.97 74.83 50.53
N ALA ND 81 100.56 76.01 51.01
CA ALA ND 81 100.33 76.19 52.44
C ALA ND 81 99.20 75.31 52.95
N ASP ND 82 98.14 75.18 52.15
CA ASP ND 82 97.08 74.23 52.50
C ASP ND 82 97.64 72.81 52.56
N LYS ND 83 98.51 72.47 51.62
CA LYS ND 83 99.07 71.14 51.57
C LYS ND 83 100.13 70.93 52.66
N THR ND 84 100.89 71.99 52.98
CA THR ND 84 101.85 71.88 54.06
C THR ND 84 101.15 71.73 55.40
N ALA ND 85 100.07 72.47 55.62
CA ALA ND 85 99.35 72.40 56.88
C ALA ND 85 98.74 71.02 57.10
N LEU ND 86 98.18 70.43 56.04
CA LEU ND 86 97.57 69.12 56.17
C LEU ND 86 98.61 68.06 56.58
N MET ND 87 99.78 68.10 55.95
CA MET ND 87 100.80 67.11 56.29
C MET ND 87 101.41 67.39 57.66
N ALA ND 88 101.52 68.66 58.04
CA ALA ND 88 102.05 69.00 59.36
C ALA ND 88 101.10 68.57 60.46
N ILE ND 89 99.79 68.74 60.25
CA ILE ND 89 98.82 68.40 61.29
C ILE ND 89 98.74 66.89 61.47
N ILE ND 90 98.67 66.16 60.34
CA ILE ND 90 98.50 64.72 60.43
C ILE ND 90 99.74 64.05 60.99
N THR ND 91 100.93 64.58 60.68
CA THR ND 91 102.16 64.01 61.22
C THR ND 91 102.29 64.29 62.71
N ALA ND 92 101.87 65.48 63.15
CA ALA ND 92 101.88 65.78 64.58
C ALA ND 92 100.91 64.89 65.33
N ALA ND 93 99.74 64.63 64.74
CA ALA ND 93 98.78 63.74 65.36
C ALA ND 93 99.29 62.31 65.41
N GLN ND 94 100.02 61.89 64.37
CA GLN ND 94 100.59 60.56 64.36
C GLN ND 94 101.68 60.42 65.42
N ALA ND 95 102.50 61.46 65.60
CA ALA ND 95 103.51 61.44 66.63
C ALA ND 95 102.91 61.43 68.02
N ASP ND 96 101.70 61.96 68.18
CA ASP ND 96 101.02 61.94 69.46
C ASP ND 96 100.66 60.51 69.85
N GLY ND 97 100.66 60.26 71.17
CA GLY ND 97 100.38 58.92 71.65
C GLY ND 97 98.94 58.48 71.51
N ALA ND 98 98.03 59.42 71.25
CA ALA ND 98 96.64 59.05 71.02
C ALA ND 98 96.51 58.16 69.80
N TRP ND 99 97.22 58.49 68.72
CA TRP ND 99 97.21 57.64 67.55
C TRP ND 99 97.85 56.29 67.85
N THR ND 100 98.93 56.29 68.63
CA THR ND 100 99.58 55.04 69.01
C THR ND 100 98.67 54.16 69.85
N GLU ND 101 97.68 54.75 70.51
CA GLU ND 101 96.66 54.00 71.24
C GLU ND 101 95.48 53.64 70.36
N LEU ND 102 95.11 54.51 69.42
CA LEU ND 102 94.06 54.16 68.46
C LEU ND 102 94.45 52.92 67.69
N VAL ND 103 95.69 52.84 67.27
CA VAL ND 103 96.25 51.58 66.79
C VAL ND 103 96.71 50.78 68.01
N THR ND 104 96.64 49.46 67.90
CA THR ND 104 97.04 48.49 68.92
C THR ND 104 96.11 48.35 70.11
N ASP ND 105 95.20 49.31 70.31
CA ASP ND 105 94.28 49.25 71.46
C ASP ND 105 92.84 49.56 71.10
N GLN ND 106 92.56 50.16 69.95
CA GLN ND 106 91.22 50.64 69.61
C GLN ND 106 90.70 51.58 70.68
N ARG ND 107 91.55 52.51 71.08
CA ARG ND 107 91.28 53.44 72.16
C ARG ND 107 91.10 54.84 71.59
N LEU ND 108 89.95 55.44 71.85
CA LEU ND 108 89.69 56.82 71.44
C LEU ND 108 90.36 57.80 72.40
N PRO ND 109 90.73 58.99 71.93
CA PRO ND 109 91.47 59.93 72.78
C PRO ND 109 90.58 60.69 73.74
N LEU ND 110 89.72 59.99 74.45
CA LEU ND 110 88.74 60.64 75.31
C LEU ND 110 88.81 60.18 76.76
N ALA ND 111 89.78 59.35 77.12
CA ALA ND 111 89.95 58.93 78.50
C ALA ND 111 90.31 60.12 79.38
N THR ND 112 89.95 60.05 80.65
CA THR ND 112 90.33 61.05 81.63
C THR ND 112 91.65 60.74 82.31
N VAL ND 113 92.28 59.61 81.97
CA VAL ND 113 93.54 59.16 82.55
C VAL ND 113 93.43 58.98 84.06
N SER OD 1 94.37 64.86 69.63
CA SER OD 1 93.84 65.22 70.93
C SER OD 1 93.95 66.73 71.18
N LYS OD 2 95.19 67.21 71.30
CA LYS OD 2 95.45 68.59 71.68
C LYS OD 2 96.34 69.22 70.62
N VAL OD 3 96.98 70.34 70.96
CA VAL OD 3 97.67 71.21 70.03
C VAL OD 3 98.57 70.44 69.06
N PHE OD 4 98.29 70.58 67.77
CA PHE OD 4 99.08 69.99 66.70
C PHE OD 4 99.40 71.06 65.67
N ASN OD 5 100.65 71.10 65.23
CA ASN OD 5 101.11 72.08 64.26
C ASN OD 5 100.77 73.50 64.73
N THR OD 6 101.01 73.75 66.02
CA THR OD 6 100.76 75.00 66.73
C THR OD 6 99.27 75.36 66.79
N GLN OD 7 98.38 74.51 66.28
CA GLN OD 7 96.96 74.77 66.31
C GLN OD 7 96.29 73.94 67.39
N THR OD 8 95.45 74.59 68.20
CA THR OD 8 94.77 73.94 69.31
C THR OD 8 93.50 73.31 68.78
N PHE OD 9 93.35 72.00 68.97
CA PHE OD 9 92.19 71.26 68.51
C PHE OD 9 91.33 70.90 69.71
N ASP OD 10 90.17 71.55 69.81
CA ASP OD 10 89.22 71.29 70.88
C ASP OD 10 88.11 70.39 70.36
N ILE OD 11 87.50 69.64 71.28
CA ILE OD 11 86.58 68.58 70.89
C ILE OD 11 85.36 69.18 70.22
N TYR OD 12 84.99 68.64 69.07
CA TYR OD 12 83.85 69.12 68.31
C TYR OD 12 82.63 68.22 68.41
N SER OD 13 82.82 66.90 68.40
CA SER OD 13 81.72 65.96 68.56
C SER OD 13 82.29 64.63 69.03
N THR OD 14 81.44 63.83 69.64
CA THR OD 14 81.82 62.49 70.08
C THR OD 14 80.77 61.50 69.63
N GLU OD 15 81.21 60.42 69.00
CA GLU OD 15 80.35 59.33 68.58
C GLU OD 15 80.75 58.07 69.33
N LYS OD 16 80.04 56.98 69.02
CA LYS OD 16 80.39 55.68 69.59
C LYS OD 16 81.81 55.29 69.23
N ASP OD 17 82.22 55.57 67.99
CA ASP OD 17 83.53 55.15 67.49
C ASP OD 17 84.31 56.28 66.85
N VAL OD 18 83.80 57.50 66.89
CA VAL OD 18 84.47 58.64 66.28
C VAL OD 18 84.59 59.75 67.31
N VAL OD 19 85.77 60.35 67.39
CA VAL OD 19 85.99 61.57 68.16
C VAL OD 19 86.54 62.61 67.21
N SER OD 20 85.84 63.73 67.11
CA SER OD 20 86.18 64.80 66.18
C SER OD 20 86.62 66.02 66.97
N LEU OD 21 87.69 66.66 66.53
CA LEU OD 21 88.20 67.86 67.16
C LEU OD 21 88.33 68.97 66.13
N ARG OD 22 88.15 70.20 66.58
CA ARG OD 22 88.19 71.35 65.70
C ARG OD 22 89.16 72.37 66.25
N ASP OD 23 89.76 73.15 65.35
CA ASP OD 23 90.60 74.26 65.77
C ASP OD 23 89.78 75.32 66.50
N PHE OD 24 88.66 75.73 65.88
CA PHE OD 24 87.76 76.79 66.38
C PHE OD 24 88.43 78.16 66.30
N ALA OD 25 89.71 78.19 65.94
CA ALA OD 25 90.41 79.44 65.69
C ALA OD 25 90.35 79.85 64.23
N ASN OD 26 90.87 79.02 63.33
CA ASN OD 26 90.65 79.22 61.91
C ASN OD 26 89.38 78.57 61.41
N ASP OD 27 88.69 77.81 62.27
CA ASP OD 27 87.39 77.24 61.99
C ASP OD 27 87.37 76.42 60.71
N LYS OD 28 88.52 75.86 60.33
CA LYS OD 28 88.63 75.19 59.05
C LYS OD 28 89.16 73.77 59.13
N ASP OD 29 89.79 73.38 60.22
CA ASP OD 29 90.46 72.09 60.33
C ASP OD 29 89.73 71.21 61.33
N THR OD 30 89.42 69.98 60.92
CA THR OD 30 88.77 69.01 61.78
C THR OD 30 89.57 67.73 61.80
N LEU OD 31 89.87 67.25 62.99
CA LEU OD 31 90.65 66.03 63.21
C LEU OD 31 89.74 64.97 63.77
N ALA OD 32 89.69 63.81 63.12
CA ALA OD 32 88.81 62.72 63.51
C ALA OD 32 89.62 61.49 63.89
N TYR OD 33 89.21 60.84 64.98
CA TYR OD 33 89.75 59.56 65.41
C TYR OD 33 88.64 58.54 65.31
N LYS OD 34 88.79 57.58 64.41
CA LYS OD 34 87.74 56.59 64.16
C LYS OD 34 88.21 55.22 64.61
N ARG OD 35 87.27 54.45 65.13
CA ARG OD 35 87.54 53.15 65.72
C ARG OD 35 86.62 52.11 65.09
N LEU OD 36 87.17 50.93 64.81
CA LEU OD 36 86.36 49.84 64.26
C LEU OD 36 86.96 48.54 64.76
N ALA OD 37 86.39 48.00 65.84
CA ALA OD 37 86.94 46.82 66.48
C ALA OD 37 86.83 45.60 65.57
N PRO OD 38 87.71 44.62 65.72
CA PRO OD 38 87.62 43.41 64.91
C PRO OD 38 86.37 42.62 65.24
N LYS OD 39 85.82 41.97 64.21
CA LYS OD 39 84.68 41.08 64.37
C LYS OD 39 85.13 39.68 63.98
N ARG OD 40 84.87 38.72 64.87
CA ARG OD 40 85.33 37.34 64.68
C ARG OD 40 84.28 36.60 63.85
N THR OD 41 84.23 36.95 62.56
CA THR OD 41 83.24 36.37 61.66
C THR OD 41 83.61 34.97 61.20
N LYS OD 42 84.84 34.54 61.44
CA LYS OD 42 85.29 33.20 61.10
C LYS OD 42 86.32 32.78 62.14
N ASP OD 43 87.11 31.76 61.80
CA ASP OD 43 88.22 31.33 62.64
C ASP OD 43 89.19 32.49 62.87
N SER OD 44 89.21 33.43 61.95
CA SER OD 44 90.01 34.64 62.13
C SER OD 44 89.49 35.44 63.31
N PRO OD 45 90.35 36.13 64.06
CA PRO OD 45 89.87 37.03 65.11
C PRO OD 45 89.36 38.36 64.57
N GLY OD 46 89.30 38.53 63.25
CA GLY OD 46 88.88 39.77 62.64
C GLY OD 46 90.03 40.75 62.46
N MET OD 47 89.70 41.89 61.88
CA MET OD 47 90.67 42.96 61.67
C MET OD 47 90.26 44.18 62.48
N ALA OD 48 91.19 44.68 63.29
CA ALA OD 48 90.99 45.92 64.04
C ALA OD 48 91.29 47.10 63.13
N LYS OD 49 90.28 47.88 62.81
CA LYS OD 49 90.45 49.06 61.98
C LYS OD 49 90.60 50.30 62.84
N SER OD 50 91.41 51.24 62.38
CA SER OD 50 91.50 52.57 62.96
C SER OD 50 91.61 53.58 61.82
N GLU OD 51 91.32 54.84 62.15
CA GLU OD 51 91.33 55.88 61.14
C GLU OD 51 91.63 57.21 61.81
N LEU OD 52 92.63 57.93 61.30
CA LEU OD 52 92.97 59.26 61.80
C LEU OD 52 93.02 60.20 60.60
N LYS OD 53 92.00 61.04 60.45
CA LYS OD 53 91.89 61.89 59.27
C LYS OD 53 91.81 63.34 59.67
N ILE OD 54 92.44 64.19 58.85
CA ILE OD 54 92.41 65.63 59.01
C ILE OD 54 91.70 66.20 57.79
N THR OD 55 90.75 67.10 58.02
CA THR OD 55 89.97 67.69 56.96
C THR OD 55 90.04 69.20 57.05
N ARG OD 56 90.36 69.83 55.93
CA ARG OD 56 90.38 71.27 55.84
C ARG OD 56 89.32 71.72 54.83
N VAL OD 57 88.38 72.53 55.29
CA VAL OD 57 87.42 73.19 54.43
C VAL OD 57 87.46 74.68 54.73
N ASP OD 58 87.41 75.49 53.69
CA ASP OD 58 87.38 76.91 53.96
C ASP OD 58 86.03 77.30 54.54
N PRO OD 59 85.98 77.92 55.71
CA PRO OD 59 84.69 78.12 56.39
C PRO OD 59 83.95 79.36 55.93
N THR OD 60 83.93 79.62 54.63
CA THR OD 60 83.08 80.68 54.09
C THR OD 60 82.15 80.10 53.02
N THR OD 61 82.70 79.33 52.09
CA THR OD 61 81.93 78.69 51.05
C THR OD 61 81.81 77.19 51.24
N GLY OD 62 82.52 76.62 52.20
CA GLY OD 62 82.38 75.21 52.48
C GLY OD 62 82.81 74.27 51.39
N VAL OD 63 83.83 74.63 50.62
CA VAL OD 63 84.43 73.72 49.65
C VAL OD 63 85.60 73.04 50.32
N LEU OD 64 85.68 71.72 50.17
CA LEU OD 64 86.72 70.94 50.81
C LEU OD 64 88.06 71.27 50.18
N ILE OD 65 89.03 71.67 51.01
CA ILE OD 65 90.36 71.93 50.48
C ILE OD 65 91.14 70.64 50.30
N GLY OD 66 91.11 69.76 51.30
CA GLY OD 66 91.81 68.49 51.18
C GLY OD 66 91.62 67.65 52.42
N ILE OD 67 91.88 66.35 52.24
CA ILE OD 67 91.82 65.36 53.31
C ILE OD 67 93.09 64.53 53.28
N VAL OD 68 93.68 64.32 54.46
CA VAL OD 68 94.76 63.35 54.63
C VAL OD 68 94.31 62.34 55.68
N ASN OD 69 94.36 61.07 55.32
CA ASN OD 69 93.77 60.00 56.12
C ASN OD 69 94.83 58.96 56.43
N VAL OD 70 94.92 58.56 57.70
CA VAL OD 70 95.81 57.49 58.14
C VAL OD 70 94.94 56.35 58.65
N SER OD 71 94.82 55.30 57.85
CA SER OD 71 93.99 54.16 58.19
C SER OD 71 94.85 52.96 58.51
N SER OD 72 94.39 52.15 59.44
CA SER OD 72 95.07 50.91 59.81
C SER OD 72 94.08 49.77 59.78
N SER OD 73 94.53 48.63 59.28
CA SER OD 73 93.74 47.39 59.27
C SER OD 73 94.70 46.28 59.69
N ILE OD 74 94.71 45.98 60.99
CA ILE OD 74 95.65 45.03 61.57
C ILE OD 74 94.86 43.88 62.17
N ARG OD 75 95.37 42.67 62.01
CA ARG OD 75 94.77 41.50 62.62
C ARG OD 75 94.68 41.68 64.13
N ALA OD 76 93.56 41.24 64.70
CA ALA OD 76 93.40 41.31 66.15
C ALA OD 76 94.44 40.48 66.86
N ASP OD 77 94.90 39.39 66.25
CA ASP OD 77 95.92 38.54 66.84
C ASP OD 77 97.33 39.05 66.60
N ALA OD 78 97.51 40.07 65.77
CA ALA OD 78 98.84 40.49 65.38
C ALA OD 78 99.61 41.03 66.58
N THR OD 79 100.88 40.63 66.67
CA THR OD 79 101.73 41.01 67.77
C THR OD 79 102.04 42.49 67.72
N ALA OD 80 102.41 43.03 68.89
CA ALA OD 80 102.79 44.45 68.96
C ALA OD 80 104.03 44.72 68.12
N ALA OD 81 104.94 43.74 68.01
CA ALA OD 81 106.10 43.91 67.15
C ALA OD 81 105.68 44.09 65.69
N ASP OD 82 104.74 43.27 65.23
CA ASP OD 82 104.16 43.49 63.90
C ASP OD 82 103.45 44.83 63.85
N LYS OD 83 102.80 45.20 64.95
CA LYS OD 83 102.02 46.44 65.00
C LYS OD 83 102.92 47.66 65.12
N THR OD 84 104.01 47.56 65.87
CA THR OD 84 104.93 48.69 66.00
C THR OD 84 105.73 48.89 64.72
N ALA OD 85 106.12 47.80 64.06
CA ALA OD 85 106.88 47.93 62.82
C ALA OD 85 106.05 48.59 61.73
N LEU OD 86 104.75 48.28 61.69
CA LEU OD 86 103.87 48.90 60.71
C LEU OD 86 103.80 50.40 60.90
N MET OD 87 103.78 50.87 62.15
CA MET OD 87 103.79 52.31 62.38
C MET OD 87 105.17 52.89 62.14
N ALA OD 88 106.22 52.14 62.51
CA ALA OD 88 107.58 52.64 62.34
C ALA OD 88 107.92 52.83 60.87
N ILE OD 89 107.50 51.90 60.02
CA ILE OD 89 107.80 52.03 58.60
C ILE OD 89 107.04 53.20 57.99
N ILE OD 90 105.74 53.30 58.28
CA ILE OD 90 104.91 54.29 57.62
C ILE OD 90 105.29 55.70 58.06
N THR OD 91 105.62 55.87 59.35
CA THR OD 91 106.07 57.18 59.81
C THR OD 91 107.41 57.54 59.19
N ALA OD 92 108.31 56.56 59.07
CA ALA OD 92 109.59 56.80 58.42
C ALA OD 92 109.38 57.17 56.95
N ALA OD 93 108.45 56.48 56.28
CA ALA OD 93 108.15 56.79 54.89
C ALA OD 93 107.57 58.19 54.75
N GLN OD 94 106.69 58.59 55.67
CA GLN OD 94 106.11 59.93 55.61
C GLN OD 94 107.16 61.00 55.83
N ALA OD 95 108.07 60.79 56.78
CA ALA OD 95 109.14 61.76 57.00
C ALA OD 95 110.05 61.89 55.79
N ASP OD 96 110.13 60.85 54.97
CA ASP OD 96 110.95 60.90 53.76
C ASP OD 96 110.33 61.84 52.74
N GLY OD 97 111.19 62.45 51.92
CA GLY OD 97 110.75 63.42 50.93
C GLY OD 97 109.90 62.84 49.82
N ALA OD 98 109.94 61.52 49.63
CA ALA OD 98 109.11 60.91 48.58
C ALA OD 98 107.63 61.12 48.87
N TRP OD 99 107.21 60.96 50.12
CA TRP OD 99 105.82 61.22 50.46
C TRP OD 99 105.47 62.69 50.31
N THR OD 100 106.39 63.58 50.69
CA THR OD 100 106.16 65.01 50.53
C THR OD 100 105.94 65.36 49.07
N GLU OD 101 106.71 64.75 48.16
CA GLU OD 101 106.57 64.98 46.73
C GLU OD 101 105.40 64.23 46.12
N LEU OD 102 105.02 63.09 46.68
CA LEU OD 102 103.82 62.40 46.19
C LEU OD 102 102.60 63.27 46.37
N VAL OD 103 102.49 63.93 47.51
CA VAL OD 103 101.58 65.06 47.66
C VAL OD 103 102.25 66.28 47.06
N THR OD 104 101.44 67.27 46.67
CA THR OD 104 101.91 68.57 46.17
C THR OD 104 102.53 68.47 44.77
N ASP OD 105 102.82 67.27 44.30
CA ASP OD 105 103.38 67.11 42.97
C ASP OD 105 102.84 65.91 42.21
N GLN OD 106 102.19 64.96 42.88
CA GLN OD 106 101.85 63.67 42.29
C GLN OD 106 103.07 63.01 41.65
N ARG OD 107 104.19 63.08 42.35
CA ARG OD 107 105.47 62.57 41.88
C ARG OD 107 105.73 61.21 42.50
N LEU OD 108 105.85 60.18 41.66
CA LEU OD 108 106.18 58.85 42.15
C LEU OD 108 107.68 58.74 42.41
N PRO OD 109 108.08 57.90 43.36
CA PRO OD 109 109.51 57.71 43.62
C PRO OD 109 110.17 56.87 42.54
N LEU OD 110 110.39 57.46 41.37
CA LEU OD 110 111.11 56.80 40.29
C LEU OD 110 112.03 57.74 39.52
N ALA OD 111 112.20 58.98 39.98
CA ALA OD 111 113.05 59.92 39.27
C ALA OD 111 114.52 59.54 39.43
N THR OD 112 115.30 59.75 38.38
CA THR OD 112 116.73 59.47 38.40
C THR OD 112 117.55 60.63 38.94
N VAL OD 113 116.92 61.77 39.22
CA VAL OD 113 117.60 62.96 39.74
C VAL OD 113 118.66 63.46 38.77
N SER PD 1 71.32 38.05 105.45
CA SER PD 1 71.43 37.34 106.72
C SER PD 1 70.73 38.10 107.85
N LYS PD 2 71.39 39.15 108.33
CA LYS PD 2 70.92 39.90 109.49
C LYS PD 2 71.08 41.39 109.22
N VAL PD 3 71.05 42.18 110.29
CA VAL PD 3 70.81 43.62 110.24
C VAL PD 3 71.60 44.31 109.13
N PHE PD 4 70.87 44.98 108.25
CA PHE PD 4 71.43 45.75 107.15
C PHE PD 4 70.83 47.14 107.20
N ASN PD 5 71.68 48.16 107.18
CA ASN PD 5 71.23 49.55 107.19
C ASN PD 5 70.31 49.79 108.39
N THR PD 6 70.72 49.25 109.55
CA THR PD 6 70.02 49.33 110.82
C THR PD 6 68.64 48.71 110.82
N GLN PD 7 68.27 47.96 109.79
CA GLN PD 7 67.01 47.24 109.75
C GLN PD 7 67.27 45.76 109.96
N THR PD 8 66.41 45.10 110.73
CA THR PD 8 66.53 43.69 111.00
C THR PD 8 65.79 42.91 109.93
N PHE PD 9 66.50 42.04 109.22
CA PHE PD 9 65.91 41.18 108.20
C PHE PD 9 65.86 39.77 108.76
N ASP PD 10 64.65 39.24 108.89
CA ASP PD 10 64.44 37.88 109.37
C ASP PD 10 64.00 37.01 108.20
N ILE PD 11 64.34 35.73 108.28
CA ILE PD 11 63.98 34.80 107.21
C ILE PD 11 62.46 34.77 107.09
N TYR PD 12 61.96 35.03 105.88
CA TYR PD 12 60.54 34.93 105.60
C TYR PD 12 60.16 33.61 104.97
N SER PD 13 60.99 33.08 104.07
CA SER PD 13 60.70 31.82 103.41
C SER PD 13 62.00 31.24 102.91
N THR PD 14 62.09 29.92 102.98
CA THR PD 14 63.24 29.21 102.44
C THR PD 14 62.76 28.24 101.39
N GLU PD 15 63.43 28.24 100.24
CA GLU PD 15 63.09 27.40 99.11
C GLU PD 15 64.30 26.51 98.79
N LYS PD 16 64.13 25.69 97.74
CA LYS PD 16 65.23 24.85 97.27
C LYS PD 16 66.44 25.69 96.90
N ASP PD 17 66.25 26.72 96.07
CA ASP PD 17 67.32 27.60 95.64
C ASP PD 17 67.05 29.06 95.95
N VAL PD 18 66.09 29.36 96.83
CA VAL PD 18 65.74 30.73 97.14
C VAL PD 18 65.61 30.87 98.66
N VAL PD 19 66.17 31.94 99.20
CA VAL PD 19 65.99 32.32 100.59
C VAL PD 19 65.56 33.77 100.62
N SER PD 20 64.49 34.07 101.36
CA SER PD 20 63.90 35.39 101.39
C SER PD 20 63.88 35.92 102.82
N LEU PD 21 64.27 37.18 102.98
CA LEU PD 21 64.27 37.84 104.27
C LEU PD 21 63.38 39.08 104.23
N ARG PD 22 62.59 39.25 105.28
CA ARG PD 22 61.68 40.38 105.38
C ARG PD 22 62.06 41.20 106.60
N ASP PD 23 61.90 42.51 106.47
CA ASP PD 23 62.19 43.40 107.60
C ASP PD 23 61.25 43.12 108.77
N PHE PD 24 59.95 42.96 108.49
CA PHE PD 24 58.92 42.65 109.47
C PHE PD 24 58.67 43.82 110.42
N ALA PD 25 59.47 44.87 110.29
CA ALA PD 25 59.28 46.11 111.05
C ALA PD 25 58.62 47.19 110.21
N ASN PD 26 59.22 47.55 109.07
CA ASN PD 26 58.54 48.40 108.12
C ASN PD 26 57.59 47.62 107.22
N ASP PD 27 57.71 46.30 107.19
CA ASP PD 27 56.86 45.43 106.38
C ASP PD 27 56.84 45.85 104.91
N LYS PD 28 57.97 46.35 104.42
CA LYS PD 28 58.03 46.85 103.06
C LYS PD 28 59.26 46.40 102.31
N ASP PD 29 60.27 45.86 102.97
CA ASP PD 29 61.52 45.45 102.35
C ASP PD 29 61.65 43.94 102.34
N THR PD 30 62.02 43.39 101.19
CA THR PD 30 62.28 41.97 101.05
C THR PD 30 63.63 41.76 100.40
N LEU PD 31 64.47 40.94 101.03
CA LEU PD 31 65.78 40.59 100.51
C LEU PD 31 65.77 39.11 100.13
N ALA PD 32 66.06 38.82 98.86
CA ALA PD 32 65.98 37.47 98.33
C ALA PD 32 67.35 37.03 97.86
N TYR PD 33 67.73 35.79 98.20
CA TYR PD 33 68.94 35.15 97.71
C TYR PD 33 68.49 34.07 96.73
N LYS PD 34 68.88 34.22 95.47
CA LYS PD 34 68.49 33.31 94.41
C LYS PD 34 69.72 32.53 93.93
N ARG PD 35 69.52 31.24 93.68
CA ARG PD 35 70.60 30.33 93.30
C ARG PD 35 70.23 29.65 91.99
N LEU PD 36 71.24 29.39 91.16
CA LEU PD 36 71.03 28.66 89.91
C LEU PD 36 72.34 28.04 89.46
N ALA PD 37 72.43 26.72 89.57
CA ALA PD 37 73.68 26.03 89.28
C ALA PD 37 74.01 26.07 87.79
N PRO PD 38 75.30 26.02 87.44
CA PRO PD 38 75.68 25.97 86.02
C PRO PD 38 75.23 24.68 85.36
N LYS PD 39 74.83 24.79 84.10
CA LYS PD 39 74.39 23.62 83.34
C LYS PD 39 75.42 23.30 82.26
N ARG PD 40 75.89 22.06 82.27
CA ARG PD 40 76.87 21.59 81.29
C ARG PD 40 76.10 21.15 80.04
N THR PD 41 75.46 22.13 79.40
CA THR PD 41 74.68 21.86 78.20
C THR PD 41 75.57 21.55 77.01
N LYS PD 42 76.88 21.72 77.15
CA LYS PD 42 77.84 21.50 76.10
C LYS PD 42 79.17 21.16 76.76
N ASP PD 43 80.25 21.26 75.98
CA ASP PD 43 81.59 21.09 76.53
C ASP PD 43 81.82 22.05 77.69
N SER PD 44 81.30 23.26 77.56
CA SER PD 44 81.45 24.26 78.61
C SER PD 44 80.76 23.80 79.88
N PRO PD 45 81.36 24.01 81.06
CA PRO PD 45 80.73 23.55 82.30
C PRO PD 45 79.50 24.35 82.71
N GLY PD 46 79.16 25.41 81.98
CA GLY PD 46 77.98 26.19 82.28
C GLY PD 46 78.29 27.42 83.10
N MET PD 47 77.27 28.24 83.28
CA MET PD 47 77.38 29.52 83.97
C MET PD 47 76.60 29.46 85.27
N ALA PD 48 77.27 29.72 86.38
CA ALA PD 48 76.66 29.66 87.69
C ALA PD 48 75.98 30.99 88.00
N LYS PD 49 74.65 30.97 88.06
CA LYS PD 49 73.86 32.18 88.27
C LYS PD 49 73.65 32.41 89.76
N SER PD 50 73.82 33.66 90.18
CA SER PD 50 73.48 34.10 91.52
C SER PD 50 72.63 35.36 91.41
N GLU PD 51 71.90 35.66 92.48
CA GLU PD 51 71.08 36.87 92.51
C GLU PD 51 70.89 37.30 93.94
N LEU PD 52 71.09 38.59 94.20
CA LEU PD 52 70.81 39.21 95.49
C LEU PD 52 70.00 40.46 95.21
N LYS PD 53 68.74 40.46 95.61
CA LYS PD 53 67.86 41.57 95.28
C LYS PD 53 67.10 42.05 96.51
N ILE PD 54 66.93 43.36 96.59
CA ILE PD 54 66.12 44.00 97.63
C ILE PD 54 64.91 44.63 96.94
N THR PD 55 63.72 44.31 97.42
CA THR PD 55 62.49 44.81 96.85
C THR PD 55 61.72 45.59 97.90
N ARG PD 56 61.29 46.79 97.53
CA ARG PD 56 60.50 47.64 98.41
C ARG PD 56 59.11 47.78 97.81
N VAL PD 57 58.09 47.42 98.60
CA VAL PD 57 56.71 47.53 98.21
C VAL PD 57 55.99 48.37 99.26
N ASP PD 58 55.18 49.30 98.82
CA ASP PD 58 54.51 50.17 99.77
C ASP PD 58 53.46 49.38 100.54
N PRO PD 59 53.57 49.24 101.86
CA PRO PD 59 52.71 48.30 102.58
C PRO PD 59 51.37 48.86 103.03
N THR PD 60 50.69 49.63 102.18
CA THR PD 60 49.29 49.93 102.45
C THR PD 60 48.43 49.63 101.22
N THR PD 61 48.97 49.89 100.02
CA THR PD 61 48.29 49.53 98.78
C THR PD 61 49.09 48.56 97.92
N GLY PD 62 50.34 48.31 98.26
CA GLY PD 62 51.12 47.32 97.54
C GLY PD 62 51.73 47.77 96.23
N VAL PD 63 52.18 49.03 96.15
CA VAL PD 63 52.81 49.53 94.94
C VAL PD 63 54.32 49.39 95.05
N LEU PD 64 54.93 48.77 94.05
CA LEU PD 64 56.37 48.54 94.03
C LEU PD 64 57.11 49.87 93.99
N ILE PD 65 57.78 50.22 95.08
CA ILE PD 65 58.58 51.44 95.10
C ILE PD 65 59.81 51.30 94.22
N GLY PD 66 60.56 50.22 94.39
CA GLY PD 66 61.78 50.06 93.64
C GLY PD 66 62.43 48.72 93.92
N ILE PD 67 63.33 48.34 93.02
CA ILE PD 67 64.12 47.12 93.13
C ILE PD 67 65.55 47.45 92.80
N VAL PD 68 66.48 47.02 93.65
CA VAL PD 68 67.90 46.98 93.31
C VAL PD 68 68.33 45.52 93.33
N ASN PD 69 68.84 45.03 92.22
CA ASN PD 69 69.18 43.63 92.06
C ASN PD 69 70.65 43.50 91.69
N VAL PD 70 71.34 42.57 92.34
CA VAL PD 70 72.71 42.22 92.00
C VAL PD 70 72.70 40.79 91.51
N SER PD 71 73.04 40.59 90.24
CA SER PD 71 73.05 39.27 89.62
C SER PD 71 74.45 38.93 89.16
N SER PD 72 74.80 37.66 89.22
CA SER PD 72 76.09 37.18 88.76
C SER PD 72 75.89 36.03 87.79
N SER PD 73 76.69 36.03 86.72
CA SER PD 73 76.71 34.95 85.75
C SER PD 73 78.18 34.68 85.49
N ILE PD 74 78.73 33.71 86.21
CA ILE PD 74 80.15 33.38 86.17
C ILE PD 74 80.31 31.96 85.68
N ARG PD 75 81.32 31.73 84.83
CA ARG PD 75 81.63 30.39 84.35
C ARG PD 75 81.85 29.45 85.53
N ALA PD 76 81.37 28.22 85.39
CA ALA PD 76 81.57 27.22 86.43
C ALA PD 76 83.05 26.95 86.66
N ASP PD 77 83.87 27.10 85.62
CA ASP PD 77 85.30 26.85 85.73
C ASP PD 77 86.09 28.10 86.12
N ALA PD 78 85.45 29.26 86.24
CA ALA PD 78 86.18 30.49 86.48
C ALA PD 78 86.90 30.43 87.82
N THR PD 79 88.14 30.94 87.82
CA THR PD 79 88.96 30.88 89.01
C THR PD 79 88.43 31.81 90.09
N ALA PD 80 88.77 31.48 91.34
CA ALA PD 80 88.39 32.34 92.45
C ALA PD 80 88.99 33.73 92.32
N ALA PD 81 90.13 33.85 91.64
CA ALA PD 81 90.71 35.16 91.38
C ALA PD 81 89.79 36.00 90.51
N ASP PD 82 89.25 35.40 89.44
CA ASP PD 82 88.27 36.12 88.64
C ASP PD 82 87.02 36.43 89.45
N LYS PD 83 86.59 35.47 90.27
CA LYS PD 83 85.38 35.66 91.05
C LYS PD 83 85.57 36.71 92.14
N THR PD 84 86.78 36.79 92.70
CA THR PD 84 87.07 37.85 93.67
C THR PD 84 87.23 39.20 92.98
N ALA PD 85 87.89 39.22 91.82
CA ALA PD 85 88.10 40.46 91.10
C ALA PD 85 86.78 41.05 90.63
N LEU PD 86 85.88 40.20 90.12
CA LEU PD 86 84.58 40.69 89.67
C LEU PD 86 83.80 41.32 90.82
N MET PD 87 83.84 40.69 91.99
CA MET PD 87 83.13 41.23 93.13
C MET PD 87 83.80 42.49 93.67
N ALA PD 88 85.13 42.55 93.58
CA ALA PD 88 85.85 43.72 94.09
C ALA PD 88 85.67 44.92 93.20
N ILE PD 89 85.66 44.72 91.87
CA ILE PD 89 85.46 45.83 90.95
C ILE PD 89 84.06 46.41 91.12
N ILE PD 90 83.05 45.55 91.12
CA ILE PD 90 81.67 46.03 91.19
C ILE PD 90 81.39 46.69 92.53
N THR PD 91 81.98 46.18 93.62
CA THR PD 91 81.79 46.81 94.92
C THR PD 91 82.43 48.18 94.97
N ALA PD 92 83.62 48.32 94.39
CA ALA PD 92 84.27 49.63 94.34
C ALA PD 92 83.50 50.60 93.47
N ALA PD 93 82.97 50.12 92.34
CA ALA PD 93 82.17 50.99 91.48
C ALA PD 93 80.91 51.46 92.19
N GLN PD 94 80.26 50.57 92.95
CA GLN PD 94 79.08 50.98 93.71
C GLN PD 94 79.44 52.00 94.77
N ALA PD 95 80.60 51.83 95.43
CA ALA PD 95 81.06 52.81 96.40
C ALA PD 95 81.44 54.12 95.73
N ASP PD 96 81.80 54.10 94.46
CA ASP PD 96 82.06 55.32 93.72
C ASP PD 96 80.78 56.12 93.55
N GLY PD 97 80.93 57.44 93.42
CA GLY PD 97 79.78 58.32 93.36
C GLY PD 97 79.03 58.27 92.05
N ALA PD 98 79.66 57.75 90.99
CA ALA PD 98 78.98 57.66 89.71
C ALA PD 98 77.75 56.77 89.80
N TRP PD 99 77.82 55.71 90.60
CA TRP PD 99 76.65 54.86 90.80
C TRP PD 99 75.56 55.60 91.57
N THR PD 100 75.93 56.34 92.61
CA THR PD 100 74.94 57.08 93.38
C THR PD 100 74.28 58.16 92.54
N GLU PD 101 74.88 58.52 91.41
CA GLU PD 101 74.27 59.46 90.48
C GLU PD 101 73.48 58.77 89.37
N LEU PD 102 73.95 57.61 88.93
CA LEU PD 102 73.17 56.82 87.97
C LEU PD 102 71.82 56.45 88.55
N VAL PD 103 71.83 56.01 89.79
CA VAL PD 103 70.61 55.93 90.59
C VAL PD 103 70.35 57.32 91.15
N THR PD 104 69.07 57.65 91.34
CA THR PD 104 68.58 58.90 91.91
C THR PD 104 68.70 60.09 90.97
N ASP PD 105 69.45 59.95 89.88
CA ASP PD 105 69.50 61.05 88.91
C ASP PD 105 69.53 60.62 87.46
N GLN PD 106 69.81 59.35 87.16
CA GLN PD 106 70.04 58.90 85.78
C GLN PD 106 71.16 59.69 85.13
N ARG PD 107 72.20 59.97 85.91
CA ARG PD 107 73.33 60.76 85.44
C ARG PD 107 74.47 59.81 85.08
N LEU PD 108 74.88 59.83 83.87
CA LEU PD 108 75.95 59.02 83.36
C LEU PD 108 77.30 59.66 83.66
N PRO PD 109 78.35 58.86 83.78
CA PRO PD 109 79.68 59.42 84.00
C PRO PD 109 80.27 60.02 82.74
N LEU PD 110 79.63 61.07 82.23
CA LEU PD 110 80.14 61.80 81.08
C LEU PD 110 80.06 63.31 81.25
N ALA PD 111 79.42 63.81 82.30
CA ALA PD 111 79.35 65.25 82.53
C ALA PD 111 80.74 65.81 82.80
N THR PD 112 80.98 67.03 82.31
CA THR PD 112 82.27 67.67 82.45
C THR PD 112 82.44 68.41 83.78
N VAL PD 113 81.39 68.47 84.59
CA VAL PD 113 81.41 69.14 85.89
C VAL PD 113 81.74 70.63 85.75
N SER QD 1 -105.72 80.00 -14.12
CA SER QD 1 -106.11 80.37 -15.47
C SER QD 1 -105.95 81.87 -15.70
N LYS QD 2 -106.69 82.66 -14.93
CA LYS QD 2 -106.64 84.12 -15.04
C LYS QD 2 -106.66 84.67 -13.62
N VAL QD 3 -106.97 85.97 -13.49
CA VAL QD 3 -106.81 86.72 -12.25
C VAL QD 3 -107.41 86.00 -11.05
N PHE QD 4 -106.56 85.75 -10.05
CA PHE QD 4 -106.93 85.14 -8.78
C PHE QD 4 -106.36 85.98 -7.66
N ASN QD 5 -107.20 86.29 -6.68
CA ASN QD 5 -106.79 87.08 -5.52
C ASN QD 5 -106.12 88.38 -5.99
N THR QD 6 -106.81 89.09 -6.88
CA THR QD 6 -106.39 90.37 -7.44
C THR QD 6 -105.06 90.31 -8.16
N GLN QD 7 -104.57 89.13 -8.55
CA GLN QD 7 -103.33 89.01 -9.29
C GLN QD 7 -103.57 88.29 -10.61
N THR QD 8 -102.98 88.81 -11.67
CA THR QD 8 -103.20 88.30 -13.02
C THR QD 8 -102.14 87.24 -13.32
N PHE QD 9 -102.58 86.00 -13.46
CA PHE QD 9 -101.68 84.89 -13.74
C PHE QD 9 -101.72 84.62 -15.23
N ASP QD 10 -100.58 84.74 -15.89
CA ASP QD 10 -100.46 84.55 -17.33
C ASP QD 10 -99.62 83.32 -17.62
N ILE QD 11 -99.86 82.73 -18.78
CA ILE QD 11 -99.20 81.49 -19.16
C ILE QD 11 -97.70 81.74 -19.27
N TYR QD 12 -96.92 80.96 -18.55
CA TYR QD 12 -95.47 81.01 -18.71
C TYR QD 12 -94.92 79.83 -19.49
N SER QD 13 -95.45 78.63 -19.26
CA SER QD 13 -94.86 77.43 -19.83
C SER QD 13 -95.94 76.40 -20.02
N THR QD 14 -95.80 75.62 -21.08
CA THR QD 14 -96.76 74.57 -21.40
C THR QD 14 -95.98 73.31 -21.76
N GLU QD 15 -96.22 72.25 -21.01
CA GLU QD 15 -95.63 70.95 -21.27
C GLU QD 15 -96.71 70.01 -21.81
N LYS QD 16 -96.32 68.75 -21.96
CA LYS QD 16 -97.31 67.73 -22.33
C LYS QD 16 -98.38 67.61 -21.26
N ASP QD 17 -97.99 67.70 -19.99
CA ASP QD 17 -98.90 67.44 -18.90
C ASP QD 17 -98.85 68.49 -17.79
N VAL QD 18 -98.10 69.57 -17.98
CA VAL QD 18 -98.03 70.65 -17.00
C VAL QD 18 -98.28 71.97 -17.69
N VAL QD 19 -99.04 72.84 -17.04
CA VAL QD 19 -99.17 74.24 -17.43
C VAL QD 19 -98.74 75.08 -16.23
N SER QD 20 -97.84 76.04 -16.47
CA SER QD 20 -97.37 76.93 -15.42
C SER QD 20 -97.76 78.36 -15.74
N LEU QD 21 -98.24 79.07 -14.73
CA LEU QD 21 -98.62 80.47 -14.86
C LEU QD 21 -97.88 81.30 -13.82
N ARG QD 22 -97.51 82.51 -14.19
CA ARG QD 22 -96.85 83.45 -13.30
C ARG QD 22 -97.62 84.76 -13.27
N ASP QD 23 -97.43 85.51 -12.18
CA ASP QD 23 -98.05 86.81 -12.07
C ASP QD 23 -97.44 87.81 -13.05
N PHE QD 24 -96.12 87.83 -13.14
CA PHE QD 24 -95.36 88.75 -13.99
C PHE QD 24 -95.49 90.18 -13.47
N ALA QD 25 -96.28 90.39 -12.43
CA ALA QD 25 -96.40 91.67 -11.76
C ALA QD 25 -95.58 91.73 -10.48
N ASN QD 26 -95.79 90.80 -9.55
CA ASN QD 26 -94.93 90.68 -8.39
C ASN QD 26 -93.78 89.70 -8.62
N ASP QD 27 -93.83 88.92 -9.69
CA ASP QD 27 -92.76 88.00 -10.08
C ASP QD 27 -92.38 87.06 -8.94
N LYS QD 28 -93.35 86.69 -8.11
CA LYS QD 28 -93.08 85.81 -6.99
C LYS QD 28 -94.00 84.61 -6.92
N ASP QD 29 -95.09 84.58 -7.68
CA ASP QD 29 -96.07 83.50 -7.62
C ASP QD 29 -96.08 82.73 -8.92
N THR QD 30 -96.06 81.40 -8.81
CA THR QD 30 -96.21 80.51 -9.96
C THR QD 30 -97.32 79.53 -9.65
N LEU QD 31 -98.30 79.45 -10.55
CA LEU QD 31 -99.43 78.54 -10.43
C LEU QD 31 -99.27 77.44 -11.47
N ALA QD 32 -99.29 76.18 -11.03
CA ALA QD 32 -99.06 75.03 -11.89
C ALA QD 32 -100.27 74.13 -11.88
N TYR QD 33 -100.70 73.72 -13.07
CA TYR QD 33 -101.75 72.73 -13.27
C TYR QD 33 -101.09 71.48 -13.84
N LYS QD 34 -101.25 70.36 -13.17
CA LYS QD 34 -100.53 69.14 -13.52
C LYS QD 34 -101.51 68.01 -13.74
N ARG QD 35 -101.15 67.10 -14.63
CA ARG QD 35 -102.08 66.13 -15.19
C ARG QD 35 -101.40 64.78 -15.33
N LEU QD 36 -101.95 63.76 -14.67
CA LEU QD 36 -101.51 62.38 -14.85
C LEU QD 36 -102.74 61.50 -15.11
N ALA QD 37 -102.89 61.06 -16.36
CA ALA QD 37 -104.03 60.22 -16.73
C ALA QD 37 -103.95 58.86 -16.02
N PRO QD 38 -105.10 58.23 -15.78
CA PRO QD 38 -105.09 56.92 -15.10
C PRO QD 38 -104.45 55.86 -15.98
N LYS QD 39 -103.75 54.93 -15.34
CA LYS QD 39 -103.09 53.84 -16.05
C LYS QD 39 -103.65 52.50 -15.57
N ARG QD 40 -104.12 51.70 -16.53
CA ARG QD 40 -104.75 50.42 -16.22
C ARG QD 40 -103.65 49.40 -15.97
N THR QD 41 -103.19 49.35 -14.72
CA THR QD 41 -102.14 48.41 -14.32
C THR QD 41 -102.69 47.05 -13.93
N LYS QD 42 -104.00 46.95 -13.75
CA LYS QD 42 -104.61 45.72 -13.27
C LYS QD 42 -106.09 45.75 -13.68
N ASP QD 43 -106.89 44.91 -13.03
CA ASP QD 43 -108.33 44.96 -13.21
C ASP QD 43 -108.87 46.34 -12.87
N SER QD 44 -108.17 47.06 -11.98
CA SER QD 44 -108.51 48.45 -11.74
C SER QD 44 -108.13 49.30 -12.94
N PRO QD 45 -108.95 50.29 -13.31
CA PRO QD 45 -108.60 51.15 -14.45
C PRO QD 45 -107.56 52.20 -14.13
N GLY QD 46 -107.02 52.23 -12.92
CA GLY QD 46 -106.05 53.24 -12.53
C GLY QD 46 -106.70 54.47 -11.90
N MET QD 47 -105.84 55.31 -11.34
CA MET QD 47 -106.27 56.54 -10.68
C MET QD 47 -105.79 57.74 -11.48
N ALA QD 48 -106.70 58.66 -11.77
CA ALA QD 48 -106.36 59.88 -12.50
C ALA QD 48 -105.83 60.90 -11.50
N LYS QD 49 -104.59 61.33 -11.69
CA LYS QD 49 -103.97 62.27 -10.78
C LYS QD 49 -104.15 63.70 -11.28
N SER QD 50 -104.24 64.62 -10.34
CA SER QD 50 -104.20 66.05 -10.62
C SER QD 50 -103.38 66.73 -9.55
N GLU QD 51 -102.92 67.94 -9.85
CA GLU QD 51 -102.17 68.72 -8.90
C GLU QD 51 -102.31 70.19 -9.26
N LEU QD 52 -102.74 70.99 -8.30
CA LEU QD 52 -102.88 72.44 -8.48
C LEU QD 52 -102.09 73.10 -7.37
N LYS QD 53 -100.91 73.61 -7.68
CA LYS QD 53 -100.02 74.12 -6.66
C LYS QD 53 -99.66 75.58 -6.92
N ILE QD 54 -99.64 76.36 -5.84
CA ILE QD 54 -99.20 77.74 -5.87
C ILE QD 54 -97.90 77.85 -5.07
N THR QD 55 -96.87 78.39 -5.70
CA THR QD 55 -95.56 78.55 -5.09
C THR QD 55 -95.20 80.02 -5.02
N ARG QD 56 -94.72 80.46 -3.87
CA ARG QD 56 -94.29 81.84 -3.68
C ARG QD 56 -92.80 81.85 -3.35
N VAL QD 57 -92.04 82.53 -4.18
CA VAL QD 57 -90.60 82.70 -4.00
C VAL QD 57 -90.29 84.19 -4.06
N ASP QD 58 -89.66 84.71 -3.02
CA ASP QD 58 -89.37 86.15 -3.08
C ASP QD 58 -88.32 86.41 -4.16
N PRO QD 59 -88.52 87.40 -5.00
CA PRO QD 59 -87.60 87.59 -6.14
C PRO QD 59 -86.41 88.47 -5.84
N THR QD 60 -85.76 88.25 -4.70
CA THR QD 60 -84.54 89.00 -4.39
C THR QD 60 -83.39 88.03 -4.15
N THR QD 61 -83.65 86.96 -3.41
CA THR QD 61 -82.70 85.89 -3.21
C THR QD 61 -83.21 84.55 -3.71
N GLY QD 62 -84.46 84.48 -4.15
CA GLY QD 62 -85.00 83.24 -4.66
C GLY QD 62 -85.36 82.21 -3.61
N VAL QD 63 -85.59 82.63 -2.37
CA VAL QD 63 -85.93 81.70 -1.30
C VAL QD 63 -87.39 81.32 -1.42
N LEU QD 64 -87.68 80.05 -1.20
CA LEU QD 64 -89.06 79.57 -1.25
C LEU QD 64 -89.78 80.01 0.02
N ILE QD 65 -90.86 80.76 -0.15
CA ILE QD 65 -91.63 81.22 1.01
C ILE QD 65 -92.65 80.16 1.43
N GLY QD 66 -93.42 79.66 0.50
CA GLY QD 66 -94.41 78.65 0.84
C GLY QD 66 -95.06 78.07 -0.39
N ILE QD 67 -95.55 76.84 -0.24
CA ILE QD 67 -96.27 76.12 -1.28
C ILE QD 67 -97.57 75.62 -0.70
N VAL QD 68 -98.66 75.84 -1.43
CA VAL QD 68 -99.95 75.21 -1.15
C VAL QD 68 -100.32 74.37 -2.36
N ASN QD 69 -100.53 73.07 -2.14
CA ASN QD 69 -100.78 72.12 -3.22
C ASN QD 69 -102.12 71.45 -3.02
N VAL QD 70 -102.92 71.41 -4.08
CA VAL QD 70 -104.19 70.71 -4.08
C VAL QD 70 -104.08 69.59 -5.09
N SER QD 71 -103.94 68.37 -4.61
CA SER QD 71 -103.79 67.20 -5.46
C SER QD 71 -104.95 66.24 -5.27
N SER QD 72 -105.44 65.70 -6.36
CA SER QD 72 -106.52 64.72 -6.35
C SER QD 72 -106.03 63.41 -6.94
N SER QD 73 -106.60 62.32 -6.46
CA SER QD 73 -106.28 60.97 -6.95
C SER QD 73 -107.59 60.19 -6.93
N ILE QD 74 -108.20 60.05 -8.11
CA ILE QD 74 -109.56 59.50 -8.21
C ILE QD 74 -109.57 58.38 -9.24
N ARG QD 75 -110.32 57.32 -8.91
CA ARG QD 75 -110.45 56.17 -9.79
C ARG QD 75 -110.95 56.58 -11.17
N ALA QD 76 -110.39 55.93 -12.20
CA ALA QD 76 -110.84 56.21 -13.56
C ALA QD 76 -112.31 55.90 -13.74
N ASP QD 77 -112.79 54.85 -13.08
CA ASP QD 77 -114.19 54.45 -13.16
C ASP QD 77 -115.10 55.23 -12.23
N ALA QD 78 -114.55 56.10 -11.39
CA ALA QD 78 -115.34 56.78 -10.38
C ALA QD 78 -116.35 57.71 -11.01
N THR QD 79 -117.49 57.85 -10.35
CA THR QD 79 -118.58 58.65 -10.87
C THR QD 79 -118.28 60.14 -10.73
N ALA QD 80 -118.99 60.93 -11.55
CA ALA QD 80 -118.93 62.38 -11.38
C ALA QD 80 -119.51 62.79 -10.04
N ALA QD 81 -120.49 62.04 -9.53
CA ALA QD 81 -121.02 62.30 -8.20
C ALA QD 81 -119.97 62.10 -7.12
N ASP QD 82 -119.14 61.06 -7.25
CA ASP QD 82 -118.02 60.90 -6.34
C ASP QD 82 -117.06 62.06 -6.46
N LYS QD 83 -116.80 62.51 -7.68
CA LYS QD 83 -115.88 63.62 -7.89
C LYS QD 83 -116.46 64.94 -7.43
N THR QD 84 -117.76 65.14 -7.63
CA THR QD 84 -118.39 66.37 -7.16
C THR QD 84 -118.41 66.41 -5.64
N ALA QD 85 -118.69 65.28 -5.00
CA ALA QD 85 -118.71 65.24 -3.54
C ALA QD 85 -117.34 65.49 -2.96
N LEU QD 86 -116.30 64.89 -3.54
CA LEU QD 86 -114.95 65.09 -3.03
C LEU QD 86 -114.54 66.55 -3.13
N MET QD 87 -114.85 67.21 -4.25
CA MET QD 87 -114.50 68.61 -4.39
C MET QD 87 -115.29 69.49 -3.43
N ALA QD 88 -116.59 69.20 -3.27
CA ALA QD 88 -117.42 70.01 -2.39
C ALA QD 88 -117.00 69.87 -0.93
N ILE QD 89 -116.62 68.67 -0.50
CA ILE QD 89 -116.25 68.46 0.89
C ILE QD 89 -114.94 69.18 1.20
N ILE QD 90 -113.93 69.02 0.34
CA ILE QD 90 -112.64 69.64 0.60
C ILE QD 90 -112.73 71.15 0.49
N THR QD 91 -113.64 71.66 -0.34
CA THR QD 91 -113.82 73.10 -0.46
C THR QD 91 -114.48 73.68 0.79
N ALA QD 92 -115.49 72.98 1.33
CA ALA QD 92 -116.13 73.44 2.56
C ALA QD 92 -115.16 73.41 3.73
N ALA QD 93 -114.31 72.39 3.80
CA ALA QD 93 -113.34 72.30 4.87
C ALA QD 93 -112.29 73.41 4.77
N GLN QD 94 -111.90 73.77 3.55
CA GLN QD 94 -110.98 74.88 3.36
C GLN QD 94 -111.63 76.20 3.76
N ALA QD 95 -112.91 76.38 3.45
CA ALA QD 95 -113.62 77.58 3.84
C ALA QD 95 -113.80 77.67 5.35
N ASP QD 96 -113.80 76.53 6.04
CA ASP QD 96 -113.88 76.52 7.49
C ASP QD 96 -112.61 77.11 8.09
N GLY QD 97 -112.77 77.68 9.29
CA GLY QD 97 -111.63 78.29 9.97
C GLY QD 97 -110.67 77.30 10.55
N ALA QD 98 -111.06 76.03 10.66
CA ALA QD 98 -110.13 75.02 11.14
C ALA QD 98 -108.94 74.87 10.21
N TRP QD 99 -109.18 74.90 8.91
CA TRP QD 99 -108.08 74.86 7.95
C TRP QD 99 -107.22 76.12 8.04
N THR QD 100 -107.86 77.27 8.20
CA THR QD 100 -107.12 78.52 8.31
C THR QD 100 -106.24 78.54 9.54
N GLU QD 101 -106.57 77.74 10.55
CA GLU QD 101 -105.73 77.59 11.74
C GLU QD 101 -104.73 76.46 11.61
N LEU QD 102 -105.08 75.40 10.89
CA LEU QD 102 -104.11 74.35 10.59
C LEU QD 102 -102.92 74.94 9.84
N VAL QD 103 -103.19 75.79 8.88
CA VAL QD 103 -102.14 76.61 8.29
C VAL QD 103 -101.98 77.85 9.15
N THR QD 104 -100.78 78.41 9.18
CA THR QD 104 -100.38 79.59 9.93
C THR QD 104 -100.24 79.41 11.44
N ASP QD 105 -100.79 78.33 11.99
CA ASP QD 105 -100.74 78.10 13.43
C ASP QD 105 -100.37 76.69 13.81
N GLN QD 106 -100.42 75.73 12.89
CA GLN QD 106 -100.22 74.31 13.20
C GLN QD 106 -101.16 73.87 14.31
N ARG QD 107 -102.42 74.24 14.17
CA ARG QD 107 -103.45 74.00 15.17
C ARG QD 107 -104.44 72.97 14.65
N LEU QD 108 -104.63 71.90 15.42
CA LEU QD 108 -105.60 70.87 15.06
C LEU QD 108 -107.00 71.28 15.52
N PRO QD 109 -108.04 70.76 14.88
CA PRO QD 109 -109.40 71.18 15.24
C PRO QD 109 -109.94 70.45 16.46
N LEU QD 110 -109.17 70.41 17.53
CA LEU QD 110 -109.57 69.71 18.74
C LEU QD 110 -109.65 70.57 19.98
N ALA QD 111 -109.33 71.86 19.88
CA ALA QD 111 -109.47 72.75 21.02
C ALA QD 111 -110.92 72.81 21.46
N THR QD 112 -111.13 73.01 22.77
CA THR QD 112 -112.47 73.16 23.31
C THR QD 112 -113.00 74.59 23.24
N VAL QD 113 -112.19 75.53 22.74
CA VAL QD 113 -112.56 76.93 22.57
C VAL QD 113 -112.85 77.63 23.90
N SER RD 1 -113.84 70.17 10.58
CA SER RD 1 -114.30 70.03 11.95
C SER RD 1 -115.71 69.45 12.02
N LYS RD 2 -116.68 70.18 11.47
CA LYS RD 2 -118.08 69.81 11.59
C LYS RD 2 -118.68 69.78 10.19
N VAL RD 3 -120.02 69.86 10.12
CA VAL RD 3 -120.79 69.60 8.91
C VAL RD 3 -120.21 70.31 7.69
N PHE RD 4 -119.82 69.53 6.69
CA PHE RD 4 -119.32 70.01 5.41
C PHE RD 4 -120.09 69.32 4.30
N ASN RD 5 -120.48 70.09 3.29
CA ASN RD 5 -121.26 69.57 2.17
C ASN RD 5 -122.51 68.84 2.65
N THR RD 6 -123.17 69.44 3.65
CA THR RD 6 -124.37 68.94 4.32
C THR RD 6 -124.14 67.63 5.07
N GLN RD 7 -122.90 67.13 5.11
CA GLN RD 7 -122.59 65.88 5.80
C GLN RD 7 -121.90 66.18 7.12
N THR RD 8 -122.36 65.52 8.17
CA THR RD 8 -121.81 65.70 9.51
C THR RD 8 -120.59 64.81 9.68
N PHE RD 9 -119.45 65.41 9.98
CA PHE RD 9 -118.20 64.68 10.18
C PHE RD 9 -117.89 64.68 11.66
N ASP RD 10 -118.03 63.51 12.30
CA ASP RD 10 -117.74 63.35 13.71
C ASP RD 10 -116.39 62.66 13.86
N ILE RD 11 -115.74 62.92 15.00
CA ILE RD 11 -114.35 62.52 15.15
C ILE RD 11 -114.23 61.00 15.10
N TYR RD 12 -113.35 60.51 14.24
CA TYR RD 12 -113.12 59.09 14.08
C TYR RD 12 -111.89 58.59 14.83
N SER RD 13 -110.82 59.38 14.87
CA SER RD 13 -109.63 59.01 15.61
C SER RD 13 -108.83 60.28 15.85
N THR RD 14 -107.96 60.22 16.86
CA THR RD 14 -107.09 61.35 17.16
C THR RD 14 -105.67 60.82 17.35
N GLU RD 15 -104.71 61.59 16.88
CA GLU RD 15 -103.30 61.26 16.99
C GLU RD 15 -102.56 62.54 17.40
N LYS RD 16 -101.28 62.39 17.75
CA LYS RD 16 -100.45 63.53 18.11
C LYS RD 16 -100.50 64.62 17.05
N ASP RD 17 -100.59 64.23 15.78
CA ASP RD 17 -100.55 65.20 14.69
C ASP RD 17 -101.64 65.01 13.65
N VAL RD 18 -102.54 64.04 13.83
CA VAL RD 18 -103.63 63.82 12.89
C VAL RD 18 -104.94 63.75 13.66
N VAL RD 19 -105.96 64.41 13.12
CA VAL RD 19 -107.33 64.28 13.60
C VAL RD 19 -108.18 63.85 12.42
N SER RD 20 -108.90 62.75 12.57
CA SER RD 20 -109.72 62.18 11.52
C SER RD 20 -111.18 62.33 11.90
N LEU RD 21 -112.01 62.67 10.92
CA LEU RD 21 -113.44 62.75 11.10
C LEU RD 21 -114.12 61.81 10.12
N ARG RD 22 -115.26 61.26 10.53
CA ARG RD 22 -116.02 60.38 9.68
C ARG RD 22 -117.45 60.88 9.58
N ASP RD 23 -118.08 60.62 8.45
CA ASP RD 23 -119.51 60.92 8.32
C ASP RD 23 -120.33 60.04 9.23
N PHE RD 24 -120.07 58.73 9.22
CA PHE RD 24 -120.77 57.72 10.02
C PHE RD 24 -122.20 57.53 9.54
N ALA RD 25 -122.64 58.36 8.58
CA ALA RD 25 -123.94 58.20 7.95
C ALA RD 25 -123.83 57.39 6.66
N ASN RD 26 -123.06 57.88 5.69
CA ASN RD 26 -122.73 57.08 4.52
C ASN RD 26 -121.53 56.19 4.75
N ASP RD 27 -120.84 56.36 5.88
CA ASP RD 27 -119.76 55.46 6.31
C ASP RD 27 -118.64 55.36 5.28
N LYS RD 28 -118.46 56.41 4.48
CA LYS RD 28 -117.57 56.33 3.34
C LYS RD 28 -116.54 57.45 3.27
N ASP RD 29 -116.71 58.55 3.99
CA ASP RD 29 -115.87 59.72 3.86
C ASP RD 29 -115.08 59.94 5.15
N THR RD 30 -113.77 60.15 5.01
CA THR RD 30 -112.92 60.46 6.15
C THR RD 30 -112.14 61.73 5.87
N LEU RD 31 -112.25 62.69 6.78
CA LEU RD 31 -111.56 63.97 6.70
C LEU RD 31 -110.43 63.97 7.71
N ALA RD 32 -109.21 64.18 7.25
CA ALA RD 32 -108.03 64.17 8.12
C ALA RD 32 -107.40 65.56 8.15
N TYR RD 33 -106.99 65.98 9.35
CA TYR RD 33 -106.22 67.20 9.55
C TYR RD 33 -104.86 66.78 10.09
N LYS RD 34 -103.80 67.09 9.34
CA LYS RD 34 -102.48 66.57 9.64
C LYS RD 34 -101.52 67.73 9.86
N ARG RD 35 -100.56 67.53 10.75
CA ARG RD 35 -99.71 68.60 11.26
C ARG RD 35 -98.27 68.16 11.35
N LEU RD 36 -97.37 68.91 10.71
CA LEU RD 36 -95.93 68.75 10.91
C LEU RD 36 -95.31 70.11 11.17
N ALA RD 37 -95.01 70.39 12.43
CA ALA RD 37 -94.41 71.66 12.80
C ALA RD 37 -93.00 71.78 12.22
N PRO RD 38 -92.52 73.01 12.02
CA PRO RD 38 -91.18 73.18 11.44
C PRO RD 38 -90.08 72.70 12.38
N LYS RD 39 -88.99 72.23 11.78
CA LYS RD 39 -87.79 71.84 12.52
C LYS RD 39 -86.62 72.64 11.97
N ARG RD 40 -85.81 73.18 12.88
CA ARG RD 40 -84.71 74.08 12.53
C ARG RD 40 -83.44 73.26 12.31
N THR RD 41 -83.41 72.54 11.20
CA THR RD 41 -82.25 71.71 10.88
C THR RD 41 -81.05 72.53 10.48
N LYS RD 42 -81.23 73.81 10.21
CA LYS RD 42 -80.15 74.72 9.86
C LYS RD 42 -80.52 76.11 10.36
N ASP RD 43 -79.85 77.12 9.84
CA ASP RD 43 -80.16 78.51 10.15
C ASP RD 43 -81.62 78.81 9.81
N SER RD 44 -82.18 78.07 8.86
CA SER RD 44 -83.58 78.22 8.53
C SER RD 44 -84.43 77.83 9.72
N PRO RD 45 -85.60 78.45 9.92
CA PRO RD 45 -86.51 77.98 10.96
C PRO RD 45 -87.30 76.76 10.57
N GLY RD 46 -87.05 76.19 9.38
CA GLY RD 46 -87.76 75.03 8.91
C GLY RD 46 -89.04 75.40 8.19
N MET RD 47 -89.69 74.37 7.65
CA MET RD 47 -90.97 74.51 6.98
C MET RD 47 -92.08 73.94 7.86
N ALA RD 48 -93.13 74.73 8.08
CA ALA RD 48 -94.33 74.27 8.76
C ALA RD 48 -95.20 73.54 7.75
N LYS RD 49 -95.42 72.25 7.96
CA LYS RD 49 -96.26 71.46 7.08
C LYS RD 49 -97.66 71.32 7.65
N SER RD 50 -98.65 71.36 6.77
CA SER RD 50 -100.01 70.99 7.12
C SER RD 50 -100.58 70.13 6.01
N GLU RD 51 -101.67 69.43 6.33
CA GLU RD 51 -102.29 68.56 5.33
C GLU RD 51 -103.77 68.42 5.66
N LEU RD 52 -104.63 68.69 4.69
CA LEU RD 52 -106.07 68.53 4.83
C LEU RD 52 -106.55 67.65 3.70
N LYS RD 53 -106.92 66.41 4.02
CA LYS RD 53 -107.25 65.42 3.01
C LYS RD 53 -108.64 64.84 3.26
N ILE RD 54 -109.33 64.55 2.17
CA ILE RD 54 -110.63 63.89 2.19
C ILE RD 54 -110.50 62.60 1.41
N THR RD 55 -110.98 61.51 1.99
CA THR RD 55 -110.91 60.20 1.39
C THR RD 55 -112.30 59.60 1.27
N ARG RD 56 -112.62 59.07 0.11
CA ARG RD 56 -113.86 58.33 -0.09
C ARG RD 56 -113.53 56.89 -0.45
N VAL RD 57 -113.99 55.96 0.39
CA VAL RD 57 -113.93 54.54 0.11
C VAL RD 57 -115.35 53.99 0.20
N ASP RD 58 -115.70 53.12 -0.72
CA ASP RD 58 -117.02 52.52 -0.64
C ASP RD 58 -117.00 51.45 0.45
N PRO RD 59 -117.85 51.54 1.46
CA PRO RD 59 -117.68 50.69 2.64
C PRO RD 59 -118.35 49.33 2.54
N THR RD 60 -118.27 48.66 1.39
CA THR RD 60 -118.65 47.26 1.34
C THR RD 60 -117.49 46.43 0.81
N THR RD 61 -116.89 46.86 -0.29
CA THR RD 61 -115.69 46.22 -0.82
C THR RD 61 -114.42 46.95 -0.45
N GLY RD 62 -114.53 48.15 0.12
CA GLY RD 62 -113.37 48.85 0.62
C GLY RD 62 -112.33 49.22 -0.41
N VAL RD 63 -112.75 49.60 -1.61
CA VAL RD 63 -111.82 50.10 -2.62
C VAL RD 63 -111.85 51.62 -2.58
N LEU RD 64 -110.70 52.22 -2.81
CA LEU RD 64 -110.56 53.67 -2.75
C LEU RD 64 -111.28 54.29 -3.94
N ILE RD 65 -112.25 55.17 -3.67
CA ILE RD 65 -112.88 55.89 -4.77
C ILE RD 65 -112.02 57.08 -5.18
N GLY RD 66 -111.57 57.88 -4.22
CA GLY RD 66 -110.75 59.03 -4.55
C GLY RD 66 -110.27 59.75 -3.31
N ILE RD 67 -109.21 60.54 -3.51
CA ILE RD 67 -108.61 61.37 -2.47
C ILE RD 67 -108.37 62.76 -3.05
N VAL RD 68 -108.73 63.79 -2.28
CA VAL RD 68 -108.35 65.15 -2.57
C VAL RD 68 -107.56 65.68 -1.38
N ASN RD 69 -106.36 66.19 -1.65
CA ASN RD 69 -105.40 66.54 -0.62
C ASN RD 69 -105.01 68.01 -0.75
N VAL RD 70 -105.07 68.74 0.35
CA VAL RD 70 -104.62 70.12 0.40
C VAL RD 70 -103.41 70.16 1.34
N SER RD 71 -102.23 70.36 0.79
CA SER RD 71 -100.99 70.36 1.55
C SER RD 71 -100.38 71.74 1.58
N SER RD 72 -99.76 72.08 2.71
CA SER RD 72 -99.06 73.34 2.87
C SER RD 72 -97.63 73.07 3.30
N SER RD 73 -96.71 73.82 2.72
CA SER RD 73 -95.30 73.81 3.11
C SER RD 73 -94.86 75.27 3.13
N ILE RD 74 -95.01 75.92 4.27
CA ILE RD 74 -94.73 77.34 4.41
C ILE RD 74 -93.56 77.51 5.37
N ARG RD 75 -92.65 78.43 5.03
CA ARG RD 75 -91.53 78.72 5.90
C ARG RD 75 -92.03 79.15 7.28
N ALA RD 76 -91.35 78.67 8.33
CA ALA RD 76 -91.79 78.99 9.68
C ALA RD 76 -91.78 80.49 9.94
N ASP RD 77 -90.82 81.20 9.36
CA ASP RD 77 -90.73 82.64 9.53
C ASP RD 77 -91.65 83.40 8.59
N ALA RD 78 -92.28 82.73 7.62
CA ALA RD 78 -93.02 83.43 6.60
C ALA RD 78 -94.18 84.22 7.21
N THR RD 79 -94.33 85.45 6.76
CA THR RD 79 -95.33 86.34 7.32
C THR RD 79 -96.74 85.86 6.97
N ALA RD 80 -97.70 86.32 7.75
CA ALA RD 80 -99.10 85.98 7.47
C ALA RD 80 -99.55 86.55 6.13
N ALA RD 81 -98.91 87.62 5.67
CA ALA RD 81 -99.25 88.18 4.37
C ALA RD 81 -98.95 87.18 3.26
N ASP RD 82 -97.75 86.58 3.26
CA ASP RD 82 -97.47 85.51 2.33
C ASP RD 82 -98.37 84.32 2.61
N LYS RD 83 -98.62 84.05 3.88
CA LYS RD 83 -99.44 82.91 4.29
C LYS RD 83 -100.89 83.09 3.87
N THR RD 84 -101.42 84.30 3.99
CA THR RD 84 -102.81 84.54 3.58
C THR RD 84 -102.93 84.63 2.06
N ALA RD 85 -101.92 85.20 1.39
CA ALA RD 85 -101.98 85.27 -0.06
C ALA RD 85 -101.90 83.88 -0.67
N LEU RD 86 -101.12 82.98 -0.06
CA LEU RD 86 -101.02 81.61 -0.54
C LEU RD 86 -102.36 80.91 -0.47
N MET RD 87 -103.15 81.19 0.57
CA MET RD 87 -104.47 80.58 0.67
C MET RD 87 -105.45 81.26 -0.28
N ALA RD 88 -105.34 82.59 -0.40
CA ALA RD 88 -106.28 83.33 -1.26
C ALA RD 88 -106.14 82.91 -2.71
N ILE RD 89 -104.91 82.73 -3.18
CA ILE RD 89 -104.70 82.34 -4.58
C ILE RD 89 -105.25 80.93 -4.82
N ILE RD 90 -104.90 79.99 -3.95
CA ILE RD 90 -105.27 78.60 -4.19
C ILE RD 90 -106.77 78.39 -4.06
N THR RD 91 -107.41 79.09 -3.14
CA THR RD 91 -108.87 79.02 -3.02
C THR RD 91 -109.54 79.65 -4.24
N ALA RD 92 -109.00 80.78 -4.71
CA ALA RD 92 -109.52 81.39 -5.92
C ALA RD 92 -109.33 80.47 -7.13
N ALA RD 93 -108.18 79.79 -7.21
CA ALA RD 93 -107.95 78.86 -8.30
C ALA RD 93 -108.90 77.68 -8.24
N GLN RD 94 -109.18 77.17 -7.04
CA GLN RD 94 -110.11 76.06 -6.90
C GLN RD 94 -111.52 76.45 -7.31
N ALA RD 95 -111.97 77.63 -6.88
CA ALA RD 95 -113.29 78.10 -7.26
C ALA RD 95 -113.43 78.31 -8.76
N ASP RD 96 -112.33 78.59 -9.44
CA ASP RD 96 -112.35 78.79 -10.88
C ASP RD 96 -112.55 77.45 -11.59
N GLY RD 97 -113.12 77.52 -12.80
CA GLY RD 97 -113.52 76.33 -13.52
C GLY RD 97 -112.36 75.45 -13.98
N ALA RD 98 -111.16 76.01 -14.14
CA ALA RD 98 -110.05 75.21 -14.62
C ALA RD 98 -109.73 74.07 -13.66
N TRP RD 99 -109.82 74.31 -12.35
CA TRP RD 99 -109.59 73.23 -11.40
C TRP RD 99 -110.69 72.18 -11.48
N THR RD 100 -111.93 72.60 -11.72
CA THR RD 100 -113.01 71.63 -11.84
C THR RD 100 -112.76 70.67 -13.00
N GLU RD 101 -112.34 71.19 -14.15
CA GLU RD 101 -112.04 70.35 -15.31
C GLU RD 101 -110.74 69.58 -15.19
N LEU RD 102 -109.76 70.09 -14.45
CA LEU RD 102 -108.54 69.32 -14.23
C LEU RD 102 -108.87 68.00 -13.55
N VAL RD 103 -109.76 68.04 -12.58
CA VAL RD 103 -110.43 66.83 -12.09
C VAL RD 103 -111.58 66.50 -13.03
N THR RD 104 -111.96 65.23 -13.08
CA THR RD 104 -113.08 64.73 -13.87
C THR RD 104 -112.82 64.75 -15.37
N ASP RD 105 -111.77 65.43 -15.82
CA ASP RD 105 -111.47 65.48 -17.24
C ASP RD 105 -110.00 65.35 -17.56
N GLN RD 106 -109.10 65.55 -16.61
CA GLN RD 106 -107.68 65.70 -16.86
C GLN RD 106 -107.42 66.75 -17.94
N ARG RD 107 -108.14 67.87 -17.83
CA ARG RD 107 -108.08 68.95 -18.81
C ARG RD 107 -107.20 70.07 -18.28
N LEU RD 108 -106.09 70.32 -18.97
CA LEU RD 108 -105.21 71.41 -18.59
C LEU RD 108 -105.76 72.74 -19.08
N PRO RD 109 -105.45 73.84 -18.39
CA PRO RD 109 -105.92 75.15 -18.84
C PRO RD 109 -105.15 75.65 -20.04
N LEU RD 110 -105.39 75.03 -21.19
CA LEU RD 110 -104.81 75.47 -22.45
C LEU RD 110 -105.78 75.40 -23.61
N ALA RD 111 -107.05 75.10 -23.36
CA ALA RD 111 -108.03 75.02 -24.44
C ALA RD 111 -108.33 76.41 -25.00
N THR RD 112 -108.52 76.48 -26.31
CA THR RD 112 -108.81 77.74 -26.98
C THR RD 112 -110.30 78.06 -27.03
N VAL RD 113 -111.14 77.17 -26.52
CA VAL RD 113 -112.60 77.35 -26.51
C VAL RD 113 -113.15 77.51 -27.91
N SER SD 1 -92.15 78.94 54.82
CA SER SD 1 -91.55 79.53 56.00
C SER SD 1 -92.27 79.13 57.28
N LYS SD 2 -93.59 79.30 57.29
CA LYS SD 2 -94.38 79.06 58.49
C LYS SD 2 -95.66 78.32 58.10
N VAL SD 3 -96.65 78.35 58.99
CA VAL SD 3 -97.80 77.44 58.98
C VAL SD 3 -98.42 77.31 57.60
N PHE SD 4 -98.47 76.08 57.11
CA PHE SD 4 -99.06 75.72 55.83
C PHE SD 4 -100.03 74.58 56.07
N ASN SD 5 -101.24 74.69 55.52
CA ASN SD 5 -102.25 73.65 55.67
C ASN SD 5 -102.53 73.37 57.14
N THR SD 6 -102.52 74.43 57.95
CA THR SD 6 -102.71 74.42 59.40
C THR SD 6 -101.62 73.65 60.14
N GLN SD 7 -100.57 73.20 59.46
CA GLN SD 7 -99.45 72.55 60.10
C GLN SD 7 -98.31 73.54 60.25
N THR SD 8 -97.66 73.52 61.40
CA THR SD 8 -96.56 74.43 61.69
C THR SD 8 -95.27 73.80 61.18
N PHE SD 9 -94.53 74.52 60.36
CA PHE SD 9 -93.25 74.08 59.85
C PHE SD 9 -92.16 74.92 60.48
N ASP SD 10 -91.27 74.28 61.23
CA ASP SD 10 -90.13 74.93 61.84
C ASP SD 10 -88.88 74.58 61.07
N ILE SD 11 -87.89 75.47 61.12
CA ILE SD 11 -86.65 75.23 60.39
C ILE SD 11 -85.96 74.03 61.00
N TYR SD 12 -85.63 73.05 60.16
CA TYR SD 12 -84.90 71.88 60.59
C TYR SD 12 -83.43 71.93 60.21
N SER SD 13 -83.12 72.48 59.05
CA SER SD 13 -81.75 72.50 58.56
C SER SD 13 -81.54 73.76 57.76
N THR SD 14 -80.33 74.29 57.84
CA THR SD 14 -79.93 75.44 57.04
C THR SD 14 -78.63 75.12 56.36
N GLU SD 15 -78.62 75.21 55.04
CA GLU SD 15 -77.44 74.91 54.24
C GLU SD 15 -77.08 76.12 53.40
N LYS SD 16 -76.04 75.95 52.58
CA LYS SD 16 -75.60 77.02 51.69
C LYS SD 16 -76.70 77.41 50.70
N ASP SD 17 -77.26 76.42 50.01
CA ASP SD 17 -78.30 76.65 49.02
C ASP SD 17 -79.57 75.88 49.32
N VAL SD 18 -79.72 75.34 50.53
CA VAL SD 18 -80.90 74.59 50.92
C VAL SD 18 -81.37 75.05 52.29
N VAL SD 19 -82.67 75.20 52.45
CA VAL SD 19 -83.31 75.42 53.74
C VAL SD 19 -84.42 74.40 53.87
N SER SD 20 -84.46 73.69 54.99
CA SER SD 20 -85.39 72.59 55.20
C SER SD 20 -86.25 72.87 56.42
N LEU SD 21 -87.56 72.65 56.29
CA LEU SD 21 -88.50 72.82 57.38
C LEU SD 21 -89.20 71.50 57.68
N ARG SD 22 -89.36 71.21 58.96
CA ARG SD 22 -90.04 70.01 59.40
C ARG SD 22 -91.25 70.39 60.22
N ASP SD 23 -92.31 69.60 60.10
CA ASP SD 23 -93.52 69.84 60.90
C ASP SD 23 -93.23 69.69 62.39
N PHE SD 24 -92.50 68.63 62.77
CA PHE SD 24 -92.12 68.35 64.15
C PHE SD 24 -93.31 67.96 65.00
N ALA SD 25 -94.51 68.04 64.44
CA ALA SD 25 -95.72 67.59 65.10
C ALA SD 25 -96.14 66.22 64.61
N ASN SD 26 -96.35 66.06 63.30
CA ASN SD 26 -96.58 64.75 62.74
C ASN SD 26 -95.29 64.01 62.41
N ASP SD 27 -94.16 64.72 62.40
CA ASP SD 27 -92.84 64.15 62.16
C ASP SD 27 -92.78 63.34 60.86
N LYS SD 28 -93.54 63.78 59.85
CA LYS SD 28 -93.56 63.07 58.58
C LYS SD 28 -93.47 64.00 57.37
N ASP SD 29 -93.61 65.30 57.54
CA ASP SD 29 -93.59 66.25 56.43
C ASP SD 29 -92.32 67.09 56.49
N THR SD 30 -91.62 67.18 55.37
CA THR SD 30 -90.44 68.01 55.23
C THR SD 30 -90.60 68.92 54.02
N LEU SD 31 -90.40 70.22 54.23
CA LEU SD 31 -90.45 71.22 53.17
C LEU SD 31 -89.05 71.77 52.97
N ALA SD 32 -88.56 71.70 51.73
CA ALA SD 32 -87.21 72.12 51.40
C ALA SD 32 -87.24 73.23 50.36
N TYR SD 33 -86.42 74.25 50.57
CA TYR SD 33 -86.19 75.31 49.60
C TYR SD 33 -84.78 75.14 49.07
N LYS SD 34 -84.66 74.80 47.78
CA LYS SD 34 -83.37 74.55 47.16
C LYS SD 34 -83.06 75.64 46.14
N ARG SD 35 -81.77 75.99 46.07
CA ARG SD 35 -81.30 77.11 45.28
C ARG SD 35 -80.19 76.63 44.35
N LEU SD 36 -80.10 77.23 43.17
CA LEU SD 36 -79.04 76.90 42.23
C LEU SD 36 -78.86 78.08 41.28
N ALA SD 37 -77.73 78.77 41.40
CA ALA SD 37 -77.52 80.00 40.66
C ALA SD 37 -77.33 79.72 39.17
N PRO SD 38 -77.70 80.67 38.31
CA PRO SD 38 -77.45 80.49 36.87
C PRO SD 38 -75.96 80.53 36.57
N LYS SD 39 -75.54 79.61 35.70
CA LYS SD 39 -74.13 79.44 35.39
C LYS SD 39 -73.85 79.88 33.95
N ARG SD 40 -72.95 80.85 33.80
CA ARG SD 40 -72.62 81.46 32.52
C ARG SD 40 -71.56 80.62 31.83
N THR SD 41 -71.95 79.40 31.45
CA THR SD 41 -71.04 78.51 30.74
C THR SD 41 -70.77 78.97 29.32
N LYS SD 42 -71.51 79.97 28.85
CA LYS SD 42 -71.41 80.45 27.48
C LYS SD 42 -71.87 81.90 27.46
N ASP SD 43 -72.14 82.41 26.25
CA ASP SD 43 -72.68 83.75 26.08
C ASP SD 43 -73.92 83.95 26.94
N SER SD 44 -74.80 82.96 26.99
CA SER SD 44 -76.02 83.06 27.76
C SER SD 44 -75.69 83.18 29.25
N PRO SD 45 -76.43 83.96 30.03
CA PRO SD 45 -76.12 84.12 31.45
C PRO SD 45 -76.45 82.90 32.29
N GLY SD 46 -77.02 81.85 31.70
CA GLY SD 46 -77.35 80.64 32.43
C GLY SD 46 -78.78 80.61 32.92
N MET SD 47 -79.14 79.47 33.51
CA MET SD 47 -80.50 79.22 33.97
C MET SD 47 -80.51 79.17 35.49
N ALA SD 48 -81.32 80.04 36.09
CA ALA SD 48 -81.43 80.13 37.54
C ALA SD 48 -82.42 79.08 38.02
N LYS SD 49 -81.92 78.07 38.72
CA LYS SD 49 -82.73 76.93 39.12
C LYS SD 49 -83.25 77.12 40.54
N SER SD 50 -84.53 76.88 40.73
CA SER SD 50 -85.16 76.90 42.04
C SER SD 50 -85.85 75.57 42.28
N GLU SD 51 -86.24 75.36 43.54
CA GLU SD 51 -86.90 74.10 43.91
C GLU SD 51 -87.65 74.29 45.21
N LEU SD 52 -88.92 73.89 45.22
CA LEU SD 52 -89.74 73.87 46.42
C LEU SD 52 -90.45 72.52 46.46
N LYS SD 53 -90.10 71.68 47.41
CA LYS SD 53 -90.62 70.33 47.47
C LYS SD 53 -91.07 69.98 48.88
N ILE SD 54 -92.12 69.19 48.96
CA ILE SD 54 -92.67 68.67 50.21
C ILE SD 54 -92.58 67.15 50.17
N THR SD 55 -92.00 66.57 51.21
CA THR SD 55 -91.81 65.12 51.29
C THR SD 55 -92.54 64.57 52.50
N ARG SD 56 -93.32 63.53 52.28
CA ARG SD 56 -94.00 62.83 53.36
C ARG SD 56 -93.41 61.43 53.47
N VAL SD 57 -92.91 61.11 54.65
CA VAL SD 57 -92.33 59.80 54.94
C VAL SD 57 -93.00 59.26 56.18
N ASP SD 58 -93.48 58.02 56.10
CA ASP SD 58 -94.24 57.48 57.21
C ASP SD 58 -93.33 57.30 58.42
N PRO SD 59 -93.60 57.96 59.54
CA PRO SD 59 -92.62 58.01 60.63
C PRO SD 59 -92.72 56.86 61.63
N THR SD 60 -92.87 55.62 61.17
CA THR SD 60 -92.68 54.48 62.06
C THR SD 60 -91.74 53.46 61.42
N THR SD 61 -91.81 53.33 60.10
CA THR SD 61 -90.89 52.48 59.35
C THR SD 61 -90.08 53.25 58.32
N GLY SD 62 -90.42 54.50 58.03
CA GLY SD 62 -89.65 55.31 57.12
C GLY SD 62 -89.91 55.08 55.65
N VAL SD 63 -91.15 54.78 55.27
CA VAL SD 63 -91.50 54.57 53.87
C VAL SD 63 -91.98 55.89 53.27
N LEU SD 64 -91.41 56.26 52.13
CA LEU SD 64 -91.77 57.49 51.44
C LEU SD 64 -93.20 57.40 50.94
N ILE SD 65 -94.09 58.18 51.54
CA ILE SD 65 -95.48 58.21 51.09
C ILE SD 65 -95.60 58.91 49.74
N GLY SD 66 -94.98 60.07 49.60
CA GLY SD 66 -95.13 60.82 48.36
C GLY SD 66 -94.30 62.09 48.41
N ILE SD 67 -94.09 62.65 47.22
CA ILE SD 67 -93.36 63.90 47.03
C ILE SD 67 -94.09 64.75 46.01
N VAL SD 68 -94.29 66.03 46.34
CA VAL SD 68 -94.70 67.02 45.37
C VAL SD 68 -93.62 68.09 45.32
N ASN SD 69 -93.07 68.33 44.14
CA ASN SD 69 -91.94 69.23 43.94
C ASN SD 69 -92.32 70.30 42.93
N VAL SD 70 -91.95 71.55 43.22
CA VAL SD 70 -92.11 72.64 42.28
C VAL SD 70 -90.71 73.13 41.94
N SER SD 71 -90.28 72.86 40.71
CA SER SD 71 -88.96 73.26 40.24
C SER SD 71 -89.09 74.34 39.18
N SER SD 72 -88.19 75.30 39.22
CA SER SD 72 -88.14 76.36 38.22
C SER SD 72 -86.76 76.38 37.58
N SER SD 73 -86.74 76.58 36.27
CA SER SD 73 -85.49 76.73 35.52
C SER SD 73 -85.74 77.91 34.57
N ILE SD 74 -85.37 79.10 35.02
CA ILE SD 74 -85.64 80.33 34.31
C ILE SD 74 -84.31 80.97 33.91
N ARG SD 75 -84.27 81.50 32.69
CA ARG SD 75 -83.10 82.20 32.20
C ARG SD 75 -82.69 83.30 33.16
N ALA SD 76 -81.38 83.47 33.35
CA ALA SD 76 -80.89 84.51 34.23
C ALA SD 76 -81.30 85.89 33.75
N ASP SD 77 -81.46 86.07 32.44
CA ASP SD 77 -81.84 87.36 31.88
C ASP SD 77 -83.34 87.53 31.73
N ALA SD 78 -84.13 86.52 32.08
CA ALA SD 78 -85.57 86.61 31.86
C ALA SD 78 -86.18 87.73 32.69
N THR SD 79 -87.11 88.45 32.09
CA THR SD 79 -87.71 89.61 32.73
C THR SD 79 -88.60 89.18 33.88
N ALA SD 80 -88.81 90.11 34.81
CA ALA SD 80 -89.73 89.86 35.92
C ALA SD 80 -91.14 89.62 35.42
N ALA SD 81 -91.48 90.16 34.24
CA ALA SD 81 -92.78 89.88 33.64
C ALA SD 81 -92.90 88.41 33.25
N ASP SD 82 -91.86 87.88 32.59
CA ASP SD 82 -91.86 86.46 32.29
C ASP SD 82 -91.90 85.63 33.56
N LYS SD 83 -91.14 86.06 34.57
CA LYS SD 83 -91.04 85.30 35.81
C LYS SD 83 -92.33 85.37 36.61
N THR SD 84 -93.05 86.49 36.51
CA THR SD 84 -94.36 86.56 37.14
C THR SD 84 -95.39 85.76 36.36
N ALA SD 85 -95.34 85.83 35.03
CA ALA SD 85 -96.29 85.11 34.21
C ALA SD 85 -96.15 83.60 34.40
N LEU SD 86 -94.92 83.11 34.50
CA LEU SD 86 -94.70 81.68 34.68
C LEU SD 86 -95.30 81.20 35.99
N MET SD 87 -95.14 81.99 37.05
CA MET SD 87 -95.69 81.58 38.35
C MET SD 87 -97.20 81.75 38.38
N ALA SD 88 -97.72 82.74 37.65
CA ALA SD 88 -99.16 82.97 37.65
C ALA SD 88 -99.90 81.88 36.90
N ILE SD 89 -99.36 81.44 35.76
CA ILE SD 89 -100.00 80.40 34.98
C ILE SD 89 -100.00 79.08 35.74
N ILE SD 90 -98.84 78.71 36.30
CA ILE SD 90 -98.73 77.43 36.98
C ILE SD 90 -99.58 77.42 38.26
N THR SD 91 -99.67 78.54 38.96
CA THR SD 91 -100.50 78.59 40.15
C THR SD 91 -101.98 78.47 39.80
N ALA SD 92 -102.40 79.13 38.71
CA ALA SD 92 -103.78 79.01 38.25
C ALA SD 92 -104.10 77.59 37.79
N ALA SD 93 -103.16 76.95 37.09
CA ALA SD 93 -103.37 75.58 36.64
C ALA SD 93 -103.50 74.62 37.82
N GLN SD 94 -102.69 74.81 38.86
CA GLN SD 94 -102.81 74.00 40.06
C GLN SD 94 -104.14 74.24 40.76
N ALA SD 95 -104.60 75.49 40.81
CA ALA SD 95 -105.90 75.80 41.37
C ALA SD 95 -107.03 75.23 40.54
N ASP SD 96 -106.80 75.05 39.25
CA ASP SD 96 -107.77 74.39 38.39
C ASP SD 96 -107.87 72.91 38.76
N GLY SD 97 -109.05 72.33 38.51
CA GLY SD 97 -109.32 70.97 38.94
C GLY SD 97 -108.61 69.90 38.14
N ALA SD 98 -108.12 70.23 36.94
CA ALA SD 98 -107.43 69.23 36.14
C ALA SD 98 -106.18 68.71 36.84
N TRP SD 99 -105.50 69.58 37.59
CA TRP SD 99 -104.35 69.12 38.37
C TRP SD 99 -104.78 68.21 39.52
N THR SD 100 -105.87 68.56 40.19
CA THR SD 100 -106.37 67.73 41.28
C THR SD 100 -106.77 66.34 40.80
N GLU SD 101 -107.02 66.19 39.49
CA GLU SD 101 -107.35 64.90 38.91
C GLU SD 101 -106.14 64.18 38.36
N LEU SD 102 -105.15 64.92 37.84
CA LEU SD 102 -103.90 64.32 37.40
C LEU SD 102 -103.19 63.66 38.57
N VAL SD 103 -103.13 64.34 39.69
CA VAL SD 103 -102.81 63.71 40.96
C VAL SD 103 -104.08 63.06 41.50
N THR SD 104 -103.92 61.96 42.22
CA THR SD 104 -104.98 61.21 42.89
C THR SD 104 -105.84 60.39 41.94
N ASP SD 105 -105.72 60.61 40.63
CA ASP SD 105 -106.41 59.75 39.67
C ASP SD 105 -105.62 59.42 38.42
N GLN SD 106 -104.54 60.14 38.12
CA GLN SD 106 -103.82 60.01 36.86
C GLN SD 106 -104.76 60.23 35.67
N ARG SD 107 -105.62 61.24 35.80
CA ARG SD 107 -106.62 61.56 34.79
C ARG SD 107 -106.14 62.77 33.99
N LEU SD 108 -105.98 62.59 32.73
CA LEU SD 108 -105.54 63.64 31.83
C LEU SD 108 -106.69 64.53 31.40
N PRO SD 109 -106.42 65.78 31.07
CA PRO SD 109 -107.48 66.67 30.58
C PRO SD 109 -107.88 66.35 29.15
N LEU SD 110 -108.42 65.16 28.92
CA LEU SD 110 -108.95 64.78 27.62
C LEU SD 110 -110.29 64.06 27.70
N ALA SD 111 -110.78 63.73 28.89
CA ALA SD 111 -112.05 63.04 29.02
C ALA SD 111 -113.19 63.94 28.56
N THR SD 112 -114.20 63.34 27.92
CA THR SD 112 -115.33 64.08 27.38
C THR SD 112 -116.40 64.36 28.43
N VAL SD 113 -116.27 63.83 29.64
CA VAL SD 113 -117.22 64.01 30.73
C VAL SD 113 -118.61 63.48 30.35
N SER TD 1 -24.51 -126.92 32.38
CA SER TD 1 -24.26 -127.93 31.36
C SER TD 1 -25.55 -128.66 30.99
N LYS TD 2 -26.15 -129.33 31.96
CA LYS TD 2 -27.39 -130.09 31.76
C LYS TD 2 -28.28 -129.83 32.98
N VAL TD 3 -29.30 -130.67 33.16
CA VAL TD 3 -30.38 -130.44 34.11
C VAL TD 3 -29.85 -130.06 35.49
N PHE TD 4 -30.26 -128.88 35.96
CA PHE TD 4 -29.93 -128.36 37.28
C PHE TD 4 -31.21 -127.87 37.93
N ASN TD 5 -31.43 -128.26 39.18
CA ASN TD 5 -32.62 -127.85 39.92
C ASN TD 5 -33.88 -128.19 39.12
N THR TD 6 -33.91 -129.40 38.58
CA THR TD 6 -34.99 -129.96 37.79
C THR TD 6 -35.29 -129.15 36.53
N GLN TD 7 -34.38 -128.32 36.07
CA GLN TD 7 -34.53 -127.58 34.82
C GLN TD 7 -33.43 -127.97 33.85
N THR TD 8 -33.80 -128.14 32.58
CA THR TD 8 -32.86 -128.59 31.56
C THR TD 8 -32.27 -127.39 30.85
N PHE TD 9 -30.96 -127.23 30.95
CA PHE TD 9 -30.26 -126.11 30.34
C PHE TD 9 -29.55 -126.62 29.09
N ASP TD 10 -29.93 -126.08 27.94
CA ASP TD 10 -29.34 -126.41 26.66
C ASP TD 10 -28.56 -125.21 26.14
N ILE TD 11 -27.55 -125.50 25.32
CA ILE TD 11 -26.68 -124.44 24.83
C ILE TD 11 -27.48 -123.51 23.92
N TYR TD 12 -27.40 -122.22 24.19
CA TYR TD 12 -27.97 -121.21 23.32
C TYR TD 12 -26.92 -120.51 22.49
N SER TD 13 -25.73 -120.29 23.02
CA SER TD 13 -24.72 -119.51 22.34
C SER TD 13 -23.35 -119.97 22.80
N THR TD 14 -22.37 -119.80 21.91
CA THR TD 14 -20.99 -120.14 22.22
C THR TD 14 -20.08 -119.08 21.64
N GLU TD 15 -19.29 -118.46 22.48
CA GLU TD 15 -18.30 -117.48 22.08
C GLU TD 15 -16.91 -118.08 22.19
N LYS TD 16 -15.90 -117.24 21.97
CA LYS TD 16 -14.53 -117.68 22.19
C LYS TD 16 -14.30 -118.05 23.65
N ASP TD 17 -14.89 -117.28 24.57
CA ASP TD 17 -14.66 -117.49 25.99
C ASP TD 17 -15.94 -117.53 26.82
N VAL TD 18 -17.11 -117.52 26.20
CA VAL TD 18 -18.37 -117.63 26.90
C VAL TD 18 -19.21 -118.74 26.27
N VAL TD 19 -19.82 -119.55 27.12
CA VAL TD 19 -20.86 -120.48 26.71
C VAL TD 19 -22.13 -120.10 27.46
N SER TD 20 -23.23 -119.96 26.75
CA SER TD 20 -24.51 -119.59 27.34
C SER TD 20 -25.50 -120.74 27.20
N LEU TD 21 -26.22 -121.02 28.27
CA LEU TD 21 -27.23 -122.06 28.29
C LEU TD 21 -28.54 -121.48 28.78
N ARG TD 22 -29.64 -121.91 28.18
CA ARG TD 22 -30.97 -121.47 28.56
C ARG TD 22 -31.84 -122.68 28.88
N ASP TD 23 -32.90 -122.43 29.64
CA ASP TD 23 -33.86 -123.49 29.95
C ASP TD 23 -34.70 -123.85 28.73
N PHE TD 24 -35.20 -122.85 28.02
CA PHE TD 24 -36.04 -123.01 26.84
C PHE TD 24 -37.40 -123.58 27.23
N ALA TD 25 -37.58 -123.91 28.50
CA ALA TD 25 -38.84 -124.39 29.03
C ALA TD 25 -39.61 -123.30 29.76
N ASN TD 26 -38.99 -122.67 30.76
CA ASN TD 26 -39.58 -121.49 31.36
C ASN TD 26 -39.11 -120.20 30.71
N ASP TD 27 -38.08 -120.28 29.86
CA ASP TD 27 -37.60 -119.14 29.08
C ASP TD 27 -37.27 -117.94 29.96
N LYS TD 28 -36.74 -118.20 31.15
CA LYS TD 28 -36.42 -117.13 32.08
C LYS TD 28 -35.02 -117.22 32.67
N ASP TD 29 -34.35 -118.36 32.57
CA ASP TD 29 -33.04 -118.55 33.17
C ASP TD 29 -31.99 -118.72 32.09
N THR TD 30 -30.85 -118.07 32.28
CA THR TD 30 -29.68 -118.26 31.43
C THR TD 30 -28.48 -118.52 32.32
N LEU TD 31 -27.77 -119.61 32.04
CA LEU TD 31 -26.56 -119.97 32.76
C LEU TD 31 -25.37 -119.72 31.84
N ALA TD 32 -24.38 -118.99 32.34
CA ALA TD 32 -23.22 -118.59 31.54
C ALA TD 32 -21.93 -119.09 32.19
N TYR TD 33 -21.07 -119.68 31.38
CA TYR TD 33 -19.73 -120.09 31.79
C TYR TD 33 -18.75 -119.21 31.02
N LYS TD 34 -17.87 -118.53 31.74
CA LYS TD 34 -17.03 -117.50 31.16
C LYS TD 34 -15.59 -117.75 31.54
N ARG TD 35 -14.68 -117.38 30.65
CA ARG TD 35 -13.30 -117.85 30.70
C ARG TD 35 -12.32 -116.72 30.38
N LEU TD 36 -11.44 -116.42 31.33
CA LEU TD 36 -10.32 -115.51 31.08
C LEU TD 36 -9.02 -116.18 31.50
N ALA TD 37 -8.19 -116.53 30.53
CA ALA TD 37 -6.90 -117.13 30.81
C ALA TD 37 -5.96 -116.14 31.50
N PRO TD 38 -5.02 -116.62 32.31
CA PRO TD 38 -4.08 -115.71 32.96
C PRO TD 38 -3.15 -115.05 31.97
N LYS TD 39 -2.77 -113.82 32.27
CA LYS TD 39 -1.86 -113.06 31.41
C LYS TD 39 -0.62 -112.67 32.20
N ARG TD 40 0.54 -113.08 31.68
CA ARG TD 40 1.82 -112.86 32.36
C ARG TD 40 2.25 -111.43 32.08
N THR TD 41 1.76 -110.52 32.92
CA THR TD 41 2.09 -109.11 32.77
C THR TD 41 3.27 -108.69 33.63
N LYS TD 42 3.80 -109.60 34.44
CA LYS TD 42 4.95 -109.31 35.28
C LYS TD 42 5.62 -110.63 35.63
N ASP TD 43 6.45 -110.62 36.66
CA ASP TD 43 7.03 -111.85 37.18
C ASP TD 43 5.91 -112.81 37.61
N SER TD 44 4.75 -112.27 37.96
CA SER TD 44 3.59 -113.11 38.22
C SER TD 44 3.07 -113.68 36.90
N PRO TD 45 2.63 -114.94 36.88
CA PRO TD 45 2.08 -115.53 35.65
C PRO TD 45 0.64 -115.10 35.37
N GLY TD 46 0.07 -114.21 36.17
CA GLY TD 46 -1.30 -113.78 35.97
C GLY TD 46 -2.31 -114.63 36.73
N MET TD 47 -3.54 -114.14 36.75
CA MET TD 47 -4.64 -114.81 37.43
C MET TD 47 -5.64 -115.32 36.41
N ALA TD 48 -6.01 -116.59 36.51
CA ALA TD 48 -7.00 -117.19 35.64
C ALA TD 48 -8.39 -116.88 36.18
N LYS TD 49 -9.20 -116.21 35.37
CA LYS TD 49 -10.54 -115.82 35.79
C LYS TD 49 -11.55 -116.86 35.32
N SER TD 50 -12.51 -117.15 36.18
CA SER TD 50 -13.69 -117.92 35.81
C SER TD 50 -14.91 -117.15 36.28
N GLU TD 51 -16.06 -117.49 35.69
CA GLU TD 51 -17.29 -116.81 36.04
C GLU TD 51 -18.45 -117.71 35.66
N LEU TD 52 -19.33 -117.98 36.61
CA LEU TD 52 -20.48 -118.84 36.41
C LEU TD 52 -21.70 -118.13 36.97
N LYS TD 53 -22.53 -117.58 36.09
CA LYS TD 53 -23.66 -116.76 36.51
C LYS TD 53 -24.97 -117.40 36.09
N ILE TD 54 -25.96 -117.30 36.97
CA ILE TD 54 -27.35 -117.63 36.66
C ILE TD 54 -28.16 -116.34 36.73
N THR TD 55 -28.83 -116.01 35.65
CA THR TD 55 -29.65 -114.82 35.54
C THR TD 55 -31.10 -115.21 35.30
N ARG TD 56 -32.01 -114.62 36.06
CA ARG TD 56 -33.43 -114.86 35.91
C ARG TD 56 -34.12 -113.56 35.48
N VAL TD 57 -34.76 -113.60 34.32
CA VAL TD 57 -35.53 -112.48 33.79
C VAL TD 57 -36.94 -112.97 33.52
N ASP TD 58 -37.93 -112.23 34.01
CA ASP TD 58 -39.29 -112.69 33.74
C ASP TD 58 -39.61 -112.52 32.26
N PRO TD 59 -40.17 -113.51 31.60
CA PRO TD 59 -40.39 -113.41 30.15
C PRO TD 59 -41.72 -112.79 29.76
N THR TD 60 -42.10 -111.69 30.40
CA THR TD 60 -43.28 -110.96 29.97
C THR TD 60 -42.92 -109.52 29.64
N THR TD 61 -42.15 -108.88 30.52
CA THR TD 61 -41.66 -107.53 30.30
C THR TD 61 -40.14 -107.45 30.26
N GLY TD 62 -39.45 -108.55 30.53
CA GLY TD 62 -38.00 -108.55 30.51
C GLY TD 62 -37.33 -107.86 31.67
N VAL TD 63 -37.93 -107.89 32.86
CA VAL TD 63 -37.34 -107.29 34.04
C VAL TD 63 -36.41 -108.31 34.69
N LEU TD 64 -35.22 -107.85 35.08
CA LEU TD 64 -34.24 -108.72 35.72
C LEU TD 64 -34.68 -109.03 37.15
N ILE TD 65 -35.01 -110.28 37.41
CA ILE TD 65 -35.39 -110.66 38.76
C ILE TD 65 -34.18 -110.75 39.68
N GLY TD 66 -33.12 -111.39 39.24
CA GLY TD 66 -31.92 -111.46 40.05
C GLY TD 66 -30.85 -112.30 39.40
N ILE TD 67 -29.62 -112.06 39.82
CA ILE TD 67 -28.45 -112.78 39.34
C ILE TD 67 -27.68 -113.34 40.53
N VAL TD 68 -27.23 -114.58 40.41
CA VAL TD 68 -26.26 -115.16 41.33
C VAL TD 68 -25.03 -115.53 40.51
N ASN TD 69 -23.87 -115.03 40.93
CA ASN TD 69 -22.62 -115.21 40.18
C ASN TD 69 -21.58 -115.88 41.06
N VAL TD 70 -20.84 -116.82 40.47
CA VAL TD 70 -19.72 -117.46 41.12
C VAL TD 70 -18.49 -117.18 40.27
N SER TD 71 -17.64 -116.27 40.74
CA SER TD 71 -16.42 -115.90 40.02
C SER TD 71 -15.20 -116.32 40.82
N SER TD 72 -14.21 -116.86 40.12
CA SER TD 72 -12.95 -117.26 40.72
C SER TD 72 -11.82 -116.49 40.05
N SER TD 73 -10.82 -116.13 40.84
CA SER TD 73 -9.61 -115.45 40.38
C SER TD 73 -8.44 -116.12 41.07
N ILE TD 74 -7.80 -117.06 40.39
CA ILE TD 74 -6.77 -117.90 40.98
C ILE TD 74 -5.47 -117.74 40.22
N ARG TD 75 -4.38 -117.66 40.96
CA ARG TD 75 -3.05 -117.52 40.38
C ARG TD 75 -2.75 -118.65 39.41
N ALA TD 76 -2.09 -118.30 38.30
CA ALA TD 76 -1.76 -119.31 37.30
C ALA TD 76 -0.87 -120.40 37.86
N ASP TD 77 0.08 -120.05 38.71
CA ASP TD 77 0.98 -121.01 39.31
C ASP TD 77 0.37 -121.75 40.50
N ALA TD 78 -0.83 -121.37 40.92
CA ALA TD 78 -1.41 -121.92 42.13
C ALA TD 78 -1.61 -123.43 41.99
N THR TD 79 -1.41 -124.12 43.12
CA THR TD 79 -1.48 -125.58 43.13
C THR TD 79 -2.93 -126.05 43.01
N ALA TD 80 -3.09 -127.33 42.67
CA ALA TD 80 -4.41 -127.93 42.65
C ALA TD 80 -5.01 -128.00 44.05
N ALA TD 81 -4.16 -128.20 45.06
CA ALA TD 81 -4.64 -128.19 46.44
C ALA TD 81 -5.21 -126.82 46.81
N ASP TD 82 -4.54 -125.75 46.38
CA ASP TD 82 -5.09 -124.41 46.59
C ASP TD 82 -6.42 -124.27 45.89
N LYS TD 83 -6.53 -124.80 44.67
CA LYS TD 83 -7.76 -124.65 43.90
C LYS TD 83 -8.86 -125.54 44.46
N THR TD 84 -8.51 -126.71 44.97
CA THR TD 84 -9.50 -127.58 45.58
C THR TD 84 -9.99 -127.02 46.91
N ALA TD 85 -9.07 -126.49 47.72
CA ALA TD 85 -9.45 -125.94 49.01
C ALA TD 85 -10.38 -124.74 48.85
N LEU TD 86 -10.08 -123.86 47.89
CA LEU TD 86 -10.93 -122.70 47.65
C LEU TD 86 -12.34 -123.14 47.25
N MET TD 87 -12.44 -124.15 46.39
CA MET TD 87 -13.75 -124.60 45.95
C MET TD 87 -14.47 -125.35 47.06
N ALA TD 88 -13.74 -126.13 47.87
CA ALA TD 88 -14.34 -126.84 48.99
C ALA TD 88 -14.86 -125.88 50.06
N ILE TD 89 -14.09 -124.83 50.35
CA ILE TD 89 -14.50 -123.89 51.41
C ILE TD 89 -15.74 -123.12 50.98
N ILE TD 90 -15.74 -122.59 49.76
CA ILE TD 90 -16.86 -121.78 49.31
C ILE TD 90 -18.12 -122.61 49.16
N THR TD 91 -17.98 -123.89 48.82
CA THR TD 91 -19.14 -124.76 48.71
C THR TD 91 -19.71 -125.09 50.08
N ALA TD 92 -18.84 -125.31 51.07
CA ALA TD 92 -19.31 -125.57 52.43
C ALA TD 92 -20.03 -124.37 53.01
N ALA TD 93 -19.51 -123.17 52.74
CA ALA TD 93 -20.14 -121.95 53.24
C ALA TD 93 -21.49 -121.71 52.58
N GLN TD 94 -21.61 -122.07 51.30
CA GLN TD 94 -22.89 -121.94 50.61
C GLN TD 94 -23.92 -122.92 51.16
N ALA TD 95 -23.48 -124.13 51.49
CA ALA TD 95 -24.37 -125.12 52.09
C ALA TD 95 -24.79 -124.72 53.48
N ASP TD 96 -24.01 -123.91 54.18
CA ASP TD 96 -24.38 -123.40 55.49
C ASP TD 96 -25.55 -122.44 55.37
N GLY TD 97 -26.34 -122.35 56.44
CA GLY TD 97 -27.51 -121.49 56.43
C GLY TD 97 -27.19 -120.02 56.51
N ALA TD 98 -25.96 -119.66 56.88
CA ALA TD 98 -25.58 -118.26 56.94
C ALA TD 98 -25.67 -117.62 55.56
N TRP TD 99 -25.19 -118.32 54.53
CA TRP TD 99 -25.31 -117.80 53.17
C TRP TD 99 -26.77 -117.70 52.74
N THR TD 100 -27.57 -118.72 53.10
CA THR TD 100 -28.99 -118.68 52.74
C THR TD 100 -29.70 -117.53 53.43
N GLU TD 101 -29.13 -117.03 54.52
CA GLU TD 101 -29.67 -115.86 55.21
C GLU TD 101 -29.07 -114.56 54.70
N LEU TD 102 -27.80 -114.57 54.31
CA LEU TD 102 -27.21 -113.41 53.66
C LEU TD 102 -27.98 -113.05 52.40
N VAL TD 103 -28.35 -114.06 51.63
CA VAL TD 103 -29.32 -113.88 50.56
C VAL TD 103 -30.71 -114.03 51.17
N THR TD 104 -31.69 -113.39 50.54
CA THR TD 104 -33.11 -113.38 50.91
C THR TD 104 -33.42 -112.54 52.14
N ASP TD 105 -32.41 -112.22 52.95
CA ASP TD 105 -32.62 -111.50 54.20
C ASP TD 105 -31.64 -110.37 54.44
N GLN TD 106 -30.49 -110.36 53.77
CA GLN TD 106 -29.41 -109.41 54.04
C GLN TD 106 -29.00 -109.48 55.51
N ARG TD 107 -28.79 -110.70 55.98
CA ARG TD 107 -28.46 -110.97 57.37
C ARG TD 107 -27.01 -111.44 57.46
N LEU TD 108 -26.21 -110.74 58.26
CA LEU TD 108 -24.84 -111.15 58.50
C LEU TD 108 -24.79 -112.27 59.54
N PRO TD 109 -23.74 -113.10 59.52
CA PRO TD 109 -23.70 -114.24 60.43
C PRO TD 109 -23.24 -113.87 61.83
N LEU TD 110 -23.77 -112.78 62.36
CA LEU TD 110 -23.38 -112.30 63.68
C LEU TD 110 -24.49 -112.31 64.71
N ALA TD 111 -25.69 -112.74 64.34
CA ALA TD 111 -26.77 -112.89 65.31
C ALA TD 111 -26.36 -113.89 66.39
N THR TD 112 -26.80 -113.63 67.62
CA THR TD 112 -26.52 -114.52 68.73
C THR TD 112 -27.56 -115.63 68.89
N VAL TD 113 -28.60 -115.63 68.06
CA VAL TD 113 -29.65 -116.66 68.04
C VAL TD 113 -30.44 -116.71 69.35
N SER UD 1 -19.59 -118.90 58.70
CA SER UD 1 -19.84 -118.84 60.14
C SER UD 1 -18.82 -119.68 60.92
N LYS UD 2 -18.93 -120.99 60.82
CA LYS UD 2 -18.11 -121.89 61.62
C LYS UD 2 -17.43 -122.88 60.68
N VAL UD 3 -16.94 -123.99 61.25
CA VAL UD 3 -16.05 -124.92 60.58
C VAL UD 3 -16.53 -125.28 59.18
N PHE UD 4 -15.69 -124.99 58.19
CA PHE UD 4 -15.95 -125.30 56.79
C PHE UD 4 -14.73 -126.02 56.23
N ASN UD 5 -14.97 -127.09 55.47
CA ASN UD 5 -13.89 -127.88 54.88
C ASN UD 5 -12.89 -128.33 55.95
N THR UD 6 -13.43 -128.77 57.09
CA THR UD 6 -12.69 -129.19 58.28
C THR UD 6 -11.87 -128.08 58.92
N GLN UD 7 -11.97 -126.84 58.43
CA GLN UD 7 -11.21 -125.73 58.96
C GLN UD 7 -12.12 -124.81 59.76
N THR UD 8 -11.68 -124.44 60.96
CA THR UD 8 -12.43 -123.56 61.83
C THR UD 8 -12.14 -122.12 61.45
N PHE UD 9 -13.18 -121.37 61.09
CA PHE UD 9 -13.08 -119.97 60.74
C PHE UD 9 -13.60 -119.14 61.90
N ASP UD 10 -12.70 -118.49 62.62
CA ASP UD 10 -13.06 -117.64 63.73
C ASP UD 10 -13.09 -116.18 63.28
N ILE UD 11 -13.89 -115.37 63.97
CA ILE UD 11 -14.14 -114.00 63.51
C ILE UD 11 -12.84 -113.21 63.51
N TYR UD 12 -12.60 -112.50 62.41
CA TYR UD 12 -11.41 -111.69 62.24
C TYR UD 12 -11.66 -110.20 62.32
N SER UD 13 -12.78 -109.73 61.78
CA SER UD 13 -13.16 -108.33 61.88
C SER UD 13 -14.64 -108.22 61.60
N THR UD 14 -15.23 -107.12 62.04
CA THR UD 14 -16.64 -106.86 61.80
C THR UD 14 -16.81 -105.42 61.36
N GLU UD 15 -17.45 -105.24 60.22
CA GLU UD 15 -17.80 -103.95 59.67
C GLU UD 15 -19.32 -103.84 59.63
N LYS UD 16 -19.82 -102.63 59.36
CA LYS UD 16 -21.26 -102.40 59.26
C LYS UD 16 -21.92 -103.38 58.29
N ASP UD 17 -21.22 -103.73 57.21
CA ASP UD 17 -21.81 -104.59 56.18
C ASP UD 17 -20.92 -105.76 55.82
N VAL UD 18 -19.78 -105.93 56.47
CA VAL UD 18 -18.87 -107.04 56.20
C VAL UD 18 -18.53 -107.74 57.50
N VAL UD 19 -18.51 -109.06 57.46
CA VAL UD 19 -17.98 -109.88 58.55
C VAL UD 19 -16.95 -110.82 57.97
N SER UD 20 -15.74 -110.77 58.51
CA SER UD 20 -14.63 -111.58 58.05
C SER UD 20 -14.30 -112.64 59.08
N LEU UD 21 -14.04 -113.85 58.61
CA LEU UD 21 -13.60 -114.94 59.45
C LEU UD 21 -12.24 -115.41 58.98
N ARG UD 22 -11.41 -115.83 59.92
CA ARG UD 22 -10.08 -116.34 59.60
C ARG UD 22 -9.93 -117.73 60.18
N ASP UD 23 -9.12 -118.55 59.51
CA ASP UD 23 -8.79 -119.86 60.05
C ASP UD 23 -7.98 -119.74 61.33
N PHE UD 24 -6.92 -118.93 61.31
CA PHE UD 24 -6.01 -118.71 62.43
C PHE UD 24 -5.16 -119.94 62.73
N ALA UD 25 -5.45 -121.05 62.05
CA ALA UD 25 -4.62 -122.24 62.12
C ALA UD 25 -3.55 -122.25 61.03
N ASN UD 26 -3.98 -122.18 59.77
CA ASN UD 26 -3.05 -122.01 58.67
C ASN UD 26 -2.82 -120.55 58.33
N ASP UD 27 -3.57 -119.63 58.95
CA ASP UD 27 -3.35 -118.19 58.85
C ASP UD 27 -3.39 -117.71 57.40
N LYS UD 28 -4.13 -118.40 56.55
CA LYS UD 28 -4.08 -118.11 55.12
C LYS UD 28 -5.43 -117.90 54.47
N ASP UD 29 -6.53 -118.32 55.10
CA ASP UD 29 -7.85 -118.27 54.50
C ASP UD 29 -8.73 -117.27 55.26
N THR UD 30 -9.36 -116.36 54.53
CA THR UD 30 -10.29 -115.41 55.11
C THR UD 30 -11.62 -115.51 54.39
N LEU UD 31 -12.69 -115.68 55.16
CA LEU UD 31 -14.05 -115.80 54.64
C LEU UD 31 -14.81 -114.53 54.99
N ALA UD 32 -15.34 -113.86 53.97
CA ALA UD 32 -16.04 -112.59 54.15
C ALA UD 32 -17.51 -112.74 53.77
N TYR UD 33 -18.37 -112.11 54.55
CA TYR UD 33 -19.81 -112.02 54.27
C TYR UD 33 -20.13 -110.54 54.11
N LYS UD 34 -20.59 -110.15 52.93
CA LYS UD 34 -20.80 -108.76 52.60
C LYS UD 34 -22.26 -108.50 52.27
N ARG UD 35 -22.75 -107.33 52.69
CA ARG UD 35 -24.18 -107.00 52.63
C ARG UD 35 -24.36 -105.62 52.03
N LEU UD 36 -25.16 -105.54 50.97
CA LEU UD 36 -25.56 -104.25 50.41
C LEU UD 36 -27.08 -104.27 50.21
N ALA UD 37 -27.79 -103.64 51.14
CA ALA UD 37 -29.24 -103.62 51.09
C ALA UD 37 -29.73 -102.83 49.87
N PRO UD 38 -30.92 -103.14 49.37
CA PRO UD 38 -31.44 -102.41 48.20
C PRO UD 38 -31.71 -100.95 48.51
N LYS UD 39 -31.51 -100.10 47.51
CA LYS UD 39 -31.81 -98.68 47.61
C LYS UD 39 -32.90 -98.35 46.61
N ARG UD 40 -33.96 -97.68 47.07
CA ARG UD 40 -35.13 -97.37 46.25
C ARG UD 40 -34.90 -96.04 45.53
N THR UD 41 -34.00 -96.07 44.55
CA THR UD 41 -33.65 -94.87 43.81
C THR UD 41 -34.72 -94.47 42.81
N LYS UD 42 -35.64 -95.37 42.49
CA LYS UD 42 -36.72 -95.10 41.57
C LYS UD 42 -37.94 -95.90 42.02
N ASP UD 43 -38.89 -96.07 41.11
CA ASP UD 43 -40.06 -96.90 41.38
C ASP UD 43 -39.64 -98.32 41.74
N SER UD 44 -38.49 -98.75 41.22
CA SER UD 44 -37.93 -100.03 41.61
C SER UD 44 -37.59 -100.01 43.09
N PRO UD 45 -37.78 -101.12 43.81
CA PRO UD 45 -37.33 -101.18 45.20
C PRO UD 45 -35.84 -101.39 45.35
N GLY UD 46 -35.08 -101.35 44.26
CA GLY UD 46 -33.66 -101.56 44.30
C GLY UD 46 -33.28 -103.03 44.24
N MET UD 47 -31.98 -103.28 44.19
CA MET UD 47 -31.44 -104.63 44.19
C MET UD 47 -30.72 -104.88 45.50
N ALA UD 48 -31.07 -105.98 46.16
CA ALA UD 48 -30.38 -106.43 47.36
C ALA UD 48 -29.13 -107.18 46.94
N LYS UD 49 -27.96 -106.64 47.27
CA LYS UD 49 -26.70 -107.27 46.93
C LYS UD 49 -26.18 -108.06 48.12
N SER UD 50 -25.58 -109.21 47.83
CA SER UD 50 -24.83 -109.96 48.82
C SER UD 50 -23.54 -110.45 48.20
N GLU UD 51 -22.57 -110.76 49.05
CA GLU UD 51 -21.28 -111.26 48.57
C GLU UD 51 -20.69 -112.21 49.60
N LEU UD 52 -20.31 -113.40 49.17
CA LEU UD 52 -19.66 -114.38 50.01
C LEU UD 52 -18.37 -114.80 49.31
N LYS UD 53 -17.23 -114.34 49.82
CA LYS UD 53 -15.97 -114.59 49.15
C LYS UD 53 -14.97 -115.25 50.08
N ILE UD 54 -14.14 -116.11 49.51
CA ILE UD 54 -13.07 -116.77 50.22
C ILE UD 54 -11.76 -116.34 49.58
N THR UD 55 -10.80 -115.97 50.42
CA THR UD 55 -9.51 -115.49 49.96
C THR UD 55 -8.41 -116.33 50.58
N ARG UD 56 -7.49 -116.79 49.76
CA ARG UD 56 -6.32 -117.51 50.22
C ARG UD 56 -5.08 -116.70 49.85
N VAL UD 57 -4.30 -116.32 50.85
CA VAL UD 57 -3.02 -115.66 50.66
C VAL UD 57 -1.98 -116.48 51.39
N ASP UD 58 -0.78 -116.56 50.82
CA ASP UD 58 0.25 -117.32 51.49
C ASP UD 58 0.83 -116.41 52.57
N PRO UD 59 0.73 -116.75 53.85
CA PRO UD 59 1.03 -115.77 54.89
C PRO UD 59 2.50 -115.70 55.28
N THR UD 60 3.41 -115.73 54.31
CA THR UD 60 4.78 -115.37 54.59
C THR UD 60 5.20 -114.23 53.67
N THR UD 61 4.90 -114.37 52.38
CA THR UD 61 5.17 -113.31 51.42
C THR UD 61 3.92 -112.53 51.05
N GLY UD 62 2.75 -112.93 51.53
CA GLY UD 62 1.54 -112.20 51.24
C GLY UD 62 1.13 -112.20 49.79
N VAL UD 63 1.31 -113.31 49.09
CA VAL UD 63 0.92 -113.42 47.69
C VAL UD 63 -0.50 -113.96 47.62
N LEU UD 64 -1.33 -113.29 46.83
CA LEU UD 64 -2.67 -113.79 46.58
C LEU UD 64 -2.58 -115.10 45.83
N ILE UD 65 -3.14 -116.16 46.39
CA ILE UD 65 -3.16 -117.43 45.69
C ILE UD 65 -4.44 -117.55 44.87
N GLY UD 66 -5.58 -117.16 45.44
CA GLY UD 66 -6.81 -117.18 44.69
C GLY UD 66 -7.97 -116.66 45.51
N ILE UD 67 -9.00 -116.22 44.79
CA ILE UD 67 -10.26 -115.76 45.37
C ILE UD 67 -11.39 -116.47 44.63
N VAL UD 68 -12.35 -116.98 45.38
CA VAL UD 68 -13.61 -117.46 44.83
C VAL UD 68 -14.72 -116.67 45.49
N ASN UD 69 -15.58 -116.07 44.68
CA ASN UD 69 -16.57 -115.12 45.15
C ASN UD 69 -17.96 -115.58 44.72
N VAL UD 70 -18.91 -115.55 45.66
CA VAL UD 70 -20.31 -115.83 45.37
C VAL UD 70 -21.10 -114.56 45.62
N SER UD 71 -21.54 -113.91 44.55
CA SER UD 71 -22.23 -112.65 44.63
C SER UD 71 -23.68 -112.81 44.18
N SER UD 72 -24.57 -112.08 44.83
CA SER UD 72 -25.98 -112.11 44.50
C SER UD 72 -26.49 -110.69 44.30
N SER UD 73 -27.32 -110.50 43.28
CA SER UD 73 -27.99 -109.23 43.03
C SER UD 73 -29.44 -109.57 42.68
N ILE UD 74 -30.29 -109.59 43.69
CA ILE UD 74 -31.68 -110.00 43.54
C ILE UD 74 -32.57 -108.81 43.83
N ARG UD 75 -33.61 -108.63 43.02
CA ARG UD 75 -34.55 -107.54 43.21
C ARG UD 75 -35.14 -107.59 44.60
N ALA UD 76 -35.31 -106.41 45.22
CA ALA UD 76 -35.81 -106.36 46.58
C ALA UD 76 -37.20 -106.98 46.67
N ASP UD 77 -38.04 -106.76 45.68
CA ASP UD 77 -39.38 -107.34 45.65
C ASP UD 77 -39.40 -108.78 45.16
N ALA UD 78 -38.28 -109.28 44.65
CA ALA UD 78 -38.27 -110.61 44.04
C ALA UD 78 -38.65 -111.67 45.06
N THR UD 79 -39.56 -112.54 44.65
CA THR UD 79 -40.11 -113.53 45.56
C THR UD 79 -39.05 -114.53 45.98
N ALA UD 80 -39.29 -115.18 47.12
CA ALA UD 80 -38.39 -116.23 47.56
C ALA UD 80 -38.39 -117.41 46.59
N ALA UD 81 -39.47 -117.55 45.80
CA ALA UD 81 -39.49 -118.58 44.77
C ALA UD 81 -38.39 -118.35 43.74
N ASP UD 82 -38.35 -117.15 43.17
CA ASP UD 82 -37.24 -116.82 42.27
C ASP UD 82 -35.92 -116.85 43.02
N LYS UD 83 -35.95 -116.44 44.29
CA LYS UD 83 -34.71 -116.31 45.05
C LYS UD 83 -34.15 -117.67 45.42
N THR UD 84 -35.01 -118.64 45.72
CA THR UD 84 -34.54 -119.98 46.03
C THR UD 84 -34.14 -120.74 44.77
N ALA UD 85 -34.83 -120.49 43.66
CA ALA UD 85 -34.46 -121.12 42.40
C ALA UD 85 -33.08 -120.67 41.94
N LEU UD 86 -32.77 -119.39 42.17
CA LEU UD 86 -31.45 -118.87 41.82
C LEU UD 86 -30.36 -119.56 42.64
N MET UD 87 -30.63 -119.83 43.91
CA MET UD 87 -29.65 -120.53 44.74
C MET UD 87 -29.56 -122.00 44.35
N ALA UD 88 -30.70 -122.62 44.05
CA ALA UD 88 -30.71 -124.04 43.72
C ALA UD 88 -29.99 -124.32 42.42
N ILE UD 89 -30.17 -123.45 41.42
CA ILE UD 89 -29.50 -123.66 40.14
C ILE UD 89 -28.00 -123.49 40.28
N ILE UD 90 -27.56 -122.41 40.92
CA ILE UD 90 -26.13 -122.12 40.98
C ILE UD 90 -25.40 -123.16 41.82
N THR UD 91 -26.04 -123.66 42.87
CA THR UD 91 -25.46 -124.73 43.66
C THR UD 91 -25.41 -126.03 42.87
N ALA UD 92 -26.47 -126.33 42.11
CA ALA UD 92 -26.46 -127.51 41.27
C ALA UD 92 -25.40 -127.41 40.19
N ALA UD 93 -25.24 -126.22 39.61
CA ALA UD 93 -24.21 -126.01 38.60
C ALA UD 93 -22.81 -126.16 39.19
N GLN UD 94 -22.61 -125.66 40.41
CA GLN UD 94 -21.31 -125.78 41.05
C GLN UD 94 -20.97 -127.22 41.37
N ALA UD 95 -21.93 -127.99 41.87
CA ALA UD 95 -21.70 -129.40 42.13
C ALA UD 95 -21.37 -130.17 40.87
N ASP UD 96 -21.84 -129.69 39.72
CA ASP UD 96 -21.57 -130.33 38.44
C ASP UD 96 -20.10 -130.13 38.06
N GLY UD 97 -19.56 -131.09 37.31
CA GLY UD 97 -18.14 -131.10 37.01
C GLY UD 97 -17.68 -129.99 36.08
N ALA UD 98 -18.60 -129.37 35.33
CA ALA UD 98 -18.21 -128.30 34.43
C ALA UD 98 -17.62 -127.12 35.20
N TRP UD 99 -18.20 -126.78 36.35
CA TRP UD 99 -17.63 -125.71 37.17
C TRP UD 99 -16.26 -126.11 37.71
N THR UD 100 -16.08 -127.39 38.06
CA THR UD 100 -14.79 -127.86 38.52
C THR UD 100 -13.72 -127.68 37.45
N GLU UD 101 -14.05 -127.94 36.19
CA GLU UD 101 -13.10 -127.78 35.10
C GLU UD 101 -13.00 -126.35 34.59
N LEU UD 102 -14.03 -125.53 34.76
CA LEU UD 102 -13.90 -124.12 34.43
C LEU UD 102 -12.81 -123.49 35.29
N VAL UD 103 -12.79 -123.82 36.57
CA VAL UD 103 -11.63 -123.60 37.40
C VAL UD 103 -10.63 -124.72 37.14
N THR UD 104 -9.36 -124.46 37.43
CA THR UD 104 -8.27 -125.45 37.33
C THR UD 104 -7.92 -125.81 35.90
N ASP UD 105 -8.76 -125.45 34.94
CA ASP UD 105 -8.47 -125.74 33.54
C ASP UD 105 -8.82 -124.63 32.58
N GLN UD 106 -9.63 -123.66 32.98
CA GLN UD 106 -10.24 -122.69 32.07
C GLN UD 106 -10.94 -123.40 30.92
N ARG UD 107 -11.66 -124.47 31.25
CA ARG UD 107 -12.33 -125.31 30.28
C ARG UD 107 -13.82 -124.95 30.22
N LEU UD 108 -14.27 -124.51 29.06
CA LEU UD 108 -15.68 -124.22 28.88
C LEU UD 108 -16.47 -125.50 28.64
N PRO UD 109 -17.74 -125.52 29.04
CA PRO UD 109 -18.55 -126.74 28.86
C PRO UD 109 -18.98 -126.92 27.42
N LEU UD 110 -18.04 -127.29 26.57
CA LEU UD 110 -18.32 -127.49 25.15
C LEU UD 110 -17.54 -128.64 24.53
N ALA UD 111 -16.79 -129.41 25.32
CA ALA UD 111 -16.04 -130.54 24.79
C ALA UD 111 -16.98 -131.66 24.36
N THR UD 112 -16.64 -132.34 23.28
CA THR UD 112 -17.43 -133.45 22.77
C THR UD 112 -17.12 -134.78 23.45
N VAL UD 113 -16.14 -134.81 24.34
CA VAL UD 113 -15.72 -136.02 25.06
C VAL UD 113 -15.27 -137.10 24.09
N SER VD 1 -48.53 -88.75 86.23
CA SER VD 1 -49.73 -88.41 86.98
C SER VD 1 -49.47 -88.34 88.48
N LYS VD 2 -49.27 -89.49 89.11
CA LYS VD 2 -49.12 -89.56 90.55
C LYS VD 2 -47.87 -90.37 90.86
N VAL VD 3 -47.72 -90.79 92.11
CA VAL VD 3 -46.46 -91.22 92.71
C VAL VD 3 -45.67 -92.16 91.80
N PHE VD 4 -44.46 -91.74 91.46
CA PHE VD 4 -43.53 -92.50 90.64
C PHE VD 4 -42.22 -92.61 91.40
N ASN VD 5 -41.67 -93.81 91.50
CA ASN VD 5 -40.41 -94.04 92.19
C ASN VD 5 -40.48 -93.53 93.63
N THR VD 6 -41.63 -93.72 94.27
CA THR VD 6 -41.97 -93.29 95.61
C THR VD 6 -41.94 -91.78 95.80
N GLN VD 7 -41.81 -91.01 94.73
CA GLN VD 7 -41.89 -89.55 94.80
C GLN VD 7 -43.27 -89.10 94.33
N THR VD 8 -43.80 -88.09 94.99
CA THR VD 8 -45.10 -87.55 94.64
C THR VD 8 -44.91 -86.46 93.60
N PHE VD 9 -45.58 -86.59 92.46
CA PHE VD 9 -45.54 -85.59 91.41
C PHE VD 9 -46.89 -84.90 91.36
N ASP VD 10 -46.90 -83.60 91.61
CA ASP VD 10 -48.10 -82.80 91.56
C ASP VD 10 -48.05 -81.88 90.35
N ILE VD 11 -49.22 -81.54 89.83
CA ILE VD 11 -49.27 -80.73 88.62
C ILE VD 11 -48.68 -79.36 88.94
N TYR VD 12 -47.72 -78.94 88.13
CA TYR VD 12 -47.10 -77.63 88.25
C TYR VD 12 -47.61 -76.63 87.24
N SER VD 13 -47.91 -77.09 86.02
CA SER VD 13 -48.32 -76.20 84.96
C SER VD 13 -49.30 -76.92 84.07
N THR VD 14 -50.25 -76.17 83.55
CA THR VD 14 -51.21 -76.69 82.58
C THR VD 14 -51.14 -75.83 81.34
N GLU VD 15 -50.93 -76.46 80.20
CA GLU VD 15 -50.79 -75.79 78.92
C GLU VD 15 -51.74 -76.44 77.92
N LYS VD 16 -51.92 -75.78 76.79
CA LYS VD 16 -52.75 -76.32 75.70
C LYS VD 16 -52.34 -77.74 75.35
N ASP VD 17 -51.05 -77.96 75.12
CA ASP VD 17 -50.54 -79.26 74.71
C ASP VD 17 -49.45 -79.77 75.62
N VAL VD 18 -49.25 -79.17 76.79
CA VAL VD 18 -48.22 -79.60 77.74
C VAL VD 18 -48.84 -79.66 79.13
N VAL VD 19 -48.49 -80.70 79.89
CA VAL VD 19 -48.80 -80.78 81.31
C VAL VD 19 -47.50 -81.12 82.02
N SER VD 20 -47.20 -80.37 83.07
CA SER VD 20 -45.94 -80.52 83.80
C SER VD 20 -46.21 -80.86 85.26
N LEU VD 21 -45.45 -81.80 85.80
CA LEU VD 21 -45.56 -82.20 87.19
C LEU VD 21 -44.23 -82.01 87.91
N ARG VD 22 -44.30 -81.46 89.11
CA ARG VD 22 -43.13 -81.23 89.93
C ARG VD 22 -43.21 -82.13 91.14
N ASP VD 23 -42.04 -82.58 91.60
CA ASP VD 23 -42.01 -83.34 92.86
C ASP VD 23 -42.44 -82.47 94.02
N PHE VD 24 -41.91 -81.24 94.10
CA PHE VD 24 -42.23 -80.26 95.14
C PHE VD 24 -41.69 -80.69 96.49
N ALA VD 25 -41.11 -81.88 96.57
CA ALA VD 25 -40.44 -82.37 97.75
C ALA VD 25 -38.93 -82.23 97.62
N ASN VD 26 -38.36 -82.73 96.54
CA ASN VD 26 -36.96 -82.48 96.24
C ASN VD 26 -36.75 -81.23 95.41
N ASP VD 27 -37.81 -80.70 94.80
CA ASP VD 27 -37.75 -79.50 93.97
C ASP VD 27 -36.69 -79.60 92.89
N LYS VD 28 -36.49 -80.81 92.37
CA LYS VD 28 -35.47 -81.03 91.36
C LYS VD 28 -35.95 -81.85 90.17
N ASP VD 29 -37.06 -82.55 90.28
CA ASP VD 29 -37.57 -83.42 89.23
C ASP VD 29 -38.82 -82.82 88.61
N THR VD 30 -38.84 -82.74 87.29
CA THR VD 30 -40.00 -82.26 86.55
C THR VD 30 -40.38 -83.30 85.50
N LEU VD 31 -41.66 -83.69 85.50
CA LEU VD 31 -42.20 -84.64 84.54
C LEU VD 31 -43.19 -83.88 83.65
N ALA VD 32 -42.94 -83.90 82.34
CA ALA VD 32 -43.73 -83.14 81.38
C ALA VD 32 -44.36 -84.09 80.37
N TYR VD 33 -45.65 -83.92 80.12
CA TYR VD 33 -46.39 -84.61 79.07
C TYR VD 33 -46.59 -83.63 77.94
N LYS VD 34 -45.98 -83.90 76.79
CA LYS VD 34 -46.07 -83.02 75.62
C LYS VD 34 -46.87 -83.70 74.52
N ARG VD 35 -47.69 -82.92 73.85
CA ARG VD 35 -48.62 -83.39 72.83
C ARG VD 35 -48.40 -82.62 71.55
N LEU VD 36 -48.61 -83.27 70.41
CA LEU VD 36 -48.49 -82.61 69.12
C LEU VD 36 -49.29 -83.40 68.09
N ALA VD 37 -50.42 -82.85 67.66
CA ALA VD 37 -51.31 -83.57 66.78
C ALA VD 37 -50.70 -83.77 65.40
N PRO VD 38 -51.08 -84.84 64.69
CA PRO VD 38 -50.57 -85.03 63.33
C PRO VD 38 -51.12 -83.99 62.37
N LYS VD 39 -50.28 -83.58 61.42
CA LYS VD 39 -50.65 -82.57 60.44
C LYS VD 39 -50.74 -83.21 59.05
N ARG VD 40 -51.91 -83.09 58.42
CA ARG VD 40 -52.17 -83.64 57.10
C ARG VD 40 -51.63 -82.66 56.06
N THR VD 41 -50.30 -82.53 56.04
CA THR VD 41 -49.65 -81.63 55.09
C THR VD 41 -49.67 -82.18 53.68
N LYS VD 42 -50.12 -83.42 53.50
CA LYS VD 42 -50.14 -84.08 52.21
C LYS VD 42 -51.23 -85.14 52.26
N ASP VD 43 -51.19 -86.07 51.30
CA ASP VD 43 -52.10 -87.20 51.31
C ASP VD 43 -51.99 -87.97 52.62
N SER VD 44 -50.78 -88.08 53.15
CA SER VD 44 -50.57 -88.76 54.42
C SER VD 44 -51.32 -88.03 55.54
N PRO VD 45 -51.93 -88.76 56.47
CA PRO VD 45 -52.69 -88.09 57.54
C PRO VD 45 -51.82 -87.40 58.58
N GLY VD 46 -50.49 -87.49 58.47
CA GLY VD 46 -49.59 -86.85 59.41
C GLY VD 46 -49.10 -87.79 60.49
N MET VD 47 -48.17 -87.27 61.28
CA MET VD 47 -47.48 -88.06 62.28
C MET VD 47 -47.82 -87.51 63.66
N ALA VD 48 -48.42 -88.35 64.51
CA ALA VD 48 -48.88 -87.93 65.83
C ALA VD 48 -47.70 -87.97 66.80
N LYS VD 49 -47.29 -86.80 67.26
CA LYS VD 49 -46.13 -86.68 68.14
C LYS VD 49 -46.55 -86.70 69.59
N SER VD 50 -45.82 -87.45 70.40
CA SER VD 50 -45.99 -87.45 71.84
C SER VD 50 -44.62 -87.32 72.50
N GLU VD 51 -44.63 -86.88 73.75
CA GLU VD 51 -43.38 -86.74 74.49
C GLU VD 51 -43.63 -86.90 75.97
N LEU VD 52 -42.80 -87.69 76.63
CA LEU VD 52 -42.83 -87.87 78.07
C LEU VD 52 -41.38 -87.79 78.56
N LYS VD 53 -41.06 -86.73 79.29
CA LYS VD 53 -39.69 -86.52 79.71
C LYS VD 53 -39.63 -86.14 81.18
N ILE VD 54 -38.54 -86.57 81.82
CA ILE VD 54 -38.23 -86.23 83.20
C ILE VD 54 -36.93 -85.43 83.20
N THR VD 55 -36.94 -84.28 83.86
CA THR VD 55 -35.77 -83.41 83.90
C THR VD 55 -35.36 -83.20 85.35
N ARG VD 56 -34.09 -83.43 85.63
CA ARG VD 56 -33.54 -83.22 86.96
C ARG VD 56 -32.59 -82.04 86.90
N VAL VD 57 -32.86 -81.03 87.73
CA VAL VD 57 -32.04 -79.84 87.82
C VAL VD 57 -31.64 -79.68 89.28
N ASP VD 58 -30.37 -79.41 89.51
CA ASP VD 58 -29.90 -79.32 90.90
C ASP VD 58 -30.47 -78.08 91.55
N PRO VD 59 -31.25 -78.21 92.62
CA PRO VD 59 -32.00 -77.06 93.14
C PRO VD 59 -31.24 -76.20 94.14
N THR VD 60 -29.97 -75.89 93.88
CA THR VD 60 -29.30 -74.84 94.64
C THR VD 60 -28.63 -73.84 93.71
N THR VD 61 -28.09 -74.33 92.59
CA THR VD 61 -27.51 -73.46 91.57
C THR VD 61 -28.20 -73.60 90.22
N GLY VD 62 -29.06 -74.60 90.05
CA GLY VD 62 -29.82 -74.74 88.82
C GLY VD 62 -29.07 -75.38 87.66
N VAL VD 63 -28.22 -76.37 87.93
CA VAL VD 63 -27.49 -77.06 86.88
C VAL VD 63 -28.26 -78.32 86.49
N LEU VD 64 -28.49 -78.49 85.20
CA LEU VD 64 -29.20 -79.65 84.68
C LEU VD 64 -28.39 -80.91 84.93
N ILE VD 65 -28.93 -81.81 85.75
CA ILE VD 65 -28.26 -83.07 86.00
C ILE VD 65 -28.45 -84.05 84.84
N GLY VD 66 -29.69 -84.28 84.44
CA GLY VD 66 -29.94 -85.22 83.38
C GLY VD 66 -31.37 -85.14 82.90
N ILE VD 67 -31.59 -85.68 81.70
CA ILE VD 67 -32.91 -85.77 81.09
C ILE VD 67 -33.06 -87.15 80.48
N VAL VD 68 -34.19 -87.80 80.77
CA VAL VD 68 -34.62 -88.98 80.03
C VAL VD 68 -35.95 -88.63 79.37
N ASN VD 69 -35.99 -88.75 78.05
CA ASN VD 69 -37.17 -88.38 77.27
C ASN VD 69 -37.65 -89.58 76.49
N VAL VD 70 -38.97 -89.78 76.47
CA VAL VD 70 -39.60 -90.80 75.65
C VAL VD 70 -40.48 -90.07 74.64
N SER VD 71 -40.10 -90.12 73.37
CA SER VD 71 -40.83 -89.46 72.31
C SER VD 71 -41.40 -90.51 71.35
N SER VD 72 -42.63 -90.28 70.91
CA SER VD 72 -43.27 -91.15 69.95
C SER VD 72 -43.66 -90.34 68.72
N SER VD 73 -43.42 -90.92 67.56
CA SER VD 73 -43.82 -90.32 66.28
C SER VD 73 -44.49 -91.46 65.52
N ILE VD 74 -45.81 -91.52 65.62
CA ILE VD 74 -46.60 -92.60 65.03
C ILE VD 74 -47.53 -92.01 63.99
N ARG VD 75 -47.66 -92.70 62.86
CA ARG VD 75 -48.58 -92.30 61.81
C ARG VD 75 -49.97 -92.10 62.36
N ALA VD 76 -50.65 -91.06 61.88
CA ALA VD 76 -52.02 -90.82 62.29
C ALA VD 76 -52.94 -91.96 61.92
N ASP VD 77 -52.59 -92.71 60.87
CA ASP VD 77 -53.40 -93.85 60.43
C ASP VD 77 -52.96 -95.17 61.04
N ALA VD 78 -51.89 -95.18 61.84
CA ALA VD 78 -51.34 -96.44 62.34
C ALA VD 78 -52.33 -97.12 63.29
N THR VD 79 -52.40 -98.44 63.18
CA THR VD 79 -53.36 -99.21 63.95
C THR VD 79 -52.96 -99.29 65.42
N ALA VD 80 -53.97 -99.56 66.26
CA ALA VD 80 -53.70 -99.72 67.69
C ALA VD 80 -52.80 -100.91 67.96
N ALA VD 81 -52.82 -101.92 67.08
CA ALA VD 81 -51.89 -103.03 67.21
C ALA VD 81 -50.45 -102.56 67.01
N ASP VD 82 -50.23 -101.69 66.02
CA ASP VD 82 -48.91 -101.11 65.85
C ASP VD 82 -48.50 -100.30 67.07
N LYS VD 83 -49.43 -99.51 67.61
CA LYS VD 83 -49.11 -98.65 68.74
C LYS VD 83 -48.90 -99.45 70.01
N THR VD 84 -49.63 -100.55 70.18
CA THR VD 84 -49.39 -101.41 71.33
C THR VD 84 -48.07 -102.14 71.20
N ALA VD 85 -47.75 -102.61 69.98
CA ALA VD 85 -46.49 -103.32 69.76
C ALA VD 85 -45.30 -102.39 69.96
N LEU VD 86 -45.40 -101.14 69.50
CA LEU VD 86 -44.30 -100.21 69.64
C LEU VD 86 -44.03 -99.91 71.11
N MET VD 87 -45.09 -99.77 71.91
CA MET VD 87 -44.91 -99.52 73.33
C MET VD 87 -44.42 -100.77 74.05
N ALA VD 88 -44.92 -101.94 73.66
CA ALA VD 88 -44.53 -103.18 74.32
C ALA VD 88 -43.07 -103.53 74.06
N ILE VD 89 -42.61 -103.32 72.83
CA ILE VD 89 -41.21 -103.62 72.50
C ILE VD 89 -40.29 -102.67 73.26
N ILE VD 90 -40.57 -101.37 73.21
CA ILE VD 90 -39.68 -100.41 73.85
C ILE VD 90 -39.70 -100.55 75.36
N THR VD 91 -40.85 -100.90 75.94
CA THR VD 91 -40.91 -101.11 77.38
C THR VD 91 -40.10 -102.34 77.79
N ALA VD 92 -40.20 -103.41 76.99
CA ALA VD 92 -39.41 -104.61 77.26
C ALA VD 92 -37.92 -104.33 77.11
N ALA VD 93 -37.53 -103.55 76.09
CA ALA VD 93 -36.12 -103.23 75.91
C ALA VD 93 -35.59 -102.41 77.07
N GLN VD 94 -36.38 -101.45 77.57
CA GLN VD 94 -35.97 -100.69 78.74
C GLN VD 94 -35.84 -101.59 79.95
N ALA VD 95 -36.75 -102.55 80.11
CA ALA VD 95 -36.65 -103.52 81.19
C ALA VD 95 -35.46 -104.43 81.02
N ASP VD 96 -34.98 -104.63 79.80
CA ASP VD 96 -33.77 -105.39 79.57
C ASP VD 96 -32.57 -104.63 80.13
N GLY VD 97 -31.54 -105.38 80.50
CA GLY VD 97 -30.37 -104.79 81.13
C GLY VD 97 -29.47 -104.04 80.18
N ALA VD 98 -29.63 -104.24 78.87
CA ALA VD 98 -28.81 -103.53 77.91
C ALA VD 98 -29.06 -102.03 77.97
N TRP VD 99 -30.30 -101.63 78.25
CA TRP VD 99 -30.59 -100.21 78.42
C TRP VD 99 -29.94 -99.66 79.68
N THR VD 100 -30.00 -100.41 80.78
CA THR VD 100 -29.39 -99.95 82.02
C THR VD 100 -27.88 -99.86 81.90
N GLU VD 101 -27.29 -100.52 80.90
CA GLU VD 101 -25.87 -100.38 80.61
C GLU VD 101 -25.58 -99.27 79.62
N LEU VD 102 -26.47 -99.06 78.65
CA LEU VD 102 -26.31 -97.93 77.73
C LEU VD 102 -26.36 -96.62 78.49
N VAL VD 103 -27.31 -96.48 79.38
CA VAL VD 103 -27.27 -95.44 80.40
C VAL VD 103 -26.33 -95.90 81.50
N THR VD 104 -25.66 -94.95 82.14
CA THR VD 104 -24.77 -95.17 83.29
C THR VD 104 -23.44 -95.81 82.92
N ASP VD 105 -23.32 -96.34 81.71
CA ASP VD 105 -22.01 -96.83 81.26
C ASP VD 105 -21.68 -96.53 79.82
N GLN VD 106 -22.64 -96.14 78.99
CA GLN VD 106 -22.43 -96.01 77.55
C GLN VD 106 -21.91 -97.31 76.96
N ARG VD 107 -22.51 -98.42 77.39
CA ARG VD 107 -22.11 -99.76 76.96
C ARG VD 107 -23.11 -100.26 75.93
N LEU VD 108 -22.62 -100.63 74.77
CA LEU VD 108 -23.46 -101.13 73.69
C LEU VD 108 -23.66 -102.63 73.82
N PRO VD 109 -24.75 -103.16 73.28
CA PRO VD 109 -24.94 -104.61 73.28
C PRO VD 109 -24.07 -105.31 72.24
N LEU VD 110 -22.76 -105.20 72.37
CA LEU VD 110 -21.83 -105.93 71.51
C LEU VD 110 -20.69 -106.57 72.27
N ALA VD 111 -20.54 -106.29 73.57
CA ALA VD 111 -19.48 -106.91 74.35
C ALA VD 111 -19.72 -108.40 74.47
N THR VD 112 -18.64 -109.18 74.47
CA THR VD 112 -18.71 -110.64 74.48
C THR VD 112 -18.85 -111.22 75.88
N VAL VD 113 -18.79 -110.39 76.92
CA VAL VD 113 -18.90 -110.83 78.31
C VAL VD 113 -17.78 -111.81 78.67
N SER WD 1 -73.53 -5.87 111.05
CA SER WD 1 -74.81 -5.19 111.09
C SER WD 1 -74.79 -4.01 112.05
N LYS WD 2 -74.64 -4.30 113.34
CA LYS WD 2 -74.64 -3.29 114.38
C LYS WD 2 -73.53 -3.63 115.37
N VAL WD 3 -73.58 -3.04 116.56
CA VAL WD 3 -72.48 -3.06 117.52
C VAL WD 3 -71.92 -4.47 117.73
N PHE WD 4 -70.62 -4.60 117.48
CA PHE WD 4 -69.87 -5.83 117.68
C PHE WD 4 -68.60 -5.49 118.43
N ASN WD 5 -68.28 -6.28 119.45
CA ASN WD 5 -67.07 -6.06 120.25
C ASN WD 5 -67.06 -4.63 120.79
N THR WD 6 -68.21 -4.18 121.28
CA THR WD 6 -68.43 -2.85 121.84
C THR WD 6 -68.18 -1.73 120.84
N GLN WD 7 -68.08 -2.02 119.55
CA GLN WD 7 -67.92 -1.00 118.53
C GLN WD 7 -69.15 -0.98 117.63
N THR WD 8 -69.61 0.22 117.31
CA THR WD 8 -70.83 0.42 116.54
C THR WD 8 -70.48 0.53 115.06
N PHE WD 9 -71.02 -0.38 114.26
CA PHE WD 9 -70.74 -0.43 112.83
C PHE WD 9 -71.97 0.06 112.08
N ASP WD 10 -71.83 1.19 111.39
CA ASP WD 10 -72.88 1.76 110.57
C ASP WD 10 -72.54 1.62 109.10
N ILE WD 11 -73.58 1.58 108.27
CA ILE WD 11 -73.38 1.38 106.84
C ILE WD 11 -72.63 2.57 106.27
N TYR WD 12 -71.54 2.29 105.56
CA TYR WD 12 -70.84 3.31 104.81
C TYR WD 12 -71.12 3.25 103.32
N SER WD 13 -71.32 2.05 102.79
CA SER WD 13 -71.50 1.89 101.35
C SER WD 13 -72.30 0.62 101.09
N THR WD 14 -73.08 0.67 100.01
CA THR WD 14 -73.89 -0.47 99.61
C THR WD 14 -73.77 -0.64 98.10
N GLU WD 15 -73.35 -1.81 97.67
CA GLU WD 15 -73.25 -2.15 96.26
C GLU WD 15 -74.35 -3.13 95.89
N LYS WD 16 -74.30 -3.62 94.66
CA LYS WD 16 -75.21 -4.68 94.25
C LYS WD 16 -75.03 -5.91 95.12
N ASP WD 17 -73.78 -6.25 95.44
CA ASP WD 17 -73.49 -7.46 96.16
C ASP WD 17 -72.55 -7.27 97.35
N VAL WD 18 -72.20 -6.03 97.69
CA VAL WD 18 -71.39 -5.75 98.86
C VAL WD 18 -72.08 -4.70 99.72
N VAL WD 19 -72.11 -4.95 101.02
CA VAL WD 19 -72.46 -3.93 102.01
C VAL WD 19 -71.23 -3.72 102.88
N SER WD 20 -70.83 -2.46 103.02
CA SER WD 20 -69.66 -2.10 103.82
C SER WD 20 -70.10 -1.30 105.04
N LEU WD 21 -69.55 -1.62 106.20
CA LEU WD 21 -69.84 -0.93 107.44
C LEU WD 21 -68.54 -0.46 108.08
N ARG WD 22 -68.58 0.73 108.67
CA ARG WD 22 -67.44 1.31 109.35
C ARG WD 22 -67.81 1.66 110.78
N ASP WD 23 -66.79 1.78 111.62
CA ASP WD 23 -67.02 2.16 113.02
C ASP WD 23 -67.39 3.63 113.13
N PHE WD 24 -66.67 4.50 112.43
CA PHE WD 24 -66.89 5.94 112.43
C PHE WD 24 -66.53 6.55 113.77
N ALA WD 25 -66.17 5.71 114.74
CA ALA WD 25 -65.70 6.15 116.04
C ALA WD 25 -64.18 6.10 116.16
N ASN WD 26 -63.60 4.92 115.96
CA ASN WD 26 -62.15 4.82 115.85
C ASN WD 26 -61.65 4.93 114.41
N ASP WD 27 -62.57 4.89 113.44
CA ASP WD 27 -62.26 5.12 112.03
C ASP WD 27 -61.15 4.19 111.54
N LYS WD 28 -61.10 2.98 112.06
CA LYS WD 28 -60.06 2.04 111.67
C LYS WD 28 -60.57 0.68 111.25
N ASP WD 29 -61.84 0.36 111.49
CA ASP WD 29 -62.40 -0.95 111.17
C ASP WD 29 -63.46 -0.82 110.09
N THR WD 30 -63.40 -1.71 109.11
CA THR WD 30 -64.44 -1.83 108.10
C THR WD 30 -64.90 -3.28 108.04
N LEU WD 31 -66.21 -3.48 108.13
CA LEU WD 31 -66.83 -4.79 108.05
C LEU WD 31 -67.60 -4.87 106.73
N ALA WD 32 -67.30 -5.90 105.94
CA ALA WD 32 -67.88 -6.07 104.61
C ALA WD 32 -68.63 -7.38 104.53
N TYR WD 33 -69.84 -7.33 103.97
CA TYR WD 33 -70.64 -8.51 103.68
C TYR WD 33 -70.75 -8.61 102.16
N LYS WD 34 -70.38 -9.76 101.61
CA LYS WD 34 -70.21 -9.90 100.17
C LYS WD 34 -70.97 -11.13 99.69
N ARG WD 35 -71.44 -11.06 98.45
CA ARG WD 35 -72.47 -11.97 97.96
C ARG WD 35 -72.20 -12.36 96.53
N LEU WD 36 -72.01 -13.65 96.29
CA LEU WD 36 -71.95 -14.20 94.93
C LEU WD 36 -72.91 -15.38 94.81
N ALA WD 37 -74.02 -15.16 94.12
CA ALA WD 37 -75.02 -16.21 93.94
C ALA WD 37 -74.45 -17.36 93.11
N PRO WD 38 -74.94 -18.59 93.31
CA PRO WD 38 -74.44 -19.73 92.53
C PRO WD 38 -74.79 -19.59 91.06
N LYS WD 39 -73.90 -20.08 90.21
CA LYS WD 39 -74.11 -20.03 88.76
C LYS WD 39 -74.16 -21.43 88.21
N ARG WD 40 -75.32 -21.81 87.66
CA ARG WD 40 -75.54 -23.14 87.09
C ARG WD 40 -74.79 -23.16 85.75
N THR WD 41 -73.48 -23.36 85.85
CA THR WD 41 -72.65 -23.38 84.65
C THR WD 41 -72.46 -24.79 84.12
N LYS WD 42 -73.06 -25.78 84.77
CA LYS WD 42 -72.98 -27.17 84.32
C LYS WD 42 -74.20 -27.89 84.90
N ASP WD 43 -74.15 -29.21 84.91
CA ASP WD 43 -75.18 -30.00 85.57
C ASP WD 43 -75.26 -29.63 87.05
N SER WD 44 -74.15 -29.19 87.61
CA SER WD 44 -74.17 -28.66 88.97
C SER WD 44 -74.89 -27.32 89.00
N PRO WD 45 -75.62 -27.00 90.07
CA PRO WD 45 -76.29 -25.70 90.15
C PRO WD 45 -75.37 -24.55 90.53
N GLY WD 46 -74.08 -24.80 90.71
CA GLY WD 46 -73.16 -23.78 91.16
C GLY WD 46 -73.06 -23.71 92.67
N MET WD 47 -72.06 -22.94 93.13
CA MET WD 47 -71.79 -22.77 94.55
C MET WD 47 -72.05 -21.33 94.94
N ALA WD 48 -72.83 -21.13 95.99
CA ALA WD 48 -73.15 -19.81 96.50
C ALA WD 48 -72.01 -19.32 97.38
N LYS WD 49 -71.30 -18.29 96.92
CA LYS WD 49 -70.23 -17.70 97.68
C LYS WD 49 -70.75 -16.65 98.65
N SER WD 50 -70.16 -16.60 99.83
CA SER WD 50 -70.34 -15.52 100.78
C SER WD 50 -68.97 -15.10 101.30
N GLU WD 51 -68.91 -13.90 101.86
CA GLU WD 51 -67.67 -13.40 102.43
C GLU WD 51 -68.00 -12.40 103.52
N LEU WD 52 -67.39 -12.56 104.68
CA LEU WD 52 -67.55 -11.64 105.80
C LEU WD 52 -66.16 -11.32 106.34
N LYS WD 53 -65.65 -10.13 106.04
CA LYS WD 53 -64.29 -9.79 106.41
C LYS WD 53 -64.27 -8.52 107.24
N ILE WD 54 -63.34 -8.50 108.20
CA ILE WD 54 -63.05 -7.33 109.01
C ILE WD 54 -61.62 -6.89 108.71
N THR WD 55 -61.47 -5.63 108.32
CA THR WD 55 -60.18 -5.05 108.01
C THR WD 55 -59.89 -3.93 108.99
N ARG WD 56 -58.69 -3.93 109.56
CA ARG WD 56 -58.25 -2.89 110.47
C ARG WD 56 -57.08 -2.14 109.83
N VAL WD 57 -57.26 -0.85 109.60
CA VAL WD 57 -56.24 0.02 109.05
C VAL WD 57 -56.05 1.19 110.01
N ASP WD 58 -54.80 1.44 110.41
CA ASP WD 58 -54.59 2.55 111.34
C ASP WD 58 -54.88 3.89 110.66
N PRO WD 59 -55.62 4.77 111.29
CA PRO WD 59 -56.02 6.01 110.61
C PRO WD 59 -55.03 7.15 110.77
N THR WD 60 -53.74 6.88 110.60
CA THR WD 60 -52.75 7.95 110.67
C THR WD 60 -51.85 7.90 109.44
N THR WD 61 -51.51 6.69 109.00
CA THR WD 61 -50.75 6.50 107.77
C THR WD 61 -51.46 5.56 106.80
N GLY WD 62 -52.55 4.92 107.21
CA GLY WD 62 -53.27 4.03 106.33
C GLY WD 62 -52.63 2.67 106.14
N VAL WD 63 -51.85 2.20 107.11
CA VAL WD 63 -51.22 0.89 107.02
C VAL WD 63 -52.25 -0.16 107.40
N LEU WD 64 -52.28 -1.25 106.66
CA LEU WD 64 -53.22 -2.33 106.93
C LEU WD 64 -52.69 -3.16 108.09
N ILE WD 65 -53.33 -3.06 109.25
CA ILE WD 65 -52.89 -3.83 110.40
C ILE WD 65 -53.18 -5.31 110.21
N GLY WD 66 -54.38 -5.65 109.78
CA GLY WD 66 -54.72 -7.05 109.61
C GLY WD 66 -56.13 -7.24 109.10
N ILE WD 67 -56.37 -8.41 108.52
CA ILE WD 67 -57.67 -8.79 107.98
C ILE WD 67 -58.02 -10.18 108.50
N VAL WD 68 -59.25 -10.34 108.94
CA VAL WD 68 -59.84 -11.64 109.23
C VAL WD 68 -61.06 -11.80 108.33
N ASN WD 69 -61.08 -12.86 107.53
CA ASN WD 69 -62.12 -13.07 106.54
C ASN WD 69 -62.79 -14.43 106.77
N VAL WD 70 -64.11 -14.44 106.74
CA VAL WD 70 -64.89 -15.68 106.84
C VAL WD 70 -65.57 -15.87 105.49
N SER WD 71 -65.13 -16.88 104.74
CA SER WD 71 -65.67 -17.15 103.42
C SER WD 71 -66.39 -18.49 103.42
N SER WD 72 -67.53 -18.52 102.76
CA SER WD 72 -68.30 -19.74 102.59
C SER WD 72 -68.52 -19.99 101.10
N SER WD 73 -68.50 -21.26 100.71
CA SER WD 73 -68.75 -21.68 99.33
C SER WD 73 -69.52 -22.98 99.42
N ILE WD 74 -70.82 -22.92 99.20
CA ILE WD 74 -71.72 -24.04 99.44
C ILE WD 74 -72.57 -24.29 98.21
N ARG WD 75 -72.78 -25.57 97.89
CA ARG WD 75 -73.60 -25.97 96.76
C ARG WD 75 -75.00 -25.37 96.87
N ALA WD 76 -75.53 -24.94 95.72
CA ALA WD 76 -76.88 -24.39 95.69
C ALA WD 76 -77.91 -25.42 96.14
N ASP WD 77 -77.71 -26.68 95.79
CA ASP WD 77 -78.63 -27.74 96.16
C ASP WD 77 -78.44 -28.22 97.60
N ALA WD 78 -77.39 -27.76 98.27
CA ALA WD 78 -77.06 -28.27 99.59
C ALA WD 78 -78.16 -27.93 100.59
N THR WD 79 -78.36 -28.83 101.54
CA THR WD 79 -79.45 -28.71 102.50
C THR WD 79 -79.11 -27.69 103.58
N ALA WD 80 -80.16 -27.26 104.29
CA ALA WD 80 -79.95 -26.38 105.44
C ALA WD 80 -79.18 -27.09 106.54
N ALA WD 81 -79.42 -28.38 106.73
CA ALA WD 81 -78.66 -29.15 107.72
C ALA WD 81 -77.18 -29.20 107.37
N ASP WD 82 -76.88 -29.37 106.08
CA ASP WD 82 -75.49 -29.27 105.64
C ASP WD 82 -74.92 -27.90 105.95
N LYS WD 83 -75.72 -26.85 105.71
CA LYS WD 83 -75.27 -25.49 105.93
C LYS WD 83 -75.24 -25.16 107.42
N THR WD 84 -76.16 -25.72 108.20
CA THR WD 84 -76.10 -25.53 109.64
C THR WD 84 -74.86 -26.21 110.23
N ALA WD 85 -74.54 -27.41 109.75
CA ALA WD 85 -73.40 -28.13 110.28
C ALA WD 85 -72.09 -27.41 109.99
N LEU WD 86 -71.94 -26.85 108.79
CA LEU WD 86 -70.70 -26.18 108.44
C LEU WD 86 -70.44 -24.97 109.33
N MET WD 87 -71.47 -24.17 109.59
CA MET WD 87 -71.28 -23.01 110.46
C MET WD 87 -71.09 -23.43 111.91
N ALA WD 88 -71.82 -24.45 112.36
CA ALA WD 88 -71.66 -24.92 113.73
C ALA WD 88 -70.26 -25.46 113.98
N ILE WD 89 -69.69 -26.18 113.01
CA ILE WD 89 -68.35 -26.74 113.20
C ILE WD 89 -67.31 -25.62 113.22
N ILE WD 90 -67.37 -24.72 112.24
CA ILE WD 90 -66.36 -23.66 112.15
C ILE WD 90 -66.48 -22.70 113.33
N THR WD 91 -67.68 -22.55 113.88
CA THR WD 91 -67.85 -21.68 115.05
C THR WD 91 -67.25 -22.33 116.29
N ALA WD 92 -67.45 -23.63 116.47
CA ALA WD 92 -66.87 -24.33 117.61
C ALA WD 92 -65.35 -24.34 117.53
N ALA WD 93 -64.80 -24.51 116.33
CA ALA WD 93 -63.36 -24.49 116.15
C ALA WD 93 -62.79 -23.11 116.45
N GLN WD 94 -63.50 -22.05 116.05
CA GLN WD 94 -63.05 -20.70 116.36
C GLN WD 94 -63.06 -20.44 117.86
N ALA WD 95 -64.09 -20.93 118.54
CA ALA WD 95 -64.15 -20.80 119.99
C ALA WD 95 -63.06 -21.59 120.68
N ASP WD 96 -62.56 -22.65 120.05
CA ASP WD 96 -61.47 -23.42 120.61
C ASP WD 96 -60.19 -22.59 120.63
N GLY WD 97 -59.33 -22.88 121.60
CA GLY WD 97 -58.10 -22.12 121.75
C GLY WD 97 -57.05 -22.43 120.71
N ALA WD 98 -57.20 -23.53 119.98
CA ALA WD 98 -56.27 -23.83 118.90
C ALA WD 98 -56.30 -22.75 117.83
N TRP WD 99 -57.49 -22.29 117.47
CA TRP WD 99 -57.59 -21.20 116.50
C TRP WD 99 -57.02 -19.91 117.07
N THR WD 100 -57.25 -19.66 118.36
CA THR WD 100 -56.68 -18.46 118.98
C THR WD 100 -55.16 -18.49 118.98
N GLU WD 101 -54.57 -19.67 118.92
CA GLU WD 101 -53.13 -19.81 118.80
C GLU WD 101 -52.67 -19.89 117.35
N LEU WD 102 -53.48 -20.45 116.46
CA LEU WD 102 -53.17 -20.39 115.04
C LEU WD 102 -53.02 -18.94 114.59
N VAL WD 103 -53.91 -18.08 115.04
CA VAL WD 103 -53.71 -16.65 114.92
C VAL WD 103 -52.86 -16.21 116.12
N THR WD 104 -52.08 -15.15 115.93
CA THR WD 104 -51.22 -14.53 116.94
C THR WD 104 -49.96 -15.31 117.29
N ASP WD 105 -49.88 -16.59 116.91
CA ASP WD 105 -48.70 -17.40 117.23
C ASP WD 105 -48.18 -18.20 116.05
N GLN WD 106 -48.97 -18.41 114.99
CA GLN WD 106 -48.63 -19.34 113.93
C GLN WD 106 -48.33 -20.72 114.49
N ARG WD 107 -49.22 -21.17 115.39
CA ARG WD 107 -49.07 -22.41 116.12
C ARG WD 107 -50.12 -23.41 115.63
N LEU WD 108 -49.67 -24.57 115.18
CA LEU WD 108 -50.56 -25.64 114.77
C LEU WD 108 -51.06 -26.42 116.00
N PRO WD 109 -52.21 -27.09 115.90
CA PRO WD 109 -52.75 -27.78 117.07
C PRO WD 109 -52.14 -29.15 117.29
N LEU WD 110 -50.82 -29.24 117.22
CA LEU WD 110 -50.13 -30.50 117.37
C LEU WD 110 -49.17 -30.53 118.56
N ALA WD 111 -49.12 -29.48 119.35
CA ALA WD 111 -48.29 -29.48 120.55
C ALA WD 111 -48.73 -30.59 121.50
N THR WD 112 -47.76 -31.21 122.16
CA THR WD 112 -48.04 -32.22 123.17
C THR WD 112 -48.26 -31.62 124.55
N VAL WD 113 -48.15 -30.30 124.69
CA VAL WD 113 -48.34 -29.59 125.96
C VAL WD 113 -47.34 -30.07 127.02
N SER XD 1 -59.17 -28.94 116.87
CA SER XD 1 -58.40 -29.98 117.55
C SER XD 1 -59.26 -31.21 117.85
N LYS XD 2 -60.28 -31.03 118.69
CA LYS XD 2 -61.08 -32.13 119.19
C LYS XD 2 -62.55 -31.84 118.92
N VAL XD 3 -63.43 -32.53 119.63
CA VAL XD 3 -64.86 -32.55 119.36
C VAL XD 3 -65.44 -31.16 119.15
N PHE XD 4 -66.02 -30.96 117.96
CA PHE XD 4 -66.69 -29.73 117.58
C PHE XD 4 -68.05 -30.09 117.03
N ASN XD 5 -69.08 -29.38 117.47
CA ASN XD 5 -70.45 -29.66 117.04
C ASN XD 5 -70.82 -31.12 117.31
N THR XD 6 -70.44 -31.61 118.49
CA THR XD 6 -70.64 -32.97 118.97
C THR XD 6 -69.93 -34.02 118.12
N GLN XD 7 -69.16 -33.62 117.12
CA GLN XD 7 -68.44 -34.54 116.25
C GLN XD 7 -66.97 -34.58 116.62
N THR XD 8 -66.43 -35.78 116.78
CA THR XD 8 -65.04 -35.98 117.16
C THR XD 8 -64.17 -35.94 115.90
N PHE XD 9 -63.24 -35.00 115.86
CA PHE XD 9 -62.35 -34.82 114.72
C PHE XD 9 -60.99 -35.37 115.09
N ASP XD 10 -60.64 -36.51 114.53
CA ASP XD 10 -59.36 -37.16 114.78
C ASP XD 10 -58.40 -36.85 113.64
N ILE XD 11 -57.11 -36.86 113.94
CA ILE XD 11 -56.13 -36.34 113.00
C ILE XD 11 -56.10 -37.21 111.75
N TYR XD 12 -56.23 -36.56 110.59
CA TYR XD 12 -56.23 -37.23 109.31
C TYR XD 12 -54.91 -37.13 108.57
N SER XD 13 -54.23 -35.99 108.67
CA SER XD 13 -52.97 -35.79 107.98
C SER XD 13 -52.23 -34.63 108.64
N THR XD 14 -50.92 -34.64 108.50
CA THR XD 14 -50.09 -33.56 109.02
C THR XD 14 -49.09 -33.16 107.95
N GLU XD 15 -48.93 -31.86 107.75
CA GLU XD 15 -47.98 -31.30 106.80
C GLU XD 15 -47.04 -30.36 107.54
N LYS XD 16 -46.13 -29.75 106.78
CA LYS XD 16 -45.27 -28.70 107.31
C LYS XD 16 -46.09 -27.58 107.93
N ASP XD 17 -47.20 -27.22 107.30
CA ASP XD 17 -47.97 -26.06 107.72
C ASP XD 17 -49.47 -26.33 107.75
N VAL XD 18 -49.89 -27.56 107.51
CA VAL XD 18 -51.30 -27.92 107.53
C VAL XD 18 -51.50 -29.11 108.45
N VAL XD 19 -52.50 -29.01 109.32
CA VAL XD 19 -52.95 -30.14 110.12
C VAL XD 19 -54.42 -30.37 109.79
N SER XD 20 -54.73 -31.58 109.35
CA SER XD 20 -56.07 -31.94 108.90
C SER XD 20 -56.66 -32.96 109.88
N LEU XD 21 -57.91 -32.75 110.26
CA LEU XD 21 -58.63 -33.66 111.12
C LEU XD 21 -59.87 -34.16 110.40
N ARG XD 22 -60.26 -35.39 110.70
CA ARG XD 22 -61.43 -35.99 110.11
C ARG XD 22 -62.36 -36.50 111.19
N ASP XD 23 -63.66 -36.49 110.92
CA ASP XD 23 -64.61 -37.09 111.83
C ASP XD 23 -64.41 -38.60 111.90
N PHE XD 24 -64.29 -39.26 110.75
CA PHE XD 24 -64.13 -40.70 110.61
C PHE XD 24 -65.38 -41.45 111.03
N ALA XD 25 -66.38 -40.74 111.54
CA ALA XD 25 -67.68 -41.32 111.85
C ALA XD 25 -68.66 -41.14 110.70
N ASN XD 26 -68.95 -39.90 110.32
CA ASN XD 26 -69.69 -39.63 109.10
C ASN XD 26 -68.79 -39.61 107.87
N ASP XD 27 -67.47 -39.60 108.07
CA ASP XD 27 -66.49 -39.71 106.99
C ASP XD 27 -66.66 -38.61 105.96
N LYS XD 28 -67.20 -37.46 106.35
CA LYS XD 28 -67.52 -36.42 105.39
C LYS XD 28 -66.95 -35.06 105.71
N ASP XD 29 -66.52 -34.81 106.95
CA ASP XD 29 -66.08 -33.50 107.39
C ASP XD 29 -64.58 -33.51 107.66
N THR XD 30 -63.87 -32.55 107.08
CA THR XD 30 -62.44 -32.41 107.30
C THR XD 30 -62.15 -30.99 107.75
N LEU XD 31 -61.44 -30.88 108.87
CA LEU XD 31 -61.05 -29.60 109.46
C LEU XD 31 -59.55 -29.43 109.30
N ALA XD 32 -59.13 -28.33 108.67
CA ALA XD 32 -57.73 -28.08 108.38
C ALA XD 32 -57.27 -26.82 109.09
N TYR XD 33 -56.07 -26.87 109.66
CA TYR XD 33 -55.42 -25.72 110.28
C TYR XD 33 -54.17 -25.41 109.47
N LYS XD 34 -54.18 -24.28 108.78
CA LYS XD 34 -53.11 -23.92 107.87
C LYS XD 34 -52.33 -22.74 108.42
N ARG XD 35 -51.02 -22.75 108.17
CA ARG XD 35 -50.09 -21.79 108.73
C ARG XD 35 -49.23 -21.21 107.62
N LEU XD 36 -49.01 -19.90 107.66
CA LEU XD 36 -48.12 -19.24 106.69
C LEU XD 36 -47.45 -18.07 107.40
N ALA XD 37 -46.24 -18.32 107.90
CA ALA XD 37 -45.53 -17.33 108.70
C ALA XD 37 -45.18 -16.10 107.86
N PRO XD 38 -45.01 -14.94 108.51
CA PRO XD 38 -44.67 -13.73 107.75
C PRO XD 38 -43.28 -13.81 107.14
N LYS XD 39 -43.12 -13.17 105.99
CA LYS XD 39 -41.83 -13.07 105.32
C LYS XD 39 -41.43 -11.60 105.26
N ARG XD 40 -40.20 -11.30 105.69
CA ARG XD 40 -39.70 -9.93 105.75
C ARG XD 40 -39.07 -9.57 104.42
N THR XD 41 -39.93 -9.46 103.40
CA THR XD 41 -39.47 -9.16 102.05
C THR XD 41 -39.07 -7.70 101.88
N LYS XD 42 -39.43 -6.85 102.83
CA LYS XD 42 -39.06 -5.44 102.79
C LYS XD 42 -38.91 -4.97 104.24
N ASP XD 43 -38.93 -3.64 104.42
CA ASP XD 43 -38.87 -3.05 105.75
C ASP XD 43 -40.03 -3.57 106.61
N SER XD 44 -41.15 -3.89 105.98
CA SER XD 44 -42.26 -4.50 106.69
C SER XD 44 -41.84 -5.87 107.21
N PRO XD 45 -42.30 -6.28 108.39
CA PRO XD 45 -41.99 -7.63 108.88
C PRO XD 45 -42.80 -8.71 108.19
N GLY XD 46 -43.61 -8.35 107.20
CA GLY XD 46 -44.45 -9.32 106.51
C GLY XD 46 -45.78 -9.52 107.20
N MET XD 47 -46.62 -10.32 106.55
CA MET XD 47 -47.95 -10.62 107.06
C MET XD 47 -47.99 -12.08 107.50
N ALA XD 48 -48.42 -12.31 108.73
CA ALA XD 48 -48.61 -13.67 109.24
C ALA XD 48 -49.99 -14.16 108.79
N LYS XD 49 -50.00 -15.18 107.96
CA LYS XD 49 -51.25 -15.75 107.47
C LYS XD 49 -51.61 -16.97 108.30
N SER XD 50 -52.91 -17.14 108.53
CA SER XD 50 -53.45 -18.38 109.07
C SER XD 50 -54.72 -18.73 108.32
N GLU XD 51 -55.13 -19.99 108.43
CA GLU XD 51 -56.33 -20.44 107.74
C GLU XD 51 -56.97 -21.56 108.54
N LEU XD 52 -58.26 -21.43 108.82
CA LEU XD 52 -59.03 -22.47 109.47
C LEU XD 52 -60.21 -22.80 108.58
N LYS XD 53 -60.21 -24.00 108.01
CA LYS XD 53 -61.18 -24.36 106.98
C LYS XD 53 -61.87 -25.67 107.33
N ILE XD 54 -63.17 -25.72 107.04
CA ILE XD 54 -63.96 -26.92 107.21
C ILE XD 54 -64.55 -27.29 105.86
N THR XD 55 -64.41 -28.55 105.49
CA THR XD 55 -64.88 -29.05 104.21
C THR XD 55 -65.83 -30.22 104.44
N ARG XD 56 -66.96 -30.19 103.74
CA ARG XD 56 -67.90 -31.30 103.76
C ARG XD 56 -68.05 -31.83 102.35
N VAL XD 57 -67.70 -33.11 102.16
CA VAL XD 57 -67.96 -33.82 100.93
C VAL XD 57 -68.69 -35.11 101.29
N ASP XD 58 -69.68 -35.47 100.49
CA ASP XD 58 -70.40 -36.70 100.81
C ASP XD 58 -69.53 -37.88 100.39
N PRO XD 59 -69.25 -38.83 101.28
CA PRO XD 59 -68.24 -39.85 100.97
C PRO XD 59 -68.78 -41.06 100.22
N THR XD 60 -69.64 -40.84 99.24
CA THR XD 60 -70.01 -41.95 98.36
C THR XD 60 -69.75 -41.55 96.90
N THR XD 61 -70.19 -40.36 96.52
CA THR XD 61 -69.91 -39.83 95.19
C THR XD 61 -68.85 -38.74 95.21
N GLY XD 62 -68.47 -38.25 96.39
CA GLY XD 62 -67.39 -37.29 96.49
C GLY XD 62 -67.64 -35.96 95.83
N VAL XD 63 -68.85 -35.42 95.92
CA VAL XD 63 -69.11 -34.05 95.47
C VAL XD 63 -68.98 -33.12 96.64
N LEU XD 64 -68.28 -32.01 96.44
CA LEU XD 64 -68.11 -31.01 97.48
C LEU XD 64 -69.47 -30.42 97.83
N ILE XD 65 -69.86 -30.53 99.10
CA ILE XD 65 -71.11 -29.93 99.53
C ILE XD 65 -70.90 -28.48 99.93
N GLY XD 66 -69.85 -28.18 100.66
CA GLY XD 66 -69.58 -26.80 101.04
C GLY XD 66 -68.27 -26.65 101.78
N ILE XD 67 -67.78 -25.42 101.76
CA ILE XD 67 -66.57 -25.03 102.48
C ILE XD 67 -66.86 -23.74 103.24
N VAL XD 68 -66.45 -23.69 104.49
CA VAL XD 68 -66.41 -22.45 105.27
C VAL XD 68 -64.98 -22.23 105.71
N ASN XD 69 -64.45 -21.06 105.42
CA ASN XD 69 -63.03 -20.78 105.59
C ASN XD 69 -62.85 -19.55 106.46
N VAL XD 70 -61.95 -19.64 107.44
CA VAL XD 70 -61.59 -18.50 108.27
C VAL XD 70 -60.10 -18.23 108.04
N SER XD 71 -59.81 -17.12 107.36
CA SER XD 71 -58.45 -16.74 107.03
C SER XD 71 -58.08 -15.46 107.76
N SER XD 72 -56.83 -15.39 108.19
CA SER XD 72 -56.30 -14.19 108.83
C SER XD 72 -55.04 -13.76 108.11
N SER XD 73 -54.89 -12.45 107.93
CA SER XD 73 -53.70 -11.84 107.34
C SER XD 73 -53.37 -10.64 108.21
N ILE XD 74 -52.50 -10.83 109.18
CA ILE XD 74 -52.18 -9.81 110.18
C ILE XD 74 -50.70 -9.49 110.09
N ARG XD 75 -50.37 -8.21 110.22
CA ARG XD 75 -48.97 -7.80 110.22
C ARG XD 75 -48.21 -8.52 111.33
N ALA XD 76 -46.97 -8.90 111.02
CA ALA XD 76 -46.17 -9.63 112.00
C ALA XD 76 -45.95 -8.81 113.27
N ASP XD 77 -45.77 -7.50 113.12
CA ASP XD 77 -45.56 -6.63 114.27
C ASP XD 77 -46.86 -6.21 114.96
N ALA XD 78 -48.01 -6.57 114.40
CA ALA XD 78 -49.27 -6.07 114.92
C ALA XD 78 -49.49 -6.52 116.36
N THR XD 79 -49.91 -5.58 117.19
CA THR XD 79 -50.09 -5.84 118.61
C THR XD 79 -51.24 -6.82 118.83
N ALA XD 80 -51.15 -7.54 119.95
CA ALA XD 80 -52.20 -8.50 120.29
C ALA XD 80 -53.54 -7.80 120.49
N ALA XD 81 -53.53 -6.54 120.92
CA ALA XD 81 -54.77 -5.78 121.01
C ALA XD 81 -55.43 -5.64 119.65
N ASP XD 82 -54.63 -5.32 118.63
CA ASP XD 82 -55.14 -5.33 117.26
C ASP XD 82 -55.57 -6.74 116.87
N LYS XD 83 -54.79 -7.73 117.26
CA LYS XD 83 -55.08 -9.12 116.95
C LYS XD 83 -56.32 -9.63 117.67
N THR XD 84 -56.45 -9.29 118.95
CA THR XD 84 -57.64 -9.72 119.69
C THR XD 84 -58.89 -9.00 119.23
N ALA XD 85 -58.77 -7.71 118.90
CA ALA XD 85 -59.94 -6.97 118.41
C ALA XD 85 -60.41 -7.53 117.07
N LEU XD 86 -59.47 -7.95 116.23
CA LEU XD 86 -59.83 -8.55 114.95
C LEU XD 86 -60.61 -9.84 115.16
N MET XD 87 -60.22 -10.65 116.14
CA MET XD 87 -60.97 -11.87 116.42
C MET XD 87 -62.29 -11.56 117.08
N ALA XD 88 -62.31 -10.55 117.96
CA ALA XD 88 -63.53 -10.23 118.70
C ALA XD 88 -64.63 -9.75 117.77
N ILE XD 89 -64.29 -8.91 116.79
CA ILE XD 89 -65.29 -8.36 115.89
C ILE XD 89 -65.86 -9.46 115.00
N ILE XD 90 -64.99 -10.27 114.40
CA ILE XD 90 -65.44 -11.24 113.41
C ILE XD 90 -66.25 -12.35 114.06
N THR XD 91 -65.90 -12.76 115.27
CA THR XD 91 -66.70 -13.74 115.98
C THR XD 91 -68.04 -13.15 116.41
N ALA XD 92 -68.03 -11.88 116.83
CA ALA XD 92 -69.29 -11.21 117.14
C ALA XD 92 -70.16 -11.09 115.90
N ALA XD 93 -69.56 -10.77 114.76
CA ALA XD 93 -70.31 -10.68 113.52
C ALA XD 93 -70.87 -12.05 113.13
N GLN XD 94 -70.08 -13.11 113.28
CA GLN XD 94 -70.54 -14.45 112.91
C GLN XD 94 -71.71 -14.88 113.78
N ALA XD 95 -71.63 -14.65 115.10
CA ALA XD 95 -72.72 -15.00 115.98
C ALA XD 95 -74.00 -14.22 115.67
N ASP XD 96 -73.85 -13.03 115.10
CA ASP XD 96 -75.00 -12.22 114.71
C ASP XD 96 -75.71 -12.86 113.52
N GLY XD 97 -77.01 -12.62 113.43
CA GLY XD 97 -77.84 -13.28 112.43
C GLY XD 97 -77.56 -12.84 111.01
N ALA XD 98 -76.90 -11.70 110.81
CA ALA XD 98 -76.58 -11.27 109.45
C ALA XD 98 -75.68 -12.26 108.74
N TRP XD 99 -74.66 -12.78 109.44
CA TRP XD 99 -73.82 -13.81 108.83
C TRP XD 99 -74.59 -15.08 108.57
N THR XD 100 -75.45 -15.48 109.50
CA THR XD 100 -76.27 -16.67 109.30
C THR XD 100 -77.12 -16.55 108.05
N GLU XD 101 -77.68 -15.37 107.81
CA GLU XD 101 -78.50 -15.12 106.64
C GLU XD 101 -77.69 -14.89 105.38
N LEU XD 102 -76.49 -14.34 105.50
CA LEU XD 102 -75.62 -14.21 104.32
C LEU XD 102 -75.32 -15.58 103.73
N VAL XD 103 -75.03 -16.56 104.57
CA VAL XD 103 -75.08 -17.96 104.18
C VAL XD 103 -76.55 -18.39 104.19
N THR XD 104 -76.86 -19.43 103.41
CA THR XD 104 -78.19 -20.05 103.36
C THR XD 104 -79.23 -19.18 102.67
N ASP XD 105 -78.93 -17.91 102.44
CA ASP XD 105 -79.87 -17.03 101.74
C ASP XD 105 -79.21 -16.09 100.75
N GLN XD 106 -77.91 -15.87 100.81
CA GLN XD 106 -77.23 -14.81 100.07
C GLN XD 106 -77.89 -13.46 100.32
N ARG XD 107 -78.25 -13.22 101.58
CA ARG XD 107 -78.96 -12.02 101.99
C ARG XD 107 -77.99 -11.02 102.59
N LEU XD 108 -77.86 -9.87 101.96
CA LEU XD 108 -77.01 -8.80 102.46
C LEU XD 108 -77.71 -8.07 103.61
N PRO XD 109 -76.95 -7.54 104.56
CA PRO XD 109 -77.56 -6.79 105.67
C PRO XD 109 -78.03 -5.41 105.22
N LEU XD 110 -79.08 -5.38 104.42
CA LEU XD 110 -79.70 -4.13 104.01
C LEU XD 110 -81.22 -4.17 104.05
N ALA XD 111 -81.82 -5.23 104.57
CA ALA XD 111 -83.27 -5.33 104.60
C ALA XD 111 -83.85 -4.38 105.64
N THR XD 112 -84.99 -3.77 105.29
CA THR XD 112 -85.67 -2.84 106.17
C THR XD 112 -86.59 -3.53 107.18
N VAL XD 113 -86.74 -4.85 107.08
CA VAL XD 113 -87.60 -5.64 107.98
C VAL XD 113 -89.05 -5.16 107.91
N SER YD 1 -10.63 -31.75 128.72
CA SER YD 1 -9.39 -31.50 129.44
C SER YD 1 -8.79 -32.78 130.01
N LYS YD 2 -9.58 -33.50 130.79
CA LYS YD 2 -9.10 -34.67 131.51
C LYS YD 2 -10.16 -35.76 131.41
N VAL YD 3 -10.05 -36.77 132.27
CA VAL YD 3 -10.79 -38.03 132.18
C VAL YD 3 -12.27 -37.81 131.87
N PHE YD 4 -12.73 -38.39 130.76
CA PHE YD 4 -14.11 -38.36 130.33
C PHE YD 4 -14.53 -39.78 130.02
N ASN YD 5 -15.69 -40.19 130.51
CA ASN YD 5 -16.20 -41.53 130.25
C ASN YD 5 -15.21 -42.59 130.72
N THR YD 6 -14.57 -42.34 131.85
CA THR YD 6 -13.54 -43.17 132.47
C THR YD 6 -12.31 -43.35 131.60
N GLN YD 7 -12.20 -42.63 130.49
CA GLN YD 7 -11.01 -42.67 129.65
C GLN YD 7 -10.18 -41.42 129.88
N THR YD 8 -8.87 -41.59 129.97
CA THR YD 8 -7.96 -40.48 130.20
C THR YD 8 -7.60 -39.86 128.87
N PHE YD 9 -7.88 -38.56 128.74
CA PHE YD 9 -7.53 -37.81 127.54
C PHE YD 9 -6.36 -36.90 127.87
N ASP YD 10 -5.22 -37.14 127.25
CA ASP YD 10 -4.05 -36.32 127.41
C ASP YD 10 -3.85 -35.46 126.18
N ILE YD 11 -3.22 -34.31 126.35
CA ILE YD 11 -3.07 -33.39 125.24
C ILE YD 11 -2.17 -34.04 124.19
N TYR YD 12 -2.67 -34.12 122.97
CA TYR YD 12 -1.91 -34.65 121.84
C TYR YD 12 -1.17 -33.59 121.07
N SER YD 13 -1.79 -32.43 120.86
CA SER YD 13 -1.17 -31.37 120.10
C SER YD 13 -1.81 -30.06 120.48
N THR YD 14 -1.02 -28.99 120.40
CA THR YD 14 -1.51 -27.66 120.74
C THR YD 14 -1.29 -26.77 119.54
N GLU YD 15 -2.35 -26.10 119.12
CA GLU YD 15 -2.31 -25.20 118.00
C GLU YD 15 -2.71 -23.79 118.46
N LYS YD 16 -2.62 -22.85 117.52
CA LYS YD 16 -3.01 -21.47 117.80
C LYS YD 16 -4.44 -21.39 118.30
N ASP YD 17 -5.37 -21.99 117.55
CA ASP YD 17 -6.78 -21.96 117.90
C ASP YD 17 -7.36 -23.35 118.08
N VAL YD 18 -6.53 -24.39 118.14
CA VAL YD 18 -7.00 -25.76 118.31
C VAL YD 18 -6.19 -26.43 119.40
N VAL YD 19 -6.86 -27.16 120.29
CA VAL YD 19 -6.23 -28.03 121.24
C VAL YD 19 -6.83 -29.41 121.06
N SER YD 20 -5.98 -30.43 120.96
CA SER YD 20 -6.43 -31.79 120.69
C SER YD 20 -5.96 -32.73 121.79
N LEU YD 21 -6.86 -33.57 122.27
CA LEU YD 21 -6.56 -34.55 123.30
C LEU YD 21 -6.77 -35.95 122.75
N ARG YD 22 -5.86 -36.85 123.11
CA ARG YD 22 -5.92 -38.24 122.68
C ARG YD 22 -6.02 -39.13 123.90
N ASP YD 23 -6.80 -40.20 123.77
CA ASP YD 23 -6.90 -41.17 124.86
C ASP YD 23 -5.56 -41.83 125.13
N PHE YD 24 -4.85 -42.25 124.07
CA PHE YD 24 -3.52 -42.85 124.14
C PHE YD 24 -3.55 -44.23 124.77
N ALA YD 25 -4.72 -44.66 125.25
CA ALA YD 25 -4.91 -46.01 125.75
C ALA YD 25 -5.59 -46.89 124.71
N ASN YD 26 -6.77 -46.48 124.24
CA ASN YD 26 -7.41 -47.16 123.12
C ASN YD 26 -6.92 -46.67 121.77
N ASP YD 27 -6.25 -45.52 121.73
CA ASP YD 27 -5.65 -44.97 120.52
C ASP YD 27 -6.67 -44.83 119.39
N LYS YD 28 -7.93 -44.57 119.73
CA LYS YD 28 -8.96 -44.42 118.73
C LYS YD 28 -9.83 -43.18 118.94
N ASP YD 29 -9.79 -42.56 120.11
CA ASP YD 29 -10.62 -41.41 120.43
C ASP YD 29 -9.78 -40.14 120.46
N THR YD 30 -10.23 -39.11 119.77
CA THR YD 30 -9.58 -37.81 119.76
C THR YD 30 -10.60 -36.72 120.09
N LEU YD 31 -10.28 -35.89 121.06
CA LEU YD 31 -11.12 -34.76 121.46
C LEU YD 31 -10.42 -33.47 121.07
N ALA YD 32 -11.11 -32.64 120.29
CA ALA YD 32 -10.54 -31.41 119.76
C ALA YD 32 -11.34 -30.21 120.22
N TYR YD 33 -10.66 -29.19 120.73
CA TYR YD 33 -11.24 -27.90 121.07
C TYR YD 33 -10.81 -26.92 120.01
N LYS YD 34 -11.76 -26.42 119.23
CA LYS YD 34 -11.46 -25.48 118.15
C LYS YD 34 -12.06 -24.12 118.45
N ARG YD 35 -11.32 -23.08 118.09
CA ARG YD 35 -11.65 -21.70 118.40
C ARG YD 35 -11.73 -20.90 117.11
N LEU YD 36 -12.56 -19.88 117.09
CA LEU YD 36 -12.65 -18.99 115.94
C LEU YD 36 -13.26 -17.67 116.40
N ALA YD 37 -12.46 -16.61 116.37
CA ALA YD 37 -12.90 -15.33 116.90
C ALA YD 37 -13.94 -14.68 115.97
N PRO YD 38 -14.84 -13.88 116.52
CA PRO YD 38 -15.79 -13.16 115.67
C PRO YD 38 -15.10 -12.08 114.85
N LYS YD 39 -15.56 -11.91 113.62
CA LYS YD 39 -14.99 -10.90 112.72
C LYS YD 39 -16.00 -9.79 112.51
N ARG YD 40 -15.56 -8.55 112.76
CA ARG YD 40 -16.39 -7.37 112.56
C ARG YD 40 -16.29 -6.97 111.08
N THR YD 41 -16.79 -7.86 110.22
CA THR YD 41 -16.77 -7.62 108.79
C THR YD 41 -17.76 -6.54 108.38
N LYS YD 42 -18.59 -6.08 109.31
CA LYS YD 42 -19.59 -5.07 109.06
C LYS YD 42 -19.86 -4.37 110.39
N ASP YD 43 -20.99 -3.66 110.45
CA ASP YD 43 -21.43 -3.04 111.70
C ASP YD 43 -21.53 -4.08 112.80
N SER YD 44 -22.00 -5.28 112.44
CA SER YD 44 -22.14 -6.35 113.40
C SER YD 44 -20.78 -6.77 113.95
N PRO YD 45 -20.67 -7.10 115.24
CA PRO YD 45 -19.37 -7.47 115.79
C PRO YD 45 -18.91 -8.87 115.39
N GLY YD 46 -19.71 -9.61 114.63
CA GLY YD 46 -19.33 -10.92 114.17
C GLY YD 46 -19.80 -12.05 115.09
N MET YD 47 -19.61 -13.27 114.60
CA MET YD 47 -20.07 -14.47 115.29
C MET YD 47 -18.87 -15.23 115.82
N ALA YD 48 -18.87 -15.50 117.11
CA ALA YD 48 -17.77 -16.21 117.76
C ALA YD 48 -18.03 -17.72 117.64
N LYS YD 49 -17.19 -18.40 116.86
CA LYS YD 49 -17.34 -19.82 116.64
C LYS YD 49 -16.56 -20.63 117.66
N SER YD 50 -17.20 -21.67 118.18
CA SER YD 50 -16.55 -22.65 119.03
C SER YD 50 -16.82 -24.03 118.47
N GLU YD 51 -15.99 -24.98 118.87
CA GLU YD 51 -16.18 -26.35 118.39
C GLU YD 51 -15.60 -27.32 119.39
N LEU YD 52 -16.38 -28.34 119.74
CA LEU YD 52 -15.96 -29.42 120.62
C LEU YD 52 -16.38 -30.71 119.96
N LYS YD 53 -15.41 -31.47 119.45
CA LYS YD 53 -15.73 -32.68 118.71
C LYS YD 53 -14.93 -33.86 119.25
N ILE YD 54 -15.56 -35.03 119.24
CA ILE YD 54 -14.91 -36.29 119.56
C ILE YD 54 -14.95 -37.14 118.30
N THR YD 55 -13.80 -37.69 117.93
CA THR YD 55 -13.68 -38.50 116.73
C THR YD 55 -13.14 -39.87 117.09
N ARG YD 56 -13.80 -40.92 116.63
CA ARG YD 56 -13.35 -42.28 116.85
C ARG YD 56 -12.93 -42.87 115.51
N VAL YD 57 -11.67 -43.30 115.43
CA VAL YD 57 -11.11 -43.95 114.25
C VAL YD 57 -10.57 -45.30 114.66
N ASP YD 58 -10.90 -46.32 113.90
CA ASP YD 58 -10.48 -47.66 114.28
C ASP YD 58 -8.97 -47.80 114.11
N PRO YD 59 -8.22 -48.07 115.18
CA PRO YD 59 -6.76 -47.99 115.08
C PRO YD 59 -6.06 -49.26 114.63
N THR YD 60 -6.59 -49.95 113.61
CA THR YD 60 -5.82 -51.01 112.97
C THR YD 60 -5.75 -50.77 111.47
N THR YD 61 -6.84 -50.29 110.87
CA THR YD 61 -6.84 -49.91 109.47
C THR YD 61 -7.20 -48.44 109.25
N GLY YD 62 -7.72 -47.76 110.27
CA GLY YD 62 -7.98 -46.33 110.16
C GLY YD 62 -9.33 -45.95 109.59
N VAL YD 63 -10.38 -46.69 109.93
CA VAL YD 63 -11.72 -46.39 109.45
C VAL YD 63 -12.46 -45.56 110.49
N LEU YD 64 -12.98 -44.42 110.07
CA LEU YD 64 -13.69 -43.50 110.96
C LEU YD 64 -14.98 -44.15 111.46
N ILE YD 65 -15.03 -44.46 112.74
CA ILE YD 65 -16.23 -45.04 113.32
C ILE YD 65 -17.34 -44.02 113.41
N GLY YD 66 -17.05 -42.84 113.95
CA GLY YD 66 -18.09 -41.84 114.12
C GLY YD 66 -17.50 -40.55 114.64
N ILE YD 67 -18.31 -39.49 114.51
CA ILE YD 67 -17.98 -38.17 115.01
C ILE YD 67 -19.20 -37.59 115.68
N VAL YD 68 -19.03 -37.08 116.89
CA VAL YD 68 -20.02 -36.21 117.52
C VAL YD 68 -19.35 -34.86 117.73
N ASN YD 69 -19.94 -33.82 117.14
CA ASN YD 69 -19.37 -32.49 117.17
C ASN YD 69 -20.38 -31.52 117.78
N VAL YD 70 -19.90 -30.66 118.68
CA VAL YD 70 -20.71 -29.60 119.25
C VAL YD 70 -20.11 -28.28 118.80
N SER YD 71 -20.87 -27.54 117.99
CA SER YD 71 -20.41 -26.26 117.46
C SER YD 71 -21.31 -25.15 117.95
N SER YD 72 -20.72 -23.98 118.18
CA SER YD 72 -21.45 -22.80 118.60
C SER YD 72 -21.16 -21.66 117.64
N SER YD 73 -22.19 -20.87 117.36
CA SER YD 73 -22.06 -19.66 116.55
C SER YD 73 -22.90 -18.60 117.26
N ILE YD 74 -22.26 -17.87 118.17
CA ILE YD 74 -22.94 -16.89 119.01
C ILE YD 74 -22.44 -15.50 118.64
N ARG YD 75 -23.38 -14.55 118.58
CA ARG YD 75 -23.02 -13.16 118.33
C ARG YD 75 -21.98 -12.69 119.32
N ALA YD 76 -21.01 -11.93 118.82
CA ALA YD 76 -19.97 -11.39 119.69
C ALA YD 76 -20.55 -10.48 120.77
N ASP YD 77 -21.71 -9.88 120.50
CA ASP YD 77 -22.37 -8.99 121.45
C ASP YD 77 -23.37 -9.70 122.35
N ALA YD 78 -23.60 -10.99 122.15
CA ALA YD 78 -24.63 -11.69 122.89
C ALA YD 78 -24.31 -11.73 124.38
N THR YD 79 -25.35 -11.59 125.19
CA THR YD 79 -25.18 -11.54 126.63
C THR YD 79 -24.83 -12.91 127.18
N ALA YD 80 -24.20 -12.92 128.37
CA ALA YD 80 -23.92 -14.16 129.04
C ALA YD 80 -25.19 -14.92 129.39
N ALA YD 81 -26.29 -14.20 129.59
CA ALA YD 81 -27.57 -14.87 129.80
C ALA YD 81 -28.01 -15.64 128.56
N ASP YD 82 -27.83 -15.05 127.38
CA ASP YD 82 -28.08 -15.78 126.15
C ASP YD 82 -27.14 -16.97 126.03
N LYS YD 83 -25.86 -16.78 126.35
CA LYS YD 83 -24.89 -17.85 126.19
C LYS YD 83 -25.12 -18.96 127.21
N THR YD 84 -25.53 -18.62 128.42
CA THR YD 84 -25.86 -19.65 129.39
C THR YD 84 -27.13 -20.39 129.00
N ALA YD 85 -28.13 -19.66 128.52
CA ALA YD 85 -29.38 -20.29 128.11
C ALA YD 85 -29.17 -21.24 126.95
N LEU YD 86 -28.35 -20.85 125.98
CA LEU YD 86 -28.08 -21.70 124.82
C LEU YD 86 -27.40 -23.00 125.24
N MET YD 87 -26.43 -22.90 126.15
CA MET YD 87 -25.75 -24.11 126.62
C MET YD 87 -26.66 -24.92 127.53
N ALA YD 88 -27.56 -24.27 128.25
CA ALA YD 88 -28.45 -24.98 129.16
C ALA YD 88 -29.52 -25.76 128.41
N ILE YD 89 -30.11 -25.15 127.38
CA ILE YD 89 -31.15 -25.84 126.61
C ILE YD 89 -30.56 -27.04 125.90
N ILE YD 90 -29.44 -26.85 125.21
CA ILE YD 90 -28.87 -27.93 124.41
C ILE YD 90 -28.38 -29.07 125.30
N THR YD 91 -27.84 -28.75 126.47
CA THR YD 91 -27.39 -29.80 127.38
C THR YD 91 -28.58 -30.59 127.93
N ALA YD 92 -29.68 -29.89 128.23
CA ALA YD 92 -30.89 -30.58 128.67
C ALA YD 92 -31.48 -31.45 127.57
N ALA YD 93 -31.46 -30.96 126.33
CA ALA YD 93 -31.97 -31.76 125.22
C ALA YD 93 -31.14 -33.01 125.01
N GLN YD 94 -29.81 -32.90 125.14
CA GLN YD 94 -28.95 -34.07 125.01
C GLN YD 94 -29.22 -35.07 126.12
N ALA YD 95 -29.44 -34.59 127.34
CA ALA YD 95 -29.80 -35.47 128.44
C ALA YD 95 -31.18 -36.09 128.25
N ASP YD 96 -32.04 -35.44 127.47
CA ASP YD 96 -33.33 -36.02 127.13
C ASP YD 96 -33.12 -37.25 126.25
N GLY YD 97 -34.08 -38.18 126.32
CA GLY YD 97 -33.96 -39.43 125.58
C GLY YD 97 -34.18 -39.28 124.10
N ALA YD 98 -34.77 -38.16 123.65
CA ALA YD 98 -35.00 -37.97 122.23
C ALA YD 98 -33.69 -37.91 121.47
N TRP YD 99 -32.66 -37.30 122.07
CA TRP YD 99 -31.34 -37.29 121.44
C TRP YD 99 -30.75 -38.68 121.38
N THR YD 100 -30.88 -39.46 122.46
CA THR YD 100 -30.33 -40.81 122.47
C THR YD 100 -31.02 -41.70 121.45
N GLU YD 101 -32.21 -41.31 120.99
CA GLU YD 101 -32.89 -42.03 119.92
C GLU YD 101 -32.54 -41.48 118.54
N LEU YD 102 -32.36 -40.17 118.41
CA LEU YD 102 -31.92 -39.59 117.14
C LEU YD 102 -30.58 -40.17 116.73
N VAL YD 103 -29.65 -40.23 117.66
CA VAL YD 103 -28.47 -41.06 117.52
C VAL YD 103 -28.85 -42.49 117.82
N THR YD 104 -28.20 -43.44 117.15
CA THR YD 104 -28.36 -44.89 117.36
C THR YD 104 -29.67 -45.44 116.82
N ASP YD 105 -30.62 -44.59 116.45
CA ASP YD 105 -31.84 -45.09 115.83
C ASP YD 105 -32.37 -44.24 114.71
N GLN YD 106 -31.97 -42.98 114.58
CA GLN YD 106 -32.55 -42.03 113.64
C GLN YD 106 -34.06 -41.90 113.87
N ARG YD 107 -34.44 -41.87 115.14
CA ARG YD 107 -35.83 -41.77 115.54
C ARG YD 107 -36.15 -40.33 115.91
N LEU YD 108 -37.02 -39.74 115.19
CA LEU YD 108 -37.44 -38.37 115.44
C LEU YD 108 -38.48 -38.32 116.56
N PRO YD 109 -38.55 -37.21 117.28
CA PRO YD 109 -39.58 -37.10 118.33
C PRO YD 109 -40.96 -36.84 117.76
N LEU YD 110 -41.48 -37.80 117.00
CA LEU YD 110 -42.82 -37.71 116.46
C LEU YD 110 -43.62 -39.00 116.59
N ALA YD 111 -42.99 -40.09 117.02
CA ALA YD 111 -43.70 -41.35 117.23
C ALA YD 111 -44.73 -41.20 118.34
N THR YD 112 -45.86 -41.88 118.20
CA THR YD 112 -46.94 -41.82 119.16
C THR YD 112 -46.77 -42.78 120.33
N VAL YD 113 -45.72 -43.60 120.31
CA VAL YD 113 -45.44 -44.58 121.37
C VAL YD 113 -46.60 -45.57 121.53
N SER ZD 1 1.12 -11.53 132.61
CA SER ZD 1 1.17 -12.87 133.19
C SER ZD 1 -0.02 -13.09 134.13
N LYS ZD 2 -0.15 -12.22 135.12
CA LYS ZD 2 -1.25 -12.31 136.08
C LYS ZD 2 -1.68 -10.89 136.42
N VAL ZD 3 -2.41 -10.74 137.52
CA VAL ZD 3 -3.08 -9.49 137.86
C VAL ZD 3 -2.15 -8.29 137.80
N PHE ZD 4 -2.48 -7.33 136.93
CA PHE ZD 4 -1.77 -6.08 136.77
C PHE ZD 4 -2.79 -4.96 136.75
N ASN ZD 5 -2.50 -3.89 137.50
CA ASN ZD 5 -3.40 -2.75 137.61
C ASN ZD 5 -4.80 -3.24 138.02
N THR ZD 6 -4.83 -4.17 138.97
CA THR ZD 6 -6.02 -4.80 139.52
C THR ZD 6 -6.86 -5.52 138.47
N GLN ZD 7 -6.26 -5.94 137.36
CA GLN ZD 7 -6.97 -6.69 136.34
C GLN ZD 7 -6.27 -8.02 136.10
N THR ZD 8 -7.06 -9.09 136.01
CA THR ZD 8 -6.53 -10.44 135.85
C THR ZD 8 -6.35 -10.74 134.37
N PHE ZD 9 -5.10 -10.95 133.96
CA PHE ZD 9 -4.77 -11.26 132.58
C PHE ZD 9 -4.50 -12.76 132.47
N ASP ZD 10 -5.30 -13.44 131.66
CA ASP ZD 10 -5.19 -14.88 131.47
C ASP ZD 10 -4.75 -15.19 130.06
N ILE ZD 11 -4.16 -16.36 129.88
CA ILE ZD 11 -3.64 -16.77 128.59
C ILE ZD 11 -4.79 -16.86 127.60
N TYR ZD 12 -4.66 -16.17 126.47
CA TYR ZD 12 -5.58 -16.36 125.37
C TYR ZD 12 -4.97 -17.10 124.20
N SER ZD 13 -3.69 -16.92 123.95
CA SER ZD 13 -3.07 -17.52 122.78
C SER ZD 13 -1.58 -17.70 123.03
N THR ZD 14 -1.03 -18.76 122.45
CA THR ZD 14 0.38 -19.06 122.54
C THR ZD 14 0.89 -19.42 121.16
N GLU ZD 15 1.89 -18.69 120.70
CA GLU ZD 15 2.52 -18.95 119.42
C GLU ZD 15 3.94 -19.47 119.65
N LYS ZD 16 4.67 -19.63 118.56
CA LYS ZD 16 6.08 -19.99 118.67
C LYS ZD 16 6.84 -18.96 119.47
N ASP ZD 17 6.56 -17.68 119.24
CA ASP ZD 17 7.33 -16.61 119.87
C ASP ZD 17 6.47 -15.50 120.45
N VAL ZD 18 5.15 -15.64 120.45
CA VAL ZD 18 4.26 -14.68 121.06
C VAL ZD 18 3.38 -15.38 122.08
N VAL ZD 19 3.20 -14.76 123.23
CA VAL ZD 19 2.18 -15.14 124.20
C VAL ZD 19 1.22 -13.97 124.32
N SER ZD 20 -0.08 -14.24 124.20
CA SER ZD 20 -1.10 -13.22 124.30
C SER ZD 20 -1.98 -13.48 125.51
N LEU ZD 21 -2.23 -12.43 126.29
CA LEU ZD 21 -3.06 -12.51 127.48
C LEU ZD 21 -4.16 -11.45 127.41
N ARG ZD 22 -5.35 -11.83 127.85
CA ARG ZD 22 -6.50 -10.94 127.85
C ARG ZD 22 -7.08 -10.84 129.25
N ASP ZD 23 -7.82 -9.76 129.49
CA ASP ZD 23 -8.47 -9.58 130.78
C ASP ZD 23 -9.63 -10.55 130.97
N PHE ZD 24 -10.46 -10.69 129.93
CA PHE ZD 24 -11.63 -11.56 129.93
C PHE ZD 24 -12.69 -11.04 130.90
N ALA ZD 25 -12.38 -9.96 131.62
CA ALA ZD 25 -13.33 -9.30 132.49
C ALA ZD 25 -13.88 -8.02 131.87
N ASN ZD 26 -13.02 -7.08 131.50
CA ASN ZD 26 -13.47 -5.93 130.75
C ASN ZD 26 -13.40 -6.14 129.25
N ASP ZD 27 -12.77 -7.23 128.80
CA ASP ZD 27 -12.73 -7.62 127.39
C ASP ZD 27 -12.20 -6.50 126.51
N LYS ZD 28 -11.29 -5.69 127.03
CA LYS ZD 28 -10.76 -4.58 126.27
C LYS ZD 28 -9.24 -4.50 126.24
N ASP ZD 29 -8.54 -5.21 127.11
CA ASP ZD 29 -7.09 -5.15 127.20
C ASP ZD 29 -6.48 -6.48 126.76
N THR ZD 30 -5.43 -6.40 125.95
CA THR ZD 30 -4.63 -7.56 125.58
C THR ZD 30 -3.16 -7.23 125.82
N LEU ZD 31 -2.49 -8.07 126.60
CA LEU ZD 31 -1.07 -7.94 126.88
C LEU ZD 31 -0.32 -9.02 126.12
N ALA ZD 32 0.68 -8.63 125.34
CA ALA ZD 32 1.43 -9.54 124.49
C ALA ZD 32 2.90 -9.54 124.88
N TYR ZD 33 3.47 -10.73 124.99
CA TYR ZD 33 4.90 -10.93 125.19
C TYR ZD 33 5.45 -11.53 123.90
N LYS ZD 34 6.49 -10.90 123.36
CA LYS ZD 34 7.01 -11.26 122.05
C LYS ZD 34 8.51 -11.51 122.15
N ARG ZD 35 9.00 -12.40 121.30
CA ARG ZD 35 10.32 -12.98 121.44
C ARG ZD 35 10.98 -13.14 120.08
N LEU ZD 36 12.12 -12.46 119.89
CA LEU ZD 36 12.94 -12.66 118.69
C LEU ZD 36 14.38 -12.90 119.11
N ALA ZD 37 14.85 -14.13 118.92
CA ALA ZD 37 16.20 -14.49 119.32
C ALA ZD 37 17.24 -13.79 118.44
N PRO ZD 38 18.44 -13.54 118.98
CA PRO ZD 38 19.48 -12.90 118.16
C PRO ZD 38 19.94 -13.81 117.04
N LYS ZD 39 20.24 -13.21 115.90
CA LYS ZD 39 20.69 -13.95 114.73
C LYS ZD 39 22.09 -13.50 114.35
N ARG ZD 40 23.01 -14.45 114.27
CA ARG ZD 40 24.42 -14.17 114.00
C ARG ZD 40 24.58 -13.94 112.51
N THR ZD 41 24.30 -12.72 112.08
CA THR ZD 41 24.40 -12.36 110.67
C THR ZD 41 25.81 -11.94 110.28
N LYS ZD 42 26.70 -11.74 111.25
CA LYS ZD 42 28.05 -11.27 110.99
C LYS ZD 42 28.91 -11.67 112.16
N ASP ZD 43 30.07 -11.03 112.29
CA ASP ZD 43 30.91 -11.21 113.46
C ASP ZD 43 30.14 -10.85 114.72
N SER ZD 44 29.13 -9.99 114.59
CA SER ZD 44 28.24 -9.72 115.70
C SER ZD 44 27.31 -10.92 115.92
N PRO ZD 45 27.01 -11.27 117.17
CA PRO ZD 45 26.09 -12.39 117.42
C PRO ZD 45 24.63 -12.04 117.23
N GLY ZD 46 24.30 -10.82 116.83
CA GLY ZD 46 22.92 -10.41 116.65
C GLY ZD 46 22.34 -9.75 117.88
N MET ZD 47 21.13 -9.20 117.71
CA MET ZD 47 20.41 -8.50 118.76
C MET ZD 47 19.18 -9.31 119.15
N ALA ZD 48 19.00 -9.51 120.45
CA ALA ZD 48 17.84 -10.22 120.97
C ALA ZD 48 16.69 -9.24 121.16
N LYS ZD 49 15.65 -9.39 120.35
CA LYS ZD 49 14.49 -8.52 120.44
C LYS ZD 49 13.51 -9.06 121.47
N SER ZD 50 12.93 -8.15 122.25
CA SER ZD 50 11.78 -8.42 123.08
C SER ZD 50 10.75 -7.33 122.84
N GLU ZD 51 9.51 -7.62 123.19
CA GLU ZD 51 8.45 -6.63 123.02
C GLU ZD 51 7.32 -6.96 123.98
N LEU ZD 52 6.84 -5.95 124.69
CA LEU ZD 52 5.77 -6.10 125.66
C LEU ZD 52 4.77 -4.99 125.43
N LYS ZD 53 3.64 -5.31 124.79
CA LYS ZD 53 2.67 -4.29 124.44
C LYS ZD 53 1.36 -4.54 125.16
N ILE ZD 54 0.74 -3.46 125.61
CA ILE ZD 54 -0.63 -3.49 126.12
C ILE ZD 54 -1.51 -2.72 125.15
N THR ZD 55 -2.53 -3.39 124.63
CA THR ZD 55 -3.46 -2.80 123.68
C THR ZD 55 -4.84 -2.71 124.31
N ARG ZD 56 -5.47 -1.55 124.21
CA ARG ZD 56 -6.81 -1.33 124.72
C ARG ZD 56 -7.74 -1.03 123.55
N VAL ZD 57 -8.76 -1.87 123.40
CA VAL ZD 57 -9.79 -1.69 122.37
C VAL ZD 57 -11.14 -1.79 123.04
N ASP ZD 58 -11.95 -0.74 122.91
CA ASP ZD 58 -13.27 -0.79 123.55
C ASP ZD 58 -14.15 -1.82 122.87
N PRO ZD 59 -14.81 -2.70 123.61
CA PRO ZD 59 -15.52 -3.81 122.97
C PRO ZD 59 -16.97 -3.55 122.61
N THR ZD 60 -17.26 -2.42 121.95
CA THR ZD 60 -18.60 -2.22 121.42
C THR ZD 60 -18.52 -1.95 119.93
N THR ZD 61 -17.53 -1.16 119.51
CA THR ZD 61 -17.23 -0.95 118.10
C THR ZD 61 -15.87 -1.48 117.70
N GLY ZD 62 -15.02 -1.82 118.66
CA GLY ZD 62 -13.73 -2.41 118.36
C GLY ZD 62 -12.68 -1.45 117.84
N VAL ZD 63 -12.77 -0.16 118.17
CA VAL ZD 63 -11.78 0.82 117.74
C VAL ZD 63 -10.67 0.87 118.78
N LEU ZD 64 -9.44 1.04 118.32
CA LEU ZD 64 -8.28 0.97 119.19
C LEU ZD 64 -8.13 2.27 119.96
N ILE ZD 65 -8.17 2.17 121.30
CA ILE ZD 65 -8.01 3.36 122.12
C ILE ZD 65 -6.55 3.76 122.22
N GLY ZD 66 -5.67 2.83 122.54
CA GLY ZD 66 -4.27 3.17 122.68
C GLY ZD 66 -3.41 1.95 122.91
N ILE ZD 67 -2.15 2.08 122.56
CA ILE ZD 67 -1.15 1.04 122.73
C ILE ZD 67 0.06 1.63 123.44
N VAL ZD 68 0.54 0.93 124.46
CA VAL ZD 68 1.81 1.23 125.10
C VAL ZD 68 2.70 0.01 124.93
N ASN ZD 69 3.88 0.20 124.34
CA ASN ZD 69 4.76 -0.90 123.98
C ASN ZD 69 6.13 -0.69 124.60
N VAL ZD 70 6.70 -1.76 125.15
CA VAL ZD 70 8.05 -1.75 125.69
C VAL ZD 70 8.86 -2.71 124.85
N SER ZD 71 9.79 -2.18 124.06
CA SER ZD 71 10.62 -2.98 123.18
C SER ZD 71 12.08 -2.89 123.61
N SER ZD 72 12.74 -4.03 123.70
CA SER ZD 72 14.16 -4.09 123.99
C SER ZD 72 14.88 -4.72 122.81
N SER ZD 73 16.07 -4.21 122.52
CA SER ZD 73 16.95 -4.71 121.46
C SER ZD 73 18.36 -4.69 122.01
N ILE ZD 74 18.86 -5.85 122.43
CA ILE ZD 74 20.11 -5.95 123.16
C ILE ZD 74 21.02 -6.97 122.49
N ARG ZD 75 22.31 -6.66 122.45
CA ARG ZD 75 23.30 -7.56 121.87
C ARG ZD 75 23.29 -8.92 122.57
N ALA ZD 76 23.48 -9.98 121.79
CA ALA ZD 76 23.54 -11.31 122.36
C ALA ZD 76 24.70 -11.45 123.34
N ASP ZD 77 25.83 -10.84 123.03
CA ASP ZD 77 27.01 -10.89 123.88
C ASP ZD 77 26.92 -9.97 125.09
N ALA ZD 78 25.90 -9.12 125.15
CA ALA ZD 78 25.84 -8.08 126.17
C ALA ZD 78 25.75 -8.70 127.56
N THR ZD 79 26.31 -8.01 128.54
CA THR ZD 79 26.38 -8.51 129.89
C THR ZD 79 25.02 -8.35 130.58
N ALA ZD 80 24.85 -9.11 131.67
CA ALA ZD 80 23.66 -8.95 132.50
C ALA ZD 80 23.63 -7.58 133.16
N ALA ZD 81 24.81 -7.04 133.51
CA ALA ZD 81 24.88 -5.69 134.06
C ALA ZD 81 24.44 -4.66 133.03
N ASP ZD 82 24.83 -4.85 131.77
CA ASP ZD 82 24.31 -3.99 130.71
C ASP ZD 82 22.80 -4.09 130.62
N LYS ZD 83 22.28 -5.31 130.76
CA LYS ZD 83 20.84 -5.52 130.65
C LYS ZD 83 20.12 -5.03 131.91
N THR ZD 84 20.75 -5.18 133.07
CA THR ZD 84 20.15 -4.66 134.30
C THR ZD 84 20.10 -3.15 134.28
N ALA ZD 85 21.17 -2.51 133.81
CA ALA ZD 85 21.22 -1.05 133.79
C ALA ZD 85 20.16 -0.48 132.85
N LEU ZD 86 19.97 -1.11 131.68
CA LEU ZD 86 18.97 -0.61 130.74
C LEU ZD 86 17.58 -0.66 131.33
N MET ZD 87 17.23 -1.76 132.00
CA MET ZD 87 15.90 -1.86 132.58
C MET ZD 87 15.74 -0.96 133.79
N ALA ZD 88 16.81 -0.77 134.55
CA ALA ZD 88 16.74 0.12 135.70
C ALA ZD 88 16.59 1.57 135.28
N ILE ZD 89 17.27 1.98 134.21
CA ILE ZD 89 17.20 3.37 133.77
C ILE ZD 89 15.83 3.67 133.18
N ILE ZD 90 15.32 2.77 132.33
CA ILE ZD 90 14.06 3.02 131.66
C ILE ZD 90 12.90 2.99 132.65
N THR ZD 91 12.98 2.13 133.67
CA THR ZD 91 11.91 2.08 134.66
C THR ZD 91 11.93 3.31 135.56
N ALA ZD 92 13.12 3.80 135.90
CA ALA ZD 92 13.21 5.04 136.67
C ALA ZD 92 12.68 6.22 135.88
N ALA ZD 93 12.96 6.26 134.58
CA ALA ZD 93 12.44 7.32 133.73
C ALA ZD 93 10.93 7.23 133.60
N GLN ZD 94 10.39 6.00 133.54
CA GLN ZD 94 8.94 5.82 133.48
C GLN ZD 94 8.28 6.26 134.77
N ALA ZD 95 8.90 5.97 135.91
CA ALA ZD 95 8.35 6.40 137.18
C ALA ZD 95 8.41 7.92 137.33
N ASP ZD 96 9.33 8.58 136.64
CA ASP ZD 96 9.41 10.03 136.66
C ASP ZD 96 8.18 10.63 136.00
N GLY ZD 97 7.78 11.82 136.47
CA GLY ZD 97 6.61 12.47 135.95
C GLY ZD 97 6.78 13.04 134.56
N ALA ZD 98 8.02 13.17 134.09
CA ALA ZD 98 8.24 13.64 132.72
C ALA ZD 98 7.63 12.69 131.71
N TRP ZD 99 7.79 11.38 131.92
CA TRP ZD 99 7.16 10.41 131.05
C TRP ZD 99 5.64 10.47 131.17
N THR ZD 100 5.13 10.67 132.39
CA THR ZD 100 3.69 10.78 132.58
C THR ZD 100 3.13 12.01 131.88
N GLU ZD 101 3.97 13.02 131.63
CA GLU ZD 101 3.58 14.18 130.84
C GLU ZD 101 3.82 13.99 129.36
N LEU ZD 102 4.87 13.26 128.99
CA LEU ZD 102 5.07 12.93 127.57
C LEU ZD 102 3.88 12.15 127.04
N VAL ZD 103 3.38 11.21 127.82
CA VAL ZD 103 2.07 10.63 127.55
C VAL ZD 103 1.02 11.55 128.15
N THR ZD 104 -0.16 11.58 127.52
CA THR ZD 104 -1.33 12.36 127.92
C THR ZD 104 -1.24 13.85 127.66
N ASP ZD 105 -0.05 14.38 127.39
CA ASP ZD 105 0.11 15.82 127.16
C ASP ZD 105 0.98 16.16 125.98
N GLN ZD 106 1.79 15.24 125.47
CA GLN ZD 106 2.79 15.52 124.44
C GLN ZD 106 3.72 16.64 124.88
N ARG ZD 107 4.17 16.54 126.12
CA ARG ZD 107 5.00 17.55 126.76
C ARG ZD 107 6.42 17.02 126.91
N LEU ZD 108 7.38 17.74 126.33
CA LEU ZD 108 8.78 17.40 126.48
C LEU ZD 108 9.30 17.86 127.84
N PRO ZD 109 10.33 17.19 128.38
CA PRO ZD 109 10.79 17.54 129.74
C PRO ZD 109 11.70 18.74 129.77
N LEU ZD 110 11.29 19.82 129.11
CA LEU ZD 110 12.15 20.98 128.99
C LEU ZD 110 11.52 22.27 129.52
N ALA ZD 111 10.34 22.20 130.11
CA ALA ZD 111 9.73 23.37 130.71
C ALA ZD 111 10.56 23.88 131.86
N THR ZD 112 10.47 25.18 132.12
CA THR ZD 112 11.12 25.80 133.26
C THR ZD 112 10.25 25.82 134.51
N VAL ZD 113 9.03 25.30 134.41
CA VAL ZD 113 8.06 25.25 135.52
C VAL ZD 113 7.74 26.66 136.02
N SER AE 1 14.59 13.04 132.58
CA SER AE 1 14.96 14.42 132.89
C SER AE 1 16.26 14.49 133.68
N LYS AE 2 16.23 13.99 134.91
CA LYS AE 2 17.34 14.10 135.84
C LYS AE 2 17.71 12.71 136.32
N VAL AE 3 18.44 12.64 137.43
CA VAL AE 3 19.10 11.42 137.91
C VAL AE 3 18.18 10.22 137.88
N PHE AE 4 18.58 9.19 137.13
CA PHE AE 4 17.88 7.93 137.06
C PHE AE 4 18.88 6.80 137.26
N ASN AE 5 18.50 5.82 138.08
CA ASN AE 5 19.38 4.70 138.41
C ASN AE 5 20.72 5.17 138.92
N THR AE 6 20.68 6.19 139.79
CA THR AE 6 21.84 6.86 140.40
C THR AE 6 22.72 7.56 139.38
N GLN AE 7 22.35 7.58 138.11
CA GLN AE 7 23.13 8.23 137.07
C GLN AE 7 22.48 9.56 136.70
N THR AE 8 23.29 10.61 136.65
CA THR AE 8 22.82 11.96 136.34
C THR AE 8 22.78 12.12 134.84
N PHE AE 9 21.62 12.44 134.29
CA PHE AE 9 21.44 12.62 132.86
C PHE AE 9 21.28 14.11 132.58
N ASP AE 10 22.31 14.69 131.96
CA ASP AE 10 22.30 16.10 131.58
C ASP AE 10 21.96 16.22 130.11
N ILE AE 11 21.38 17.36 129.74
CA ILE AE 11 20.81 17.52 128.40
C ILE AE 11 21.93 17.46 127.36
N TYR AE 12 21.73 16.61 126.35
CA TYR AE 12 22.71 16.44 125.28
C TYR AE 12 22.34 17.19 124.01
N SER AE 13 21.07 17.16 123.62
CA SER AE 13 20.63 17.88 122.43
C SER AE 13 19.13 18.09 122.55
N THR AE 14 18.63 19.08 121.81
CA THR AE 14 17.21 19.39 121.79
C THR AE 14 16.75 19.55 120.35
N GLU AE 15 15.64 18.92 120.02
CA GLU AE 15 15.03 19.03 118.71
C GLU AE 15 13.61 19.59 118.87
N LYS AE 16 12.92 19.73 117.73
CA LYS AE 16 11.54 20.15 117.75
C LYS AE 16 10.68 19.20 118.57
N ASP AE 17 10.94 17.90 118.45
CA ASP AE 17 10.11 16.90 119.10
C ASP AE 17 10.93 15.88 119.89
N VAL AE 18 12.24 16.06 119.98
CA VAL AE 18 13.11 15.13 120.70
C VAL AE 18 13.95 15.91 121.70
N VAL AE 19 14.03 15.39 122.91
CA VAL AE 19 14.96 15.88 123.92
C VAL AE 19 15.82 14.71 124.33
N SER AE 20 17.14 14.87 124.18
CA SER AE 20 18.09 13.82 124.46
C SER AE 20 18.95 14.22 125.64
N LEU AE 21 19.18 13.29 126.56
CA LEU AE 21 20.01 13.53 127.72
C LEU AE 21 21.10 12.47 127.81
N ARG AE 22 22.25 12.87 128.33
CA ARG AE 22 23.39 12.00 128.42
C ARG AE 22 23.89 11.96 129.86
N ASP AE 23 24.48 10.83 130.23
CA ASP AE 23 25.12 10.74 131.54
C ASP AE 23 26.33 11.68 131.63
N PHE AE 24 27.21 11.63 130.63
CA PHE AE 24 28.44 12.40 130.55
C PHE AE 24 29.46 11.94 131.58
N ALA AE 25 29.06 11.01 132.45
CA ALA AE 25 29.96 10.38 133.41
C ALA AE 25 30.54 9.09 132.85
N ASN AE 26 29.70 8.12 132.53
CA ASN AE 26 30.14 6.95 131.80
C ASN AE 26 30.10 7.16 130.29
N ASP AE 27 29.54 8.28 129.84
CA ASP AE 27 29.56 8.68 128.43
C ASP AE 27 28.98 7.61 127.52
N LYS AE 28 28.08 6.79 128.05
CA LYS AE 28 27.59 5.65 127.30
C LYS AE 28 26.08 5.57 127.19
N ASP AE 29 25.33 6.27 128.04
CA ASP AE 29 23.89 6.15 128.11
C ASP AE 29 23.22 7.43 127.62
N THR AE 30 22.28 7.30 126.71
CA THR AE 30 21.54 8.44 126.19
C THR AE 30 20.05 8.17 126.33
N LEU AE 31 19.33 9.11 126.93
CA LEU AE 31 17.91 9.03 127.17
C LEU AE 31 17.20 10.03 126.27
N ALA AE 32 16.24 9.55 125.48
CA ALA AE 32 15.53 10.39 124.52
C ALA AE 32 14.06 10.44 124.85
N TYR AE 33 13.48 11.63 124.76
CA TYR AE 33 12.04 11.85 124.88
C TYR AE 33 11.54 12.35 123.54
N LYS AE 34 10.71 11.56 122.87
CA LYS AE 34 10.25 11.89 121.54
C LYS AE 34 8.75 12.17 121.57
N ARG AE 35 8.33 13.11 120.74
CA ARG AE 35 6.97 13.60 120.71
C ARG AE 35 6.45 13.55 119.29
N LEU AE 36 5.20 13.14 119.12
CA LEU AE 36 4.57 13.10 117.80
C LEU AE 36 3.09 13.35 117.98
N ALA AE 37 2.69 14.61 117.80
CA ALA AE 37 1.32 15.01 118.06
C ALA AE 37 0.36 14.34 117.08
N PRO AE 38 -0.90 14.14 117.49
CA PRO AE 38 -1.87 13.55 116.56
C PRO AE 38 -2.16 14.48 115.39
N LYS AE 39 -2.41 13.87 114.24
CA LYS AE 39 -2.82 14.59 113.05
C LYS AE 39 -4.22 14.15 112.67
N ARG AE 40 -5.13 15.12 112.50
CA ARG AE 40 -6.54 14.84 112.23
C ARG AE 40 -6.70 14.64 110.73
N THR AE 41 -6.20 13.51 110.24
CA THR AE 41 -6.24 13.21 108.81
C THR AE 41 -7.61 12.73 108.34
N LYS AE 42 -8.51 12.41 109.26
CA LYS AE 42 -9.85 11.99 108.94
C LYS AE 42 -10.77 12.46 110.07
N ASP AE 43 -11.96 11.86 110.15
CA ASP AE 43 -12.88 12.12 111.25
C ASP AE 43 -12.22 11.79 112.58
N SER AE 44 -11.24 10.90 112.55
CA SER AE 44 -10.46 10.60 113.75
C SER AE 44 -9.68 11.84 114.18
N PRO AE 45 -9.48 12.05 115.48
CA PRO AE 45 -8.59 13.13 115.93
C PRO AE 45 -7.12 12.80 115.81
N GLY AE 46 -6.78 11.64 115.23
CA GLY AE 46 -5.39 11.22 115.11
C GLY AE 46 -4.92 10.47 116.33
N MET AE 47 -3.67 10.02 116.26
CA MET AE 47 -3.04 9.30 117.35
C MET AE 47 -1.86 10.12 117.88
N ALA AE 48 -1.86 10.37 119.20
CA ALA AE 48 -0.75 11.04 119.85
C ALA AE 48 0.32 10.01 120.15
N LYS AE 49 1.47 10.14 119.51
CA LYS AE 49 2.58 9.24 119.74
C LYS AE 49 3.56 9.84 120.73
N SER AE 50 4.16 9.00 121.56
CA SER AE 50 5.27 9.37 122.40
C SER AE 50 6.31 8.26 122.38
N GLU AE 51 7.53 8.58 122.79
CA GLU AE 51 8.60 7.60 122.77
C GLU AE 51 9.62 7.97 123.82
N LEU AE 52 9.96 7.01 124.69
CA LEU AE 52 10.98 7.20 125.71
C LEU AE 52 11.97 6.05 125.58
N LYS AE 53 13.15 6.32 125.03
CA LYS AE 53 14.11 5.28 124.75
C LYS AE 53 15.42 5.56 125.45
N ILE AE 54 16.06 4.49 125.91
CA ILE AE 54 17.38 4.54 126.52
C ILE AE 54 18.33 3.75 125.62
N THR AE 55 19.47 4.33 125.31
CA THR AE 55 20.45 3.72 124.44
C THR AE 55 21.79 3.66 125.15
N ARG AE 56 22.40 2.48 125.15
CA ARG AE 56 23.73 2.29 125.68
C ARG AE 56 24.66 1.89 124.56
N VAL AE 57 25.71 2.68 124.34
CA VAL AE 57 26.79 2.33 123.44
C VAL AE 57 28.08 2.48 124.21
N ASP AE 58 28.98 1.51 124.07
CA ASP AE 58 30.23 1.62 124.79
C ASP AE 58 31.09 2.69 124.10
N PRO AE 59 31.53 3.73 124.81
CA PRO AE 59 32.10 4.89 124.12
C PRO AE 59 33.58 4.74 123.80
N THR AE 60 34.01 3.59 123.30
CA THR AE 60 35.36 3.48 122.76
C THR AE 60 35.32 3.00 121.32
N THR AE 61 34.54 1.94 121.06
CA THR AE 61 34.39 1.43 119.71
C THR AE 61 33.03 1.74 119.11
N GLY AE 62 32.12 2.28 119.89
CA GLY AE 62 30.84 2.72 119.36
C GLY AE 62 29.96 1.63 118.82
N VAL AE 63 30.00 0.43 119.39
CA VAL AE 63 29.05 -0.61 119.05
C VAL AE 63 27.90 -0.56 120.03
N LEU AE 64 26.68 -0.62 119.52
CA LEU AE 64 25.50 -0.46 120.34
C LEU AE 64 25.36 -1.65 121.27
N ILE AE 65 25.24 -1.40 122.58
CA ILE AE 65 25.03 -2.49 123.52
C ILE AE 65 23.57 -2.92 123.54
N GLY AE 66 22.66 -1.96 123.61
CA GLY AE 66 21.25 -2.30 123.63
C GLY AE 66 20.38 -1.06 123.70
N ILE AE 67 19.12 -1.25 123.33
CA ILE AE 67 18.10 -0.20 123.36
C ILE AE 67 16.86 -0.76 124.05
N VAL AE 68 16.29 0.01 124.95
CA VAL AE 68 14.97 -0.26 125.51
C VAL AE 68 14.09 0.95 125.22
N ASN AE 69 12.94 0.69 124.60
CA ASN AE 69 12.09 1.75 124.07
C ASN AE 69 10.69 1.61 124.65
N VAL AE 70 10.14 2.72 125.13
CA VAL AE 70 8.76 2.77 125.62
C VAL AE 70 7.99 3.70 124.71
N SER AE 71 7.17 3.13 123.84
CA SER AE 71 6.40 3.89 122.87
C SER AE 71 4.92 3.86 123.24
N SER AE 72 4.23 4.95 122.95
CA SER AE 72 2.81 5.05 123.19
C SER AE 72 2.13 5.57 121.93
N SER AE 73 0.98 5.00 121.61
CA SER AE 73 0.15 5.45 120.49
C SER AE 73 -1.28 5.45 121.00
N ILE AE 74 -1.72 6.62 121.48
CA ILE AE 74 -3.03 6.76 122.11
C ILE AE 74 -3.86 7.74 121.30
N ARG AE 75 -5.15 7.43 121.15
CA ARG AE 75 -6.07 8.34 120.48
C ARG AE 75 -6.06 9.70 121.17
N ALA AE 76 -6.11 10.76 120.36
CA ALA AE 76 -6.16 12.11 120.91
C ALA AE 76 -7.40 12.31 121.75
N ASP AE 77 -8.50 11.64 121.41
CA ASP AE 77 -9.74 11.75 122.15
C ASP AE 77 -9.78 10.85 123.37
N ALA AE 78 -8.81 9.96 123.54
CA ALA AE 78 -8.88 8.96 124.60
C ALA AE 78 -8.83 9.62 125.97
N THR AE 79 -9.70 9.14 126.86
CA THR AE 79 -9.81 9.69 128.19
C THR AE 79 -8.56 9.40 129.00
N ALA AE 80 -8.35 10.22 130.04
CA ALA AE 80 -7.23 10.00 130.93
C ALA AE 80 -7.33 8.67 131.65
N ALA AE 81 -8.56 8.22 131.94
CA ALA AE 81 -8.74 6.91 132.55
C ALA AE 81 -8.24 5.80 131.63
N ASP AE 82 -8.57 5.89 130.34
CA ASP AE 82 -7.99 4.97 129.37
C ASP AE 82 -6.47 5.16 129.32
N LYS AE 83 -6.03 6.41 129.43
CA LYS AE 83 -4.61 6.72 129.32
C LYS AE 83 -3.84 6.33 130.57
N THR AE 84 -4.45 6.49 131.74
CA THR AE 84 -3.78 6.10 132.98
C THR AE 84 -3.74 4.58 133.13
N ALA AE 85 -4.79 3.90 132.71
CA ALA AE 85 -4.81 2.44 132.80
C ALA AE 85 -3.75 1.81 131.91
N LEU AE 86 -3.53 2.41 130.73
CA LEU AE 86 -2.51 1.91 129.83
C LEU AE 86 -1.13 2.00 130.45
N MET AE 87 -0.85 3.07 131.19
CA MET AE 87 0.43 3.17 131.87
C MET AE 87 0.46 2.28 133.09
N ALA AE 88 -0.66 2.17 133.80
CA ALA AE 88 -0.71 1.36 135.01
C ALA AE 88 -0.48 -0.12 134.69
N ILE AE 89 -1.06 -0.61 133.61
CA ILE AE 89 -0.88 -2.01 133.25
C ILE AE 89 0.56 -2.27 132.83
N ILE AE 90 1.11 -1.42 131.96
CA ILE AE 90 2.43 -1.69 131.40
C ILE AE 90 3.51 -1.57 132.45
N THR AE 91 3.38 -0.61 133.37
CA THR AE 91 4.34 -0.50 134.45
C THR AE 91 4.24 -1.69 135.39
N ALA AE 92 3.02 -2.15 135.67
CA ALA AE 92 2.84 -3.34 136.48
C ALA AE 92 3.43 -4.56 135.80
N ALA AE 93 3.25 -4.67 134.49
CA ALA AE 93 3.82 -5.79 133.74
C ALA AE 93 5.35 -5.73 133.76
N GLN AE 94 5.92 -4.54 133.63
CA GLN AE 94 7.38 -4.42 133.67
C GLN AE 94 7.94 -4.79 135.03
N ALA AE 95 7.27 -4.36 136.11
CA ALA AE 95 7.72 -4.73 137.44
C ALA AE 95 7.65 -6.23 137.68
N ASP AE 96 6.77 -6.93 136.97
CA ASP AE 96 6.66 -8.36 137.09
C ASP AE 96 7.89 -9.05 136.51
N GLY AE 97 8.22 -10.22 137.07
CA GLY AE 97 9.40 -10.96 136.65
C GLY AE 97 9.34 -11.50 135.24
N ALA AE 98 8.14 -11.59 134.66
CA ALA AE 98 8.03 -12.09 133.29
C ALA AE 98 8.75 -11.17 132.31
N TRP AE 99 8.60 -9.86 132.48
CA TRP AE 99 9.32 -8.92 131.62
C TRP AE 99 10.82 -9.01 131.85
N THR AE 100 11.26 -9.14 133.10
CA THR AE 100 12.68 -9.26 133.38
C THR AE 100 13.26 -10.49 132.70
N GLU AE 101 12.53 -11.60 132.70
CA GLU AE 101 12.97 -12.82 132.04
C GLU AE 101 12.80 -12.77 130.53
N LEU AE 102 11.83 -12.01 130.02
CA LEU AE 102 11.71 -11.85 128.58
C LEU AE 102 12.95 -11.19 128.01
N VAL AE 103 13.46 -10.18 128.69
CA VAL AE 103 14.82 -9.71 128.48
C VAL AE 103 15.77 -10.64 129.22
N THR AE 104 17.03 -10.67 128.79
CA THR AE 104 18.10 -11.42 129.45
C THR AE 104 17.96 -12.93 129.29
N ASP AE 105 16.80 -13.40 128.84
CA ASP AE 105 16.61 -14.83 128.61
C ASP AE 105 15.82 -15.16 127.36
N GLN AE 106 15.10 -14.20 126.77
CA GLN AE 106 14.12 -14.47 125.72
C GLN AE 106 13.14 -15.56 126.15
N ARG AE 107 12.68 -15.46 127.39
CA ARG AE 107 11.79 -16.43 127.99
C ARG AE 107 10.35 -15.92 127.94
N LEU AE 108 9.48 -16.64 127.26
CA LEU AE 108 8.08 -16.26 127.22
C LEU AE 108 7.36 -16.73 128.48
N PRO AE 109 6.32 -16.02 128.91
CA PRO AE 109 5.57 -16.44 130.08
C PRO AE 109 4.68 -17.63 129.80
N LEU AE 110 5.29 -18.81 129.67
CA LEU AE 110 4.55 -20.05 129.50
C LEU AE 110 5.16 -21.22 130.26
N ALA AE 111 6.18 -20.99 131.08
CA ALA AE 111 6.81 -22.07 131.83
C ALA AE 111 5.88 -22.58 132.93
N THR AE 112 5.90 -23.89 133.16
CA THR AE 112 5.10 -24.52 134.20
C THR AE 112 5.78 -24.50 135.56
N VAL AE 113 7.03 -24.04 135.63
CA VAL AE 113 7.80 -23.97 136.87
C VAL AE 113 7.98 -25.36 137.48
N SER BE 1 -5.70 57.28 119.80
CA SER BE 1 -6.56 58.42 120.11
C SER BE 1 -5.74 59.68 120.38
N LYS BE 2 -5.09 59.72 121.53
CA LYS BE 2 -4.38 60.92 121.98
C LYS BE 2 -3.05 60.48 122.58
N VAL BE 3 -2.44 61.39 123.35
CA VAL BE 3 -1.02 61.35 123.71
C VAL BE 3 -0.56 59.96 124.11
N PHE BE 4 0.45 59.46 123.40
CA PHE BE 4 1.09 58.18 123.66
C PHE BE 4 2.58 58.41 123.75
N ASN BE 5 3.19 57.92 124.83
CA ASN BE 5 4.64 58.05 125.02
C ASN BE 5 5.05 59.52 124.92
N THR BE 6 4.26 60.39 125.54
CA THR BE 6 4.45 61.83 125.60
C THR BE 6 4.41 62.50 124.23
N GLN BE 7 3.97 61.82 123.19
CA GLN BE 7 3.81 62.41 121.87
C GLN BE 7 2.32 62.59 121.60
N THR BE 8 1.96 63.72 121.00
CA THR BE 8 0.58 64.01 120.66
C THR BE 8 0.29 63.46 119.27
N PHE BE 9 -0.69 62.57 119.18
CA PHE BE 9 -1.13 62.01 117.91
C PHE BE 9 -2.47 62.62 117.56
N ASP BE 10 -2.51 63.33 116.44
CA ASP BE 10 -3.74 63.93 115.94
C ASP BE 10 -4.22 63.17 114.73
N ILE BE 11 -5.54 63.16 114.52
CA ILE BE 11 -6.09 62.42 113.40
C ILE BE 11 -5.57 63.03 112.11
N TYR BE 12 -4.98 62.19 111.27
CA TYR BE 12 -4.48 62.61 109.98
C TYR BE 12 -5.45 62.33 108.84
N SER BE 13 -6.11 61.18 108.87
CA SER BE 13 -7.02 60.82 107.80
C SER BE 13 -8.09 59.91 108.37
N THR BE 14 -9.30 60.04 107.83
CA THR BE 14 -10.42 59.24 108.26
C THR BE 14 -10.94 58.48 107.05
N GLU BE 15 -11.08 57.17 107.19
CA GLU BE 15 -11.50 56.29 106.12
C GLU BE 15 -12.68 55.47 106.62
N LYS BE 16 -13.33 54.77 105.69
CA LYS BE 16 -14.43 53.87 106.01
C LYS BE 16 -14.06 52.90 107.12
N ASP BE 17 -12.92 52.21 106.97
CA ASP BE 17 -12.47 51.24 107.94
C ASP BE 17 -11.07 51.52 108.46
N VAL BE 18 -10.53 52.71 108.21
CA VAL BE 18 -9.19 53.07 108.66
C VAL BE 18 -9.24 54.45 109.30
N VAL BE 19 -8.54 54.61 110.42
CA VAL BE 19 -8.31 55.89 111.04
C VAL BE 19 -6.81 56.02 111.28
N SER BE 20 -6.24 57.14 110.87
CA SER BE 20 -4.80 57.35 110.93
C SER BE 20 -4.49 58.58 111.77
N LEU BE 21 -3.51 58.44 112.65
CA LEU BE 21 -3.05 59.54 113.51
C LEU BE 21 -1.59 59.82 113.25
N ARG BE 22 -1.25 61.10 113.16
CA ARG BE 22 0.11 61.54 112.92
C ARG BE 22 0.56 62.37 114.11
N ASP BE 23 1.84 62.24 114.46
CA ASP BE 23 2.39 63.04 115.54
C ASP BE 23 2.34 64.54 115.20
N PHE BE 24 2.73 64.90 113.98
CA PHE BE 24 2.72 66.26 113.48
C PHE BE 24 3.76 67.13 114.17
N ALA BE 25 4.44 66.58 115.17
CA ALA BE 25 5.54 67.25 115.84
C ALA BE 25 6.89 66.73 115.35
N ASN BE 26 7.13 65.42 115.47
CA ASN BE 26 8.30 64.84 114.83
C ASN BE 26 8.07 64.54 113.36
N ASP BE 27 6.80 64.55 112.91
CA ASP BE 27 6.43 64.30 111.53
C ASP BE 27 7.03 62.98 111.01
N LYS BE 28 7.12 61.98 111.89
CA LYS BE 28 7.73 60.72 111.52
C LYS BE 28 6.92 59.51 111.98
N ASP BE 29 5.96 59.67 112.88
CA ASP BE 29 5.20 58.56 113.45
C ASP BE 29 3.76 58.61 112.94
N THR BE 30 3.26 57.46 112.50
CA THR BE 30 1.88 57.32 112.07
C THR BE 30 1.25 56.13 112.78
N LEU BE 31 0.11 56.35 113.42
CA LEU BE 31 -0.65 55.30 114.09
C LEU BE 31 -1.95 55.08 113.33
N ALA BE 32 -2.17 53.85 112.88
CA ALA BE 32 -3.32 53.52 112.05
C ALA BE 32 -4.19 52.49 112.75
N TYR BE 33 -5.49 52.72 112.73
CA TYR BE 33 -6.49 51.77 113.23
C TYR BE 33 -7.20 51.19 112.01
N LYS BE 34 -7.02 49.89 111.76
CA LYS BE 34 -7.61 49.23 110.61
C LYS BE 34 -8.69 48.25 111.06
N ARG BE 35 -9.77 48.21 110.31
CA ARG BE 35 -10.96 47.43 110.64
C ARG BE 35 -11.28 46.49 109.49
N LEU BE 36 -11.80 45.31 109.81
CA LEU BE 36 -12.22 44.36 108.78
C LEU BE 36 -13.24 43.41 109.39
N ALA BE 37 -14.50 43.55 108.99
CA ALA BE 37 -15.58 42.77 109.58
C ALA BE 37 -15.49 41.30 109.18
N PRO BE 38 -15.97 40.39 110.02
CA PRO BE 38 -15.96 38.97 109.66
C PRO BE 38 -16.89 38.69 108.51
N LYS BE 39 -16.49 37.75 107.65
CA LYS BE 39 -17.29 37.37 106.50
C LYS BE 39 -17.84 35.96 106.70
N ARG BE 40 -19.16 35.83 106.61
CA ARG BE 40 -19.83 34.55 106.75
C ARG BE 40 -19.79 33.83 105.41
N THR BE 41 -18.57 33.50 104.98
CA THR BE 41 -18.37 32.81 103.71
C THR BE 41 -18.83 31.37 103.76
N LYS BE 42 -19.20 30.88 104.94
CA LYS BE 42 -19.63 29.52 105.15
C LYS BE 42 -20.53 29.50 106.37
N ASP BE 43 -20.75 28.31 106.92
CA ASP BE 43 -21.49 28.18 108.17
C ASP BE 43 -20.85 29.03 109.26
N SER BE 44 -19.51 29.08 109.26
CA SER BE 44 -18.79 29.87 110.26
C SER BE 44 -19.11 31.34 110.10
N PRO BE 45 -19.29 32.09 111.19
CA PRO BE 45 -19.63 33.51 111.07
C PRO BE 45 -18.49 34.38 110.58
N GLY BE 46 -17.31 33.82 110.40
CA GLY BE 46 -16.17 34.58 109.91
C GLY BE 46 -15.26 35.07 111.02
N MET BE 47 -14.14 35.65 110.60
CA MET BE 47 -13.10 36.10 111.51
C MET BE 47 -13.03 37.63 111.45
N ALA BE 48 -13.19 38.28 112.60
CA ALA BE 48 -13.19 39.72 112.67
C ALA BE 48 -11.75 40.21 112.79
N LYS BE 49 -11.26 40.89 111.75
CA LYS BE 49 -9.89 41.35 111.70
C LYS BE 49 -9.78 42.75 112.29
N SER BE 50 -8.74 42.96 113.08
CA SER BE 50 -8.38 44.27 113.59
C SER BE 50 -6.89 44.48 113.37
N GLU BE 51 -6.48 45.74 113.38
CA GLU BE 51 -5.07 46.05 113.22
C GLU BE 51 -4.77 47.39 113.89
N LEU BE 52 -3.71 47.42 114.68
CA LEU BE 52 -3.19 48.64 115.29
C LEU BE 52 -1.70 48.69 115.01
N LYS BE 53 -1.26 49.63 114.18
CA LYS BE 53 0.12 49.67 113.77
C LYS BE 53 0.70 51.07 113.91
N ILE BE 54 1.95 51.12 114.33
CA ILE BE 54 2.71 52.37 114.41
C ILE BE 54 3.84 52.27 113.39
N THR BE 55 3.94 53.28 112.53
CA THR BE 55 4.94 53.31 111.48
C THR BE 55 5.82 54.54 111.65
N ARG BE 56 7.13 54.32 111.61
CA ARG BE 56 8.08 55.41 111.70
C ARG BE 56 8.83 55.52 110.38
N VAL BE 57 8.78 56.70 109.79
CA VAL BE 57 9.47 57.01 108.54
C VAL BE 57 10.37 58.20 108.78
N ASP BE 58 11.59 58.13 108.30
CA ASP BE 58 12.52 59.22 108.53
C ASP BE 58 12.09 60.44 107.72
N PRO BE 59 11.77 61.56 108.37
CA PRO BE 59 11.13 62.66 107.64
C PRO BE 59 12.10 63.64 106.98
N THR BE 60 13.17 63.15 106.36
CA THR BE 60 13.95 64.02 105.47
C THR BE 60 14.15 63.35 104.12
N THR BE 61 14.34 62.03 104.10
CA THR BE 61 14.43 61.28 102.87
C THR BE 61 13.35 60.21 102.72
N GLY BE 62 12.58 59.94 103.79
CA GLY BE 62 11.47 59.02 103.68
C GLY BE 62 11.84 57.56 103.76
N VAL BE 63 12.81 57.18 104.57
CA VAL BE 63 13.19 55.78 104.73
C VAL BE 63 12.47 55.21 105.94
N LEU BE 64 11.80 54.08 105.73
CA LEU BE 64 11.04 53.41 106.78
C LEU BE 64 11.98 52.93 107.87
N ILE BE 65 11.90 53.55 109.05
CA ILE BE 65 12.72 53.11 110.17
C ILE BE 65 12.23 51.78 110.70
N GLY BE 66 10.93 51.66 110.96
CA GLY BE 66 10.42 50.44 111.54
C GLY BE 66 8.91 50.48 111.64
N ILE BE 67 8.34 49.29 111.81
CA ILE BE 67 6.90 49.11 112.00
C ILE BE 67 6.69 48.12 113.14
N VAL BE 68 5.85 48.48 114.08
CA VAL BE 68 5.31 47.52 115.05
C VAL BE 68 3.81 47.45 114.83
N ASN BE 69 3.31 46.26 114.54
CA ASN BE 69 1.92 46.06 114.19
C ASN BE 69 1.28 45.06 115.15
N VAL BE 70 0.09 45.38 115.63
CA VAL BE 70 -0.71 44.47 116.43
C VAL BE 70 -1.97 44.14 115.63
N SER BE 71 -2.11 42.88 115.25
CA SER BE 71 -3.24 42.43 114.46
C SER BE 71 -4.02 41.38 115.24
N SER BE 72 -5.34 41.37 115.03
CA SER BE 72 -6.22 40.41 115.67
C SER BE 72 -7.07 39.71 114.61
N SER BE 73 -7.23 38.41 114.78
CA SER BE 73 -8.10 37.61 113.93
C SER BE 73 -8.89 36.71 114.88
N ILE BE 74 -10.08 37.16 115.26
CA ILE BE 74 -10.90 36.48 116.25
C ILE BE 74 -12.22 36.08 115.59
N ARG BE 75 -12.70 34.88 115.92
CA ARG BE 75 -13.98 34.42 115.43
C ARG BE 75 -15.07 35.42 115.77
N ALA BE 76 -15.99 35.61 114.82
CA ALA BE 76 -17.12 36.51 115.06
C ALA BE 76 -17.96 36.04 116.24
N ASP BE 77 -18.01 34.73 116.49
CA ASP BE 77 -18.79 34.18 117.58
C ASP BE 77 -18.01 34.05 118.89
N ALA BE 78 -16.72 34.38 118.88
CA ALA BE 78 -15.90 34.17 120.06
C ALA BE 78 -16.38 35.01 121.22
N THR BE 79 -16.39 34.41 122.41
CA THR BE 79 -16.92 35.09 123.58
C THR BE 79 -16.00 36.22 124.01
N ALA BE 80 -16.58 37.18 124.73
CA ALA BE 80 -15.80 38.29 125.25
C ALA BE 80 -14.74 37.79 126.22
N ALA BE 81 -14.99 36.66 126.89
CA ALA BE 81 -13.97 36.08 127.77
C ALA BE 81 -12.75 35.63 126.97
N ASP BE 82 -12.97 34.99 125.83
CA ASP BE 82 -11.85 34.66 124.95
C ASP BE 82 -11.18 35.92 124.44
N LYS BE 83 -11.97 36.93 124.10
CA LYS BE 83 -11.42 38.16 123.53
C LYS BE 83 -10.67 38.96 124.59
N THR BE 84 -11.14 38.91 125.84
CA THR BE 84 -10.41 39.57 126.91
C THR BE 84 -9.15 38.80 127.28
N ALA BE 85 -9.23 37.46 127.30
CA ALA BE 85 -8.07 36.66 127.63
C ALA BE 85 -6.97 36.81 126.59
N LEU BE 86 -7.34 36.84 125.32
CA LEU BE 86 -6.35 37.01 124.26
C LEU BE 86 -5.63 38.34 124.41
N MET BE 87 -6.36 39.40 124.71
CA MET BE 87 -5.74 40.71 124.88
C MET BE 87 -4.92 40.77 126.15
N ALA BE 88 -5.35 40.09 127.21
CA ALA BE 88 -4.63 40.12 128.47
C ALA BE 88 -3.33 39.32 128.40
N ILE BE 89 -3.35 38.18 127.71
CA ILE BE 89 -2.14 37.38 127.58
C ILE BE 89 -1.09 38.12 126.77
N ILE BE 90 -1.49 38.66 125.61
CA ILE BE 90 -0.54 39.32 124.73
C ILE BE 90 0.00 40.59 125.37
N THR BE 91 -0.83 41.31 126.13
CA THR BE 91 -0.34 42.51 126.81
C THR BE 91 0.66 42.16 127.89
N ALA BE 92 0.41 41.09 128.64
CA ALA BE 92 1.35 40.64 129.66
C ALA BE 92 2.66 40.16 129.03
N ALA BE 93 2.57 39.45 127.91
CA ALA BE 93 3.77 39.00 127.22
C ALA BE 93 4.59 40.17 126.71
N GLN BE 94 3.94 41.21 126.19
CA GLN BE 94 4.66 42.40 125.75
C GLN BE 94 5.32 43.10 126.93
N ALA BE 95 4.64 43.15 128.08
CA ALA BE 95 5.25 43.72 129.28
C ALA BE 95 6.39 42.88 129.80
N ASP BE 96 6.39 41.58 129.50
CA ASP BE 96 7.50 40.72 129.87
C ASP BE 96 8.75 41.11 129.08
N GLY BE 97 9.90 40.83 129.68
CA GLY BE 97 11.17 41.24 129.08
C GLY BE 97 11.57 40.44 127.86
N ALA BE 98 10.99 39.25 127.68
CA ALA BE 98 11.33 38.44 126.52
C ALA BE 98 10.98 39.15 125.22
N TRP BE 99 9.86 39.89 125.22
CA TRP BE 99 9.51 40.67 124.04
C TRP BE 99 10.51 41.79 123.79
N THR BE 100 10.92 42.49 124.86
CA THR BE 100 11.87 43.58 124.70
C THR BE 100 13.22 43.08 124.21
N GLU BE 101 13.47 41.78 124.31
CA GLU BE 101 14.68 41.18 123.78
C GLU BE 101 14.49 40.61 122.38
N LEU BE 102 13.30 40.07 122.08
CA LEU BE 102 12.99 39.65 120.73
C LEU BE 102 13.09 40.81 119.76
N VAL BE 103 12.52 41.94 120.14
CA VAL BE 103 12.83 43.21 119.52
C VAL BE 103 14.13 43.73 120.11
N THR BE 104 14.90 44.45 119.31
CA THR BE 104 16.17 45.09 119.67
C THR BE 104 17.32 44.11 119.81
N ASP BE 105 17.05 42.81 119.86
CA ASP BE 105 18.16 41.85 119.87
C ASP BE 105 17.92 40.60 119.05
N GLN BE 106 16.69 40.30 118.65
CA GLN BE 106 16.34 39.02 118.04
C GLN BE 106 16.73 37.86 118.97
N ARG BE 107 16.51 38.06 120.26
CA ARG BE 107 16.84 37.07 121.27
C ARG BE 107 15.59 36.30 121.64
N LEU BE 108 15.63 35.04 121.43
CA LEU BE 108 14.52 34.13 121.76
C LEU BE 108 14.56 33.73 123.23
N PRO BE 109 13.41 33.41 123.81
CA PRO BE 109 13.40 32.95 125.20
C PRO BE 109 13.89 31.52 125.33
N LEU BE 110 15.17 31.29 125.00
CA LEU BE 110 15.78 29.99 125.17
C LEU BE 110 17.18 30.07 125.78
N ALA BE 111 17.73 31.27 125.96
CA ALA BE 111 19.04 31.41 126.57
C ALA BE 111 19.01 30.94 128.02
N THR BE 112 20.09 30.32 128.47
CA THR BE 112 20.18 29.79 129.82
C THR BE 112 20.62 30.83 130.84
N VAL BE 113 20.97 32.04 130.40
CA VAL BE 113 21.41 33.13 131.27
C VAL BE 113 22.66 32.74 132.06
N SER CE 1 -29.10 58.57 116.19
CA SER CE 1 -28.07 59.39 116.81
C SER CE 1 -27.63 58.79 118.14
N LYS CE 2 -28.57 58.69 119.09
CA LYS CE 2 -28.30 58.15 120.41
C LYS CE 2 -29.48 57.26 120.79
N VAL CE 3 -29.59 56.96 122.09
CA VAL CE 3 -30.51 55.95 122.60
C VAL CE 3 -31.93 56.09 122.04
N PHE CE 4 -32.40 55.04 121.39
CA PHE CE 4 -33.74 54.95 120.84
C PHE CE 4 -34.33 53.62 121.28
N ASN CE 5 -35.56 53.67 121.79
CA ASN CE 5 -36.26 52.45 122.23
C ASN CE 5 -35.38 51.68 123.21
N THR CE 6 -34.85 52.39 124.21
CA THR CE 6 -34.01 51.86 125.27
C THR CE 6 -32.74 51.20 124.77
N GLN CE 7 -32.31 51.46 123.54
CA GLN CE 7 -31.07 50.90 123.01
C GLN CE 7 -30.13 52.01 122.58
N THR CE 8 -28.86 51.85 122.92
CA THR CE 8 -27.84 52.86 122.65
C THR CE 8 -27.22 52.58 121.29
N PHE CE 9 -27.46 53.48 120.34
CA PHE CE 9 -26.92 53.34 119.00
C PHE CE 9 -25.67 54.22 118.90
N ASP CE 10 -24.54 53.59 118.64
CA ASP CE 10 -23.26 54.27 118.56
C ASP CE 10 -22.75 54.24 117.13
N ILE CE 11 -21.93 55.23 116.79
CA ILE CE 11 -21.43 55.37 115.43
C ILE CE 11 -20.57 54.16 115.09
N TYR CE 12 -20.92 53.48 114.00
CA TYR CE 12 -20.08 52.42 113.49
C TYR CE 12 -19.27 52.83 112.27
N SER CE 13 -19.87 53.59 111.36
CA SER CE 13 -19.23 53.86 110.08
C SER CE 13 -19.72 55.21 109.58
N THR CE 14 -18.81 55.92 108.90
CA THR CE 14 -19.12 57.23 108.35
C THR CE 14 -18.59 57.28 106.93
N GLU CE 15 -19.48 57.51 105.98
CA GLU CE 15 -19.13 57.69 104.59
C GLU CE 15 -19.29 59.15 104.20
N LYS CE 16 -19.13 59.41 102.91
CA LYS CE 16 -19.40 60.76 102.41
C LYS CE 16 -20.85 61.12 102.63
N ASP CE 17 -21.76 60.17 102.42
CA ASP CE 17 -23.19 60.46 102.45
C ASP CE 17 -23.99 59.47 103.28
N VAL CE 18 -23.34 58.55 103.99
CA VAL CE 18 -24.03 57.60 104.86
C VAL CE 18 -23.38 57.62 106.23
N VAL CE 19 -24.21 57.56 107.27
CA VAL CE 19 -23.77 57.31 108.63
C VAL CE 19 -24.50 56.06 109.12
N SER CE 20 -23.75 55.10 109.66
CA SER CE 20 -24.32 53.87 110.19
C SER CE 20 -24.07 53.78 111.68
N LEU CE 21 -25.10 53.40 112.43
CA LEU CE 21 -25.00 53.21 113.87
C LEU CE 21 -25.45 51.80 114.23
N ARG CE 22 -24.80 51.23 115.24
CA ARG CE 22 -25.14 49.91 115.75
C ARG CE 22 -25.39 49.99 117.24
N ASP CE 23 -26.15 49.02 117.74
CA ASP CE 23 -26.40 48.95 119.18
C ASP CE 23 -25.14 48.56 119.94
N PHE CE 24 -24.41 47.55 119.44
CA PHE CE 24 -23.21 47.02 120.08
C PHE CE 24 -23.54 46.32 121.38
N ALA CE 25 -24.81 46.34 121.78
CA ALA CE 25 -25.29 45.62 122.94
C ALA CE 25 -25.99 44.32 122.55
N ASN CE 26 -27.02 44.41 121.70
CA ASN CE 26 -27.62 43.21 121.14
C ASN CE 26 -26.99 42.80 119.81
N ASP CE 27 -26.18 43.67 119.22
CA ASP CE 27 -25.44 43.38 117.99
C ASP CE 27 -26.35 42.89 116.87
N LYS CE 28 -27.58 43.39 116.84
CA LYS CE 28 -28.53 42.98 115.83
C LYS CE 28 -29.18 44.12 115.08
N ASP CE 29 -29.05 45.36 115.56
CA ASP CE 29 -29.70 46.51 114.95
C ASP CE 29 -28.67 47.46 114.37
N THR CE 30 -28.89 47.90 113.14
CA THR CE 30 -28.09 48.92 112.50
C THR CE 30 -29.01 50.02 112.01
N LEU CE 31 -28.71 51.26 112.41
CA LEU CE 31 -29.46 52.44 112.01
C LEU CE 31 -28.62 53.25 111.04
N ALA CE 32 -29.16 53.53 109.86
CA ALA CE 32 -28.44 54.21 108.80
C ALA CE 32 -29.14 55.51 108.44
N TYR CE 33 -28.35 56.58 108.35
CA TYR CE 33 -28.81 57.88 107.87
C TYR CE 33 -28.14 58.13 106.53
N LYS CE 34 -28.93 58.36 105.49
CA LYS CE 34 -28.43 58.44 104.14
C LYS CE 34 -28.84 59.76 103.52
N ARG CE 35 -28.01 60.27 102.62
CA ARG CE 35 -28.08 61.64 102.16
C ARG CE 35 -27.79 61.71 100.67
N LEU CE 36 -28.75 62.21 99.90
CA LEU CE 36 -28.55 62.50 98.47
C LEU CE 36 -29.02 63.91 98.18
N ALA CE 37 -28.06 64.81 97.94
CA ALA CE 37 -28.39 66.20 97.67
C ALA CE 37 -29.13 66.33 96.33
N PRO CE 38 -29.97 67.35 96.18
CA PRO CE 38 -30.70 67.52 94.92
C PRO CE 38 -29.76 67.86 93.78
N LYS CE 39 -30.09 67.37 92.59
CA LYS CE 39 -29.29 67.62 91.40
C LYS CE 39 -30.13 68.34 90.35
N ARG CE 40 -29.62 69.49 89.89
CA ARG CE 40 -30.34 70.32 88.95
C ARG CE 40 -30.15 69.73 87.55
N THR CE 41 -31.02 68.79 87.21
CA THR CE 41 -30.97 68.14 85.91
C THR CE 41 -31.74 68.90 84.84
N LYS CE 42 -32.54 69.88 85.25
CA LYS CE 42 -33.40 70.60 84.32
C LYS CE 42 -33.75 71.94 84.97
N ASP CE 43 -34.80 72.59 84.46
CA ASP CE 43 -35.33 73.78 85.09
C ASP CE 43 -35.72 73.50 86.53
N SER CE 44 -36.07 72.24 86.83
CA SER CE 44 -36.28 71.85 88.21
C SER CE 44 -34.95 71.80 88.95
N PRO CE 45 -34.90 72.24 90.21
CA PRO CE 45 -33.65 72.19 90.97
C PRO CE 45 -33.29 70.81 91.49
N GLY CE 46 -34.08 69.79 91.19
CA GLY CE 46 -33.84 68.45 91.70
C GLY CE 46 -34.55 68.17 93.01
N MET CE 47 -34.53 66.90 93.39
CA MET CE 47 -35.17 66.44 94.62
C MET CE 47 -34.10 65.99 95.59
N ALA CE 48 -34.16 66.49 96.82
CA ALA CE 48 -33.22 66.10 97.88
C ALA CE 48 -33.72 64.80 98.51
N LYS CE 49 -32.90 63.76 98.44
CA LYS CE 49 -33.28 62.47 98.97
C LYS CE 49 -32.77 62.30 100.39
N SER CE 50 -33.52 61.55 101.18
CA SER CE 50 -33.08 61.11 102.49
C SER CE 50 -33.54 59.68 102.69
N GLU CE 51 -32.91 59.00 103.64
CA GLU CE 51 -33.28 57.64 103.97
C GLU CE 51 -32.86 57.36 105.41
N LEU CE 52 -33.81 56.91 106.21
CA LEU CE 52 -33.55 56.55 107.60
C LEU CE 52 -34.05 55.14 107.80
N LYS CE 53 -33.15 54.16 107.83
CA LYS CE 53 -33.55 52.77 107.85
C LYS CE 53 -32.98 52.06 109.07
N ILE CE 54 -33.81 51.21 109.67
CA ILE CE 54 -33.41 50.33 110.76
C ILE CE 54 -33.47 48.90 110.27
N THR CE 55 -32.36 48.18 110.41
CA THR CE 55 -32.24 46.80 109.99
C THR CE 55 -31.95 45.92 111.19
N ARG CE 56 -32.66 44.81 111.30
CA ARG CE 56 -32.46 43.84 112.36
C ARG CE 56 -32.03 42.52 111.76
N VAL CE 57 -30.86 42.06 112.15
CA VAL CE 57 -30.30 40.78 111.72
C VAL CE 57 -29.92 39.99 112.97
N ASP CE 58 -30.46 38.79 113.11
CA ASP CE 58 -30.10 38.03 114.30
C ASP CE 58 -28.63 37.64 114.23
N PRO CE 59 -27.87 37.81 115.30
CA PRO CE 59 -26.42 37.58 115.21
C PRO CE 59 -26.00 36.16 115.52
N THR CE 60 -26.71 35.18 114.95
CA THR CE 60 -26.30 33.79 115.13
C THR CE 60 -26.07 33.14 113.77
N THR CE 61 -26.96 33.41 112.82
CA THR CE 61 -26.81 32.97 111.45
C THR CE 61 -26.78 34.13 110.47
N GLY CE 62 -27.00 35.36 110.94
CA GLY CE 62 -26.97 36.51 110.06
C GLY CE 62 -28.17 36.67 109.17
N VAL CE 63 -29.31 36.10 109.53
CA VAL CE 63 -30.52 36.20 108.72
C VAL CE 63 -31.17 37.55 108.96
N LEU CE 64 -31.65 38.16 107.89
CA LEU CE 64 -32.32 39.45 108.00
C LEU CE 64 -33.72 39.23 108.57
N ILE CE 65 -34.01 39.86 109.70
CA ILE CE 65 -35.32 39.72 110.31
C ILE CE 65 -36.30 40.72 109.71
N GLY CE 66 -35.93 41.98 109.64
CA GLY CE 66 -36.82 42.98 109.07
C GLY CE 66 -36.14 44.31 108.92
N ILE CE 67 -36.64 45.09 107.97
CA ILE CE 67 -36.18 46.44 107.69
C ILE CE 67 -37.37 47.38 107.69
N VAL CE 68 -37.23 48.50 108.39
CA VAL CE 68 -38.17 49.61 108.30
C VAL CE 68 -37.40 50.82 107.79
N ASN CE 69 -37.84 51.38 106.67
CA ASN CE 69 -37.14 52.47 106.00
C ASN CE 69 -38.04 53.68 105.91
N VAL CE 70 -37.51 54.84 106.27
CA VAL CE 70 -38.21 56.10 106.15
C VAL CE 70 -37.41 56.95 105.16
N SER CE 71 -37.90 57.08 103.95
CA SER CE 71 -37.22 57.82 102.90
C SER CE 71 -38.07 59.01 102.47
N SER CE 72 -37.42 60.14 102.26
CA SER CE 72 -38.07 61.35 101.79
C SER CE 72 -37.47 61.77 100.46
N SER CE 73 -38.29 62.41 99.63
CA SER CE 73 -37.88 62.91 98.32
C SER CE 73 -38.61 64.24 98.12
N ILE CE 74 -37.91 65.35 98.35
CA ILE CE 74 -38.52 66.67 98.40
C ILE CE 74 -37.78 67.61 97.47
N ARG CE 75 -38.55 68.45 96.77
CA ARG CE 75 -37.98 69.42 95.85
C ARG CE 75 -36.98 70.33 96.55
N ALA CE 76 -35.89 70.64 95.84
CA ALA CE 76 -34.89 71.54 96.40
C ALA CE 76 -35.49 72.91 96.71
N ASP CE 77 -36.42 73.37 95.88
CA ASP CE 77 -37.06 74.66 96.07
C ASP CE 77 -38.22 74.61 97.06
N ALA CE 78 -38.57 73.44 97.56
CA ALA CE 78 -39.76 73.30 98.39
C ALA CE 78 -39.58 74.04 99.70
N THR CE 79 -40.69 74.55 100.22
CA THR CE 79 -40.67 75.35 101.43
C THR CE 79 -40.47 74.48 102.66
N ALA CE 80 -40.00 75.12 103.74
CA ALA CE 80 -39.95 74.43 105.02
C ALA CE 80 -41.34 74.07 105.50
N ALA CE 81 -42.35 74.88 105.15
CA ALA CE 81 -43.73 74.55 105.48
C ALA CE 81 -44.18 73.27 104.78
N ASP CE 82 -43.79 73.10 103.51
CA ASP CE 82 -44.06 71.84 102.84
C ASP CE 82 -43.36 70.70 103.53
N LYS CE 83 -42.12 70.91 103.96
CA LYS CE 83 -41.36 69.86 104.62
C LYS CE 83 -41.89 69.58 106.02
N THR CE 84 -42.31 70.62 106.73
CA THR CE 84 -42.88 70.40 108.06
C THR CE 84 -44.20 69.66 107.96
N ALA CE 85 -45.03 70.01 106.98
CA ALA CE 85 -46.31 69.33 106.81
C ALA CE 85 -46.12 67.87 106.45
N LEU CE 86 -45.19 67.58 105.54
CA LEU CE 86 -44.96 66.20 105.15
C LEU CE 86 -44.50 65.35 106.33
N MET CE 87 -43.60 65.89 107.16
CA MET CE 87 -43.14 65.14 108.31
C MET CE 87 -44.26 64.95 109.34
N ALA CE 88 -45.06 66.00 109.57
CA ALA CE 88 -46.12 65.90 110.56
C ALA CE 88 -47.21 64.92 110.13
N ILE CE 89 -47.54 64.88 108.84
CA ILE CE 89 -48.59 63.99 108.37
C ILE CE 89 -48.15 62.54 108.49
N ILE CE 90 -46.93 62.23 108.02
CA ILE CE 90 -46.46 60.86 108.05
C ILE CE 90 -46.23 60.39 109.48
N THR CE 91 -45.89 61.31 110.38
CA THR CE 91 -45.70 60.95 111.78
C THR CE 91 -47.03 60.64 112.45
N ALA CE 92 -48.07 61.43 112.16
CA ALA CE 92 -49.39 61.16 112.72
C ALA CE 92 -49.95 59.84 112.21
N ALA CE 93 -49.72 59.54 110.93
CA ALA CE 93 -50.19 58.28 110.37
C ALA CE 93 -49.46 57.09 110.98
N GLN CE 94 -48.17 57.24 111.26
CA GLN CE 94 -47.43 56.18 111.93
C GLN CE 94 -47.94 55.98 113.36
N ALA CE 95 -48.27 57.07 114.06
CA ALA CE 95 -48.80 56.96 115.40
C ALA CE 95 -50.19 56.33 115.41
N ASP CE 96 -50.92 56.44 114.30
CA ASP CE 96 -52.22 55.80 114.19
C ASP CE 96 -52.07 54.29 114.17
N GLY CE 97 -53.11 53.60 114.64
CA GLY CE 97 -53.08 52.15 114.69
C GLY CE 97 -53.24 51.49 113.35
N ALA CE 98 -53.67 52.24 112.33
CA ALA CE 98 -53.77 51.67 110.99
C ALA CE 98 -52.40 51.25 110.47
N TRP CE 99 -51.38 52.06 110.72
CA TRP CE 99 -50.03 51.68 110.34
C TRP CE 99 -49.54 50.48 111.14
N THR CE 100 -49.85 50.45 112.43
CA THR CE 100 -49.44 49.33 113.27
C THR CE 100 -50.08 48.04 112.83
N GLU CE 101 -51.21 48.11 112.13
CA GLU CE 101 -51.86 46.94 111.56
C GLU CE 101 -51.40 46.66 110.14
N LEU CE 102 -51.07 47.70 109.37
CA LEU CE 102 -50.47 47.49 108.06
C LEU CE 102 -49.18 46.69 108.20
N VAL CE 103 -48.36 47.04 109.17
CA VAL CE 103 -47.26 46.19 109.56
C VAL CE 103 -47.78 45.16 110.55
N THR CE 104 -47.16 43.99 110.58
CA THR CE 104 -47.47 42.86 111.45
C THR CE 104 -48.74 42.09 111.07
N ASP CE 105 -49.61 42.67 110.26
CA ASP CE 105 -50.87 42.01 109.89
C ASP CE 105 -51.19 42.09 108.42
N GLN CE 106 -50.52 42.94 107.64
CA GLN CE 106 -50.86 43.19 106.24
C GLN CE 106 -52.33 43.55 106.11
N ARG CE 107 -52.78 44.46 106.96
CA ARG CE 107 -54.17 44.88 107.05
C ARG CE 107 -54.31 46.30 106.55
N LEU CE 108 -55.20 46.49 105.57
CA LEU CE 108 -55.48 47.82 105.05
C LEU CE 108 -56.50 48.54 105.93
N PRO CE 109 -56.52 49.87 105.93
CA PRO CE 109 -57.43 50.60 106.81
C PRO CE 109 -58.83 50.71 106.25
N LEU CE 110 -59.41 49.60 105.81
CA LEU CE 110 -60.72 49.60 105.20
C LEU CE 110 -61.73 48.72 105.92
N ALA CE 111 -61.35 48.03 106.98
CA ALA CE 111 -62.29 47.24 107.74
C ALA CE 111 -63.39 48.13 108.31
N THR CE 112 -64.58 47.57 108.47
CA THR CE 112 -65.69 48.29 109.08
C THR CE 112 -65.71 48.18 110.59
N VAL CE 113 -64.78 47.43 111.17
CA VAL CE 113 -64.63 47.27 112.63
C VAL CE 113 -65.85 46.59 113.25
N SER DE 1 -55.64 56.72 108.08
CA SER DE 1 -57.07 56.47 108.00
C SER DE 1 -57.88 57.77 108.02
N LYS DE 2 -57.78 58.51 109.12
CA LYS DE 2 -58.61 59.70 109.33
C LYS DE 2 -57.68 60.86 109.67
N VAL DE 3 -58.26 61.91 110.28
CA VAL DE 3 -57.60 63.20 110.46
C VAL DE 3 -56.18 63.07 110.99
N PHE DE 4 -55.23 63.55 110.22
CA PHE DE 4 -53.81 63.59 110.58
C PHE DE 4 -53.30 65.01 110.36
N ASN DE 5 -52.52 65.51 111.31
CA ASN DE 5 -51.98 66.87 111.25
C ASN DE 5 -53.09 67.89 111.03
N THR DE 6 -54.20 67.69 111.75
CA THR DE 6 -55.43 68.49 111.69
C THR DE 6 -56.11 68.46 110.33
N GLN DE 7 -55.62 67.67 109.39
CA GLN DE 7 -56.21 67.57 108.06
C GLN DE 7 -56.99 66.27 107.94
N THR DE 8 -58.21 66.37 107.42
CA THR DE 8 -59.08 65.22 107.24
C THR DE 8 -58.75 64.53 105.92
N PHE DE 9 -58.38 63.26 106.00
CA PHE DE 9 -58.05 62.47 104.82
C PHE DE 9 -59.19 61.50 104.55
N ASP DE 10 -59.94 61.75 103.49
CA ASP DE 10 -61.04 60.90 103.09
C ASP DE 10 -60.61 60.03 101.91
N ILE DE 11 -61.26 58.87 101.79
CA ILE DE 11 -60.76 57.86 100.85
C ILE DE 11 -60.85 58.38 99.43
N TYR DE 12 -59.73 58.31 98.71
CA TYR DE 12 -59.65 58.75 97.34
C TYR DE 12 -59.78 57.62 96.33
N SER DE 13 -59.20 56.46 96.62
CA SER DE 13 -59.32 55.30 95.76
C SER DE 13 -58.99 54.07 96.58
N THR DE 14 -59.45 52.92 96.10
CA THR DE 14 -59.15 51.66 96.75
C THR DE 14 -58.68 50.67 95.70
N GLU DE 15 -57.73 49.82 96.08
CA GLU DE 15 -57.19 48.79 95.23
C GLU DE 15 -57.13 47.48 96.02
N LYS DE 16 -56.73 46.41 95.34
CA LYS DE 16 -56.51 45.13 96.00
C LYS DE 16 -55.50 45.27 97.14
N ASP DE 17 -54.49 46.13 96.96
CA ASP DE 17 -53.42 46.26 97.94
C ASP DE 17 -53.07 47.70 98.29
N VAL DE 18 -53.77 48.69 97.74
CA VAL DE 18 -53.50 50.09 98.02
C VAL DE 18 -54.80 50.76 98.41
N VAL DE 19 -54.74 51.55 99.48
CA VAL DE 19 -55.83 52.45 99.86
C VAL DE 19 -55.26 53.86 99.89
N SER DE 20 -55.88 54.77 99.16
CA SER DE 20 -55.44 56.14 99.06
C SER DE 20 -56.45 57.05 99.75
N LEU DE 21 -55.95 58.04 100.47
CA LEU DE 21 -56.79 59.05 101.09
C LEU DE 21 -56.37 60.41 100.59
N ARG DE 22 -57.34 61.31 100.49
CA ARG DE 22 -57.07 62.67 100.07
C ARG DE 22 -57.62 63.63 101.11
N ASP DE 23 -56.97 64.79 101.22
CA ASP DE 23 -57.50 65.84 102.07
C ASP DE 23 -58.81 66.39 101.51
N PHE DE 24 -58.82 66.70 100.21
CA PHE DE 24 -59.97 67.25 99.49
C PHE DE 24 -60.26 68.68 99.93
N ALA DE 25 -59.55 69.16 100.94
CA ALA DE 25 -59.64 70.56 101.37
C ALA DE 25 -58.57 71.42 100.71
N ASN DE 26 -57.30 71.09 100.94
CA ASN DE 26 -56.22 71.71 100.20
C ASN DE 26 -55.94 71.00 98.88
N ASP DE 27 -56.57 69.85 98.66
CA ASP DE 27 -56.53 69.14 97.37
C ASP DE 27 -55.11 68.81 96.94
N LYS DE 28 -54.20 68.65 97.90
CA LYS DE 28 -52.79 68.54 97.58
C LYS DE 28 -52.10 67.34 98.20
N ASP DE 29 -52.68 66.69 99.21
CA ASP DE 29 -52.02 65.64 99.95
C ASP DE 29 -52.74 64.31 99.73
N THR DE 30 -51.97 63.28 99.42
CA THR DE 30 -52.50 61.93 99.26
C THR DE 30 -51.74 60.98 100.14
N LEU DE 31 -52.47 60.23 100.97
CA LEU DE 31 -51.91 59.24 101.87
C LEU DE 31 -52.25 57.86 101.34
N ALA DE 32 -51.24 57.04 101.09
CA ALA DE 32 -51.41 55.70 100.54
C ALA DE 32 -50.98 54.66 101.55
N TYR DE 33 -51.77 53.59 101.66
CA TYR DE 33 -51.44 52.42 102.46
C TYR DE 33 -51.29 51.26 101.48
N LYS DE 34 -50.10 50.67 101.42
CA LYS DE 34 -49.79 49.69 100.40
C LYS DE 34 -49.38 48.39 101.06
N ARG DE 35 -49.71 47.28 100.40
CA ARG DE 35 -49.62 45.95 101.01
C ARG DE 35 -49.05 44.95 100.02
N LEU DE 36 -47.98 44.26 100.42
CA LEU DE 36 -47.48 43.11 99.68
C LEU DE 36 -47.24 41.96 100.66
N ALA DE 37 -48.16 41.00 100.67
CA ALA DE 37 -48.04 39.86 101.56
C ALA DE 37 -46.85 39.00 101.17
N PRO DE 38 -46.29 38.24 102.12
CA PRO DE 38 -45.12 37.41 101.81
C PRO DE 38 -45.47 36.28 100.85
N LYS DE 39 -44.48 35.90 100.05
CA LYS DE 39 -44.59 34.75 99.15
C LYS DE 39 -43.45 33.79 99.46
N ARG DE 40 -43.79 32.50 99.55
CA ARG DE 40 -42.84 31.47 99.97
C ARG DE 40 -42.14 30.90 98.75
N THR DE 41 -41.25 31.70 98.18
CA THR DE 41 -40.51 31.27 96.99
C THR DE 41 -39.49 30.20 97.30
N LYS DE 42 -39.19 29.98 98.57
CA LYS DE 42 -38.26 28.95 99.01
C LYS DE 42 -38.71 28.45 100.38
N ASP DE 43 -37.81 27.79 101.08
CA ASP DE 43 -38.07 27.34 102.45
C ASP DE 43 -38.44 28.53 103.34
N SER DE 44 -37.96 29.72 102.97
CA SER DE 44 -38.34 30.92 103.68
C SER DE 44 -39.83 31.16 103.55
N PRO DE 45 -40.49 31.73 104.56
CA PRO DE 45 -41.89 32.12 104.40
C PRO DE 45 -42.08 33.41 103.63
N GLY DE 46 -41.00 34.01 103.12
CA GLY DE 46 -41.06 35.25 102.39
C GLY DE 46 -41.00 36.46 103.29
N MET DE 47 -40.98 37.62 102.66
CA MET DE 47 -40.99 38.90 103.36
C MET DE 47 -42.36 39.55 103.19
N ALA DE 48 -42.96 39.96 104.31
CA ALA DE 48 -44.18 40.76 104.29
C ALA DE 48 -43.81 42.21 104.08
N LYS DE 49 -44.24 42.77 102.96
CA LYS DE 49 -43.98 44.18 102.64
C LYS DE 49 -45.17 45.04 103.01
N SER DE 50 -44.88 46.23 103.53
CA SER DE 50 -45.88 47.27 103.70
C SER DE 50 -45.29 48.60 103.23
N GLU DE 51 -46.17 49.57 103.00
CA GLU DE 51 -45.72 50.88 102.55
C GLU DE 51 -46.74 51.92 102.98
N LEU DE 52 -46.26 52.96 103.65
CA LEU DE 52 -47.11 54.09 104.06
C LEU DE 52 -46.47 55.36 103.54
N LYS DE 53 -47.06 55.97 102.52
CA LYS DE 53 -46.46 57.10 101.85
C LYS DE 53 -47.41 58.29 101.84
N ILE DE 54 -46.84 59.47 101.95
CA ILE DE 54 -47.56 60.73 101.86
C ILE DE 54 -46.97 61.52 100.70
N THR DE 55 -47.84 62.04 99.84
CA THR DE 55 -47.43 62.78 98.67
C THR DE 55 -48.07 64.16 98.69
N ARG DE 56 -47.28 65.18 98.42
CA ARG DE 56 -47.79 66.53 98.26
C ARG DE 56 -47.50 67.00 96.85
N VAL DE 57 -48.56 67.32 96.10
CA VAL DE 57 -48.45 67.96 94.81
C VAL DE 57 -49.28 69.24 94.86
N ASP DE 58 -48.75 70.30 94.29
CA ASP DE 58 -49.53 71.52 94.25
C ASP DE 58 -50.59 71.40 93.16
N PRO DE 59 -51.87 71.53 93.49
CA PRO DE 59 -52.92 71.16 92.53
C PRO DE 59 -53.31 72.25 91.56
N THR DE 60 -52.35 73.01 91.02
CA THR DE 60 -52.66 73.88 89.90
C THR DE 60 -51.74 73.55 88.74
N THR DE 61 -50.44 73.45 88.99
CA THR DE 61 -49.49 73.02 87.99
C THR DE 61 -49.11 71.55 88.12
N GLY DE 62 -49.51 70.90 89.20
CA GLY DE 62 -49.30 69.48 89.33
C GLY DE 62 -47.86 69.02 89.37
N VAL DE 63 -46.98 69.79 89.99
CA VAL DE 63 -45.60 69.36 90.17
C VAL DE 63 -45.46 68.77 91.57
N LEU DE 64 -44.63 67.75 91.69
CA LEU DE 64 -44.45 67.05 92.95
C LEU DE 64 -43.69 67.95 93.92
N ILE DE 65 -44.28 68.25 95.07
CA ILE DE 65 -43.55 68.99 96.09
C ILE DE 65 -42.64 68.06 96.87
N GLY DE 66 -43.16 66.92 97.33
CA GLY DE 66 -42.34 66.00 98.10
C GLY DE 66 -43.10 64.73 98.45
N ILE DE 67 -42.32 63.70 98.76
CA ILE DE 67 -42.84 62.40 99.19
C ILE DE 67 -42.06 61.96 100.43
N VAL DE 68 -42.78 61.47 101.43
CA VAL DE 68 -42.18 60.78 102.56
C VAL DE 68 -42.77 59.38 102.61
N ASN DE 69 -41.90 58.37 102.64
CA ASN DE 69 -42.28 56.98 102.48
C ASN DE 69 -41.81 56.18 103.68
N VAL DE 70 -42.71 55.40 104.26
CA VAL DE 70 -42.37 54.48 105.34
C VAL DE 70 -42.60 53.07 104.82
N SER DE 71 -41.53 52.34 104.59
CA SER DE 71 -41.59 51.00 104.03
C SER DE 71 -41.16 49.97 105.04
N SER DE 72 -41.80 48.80 105.00
CA SER DE 72 -41.46 47.69 105.86
C SER DE 72 -41.17 46.46 105.02
N SER DE 73 -40.13 45.73 105.39
CA SER DE 73 -39.80 44.44 104.79
C SER DE 73 -39.42 43.53 105.95
N ILE DE 74 -40.41 42.83 106.49
CA ILE DE 74 -40.23 41.99 107.67
C ILE DE 74 -40.48 40.55 107.27
N ARG DE 75 -39.64 39.64 107.78
CA ARG DE 75 -39.82 38.23 107.53
C ARG DE 75 -41.21 37.79 107.99
N ALA DE 76 -41.85 36.92 107.19
CA ALA DE 76 -43.19 36.49 107.52
C ALA DE 76 -43.24 35.77 108.86
N ASP DE 77 -42.19 35.03 109.19
CA ASP DE 77 -42.12 34.32 110.46
C ASP DE 77 -41.65 35.19 111.61
N ALA DE 78 -41.20 36.42 111.33
CA ALA DE 78 -40.58 37.23 112.36
C ALA DE 78 -41.58 37.54 113.47
N THR DE 79 -41.11 37.40 114.70
CA THR DE 79 -41.97 37.56 115.86
C THR DE 79 -42.40 39.02 116.01
N ALA DE 80 -43.49 39.22 116.74
CA ALA DE 80 -43.96 40.57 117.00
C ALA DE 80 -42.95 41.36 117.83
N ALA DE 81 -42.11 40.67 118.60
CA ALA DE 81 -41.08 41.35 119.36
C ALA DE 81 -40.09 42.05 118.44
N ASP DE 82 -39.59 41.34 117.42
CA ASP DE 82 -38.77 41.99 116.41
C ASP DE 82 -39.59 43.01 115.65
N LYS DE 83 -40.85 42.69 115.38
CA LYS DE 83 -41.73 43.58 114.63
C LYS DE 83 -42.04 44.85 115.41
N THR DE 84 -42.26 44.74 116.71
CA THR DE 84 -42.55 45.93 117.52
C THR DE 84 -41.27 46.73 117.79
N ALA DE 85 -40.14 46.05 117.97
CA ALA DE 85 -38.89 46.77 118.19
C ALA DE 85 -38.49 47.55 116.95
N LEU DE 86 -38.76 46.99 115.77
CA LEU DE 86 -38.46 47.67 114.52
C LEU DE 86 -39.24 48.96 114.40
N MET DE 87 -40.49 48.96 114.87
CA MET DE 87 -41.28 50.18 114.83
C MET DE 87 -40.85 51.15 115.93
N ALA DE 88 -40.54 50.61 117.11
CA ALA DE 88 -40.16 51.47 118.23
C ALA DE 88 -38.88 52.23 117.93
N ILE DE 89 -37.90 51.57 117.32
CA ILE DE 89 -36.63 52.24 117.01
C ILE DE 89 -36.85 53.33 115.97
N ILE DE 90 -37.56 53.00 114.89
CA ILE DE 90 -37.69 53.95 113.78
C ILE DE 90 -38.55 55.14 114.17
N THR DE 91 -39.58 54.92 114.98
CA THR DE 91 -40.38 56.03 115.47
C THR DE 91 -39.57 56.90 116.43
N ALA DE 92 -38.77 56.27 117.29
CA ALA DE 92 -37.89 57.03 118.17
C ALA DE 92 -36.87 57.83 117.38
N ALA DE 93 -36.33 57.23 116.31
CA ALA DE 93 -35.37 57.94 115.47
C ALA DE 93 -36.03 59.11 114.76
N GLN DE 94 -37.26 58.94 114.29
CA GLN DE 94 -37.96 60.04 113.62
C GLN DE 94 -38.25 61.19 114.58
N ALA DE 95 -38.69 60.88 115.80
CA ALA DE 95 -38.95 61.91 116.78
C ALA DE 95 -37.68 62.67 117.16
N ASP DE 96 -36.52 62.03 117.06
CA ASP DE 96 -35.26 62.67 117.37
C ASP DE 96 -34.90 63.69 116.30
N GLY DE 97 -34.12 64.71 116.70
CA GLY DE 97 -33.83 65.82 115.83
C GLY DE 97 -32.98 65.49 114.62
N ALA DE 98 -32.19 64.41 114.67
CA ALA DE 98 -31.34 64.08 113.55
C ALA DE 98 -32.15 63.80 112.29
N TRP DE 99 -33.30 63.15 112.43
CA TRP DE 99 -34.15 62.92 111.26
C TRP DE 99 -34.73 64.22 110.74
N THR DE 100 -35.07 65.15 111.63
CA THR DE 100 -35.60 66.43 111.18
C THR DE 100 -34.59 67.17 110.32
N GLU DE 101 -33.32 67.20 110.73
CA GLU DE 101 -32.28 67.86 109.95
C GLU DE 101 -31.84 67.08 108.73
N LEU DE 102 -31.95 65.76 108.74
CA LEU DE 102 -31.64 64.99 107.54
C LEU DE 102 -32.55 65.43 106.39
N VAL DE 103 -33.82 65.65 106.69
CA VAL DE 103 -34.71 66.39 105.80
C VAL DE 103 -34.49 67.88 106.04
N THR DE 104 -34.78 68.70 105.04
CA THR DE 104 -34.69 70.15 105.10
C THR DE 104 -33.26 70.67 105.15
N ASP DE 105 -32.29 69.80 105.40
CA ASP DE 105 -30.90 70.24 105.46
C ASP DE 105 -29.92 69.30 104.79
N GLN DE 106 -30.30 68.05 104.53
CA GLN DE 106 -29.38 67.00 104.13
C GLN DE 106 -28.19 66.92 105.09
N ARG DE 107 -28.50 67.00 106.39
CA ARG DE 107 -27.49 67.00 107.44
C ARG DE 107 -27.40 65.62 108.06
N LEU DE 108 -26.24 64.99 107.93
CA LEU DE 108 -26.00 63.70 108.53
C LEU DE 108 -25.69 63.85 110.02
N PRO DE 109 -26.01 62.84 110.83
CA PRO DE 109 -25.70 62.91 112.25
C PRO DE 109 -24.22 62.71 112.52
N LEU DE 110 -23.41 63.70 112.16
CA LEU DE 110 -22.00 63.69 112.45
C LEU DE 110 -21.45 65.04 112.88
N ALA DE 111 -22.32 66.03 113.08
CA ALA DE 111 -21.86 67.36 113.50
C ALA DE 111 -21.35 67.32 114.93
N THR DE 112 -20.29 68.08 115.20
CA THR DE 112 -19.70 68.15 116.53
C THR DE 112 -20.34 69.21 117.41
N VAL DE 113 -21.29 69.97 116.89
CA VAL DE 113 -21.99 71.03 117.62
C VAL DE 113 -21.01 72.09 118.12
N SER EE 1 -82.58 14.79 103.39
CA SER EE 1 -83.26 13.52 103.61
C SER EE 1 -84.75 13.63 103.39
N LYS EE 2 -85.39 14.60 104.06
CA LYS EE 2 -86.83 14.73 104.04
C LYS EE 2 -87.18 16.20 103.91
N VAL EE 3 -88.44 16.54 104.24
CA VAL EE 3 -89.09 17.79 103.87
C VAL EE 3 -88.20 19.00 104.12
N PHE EE 4 -87.95 19.76 103.06
CA PHE EE 4 -87.17 20.98 103.09
C PHE EE 4 -87.97 22.06 102.40
N ASN EE 5 -88.06 23.24 103.03
CA ASN EE 5 -88.80 24.35 102.47
C ASN EE 5 -90.25 23.96 102.19
N THR EE 6 -90.82 23.17 103.08
CA THR EE 6 -92.17 22.60 103.00
C THR EE 6 -92.38 21.70 101.79
N GLN EE 7 -91.34 21.38 101.03
CA GLN EE 7 -91.44 20.45 99.94
C GLN EE 7 -90.91 19.09 100.39
N THR EE 8 -91.61 18.03 100.01
CA THR EE 8 -91.22 16.68 100.37
C THR EE 8 -90.24 16.17 99.34
N PHE EE 9 -89.08 15.71 99.78
CA PHE EE 9 -88.07 15.13 98.91
C PHE EE 9 -88.00 13.64 99.21
N ASP EE 10 -88.31 12.83 98.21
CA ASP EE 10 -88.19 11.39 98.30
C ASP EE 10 -86.95 10.95 97.55
N ILE EE 11 -86.35 9.85 98.00
CA ILE EE 11 -85.11 9.40 97.36
C ILE EE 11 -85.44 8.93 95.95
N TYR EE 12 -84.74 9.48 94.97
CA TYR EE 12 -84.91 9.12 93.57
C TYR EE 12 -83.91 8.10 93.09
N SER EE 13 -82.68 8.17 93.56
CA SER EE 13 -81.62 7.30 93.06
C SER EE 13 -80.63 7.06 94.19
N THR EE 14 -80.06 5.85 94.20
CA THR EE 14 -79.05 5.50 95.16
C THR EE 14 -77.86 4.93 94.43
N GLU EE 15 -76.70 5.55 94.63
CA GLU EE 15 -75.47 5.14 93.97
C GLU EE 15 -74.41 4.80 95.01
N LYS EE 16 -73.23 4.45 94.52
CA LYS EE 16 -72.11 4.12 95.40
C LYS EE 16 -71.74 5.32 96.28
N ASP EE 17 -71.53 6.48 95.66
CA ASP EE 17 -71.14 7.68 96.38
C ASP EE 17 -72.12 8.83 96.15
N VAL EE 18 -73.29 8.56 95.60
CA VAL EE 18 -74.29 9.59 95.34
C VAL EE 18 -75.65 9.10 95.81
N VAL EE 19 -76.39 10.00 96.45
CA VAL EE 19 -77.79 9.78 96.79
C VAL EE 19 -78.57 10.98 96.28
N SER EE 20 -79.64 10.73 95.54
CA SER EE 20 -80.41 11.79 94.90
C SER EE 20 -81.86 11.76 95.37
N LEU EE 21 -82.40 12.93 95.69
CA LEU EE 21 -83.78 13.08 96.12
C LEU EE 21 -84.52 14.00 95.16
N ARG EE 22 -85.75 13.61 94.83
CA ARG EE 22 -86.60 14.39 93.96
C ARG EE 22 -87.85 14.79 94.72
N ASP EE 23 -88.35 15.99 94.43
CA ASP EE 23 -89.59 16.45 95.05
C ASP EE 23 -90.77 15.56 94.66
N PHE EE 24 -90.87 15.21 93.37
CA PHE EE 24 -91.92 14.35 92.82
C PHE EE 24 -93.28 15.02 92.86
N ALA EE 25 -93.36 16.20 93.47
CA ALA EE 25 -94.57 17.00 93.47
C ALA EE 25 -94.51 18.10 92.43
N ASN EE 26 -93.50 18.96 92.49
CA ASN EE 26 -93.27 19.93 91.43
C ASN EE 26 -92.45 19.36 90.28
N ASP EE 27 -91.81 18.21 90.49
CA ASP EE 27 -91.04 17.51 89.46
C ASP EE 27 -89.98 18.41 88.82
N LYS EE 28 -89.42 19.33 89.61
CA LYS EE 28 -88.41 20.24 89.10
C LYS EE 28 -87.21 20.39 90.02
N ASP EE 29 -87.26 19.92 91.25
CA ASP EE 29 -86.18 20.07 92.21
C ASP EE 29 -85.52 18.72 92.48
N THR EE 30 -84.19 18.69 92.39
CA THR EE 30 -83.41 17.51 92.69
C THR EE 30 -82.33 17.87 93.70
N LEU EE 31 -82.26 17.11 94.79
CA LEU EE 31 -81.24 17.27 95.82
C LEU EE 31 -80.33 16.06 95.79
N ALA EE 32 -79.03 16.31 95.65
CA ALA EE 32 -78.03 15.25 95.53
C ALA EE 32 -77.02 15.35 96.65
N TYR EE 33 -76.68 14.21 97.24
CA TYR EE 33 -75.61 14.09 98.23
C TYR EE 33 -74.48 13.31 97.55
N LYS EE 34 -73.35 13.98 97.31
CA LYS EE 34 -72.22 13.37 96.64
C LYS EE 34 -71.06 13.19 97.60
N ARG EE 35 -70.33 12.09 97.43
CA ARG EE 35 -69.29 11.67 98.34
C ARG EE 35 -68.01 11.44 97.55
N LEU EE 36 -66.86 11.71 98.18
CA LEU EE 36 -65.57 11.47 97.53
C LEU EE 36 -64.52 11.33 98.63
N ALA EE 37 -64.01 10.12 98.81
CA ALA EE 37 -63.11 9.84 99.92
C ALA EE 37 -61.76 10.53 99.73
N PRO EE 38 -61.07 10.86 100.82
CA PRO EE 38 -59.73 11.45 100.69
C PRO EE 38 -58.74 10.42 100.15
N LYS EE 39 -57.89 10.86 99.23
CA LYS EE 39 -56.97 9.98 98.55
C LYS EE 39 -55.53 10.29 98.98
N ARG EE 40 -54.85 9.27 99.53
CA ARG EE 40 -53.51 9.41 100.08
C ARG EE 40 -52.50 9.24 98.95
N THR EE 41 -52.51 10.20 98.03
CA THR EE 41 -51.55 10.18 96.93
C THR EE 41 -50.14 10.48 97.37
N LYS EE 42 -49.97 10.90 98.63
CA LYS EE 42 -48.67 11.30 99.14
C LYS EE 42 -48.70 11.11 100.65
N ASP EE 43 -47.72 11.71 101.34
CA ASP EE 43 -47.68 11.70 102.80
C ASP EE 43 -48.99 12.18 103.39
N SER EE 44 -49.57 13.22 102.82
CA SER EE 44 -50.82 13.76 103.33
C SER EE 44 -51.94 12.73 103.16
N PRO EE 45 -52.88 12.64 104.10
CA PRO EE 45 -53.95 11.65 103.99
C PRO EE 45 -54.98 11.96 102.92
N GLY EE 46 -54.87 13.11 102.24
CA GLY EE 46 -55.81 13.47 101.20
C GLY EE 46 -56.93 14.37 101.68
N MET EE 47 -57.74 14.80 100.73
CA MET EE 47 -58.83 15.74 100.99
C MET EE 47 -60.16 15.03 100.81
N ALA EE 48 -60.98 15.03 101.84
CA ALA EE 48 -62.28 14.38 101.82
C ALA EE 48 -63.30 15.34 101.21
N LYS EE 49 -63.77 15.02 100.01
CA LYS EE 49 -64.67 15.88 99.28
C LYS EE 49 -66.12 15.51 99.55
N SER EE 50 -66.93 16.52 99.84
CA SER EE 50 -68.37 16.35 99.99
C SER EE 50 -69.07 17.28 99.02
N GLU EE 51 -70.37 17.07 98.85
CA GLU EE 51 -71.15 17.88 97.92
C GLU EE 51 -72.62 17.76 98.27
N LEU EE 52 -73.29 18.91 98.41
CA LEU EE 52 -74.72 18.97 98.59
C LEU EE 52 -75.26 20.03 97.65
N LYS EE 53 -76.01 19.61 96.64
CA LYS EE 53 -76.48 20.53 95.62
C LYS EE 53 -77.96 20.33 95.34
N ILE EE 54 -78.63 21.43 95.02
CA ILE EE 54 -80.03 21.44 94.65
C ILE EE 54 -80.14 21.98 93.23
N THR EE 55 -80.84 21.25 92.36
CA THR EE 55 -80.98 21.62 90.97
C THR EE 55 -82.45 21.82 90.63
N ARG EE 56 -82.77 22.95 90.02
CA ARG EE 56 -84.11 23.22 89.54
C ARG EE 56 -84.09 23.24 88.02
N VAL EE 57 -84.91 22.40 87.41
CA VAL EE 57 -85.05 22.31 85.97
C VAL EE 57 -86.51 22.45 85.62
N ASP EE 58 -86.81 23.34 84.69
CA ASP EE 58 -88.21 23.61 84.38
C ASP EE 58 -88.85 22.37 83.74
N PRO EE 59 -89.87 21.78 84.35
CA PRO EE 59 -90.34 20.47 83.90
C PRO EE 59 -91.39 20.50 82.80
N THR EE 60 -91.20 21.32 81.77
CA THR EE 60 -92.03 21.18 80.57
C THR EE 60 -91.14 21.16 79.33
N THR EE 61 -90.03 21.90 79.36
CA THR EE 61 -89.04 21.88 78.30
C THR EE 61 -87.66 21.44 78.77
N GLY EE 62 -87.44 21.38 80.07
CA GLY EE 62 -86.17 20.89 80.59
C GLY EE 62 -85.05 21.90 80.62
N VAL EE 63 -85.36 23.16 80.88
CA VAL EE 63 -84.33 24.20 80.95
C VAL EE 63 -83.89 24.37 82.40
N LEU EE 64 -82.58 24.32 82.62
CA LEU EE 64 -82.00 24.47 83.95
C LEU EE 64 -82.27 25.88 84.47
N ILE EE 65 -83.12 25.98 85.49
CA ILE EE 65 -83.40 27.27 86.10
C ILE EE 65 -82.21 27.75 86.93
N GLY EE 66 -81.64 26.89 87.76
CA GLY EE 66 -80.55 27.30 88.61
C GLY EE 66 -80.04 26.15 89.44
N ILE EE 67 -78.84 26.35 89.98
CA ILE EE 67 -78.18 25.38 90.85
C ILE EE 67 -77.54 26.11 92.01
N VAL EE 68 -77.78 25.62 93.23
CA VAL EE 68 -77.00 26.03 94.39
C VAL EE 68 -76.32 24.78 94.94
N ASN EE 69 -75.00 24.85 95.05
CA ASN EE 69 -74.19 23.71 95.46
C ASN EE 69 -73.37 24.09 96.68
N VAL EE 70 -73.29 23.17 97.64
CA VAL EE 70 -72.42 23.32 98.79
C VAL EE 70 -71.39 22.21 98.72
N SER EE 71 -70.14 22.57 98.42
CA SER EE 71 -69.06 21.62 98.31
C SER EE 71 -68.07 21.81 99.44
N SER EE 72 -67.56 20.71 99.97
CA SER EE 72 -66.54 20.75 101.01
C SER EE 72 -65.31 19.98 100.54
N SER EE 73 -64.15 20.53 100.85
CA SER EE 73 -62.87 19.88 100.57
C SER EE 73 -62.03 20.06 101.83
N ILE EE 74 -62.09 19.08 102.72
CA ILE EE 74 -61.45 19.16 104.02
C ILE EE 74 -60.38 18.09 104.11
N ARG EE 75 -59.24 18.44 104.70
CA ARG EE 75 -58.17 17.48 104.92
C ARG EE 75 -58.68 16.28 105.68
N ALA EE 76 -58.21 15.09 105.29
CA ALA EE 76 -58.61 13.86 105.97
C ALA EE 76 -58.23 13.89 107.44
N ASP EE 77 -57.15 14.57 107.79
CA ASP EE 77 -56.69 14.65 109.17
C ASP EE 77 -57.26 15.84 109.94
N ALA EE 78 -58.05 16.69 109.29
CA ALA EE 78 -58.55 17.89 109.94
C ALA EE 78 -59.44 17.52 111.12
N THR EE 79 -59.27 18.27 112.22
CA THR EE 79 -59.98 17.97 113.44
C THR EE 79 -61.47 18.27 113.31
N ALA EE 80 -62.26 17.61 114.14
CA ALA EE 80 -63.69 17.90 114.18
C ALA EE 80 -63.96 19.34 114.58
N ALA EE 81 -63.05 19.96 115.32
CA ALA EE 81 -63.17 21.37 115.63
C ALA EE 81 -63.06 22.23 114.37
N ASP EE 82 -62.07 21.94 113.52
CA ASP EE 82 -61.97 22.64 112.25
C ASP EE 82 -63.19 22.36 111.39
N LYS EE 83 -63.65 21.11 111.40
CA LYS EE 83 -64.76 20.73 110.54
C LYS EE 83 -66.07 21.32 111.05
N THR EE 84 -66.20 21.49 112.36
CA THR EE 84 -67.38 22.17 112.89
C THR EE 84 -67.29 23.68 112.64
N ALA EE 85 -66.10 24.26 112.80
CA ALA EE 85 -65.93 25.69 112.59
C ALA EE 85 -66.22 26.07 111.14
N LEU EE 86 -65.76 25.26 110.20
CA LEU EE 86 -65.98 25.55 108.79
C LEU EE 86 -67.47 25.55 108.46
N MET EE 87 -68.22 24.61 109.01
CA MET EE 87 -69.66 24.57 108.74
C MET EE 87 -70.39 25.67 109.49
N ALA EE 88 -69.89 26.04 110.67
CA ALA EE 88 -70.55 27.08 111.45
C ALA EE 88 -70.38 28.46 110.82
N ILE EE 89 -69.19 28.76 110.30
CA ILE EE 89 -68.95 30.05 109.68
C ILE EE 89 -69.77 30.18 108.40
N ILE EE 90 -69.74 29.15 107.56
CA ILE EE 90 -70.44 29.23 106.28
C ILE EE 90 -71.95 29.28 106.48
N THR EE 91 -72.47 28.57 107.48
CA THR EE 91 -73.90 28.62 107.75
C THR EE 91 -74.32 30.00 108.25
N ALA EE 92 -73.49 30.61 109.11
CA ALA EE 92 -73.78 31.96 109.59
C ALA EE 92 -73.70 32.98 108.47
N ALA EE 93 -72.71 32.83 107.57
CA ALA EE 93 -72.59 33.75 106.45
C ALA EE 93 -73.79 33.65 105.51
N GLN EE 94 -74.28 32.43 105.28
CA GLN EE 94 -75.48 32.26 104.47
C GLN EE 94 -76.70 32.88 105.15
N ALA EE 95 -76.81 32.71 106.47
CA ALA EE 95 -77.90 33.34 107.21
C ALA EE 95 -77.78 34.84 107.22
N ASP EE 96 -76.57 35.37 107.08
CA ASP EE 96 -76.37 36.80 106.94
C ASP EE 96 -76.91 37.28 105.59
N GLY EE 97 -77.32 38.54 105.55
CA GLY EE 97 -78.00 39.07 104.37
C GLY EE 97 -77.09 39.32 103.19
N ALA EE 98 -75.77 39.37 103.41
CA ALA EE 98 -74.85 39.61 102.30
C ALA EE 98 -74.92 38.50 101.27
N TRP EE 99 -75.15 37.27 101.71
CA TRP EE 99 -75.32 36.17 100.77
C TRP EE 99 -76.61 36.30 99.99
N THR EE 100 -77.70 36.68 100.66
CA THR EE 100 -78.98 36.84 99.98
C THR EE 100 -78.93 37.95 98.94
N GLU EE 101 -77.93 38.83 99.03
CA GLU EE 101 -77.73 39.88 98.03
C GLU EE 101 -76.74 39.48 96.96
N LEU EE 102 -75.71 38.69 97.31
CA LEU EE 102 -74.80 38.15 96.31
C LEU EE 102 -75.55 37.28 95.31
N VAL EE 103 -76.38 36.40 95.81
CA VAL EE 103 -77.42 35.78 95.00
C VAL EE 103 -78.55 36.78 94.85
N THR EE 104 -79.26 36.71 93.73
CA THR EE 104 -80.43 37.53 93.41
C THR EE 104 -80.10 38.98 93.05
N ASP EE 105 -78.87 39.43 93.32
CA ASP EE 105 -78.48 40.77 92.88
C ASP EE 105 -77.06 40.87 92.36
N GLN EE 106 -76.18 39.90 92.61
CA GLN EE 106 -74.74 40.04 92.37
C GLN EE 106 -74.20 41.29 93.07
N ARG EE 107 -74.63 41.49 94.31
CA ARG EE 107 -74.22 42.63 95.11
C ARG EE 107 -73.15 42.18 96.10
N LEU EE 108 -72.00 42.75 95.99
CA LEU EE 108 -70.88 42.42 96.86
C LEU EE 108 -70.95 43.20 98.17
N PRO EE 109 -70.38 42.65 99.24
CA PRO EE 109 -70.36 43.39 100.50
C PRO EE 109 -69.35 44.51 100.50
N LEU EE 110 -69.55 45.51 99.64
CA LEU EE 110 -68.72 46.71 99.63
C LEU EE 110 -69.53 48.00 99.49
N ALA EE 111 -70.84 47.91 99.27
CA ALA EE 111 -71.64 49.12 99.13
C ALA EE 111 -71.68 49.89 100.45
N THR EE 112 -71.69 51.21 100.35
CA THR EE 112 -71.69 52.08 101.52
C THR EE 112 -73.08 52.30 102.11
N VAL EE 113 -74.12 51.80 101.46
CA VAL EE 113 -75.50 51.96 101.90
C VAL EE 113 -75.90 53.44 101.99
N SER FE 1 29.36 -52.83 118.83
CA SER FE 1 30.60 -53.56 118.99
C SER FE 1 30.35 -55.04 119.22
N LYS FE 2 29.74 -55.36 120.36
CA LYS FE 2 29.46 -56.75 120.74
C LYS FE 2 28.05 -56.80 121.31
N VAL FE 3 27.74 -57.89 122.03
CA VAL FE 3 26.38 -58.22 122.44
C VAL FE 3 25.65 -57.03 123.06
N PHE FE 4 24.51 -56.67 122.46
CA PHE FE 4 23.63 -55.60 122.93
C PHE FE 4 22.22 -56.15 122.94
N ASN FE 5 21.50 -55.90 124.03
CA ASN FE 5 20.11 -56.34 124.17
C ASN FE 5 20.04 -57.86 123.93
N THR FE 6 20.97 -58.59 124.53
CA THR FE 6 21.11 -60.04 124.44
C THR FE 6 21.31 -60.55 123.02
N GLN FE 7 21.65 -59.67 122.07
CA GLN FE 7 21.96 -60.09 120.71
C GLN FE 7 23.41 -59.80 120.39
N THR FE 8 24.07 -60.75 119.74
CA THR FE 8 25.49 -60.68 119.44
C THR FE 8 25.69 -60.06 118.08
N PHE FE 9 26.38 -58.92 118.03
CA PHE FE 9 26.61 -58.21 116.78
C PHE FE 9 28.06 -58.40 116.37
N ASP FE 10 28.28 -59.06 115.24
CA ASP FE 10 29.59 -59.29 114.68
C ASP FE 10 29.78 -58.44 113.43
N ILE FE 11 31.03 -58.11 113.13
CA ILE FE 11 31.33 -57.26 111.99
C ILE FE 11 30.93 -57.97 110.71
N TYR FE 12 30.14 -57.30 109.88
CA TYR FE 12 29.85 -57.80 108.55
C TYR FE 12 30.61 -57.07 107.47
N SER FE 13 30.88 -55.78 107.66
CA SER FE 13 31.53 -55.00 106.63
C SER FE 13 32.26 -53.83 107.28
N THR FE 14 33.36 -53.43 106.66
CA THR FE 14 34.17 -52.32 107.13
C THR FE 14 34.56 -51.47 105.93
N GLU FE 15 34.21 -50.19 105.98
CA GLU FE 15 34.59 -49.24 104.95
C GLU FE 15 35.65 -48.29 105.49
N LYS FE 16 35.98 -47.28 104.70
CA LYS FE 16 36.89 -46.25 105.17
C LYS FE 16 36.30 -45.54 106.39
N ASP FE 17 34.99 -45.29 106.38
CA ASP FE 17 34.36 -44.52 107.43
C ASP FE 17 33.09 -45.15 107.98
N VAL FE 18 32.76 -46.38 107.56
CA VAL FE 18 31.61 -47.10 108.10
C VAL FE 18 32.06 -48.48 108.56
N VAL FE 19 31.60 -48.87 109.73
CA VAL FE 19 31.68 -50.25 110.19
C VAL FE 19 30.26 -50.74 110.37
N SER FE 20 29.93 -51.88 109.77
CA SER FE 20 28.60 -52.45 109.85
C SER FE 20 28.66 -53.77 110.61
N LEU FE 21 27.71 -53.96 111.52
CA LEU FE 21 27.61 -55.19 112.31
C LEU FE 21 26.22 -55.78 112.16
N ARG FE 22 26.16 -57.11 112.11
CA ARG FE 22 24.91 -57.83 112.00
C ARG FE 22 24.78 -58.84 113.13
N ASP FE 23 23.55 -59.24 113.40
CA ASP FE 23 23.32 -60.24 114.44
C ASP FE 23 23.76 -61.62 113.98
N PHE FE 24 23.40 -61.99 112.75
CA PHE FE 24 23.73 -63.30 112.16
C PHE FE 24 22.98 -64.43 112.86
N ALA FE 25 22.23 -64.09 113.91
CA ALA FE 25 21.38 -65.05 114.60
C ALA FE 25 19.92 -64.91 114.19
N ASN FE 26 19.33 -63.73 114.36
CA ASN FE 26 18.02 -63.46 113.81
C ASN FE 26 18.07 -62.85 112.42
N ASP FE 27 19.26 -62.44 111.97
CA ASP FE 27 19.47 -61.97 110.60
C ASP FE 27 18.54 -60.82 110.24
N LYS FE 28 18.19 -59.98 111.22
CA LYS FE 28 17.28 -58.90 110.97
C LYS FE 28 17.79 -57.54 111.44
N ASP FE 29 18.85 -57.48 112.22
CA ASP FE 29 19.36 -56.23 112.77
C ASP FE 29 20.74 -55.94 112.19
N THR FE 30 20.95 -54.69 111.80
CA THR FE 30 22.26 -54.20 111.39
C THR FE 30 22.58 -52.95 112.16
N LEU FE 31 23.76 -52.94 112.78
CA LEU FE 31 24.24 -51.79 113.55
C LEU FE 31 25.41 -51.17 112.78
N ALA FE 32 25.32 -49.88 112.51
CA ALA FE 32 26.31 -49.17 111.71
C ALA FE 32 26.93 -48.04 112.51
N TYR FE 33 28.25 -47.93 112.46
CA TYR FE 33 29.00 -46.83 113.04
C TYR FE 33 29.61 -46.05 111.89
N LYS FE 34 29.37 -44.75 111.85
CA LYS FE 34 29.69 -43.95 110.69
C LYS FE 34 30.46 -42.71 111.13
N ARG FE 35 31.34 -42.24 110.25
CA ARG FE 35 32.40 -41.31 110.64
C ARG FE 35 32.61 -40.25 109.56
N LEU FE 36 32.41 -38.98 109.90
CA LEU FE 36 32.78 -37.87 109.04
C LEU FE 36 33.63 -36.88 109.84
N ALA FE 37 34.93 -36.84 109.56
CA ALA FE 37 35.82 -35.92 110.23
C ALA FE 37 35.47 -34.46 109.88
N PRO FE 38 35.76 -33.52 110.78
CA PRO FE 38 35.44 -32.11 110.49
C PRO FE 38 36.29 -31.59 109.35
N LYS FE 39 35.72 -30.68 108.56
CA LYS FE 39 36.42 -30.08 107.45
C LYS FE 39 36.53 -28.58 107.66
N ARG FE 40 37.77 -28.10 107.78
CA ARG FE 40 38.05 -26.68 108.01
C ARG FE 40 37.82 -25.98 106.68
N THR FE 41 36.54 -25.74 106.39
CA THR FE 41 36.17 -25.09 105.14
C THR FE 41 36.07 -23.58 105.28
N LYS FE 42 36.30 -23.06 106.48
CA LYS FE 42 36.27 -21.62 106.73
C LYS FE 42 37.14 -21.37 107.96
N ASP FE 43 36.96 -20.20 108.56
CA ASP FE 43 37.63 -19.90 109.83
C ASP FE 43 37.23 -20.91 110.89
N SER FE 44 36.03 -21.47 110.76
CA SER FE 44 35.63 -22.56 111.63
C SER FE 44 36.40 -23.82 111.28
N PRO FE 45 36.74 -24.66 112.26
CA PRO FE 45 37.46 -25.90 111.96
C PRO FE 45 36.57 -27.01 111.42
N GLY FE 46 35.28 -26.76 111.22
CA GLY FE 46 34.35 -27.78 110.80
C GLY FE 46 33.73 -28.54 111.95
N MET FE 47 32.72 -29.34 111.63
CA MET FE 47 31.98 -30.13 112.61
C MET FE 47 32.22 -31.61 112.35
N ALA FE 48 32.60 -32.33 113.39
CA ALA FE 48 32.84 -33.77 113.30
C ALA FE 48 31.51 -34.50 113.40
N LYS FE 49 31.10 -35.12 112.30
CA LYS FE 49 29.88 -35.91 112.27
C LYS FE 49 30.14 -37.33 112.76
N SER FE 50 29.16 -37.86 113.48
CA SER FE 50 29.09 -39.27 113.81
C SER FE 50 27.68 -39.76 113.57
N GLU FE 51 27.54 -41.08 113.45
CA GLU FE 51 26.23 -41.67 113.26
C GLU FE 51 26.25 -43.09 113.78
N LEU FE 52 25.25 -43.43 114.60
CA LEU FE 52 25.10 -44.77 115.14
C LEU FE 52 23.65 -45.17 114.94
N LYS FE 53 23.38 -46.04 113.98
CA LYS FE 53 22.01 -46.40 113.65
C LYS FE 53 21.80 -47.90 113.72
N ILE FE 54 20.61 -48.28 114.16
CA ILE FE 54 20.16 -49.67 114.19
C ILE FE 54 18.98 -49.79 113.24
N THR FE 55 19.08 -50.71 112.29
CA THR FE 55 18.03 -50.96 111.32
C THR FE 55 17.52 -52.38 111.50
N ARG FE 56 16.21 -52.53 111.55
CA ARG FE 56 15.57 -53.83 111.64
C ARG FE 56 14.76 -54.09 110.37
N VAL FE 57 15.13 -55.14 109.66
CA VAL FE 57 14.44 -55.56 108.44
C VAL FE 57 14.03 -57.01 108.61
N ASP FE 58 12.76 -57.31 108.39
CA ASP FE 58 12.34 -58.69 108.56
C ASP FE 58 12.96 -59.58 107.49
N PRO FE 59 13.52 -60.73 107.85
CA PRO FE 59 14.24 -61.54 106.86
C PRO FE 59 13.35 -62.54 106.12
N THR FE 60 12.19 -62.09 105.66
CA THR FE 60 11.34 -62.99 104.87
C THR FE 60 10.92 -62.29 103.58
N THR FE 61 10.64 -61.00 103.66
CA THR FE 61 10.35 -60.18 102.49
C THR FE 61 11.26 -58.97 102.38
N GLY FE 62 12.09 -58.70 103.38
CA GLY FE 62 12.98 -57.56 103.34
C GLY FE 62 12.33 -56.22 103.59
N VAL FE 63 11.23 -56.19 104.32
CA VAL FE 63 10.55 -54.93 104.63
C VAL FE 63 11.27 -54.28 105.80
N LEU FE 64 11.49 -52.97 105.69
CA LEU FE 64 12.16 -52.23 106.75
C LEU FE 64 11.19 -51.98 107.89
N ILE FE 65 11.40 -52.67 109.02
CA ILE FE 65 10.51 -52.49 110.15
C ILE FE 65 10.71 -51.12 110.79
N GLY FE 66 11.96 -50.73 111.02
CA GLY FE 66 12.20 -49.45 111.64
C GLY FE 66 13.69 -49.18 111.81
N ILE FE 67 14.00 -47.89 111.94
CA ILE FE 67 15.36 -47.41 112.14
C ILE FE 67 15.39 -46.47 113.33
N VAL FE 68 16.38 -46.64 114.20
CA VAL FE 68 16.70 -45.68 115.23
C VAL FE 68 18.13 -45.23 115.01
N ASN FE 69 18.34 -43.93 114.86
CA ASN FE 69 19.65 -43.38 114.52
C ASN FE 69 20.06 -42.35 115.56
N VAL FE 70 21.31 -42.43 116.00
CA VAL FE 70 21.88 -41.47 116.93
C VAL FE 70 22.98 -40.72 116.16
N SER FE 71 22.74 -39.46 115.87
CA SER FE 71 23.67 -38.65 115.10
C SER FE 71 24.23 -37.53 115.97
N SER FE 72 25.53 -37.30 115.85
CA SER FE 72 26.20 -36.21 116.55
C SER FE 72 26.90 -35.33 115.52
N SER FE 73 26.90 -34.03 115.78
CA SER FE 73 27.57 -33.04 114.93
C SER FE 73 28.14 -31.99 115.89
N ILE FE 74 29.45 -32.06 116.13
CA ILE FE 74 30.10 -31.26 117.16
C ILE FE 74 31.30 -30.55 116.57
N ARG FE 75 31.48 -29.30 116.98
CA ARG FE 75 32.61 -28.50 116.53
C ARG FE 75 33.94 -29.20 116.81
N ALA FE 76 34.87 -29.08 115.87
CA ALA FE 76 36.19 -29.67 116.06
C ALA FE 76 36.90 -29.08 117.26
N ASP FE 77 36.73 -27.78 117.50
CA ASP FE 77 37.36 -27.10 118.62
C ASP FE 77 36.64 -27.32 119.94
N ALA FE 78 35.46 -27.96 119.91
CA ALA FE 78 34.65 -28.09 121.11
C ALA FE 78 35.36 -28.95 122.15
N THR FE 79 35.14 -28.61 123.41
CA THR FE 79 35.84 -29.26 124.51
C THR FE 79 35.23 -30.63 124.80
N ALA FE 80 35.99 -31.43 125.55
CA ALA FE 80 35.48 -32.72 126.00
C ALA FE 80 34.31 -32.54 126.96
N ALA FE 81 34.35 -31.50 127.80
CA ALA FE 81 33.23 -31.21 128.70
C ALA FE 81 31.97 -30.88 127.91
N ASP FE 82 32.11 -30.11 126.83
CA ASP FE 82 30.99 -29.87 125.95
C ASP FE 82 30.47 -31.17 125.36
N LYS FE 83 31.40 -32.04 124.97
CA LYS FE 83 31.02 -33.31 124.36
C LYS FE 83 30.50 -34.30 125.40
N THR FE 84 31.03 -34.25 126.62
CA THR FE 84 30.49 -35.06 127.69
C THR FE 84 29.08 -34.64 128.05
N ALA FE 85 28.84 -33.33 128.10
CA ALA FE 85 27.51 -32.83 128.47
C ALA FE 85 26.47 -33.22 127.44
N LEU FE 86 26.80 -33.15 126.16
CA LEU FE 86 25.82 -33.46 125.12
C LEU FE 86 25.37 -34.91 125.20
N MET FE 87 26.32 -35.83 125.40
CA MET FE 87 25.93 -37.23 125.50
C MET FE 87 25.21 -37.52 126.81
N ALA FE 88 25.65 -36.89 127.91
CA ALA FE 88 24.99 -37.10 129.19
C ALA FE 88 23.53 -36.62 129.16
N ILE FE 89 23.27 -35.50 128.49
CA ILE FE 89 21.92 -34.97 128.44
C ILE FE 89 21.03 -35.86 127.57
N ILE FE 90 21.51 -36.21 126.39
CA ILE FE 90 20.71 -37.02 125.47
C ILE FE 90 20.49 -38.41 126.03
N THR FE 91 21.43 -38.92 126.82
CA THR FE 91 21.26 -40.23 127.43
C THR FE 91 20.21 -40.19 128.53
N ALA FE 92 20.22 -39.13 129.36
CA ALA FE 92 19.21 -39.01 130.41
C ALA FE 92 17.82 -38.83 129.81
N ALA FE 93 17.72 -38.06 128.72
CA ALA FE 93 16.43 -37.87 128.06
C ALA FE 93 15.92 -39.18 127.47
N GLN FE 94 16.81 -39.98 126.90
CA GLN FE 94 16.41 -41.27 126.37
C GLN FE 94 15.93 -42.21 127.48
N ALA FE 95 16.59 -42.18 128.62
CA ALA FE 95 16.16 -42.98 129.76
C ALA FE 95 14.82 -42.50 130.31
N ASP FE 96 14.49 -41.23 130.11
CA ASP FE 96 13.20 -40.72 130.55
C ASP FE 96 12.07 -41.34 129.73
N GLY FE 97 10.91 -41.46 130.36
CA GLY FE 97 9.77 -42.08 129.70
C GLY FE 97 9.13 -41.24 128.62
N ALA FE 98 9.44 -39.93 128.60
CA ALA FE 98 8.92 -39.09 127.53
C ALA FE 98 9.41 -39.55 126.17
N TRP FE 99 10.70 -39.90 126.07
CA TRP FE 99 11.22 -40.42 124.81
C TRP FE 99 10.61 -41.76 124.48
N THR FE 100 10.38 -42.61 125.49
CA THR FE 100 9.76 -43.90 125.25
C THR FE 100 8.34 -43.74 124.73
N GLU FE 101 7.69 -42.61 125.03
CA GLU FE 101 6.38 -42.30 124.48
C GLU FE 101 6.44 -41.53 123.18
N LEU FE 102 7.47 -40.69 123.01
CA LEU FE 102 7.68 -40.07 121.71
C LEU FE 102 7.83 -41.12 120.61
N VAL FE 103 8.58 -42.16 120.90
CA VAL FE 103 8.55 -43.36 120.07
C VAL FE 103 7.38 -44.21 120.55
N THR FE 104 6.82 -45.00 119.63
CA THR FE 104 5.71 -45.93 119.86
C THR FE 104 4.35 -45.30 120.07
N ASP FE 105 4.29 -43.99 120.33
CA ASP FE 105 3.02 -43.32 120.54
C ASP FE 105 2.87 -42.02 119.77
N GLN FE 106 3.96 -41.42 119.29
CA GLN FE 106 3.92 -40.06 118.73
C GLN FE 106 3.33 -39.09 119.73
N ARG FE 107 3.80 -39.19 120.97
CA ARG FE 107 3.30 -38.41 122.09
C ARG FE 107 4.36 -37.41 122.52
N LEU FE 108 3.99 -36.13 122.54
CA LEU FE 108 4.86 -35.07 123.02
C LEU FE 108 4.83 -35.01 124.55
N PRO FE 109 5.88 -34.47 125.18
CA PRO FE 109 5.92 -34.46 126.64
C PRO FE 109 5.15 -33.29 127.24
N LEU FE 110 3.94 -33.06 126.76
CA LEU FE 110 3.12 -31.96 127.23
C LEU FE 110 1.82 -32.40 127.88
N ALA FE 111 1.59 -33.69 128.03
CA ALA FE 111 0.40 -34.17 128.72
C ALA FE 111 0.38 -33.67 130.15
N THR FE 112 -0.82 -33.35 130.64
CA THR FE 112 -0.99 -32.95 132.03
C THR FE 112 -1.23 -34.14 132.96
N VAL FE 113 -1.26 -35.35 132.41
CA VAL FE 113 -1.46 -36.58 133.18
C VAL FE 113 -2.80 -36.57 133.93
N SER GE 1 11.87 -33.90 129.25
CA SER GE 1 10.83 -33.24 130.02
C SER GE 1 11.41 -32.37 131.14
N LYS GE 2 12.09 -33.01 132.09
CA LYS GE 2 12.56 -32.33 133.29
C LYS GE 2 14.05 -32.61 133.44
N VAL GE 3 14.57 -32.39 134.66
CA VAL GE 3 16.00 -32.38 134.94
C VAL GE 3 16.74 -33.56 134.32
N PHE GE 4 17.70 -33.24 133.47
CA PHE GE 4 18.57 -34.22 132.82
C PHE GE 4 20.00 -33.75 133.01
N ASN GE 5 20.88 -34.68 133.41
CA ASN GE 5 22.28 -34.36 133.66
C ASN GE 5 22.40 -33.22 134.69
N THR GE 6 21.59 -33.30 135.74
CA THR GE 6 21.49 -32.33 136.83
C THR GE 6 21.02 -30.96 136.38
N GLN GE 7 20.68 -30.78 135.11
CA GLN GE 7 20.23 -29.50 134.58
C GLN GE 7 18.72 -29.51 134.40
N THR GE 8 18.06 -28.48 134.89
CA THR GE 8 16.62 -28.35 134.80
C THR GE 8 16.25 -27.73 133.46
N PHE GE 9 15.48 -28.46 132.65
CA PHE GE 9 15.06 -28.00 131.34
C PHE GE 9 13.61 -27.57 131.43
N ASP GE 10 13.38 -26.27 131.39
CA ASP GE 10 12.04 -25.71 131.44
C ASP GE 10 11.58 -25.37 130.03
N ILE GE 11 10.27 -25.40 129.82
CA ILE GE 11 9.72 -25.32 128.47
C ILE GE 11 10.07 -23.98 127.84
N TYR GE 12 10.64 -24.02 126.65
CA TYR GE 12 11.03 -22.83 125.92
C TYR GE 12 10.07 -22.47 124.81
N SER GE 13 9.51 -23.46 124.12
CA SER GE 13 8.59 -23.20 123.03
C SER GE 13 7.77 -24.46 122.78
N THR GE 14 6.59 -24.27 122.20
CA THR GE 14 5.73 -25.38 121.84
C THR GE 14 5.21 -25.16 120.43
N GLU GE 15 5.23 -26.19 119.61
CA GLU GE 15 4.73 -26.17 118.25
C GLU GE 15 3.68 -27.26 118.08
N LYS GE 16 3.15 -27.36 116.87
CA LYS GE 16 2.25 -28.45 116.51
C LYS GE 16 2.90 -29.80 116.77
N ASP GE 17 4.19 -29.93 116.48
CA ASP GE 17 4.87 -31.21 116.56
C ASP GE 17 6.24 -31.12 117.23
N VAL GE 18 6.61 -29.96 117.76
CA VAL GE 18 7.89 -29.78 118.43
C VAL GE 18 7.64 -29.18 119.80
N VAL GE 19 8.28 -29.75 120.81
CA VAL GE 19 8.33 -29.17 122.14
C VAL GE 19 9.78 -28.94 122.49
N SER GE 20 10.12 -27.69 122.80
CA SER GE 20 11.49 -27.30 123.08
C SER GE 20 11.61 -26.90 124.54
N LEU GE 21 12.67 -27.37 125.19
CA LEU GE 21 12.95 -27.03 126.57
C LEU GE 21 14.32 -26.37 126.65
N ARG GE 22 14.46 -25.46 127.60
CA ARG GE 22 15.72 -24.75 127.80
C ARG GE 22 16.15 -24.89 129.24
N ASP GE 23 17.46 -24.90 129.46
CA ASP GE 23 17.99 -24.88 130.82
C ASP GE 23 17.64 -23.56 131.52
N PHE GE 24 17.87 -22.43 130.84
CA PHE GE 24 17.65 -21.08 131.34
C PHE GE 24 18.61 -20.72 132.46
N ALA GE 25 19.42 -21.69 132.91
CA ALA GE 25 20.48 -21.44 133.87
C ALA GE 25 21.80 -21.16 133.18
N ASN GE 26 22.32 -22.10 132.41
CA ASN GE 26 23.46 -21.84 131.55
C ASN GE 26 23.05 -21.21 130.23
N ASP GE 27 21.76 -21.19 129.93
CA ASP GE 27 21.21 -20.50 128.77
C ASP GE 27 21.82 -21.01 127.46
N LYS GE 28 22.29 -22.24 127.44
CA LYS GE 28 23.01 -22.74 126.28
C LYS GE 28 22.48 -24.05 125.71
N ASP GE 29 21.67 -24.79 126.46
CA ASP GE 29 21.22 -26.11 126.04
C ASP GE 29 19.73 -26.09 125.75
N THR GE 30 19.36 -26.61 124.58
CA THR GE 30 17.95 -26.70 124.20
C THR GE 30 17.64 -28.14 123.81
N LEU GE 31 16.61 -28.70 124.42
CA LEU GE 31 16.16 -30.05 124.18
C LEU GE 31 14.83 -30.00 123.44
N ALA GE 32 14.75 -30.63 122.28
CA ALA GE 32 13.56 -30.60 121.44
C ALA GE 32 13.01 -32.01 121.27
N TYR GE 33 11.68 -32.12 121.34
CA TYR GE 33 10.95 -33.35 121.09
C TYR GE 33 10.11 -33.15 119.84
N LYS GE 34 10.46 -33.83 118.76
CA LYS GE 34 9.80 -33.61 117.48
C LYS GE 34 9.00 -34.85 117.11
N ARG GE 35 7.86 -34.61 116.46
CA ARG GE 35 6.88 -35.64 116.14
C ARG GE 35 6.52 -35.55 114.67
N LEU GE 36 6.42 -36.70 114.02
CA LEU GE 36 5.98 -36.76 112.62
C LEU GE 36 5.21 -38.05 112.42
N ALA GE 37 3.88 -37.97 112.51
CA ALA GE 37 3.04 -39.14 112.46
C ALA GE 37 3.11 -39.81 111.09
N PRO GE 38 2.83 -41.11 111.01
CA PRO GE 38 2.88 -41.80 109.71
C PRO GE 38 1.79 -41.33 108.78
N LYS GE 39 2.09 -41.34 107.49
CA LYS GE 39 1.14 -41.01 106.44
C LYS GE 39 0.91 -42.23 105.57
N ARG GE 40 -0.35 -42.59 105.35
CA ARG GE 40 -0.72 -43.79 104.60
C ARG GE 40 -0.81 -43.42 103.12
N THR GE 41 0.36 -43.13 102.54
CA THR GE 41 0.42 -42.73 101.14
C THR GE 41 0.23 -43.90 100.19
N LYS GE 42 0.31 -45.12 100.69
CA LYS GE 42 0.11 -46.31 99.88
C LYS GE 42 -0.48 -47.39 100.79
N ASP GE 43 -0.41 -48.64 100.33
CA ASP GE 43 -0.88 -49.78 101.13
C ASP GE 43 -0.15 -49.82 102.47
N SER GE 44 1.09 -49.34 102.49
CA SER GE 44 1.82 -49.24 103.74
C SER GE 44 1.12 -48.23 104.65
N PRO GE 45 1.10 -48.46 105.96
CA PRO GE 45 0.53 -47.46 106.87
C PRO GE 45 1.43 -46.26 107.10
N GLY GE 46 2.57 -46.19 106.42
CA GLY GE 46 3.50 -45.10 106.59
C GLY GE 46 4.49 -45.35 107.71
N MET GE 47 5.43 -44.43 107.84
CA MET GE 47 6.46 -44.50 108.86
C MET GE 47 6.21 -43.43 109.91
N ALA GE 48 6.17 -43.83 111.17
CA ALA GE 48 6.06 -42.90 112.28
C ALA GE 48 7.44 -42.37 112.62
N LYS GE 49 7.65 -41.08 112.42
CA LYS GE 49 8.93 -40.46 112.72
C LYS GE 49 8.88 -39.81 114.10
N SER GE 50 9.99 -39.90 114.81
CA SER GE 50 10.20 -39.10 116.01
C SER GE 50 11.61 -38.55 116.00
N GLU GE 51 11.85 -37.53 116.82
CA GLU GE 51 13.16 -36.92 116.88
C GLU GE 51 13.38 -36.36 118.28
N LEU GE 52 14.50 -36.72 118.89
CA LEU GE 52 14.90 -36.16 120.18
C LEU GE 52 16.29 -35.58 120.02
N LYS GE 53 16.38 -34.25 120.11
CA LYS GE 53 17.60 -33.55 119.77
C LYS GE 53 18.00 -32.62 120.91
N ILE GE 54 19.31 -32.55 121.16
CA ILE GE 54 19.90 -31.64 122.13
C ILE GE 54 20.87 -30.75 121.40
N THR GE 55 20.76 -29.45 121.63
CA THR GE 55 21.60 -28.46 120.98
C THR GE 55 22.30 -27.62 122.03
N ARG GE 56 23.60 -27.43 121.86
CA ARG GE 56 24.37 -26.55 122.72
C ARG GE 56 24.95 -25.43 121.86
N VAL GE 57 24.56 -24.20 122.15
CA VAL GE 57 25.16 -23.01 121.58
C VAL GE 57 25.58 -22.12 122.73
N ASP GE 58 26.76 -21.53 122.60
CA ASP GE 58 27.23 -20.68 123.68
C ASP GE 58 26.52 -19.33 123.60
N PRO GE 59 25.86 -18.87 124.66
CA PRO GE 59 24.94 -17.74 124.53
C PRO GE 59 25.57 -16.38 124.65
N THR GE 60 26.74 -16.15 124.06
CA THR GE 60 27.25 -14.79 123.95
C THR GE 60 27.55 -14.46 122.50
N THR GE 61 28.28 -15.34 121.81
CA THR GE 61 28.51 -15.20 120.39
C THR GE 61 27.61 -16.08 119.55
N GLY GE 62 26.88 -17.01 120.16
CA GLY GE 62 25.91 -17.78 119.44
C GLY GE 62 26.45 -18.70 118.37
N VAL GE 63 27.61 -19.32 118.59
CA VAL GE 63 28.14 -20.30 117.66
C VAL GE 63 27.73 -21.68 118.15
N LEU GE 64 27.24 -22.50 117.23
CA LEU GE 64 26.81 -23.86 117.55
C LEU GE 64 28.01 -24.67 118.04
N ILE GE 65 27.92 -25.21 119.25
CA ILE GE 65 28.99 -26.05 119.75
C ILE GE 65 28.79 -27.49 119.31
N GLY GE 66 27.56 -28.02 119.42
CA GLY GE 66 27.32 -29.37 118.99
C GLY GE 66 25.85 -29.74 119.08
N ILE GE 67 25.49 -30.77 118.31
CA ILE GE 67 24.15 -31.35 118.30
C ILE GE 67 24.27 -32.86 118.42
N VAL GE 68 23.45 -33.44 119.28
CA VAL GE 68 23.26 -34.90 119.31
C VAL GE 68 21.79 -35.16 119.08
N ASN GE 69 21.49 -36.02 118.12
CA ASN GE 69 20.14 -36.22 117.63
C ASN GE 69 19.77 -37.69 117.71
N VAL GE 70 18.59 -37.98 118.23
CA VAL GE 70 18.05 -39.34 118.26
C VAL GE 70 16.78 -39.34 117.41
N SER GE 71 16.83 -39.98 116.26
CA SER GE 71 15.72 -40.04 115.33
C SER GE 71 15.23 -41.47 115.19
N SER GE 72 13.92 -41.62 115.11
CA SER GE 72 13.30 -42.92 114.89
C SER GE 72 12.43 -42.86 113.65
N SER GE 73 12.47 -43.92 112.85
CA SER GE 73 11.62 -44.08 111.67
C SER GE 73 11.12 -45.52 111.69
N ILE GE 74 9.95 -45.71 112.28
CA ILE GE 74 9.39 -47.04 112.52
C ILE GE 74 8.07 -47.15 111.77
N ARG GE 75 7.83 -48.31 111.17
CA ARG GE 75 6.56 -48.54 110.49
C ARG GE 75 5.40 -48.36 111.46
N ALA GE 76 4.31 -47.77 110.96
CA ALA GE 76 3.16 -47.51 111.82
C ALA GE 76 2.60 -48.81 112.39
N ASP GE 77 2.59 -49.87 111.60
CA ASP GE 77 2.07 -51.16 112.05
C ASP GE 77 3.07 -51.97 112.86
N ALA GE 78 4.32 -51.49 112.99
CA ALA GE 78 5.35 -52.28 113.61
C ALA GE 78 5.02 -52.57 115.07
N THR GE 79 5.21 -53.82 115.46
CA THR GE 79 4.85 -54.25 116.80
C THR GE 79 5.75 -53.59 117.84
N ALA GE 80 5.22 -53.47 119.06
CA ALA GE 80 6.00 -52.89 120.14
C ALA GE 80 7.25 -53.71 120.45
N ALA GE 81 7.19 -55.03 120.20
CA ALA GE 81 8.38 -55.85 120.36
C ALA GE 81 9.48 -55.40 119.41
N ASP GE 82 9.12 -55.15 118.15
CA ASP GE 82 10.08 -54.55 117.23
C ASP GE 82 10.50 -53.17 117.71
N LYS GE 83 9.54 -52.40 118.22
CA LYS GE 83 9.79 -51.05 118.71
C LYS GE 83 10.65 -51.06 119.96
N THR GE 84 10.36 -51.95 120.90
CA THR GE 84 11.17 -52.03 122.11
C THR GE 84 12.57 -52.55 121.84
N ALA GE 85 12.69 -53.52 120.93
CA ALA GE 85 14.00 -54.05 120.60
C ALA GE 85 14.87 -52.99 119.93
N LEU GE 86 14.25 -52.15 119.12
CA LEU GE 86 14.98 -51.05 118.47
C LEU GE 86 15.52 -50.08 119.51
N MET GE 87 14.73 -49.79 120.55
CA MET GE 87 15.23 -48.90 121.60
C MET GE 87 16.26 -49.61 122.46
N ALA GE 88 16.06 -50.91 122.72
CA ALA GE 88 16.97 -51.64 123.59
C ALA GE 88 18.37 -51.73 122.99
N ILE GE 89 18.46 -51.99 121.69
CA ILE GE 89 19.76 -52.14 121.06
C ILE GE 89 20.50 -50.81 121.04
N ILE GE 90 19.82 -49.74 120.62
CA ILE GE 90 20.51 -48.47 120.42
C ILE GE 90 20.95 -47.87 121.75
N THR GE 91 20.15 -48.03 122.80
CA THR GE 91 20.56 -47.57 124.11
C THR GE 91 21.71 -48.41 124.65
N ALA GE 92 21.67 -49.71 124.41
CA ALA GE 92 22.79 -50.56 124.78
C ALA GE 92 24.06 -50.17 124.02
N ALA GE 93 23.91 -49.88 122.74
CA ALA GE 93 25.05 -49.44 121.95
C ALA GE 93 25.60 -48.11 122.45
N GLN GE 94 24.71 -47.17 122.79
CA GLN GE 94 25.16 -45.87 123.29
C GLN GE 94 25.91 -45.99 124.60
N ALA GE 95 25.39 -46.79 125.53
CA ALA GE 95 26.08 -46.99 126.80
C ALA GE 95 27.43 -47.64 126.61
N ASP GE 96 27.60 -48.43 125.56
CA ASP GE 96 28.89 -49.05 125.27
C ASP GE 96 29.91 -48.00 124.84
N GLY GE 97 31.18 -48.29 125.11
CA GLY GE 97 32.23 -47.32 124.89
C GLY GE 97 32.52 -47.02 123.43
N ALA GE 98 32.06 -47.87 122.51
CA ALA GE 98 32.28 -47.59 121.10
C ALA GE 98 31.60 -46.31 120.66
N TRP GE 99 30.36 -46.09 121.11
CA TRP GE 99 29.68 -44.83 120.80
C TRP GE 99 30.39 -43.64 121.45
N THR GE 100 30.83 -43.81 122.69
CA THR GE 100 31.55 -42.74 123.36
C THR GE 100 32.80 -42.35 122.59
N GLU GE 101 33.52 -43.32 122.04
CA GLU GE 101 34.72 -43.07 121.25
C GLU GE 101 34.42 -42.62 119.83
N LEU GE 102 33.29 -43.04 119.25
CA LEU GE 102 32.91 -42.54 117.94
C LEU GE 102 32.72 -41.04 117.98
N VAL GE 103 32.06 -40.54 119.02
CA VAL GE 103 32.13 -39.13 119.37
C VAL GE 103 33.45 -38.87 120.08
N THR GE 104 33.92 -37.63 120.04
CA THR GE 104 35.13 -37.18 120.75
C THR GE 104 36.42 -37.71 120.13
N ASP GE 105 36.32 -38.70 119.24
CA ASP GE 105 37.52 -39.22 118.59
C ASP GE 105 37.34 -39.53 117.12
N GLN GE 106 36.12 -39.63 116.61
CA GLN GE 106 35.85 -40.16 115.28
C GLN GE 106 36.49 -41.53 115.10
N ARG GE 107 36.39 -42.36 116.13
CA ARG GE 107 37.02 -43.67 116.17
C ARG GE 107 35.99 -44.74 115.86
N LEU GE 108 36.20 -45.47 114.77
CA LEU GE 108 35.33 -46.57 114.41
C LEU GE 108 35.65 -47.81 115.24
N PRO GE 109 34.66 -48.65 115.51
CA PRO GE 109 34.92 -49.87 116.27
C PRO GE 109 35.64 -50.92 115.42
N LEU GE 110 36.91 -50.69 115.16
CA LEU GE 110 37.74 -51.65 114.46
C LEU GE 110 39.14 -51.77 115.03
N ALA GE 111 39.43 -51.13 116.15
CA ALA GE 111 40.77 -51.18 116.73
C ALA GE 111 41.03 -52.55 117.33
N THR GE 112 42.26 -53.03 117.17
CA THR GE 112 42.67 -54.33 117.70
C THR GE 112 43.11 -54.27 119.15
N VAL GE 113 43.18 -53.08 119.74
CA VAL GE 113 43.59 -52.87 121.13
C VAL GE 113 45.00 -53.39 121.37
N SER HE 1 -37.79 -32.60 123.28
CA SER HE 1 -39.17 -33.04 123.31
C SER HE 1 -40.04 -32.13 124.17
N LYS HE 2 -39.65 -31.92 125.41
CA LYS HE 2 -40.45 -31.17 126.37
C LYS HE 2 -39.53 -30.26 127.16
N VAL HE 3 -40.02 -29.74 128.29
CA VAL HE 3 -39.40 -28.67 129.05
C VAL HE 3 -37.90 -28.84 129.23
N PHE HE 4 -37.14 -27.87 128.74
CA PHE HE 4 -35.69 -27.82 128.87
C PHE HE 4 -35.33 -26.46 129.44
N ASN HE 5 -34.45 -26.45 130.44
CA ASN HE 5 -33.99 -25.20 131.05
C ASN HE 5 -35.18 -24.38 131.57
N THR HE 6 -36.17 -25.09 132.13
CA THR HE 6 -37.41 -24.55 132.68
C THR HE 6 -38.31 -23.89 131.63
N GLN HE 7 -37.93 -23.91 130.36
CA GLN HE 7 -38.77 -23.38 129.30
C GLN HE 7 -39.46 -24.53 128.58
N THR HE 8 -40.73 -24.34 128.26
CA THR HE 8 -41.55 -25.36 127.61
C THR HE 8 -41.36 -25.26 126.11
N PHE HE 9 -40.96 -26.35 125.49
CA PHE HE 9 -40.80 -26.43 124.04
C PHE HE 9 -41.92 -27.28 123.49
N ASP HE 10 -42.79 -26.67 122.70
CA ASP HE 10 -43.88 -27.37 122.05
C ASP HE 10 -43.56 -27.54 120.57
N ILE HE 11 -44.10 -28.59 119.97
CA ILE HE 11 -43.77 -28.86 118.57
C ILE HE 11 -44.31 -27.73 117.71
N TYR HE 12 -43.42 -27.13 116.92
CA TYR HE 12 -43.79 -26.07 116.00
C TYR HE 12 -44.11 -26.59 114.61
N SER HE 13 -43.36 -27.57 114.12
CA SER HE 13 -43.58 -28.09 112.79
C SER HE 13 -43.00 -29.49 112.73
N THR HE 14 -43.62 -30.31 111.88
CA THR HE 14 -43.17 -31.69 111.72
C THR HE 14 -42.86 -31.91 110.25
N GLU HE 15 -41.67 -32.41 109.97
CA GLU HE 15 -41.24 -32.68 108.62
C GLU HE 15 -40.90 -34.17 108.48
N LYS HE 16 -40.58 -34.57 107.25
CA LYS HE 16 -40.19 -35.94 106.99
C LYS HE 16 -39.00 -36.37 107.85
N ASP HE 17 -37.94 -35.57 107.84
CA ASP HE 17 -36.73 -35.87 108.59
C ASP HE 17 -36.38 -34.79 109.59
N VAL HE 18 -37.27 -33.82 109.82
CA VAL HE 18 -37.02 -32.72 110.76
C VAL HE 18 -38.22 -32.58 111.67
N VAL HE 19 -37.96 -32.40 112.96
CA VAL HE 19 -38.96 -32.01 113.94
C VAL HE 19 -38.45 -30.77 114.64
N SER HE 20 -39.30 -29.76 114.73
CA SER HE 20 -38.92 -28.47 115.29
C SER HE 20 -39.83 -28.11 116.46
N LEU HE 21 -39.23 -27.67 117.56
CA LEU HE 21 -39.96 -27.25 118.74
C LEU HE 21 -39.69 -25.79 119.03
N ARG HE 22 -40.74 -25.08 119.42
CA ARG HE 22 -40.65 -23.66 119.73
C ARG HE 22 -41.08 -23.45 121.17
N ASP HE 23 -40.40 -22.52 121.84
CA ASP HE 23 -40.77 -22.16 123.20
C ASP HE 23 -42.17 -21.59 123.27
N PHE HE 24 -42.51 -20.68 122.34
CA PHE HE 24 -43.82 -20.06 122.22
C PHE HE 24 -44.14 -19.13 123.38
N ALA HE 25 -43.26 -19.08 124.37
CA ALA HE 25 -43.37 -18.13 125.47
C ALA HE 25 -42.45 -16.94 125.28
N ASN HE 26 -41.16 -17.18 125.10
CA ASN HE 26 -40.23 -16.13 124.74
C ASN HE 26 -40.17 -15.89 123.24
N ASP HE 27 -40.68 -16.83 122.43
CA ASP HE 27 -40.76 -16.69 120.98
C ASP HE 27 -39.40 -16.38 120.35
N LYS HE 28 -38.33 -16.88 120.96
CA LYS HE 28 -37.00 -16.65 120.44
C LYS HE 28 -36.16 -17.91 120.33
N ASP HE 29 -36.55 -19.00 120.98
CA ASP HE 29 -35.78 -20.23 121.00
C ASP HE 29 -36.46 -21.30 120.15
N THR HE 30 -35.70 -21.93 119.26
CA THR HE 30 -36.19 -23.01 118.43
C THR HE 30 -35.26 -24.20 118.54
N LEU HE 31 -35.82 -25.37 118.84
CA LEU HE 31 -35.07 -26.61 118.94
C LEU HE 31 -35.48 -27.51 117.77
N ALA HE 32 -34.49 -27.96 117.00
CA ALA HE 32 -34.73 -28.74 115.80
C ALA HE 32 -34.02 -30.08 115.89
N TYR HE 33 -34.76 -31.15 115.60
CA TYR HE 33 -34.22 -32.49 115.48
C TYR HE 33 -34.16 -32.84 114.00
N LYS HE 34 -32.96 -33.01 113.47
CA LYS HE 34 -32.78 -33.30 112.06
C LYS HE 34 -32.21 -34.70 111.87
N ARG HE 35 -32.67 -35.38 110.84
CA ARG HE 35 -32.35 -36.77 110.57
C ARG HE 35 -31.76 -36.87 109.18
N LEU HE 36 -30.88 -37.85 108.98
CA LEU HE 36 -30.31 -38.11 107.66
C LEU HE 36 -29.79 -39.53 107.64
N ALA HE 37 -30.44 -40.39 106.84
CA ALA HE 37 -30.09 -41.80 106.82
C ALA HE 37 -28.74 -42.03 106.14
N PRO HE 38 -28.02 -43.08 106.53
CA PRO HE 38 -26.77 -43.41 105.83
C PRO HE 38 -27.03 -43.90 104.43
N LYS HE 39 -26.16 -43.54 103.50
CA LYS HE 39 -26.29 -43.96 102.11
C LYS HE 39 -25.17 -44.93 101.77
N ARG HE 40 -25.56 -46.10 101.24
CA ARG HE 40 -24.61 -47.12 100.83
C ARG HE 40 -24.15 -46.77 99.41
N THR HE 41 -23.47 -45.64 99.29
CA THR HE 41 -22.96 -45.18 98.01
C THR HE 41 -21.80 -46.04 97.52
N LYS HE 42 -21.32 -46.95 98.35
CA LYS HE 42 -20.20 -47.81 98.03
C LYS HE 42 -20.34 -49.07 98.88
N ASP HE 43 -19.26 -49.83 98.99
CA ASP HE 43 -19.22 -50.99 99.88
C ASP HE 43 -19.61 -50.58 101.29
N SER HE 44 -19.15 -49.41 101.72
CA SER HE 44 -19.45 -48.91 103.05
C SER HE 44 -20.95 -48.69 103.21
N PRO HE 45 -21.53 -48.99 104.38
CA PRO HE 45 -22.97 -48.78 104.55
C PRO HE 45 -23.38 -47.33 104.72
N GLY HE 46 -22.44 -46.39 104.72
CA GLY HE 46 -22.75 -44.99 104.82
C GLY HE 46 -22.73 -44.47 106.24
N MET HE 47 -22.85 -43.15 106.35
CA MET HE 47 -22.76 -42.45 107.62
C MET HE 47 -24.14 -41.92 107.99
N ALA HE 48 -24.62 -42.28 109.17
CA ALA HE 48 -25.92 -41.86 109.65
C ALA HE 48 -25.79 -40.50 110.33
N LYS HE 49 -26.36 -39.46 109.73
CA LYS HE 49 -26.25 -38.12 110.25
C LYS HE 49 -27.41 -37.81 111.19
N SER HE 50 -27.09 -37.19 112.31
CA SER HE 50 -28.09 -36.67 113.23
C SER HE 50 -27.76 -35.21 113.50
N GLU HE 51 -28.76 -34.47 113.99
CA GLU HE 51 -28.54 -33.06 114.29
C GLU HE 51 -29.51 -32.62 115.37
N LEU HE 52 -28.99 -31.96 116.39
CA LEU HE 52 -29.80 -31.38 117.46
C LEU HE 52 -29.29 -29.96 117.67
N LYS HE 53 -30.07 -28.98 117.28
CA LYS HE 53 -29.63 -27.60 117.34
C LYS HE 53 -30.68 -26.74 118.04
N ILE HE 54 -30.19 -25.76 118.79
CA ILE HE 54 -31.02 -24.74 119.41
C ILE HE 54 -30.61 -23.40 118.80
N THR HE 55 -31.60 -22.64 118.35
CA THR HE 55 -31.36 -21.37 117.71
C THR HE 55 -32.13 -20.27 118.44
N ARG HE 56 -31.44 -19.18 118.76
CA ARG HE 56 -32.06 -18.05 119.42
C ARG HE 56 -32.03 -16.87 118.45
N VAL HE 57 -33.22 -16.34 118.16
CA VAL HE 57 -33.38 -15.16 117.31
C VAL HE 57 -34.17 -14.12 118.08
N ASP HE 58 -33.70 -12.89 118.05
CA ASP HE 58 -34.35 -11.85 118.83
C ASP HE 58 -35.70 -11.52 118.22
N PRO HE 59 -36.80 -11.72 118.95
CA PRO HE 59 -38.13 -11.63 118.32
C PRO HE 59 -38.74 -10.24 118.29
N THR HE 60 -37.96 -9.20 117.97
CA THR HE 60 -38.56 -7.90 117.66
C THR HE 60 -38.08 -7.42 116.30
N THR HE 61 -36.80 -7.66 115.98
CA THR HE 61 -36.26 -7.34 114.67
C THR HE 61 -35.70 -8.56 113.94
N GLY HE 62 -35.50 -9.68 114.63
CA GLY HE 62 -35.08 -10.90 113.97
C GLY HE 62 -33.59 -11.08 113.80
N VAL HE 63 -32.80 -10.70 114.79
CA VAL HE 63 -31.35 -10.86 114.73
C VAL HE 63 -30.96 -12.14 115.46
N LEU HE 64 -30.23 -13.00 114.75
CA LEU HE 64 -29.80 -14.28 115.29
C LEU HE 64 -28.82 -14.05 116.43
N ILE HE 65 -29.23 -14.39 117.65
CA ILE HE 65 -28.33 -14.24 118.80
C ILE HE 65 -27.25 -15.30 118.79
N GLY HE 66 -27.62 -16.56 118.65
CA GLY HE 66 -26.64 -17.61 118.67
C GLY HE 66 -27.25 -18.95 118.30
N ILE HE 67 -26.36 -19.88 117.97
CA ILE HE 67 -26.73 -21.25 117.65
C ILE HE 67 -25.76 -22.19 118.34
N VAL HE 68 -26.30 -23.18 119.06
CA VAL HE 68 -25.53 -24.32 119.51
C VAL HE 68 -26.10 -25.55 118.83
N ASN HE 69 -25.26 -26.24 118.06
CA ASN HE 69 -25.69 -27.38 117.27
C ASN HE 69 -24.87 -28.61 117.67
N VAL HE 70 -25.54 -29.73 117.83
CA VAL HE 70 -24.90 -31.02 118.09
C VAL HE 70 -25.18 -31.91 116.90
N SER HE 71 -24.13 -32.26 116.16
CA SER HE 71 -24.26 -33.09 114.98
C SER HE 71 -23.49 -34.38 115.17
N SER HE 72 -24.02 -35.47 114.61
CA SER HE 72 -23.37 -36.76 114.67
C SER HE 72 -23.20 -37.30 113.25
N SER HE 73 -22.08 -37.96 113.02
CA SER HE 73 -21.81 -38.63 111.75
C SER HE 73 -21.18 -39.97 112.13
N ILE HE 74 -22.02 -40.99 112.31
CA ILE HE 74 -21.59 -42.29 112.78
C ILE HE 74 -21.81 -43.30 111.66
N ARG HE 75 -20.84 -44.20 111.49
CA ARG HE 75 -20.95 -45.27 110.53
C ARG HE 75 -22.24 -46.06 110.75
N ALA HE 76 -22.90 -46.42 109.65
CA ALA HE 76 -24.13 -47.21 109.75
C ALA HE 76 -23.86 -48.55 110.40
N ASP HE 77 -22.64 -49.06 110.32
CA ASP HE 77 -22.29 -50.34 110.91
C ASP HE 77 -21.72 -50.22 112.32
N ALA HE 78 -21.55 -49.00 112.83
CA ALA HE 78 -20.90 -48.83 114.12
C ALA HE 78 -21.74 -49.45 115.23
N THR HE 79 -21.04 -50.06 116.19
CA THR HE 79 -21.71 -50.75 117.27
C THR HE 79 -22.34 -49.76 118.24
N ALA HE 80 -23.33 -50.25 118.98
CA ALA HE 80 -23.95 -49.43 120.02
C ALA HE 80 -22.95 -49.04 121.10
N ALA HE 81 -21.91 -49.87 121.30
CA ALA HE 81 -20.85 -49.51 122.22
C ALA HE 81 -20.09 -48.27 121.74
N ASP HE 82 -19.79 -48.21 120.45
CA ASP HE 82 -19.19 -47.00 119.89
C ASP HE 82 -20.14 -45.83 120.01
N LYS HE 83 -21.42 -46.05 119.72
CA LYS HE 83 -22.37 -44.94 119.76
C LYS HE 83 -22.62 -44.46 121.17
N THR HE 84 -22.62 -45.36 122.14
CA THR HE 84 -22.75 -44.93 123.53
C THR HE 84 -21.50 -44.21 124.00
N ALA HE 85 -20.32 -44.73 123.62
CA ALA HE 85 -19.07 -44.09 124.02
C ALA HE 85 -18.94 -42.69 123.44
N LEU HE 86 -19.34 -42.52 122.17
CA LEU HE 86 -19.26 -41.21 121.54
C LEU HE 86 -20.16 -40.20 122.24
N MET HE 87 -21.38 -40.62 122.59
CA MET HE 87 -22.27 -39.71 123.30
C MET HE 87 -21.82 -39.49 124.74
N ALA HE 88 -21.17 -40.49 125.33
CA ALA HE 88 -20.73 -40.36 126.72
C ALA HE 88 -19.53 -39.43 126.85
N ILE HE 89 -18.56 -39.54 125.94
CA ILE HE 89 -17.40 -38.68 125.99
C ILE HE 89 -17.79 -37.22 125.76
N ILE HE 90 -18.59 -36.98 124.71
CA ILE HE 90 -18.93 -35.59 124.36
C ILE HE 90 -19.80 -34.96 125.44
N THR HE 91 -20.69 -35.74 126.06
CA THR HE 91 -21.51 -35.19 127.14
C THR HE 91 -20.66 -34.85 128.35
N ALA HE 92 -19.68 -35.71 128.67
CA ALA HE 92 -18.77 -35.42 129.77
C ALA HE 92 -17.91 -34.19 129.48
N ALA HE 93 -17.46 -34.04 128.24
CA ALA HE 93 -16.66 -32.87 127.88
C ALA HE 93 -17.49 -31.59 128.00
N GLN HE 94 -18.74 -31.64 127.58
CA GLN HE 94 -19.61 -30.46 127.72
C GLN HE 94 -19.83 -30.12 129.19
N ALA HE 95 -20.02 -31.13 130.03
CA ALA HE 95 -20.14 -30.90 131.47
C ALA HE 95 -18.85 -30.39 132.07
N ASP HE 96 -17.71 -30.67 131.43
CA ASP HE 96 -16.44 -30.12 131.87
C ASP HE 96 -16.44 -28.60 131.66
N GLY HE 97 -15.66 -27.91 132.47
CA GLY HE 97 -15.61 -26.45 132.41
C GLY HE 97 -14.87 -25.91 131.21
N ALA HE 98 -14.07 -26.75 130.54
CA ALA HE 98 -13.34 -26.28 129.36
C ALA HE 98 -14.31 -25.87 128.26
N TRP HE 99 -15.43 -26.57 128.13
CA TRP HE 99 -16.43 -26.18 127.15
C TRP HE 99 -17.09 -24.86 127.54
N THR HE 100 -17.42 -24.70 128.82
CA THR HE 100 -18.05 -23.46 129.26
C THR HE 100 -17.13 -22.26 129.08
N GLU HE 101 -15.82 -22.50 128.94
CA GLU HE 101 -14.88 -21.44 128.64
C GLU HE 101 -14.66 -21.25 127.15
N LEU HE 102 -14.68 -22.34 126.36
CA LEU HE 102 -14.59 -22.21 124.92
C LEU HE 102 -15.75 -21.39 124.38
N VAL HE 103 -16.95 -21.69 124.84
CA VAL HE 103 -18.08 -20.79 124.69
C VAL HE 103 -17.96 -19.70 125.74
N THR HE 104 -18.42 -18.50 125.40
CA THR HE 104 -18.47 -17.33 126.29
C THR HE 104 -17.11 -16.71 126.57
N ASP HE 105 -16.01 -17.38 126.22
CA ASP HE 105 -14.71 -16.75 126.37
C ASP HE 105 -13.73 -17.03 125.25
N GLN HE 106 -13.97 -18.05 124.42
CA GLN HE 106 -13.00 -18.49 123.42
C GLN HE 106 -11.67 -18.86 124.06
N ARG HE 107 -11.74 -19.51 125.22
CA ARG HE 107 -10.56 -19.90 125.97
C ARG HE 107 -10.29 -21.38 125.71
N LEU HE 108 -9.17 -21.65 125.16
CA LEU HE 108 -8.74 -23.01 124.89
C LEU HE 108 -8.16 -23.66 126.13
N PRO HE 109 -8.23 -24.98 126.24
CA PRO HE 109 -7.64 -25.66 127.38
C PRO HE 109 -6.13 -25.74 127.30
N LEU HE 110 -5.46 -24.58 127.29
CA LEU HE 110 -4.01 -24.54 127.29
C LEU HE 110 -3.44 -23.52 128.26
N ALA HE 111 -4.27 -22.71 128.90
CA ALA HE 111 -3.78 -21.76 129.89
C ALA HE 111 -3.19 -22.50 131.09
N THR HE 112 -2.15 -21.92 131.68
CA THR HE 112 -1.48 -22.53 132.82
C THR HE 112 -2.13 -22.21 134.15
N VAL HE 113 -3.17 -21.38 134.16
CA VAL HE 113 -3.89 -20.98 135.38
C VAL HE 113 -2.96 -20.29 136.38
N SER IE 1 0.27 94.72 93.73
CA SER IE 1 0.32 96.10 93.29
C SER IE 1 1.58 96.80 93.77
N LYS IE 2 1.74 96.90 95.09
CA LYS IE 2 2.89 97.53 95.70
C LYS IE 2 3.32 96.67 96.89
N VAL IE 3 4.14 97.24 97.78
CA VAL IE 3 4.83 96.49 98.82
C VAL IE 3 3.89 95.56 99.59
N PHE IE 4 4.22 94.27 99.57
CA PHE IE 4 3.49 93.23 100.28
C PHE IE 4 4.51 92.38 101.03
N ASN IE 5 4.25 92.12 102.31
CA ASN IE 5 5.13 91.32 103.13
C ASN IE 5 6.56 91.88 103.09
N THR IE 6 6.65 93.20 103.21
CA THR IE 6 7.90 93.96 103.21
C THR IE 6 8.69 93.81 101.91
N GLN IE 7 8.07 93.36 100.83
CA GLN IE 7 8.72 93.28 99.53
C GLN IE 7 8.00 94.17 98.53
N THR IE 8 8.76 94.87 97.70
CA THR IE 8 8.21 95.82 96.76
C THR IE 8 8.01 95.14 95.41
N PHE IE 9 6.76 95.08 94.96
CA PHE IE 9 6.42 94.44 93.70
C PHE IE 9 6.14 95.52 92.67
N ASP IE 10 6.96 95.56 91.62
CA ASP IE 10 6.81 96.49 90.52
C ASP IE 10 6.38 95.75 89.27
N ILE IE 11 5.68 96.45 88.38
CA ILE IE 11 5.15 95.83 87.19
C ILE IE 11 6.29 95.36 86.30
N TYR IE 12 6.24 94.10 85.89
CA TYR IE 12 7.16 93.57 84.92
C TYR IE 12 6.55 93.43 83.55
N SER IE 13 5.26 93.09 83.47
CA SER IE 13 4.64 92.82 82.19
C SER IE 13 3.15 93.14 82.30
N THR IE 14 2.56 93.47 81.16
CA THR IE 14 1.13 93.76 81.09
C THR IE 14 0.58 93.17 79.80
N GLU IE 15 -0.41 92.30 79.93
CA GLU IE 15 -1.09 91.71 78.79
C GLU IE 15 -2.47 92.31 78.67
N LYS IE 16 -3.26 91.76 77.76
CA LYS IE 16 -4.66 92.17 77.66
C LYS IE 16 -5.41 91.84 78.94
N ASP IE 17 -5.12 90.68 79.54
CA ASP IE 17 -5.85 90.23 80.73
C ASP IE 17 -4.95 89.78 81.86
N VAL IE 18 -3.64 89.96 81.76
CA VAL IE 18 -2.71 89.61 82.83
C VAL IE 18 -1.82 90.80 83.12
N VAL IE 19 -1.61 91.08 84.40
CA VAL IE 19 -0.57 91.99 84.85
C VAL IE 19 0.37 91.20 85.74
N SER IE 20 1.67 91.30 85.48
CA SER IE 20 2.68 90.59 86.24
C SER IE 20 3.55 91.58 86.99
N LEU IE 21 3.83 91.28 88.25
CA LEU IE 21 4.67 92.08 89.10
C LEU IE 21 5.78 91.23 89.69
N ARG IE 22 6.97 91.79 89.78
CA ARG IE 22 8.12 91.11 90.35
C ARG IE 22 8.71 91.94 91.48
N ASP IE 23 9.46 91.28 92.35
CA ASP IE 23 10.16 91.99 93.42
C ASP IE 23 11.33 92.79 92.89
N PHE IE 24 12.13 92.19 92.02
CA PHE IE 24 13.32 92.81 91.43
C PHE IE 24 14.40 93.01 92.49
N ALA IE 25 14.09 92.69 93.74
CA ALA IE 25 15.04 92.76 94.83
C ALA IE 25 15.60 91.39 95.19
N ASN IE 26 14.74 90.43 95.50
CA ASN IE 26 15.17 89.05 95.64
C ASN IE 26 15.08 88.27 94.35
N ASP IE 27 14.41 88.83 93.34
CA ASP IE 27 14.33 88.22 92.01
C ASP IE 27 13.81 86.79 92.05
N LYS IE 28 12.89 86.51 92.96
CA LYS IE 28 12.37 85.16 93.10
C LYS IE 28 10.85 85.10 93.14
N ASP IE 29 10.15 86.21 93.35
CA ASP IE 29 8.71 86.21 93.48
C ASP IE 29 8.08 86.96 92.31
N THR IE 30 7.01 86.39 91.76
CA THR IE 30 6.20 87.05 90.75
C THR IE 30 4.75 86.98 91.18
N LEU IE 31 4.09 88.13 91.20
CA LEU IE 31 2.67 88.23 91.54
C LEU IE 31 1.91 88.54 90.26
N ALA IE 32 0.87 87.75 89.98
CA ALA IE 32 0.11 87.87 88.74
C ALA IE 32 -1.36 88.13 89.05
N TYR IE 33 -1.94 89.10 88.37
CA TYR IE 33 -3.37 89.40 88.42
C TYR IE 33 -3.93 89.06 87.05
N LYS IE 34 -4.95 88.20 87.02
CA LYS IE 34 -5.43 87.64 85.77
C LYS IE 34 -6.94 87.81 85.69
N ARG IE 35 -7.45 87.98 84.47
CA ARG IE 35 -8.79 88.50 84.25
C ARG IE 35 -9.49 87.73 83.14
N LEU IE 36 -10.62 87.11 83.46
CA LEU IE 36 -11.50 86.52 82.44
C LEU IE 36 -12.91 87.03 82.64
N ALA IE 37 -13.38 87.86 81.72
CA ALA IE 37 -14.73 88.39 81.78
C ALA IE 37 -15.77 87.28 81.55
N PRO IE 38 -16.97 87.41 82.11
CA PRO IE 38 -17.99 86.38 81.90
C PRO IE 38 -18.46 86.34 80.45
N LYS IE 39 -18.81 85.16 79.99
CA LYS IE 39 -19.28 84.96 78.62
C LYS IE 39 -20.69 84.37 78.66
N ARG IE 40 -21.62 85.06 78.01
CA ARG IE 40 -23.03 84.69 78.02
C ARG IE 40 -23.21 83.58 76.98
N THR IE 41 -22.96 82.35 77.42
CA THR IE 41 -23.10 81.20 76.52
C THR IE 41 -24.46 80.55 76.62
N LYS IE 42 -25.31 81.01 77.52
CA LYS IE 42 -26.65 80.46 77.67
C LYS IE 42 -27.51 81.53 78.33
N ASP IE 43 -28.65 81.11 78.88
CA ASP IE 43 -29.48 82.01 79.67
C ASP IE 43 -28.68 82.56 80.85
N SER IE 44 -27.67 81.82 81.29
CA SER IE 44 -26.74 82.33 82.28
C SER IE 44 -25.85 83.41 81.67
N PRO IE 45 -25.55 84.49 82.39
CA PRO IE 45 -24.65 85.52 81.85
C PRO IE 45 -23.19 85.15 81.92
N GLY IE 46 -22.84 83.95 82.36
CA GLY IE 46 -21.46 83.53 82.48
C GLY IE 46 -20.86 83.84 83.84
N MET IE 47 -19.67 83.29 84.07
CA MET IE 47 -18.94 83.46 85.31
C MET IE 47 -17.70 84.31 85.06
N ALA IE 48 -17.51 85.34 85.88
CA ALA IE 48 -16.33 86.19 85.78
C ALA IE 48 -15.20 85.54 86.56
N LYS IE 49 -14.10 85.25 85.88
CA LYS IE 49 -12.96 84.60 86.50
C LYS IE 49 -11.94 85.64 86.95
N SER IE 50 -11.38 85.42 88.12
CA SER IE 50 -10.23 86.16 88.59
C SER IE 50 -9.17 85.15 89.04
N GLU IE 51 -7.93 85.62 89.11
CA GLU IE 51 -6.84 84.75 89.52
C GLU IE 51 -5.70 85.61 90.03
N LEU IE 52 -5.23 85.33 91.23
CA LEU IE 52 -4.17 86.08 91.87
C LEU IE 52 -3.16 85.09 92.42
N LYS IE 53 -2.02 84.94 91.73
CA LYS IE 53 -1.06 83.92 92.10
C LYS IE 53 0.26 84.56 92.50
N ILE IE 54 0.89 83.97 93.52
CA ILE IE 54 2.26 84.29 93.91
C ILE IE 54 3.11 83.06 93.65
N THR IE 55 4.15 83.20 92.84
CA THR IE 55 5.05 82.12 92.50
C THR IE 55 6.45 82.45 92.99
N ARG IE 56 7.08 81.50 93.65
CA ARG IE 56 8.45 81.65 94.13
C ARG IE 56 9.35 80.65 93.42
N VAL IE 57 10.35 81.16 92.72
CA VAL IE 57 11.36 80.35 92.04
C VAL IE 57 12.73 80.78 92.54
N ASP IE 58 13.54 79.82 92.94
CA ASP IE 58 14.86 80.23 93.41
C ASP IE 58 15.69 80.72 92.23
N PRO IE 59 16.36 81.87 92.35
CA PRO IE 59 17.07 82.43 91.20
C PRO IE 59 18.51 81.95 91.06
N THR IE 60 18.74 80.65 91.20
CA THR IE 60 20.05 80.10 90.93
C THR IE 60 19.96 79.01 89.85
N THR IE 61 19.00 78.11 90.01
CA THR IE 61 18.74 77.07 89.03
C THR IE 61 17.35 77.15 88.44
N GLY IE 62 16.50 78.06 88.94
CA GLY IE 62 15.15 78.20 88.41
C GLY IE 62 14.20 77.10 88.79
N VAL IE 63 14.34 76.53 89.99
CA VAL IE 63 13.42 75.50 90.46
C VAL IE 63 12.24 76.18 91.13
N LEU IE 64 11.04 75.70 90.83
CA LEU IE 64 9.82 76.26 91.41
C LEU IE 64 9.70 75.82 92.86
N ILE IE 65 9.77 76.78 93.77
CA ILE IE 65 9.64 76.46 95.19
C ILE IE 65 8.18 76.22 95.56
N GLY IE 66 7.29 77.11 95.15
CA GLY IE 66 5.88 76.92 95.45
C GLY IE 66 5.04 78.05 94.90
N ILE IE 67 3.76 77.73 94.70
CA ILE IE 67 2.77 78.68 94.22
C ILE IE 67 1.59 78.69 95.17
N VAL IE 68 1.10 79.88 95.51
CA VAL IE 68 -0.17 80.05 96.19
C VAL IE 68 -1.06 80.87 95.26
N ASN IE 69 -2.25 80.35 94.97
CA ASN IE 69 -3.16 80.95 94.01
C ASN IE 69 -4.50 81.23 94.66
N VAL IE 70 -5.07 82.40 94.37
CA VAL IE 70 -6.41 82.76 94.80
C VAL IE 70 -7.24 83.01 93.55
N SER IE 71 -8.11 82.06 93.22
CA SER IE 71 -8.95 82.18 92.04
C SER IE 71 -10.41 82.30 92.46
N SER IE 72 -11.13 83.19 91.79
CA SER IE 72 -12.56 83.36 92.02
C SER IE 72 -13.31 83.10 90.73
N SER IE 73 -14.48 82.49 90.85
CA SER IE 73 -15.39 82.22 89.73
C SER IE 73 -16.79 82.60 90.21
N ILE IE 74 -17.22 83.80 89.85
CA ILE IE 74 -18.47 84.36 90.38
C ILE IE 74 -19.39 84.68 89.22
N ARG IE 75 -20.68 84.37 89.42
CA ARG IE 75 -21.70 84.63 88.42
C ARG IE 75 -21.74 86.11 88.04
N ALA IE 76 -21.95 86.38 86.75
CA ALA IE 76 -21.98 87.75 86.28
C ALA IE 76 -23.11 88.54 86.94
N ASP IE 77 -24.26 87.91 87.14
CA ASP IE 77 -25.40 88.55 87.75
C ASP IE 77 -25.32 88.61 89.27
N ALA IE 78 -24.30 87.98 89.86
CA ALA IE 78 -24.23 87.86 91.31
C ALA IE 78 -24.13 89.22 91.97
N THR IE 79 -24.77 89.34 93.12
CA THR IE 79 -24.83 90.60 93.84
C THR IE 79 -23.48 90.94 94.46
N ALA IE 80 -23.34 92.23 94.84
CA ALA IE 80 -22.15 92.64 95.56
C ALA IE 80 -22.09 92.00 96.94
N ALA IE 81 -23.24 91.78 97.57
CA ALA IE 81 -23.27 91.08 98.85
C ALA IE 81 -22.76 89.66 98.71
N ASP IE 82 -23.14 88.97 97.64
CA ASP IE 82 -22.58 87.66 97.38
C ASP IE 82 -21.07 87.73 97.20
N LYS IE 83 -20.59 88.75 96.49
CA LYS IE 83 -19.17 88.87 96.23
C LYS IE 83 -18.41 89.29 97.48
N THR IE 84 -19.02 90.13 98.31
CA THR IE 84 -18.39 90.52 99.57
C THR IE 84 -18.35 89.36 100.56
N ALA IE 85 -19.44 88.60 100.65
CA ALA IE 85 -19.49 87.49 101.58
C ALA IE 85 -18.46 86.42 101.21
N LEU IE 86 -18.32 86.12 99.92
CA LEU IE 86 -17.34 85.14 99.49
C LEU IE 86 -15.93 85.58 99.86
N MET IE 87 -15.62 86.86 99.65
CA MET IE 87 -14.28 87.34 99.97
C MET IE 87 -14.07 87.43 101.47
N ALA IE 88 -15.11 87.80 102.23
CA ALA IE 88 -15.00 87.85 103.68
C ALA IE 88 -14.80 86.48 104.29
N ILE IE 89 -15.52 85.47 103.77
CA ILE IE 89 -15.42 84.12 104.34
C ILE IE 89 -14.05 83.53 104.07
N ILE IE 90 -13.59 83.62 102.83
CA ILE IE 90 -12.30 83.02 102.47
C ILE IE 90 -11.15 83.71 103.18
N THR IE 91 -11.28 85.02 103.44
CA THR IE 91 -10.24 85.73 104.17
C THR IE 91 -10.22 85.33 105.64
N ALA IE 92 -11.38 85.14 106.24
CA ALA IE 92 -11.44 84.71 107.63
C ALA IE 92 -10.87 83.30 107.80
N ALA IE 93 -11.16 82.41 106.84
CA ALA IE 93 -10.63 81.06 106.90
C ALA IE 93 -9.12 81.04 106.73
N GLN IE 94 -8.59 81.93 105.89
CA GLN IE 94 -7.15 82.02 105.72
C GLN IE 94 -6.48 82.54 106.97
N ALA IE 95 -7.11 83.50 107.65
CA ALA IE 95 -6.58 84.01 108.91
C ALA IE 95 -6.62 82.97 110.01
N ASP IE 96 -7.53 82.00 109.92
CA ASP IE 96 -7.59 80.92 110.88
C ASP IE 96 -6.36 80.02 110.75
N GLY IE 97 -6.00 79.38 111.85
CA GLY IE 97 -4.83 78.52 111.86
C GLY IE 97 -5.02 77.21 111.13
N ALA IE 98 -6.27 76.84 110.84
CA ALA IE 98 -6.52 75.60 110.10
C ALA IE 98 -5.91 75.67 108.71
N TRP IE 99 -6.04 76.81 108.03
CA TRP IE 99 -5.41 76.97 106.72
C TRP IE 99 -3.90 76.96 106.84
N THR IE 100 -3.36 77.61 107.88
CA THR IE 100 -1.91 77.63 108.07
C THR IE 100 -1.38 76.22 108.35
N GLU IE 101 -2.24 75.32 108.80
CA GLU IE 101 -1.89 73.93 109.01
C GLU IE 101 -2.16 73.07 107.78
N LEU IE 102 -3.20 73.38 107.03
CA LEU IE 102 -3.43 72.70 105.75
C LEU IE 102 -2.23 72.91 104.83
N VAL IE 103 -1.71 74.11 104.79
CA VAL IE 103 -0.42 74.36 104.18
C VAL IE 103 0.66 74.09 105.22
N THR IE 104 1.85 73.73 104.76
CA THR IE 104 3.05 73.42 105.55
C THR IE 104 2.97 72.09 106.28
N ASP IE 105 1.78 71.52 106.44
CA ASP IE 105 1.60 70.28 107.20
C ASP IE 105 0.71 69.26 106.52
N GLN IE 106 -0.13 69.67 105.56
CA GLN IE 106 -1.14 68.80 104.98
C GLN IE 106 -2.05 68.22 106.06
N ARG IE 107 -2.52 69.10 106.94
CA ARG IE 107 -3.34 68.73 108.07
C ARG IE 107 -4.76 69.22 107.85
N LEU IE 108 -5.72 68.31 107.93
CA LEU IE 108 -7.13 68.67 107.83
C LEU IE 108 -7.63 69.20 109.17
N PRO IE 109 -8.67 70.03 109.17
CA PRO IE 109 -9.14 70.62 110.43
C PRO IE 109 -10.02 69.68 111.24
N LEU IE 110 -9.59 68.44 111.40
CA LEU IE 110 -10.38 67.45 112.09
C LEU IE 110 -9.71 66.87 113.32
N ALA IE 111 -8.49 67.29 113.63
CA ALA IE 111 -7.84 66.87 114.87
C ALA IE 111 -8.68 67.28 116.07
N THR IE 112 -8.70 66.44 117.10
CA THR IE 112 -9.42 66.73 118.33
C THR IE 112 -8.61 67.55 119.32
N VAL IE 113 -7.35 67.85 119.00
CA VAL IE 113 -6.46 68.67 119.83
C VAL IE 113 -6.18 68.04 121.20
N SER JE 1 -12.78 75.89 109.75
CA SER JE 1 -13.04 75.16 110.98
C SER JE 1 -14.34 75.61 111.64
N LYS JE 2 -14.32 76.81 112.21
CA LYS JE 2 -15.44 77.31 113.00
C LYS JE 2 -15.85 78.68 112.45
N VAL JE 3 -16.59 79.43 113.26
CA VAL JE 3 -17.27 80.65 112.84
C VAL JE 3 -16.37 81.57 112.03
N PHE JE 4 -16.78 81.85 110.79
CA PHE JE 4 -16.08 82.75 109.89
C PHE JE 4 -17.08 83.74 109.34
N ASN JE 5 -16.70 85.02 109.30
CA ASN JE 5 -17.58 86.08 108.80
C ASN JE 5 -18.91 86.07 109.54
N THR JE 6 -18.85 85.88 110.86
CA THR JE 6 -19.98 85.77 111.77
C THR JE 6 -20.87 84.56 111.49
N GLN JE 7 -20.50 83.70 110.55
CA GLN JE 7 -21.29 82.53 110.20
C GLN JE 7 -20.64 81.27 110.74
N THR JE 8 -21.43 80.43 111.39
CA THR JE 8 -20.96 79.18 111.96
C THR JE 8 -20.97 78.11 110.88
N PHE JE 9 -19.81 77.53 110.62
CA PHE JE 9 -19.66 76.46 109.63
C PHE JE 9 -19.50 75.15 110.38
N ASP JE 10 -20.53 74.32 110.33
CA ASP JE 10 -20.51 73.01 110.98
C ASP JE 10 -20.20 71.95 109.94
N ILE JE 11 -19.61 70.84 110.40
CA ILE JE 11 -19.06 69.85 109.47
C ILE JE 11 -20.19 69.23 108.65
N TYR JE 12 -20.01 69.21 107.33
CA TYR JE 12 -20.99 68.67 106.42
C TYR JE 12 -20.65 67.28 105.90
N SER JE 13 -19.37 67.01 105.65
CA SER JE 13 -18.94 65.70 105.21
C SER JE 13 -17.45 65.59 105.44
N THR JE 14 -16.97 64.35 105.53
CA THR JE 14 -15.55 64.08 105.69
C THR JE 14 -15.13 63.03 104.70
N GLU JE 15 -14.08 63.33 103.95
CA GLU JE 15 -13.45 62.43 103.00
C GLU JE 15 -12.01 62.20 103.45
N LYS JE 16 -11.35 61.22 102.82
CA LYS JE 16 -9.96 60.93 103.13
C LYS JE 16 -9.09 62.17 103.02
N ASP JE 17 -9.39 63.06 102.07
CA ASP JE 17 -8.56 64.23 101.84
C ASP JE 17 -9.36 65.53 101.77
N VAL JE 18 -10.68 65.48 101.99
CA VAL JE 18 -11.52 66.66 101.95
C VAL JE 18 -12.36 66.69 103.22
N VAL JE 19 -12.49 67.89 103.80
CA VAL JE 19 -13.42 68.14 104.88
C VAL JE 19 -14.27 69.33 104.48
N SER JE 20 -15.58 69.15 104.48
CA SER JE 20 -16.53 70.19 104.08
C SER JE 20 -17.28 70.67 105.31
N LEU JE 21 -17.48 71.97 105.40
CA LEU JE 21 -18.29 72.59 106.44
C LEU JE 21 -19.43 73.34 105.79
N ARG JE 22 -20.57 73.35 106.47
CA ARG JE 22 -21.74 74.05 105.98
C ARG JE 22 -22.21 75.03 107.04
N ASP JE 23 -22.81 76.13 106.59
CA ASP JE 23 -23.41 77.08 107.52
C ASP JE 23 -24.61 76.45 108.23
N PHE JE 24 -25.51 75.84 107.48
CA PHE JE 24 -26.74 75.20 107.96
C PHE JE 24 -27.74 76.22 108.48
N ALA JE 25 -27.34 77.48 108.53
CA ALA JE 25 -28.25 78.58 108.84
C ALA JE 25 -28.85 79.18 107.59
N ASN JE 26 -28.02 79.69 106.68
CA ASN JE 26 -28.49 80.12 105.38
C ASN JE 26 -28.44 79.01 104.35
N ASP JE 27 -27.85 77.86 104.69
CA ASP JE 27 -27.85 76.67 103.84
C ASP JE 27 -27.30 76.94 102.45
N LYS JE 28 -26.39 77.91 102.33
CA LYS JE 28 -25.92 78.30 101.02
C LYS JE 28 -24.41 78.27 100.87
N ASP JE 29 -23.65 78.23 101.95
CA ASP JE 29 -22.19 78.33 101.91
C ASP JE 29 -21.57 77.02 102.38
N THR JE 30 -20.64 76.50 101.59
CA THR JE 30 -19.88 75.30 101.95
C THR JE 30 -18.40 75.60 101.88
N LEU JE 31 -17.70 75.31 102.96
CA LEU JE 31 -16.25 75.53 103.08
C LEU JE 31 -15.55 74.18 103.03
N ALA JE 32 -14.64 74.01 102.08
CA ALA JE 32 -13.94 72.75 101.88
C ALA JE 32 -12.46 72.93 102.15
N TYR JE 33 -11.86 71.94 102.79
CA TYR JE 33 -10.42 71.85 103.03
C TYR JE 33 -9.93 70.60 102.33
N LYS JE 34 -9.05 70.75 101.35
CA LYS JE 34 -8.62 69.65 100.50
C LYS JE 34 -7.12 69.46 100.62
N ARG JE 35 -6.69 68.20 100.56
CA ARG JE 35 -5.33 67.81 100.87
C ARG JE 35 -4.82 66.85 99.81
N LEU JE 36 -3.69 67.19 99.18
CA LEU JE 36 -3.00 66.28 98.27
C LEU JE 36 -1.54 66.25 98.66
N ALA JE 37 -1.13 65.21 99.38
CA ALA JE 37 0.25 65.08 99.83
C ALA JE 37 1.20 64.90 98.63
N PRO JE 38 2.46 65.30 98.79
CA PRO JE 38 3.41 65.15 97.69
C PRO JE 38 3.68 63.70 97.36
N LYS JE 39 3.93 63.43 96.07
CA LYS JE 39 4.30 62.10 95.61
C LYS JE 39 5.69 62.18 95.00
N ARG JE 40 6.58 61.29 95.45
CA ARG JE 40 7.98 61.29 95.05
C ARG JE 40 8.13 60.48 93.77
N THR JE 41 7.63 61.04 92.67
CA THR JE 41 7.67 60.34 91.39
C THR JE 41 9.06 60.37 90.76
N LYS JE 42 9.95 61.22 91.24
CA LYS JE 42 11.30 61.31 90.74
C LYS JE 42 12.21 61.70 91.90
N ASP JE 43 13.40 62.19 91.57
CA ASP JE 43 14.33 62.69 92.58
C ASP JE 43 13.67 63.82 93.38
N SER JE 44 12.75 64.53 92.76
CA SER JE 44 11.98 65.53 93.48
C SER JE 44 11.15 64.86 94.56
N PRO JE 45 10.97 65.49 95.72
CA PRO JE 45 10.06 64.93 96.72
C PRO JE 45 8.59 65.19 96.42
N GLY JE 46 8.28 65.73 95.25
CA GLY JE 46 6.91 66.03 94.88
C GLY JE 46 6.46 67.38 95.38
N MET JE 47 5.24 67.74 95.00
CA MET JE 47 4.60 68.97 95.43
C MET JE 47 3.46 68.64 96.37
N ALA JE 48 3.46 69.28 97.55
CA ALA JE 48 2.36 69.18 98.49
C ALA JE 48 1.26 70.15 98.05
N LYS JE 49 0.11 69.62 97.69
CA LYS JE 49 -1.01 70.44 97.26
C LYS JE 49 -1.99 70.64 98.42
N SER JE 50 -2.54 71.84 98.51
CA SER JE 50 -3.65 72.12 99.40
C SER JE 50 -4.69 72.95 98.67
N GLU JE 51 -5.92 72.92 99.17
CA GLU JE 51 -6.99 73.69 98.55
C GLU JE 51 -7.98 74.10 99.63
N LEU JE 52 -8.29 75.39 99.69
CA LEU JE 52 -9.29 75.92 100.61
C LEU JE 52 -10.27 76.73 99.78
N LYS JE 53 -11.47 76.20 99.57
CA LYS JE 53 -12.44 76.84 98.69
C LYS JE 53 -13.75 77.08 99.43
N ILE JE 54 -14.41 78.17 99.06
CA ILE JE 54 -15.71 78.52 99.58
C ILE JE 54 -16.68 78.55 98.40
N THR JE 55 -17.82 77.92 98.58
CA THR JE 55 -18.83 77.83 97.53
C THR JE 55 -20.15 78.38 98.05
N ARG JE 56 -20.76 79.26 97.26
CA ARG JE 56 -22.09 79.77 97.56
C ARG JE 56 -23.04 79.35 96.45
N VAL JE 57 -24.07 78.61 96.83
CA VAL JE 57 -25.14 78.23 95.92
C VAL JE 57 -26.45 78.71 96.53
N ASP JE 58 -27.36 79.15 95.68
CA ASP JE 58 -28.63 79.60 96.22
C ASP JE 58 -29.48 78.35 96.48
N PRO JE 59 -29.85 78.05 97.72
CA PRO JE 59 -30.42 76.72 98.00
C PRO JE 59 -31.91 76.61 97.77
N THR JE 60 -32.42 77.17 96.68
CA THR JE 60 -33.78 76.85 96.27
C THR JE 60 -33.75 76.31 94.84
N THR JE 61 -33.03 77.00 93.96
CA THR JE 61 -32.84 76.54 92.60
C THR JE 61 -31.48 75.92 92.36
N GLY JE 62 -30.60 75.94 93.35
CA GLY JE 62 -29.30 75.32 93.20
C GLY JE 62 -28.41 75.96 92.17
N VAL JE 63 -28.44 77.28 92.04
CA VAL JE 63 -27.59 77.99 91.09
C VAL JE 63 -26.29 78.36 91.77
N LEU JE 64 -25.17 78.07 91.11
CA LEU JE 64 -23.88 78.51 91.61
C LEU JE 64 -23.83 80.02 91.57
N ILE JE 65 -23.60 80.63 92.72
CA ILE JE 65 -23.43 82.09 92.74
C ILE JE 65 -21.97 82.46 92.58
N GLY JE 66 -21.08 81.75 93.25
CA GLY JE 66 -19.66 82.00 93.09
C GLY JE 66 -18.83 81.06 93.92
N ILE JE 67 -17.57 80.91 93.49
CA ILE JE 67 -16.55 80.14 94.18
C ILE JE 67 -15.31 80.99 94.30
N VAL JE 68 -14.71 81.02 95.49
CA VAL JE 68 -13.39 81.58 95.70
C VAL JE 68 -12.51 80.47 96.26
N ASN JE 69 -11.37 80.25 95.63
CA ASN JE 69 -10.52 79.10 95.90
C ASN JE 69 -9.12 79.57 96.25
N VAL JE 70 -8.56 79.01 97.32
CA VAL JE 70 -7.16 79.26 97.70
C VAL JE 70 -6.42 77.94 97.58
N SER JE 71 -5.51 77.86 96.62
CA SER JE 71 -4.79 76.63 96.33
C SER JE 71 -3.30 76.81 96.59
N SER JE 72 -2.65 75.74 96.99
CA SER JE 72 -1.21 75.73 97.23
C SER JE 72 -0.57 74.59 96.47
N SER JE 73 0.61 74.85 95.91
CA SER JE 73 1.45 73.82 95.32
C SER JE 73 2.87 74.18 95.74
N ILE JE 74 3.30 73.67 96.89
CA ILE JE 74 4.59 73.97 97.47
C ILE JE 74 5.43 72.71 97.46
N ARG JE 75 6.71 72.84 97.09
CA ARG JE 75 7.61 71.70 97.07
C ARG JE 75 7.66 71.05 98.43
N ALA JE 76 7.70 69.72 98.45
CA ALA JE 76 7.70 68.99 99.72
C ALA JE 76 8.90 69.37 100.56
N ASP JE 77 10.06 69.57 99.94
CA ASP JE 77 11.26 69.98 100.66
C ASP JE 77 11.31 71.47 100.93
N ALA JE 78 10.41 72.26 100.35
CA ALA JE 78 10.50 73.71 100.46
C ALA JE 78 10.41 74.13 101.92
N THR JE 79 11.32 75.01 102.31
CA THR JE 79 11.44 75.42 103.71
C THR JE 79 10.21 76.21 104.13
N ALA JE 80 9.98 76.22 105.45
CA ALA JE 80 8.89 77.02 105.99
C ALA JE 80 9.12 78.51 105.73
N ALA JE 81 10.38 78.91 105.54
CA ALA JE 81 10.66 80.30 105.19
C ALA JE 81 10.03 80.66 103.86
N ASP JE 82 10.29 79.88 102.82
CA ASP JE 82 9.61 80.09 101.56
C ASP JE 82 8.11 79.89 101.72
N LYS JE 83 7.72 78.94 102.57
CA LYS JE 83 6.33 78.58 102.70
C LYS JE 83 5.54 79.66 103.44
N THR JE 84 6.16 80.30 104.43
CA THR JE 84 5.49 81.38 105.15
C THR JE 84 5.49 82.67 104.32
N ALA JE 85 6.54 82.89 103.54
CA ALA JE 85 6.58 84.07 102.68
C ALA JE 85 5.49 84.01 101.62
N LEU JE 86 5.24 82.81 101.11
CA LEU JE 86 4.18 82.62 100.13
C LEU JE 86 2.81 82.96 100.72
N MET JE 87 2.59 82.58 101.98
CA MET JE 87 1.33 82.91 102.64
C MET JE 87 1.25 84.39 102.97
N ALA JE 88 2.37 84.97 103.42
CA ALA JE 88 2.37 86.37 103.81
C ALA JE 88 2.11 87.29 102.61
N ILE JE 89 2.70 86.97 101.46
CA ILE JE 89 2.52 87.81 100.29
C ILE JE 89 1.08 87.73 99.79
N ILE JE 90 0.55 86.51 99.66
CA ILE JE 90 -0.79 86.37 99.08
C ILE JE 90 -1.85 86.95 99.99
N THR JE 91 -1.67 86.84 101.30
CA THR JE 91 -2.59 87.48 102.24
C THR JE 91 -2.47 88.99 102.18
N ALA JE 92 -1.24 89.50 102.09
CA ALA JE 92 -1.05 90.95 101.93
C ALA JE 92 -1.67 91.44 100.63
N ALA JE 93 -1.50 90.69 99.56
CA ALA JE 93 -2.09 91.07 98.28
C ALA JE 93 -3.61 91.04 98.34
N GLN JE 94 -4.19 90.05 99.03
CA GLN JE 94 -5.64 89.98 99.16
C GLN JE 94 -6.20 91.14 99.96
N ALA JE 95 -5.54 91.49 101.06
CA ALA JE 95 -5.98 92.63 101.85
C ALA JE 95 -5.90 93.92 101.06
N ASP JE 96 -5.02 94.00 100.07
CA ASP JE 96 -4.89 95.17 99.23
C ASP JE 96 -6.11 95.30 98.31
N GLY JE 97 -6.44 96.55 97.96
CA GLY JE 97 -7.65 96.82 97.22
C GLY JE 97 -7.65 96.31 95.79
N ALA JE 98 -6.49 96.03 95.22
CA ALA JE 98 -6.45 95.54 93.85
C ALA JE 98 -7.15 94.20 93.72
N TRP JE 99 -6.98 93.31 94.70
CA TRP JE 99 -7.72 92.05 94.68
C TRP JE 99 -9.21 92.28 94.83
N THR JE 100 -9.60 93.25 95.64
CA THR JE 100 -11.02 93.57 95.78
C THR JE 100 -11.63 93.99 94.45
N GLU JE 101 -10.90 94.78 93.66
CA GLU JE 101 -11.39 95.23 92.37
C GLU JE 101 -11.19 94.22 91.26
N LEU JE 102 -10.20 93.32 91.38
CA LEU JE 102 -10.09 92.25 90.41
C LEU JE 102 -11.34 91.38 90.44
N VAL JE 103 -11.84 91.08 91.62
CA VAL JE 103 -13.19 90.60 91.80
C VAL JE 103 -14.14 91.80 91.75
N THR JE 104 -15.41 91.56 91.43
CA THR JE 104 -16.46 92.57 91.43
C THR JE 104 -16.33 93.59 90.31
N ASP JE 105 -15.18 93.64 89.65
CA ASP JE 105 -14.99 94.58 88.54
C ASP JE 105 -14.22 94.01 87.37
N GLN JE 106 -13.52 92.89 87.53
CA GLN JE 106 -12.55 92.40 86.55
C GLN JE 106 -11.55 93.49 86.18
N ARG JE 107 -11.10 94.22 87.20
CA ARG JE 107 -10.20 95.36 87.03
C ARG JE 107 -8.77 94.94 87.34
N LEU JE 108 -7.90 95.05 86.35
CA LEU JE 108 -6.50 94.75 86.55
C LEU JE 108 -5.79 95.91 87.23
N PRO JE 109 -4.75 95.64 88.01
CA PRO JE 109 -4.04 96.72 88.70
C PRO JE 109 -3.16 97.50 87.76
N LEU JE 110 -3.77 98.32 86.92
CA LEU JE 110 -3.04 99.12 85.95
C LEU JE 110 -3.64 100.49 85.71
N ALA JE 111 -4.68 100.87 86.45
CA ALA JE 111 -5.29 102.18 86.28
C ALA JE 111 -4.37 103.28 86.78
N THR JE 112 -4.37 104.42 86.09
CA THR JE 112 -3.55 105.55 86.46
C THR JE 112 -4.19 106.44 87.52
N VAL JE 113 -5.43 106.14 87.92
CA VAL JE 113 -6.18 106.91 88.92
C VAL JE 113 -6.36 108.37 88.48
N SER KE 1 7.31 33.96 128.29
CA SER KE 1 8.20 33.22 129.18
C SER KE 1 7.43 32.49 130.26
N LYS KE 2 6.93 33.23 131.25
CA LYS KE 2 6.28 32.63 132.40
C LYS KE 2 4.93 33.32 132.59
N VAL KE 3 4.31 33.11 133.75
CA VAL KE 3 2.90 33.33 133.99
C VAL KE 3 2.39 34.65 133.41
N PHE KE 4 1.41 34.55 132.52
CA PHE KE 4 0.76 35.69 131.89
C PHE KE 4 -0.73 35.54 132.10
N ASN KE 5 -1.38 36.61 132.55
CA ASN KE 5 -2.82 36.60 132.78
C ASN KE 5 -3.21 35.47 133.73
N THR KE 6 -2.37 35.25 134.74
CA THR KE 6 -2.50 34.21 135.77
C THR KE 6 -2.44 32.79 135.19
N GLN KE 7 -2.14 32.63 133.92
CA GLN KE 7 -1.96 31.30 133.34
C GLN KE 7 -0.47 31.00 133.23
N THR KE 8 -0.11 29.76 133.49
CA THR KE 8 1.27 29.33 133.41
C THR KE 8 1.55 28.85 131.99
N PHE KE 9 2.55 29.45 131.35
CA PHE KE 9 2.97 29.05 130.02
C PHE KE 9 4.31 28.35 130.15
N ASP KE 10 4.35 27.08 129.75
CA ASP KE 10 5.57 26.30 129.75
C ASP KE 10 6.01 26.07 128.32
N ILE KE 11 7.32 25.95 128.12
CA ILE KE 11 7.83 25.82 126.76
C ILE KE 11 7.36 24.50 126.18
N TYR KE 12 6.76 24.56 125.00
CA TYR KE 12 6.26 23.39 124.29
C TYR KE 12 7.18 22.94 123.19
N SER KE 13 7.84 23.87 122.51
CA SER KE 13 8.67 23.52 121.37
C SER KE 13 9.84 24.48 121.32
N THR KE 14 10.98 23.97 120.86
CA THR KE 14 12.16 24.79 120.66
C THR KE 14 12.61 24.61 119.23
N GLU KE 15 12.75 25.73 118.52
CA GLU KE 15 13.13 25.74 117.12
C GLU KE 15 14.30 26.69 116.95
N LYS KE 16 14.94 26.63 115.77
CA LYS KE 16 16.03 27.53 115.44
C LYS KE 16 15.65 28.98 115.66
N ASP KE 17 14.50 29.39 115.13
CA ASP KE 17 14.04 30.78 115.21
C ASP KE 17 12.65 30.90 115.82
N VAL KE 18 12.11 29.84 116.42
CA VAL KE 18 10.80 29.87 117.03
C VAL KE 18 10.87 29.21 118.40
N VAL KE 19 10.21 29.81 119.38
CA VAL KE 19 9.99 29.20 120.69
C VAL KE 19 8.49 29.28 120.97
N SER KE 20 7.90 28.17 121.38
CA SER KE 20 6.47 28.07 121.60
C SER KE 20 6.19 27.67 123.04
N LEU KE 21 5.20 28.31 123.66
CA LEU KE 21 4.78 28.02 125.01
C LEU KE 21 3.31 27.64 125.04
N ARG KE 22 3.00 26.58 125.78
CA ARG KE 22 1.65 26.11 125.94
C ARG KE 22 1.22 26.34 127.37
N ASP KE 23 -0.07 26.63 127.56
CA ASP KE 23 -0.61 26.72 128.91
C ASP KE 23 -0.54 25.37 129.62
N PHE KE 24 -0.94 24.30 128.93
CA PHE KE 24 -0.91 22.92 129.44
C PHE KE 24 -1.94 22.72 130.55
N ALA KE 25 -2.60 23.79 130.97
CA ALA KE 25 -3.70 23.73 131.91
C ALA KE 25 -5.04 23.80 131.21
N ASN KE 26 -5.25 24.80 130.36
CA ASN KE 26 -6.43 24.84 129.51
C ASN KE 26 -6.21 24.14 128.19
N ASP KE 27 -4.96 23.86 127.82
CA ASP KE 27 -4.62 23.18 126.57
C ASP KE 27 -5.24 23.88 125.36
N LYS KE 28 -5.36 25.20 125.42
CA LYS KE 28 -5.98 25.95 124.35
C LYS KE 28 -5.18 27.18 123.92
N ASP KE 29 -4.25 27.65 124.72
CA ASP KE 29 -3.49 28.86 124.44
C ASP KE 29 -2.05 28.51 124.10
N THR KE 30 -1.56 29.06 123.00
CA THR KE 30 -0.18 28.87 122.56
C THR KE 30 0.45 30.23 122.34
N LEU KE 31 1.60 30.47 122.97
CA LEU KE 31 2.36 31.70 122.81
C LEU KE 31 3.66 31.36 122.07
N ALA KE 32 3.87 31.99 120.93
CA ALA KE 32 5.01 31.72 120.07
C ALA KE 32 5.87 32.96 119.91
N TYR KE 33 7.17 32.80 120.08
CA TYR KE 33 8.16 33.84 119.80
C TYR KE 33 8.84 33.47 118.49
N LYS KE 34 8.65 34.30 117.46
CA LYS KE 34 9.23 34.04 116.15
C LYS KE 34 10.29 35.09 115.83
N ARG KE 35 11.38 34.63 115.22
CA ARG KE 35 12.55 35.44 114.94
C ARG KE 35 12.86 35.37 113.45
N LEU KE 36 13.38 36.46 112.90
CA LEU KE 36 13.78 36.48 111.50
C LEU KE 36 14.80 37.59 111.31
N ALA KE 37 16.06 37.22 111.09
CA ALA KE 37 17.14 38.18 111.03
C ALA KE 37 17.02 39.05 109.77
N PRO KE 38 17.55 40.28 109.82
CA PRO KE 38 17.53 41.12 108.62
C PRO KE 38 18.47 40.59 107.55
N LYS KE 39 18.05 40.76 106.30
CA LYS KE 39 18.82 40.29 105.15
C LYS KE 39 19.33 41.49 104.35
N ARG KE 40 20.65 41.57 104.19
CA ARG KE 40 21.30 42.65 103.46
C ARG KE 40 21.28 42.32 101.99
N THR KE 41 20.07 42.37 101.41
CA THR KE 41 19.89 42.07 100.00
C THR KE 41 20.34 43.22 99.11
N LYS KE 42 20.72 44.35 99.71
CA LYS KE 42 21.13 45.53 98.99
C LYS KE 42 22.01 46.35 99.90
N ASP KE 43 22.22 47.62 99.55
CA ASP KE 43 22.95 48.54 100.41
C ASP KE 43 22.32 48.60 101.80
N SER KE 44 20.99 48.55 101.85
CA SER KE 44 20.29 48.56 103.13
C SER KE 44 20.66 47.32 103.94
N PRO KE 45 20.85 47.46 105.25
CA PRO KE 45 21.23 46.29 106.07
C PRO KE 45 20.11 45.29 106.28
N GLY KE 46 18.91 45.54 105.76
CA GLY KE 46 17.80 44.63 105.91
C GLY KE 46 16.89 44.98 107.07
N MET KE 47 15.78 44.26 107.15
CA MET KE 47 14.73 44.56 108.10
C MET KE 47 14.62 43.40 109.09
N ALA KE 48 14.80 43.70 110.36
CA ALA KE 48 14.81 42.66 111.40
C ALA KE 48 13.38 42.36 111.81
N LYS KE 49 12.93 41.14 111.51
CA LYS KE 49 11.55 40.74 111.76
C LYS KE 49 11.44 40.05 113.11
N SER KE 50 10.41 40.40 113.85
CA SER KE 50 10.06 39.72 115.09
C SER KE 50 8.58 39.42 115.09
N GLU KE 51 8.18 38.45 115.91
CA GLU KE 51 6.77 38.10 116.00
C GLU KE 51 6.47 37.53 117.37
N LEU KE 52 5.41 38.01 117.99
CA LEU KE 52 4.91 37.49 119.26
C LEU KE 52 3.40 37.32 119.11
N LYS KE 53 2.94 36.08 119.10
CA LYS KE 53 1.53 35.81 118.86
C LYS KE 53 1.00 34.81 119.87
N ILE KE 54 -0.28 34.99 120.21
CA ILE KE 54 -1.02 34.06 121.06
C ILE KE 54 -2.16 33.49 120.25
N THR KE 55 -2.28 32.18 120.24
CA THR KE 55 -3.31 31.48 119.48
C THR KE 55 -4.17 30.66 120.42
N ARG KE 56 -5.49 30.85 120.31
CA ARG KE 56 -6.44 30.10 121.10
C ARG KE 56 -7.21 29.16 120.17
N VAL KE 57 -7.15 27.87 120.48
CA VAL KE 57 -7.85 26.84 119.71
C VAL KE 57 -8.71 26.06 120.69
N ASP KE 58 -9.95 25.83 120.31
CA ASP KE 58 -10.87 25.15 121.23
C ASP KE 58 -10.45 23.70 121.39
N PRO KE 59 -10.10 23.26 122.59
CA PRO KE 59 -9.48 21.93 122.74
C PRO KE 59 -10.46 20.78 122.90
N THR KE 60 -11.53 20.74 122.10
CA THR KE 60 -12.33 19.52 122.00
C THR KE 60 -12.53 19.13 120.54
N THR KE 61 -12.70 20.13 119.67
CA THR KE 61 -12.80 19.90 118.24
C THR KE 61 -11.70 20.58 117.43
N GLY KE 62 -10.93 21.46 118.06
CA GLY KE 62 -9.81 22.09 117.38
C GLY KE 62 -10.16 23.25 116.48
N VAL KE 63 -11.13 24.07 116.86
CA VAL KE 63 -11.51 25.24 116.07
C VAL KE 63 -10.77 26.46 116.61
N LEU KE 64 -10.13 27.19 115.71
CA LEU KE 64 -9.37 28.38 116.08
C LEU KE 64 -10.33 29.46 116.59
N ILE KE 65 -10.19 29.83 117.86
CA ILE KE 65 -11.02 30.88 118.42
C ILE KE 65 -10.52 32.25 117.99
N GLY KE 66 -9.24 32.54 118.20
CA GLY KE 66 -8.73 33.85 117.86
C GLY KE 66 -7.21 33.86 117.93
N ILE KE 67 -6.65 34.87 117.28
CA ILE KE 67 -5.21 35.12 117.28
C ILE KE 67 -4.97 36.60 117.49
N VAL KE 68 -4.08 36.94 118.41
CA VAL KE 68 -3.52 38.28 118.50
C VAL KE 68 -2.03 38.17 118.26
N ASN KE 69 -1.54 38.86 117.24
CA ASN KE 69 -0.14 38.80 116.85
C ASN KE 69 0.48 40.18 116.94
N VAL KE 70 1.69 40.25 117.48
CA VAL KE 70 2.48 41.47 117.50
C VAL KE 70 3.72 41.22 116.66
N SER KE 71 3.80 41.89 115.52
CA SER KE 71 4.92 41.73 114.61
C SER KE 71 5.68 43.04 114.50
N SER KE 72 7.00 42.94 114.48
CA SER KE 72 7.87 44.10 114.31
C SER KE 72 8.73 43.92 113.07
N SER KE 73 8.86 44.99 112.31
CA SER KE 73 9.72 45.02 111.14
C SER KE 73 10.52 46.31 111.28
N ILE KE 74 11.72 46.21 111.84
CA ILE KE 74 12.55 47.36 112.14
C ILE KE 74 13.83 47.24 111.32
N ARG KE 75 14.29 48.37 110.79
CA ARG KE 75 15.55 48.41 110.05
C ARG KE 75 16.68 47.86 110.92
N ALA KE 76 17.57 47.10 110.28
CA ALA KE 76 18.73 46.57 110.98
C ALA KE 76 19.61 47.68 111.53
N ASP KE 77 19.59 48.86 110.90
CA ASP KE 77 20.38 50.00 111.34
C ASP KE 77 19.64 50.92 112.30
N ALA KE 78 18.36 50.66 112.57
CA ALA KE 78 17.57 51.58 113.37
C ALA KE 78 18.09 51.65 114.80
N THR KE 79 18.08 52.85 115.36
CA THR KE 79 18.65 53.09 116.67
C THR KE 79 17.76 52.51 117.76
N ALA KE 80 18.38 52.27 118.92
CA ALA KE 80 17.63 51.77 120.07
C ALA KE 80 16.57 52.78 120.52
N ALA KE 81 16.82 54.07 120.30
CA ALA KE 81 15.80 55.07 120.59
C ALA KE 81 14.57 54.89 119.71
N ASP KE 82 14.78 54.59 118.42
CA ASP KE 82 13.66 54.28 117.55
C ASP KE 82 12.93 53.04 118.03
N LYS KE 83 13.68 52.01 118.43
CA LYS KE 83 13.06 50.76 118.82
C LYS KE 83 12.35 50.89 120.17
N THR KE 84 12.88 51.71 121.07
CA THR KE 84 12.18 51.96 122.32
C THR KE 84 10.93 52.79 122.09
N ALA KE 85 11.01 53.80 121.22
CA ALA KE 85 9.85 54.63 120.92
C ALA KE 85 8.75 53.83 120.25
N LEU KE 86 9.12 52.94 119.32
CA LEU KE 86 8.13 52.13 118.63
C LEU KE 86 7.38 51.23 119.59
N MET KE 87 8.11 50.62 120.54
CA MET KE 87 7.46 49.76 121.51
C MET KE 87 6.64 50.58 122.51
N ALA KE 88 7.14 51.75 122.90
CA ALA KE 88 6.43 52.56 123.89
C ALA KE 88 5.14 53.14 123.32
N ILE KE 89 5.16 53.56 122.05
CA ILE KE 89 3.95 54.09 121.43
C ILE KE 89 2.91 53.00 121.29
N ILE KE 90 3.30 51.84 120.75
CA ILE KE 90 2.33 50.78 120.52
C ILE KE 90 1.81 50.20 121.83
N THR KE 91 2.65 50.14 122.86
CA THR KE 91 2.19 49.65 124.16
C THR KE 91 1.19 50.62 124.77
N ALA KE 92 1.45 51.93 124.66
CA ALA KE 92 0.52 52.93 125.15
C ALA KE 92 -0.81 52.89 124.39
N ALA KE 93 -0.73 52.70 123.06
CA ALA KE 93 -1.96 52.62 122.27
C ALA KE 93 -2.79 51.41 122.65
N GLN KE 94 -2.15 50.26 122.88
CA GLN KE 94 -2.87 49.08 123.34
C GLN KE 94 -3.50 49.33 124.70
N ALA KE 95 -2.78 50.02 125.60
CA ALA KE 95 -3.33 50.38 126.89
C ALA KE 95 -4.48 51.38 126.76
N ASP KE 96 -4.50 52.16 125.70
CA ASP KE 96 -5.62 53.04 125.43
C ASP KE 96 -6.87 52.22 125.12
N GLY KE 97 -8.03 52.81 125.42
CA GLY KE 97 -9.29 52.10 125.24
C GLY KE 97 -9.72 51.95 123.80
N ALA KE 98 -9.13 52.72 122.89
CA ALA KE 98 -9.50 52.62 121.48
C ALA KE 98 -9.16 51.24 120.93
N TRP KE 99 -8.07 50.64 121.40
CA TRP KE 99 -7.72 49.29 120.98
C TRP KE 99 -8.72 48.28 121.53
N THR KE 100 -9.12 48.43 122.80
CA THR KE 100 -10.08 47.51 123.39
C THR KE 100 -11.45 47.62 122.72
N GLU KE 101 -11.69 48.71 121.98
CA GLU KE 101 -12.90 48.85 121.20
C GLU KE 101 -12.73 48.36 119.76
N LEU KE 102 -11.54 48.54 119.19
CA LEU KE 102 -11.26 47.99 117.86
C LEU KE 102 -11.36 46.48 117.89
N VAL KE 103 -10.76 45.85 118.87
CA VAL KE 103 -11.07 44.47 119.22
C VAL KE 103 -12.36 44.48 120.01
N THR KE 104 -13.13 43.41 119.89
CA THR KE 104 -14.38 43.16 120.62
C THR KE 104 -15.55 44.02 120.14
N ASP KE 105 -15.29 45.04 119.33
CA ASP KE 105 -16.40 45.79 118.74
C ASP KE 105 -16.19 46.20 117.30
N GLN KE 106 -14.97 46.15 116.77
CA GLN KE 106 -14.65 46.72 115.47
C GLN KE 106 -15.04 48.19 115.41
N ARG KE 107 -14.74 48.91 116.48
CA ARG KE 107 -15.09 50.32 116.62
C ARG KE 107 -13.84 51.15 116.37
N LEU KE 108 -13.92 52.06 115.42
CA LEU KE 108 -12.81 52.91 115.07
C LEU KE 108 -12.82 54.17 115.94
N PRO KE 109 -11.66 54.80 116.11
CA PRO KE 109 -11.62 56.07 116.85
C PRO KE 109 -12.12 57.23 116.03
N LEU KE 110 -13.39 57.18 115.63
CA LEU KE 110 -14.01 58.31 114.95
C LEU KE 110 -15.40 58.62 115.47
N ALA KE 111 -15.98 57.79 116.34
CA ALA KE 111 -17.29 58.08 116.90
C ALA KE 111 -17.23 59.32 117.77
N THR KE 112 -18.31 60.11 117.74
CA THR KE 112 -18.36 61.38 118.47
C THR KE 112 -18.78 61.23 119.93
N VAL KE 113 -19.12 60.01 120.37
CA VAL KE 113 -19.55 59.74 121.74
C VAL KE 113 -20.80 60.55 122.10
N SER LE 1 -110.04 -8.99 74.67
CA SER LE 1 -111.15 -9.78 74.16
C SER LE 1 -112.38 -8.90 73.92
N LYS LE 2 -112.85 -8.23 74.97
CA LYS LE 2 -114.06 -7.42 74.89
C LYS LE 2 -113.84 -6.18 75.75
N VAL LE 3 -114.93 -5.52 76.14
CA VAL LE 3 -114.88 -4.21 76.79
C VAL LE 3 -113.92 -4.19 77.97
N PHE LE 4 -112.90 -3.31 77.87
CA PHE LE 4 -111.92 -3.10 78.91
C PHE LE 4 -111.78 -1.60 79.11
N ASN LE 5 -111.78 -1.17 80.38
CA ASN LE 5 -111.68 0.26 80.72
C ASN LE 5 -112.76 1.03 79.99
N THR LE 6 -113.96 0.46 79.94
CA THR LE 6 -115.15 1.00 79.28
C THR LE 6 -114.94 1.24 77.79
N GLN LE 7 -114.02 0.53 77.15
CA GLN LE 7 -113.83 0.62 75.71
C GLN LE 7 -114.02 -0.74 75.07
N THR LE 8 -114.72 -0.79 73.94
CA THR LE 8 -115.04 -2.03 73.26
C THR LE 8 -113.94 -2.37 72.28
N PHE LE 9 -113.26 -3.49 72.51
CA PHE LE 9 -112.20 -3.95 71.64
C PHE LE 9 -112.74 -5.09 70.78
N ASP LE 10 -112.79 -4.87 69.49
CA ASP LE 10 -113.24 -5.87 68.52
C ASP LE 10 -112.04 -6.37 67.71
N ILE LE 11 -112.17 -7.59 67.20
CA ILE LE 11 -111.07 -8.19 66.47
C ILE LE 11 -110.84 -7.42 65.18
N TYR LE 12 -109.59 -7.02 64.96
CA TYR LE 12 -109.21 -6.42 63.69
C TYR LE 12 -108.41 -7.35 62.81
N SER LE 13 -107.60 -8.21 63.40
CA SER LE 13 -106.71 -9.06 62.60
C SER LE 13 -106.45 -10.35 63.36
N THR LE 14 -106.17 -11.41 62.61
CA THR LE 14 -105.86 -12.70 63.18
C THR LE 14 -104.76 -13.36 62.37
N GLU LE 15 -103.66 -13.67 63.04
CA GLU LE 15 -102.54 -14.37 62.44
C GLU LE 15 -102.51 -15.80 62.95
N LYS LE 16 -101.46 -16.52 62.57
CA LYS LE 16 -101.24 -17.85 63.12
C LYS LE 16 -101.05 -17.78 64.63
N ASP LE 17 -100.35 -16.76 65.11
CA ASP LE 17 -100.03 -16.67 66.53
C ASP LE 17 -100.28 -15.30 67.13
N VAL LE 18 -100.89 -14.38 66.38
CA VAL LE 18 -101.24 -13.06 66.91
C VAL LE 18 -102.71 -12.80 66.63
N VAL LE 19 -103.41 -12.30 67.64
CA VAL LE 19 -104.75 -11.73 67.47
C VAL LE 19 -104.64 -10.26 67.84
N SER LE 20 -105.14 -9.39 66.97
CA SER LE 20 -105.14 -7.95 67.21
C SER LE 20 -106.58 -7.47 67.36
N LEU LE 21 -106.80 -6.63 68.36
CA LEU LE 21 -108.09 -6.02 68.59
C LEU LE 21 -107.94 -4.51 68.60
N ARG LE 22 -108.95 -3.82 68.10
CA ARG LE 22 -108.96 -2.37 68.05
C ARG LE 22 -110.24 -1.86 68.69
N ASP LE 23 -110.19 -0.60 69.14
CA ASP LE 23 -111.37 0.00 69.73
C ASP LE 23 -112.41 0.33 68.67
N PHE LE 24 -111.98 0.93 67.57
CA PHE LE 24 -112.84 1.32 66.45
C PHE LE 24 -113.77 2.46 66.85
N ALA LE 25 -113.73 2.85 68.13
CA ALA LE 25 -114.49 4.00 68.61
C ALA LE 25 -113.62 5.23 68.76
N ASN LE 26 -112.54 5.14 69.54
CA ASN LE 26 -111.56 6.22 69.58
C ASN LE 26 -110.44 6.03 68.58
N ASP LE 27 -110.36 4.87 67.95
CA ASP LE 27 -109.40 4.60 66.86
C ASP LE 27 -107.97 4.91 67.27
N LYS LE 28 -107.64 4.68 68.54
CA LYS LE 28 -106.29 4.95 69.01
C LYS LE 28 -105.67 3.81 69.80
N ASP LE 29 -106.42 2.77 70.14
CA ASP LE 29 -105.94 1.69 70.98
C ASP LE 29 -105.94 0.38 70.19
N THR LE 30 -104.86 -0.38 70.29
CA THR LE 30 -104.79 -1.72 69.74
C THR LE 30 -104.30 -2.67 70.82
N LEU LE 31 -105.04 -3.75 71.02
CA LEU LE 31 -104.69 -4.79 71.98
C LEU LE 31 -104.30 -6.04 71.20
N ALA LE 32 -103.14 -6.59 71.51
CA ALA LE 32 -102.59 -7.73 70.80
C ALA LE 32 -102.31 -8.88 71.77
N TYR LE 33 -102.75 -10.08 71.39
CA TYR LE 33 -102.45 -11.31 72.10
C TYR LE 33 -101.50 -12.11 71.20
N LYS LE 34 -100.36 -12.51 71.74
CA LYS LE 34 -99.29 -13.07 70.94
C LYS LE 34 -98.81 -14.36 71.60
N ARG LE 35 -98.40 -15.32 70.77
CA ARG LE 35 -98.27 -16.70 71.19
C ARG LE 35 -97.03 -17.34 70.59
N LEU LE 36 -96.09 -17.76 71.44
CA LEU LE 36 -94.95 -18.58 71.02
C LEU LE 36 -94.87 -19.84 71.87
N ALA LE 37 -95.23 -20.97 71.27
CA ALA LE 37 -95.19 -22.25 71.97
C ALA LE 37 -93.74 -22.64 72.28
N PRO LE 38 -93.53 -23.43 73.34
CA PRO LE 38 -92.16 -23.81 73.70
C PRO LE 38 -91.55 -24.73 72.66
N LYS LE 39 -90.23 -24.65 72.52
CA LYS LE 39 -89.50 -25.49 71.58
C LYS LE 39 -88.43 -26.28 72.33
N ARG LE 40 -88.46 -27.60 72.19
CA ARG LE 40 -87.54 -28.49 72.88
C ARG LE 40 -86.22 -28.48 72.11
N THR LE 41 -85.38 -27.53 72.47
CA THR LE 41 -84.06 -27.40 71.86
C THR LE 41 -82.99 -28.20 72.60
N LYS LE 42 -83.33 -28.75 73.75
CA LYS LE 42 -82.39 -29.49 74.57
C LYS LE 42 -83.19 -30.39 75.50
N ASP LE 43 -82.54 -30.89 76.55
CA ASP LE 43 -83.24 -31.66 77.58
C ASP LE 43 -84.35 -30.83 78.20
N SER LE 44 -84.23 -29.51 78.15
CA SER LE 44 -85.34 -28.66 78.55
C SER LE 44 -86.42 -28.68 77.48
N PRO LE 45 -87.71 -28.69 77.86
CA PRO LE 45 -88.78 -28.68 76.86
C PRO LE 45 -89.04 -27.32 76.24
N GLY LE 46 -88.28 -26.29 76.60
CA GLY LE 46 -88.50 -24.95 76.08
C GLY LE 46 -89.43 -24.12 76.93
N MET LE 47 -89.47 -22.83 76.62
CA MET LE 47 -90.28 -21.87 77.36
C MET LE 47 -91.41 -21.37 76.47
N ALA LE 48 -92.63 -21.39 76.99
CA ALA LE 48 -93.80 -20.91 76.26
C ALA LE 48 -93.92 -19.41 76.45
N LYS LE 49 -93.75 -18.65 75.37
CA LYS LE 49 -93.91 -17.21 75.40
C LYS LE 49 -95.37 -16.82 75.22
N SER LE 50 -95.79 -15.81 75.98
CA SER LE 50 -97.02 -15.10 75.75
C SER LE 50 -96.72 -13.61 75.76
N GLU LE 51 -97.63 -12.83 75.19
CA GLU LE 51 -97.40 -11.40 75.10
C GLU LE 51 -98.73 -10.70 74.95
N LEU LE 52 -98.97 -9.68 75.76
CA LEU LE 52 -100.23 -8.95 75.76
C LEU LE 52 -99.90 -7.47 75.84
N LYS LE 53 -99.99 -6.78 74.70
CA LYS LE 53 -99.60 -5.39 74.63
C LYS LE 53 -100.80 -4.52 74.32
N ILE LE 54 -100.82 -3.34 74.94
CA ILE LE 54 -101.76 -2.27 74.58
C ILE LE 54 -100.95 -1.11 74.05
N THR LE 55 -101.27 -0.67 72.85
CA THR LE 55 -100.61 0.44 72.19
C THR LE 55 -101.60 1.57 71.97
N ARG LE 56 -101.17 2.79 72.28
CA ARG LE 56 -101.98 3.98 72.04
C ARG LE 56 -101.25 4.89 71.06
N VAL LE 57 -101.86 5.11 69.90
CA VAL LE 57 -101.35 6.00 68.89
C VAL LE 57 -102.40 7.07 68.64
N ASP LE 58 -102.00 8.33 68.73
CA ASP LE 58 -103.01 9.37 68.50
C ASP LE 58 -103.43 9.37 67.04
N PRO LE 59 -104.73 9.42 66.74
CA PRO LE 59 -105.17 9.26 65.35
C PRO LE 59 -105.28 10.56 64.58
N THR LE 60 -104.25 11.42 64.65
CA THR LE 60 -104.24 12.61 63.80
C THR LE 60 -102.93 12.68 63.02
N THR LE 61 -101.83 12.33 63.67
CA THR LE 61 -100.53 12.21 63.02
C THR LE 61 -99.93 10.83 63.17
N GLY LE 62 -100.55 9.95 63.96
CA GLY LE 62 -100.04 8.61 64.14
C GLY LE 62 -98.87 8.48 65.07
N VAL LE 63 -98.63 9.47 65.94
CA VAL LE 63 -97.53 9.42 66.88
C VAL LE 63 -97.87 8.42 67.98
N LEU LE 64 -96.91 7.58 68.33
CA LEU LE 64 -97.15 6.57 69.34
C LEU LE 64 -97.07 7.20 70.72
N ILE LE 65 -98.17 7.14 71.46
CA ILE LE 65 -98.21 7.76 72.77
C ILE LE 65 -97.53 6.88 73.81
N GLY LE 66 -97.88 5.60 73.86
CA GLY LE 66 -97.27 4.72 74.82
C GLY LE 66 -97.71 3.29 74.62
N ILE LE 67 -96.88 2.38 75.11
CA ILE LE 67 -97.14 0.94 75.05
C ILE LE 67 -96.97 0.38 76.45
N VAL LE 68 -97.91 -0.48 76.86
CA VAL LE 68 -97.76 -1.29 78.06
C VAL LE 68 -97.86 -2.75 77.63
N ASN LE 69 -96.83 -3.52 77.97
CA ASN LE 69 -96.72 -4.91 77.52
C ASN LE 69 -96.65 -5.84 78.72
N VAL LE 70 -97.40 -6.94 78.67
CA VAL LE 70 -97.33 -7.99 79.66
C VAL LE 70 -96.88 -9.26 78.94
N SER LE 71 -95.64 -9.65 79.17
CA SER LE 71 -95.07 -10.82 78.52
C SER LE 71 -94.66 -11.85 79.57
N SER LE 72 -94.92 -13.12 79.27
CA SER LE 72 -94.54 -14.21 80.13
C SER LE 72 -93.67 -15.19 79.36
N SER LE 73 -92.74 -15.82 80.06
CA SER LE 73 -91.87 -16.85 79.51
C SER LE 73 -91.75 -17.93 80.58
N ILE LE 74 -92.48 -19.03 80.39
CA ILE LE 74 -92.62 -20.07 81.40
C ILE LE 74 -92.25 -21.41 80.81
N ARG LE 75 -91.55 -22.23 81.60
CA ARG LE 75 -91.14 -23.56 81.18
C ARG LE 75 -92.34 -24.39 80.76
N ALA LE 76 -92.14 -25.20 79.72
CA ALA LE 76 -93.20 -26.09 79.26
C ALA LE 76 -93.60 -27.08 80.35
N ASP LE 77 -92.64 -27.60 81.09
CA ASP LE 77 -92.91 -28.54 82.16
C ASP LE 77 -93.42 -27.88 83.43
N ALA LE 78 -93.42 -26.56 83.48
CA ALA LE 78 -93.73 -25.84 84.72
C ALA LE 78 -95.16 -26.13 85.15
N THR LE 79 -95.35 -26.20 86.47
CA THR LE 79 -96.64 -26.55 87.04
C THR LE 79 -97.62 -25.39 86.93
N ALA LE 80 -98.91 -25.72 87.02
CA ALA LE 80 -99.94 -24.68 87.08
C ALA LE 80 -99.81 -23.86 88.35
N ALA LE 81 -99.34 -24.47 89.44
CA ALA LE 81 -99.10 -23.72 90.66
C ALA LE 81 -98.02 -22.67 90.46
N ASP LE 82 -96.95 -23.01 89.73
CA ASP LE 82 -95.97 -22.01 89.37
C ASP LE 82 -96.58 -20.92 88.51
N LYS LE 83 -97.46 -21.30 87.59
CA LYS LE 83 -98.04 -20.34 86.67
C LYS LE 83 -99.09 -19.46 87.35
N THR LE 84 -99.87 -20.05 88.25
CA THR LE 84 -100.84 -19.26 89.01
C THR LE 84 -100.13 -18.30 89.95
N ALA LE 85 -99.04 -18.76 90.58
CA ALA LE 85 -98.30 -17.90 91.49
C ALA LE 85 -97.69 -16.71 90.76
N LEU LE 86 -97.10 -16.95 89.59
CA LEU LE 86 -96.50 -15.85 88.83
C LEU LE 86 -97.55 -14.82 88.45
N MET LE 87 -98.73 -15.28 88.01
CA MET LE 87 -99.79 -14.35 87.62
C MET LE 87 -100.34 -13.62 88.83
N ALA LE 88 -100.48 -14.30 89.97
CA ALA LE 88 -100.97 -13.66 91.17
C ALA LE 88 -100.00 -12.61 91.70
N ILE LE 89 -98.70 -12.89 91.66
CA ILE LE 89 -97.72 -11.97 92.22
C ILE LE 89 -97.63 -10.71 91.36
N ILE LE 90 -97.54 -10.88 90.04
CA ILE LE 90 -97.40 -9.71 89.17
C ILE LE 90 -98.67 -8.88 89.18
N THR LE 91 -99.84 -9.52 89.36
CA THR LE 91 -101.09 -8.78 89.42
C THR LE 91 -101.19 -7.99 90.71
N ALA LE 92 -100.78 -8.58 91.83
CA ALA LE 92 -100.78 -7.86 93.11
C ALA LE 92 -99.81 -6.69 93.08
N ALA LE 93 -98.64 -6.88 92.47
CA ALA LE 93 -97.68 -5.80 92.36
C ALA LE 93 -98.19 -4.68 91.47
N GLN LE 94 -98.91 -5.03 90.41
CA GLN LE 94 -99.52 -4.01 89.56
C GLN LE 94 -100.58 -3.22 90.30
N ALA LE 95 -101.38 -3.91 91.13
CA ALA LE 95 -102.39 -3.24 91.92
C ALA LE 95 -101.76 -2.33 92.98
N ASP LE 96 -100.53 -2.62 93.39
CA ASP LE 96 -99.83 -1.77 94.33
C ASP LE 96 -99.52 -0.41 93.70
N GLY LE 97 -99.47 0.62 94.54
CA GLY LE 97 -99.18 1.96 94.05
C GLY LE 97 -97.75 2.16 93.63
N ALA LE 98 -96.84 1.26 94.03
CA ALA LE 98 -95.46 1.38 93.60
C ALA LE 98 -95.34 1.27 92.10
N TRP LE 99 -96.08 0.34 91.49
CA TRP LE 99 -96.09 0.24 90.03
C TRP LE 99 -96.72 1.48 89.41
N THR LE 100 -97.79 1.99 90.02
CA THR LE 100 -98.42 3.19 89.49
C THR LE 100 -97.48 4.40 89.55
N GLU LE 101 -96.53 4.39 90.47
CA GLU LE 101 -95.50 5.41 90.53
C GLU LE 101 -94.31 5.11 89.63
N LEU LE 102 -93.98 3.83 89.45
CA LEU LE 102 -92.94 3.45 88.51
C LEU LE 102 -93.28 3.95 87.11
N VAL LE 103 -94.54 3.83 86.73
CA VAL LE 103 -95.04 4.49 85.53
C VAL LE 103 -95.52 5.88 85.92
N THR LE 104 -95.47 6.81 84.97
CA THR LE 104 -95.90 8.20 85.12
C THR LE 104 -94.97 9.07 85.96
N ASP LE 105 -94.07 8.45 86.72
CA ASP LE 105 -93.14 9.20 87.57
C ASP LE 105 -91.71 8.71 87.49
N GLN LE 106 -91.46 7.49 87.00
CA GLN LE 106 -90.13 6.88 87.04
C GLN LE 106 -89.59 6.87 88.46
N ARG LE 107 -90.43 6.43 89.38
CA ARG LE 107 -90.13 6.41 90.81
C ARG LE 107 -89.95 4.97 91.26
N LEU LE 108 -88.80 4.67 91.87
CA LEU LE 108 -88.54 3.37 92.45
C LEU LE 108 -89.21 3.24 93.81
N PRO LE 109 -89.54 2.02 94.25
CA PRO LE 109 -90.28 1.87 95.51
C PRO LE 109 -89.37 1.90 96.73
N LEU LE 110 -88.42 2.82 96.76
CA LEU LE 110 -87.46 2.87 97.83
C LEU LE 110 -87.51 4.14 98.65
N ALA LE 111 -88.40 5.06 98.32
CA ALA LE 111 -88.53 6.29 99.09
C ALA LE 111 -88.91 5.98 100.53
N THR LE 112 -88.48 6.84 101.44
CA THR LE 112 -88.78 6.69 102.86
C THR LE 112 -90.14 7.24 103.24
N VAL LE 113 -90.87 7.85 102.29
CA VAL LE 113 -92.23 8.36 102.47
C VAL LE 113 -92.27 9.50 103.50
N SER ME 1 -93.28 -3.87 96.22
CA SER ME 1 -92.73 -3.33 97.45
C SER ME 1 -92.84 -4.32 98.60
N LYS ME 2 -94.06 -4.64 99.00
CA LYS ME 2 -94.31 -5.43 100.21
C LYS ME 2 -95.17 -6.63 99.82
N VAL ME 3 -95.78 -7.24 100.83
CA VAL ME 3 -96.46 -8.52 100.70
C VAL ME 3 -97.39 -8.58 99.50
N PHE ME 4 -97.10 -9.51 98.58
CA PHE ME 4 -97.91 -9.74 97.39
C PHE ME 4 -98.21 -11.22 97.30
N ASN ME 5 -99.47 -11.55 97.04
CA ASN ME 5 -99.93 -12.94 96.95
C ASN ME 5 -99.57 -13.70 98.23
N THR ME 6 -99.80 -13.05 99.37
CA THR ME 6 -99.52 -13.52 100.72
C THR ME 6 -98.04 -13.74 101.00
N GLN ME 7 -97.16 -13.40 100.08
CA GLN ME 7 -95.73 -13.60 100.24
C GLN ME 7 -95.04 -12.27 100.52
N THR ME 8 -94.20 -12.26 101.54
CA THR ME 8 -93.46 -11.06 101.94
C THR ME 8 -92.21 -10.95 101.07
N PHE ME 9 -92.09 -9.84 100.36
CA PHE ME 9 -90.94 -9.58 99.51
C PHE ME 9 -90.07 -8.53 100.18
N ASP ME 10 -88.92 -8.95 100.68
CA ASP ME 10 -87.97 -8.06 101.32
C ASP ME 10 -86.87 -7.71 100.33
N ILE ME 11 -86.26 -6.54 100.53
CA ILE ME 11 -85.34 -5.99 99.53
C ILE ME 11 -84.12 -6.89 99.40
N TYR ME 12 -83.78 -7.22 98.17
CA TYR ME 12 -82.65 -8.10 97.88
C TYR ME 12 -81.44 -7.36 97.34
N SER ME 13 -81.64 -6.35 96.50
CA SER ME 13 -80.57 -5.50 96.00
C SER ME 13 -81.17 -4.20 95.48
N THR ME 14 -80.34 -3.16 95.48
CA THR ME 14 -80.75 -1.86 94.94
C THR ME 14 -79.66 -1.35 94.01
N GLU ME 15 -80.07 -0.93 92.82
CA GLU ME 15 -79.16 -0.40 91.82
C GLU ME 15 -79.53 1.04 91.50
N LYS ME 16 -78.85 1.58 90.48
CA LYS ME 16 -79.18 2.89 89.94
C LYS ME 16 -80.64 2.95 89.49
N ASP ME 17 -81.10 1.91 88.81
CA ASP ME 17 -82.41 1.92 88.18
C ASP ME 17 -83.23 0.67 88.49
N VAL ME 18 -82.69 -0.27 89.26
CA VAL ME 18 -83.38 -1.51 89.55
C VAL ME 18 -83.45 -1.70 91.06
N VAL ME 19 -84.63 -2.05 91.56
CA VAL ME 19 -84.82 -2.46 92.93
C VAL ME 19 -85.37 -3.87 92.91
N SER ME 20 -84.68 -4.80 93.56
CA SER ME 20 -85.01 -6.20 93.54
C SER ME 20 -85.45 -6.63 94.93
N LEU ME 21 -86.56 -7.36 95.00
CA LEU ME 21 -87.06 -7.90 96.25
C LEU ME 21 -87.11 -9.41 96.17
N ARG ME 22 -86.90 -10.06 97.30
CA ARG ME 22 -86.94 -11.50 97.38
C ARG ME 22 -87.90 -11.92 98.48
N ASP ME 23 -88.50 -13.10 98.32
CA ASP ME 23 -89.35 -13.64 99.37
C ASP ME 23 -88.52 -14.00 100.60
N PHE ME 24 -87.43 -14.73 100.42
CA PHE ME 24 -86.55 -15.22 101.47
C PHE ME 24 -87.21 -16.29 102.33
N ALA ME 25 -88.50 -16.55 102.07
CA ALA ME 25 -89.21 -17.66 102.70
C ALA ME 25 -89.17 -18.90 101.83
N ASN ME 26 -89.74 -18.84 100.63
CA ASN ME 26 -89.55 -19.89 99.65
C ASN ME 26 -88.28 -19.71 98.85
N ASP ME 27 -87.64 -18.54 98.96
CA ASP ME 27 -86.32 -18.27 98.38
C ASP ME 27 -86.28 -18.54 96.88
N LYS ME 28 -87.42 -18.40 96.21
CA LYS ME 28 -87.48 -18.68 94.79
C LYS ME 28 -88.02 -17.54 93.95
N ASP ME 29 -88.65 -16.53 94.55
CA ASP ME 29 -89.33 -15.47 93.82
C ASP ME 29 -88.58 -14.17 93.99
N THR ME 30 -88.29 -13.50 92.87
CA THR ME 30 -87.63 -12.21 92.89
C THR ME 30 -88.46 -11.22 92.09
N LEU ME 31 -88.77 -10.09 92.72
CA LEU ME 31 -89.54 -9.01 92.11
C LEU ME 31 -88.61 -7.84 91.87
N ALA ME 32 -88.60 -7.31 90.64
CA ALA ME 32 -87.71 -6.23 90.26
C ALA ME 32 -88.53 -5.05 89.75
N TYR ME 33 -88.10 -3.85 90.10
CA TYR ME 33 -88.66 -2.59 89.61
C TYR ME 33 -87.56 -1.86 88.86
N LYS ME 34 -87.77 -1.63 87.57
CA LYS ME 34 -86.73 -1.19 86.67
C LYS ME 34 -87.13 0.11 86.00
N ARG ME 35 -86.15 0.96 85.73
CA ARG ME 35 -86.39 2.35 85.37
C ARG ME 35 -85.43 2.83 84.28
N LEU ME 36 -85.98 3.34 83.18
CA LEU ME 36 -85.21 4.11 82.20
C LEU ME 36 -85.95 5.40 81.89
N ALA ME 37 -85.46 6.51 82.42
CA ALA ME 37 -86.06 7.81 82.16
C ALA ME 37 -85.91 8.19 80.70
N PRO ME 38 -86.79 9.03 80.17
CA PRO ME 38 -86.69 9.42 78.76
C PRO ME 38 -85.43 10.19 78.46
N LYS ME 39 -84.91 10.01 77.26
CA LYS ME 39 -83.74 10.74 76.80
C LYS ME 39 -84.13 11.58 75.59
N ARG ME 40 -83.84 12.88 75.66
CA ARG ME 40 -84.25 13.84 74.64
C ARG ME 40 -83.22 13.85 73.51
N THR ME 41 -83.21 12.77 72.73
CA THR ME 41 -82.23 12.63 71.66
C THR ME 41 -82.60 13.43 70.43
N LYS ME 42 -83.83 13.92 70.34
CA LYS ME 42 -84.28 14.73 69.22
C LYS ME 42 -85.35 15.68 69.73
N ASP ME 43 -86.14 16.24 68.81
CA ASP ME 43 -87.28 17.05 69.17
C ASP ME 43 -88.23 16.25 70.06
N SER ME 44 -88.19 14.93 69.94
CA SER ME 44 -88.92 14.08 70.85
C SER ME 44 -88.41 14.29 72.27
N PRO ME 45 -89.28 14.31 73.27
CA PRO ME 45 -88.81 14.32 74.67
C PRO ME 45 -88.32 12.96 75.14
N GLY ME 46 -88.27 11.96 74.27
CA GLY ME 46 -87.87 10.63 74.63
C GLY ME 46 -89.02 9.81 75.17
N MET ME 47 -88.72 8.54 75.43
CA MET ME 47 -89.69 7.62 75.99
C MET ME 47 -89.28 7.21 77.39
N ALA ME 48 -90.20 7.35 78.33
CA ALA ME 48 -89.99 6.88 79.70
C ALA ME 48 -90.26 5.39 79.73
N LYS ME 49 -89.24 4.60 80.04
CA LYS ME 49 -89.37 3.16 80.14
C LYS ME 49 -89.46 2.74 81.59
N SER ME 50 -90.30 1.74 81.86
CA SER ME 50 -90.35 1.07 83.14
C SER ME 50 -90.49 -0.43 82.93
N GLU ME 51 -90.18 -1.19 83.97
CA GLU ME 51 -90.29 -2.65 83.88
C GLU ME 51 -90.55 -3.20 85.27
N LEU ME 52 -91.57 -4.04 85.39
CA LEU ME 52 -91.89 -4.73 86.63
C LEU ME 52 -91.92 -6.22 86.34
N LYS ME 53 -90.91 -6.95 86.80
CA LYS ME 53 -90.75 -8.35 86.45
C LYS ME 53 -90.71 -9.21 87.70
N ILE ME 54 -91.36 -10.37 87.61
CA ILE ME 54 -91.34 -11.39 88.64
C ILE ME 54 -90.67 -12.62 88.05
N THR ME 55 -89.71 -13.18 88.76
CA THR ME 55 -88.97 -14.34 88.32
C THR ME 55 -89.05 -15.43 89.37
N ARG ME 56 -89.40 -16.63 88.93
CA ARG ME 56 -89.38 -17.80 89.79
C ARG ME 56 -88.33 -18.76 89.28
N VAL ME 57 -87.41 -19.15 90.16
CA VAL ME 57 -86.42 -20.17 89.87
C VAL ME 57 -86.50 -21.22 90.97
N ASP ME 58 -86.15 -22.44 90.64
CA ASP ME 58 -86.13 -23.46 91.68
C ASP ME 58 -84.85 -23.30 92.49
N PRO ME 59 -84.92 -22.98 93.78
CA PRO ME 59 -83.69 -22.64 94.50
C PRO ME 59 -82.95 -23.85 95.04
N THR ME 60 -82.88 -24.93 94.27
CA THR ME 60 -81.98 -26.02 94.58
C THR ME 60 -81.05 -26.28 93.40
N THR ME 61 -81.62 -26.38 92.21
CA THR ME 61 -80.86 -26.60 91.00
C THR ME 61 -80.76 -25.35 90.13
N GLY ME 62 -81.42 -24.26 90.51
CA GLY ME 62 -81.31 -23.03 89.75
C GLY ME 62 -81.92 -23.07 88.38
N VAL ME 63 -82.98 -23.85 88.18
CA VAL ME 63 -83.70 -23.86 86.91
C VAL ME 63 -84.74 -22.75 86.93
N LEU ME 64 -84.75 -21.95 85.87
CA LEU ME 64 -85.72 -20.87 85.75
C LEU ME 64 -87.09 -21.48 85.50
N ILE ME 65 -88.03 -21.23 86.40
CA ILE ME 65 -89.37 -21.77 86.21
C ILE ME 65 -90.17 -20.90 85.26
N GLY ME 66 -90.13 -19.58 85.43
CA GLY ME 66 -90.85 -18.70 84.54
C GLY ME 66 -90.68 -17.24 84.95
N ILE ME 67 -90.95 -16.38 83.98
CA ILE ME 67 -90.86 -14.92 84.15
C ILE ME 67 -92.14 -14.31 83.61
N VAL ME 68 -92.67 -13.32 84.35
CA VAL ME 68 -93.74 -12.46 83.86
C VAL ME 68 -93.26 -11.02 83.97
N ASN ME 69 -93.35 -10.29 82.87
CA ASN ME 69 -92.80 -8.94 82.77
C ASN ME 69 -93.92 -7.96 82.45
N VAL ME 70 -93.92 -6.82 83.12
CA VAL ME 70 -94.81 -5.72 82.80
C VAL ME 70 -93.92 -4.53 82.45
N SER ME 71 -93.82 -4.24 81.16
CA SER ME 71 -92.99 -3.15 80.67
C SER ME 71 -93.86 -2.05 80.10
N SER ME 72 -93.47 -0.80 80.34
CA SER ME 72 -94.15 0.34 79.77
C SER ME 72 -93.15 1.20 79.03
N SER ME 73 -93.56 1.69 77.86
CA SER ME 73 -92.78 2.64 77.08
C SER ME 73 -93.74 3.77 76.70
N ILE ME 74 -93.77 4.81 77.52
CA ILE ME 74 -94.69 5.92 77.36
C ILE ME 74 -93.89 7.17 77.04
N ARG ME 75 -94.40 7.99 76.13
CA ARG ME 75 -93.75 9.24 75.77
C ARG ME 75 -93.63 10.13 77.00
N ALA ME 76 -92.51 10.86 77.07
CA ALA ME 76 -92.30 11.76 78.21
C ALA ME 76 -93.36 12.84 78.27
N ASP ME 77 -93.81 13.33 77.12
CA ASP ME 77 -94.85 14.34 77.06
C ASP ME 77 -96.25 13.79 77.22
N ALA ME 78 -96.41 12.47 77.19
CA ALA ME 78 -97.75 11.88 77.21
C ALA ME 78 -98.48 12.23 78.49
N THR ME 79 -99.71 12.68 78.35
CA THR ME 79 -100.50 13.11 79.48
C THR ME 79 -100.84 11.93 80.38
N ALA ME 80 -101.17 12.25 81.63
CA ALA ME 80 -101.57 11.21 82.57
C ALA ME 80 -102.85 10.52 82.12
N ALA ME 81 -103.66 11.19 81.31
CA ALA ME 81 -104.87 10.56 80.77
C ALA ME 81 -104.51 9.35 79.93
N ASP ME 82 -103.56 9.50 79.00
CA ASP ME 82 -103.08 8.35 78.24
C ASP ME 82 -102.42 7.34 79.16
N LYS ME 83 -101.63 7.82 80.13
CA LYS ME 83 -100.93 6.93 81.05
C LYS ME 83 -101.90 6.15 81.93
N THR ME 84 -102.95 6.81 82.41
CA THR ME 84 -103.94 6.12 83.23
C THR ME 84 -104.78 5.16 82.39
N ALA ME 85 -105.11 5.55 81.15
CA ALA ME 85 -105.88 4.67 80.28
C ALA ME 85 -105.07 3.44 79.90
N LEU ME 86 -103.77 3.62 79.69
CA LEU ME 86 -102.92 2.50 79.31
C LEU ME 86 -102.87 1.44 80.42
N MET ME 87 -102.82 1.88 81.68
CA MET ME 87 -102.81 0.90 82.77
C MET ME 87 -104.20 0.31 82.98
N ALA ME 88 -105.24 1.14 82.81
CA ALA ME 88 -106.60 0.66 83.02
C ALA ME 88 -106.96 -0.43 82.03
N ILE ME 89 -106.55 -0.29 80.77
CA ILE ME 89 -106.84 -1.30 79.76
C ILE ME 89 -106.07 -2.58 80.05
N ILE ME 90 -104.76 -2.45 80.30
CA ILE ME 90 -103.93 -3.65 80.43
C ILE ME 90 -104.26 -4.41 81.69
N THR ME 91 -104.62 -3.71 82.76
CA THR ME 91 -105.05 -4.39 83.98
C THR ME 91 -106.40 -5.07 83.76
N ALA ME 92 -107.32 -4.39 83.07
CA ALA ME 92 -108.60 -5.01 82.75
C ALA ME 92 -108.42 -6.23 81.85
N ALA ME 93 -107.51 -6.13 80.88
CA ALA ME 93 -107.22 -7.28 80.02
C ALA ME 93 -106.64 -8.43 80.81
N GLN ME 94 -105.74 -8.14 81.75
CA GLN ME 94 -105.17 -9.20 82.58
C GLN ME 94 -106.22 -9.86 83.46
N ALA ME 95 -107.10 -9.07 84.06
CA ALA ME 95 -108.18 -9.62 84.85
C ALA ME 95 -109.12 -10.48 84.01
N ASP ME 96 -109.18 -10.24 82.71
CA ASP ME 96 -109.99 -11.05 81.82
C ASP ME 96 -109.42 -12.46 81.70
N GLY ME 97 -110.29 -13.41 81.36
CA GLY ME 97 -109.88 -14.79 81.25
C GLY ME 97 -109.01 -15.09 80.04
N ALA ME 98 -109.05 -14.23 79.03
CA ALA ME 98 -108.23 -14.46 77.84
C ALA ME 98 -106.75 -14.46 78.17
N TRP ME 99 -106.31 -13.53 79.03
CA TRP ME 99 -104.92 -13.53 79.46
C TRP ME 99 -104.58 -14.77 80.27
N THR ME 100 -105.51 -15.22 81.11
CA THR ME 100 -105.27 -16.42 81.90
C THR ME 100 -104.99 -17.62 81.02
N GLU ME 101 -105.75 -17.80 79.94
CA GLU ME 101 -105.54 -18.90 79.01
C GLU ME 101 -104.38 -18.67 78.06
N LEU ME 102 -104.05 -17.42 77.72
CA LEU ME 102 -102.88 -17.18 76.89
C LEU ME 102 -101.62 -17.72 77.57
N VAL ME 103 -101.50 -17.48 78.86
CA VAL ME 103 -100.58 -18.23 79.70
C VAL ME 103 -101.22 -19.57 80.05
N THR ME 104 -100.40 -20.56 80.36
CA THR ME 104 -100.84 -21.88 80.81
C THR ME 104 -101.47 -22.72 79.71
N ASP ME 105 -101.82 -22.10 78.59
CA ASP ME 105 -102.43 -22.84 77.48
C ASP ME 105 -101.93 -22.42 76.11
N GLN ME 106 -101.28 -21.27 75.97
CA GLN ME 106 -100.96 -20.68 74.68
C GLN ME 106 -102.20 -20.58 73.80
N ARG ME 107 -103.29 -20.14 74.40
CA ARG ME 107 -104.59 -20.06 73.74
C ARG ME 107 -104.88 -18.62 73.37
N LEU ME 108 -105.06 -18.38 72.07
CA LEU ME 108 -105.39 -17.05 71.59
C LEU ME 108 -106.89 -16.79 71.72
N PRO ME 109 -107.29 -15.54 71.89
CA PRO ME 109 -108.73 -15.23 71.99
C PRO ME 109 -109.40 -15.27 70.64
N LEU ME 110 -109.58 -16.48 70.11
CA LEU ME 110 -110.34 -16.68 68.89
C LEU ME 110 -111.26 -17.89 68.94
N ALA ME 111 -111.35 -18.57 70.09
CA ALA ME 111 -112.19 -19.76 70.18
C ALA ME 111 -113.66 -19.38 70.12
N THR ME 112 -114.44 -20.21 69.42
CA THR ME 112 -115.87 -19.98 69.27
C THR ME 112 -116.69 -20.52 70.43
N VAL ME 113 -116.05 -21.18 71.39
CA VAL ME 113 -116.71 -21.74 72.57
C VAL ME 113 -117.76 -22.78 72.18
N SER NE 1 -70.00 39.38 105.92
CA SER NE 1 -69.96 40.80 106.25
C SER NE 1 -69.30 41.04 107.60
N LYS NE 2 -69.90 40.51 108.65
CA LYS NE 2 -69.42 40.75 110.01
C LYS NE 2 -69.48 39.44 110.80
N VAL NE 3 -69.43 39.56 112.13
CA VAL NE 3 -69.14 38.46 113.05
C VAL NE 3 -69.93 37.21 112.73
N PHE NE 4 -69.22 36.12 112.48
CA PHE NE 4 -69.78 34.81 112.18
C PHE NE 4 -69.12 33.80 113.09
N ASN NE 5 -69.93 32.94 113.71
CA ASN NE 5 -69.41 31.91 114.60
C ASN NE 5 -68.57 32.52 115.72
N THR NE 6 -69.01 33.68 116.20
CA THR NE 6 -68.38 34.48 117.24
C THR NE 6 -67.00 35.01 116.82
N GLN NE 7 -66.56 34.77 115.60
CA GLN NE 7 -65.31 35.32 115.11
C GLN NE 7 -65.60 36.56 114.28
N THR NE 8 -64.78 37.58 114.47
CA THR NE 8 -64.94 38.84 113.75
C THR NE 8 -64.21 38.73 112.41
N PHE NE 9 -64.94 38.97 111.32
CA PHE NE 9 -64.36 38.97 109.99
C PHE NE 9 -64.32 40.42 109.50
N ASP NE 10 -63.12 40.89 109.21
CA ASP NE 10 -62.90 42.22 108.70
C ASP NE 10 -62.45 42.16 107.25
N ILE NE 11 -62.79 43.19 106.48
CA ILE NE 11 -62.43 43.19 105.07
C ILE NE 11 -60.92 43.16 104.95
N TYR NE 12 -60.42 42.20 104.18
CA TYR NE 12 -59.00 42.08 103.91
C TYR NE 12 -58.61 42.64 102.55
N SER NE 13 -59.43 42.42 101.54
CA SER NE 13 -59.13 42.91 100.21
C SER NE 13 -60.44 43.15 99.48
N THR NE 14 -60.42 44.14 98.60
CA THR NE 14 -61.58 44.47 97.79
C THR NE 14 -61.16 44.41 96.34
N GLU NE 15 -61.93 43.69 95.54
CA GLU NE 15 -61.66 43.49 94.13
C GLU NE 15 -62.91 43.89 93.34
N LYS NE 16 -62.74 43.98 92.02
CA LYS NE 16 -63.85 44.32 91.13
C LYS NE 16 -65.06 43.43 91.37
N ASP NE 17 -64.85 42.11 91.38
CA ASP NE 17 -65.93 41.16 91.60
C ASP NE 17 -65.66 40.22 92.76
N VAL NE 18 -64.69 40.54 93.62
CA VAL NE 18 -64.36 39.70 94.77
C VAL NE 18 -64.22 40.60 95.99
N VAL NE 19 -64.77 40.15 97.12
CA VAL NE 19 -64.55 40.78 98.41
C VAL NE 19 -64.12 39.69 99.37
N SER NE 20 -63.04 39.94 100.10
CA SER NE 20 -62.45 38.96 101.00
C SER NE 20 -62.41 39.47 102.43
N LEU NE 21 -62.80 38.63 103.38
CA LEU NE 21 -62.79 38.96 104.78
C LEU NE 21 -61.91 37.98 105.54
N ARG NE 22 -61.12 38.51 106.46
CA ARG NE 22 -60.23 37.70 107.26
C ARG NE 22 -60.59 37.85 108.73
N ASP NE 23 -60.39 36.78 109.50
CA ASP NE 23 -60.64 36.85 110.94
C ASP NE 23 -59.70 37.84 111.61
N PHE NE 24 -58.41 37.80 111.25
CA PHE NE 24 -57.37 38.69 111.76
C PHE NE 24 -57.08 38.43 113.23
N ALA NE 25 -57.85 37.54 113.86
CA ALA NE 25 -57.62 37.13 115.23
C ALA NE 25 -57.01 35.74 115.31
N ASN NE 26 -57.63 34.77 114.65
CA ASN NE 26 -57.01 33.46 114.45
C ASN NE 26 -56.07 33.43 113.26
N ASP NE 27 -56.20 34.38 112.34
CA ASP NE 27 -55.30 34.52 111.19
C ASP NE 27 -55.25 33.25 110.34
N LYS NE 28 -56.36 32.52 110.27
CA LYS NE 28 -56.41 31.34 109.43
C LYS NE 28 -57.69 31.21 108.61
N ASP NE 29 -58.74 31.97 108.93
CA ASP NE 29 -60.01 31.88 108.23
C ASP NE 29 -60.16 33.04 107.27
N THR NE 30 -60.52 32.73 106.03
CA THR NE 30 -60.77 33.72 105.00
C THR NE 30 -62.13 33.47 104.38
N LEU NE 31 -62.97 34.50 104.35
CA LEU NE 31 -64.29 34.43 103.75
C LEU NE 31 -64.31 35.32 102.51
N ALA NE 32 -64.67 34.75 101.36
CA ALA NE 32 -64.62 35.44 100.09
C ALA NE 32 -66.00 35.46 99.45
N TYR NE 33 -66.40 36.63 98.95
CA TYR NE 33 -67.62 36.80 98.18
C TYR NE 33 -67.21 37.01 96.73
N LYS NE 34 -67.54 36.07 95.86
CA LYS NE 34 -67.15 36.14 94.46
C LYS NE 34 -68.37 36.33 93.58
N ARG NE 35 -68.19 37.08 92.50
CA ARG NE 35 -69.26 37.53 91.64
C ARG NE 35 -68.94 37.18 90.19
N LEU NE 36 -69.97 36.85 89.42
CA LEU NE 36 -69.78 36.57 88.00
C LEU NE 36 -71.10 36.80 87.29
N ALA NE 37 -71.18 37.88 86.51
CA ALA NE 37 -72.43 38.27 85.87
C ALA NE 37 -72.80 37.29 84.76
N PRO NE 38 -74.09 37.14 84.47
CA PRO NE 38 -74.49 36.27 83.36
C PRO NE 38 -74.11 36.86 82.02
N LYS NE 39 -73.68 36.00 81.11
CA LYS NE 39 -73.29 36.43 79.77
C LYS NE 39 -74.33 35.96 78.76
N ARG NE 40 -74.84 36.90 77.97
CA ARG NE 40 -75.80 36.59 76.91
C ARG NE 40 -75.01 36.15 75.69
N THR NE 41 -74.30 35.03 75.86
CA THR NE 41 -73.50 34.46 74.77
C THR NE 41 -74.36 33.86 73.68
N LYS NE 42 -75.67 33.78 73.90
CA LYS NE 42 -76.62 33.25 72.94
C LYS NE 42 -77.96 33.90 73.23
N ASP NE 43 -79.03 33.30 72.69
CA ASP NE 43 -80.38 33.77 72.98
C ASP NE 43 -80.63 33.81 74.48
N SER NE 44 -80.10 32.82 75.20
CA SER NE 44 -80.26 32.76 76.64
C SER NE 44 -79.57 33.96 77.29
N PRO NE 45 -80.12 34.51 78.37
CA PRO NE 45 -79.49 35.67 79.03
C PRO NE 45 -78.26 35.31 79.85
N GLY NE 46 -77.92 34.03 79.96
CA GLY NE 46 -76.75 33.62 80.70
C GLY NE 46 -77.05 33.23 82.12
N MET NE 47 -76.02 32.71 82.79
CA MET NE 47 -76.13 32.22 84.15
C MET NE 47 -75.38 33.15 85.08
N ALA NE 48 -76.07 33.68 86.08
CA ALA NE 48 -75.48 34.58 87.07
C ALA NE 48 -74.80 33.75 88.14
N LYS NE 49 -73.47 33.74 88.12
CA LYS NE 49 -72.69 32.92 89.05
C LYS NE 49 -72.36 33.70 90.31
N SER NE 50 -72.57 33.07 91.45
CA SER NE 50 -72.18 33.59 92.74
C SER NE 50 -71.29 32.58 93.44
N GLU NE 51 -70.60 33.02 94.48
CA GLU NE 51 -69.74 32.11 95.22
C GLU NE 51 -69.45 32.69 96.59
N LEU NE 52 -69.60 31.86 97.62
CA LEU NE 52 -69.28 32.22 99.00
C LEU NE 52 -68.47 31.07 99.60
N LYS NE 53 -67.22 31.32 99.94
CA LYS NE 53 -66.36 30.28 100.43
C LYS NE 53 -65.64 30.72 101.70
N ILE NE 54 -65.39 29.76 102.58
CA ILE NE 54 -64.54 29.95 103.74
C ILE NE 54 -63.36 29.00 103.63
N THR NE 55 -62.16 29.55 103.82
CA THR NE 55 -60.93 28.79 103.70
C THR NE 55 -60.15 28.87 104.99
N ARG NE 56 -59.72 27.72 105.50
CA ARG NE 56 -58.89 27.65 106.69
C ARG NE 56 -57.51 27.15 106.31
N VAL NE 57 -56.48 27.93 106.61
CA VAL NE 57 -55.10 27.59 106.36
C VAL NE 57 -54.29 27.89 107.62
N ASP NE 58 -53.63 26.89 108.16
CA ASP NE 58 -52.94 27.05 109.43
C ASP NE 58 -51.87 28.13 109.37
N PRO NE 59 -51.90 29.12 110.24
CA PRO NE 59 -50.93 30.21 110.16
C PRO NE 59 -49.62 29.88 110.88
N THR NE 60 -49.10 28.68 110.65
CA THR NE 60 -47.79 28.31 111.18
C THR NE 60 -46.89 27.84 110.05
N THR NE 61 -47.46 27.10 109.10
CA THR NE 61 -46.74 26.62 107.92
C THR NE 61 -47.50 26.87 106.63
N GLY NE 62 -48.82 27.10 106.69
CA GLY NE 62 -49.59 27.34 105.50
C GLY NE 62 -50.24 26.11 104.91
N VAL NE 63 -50.76 25.22 105.75
CA VAL NE 63 -51.42 24.01 105.28
C VAL NE 63 -52.92 24.25 105.19
N LEU NE 64 -53.48 23.99 104.02
CA LEU NE 64 -54.93 24.13 103.81
C LEU NE 64 -55.66 23.09 104.63
N ILE NE 65 -56.36 23.52 105.67
CA ILE NE 65 -57.12 22.60 106.49
C ILE NE 65 -58.39 22.14 105.78
N GLY NE 66 -59.14 23.08 105.21
CA GLY NE 66 -60.38 22.72 104.55
C GLY NE 66 -61.00 23.93 103.89
N ILE NE 67 -61.94 23.64 103.01
CA ILE NE 67 -62.72 24.66 102.31
C ILE NE 67 -64.18 24.21 102.27
N VAL NE 68 -65.09 25.11 102.62
CA VAL NE 68 -66.50 24.94 102.34
C VAL NE 68 -66.92 26.09 101.43
N ASN NE 69 -67.49 25.75 100.27
CA ASN NE 69 -67.86 26.74 99.26
C ASN NE 69 -69.34 26.60 98.96
N VAL NE 70 -70.01 27.73 98.80
CA VAL NE 70 -71.40 27.76 98.36
C VAL NE 70 -71.44 28.52 97.05
N SER NE 71 -71.67 27.81 95.96
CA SER NE 71 -71.71 28.40 94.63
C SER NE 71 -73.12 28.33 94.08
N SER NE 72 -73.51 29.37 93.35
CA SER NE 72 -74.80 29.42 92.68
C SER NE 72 -74.59 29.66 91.20
N SER NE 73 -75.42 29.01 90.39
CA SER NE 73 -75.44 29.20 88.94
C SER NE 73 -76.91 29.26 88.56
N ILE NE 74 -77.47 30.46 88.53
CA ILE NE 74 -78.88 30.68 88.30
C ILE NE 74 -79.06 31.44 86.99
N ARG NE 75 -80.07 31.04 86.21
CA ARG NE 75 -80.40 31.76 84.99
C ARG NE 75 -80.63 33.23 85.28
N ALA NE 76 -80.14 34.07 84.37
CA ALA NE 76 -80.35 35.51 84.52
C ALA NE 76 -81.84 35.85 84.53
N ASP NE 77 -82.66 35.09 83.81
CA ASP NE 77 -84.09 35.33 83.76
C ASP NE 77 -84.88 34.64 84.85
N ALA NE 78 -84.22 33.84 85.70
CA ALA NE 78 -84.94 33.08 86.71
C ALA NE 78 -85.63 34.02 87.69
N THR NE 79 -86.85 33.66 88.07
CA THR NE 79 -87.66 34.51 88.92
C THR NE 79 -87.12 34.52 90.35
N ALA NE 80 -87.51 35.56 91.09
CA ALA NE 80 -87.12 35.63 92.49
C ALA NE 80 -87.70 34.49 93.30
N ALA NE 81 -88.83 33.93 92.85
CA ALA NE 81 -89.40 32.76 93.51
C ALA NE 81 -88.47 31.56 93.38
N ASP NE 82 -87.96 31.31 92.17
CA ASP NE 82 -86.96 30.27 91.99
C ASP NE 82 -85.71 30.55 92.80
N LYS NE 83 -85.30 31.81 92.83
CA LYS NE 83 -84.05 32.17 93.50
C LYS NE 83 -84.20 32.12 95.01
N THR NE 84 -85.39 32.40 95.52
CA THR NE 84 -85.63 32.24 96.95
C THR NE 84 -85.80 30.77 97.32
N ALA NE 85 -86.49 30.01 96.47
CA ALA NE 85 -86.70 28.59 96.74
C ALA NE 85 -85.38 27.82 96.77
N LEU NE 86 -84.49 28.12 95.83
CA LEU NE 86 -83.21 27.43 95.78
C LEU NE 86 -82.40 27.68 97.04
N MET NE 87 -82.42 28.92 97.54
CA MET NE 87 -81.69 29.23 98.76
C MET NE 87 -82.38 28.64 99.98
N ALA NE 88 -83.70 28.50 99.93
CA ALA NE 88 -84.43 27.96 101.08
C ALA NE 88 -84.26 26.45 101.19
N ILE NE 89 -84.25 25.74 100.07
CA ILE NE 89 -84.06 24.30 100.10
C ILE NE 89 -82.66 23.95 100.58
N ILE NE 90 -81.65 24.62 100.02
CA ILE NE 90 -80.27 24.29 100.37
C ILE NE 90 -79.96 24.66 101.81
N THR NE 91 -80.54 25.74 102.31
CA THR NE 91 -80.31 26.13 103.71
C THR NE 91 -80.95 25.12 104.66
N ALA NE 92 -82.16 24.66 104.34
CA ALA NE 92 -82.81 23.64 105.15
C ALA NE 92 -82.06 22.32 105.10
N ALA NE 93 -81.53 21.95 103.93
CA ALA NE 93 -80.76 20.72 103.81
C ALA NE 93 -79.48 20.79 104.62
N GLN NE 94 -78.80 21.94 104.61
CA GLN NE 94 -77.62 22.11 105.44
C GLN NE 94 -77.98 22.06 106.92
N ALA NE 95 -79.11 22.66 107.29
CA ALA NE 95 -79.57 22.58 108.67
C ALA NE 95 -79.98 21.17 109.05
N ASP NE 96 -80.36 20.35 108.08
CA ASP NE 96 -80.63 18.95 108.33
C ASP NE 96 -79.33 18.23 108.69
N GLY NE 97 -79.47 17.14 109.44
CA GLY NE 97 -78.31 16.42 109.95
C GLY NE 97 -77.60 15.58 108.91
N ALA NE 98 -78.25 15.31 107.77
CA ALA NE 98 -77.59 14.52 106.73
C ALA NE 98 -76.37 15.24 106.20
N TRP NE 99 -76.42 16.57 106.11
CA TRP NE 99 -75.26 17.33 105.67
C TRP NE 99 -74.13 17.25 106.70
N THR NE 100 -74.47 17.34 107.99
CA THR NE 100 -73.45 17.28 109.02
C THR NE 100 -72.77 15.92 109.08
N GLU NE 101 -73.40 14.90 108.49
CA GLU NE 101 -72.80 13.58 108.39
C GLU NE 101 -72.03 13.38 107.09
N LEU NE 102 -72.50 13.97 106.00
CA LEU NE 102 -71.75 13.94 104.75
C LEU NE 102 -70.38 14.59 104.92
N VAL NE 103 -70.36 15.76 105.52
CA VAL NE 103 -69.14 16.31 106.08
C VAL NE 103 -68.88 15.58 107.40
N THR NE 104 -67.61 15.46 107.78
CA THR NE 104 -67.14 14.88 109.03
C THR NE 104 -67.28 13.36 109.10
N ASP NE 105 -68.04 12.75 108.18
CA ASP NE 105 -68.07 11.29 108.14
C ASP NE 105 -68.10 10.69 106.74
N GLN NE 106 -68.38 11.46 105.70
CA GLN NE 106 -68.62 10.93 104.37
C GLN NE 106 -69.76 9.90 104.39
N ARG NE 107 -70.78 10.20 105.18
CA ARG NE 107 -71.92 9.31 105.36
C ARG NE 107 -73.07 9.78 104.48
N LEU NE 108 -73.49 8.95 103.57
CA LEU NE 108 -74.59 9.29 102.69
C LEU NE 108 -75.92 8.99 103.36
N PRO NE 109 -76.98 9.68 102.97
CA PRO NE 109 -78.31 9.39 103.53
C PRO NE 109 -78.89 8.11 102.97
N LEU NE 110 -78.25 6.97 103.23
CA LEU NE 110 -78.80 5.68 102.86
C LEU NE 110 -78.65 4.62 103.95
N ALA NE 111 -78.03 4.95 105.08
CA ALA NE 111 -77.93 4.02 106.18
C ALA NE 111 -79.32 3.75 106.76
N THR NE 112 -79.56 2.51 107.18
CA THR NE 112 -80.84 2.11 107.73
C THR NE 112 -81.00 2.42 109.21
N VAL NE 113 -79.95 2.92 109.85
CA VAL NE 113 -79.95 3.26 111.28
C VAL NE 113 -80.25 2.03 112.14
N SER OE 1 76.79 15.13 107.94
CA SER OE 1 76.52 16.25 108.81
C SER OE 1 77.69 17.23 108.82
N LYS OE 2 78.84 16.76 109.29
CA LYS OE 2 80.06 17.56 109.37
C LYS OE 2 81.23 16.70 108.92
N VAL OE 3 82.44 17.13 109.25
CA VAL OE 3 83.68 16.56 108.70
C VAL OE 3 83.69 15.04 108.76
N PHE OE 4 83.85 14.42 107.59
CA PHE OE 4 83.97 12.98 107.43
C PHE OE 4 85.15 12.70 106.53
N ASN OE 5 86.02 11.78 106.96
CA ASN OE 5 87.20 11.40 106.18
C ASN OE 5 88.00 12.64 105.82
N THR OE 6 88.27 13.47 106.84
CA THR OE 6 89.04 14.70 106.75
C THR OE 6 88.47 15.71 105.77
N GLN OE 7 87.19 15.60 105.39
CA GLN OE 7 86.56 16.56 104.50
C GLN OE 7 85.34 17.18 105.17
N THR OE 8 85.21 18.49 105.03
CA THR OE 8 84.13 19.24 105.66
C THR OE 8 82.94 19.30 104.72
N PHE OE 9 81.86 18.64 105.11
CA PHE OE 9 80.63 18.62 104.32
C PHE OE 9 79.68 19.65 104.89
N ASP OE 10 79.33 20.63 104.08
CA ASP OE 10 78.46 21.72 104.47
C ASP OE 10 77.14 21.62 103.73
N ILE OE 11 76.09 22.18 104.34
CA ILE OE 11 74.75 22.09 103.79
C ILE OE 11 74.72 22.82 102.46
N TYR OE 12 74.28 22.12 101.42
CA TYR OE 12 74.04 22.76 100.14
C TYR OE 12 72.57 22.98 99.84
N SER OE 13 71.72 22.02 100.15
CA SER OE 13 70.33 22.09 99.75
C SER OE 13 69.48 21.34 100.77
N THR OE 14 68.28 21.86 100.98
CA THR OE 14 67.35 21.25 101.93
C THR OE 14 65.98 21.18 101.28
N GLU OE 15 65.45 19.97 101.17
CA GLU OE 15 64.13 19.74 100.64
C GLU OE 15 63.20 19.33 101.79
N LYS OE 16 61.98 18.97 101.43
CA LYS OE 16 61.06 18.43 102.43
C LYS OE 16 61.61 17.14 103.02
N ASP OE 17 62.25 16.30 102.20
CA ASP OE 17 62.67 14.98 102.64
C ASP OE 17 64.10 14.65 102.25
N VAL OE 18 64.85 15.58 101.67
CA VAL OE 18 66.25 15.37 101.32
C VAL OE 18 67.09 16.50 101.88
N VAL OE 19 68.26 16.15 102.38
CA VAL OE 19 69.30 17.11 102.73
C VAL OE 19 70.55 16.73 101.95
N SER OE 20 71.14 17.69 101.25
CA SER OE 20 72.35 17.46 100.48
C SER OE 20 73.49 18.29 101.03
N LEU OE 21 74.67 17.68 101.17
CA LEU OE 21 75.87 18.34 101.64
C LEU OE 21 76.97 18.18 100.61
N ARG OE 22 77.79 19.22 100.48
CA ARG OE 22 78.95 19.20 99.59
C ARG OE 22 80.20 19.56 100.37
N ASP OE 23 81.35 19.13 99.84
CA ASP OE 23 82.62 19.47 100.45
C ASP OE 23 82.93 20.96 100.30
N PHE OE 24 82.73 21.49 99.10
CA PHE OE 24 83.01 22.89 98.76
C PHE OE 24 84.51 23.14 98.76
N ALA OE 25 85.30 22.14 99.14
CA ALA OE 25 86.75 22.20 99.08
C ALA OE 25 87.31 21.50 97.85
N ASN OE 26 86.98 20.22 97.68
CA ASN OE 26 87.32 19.52 96.45
C ASN OE 26 86.22 19.61 95.40
N ASP OE 27 85.02 20.06 95.78
CA ASP OE 27 83.91 20.28 94.87
C ASP OE 27 83.59 19.02 94.06
N LYS OE 28 83.79 17.85 94.64
CA LYS OE 28 83.53 16.61 93.94
C LYS OE 28 82.64 15.65 94.69
N ASP OE 29 82.41 15.87 95.99
CA ASP OE 29 81.62 14.95 96.81
C ASP OE 29 80.33 15.60 97.25
N THR OE 30 79.24 14.87 97.11
CA THR OE 30 77.94 15.28 97.62
C THR OE 30 77.38 14.17 98.49
N LEU OE 31 77.01 14.52 99.72
CA LEU OE 31 76.43 13.58 100.68
C LEU OE 31 74.96 13.92 100.85
N ALA OE 32 74.10 12.93 100.63
CA ALA OE 32 72.65 13.12 100.67
C ALA OE 32 72.03 12.26 101.74
N TYR OE 33 71.15 12.85 102.54
CA TYR OE 33 70.35 12.15 103.53
C TYR OE 33 68.91 12.22 103.05
N LYS OE 34 68.27 11.06 102.90
CA LYS OE 34 66.97 10.98 102.27
C LYS OE 34 66.00 10.27 103.21
N ARG OE 35 64.73 10.66 103.13
CA ARG OE 35 63.74 10.30 104.14
C ARG OE 35 62.41 9.97 103.50
N LEU OE 36 61.92 8.75 103.71
CA LEU OE 36 60.55 8.39 103.33
C LEU OE 36 59.86 7.75 104.52
N ALA OE 37 58.89 8.44 105.10
CA ALA OE 37 58.16 7.93 106.24
C ALA OE 37 57.31 6.71 105.83
N PRO OE 38 57.04 5.79 106.76
CA PRO OE 38 56.23 4.62 106.43
C PRO OE 38 54.81 5.00 106.10
N LYS OE 39 54.21 4.26 105.16
CA LYS OE 39 52.84 4.51 104.74
C LYS OE 39 51.99 3.29 105.01
N ARG OE 40 50.90 3.48 105.75
CA ARG OE 40 50.02 2.38 106.15
C ARG OE 40 49.11 2.05 104.98
N THR OE 41 49.62 1.18 104.10
CA THR OE 41 48.85 0.76 102.93
C THR OE 41 47.93 -0.42 103.23
N LYS OE 42 48.11 -1.07 104.37
CA LYS OE 42 47.36 -2.27 104.70
C LYS OE 42 47.39 -2.42 106.21
N ASP OE 43 47.09 -3.63 106.69
CA ASP OE 43 47.24 -3.96 108.10
C ASP OE 43 48.68 -3.72 108.55
N SER OE 44 49.63 -3.83 107.63
CA SER OE 44 51.00 -3.45 107.92
C SER OE 44 51.10 -1.94 108.06
N PRO OE 45 51.89 -1.43 109.00
CA PRO OE 45 52.04 0.03 109.14
C PRO OE 45 52.96 0.66 108.11
N GLY OE 46 53.49 -0.11 107.17
CA GLY OE 46 54.43 0.41 106.20
C GLY OE 46 55.87 0.28 106.64
N MET OE 47 56.77 0.55 105.69
CA MET OE 47 58.20 0.50 105.93
C MET OE 47 58.79 1.90 105.83
N ALA OE 48 59.57 2.27 106.84
CA ALA OE 48 60.23 3.57 106.85
C ALA OE 48 61.53 3.48 106.05
N LYS OE 49 61.62 4.30 105.01
CA LYS OE 49 62.78 4.28 104.12
C LYS OE 49 63.81 5.30 104.58
N SER OE 50 65.07 4.96 104.40
CA SER OE 50 66.17 5.89 104.55
C SER OE 50 67.16 5.65 103.44
N GLU OE 51 67.99 6.67 103.17
CA GLU OE 51 69.02 6.54 102.16
C GLU OE 51 70.14 7.51 102.48
N LEU OE 52 71.36 7.00 102.56
CA LEU OE 52 72.54 7.82 102.82
C LEU OE 52 73.54 7.52 101.71
N LYS OE 53 73.69 8.43 100.76
CA LYS OE 53 74.53 8.17 99.61
C LYS OE 53 75.62 9.23 99.46
N ILE OE 54 76.81 8.77 99.09
CA ILE OE 54 77.93 9.62 98.77
C ILE OE 54 78.23 9.47 97.29
N THR OE 55 78.24 10.60 96.58
CA THR OE 55 78.50 10.64 95.15
C THR OE 55 79.76 11.44 94.87
N ARG OE 56 80.63 10.91 94.03
CA ARG OE 56 81.86 11.59 93.63
C ARG OE 56 81.83 11.83 92.14
N VAL OE 57 81.90 13.11 91.76
CA VAL OE 57 81.94 13.52 90.37
C VAL OE 57 83.15 14.42 90.19
N ASP OE 58 84.03 14.07 89.26
CA ASP OE 58 85.20 14.93 89.08
C ASP OE 58 84.77 16.27 88.51
N PRO OE 59 85.25 17.39 89.06
CA PRO OE 59 84.74 18.69 88.63
C PRO OE 59 85.48 19.29 87.46
N THR OE 60 85.76 18.49 86.42
CA THR OE 60 86.38 19.04 85.23
C THR OE 60 85.51 18.76 84.01
N THR OE 61 84.97 17.55 83.93
CA THR OE 61 84.02 17.18 82.91
C THR OE 61 82.68 16.74 83.49
N GLY OE 62 82.58 16.62 84.81
CA GLY OE 62 81.33 16.22 85.42
C GLY OE 62 80.99 14.76 85.31
N VAL OE 63 81.99 13.90 85.11
CA VAL OE 63 81.75 12.47 84.98
C VAL OE 63 81.56 11.87 86.36
N LEU OE 64 80.61 10.96 86.48
CA LEU OE 64 80.36 10.29 87.76
C LEU OE 64 81.45 9.26 88.00
N ILE OE 65 82.16 9.40 89.11
CA ILE OE 65 83.22 8.44 89.42
C ILE OE 65 82.65 7.23 90.15
N GLY OE 66 81.85 7.46 91.19
CA GLY OE 66 81.29 6.35 91.92
C GLY OE 66 80.28 6.82 92.94
N ILE OE 67 79.36 5.92 93.27
CA ILE OE 67 78.34 6.15 94.28
C ILE OE 67 78.35 5.00 95.27
N VAL OE 68 78.36 5.31 96.56
CA VAL OE 68 78.13 4.34 97.61
C VAL OE 68 76.88 4.76 98.34
N ASN OE 69 75.89 3.87 98.40
CA ASN OE 69 74.58 4.18 98.97
C ASN OE 69 74.28 3.22 100.12
N VAL OE 70 73.83 3.77 101.23
CA VAL OE 70 73.38 2.99 102.39
C VAL OE 70 71.90 3.29 102.58
N SER OE 71 71.06 2.33 102.20
CA SER OE 71 69.62 2.49 102.30
C SER OE 71 69.04 1.46 103.25
N SER OE 72 68.09 1.89 104.08
CA SER OE 72 67.41 1.02 105.01
C SER OE 72 65.92 1.02 104.71
N SER OE 73 65.27 -0.11 104.99
CA SER OE 73 63.83 -0.28 104.81
C SER OE 73 63.35 -1.12 105.99
N ILE OE 74 62.74 -0.47 106.97
CA ILE OE 74 62.40 -1.11 108.24
C ILE OE 74 60.94 -0.87 108.56
N ARG OE 75 60.28 -1.90 109.08
CA ARG OE 75 58.87 -1.82 109.46
C ARG OE 75 58.64 -0.69 110.44
N ALA OE 76 57.51 0.00 110.27
CA ALA OE 76 57.15 1.07 111.19
C ALA OE 76 57.00 0.55 112.61
N ASP OE 77 56.47 -0.66 112.77
CA ASP OE 77 56.29 -1.26 114.08
C ASP OE 77 57.54 -1.93 114.62
N ALA OE 78 58.61 -1.97 113.85
CA ALA OE 78 59.80 -2.71 114.25
C ALA OE 78 60.44 -2.09 115.47
N THR OE 79 61.03 -2.95 116.30
CA THR OE 79 61.61 -2.50 117.55
C THR OE 79 62.92 -1.75 117.32
N ALA OE 80 63.32 -0.94 118.30
CA ALA OE 80 64.64 -0.34 118.27
C ALA OE 80 65.73 -1.41 118.34
N ALA OE 81 65.45 -2.53 119.02
CA ALA OE 81 66.40 -3.64 119.06
C ALA OE 81 66.59 -4.24 117.67
N ASP OE 82 65.52 -4.36 116.90
CA ASP OE 82 65.66 -4.80 115.51
C ASP OE 82 66.49 -3.79 114.72
N LYS OE 83 66.25 -2.50 114.95
CA LYS OE 83 66.97 -1.47 114.23
C LYS OE 83 68.43 -1.38 114.68
N THR OE 84 68.68 -1.55 115.98
CA THR OE 84 70.05 -1.54 116.45
C THR OE 84 70.83 -2.73 115.93
N ALA OE 85 70.20 -3.91 115.90
CA ALA OE 85 70.86 -5.09 115.39
C ALA OE 85 71.18 -4.97 113.90
N LEU OE 86 70.23 -4.44 113.12
CA LEU OE 86 70.46 -4.29 111.69
C LEU OE 86 71.63 -3.35 111.42
N MET OE 87 71.71 -2.24 112.16
CA MET OE 87 72.80 -1.30 111.96
C MET OE 87 74.13 -1.91 112.40
N ALA OE 88 74.14 -2.63 113.53
CA ALA OE 88 75.38 -3.21 114.03
C ALA OE 88 75.91 -4.30 113.10
N ILE OE 89 75.01 -5.10 112.53
CA ILE OE 89 75.46 -6.19 111.66
C ILE OE 89 76.05 -5.64 110.37
N ILE OE 90 75.35 -4.69 109.75
CA ILE OE 90 75.84 -4.14 108.48
C ILE OE 90 77.12 -3.34 108.69
N THR OE 91 77.28 -2.73 109.86
CA THR OE 91 78.50 -1.98 110.15
C THR OE 91 79.69 -2.92 110.35
N ALA OE 92 79.47 -4.03 111.05
CA ALA OE 92 80.55 -5.01 111.23
C ALA OE 92 80.97 -5.62 109.91
N ALA OE 93 79.99 -5.89 109.03
CA ALA OE 93 80.31 -6.46 107.73
C ALA OE 93 81.07 -5.48 106.86
N GLN OE 94 80.74 -4.18 106.97
CA GLN OE 94 81.50 -3.17 106.24
C GLN OE 94 82.92 -3.06 106.76
N ALA OE 95 83.10 -3.15 108.07
CA ALA OE 95 84.43 -3.11 108.65
C ALA OE 95 85.25 -4.34 108.29
N ASP OE 96 84.59 -5.45 107.97
CA ASP OE 96 85.30 -6.64 107.53
C ASP OE 96 85.93 -6.40 106.16
N GLY OE 97 87.02 -7.12 105.90
CA GLY OE 97 87.73 -6.97 104.65
C GLY OE 97 87.01 -7.60 103.47
N ALA OE 98 86.02 -8.44 103.72
CA ALA OE 98 85.25 -9.03 102.64
C ALA OE 98 84.51 -7.95 101.85
N TRP OE 99 83.94 -6.97 102.54
CA TRP OE 99 83.30 -5.86 101.86
C TRP OE 99 84.30 -5.01 101.11
N THR OE 100 85.47 -4.77 101.71
CA THR OE 100 86.51 -3.99 101.05
C THR OE 100 87.00 -4.67 99.78
N GLU OE 101 86.82 -5.98 99.68
CA GLU OE 101 87.16 -6.71 98.46
C GLU OE 101 85.98 -6.84 97.51
N LEU OE 102 84.76 -6.92 98.04
CA LEU OE 102 83.58 -6.87 97.19
C LEU OE 102 83.57 -5.58 96.38
N VAL OE 103 83.88 -4.47 97.03
CA VAL OE 103 84.16 -3.24 96.31
C VAL OE 103 85.63 -3.25 95.94
N THR OE 104 85.96 -2.58 94.82
CA THR OE 104 87.30 -2.46 94.25
C THR OE 104 87.84 -3.70 93.57
N ASP OE 105 87.26 -4.87 93.82
CA ASP OE 105 87.74 -6.11 93.24
C ASP OE 105 86.65 -7.01 92.67
N GLN OE 106 85.38 -6.76 92.99
CA GLN OE 106 84.27 -7.64 92.62
C GLN OE 106 84.56 -9.07 93.07
N ARG OE 107 84.99 -9.19 94.31
CA ARG OE 107 85.40 -10.46 94.90
C ARG OE 107 84.38 -10.90 95.94
N LEU OE 108 83.85 -12.11 95.79
CA LEU OE 108 82.93 -12.68 96.76
C LEU OE 108 83.70 -13.31 97.92
N PRO OE 109 83.07 -13.41 99.10
CA PRO OE 109 83.80 -13.95 100.25
C PRO OE 109 83.83 -15.47 100.28
N LEU OE 110 84.21 -16.08 99.17
CA LEU OE 110 84.24 -17.53 99.06
C LEU OE 110 85.60 -18.12 98.73
N ALA OE 111 86.62 -17.29 98.54
CA ALA OE 111 87.96 -17.81 98.30
C ALA OE 111 88.42 -18.63 99.50
N THR OE 112 89.25 -19.63 99.24
CA THR OE 112 89.83 -20.46 100.29
C THR OE 112 91.10 -19.86 100.88
N VAL OE 113 91.56 -18.73 100.36
CA VAL OE 113 92.74 -18.02 100.86
C VAL OE 113 94.02 -18.83 100.70
N SER PE 1 81.28 -12.25 106.01
CA SER PE 1 81.89 -13.57 105.93
C SER PE 1 81.61 -14.40 107.19
N LYS PE 2 82.11 -13.93 108.33
CA LYS PE 2 82.04 -14.68 109.57
C LYS PE 2 81.42 -13.79 110.64
N VAL PE 3 81.63 -14.15 111.90
CA VAL PE 3 80.93 -13.56 113.05
C VAL PE 3 80.88 -12.05 112.99
N PHE PE 4 79.66 -11.50 112.95
CA PHE PE 4 79.40 -10.08 112.97
C PHE PE 4 78.38 -9.80 114.05
N ASN PE 5 78.60 -8.74 114.83
CA ASN PE 5 77.70 -8.36 115.93
C ASN PE 5 77.49 -9.53 116.88
N THR PE 6 78.58 -10.26 117.17
CA THR PE 6 78.63 -11.45 118.00
C THR PE 6 77.82 -12.62 117.45
N GLN PE 7 77.24 -12.48 116.26
CA GLN PE 7 76.46 -13.54 115.65
C GLN PE 7 77.26 -14.23 114.55
N THR PE 8 77.26 -15.55 114.55
CA THR PE 8 77.98 -16.34 113.57
C THR PE 8 77.12 -16.49 112.32
N PHE PE 9 77.64 -16.05 111.18
CA PHE PE 9 76.93 -16.14 109.91
C PHE PE 9 77.60 -17.23 109.08
N ASP PE 10 76.91 -18.35 108.91
CA ASP PE 10 77.41 -19.46 108.11
C ASP PE 10 76.72 -19.48 106.77
N ILE PE 11 77.39 -20.03 105.76
CA ILE PE 11 76.94 -19.88 104.39
C ILE PE 11 75.59 -20.56 104.22
N TYR PE 12 74.62 -19.81 103.70
CA TYR PE 12 73.28 -20.32 103.46
C TYR PE 12 73.05 -20.75 102.02
N SER PE 13 73.60 -20.03 101.06
CA SER PE 13 73.48 -20.38 99.65
C SER PE 13 74.60 -19.68 98.89
N THR PE 14 74.91 -20.20 97.72
CA THR PE 14 75.91 -19.59 96.85
C THR PE 14 75.35 -19.49 95.45
N GLU PE 15 75.70 -18.42 94.76
CA GLU PE 15 75.30 -18.18 93.39
C GLU PE 15 76.50 -17.73 92.58
N LYS PE 16 76.30 -17.53 91.28
CA LYS PE 16 77.35 -16.98 90.44
C LYS PE 16 77.81 -15.62 90.95
N ASP PE 17 76.88 -14.82 91.49
CA ASP PE 17 77.20 -13.47 91.90
C ASP PE 17 76.68 -13.12 93.30
N VAL PE 18 76.03 -14.04 93.99
CA VAL PE 18 75.51 -13.79 95.32
C VAL PE 18 76.01 -14.87 96.26
N VAL PE 19 76.46 -14.46 97.44
CA VAL PE 19 76.77 -15.36 98.54
C VAL PE 19 75.93 -14.93 99.73
N SER PE 20 75.15 -15.86 100.28
CA SER PE 20 74.26 -15.59 101.39
C SER PE 20 74.77 -16.30 102.63
N LEU PE 21 74.70 -15.63 103.76
CA LEU PE 21 75.06 -16.23 105.04
C LEU PE 21 73.86 -16.14 105.97
N ARG PE 22 73.74 -17.12 106.84
CA ARG PE 22 72.66 -17.14 107.82
C ARG PE 22 73.26 -17.31 109.20
N ASP PE 23 72.57 -16.75 110.20
CA ASP PE 23 72.96 -16.98 111.58
C ASP PE 23 72.74 -18.44 111.97
N PHE PE 24 71.57 -18.99 111.66
CA PHE PE 24 71.17 -20.36 111.97
C PHE PE 24 70.98 -20.56 113.46
N ALA PE 25 71.30 -19.53 114.26
CA ALA PE 25 71.02 -19.54 115.69
C ALA PE 25 69.69 -18.89 116.01
N ASN PE 26 69.54 -17.61 115.66
CA ASN PE 26 68.24 -16.97 115.74
C ASN PE 26 67.40 -17.18 114.48
N ASP PE 27 67.99 -17.75 113.44
CA ASP PE 27 67.28 -18.17 112.23
C ASP PE 27 66.55 -17.00 111.57
N LYS PE 28 67.05 -15.79 111.76
CA LYS PE 28 66.30 -14.61 111.33
C LYS PE 28 67.10 -13.65 110.46
N ASP PE 29 68.42 -13.75 110.43
CA ASP PE 29 69.27 -12.78 109.75
C ASP PE 29 69.98 -13.43 108.57
N THR PE 30 69.92 -12.78 107.41
CA THR PE 30 70.62 -13.24 106.22
C THR PE 30 71.48 -12.11 105.68
N LEU PE 31 72.76 -12.40 105.50
CA LEU PE 31 73.73 -11.47 104.96
C LEU PE 31 74.08 -11.89 103.54
N ALA PE 32 73.86 -10.99 102.58
CA ALA PE 32 74.11 -11.28 101.18
C ALA PE 32 75.24 -10.41 100.66
N TYR PE 33 76.13 -11.00 99.87
CA TYR PE 33 77.17 -10.29 99.13
C TYR PE 33 76.87 -10.48 97.65
N LYS PE 34 76.65 -9.37 96.95
CA LYS PE 34 76.19 -9.46 95.58
C LYS PE 34 77.15 -8.70 94.68
N ARG PE 35 77.29 -9.18 93.45
CA ARG PE 35 78.35 -8.74 92.54
C ARG PE 35 77.80 -8.50 91.15
N LEU PE 36 78.11 -7.35 90.57
CA LEU PE 36 77.81 -7.10 89.16
C LEU PE 36 79.04 -6.47 88.53
N ALA PE 37 79.81 -7.28 87.80
CA ALA PE 37 81.01 -6.77 87.15
C ALA PE 37 80.64 -5.73 86.08
N PRO PE 38 81.53 -4.78 85.80
CA PRO PE 38 81.23 -3.76 84.79
C PRO PE 38 81.13 -4.34 83.39
N LYS PE 39 80.28 -3.73 82.57
CA LYS PE 39 80.12 -4.11 81.18
C LYS PE 39 80.40 -2.87 80.32
N ARG PE 40 81.20 -3.05 79.27
CA ARG PE 40 81.65 -1.93 78.42
C ARG PE 40 80.67 -1.75 77.28
N THR PE 41 79.49 -1.21 77.62
CA THR PE 41 78.47 -0.98 76.61
C THR PE 41 78.83 0.16 75.67
N LYS PE 42 79.83 0.95 76.02
CA LYS PE 42 80.30 2.05 75.19
C LYS PE 42 81.80 2.21 75.43
N ASP PE 43 82.33 3.37 75.04
CA ASP PE 43 83.73 3.69 75.30
C ASP PE 43 84.01 3.63 76.79
N SER PE 44 82.99 3.82 77.60
CA SER PE 44 83.15 3.69 79.04
C SER PE 44 83.52 2.25 79.39
N PRO PE 45 84.31 2.04 80.44
CA PRO PE 45 84.55 0.67 80.91
C PRO PE 45 83.39 0.10 81.71
N GLY PE 46 82.30 0.84 81.85
CA GLY PE 46 81.15 0.39 82.62
C GLY PE 46 81.30 0.70 84.09
N MET PE 47 80.24 0.41 84.83
CA MET PE 47 80.21 0.57 86.27
C MET PE 47 80.29 -0.79 86.95
N ALA PE 48 81.22 -0.94 87.89
CA ALA PE 48 81.29 -2.12 88.73
C ALA PE 48 80.30 -1.95 89.88
N LYS PE 49 79.32 -2.85 89.95
CA LYS PE 49 78.33 -2.80 91.01
C LYS PE 49 78.66 -3.82 92.10
N SER PE 50 78.44 -3.44 93.34
CA SER PE 50 78.46 -4.37 94.46
C SER PE 50 77.24 -4.12 95.34
N GLU PE 51 76.94 -5.08 96.20
CA GLU PE 51 75.79 -4.95 97.08
C GLU PE 51 76.04 -5.78 98.34
N LEU PE 52 75.91 -5.15 99.50
CA LEU PE 52 76.04 -5.84 100.78
C LEU PE 52 74.78 -5.54 101.59
N LYS PE 53 73.93 -6.54 101.74
CA LYS PE 53 72.63 -6.34 102.36
C LYS PE 53 72.44 -7.30 103.53
N ILE PE 54 71.75 -6.80 104.55
CA ILE PE 54 71.36 -7.59 105.71
C ILE PE 54 69.85 -7.57 105.80
N THR PE 55 69.26 -8.73 105.98
CA THR PE 55 67.81 -8.88 106.06
C THR PE 55 67.44 -9.55 107.36
N ARG PE 56 66.44 -9.02 108.04
CA ARG PE 56 65.88 -9.64 109.23
C ARG PE 56 64.42 -9.97 108.97
N VAL PE 57 64.08 -11.25 109.05
CA VAL PE 57 62.71 -11.70 109.01
C VAL PE 57 62.48 -12.54 110.27
N ASP PE 58 61.33 -12.35 110.88
CA ASP PE 58 61.03 -13.17 112.05
C ASP PE 58 60.63 -14.56 111.58
N PRO PE 59 61.31 -15.61 112.02
CA PRO PE 59 61.11 -16.92 111.38
C PRO PE 59 59.98 -17.75 111.96
N THR PE 60 58.84 -17.13 112.26
CA THR PE 60 57.65 -17.92 112.56
C THR PE 60 56.52 -17.53 111.63
N THR PE 61 56.27 -16.23 111.49
CA THR PE 61 55.30 -15.72 110.53
C THR PE 61 55.95 -15.22 109.25
N GLY PE 62 57.28 -15.11 109.22
CA GLY PE 62 57.98 -14.75 108.01
C GLY PE 62 57.65 -13.40 107.44
N VAL PE 63 57.46 -12.39 108.28
CA VAL PE 63 57.27 -11.02 107.80
C VAL PE 63 58.62 -10.31 107.89
N LEU PE 64 58.86 -9.41 106.94
CA LEU PE 64 60.13 -8.70 106.87
C LEU PE 64 60.19 -7.69 108.00
N ILE PE 65 61.20 -7.82 108.87
CA ILE PE 65 61.40 -6.80 109.89
C ILE PE 65 62.11 -5.58 109.31
N GLY PE 66 63.19 -5.80 108.56
CA GLY PE 66 63.91 -4.68 107.98
C GLY PE 66 65.08 -5.14 107.13
N ILE PE 67 65.51 -4.23 106.26
CA ILE PE 67 66.66 -4.45 105.39
C ILE PE 67 67.55 -3.22 105.45
N VAL PE 68 68.86 -3.44 105.55
CA VAL PE 68 69.86 -2.39 105.38
C VAL PE 68 70.78 -2.81 104.25
N ASN PE 69 70.92 -1.94 103.26
CA ASN PE 69 71.59 -2.25 102.02
C ASN PE 69 72.74 -1.28 101.78
N VAL PE 70 73.92 -1.82 101.48
CA VAL PE 70 75.08 -1.02 101.12
C VAL PE 70 75.41 -1.34 99.67
N SER PE 71 75.15 -0.39 98.78
CA SER PE 71 75.34 -0.59 97.35
C SER PE 71 76.46 0.29 96.84
N SER PE 72 77.21 -0.23 95.89
CA SER PE 72 78.30 0.50 95.24
C SER PE 72 78.08 0.51 93.74
N SER PE 73 78.31 1.67 93.14
CA SER PE 73 78.30 1.83 91.69
C SER PE 73 79.50 2.70 91.35
N ILE PE 74 80.64 2.05 91.10
CA ILE PE 74 81.89 2.75 90.86
C ILE PE 74 82.34 2.46 89.43
N ARG PE 75 82.84 3.49 88.76
CA ARG PE 75 83.39 3.33 87.43
C ARG PE 75 84.51 2.29 87.45
N ALA PE 76 84.51 1.42 86.43
CA ALA PE 76 85.53 0.38 86.35
C ALA PE 76 86.92 0.99 86.27
N ASP PE 77 87.05 2.13 85.61
CA ASP PE 77 88.33 2.81 85.49
C ASP PE 77 88.72 3.59 86.75
N ALA PE 78 87.79 3.74 87.69
CA ALA PE 78 88.03 4.64 88.82
C ALA PE 78 89.17 4.13 89.69
N THR PE 79 90.05 5.03 90.08
CA THR PE 79 91.21 4.69 90.86
C THR PE 79 90.81 4.25 92.26
N ALA PE 80 91.71 3.52 92.91
CA ALA PE 80 91.46 3.11 94.29
C ALA PE 80 91.36 4.31 95.22
N ALA PE 81 91.99 5.42 94.86
CA ALA PE 81 91.89 6.63 95.68
C ALA PE 81 90.45 7.12 95.75
N ASP PE 82 89.78 7.23 94.60
CA ASP PE 82 88.36 7.54 94.62
C ASP PE 82 87.58 6.42 95.28
N LYS PE 83 87.99 5.18 95.03
CA LYS PE 83 87.31 4.02 95.59
C LYS PE 83 87.46 3.95 97.11
N THR PE 84 88.65 4.27 97.62
CA THR PE 84 88.85 4.24 99.06
C THR PE 84 88.22 5.45 99.74
N ALA PE 85 88.24 6.61 99.09
CA ALA PE 85 87.60 7.79 99.68
C ALA PE 85 86.09 7.62 99.74
N LEU PE 86 85.52 6.94 98.75
CA LEU PE 86 84.09 6.68 98.75
C LEU PE 86 83.70 5.82 99.94
N MET PE 87 84.54 4.85 100.30
CA MET PE 87 84.25 4.03 101.46
C MET PE 87 84.51 4.79 102.76
N ALA PE 88 85.58 5.59 102.78
CA ALA PE 88 85.93 6.31 104.00
C ALA PE 88 84.85 7.31 104.37
N ILE PE 89 84.30 8.02 103.38
CA ILE PE 89 83.27 9.00 103.68
C ILE PE 89 82.01 8.32 104.20
N ILE PE 90 81.57 7.26 103.51
CA ILE PE 90 80.29 6.65 103.86
C ILE PE 90 80.38 5.93 105.20
N THR PE 91 81.52 5.32 105.50
CA THR PE 91 81.70 4.70 106.81
C THR PE 91 81.76 5.75 107.90
N ALA PE 92 82.42 6.88 107.64
CA ALA PE 92 82.45 7.98 108.59
C ALA PE 92 81.04 8.53 108.80
N ALA PE 93 80.27 8.65 107.73
CA ALA PE 93 78.90 9.14 107.85
C ALA PE 93 78.03 8.18 108.65
N GLN PE 94 78.21 6.87 108.44
CA GLN PE 94 77.43 5.89 109.20
C GLN PE 94 77.78 5.93 110.68
N ALA PE 95 79.06 6.03 111.01
CA ALA PE 95 79.47 6.12 112.41
C ALA PE 95 78.94 7.37 113.08
N ASP PE 96 78.71 8.43 112.33
CA ASP PE 96 78.18 9.67 112.88
C ASP PE 96 76.72 9.50 113.25
N GLY PE 97 76.27 10.30 114.22
CA GLY PE 97 74.95 10.15 114.78
C GLY PE 97 73.81 10.47 113.84
N ALA PE 98 74.05 11.27 112.81
CA ALA PE 98 72.98 11.65 111.90
C ALA PE 98 72.41 10.42 111.18
N TRP PE 99 73.27 9.47 110.81
CA TRP PE 99 72.76 8.25 110.19
C TRP PE 99 71.96 7.42 111.18
N THR PE 100 72.38 7.39 112.44
CA THR PE 100 71.62 6.64 113.44
C THR PE 100 70.21 7.17 113.57
N GLU PE 101 70.03 8.50 113.63
CA GLU PE 101 68.71 9.10 113.73
C GLU PE 101 67.92 9.06 112.43
N LEU PE 102 68.58 9.07 111.28
CA LEU PE 102 67.87 8.92 110.02
C LEU PE 102 67.10 7.61 110.00
N VAL PE 103 67.72 6.55 110.49
CA VAL PE 103 67.00 5.34 110.86
C VAL PE 103 66.41 5.53 112.26
N THR PE 104 65.33 4.80 112.56
CA THR PE 104 64.67 4.80 113.87
C THR PE 104 63.93 6.09 114.16
N ASP PE 105 64.16 7.14 113.38
CA ASP PE 105 63.48 8.41 113.63
C ASP PE 105 63.02 9.10 112.36
N GLN PE 106 63.54 8.75 111.19
CA GLN PE 106 63.34 9.52 109.97
C GLN PE 106 63.70 10.98 110.18
N ARG PE 107 64.82 11.21 110.87
CA ARG PE 107 65.27 12.55 111.22
C ARG PE 107 66.37 12.98 110.28
N LEU PE 108 66.11 14.03 109.51
CA LEU PE 108 67.11 14.58 108.61
C LEU PE 108 68.11 15.44 109.38
N PRO PE 109 69.35 15.53 108.90
CA PRO PE 109 70.33 16.38 109.58
C PRO PE 109 70.08 17.86 109.32
N LEU PE 110 69.02 18.38 109.93
CA LEU PE 110 68.72 19.80 109.87
C LEU PE 110 68.23 20.37 111.19
N ALA PE 111 68.26 19.59 112.27
CA ALA PE 111 67.80 20.08 113.56
C ALA PE 111 68.77 21.11 114.12
N THR PE 112 68.23 22.14 114.78
CA THR PE 112 69.04 23.20 115.36
C THR PE 112 69.51 22.88 116.78
N VAL PE 113 69.09 21.75 117.33
CA VAL PE 113 69.45 21.33 118.69
C VAL PE 113 68.99 22.34 119.72
N SER QE 1 107.27 -35.80 70.30
CA SER QE 1 108.27 -36.24 69.34
C SER QE 1 108.63 -37.71 69.53
N LYS QE 2 108.97 -38.08 70.76
CA LYS QE 2 109.45 -39.42 71.06
C LYS QE 2 108.79 -39.90 72.35
N VAL QE 3 109.38 -40.94 72.94
CA VAL QE 3 108.75 -41.78 73.96
C VAL QE 3 108.05 -40.96 75.03
N PHE QE 4 106.74 -41.20 75.18
CA PHE QE 4 105.91 -40.55 76.19
C PHE QE 4 105.16 -41.64 76.94
N ASN QE 5 105.16 -41.55 78.26
CA ASN QE 5 104.47 -42.53 79.10
C ASN QE 5 104.97 -43.95 78.80
N THR QE 6 106.28 -44.05 78.57
CA THR QE 6 106.99 -45.28 78.22
C THR QE 6 106.53 -45.88 76.90
N GLN QE 7 105.67 -45.21 76.14
CA GLN QE 7 105.27 -45.68 74.82
C GLN QE 7 106.04 -44.90 73.77
N THR QE 8 106.50 -45.62 72.75
CA THR QE 8 107.27 -45.02 71.66
C THR QE 8 106.31 -44.49 70.62
N PHE QE 9 106.44 -43.22 70.26
CA PHE QE 9 105.62 -42.60 69.22
C PHE QE 9 106.52 -42.31 68.03
N ASP QE 10 106.20 -42.94 66.91
CA ASP QE 10 106.91 -42.70 65.66
C ASP QE 10 106.07 -41.83 64.75
N ILE QE 11 106.74 -41.07 63.89
CA ILE QE 11 106.02 -40.20 62.97
C ILE QE 11 105.17 -41.04 62.04
N TYR QE 12 103.88 -40.76 62.00
CA TYR QE 12 102.96 -41.44 61.09
C TYR QE 12 102.64 -40.64 59.85
N SER QE 13 102.54 -39.33 59.98
CA SER QE 13 102.13 -38.48 58.87
C SER QE 13 102.75 -37.11 59.04
N THR QE 14 103.12 -36.50 57.92
CA THR QE 14 103.67 -35.16 57.92
C THR QE 14 102.88 -34.33 56.93
N GLU QE 15 102.32 -33.23 57.41
CA GLU QE 15 101.53 -32.32 56.61
C GLU QE 15 102.12 -30.92 56.66
N LYS QE 16 101.45 -30.00 55.97
CA LYS QE 16 101.88 -28.61 55.94
C LYS QE 16 101.87 -28.01 57.34
N ASP QE 17 100.75 -28.14 58.04
CA ASP QE 17 100.61 -27.59 59.38
C ASP QE 17 100.26 -28.65 60.42
N VAL QE 18 100.39 -29.93 60.07
CA VAL QE 18 100.09 -31.02 61.00
C VAL QE 18 101.21 -32.04 60.96
N VAL QE 19 101.59 -32.53 62.13
CA VAL QE 19 102.49 -33.67 62.26
C VAL QE 19 101.81 -34.66 63.20
N SER QE 20 101.75 -35.92 62.79
CA SER QE 20 101.04 -36.95 63.52
C SER QE 20 101.98 -38.09 63.89
N LEU QE 21 101.91 -38.53 65.14
CA LEU QE 21 102.71 -39.63 65.63
C LEU QE 21 101.80 -40.77 66.10
N ARG QE 22 102.19 -41.99 65.77
CA ARG QE 22 101.45 -43.17 66.18
C ARG QE 22 102.35 -44.05 67.03
N ASP QE 23 101.74 -44.71 68.01
CA ASP QE 23 102.50 -45.63 68.86
C ASP QE 23 103.05 -46.80 68.05
N PHE QE 24 102.22 -47.38 67.17
CA PHE QE 24 102.59 -48.50 66.30
C PHE QE 24 102.83 -49.78 67.08
N ALA QE 25 102.80 -49.69 68.40
CA ALA QE 25 102.89 -50.86 69.27
C ALA QE 25 101.51 -51.30 69.75
N ASN QE 26 100.78 -50.40 70.42
CA ASN QE 26 99.39 -50.67 70.76
C ASN QE 26 98.44 -50.35 69.63
N ASP QE 27 98.89 -49.59 68.63
CA ASP QE 27 98.09 -49.25 67.46
C ASP QE 27 96.76 -48.58 67.83
N LYS QE 28 96.75 -47.83 68.93
CA LYS QE 28 95.54 -47.17 69.37
C LYS QE 28 95.74 -45.72 69.76
N ASP QE 29 96.97 -45.25 69.91
CA ASP QE 29 97.26 -43.88 70.34
C ASP QE 29 97.84 -43.08 69.19
N THR QE 30 97.27 -41.90 68.96
CA THR QE 30 97.77 -40.98 67.95
C THR QE 30 98.00 -39.62 68.59
N LEU QE 31 99.19 -39.07 68.40
CA LEU QE 31 99.56 -37.74 68.88
C LEU QE 31 99.75 -36.82 67.68
N ALA QE 32 99.02 -35.70 67.67
CA ALA QE 32 99.03 -34.78 66.55
C ALA QE 32 99.49 -33.40 67.03
N TYR QE 33 100.38 -32.79 66.25
CA TYR QE 33 100.80 -31.40 66.44
C TYR QE 33 100.20 -30.59 65.31
N LYS QE 34 99.27 -29.69 65.64
CA LYS QE 34 98.59 -28.88 64.66
C LYS QE 34 99.00 -27.42 64.79
N ARG QE 35 99.08 -26.74 63.65
CA ARG QE 35 99.61 -25.39 63.56
C ARG QE 35 98.60 -24.52 62.83
N LEU QE 36 98.54 -23.25 63.20
CA LEU QE 36 97.65 -22.29 62.55
C LEU QE 36 98.19 -20.89 62.78
N ALA QE 37 98.70 -20.27 61.72
CA ALA QE 37 99.37 -18.99 61.86
C ALA QE 37 98.38 -17.87 62.22
N PRO QE 38 98.83 -16.84 62.92
CA PRO QE 38 97.95 -15.70 63.21
C PRO QE 38 97.62 -14.93 61.93
N LYS QE 39 96.36 -14.55 61.81
CA LYS QE 39 95.86 -13.91 60.60
C LYS QE 39 95.53 -12.44 60.90
N ARG QE 40 96.18 -11.54 60.15
CA ARG QE 40 96.05 -10.10 60.34
C ARG QE 40 94.84 -9.61 59.56
N THR QE 41 93.65 -10.05 59.97
CA THR QE 41 92.43 -9.61 59.33
C THR QE 41 92.10 -8.16 59.63
N LYS QE 42 92.83 -7.54 60.55
CA LYS QE 42 92.56 -6.17 60.97
C LYS QE 42 93.87 -5.59 61.49
N ASP QE 43 93.77 -4.47 62.22
CA ASP QE 43 94.91 -3.85 62.86
C ASP QE 43 95.69 -4.85 63.71
N SER QE 44 94.96 -5.69 64.45
CA SER QE 44 95.60 -6.67 65.31
C SER QE 44 96.37 -7.68 64.48
N PRO QE 45 97.54 -8.14 64.94
CA PRO QE 45 98.32 -9.10 64.15
C PRO QE 45 97.70 -10.49 64.08
N GLY QE 46 96.60 -10.74 64.76
CA GLY QE 46 95.94 -12.03 64.73
C GLY QE 46 96.33 -12.93 65.88
N MET QE 47 95.67 -14.08 65.92
CA MET QE 47 95.83 -15.05 67.01
C MET QE 47 96.53 -16.29 66.48
N ALA QE 48 97.66 -16.63 67.07
CA ALA QE 48 98.45 -17.78 66.65
C ALA QE 48 97.92 -19.03 67.34
N LYS QE 49 97.29 -19.91 66.57
CA LYS QE 49 96.65 -21.10 67.12
C LYS QE 49 97.61 -22.28 67.10
N SER QE 50 97.67 -22.99 68.22
CA SER QE 50 98.41 -24.23 68.32
C SER QE 50 97.46 -25.33 68.79
N GLU QE 51 97.93 -26.58 68.69
CA GLU QE 51 97.11 -27.71 69.09
C GLU QE 51 97.99 -28.91 69.33
N LEU QE 52 97.81 -29.57 70.47
CA LEU QE 52 98.48 -30.82 70.81
C LEU QE 52 97.44 -31.75 71.38
N LYS QE 53 97.11 -32.81 70.65
CA LYS QE 53 96.06 -33.72 71.07
C LYS QE 53 96.51 -35.17 70.96
N ILE QE 54 96.00 -35.99 71.88
CA ILE QE 54 96.24 -37.42 71.89
C ILE QE 54 94.89 -38.11 71.73
N THR QE 55 94.80 -39.03 70.79
CA THR QE 55 93.56 -39.73 70.49
C THR QE 55 93.76 -41.23 70.70
N ARG QE 56 92.86 -41.84 71.46
CA ARG QE 56 92.86 -43.28 71.65
C ARG QE 56 91.62 -43.85 70.98
N VAL QE 57 91.85 -44.80 70.07
CA VAL QE 57 90.78 -45.47 69.36
C VAL QE 57 91.00 -46.97 69.50
N ASP QE 58 89.96 -47.67 69.91
CA ASP QE 58 90.13 -49.10 70.17
C ASP QE 58 90.43 -49.85 68.88
N PRO QE 59 91.59 -50.49 68.76
CA PRO QE 59 92.02 -51.01 67.47
C PRO QE 59 91.52 -52.41 67.13
N THR QE 60 90.25 -52.70 67.36
CA THR QE 60 89.66 -53.93 66.80
C THR QE 60 88.34 -53.60 66.11
N THR QE 61 87.60 -52.63 66.65
CA THR QE 61 86.38 -52.15 66.01
C THR QE 61 86.43 -50.66 65.67
N GLY QE 62 87.43 -49.93 66.17
CA GLY QE 62 87.57 -48.54 65.82
C GLY QE 62 86.71 -47.57 66.58
N VAL QE 63 86.43 -47.83 67.85
CA VAL QE 63 85.63 -46.94 68.67
C VAL QE 63 86.55 -45.98 69.41
N LEU QE 64 86.24 -44.69 69.31
CA LEU QE 64 87.01 -43.64 69.97
C LEU QE 64 86.89 -43.78 71.47
N ILE QE 65 87.98 -44.17 72.14
CA ILE QE 65 87.97 -44.26 73.59
C ILE QE 65 87.95 -42.88 74.23
N GLY QE 66 88.79 -41.98 73.77
CA GLY QE 66 88.87 -40.67 74.38
C GLY QE 66 89.87 -39.79 73.68
N ILE QE 67 89.76 -38.49 73.94
CA ILE QE 67 90.65 -37.47 73.40
C ILE QE 67 91.00 -36.49 74.50
N VAL QE 68 92.28 -36.19 74.64
CA VAL QE 68 92.74 -35.05 75.43
C VAL QE 68 93.49 -34.12 74.50
N ASN QE 69 93.05 -32.87 74.44
CA ASN QE 69 93.58 -31.88 73.50
C ASN QE 69 94.08 -30.68 74.28
N VAL QE 70 95.24 -30.16 73.90
CA VAL QE 70 95.76 -28.92 74.44
C VAL QE 70 95.82 -27.92 73.30
N SER QE 71 94.95 -26.93 73.33
CA SER QE 71 94.88 -25.91 72.29
C SER QE 71 95.33 -24.57 72.87
N SER QE 72 96.06 -23.81 72.07
CA SER QE 72 96.49 -22.47 72.43
C SER QE 72 96.01 -21.48 71.39
N SER QE 73 95.53 -20.33 71.86
CA SER QE 73 95.13 -19.23 70.99
C SER QE 73 95.74 -17.98 71.62
N ILE QE 74 96.93 -17.62 71.17
CA ILE QE 74 97.70 -16.52 71.75
C ILE QE 74 97.86 -15.43 70.70
N ARG QE 75 97.73 -14.18 71.12
CA ARG QE 75 97.93 -13.04 70.25
C ARG QE 75 99.30 -13.12 69.59
N ALA QE 76 99.35 -12.75 68.30
CA ALA QE 76 100.61 -12.76 67.59
C ALA QE 76 101.64 -11.84 68.22
N ASP QE 77 101.18 -10.75 68.85
CA ASP QE 77 102.08 -9.80 69.48
C ASP QE 77 102.36 -10.10 70.94
N ALA QE 78 101.76 -11.15 71.51
CA ALA QE 78 101.94 -11.42 72.92
C ALA QE 78 103.39 -11.74 73.24
N THR QE 79 103.85 -11.21 74.37
CA THR QE 79 105.23 -11.34 74.76
C THR QE 79 105.55 -12.78 75.16
N ALA QE 80 106.84 -13.13 75.06
CA ALA QE 80 107.27 -14.45 75.50
C ALA QE 80 107.02 -14.65 76.99
N ALA QE 81 106.96 -13.56 77.76
CA ALA QE 81 106.60 -13.67 79.16
C ALA QE 81 105.16 -14.11 79.34
N ASP QE 82 104.24 -13.52 78.58
CA ASP QE 82 102.86 -13.98 78.61
C ASP QE 82 102.76 -15.42 78.14
N LYS QE 83 103.53 -15.75 77.10
CA LYS QE 83 103.44 -17.08 76.51
C LYS QE 83 104.08 -18.13 77.42
N THR QE 84 105.09 -17.74 78.19
CA THR QE 84 105.64 -18.65 79.19
C THR QE 84 104.71 -18.78 80.38
N ALA QE 85 104.12 -17.66 80.82
CA ALA QE 85 103.21 -17.68 81.96
C ALA QE 85 102.00 -18.54 81.67
N LEU QE 86 101.44 -18.45 80.47
CA LEU QE 86 100.27 -19.22 80.12
C LEU QE 86 100.56 -20.71 80.17
N MET QE 87 101.73 -21.12 79.68
CA MET QE 87 102.09 -22.53 79.71
C MET QE 87 102.46 -22.99 81.11
N ALA QE 88 103.04 -22.10 81.91
CA ALA QE 88 103.43 -22.47 83.26
C ALA QE 88 102.21 -22.67 84.17
N ILE QE 89 101.21 -21.79 84.05
CA ILE QE 89 100.02 -21.92 84.87
C ILE QE 89 99.25 -23.18 84.52
N ILE QE 90 99.04 -23.41 83.22
CA ILE QE 90 98.25 -24.56 82.80
C ILE QE 90 98.96 -25.86 83.13
N THR QE 91 100.30 -25.90 83.02
CA THR QE 91 101.03 -27.10 83.36
C THR QE 91 100.95 -27.38 84.86
N ALA QE 92 101.04 -26.34 85.68
CA ALA QE 92 100.91 -26.51 87.12
C ALA QE 92 99.50 -26.95 87.51
N ALA QE 93 98.48 -26.39 86.85
CA ALA QE 93 97.10 -26.79 87.13
C ALA QE 93 96.87 -28.25 86.78
N GLN QE 94 97.42 -28.70 85.65
CA GLN QE 94 97.32 -30.11 85.29
C GLN QE 94 98.04 -30.99 86.30
N ALA QE 95 99.21 -30.57 86.76
CA ALA QE 95 99.92 -31.32 87.78
C ALA QE 95 99.19 -31.31 89.11
N ASP QE 96 98.37 -30.30 89.35
CA ASP QE 96 97.52 -30.27 90.53
C ASP QE 96 96.43 -31.33 90.41
N GLY QE 97 95.97 -31.82 91.56
CA GLY QE 97 95.04 -32.94 91.58
C GLY QE 97 93.63 -32.59 91.15
N ALA QE 98 93.27 -31.31 91.14
CA ALA QE 98 91.93 -30.92 90.74
C ALA QE 98 91.65 -31.32 89.29
N TRP QE 99 92.67 -31.26 88.43
CA TRP QE 99 92.49 -31.70 87.06
C TRP QE 99 92.31 -33.22 86.99
N THR QE 100 93.08 -33.96 87.78
CA THR QE 100 92.95 -35.41 87.81
C THR QE 100 91.57 -35.85 88.28
N GLU QE 101 90.86 -34.98 88.97
CA GLU QE 101 89.50 -35.26 89.42
C GLU QE 101 88.45 -34.76 88.44
N LEU QE 102 88.71 -33.63 87.78
CA LEU QE 102 87.81 -33.16 86.73
C LEU QE 102 87.70 -34.17 85.61
N VAL QE 103 88.83 -34.69 85.18
CA VAL QE 103 88.86 -35.89 84.37
C VAL QE 103 88.71 -37.08 85.29
N THR QE 104 88.07 -38.15 84.80
CA THR QE 104 87.89 -39.40 85.52
C THR QE 104 86.90 -39.35 86.68
N ASP QE 105 86.43 -38.16 87.06
CA ASP QE 105 85.32 -38.09 88.00
C ASP QE 105 84.31 -36.99 87.68
N GLN QE 106 84.63 -36.03 86.84
CA GLN QE 106 83.80 -34.85 86.62
C GLN QE 106 83.54 -34.11 87.94
N ARG QE 107 84.60 -34.00 88.73
CA ARG QE 107 84.53 -33.37 90.05
C ARG QE 107 85.12 -31.98 89.96
N LEU QE 108 84.34 -31.01 90.27
CA LEU QE 108 84.76 -29.62 90.23
C LEU QE 108 85.47 -29.23 91.51
N PRO QE 109 86.37 -28.25 91.44
CA PRO QE 109 87.04 -27.78 92.66
C PRO QE 109 86.13 -26.93 93.53
N LEU QE 110 85.06 -27.53 94.04
CA LEU QE 110 84.18 -26.86 94.99
C LEU QE 110 83.77 -27.73 96.17
N ALA QE 111 84.12 -29.01 96.16
CA ALA QE 111 83.77 -29.89 97.28
C ALA QE 111 84.47 -29.46 98.55
N THR QE 112 83.79 -29.60 99.68
CA THR QE 112 84.32 -29.20 100.97
C THR QE 112 85.21 -30.25 101.61
N VAL QE 113 85.32 -31.44 101.00
CA VAL QE 113 86.13 -32.54 101.52
C VAL QE 113 85.67 -32.98 102.90
N SER RE 1 -74.64 95.03 56.31
CA SER RE 1 -75.80 94.65 57.09
C SER RE 1 -77.09 95.08 56.41
N LYS RE 2 -77.30 96.38 56.31
CA LYS RE 2 -78.50 96.95 55.71
C LYS RE 2 -78.09 98.12 54.82
N VAL RE 3 -79.05 98.97 54.47
CA VAL RE 3 -78.88 99.99 53.43
C VAL RE 3 -77.60 100.79 53.61
N PHE RE 4 -76.77 100.76 52.57
CA PHE RE 4 -75.52 101.51 52.50
C PHE RE 4 -75.47 102.21 51.16
N ASN RE 5 -75.11 103.49 51.17
CA ASN RE 5 -75.01 104.29 49.94
C ASN RE 5 -76.33 104.22 49.18
N THR RE 6 -77.43 104.36 49.92
CA THR RE 6 -78.80 104.33 49.41
C THR RE 6 -79.16 103.02 48.74
N GLN RE 7 -78.38 101.96 48.91
CA GLN RE 7 -78.69 100.65 48.38
C GLN RE 7 -78.95 99.67 49.52
N THR RE 8 -79.99 98.86 49.36
CA THR RE 8 -80.42 97.93 50.40
C THR RE 8 -79.76 96.59 50.18
N PHE RE 9 -78.99 96.14 51.16
CA PHE RE 9 -78.25 94.88 51.08
C PHE RE 9 -78.93 93.86 51.98
N ASP RE 10 -79.47 92.81 51.36
CA ASP RE 10 -80.11 91.71 52.08
C ASP RE 10 -79.25 90.47 51.99
N ILE RE 11 -79.39 89.60 53.00
CA ILE RE 11 -78.57 88.39 53.05
C ILE RE 11 -78.92 87.50 51.87
N TYR RE 12 -77.89 87.09 51.14
CA TYR RE 12 -78.07 86.09 50.10
C TYR RE 12 -77.56 84.72 50.51
N SER RE 13 -76.50 84.67 51.31
CA SER RE 13 -75.90 83.40 51.68
C SER RE 13 -75.19 83.55 53.01
N THR RE 14 -75.17 82.46 53.78
CA THR RE 14 -74.51 82.43 55.07
C THR RE 14 -73.73 81.14 55.19
N GLU RE 15 -72.44 81.25 55.44
CA GLU RE 15 -71.58 80.10 55.65
C GLU RE 15 -71.19 80.01 57.12
N LYS RE 16 -70.29 79.09 57.42
CA LYS RE 16 -69.75 79.02 58.78
C LYS RE 16 -69.04 80.31 59.13
N ASP RE 17 -68.30 80.88 58.18
CA ASP RE 17 -67.48 82.05 58.46
C ASP RE 17 -67.66 83.17 57.43
N VAL RE 18 -68.59 83.04 56.50
CA VAL RE 18 -68.89 84.10 55.54
C VAL RE 18 -70.37 84.39 55.56
N VAL RE 19 -70.71 85.68 55.57
CA VAL RE 19 -72.07 86.15 55.29
C VAL RE 19 -71.99 87.00 54.04
N SER RE 20 -72.83 86.70 53.06
CA SER RE 20 -72.87 87.43 51.80
C SER RE 20 -74.19 88.17 51.68
N LEU RE 21 -74.12 89.43 51.25
CA LEU RE 21 -75.30 90.25 51.05
C LEU RE 21 -75.29 90.82 49.63
N ARG RE 22 -76.48 90.89 49.03
CA ARG RE 22 -76.65 91.42 47.70
C ARG RE 22 -77.66 92.54 47.72
N ASP RE 23 -77.60 93.39 46.69
CA ASP RE 23 -78.56 94.49 46.58
C ASP RE 23 -79.93 93.97 46.17
N PHE RE 24 -79.99 93.08 45.18
CA PHE RE 24 -81.22 92.50 44.67
C PHE RE 24 -82.06 93.55 43.94
N ALA RE 25 -81.61 94.80 43.94
CA ALA RE 25 -82.24 95.87 43.20
C ALA RE 25 -81.52 96.17 41.90
N ASN RE 26 -80.23 96.51 41.98
CA ASN RE 26 -79.42 96.62 40.78
C ASN RE 26 -78.70 95.33 40.44
N ASP RE 27 -78.73 94.35 41.34
CA ASP RE 27 -78.19 93.01 41.09
C ASP RE 27 -76.74 93.04 40.63
N LYS RE 28 -75.97 94.00 41.12
CA LYS RE 28 -74.59 94.14 40.70
C LYS RE 28 -73.60 94.21 41.86
N ASP RE 29 -74.06 94.41 43.09
CA ASP RE 29 -73.18 94.56 44.24
C ASP RE 29 -73.36 93.39 45.20
N THR RE 30 -72.25 92.86 45.68
CA THR RE 30 -72.25 91.85 46.73
C THR RE 30 -71.32 92.30 47.85
N LEU RE 31 -71.83 92.30 49.07
CA LEU RE 31 -71.07 92.67 50.25
C LEU RE 31 -70.85 91.41 51.08
N ALA RE 32 -69.59 91.12 51.40
CA ALA RE 32 -69.23 89.91 52.11
C ALA RE 32 -68.52 90.24 53.41
N TYR RE 33 -68.92 89.57 54.48
CA TYR RE 33 -68.27 89.66 55.79
C TYR RE 33 -67.64 88.30 56.07
N LYS RE 34 -66.35 88.29 56.36
CA LYS RE 34 -65.59 87.06 56.41
C LYS RE 34 -64.82 87.00 57.72
N ARG RE 35 -64.61 85.79 58.22
CA ARG RE 35 -64.20 85.57 59.60
C ARG RE 35 -63.19 84.44 59.69
N LEU RE 36 -61.99 84.75 60.20
CA LEU RE 36 -60.99 83.74 60.55
C LEU RE 36 -60.51 83.98 61.97
N ALA RE 37 -60.93 83.13 62.90
CA ALA RE 37 -60.52 83.24 64.29
C ALA RE 37 -59.01 82.99 64.43
N PRO RE 38 -58.37 83.58 65.43
CA PRO RE 38 -56.93 83.37 65.60
C PRO RE 38 -56.62 81.93 65.97
N LYS RE 39 -55.48 81.44 65.52
CA LYS RE 39 -55.05 80.09 65.80
C LYS RE 39 -53.75 80.12 66.60
N ARG RE 40 -53.80 79.62 67.82
CA ARG RE 40 -52.63 79.59 68.71
C ARG RE 40 -51.73 78.47 68.20
N THR RE 41 -50.98 78.79 67.16
CA THR RE 41 -50.09 77.80 66.55
C THR RE 41 -48.68 77.88 67.13
N LYS RE 42 -48.45 78.79 68.06
CA LYS RE 42 -47.17 78.93 68.71
C LYS RE 42 -47.41 79.59 70.06
N ASP RE 43 -46.35 80.12 70.67
CA ASP RE 43 -46.49 80.91 71.89
C ASP RE 43 -47.40 82.10 71.64
N SER RE 44 -47.43 82.58 70.40
CA SER RE 44 -48.39 83.62 70.04
C SER RE 44 -49.80 83.03 70.01
N PRO RE 45 -50.82 83.81 70.39
CA PRO RE 45 -52.20 83.29 70.33
C PRO RE 45 -52.80 83.30 68.94
N GLY RE 46 -52.05 83.72 67.92
CA GLY RE 46 -52.59 83.84 66.57
C GLY RE 46 -53.19 85.21 66.31
N MET RE 47 -53.48 85.45 65.04
CA MET RE 47 -54.05 86.70 64.58
C MET RE 47 -55.47 86.48 64.07
N ALA RE 48 -56.42 87.27 64.56
CA ALA RE 48 -57.80 87.17 64.15
C ALA RE 48 -57.98 87.94 62.83
N LYS RE 49 -58.25 87.20 61.76
CA LYS RE 49 -58.51 87.80 60.45
C LYS RE 49 -59.96 88.21 60.32
N SER RE 50 -60.17 89.34 59.67
CA SER RE 50 -61.48 89.77 59.21
C SER RE 50 -61.37 90.23 57.76
N GLU RE 51 -62.50 90.30 57.08
CA GLU RE 51 -62.52 90.78 55.71
C GLU RE 51 -63.89 91.35 55.40
N LEU RE 52 -63.93 92.54 54.84
CA LEU RE 52 -65.17 93.19 54.43
C LEU RE 52 -64.96 93.72 53.02
N LYS RE 53 -65.54 93.05 52.03
CA LYS RE 53 -65.29 93.41 50.64
C LYS RE 53 -66.59 93.68 49.92
N ILE RE 54 -66.55 94.66 49.02
CA ILE RE 54 -67.64 94.98 48.12
C ILE RE 54 -67.18 94.71 46.69
N THR RE 55 -67.94 93.88 45.99
CA THR RE 55 -67.65 93.53 44.61
C THR RE 55 -68.78 94.02 43.72
N ARG RE 56 -68.42 94.68 42.63
CA ARG RE 56 -69.39 95.16 41.65
C ARG RE 56 -69.15 94.43 40.33
N VAL RE 57 -70.15 93.70 39.88
CA VAL RE 57 -70.13 92.98 38.62
C VAL RE 57 -71.33 93.43 37.79
N ASP RE 58 -71.08 93.84 36.56
CA ASP RE 58 -72.22 94.28 35.75
C ASP RE 58 -73.14 93.11 35.41
N PRO RE 59 -74.44 93.25 35.56
CA PRO RE 59 -75.33 92.10 35.37
C PRO RE 59 -75.81 91.93 33.94
N THR RE 60 -74.91 92.04 32.97
CA THR RE 60 -75.29 91.80 31.58
C THR RE 60 -74.34 90.80 30.93
N THR RE 61 -73.05 90.91 31.27
CA THR RE 61 -72.06 89.95 30.83
C THR RE 61 -71.29 89.33 31.97
N GLY RE 62 -71.46 89.83 33.20
CA GLY RE 62 -70.76 89.28 34.34
C GLY RE 62 -69.32 89.72 34.47
N VAL RE 63 -68.95 90.88 33.93
CA VAL RE 63 -67.59 91.38 34.03
C VAL RE 63 -67.42 92.02 35.40
N LEU RE 64 -66.29 91.75 36.03
CA LEU RE 64 -66.00 92.32 37.34
C LEU RE 64 -65.55 93.75 37.18
N ILE RE 65 -66.40 94.70 37.58
CA ILE RE 65 -66.04 96.10 37.46
C ILE RE 65 -64.95 96.47 38.45
N GLY RE 66 -65.08 96.06 39.71
CA GLY RE 66 -64.08 96.41 40.70
C GLY RE 66 -64.42 95.85 42.06
N ILE RE 67 -63.39 95.74 42.89
CA ILE RE 67 -63.50 95.25 44.25
C ILE RE 67 -62.79 96.22 45.18
N VAL RE 68 -63.43 96.53 46.29
CA VAL RE 68 -62.80 97.23 47.41
C VAL RE 68 -62.92 96.33 48.63
N ASN RE 69 -61.78 96.01 49.24
CA ASN RE 69 -61.73 95.06 50.35
C ASN RE 69 -61.08 95.72 51.56
N VAL RE 70 -61.69 95.54 52.72
CA VAL RE 70 -61.14 96.01 53.98
C VAL RE 70 -60.78 94.78 54.80
N SER RE 71 -59.49 94.54 54.97
CA SER RE 71 -59.01 93.37 55.70
C SER RE 71 -58.30 93.80 56.98
N SER RE 72 -58.57 93.07 58.05
CA SER RE 72 -57.92 93.30 59.33
C SER RE 72 -57.25 92.01 59.78
N SER RE 73 -56.09 92.15 60.41
CA SER RE 73 -55.33 91.03 60.96
C SER RE 73 -54.71 91.52 62.26
N ILE RE 74 -55.31 91.13 63.38
CA ILE RE 74 -54.96 91.69 64.68
C ILE RE 74 -54.68 90.55 65.66
N ARG RE 75 -53.67 90.73 66.49
CA ARG RE 75 -53.30 89.76 67.51
C ARG RE 75 -54.49 89.45 68.42
N ALA RE 76 -54.62 88.18 68.78
CA ALA RE 76 -55.68 87.77 69.68
C ALA RE 76 -55.56 88.46 71.04
N ASP RE 77 -54.34 88.66 71.51
CA ASP RE 77 -54.10 89.31 72.79
C ASP RE 77 -54.20 90.82 72.72
N ALA RE 78 -54.32 91.39 71.53
CA ALA RE 78 -54.28 92.83 71.37
C ALA RE 78 -55.47 93.48 72.06
N THR RE 79 -55.24 94.67 72.59
CA THR RE 79 -56.24 95.37 73.38
C THR RE 79 -57.30 96.00 72.49
N ALA RE 80 -58.41 96.37 73.13
CA ALA RE 80 -59.46 97.10 72.41
C ALA RE 80 -58.97 98.47 71.98
N ALA RE 81 -58.14 99.12 72.80
CA ALA RE 81 -57.57 100.41 72.42
C ALA RE 81 -56.68 100.28 71.19
N ASP RE 82 -55.89 99.20 71.13
CA ASP RE 82 -55.13 98.94 69.92
C ASP RE 82 -56.05 98.74 68.74
N LYS RE 83 -57.16 98.03 68.94
CA LYS RE 83 -58.09 97.75 67.86
C LYS RE 83 -58.93 98.99 67.53
N THR RE 84 -59.24 99.81 68.53
CA THR RE 84 -59.93 101.06 68.26
C THR RE 84 -59.03 102.02 67.46
N ALA RE 85 -57.75 102.08 67.80
CA ALA RE 85 -56.84 102.97 67.11
C ALA RE 85 -56.67 102.58 65.65
N LEU RE 86 -56.56 101.29 65.37
CA LEU RE 86 -56.34 100.86 63.99
C LEU RE 86 -57.52 101.24 63.10
N MET RE 87 -58.75 101.04 63.58
CA MET RE 87 -59.90 101.41 62.77
C MET RE 87 -60.06 102.92 62.67
N ALA RE 88 -59.79 103.64 63.76
CA ALA RE 88 -59.88 105.09 63.72
C ALA RE 88 -58.89 105.70 62.75
N ILE RE 89 -57.66 105.16 62.69
CA ILE RE 89 -56.66 105.70 61.78
C ILE RE 89 -57.03 105.42 60.33
N ILE RE 90 -57.39 104.16 60.04
CA ILE RE 90 -57.69 103.79 58.66
C ILE RE 90 -58.97 104.48 58.18
N THR RE 91 -59.89 104.78 59.10
CA THR RE 91 -61.10 105.49 58.71
C THR RE 91 -60.80 106.95 58.39
N ALA RE 92 -59.95 107.60 59.19
CA ALA RE 92 -59.57 108.98 58.91
C ALA RE 92 -58.80 109.09 57.60
N ALA RE 93 -57.93 108.12 57.32
CA ALA RE 93 -57.18 108.12 56.08
C ALA RE 93 -58.10 107.93 54.88
N GLN RE 94 -59.11 107.07 55.02
CA GLN RE 94 -60.08 106.88 53.94
C GLN RE 94 -60.88 108.15 53.69
N ALA RE 95 -61.26 108.84 54.76
CA ALA RE 95 -61.96 110.11 54.61
C ALA RE 95 -61.10 111.18 53.98
N ASP RE 96 -59.77 111.07 54.12
CA ASP RE 96 -58.87 112.02 53.50
C ASP RE 96 -58.91 111.86 51.98
N GLY RE 97 -58.65 112.97 51.28
CA GLY RE 97 -58.71 112.95 49.83
C GLY RE 97 -57.55 112.24 49.17
N ALA RE 98 -56.48 111.98 49.91
CA ALA RE 98 -55.37 111.22 49.34
C ALA RE 98 -55.81 109.83 48.94
N TRP RE 99 -56.60 109.17 49.79
CA TRP RE 99 -57.11 107.85 49.43
C TRP RE 99 -58.07 107.94 48.25
N THR RE 100 -58.89 108.99 48.21
CA THR RE 100 -59.80 109.17 47.08
C THR RE 100 -59.05 109.36 45.77
N GLU RE 101 -57.81 109.83 45.84
CA GLU RE 101 -56.96 109.95 44.67
C GLU RE 101 -56.11 108.71 44.44
N LEU RE 102 -55.71 108.02 45.50
CA LEU RE 102 -55.04 106.73 45.33
C LEU RE 102 -55.93 105.78 44.54
N VAL RE 103 -57.21 105.75 44.86
CA VAL RE 103 -58.18 105.11 43.99
C VAL RE 103 -58.59 106.14 42.93
N THR RE 104 -58.97 105.65 41.75
CA THR RE 104 -59.44 106.43 40.61
C THR RE 104 -58.36 107.20 39.86
N ASP RE 105 -57.18 107.36 40.46
CA ASP RE 105 -56.10 108.10 39.79
C ASP RE 105 -54.75 107.40 39.84
N GLN RE 106 -54.56 106.42 40.73
CA GLN RE 106 -53.24 105.85 40.98
C GLN RE 106 -52.24 106.94 41.35
N ARG RE 107 -52.67 107.82 42.25
CA ARG RE 107 -51.91 108.99 42.66
C ARG RE 107 -51.45 108.80 44.11
N LEU RE 108 -50.14 108.90 44.32
CA LEU RE 108 -49.57 108.84 45.65
C LEU RE 108 -49.69 110.20 46.35
N PRO RE 109 -49.69 110.22 47.68
CA PRO RE 109 -49.87 111.50 48.39
C PRO RE 109 -48.58 112.31 48.49
N LEU RE 110 -47.85 112.43 47.41
CA LEU RE 110 -46.59 113.15 47.40
C LEU RE 110 -46.58 114.35 46.47
N ALA RE 111 -47.69 114.68 45.84
CA ALA RE 111 -47.77 115.87 45.01
C ALA RE 111 -47.47 117.11 45.85
N THR RE 112 -46.79 118.08 45.24
CA THR RE 112 -46.54 119.36 45.88
C THR RE 112 -47.65 120.37 45.65
N VAL RE 113 -48.69 120.00 44.89
CA VAL RE 113 -49.83 120.86 44.60
C VAL RE 113 -49.40 122.12 43.87
N SER SE 1 -51.96 111.00 54.53
CA SER SE 1 -51.05 112.12 54.31
C SER SE 1 -50.62 112.77 55.63
N LYS SE 2 -51.58 113.35 56.35
CA LYS SE 2 -51.30 114.14 57.54
C LYS SE 2 -52.13 113.60 58.69
N VAL SE 3 -52.29 114.42 59.73
CA VAL SE 3 -52.86 114.01 61.01
C VAL SE 3 -54.14 113.20 60.85
N PHE SE 4 -54.11 111.97 61.37
CA PHE SE 4 -55.25 111.07 61.38
C PHE SE 4 -55.40 110.54 62.79
N ASN SE 5 -56.63 110.55 63.31
CA ASN SE 5 -56.90 110.10 64.67
C ASN SE 5 -56.04 110.87 65.67
N THR SE 6 -55.93 112.18 65.47
CA THR SE 6 -55.15 113.12 66.26
C THR SE 6 -53.66 112.84 66.24
N GLN SE 7 -53.21 111.86 65.46
CA GLN SE 7 -51.80 111.51 65.37
C GLN SE 7 -51.21 112.04 64.08
N THR SE 8 -50.07 112.71 64.18
CA THR SE 8 -49.39 113.31 63.04
C THR SE 8 -48.51 112.24 62.38
N PHE SE 9 -48.78 111.95 61.12
CA PHE SE 9 -48.04 110.95 60.36
C PHE SE 9 -47.10 111.66 59.41
N ASP SE 10 -45.82 111.63 59.72
CA ASP SE 10 -44.80 112.26 58.90
C ASP SE 10 -44.12 111.21 58.03
N ILE SE 11 -43.63 111.64 56.88
CA ILE SE 11 -43.18 110.70 55.86
C ILE SE 11 -42.00 109.90 56.38
N TYR SE 12 -42.11 108.57 56.28
CA TYR SE 12 -41.08 107.67 56.74
C TYR SE 12 -40.23 107.11 55.61
N SER SE 13 -40.83 106.83 54.46
CA SER SE 13 -40.11 106.28 53.33
C SER SE 13 -40.92 106.52 52.07
N THR SE 14 -40.22 106.54 50.94
CA THR SE 14 -40.88 106.69 49.64
C THR SE 14 -40.28 105.68 48.67
N GLU SE 15 -41.15 105.02 47.92
CA GLU SE 15 -40.76 104.05 46.91
C GLU SE 15 -41.34 104.48 45.57
N LYS SE 16 -41.06 103.66 44.55
CA LYS SE 16 -41.69 103.84 43.25
C LYS SE 16 -43.20 103.87 43.35
N ASP SE 17 -43.76 103.02 44.20
CA ASP SE 17 -45.21 102.86 44.26
C ASP SE 17 -45.73 102.82 45.69
N VAL SE 18 -44.88 103.03 46.69
CA VAL SE 18 -45.29 103.01 48.09
C VAL SE 18 -44.82 104.29 48.74
N VAL SE 19 -45.72 104.93 49.49
CA VAL SE 19 -45.37 106.05 50.36
C VAL SE 19 -45.76 105.66 51.77
N SER SE 20 -44.79 105.68 52.67
CA SER SE 20 -44.98 105.26 54.05
C SER SE 20 -44.85 106.47 54.96
N LEU SE 21 -45.77 106.59 55.92
CA LEU SE 21 -45.74 107.65 56.91
C LEU SE 21 -45.66 107.04 58.29
N ARG SE 22 -45.01 107.74 59.20
CA ARG SE 22 -44.87 107.29 60.57
C ARG SE 22 -45.34 108.37 61.52
N ASP SE 23 -45.87 107.96 62.66
CA ASP SE 23 -46.22 108.91 63.70
C ASP SE 23 -44.98 109.59 64.26
N PHE SE 24 -43.95 108.81 64.59
CA PHE SE 24 -42.68 109.26 65.16
C PHE SE 24 -42.87 109.77 66.59
N ALA SE 25 -44.12 109.86 67.05
CA ALA SE 25 -44.42 110.21 68.43
C ALA SE 25 -44.57 108.96 69.30
N ASN SE 26 -45.53 108.11 68.98
CA ASN SE 26 -45.62 106.80 69.61
C ASN SE 26 -44.73 105.77 68.94
N ASP SE 27 -44.18 106.12 67.77
CA ASP SE 27 -43.19 105.29 67.08
C ASP SE 27 -43.71 103.89 66.78
N LYS SE 28 -45.03 103.74 66.65
CA LYS SE 28 -45.61 102.42 66.51
C LYS SE 28 -46.53 102.26 65.31
N ASP SE 29 -46.99 103.34 64.70
CA ASP SE 29 -47.99 103.28 63.64
C ASP SE 29 -47.36 103.71 62.32
N THR SE 30 -47.53 102.89 61.29
CA THR SE 30 -47.04 103.22 59.96
C THR SE 30 -48.20 103.11 58.97
N LEU SE 31 -48.38 104.18 58.19
CA LEU SE 31 -49.43 104.27 57.19
C LEU SE 31 -48.77 104.23 55.81
N ALA SE 32 -49.18 103.28 54.98
CA ALA SE 32 -48.59 103.09 53.66
C ALA SE 32 -49.64 103.30 52.58
N TYR SE 33 -49.25 103.99 51.51
CA TYR SE 33 -50.08 104.18 50.33
C TYR SE 33 -49.40 103.47 49.17
N LYS SE 34 -50.02 102.40 48.69
CA LYS SE 34 -49.42 101.55 47.68
C LYS SE 34 -50.19 101.69 46.37
N ARG SE 35 -49.46 101.63 45.26
CA ARG SE 35 -49.99 101.87 43.93
C ARG SE 35 -49.58 100.74 43.01
N LEU SE 36 -50.52 100.28 42.19
CA LEU SE 36 -50.22 99.27 41.17
C LEU SE 36 -51.08 99.54 39.96
N ALA SE 37 -50.51 100.23 38.97
CA ALA SE 37 -51.26 100.66 37.80
C ALA SE 37 -51.72 99.46 36.98
N PRO SE 38 -52.80 99.62 36.20
CA PRO SE 38 -53.28 98.49 35.39
C PRO SE 38 -52.31 98.14 34.28
N LYS SE 39 -52.29 96.86 33.94
CA LYS SE 39 -51.48 96.36 32.83
C LYS SE 39 -52.42 95.78 31.78
N ARG SE 40 -52.22 96.20 30.53
CA ARG SE 40 -53.08 95.79 29.42
C ARG SE 40 -52.53 94.50 28.82
N THR SE 41 -52.63 93.43 29.60
CA THR SE 41 -52.11 92.13 29.18
C THR SE 41 -52.99 91.46 28.14
N LYS SE 42 -54.20 91.95 27.95
CA LYS SE 42 -55.11 91.42 26.95
C LYS SE 42 -55.99 92.57 26.45
N ASP SE 43 -57.11 92.23 25.81
CA ASP SE 43 -58.06 93.22 25.35
C ASP SE 43 -58.55 94.07 26.52
N SER SE 44 -58.60 93.48 27.71
CA SER SE 44 -58.93 94.24 28.90
C SER SE 44 -57.86 95.29 29.16
N PRO SE 45 -58.23 96.48 29.64
CA PRO SE 45 -57.22 97.49 29.99
C PRO SE 45 -56.49 97.18 31.28
N GLY SE 46 -56.77 96.04 31.91
CA GLY SE 46 -56.14 95.68 33.17
C GLY SE 46 -56.90 96.23 34.36
N MET SE 47 -56.42 95.85 35.54
CA MET SE 47 -57.02 96.27 36.79
C MET SE 47 -56.08 97.23 37.49
N ALA SE 48 -56.59 98.40 37.87
CA ALA SE 48 -55.82 99.37 38.64
C ALA SE 48 -55.92 98.98 40.12
N LYS SE 49 -54.80 98.62 40.71
CA LYS SE 49 -54.76 98.24 42.11
C LYS SE 49 -54.31 99.43 42.95
N SER SE 50 -54.90 99.56 44.14
CA SER SE 50 -54.40 100.46 45.16
C SER SE 50 -54.43 99.76 46.51
N GLU SE 51 -53.69 100.30 47.46
CA GLU SE 51 -53.64 99.70 48.79
C GLU SE 51 -53.39 100.79 49.82
N LEU SE 52 -54.22 100.84 50.84
CA LEU SE 52 -54.04 101.75 51.96
C LEU SE 52 -54.00 100.93 53.23
N LYS SE 53 -52.83 100.86 53.87
CA LYS SE 53 -52.61 99.95 54.98
C LYS SE 53 -52.06 100.70 56.18
N ILE SE 54 -52.53 100.30 57.36
CA ILE SE 54 -52.04 100.83 58.62
C ILE SE 54 -51.50 99.66 59.43
N THR SE 55 -50.30 99.83 59.97
CA THR SE 55 -49.63 98.80 60.74
C THR SE 55 -49.27 99.34 62.10
N ARG SE 56 -49.56 98.57 63.14
CA ARG SE 56 -49.15 98.90 64.49
C ARG SE 56 -48.25 97.81 65.02
N VAL SE 57 -47.01 98.16 65.34
CA VAL SE 57 -46.08 97.28 66.03
C VAL SE 57 -45.57 98.03 67.25
N ASP SE 58 -45.44 97.32 68.36
CA ASP SE 58 -44.95 98.00 69.55
C ASP SE 58 -43.45 98.18 69.42
N PRO SE 59 -42.92 99.40 69.56
CA PRO SE 59 -41.51 99.62 69.22
C PRO SE 59 -40.53 99.34 70.34
N THR SE 60 -40.73 98.26 71.08
CA THR SE 60 -39.70 97.84 72.02
C THR SE 60 -39.32 96.40 71.74
N THR SE 61 -40.30 95.52 71.57
CA THR SE 61 -40.06 94.15 71.19
C THR SE 61 -40.40 93.86 69.74
N GLY SE 62 -41.07 94.79 69.06
CA GLY SE 62 -41.33 94.64 67.65
C GLY SE 62 -42.24 93.49 67.28
N VAL SE 63 -43.29 93.22 68.06
CA VAL SE 63 -44.29 92.25 67.67
C VAL SE 63 -45.43 92.97 66.98
N LEU SE 64 -45.88 92.44 65.86
CA LEU SE 64 -47.00 93.02 65.12
C LEU SE 64 -48.25 92.95 65.99
N ILE SE 65 -48.85 94.11 66.26
CA ILE SE 65 -50.09 94.12 67.01
C ILE SE 65 -51.29 93.94 66.09
N GLY SE 66 -51.30 94.62 64.96
CA GLY SE 66 -52.40 94.47 64.02
C GLY SE 66 -52.18 95.24 62.75
N ILE SE 67 -52.89 94.81 61.71
CA ILE SE 67 -52.91 95.46 60.41
C ILE SE 67 -54.36 95.61 59.96
N VAL SE 68 -54.69 96.79 59.46
CA VAL SE 68 -55.95 97.02 58.75
C VAL SE 68 -55.61 97.52 57.36
N ASN SE 69 -56.15 96.86 56.35
CA ASN SE 69 -55.75 97.07 54.97
C ASN SE 69 -56.98 97.41 54.13
N VAL SE 70 -56.86 98.45 53.31
CA VAL SE 70 -57.90 98.81 52.36
C VAL SE 70 -57.31 98.67 50.96
N SER SE 71 -57.77 97.65 50.23
CA SER SE 71 -57.28 97.36 48.90
C SER SE 71 -58.39 97.58 47.88
N SER SE 72 -58.02 98.09 46.72
CA SER SE 72 -58.95 98.28 45.62
C SER SE 72 -58.40 97.60 44.38
N SER SE 73 -59.28 96.95 43.63
CA SER SE 73 -58.95 96.32 42.35
C SER SE 73 -60.08 96.68 41.40
N ILE SE 74 -59.89 97.75 40.65
CA ILE SE 74 -60.93 98.30 39.78
C ILE SE 74 -60.43 98.28 38.35
N ARG SE 75 -61.32 97.94 37.42
CA ARG SE 75 -60.97 97.94 36.01
C ARG SE 75 -60.48 99.32 35.60
N ALA SE 76 -59.46 99.34 34.74
CA ALA SE 76 -58.89 100.62 34.30
C ALA SE 76 -59.93 101.48 33.60
N ASP SE 77 -60.81 100.86 32.82
CA ASP SE 77 -61.85 101.60 32.10
C ASP SE 77 -63.07 101.91 32.96
N ALA SE 78 -63.12 101.41 34.18
CA ALA SE 78 -64.33 101.53 34.99
C ALA SE 78 -64.64 103.00 35.26
N THR SE 79 -65.91 103.34 35.09
CA THR SE 79 -66.36 104.72 35.25
C THR SE 79 -66.23 105.16 36.70
N ALA SE 80 -66.07 106.48 36.86
CA ALA SE 80 -65.96 107.04 38.21
C ALA SE 80 -67.22 106.79 39.02
N ALA SE 81 -68.38 106.69 38.35
CA ALA SE 81 -69.60 106.33 39.05
C ALA SE 81 -69.50 104.96 39.68
N ASP SE 82 -68.96 103.99 38.93
CA ASP SE 82 -68.65 102.69 39.50
C ASP SE 82 -67.62 102.83 40.60
N LYS SE 83 -66.61 103.66 40.37
CA LYS SE 83 -65.54 103.88 41.33
C LYS SE 83 -66.02 104.59 42.58
N THR SE 84 -66.85 105.61 42.41
CA THR SE 84 -67.38 106.32 43.58
C THR SE 84 -68.37 105.46 44.36
N ALA SE 85 -69.19 104.67 43.67
CA ALA SE 85 -70.13 103.81 44.37
C ALA SE 85 -69.39 102.75 45.17
N LEU SE 86 -68.28 102.25 44.64
CA LEU SE 86 -67.48 101.27 45.36
C LEU SE 86 -66.93 101.86 46.65
N MET SE 87 -66.49 103.12 46.61
CA MET SE 87 -66.01 103.76 47.83
C MET SE 87 -67.15 104.09 48.77
N ALA SE 88 -68.30 104.50 48.21
CA ALA SE 88 -69.43 104.90 49.04
C ALA SE 88 -69.97 103.73 49.85
N ILE SE 89 -70.07 102.55 49.23
CA ILE SE 89 -70.63 101.41 49.93
C ILE SE 89 -69.70 100.95 51.04
N ILE SE 90 -68.40 100.82 50.73
CA ILE SE 90 -67.47 100.23 51.69
C ILE SE 90 -67.25 101.16 52.87
N THR SE 91 -67.23 102.47 52.66
CA THR SE 91 -67.13 103.40 53.76
C THR SE 91 -68.41 103.41 54.59
N ALA SE 92 -69.56 103.30 53.93
CA ALA SE 92 -70.82 103.17 54.66
C ALA SE 92 -70.84 101.89 55.48
N ALA SE 93 -70.35 100.80 54.90
CA ALA SE 93 -70.28 99.54 55.64
C ALA SE 93 -69.33 99.64 56.82
N GLN SE 94 -68.18 100.29 56.64
CA GLN SE 94 -67.22 100.41 57.73
C GLN SE 94 -67.78 101.24 58.87
N ALA SE 95 -68.45 102.36 58.57
CA ALA SE 95 -69.05 103.18 59.61
C ALA SE 95 -70.15 102.43 60.36
N ASP SE 96 -70.79 101.47 59.71
CA ASP SE 96 -71.82 100.67 60.34
C ASP SE 96 -71.18 99.74 61.38
N GLY SE 97 -71.96 99.41 62.41
CA GLY SE 97 -71.46 98.65 63.54
C GLY SE 97 -71.10 97.22 63.22
N ALA SE 98 -71.58 96.67 62.11
CA ALA SE 98 -71.25 95.30 61.75
C ALA SE 98 -69.74 95.15 61.52
N TRP SE 99 -69.13 96.11 60.82
CA TRP SE 99 -67.68 96.05 60.63
C TRP SE 99 -66.95 96.21 61.95
N THR SE 100 -67.43 97.11 62.81
CA THR SE 100 -66.80 97.30 64.12
C THR SE 100 -66.82 96.01 64.92
N GLU SE 101 -67.92 95.26 64.85
CA GLU SE 101 -68.04 93.99 65.56
C GLU SE 101 -67.34 92.84 64.85
N LEU SE 102 -67.23 92.88 63.52
CA LEU SE 102 -66.46 91.87 62.82
C LEU SE 102 -65.00 91.89 63.28
N VAL SE 103 -64.44 93.08 63.43
CA VAL SE 103 -63.21 93.25 64.20
C VAL SE 103 -63.58 93.25 65.68
N THR SE 104 -62.61 92.91 66.52
CA THR SE 104 -62.74 92.93 67.99
C THR SE 104 -63.65 91.83 68.53
N ASP SE 105 -64.40 91.16 67.66
CA ASP SE 105 -65.26 90.07 68.11
C ASP SE 105 -65.29 88.87 67.19
N GLN SE 106 -64.85 89.00 65.94
CA GLN SE 106 -65.05 87.98 64.91
C GLN SE 106 -66.53 87.63 64.80
N ARG SE 107 -67.38 88.64 64.85
CA ARG SE 107 -68.82 88.48 64.86
C ARG SE 107 -69.38 88.76 63.47
N LEU SE 108 -69.99 87.75 62.86
CA LEU SE 108 -70.63 87.91 61.56
C LEU SE 108 -71.98 88.59 61.72
N PRO SE 109 -72.41 89.35 60.71
CA PRO SE 109 -73.72 89.99 60.78
C PRO SE 109 -74.84 89.00 60.55
N LEU SE 110 -75.06 88.12 61.53
CA LEU SE 110 -76.19 87.19 61.49
C LEU SE 110 -76.90 87.06 62.83
N ALA SE 111 -76.56 87.88 63.82
CA ALA SE 111 -77.19 87.77 65.13
C ALA SE 111 -78.63 88.28 65.06
N THR SE 112 -79.52 87.59 65.79
CA THR SE 112 -80.93 87.96 65.84
C THR SE 112 -81.22 89.03 66.88
N VAL SE 113 -80.23 89.44 67.67
CA VAL SE 113 -80.39 90.46 68.71
C VAL SE 113 -81.43 90.04 69.74
N SER TE 1 -31.07 128.70 12.65
CA SER TE 1 -30.96 129.41 11.38
C SER TE 1 -29.89 130.50 11.43
N LYS TE 2 -30.02 131.40 12.39
CA LYS TE 2 -29.16 132.57 12.48
C LYS TE 2 -28.77 132.77 13.94
N VAL TE 3 -28.27 133.96 14.26
CA VAL TE 3 -27.60 134.28 15.52
C VAL TE 3 -28.36 133.74 16.74
N PHE TE 4 -27.69 132.89 17.51
CA PHE TE 4 -28.22 132.32 18.74
C PHE TE 4 -27.18 132.54 19.82
N ASN TE 5 -27.61 133.00 20.98
CA ASN TE 5 -26.71 133.23 22.12
C ASN TE 5 -25.58 134.19 21.71
N THR TE 6 -25.92 135.20 20.93
CA THR TE 6 -25.02 136.21 20.39
C THR TE 6 -23.94 135.63 19.48
N GLN TE 7 -24.02 134.35 19.14
CA GLN TE 7 -23.07 133.74 18.21
C GLN TE 7 -23.75 133.57 16.86
N THR TE 8 -23.02 133.87 15.79
CA THR TE 8 -23.54 133.76 14.44
C THR TE 8 -23.33 132.34 13.95
N PHE TE 9 -24.42 131.69 13.56
CA PHE TE 9 -24.37 130.34 13.01
C PHE TE 9 -24.65 130.44 11.52
N ASP TE 10 -23.67 130.09 10.71
CA ASP TE 10 -23.81 130.06 9.26
C ASP TE 10 -23.90 128.62 8.81
N ILE TE 11 -24.57 128.41 7.68
CA ILE TE 11 -24.78 127.05 7.20
C ILE TE 11 -23.43 126.45 6.83
N TYR TE 12 -23.12 125.31 7.43
CA TYR TE 12 -21.88 124.58 7.13
C TYR TE 12 -22.06 123.55 6.05
N SER TE 13 -23.18 122.83 6.04
CA SER TE 13 -23.40 121.81 5.05
C SER TE 13 -24.90 121.57 4.93
N THR TE 14 -25.32 121.17 3.74
CA THR TE 14 -26.72 120.92 3.48
C THR TE 14 -26.86 119.49 2.97
N GLU TE 15 -27.72 118.73 3.60
CA GLU TE 15 -27.97 117.35 3.23
C GLU TE 15 -29.44 117.19 2.86
N LYS TE 16 -29.78 115.98 2.39
CA LYS TE 16 -31.15 115.66 2.03
C LYS TE 16 -32.10 115.91 3.21
N ASP TE 17 -31.78 115.35 4.37
CA ASP TE 17 -32.62 115.47 5.56
C ASP TE 17 -31.88 116.11 6.72
N VAL TE 18 -30.68 116.66 6.50
CA VAL TE 18 -29.90 117.29 7.55
C VAL TE 18 -29.42 118.65 7.07
N VAL TE 19 -29.52 119.65 7.92
CA VAL TE 19 -28.91 120.95 7.71
C VAL TE 19 -28.05 121.24 8.93
N SER TE 20 -26.81 121.65 8.69
CA SER TE 20 -25.86 121.87 9.77
C SER TE 20 -25.33 123.30 9.71
N LEU TE 21 -25.29 123.95 10.86
CA LEU TE 21 -24.78 125.30 10.98
C LEU TE 21 -23.57 125.33 11.90
N ARG TE 22 -22.58 126.12 11.52
CA ARG TE 22 -21.35 126.25 12.28
C ARG TE 22 -21.17 127.71 12.69
N ASP TE 23 -20.66 127.91 13.90
CA ASP TE 23 -20.38 129.27 14.35
C ASP TE 23 -19.32 129.94 13.49
N PHE TE 24 -18.24 129.21 13.17
CA PHE TE 24 -17.16 129.67 12.30
C PHE TE 24 -16.34 130.78 12.95
N ALA TE 25 -16.76 131.24 14.12
CA ALA TE 25 -15.98 132.20 14.90
C ALA TE 25 -15.22 131.51 16.02
N ASN TE 26 -15.92 130.78 16.89
CA ASN TE 26 -15.26 129.95 17.88
C ASN TE 26 -14.87 128.58 17.34
N ASP TE 27 -15.43 128.18 16.20
CA ASP TE 27 -15.09 126.92 15.52
C ASP TE 27 -15.25 125.72 16.45
N LYS TE 28 -16.19 125.78 17.38
CA LYS TE 28 -16.41 124.68 18.30
C LYS TE 28 -17.88 124.30 18.42
N ASP TE 29 -18.81 125.12 17.98
CA ASP TE 29 -20.24 124.87 18.12
C ASP TE 29 -20.83 124.51 16.76
N THR TE 30 -21.59 123.42 16.72
CA THR TE 30 -22.29 122.99 15.52
C THR TE 30 -23.76 122.74 15.85
N LEU TE 31 -24.64 123.35 15.08
CA LEU TE 31 -26.09 123.18 15.22
C LEU TE 31 -26.60 122.40 14.02
N ALA TE 32 -27.28 121.29 14.28
CA ALA TE 32 -27.76 120.40 13.24
C ALA TE 32 -29.26 120.25 13.31
N TYR TE 33 -29.93 120.40 12.17
CA TYR TE 33 -31.36 120.14 12.02
C TYR TE 33 -31.50 118.84 11.26
N LYS TE 34 -32.05 117.82 11.92
CA LYS TE 34 -32.21 116.51 11.30
C LYS TE 34 -33.68 116.18 11.13
N ARG TE 35 -33.99 115.54 10.01
CA ARG TE 35 -35.36 115.25 9.60
C ARG TE 35 -35.51 113.75 9.40
N LEU TE 36 -36.70 113.24 9.63
CA LEU TE 36 -36.99 111.83 9.38
C LEU TE 36 -38.50 111.66 9.23
N ALA TE 37 -38.93 111.33 8.02
CA ALA TE 37 -40.35 111.26 7.73
C ALA TE 37 -40.99 110.04 8.40
N PRO TE 38 -42.27 110.12 8.74
CA PRO TE 38 -42.96 108.95 9.29
C PRO TE 38 -43.14 107.86 8.25
N LYS TE 39 -43.03 106.61 8.68
CA LYS TE 39 -43.17 105.48 7.78
C LYS TE 39 -44.46 104.73 8.13
N ARG TE 40 -45.30 104.52 7.13
CA ARG TE 40 -46.55 103.79 7.29
C ARG TE 40 -46.23 102.30 7.15
N THR TE 41 -45.43 101.80 8.10
CA THR TE 41 -45.04 100.40 8.10
C THR TE 41 -46.21 99.49 8.46
N LYS TE 42 -47.33 100.06 8.87
CA LYS TE 42 -48.51 99.32 9.28
C LYS TE 42 -49.71 100.23 9.05
N ASP TE 43 -50.84 99.87 9.67
CA ASP TE 43 -52.03 100.72 9.63
C ASP TE 43 -51.69 102.12 10.13
N SER TE 44 -50.84 102.20 11.15
CA SER TE 44 -50.45 103.48 11.71
C SER TE 44 -49.69 104.30 10.68
N PRO TE 45 -49.88 105.62 10.62
CA PRO TE 45 -49.18 106.43 9.62
C PRO TE 45 -47.70 106.67 9.94
N GLY TE 46 -47.21 106.16 11.07
CA GLY TE 46 -45.82 106.29 11.42
C GLY TE 46 -45.52 107.51 12.29
N MET TE 47 -44.29 107.56 12.77
CA MET TE 47 -43.84 108.60 13.69
C MET TE 47 -42.87 109.52 12.96
N ALA TE 48 -43.17 110.81 12.97
CA ALA TE 48 -42.34 111.81 12.31
C ALA TE 48 -41.24 112.26 13.27
N LYS TE 49 -40.01 111.91 12.95
CA LYS TE 49 -38.87 112.23 13.79
C LYS TE 49 -38.27 113.57 13.42
N SER TE 50 -37.97 114.37 14.43
CA SER TE 50 -37.23 115.61 14.26
C SER TE 50 -36.05 115.60 15.22
N GLU TE 51 -35.06 116.43 14.93
CA GLU TE 51 -33.89 116.50 15.80
C GLU TE 51 -33.25 117.87 15.67
N LEU TE 52 -32.97 118.49 16.82
CA LEU TE 52 -32.27 119.76 16.89
C LEU TE 52 -31.20 119.61 17.95
N LYS TE 53 -29.93 119.55 17.53
CA LYS TE 53 -28.85 119.31 18.46
C LYS TE 53 -27.75 120.35 18.29
N ILE TE 54 -27.14 120.72 19.40
CA ILE TE 54 -25.96 121.58 19.43
C ILE TE 54 -24.82 120.76 20.00
N THR TE 55 -23.69 120.77 19.30
CA THR TE 55 -22.53 119.99 19.72
C THR TE 55 -21.34 120.92 19.87
N ARG TE 56 -20.65 120.83 20.99
CA ARG TE 56 -19.45 121.61 21.24
C ARG TE 56 -18.26 120.66 21.29
N VAL TE 57 -17.29 120.91 20.42
CA VAL TE 57 -16.05 120.15 20.36
C VAL TE 57 -14.89 121.11 20.50
N ASP TE 58 -13.96 120.78 21.36
CA ASP TE 58 -12.85 121.69 21.61
C ASP TE 58 -11.95 121.78 20.39
N PRO TE 59 -11.79 122.94 19.77
CA PRO TE 59 -11.12 122.99 18.47
C PRO TE 59 -9.61 123.15 18.52
N THR TE 60 -8.92 122.43 19.42
CA THR TE 60 -7.47 122.35 19.32
C THR TE 60 -7.03 120.89 19.28
N THR TE 61 -7.70 120.03 20.06
CA THR TE 61 -7.44 118.60 20.00
C THR TE 61 -8.68 117.79 19.62
N GLY TE 62 -9.87 118.39 19.64
CA GLY TE 62 -11.06 117.70 19.18
C GLY TE 62 -11.78 116.88 20.22
N VAL TE 63 -11.85 117.35 21.46
CA VAL TE 63 -12.54 116.63 22.52
C VAL TE 63 -13.95 117.18 22.67
N LEU TE 64 -14.93 116.29 22.61
CA LEU TE 64 -16.33 116.66 22.69
C LEU TE 64 -16.65 117.22 24.07
N ILE TE 65 -16.94 118.51 24.15
CA ILE TE 65 -17.29 119.12 25.42
C ILE TE 65 -18.66 118.67 25.88
N GLY TE 66 -19.66 118.74 25.01
CA GLY TE 66 -21.00 118.38 25.40
C GLY TE 66 -21.94 118.43 24.23
N ILE TE 67 -23.10 117.80 24.41
CA ILE TE 67 -24.18 117.79 23.43
C ILE TE 67 -25.48 118.03 24.15
N VAL TE 68 -26.28 118.96 23.64
CA VAL TE 68 -27.68 119.08 24.02
C VAL TE 68 -28.50 118.83 22.76
N ASN TE 69 -29.36 117.82 22.82
CA ASN TE 69 -30.15 117.39 21.67
C ASN TE 69 -31.63 117.46 22.02
N VAL TE 70 -32.43 118.00 21.11
CA VAL TE 70 -33.87 118.01 21.24
C VAL TE 70 -34.44 117.16 20.11
N SER TE 71 -35.07 116.04 20.49
CA SER TE 71 -35.63 115.12 19.52
C SER TE 71 -37.13 115.03 19.71
N SER TE 72 -37.85 114.86 18.61
CA SER TE 72 -39.29 114.70 18.63
C SER TE 72 -39.67 113.41 17.92
N SER TE 73 -40.67 112.74 18.45
CA SER TE 73 -41.24 111.53 17.82
C SER TE 73 -42.75 111.67 17.97
N ILE TE 74 -43.37 112.28 16.97
CA ILE TE 74 -44.79 112.60 17.01
C ILE TE 74 -45.49 111.78 15.94
N ARG TE 75 -46.67 111.25 16.28
CA ARG TE 75 -47.49 110.52 15.32
C ARG TE 75 -47.74 111.37 14.09
N ALA TE 76 -47.67 110.74 12.92
CA ALA TE 76 -47.94 111.44 11.68
C ALA TE 76 -49.36 112.00 11.65
N ASP TE 77 -50.28 111.39 12.39
CA ASP TE 77 -51.67 111.84 12.43
C ASP TE 77 -51.96 112.81 13.56
N ALA TE 78 -50.97 113.11 14.41
CA ALA TE 78 -51.21 113.94 15.59
C ALA TE 78 -51.62 115.34 15.18
N THR TE 79 -52.55 115.91 15.94
CA THR TE 79 -53.07 117.23 15.63
C THR TE 79 -52.05 118.31 15.94
N ALA TE 80 -52.22 119.46 15.29
CA ALA TE 80 -51.36 120.60 15.59
C ALA TE 80 -51.52 121.06 17.03
N ALA TE 81 -52.70 120.84 17.62
CA ALA TE 81 -52.88 121.13 19.03
C ALA TE 81 -51.99 120.25 19.90
N ASP TE 82 -51.90 118.96 19.56
CA ASP TE 82 -50.96 118.08 20.25
C ASP TE 82 -49.53 118.55 20.04
N LYS TE 83 -49.19 118.92 18.80
CA LYS TE 83 -47.82 119.30 18.50
C LYS TE 83 -47.46 120.63 19.15
N THR TE 84 -48.40 121.57 19.22
CA THR TE 84 -48.14 122.81 19.91
C THR TE 84 -48.02 122.59 21.41
N ALA TE 85 -48.88 121.75 21.98
CA ALA TE 85 -48.83 121.48 23.41
C ALA TE 85 -47.52 120.80 23.79
N LEU TE 86 -47.05 119.86 22.98
CA LEU TE 86 -45.81 119.17 23.27
C LEU TE 86 -44.63 120.14 23.28
N MET TE 87 -44.59 121.04 22.30
CA MET TE 87 -43.51 122.02 22.25
C MET TE 87 -43.67 123.06 23.36
N ALA TE 88 -44.91 123.35 23.75
CA ALA TE 88 -45.12 124.36 24.78
C ALA TE 88 -44.74 123.85 26.17
N ILE TE 89 -45.09 122.61 26.47
CA ILE TE 89 -44.75 122.05 27.78
C ILE TE 89 -43.23 121.93 27.93
N ILE TE 90 -42.57 121.36 26.92
CA ILE TE 90 -41.14 121.12 27.03
C ILE TE 90 -40.37 122.43 27.07
N THR TE 91 -40.82 123.44 26.33
CA THR TE 91 -40.14 124.73 26.38
C THR TE 91 -40.32 125.39 27.74
N ALA TE 92 -41.51 125.27 28.33
CA ALA TE 92 -41.74 125.79 29.67
C ALA TE 92 -40.89 125.06 30.71
N ALA TE 93 -40.78 123.74 30.57
CA ALA TE 93 -39.96 122.97 31.51
C ALA TE 93 -38.49 123.37 31.41
N GLN TE 94 -38.00 123.59 30.20
CA GLN TE 94 -36.61 124.03 30.03
C GLN TE 94 -36.40 125.41 30.65
N ALA TE 95 -37.36 126.30 30.49
CA ALA TE 95 -37.28 127.61 31.13
C ALA TE 95 -37.38 127.50 32.65
N ASP TE 96 -38.00 126.44 33.15
CA ASP TE 96 -38.03 126.20 34.58
C ASP TE 96 -36.62 125.90 35.08
N GLY TE 97 -36.38 126.21 36.36
CA GLY TE 97 -35.07 126.03 36.94
C GLY TE 97 -34.69 124.60 37.20
N ALA TE 98 -35.68 123.68 37.21
CA ALA TE 98 -35.38 122.28 37.44
C ALA TE 98 -34.49 121.72 36.35
N TRP TE 99 -34.71 122.16 35.10
CA TRP TE 99 -33.83 121.73 34.01
C TRP TE 99 -32.43 122.29 34.18
N THR TE 100 -32.32 123.56 34.57
CA THR TE 100 -31.01 124.16 34.75
C THR TE 100 -30.23 123.49 35.88
N GLU TE 101 -30.93 122.77 36.76
CA GLU TE 101 -30.27 121.99 37.80
C GLU TE 101 -29.99 120.57 37.38
N LEU TE 102 -30.87 119.97 36.57
CA LEU TE 102 -30.62 118.64 36.04
C LEU TE 102 -29.36 118.64 35.19
N VAL TE 103 -29.23 119.63 34.33
CA VAL TE 103 -27.96 119.95 33.72
C VAL TE 103 -27.14 120.74 34.72
N THR TE 104 -25.82 120.57 34.67
CA THR TE 104 -24.84 121.31 35.49
C THR TE 104 -24.82 120.87 36.96
N ASP TE 105 -25.81 120.10 37.40
CA ASP TE 105 -25.75 119.59 38.77
C ASP TE 105 -26.24 118.16 38.92
N GLN TE 106 -26.98 117.61 37.96
CA GLN TE 106 -27.62 116.31 38.10
C GLN TE 106 -28.54 116.29 39.32
N ARG TE 107 -29.26 117.39 39.52
CA ARG TE 107 -30.16 117.54 40.64
C ARG TE 107 -31.59 117.28 40.18
N LEU TE 108 -32.19 116.30 40.72
CA LEU TE 108 -33.56 115.94 40.39
C LEU TE 108 -34.54 116.83 41.17
N PRO TE 109 -35.73 117.04 40.62
CA PRO TE 109 -36.73 117.84 41.34
C PRO TE 109 -37.36 117.06 42.48
N LEU TE 110 -36.56 116.66 43.46
CA LEU TE 110 -37.07 115.99 44.64
C LEU TE 110 -36.47 116.51 45.94
N ALA TE 111 -35.49 117.42 45.88
CA ALA TE 111 -34.93 118.00 47.09
C ALA TE 111 -35.99 118.83 47.81
N THR TE 112 -35.93 118.82 49.14
CA THR TE 112 -36.90 119.54 49.96
C THR TE 112 -36.54 121.00 50.17
N VAL TE 113 -35.37 121.44 49.69
CA VAL TE 113 -34.89 122.81 49.83
C VAL TE 113 -34.76 123.22 51.29
N SER UE 1 -70.00 -82.59 77.69
CA SER UE 1 -69.43 -82.94 78.98
C SER UE 1 -69.15 -84.44 79.07
N LYS UE 2 -70.21 -85.24 78.98
CA LYS UE 2 -70.11 -86.69 79.05
C LYS UE 2 -71.04 -87.26 77.98
N VAL UE 3 -71.35 -88.56 78.09
CA VAL UE 3 -72.01 -89.32 77.04
C VAL UE 3 -73.24 -88.60 76.49
N PHE UE 4 -73.22 -88.34 75.19
CA PHE UE 4 -74.31 -87.72 74.45
C PHE UE 4 -74.57 -88.55 73.20
N ASN UE 5 -75.84 -88.87 72.95
CA ASN UE 5 -76.23 -89.65 71.79
C ASN UE 5 -75.43 -90.96 71.74
N THR UE 6 -75.34 -91.61 72.91
CA THR UE 6 -74.64 -92.88 73.10
C THR UE 6 -73.16 -92.81 72.78
N GLN UE 7 -72.57 -91.62 72.71
CA GLN UE 7 -71.13 -91.47 72.50
C GLN UE 7 -70.51 -90.76 73.69
N THR UE 8 -69.34 -91.23 74.11
CA THR UE 8 -68.67 -90.70 75.29
C THR UE 8 -67.68 -89.62 74.87
N PHE UE 9 -67.90 -88.40 75.35
CA PHE UE 9 -67.05 -87.27 75.02
C PHE UE 9 -66.15 -86.97 76.21
N ASP UE 10 -64.85 -87.12 76.03
CA ASP UE 10 -63.85 -86.82 77.04
C ASP UE 10 -63.06 -85.59 76.64
N ILE UE 11 -62.54 -84.89 77.65
CA ILE UE 11 -61.84 -83.64 77.40
C ILE UE 11 -60.57 -83.93 76.60
N TYR UE 12 -60.40 -83.20 75.51
CA TYR UE 12 -59.16 -83.25 74.75
C TYR UE 12 -58.28 -82.04 74.99
N SER UE 13 -58.88 -80.87 75.20
CA SER UE 13 -58.11 -79.65 75.32
C SER UE 13 -58.88 -78.67 76.18
N THR UE 14 -58.13 -77.78 76.84
CA THR UE 14 -58.72 -76.73 77.66
C THR UE 14 -57.94 -75.45 77.46
N GLU UE 15 -58.62 -74.40 77.05
CA GLU UE 15 -58.04 -73.08 76.89
C GLU UE 15 -58.54 -72.18 78.00
N LYS UE 16 -58.19 -70.90 77.90
CA LYS UE 16 -58.73 -69.92 78.83
C LYS UE 16 -60.24 -69.83 78.70
N ASP UE 17 -60.76 -69.90 77.47
CA ASP UE 17 -62.19 -69.72 77.23
C ASP UE 17 -62.79 -70.81 76.36
N VAL UE 18 -62.06 -71.85 76.01
CA VAL UE 18 -62.58 -72.96 75.23
C VAL UE 18 -62.25 -74.26 75.93
N VAL UE 19 -63.23 -75.16 75.99
CA VAL UE 19 -63.02 -76.55 76.37
C VAL UE 19 -63.43 -77.40 75.19
N SER UE 20 -62.57 -78.34 74.80
CA SER UE 20 -62.82 -79.23 73.68
C SER UE 20 -62.94 -80.65 74.17
N LEU UE 21 -63.93 -81.37 73.66
CA LEU UE 21 -64.17 -82.75 73.99
C LEU UE 21 -64.25 -83.57 72.71
N ARG UE 22 -63.69 -84.77 72.74
CA ARG UE 22 -63.71 -85.69 71.61
C ARG UE 22 -64.31 -87.02 72.04
N ASP UE 23 -64.79 -87.78 71.05
CA ASP UE 23 -65.30 -89.11 71.33
C ASP UE 23 -64.17 -90.08 71.65
N PHE UE 24 -63.10 -90.06 70.87
CA PHE UE 24 -61.94 -90.94 71.02
C PHE UE 24 -62.32 -92.38 70.68
N ALA UE 25 -63.60 -92.62 70.39
CA ALA UE 25 -64.08 -93.93 69.97
C ALA UE 25 -64.28 -94.00 68.47
N ASN UE 26 -65.09 -93.11 67.91
CA ASN UE 26 -65.16 -92.98 66.46
C ASN UE 26 -64.17 -91.98 65.90
N ASP UE 27 -63.55 -91.17 66.77
CA ASP UE 27 -62.50 -90.23 66.37
C ASP UE 27 -62.97 -89.29 65.26
N LYS UE 28 -64.23 -88.90 65.29
CA LYS UE 28 -64.77 -88.04 64.25
C LYS UE 28 -65.54 -86.85 64.78
N ASP UE 29 -65.93 -86.83 66.06
CA ASP UE 29 -66.73 -85.77 66.61
C ASP UE 29 -65.93 -85.00 67.66
N THR UE 30 -66.03 -83.68 67.61
CA THR UE 30 -65.47 -82.81 68.63
C THR UE 30 -66.55 -81.85 69.10
N LEU UE 31 -66.75 -81.79 70.41
CA LEU UE 31 -67.71 -80.88 71.02
C LEU UE 31 -66.93 -79.78 71.73
N ALA UE 32 -67.28 -78.53 71.44
CA ALA UE 32 -66.56 -77.37 71.97
C ALA UE 32 -67.50 -76.48 72.75
N TYR UE 33 -67.07 -76.07 73.94
CA TYR UE 33 -67.77 -75.09 74.77
C TYR UE 33 -66.89 -73.85 74.81
N LYS UE 34 -67.45 -72.71 74.43
CA LYS UE 34 -66.66 -71.50 74.23
C LYS UE 34 -67.31 -70.35 74.99
N ARG UE 35 -66.48 -69.43 75.46
CA ARG UE 35 -66.87 -68.47 76.47
C ARG UE 35 -66.33 -67.08 76.16
N LEU UE 36 -67.23 -66.11 76.00
CA LEU UE 36 -66.83 -64.70 75.90
C LEU UE 36 -67.63 -63.89 76.91
N ALA UE 37 -66.95 -63.39 77.94
CA ALA UE 37 -67.61 -62.57 78.95
C ALA UE 37 -68.03 -61.22 78.37
N PRO UE 38 -69.07 -60.61 78.91
CA PRO UE 38 -69.51 -59.30 78.39
C PRO UE 38 -68.48 -58.21 78.68
N LYS UE 39 -68.39 -57.25 77.77
CA LYS UE 39 -67.45 -56.15 77.90
C LYS UE 39 -68.23 -54.83 77.92
N ARG UE 40 -68.04 -54.05 78.99
CA ARG UE 40 -68.77 -52.81 79.19
C ARG UE 40 -68.08 -51.74 78.35
N THR UE 41 -68.48 -51.66 77.09
CA THR UE 41 -67.91 -50.68 76.18
C THR UE 41 -68.73 -49.40 76.11
N LYS UE 42 -69.86 -49.34 76.78
CA LYS UE 42 -70.71 -48.16 76.80
C LYS UE 42 -71.57 -48.23 78.05
N ASP UE 43 -72.64 -47.45 78.07
CA ASP UE 43 -73.62 -47.53 79.14
C ASP UE 43 -74.19 -48.94 79.21
N SER UE 44 -74.18 -49.66 78.10
CA SER UE 44 -74.54 -51.07 78.12
C SER UE 44 -73.44 -51.88 78.80
N PRO UE 45 -73.80 -52.89 79.59
CA PRO UE 45 -72.77 -53.73 80.23
C PRO UE 45 -72.17 -54.78 79.31
N GLY UE 46 -72.53 -54.79 78.03
CA GLY UE 46 -72.02 -55.77 77.10
C GLY UE 46 -72.87 -57.02 77.02
N MET UE 47 -72.56 -57.84 76.03
CA MET UE 47 -73.28 -59.09 75.78
C MET UE 47 -72.36 -60.26 76.09
N ALA UE 48 -72.85 -61.21 76.87
CA ALA UE 48 -72.10 -62.42 77.20
C ALA UE 48 -72.31 -63.43 76.08
N LYS UE 49 -71.22 -63.85 75.45
CA LYS UE 49 -71.28 -64.79 74.35
C LYS UE 49 -71.07 -66.20 74.85
N SER UE 50 -71.85 -67.13 74.33
CA SER UE 50 -71.60 -68.55 74.50
C SER UE 50 -71.61 -69.21 73.13
N GLU UE 51 -71.02 -70.39 73.06
CA GLU UE 51 -70.95 -71.11 71.79
C GLU UE 51 -70.74 -72.58 72.08
N LEU UE 52 -71.60 -73.41 71.52
CA LEU UE 52 -71.54 -74.86 71.73
C LEU UE 52 -71.66 -75.53 70.37
N LYS UE 53 -70.53 -76.02 69.85
CA LYS UE 53 -70.50 -76.56 68.50
C LYS UE 53 -70.14 -78.04 68.53
N ILE UE 54 -70.80 -78.80 67.65
CA ILE UE 54 -70.43 -80.18 67.36
C ILE UE 54 -69.95 -80.25 65.92
N THR UE 55 -68.73 -80.72 65.73
CA THR UE 55 -68.12 -80.85 64.41
C THR UE 55 -67.84 -82.30 64.12
N ARG UE 56 -68.22 -82.75 62.93
CA ARG UE 56 -67.96 -84.11 62.48
C ARG UE 56 -67.03 -84.08 61.29
N VAL UE 57 -65.88 -84.73 61.42
CA VAL UE 57 -64.90 -84.87 60.35
C VAL UE 57 -64.62 -86.35 60.15
N ASP UE 58 -64.70 -86.81 58.92
CA ASP UE 58 -64.41 -88.23 58.73
C ASP UE 58 -62.94 -88.49 58.96
N PRO UE 59 -62.58 -89.52 59.73
CA PRO UE 59 -61.17 -89.74 60.07
C PRO UE 59 -60.42 -90.61 59.08
N THR UE 60 -60.59 -90.35 57.78
CA THR UE 60 -59.78 -91.04 56.79
C THR UE 60 -59.02 -90.02 55.93
N THR UE 61 -59.72 -89.00 55.47
CA THR UE 61 -59.12 -87.91 54.72
C THR UE 61 -59.27 -86.56 55.40
N GLY UE 62 -60.00 -86.50 56.51
CA GLY UE 62 -60.17 -85.23 57.22
C GLY UE 62 -61.10 -84.25 56.56
N VAL UE 63 -62.14 -84.72 55.87
CA VAL UE 63 -63.12 -83.83 55.25
C VAL UE 63 -64.19 -83.50 56.27
N LEU UE 64 -64.56 -82.23 56.34
CA LEU UE 64 -65.58 -81.77 57.27
C LEU UE 64 -66.95 -82.22 56.78
N ILE UE 65 -67.59 -83.09 57.55
CA ILE UE 65 -68.92 -83.55 57.18
C ILE UE 65 -69.98 -82.49 57.49
N GLY UE 66 -69.95 -81.94 58.70
CA GLY UE 66 -70.91 -80.91 59.05
C GLY UE 66 -70.70 -80.42 60.47
N ILE UE 67 -71.18 -79.20 60.70
CA ILE UE 67 -71.13 -78.57 62.00
C ILE UE 67 -72.52 -78.10 62.39
N VAL UE 68 -72.91 -78.35 63.64
CA VAL UE 68 -74.09 -77.75 64.23
C VAL UE 68 -73.62 -76.92 65.42
N ASN UE 69 -73.99 -75.64 65.44
CA ASN UE 69 -73.53 -74.70 66.44
C ASN UE 69 -74.71 -74.07 67.16
N VAL UE 70 -74.59 -73.94 68.48
CA VAL UE 70 -75.57 -73.24 69.30
C VAL UE 70 -74.85 -72.09 69.98
N SER UE 71 -75.09 -70.87 69.48
CA SER UE 71 -74.46 -69.68 70.03
C SER UE 71 -75.51 -68.79 70.68
N SER UE 72 -75.17 -68.25 71.84
CA SER UE 72 -76.04 -67.31 72.54
C SER UE 72 -75.31 -65.99 72.72
N SER UE 73 -76.06 -64.89 72.61
CA SER UE 73 -75.55 -63.54 72.83
C SER UE 73 -76.59 -62.83 73.69
N ILE UE 74 -76.35 -62.77 74.98
CA ILE UE 74 -77.34 -62.27 75.94
C ILE UE 74 -76.74 -61.11 76.71
N ARG UE 75 -77.57 -60.07 76.91
CA ARG UE 75 -77.16 -58.89 77.65
C ARG UE 75 -76.68 -59.24 79.04
N ALA UE 76 -75.62 -58.56 79.50
CA ALA UE 76 -75.07 -58.84 80.81
C ALA UE 76 -76.09 -58.59 81.91
N ASP UE 77 -76.89 -57.54 81.77
CA ASP UE 77 -77.90 -57.19 82.76
C ASP UE 77 -79.17 -58.02 82.63
N ALA UE 78 -79.27 -58.86 81.59
CA ALA UE 78 -80.51 -59.57 81.32
C ALA UE 78 -80.88 -60.50 82.46
N THR UE 79 -82.17 -60.62 82.72
CA THR UE 79 -82.67 -61.40 83.83
C THR UE 79 -82.53 -62.89 83.55
N ALA UE 80 -82.62 -63.69 84.63
CA ALA UE 80 -82.63 -65.13 84.48
C ALA UE 80 -83.87 -65.60 83.73
N ALA UE 81 -85.00 -64.92 83.93
CA ALA UE 81 -86.21 -65.25 83.19
C ALA UE 81 -86.01 -65.03 81.70
N ASP UE 82 -85.34 -63.94 81.31
CA ASP UE 82 -85.00 -63.74 79.92
C ASP UE 82 -84.12 -64.87 79.40
N LYS UE 83 -83.15 -65.29 80.21
CA LYS UE 83 -82.22 -66.33 79.79
C LYS UE 83 -82.89 -67.69 79.76
N THR UE 84 -83.81 -67.94 80.69
CA THR UE 84 -84.54 -69.20 80.68
C THR UE 84 -85.53 -69.26 79.51
N ALA UE 85 -86.22 -68.16 79.24
CA ALA UE 85 -87.19 -68.14 78.15
C ALA UE 85 -86.50 -68.35 76.81
N LEU UE 86 -85.35 -67.72 76.60
CA LEU UE 86 -84.62 -67.89 75.35
C LEU UE 86 -84.20 -69.35 75.17
N MET UE 87 -83.73 -69.98 76.23
CA MET UE 87 -83.30 -71.37 76.11
C MET UE 87 -84.50 -72.31 75.97
N ALA UE 88 -85.61 -72.00 76.65
CA ALA UE 88 -86.81 -72.82 76.52
C ALA UE 88 -87.41 -72.73 75.12
N ILE UE 89 -87.42 -71.53 74.54
CA ILE UE 89 -88.02 -71.36 73.21
C ILE UE 89 -87.20 -72.08 72.15
N ILE UE 90 -85.89 -71.87 72.17
CA ILE UE 90 -85.03 -72.47 71.14
C ILE UE 90 -85.02 -73.98 71.26
N THR UE 91 -85.14 -74.51 72.48
CA THR UE 91 -85.19 -75.96 72.65
C THR UE 91 -86.50 -76.54 72.14
N ALA UE 92 -87.61 -75.84 72.37
CA ALA UE 92 -88.90 -76.31 71.87
C ALA UE 92 -88.93 -76.29 70.34
N ALA UE 93 -88.35 -75.26 69.73
CA ALA UE 93 -88.31 -75.18 68.28
C ALA UE 93 -87.43 -76.27 67.69
N GLN UE 94 -86.34 -76.62 68.36
CA GLN UE 94 -85.49 -77.70 67.90
C GLN UE 94 -86.20 -79.03 67.98
N ALA UE 95 -86.97 -79.25 69.05
CA ALA UE 95 -87.75 -80.46 69.19
C ALA UE 95 -88.85 -80.57 68.15
N ASP UE 96 -89.33 -79.44 67.64
CA ASP UE 96 -90.32 -79.44 66.58
C ASP UE 96 -89.72 -79.98 65.29
N GLY UE 97 -90.58 -80.55 64.45
CA GLY UE 97 -90.13 -81.14 63.21
C GLY UE 97 -89.74 -80.13 62.15
N ALA UE 98 -90.13 -78.86 62.33
CA ALA UE 98 -89.75 -77.83 61.37
C ALA UE 98 -88.25 -77.66 61.32
N TRP UE 99 -87.58 -77.67 62.48
CA TRP UE 99 -86.13 -77.59 62.50
C TRP UE 99 -85.50 -78.83 61.88
N THR UE 100 -86.07 -80.00 62.17
CA THR UE 100 -85.53 -81.23 61.60
C THR UE 100 -85.69 -81.24 60.08
N GLU UE 101 -86.60 -80.44 59.55
CA GLU UE 101 -86.77 -80.28 58.12
C GLU UE 101 -85.94 -79.14 57.55
N LEU UE 102 -85.75 -78.07 58.32
CA LEU UE 102 -84.83 -77.02 57.91
C LEU UE 102 -83.43 -77.58 57.71
N VAL UE 103 -83.01 -78.43 58.61
CA VAL UE 103 -81.83 -79.25 58.39
C VAL UE 103 -82.24 -80.49 57.61
N THR UE 104 -81.31 -81.06 56.86
CA THR UE 104 -81.46 -82.26 56.03
C THR UE 104 -82.29 -82.04 54.77
N ASP UE 105 -83.07 -80.97 54.71
CA ASP UE 105 -83.96 -80.71 53.57
C ASP UE 105 -83.92 -79.28 53.06
N GLN UE 106 -83.45 -78.32 53.85
CA GLN UE 106 -83.53 -76.91 53.51
C GLN UE 106 -84.97 -76.50 53.24
N ARG UE 107 -85.86 -76.89 54.15
CA ARG UE 107 -87.29 -76.67 54.03
C ARG UE 107 -87.73 -75.65 55.07
N LEU UE 108 -88.34 -74.57 54.60
CA LEU UE 108 -88.90 -73.56 55.49
C LEU UE 108 -90.25 -74.03 56.03
N PRO UE 109 -90.65 -73.52 57.21
CA PRO UE 109 -91.90 -74.01 57.82
C PRO UE 109 -93.14 -73.36 57.24
N LEU UE 110 -93.20 -73.26 55.91
CA LEU UE 110 -94.31 -72.60 55.25
C LEU UE 110 -95.12 -73.51 54.34
N ALA UE 111 -94.76 -74.79 54.24
CA ALA UE 111 -95.57 -75.73 53.48
C ALA UE 111 -96.97 -75.82 54.08
N THR UE 112 -97.96 -75.98 53.22
CA THR UE 112 -99.34 -76.13 53.67
C THR UE 112 -99.71 -77.57 53.99
N VAL UE 113 -98.80 -78.52 53.79
CA VAL UE 113 -98.99 -79.93 54.12
C VAL UE 113 -100.12 -80.58 53.29
N SER VE 1 -92.43 -72.87 64.14
CA SER VE 1 -93.71 -72.98 63.46
C SER VE 1 -94.86 -72.46 64.32
N LYS VE 2 -95.20 -73.22 65.35
CA LYS VE 2 -96.37 -72.92 66.18
C LYS VE 2 -95.92 -72.87 67.65
N VAL VE 3 -96.89 -72.97 68.55
CA VAL VE 3 -96.71 -72.70 69.97
C VAL VE 3 -95.46 -73.38 70.54
N PHE VE 4 -94.55 -72.56 71.07
CA PHE VE 4 -93.32 -73.02 71.69
C PHE VE 4 -93.21 -72.35 73.05
N ASN VE 5 -92.84 -73.12 74.08
CA ASN VE 5 -92.70 -72.61 75.44
C ASN VE 5 -93.99 -71.92 75.88
N THR VE 6 -95.13 -72.54 75.57
CA THR VE 6 -96.47 -72.05 75.82
C THR VE 6 -96.80 -70.75 75.09
N GLN VE 7 -95.91 -70.25 74.25
CA GLN VE 7 -96.13 -69.01 73.53
C GLN VE 7 -96.44 -69.29 72.06
N THR VE 8 -97.49 -68.67 71.56
CA THR VE 8 -97.90 -68.83 70.17
C THR VE 8 -97.09 -67.88 69.30
N PHE VE 9 -96.37 -68.43 68.33
CA PHE VE 9 -95.57 -67.65 67.40
C PHE VE 9 -96.30 -67.64 66.06
N ASP VE 10 -96.86 -66.48 65.71
CA ASP VE 10 -97.55 -66.30 64.45
C ASP VE 10 -96.64 -65.62 63.45
N ILE VE 11 -96.89 -65.87 62.16
CA ILE VE 11 -95.94 -65.48 61.13
C ILE VE 11 -95.83 -63.96 61.09
N TYR VE 12 -94.61 -63.45 61.12
CA TYR VE 12 -94.35 -62.02 61.09
C TYR VE 12 -93.91 -61.51 59.74
N SER VE 13 -93.09 -62.26 59.03
CA SER VE 13 -92.66 -61.88 57.68
C SER VE 13 -92.16 -63.13 56.98
N THR VE 14 -92.14 -63.06 55.66
CA THR VE 14 -91.63 -64.16 54.84
C THR VE 14 -90.69 -63.60 53.79
N GLU VE 15 -89.49 -64.15 53.75
CA GLU VE 15 -88.49 -63.84 52.75
C GLU VE 15 -88.21 -65.10 51.93
N LYS VE 16 -87.48 -64.93 50.82
CA LYS VE 16 -87.12 -66.07 49.97
C LYS VE 16 -86.45 -67.18 50.78
N ASP VE 17 -85.66 -66.81 51.79
CA ASP VE 17 -84.92 -67.80 52.56
C ASP VE 17 -85.09 -67.64 54.06
N VAL VE 18 -85.92 -66.71 54.51
CA VAL VE 18 -86.15 -66.49 55.93
C VAL VE 18 -87.65 -66.46 56.18
N VAL VE 19 -88.08 -67.10 57.26
CA VAL VE 19 -89.43 -67.00 57.76
C VAL VE 19 -89.35 -66.60 59.23
N SER VE 20 -90.01 -65.50 59.58
CA SER VE 20 -90.00 -64.98 60.92
C SER VE 20 -91.37 -65.16 61.56
N LEU VE 21 -91.38 -65.55 62.82
CA LEU VE 21 -92.60 -65.67 63.60
C LEU VE 21 -92.51 -64.75 64.80
N ARG VE 22 -93.63 -64.19 65.20
CA ARG VE 22 -93.69 -63.31 66.35
C ARG VE 22 -94.72 -63.84 67.33
N ASP VE 23 -94.48 -63.58 68.62
CA ASP VE 23 -95.47 -63.93 69.63
C ASP VE 23 -96.74 -63.10 69.46
N PHE VE 24 -96.59 -61.78 69.33
CA PHE VE 24 -97.68 -60.81 69.18
C PHE VE 24 -98.48 -60.67 70.47
N ALA VE 25 -98.19 -61.50 71.46
CA ALA VE 25 -98.77 -61.37 72.79
C ALA VE 25 -97.90 -60.52 73.70
N ASN VE 26 -96.66 -60.92 73.92
CA ASN VE 26 -95.70 -60.10 74.62
C ASN VE 26 -94.91 -59.19 73.68
N ASP VE 27 -95.05 -59.37 72.36
CA ASP VE 27 -94.46 -58.50 71.36
C ASP VE 27 -92.95 -58.36 71.51
N LYS VE 28 -92.30 -59.39 72.05
CA LYS VE 28 -90.89 -59.28 72.35
C LYS VE 28 -90.03 -60.37 71.74
N ASP VE 29 -90.62 -61.48 71.29
CA ASP VE 29 -89.87 -62.64 70.81
C ASP VE 29 -90.13 -62.84 69.33
N THR VE 30 -89.05 -62.98 68.56
CA THR VE 30 -89.15 -63.29 67.13
C THR VE 30 -88.34 -64.53 66.83
N LEU VE 31 -88.97 -65.49 66.18
CA LEU VE 31 -88.35 -66.76 65.80
C LEU VE 31 -88.14 -66.77 64.30
N ALA VE 32 -86.89 -66.95 63.87
CA ALA VE 32 -86.52 -66.91 62.46
C ALA VE 32 -86.03 -68.28 62.02
N TYR VE 33 -86.42 -68.67 60.81
CA TYR VE 33 -85.94 -69.88 60.15
C TYR VE 33 -85.24 -69.44 58.87
N LYS VE 34 -83.95 -69.71 58.75
CA LYS VE 34 -83.14 -69.20 57.66
C LYS VE 34 -82.55 -70.36 56.88
N ARG VE 35 -82.44 -70.18 55.57
CA ARG VE 35 -82.10 -71.25 54.65
C ARG VE 35 -81.04 -70.76 53.66
N LEU VE 36 -79.91 -71.46 53.59
CA LEU VE 36 -78.90 -71.21 52.57
C LEU VE 36 -78.54 -72.53 51.93
N ALA VE 37 -79.09 -72.80 50.74
CA ALA VE 37 -78.83 -74.05 50.04
C ALA VE 37 -77.36 -74.14 49.62
N PRO VE 38 -76.84 -75.36 49.47
CA PRO VE 38 -75.44 -75.51 49.06
C PRO VE 38 -75.19 -74.99 47.66
N LYS VE 39 -74.00 -74.45 47.44
CA LYS VE 39 -73.57 -74.00 46.12
C LYS VE 39 -72.36 -74.83 45.70
N ARG VE 40 -72.43 -75.39 44.50
CA ARG VE 40 -71.41 -76.30 43.98
C ARG VE 40 -70.32 -75.48 43.29
N THR VE 41 -69.54 -74.77 44.11
CA THR VE 41 -68.49 -73.91 43.57
C THR VE 41 -67.27 -74.69 43.11
N LYS VE 42 -67.16 -75.96 43.49
CA LYS VE 42 -66.06 -76.81 43.09
C LYS VE 42 -66.59 -78.23 42.98
N ASP VE 43 -65.67 -79.20 42.98
CA ASP VE 43 -66.04 -80.61 42.98
C ASP VE 43 -66.92 -80.92 44.19
N SER VE 44 -66.74 -80.17 45.27
CA SER VE 44 -67.61 -80.31 46.42
C SER VE 44 -69.04 -79.92 46.04
N PRO VE 45 -70.05 -80.59 46.57
CA PRO VE 45 -71.43 -80.16 46.33
C PRO VE 45 -71.84 -78.96 47.17
N GLY VE 46 -70.91 -78.35 47.90
CA GLY VE 46 -71.21 -77.22 48.75
C GLY VE 46 -71.71 -77.63 50.11
N MET VE 47 -71.92 -76.63 50.95
CA MET VE 47 -72.46 -76.82 52.29
C MET VE 47 -73.86 -76.26 52.36
N ALA VE 48 -74.81 -77.08 52.83
CA ALA VE 48 -76.16 -76.64 53.09
C ALA VE 48 -76.19 -75.94 54.45
N LYS VE 49 -76.50 -74.65 54.45
CA LYS VE 49 -76.57 -73.89 55.68
C LYS VE 49 -78.02 -73.76 56.14
N SER VE 50 -78.22 -73.84 57.45
CA SER VE 50 -79.50 -73.52 58.06
C SER VE 50 -79.26 -72.67 59.30
N GLU VE 51 -80.29 -71.94 59.71
CA GLU VE 51 -80.18 -71.10 60.89
C GLU VE 51 -81.54 -71.00 61.55
N LEU VE 52 -81.59 -71.29 62.85
CA LEU VE 52 -82.81 -71.16 63.64
C LEU VE 52 -82.46 -70.30 64.85
N LYS VE 53 -82.92 -69.06 64.86
CA LYS VE 53 -82.55 -68.12 65.91
C LYS VE 53 -83.79 -67.55 66.57
N ILE VE 54 -83.66 -67.28 67.86
CA ILE VE 54 -84.70 -66.64 68.65
C ILE VE 54 -84.14 -65.32 69.17
N THR VE 55 -84.91 -64.27 69.03
CA THR VE 55 -84.50 -62.94 69.45
C THR VE 55 -85.52 -62.38 70.42
N ARG VE 56 -85.03 -61.85 71.54
CA ARG VE 56 -85.86 -61.15 72.50
C ARG VE 56 -85.41 -59.71 72.60
N VAL VE 57 -86.32 -58.80 72.29
CA VAL VE 57 -86.09 -57.37 72.45
C VAL VE 57 -87.20 -56.83 73.35
N ASP VE 58 -86.85 -55.87 74.19
CA ASP VE 58 -87.88 -55.32 75.05
C ASP VE 58 -88.65 -54.29 74.22
N PRO VE 59 -89.94 -54.49 73.97
CA PRO VE 59 -90.62 -53.67 72.96
C PRO VE 59 -91.15 -52.35 73.47
N THR VE 60 -90.38 -51.64 74.28
CA THR VE 60 -90.72 -50.24 74.57
C THR VE 60 -89.53 -49.37 74.19
N THR VE 61 -88.34 -49.77 74.63
CA THR VE 61 -87.12 -49.07 74.26
C THR VE 61 -86.33 -49.78 73.17
N GLY VE 62 -86.76 -50.96 72.76
CA GLY VE 62 -86.08 -51.66 71.69
C GLY VE 62 -84.68 -52.11 72.01
N VAL VE 63 -84.42 -52.53 73.24
CA VAL VE 63 -83.11 -53.00 73.65
C VAL VE 63 -83.03 -54.50 73.41
N LEU VE 64 -81.95 -54.94 72.77
CA LEU VE 64 -81.71 -56.37 72.61
C LEU VE 64 -81.47 -56.97 73.98
N ILE VE 65 -82.28 -57.95 74.34
CA ILE VE 65 -82.05 -58.65 75.60
C ILE VE 65 -81.16 -59.87 75.38
N GLY VE 66 -81.40 -60.61 74.31
CA GLY VE 66 -80.55 -61.75 74.00
C GLY VE 66 -80.98 -62.43 72.73
N ILE VE 67 -80.01 -63.15 72.14
CA ILE VE 67 -80.22 -63.98 70.97
C ILE VE 67 -79.62 -65.35 71.24
N VAL VE 68 -80.36 -66.40 70.92
CA VAL VE 68 -79.85 -67.76 70.90
C VAL VE 68 -80.04 -68.29 69.49
N ASN VE 69 -78.97 -68.79 68.89
CA ASN VE 69 -78.94 -69.15 67.47
C ASN VE 69 -78.51 -70.59 67.32
N VAL VE 70 -79.23 -71.34 66.49
CA VAL VE 70 -78.86 -72.71 66.13
C VAL VE 70 -78.56 -72.72 64.64
N SER VE 71 -77.30 -72.94 64.30
CA SER VE 71 -76.84 -72.88 62.92
C SER VE 71 -76.33 -74.24 62.47
N SER VE 72 -76.49 -74.53 61.19
CA SER VE 72 -76.01 -75.77 60.60
C SER VE 72 -75.18 -75.46 59.37
N SER VE 73 -74.09 -76.20 59.20
CA SER VE 73 -73.30 -76.19 57.98
C SER VE 73 -72.93 -77.64 57.71
N ILE VE 74 -73.79 -78.33 56.96
CA ILE VE 74 -73.63 -79.74 56.68
C ILE VE 74 -73.37 -79.90 55.19
N ARG VE 75 -72.42 -80.78 54.85
CA ARG VE 75 -72.10 -81.03 53.45
C ARG VE 75 -73.34 -81.49 52.71
N ALA VE 76 -73.49 -81.01 51.48
CA ALA VE 76 -74.68 -81.35 50.70
C ALA VE 76 -74.79 -82.84 50.49
N ASP VE 77 -73.67 -83.52 50.26
CA ASP VE 77 -73.67 -84.96 50.10
C ASP VE 77 -73.70 -85.72 51.42
N ALA VE 78 -73.54 -85.03 52.55
CA ALA VE 78 -73.42 -85.72 53.82
C ALA VE 78 -74.68 -86.52 54.11
N THR VE 79 -74.47 -87.76 54.52
CA THR VE 79 -75.58 -88.70 54.72
C THR VE 79 -76.45 -88.25 55.88
N ALA VE 80 -77.70 -88.71 55.86
CA ALA VE 80 -78.60 -88.44 56.97
C ALA VE 80 -78.09 -89.07 58.27
N ALA VE 81 -77.27 -90.12 58.16
CA ALA VE 81 -76.66 -90.71 59.34
C ALA VE 81 -75.77 -89.71 60.05
N ASP VE 82 -74.83 -89.10 59.32
CA ASP VE 82 -74.04 -88.03 59.91
C ASP VE 82 -74.93 -86.86 60.30
N LYS VE 83 -75.96 -86.60 59.50
CA LYS VE 83 -76.79 -85.44 59.72
C LYS VE 83 -77.68 -85.60 60.95
N THR VE 84 -78.17 -86.82 61.19
CA THR VE 84 -78.99 -87.06 62.39
C THR VE 84 -78.12 -87.15 63.63
N ALA VE 85 -76.91 -87.69 63.50
CA ALA VE 85 -76.00 -87.76 64.64
C ALA VE 85 -75.61 -86.36 65.10
N LEU VE 86 -75.43 -85.45 64.16
CA LEU VE 86 -75.11 -84.07 64.50
C LEU VE 86 -76.24 -83.42 65.29
N MET VE 87 -77.49 -83.72 64.91
CA MET VE 87 -78.63 -83.18 65.65
C MET VE 87 -78.78 -83.85 67.00
N ALA VE 88 -78.56 -85.17 67.06
CA ALA VE 88 -78.73 -85.90 68.30
C ALA VE 88 -77.71 -85.47 69.35
N ILE VE 89 -76.46 -85.25 68.93
CA ILE VE 89 -75.43 -84.86 69.88
C ILE VE 89 -75.70 -83.46 70.42
N ILE VE 90 -75.99 -82.51 69.53
CA ILE VE 90 -76.15 -81.13 69.98
C ILE VE 90 -77.38 -80.97 70.84
N THR VE 91 -78.44 -81.71 70.56
CA THR VE 91 -79.63 -81.69 71.41
C THR VE 91 -79.33 -82.34 72.75
N ALA VE 92 -78.59 -83.45 72.75
CA ALA VE 92 -78.21 -84.09 74.00
C ALA VE 92 -77.31 -83.16 74.82
N ALA VE 93 -76.39 -82.48 74.17
CA ALA VE 93 -75.52 -81.54 74.87
C ALA VE 93 -76.31 -80.36 75.44
N GLN VE 94 -77.31 -79.87 74.70
CA GLN VE 94 -78.12 -78.76 75.19
C GLN VE 94 -78.95 -79.17 76.40
N ALA VE 95 -79.55 -80.36 76.36
CA ALA VE 95 -80.30 -80.84 77.49
C ALA VE 95 -79.43 -81.02 78.72
N ASP VE 96 -78.13 -81.26 78.53
CA ASP VE 96 -77.21 -81.40 79.64
C ASP VE 96 -76.98 -80.05 80.32
N GLY VE 97 -76.68 -80.11 81.62
CA GLY VE 97 -76.59 -78.90 82.42
C GLY VE 97 -75.41 -78.01 82.09
N ALA VE 98 -74.39 -78.53 81.43
CA ALA VE 98 -73.24 -77.71 81.09
C ALA VE 98 -73.62 -76.57 80.15
N TRP VE 99 -74.50 -76.84 79.18
CA TRP VE 99 -74.98 -75.76 78.32
C TRP VE 99 -75.80 -74.76 79.10
N THR VE 100 -76.58 -75.22 80.07
CA THR VE 100 -77.35 -74.31 80.91
C THR VE 100 -76.44 -73.34 81.66
N GLU VE 101 -75.31 -73.84 82.16
CA GLU VE 101 -74.37 -73.00 82.89
C GLU VE 101 -73.43 -72.22 81.99
N LEU VE 102 -73.16 -72.70 80.78
CA LEU VE 102 -72.39 -71.90 79.84
C LEU VE 102 -73.13 -70.60 79.54
N VAL VE 103 -74.43 -70.68 79.35
CA VAL VE 103 -75.29 -69.51 79.43
C VAL VE 103 -75.56 -69.22 80.90
N THR VE 104 -75.92 -67.97 81.21
CA THR VE 104 -76.31 -67.54 82.55
C THR VE 104 -75.15 -67.49 83.54
N ASP VE 105 -74.02 -68.09 83.19
CA ASP VE 105 -72.85 -68.07 84.08
C ASP VE 105 -71.53 -67.87 83.36
N GLN VE 106 -71.47 -68.06 82.05
CA GLN VE 106 -70.21 -68.16 81.31
C GLN VE 106 -69.28 -69.18 81.95
N ARG VE 107 -69.86 -70.32 82.34
CA ARG VE 107 -69.15 -71.38 83.04
C ARG VE 107 -68.77 -72.48 82.07
N LEU VE 108 -67.48 -72.72 81.92
CA LEU VE 108 -67.02 -73.80 81.06
C LEU VE 108 -67.12 -75.14 81.79
N PRO VE 109 -67.33 -76.23 81.05
CA PRO VE 109 -67.47 -77.54 81.70
C PRO VE 109 -66.13 -78.07 82.15
N LEU VE 110 -65.59 -77.49 83.20
CA LEU VE 110 -64.31 -77.91 83.74
C LEU VE 110 -64.23 -77.85 85.26
N ALA VE 111 -65.34 -77.56 85.94
CA ALA VE 111 -65.33 -77.50 87.40
C ALA VE 111 -65.19 -78.90 87.99
N THR VE 112 -64.45 -78.99 89.10
CA THR VE 112 -64.24 -80.26 89.79
C THR VE 112 -65.36 -80.62 90.75
N VAL VE 113 -66.34 -79.73 90.93
CA VAL VE 113 -67.47 -79.93 91.84
C VAL VE 113 -67.01 -80.13 93.27
N SER WE 1 -103.85 -81.36 16.16
CA SER WE 1 -104.27 -82.20 15.04
C SER WE 1 -105.67 -81.85 14.56
N LYS WE 2 -106.68 -82.22 15.35
CA LYS WE 2 -108.07 -82.05 14.95
C LYS WE 2 -108.80 -81.34 16.10
N VAL WE 3 -110.13 -81.36 16.04
CA VAL WE 3 -111.00 -80.44 16.78
C VAL WE 3 -110.58 -80.28 18.24
N PHE WE 4 -110.29 -79.04 18.62
CA PHE WE 4 -109.91 -78.65 19.97
C PHE WE 4 -110.84 -77.53 20.40
N ASN WE 5 -111.41 -77.67 21.60
CA ASN WE 5 -112.30 -76.64 22.13
C ASN WE 5 -113.46 -76.37 21.17
N THR WE 6 -113.96 -77.43 20.54
CA THR WE 6 -115.02 -77.42 19.55
C THR WE 6 -114.68 -76.64 18.29
N GLN WE 7 -113.44 -76.20 18.12
CA GLN WE 7 -113.00 -75.54 16.90
C GLN WE 7 -112.23 -76.54 16.05
N THR WE 8 -112.42 -76.46 14.74
CA THR WE 8 -111.73 -77.34 13.81
C THR WE 8 -110.42 -76.68 13.40
N PHE WE 9 -109.32 -77.39 13.60
CA PHE WE 9 -108.01 -76.91 13.20
C PHE WE 9 -107.54 -77.75 12.02
N ASP WE 10 -107.33 -77.09 10.89
CA ASP WE 10 -106.84 -77.74 9.68
C ASP WE 10 -105.42 -77.30 9.42
N ILE WE 11 -104.65 -78.18 8.77
CA ILE WE 11 -103.25 -77.87 8.53
C ILE WE 11 -103.15 -76.66 7.61
N TYR WE 12 -102.39 -75.67 8.04
CA TYR WE 12 -102.15 -74.48 7.25
C TYR WE 12 -100.79 -74.49 6.58
N SER WE 13 -99.78 -75.02 7.23
CA SER WE 13 -98.42 -75.00 6.71
C SER WE 13 -97.71 -76.27 7.13
N THR WE 14 -96.82 -76.73 6.27
CA THR WE 14 -95.99 -77.89 6.57
C THR WE 14 -94.54 -77.48 6.36
N GLU WE 15 -93.73 -77.66 7.38
CA GLU WE 15 -92.33 -77.29 7.37
C GLU WE 15 -91.50 -78.49 7.81
N LYS WE 16 -90.19 -78.39 7.60
CA LYS WE 16 -89.26 -79.44 8.03
C LYS WE 16 -89.46 -79.80 9.49
N ASP WE 17 -89.50 -78.81 10.37
CA ASP WE 17 -89.63 -79.03 11.81
C ASP WE 17 -90.81 -78.28 12.42
N VAL WE 18 -91.72 -77.75 11.60
CA VAL WE 18 -92.88 -77.03 12.09
C VAL WE 18 -94.11 -77.50 11.33
N VAL WE 19 -95.21 -77.68 12.05
CA VAL WE 19 -96.52 -77.91 11.45
C VAL WE 19 -97.48 -76.91 12.09
N SER WE 20 -98.25 -76.22 11.27
CA SER WE 20 -99.14 -75.17 11.73
C SER WE 20 -100.58 -75.49 11.33
N LEU WE 21 -101.50 -75.26 12.27
CA LEU WE 21 -102.93 -75.49 12.03
C LEU WE 21 -103.70 -74.20 12.25
N ARG WE 22 -104.62 -73.91 11.34
CA ARG WE 22 -105.46 -72.74 11.43
C ARG WE 22 -106.89 -73.19 11.67
N ASP WE 23 -107.64 -72.39 12.43
CA ASP WE 23 -109.06 -72.66 12.59
C ASP WE 23 -109.80 -72.54 11.27
N PHE WE 24 -109.52 -71.47 10.52
CA PHE WE 24 -110.11 -71.20 9.20
C PHE WE 24 -111.59 -70.85 9.31
N ALA WE 25 -112.14 -70.96 10.51
CA ALA WE 25 -113.51 -70.54 10.80
C ALA WE 25 -113.55 -69.18 11.46
N ASN WE 26 -112.78 -68.99 12.54
CA ASN WE 26 -112.60 -67.67 13.11
C ASN WE 26 -111.44 -66.91 12.51
N ASP WE 27 -110.54 -67.60 11.80
CA ASP WE 27 -109.37 -67.01 11.17
C ASP WE 27 -108.54 -66.20 12.17
N LYS WE 28 -108.50 -66.65 13.41
CA LYS WE 28 -107.78 -65.94 14.45
C LYS WE 28 -106.87 -66.83 15.29
N ASP WE 29 -107.07 -68.13 15.27
CA ASP WE 29 -106.31 -69.07 16.10
C ASP WE 29 -105.36 -69.88 15.25
N THR WE 30 -104.11 -69.94 15.67
CA THR WE 30 -103.09 -70.74 14.99
C THR WE 30 -102.43 -71.65 16.00
N LEU WE 31 -102.39 -72.95 15.71
CA LEU WE 31 -101.74 -73.94 16.55
C LEU WE 31 -100.51 -74.47 15.80
N ALA WE 32 -99.34 -74.32 16.40
CA ALA WE 32 -98.08 -74.69 15.78
C ALA WE 32 -97.38 -75.76 16.59
N TYR WE 33 -96.92 -76.81 15.91
CA TYR WE 33 -96.08 -77.85 16.50
C TYR WE 33 -94.66 -77.60 16.02
N LYS WE 34 -93.76 -77.27 16.93
CA LYS WE 34 -92.37 -76.99 16.60
C LYS WE 34 -91.46 -78.06 17.17
N ARG WE 35 -90.46 -78.44 16.38
CA ARG WE 35 -89.56 -79.53 16.67
C ARG WE 35 -88.12 -79.02 16.64
N LEU WE 36 -87.27 -79.59 17.48
CA LEU WE 36 -85.85 -79.23 17.47
C LEU WE 36 -85.06 -80.38 18.10
N ALA WE 37 -84.31 -81.10 17.27
CA ALA WE 37 -83.61 -82.29 17.73
C ALA WE 37 -82.48 -81.93 18.68
N PRO WE 38 -82.13 -82.83 19.61
CA PRO WE 38 -81.00 -82.56 20.50
C PRO WE 38 -79.67 -82.57 19.75
N LYS WE 39 -78.77 -81.70 20.19
CA LYS WE 39 -77.46 -81.56 19.56
C LYS WE 39 -76.38 -82.03 20.53
N ARG WE 40 -75.59 -83.02 20.09
CA ARG WE 40 -74.53 -83.59 20.90
C ARG WE 40 -73.29 -82.71 20.74
N THR WE 41 -73.36 -81.52 21.31
CA THR WE 41 -72.26 -80.58 21.24
C THR WE 41 -71.13 -80.94 22.21
N LYS WE 42 -71.34 -81.97 23.03
CA LYS WE 42 -70.37 -82.40 24.02
C LYS WE 42 -70.65 -83.85 24.34
N ASP WE 43 -70.09 -84.33 25.45
CA ASP WE 43 -70.38 -85.68 25.92
C ASP WE 43 -71.87 -85.88 26.09
N SER WE 44 -72.57 -84.85 26.56
CA SER WE 44 -74.01 -84.93 26.73
C SER WE 44 -74.69 -85.14 25.38
N PRO WE 45 -75.72 -85.98 25.31
CA PRO WE 45 -76.37 -86.22 24.02
C PRO WE 45 -77.23 -85.08 23.51
N GLY WE 46 -77.32 -83.98 24.26
CA GLY WE 46 -78.09 -82.83 23.84
C GLY WE 46 -79.50 -82.81 24.42
N MET WE 47 -80.17 -81.69 24.20
CA MET WE 47 -81.48 -81.45 24.80
C MET WE 47 -82.52 -81.40 23.69
N ALA WE 48 -83.51 -82.28 23.77
CA ALA WE 48 -84.54 -82.39 22.72
C ALA WE 48 -85.61 -81.35 22.97
N LYS WE 49 -85.71 -80.37 22.07
CA LYS WE 49 -86.64 -79.26 22.22
C LYS WE 49 -87.95 -79.57 21.51
N SER WE 50 -89.05 -79.25 22.16
CA SER WE 50 -90.38 -79.33 21.56
C SER WE 50 -91.13 -78.06 21.87
N GLU WE 51 -92.16 -77.78 21.07
CA GLU WE 51 -92.96 -76.58 21.29
C GLU WE 51 -94.36 -76.81 20.75
N LEU WE 52 -95.35 -76.45 21.55
CA LEU WE 52 -96.75 -76.47 21.17
C LEU WE 52 -97.37 -75.15 21.62
N LYS WE 53 -97.73 -74.30 20.67
CA LYS WE 53 -98.22 -72.98 21.01
C LYS WE 53 -99.47 -72.65 20.21
N ILE WE 54 -100.36 -71.89 20.83
CA ILE WE 54 -101.57 -71.37 20.21
C ILE WE 54 -101.48 -69.85 20.21
N THR WE 55 -101.69 -69.24 19.05
CA THR WE 55 -101.60 -67.80 18.90
C THR WE 55 -102.93 -67.26 18.40
N ARG WE 56 -103.45 -66.26 19.11
CA ARG WE 56 -104.69 -65.61 18.72
C ARG WE 56 -104.36 -64.19 18.25
N VAL WE 57 -104.75 -63.89 17.02
CA VAL WE 57 -104.54 -62.57 16.44
C VAL WE 57 -105.90 -62.06 15.97
N ASP WE 58 -106.19 -60.82 16.28
CA ASP WE 58 -107.51 -60.28 15.93
C ASP WE 58 -107.63 -60.12 14.43
N PRO WE 59 -108.56 -60.81 13.77
CA PRO WE 59 -108.54 -60.86 12.30
C PRO WE 59 -109.29 -59.72 11.62
N THR WE 60 -109.11 -58.47 12.08
CA THR WE 60 -109.56 -57.33 11.29
C THR WE 60 -108.43 -56.31 11.15
N THR WE 61 -107.64 -56.14 12.21
CA THR WE 61 -106.47 -55.28 12.17
C THR WE 61 -105.16 -56.01 12.44
N GLY WE 62 -105.23 -57.26 12.88
CA GLY WE 62 -104.03 -58.05 13.08
C GLY WE 62 -103.28 -57.79 14.36
N VAL WE 63 -103.98 -57.53 15.46
CA VAL WE 63 -103.33 -57.30 16.75
C VAL WE 63 -103.30 -58.62 17.53
N LEU WE 64 -102.12 -58.97 18.02
CA LEU WE 64 -101.93 -60.20 18.78
C LEU WE 64 -102.71 -60.11 20.09
N ILE WE 65 -103.70 -60.98 20.26
CA ILE WE 65 -104.46 -61.02 21.50
C ILE WE 65 -103.69 -61.73 22.59
N GLY WE 66 -103.22 -62.94 22.32
CA GLY WE 66 -102.52 -63.70 23.35
C GLY WE 66 -101.85 -64.92 22.75
N ILE WE 67 -100.89 -65.44 23.52
CA ILE WE 67 -100.18 -66.66 23.18
C ILE WE 67 -100.05 -67.52 24.42
N VAL WE 68 -100.38 -68.80 24.29
CA VAL WE 68 -100.03 -69.81 25.28
C VAL WE 68 -99.11 -70.81 24.60
N ASN WE 69 -97.91 -70.98 25.15
CA ASN WE 69 -96.89 -71.84 24.57
C ASN WE 69 -96.51 -72.91 25.57
N VAL WE 70 -96.40 -74.15 25.11
CA VAL WE 70 -95.91 -75.25 25.92
C VAL WE 70 -94.61 -75.72 25.28
N SER WE 71 -93.50 -75.47 25.97
CA SER WE 71 -92.18 -75.84 25.48
C SER WE 71 -91.58 -76.89 26.39
N SER WE 72 -90.93 -77.88 25.78
CA SER WE 72 -90.23 -78.92 26.50
C SER WE 72 -88.77 -78.93 26.11
N SER WE 73 -87.91 -79.07 27.11
CA SER WE 73 -86.47 -79.19 26.92
C SER WE 73 -86.05 -80.38 27.77
N ILE WE 74 -85.99 -81.55 27.15
CA ILE WE 74 -85.70 -82.80 27.84
C ILE WE 74 -84.40 -83.36 27.30
N ARG WE 75 -83.57 -83.89 28.20
CA ARG WE 75 -82.33 -84.53 27.81
C ARG WE 75 -82.60 -85.62 26.78
N ALA WE 76 -81.70 -85.72 25.80
CA ALA WE 76 -81.82 -86.76 24.79
C ALA WE 76 -81.74 -88.15 25.40
N ASP WE 77 -81.05 -88.28 26.54
CA ASP WE 77 -80.93 -89.56 27.22
C ASP WE 77 -82.01 -89.80 28.28
N ALA WE 78 -82.89 -88.84 28.51
CA ALA WE 78 -83.86 -88.97 29.58
C ALA WE 78 -84.83 -90.11 29.32
N THR WE 79 -85.18 -90.83 30.38
CA THR WE 79 -86.02 -92.01 30.25
C THR WE 79 -87.46 -91.62 29.97
N ALA WE 80 -88.21 -92.57 29.39
CA ALA WE 80 -89.62 -92.34 29.13
C ALA WE 80 -90.41 -92.14 30.41
N ALA WE 81 -89.94 -92.71 31.52
CA ALA WE 81 -90.56 -92.45 32.81
C ALA WE 81 -90.41 -90.99 33.22
N ASP WE 82 -89.23 -90.41 32.98
CA ASP WE 82 -89.05 -88.98 33.22
C ASP WE 82 -89.96 -88.17 32.33
N LYS WE 83 -90.06 -88.55 31.06
CA LYS WE 83 -90.87 -87.78 30.12
C LYS WE 83 -92.36 -87.92 30.40
N THR WE 84 -92.79 -89.10 30.84
CA THR WE 84 -94.17 -89.26 31.23
C THR WE 84 -94.48 -88.48 32.51
N ALA WE 85 -93.56 -88.51 33.47
CA ALA WE 85 -93.76 -87.78 34.71
C ALA WE 85 -93.80 -86.28 34.48
N LEU WE 86 -92.92 -85.77 33.61
CA LEU WE 86 -92.89 -84.34 33.35
C LEU WE 86 -94.20 -83.88 32.72
N MET WE 87 -94.75 -84.67 31.79
CA MET WE 87 -96.01 -84.31 31.17
C MET WE 87 -97.17 -84.47 32.14
N ALA WE 88 -97.14 -85.50 32.98
CA ALA WE 88 -98.22 -85.75 33.91
C ALA WE 88 -98.29 -84.68 34.99
N ILE WE 89 -97.13 -84.25 35.49
CA ILE WE 89 -97.11 -83.20 36.52
C ILE WE 89 -97.62 -81.88 35.94
N ILE WE 90 -97.10 -81.49 34.78
CA ILE WE 90 -97.49 -80.20 34.21
C ILE WE 90 -98.96 -80.21 33.77
N THR WE 91 -99.45 -81.35 33.29
CA THR WE 91 -100.86 -81.42 32.91
C THR WE 91 -101.76 -81.32 34.13
N ALA WE 92 -101.38 -81.98 35.22
CA ALA WE 92 -102.14 -81.87 36.46
C ALA WE 92 -102.11 -80.45 37.02
N ALA WE 93 -100.95 -79.79 36.95
CA ALA WE 93 -100.86 -78.42 37.43
C ALA WE 93 -101.74 -77.48 36.61
N GLN WE 94 -101.76 -77.65 35.29
CA GLN WE 94 -102.66 -76.85 34.46
C GLN WE 94 -104.11 -77.12 34.80
N ALA WE 95 -104.45 -78.38 35.06
CA ALA WE 95 -105.80 -78.72 35.49
C ALA WE 95 -106.12 -78.15 36.87
N ASP WE 96 -105.12 -77.91 37.69
CA ASP WE 96 -105.32 -77.25 38.96
C ASP WE 96 -105.75 -75.80 38.73
N GLY WE 97 -106.49 -75.27 39.70
CA GLY WE 97 -107.03 -73.93 39.56
C GLY WE 97 -106.02 -72.83 39.74
N ALA WE 98 -104.84 -73.14 40.29
CA ALA WE 98 -103.82 -72.13 40.47
C ALA WE 98 -103.33 -71.59 39.13
N TRP WE 99 -103.28 -72.44 38.11
CA TRP WE 99 -102.92 -71.98 36.78
C TRP WE 99 -103.99 -71.08 36.19
N THR WE 100 -105.26 -71.44 36.37
CA THR WE 100 -106.35 -70.62 35.86
C THR WE 100 -106.41 -69.27 36.56
N GLU WE 101 -105.78 -69.14 37.72
CA GLU WE 101 -105.66 -67.86 38.41
C GLU WE 101 -104.40 -67.11 38.01
N LEU WE 102 -103.30 -67.83 37.76
CA LEU WE 102 -102.09 -67.19 37.28
C LEU WE 102 -102.34 -66.53 35.93
N VAL WE 103 -102.99 -67.23 35.04
CA VAL WE 103 -103.59 -66.62 33.86
C VAL WE 103 -104.90 -65.99 34.29
N THR WE 104 -105.27 -64.90 33.62
CA THR WE 104 -106.53 -64.17 33.81
C THR WE 104 -106.58 -63.36 35.09
N ASP WE 105 -105.64 -63.58 36.02
CA ASP WE 105 -105.58 -62.73 37.20
C ASP WE 105 -104.18 -62.36 37.64
N GLN WE 106 -103.14 -63.04 37.17
CA GLN WE 106 -101.79 -62.89 37.68
C GLN WE 106 -101.76 -63.12 39.19
N ARG WE 107 -102.45 -64.16 39.63
CA ARG WE 107 -102.56 -64.50 41.03
C ARG WE 107 -101.63 -65.67 41.33
N LEU WE 108 -100.75 -65.50 42.28
CA LEU WE 108 -99.81 -66.53 42.66
C LEU WE 108 -100.41 -67.45 43.72
N PRO WE 109 -99.93 -68.69 43.82
CA PRO WE 109 -100.40 -69.57 44.88
C PRO WE 109 -99.79 -69.23 46.23
N LEU WE 110 -100.04 -68.03 46.73
CA LEU WE 110 -99.63 -67.64 48.06
C LEU WE 110 -100.71 -66.93 48.86
N ALA WE 111 -101.83 -66.58 48.24
CA ALA WE 111 -102.92 -65.93 48.96
C ALA WE 111 -103.51 -66.88 50.00
N THR WE 112 -103.91 -66.33 51.13
CA THR WE 112 -104.41 -67.12 52.25
C THR WE 112 -105.89 -67.45 52.14
N VAL WE 113 -106.59 -66.93 51.14
CA VAL WE 113 -108.02 -67.16 50.93
C VAL WE 113 -108.84 -66.66 52.12
N SER XE 1 -107.93 -56.51 54.17
CA SER XE 1 -107.87 -57.93 54.46
C SER XE 1 -108.88 -58.70 53.61
N LYS XE 2 -110.16 -58.40 53.79
CA LYS XE 2 -111.23 -59.04 53.05
C LYS XE 2 -112.24 -57.96 52.67
N VAL XE 3 -113.45 -58.39 52.28
CA VAL XE 3 -114.45 -57.53 51.67
C VAL XE 3 -114.65 -56.22 52.43
N PHE XE 4 -114.44 -55.11 51.71
CA PHE XE 4 -114.64 -53.77 52.23
C PHE XE 4 -115.47 -53.00 51.21
N ASN XE 5 -116.50 -52.30 51.69
CA ASN XE 5 -117.35 -51.50 50.83
C ASN XE 5 -117.88 -52.35 49.68
N THR XE 6 -118.41 -53.52 50.02
CA THR XE 6 -118.99 -54.50 49.11
C THR XE 6 -118.02 -54.98 48.04
N GLN XE 7 -116.72 -54.81 48.22
CA GLN XE 7 -115.74 -55.29 47.27
C GLN XE 7 -114.77 -56.25 47.95
N THR XE 8 -114.48 -57.37 47.27
CA THR XE 8 -113.65 -58.41 47.84
C THR XE 8 -112.20 -58.16 47.47
N PHE XE 9 -111.38 -57.86 48.46
CA PHE XE 9 -109.96 -57.57 48.25
C PHE XE 9 -109.19 -58.84 48.56
N ASP XE 10 -108.47 -59.35 47.57
CA ASP XE 10 -107.70 -60.57 47.69
C ASP XE 10 -106.21 -60.26 47.59
N ILE XE 11 -105.40 -61.13 48.19
CA ILE XE 11 -103.97 -60.91 48.25
C ILE XE 11 -103.40 -60.93 46.84
N TYR XE 12 -102.69 -59.88 46.47
CA TYR XE 12 -101.97 -59.88 45.22
C TYR XE 12 -100.48 -60.07 45.38
N SER XE 13 -99.88 -59.45 46.40
CA SER XE 13 -98.45 -59.44 46.52
C SER XE 13 -98.07 -59.34 47.98
N THR XE 14 -96.98 -59.99 48.34
CA THR XE 14 -96.49 -59.99 49.72
C THR XE 14 -94.99 -59.74 49.69
N GLU XE 15 -94.57 -58.67 50.34
CA GLU XE 15 -93.16 -58.33 50.48
C GLU XE 15 -92.74 -58.59 51.93
N LYS XE 16 -91.51 -58.20 52.22
CA LYS XE 16 -91.04 -58.25 53.61
C LYS XE 16 -91.88 -57.36 54.50
N ASP XE 17 -92.27 -56.18 54.00
CA ASP XE 17 -92.93 -55.19 54.81
C ASP XE 17 -94.16 -54.58 54.16
N VAL XE 18 -94.58 -55.08 52.99
CA VAL XE 18 -95.77 -54.60 52.32
C VAL XE 18 -96.66 -55.78 51.96
N VAL XE 19 -97.96 -55.61 52.13
CA VAL XE 19 -98.96 -56.52 51.60
C VAL XE 19 -99.88 -55.70 50.70
N SER XE 20 -100.11 -56.18 49.48
CA SER XE 20 -100.99 -55.50 48.54
C SER XE 20 -102.17 -56.41 48.20
N LEU XE 21 -103.36 -55.82 48.19
CA LEU XE 21 -104.59 -56.52 47.85
C LEU XE 21 -105.29 -55.80 46.70
N ARG XE 22 -105.92 -56.57 45.83
CA ARG XE 22 -106.68 -56.04 44.71
C ARG XE 22 -108.09 -56.61 44.74
N ASP XE 23 -109.01 -55.89 44.10
CA ASP XE 23 -110.38 -56.36 44.01
C ASP XE 23 -110.48 -57.57 43.09
N PHE XE 24 -109.82 -57.50 41.93
CA PHE XE 24 -109.85 -58.55 40.90
C PHE XE 24 -111.22 -58.65 40.27
N ALA XE 25 -112.18 -57.86 40.76
CA ALA XE 25 -113.51 -57.77 40.18
C ALA XE 25 -113.66 -56.52 39.31
N ASN XE 26 -113.41 -55.34 39.86
CA ASN XE 26 -113.36 -54.13 39.07
C ASN XE 26 -111.95 -53.82 38.57
N ASP XE 27 -110.93 -54.50 39.09
CA ASP XE 27 -109.55 -54.37 38.65
C ASP XE 27 -109.08 -52.92 38.67
N LYS XE 28 -109.58 -52.13 39.61
CA LYS XE 28 -109.20 -50.74 39.70
C LYS XE 28 -108.73 -50.32 41.08
N ASP XE 29 -108.94 -51.13 42.11
CA ASP XE 29 -108.59 -50.77 43.48
C ASP XE 29 -107.47 -51.66 43.99
N THR XE 30 -106.46 -51.05 44.60
CA THR XE 30 -105.39 -51.77 45.27
C THR XE 30 -105.28 -51.24 46.69
N LEU XE 31 -105.34 -52.15 47.67
CA LEU XE 31 -105.21 -51.82 49.08
C LEU XE 31 -103.87 -52.33 49.57
N ALA XE 32 -103.07 -51.44 50.15
CA ALA XE 32 -101.72 -51.75 50.60
C ALA XE 32 -101.59 -51.53 52.09
N TYR XE 33 -101.01 -52.52 52.78
CA TYR XE 33 -100.66 -52.43 54.18
C TYR XE 33 -99.15 -52.39 54.27
N LYS XE 34 -98.61 -51.36 54.89
CA LYS XE 34 -97.17 -51.13 54.89
C LYS XE 34 -96.67 -51.01 56.32
N ARG XE 35 -95.43 -51.43 56.54
CA ARG XE 35 -94.90 -51.68 57.87
C ARG XE 35 -93.46 -51.20 57.95
N LEU XE 36 -93.19 -50.27 58.86
CA LEU XE 36 -91.82 -49.84 59.17
C LEU XE 36 -91.63 -49.89 60.68
N ALA XE 37 -90.86 -50.87 61.15
CA ALA XE 37 -90.61 -51.02 62.57
C ALA XE 37 -89.78 -49.84 63.11
N PRO XE 38 -89.94 -49.50 64.39
CA PRO XE 38 -89.17 -48.38 64.95
C PRO XE 38 -87.69 -48.70 65.00
N LYS XE 39 -86.88 -47.67 64.79
CA LYS XE 39 -85.43 -47.81 64.81
C LYS XE 39 -84.84 -46.92 65.90
N ARG XE 40 -84.06 -47.54 66.79
CA ARG XE 40 -83.48 -46.84 67.93
C ARG XE 40 -82.25 -46.08 67.45
N THR XE 41 -82.48 -44.87 66.95
CA THR XE 41 -81.41 -44.02 66.47
C THR XE 41 -80.76 -43.20 67.57
N LYS XE 42 -81.38 -43.15 68.74
CA LYS XE 42 -80.90 -42.30 69.82
C LYS XE 42 -81.48 -42.87 71.12
N ASP XE 43 -81.46 -42.05 72.18
CA ASP XE 43 -82.12 -42.40 73.42
C ASP XE 43 -83.60 -42.68 73.18
N SER XE 44 -84.17 -42.07 72.14
CA SER XE 44 -85.52 -42.42 71.74
C SER XE 44 -85.53 -43.80 71.10
N PRO XE 45 -86.55 -44.63 71.37
CA PRO XE 45 -86.61 -45.96 70.76
C PRO XE 45 -87.05 -45.96 69.31
N GLY XE 46 -87.30 -44.79 68.71
CA GLY XE 46 -87.78 -44.71 67.34
C GLY XE 46 -89.29 -44.69 67.25
N MET XE 47 -89.76 -44.41 66.04
CA MET XE 47 -91.19 -44.33 65.75
C MET XE 47 -91.58 -45.47 64.82
N ALA XE 48 -92.62 -46.20 65.19
CA ALA XE 48 -93.13 -47.30 64.37
C ALA XE 48 -94.07 -46.71 63.32
N LYS XE 49 -93.73 -46.92 62.06
CA LYS XE 49 -94.53 -46.37 60.97
C LYS XE 49 -95.54 -47.40 60.48
N SER XE 50 -96.67 -46.92 60.02
CA SER XE 50 -97.66 -47.72 59.32
C SER XE 50 -98.22 -46.90 58.17
N GLU XE 51 -98.83 -47.60 57.22
CA GLU XE 51 -99.45 -46.94 56.09
C GLU XE 51 -100.53 -47.85 55.53
N LEU XE 52 -101.75 -47.34 55.42
CA LEU XE 52 -102.87 -48.08 54.86
C LEU XE 52 -103.45 -47.23 53.75
N LYS XE 53 -103.16 -47.57 52.50
CA LYS XE 53 -103.53 -46.73 51.38
C LYS XE 53 -104.40 -47.49 50.39
N ILE XE 54 -105.42 -46.81 49.89
CA ILE XE 54 -106.28 -47.31 48.82
C ILE XE 54 -106.05 -46.47 47.58
N THR XE 55 -105.73 -47.13 46.48
CA THR XE 55 -105.47 -46.48 45.20
C THR XE 55 -106.47 -46.95 44.18
N ARG XE 56 -107.05 -46.01 43.43
CA ARG XE 56 -107.99 -46.32 42.37
C ARG XE 56 -107.41 -45.84 41.04
N VAL XE 57 -107.24 -46.78 40.13
CA VAL XE 57 -106.76 -46.50 38.78
C VAL XE 57 -107.75 -47.10 37.79
N ASP XE 58 -108.27 -46.28 36.89
CA ASP XE 58 -109.23 -46.86 35.94
C ASP XE 58 -108.50 -47.82 35.01
N PRO XE 59 -109.04 -49.00 34.77
CA PRO XE 59 -108.30 -50.00 34.00
C PRO XE 59 -108.53 -49.92 32.50
N THR XE 60 -108.49 -48.72 31.94
CA THR XE 60 -108.62 -48.58 30.49
C THR XE 60 -107.40 -47.85 29.93
N THR XE 61 -106.98 -46.80 30.62
CA THR XE 61 -105.77 -46.08 30.29
C THR XE 61 -104.76 -46.07 31.43
N GLY XE 62 -105.13 -46.60 32.60
CA GLY XE 62 -104.22 -46.65 33.72
C GLY XE 62 -104.00 -45.33 34.42
N VAL XE 63 -104.93 -44.39 34.31
CA VAL XE 63 -104.79 -43.09 34.95
C VAL XE 63 -105.16 -43.23 36.43
N LEU XE 64 -104.38 -42.57 37.28
CA LEU XE 64 -104.66 -42.59 38.71
C LEU XE 64 -105.85 -41.70 39.00
N ILE XE 65 -106.89 -42.26 39.59
CA ILE XE 65 -108.07 -41.47 39.92
C ILE XE 65 -107.90 -40.80 41.28
N GLY XE 66 -107.51 -41.55 42.29
CA GLY XE 66 -107.33 -40.97 43.61
C GLY XE 66 -106.71 -41.94 44.57
N ILE XE 67 -106.04 -41.39 45.58
CA ILE XE 67 -105.41 -42.14 46.65
C ILE XE 67 -105.87 -41.57 47.97
N VAL XE 68 -106.28 -42.46 48.88
CA VAL XE 68 -106.52 -42.10 50.28
C VAL XE 68 -105.56 -42.93 51.12
N ASN XE 69 -104.74 -42.25 51.91
CA ASN XE 69 -103.69 -42.90 52.70
C ASN XE 69 -103.90 -42.62 54.17
N VAL XE 70 -103.82 -43.66 54.98
CA VAL XE 70 -103.89 -43.54 56.43
C VAL XE 70 -102.56 -44.02 56.97
N SER XE 71 -101.72 -43.09 57.40
CA SER XE 71 -100.40 -43.40 57.91
C SER XE 71 -100.29 -42.99 59.37
N SER XE 72 -99.66 -43.84 60.17
CA SER XE 72 -99.43 -43.57 61.58
C SER XE 72 -97.93 -43.55 61.85
N SER XE 73 -97.53 -42.75 62.83
CA SER XE 73 -96.13 -42.63 63.25
C SER XE 73 -96.16 -42.48 64.77
N ILE XE 74 -95.88 -43.57 65.48
CA ILE XE 74 -96.07 -43.61 66.93
C ILE XE 74 -94.79 -44.12 67.59
N ARG XE 75 -94.45 -43.50 68.72
CA ARG XE 75 -93.26 -43.87 69.47
C ARG XE 75 -93.28 -45.35 69.84
N ALA XE 76 -92.11 -45.98 69.77
CA ALA XE 76 -92.00 -47.38 70.14
C ALA XE 76 -92.39 -47.59 71.60
N ASP XE 77 -92.06 -46.64 72.46
CA ASP XE 77 -92.39 -46.73 73.88
C ASP XE 77 -93.81 -46.29 74.20
N ALA XE 78 -94.55 -45.80 73.22
CA ALA XE 78 -95.86 -45.22 73.48
C ALA XE 78 -96.83 -46.29 73.97
N THR XE 79 -97.75 -45.87 74.82
CA THR XE 79 -98.69 -46.78 75.43
C THR XE 79 -99.77 -47.20 74.44
N ALA XE 80 -100.41 -48.34 74.74
CA ALA XE 80 -101.58 -48.74 73.97
C ALA XE 80 -102.71 -47.74 74.14
N ALA XE 81 -102.79 -47.10 75.31
CA ALA XE 81 -103.78 -46.05 75.53
C ALA XE 81 -103.54 -44.86 74.61
N ASP XE 82 -102.28 -44.48 74.41
CA ASP XE 82 -101.97 -43.45 73.43
C ASP XE 82 -102.37 -43.90 72.04
N LYS XE 83 -102.12 -45.16 71.71
CA LYS XE 83 -102.46 -45.67 70.39
C LYS XE 83 -103.95 -45.82 70.21
N THR XE 84 -104.66 -46.25 71.26
CA THR XE 84 -106.11 -46.36 71.16
C THR XE 84 -106.75 -45.00 71.02
N ALA XE 85 -106.25 -44.00 71.75
CA ALA XE 85 -106.81 -42.66 71.66
C ALA XE 85 -106.57 -42.06 70.29
N LEU XE 86 -105.37 -42.24 69.73
CA LEU XE 86 -105.08 -41.69 68.41
C LEU XE 86 -105.99 -42.29 67.35
N MET XE 87 -106.21 -43.61 67.41
CA MET XE 87 -107.08 -44.24 66.43
C MET XE 87 -108.53 -43.79 66.60
N ALA XE 88 -108.99 -43.69 67.85
CA ALA XE 88 -110.38 -43.30 68.09
C ALA XE 88 -110.64 -41.86 67.67
N ILE XE 89 -109.69 -40.96 67.88
CA ILE XE 89 -109.89 -39.56 67.53
C ILE XE 89 -109.95 -39.40 66.01
N ILE XE 90 -108.99 -40.01 65.30
CA ILE XE 90 -108.95 -39.86 63.85
C ILE XE 90 -110.14 -40.55 63.20
N THR XE 91 -110.65 -41.62 63.82
CA THR XE 91 -111.82 -42.30 63.29
C THR XE 91 -113.08 -41.47 63.47
N ALA XE 92 -113.24 -40.82 64.63
CA ALA XE 92 -114.39 -39.96 64.85
C ALA XE 92 -114.36 -38.76 63.91
N ALA XE 93 -113.19 -38.20 63.66
CA ALA XE 93 -113.07 -37.07 62.75
C ALA XE 93 -113.39 -37.47 61.32
N GLN XE 94 -113.00 -38.68 60.92
CA GLN XE 94 -113.35 -39.17 59.60
C GLN XE 94 -114.86 -39.39 59.48
N ALA XE 95 -115.49 -39.90 60.54
CA ALA XE 95 -116.93 -40.09 60.53
C ALA XE 95 -117.68 -38.76 60.50
N ASP XE 96 -117.06 -37.69 60.99
CA ASP XE 96 -117.66 -36.37 60.93
C ASP XE 96 -117.75 -35.90 59.49
N GLY XE 97 -118.75 -35.05 59.23
CA GLY XE 97 -118.95 -34.53 57.89
C GLY XE 97 -117.93 -33.49 57.47
N ALA XE 98 -117.17 -32.95 58.42
CA ALA XE 98 -116.12 -32.01 58.06
C ALA XE 98 -115.07 -32.66 57.19
N TRP XE 99 -114.69 -33.89 57.50
CA TRP XE 99 -113.75 -34.62 56.66
C TRP XE 99 -114.36 -34.93 55.29
N THR XE 100 -115.63 -35.30 55.27
CA THR XE 100 -116.30 -35.60 54.00
C THR XE 100 -116.38 -34.38 53.12
N GLU XE 101 -116.30 -33.18 53.70
CA GLU XE 101 -116.26 -31.94 52.93
C GLU XE 101 -114.83 -31.50 52.63
N LEU XE 102 -113.89 -31.79 53.52
CA LEU XE 102 -112.48 -31.54 53.21
C LEU XE 102 -112.08 -32.31 51.96
N VAL XE 103 -112.49 -33.55 51.87
CA VAL XE 103 -112.40 -34.28 50.62
C VAL XE 103 -113.63 -33.96 49.79
N THR XE 104 -113.50 -34.01 48.47
CA THR XE 104 -114.54 -33.74 47.48
C THR XE 104 -114.91 -32.27 47.31
N ASP XE 105 -114.56 -31.41 48.26
CA ASP XE 105 -114.92 -29.99 48.20
C ASP XE 105 -113.79 -29.05 48.53
N GLN XE 106 -112.69 -29.53 49.12
CA GLN XE 106 -111.61 -28.68 49.61
C GLN XE 106 -112.16 -27.60 50.53
N ARG XE 107 -113.00 -28.02 51.46
CA ARG XE 107 -113.70 -27.14 52.38
C ARG XE 107 -113.16 -27.33 53.79
N LEU XE 108 -112.72 -26.24 54.41
CA LEU XE 108 -112.25 -26.28 55.78
C LEU XE 108 -113.41 -26.19 56.75
N PRO XE 109 -113.26 -26.69 57.98
CA PRO XE 109 -114.38 -26.69 58.92
C PRO XE 109 -114.55 -25.35 59.62
N LEU XE 110 -114.58 -24.27 58.88
CA LEU XE 110 -114.70 -22.94 59.46
C LEU XE 110 -115.90 -22.15 58.99
N ALA XE 111 -116.72 -22.70 58.09
CA ALA XE 111 -117.93 -22.02 57.66
C ALA XE 111 -118.85 -21.81 58.86
N THR XE 112 -119.62 -20.73 58.82
CA THR XE 112 -120.60 -20.44 59.86
C THR XE 112 -121.94 -21.13 59.63
N VAL XE 113 -122.09 -21.85 58.51
CA VAL XE 113 -123.30 -22.60 58.17
C VAL XE 113 -124.50 -21.68 57.97
N SER YE 1 -113.89 -31.08 63.69
CA SER YE 1 -114.54 -29.83 64.03
C SER YE 1 -114.80 -29.71 65.54
N LYS YE 2 -115.62 -30.61 66.08
CA LYS YE 2 -116.05 -30.52 67.46
C LYS YE 2 -115.76 -31.86 68.13
N VAL YE 3 -116.44 -32.11 69.25
CA VAL YE 3 -116.13 -33.21 70.16
C VAL YE 3 -115.93 -34.54 69.43
N PHE YE 4 -114.74 -35.10 69.57
CA PHE YE 4 -114.37 -36.40 69.02
C PHE YE 4 -113.76 -37.24 70.13
N ASN YE 5 -114.15 -38.51 70.19
CA ASN YE 5 -113.67 -39.42 71.22
C ASN YE 5 -113.90 -38.85 72.62
N THR YE 6 -115.08 -38.25 72.81
CA THR YE 6 -115.52 -37.58 74.02
C THR YE 6 -114.68 -36.36 74.39
N GLN YE 7 -113.72 -35.98 73.56
CA GLN YE 7 -112.86 -34.83 73.83
C GLN YE 7 -113.29 -33.66 72.97
N THR YE 8 -113.40 -32.49 73.59
CA THR YE 8 -113.81 -31.27 72.90
C THR YE 8 -112.58 -30.63 72.26
N PHE YE 9 -112.63 -30.46 70.94
CA PHE YE 9 -111.54 -29.84 70.20
C PHE YE 9 -111.97 -28.44 69.79
N ASP YE 10 -111.38 -27.43 70.42
CA ASP YE 10 -111.66 -26.04 70.11
C ASP YE 10 -110.54 -25.47 69.27
N ILE YE 11 -110.88 -24.46 68.46
CA ILE YE 11 -109.95 -24.00 67.44
C ILE YE 11 -108.69 -23.44 68.08
N TYR YE 12 -107.54 -23.93 67.63
CA TYR YE 12 -106.26 -23.50 68.14
C TYR YE 12 -105.57 -22.47 67.25
N SER YE 13 -105.69 -22.62 65.93
CA SER YE 13 -105.12 -21.66 65.00
C SER YE 13 -105.82 -21.83 63.67
N THR YE 14 -105.76 -20.79 62.85
CA THR YE 14 -106.34 -20.84 61.51
C THR YE 14 -105.32 -20.30 60.53
N GLU YE 15 -105.27 -20.91 59.36
CA GLU YE 15 -104.38 -20.52 58.28
C GLU YE 15 -105.19 -20.55 56.98
N LYS YE 16 -104.59 -20.02 55.91
CA LYS YE 16 -105.23 -20.03 54.61
C LYS YE 16 -105.68 -21.43 54.21
N ASP YE 17 -104.92 -22.45 54.59
CA ASP YE 17 -105.23 -23.82 54.20
C ASP YE 17 -105.19 -24.82 55.33
N VAL YE 18 -104.94 -24.39 56.56
CA VAL YE 18 -104.92 -25.29 57.71
C VAL YE 18 -105.80 -24.72 58.81
N VAL YE 19 -106.61 -25.59 59.42
CA VAL YE 19 -107.34 -25.26 60.63
C VAL YE 19 -106.94 -26.28 61.68
N SER YE 20 -106.49 -25.79 62.83
CA SER YE 20 -106.03 -26.63 63.92
C SER YE 20 -107.00 -26.52 65.08
N LEU YE 21 -107.28 -27.65 65.73
CA LEU YE 21 -108.10 -27.68 66.91
C LEU YE 21 -107.30 -28.29 68.06
N ARG YE 22 -107.58 -27.85 69.26
CA ARG YE 22 -106.92 -28.38 70.44
C ARG YE 22 -107.97 -28.82 71.45
N ASP YE 23 -107.62 -29.83 72.23
CA ASP YE 23 -108.49 -30.24 73.34
C ASP YE 23 -108.55 -29.15 74.40
N PHE YE 24 -107.41 -28.62 74.81
CA PHE YE 24 -107.27 -27.60 75.83
C PHE YE 24 -107.62 -28.13 77.21
N ALA YE 25 -108.10 -29.37 77.28
CA ALA YE 25 -108.34 -30.05 78.55
C ALA YE 25 -107.15 -30.90 78.96
N ASN YE 26 -106.77 -31.87 78.14
CA ASN YE 26 -105.53 -32.60 78.36
C ASN YE 26 -104.34 -31.90 77.72
N ASP YE 27 -104.58 -30.86 76.93
CA ASP YE 27 -103.53 -30.00 76.39
C ASP YE 27 -102.52 -30.79 75.56
N LYS YE 28 -102.93 -31.89 74.98
CA LYS YE 28 -101.99 -32.80 74.35
C LYS YE 28 -102.34 -33.18 72.92
N ASP YE 29 -103.57 -32.95 72.46
CA ASP YE 29 -104.05 -33.42 71.17
C ASP YE 29 -104.34 -32.24 70.26
N THR YE 30 -103.83 -32.28 69.05
CA THR YE 30 -104.10 -31.26 68.05
C THR YE 30 -104.61 -31.93 66.78
N LEU YE 31 -105.77 -31.46 66.31
CA LEU YE 31 -106.40 -31.96 65.10
C LEU YE 31 -106.27 -30.89 64.02
N ALA YE 32 -105.67 -31.25 62.90
CA ALA YE 32 -105.43 -30.32 61.80
C ALA YE 32 -106.23 -30.75 60.58
N TYR YE 33 -106.83 -29.77 59.91
CA TYR YE 33 -107.50 -29.96 58.63
C TYR YE 33 -106.72 -29.15 57.60
N LYS YE 34 -106.16 -29.83 56.60
CA LYS YE 34 -105.24 -29.20 55.68
C LYS YE 34 -105.77 -29.33 54.26
N ARG YE 35 -105.50 -28.33 53.43
CA ARG YE 35 -106.13 -28.18 52.13
C ARG YE 35 -105.12 -27.75 51.08
N LEU YE 36 -105.03 -28.51 50.00
CA LEU YE 36 -104.29 -28.10 48.81
C LEU YE 36 -105.16 -28.32 47.58
N ALA YE 37 -105.73 -27.24 47.06
CA ALA YE 37 -106.58 -27.32 45.89
C ALA YE 37 -105.77 -27.73 44.66
N PRO YE 38 -106.42 -28.33 43.67
CA PRO YE 38 -105.68 -28.77 42.47
C PRO YE 38 -105.15 -27.59 41.67
N LYS YE 39 -104.02 -27.83 41.00
CA LYS YE 39 -103.43 -26.86 40.09
C LYS YE 39 -103.27 -27.53 38.73
N ARG YE 40 -103.66 -26.81 37.67
CA ARG YE 40 -103.70 -27.36 36.32
C ARG YE 40 -102.36 -27.09 35.63
N THR YE 41 -101.34 -27.82 36.06
CA THR YE 41 -100.01 -27.65 35.49
C THR YE 41 -99.92 -28.19 34.08
N LYS YE 42 -100.90 -28.96 33.64
CA LYS YE 42 -100.95 -29.50 32.30
C LYS YE 42 -102.42 -29.62 31.89
N ASP YE 43 -102.68 -30.41 30.86
CA ASP YE 43 -104.04 -30.70 30.43
C ASP YE 43 -104.85 -31.30 31.58
N SER YE 44 -104.15 -31.96 32.51
CA SER YE 44 -104.81 -32.48 33.69
C SER YE 44 -105.39 -31.34 34.51
N PRO YE 45 -106.51 -31.54 35.20
CA PRO YE 45 -107.00 -30.51 36.13
C PRO YE 45 -106.27 -30.49 37.45
N GLY YE 46 -105.24 -31.33 37.61
CA GLY YE 46 -104.48 -31.40 38.84
C GLY YE 46 -105.10 -32.34 39.85
N MET YE 47 -104.40 -32.51 40.96
CA MET YE 47 -104.87 -33.34 42.06
C MET YE 47 -105.30 -32.44 43.21
N ALA YE 48 -106.50 -32.67 43.72
CA ALA YE 48 -106.99 -32.01 44.93
C ALA YE 48 -106.44 -32.76 46.14
N LYS YE 49 -105.62 -32.10 46.93
CA LYS YE 49 -105.05 -32.69 48.13
C LYS YE 49 -105.84 -32.28 49.36
N SER YE 50 -106.01 -33.22 50.28
CA SER YE 50 -106.52 -32.92 51.61
C SER YE 50 -105.67 -33.67 52.63
N GLU YE 51 -105.78 -33.24 53.89
CA GLU YE 51 -105.01 -33.88 54.94
C GLU YE 51 -105.74 -33.70 56.27
N LEU YE 52 -105.98 -34.80 56.97
CA LEU YE 52 -106.60 -34.78 58.28
C LEU YE 52 -105.69 -35.52 59.25
N LYS YE 53 -105.04 -34.80 60.14
CA LYS YE 53 -104.03 -35.38 61.01
C LYS YE 53 -104.34 -35.09 62.46
N ILE YE 54 -104.01 -36.06 63.32
CA ILE YE 54 -104.12 -35.93 64.75
C ILE YE 54 -102.74 -36.14 65.34
N THR YE 55 -102.35 -35.24 66.25
CA THR YE 55 -101.05 -35.28 66.87
C THR YE 55 -101.21 -35.31 68.38
N ARG YE 56 -100.47 -36.20 69.03
CA ARG YE 56 -100.42 -36.24 70.48
C ARG YE 56 -99.00 -35.97 70.92
N VAL YE 57 -98.82 -34.91 71.70
CA VAL YE 57 -97.57 -34.61 72.37
C VAL YE 57 -97.86 -34.48 73.85
N ASP YE 58 -96.98 -35.03 74.67
CA ASP YE 58 -97.18 -34.88 76.10
C ASP YE 58 -96.77 -33.46 76.51
N PRO YE 59 -97.65 -32.67 77.12
CA PRO YE 59 -97.36 -31.24 77.27
C PRO YE 59 -96.58 -30.88 78.53
N THR YE 60 -95.56 -31.67 78.88
CA THR YE 60 -94.64 -31.22 79.90
C THR YE 60 -93.22 -31.24 79.34
N THR YE 61 -92.83 -32.35 78.72
CA THR YE 61 -91.54 -32.43 78.05
C THR YE 61 -91.66 -32.22 76.55
N GLY YE 62 -92.87 -32.18 76.01
CA GLY YE 62 -93.07 -31.87 74.61
C GLY YE 62 -92.44 -32.84 73.63
N VAL YE 63 -92.46 -34.14 73.92
CA VAL YE 63 -92.01 -35.14 72.95
C VAL YE 63 -93.22 -35.68 72.23
N LEU YE 64 -93.05 -35.99 70.96
CA LEU YE 64 -94.14 -36.49 70.13
C LEU YE 64 -94.50 -37.89 70.56
N ILE YE 65 -95.76 -38.11 70.96
CA ILE YE 65 -96.20 -39.46 71.25
C ILE YE 65 -96.56 -40.20 69.97
N GLY YE 66 -97.34 -39.58 69.09
CA GLY YE 66 -97.72 -40.23 67.86
C GLY YE 66 -98.54 -39.31 66.97
N ILE YE 67 -98.56 -39.68 65.68
CA ILE YE 67 -99.34 -38.98 64.66
C ILE YE 67 -100.09 -40.02 63.84
N VAL YE 68 -101.36 -39.75 63.57
CA VAL YE 68 -102.14 -40.50 62.60
C VAL YE 68 -102.63 -39.53 61.55
N ASN YE 69 -102.36 -39.83 60.29
CA ASN YE 69 -102.57 -38.91 59.18
C ASN YE 69 -103.48 -39.55 58.15
N VAL YE 70 -104.51 -38.83 57.73
CA VAL YE 70 -105.40 -39.27 56.66
C VAL YE 70 -105.22 -38.29 55.51
N SER YE 71 -104.59 -38.73 54.44
CA SER YE 71 -104.29 -37.88 53.29
C SER YE 71 -105.09 -38.32 52.09
N SER YE 72 -105.50 -37.34 51.28
CA SER YE 72 -106.22 -37.60 50.05
C SER YE 72 -105.49 -36.94 48.89
N SER YE 73 -105.40 -37.64 47.78
CA SER YE 73 -104.87 -37.11 46.52
C SER YE 73 -105.81 -37.61 45.43
N ILE YE 74 -106.84 -36.84 45.13
CA ILE YE 74 -107.87 -37.23 44.19
C ILE YE 74 -107.82 -36.28 43.00
N ARG YE 75 -107.96 -36.83 41.79
CA ARG YE 75 -108.00 -36.02 40.59
C ARG YE 75 -109.12 -34.99 40.70
N ALA YE 76 -108.83 -33.76 40.23
CA ALA YE 76 -109.82 -32.70 40.34
C ALA YE 76 -111.09 -33.05 39.57
N ASP YE 77 -110.96 -33.74 38.45
CA ASP YE 77 -112.11 -34.14 37.65
C ASP YE 77 -112.79 -35.40 38.16
N ALA YE 78 -112.18 -36.09 39.13
CA ALA YE 78 -112.68 -37.39 39.54
C ALA YE 78 -114.09 -37.28 40.10
N THR YE 79 -114.95 -38.18 39.67
CA THR YE 79 -116.35 -38.14 40.06
C THR YE 79 -116.52 -38.44 41.54
N ALA YE 80 -117.64 -38.02 42.09
CA ALA YE 80 -117.94 -38.31 43.49
C ALA YE 80 -118.08 -39.80 43.73
N ALA YE 81 -118.43 -40.57 42.69
CA ALA YE 81 -118.51 -42.01 42.84
C ALA YE 81 -117.15 -42.60 43.17
N ASP YE 82 -116.11 -42.23 42.42
CA ASP YE 82 -114.76 -42.63 42.79
C ASP YE 82 -114.37 -42.02 44.12
N LYS YE 83 -114.78 -40.77 44.35
CA LYS YE 83 -114.45 -40.06 45.58
C LYS YE 83 -115.12 -40.69 46.79
N THR YE 84 -116.38 -41.11 46.65
CA THR YE 84 -117.07 -41.74 47.77
C THR YE 84 -116.60 -43.18 47.98
N ALA YE 85 -116.29 -43.89 46.89
CA ALA YE 85 -115.80 -45.25 47.04
C ALA YE 85 -114.43 -45.27 47.71
N LEU YE 86 -113.60 -44.26 47.41
CA LEU YE 86 -112.29 -44.16 48.03
C LEU YE 86 -112.41 -43.99 49.53
N MET YE 87 -113.42 -43.23 49.99
CA MET YE 87 -113.62 -43.07 51.42
C MET YE 87 -114.26 -44.32 52.02
N ALA YE 88 -115.19 -44.93 51.30
CA ALA YE 88 -115.88 -46.11 51.83
C ALA YE 88 -114.91 -47.26 52.05
N ILE YE 89 -113.98 -47.47 51.12
CA ILE YE 89 -113.03 -48.57 51.26
C ILE YE 89 -112.10 -48.31 52.44
N ILE YE 90 -111.54 -47.11 52.52
CA ILE YE 90 -110.53 -46.83 53.54
C ILE YE 90 -111.14 -46.81 54.93
N THR YE 91 -112.37 -46.31 55.06
CA THR YE 91 -113.05 -46.36 56.34
C THR YE 91 -113.39 -47.79 56.73
N ALA YE 92 -113.83 -48.60 55.76
CA ALA YE 92 -114.08 -50.00 56.02
C ALA YE 92 -112.80 -50.73 56.42
N ALA YE 93 -111.68 -50.40 55.76
CA ALA YE 93 -110.41 -51.01 56.12
C ALA YE 93 -109.97 -50.61 57.51
N GLN YE 94 -110.17 -49.35 57.89
CA GLN YE 94 -109.80 -48.90 59.23
C GLN YE 94 -110.63 -49.59 60.30
N ALA YE 95 -111.94 -49.72 60.08
CA ALA YE 95 -112.79 -50.40 61.03
C ALA YE 95 -112.43 -51.87 61.19
N ASP YE 96 -111.85 -52.47 60.16
CA ASP YE 96 -111.44 -53.86 60.22
C ASP YE 96 -110.22 -54.02 61.10
N GLY YE 97 -110.07 -55.22 61.69
CA GLY YE 97 -109.04 -55.46 62.67
C GLY YE 97 -107.62 -55.41 62.15
N ALA YE 98 -107.42 -55.63 60.84
CA ALA YE 98 -106.07 -55.62 60.31
C ALA YE 98 -105.40 -54.26 60.50
N TRP YE 99 -106.15 -53.18 60.34
CA TRP YE 99 -105.57 -51.86 60.58
C TRP YE 99 -105.24 -51.65 62.05
N THR YE 100 -106.08 -52.18 62.95
CA THR YE 100 -105.79 -52.04 64.36
C THR YE 100 -104.46 -52.70 64.72
N GLU YE 101 -104.20 -53.90 64.21
CA GLU YE 101 -102.95 -54.60 64.47
C GLU YE 101 -101.77 -54.04 63.71
N LEU YE 102 -101.99 -53.45 62.54
CA LEU YE 102 -100.89 -52.81 61.83
C LEU YE 102 -100.28 -51.71 62.69
N VAL YE 103 -101.12 -50.94 63.37
CA VAL YE 103 -100.69 -50.11 64.48
C VAL YE 103 -100.61 -50.97 65.73
N THR YE 104 -99.78 -50.57 66.69
CA THR YE 104 -99.62 -51.24 67.98
C THR YE 104 -98.92 -52.58 67.89
N ASP YE 105 -98.77 -53.13 66.68
CA ASP YE 105 -98.10 -54.41 66.53
C ASP YE 105 -97.16 -54.48 65.34
N GLN YE 106 -97.27 -53.58 64.38
CA GLN YE 106 -96.60 -53.70 63.09
C GLN YE 106 -96.87 -55.06 62.46
N ARG YE 107 -98.13 -55.49 62.53
CA ARG YE 107 -98.57 -56.79 62.04
C ARG YE 107 -99.22 -56.63 60.68
N LEU YE 108 -98.62 -57.23 59.66
CA LEU YE 108 -99.19 -57.20 58.33
C LEU YE 108 -100.31 -58.23 58.21
N PRO YE 109 -101.29 -57.98 57.34
CA PRO YE 109 -102.37 -58.96 57.15
C PRO YE 109 -101.91 -60.16 56.35
N LEU YE 110 -101.09 -61.00 56.97
CA LEU YE 110 -100.66 -62.25 56.37
C LEU YE 110 -100.61 -63.40 57.35
N ALA YE 111 -101.09 -63.21 58.58
CA ALA YE 111 -101.07 -64.28 59.57
C ALA YE 111 -102.08 -65.37 59.20
N THR YE 112 -101.71 -66.62 59.46
CA THR YE 112 -102.57 -67.75 59.16
C THR YE 112 -103.52 -68.10 60.30
N VAL YE 113 -103.43 -67.39 61.42
CA VAL YE 113 -104.28 -67.62 62.60
C VAL YE 113 -104.11 -69.03 63.13
N SER ZE 1 -127.78 8.53 36.46
CA SER ZE 1 -128.42 9.46 35.53
C SER ZE 1 -128.96 10.70 36.24
N LYS ZE 2 -129.73 10.48 37.29
CA LYS ZE 2 -130.40 11.57 37.99
C LYS ZE 2 -130.28 11.35 39.50
N VAL ZE 3 -131.13 12.04 40.26
CA VAL ZE 3 -130.97 12.25 41.69
C VAL ZE 3 -130.61 10.96 42.43
N PHE ZE 4 -129.48 10.98 43.12
CA PHE ZE 4 -128.99 9.88 43.93
C PHE ZE 4 -128.65 10.43 45.30
N ASN ZE 5 -129.10 9.74 46.35
CA ASN ZE 5 -128.84 10.16 47.72
C ASN ZE 5 -129.33 11.58 47.96
N THR ZE 6 -130.48 11.90 47.36
CA THR ZE 6 -131.13 13.21 47.40
C THR ZE 6 -130.29 14.32 46.75
N GLN ZE 7 -129.17 13.99 46.13
CA GLN ZE 7 -128.38 14.97 45.41
C GLN ZE 7 -128.66 14.85 43.93
N THR ZE 8 -128.79 15.99 43.26
CA THR ZE 8 -129.08 16.03 41.84
C THR ZE 8 -127.76 15.97 41.07
N PHE ZE 9 -127.65 15.02 40.15
CA PHE ZE 9 -126.48 14.88 39.30
C PHE ZE 9 -126.87 15.27 37.89
N ASP ZE 10 -126.24 16.31 37.36
CA ASP ZE 10 -126.44 16.74 36.00
C ASP ZE 10 -125.26 16.32 35.15
N ILE ZE 11 -125.50 16.14 33.85
CA ILE ZE 11 -124.43 15.72 32.96
C ILE ZE 11 -123.39 16.82 32.88
N TYR ZE 12 -122.14 16.47 33.16
CA TYR ZE 12 -121.03 17.40 33.06
C TYR ZE 12 -120.22 17.21 31.79
N SER ZE 13 -120.04 15.98 31.35
CA SER ZE 13 -119.20 15.68 30.21
C SER ZE 13 -119.78 14.49 29.48
N THR ZE 14 -119.63 14.49 28.16
CA THR ZE 14 -120.04 13.37 27.34
C THR ZE 14 -118.89 13.02 26.42
N GLU ZE 15 -118.42 11.79 26.51
CA GLU ZE 15 -117.31 11.31 25.71
C GLU ZE 15 -117.77 10.11 24.88
N LYS ZE 16 -116.82 9.56 24.13
CA LYS ZE 16 -117.10 8.38 23.31
C LYS ZE 16 -117.53 7.21 24.16
N ASP ZE 17 -116.74 6.88 25.19
CA ASP ZE 17 -117.03 5.76 26.08
C ASP ZE 17 -117.16 6.20 27.53
N VAL ZE 18 -117.29 7.50 27.80
CA VAL ZE 18 -117.41 8.00 29.17
C VAL ZE 18 -118.54 9.01 29.22
N VAL ZE 19 -119.35 8.94 30.26
CA VAL ZE 19 -120.34 9.96 30.58
C VAL ZE 19 -120.12 10.34 32.05
N SER ZE 20 -120.04 11.64 32.31
CA SER ZE 20 -119.71 12.15 33.64
C SER ZE 20 -120.82 13.06 34.14
N LEU ZE 21 -121.23 12.85 35.38
CA LEU ZE 21 -122.24 13.68 36.02
C LEU ZE 21 -121.66 14.37 37.24
N ARG ZE 22 -122.02 15.65 37.40
CA ARG ZE 22 -121.57 16.43 38.54
C ARG ZE 22 -122.78 16.88 39.33
N ASP ZE 23 -122.63 16.96 40.65
CA ASP ZE 23 -123.71 17.44 41.50
C ASP ZE 23 -124.05 18.90 41.19
N PHE ZE 24 -123.01 19.74 41.03
CA PHE ZE 24 -123.15 21.17 40.71
C PHE ZE 24 -123.76 21.96 41.85
N ALA ZE 25 -124.18 21.27 42.91
CA ALA ZE 25 -124.67 21.90 44.12
C ALA ZE 25 -123.61 21.94 45.19
N ASN ZE 26 -123.07 20.78 45.58
CA ASN ZE 26 -121.93 20.74 46.47
C ASN ZE 26 -120.60 20.88 45.73
N ASP ZE 27 -120.61 20.73 44.41
CA ASP ZE 27 -119.43 20.89 43.57
C ASP ZE 27 -118.26 20.03 44.03
N LYS ZE 28 -118.57 18.84 44.57
CA LYS ZE 28 -117.52 17.96 45.05
C LYS ZE 28 -117.72 16.50 44.63
N ASP ZE 29 -118.88 16.13 44.11
CA ASP ZE 29 -119.17 14.75 43.73
C ASP ZE 29 -119.25 14.63 42.21
N THR ZE 30 -118.54 13.65 41.67
CA THR ZE 30 -118.56 13.35 40.25
C THR ZE 30 -118.88 11.87 40.06
N LEU ZE 31 -119.88 11.59 39.24
CA LEU ZE 31 -120.26 10.22 38.89
C LEU ZE 31 -119.94 9.99 37.42
N ALA ZE 32 -119.16 8.95 37.15
CA ALA ZE 32 -118.71 8.64 35.80
C ALA ZE 32 -119.18 7.26 35.39
N TYR ZE 33 -119.67 7.15 34.15
CA TYR ZE 33 -120.01 5.88 33.53
C TYR ZE 33 -118.99 5.62 32.44
N LYS ZE 34 -118.15 4.60 32.62
CA LYS ZE 34 -117.09 4.28 31.68
C LYS ZE 34 -117.39 2.96 30.97
N ARG ZE 35 -117.02 2.91 29.70
CA ARG ZE 35 -117.36 1.81 28.82
C ARG ZE 35 -116.08 1.28 28.17
N LEU ZE 36 -116.04 -0.02 27.91
CA LEU ZE 36 -114.90 -0.63 27.24
C LEU ZE 36 -115.36 -1.93 26.60
N ALA ZE 37 -115.41 -1.95 25.27
CA ALA ZE 37 -115.97 -3.08 24.56
C ALA ZE 37 -115.08 -4.31 24.68
N PRO ZE 38 -115.66 -5.51 24.61
CA PRO ZE 38 -114.83 -6.73 24.61
C PRO ZE 38 -114.02 -6.84 23.33
N LYS ZE 39 -112.76 -7.23 23.49
CA LYS ZE 39 -111.82 -7.27 22.37
C LYS ZE 39 -111.47 -8.73 22.06
N ARG ZE 40 -111.73 -9.13 20.81
CA ARG ZE 40 -111.55 -10.50 20.35
C ARG ZE 40 -110.10 -10.68 19.90
N THR ZE 41 -109.19 -10.60 20.87
CA THR ZE 41 -107.78 -10.80 20.58
C THR ZE 41 -107.45 -12.24 20.26
N LYS ZE 42 -108.40 -13.15 20.46
CA LYS ZE 42 -108.19 -14.58 20.26
C LYS ZE 42 -109.53 -15.21 19.96
N ASP ZE 43 -109.58 -16.54 20.06
CA ASP ZE 43 -110.83 -17.28 19.89
C ASP ZE 43 -111.93 -16.73 20.79
N SER ZE 44 -111.58 -16.40 22.03
CA SER ZE 44 -112.56 -15.88 22.97
C SER ZE 44 -113.08 -14.52 22.49
N PRO ZE 45 -114.36 -14.21 22.69
CA PRO ZE 45 -114.88 -12.93 22.20
C PRO ZE 45 -114.43 -11.73 23.00
N GLY ZE 46 -113.64 -11.92 24.06
CA GLY ZE 46 -113.14 -10.83 24.85
C GLY ZE 46 -114.00 -10.54 26.08
N MET ZE 47 -113.52 -9.60 26.89
CA MET ZE 47 -114.17 -9.25 28.15
C MET ZE 47 -114.75 -7.85 28.04
N ALA ZE 48 -116.05 -7.74 28.27
CA ALA ZE 48 -116.75 -6.46 28.18
C ALA ZE 48 -116.59 -5.73 29.50
N LYS ZE 49 -115.82 -4.64 29.50
CA LYS ZE 49 -115.47 -3.94 30.71
C LYS ZE 49 -116.41 -2.75 30.93
N SER ZE 50 -116.92 -2.65 32.15
CA SER ZE 50 -117.76 -1.53 32.55
C SER ZE 50 -117.15 -0.87 33.78
N GLU ZE 51 -117.66 0.31 34.12
CA GLU ZE 51 -117.15 1.05 35.25
C GLU ZE 51 -118.19 2.07 35.70
N LEU ZE 52 -118.48 2.09 37.00
CA LEU ZE 52 -119.32 3.10 37.61
C LEU ZE 52 -118.64 3.58 38.88
N LYS ZE 53 -118.18 4.82 38.88
CA LYS ZE 53 -117.40 5.33 40.01
C LYS ZE 53 -117.90 6.71 40.43
N ILE ZE 54 -117.82 6.96 41.73
CA ILE ZE 54 -118.17 8.24 42.33
C ILE ZE 54 -116.92 8.80 43.00
N THR ZE 55 -116.60 10.05 42.69
CA THR ZE 55 -115.40 10.69 43.22
C THR ZE 55 -115.80 11.93 44.00
N ARG ZE 56 -115.28 12.05 45.21
CA ARG ZE 56 -115.48 13.22 46.04
C ARG ZE 56 -114.15 13.94 46.20
N VAL ZE 57 -114.12 15.20 45.81
CA VAL ZE 57 -112.93 16.04 45.92
C VAL ZE 57 -113.32 17.31 46.65
N ASP ZE 58 -112.56 17.66 47.67
CA ASP ZE 58 -112.93 18.80 48.49
C ASP ZE 58 -112.83 20.08 47.68
N PRO ZE 59 -113.92 20.81 47.48
CA PRO ZE 59 -113.91 21.91 46.51
C PRO ZE 59 -113.46 23.25 47.06
N THR ZE 60 -112.38 23.30 47.83
CA THR ZE 60 -111.75 24.57 48.15
C THR ZE 60 -110.25 24.50 47.89
N THR ZE 61 -109.66 23.33 48.13
CA THR ZE 61 -108.25 23.09 47.82
C THR ZE 61 -108.05 21.94 46.84
N GLY ZE 62 -109.08 21.15 46.55
CA GLY ZE 62 -108.99 20.10 45.57
C GLY ZE 62 -108.35 18.81 46.05
N VAL ZE 63 -108.57 18.43 47.30
CA VAL ZE 63 -108.02 17.19 47.84
C VAL ZE 63 -109.04 16.08 47.67
N LEU ZE 64 -108.61 14.96 47.10
CA LEU ZE 64 -109.47 13.80 46.88
C LEU ZE 64 -109.89 13.21 48.22
N ILE ZE 65 -111.16 13.35 48.56
CA ILE ZE 65 -111.68 12.76 49.78
C ILE ZE 65 -111.76 11.24 49.67
N GLY ZE 66 -112.31 10.73 48.59
CA GLY ZE 66 -112.48 9.30 48.45
C GLY ZE 66 -113.08 8.94 47.12
N ILE ZE 67 -112.95 7.66 46.78
CA ILE ZE 67 -113.51 7.11 45.55
C ILE ZE 67 -114.13 5.75 45.86
N VAL ZE 68 -115.34 5.53 45.40
CA VAL ZE 68 -115.95 4.21 45.35
C VAL ZE 68 -116.24 3.89 43.90
N ASN ZE 69 -115.69 2.77 43.42
CA ASN ZE 69 -115.79 2.38 42.02
C ASN ZE 69 -116.41 1.00 41.92
N VAL ZE 70 -117.32 0.82 40.97
CA VAL ZE 70 -117.88 -0.48 40.65
C VAL ZE 70 -117.45 -0.81 39.23
N SER ZE 71 -116.55 -1.78 39.11
CA SER ZE 71 -116.05 -2.20 37.82
C SER ZE 71 -116.53 -3.61 37.50
N SER ZE 72 -116.87 -3.84 36.24
CA SER ZE 72 -117.27 -5.15 35.77
C SER ZE 72 -116.38 -5.59 34.62
N SER ZE 73 -115.99 -6.85 34.63
CA SER ZE 73 -115.22 -7.46 33.55
C SER ZE 73 -115.89 -8.80 33.28
N ILE ZE 74 -116.82 -8.81 32.33
CA ILE ZE 74 -117.63 -9.98 32.03
C ILE ZE 74 -117.33 -10.44 30.62
N ARG ZE 75 -117.25 -11.75 30.43
CA ARG ZE 75 -117.04 -12.33 29.12
C ARG ZE 75 -118.09 -11.83 28.14
N ALA ZE 76 -117.66 -11.57 26.91
CA ALA ZE 76 -118.59 -11.11 25.88
C ALA ZE 76 -119.68 -12.13 25.62
N ASP ZE 77 -119.38 -13.42 25.79
CA ASP ZE 77 -120.35 -14.47 25.54
C ASP ZE 77 -121.15 -14.86 26.78
N ALA ZE 78 -120.88 -14.24 27.92
CA ALA ZE 78 -121.55 -14.64 29.15
C ALA ZE 78 -123.05 -14.39 29.06
N THR ZE 79 -123.82 -15.33 29.57
CA THR ZE 79 -125.27 -15.26 29.46
C THR ZE 79 -125.82 -14.16 30.34
N ALA ZE 80 -127.02 -13.69 29.98
CA ALA ZE 80 -127.70 -12.69 30.80
C ALA ZE 80 -127.99 -13.23 32.19
N ALA ZE 81 -128.11 -14.55 32.33
CA ALA ZE 81 -128.29 -15.14 33.65
C ALA ZE 81 -127.04 -14.95 34.51
N ASP ZE 82 -125.86 -15.21 33.93
CA ASP ZE 82 -124.62 -14.95 34.65
C ASP ZE 82 -124.50 -13.47 34.96
N LYS ZE 83 -124.87 -12.62 34.01
CA LYS ZE 83 -124.72 -11.18 34.17
C LYS ZE 83 -125.71 -10.63 35.18
N THR ZE 84 -126.89 -11.23 35.27
CA THR ZE 84 -127.83 -10.84 36.32
C THR ZE 84 -127.39 -11.37 37.67
N ALA ZE 85 -126.89 -12.61 37.71
CA ALA ZE 85 -126.46 -13.19 38.97
C ALA ZE 85 -125.29 -12.42 39.56
N LEU ZE 86 -124.35 -11.99 38.73
CA LEU ZE 86 -123.20 -11.24 39.22
C LEU ZE 86 -123.63 -9.93 39.85
N MET ZE 87 -124.59 -9.24 39.23
CA MET ZE 87 -125.04 -7.97 39.78
C MET ZE 87 -125.92 -8.18 41.01
N ALA ZE 88 -126.66 -9.29 41.04
CA ALA ZE 88 -127.53 -9.56 42.18
C ALA ZE 88 -126.73 -9.91 43.43
N ILE ZE 89 -125.68 -10.72 43.28
CA ILE ZE 89 -124.87 -11.10 44.42
C ILE ZE 89 -124.13 -9.89 44.99
N ILE ZE 90 -123.51 -9.10 44.11
CA ILE ZE 90 -122.72 -7.97 44.57
C ILE ZE 90 -123.62 -6.90 45.20
N THR ZE 91 -124.83 -6.71 44.66
CA THR ZE 91 -125.74 -5.73 45.25
C THR ZE 91 -126.21 -6.19 46.62
N ALA ZE 92 -126.50 -7.49 46.77
CA ALA ZE 92 -126.88 -8.02 48.08
C ALA ZE 92 -125.75 -7.93 49.08
N ALA ZE 93 -124.51 -8.21 48.64
CA ALA ZE 93 -123.37 -8.12 49.53
C ALA ZE 93 -123.15 -6.68 50.01
N GLN ZE 94 -123.32 -5.71 49.11
CA GLN ZE 94 -123.21 -4.31 49.50
C GLN ZE 94 -124.32 -3.93 50.48
N ALA ZE 95 -125.54 -4.42 50.25
CA ALA ZE 95 -126.63 -4.17 51.19
C ALA ZE 95 -126.40 -4.85 52.51
N ASP ZE 96 -125.64 -5.94 52.53
CA ASP ZE 96 -125.25 -6.58 53.77
C ASP ZE 96 -124.28 -5.69 54.54
N GLY ZE 97 -124.30 -5.82 55.87
CA GLY ZE 97 -123.54 -4.94 56.73
C GLY ZE 97 -122.04 -5.17 56.71
N ALA ZE 98 -121.59 -6.33 56.23
CA ALA ZE 98 -120.16 -6.60 56.20
C ALA ZE 98 -119.43 -5.60 55.30
N TRP ZE 99 -120.07 -5.17 54.22
CA TRP ZE 99 -119.47 -4.14 53.37
C TRP ZE 99 -119.42 -2.80 54.08
N THR ZE 100 -120.48 -2.44 54.79
CA THR ZE 100 -120.49 -1.18 55.53
C THR ZE 100 -119.42 -1.15 56.60
N GLU ZE 101 -118.91 -2.30 57.01
CA GLU ZE 101 -117.83 -2.37 57.97
C GLU ZE 101 -116.46 -2.46 57.31
N LEU ZE 102 -116.37 -3.12 56.16
CA LEU ZE 102 -115.12 -3.14 55.40
C LEU ZE 102 -114.72 -1.74 55.00
N VAL ZE 103 -115.66 -0.98 54.50
CA VAL ZE 103 -115.52 0.47 54.38
C VAL ZE 103 -115.81 1.08 55.74
N THR ZE 104 -115.14 2.17 56.05
CA THR ZE 104 -115.34 2.94 57.28
C THR ZE 104 -114.81 2.26 58.54
N ASP ZE 105 -114.39 1.01 58.47
CA ASP ZE 105 -113.67 0.40 59.59
C ASP ZE 105 -112.54 -0.50 59.18
N GLN ZE 106 -112.45 -0.94 57.93
CA GLN ZE 106 -111.49 -1.94 57.50
C GLN ZE 106 -111.65 -3.22 58.32
N ARG ZE 107 -112.90 -3.60 58.55
CA ARG ZE 107 -113.23 -4.77 59.35
C ARG ZE 107 -113.63 -5.91 58.42
N LEU ZE 108 -112.92 -6.98 58.50
CA LEU ZE 108 -113.17 -8.15 57.68
C LEU ZE 108 -114.26 -9.02 58.29
N PRO ZE 109 -114.98 -9.78 57.47
CA PRO ZE 109 -115.98 -10.70 58.01
C PRO ZE 109 -115.37 -11.93 58.64
N LEU ZE 110 -114.60 -11.74 59.71
CA LEU ZE 110 -114.06 -12.85 60.48
C LEU ZE 110 -114.17 -12.66 61.98
N ALA ZE 111 -114.61 -11.49 62.45
CA ALA ZE 111 -114.73 -11.26 63.88
C ALA ZE 111 -115.80 -12.17 64.48
N THR ZE 112 -115.56 -12.63 65.70
CA THR ZE 112 -116.48 -13.54 66.38
C THR ZE 112 -117.62 -12.82 67.08
N VAL ZE 113 -117.62 -11.49 67.10
CA VAL ZE 113 -118.66 -10.68 67.75
C VAL ZE 113 -118.74 -10.98 69.24
N SER AF 1 75.83 -36.47 103.38
CA SER AF 1 76.98 -35.64 103.71
C SER AF 1 78.29 -36.40 103.54
N LYS AF 2 78.42 -37.52 104.24
CA LYS AF 2 79.64 -38.32 104.22
C LYS AF 2 79.25 -39.79 104.28
N VAL AF 3 80.19 -40.65 104.66
CA VAL AF 3 80.04 -42.10 104.57
C VAL AF 3 78.72 -42.58 105.18
N PHE AF 4 77.89 -43.21 104.35
CA PHE AF 4 76.62 -43.81 104.75
C PHE AF 4 76.55 -45.20 104.17
N ASN AF 5 76.16 -46.17 105.00
CA ASN AF 5 76.07 -47.57 104.58
C ASN AF 5 77.41 -48.02 104.00
N THR AF 6 78.49 -47.60 104.65
CA THR AF 6 79.87 -47.87 104.27
C THR AF 6 80.22 -47.38 102.88
N GLN AF 7 79.53 -46.37 102.37
CA GLN AF 7 79.86 -45.77 101.08
C GLN AF 7 80.14 -44.28 101.26
N THR AF 8 81.18 -43.79 100.60
CA THR AF 8 81.61 -42.41 100.74
C THR AF 8 80.89 -41.54 99.71
N PHE AF 9 80.08 -40.61 100.18
CA PHE AF 9 79.35 -39.69 99.32
C PHE AF 9 80.04 -38.34 99.34
N ASP AF 10 80.57 -37.94 98.20
CA ASP AF 10 81.23 -36.66 98.02
C ASP AF 10 80.36 -35.74 97.19
N ILE AF 11 80.54 -34.44 97.37
CA ILE AF 11 79.72 -33.46 96.68
C ILE AF 11 80.02 -33.52 95.19
N TYR AF 12 78.97 -33.66 94.38
CA TYR AF 12 79.11 -33.58 92.94
C TYR AF 12 78.59 -32.27 92.38
N SER AF 13 77.55 -31.71 92.97
CA SER AF 13 76.93 -30.52 92.41
C SER AF 13 76.29 -29.71 93.53
N THR AF 14 76.20 -28.41 93.31
CA THR AF 14 75.61 -27.49 94.27
C THR AF 14 74.79 -26.45 93.53
N GLU AF 15 73.51 -26.38 93.84
CA GLU AF 15 72.62 -25.40 93.28
C GLU AF 15 72.28 -24.36 94.35
N LYS AF 16 71.36 -23.47 94.00
CA LYS AF 16 70.86 -22.53 95.00
C LYS AF 16 70.17 -23.27 96.12
N ASP AF 17 69.42 -24.33 95.80
CA ASP AF 17 68.64 -25.04 96.81
C ASP AF 17 68.80 -26.55 96.73
N VAL AF 18 69.71 -27.07 95.93
CA VAL AF 18 69.96 -28.50 95.86
C VAL AF 18 71.45 -28.73 96.02
N VAL AF 19 71.81 -29.71 96.86
CA VAL AF 19 73.15 -30.25 96.92
C VAL AF 19 73.07 -31.71 96.51
N SER AF 20 73.90 -32.12 95.57
CA SER AF 20 73.95 -33.50 95.10
C SER AF 20 75.27 -34.11 95.50
N LEU AF 21 75.21 -35.33 96.01
CA LEU AF 21 76.40 -36.10 96.36
C LEU AF 21 76.37 -37.42 95.62
N ARG AF 22 77.57 -37.88 95.24
CA ARG AF 22 77.72 -39.14 94.53
C ARG AF 22 78.73 -40.01 95.26
N ASP AF 23 78.64 -41.31 95.02
CA ASP AF 23 79.60 -42.23 95.65
C ASP AF 23 80.97 -42.12 94.99
N PHE AF 24 81.00 -42.10 93.66
CA PHE AF 24 82.23 -42.00 92.87
C PHE AF 24 83.06 -43.27 93.00
N ALA AF 25 82.62 -44.21 93.83
CA ALA AF 25 83.24 -45.51 93.97
C ALA AF 25 82.49 -46.59 93.21
N ASN AF 26 81.21 -46.78 93.51
CA ASN AF 26 80.38 -47.67 92.71
C ASN AF 26 79.67 -46.93 91.58
N ASP AF 27 79.71 -45.59 91.58
CA ASP AF 27 79.16 -44.78 90.49
C ASP AF 27 77.71 -45.11 90.18
N LYS AF 28 76.93 -45.46 91.20
CA LYS AF 28 75.54 -45.80 90.99
C LYS AF 28 74.58 -45.11 91.94
N ASP AF 29 75.08 -44.42 92.97
CA ASP AF 29 74.24 -43.80 93.98
C ASP AF 29 74.41 -42.29 93.95
N THR AF 30 73.29 -41.58 94.00
CA THR AF 30 73.30 -40.13 94.15
C THR AF 30 72.38 -39.75 95.29
N LEU AF 31 72.90 -38.96 96.23
CA LEU AF 31 72.15 -38.46 97.37
C LEU AF 31 71.94 -36.96 97.17
N ALA AF 32 70.70 -36.52 97.28
CA ALA AF 32 70.33 -35.13 97.03
C ALA AF 32 69.65 -34.54 98.26
N TYR AF 33 70.07 -33.35 98.66
CA TYR AF 33 69.43 -32.55 99.70
C TYR AF 33 68.80 -31.35 99.01
N LYS AF 34 67.51 -31.15 99.24
CA LYS AF 34 66.73 -30.20 98.47
C LYS AF 34 65.95 -29.31 99.44
N ARG AF 35 65.76 -28.05 99.06
CA ARG AF 35 65.37 -27.02 100.00
C ARG AF 35 64.37 -26.06 99.38
N LEU AF 36 63.16 -26.00 99.94
CA LEU AF 36 62.17 -24.98 99.57
C LEU AF 36 61.68 -24.26 100.82
N ALA AF 37 62.14 -23.02 100.99
CA ALA AF 37 61.74 -22.21 102.13
C ALA AF 37 60.25 -21.88 102.07
N PRO AF 38 59.60 -21.66 103.22
CA PRO AF 38 58.17 -21.36 103.22
C PRO AF 38 57.87 -20.01 102.58
N LYS AF 39 56.69 -19.91 101.97
CA LYS AF 39 56.26 -18.67 101.33
C LYS AF 39 54.93 -18.23 101.94
N ARG AF 40 54.91 -16.99 102.46
CA ARG AF 40 53.72 -16.44 103.11
C ARG AF 40 52.77 -15.97 102.02
N THR AF 41 51.93 -16.90 101.56
CA THR AF 41 50.92 -16.60 100.55
C THR AF 41 49.61 -16.16 101.15
N LYS AF 42 49.47 -16.25 102.46
CA LYS AF 42 48.23 -15.89 103.15
C LYS AF 42 48.58 -15.59 104.60
N ASP AF 43 47.56 -15.59 105.46
CA ASP AF 43 47.78 -15.45 106.90
C ASP AF 43 48.68 -16.57 107.41
N SER AF 44 48.71 -17.70 106.71
CA SER AF 44 49.68 -18.74 107.03
C SER AF 44 51.06 -18.31 106.55
N PRO AF 45 52.12 -18.59 107.31
CA PRO AF 45 53.48 -18.24 106.86
C PRO AF 45 54.06 -19.17 105.82
N GLY AF 46 53.31 -20.18 105.37
CA GLY AF 46 53.81 -21.14 104.40
C GLY AF 46 54.47 -22.34 105.04
N MET AF 47 54.72 -23.35 104.20
CA MET AF 47 55.30 -24.61 104.63
C MET AF 47 56.72 -24.73 104.07
N ALA AF 48 57.67 -25.06 104.94
CA ALA AF 48 59.05 -25.26 104.53
C ALA AF 48 59.24 -26.69 104.03
N LYS AF 49 59.52 -26.82 102.74
CA LYS AF 49 59.79 -28.12 102.15
C LYS AF 49 61.25 -28.52 102.33
N SER AF 50 61.47 -29.78 102.62
CA SER AF 50 62.77 -30.42 102.54
C SER AF 50 62.61 -31.71 101.75
N GLU AF 51 63.72 -32.22 101.24
CA GLU AF 51 63.67 -33.43 100.43
C GLU AF 51 65.03 -34.09 100.45
N LEU AF 52 65.06 -35.38 100.72
CA LEU AF 52 66.30 -36.14 100.82
C LEU AF 52 66.10 -37.45 100.08
N LYS AF 53 66.63 -37.54 98.87
CA LYS AF 53 66.41 -38.70 98.02
C LYS AF 53 67.72 -39.43 97.78
N ILE AF 54 67.64 -40.76 97.74
CA ILE AF 54 68.72 -41.61 97.29
C ILE AF 54 68.25 -42.33 96.03
N THR AF 55 69.01 -42.18 94.96
CA THR AF 55 68.71 -42.80 93.68
C THR AF 55 69.81 -43.78 93.32
N ARG AF 56 69.42 -44.96 92.86
CA ARG AF 56 70.37 -45.96 92.40
C ARG AF 56 70.12 -46.25 90.93
N VAL AF 57 71.11 -45.96 90.10
CA VAL AF 57 71.07 -46.24 88.67
C VAL AF 57 72.23 -47.16 88.34
N ASP AF 58 71.94 -48.28 87.69
CA ASP AF 58 73.06 -49.17 87.39
C ASP AF 58 73.96 -48.53 86.34
N PRO AF 59 75.27 -48.55 86.52
CA PRO AF 59 76.15 -47.81 85.62
C PRO AF 59 76.64 -48.62 84.43
N THR AF 60 75.74 -49.31 83.73
CA THR AF 60 76.12 -49.96 82.48
C THR AF 60 75.18 -49.55 81.36
N THR AF 61 73.89 -49.44 81.66
CA THR AF 61 72.91 -48.92 80.74
C THR AF 61 72.17 -47.71 81.29
N GLY AF 62 72.40 -47.36 82.56
CA GLY AF 62 71.74 -46.21 83.14
C GLY AF 62 70.30 -46.42 83.55
N VAL AF 63 69.87 -47.67 83.74
CA VAL AF 63 68.51 -47.96 84.14
C VAL AF 63 68.36 -47.62 85.61
N LEU AF 64 67.27 -46.96 85.95
CA LEU AF 64 67.04 -46.54 87.33
C LEU AF 64 66.55 -47.75 88.13
N ILE AF 65 67.31 -48.13 89.14
CA ILE AF 65 66.94 -49.29 89.94
C ILE AF 65 65.87 -48.93 90.96
N GLY AF 66 66.07 -47.87 91.72
CA GLY AF 66 65.09 -47.48 92.70
C GLY AF 66 65.45 -46.16 93.35
N ILE AF 67 64.41 -45.51 93.88
CA ILE AF 67 64.55 -44.24 94.58
C ILE AF 67 63.85 -44.37 95.92
N VAL AF 68 64.51 -43.91 96.98
CA VAL AF 68 63.88 -43.74 98.29
C VAL AF 68 63.99 -42.27 98.64
N ASN AF 69 62.83 -41.64 98.92
CA ASN AF 69 62.77 -40.21 99.15
C ASN AF 69 62.19 -39.93 100.54
N VAL AF 70 62.83 -39.01 101.27
CA VAL AF 70 62.33 -38.53 102.54
C VAL AF 70 62.04 -37.05 102.38
N SER AF 71 60.77 -36.69 102.32
CA SER AF 71 60.36 -35.31 102.13
C SER AF 71 59.52 -34.85 103.32
N SER AF 72 59.75 -33.62 103.75
CA SER AF 72 59.00 -33.01 104.83
C SER AF 72 58.37 -31.72 104.36
N SER AF 73 57.20 -31.40 104.90
CA SER AF 73 56.48 -30.17 104.61
C SER AF 73 55.92 -29.70 105.95
N ILE AF 74 56.56 -28.71 106.56
CA ILE AF 74 56.24 -28.28 107.91
C ILE AF 74 55.98 -26.77 107.93
N ARG AF 75 54.99 -26.37 108.70
CA ARG AF 75 54.63 -24.96 108.83
C ARG AF 75 55.82 -24.14 109.29
N ALA AF 76 55.92 -22.92 108.75
CA ALA AF 76 57.00 -22.02 109.17
C ALA AF 76 56.91 -21.70 110.65
N ASP AF 77 55.70 -21.49 111.15
CA ASP AF 77 55.49 -21.17 112.56
C ASP AF 77 55.59 -22.40 113.46
N ALA AF 78 55.69 -23.59 112.89
CA ALA AF 78 55.61 -24.81 113.68
C ALA AF 78 56.77 -24.88 114.67
N THR AF 79 56.47 -25.46 115.83
CA THR AF 79 57.45 -25.54 116.91
C THR AF 79 58.50 -26.59 116.62
N ALA AF 80 59.64 -26.45 117.30
CA ALA AF 80 60.67 -27.48 117.22
C ALA AF 80 60.20 -28.79 117.84
N ALA AF 81 59.32 -28.71 118.84
CA ALA AF 81 58.73 -29.92 119.41
C ALA AF 81 57.89 -30.66 118.37
N ASP AF 82 57.12 -29.93 117.57
CA ASP AF 82 56.41 -30.55 116.47
C ASP AF 82 57.39 -31.17 115.48
N LYS AF 83 58.49 -30.48 115.21
CA LYS AF 83 59.44 -30.96 114.21
C LYS AF 83 60.26 -32.13 114.74
N THR AF 84 60.63 -32.11 116.01
CA THR AF 84 61.33 -33.24 116.59
C THR AF 84 60.43 -34.46 116.67
N ALA AF 85 59.15 -34.25 117.02
CA ALA AF 85 58.22 -35.37 117.11
C ALA AF 85 58.01 -36.02 115.75
N LEU AF 86 57.85 -35.21 114.70
CA LEU AF 86 57.64 -35.78 113.37
C LEU AF 86 58.85 -36.60 112.94
N MET AF 87 60.05 -36.11 113.20
CA MET AF 87 61.25 -36.85 112.81
C MET AF 87 61.43 -38.10 113.67
N ALA AF 88 61.09 -38.02 114.96
CA ALA AF 88 61.19 -39.19 115.82
C ALA AF 88 60.19 -40.28 115.43
N ILE AF 89 58.97 -39.89 115.07
CA ILE AF 89 57.94 -40.88 114.75
C ILE AF 89 58.27 -41.59 113.44
N ILE AF 90 58.63 -40.82 112.41
CA ILE AF 90 58.92 -41.43 111.11
C ILE AF 90 60.18 -42.28 111.19
N THR AF 91 61.14 -41.90 112.02
CA THR AF 91 62.36 -42.69 112.17
C THR AF 91 62.08 -44.00 112.89
N ALA AF 92 61.24 -43.96 113.93
CA ALA AF 92 60.87 -45.19 114.64
C ALA AF 92 60.07 -46.12 113.73
N ALA AF 93 59.18 -45.56 112.92
CA ALA AF 93 58.40 -46.38 111.99
C ALA AF 93 59.29 -47.00 110.92
N GLN AF 94 60.31 -46.27 110.48
CA GLN AF 94 61.25 -46.82 109.52
C GLN AF 94 62.07 -47.96 110.13
N ALA AF 95 62.46 -47.80 111.40
CA ALA AF 95 63.18 -48.86 112.09
C ALA AF 95 62.31 -50.09 112.31
N ASP AF 96 61.00 -49.92 112.35
CA ASP AF 96 60.09 -51.05 112.48
C ASP AF 96 60.14 -51.92 111.23
N GLY AF 97 59.90 -53.21 111.42
CA GLY AF 97 59.91 -54.14 110.30
C GLY AF 97 58.73 -53.99 109.36
N ALA AF 98 57.68 -53.31 109.79
CA ALA AF 98 56.53 -53.08 108.90
C ALA AF 98 56.95 -52.28 107.69
N TRP AF 99 57.76 -51.25 107.88
CA TRP AF 99 58.28 -50.49 106.74
C TRP AF 99 59.19 -51.34 105.88
N THR AF 100 60.02 -52.18 106.51
CA THR AF 100 60.91 -53.05 105.74
C THR AF 100 60.12 -54.05 104.90
N GLU AF 101 58.89 -54.38 105.33
CA GLU AF 101 58.01 -55.23 104.55
C GLU AF 101 57.19 -54.43 103.54
N LEU AF 102 56.83 -53.19 103.87
CA LEU AF 102 56.15 -52.34 102.91
C LEU AF 102 57.00 -52.16 101.66
N VAL AF 103 58.30 -51.98 101.85
CA VAL AF 103 59.24 -52.05 100.74
C VAL AF 103 59.67 -53.50 100.58
N THR AF 104 60.04 -53.88 99.36
CA THR AF 104 60.52 -55.21 98.98
C THR AF 104 59.44 -56.27 98.95
N ASP AF 105 58.27 -56.01 99.54
CA ASP AF 105 57.19 -56.98 99.56
C ASP AF 105 55.83 -56.39 99.22
N GLN AF 106 55.65 -55.07 99.29
CA GLN AF 106 54.35 -54.43 99.14
C GLN AF 106 53.35 -55.03 100.12
N ARG AF 107 53.77 -55.14 101.38
CA ARG AF 107 53.00 -55.76 102.44
C ARG AF 107 52.53 -54.67 103.41
N LEU AF 108 51.23 -54.60 103.64
CA LEU AF 108 50.68 -53.69 104.63
C LEU AF 108 50.81 -54.28 106.03
N PRO AF 109 50.85 -53.43 107.07
CA PRO AF 109 51.09 -53.94 108.43
C PRO AF 109 49.82 -54.44 109.09
N LEU AF 110 49.01 -55.19 108.36
CA LEU AF 110 47.74 -55.64 108.86
C LEU AF 110 47.61 -57.16 108.96
N ALA AF 111 48.66 -57.89 108.59
CA ALA AF 111 48.61 -59.33 108.68
C ALA AF 111 48.43 -59.77 110.13
N THR AF 112 47.79 -60.92 110.32
CA THR AF 112 47.56 -61.47 111.65
C THR AF 112 48.76 -62.25 112.18
N VAL AF 113 49.81 -62.40 111.39
CA VAL AF 113 51.06 -63.07 111.77
C VAL AF 113 50.85 -64.55 112.09
N SER BF 1 53.13 -49.49 112.71
CA SER BF 1 52.24 -50.48 113.27
C SER BF 1 51.85 -50.15 114.70
N LYS BF 2 52.82 -50.16 115.60
CA LYS BF 2 52.56 -50.05 117.04
C LYS BF 2 53.38 -48.89 117.58
N VAL BF 3 53.56 -48.86 118.90
CA VAL BF 3 54.12 -47.73 119.62
C VAL BF 3 55.40 -47.21 118.99
N PHE BF 4 55.38 -45.94 118.58
CA PHE BF 4 56.52 -45.26 117.99
C PHE BF 4 56.71 -43.93 118.72
N ASN BF 5 57.95 -43.64 119.09
CA ASN BF 5 58.27 -42.41 119.83
C ASN BF 5 57.42 -42.31 121.09
N THR BF 6 57.30 -43.43 121.80
CA THR BF 6 56.52 -43.62 123.02
C THR BF 6 55.03 -43.42 122.83
N GLN BF 7 54.56 -43.22 121.62
CA GLN BF 7 53.15 -42.99 121.34
C GLN BF 7 52.53 -44.22 120.72
N THR BF 8 51.38 -44.64 121.25
CA THR BF 8 50.66 -45.80 120.76
C THR BF 8 49.81 -45.39 119.57
N PHE BF 9 50.04 -46.03 118.43
CA PHE BF 9 49.30 -45.76 117.21
C PHE BF 9 48.34 -46.92 116.97
N ASP BF 10 47.05 -46.68 117.18
CA ASP BF 10 46.02 -47.68 116.95
C ASP BF 10 45.37 -47.44 115.59
N ILE BF 11 44.84 -48.50 115.01
CA ILE BF 11 44.38 -48.44 113.62
C ILE BF 11 43.21 -47.48 113.51
N TYR BF 12 43.30 -46.55 112.55
CA TYR BF 12 42.27 -45.55 112.33
C TYR BF 12 41.39 -45.85 111.13
N SER BF 13 41.96 -46.40 110.05
CA SER BF 13 41.20 -46.80 108.87
C SER BF 13 42.05 -47.75 108.06
N THR BF 14 41.38 -48.59 107.28
CA THR BF 14 42.05 -49.51 106.37
C THR BF 14 41.42 -49.40 105.00
N GLU BF 15 42.24 -49.20 103.99
CA GLU BF 15 41.81 -49.16 102.60
C GLU BF 15 42.42 -50.34 101.85
N LYS BF 16 42.17 -50.37 100.54
CA LYS BF 16 42.76 -51.40 99.69
C LYS BF 16 44.27 -51.34 99.72
N ASP BF 17 44.83 -50.13 99.76
CA ASP BF 17 46.28 -49.94 99.68
C ASP BF 17 46.82 -49.03 100.77
N VAL BF 18 45.98 -48.53 101.66
CA VAL BF 18 46.42 -47.62 102.71
C VAL BF 18 45.94 -48.15 104.05
N VAL BF 19 46.84 -48.16 105.03
CA VAL BF 19 46.50 -48.45 106.42
C VAL BF 19 46.90 -47.23 107.23
N SER BF 20 45.95 -46.67 107.96
CA SER BF 20 46.15 -45.45 108.72
C SER BF 20 46.04 -45.75 110.21
N LEU BF 21 46.98 -45.24 110.98
CA LEU BF 21 46.96 -45.39 112.43
C LEU BF 21 46.91 -44.02 113.08
N ARG BF 22 46.25 -43.96 114.23
CA ARG BF 22 46.13 -42.71 114.98
C ARG BF 22 46.61 -42.95 116.40
N ASP BF 23 47.11 -41.89 117.03
CA ASP BF 23 47.49 -41.98 118.43
C ASP BF 23 46.26 -42.16 119.31
N PHE BF 24 45.24 -41.33 119.12
CA PHE BF 24 44.00 -41.31 119.89
C PHE BF 24 44.24 -40.82 121.32
N ALA BF 25 45.50 -40.59 121.68
CA ALA BF 25 45.85 -39.97 122.95
C ALA BF 25 46.00 -38.45 122.81
N ASN BF 26 46.95 -38.01 122.01
CA ASN BF 26 47.03 -36.61 121.62
C ASN BF 26 46.13 -36.29 120.44
N ASP BF 27 45.60 -37.31 119.78
CA ASP BF 27 44.60 -37.16 118.72
C ASP BF 27 45.06 -36.23 117.60
N LYS BF 28 46.37 -36.15 117.38
CA LYS BF 28 46.90 -35.24 116.38
C LYS BF 28 47.81 -35.91 115.36
N ASP BF 29 48.27 -37.13 115.60
CA ASP BF 29 49.25 -37.79 114.75
C ASP BF 29 48.60 -38.95 114.02
N THR BF 30 48.79 -39.00 112.70
CA THR BF 30 48.28 -40.08 111.89
C THR BF 30 49.42 -40.66 111.06
N LEU BF 31 49.59 -41.98 111.16
CA LEU BF 31 50.62 -42.71 110.44
C LEU BF 31 49.94 -43.55 109.37
N ALA BF 32 50.41 -43.43 108.13
CA ALA BF 32 49.82 -44.13 107.00
C ALA BF 32 50.86 -45.01 106.32
N TYR BF 33 50.42 -46.20 105.91
CA TYR BF 33 51.24 -47.13 105.12
C TYR BF 33 50.53 -47.32 103.78
N LYS BF 34 51.19 -46.96 102.70
CA LYS BF 34 50.57 -46.83 101.40
C LYS BF 34 51.30 -47.70 100.39
N ARG BF 35 50.55 -48.24 99.44
CA ARG BF 35 51.04 -49.32 98.58
C ARG BF 35 50.55 -49.15 97.15
N LEU BF 36 51.50 -49.14 96.21
CA LEU BF 36 51.19 -49.31 94.78
C LEU BF 36 52.11 -50.36 94.19
N ALA BF 37 51.57 -51.55 93.94
CA ALA BF 37 52.33 -52.62 93.34
C ALA BF 37 52.73 -52.27 91.90
N PRO BF 38 53.83 -52.84 91.40
CA PRO BF 38 54.26 -52.52 90.03
C PRO BF 38 53.24 -52.96 89.00
N LYS BF 39 53.17 -52.19 87.92
CA LYS BF 39 52.30 -52.51 86.79
C LYS BF 39 53.17 -52.73 85.56
N ARG BF 40 52.99 -53.87 84.90
CA ARG BF 40 53.82 -54.28 83.77
C ARG BF 40 53.24 -53.68 82.49
N THR BF 41 53.41 -52.36 82.36
CA THR BF 41 52.86 -51.66 81.20
C THR BF 41 53.71 -51.83 79.95
N LYS BF 42 54.93 -52.32 80.09
CA LYS BF 42 55.81 -52.56 78.96
C LYS BF 42 56.71 -53.74 79.30
N ASP BF 43 57.82 -53.86 78.57
CA ASP BF 43 58.83 -54.87 78.90
C ASP BF 43 59.34 -54.65 80.32
N SER BF 44 59.22 -53.43 80.81
CA SER BF 44 59.51 -53.16 82.21
C SER BF 44 58.56 -53.95 83.09
N PRO BF 45 59.03 -54.52 84.21
CA PRO BF 45 58.10 -55.12 85.17
C PRO BF 45 57.36 -54.11 86.01
N GLY BF 46 57.54 -52.82 85.73
CA GLY BF 46 56.92 -51.77 86.51
C GLY BF 46 57.73 -51.39 87.73
N MET BF 47 57.26 -50.37 88.43
CA MET BF 47 57.88 -49.90 89.65
C MET BF 47 56.97 -50.17 90.84
N ALA BF 48 57.50 -50.82 91.86
CA ALA BF 48 56.79 -51.01 93.11
C ALA BF 48 56.90 -49.73 93.92
N LYS BF 49 55.76 -49.11 94.19
CA LYS BF 49 55.72 -47.89 94.99
C LYS BF 49 55.27 -48.19 96.40
N SER BF 50 55.86 -47.51 97.37
CA SER BF 50 55.40 -47.52 98.75
C SER BF 50 55.47 -46.11 99.31
N GLU BF 51 54.76 -45.90 100.40
CA GLU BF 51 54.74 -44.59 101.05
C GLU BF 51 54.47 -44.78 102.52
N LEU BF 52 55.30 -44.16 103.36
CA LEU BF 52 55.10 -44.16 104.81
C LEU BF 52 55.11 -42.71 105.27
N LYS BF 53 53.94 -42.19 105.63
CA LYS BF 53 53.81 -40.78 105.95
C LYS BF 53 53.23 -40.58 107.35
N ILE BF 54 53.79 -39.60 108.04
CA ILE BF 54 53.30 -39.17 109.35
C ILE BF 54 52.79 -37.75 109.19
N THR BF 55 51.58 -37.50 109.69
CA THR BF 55 50.95 -36.20 109.60
C THR BF 55 50.55 -35.74 110.98
N ARG BF 56 50.91 -34.51 111.32
CA ARG BF 56 50.50 -33.87 112.55
C ARG BF 56 49.60 -32.69 112.21
N VAL BF 57 48.41 -32.68 112.80
CA VAL BF 57 47.50 -31.56 112.70
C VAL BF 57 47.11 -31.15 114.11
N ASP BF 58 46.78 -29.89 114.29
CA ASP BF 58 46.31 -29.47 115.60
C ASP BF 58 44.85 -29.87 115.73
N PRO BF 59 44.48 -30.75 116.66
CA PRO BF 59 43.12 -31.28 116.66
C PRO BF 59 42.12 -30.40 117.41
N THR BF 60 42.23 -29.09 117.25
CA THR BF 60 41.19 -28.18 117.70
C THR BF 60 40.71 -27.33 116.53
N THR BF 61 41.65 -26.74 115.80
CA THR BF 61 41.34 -25.92 114.65
C THR BF 61 41.67 -26.60 113.33
N GLY BF 62 42.25 -27.80 113.37
CA GLY BF 62 42.52 -28.53 112.15
C GLY BF 62 43.56 -27.91 111.25
N VAL BF 63 44.56 -27.23 111.83
CA VAL BF 63 45.66 -26.69 111.05
C VAL BF 63 46.73 -27.77 110.90
N LEU BF 64 47.18 -27.98 109.67
CA LEU BF 64 48.22 -28.96 109.40
C LEU BF 64 49.53 -28.44 109.97
N ILE BF 65 50.11 -29.15 110.92
CA ILE BF 65 51.37 -28.71 111.49
C ILE BF 65 52.53 -29.10 110.58
N GLY BF 66 52.56 -30.35 110.11
CA GLY BF 66 53.61 -30.78 109.22
C GLY BF 66 53.44 -32.23 108.82
N ILE BF 67 54.11 -32.57 107.72
CA ILE BF 67 54.11 -33.92 107.17
C ILE BF 67 55.54 -34.34 106.89
N VAL BF 68 55.88 -35.57 107.23
CA VAL BF 68 57.12 -36.21 106.81
C VAL BF 68 56.75 -37.50 106.08
N ASN BF 69 57.27 -37.65 104.87
CA ASN BF 69 56.91 -38.74 103.98
C ASN BF 69 58.14 -39.54 103.62
N VAL BF 70 58.02 -40.86 103.65
CA VAL BF 70 59.06 -41.76 103.17
C VAL BF 70 58.48 -42.57 102.03
N SER BF 71 58.85 -42.22 100.81
CA SER BF 71 58.35 -42.88 99.61
C SER BF 71 59.47 -43.66 98.94
N SER BF 72 59.12 -44.83 98.42
CA SER BF 72 60.06 -45.65 97.66
C SER BF 72 59.46 -45.98 96.31
N SER BF 73 60.30 -45.89 95.27
CA SER BF 73 59.92 -46.30 93.91
C SER BF 73 61.05 -47.21 93.42
N ILE BF 74 60.88 -48.51 93.63
CA ILE BF 74 61.90 -49.50 93.29
C ILE BF 74 61.37 -50.39 92.17
N ARG BF 75 62.24 -50.72 91.23
CA ARG BF 75 61.87 -51.61 90.14
C ARG BF 75 61.41 -52.95 90.67
N ALA BF 76 60.40 -53.52 90.02
CA ALA BF 76 59.89 -54.82 90.45
C ALA BF 76 60.95 -55.89 90.37
N ASP BF 77 61.83 -55.83 89.37
CA ASP BF 77 62.90 -56.79 89.21
C ASP BF 77 64.10 -56.50 90.08
N ALA BF 78 64.15 -55.35 90.73
CA ALA BF 78 65.33 -54.95 91.48
C ALA BF 78 65.59 -55.93 92.62
N THR BF 79 66.84 -56.36 92.72
CA THR BF 79 67.22 -57.34 93.72
C THR BF 79 67.11 -56.75 95.12
N ALA BF 80 67.02 -57.64 96.11
CA ALA BF 80 66.98 -57.19 97.49
C ALA BF 80 68.26 -56.48 97.89
N ALA BF 81 69.36 -56.77 97.20
CA ALA BF 81 70.62 -56.06 97.47
C ALA BF 81 70.48 -54.58 97.22
N ASP BF 82 69.91 -54.20 96.07
CA ASP BF 82 69.64 -52.79 95.82
C ASP BF 82 68.61 -52.26 96.81
N LYS BF 83 67.58 -53.07 97.10
CA LYS BF 83 66.53 -52.64 98.01
C LYS BF 83 67.05 -52.47 99.43
N THR BF 84 67.92 -53.36 99.88
CA THR BF 84 68.50 -53.22 101.22
C THR BF 84 69.48 -52.05 101.26
N ALA BF 85 70.26 -51.86 100.19
CA ALA BF 85 71.21 -50.75 100.16
C ALA BF 85 70.48 -49.42 100.13
N LEU BF 86 69.35 -49.35 99.43
CA LEU BF 86 68.58 -48.11 99.34
C LEU BF 86 68.06 -47.69 100.71
N MET BF 87 67.61 -48.65 101.53
CA MET BF 87 67.15 -48.30 102.86
C MET BF 87 68.32 -48.01 103.79
N ALA BF 88 69.41 -48.75 103.63
CA ALA BF 88 70.57 -48.54 104.50
C ALA BF 88 71.15 -47.14 104.33
N ILE BF 89 71.22 -46.66 103.09
CA ILE BF 89 71.75 -45.33 102.84
C ILE BF 89 70.81 -44.27 103.39
N ILE BF 90 69.52 -44.38 103.08
CA ILE BF 90 68.59 -43.31 103.45
C ILE BF 90 68.39 -43.24 104.95
N THR BF 91 68.41 -44.39 105.63
CA THR BF 91 68.34 -44.39 107.08
C THR BF 91 69.61 -43.82 107.69
N ALA BF 92 70.76 -44.17 107.13
CA ALA BF 92 72.02 -43.60 107.60
C ALA BF 92 72.06 -42.09 107.38
N ALA BF 93 71.57 -41.64 106.22
CA ALA BF 93 71.49 -40.21 105.95
C ALA BF 93 70.56 -39.51 106.93
N GLN BF 94 69.42 -40.12 107.25
CA GLN BF 94 68.50 -39.52 108.21
C GLN BF 94 69.11 -39.44 109.60
N ALA BF 95 69.81 -40.50 110.03
CA ALA BF 95 70.49 -40.47 111.31
C ALA BF 95 71.58 -39.41 111.35
N ASP BF 96 72.11 -39.01 110.20
CA ASP BF 96 73.10 -37.96 110.13
C ASP BF 96 72.48 -36.62 110.48
N GLY BF 97 73.33 -35.70 110.95
CA GLY BF 97 72.86 -34.40 111.36
C GLY BF 97 72.45 -33.49 110.21
N ALA BF 98 72.92 -33.78 109.00
CA ALA BF 98 72.55 -32.95 107.86
C ALA BF 98 71.05 -32.98 107.61
N TRP BF 99 70.43 -34.15 107.73
CA TRP BF 99 68.98 -34.24 107.58
C TRP BF 99 68.26 -33.49 108.71
N THR BF 100 68.79 -33.57 109.93
CA THR BF 100 68.18 -32.86 111.03
C THR BF 100 68.12 -31.36 110.78
N GLU BF 101 69.19 -30.77 110.25
CA GLU BF 101 69.23 -29.36 109.94
C GLU BF 101 68.51 -29.01 108.64
N LEU BF 102 68.42 -29.92 107.68
CA LEU BF 102 67.65 -29.64 106.48
C LEU BF 102 66.19 -29.37 106.84
N VAL BF 103 65.64 -30.17 107.74
CA VAL BF 103 64.42 -29.81 108.45
C VAL BF 103 64.78 -28.86 109.58
N THR BF 104 63.82 -28.04 110.01
CA THR BF 104 63.95 -27.13 111.15
C THR BF 104 64.86 -25.94 110.85
N ASP BF 105 65.63 -26.00 109.77
CA ASP BF 105 66.52 -24.89 109.42
C ASP BF 105 66.56 -24.58 107.94
N GLN BF 106 66.11 -25.47 107.07
CA GLN BF 106 66.31 -25.35 105.62
C GLN BF 106 67.78 -25.15 105.30
N ARG BF 107 68.63 -25.91 105.97
CA ARG BF 107 70.08 -25.80 105.84
C ARG BF 107 70.61 -26.92 104.96
N LEU BF 108 71.25 -26.55 103.86
CA LEU BF 108 71.85 -27.52 102.97
C LEU BF 108 73.22 -27.95 103.48
N PRO BF 109 73.65 -29.17 103.18
CA PRO BF 109 74.98 -29.62 103.63
C PRO BF 109 76.08 -29.00 102.78
N LEU BF 110 76.32 -27.72 102.97
CA LEU BF 110 77.43 -27.03 102.32
C LEU BF 110 78.17 -26.07 103.25
N ALA BF 111 77.80 -26.01 104.53
CA ALA BF 111 78.44 -25.09 105.45
C ALA BF 111 79.86 -25.51 105.74
N THR BF 112 80.76 -24.54 105.82
CA THR BF 112 82.18 -24.80 106.09
C THR BF 112 82.48 -24.94 107.57
N VAL BF 113 81.49 -24.74 108.44
CA VAL BF 113 81.65 -24.85 109.89
C VAL BF 113 82.68 -23.85 110.42
N SER CF 1 31.92 -90.04 92.51
CA SER CF 1 31.81 -91.41 92.01
C SER CF 1 30.76 -92.21 92.78
N LYS CF 2 30.92 -92.27 94.10
CA LYS CF 2 30.04 -93.08 94.93
C LYS CF 2 29.71 -92.31 96.21
N VAL CF 3 29.21 -93.03 97.22
CA VAL CF 3 28.53 -92.47 98.38
C VAL CF 3 29.28 -91.28 98.98
N PHE CF 4 28.59 -90.14 99.04
CA PHE CF 4 29.11 -88.90 99.60
C PHE CF 4 28.08 -88.38 100.59
N ASN CF 5 28.55 -87.98 101.77
CA ASN CF 5 27.67 -87.43 102.79
C ASN CF 5 26.54 -88.40 103.12
N THR CF 6 26.87 -89.69 103.17
CA THR CF 6 25.96 -90.81 103.40
C THR CF 6 24.89 -90.95 102.32
N GLN CF 7 24.94 -90.15 101.26
CA GLN CF 7 24.00 -90.25 100.16
C GLN CF 7 24.65 -91.05 99.03
N THR CF 8 23.88 -91.94 98.43
CA THR CF 8 24.36 -92.74 97.32
C THR CF 8 24.16 -91.96 96.03
N PHE CF 9 25.23 -91.73 95.29
CA PHE CF 9 25.15 -91.06 93.99
C PHE CF 9 25.41 -92.11 92.92
N ASP CF 10 24.44 -92.28 92.03
CA ASP CF 10 24.54 -93.20 90.93
C ASP CF 10 24.62 -92.42 89.63
N ILE CF 11 25.29 -93.01 88.63
CA ILE CF 11 25.45 -92.32 87.36
C ILE CF 11 24.08 -92.10 86.74
N TYR CF 12 23.81 -90.86 86.38
CA TYR CF 12 22.56 -90.49 85.72
C TYR CF 12 22.72 -90.33 84.21
N SER CF 13 23.82 -89.73 83.78
CA SER CF 13 24.05 -89.52 82.36
C SER CF 13 25.54 -89.51 82.12
N THR CF 14 25.92 -89.98 80.94
CA THR CF 14 27.31 -90.01 80.53
C THR CF 14 27.43 -89.23 79.22
N GLU CF 15 28.36 -88.31 79.18
CA GLU CF 15 28.59 -87.45 78.03
C GLU CF 15 30.06 -87.54 77.63
N LYS CF 16 30.37 -86.99 76.46
CA LYS CF 16 31.74 -86.98 75.97
C LYS CF 16 32.71 -86.41 77.00
N ASP CF 17 32.39 -85.25 77.54
CA ASP CF 17 33.23 -84.60 78.54
C ASP CF 17 32.49 -84.29 79.83
N VAL CF 18 31.32 -84.88 80.04
CA VAL CF 18 30.53 -84.65 81.25
C VAL CF 18 30.05 -85.99 81.79
N VAL CF 19 30.14 -86.17 83.10
CA VAL CF 19 29.54 -87.31 83.79
C VAL CF 19 28.71 -86.75 84.92
N SER CF 20 27.46 -87.20 85.03
CA SER CF 20 26.50 -86.70 86.00
C SER CF 20 26.03 -87.83 86.92
N LEU CF 21 25.98 -87.55 88.21
CA LEU CF 21 25.51 -88.50 89.21
C LEU CF 21 24.35 -87.91 89.97
N ARG CF 22 23.33 -88.72 90.20
CA ARG CF 22 22.14 -88.30 90.92
C ARG CF 22 21.98 -89.16 92.17
N ASP CF 23 21.44 -88.55 93.22
CA ASP CF 23 21.17 -89.30 94.45
C ASP CF 23 20.14 -90.40 94.21
N PHE CF 24 19.07 -90.09 93.48
CA PHE CF 24 18.00 -91.01 93.13
C PHE CF 24 17.19 -91.44 94.34
N ALA CF 25 17.62 -91.02 95.53
CA ALA CF 25 16.89 -91.27 96.76
C ALA CF 25 16.16 -90.03 97.24
N ASN CF 26 16.88 -88.91 97.38
CA ASN CF 26 16.25 -87.62 97.61
C ASN CF 26 15.79 -86.95 96.33
N ASP CF 27 16.31 -87.38 95.18
CA ASP CF 27 15.89 -86.89 93.87
C ASP CF 27 16.03 -85.37 93.75
N LYS CF 28 17.02 -84.79 94.41
CA LYS CF 28 17.26 -83.36 94.30
C LYS CF 28 18.73 -82.99 94.14
N ASP CF 29 19.66 -83.90 94.41
CA ASP CF 29 21.09 -83.61 94.34
C ASP CF 29 21.67 -84.19 93.06
N THR CF 30 22.40 -83.37 92.32
CA THR CF 30 23.08 -83.81 91.11
C THR CF 30 24.55 -83.41 91.19
N LEU CF 31 25.43 -84.38 90.98
CA LEU CF 31 26.87 -84.16 90.98
C LEU CF 31 27.39 -84.38 89.57
N ALA CF 32 28.07 -83.37 89.03
CA ALA CF 32 28.54 -83.38 87.65
C ALA CF 32 30.05 -83.23 87.61
N TYR CF 33 30.70 -84.06 86.80
CA TYR CF 33 32.12 -83.95 86.51
C TYR CF 33 32.27 -83.44 85.09
N LYS CF 34 32.79 -82.22 84.93
CA LYS CF 34 32.92 -81.61 83.62
C LYS CF 34 34.38 -81.49 83.24
N ARG CF 35 34.64 -81.64 81.95
CA ARG CF 35 35.99 -81.75 81.41
C ARG CF 35 36.18 -80.73 80.30
N LEU CF 36 37.39 -80.21 80.17
CA LEU CF 36 37.71 -79.28 79.08
C LEU CF 36 39.21 -79.30 78.86
N ALA CF 37 39.64 -79.86 77.74
CA ALA CF 37 41.06 -80.01 77.46
C ALA CF 37 41.70 -78.65 77.14
N PRO CF 38 42.98 -78.49 77.44
CA PRO CF 38 43.66 -77.24 77.08
C PRO CF 38 43.83 -77.10 75.58
N LYS CF 39 43.67 -75.88 75.09
CA LYS CF 39 43.81 -75.60 73.66
C LYS CF 39 45.09 -74.81 73.42
N ARG CF 40 45.93 -75.33 72.52
CA ARG CF 40 47.17 -74.65 72.14
C ARG CF 40 46.81 -73.62 71.07
N THR CF 41 45.99 -72.64 71.48
CA THR CF 41 45.58 -71.58 70.58
C THR CF 41 46.70 -70.61 70.27
N LYS CF 42 47.84 -70.77 70.94
CA LYS CF 42 49.02 -69.94 70.74
C LYS CF 42 50.23 -70.76 71.14
N ASP CF 43 51.36 -70.10 71.35
CA ASP CF 43 52.56 -70.76 71.84
C ASP CF 43 52.28 -71.51 73.12
N SER CF 44 51.44 -70.92 73.99
CA SER CF 44 51.08 -71.55 75.25
C SER CF 44 50.31 -72.84 74.98
N PRO CF 45 50.51 -73.88 75.79
CA PRO CF 45 49.78 -75.14 75.57
C PRO CF 45 48.32 -75.09 75.98
N GLY CF 46 47.85 -73.98 76.54
CA GLY CF 46 46.46 -73.85 76.93
C GLY CF 46 46.21 -74.19 78.38
N MET CF 47 44.97 -73.97 78.80
CA MET CF 47 44.54 -74.18 80.17
C MET CF 47 43.60 -75.36 80.24
N ALA CF 48 43.96 -76.35 81.05
CA ALA CF 48 43.16 -77.55 81.22
C ALA CF 48 42.06 -77.26 82.25
N LYS CF 49 40.83 -77.11 81.78
CA LYS CF 49 39.72 -76.76 82.64
C LYS CF 49 39.04 -78.00 83.19
N SER CF 50 38.77 -77.98 84.49
CA SER CF 50 37.99 -79.02 85.15
C SER CF 50 36.84 -78.37 85.88
N GLU CF 51 35.87 -79.18 86.29
CA GLU CF 51 34.72 -78.65 87.01
C GLU CF 51 34.02 -79.76 87.76
N LEU CF 52 33.73 -79.53 89.03
CA LEU CF 52 32.99 -80.45 89.89
C LEU CF 52 31.93 -79.65 90.62
N LYS CF 53 30.66 -79.90 90.34
CA LYS CF 53 29.59 -79.14 90.93
C LYS CF 53 28.52 -80.06 91.51
N ILE CF 54 27.88 -79.59 92.58
CA ILE CF 54 26.70 -80.23 93.14
C ILE CF 54 25.55 -79.24 93.08
N THR CF 55 24.42 -79.69 92.55
CA THR CF 55 23.24 -78.85 92.38
C THR CF 55 22.07 -79.46 93.13
N ARG CF 56 21.39 -78.64 93.92
CA ARG CF 56 20.20 -79.06 94.64
C ARG CF 56 19.00 -78.32 94.08
N VAL CF 57 18.01 -79.06 93.61
CA VAL CF 57 16.77 -78.52 93.08
C VAL CF 57 15.61 -79.30 93.69
N ASP CF 58 14.71 -78.59 94.35
CA ASP CF 58 13.64 -79.27 95.08
C ASP CF 58 12.77 -80.10 94.15
N PRO CF 59 12.57 -81.39 94.42
CA PRO CF 59 11.78 -82.22 93.51
C PRO CF 59 10.30 -82.13 93.79
N THR CF 60 9.78 -80.92 93.98
CA THR CF 60 8.34 -80.73 94.12
C THR CF 60 7.84 -79.71 93.11
N THR CF 61 8.65 -78.67 92.87
CA THR CF 61 8.35 -77.64 91.88
C THR CF 61 9.52 -77.32 90.98
N GLY CF 62 10.75 -77.68 91.39
CA GLY CF 62 11.91 -77.40 90.57
C GLY CF 62 12.62 -76.10 90.89
N VAL CF 63 12.73 -75.75 92.17
CA VAL CF 63 13.41 -74.52 92.58
C VAL CF 63 14.86 -74.84 92.91
N LEU CF 64 15.77 -74.12 92.28
CA LEU CF 64 17.20 -74.27 92.54
C LEU CF 64 17.50 -73.79 93.95
N ILE CF 65 17.84 -74.73 94.84
CA ILE CF 65 18.18 -74.36 96.20
C ILE CF 65 19.57 -73.74 96.27
N GLY CF 66 20.55 -74.37 95.64
CA GLY CF 66 21.89 -73.86 95.70
C GLY CF 66 22.81 -74.67 94.82
N ILE CF 67 23.98 -74.10 94.56
CA ILE CF 67 25.04 -74.74 93.79
C ILE CF 67 26.37 -74.45 94.48
N VAL CF 68 27.17 -75.49 94.66
CA VAL CF 68 28.58 -75.33 95.01
C VAL CF 68 29.39 -75.96 93.88
N ASN CF 69 30.29 -75.18 93.29
CA ASN CF 69 31.08 -75.62 92.15
C ASN CF 69 32.56 -75.49 92.48
N VAL CF 70 33.34 -76.47 92.05
CA VAL CF 70 34.80 -76.42 92.16
C VAL CF 70 35.35 -76.48 90.75
N SER CF 71 35.89 -75.36 90.28
CA SER CF 71 36.44 -75.27 88.94
C SER CF 71 37.94 -75.09 89.01
N SER CF 72 38.66 -75.69 88.07
CA SER CF 72 40.09 -75.53 87.95
C SER CF 72 40.44 -75.04 86.56
N SER CF 73 41.43 -74.16 86.49
CA SER CF 73 41.97 -73.67 85.23
C SER CF 73 43.49 -73.67 85.40
N ILE CF 74 44.12 -74.76 85.00
CA ILE CF 74 45.54 -74.97 85.22
C ILE CF 74 46.23 -75.06 83.86
N ARG CF 75 47.40 -74.43 83.77
CA ARG CF 75 48.20 -74.52 82.55
C ARG CF 75 48.44 -75.98 82.19
N ALA CF 76 48.39 -76.26 80.88
CA ALA CF 76 48.66 -77.62 80.42
C ALA CF 76 50.06 -78.06 80.79
N ASP CF 77 51.01 -77.13 80.84
CA ASP CF 77 52.39 -77.45 81.17
C ASP CF 77 52.68 -77.42 82.66
N ALA CF 78 51.71 -77.06 83.50
CA ALA CF 78 51.95 -76.94 84.92
C ALA CF 78 52.36 -78.27 85.53
N THR CF 79 53.33 -78.22 86.43
CA THR CF 79 53.87 -79.44 87.02
C THR CF 79 52.87 -80.05 87.99
N ALA CF 80 53.06 -81.35 88.25
CA ALA CF 80 52.21 -82.03 89.22
C ALA CF 80 52.37 -81.44 90.60
N ALA CF 81 53.52 -80.85 90.91
CA ALA CF 81 53.70 -80.17 92.18
C ALA CF 81 52.78 -78.96 92.30
N ASP CF 82 52.70 -78.15 91.25
CA ASP CF 82 51.74 -77.06 91.23
C ASP CF 82 50.31 -77.59 91.31
N LYS CF 83 50.04 -78.68 90.61
CA LYS CF 83 48.68 -79.21 90.55
C LYS CF 83 48.29 -79.85 91.87
N THR CF 84 49.25 -80.45 92.58
CA THR CF 84 48.96 -80.98 93.90
C THR CF 84 48.86 -79.86 94.93
N ALA CF 85 49.72 -78.85 94.84
CA ALA CF 85 49.70 -77.75 95.79
C ALA CF 85 48.40 -76.97 95.71
N LEU CF 86 47.91 -76.72 94.49
CA LEU CF 86 46.67 -75.98 94.33
C LEU CF 86 45.50 -76.71 94.97
N MET CF 87 45.46 -78.04 94.81
CA MET CF 87 44.38 -78.81 95.40
C MET CF 87 44.54 -78.92 96.90
N ALA CF 88 45.79 -78.89 97.39
CA ALA CF 88 46.02 -79.00 98.83
C ALA CF 88 45.68 -77.71 99.56
N ILE CF 89 46.01 -76.57 98.97
CA ILE CF 89 45.69 -75.29 99.61
C ILE CF 89 44.18 -75.08 99.66
N ILE CF 90 43.50 -75.32 98.55
CA ILE CF 90 42.06 -75.07 98.50
C ILE CF 90 41.30 -76.04 99.40
N THR CF 91 41.76 -77.28 99.51
CA THR CF 91 41.09 -78.23 100.38
C THR CF 91 41.26 -77.85 101.85
N ALA CF 92 42.47 -77.40 102.23
CA ALA CF 92 42.70 -76.93 103.59
C ALA CF 92 41.89 -75.68 103.90
N ALA CF 93 41.79 -74.77 102.93
CA ALA CF 93 41.00 -73.56 103.14
C ALA CF 93 39.52 -73.88 103.32
N GLN CF 94 39.00 -74.83 102.53
CA GLN CF 94 37.62 -75.27 102.72
C GLN CF 94 37.44 -75.94 104.07
N ALA CF 95 38.41 -76.74 104.49
CA ALA CF 95 38.35 -77.35 105.82
C ALA CF 95 38.47 -76.31 106.92
N ASP CF 96 39.10 -75.18 106.64
CA ASP CF 96 39.13 -74.08 107.59
C ASP CF 96 37.74 -73.50 107.77
N GLY CF 97 37.51 -72.90 108.93
CA GLY CF 97 36.19 -72.40 109.28
C GLY CF 97 35.81 -71.12 108.58
N ALA CF 98 36.78 -70.40 108.00
CA ALA CF 98 36.46 -69.17 107.29
C ALA CF 98 35.57 -69.44 106.09
N TRP CF 99 35.78 -70.57 105.42
CA TRP CF 99 34.91 -70.94 104.31
C TRP CF 99 33.49 -71.26 104.80
N THR CF 100 33.39 -71.96 105.92
CA THR CF 100 32.07 -72.30 106.47
C THR CF 100 31.30 -71.05 106.88
N GLU CF 101 31.98 -69.93 107.09
CA GLU CF 101 31.34 -68.67 107.40
C GLU CF 101 31.04 -67.83 106.17
N LEU CF 102 31.92 -67.89 105.16
CA LEU CF 102 31.65 -67.21 103.89
C LEU CF 102 30.37 -67.76 103.27
N VAL CF 103 30.24 -69.06 103.22
CA VAL CF 103 28.96 -69.70 102.99
C VAL CF 103 28.19 -69.65 104.31
N THR CF 104 26.87 -69.61 104.22
CA THR CF 104 25.93 -69.66 105.34
C THR CF 104 25.89 -68.37 106.15
N ASP CF 105 26.85 -67.47 105.95
CA ASP CF 105 26.77 -66.17 106.62
C ASP CF 105 27.23 -64.99 105.78
N GLN CF 106 27.94 -65.21 104.68
CA GLN CF 106 28.61 -64.14 103.94
C GLN CF 106 29.53 -63.34 104.85
N ARG CF 107 30.28 -64.07 105.67
CA ARG CF 107 31.20 -63.46 106.64
C ARG CF 107 32.62 -63.56 106.08
N LEU CF 108 33.25 -62.44 105.87
CA LEU CF 108 34.61 -62.42 105.37
C LEU CF 108 35.60 -62.59 106.51
N PRO CF 109 36.78 -63.12 106.23
CA PRO CF 109 37.79 -63.23 107.28
C PRO CF 109 38.44 -61.91 107.62
N LEU CF 110 37.65 -60.97 108.15
CA LEU CF 110 38.17 -59.70 108.64
C LEU CF 110 37.56 -59.26 109.96
N ALA CF 111 36.61 -60.02 110.50
CA ALA CF 111 36.06 -59.69 111.82
C ALA CF 111 37.12 -59.84 112.89
N THR CF 112 37.09 -58.96 113.88
CA THR CF 112 38.05 -58.97 114.97
C THR CF 112 37.71 -59.95 116.08
N VAL CF 113 36.55 -60.59 116.02
CA VAL CF 113 36.09 -61.55 117.02
C VAL CF 113 35.98 -60.90 118.40
N SER DF 1 -27.80 117.38 56.30
CA SER DF 1 -29.11 117.96 56.08
C SER DF 1 -28.98 119.35 55.47
N LYS DF 2 -28.26 120.23 56.14
CA LYS DF 2 -28.06 121.59 55.68
C LYS DF 2 -26.62 121.99 56.04
N VAL DF 3 -26.35 123.29 56.01
CA VAL DF 3 -24.99 123.83 56.13
C VAL DF 3 -24.24 123.24 57.33
N PHE DF 4 -23.12 122.56 57.03
CA PHE DF 4 -22.24 122.00 58.03
C PHE DF 4 -20.81 122.38 57.66
N ASN DF 5 -20.04 122.83 58.64
CA ASN DF 5 -18.66 123.26 58.41
C ASN DF 5 -18.63 124.31 57.29
N THR DF 6 -19.60 125.23 57.34
CA THR DF 6 -19.78 126.32 56.38
C THR DF 6 -20.00 125.83 54.95
N GLN DF 7 -20.46 124.60 54.76
CA GLN DF 7 -20.76 124.07 53.43
C GLN DF 7 -22.22 123.63 53.36
N THR DF 8 -22.89 124.00 52.27
CA THR DF 8 -24.30 123.71 52.09
C THR DF 8 -24.45 122.34 51.45
N PHE DF 9 -25.07 121.41 52.17
CA PHE DF 9 -25.30 120.06 51.68
C PHE DF 9 -26.76 119.95 51.26
N ASP DF 10 -26.98 119.65 49.99
CA ASP DF 10 -28.31 119.54 49.42
C ASP DF 10 -28.58 118.10 49.01
N ILE DF 11 -29.87 117.76 48.95
CA ILE DF 11 -30.27 116.40 48.61
C ILE DF 11 -29.79 116.07 47.21
N TYR DF 12 -29.07 114.96 47.07
CA TYR DF 12 -28.74 114.44 45.76
C TYR DF 12 -29.52 113.17 45.43
N SER DF 13 -29.79 112.32 46.42
CA SER DF 13 -30.43 111.06 46.14
C SER DF 13 -31.20 110.61 47.37
N THR DF 14 -32.30 109.91 47.12
CA THR DF 14 -33.13 109.36 48.19
C THR DF 14 -33.49 107.93 47.83
N GLU DF 15 -33.14 107.01 48.70
CA GLU DF 15 -33.46 105.60 48.53
C GLU DF 15 -34.50 105.20 49.56
N LYS DF 16 -34.78 103.89 49.60
CA LYS DF 16 -35.67 103.36 50.63
C LYS DF 16 -35.11 103.65 52.01
N ASP DF 17 -33.81 103.49 52.20
CA ASP DF 17 -33.21 103.62 53.51
C ASP DF 17 -31.93 104.45 53.52
N VAL DF 18 -31.56 105.06 52.40
CA VAL DF 18 -30.41 105.95 52.36
C VAL DF 18 -30.85 107.30 51.82
N VAL DF 19 -30.36 108.36 52.45
CA VAL DF 19 -30.44 109.71 51.92
C VAL DF 19 -29.02 110.19 51.67
N SER DF 20 -28.77 110.70 50.47
CA SER DF 20 -27.44 111.19 50.10
C SER DF 20 -27.50 112.69 49.84
N LEU DF 21 -26.55 113.41 50.41
CA LEU DF 21 -26.44 114.85 50.25
C LEU DF 21 -25.05 115.23 49.76
N ARG DF 22 -25.00 116.20 48.85
CA ARG DF 22 -23.74 116.66 48.29
C ARG DF 22 -23.62 118.17 48.50
N ASP DF 23 -22.37 118.64 48.44
CA ASP DF 23 -22.13 120.07 48.59
C ASP DF 23 -22.59 120.83 47.35
N PHE DF 24 -22.27 120.32 46.16
CA PHE DF 24 -22.62 120.93 44.88
C PHE DF 24 -21.85 122.23 44.67
N ALA DF 25 -21.10 122.66 45.68
CA ALA DF 25 -20.23 123.82 45.58
C ALA DF 25 -18.78 123.45 45.36
N ASN DF 26 -18.20 122.65 46.25
CA ASN DF 26 -16.87 122.11 46.03
C ASN DF 26 -16.91 120.77 45.31
N ASP DF 27 -18.09 120.16 45.19
CA ASP DF 27 -18.28 118.93 44.43
C ASP DF 27 -17.33 117.81 44.89
N LYS DF 28 -17.02 117.79 46.17
CA LYS DF 28 -16.09 116.80 46.69
C LYS DF 28 -16.60 116.06 47.92
N ASP DF 29 -17.63 116.55 48.60
CA ASP DF 29 -18.14 115.95 49.81
C ASP DF 29 -19.53 115.38 49.59
N THR DF 30 -19.76 114.17 50.09
CA THR DF 30 -21.08 113.56 50.11
C THR DF 30 -21.37 113.06 51.51
N LEU DF 31 -22.50 113.49 52.07
CA LEU DF 31 -22.95 113.08 53.39
C LEU DF 31 -24.14 112.14 53.21
N ALA DF 32 -24.05 110.96 53.82
CA ALA DF 32 -25.06 109.92 53.66
C ALA DF 32 -25.67 109.58 55.01
N TYR DF 33 -26.99 109.49 55.05
CA TYR DF 33 -27.74 109.02 56.22
C TYR DF 33 -28.34 107.67 55.84
N LYS DF 34 -28.09 106.66 56.66
CA LYS DF 34 -28.45 105.29 56.35
C LYS DF 34 -29.27 104.70 57.48
N ARG DF 35 -30.16 103.78 57.14
CA ARG DF 35 -31.22 103.34 58.04
C ARG DF 35 -31.43 101.84 57.89
N LEU DF 36 -31.23 101.09 58.98
CA LEU DF 36 -31.58 99.67 59.02
C LEU DF 36 -32.41 99.41 60.28
N ALA DF 37 -33.70 99.13 60.08
CA ALA DF 37 -34.59 98.88 61.20
C ALA DF 37 -34.23 97.57 61.90
N PRO DF 38 -34.52 97.46 63.20
CA PRO DF 38 -34.23 96.20 63.92
C PRO DF 38 -35.09 95.06 63.39
N LYS DF 39 -34.51 93.86 63.37
CA LYS DF 39 -35.21 92.68 62.90
C LYS DF 39 -35.28 91.65 64.03
N ARG DF 40 -36.51 91.21 64.35
CA ARG DF 40 -36.74 90.31 65.46
C ARG DF 40 -36.41 88.90 64.99
N THR DF 41 -35.13 88.55 65.06
CA THR DF 41 -34.67 87.23 64.66
C THR DF 41 -34.76 86.21 65.78
N LYS DF 42 -35.04 86.65 66.99
CA LYS DF 42 -35.06 85.76 68.14
C LYS DF 42 -35.92 86.44 69.21
N ASP DF 43 -35.78 85.96 70.45
CA ASP DF 43 -36.41 86.61 71.59
C ASP DF 43 -35.96 88.06 71.68
N SER DF 44 -34.77 88.36 71.16
CA SER DF 44 -34.33 89.74 71.06
C SER DF 44 -35.11 90.45 69.95
N PRO DF 45 -35.46 91.72 70.12
CA PRO DF 45 -36.18 92.44 69.07
C PRO DF 45 -35.28 92.93 67.94
N GLY DF 46 -33.98 92.63 67.97
CA GLY DF 46 -33.06 93.08 66.96
C GLY DF 46 -32.39 94.39 67.31
N MET DF 47 -31.41 94.76 66.48
CA MET DF 47 -30.63 95.97 66.67
C MET DF 47 -30.95 96.94 65.54
N ALA DF 48 -31.21 98.19 65.91
CA ALA DF 48 -31.50 99.24 64.92
C ALA DF 48 -30.18 99.87 64.47
N LYS DF 49 -29.82 99.65 63.22
CA LYS DF 49 -28.60 100.21 62.67
C LYS DF 49 -28.86 101.61 62.14
N SER DF 50 -27.90 102.50 62.39
CA SER DF 50 -27.83 103.79 61.75
C SER DF 50 -26.40 104.00 61.27
N GLU DF 51 -26.25 104.88 60.29
CA GLU DF 51 -24.91 105.16 59.78
C GLU DF 51 -24.90 106.55 59.16
N LEU DF 52 -23.85 107.31 59.45
CA LEU DF 52 -23.71 108.68 58.98
C LEU DF 52 -22.28 108.87 58.51
N LYS DF 53 -22.06 108.81 57.19
CA LYS DF 53 -20.72 108.90 56.65
C LYS DF 53 -20.55 110.19 55.88
N ILE DF 54 -19.37 110.79 56.02
CA ILE DF 54 -18.94 111.89 55.15
C ILE DF 54 -17.77 111.38 54.33
N THR DF 55 -17.92 111.44 53.01
CA THR DF 55 -16.91 111.00 52.06
C THR DF 55 -16.39 112.19 51.28
N ARG DF 56 -15.07 112.30 51.20
CA ARG DF 56 -14.43 113.37 50.42
C ARG DF 56 -13.65 112.75 49.27
N VAL DF 57 -14.01 113.14 48.06
CA VAL DF 57 -13.33 112.70 46.85
C VAL DF 57 -12.98 113.93 46.03
N ASP DF 58 -11.71 114.11 45.74
CA ASP DF 58 -11.32 115.29 44.96
C ASP DF 58 -11.84 115.16 43.53
N PRO DF 59 -12.49 116.19 42.98
CA PRO DF 59 -13.17 116.04 41.69
C PRO DF 59 -12.32 116.37 40.48
N THR DF 60 -11.09 115.84 40.40
CA THR DF 60 -10.33 115.98 39.17
C THR DF 60 -9.92 114.61 38.65
N THR DF 61 -9.53 113.73 39.57
CA THR DF 61 -9.27 112.33 39.25
C THR DF 61 -10.23 111.38 39.95
N GLY DF 62 -10.99 111.86 40.93
CA GLY DF 62 -11.97 111.04 41.60
C GLY DF 62 -11.43 110.02 42.58
N VAL DF 63 -10.26 110.27 43.16
CA VAL DF 63 -9.68 109.36 44.15
C VAL DF 63 -10.20 109.76 45.52
N LEU DF 64 -10.45 108.77 46.37
CA LEU DF 64 -11.06 109.01 47.66
C LEU DF 64 -10.03 109.54 48.64
N ILE DF 65 -10.27 110.73 49.18
CA ILE DF 65 -9.35 111.31 50.15
C ILE DF 65 -9.55 110.68 51.53
N GLY DF 66 -10.78 110.63 52.01
CA GLY DF 66 -11.02 110.05 53.32
C GLY DF 66 -12.50 109.96 53.62
N ILE DF 67 -12.81 109.04 54.53
CA ILE DF 67 -14.17 108.79 55.00
C ILE DF 67 -14.18 108.84 56.51
N VAL DF 68 -15.13 109.57 57.08
CA VAL DF 68 -15.42 109.53 58.50
C VAL DF 68 -16.86 109.05 58.66
N ASN DF 69 -17.04 107.96 59.41
CA ASN DF 69 -18.34 107.32 59.52
C ASN DF 69 -18.75 107.22 60.98
N VAL DF 70 -20.01 107.50 61.26
CA VAL DF 70 -20.60 107.35 62.58
C VAL DF 70 -21.68 106.30 62.47
N SER DF 71 -21.46 105.14 63.08
CA SER DF 71 -22.39 104.03 63.02
C SER DF 71 -22.92 103.73 64.42
N SER DF 72 -24.22 103.58 64.53
CA SER DF 72 -24.87 103.18 65.77
C SER DF 72 -25.57 101.85 65.56
N SER DF 73 -25.52 101.00 66.59
CA SER DF 73 -26.18 99.70 66.61
C SER DF 73 -26.77 99.53 67.99
N ILE DF 74 -28.07 99.75 68.12
CA ILE DF 74 -28.73 99.81 69.42
C ILE DF 74 -29.93 98.87 69.43
N ARG DF 75 -30.14 98.21 70.58
CA ARG DF 75 -31.26 97.31 70.75
C ARG DF 75 -32.58 98.03 70.54
N ALA DF 76 -33.53 97.33 69.91
CA ALA DF 76 -34.85 97.90 69.69
C ALA DF 76 -35.52 98.24 71.01
N ASP DF 77 -35.36 97.39 72.02
CA ASP DF 77 -35.96 97.61 73.33
C ASP DF 77 -35.23 98.65 74.16
N ALA DF 78 -34.07 99.12 73.71
CA ALA DF 78 -33.23 99.98 74.53
C ALA DF 78 -33.94 101.29 74.83
N THR DF 79 -33.65 101.83 76.00
CA THR DF 79 -34.30 103.05 76.46
C THR DF 79 -33.74 104.27 75.76
N ALA DF 80 -34.51 105.36 75.81
CA ALA DF 80 -34.01 106.63 75.29
C ALA DF 80 -32.83 107.13 76.12
N ALA DF 81 -32.83 106.86 77.42
CA ALA DF 81 -31.69 107.21 78.26
C ALA DF 81 -30.45 106.43 77.86
N ASP DF 82 -30.61 105.15 77.52
CA ASP DF 82 -29.50 104.39 76.97
C ASP DF 82 -29.00 105.02 75.67
N LYS DF 83 -29.93 105.48 74.84
CA LYS DF 83 -29.55 106.06 73.57
C LYS DF 83 -29.00 107.47 73.74
N THR DF 84 -29.53 108.22 74.72
CA THR DF 84 -28.98 109.54 75.00
C THR DF 84 -27.57 109.44 75.56
N ALA DF 85 -27.33 108.48 76.45
CA ALA DF 85 -26.00 108.34 77.05
C ALA DF 85 -24.97 107.96 76.00
N LEU DF 86 -25.32 107.07 75.08
CA LEU DF 86 -24.37 106.66 74.05
C LEU DF 86 -23.96 107.83 73.17
N MET DF 87 -24.91 108.66 72.77
CA MET DF 87 -24.58 109.80 71.92
C MET DF 87 -23.84 110.87 72.70
N ALA DF 88 -24.18 111.04 73.98
CA ALA DF 88 -23.48 112.02 74.80
C ALA DF 88 -22.03 111.62 75.06
N ILE DF 89 -21.78 110.33 75.28
CA ILE DF 89 -20.42 109.88 75.58
C ILE DF 89 -19.55 109.97 74.33
N ILE DF 90 -20.08 109.51 73.19
CA ILE DF 90 -19.28 109.50 71.98
C ILE DF 90 -19.00 110.91 71.48
N THR DF 91 -19.94 111.83 71.66
CA THR DF 91 -19.71 113.21 71.25
C THR DF 91 -18.71 113.90 72.15
N ALA DF 92 -18.74 113.61 73.46
CA ALA DF 92 -17.75 114.16 74.37
C ALA DF 92 -16.36 113.64 74.04
N ALA DF 93 -16.27 112.35 73.70
CA ALA DF 93 -14.98 111.77 73.31
C ALA DF 93 -14.49 112.36 72.00
N GLN DF 94 -15.39 112.64 71.07
CA GLN DF 94 -15.00 113.27 69.82
C GLN DF 94 -14.50 114.70 70.03
N ALA DF 95 -15.16 115.43 70.93
CA ALA DF 95 -14.71 116.78 71.25
C ALA DF 95 -13.36 116.78 71.95
N ASP DF 96 -13.03 115.69 72.64
CA ASP DF 96 -11.73 115.58 73.29
C ASP DF 96 -10.62 115.51 72.25
N GLY DF 97 -9.45 116.03 72.62
CA GLY DF 97 -8.33 116.07 71.70
C GLY DF 97 -7.70 114.72 71.42
N ALA DF 98 -7.99 113.73 72.26
CA ALA DF 98 -7.47 112.39 72.00
C ALA DF 98 -7.98 111.85 70.68
N TRP DF 99 -9.27 112.04 70.39
CA TRP DF 99 -9.81 111.64 69.11
C TRP DF 99 -9.18 112.44 67.97
N THR DF 100 -8.97 113.74 68.19
CA THR DF 100 -8.35 114.56 67.17
C THR DF 100 -6.91 114.13 66.90
N GLU DF 101 -6.29 113.44 67.84
CA GLU DF 101 -4.97 112.84 67.64
C GLU DF 101 -5.04 111.44 67.07
N LEU DF 102 -6.06 110.68 67.46
CA LEU DF 102 -6.27 109.36 66.85
C LEU DF 102 -6.46 109.50 65.35
N VAL DF 103 -7.23 110.48 64.94
CA VAL DF 103 -7.23 110.88 63.54
C VAL DF 103 -6.06 111.84 63.33
N THR DF 104 -5.51 111.84 62.12
CA THR DF 104 -4.41 112.68 61.68
C THR DF 104 -3.03 112.30 62.21
N ASP DF 105 -2.97 111.48 63.26
CA ASP DF 105 -1.68 111.10 63.84
C ASP DF 105 -1.55 109.61 64.14
N GLN DF 106 -2.65 108.85 64.18
CA GLN DF 106 -2.64 107.46 64.62
C GLN DF 106 -2.01 107.34 66.00
N ARG DF 107 -2.45 108.21 66.89
CA ARG DF 107 -1.91 108.32 68.24
C ARG DF 107 -2.96 107.83 69.24
N LEU DF 108 -2.58 106.84 70.04
CA LEU DF 108 -3.45 106.34 71.10
C LEU DF 108 -3.39 107.27 72.31
N PRO DF 109 -4.46 107.33 73.11
CA PRO DF 109 -4.51 108.28 74.22
C PRO DF 109 -3.75 107.79 75.44
N LEU DF 110 -2.52 107.34 75.26
CA LEU DF 110 -1.76 106.74 76.34
C LEU DF 110 -0.43 107.41 76.59
N ALA DF 111 -0.12 108.49 75.89
CA ALA DF 111 1.12 109.22 76.12
C ALA DF 111 1.12 109.82 77.52
N THR DF 112 2.31 109.99 78.08
CA THR DF 112 2.48 110.66 79.37
C THR DF 112 2.68 112.17 79.23
N VAL DF 113 2.69 112.68 78.00
CA VAL DF 113 2.86 114.11 77.70
C VAL DF 113 4.21 114.60 78.24
N SER EF 1 -10.42 109.35 76.78
CA SER EF 1 -9.34 109.35 77.76
C SER EF 1 -9.88 109.44 79.19
N LYS EF 2 -10.48 110.58 79.51
CA LYS EF 2 -10.91 110.88 80.87
C LYS EF 2 -12.39 111.23 80.83
N VAL EF 3 -12.88 111.87 81.90
CA VAL EF 3 -14.30 112.08 82.15
C VAL EF 3 -15.05 112.57 80.92
N PHE EF 4 -16.05 111.79 80.51
CA PHE EF 4 -16.93 112.14 79.40
C PHE EF 4 -18.36 111.94 79.85
N ASN EF 5 -19.23 112.90 79.55
CA ASN EF 5 -20.63 112.86 79.94
C ASN EF 5 -20.77 112.66 81.44
N THR EF 6 -19.94 113.37 82.21
CA THR EF 6 -19.84 113.32 83.66
C THR EF 6 -19.41 111.97 84.19
N GLN EF 7 -19.08 111.01 83.32
CA GLN EF 7 -18.65 109.69 83.73
C GLN EF 7 -17.14 109.57 83.58
N THR EF 8 -16.49 109.07 84.61
CA THR EF 8 -15.04 108.93 84.63
C THR EF 8 -14.68 107.60 83.98
N PHE EF 9 -13.87 107.65 82.93
CA PHE EF 9 -13.46 106.44 82.21
C PHE EF 9 -12.01 106.16 82.55
N ASP EF 10 -11.78 105.10 83.31
CA ASP EF 10 -10.44 104.67 83.69
C ASP EF 10 -10.01 103.52 82.80
N ILE EF 11 -8.70 103.38 82.62
CA ILE EF 11 -8.18 102.45 81.63
C ILE EF 11 -8.51 101.02 82.02
N TYR EF 12 -9.08 100.28 81.09
CA TYR EF 12 -9.47 98.90 81.31
C TYR EF 12 -8.51 97.89 80.73
N SER EF 13 -8.00 98.13 79.54
CA SER EF 13 -7.00 97.25 78.92
C SER EF 13 -6.25 98.03 77.86
N THR EF 14 -5.07 97.54 77.54
CA THR EF 14 -4.24 98.16 76.51
C THR EF 14 -3.74 97.09 75.55
N GLU EF 15 -3.86 97.36 74.27
CA GLU EF 15 -3.35 96.49 73.22
C GLU EF 15 -2.33 97.24 72.39
N LYS EF 16 -1.79 96.54 71.38
CA LYS EF 16 -0.87 97.18 70.45
C LYS EF 16 -1.52 98.37 69.76
N ASP EF 17 -2.79 98.23 69.38
CA ASP EF 17 -3.48 99.26 68.62
C ASP EF 17 -4.82 99.65 69.23
N VAL EF 18 -5.17 99.10 70.40
CA VAL EF 18 -6.44 99.39 71.03
C VAL EF 18 -6.18 99.83 72.47
N VAL EF 19 -6.84 100.91 72.89
CA VAL EF 19 -6.88 101.32 74.28
C VAL EF 19 -8.33 101.37 74.70
N SER EF 20 -8.66 100.62 75.74
CA SER EF 20 -10.03 100.49 76.21
C SER EF 20 -10.13 101.12 77.59
N LEU EF 21 -11.19 101.88 77.82
CA LEU EF 21 -11.43 102.52 79.11
C LEU EF 21 -12.82 102.16 79.60
N ARG EF 22 -12.96 102.06 80.91
CA ARG EF 22 -14.22 101.66 81.52
C ARG EF 22 -14.61 102.71 82.55
N ASP EF 23 -15.92 102.84 82.75
CA ASP EF 23 -16.42 103.70 83.82
C ASP EF 23 -16.03 103.15 85.19
N PHE EF 24 -16.28 101.87 85.42
CA PHE EF 24 -16.04 101.17 86.68
C PHE EF 24 -16.98 101.64 87.78
N ALA EF 25 -17.79 102.66 87.47
CA ALA EF 25 -18.83 103.12 88.38
C ALA EF 25 -20.17 102.46 88.08
N ASN EF 26 -20.69 102.64 86.88
CA ASN EF 26 -21.85 101.87 86.44
C ASN EF 26 -21.44 100.55 85.80
N ASP EF 27 -20.14 100.33 85.61
CA ASP EF 27 -19.60 99.05 85.13
C ASP EF 27 -20.24 98.60 83.83
N LYS EF 28 -20.74 99.52 83.03
CA LYS EF 28 -21.49 99.17 81.85
C LYS EF 28 -20.97 99.79 80.56
N ASP EF 29 -20.14 100.83 80.62
CA ASP EF 29 -19.72 101.57 79.45
C ASP EF 29 -18.23 101.37 79.22
N THR EF 30 -17.87 101.00 78.00
CA THR EF 30 -16.48 100.81 77.62
C THR EF 30 -16.18 101.64 76.38
N LEU EF 31 -15.11 102.43 76.47
CA LEU EF 31 -14.68 103.33 75.39
C LEU EF 31 -13.38 102.78 74.82
N ALA EF 32 -13.34 102.56 73.50
CA ALA EF 32 -12.19 101.98 72.84
C ALA EF 32 -11.63 102.96 71.82
N TYR EF 33 -10.30 103.06 71.79
CA TYR EF 33 -9.58 103.82 70.78
C TYR EF 33 -8.75 102.83 69.98
N LYS EF 34 -9.07 102.68 68.70
CA LYS EF 34 -8.42 101.71 67.85
C LYS EF 34 -7.61 102.40 66.78
N ARG EF 35 -6.47 101.80 66.46
CA ARG EF 35 -5.50 102.37 65.54
C ARG EF 35 -5.18 101.35 64.45
N LEU EF 36 -5.05 101.83 63.22
CA LEU EF 36 -4.68 100.96 62.11
C LEU EF 36 -3.91 101.80 61.11
N ALA EF 37 -2.58 101.73 61.19
CA ALA EF 37 -1.73 102.58 60.38
C ALA EF 37 -1.85 102.20 58.90
N PRO EF 38 -1.60 103.15 58.00
CA PRO EF 38 -1.65 102.83 56.57
C PRO EF 38 -0.56 101.86 56.18
N LYS EF 39 -0.87 100.99 55.21
CA LYS EF 39 0.10 100.07 54.64
C LYS EF 39 0.27 100.43 53.17
N ARG EF 40 1.53 100.62 52.76
CA ARG EF 40 1.84 101.06 51.39
C ARG EF 40 1.92 99.83 50.50
N THR EF 41 0.75 99.24 50.23
CA THR EF 41 0.67 98.02 49.44
C THR EF 41 0.83 98.28 47.95
N LYS EF 42 0.75 99.53 47.52
CA LYS EF 42 0.93 99.90 46.13
C LYS EF 42 1.56 101.29 46.10
N ASP EF 43 1.46 101.96 44.95
CA ASP EF 43 1.91 103.33 44.81
C ASP EF 43 1.18 104.23 45.81
N SER EF 44 0.00 103.81 46.22
CA SER EF 44 -0.72 104.53 47.26
C SER EF 44 0.06 104.46 48.57
N PRO EF 45 0.00 105.51 49.41
CA PRO EF 45 0.60 105.41 50.75
C PRO EF 45 -0.26 104.64 51.74
N GLY EF 46 -1.36 104.06 51.30
CA GLY EF 46 -2.26 103.35 52.18
C GLY EF 46 -3.30 104.26 52.81
N MET EF 47 -4.17 103.64 53.60
CA MET EF 47 -5.21 104.36 54.32
C MET EF 47 -4.97 104.23 55.82
N ALA EF 48 -4.90 105.36 56.51
CA ALA EF 48 -4.80 105.38 57.96
C ALA EF 48 -6.20 105.22 58.54
N LYS EF 49 -6.43 104.10 59.22
CA LYS EF 49 -7.71 103.86 59.87
C LYS EF 49 -7.64 104.24 61.33
N SER EF 50 -8.75 104.74 61.86
CA SER EF 50 -8.95 104.95 63.28
C SER EF 50 -10.36 104.53 63.65
N GLU EF 51 -10.58 104.30 64.94
CA GLU EF 51 -11.89 103.85 65.41
C GLU EF 51 -12.07 104.28 66.85
N LEU EF 52 -13.19 104.95 67.13
CA LEU EF 52 -13.54 105.37 68.48
C LEU EF 52 -14.95 104.88 68.75
N LYS EF 53 -15.08 103.82 69.55
CA LYS EF 53 -16.37 103.20 69.80
C LYS EF 53 -16.70 103.18 71.27
N ILE EF 54 -17.98 103.37 71.56
CA ILE EF 54 -18.52 103.29 72.91
C ILE EF 54 -19.48 102.12 72.95
N THR EF 55 -19.36 101.29 73.97
CA THR EF 55 -20.18 100.10 74.11
C THR EF 55 -20.85 100.10 75.47
N ARG EF 56 -22.15 99.91 75.49
CA ARG EF 56 -22.91 99.78 76.72
C ARG EF 56 -23.51 98.38 76.79
N VAL EF 57 -23.17 97.65 77.83
CA VAL EF 57 -23.78 96.37 78.14
C VAL EF 57 -24.25 96.43 79.58
N ASP EF 58 -25.45 95.91 79.83
CA ASP EF 58 -25.88 95.89 81.22
C ASP EF 58 -25.08 94.85 82.00
N PRO EF 59 -24.41 95.23 83.09
CA PRO EF 59 -23.47 94.30 83.72
C PRO EF 59 -24.13 93.36 84.72
N THR EF 60 -25.28 92.80 84.36
CA THR EF 60 -25.88 91.74 85.16
C THR EF 60 -26.11 90.50 84.29
N THR EF 61 -26.70 90.70 83.12
CA THR EF 61 -26.94 89.63 82.18
C THR EF 61 -26.05 89.69 80.95
N GLY EF 62 -25.30 90.77 80.79
CA GLY EF 62 -24.36 90.85 79.69
C GLY EF 62 -24.97 90.88 78.32
N VAL EF 63 -26.13 91.49 78.16
CA VAL EF 63 -26.71 91.71 76.84
C VAL EF 63 -26.31 93.11 76.38
N LEU EF 64 -25.85 93.20 75.14
CA LEU EF 64 -25.37 94.46 74.61
C LEU EF 64 -26.54 95.42 74.45
N ILE EF 65 -26.43 96.60 75.05
CA ILE EF 65 -27.48 97.59 74.88
C ILE EF 65 -27.32 98.33 73.56
N GLY EF 66 -26.10 98.76 73.24
CA GLY EF 66 -25.87 99.44 71.99
C GLY EF 66 -24.42 99.83 71.82
N ILE EF 67 -24.06 100.10 70.56
CA ILE EF 67 -22.73 100.52 70.17
C ILE EF 67 -22.85 101.74 69.27
N VAL EF 68 -22.03 102.75 69.54
CA VAL EF 68 -21.85 103.88 68.62
C VAL EF 68 -20.37 103.94 68.26
N ASN EF 69 -20.09 103.95 66.97
CA ASN EF 69 -18.74 103.80 66.46
C ASN EF 69 -18.40 104.97 65.55
N VAL EF 70 -17.24 105.58 65.76
CA VAL EF 70 -16.74 106.64 64.90
C VAL EF 70 -15.46 106.13 64.24
N SER EF 71 -15.57 105.78 62.97
CA SER EF 71 -14.46 105.23 62.21
C SER EF 71 -13.96 106.24 61.19
N SER EF 72 -12.66 106.23 60.95
CA SER EF 72 -12.05 107.10 59.95
C SER EF 72 -11.17 106.26 59.04
N SER EF 73 -11.22 106.55 57.75
CA SER EF 73 -10.35 105.92 56.76
C SER EF 73 -9.86 107.04 55.85
N ILE EF 74 -8.69 107.58 56.17
CA ILE EF 74 -8.14 108.73 55.47
C ILE EF 74 -6.82 108.33 54.83
N ARG EF 75 -6.60 108.82 53.61
CA ARG EF 75 -5.32 108.59 52.94
C ARG EF 75 -4.17 109.10 53.79
N ALA EF 76 -3.07 108.33 53.81
CA ALA EF 76 -1.90 108.75 54.54
C ALA EF 76 -1.34 110.06 54.01
N ASP EF 77 -1.50 110.30 52.70
CA ASP EF 77 -1.01 111.53 52.09
C ASP EF 77 -1.98 112.70 52.26
N ALA EF 78 -3.18 112.45 52.76
CA ALA EF 78 -4.20 113.50 52.79
C ALA EF 78 -3.80 114.63 53.70
N THR EF 79 -4.02 115.85 53.23
CA THR EF 79 -3.63 117.04 53.95
C THR EF 79 -4.48 117.21 55.21
N ALA EF 80 -3.93 117.96 56.16
CA ALA EF 80 -4.68 118.24 57.39
C ALA EF 80 -5.95 119.03 57.10
N ALA EF 81 -5.94 119.88 56.07
CA ALA EF 81 -7.14 120.59 55.68
C ALA EF 81 -8.23 119.62 55.24
N ASP EF 82 -7.87 118.63 54.41
CA ASP EF 82 -8.80 117.56 54.09
C ASP EF 82 -9.20 116.81 55.34
N LYS EF 83 -8.25 116.61 56.24
CA LYS EF 83 -8.48 115.83 57.46
C LYS EF 83 -9.29 116.61 58.48
N THR EF 84 -9.06 117.92 58.59
CA THR EF 84 -9.83 118.72 59.53
C THR EF 84 -11.26 118.94 59.03
N ALA EF 85 -11.43 119.11 57.71
CA ALA EF 85 -12.77 119.31 57.17
C ALA EF 85 -13.63 118.07 57.36
N LEU EF 86 -13.03 116.89 57.24
CA LEU EF 86 -13.75 115.65 57.46
C LEU EF 86 -14.28 115.56 58.88
N MET EF 87 -13.49 116.00 59.85
CA MET EF 87 -13.97 116.00 61.23
C MET EF 87 -14.96 117.12 61.47
N ALA EF 88 -14.73 118.28 60.83
CA ALA EF 88 -15.60 119.43 61.03
C ALA EF 88 -17.00 119.16 60.49
N ILE EF 89 -17.10 118.49 59.33
CA ILE EF 89 -18.41 118.19 58.76
C ILE EF 89 -19.14 117.17 59.62
N ILE EF 90 -18.45 116.09 60.01
CA ILE EF 90 -19.14 115.00 60.70
C ILE EF 90 -19.57 115.42 62.09
N THR EF 91 -18.76 116.23 62.77
CA THR EF 91 -19.16 116.73 64.08
C THR EF 91 -20.33 117.69 63.96
N ALA EF 92 -20.32 118.53 62.93
CA ALA EF 92 -21.45 119.41 62.67
C ALA EF 92 -22.70 118.62 62.35
N ALA EF 93 -22.56 117.56 61.56
CA ALA EF 93 -23.71 116.72 61.25
C ALA EF 93 -24.25 116.03 62.50
N GLN EF 94 -23.36 115.55 63.37
CA GLN EF 94 -23.80 114.90 64.60
C GLN EF 94 -24.53 115.87 65.52
N ALA EF 95 -24.03 117.09 65.65
CA ALA EF 95 -24.70 118.09 66.47
C ALA EF 95 -26.07 118.45 65.92
N ASP EF 96 -26.29 118.28 64.62
CA ASP EF 96 -27.58 118.53 64.01
C ASP EF 96 -28.60 117.50 64.46
N GLY EF 97 -29.87 117.92 64.51
CA GLY EF 97 -30.94 117.06 64.98
C GLY EF 97 -31.23 115.88 64.08
N ALA EF 98 -30.80 115.93 62.82
CA ALA EF 98 -31.03 114.81 61.91
C ALA EF 98 -30.33 113.54 62.42
N TRP EF 99 -29.10 113.67 62.89
CA TRP EF 99 -28.41 112.51 63.45
C TRP EF 99 -29.09 112.03 64.72
N THR EF 100 -29.54 112.96 65.57
CA THR EF 100 -30.25 112.57 66.78
C THR EF 100 -31.51 111.77 66.46
N GLU EF 101 -32.23 112.16 65.41
CA GLU EF 101 -33.43 111.45 64.99
C GLU EF 101 -33.13 110.19 64.20
N LEU EF 102 -31.99 110.14 63.50
CA LEU EF 102 -31.62 108.91 62.81
C LEU EF 102 -31.41 107.79 63.82
N VAL EF 103 -30.77 108.09 64.93
CA VAL EF 103 -30.83 107.24 66.11
C VAL EF 103 -32.13 107.53 66.83
N THR EF 104 -32.58 106.57 67.64
CA THR EF 104 -33.76 106.70 68.49
C THR EF 104 -35.07 106.74 67.70
N ASP EF 105 -35.00 106.90 66.39
CA ASP EF 105 -36.21 106.90 65.57
C ASP EF 105 -36.05 106.18 64.24
N GLN EF 106 -34.84 105.92 63.78
CA GLN EF 106 -34.57 105.46 62.42
C GLN EF 106 -35.24 106.38 61.39
N ARG EF 107 -35.14 107.68 61.63
CA ARG EF 107 -35.77 108.69 60.80
C ARG EF 107 -34.74 109.29 59.85
N LEU EF 108 -34.98 109.13 58.56
CA LEU EF 108 -34.11 109.72 57.55
C LEU EF 108 -34.42 111.20 57.38
N PRO EF 109 -33.42 112.01 57.02
CA PRO EF 109 -33.66 113.44 56.79
C PRO EF 109 -34.38 113.67 55.48
N LEU EF 110 -35.67 113.36 55.44
CA LEU EF 110 -36.51 113.65 54.29
C LEU EF 110 -37.91 114.12 54.65
N ALA EF 111 -38.18 114.36 55.93
CA ALA EF 111 -39.52 114.81 56.33
C ALA EF 111 -39.77 116.24 55.88
N THR EF 112 -41.00 116.52 55.49
CA THR EF 112 -41.41 117.86 55.07
C THR EF 112 -41.82 118.75 56.23
N VAL EF 113 -41.88 118.20 57.45
CA VAL EF 113 -42.28 118.93 58.65
C VAL EF 113 -43.69 119.49 58.52
N SER FF 1 39.46 104.31 72.24
CA SER FF 1 40.76 104.95 72.17
C SER FF 1 41.57 104.72 73.44
N LYS FF 2 41.21 105.42 74.50
CA LYS FF 2 41.98 105.41 75.75
C LYS FF 2 41.01 105.34 76.92
N VAL FF 3 41.51 105.68 78.11
CA VAL FF 3 40.90 105.34 79.38
C VAL FF 3 39.39 105.57 79.39
N PHE FF 4 38.64 104.51 79.68
CA PHE FF 4 37.19 104.53 79.79
C PHE FF 4 36.81 103.90 81.12
N ASN FF 5 36.01 104.61 81.90
CA ASN FF 5 35.55 104.10 83.19
C ASN FF 5 36.74 103.71 84.06
N THR FF 6 37.76 104.57 84.05
CA THR FF 6 39.01 104.44 84.80
C THR FF 6 39.82 103.21 84.42
N GLN FF 7 39.48 102.52 83.33
CA GLN FF 7 40.27 101.41 82.85
C GLN FF 7 41.03 101.84 81.59
N THR FF 8 42.26 101.40 81.47
CA THR FF 8 43.10 101.72 80.33
C THR FF 8 42.88 100.66 79.25
N PHE FF 9 42.45 101.10 78.08
CA PHE FF 9 42.27 100.22 76.93
C PHE FF 9 43.39 100.49 75.93
N ASP FF 10 44.19 99.47 75.68
CA ASP FF 10 45.28 99.56 74.73
C ASP FF 10 44.92 98.76 73.48
N ILE FF 11 45.46 99.20 72.34
CA ILE FF 11 45.15 98.50 71.09
C ILE FF 11 45.65 97.08 71.19
N TYR FF 12 44.76 96.12 70.94
CA TYR FF 12 45.12 94.72 70.91
C TYR FF 12 45.37 94.19 69.51
N SER FF 13 44.57 94.62 68.54
CA SER FF 13 44.72 94.14 67.19
C SER FF 13 44.19 95.20 66.25
N THR FF 14 44.80 95.28 65.07
CA THR FF 14 44.38 96.23 64.06
C THR FF 14 44.10 95.46 62.78
N GLU FF 15 42.92 95.69 62.22
CA GLU FF 15 42.49 95.02 61.00
C GLU FF 15 42.17 96.06 59.94
N LYS FF 16 41.79 95.58 58.75
CA LYS FF 16 41.38 96.46 57.67
C LYS FF 16 40.22 97.35 58.09
N ASP FF 17 39.16 96.75 58.64
CA ASP FF 17 37.99 97.49 59.07
C ASP FF 17 37.66 97.27 60.54
N VAL FF 18 38.59 96.73 61.33
CA VAL FF 18 38.35 96.42 62.73
C VAL FF 18 39.54 96.91 63.55
N VAL FF 19 39.25 97.56 64.67
CA VAL FF 19 40.27 97.91 65.66
C VAL FF 19 39.78 97.42 67.00
N SER FF 20 40.63 96.71 67.73
CA SER FF 20 40.28 96.09 69.00
C SER FF 20 41.18 96.61 70.11
N LEU FF 21 40.58 96.94 71.24
CA LEU FF 21 41.30 97.39 72.41
C LEU FF 21 41.03 96.47 73.60
N ARG FF 22 42.09 96.15 74.33
CA ARG FF 22 41.99 95.28 75.48
C ARG FF 22 42.43 96.05 76.71
N ASP FF 23 41.79 95.77 77.84
CA ASP FF 23 42.18 96.42 79.09
C ASP FF 23 43.60 96.04 79.49
N PHE FF 24 43.93 94.75 79.38
CA PHE FF 24 45.26 94.22 79.69
C PHE FF 24 45.57 94.28 81.18
N ALA FF 25 44.68 94.89 81.95
CA ALA FF 25 44.78 94.92 83.41
C ALA FF 25 43.86 93.90 84.07
N ASN FF 26 42.55 93.98 83.79
CA ASN FF 26 41.66 92.92 84.20
C ASN FF 26 41.65 91.75 83.23
N ASP FF 27 42.20 91.94 82.03
CA ASP FF 27 42.28 90.91 81.00
C ASP FF 27 40.93 90.27 80.72
N LYS FF 28 39.87 91.08 80.79
CA LYS FF 28 38.52 90.56 80.61
C LYS FF 28 37.66 91.42 79.71
N ASP FF 29 38.06 92.66 79.41
CA ASP FF 29 37.27 93.59 78.61
C ASP FF 29 37.92 93.80 77.26
N THR FF 30 37.11 93.72 76.20
CA THR FF 30 37.57 94.00 74.85
C THR FF 30 36.63 95.00 74.20
N LEU FF 31 37.18 96.08 73.66
CA LEU FF 31 36.43 97.10 72.95
C LEU FF 31 36.82 97.04 71.47
N ALA FF 32 35.84 96.83 70.61
CA ALA FF 32 36.07 96.65 69.18
C ALA FF 32 35.38 97.74 68.40
N TYR FF 33 36.08 98.31 67.42
CA TYR FF 33 35.53 99.27 66.48
C TYR FF 33 35.40 98.55 65.14
N LYS FF 34 34.18 98.39 64.65
CA LYS FF 34 33.91 97.68 63.41
C LYS FF 34 33.42 98.67 62.35
N ARG FF 35 33.88 98.49 61.13
CA ARG FF 35 33.60 99.38 60.02
C ARG FF 35 33.00 98.58 58.87
N LEU FF 36 32.08 99.20 58.14
CA LEU FF 36 31.49 98.55 56.96
C LEU FF 36 30.94 99.63 56.04
N ALA FF 37 31.58 99.85 54.91
CA ALA FF 37 31.21 100.93 54.01
C ALA FF 37 29.87 100.64 53.33
N PRO FF 38 29.13 101.68 52.96
CA PRO FF 38 27.87 101.47 52.24
C PRO FF 38 28.11 100.89 50.86
N LYS FF 39 27.22 100.02 50.42
CA LYS FF 39 27.32 99.39 49.11
C LYS FF 39 26.21 99.94 48.21
N ARG FF 40 26.60 100.47 47.06
CA ARG FF 40 25.66 101.00 46.08
C ARG FF 40 25.16 99.84 45.22
N THR FF 41 24.45 98.92 45.87
CA THR FF 41 23.90 97.76 45.19
C THR FF 41 22.75 98.11 44.27
N LYS FF 42 22.30 99.36 44.32
CA LYS FF 42 21.19 99.84 43.53
C LYS FF 42 21.36 101.35 43.36
N ASP FF 43 20.28 102.02 42.95
CA ASP FF 43 20.28 103.47 42.88
C ASP FF 43 20.68 104.07 44.22
N SER FF 44 20.22 103.46 45.31
CA SER FF 44 20.54 103.94 46.64
C SER FF 44 22.03 103.85 46.90
N PRO FF 45 22.65 104.84 47.54
CA PRO FF 45 24.09 104.80 47.78
C PRO FF 45 24.51 103.78 48.82
N GLY FF 46 23.58 103.09 49.47
CA GLY FF 46 23.89 102.09 50.44
C GLY FF 46 23.87 102.61 51.87
N MET FF 47 24.02 101.68 52.80
CA MET FF 47 23.92 101.96 54.22
C MET FF 47 25.29 101.77 54.85
N ALA FF 48 25.80 102.81 55.50
CA ALA FF 48 27.13 102.76 56.12
C ALA FF 48 27.00 102.16 57.52
N LYS FF 49 27.57 100.98 57.70
CA LYS FF 49 27.48 100.27 58.96
C LYS FF 49 28.63 100.63 59.88
N SER FF 50 28.32 100.87 61.14
CA SER FF 50 29.32 101.05 62.17
C SER FF 50 28.98 100.14 63.35
N GLU FF 51 29.98 99.88 64.19
CA GLU FF 51 29.75 99.06 65.36
C GLU FF 51 30.77 99.42 66.43
N LEU FF 52 30.30 99.61 67.65
CA LEU FF 52 31.14 99.82 68.82
C LEU FF 52 30.65 98.87 69.90
N LYS FF 53 31.45 97.87 70.24
CA LYS FF 53 31.01 96.86 71.18
C LYS FF 53 32.06 96.63 72.26
N ILE FF 54 31.58 96.40 73.47
CA ILE FF 54 32.41 96.02 74.61
C ILE FF 54 32.04 94.61 75.01
N THR FF 55 33.03 93.74 75.10
CA THR FF 55 32.80 92.34 75.43
C THR FF 55 33.57 91.99 76.70
N ARG FF 56 32.89 91.37 77.65
CA ARG FF 56 33.50 90.92 78.89
C ARG FF 56 33.49 89.41 78.92
N VAL FF 57 34.67 88.82 79.09
CA VAL FF 57 34.83 87.38 79.18
C VAL FF 57 35.55 87.09 80.49
N ASP FF 58 35.08 86.10 81.21
CA ASP FF 58 35.70 85.80 82.50
C ASP FF 58 37.08 85.21 82.28
N PRO FF 59 38.15 85.84 82.75
CA PRO FF 59 39.49 85.41 82.35
C PRO FF 59 40.10 84.31 83.21
N THR FF 60 39.33 83.30 83.59
CA THR FF 60 39.93 82.09 84.16
C THR FF 60 39.42 80.85 83.44
N THR FF 61 38.14 80.84 83.07
CA THR FF 61 37.57 79.76 82.28
C THR FF 61 37.04 80.22 80.93
N GLY FF 62 36.94 81.53 80.70
CA GLY FF 62 36.52 82.03 79.40
C GLY FF 62 35.04 82.02 79.14
N VAL FF 63 34.22 82.31 80.15
CA VAL FF 63 32.77 82.37 79.97
C VAL FF 63 32.36 83.82 79.70
N LEU FF 64 31.61 84.02 78.62
CA LEU FF 64 31.16 85.36 78.24
C LEU FF 64 30.23 85.92 79.29
N ILE FF 65 30.68 86.94 80.01
CA ILE FF 65 29.82 87.59 80.99
C ILE FF 65 28.72 88.39 80.32
N GLY FF 66 29.07 89.21 79.34
CA GLY FF 66 28.08 90.04 78.70
C GLY FF 66 28.68 90.84 77.57
N ILE FF 67 27.79 91.34 76.71
CA ILE FF 67 28.15 92.19 75.59
C ILE FF 67 27.17 93.36 75.54
N VAL FF 68 27.70 94.57 75.43
CA VAL FF 68 26.91 95.73 75.06
C VAL FF 68 27.45 96.24 73.73
N ASN FF 69 26.58 96.30 72.73
CA ASN FF 69 26.98 96.66 71.37
C ASN FF 69 26.18 97.85 70.91
N VAL FF 70 26.87 98.81 70.30
CA VAL FF 70 26.23 99.96 69.66
C VAL FF 70 26.52 99.87 68.17
N SER FF 71 25.47 99.69 67.38
CA SER FF 71 25.58 99.55 65.94
C SER FF 71 24.82 100.67 65.25
N SER FF 72 25.33 101.10 64.11
CA SER FF 72 24.70 102.13 63.32
C SER FF 72 24.52 101.65 61.89
N SER FF 73 23.38 101.97 61.31
CA SER FF 73 23.08 101.66 59.90
C SER FF 73 22.44 102.93 59.36
N ILE FF 74 23.27 103.79 58.76
CA ILE FF 74 22.83 105.10 58.28
C ILE FF 74 23.05 105.15 56.78
N ARG FF 75 22.09 105.76 56.07
CA ARG FF 75 22.22 105.95 54.63
C ARG FF 75 23.51 106.69 54.31
N ALA FF 76 24.15 106.27 53.21
CA ALA FF 76 25.37 106.94 52.78
C ALA FF 76 25.12 108.41 52.45
N ASP FF 77 23.91 108.74 52.01
CA ASP FF 77 23.55 110.10 51.66
C ASP FF 77 22.98 110.90 52.84
N ALA FF 78 22.79 110.28 53.99
CA ALA FF 78 22.14 110.95 55.10
C ALA FF 78 22.95 112.15 55.56
N THR FF 79 22.26 113.24 55.86
CA THR FF 79 22.91 114.48 56.23
C THR FF 79 23.55 114.34 57.61
N ALA FF 80 24.57 115.18 57.85
CA ALA FF 80 25.21 115.19 59.16
C ALA FF 80 24.22 115.59 60.25
N ALA FF 81 23.19 116.37 59.90
CA ALA FF 81 22.16 116.70 60.87
C ALA FF 81 21.41 115.46 61.33
N ASP FF 82 21.04 114.58 60.38
CA ASP FF 82 20.44 113.31 60.77
C ASP FF 82 21.43 112.48 61.58
N LYS FF 83 22.70 112.47 61.16
CA LYS FF 83 23.70 111.65 61.84
C LYS FF 83 24.00 112.20 63.23
N THR FF 84 23.94 113.51 63.40
CA THR FF 84 24.13 114.08 64.73
C THR FF 84 22.89 113.86 65.60
N ALA FF 85 21.70 114.02 65.01
CA ALA FF 85 20.47 113.83 65.75
C ALA FF 85 20.32 112.39 66.23
N LEU FF 86 20.65 111.43 65.36
CA LEU FF 86 20.56 110.03 65.75
C LEU FF 86 21.47 109.72 66.92
N MET FF 87 22.70 110.26 66.90
CA MET FF 87 23.63 110.02 67.98
C MET FF 87 23.22 110.76 69.24
N ALA FF 88 22.62 111.94 69.09
CA ALA FF 88 22.21 112.71 70.26
C ALA FF 88 21.00 112.11 70.95
N ILE FF 89 20.04 111.59 70.18
CA ILE FF 89 18.86 110.97 70.77
C ILE FF 89 19.26 109.71 71.53
N ILE FF 90 20.04 108.84 70.89
CA ILE FF 90 20.40 107.58 71.52
C ILE FF 90 21.28 107.80 72.75
N THR FF 91 22.15 108.80 72.71
CA THR FF 91 22.98 109.10 73.88
C THR FF 91 22.14 109.61 75.04
N ALA FF 92 21.16 110.46 74.75
CA ALA FF 92 20.27 110.95 75.79
C ALA FF 92 19.40 109.83 76.36
N ALA FF 93 18.93 108.93 75.49
CA ALA FF 93 18.14 107.80 75.96
C ALA FF 93 18.97 106.88 76.86
N GLN FF 94 20.24 106.65 76.50
CA GLN FF 94 21.11 105.86 77.36
C GLN FF 94 21.35 106.54 78.69
N ALA FF 95 21.50 107.86 78.69
CA ALA FF 95 21.64 108.59 79.94
C ALA FF 95 20.37 108.58 80.75
N ASP FF 96 19.22 108.42 80.11
CA ASP FF 96 17.97 108.28 80.82
C ASP FF 96 17.95 106.97 81.62
N GLY FF 97 17.17 106.98 82.70
CA GLY FF 97 17.15 105.84 83.60
C GLY FF 97 16.41 104.64 83.05
N ALA FF 98 15.56 104.83 82.04
CA ALA FF 98 14.85 103.71 81.47
C ALA FF 98 15.80 102.68 80.87
N TRP FF 99 16.91 103.14 80.30
CA TRP FF 99 17.91 102.21 79.78
C TRP FF 99 18.59 101.45 80.91
N THR FF 100 18.94 102.15 81.99
CA THR FF 100 19.58 101.49 83.12
C THR FF 100 18.67 100.47 83.78
N GLU FF 101 17.37 100.55 83.51
CA GLU FF 101 16.41 99.56 84.01
C GLU FF 101 16.16 98.46 83.00
N LEU FF 102 16.16 98.78 81.70
CA LEU FF 102 16.05 97.76 80.67
C LEU FF 102 17.21 96.77 80.78
N VAL FF 103 18.41 97.30 80.94
CA VAL FF 103 19.53 96.50 81.40
C VAL FF 103 19.44 96.39 82.92
N THR FF 104 19.91 95.27 83.46
CA THR FF 104 19.97 94.96 84.89
C THR FF 104 18.61 94.61 85.48
N ASP FF 105 17.52 94.87 84.78
CA ASP FF 105 16.22 94.45 85.29
C ASP FF 105 15.26 93.92 84.23
N GLN FF 106 15.51 94.15 82.95
CA GLN FF 106 14.55 93.87 81.89
C GLN FF 106 13.23 94.57 82.16
N ARG FF 107 13.32 95.81 82.63
CA ARG FF 107 12.15 96.61 82.97
C ARG FF 107 11.87 97.58 81.83
N LEU FF 108 10.72 97.47 81.27
CA LEU FF 108 10.29 98.33 80.17
C LEU FF 108 9.72 99.64 80.70
N PRO FF 109 9.79 100.70 79.92
CA PRO FF 109 9.20 101.97 80.35
C PRO FF 109 7.69 101.97 80.22
N LEU FF 110 7.03 101.11 81.00
CA LEU FF 110 5.58 101.07 81.06
C LEU FF 110 5.04 100.95 82.48
N ALA FF 111 5.90 100.74 83.47
CA ALA FF 111 5.44 100.66 84.85
C ALA FF 111 4.87 101.99 85.31
N THR FF 112 3.82 101.94 86.12
CA THR FF 112 3.14 103.14 86.60
C THR FF 112 3.81 103.76 87.82
N VAL FF 113 4.83 103.12 88.38
CA VAL FF 113 5.55 103.59 89.56
C VAL FF 113 4.61 103.73 90.76
N SER GF 1 127.14 -27.51 -28.90
CA SER GF 1 128.12 -26.46 -28.71
C SER GF 1 128.79 -26.07 -30.02
N LYS GF 2 129.48 -27.02 -30.64
CA LYS GF 2 130.18 -26.80 -31.90
C LYS GF 2 129.94 -28.03 -32.77
N VAL GF 3 130.75 -28.17 -33.83
CA VAL GF 3 130.51 -29.15 -34.89
C VAL GF 3 130.21 -30.54 -34.35
N PHE GF 4 129.04 -31.05 -34.71
CA PHE GF 4 128.58 -32.39 -34.36
C PHE GF 4 128.06 -33.05 -35.62
N ASN GF 5 128.49 -34.29 -35.85
CA ASN GF 5 128.07 -35.06 -37.02
C ASN GF 5 128.34 -34.26 -38.30
N THR GF 6 129.53 -33.66 -38.36
CA THR GF 6 130.02 -32.85 -39.48
C THR GF 6 129.15 -31.63 -39.75
N GLN GF 7 128.33 -31.19 -38.81
CA GLN GF 7 127.55 -29.98 -38.95
C GLN GF 7 127.93 -28.99 -37.86
N THR GF 8 128.04 -27.72 -38.23
CA THR GF 8 128.48 -26.67 -37.32
C THR GF 8 127.27 -26.02 -36.68
N PHE GF 9 127.16 -26.11 -35.37
CA PHE GF 9 126.04 -25.54 -34.63
C PHE GF 9 126.53 -24.27 -33.94
N ASP GF 10 125.94 -23.14 -34.32
CA ASP GF 10 126.24 -21.85 -33.72
C ASP GF 10 125.05 -21.37 -32.91
N ILE GF 11 125.33 -20.55 -31.90
CA ILE GF 11 124.29 -20.09 -31.01
C ILE GF 11 123.30 -19.22 -31.78
N TYR GF 12 122.02 -19.54 -31.65
CA TYR GF 12 120.96 -18.71 -32.19
C TYR GF 12 120.25 -17.89 -31.13
N SER GF 13 120.10 -18.44 -29.92
CA SER GF 13 119.34 -17.78 -28.89
C SER GF 13 119.87 -18.21 -27.54
N THR GF 14 119.68 -17.34 -26.55
CA THR GF 14 120.09 -17.61 -25.18
C THR GF 14 119.04 -17.07 -24.23
N GLU GF 15 118.48 -17.94 -23.42
CA GLU GF 15 117.52 -17.57 -22.40
C GLU GF 15 118.19 -17.65 -21.03
N LYS GF 16 117.37 -17.46 -19.99
CA LYS GF 16 117.87 -17.65 -18.64
C LYS GF 16 118.31 -19.09 -18.43
N ASP GF 17 117.55 -20.04 -18.97
CA ASP GF 17 117.82 -21.46 -18.75
C ASP GF 17 117.85 -22.29 -20.02
N VAL GF 18 117.77 -21.67 -21.19
CA VAL GF 18 117.87 -22.38 -22.46
C VAL GF 18 118.92 -21.71 -23.33
N VAL GF 19 119.74 -22.52 -23.97
CA VAL GF 19 120.62 -22.08 -25.05
C VAL GF 19 120.22 -22.86 -26.30
N SER GF 20 120.01 -22.15 -27.40
CA SER GF 20 119.62 -22.78 -28.67
C SER GF 20 120.73 -22.58 -29.69
N LEU GF 21 121.03 -23.65 -30.41
CA LEU GF 21 122.03 -23.64 -31.47
C LEU GF 21 121.42 -24.16 -32.76
N ARG GF 22 121.79 -23.54 -33.87
CA ARG GF 22 121.32 -23.95 -35.19
C ARG GF 22 122.51 -24.22 -36.09
N ASP GF 23 122.25 -25.00 -37.15
CA ASP GF 23 123.29 -25.27 -38.14
C ASP GF 23 123.57 -24.04 -38.99
N PHE GF 24 122.52 -23.37 -39.46
CA PHE GF 24 122.61 -22.19 -40.32
C PHE GF 24 123.14 -22.57 -41.70
N ALA GF 25 123.52 -23.83 -41.88
CA ALA GF 25 123.98 -24.34 -43.16
C ALA GF 25 122.89 -25.12 -43.88
N ASN GF 26 122.32 -26.13 -43.24
CA ASN GF 26 121.14 -26.79 -43.77
C ASN GF 26 119.85 -26.18 -43.27
N ASP GF 27 119.93 -25.32 -42.24
CA ASP GF 27 118.78 -24.58 -41.72
C ASP GF 27 117.62 -25.51 -41.34
N LYS GF 28 117.95 -26.69 -40.82
CA LYS GF 28 116.93 -27.65 -40.46
C LYS GF 28 117.09 -28.24 -39.07
N ASP GF 29 118.25 -28.10 -38.44
CA ASP GF 29 118.51 -28.68 -37.14
C ASP GF 29 118.68 -27.59 -36.09
N THR GF 30 118.07 -27.80 -34.93
CA THR GF 30 118.27 -26.93 -33.77
C THR GF 30 118.61 -27.81 -32.58
N LEU GF 31 119.71 -27.48 -31.90
CA LEU GF 31 120.14 -28.18 -30.70
C LEU GF 31 119.90 -27.26 -29.52
N ALA GF 32 119.22 -27.78 -28.49
CA ALA GF 32 118.83 -27.01 -27.33
C ALA GF 32 119.41 -27.62 -26.06
N TYR GF 33 120.00 -26.78 -25.22
CA TYR GF 33 120.46 -27.16 -23.89
C TYR GF 33 119.59 -26.44 -22.89
N LYS GF 34 118.98 -27.18 -21.98
CA LYS GF 34 117.95 -26.62 -21.11
C LYS GF 34 118.27 -27.00 -19.66
N ARG GF 35 117.90 -26.11 -18.74
CA ARG GF 35 118.42 -26.14 -17.38
C ARG GF 35 117.32 -25.88 -16.37
N LEU GF 36 117.08 -26.83 -15.47
CA LEU GF 36 116.19 -26.62 -14.33
C LEU GF 36 116.93 -27.00 -13.05
N ALA GF 37 117.26 -26.01 -12.23
CA ALA GF 37 117.93 -26.25 -10.97
C ALA GF 37 117.00 -26.97 -9.99
N PRO GF 38 117.55 -27.76 -9.07
CA PRO GF 38 116.70 -28.44 -8.08
C PRO GF 38 116.03 -27.47 -7.13
N LYS GF 39 114.82 -27.81 -6.71
CA LYS GF 39 114.06 -26.98 -5.79
C LYS GF 39 113.76 -27.78 -4.52
N ARG GF 40 114.18 -27.24 -3.38
CA ARG GF 40 114.04 -27.92 -2.10
C ARG GF 40 112.61 -27.69 -1.61
N THR GF 41 111.72 -28.56 -2.07
CA THR GF 41 110.31 -28.48 -1.69
C THR GF 41 109.98 -29.33 -0.48
N LYS GF 42 110.93 -30.11 0.02
CA LYS GF 42 110.71 -30.97 1.18
C LYS GF 42 112.08 -31.25 1.79
N ASP GF 43 112.13 -32.28 2.64
CA ASP GF 43 113.40 -32.76 3.16
C ASP GF 43 114.34 -33.15 2.02
N SER GF 44 113.77 -33.52 0.88
CA SER GF 44 114.58 -33.75 -0.31
C SER GF 44 115.08 -32.42 -0.85
N PRO GF 45 116.33 -32.35 -1.34
CA PRO GF 45 116.83 -31.11 -1.91
C PRO GF 45 116.35 -30.84 -3.34
N GLY GF 46 115.46 -31.67 -3.87
CA GLY GF 46 114.98 -31.50 -5.23
C GLY GF 46 115.83 -32.23 -6.25
N MET GF 47 115.30 -32.29 -7.46
CA MET GF 47 115.97 -32.94 -8.59
C MET GF 47 116.37 -31.91 -9.61
N ALA GF 48 117.63 -31.97 -10.04
CA ALA GF 48 118.15 -31.07 -11.07
C ALA GF 48 117.81 -31.65 -12.44
N LYS GF 49 117.06 -30.88 -13.22
CA LYS GF 49 116.69 -31.31 -14.56
C LYS GF 49 117.66 -30.79 -15.60
N SER GF 50 118.00 -31.63 -16.55
CA SER GF 50 118.71 -31.23 -17.76
C SER GF 50 117.91 -31.73 -18.96
N GLU GF 51 118.17 -31.14 -20.11
CA GLU GF 51 117.46 -31.53 -21.31
C GLU GF 51 118.29 -31.12 -22.52
N LEU GF 52 118.57 -32.08 -23.39
CA LEU GF 52 119.38 -31.85 -24.58
C LEU GF 52 118.64 -32.44 -25.77
N LYS GF 53 118.02 -31.59 -26.57
CA LYS GF 53 117.19 -32.05 -27.67
C LYS GF 53 117.76 -31.59 -29.01
N ILE GF 54 117.65 -32.47 -30.00
CA ILE GF 54 117.92 -32.12 -31.39
C ILE GF 54 116.61 -32.27 -32.16
N THR GF 55 116.20 -31.20 -32.83
CA THR GF 55 114.98 -31.16 -33.61
C THR GF 55 115.32 -30.93 -35.07
N ARG GF 56 114.73 -31.72 -35.95
CA ARG GF 56 114.90 -31.55 -37.39
C ARG GF 56 113.58 -31.18 -38.03
N VAL GF 57 113.55 -30.03 -38.68
CA VAL GF 57 112.39 -29.54 -39.40
C VAL GF 57 112.81 -29.27 -40.84
N ASP GF 58 112.07 -29.79 -41.80
CA ASP GF 58 112.46 -29.51 -43.17
C ASP GF 58 112.22 -28.04 -43.49
N PRO GF 59 113.17 -27.34 -44.09
CA PRO GF 59 113.00 -25.90 -44.30
C PRO GF 59 112.32 -25.54 -45.61
N THR GF 60 111.23 -26.22 -45.95
CA THR GF 60 110.45 -25.83 -47.11
C THR GF 60 109.00 -25.55 -46.70
N THR GF 61 108.42 -26.44 -45.91
CA THR GF 61 107.09 -26.27 -45.36
C THR GF 61 107.07 -26.23 -43.85
N GLY GF 62 108.20 -26.48 -43.19
CA GLY GF 62 108.25 -26.43 -41.75
C GLY GF 62 107.64 -27.63 -41.04
N VAL GF 63 107.67 -28.80 -41.66
CA VAL GF 63 107.14 -30.02 -41.03
C VAL GF 63 108.22 -30.60 -40.13
N LEU GF 64 107.82 -31.01 -38.93
CA LEU GF 64 108.75 -31.61 -37.98
C LEU GF 64 109.09 -33.02 -38.42
N ILE GF 65 110.35 -33.25 -38.78
CA ILE GF 65 110.77 -34.58 -39.19
C ILE GF 65 110.93 -35.49 -37.97
N GLY GF 66 111.59 -35.01 -36.93
CA GLY GF 66 111.75 -35.83 -35.75
C GLY GF 66 112.59 -35.13 -34.70
N ILE GF 67 112.41 -35.56 -33.46
CA ILE GF 67 113.15 -35.05 -32.32
C ILE GF 67 113.78 -36.20 -31.56
N VAL GF 68 115.03 -36.04 -31.17
CA VAL GF 68 115.69 -36.93 -30.21
C VAL GF 68 116.07 -36.09 -29.01
N ASN GF 69 115.65 -36.52 -27.82
CA ASN GF 69 115.83 -35.76 -26.59
C ASN GF 69 116.57 -36.61 -25.56
N VAL GF 70 117.50 -35.98 -24.86
CA VAL GF 70 118.21 -36.60 -23.75
C VAL GF 70 117.94 -35.76 -22.51
N SER GF 71 117.08 -36.26 -21.64
CA SER GF 71 116.73 -35.55 -20.41
C SER GF 71 117.22 -36.32 -19.20
N SER GF 72 117.78 -35.60 -18.24
CA SER GF 72 118.23 -36.18 -16.99
C SER GF 72 117.49 -35.52 -15.84
N SER GF 73 117.17 -36.31 -14.82
CA SER GF 73 116.53 -35.83 -13.59
C SER GF 73 117.25 -36.51 -12.44
N ILE GF 74 118.19 -35.80 -11.83
CA ILE GF 74 119.09 -36.37 -10.84
C ILE GF 74 118.94 -35.60 -9.52
N ARG GF 75 118.94 -36.36 -8.42
CA ARG GF 75 118.82 -35.78 -7.09
C ARG GF 75 119.92 -34.76 -6.84
N ALA GF 76 119.56 -33.67 -6.17
CA ALA GF 76 120.53 -32.61 -5.89
C ALA GF 76 121.69 -33.14 -5.04
N ASP GF 77 121.39 -34.00 -4.08
CA ASP GF 77 122.40 -34.56 -3.19
C ASP GF 77 123.17 -35.72 -3.83
N ALA GF 78 122.78 -36.15 -5.02
CA ALA GF 78 123.35 -37.34 -5.61
C ALA GF 78 124.84 -37.15 -5.87
N THR GF 79 125.59 -38.23 -5.69
CA THR GF 79 127.04 -38.19 -5.81
C THR GF 79 127.45 -38.07 -7.28
N ALA GF 80 128.71 -37.67 -7.48
CA ALA GF 80 129.27 -37.64 -8.83
C ALA GF 80 129.37 -39.04 -9.41
N ALA GF 81 129.65 -40.04 -8.58
CA ALA GF 81 129.66 -41.42 -9.05
C ALA GF 81 128.29 -41.85 -9.56
N ASP GF 82 127.23 -41.45 -8.86
CA ASP GF 82 125.88 -41.72 -9.36
C ASP GF 82 125.66 -41.03 -10.70
N LYS GF 83 126.14 -39.80 -10.83
CA LYS GF 83 125.92 -39.03 -12.05
C LYS GF 83 126.79 -39.57 -13.18
N THR GF 84 128.00 -40.03 -12.87
CA THR GF 84 128.85 -40.60 -13.89
C THR GF 84 128.33 -41.96 -14.35
N ALA GF 85 127.86 -42.78 -13.41
CA ALA GF 85 127.34 -44.10 -13.76
C ALA GF 85 126.11 -43.99 -14.64
N LEU GF 86 125.21 -43.06 -14.33
CA LEU GF 86 124.01 -42.88 -15.14
C LEU GF 86 124.38 -42.46 -16.56
N MET GF 87 125.35 -41.56 -16.70
CA MET GF 87 125.74 -41.12 -18.03
C MET GF 87 126.51 -42.21 -18.77
N ALA GF 88 127.33 -42.97 -18.05
CA ALA GF 88 128.08 -44.06 -18.69
C ALA GF 88 127.14 -45.17 -19.17
N ILE GF 89 126.12 -45.51 -18.37
CA ILE GF 89 125.22 -46.60 -18.73
C ILE GF 89 124.39 -46.21 -19.95
N ILE GF 90 123.81 -45.02 -19.93
CA ILE GF 90 122.94 -44.60 -21.01
C ILE GF 90 123.72 -44.43 -22.31
N THR GF 91 124.99 -44.03 -22.22
CA THR GF 91 125.81 -43.89 -23.41
C THR GF 91 126.18 -45.26 -23.98
N ALA GF 92 126.47 -46.23 -23.12
CA ALA GF 92 126.76 -47.58 -23.60
C ALA GF 92 125.56 -48.20 -24.27
N ALA GF 93 124.37 -47.98 -23.70
CA ALA GF 93 123.15 -48.53 -24.30
C ALA GF 93 122.84 -47.88 -25.64
N GLN GF 94 123.14 -46.59 -25.78
CA GLN GF 94 122.94 -45.92 -27.05
C GLN GF 94 123.90 -46.44 -28.10
N ALA GF 95 125.14 -46.72 -27.70
CA ALA GF 95 126.12 -47.29 -28.63
C ALA GF 95 125.76 -48.70 -29.05
N ASP GF 96 125.00 -49.41 -28.22
CA ASP GF 96 124.54 -50.75 -28.58
C ASP GF 96 123.52 -50.66 -29.72
N GLY GF 97 123.45 -51.75 -30.49
CA GLY GF 97 122.55 -51.78 -31.63
C GLY GF 97 121.09 -51.91 -31.26
N ALA GF 98 120.80 -52.29 -30.01
CA ALA GF 98 119.41 -52.39 -29.58
C ALA GF 98 118.71 -51.05 -29.65
N TRP GF 99 119.40 -49.98 -29.21
CA TRP GF 99 118.82 -48.65 -29.32
C TRP GF 99 118.65 -48.24 -30.77
N THR GF 100 119.65 -48.55 -31.60
CA THR GF 100 119.56 -48.21 -33.02
C THR GF 100 118.41 -48.94 -33.69
N GLU GF 101 117.97 -50.05 -33.10
CA GLU GF 101 116.80 -50.79 -33.59
C GLU GF 101 115.50 -50.33 -32.95
N LEU GF 102 115.55 -49.93 -31.68
CA LEU GF 102 114.39 -49.33 -31.05
C LEU GF 102 113.96 -48.08 -31.81
N VAL GF 103 114.91 -47.28 -32.22
CA VAL GF 103 114.66 -46.22 -33.18
C VAL GF 103 114.77 -46.83 -34.58
N THR GF 104 114.08 -46.22 -35.54
CA THR GF 104 114.04 -46.61 -36.95
C THR GF 104 113.24 -47.88 -37.23
N ASP GF 105 112.99 -48.69 -36.20
CA ASP GF 105 112.30 -49.97 -36.39
C ASP GF 105 111.22 -50.23 -35.36
N GLN GF 106 111.22 -49.56 -34.21
CA GLN GF 106 110.33 -49.87 -33.11
C GLN GF 106 110.47 -51.34 -32.69
N ARG GF 107 111.71 -51.75 -32.52
CA ARG GF 107 112.05 -53.13 -32.19
C ARG GF 107 112.57 -53.19 -30.75
N LEU GF 108 111.94 -54.03 -29.94
CA LEU GF 108 112.40 -54.25 -28.58
C LEU GF 108 113.57 -55.23 -28.57
N PRO GF 109 114.43 -55.18 -27.55
CA PRO GF 109 115.62 -56.04 -27.55
C PRO GF 109 115.32 -57.45 -27.07
N LEU GF 110 114.25 -58.03 -27.58
CA LEU GF 110 113.83 -59.36 -27.15
C LEU GF 110 113.83 -60.39 -28.27
N ALA GF 111 114.21 -60.02 -29.49
CA ALA GF 111 114.35 -60.99 -30.56
C ALA GF 111 115.40 -62.02 -30.19
N THR GF 112 115.16 -63.27 -30.59
CA THR GF 112 116.11 -64.35 -30.35
C THR GF 112 117.18 -64.46 -31.42
N VAL GF 113 117.12 -63.64 -32.46
CA VAL GF 113 118.11 -63.58 -33.55
C VAL GF 113 118.18 -64.89 -34.33
N SER HF 1 120.34 -54.11 -23.62
CA SER HF 1 120.33 -55.54 -23.86
C SER HF 1 121.23 -56.29 -22.86
N LYS HF 2 122.54 -56.15 -23.02
CA LYS HF 2 123.49 -56.91 -22.23
C LYS HF 2 124.47 -55.92 -21.59
N VAL HF 3 125.62 -56.44 -21.14
CA VAL HF 3 126.55 -55.73 -20.29
C VAL HF 3 126.84 -54.32 -20.78
N PHE HF 4 126.54 -53.33 -19.94
CA PHE HF 4 126.79 -51.92 -20.21
C PHE HF 4 127.52 -51.33 -19.02
N ASN HF 5 128.55 -50.54 -19.29
CA ASN HF 5 129.35 -49.91 -18.24
C ASN HF 5 129.88 -50.95 -17.26
N THR HF 6 130.34 -52.08 -17.81
CA THR HF 6 130.84 -53.25 -17.10
C THR HF 6 129.77 -53.93 -16.23
N GLN HF 7 128.53 -53.48 -16.29
CA GLN HF 7 127.46 -54.06 -15.49
C GLN HF 7 126.53 -54.89 -16.36
N THR HF 8 126.24 -56.11 -15.91
CA THR HF 8 125.37 -57.02 -16.62
C THR HF 8 123.93 -56.70 -16.28
N PHE HF 9 123.13 -56.38 -17.30
CA PHE HF 9 121.72 -56.07 -17.13
C PHE HF 9 120.92 -57.27 -17.63
N ASP HF 10 120.32 -58.00 -16.70
CA ASP HF 10 119.49 -59.15 -17.02
C ASP HF 10 118.03 -58.75 -16.99
N ILE HF 11 117.21 -59.46 -17.76
CA ILE HF 11 115.84 -59.04 -17.99
C ILE HF 11 115.06 -59.07 -16.69
N TYR HF 12 114.38 -57.97 -16.38
CA TYR HF 12 113.60 -57.85 -15.17
C TYR HF 12 112.11 -58.00 -15.38
N SER HF 13 111.58 -57.50 -16.48
CA SER HF 13 110.17 -57.66 -16.81
C SER HF 13 109.99 -57.39 -18.29
N THR HF 14 108.89 -57.88 -18.83
CA THR HF 14 108.56 -57.66 -20.23
C THR HF 14 107.10 -57.27 -20.34
N GLU HF 15 106.85 -56.14 -20.98
CA GLU HF 15 105.53 -55.64 -21.29
C GLU HF 15 105.36 -55.62 -22.81
N LYS HF 16 104.12 -55.40 -23.25
CA LYS HF 16 103.84 -55.33 -24.68
C LYS HF 16 104.74 -54.32 -25.39
N ASP HF 17 105.08 -53.22 -24.72
CA ASP HF 17 105.87 -52.16 -25.32
C ASP HF 17 107.06 -51.74 -24.48
N VAL HF 18 107.29 -52.38 -23.35
CA VAL HF 18 108.42 -52.06 -22.49
C VAL HF 18 109.18 -53.33 -22.16
N VAL HF 19 110.50 -53.24 -22.18
CA VAL HF 19 111.38 -54.31 -21.69
C VAL HF 19 112.33 -53.68 -20.69
N SER HF 20 112.34 -54.21 -19.48
CA SER HF 20 113.18 -53.71 -18.39
C SER HF 20 114.29 -54.70 -18.10
N LEU HF 21 115.49 -54.18 -17.88
CA LEU HF 21 116.63 -54.99 -17.48
C LEU HF 21 117.12 -54.49 -16.13
N ARG HF 22 117.61 -55.41 -15.32
CA ARG HF 22 118.15 -55.07 -14.01
C ARG HF 22 119.58 -55.59 -13.91
N ASP HF 23 120.39 -54.88 -13.13
CA ASP HF 23 121.73 -55.36 -12.86
C ASP HF 23 121.71 -56.65 -12.03
N PHE HF 24 120.92 -56.65 -10.95
CA PHE HF 24 120.78 -57.78 -10.01
C PHE HF 24 122.05 -58.02 -9.22
N ALA HF 25 123.12 -57.31 -9.55
CA ALA HF 25 124.34 -57.32 -8.76
C ALA HF 25 124.34 -56.23 -7.70
N ASN HF 26 124.21 -54.98 -8.12
CA ASN HF 26 124.03 -53.88 -7.20
C ASN HF 26 122.57 -53.60 -6.91
N ASP HF 27 121.65 -54.26 -7.63
CA ASP HF 27 120.21 -54.20 -7.36
C ASP HF 27 119.68 -52.78 -7.39
N LYS HF 28 120.30 -51.90 -8.15
CA LYS HF 28 119.96 -50.49 -8.10
C LYS HF 28 119.68 -49.86 -9.45
N ASP HF 29 120.08 -50.46 -10.56
CA ASP HF 29 119.95 -49.88 -11.88
C ASP HF 29 118.97 -50.68 -12.72
N THR HF 30 118.00 -49.99 -13.31
CA THR HF 30 117.04 -50.61 -14.20
C THR HF 30 117.06 -49.90 -15.55
N LEU HF 31 117.23 -50.66 -16.62
CA LEU HF 31 117.28 -50.14 -17.97
C LEU HF 31 116.00 -50.54 -18.69
N ALA HF 32 115.27 -49.56 -19.21
CA ALA HF 32 113.98 -49.78 -19.86
C ALA HF 32 114.07 -49.41 -21.32
N TYR HF 33 113.44 -50.22 -22.18
CA TYR HF 33 113.29 -49.95 -23.59
C TYR HF 33 111.79 -49.85 -23.88
N LYS HF 34 111.34 -48.69 -24.33
CA LYS HF 34 109.93 -48.42 -24.48
C LYS HF 34 109.61 -48.11 -25.94
N ARG HF 35 108.44 -48.56 -26.39
CA ARG HF 35 108.06 -48.53 -27.79
C ARG HF 35 106.65 -47.98 -27.93
N LEU HF 36 106.50 -46.94 -28.74
CA LEU HF 36 105.17 -46.42 -29.09
C LEU HF 36 105.13 -46.23 -30.60
N ALA HF 37 104.51 -47.20 -31.29
CA ALA HF 37 104.44 -47.15 -32.74
C ALA HF 37 103.58 -45.97 -33.20
N PRO HF 38 103.83 -45.46 -34.41
CA PRO HF 38 103.03 -44.32 -34.90
C PRO HF 38 101.58 -44.69 -35.12
N LYS HF 39 100.70 -43.72 -34.89
CA LYS HF 39 99.28 -43.89 -35.14
C LYS HF 39 98.87 -42.89 -36.23
N ARG HF 40 98.18 -43.39 -37.25
CA ARG HF 40 97.80 -42.58 -38.41
C ARG HF 40 96.45 -41.92 -38.14
N THR HF 41 96.47 -40.93 -37.25
CA THR HF 41 95.26 -40.24 -36.86
C THR HF 41 94.78 -39.26 -37.91
N LYS HF 42 95.64 -38.91 -38.88
CA LYS HF 42 95.29 -38.01 -39.95
C LYS HF 42 96.06 -38.44 -41.19
N ASP HF 43 96.16 -37.53 -42.16
CA ASP HF 43 96.97 -37.76 -43.36
C ASP HF 43 98.40 -38.07 -42.98
N SER HF 44 98.86 -37.53 -41.85
CA SER HF 44 100.17 -37.86 -41.34
C SER HF 44 100.23 -39.34 -40.99
N PRO HF 45 101.36 -40.01 -41.21
CA PRO HF 45 101.49 -41.40 -40.76
C PRO HF 45 101.76 -41.53 -39.27
N GLY HF 46 101.70 -40.44 -38.53
CA GLY HF 46 101.97 -40.45 -37.11
C GLY HF 46 103.44 -40.34 -36.79
N MET HF 47 103.73 -40.26 -35.49
CA MET HF 47 105.09 -40.22 -34.99
C MET HF 47 105.42 -41.52 -34.28
N ALA HF 48 106.53 -42.14 -34.68
CA ALA HF 48 107.06 -43.32 -34.00
C ALA HF 48 107.83 -42.84 -32.76
N LYS HF 49 107.35 -43.22 -31.58
CA LYS HF 49 108.01 -42.85 -30.34
C LYS HF 49 108.87 -43.99 -29.84
N SER HF 50 110.02 -43.66 -29.29
CA SER HF 50 110.84 -44.62 -28.56
C SER HF 50 111.36 -43.96 -27.29
N GLU HF 51 111.73 -44.80 -26.33
CA GLU HF 51 112.25 -44.29 -25.07
C GLU HF 51 113.26 -45.28 -24.51
N LEU HF 52 114.44 -44.80 -24.18
CA LEU HF 52 115.48 -45.61 -23.54
C LEU HF 52 115.92 -44.88 -22.29
N LYS HF 53 115.52 -45.39 -21.13
CA LYS HF 53 115.79 -44.71 -19.87
C LYS HF 53 116.53 -45.62 -18.91
N ILE HF 54 117.38 -45.00 -18.10
CA ILE HF 54 118.12 -45.69 -17.05
C ILE HF 54 117.70 -45.06 -15.72
N THR HF 55 117.40 -45.91 -14.75
CA THR HF 55 116.95 -45.46 -13.45
C THR HF 55 117.85 -46.05 -12.38
N ARG HF 56 118.31 -45.19 -11.47
CA ARG HF 56 119.09 -45.62 -10.32
C ARG HF 56 118.31 -45.27 -9.06
N VAL HF 57 118.00 -46.29 -8.28
CA VAL HF 57 117.38 -46.12 -6.97
C VAL HF 57 118.26 -46.81 -5.94
N ASP HF 58 118.36 -46.23 -4.77
CA ASP HF 58 119.18 -46.87 -3.76
C ASP HF 58 118.34 -47.98 -3.13
N PRO HF 59 118.73 -49.25 -3.25
CA PRO HF 59 117.80 -50.33 -2.91
C PRO HF 59 117.79 -50.71 -1.43
N THR HF 60 117.82 -49.74 -0.54
CA THR HF 60 117.52 -50.03 0.86
C THR HF 60 116.36 -49.15 1.30
N THR HF 61 116.43 -47.86 1.01
CA THR HF 61 115.35 -46.93 1.30
C THR HF 61 114.51 -46.60 0.08
N GLY HF 62 114.89 -47.07 -1.10
CA GLY HF 62 114.11 -46.82 -2.29
C GLY HF 62 114.03 -45.37 -2.70
N VAL HF 63 115.12 -44.62 -2.56
CA VAL HF 63 115.16 -43.23 -2.96
C VAL HF 63 115.64 -43.14 -4.40
N LEU HF 64 114.92 -42.38 -5.21
CA LEU HF 64 115.36 -42.11 -6.57
C LEU HF 64 116.64 -41.30 -6.52
N ILE HF 65 117.70 -41.83 -7.11
CA ILE HF 65 118.94 -41.07 -7.19
C ILE HF 65 118.99 -40.26 -8.48
N GLY HF 66 118.57 -40.85 -9.60
CA GLY HF 66 118.52 -40.10 -10.84
C GLY HF 66 117.99 -40.95 -11.96
N ILE HF 67 117.47 -40.26 -12.98
CA ILE HF 67 117.01 -40.86 -14.23
C ILE HF 67 117.64 -40.10 -15.38
N VAL HF 68 118.15 -40.84 -16.35
CA VAL HF 68 118.57 -40.29 -17.63
C VAL HF 68 117.76 -40.97 -18.72
N ASN HF 69 117.10 -40.19 -19.55
CA ASN HF 69 116.13 -40.69 -20.52
C ASN HF 69 116.52 -40.27 -21.92
N VAL HF 70 116.50 -41.20 -22.86
CA VAL HF 70 116.72 -40.91 -24.27
C VAL HF 70 115.44 -41.22 -25.01
N SER HF 71 114.73 -40.17 -25.43
CA SER HF 71 113.44 -40.31 -26.09
C SER HF 71 113.54 -39.86 -27.54
N SER HF 72 112.81 -40.54 -28.40
CA SER HF 72 112.77 -40.21 -29.81
C SER HF 72 111.33 -40.08 -30.27
N SER HF 73 111.07 -39.07 -31.10
CA SER HF 73 109.77 -38.86 -31.73
C SER HF 73 110.04 -38.51 -33.18
N ILE HF 74 110.09 -39.53 -34.03
CA ILE HF 74 110.44 -39.37 -35.43
C ILE HF 74 109.22 -39.70 -36.28
N ARG HF 75 108.98 -38.91 -37.32
CA ARG HF 75 107.85 -39.14 -38.21
C ARG HF 75 107.94 -40.53 -38.81
N ALA HF 76 106.79 -41.20 -38.91
CA ALA HF 76 106.77 -42.57 -39.41
C ALA HF 76 107.32 -42.65 -40.82
N ASP HF 77 107.05 -41.64 -41.65
CA ASP HF 77 107.57 -41.60 -43.00
C ASP HF 77 108.99 -41.07 -43.09
N ALA HF 78 109.52 -40.52 -41.99
CA ALA HF 78 110.82 -39.86 -42.04
C ALA HF 78 111.90 -40.84 -42.46
N THR HF 79 112.72 -40.41 -43.40
CA THR HF 79 113.73 -41.29 -43.98
C THR HF 79 114.78 -41.65 -42.95
N ALA HF 80 115.47 -42.77 -43.21
CA ALA HF 80 116.57 -43.16 -42.34
C ALA HF 80 117.69 -42.15 -42.39
N ALA HF 81 117.78 -41.37 -43.47
CA ALA HF 81 118.78 -40.30 -43.53
C ALA HF 81 118.54 -39.28 -42.44
N ASP HF 82 117.31 -38.75 -42.35
CA ASP HF 82 116.99 -37.86 -41.24
C ASP HF 82 117.10 -38.61 -39.92
N LYS HF 83 116.74 -39.89 -39.92
CA LYS HF 83 116.68 -40.65 -38.69
C LYS HF 83 118.08 -40.96 -38.16
N THR HF 84 119.02 -41.23 -39.07
CA THR HF 84 120.39 -41.48 -38.64
C THR HF 84 121.11 -40.19 -38.26
N ALA HF 85 120.79 -39.09 -38.96
CA ALA HF 85 121.39 -37.81 -38.61
C ALA HF 85 120.97 -37.37 -37.22
N LEU HF 86 119.71 -37.63 -36.86
CA LEU HF 86 119.23 -37.31 -35.53
C LEU HF 86 119.98 -38.09 -34.46
N MET HF 87 120.29 -39.35 -34.72
CA MET HF 87 121.07 -40.14 -33.78
C MET HF 87 122.52 -39.70 -33.74
N ALA HF 88 123.09 -39.39 -34.91
CA ALA HF 88 124.49 -39.00 -34.97
C ALA HF 88 124.74 -37.68 -34.25
N ILE HF 89 123.83 -36.72 -34.40
CA ILE HF 89 124.02 -35.42 -33.75
C ILE HF 89 123.91 -35.56 -32.24
N ILE HF 90 122.87 -36.24 -31.76
CA ILE HF 90 122.64 -36.31 -30.32
C ILE HF 90 123.73 -37.11 -29.63
N THR HF 91 124.24 -38.14 -30.28
CA THR HF 91 125.38 -38.89 -29.73
C THR HF 91 126.64 -38.04 -29.74
N ALA HF 92 126.86 -37.28 -30.81
CA ALA HF 92 128.02 -36.39 -30.86
C ALA HF 92 127.90 -35.31 -29.78
N ALA HF 93 126.69 -34.77 -29.59
CA ALA HF 93 126.49 -33.76 -28.56
C ALA HF 93 126.71 -34.35 -27.16
N GLN HF 94 126.26 -35.58 -26.93
CA GLN HF 94 126.45 -36.21 -25.63
C GLN HF 94 127.92 -36.47 -25.34
N ALA HF 95 128.67 -36.95 -26.34
CA ALA HF 95 130.10 -37.16 -26.15
C ALA HF 95 130.83 -35.86 -25.86
N ASP HF 96 130.29 -34.74 -26.32
CA ASP HF 96 130.89 -33.44 -26.06
C ASP HF 96 130.73 -33.06 -24.59
N GLY HF 97 131.67 -32.27 -24.09
CA GLY HF 97 131.72 -31.94 -22.68
C GLY HF 97 130.59 -31.06 -22.19
N ALA HF 98 129.92 -30.35 -23.08
CA ALA HF 98 128.82 -29.48 -22.65
C ALA HF 98 127.70 -30.29 -22.02
N TRP HF 99 127.38 -31.46 -22.59
CA TRP HF 99 126.37 -32.32 -21.97
C TRP HF 99 126.84 -32.84 -20.62
N THR HF 100 128.14 -33.13 -20.49
CA THR HF 100 128.67 -33.56 -19.21
C THR HF 100 128.48 -32.51 -18.13
N GLU HF 101 128.68 -31.23 -18.48
CA GLU HF 101 128.51 -30.14 -17.53
C GLU HF 101 127.06 -29.70 -17.37
N LEU HF 102 126.22 -29.90 -18.38
CA LEU HF 102 124.80 -29.63 -18.20
C LEU HF 102 124.24 -30.50 -17.09
N VAL HF 103 124.63 -31.77 -17.08
CA VAL HF 103 124.48 -32.61 -15.90
C VAL HF 103 125.62 -32.30 -14.94
N THR HF 104 125.42 -32.59 -13.66
CA THR HF 104 126.44 -32.45 -12.62
C THR HF 104 126.76 -31.00 -12.28
N ASP HF 105 126.33 -30.05 -13.11
CA ASP HF 105 126.58 -28.64 -12.84
C ASP HF 105 125.42 -27.73 -13.15
N GLN HF 106 124.44 -28.18 -13.93
CA GLN HF 106 123.41 -27.30 -14.50
C GLN HF 106 124.05 -26.13 -15.24
N ARG HF 107 125.10 -26.43 -15.99
CA ARG HF 107 125.89 -25.42 -16.70
C ARG HF 107 125.48 -25.39 -18.16
N LEU HF 108 124.96 -24.25 -18.60
CA LEU HF 108 124.61 -24.08 -20.00
C LEU HF 108 125.86 -23.79 -20.83
N PRO HF 109 125.86 -24.21 -22.10
CA PRO HF 109 127.03 -23.98 -22.95
C PRO HF 109 127.14 -22.53 -23.39
N LEU HF 110 127.51 -21.66 -22.47
CA LEU HF 110 127.65 -20.25 -22.76
C LEU HF 110 128.80 -19.57 -22.02
N ALA HF 111 129.63 -20.34 -21.31
CA ALA HF 111 130.78 -19.76 -20.61
C ALA HF 111 131.84 -19.30 -21.60
N THR HF 112 132.49 -18.19 -21.26
CA THR HF 112 133.55 -17.64 -22.11
C THR HF 112 134.91 -18.25 -21.83
N VAL HF 113 135.02 -19.14 -20.85
CA VAL HF 113 136.26 -19.81 -20.48
C VAL HF 113 137.33 -18.79 -20.06
N SER IF 1 90.28 -82.94 -51.36
CA SER IF 1 89.93 -83.71 -52.55
C SER IF 1 89.92 -85.21 -52.28
N LYS IF 2 91.10 -85.78 -52.13
CA LYS IF 2 91.24 -87.23 -51.97
C LYS IF 2 92.10 -87.49 -50.74
N VAL IF 3 92.58 -88.72 -50.61
CA VAL IF 3 93.07 -89.30 -49.36
C VAL IF 3 94.01 -88.36 -48.61
N PHE IF 4 93.61 -88.02 -47.38
CA PHE IF 4 94.38 -87.17 -46.47
C PHE IF 4 94.56 -87.93 -45.17
N ASN IF 5 95.79 -87.97 -44.68
CA ASN IF 5 96.09 -88.65 -43.42
C ASN IF 5 95.63 -90.10 -43.47
N THR IF 6 95.80 -90.73 -44.62
CA THR IF 6 95.41 -92.11 -44.93
C THR IF 6 93.91 -92.34 -44.85
N GLN IF 7 93.11 -91.30 -44.70
CA GLN IF 7 91.65 -91.44 -44.73
C GLN IF 7 91.14 -90.99 -46.08
N THR IF 8 90.13 -91.69 -46.59
CA THR IF 8 89.53 -91.36 -47.87
C THR IF 8 88.41 -90.38 -47.64
N PHE IF 9 88.48 -89.24 -48.31
CA PHE IF 9 87.43 -88.22 -48.24
C PHE IF 9 86.69 -88.21 -49.57
N ASP IF 10 85.41 -88.51 -49.53
CA ASP IF 10 84.56 -88.50 -50.70
C ASP IF 10 83.60 -87.32 -50.62
N ILE IF 11 83.19 -86.81 -51.79
CA ILE IF 11 82.34 -85.65 -51.80
C ILE IF 11 81.00 -86.00 -51.16
N TYR IF 12 80.58 -85.22 -50.19
CA TYR IF 12 79.30 -85.38 -49.52
C TYR IF 12 78.25 -84.41 -50.01
N SER IF 13 78.65 -83.19 -50.32
CA SER IF 13 77.70 -82.16 -50.70
C SER IF 13 78.36 -81.25 -51.73
N THR IF 14 77.54 -80.75 -52.64
CA THR IF 14 78.00 -79.77 -53.62
C THR IF 14 77.09 -78.56 -53.54
N GLU IF 15 77.69 -77.40 -53.34
CA GLU IF 15 76.97 -76.14 -53.20
C GLU IF 15 77.57 -75.13 -54.17
N LYS IF 16 76.85 -74.01 -54.33
CA LYS IF 16 77.32 -72.92 -55.18
C LYS IF 16 78.74 -72.51 -54.82
N ASP IF 17 79.00 -72.26 -53.54
CA ASP IF 17 80.29 -71.80 -53.07
C ASP IF 17 80.88 -72.69 -51.98
N VAL IF 18 80.32 -73.89 -51.77
CA VAL IF 18 80.82 -74.81 -50.76
C VAL IF 18 80.90 -76.20 -51.37
N VAL IF 19 81.99 -76.90 -51.06
CA VAL IF 19 82.12 -78.32 -51.37
C VAL IF 19 82.53 -79.02 -50.07
N SER IF 20 81.84 -80.11 -49.74
CA SER IF 20 82.07 -80.82 -48.49
C SER IF 20 82.45 -82.26 -48.77
N LEU IF 21 83.43 -82.76 -48.03
CA LEU IF 21 83.89 -84.13 -48.16
C LEU IF 21 83.77 -84.85 -46.82
N ARG IF 22 83.26 -86.07 -46.86
CA ARG IF 22 83.11 -86.89 -45.68
C ARG IF 22 84.05 -88.08 -45.79
N ASP IF 23 84.57 -88.52 -44.64
CA ASP IF 23 85.37 -89.73 -44.63
C ASP IF 23 84.54 -90.94 -45.02
N PHE IF 24 83.33 -91.07 -44.46
CA PHE IF 24 82.38 -92.13 -44.74
C PHE IF 24 82.88 -93.48 -44.20
N ALA IF 25 84.09 -93.49 -43.67
CA ALA IF 25 84.65 -94.66 -43.00
C ALA IF 25 84.56 -94.53 -41.50
N ASN IF 26 85.04 -93.42 -40.94
CA ASN IF 26 84.82 -93.13 -39.53
C ASN IF 26 83.54 -92.34 -39.28
N ASP IF 27 82.96 -91.76 -40.33
CA ASP IF 27 81.73 -90.98 -40.23
C ASP IF 27 81.83 -89.88 -39.19
N LYS IF 28 83.02 -89.32 -39.02
CA LYS IF 28 83.24 -88.30 -38.02
C LYS IF 28 83.99 -87.08 -38.54
N ASP IF 29 84.66 -87.17 -39.67
CA ASP IF 29 85.47 -86.09 -40.21
C ASP IF 29 84.80 -85.49 -41.44
N THR IF 30 84.67 -84.17 -41.46
CA THR IF 30 84.12 -83.46 -42.61
C THR IF 30 85.10 -82.38 -43.03
N LEU IF 31 85.45 -82.38 -44.32
CA LEU IF 31 86.33 -81.37 -44.90
C LEU IF 31 85.52 -80.51 -45.86
N ALA IF 32 85.48 -79.22 -45.61
CA ALA IF 32 84.66 -78.28 -46.38
C ALA IF 32 85.55 -77.25 -47.04
N TYR IF 33 85.32 -77.01 -48.33
CA TYR IF 33 85.94 -75.94 -49.09
C TYR IF 33 84.91 -74.85 -49.26
N LYS IF 34 85.16 -73.67 -48.67
CA LYS IF 34 84.24 -72.55 -48.74
C LYS IF 34 84.85 -71.42 -49.55
N ARG IF 35 84.00 -70.78 -50.36
CA ARG IF 35 84.40 -69.76 -51.32
C ARG IF 35 83.59 -68.50 -51.06
N LEU IF 36 84.19 -67.35 -51.30
CA LEU IF 36 83.48 -66.07 -51.16
C LEU IF 36 84.20 -65.03 -51.99
N ALA IF 37 83.60 -64.61 -53.10
CA ALA IF 37 84.25 -63.72 -54.03
C ALA IF 37 84.41 -62.32 -53.42
N PRO IF 38 85.44 -61.58 -53.85
CA PRO IF 38 85.60 -60.21 -53.35
C PRO IF 38 84.50 -59.29 -53.86
N LYS IF 39 84.09 -58.36 -53.01
CA LYS IF 39 83.04 -57.41 -53.35
C LYS IF 39 83.61 -56.01 -53.47
N ARG IF 40 83.42 -55.39 -54.63
CA ARG IF 40 83.91 -54.05 -54.92
C ARG IF 40 82.91 -53.04 -54.35
N THR IF 41 82.82 -53.02 -53.02
CA THR IF 41 81.91 -52.11 -52.34
C THR IF 41 82.40 -50.66 -52.38
N LYS IF 42 83.62 -50.45 -52.87
CA LYS IF 42 84.23 -49.13 -52.93
C LYS IF 42 85.25 -49.15 -54.05
N ASP IF 43 86.14 -48.16 -54.04
CA ASP IF 43 87.25 -48.11 -54.98
C ASP IF 43 88.06 -49.41 -54.91
N SER IF 44 88.24 -49.93 -53.70
CA SER IF 44 88.97 -51.16 -53.51
C SER IF 44 88.26 -52.32 -54.22
N PRO IF 45 89.00 -53.22 -54.87
CA PRO IF 45 88.35 -54.32 -55.59
C PRO IF 45 87.74 -55.37 -54.70
N GLY IF 46 87.88 -55.26 -53.38
CA GLY IF 46 87.30 -56.21 -52.46
C GLY IF 46 88.29 -57.26 -52.00
N MET IF 47 87.84 -58.06 -51.03
CA MET IF 47 88.70 -59.03 -50.38
C MET IF 47 88.18 -60.43 -50.70
N ALA IF 48 89.03 -61.24 -51.31
CA ALA IF 48 88.64 -62.58 -51.74
C ALA IF 48 88.77 -63.54 -50.57
N LYS IF 49 87.63 -64.06 -50.11
CA LYS IF 49 87.58 -64.92 -48.94
C LYS IF 49 87.65 -66.39 -49.37
N SER IF 50 88.46 -67.15 -48.65
CA SER IF 50 88.51 -68.60 -48.82
C SER IF 50 88.46 -69.26 -47.46
N GLU IF 51 88.06 -70.52 -47.44
CA GLU IF 51 88.00 -71.25 -46.18
C GLU IF 51 88.21 -72.74 -46.44
N LEU IF 52 89.05 -73.35 -45.63
CA LEU IF 52 89.30 -74.79 -45.66
C LEU IF 52 89.28 -75.27 -44.22
N LYS IF 53 88.26 -76.05 -43.85
CA LYS IF 53 88.11 -76.46 -42.47
C LYS IF 53 87.79 -77.95 -42.38
N ILE IF 54 88.29 -78.57 -41.32
CA ILE IF 54 88.02 -79.95 -40.99
C ILE IF 54 87.27 -79.98 -39.66
N THR IF 55 86.15 -80.68 -39.63
CA THR IF 55 85.32 -80.76 -38.44
C THR IF 55 85.18 -82.21 -38.01
N ARG IF 56 85.46 -82.48 -36.74
CA ARG IF 56 85.32 -83.81 -36.19
C ARG IF 56 84.17 -83.80 -35.19
N VAL IF 57 83.19 -84.66 -35.43
CA VAL IF 57 82.03 -84.80 -34.56
C VAL IF 57 81.94 -86.26 -34.16
N ASP IF 58 81.73 -86.49 -32.87
CA ASP IF 58 81.71 -87.87 -32.39
C ASP IF 58 80.48 -88.59 -32.92
N PRO IF 59 80.63 -89.65 -33.70
CA PRO IF 59 79.47 -90.22 -34.40
C PRO IF 59 78.68 -91.24 -33.61
N THR IF 60 78.39 -90.99 -32.33
CA THR IF 60 77.40 -91.80 -31.62
C THR IF 60 76.40 -90.89 -30.92
N THR IF 61 76.86 -89.75 -30.40
CA THR IF 61 75.98 -88.76 -29.80
C THR IF 61 76.04 -87.41 -30.49
N GLY IF 62 77.01 -87.20 -31.39
CA GLY IF 62 77.07 -85.97 -32.15
C GLY IF 62 77.69 -84.80 -31.43
N VAL IF 63 78.71 -85.02 -30.61
CA VAL IF 63 79.39 -83.94 -29.91
C VAL IF 63 80.60 -83.51 -30.73
N LEU IF 64 80.71 -82.21 -30.96
CA LEU IF 64 81.82 -81.65 -31.73
C LEU IF 64 83.13 -81.85 -30.96
N ILE IF 65 84.03 -82.64 -31.53
CA ILE IF 65 85.33 -82.84 -30.90
C ILE IF 65 86.24 -81.64 -31.13
N GLY IF 66 86.41 -81.23 -32.38
CA GLY IF 66 87.31 -80.12 -32.67
C GLY IF 66 87.15 -79.66 -34.09
N ILE IF 67 87.63 -78.44 -34.34
CA ILE IF 67 87.65 -77.84 -35.66
C ILE IF 67 89.01 -77.18 -35.87
N VAL IF 68 89.63 -77.44 -37.01
CA VAL IF 68 90.76 -76.66 -37.50
C VAL IF 68 90.34 -76.03 -38.81
N ASN IF 69 90.40 -74.70 -38.87
CA ASN IF 69 89.97 -73.94 -40.03
C ASN IF 69 91.12 -73.11 -40.56
N VAL IF 70 91.27 -73.10 -41.87
CA VAL IF 70 92.23 -72.23 -42.55
C VAL IF 70 91.43 -71.26 -43.40
N SER IF 71 91.45 -69.99 -43.03
CA SER IF 71 90.72 -68.96 -43.75
C SER IF 71 91.70 -67.96 -44.34
N SER IF 72 91.42 -67.55 -45.57
CA SER IF 72 92.23 -66.55 -46.25
C SER IF 72 91.36 -65.36 -46.62
N SER IF 73 91.90 -64.17 -46.40
CA SER IF 73 91.24 -62.92 -46.79
C SER IF 73 92.32 -62.12 -47.50
N ILE IF 74 92.34 -62.22 -48.82
CA ILE IF 74 93.36 -61.60 -49.64
C ILE IF 74 92.70 -60.57 -50.55
N ARG IF 75 93.35 -59.43 -50.72
CA ARG IF 75 92.86 -58.39 -51.62
C ARG IF 75 92.64 -58.96 -53.01
N ALA IF 76 91.56 -58.52 -53.65
CA ALA IF 76 91.28 -58.96 -55.01
C ALA IF 76 92.38 -58.54 -55.98
N ASP IF 77 93.10 -57.46 -55.66
CA ASP IF 77 94.19 -56.98 -56.50
C ASP IF 77 95.55 -57.54 -56.10
N ALA IF 78 95.63 -58.33 -55.04
CA ALA IF 78 96.92 -58.78 -54.54
C ALA IF 78 97.60 -59.70 -55.54
N THR IF 79 98.92 -59.55 -55.65
CA THR IF 79 99.68 -60.28 -56.65
C THR IF 79 99.84 -61.74 -56.24
N ALA IF 80 100.10 -62.58 -57.25
CA ALA IF 80 100.32 -64.00 -56.99
C ALA IF 80 101.55 -64.22 -56.13
N ALA IF 81 102.53 -63.31 -56.19
CA ALA IF 81 103.68 -63.39 -55.30
C ALA IF 81 103.25 -63.20 -53.85
N ASP IF 82 102.36 -62.25 -53.59
CA ASP IF 82 101.82 -62.08 -52.25
C ASP IF 82 101.08 -63.34 -51.82
N LYS IF 83 100.28 -63.91 -52.71
CA LYS IF 83 99.47 -65.07 -52.36
C LYS IF 83 100.33 -66.31 -52.16
N THR IF 84 101.39 -66.45 -52.95
CA THR IF 84 102.31 -67.56 -52.74
C THR IF 84 103.08 -67.39 -51.44
N ALA IF 85 103.51 -66.16 -51.14
CA ALA IF 85 104.24 -65.90 -49.91
C ALA IF 85 103.38 -66.14 -48.69
N LEU IF 86 102.11 -65.71 -48.74
CA LEU IF 86 101.22 -65.90 -47.60
C LEU IF 86 101.00 -67.38 -47.32
N MET IF 87 100.84 -68.17 -48.37
CA MET IF 87 100.66 -69.61 -48.16
C MET IF 87 101.94 -70.28 -47.72
N ALA IF 88 103.09 -69.84 -48.27
CA ALA IF 88 104.37 -70.45 -47.92
C ALA IF 88 104.76 -70.16 -46.48
N ILE IF 89 104.52 -68.94 -46.01
CA ILE IF 89 104.85 -68.60 -44.62
C ILE IF 89 103.96 -69.39 -43.66
N ILE IF 90 102.65 -69.40 -43.91
CA ILE IF 90 101.75 -70.06 -42.97
C ILE IF 90 101.95 -71.58 -43.00
N THR IF 91 102.28 -72.14 -44.16
CA THR IF 91 102.55 -73.58 -44.23
C THR IF 91 103.82 -73.92 -43.46
N ALA IF 92 104.86 -73.08 -43.59
CA ALA IF 92 106.09 -73.30 -42.84
C ALA IF 92 105.86 -73.16 -41.34
N ALA IF 93 105.06 -72.18 -40.94
CA ALA IF 93 104.78 -72.00 -39.52
C ALA IF 93 104.02 -73.19 -38.95
N GLN IF 94 103.05 -73.72 -39.69
CA GLN IF 94 102.35 -74.92 -39.25
C GLN IF 94 103.31 -76.11 -39.15
N ALA IF 95 104.24 -76.23 -40.11
CA ALA IF 95 105.25 -77.26 -40.04
C ALA IF 95 106.20 -77.06 -38.88
N ASP IF 96 106.37 -75.82 -38.42
CA ASP IF 96 107.16 -75.56 -37.23
C ASP IF 96 106.47 -76.15 -36.00
N GLY IF 97 107.27 -76.48 -35.00
CA GLY IF 97 106.74 -77.13 -33.81
C GLY IF 97 105.99 -76.21 -32.89
N ALA IF 98 106.14 -74.89 -33.06
CA ALA IF 98 105.42 -73.95 -32.21
C ALA IF 98 103.91 -74.08 -32.41
N TRP IF 99 103.48 -74.37 -33.63
CA TRP IF 99 102.05 -74.59 -33.86
C TRP IF 99 101.58 -75.88 -33.20
N THR IF 100 102.37 -76.94 -33.28
CA THR IF 100 102.00 -78.20 -32.65
C THR IF 100 101.95 -78.08 -31.13
N GLU IF 101 102.58 -77.04 -30.58
CA GLU IF 101 102.48 -76.75 -29.15
C GLU IF 101 101.34 -75.81 -28.82
N LEU IF 102 101.06 -74.85 -29.71
CA LEU IF 102 99.90 -73.97 -29.52
C LEU IF 102 98.61 -74.78 -29.51
N VAL IF 103 98.49 -75.69 -30.45
CA VAL IF 103 97.49 -76.74 -30.37
C VAL IF 103 98.03 -77.83 -29.46
N THR IF 104 97.13 -78.50 -28.75
CA THR IF 104 97.42 -79.63 -27.86
C THR IF 104 98.09 -79.22 -26.56
N ASP IF 105 98.57 -77.99 -26.45
CA ASP IF 105 99.10 -77.52 -25.17
C ASP IF 105 98.76 -76.09 -24.83
N GLN IF 106 98.29 -75.28 -25.77
CA GLN IF 106 98.12 -73.84 -25.58
C GLN IF 106 99.41 -73.20 -25.10
N ARG IF 107 100.52 -73.59 -25.73
CA ARG IF 107 101.85 -73.11 -25.39
C ARG IF 107 102.27 -72.07 -26.41
N LEU IF 108 102.62 -70.89 -25.93
CA LEU IF 108 103.04 -69.81 -26.79
C LEU IF 108 104.54 -69.87 -27.05
N PRO IF 109 105.01 -69.31 -28.15
CA PRO IF 109 106.45 -69.25 -28.39
C PRO IF 109 107.14 -68.19 -27.55
N LEU IF 110 107.08 -68.34 -26.23
CA LEU IF 110 107.81 -67.45 -25.34
C LEU IF 110 108.52 -68.18 -24.20
N ALA IF 111 108.30 -69.49 -24.04
CA ALA IF 111 108.99 -70.25 -23.01
C ALA IF 111 110.48 -70.30 -23.32
N THR IF 112 111.30 -70.25 -22.26
CA THR IF 112 112.74 -70.20 -22.40
C THR IF 112 113.38 -71.58 -22.55
N VAL IF 113 112.60 -72.65 -22.45
CA VAL IF 113 113.10 -74.03 -22.56
C VAL IF 113 114.14 -74.34 -21.48
N SER JF 1 -17.48 101.92 -84.15
CA SER JF 1 -18.83 102.26 -84.55
C SER JF 1 -19.03 102.03 -86.04
N LYS JF 2 -18.30 102.78 -86.85
CA LYS JF 2 -18.37 102.68 -88.31
C LYS JF 2 -16.95 102.74 -88.86
N VAL JF 3 -16.84 103.02 -90.16
CA VAL JF 3 -15.58 102.89 -90.90
C VAL JF 3 -14.41 103.53 -90.18
N PHE JF 4 -13.38 102.72 -89.90
CA PHE JF 4 -12.14 103.15 -89.29
C PHE JF 4 -11.00 102.57 -90.10
N ASN JF 5 -10.03 103.43 -90.44
CA ASN JF 5 -8.85 103.00 -91.21
C ASN JF 5 -9.30 102.29 -92.48
N THR JF 6 -10.22 102.93 -93.21
CA THR JF 6 -10.77 102.46 -94.48
C THR JF 6 -11.46 101.11 -94.38
N GLN JF 7 -11.83 100.66 -93.18
CA GLN JF 7 -12.54 99.39 -93.02
C GLN JF 7 -13.87 99.62 -92.31
N THR JF 8 -14.91 98.96 -92.83
CA THR JF 8 -16.26 99.13 -92.32
C THR JF 8 -16.52 98.10 -91.22
N PHE JF 9 -16.67 98.59 -89.99
CA PHE JF 9 -16.92 97.72 -88.85
C PHE JF 9 -18.42 97.73 -88.58
N ASP JF 10 -19.04 96.56 -88.67
CA ASP JF 10 -20.46 96.40 -88.49
C ASP JF 10 -20.73 95.61 -87.22
N ILE JF 11 -21.91 95.82 -86.65
CA ILE JF 11 -22.28 95.20 -85.39
C ILE JF 11 -22.33 93.70 -85.58
N TYR JF 12 -21.59 92.96 -84.78
CA TYR JF 12 -21.69 91.51 -84.76
C TYR JF 12 -22.46 90.99 -83.56
N SER JF 13 -22.25 91.56 -82.38
CA SER JF 13 -22.80 91.00 -81.18
C SER JF 13 -23.03 92.11 -80.17
N THR JF 14 -24.09 91.96 -79.38
CA THR JF 14 -24.44 92.94 -78.37
C THR JF 14 -24.79 92.21 -77.09
N GLU JF 15 -24.05 92.51 -76.03
CA GLU JF 15 -24.30 91.97 -74.72
C GLU JF 15 -24.88 93.06 -73.83
N LYS JF 16 -25.04 92.73 -72.55
CA LYS JF 16 -25.45 93.74 -71.59
C LYS JF 16 -24.42 94.85 -71.49
N ASP JF 17 -23.13 94.49 -71.56
CA ASP JF 17 -22.07 95.46 -71.33
C ASP JF 17 -20.96 95.40 -72.37
N VAL JF 18 -21.11 94.60 -73.42
CA VAL JF 18 -20.13 94.53 -74.50
C VAL JF 18 -20.83 94.70 -75.83
N VAL JF 19 -20.18 95.44 -76.72
CA VAL JF 19 -20.58 95.51 -78.13
C VAL JF 19 -19.37 95.09 -78.96
N SER JF 20 -19.56 94.15 -79.86
CA SER JF 20 -18.49 93.67 -80.73
C SER JF 20 -18.82 94.00 -82.18
N LEU JF 21 -17.82 94.50 -82.91
CA LEU JF 21 -17.95 94.81 -84.33
C LEU JF 21 -16.89 94.07 -85.11
N ARG JF 22 -17.25 93.64 -86.32
CA ARG JF 22 -16.33 92.98 -87.23
C ARG JF 22 -16.31 93.70 -88.56
N ASP JF 23 -15.21 93.51 -89.30
CA ASP JF 23 -15.11 94.10 -90.63
C ASP JF 23 -16.07 93.41 -91.61
N PHE JF 24 -16.10 92.08 -91.58
CA PHE JF 24 -16.93 91.26 -92.47
C PHE JF 24 -16.41 91.35 -93.90
N ALA JF 25 -15.39 92.17 -94.13
CA ALA JF 25 -14.72 92.27 -95.42
C ALA JF 25 -13.42 91.49 -95.44
N ASN JF 26 -12.50 91.78 -94.52
CA ASN JF 26 -11.31 90.96 -94.36
C ASN JF 26 -11.50 89.84 -93.34
N ASP JF 27 -12.58 89.89 -92.56
CA ASP JF 27 -12.93 88.84 -91.61
C ASP JF 27 -11.78 88.53 -90.65
N LYS JF 28 -11.00 89.54 -90.31
CA LYS JF 28 -9.87 89.35 -89.42
C LYS JF 28 -9.84 90.31 -88.24
N ASP JF 29 -10.64 91.38 -88.26
CA ASP JF 29 -10.61 92.40 -87.22
C ASP JF 29 -11.93 92.40 -86.46
N THR JF 30 -11.82 92.41 -85.13
CA THR JF 30 -12.97 92.58 -84.26
C THR JF 30 -12.72 93.73 -83.31
N LEU JF 31 -13.65 94.67 -83.28
CA LEU JF 31 -13.57 95.85 -82.40
C LEU JF 31 -14.62 95.70 -81.31
N ALA JF 32 -14.17 95.78 -80.06
CA ALA JF 32 -15.03 95.57 -78.90
C ALA JF 32 -15.08 96.81 -78.04
N TYR JF 33 -16.29 97.21 -77.64
CA TYR JF 33 -16.51 98.29 -76.70
C TYR JF 33 -17.07 97.65 -75.43
N LYS JF 34 -16.41 97.88 -74.30
CA LYS JF 34 -16.72 97.19 -73.07
C LYS JF 34 -17.01 98.21 -71.97
N ARG JF 35 -17.89 97.83 -71.05
CA ARG JF 35 -18.48 98.78 -70.12
C ARG JF 35 -18.61 98.16 -68.74
N LEU JF 36 -17.98 98.77 -67.73
CA LEU JF 36 -18.20 98.39 -66.34
C LEU JF 36 -18.50 99.65 -65.54
N ALA JF 37 -19.74 99.80 -65.09
CA ALA JF 37 -20.14 100.95 -64.31
C ALA JF 37 -19.44 100.95 -62.94
N PRO JF 38 -19.21 102.13 -62.35
CA PRO JF 38 -18.55 102.17 -61.04
C PRO JF 38 -19.41 101.56 -59.96
N LYS JF 39 -18.74 100.91 -59.00
CA LYS JF 39 -19.43 100.27 -57.89
C LYS JF 39 -18.99 100.89 -56.57
N ARG JF 40 -19.96 101.36 -55.79
CA ARG JF 40 -19.68 102.05 -54.53
C ARG JF 40 -19.39 101.00 -53.47
N THR JF 41 -18.13 100.59 -53.41
CA THR JF 41 -17.70 99.60 -52.42
C THR JF 41 -17.34 100.22 -51.08
N LYS JF 42 -17.20 101.53 -51.03
CA LYS JF 42 -16.75 102.22 -49.82
C LYS JF 42 -17.21 103.66 -49.92
N ASP JF 43 -16.60 104.53 -49.11
CA ASP JF 43 -16.83 105.96 -49.21
C ASP JF 43 -16.50 106.46 -50.62
N SER JF 44 -15.60 105.76 -51.31
CA SER JF 44 -15.34 106.05 -52.71
C SER JF 44 -16.54 105.60 -53.55
N PRO JF 45 -16.92 106.36 -54.57
CA PRO JF 45 -18.05 105.94 -55.42
C PRO JF 45 -17.69 104.86 -56.43
N GLY JF 46 -16.46 104.36 -56.43
CA GLY JF 46 -16.03 103.39 -57.40
C GLY JF 46 -15.41 104.00 -58.64
N MET JF 47 -14.82 103.14 -59.46
CA MET JF 47 -14.17 103.56 -60.70
C MET JF 47 -14.96 102.99 -61.88
N ALA JF 48 -15.27 103.86 -62.84
CA ALA JF 48 -15.98 103.45 -64.04
C ALA JF 48 -14.97 102.90 -65.05
N LYS JF 49 -15.15 101.64 -65.44
CA LYS JF 49 -14.23 100.99 -66.34
C LYS JF 49 -14.71 101.13 -67.78
N SER JF 50 -13.76 101.24 -68.70
CA SER JF 50 -14.03 101.15 -70.11
C SER JF 50 -12.92 100.34 -70.76
N GLU JF 51 -13.21 99.81 -71.95
CA GLU JF 51 -12.22 99.05 -72.68
C GLU JF 51 -12.56 99.10 -74.16
N LEU JF 52 -11.61 99.52 -74.98
CA LEU JF 52 -11.78 99.57 -76.43
C LEU JF 52 -10.63 98.80 -77.04
N LYS JF 53 -10.90 97.59 -77.53
CA LYS JF 53 -9.83 96.74 -78.02
C LYS JF 53 -10.08 96.33 -79.47
N ILE JF 54 -9.00 96.31 -80.24
CA ILE JF 54 -9.00 95.82 -81.61
C ILE JF 54 -8.16 94.56 -81.65
N THR JF 55 -8.75 93.48 -82.15
CA THR JF 55 -8.09 92.18 -82.26
C THR JF 55 -8.01 91.76 -83.71
N ARG JF 56 -6.84 91.31 -84.13
CA ARG JF 56 -6.62 90.82 -85.48
C ARG JF 56 -6.24 89.36 -85.44
N VAL JF 57 -7.05 88.53 -86.09
CA VAL JF 57 -6.81 87.11 -86.20
C VAL JF 57 -6.85 86.73 -87.67
N ASP JF 58 -5.79 86.12 -88.18
CA ASP JF 58 -5.83 85.77 -89.59
C ASP JF 58 -6.86 84.68 -89.83
N PRO JF 59 -7.72 84.80 -90.83
CA PRO JF 59 -8.82 83.84 -90.98
C PRO JF 59 -8.46 82.63 -91.81
N THR JF 60 -7.30 82.02 -91.56
CA THR JF 60 -6.96 80.79 -92.26
C THR JF 60 -6.68 79.68 -91.25
N THR JF 61 -5.96 80.02 -90.19
CA THR JF 61 -5.73 79.11 -89.08
C THR JF 61 -6.25 79.65 -87.77
N GLY JF 62 -6.73 80.90 -87.74
CA GLY JF 62 -7.26 81.47 -86.52
C GLY JF 62 -6.23 81.89 -85.50
N VAL JF 63 -5.00 82.15 -85.93
CA VAL JF 63 -3.94 82.56 -85.02
C VAL JF 63 -4.11 84.04 -84.69
N LEU JF 64 -3.91 84.39 -83.43
CA LEU JF 64 -4.00 85.78 -83.01
C LEU JF 64 -2.77 86.53 -83.48
N ILE JF 65 -2.97 87.58 -84.26
CA ILE JF 65 -1.84 88.36 -84.75
C ILE JF 65 -1.46 89.43 -83.73
N GLY JF 66 -2.43 90.20 -83.25
CA GLY JF 66 -2.12 91.23 -82.29
C GLY JF 66 -3.38 91.86 -81.74
N ILE JF 67 -3.24 92.40 -80.53
CA ILE JF 67 -4.32 93.10 -79.85
C ILE JF 67 -3.79 94.46 -79.39
N VAL JF 68 -4.55 95.52 -79.67
CA VAL JF 68 -4.31 96.83 -79.09
C VAL JF 68 -5.53 97.19 -78.28
N ASN JF 69 -5.33 97.47 -76.99
CA ASN JF 69 -6.43 97.72 -76.06
C ASN JF 69 -6.28 99.10 -75.44
N VAL JF 70 -7.37 99.85 -75.42
CA VAL JF 70 -7.43 101.15 -74.77
C VAL JF 70 -8.45 101.04 -73.64
N SER JF 71 -7.96 100.96 -72.41
CA SER JF 71 -8.81 100.82 -71.24
C SER JF 71 -8.66 102.03 -70.33
N SER JF 72 -9.78 102.50 -69.79
CA SER JF 72 -9.79 103.60 -68.86
C SER JF 72 -10.39 103.16 -67.54
N SER JF 73 -9.94 103.77 -66.45
CA SER JF 73 -10.42 103.50 -65.11
C SER JF 73 -10.46 104.85 -64.39
N ILE JF 74 -11.65 105.42 -64.26
CA ILE JF 74 -11.81 106.78 -63.78
C ILE JF 74 -12.84 106.82 -62.65
N ARG JF 75 -12.54 107.61 -61.63
CA ARG JF 75 -13.44 107.75 -60.48
C ARG JF 75 -14.82 108.19 -60.92
N ALA JF 76 -15.84 107.63 -60.26
CA ALA JF 76 -17.21 108.01 -60.56
C ALA JF 76 -17.44 109.49 -60.30
N ASP JF 77 -16.81 110.05 -59.27
CA ASP JF 77 -16.94 111.46 -58.94
C ASP JF 77 -16.03 112.36 -59.75
N ALA JF 78 -15.18 111.80 -60.59
CA ALA JF 78 -14.18 112.59 -61.30
C ALA JF 78 -14.84 113.55 -62.28
N THR JF 79 -14.22 114.71 -62.45
CA THR JF 79 -14.78 115.74 -63.29
C THR JF 79 -14.64 115.40 -64.77
N ALA JF 80 -15.47 116.03 -65.60
CA ALA JF 80 -15.30 115.92 -67.04
C ALA JF 80 -13.97 116.53 -67.47
N ALA JF 81 -13.49 117.56 -66.75
CA ALA JF 81 -12.18 118.13 -67.03
C ALA JF 81 -11.07 117.12 -66.78
N ASP JF 82 -11.19 116.33 -65.71
CA ASP JF 82 -10.23 115.25 -65.49
C ASP JF 82 -10.30 114.24 -66.62
N LYS JF 83 -11.52 113.92 -67.08
CA LYS JF 83 -11.70 112.95 -68.13
C LYS JF 83 -11.25 113.50 -69.48
N THR JF 84 -11.50 114.78 -69.74
CA THR JF 84 -11.04 115.37 -70.98
C THR JF 84 -9.52 115.45 -71.03
N ALA JF 85 -8.90 115.80 -69.90
CA ALA JF 85 -7.44 115.87 -69.86
C ALA JF 85 -6.80 114.51 -70.05
N LEU JF 86 -7.36 113.47 -69.41
CA LEU JF 86 -6.80 112.14 -69.55
C LEU JF 86 -6.87 111.66 -71.00
N MET JF 87 -7.99 111.92 -71.67
CA MET JF 87 -8.12 111.50 -73.07
C MET JF 87 -7.18 112.29 -73.96
N ALA JF 88 -7.06 113.61 -73.73
CA ALA JF 88 -6.21 114.44 -74.57
C ALA JF 88 -4.73 114.08 -74.41
N ILE JF 89 -4.31 113.76 -73.19
CA ILE JF 89 -2.90 113.44 -72.96
C ILE JF 89 -2.54 112.12 -73.62
N ILE JF 90 -3.37 111.09 -73.42
CA ILE JF 90 -3.07 109.78 -73.99
C ILE JF 90 -3.16 109.82 -75.51
N THR JF 91 -4.03 110.67 -76.06
CA THR JF 91 -4.14 110.79 -77.51
C THR JF 91 -2.91 111.48 -78.11
N ALA JF 92 -2.42 112.52 -77.44
CA ALA JF 92 -1.21 113.19 -77.92
C ALA JF 92 -0.01 112.27 -77.86
N ALA JF 93 0.09 111.46 -76.80
CA ALA JF 93 1.20 110.53 -76.68
C ALA JF 93 1.14 109.44 -77.73
N GLN JF 94 -0.08 109.00 -78.09
CA GLN JF 94 -0.21 108.03 -79.17
C GLN JF 94 0.17 108.63 -80.51
N ALA JF 95 -0.19 109.89 -80.74
CA ALA JF 95 0.19 110.56 -81.97
C ALA JF 95 1.70 110.79 -82.06
N ASP JF 96 2.37 110.87 -80.91
CA ASP JF 96 3.82 111.01 -80.90
C ASP JF 96 4.47 109.73 -81.44
N GLY JF 97 5.67 109.91 -82.01
CA GLY JF 97 6.39 108.79 -82.58
C GLY JF 97 7.00 107.87 -81.54
N ALA JF 98 7.08 108.31 -80.29
CA ALA JF 98 7.60 107.46 -79.24
C ALA JF 98 6.71 106.23 -79.05
N TRP JF 99 5.38 106.42 -79.10
CA TRP JF 99 4.48 105.29 -79.01
C TRP JF 99 4.60 104.39 -80.23
N THR JF 100 4.74 104.98 -81.41
CA THR JF 100 4.88 104.20 -82.64
C THR JF 100 6.15 103.36 -82.62
N GLU JF 101 7.13 103.75 -81.81
CA GLU JF 101 8.35 102.97 -81.63
C GLU JF 101 8.26 102.01 -80.46
N LEU JF 102 7.52 102.38 -79.41
CA LEU JF 102 7.25 101.44 -78.33
C LEU JF 102 6.55 100.20 -78.87
N VAL JF 103 5.58 100.40 -79.74
CA VAL JF 103 5.03 99.30 -80.52
C VAL JF 103 5.90 99.13 -81.76
N THR JF 104 5.97 97.90 -82.26
CA THR JF 104 6.75 97.49 -83.43
C THR JF 104 8.25 97.41 -83.23
N ASP JF 105 8.78 98.02 -82.18
CA ASP JF 105 10.22 98.03 -81.95
C ASP JF 105 10.62 97.73 -80.51
N GLN JF 106 9.69 97.78 -79.55
CA GLN JF 106 9.99 97.65 -78.13
C GLN JF 106 11.07 98.64 -77.72
N ARG JF 107 10.88 99.88 -78.15
CA ARG JF 107 11.84 100.96 -77.95
C ARG JF 107 11.28 101.96 -76.95
N LEU JF 108 12.04 102.22 -75.89
CA LEU JF 108 11.65 103.22 -74.90
C LEU JF 108 12.06 104.62 -75.36
N PRO JF 109 11.37 105.66 -74.89
CA PRO JF 109 11.69 107.01 -75.36
C PRO JF 109 12.88 107.63 -74.65
N LEU JF 110 13.98 106.90 -74.58
CA LEU JF 110 15.17 107.37 -73.89
C LEU JF 110 16.41 107.45 -74.75
N ALA JF 111 16.34 107.08 -76.02
CA ALA JF 111 17.47 107.23 -76.91
C ALA JF 111 17.87 108.69 -77.03
N THR JF 112 19.16 108.94 -77.23
CA THR JF 112 19.67 110.29 -77.43
C THR JF 112 19.58 110.75 -78.88
N VAL JF 113 19.12 109.89 -79.78
CA VAL JF 113 18.94 110.21 -81.20
C VAL JF 113 20.25 110.53 -81.90
N SER KF 1 6.87 111.31 -74.55
CA SER KF 1 8.23 111.83 -74.42
C SER KF 1 8.25 113.27 -73.89
N LYS KF 2 7.67 114.19 -74.66
CA LYS KF 2 7.73 115.60 -74.35
C LYS KF 2 6.31 116.16 -74.34
N VAL KF 3 6.20 117.48 -74.47
CA VAL KF 3 4.95 118.22 -74.26
C VAL KF 3 3.77 117.57 -74.94
N PHE KF 4 2.77 117.18 -74.14
CA PHE KF 4 1.52 116.61 -74.62
C PHE KF 4 0.38 117.37 -73.96
N ASN KF 5 -0.64 117.70 -74.75
CA ASN KF 5 -1.81 118.45 -74.26
C ASN KF 5 -1.37 119.75 -73.59
N THR KF 6 -0.39 120.42 -74.20
CA THR KF 6 0.24 121.66 -73.75
C THR KF 6 0.98 121.50 -72.43
N GLN KF 7 1.07 120.29 -71.88
CA GLN KF 7 1.76 120.05 -70.62
C GLN KF 7 3.11 119.41 -70.88
N THR KF 8 4.15 119.93 -70.24
CA THR KF 8 5.51 119.42 -70.39
C THR KF 8 5.70 118.24 -69.45
N PHE KF 9 6.05 117.08 -70.00
CA PHE KF 9 6.28 115.87 -69.22
C PHE KF 9 7.78 115.61 -69.20
N ASP KF 10 8.40 115.81 -68.04
CA ASP KF 10 9.82 115.58 -67.86
C ASP KF 10 10.03 114.27 -67.13
N ILE KF 11 11.19 113.65 -67.35
CA ILE KF 11 11.40 112.28 -66.90
C ILE KF 11 11.34 112.22 -65.38
N TYR KF 12 10.50 111.34 -64.86
CA TYR KF 12 10.34 111.16 -63.42
C TYR KF 12 11.14 109.99 -62.88
N SER KF 13 11.22 108.89 -63.62
CA SER KF 13 12.00 107.73 -63.21
C SER KF 13 12.28 106.89 -64.45
N THR KF 14 13.30 106.06 -64.36
CA THR KF 14 13.64 105.15 -65.44
C THR KF 14 13.85 103.77 -64.88
N GLU KF 15 13.46 102.76 -65.64
CA GLU KF 15 13.62 101.37 -65.27
C GLU KF 15 14.16 100.60 -66.47
N LYS KF 16 14.42 99.31 -66.26
CA LYS KF 16 14.83 98.45 -67.37
C LYS KF 16 13.79 98.44 -68.47
N ASP KF 17 12.50 98.51 -68.10
CA ASP KF 17 11.43 98.41 -69.08
C ASP KF 17 10.36 99.49 -68.93
N VAL KF 18 10.49 100.40 -67.98
CA VAL KF 18 9.52 101.45 -67.78
C VAL KF 18 10.23 102.80 -67.77
N VAL KF 19 9.66 103.77 -68.47
CA VAL KF 19 10.08 105.16 -68.41
C VAL KF 19 8.87 105.98 -68.00
N SER KF 20 9.01 106.75 -66.93
CA SER KF 20 7.93 107.55 -66.39
C SER KF 20 8.25 109.01 -66.60
N LEU KF 21 7.24 109.79 -66.97
CA LEU KF 21 7.38 111.23 -67.11
C LEU KF 21 6.36 111.91 -66.20
N ARG KF 22 6.73 113.07 -65.70
CA ARG KF 22 5.84 113.84 -64.84
C ARG KF 22 5.71 115.24 -65.41
N ASP KF 23 4.55 115.85 -65.17
CA ASP KF 23 4.37 117.25 -65.53
C ASP KF 23 5.25 118.15 -64.67
N PHE KF 24 5.24 117.94 -63.36
CA PHE KF 24 6.01 118.71 -62.38
C PHE KF 24 5.47 120.12 -62.25
N ALA KF 25 4.51 120.49 -63.09
CA ALA KF 25 3.82 121.77 -62.98
C ALA KF 25 2.54 121.66 -62.18
N ASN KF 26 1.60 120.83 -62.63
CA ASN KF 26 0.44 120.49 -61.83
C ASN KF 26 0.70 119.33 -60.89
N ASP KF 27 1.86 118.67 -61.02
CA ASP KF 27 2.33 117.65 -60.09
C ASP KF 27 1.33 116.50 -59.96
N LYS KF 28 0.54 116.25 -60.99
CA LYS KF 28 -0.56 115.32 -60.87
C LYS KF 28 -0.60 114.24 -61.95
N ASP KF 29 0.12 114.41 -63.05
CA ASP KF 29 0.04 113.51 -64.20
C ASP KF 29 1.35 112.77 -64.38
N THR KF 30 1.26 111.45 -64.55
CA THR KF 30 2.43 110.63 -64.82
C THR KF 30 2.17 109.79 -66.06
N LEU KF 31 3.09 109.89 -67.02
CA LEU KF 31 3.04 109.15 -68.27
C LEU KF 31 4.10 108.06 -68.23
N ALA KF 32 3.67 106.81 -68.39
CA ALA KF 32 4.57 105.67 -68.33
C ALA KF 32 4.64 104.99 -69.69
N TYR KF 33 5.84 104.60 -70.10
CA TYR KF 33 6.08 103.78 -71.28
C TYR KF 33 6.66 102.47 -70.79
N LYS KF 34 5.98 101.37 -71.06
CA LYS KF 34 6.35 100.09 -70.50
C LYS KF 34 6.58 99.09 -71.62
N ARG KF 35 7.51 98.17 -71.40
CA ARG KF 35 8.03 97.30 -72.45
C ARG KF 35 8.12 95.87 -71.95
N LEU KF 36 7.61 94.92 -72.73
CA LEU KF 36 7.82 93.51 -72.46
C LEU KF 36 8.17 92.83 -73.78
N ALA KF 37 9.46 92.57 -73.99
CA ALA KF 37 9.90 91.92 -75.21
C ALA KF 37 9.33 90.49 -75.30
N PRO KF 38 9.12 89.98 -76.51
CA PRO KF 38 8.58 88.62 -76.64
C PRO KF 38 9.55 87.56 -76.14
N LYS KF 39 8.98 86.47 -75.63
CA LYS KF 39 9.74 85.32 -75.17
C LYS KF 39 9.25 84.09 -75.94
N ARG KF 40 10.19 83.30 -76.44
CA ARG KF 40 9.87 82.15 -77.30
C ARG KF 40 9.70 80.91 -76.44
N THR KF 41 8.58 80.87 -75.70
CA THR KF 41 8.30 79.74 -74.84
C THR KF 41 7.96 78.48 -75.62
N LYS KF 42 7.68 78.61 -76.91
CA LYS KF 42 7.37 77.49 -77.77
C LYS KF 42 7.88 77.82 -79.17
N ASP KF 43 7.38 77.07 -80.16
CA ASP KF 43 7.70 77.35 -81.56
C ASP KF 43 7.29 78.78 -81.91
N SER KF 44 6.33 79.32 -81.19
CA SER KF 44 5.94 80.71 -81.40
C SER KF 44 7.11 81.63 -81.05
N PRO KF 45 7.24 82.77 -81.73
CA PRO KF 45 8.24 83.75 -81.32
C PRO KF 45 7.82 84.57 -80.11
N GLY KF 46 6.66 84.28 -79.54
CA GLY KF 46 6.15 85.02 -78.40
C GLY KF 46 5.40 86.26 -78.81
N MET KF 47 4.83 86.93 -77.82
CA MET KF 47 4.11 88.17 -78.01
C MET KF 47 4.95 89.33 -77.48
N ALA KF 48 5.14 90.36 -78.30
CA ALA KF 48 5.77 91.60 -77.86
C ALA KF 48 4.71 92.46 -77.19
N LYS KF 49 4.91 92.76 -75.91
CA LYS KF 49 3.98 93.59 -75.18
C LYS KF 49 4.51 95.02 -75.07
N SER KF 50 3.61 95.98 -75.17
CA SER KF 50 3.90 97.37 -74.85
C SER KF 50 2.78 97.93 -74.00
N GLU KF 51 3.04 99.06 -73.35
CA GLU KF 51 2.04 99.67 -72.49
C GLU KF 51 2.31 101.17 -72.42
N LEU KF 52 1.30 101.97 -72.72
CA LEU KF 52 1.40 103.42 -72.62
C LEU KF 52 0.24 103.90 -71.75
N LYS KF 53 0.55 104.32 -70.53
CA LYS KF 53 -0.48 104.66 -69.56
C LYS KF 53 -0.28 106.07 -69.04
N ILE KF 54 -1.40 106.73 -68.78
CA ILE KF 54 -1.43 108.06 -68.18
C ILE KF 54 -2.21 107.95 -66.87
N THR KF 55 -1.65 108.50 -65.81
CA THR KF 55 -2.27 108.46 -64.49
C THR KF 55 -2.43 109.86 -63.97
N ARG KF 56 -3.60 110.16 -63.42
CA ARG KF 56 -3.84 111.41 -62.74
C ARG KF 56 -4.20 111.13 -61.29
N VAL KF 57 -3.39 111.66 -60.39
CA VAL KF 57 -3.67 111.65 -58.96
C VAL KF 57 -3.63 113.08 -58.47
N ASP KF 58 -4.58 113.43 -57.62
CA ASP KF 58 -4.54 114.78 -57.06
C ASP KF 58 -3.46 114.84 -56.00
N PRO KF 59 -2.48 115.74 -56.12
CA PRO KF 59 -1.30 115.63 -55.25
C PRO KF 59 -1.43 116.35 -53.91
N THR KF 60 -2.58 116.25 -53.26
CA THR KF 60 -2.65 116.68 -51.87
C THR KF 60 -3.14 115.54 -50.99
N THR KF 61 -4.22 114.88 -51.40
CA THR KF 61 -4.71 113.70 -50.71
C THR KF 61 -4.28 112.42 -51.40
N GLY KF 62 -3.71 112.49 -52.60
CA GLY KF 62 -3.17 111.33 -53.25
C GLY KF 62 -4.15 110.24 -53.59
N VAL KF 63 -5.37 110.60 -53.99
CA VAL KF 63 -6.34 109.61 -54.45
C VAL KF 63 -6.29 109.59 -55.96
N LEU KF 64 -6.50 108.40 -56.53
CA LEU KF 64 -6.42 108.21 -57.97
C LEU KF 64 -7.63 108.87 -58.63
N ILE KF 65 -7.39 109.81 -59.53
CA ILE KF 65 -8.50 110.38 -60.29
C ILE KF 65 -8.87 109.46 -61.45
N GLY KF 66 -7.89 108.99 -62.21
CA GLY KF 66 -8.19 108.12 -63.33
C GLY KF 66 -6.94 107.66 -64.04
N ILE KF 67 -7.09 106.56 -64.77
CA ILE KF 67 -6.03 105.98 -65.59
C ILE KF 67 -6.59 105.67 -66.97
N VAL KF 68 -5.82 106.01 -68.00
CA VAL KF 68 -6.09 105.56 -69.36
C VAL KF 68 -4.87 104.79 -69.85
N ASN KF 69 -5.10 103.57 -70.31
CA ASN KF 69 -4.04 102.63 -70.62
C ASN KF 69 -4.15 102.18 -72.07
N VAL KF 70 -3.04 102.26 -72.80
CA VAL KF 70 -2.97 101.76 -74.16
C VAL KF 70 -1.99 100.59 -74.16
N SER KF 71 -2.51 99.38 -74.32
CA SER KF 71 -1.70 98.18 -74.25
C SER KF 71 -1.64 97.50 -75.61
N SER KF 72 -0.50 96.92 -75.91
CA SER KF 72 -0.29 96.17 -77.15
C SER KF 72 0.19 94.77 -76.83
N SER KF 73 -0.37 93.80 -77.53
CA SER KF 73 0.08 92.41 -77.46
C SER KF 73 0.11 91.91 -78.90
N ILE KF 74 1.26 92.07 -79.55
CA ILE KF 74 1.41 91.72 -80.96
C ILE KF 74 2.41 90.59 -81.07
N ARG KF 75 2.11 89.63 -81.94
CA ARG KF 75 3.03 88.55 -82.22
C ARG KF 75 4.37 89.10 -82.68
N ALA KF 76 5.45 88.50 -82.17
CA ALA KF 76 6.79 88.96 -82.54
C ALA KF 76 7.02 88.81 -84.03
N ASP KF 77 6.45 87.78 -84.65
CA ASP KF 77 6.58 87.55 -86.08
C ASP KF 77 5.66 88.45 -86.91
N ALA KF 78 4.72 89.14 -86.27
CA ALA KF 78 3.69 89.86 -87.02
C ALA KF 78 4.29 90.99 -87.83
N THR KF 79 3.85 91.09 -89.08
CA THR KF 79 4.38 92.08 -90.00
C THR KF 79 3.98 93.49 -89.57
N ALA KF 80 4.72 94.47 -90.05
CA ALA KF 80 4.38 95.86 -89.76
C ALA KF 80 3.03 96.23 -90.35
N ALA KF 81 2.60 95.54 -91.40
CA ALA KF 81 1.29 95.82 -91.98
C ALA KF 81 0.18 95.52 -90.97
N ASP KF 82 0.23 94.34 -90.34
CA ASP KF 82 -0.71 94.07 -89.26
C ASP KF 82 -0.47 95.02 -88.10
N LYS KF 83 0.80 95.32 -87.83
CA LYS KF 83 1.15 96.20 -86.73
C LYS KF 83 0.68 97.63 -86.97
N THR KF 84 0.80 98.12 -88.19
CA THR KF 84 0.35 99.47 -88.49
C THR KF 84 -1.17 99.55 -88.60
N ALA KF 85 -1.81 98.50 -89.12
CA ALA KF 85 -3.26 98.51 -89.19
C ALA KF 85 -3.89 98.45 -87.80
N LEU KF 86 -3.24 97.74 -86.89
CA LEU KF 86 -3.73 97.67 -85.52
C LEU KF 86 -3.70 99.04 -84.87
N MET KF 87 -2.69 99.86 -85.17
CA MET KF 87 -2.64 101.20 -84.62
C MET KF 87 -3.62 102.12 -85.34
N ALA KF 88 -3.75 101.96 -86.66
CA ALA KF 88 -4.62 102.83 -87.43
C ALA KF 88 -6.07 102.66 -87.01
N ILE KF 89 -6.50 101.42 -86.78
CA ILE KF 89 -7.89 101.18 -86.40
C ILE KF 89 -8.16 101.77 -85.02
N ILE KF 90 -7.27 101.49 -84.06
CA ILE KF 90 -7.55 101.90 -82.68
C ILE KF 90 -7.47 103.41 -82.53
N THR KF 91 -6.57 104.06 -83.25
CA THR KF 91 -6.51 105.52 -83.24
C THR KF 91 -7.73 106.12 -83.90
N ALA KF 92 -8.19 105.52 -85.00
CA ALA KF 92 -9.41 105.97 -85.64
C ALA KF 92 -10.61 105.78 -84.72
N ALA KF 93 -10.65 104.66 -84.00
CA ALA KF 93 -11.74 104.42 -83.06
C ALA KF 93 -11.72 105.42 -81.91
N GLN KF 94 -10.53 105.76 -81.41
CA GLN KF 94 -10.43 106.74 -80.33
C GLN KF 94 -10.88 108.12 -80.79
N ALA KF 95 -10.48 108.54 -81.98
CA ALA KF 95 -10.90 109.82 -82.51
C ALA KF 95 -12.40 109.90 -82.72
N ASP KF 96 -13.04 108.77 -82.97
CA ASP KF 96 -14.48 108.72 -83.16
C ASP KF 96 -15.20 108.95 -81.85
N GLY KF 97 -16.43 109.48 -81.94
CA GLY KF 97 -17.17 109.89 -80.77
C GLY KF 97 -17.59 108.77 -79.84
N ALA KF 98 -17.70 107.55 -80.36
CA ALA KF 98 -18.15 106.44 -79.52
C ALA KF 98 -17.18 106.20 -78.36
N TRP KF 99 -15.88 106.33 -78.61
CA TRP KF 99 -14.92 106.18 -77.52
C TRP KF 99 -15.05 107.31 -76.51
N THR KF 100 -15.32 108.52 -76.98
CA THR KF 100 -15.50 109.63 -76.04
C THR KF 100 -16.64 109.38 -75.09
N GLU KF 101 -17.79 108.89 -75.59
CA GLU KF 101 -18.94 108.59 -74.74
C GLU KF 101 -18.77 107.33 -73.92
N LEU KF 102 -18.00 106.35 -74.39
CA LEU KF 102 -17.74 105.18 -73.58
C LEU KF 102 -17.07 105.57 -72.27
N VAL KF 103 -16.13 106.51 -72.33
CA VAL KF 103 -15.68 107.23 -71.16
C VAL KF 103 -16.66 108.36 -70.87
N THR KF 104 -16.73 108.79 -69.61
CA THR KF 104 -17.56 109.91 -69.16
C THR KF 104 -19.05 109.59 -69.17
N ASP KF 105 -19.45 108.50 -69.81
CA ASP KF 105 -20.87 108.15 -69.85
C ASP KF 105 -21.14 106.67 -69.67
N GLN KF 106 -20.14 105.80 -69.84
CA GLN KF 106 -20.36 104.36 -69.93
C GLN KF 106 -21.41 104.03 -70.98
N ARG KF 107 -21.33 104.70 -72.12
CA ARG KF 107 -22.30 104.56 -73.20
C ARG KF 107 -21.74 103.66 -74.28
N LEU KF 108 -22.37 102.52 -74.50
CA LEU KF 108 -21.97 101.61 -75.55
C LEU KF 108 -22.47 102.09 -76.90
N PRO KF 109 -21.75 101.76 -77.98
CA PRO KF 109 -22.21 102.17 -79.31
C PRO KF 109 -23.39 101.33 -79.78
N LEU KF 110 -24.55 101.56 -79.18
CA LEU KF 110 -25.78 100.92 -79.60
C LEU KF 110 -26.98 101.85 -79.58
N ALA KF 111 -26.79 103.15 -79.32
CA ALA KF 111 -27.90 104.08 -79.29
C ALA KF 111 -28.45 104.30 -80.69
N THR KF 112 -29.78 104.44 -80.77
CA THR KF 112 -30.45 104.66 -82.04
C THR KF 112 -30.54 106.13 -82.43
N VAL KF 113 -30.07 107.03 -81.56
CA VAL KF 113 -30.11 108.48 -81.80
C VAL KF 113 -31.53 108.97 -82.00
N SER LF 1 51.90 90.90 -82.30
CA SER LF 1 53.11 90.31 -82.87
C SER LF 1 54.36 91.10 -82.48
N LYS LF 2 54.33 92.41 -82.71
CA LYS LF 2 55.49 93.25 -82.50
C LYS LF 2 55.04 94.54 -81.81
N VAL LF 3 55.90 95.56 -81.87
CA VAL LF 3 55.86 96.74 -81.01
C VAL LF 3 54.45 97.32 -80.90
N PHE LF 4 53.95 97.39 -79.67
CA PHE LF 4 52.64 97.96 -79.36
C PHE LF 4 52.85 98.99 -78.25
N ASN LF 5 52.25 100.16 -78.41
CA ASN LF 5 52.36 101.22 -77.41
C ASN LF 5 53.82 101.56 -77.13
N THR LF 6 54.63 101.54 -78.20
CA THR LF 6 56.07 101.78 -78.18
C THR LF 6 56.84 100.75 -77.36
N GLN LF 7 56.20 99.69 -76.88
CA GLN LF 7 56.89 98.62 -76.18
C GLN LF 7 57.07 97.45 -77.12
N THR LF 8 58.25 96.85 -77.08
CA THR LF 8 58.58 95.72 -77.94
C THR LF 8 58.12 94.45 -77.26
N PHE LF 9 57.33 93.64 -77.96
CA PHE LF 9 56.86 92.36 -77.46
C PHE LF 9 57.54 91.26 -78.27
N ASP LF 10 58.32 90.44 -77.58
CA ASP LF 10 58.97 89.29 -78.19
C ASP LF 10 58.24 88.03 -77.80
N ILE LF 11 58.31 87.02 -78.67
CA ILE LF 11 57.64 85.76 -78.38
C ILE LF 11 58.26 85.13 -77.15
N TYR LF 12 57.44 84.83 -76.16
CA TYR LF 12 57.88 84.16 -74.94
C TYR LF 12 57.59 82.68 -74.95
N SER LF 13 56.47 82.27 -75.51
CA SER LF 13 56.05 80.88 -75.46
C SER LF 13 55.20 80.58 -76.69
N THR LF 14 55.35 79.37 -77.19
CA THR LF 14 54.57 78.91 -78.33
C THR LF 14 53.92 77.59 -77.95
N GLU LF 15 52.60 77.53 -78.05
CA GLU LF 15 51.83 76.35 -77.72
C GLU LF 15 51.00 75.93 -78.93
N LYS LF 16 50.23 74.86 -78.73
CA LYS LF 16 49.36 74.35 -79.78
C LYS LF 16 48.33 75.40 -80.19
N ASP LF 17 47.61 75.95 -79.22
CA ASP LF 17 46.59 76.94 -79.49
C ASP LF 17 46.84 78.26 -78.77
N VAL LF 18 48.04 78.46 -78.23
CA VAL LF 18 48.38 79.69 -77.52
C VAL LF 18 49.74 80.19 -78.00
N VAL LF 19 49.84 81.49 -78.20
CA VAL LF 19 51.11 82.16 -78.43
C VAL LF 19 51.19 83.32 -77.45
N SER LF 20 52.31 83.42 -76.75
CA SER LF 20 52.49 84.41 -75.70
C SER LF 20 53.68 85.30 -75.99
N LEU LF 21 53.50 86.61 -75.83
CA LEU LF 21 54.56 87.58 -76.03
C LEU LF 21 54.82 88.34 -74.74
N ARG LF 22 56.09 88.56 -74.45
CA ARG LF 22 56.50 89.30 -73.27
C ARG LF 22 57.28 90.52 -73.71
N ASP LF 23 57.13 91.61 -72.94
CA ASP LF 23 57.87 92.83 -73.24
C ASP LF 23 59.38 92.60 -73.07
N PHE LF 24 59.77 91.93 -71.99
CA PHE LF 24 61.17 91.61 -71.68
C PHE LF 24 61.98 92.85 -71.34
N ALA LF 25 61.38 94.02 -71.47
CA ALA LF 25 61.99 95.27 -71.06
C ALA LF 25 61.48 95.73 -69.70
N ASN LF 26 60.17 95.90 -69.56
CA ASN LF 26 59.58 96.16 -68.26
C ASN LF 26 59.30 94.88 -67.48
N ASP LF 27 59.32 93.73 -68.15
CA ASP LF 27 59.14 92.42 -67.51
C ASP LF 27 57.83 92.35 -66.72
N LYS LF 28 56.80 93.06 -67.18
CA LYS LF 28 55.53 93.06 -66.49
C LYS LF 28 54.33 92.88 -67.40
N ASP LF 29 54.50 92.98 -68.72
CA ASP LF 29 53.40 92.89 -69.67
C ASP LF 29 53.51 91.59 -70.46
N THR LF 30 52.40 90.85 -70.52
CA THR LF 30 52.32 89.63 -71.31
C THR LF 30 51.11 89.71 -72.23
N LEU LF 31 51.33 89.47 -73.52
CA LEU LF 31 50.28 89.44 -74.52
C LEU LF 31 50.12 88.01 -75.02
N ALA LF 32 48.90 87.48 -74.94
CA ALA LF 32 48.62 86.10 -75.29
C ALA LF 32 47.58 86.05 -76.41
N TYR LF 33 47.83 85.21 -77.40
CA TYR LF 33 46.87 84.90 -78.47
C TYR LF 33 46.39 83.47 -78.23
N LYS LF 34 45.12 83.32 -77.89
CA LYS LF 34 44.54 82.03 -77.60
C LYS LF 34 43.54 81.63 -78.68
N ARG LF 35 43.50 80.34 -78.98
CA ARG LF 35 42.74 79.79 -80.08
C ARG LF 35 41.86 78.67 -79.56
N LEU LF 36 40.68 78.50 -80.17
CA LEU LF 36 39.77 77.43 -79.80
C LEU LF 36 38.84 77.16 -80.97
N ALA LF 37 39.01 76.02 -81.62
CA ALA LF 37 38.28 75.73 -82.84
C ALA LF 37 36.79 75.51 -82.55
N PRO LF 38 35.92 75.80 -83.51
CA PRO LF 38 34.49 75.51 -83.33
C PRO LF 38 34.23 74.01 -83.30
N LYS LF 39 33.38 73.60 -82.38
CA LYS LF 39 33.11 72.18 -82.14
C LYS LF 39 31.69 71.85 -82.60
N ARG LF 40 31.59 70.90 -83.53
CA ARG LF 40 30.33 70.50 -84.14
C ARG LF 40 29.67 69.44 -83.25
N THR LF 41 29.28 69.85 -82.05
CA THR LF 41 28.60 68.94 -81.14
C THR LF 41 27.19 68.63 -81.59
N LYS LF 42 26.69 69.31 -82.61
CA LYS LF 42 25.33 69.14 -83.08
C LYS LF 42 25.29 69.54 -84.55
N ASP LF 43 24.08 69.76 -85.07
CA ASP LF 43 23.90 70.24 -86.43
C ASP LF 43 24.71 71.49 -86.69
N SER LF 44 24.72 72.41 -85.72
CA SER LF 44 25.46 73.66 -85.88
C SER LF 44 26.95 73.38 -85.98
N PRO LF 45 27.69 74.12 -86.82
CA PRO LF 45 29.13 73.87 -86.95
C PRO LF 45 29.95 74.26 -85.74
N GLY LF 46 29.35 74.85 -84.72
CA GLY LF 46 30.05 75.24 -83.51
C GLY LF 46 30.49 76.69 -83.52
N MET LF 47 31.06 77.10 -82.39
CA MET LF 47 31.46 78.48 -82.16
C MET LF 47 32.98 78.56 -82.11
N ALA LF 48 33.55 79.37 -82.98
CA ALA LF 48 35.00 79.52 -83.08
C ALA LF 48 35.45 80.58 -82.07
N LYS LF 49 36.14 80.14 -81.02
CA LYS LF 49 36.55 81.03 -79.94
C LYS LF 49 37.94 81.58 -80.19
N SER LF 50 38.09 82.89 -80.01
CA SER LF 50 39.37 83.55 -80.05
C SER LF 50 39.59 84.29 -78.74
N GLU LF 51 40.83 84.74 -78.52
CA GLU LF 51 41.16 85.45 -77.30
C GLU LF 51 42.43 86.24 -77.51
N LEU LF 52 42.41 87.52 -77.13
CA LEU LF 52 43.58 88.39 -77.14
C LEU LF 52 43.58 89.14 -75.83
N LYS LF 53 44.54 88.86 -74.96
CA LYS LF 53 44.58 89.47 -73.65
C LYS LF 53 45.98 89.98 -73.32
N ILE LF 54 46.01 91.08 -72.57
CA ILE LF 54 47.24 91.67 -72.08
C ILE LF 54 47.19 91.63 -70.56
N THR LF 55 48.24 91.11 -69.94
CA THR LF 55 48.31 90.97 -68.49
C THR LF 55 49.50 91.76 -67.96
N ARG LF 56 49.24 92.59 -66.96
CA ARG LF 56 50.29 93.32 -66.27
C ARG LF 56 50.41 92.79 -64.85
N VAL LF 57 51.62 92.34 -64.50
CA VAL LF 57 51.91 91.83 -63.18
C VAL LF 57 53.14 92.56 -62.65
N ASP LF 58 53.03 93.09 -61.45
CA ASP LF 58 54.12 93.90 -60.93
C ASP LF 58 55.35 93.05 -60.70
N PRO LF 59 56.47 93.33 -61.38
CA PRO LF 59 57.59 92.39 -61.38
C PRO LF 59 58.58 92.57 -60.23
N THR LF 60 58.10 92.75 -59.01
CA THR LF 60 59.00 92.64 -57.86
C THR LF 60 58.38 91.72 -56.80
N THR LF 61 57.05 91.75 -56.68
CA THR LF 61 56.34 90.83 -55.80
C THR LF 61 55.34 89.95 -56.53
N GLY LF 62 55.05 90.24 -57.80
CA GLY LF 62 54.17 89.40 -58.57
C GLY LF 62 52.69 89.62 -58.36
N VAL LF 63 52.26 90.85 -58.12
CA VAL LF 63 50.85 91.16 -57.93
C VAL LF 63 50.25 91.57 -59.26
N LEU LF 64 49.13 90.95 -59.62
CA LEU LF 64 48.43 91.23 -60.86
C LEU LF 64 47.88 92.64 -60.82
N ILE LF 65 48.44 93.53 -61.64
CA ILE LF 65 47.94 94.89 -61.73
C ILE LF 65 46.60 94.94 -62.44
N GLY LF 66 46.48 94.27 -63.57
CA GLY LF 66 45.25 94.33 -64.33
C GLY LF 66 45.32 93.46 -65.56
N ILE LF 67 44.14 93.19 -66.12
CA ILE LF 67 43.99 92.40 -67.34
C ILE LF 67 42.96 93.07 -68.23
N VAL LF 68 43.28 93.23 -69.50
CA VAL LF 68 42.30 93.57 -70.53
C VAL LF 68 42.31 92.45 -71.54
N ASN LF 69 41.14 91.86 -71.77
CA ASN LF 69 40.99 90.68 -72.62
C ASN LF 69 39.98 90.98 -73.71
N VAL LF 70 40.28 90.57 -74.94
CA VAL LF 70 39.34 90.65 -76.04
C VAL LF 70 39.04 89.23 -76.47
N SER LF 71 37.84 88.76 -76.20
CA SER LF 71 37.42 87.41 -76.54
C SER LF 71 36.36 87.47 -77.64
N SER LF 72 36.43 86.53 -78.57
CA SER LF 72 35.45 86.40 -79.63
C SER LF 72 34.85 85.01 -79.59
N SER LF 73 33.54 84.93 -79.78
CA SER LF 73 32.82 83.66 -79.90
C SER LF 73 31.89 83.82 -81.09
N ILE LF 74 32.36 83.42 -82.25
CA ILE LF 74 31.64 83.61 -83.51
C ILE LF 74 31.28 82.25 -84.08
N ARG LF 75 30.07 82.13 -84.62
CA ARG LF 75 29.62 80.91 -85.27
C ARG LF 75 30.60 80.50 -86.36
N ALA LF 76 30.84 79.19 -86.46
CA ALA LF 76 31.74 78.69 -87.48
C ALA LF 76 31.26 79.04 -88.88
N ASP LF 77 29.94 79.14 -89.07
CA ASP LF 77 29.38 79.45 -90.38
C ASP LF 77 29.18 80.94 -90.61
N ALA LF 78 29.49 81.79 -89.63
CA ALA LF 78 29.23 83.21 -89.78
C ALA LF 78 30.05 83.80 -90.93
N THR LF 79 29.41 84.68 -91.68
CA THR LF 79 30.03 85.25 -92.86
C THR LF 79 31.15 86.21 -92.47
N ALA LF 80 32.08 86.41 -93.40
CA ALA LF 80 33.15 87.38 -93.18
C ALA LF 80 32.60 88.78 -93.00
N ALA LF 81 31.41 89.06 -93.56
CA ALA LF 81 30.77 90.34 -93.33
C ALA LF 81 30.35 90.50 -91.87
N ASP LF 82 29.74 89.47 -91.29
CA ASP LF 82 29.43 89.50 -89.87
C ASP LF 82 30.69 89.62 -89.04
N LYS LF 83 31.73 88.89 -89.45
CA LYS LF 83 32.97 88.86 -88.67
C LYS LF 83 33.73 90.18 -88.80
N THR LF 84 33.61 90.85 -89.94
CA THR LF 84 34.20 92.18 -90.07
C THR LF 84 33.38 93.21 -89.31
N ALA LF 85 32.04 93.10 -89.38
CA ALA LF 85 31.18 94.05 -88.69
C ALA LF 85 31.37 93.98 -87.19
N LEU LF 86 31.51 92.77 -86.64
CA LEU LF 86 31.69 92.61 -85.21
C LEU LF 86 32.98 93.27 -84.74
N MET LF 87 34.06 93.13 -85.52
CA MET LF 87 35.32 93.74 -85.14
C MET LF 87 35.30 95.24 -85.37
N ALA LF 88 34.57 95.70 -86.38
CA ALA LF 88 34.51 97.12 -86.66
C ALA LF 88 33.72 97.88 -85.59
N ILE LF 89 32.60 97.32 -85.15
CA ILE LF 89 31.80 97.97 -84.12
C ILE LF 89 32.56 98.05 -82.81
N ILE LF 90 33.15 96.93 -82.40
CA ILE LF 90 33.84 96.89 -81.11
C ILE LF 90 35.07 97.78 -81.12
N THR LF 91 35.78 97.85 -82.26
CA THR LF 91 36.94 98.73 -82.34
C THR LF 91 36.53 100.19 -82.27
N ALA LF 92 35.44 100.55 -82.94
CA ALA LF 92 34.93 101.92 -82.87
C ALA LF 92 34.45 102.27 -81.47
N ALA LF 93 33.79 101.33 -80.80
CA ALA LF 93 33.32 101.58 -79.44
C ALA LF 93 34.49 101.79 -78.49
N GLN LF 94 35.55 101.01 -78.64
CA GLN LF 94 36.75 101.21 -77.83
C GLN LF 94 37.39 102.56 -78.12
N ALA LF 95 37.44 102.96 -79.38
CA ALA LF 95 37.97 104.27 -79.73
C ALA LF 95 37.09 105.39 -79.23
N ASP LF 96 35.80 105.12 -79.03
CA ASP LF 96 34.90 106.09 -78.42
C ASP LF 96 35.25 106.26 -76.95
N GLY LF 97 34.96 107.44 -76.42
CA GLY LF 97 35.38 107.78 -75.06
C GLY LF 97 34.61 107.09 -73.97
N ALA LF 98 33.43 106.54 -74.28
CA ALA LF 98 32.63 105.87 -73.27
C ALA LF 98 33.39 104.67 -72.69
N TRP LF 99 34.17 103.98 -73.53
CA TRP LF 99 34.97 102.87 -73.02
C TRP LF 99 36.10 103.38 -72.12
N THR LF 100 36.73 104.48 -72.51
CA THR LF 100 37.80 105.05 -71.69
C THR LF 100 37.30 105.49 -70.33
N GLU LF 101 35.99 105.70 -70.20
CA GLU LF 101 35.39 106.05 -68.92
C GLU LF 101 34.88 104.84 -68.16
N LEU LF 102 34.38 103.83 -68.87
CA LEU LF 102 33.99 102.58 -68.23
C LEU LF 102 35.18 101.93 -67.54
N VAL LF 103 36.29 101.88 -68.22
CA VAL LF 103 37.56 101.60 -67.58
C VAL LF 103 38.06 102.89 -66.96
N THR LF 104 38.78 102.78 -65.84
CA THR LF 104 39.39 103.90 -65.14
C THR LF 104 38.41 104.82 -64.41
N ASP LF 105 37.11 104.65 -64.62
CA ASP LF 105 36.15 105.35 -63.78
C ASP LF 105 34.93 104.52 -63.41
N GLN LF 106 34.66 103.41 -64.08
CA GLN LF 106 33.42 102.66 -63.91
C GLN LF 106 32.21 103.54 -64.17
N ARG LF 107 32.31 104.35 -65.21
CA ARG LF 107 31.26 105.30 -65.57
C ARG LF 107 30.50 104.75 -66.76
N LEU LF 108 29.24 104.57 -66.59
CA LEU LF 108 28.37 104.04 -67.62
C LEU LF 108 27.91 105.14 -68.55
N PRO LF 109 27.59 104.81 -69.80
CA PRO LF 109 27.07 105.82 -70.73
C PRO LF 109 25.62 106.18 -70.43
N LEU LF 110 25.37 106.75 -69.26
CA LEU LF 110 24.05 107.25 -68.91
C LEU LF 110 24.07 108.62 -68.24
N ALA LF 111 25.25 109.16 -67.92
CA ALA LF 111 25.33 110.47 -67.29
C ALA LF 111 24.84 111.56 -68.23
N THR LF 112 24.16 112.56 -67.67
CA THR LF 112 23.59 113.65 -68.46
C THR LF 112 24.59 114.74 -68.78
N VAL LF 113 25.81 114.67 -68.24
CA VAL LF 113 26.86 115.66 -68.45
C VAL LF 113 26.43 117.05 -67.97
N SER MF 1 -57.60 -95.55 -72.94
CA SER MF 1 -57.25 -96.93 -72.66
C SER MF 1 -56.56 -97.57 -73.86
N LYS MF 2 -57.24 -97.58 -75.00
CA LYS MF 2 -56.73 -98.22 -76.21
C LYS MF 2 -57.14 -97.37 -77.41
N VAL MF 3 -57.13 -97.96 -78.60
CA VAL MF 3 -57.29 -97.23 -79.86
C VAL MF 3 -58.51 -96.31 -79.84
N PHE MF 4 -58.26 -95.02 -80.00
CA PHE MF 4 -59.29 -93.98 -80.08
C PHE MF 4 -58.99 -93.10 -81.28
N ASN MF 5 -60.01 -92.83 -82.09
CA ASN MF 5 -59.86 -92.01 -83.29
C ASN MF 5 -58.76 -92.61 -84.18
N THR MF 6 -58.76 -93.93 -84.28
CA THR MF 6 -57.80 -94.72 -85.04
C THR MF 6 -56.36 -94.50 -84.60
N GLN MF 7 -56.12 -94.11 -83.35
CA GLN MF 7 -54.78 -93.97 -82.82
C GLN MF 7 -54.63 -94.85 -81.58
N THR MF 8 -53.49 -95.54 -81.48
CA THR MF 8 -53.24 -96.48 -80.40
C THR MF 8 -52.59 -95.75 -79.24
N PHE MF 9 -53.29 -95.71 -78.10
CA PHE MF 9 -52.77 -95.07 -76.89
C PHE MF 9 -52.30 -96.15 -75.95
N ASP MF 10 -51.00 -96.16 -75.67
CA ASP MF 10 -50.39 -97.09 -74.74
C ASP MF 10 -49.96 -96.36 -73.48
N ILE MF 11 -49.88 -97.10 -72.37
CA ILE MF 11 -49.55 -96.49 -71.09
C ILE MF 11 -48.13 -95.98 -71.13
N TYR MF 12 -47.95 -94.71 -70.77
CA TYR MF 12 -46.62 -94.15 -70.62
C TYR MF 12 -46.23 -93.97 -69.16
N SER MF 13 -47.18 -93.67 -68.29
CA SER MF 13 -46.85 -93.37 -66.91
C SER MF 13 -48.03 -93.73 -66.03
N THR MF 14 -47.72 -94.05 -64.78
CA THR MF 14 -48.74 -94.42 -63.80
C THR MF 14 -48.37 -93.82 -62.45
N GLU MF 15 -49.24 -93.00 -61.91
CA GLU MF 15 -49.07 -92.41 -60.61
C GLU MF 15 -50.04 -93.07 -59.63
N LYS MF 16 -50.08 -92.53 -58.42
CA LYS MF 16 -51.07 -92.99 -57.45
C LYS MF 16 -52.48 -92.70 -57.97
N ASP MF 17 -52.67 -91.55 -58.60
CA ASP MF 17 -54.00 -91.15 -59.04
C ASP MF 17 -54.05 -90.65 -60.47
N VAL MF 18 -52.97 -90.77 -61.23
CA VAL MF 18 -52.96 -90.38 -62.63
C VAL MF 18 -52.41 -91.53 -63.45
N VAL MF 19 -53.08 -91.84 -64.56
CA VAL MF 19 -52.55 -92.71 -65.59
C VAL MF 19 -52.41 -91.88 -66.85
N SER MF 20 -51.24 -91.92 -67.46
CA SER MF 20 -50.97 -91.20 -68.69
C SER MF 20 -50.76 -92.19 -69.83
N LEU MF 21 -51.37 -91.91 -70.97
CA LEU MF 21 -51.20 -92.72 -72.17
C LEU MF 21 -50.72 -91.82 -73.30
N ARG MF 22 -49.87 -92.39 -74.15
CA ARG MF 22 -49.33 -91.68 -75.29
C ARG MF 22 -49.58 -92.49 -76.56
N ASP MF 23 -49.58 -91.80 -77.69
CA ASP MF 23 -49.76 -92.49 -78.96
C ASP MF 23 -48.52 -93.29 -79.35
N PHE MF 24 -47.35 -92.67 -79.22
CA PHE MF 24 -46.06 -93.30 -79.54
C PHE MF 24 -45.92 -93.51 -81.04
N ALA MF 25 -46.97 -93.20 -81.80
CA ALA MF 25 -46.94 -93.26 -83.25
C ALA MF 25 -46.77 -91.87 -83.87
N ASN MF 26 -47.68 -90.95 -83.56
CA ASN MF 26 -47.48 -89.57 -83.97
C ASN MF 26 -46.76 -88.74 -82.91
N ASP MF 27 -46.59 -89.28 -81.70
CA ASP MF 27 -45.80 -88.65 -80.64
C ASP MF 27 -46.27 -87.24 -80.35
N LYS MF 28 -47.57 -86.99 -80.46
CA LYS MF 28 -48.10 -85.67 -80.20
C LYS MF 28 -49.30 -85.65 -79.27
N ASP MF 29 -49.87 -86.80 -78.94
CA ASP MF 29 -51.09 -86.88 -78.13
C ASP MF 29 -50.80 -87.58 -76.82
N THR MF 30 -51.30 -87.01 -75.73
CA THR MF 30 -51.25 -87.65 -74.42
C THR MF 30 -52.63 -87.64 -73.82
N LEU MF 31 -53.10 -88.80 -73.39
CA LEU MF 31 -54.39 -88.97 -72.74
C LEU MF 31 -54.14 -89.29 -71.27
N ALA MF 32 -54.79 -88.54 -70.39
CA ALA MF 32 -54.58 -88.67 -68.95
C ALA MF 32 -55.91 -88.95 -68.25
N TYR MF 33 -55.91 -89.95 -67.37
CA TYR MF 33 -57.03 -90.26 -66.49
C TYR MF 33 -56.59 -89.90 -65.08
N LYS MF 34 -57.38 -89.08 -64.41
CA LYS MF 34 -56.98 -88.49 -63.15
C LYS MF 34 -58.09 -88.67 -62.13
N ARG MF 35 -57.70 -88.84 -60.87
CA ARG MF 35 -58.59 -89.39 -59.86
C ARG MF 35 -58.42 -88.67 -58.53
N LEU MF 36 -59.49 -88.03 -58.05
CA LEU MF 36 -59.52 -87.46 -56.70
C LEU MF 36 -60.76 -87.96 -55.96
N ALA MF 37 -60.54 -88.88 -55.02
CA ALA MF 37 -61.62 -89.44 -54.23
C ALA MF 37 -62.25 -88.37 -53.33
N PRO MF 38 -63.53 -88.52 -52.97
CA PRO MF 38 -64.18 -87.49 -52.13
C PRO MF 38 -63.61 -87.48 -50.73
N LYS MF 39 -63.63 -86.31 -50.11
CA LYS MF 39 -63.14 -86.14 -48.75
C LYS MF 39 -64.25 -85.57 -47.88
N ARG MF 40 -64.57 -86.27 -46.79
CA ARG MF 40 -65.63 -85.88 -45.88
C ARG MF 40 -65.09 -84.78 -44.97
N THR MF 41 -65.21 -83.54 -45.45
CA THR MF 41 -64.78 -82.38 -44.70
C THR MF 41 -65.88 -81.81 -43.82
N LYS MF 42 -67.10 -82.31 -43.97
CA LYS MF 42 -68.24 -81.82 -43.21
C LYS MF 42 -69.30 -82.92 -43.22
N ASP MF 43 -70.54 -82.53 -42.89
CA ASP MF 43 -71.67 -83.46 -42.99
C ASP MF 43 -71.80 -83.99 -44.41
N SER MF 44 -71.34 -83.22 -45.39
CA SER MF 44 -71.26 -83.73 -46.75
C SER MF 44 -70.12 -84.75 -46.86
N PRO MF 45 -70.31 -85.84 -47.61
CA PRO MF 45 -69.23 -86.82 -47.78
C PRO MF 45 -68.15 -86.40 -48.77
N GLY MF 46 -68.24 -85.21 -49.35
CA GLY MF 46 -67.27 -84.76 -50.33
C GLY MF 46 -67.66 -85.10 -51.75
N MET MF 47 -66.92 -84.52 -52.69
CA MET MF 47 -67.16 -84.70 -54.11
C MET MF 47 -66.02 -85.47 -54.73
N ALA MF 48 -66.34 -86.51 -55.49
CA ALA MF 48 -65.34 -87.32 -56.18
C ALA MF 48 -64.99 -86.67 -57.51
N LYS MF 49 -63.76 -86.21 -57.64
CA LYS MF 49 -63.28 -85.63 -58.88
C LYS MF 49 -62.77 -86.71 -59.82
N SER MF 50 -63.07 -86.53 -61.10
CA SER MF 50 -62.46 -87.26 -62.19
C SER MF 50 -61.99 -86.25 -63.23
N GLU MF 51 -61.07 -86.68 -64.08
CA GLU MF 51 -60.54 -85.76 -65.08
C GLU MF 51 -59.98 -86.59 -66.22
N LEU MF 52 -60.35 -86.24 -67.45
CA LEU MF 52 -59.93 -86.96 -68.64
C LEU MF 52 -59.54 -85.94 -69.69
N LYS MF 53 -58.25 -85.73 -69.86
CA LYS MF 53 -57.76 -84.70 -70.76
C LYS MF 53 -57.01 -85.32 -71.92
N ILE MF 54 -57.17 -84.72 -73.10
CA ILE MF 54 -56.36 -85.03 -74.26
C ILE MF 54 -55.57 -83.76 -74.62
N THR MF 55 -54.26 -83.89 -74.68
CA THR MF 55 -53.37 -82.79 -75.01
C THR MF 55 -52.64 -83.10 -76.30
N ARG MF 56 -52.56 -82.11 -77.19
CA ARG MF 56 -51.84 -82.25 -78.44
C ARG MF 56 -50.71 -81.22 -78.46
N VAL MF 57 -49.48 -81.71 -78.51
CA VAL MF 57 -48.29 -80.86 -78.61
C VAL MF 57 -47.55 -81.26 -79.88
N ASP MF 58 -47.26 -80.28 -80.73
CA ASP MF 58 -46.56 -80.66 -81.95
C ASP MF 58 -45.15 -81.11 -81.63
N PRO MF 59 -44.68 -82.21 -82.19
CA PRO MF 59 -43.38 -82.75 -81.77
C PRO MF 59 -42.21 -82.24 -82.59
N THR MF 60 -42.12 -80.93 -82.80
CA THR MF 60 -40.93 -80.36 -83.43
C THR MF 60 -40.35 -79.24 -82.58
N THR MF 61 -41.23 -78.43 -81.99
CA THR MF 61 -40.83 -77.41 -81.04
C THR MF 61 -41.53 -77.56 -79.70
N GLY MF 62 -42.48 -78.50 -79.59
CA GLY MF 62 -43.16 -78.71 -78.33
C GLY MF 62 -44.23 -77.70 -78.00
N VAL MF 63 -44.74 -76.97 -78.98
CA VAL MF 63 -45.79 -75.99 -78.75
C VAL MF 63 -47.10 -76.72 -78.52
N LEU MF 64 -47.84 -76.29 -77.51
CA LEU MF 64 -49.10 -76.94 -77.18
C LEU MF 64 -50.18 -76.48 -78.16
N ILE MF 65 -50.73 -77.42 -78.90
CA ILE MF 65 -51.74 -77.07 -79.89
C ILE MF 65 -53.10 -76.87 -79.24
N GLY MF 66 -53.53 -77.80 -78.41
CA GLY MF 66 -54.82 -77.67 -77.77
C GLY MF 66 -55.05 -78.77 -76.76
N ILE MF 67 -55.93 -78.48 -75.80
CA ILE MF 67 -56.32 -79.42 -74.77
C ILE MF 67 -57.84 -79.47 -74.74
N VAL MF 68 -58.38 -80.68 -74.68
CA VAL MF 68 -59.80 -80.89 -74.39
C VAL MF 68 -59.88 -81.72 -73.12
N ASN MF 69 -60.60 -81.20 -72.12
CA ASN MF 69 -60.67 -81.82 -70.81
C ASN MF 69 -62.12 -82.15 -70.46
N VAL MF 70 -62.33 -83.35 -69.93
CA VAL MF 70 -63.63 -83.77 -69.42
C VAL MF 70 -63.45 -84.04 -67.93
N SER MF 71 -63.97 -83.15 -67.10
CA SER MF 71 -63.84 -83.28 -65.66
C SER MF 71 -65.22 -83.38 -65.01
N SER MF 72 -65.33 -84.25 -64.02
CA SER MF 72 -66.56 -84.43 -63.27
C SER MF 72 -66.30 -84.20 -61.80
N SER MF 73 -67.29 -83.67 -61.10
CA SER MF 73 -67.24 -83.45 -59.66
C SER MF 73 -68.62 -83.84 -59.13
N ILE MF 74 -68.72 -85.02 -58.54
CA ILE MF 74 -69.99 -85.60 -58.14
C ILE MF 74 -69.95 -85.98 -56.67
N ARG MF 75 -71.06 -85.73 -55.98
CA ARG MF 75 -71.18 -86.07 -54.56
C ARG MF 75 -70.91 -87.55 -54.32
N ALA MF 76 -70.25 -87.83 -53.20
CA ALA MF 76 -69.98 -89.23 -52.84
C ALA MF 76 -71.27 -90.00 -52.65
N ASP MF 77 -72.28 -89.38 -52.03
CA ASP MF 77 -73.55 -90.02 -51.79
C ASP MF 77 -74.44 -90.06 -53.03
N ALA MF 78 -74.03 -89.41 -54.11
CA ALA MF 78 -74.90 -89.26 -55.26
C ALA MF 78 -75.21 -90.62 -55.88
N THR MF 79 -76.43 -90.73 -56.40
CA THR MF 79 -76.91 -91.99 -56.96
C THR MF 79 -76.28 -92.26 -58.31
N ALA MF 80 -76.30 -93.54 -58.69
CA ALA MF 80 -75.86 -93.91 -60.04
C ALA MF 80 -76.78 -93.33 -61.10
N ALA MF 81 -78.06 -93.16 -60.78
CA ALA MF 81 -78.98 -92.51 -61.71
C ALA MF 81 -78.58 -91.06 -61.95
N ASP MF 82 -78.16 -90.35 -60.91
CA ASP MF 82 -77.62 -89.01 -61.09
C ASP MF 82 -76.36 -89.06 -61.95
N LYS MF 83 -75.52 -90.06 -61.73
CA LYS MF 83 -74.25 -90.13 -62.45
C LYS MF 83 -74.45 -90.57 -63.89
N THR MF 84 -75.38 -91.49 -64.13
CA THR MF 84 -75.68 -91.89 -65.50
C THR MF 84 -76.33 -90.74 -66.27
N ALA MF 85 -77.22 -89.99 -65.61
CA ALA MF 85 -77.88 -88.87 -66.27
C ALA MF 85 -76.88 -87.79 -66.65
N LEU MF 86 -75.94 -87.47 -65.75
CA LEU MF 86 -74.96 -86.44 -66.06
C LEU MF 86 -74.10 -86.86 -67.25
N MET MF 87 -73.69 -88.12 -67.31
CA MET MF 87 -72.86 -88.58 -68.41
C MET MF 87 -73.67 -88.65 -69.71
N ALA MF 88 -74.94 -89.05 -69.62
CA ALA MF 88 -75.78 -89.08 -70.81
C ALA MF 88 -76.04 -87.69 -71.37
N ILE MF 89 -76.29 -86.72 -70.50
CA ILE MF 89 -76.61 -85.37 -70.98
C ILE MF 89 -75.41 -84.72 -71.63
N ILE MF 90 -74.24 -84.79 -70.97
CA ILE MF 90 -73.05 -84.15 -71.53
C ILE MF 90 -72.61 -84.84 -72.80
N THR MF 91 -72.83 -86.15 -72.92
CA THR MF 91 -72.47 -86.87 -74.13
C THR MF 91 -73.38 -86.48 -75.28
N ALA MF 92 -74.69 -86.36 -75.02
CA ALA MF 92 -75.63 -85.94 -76.06
C ALA MF 92 -75.33 -84.51 -76.51
N ALA MF 93 -74.99 -83.63 -75.57
CA ALA MF 93 -74.66 -82.26 -75.93
C ALA MF 93 -73.37 -82.19 -76.74
N GLN MF 94 -72.41 -83.05 -76.43
CA GLN MF 94 -71.19 -83.11 -77.22
C GLN MF 94 -71.47 -83.60 -78.64
N ALA MF 95 -72.36 -84.59 -78.78
CA ALA MF 95 -72.73 -85.08 -80.09
C ALA MF 95 -73.49 -84.03 -80.89
N ASP MF 96 -74.14 -83.09 -80.22
CA ASP MF 96 -74.82 -82.00 -80.90
C ASP MF 96 -73.82 -81.09 -81.60
N GLY MF 97 -74.25 -80.49 -82.70
CA GLY MF 97 -73.39 -79.60 -83.46
C GLY MF 97 -73.11 -78.28 -82.76
N ALA MF 98 -73.92 -77.93 -81.77
CA ALA MF 98 -73.67 -76.69 -81.02
C ALA MF 98 -72.32 -76.73 -80.34
N TRP MF 99 -71.97 -77.86 -79.74
CA TRP MF 99 -70.64 -78.01 -79.14
C TRP MF 99 -69.56 -77.97 -80.19
N THR MF 100 -69.81 -78.60 -81.35
CA THR MF 100 -68.82 -78.59 -82.42
C THR MF 100 -68.59 -77.17 -82.95
N GLU MF 101 -69.59 -76.29 -82.81
CA GLU MF 101 -69.43 -74.89 -83.16
C GLU MF 101 -68.86 -74.07 -82.01
N LEU MF 102 -69.17 -74.43 -80.77
CA LEU MF 102 -68.56 -73.76 -79.63
C LEU MF 102 -67.05 -73.89 -79.69
N VAL MF 103 -66.56 -75.07 -80.05
CA VAL MF 103 -65.16 -75.24 -80.38
C VAL MF 103 -64.98 -74.93 -81.87
N THR MF 104 -63.79 -74.48 -82.25
CA THR MF 104 -63.39 -74.15 -83.62
C THR MF 104 -64.01 -72.88 -84.16
N ASP MF 105 -65.05 -72.36 -83.51
CA ASP MF 105 -65.71 -71.14 -83.97
C ASP MF 105 -65.99 -70.14 -82.86
N GLN MF 106 -65.99 -70.55 -81.59
CA GLN MF 106 -66.41 -69.71 -80.48
C GLN MF 106 -67.81 -69.16 -80.73
N ARG MF 107 -68.71 -70.07 -81.11
CA ARG MF 107 -70.08 -69.74 -81.47
C ARG MF 107 -71.02 -70.27 -80.39
N LEU MF 108 -71.84 -69.39 -79.83
CA LEU MF 108 -72.85 -69.79 -78.86
C LEU MF 108 -74.07 -70.35 -79.59
N PRO MF 109 -74.86 -71.22 -78.93
CA PRO MF 109 -75.98 -71.86 -79.62
C PRO MF 109 -77.23 -71.00 -79.64
N LEU MF 110 -77.07 -69.72 -79.93
CA LEU MF 110 -78.17 -68.80 -79.88
C LEU MF 110 -78.50 -68.16 -81.23
N ALA MF 111 -77.76 -68.51 -82.28
CA ALA MF 111 -78.04 -67.96 -83.59
C ALA MF 111 -79.43 -68.35 -84.06
N THR MF 112 -80.05 -67.50 -84.87
CA THR MF 112 -81.37 -67.76 -85.41
C THR MF 112 -81.35 -68.65 -86.64
N VAL MF 113 -80.17 -69.03 -87.12
CA VAL MF 113 -79.98 -69.93 -88.26
C VAL MF 113 -80.53 -69.35 -89.56
N SER NF 1 -78.18 -77.27 -76.75
CA SER NF 1 -79.22 -76.47 -77.36
C SER NF 1 -80.61 -76.99 -77.04
N LYS NF 2 -80.93 -78.18 -77.52
CA LYS NF 2 -82.29 -78.72 -77.45
C LYS NF 2 -82.22 -80.08 -76.76
N VAL NF 3 -83.28 -80.87 -76.93
CA VAL NF 3 -83.50 -82.10 -76.18
C VAL NF 3 -82.28 -82.99 -76.15
N PHE NF 4 -81.78 -83.27 -74.95
CA PHE NF 4 -80.64 -84.14 -74.72
C PHE NF 4 -81.02 -85.15 -73.65
N ASN NF 5 -80.72 -86.42 -73.90
CA ASN NF 5 -81.05 -87.51 -72.97
C ASN NF 5 -82.55 -87.50 -72.67
N THR NF 6 -83.36 -87.31 -73.71
CA THR NF 6 -84.81 -87.23 -73.69
C THR NF 6 -85.34 -86.04 -72.90
N GLN NF 7 -84.49 -85.16 -72.42
CA GLN NF 7 -84.90 -84.01 -71.61
C GLN NF 7 -84.80 -82.75 -72.45
N THR NF 8 -85.87 -81.95 -72.43
CA THR NF 8 -85.93 -80.69 -73.16
C THR NF 8 -85.26 -79.60 -72.34
N PHE NF 9 -84.23 -78.98 -72.91
CA PHE NF 9 -83.50 -77.91 -72.25
C PHE NF 9 -83.88 -76.60 -72.92
N ASP NF 10 -84.66 -75.79 -72.21
CA ASP NF 10 -85.07 -74.48 -72.69
C ASP NF 10 -84.18 -73.40 -72.09
N ILE NF 11 -84.06 -72.28 -72.79
CA ILE NF 11 -83.07 -71.27 -72.43
C ILE NF 11 -83.42 -70.67 -71.07
N TYR NF 12 -82.44 -70.63 -70.18
CA TYR NF 12 -82.62 -70.10 -68.84
C TYR NF 12 -82.02 -68.71 -68.65
N SER NF 13 -80.88 -68.44 -69.26
CA SER NF 13 -80.28 -67.11 -69.22
C SER NF 13 -79.27 -67.01 -70.36
N THR NF 14 -79.02 -65.78 -70.78
CA THR NF 14 -78.02 -65.51 -71.80
C THR NF 14 -77.11 -64.39 -71.33
N GLU NF 15 -75.81 -64.62 -71.37
CA GLU NF 15 -74.82 -63.62 -71.04
C GLU NF 15 -74.01 -63.28 -72.29
N LYS NF 16 -73.00 -62.43 -72.10
CA LYS NF 16 -72.10 -62.08 -73.19
C LYS NF 16 -71.39 -63.30 -73.73
N ASP NF 17 -71.01 -64.22 -72.85
CA ASP NF 17 -70.23 -65.39 -73.24
C ASP NF 17 -70.81 -66.70 -72.73
N VAL NF 18 -71.93 -66.67 -72.02
CA VAL NF 18 -72.51 -67.87 -71.45
C VAL NF 18 -73.97 -67.95 -71.88
N VAL NF 19 -74.39 -69.12 -72.33
CA VAL NF 19 -75.79 -69.42 -72.60
C VAL NF 19 -76.16 -70.61 -71.72
N SER NF 20 -77.19 -70.43 -70.90
CA SER NF 20 -77.60 -71.44 -69.93
C SER NF 20 -78.98 -71.95 -70.31
N LEU NF 21 -79.14 -73.27 -70.28
CA LEU NF 21 -80.43 -73.89 -70.54
C LEU NF 21 -80.86 -74.71 -69.33
N ARG NF 22 -82.16 -74.78 -69.13
CA ARG NF 22 -82.72 -75.53 -68.01
C ARG NF 22 -83.76 -76.50 -68.55
N ASP NF 23 -83.93 -77.61 -67.84
CA ASP NF 23 -84.98 -78.56 -68.20
C ASP NF 23 -86.36 -77.95 -67.96
N PHE NF 24 -86.58 -77.39 -66.78
CA PHE NF 24 -87.86 -76.79 -66.36
C PHE NF 24 -88.92 -77.86 -66.13
N ALA NF 25 -88.60 -79.11 -66.45
CA ALA NF 25 -89.47 -80.25 -66.14
C ALA NF 25 -89.09 -80.87 -64.81
N ASN NF 26 -87.87 -81.38 -64.69
CA ASN NF 26 -87.35 -81.79 -63.40
C ASN NF 26 -86.70 -80.63 -62.64
N ASP NF 27 -86.50 -79.50 -63.30
CA ASP NF 27 -86.01 -78.27 -62.68
C ASP NF 27 -84.72 -78.49 -61.90
N LYS NF 28 -83.90 -79.44 -62.32
CA LYS NF 28 -82.67 -79.73 -61.61
C LYS NF 28 -81.42 -79.68 -62.48
N ASP NF 29 -81.55 -79.68 -63.81
CA ASP NF 29 -80.43 -79.78 -64.72
C ASP NF 29 -80.25 -78.45 -65.45
N THR NF 30 -79.02 -77.94 -65.45
CA THR NF 30 -78.69 -76.73 -66.16
C THR NF 30 -77.50 -76.99 -67.07
N LEU NF 31 -77.65 -76.67 -68.34
CA LEU NF 31 -76.62 -76.83 -69.35
C LEU NF 31 -76.11 -75.46 -69.76
N ALA NF 32 -74.80 -75.27 -69.72
CA ALA NF 32 -74.19 -73.98 -70.02
C ALA NF 32 -73.20 -74.12 -71.17
N TYR NF 33 -73.19 -73.12 -72.04
CA TYR NF 33 -72.23 -73.01 -73.14
C TYR NF 33 -71.43 -71.73 -72.91
N LYS NF 34 -70.13 -71.87 -72.73
CA LYS NF 34 -69.28 -70.80 -72.25
C LYS NF 34 -68.16 -70.54 -73.24
N ARG NF 35 -67.75 -69.27 -73.35
CA ARG NF 35 -66.91 -68.82 -74.45
C ARG NF 35 -65.87 -67.81 -73.97
N LEU NF 36 -64.60 -68.10 -74.24
CA LEU NF 36 -63.53 -67.09 -74.15
C LEU NF 36 -62.70 -67.12 -75.41
N ALA NF 37 -62.88 -66.11 -76.26
CA ALA NF 37 -62.12 -66.00 -77.48
C ALA NF 37 -60.64 -65.75 -77.19
N PRO NF 38 -59.74 -66.14 -78.10
CA PRO NF 38 -58.31 -65.94 -77.85
C PRO NF 38 -57.95 -64.47 -77.75
N LYS NF 39 -56.96 -64.18 -76.92
CA LYS NF 39 -56.44 -62.83 -76.76
C LYS NF 39 -54.97 -62.83 -77.19
N ARG NF 40 -54.63 -61.92 -78.10
CA ARG NF 40 -53.30 -61.86 -78.70
C ARG NF 40 -52.39 -61.02 -77.80
N THR NF 41 -52.04 -61.60 -76.65
CA THR NF 41 -51.21 -60.88 -75.69
C THR NF 41 -49.74 -60.86 -76.06
N LYS NF 42 -49.33 -61.69 -77.00
CA LYS NF 42 -47.95 -61.74 -77.46
C LYS NF 42 -47.96 -62.16 -78.92
N ASP NF 43 -46.80 -62.62 -79.41
CA ASP NF 43 -46.72 -63.19 -80.75
C ASP NF 43 -47.68 -64.36 -80.89
N SER NF 44 -48.02 -64.98 -79.77
CA SER NF 44 -49.07 -65.99 -79.77
C SER NF 44 -50.38 -65.37 -80.20
N PRO NF 45 -51.20 -66.06 -81.01
CA PRO NF 45 -52.55 -65.57 -81.29
C PRO NF 45 -53.51 -65.79 -80.14
N GLY NF 46 -53.03 -66.30 -79.01
CA GLY NF 46 -53.88 -66.60 -77.88
C GLY NF 46 -54.50 -67.97 -77.97
N MET NF 47 -55.23 -68.34 -76.91
CA MET NF 47 -55.92 -69.61 -76.85
C MET NF 47 -57.42 -69.36 -76.84
N ALA NF 48 -58.14 -70.03 -77.75
CA ALA NF 48 -59.59 -70.00 -77.76
C ALA NF 48 -60.09 -70.98 -76.70
N LYS NF 49 -60.79 -70.46 -75.71
CA LYS NF 49 -61.36 -71.29 -74.66
C LYS NF 49 -62.84 -71.51 -74.88
N SER NF 50 -63.31 -72.71 -74.59
CA SER NF 50 -64.73 -73.01 -74.55
C SER NF 50 -65.02 -73.89 -73.34
N GLU NF 51 -66.29 -73.95 -72.96
CA GLU NF 51 -66.70 -74.76 -71.82
C GLU NF 51 -68.14 -75.19 -72.02
N LEU NF 52 -68.39 -76.49 -71.86
CA LEU NF 52 -69.74 -77.04 -71.92
C LEU NF 52 -69.97 -77.83 -70.64
N LYS NF 53 -70.78 -77.29 -69.74
CA LYS NF 53 -70.95 -77.88 -68.43
C LYS NF 53 -72.42 -78.20 -68.15
N ILE NF 54 -72.64 -79.35 -67.53
CA ILE NF 54 -73.96 -79.77 -67.07
C ILE NF 54 -73.90 -79.84 -65.56
N THR NF 55 -74.89 -79.24 -64.90
CA THR NF 55 -74.96 -79.20 -63.46
C THR NF 55 -76.30 -79.75 -63.00
N ARG NF 56 -76.26 -80.67 -62.06
CA ARG NF 56 -77.46 -81.19 -61.42
C ARG NF 56 -77.46 -80.79 -59.97
N VAL NF 57 -78.54 -80.14 -59.54
CA VAL NF 57 -78.75 -79.82 -58.14
C VAL NF 57 -80.12 -80.36 -57.74
N ASP NF 58 -80.28 -80.68 -56.47
CA ASP NF 58 -81.60 -81.11 -56.03
C ASP NF 58 -82.47 -79.87 -55.82
N PRO NF 59 -83.55 -79.70 -56.58
CA PRO NF 59 -84.27 -78.43 -56.51
C PRO NF 59 -85.30 -78.35 -55.39
N THR NF 60 -84.95 -78.87 -54.22
CA THR NF 60 -85.74 -78.61 -53.02
C THR NF 60 -84.84 -78.00 -51.95
N THR NF 61 -83.70 -78.62 -51.71
CA THR NF 61 -82.74 -78.14 -50.73
C THR NF 61 -81.52 -77.49 -51.37
N GLY NF 62 -81.43 -77.49 -52.70
CA GLY NF 62 -80.32 -76.83 -53.35
C GLY NF 62 -78.97 -77.45 -53.11
N VAL NF 63 -78.90 -78.77 -52.94
CA VAL NF 63 -77.63 -79.46 -52.82
C VAL NF 63 -77.11 -79.81 -54.21
N LEU NF 64 -75.86 -79.48 -54.46
CA LEU NF 64 -75.24 -79.78 -55.74
C LEU NF 64 -75.02 -81.28 -55.83
N ILE NF 65 -75.67 -81.92 -56.80
CA ILE NF 65 -75.50 -83.36 -56.95
C ILE NF 65 -74.20 -83.68 -57.68
N GLY NF 66 -73.93 -82.98 -58.79
CA GLY NF 66 -72.70 -83.20 -59.51
C GLY NF 66 -72.60 -82.32 -60.73
N ILE NF 67 -71.37 -82.17 -61.21
CA ILE NF 67 -71.04 -81.38 -62.39
C ILE NF 67 -70.18 -82.20 -63.31
N VAL NF 68 -70.45 -82.15 -64.60
CA VAL NF 68 -69.56 -82.67 -65.64
C VAL NF 68 -69.26 -81.53 -66.60
N ASN NF 69 -67.98 -81.29 -66.83
CA ASN NF 69 -67.51 -80.15 -67.60
C ASN NF 69 -66.70 -80.62 -68.78
N VAL NF 70 -66.94 -80.03 -69.95
CA VAL NF 70 -66.13 -80.27 -71.13
C VAL NF 70 -65.52 -78.94 -71.54
N SER NF 71 -64.23 -78.77 -71.25
CA SER NF 71 -63.51 -77.54 -71.54
C SER NF 71 -62.48 -77.79 -72.64
N SER NF 72 -62.34 -76.81 -73.52
CA SER NF 72 -61.33 -76.86 -74.57
C SER NF 72 -60.48 -75.61 -74.51
N SER NF 73 -59.17 -75.79 -74.66
CA SER NF 73 -58.21 -74.67 -74.76
C SER NF 73 -57.36 -74.96 -75.99
N ILE NF 74 -57.77 -74.42 -77.13
CA ILE NF 74 -57.11 -74.67 -78.41
C ILE NF 74 -56.49 -73.37 -78.90
N ARG NF 75 -55.30 -73.47 -79.46
CA ARG NF 75 -54.63 -72.30 -80.02
C ARG NF 75 -55.48 -71.68 -81.12
N ALA NF 76 -55.46 -70.35 -81.19
CA ALA NF 76 -56.24 -69.66 -82.21
C ALA NF 76 -55.78 -70.03 -83.60
N ASP NF 77 -54.48 -70.25 -83.80
CA ASP NF 77 -53.95 -70.64 -85.09
C ASP NF 77 -54.09 -72.12 -85.38
N ALA NF 78 -54.50 -72.92 -84.40
CA ALA NF 78 -54.53 -74.37 -84.58
C ALA NF 78 -55.51 -74.74 -85.68
N THR NF 79 -55.05 -75.61 -86.58
CA THR NF 79 -55.85 -76.00 -87.71
C THR NF 79 -57.05 -76.83 -87.26
N ALA NF 80 -58.05 -76.90 -88.13
CA ALA NF 80 -59.23 -77.71 -87.83
C ALA NF 80 -58.87 -79.19 -87.73
N ALA NF 81 -57.77 -79.60 -88.36
CA ALA NF 81 -57.32 -80.99 -88.24
C ALA NF 81 -56.99 -81.33 -86.80
N ASP NF 82 -56.22 -80.48 -86.12
CA ASP NF 82 -55.97 -80.69 -84.70
C ASP NF 82 -57.26 -80.56 -83.91
N LYS NF 83 -58.10 -79.59 -84.26
CA LYS NF 83 -59.35 -79.38 -83.55
C LYS NF 83 -60.31 -80.54 -83.72
N THR NF 84 -60.39 -81.10 -84.93
CA THR NF 84 -61.25 -82.26 -85.15
C THR NF 84 -60.68 -83.50 -84.48
N ALA NF 85 -59.35 -83.66 -84.50
CA ALA NF 85 -58.74 -84.82 -83.86
C ALA NF 85 -58.90 -84.76 -82.36
N LEU NF 86 -58.83 -83.55 -81.78
CA LEU NF 86 -58.98 -83.39 -80.34
C LEU NF 86 -60.37 -83.81 -79.88
N MET NF 87 -61.41 -83.49 -80.66
CA MET NF 87 -62.75 -83.91 -80.28
C MET NF 87 -62.96 -85.39 -80.56
N ALA NF 88 -62.38 -85.88 -81.65
CA ALA NF 88 -62.55 -87.29 -82.00
C ALA NF 88 -61.95 -88.20 -80.94
N ILE NF 89 -60.79 -87.84 -80.41
CA ILE NF 89 -60.15 -88.65 -79.38
C ILE NF 89 -60.96 -88.60 -78.09
N ILE NF 90 -61.33 -87.40 -77.65
CA ILE NF 90 -61.97 -87.26 -76.34
C ILE NF 90 -63.36 -87.86 -76.34
N THR NF 91 -64.07 -87.76 -77.46
CA THR NF 91 -65.37 -88.41 -77.57
C THR NF 91 -65.22 -89.93 -77.61
N ALA NF 92 -64.22 -90.42 -78.33
CA ALA NF 92 -63.96 -91.86 -78.35
C ALA NF 92 -63.56 -92.36 -76.96
N ALA NF 93 -62.74 -91.58 -76.25
CA ALA NF 93 -62.38 -91.95 -74.89
C ALA NF 93 -63.59 -91.97 -73.96
N GLN NF 94 -64.49 -91.00 -74.11
CA GLN NF 94 -65.70 -90.98 -73.28
C GLN NF 94 -66.60 -92.16 -73.58
N ALA NF 95 -66.76 -92.51 -74.86
CA ALA NF 95 -67.54 -93.68 -75.23
C ALA NF 95 -66.92 -94.96 -74.69
N ASP NF 96 -65.62 -94.97 -74.43
CA ASP NF 96 -64.96 -96.12 -73.86
C ASP NF 96 -65.41 -96.32 -72.42
N GLY NF 97 -65.30 -97.57 -71.96
CA GLY NF 97 -65.73 -97.91 -70.62
C GLY NF 97 -64.82 -97.38 -69.52
N ALA NF 98 -63.57 -97.04 -69.86
CA ALA NF 98 -62.66 -96.53 -68.85
C ALA NF 98 -63.17 -95.21 -68.26
N TRP NF 99 -63.72 -94.33 -69.10
CA TRP NF 99 -64.29 -93.10 -68.59
C TRP NF 99 -65.52 -93.37 -67.73
N THR NF 100 -66.34 -94.35 -68.13
CA THR NF 100 -67.51 -94.68 -67.33
C THR NF 100 -67.14 -95.09 -65.92
N GLU NF 101 -66.09 -95.90 -65.76
CA GLU NF 101 -65.64 -96.33 -64.44
C GLU NF 101 -64.81 -95.27 -63.72
N LEU NF 102 -64.14 -94.38 -64.43
CA LEU NF 102 -63.43 -93.30 -63.76
C LEU NF 102 -64.41 -92.44 -62.97
N VAL NF 103 -65.55 -92.13 -63.57
CA VAL NF 103 -66.71 -91.66 -62.82
C VAL NF 103 -67.39 -92.87 -62.20
N THR NF 104 -68.15 -92.64 -61.12
CA THR NF 104 -68.96 -93.65 -60.44
C THR NF 104 -68.13 -94.68 -59.68
N ASP NF 105 -66.81 -94.73 -59.93
CA ASP NF 105 -65.96 -95.68 -59.24
C ASP NF 105 -64.61 -95.12 -58.84
N GLN NF 106 -64.18 -94.00 -59.39
CA GLN NF 106 -62.82 -93.50 -59.23
C GLN NF 106 -61.80 -94.57 -59.59
N ARG NF 107 -62.06 -95.27 -60.69
CA ARG NF 107 -61.25 -96.38 -61.15
C ARG NF 107 -60.36 -95.94 -62.29
N LEU NF 108 -59.05 -96.04 -62.11
CA LEU NF 108 -58.11 -95.70 -63.15
C LEU NF 108 -57.94 -96.86 -64.13
N PRO NF 109 -57.62 -96.57 -65.39
CA PRO NF 109 -57.41 -97.65 -66.36
C PRO NF 109 -56.08 -98.34 -66.16
N LEU NF 110 -55.97 -99.12 -65.09
CA LEU NF 110 -54.80 -99.94 -64.85
C LEU NF 110 -55.14 -101.34 -64.36
N ALA NF 111 -56.42 -101.69 -64.27
CA ALA NF 111 -56.80 -103.01 -63.76
C ALA NF 111 -56.41 -104.10 -64.75
N THR NF 112 -55.94 -105.22 -64.21
CA THR NF 112 -55.52 -106.35 -65.03
C THR NF 112 -56.68 -107.26 -65.42
N VAL NF 113 -57.88 -106.99 -64.93
CA VAL NF 113 -59.08 -107.78 -65.23
C VAL NF 113 -58.92 -109.22 -64.76
N SER OF 1 -75.68 -35.11 -103.56
CA SER OF 1 -75.47 -34.25 -104.72
C SER OF 1 -76.74 -33.49 -105.10
N LYS OF 2 -77.81 -34.23 -105.35
CA LYS OF 2 -79.05 -33.64 -105.82
C LYS OF 2 -80.23 -34.30 -105.11
N VAL OF 3 -81.43 -34.13 -105.66
CA VAL OF 3 -82.70 -34.38 -104.99
C VAL OF 3 -82.72 -35.72 -104.26
N PHE OF 4 -82.96 -35.65 -102.94
CA PHE OF 4 -83.06 -36.80 -102.07
C PHE OF 4 -84.34 -36.69 -101.28
N ASN OF 5 -85.10 -37.78 -101.21
CA ASN OF 5 -86.35 -37.80 -100.46
C ASN OF 5 -87.29 -36.70 -100.92
N THR OF 6 -87.33 -36.48 -102.24
CA THR OF 6 -88.10 -35.45 -102.92
C THR OF 6 -87.69 -34.04 -102.54
N GLN OF 7 -86.65 -33.87 -101.72
CA GLN OF 7 -86.16 -32.56 -101.34
C GLN OF 7 -84.97 -32.21 -102.22
N THR OF 8 -84.92 -30.97 -102.67
CA THR OF 8 -83.82 -30.49 -103.49
C THR OF 8 -82.70 -30.00 -102.58
N PHE OF 9 -81.51 -30.57 -102.72
CA PHE OF 9 -80.35 -30.14 -101.96
C PHE OF 9 -79.41 -29.42 -102.92
N ASP OF 10 -79.14 -28.16 -102.60
CA ASP OF 10 -78.23 -27.34 -103.39
C ASP OF 10 -76.98 -27.07 -102.58
N ILE OF 11 -75.86 -26.88 -103.29
CA ILE OF 11 -74.59 -26.66 -102.61
C ILE OF 11 -74.69 -25.37 -101.81
N TYR OF 12 -74.36 -25.46 -100.52
CA TYR OF 12 -74.34 -24.30 -99.64
C TYR OF 12 -72.94 -23.76 -99.41
N SER OF 13 -71.96 -24.64 -99.26
CA SER OF 13 -70.60 -24.21 -99.02
C SER OF 13 -69.67 -25.26 -99.58
N THR OF 14 -68.51 -24.80 -100.05
CA THR OF 14 -67.49 -25.68 -100.58
C THR OF 14 -66.21 -25.44 -99.80
N GLU OF 15 -65.61 -26.51 -99.32
CA GLU OF 15 -64.41 -26.46 -98.52
C GLU OF 15 -63.36 -27.38 -99.14
N LYS OF 16 -62.12 -27.26 -98.66
CA LYS OF 16 -61.04 -28.10 -99.14
C LYS OF 16 -61.40 -29.58 -99.10
N ASP OF 17 -61.89 -30.05 -97.96
CA ASP OF 17 -62.27 -31.45 -97.79
C ASP OF 17 -63.71 -31.61 -97.34
N VAL OF 18 -64.53 -30.57 -97.43
CA VAL OF 18 -65.93 -30.63 -97.03
C VAL OF 18 -66.79 -30.00 -98.11
N VAL OF 19 -67.90 -30.64 -98.43
CA VAL OF 19 -68.92 -30.06 -99.30
C VAL OF 19 -70.25 -30.18 -98.57
N SER OF 20 -70.99 -29.08 -98.50
CA SER OF 20 -72.24 -29.00 -97.76
C SER OF 20 -73.39 -28.64 -98.69
N LEU OF 21 -74.51 -29.33 -98.53
CA LEU OF 21 -75.71 -29.08 -99.31
C LEU OF 21 -76.87 -28.78 -98.38
N ARG OF 22 -77.65 -27.78 -98.75
CA ARG OF 22 -78.80 -27.35 -97.96
C ARG OF 22 -80.06 -27.51 -98.80
N ASP OF 23 -81.16 -27.84 -98.13
CA ASP OF 23 -82.45 -27.93 -98.82
C ASP OF 23 -82.87 -26.58 -99.39
N PHE OF 24 -82.72 -25.51 -98.62
CA PHE OF 24 -83.03 -24.14 -99.01
C PHE OF 24 -84.53 -23.94 -99.19
N ALA OF 25 -85.30 -25.01 -99.09
CA ALA OF 25 -86.76 -24.94 -99.14
C ALA OF 25 -87.38 -25.09 -97.77
N ASN OF 26 -87.02 -26.15 -97.04
CA ASN OF 26 -87.37 -26.27 -95.64
C ASN OF 26 -86.40 -25.55 -94.73
N ASP OF 27 -85.19 -25.23 -95.21
CA ASP OF 27 -84.20 -24.45 -94.47
C ASP OF 27 -83.85 -25.09 -93.13
N LYS OF 28 -83.88 -26.41 -93.06
CA LYS OF 28 -83.49 -27.10 -91.83
C LYS OF 28 -82.60 -28.32 -92.06
N ASP OF 29 -82.50 -28.82 -93.28
CA ASP OF 29 -81.72 -30.02 -93.57
C ASP OF 29 -80.40 -29.63 -94.22
N THR OF 30 -79.31 -30.16 -93.69
CA THR OF 30 -77.98 -29.93 -94.24
C THR OF 30 -77.30 -31.27 -94.46
N LEU OF 31 -76.80 -31.48 -95.68
CA LEU OF 31 -76.09 -32.69 -96.05
C LEU OF 31 -74.63 -32.34 -96.32
N ALA OF 32 -73.72 -33.00 -95.62
CA ALA OF 32 -72.29 -32.68 -95.69
C ALA OF 32 -71.52 -33.91 -96.13
N TYR OF 33 -70.60 -33.70 -97.08
CA TYR OF 33 -69.65 -34.71 -97.51
C TYR OF 33 -68.28 -34.33 -96.96
N LYS OF 34 -67.75 -35.13 -96.05
CA LYS OF 34 -66.48 -34.84 -95.41
C LYS OF 34 -65.43 -35.84 -95.84
N ARG OF 35 -64.20 -35.36 -95.97
CA ARG OF 35 -63.09 -36.11 -96.54
C ARG OF 35 -61.92 -36.11 -95.58
N LEU OF 36 -61.16 -37.19 -95.58
CA LEU OF 36 -59.95 -37.27 -94.75
C LEU OF 36 -59.04 -38.33 -95.34
N ALA OF 37 -57.93 -37.90 -95.92
CA ALA OF 37 -57.02 -38.82 -96.58
C ALA OF 37 -56.27 -39.70 -95.56
N PRO OF 38 -55.89 -40.91 -95.96
CA PRO OF 38 -55.11 -41.76 -95.04
C PRO OF 38 -53.71 -41.21 -94.85
N LYS OF 39 -53.21 -41.32 -93.62
CA LYS OF 39 -51.87 -40.84 -93.29
C LYS OF 39 -50.95 -42.03 -93.05
N ARG OF 40 -49.83 -42.05 -93.77
CA ARG OF 40 -48.82 -43.09 -93.60
C ARG OF 40 -47.94 -42.69 -92.42
N THR OF 41 -48.57 -42.63 -91.24
CA THR OF 41 -47.87 -42.28 -90.02
C THR OF 41 -46.94 -43.39 -89.55
N LYS OF 42 -46.99 -44.54 -90.21
CA LYS OF 42 -46.15 -45.69 -89.90
C LYS OF 42 -46.01 -46.51 -91.16
N ASP OF 43 -45.57 -47.75 -91.02
CA ASP OF 43 -45.50 -48.68 -92.14
C ASP OF 43 -46.84 -48.79 -92.84
N SER OF 44 -47.92 -48.78 -92.05
CA SER OF 44 -49.27 -48.87 -92.60
C SER OF 44 -49.56 -47.64 -93.45
N PRO OF 45 -50.29 -47.78 -94.56
CA PRO OF 45 -50.60 -46.62 -95.40
C PRO OF 45 -51.66 -45.70 -94.82
N GLY OF 46 -52.24 -46.03 -93.67
CA GLY OF 46 -53.23 -45.18 -93.04
C GLY OF 46 -54.65 -45.56 -93.39
N MET OF 47 -55.58 -44.88 -92.73
CA MET OF 47 -57.01 -45.13 -92.88
C MET OF 47 -57.65 -43.97 -93.60
N ALA OF 48 -58.30 -44.26 -94.72
CA ALA OF 48 -58.98 -43.25 -95.52
C ALA OF 48 -60.37 -43.01 -94.92
N LYS OF 49 -60.53 -41.88 -94.25
CA LYS OF 49 -61.78 -41.56 -93.57
C LYS OF 49 -62.73 -40.81 -94.48
N SER OF 50 -63.98 -41.24 -94.49
CA SER OF 50 -65.06 -40.55 -95.19
C SER OF 50 -66.16 -40.26 -94.20
N GLU OF 51 -67.09 -39.38 -94.61
CA GLU OF 51 -68.20 -39.04 -93.73
C GLU OF 51 -69.32 -38.43 -94.54
N LEU OF 52 -70.54 -38.91 -94.33
CA LEU OF 52 -71.74 -38.39 -94.97
C LEU OF 52 -72.80 -38.23 -93.88
N LYS OF 53 -73.20 -37.00 -93.59
CA LYS OF 53 -74.14 -36.75 -92.52
C LYS OF 53 -75.26 -35.83 -93.00
N ILE OF 54 -76.44 -36.04 -92.41
CA ILE OF 54 -77.57 -35.14 -92.59
C ILE OF 54 -77.96 -34.59 -91.22
N THR OF 55 -78.09 -33.27 -91.13
CA THR OF 55 -78.41 -32.60 -89.89
C THR OF 55 -79.70 -31.81 -90.06
N ARG OF 56 -80.62 -31.98 -89.12
CA ARG OF 56 -81.86 -31.23 -89.09
C ARG OF 56 -81.87 -30.31 -87.89
N VAL OF 57 -82.02 -29.02 -88.14
CA VAL OF 57 -82.10 -28.00 -87.10
C VAL OF 57 -83.27 -27.09 -87.41
N ASP OF 58 -84.20 -26.98 -86.47
CA ASP OF 58 -85.43 -26.23 -86.73
C ASP OF 58 -85.14 -24.78 -87.06
N PRO OF 59 -85.62 -24.25 -88.19
CA PRO OF 59 -85.32 -22.87 -88.55
C PRO OF 59 -86.26 -21.88 -87.91
N THR OF 60 -86.53 -22.03 -86.62
CA THR OF 60 -87.33 -21.05 -85.89
C THR OF 60 -86.56 -20.57 -84.67
N THR OF 61 -85.85 -21.49 -84.01
CA THR OF 61 -85.01 -21.16 -82.86
C THR OF 61 -83.62 -21.77 -82.95
N GLY OF 62 -83.43 -22.79 -83.79
CA GLY OF 62 -82.12 -23.41 -83.92
C GLY OF 62 -81.91 -24.63 -83.05
N VAL OF 63 -82.92 -25.47 -82.90
CA VAL OF 63 -82.81 -26.67 -82.07
C VAL OF 63 -82.44 -27.85 -82.96
N LEU OF 64 -81.36 -28.53 -82.60
CA LEU OF 64 -80.92 -29.72 -83.34
C LEU OF 64 -81.94 -30.83 -83.14
N ILE OF 65 -82.66 -31.16 -84.22
CA ILE OF 65 -83.64 -32.24 -84.15
C ILE OF 65 -82.96 -33.60 -84.13
N GLY OF 66 -82.01 -33.81 -85.03
CA GLY OF 66 -81.36 -35.09 -85.11
C GLY OF 66 -80.25 -35.07 -86.13
N ILE OF 67 -79.39 -36.08 -86.04
CA ILE OF 67 -78.29 -36.29 -86.98
C ILE OF 67 -78.21 -37.77 -87.30
N VAL OF 68 -78.10 -38.09 -88.59
CA VAL OF 68 -77.70 -39.42 -89.03
C VAL OF 68 -76.41 -39.26 -89.82
N ASN OF 69 -75.38 -39.98 -89.40
CA ASN OF 69 -74.05 -39.87 -90.01
C ASN OF 69 -73.61 -41.24 -90.50
N VAL OF 70 -72.98 -41.27 -91.67
CA VAL OF 70 -72.38 -42.48 -92.21
C VAL OF 70 -70.89 -42.20 -92.35
N SER OF 71 -70.09 -42.82 -91.50
CA SER OF 71 -68.65 -42.64 -91.51
C SER OF 71 -67.97 -43.92 -91.94
N SER OF 72 -66.88 -43.79 -92.68
CA SER OF 72 -66.06 -44.91 -93.09
C SER OF 72 -64.62 -44.70 -92.65
N SER OF 73 -63.98 -45.78 -92.24
CA SER OF 73 -62.57 -45.78 -91.88
C SER OF 73 -61.99 -47.05 -92.49
N ILE OF 74 -61.47 -46.92 -93.70
CA ILE OF 74 -61.00 -48.07 -94.47
C ILE OF 74 -59.50 -47.91 -94.70
N ARG OF 75 -58.78 -49.02 -94.58
CA ARG OF 75 -57.35 -49.03 -94.87
C ARG OF 75 -57.09 -48.47 -96.26
N ALA OF 76 -56.02 -47.68 -96.38
CA ALA OF 76 -55.65 -47.14 -97.68
C ALA OF 76 -55.34 -48.25 -98.67
N ASP OF 77 -54.82 -49.38 -98.20
CA ASP OF 77 -54.48 -50.49 -99.07
C ASP OF 77 -55.63 -51.46 -99.29
N ALA OF 78 -56.79 -51.24 -98.66
CA ALA OF 78 -57.89 -52.18 -98.78
C ALA OF 78 -58.38 -52.28 -100.21
N THR OF 79 -58.69 -53.49 -100.63
CA THR OF 79 -59.08 -53.73 -102.02
C THR OF 79 -60.48 -53.19 -102.27
N ALA OF 80 -60.77 -52.95 -103.56
CA ALA OF 80 -62.10 -52.50 -103.94
C ALA OF 80 -63.16 -53.52 -103.59
N ALA OF 81 -62.79 -54.80 -103.53
CA ALA OF 81 -63.74 -55.83 -103.10
C ALA OF 81 -64.14 -55.63 -101.65
N ASP OF 82 -63.17 -55.37 -100.77
CA ASP OF 82 -63.49 -55.04 -99.40
C ASP OF 82 -64.30 -53.75 -99.32
N LYS OF 83 -63.96 -52.77 -100.15
CA LYS OF 83 -64.62 -51.47 -100.09
C LYS OF 83 -66.04 -51.56 -100.65
N THR OF 84 -66.26 -52.42 -101.63
CA THR OF 84 -67.61 -52.64 -102.13
C THR OF 84 -68.42 -53.49 -101.17
N ALA OF 85 -67.80 -54.52 -100.58
CA ALA OF 85 -68.51 -55.39 -99.65
C ALA OF 85 -68.97 -54.64 -98.42
N LEU OF 86 -68.12 -53.76 -97.88
CA LEU OF 86 -68.48 -53.00 -96.70
C LEU OF 86 -69.69 -52.10 -96.96
N MET OF 87 -69.73 -51.49 -98.15
CA MET OF 87 -70.86 -50.62 -98.48
C MET OF 87 -72.10 -51.44 -98.79
N ALA OF 88 -71.92 -52.67 -99.30
CA ALA OF 88 -73.06 -53.51 -99.63
C ALA OF 88 -73.72 -54.09 -98.38
N ILE OF 89 -72.91 -54.51 -97.41
CA ILE OF 89 -73.46 -55.06 -96.17
C ILE OF 89 -74.21 -53.99 -95.39
N ILE OF 90 -73.60 -52.82 -95.24
CA ILE OF 90 -74.22 -51.77 -94.44
C ILE OF 90 -75.48 -51.24 -95.10
N THR OF 91 -75.50 -51.17 -96.43
CA THR OF 91 -76.70 -50.70 -97.12
C THR OF 91 -77.84 -51.70 -96.98
N ALA OF 92 -77.54 -53.00 -97.07
CA ALA OF 92 -78.55 -54.03 -96.87
C ALA OF 92 -79.06 -54.03 -95.43
N ALA OF 93 -78.16 -53.83 -94.46
CA ALA OF 93 -78.58 -53.78 -93.07
C ALA OF 93 -79.48 -52.59 -92.79
N GLN OF 94 -79.17 -51.43 -93.38
CA GLN OF 94 -80.05 -50.27 -93.26
C GLN OF 94 -81.39 -50.53 -93.93
N ALA OF 95 -81.38 -51.19 -95.08
CA ALA OF 95 -82.63 -51.55 -95.74
C ALA OF 95 -83.41 -52.58 -94.94
N ASP OF 96 -82.73 -53.38 -94.13
CA ASP OF 96 -83.40 -54.29 -93.23
C ASP OF 96 -84.17 -53.51 -92.17
N GLY OF 97 -85.21 -54.13 -91.63
CA GLY OF 97 -86.09 -53.46 -90.69
C GLY OF 97 -85.51 -53.32 -89.30
N ALA OF 98 -84.46 -54.07 -88.98
CA ALA OF 98 -83.85 -53.96 -87.65
C ALA OF 98 -83.27 -52.57 -87.44
N TRP OF 99 -82.72 -51.97 -88.49
CA TRP OF 99 -82.22 -50.60 -88.38
C TRP OF 99 -83.36 -49.61 -88.16
N THR OF 100 -84.47 -49.80 -88.86
CA THR OF 100 -85.62 -48.91 -88.71
C THR OF 100 -86.20 -48.99 -87.30
N GLU OF 101 -85.92 -50.06 -86.56
CA GLU OF 101 -86.35 -50.19 -85.19
C GLU OF 101 -85.32 -49.69 -84.19
N LEU OF 102 -84.03 -49.86 -84.49
CA LEU OF 102 -82.98 -49.30 -83.65
C LEU OF 102 -83.12 -47.78 -83.58
N VAL OF 103 -83.29 -47.15 -84.72
CA VAL OF 103 -83.79 -45.79 -84.78
C VAL OF 103 -85.30 -45.85 -84.55
N THR OF 104 -85.85 -44.79 -83.98
CA THR OF 104 -87.28 -44.58 -83.76
C THR OF 104 -87.85 -45.44 -82.65
N ASP OF 105 -87.11 -46.44 -82.18
CA ASP OF 105 -87.58 -47.21 -81.03
C ASP OF 105 -86.49 -47.62 -80.05
N GLN OF 106 -85.21 -47.56 -80.43
CA GLN OF 106 -84.12 -48.13 -79.64
C GLN OF 106 -84.37 -49.60 -79.37
N ARG OF 107 -84.81 -50.31 -80.40
CA ARG OF 107 -85.13 -51.74 -80.30
C ARG OF 107 -83.98 -52.53 -80.90
N LEU OF 108 -83.36 -53.36 -80.10
CA LEU OF 108 -82.27 -54.19 -80.57
C LEU OF 108 -82.81 -55.46 -81.23
N PRO OF 109 -82.05 -56.04 -82.14
CA PRO OF 109 -82.48 -57.31 -82.76
C PRO OF 109 -82.32 -58.49 -81.82
N LEU OF 110 -83.05 -58.48 -80.71
CA LEU OF 110 -83.07 -59.62 -79.81
C LEU OF 110 -84.46 -59.95 -79.28
N ALA OF 111 -85.48 -59.19 -79.65
CA ALA OF 111 -86.85 -59.51 -79.25
C ALA OF 111 -87.29 -60.81 -79.92
N THR OF 112 -88.07 -61.61 -79.20
CA THR OF 112 -88.54 -62.90 -79.69
C THR OF 112 -89.79 -62.79 -80.55
N VAL OF 113 -90.37 -61.60 -80.66
CA VAL OF 113 -91.59 -61.36 -81.46
C VAL OF 113 -92.75 -62.20 -80.95
N SER PF 1 -110.99 48.98 -55.13
CA SER PF 1 -111.88 48.04 -55.80
C SER PF 1 -112.00 48.36 -57.29
N LYS PF 2 -112.53 49.54 -57.59
CA LYS PF 2 -112.71 49.99 -58.96
C LYS PF 2 -112.30 51.47 -59.03
N VAL PF 3 -112.70 52.15 -60.10
CA VAL PF 3 -112.19 53.48 -60.43
C VAL PF 3 -112.22 54.43 -59.23
N PHE PF 4 -111.05 54.95 -58.89
CA PHE PF 4 -110.86 55.92 -57.82
C PHE PF 4 -110.00 57.05 -58.36
N ASN PF 5 -110.43 58.29 -58.13
CA ASN PF 5 -109.70 59.46 -58.58
C ASN PF 5 -109.43 59.38 -60.08
N THR PF 6 -110.48 58.99 -60.82
CA THR PF 6 -110.46 58.84 -62.28
C THR PF 6 -109.46 57.81 -62.77
N GLN PF 7 -108.98 56.91 -61.90
CA GLN PF 7 -108.09 55.84 -62.31
C GLN PF 7 -108.74 54.50 -62.02
N THR PF 8 -108.61 53.56 -62.95
CA THR PF 8 -109.24 52.26 -62.85
C THR PF 8 -108.27 51.28 -62.21
N PHE PF 9 -108.63 50.75 -61.05
CA PHE PF 9 -107.79 49.82 -60.32
C PHE PF 9 -108.35 48.41 -60.50
N ASP PF 10 -107.55 47.54 -61.11
CA ASP PF 10 -107.93 46.16 -61.35
C ASP PF 10 -107.06 45.24 -60.51
N ILE PF 11 -107.62 44.07 -60.18
CA ILE PF 11 -106.92 43.15 -59.29
C ILE PF 11 -105.65 42.65 -59.97
N TYR PF 12 -104.53 42.76 -59.28
CA TYR PF 12 -103.29 42.17 -59.73
C TYR PF 12 -102.93 40.90 -59.00
N SER PF 13 -103.26 40.82 -57.71
CA SER PF 13 -102.85 39.68 -56.92
C SER PF 13 -103.85 39.49 -55.79
N THR PF 14 -103.95 38.24 -55.33
CA THR PF 14 -104.84 37.89 -54.23
C THR PF 14 -104.14 36.88 -53.34
N GLU PF 15 -103.98 37.21 -52.07
CA GLU PF 15 -103.40 36.32 -51.09
C GLU PF 15 -104.50 35.82 -50.17
N LYS PF 16 -104.10 35.11 -49.13
CA LYS PF 16 -105.04 34.69 -48.10
C LYS PF 16 -105.65 35.90 -47.42
N ASP PF 17 -104.84 36.93 -47.16
CA ASP PF 17 -105.30 38.10 -46.41
C ASP PF 17 -104.96 39.42 -47.08
N VAL PF 18 -104.43 39.41 -48.29
CA VAL PF 18 -104.13 40.63 -49.03
C VAL PF 18 -104.74 40.54 -50.42
N VAL PF 19 -105.37 41.63 -50.86
CA VAL PF 19 -105.76 41.82 -52.24
C VAL PF 19 -105.04 43.04 -52.75
N SER PF 20 -104.39 42.92 -53.91
CA SER PF 20 -103.65 44.01 -54.52
C SER PF 20 -104.30 44.42 -55.82
N LEU PF 21 -104.42 45.72 -56.02
CA LEU PF 21 -104.98 46.28 -57.24
C LEU PF 21 -104.01 47.29 -57.83
N ARG PF 22 -103.91 47.30 -59.16
CA ARG PF 22 -103.05 48.22 -59.87
C ARG PF 22 -103.87 48.99 -60.90
N ASP PF 23 -103.33 50.14 -61.31
CA ASP PF 23 -103.98 50.93 -62.36
C ASP PF 23 -103.84 50.26 -63.72
N PHE PF 24 -102.63 49.80 -64.04
CA PHE PF 24 -102.31 49.16 -65.32
C PHE PF 24 -102.36 50.18 -66.46
N ALA PF 25 -102.76 51.41 -66.14
CA ALA PF 25 -102.79 52.50 -67.11
C ALA PF 25 -101.58 53.42 -66.96
N ASN PF 26 -101.37 53.98 -65.77
CA ASN PF 26 -100.14 54.69 -65.49
C ASN PF 26 -99.06 53.81 -64.91
N ASP PF 27 -99.42 52.58 -64.50
CA ASP PF 27 -98.46 51.59 -64.01
C ASP PF 27 -97.61 52.13 -62.87
N LYS PF 28 -98.19 52.95 -62.02
CA LYS PF 28 -97.44 53.55 -60.93
C LYS PF 28 -98.14 53.42 -59.58
N ASP PF 29 -99.42 53.11 -59.53
CA ASP PF 29 -100.17 53.04 -58.29
C ASP PF 29 -100.60 51.61 -58.01
N THR PF 30 -100.45 51.20 -56.75
CA THR PF 30 -100.97 49.93 -56.27
C THR PF 30 -101.78 50.18 -55.02
N LEU PF 31 -103.00 49.67 -55.00
CA LEU PF 31 -103.89 49.77 -53.85
C LEU PF 31 -104.00 48.39 -53.22
N ALA PF 32 -103.77 48.32 -51.91
CA ALA PF 32 -103.75 47.05 -51.19
C ALA PF 32 -104.77 47.06 -50.07
N TYR PF 33 -105.54 45.99 -49.98
CA TYR PF 33 -106.49 45.75 -48.88
C TYR PF 33 -105.95 44.56 -48.10
N LYS PF 34 -105.76 44.74 -46.80
CA LYS PF 34 -105.06 43.75 -45.99
C LYS PF 34 -105.89 43.45 -44.75
N ARG PF 35 -105.79 42.20 -44.28
CA ARG PF 35 -106.74 41.64 -43.35
C ARG PF 35 -106.04 40.84 -42.26
N LEU PF 36 -106.22 41.24 -41.01
CA LEU PF 36 -105.78 40.43 -39.86
C LEU PF 36 -106.94 40.25 -38.90
N ALA PF 37 -107.46 39.03 -38.81
CA ALA PF 37 -108.55 38.73 -37.90
C ALA PF 37 -108.08 38.82 -36.44
N PRO PF 38 -108.99 39.13 -35.52
CA PRO PF 38 -108.59 39.22 -34.11
C PRO PF 38 -108.21 37.85 -33.54
N LYS PF 39 -107.27 37.85 -32.62
CA LYS PF 39 -106.80 36.63 -31.99
C LYS PF 39 -107.03 36.71 -30.48
N ARG PF 40 -107.77 35.75 -29.95
CA ARG PF 40 -108.16 35.73 -28.54
C ARG PF 40 -106.97 35.19 -27.75
N THR PF 41 -106.05 36.09 -27.41
CA THR PF 41 -104.87 35.71 -26.65
C THR PF 41 -105.05 35.88 -25.15
N LYS PF 42 -106.18 36.41 -24.71
CA LYS PF 42 -106.46 36.61 -23.30
C LYS PF 42 -107.97 36.71 -23.14
N ASP PF 43 -108.41 37.23 -22.00
CA ASP PF 43 -109.82 37.51 -21.79
C ASP PF 43 -110.33 38.47 -22.86
N SER PF 44 -109.44 39.28 -23.42
CA SER PF 44 -109.80 40.10 -24.57
C SER PF 44 -109.95 39.23 -25.81
N PRO PF 45 -110.94 39.51 -26.66
CA PRO PF 45 -111.09 38.72 -27.89
C PRO PF 45 -110.13 39.10 -29.01
N GLY PF 46 -109.19 40.01 -28.75
CA GLY PF 46 -108.26 40.44 -29.76
C GLY PF 46 -108.74 41.64 -30.56
N MET PF 47 -107.83 42.20 -31.34
CA MET PF 47 -108.11 43.37 -32.18
C MET PF 47 -108.08 42.95 -33.64
N ALA PF 48 -109.11 43.32 -34.39
CA ALA PF 48 -109.18 43.04 -35.82
C ALA PF 48 -108.42 44.14 -36.56
N LYS PF 49 -107.40 43.76 -37.31
CA LYS PF 49 -106.59 44.70 -38.04
C LYS PF 49 -107.09 44.84 -39.47
N SER PF 50 -107.12 46.07 -39.96
CA SER PF 50 -107.31 46.34 -41.37
C SER PF 50 -106.21 47.27 -41.84
N GLU PF 51 -106.00 47.30 -43.15
CA GLU PF 51 -104.96 48.14 -43.71
C GLU PF 51 -105.28 48.41 -45.16
N LEU PF 52 -105.31 49.68 -45.54
CA LEU PF 52 -105.63 50.09 -46.90
C LEU PF 52 -104.59 51.10 -47.34
N LYS PF 53 -103.66 50.66 -48.18
CA LYS PF 53 -102.53 51.51 -48.57
C LYS PF 53 -102.56 51.79 -50.06
N ILE PF 54 -102.21 53.02 -50.42
CA ILE PF 54 -101.94 53.41 -51.80
C ILE PF 54 -100.47 53.76 -51.91
N THR PF 55 -99.77 53.08 -52.81
CA THR PF 55 -98.35 53.30 -53.04
C THR PF 55 -98.12 53.78 -54.45
N ARG PF 56 -97.33 54.84 -54.60
CA ARG PF 56 -96.98 55.38 -55.91
C ARG PF 56 -95.49 55.22 -56.13
N VAL PF 57 -95.13 54.51 -57.19
CA VAL PF 57 -93.75 54.32 -57.60
C VAL PF 57 -93.62 54.77 -59.05
N ASP PF 58 -92.63 55.61 -59.33
CA ASP PF 58 -92.50 56.03 -60.72
C ASP PF 58 -92.03 54.86 -61.56
N PRO PF 59 -92.65 54.60 -62.71
CA PRO PF 59 -92.29 53.42 -63.50
C PRO PF 59 -91.16 53.65 -64.50
N THR PF 60 -90.09 54.32 -64.08
CA THR PF 60 -88.92 54.43 -64.93
C THR PF 60 -87.69 53.86 -64.22
N THR PF 61 -87.51 54.24 -62.97
CA THR PF 61 -86.44 53.72 -62.14
C THR PF 61 -86.93 52.98 -60.91
N GLY PF 62 -88.25 52.98 -60.67
CA GLY PF 62 -88.79 52.29 -59.51
C GLY PF 62 -88.55 52.95 -58.18
N VAL PF 63 -88.51 54.28 -58.14
CA VAL PF 63 -88.33 55.00 -56.88
C VAL PF 63 -89.70 55.21 -56.25
N LEU PF 64 -89.78 54.98 -54.95
CA LEU PF 64 -91.03 55.15 -54.21
C LEU PF 64 -91.32 56.63 -54.04
N ILE PF 65 -92.40 57.11 -54.65
CA ILE PF 65 -92.77 58.50 -54.51
C ILE PF 65 -93.43 58.76 -53.16
N GLY PF 66 -94.40 57.94 -52.78
CA GLY PF 66 -95.04 58.12 -51.50
C GLY PF 66 -96.11 57.07 -51.26
N ILE PF 67 -96.39 56.86 -49.98
CA ILE PF 67 -97.43 55.94 -49.54
C ILE PF 67 -98.38 56.67 -48.60
N VAL PF 68 -99.68 56.45 -48.79
CA VAL PF 68 -100.70 56.86 -47.83
C VAL PF 68 -101.40 55.59 -47.37
N ASN PF 69 -101.45 55.37 -46.06
CA ASN PF 69 -101.98 54.16 -45.47
C ASN PF 69 -103.10 54.49 -44.50
N VAL PF 70 -104.17 53.70 -44.55
CA VAL PF 70 -105.27 53.80 -43.60
C VAL PF 70 -105.37 52.46 -42.90
N SER PF 71 -104.92 52.42 -41.64
CA SER PF 71 -104.95 51.19 -40.86
C SER PF 71 -105.91 51.36 -39.69
N SER PF 72 -106.69 50.32 -39.43
CA SER PF 72 -107.61 50.29 -38.30
C SER PF 72 -107.26 49.12 -37.40
N SER PF 73 -107.39 49.33 -36.09
CA SER PF 73 -107.17 48.30 -35.08
C SER PF 73 -108.33 48.42 -34.09
N ILE PF 74 -109.34 47.58 -34.26
CA ILE PF 74 -110.58 47.69 -33.50
C ILE PF 74 -110.83 46.40 -32.74
N ARG PF 75 -111.27 46.55 -31.49
CA ARG PF 75 -111.58 45.41 -30.64
C ARG PF 75 -112.60 44.49 -31.29
N ALA PF 76 -112.40 43.18 -31.12
CA ALA PF 76 -113.31 42.22 -31.72
C ALA PF 76 -114.73 42.38 -31.18
N ASP PF 77 -114.87 42.67 -29.90
CA ASP PF 77 -116.17 42.84 -29.27
C ASP PF 77 -116.77 44.22 -29.52
N ALA PF 78 -116.02 45.13 -30.15
CA ALA PF 78 -116.46 46.51 -30.28
C ALA PF 78 -117.74 46.60 -31.09
N THR PF 79 -118.60 47.54 -30.72
CA THR PF 79 -119.90 47.69 -31.34
C THR PF 79 -119.76 48.29 -32.73
N ALA PF 80 -120.84 48.15 -33.52
CA ALA PF 80 -120.89 48.78 -34.83
C ALA PF 80 -120.89 50.30 -34.69
N ALA PF 81 -121.53 50.82 -33.64
CA ALA PF 81 -121.50 52.26 -33.39
C ALA PF 81 -120.09 52.75 -33.13
N ASP PF 82 -119.30 51.99 -32.37
CA ASP PF 82 -117.90 52.33 -32.19
C ASP PF 82 -117.16 52.32 -33.52
N LYS PF 83 -117.45 51.33 -34.37
CA LYS PF 83 -116.76 51.21 -35.64
C LYS PF 83 -117.22 52.29 -36.62
N THR PF 84 -118.50 52.65 -36.57
CA THR PF 84 -118.99 53.71 -37.43
C THR PF 84 -118.46 55.08 -36.99
N ALA PF 85 -118.42 55.32 -35.69
CA ALA PF 85 -117.94 56.60 -35.18
C ALA PF 85 -116.47 56.80 -35.52
N LEU PF 86 -115.66 55.76 -35.38
CA LEU PF 86 -114.25 55.86 -35.71
C LEU PF 86 -114.06 56.19 -37.19
N MET PF 87 -114.83 55.55 -38.06
CA MET PF 87 -114.69 55.81 -39.48
C MET PF 87 -115.25 57.17 -39.85
N ALA PF 88 -116.34 57.59 -39.20
CA ALA PF 88 -116.90 58.91 -39.46
C ALA PF 88 -115.97 60.03 -39.01
N ILE PF 89 -115.32 59.86 -37.86
CA ILE PF 89 -114.44 60.91 -37.34
C ILE PF 89 -113.21 61.06 -38.21
N ILE PF 90 -112.57 59.95 -38.55
CA ILE PF 90 -111.34 60.00 -39.33
C ILE PF 90 -111.61 60.52 -40.73
N THR PF 91 -112.79 60.24 -41.29
CA THR PF 91 -113.13 60.75 -42.60
C THR PF 91 -113.39 62.25 -42.57
N ALA PF 92 -114.04 62.74 -41.52
CA ALA PF 92 -114.28 64.17 -41.39
C ALA PF 92 -112.97 64.93 -41.21
N ALA PF 93 -112.04 64.37 -40.44
CA ALA PF 93 -110.75 65.01 -40.25
C ALA PF 93 -109.94 65.04 -41.54
N GLN PF 94 -110.04 63.99 -42.35
CA GLN PF 94 -109.36 63.97 -43.63
C GLN PF 94 -109.93 65.00 -44.58
N ALA PF 95 -111.26 65.18 -44.57
CA ALA PF 95 -111.90 66.18 -45.39
C ALA PF 95 -111.54 67.59 -44.95
N ASP PF 96 -111.19 67.78 -43.68
CA ASP PF 96 -110.75 69.07 -43.19
C ASP PF 96 -109.40 69.44 -43.81
N GLY PF 97 -109.16 70.74 -43.91
CA GLY PF 97 -107.93 71.22 -44.51
C GLY PF 97 -106.71 71.04 -43.64
N ALA PF 98 -106.89 70.77 -42.34
CA ALA PF 98 -105.76 70.54 -41.46
C ALA PF 98 -104.97 69.32 -41.89
N TRP PF 99 -105.66 68.24 -42.27
CA TRP PF 99 -104.96 67.06 -42.77
C TRP PF 99 -104.27 67.35 -44.10
N THR PF 100 -104.93 68.11 -44.97
CA THR PF 100 -104.33 68.45 -46.26
C THR PF 100 -103.08 69.31 -46.06
N GLU PF 101 -102.97 69.97 -44.91
CA GLU PF 101 -101.79 70.74 -44.57
C GLU PF 101 -100.76 69.92 -43.81
N LEU PF 102 -101.21 68.98 -42.97
CA LEU PF 102 -100.29 68.06 -42.33
C LEU PF 102 -99.50 67.28 -43.38
N VAL PF 103 -100.19 66.84 -44.41
CA VAL PF 103 -99.52 66.34 -45.61
C VAL PF 103 -99.20 67.52 -46.50
N THR PF 104 -98.16 67.38 -47.32
CA THR PF 104 -97.66 68.37 -48.28
C THR PF 104 -96.94 69.54 -47.63
N ASP PF 105 -97.13 69.77 -46.33
CA ASP PF 105 -96.54 70.92 -45.65
C ASP PF 105 -95.91 70.59 -44.31
N GLN PF 106 -96.25 69.46 -43.69
CA GLN PF 106 -95.83 69.13 -42.33
C GLN PF 106 -96.24 70.24 -41.37
N ARG PF 107 -97.50 70.65 -41.46
CA ARG PF 107 -98.06 71.74 -40.68
C ARG PF 107 -99.05 71.18 -39.67
N LEU PF 108 -98.81 71.47 -38.40
CA LEU PF 108 -99.73 71.08 -37.34
C LEU PF 108 -100.91 72.05 -37.29
N PRO PF 109 -102.06 71.60 -36.77
CA PRO PF 109 -103.25 72.47 -36.79
C PRO PF 109 -103.26 73.46 -35.65
N LEU PF 110 -102.14 74.13 -35.41
CA LEU PF 110 -102.01 75.06 -34.31
C LEU PF 110 -101.72 76.49 -34.73
N ALA PF 111 -101.61 76.75 -36.03
CA ALA PF 111 -101.46 78.11 -36.51
C ALA PF 111 -102.67 78.95 -36.09
N THR PF 112 -102.42 80.22 -35.76
CA THR PF 112 -103.48 81.14 -35.40
C THR PF 112 -104.12 81.82 -36.59
N VAL PF 113 -103.61 81.58 -37.81
CA VAL PF 113 -104.15 82.11 -39.06
C VAL PF 113 -104.06 83.65 -39.12
N SER QF 1 -108.86 69.36 -36.13
CA SER QF 1 -108.90 70.74 -35.66
C SER QF 1 -110.14 71.02 -34.81
N LYS QF 2 -111.29 71.08 -35.47
CA LYS QF 2 -112.54 71.47 -34.81
C LYS QF 2 -113.59 70.39 -35.08
N VAL QF 3 -114.85 70.74 -34.87
CA VAL QF 3 -115.97 69.81 -34.83
C VAL QF 3 -115.94 68.82 -35.99
N PHE QF 4 -115.86 67.53 -35.66
CA PHE QF 4 -115.86 66.44 -36.62
C PHE QF 4 -116.91 65.43 -36.17
N ASN QF 5 -117.72 64.94 -37.12
CA ASN QF 5 -118.78 63.97 -36.84
C ASN QF 5 -119.70 64.49 -35.74
N THR QF 6 -120.04 65.78 -35.82
CA THR QF 6 -120.86 66.52 -34.88
C THR QF 6 -120.23 66.63 -33.49
N GLN QF 7 -119.01 66.15 -33.31
CA GLN QF 7 -118.34 66.19 -32.01
C GLN QF 7 -117.25 67.25 -32.01
N THR QF 8 -117.24 68.08 -30.98
CA THR QF 8 -116.25 69.14 -30.84
C THR QF 8 -114.99 68.56 -30.21
N PHE QF 9 -113.87 68.69 -30.90
CA PHE QF 9 -112.58 68.21 -30.42
C PHE QF 9 -111.76 69.42 -30.00
N ASP QF 10 -111.60 69.58 -28.68
CA ASP QF 10 -110.82 70.67 -28.13
C ASP QF 10 -109.43 70.18 -27.78
N ILE QF 11 -108.46 71.10 -27.79
CA ILE QF 11 -107.06 70.70 -27.71
C ILE QF 11 -106.79 70.06 -26.35
N TYR QF 12 -106.17 68.88 -26.37
CA TYR QF 12 -105.85 68.14 -25.17
C TYR QF 12 -104.41 68.25 -24.75
N SER QF 13 -103.48 68.26 -25.69
CA SER QF 13 -102.06 68.43 -25.38
C SER QF 13 -101.36 68.86 -26.66
N THR QF 14 -100.19 69.46 -26.48
CA THR QF 14 -99.37 69.89 -27.61
C THR QF 14 -97.94 69.45 -27.38
N GLU QF 15 -97.37 68.74 -28.34
CA GLU QF 15 -96.00 68.32 -28.36
C GLU QF 15 -95.31 68.99 -29.55
N LYS QF 16 -93.97 68.90 -29.58
CA LYS QF 16 -93.20 69.47 -30.68
C LYS QF 16 -93.70 68.98 -32.04
N ASP QF 17 -94.15 67.73 -32.11
CA ASP QF 17 -94.58 67.15 -33.37
C ASP QF 17 -95.95 66.50 -33.30
N VAL QF 18 -96.63 66.56 -32.17
CA VAL QF 18 -97.95 65.97 -32.00
C VAL QF 18 -98.88 67.01 -31.41
N VAL QF 19 -100.11 67.07 -31.93
CA VAL QF 19 -101.18 67.85 -31.35
C VAL QF 19 -102.37 66.91 -31.15
N SER QF 20 -102.86 66.83 -29.92
CA SER QF 20 -103.96 65.96 -29.57
C SER QF 20 -105.19 66.80 -29.26
N LEU QF 21 -106.34 66.34 -29.73
CA LEU QF 21 -107.62 66.96 -29.43
C LEU QF 21 -108.51 65.95 -28.74
N ARG QF 22 -109.33 66.42 -27.82
CA ARG QF 22 -110.25 65.57 -27.10
C ARG QF 22 -111.66 66.10 -27.27
N ASP QF 23 -112.63 65.19 -27.25
CA ASP QF 23 -114.03 65.61 -27.27
C ASP QF 23 -114.39 66.36 -25.99
N PHE QF 24 -114.05 65.79 -24.83
CA PHE QF 24 -114.33 66.33 -23.50
C PHE QF 24 -115.82 66.28 -23.18
N ALA QF 25 -116.64 65.90 -24.15
CA ALA QF 25 -118.06 65.65 -23.92
C ALA QF 25 -118.33 64.20 -23.57
N ASN QF 26 -117.96 63.28 -24.45
CA ASN QF 26 -118.01 61.86 -24.14
C ASN QF 26 -116.71 61.36 -23.54
N ASP QF 27 -115.66 62.18 -23.52
CA ASP QF 27 -114.40 61.86 -22.87
C ASP QF 27 -113.79 60.56 -23.35
N LYS QF 28 -114.06 60.18 -24.60
CA LYS QF 28 -113.63 58.89 -25.08
C LYS QF 28 -112.82 58.94 -26.36
N ASP QF 29 -112.84 60.04 -27.10
CA ASP QF 29 -112.21 60.14 -28.41
C ASP QF 29 -111.07 61.15 -28.35
N THR QF 30 -109.90 60.73 -28.83
CA THR QF 30 -108.74 61.62 -28.94
C THR QF 30 -108.24 61.62 -30.37
N LEU QF 31 -108.10 62.80 -30.94
CA LEU QF 31 -107.61 62.99 -32.31
C LEU QF 31 -106.21 63.56 -32.26
N ALA QF 32 -105.26 62.87 -32.88
CA ALA QF 32 -103.85 63.25 -32.86
C ALA QF 32 -103.39 63.61 -34.26
N TYR QF 33 -102.58 64.65 -34.35
CA TYR QF 33 -101.91 65.06 -35.58
C TYR QF 33 -100.42 64.97 -35.34
N LYS QF 34 -99.73 64.12 -36.08
CA LYS QF 34 -98.33 63.82 -35.84
C LYS QF 34 -97.51 64.19 -37.06
N ARG QF 35 -96.29 64.67 -36.81
CA ARG QF 35 -95.45 65.27 -37.83
C ARG QF 35 -94.03 64.73 -37.71
N LEU QF 36 -93.51 64.16 -38.79
CA LEU QF 36 -92.11 63.76 -38.87
C LEU QF 36 -91.53 64.31 -40.16
N ALA QF 37 -90.80 65.41 -40.07
CA ALA QF 37 -90.22 66.04 -41.25
C ALA QF 37 -89.15 65.13 -41.88
N PRO QF 38 -88.92 65.27 -43.18
CA PRO QF 38 -87.90 64.43 -43.83
C PRO QF 38 -86.50 64.72 -43.33
N LYS QF 39 -85.67 63.68 -43.29
CA LYS QF 39 -84.27 63.82 -42.92
C LYS QF 39 -83.42 63.40 -44.11
N ARG QF 40 -82.48 64.25 -44.48
CA ARG QF 40 -81.64 64.06 -45.67
C ARG QF 40 -80.43 63.22 -45.29
N THR QF 41 -80.67 61.94 -45.02
CA THR QF 41 -79.60 61.04 -44.60
C THR QF 41 -78.71 60.62 -45.76
N LYS QF 42 -79.14 60.84 -46.99
CA LYS QF 42 -78.36 60.50 -48.16
C LYS QF 42 -78.69 61.52 -49.25
N ASP QF 43 -78.36 61.18 -50.49
CA ASP QF 43 -78.71 62.02 -51.63
C ASP QF 43 -80.22 62.24 -51.69
N SER QF 44 -80.98 61.28 -51.18
CA SER QF 44 -82.41 61.45 -51.06
C SER QF 44 -82.72 62.60 -50.11
N PRO QF 45 -83.75 63.40 -50.37
CA PRO QF 45 -84.15 64.42 -49.41
C PRO QF 45 -84.94 63.87 -48.23
N GLY QF 46 -85.05 62.56 -48.11
CA GLY QF 46 -85.80 61.93 -47.03
C GLY QF 46 -87.27 61.82 -47.34
N MET QF 47 -87.98 61.19 -46.43
CA MET QF 47 -89.43 61.03 -46.51
C MET QF 47 -90.09 61.88 -45.45
N ALA QF 48 -91.05 62.71 -45.87
CA ALA QF 48 -91.88 63.48 -44.95
C ALA QF 48 -92.99 62.56 -44.43
N LYS QF 49 -92.99 62.30 -43.14
CA LYS QF 49 -94.01 61.46 -42.53
C LYS QF 49 -95.08 62.33 -41.88
N SER QF 50 -96.33 61.88 -41.99
CA SER QF 50 -97.43 62.45 -41.25
C SER QF 50 -98.30 61.33 -40.69
N GLU QF 51 -99.06 61.66 -39.65
CA GLU QF 51 -99.93 60.67 -39.04
C GLU QF 51 -101.15 61.38 -38.47
N LEU QF 52 -102.33 60.90 -38.84
CA LEU QF 52 -103.60 61.41 -38.32
C LEU QF 52 -104.38 60.22 -37.78
N LYS QF 53 -104.46 60.09 -36.47
CA LYS QF 53 -105.08 58.93 -35.85
C LYS QF 53 -106.18 59.35 -34.90
N ILE QF 54 -107.21 58.52 -34.82
CA ILE QF 54 -108.32 58.70 -33.91
C ILE QF 54 -108.34 57.49 -32.97
N THR QF 55 -108.47 57.76 -31.69
CA THR QF 55 -108.47 56.72 -30.68
C THR QF 55 -109.74 56.83 -29.85
N ARG QF 56 -110.41 55.70 -29.67
CA ARG QF 56 -111.57 55.61 -28.79
C ARG QF 56 -111.26 54.64 -27.66
N VAL QF 57 -111.32 55.16 -26.44
CA VAL QF 57 -111.19 54.34 -25.24
C VAL QF 57 -112.43 54.57 -24.40
N ASP QF 58 -112.88 53.51 -23.74
CA ASP QF 58 -114.06 53.68 -22.90
C ASP QF 58 -113.59 54.29 -21.58
N PRO QF 59 -114.02 55.50 -21.23
CA PRO QF 59 -113.37 56.21 -20.12
C PRO QF 59 -113.91 55.86 -18.74
N THR QF 60 -114.16 54.59 -18.48
CA THR QF 60 -114.41 54.17 -17.10
C THR QF 60 -113.40 53.08 -16.73
N THR QF 61 -113.25 52.09 -17.61
CA THR QF 61 -112.26 51.05 -17.42
C THR QF 61 -111.02 51.24 -18.28
N GLY QF 62 -111.01 52.23 -19.14
CA GLY QF 62 -109.84 52.49 -19.96
C GLY QF 62 -109.50 51.41 -20.94
N VAL QF 63 -110.49 50.77 -21.55
CA VAL QF 63 -110.27 49.73 -22.54
C VAL QF 63 -110.20 50.37 -23.92
N LEU QF 64 -109.18 50.01 -24.68
CA LEU QF 64 -109.09 50.45 -26.07
C LEU QF 64 -110.24 49.83 -26.84
N ILE QF 65 -111.06 50.67 -27.45
CA ILE QF 65 -112.13 50.14 -28.30
C ILE QF 65 -111.65 50.03 -29.74
N GLY QF 66 -110.93 51.02 -30.23
CA GLY QF 66 -110.38 50.95 -31.57
C GLY QF 66 -109.57 52.17 -31.91
N ILE QF 67 -108.67 51.98 -32.89
CA ILE QF 67 -107.86 53.04 -33.46
C ILE QF 67 -107.97 52.97 -34.97
N VAL QF 68 -108.17 54.10 -35.61
CA VAL QF 68 -108.06 54.24 -37.06
C VAL QF 68 -107.00 55.29 -37.33
N ASN QF 69 -106.02 54.93 -38.16
CA ASN QF 69 -104.82 55.73 -38.36
C ASN QF 69 -104.65 56.03 -39.84
N VAL QF 70 -104.37 57.29 -40.16
CA VAL QF 70 -104.04 57.71 -41.52
C VAL QF 70 -102.60 58.20 -41.51
N SER QF 71 -101.73 57.47 -42.18
CA SER QF 71 -100.30 57.76 -42.17
C SER QF 71 -99.83 58.11 -43.58
N SER QF 72 -98.83 58.96 -43.66
CA SER QF 72 -98.23 59.36 -44.93
C SER QF 72 -96.72 59.19 -44.86
N SER QF 73 -96.14 58.71 -45.95
CA SER QF 73 -94.70 58.67 -46.13
C SER QF 73 -94.46 59.08 -47.58
N ILE QF 74 -94.30 60.38 -47.81
CA ILE QF 74 -94.15 60.95 -49.13
C ILE QF 74 -92.76 61.53 -49.24
N ARG QF 75 -92.10 61.29 -50.38
CA ARG QF 75 -90.76 61.82 -50.61
C ARG QF 75 -90.77 63.33 -50.47
N ALA QF 76 -89.72 63.86 -49.86
CA ALA QF 76 -89.66 65.31 -49.62
C ALA QF 76 -89.70 66.07 -50.93
N ASP QF 77 -89.05 65.57 -51.97
CA ASP QF 77 -89.07 66.20 -53.27
C ASP QF 77 -90.33 65.88 -54.08
N ALA QF 78 -91.15 64.94 -53.62
CA ALA QF 78 -92.28 64.49 -54.41
C ALA QF 78 -93.23 65.65 -54.67
N THR QF 79 -93.63 65.77 -55.93
CA THR QF 79 -94.45 66.90 -56.36
C THR QF 79 -95.83 66.84 -55.72
N ALA QF 80 -96.47 68.01 -55.65
CA ALA QF 80 -97.83 68.07 -55.15
C ALA QF 80 -98.78 67.28 -56.05
N ALA QF 81 -98.42 67.10 -57.32
CA ALA QF 81 -99.23 66.28 -58.21
C ALA QF 81 -99.29 64.85 -57.71
N ASP QF 82 -98.14 64.23 -57.46
CA ASP QF 82 -98.14 62.91 -56.85
C ASP QF 82 -98.76 62.96 -55.47
N LYS QF 83 -98.54 64.06 -54.75
CA LYS QF 83 -98.99 64.15 -53.37
C LYS QF 83 -100.51 64.31 -53.29
N THR QF 84 -101.09 65.05 -54.23
CA THR QF 84 -102.56 65.20 -54.24
C THR QF 84 -103.23 63.95 -54.78
N ALA QF 85 -102.59 63.27 -55.74
CA ALA QF 85 -103.16 62.04 -56.27
C ALA QF 85 -103.21 60.96 -55.18
N LEU QF 86 -102.19 60.92 -54.34
CA LEU QF 86 -102.17 59.98 -53.23
C LEU QF 86 -103.33 60.22 -52.27
N MET QF 87 -103.63 61.50 -52.01
CA MET QF 87 -104.76 61.82 -51.14
C MET QF 87 -106.08 61.54 -51.82
N ALA QF 88 -106.18 61.85 -53.11
CA ALA QF 88 -107.43 61.67 -53.83
C ALA QF 88 -107.80 60.19 -53.94
N ILE QF 89 -106.81 59.33 -54.19
CA ILE QF 89 -107.09 57.91 -54.34
C ILE QF 89 -107.53 57.32 -53.00
N ILE QF 90 -106.78 57.61 -51.93
CA ILE QF 90 -107.08 56.98 -50.65
C ILE QF 90 -108.40 57.46 -50.10
N THR QF 91 -108.75 58.72 -50.32
CA THR QF 91 -110.06 59.22 -49.92
C THR QF 91 -111.16 58.59 -50.76
N ALA QF 92 -110.93 58.44 -52.06
CA ALA QF 92 -111.91 57.78 -52.91
C ALA QF 92 -112.08 56.32 -52.50
N ALA QF 93 -110.99 55.65 -52.18
CA ALA QF 93 -111.07 54.27 -51.73
C ALA QF 93 -111.80 54.15 -50.40
N GLN QF 94 -111.58 55.10 -49.48
CA GLN QF 94 -112.27 55.07 -48.19
C GLN QF 94 -113.77 55.29 -48.35
N ALA QF 95 -114.16 56.24 -49.20
CA ALA QF 95 -115.57 56.46 -49.45
C ALA QF 95 -116.23 55.25 -50.08
N ASP QF 96 -115.47 54.42 -50.78
CA ASP QF 96 -116.01 53.21 -51.38
C ASP QF 96 -116.33 52.18 -50.30
N GLY QF 97 -117.32 51.33 -50.59
CA GLY QF 97 -117.83 50.41 -49.60
C GLY QF 97 -116.87 49.29 -49.22
N ALA QF 98 -115.86 49.02 -50.04
CA ALA QF 98 -114.92 47.96 -49.71
C ALA QF 98 -114.15 48.28 -48.43
N TRP QF 99 -113.76 49.54 -48.24
CA TRP QF 99 -113.12 49.92 -46.98
C TRP QF 99 -114.08 49.79 -45.82
N THR QF 100 -115.35 50.12 -46.02
CA THR QF 100 -116.33 49.95 -44.96
C THR QF 100 -116.44 48.50 -44.51
N GLU QF 101 -116.39 47.56 -45.45
CA GLU QF 101 -116.47 46.14 -45.13
C GLU QF 101 -115.14 45.54 -44.70
N LEU QF 102 -114.01 46.12 -45.14
CA LEU QF 102 -112.73 45.66 -44.62
C LEU QF 102 -112.67 45.88 -43.11
N VAL QF 103 -113.14 47.02 -42.65
CA VAL QF 103 -113.49 47.20 -41.25
C VAL QF 103 -114.86 46.58 -41.01
N THR QF 104 -115.16 46.23 -39.76
CA THR QF 104 -116.46 45.71 -39.34
C THR QF 104 -116.75 44.31 -39.85
N ASP QF 105 -115.97 43.82 -40.81
CA ASP QF 105 -116.18 42.48 -41.33
C ASP QF 105 -114.90 41.71 -41.60
N GLN QF 106 -113.75 42.38 -41.68
CA GLN QF 106 -112.51 41.79 -42.20
C GLN QF 106 -112.75 41.14 -43.56
N ARG QF 107 -113.49 41.85 -44.40
CA ARG QF 107 -113.89 41.36 -45.72
C ARG QF 107 -112.99 41.97 -46.79
N LEU QF 108 -112.27 41.12 -47.50
CA LEU QF 108 -111.43 41.60 -48.59
C LEU QF 108 -112.28 41.84 -49.84
N PRO QF 109 -111.86 42.79 -50.68
CA PRO QF 109 -112.65 43.09 -51.89
C PRO QF 109 -112.46 42.03 -52.95
N LEU QF 110 -113.05 40.86 -52.73
CA LEU QF 110 -112.95 39.76 -53.67
C LEU QF 110 -114.22 38.94 -53.78
N ALA QF 111 -115.31 39.36 -53.15
CA ALA QF 111 -116.57 38.63 -53.23
C ALA QF 111 -117.18 38.77 -54.62
N THR QF 112 -117.79 37.69 -55.10
CA THR QF 112 -118.45 37.67 -56.41
C THR QF 112 -119.86 38.22 -56.38
N VAL QF 113 -120.38 38.56 -55.20
CA VAL QF 113 -121.74 39.08 -55.02
C VAL QF 113 -122.78 38.10 -55.52
N SER RF 1 -73.70 104.96 -34.89
CA SER RF 1 -73.04 106.16 -35.39
C SER RF 1 -73.25 107.35 -34.46
N LYS RF 2 -74.47 107.90 -34.48
CA LYS RF 2 -74.77 109.11 -33.74
C LYS RF 2 -76.04 108.85 -32.92
N VAL RF 3 -76.63 109.93 -32.40
CA VAL RF 3 -77.58 109.89 -31.29
C VAL RF 3 -78.62 108.80 -31.44
N PHE RF 4 -78.66 107.90 -30.46
CA PHE RF 4 -79.61 106.79 -30.38
C PHE RF 4 -80.29 106.87 -29.03
N ASN RF 5 -81.63 106.80 -29.04
CA ASN RF 5 -82.40 106.83 -27.80
C ASN RF 5 -82.09 108.10 -27.01
N THR RF 6 -81.91 109.21 -27.72
CA THR RF 6 -81.56 110.52 -27.20
C THR RF 6 -80.20 110.56 -26.50
N GLN RF 7 -79.41 109.50 -26.57
CA GLN RF 7 -78.06 109.50 -26.03
C GLN RF 7 -77.07 109.70 -27.17
N THR RF 8 -76.02 110.46 -26.90
CA THR RF 8 -74.98 110.71 -27.88
C THR RF 8 -73.92 109.63 -27.76
N PHE RF 9 -73.64 108.94 -28.86
CA PHE RF 9 -72.60 107.92 -28.90
C PHE RF 9 -71.46 108.46 -29.74
N ASP RF 10 -70.29 108.59 -29.12
CA ASP RF 10 -69.09 109.05 -29.79
C ASP RF 10 -68.12 107.89 -29.93
N ILE RF 11 -67.30 107.95 -30.97
CA ILE RF 11 -66.38 106.85 -31.23
C ILE RF 11 -65.39 106.75 -30.07
N TYR RF 12 -65.28 105.56 -29.51
CA TYR RF 12 -64.33 105.29 -28.44
C TYR RF 12 -63.09 104.56 -28.92
N SER RF 13 -63.23 103.66 -29.87
CA SER RF 13 -62.13 102.84 -30.33
C SER RF 13 -62.30 102.58 -31.82
N THR RF 14 -61.18 102.48 -32.51
CA THR RF 14 -61.18 102.13 -33.92
C THR RF 14 -60.25 100.94 -34.10
N GLU RF 15 -60.77 99.87 -34.68
CA GLU RF 15 -60.04 98.64 -34.89
C GLU RF 15 -60.17 98.24 -36.36
N LYS RF 16 -59.34 97.28 -36.77
CA LYS RF 16 -59.39 96.75 -38.13
C LYS RF 16 -60.80 96.34 -38.52
N ASP RF 17 -61.46 95.55 -37.68
CA ASP RF 17 -62.81 95.04 -37.96
C ASP RF 17 -63.81 95.38 -36.87
N VAL RF 18 -63.47 96.28 -35.95
CA VAL RF 18 -64.37 96.67 -34.88
C VAL RF 18 -64.36 98.19 -34.75
N VAL RF 19 -65.54 98.77 -34.55
CA VAL RF 19 -65.68 100.18 -34.19
C VAL RF 19 -66.58 100.22 -32.96
N SER RF 20 -66.15 100.96 -31.94
CA SER RF 20 -66.85 101.03 -30.67
C SER RF 20 -67.24 102.47 -30.37
N LEU RF 21 -68.47 102.65 -29.87
CA LEU RF 21 -68.97 103.97 -29.50
C LEU RF 21 -69.39 103.97 -28.03
N ARG RF 22 -69.00 105.02 -27.33
CA ARG RF 22 -69.35 105.18 -25.93
C ARG RF 22 -70.30 106.35 -25.81
N ASP RF 23 -71.22 106.25 -24.84
CA ASP RF 23 -72.08 107.40 -24.55
C ASP RF 23 -71.28 108.58 -24.02
N PHE RF 24 -70.36 108.31 -23.08
CA PHE RF 24 -69.47 109.30 -22.48
C PHE RF 24 -70.23 110.27 -21.59
N ALA RF 25 -71.55 110.16 -21.58
CA ALA RF 25 -72.41 110.93 -20.69
C ALA RF 25 -72.84 110.11 -19.49
N ASN RF 26 -73.39 108.91 -19.72
CA ASN RF 26 -73.64 107.98 -18.63
C ASN RF 26 -72.47 107.07 -18.35
N ASP RF 27 -71.50 106.98 -19.26
CA ASP RF 27 -70.32 106.14 -19.13
C ASP RF 27 -70.69 104.69 -18.81
N LYS RF 28 -71.81 104.23 -19.35
CA LYS RF 28 -72.27 102.88 -19.08
C LYS RF 28 -72.67 102.11 -20.33
N ASP RF 29 -72.91 102.78 -21.45
CA ASP RF 29 -73.38 102.14 -22.68
C ASP RF 29 -72.28 102.13 -23.72
N THR RF 30 -72.04 100.97 -24.30
CA THR RF 30 -71.05 100.81 -25.37
C THR RF 30 -71.73 100.15 -26.56
N LEU RF 31 -71.61 100.77 -27.73
CA LEU RF 31 -72.14 100.24 -28.98
C LEU RF 31 -70.96 99.85 -29.87
N ALA RF 32 -70.90 98.59 -30.26
CA ALA RF 32 -69.80 98.04 -31.03
C ALA RF 32 -70.30 97.52 -32.37
N TYR RF 33 -69.61 97.89 -33.44
CA TYR RF 33 -69.84 97.35 -34.78
C TYR RF 33 -68.71 96.37 -35.06
N LYS RF 34 -69.04 95.10 -35.21
CA LYS RF 34 -68.04 94.06 -35.47
C LYS RF 34 -68.22 93.49 -36.86
N ARG RF 35 -67.10 93.24 -37.53
CA ARG RF 35 -67.05 92.81 -38.91
C ARG RF 35 -66.27 91.51 -39.01
N LEU RF 36 -66.65 90.65 -39.94
CA LEU RF 36 -65.93 89.40 -40.17
C LEU RF 36 -66.23 88.93 -41.59
N ALA RF 37 -65.23 89.02 -42.46
CA ALA RF 37 -65.44 88.71 -43.87
C ALA RF 37 -65.67 87.22 -44.08
N PRO RF 38 -66.42 86.85 -45.13
CA PRO RF 38 -66.62 85.42 -45.41
C PRO RF 38 -65.33 84.76 -45.87
N LYS RF 39 -65.17 83.50 -45.48
CA LYS RF 39 -63.98 82.73 -45.80
C LYS RF 39 -64.35 81.59 -46.76
N ARG RF 40 -63.71 81.57 -47.93
CA ARG RF 40 -63.97 80.57 -48.95
C ARG RF 40 -63.13 79.34 -48.62
N THR RF 41 -63.52 78.65 -47.55
CA THR RF 41 -62.82 77.45 -47.12
C THR RF 41 -63.15 76.24 -47.98
N LYS RF 42 -64.09 76.40 -48.92
CA LYS RF 42 -64.53 75.33 -49.78
C LYS RF 42 -65.12 75.96 -51.04
N ASP RF 43 -65.87 75.17 -51.79
CA ASP RF 43 -66.58 75.68 -52.96
C ASP RF 43 -67.47 76.85 -52.57
N SER RF 44 -68.09 76.77 -51.40
CA SER RF 44 -68.95 77.84 -50.91
C SER RF 44 -68.13 79.11 -50.72
N PRO RF 45 -68.66 80.28 -51.07
CA PRO RF 45 -67.88 81.51 -50.92
C PRO RF 45 -67.72 81.98 -49.48
N GLY RF 46 -68.28 81.27 -48.52
CA GLY RF 46 -68.15 81.63 -47.12
C GLY RF 46 -69.33 82.44 -46.60
N MET RF 47 -69.33 82.64 -45.29
CA MET RF 47 -70.45 83.28 -44.61
C MET RF 47 -69.98 84.61 -44.05
N ALA RF 48 -70.63 85.69 -44.47
CA ALA RF 48 -70.23 87.04 -44.07
C ALA RF 48 -70.84 87.36 -42.72
N LYS RF 49 -69.99 87.50 -41.70
CA LYS RF 49 -70.43 87.72 -40.33
C LYS RF 49 -70.48 89.22 -40.03
N SER RF 50 -71.54 89.64 -39.36
CA SER RF 50 -71.67 90.99 -38.86
C SER RF 50 -72.15 90.94 -37.42
N GLU RF 51 -71.91 92.03 -36.69
CA GLU RF 51 -72.34 92.08 -35.30
C GLU RF 51 -72.58 93.53 -34.90
N LEU RF 52 -73.71 93.78 -34.26
CA LEU RF 52 -74.06 95.07 -33.69
C LEU RF 52 -74.59 94.81 -32.29
N LYS RF 53 -73.83 95.23 -31.28
CA LYS RF 53 -74.21 94.94 -29.90
C LYS RF 53 -74.08 96.18 -29.04
N ILE RF 54 -74.96 96.28 -28.04
CA ILE RF 54 -74.93 97.32 -27.04
C ILE RF 54 -74.71 96.66 -25.69
N THR RF 55 -73.73 97.16 -24.94
CA THR RF 55 -73.39 96.61 -23.64
C THR RF 55 -73.53 97.68 -22.57
N ARG RF 56 -74.27 97.35 -21.52
CA ARG RF 56 -74.45 98.26 -20.40
C ARG RF 56 -73.72 97.68 -19.19
N VAL RF 57 -72.81 98.46 -18.64
CA VAL RF 57 -72.04 98.08 -17.46
C VAL RF 57 -72.23 99.17 -16.42
N ASP RF 58 -72.49 98.77 -15.20
CA ASP RF 58 -72.76 99.76 -14.16
C ASP RF 58 -71.49 100.52 -13.82
N PRO RF 59 -71.45 101.83 -14.03
CA PRO RF 59 -70.18 102.56 -13.93
C PRO RF 59 -69.81 103.03 -12.53
N THR RF 60 -69.97 102.19 -11.51
CA THR RF 60 -69.36 102.48 -10.22
C THR RF 60 -68.58 101.27 -9.72
N THR RF 61 -69.10 100.06 -9.97
CA THR RF 61 -68.40 98.83 -9.64
C THR RF 61 -68.09 97.97 -10.85
N GLY RF 62 -68.65 98.29 -12.01
CA GLY RF 62 -68.34 97.56 -13.22
C GLY RF 62 -69.06 96.24 -13.40
N VAL RF 63 -70.32 96.16 -12.99
CA VAL RF 63 -71.11 94.93 -13.16
C VAL RF 63 -71.92 95.04 -14.45
N LEU RF 64 -71.82 94.01 -15.28
CA LEU RF 64 -72.54 93.97 -16.55
C LEU RF 64 -74.04 93.91 -16.29
N ILE RF 65 -74.76 94.94 -16.71
CA ILE RF 65 -76.21 94.95 -16.55
C ILE RF 65 -76.87 94.09 -17.61
N GLY RF 66 -76.56 94.32 -18.88
CA GLY RF 66 -77.20 93.56 -19.94
C GLY RF 66 -76.51 93.81 -21.27
N ILE RF 67 -76.78 92.89 -22.20
CA ILE RF 67 -76.28 92.96 -23.56
C ILE RF 67 -77.40 92.59 -24.51
N VAL RF 68 -77.60 93.41 -25.54
CA VAL RF 68 -78.41 93.04 -26.69
C VAL RF 68 -77.50 93.04 -27.91
N ASN RF 69 -77.41 91.91 -28.58
CA ASN RF 69 -76.52 91.73 -29.72
C ASN RF 69 -77.34 91.35 -30.95
N VAL RF 70 -77.03 91.97 -32.07
CA VAL RF 70 -77.63 91.62 -33.35
C VAL RF 70 -76.51 91.09 -34.23
N SER RF 71 -76.54 89.79 -34.51
CA SER RF 71 -75.52 89.15 -35.32
C SER RF 71 -76.14 88.64 -36.60
N SER RF 72 -75.42 88.81 -37.70
CA SER RF 72 -75.84 88.32 -39.00
C SER RF 72 -74.80 87.36 -39.55
N SER RF 73 -75.27 86.26 -40.11
CA SER RF 73 -74.42 85.27 -40.77
C SER RF 73 -75.10 84.99 -42.10
N ILE RF 74 -74.67 85.70 -43.14
CA ILE RF 74 -75.29 85.62 -44.46
C ILE RF 74 -74.25 85.09 -45.43
N ARG RF 75 -74.70 84.20 -46.33
CA ARG RF 75 -73.84 83.68 -47.37
C ARG RF 75 -73.20 84.81 -48.17
N ALA RF 76 -71.93 84.62 -48.52
CA ALA RF 76 -71.23 85.61 -49.33
C ALA RF 76 -71.89 85.78 -50.69
N ASP RF 77 -72.57 84.74 -51.18
CA ASP RF 77 -73.25 84.81 -52.47
C ASP RF 77 -74.72 85.23 -52.36
N ALA RF 78 -75.23 85.44 -51.16
CA ALA RF 78 -76.64 85.73 -50.99
C ALA RF 78 -77.01 87.06 -51.62
N THR RF 79 -78.19 87.10 -52.24
CA THR RF 79 -78.62 88.27 -52.98
C THR RF 79 -79.03 89.39 -52.02
N ALA RF 80 -79.00 90.62 -52.54
CA ALA RF 80 -79.42 91.76 -51.76
C ALA RF 80 -80.89 91.67 -51.38
N ALA RF 81 -81.70 90.99 -52.19
CA ALA RF 81 -83.09 90.75 -51.83
C ALA RF 81 -83.19 89.86 -50.59
N ASP RF 82 -82.35 88.83 -50.51
CA ASP RF 82 -82.30 88.02 -49.30
C ASP RF 82 -81.87 88.85 -48.11
N LYS RF 83 -80.86 89.70 -48.30
CA LYS RF 83 -80.34 90.49 -47.19
C LYS RF 83 -81.32 91.57 -46.75
N THR RF 84 -82.05 92.15 -47.70
CA THR RF 84 -83.08 93.11 -47.34
C THR RF 84 -84.24 92.43 -46.62
N ALA RF 85 -84.64 91.24 -47.11
CA ALA RF 85 -85.72 90.51 -46.47
C ALA RF 85 -85.36 90.07 -45.07
N LEU RF 86 -84.13 89.62 -44.86
CA LEU RF 86 -83.71 89.17 -43.54
C LEU RF 86 -83.74 90.32 -42.55
N MET RF 87 -83.29 91.51 -42.97
CA MET RF 87 -83.31 92.66 -42.08
C MET RF 87 -84.74 93.15 -41.86
N ALA RF 88 -85.57 93.12 -42.90
CA ALA RF 88 -86.93 93.61 -42.79
C ALA RF 88 -87.78 92.72 -41.88
N ILE RF 89 -87.60 91.40 -41.99
CA ILE RF 89 -88.36 90.49 -41.14
C ILE RF 89 -87.94 90.65 -39.67
N ILE RF 90 -86.64 90.66 -39.41
CA ILE RF 90 -86.18 90.74 -38.03
C ILE RF 90 -86.50 92.11 -37.42
N THR RF 91 -86.46 93.17 -38.22
CA THR RF 91 -86.81 94.49 -37.69
C THR RF 91 -88.30 94.55 -37.36
N ALA RF 92 -89.14 93.98 -38.21
CA ALA RF 92 -90.57 93.93 -37.93
C ALA RF 92 -90.87 93.09 -36.69
N ALA RF 93 -90.17 91.96 -36.54
CA ALA RF 93 -90.39 91.12 -35.37
C ALA RF 93 -89.98 91.84 -34.09
N GLN RF 94 -88.87 92.57 -34.11
CA GLN RF 94 -88.49 93.36 -32.95
C GLN RF 94 -89.51 94.44 -32.65
N ALA RF 95 -90.05 95.07 -33.70
CA ALA RF 95 -91.12 96.05 -33.52
C ALA RF 95 -92.40 95.41 -32.99
N ASP RF 96 -92.60 94.13 -33.25
CA ASP RF 96 -93.72 93.41 -32.69
C ASP RF 96 -93.56 93.30 -31.17
N GLY RF 97 -94.70 93.20 -30.48
CA GLY RF 97 -94.68 93.17 -29.03
C GLY RF 97 -94.20 91.86 -28.44
N ALA RF 98 -94.17 90.79 -29.24
CA ALA RF 98 -93.70 89.51 -28.74
C ALA RF 98 -92.24 89.58 -28.31
N TRP RF 99 -91.43 90.36 -29.02
CA TRP RF 99 -90.05 90.55 -28.61
C TRP RF 99 -89.95 91.32 -27.31
N THR RF 100 -90.76 92.37 -27.15
CA THR RF 100 -90.73 93.15 -25.93
C THR RF 100 -91.21 92.34 -24.73
N GLU RF 101 -91.90 91.24 -24.98
CA GLU RF 101 -92.29 90.31 -23.91
C GLU RF 101 -91.25 89.22 -23.69
N LEU RF 102 -90.59 88.76 -24.76
CA LEU RF 102 -89.51 87.80 -24.61
C LEU RF 102 -88.38 88.39 -23.78
N VAL RF 103 -88.00 89.61 -24.08
CA VAL RF 103 -87.20 90.42 -23.18
C VAL RF 103 -88.12 90.99 -22.12
N THR RF 104 -87.59 91.18 -20.92
CA THR RF 104 -88.27 91.79 -19.77
C THR RF 104 -89.32 90.89 -19.13
N ASP RF 105 -89.69 89.79 -19.79
CA ASP RF 105 -90.59 88.84 -19.14
C ASP RF 105 -90.26 87.39 -19.40
N GLN RF 106 -89.43 87.06 -20.39
CA GLN RF 106 -89.20 85.70 -20.83
C GLN RF 106 -90.53 85.03 -21.20
N ARG RF 107 -91.36 85.77 -21.91
CA ARG RF 107 -92.68 85.30 -22.32
C ARG RF 107 -92.63 84.88 -23.78
N LEU RF 108 -93.01 83.65 -24.06
CA LEU RF 108 -93.01 83.13 -25.41
C LEU RF 108 -94.32 83.44 -26.11
N PRO RF 109 -94.33 83.50 -27.44
CA PRO RF 109 -95.58 83.70 -28.16
C PRO RF 109 -96.42 82.43 -28.22
N LEU RF 110 -96.83 81.92 -27.06
CA LEU RF 110 -97.74 80.80 -27.00
C LEU RF 110 -98.87 80.98 -26.00
N ALA RF 111 -98.83 82.02 -25.18
CA ALA RF 111 -99.90 82.28 -24.23
C ALA RF 111 -101.20 82.60 -24.96
N THR RF 112 -102.31 82.14 -24.40
CA THR RF 112 -103.62 82.30 -25.03
C THR RF 112 -104.28 83.64 -24.74
N VAL RF 113 -103.68 84.47 -23.89
CA VAL RF 113 -104.21 85.78 -23.52
C VAL RF 113 -105.58 85.65 -22.85
N SER SF 1 16.75 -132.05 1.17
CA SER SF 1 18.11 -132.58 1.18
C SER SF 1 18.33 -133.51 -0.01
N LYS SF 2 17.50 -134.54 -0.12
CA LYS SF 2 17.58 -135.51 -1.20
C LYS SF 2 16.16 -135.90 -1.59
N VAL SF 3 16.03 -137.01 -2.31
CA VAL SF 3 14.77 -137.40 -2.94
C VAL SF 3 13.60 -137.37 -1.95
N PHE SF 4 12.60 -136.55 -2.26
CA PHE SF 4 11.36 -136.43 -1.50
C PHE SF 4 10.21 -136.47 -2.47
N ASN SF 5 9.19 -137.26 -2.16
CA ASN SF 5 8.02 -137.41 -3.02
C ASN SF 5 8.48 -137.80 -4.43
N THR SF 6 9.44 -138.72 -4.48
CA THR SF 6 10.05 -139.26 -5.70
C THR SF 6 10.70 -138.17 -6.56
N GLN SF 7 11.09 -137.05 -5.99
CA GLN SF 7 11.78 -136.00 -6.72
C GLN SF 7 13.13 -135.71 -6.08
N THR SF 8 14.16 -135.58 -6.89
CA THR SF 8 15.52 -135.36 -6.41
C THR SF 8 15.77 -133.87 -6.24
N PHE SF 9 16.01 -133.45 -5.02
CA PHE SF 9 16.27 -132.05 -4.70
C PHE SF 9 17.77 -131.89 -4.49
N ASP SF 10 18.39 -131.06 -5.30
CA ASP SF 10 19.83 -130.81 -5.26
C ASP SF 10 20.09 -129.38 -4.83
N ILE SF 11 21.29 -129.17 -4.27
CA ILE SF 11 21.65 -127.84 -3.78
C ILE SF 11 21.67 -126.86 -4.95
N TYR SF 12 20.94 -125.76 -4.78
CA TYR SF 12 21.05 -124.66 -5.72
C TYR SF 12 21.77 -123.46 -5.14
N SER SF 13 21.61 -123.20 -3.86
CA SER SF 13 22.20 -122.01 -3.26
C SER SF 13 22.44 -122.25 -1.78
N THR SF 14 23.50 -121.62 -1.27
CA THR SF 14 23.85 -121.70 0.14
C THR SF 14 24.17 -120.31 0.63
N GLU SF 15 23.46 -119.86 1.65
CA GLU SF 15 23.69 -118.58 2.27
C GLU SF 15 24.28 -118.79 3.65
N LYS SF 16 24.41 -117.69 4.39
CA LYS SF 16 24.84 -117.78 5.78
C LYS SF 16 23.86 -118.62 6.59
N ASP SF 17 22.56 -118.43 6.35
CA ASP SF 17 21.55 -119.09 7.16
C ASP SF 17 20.43 -119.72 6.34
N VAL SF 18 20.53 -119.73 5.01
CA VAL SF 18 19.56 -120.38 4.17
C VAL SF 18 20.26 -121.36 3.25
N VAL SF 19 19.69 -122.55 3.10
CA VAL SF 19 20.07 -123.49 2.07
C VAL SF 19 18.87 -123.68 1.16
N SER SF 20 19.09 -123.56 -0.15
CA SER SF 20 18.04 -123.69 -1.14
C SER SF 20 18.31 -124.90 -2.03
N LEU SF 21 17.29 -125.72 -2.23
CA LEU SF 21 17.38 -126.91 -3.06
C LEU SF 21 16.28 -126.88 -4.12
N ARG SF 22 16.63 -127.32 -5.33
CA ARG SF 22 15.71 -127.35 -6.44
C ARG SF 22 15.64 -128.77 -7.00
N ASP SF 23 14.55 -129.05 -7.70
CA ASP SF 23 14.40 -130.36 -8.34
C ASP SF 23 15.32 -130.49 -9.54
N PHE SF 24 15.40 -129.46 -10.37
CA PHE SF 24 16.22 -129.43 -11.58
C PHE SF 24 15.71 -130.42 -12.62
N ALA SF 25 14.67 -131.19 -12.27
CA ALA SF 25 14.01 -132.10 -13.18
C ALA SF 25 12.69 -131.53 -13.70
N ASN SF 26 11.77 -131.19 -12.80
CA ASN SF 26 10.57 -130.49 -13.20
C ASN SF 26 10.72 -128.98 -13.15
N ASP SF 27 11.82 -128.49 -12.57
CA ASP SF 27 12.15 -127.06 -12.54
C ASP SF 27 11.01 -126.22 -11.98
N LYS SF 28 10.26 -126.77 -11.03
CA LYS SF 28 9.14 -126.04 -10.47
C LYS SF 28 9.11 -126.01 -8.95
N ASP SF 29 9.89 -126.85 -8.27
CA ASP SF 29 9.87 -126.92 -6.82
C ASP SF 29 11.21 -126.45 -6.25
N THR SF 30 11.14 -125.63 -5.21
CA THR SF 30 12.30 -125.21 -4.44
C THR SF 30 12.04 -125.46 -2.97
N LEU SF 31 12.93 -126.19 -2.33
CA LEU SF 31 12.87 -126.48 -0.90
C LEU SF 31 13.94 -125.68 -0.20
N ALA SF 32 13.56 -124.91 0.82
CA ALA SF 32 14.46 -124.01 1.52
C ALA SF 32 14.52 -124.39 2.99
N TYR SF 33 15.73 -124.45 3.53
CA TYR SF 33 15.99 -124.64 4.96
C TYR SF 33 16.56 -123.33 5.48
N LYS SF 34 15.95 -122.80 6.53
CA LYS SF 34 16.27 -121.47 7.04
C LYS SF 34 16.58 -121.56 8.52
N ARG SF 35 17.46 -120.66 8.97
CA ARG SF 35 18.08 -120.79 10.29
C ARG SF 35 18.21 -119.42 10.94
N LEU SF 36 17.57 -119.24 12.09
CA LEU SF 36 17.76 -118.03 12.90
C LEU SF 36 18.07 -118.45 14.34
N ALA SF 37 19.31 -118.25 14.76
CA ALA SF 37 19.73 -118.62 16.10
C ALA SF 37 19.05 -117.76 17.16
N PRO SF 38 18.84 -118.28 18.36
CA PRO SF 38 18.21 -117.47 19.42
C PRO SF 38 19.09 -116.32 19.83
N LYS SF 39 18.45 -115.20 20.16
CA LYS SF 39 19.17 -113.99 20.59
C LYS SF 39 18.76 -113.62 22.00
N ARG SF 40 19.74 -113.50 22.89
CA ARG SF 40 19.49 -113.24 24.30
C ARG SF 40 19.21 -111.76 24.46
N THR SF 41 17.95 -111.38 24.22
CA THR SF 41 17.54 -109.99 24.33
C THR SF 41 17.16 -109.60 25.75
N LYS SF 42 17.04 -110.56 26.65
CA LYS SF 42 16.59 -110.32 28.01
C LYS SF 42 17.08 -111.47 28.87
N ASP SF 43 16.48 -111.62 30.05
CA ASP SF 43 16.74 -112.78 30.89
C ASP SF 43 16.40 -114.06 30.13
N SER SF 44 15.50 -113.97 29.16
CA SER SF 44 15.24 -115.10 28.27
C SER SF 44 16.42 -115.27 27.31
N PRO SF 45 16.80 -116.51 27.00
CA PRO SF 45 17.90 -116.72 26.04
C PRO SF 45 17.50 -116.55 24.59
N GLY SF 46 16.24 -116.19 24.30
CA GLY SF 46 15.78 -116.03 22.94
C GLY SF 46 15.14 -117.29 22.38
N MET SF 47 14.55 -117.15 21.21
CA MET SF 47 13.87 -118.23 20.52
C MET SF 47 14.64 -118.60 19.27
N ALA SF 48 14.89 -119.89 19.07
CA ALA SF 48 15.58 -120.38 17.89
C ALA SF 48 14.57 -120.61 16.78
N LYS SF 49 14.65 -119.81 15.73
CA LYS SF 49 13.76 -119.93 14.59
C LYS SF 49 14.30 -120.96 13.60
N SER SF 50 13.41 -121.77 13.07
CA SER SF 50 13.68 -122.60 11.92
C SER SF 50 12.53 -122.45 10.94
N GLU SF 51 12.80 -122.74 9.68
CA GLU SF 51 11.76 -122.64 8.66
C GLU SF 51 12.08 -123.57 7.51
N LEU SF 52 11.07 -124.28 7.03
CA LEU SF 52 11.23 -125.25 5.96
C LEU SF 52 10.07 -125.08 4.99
N LYS SF 53 10.32 -124.41 3.86
CA LYS SF 53 9.27 -124.11 2.91
C LYS SF 53 9.49 -124.88 1.63
N ILE SF 54 8.40 -125.37 1.05
CA ILE SF 54 8.39 -125.90 -0.31
C ILE SF 54 7.55 -124.95 -1.16
N THR SF 55 8.16 -124.42 -2.21
CA THR SF 55 7.51 -123.49 -3.12
C THR SF 55 7.40 -124.14 -4.49
N ARG SF 56 6.21 -124.08 -5.08
CA ARG SF 56 5.96 -124.60 -6.42
C ARG SF 56 5.58 -123.45 -7.34
N VAL SF 57 6.39 -123.27 -8.38
CA VAL SF 57 6.14 -122.26 -9.40
C VAL SF 57 6.22 -122.93 -10.76
N ASP SF 58 5.13 -122.84 -11.53
CA ASP SF 58 5.15 -123.49 -12.84
C ASP SF 58 6.13 -122.76 -13.77
N PRO SF 59 7.01 -123.47 -14.47
CA PRO SF 59 8.08 -122.80 -15.20
C PRO SF 59 7.74 -122.45 -16.65
N THR SF 60 6.58 -121.85 -16.90
CA THR SF 60 6.31 -121.33 -18.23
C THR SF 60 5.99 -119.84 -18.16
N THR SF 61 5.22 -119.45 -17.13
CA THR SF 61 4.97 -118.06 -16.84
C THR SF 61 5.52 -117.62 -15.50
N GLY SF 62 5.94 -118.57 -14.65
CA GLY SF 62 6.55 -118.23 -13.39
C GLY SF 62 5.61 -117.76 -12.31
N VAL SF 63 4.34 -118.14 -12.36
CA VAL SF 63 3.38 -117.74 -11.33
C VAL SF 63 3.41 -118.78 -10.22
N LEU SF 64 3.26 -118.32 -8.98
CA LEU SF 64 3.41 -119.18 -7.83
C LEU SF 64 2.15 -120.00 -7.63
N ILE SF 65 2.29 -121.32 -7.65
CA ILE SF 65 1.15 -122.20 -7.46
C ILE SF 65 0.79 -122.32 -5.98
N GLY SF 66 1.78 -122.59 -5.13
CA GLY SF 66 1.48 -122.73 -3.72
C GLY SF 66 2.75 -122.91 -2.91
N ILE SF 67 2.65 -122.55 -1.63
CA ILE SF 67 3.73 -122.67 -0.67
C ILE SF 67 3.22 -123.41 0.55
N VAL SF 68 3.97 -124.40 1.01
CA VAL SF 68 3.74 -125.04 2.29
C VAL SF 68 4.98 -124.83 3.14
N ASN SF 69 4.80 -124.24 4.31
CA ASN SF 69 5.92 -123.84 5.16
C ASN SF 69 5.78 -124.45 6.54
N VAL SF 70 6.89 -124.94 7.07
CA VAL SF 70 6.96 -125.48 8.42
C VAL SF 70 7.92 -124.59 9.20
N SER SF 71 7.38 -123.84 10.15
CA SER SF 71 8.17 -122.92 10.95
C SER SF 71 8.15 -123.35 12.41
N SER SF 72 9.31 -123.38 13.02
CA SER SF 72 9.45 -123.67 14.44
C SER SF 72 10.05 -122.45 15.13
N SER SF 73 9.57 -122.18 16.34
CA SER SF 73 10.07 -121.10 17.18
C SER SF 73 10.12 -121.65 18.60
N ILE SF 74 11.32 -122.01 19.06
CA ILE SF 74 11.49 -122.73 20.31
C ILE SF 74 12.52 -122.02 21.18
N ARG SF 75 12.26 -121.98 22.48
CA ARG SF 75 13.17 -121.36 23.43
C ARG SF 75 14.54 -122.01 23.37
N ALA SF 76 15.58 -121.19 23.51
CA ALA SF 76 16.94 -121.71 23.52
C ALA SF 76 17.15 -122.66 24.69
N ASP SF 77 16.56 -122.36 25.84
CA ASP SF 77 16.66 -123.20 27.03
C ASP SF 77 15.78 -124.43 26.98
N ALA SF 78 14.91 -124.55 25.99
CA ALA SF 78 13.92 -125.62 25.96
C ALA SF 78 14.60 -126.98 25.86
N THR SF 79 13.96 -127.98 26.46
CA THR SF 79 14.52 -129.31 26.50
C THR SF 79 14.35 -130.02 25.16
N ALA SF 80 15.14 -131.07 24.97
CA ALA SF 80 14.97 -131.91 23.79
C ALA SF 80 13.64 -132.64 23.82
N ALA SF 81 13.16 -133.00 25.01
CA ALA SF 81 11.83 -133.60 25.13
C ALA SF 81 10.74 -132.62 24.73
N ASP SF 82 10.90 -131.36 25.11
CA ASP SF 82 9.97 -130.33 24.62
C ASP SF 82 10.01 -130.25 23.11
N LYS SF 83 11.22 -130.33 22.53
CA LYS SF 83 11.37 -130.24 21.09
C LYS SF 83 10.91 -131.51 20.39
N THR SF 84 11.12 -132.67 21.02
CA THR SF 84 10.64 -133.91 20.44
C THR SF 84 9.12 -133.95 20.46
N ALA SF 85 8.50 -133.50 21.55
CA ALA SF 85 7.04 -133.53 21.64
C ALA SF 85 6.40 -132.62 20.60
N LEU SF 86 6.98 -131.44 20.38
CA LEU SF 86 6.41 -130.51 19.41
C LEU SF 86 6.43 -131.12 18.00
N MET SF 87 7.55 -131.75 17.62
CA MET SF 87 7.62 -132.33 16.29
C MET SF 87 6.76 -133.57 16.18
N ALA SF 88 6.64 -134.34 17.26
CA ALA SF 88 5.79 -135.53 17.23
C ALA SF 88 4.32 -135.16 17.12
N ILE SF 89 3.89 -134.10 17.81
CA ILE SF 89 2.48 -133.71 17.78
C ILE SF 89 2.11 -133.15 16.42
N ILE SF 90 2.96 -132.26 15.89
CA ILE SF 90 2.64 -131.61 14.63
C ILE SF 90 2.67 -132.60 13.47
N THR SF 91 3.58 -133.58 13.51
CA THR SF 91 3.63 -134.59 12.46
C THR SF 91 2.43 -135.52 12.52
N ALA SF 92 1.99 -135.87 13.74
CA ALA SF 92 0.79 -136.69 13.87
C ALA SF 92 -0.44 -135.95 13.37
N ALA SF 93 -0.51 -134.65 13.65
CA ALA SF 93 -1.63 -133.86 13.16
C ALA SF 93 -1.59 -133.72 11.64
N GLN SF 94 -0.39 -133.62 11.07
CA GLN SF 94 -0.27 -133.55 9.62
C GLN SF 94 -0.67 -134.86 8.97
N ALA SF 95 -0.31 -135.99 9.58
CA ALA SF 95 -0.72 -137.28 9.07
C ALA SF 95 -2.23 -137.48 9.17
N ASP SF 96 -2.88 -136.82 10.11
CA ASP SF 96 -4.32 -136.91 10.24
C ASP SF 96 -5.00 -136.26 9.04
N GLY SF 97 -6.18 -136.80 8.69
CA GLY SF 97 -6.89 -136.30 7.53
C GLY SF 97 -7.51 -134.93 7.71
N ALA SF 98 -7.61 -134.46 8.96
CA ALA SF 98 -8.13 -133.12 9.19
C ALA SF 98 -7.24 -132.07 8.54
N TRP SF 99 -5.92 -132.23 8.66
CA TRP SF 99 -5.00 -131.32 7.99
C TRP SF 99 -5.12 -131.45 6.48
N THR SF 100 -5.28 -132.68 5.97
CA THR SF 100 -5.44 -132.88 4.55
C THR SF 100 -6.71 -132.24 4.03
N GLU SF 101 -7.70 -132.02 4.89
CA GLU SF 101 -8.91 -131.28 4.54
C GLU SF 101 -8.76 -129.79 4.76
N LEU SF 102 -8.02 -129.37 5.79
CA LEU SF 102 -7.72 -127.96 5.98
C LEU SF 102 -7.02 -127.40 4.75
N VAL SF 103 -6.06 -128.14 4.23
CA VAL SF 103 -5.53 -127.85 2.91
C VAL SF 103 -6.46 -128.49 1.88
N THR SF 104 -6.56 -127.87 0.71
CA THR SF 104 -7.36 -128.31 -0.43
C THR SF 104 -8.86 -128.11 -0.30
N ASP SF 105 -9.37 -127.87 0.92
CA ASP SF 105 -10.81 -127.68 1.12
C ASP SF 105 -11.16 -126.50 2.00
N GLN SF 106 -10.22 -125.96 2.77
CA GLN SF 106 -10.51 -124.92 3.77
C GLN SF 106 -11.58 -125.40 4.73
N ARG SF 107 -11.41 -126.63 5.21
CA ARG SF 107 -12.37 -127.30 6.07
C ARG SF 107 -11.79 -127.42 7.47
N LEU SF 108 -12.50 -126.88 8.45
CA LEU SF 108 -12.11 -127.01 9.85
C LEU SF 108 -12.50 -128.39 10.39
N PRO SF 109 -11.77 -128.91 11.38
CA PRO SF 109 -12.04 -130.27 11.86
C PRO SF 109 -13.21 -130.33 12.82
N LEU SF 110 -14.33 -129.74 12.45
CA LEU SF 110 -15.47 -129.64 13.35
C LEU SF 110 -16.75 -130.23 12.76
N ALA SF 111 -16.69 -130.83 11.59
CA ALA SF 111 -17.86 -131.47 11.01
C ALA SF 111 -18.31 -132.64 11.88
N THR SF 112 -19.60 -132.95 11.83
CA THR SF 112 -20.14 -134.12 12.52
C THR SF 112 -20.14 -135.36 11.64
N VAL SF 113 -19.67 -135.25 10.39
CA VAL SF 113 -19.62 -136.35 9.43
C VAL SF 113 -21.01 -136.92 9.16
N SER TF 1 -7.32 -132.92 15.52
CA SER TF 1 -8.67 -133.27 15.93
C SER TF 1 -8.65 -134.07 17.24
N LYS TF 2 -8.10 -135.28 17.19
CA LYS TF 2 -8.14 -136.20 18.31
C LYS TF 2 -6.70 -136.62 18.63
N VAL TF 3 -6.57 -137.73 19.37
CA VAL TF 3 -5.32 -138.16 19.98
C VAL TF 3 -4.14 -138.09 19.02
N PHE TF 4 -3.14 -137.30 19.38
CA PHE TF 4 -1.90 -137.17 18.62
C PHE TF 4 -0.73 -137.32 19.57
N ASN TF 5 0.27 -138.11 19.15
CA ASN TF 5 1.45 -138.38 19.97
C ASN TF 5 1.04 -138.89 21.35
N THR TF 6 0.07 -139.80 21.36
CA THR TF 6 -0.53 -140.43 22.55
C THR TF 6 -1.25 -139.44 23.45
N GLN TF 7 -1.34 -138.17 23.06
CA GLN TF 7 -2.02 -137.16 23.87
C GLN TF 7 -3.38 -136.85 23.27
N THR TF 8 -4.40 -136.85 24.12
CA THR TF 8 -5.77 -136.60 23.69
C THR TF 8 -6.00 -135.09 23.67
N PHE TF 9 -6.40 -134.57 22.51
CA PHE TF 9 -6.63 -133.15 22.34
C PHE TF 9 -8.14 -132.92 22.25
N ASP TF 10 -8.71 -132.31 23.28
CA ASP TF 10 -10.13 -131.99 23.32
C ASP TF 10 -10.32 -130.51 22.98
N ILE TF 11 -11.49 -130.20 22.44
CA ILE TF 11 -11.72 -128.88 21.87
C ILE TF 11 -11.66 -127.83 22.97
N TYR TF 12 -10.90 -126.76 22.73
CA TYR TF 12 -10.74 -125.69 23.70
C TYR TF 12 -11.52 -124.44 23.34
N SER TF 13 -11.57 -124.07 22.06
CA SER TF 13 -12.35 -122.92 21.61
C SER TF 13 -12.64 -123.09 20.13
N THR TF 14 -13.67 -122.40 19.67
CA THR TF 14 -14.03 -122.39 18.26
C THR TF 14 -14.26 -120.96 17.81
N GLU TF 15 -13.63 -120.59 16.72
CA GLU TF 15 -13.82 -119.29 16.10
C GLU TF 15 -14.43 -119.47 14.71
N LYS TF 16 -14.63 -118.35 14.03
CA LYS TF 16 -15.11 -118.39 12.65
C LYS TF 16 -14.16 -119.18 11.77
N ASP TF 17 -12.85 -119.00 11.98
CA ASP TF 17 -11.84 -119.62 11.12
C ASP TF 17 -10.77 -120.36 11.91
N VAL TF 18 -10.90 -120.46 13.22
CA VAL TF 18 -9.92 -121.12 14.06
C VAL TF 18 -10.62 -122.15 14.93
N VAL TF 19 -10.06 -123.34 15.00
CA VAL TF 19 -10.47 -124.36 15.96
C VAL TF 19 -9.25 -124.74 16.78
N SER TF 20 -9.37 -124.58 18.09
CA SER TF 20 -8.27 -124.80 19.02
C SER TF 20 -8.60 -126.01 19.89
N LEU TF 21 -7.63 -126.88 20.09
CA LEU TF 21 -7.80 -128.05 20.93
C LEU TF 21 -6.70 -128.08 21.98
N ARG TF 22 -7.03 -128.63 23.14
CA ARG TF 22 -6.12 -128.68 24.26
C ARG TF 22 -6.01 -130.11 24.76
N ASP TF 23 -4.84 -130.44 25.32
CA ASP TF 23 -4.68 -131.73 25.96
C ASP TF 23 -5.57 -131.85 27.19
N PHE TF 24 -5.52 -130.84 28.07
CA PHE TF 24 -6.26 -130.79 29.33
C PHE TF 24 -5.71 -131.80 30.34
N ALA TF 25 -4.77 -132.64 29.89
CA ALA TF 25 -4.07 -133.55 30.78
C ALA TF 25 -2.78 -132.95 31.31
N ASN TF 26 -1.85 -132.60 30.43
CA ASN TF 26 -0.69 -131.81 30.84
C ASN TF 26 -0.96 -130.32 30.79
N ASP TF 27 -2.12 -129.92 30.28
CA ASP TF 27 -2.58 -128.53 30.29
C ASP TF 27 -1.57 -127.57 29.67
N LYS TF 28 -0.75 -128.07 28.75
CA LYS TF 28 0.34 -127.28 28.22
C LYS TF 28 0.36 -127.17 26.71
N ASP TF 29 -0.34 -128.06 25.99
CA ASP TF 29 -0.27 -128.13 24.54
C ASP TF 29 -1.59 -127.70 23.92
N THR TF 30 -1.53 -126.79 22.97
CA THR TF 30 -2.71 -126.32 22.26
C THR TF 30 -2.49 -126.46 20.77
N LEU TF 31 -3.44 -127.09 20.10
CA LEU TF 31 -3.40 -127.34 18.66
C LEU TF 31 -4.45 -126.48 17.99
N ALA TF 32 -4.05 -125.68 17.02
CA ALA TF 32 -4.94 -124.76 16.34
C ALA TF 32 -5.03 -125.10 14.86
N TYR TF 33 -6.25 -125.05 14.32
CA TYR TF 33 -6.51 -125.19 12.89
C TYR TF 33 -7.08 -123.87 12.41
N LYS TF 34 -6.34 -123.18 11.56
CA LYS TF 34 -6.74 -121.86 11.09
C LYS TF 34 -7.08 -121.91 9.61
N ARG TF 35 -8.07 -121.13 9.23
CA ARG TF 35 -8.61 -121.12 7.88
C ARG TF 35 -8.62 -119.69 7.35
N LEU TF 36 -8.26 -119.53 6.08
CA LEU TF 36 -8.30 -118.20 5.46
C LEU TF 36 -8.61 -118.41 3.98
N ALA TF 37 -9.88 -118.28 3.61
CA ALA TF 37 -10.31 -118.57 2.26
C ALA TF 37 -9.72 -117.57 1.27
N PRO TF 38 -9.54 -117.96 0.01
CA PRO TF 38 -9.03 -117.01 -0.98
C PRO TF 38 -10.01 -115.89 -1.24
N LYS TF 39 -9.46 -114.71 -1.52
CA LYS TF 39 -10.24 -113.55 -1.89
C LYS TF 39 -9.86 -113.16 -3.32
N ARG TF 40 -10.87 -113.02 -4.18
CA ARG TF 40 -10.65 -112.76 -5.60
C ARG TF 40 -10.52 -111.24 -5.79
N THR TF 41 -9.38 -110.71 -5.33
CA THR TF 41 -9.14 -109.28 -5.38
C THR TF 41 -8.74 -108.80 -6.77
N LYS TF 42 -8.41 -109.71 -7.67
CA LYS TF 42 -8.06 -109.38 -9.04
C LYS TF 42 -8.51 -110.53 -9.92
N ASP TF 43 -7.96 -110.58 -11.13
CA ASP TF 43 -8.20 -111.69 -12.04
C ASP TF 43 -7.79 -113.02 -11.39
N SER TF 44 -6.87 -112.95 -10.45
CA SER TF 44 -6.50 -114.13 -9.68
C SER TF 44 -7.69 -114.61 -8.85
N PRO TF 45 -7.84 -115.92 -8.63
CA PRO TF 45 -8.87 -116.40 -7.71
C PRO TF 45 -8.49 -116.25 -6.25
N GLY TF 46 -7.35 -115.63 -5.94
CA GLY TF 46 -6.88 -115.49 -4.59
C GLY TF 46 -6.06 -116.68 -4.14
N MET TF 47 -5.57 -116.58 -2.91
CA MET TF 47 -4.80 -117.64 -2.29
C MET TF 47 -5.55 -118.20 -1.09
N ALA TF 48 -5.75 -119.51 -1.07
CA ALA TF 48 -6.35 -120.20 0.06
C ALA TF 48 -5.27 -120.45 1.11
N LYS TF 49 -5.39 -119.80 2.25
CA LYS TF 49 -4.44 -119.99 3.34
C LYS TF 49 -4.97 -121.01 4.33
N SER TF 50 -4.07 -121.79 4.91
CA SER TF 50 -4.37 -122.65 6.04
C SER TF 50 -3.21 -122.58 7.03
N GLU TF 51 -3.49 -123.00 8.27
CA GLU TF 51 -2.48 -122.92 9.31
C GLU TF 51 -2.76 -124.00 10.34
N LEU TF 52 -1.75 -124.82 10.65
CA LEU TF 52 -1.86 -125.84 11.68
C LEU TF 52 -0.69 -125.66 12.64
N LYS TF 53 -0.95 -125.11 13.82
CA LYS TF 53 0.13 -124.78 14.75
C LYS TF 53 -0.09 -125.48 16.08
N ILE TF 54 1.02 -125.90 16.67
CA ILE TF 54 1.05 -126.51 17.99
C ILE TF 54 1.84 -125.58 18.91
N THR TF 55 1.28 -125.30 20.08
CA THR TF 55 1.90 -124.40 21.03
C THR TF 55 2.04 -125.08 22.37
N ARG TF 56 3.24 -125.03 22.93
CA ARG TF 56 3.51 -125.56 24.25
C ARG TF 56 3.91 -124.41 25.17
N VAL TF 57 3.16 -124.22 26.24
CA VAL TF 57 3.52 -123.29 27.30
C VAL TF 57 3.46 -124.05 28.61
N ASP TF 58 4.44 -123.82 29.46
CA ASP TF 58 4.37 -124.49 30.76
C ASP TF 58 3.25 -123.86 31.60
N PRO TF 59 2.28 -124.63 32.07
CA PRO TF 59 1.10 -124.03 32.69
C PRO TF 59 1.28 -123.71 34.17
N THR TF 60 2.43 -123.16 34.54
CA THR TF 60 2.61 -122.65 35.89
C THR TF 60 3.02 -121.18 35.84
N THR TF 61 4.00 -120.87 34.99
CA THR TF 61 4.46 -119.50 34.81
C THR TF 61 4.07 -118.91 33.47
N GLY TF 62 3.51 -119.71 32.58
CA GLY TF 62 3.02 -119.20 31.31
C GLY TF 62 4.07 -118.64 30.40
N VAL TF 63 5.28 -119.20 30.39
CA VAL TF 63 6.29 -118.84 29.42
C VAL TF 63 6.20 -119.82 28.26
N LEU TF 64 6.21 -119.30 27.04
CA LEU TF 64 6.06 -120.12 25.86
C LEU TF 64 7.30 -120.99 25.70
N ILE TF 65 7.09 -122.31 25.59
CA ILE TF 65 8.22 -123.19 25.36
C ILE TF 65 8.60 -123.21 23.89
N GLY TF 66 7.61 -123.33 23.00
CA GLY TF 66 7.90 -123.34 21.59
C GLY TF 66 6.63 -123.47 20.77
N ILE TF 67 6.76 -123.08 19.49
CA ILE TF 67 5.68 -123.17 18.51
C ILE TF 67 6.22 -123.83 17.26
N VAL TF 68 5.46 -124.78 16.72
CA VAL TF 68 5.71 -125.33 15.39
C VAL TF 68 4.47 -125.09 14.55
N ASN TF 69 4.65 -124.47 13.40
CA ASN TF 69 3.54 -123.98 12.58
C ASN TF 69 3.66 -124.56 11.18
N VAL TF 70 2.55 -125.09 10.67
CA VAL TF 70 2.47 -125.59 9.30
C VAL TF 70 1.48 -124.71 8.55
N SER TF 71 1.99 -123.82 7.71
CA SER TF 71 1.16 -122.89 6.96
C SER TF 71 1.15 -123.26 5.49
N SER TF 72 0.02 -123.04 4.85
CA SER TF 72 -0.12 -123.27 3.42
C SER TF 72 -0.70 -122.03 2.76
N SER TF 73 -0.19 -121.70 1.59
CA SER TF 73 -0.71 -120.60 0.77
C SER TF 73 -0.74 -121.13 -0.66
N ILE TF 74 -1.90 -121.65 -1.06
CA ILE TF 74 -2.07 -122.30 -2.36
C ILE TF 74 -3.11 -121.53 -3.15
N ARG TF 75 -2.86 -121.38 -4.45
CA ARG TF 75 -3.82 -120.75 -5.33
C ARG TF 75 -5.15 -121.49 -5.27
N ALA TF 76 -6.24 -120.72 -5.29
CA ALA TF 76 -7.57 -121.33 -5.30
C ALA TF 76 -7.79 -122.17 -6.53
N ASP TF 77 -7.16 -121.81 -7.65
CA ASP TF 77 -7.29 -122.56 -8.89
C ASP TF 77 -6.34 -123.75 -8.96
N ALA TF 78 -5.41 -123.88 -8.01
CA ALA TF 78 -4.38 -124.90 -8.12
C ALA TF 78 -4.98 -126.29 -8.04
N THR TF 79 -4.50 -127.17 -8.92
CA THR TF 79 -5.00 -128.52 -9.01
C THR TF 79 -4.64 -129.31 -7.77
N ALA TF 80 -5.41 -130.38 -7.53
CA ALA TF 80 -5.11 -131.26 -6.40
C ALA TF 80 -3.76 -131.93 -6.56
N ALA TF 81 -3.34 -132.21 -7.80
CA ALA TF 81 -2.01 -132.76 -8.02
C ALA TF 81 -0.93 -131.80 -7.56
N ASP TF 82 -1.08 -130.51 -7.90
CA ASP TF 82 -0.18 -129.50 -7.34
C ASP TF 82 -0.31 -129.44 -5.83
N LYS TF 83 -1.54 -129.61 -5.34
CA LYS TF 83 -1.81 -129.51 -3.91
C LYS TF 83 -1.33 -130.74 -3.15
N THR TF 84 -1.47 -131.92 -3.75
CA THR TF 84 -1.01 -133.14 -3.09
C THR TF 84 0.51 -133.23 -3.10
N ALA TF 85 1.14 -132.78 -4.19
CA ALA TF 85 2.60 -132.82 -4.25
C ALA TF 85 3.23 -131.89 -3.22
N LEU TF 86 2.60 -130.74 -2.99
CA LEU TF 86 3.09 -129.81 -1.98
C LEU TF 86 3.08 -130.43 -0.60
N MET TF 87 2.04 -131.21 -0.29
CA MET TF 87 2.02 -131.89 1.01
C MET TF 87 2.96 -133.08 1.02
N ALA TF 88 3.05 -133.78 -0.12
CA ALA TF 88 3.91 -134.96 -0.18
C ALA TF 88 5.38 -134.59 0.00
N ILE TF 89 5.81 -133.49 -0.61
CA ILE TF 89 7.20 -133.08 -0.47
C ILE TF 89 7.50 -132.64 0.95
N ILE TF 90 6.63 -131.80 1.53
CA ILE TF 90 6.92 -131.22 2.82
C ILE TF 90 6.89 -132.28 3.92
N THR TF 91 5.96 -133.23 3.83
CA THR TF 91 5.93 -134.31 4.80
C THR TF 91 7.15 -135.20 4.66
N ALA TF 92 7.57 -135.47 3.42
CA ALA TF 92 8.78 -136.24 3.20
C ALA TF 92 10.00 -135.50 3.75
N ALA TF 93 10.05 -134.18 3.55
CA ALA TF 93 11.15 -133.40 4.09
C ALA TF 93 11.16 -133.41 5.61
N GLN TF 94 9.99 -133.32 6.23
CA GLN TF 94 9.91 -133.36 7.69
C GLN TF 94 10.36 -134.71 8.24
N ALA TF 95 9.95 -135.80 7.60
CA ALA TF 95 10.38 -137.12 8.04
C ALA TF 95 11.89 -137.30 7.92
N ASP TF 96 12.52 -136.56 7.01
CA ASP TF 96 13.97 -136.62 6.84
C ASP TF 96 14.67 -136.01 8.04
N GLY TF 97 15.86 -136.52 8.33
CA GLY TF 97 16.63 -136.07 9.49
C GLY TF 97 17.11 -134.64 9.40
N ALA TF 98 17.14 -134.07 8.20
CA ALA TF 98 17.58 -132.67 8.06
C ALA TF 98 16.65 -131.73 8.81
N TRP TF 99 15.34 -131.95 8.72
CA TRP TF 99 14.40 -131.13 9.47
C TRP TF 99 14.54 -131.35 10.96
N THR TF 100 14.76 -132.60 11.38
CA THR TF 100 14.96 -132.89 12.79
C THR TF 100 16.17 -132.15 13.34
N GLU TF 101 17.25 -132.08 12.56
CA GLU TF 101 18.45 -131.36 12.96
C GLU TF 101 18.34 -129.86 12.80
N LEU TF 102 17.52 -129.38 11.85
CA LEU TF 102 17.29 -127.94 11.73
C LEU TF 102 16.65 -127.41 12.99
N VAL TF 103 15.68 -128.13 13.54
CA VAL TF 103 15.25 -127.93 14.91
C VAL TF 103 16.24 -128.64 15.82
N THR TF 104 16.31 -128.21 17.08
CA THR TF 104 17.12 -128.82 18.13
C THR TF 104 18.62 -128.60 17.94
N ASP TF 105 19.03 -128.14 16.76
CA ASP TF 105 20.43 -127.86 16.51
C ASP TF 105 20.69 -126.59 15.71
N GLN TF 106 19.69 -126.05 15.03
CA GLN TF 106 19.87 -124.99 14.04
C GLN TF 106 20.95 -125.38 13.01
N ARG TF 107 20.88 -126.62 12.57
CA ARG TF 107 21.85 -127.20 11.64
C ARG TF 107 21.28 -127.18 10.24
N LEU TF 108 21.94 -126.47 9.34
CA LEU TF 108 21.52 -126.45 7.94
C LEU TF 108 22.00 -127.70 7.22
N PRO TF 109 21.26 -128.15 6.21
CA PRO TF 109 21.70 -129.32 5.44
C PRO TF 109 22.85 -128.99 4.51
N LEU TF 110 24.05 -128.82 5.08
CA LEU TF 110 25.25 -128.60 4.29
C LEU TF 110 26.48 -129.31 4.86
N ALA TF 111 26.31 -130.15 5.89
CA ALA TF 111 27.45 -130.84 6.48
C ALA TF 111 27.97 -131.92 5.53
N THR TF 112 29.29 -132.10 5.51
CA THR TF 112 29.92 -133.12 4.69
C THR TF 112 29.99 -134.47 5.37
N VAL TF 113 29.57 -134.56 6.64
CA VAL TF 113 29.59 -135.80 7.42
C VAL TF 113 31.00 -136.36 7.54
N SER UF 1 -52.71 -121.93 -3.24
CA SER UF 1 -53.85 -122.35 -4.05
C SER UF 1 -55.07 -122.65 -3.19
N LYS UF 2 -55.05 -123.80 -2.53
CA LYS UF 2 -56.19 -124.29 -1.77
C LYS UF 2 -55.70 -124.87 -0.45
N VAL UF 3 -56.55 -125.66 0.19
CA VAL UF 3 -56.45 -126.02 1.60
C VAL UF 3 -55.03 -126.36 2.03
N PHE UF 4 -54.54 -125.62 3.01
CA PHE UF 4 -53.22 -125.82 3.60
C PHE UF 4 -53.38 -125.92 5.10
N ASN UF 5 -52.84 -126.97 5.70
CA ASN UF 5 -52.90 -127.16 7.15
C ASN UF 5 -54.36 -127.11 7.61
N THR UF 6 -55.23 -127.79 6.85
CA THR UF 6 -56.66 -127.90 7.08
C THR UF 6 -57.40 -126.57 7.06
N GLN UF 7 -56.77 -125.49 6.62
CA GLN UF 7 -57.43 -124.21 6.45
C GLN UF 7 -57.66 -123.94 4.98
N THR UF 8 -58.82 -123.39 4.65
CA THR UF 8 -59.16 -123.06 3.27
C THR UF 8 -58.68 -121.66 2.97
N PHE UF 9 -57.83 -121.53 1.96
CA PHE UF 9 -57.34 -120.24 1.50
C PHE UF 9 -58.01 -119.91 0.17
N ASP UF 10 -58.76 -118.84 0.16
CA ASP UF 10 -59.44 -118.37 -1.04
C ASP UF 10 -58.75 -117.13 -1.57
N ILE UF 11 -58.80 -116.93 -2.88
CA ILE UF 11 -58.15 -115.77 -3.47
C ILE UF 11 -58.77 -114.50 -2.91
N TYR UF 12 -57.94 -113.63 -2.37
CA TYR UF 12 -58.39 -112.34 -1.86
C TYR UF 12 -58.18 -111.21 -2.84
N SER UF 13 -57.04 -111.20 -3.54
CA SER UF 13 -56.76 -110.12 -4.47
C SER UF 13 -55.85 -110.67 -5.56
N THR UF 14 -56.05 -110.15 -6.76
CA THR UF 14 -55.25 -110.56 -7.91
C THR UF 14 -54.59 -109.33 -8.48
N GLU UF 15 -53.27 -109.40 -8.64
CA GLU UF 15 -52.46 -108.29 -9.13
C GLU UF 15 -51.66 -108.76 -10.34
N LYS UF 16 -51.03 -107.81 -11.02
CA LYS UF 16 -50.17 -108.12 -12.16
C LYS UF 16 -49.14 -109.18 -11.81
N ASP UF 17 -48.41 -108.99 -10.71
CA ASP UF 17 -47.37 -109.92 -10.30
C ASP UF 17 -47.60 -110.44 -8.89
N VAL UF 18 -48.78 -110.26 -8.31
CA VAL UF 18 -49.07 -110.68 -6.94
C VAL UF 18 -50.41 -111.37 -6.92
N VAL UF 19 -50.49 -112.49 -6.20
CA VAL UF 19 -51.75 -113.17 -5.92
C VAL UF 19 -51.80 -113.41 -4.42
N SER UF 20 -52.92 -113.04 -3.80
CA SER UF 20 -53.08 -113.11 -2.36
C SER UF 20 -54.26 -114.00 -2.01
N LEU UF 21 -54.07 -114.86 -1.01
CA LEU UF 21 -55.11 -115.75 -0.53
C LEU UF 21 -55.35 -115.51 0.95
N ARG UF 22 -56.62 -115.47 1.32
CA ARG UF 22 -57.02 -115.24 2.70
C ARG UF 22 -57.79 -116.45 3.19
N ASP UF 23 -57.60 -116.78 4.46
CA ASP UF 23 -58.34 -117.90 5.05
C ASP UF 23 -59.84 -117.62 5.06
N PHE UF 24 -60.24 -116.42 5.45
CA PHE UF 24 -61.63 -115.96 5.48
C PHE UF 24 -62.43 -116.68 6.56
N ALA UF 25 -61.81 -117.65 7.22
CA ALA UF 25 -62.42 -118.35 8.35
C ALA UF 25 -61.87 -117.84 9.68
N ASN UF 26 -60.55 -117.90 9.88
CA ASN UF 26 -59.95 -117.23 11.01
C ASN UF 26 -59.72 -115.75 10.76
N ASP UF 27 -59.79 -115.32 9.51
CA ASP UF 27 -59.61 -113.92 9.12
C ASP UF 27 -58.29 -113.35 9.66
N LYS UF 28 -57.26 -114.19 9.72
CA LYS UF 28 -55.98 -113.77 10.28
C LYS UF 28 -54.79 -114.19 9.44
N ASP UF 29 -54.95 -115.10 8.49
CA ASP UF 29 -53.86 -115.62 7.68
C ASP UF 29 -53.97 -115.12 6.26
N THR UF 30 -52.85 -114.64 5.71
CA THR UF 30 -52.78 -114.22 4.32
C THR UF 30 -51.58 -114.88 3.66
N LEU UF 31 -51.83 -115.53 2.52
CA LEU UF 31 -50.79 -116.17 1.73
C LEU UF 31 -50.64 -115.40 0.42
N ALA UF 32 -49.43 -114.90 0.16
CA ALA UF 32 -49.17 -114.06 -1.00
C ALA UF 32 -48.15 -114.73 -1.90
N TYR UF 33 -48.42 -114.70 -3.20
CA TYR UF 33 -47.49 -115.16 -4.22
C TYR UF 33 -46.97 -113.93 -4.95
N LYS UF 34 -45.67 -113.65 -4.82
CA LYS UF 34 -45.05 -112.48 -5.42
C LYS UF 34 -44.14 -112.91 -6.57
N ARG UF 35 -44.17 -112.13 -7.64
CA ARG UF 35 -43.43 -112.44 -8.86
C ARG UF 35 -42.55 -111.25 -9.23
N LEU UF 36 -41.37 -111.53 -9.78
CA LEU UF 36 -40.48 -110.46 -10.23
C LEU UF 36 -39.53 -111.03 -11.28
N ALA UF 37 -39.73 -110.64 -12.54
CA ALA UF 37 -38.97 -111.21 -13.64
C ALA UF 37 -37.52 -110.76 -13.59
N PRO UF 38 -36.59 -111.58 -14.12
CA PRO UF 38 -35.19 -111.17 -14.16
C PRO UF 38 -34.98 -110.01 -15.12
N LYS UF 39 -34.07 -109.12 -14.75
CA LYS UF 39 -33.76 -107.95 -15.57
C LYS UF 39 -32.36 -108.12 -16.17
N ARG UF 40 -32.28 -108.01 -17.49
CA ARG UF 40 -31.02 -108.11 -18.21
C ARG UF 40 -30.36 -106.74 -18.19
N THR UF 41 -29.99 -106.30 -16.99
CA THR UF 41 -29.35 -105.01 -16.81
C THR UF 41 -27.93 -105.00 -17.33
N LYS UF 42 -27.41 -106.16 -17.71
CA LYS UF 42 -26.05 -106.32 -18.19
C LYS UF 42 -26.02 -107.55 -19.09
N ASP UF 43 -24.82 -108.05 -19.35
CA ASP UF 43 -24.67 -109.30 -20.08
C ASP UF 43 -25.45 -110.42 -19.41
N SER UF 44 -25.45 -110.41 -18.08
CA SER UF 44 -26.17 -111.43 -17.33
C SER UF 44 -27.66 -111.33 -17.60
N PRO UF 45 -28.37 -112.45 -17.75
CA PRO UF 45 -29.81 -112.39 -18.03
C PRO UF 45 -30.66 -111.94 -16.86
N GLY UF 46 -30.06 -111.72 -15.69
CA GLY UF 46 -30.79 -111.25 -14.54
C GLY UF 46 -31.21 -112.38 -13.61
N MET UF 47 -31.77 -111.98 -12.47
CA MET UF 47 -32.14 -112.89 -11.42
C MET UF 47 -33.66 -112.89 -11.29
N ALA UF 48 -34.28 -114.07 -11.42
CA ALA UF 48 -35.72 -114.21 -11.37
C ALA UF 48 -36.16 -114.33 -9.91
N LYS UF 49 -36.85 -113.31 -9.40
CA LYS UF 49 -37.27 -113.27 -8.01
C LYS UF 49 -38.64 -113.92 -7.85
N SER UF 50 -38.77 -114.74 -6.82
CA SER UF 50 -40.04 -115.29 -6.41
C SER UF 50 -40.21 -115.08 -4.90
N GLU UF 51 -41.45 -115.14 -4.45
CA GLU UF 51 -41.73 -114.98 -3.03
C GLU UF 51 -43.03 -115.69 -2.68
N LEU UF 52 -42.99 -116.47 -1.60
CA LEU UF 52 -44.17 -117.12 -1.04
C LEU UF 52 -44.17 -116.83 0.45
N LYS UF 53 -45.13 -116.04 0.91
CA LYS UF 53 -45.14 -115.62 2.31
C LYS UF 53 -46.51 -115.82 2.91
N ILE UF 54 -46.51 -116.23 4.18
CA ILE UF 54 -47.72 -116.35 4.99
C ILE UF 54 -47.63 -115.32 6.10
N THR UF 55 -48.66 -114.50 6.24
CA THR UF 55 -48.69 -113.45 7.24
C THR UF 55 -49.88 -113.66 8.15
N ARG UF 56 -49.63 -113.61 9.45
CA ARG UF 56 -50.67 -113.74 10.46
C ARG UF 56 -50.80 -112.42 11.19
N VAL UF 57 -52.01 -111.87 11.19
CA VAL UF 57 -52.33 -110.64 11.87
C VAL UF 57 -53.49 -110.92 12.82
N ASP UF 58 -53.39 -110.43 14.03
CA ASP UF 58 -54.43 -110.70 15.00
C ASP UF 58 -55.70 -109.95 14.62
N PRO UF 59 -56.80 -110.62 14.34
CA PRO UF 59 -57.96 -109.94 13.74
C PRO UF 59 -58.92 -109.32 14.74
N THR UF 60 -58.43 -108.67 15.79
CA THR UF 60 -59.30 -107.82 16.60
C THR UF 60 -58.68 -106.44 16.78
N THR UF 61 -57.35 -106.38 16.91
CA THR UF 61 -56.65 -105.10 16.97
C THR UF 61 -55.63 -104.93 15.85
N GLY UF 62 -55.34 -105.98 15.09
CA GLY UF 62 -54.47 -105.86 13.94
C GLY UF 62 -52.99 -105.87 14.25
N VAL UF 63 -52.54 -106.67 15.22
CA VAL UF 63 -51.13 -106.77 15.55
C VAL UF 63 -50.52 -107.95 14.81
N LEU UF 64 -49.43 -107.70 14.09
CA LEU UF 64 -48.75 -108.73 13.32
C LEU UF 64 -48.20 -109.80 14.25
N ILE UF 65 -48.78 -110.99 14.20
CA ILE UF 65 -48.26 -112.09 15.00
C ILE UF 65 -46.93 -112.58 14.46
N GLY UF 66 -46.84 -112.83 13.17
CA GLY UF 66 -45.62 -113.36 12.60
C GLY UF 66 -45.71 -113.49 11.10
N ILE UF 67 -44.54 -113.61 10.48
CA ILE UF 67 -44.41 -113.80 9.05
C ILE UF 67 -43.38 -114.89 8.81
N VAL UF 68 -43.73 -115.86 7.97
CA VAL UF 68 -42.76 -116.79 7.41
C VAL UF 68 -42.75 -116.57 5.90
N ASN UF 69 -41.59 -116.25 5.36
CA ASN UF 69 -41.45 -115.89 3.95
C ASN UF 69 -40.44 -116.81 3.29
N VAL UF 70 -40.78 -117.31 2.11
CA VAL UF 70 -39.87 -118.07 1.28
C VAL UF 70 -39.62 -117.27 0.01
N SER UF 71 -38.38 -116.85 -0.18
CA SER UF 71 -37.99 -116.04 -1.32
C SER UF 71 -36.95 -116.78 -2.14
N SER UF 72 -36.99 -116.59 -3.45
CA SER UF 72 -36.03 -117.19 -4.36
C SER UF 72 -35.41 -116.11 -5.24
N SER UF 73 -34.11 -116.22 -5.45
CA SER UF 73 -33.38 -115.34 -6.36
C SER UF 73 -32.48 -116.26 -7.17
N ILE UF 74 -32.95 -116.67 -8.34
CA ILE UF 74 -32.27 -117.63 -9.19
C ILE UF 74 -31.94 -116.97 -10.52
N ARG UF 75 -30.74 -117.25 -11.03
CA ARG UF 75 -30.34 -116.75 -12.34
C ARG UF 75 -31.37 -117.13 -13.39
N ALA UF 76 -31.62 -116.20 -14.31
CA ALA UF 76 -32.55 -116.48 -15.40
C ALA UF 76 -32.07 -117.64 -16.26
N ASP UF 77 -30.76 -117.84 -16.35
CA ASP UF 77 -30.19 -118.92 -17.15
C ASP UF 77 -30.00 -120.21 -16.36
N ALA UF 78 -30.27 -120.21 -15.06
CA ALA UF 78 -29.99 -121.38 -14.24
C ALA UF 78 -30.81 -122.58 -14.70
N THR UF 79 -30.16 -123.74 -14.73
CA THR UF 79 -30.79 -124.94 -15.22
C THR UF 79 -31.88 -125.42 -14.26
N ALA UF 80 -32.84 -126.16 -14.81
CA ALA UF 80 -33.89 -126.74 -13.97
C ALA UF 80 -33.32 -127.68 -12.93
N ALA UF 81 -32.16 -128.29 -13.21
CA ALA UF 81 -31.50 -129.13 -12.22
C ALA UF 81 -31.09 -128.30 -11.01
N ASP UF 82 -30.49 -127.13 -11.24
CA ASP UF 82 -30.18 -126.25 -10.12
C ASP UF 82 -31.45 -125.80 -9.42
N LYS UF 83 -32.48 -125.49 -10.20
CA LYS UF 83 -33.72 -124.99 -9.62
C LYS UF 83 -34.46 -126.08 -8.84
N THR UF 84 -34.35 -127.32 -9.30
CA THR UF 84 -34.92 -128.43 -8.55
C THR UF 84 -34.09 -128.75 -7.30
N ALA UF 85 -32.76 -128.71 -7.44
CA ALA UF 85 -31.89 -129.00 -6.31
C ALA UF 85 -32.04 -127.97 -5.21
N LEU UF 86 -32.14 -126.69 -5.58
CA LEU UF 86 -32.31 -125.64 -4.58
C LEU UF 86 -33.61 -125.83 -3.81
N MET UF 87 -34.68 -126.19 -4.51
CA MET UF 87 -35.95 -126.40 -3.84
C MET UF 87 -35.94 -127.68 -3.01
N ALA UF 88 -35.22 -128.70 -3.47
CA ALA UF 88 -35.18 -129.96 -2.73
C ALA UF 88 -34.35 -129.85 -1.47
N ILE UF 89 -33.23 -129.12 -1.53
CA ILE UF 89 -32.39 -128.95 -0.35
C ILE UF 89 -33.14 -128.16 0.72
N ILE UF 90 -33.73 -127.03 0.33
CA ILE UF 90 -34.40 -126.17 1.31
C ILE UF 90 -35.62 -126.86 1.89
N THR UF 91 -36.34 -127.65 1.09
CA THR UF 91 -37.49 -128.38 1.62
C THR UF 91 -37.06 -129.44 2.62
N ALA UF 92 -35.96 -130.15 2.33
CA ALA UF 92 -35.45 -131.14 3.27
C ALA UF 92 -34.95 -130.49 4.55
N ALA UF 93 -34.28 -129.33 4.43
CA ALA UF 93 -33.82 -128.63 5.61
C ALA UF 93 -34.99 -128.17 6.48
N GLN UF 94 -36.07 -127.69 5.85
CA GLN UF 94 -37.24 -127.29 6.61
C GLN UF 94 -37.87 -128.49 7.30
N ALA UF 95 -37.90 -129.65 6.63
CA ALA UF 95 -38.40 -130.86 7.25
C ALA UF 95 -37.49 -131.34 8.37
N ASP UF 96 -36.22 -130.99 8.32
CA ASP UF 96 -35.30 -131.31 9.40
C ASP UF 96 -35.68 -130.54 10.66
N GLY UF 97 -35.34 -131.10 11.81
CA GLY UF 97 -35.73 -130.52 13.08
C GLY UF 97 -34.95 -129.27 13.46
N ALA UF 98 -33.80 -129.05 12.83
CA ALA UF 98 -33.02 -127.86 13.14
C ALA UF 98 -33.80 -126.59 12.80
N TRP UF 99 -34.59 -126.63 11.72
CA TRP UF 99 -35.43 -125.48 11.39
C TRP UF 99 -36.53 -125.29 12.43
N THR UF 100 -37.16 -126.37 12.86
CA THR UF 100 -38.23 -126.26 13.86
C THR UF 100 -37.69 -125.75 15.19
N GLU UF 101 -36.37 -125.81 15.38
CA GLU UF 101 -35.74 -125.25 16.57
C GLU UF 101 -35.25 -123.82 16.36
N LEU UF 102 -34.77 -123.52 15.15
CA LEU UF 102 -34.41 -122.14 14.83
C LEU UF 102 -35.60 -121.22 14.96
N VAL UF 103 -36.73 -121.65 14.43
CA VAL UF 103 -38.02 -121.07 14.77
C VAL UF 103 -38.48 -121.68 16.09
N THR UF 104 -39.21 -120.90 16.88
CA THR UF 104 -39.79 -121.27 18.17
C THR UF 104 -38.77 -121.37 19.30
N ASP UF 105 -37.48 -121.38 18.98
CA ASP UF 105 -36.49 -121.37 20.05
C ASP UF 105 -35.27 -120.50 19.78
N GLN UF 106 -35.02 -120.09 18.54
CA GLN UF 106 -33.78 -119.42 18.16
C GLN UF 106 -32.57 -120.28 18.51
N ARG UF 107 -32.72 -121.58 18.29
CA ARG UF 107 -31.67 -122.56 18.59
C ARG UF 107 -30.92 -122.90 17.31
N LEU UF 108 -29.67 -122.64 17.30
CA LEU UF 108 -28.80 -122.93 16.16
C LEU UF 108 -28.34 -124.38 16.19
N PRO UF 109 -28.03 -124.95 15.03
CA PRO UF 109 -27.52 -126.32 15.00
C PRO UF 109 -26.06 -126.39 15.43
N LEU UF 110 -25.81 -126.06 16.69
CA LEU UF 110 -24.47 -126.18 17.26
C LEU UF 110 -24.47 -126.77 18.66
N ALA UF 111 -25.63 -126.98 19.27
CA ALA UF 111 -25.70 -127.59 20.59
C ALA UF 111 -25.20 -129.02 20.53
N THR UF 112 -24.52 -129.45 21.59
CA THR UF 112 -23.94 -130.79 21.66
C THR UF 112 -24.93 -131.84 22.14
N VAL UF 113 -26.13 -131.44 22.53
CA VAL UF 113 -27.18 -132.34 23.03
C VAL UF 113 -26.71 -133.10 24.27
N SER VF 1 108.35 77.59 3.32
CA SER VF 1 108.35 78.85 2.58
C SER VF 1 109.37 78.81 1.43
N LYS VF 2 110.65 78.84 1.77
CA LYS VF 2 111.71 78.82 0.77
C LYS VF 2 112.71 77.74 1.18
N VAL VF 3 113.90 77.78 0.57
CA VAL VF 3 114.88 76.71 0.65
C VAL VF 3 115.08 76.20 2.07
N PHE VF 4 114.87 74.89 2.26
CA PHE VF 4 115.08 74.20 3.52
C PHE VF 4 115.88 72.94 3.23
N ASN VF 5 116.92 72.70 4.02
CA ASN VF 5 117.75 71.51 3.87
C ASN VF 5 118.29 71.45 2.43
N THR VF 6 118.74 72.60 1.93
CA THR VF 6 119.31 72.79 0.61
C THR VF 6 118.33 72.45 -0.52
N GLN VF 7 117.03 72.37 -0.24
CA GLN VF 7 116.03 72.13 -1.26
C GLN VF 7 115.08 73.31 -1.34
N THR VF 8 114.76 73.72 -2.57
CA THR VF 8 113.93 74.90 -2.81
C THR VF 8 112.47 74.47 -2.89
N PHE VF 9 111.65 75.01 -2.00
CA PHE VF 9 110.23 74.67 -1.96
C PHE VF 9 109.45 75.85 -2.50
N ASP VF 10 108.77 75.65 -3.62
CA ASP VF 10 107.92 76.65 -4.24
C ASP VF 10 106.46 76.27 -4.08
N ILE VF 11 105.59 77.28 -4.07
CA ILE VF 11 104.17 77.03 -3.87
C ILE VF 11 103.63 76.21 -5.04
N TYR VF 12 102.97 75.12 -4.72
CA TYR VF 12 102.25 74.36 -5.72
C TYR VF 12 100.75 74.58 -5.67
N SER VF 13 100.19 74.81 -4.48
CA SER VF 13 98.76 74.94 -4.33
C SER VF 13 98.46 75.78 -3.11
N THR VF 14 97.36 76.52 -3.17
CA THR VF 14 96.91 77.36 -2.08
C THR VF 14 95.41 77.19 -1.91
N GLU VF 15 94.99 76.81 -0.72
CA GLU VF 15 93.58 76.67 -0.38
C GLU VF 15 93.17 77.80 0.55
N LYS VF 16 91.94 77.71 1.05
CA LYS VF 16 91.50 78.66 2.06
C LYS VF 16 92.37 78.55 3.31
N ASP VF 17 92.73 77.33 3.69
CA ASP VF 17 93.46 77.10 4.92
C ASP VF 17 94.68 76.20 4.77
N VAL VF 18 95.04 75.82 3.54
CA VAL VF 18 96.23 75.04 3.29
C VAL VF 18 97.07 75.72 2.23
N VAL VF 19 98.37 75.81 2.47
CA VAL VF 19 99.35 76.14 1.45
C VAL VF 19 100.26 74.95 1.28
N SER VF 20 100.43 74.49 0.04
CA SER VF 20 101.27 73.34 -0.26
C SER VF 20 102.47 73.79 -1.08
N LEU VF 21 103.64 73.30 -0.73
CA LEU VF 21 104.88 73.61 -1.43
C LEU VF 21 105.58 72.32 -1.84
N ARG VF 22 106.16 72.34 -3.04
CA ARG VF 22 106.89 71.19 -3.57
C ARG VF 22 108.31 71.60 -3.93
N ASP VF 23 109.19 70.61 -4.00
CA ASP VF 23 110.57 70.87 -4.38
C ASP VF 23 110.68 71.19 -5.88
N PHE VF 24 110.00 70.41 -6.71
CA PHE VF 24 110.00 70.57 -8.17
C PHE VF 24 111.37 70.24 -8.75
N ALA VF 25 112.35 69.95 -7.89
CA ALA VF 25 113.67 69.51 -8.31
C ALA VF 25 113.83 68.00 -8.20
N ASN VF 26 113.64 67.45 -7.00
CA ASN VF 26 113.59 66.01 -6.84
C ASN VF 26 112.17 65.47 -6.94
N ASP VF 27 111.17 66.34 -6.94
CA ASP VF 27 109.77 65.97 -7.16
C ASP VF 27 109.31 64.89 -6.20
N LYS VF 28 109.82 64.89 -4.98
CA LYS VF 28 109.47 63.88 -4.01
C LYS VF 28 109.02 64.43 -2.66
N ASP VF 29 109.22 65.72 -2.39
CA ASP VF 29 108.88 66.32 -1.10
C ASP VF 29 107.77 67.32 -1.28
N THR VF 30 106.78 67.27 -0.38
CA THR VF 30 105.73 68.27 -0.31
C THR VF 30 105.65 68.79 1.11
N LEU VF 31 105.69 70.11 1.26
CA LEU VF 31 105.59 70.77 2.55
C LEU VF 31 104.25 71.49 2.60
N ALA VF 32 103.46 71.22 3.63
CA ALA VF 32 102.11 71.75 3.77
C ALA VF 32 101.99 72.56 5.05
N TYR VF 33 101.39 73.73 4.96
CA TYR VF 33 101.05 74.58 6.09
C TYR VF 33 99.54 74.63 6.18
N LYS VF 34 99.00 74.29 7.35
CA LYS VF 34 97.57 74.07 7.49
C LYS VF 34 97.06 74.86 8.68
N ARG VF 35 95.81 75.30 8.60
CA ARG VF 35 95.28 76.34 9.46
C ARG VF 35 93.85 76.04 9.87
N LEU VF 36 93.61 75.91 11.18
CA LEU VF 36 92.26 75.82 11.72
C LEU VF 36 92.12 76.84 12.85
N ALA VF 37 91.38 77.91 12.59
CA ALA VF 37 91.15 78.94 13.60
C ALA VF 37 90.32 78.38 14.77
N PRO VF 38 90.50 78.93 15.97
CA PRO VF 38 89.74 78.42 17.12
C PRO VF 38 88.25 78.71 16.96
N LYS VF 39 87.43 77.82 17.48
CA LYS VF 39 85.98 77.96 17.41
C LYS VF 39 85.42 78.06 18.82
N ARG VF 40 84.81 79.20 19.14
CA ARG VF 40 84.24 79.45 20.46
C ARG VF 40 82.93 78.65 20.51
N THR VF 41 83.06 77.36 20.76
CA THR VF 41 81.90 76.48 20.81
C THR VF 41 81.37 76.33 22.22
N LYS VF 42 82.00 76.99 23.19
CA LYS VF 42 81.55 76.95 24.58
C LYS VF 42 82.08 78.21 25.25
N ASP VF 43 82.08 78.21 26.59
CA ASP VF 43 82.69 79.30 27.34
C ASP VF 43 84.16 79.42 26.96
N SER VF 44 84.78 78.31 26.57
CA SER VF 44 86.14 78.36 26.05
C SER VF 44 86.15 79.03 24.68
N PRO VF 45 87.19 79.78 24.34
CA PRO VF 45 87.26 80.41 23.01
C PRO VF 45 87.67 79.46 21.90
N GLY VF 46 87.90 78.18 22.20
CA GLY VF 46 88.38 77.23 21.22
C GLY VF 46 89.90 77.19 21.15
N MET VF 47 90.39 76.18 20.43
CA MET VF 47 91.82 75.95 20.27
C MET VF 47 92.21 76.17 18.82
N ALA VF 48 93.24 76.99 18.60
CA ALA VF 48 93.73 77.28 17.26
C ALA VF 48 94.66 76.14 16.82
N LYS VF 49 94.23 75.37 15.83
CA LYS VF 49 95.03 74.30 15.28
C LYS VF 49 95.99 74.83 14.21
N SER VF 50 97.19 74.27 14.20
CA SER VF 50 98.13 74.44 13.11
C SER VF 50 98.70 73.08 12.74
N GLU VF 51 99.28 72.99 11.55
CA GLU VF 51 99.90 71.76 11.10
C GLU VF 51 100.97 72.08 10.08
N LEU VF 52 102.15 71.52 10.28
CA LEU VF 52 103.26 71.69 9.35
C LEU VF 52 103.86 70.31 9.10
N LYS VF 53 103.59 69.74 7.93
CA LYS VF 53 104.01 68.38 7.64
C LYS VF 53 104.84 68.33 6.37
N ILE VF 54 105.83 67.45 6.39
CA ILE VF 54 106.67 67.13 5.23
C ILE VF 54 106.42 65.69 4.84
N THR VF 55 106.04 65.47 3.59
CA THR VF 55 105.78 64.14 3.07
C THR VF 55 106.78 63.84 1.96
N ARG VF 56 107.39 62.67 2.01
CA ARG VF 56 108.31 62.22 0.98
C ARG VF 56 107.73 61.01 0.29
N VAL VF 57 107.50 61.12 -1.01
CA VAL VF 57 106.99 60.05 -1.84
C VAL VF 57 107.96 59.84 -3.00
N ASP VF 58 108.39 58.61 -3.20
CA ASP VF 58 109.34 58.39 -4.29
C ASP VF 58 108.66 58.60 -5.64
N PRO VF 59 109.27 59.33 -6.56
CA PRO VF 59 108.58 59.66 -7.81
C PRO VF 59 108.78 58.63 -8.91
N THR VF 60 108.66 57.34 -8.58
CA THR VF 60 108.76 56.32 -9.62
C THR VF 60 107.56 55.38 -9.54
N THR VF 61 107.13 55.07 -8.32
CA THR VF 61 105.93 54.28 -8.10
C THR VF 61 104.93 54.98 -7.20
N GLY VF 62 105.30 56.11 -6.60
CA GLY VF 62 104.39 56.83 -5.74
C GLY VF 62 104.22 56.24 -4.35
N VAL VF 63 105.21 55.51 -3.85
CA VAL VF 63 105.13 54.94 -2.52
C VAL VF 63 105.48 56.01 -1.50
N LEU VF 64 104.71 56.08 -0.43
CA LEU VF 64 104.96 57.06 0.62
C LEU VF 64 106.12 56.59 1.48
N ILE VF 65 107.26 57.27 1.36
CA ILE VF 65 108.43 56.91 2.14
C ILE VF 65 108.23 57.25 3.62
N GLY VF 66 107.75 58.46 3.90
CA GLY VF 66 107.56 58.84 5.29
C GLY VF 66 107.00 60.24 5.41
N ILE VF 67 106.40 60.49 6.57
CA ILE VF 67 105.81 61.78 6.91
C ILE VF 67 106.32 62.21 8.27
N VAL VF 68 106.72 63.46 8.39
CA VAL VF 68 106.97 64.10 9.67
C VAL VF 68 106.04 65.30 9.78
N ASN VF 69 105.23 65.33 10.83
CA ASN VF 69 104.21 66.35 11.00
C ASN VF 69 104.41 67.08 12.33
N VAL VF 70 104.32 68.39 12.30
CA VAL VF 70 104.38 69.22 13.50
C VAL VF 70 103.02 69.86 13.67
N SER VF 71 102.28 69.43 14.68
CA SER VF 71 100.94 69.93 14.93
C SER VF 71 100.89 70.70 16.24
N SER VF 72 100.21 71.83 16.22
CA SER VF 72 100.01 72.64 17.42
C SER VF 72 98.51 72.82 17.64
N SER VF 73 98.12 72.83 18.91
CA SER VF 73 96.73 73.04 19.31
C SER VF 73 96.78 73.87 20.60
N ILE VF 74 96.51 75.16 20.48
CA ILE VF 74 96.72 76.10 21.56
C ILE VF 74 95.44 76.92 21.77
N ARG VF 75 95.12 77.17 23.04
CA ARG VF 75 93.96 77.97 23.40
C ARG VF 75 94.01 79.34 22.75
N ALA VF 76 92.84 79.82 22.30
CA ALA VF 76 92.77 81.13 21.70
C ALA VF 76 93.19 82.23 22.68
N ASP VF 77 92.83 82.06 23.96
CA ASP VF 77 93.17 83.04 24.97
C ASP VF 77 94.60 82.91 25.47
N ALA VF 78 95.32 81.87 25.05
CA ALA VF 78 96.66 81.62 25.57
C ALA VF 78 97.61 82.73 25.19
N THR VF 79 98.55 83.01 26.09
CA THR VF 79 99.46 84.12 25.93
C THR VF 79 100.57 83.78 24.93
N ALA VF 80 101.25 84.83 24.47
CA ALA VF 80 102.41 84.63 23.60
C ALA VF 80 103.53 83.93 24.34
N ALA VF 81 103.71 84.22 25.63
CA ALA VF 81 104.72 83.53 26.43
C ALA VF 81 104.41 82.05 26.52
N ASP VF 82 103.14 81.70 26.71
CA ASP VF 82 102.75 80.29 26.66
C ASP VF 82 103.08 79.70 25.31
N LYS VF 83 102.83 80.44 24.24
CA LYS VF 83 103.06 79.94 22.89
C LYS VF 83 104.54 79.95 22.56
N THR VF 84 105.29 80.92 23.09
CA THR VF 84 106.73 80.90 22.92
C THR VF 84 107.37 79.71 23.64
N ALA VF 85 106.89 79.42 24.85
CA ALA VF 85 107.46 78.33 25.63
C ALA VF 85 107.22 76.98 24.94
N LEU VF 86 106.03 76.78 24.39
CA LEU VF 86 105.72 75.49 23.77
C LEU VF 86 106.63 75.22 22.58
N MET VF 87 106.86 76.23 21.74
CA MET VF 87 107.74 76.02 20.60
C MET VF 87 109.20 75.90 21.02
N ALA VF 88 109.61 76.68 22.02
CA ALA VF 88 110.99 76.59 22.50
C ALA VF 88 111.28 75.22 23.09
N ILE VF 89 110.34 74.65 23.82
CA ILE VF 89 110.57 73.34 24.43
C ILE VF 89 110.62 72.25 23.37
N ILE VF 90 109.65 72.25 22.46
CA ILE VF 90 109.61 71.20 21.43
C ILE VF 90 110.78 71.32 20.48
N THR VF 91 111.29 72.53 20.27
CA THR VF 91 112.46 72.70 19.42
C THR VF 91 113.72 72.17 20.08
N ALA VF 92 113.89 72.44 21.39
CA ALA VF 92 115.04 71.92 22.10
C ALA VF 92 115.01 70.41 22.17
N ALA VF 93 113.83 69.82 22.37
CA ALA VF 93 113.70 68.38 22.39
C ALA VF 93 114.03 67.76 21.04
N GLN VF 94 113.61 68.41 19.96
CA GLN VF 94 113.94 67.92 18.63
C GLN VF 94 115.43 67.98 18.36
N ALA VF 95 116.09 69.05 18.83
CA ALA VF 95 117.53 69.16 18.69
C ALA VF 95 118.25 68.12 19.53
N ASP VF 96 117.64 67.64 20.60
CA ASP VF 96 118.23 66.60 21.41
C ASP VF 96 118.30 65.29 20.64
N GLY VF 97 119.31 64.48 20.96
CA GLY VF 97 119.50 63.23 20.26
C GLY VF 97 118.50 62.16 20.60
N ALA VF 98 117.75 62.32 21.70
CA ALA VF 98 116.71 61.36 22.03
C ALA VF 98 115.65 61.31 20.94
N TRP VF 99 115.24 62.47 20.43
CA TRP VF 99 114.28 62.50 19.33
C TRP VF 99 114.87 61.89 18.08
N THR VF 100 116.14 62.16 17.81
CA THR VF 100 116.80 61.57 16.64
C THR VF 100 116.86 60.06 16.73
N GLU VF 101 116.81 59.50 17.94
CA GLU VF 101 116.73 58.06 18.14
C GLU VF 101 115.31 57.56 18.23
N LEU VF 102 114.38 58.36 18.75
CA LEU VF 102 112.98 58.00 18.69
C LEU VF 102 112.54 57.78 17.25
N VAL VF 103 112.96 58.65 16.36
CA VAL VF 103 112.86 58.39 14.94
C VAL VF 103 114.08 57.56 14.54
N THR VF 104 113.93 56.73 13.50
CA THR VF 104 114.97 55.89 12.93
C THR VF 104 115.36 54.67 13.75
N ASP VF 105 114.99 54.62 15.04
CA ASP VF 105 115.33 53.49 15.88
C ASP VF 105 114.17 52.96 16.70
N GLN VF 106 113.09 53.73 16.89
CA GLN VF 106 112.03 53.38 17.82
C GLN VF 106 112.61 53.16 19.21
N ARG VF 107 113.46 54.09 19.62
CA ARG VF 107 114.18 54.02 20.88
C ARG VF 107 113.65 55.10 21.83
N LEU VF 108 113.22 54.67 23.01
CA LEU VF 108 112.78 55.59 24.05
C LEU VF 108 113.98 56.16 24.80
N PRO VF 109 113.84 57.33 25.42
CA PRO VF 109 114.99 57.95 26.10
C PRO VF 109 115.21 57.40 27.49
N LEU VF 110 115.19 56.08 27.63
CA LEU VF 110 115.37 55.44 28.92
C LEU VF 110 116.58 54.53 28.99
N ALA VF 111 117.39 54.47 27.94
CA ALA VF 111 118.62 53.69 27.98
C ALA VF 111 119.54 54.20 29.08
N THR VF 112 120.24 53.28 29.74
CA THR VF 112 121.23 53.63 30.73
C THR VF 112 122.61 53.88 30.13
N VAL VF 113 122.76 53.72 28.82
CA VAL VF 113 124.02 53.93 28.11
C VAL VF 113 125.11 52.99 28.63
N SER WF 1 114.55 64.38 27.02
CA SER WF 1 115.25 63.70 28.08
C SER WF 1 115.52 64.61 29.28
N LYS WF 2 116.31 65.64 29.05
CA LYS WF 2 116.78 66.51 30.14
C LYS WF 2 116.47 67.95 29.78
N VAL WF 3 117.14 68.88 30.45
CA VAL WF 3 116.83 70.31 30.40
C VAL WF 3 116.59 70.82 28.99
N PHE WF 4 115.39 71.35 28.77
CA PHE WF 4 114.99 71.95 27.50
C PHE WF 4 114.38 73.30 27.81
N ASN WF 5 114.79 74.34 27.06
CA ASN WF 5 114.32 75.70 27.29
C ASN WF 5 114.56 76.13 28.73
N THR WF 6 115.75 75.80 29.24
CA THR WF 6 116.22 76.07 30.61
C THR WF 6 115.39 75.37 31.67
N GLN WF 7 114.42 74.55 31.30
CA GLN WF 7 113.57 73.84 32.25
C GLN WF 7 114.00 72.39 32.34
N THR WF 8 114.17 71.91 33.56
CA THR WF 8 114.59 70.54 33.81
C THR WF 8 113.38 69.62 33.80
N PHE WF 9 113.37 68.66 32.90
CA PHE WF 9 112.26 67.72 32.75
C PHE WF 9 112.68 66.38 33.35
N ASP WF 10 112.13 66.06 34.52
CA ASP WF 10 112.42 64.83 35.20
C ASP WF 10 111.31 63.82 34.93
N ILE WF 11 111.66 62.54 34.99
CA ILE WF 11 110.76 61.50 34.51
C ILE WF 11 109.50 61.46 35.37
N TYR WF 12 108.35 61.53 34.71
CA TYR WF 12 107.06 61.51 35.39
C TYR WF 12 106.37 60.16 35.34
N SER WF 13 106.49 59.45 34.22
CA SER WF 13 105.85 58.15 34.06
C SER WF 13 106.54 57.40 32.94
N THR WF 14 106.45 56.08 33.00
CA THR WF 14 107.00 55.23 31.96
C THR WF 14 105.97 54.16 31.59
N GLU WF 15 105.78 53.95 30.30
CA GLU WF 15 104.88 52.95 29.77
C GLU WF 15 105.65 52.00 28.86
N LYS WF 16 104.94 51.03 28.30
CA LYS WF 16 105.51 50.16 27.30
C LYS WF 16 106.10 50.95 26.13
N ASP WF 17 105.42 52.03 25.73
CA ASP WF 17 105.81 52.76 24.54
C ASP WF 17 105.79 54.27 24.75
N VAL WF 18 105.54 54.74 25.96
CA VAL WF 18 105.49 56.16 26.26
C VAL WF 18 106.41 56.43 27.44
N VAL WF 19 107.24 57.46 27.32
CA VAL WF 19 108.02 57.99 28.42
C VAL WF 19 107.64 59.44 28.61
N SER WF 20 107.18 59.79 29.80
CA SER WF 20 106.69 61.13 30.10
C SER WF 20 107.64 61.79 31.09
N LEU WF 21 107.96 63.04 30.84
CA LEU WF 21 108.79 63.83 31.73
C LEU WF 21 108.04 65.06 32.17
N ARG WF 22 108.32 65.51 33.39
CA ARG WF 22 107.67 66.69 33.95
C ARG WF 22 108.73 67.66 34.42
N ASP WF 23 108.40 68.95 34.35
CA ASP WF 23 109.28 69.96 34.91
C ASP WF 23 109.35 69.83 36.44
N PHE WF 24 108.20 69.70 37.10
CA PHE WF 24 108.06 69.58 38.54
C PHE WF 24 108.43 70.89 39.24
N ALA WF 25 108.92 71.87 38.49
CA ALA WF 25 109.17 73.21 39.01
C ALA WF 25 107.99 74.14 38.79
N ASN WF 26 107.62 74.36 37.53
CA ASN WF 26 106.38 75.05 37.23
C ASN WF 26 105.18 74.12 37.24
N ASP WF 27 105.42 72.80 37.29
CA ASP WF 27 104.38 71.79 37.44
C ASP WF 27 103.33 71.87 36.33
N LYS WF 28 103.72 72.38 35.17
CA LYS WF 28 102.74 72.61 34.11
C LYS WF 28 103.10 72.00 32.77
N ASP WF 29 104.34 71.60 32.55
CA ASP WF 29 104.81 71.12 31.25
C ASP WF 29 105.13 69.64 31.33
N THR WF 30 104.58 68.87 30.40
CA THR WF 30 104.85 67.44 30.31
C THR WF 30 105.32 67.12 28.91
N LEU WF 31 106.47 66.44 28.82
CA LEU WF 31 107.08 66.03 27.58
C LEU WF 31 106.97 64.51 27.46
N ALA WF 32 106.36 64.03 26.38
CA ALA WF 32 106.13 62.61 26.19
C ALA WF 32 106.86 62.13 24.93
N TYR WF 33 107.46 60.95 25.03
CA TYR WF 33 108.12 60.28 23.93
C TYR WF 33 107.35 58.99 23.65
N LYS WF 34 106.67 58.93 22.53
CA LYS WF 34 105.80 57.82 22.21
C LYS WF 34 106.38 57.01 21.05
N ARG WF 35 106.18 55.70 21.11
CA ARG WF 35 106.78 54.75 20.19
C ARG WF 35 105.70 53.83 19.64
N LEU WF 36 105.74 53.56 18.34
CA LEU WF 36 104.82 52.61 17.72
C LEU WF 36 105.56 51.92 16.59
N ALA WF 37 106.09 50.73 16.87
CA ALA WF 37 106.93 50.02 15.92
C ALA WF 37 106.11 49.59 14.70
N PRO WF 38 106.76 49.40 13.55
CA PRO WF 38 106.03 48.98 12.34
C PRO WF 38 105.46 47.58 12.49
N LYS WF 39 104.32 47.35 11.84
CA LYS WF 39 103.70 46.04 11.79
C LYS WF 39 103.66 45.59 10.34
N ARG WF 40 104.14 44.36 10.09
CA ARG WF 40 104.23 43.81 8.74
C ARG WF 40 102.90 43.13 8.39
N THR WF 41 101.87 43.93 8.25
CA THR WF 41 100.54 43.42 7.96
C THR WF 41 100.39 42.95 6.52
N LYS WF 42 101.33 43.31 5.66
CA LYS WF 42 101.32 42.88 4.27
C LYS WF 42 102.77 42.77 3.80
N ASP WF 43 102.95 42.75 2.49
CA ASP WF 43 104.29 42.71 1.90
C ASP WF 43 105.11 43.92 2.37
N SER WF 44 104.43 45.02 2.65
CA SER WF 44 105.11 46.18 3.21
C SER WF 44 105.63 45.84 4.60
N PRO WF 45 106.79 46.35 5.00
CA PRO WF 45 107.28 46.11 6.36
C PRO WF 45 106.55 46.94 7.41
N GLY WF 46 105.54 47.72 7.02
CA GLY WF 46 104.81 48.56 7.93
C GLY WF 46 105.46 49.93 8.10
N MET WF 47 104.77 50.77 8.85
CA MET WF 47 105.23 52.13 9.12
C MET WF 47 105.67 52.23 10.57
N ALA WF 48 106.88 52.72 10.80
CA ALA WF 48 107.38 52.97 12.14
C ALA WF 48 106.87 54.35 12.58
N LYS WF 49 106.03 54.38 13.60
CA LYS WF 49 105.50 55.63 14.12
C LYS WF 49 106.32 56.08 15.32
N SER WF 50 106.49 57.38 15.44
CA SER WF 50 107.01 57.99 16.66
C SER WF 50 106.20 59.24 16.95
N GLU WF 51 106.30 59.70 18.19
CA GLU WF 51 105.56 60.89 18.59
C GLU WF 51 106.33 61.61 19.69
N LEU WF 52 106.57 62.90 19.51
CA LEU WF 52 107.20 63.73 20.54
C LEU WF 52 106.26 64.89 20.80
N LYS WF 53 105.68 64.92 22.00
CA LYS WF 53 104.61 65.86 22.32
C LYS WF 53 104.94 66.61 23.60
N ILE WF 54 104.60 67.90 23.60
CA ILE WF 54 104.74 68.75 24.78
C ILE WF 54 103.37 69.30 25.12
N THR WF 55 102.99 69.20 26.38
CA THR WF 55 101.69 69.65 26.85
C THR WF 55 101.89 70.64 27.98
N ARG WF 56 101.15 71.75 27.91
CA ARG WF 56 101.13 72.73 28.97
C ARG WF 56 99.71 72.86 29.50
N VAL WF 57 99.53 72.54 30.78
CA VAL WF 57 98.28 72.78 31.48
C VAL WF 57 98.61 73.57 32.74
N ASP WF 58 97.78 74.53 33.06
CA ASP WF 58 98.06 75.31 34.26
C ASP WF 58 97.67 74.48 35.48
N PRO WF 59 98.56 74.28 36.44
CA PRO WF 59 98.29 73.31 37.50
C PRO WF 59 97.51 73.86 38.68
N THR WF 60 96.50 74.69 38.43
CA THR WF 60 95.60 75.06 39.52
C THR WF 60 94.17 74.74 39.13
N THR WF 61 93.77 75.11 37.91
CA THR WF 61 92.46 74.76 37.39
C THR WF 61 92.52 73.66 36.34
N GLY WF 62 93.71 73.31 35.87
CA GLY WF 62 93.84 72.20 34.97
C GLY WF 62 93.19 72.37 33.61
N VAL WF 63 93.25 73.56 33.03
CA VAL WF 63 92.77 73.75 31.66
C VAL WF 63 93.97 73.63 30.73
N LEU WF 64 93.79 72.88 29.65
CA LEU WF 64 94.84 72.70 28.66
C LEU WF 64 95.15 74.05 28.03
N ILE WF 65 96.39 74.49 28.12
CA ILE WF 65 96.78 75.73 27.47
C ILE WF 65 97.20 75.48 26.02
N GLY WF 66 97.98 74.44 25.77
CA GLY WF 66 98.36 74.14 24.41
C GLY WF 66 99.15 72.86 24.32
N ILE WF 67 99.16 72.31 23.10
CA ILE WF 67 99.92 71.11 22.75
C ILE WF 67 100.67 71.38 21.46
N VAL WF 68 101.95 71.01 21.43
CA VAL WF 68 102.72 70.95 20.20
C VAL WF 68 103.23 69.53 20.05
N ASN WF 69 102.97 68.94 18.89
CA ASN WF 69 103.18 67.52 18.66
C ASN WF 69 104.06 67.32 17.45
N VAL WF 70 105.07 66.47 17.57
CA VAL WF 70 105.93 66.08 16.46
C VAL WF 70 105.74 64.58 16.24
N SER WF 71 105.09 64.23 15.14
CA SER WF 71 104.80 62.85 14.81
C SER WF 71 105.55 62.44 13.55
N SER WF 72 106.04 61.21 13.54
CA SER WF 72 106.70 60.66 12.37
C SER WF 72 106.02 59.35 11.98
N SER WF 73 105.86 59.15 10.68
CA SER WF 73 105.31 57.93 10.11
C SER WF 73 106.19 57.58 8.91
N ILE WF 74 107.20 56.75 9.16
CA ILE WF 74 108.21 56.43 8.16
C ILE WF 74 108.17 54.93 7.89
N ARG WF 75 108.31 54.55 6.63
CA ARG WF 75 108.37 53.14 6.28
C ARG WF 75 109.50 52.45 7.02
N ALA WF 76 109.24 51.22 7.45
CA ALA WF 76 110.24 50.47 8.21
C ALA WF 76 111.51 50.27 7.41
N ASP WF 77 111.39 50.04 6.11
CA ASP WF 77 112.54 49.84 5.24
C ASP WF 77 113.18 51.14 4.77
N ALA WF 78 112.58 52.29 5.08
CA ALA WF 78 113.07 53.54 4.54
C ALA WF 78 114.49 53.83 5.00
N THR WF 79 115.31 54.24 4.05
CA THR WF 79 116.72 54.48 4.31
C THR WF 79 116.90 55.67 5.24
N ALA WF 80 118.02 55.66 5.97
CA ALA WF 80 118.32 56.76 6.88
C ALA WF 80 118.47 58.07 6.13
N ALA WF 81 118.90 58.02 4.86
CA ALA WF 81 118.96 59.24 4.06
C ALA WF 81 117.57 59.83 3.88
N ASP WF 82 116.58 58.99 3.59
CA ASP WF 82 115.20 59.45 3.57
C ASP WF 82 114.80 59.93 4.96
N LYS WF 83 115.21 59.20 5.99
CA LYS WF 83 114.86 59.53 7.37
C LYS WF 83 115.54 60.82 7.82
N THR WF 84 116.82 60.99 7.49
CA THR WF 84 117.52 62.21 7.88
C THR WF 84 117.02 63.41 7.11
N ALA WF 85 116.70 63.24 5.83
CA ALA WF 85 116.16 64.35 5.04
C ALA WF 85 114.82 64.80 5.57
N LEU WF 86 114.00 63.85 6.02
CA LEU WF 86 112.71 64.18 6.60
C LEU WF 86 112.88 65.02 7.87
N MET WF 87 113.86 64.69 8.70
CA MET WF 87 114.11 65.50 9.89
C MET WF 87 114.73 66.83 9.53
N ALA WF 88 115.61 66.84 8.53
CA ALA WF 88 116.31 68.07 8.16
C ALA WF 88 115.35 69.12 7.63
N ILE WF 89 114.39 68.70 6.80
CA ILE WF 89 113.46 69.66 6.20
C ILE WF 89 112.54 70.23 7.27
N ILE WF 90 111.97 69.37 8.12
CA ILE WF 90 110.96 69.83 9.06
C ILE WF 90 111.57 70.71 10.14
N THR WF 91 112.79 70.41 10.57
CA THR WF 91 113.48 71.28 11.52
C THR WF 91 113.86 72.61 10.89
N ALA WF 92 114.28 72.57 9.61
CA ALA WF 92 114.55 73.81 8.90
C ALA WF 92 113.28 74.63 8.74
N ALA WF 93 112.16 73.97 8.43
CA ALA WF 93 110.89 74.67 8.32
C ALA WF 93 110.47 75.27 9.66
N GLN WF 94 110.65 74.54 10.75
CA GLN WF 94 110.26 75.04 12.07
C GLN WF 94 111.09 76.25 12.46
N ALA WF 95 112.40 76.21 12.24
CA ALA WF 95 113.25 77.35 12.55
C ALA WF 95 112.88 78.57 11.72
N ASP WF 96 112.34 78.37 10.52
CA ASP WF 96 111.91 79.46 9.68
C ASP WF 96 110.70 80.15 10.29
N GLY WF 97 110.56 81.45 9.99
CA GLY WF 97 109.52 82.26 10.62
C GLY WF 97 108.11 81.92 10.18
N ALA WF 98 107.95 81.20 9.08
CA ALA WF 98 106.60 80.82 8.65
C ALA WF 98 105.92 79.93 9.68
N TRP WF 99 106.65 78.96 10.23
CA TRP WF 99 106.07 78.13 11.28
C TRP WF 99 105.78 78.95 12.54
N THR WF 100 106.68 79.85 12.90
CA THR WF 100 106.43 80.71 14.06
C THR WF 100 105.16 81.52 13.89
N GLU WF 101 104.91 82.02 12.69
CA GLU WF 101 103.70 82.79 12.41
C GLU WF 101 102.47 81.92 12.20
N LEU WF 102 102.64 80.69 11.71
CA LEU WF 102 101.50 79.79 11.60
C LEU WF 102 100.90 79.52 12.97
N VAL WF 103 101.76 79.30 13.96
CA VAL WF 103 101.35 79.40 15.36
C VAL WF 103 101.30 80.88 15.75
N THR WF 104 100.51 81.20 16.76
CA THR WF 104 100.41 82.55 17.33
C THR WF 104 99.68 83.53 16.41
N ASP WF 105 99.46 83.16 15.15
CA ASP WF 105 98.73 84.04 14.23
C ASP WF 105 97.75 83.32 13.33
N GLN WF 106 97.85 82.00 13.17
CA GLN WF 106 97.14 81.26 12.13
C GLN WF 106 97.38 81.87 10.76
N ARG WF 107 98.64 82.24 10.51
CA ARG WF 107 99.04 82.93 9.29
C ARG WF 107 99.68 81.94 8.33
N LEU WF 108 99.07 81.76 7.17
CA LEU WF 108 99.61 80.89 6.14
C LEU WF 108 100.73 81.61 5.38
N PRO WF 109 101.73 80.87 4.89
CA PRO WF 109 102.81 81.49 4.12
C PRO WF 109 102.35 81.88 2.73
N LEU WF 110 101.52 82.92 2.65
CA LEU WF 110 101.09 83.46 1.38
C LEU WF 110 101.07 84.99 1.35
N ALA WF 111 101.57 85.64 2.39
CA ALA WF 111 101.55 87.10 2.44
C ALA WF 111 102.57 87.68 1.46
N THR WF 112 102.19 88.78 0.81
CA THR WF 112 103.06 89.44 -0.15
C THR WF 112 104.02 90.43 0.51
N VAL WF 113 103.91 90.64 1.82
CA VAL WF 113 104.78 91.54 2.57
C VAL WF 113 104.66 92.97 2.05
N SER XF 1 128.10 16.44 31.75
CA SER XF 1 128.87 15.22 31.54
C SER XF 1 129.45 14.69 32.85
N LYS XF 2 130.20 15.54 33.54
CA LYS XF 2 130.93 15.13 34.73
C LYS XF 2 130.79 16.22 35.78
N VAL XF 3 131.65 16.19 36.80
CA VAL XF 3 131.52 16.97 38.02
C VAL XF 3 131.17 18.44 37.76
N PHE XF 4 130.03 18.87 38.30
CA PHE XF 4 129.55 20.25 38.21
C PHE XF 4 129.23 20.70 39.62
N ASN XF 5 129.68 21.90 39.97
CA ASN XF 5 129.40 22.47 41.29
C ASN XF 5 129.89 21.54 42.39
N THR XF 6 131.05 20.92 42.16
CA THR XF 6 131.70 19.95 43.05
C THR XF 6 130.87 18.69 43.25
N GLN XF 7 129.76 18.52 42.54
CA GLN XF 7 128.96 17.30 42.63
C GLN XF 7 129.25 16.43 41.43
N THR XF 8 129.36 15.13 41.67
CA THR XF 8 129.64 14.18 40.60
C THR XF 8 128.32 13.75 39.98
N PHE XF 9 128.18 13.96 38.67
CA PHE XF 9 127.01 13.54 37.93
C PHE XF 9 127.38 12.35 37.07
N ASP XF 10 126.80 11.21 37.37
CA ASP XF 10 127.01 10.00 36.57
C ASP XF 10 125.79 9.73 35.74
N ILE XF 11 125.99 9.07 34.60
CA ILE XF 11 124.88 8.83 33.68
C ILE XF 11 123.87 7.93 34.36
N TYR XF 12 122.62 8.39 34.43
CA TYR XF 12 121.53 7.61 34.98
C TYR XF 12 120.79 6.80 33.94
N SER XF 13 120.57 7.36 32.76
CA SER XF 13 119.86 6.67 31.71
C SER XF 13 120.21 7.31 30.38
N THR XF 14 120.22 6.49 29.34
CA THR XF 14 120.50 6.98 28.00
C THR XF 14 119.33 6.64 27.11
N GLU XF 15 118.86 7.64 26.37
CA GLU XF 15 117.72 7.52 25.48
C GLU XF 15 118.19 7.86 24.07
N LYS XF 16 117.28 7.67 23.11
CA LYS XF 16 117.56 8.02 21.72
C LYS XF 16 117.98 9.48 21.60
N ASP XF 17 117.20 10.39 22.18
CA ASP XF 17 117.46 11.82 22.09
C ASP XF 17 117.62 12.46 23.46
N VAL XF 18 117.70 11.68 24.53
CA VAL XF 18 117.86 12.21 25.88
C VAL XF 18 118.98 11.46 26.59
N VAL XF 19 119.83 12.20 27.28
CA VAL XF 19 120.81 11.64 28.19
C VAL XF 19 120.59 12.29 29.54
N SER XF 20 120.52 11.48 30.59
CA SER XF 20 120.22 11.97 31.93
C SER XF 20 121.33 11.57 32.89
N LEU XF 21 121.78 12.53 33.70
CA LEU XF 21 122.81 12.29 34.70
C LEU XF 21 122.25 12.54 36.09
N ARG XF 22 122.65 11.69 37.03
CA ARG XF 22 122.21 11.79 38.41
C ARG XF 22 123.42 11.96 39.30
N ASP XF 23 123.25 12.78 40.34
CA ASP XF 23 124.33 12.95 41.31
C ASP XF 23 124.65 11.65 42.03
N PHE XF 24 123.62 10.92 42.46
CA PHE XF 24 123.73 9.62 43.11
C PHE XF 24 124.35 9.73 44.51
N ALA XF 25 124.78 10.92 44.89
CA ALA XF 25 125.26 11.19 46.23
C ALA XF 25 124.20 11.87 47.08
N ASN XF 26 123.68 13.01 46.62
CA ASN XF 26 122.55 13.64 47.27
C ASN XF 26 121.22 13.08 46.80
N ASP XF 27 121.21 12.36 45.67
CA ASP XF 27 120.02 11.70 45.14
C ASP XF 27 118.85 12.67 44.96
N LYS XF 28 119.15 13.93 44.65
CA LYS XF 28 118.12 14.92 44.46
C LYS XF 28 118.30 15.73 43.19
N ASP XF 29 119.48 15.71 42.57
CA ASP XF 29 119.76 16.52 41.39
C ASP XF 29 119.84 15.63 40.15
N THR XF 30 119.14 16.02 39.10
CA THR XF 30 119.16 15.31 37.83
C THR XF 30 119.44 16.30 36.71
N LEU XF 31 120.45 15.99 35.89
CA LEU XF 31 120.82 16.79 34.74
C LEU XF 31 120.45 16.03 33.47
N ALA XF 32 119.67 16.66 32.60
CA ALA XF 32 119.15 16.02 31.39
C ALA XF 32 119.59 16.80 30.17
N TYR XF 33 120.12 16.09 29.18
CA TYR XF 33 120.46 16.64 27.88
C TYR XF 33 119.41 16.13 26.89
N LYS XF 34 118.60 17.03 26.35
CA LYS XF 34 117.54 16.65 25.43
C LYS XF 34 117.82 17.21 24.04
N ARG XF 35 117.49 16.42 23.03
CA ARG XF 35 117.79 16.69 21.65
C ARG XF 35 116.50 16.70 20.84
N LEU XF 36 116.47 17.50 19.78
CA LEU XF 36 115.31 17.51 18.88
C LEU XF 36 115.77 18.08 17.55
N ALA XF 37 115.77 17.25 16.52
CA ALA XF 37 116.28 17.65 15.22
C ALA XF 37 115.33 18.63 14.54
N PRO XF 38 115.86 19.53 13.70
CA PRO XF 38 114.97 20.42 12.93
C PRO XF 38 114.18 19.65 11.90
N LYS XF 39 112.94 20.08 11.68
CA LYS XF 39 112.08 19.42 10.70
C LYS XF 39 111.82 20.38 9.55
N ARG XF 40 112.09 19.90 8.33
CA ARG XF 40 111.86 20.67 7.11
C ARG XF 40 110.40 20.51 6.72
N THR XF 41 109.52 21.01 7.59
CA THR XF 41 108.09 20.93 7.34
C THR XF 41 107.65 21.85 6.22
N LYS XF 42 108.55 22.70 5.74
CA LYS XF 42 108.28 23.66 4.68
C LYS XF 42 109.59 23.95 3.98
N ASP XF 43 109.62 25.04 3.22
CA ASP XF 43 110.85 25.50 2.58
C ASP XF 43 111.94 25.68 3.64
N SER XF 44 111.56 26.19 4.80
CA SER XF 44 112.51 26.41 5.88
C SER XF 44 113.11 25.08 6.34
N PRO XF 45 114.40 25.04 6.68
CA PRO XF 45 114.99 23.76 7.12
C PRO XF 45 114.61 23.35 8.53
N GLY XF 46 113.82 24.15 9.23
CA GLY XF 46 113.36 23.80 10.57
C GLY XF 46 114.25 24.35 11.67
N MET XF 47 113.77 24.19 12.90
CA MET XF 47 114.42 24.72 14.07
C MET XF 47 115.00 23.57 14.89
N ALA XF 48 116.29 23.63 15.16
CA ALA XF 48 116.98 22.58 15.92
C ALA XF 48 116.84 22.89 17.41
N LYS XF 49 116.09 22.06 18.12
CA LYS XF 49 115.84 22.25 19.53
C LYS XF 49 116.89 21.54 20.37
N SER XF 50 117.39 22.24 21.39
CA SER XF 50 118.25 21.65 22.39
C SER XF 50 117.67 21.95 23.76
N GLU XF 51 118.10 21.18 24.75
CA GLU XF 51 117.61 21.40 26.11
C GLU XF 51 118.64 20.91 27.11
N LEU XF 52 118.94 21.74 28.09
CA LEU XF 52 119.83 21.39 29.19
C LEU XF 52 119.15 21.83 30.47
N LYS XF 53 118.68 20.88 31.26
CA LYS XF 53 117.92 21.22 32.46
C LYS XF 53 118.47 20.47 33.66
N ILE XF 54 118.45 21.15 34.80
CA ILE XF 54 118.78 20.56 36.09
C ILE XF 54 117.52 20.60 36.95
N THR XF 55 117.18 19.46 37.54
CA THR XF 55 115.98 19.34 38.34
C THR XF 55 116.35 18.85 39.73
N ARG XF 56 115.86 19.54 40.75
CA ARG XF 56 116.08 19.15 42.13
C ARG XF 56 114.77 18.71 42.73
N VAL XF 57 114.73 17.47 43.22
CA VAL XF 57 113.57 16.89 43.88
C VAL XF 57 113.99 16.41 45.25
N ASP XF 58 113.21 16.77 46.27
CA ASP XF 58 113.60 16.40 47.62
C ASP XF 58 113.49 14.90 47.82
N PRO XF 59 114.58 14.20 48.12
CA PRO XF 59 114.53 12.73 48.09
C PRO XF 59 114.10 12.07 49.39
N THR XF 60 113.06 12.59 50.05
CA THR XF 60 112.44 11.83 51.13
C THR XF 60 110.94 11.70 50.91
N THR XF 61 110.32 12.75 50.38
CA THR XF 61 108.92 12.69 49.98
C THR XF 61 108.69 12.99 48.50
N GLY XF 62 109.69 13.51 47.81
CA GLY XF 62 109.58 13.71 46.37
C GLY XF 62 108.96 15.02 45.94
N VAL XF 63 109.26 16.11 46.63
CA VAL XF 63 108.73 17.43 46.28
C VAL XF 63 109.75 18.17 45.42
N LEU XF 64 109.32 18.64 44.26
CA LEU XF 64 110.19 19.33 43.32
C LEU XF 64 110.63 20.65 43.93
N ILE XF 65 111.92 20.77 44.23
CA ILE XF 65 112.45 22.02 44.78
C ILE XF 65 112.51 23.09 43.71
N GLY XF 66 113.07 22.77 42.55
CA GLY XF 66 113.19 23.77 41.51
C GLY XF 66 113.74 23.16 40.24
N ILE XF 67 113.58 23.91 39.15
CA ILE XF 67 114.10 23.54 37.85
C ILE XF 67 114.74 24.77 37.21
N VAL XF 68 115.95 24.62 36.71
CA VAL XF 68 116.56 25.59 35.82
C VAL XF 68 116.80 24.89 34.49
N ASN XF 69 116.19 25.41 33.43
CA ASN XF 69 116.25 24.79 32.11
C ASN XF 69 116.83 25.78 31.12
N VAL XF 70 117.74 25.31 30.27
CA VAL XF 70 118.29 26.10 29.18
C VAL XF 70 117.86 25.42 27.89
N SER XF 71 117.04 26.13 27.11
CA SER XF 71 116.53 25.60 25.86
C SER XF 71 117.00 26.48 24.70
N SER XF 72 117.25 25.84 23.57
CA SER XF 72 117.66 26.54 22.36
C SER XF 72 116.71 26.19 21.23
N SER XF 73 116.40 27.16 20.40
CA SER XF 73 115.60 26.96 19.19
C SER XF 73 116.28 27.78 18.11
N ILE XF 74 117.20 27.15 17.40
CA ILE XF 74 118.03 27.82 16.40
C ILE XF 74 117.69 27.25 15.03
N ARG XF 75 117.61 28.14 14.03
CA ARG XF 75 117.37 27.73 12.67
C ARG XF 75 118.41 26.69 12.24
N ALA XF 76 117.95 25.67 11.51
CA ALA XF 76 118.85 24.65 11.01
C ALA XF 76 119.90 25.24 10.09
N ASP XF 77 119.61 26.37 9.44
CA ASP XF 77 120.54 27.01 8.54
C ASP XF 77 121.40 28.08 9.20
N ALA XF 78 121.17 28.35 10.49
CA ALA XF 78 121.88 29.44 11.15
C ALA XF 78 123.37 29.17 11.20
N THR XF 79 124.16 30.23 11.03
CA THR XF 79 125.60 30.11 10.99
C THR XF 79 126.15 29.83 12.38
N ALA XF 80 127.36 29.26 12.40
CA ALA XF 80 128.04 29.03 13.67
C ALA XF 80 128.34 30.34 14.38
N ALA XF 81 128.51 31.43 13.62
CA ALA XF 81 128.66 32.75 14.23
C ALA XF 81 127.41 33.16 14.98
N ASP XF 82 126.24 32.91 14.39
CA ASP XF 82 125.00 33.15 15.11
C ASP XF 82 124.90 32.26 16.34
N LYS XF 83 125.26 30.99 16.19
CA LYS XF 83 125.14 30.05 17.30
C LYS XF 83 126.13 30.36 18.41
N THR XF 84 127.33 30.80 18.05
CA THR XF 84 128.29 31.21 19.08
C THR XF 84 127.85 32.49 19.77
N ALA XF 85 127.34 33.45 18.99
CA ALA XF 85 126.88 34.71 19.57
C ALA XF 85 125.72 34.48 20.53
N LEU XF 86 124.79 33.62 20.16
CA LEU XF 86 123.64 33.35 21.02
C LEU XF 86 124.08 32.73 22.34
N MET XF 87 125.01 31.79 22.29
CA MET XF 87 125.51 31.18 23.52
C MET XF 87 126.37 32.15 24.30
N ALA XF 88 127.07 33.05 23.62
CA ALA XF 88 127.95 33.99 24.30
C ALA XF 88 127.16 35.06 25.03
N ILE XF 89 126.11 35.59 24.41
CA ILE XF 89 125.30 36.62 25.04
C ILE XF 89 124.59 36.07 26.27
N ILE XF 90 123.95 34.91 26.12
CA ILE XF 90 123.17 34.36 27.21
C ILE XF 90 124.06 33.94 28.37
N THR XF 91 125.26 33.44 28.08
CA THR XF 91 126.18 33.07 29.15
C THR XF 91 126.66 34.30 29.89
N ALA XF 92 126.94 35.38 29.16
CA ALA XF 92 127.35 36.64 29.79
C ALA XF 92 126.22 37.21 30.64
N ALA XF 93 124.99 37.13 30.15
CA ALA XF 93 123.86 37.64 30.92
C ALA XF 93 123.66 36.85 32.20
N GLN XF 94 123.83 35.52 32.14
CA GLN XF 94 123.73 34.70 33.35
C GLN XF 94 124.83 35.05 34.34
N ALA XF 95 126.05 35.29 33.86
CA ALA XF 95 127.12 35.73 34.72
C ALA XF 95 126.88 37.12 35.29
N ASP XF 96 126.07 37.93 34.61
CA ASP XF 96 125.68 39.22 35.14
C ASP XF 96 124.81 39.03 36.37
N GLY XF 97 124.83 40.03 37.26
CA GLY XF 97 124.10 39.94 38.50
C GLY XF 97 122.60 40.09 38.35
N ALA XF 98 122.15 40.63 37.21
CA ALA XF 98 120.71 40.79 37.00
C ALA XF 98 120.00 39.45 36.98
N TRP XF 99 120.64 38.43 36.42
CA TRP XF 99 120.06 37.09 36.46
C TRP XF 99 120.01 36.54 37.88
N THR XF 100 121.09 36.74 38.64
CA THR XF 100 121.12 36.26 40.02
C THR XF 100 120.07 36.95 40.88
N GLU XF 101 119.56 38.09 40.45
CA GLU XF 101 118.47 38.76 41.13
C GLU XF 101 117.10 38.36 40.59
N LEU XF 102 117.00 38.10 39.28
CA LEU XF 102 115.74 37.60 38.73
C LEU XF 102 115.37 36.27 39.36
N VAL XF 103 116.34 35.38 39.47
CA VAL XF 103 116.23 34.22 40.34
C VAL XF 103 116.53 34.66 41.76
N THR XF 104 115.87 34.04 42.72
CA THR XF 104 116.06 34.26 44.16
C THR XF 104 115.47 35.57 44.66
N ASP XF 105 115.09 36.47 43.77
CA ASP XF 105 114.41 37.69 44.23
C ASP XF 105 113.28 38.15 43.35
N GLN XF 106 113.17 37.68 42.11
CA GLN XF 106 112.21 38.20 41.14
C GLN XF 106 112.38 39.70 40.94
N ARG XF 107 113.64 40.13 40.89
CA ARG XF 107 113.98 41.54 40.74
C ARG XF 107 114.35 41.81 39.29
N LEU XF 108 113.60 42.63 38.66
CA LEU XF 108 113.85 43.01 37.28
C LEU XF 108 114.93 44.07 37.19
N PRO XF 109 115.66 44.13 36.07
CA PRO XF 109 116.66 45.18 35.91
C PRO XF 109 116.05 46.53 35.62
N LEU XF 110 115.27 47.06 36.56
CA LEU XF 110 114.70 48.39 36.41
C LEU XF 110 114.78 49.22 37.69
N ALA XF 111 115.25 48.65 38.80
CA ALA XF 111 115.41 49.42 40.02
C ALA XF 111 116.49 50.48 39.84
N THR XF 112 116.28 51.64 40.47
CA THR XF 112 117.21 52.76 40.36
C THR XF 112 118.38 52.66 41.33
N VAL XF 113 118.40 51.66 42.21
CA VAL XF 113 119.46 51.47 43.19
C VAL XF 113 119.59 52.67 44.12
#